data_6PTW
#
_entry.id   6PTW
#
loop_
_entity.id
_entity.type
_entity.pdbx_description
1 polymer 'Apolipoprotein A-I'
2 polymer 'GTPase KRas'
3 polymer 'RAF proto-oncogene serine/threonine-protein kinase'
4 non-polymer 1,2-DIOLEOYL-SN-GLYCERO-3-PHOSPHOCHOLINE
5 non-polymer O-[(S)-({(2R)-2,3-bis[(9Z)-octadec-9-enoyloxy]propyl}oxy)(hydroxy)phosphoryl]-L-serine
6 non-polymer 'PHOSPHOAMINOPHOSPHONIC ACID-GUANYLATE ESTER'
7 non-polymer 'MAGNESIUM ION'
8 non-polymer 'ZINC ION'
#
loop_
_entity_poly.entity_id
_entity_poly.type
_entity_poly.pdbx_seq_one_letter_code
_entity_poly.pdbx_strand_id
1 'polypeptide(L)'
;LKLLDNWDSVTSTFSKLREQLGPVTQEFWDNLEKETEGLRQEMSKDLEEVKAKVQPYLDDFQKKWQEEMELYRQKVEPLR
AELQEGARQKLHELQEKLSPLGEEMRDRARAHVDALRTHLAPYSDELRQRLAARLEALKENGGARLAEYHAKATEHLSTL
SEKAKPALEDLRQGLLPVLESFKVSFLSALEEYTKKLN
;
A,C
2 'polypeptide(L)'
;MTEYKLVVVGAGGVGKSALTIQLIQNHFVDEYDPTIEDSYRKQVVIDGETCLLDILDTAGQEEYSAMRDQYMRTGEGFLC
VFAINNTKSFEDIHHYREQIKRVKDSEDVPMVLVGNKCDLPSRTVDTKQAQDLARSYGIPFIETSAKTRQGVDDAFYTLV
REIRKHKEKMSKDGKKKKKKSKTKC
;
B
3 'polypeptide(L)'
;NTIRVFLPNKQRTVVNVRNGMSLHDCLMKALKVRGLQPECCAVFRLLQEHKGKKARLDWNTDAASLIGEELQVDFLDHVP
LTTHNFARKTFLKLAFCDICQKFLLNGFRCQTCGYKFHEHCSTKVPTMCVDW
;
D
#
loop_
_chem_comp.id
_chem_comp.type
_chem_comp.name
_chem_comp.formula
17F non-polymer O-[(S)-({(2R)-2,3-bis[(9Z)-octadec-9-enoyloxy]propyl}oxy)(hydroxy)phosphoryl]-L-serine 'C42 H78 N O10 P'
GNP non-polymer 'PHOSPHOAMINOPHOSPHONIC ACID-GUANYLATE ESTER' 'C10 H17 N6 O13 P3'
MG non-polymer 'MAGNESIUM ION' 'Mg 2'
PCW non-polymer 1,2-DIOLEOYL-SN-GLYCERO-3-PHOSPHOCHOLINE 'C44 H85 N O8 P 1'
ZN non-polymer 'ZINC ION' 'Zn 2'
#
# COMPACT_ATOMS: atom_id res chain seq x y z
N LEU A 1 16.27 -28.73 -21.71
CA LEU A 1 17.22 -29.76 -21.28
C LEU A 1 18.18 -29.20 -20.24
N LYS A 2 18.68 -27.99 -20.49
CA LYS A 2 19.63 -27.34 -19.61
C LYS A 2 19.09 -27.20 -18.18
N LEU A 3 17.81 -26.85 -18.07
CA LEU A 3 17.18 -26.69 -16.78
C LEU A 3 17.22 -28.00 -15.99
N LEU A 4 16.86 -29.10 -16.64
CA LEU A 4 16.85 -30.40 -16.00
C LEU A 4 18.27 -30.84 -15.67
N ASP A 5 19.20 -30.52 -16.57
CA ASP A 5 20.60 -30.87 -16.39
C ASP A 5 21.19 -30.20 -15.17
N ASN A 6 21.00 -28.89 -15.07
CA ASN A 6 21.52 -28.12 -13.94
C ASN A 6 20.77 -28.46 -12.66
N TRP A 7 19.46 -28.71 -12.78
CA TRP A 7 18.62 -29.06 -11.63
C TRP A 7 19.12 -30.34 -10.98
N ASP A 8 19.63 -31.26 -11.79
CA ASP A 8 20.16 -32.51 -11.29
C ASP A 8 21.32 -32.26 -10.33
N SER A 9 22.15 -31.28 -10.66
CA SER A 9 23.30 -30.93 -9.82
C SER A 9 22.84 -30.23 -8.54
N VAL A 10 21.77 -29.44 -8.66
CA VAL A 10 21.21 -28.74 -7.50
C VAL A 10 20.60 -29.75 -6.55
N THR A 11 19.97 -30.76 -7.13
CA THR A 11 19.34 -31.82 -6.34
C THR A 11 20.39 -32.56 -5.50
N SER A 12 21.52 -32.90 -6.13
CA SER A 12 22.59 -33.60 -5.44
C SER A 12 23.14 -32.71 -4.33
N THR A 13 23.21 -31.41 -4.62
CA THR A 13 23.70 -30.44 -3.64
C THR A 13 22.77 -30.43 -2.43
N PHE A 14 21.47 -30.44 -2.69
CA PHE A 14 20.48 -30.46 -1.62
C PHE A 14 20.62 -31.72 -0.79
N SER A 15 20.79 -32.85 -1.48
CA SER A 15 20.95 -34.13 -0.82
C SER A 15 22.20 -34.14 0.06
N LYS A 16 23.32 -33.68 -0.48
CA LYS A 16 24.56 -33.64 0.27
C LYS A 16 24.44 -32.70 1.46
N LEU A 17 23.76 -31.58 1.26
CA LEU A 17 23.56 -30.61 2.33
C LEU A 17 22.66 -31.20 3.40
N ARG A 18 21.67 -31.99 2.98
CA ARG A 18 20.76 -32.63 3.91
C ARG A 18 21.48 -33.72 4.70
N GLU A 19 22.33 -34.49 4.01
CA GLU A 19 23.10 -35.53 4.65
C GLU A 19 24.05 -34.93 5.67
N GLN A 20 24.61 -33.77 5.32
CA GLN A 20 25.53 -33.07 6.21
C GLN A 20 24.76 -32.36 7.33
N LEU A 21 23.54 -31.93 7.02
CA LEU A 21 22.69 -31.23 7.98
C LEU A 21 22.45 -32.09 9.23
N GLY A 22 22.37 -33.41 9.03
CA GLY A 22 22.16 -34.33 10.13
C GLY A 22 23.21 -34.15 11.22
N PRO A 23 24.49 -34.47 10.93
CA PRO A 23 25.58 -34.29 11.88
C PRO A 23 25.65 -32.85 12.37
N VAL A 24 25.48 -31.90 11.46
CA VAL A 24 25.54 -30.48 11.79
C VAL A 24 24.56 -30.12 12.92
N THR A 25 23.30 -30.54 12.77
CA THR A 25 22.30 -30.25 13.79
C THR A 25 22.65 -30.96 15.10
N GLN A 26 23.20 -32.16 14.99
CA GLN A 26 23.60 -32.93 16.15
C GLN A 26 24.75 -32.26 16.89
N GLU A 27 25.74 -31.81 16.12
CA GLU A 27 26.91 -31.13 16.68
C GLU A 27 26.50 -29.79 17.28
N PHE A 28 25.71 -29.03 16.53
CA PHE A 28 25.25 -27.73 16.99
C PHE A 28 24.44 -27.87 18.26
N TRP A 29 23.50 -28.82 18.26
CA TRP A 29 22.67 -29.06 19.43
C TRP A 29 23.49 -29.57 20.60
N ASP A 30 24.56 -30.31 20.29
CA ASP A 30 25.45 -30.84 21.32
C ASP A 30 26.11 -29.70 22.07
N ASN A 31 26.65 -28.75 21.33
CA ASN A 31 27.30 -27.58 21.92
C ASN A 31 26.24 -26.70 22.57
N LEU A 32 25.07 -26.63 21.93
CA LEU A 32 23.97 -25.84 22.45
C LEU A 32 23.55 -26.37 23.81
N GLU A 33 23.59 -27.69 23.97
CA GLU A 33 23.22 -28.31 25.24
C GLU A 33 24.20 -27.93 26.33
N LYS A 34 25.44 -27.66 25.95
CA LYS A 34 26.45 -27.26 26.90
C LYS A 34 26.19 -25.81 27.27
N GLU A 35 25.71 -25.05 26.30
CA GLU A 35 25.39 -23.64 26.50
C GLU A 35 24.12 -23.52 27.35
N THR A 36 23.10 -24.28 26.99
CA THR A 36 21.84 -24.25 27.73
C THR A 36 22.03 -24.73 29.15
N GLU A 37 22.76 -25.84 29.30
CA GLU A 37 23.04 -26.39 30.63
C GLU A 37 23.92 -25.45 31.42
N GLY A 38 24.90 -24.85 30.75
CA GLY A 38 25.79 -23.91 31.40
C GLY A 38 24.99 -22.76 31.97
N LEU A 39 24.06 -22.26 31.17
CA LEU A 39 23.19 -21.16 31.58
C LEU A 39 22.26 -21.63 32.70
N ARG A 40 21.90 -22.91 32.67
CA ARG A 40 21.02 -23.49 33.68
C ARG A 40 21.77 -23.60 35.01
N GLN A 41 23.03 -23.97 34.94
CA GLN A 41 23.86 -24.08 36.13
C GLN A 41 24.08 -22.69 36.70
N GLU A 42 24.33 -21.74 35.79
CA GLU A 42 24.55 -20.37 36.18
C GLU A 42 23.25 -19.69 36.60
N MET A 43 22.13 -20.32 36.31
CA MET A 43 20.82 -19.80 36.69
C MET A 43 20.71 -19.79 38.21
N SER A 44 21.38 -20.76 38.83
CA SER A 44 21.40 -20.89 40.27
C SER A 44 22.38 -19.88 40.87
N LYS A 45 22.88 -19.02 40.01
CA LYS A 45 23.82 -17.97 40.40
C LYS A 45 23.26 -16.61 39.96
N ASP A 46 23.06 -16.46 38.66
CA ASP A 46 22.54 -15.21 38.11
C ASP A 46 21.18 -14.87 38.69
N LEU A 47 20.19 -15.72 38.42
CA LEU A 47 18.84 -15.50 38.90
C LEU A 47 18.72 -15.72 40.41
N GLU A 48 19.27 -16.82 40.92
CA GLU A 48 19.21 -17.12 42.34
C GLU A 48 19.81 -16.01 43.21
N GLU A 49 21.04 -15.60 42.89
CA GLU A 49 21.68 -14.55 43.66
C GLU A 49 20.98 -13.21 43.46
N VAL A 50 20.46 -12.96 42.27
CA VAL A 50 19.75 -11.72 42.01
C VAL A 50 18.42 -11.71 42.74
N LYS A 51 17.91 -12.89 43.09
CA LYS A 51 16.66 -13.02 43.83
C LYS A 51 16.90 -12.86 45.32
N ALA A 52 18.03 -13.38 45.78
CA ALA A 52 18.40 -13.30 47.19
C ALA A 52 18.93 -11.91 47.53
N LYS A 53 19.79 -11.40 46.67
CA LYS A 53 20.39 -10.09 46.87
C LYS A 53 19.42 -8.95 46.56
N VAL A 54 18.35 -9.24 45.81
CA VAL A 54 17.37 -8.22 45.48
C VAL A 54 16.57 -7.82 46.73
N GLN A 55 16.59 -8.69 47.73
CA GLN A 55 15.89 -8.44 48.98
C GLN A 55 16.49 -7.24 49.72
N PRO A 56 17.79 -7.26 50.09
CA PRO A 56 18.42 -6.12 50.76
C PRO A 56 18.60 -4.93 49.80
N TYR A 57 18.69 -5.23 48.51
CA TYR A 57 18.86 -4.19 47.50
C TYR A 57 17.60 -3.34 47.40
N LEU A 58 16.48 -3.99 47.17
CA LEU A 58 15.20 -3.31 47.07
C LEU A 58 14.78 -2.73 48.40
N ASP A 59 15.13 -3.40 49.50
CA ASP A 59 14.80 -2.92 50.83
C ASP A 59 15.47 -1.58 51.08
N ASP A 60 16.75 -1.49 50.73
CA ASP A 60 17.52 -0.28 50.91
C ASP A 60 16.95 0.84 50.05
N PHE A 61 16.70 0.52 48.79
CA PHE A 61 16.14 1.49 47.85
C PHE A 61 14.73 1.91 48.26
N GLN A 62 13.91 0.95 48.65
CA GLN A 62 12.54 1.21 49.06
C GLN A 62 12.52 2.07 50.32
N LYS A 63 13.39 1.74 51.26
CA LYS A 63 13.49 2.48 52.51
C LYS A 63 13.89 3.92 52.23
N LYS A 64 14.94 4.08 51.43
CA LYS A 64 15.43 5.40 51.07
C LYS A 64 14.37 6.16 50.28
N TRP A 65 13.63 5.43 49.45
CA TRP A 65 12.56 6.00 48.65
C TRP A 65 11.45 6.51 49.56
N GLN A 66 11.14 5.73 50.59
CA GLN A 66 10.12 6.10 51.57
C GLN A 66 10.58 7.36 52.30
N GLU A 67 11.86 7.38 52.67
CA GLU A 67 12.44 8.54 53.35
C GLU A 67 12.33 9.75 52.43
N GLU A 68 12.64 9.55 51.15
CA GLU A 68 12.57 10.59 50.15
C GLU A 68 11.14 11.11 50.03
N MET A 69 10.19 10.19 49.99
CA MET A 69 8.79 10.56 49.88
C MET A 69 8.33 11.27 51.15
N GLU A 70 8.78 10.78 52.29
CA GLU A 70 8.44 11.39 53.58
C GLU A 70 8.94 12.82 53.61
N LEU A 71 10.18 13.01 53.20
CA LEU A 71 10.78 14.33 53.16
C LEU A 71 10.04 15.21 52.17
N TYR A 72 9.66 14.63 51.03
CA TYR A 72 8.92 15.36 50.01
C TYR A 72 7.54 15.76 50.53
N ARG A 73 6.93 14.88 51.32
CA ARG A 73 5.62 15.15 51.90
C ARG A 73 5.72 16.25 52.94
N GLN A 74 6.79 16.19 53.73
CA GLN A 74 7.03 17.18 54.77
C GLN A 74 7.42 18.52 54.18
N LYS A 75 7.86 18.51 52.93
CA LYS A 75 8.27 19.71 52.25
C LYS A 75 7.12 20.27 51.41
N VAL A 76 6.40 19.38 50.74
CA VAL A 76 5.29 19.79 49.88
C VAL A 76 4.23 20.62 50.62
N GLU A 77 4.01 20.33 51.90
CA GLU A 77 3.03 21.07 52.68
C GLU A 77 3.41 22.55 52.85
N PRO A 78 4.54 22.86 53.52
CA PRO A 78 4.98 24.26 53.71
C PRO A 78 5.27 24.95 52.37
N LEU A 79 5.80 24.19 51.41
CA LEU A 79 6.11 24.75 50.09
C LEU A 79 4.82 25.10 49.35
N ARG A 80 3.80 24.26 49.47
CA ARG A 80 2.53 24.51 48.83
C ARG A 80 1.88 25.71 49.49
N ALA A 81 2.11 25.86 50.79
CA ALA A 81 1.60 26.98 51.54
C ALA A 81 2.25 28.26 51.02
N GLU A 82 3.56 28.20 50.83
CA GLU A 82 4.33 29.33 50.30
C GLU A 82 3.83 29.65 48.90
N LEU A 83 3.61 28.60 48.11
CA LEU A 83 3.13 28.76 46.74
C LEU A 83 1.74 29.38 46.74
N GLN A 84 0.90 28.95 47.67
CA GLN A 84 -0.46 29.47 47.78
C GLN A 84 -0.44 30.93 48.19
N GLU A 85 0.20 31.21 49.32
CA GLU A 85 0.31 32.58 49.83
C GLU A 85 0.98 33.49 48.81
N GLY A 86 2.03 32.96 48.17
CA GLY A 86 2.74 33.71 47.17
C GLY A 86 1.86 33.98 45.96
N ALA A 87 1.17 32.93 45.48
CA ALA A 87 0.28 33.07 44.33
C ALA A 87 -0.84 34.04 44.64
N ARG A 88 -1.32 34.00 45.88
CA ARG A 88 -2.38 34.90 46.31
C ARG A 88 -1.96 36.35 46.08
N GLN A 89 -0.74 36.67 46.47
CA GLN A 89 -0.22 38.02 46.30
C GLN A 89 0.11 38.31 44.84
N LYS A 90 0.81 37.39 44.20
CA LYS A 90 1.19 37.54 42.80
C LYS A 90 -0.04 37.76 41.92
N LEU A 91 -1.09 36.98 42.16
CA LEU A 91 -2.31 37.11 41.40
C LEU A 91 -3.08 38.36 41.82
N HIS A 92 -2.93 38.73 43.09
CA HIS A 92 -3.59 39.92 43.61
C HIS A 92 -3.07 41.17 42.90
N GLU A 93 -1.74 41.25 42.78
CA GLU A 93 -1.10 42.37 42.10
C GLU A 93 -1.57 42.44 40.66
N LEU A 94 -1.75 41.27 40.05
CA LEU A 94 -2.23 41.19 38.68
C LEU A 94 -3.67 41.67 38.59
N GLN A 95 -4.49 41.24 39.55
CA GLN A 95 -5.90 41.64 39.59
C GLN A 95 -6.00 43.14 39.80
N GLU A 96 -5.13 43.67 40.65
CA GLU A 96 -5.08 45.10 40.95
C GLU A 96 -4.72 45.92 39.72
N LYS A 97 -4.26 45.23 38.68
CA LYS A 97 -3.91 45.89 37.44
C LYS A 97 -4.97 45.55 36.38
N LEU A 98 -5.53 44.35 36.47
CA LEU A 98 -6.55 43.91 35.53
C LEU A 98 -7.80 44.76 35.60
N SER A 99 -8.09 45.31 36.77
CA SER A 99 -9.26 46.16 36.93
C SER A 99 -9.06 47.53 36.29
N PRO A 100 -8.10 48.35 36.78
CA PRO A 100 -7.86 49.69 36.23
C PRO A 100 -7.32 49.65 34.80
N LEU A 101 -6.21 48.92 34.59
CA LEU A 101 -5.61 48.82 33.27
C LEU A 101 -6.54 48.13 32.30
N GLY A 102 -7.33 47.19 32.82
CA GLY A 102 -8.28 46.48 31.98
C GLY A 102 -9.35 47.42 31.48
N GLU A 103 -9.96 48.15 32.40
CA GLU A 103 -10.99 49.11 32.06
C GLU A 103 -10.42 50.19 31.15
N GLU A 104 -9.22 50.63 31.47
CA GLU A 104 -8.52 51.65 30.69
C GLU A 104 -8.28 51.13 29.27
N MET A 105 -7.80 49.90 29.17
CA MET A 105 -7.54 49.29 27.88
C MET A 105 -8.83 49.15 27.10
N ARG A 106 -9.90 48.82 27.80
CA ARG A 106 -11.21 48.66 27.19
C ARG A 106 -11.67 49.99 26.60
N ASP A 107 -11.55 51.05 27.39
CA ASP A 107 -11.95 52.38 26.93
C ASP A 107 -11.04 52.86 25.82
N ARG A 108 -9.75 52.54 25.95
CA ARG A 108 -8.78 52.91 24.93
C ARG A 108 -9.06 52.14 23.65
N ALA A 109 -9.49 50.88 23.80
CA ALA A 109 -9.85 50.06 22.65
C ALA A 109 -11.03 50.69 21.94
N ARG A 110 -11.96 51.24 22.72
CA ARG A 110 -13.12 51.92 22.17
C ARG A 110 -12.66 53.06 21.30
N ALA A 111 -11.71 53.85 21.83
CA ALA A 111 -11.16 54.98 21.11
C ALA A 111 -10.37 54.51 19.89
N HIS A 112 -9.63 53.41 20.05
CA HIS A 112 -8.84 52.84 18.96
C HIS A 112 -9.77 52.48 17.80
N VAL A 113 -10.84 51.77 18.11
CA VAL A 113 -11.82 51.36 17.11
C VAL A 113 -12.62 52.57 16.63
N ASP A 114 -12.92 53.49 17.55
CA ASP A 114 -13.67 54.69 17.24
C ASP A 114 -12.96 55.50 16.18
N ALA A 115 -11.67 55.71 16.36
CA ALA A 115 -10.86 56.45 15.40
C ALA A 115 -10.88 55.76 14.05
N LEU A 116 -10.77 54.43 14.08
CA LEU A 116 -10.80 53.65 12.86
C LEU A 116 -12.16 53.72 12.19
N ARG A 117 -13.20 53.58 12.98
CA ARG A 117 -14.57 53.62 12.49
C ARG A 117 -14.85 54.97 11.83
N THR A 118 -14.44 56.04 12.49
CA THR A 118 -14.64 57.40 11.97
C THR A 118 -13.88 57.58 10.66
N HIS A 119 -12.74 56.92 10.54
CA HIS A 119 -11.92 56.99 9.34
C HIS A 119 -12.44 56.04 8.26
N LEU A 120 -12.90 54.87 8.68
CA LEU A 120 -13.41 53.87 7.75
C LEU A 120 -14.72 54.30 7.10
N ALA A 121 -15.50 55.12 7.79
CA ALA A 121 -16.77 55.59 7.25
C ALA A 121 -16.62 56.19 5.85
N PRO A 122 -15.77 57.23 5.66
CA PRO A 122 -15.57 57.83 4.34
C PRO A 122 -14.76 56.91 3.43
N TYR A 123 -13.81 56.19 4.01
CA TYR A 123 -12.96 55.29 3.24
C TYR A 123 -13.74 54.16 2.58
N SER A 124 -14.65 53.55 3.32
CA SER A 124 -15.45 52.46 2.77
C SER A 124 -16.27 52.92 1.57
N ASP A 125 -16.85 54.11 1.69
CA ASP A 125 -17.64 54.68 0.60
C ASP A 125 -16.75 54.96 -0.59
N GLU A 126 -15.58 55.55 -0.31
CA GLU A 126 -14.61 55.86 -1.34
C GLU A 126 -14.08 54.60 -2.00
N LEU A 127 -13.93 53.54 -1.20
CA LEU A 127 -13.45 52.26 -1.72
C LEU A 127 -14.47 51.71 -2.71
N ARG A 128 -15.75 51.87 -2.38
CA ARG A 128 -16.82 51.43 -3.24
C ARG A 128 -16.82 52.26 -4.51
N GLN A 129 -16.55 53.56 -4.35
CA GLN A 129 -16.48 54.48 -5.48
C GLN A 129 -15.33 54.06 -6.40
N ARG A 130 -14.18 53.77 -5.79
CA ARG A 130 -13.00 53.32 -6.51
C ARG A 130 -13.30 52.03 -7.26
N LEU A 131 -13.91 51.08 -6.55
CA LEU A 131 -14.26 49.80 -7.14
C LEU A 131 -15.23 50.00 -8.30
N ALA A 132 -16.18 50.91 -8.11
CA ALA A 132 -17.15 51.21 -9.16
C ALA A 132 -16.44 51.82 -10.36
N ALA A 133 -15.53 52.76 -10.09
CA ALA A 133 -14.77 53.41 -11.15
C ALA A 133 -13.96 52.38 -11.93
N ARG A 134 -13.37 51.45 -11.20
CA ARG A 134 -12.56 50.39 -11.81
C ARG A 134 -13.45 49.41 -12.57
N LEU A 135 -14.53 48.98 -11.94
CA LEU A 135 -15.46 48.04 -12.56
C LEU A 135 -16.05 48.60 -13.85
N GLU A 136 -16.39 49.88 -13.84
CA GLU A 136 -16.94 50.53 -15.02
C GLU A 136 -15.90 50.61 -16.13
N ALA A 137 -14.68 50.96 -15.76
CA ALA A 137 -13.59 51.05 -16.72
C ALA A 137 -13.32 49.67 -17.30
N LEU A 138 -13.26 48.67 -16.42
CA LEU A 138 -13.02 47.30 -16.82
C LEU A 138 -14.20 46.72 -17.59
N LYS A 139 -15.37 47.35 -17.43
CA LYS A 139 -16.57 46.90 -18.13
C LYS A 139 -16.55 47.40 -19.56
N GLU A 140 -16.23 48.67 -19.73
CA GLU A 140 -16.15 49.27 -21.05
C GLU A 140 -14.95 48.71 -21.80
N ASN A 141 -13.80 48.73 -21.15
CA ASN A 141 -12.57 48.21 -21.74
C ASN A 141 -12.69 46.70 -21.89
N GLY A 142 -13.33 46.05 -20.92
CA GLY A 142 -13.52 44.62 -20.98
C GLY A 142 -14.40 44.22 -22.14
N GLY A 143 -15.40 45.05 -22.41
CA GLY A 143 -16.29 44.78 -23.52
C GLY A 143 -15.53 44.87 -24.82
N ALA A 144 -14.68 45.88 -24.92
CA ALA A 144 -13.86 46.08 -26.11
C ALA A 144 -12.87 44.93 -26.25
N ARG A 145 -12.28 44.53 -25.11
CA ARG A 145 -11.32 43.43 -25.07
C ARG A 145 -11.99 42.14 -25.52
N LEU A 146 -13.15 41.84 -24.95
CA LEU A 146 -13.87 40.62 -25.29
C LEU A 146 -14.27 40.62 -26.76
N ALA A 147 -14.81 41.73 -27.23
CA ALA A 147 -15.21 41.84 -28.63
C ALA A 147 -14.02 41.57 -29.54
N GLU A 148 -12.88 42.16 -29.19
CA GLU A 148 -11.66 41.98 -29.96
C GLU A 148 -11.16 40.55 -29.81
N TYR A 149 -11.25 40.01 -28.59
CA TYR A 149 -10.83 38.65 -28.31
C TYR A 149 -11.63 37.66 -29.14
N HIS A 150 -12.94 37.90 -29.23
CA HIS A 150 -13.83 37.06 -30.02
C HIS A 150 -13.42 37.13 -31.49
N ALA A 151 -13.07 38.33 -31.93
CA ALA A 151 -12.65 38.53 -33.31
C ALA A 151 -11.36 37.76 -33.56
N LYS A 152 -10.39 37.93 -32.66
CA LYS A 152 -9.11 37.23 -32.76
C LYS A 152 -9.34 35.72 -32.73
N ALA A 153 -10.23 35.27 -31.85
CA ALA A 153 -10.55 33.85 -31.73
C ALA A 153 -11.17 33.34 -33.02
N THR A 154 -11.99 34.18 -33.65
CA THR A 154 -12.63 33.80 -34.91
C THR A 154 -11.58 33.70 -36.01
N GLU A 155 -10.62 34.62 -35.99
CA GLU A 155 -9.55 34.61 -36.98
C GLU A 155 -8.65 33.40 -36.79
N HIS A 156 -8.38 33.09 -35.52
CA HIS A 156 -7.57 31.93 -35.19
C HIS A 156 -8.31 30.65 -35.53
N LEU A 157 -9.64 30.72 -35.46
CA LEU A 157 -10.49 29.58 -35.80
C LEU A 157 -10.48 29.37 -37.31
N SER A 158 -10.47 30.48 -38.04
CA SER A 158 -10.44 30.44 -39.50
C SER A 158 -9.12 29.83 -39.95
N THR A 159 -8.03 30.23 -39.31
CA THR A 159 -6.72 29.69 -39.63
C THR A 159 -6.60 28.27 -39.10
N LEU A 160 -7.41 27.97 -38.09
CA LEU A 160 -7.44 26.65 -37.50
C LEU A 160 -8.06 25.68 -38.50
N SER A 161 -8.95 26.22 -39.33
CA SER A 161 -9.60 25.41 -40.36
C SER A 161 -8.57 24.92 -41.35
N GLU A 162 -7.51 25.71 -41.53
CA GLU A 162 -6.43 25.35 -42.45
C GLU A 162 -5.63 24.19 -41.89
N LYS A 163 -5.78 23.97 -40.59
CA LYS A 163 -5.10 22.88 -39.92
C LYS A 163 -6.04 21.69 -39.80
N ALA A 164 -7.32 21.99 -39.59
CA ALA A 164 -8.34 20.96 -39.45
C ALA A 164 -8.69 20.33 -40.79
N LYS A 165 -8.63 21.12 -41.86
CA LYS A 165 -8.96 20.59 -43.18
C LYS A 165 -7.70 20.26 -44.01
N PRO A 166 -7.00 21.27 -44.59
CA PRO A 166 -5.79 21.02 -45.40
C PRO A 166 -4.70 20.28 -44.64
N ALA A 167 -4.25 20.85 -43.53
CA ALA A 167 -3.18 20.23 -42.74
C ALA A 167 -3.53 18.82 -42.28
N LEU A 168 -4.77 18.62 -41.82
CA LEU A 168 -5.20 17.31 -41.38
C LEU A 168 -5.27 16.34 -42.53
N GLU A 169 -5.72 16.84 -43.69
CA GLU A 169 -5.81 16.02 -44.89
C GLU A 169 -4.40 15.61 -45.31
N ASP A 170 -3.50 16.58 -45.30
CA ASP A 170 -2.10 16.34 -45.64
C ASP A 170 -1.51 15.29 -44.71
N LEU A 171 -1.82 15.42 -43.43
CA LEU A 171 -1.35 14.47 -42.42
C LEU A 171 -1.91 13.09 -42.72
N ARG A 172 -3.21 13.04 -43.02
CA ARG A 172 -3.87 11.79 -43.34
C ARG A 172 -3.26 11.16 -44.58
N GLN A 173 -3.10 11.97 -45.63
CA GLN A 173 -2.53 11.51 -46.89
C GLN A 173 -1.07 11.10 -46.73
N GLY A 174 -0.42 11.62 -45.70
CA GLY A 174 0.96 11.27 -45.45
C GLY A 174 1.06 10.05 -44.57
N LEU A 175 0.17 9.96 -43.59
CA LEU A 175 0.15 8.84 -42.66
C LEU A 175 -0.32 7.55 -43.31
N LEU A 176 -1.32 7.64 -44.19
CA LEU A 176 -1.85 6.46 -44.85
C LEU A 176 -0.78 5.54 -45.45
N PRO A 177 0.04 6.04 -46.41
CA PRO A 177 1.10 5.23 -47.01
C PRO A 177 2.17 4.85 -46.00
N VAL A 178 2.45 5.78 -45.07
CA VAL A 178 3.44 5.54 -44.03
C VAL A 178 3.03 4.36 -43.15
N LEU A 179 1.75 4.30 -42.82
CA LEU A 179 1.22 3.22 -42.01
C LEU A 179 1.43 1.90 -42.72
N GLU A 180 1.21 1.90 -44.03
CA GLU A 180 1.41 0.71 -44.84
C GLU A 180 2.87 0.29 -44.81
N SER A 181 3.76 1.27 -44.93
CA SER A 181 5.19 1.02 -44.90
C SER A 181 5.60 0.48 -43.54
N PHE A 182 5.05 1.08 -42.48
CA PHE A 182 5.34 0.69 -41.12
C PHE A 182 4.78 -0.69 -40.82
N LYS A 183 3.59 -0.99 -41.35
CA LYS A 183 2.95 -2.28 -41.14
C LYS A 183 3.81 -3.41 -41.71
N VAL A 184 4.40 -3.18 -42.88
CA VAL A 184 5.25 -4.16 -43.52
C VAL A 184 6.45 -4.49 -42.63
N SER A 185 7.10 -3.44 -42.13
CA SER A 185 8.26 -3.61 -41.27
C SER A 185 7.86 -4.24 -39.94
N PHE A 186 6.65 -3.91 -39.48
CA PHE A 186 6.13 -4.45 -38.24
C PHE A 186 5.87 -5.95 -38.38
N LEU A 187 5.20 -6.31 -39.47
CA LEU A 187 4.88 -7.70 -39.76
C LEU A 187 6.14 -8.54 -39.91
N SER A 188 7.11 -8.02 -40.66
CA SER A 188 8.36 -8.73 -40.89
C SER A 188 9.13 -8.89 -39.57
N ALA A 189 9.02 -7.88 -38.71
CA ALA A 189 9.69 -7.92 -37.41
C ALA A 189 9.05 -8.99 -36.54
N LEU A 190 7.72 -9.09 -36.60
CA LEU A 190 6.99 -10.09 -35.84
C LEU A 190 7.48 -11.49 -36.21
N GLU A 191 7.77 -11.66 -37.50
CA GLU A 191 8.28 -12.93 -38.00
C GLU A 191 9.64 -13.22 -37.38
N GLU A 192 10.49 -12.20 -37.29
CA GLU A 192 11.83 -12.34 -36.72
C GLU A 192 11.74 -12.87 -35.28
N TYR A 193 10.85 -12.29 -34.51
CA TYR A 193 10.66 -12.70 -33.11
C TYR A 193 10.15 -14.13 -33.00
N THR A 194 9.51 -14.62 -34.06
CA THR A 194 8.99 -15.98 -34.07
C THR A 194 9.96 -16.92 -34.81
N LYS A 195 11.04 -16.36 -35.31
CA LYS A 195 12.03 -17.13 -36.03
C LYS A 195 13.29 -17.34 -35.19
N LYS A 196 13.74 -16.28 -34.53
CA LYS A 196 14.94 -16.35 -33.70
C LYS A 196 14.62 -16.77 -32.26
N LEU A 197 13.47 -16.32 -31.77
CA LEU A 197 13.07 -16.66 -30.40
C LEU A 197 12.08 -17.82 -30.42
N ASN A 198 12.33 -18.77 -31.31
CA ASN A 198 11.49 -19.95 -31.47
C ASN A 198 12.24 -21.00 -32.26
N LEU B 1 11.83 9.94 -45.68
CA LEU B 1 12.05 10.41 -47.03
C LEU B 1 10.96 11.38 -47.45
N LYS B 2 9.74 11.09 -47.02
CA LYS B 2 8.59 11.92 -47.34
C LYS B 2 8.49 13.07 -46.34
N LEU B 3 9.57 13.29 -45.60
CA LEU B 3 9.62 14.35 -44.61
C LEU B 3 9.59 15.71 -45.28
N LEU B 4 10.04 15.76 -46.54
CA LEU B 4 10.05 16.99 -47.30
C LEU B 4 8.63 17.49 -47.52
N ASP B 5 7.70 16.56 -47.67
CA ASP B 5 6.30 16.89 -47.86
C ASP B 5 5.73 17.47 -46.58
N ASN B 6 6.01 16.80 -45.47
CA ASN B 6 5.53 17.24 -44.16
C ASN B 6 6.15 18.58 -43.79
N TRP B 7 7.40 18.79 -44.20
CA TRP B 7 8.11 20.04 -43.94
C TRP B 7 7.35 21.22 -44.53
N ASP B 8 6.79 21.02 -45.72
CA ASP B 8 6.04 22.07 -46.40
C ASP B 8 4.80 22.43 -45.59
N SER B 9 4.14 21.41 -45.05
CA SER B 9 2.96 21.60 -44.23
C SER B 9 3.31 22.39 -42.98
N VAL B 10 4.44 22.03 -42.36
CA VAL B 10 4.92 22.72 -41.16
C VAL B 10 5.21 24.18 -41.50
N THR B 11 5.79 24.39 -42.69
CA THR B 11 6.11 25.72 -43.15
C THR B 11 4.83 26.53 -43.36
N SER B 12 3.79 25.87 -43.87
CA SER B 12 2.51 26.52 -44.10
C SER B 12 1.93 27.05 -42.79
N THR B 13 1.97 26.24 -41.74
CA THR B 13 1.47 26.65 -40.44
C THR B 13 2.25 27.85 -39.92
N PHE B 14 3.57 27.81 -40.04
CA PHE B 14 4.43 28.89 -39.58
C PHE B 14 4.16 30.17 -40.37
N SER B 15 4.00 30.02 -41.68
CA SER B 15 3.72 31.16 -42.54
C SER B 15 2.40 31.81 -42.14
N LYS B 16 1.38 30.99 -41.95
CA LYS B 16 0.07 31.48 -41.54
C LYS B 16 0.14 32.09 -40.14
N LEU B 17 1.03 31.57 -39.31
CA LEU B 17 1.19 32.08 -37.95
C LEU B 17 1.70 33.51 -38.01
N ARG B 18 2.64 33.77 -38.93
CA ARG B 18 3.19 35.11 -39.11
C ARG B 18 2.12 36.02 -39.68
N GLU B 19 1.28 35.45 -40.53
CA GLU B 19 0.18 36.20 -41.15
C GLU B 19 -0.85 36.57 -40.08
N GLN B 20 -0.81 35.84 -38.97
CA GLN B 20 -1.70 36.09 -37.85
C GLN B 20 -1.03 37.06 -36.89
N LEU B 21 0.24 36.75 -36.57
CA LEU B 21 1.04 37.55 -35.65
C LEU B 21 1.01 39.03 -35.99
N GLY B 22 1.24 39.36 -37.26
CA GLY B 22 1.24 40.75 -37.70
C GLY B 22 0.00 41.52 -37.24
N PRO B 23 -1.17 41.23 -37.83
CA PRO B 23 -2.43 41.87 -37.46
C PRO B 23 -2.74 41.73 -35.98
N VAL B 24 -2.49 40.54 -35.43
CA VAL B 24 -2.75 40.27 -34.02
C VAL B 24 -1.97 41.21 -33.10
N THR B 25 -0.67 41.37 -33.35
CA THR B 25 0.15 42.25 -32.52
C THR B 25 -0.27 43.70 -32.70
N GLN B 26 -0.63 44.08 -33.91
CA GLN B 26 -1.06 45.44 -34.19
C GLN B 26 -2.28 45.80 -33.35
N GLU B 27 -3.29 44.93 -33.40
CA GLU B 27 -4.50 45.16 -32.63
C GLU B 27 -4.26 44.89 -31.15
N PHE B 28 -3.33 43.98 -30.84
CA PHE B 28 -3.00 43.66 -29.46
C PHE B 28 -2.30 44.85 -28.82
N TRP B 29 -1.52 45.58 -29.61
CA TRP B 29 -0.82 46.75 -29.12
C TRP B 29 -1.81 47.85 -28.83
N ASP B 30 -2.84 47.94 -29.66
CA ASP B 30 -3.90 48.93 -29.45
C ASP B 30 -4.70 48.49 -28.23
N ASN B 31 -4.84 47.16 -28.10
CA ASN B 31 -5.52 46.57 -26.95
C ASN B 31 -4.74 46.92 -25.69
N LEU B 32 -3.43 46.75 -25.77
CA LEU B 32 -2.54 47.06 -24.66
C LEU B 32 -2.66 48.53 -24.30
N GLU B 33 -2.86 49.37 -25.31
CA GLU B 33 -3.03 50.80 -25.10
C GLU B 33 -4.31 51.05 -24.34
N LYS B 34 -5.37 50.37 -24.74
CA LYS B 34 -6.66 50.49 -24.06
C LYS B 34 -6.49 50.09 -22.60
N GLU B 35 -5.75 49.01 -22.38
CA GLU B 35 -5.49 48.50 -21.04
C GLU B 35 -4.60 49.45 -20.24
N THR B 36 -3.43 49.79 -20.79
CA THR B 36 -2.49 50.66 -20.11
C THR B 36 -3.12 52.01 -19.76
N GLU B 37 -3.68 52.68 -20.75
CA GLU B 37 -4.31 53.98 -20.53
C GLU B 37 -5.52 53.83 -19.60
N GLY B 38 -6.29 52.77 -19.81
CA GLY B 38 -7.45 52.53 -18.97
C GLY B 38 -7.06 52.29 -17.53
N LEU B 39 -6.07 51.42 -17.32
CA LEU B 39 -5.58 51.13 -15.99
C LEU B 39 -4.98 52.38 -15.38
N ARG B 40 -4.38 53.22 -16.21
CA ARG B 40 -3.79 54.45 -15.76
C ARG B 40 -4.85 55.42 -15.25
N GLN B 41 -6.04 55.36 -15.85
CA GLN B 41 -7.16 56.21 -15.45
C GLN B 41 -7.58 55.85 -14.03
N GLU B 42 -7.44 54.58 -13.69
CA GLU B 42 -7.78 54.11 -12.36
C GLU B 42 -6.61 54.39 -11.44
N MET B 43 -5.42 54.07 -11.91
CA MET B 43 -4.20 54.25 -11.13
C MET B 43 -3.90 55.71 -10.80
N SER B 44 -4.27 56.63 -11.69
CA SER B 44 -4.06 58.04 -11.45
C SER B 44 -4.84 58.45 -10.21
N LYS B 45 -6.14 58.19 -10.23
CA LYS B 45 -7.00 58.50 -9.11
C LYS B 45 -6.58 57.66 -7.91
N ASP B 46 -6.15 56.43 -8.19
CA ASP B 46 -5.72 55.51 -7.15
C ASP B 46 -4.54 56.11 -6.39
N LEU B 47 -3.48 56.44 -7.12
CA LEU B 47 -2.28 57.03 -6.54
C LEU B 47 -2.59 58.32 -5.78
N GLU B 48 -3.36 59.20 -6.40
CA GLU B 48 -3.73 60.47 -5.77
C GLU B 48 -4.47 60.21 -4.46
N GLU B 49 -5.42 59.28 -4.52
CA GLU B 49 -6.21 58.92 -3.36
C GLU B 49 -5.40 58.14 -2.35
N VAL B 50 -4.38 57.45 -2.83
CA VAL B 50 -3.50 56.68 -1.95
C VAL B 50 -2.80 57.64 -1.00
N LYS B 51 -2.23 58.69 -1.55
CA LYS B 51 -1.53 59.70 -0.75
C LYS B 51 -2.54 60.40 0.16
N ALA B 52 -3.70 60.73 -0.40
CA ALA B 52 -4.75 61.42 0.33
C ALA B 52 -5.37 60.58 1.44
N LYS B 53 -5.19 59.26 1.36
CA LYS B 53 -5.74 58.37 2.37
C LYS B 53 -4.65 57.81 3.29
N VAL B 54 -3.47 57.56 2.73
CA VAL B 54 -2.36 57.04 3.51
C VAL B 54 -1.85 58.07 4.51
N GLN B 55 -1.88 59.34 4.13
CA GLN B 55 -1.45 60.41 5.03
C GLN B 55 -2.25 60.38 6.34
N PRO B 56 -3.60 60.51 6.30
CA PRO B 56 -4.43 60.46 7.49
C PRO B 56 -4.44 59.06 8.11
N TYR B 57 -4.26 58.04 7.28
CA TYR B 57 -4.22 56.65 7.76
C TYR B 57 -2.99 56.47 8.63
N LEU B 58 -1.89 57.07 8.19
CA LEU B 58 -0.64 57.02 8.93
C LEU B 58 -0.79 57.79 10.22
N ASP B 59 -1.45 58.95 10.13
CA ASP B 59 -1.72 59.80 11.29
C ASP B 59 -2.56 59.04 12.30
N ASP B 60 -3.61 58.40 11.80
CA ASP B 60 -4.51 57.61 12.62
C ASP B 60 -3.76 56.46 13.28
N PHE B 61 -2.93 55.79 12.48
CA PHE B 61 -2.14 54.68 12.99
C PHE B 61 -1.10 55.19 13.98
N GLN B 62 -0.50 56.34 13.67
CA GLN B 62 0.50 56.95 14.55
C GLN B 62 -0.14 57.26 15.89
N LYS B 63 -1.37 57.78 15.86
CA LYS B 63 -2.10 58.10 17.06
C LYS B 63 -2.30 56.84 17.88
N LYS B 64 -2.69 55.77 17.20
CA LYS B 64 -2.92 54.48 17.86
C LYS B 64 -1.60 53.92 18.38
N TRP B 65 -0.53 54.13 17.62
CA TRP B 65 0.80 53.69 18.01
C TRP B 65 1.22 54.44 19.27
N GLN B 66 1.01 55.74 19.26
CA GLN B 66 1.34 56.58 20.40
C GLN B 66 0.50 56.15 21.59
N GLU B 67 -0.80 55.95 21.35
CA GLU B 67 -1.71 55.52 22.39
C GLU B 67 -1.20 54.25 23.04
N GLU B 68 -0.97 53.23 22.22
CA GLU B 68 -0.48 51.94 22.70
C GLU B 68 0.89 52.09 23.35
N MET B 69 1.74 52.93 22.77
CA MET B 69 3.08 53.15 23.30
C MET B 69 3.02 53.72 24.71
N GLU B 70 2.18 54.75 24.89
CA GLU B 70 2.02 55.37 26.20
C GLU B 70 1.35 54.38 27.14
N LEU B 71 0.44 53.58 26.61
CA LEU B 71 -0.26 52.58 27.40
C LEU B 71 0.72 51.52 27.87
N TYR B 72 1.64 51.12 27.00
CA TYR B 72 2.64 50.13 27.34
C TYR B 72 3.58 50.67 28.40
N ARG B 73 3.73 51.99 28.42
CA ARG B 73 4.59 52.64 29.41
C ARG B 73 3.91 52.66 30.78
N GLN B 74 2.59 52.74 30.77
CA GLN B 74 1.83 52.77 32.01
C GLN B 74 1.33 51.37 32.40
N LYS B 75 1.51 50.43 31.49
CA LYS B 75 1.09 49.05 31.75
C LYS B 75 2.29 48.12 31.86
N VAL B 76 3.00 47.95 30.74
CA VAL B 76 4.16 47.05 30.70
C VAL B 76 5.25 47.45 31.68
N GLU B 77 5.61 48.73 31.71
CA GLU B 77 6.66 49.20 32.62
C GLU B 77 6.35 48.83 34.08
N PRO B 78 5.21 49.28 34.64
CA PRO B 78 4.83 48.94 36.02
C PRO B 78 4.71 47.43 36.20
N LEU B 79 4.08 46.77 35.22
CA LEU B 79 3.92 45.33 35.26
C LEU B 79 5.27 44.63 35.29
N ARG B 80 6.26 45.25 34.66
CA ARG B 80 7.62 44.71 34.64
C ARG B 80 8.23 44.84 36.03
N ALA B 81 7.99 45.97 36.66
CA ALA B 81 8.51 46.21 38.01
C ALA B 81 7.90 45.19 38.96
N GLU B 82 6.62 44.94 38.80
CA GLU B 82 5.92 43.97 39.64
C GLU B 82 6.29 42.56 39.23
N LEU B 83 6.58 42.37 37.94
CA LEU B 83 7.00 41.07 37.43
C LEU B 83 8.34 40.75 38.06
N GLN B 84 9.21 41.75 38.12
CA GLN B 84 10.52 41.60 38.74
C GLN B 84 10.34 41.25 40.21
N GLU B 85 9.38 41.90 40.86
CA GLU B 85 9.09 41.66 42.26
C GLU B 85 8.63 40.21 42.43
N GLY B 86 7.69 39.80 41.59
CA GLY B 86 7.19 38.44 41.64
C GLY B 86 8.31 37.45 41.36
N ALA B 87 9.19 37.82 40.44
CA ALA B 87 10.32 36.99 40.07
C ALA B 87 11.27 36.91 41.26
N ARG B 88 11.50 38.05 41.92
CA ARG B 88 12.36 38.11 43.08
C ARG B 88 11.80 37.22 44.19
N GLN B 89 10.49 37.30 44.38
CA GLN B 89 9.79 36.49 45.36
C GLN B 89 9.99 35.01 45.04
N LYS B 90 9.73 34.65 43.79
CA LYS B 90 9.88 33.28 43.35
C LYS B 90 11.32 32.83 43.45
N LEU B 91 12.26 33.71 43.13
CA LEU B 91 13.68 33.40 43.22
C LEU B 91 14.04 33.11 44.66
N HIS B 92 13.47 33.90 45.56
CA HIS B 92 13.70 33.73 46.99
C HIS B 92 13.12 32.38 47.41
N GLU B 93 11.90 32.10 46.94
CA GLU B 93 11.24 30.84 47.23
C GLU B 93 12.07 29.67 46.71
N LEU B 94 12.61 29.84 45.51
CA LEU B 94 13.44 28.82 44.89
C LEU B 94 14.75 28.65 45.65
N GLN B 95 15.35 29.76 46.06
CA GLN B 95 16.60 29.73 46.82
C GLN B 95 16.41 28.98 48.14
N GLU B 96 15.28 29.23 48.78
CA GLU B 96 14.96 28.59 50.05
C GLU B 96 14.62 27.11 49.86
N LYS B 97 14.62 26.66 48.62
CA LYS B 97 14.34 25.28 48.30
C LYS B 97 15.58 24.59 47.74
N LEU B 98 16.25 25.27 46.81
CA LEU B 98 17.45 24.74 46.18
C LEU B 98 18.61 24.60 47.17
N SER B 99 18.50 25.26 48.31
CA SER B 99 19.53 25.16 49.33
C SER B 99 19.33 23.90 50.19
N PRO B 100 18.24 23.79 50.98
CA PRO B 100 18.00 22.62 51.82
C PRO B 100 17.73 21.38 50.98
N LEU B 101 16.76 21.47 50.07
CA LEU B 101 16.41 20.35 49.20
C LEU B 101 17.56 20.06 48.24
N GLY B 102 18.34 21.09 47.93
CA GLY B 102 19.47 20.92 47.04
C GLY B 102 20.51 20.02 47.66
N GLU B 103 20.85 20.30 48.92
CA GLU B 103 21.82 19.50 49.64
C GLU B 103 21.19 18.14 49.95
N GLU B 104 19.86 18.14 50.15
CA GLU B 104 19.12 16.92 50.42
C GLU B 104 19.15 16.00 49.22
N MET B 105 18.91 16.56 48.03
CA MET B 105 18.93 15.78 46.80
C MET B 105 20.31 15.18 46.58
N ARG B 106 21.34 15.97 46.86
CA ARG B 106 22.72 15.52 46.72
C ARG B 106 23.00 14.43 47.75
N ASP B 107 22.40 14.59 48.92
CA ASP B 107 22.54 13.63 50.01
C ASP B 107 21.86 12.32 49.62
N ARG B 108 20.70 12.44 49.00
CA ARG B 108 19.96 11.28 48.52
C ARG B 108 20.78 10.59 47.45
N ALA B 109 21.39 11.39 46.59
CA ALA B 109 22.25 10.88 45.53
C ALA B 109 23.43 10.14 46.14
N ARG B 110 23.95 10.67 47.24
CA ARG B 110 25.06 10.03 47.95
C ARG B 110 24.59 8.68 48.46
N ALA B 111 23.38 8.66 49.02
CA ALA B 111 22.80 7.43 49.55
C ALA B 111 22.55 6.43 48.45
N HIS B 112 22.17 6.93 47.27
CA HIS B 112 21.92 6.08 46.11
C HIS B 112 23.24 5.53 45.56
N VAL B 113 24.19 6.42 45.36
CA VAL B 113 25.50 6.03 44.83
C VAL B 113 26.23 5.12 45.80
N ASP B 114 26.19 5.46 47.10
CA ASP B 114 26.83 4.64 48.12
C ASP B 114 26.25 3.23 48.10
N ALA B 115 24.96 3.16 47.84
CA ALA B 115 24.27 1.88 47.75
C ALA B 115 24.78 1.16 46.51
N LEU B 116 24.77 1.87 45.38
CA LEU B 116 25.23 1.31 44.11
C LEU B 116 26.68 0.82 44.21
N ARG B 117 27.48 1.49 45.03
CA ARG B 117 28.88 1.11 45.24
C ARG B 117 28.95 -0.29 45.85
N THR B 118 27.91 -0.67 46.56
CA THR B 118 27.84 -1.97 47.19
C THR B 118 26.78 -2.86 46.54
N HIS B 119 26.08 -2.30 45.56
CA HIS B 119 25.04 -3.02 44.86
C HIS B 119 25.52 -3.46 43.47
N LEU B 120 25.98 -2.50 42.69
CA LEU B 120 26.44 -2.77 41.34
C LEU B 120 27.87 -3.28 41.30
N ALA B 121 28.79 -2.53 41.90
CA ALA B 121 30.21 -2.89 41.91
C ALA B 121 30.48 -4.35 42.34
N PRO B 122 30.05 -4.76 43.56
CA PRO B 122 30.26 -6.15 44.02
C PRO B 122 29.56 -7.15 43.10
N TYR B 123 28.40 -6.77 42.60
CA TYR B 123 27.64 -7.63 41.70
C TYR B 123 28.38 -7.78 40.38
N SER B 124 29.06 -6.73 39.96
CA SER B 124 29.84 -6.76 38.74
C SER B 124 31.00 -7.73 38.90
N ASP B 125 31.51 -7.83 40.12
CA ASP B 125 32.61 -8.73 40.41
C ASP B 125 32.12 -10.16 40.30
N GLU B 126 30.89 -10.39 40.76
CA GLU B 126 30.27 -11.70 40.67
C GLU B 126 29.95 -11.99 39.22
N LEU B 127 29.54 -10.93 38.50
CA LEU B 127 29.23 -11.04 37.09
C LEU B 127 30.48 -11.40 36.31
N ARG B 128 31.63 -10.94 36.80
CA ARG B 128 32.92 -11.24 36.18
C ARG B 128 33.14 -12.73 36.19
N GLN B 129 32.85 -13.35 37.33
CA GLN B 129 33.02 -14.80 37.47
C GLN B 129 32.03 -15.54 36.58
N ARG B 130 30.80 -15.05 36.57
CA ARG B 130 29.74 -15.64 35.76
C ARG B 130 30.07 -15.48 34.27
N LEU B 131 30.46 -14.28 33.88
CA LEU B 131 30.81 -14.01 32.50
C LEU B 131 32.06 -14.80 32.11
N ALA B 132 32.94 -15.02 33.08
CA ALA B 132 34.16 -15.78 32.83
C ALA B 132 33.79 -17.22 32.51
N ALA B 133 32.85 -17.77 33.27
CA ALA B 133 32.39 -19.13 33.06
C ALA B 133 31.59 -19.21 31.76
N ARG B 134 30.85 -18.15 31.47
CA ARG B 134 30.06 -18.07 30.26
C ARG B 134 30.97 -18.05 29.04
N LEU B 135 31.99 -17.18 29.08
CA LEU B 135 32.94 -17.08 28.00
C LEU B 135 33.78 -18.33 27.93
N GLU B 136 33.97 -18.98 29.08
CA GLU B 136 34.72 -20.22 29.17
C GLU B 136 33.98 -21.29 28.38
N ALA B 137 32.67 -21.37 28.59
CA ALA B 137 31.84 -22.32 27.89
C ALA B 137 31.83 -21.97 26.40
N LEU B 138 31.77 -20.68 26.11
CA LEU B 138 31.78 -20.20 24.73
C LEU B 138 33.11 -20.51 24.06
N LYS B 139 34.17 -20.57 24.85
CA LYS B 139 35.49 -20.90 24.33
C LYS B 139 35.61 -22.41 24.16
N GLU B 140 35.02 -23.14 25.09
CA GLU B 140 35.03 -24.60 25.04
C GLU B 140 34.21 -25.07 23.84
N ASN B 141 33.00 -24.56 23.73
CA ASN B 141 32.13 -24.89 22.61
C ASN B 141 32.69 -24.28 21.35
N GLY B 142 33.32 -23.12 21.51
CA GLY B 142 33.94 -22.45 20.39
C GLY B 142 35.06 -23.27 19.80
N GLY B 143 35.83 -23.90 20.69
CA GLY B 143 36.92 -24.75 20.24
C GLY B 143 36.38 -25.94 19.49
N ALA B 144 35.30 -26.50 20.00
CA ALA B 144 34.65 -27.64 19.37
C ALA B 144 34.08 -27.20 18.03
N ARG B 145 33.44 -26.03 18.03
CA ARG B 145 32.86 -25.46 16.83
C ARG B 145 33.93 -25.18 15.79
N LEU B 146 35.12 -24.82 16.26
CA LEU B 146 36.25 -24.57 15.36
C LEU B 146 36.59 -25.86 14.61
N ALA B 147 36.63 -26.95 15.35
CA ALA B 147 36.92 -28.26 14.79
C ALA B 147 35.78 -28.65 13.84
N GLU B 148 34.56 -28.37 14.27
CA GLU B 148 33.38 -28.67 13.46
C GLU B 148 33.42 -27.87 12.17
N TYR B 149 33.65 -26.57 12.29
CA TYR B 149 33.72 -25.69 11.14
C TYR B 149 34.80 -26.14 10.17
N HIS B 150 35.98 -26.46 10.70
CA HIS B 150 37.08 -26.92 9.87
C HIS B 150 36.72 -28.24 9.17
N ALA B 151 36.16 -29.17 9.94
CA ALA B 151 35.74 -30.47 9.40
C ALA B 151 34.66 -30.27 8.36
N LYS B 152 33.67 -29.44 8.69
CA LYS B 152 32.57 -29.15 7.79
C LYS B 152 33.07 -28.45 6.54
N ALA B 153 34.12 -27.63 6.71
CA ALA B 153 34.72 -26.92 5.59
C ALA B 153 35.33 -27.92 4.63
N THR B 154 36.01 -28.92 5.18
CA THR B 154 36.62 -29.96 4.38
C THR B 154 35.53 -30.79 3.71
N GLU B 155 34.49 -31.11 4.48
CA GLU B 155 33.37 -31.89 3.96
C GLU B 155 32.63 -31.12 2.88
N HIS B 156 32.60 -29.79 3.03
CA HIS B 156 31.95 -28.93 2.06
C HIS B 156 32.84 -28.74 0.84
N LEU B 157 34.14 -28.62 1.09
CA LEU B 157 35.11 -28.45 0.02
C LEU B 157 35.19 -29.70 -0.85
N SER B 158 35.15 -30.87 -0.21
CA SER B 158 35.20 -32.14 -0.93
C SER B 158 33.96 -32.30 -1.80
N THR B 159 32.80 -31.92 -1.26
CA THR B 159 31.56 -32.01 -2.02
C THR B 159 31.52 -30.92 -3.09
N LEU B 160 32.16 -29.80 -2.79
CA LEU B 160 32.23 -28.69 -3.73
C LEU B 160 33.00 -29.13 -4.96
N SER B 161 34.20 -29.67 -4.75
CA SER B 161 35.02 -30.13 -5.86
C SER B 161 34.36 -31.32 -6.55
N GLU B 162 33.69 -32.14 -5.74
CA GLU B 162 32.98 -33.32 -6.23
C GLU B 162 31.95 -32.93 -7.27
N LYS B 163 31.31 -31.78 -7.07
CA LYS B 163 30.30 -31.31 -7.99
C LYS B 163 30.85 -30.30 -8.99
N ALA B 164 31.78 -29.46 -8.54
CA ALA B 164 32.38 -28.43 -9.39
C ALA B 164 33.04 -29.02 -10.64
N LYS B 165 33.77 -30.13 -10.47
CA LYS B 165 34.44 -30.77 -11.60
C LYS B 165 33.47 -31.16 -12.72
N PRO B 166 32.49 -32.06 -12.45
CA PRO B 166 31.52 -32.48 -13.46
C PRO B 166 30.62 -31.32 -13.91
N ALA B 167 30.35 -30.37 -13.01
CA ALA B 167 29.52 -29.23 -13.34
C ALA B 167 30.22 -28.35 -14.37
N LEU B 168 31.45 -27.96 -14.08
CA LEU B 168 32.23 -27.13 -14.97
C LEU B 168 32.43 -27.82 -16.33
N GLU B 169 32.69 -29.12 -16.28
CA GLU B 169 32.89 -29.88 -17.50
C GLU B 169 31.63 -29.90 -18.34
N ASP B 170 30.49 -30.20 -17.70
CA ASP B 170 29.22 -30.24 -18.40
C ASP B 170 28.78 -28.85 -18.83
N LEU B 171 29.16 -27.84 -18.06
CA LEU B 171 28.83 -26.45 -18.38
C LEU B 171 29.57 -26.05 -19.63
N ARG B 172 30.87 -26.34 -19.66
CA ARG B 172 31.71 -26.02 -20.80
C ARG B 172 31.27 -26.80 -22.03
N GLN B 173 31.07 -28.10 -21.87
CA GLN B 173 30.63 -28.97 -22.95
C GLN B 173 29.19 -28.68 -23.36
N GLY B 174 28.48 -27.96 -22.50
CA GLY B 174 27.11 -27.60 -22.79
C GLY B 174 27.02 -26.25 -23.46
N LEU B 175 27.86 -25.33 -23.01
CA LEU B 175 27.90 -23.99 -23.57
C LEU B 175 28.60 -23.96 -24.91
N LEU B 176 29.50 -24.92 -25.12
CA LEU B 176 30.24 -25.02 -26.39
C LEU B 176 29.30 -25.06 -27.60
N PRO B 177 28.40 -26.08 -27.70
CA PRO B 177 27.47 -26.17 -28.81
C PRO B 177 26.39 -25.09 -28.73
N VAL B 178 26.09 -24.66 -27.51
CA VAL B 178 25.08 -23.64 -27.31
C VAL B 178 25.55 -22.29 -27.84
N LEU B 179 26.84 -21.98 -27.65
CA LEU B 179 27.41 -20.74 -28.13
C LEU B 179 27.42 -20.77 -29.65
N GLU B 180 27.69 -21.96 -30.20
CA GLU B 180 27.72 -22.13 -31.63
C GLU B 180 26.32 -21.92 -32.18
N SER B 181 25.32 -22.41 -31.44
CA SER B 181 23.93 -22.24 -31.81
C SER B 181 23.56 -20.77 -31.74
N PHE B 182 24.02 -20.12 -30.66
CA PHE B 182 23.77 -18.70 -30.46
C PHE B 182 24.30 -17.91 -31.63
N LYS B 183 25.48 -18.29 -32.11
CA LYS B 183 26.09 -17.63 -33.27
C LYS B 183 25.17 -17.73 -34.46
N VAL B 184 24.57 -18.90 -34.64
CA VAL B 184 23.65 -19.13 -35.74
C VAL B 184 22.43 -18.22 -35.62
N SER B 185 21.91 -18.09 -34.40
CA SER B 185 20.76 -17.23 -34.15
C SER B 185 21.15 -15.77 -34.36
N PHE B 186 22.27 -15.37 -33.77
CA PHE B 186 22.76 -14.00 -33.86
C PHE B 186 23.01 -13.58 -35.31
N LEU B 187 23.77 -14.41 -36.04
CA LEU B 187 24.10 -14.12 -37.43
C LEU B 187 22.85 -13.93 -38.28
N SER B 188 21.91 -14.86 -38.15
CA SER B 188 20.67 -14.79 -38.91
C SER B 188 19.83 -13.59 -38.47
N ALA B 189 19.85 -13.31 -37.17
CA ALA B 189 19.10 -12.17 -36.63
C ALA B 189 19.64 -10.86 -37.18
N LEU B 190 20.95 -10.69 -37.10
CA LEU B 190 21.59 -9.48 -37.59
C LEU B 190 21.36 -9.30 -39.08
N GLU B 191 21.59 -10.36 -39.84
CA GLU B 191 21.42 -10.33 -41.29
C GLU B 191 20.01 -9.87 -41.67
N GLU B 192 19.01 -10.51 -41.07
CA GLU B 192 17.63 -10.17 -41.35
C GLU B 192 17.28 -8.75 -40.90
N TYR B 193 17.77 -8.36 -39.72
CA TYR B 193 17.51 -7.03 -39.19
C TYR B 193 18.10 -5.94 -40.09
N THR B 194 19.25 -6.24 -40.69
CA THR B 194 19.91 -5.29 -41.57
C THR B 194 19.09 -5.09 -42.85
N LYS B 195 18.35 -6.11 -43.24
CA LYS B 195 17.51 -6.03 -44.43
C LYS B 195 16.21 -5.29 -44.11
N LYS B 196 15.68 -5.53 -42.90
CA LYS B 196 14.46 -4.88 -42.47
C LYS B 196 14.71 -3.39 -42.26
N LEU B 197 15.83 -3.09 -41.62
CA LEU B 197 16.23 -1.71 -41.37
C LEU B 197 17.32 -1.30 -42.34
N ASN B 198 17.02 -1.41 -43.62
CA ASN B 198 17.97 -1.07 -44.68
C ASN B 198 17.68 0.32 -45.24
N MET C 1 -2.78 -1.81 6.40
CA MET C 1 -4.06 -2.37 6.78
C MET C 1 -3.92 -3.30 7.99
N THR C 2 -4.97 -3.38 8.79
CA THR C 2 -4.97 -4.22 9.98
C THR C 2 -5.32 -5.66 9.62
N GLU C 3 -4.58 -6.61 10.16
CA GLU C 3 -4.85 -8.02 9.91
C GLU C 3 -5.25 -8.73 11.20
N TYR C 4 -6.30 -9.52 11.13
CA TYR C 4 -6.78 -10.26 12.28
C TYR C 4 -6.98 -11.73 11.93
N LYS C 5 -6.28 -12.61 12.64
CA LYS C 5 -6.38 -14.05 12.39
C LYS C 5 -7.55 -14.64 13.17
N LEU C 6 -8.57 -15.09 12.46
CA LEU C 6 -9.76 -15.66 13.09
C LEU C 6 -9.90 -17.14 12.79
N VAL C 7 -9.83 -17.97 13.83
CA VAL C 7 -9.97 -19.41 13.67
C VAL C 7 -11.24 -19.89 14.38
N VAL C 8 -12.11 -20.57 13.66
CA VAL C 8 -13.35 -21.06 14.25
C VAL C 8 -13.28 -22.56 14.49
N VAL C 9 -13.86 -23.02 15.59
CA VAL C 9 -13.88 -24.43 15.92
C VAL C 9 -15.25 -24.84 16.47
N GLY C 10 -15.58 -26.11 16.32
CA GLY C 10 -16.86 -26.59 16.80
C GLY C 10 -17.11 -28.02 16.35
N ALA C 11 -18.17 -28.62 16.87
CA ALA C 11 -18.52 -29.99 16.53
C ALA C 11 -19.14 -30.06 15.14
N GLY C 12 -19.13 -31.25 14.55
CA GLY C 12 -19.70 -31.44 13.23
C GLY C 12 -21.22 -31.36 13.22
N GLY C 13 -21.75 -30.23 12.80
CA GLY C 13 -23.19 -30.06 12.76
C GLY C 13 -23.67 -28.86 13.56
N VAL C 14 -22.75 -27.98 13.94
CA VAL C 14 -23.12 -26.80 14.72
C VAL C 14 -23.42 -25.61 13.82
N GLY C 15 -23.23 -25.77 12.52
CA GLY C 15 -23.48 -24.69 11.59
C GLY C 15 -22.31 -23.75 11.49
N LYS C 16 -21.12 -24.31 11.69
CA LYS C 16 -19.88 -23.53 11.65
C LYS C 16 -19.66 -22.88 10.28
N SER C 17 -19.71 -23.68 9.23
CA SER C 17 -19.50 -23.18 7.88
C SER C 17 -20.70 -22.33 7.41
N ALA C 18 -21.87 -22.66 7.92
CA ALA C 18 -23.10 -21.94 7.56
C ALA C 18 -23.02 -20.48 7.94
N LEU C 19 -22.49 -20.22 9.14
CA LEU C 19 -22.34 -18.84 9.62
C LEU C 19 -21.43 -18.04 8.71
N THR C 20 -20.32 -18.66 8.30
CA THR C 20 -19.35 -18.00 7.43
C THR C 20 -19.92 -17.72 6.04
N ILE C 21 -20.53 -18.75 5.43
CA ILE C 21 -21.09 -18.61 4.09
C ILE C 21 -22.20 -17.55 4.07
N GLN C 22 -23.04 -17.54 5.10
CA GLN C 22 -24.14 -16.59 5.21
C GLN C 22 -23.66 -15.21 5.67
N LEU C 23 -22.39 -15.09 6.02
CA LEU C 23 -21.82 -13.83 6.48
C LEU C 23 -21.01 -13.13 5.38
N ILE C 24 -20.03 -13.84 4.83
CA ILE C 24 -19.18 -13.27 3.80
C ILE C 24 -19.81 -13.39 2.42
N GLN C 25 -20.31 -14.58 2.09
CA GLN C 25 -20.91 -14.82 0.78
C GLN C 25 -22.40 -14.48 0.78
N ASN C 26 -22.95 -14.36 1.98
CA ASN C 26 -24.37 -14.06 2.16
C ASN C 26 -25.22 -15.09 1.45
N HIS C 27 -24.86 -16.36 1.65
CA HIS C 27 -25.57 -17.46 1.02
C HIS C 27 -26.05 -18.47 2.05
N PHE C 28 -27.14 -19.14 1.75
CA PHE C 28 -27.72 -20.14 2.66
C PHE C 28 -27.44 -21.53 2.14
N VAL C 29 -27.21 -22.47 3.04
CA VAL C 29 -26.94 -23.85 2.67
C VAL C 29 -28.04 -24.79 3.19
N ASP C 30 -28.06 -26.01 2.68
CA ASP C 30 -29.06 -26.98 3.10
C ASP C 30 -28.44 -28.34 3.36
N GLU C 31 -27.73 -28.87 2.36
CA GLU C 31 -27.08 -30.16 2.48
C GLU C 31 -25.82 -30.04 3.32
N TYR C 32 -25.64 -30.97 4.25
CA TYR C 32 -24.47 -30.96 5.10
C TYR C 32 -23.25 -31.42 4.32
N ASP C 33 -22.21 -30.61 4.36
CA ASP C 33 -20.98 -30.92 3.67
C ASP C 33 -19.81 -30.72 4.61
N PRO C 34 -19.15 -31.82 5.01
CA PRO C 34 -17.99 -31.78 5.92
C PRO C 34 -16.89 -30.88 5.39
N THR C 35 -16.56 -29.86 6.17
CA THR C 35 -15.53 -28.92 5.78
C THR C 35 -14.20 -29.28 6.42
N ILE C 36 -13.17 -29.40 5.60
CA ILE C 36 -11.85 -29.75 6.10
C ILE C 36 -10.94 -28.52 6.23
N GLU C 37 -10.76 -27.79 5.14
CA GLU C 37 -9.89 -26.61 5.16
C GLU C 37 -10.46 -25.50 4.27
N ASP C 38 -11.21 -24.60 4.86
CA ASP C 38 -11.80 -23.48 4.12
C ASP C 38 -11.39 -22.16 4.74
N SER C 39 -11.30 -21.11 3.95
CA SER C 39 -10.91 -19.79 4.45
C SER C 39 -11.51 -18.66 3.63
N TYR C 40 -12.12 -17.71 4.32
CA TYR C 40 -12.73 -16.54 3.68
C TYR C 40 -11.88 -15.31 3.94
N ARG C 41 -11.85 -14.40 2.97
CA ARG C 41 -11.07 -13.18 3.10
C ARG C 41 -11.86 -11.98 2.59
N LYS C 42 -11.84 -10.89 3.35
CA LYS C 42 -12.55 -9.68 2.96
C LYS C 42 -11.83 -8.46 3.51
N GLN C 43 -11.61 -7.47 2.67
CA GLN C 43 -10.93 -6.24 3.07
C GLN C 43 -11.99 -5.21 3.50
N VAL C 44 -12.48 -5.37 4.72
CA VAL C 44 -13.51 -4.47 5.25
C VAL C 44 -12.90 -3.25 5.93
N VAL C 45 -13.62 -2.14 5.92
CA VAL C 45 -13.14 -0.92 6.54
C VAL C 45 -13.88 -0.62 7.85
N ILE C 46 -13.58 -1.38 8.89
CA ILE C 46 -14.22 -1.20 10.18
C ILE C 46 -13.66 0.03 10.89
N ASP C 47 -14.55 0.96 11.22
CA ASP C 47 -14.19 2.20 11.89
C ASP C 47 -13.37 3.13 10.99
N GLY C 48 -13.28 2.77 9.72
CA GLY C 48 -12.54 3.58 8.77
C GLY C 48 -11.32 2.87 8.23
N GLU C 49 -10.48 2.36 9.12
CA GLU C 49 -9.25 1.67 8.71
C GLU C 49 -9.57 0.39 7.95
N THR C 50 -8.65 -0.01 7.08
CA THR C 50 -8.85 -1.22 6.29
C THR C 50 -8.39 -2.43 7.08
N CYS C 51 -9.31 -3.33 7.37
CA CYS C 51 -9.01 -4.52 8.15
C CYS C 51 -9.27 -5.77 7.32
N LEU C 52 -8.28 -6.65 7.26
CA LEU C 52 -8.40 -7.89 6.52
C LEU C 52 -8.69 -9.04 7.48
N LEU C 53 -9.88 -9.60 7.38
CA LEU C 53 -10.28 -10.70 8.24
C LEU C 53 -9.84 -12.03 7.64
N ASP C 54 -8.83 -12.63 8.25
CA ASP C 54 -8.33 -13.91 7.79
C ASP C 54 -9.00 -15.03 8.58
N ILE C 55 -10.16 -15.46 8.10
CA ILE C 55 -10.92 -16.50 8.77
C ILE C 55 -10.52 -17.89 8.27
N LEU C 56 -10.37 -18.81 9.21
CA LEU C 56 -10.00 -20.18 8.89
C LEU C 56 -11.01 -21.15 9.49
N ASP C 57 -11.65 -21.95 8.64
CA ASP C 57 -12.63 -22.94 9.10
C ASP C 57 -11.92 -24.27 9.35
N THR C 58 -12.42 -25.03 10.31
CA THR C 58 -11.82 -26.31 10.65
C THR C 58 -12.80 -27.46 10.37
N ALA C 59 -12.34 -28.68 10.61
CA ALA C 59 -13.16 -29.85 10.39
C ALA C 59 -13.82 -30.26 11.70
N GLY C 60 -15.14 -30.18 11.75
CA GLY C 60 -15.87 -30.54 12.94
C GLY C 60 -15.82 -32.03 13.18
N GLN C 61 -15.70 -32.78 12.11
CA GLN C 61 -15.62 -34.24 12.19
C GLN C 61 -14.18 -34.70 12.04
N GLU C 62 -13.44 -34.70 13.16
CA GLU C 62 -12.04 -35.12 13.18
C GLU C 62 -11.56 -35.23 14.62
N GLU C 63 -10.58 -36.10 14.84
CA GLU C 63 -10.02 -36.31 16.16
C GLU C 63 -8.85 -35.36 16.40
N TYR C 64 -7.64 -35.86 16.20
CA TYR C 64 -6.43 -35.06 16.38
C TYR C 64 -5.64 -35.07 15.08
N SER C 65 -5.14 -33.91 14.70
CA SER C 65 -4.35 -33.80 13.48
C SER C 65 -3.14 -32.90 13.73
N ALA C 66 -1.97 -33.38 13.30
CA ALA C 66 -0.73 -32.62 13.47
C ALA C 66 -0.82 -31.30 12.72
N MET C 67 -1.42 -31.33 11.54
CA MET C 67 -1.57 -30.15 10.72
C MET C 67 -2.45 -29.12 11.40
N ARG C 68 -3.50 -29.60 12.09
CA ARG C 68 -4.41 -28.71 12.81
C ARG C 68 -3.66 -27.95 13.90
N ASP C 69 -2.86 -28.69 14.65
CA ASP C 69 -2.07 -28.11 15.74
C ASP C 69 -1.15 -27.01 15.23
N GLN C 70 -0.72 -27.14 13.98
CA GLN C 70 0.17 -26.17 13.36
C GLN C 70 -0.54 -24.84 13.06
N TYR C 71 -1.52 -24.87 12.14
CA TYR C 71 -2.24 -23.65 11.74
C TYR C 71 -3.11 -23.06 12.84
N MET C 72 -3.52 -23.88 13.81
CA MET C 72 -4.35 -23.40 14.91
C MET C 72 -3.51 -22.60 15.89
N ARG C 73 -2.20 -22.79 15.81
CA ARG C 73 -1.27 -22.09 16.69
C ARG C 73 -1.02 -20.68 16.15
N THR C 74 -1.27 -20.50 14.86
CA THR C 74 -1.08 -19.22 14.21
C THR C 74 -2.36 -18.38 14.27
N GLY C 75 -3.27 -18.76 15.16
CA GLY C 75 -4.52 -18.04 15.31
C GLY C 75 -4.53 -17.12 16.52
N GLU C 76 -5.33 -16.06 16.45
CA GLU C 76 -5.42 -15.12 17.56
C GLU C 76 -6.81 -15.19 18.19
N GLY C 77 -7.84 -14.97 17.39
CA GLY C 77 -9.20 -15.01 17.89
C GLY C 77 -9.87 -16.33 17.59
N PHE C 78 -10.41 -16.96 18.62
CA PHE C 78 -11.07 -18.24 18.46
C PHE C 78 -12.55 -18.16 18.84
N LEU C 79 -13.39 -18.69 17.97
CA LEU C 79 -14.83 -18.69 18.20
C LEU C 79 -15.33 -20.07 18.57
N CYS C 80 -15.88 -20.18 19.77
CA CYS C 80 -16.42 -21.43 20.26
C CYS C 80 -17.89 -21.53 19.89
N VAL C 81 -18.15 -21.94 18.65
CA VAL C 81 -19.52 -22.06 18.17
C VAL C 81 -20.11 -23.43 18.43
N PHE C 82 -21.32 -23.45 18.95
CA PHE C 82 -22.02 -24.68 19.23
C PHE C 82 -23.51 -24.50 19.01
N ALA C 83 -24.23 -25.60 18.86
CA ALA C 83 -25.66 -25.54 18.65
C ALA C 83 -26.39 -25.76 19.97
N ILE C 84 -27.29 -24.85 20.32
CA ILE C 84 -28.03 -24.95 21.58
C ILE C 84 -29.14 -25.99 21.50
N ASN C 85 -29.34 -26.56 20.32
CA ASN C 85 -30.36 -27.57 20.13
C ASN C 85 -29.78 -28.96 20.33
N ASN C 86 -28.53 -29.00 20.77
CA ASN C 86 -27.82 -30.24 21.01
C ASN C 86 -26.87 -30.10 22.20
N THR C 87 -27.08 -30.91 23.23
CA THR C 87 -26.28 -30.87 24.44
C THR C 87 -24.85 -31.33 24.17
N LYS C 88 -24.67 -32.19 23.18
CA LYS C 88 -23.35 -32.71 22.83
C LYS C 88 -22.36 -31.58 22.57
N SER C 89 -22.79 -30.61 21.77
CA SER C 89 -21.96 -29.46 21.42
C SER C 89 -21.58 -28.65 22.66
N PHE C 90 -22.50 -28.57 23.62
CA PHE C 90 -22.27 -27.82 24.85
C PHE C 90 -21.13 -28.43 25.66
N GLU C 91 -21.08 -29.76 25.69
CA GLU C 91 -20.05 -30.47 26.44
C GLU C 91 -18.72 -30.40 25.69
N ASP C 92 -18.78 -30.50 24.36
CA ASP C 92 -17.58 -30.47 23.53
C ASP C 92 -16.84 -29.15 23.64
N ILE C 93 -17.55 -28.11 24.06
CA ILE C 93 -16.97 -26.79 24.24
C ILE C 93 -15.75 -26.84 25.17
N HIS C 94 -15.85 -27.62 26.24
CA HIS C 94 -14.75 -27.75 27.19
C HIS C 94 -13.53 -28.39 26.54
N HIS C 95 -13.76 -29.46 25.79
CA HIS C 95 -12.67 -30.17 25.11
C HIS C 95 -11.95 -29.26 24.14
N TYR C 96 -12.72 -28.54 23.34
CA TYR C 96 -12.15 -27.62 22.36
C TYR C 96 -11.41 -26.48 23.06
N ARG C 97 -11.90 -26.07 24.23
CA ARG C 97 -11.27 -25.01 25.01
C ARG C 97 -9.92 -25.47 25.53
N GLU C 98 -9.90 -26.65 26.13
CA GLU C 98 -8.65 -27.21 26.67
C GLU C 98 -7.63 -27.43 25.57
N GLN C 99 -8.10 -27.88 24.41
CA GLN C 99 -7.23 -28.12 23.26
C GLN C 99 -6.49 -26.84 22.86
N ILE C 100 -7.24 -25.75 22.74
CA ILE C 100 -6.67 -24.46 22.37
C ILE C 100 -5.64 -23.97 23.40
N LYS C 101 -5.95 -24.18 24.69
CA LYS C 101 -5.06 -23.79 25.77
C LYS C 101 -3.67 -24.40 25.60
N ARG C 102 -3.62 -25.65 25.22
CA ARG C 102 -2.36 -26.35 25.01
C ARG C 102 -1.65 -25.86 23.75
N VAL C 103 -2.40 -25.72 22.66
CA VAL C 103 -1.84 -25.28 21.39
C VAL C 103 -1.30 -23.86 21.48
N LYS C 104 -2.06 -22.97 22.09
CA LYS C 104 -1.66 -21.57 22.23
C LYS C 104 -0.65 -21.38 23.35
N ASP C 105 -0.50 -22.41 24.17
CA ASP C 105 0.44 -22.41 25.30
C ASP C 105 0.10 -21.29 26.29
N SER C 106 -1.19 -21.04 26.46
CA SER C 106 -1.67 -20.01 27.36
C SER C 106 -3.02 -20.39 27.97
N GLU C 107 -3.29 -19.90 29.18
CA GLU C 107 -4.53 -20.22 29.85
C GLU C 107 -5.58 -19.14 29.58
N ASP C 108 -5.13 -18.02 29.04
CA ASP C 108 -6.02 -16.90 28.74
C ASP C 108 -5.86 -16.48 27.29
N VAL C 109 -6.87 -16.77 26.48
CA VAL C 109 -6.86 -16.42 25.06
C VAL C 109 -8.21 -15.81 24.67
N PRO C 110 -8.24 -15.04 23.56
CA PRO C 110 -9.47 -14.41 23.06
C PRO C 110 -10.43 -15.44 22.47
N MET C 111 -11.40 -15.85 23.29
CA MET C 111 -12.40 -16.83 22.87
C MET C 111 -13.81 -16.31 23.15
N VAL C 112 -14.71 -16.55 22.22
CA VAL C 112 -16.10 -16.12 22.38
C VAL C 112 -17.03 -17.31 22.21
N LEU C 113 -17.95 -17.48 23.15
CA LEU C 113 -18.90 -18.58 23.09
C LEU C 113 -20.11 -18.16 22.26
N VAL C 114 -20.40 -18.91 21.21
CA VAL C 114 -21.52 -18.59 20.34
C VAL C 114 -22.54 -19.72 20.29
N GLY C 115 -23.77 -19.40 20.68
CA GLY C 115 -24.83 -20.39 20.67
C GLY C 115 -25.65 -20.27 19.39
N ASN C 116 -25.35 -21.13 18.43
CA ASN C 116 -26.03 -21.13 17.14
C ASN C 116 -27.37 -21.88 17.22
N LYS C 117 -28.22 -21.64 16.22
CA LYS C 117 -29.55 -22.26 16.14
C LYS C 117 -30.43 -21.86 17.33
N CYS C 118 -30.25 -20.64 17.83
CA CYS C 118 -31.02 -20.16 18.97
C CYS C 118 -32.46 -19.79 18.60
N ASP C 119 -32.74 -19.61 17.32
CA ASP C 119 -34.08 -19.24 16.90
C ASP C 119 -34.97 -20.47 16.75
N LEU C 120 -34.35 -21.64 16.78
CA LEU C 120 -35.09 -22.89 16.65
C LEU C 120 -35.82 -23.23 17.95
N PRO C 121 -37.00 -23.86 17.83
CA PRO C 121 -37.82 -24.25 18.99
C PRO C 121 -37.24 -25.44 19.76
N SER C 122 -36.11 -25.94 19.28
CA SER C 122 -35.46 -27.08 19.92
C SER C 122 -34.42 -26.60 20.94
N ARG C 123 -34.79 -25.59 21.72
CA ARG C 123 -33.89 -25.03 22.72
C ARG C 123 -33.62 -26.02 23.85
N THR C 124 -32.50 -26.74 23.75
CA THR C 124 -32.13 -27.70 24.77
C THR C 124 -31.29 -26.99 25.84
N VAL C 125 -30.34 -26.20 25.39
CA VAL C 125 -29.47 -25.46 26.31
C VAL C 125 -30.03 -24.07 26.53
N ASP C 126 -30.20 -23.69 27.78
CA ASP C 126 -30.73 -22.38 28.14
C ASP C 126 -29.61 -21.35 28.17
N THR C 127 -29.95 -20.10 27.85
CA THR C 127 -28.98 -19.02 27.82
C THR C 127 -28.26 -18.85 29.16
N LYS C 128 -29.00 -18.96 30.25
CA LYS C 128 -28.43 -18.81 31.58
C LYS C 128 -27.36 -19.85 31.86
N GLN C 129 -27.55 -21.06 31.34
CA GLN C 129 -26.59 -22.15 31.54
C GLN C 129 -25.23 -21.79 30.94
N ALA C 130 -25.24 -21.42 29.66
CA ALA C 130 -24.01 -21.08 28.96
C ALA C 130 -23.42 -19.77 29.48
N GLN C 131 -24.28 -18.80 29.74
CA GLN C 131 -23.84 -17.49 30.23
C GLN C 131 -23.16 -17.60 31.59
N ASP C 132 -23.71 -18.43 32.47
CA ASP C 132 -23.13 -18.61 33.80
C ASP C 132 -21.79 -19.32 33.72
N LEU C 133 -21.72 -20.33 32.85
CA LEU C 133 -20.50 -21.07 32.66
C LEU C 133 -19.42 -20.17 32.06
N ALA C 134 -19.84 -19.33 31.12
CA ALA C 134 -18.95 -18.39 30.46
C ALA C 134 -18.44 -17.33 31.42
N ARG C 135 -19.35 -16.82 32.27
CA ARG C 135 -18.99 -15.79 33.24
C ARG C 135 -17.98 -16.31 34.26
N SER C 136 -18.04 -17.62 34.51
CA SER C 136 -17.14 -18.25 35.48
C SER C 136 -15.80 -18.60 34.82
N TYR C 137 -15.68 -18.33 33.53
CA TYR C 137 -14.44 -18.60 32.81
C TYR C 137 -13.84 -17.30 32.28
N GLY C 138 -14.64 -16.25 32.24
CA GLY C 138 -14.16 -14.97 31.76
C GLY C 138 -14.30 -14.81 30.25
N ILE C 139 -15.31 -15.47 29.69
CA ILE C 139 -15.56 -15.39 28.26
C ILE C 139 -16.98 -14.89 27.98
N PRO C 140 -17.17 -14.19 26.85
CA PRO C 140 -18.49 -13.66 26.47
C PRO C 140 -19.32 -14.70 25.72
N PHE C 141 -20.64 -14.58 25.83
CA PHE C 141 -21.54 -15.51 25.17
C PHE C 141 -22.57 -14.75 24.35
N ILE C 142 -22.67 -15.08 23.08
CA ILE C 142 -23.63 -14.43 22.18
C ILE C 142 -24.52 -15.48 21.50
N GLU C 143 -25.83 -15.25 21.50
CA GLU C 143 -26.76 -16.16 20.85
C GLU C 143 -26.87 -15.79 19.37
N THR C 144 -26.85 -16.79 18.50
CA THR C 144 -26.95 -16.53 17.07
C THR C 144 -27.62 -17.69 16.33
N SER C 145 -27.82 -17.52 15.04
CA SER C 145 -28.42 -18.53 14.19
C SER C 145 -28.11 -18.21 12.74
N ALA C 146 -27.65 -19.20 11.99
CA ALA C 146 -27.33 -19.02 10.59
C ALA C 146 -28.61 -18.91 9.76
N LYS C 147 -29.69 -19.39 10.35
CA LYS C 147 -30.99 -19.36 9.69
C LYS C 147 -31.57 -17.94 9.70
N THR C 148 -31.53 -17.30 10.85
CA THR C 148 -32.07 -15.95 10.98
C THR C 148 -31.03 -14.88 10.59
N ARG C 149 -29.75 -15.19 10.81
CA ARG C 149 -28.65 -14.26 10.49
C ARG C 149 -28.70 -13.02 11.37
N GLN C 150 -29.15 -13.17 12.60
CA GLN C 150 -29.24 -12.06 13.52
C GLN C 150 -28.13 -12.11 14.58
N GLY C 151 -27.26 -11.12 14.55
CA GLY C 151 -26.17 -11.04 15.51
C GLY C 151 -24.88 -11.64 14.99
N VAL C 152 -24.93 -12.19 13.78
CA VAL C 152 -23.76 -12.82 13.16
C VAL C 152 -22.68 -11.77 12.89
N ASP C 153 -23.10 -10.62 12.37
CA ASP C 153 -22.17 -9.55 12.03
C ASP C 153 -21.41 -9.06 13.26
N ASP C 154 -22.13 -8.87 14.36
CA ASP C 154 -21.52 -8.38 15.60
C ASP C 154 -20.75 -9.46 16.34
N ALA C 155 -21.17 -10.71 16.17
CA ALA C 155 -20.50 -11.83 16.83
C ALA C 155 -19.03 -11.87 16.45
N PHE C 156 -18.76 -11.76 15.16
CA PHE C 156 -17.39 -11.77 14.65
C PHE C 156 -16.63 -10.52 15.11
N TYR C 157 -17.36 -9.41 15.27
CA TYR C 157 -16.76 -8.16 15.72
C TYR C 157 -16.38 -8.26 17.19
N THR C 158 -17.23 -8.96 17.95
CA THR C 158 -17.01 -9.15 19.38
C THR C 158 -15.67 -9.82 19.62
N LEU C 159 -15.31 -10.75 18.75
CA LEU C 159 -14.06 -11.47 18.84
C LEU C 159 -12.87 -10.52 18.68
N VAL C 160 -12.99 -9.63 17.71
CA VAL C 160 -11.94 -8.64 17.45
C VAL C 160 -11.74 -7.75 18.67
N ARG C 161 -12.86 -7.42 19.32
CA ARG C 161 -12.83 -6.59 20.52
C ARG C 161 -12.05 -7.29 21.62
N GLU C 162 -12.21 -8.60 21.71
CA GLU C 162 -11.51 -9.41 22.70
C GLU C 162 -10.01 -9.43 22.39
N ILE C 163 -9.67 -9.58 21.11
CA ILE C 163 -8.28 -9.62 20.67
C ILE C 163 -7.57 -8.30 21.00
N ARG C 164 -8.22 -7.20 20.70
CA ARG C 164 -7.66 -5.87 20.96
C ARG C 164 -7.39 -5.67 22.44
N LYS C 165 -8.29 -6.17 23.28
CA LYS C 165 -8.14 -6.05 24.73
C LYS C 165 -7.05 -6.99 25.22
N HIS C 166 -6.93 -8.15 24.58
CA HIS C 166 -5.94 -9.15 24.96
C HIS C 166 -4.52 -8.60 24.83
N LYS C 167 -4.24 -8.01 23.69
CA LYS C 167 -2.92 -7.44 23.43
C LYS C 167 -2.63 -6.29 24.38
N GLU C 168 -3.65 -5.49 24.68
CA GLU C 168 -3.50 -4.37 25.58
C GLU C 168 -3.24 -4.88 27.00
N LYS C 169 -4.07 -5.81 27.44
CA LYS C 169 -3.96 -6.41 28.76
C LYS C 169 -2.60 -7.08 28.94
N MET C 170 -2.12 -7.72 27.88
CA MET C 170 -0.83 -8.40 27.90
C MET C 170 0.30 -7.42 28.16
N SER C 171 0.26 -6.27 27.48
CA SER C 171 1.28 -5.25 27.64
C SER C 171 1.25 -4.61 29.03
N LYS C 172 0.08 -4.63 29.65
CA LYS C 172 -0.09 -4.06 30.99
C LYS C 172 0.14 -5.11 32.07
N ASP C 173 0.38 -6.35 31.66
CA ASP C 173 0.58 -7.45 32.61
C ASP C 173 2.00 -8.01 32.49
N GLY C 174 2.32 -8.57 31.34
CA GLY C 174 3.63 -9.15 31.12
C GLY C 174 3.66 -10.64 31.43
N LYS C 175 2.49 -11.28 31.42
CA LYS C 175 2.37 -12.71 31.70
C LYS C 175 2.88 -13.03 33.11
N LYS C 176 2.36 -12.32 34.09
CA LYS C 176 2.76 -12.52 35.48
C LYS C 176 1.57 -12.97 36.32
N LYS C 177 1.84 -13.35 37.56
CA LYS C 177 0.81 -13.80 38.47
C LYS C 177 0.15 -12.62 39.16
N LYS C 178 -0.65 -11.89 38.41
CA LYS C 178 -1.34 -10.73 38.93
C LYS C 178 -2.80 -11.06 39.22
N LYS C 179 -3.21 -10.84 40.47
CA LYS C 179 -4.59 -11.12 40.86
C LYS C 179 -5.52 -10.15 40.16
N LYS C 180 -5.15 -8.87 40.16
CA LYS C 180 -5.94 -7.85 39.52
C LYS C 180 -5.59 -7.79 38.03
N SER C 181 -6.58 -8.07 37.20
CA SER C 181 -6.41 -8.05 35.76
C SER C 181 -7.63 -7.43 35.09
N LYS C 182 -7.97 -6.23 35.52
CA LYS C 182 -9.11 -5.52 34.98
C LYS C 182 -8.67 -4.12 34.54
N THR C 183 -8.28 -4.01 33.27
CA THR C 183 -7.83 -2.73 32.72
C THR C 183 -8.24 -2.61 31.26
N LYS C 184 -8.63 -1.42 30.85
CA LYS C 184 -9.03 -1.18 29.47
C LYS C 184 -8.90 0.31 29.16
N CYS C 185 -8.10 0.60 28.14
CA CYS C 185 -7.87 1.98 27.71
C CYS C 185 -7.17 2.79 28.80
N ASN D 1 -7.75 -39.21 2.00
CA ASN D 1 -7.76 -38.64 0.66
C ASN D 1 -8.22 -37.18 0.71
N THR D 2 -7.25 -36.28 0.81
CA THR D 2 -7.54 -34.86 0.87
C THR D 2 -7.08 -34.14 -0.39
N ILE D 3 -7.95 -33.29 -0.92
CA ILE D 3 -7.65 -32.52 -2.12
C ILE D 3 -7.68 -31.03 -1.82
N ARG D 4 -6.62 -30.32 -2.17
CA ARG D 4 -6.54 -28.89 -1.93
C ARG D 4 -7.20 -28.10 -3.06
N VAL D 5 -8.42 -27.66 -2.82
CA VAL D 5 -9.17 -26.90 -3.79
C VAL D 5 -8.95 -25.41 -3.57
N PHE D 6 -8.34 -24.76 -4.54
CA PHE D 6 -8.06 -23.33 -4.46
C PHE D 6 -8.95 -22.56 -5.43
N LEU D 7 -9.42 -21.41 -4.98
CA LEU D 7 -10.27 -20.54 -5.77
C LEU D 7 -9.55 -19.24 -6.07
N PRO D 8 -10.11 -18.36 -6.94
CA PRO D 8 -9.50 -17.08 -7.28
C PRO D 8 -9.15 -16.23 -6.05
N ASN D 9 -8.21 -15.30 -6.24
CA ASN D 9 -7.74 -14.41 -5.17
C ASN D 9 -6.87 -15.13 -4.15
N LYS D 10 -7.51 -15.87 -3.24
CA LYS D 10 -6.78 -16.62 -2.21
C LYS D 10 -7.71 -17.52 -1.41
N GLN D 11 -8.82 -17.91 -2.01
CA GLN D 11 -9.78 -18.76 -1.33
C GLN D 11 -9.38 -20.23 -1.43
N ARG D 12 -9.54 -20.96 -0.34
CA ARG D 12 -9.20 -22.37 -0.30
C ARG D 12 -10.31 -23.16 0.37
N THR D 13 -10.68 -24.28 -0.22
CA THR D 13 -11.71 -25.13 0.33
C THR D 13 -11.39 -26.62 0.14
N VAL D 14 -10.64 -27.18 1.10
CA VAL D 14 -10.28 -28.59 1.06
C VAL D 14 -11.50 -29.44 1.39
N VAL D 15 -11.92 -30.25 0.44
CA VAL D 15 -13.08 -31.11 0.62
C VAL D 15 -12.67 -32.59 0.76
N ASN D 16 -13.64 -33.43 1.07
CA ASN D 16 -13.39 -34.85 1.25
C ASN D 16 -13.97 -35.64 0.08
N VAL D 17 -13.09 -36.17 -0.75
CA VAL D 17 -13.50 -36.95 -1.92
C VAL D 17 -13.32 -38.44 -1.67
N ARG D 18 -14.23 -39.25 -2.21
CA ARG D 18 -14.19 -40.70 -2.03
C ARG D 18 -14.92 -41.39 -3.17
N ASN D 19 -14.62 -42.68 -3.37
CA ASN D 19 -15.25 -43.50 -4.41
C ASN D 19 -14.78 -43.16 -5.81
N GLY D 20 -15.14 -41.97 -6.28
CA GLY D 20 -14.75 -41.55 -7.60
C GLY D 20 -15.36 -40.22 -7.97
N MET D 21 -14.72 -39.14 -7.55
CA MET D 21 -15.20 -37.81 -7.83
C MET D 21 -14.21 -37.06 -8.72
N SER D 22 -14.71 -36.57 -9.85
CA SER D 22 -13.88 -35.84 -10.79
C SER D 22 -13.83 -34.36 -10.40
N LEU D 23 -13.01 -33.59 -11.09
CA LEU D 23 -12.88 -32.16 -10.80
C LEU D 23 -14.23 -31.45 -10.96
N HIS D 24 -14.94 -31.76 -12.03
CA HIS D 24 -16.24 -31.16 -12.29
C HIS D 24 -17.23 -31.49 -11.16
N ASP D 25 -17.11 -32.71 -10.62
CA ASP D 25 -17.98 -33.17 -9.55
C ASP D 25 -17.79 -32.33 -8.29
N CYS D 26 -16.52 -32.11 -7.94
CA CYS D 26 -16.19 -31.34 -6.74
C CYS D 26 -16.58 -29.87 -6.93
N LEU D 27 -16.32 -29.33 -8.12
CA LEU D 27 -16.62 -27.94 -8.40
C LEU D 27 -18.12 -27.67 -8.42
N MET D 28 -18.91 -28.72 -8.62
CA MET D 28 -20.37 -28.60 -8.63
C MET D 28 -20.88 -28.18 -7.27
N LYS D 29 -20.17 -28.59 -6.23
CA LYS D 29 -20.53 -28.26 -4.85
C LYS D 29 -20.26 -26.79 -4.58
N ALA D 30 -19.05 -26.36 -4.90
CA ALA D 30 -18.64 -24.97 -4.68
C ALA D 30 -19.43 -24.01 -5.56
N LEU D 31 -19.77 -24.44 -6.76
CA LEU D 31 -20.51 -23.62 -7.73
C LEU D 31 -21.82 -23.09 -7.16
N LYS D 32 -22.53 -23.93 -6.42
CA LYS D 32 -23.82 -23.53 -5.85
C LYS D 32 -23.66 -22.58 -4.67
N VAL D 33 -22.60 -22.76 -3.88
CA VAL D 33 -22.35 -21.90 -2.72
C VAL D 33 -21.79 -20.55 -3.16
N ARG D 34 -20.91 -20.57 -4.16
CA ARG D 34 -20.30 -19.35 -4.66
C ARG D 34 -21.24 -18.59 -5.58
N GLY D 35 -22.05 -19.33 -6.34
CA GLY D 35 -23.00 -18.71 -7.24
C GLY D 35 -22.33 -18.08 -8.44
N LEU D 36 -21.65 -18.90 -9.23
CA LEU D 36 -20.94 -18.42 -10.41
C LEU D 36 -21.11 -19.37 -11.59
N GLN D 37 -20.31 -19.17 -12.62
CA GLN D 37 -20.37 -20.01 -13.82
C GLN D 37 -19.00 -20.59 -14.17
N PRO D 38 -18.94 -21.90 -14.47
CA PRO D 38 -17.69 -22.57 -14.82
C PRO D 38 -17.26 -22.29 -16.26
N GLU D 39 -18.10 -21.55 -16.98
CA GLU D 39 -17.84 -21.20 -18.38
C GLU D 39 -16.56 -20.39 -18.52
N CYS D 40 -16.40 -19.38 -17.70
CA CYS D 40 -15.21 -18.54 -17.75
C CYS D 40 -14.12 -19.07 -16.82
N CYS D 41 -14.28 -20.30 -16.35
CA CYS D 41 -13.33 -20.90 -15.45
C CYS D 41 -12.53 -22.01 -16.12
N ALA D 42 -11.31 -22.20 -15.63
CA ALA D 42 -10.42 -23.25 -16.14
C ALA D 42 -9.66 -23.88 -14.98
N VAL D 43 -9.48 -25.19 -15.04
CA VAL D 43 -8.79 -25.91 -13.97
C VAL D 43 -7.30 -26.04 -14.25
N PHE D 44 -6.50 -25.58 -13.31
CA PHE D 44 -5.06 -25.64 -13.43
C PHE D 44 -4.47 -26.38 -12.24
N ARG D 45 -3.53 -27.29 -12.51
CA ARG D 45 -2.90 -28.06 -11.44
C ARG D 45 -1.70 -27.31 -10.87
N LEU D 46 -1.01 -27.94 -9.92
CA LEU D 46 0.16 -27.33 -9.29
C LEU D 46 1.28 -27.15 -10.30
N LEU D 47 2.02 -26.04 -10.17
CA LEU D 47 3.12 -25.75 -11.07
C LEU D 47 4.20 -26.82 -11.00
N GLN D 48 4.30 -27.61 -12.07
CA GLN D 48 5.27 -28.70 -12.14
C GLN D 48 6.47 -28.32 -12.99
N GLU D 49 7.47 -27.70 -12.37
CA GLU D 49 8.69 -27.27 -13.05
C GLU D 49 8.39 -26.34 -14.23
N HIS D 50 8.15 -25.08 -13.93
CA HIS D 50 7.85 -24.12 -14.98
C HIS D 50 8.37 -22.73 -14.62
N LYS D 51 8.49 -21.88 -15.63
CA LYS D 51 8.96 -20.53 -15.42
C LYS D 51 7.84 -19.65 -14.85
N GLY D 52 6.61 -19.97 -15.22
CA GLY D 52 5.48 -19.20 -14.72
C GLY D 52 4.23 -19.35 -15.56
N LYS D 53 3.71 -20.57 -15.63
CA LYS D 53 2.49 -20.83 -16.39
C LYS D 53 1.71 -21.98 -15.75
N LYS D 54 0.40 -21.82 -15.68
CA LYS D 54 -0.46 -22.84 -15.08
C LYS D 54 -0.80 -23.91 -16.09
N ALA D 55 -0.53 -25.16 -15.74
CA ALA D 55 -0.84 -26.29 -16.62
C ALA D 55 -2.32 -26.66 -16.48
N ARG D 56 -3.05 -26.60 -17.59
CA ARG D 56 -4.47 -26.92 -17.58
C ARG D 56 -4.72 -28.42 -17.63
N LEU D 57 -5.74 -28.85 -16.90
CA LEU D 57 -6.12 -30.25 -16.86
C LEU D 57 -7.47 -30.45 -17.51
N ASP D 58 -8.16 -31.52 -17.15
CA ASP D 58 -9.47 -31.82 -17.72
C ASP D 58 -10.52 -31.84 -16.61
N TRP D 59 -11.79 -31.77 -17.00
CA TRP D 59 -12.87 -31.78 -16.03
C TRP D 59 -13.12 -33.19 -15.48
N ASN D 60 -12.74 -34.20 -16.26
CA ASN D 60 -12.94 -35.59 -15.87
C ASN D 60 -11.78 -36.12 -15.02
N THR D 61 -10.80 -35.27 -14.75
CA THR D 61 -9.67 -35.68 -13.94
C THR D 61 -10.13 -36.06 -12.53
N ASP D 62 -9.69 -37.22 -12.04
CA ASP D 62 -10.07 -37.68 -10.71
C ASP D 62 -9.32 -36.90 -9.64
N ALA D 63 -10.05 -36.44 -8.63
CA ALA D 63 -9.46 -35.67 -7.55
C ALA D 63 -8.55 -36.53 -6.68
N ALA D 64 -8.77 -37.85 -6.71
CA ALA D 64 -7.96 -38.77 -5.91
C ALA D 64 -6.53 -38.85 -6.44
N SER D 65 -6.35 -38.53 -7.72
CA SER D 65 -5.03 -38.58 -8.33
C SER D 65 -4.25 -37.31 -8.01
N LEU D 66 -4.92 -36.35 -7.39
CA LEU D 66 -4.31 -35.09 -7.02
C LEU D 66 -4.28 -34.93 -5.50
N ILE D 67 -4.22 -36.07 -4.81
CA ILE D 67 -4.20 -36.06 -3.35
C ILE D 67 -2.97 -35.32 -2.81
N GLY D 68 -3.23 -34.28 -2.03
CA GLY D 68 -2.14 -33.50 -1.45
C GLY D 68 -1.66 -32.40 -2.38
N GLU D 69 -2.19 -32.37 -3.60
CA GLU D 69 -1.79 -31.36 -4.55
C GLU D 69 -2.76 -30.18 -4.51
N GLU D 70 -2.27 -29.03 -4.92
CA GLU D 70 -3.07 -27.82 -4.91
C GLU D 70 -3.65 -27.54 -6.29
N LEU D 71 -4.96 -27.66 -6.41
CA LEU D 71 -5.65 -27.42 -7.67
C LEU D 71 -6.39 -26.09 -7.61
N GLN D 72 -5.99 -25.16 -8.46
CA GLN D 72 -6.61 -23.84 -8.46
C GLN D 72 -7.39 -23.56 -9.75
N VAL D 73 -8.52 -22.90 -9.61
CA VAL D 73 -9.35 -22.54 -10.74
C VAL D 73 -9.16 -21.04 -11.04
N ASP D 74 -8.88 -20.72 -12.28
CA ASP D 74 -8.64 -19.34 -12.68
C ASP D 74 -9.54 -18.94 -13.83
N PHE D 75 -9.76 -17.64 -13.98
CA PHE D 75 -10.58 -17.11 -15.07
C PHE D 75 -9.74 -16.94 -16.32
N LEU D 76 -9.69 -17.99 -17.13
CA LEU D 76 -8.89 -17.98 -18.35
C LEU D 76 -9.64 -17.38 -19.54
N ASP D 77 -10.90 -17.00 -19.32
CA ASP D 77 -11.70 -16.42 -20.38
C ASP D 77 -11.38 -14.95 -20.56
N HIS D 78 -10.36 -14.68 -21.37
CA HIS D 78 -9.90 -13.33 -21.66
C HIS D 78 -9.38 -12.62 -20.39
N VAL D 79 -8.07 -12.70 -20.20
CA VAL D 79 -7.40 -12.09 -19.05
C VAL D 79 -7.57 -12.94 -17.78
N PRO D 80 -6.50 -13.63 -17.37
CA PRO D 80 -6.49 -14.46 -16.18
C PRO D 80 -6.08 -13.67 -14.93
N LEU D 81 -6.17 -14.33 -13.77
CA LEU D 81 -5.79 -13.73 -12.48
C LEU D 81 -6.77 -12.64 -12.03
N THR D 82 -6.67 -12.25 -10.77
CA THR D 82 -7.54 -11.22 -10.23
C THR D 82 -6.95 -9.84 -10.49
N THR D 83 -7.61 -9.08 -11.34
CA THR D 83 -7.17 -7.74 -11.69
C THR D 83 -7.77 -6.69 -10.75
N HIS D 84 -7.25 -5.48 -10.81
CA HIS D 84 -7.73 -4.39 -9.99
C HIS D 84 -8.99 -3.79 -10.60
N ASN D 85 -9.98 -3.51 -9.76
CA ASN D 85 -11.25 -2.94 -10.21
C ASN D 85 -11.31 -1.46 -9.89
N PHE D 86 -11.82 -0.67 -10.85
CA PHE D 86 -11.93 0.77 -10.68
C PHE D 86 -13.38 1.18 -10.43
N ALA D 87 -13.72 1.34 -9.17
CA ALA D 87 -15.08 1.75 -8.81
C ALA D 87 -15.05 2.99 -7.93
N ARG D 88 -15.96 3.91 -8.18
CA ARG D 88 -16.02 5.13 -7.40
C ARG D 88 -17.26 5.17 -6.51
N LYS D 89 -17.01 5.17 -5.21
CA LYS D 89 -18.09 5.20 -4.23
C LYS D 89 -17.54 5.61 -2.87
N THR D 90 -18.45 6.01 -1.98
CA THR D 90 -18.09 6.43 -0.64
C THR D 90 -17.60 5.27 0.22
N PHE D 91 -17.07 5.60 1.38
CA PHE D 91 -16.56 4.61 2.31
C PHE D 91 -17.47 4.50 3.54
N LEU D 92 -17.24 3.49 4.36
CA LEU D 92 -18.05 3.27 5.56
C LEU D 92 -17.75 4.31 6.64
N LYS D 93 -16.56 4.87 6.61
CA LYS D 93 -16.15 5.89 7.58
C LYS D 93 -14.92 6.61 7.06
N LEU D 94 -14.76 7.87 7.47
CA LEU D 94 -13.63 8.68 7.04
C LEU D 94 -12.30 8.08 7.51
N ALA D 95 -11.46 7.71 6.56
CA ALA D 95 -10.16 7.13 6.85
C ALA D 95 -9.07 7.93 6.15
N PHE D 96 -7.83 7.51 6.32
CA PHE D 96 -6.70 8.18 5.69
C PHE D 96 -6.33 7.48 4.39
N CYS D 97 -5.64 8.22 3.52
CA CYS D 97 -5.21 7.68 2.25
C CYS D 97 -4.05 6.72 2.46
N ASP D 98 -3.92 5.76 1.56
CA ASP D 98 -2.84 4.79 1.63
C ASP D 98 -1.71 5.20 0.70
N ILE D 99 -1.88 6.37 0.09
CA ILE D 99 -0.87 6.90 -0.83
C ILE D 99 -0.35 8.25 -0.34
N CYS D 100 -1.26 9.16 0.00
CA CYS D 100 -0.88 10.48 0.47
C CYS D 100 -1.28 10.71 1.93
N GLN D 101 -0.80 11.80 2.51
CA GLN D 101 -1.10 12.13 3.90
C GLN D 101 -2.34 13.03 3.96
N LYS D 102 -3.50 12.45 3.73
CA LYS D 102 -4.75 13.19 3.77
C LYS D 102 -5.92 12.24 4.02
N PHE D 103 -7.12 12.79 4.09
CA PHE D 103 -8.32 12.00 4.33
C PHE D 103 -8.95 11.55 3.02
N LEU D 104 -9.56 10.38 3.03
CA LEU D 104 -10.20 9.84 1.83
C LEU D 104 -11.68 10.19 1.81
N LEU D 105 -12.05 11.17 0.98
CA LEU D 105 -13.44 11.57 0.87
C LEU D 105 -14.15 10.73 -0.21
N ASN D 106 -13.92 11.08 -1.47
CA ASN D 106 -14.51 10.35 -2.59
C ASN D 106 -13.47 10.05 -3.66
N GLY D 107 -12.93 8.85 -3.63
CA GLY D 107 -11.92 8.47 -4.59
C GLY D 107 -12.27 7.19 -5.31
N PHE D 108 -11.35 6.24 -5.31
CA PHE D 108 -11.57 4.96 -5.96
C PHE D 108 -11.26 3.82 -5.00
N ARG D 109 -11.95 2.71 -5.18
CA ARG D 109 -11.75 1.53 -4.36
C ARG D 109 -12.07 0.26 -5.15
N CYS D 110 -11.27 -0.77 -4.94
CA CYS D 110 -11.46 -2.02 -5.64
C CYS D 110 -12.46 -2.93 -4.94
N GLN D 111 -12.95 -3.91 -5.69
CA GLN D 111 -13.93 -4.87 -5.16
C GLN D 111 -13.21 -6.14 -4.72
N THR D 112 -12.29 -6.60 -5.55
CA THR D 112 -11.52 -7.79 -5.23
C THR D 112 -10.50 -7.49 -4.15
N CYS D 113 -9.79 -6.38 -4.31
CA CYS D 113 -8.80 -5.96 -3.35
C CYS D 113 -9.50 -5.22 -2.20
N GLY D 114 -9.74 -3.93 -2.40
CA GLY D 114 -10.41 -3.13 -1.39
C GLY D 114 -9.50 -2.05 -0.82
N TYR D 115 -8.61 -1.54 -1.66
CA TYR D 115 -7.67 -0.49 -1.25
C TYR D 115 -8.38 0.85 -1.05
N LYS D 116 -7.65 1.81 -0.50
CA LYS D 116 -8.19 3.14 -0.24
C LYS D 116 -7.26 4.19 -0.82
N PHE D 117 -7.69 4.85 -1.89
CA PHE D 117 -6.88 5.85 -2.55
C PHE D 117 -7.72 6.94 -3.22
N HIS D 118 -7.11 8.08 -3.50
CA HIS D 118 -7.79 9.19 -4.14
C HIS D 118 -7.82 9.00 -5.66
N GLU D 119 -8.43 9.95 -6.36
CA GLU D 119 -8.52 9.89 -7.80
C GLU D 119 -7.15 10.03 -8.44
N HIS D 120 -6.33 10.92 -7.90
CA HIS D 120 -4.98 11.14 -8.41
C HIS D 120 -4.12 9.92 -8.09
N CYS D 121 -4.34 9.36 -6.91
CA CYS D 121 -3.60 8.20 -6.44
C CYS D 121 -3.77 6.97 -7.31
N SER D 122 -4.82 6.95 -8.15
CA SER D 122 -5.08 5.82 -9.04
C SER D 122 -3.83 5.39 -9.81
N THR D 123 -3.15 6.37 -10.40
CA THR D 123 -1.93 6.09 -11.16
C THR D 123 -0.70 6.58 -10.42
N LYS D 124 -0.88 6.91 -9.14
CA LYS D 124 0.21 7.39 -8.30
C LYS D 124 0.92 6.22 -7.63
N VAL D 125 0.23 5.09 -7.58
CA VAL D 125 0.78 3.88 -6.96
C VAL D 125 1.16 2.87 -8.03
N PRO D 126 2.44 2.47 -8.07
CA PRO D 126 2.96 1.50 -9.04
C PRO D 126 2.77 0.05 -8.59
N THR D 127 2.13 -0.13 -7.46
CA THR D 127 1.90 -1.45 -6.91
C THR D 127 0.41 -1.79 -6.88
N MET D 128 0.07 -3.04 -7.17
CA MET D 128 -1.32 -3.48 -7.17
C MET D 128 -1.74 -3.88 -5.75
N CYS D 129 -3.01 -3.73 -5.46
CA CYS D 129 -3.57 -4.04 -4.15
C CYS D 129 -3.79 -5.54 -3.95
N VAL D 130 -3.00 -6.37 -4.61
CA VAL D 130 -3.13 -7.81 -4.49
C VAL D 130 -2.27 -8.32 -3.35
N ASP D 131 -2.89 -8.93 -2.35
CA ASP D 131 -2.16 -9.46 -1.21
C ASP D 131 -1.99 -10.97 -1.30
N TRP D 132 -0.96 -11.49 -0.65
CA TRP D 132 -0.66 -12.92 -0.67
C TRP D 132 -1.19 -13.61 0.58
C1 PCW E . -14.38 21.34 -17.77
C2 PCW E . -13.75 21.70 -19.11
C3 PCW E . -13.43 23.19 -19.14
C4 PCW E . -17.04 17.78 -17.21
C5 PCW E . -17.34 16.33 -16.83
C6 PCW E . -18.60 15.04 -15.12
C7 PCW E . -18.92 17.52 -15.28
C8 PCW E . -19.76 16.88 -16.39
C11 PCW E . -12.26 24.77 -20.37
C12 PCW E . -11.36 25.22 -21.51
C13 PCW E . -11.73 26.63 -22.00
C14 PCW E . -10.81 27.03 -23.15
C15 PCW E . -11.16 28.42 -23.69
C16 PCW E . -10.22 28.78 -24.85
C17 PCW E . -10.55 30.15 -25.43
C18 PCW E . -9.60 30.50 -26.58
C19 PCW E . -9.89 31.76 -27.11
C20 PCW E . -9.34 32.14 -28.32
C21 PCW E . -8.48 31.31 -29.02
C22 PCW E . -7.26 30.92 -28.19
C23 PCW E . -6.31 30.03 -28.98
C24 PCW E . -5.11 29.59 -28.12
C25 PCW E . -5.56 28.72 -26.95
C26 PCW E . -6.23 27.43 -27.44
C27 PCW E . -6.63 26.54 -26.26
C28 PCW E . -7.28 25.24 -26.74
C31 PCW E . -12.16 20.93 -20.57
C32 PCW E . -10.87 20.21 -20.98
C33 PCW E . -10.10 21.05 -22.01
C34 PCW E . -8.79 20.36 -22.42
C35 PCW E . -8.04 21.20 -23.45
C36 PCW E . -6.72 20.53 -23.85
C37 PCW E . -5.99 21.36 -24.90
C38 PCW E . -4.67 20.70 -25.31
C39 PCW E . -4.03 21.44 -26.30
C40 PCW E . -2.67 21.72 -26.20
C41 PCW E . -1.95 21.26 -25.10
C42 PCW E . -0.60 21.98 -25.01
C43 PCW E . -0.80 23.49 -24.85
C44 PCW E . 0.54 24.22 -24.81
C45 PCW E . 1.33 24.00 -26.10
C46 PCW E . 2.67 24.74 -26.08
C47 PCW E . 3.46 24.48 -27.36
C48 PCW E . 4.80 25.22 -27.33
N PCW E . -18.49 16.27 -15.92
O2 PCW E . -12.53 20.97 -19.26
O3 PCW E . -12.62 23.45 -20.30
O11 PCW E . -12.69 25.55 -19.53
O31 PCW E . -12.89 21.43 -21.43
O1P PCW E . -16.70 20.02 -19.05
O2P PCW E . -14.62 18.89 -19.97
O3P PCW E . -14.61 19.92 -17.68
O4P PCW E . -15.92 17.82 -18.10
P PCW E . -15.49 19.19 -18.82
C1 PCW F . -6.30 12.68 30.89
C2 PCW F . -4.90 12.48 31.47
C3 PCW F . -4.98 12.43 32.98
C4 PCW F . -5.61 8.63 31.13
C5 PCW F . -4.17 8.15 30.90
C6 PCW F . -4.32 7.36 33.24
C7 PCW F . -3.81 5.71 31.41
C8 PCW F . -2.51 6.46 31.74
C11 PCW F . -3.28 10.99 33.51
C12 PCW F . -1.89 10.61 34.05
C13 PCW F . -1.61 11.37 35.36
C14 PCW F . -0.20 11.04 35.87
C15 PCW F . 0.09 11.79 37.19
C16 PCW F . 0.03 13.31 36.99
C17 PCW F . 0.21 14.03 38.32
C18 PCW F . 1.55 13.68 38.96
C19 PCW F . 1.68 14.30 40.20
C20 PCW F . 2.88 14.91 40.56
C21 PCW F . 3.96 14.90 39.68
C22 PCW F . 5.05 15.87 40.15
C23 PCW F . 4.52 17.30 40.21
C24 PCW F . 5.61 18.28 40.66
C25 PCW F . 5.07 19.71 40.73
C26 PCW F . 4.56 20.16 39.36
C27 PCW F . 4.04 21.60 39.43
C28 PCW F . 3.54 22.06 38.06
C31 PCW F . -3.96 11.42 29.66
C32 PCW F . -3.33 10.27 28.90
C33 PCW F . -1.85 10.09 29.26
C34 PCW F . -1.01 11.31 28.87
C35 PCW F . -1.44 12.57 29.64
C36 PCW F . -0.60 13.77 29.24
C37 PCW F . -1.03 15.03 30.01
C38 PCW F . -0.17 16.22 29.63
C39 PCW F . -0.55 17.36 30.33
C40 PCW F . 0.30 18.46 30.41
C41 PCW F . 1.55 18.41 29.76
C42 PCW F . 1.73 19.61 28.84
C43 PCW F . 1.70 20.92 29.63
C44 PCW F . 1.91 22.13 28.71
C45 PCW F . 1.88 23.43 29.50
C46 PCW F . 0.53 23.61 30.21
C47 PCW F . 0.51 24.92 30.99
C48 PCW F . -0.84 25.14 31.68
N PCW F . -3.83 7.11 31.88
O2 PCW F . -4.31 11.26 30.96
O3 PCW F . -3.68 12.29 33.57
O11 PCW F . -4.01 10.13 33.03
O31 PCW F . -4.15 12.51 29.12
O1P PCW F . -8.34 9.43 30.85
O2P PCW F . -7.69 10.90 28.88
O3P PCW F . -7.16 11.60 31.23
O4P PCW F . -5.93 9.66 30.19
P PCW F . -7.37 10.36 30.22
C1 PCW G . -18.77 30.79 0.97
C2 PCW G . -17.63 31.51 0.24
C3 PCW G . -16.28 30.92 0.62
C4 PCW G . -15.53 28.18 -0.38
C5 PCW G . -15.05 27.03 0.51
C6 PCW G . -16.68 25.71 -0.82
C7 PCW G . -14.31 24.93 -0.64
C8 PCW G . -15.03 24.53 0.65
C11 PCW G . -14.03 31.12 0.30
C12 PCW G . -12.75 31.70 -0.30
C13 PCW G . -12.56 33.16 0.10
C14 PCW G . -11.30 33.75 -0.54
C15 PCW G . -11.10 35.21 -0.14
C16 PCW G . -10.92 35.36 1.36
C17 PCW G . -10.72 36.83 1.75
C18 PCW G . -10.49 36.99 3.25
C19 PCW G . -11.58 36.51 3.97
C20 PCW G . -11.42 35.43 4.83
C21 PCW G . -10.17 34.83 4.95
C22 PCW G . -9.96 34.30 6.38
C23 PCW G . -8.59 33.63 6.50
C24 PCW G . -8.38 33.09 7.92
C25 PCW G . -8.45 34.20 8.96
C26 PCW G . -8.21 33.65 10.37
C27 PCW G . -8.23 34.77 11.40
C28 PCW G . -8.02 34.22 12.82
C31 PCW G . -17.18 32.49 -1.77
C32 PCW G . -17.21 32.61 -3.29
C33 PCW G . -16.14 33.58 -3.79
C34 PCW G . -14.74 33.11 -3.38
C35 PCW G . -13.67 34.08 -3.85
C36 PCW G . -12.28 33.61 -3.43
C37 PCW G . -11.19 34.60 -3.86
C38 PCW G . -9.82 34.11 -3.43
C39 PCW G . -8.83 35.02 -3.81
C40 PCW G . -7.65 35.12 -3.10
C41 PCW G . -7.43 34.31 -1.98
C42 PCW G . -6.75 35.09 -0.86
C43 PCW G . -7.61 36.28 -0.43
C44 PCW G . -6.89 37.12 0.64
C45 PCW G . -5.55 37.64 0.10
C46 PCW G . -5.76 38.48 -1.15
C47 PCW G . -4.43 39.02 -1.69
C48 PCW G . -4.64 39.87 -2.94
N PCW G . -15.40 25.74 -0.09
O2 PCW G . -17.84 31.45 -1.17
O3 PCW G . -15.25 31.64 -0.06
O11 PCW G . -13.98 30.21 1.12
O31 PCW G . -16.61 33.32 -1.08
O1P PCW G . -17.00 28.83 1.99
O2P PCW G . -18.56 27.03 1.11
O3P PCW G . -18.92 29.44 0.52
O4P PCW G . -16.96 28.19 -0.44
P PCW G . -17.85 28.31 0.90
C1 PCW H . 7.43 -27.25 1.36
C2 PCW H . 8.91 -26.86 1.51
C3 PCW H . 9.44 -26.46 0.14
C4 PCW H . 3.90 -24.56 1.60
C5 PCW H . 2.72 -23.92 0.85
C6 PCW H . 1.13 -23.39 2.68
C7 PCW H . 0.35 -24.76 0.72
C8 PCW H . 1.13 -25.69 1.66
C11 PCW H . 11.59 -27.14 0.55
C12 PCW H . 13.10 -26.94 0.74
C13 PCW H . 13.72 -26.24 -0.47
C14 PCW H . 15.22 -26.02 -0.25
C15 PCW H . 15.46 -25.12 0.97
C16 PCW H . 16.96 -24.88 1.19
C17 PCW H . 17.19 -23.95 2.38
C18 PCW H . 18.68 -23.74 2.63
C19 PCW H . 18.89 -22.89 3.71
C20 PCW H . 20.07 -22.95 4.44
C21 PCW H . 21.08 -23.84 4.08
C22 PCW H . 22.10 -23.19 3.15
C23 PCW H . 23.21 -24.17 2.77
C24 PCW H . 24.21 -23.52 1.82
C25 PCW H . 25.34 -24.48 1.47
C26 PCW H . 26.35 -23.84 0.53
C27 PCW H . 25.69 -23.46 -0.80
C28 PCW H . 26.70 -22.83 -1.77
C31 PCW H . 8.70 -26.10 3.68
C32 PCW H . 8.78 -25.07 4.79
C33 PCW H . 10.18 -24.46 4.90
C34 PCW H . 10.24 -23.41 6.00
C35 PCW H . 11.63 -22.79 6.11
C36 PCW H . 11.67 -21.69 7.18
C37 PCW H . 13.05 -21.04 7.27
C38 PCW H . 14.11 -22.07 7.68
C39 PCW H . 15.37 -21.48 7.73
C40 PCW H . 16.11 -21.50 8.90
C41 PCW H . 15.62 -22.08 10.06
C42 PCW H . 16.57 -21.87 11.23
C43 PCW H . 17.95 -22.47 10.93
C44 PCW H . 18.92 -22.23 12.09
C45 PCW H . 18.42 -22.88 13.38
C46 PCW H . 19.40 -22.65 14.53
C47 PCW H . 18.90 -23.31 15.81
C48 PCW H . 19.88 -23.08 16.96
N PCW H . 1.46 -24.26 1.54
O2 PCW H . 9.03 -25.74 2.40
O3 PCW H . 10.81 -26.05 0.26
O11 PCW H . 11.09 -28.25 0.62
O31 PCW H . 8.34 -27.25 3.90
O1P PCW H . 6.36 -25.05 2.95
O2P PCW H . 7.62 -23.87 1.07
O3P PCW H . 6.68 -26.19 0.75
O4P PCW H . 5.12 -24.23 0.93
P PCW H . 6.52 -24.78 1.50
C1 PCW I . -0.92 3.99 34.01
C2 PCW I . -0.20 4.88 33.00
C3 PCW I . -0.13 6.32 33.50
C4 PCW I . -0.44 2.53 30.31
C5 PCW I . 0.08 3.43 29.20
C6 PCW I . 2.02 1.91 29.33
C7 PCW I . 0.91 2.30 27.11
C8 PCW I . 1.83 3.50 27.39
C11 PCW I . 0.65 8.42 33.01
C12 PCW I . 1.27 9.48 32.11
C13 PCW I . 1.55 10.79 32.85
C14 PCW I . 2.16 11.83 31.91
C15 PCW I . 2.46 13.14 32.64
C16 PCW I . 3.46 12.92 33.79
C17 PCW I . 3.85 14.25 34.43
C18 PCW I . 4.81 14.03 35.60
C19 PCW I . 5.22 15.24 36.15
C20 PCW I . 4.30 16.15 36.67
C21 PCW I . 2.93 15.86 36.64
C22 PCW I . 2.23 16.65 35.55
C23 PCW I . 0.73 16.33 35.50
C24 PCW I . 0.04 17.13 34.39
C25 PCW I . -1.46 16.84 34.36
C26 PCW I . -2.15 17.63 33.24
C27 PCW I . -3.64 17.32 33.21
C28 PCW I . -4.33 18.09 32.08
C31 PCW I . 1.64 4.90 31.63
C32 PCW I . 3.09 4.58 31.23
C33 PCW I . 3.98 5.80 31.48
C34 PCW I . 3.91 6.23 32.95
C35 PCW I . 4.70 7.51 33.19
C36 PCW I . 4.60 7.95 34.66
C37 PCW I . 5.30 9.30 34.88
C38 PCW I . 5.19 9.73 36.34
C39 PCW I . 5.74 10.99 36.53
C40 PCW I . 7.11 11.13 36.77
C41 PCW I . 7.93 10.01 36.83
C42 PCW I . 9.22 10.33 37.58
C43 PCW I . 10.13 9.11 37.66
C44 PCW I . 11.42 9.44 38.40
C45 PCW I . 12.33 8.20 38.51
C46 PCW I . 12.74 7.70 37.12
C47 PCW I . 13.52 8.79 36.35
C48 PCW I . 13.93 8.29 34.97
N PCW I . 1.17 2.76 28.48
O2 PCW I . 1.14 4.38 32.78
O3 PCW I . 0.49 7.16 32.52
O11 PCW I . 0.30 8.69 34.15
O31 PCW I . 0.93 5.59 30.89
O1P PCW I . -2.30 1.04 32.01
O2P PCW I . -3.43 3.22 32.62
O3P PCW I . -1.14 2.69 33.48
O4P PCW I . -1.46 3.21 31.05
P PCW I . -2.19 2.49 32.28
C1 PCW J . 6.77 -18.63 16.06
C2 PCW J . 7.94 -17.91 16.74
C3 PCW J . 7.86 -16.41 16.49
C4 PCW J . 4.73 -14.75 18.05
C5 PCW J . 3.21 -14.93 18.16
C6 PCW J . 3.69 -17.12 19.23
C7 PCW J . 2.51 -15.32 20.55
C8 PCW J . 1.48 -15.99 19.64
C11 PCW J . 8.93 -14.43 16.85
C12 PCW J . 10.04 -13.52 17.40
C13 PCW J . 11.38 -14.25 17.41
C14 PCW J . 12.50 -13.36 17.96
C15 PCW J . 12.67 -12.09 17.14
C16 PCW J . 13.86 -11.27 17.61
C17 PCW J . 15.15 -12.06 17.44
C18 PCW J . 16.37 -11.27 17.92
C19 PCW J . 17.55 -11.98 17.73
C20 PCW J . 18.78 -11.39 17.97
C21 PCW J . 18.86 -10.06 18.41
C22 PCW J . 19.09 -9.11 17.23
C23 PCW J . 17.94 -9.17 16.24
C24 PCW J . 18.13 -8.18 15.10
C25 PCW J . 19.38 -8.51 14.27
C26 PCW J . 19.58 -7.49 13.15
C27 PCW J . 20.83 -7.83 12.33
C28 PCW J . 20.69 -9.22 11.69
C31 PCW J . 8.20 -19.48 18.38
C32 PCW J . 8.25 -20.00 19.83
C33 PCW J . 9.21 -19.15 20.66
C34 PCW J . 9.27 -19.67 22.10
C35 PCW J . 10.25 -18.82 22.92
C36 PCW J . 10.35 -19.33 24.37
C37 PCW J . 11.34 -18.49 25.17
C38 PCW J . 11.44 -18.99 26.61
C39 PCW J . 12.37 -18.25 27.33
C40 PCW J . 13.67 -18.70 27.44
C41 PCW J . 14.06 -19.89 26.83
C42 PCW J . 15.40 -20.38 27.37
C43 PCW J . 16.51 -19.38 27.06
C44 PCW J . 17.86 -19.88 27.58
C45 PCW J . 18.99 -18.90 27.25
C46 PCW J . 19.11 -18.73 25.74
C47 PCW J . 20.23 -17.74 25.39
C48 PCW J . 20.36 -17.57 23.88
N PCW J . 2.90 -15.87 19.24
O2 PCW J . 7.94 -18.17 18.14
O3 PCW J . 8.99 -15.76 17.07
O11 PCW J . 8.00 -13.96 16.20
O31 PCW J . 8.39 -20.25 17.44
O1P PCW J . 5.62 -16.21 15.21
O2P PCW J . 3.44 -16.87 16.33
O3P PCW J . 5.51 -18.26 16.63
O4P PCW J . 5.35 -15.99 17.71
P PCW J . 4.92 -16.78 16.38
C1 PCW K . -13.39 27.47 -6.84
C2 PCW K . -12.28 28.22 -7.59
C3 PCW K . -12.85 29.08 -8.70
C4 PCW K . -17.56 28.10 -6.19
C5 PCW K . -18.85 28.92 -6.08
C6 PCW K . -20.89 28.95 -4.68
C7 PCW K . -18.89 27.64 -3.90
C8 PCW K . -18.64 29.12 -3.58
C11 PCW K . -12.16 30.32 -10.53
C12 PCW K . -11.10 30.96 -11.42
C13 PCW K . -10.32 32.04 -10.68
C14 PCW K . -9.13 32.52 -11.49
C15 PCW K . -8.13 31.38 -11.72
C16 PCW K . -6.88 31.87 -12.46
C17 PCW K . -7.09 32.10 -13.95
C18 PCW K . -8.20 33.10 -14.25
C19 PCW K . -9.46 32.55 -14.07
C20 PCW K . -10.59 33.36 -14.15
C21 PCW K . -10.47 34.71 -14.43
C22 PCW K . -10.26 34.95 -15.92
C23 PCW K . -10.19 36.45 -16.23
C24 PCW K . -9.02 37.11 -15.49
C25 PCW K . -8.99 38.62 -15.76
C26 PCW K . -7.83 39.29 -15.01
C27 PCW K . -6.48 38.70 -15.45
C28 PCW K . -6.25 38.93 -16.95
C31 PCW K . -10.88 28.26 -5.78
C32 PCW K . -10.09 28.91 -4.64
C33 PCW K . -9.00 29.86 -5.14
C34 PCW K . -9.57 31.04 -5.92
C35 PCW K . -8.51 32.13 -6.08
C36 PCW K . -9.04 33.34 -6.85
C37 PCW K . -8.10 34.53 -6.67
C38 PCW K . -6.70 34.24 -7.19
C39 PCW K . -5.76 35.05 -6.56
C40 PCW K . -5.17 36.14 -7.21
C41 PCW K . -5.49 36.49 -8.50
C42 PCW K . -5.51 38.01 -8.64
C43 PCW K . -5.65 38.46 -10.10
C44 PCW K . -5.65 39.99 -10.19
C45 PCW K . -5.65 40.46 -11.65
C46 PCW K . -4.38 40.01 -12.37
C47 PCW K . -4.36 40.55 -13.80
C48 PCW K . -3.05 40.15 -14.51
N PCW K . -19.44 28.72 -4.74
O2 PCW K . -11.57 29.05 -6.66
O3 PCW K . -11.74 29.63 -9.43
O11 PCW K . -13.35 30.40 -10.78
O31 PCW K . -10.89 27.04 -5.91
O1P PCW K . -15.45 26.34 -5.32
O2P PCW K . -14.70 28.10 -3.65
O3P PCW K . -14.23 28.36 -6.10
O4P PCW K . -16.60 28.58 -5.25
P PCW K . -15.23 27.76 -4.99
C1 PCW L . 3.92 0.43 34.10
C2 PCW L . 5.15 -0.47 33.99
C3 PCW L . 4.89 -1.78 34.72
C4 PCW L . 1.17 0.89 36.16
C5 PCW L . 0.55 0.26 37.42
C6 PCW L . 0.95 0.26 39.86
C7 PCW L . 1.98 2.06 38.44
C8 PCW L . 0.52 2.44 38.67
C11 PCW L . 5.78 -3.84 35.20
C12 PCW L . 6.83 -4.94 35.14
C13 PCW L . 7.98 -4.67 36.10
C14 PCW L . 9.08 -5.72 35.93
C15 PCW L . 9.63 -5.69 34.50
C16 PCW L . 10.72 -6.74 34.29
C17 PCW L . 11.25 -6.65 32.86
C18 PCW L . 12.34 -7.71 32.61
C19 PCW L . 12.84 -7.60 31.31
C20 PCW L . 14.20 -7.54 31.09
C21 PCW L . 15.09 -7.57 32.16
C22 PCW L . 16.45 -7.01 31.78
C23 PCW L . 17.41 -7.05 32.97
C24 PCW L . 17.62 -8.48 33.46
C25 PCW L . 18.57 -8.54 34.66
C26 PCW L . 18.75 -9.98 35.13
C27 PCW L . 19.69 -10.06 36.34
C28 PCW L . 19.87 -11.51 36.81
C31 PCW L . 6.70 -1.12 32.44
C32 PCW L . 7.20 -1.50 31.04
C33 PCW L . 8.64 -1.04 30.82
C34 PCW L . 9.16 -1.45 29.44
C35 PCW L . 8.31 -0.82 28.33
C36 PCW L . 8.83 -1.25 26.95
C37 PCW L . 8.02 -0.60 25.83
C38 PCW L . 8.55 -1.02 24.46
C39 PCW L . 7.82 -0.43 23.44
C40 PCW L . 8.44 -0.11 22.24
C41 PCW L . 9.79 -0.38 22.05
C42 PCW L . 10.48 0.75 21.29
C43 PCW L . 11.96 0.44 21.06
C44 PCW L . 12.64 1.59 20.29
C45 PCW L . 14.12 1.28 20.06
C46 PCW L . 14.82 2.43 19.34
C47 PCW L . 14.73 3.72 20.15
C48 PCW L . 15.46 4.87 19.43
N PCW L . 0.94 1.03 38.60
O2 PCW L . 5.41 -0.74 32.61
O3 PCW L . 6.01 -2.66 34.55
O11 PCW L . 4.72 -4.00 35.82
O31 PCW L . 7.46 -1.16 33.40
O1P PCW L . 1.61 2.00 33.52
O2P PCW L . 0.50 -0.06 32.52
O3P PCW L . 2.78 -0.20 33.53
O4P PCW L . 0.78 0.14 35.01
P PCW L . 1.36 0.54 33.56
C1 17F M . -11.66 6.34 -21.96
N1 17F M . -10.34 5.67 -19.99
O1 17F M . -8.27 7.39 -22.77
P1 17F M . -9.68 7.64 -23.11
C2 17F M . -11.24 6.71 -20.54
O2 17F M . -10.37 8.79 -22.45
C3 17F M . -12.47 6.84 -19.65
O3 17F M . -10.54 6.31 -22.83
C4 17F M . -10.68 8.81 -25.24
O4 17F M . -12.75 5.89 -18.88
C5 17F M . -10.59 8.85 -26.78
O5 17F M . -13.12 7.91 -19.74
C6 17F M . -11.53 9.93 -27.28
O6 17F M . -9.78 7.84 -24.70
C7 17F M . -10.43 10.82 -29.10
O7 17F M . -11.46 10.01 -28.72
C8 17F M . -10.17 11.02 -30.59
O8 17F M . -9.75 11.39 -28.26
C9 17F M . -9.42 9.83 -31.19
O9 17F M . -9.24 9.16 -27.17
C10 17F M . -9.14 10.05 -32.67
O10 17F M . -8.94 6.99 -26.67
C11 17F M . -8.29 11.30 -32.89
C12 17F M . -8.02 11.54 -34.38
C17 17F M . -8.45 8.06 -27.02
C18 17F M . -6.96 8.16 -27.36
C19 17F M . -6.35 9.43 -26.76
C20 17F M . -7.03 10.69 -27.31
C1X 17F M . -7.17 12.79 -34.59
C1Y 17F M . -6.41 11.96 -26.73
C1Z 17F M . -4.93 12.07 -27.10
C2X 17F M . -6.89 13.03 -36.07
C21 17F M . -6.23 11.95 -36.64
C22 17F M . -4.85 11.83 -36.51
C23 17F M . -4.13 12.80 -35.82
C24 17F M . -2.79 13.09 -36.51
C25 17F M . -2.01 14.17 -35.75
C26 17F M . -0.69 14.47 -36.44
C27 17F M . 0.09 15.55 -35.69
C28 17F M . 1.42 15.86 -36.40
C29 17F M . 2.22 16.93 -35.64
C30 17F M . 3.53 17.23 -36.36
C31 17F M . -4.31 13.35 -26.55
C32 17F M . -2.84 13.48 -26.92
C33 17F M . -2.09 12.44 -26.39
C34 17F M . -0.93 12.02 -27.03
C35 17F M . -0.51 12.65 -28.19
C36 17F M . 0.27 13.92 -27.88
C37 17F M . 1.52 13.62 -27.05
C38 17F M . 2.31 14.89 -26.77
C39 17F M . 3.57 14.58 -25.94
C40 17F M . 4.39 15.84 -25.69
C41 17F M . 5.64 15.53 -24.87
C42 17F M . 6.48 16.79 -24.65
HN1 17F M . -10.96 4.89 -20.07
HN1A 17F M . -10.20 5.61 -19.01
HAC 17F M . -9.65 5.33 -20.64
C1 PCW N . 29.45 5.43 -15.90
C2 PCW N . 29.03 4.11 -16.54
C3 PCW N . 29.18 2.99 -15.53
C4 PCW N . 29.54 7.38 -20.26
C5 PCW N . 30.89 7.96 -20.66
C6 PCW N . 30.32 10.36 -20.97
C7 PCW N . 31.58 9.13 -22.78
C8 PCW N . 30.10 8.77 -22.90
C11 PCW N . 28.89 0.75 -15.18
C12 PCW N . 28.40 -0.67 -15.50
C13 PCW N . 27.59 -1.25 -14.35
C14 PCW N . 27.11 -2.66 -14.65
C15 PCW N . 26.32 -3.24 -13.48
C16 PCW N . 25.87 -4.68 -13.75
C17 PCW N . 25.07 -5.21 -12.57
C18 PCW N . 24.66 -6.67 -12.80
C19 PCW N . 23.91 -7.13 -11.71
C20 PCW N . 23.75 -8.50 -11.49
C21 PCW N . 24.33 -9.42 -12.35
C22 PCW N . 23.53 -10.73 -12.35
C23 PCW N . 24.15 -11.75 -13.30
C24 PCW N . 23.33 -13.05 -13.30
C25 PCW N . 21.89 -12.78 -13.72
C26 PCW N . 21.05 -14.07 -13.68
C27 PCW N . 19.61 -13.80 -14.14
C28 PCW N . 18.78 -15.08 -14.14
C31 PCW N . 27.36 3.21 -17.85
C32 PCW N . 25.94 3.11 -18.41
C33 PCW N . 25.92 2.30 -19.71
C34 PCW N . 24.48 2.13 -20.22
C35 PCW N . 23.64 1.35 -19.22
C36 PCW N . 24.18 -0.07 -19.05
C37 PCW N . 23.42 -0.83 -17.95
C38 PCW N . 23.96 -2.25 -17.82
C39 PCW N . 23.40 -2.91 -16.72
C40 PCW N . 22.04 -3.19 -16.67
C41 PCW N . 21.18 -2.82 -17.69
C42 PCW N . 20.22 -3.96 -18.03
C43 PCW N . 19.20 -3.52 -19.08
C44 PCW N . 18.24 -4.68 -19.42
C45 PCW N . 17.18 -4.24 -20.43
C46 PCW N . 16.30 -3.13 -19.83
C47 PCW N . 15.56 -3.62 -18.59
C48 PCW N . 14.69 -2.51 -18.00
N PCW N . 30.70 9.08 -21.59
O2 PCW N . 27.66 4.21 -16.98
O3 PCW N . 28.67 1.76 -16.06
O11 PCW N . 29.48 0.98 -14.11
O31 PCW N . 28.23 2.42 -18.20
O1P PCW N . 31.16 7.88 -18.02
O2P PCW N . 31.48 5.37 -17.80
O3P PCW N . 29.45 6.49 -16.85
O4P PCW N . 29.74 6.29 -19.36
P PCW N . 30.57 6.52 -18.00
C1 PCW O . 37.97 -12.03 -6.28
C2 PCW O . 36.50 -12.10 -5.86
C3 PCW O . 35.98 -13.52 -6.01
C4 PCW O . 38.52 -8.70 -8.52
C5 PCW O . 38.16 -8.48 -9.99
C6 PCW O . 37.84 -6.03 -10.09
C7 PCW O . 36.03 -7.54 -10.97
C8 PCW O . 35.91 -7.50 -9.44
C11 PCW O . 34.09 -14.80 -5.93
C12 PCW O . 32.59 -15.07 -5.78
C13 PCW O . 31.79 -14.04 -6.59
C14 PCW O . 30.29 -14.31 -6.50
C15 PCW O . 29.92 -15.68 -7.07
C16 PCW O . 28.41 -15.91 -7.04
C17 PCW O . 28.05 -17.27 -7.64
C18 PCW O . 28.68 -18.41 -6.84
C19 PCW O . 28.41 -19.64 -7.44
C20 PCW O . 27.39 -20.46 -6.96
C21 PCW O . 26.63 -20.08 -5.86
C22 PCW O . 25.81 -21.26 -5.35
C23 PCW O . 24.96 -20.86 -4.14
C24 PCW O . 24.13 -22.05 -3.65
C25 PCW O . 23.27 -21.67 -2.45
C26 PCW O . 22.45 -22.87 -1.97
C27 PCW O . 21.56 -23.41 -3.09
C28 PCW O . 20.75 -24.62 -2.60
C31 PCW O . 35.04 -11.27 -4.30
C32 PCW O . 34.60 -10.70 -2.94
C33 PCW O . 34.66 -11.75 -1.84
C34 PCW O . 36.08 -12.26 -1.61
C35 PCW O . 36.13 -13.25 -0.45
C36 PCW O . 35.56 -12.62 0.82
C37 PCW O . 35.63 -13.59 2.00
C38 PCW O . 35.02 -12.98 3.27
C39 PCW O . 35.18 -13.83 4.36
C40 PCW O . 34.13 -14.62 4.80
C41 PCW O . 32.89 -14.60 4.16
C42 PCW O . 32.32 -16.01 4.03
C43 PCW O . 30.97 -16.00 3.32
C44 PCW O . 30.41 -17.42 3.15
C45 PCW O . 29.08 -17.40 2.40
C46 PCW O . 28.49 -18.81 2.28
C47 PCW O . 29.47 -19.74 1.54
C48 PCW O . 28.89 -21.15 1.39
N PCW O . 37.22 -7.37 -10.12
O2 PCW O . 36.33 -11.62 -4.51
O3 PCW O . 34.56 -13.54 -5.80
O11 PCW O . 34.86 -15.73 -6.17
O31 PCW O . 34.22 -11.39 -5.21
O1P PCW O . 40.44 -9.16 -6.20
O2P PCW O . 40.66 -11.54 -7.05
O3P PCW O . 38.44 -10.68 -6.25
O4P PCW O . 39.39 -9.83 -8.41
P PCW O . 39.85 -10.31 -6.94
C1 PCW P . 13.96 38.52 -14.51
C2 PCW P . 12.54 37.98 -14.65
C3 PCW P . 12.07 38.15 -16.08
C4 PCW P . 16.91 40.96 -11.59
C5 PCW P . 16.47 42.20 -10.81
C6 PCW P . 18.79 42.01 -9.95
C7 PCW P . 17.94 44.23 -10.79
C8 PCW P . 17.40 44.04 -9.37
C11 PCW P . 9.93 38.60 -15.46
C12 PCW P . 8.41 38.44 -15.43
C13 PCW P . 7.93 38.10 -14.02
C14 PCW P . 6.39 38.06 -13.94
C15 PCW P . 5.92 37.69 -12.54
C16 PCW P . 4.40 37.73 -12.43
C17 PCW P . 3.76 36.76 -13.43
C18 PCW P . 2.23 36.79 -13.32
C19 PCW P . 1.73 38.06 -13.59
C20 PCW P . 0.37 38.22 -13.85
C21 PCW P . -0.47 37.11 -13.84
C22 PCW P . -1.53 37.24 -12.75
C23 PCW P . -2.45 36.02 -12.73
C24 PCW P . -3.50 36.15 -11.62
C25 PCW P . -4.42 34.94 -11.61
C26 PCW P . -5.17 34.79 -12.93
C27 PCW P . -6.08 36.01 -13.18
C28 PCW P . -7.12 36.14 -12.07
C31 PCW P . 12.51 36.46 -12.93
C32 PCW P . 12.50 35.05 -12.33
C33 PCW P . 11.33 34.23 -12.88
C34 PCW P . 11.26 32.86 -12.22
C35 PCW P . 11.06 32.98 -10.71
C36 PCW P . 10.98 31.60 -10.05
C37 PCW P . 10.82 31.74 -8.53
C38 PCW P . 10.74 30.37 -7.86
C39 PCW P . 10.64 30.50 -6.48
C40 PCW P . 9.48 30.10 -5.82
C41 PCW P . 8.42 29.56 -6.54
C42 PCW P . 7.10 30.24 -6.13
C43 PCW P . 6.83 30.07 -4.64
C44 PCW P . 5.52 30.75 -4.23
C45 PCW P . 5.29 30.62 -2.72
C46 PCW P . 5.23 29.16 -2.29
C47 PCW P . 5.00 29.04 -0.78
C48 PCW P . 4.96 27.58 -0.34
N PCW P . 17.65 42.89 -10.26
O2 PCW P . 12.50 36.60 -14.29
O3 PCW P . 10.69 37.79 -16.23
O11 PCW P . 10.47 39.48 -14.77
O31 PCW P . 12.49 37.45 -12.21
O1P PCW P . 16.36 37.88 -11.70
O2P PCW P . 16.74 38.90 -14.01
O3P PCW P . 14.42 38.41 -13.16
O4P PCW P . 15.77 40.29 -12.14
P PCW P . 15.93 38.82 -12.77
C1 PCW Q . 33.83 -5.92 -14.09
C2 PCW Q . 32.97 -7.12 -14.46
C3 PCW Q . 33.36 -8.32 -13.61
C4 PCW Q . 37.47 -3.27 -15.47
C5 PCW Q . 38.86 -3.89 -15.28
C6 PCW Q . 41.22 -3.37 -15.82
C7 PCW Q . 39.48 -1.55 -15.96
C8 PCW Q . 39.86 -1.73 -14.49
C11 PCW Q . 32.65 -10.42 -12.98
C12 PCW Q . 31.67 -11.59 -12.94
C13 PCW Q . 30.83 -11.62 -14.22
C14 PCW Q . 29.71 -12.65 -14.14
C15 PCW Q . 28.93 -12.67 -15.47
C16 PCW Q . 27.71 -13.59 -15.42
C17 PCW Q . 28.08 -15.03 -15.04
C18 PCW Q . 26.90 -15.97 -15.30
C19 PCW Q . 26.61 -15.99 -16.66
C20 PCW Q . 25.37 -16.42 -17.12
C21 PCW Q . 24.37 -16.86 -16.25
C22 PCW Q . 23.57 -17.99 -16.90
C23 PCW Q . 22.38 -18.40 -16.04
C24 PCW Q . 21.40 -17.24 -15.83
C25 PCW Q . 20.12 -17.71 -15.14
C26 PCW Q . 19.37 -18.72 -16.02
C27 PCW Q . 18.06 -19.17 -15.37
C28 PCW Q . 17.33 -20.18 -16.24
C31 PCW Q . 30.81 -7.64 -14.95
C32 PCW Q . 29.28 -7.57 -14.83
C33 PCW Q . 28.73 -6.17 -15.11
C34 PCW Q . 29.22 -5.15 -14.06
C35 PCW Q . 28.83 -5.59 -12.65
C36 PCW Q . 29.19 -4.51 -11.63
C37 PCW Q . 28.98 -5.01 -10.20
C38 PCW Q . 27.53 -5.44 -9.96
C39 PCW Q . 27.39 -5.93 -8.67
C40 PCW Q . 26.14 -6.16 -8.11
C41 PCW Q . 24.98 -5.89 -8.83
C42 PCW Q . 23.75 -6.21 -7.98
C43 PCW Q . 22.46 -5.96 -8.78
C44 PCW Q . 21.23 -6.30 -7.95
C45 PCW Q . 21.19 -5.46 -6.67
C46 PCW Q . 19.92 -5.76 -5.85
C47 PCW Q . 19.89 -4.92 -4.58
C48 PCW Q . 18.63 -5.20 -3.76
N PCW Q . 39.90 -2.86 -15.42
O2 PCW Q . 31.59 -6.80 -14.22
O3 PCW Q . 32.34 -9.32 -13.72
O11 PCW Q . 33.72 -10.47 -12.38
O31 PCW Q . 31.33 -8.44 -15.72
O1P PCW Q . 35.73 -4.17 -12.91
O2P PCW Q . 37.60 -5.74 -13.62
O3P PCW Q . 35.22 -6.20 -14.28
O4P PCW Q . 36.47 -4.27 -15.32
P PCW Q . 36.31 -5.07 -13.93
C1 PCW R . 31.09 1.02 -26.70
C2 PCW R . 29.58 1.10 -26.84
C3 PCW R . 29.23 1.46 -28.27
C4 PCW R . 31.10 4.30 -26.41
C5 PCW R . 31.79 5.00 -27.58
C6 PCW R . 29.44 5.45 -28.20
C7 PCW R . 31.11 7.33 -28.19
C8 PCW R . 31.30 6.55 -29.49
C11 PCW R . 27.51 2.19 -29.62
C12 PCW R . 26.06 2.58 -29.90
C13 PCW R . 25.70 2.41 -31.39
C14 PCW R . 24.25 2.83 -31.60
C15 PCW R . 24.05 4.30 -31.22
C16 PCW R . 22.58 4.71 -31.25
C17 PCW R . 21.77 3.95 -30.20
C18 PCW R . 20.32 4.41 -30.17
C19 PCW R . 20.24 5.76 -29.86
C20 PCW R . 19.53 6.20 -28.75
C21 PCW R . 18.89 5.27 -27.92
C22 PCW R . 18.67 5.85 -26.52
C23 PCW R . 17.91 4.87 -25.63
C24 PCW R . 16.54 4.53 -26.20
C25 PCW R . 15.75 3.63 -25.27
C26 PCW R . 16.48 2.31 -25.02
C27 PCW R . 15.70 1.42 -24.04
C28 PCW R . 16.44 0.10 -23.79
C31 PCW R . 29.01 -0.37 -25.14
C32 PCW R . 28.46 -1.68 -24.57
C33 PCW R . 26.93 -1.67 -24.48
C34 PCW R . 26.42 -3.00 -23.93
C35 PCW R . 24.89 -3.04 -23.81
C36 PCW R . 24.40 -1.95 -22.85
C37 PCW R . 22.90 -2.10 -22.59
C38 PCW R . 22.10 -2.03 -23.90
C39 PCW R . 20.76 -2.26 -23.67
C40 PCW R . 20.31 -3.56 -23.49
C41 PCW R . 21.21 -4.61 -23.54
C42 PCW R . 20.58 -5.92 -23.03
C43 PCW R . 19.39 -6.34 -23.90
C44 PCW R . 18.80 -7.66 -23.40
C45 PCW R . 17.62 -8.11 -24.26
C46 PCW R . 16.46 -7.11 -24.18
C47 PCW R . 15.29 -7.55 -25.06
C48 PCW R . 14.16 -6.53 -25.01
N PCW R . 30.85 5.88 -28.25
O2 PCW R . 28.98 -0.16 -26.48
O3 PCW R . 27.83 1.73 -28.38
O11 PCW R . 28.39 2.30 -30.47
O31 PCW R . 29.47 0.49 -24.40
O1P PCW R . 30.12 2.82 -24.21
O2P PCW R . 32.52 2.41 -23.47
O3P PCW R . 31.52 1.07 -25.34
O4P PCW R . 32.04 3.49 -25.70
P PCW R . 31.52 2.48 -24.55
C1 PCW S . 27.38 20.52 -10.55
C2 PCW S . 26.34 19.61 -11.22
C3 PCW S . 25.55 18.90 -10.13
C4 PCW S . 29.03 21.54 -14.70
C5 PCW S . 28.62 21.15 -16.12
C6 PCW S . 26.73 19.97 -15.02
C7 PCW S . 26.25 21.78 -16.70
C8 PCW S . 26.60 20.51 -17.47
C11 PCW S . 25.76 16.76 -10.88
C12 PCW S . 25.28 15.40 -11.40
C13 PCW S . 23.93 15.02 -10.78
C14 PCW S . 23.47 13.66 -11.31
C15 PCW S . 22.08 13.30 -10.79
C16 PCW S . 22.05 13.13 -9.28
C17 PCW S . 20.63 12.76 -8.81
C18 PCW S . 20.57 12.55 -7.29
C19 PCW S . 19.26 12.29 -6.90
C20 PCW S . 18.90 11.01 -6.49
C21 PCW S . 19.83 9.98 -6.48
C22 PCW S . 19.99 9.37 -5.09
C23 PCW S . 18.70 8.69 -4.60
C24 PCW S . 17.56 9.68 -4.44
C25 PCW S . 16.31 8.97 -3.91
C26 PCW S . 15.14 9.95 -3.74
C27 PCW S . 14.77 10.59 -5.08
C28 PCW S . 13.59 11.56 -4.91
C31 PCW S . 24.72 19.72 -12.92
C32 PCW S . 23.77 20.50 -13.82
C33 PCW S . 22.32 20.06 -13.67
C34 PCW S . 22.08 18.67 -14.27
C35 PCW S . 20.61 18.29 -14.20
C36 PCW S . 20.34 16.95 -14.88
C37 PCW S . 18.85 16.59 -14.82
C38 PCW S . 18.56 15.27 -15.54
C39 PCW S . 17.21 14.95 -15.45
C40 PCW S . 16.55 14.37 -16.53
C41 PCW S . 17.24 14.09 -17.71
C42 PCW S . 16.27 13.95 -18.88
C43 PCW S . 15.28 12.80 -18.63
C44 PCW S . 14.31 12.67 -19.79
C45 PCW S . 13.32 11.52 -19.55
C46 PCW S . 14.05 10.18 -19.44
C47 PCW S . 14.78 9.85 -20.73
C48 PCW S . 15.50 8.50 -20.62
N PCW S . 27.19 20.79 -16.15
O2 PCW S . 25.48 20.42 -12.03
O3 PCW S . 24.86 17.75 -10.64
O11 PCW S . 26.96 16.98 -10.72
O31 PCW S . 24.82 18.50 -12.99
O1P PCW S . 30.53 21.45 -12.25
O2P PCW S . 29.55 19.17 -11.74
O3P PCW S . 28.15 21.24 -11.52
O4P PCW S . 28.85 20.44 -13.81
P PCW S . 29.37 20.53 -12.29
C1 PCW T . -16.58 35.97 10.84
C2 PCW T . -15.49 37.02 10.58
C3 PCW T . -15.35 37.22 9.08
C4 PCW T . -16.97 32.33 13.59
C5 PCW T . -16.25 31.07 13.11
C6 PCW T . -17.29 29.19 14.34
C7 PCW T . -14.81 29.55 14.50
C8 PCW T . -15.48 30.56 15.45
C11 PCW T . -14.19 38.45 7.53
C12 PCW T . -13.16 39.48 7.05
C13 PCW T . -13.45 39.94 5.63
C14 PCW T . -12.45 40.99 5.18
C15 PCW T . -11.02 40.45 5.21
C16 PCW T . -10.00 41.51 4.79
C17 PCW T . -10.06 42.71 5.73
C18 PCW T . -9.05 43.79 5.31
C19 PCW T . -9.11 44.88 6.17
C20 PCW T . -8.44 46.05 5.84
C21 PCW T . -7.70 46.14 4.67
C22 PCW T . -8.01 47.42 3.90
C23 PCW T . -7.19 47.51 2.62
C24 PCW T . -7.50 48.80 1.86
C25 PCW T . -7.16 50.03 2.70
C26 PCW T . -7.47 51.32 1.93
C27 PCW T . -6.65 51.40 0.64
C28 PCW T . -5.15 51.37 0.93
C31 PCW T . -15.39 38.30 12.48
C32 PCW T . -15.69 39.51 13.35
C33 PCW T . -16.30 39.08 14.70
C34 PCW T . -15.30 38.22 15.49
C35 PCW T . -14.08 39.04 15.89
C36 PCW T . -13.06 38.17 16.64
C37 PCW T . -11.86 38.98 17.12
C38 PCW T . -11.12 39.66 15.96
C39 PCW T . -10.01 40.34 16.44
C40 PCW T . -9.53 41.47 15.78
C41 PCW T . -10.16 41.96 14.64
C42 PCW T . -9.15 42.12 13.50
C43 PCW T . -9.82 42.75 12.28
C44 PCW T . -8.81 42.87 11.13
C45 PCW T . -9.43 43.56 9.90
C46 PCW T . -10.62 42.77 9.34
C47 PCW T . -11.77 42.69 10.36
C48 PCW T . -12.95 41.92 9.79
N PCW T . -16.15 30.11 14.20
O2 PCW T . -15.86 38.25 11.20
O3 PCW T . -14.32 38.20 8.86
O11 PCW T . -14.91 37.86 6.73
O31 PCW T . -14.70 37.37 12.90
O1P PCW T . -18.04 34.88 14.19
O2P PCW T . -19.03 34.77 11.86
O3P PCW T . -16.74 35.72 12.23
O4P PCW T . -17.13 33.24 12.50
P PCW T . -17.85 34.66 12.74
C1 PCW U . -10.49 30.81 19.69
C2 PCW U . -9.69 31.88 18.95
C3 PCW U . -10.33 33.26 19.15
C4 PCW U . -10.25 26.72 18.21
C5 PCW U . -11.09 25.95 17.19
C6 PCW U . -12.61 27.90 17.20
C7 PCW U . -11.43 27.26 15.07
C8 PCW U . -12.63 26.32 15.25
C11 PCW U . -9.85 35.49 18.91
C12 PCW U . -9.02 36.68 18.42
C13 PCW U . -7.97 37.06 19.46
C14 PCW U . -6.93 38.03 18.89
C15 PCW U . -7.55 39.33 18.38
C16 PCW U . -8.29 40.07 19.51
C17 PCW U . -8.73 41.45 19.02
C18 PCW U . -9.52 42.19 20.12
C19 PCW U . -8.79 42.28 21.30
C20 PCW U . -7.54 42.87 21.32
C21 PCW U . -6.96 43.40 20.18
C22 PCW U . -5.72 44.23 20.54
C23 PCW U . -5.02 44.75 19.28
C24 PCW U . -5.94 45.64 18.44
C25 PCW U . -5.19 46.16 17.21
C26 PCW U . -6.09 47.05 16.35
C27 PCW U . -5.32 47.57 15.13
C28 PCW U . -6.22 48.46 14.26
C31 PCW U . -8.32 32.26 20.77
C32 PCW U . -6.98 32.38 21.49
C33 PCW U . -6.40 33.79 21.32
C34 PCW U . -5.04 33.92 21.99
C35 PCW U . -4.49 35.34 21.83
C36 PCW U . -4.33 35.70 20.36
C37 PCW U . -3.86 37.14 20.17
C38 PCW U . -3.70 37.49 18.70
C39 PCW U . -3.40 38.83 18.53
C40 PCW U . -2.28 39.21 17.81
C41 PCW U . -1.44 38.26 17.23
C42 PCW U . -0.30 38.92 16.48
C43 PCW U . 0.64 37.89 15.84
C44 PCW U . 1.77 38.60 15.09
C45 PCW U . 2.76 37.58 14.49
C46 PCW U . 3.90 38.31 13.78
C47 PCW U . 4.69 39.19 14.75
C48 PCW U . 5.83 39.92 14.03
N PCW U . -11.92 26.88 16.40
O2 PCW U . -8.35 31.92 19.46
O3 PCW U . -9.46 34.23 18.55
O11 PCW U . -10.83 35.65 19.63
O31 PCW U . -9.38 32.49 21.37
O1P PCW U . -9.32 27.52 20.93
O2P PCW U . -11.55 28.71 21.23
O3P PCW U . -9.86 29.54 19.58
O4P PCW U . -11.10 27.40 19.14
P PCW U . -10.47 28.26 20.33
C1 PCW V . 29.03 16.66 -8.31
C2 PCW V . 28.31 15.45 -7.71
C3 PCW V . 27.07 15.93 -6.96
C4 PCW V . 30.16 14.79 -5.37
C5 PCW V . 29.84 14.17 -4.01
C6 PCW V . 31.14 12.07 -4.32
C7 PCW V . 28.81 11.96 -3.38
C8 PCW V . 28.70 12.11 -4.90
C11 PCW V . 25.15 15.23 -5.94
C12 PCW V . 24.09 14.21 -5.50
C13 PCW V . 24.68 12.80 -5.43
C14 PCW V . 23.58 11.77 -5.11
C15 PCW V . 24.15 10.35 -5.02
C16 PCW V . 23.03 9.35 -4.79
C17 PCW V . 23.58 7.92 -4.62
C18 PCW V . 22.44 6.93 -4.42
C19 PCW V . 22.92 5.65 -4.14
C20 PCW V . 23.53 4.90 -5.14
C21 PCW V . 23.66 5.42 -6.43
C22 PCW V . 24.46 4.46 -7.31
C23 PCW V . 23.76 3.10 -7.44
C24 PCW V . 24.57 2.15 -8.32
C25 PCW V . 23.87 0.81 -8.48
C26 PCW V . 24.70 -0.14 -9.36
C27 PCW V . 24.00 -1.49 -9.53
C28 PCW V . 22.62 -1.31 -10.20
C31 PCW V . 28.97 13.97 -9.33
C32 PCW V . 28.78 13.02 -10.51
C33 PCW V . 27.36 12.46 -10.55
C34 PCW V . 27.17 11.50 -11.72
C35 PCW V . 25.74 10.94 -11.77
C36 PCW V . 25.56 10.03 -12.97
C37 PCW V . 24.12 9.49 -13.05
C38 PCW V . 23.12 10.64 -13.14
C39 PCW V . 21.82 10.17 -13.35
C40 PCW V . 21.19 9.39 -12.39
C41 PCW V . 21.83 9.05 -11.20
C42 PCW V . 21.34 7.69 -10.69
C43 PCW V . 22.01 7.31 -9.37
C44 PCW V . 21.51 5.95 -8.87
C45 PCW V . 20.01 5.99 -8.60
C46 PCW V . 19.51 4.62 -8.14
C47 PCW V . 20.21 4.17 -6.86
C48 PCW V . 19.68 2.82 -6.38
N PCW V . 29.82 12.70 -4.15
O2 PCW V . 27.89 14.60 -8.79
O3 PCW V . 26.27 14.81 -6.59
O11 PCW V . 24.99 16.42 -5.69
O31 PCW V . 30.09 14.17 -8.86
O1P PCW V . 31.66 16.27 -7.28
O2P PCW V . 31.39 18.34 -5.82
O3P PCW V . 29.52 17.54 -7.28
O4P PCW V . 30.19 16.22 -5.23
P PCW V . 30.82 17.12 -6.41
C1 PCW W . 26.26 26.12 -1.78
C2 PCW W . 24.76 25.78 -1.74
C3 PCW W . 24.28 25.24 -3.07
C4 PCW W . 26.27 21.72 -3.00
C5 PCW W . 25.02 20.90 -2.69
C6 PCW W . 24.30 18.53 -2.66
C7 PCW W . 26.73 19.07 -2.98
C8 PCW W . 26.42 19.18 -1.50
C11 PCW W . 22.37 24.44 -4.10
C12 PCW W . 20.86 24.18 -4.19
C13 PCW W . 20.52 23.03 -5.15
C14 PCW W . 19.03 22.74 -5.09
C15 PCW W . 18.63 22.27 -3.69
C16 PCW W . 17.12 22.15 -3.54
C17 PCW W . 16.54 21.16 -4.56
C18 PCW W . 15.03 21.01 -4.37
C19 PCW W . 14.40 22.25 -4.47
C20 PCW W . 13.99 22.92 -3.32
C21 PCW W . 14.20 22.36 -2.07
C22 PCW W . 13.31 23.02 -1.01
C23 PCW W . 11.83 22.80 -1.35
C24 PCW W . 10.93 23.49 -0.31
C25 PCW W . 9.46 23.26 -0.65
C26 PCW W . 8.56 23.93 0.40
C27 PCW W . 7.08 23.74 0.06
C28 PCW W . 6.19 24.42 1.10
C31 PCW W . 23.17 24.84 -0.39
C32 PCW W . 22.63 23.90 0.69
C33 PCW W . 23.09 22.47 0.44
C34 PCW W . 22.51 21.51 1.47
C35 PCW W . 20.97 21.48 1.41
C36 PCW W . 20.41 20.51 2.44
C37 PCW W . 18.89 20.42 2.34
C38 PCW W . 18.32 19.45 3.39
C39 PCW W . 16.94 19.33 3.27
C40 PCW W . 16.09 20.30 3.77
C41 PCW W . 16.61 21.42 4.40
C42 PCW W . 16.73 22.60 3.42
C43 PCW W . 17.30 23.84 4.10
C44 PCW W . 17.45 24.99 3.11
C45 PCW W . 18.02 26.24 3.77
C46 PCW W . 18.15 27.37 2.75
C47 PCW W . 19.10 26.98 1.62
C48 PCW W . 19.22 28.12 0.60
N PCW W . 25.40 19.48 -2.51
O2 PCW W . 24.50 24.83 -0.69
O3 PCW W . 22.86 25.07 -3.01
O11 PCW W . 23.13 24.05 -4.99
O31 PCW W . 22.42 25.64 -0.96
O1P PCW W . 26.55 25.19 -4.45
O2P PCW W . 28.33 23.55 -3.67
O3P PCW W . 27.07 24.97 -2.02
O4P PCW W . 25.89 23.09 -3.20
P PCW W . 27.01 24.21 -3.45
C1 PCW X . 25.66 16.90 -19.68
C2 PCW X . 24.75 17.22 -20.86
C3 PCW X . 24.12 15.92 -21.35
C4 PCW X . 29.46 16.84 -21.08
C5 PCW X . 30.18 17.90 -21.92
C6 PCW X . 29.95 17.20 -24.27
C7 PCW X . 32.23 17.55 -23.30
C8 PCW X . 31.74 16.17 -22.85
C11 PCW X . 22.86 14.92 -22.93
C12 PCW X . 22.06 14.80 -24.24
C13 PCW X . 22.91 15.22 -25.44
C14 PCW X . 22.20 14.86 -26.75
C15 PCW X . 23.02 15.28 -27.96
C16 PCW X . 22.41 14.71 -29.25
C17 PCW X . 20.95 15.14 -29.41
C18 PCW X . 20.35 14.53 -30.68
C19 PCW X . 20.43 13.14 -30.65
C20 PCW X . 19.30 12.36 -30.84
C21 PCW X . 18.06 12.96 -31.07
C22 PCW X . 17.08 11.99 -31.72
C23 PCW X . 15.74 12.66 -31.97
C24 PCW X . 14.74 11.68 -32.61
C25 PCW X . 13.39 12.37 -32.84
C26 PCW X . 12.82 12.89 -31.53
C27 PCW X . 11.47 13.57 -31.74
C28 PCW X . 10.91 14.10 -30.41
C31 PCW X . 24.25 19.38 -20.24
C32 PCW X . 23.34 20.53 -19.80
C33 PCW X . 23.02 20.44 -18.31
C34 PCW X . 22.05 19.29 -18.03
C35 PCW X . 20.65 19.63 -18.57
C36 PCW X . 20.13 20.89 -17.88
C37 PCW X . 18.72 21.27 -18.36
C38 PCW X . 18.72 21.53 -19.87
C39 PCW X . 17.50 22.07 -20.28
C40 PCW X . 16.42 21.26 -20.62
C41 PCW X . 16.51 19.88 -20.56
C42 PCW X . 15.32 19.24 -21.27
C43 PCW X . 15.40 17.71 -21.22
C44 PCW X . 14.22 17.07 -21.96
C45 PCW X . 14.29 15.55 -21.89
C46 PCW X . 13.11 14.90 -22.62
C47 PCW X . 13.08 15.32 -24.09
C48 PCW X . 11.92 14.64 -24.84
N PCW X . 30.81 17.28 -23.09
O2 PCW X . 23.72 18.15 -20.49
O3 PCW X . 23.40 16.11 -22.57
O11 PCW X . 23.01 13.94 -22.21
O31 PCW X . 25.46 19.58 -20.40
O1P PCW X . 27.21 18.47 -21.62
O2P PCW X . 28.12 19.86 -19.68
O3P PCW X . 26.46 18.01 -19.28
O4P PCW X . 28.83 17.46 -19.96
P PCW X . 27.66 18.55 -20.20
C1 PCW Y . 27.53 30.43 2.96
C2 PCW Y . 26.44 29.41 3.32
C3 PCW Y . 27.02 28.01 3.15
C4 PCW Y . 24.59 30.80 1.02
C5 PCW Y . 24.28 29.62 0.11
C6 PCW Y . 22.47 29.19 1.75
C7 PCW Y . 21.89 29.52 -0.68
C8 PCW Y . 22.39 28.08 -0.50
C11 PCW Y . 24.93 27.04 3.05
C12 PCW Y . 23.82 26.12 3.54
C13 PCW Y . 22.69 26.92 4.17
C14 PCW Y . 21.67 26.01 4.86
C15 PCW Y . 22.35 25.22 5.99
C16 PCW Y . 21.34 24.34 6.75
C17 PCW Y . 20.26 25.17 7.44
C18 PCW Y . 19.36 25.88 6.42
C19 PCW Y . 18.38 26.63 7.04
C20 PCW Y . 17.50 26.04 7.96
C21 PCW Y . 17.61 24.68 8.25
C22 PCW Y . 16.36 23.92 7.80
C23 PCW Y . 16.48 22.44 8.15
C24 PCW Y . 15.24 21.68 7.67
C25 PCW Y . 15.33 20.19 8.04
C26 PCW Y . 14.10 19.42 7.56
C27 PCW Y . 12.83 19.97 8.21
C28 PCW Y . 11.60 19.20 7.73
C31 PCW Y . 25.18 30.59 4.83
C32 PCW Y . 24.61 30.94 6.20
C33 PCW Y . 23.37 30.09 6.52
C34 PCW Y . 23.74 28.61 6.61
C35 PCW Y . 24.62 28.32 7.84
C36 PCW Y . 23.86 28.64 9.13
C37 PCW Y . 24.71 28.32 10.36
C38 PCW Y . 23.91 28.60 11.64
C39 PCW Y . 24.64 28.27 12.78
C40 PCW Y . 24.02 27.60 13.82
C41 PCW Y . 22.67 27.28 13.73
C42 PCW Y . 21.88 27.81 14.93
C43 PCW Y . 22.37 27.18 16.23
C44 PCW Y . 21.58 27.70 17.43
C45 PCW Y . 22.05 27.04 18.73
C46 PCW Y . 21.85 25.52 18.67
C47 PCW Y . 22.28 24.85 19.97
C48 PCW Y . 22.06 23.34 19.91
N PCW Y . 22.90 29.17 0.34
O2 PCW Y . 26.06 29.58 4.69
O3 PCW Y . 26.12 27.06 3.71
O11 PCW Y . 24.77 27.75 2.05
O31 PCW Y . 24.82 31.22 3.83
O1P PCW Y . 25.48 33.45 1.93
O2P PCW Y . 27.77 32.97 0.91
O3P PCW Y . 27.02 31.77 2.99
O4P PCW Y . 25.94 31.24 0.78
P PCW Y . 26.55 32.47 1.61
C1 PCW Z . 12.82 42.88 -8.12
C2 PCW Z . 11.84 42.89 -6.93
C3 PCW Z . 11.04 41.60 -6.94
C4 PCW Z . 13.18 46.73 -6.09
C5 PCW Z . 12.40 47.00 -4.80
C6 PCW Z . 14.63 47.55 -3.90
C7 PCW Z . 12.79 49.26 -3.78
C8 PCW Z . 12.57 48.26 -2.64
C11 PCW Z . 8.99 42.44 -6.45
C12 PCW Z . 7.73 42.65 -5.60
C13 PCW Z . 6.53 41.99 -6.27
C14 PCW Z . 5.25 42.21 -5.45
C15 PCW Z . 4.05 41.54 -6.13
C16 PCW Z . 3.86 42.06 -7.55
C17 PCW Z . 3.69 43.58 -7.57
C18 PCW Z . 2.45 44.01 -6.76
C19 PCW Z . 2.33 45.39 -6.76
C20 PCW Z . 1.09 45.99 -6.88
C21 PCW Z . -0.06 45.22 -7.03
C22 PCW Z . -0.91 45.26 -5.76
C23 PCW Z . -2.19 44.44 -5.94
C24 PCW Z . -3.02 44.44 -4.65
C25 PCW Z . -3.38 45.87 -4.23
C26 PCW Z . -4.19 45.88 -2.93
C27 PCW Z . -4.53 47.31 -2.50
C28 PCW Z . -3.27 48.14 -2.26
C31 PCW Z . 11.79 43.39 -4.68
C32 PCW Z . 12.43 43.61 -3.30
C33 PCW Z . 11.72 42.80 -2.19
C34 PCW Z . 11.86 41.29 -2.39
C35 PCW Z . 11.46 40.57 -1.11
C36 PCW Z . 11.63 39.05 -1.24
C37 PCW Z . 11.53 38.40 0.14
C38 PCW Z . 11.72 36.87 0.07
C39 PCW Z . 11.96 36.36 1.33
C40 PCW Z . 11.13 35.39 1.89
C41 PCW Z . 10.02 34.90 1.21
C42 PCW Z . 9.09 34.16 2.17
C43 PCW Z . 7.87 33.59 1.45
C44 PCW Z . 6.94 32.90 2.44
C45 PCW Z . 5.71 32.31 1.73
C46 PCW Z . 4.77 31.65 2.73
C47 PCW Z . 3.54 31.05 2.04
C48 PCW Z . 2.60 30.39 3.05
N PCW Z . 13.19 47.85 -3.90
O2 PCW Z . 12.59 43.00 -5.71
O3 PCW Z . 9.98 41.64 -5.98
O11 PCW Z . 9.10 43.00 -7.54
O31 PCW Z . 10.60 43.61 -4.86
O1P PCW Z . 14.05 46.43 -8.79
O2P PCW Z . 11.83 45.31 -9.36
O3P PCW Z . 13.62 44.07 -8.13
O4P PCW Z . 12.39 45.92 -6.97
P PCW Z . 12.95 45.49 -8.41
C1 PCW AA . 18.99 39.43 5.78
C2 PCW AA . 18.27 39.31 7.12
C3 PCW AA . 18.41 40.62 7.86
C4 PCW AA . 20.84 35.95 4.79
C5 PCW AA . 22.20 35.33 5.10
C6 PCW AA . 21.54 32.94 4.96
C7 PCW AA . 22.89 33.74 6.93
C8 PCW AA . 21.44 34.12 7.17
C11 PCW AA . 18.18 39.57 9.88
C12 PCW AA . 17.52 39.28 11.23
C13 PCW AA . 16.79 40.53 11.74
C14 PCW AA . 16.03 40.22 13.03
C15 PCW AA . 15.30 41.47 13.54
C16 PCW AA . 14.45 41.15 14.77
C17 PCW AA . 13.74 42.41 15.28
C18 PCW AA . 12.80 42.07 16.44
C19 PCW AA . 11.82 41.18 16.02
C20 PCW AA . 10.61 41.66 15.52
C21 PCW AA . 10.41 43.04 15.43
C22 PCW AA . 9.19 43.36 14.56
C23 PCW AA . 7.93 42.66 15.08
C24 PCW AA . 7.66 43.02 16.54
C25 PCW AA . 7.45 44.53 16.70
C26 PCW AA . 7.20 44.90 18.17
C27 PCW AA . 5.95 44.20 18.69
C28 PCW AA . 5.68 44.59 20.15
C31 PCW AA . 16.65 37.70 6.74
C32 PCW AA . 15.22 37.20 6.56
C33 PCW AA . 14.30 38.30 6.01
C34 PCW AA . 12.85 37.80 5.97
C35 PCW AA . 11.92 38.87 5.39
C36 PCW AA . 10.45 38.40 5.42
C37 PCW AA . 9.54 39.42 4.75
C38 PCW AA . 8.07 38.99 4.81
C39 PCW AA . 7.28 39.87 4.09
C40 PCW AA . 6.10 40.39 4.63
C41 PCW AA . 5.69 40.05 5.91
C42 PCW AA . 4.49 40.91 6.34
C43 PCW AA . 4.06 40.58 7.76
C44 PCW AA . 2.87 41.46 8.19
C45 PCW AA . 2.43 41.15 9.63
C46 PCW AA . 1.97 39.69 9.78
C47 PCW AA . 1.51 39.41 11.20
C48 PCW AA . 1.04 37.96 11.36
N PCW AA . 21.99 34.05 5.81
O2 PCW AA . 16.87 39.03 6.92
O3 PCW AA . 17.67 40.55 9.08
O11 PCW AA . 19.16 38.93 9.50
O31 PCW AA . 17.59 36.91 6.73
O1P PCW AA . 18.97 37.25 2.71
O2P PCW AA . 20.20 39.41 3.22
O3P PCW AA . 18.89 38.23 5.00
O4P PCW AA . 21.04 37.23 4.17
P PCW AA . 19.76 38.07 3.66
C1 PCW BA . 23.74 30.23 18.18
C2 PCW BA . 22.78 31.14 17.41
C3 PCW BA . 22.95 30.90 15.92
C4 PCW BA . 25.04 30.83 22.63
C5 PCW BA . 26.20 31.65 23.17
C6 PCW BA . 28.36 31.23 24.31
C7 PCW BA . 27.29 29.39 22.99
C8 PCW BA . 27.99 30.32 22.00
C11 PCW BA . 22.73 32.98 14.98
C12 PCW BA . 22.01 34.10 14.23
C13 PCW BA . 20.56 34.23 14.69
C14 PCW BA . 19.85 35.39 13.98
C15 PCW BA . 18.40 35.51 14.44
C16 PCW BA . 17.72 36.72 13.79
C17 PCW BA . 16.26 36.82 14.24
C18 PCW BA . 15.46 35.60 13.82
C19 PCW BA . 15.43 35.48 12.43
C20 PCW BA . 14.54 34.63 11.81
C21 PCW BA . 13.63 33.89 12.55
C22 PCW BA . 12.39 34.72 12.90
C23 PCW BA . 11.35 33.88 13.65
C24 PCW BA . 10.88 32.70 12.79
C25 PCW BA . 9.81 31.88 13.51
C26 PCW BA . 9.34 30.71 12.64
C27 PCW BA . 8.26 29.90 13.37
C28 PCW BA . 7.76 28.75 12.49
C31 PCW BA . 20.58 31.83 17.48
C32 PCW BA . 19.08 31.67 17.76
C33 PCW BA . 18.82 31.39 19.24
C34 PCW BA . 17.38 30.91 19.42
C35 PCW BA . 17.16 29.64 18.63
C36 PCW BA . 15.72 29.12 18.74
C37 PCW BA . 15.54 27.84 17.92
C38 PCW BA . 14.12 27.30 18.02
C39 PCW BA . 13.99 26.13 17.27
C40 PCW BA . 13.42 25.00 17.86
C41 PCW BA . 12.97 25.06 19.18
C42 PCW BA . 11.82 24.07 19.40
C43 PCW BA . 11.29 24.17 20.83
C44 PCW BA . 10.15 23.18 21.06
C45 PCW BA . 9.59 23.31 22.47
C46 PCW BA . 10.68 23.07 23.52
C47 PCW BA . 10.12 23.21 24.93
C48 PCW BA . 11.22 22.99 25.98
N PCW BA . 27.42 30.83 23.26
O2 PCW BA . 21.44 30.82 17.78
O3 PCW BA . 22.11 31.79 15.16
O11 PCW BA . 23.87 33.14 15.42
O31 PCW BA . 21.02 32.89 17.01
O1P PCW BA . 23.38 28.77 21.56
O2P PCW BA . 25.12 28.39 19.75
O3P PCW BA . 23.53 30.31 19.59
O4P PCW BA . 25.35 30.33 21.33
P PCW BA . 24.34 29.34 20.58
C1 PCW CA . 37.12 7.21 23.83
C2 PCW CA . 35.74 7.06 24.48
C3 PCW CA . 35.09 8.42 24.64
C4 PCW CA . 38.61 4.84 20.70
C5 PCW CA . 39.59 5.76 19.96
C6 PCW CA . 38.09 6.94 18.39
C7 PCW CA . 40.16 5.85 17.51
C8 PCW CA . 39.11 4.76 17.71
C11 PCW CA . 33.18 9.50 25.30
C12 PCW CA . 31.73 9.59 25.79
C13 PCW CA . 31.43 8.48 26.80
C14 PCW CA . 29.98 8.52 27.28
C15 PCW CA . 29.67 9.84 27.97
C16 PCW CA . 28.21 9.87 28.46
C17 PCW CA . 27.88 11.18 29.17
C18 PCW CA . 26.43 11.17 29.66
C19 PCW CA . 26.10 12.37 30.29
C20 PCW CA . 26.22 12.49 31.67
C21 PCW CA . 26.68 11.41 32.42
C22 PCW CA . 25.77 11.13 33.62
C23 PCW CA . 24.40 10.63 33.17
C24 PCW CA . 23.67 11.68 32.33
C25 PCW CA . 22.30 11.15 31.88
C26 PCW CA . 21.55 12.18 31.04
C27 PCW CA . 20.19 11.66 30.61
C28 PCW CA . 20.34 10.40 29.76
C31 PCW CA . 33.99 5.59 24.44
C32 PCW CA . 32.95 4.67 23.78
C33 PCW CA . 31.52 5.13 24.08
C34 PCW CA . 31.19 4.98 25.57
C35 PCW CA . 31.13 3.51 25.97
C36 PCW CA . 30.78 3.36 27.46
C37 PCW CA . 30.61 1.90 27.83
C38 PCW CA . 29.46 1.27 27.04
C39 PCW CA . 29.26 -0.06 27.38
C40 PCW CA . 28.47 -0.88 26.58
C41 PCW CA . 27.87 -0.37 25.43
C42 PCW CA . 26.35 -0.55 25.47
C43 PCW CA . 25.96 -2.02 25.58
C44 PCW CA . 24.44 -2.18 25.58
C45 PCW CA . 24.05 -3.65 25.70
C46 PCW CA . 22.53 -3.82 25.66
C47 PCW CA . 21.95 -3.30 24.35
C48 PCW CA . 20.43 -3.50 24.30
N PCW CA . 39.15 5.95 18.57
O2 PCW CA . 34.91 6.22 23.67
O3 PCW CA . 33.75 8.28 25.12
O11 PCW CA . 33.83 10.53 25.10
O31 PCW CA . 34.00 5.75 25.66
O1P PCW CA . 39.45 7.11 22.30
O2P PCW CA . 40.23 5.50 24.10
O3P PCW CA . 37.79 5.95 23.74
O4P PCW CA . 39.09 4.63 22.03
P PCW CA . 39.24 5.85 23.07
C1 PCW DA . 21.14 23.47 -21.11
C2 PCW DA . 19.93 24.38 -21.32
C3 PCW DA . 19.17 23.88 -22.53
C4 PCW DA . 22.82 26.94 -18.32
C5 PCW DA . 21.98 28.13 -17.87
C6 PCW DA . 23.28 27.86 -15.78
C7 PCW DA . 23.30 30.07 -16.96
C8 PCW DA . 22.00 29.98 -16.16
C11 PCW DA . 18.38 25.81 -23.45
C12 PCW DA . 17.30 26.81 -23.88
C13 PCW DA . 16.73 26.46 -25.26
C14 PCW DA . 15.71 27.52 -25.71
C15 PCW DA . 14.52 27.59 -24.75
C16 PCW DA . 13.71 26.31 -24.76
C17 PCW DA . 12.60 26.36 -23.71
C18 PCW DA . 11.76 25.08 -23.71
C19 PCW DA . 10.92 25.08 -22.59
C20 PCW DA . 9.60 24.65 -22.66
C21 PCW DA . 9.03 24.23 -23.85
C22 PCW DA . 7.76 23.42 -23.56
C23 PCW DA . 7.01 23.04 -24.83
C24 PCW DA . 5.75 22.24 -24.49
C25 PCW DA . 4.90 21.97 -25.74
C26 PCW DA . 5.67 21.14 -26.77
C27 PCW DA . 4.79 20.86 -27.99
C28 PCW DA . 5.56 20.03 -29.04
C31 PCW DA . 18.23 25.36 -20.06
C32 PCW DA . 17.24 25.37 -18.90
C33 PCW DA . 15.90 25.97 -19.32
C34 PCW DA . 15.30 25.24 -20.52
C35 PCW DA . 13.96 25.85 -20.91
C36 PCW DA . 12.91 25.65 -19.81
C37 PCW DA . 11.63 26.40 -20.13
C38 PCW DA . 10.54 26.12 -19.09
C39 PCW DA . 9.45 26.96 -19.29
C40 PCW DA . 8.22 26.46 -19.69
C41 PCW DA . 8.01 25.11 -19.92
C42 PCW DA . 6.54 24.87 -20.30
C43 PCW DA . 6.24 23.40 -20.57
C44 PCW DA . 4.77 23.21 -20.97
C45 PCW DA . 4.43 21.74 -21.20
C46 PCW DA . 2.97 21.59 -21.60
C47 PCW DA . 2.60 20.11 -21.81
C48 PCW DA . 1.14 19.95 -22.23
N PCW DA . 22.64 28.78 -16.72
O2 PCW DA . 19.10 24.31 -20.16
O3 PCW DA . 18.01 24.66 -22.83
O11 PCW DA . 19.56 26.06 -23.64
O31 PCW DA . 18.28 26.27 -20.87
O1P PCW DA . 24.21 24.80 -19.48
O2P PCW DA . 23.06 25.42 -21.66
O3P PCW DA . 21.95 23.88 -20.02
O4P PCW DA . 22.22 26.33 -19.48
P PCW DA . 22.97 25.12 -20.21
C1 PCW EA . 36.55 -3.94 0.42
C2 PCW EA . 35.42 -4.97 0.46
C3 PCW EA . 36.00 -6.31 0.04
C4 PCW EA . 38.02 -2.03 3.36
C5 PCW EA . 37.88 -1.59 4.82
C6 PCW EA . 38.26 -2.52 7.08
C7 PCW EA . 39.23 -3.69 5.08
C8 PCW EA . 40.14 -2.50 5.41
C11 PCW EA . 34.08 -7.11 -0.93
C12 PCW EA . 32.97 -8.13 -1.17
C13 PCW EA . 33.11 -9.31 -0.22
C14 PCW EA . 32.08 -10.40 -0.52
C15 PCW EA . 32.20 -11.55 0.46
C16 PCW EA . 31.20 -12.67 0.16
C17 PCW EA . 31.31 -13.78 1.19
C18 PCW EA . 32.72 -14.39 1.21
C19 PCW EA . 32.98 -15.08 0.03
C20 PCW EA . 33.35 -16.42 0.11
C21 PCW EA . 33.46 -17.02 1.35
C22 PCW EA . 34.63 -18.00 1.42
C23 PCW EA . 34.71 -18.65 2.81
C24 PCW EA . 33.41 -19.38 3.14
C25 PCW EA . 33.50 -20.06 4.51
C26 PCW EA . 32.19 -20.79 4.84
C27 PCW EA . 31.01 -19.83 4.84
C28 PCW EA . 29.70 -20.56 5.15
C31 PCW EA . 34.14 -3.98 2.07
C32 PCW EA . 33.51 -3.83 3.46
C33 PCW EA . 33.51 -5.13 4.24
C34 PCW EA . 34.92 -5.65 4.49
C35 PCW EA . 34.89 -6.87 5.42
C36 PCW EA . 36.29 -7.41 5.69
C37 PCW EA . 36.25 -8.53 6.73
C38 PCW EA . 37.64 -9.10 7.01
C39 PCW EA . 37.60 -10.00 8.07
C40 PCW EA . 38.01 -11.32 7.90
C41 PCW EA . 38.47 -11.77 6.67
C42 PCW EA . 38.69 -13.28 6.70
C43 PCW EA . 39.19 -13.81 5.35
C44 PCW EA . 39.38 -15.32 5.39
C45 PCW EA . 38.06 -16.02 5.71
C46 PCW EA . 38.25 -17.54 5.78
C47 PCW EA . 36.92 -18.23 6.10
C48 PCW EA . 37.10 -19.75 6.17
N PCW EA . 38.70 -2.46 5.67
O2 PCW EA . 34.90 -5.07 1.79
O3 PCW EA . 35.01 -7.35 0.02
O11 PCW EA . 34.14 -6.08 -1.60
O31 PCW EA . 33.94 -3.14 1.20
O1P PCW EA . 38.47 -1.95 0.49
O2P PCW EA . 36.63 -0.23 0.27
O3P PCW EA . 36.10 -2.63 0.79
O4P PCW EA . 37.20 -1.19 2.53
P PCW EA . 37.16 -1.43 0.94
C1 PCW FA . 22.98 19.86 -26.37
C2 PCW FA . 21.77 19.11 -26.96
C3 PCW FA . 20.62 20.08 -27.14
C4 PCW FA . 25.21 19.98 -23.32
C5 PCW FA . 25.00 21.12 -22.32
C6 PCW FA . 26.32 22.76 -21.03
C7 PCW FA . 27.39 21.58 -22.97
C8 PCW FA . 26.53 22.71 -23.54
C11 PCW FA . 18.98 18.51 -26.80
C12 PCW FA . 17.73 17.69 -27.17
C13 PCW FA . 18.08 16.23 -27.45
C14 PCW FA . 16.82 15.48 -27.90
C15 PCW FA . 15.74 15.56 -26.82
C16 PCW FA . 14.44 14.90 -27.28
C17 PCW FA . 14.63 13.41 -27.57
C18 PCW FA . 13.32 12.79 -28.05
C19 PCW FA . 13.45 11.42 -28.29
C20 PCW FA . 12.34 10.60 -28.26
C21 PCW FA . 11.09 11.14 -27.99
C22 PCW FA . 9.99 10.09 -28.11
C23 PCW FA . 8.61 10.70 -27.86
C24 PCW FA . 8.51 11.29 -26.46
C25 PCW FA . 8.66 10.22 -25.38
C26 PCW FA . 8.55 10.83 -23.98
C27 PCW FA . 8.65 9.77 -22.89
C28 PCW FA . 7.52 8.74 -23.01
C31 PCW FA . 22.57 19.51 -29.08
C32 PCW FA . 23.10 19.12 -30.46
C33 PCW FA . 22.00 19.10 -31.52
C34 PCW FA . 20.96 18.01 -31.23
C35 PCW FA . 20.00 17.87 -32.41
C36 PCW FA . 19.00 16.73 -32.17
C37 PCW FA . 18.16 16.47 -33.43
C38 PCW FA . 17.22 15.28 -33.21
C39 PCW FA . 16.55 14.96 -34.38
C40 PCW FA . 15.24 15.37 -34.57
C41 PCW FA . 14.58 16.10 -33.60
C42 PCW FA . 13.45 16.92 -34.21
C43 PCW FA . 12.78 17.79 -33.14
C44 PCW FA . 11.64 18.62 -33.73
C45 PCW FA . 11.01 19.52 -32.67
C46 PCW FA . 12.06 20.45 -32.06
C47 PCW FA . 11.44 21.35 -30.98
C48 PCW FA . 12.50 22.25 -30.34
N PCW FA . 26.16 22.02 -22.28
O2 PCW FA . 22.16 18.53 -28.22
O3 PCW FA . 19.47 19.41 -27.69
O11 PCW FA . 19.53 18.35 -25.72
O31 PCW FA . 22.51 20.70 -28.74
O1P PCW FA . 26.40 18.42 -25.46
O2P PCW FA . 25.97 20.34 -27.07
O3P PCW FA . 24.08 18.97 -26.15
O4P PCW FA . 25.32 20.53 -24.63
P PCW FA . 25.55 19.55 -25.89
C1 PCW GA . 17.82 35.08 -18.81
C2 PCW GA . 16.29 34.98 -18.96
C3 PCW GA . 15.59 36.01 -18.08
C4 PCW GA . 18.91 37.50 -16.89
C5 PCW GA . 19.10 38.57 -15.82
C6 PCW GA . 19.38 40.12 -17.74
C7 PCW GA . 17.62 40.59 -16.02
C8 PCW GA . 18.96 41.05 -15.45
C11 PCW GA . 13.59 36.14 -19.21
C12 PCW GA . 12.11 35.86 -19.44
C13 PCW GA . 11.83 35.48 -20.89
C14 PCW GA . 10.39 35.00 -21.07
C15 PCW GA . 10.12 34.59 -22.52
C16 PCW GA . 8.75 33.93 -22.65
C17 PCW GA . 8.68 32.66 -21.80
C18 PCW GA . 7.31 31.97 -21.93
C19 PCW GA . 7.29 30.80 -21.17
C20 PCW GA . 6.34 29.82 -21.43
C21 PCW GA . 5.40 29.99 -22.43
C22 PCW GA . 4.26 28.99 -22.29
C23 PCW GA . 3.22 29.17 -23.39
C24 PCW GA . 2.10 28.13 -23.26
C25 PCW GA . 1.04 28.32 -24.36
C26 PCW GA . -0.07 27.27 -24.23
C27 PCW GA . -1.12 27.46 -25.34
C28 PCW GA . -1.78 28.83 -25.24
C31 PCW GA . 16.48 34.14 -21.08
C32 PCW GA . 16.28 34.14 -22.60
C33 PCW GA . 14.80 34.03 -22.95
C34 PCW GA . 14.59 34.13 -24.47
C35 PCW GA . 13.11 33.96 -24.84
C36 PCW GA . 12.90 34.15 -26.33
C37 PCW GA . 11.45 33.91 -26.72
C38 PCW GA . 11.23 34.10 -28.23
C39 PCW GA . 9.92 33.80 -28.58
C40 PCW GA . 9.59 32.51 -28.95
C41 PCW GA . 10.57 31.52 -28.96
C42 PCW GA . 10.20 30.37 -28.01
C43 PCW GA . 11.31 29.33 -27.97
C44 PCW GA . 10.93 28.14 -27.07
C45 PCW GA . 9.75 27.35 -27.64
C46 PCW GA . 8.50 28.23 -27.76
C47 PCW GA . 7.32 27.43 -28.32
C48 PCW GA . 6.09 28.32 -28.48
N PCW GA . 18.87 39.91 -16.38
O2 PCW GA . 15.94 35.15 -20.34
O3 PCW GA . 14.18 35.72 -18.07
O11 PCW GA . 14.24 36.79 -20.05
O31 PCW GA . 17.12 33.25 -20.52
O1P PCW GA . 20.57 35.42 -18.78
O2P PCW GA . 20.34 37.36 -20.40
O3P PCW GA . 18.31 36.31 -19.34
O4P PCW GA . 19.86 37.69 -17.95
P PCW GA . 19.88 36.66 -19.18
C1 PCW HA . 19.82 39.23 19.46
C2 PCW HA . 19.57 37.82 19.99
C3 PCW HA . 19.51 37.85 21.51
C4 PCW HA . 22.85 36.66 19.61
C5 PCW HA . 23.98 36.71 18.59
C6 PCW HA . 23.85 34.23 18.66
C7 PCW HA . 23.54 35.43 16.47
C8 PCW HA . 25.03 35.35 16.75
C11 PCW HA . 18.76 36.74 23.36
C12 PCW HA . 18.04 35.62 24.12
C13 PCW HA . 17.32 34.70 23.13
C14 PCW HA . 16.36 33.76 23.86
C15 PCW HA . 15.69 32.79 22.88
C16 PCW HA . 14.56 32.01 23.55
C17 PCW HA . 13.43 32.96 23.98
C18 PCW HA . 12.28 32.17 24.60
C19 PCW HA . 11.23 33.02 24.95
C20 PCW HA . 9.91 32.63 24.74
C21 PCW HA . 9.64 31.39 24.18
C22 PCW HA . 9.01 31.55 22.78
C23 PCW HA . 7.68 32.31 22.86
C24 PCW HA . 6.66 31.56 23.70
C25 PCW HA . 5.33 32.32 23.76
C26 PCW HA . 4.29 31.55 24.59
C27 PCW HA . 4.77 31.36 26.03
C28 PCW HA . 3.73 30.60 26.86
C31 PCW HA . 18.21 36.01 19.57
C32 PCW HA . 16.93 35.29 19.15
C33 PCW HA . 15.90 36.27 18.57
C34 PCW HA . 14.61 35.52 18.22
C35 PCW HA . 14.86 34.42 17.20
C36 PCW HA . 13.60 33.63 16.90
C37 PCW HA . 13.87 32.54 15.86
C38 PCW HA . 12.61 31.72 15.56
C39 PCW HA . 12.87 30.75 14.60
C40 PCW HA . 12.17 29.55 14.60
C41 PCW HA . 11.21 29.30 15.57
C42 PCW HA . 10.86 27.81 15.62
C43 PCW HA . 9.81 27.53 16.70
C44 PCW HA . 9.46 26.04 16.75
C45 PCW HA . 8.41 25.75 17.82
C46 PCW HA . 8.08 24.26 17.87
C47 PCW HA . 7.03 23.96 18.94
C48 PCW HA . 6.73 22.46 18.98
N PCW HA . 24.05 35.44 17.84
O2 PCW HA . 18.29 37.37 19.49
O3 PCW HA . 18.91 36.65 22.02
O11 PCW HA . 19.18 37.73 23.96
O31 PCW HA . 19.18 35.38 19.98
O1P PCW HA . 22.25 38.88 17.97
O2P PCW HA . 23.48 40.27 19.70
O3P PCW HA . 21.04 39.78 19.96
O4P PCW HA . 22.73 37.93 20.26
P PCW HA . 22.46 39.25 19.39
C1 PCW IA . 30.11 4.20 -4.36
C2 PCW IA . 29.79 2.80 -3.86
C3 PCW IA . 29.67 1.81 -5.01
C4 PCW IA . 33.56 2.33 -6.40
C5 PCW IA . 33.78 0.86 -6.76
C6 PCW IA . 33.64 1.74 -9.08
C7 PCW IA . 35.63 0.38 -8.39
C8 PCW IA . 34.49 -0.59 -8.69
C11 PCW IA . 29.27 -0.41 -5.48
C12 PCW IA . 28.97 -1.85 -5.10
C13 PCW IA . 30.25 -2.64 -4.84
C14 PCW IA . 29.95 -4.00 -4.18
C15 PCW IA . 29.07 -4.89 -5.05
C16 PCW IA . 28.74 -6.19 -4.31
C17 PCW IA . 27.88 -7.13 -5.15
C18 PCW IA . 27.55 -8.41 -4.37
C19 PCW IA . 26.83 -9.31 -5.15
C20 PCW IA . 25.45 -9.43 -5.00
C21 PCW IA . 24.76 -8.65 -4.07
C22 PCW IA . 23.97 -7.55 -4.77
C23 PCW IA . 22.93 -8.12 -5.74
C24 PCW IA . 21.88 -8.94 -5.00
C25 PCW IA . 21.09 -8.08 -4.01
C26 PCW IA . 19.98 -8.89 -3.33
C27 PCW IA . 19.19 -8.00 -2.36
C28 PCW IA . 18.06 -8.80 -1.69
C31 PCW IA . 30.37 1.38 -2.15
C32 PCW IA . 31.33 0.74 -1.14
C33 PCW IA . 31.54 1.68 0.06
C34 PCW IA . 30.25 1.77 0.89
C35 PCW IA . 29.96 0.45 1.58
C36 PCW IA . 28.73 0.54 2.48
C37 PCW IA . 28.53 -0.77 3.26
C38 PCW IA . 27.33 -0.70 4.20
C39 PCW IA . 27.26 -1.85 4.98
C40 PCW IA . 26.22 -2.05 5.89
C41 PCW IA . 25.23 -1.10 6.05
C42 PCW IA . 24.00 -1.73 6.74
C43 PCW IA . 22.88 -0.71 6.92
C44 PCW IA . 21.67 -1.37 7.57
C45 PCW IA . 20.52 -0.37 7.76
C46 PCW IA . 19.29 -1.05 8.37
C47 PCW IA . 18.12 -0.08 8.52
C48 PCW IA . 16.91 -0.77 9.12
N PCW IA . 34.22 0.76 -8.16
O2 PCW IA . 30.83 2.35 -2.97
O3 PCW IA . 29.36 0.52 -4.48
O11 PCW IA . 29.45 -0.08 -6.64
O31 PCW IA . 29.20 1.03 -2.21
O1P PCW IA . 33.74 4.86 -4.93
O2P PCW IA . 32.56 3.76 -2.97
O3P PCW IA . 31.33 4.24 -5.12
O4P PCW IA . 33.07 2.43 -5.06
P PCW IA . 32.74 3.88 -4.44
C1 PCW JA . 33.59 -3.86 -20.97
C2 PCW JA . 32.20 -3.66 -20.37
C3 PCW JA . 31.39 -4.94 -20.59
C4 PCW JA . 31.69 -1.09 -22.22
C5 PCW JA . 30.19 -0.82 -22.04
C6 PCW JA . 28.77 0.37 -20.39
C7 PCW JA . 31.22 0.91 -20.53
C8 PCW JA . 30.52 1.65 -21.66
C11 PCW JA . 29.34 -3.98 -20.81
C12 PCW JA . 27.89 -3.68 -20.43
C13 PCW JA . 26.94 -4.68 -21.11
C14 PCW JA . 25.48 -4.37 -20.83
C15 PCW JA . 24.57 -5.38 -21.55
C16 PCW JA . 24.71 -6.77 -20.93
C17 PCW JA . 23.95 -6.86 -19.61
C18 PCW JA . 22.44 -6.87 -19.86
C19 PCW JA . 22.10 -7.94 -20.69
C20 PCW JA . 20.78 -8.28 -20.93
C21 PCW JA . 19.72 -7.59 -20.37
C22 PCW JA . 18.79 -8.54 -19.62
C23 PCW JA . 17.51 -7.84 -19.16
C24 PCW JA . 16.70 -7.37 -20.37
C25 PCW JA . 15.39 -6.69 -19.95
C26 PCW JA . 14.46 -7.64 -19.19
C27 PCW JA . 15.09 -8.12 -17.89
C28 PCW JA . 14.13 -9.05 -17.14
C31 PCW JA . 32.94 -2.27 -18.69
C32 PCW JA . 33.18 -1.84 -17.23
C33 PCW JA . 31.89 -1.32 -16.60
C34 PCW JA . 32.13 -0.73 -15.22
C35 PCW JA . 32.70 -1.77 -14.24
C36 PCW JA . 32.98 -1.13 -12.88
C37 PCW JA . 33.51 -2.14 -11.87
C38 PCW JA . 32.49 -3.25 -11.60
C39 PCW JA . 32.96 -4.13 -10.63
C40 PCW JA . 32.63 -5.48 -10.70
C41 PCW JA . 31.84 -5.95 -11.74
C42 PCW JA . 31.36 -7.39 -11.48
C43 PCW JA . 30.49 -7.46 -10.23
C44 PCW JA . 29.95 -8.88 -10.02
C45 PCW JA . 29.06 -8.94 -8.77
C46 PCW JA . 28.48 -10.34 -8.59
C47 PCW JA . 27.64 -10.76 -9.80
C48 PCW JA . 27.07 -12.17 -9.61
N PCW JA . 30.02 0.36 -21.17
O2 PCW JA . 32.29 -3.43 -18.95
O3 PCW JA . 30.08 -4.81 -20.04
O11 PCW JA . 29.83 -3.49 -21.82
O31 PCW JA . 33.35 -1.56 -19.61
O1P PCW JA . 34.35 -1.76 -22.96
O2P PCW JA . 33.39 -3.27 -24.76
O3P PCW JA . 33.52 -4.04 -22.38
O4P PCW JA . 31.87 -2.25 -23.05
P PCW JA . 33.35 -2.78 -23.37
C1 PCW KA . 36.31 0.53 8.36
C2 PCW KA . 34.83 0.16 8.21
C3 PCW KA . 34.64 -0.40 6.82
C4 PCW KA . 37.90 4.22 10.16
C5 PCW KA . 37.86 5.48 9.30
C6 PCW KA . 36.90 6.42 11.38
C7 PCW KA . 38.79 7.63 10.23
C8 PCW KA . 37.49 7.96 9.48
C11 PCW KA . 33.06 -1.06 5.30
C12 PCW KA . 31.67 -1.50 4.83
C13 PCW KA . 31.24 -2.82 5.50
C14 PCW KA . 29.84 -3.20 5.04
C15 PCW KA . 29.37 -4.50 5.69
C16 PCW KA . 27.95 -4.83 5.24
C17 PCW KA . 27.45 -6.13 5.87
C18 PCW KA . 26.02 -6.44 5.44
C19 PCW KA . 25.56 -7.63 5.98
C20 PCW KA . 24.42 -8.23 5.46
C21 PCW KA . 23.77 -7.64 4.39
C22 PCW KA . 22.50 -6.93 4.86
C23 PCW KA . 21.79 -6.26 3.69
C24 PCW KA . 20.50 -5.56 4.14
C25 PCW KA . 19.49 -6.59 4.69
C26 PCW KA . 19.09 -7.59 3.61
C27 PCW KA . 18.44 -6.89 2.42
C28 PCW KA . 18.05 -7.89 1.33
C31 PCW KA . 34.11 -0.19 10.35
C32 PCW KA . 33.69 -1.03 11.55
C33 PCW KA . 32.72 -0.26 12.45
C34 PCW KA . 32.35 -1.07 13.69
C35 PCW KA . 31.59 -2.34 13.32
C36 PCW KA . 30.25 -2.03 12.67
C37 PCW KA . 29.44 -3.31 12.39
C38 PCW KA . 28.08 -2.98 11.80
C39 PCW KA . 27.32 -4.13 11.61
C40 PCW KA . 25.96 -4.03 11.37
C41 PCW KA . 25.34 -2.79 11.30
C42 PCW KA . 24.01 -2.87 10.55
C43 PCW KA . 23.02 -3.78 11.29
C44 PCW KA . 21.68 -3.85 10.55
C45 PCW KA . 20.69 -4.75 11.29
C46 PCW KA . 19.36 -4.83 10.56
C47 PCW KA . 19.54 -5.42 9.15
C48 PCW KA . 18.20 -5.49 8.41
N PCW KA . 37.67 6.67 10.15
O2 PCW KA . 34.45 -0.82 9.18
O3 PCW KA . 33.26 -0.78 6.62
O11 PCW KA . 33.98 -0.93 4.50
O31 PCW KA . 34.15 1.03 10.42
O1P PCW KA . 38.24 1.69 11.42
O2P PCW KA . 39.03 0.75 9.20
O3P PCW KA . 36.59 1.08 9.65
O4P PCW KA . 38.09 3.08 9.32
P PCW KA . 38.09 1.60 9.96
C1 PCW LA . 22.09 24.41 -27.45
C2 PCW LA . 20.90 23.48 -27.28
C3 PCW LA . 20.79 22.97 -25.86
C4 PCW LA . 23.76 27.46 -24.55
C5 PCW LA . 23.71 28.61 -23.54
C6 PCW LA . 22.07 27.81 -21.85
C7 PCW LA . 21.75 30.06 -22.93
C8 PCW LA . 21.25 29.00 -23.91
C11 PCW LA . 19.36 21.69 -24.56
C12 PCW LA . 18.02 21.01 -24.27
C13 PCW LA . 16.90 21.98 -24.63
C14 PCW LA . 15.50 21.35 -24.57
C15 PCW LA . 14.46 22.38 -24.98
C16 PCW LA . 14.81 22.97 -26.34
C17 PCW LA . 14.01 24.24 -26.64
C18 PCW LA . 14.44 24.88 -27.96
C19 PCW LA . 13.87 26.12 -28.13
C20 PCW LA . 12.84 26.32 -29.06
C21 PCW LA . 12.38 25.26 -29.84
C22 PCW LA . 11.07 25.63 -30.53
C23 PCW LA . 10.54 24.47 -31.36
C24 PCW LA . 9.22 24.85 -32.03
C25 PCW LA . 8.67 23.69 -32.87
C26 PCW LA . 7.34 24.08 -33.53
C27 PCW LA . 6.33 24.53 -32.48
C28 PCW LA . 4.99 24.89 -33.12
C31 PCW LA . 19.68 24.51 -28.94
C32 PCW LA . 18.47 25.24 -29.52
C33 PCW LA . 17.41 24.25 -30.02
C34 PCW LA . 17.99 23.33 -31.09
C35 PCW LA . 16.96 22.31 -31.57
C36 PCW LA . 16.50 21.40 -30.43
C37 PCW LA . 15.54 20.32 -30.96
C38 PCW LA . 15.04 19.41 -29.84
C39 PCW LA . 14.23 18.41 -30.34
C40 PCW LA . 13.32 17.76 -29.53
C41 PCW LA . 13.19 18.12 -28.19
C42 PCW LA . 11.90 17.52 -27.61
C43 PCW LA . 11.76 17.87 -26.12
C44 PCW LA . 10.49 17.25 -25.54
C45 PCW LA . 10.36 17.55 -24.05
C46 PCW LA . 10.26 19.06 -23.79
C47 PCW LA . 10.12 19.36 -22.31
C48 PCW LA . 10.04 20.87 -22.06
N PCW LA . 22.35 28.72 -22.98
O2 PCW LA . 19.69 24.18 -27.62
O3 PCW LA . 19.51 22.33 -25.75
O11 PCW LA . 20.29 21.63 -23.76
O31 PCW LA . 20.63 24.21 -29.65
O1P PCW LA . 24.27 26.31 -27.12
O2P PCW LA . 22.35 27.67 -28.08
O3P PCW LA . 21.91 25.63 -26.71
O4P PCW LA . 22.83 27.71 -25.61
P PCW LA . 22.91 26.86 -26.97
C1 PCW MA . 28.49 26.08 26.87
C2 PCW MA . 27.04 26.43 27.24
C3 PCW MA . 26.61 27.66 26.46
C4 PCW MA . 30.61 25.55 30.22
C5 PCW MA . 31.07 26.74 31.05
C6 PCW MA . 31.14 29.22 30.94
C7 PCW MA . 29.76 27.93 29.26
C8 PCW MA . 28.97 28.01 30.57
C11 PCW MA . 25.06 29.35 26.47
C12 PCW MA . 23.81 30.08 26.98
C13 PCW MA . 22.86 29.09 27.66
C14 PCW MA . 21.75 29.82 28.43
C15 PCW MA . 20.82 28.81 29.12
C16 PCW MA . 19.81 29.53 30.02
C17 PCW MA . 20.53 30.29 31.13
C18 PCW MA . 19.53 31.02 32.03
C19 PCW MA . 18.83 32.00 31.33
C20 PCW MA . 17.47 32.16 31.55
C21 PCW MA . 16.80 31.35 32.46
C22 PCW MA . 15.92 32.18 33.39
C23 PCW MA . 14.89 32.97 32.59
C24 PCW MA . 13.98 33.79 33.50
C25 PCW MA . 12.95 34.57 32.67
C26 PCW MA . 12.08 33.63 31.84
C27 PCW MA . 11.05 34.43 31.03
C28 PCW MA . 10.13 33.49 30.23
C31 PCW MA . 26.28 24.39 27.95
C32 PCW MA . 25.44 23.10 27.84
C33 PCW MA . 25.20 22.49 29.22
C34 PCW MA . 24.35 23.41 30.09
C35 PCW MA . 24.00 22.75 31.42
C36 PCW MA . 23.13 23.68 32.28
C37 PCW MA . 22.72 22.99 33.59
C38 PCW MA . 21.84 23.90 34.43
C39 PCW MA . 21.45 23.28 35.61
C40 PCW MA . 20.39 22.37 35.61
C41 PCW MA . 19.71 22.07 34.44
C42 PCW MA . 18.38 22.83 34.37
C43 PCW MA . 17.65 22.50 33.07
C44 PCW MA . 16.30 23.24 33.00
C45 PCW MA . 15.57 22.91 31.69
C46 PCW MA . 14.21 23.61 31.64
C47 PCW MA . 13.32 23.19 32.81
C48 PCW MA . 11.97 23.90 32.75
N PCW MA . 30.43 27.97 30.57
O2 PCW MA . 26.16 25.33 26.98
O3 PCW MA . 25.36 28.14 26.99
O11 PCW MA . 25.77 29.86 25.62
O31 PCW MA . 27.03 24.56 28.90
O1P PCW MA . 30.70 23.29 28.26
O2P PCW MA . 31.18 25.01 26.45
O3P PCW MA . 28.96 24.97 27.63
O4P PCW MA . 31.00 25.73 28.86
P PCW MA . 30.54 24.67 27.73
C1 PCW NA . 30.78 20.79 21.80
C2 PCW NA . 30.56 19.47 21.06
C3 PCW NA . 31.67 19.27 20.04
C4 PCW NA . 31.06 20.07 25.98
C5 PCW NA . 30.72 21.04 27.12
C6 PCW NA . 32.92 21.75 28.03
C7 PCW NA . 31.19 20.78 29.57
C8 PCW NA . 31.85 19.61 28.85
C11 PCW NA . 31.79 16.96 19.88
C12 PCW NA . 31.56 15.62 19.19
C13 PCW NA . 32.73 15.26 18.27
C14 PCW NA . 32.35 14.13 17.31
C15 PCW NA . 33.50 13.84 16.35
C16 PCW NA . 34.64 13.09 17.02
C17 PCW NA . 34.32 11.59 17.12
C18 PCW NA . 32.98 11.36 17.82
C19 PCW NA . 32.65 10.02 17.83
C20 PCW NA . 31.33 9.61 17.68
C21 PCW NA . 30.32 10.56 17.51
C22 PCW NA . 29.03 10.11 18.19
C23 PCW NA . 28.48 8.83 17.56
C24 PCW NA . 27.17 8.41 18.24
C25 PCW NA . 26.58 7.16 17.59
C26 PCW NA . 27.54 5.97 17.71
C27 PCW NA . 26.94 4.73 17.05
C28 PCW NA . 27.89 3.53 17.17
C31 PCW NA . 29.48 18.39 22.80
C32 PCW NA . 29.36 17.35 23.91
C33 PCW NA . 27.91 17.13 24.31
C34 PCW NA . 27.08 16.64 23.13
C35 PCW NA . 25.69 16.20 23.59
C36 PCW NA . 25.80 15.02 24.56
C37 PCW NA . 24.43 14.56 25.05
C38 PCW NA . 23.73 15.67 25.85
C39 PCW NA . 22.52 15.21 26.36
C40 PCW NA . 21.39 15.15 25.56
C41 PCW NA . 21.44 15.52 24.22
C42 PCW NA . 20.34 14.82 23.41
C43 PCW NA . 20.54 13.30 23.41
C44 PCW NA . 19.46 12.61 22.58
C45 PCW NA . 19.46 13.13 21.14
C46 PCW NA . 20.80 12.89 20.46
C47 PCW NA . 20.82 13.42 19.02
C48 PCW NA . 22.17 13.17 18.35
N PCW NA . 31.71 20.93 28.21
O2 PCW NA . 30.58 18.38 21.99
O3 PCW NA . 31.39 18.10 19.25
O11 PCW NA . 32.35 17.02 20.97
O31 PCW NA . 28.60 19.23 22.61
O1P PCW NA . 31.21 22.32 24.19
O2P PCW NA . 28.71 22.29 24.64
O3P PCW NA . 29.67 21.11 22.65
O4P PCW NA . 30.09 20.20 24.95
P PCW NA . 29.92 21.60 24.16
C1 PCW OA . 25.31 26.08 -10.88
C2 PCW OA . 24.87 24.67 -11.25
C3 PCW OA . 24.27 24.01 -10.02
C4 PCW OA . 28.53 28.53 -10.57
C5 PCW OA . 29.87 27.82 -10.41
C6 PCW OA . 31.92 27.93 -9.02
C7 PCW OA . 29.93 29.33 -8.39
C8 PCW OA . 29.67 27.90 -7.90
C11 PCW OA . 22.82 22.36 -9.40
C12 PCW OA . 21.96 21.10 -9.60
C13 PCW OA . 20.49 21.46 -9.84
C14 PCW OA . 19.64 20.21 -10.03
C15 PCW OA . 18.17 20.58 -10.25
C16 PCW OA . 17.32 19.32 -10.42
C17 PCW OA . 17.47 18.39 -9.20
C18 PCW OA . 17.05 19.09 -7.91
C19 PCW OA . 15.69 19.42 -7.94
C20 PCW OA . 14.81 18.75 -7.10
C21 PCW OA . 15.29 17.75 -6.25
C22 PCW OA . 15.25 16.39 -6.93
C23 PCW OA . 13.80 15.97 -7.23
C24 PCW OA . 13.76 14.65 -8.00
C25 PCW OA . 14.46 13.52 -7.24
C26 PCW OA . 14.39 12.21 -8.01
C27 PCW OA . 15.04 12.36 -9.39
C28 PCW OA . 14.95 11.04 -10.17
C31 PCW OA . 24.23 25.00 -13.47
C32 PCW OA . 23.19 25.07 -14.59
C33 PCW OA . 23.23 23.80 -15.46
C34 PCW OA . 21.93 23.64 -16.24
C35 PCW OA . 20.76 23.37 -15.29
C36 PCW OA . 20.56 24.54 -14.32
C37 PCW OA . 19.64 24.15 -13.17
C38 PCW OA . 19.45 25.32 -12.21
C39 PCW OA . 18.83 24.91 -11.03
C40 PCW OA . 17.55 25.35 -10.71
C41 PCW OA . 16.85 26.21 -11.55
C42 PCW OA . 15.35 26.00 -11.39
C43 PCW OA . 14.55 26.92 -12.33
C44 PCW OA . 13.06 26.68 -12.18
C45 PCW OA . 12.25 27.57 -13.12
C46 PCW OA . 10.75 27.32 -12.96
C47 PCW OA . 9.95 28.23 -13.91
C48 PCW OA . 8.44 27.99 -13.74
N PCW OA . 30.48 28.16 -9.10
O2 PCW OA . 23.79 24.74 -12.22
O3 PCW OA . 23.61 22.80 -10.42
O11 PCW OA . 22.79 22.97 -8.34
O31 PCW OA . 25.42 25.17 -13.70
O1P PCW OA . 28.06 25.80 -11.11
O2P PCW OA . 27.84 26.39 -13.58
O3P PCW OA . 25.93 26.75 -11.99
O4P PCW OA . 27.97 28.20 -11.84
P PCW OA . 27.52 26.69 -12.16
C1 PCW PA . 21.90 38.09 -12.52
C2 PCW PA . 21.52 36.60 -12.36
C3 PCW PA . 22.23 36.06 -11.13
C4 PCW PA . 22.29 36.62 -15.89
C5 PCW PA . 23.18 35.39 -16.04
C6 PCW PA . 21.00 34.23 -16.23
C7 PCW PA . 22.70 33.95 -18.05
C8 PCW PA . 23.09 33.02 -16.90
C11 PCW PA . 22.12 33.89 -11.89
C12 PCW PA . 21.74 32.40 -11.78
C13 PCW PA . 22.49 31.58 -12.84
C14 PCW PA . 22.19 30.08 -12.66
C15 PCW PA . 22.61 29.60 -11.28
C16 PCW PA . 22.38 28.09 -11.14
C17 PCW PA . 20.91 27.72 -11.30
C18 PCW PA . 20.04 28.32 -10.19
C19 PCW PA . 20.04 29.70 -10.23
C20 PCW PA . 18.95 30.40 -9.73
C21 PCW PA . 17.87 29.70 -9.18
C22 PCW PA . 17.07 30.59 -8.23
C23 PCW PA . 15.90 29.82 -7.60
C24 PCW PA . 14.94 29.30 -8.67
C25 PCW PA . 13.79 28.53 -8.05
C26 PCW PA . 12.84 28.00 -9.13
C27 PCW PA . 11.68 27.22 -8.51
C28 PCW PA . 10.70 26.72 -9.58
C31 PCW PA . 19.40 36.52 -13.30
C32 PCW PA . 17.88 36.41 -13.24
C33 PCW PA . 17.42 34.96 -13.37
C34 PCW PA . 16.11 34.75 -12.62
C35 PCW PA . 16.33 35.01 -11.12
C36 PCW PA . 15.06 34.80 -10.30
C37 PCW PA . 15.37 35.01 -8.82
C38 PCW PA . 14.14 34.80 -7.93
C39 PCW PA . 14.49 34.97 -6.59
C40 PCW PA . 13.53 35.18 -5.62
C41 PCW PA . 12.18 35.23 -5.93
C42 PCW PA . 11.44 34.04 -5.32
C43 PCW PA . 9.94 34.14 -5.58
C44 PCW PA . 9.21 32.91 -5.01
C45 PCW PA . 9.50 32.76 -3.51
C46 PCW PA . 8.84 31.50 -2.96
C47 PCW PA . 9.18 31.31 -1.48
C48 PCW PA . 8.51 30.05 -0.91
N PCW PA . 22.40 34.30 -16.65
O2 PCW PA . 20.10 36.50 -12.14
O3 PCW PA . 21.80 34.72 -10.86
O11 PCW PA . 22.69 34.32 -12.88
O31 PCW PA . 19.98 36.61 -14.38
O1P PCW PA . 21.48 39.51 -16.06
O2P PCW PA . 23.33 40.02 -14.38
O3P PCW PA . 21.34 38.64 -13.71
O4P PCW PA . 23.04 37.68 -15.28
P PCW PA . 22.32 39.07 -14.91
C1 PCW QA . 22.55 39.61 -9.45
C2 PCW QA . 21.21 39.44 -8.75
C3 PCW QA . 21.01 37.98 -8.35
C4 PCW QA . 23.91 38.56 -5.28
C5 PCW QA . 22.97 38.06 -4.18
C6 PCW QA . 24.61 36.22 -4.03
C7 PCW QA . 24.02 37.52 -1.97
C8 PCW QA . 22.90 36.50 -2.21
C11 PCW QA . 19.65 36.56 -7.18
C12 PCW QA . 18.42 36.16 -6.36
C13 PCW QA . 18.85 35.41 -5.11
C14 PCW QA . 17.65 34.99 -4.25
C15 PCW QA . 18.14 34.22 -3.01
C16 PCW QA . 18.86 32.94 -3.44
C17 PCW QA . 19.60 32.31 -2.24
C18 PCW QA . 20.69 33.25 -1.73
C19 PCW QA . 21.39 32.70 -0.67
C20 PCW QA . 21.74 33.49 0.40
C21 PCW QA . 21.39 34.84 0.41
C22 PCW QA . 20.60 35.20 1.67
C23 PCW QA . 19.38 34.27 1.82
C24 PCW QA . 18.57 34.64 3.06
C25 PCW QA . 17.41 33.65 3.27
C26 PCW QA . 17.92 32.26 3.63
C27 PCW QA . 18.77 31.67 2.50
C28 PCW QA . 19.31 30.29 2.89
C31 PCW QA . 19.85 40.48 -7.23
C32 PCW QA . 19.51 41.31 -5.99
C33 PCW QA . 17.99 41.37 -5.81
C34 PCW QA . 17.42 39.97 -5.58
C35 PCW QA . 15.90 39.96 -5.79
C36 PCW QA . 15.59 40.32 -7.25
C37 PCW QA . 14.09 40.36 -7.54
C38 PCW QA . 13.41 38.99 -7.34
C39 PCW QA . 12.16 39.00 -7.94
C40 PCW QA . 11.02 38.53 -7.31
C41 PCW QA . 11.05 38.02 -6.01
C42 PCW QA . 9.83 38.50 -5.23
C43 PCW QA . 9.64 37.73 -3.92
C44 PCW QA . 8.44 38.26 -3.15
C45 PCW QA . 8.11 37.39 -1.94
C46 PCW QA . 7.70 35.98 -2.38
C47 PCW QA . 7.35 35.12 -1.17
C48 PCW QA . 6.91 33.72 -1.61
N PCW QA . 23.67 37.09 -3.33
O2 PCW QA . 21.16 40.26 -7.57
O3 PCW QA . 19.76 37.83 -7.65
O11 PCW QA . 20.54 35.75 -7.40
O31 PCW QA . 18.96 40.06 -7.97
O1P PCW QA . 25.45 40.12 -7.09
O2P PCW QA . 23.40 41.54 -7.55
O3P PCW QA . 23.64 39.27 -8.59
O4P PCW QA . 23.21 39.48 -6.12
P PCW QA . 23.98 40.20 -7.33
C1 PCW RA . 39.91 -6.12 10.47
C2 PCW RA . 38.75 -5.15 10.76
C3 PCW RA . 37.89 -5.00 9.51
C4 PCW RA . 40.23 -2.54 10.98
C5 PCW RA . 39.05 -1.57 10.87
C6 PCW RA . 37.41 -0.56 12.42
C7 PCW RA . 39.59 -1.43 13.31
C8 PCW RA . 39.85 -0.04 12.71
C11 PCW RA . 35.80 -4.36 8.81
C12 PCW RA . 34.37 -3.83 9.02
C13 PCW RA . 33.40 -4.34 7.94
C14 PCW RA . 31.96 -3.99 8.31
C15 PCW RA . 31.81 -2.49 8.57
C16 PCW RA . 30.38 -2.15 8.99
C17 PCW RA . 30.26 -0.67 9.31
C18 PCW RA . 28.84 -0.29 9.76
C19 PCW RA . 28.81 1.05 10.12
C20 PCW RA . 27.65 1.64 10.64
C21 PCW RA . 26.49 0.90 10.84
C22 PCW RA . 25.68 0.76 9.55
C23 PCW RA . 24.27 0.24 9.84
C24 PCW RA . 23.47 1.26 10.67
C25 PCW RA . 22.07 0.74 11.00
C26 PCW RA . 22.11 -0.51 11.88
C27 PCW RA . 22.76 -0.21 13.23
C28 PCW RA . 22.81 -1.45 14.12
C31 PCW RA . 37.30 -4.62 12.41
C32 PCW RA . 36.25 -4.87 13.49
C33 PCW RA . 34.89 -5.17 12.86
C34 PCW RA . 33.74 -4.95 13.85
C35 PCW RA . 33.86 -5.84 15.09
C36 PCW RA . 32.74 -5.51 16.07
C37 PCW RA . 32.80 -6.38 17.33
C38 PCW RA . 31.68 -5.99 18.30
C39 PCW RA . 31.70 -6.80 19.43
C40 PCW RA . 30.56 -7.48 19.81
C41 PCW RA . 29.39 -7.37 19.07
C42 PCW RA . 29.52 -8.06 17.71
C43 PCW RA . 29.78 -9.56 17.90
C44 PCW RA . 29.99 -10.24 16.54
C45 PCW RA . 30.19 -11.74 16.73
C46 PCW RA . 28.97 -12.38 17.40
C47 PCW RA . 27.71 -12.19 16.56
C48 PCW RA . 26.49 -12.85 17.21
N PCW RA . 38.81 -0.94 12.17
O2 PCW RA . 37.92 -5.67 11.80
O3 PCW RA . 36.65 -4.39 9.88
O11 PCW RA . 36.18 -4.76 7.72
O31 PCW RA . 37.63 -3.47 12.12
O1P PCW RA . 42.31 -4.41 10.90
O2P PCW RA . 42.41 -4.08 8.38
O3P PCW RA . 40.74 -5.64 9.41
O4P PCW RA . 40.48 -3.15 9.71
P PCW RA . 41.60 -4.30 9.61
C1 17F SA . 14.24 49.53 5.00
N1 17F SA . 15.32 48.08 3.35
O1 17F SA . 14.58 50.41 7.66
P1 17F SA . 14.55 48.94 7.56
C2 17F SA . 14.13 48.90 3.62
O2 17F SA . 15.68 48.17 8.14
C3 17F SA . 14.03 50.01 2.56
O3 17F SA . 14.36 48.52 6.01
C4 17F SA . 12.96 47.03 8.38
O4 17F SA . 13.91 49.65 1.37
C5 17F SA . 11.81 46.74 9.35
O5 17F SA . 14.08 51.19 2.96
C6 17F SA . 10.55 47.42 8.87
O6 17F SA . 13.20 48.43 8.25
C7 17F SA . 9.60 48.02 10.86
O7 17F SA . 9.47 47.19 9.79
C8 17F SA . 8.57 47.94 12.00
O8 17F SA . 10.51 48.84 10.90
C9 17F SA . 7.25 47.35 11.50
O9 17F SA . 11.60 45.32 9.43
C10 17F SA . 6.22 47.29 12.62
O10 17F SA . 10.89 45.85 11.49
C11 17F SA . 4.91 46.68 12.11
C12 17F SA . 3.88 46.57 13.23
C17 17F SA . 11.06 44.98 10.63
C18 17F SA . 10.72 43.52 10.93
C19 17F SA . 9.24 43.24 10.63
C20 17F SA . 8.91 43.55 9.17
C1X 17F SA . 2.57 45.97 12.71
C1Y 17F SA . 7.42 43.35 8.88
C1Z 17F SA . 6.99 41.89 9.07
C2X 17F SA . 1.53 45.87 13.83
C21 17F SA . 1.98 45.04 14.86
C22 17F SA . 1.05 44.30 15.59
C23 17F SA . -0.30 44.39 15.30
C24 17F SA . -0.94 43.00 15.27
C25 17F SA . -2.44 43.08 14.94
C26 17F SA . -3.06 41.68 14.90
C27 17F SA . -4.54 41.76 14.54
C28 17F SA . -5.17 40.37 14.48
C29 17F SA . -6.65 40.46 14.12
C30 17F SA . -7.31 39.08 14.10
C31 17F SA . 7.18 41.43 10.53
C32 17F SA . 6.72 39.99 10.70
C33 17F SA . 5.37 39.86 10.38
C34 17F SA . 4.80 38.60 10.19
C35 17F SA . 5.58 37.45 10.30
C36 17F SA . 5.61 36.98 11.76
C37 17F SA . 6.42 35.68 11.90
C38 17F SA . 6.45 35.22 13.37
C39 17F SA . 7.23 33.91 13.52
C40 17F SA . 7.26 33.47 14.98
C41 17F SA . 5.85 33.27 15.52
C42 17F SA . 5.89 32.82 16.99
HN1 17F SA . 15.22 47.42 4.11
HN1A 17F SA . 16.22 48.42 3.63
HAC 17F SA . 15.22 47.42 2.61
C1 17F TA . 21.26 45.25 11.35
N1 17F TA . 23.37 46.49 11.31
O1 17F TA . 19.00 45.38 9.55
P1 17F TA . 19.03 46.44 10.59
C2 17F TA . 22.59 45.49 12.05
O2 17F TA . 18.64 47.82 10.22
C3 17F TA . 23.37 44.18 12.11
O3 17F TA . 20.48 46.45 11.27
C4 17F TA . 18.24 46.51 13.10
O4 17F TA . 24.56 44.19 11.71
C5 17F TA . 17.30 45.84 14.11
O5 17F TA . 22.78 43.18 12.57
C6 17F TA . 17.63 46.37 15.50
O6 17F TA . 18.08 45.95 11.80
C7 17F TA . 16.69 46.45 17.60
O7 17F TA . 16.72 45.76 16.44
C8 17F TA . 15.75 45.97 18.71
O8 17F TA . 17.39 47.45 17.75
C9 17F TA . 14.46 45.41 18.09
O9 17F TA . 15.93 46.16 13.82
C10 17F TA . 13.53 44.81 19.13
O10 17F TA . 15.62 44.39 15.16
C11 17F TA . 12.25 44.29 18.46
C12 17F TA . 11.32 43.60 19.45
C17 17F TA . 15.13 45.32 14.53
C18 17F TA . 13.61 45.50 14.50
C19 17F TA . 13.23 46.97 14.76
C20 17F TA . 11.73 47.11 15.00
C1X 17F TA . 10.05 43.11 18.74
C1Y 17F TA . 11.34 48.58 15.15
C1Z 17F TA . 9.88 48.74 15.58
C2X 17F TA . 9.14 42.34 19.69
C21 17F TA . 9.77 41.20 20.18
C22 17F TA . 9.94 40.08 19.36
C23 17F TA . 9.47 40.08 18.06
C24 17F TA . 8.84 38.72 17.71
C25 17F TA . 8.36 38.70 16.26
C26 17F TA . 9.51 38.93 15.28
C27 17F TA . 9.01 38.95 13.83
C28 17F TA . 10.17 39.17 12.86
C29 17F TA . 9.67 39.20 11.41
C30 17F TA . 10.82 39.43 10.43
C31 17F TA . 9.65 48.16 16.97
C32 17F TA . 8.20 48.37 17.42
C33 17F TA . 8.01 47.88 18.71
C34 17F TA . 6.74 47.82 19.26
C35 17F TA . 5.63 48.24 18.54
C36 17F TA . 4.36 47.57 19.07
C37 17F TA . 3.12 48.01 18.30
C38 17F TA . 1.86 47.35 18.85
C39 17F TA . 0.64 47.79 18.05
C40 17F TA . 0.79 47.42 16.57
C41 17F TA . -0.43 47.85 15.76
C42 17F TA . -1.70 47.16 16.27
HN1 17F TA . 24.23 46.68 11.78
HN1A 17F TA . 23.56 46.14 10.39
HAC 17F TA . 22.84 47.34 11.22
C1 17F UA . 28.89 10.64 -25.62
N1 17F UA . 28.53 13.04 -25.36
O1 17F UA . 27.18 10.39 -28.74
P1 17F UA . 27.91 9.54 -27.78
C2 17F UA . 28.70 11.78 -24.62
O2 17F UA . 29.38 9.37 -27.75
C3 17F UA . 29.95 11.88 -23.74
O3 17F UA . 27.79 10.53 -26.52
C4 17F UA . 27.71 7.59 -26.02
O4 17F UA . 29.84 12.48 -22.64
C5 17F UA . 26.94 6.27 -25.79
O5 17F UA . 30.99 11.36 -24.19
C6 17F UA . 27.60 5.50 -24.66
O6 17F UA . 27.09 8.36 -27.05
C7 17F UA . 26.93 3.57 -25.68
O7 17F UA . 26.92 4.25 -24.50
C8 17F UA . 26.24 2.22 -25.79
O8 17F UA . 27.51 4.06 -26.66
C9 17F UA . 25.49 2.11 -27.12
O9 17F UA . 25.58 6.55 -25.45
C10 17F UA . 24.78 0.77 -27.28
O10 17F UA . 25.45 6.88 -27.66
C11 17F UA . 24.11 0.67 -28.65
C12 17F UA . 23.39 -0.66 -28.84
C17 17F UA . 24.88 6.87 -26.58
C18 17F UA . 23.39 7.20 -26.48
C19 17F UA . 23.04 8.38 -27.37
C20 17F UA . 23.33 8.08 -28.85
C1X 17F UA . 22.79 -0.75 -30.25
C1Y 17F UA . 23.02 9.30 -29.73
C1Z 17F UA . 23.31 9.00 -31.19
C2X 17F UA . 22.04 -2.07 -30.45
C21 17F UA . 20.98 -2.18 -29.55
C22 17F UA . 19.71 -2.46 -30.04
C23 17F UA . 19.50 -2.63 -31.39
C24 17F UA . 18.74 -3.94 -31.66
C25 17F UA . 18.53 -4.15 -33.17
C26 17F UA . 19.86 -4.22 -33.90
C27 17F UA . 19.66 -4.43 -35.40
C28 17F UA . 20.99 -4.51 -36.13
C29 17F UA . 21.82 -3.24 -35.94
C30 17F UA . 23.15 -3.33 -36.67
C31 17F UA . 22.44 7.87 -31.71
C32 17F UA . 22.73 7.58 -33.19
C33 17F UA . 21.92 6.55 -33.67
C34 17F UA . 21.91 6.24 -35.02
C35 17F UA . 22.71 6.94 -35.91
C36 17F UA . 21.89 7.44 -37.11
C37 17F UA . 21.21 6.27 -37.82
C38 17F UA . 20.40 6.76 -39.02
C39 17F UA . 19.66 5.60 -39.69
C40 17F UA . 20.64 4.51 -40.15
C41 17F UA . 19.90 3.32 -40.76
C42 17F UA . 19.08 3.75 -41.98
HN1 17F UA . 28.36 13.79 -24.71
HN1A 17F UA . 29.36 13.23 -25.88
HAC 17F UA . 27.76 12.96 -25.99
C1 17F VA . 39.73 12.25 21.08
N1 17F VA . 39.40 12.35 23.50
O1 17F VA . 39.83 8.76 19.60
P1 17F VA . 39.15 10.08 19.72
C2 17F VA . 40.30 12.76 22.40
O2 17F VA . 39.23 11.01 18.57
C3 17F VA . 40.43 14.28 22.35
O3 17F VA . 39.67 10.82 21.05
C4 17F VA . 36.70 9.51 18.96
O4 17F VA . 39.76 14.94 23.18
C5 17F VA . 35.31 9.12 19.49
O5 17F VA . 41.19 14.77 21.49
C6 17F VA . 35.43 7.84 20.30
O6 17F VA . 37.60 9.78 20.04
C7 17F VA . 34.49 5.77 20.52
O7 17F VA . 34.23 7.05 20.13
C8 17F VA . 33.40 4.71 20.39
O8 17F VA . 35.60 5.48 20.96
C9 17F VA . 34.02 3.30 20.42
O9 17F VA . 34.76 10.22 20.23
C10 17F VA . 32.98 2.24 20.08
O10 17F VA . 32.96 8.89 20.50
C11 17F VA . 32.45 2.43 18.66
C12 17F VA . 31.45 1.33 18.28
C17 17F VA . 33.49 9.99 20.67
C18 17F VA . 32.77 11.11 21.41
C19 17F VA . 31.39 11.38 20.80
C20 17F VA . 30.89 12.77 21.22
C1X 17F VA . 30.97 1.51 16.85
C1Y 17F VA . 29.47 13.03 20.70
C1Z 17F VA . 28.45 12.18 21.44
C2X 17F VA . 29.97 0.41 16.46
C21 17F VA . 29.52 0.59 15.15
C22 17F VA . 28.59 -0.30 14.62
C23 17F VA . 28.11 -1.35 15.39
C24 17F VA . 26.79 -1.87 14.81
C25 17F VA . 26.24 -3.02 15.66
C26 17F VA . 24.95 -3.57 15.08
C27 17F VA . 24.38 -4.69 15.95
C28 17F VA . 23.07 -5.23 15.38
C29 17F VA . 22.01 -4.14 15.31
C30 17F VA . 20.70 -4.67 14.71
C31 17F VA . 28.46 12.54 22.94
C32 17F VA . 27.40 11.75 23.71
C33 17F VA . 27.44 12.08 25.06
C34 17F VA . 26.35 11.85 25.88
C35 17F VA . 25.19 11.28 25.36
C36 17F VA . 24.40 10.56 26.46
C37 17F VA . 23.10 9.96 25.90
C38 17F VA . 22.33 9.23 27.02
C39 17F VA . 21.02 8.65 26.49
C40 17F VA . 20.28 7.92 27.60
C41 17F VA . 18.96 7.34 27.10
C42 17F VA . 18.05 8.44 26.55
HN1 17F VA . 39.79 12.66 24.38
HN1A 17F VA . 38.50 12.78 23.36
HAC 17F VA . 39.30 11.37 23.50
C1 17F WA . 34.96 19.01 16.90
N1 17F WA . 36.72 19.32 15.21
O1 17F WA . 32.24 21.23 15.55
P1 17F WA . 32.63 20.18 16.50
C2 17F WA . 36.15 18.37 16.17
O2 17F WA . 32.81 20.54 17.92
C3 17F WA . 35.68 17.12 15.43
O3 17F WA . 33.96 19.44 15.97
C4 17F WA . 31.88 17.71 15.94
O4 17F WA . 35.07 17.28 14.35
C5 17F WA . 30.64 16.88 15.60
O5 17F WA . 35.92 16.01 15.97
C6 17F WA . 31.06 15.54 15.04
O6 17F WA . 31.51 19.02 16.41
C7 17F WA . 29.21 14.32 15.64
O7 17F WA . 29.90 14.82 14.60
C8 17F WA . 27.89 13.59 15.40
O8 17F WA . 29.66 14.42 16.79
C9 17F WA . 26.89 13.88 16.52
O9 17F WA . 29.83 16.67 16.78
C10 17F WA . 25.50 13.32 16.18
O10 17F WA . 29.22 18.80 16.36
C11 17F WA . 24.99 13.93 14.88
C12 17F WA . 23.55 13.49 14.60
C17 17F WA . 29.12 17.80 17.08
C18 17F WA . 28.20 17.79 18.29
C19 17F WA . 27.25 16.59 18.25
C20 17F WA . 26.25 16.64 19.40
C1X 17F WA . 23.06 14.05 13.26
C1Y 17F WA . 25.30 15.44 19.34
C1Z 17F WA . 24.21 15.55 20.41
C2X 17F WA . 21.59 13.70 13.02
C21 17F WA . 20.78 14.28 14.00
C22 17F WA . 20.21 15.53 13.78
C23 17F WA . 20.44 16.21 12.59
C24 17F WA . 20.45 17.73 12.81
C25 17F WA . 20.71 18.46 11.49
C26 17F WA . 20.74 19.97 11.70
C27 17F WA . 20.99 20.70 10.37
C28 17F WA . 21.03 22.22 10.57
C29 17F WA . 19.69 22.74 11.12
C30 17F WA . 19.75 24.25 11.34
C31 17F WA . 23.40 16.84 20.22
C32 17F WA . 22.28 16.96 21.25
C33 17F WA . 21.59 18.16 21.08
C34 17F WA . 20.22 18.22 21.22
C35 17F WA . 19.49 17.08 21.56
C36 17F WA . 18.14 17.48 22.19
C37 17F WA . 17.32 16.24 22.55
C38 17F WA . 15.99 16.65 23.17
C39 17F WA . 15.14 15.42 23.54
C40 17F WA . 15.85 14.54 24.56
C41 17F WA . 14.99 13.33 24.94
C42 17F WA . 14.61 12.50 23.72
HN1 17F WA . 37.03 20.14 15.69
HN1A 17F WA . 37.49 18.90 14.74
HAC 17F WA . 36.02 19.57 14.53
C1 17F XA . 25.74 35.82 23.86
N1 17F XA . 25.34 34.79 21.68
O1 17F XA . 24.95 35.80 26.87
P1 17F XA . 24.85 34.59 26.02
C2 17F XA . 25.41 36.08 22.39
O2 17F XA . 25.89 33.55 26.16
C3 17F XA . 26.49 36.96 21.76
O3 17F XA . 24.72 35.01 24.48
C4 17F XA . 23.12 32.63 25.78
O4 17F XA . 26.80 36.74 20.57
C5 17F XA . 21.66 32.24 26.02
O5 17F XA . 26.98 37.85 22.48
C6 17F XA . 20.75 33.29 25.40
O6 17F XA . 23.42 33.92 26.32
C7 17F XA . 19.44 33.57 27.23
O7 17F XA . 19.42 33.16 25.93
C8 17F XA . 18.14 33.58 28.04
O8 17F XA . 20.49 33.93 27.75
C9 17F XA . 17.39 32.26 27.89
O9 17F XA . 21.41 30.95 25.46
C10 17F XA . 16.03 32.33 28.60
O10 17F XA . 21.97 32.05 23.59
C11 17F XA . 15.24 31.03 28.38
C12 17F XA . 13.84 31.16 28.95
C17 17F XA . 21.68 30.98 24.12
C18 17F XA . 21.61 29.71 23.28
C19 17F XA . 20.18 29.21 23.04
C20 17F XA . 20.22 28.14 21.95
C1X 17F XA . 13.01 29.90 28.67
C1Y 17F XA . 18.84 27.52 21.68
C1Z 17F XA . 18.43 26.54 22.78
C2X 17F XA . 11.56 30.10 29.09
C21 17F XA . 11.00 31.19 28.42
C22 17F XA . 9.95 31.00 27.52
C23 17F XA . 9.43 29.73 27.29
C24 17F XA . 7.91 29.78 27.21
C25 17F XA . 7.33 28.38 27.01
C26 17F XA . 5.80 28.44 26.93
C27 17F XA . 5.19 27.04 26.74
C28 17F XA . 3.67 27.12 26.65
C29 17F XA . 3.05 25.72 26.51
C30 17F XA . 1.53 25.82 26.42
C31 17F XA . 17.22 25.72 22.33
C32 17F XA . 16.85 24.65 23.36
C33 17F XA . 15.88 23.80 22.85
C34 17F XA . 15.28 22.83 23.65
C35 17F XA . 15.64 22.71 24.98
C36 17F XA . 16.50 21.46 25.22
C37 17F XA . 17.82 21.57 24.46
C38 17F XA . 18.72 20.36 24.77
C39 17F XA . 20.09 20.52 24.11
C40 17F XA . 21.03 19.37 24.49
C41 17F XA . 22.39 19.54 23.83
C42 17F XA . 23.34 18.39 24.24
HN1 17F XA . 24.63 34.35 22.22
HN1A 17F XA . 26.04 34.10 21.83
HAC 17F XA . 24.82 34.81 20.82
C1 PCW YA . 3.66 -5.24 8.46
C2 PCW YA . 4.46 -4.10 9.12
C3 PCW YA . 4.62 -4.37 10.60
C4 PCW YA . 2.08 -8.62 9.40
C5 PCW YA . 1.07 -9.76 9.25
C6 PCW YA . -0.27 -9.48 11.30
C7 PCW YA . 0.66 -11.75 10.72
C8 PCW YA . 1.78 -10.92 11.35
C11 PCW YA . 5.37 -3.47 12.55
C12 PCW YA . 6.12 -2.47 13.44
C13 PCW YA . 7.10 -1.63 12.62
C14 PCW YA . 7.83 -0.62 13.52
C15 PCW YA . 8.83 0.21 12.72
C16 PCW YA . 9.54 1.23 13.61
C17 PCW YA . 10.54 2.07 12.82
C18 PCW YA . 11.25 3.07 13.72
C19 PCW YA . 12.17 3.83 12.99
C20 PCW YA . 13.47 3.37 12.83
C21 PCW YA . 13.88 2.17 13.39
C22 PCW YA . 15.20 2.32 14.14
C23 PCW YA . 15.64 0.99 14.74
C24 PCW YA . 16.96 1.12 15.51
C25 PCW YA . 16.81 2.11 16.67
C26 PCW YA . 18.14 2.23 17.44
C27 PCW YA . 18.00 3.20 18.62
C28 PCW YA . 19.33 3.31 19.38
C31 PCW YA . 5.62 -3.54 7.21
C32 PCW YA . 6.87 -3.39 6.35
C33 PCW YA . 6.51 -3.27 4.86
C34 PCW YA . 7.78 -3.20 4.01
C35 PCW YA . 8.65 -2.00 4.39
C36 PCW YA . 9.93 -1.97 3.55
C37 PCW YA . 10.81 -0.77 3.91
C38 PCW YA . 12.09 -0.75 3.07
C39 PCW YA . 12.90 0.33 3.41
C40 PCW YA . 14.26 0.14 3.61
C41 PCW YA . 14.81 -1.13 3.48
C42 PCW YA . 16.31 -1.05 3.16
C43 PCW YA . 16.89 -2.45 2.99
C44 PCW YA . 18.38 -2.41 2.61
C45 PCW YA . 19.23 -1.76 3.71
C46 PCW YA . 18.84 -0.30 3.92
C47 PCW YA . 19.75 0.38 4.95
C48 PCW YA . 19.36 1.84 5.15
N PCW YA . 0.71 -10.29 10.57
O2 PCW YA . 5.74 -3.99 8.49
O3 PCW YA . 5.36 -3.31 11.21
O11 PCW YA . 4.76 -4.41 13.05
O31 PCW YA . 4.51 -3.24 6.77
O1P PCW YA . 3.73 -6.67 10.85
O2P PCW YA . 1.61 -5.43 11.49
O3P PCW YA . 2.41 -5.44 9.11
O4P PCW YA . 1.49 -7.56 10.14
P PCW YA . 2.35 -6.25 10.51
C1 PCW ZA . 3.07 -11.99 7.39
C2 PCW ZA . 3.82 -12.85 8.41
C3 PCW ZA . 4.46 -11.96 9.45
C4 PCW ZA . 1.38 -16.35 7.55
C5 PCW ZA . 0.31 -16.76 6.54
C6 PCW ZA . -1.08 -18.75 6.00
C7 PCW ZA . 0.10 -18.62 8.22
C8 PCW ZA . -1.16 -17.76 8.31
C11 PCW ZA . 5.62 -11.95 11.42
C12 PCW ZA . 6.37 -12.56 12.60
C13 PCW ZA . 7.82 -12.89 12.21
C14 PCW ZA . 8.56 -13.52 13.39
C15 PCW ZA . 10.01 -13.85 13.02
C16 PCW ZA . 10.77 -12.59 12.61
C17 PCW ZA . 12.22 -12.93 12.24
C18 PCW ZA . 12.98 -11.66 11.85
C19 PCW ZA . 14.30 -11.96 11.51
C20 PCW ZA . 15.35 -11.51 12.31
C21 PCW ZA . 15.09 -10.78 13.45
C22 PCW ZA . 15.46 -9.31 13.24
C23 PCW ZA . 15.20 -8.48 14.50
C24 PCW ZA . 13.72 -8.52 14.88
C25 PCW ZA . 12.85 -7.90 13.79
C26 PCW ZA . 11.37 -7.95 14.18
C27 PCW ZA . 11.11 -7.19 15.48
C28 PCW ZA . 9.64 -7.21 15.85
C31 PCW ZA . 3.58 -14.82 9.57
C32 PCW ZA . 2.81 -15.91 10.32
C33 PCW ZA . 2.86 -15.66 11.84
C34 PCW ZA . 4.30 -15.72 12.36
C35 PCW ZA . 4.90 -17.11 12.13
C36 PCW ZA . 6.34 -17.18 12.66
C37 PCW ZA . 6.95 -18.56 12.43
C38 PCW ZA . 8.37 -18.63 12.98
C39 PCW ZA . 8.94 -19.88 12.76
C40 PCW ZA . 10.19 -19.99 12.17
C41 PCW ZA . 10.89 -18.84 11.81
C42 PCW ZA . 12.21 -19.19 11.12
C43 PCW ZA . 12.96 -17.93 10.70
C44 PCW ZA . 14.29 -18.26 10.03
C45 PCW ZA . 15.03 -16.98 9.64
C46 PCW ZA . 16.37 -17.31 8.98
C47 PCW ZA . 17.12 -16.03 8.60
C48 PCW ZA . 18.46 -16.36 7.93
N PCW ZA . -0.44 -17.93 7.04
O2 PCW ZA . 2.91 -13.77 9.04
O3 PCW ZA . 5.12 -12.76 10.45
O11 PCW ZA . 5.46 -10.73 11.35
O31 PCW ZA . 4.79 -14.91 9.40
O1P PCW ZA . 0.69 -13.36 8.09
O2P PCW ZA . 0.35 -14.00 5.66
O3P PCW ZA . 2.43 -12.80 6.39
O4P PCW ZA . 2.07 -15.20 7.06
P PCW ZA . 1.27 -13.83 6.81
C1 PCW AB . 3.66 -10.14 18.75
C2 PCW AB . 4.35 -8.84 19.18
C3 PCW AB . 5.85 -9.00 18.99
C4 PCW AB . 0.71 -7.24 19.92
C5 PCW AB . 1.15 -5.78 20.10
C6 PCW AB . 0.47 -6.22 22.44
C7 PCW AB . 2.76 -5.31 21.97
C8 PCW AB . 1.77 -4.14 21.90
C11 PCW AB . 7.90 -8.07 19.27
C12 PCW AB . 8.92 -7.01 19.66
C13 PCW AB . 10.28 -7.65 19.95
C14 PCW AB . 11.30 -6.60 20.38
C15 PCW AB . 11.52 -5.55 19.28
C16 PCW AB . 12.57 -4.54 19.70
C17 PCW AB . 12.77 -3.46 18.63
C18 PCW AB . 13.84 -2.45 19.05
C19 PCW AB . 13.99 -1.45 18.10
C20 PCW AB . 15.11 -1.43 17.27
C21 PCW AB . 16.09 -2.41 17.38
C22 PCW AB . 16.10 -3.31 16.15
C23 PCW AB . 17.22 -4.35 16.23
C24 PCW AB . 17.23 -5.26 14.99
C25 PCW AB . 17.50 -4.47 13.72
C26 PCW AB . 16.39 -3.45 13.44
C27 PCW AB . 16.67 -2.67 12.15
C28 PCW AB . 15.58 -1.63 11.90
C31 PCW AB . 3.97 -6.57 19.03
C32 PCW AB . 3.46 -5.30 18.34
C33 PCW AB . 4.58 -4.55 17.61
C34 PCW AB . 5.50 -3.79 18.58
C35 PCW AB . 6.26 -4.72 19.52
C36 PCW AB . 7.16 -3.90 20.45
C37 PCW AB . 7.99 -4.80 21.38
C38 PCW AB . 8.88 -3.96 22.28
C39 PCW AB . 9.66 -4.76 23.11
C40 PCW AB . 10.93 -4.34 23.48
C41 PCW AB . 11.43 -3.13 23.01
C42 PCW AB . 12.96 -3.14 22.95
C43 PCW AB . 13.56 -3.37 24.35
C44 PCW AB . 15.09 -3.40 24.28
C45 PCW AB . 15.66 -2.09 23.74
C46 PCW AB . 17.18 -2.15 23.64
C47 PCW AB . 17.74 -0.84 23.08
C48 PCW AB . 19.25 -0.91 22.94
N PCW AB . 1.38 -5.51 21.53
O2 PCW AB . 3.86 -7.75 18.38
O3 PCW AB . 6.56 -7.84 19.42
O11 PCW AB . 8.27 -9.16 18.84
O31 PCW AB . 4.43 -6.54 20.17
O1P PCW AB . 0.13 -10.04 20.19
O2P PCW AB . 2.35 -10.36 21.36
O3P PCW AB . 2.24 -10.02 18.87
O4P PCW AB . 1.74 -8.11 20.42
P PCW AB . 1.57 -9.71 20.29
C1 PCW BB . 4.84 -12.39 20.91
C2 PCW BB . 6.37 -12.47 20.93
C3 PCW BB . 6.87 -12.95 19.58
C4 PCW BB . 6.21 -10.92 24.54
C5 PCW BB . 5.67 -9.87 23.57
C6 PCW BB . 5.54 -8.46 25.60
C7 PCW BB . 6.84 -7.65 23.61
C8 PCW BB . 5.35 -7.39 23.33
C11 PCW BB . 8.53 -14.36 20.28
C12 PCW BB . 9.98 -14.85 20.42
C13 PCW BB . 10.54 -14.53 21.81
C14 PCW BB . 11.94 -15.12 21.97
C15 PCW BB . 11.89 -16.64 21.79
C16 PCW BB . 13.29 -17.26 21.95
C17 PCW BB . 13.87 -16.99 23.33
C18 PCW BB . 15.26 -17.62 23.48
C19 PCW BB . 15.81 -17.33 24.72
C20 PCW BB . 16.56 -16.18 24.90
C21 PCW BB . 16.75 -15.30 23.84
C22 PCW BB . 18.08 -14.57 23.96
C23 PCW BB . 18.29 -13.62 22.78
C24 PCW BB . 19.63 -12.87 22.91
C25 PCW BB . 19.85 -11.93 21.73
C26 PCW BB . 18.71 -10.92 21.62
C27 PCW BB . 18.63 -10.06 22.88
C28 PCW BB . 17.48 -9.05 22.78
C31 PCW BB . 8.16 -11.29 21.76
C32 PCW BB . 8.96 -10.03 22.10
C33 PCW BB . 9.88 -10.27 23.30
C34 PCW BB . 10.92 -11.35 22.99
C35 PCW BB . 11.81 -10.95 21.81
C36 PCW BB . 12.54 -9.64 22.09
C37 PCW BB . 13.40 -9.24 20.89
C38 PCW BB . 14.19 -7.96 21.17
C39 PCW BB . 14.97 -7.61 20.07
C40 PCW BB . 15.93 -6.61 20.17
C41 PCW BB . 16.13 -5.94 21.37
C42 PCW BB . 16.69 -4.53 21.12
C43 PCW BB . 17.99 -4.59 20.33
C44 PCW BB . 18.52 -3.19 20.03
C45 PCW BB . 19.80 -3.24 19.20
C46 PCW BB . 20.32 -1.85 18.89
C47 PCW BB . 20.65 -1.08 20.16
C48 PCW BB . 21.18 0.32 19.85
N PCW BB . 5.79 -8.54 24.15
O2 PCW BB . 6.92 -11.18 21.21
O3 PCW BB . 8.27 -13.20 19.59
O11 PCW BB . 7.60 -15.00 20.77
O31 PCW BB . 8.62 -12.41 22.03
O1P PCW BB . 3.65 -12.39 24.53
O2P PCW BB . 4.77 -14.21 23.15
O3P PCW BB . 4.35 -11.94 22.18
O4P PCW BB . 6.10 -12.23 23.95
P PCW BB . 4.66 -12.79 23.52
PG GNP CB . -18.65 -28.56 9.40
O1G GNP CB . -17.89 -28.07 10.58
O2G GNP CB . -18.49 -27.58 8.13
O3G GNP CB . -18.13 -29.99 8.88
N3B GNP CB . -20.24 -28.74 9.66
PB GNP CB . -20.91 -27.46 10.39
O1B GNP CB . -20.17 -26.23 10.04
O2B GNP CB . -21.07 -27.78 11.83
O3A GNP CB . -22.38 -27.40 9.73
PA GNP CB . -22.68 -26.52 8.42
O1A GNP CB . -22.21 -25.14 8.69
O2A GNP CB . -22.13 -27.22 7.23
O5' GNP CB . -24.29 -26.52 8.35
C5' GNP CB . -24.98 -27.74 8.09
C4' GNP CB . -26.50 -27.53 8.07
O4' GNP CB . -26.88 -26.87 9.28
C3' GNP CB . -26.85 -26.56 6.93
O3' GNP CB . -28.20 -26.77 6.52
C2' GNP CB . -26.74 -25.23 7.66
O2' GNP CB . -27.48 -24.22 6.95
C1' GNP CB . -27.53 -25.64 8.90
N9 GNP CB . -27.42 -24.61 9.97
C8 GNP CB . -26.29 -24.13 10.48
N7 GNP CB . -26.57 -23.22 11.39
C5 GNP CB . -27.89 -23.11 11.49
C6 GNP CB . -28.73 -22.35 12.29
O6 GNP CB . -28.27 -21.55 13.11
N1 GNP CB . -30.12 -22.49 12.14
C2 GNP CB . -30.61 -23.41 11.21
N2 GNP CB . -31.93 -23.56 11.07
N3 GNP CB . -29.78 -24.14 10.46
C4 GNP CB . -28.44 -24.02 10.58
HNB3 GNP CB . -20.70 -28.91 8.79
HO3' GNP CB . -28.32 -27.73 6.24
HO2' GNP CB . -28.41 -24.53 6.80
HN1 GNP CB . -30.75 -21.96 12.70
HN21 GNP CB . -32.29 -24.22 10.41
HN22 GNP CB . -32.56 -23.03 11.62
MG MG DB . -18.48 -26.90 7.05
C1 PCW EB . 6.55 11.47 -6.65
C2 PCW EB . 6.57 11.41 -8.17
C3 PCW EB . 5.65 10.30 -8.66
C4 PCW EB . 6.29 9.84 -3.71
C5 PCW EB . 6.07 8.39 -3.28
C6 PCW EB . 5.40 7.11 -1.28
C7 PCW EB . 4.99 9.59 -1.35
C8 PCW EB . 3.89 8.91 -2.15
C11 PCW EB . 4.83 9.22 -10.50
C12 PCW EB . 4.68 8.94 -11.99
C13 PCW EB . 3.69 9.92 -12.64
C14 PCW EB . 3.48 9.59 -14.12
C15 PCW EB . 2.53 10.58 -14.79
C16 PCW EB . 3.13 12.00 -14.78
C17 PCW EB . 2.19 12.98 -15.47
C18 PCW EB . 2.79 14.38 -15.52
C19 PCW EB . 1.93 15.28 -16.15
C20 PCW EB . 1.64 15.15 -17.50
C21 PCW EB . 2.22 14.13 -18.24
C22 PCW EB . 2.07 14.38 -19.74
C23 PCW EB . 2.75 15.68 -20.15
C24 PCW EB . 2.65 15.90 -21.66
C25 PCW EB . 3.33 17.22 -22.08
C26 PCW EB . 4.81 17.19 -21.70
C27 PCW EB . 5.49 18.51 -22.09
C28 PCW EB . 6.98 18.49 -21.73
C31 PCW EB . 6.60 12.77 -10.01
C32 PCW EB . 6.26 14.02 -10.82
C33 PCW EB . 6.13 15.26 -9.93
C34 PCW EB . 7.45 15.55 -9.20
C35 PCW EB . 8.59 15.75 -10.20
C36 PCW EB . 9.89 16.11 -9.46
C37 PCW EB . 11.07 16.21 -10.42
C38 PCW EB . 12.35 16.59 -9.68
C39 PCW EB . 13.44 16.62 -10.53
C40 PCW EB . 13.67 17.72 -11.34
C41 PCW EB . 12.80 18.81 -11.32
C42 PCW EB . 12.97 19.68 -12.56
C43 PCW EB . 12.01 20.86 -12.54
C44 PCW EB . 12.21 21.75 -13.77
C45 PCW EB . 11.26 22.95 -13.74
C46 PCW EB . 11.49 23.85 -14.96
C47 PCW EB . 12.91 24.42 -14.97
C48 PCW EB . 13.14 25.29 -16.20
N PCW EB . 5.23 8.34 -2.07
O2 PCW EB . 6.16 12.67 -8.72
O3 PCW EB . 5.64 10.23 -10.08
O11 PCW EB . 4.24 8.54 -9.67
O31 PCW EB . 7.28 11.87 -10.50
O1P PCW EB . 6.15 12.72 -4.04
O2P PCW EB . 3.65 12.52 -4.37
O3P PCW EB . 5.24 11.78 -6.16
O4P PCW EB . 5.04 10.46 -4.03
P PCW EB . 5.00 11.97 -4.57
C1 PCW FB . 2.81 -18.28 -9.87
C2 PCW FB . 3.29 -17.33 -10.96
C3 PCW FB . 3.17 -17.98 -12.32
C4 PCW FB . 0.27 -18.06 -13.34
C5 PCW FB . -0.54 -16.91 -13.93
C6 PCW FB . -0.45 -15.38 -15.88
C7 PCW FB . 0.98 -17.45 -15.86
C8 PCW FB . -0.45 -17.86 -16.26
C11 PCW FB . 2.88 -16.17 -13.71
C12 PCW FB . 3.27 -15.18 -14.82
C13 PCW FB . 4.55 -14.43 -14.48
C14 PCW FB . 4.88 -13.41 -15.57
C15 PCW FB . 6.15 -12.63 -15.24
C16 PCW FB . 6.44 -11.60 -16.32
C17 PCW FB . 7.71 -10.80 -16.01
C18 PCW FB . 8.93 -11.72 -15.91
C19 PCW FB . 10.09 -11.00 -15.65
C20 PCW FB . 11.27 -11.34 -16.30
C21 PCW FB . 11.30 -12.39 -17.21
C22 PCW FB . 12.28 -12.12 -18.34
C23 PCW FB . 12.31 -13.29 -19.33
C24 PCW FB . 13.29 -13.04 -20.47
C25 PCW FB . 12.90 -11.79 -21.26
C26 PCW FB . 11.50 -11.95 -21.88
C27 PCW FB . 11.12 -10.71 -22.69
C28 PCW FB . 11.10 -9.46 -21.81
C31 PCW FB . 2.70 -15.53 -9.66
C32 PCW FB . 2.02 -14.19 -9.36
C33 PCW FB . 3.01 -13.16 -8.83
C34 PCW FB . 4.06 -12.77 -9.88
C35 PCW FB . 4.92 -13.98 -10.28
C36 PCW FB . 5.95 -13.59 -11.35
C37 PCW FB . 6.81 -14.79 -11.75
C38 PCW FB . 7.82 -14.38 -12.83
C39 PCW FB . 8.63 -15.46 -13.20
C40 PCW FB . 9.93 -15.23 -13.60
C41 PCW FB . 10.43 -13.93 -13.65
C42 PCW FB . 11.85 -13.86 -13.08
C43 PCW FB . 12.81 -14.75 -13.88
C44 PCW FB . 14.22 -14.67 -13.31
C45 PCW FB . 14.27 -15.16 -11.86
C46 PCW FB . 15.68 -15.11 -11.30
C47 PCW FB . 15.72 -15.53 -9.83
C48 PCW FB . 17.14 -15.47 -9.27
N PCW FB . -0.20 -16.73 -15.35
O2 PCW FB . 2.58 -16.09 -10.89
O3 PCW FB . 3.74 -17.16 -13.36
O11 PCW FB . 1.79 -16.07 -13.15
O31 PCW FB . 3.35 -16.09 -8.79
O1P PCW FB . 1.77 -19.95 -11.88
O2P PCW FB . -0.32 -20.21 -10.47
O3P PCW FB . 1.40 -18.47 -9.90
O4P PCW FB . -0.04 -18.21 -11.96
P PCW FB . 0.70 -19.33 -11.08
C1 PCW GB . -13.10 15.60 -17.56
C2 PCW GB . -11.64 15.77 -18.01
C3 PCW GB . -11.34 17.25 -18.18
C4 PCW GB . -15.99 12.42 -18.78
C5 PCW GB . -14.66 11.80 -19.24
C6 PCW GB . -15.03 13.25 -21.22
C7 PCW GB . -12.88 13.44 -19.93
C8 PCW GB . -12.77 12.21 -20.84
C11 PCW GB . -9.93 17.20 -20.00
C12 PCW GB . -8.58 17.36 -20.71
C13 PCW GB . -7.94 16.02 -21.01
C14 PCW GB . -6.51 16.19 -21.53
C15 PCW GB . -6.48 16.96 -22.86
C16 PCW GB . -7.16 16.18 -23.99
C17 PCW GB . -7.03 16.92 -25.31
C18 PCW GB . -7.65 16.13 -26.46
C19 PCW GB . -7.49 16.79 -27.67
C20 PCW GB . -6.28 16.73 -28.34
C21 PCW GB . -5.21 16.01 -27.81
C22 PCW GB . -3.87 16.68 -28.14
C23 PCW GB . -3.81 18.09 -27.54
C24 PCW GB . -2.48 18.78 -27.87
C25 PCW GB . -1.31 18.00 -27.29
C26 PCW GB . -1.39 17.95 -25.76
C27 PCW GB . -0.21 17.16 -25.18
C28 PCW GB . -0.28 17.10 -23.65
C31 PCW GB . -9.61 14.81 -17.59
C32 PCW GB . -8.53 14.15 -16.71
C33 PCW GB . -7.12 14.61 -17.14
C34 PCW GB . -6.95 16.11 -16.97
C35 PCW GB . -7.12 16.53 -15.50
C36 PCW GB . -6.92 18.03 -15.33
C37 PCW GB . -7.08 18.46 -13.87
C38 PCW GB . -6.87 19.97 -13.72
C39 PCW GB . -6.99 20.35 -12.39
C40 PCW GB . -7.33 21.66 -12.06
C41 PCW GB . -7.56 22.59 -13.08
C42 PCW GB . -6.25 23.05 -13.70
C43 PCW GB . -5.35 23.73 -12.66
C44 PCW GB . -4.04 24.21 -13.28
C45 PCW GB . -4.31 25.23 -14.39
C46 PCW GB . -2.99 25.73 -15.00
C47 PCW GB . -3.25 26.75 -16.11
C48 PCW GB . -1.94 27.26 -16.70
N PCW GB . -14.07 12.65 -20.30
O2 PCW GB . -10.78 15.19 -17.03
O3 PCW GB . -10.01 17.46 -18.66
O11 PCW GB . -10.93 16.85 -20.62
O31 PCW GB . -9.41 14.97 -18.80
O1P PCW GB . -14.73 12.44 -16.24
O2P PCW GB . -15.39 14.88 -15.98
O3P PCW GB . -13.42 14.22 -17.37
O4P PCW GB . -15.74 13.69 -18.18
P PCW GB . -14.86 13.79 -16.83
C1 PCW HB . 3.30 -10.70 2.55
C2 PCW HB . 4.43 -10.23 3.47
C3 PCW HB . 4.64 -11.25 4.57
C4 PCW HB . -0.46 -10.88 4.86
C5 PCW HB . -1.13 -9.79 5.71
C6 PCW HB . -3.50 -10.16 5.10
C7 PCW HB . -2.55 -7.84 5.00
C8 PCW HB . -2.11 -8.58 3.74
C11 PCW HB . 5.28 -9.61 6.04
C12 PCW HB . 6.20 -8.94 7.07
C13 PCW HB . 5.39 -8.14 8.10
C14 PCW HB . 6.30 -7.53 9.15
C15 PCW HB . 7.31 -6.56 8.52
C16 PCW HB . 8.24 -5.99 9.59
C17 PCW HB . 9.24 -5.01 8.98
C18 PCW HB . 10.18 -4.44 10.04
C19 PCW HB . 11.07 -3.52 9.49
C20 PCW HB . 12.44 -3.73 9.56
C21 PCW HB . 12.93 -4.86 10.20
C22 PCW HB . 14.46 -4.92 10.12
C23 PCW HB . 15.01 -6.16 10.83
C24 PCW HB . 14.52 -7.45 10.16
C25 PCW HB . 13.00 -7.60 10.26
C26 PCW HB . 12.54 -8.89 9.59
C27 PCW HB . 11.02 -9.05 9.70
C28 PCW HB . 10.56 -10.35 9.03
C31 PCW HB . 5.43 -9.01 1.82
C32 PCW HB . 6.55 -8.62 0.86
C33 PCW HB . 6.02 -7.76 -0.28
C34 PCW HB . 4.97 -8.51 -1.09
C35 PCW HB . 4.41 -7.64 -2.21
C36 PCW HB . 3.33 -8.40 -3.00
C37 PCW HB . 2.73 -7.51 -4.10
C38 PCW HB . 3.79 -7.08 -5.11
C39 PCW HB . 3.23 -6.27 -6.09
C40 PCW HB . 3.95 -5.92 -7.22
C41 PCW HB . 5.25 -6.39 -7.41
C42 PCW HB . 6.10 -5.36 -8.17
C43 PCW HB . 7.50 -5.90 -8.42
C44 PCW HB . 8.35 -4.86 -9.17
C45 PCW HB . 9.76 -5.40 -9.44
C46 PCW HB . 10.47 -5.76 -8.13
C47 PCW HB . 11.87 -6.31 -8.41
C48 PCW HB . 12.59 -6.65 -7.09
N PCW HB . -2.32 -9.29 5.00
O2 PCW HB . 5.62 -10.04 2.70
O3 PCW HB . 5.65 -10.79 5.49
O11 PCW HB . 4.22 -9.08 5.71
O31 PCW HB . 4.37 -8.40 1.84
O1P PCW HB . 0.01 -12.51 2.81
O2P PCW HB . 0.48 -10.39 1.34
O3P PCW HB . 2.10 -10.95 3.30
O4P PCW HB . -0.09 -10.33 3.60
P PCW HB . 0.72 -11.23 2.54
C1 PCW IB . 3.00 -12.69 -12.69
C2 PCW IB . 3.22 -11.22 -13.07
C3 PCW IB . 4.47 -10.70 -12.39
C4 PCW IB . -0.46 -10.80 -14.46
C5 PCW IB . -0.29 -9.35 -14.86
C6 PCW IB . -2.52 -8.62 -15.67
C7 PCW IB . -0.52 -8.42 -17.18
C8 PCW IB . -0.97 -9.87 -17.21
C11 PCW IB . 5.72 -8.82 -12.00
C12 PCW IB . 6.09 -7.34 -12.14
C13 PCW IB . 7.53 -7.17 -12.62
C14 PCW IB . 7.89 -5.68 -12.74
C15 PCW IB . 9.32 -5.50 -13.23
C16 PCW IB . 9.67 -4.01 -13.34
C17 PCW IB . 11.10 -3.80 -13.85
C18 PCW IB . 11.29 -4.42 -15.23
C19 PCW IB . 12.58 -4.18 -15.69
C20 PCW IB . 13.59 -5.14 -15.55
C21 PCW IB . 13.32 -6.36 -14.94
C22 PCW IB . 13.26 -6.21 -13.41
C23 PCW IB . 13.03 -7.57 -12.74
C24 PCW IB . 12.93 -7.41 -11.22
C25 PCW IB . 12.78 -8.78 -10.54
C26 PCW IB . 13.98 -9.67 -10.82
C27 PCW IB . 13.83 -11.03 -10.15
C28 PCW IB . 15.05 -11.92 -10.41
C31 PCW IB . 3.09 -9.83 -14.89
C32 PCW IB . 3.17 -9.46 -16.37
C33 PCW IB . 3.48 -7.97 -16.54
C34 PCW IB . 2.38 -7.11 -15.93
C35 PCW IB . 2.70 -5.62 -16.05
C36 PCW IB . 2.83 -5.21 -17.52
C37 PCW IB . 3.15 -3.71 -17.63
C38 PCW IB . 3.28 -3.28 -19.10
C39 PCW IB . 3.57 -1.93 -19.20
C40 PCW IB . 4.84 -1.46 -18.91
C41 PCW IB . 5.84 -2.35 -18.52
C42 PCW IB . 7.17 -1.61 -18.28
C43 PCW IB . 8.26 -2.58 -17.83
C44 PCW IB . 9.58 -1.85 -17.58
C45 PCW IB . 10.06 -1.14 -18.84
C46 PCW IB . 11.40 -0.44 -18.61
C47 PCW IB . 11.87 0.29 -19.87
C48 PCW IB . 13.20 1.00 -19.63
N PCW IB . -1.15 -9.05 -16.00
O2 PCW IB . 3.33 -11.11 -14.49
O3 PCW IB . 4.64 -9.30 -12.67
O11 PCW IB . 6.38 -9.57 -11.29
O31 PCW IB . 2.77 -8.99 -14.06
O1P PCW IB . -0.71 -13.38 -13.31
O2P PCW IB . 0.44 -12.50 -11.22
O3P PCW IB . 1.77 -13.17 -13.23
O4P PCW IB . 0.35 -11.09 -13.31
P PCW IB . 0.38 -12.58 -12.69
C1 PCW JB . 3.53 3.82 9.45
C2 PCW JB . 4.57 4.87 9.03
C3 PCW JB . 4.30 5.29 7.59
C4 PCW JB . -0.15 6.96 10.28
C5 PCW JB . -0.26 8.44 9.90
C6 PCW JB . -2.06 9.35 11.34
C7 PCW JB . -2.26 9.53 8.84
C8 PCW JB . -2.66 8.11 9.24
C11 PCW JB . 6.53 5.56 7.18
C12 PCW JB . 7.79 6.33 6.78
C13 PCW JB . 7.48 7.44 5.77
C14 PCW JB . 8.72 8.30 5.51
C15 PCW JB . 9.85 7.48 4.89
C16 PCW JB . 9.56 7.09 3.44
C17 PCW JB . 8.32 6.19 3.33
C18 PCW JB . 8.06 5.83 1.87
C19 PCW JB . 6.94 5.01 1.74
C20 PCW JB . 7.02 3.81 1.05
C21 PCW JB . 8.21 3.42 0.46
C22 PCW JB . 9.06 2.60 1.44
C23 PCW JB . 10.38 2.16 0.83
C24 PCW JB . 10.18 1.21 -0.36
C25 PCW JB . 9.42 1.88 -1.50
C26 PCW JB . 9.22 0.91 -2.66
C27 PCW JB . 8.46 1.59 -3.81
C28 PCW JB . 7.09 2.05 -3.37
C31 PCW JB . 5.15 5.74 11.06
C32 PCW JB . 5.21 6.83 12.14
C33 PCW JB . 4.56 6.37 13.45
C34 PCW JB . 5.30 5.18 14.06
C35 PCW JB . 6.72 5.56 14.47
C36 PCW JB . 7.42 4.39 15.16
C37 PCW JB . 8.84 4.78 15.61
C38 PCW JB . 9.51 3.62 16.34
C39 PCW JB . 10.78 3.98 16.78
C40 PCW JB . 11.71 3.00 17.12
C41 PCW JB . 11.36 1.66 17.02
C42 PCW JB . 12.21 0.95 15.96
C43 PCW JB . 11.81 -0.52 15.82
C44 PCW JB . 12.69 -1.22 14.78
C45 PCW JB . 12.27 -2.68 14.61
C46 PCW JB . 10.81 -2.77 14.14
C47 PCW JB . 10.38 -4.23 13.99
C48 PCW JB . 8.92 -4.31 13.52
N PCW JB . -1.66 8.87 10.01
O2 PCW JB . 4.51 6.01 9.89
O3 PCW JB . 5.33 6.20 7.17
O11 PCW JB . 6.60 4.37 7.49
O31 PCW JB . 5.67 4.65 11.25
O1P PCW JB . 0.36 4.34 11.10
O2P PCW JB . 2.67 5.16 11.77
O3P PCW JB . 2.20 4.36 9.43
O4P PCW JB . 1.22 6.55 10.24
P PCW JB . 1.60 5.07 10.75
C1 PCW KB . -8.41 22.14 7.44
C2 PCW KB . -8.34 23.34 6.48
C3 PCW KB . -6.91 23.55 6.03
C4 PCW KB . -12.15 20.09 8.96
C5 PCW KB . -12.43 18.66 9.42
C6 PCW KB . -10.60 18.25 11.04
C7 PCW KB . -11.00 16.61 9.16
C8 PCW KB . -10.21 17.80 8.60
C11 PCW KB . -5.44 25.05 5.14
C12 PCW KB . -5.03 26.36 4.45
C13 PCW KB . -5.54 27.56 5.26
C14 PCW KB . -5.16 28.87 4.55
C15 PCW KB . -5.66 30.09 5.35
C16 PCW KB . -5.01 30.15 6.73
C17 PCW KB . -5.51 31.35 7.53
C18 PCW KB . -4.82 31.44 8.90
C19 PCW KB . -5.31 32.52 9.62
C20 PCW KB . -4.99 33.81 9.25
C21 PCW KB . -4.19 34.06 8.13
C22 PCW KB . -2.74 34.32 8.56
C23 PCW KB . -1.86 34.61 7.35
C24 PCW KB . -2.35 35.87 6.61
C25 PCW KB . -1.46 36.16 5.40
C26 PCW KB . -1.94 37.40 4.65
C27 PCW KB . -1.89 38.65 5.56
C28 PCW KB . -2.37 39.89 4.81
C31 PCW KB . -9.45 24.28 4.66
C32 PCW KB . -10.42 24.24 3.49
C33 PCW KB . -10.51 25.62 2.82
C34 PCW KB . -11.55 25.60 1.70
C35 PCW KB . -11.23 24.52 0.66
C36 PCW KB . -9.86 24.74 0.02
C37 PCW KB . -9.56 23.65 -1.01
C38 PCW KB . -8.20 23.88 -1.67
C39 PCW KB . -7.92 22.87 -2.59
C40 PCW KB . -6.61 22.57 -2.94
C41 PCW KB . -5.56 23.28 -2.38
C42 PCW KB . -5.22 24.53 -3.21
C43 PCW KB . -4.81 24.13 -4.62
C44 PCW KB . -4.49 25.37 -5.47
C45 PCW KB . -4.14 24.98 -6.91
C46 PCW KB . -3.83 26.22 -7.74
C47 PCW KB . -3.47 25.84 -9.18
C48 PCW KB . -3.13 27.07 -10.02
N PCW KB . -11.17 17.97 9.71
O2 PCW KB . -9.25 23.14 5.39
O3 PCW KB . -6.76 24.81 5.39
O11 PCW KB . -4.61 24.20 5.44
O31 PCW KB . -8.83 25.30 4.94
O1P PCW KB . -12.05 22.43 7.20
O2P PCW KB . -10.43 21.17 5.71
O3P PCW KB . -9.73 21.99 7.98
O4P PCW KB . -11.34 20.08 7.77
P PCW KB . -10.94 21.47 7.06
C1 PCW LB . -4.29 21.18 16.29
C2 PCW LB . -4.13 20.85 17.77
C3 PCW LB . -2.63 20.74 18.06
C4 PCW LB . -4.81 18.15 14.59
C5 PCW LB . -4.22 17.72 13.23
C6 PCW LB . -4.91 16.09 11.50
C7 PCW LB . -6.67 17.33 12.80
C8 PCW LB . -6.14 18.27 11.72
C11 PCW LB . -1.07 20.96 19.71
C12 PCW LB . -0.56 21.02 21.15
C13 PCW LB . -0.50 19.63 21.80
C14 PCW LB . 0.03 19.76 23.23
C15 PCW LB . 1.44 20.34 23.23
C16 PCW LB . 2.44 19.37 22.59
C17 PCW LB . 2.67 18.15 23.49
C18 PCW LB . 3.33 18.57 24.81
C19 PCW LB . 4.56 19.15 24.56
C20 PCW LB . 5.26 19.81 25.57
C21 PCW LB . 4.73 19.91 26.85
C22 PCW LB . 5.67 20.72 27.75
C23 PCW LB . 5.12 20.84 29.18
C24 PCW LB . 4.99 19.47 29.83
C25 PCW LB . 4.46 19.60 31.25
C26 PCW LB . 4.34 18.22 31.92
C27 PCW LB . 3.81 18.35 33.36
C28 PCW LB . 4.78 19.18 34.21
C31 PCW LB . -4.82 21.50 19.85
C32 PCW LB . -5.25 22.49 20.94
C33 PCW LB . -4.07 22.82 21.86
C34 PCW LB . -4.45 23.81 22.96
C35 PCW LB . -3.23 24.15 23.82
C36 PCW LB . -3.56 25.17 24.91
C37 PCW LB . -2.30 25.52 25.70
C38 PCW LB . -2.60 26.58 26.77
C39 PCW LB . -1.46 26.91 27.47
C40 PCW LB . -1.55 27.64 28.66
C41 PCW LB . -2.79 28.03 29.14
C42 PCW LB . -2.67 29.04 30.27
C43 PCW LB . -1.96 30.31 29.80
C44 PCW LB . -1.92 31.36 30.92
C45 PCW LB . -1.12 30.86 32.13
C46 PCW LB . 0.36 30.68 31.79
C47 PCW LB . 0.99 32.00 31.37
C48 PCW LB . 2.48 31.84 31.06
N PCW LB . -5.28 17.25 12.33
O2 PCW LB . -4.64 21.92 18.58
O3 PCW LB . -2.40 20.72 19.47
O11 PCW LB . -0.32 21.14 18.76
O31 PCW LB . -4.65 20.31 20.14
O1P PCW LB . -6.23 19.00 16.87
O2P PCW LB . -7.87 20.19 15.33
O3P PCW LB . -5.67 21.23 15.90
O4P PCW LB . -5.74 19.21 14.40
P PCW LB . -6.47 19.86 15.68
C1 PCW MB . -5.65 8.00 14.72
C2 PCW MB . -4.22 8.39 15.12
C3 PCW MB . -4.15 8.81 16.58
C4 PCW MB . -4.36 6.47 18.17
C5 PCW MB . -3.57 5.41 18.93
C6 PCW MB . -2.43 6.71 20.71
C7 PCW MB . -1.09 5.20 19.21
C8 PCW MB . -1.37 6.50 18.45
C11 PCW MB . -2.60 9.47 18.16
C12 PCW MB . -1.25 10.04 18.62
C13 PCW MB . -1.41 11.51 19.04
C14 PCW MB . -0.04 12.12 19.37
C15 PCW MB . 0.67 11.35 20.48
C16 PCW MB . 2.03 11.98 20.80
C17 PCW MB . 1.86 13.42 21.29
C18 PCW MB . 3.21 14.07 21.59
C19 PCW MB . 3.99 14.15 20.44
C20 PCW MB . 4.91 15.17 20.27
C21 PCW MB . 5.07 16.14 21.26
C22 PCW MB . 4.44 17.47 20.83
C23 PCW MB . 5.13 18.02 19.57
C24 PCW MB . 4.50 19.35 19.15
C25 PCW MB . 5.18 19.93 17.91
C26 PCW MB . 4.81 19.20 16.62
C27 PCW MB . 5.18 17.73 16.62
C28 PCW MB . 4.22 16.89 17.47
C31 PCW MB . -3.21 7.04 13.57
C32 PCW MB . -2.31 5.89 13.10
C33 PCW MB . -0.86 6.36 12.98
C34 PCW MB . -0.34 6.90 14.32
C35 PCW MB . 1.13 7.30 14.21
C36 PCW MB . 1.34 8.39 13.16
C37 PCW MB . 2.83 8.72 13.02
C38 PCW MB . 3.07 9.78 11.94
C39 PCW MB . 4.43 10.00 11.75
C40 PCW MB . 4.94 11.27 11.57
C41 PCW MB . 4.07 12.37 11.57
C42 PCW MB . 4.41 13.33 12.71
C43 PCW MB . 5.85 13.84 12.59
C44 PCW MB . 6.20 14.78 13.75
C45 PCW MB . 7.65 15.26 13.65
C46 PCW MB . 7.99 16.16 14.83
C47 PCW MB . 9.45 16.63 14.75
C48 PCW MB . 9.79 17.53 15.94
N PCW MB . -2.31 5.98 19.44
O2 PCW MB . -3.33 7.30 14.90
O3 PCW MB . -2.84 9.32 16.82
O11 PCW MB . -3.45 9.11 18.98
O31 PCW MB . -3.82 7.73 12.75
O1P PCW MB . -6.57 8.20 17.36
O2P PCW MB . -7.95 6.12 16.89
O3P PCW MB . -6.09 6.80 15.36
O4P PCW MB . -5.56 5.90 17.65
P PCW MB . -6.64 6.81 16.87
C1 PCW NB . 8.31 -12.05 -4.50
C2 PCW NB . 8.66 -12.18 -3.02
C3 PCW NB . 9.61 -13.38 -2.87
C4 PCW NB . 5.39 -13.76 -5.45
C5 PCW NB . 4.95 -14.46 -6.75
C6 PCW NB . 3.70 -16.44 -5.98
C7 PCW NB . 5.64 -16.74 -7.54
C8 PCW NB . 6.20 -16.55 -6.13
C11 PCW NB . 10.89 -14.53 -1.38
C12 PCW NB . 11.55 -14.83 -0.03
C13 PCW NB . 12.98 -15.35 -0.23
C14 PCW NB . 13.65 -15.71 1.10
C15 PCW NB . 12.86 -16.81 1.82
C16 PCW NB . 13.55 -17.22 3.12
C17 PCW NB . 12.74 -18.29 3.85
C18 PCW NB . 13.45 -18.75 5.12
C19 PCW NB . 13.66 -17.69 6.00
C20 PCW NB . 14.89 -17.04 6.03
C21 PCW NB . 15.93 -17.47 5.20
C22 PCW NB . 17.09 -16.46 5.21
C23 PCW NB . 18.22 -16.93 4.29
C24 PCW NB . 19.39 -15.95 4.34
C25 PCW NB . 18.96 -14.55 3.91
C26 PCW NB . 20.14 -13.57 3.97
C27 PCW NB . 19.69 -12.16 3.56
C28 PCW NB . 20.86 -11.18 3.61
C31 PCW NB . 8.51 -9.96 -2.42
C32 PCW NB . 9.05 -8.62 -1.91
C33 PCW NB . 9.20 -8.64 -0.39
C34 PCW NB . 9.75 -7.32 0.14
C35 PCW NB . 9.89 -7.39 1.67
C36 PCW NB . 10.45 -6.08 2.23
C37 PCW NB . 10.57 -6.17 3.76
C38 PCW NB . 11.13 -4.88 4.36
C39 PCW NB . 11.23 -4.97 5.74
C40 PCW NB . 12.28 -5.69 6.32
C41 PCW NB . 13.22 -6.31 5.51
C42 PCW NB . 14.20 -7.14 6.34
C43 PCW NB . 15.26 -7.78 5.44
C44 PCW NB . 16.25 -8.61 6.26
C45 PCW NB . 15.52 -9.73 7.01
C46 PCW NB . 16.52 -10.58 7.82
C47 PCW NB . 15.80 -11.72 8.54
C48 PCW NB . 16.80 -12.57 9.34
N PCW NB . 4.94 -15.91 -6.55
O2 PCW NB . 9.36 -11.01 -2.56
O3 PCW NB . 10.09 -13.45 -1.51
O11 PCW NB . 11.08 -15.28 -2.33
O31 PCW NB . 7.32 -10.09 -2.70
O1P PCW NB . 5.70 -12.16 -3.14
O2P PCW NB . 4.97 -10.14 -4.50
O3P PCW NB . 7.30 -11.05 -4.72
O4P PCW NB . 5.36 -12.35 -5.62
P PCW NB . 5.75 -11.39 -4.41
C1 PCW OB . -13.96 15.37 -13.58
C2 PCW OB . -14.25 16.87 -13.74
C3 PCW OB . -15.67 17.13 -13.26
C4 PCW OB . -11.73 13.85 -11.30
C5 PCW OB . -12.19 15.30 -11.21
C6 PCW OB . -13.70 14.50 -9.41
C7 PCW OB . -11.98 16.26 -8.90
C8 PCW OB . -13.17 16.95 -9.58
C11 PCW OB . -15.48 19.21 -12.32
C12 PCW OB . -15.70 20.73 -12.25
C13 PCW OB . -15.56 21.36 -13.63
C14 PCW OB . -15.84 22.87 -13.58
C15 PCW OB . -15.68 23.50 -14.97
C16 PCW OB . -14.25 23.37 -15.49
C17 PCW OB . -13.27 24.13 -14.57
C18 PCW OB . -11.84 24.01 -15.08
C19 PCW OB . -10.98 24.76 -14.30
C20 PCW OB . -9.61 24.70 -14.50
C21 PCW OB . -9.08 23.88 -15.51
C22 PCW OB . -8.00 24.60 -16.30
C23 PCW OB . -7.36 23.68 -17.34
C24 PCW OB . -8.40 23.13 -18.32
C25 PCW OB . -8.87 24.15 -19.35
C26 PCW OB . -9.46 25.42 -18.74
C27 PCW OB . -8.38 26.35 -18.19
C28 PCW OB . -8.99 27.62 -17.60
C31 PCW OB . -12.13 17.72 -13.59
C32 PCW OB . -10.98 18.48 -12.93
C33 PCW OB . -11.09 19.98 -13.20
C34 PCW OB . -11.01 20.29 -14.71
C35 PCW OB . -9.70 19.80 -15.30
C36 PCW OB . -9.56 20.22 -16.76
C37 PCW OB . -8.28 19.67 -17.38
C38 PCW OB . -8.13 20.13 -18.83
C39 PCW OB . -6.99 19.59 -19.42
C40 PCW OB . -5.72 19.92 -18.95
C41 PCW OB . -5.56 20.80 -17.90
C42 PCW OB . -4.18 21.45 -17.92
C43 PCW OB . -3.98 22.40 -16.74
C44 PCW OB . -2.59 23.04 -16.77
C45 PCW OB . -2.41 23.86 -18.05
C46 PCW OB . -1.03 24.52 -18.09
C47 PCW OB . -0.86 25.35 -19.35
C48 PCW OB . 0.54 25.99 -19.41
N PCW OB . -12.80 15.56 -9.89
O2 PCW OB . -13.32 17.64 -12.96
O3 PCW OB . -16.00 18.52 -13.38
O11 PCW OB . -14.89 18.62 -11.43
O31 PCW OB . -11.97 17.17 -14.69
O1P PCW OB . -13.26 12.67 -13.62
O2P PCW OB . -11.26 13.22 -15.08
O3P PCW OB . -12.64 15.05 -14.04
O4P PCW OB . -11.16 13.61 -12.59
P PCW OB . -12.10 13.54 -13.90
C1 PCW PB . -5.08 15.96 26.68
C2 PCW PB . -4.19 16.94 25.90
C3 PCW PB . -3.76 18.07 26.80
C4 PCW PB . -8.09 13.23 24.32
C5 PCW PB . -9.47 13.52 23.74
C6 PCW PB . -8.52 12.64 21.62
C7 PCW PB . -10.48 11.46 22.70
C8 PCW PB . -11.02 12.68 21.95
C11 PCW PB . -2.84 20.17 26.82
C12 PCW PB . -2.06 21.35 26.24
C13 PCW PB . -0.56 21.08 26.27
C14 PCW PB . 0.22 22.24 25.63
C15 PCW PB . 1.72 21.97 25.65
C16 PCW PB . 2.49 23.10 24.99
C17 PCW PB . 4.00 22.81 24.99
C18 PCW PB . 4.79 23.94 24.32
C19 PCW PB . 6.14 23.67 24.31
C20 PCW PB . 7.04 24.51 23.67
C21 PCW PB . 6.59 25.65 23.02
C22 PCW PB . 7.70 26.26 22.17
C23 PCW PB . 8.92 26.62 23.02
C24 PCW PB . 10.05 27.19 22.17
C25 PCW PB . 9.61 28.47 21.45
C26 PCW PB . 10.76 29.05 20.62
C27 PCW PB . 11.96 29.40 21.51
C28 PCW PB . 13.12 29.94 20.67
C31 PCW PB . -2.57 16.94 24.28
C32 PCW PB . -1.39 16.38 23.50
C33 PCW PB . -0.44 15.57 24.39
C34 PCW PB . 0.29 16.45 25.40
C35 PCW PB . 1.29 15.62 26.22
C36 PCW PB . 2.12 16.51 27.15
C37 PCW PB . 3.10 15.66 27.96
C38 PCW PB . 3.96 16.54 28.87
C39 PCW PB . 4.84 15.77 29.64
C40 PCW PB . 6.17 15.64 29.26
C41 PCW PB . 6.65 16.29 28.12
C42 PCW PB . 8.07 16.80 28.34
C43 PCW PB . 8.61 17.47 27.08
C44 PCW PB . 10.02 18.01 27.31
C45 PCW PB . 10.54 18.70 26.04
C46 PCW PB . 11.94 19.28 26.26
C47 PCW PB . 11.93 20.33 27.37
C48 PCW PB . 13.33 20.90 27.60
N PCW PB . -9.67 12.69 22.54
O2 PCW PB . -3.07 16.25 25.34
O3 PCW PB . -3.02 19.06 26.07
O11 PCW PB . -3.29 20.21 27.96
O31 PCW PB . -3.10 17.99 23.95
O1P PCW PB . -6.00 12.48 26.11
O2P PCW PB . -6.89 14.15 27.81
O3P PCW PB . -5.55 14.91 25.83
O4P PCW PB . -7.89 14.03 25.50
P PCW PB . -6.57 13.81 26.40
C1 PCW QB . -12.49 27.20 5.20
C2 PCW QB . -11.39 28.03 5.87
C3 PCW QB . -10.06 27.59 5.28
C4 PCW QB . -12.71 27.75 9.03
C5 PCW QB . -11.31 27.75 9.66
C6 PCW QB . -11.92 30.10 10.18
C7 PCW QB . -11.16 28.58 12.03
C8 PCW QB . -9.91 29.06 11.29
C11 PCW QB . -8.86 28.04 7.18
C12 PCW QB . -7.72 28.66 7.99
C13 PCW QB . -7.32 27.74 9.13
C14 PCW QB . -6.12 28.28 9.91
C15 PCW QB . -5.80 27.38 11.11
C16 PCW QB . -4.60 27.89 11.89
C17 PCW QB . -3.32 27.84 11.07
C18 PCW QB . -3.04 26.41 10.59
C19 PCW QB . -1.79 26.31 9.98
C20 PCW QB . -1.50 27.00 8.81
C21 PCW QB . -2.44 27.82 8.20
C22 PCW QB . -1.80 28.59 7.04
C23 PCW QB . -1.25 27.63 5.99
C24 PCW QB . -0.47 28.38 4.91
C25 PCW QB . -1.35 29.37 4.14
C26 PCW QB . -1.86 30.49 5.05
C27 PCW QB . -2.69 31.50 4.27
C28 PCW QB . -1.86 32.16 3.16
C31 PCW QB . -12.64 29.93 6.29
C32 PCW QB . -13.03 31.40 6.10
C33 PCW QB . -13.57 31.65 4.69
C34 PCW QB . -12.52 31.31 3.63
C35 PCW QB . -11.26 32.16 3.82
C36 PCW QB . -10.20 31.83 2.77
C37 PCW QB . -8.95 32.69 2.96
C38 PCW QB . -7.89 32.38 1.91
C39 PCW QB . -6.78 33.21 2.07
C40 PCW QB . -5.54 32.82 1.62
C41 PCW QB . -5.35 31.59 0.99
C42 PCW QB . -3.89 31.14 1.09
C43 PCW QB . -3.64 29.83 0.36
C44 PCW QB . -2.18 29.41 0.50
C45 PCW QB . -1.89 28.11 -0.27
C46 PCW QB . -2.67 26.92 0.29
C47 PCW QB . -4.18 27.13 0.12
C48 PCW QB . -4.96 25.90 0.63
N PCW QB . -11.20 28.88 10.59
O2 PCW QB . -11.59 29.43 5.58
O3 PCW QB . -8.96 28.31 5.84
O11 PCW QB . -9.69 27.32 7.72
O31 PCW QB . -13.27 29.22 7.07
O1P PCW QB . -15.25 27.19 7.84
O2P PCW QB . -14.26 25.11 6.78
O3P PCW QB . -13.76 27.38 5.85
O4P PCW QB . -12.80 26.68 8.07
P PCW QB . -14.11 26.53 7.16
C1 PCW RB . -2.33 7.58 24.92
C2 PCW RB . -1.41 8.71 25.38
C3 PCW RB . -2.03 10.05 25.02
C4 PCW RB . -6.55 7.14 27.03
C5 PCW RB . -7.70 6.94 26.04
C6 PCW RB . -10.15 7.28 25.91
C7 PCW RB . -8.87 8.26 27.84
C8 PCW RB . -8.68 9.18 26.63
C11 PCW RB . 0.03 11.01 24.79
C12 PCW RB . 1.14 12.03 25.07
C13 PCW RB . 2.39 11.35 25.63
C14 PCW RB . 3.50 12.36 25.92
C15 PCW RB . 4.73 11.65 26.49
C16 PCW RB . 5.85 12.66 26.80
C17 PCW RB . 7.07 11.95 27.37
C18 PCW RB . 8.19 12.94 27.70
C19 PCW RB . 8.60 13.63 26.57
C20 PCW RB . 9.43 13.00 25.64
C21 PCW RB . 9.84 11.69 25.84
C22 PCW RB . 11.37 11.61 25.98
C23 PCW RB . 11.85 12.41 27.19
C24 PCW RB . 11.24 11.86 28.48
C25 PCW RB . 11.72 12.64 29.70
C26 PCW RB . 11.09 12.10 30.99
C27 PCW RB . 11.46 10.64 31.21
C28 PCW RB . 12.98 10.47 31.31
C31 PCW RB . -0.45 7.56 27.10
C32 PCW RB . -0.11 7.26 28.56
C33 PCW RB . 0.96 8.23 29.08
C34 PCW RB . 2.23 8.15 28.23
C35 PCW RB . 2.82 6.75 28.23
C36 PCW RB . 4.06 6.68 27.34
C37 PCW RB . 4.66 5.26 27.33
C38 PCW RB . 5.88 5.20 26.42
C39 PCW RB . 6.42 3.92 26.40
C40 PCW RB . 7.45 3.57 27.28
C41 PCW RB . 7.94 4.50 28.18
C42 PCW RB . 9.37 4.17 28.59
C43 PCW RB . 9.44 2.79 29.25
C44 PCW RB . 10.87 2.45 29.67
C45 PCW RB . 10.94 1.07 30.32
C46 PCW RB . 12.38 0.72 30.72
C47 PCW RB . 12.43 -0.65 31.39
C48 PCW RB . 13.86 -1.02 31.79
N PCW RB . -8.87 7.74 26.47
O2 PCW RB . -1.22 8.64 26.80
O3 PCW RB . -1.15 11.12 25.43
O11 PCW RB . 0.23 10.10 23.98
O31 PCW RB . -0.04 6.85 26.19
O1P PCW RB . -5.79 7.27 24.29
O2P PCW RB . -4.12 5.40 24.68
O3P PCW RB . -3.64 7.73 25.48
O4P PCW RB . -5.43 6.36 26.61
P PCW RB . -4.78 6.63 25.16
C1 PCW SB . 1.43 4.16 5.89
C2 PCW SB . 1.87 5.03 4.71
C3 PCW SB . 2.78 6.14 5.23
C4 PCW SB . 1.88 0.21 6.52
C5 PCW SB . 2.97 1.28 6.38
C6 PCW SB . 5.15 1.80 7.43
C7 PCW SB . 4.18 -0.50 7.68
C8 PCW SB . 4.83 -0.41 6.30
C11 PCW SB . 3.93 8.02 4.66
C12 PCW SB . 4.56 9.05 3.71
C13 PCW SB . 5.48 9.99 4.48
C14 PCW SB . 6.11 11.02 3.54
C15 PCW SB . 7.01 11.99 4.31
C16 PCW SB . 7.63 13.04 3.39
C17 PCW SB . 8.53 12.40 2.33
C18 PCW SB . 9.13 13.47 1.41
C19 PCW SB . 9.97 12.90 0.46
C20 PCW SB . 11.05 13.62 -0.02
C21 PCW SB . 11.28 14.91 0.45
C22 PCW SB . 11.30 15.92 -0.70
C23 PCW SB . 11.48 17.35 -0.16
C24 PCW SB . 12.78 17.46 0.66
C25 PCW SB . 13.99 17.08 -0.20
C26 PCW SB . 15.28 17.18 0.62
C27 PCW SB . 16.49 16.77 -0.23
C28 PCW SB . 17.78 16.91 0.57
C31 PCW SB . 2.66 4.89 2.55
C32 PCW SB . 3.36 4.24 1.36
C33 PCW SB . 2.38 3.45 0.50
C34 PCW SB . 3.07 2.93 -0.76
C35 PCW SB . 3.60 4.09 -1.60
C36 PCW SB . 4.32 3.58 -2.86
C37 PCW SB . 4.84 4.76 -3.69
C38 PCW SB . 5.58 4.26 -4.93
C39 PCW SB . 6.04 5.32 -5.69
C40 PCW SB . 7.32 5.83 -5.48
C41 PCW SB . 8.15 5.27 -4.51
C42 PCW SB . 9.15 6.31 -4.00
C43 PCW SB . 10.08 5.71 -2.95
C44 PCW SB . 11.09 6.73 -2.44
C45 PCW SB . 12.00 6.12 -1.37
C46 PCW SB . 13.00 7.16 -0.85
C47 PCW SB . 13.92 6.53 0.20
C48 PCW SB . 14.94 7.56 0.71
N PCW SB . 4.23 0.77 6.94
O2 PCW SB . 2.56 4.23 3.74
O3 PCW SB . 3.25 6.96 4.14
O11 PCW SB . 4.03 8.14 5.88
O31 PCW SB . 2.16 6.01 2.45
O1P PCW SB . 0.60 2.38 7.82
O2P PCW SB . -1.49 1.95 6.43
O3P PCW SB . 0.50 3.16 5.47
O4P PCW SB . 0.66 0.70 5.96
P PCW SB . -0.01 2.05 6.51
C1 PCW TB . 1.64 -1.12 0.72
C2 PCW TB . 3.01 -0.75 0.12
C3 PCW TB . 2.85 -0.52 -1.38
C4 PCW TB . 1.28 -4.43 2.26
C5 PCW TB . 0.88 -5.62 1.39
C6 PCW TB . 3.30 -6.09 1.45
C7 PCW TB . 1.69 -7.87 2.17
C8 PCW TB . 1.74 -7.86 0.64
C11 PCW TB . 4.97 -1.24 -1.82
C12 PCW TB . 6.42 -1.12 -2.33
C13 PCW TB . 6.55 -1.72 -3.73
C14 PCW TB . 7.99 -1.60 -4.23
C15 PCW TB . 8.13 -2.16 -5.65
C16 PCW TB . 7.23 -1.42 -6.63
C17 PCW TB . 7.41 -1.96 -8.06
C18 PCW TB . 6.47 -1.24 -9.04
C19 PCW TB . 6.64 -1.73 -10.32
C20 PCW TB . 7.30 -0.96 -11.28
C21 PCW TB . 7.79 0.30 -10.94
C22 PCW TB . 6.91 1.41 -11.53
C23 PCW TB . 6.90 1.34 -13.06
C24 PCW TB . 8.30 1.50 -13.62
C25 PCW TB . 8.90 2.85 -13.24
C26 PCW TB . 10.32 3.01 -13.79
C27 PCW TB . 10.91 4.37 -13.44
C28 PCW TB . 10.07 5.51 -14.02
C31 PCW TB . 3.97 0.21 1.98
C32 PCW TB . 4.55 1.36 2.80
C33 PCW TB . 6.02 1.11 3.11
C34 PCW TB . 6.63 2.30 3.86
C35 PCW TB . 8.12 2.07 4.12
C36 PCW TB . 8.76 3.30 4.78
C37 PCW TB . 10.26 3.08 5.00
C38 PCW TB . 10.90 4.30 5.65
C39 PCW TB . 12.26 4.10 5.85
C40 PCW TB . 13.17 5.10 5.56
C41 PCW TB . 12.73 6.33 5.08
C42 PCW TB . 13.73 7.45 5.41
C43 PCW TB . 13.24 8.79 4.86
C44 PCW TB . 14.23 9.91 5.21
C45 PCW TB . 13.75 11.26 4.66
C46 PCW TB . 13.67 11.25 3.13
C47 PCW TB . 12.65 10.23 2.62
C48 PCW TB . 12.61 10.24 1.09
N PCW TB . 1.94 -6.63 1.41
O2 PCW TB . 3.51 0.45 0.72
O3 PCW TB . 4.13 -0.18 -1.94
O11 PCW TB . 4.57 -2.29 -1.33
O31 PCW TB . 3.93 -0.93 2.44
O1P PCW TB . 0.95 -2.25 4.32
O2P PCW TB . -0.67 -1.15 2.70
O3P PCW TB . 1.76 -1.41 2.12
O4P PCW TB . 0.27 -3.42 2.20
P PCW TB . 0.51 -2.02 2.93
C1 PCW UB . -8.59 14.18 7.96
C2 PCW UB . -7.32 14.80 7.39
C3 PCW UB . -7.57 16.26 7.06
C4 PCW UB . -9.63 13.00 11.99
C5 PCW UB . -10.82 13.00 12.96
C6 PCW UB . -11.20 13.34 15.38
C7 PCW UB . -9.07 14.20 14.34
C8 PCW UB . -10.19 15.19 14.02
C11 PCW UB . -6.76 18.06 5.90
C12 PCW UB . -5.78 18.80 4.98
C13 PCW UB . -4.72 19.58 5.76
C14 PCW UB . -3.74 20.25 4.80
C15 PCW UB . -2.67 21.05 5.55
C16 PCW UB . -1.69 21.69 4.57
C17 PCW UB . -0.65 22.54 5.29
C18 PCW UB . 0.35 23.14 4.30
C19 PCW UB . -0.30 23.92 3.34
C20 PCW UB . -0.29 23.52 2.01
C21 PCW UB . 0.37 22.36 1.64
C22 PCW UB . -0.37 21.62 0.51
C23 PCW UB . -0.40 22.44 -0.77
C24 PCW UB . -1.16 23.75 -0.59
C25 PCW UB . -1.20 24.54 -1.90
C26 PCW UB . 0.22 24.89 -2.37
C27 PCW UB . 0.19 25.67 -3.68
C28 PCW UB . 1.61 26.01 -4.16
C31 PCW UB . -5.03 14.90 7.70
C32 PCW UB . -3.75 14.85 8.53
C33 PCW UB . -2.50 14.74 7.65
C34 PCW UB . -1.24 14.69 8.50
C35 PCW UB . 0.02 14.58 7.62
C36 PCW UB . 0.17 15.81 6.72
C37 PCW UB . 1.44 15.71 5.87
C38 PCW UB . 1.60 16.95 4.98
C39 PCW UB . 2.77 16.85 4.22
C40 PCW UB . 3.46 17.99 3.84
C41 PCW UB . 2.99 19.25 4.22
C42 PCW UB . 2.48 20.03 3.01
C43 PCW UB . 3.57 20.19 1.95
C44 PCW UB . 3.06 20.97 0.74
C45 PCW UB . 4.15 21.11 -0.32
C46 PCW UB . 3.64 21.90 -1.53
C47 PCW UB . 4.73 22.04 -2.60
C48 PCW UB . 4.23 22.84 -3.80
N PCW UB . -10.47 13.76 14.17
O2 PCW UB . -6.23 14.68 8.32
O3 PCW UB . -6.50 16.79 6.26
O11 PCW UB . -7.78 18.62 6.29
O31 PCW UB . -4.99 15.11 6.50
O1P PCW UB . -7.34 13.39 10.35
O2P PCW UB . -7.46 15.88 10.85
O3P PCW UB . -9.00 14.83 9.17
O4P PCW UB . -9.30 14.34 11.62
P PCW UB . -8.15 14.62 10.52
C1 PCW VB . -2.76 -3.85 -24.46
C2 PCW VB . -1.25 -3.67 -24.31
C3 PCW VB . -0.62 -3.55 -25.69
C4 PCW VB . -5.53 -5.15 -20.74
C5 PCW VB . -5.75 -6.49 -20.02
C6 PCW VB . -5.78 -7.31 -17.68
C7 PCW VB . -6.00 -4.85 -18.13
C8 PCW VB . -7.37 -5.50 -18.36
C11 PCW VB . 1.33 -3.33 -26.85
C12 PCW VB . 2.83 -3.11 -27.02
C13 PCW VB . 3.59 -4.43 -27.17
C14 PCW VB . 5.08 -4.18 -27.35
C15 PCW VB . 5.86 -5.49 -27.46
C16 PCW VB . 5.69 -6.33 -26.19
C17 PCW VB . 6.49 -7.63 -26.28
C18 PCW VB . 7.98 -7.34 -26.49
C19 PCW VB . 8.71 -8.51 -26.54
C20 PCW VB . 9.30 -9.02 -25.39
C21 PCW VB . 9.15 -8.35 -24.19
C22 PCW VB . 9.92 -7.03 -24.19
C23 PCW VB . 9.74 -6.29 -22.86
C24 PCW VB . 10.51 -4.97 -22.86
C25 PCW VB . 10.32 -4.21 -21.54
C26 PCW VB . 11.07 -2.88 -21.56
C27 PCW VB . 12.56 -3.10 -21.77
C28 PCW VB . 13.32 -1.77 -21.78
C31 PCW VB . 0.31 -2.55 -23.05
C32 PCW VB . 0.84 -1.45 -22.13
C33 PCW VB . 0.86 -0.08 -22.81
C34 PCW VB . 1.80 -0.05 -24.02
C35 PCW VB . 1.20 -0.76 -25.22
C36 PCW VB . -0.05 -0.02 -25.72
C37 PCW VB . -0.63 -0.67 -26.98
C38 PCW VB . -1.84 0.11 -27.48
C39 PCW VB . -2.36 -0.46 -28.64
C40 PCW VB . -1.93 -0.01 -29.89
C41 PCW VB . -0.98 0.99 -29.99
C42 PCW VB . 0.29 0.46 -30.68
C43 PCW VB . 1.35 1.56 -30.79
C44 PCW VB . 2.62 1.02 -31.45
C45 PCW VB . 3.71 2.09 -31.56
C46 PCW VB . 3.26 3.26 -32.44
C47 PCW VB . 2.06 3.99 -31.85
C48 PCW VB . 1.63 5.17 -32.73
N PCW VB . -6.12 -6.23 -18.62
O2 PCW VB . -0.97 -2.51 -23.51
O3 PCW VB . 0.80 -3.37 -25.60
O11 PCW VB . 0.60 -3.48 -27.82
O31 PCW VB . 1.03 -3.50 -23.36
O1P PCW VB . -5.53 -2.92 -22.47
O2P PCW VB . -5.50 -4.51 -24.44
O3P PCW VB . -3.39 -3.97 -23.18
O4P PCW VB . -5.18 -5.39 -22.10
P PCW VB . -4.99 -4.15 -23.11
C1 17F WB . -1.14 -14.45 -20.19
N1 17F WB . -2.02 -15.87 -22.00
O1 17F WB . 0.97 -13.32 -21.14
P1 17F WB . -0.15 -12.69 -21.87
C2 17F WB . -0.85 -15.62 -21.14
O2 17F WB . -0.69 -13.17 -23.16
C3 17F WB . -0.53 -16.87 -20.32
O3 17F WB . -1.33 -13.25 -20.93
C4 17F WB . -1.39 -10.42 -22.39
O4 17F WB . 0.65 -16.99 -19.91
C5 17F WB . -1.43 -8.94 -22.03
O5 17F WB . -1.46 -17.69 -20.13
C6 17F WB . -2.01 -8.75 -20.65
O6 17F WB . -0.51 -11.16 -21.53
C7 17F WB . -2.68 -7.15 -19.14
O7 17F WB . -2.10 -7.34 -20.36
C8 17F WB . -2.91 -5.73 -18.64
O8 17F WB . -3.02 -8.12 -18.46
C9 17F WB . -2.29 -4.70 -19.59
O9 17F WB . -0.10 -8.40 -22.09
C10 17F WB . -2.62 -3.28 -19.15
O10 17F WB . -0.42 -8.75 -24.27
C11 17F WB . -2.10 -3.00 -17.73
C12 17F WB . -2.45 -1.57 -17.31
C17 17F WB . 0.34 -8.39 -23.37
C18 17F WB . 1.74 -7.90 -23.69
C19 17F WB . 2.04 -6.57 -23.00
C20 17F WB . 3.47 -6.09 -23.29
C1X 17F WB . -1.94 -1.29 -15.89
C1Y 17F WB . 3.76 -4.75 -22.61
C1Z 17F WB . 5.18 -4.30 -22.92
C2X 17F WB . -2.26 0.15 -15.46
C21 17F WB . -1.79 0.41 -14.19
C22 17F WB . -0.57 1.05 -14.00
C23 17F WB . 0.20 1.43 -15.10
C24 17F WB . 1.57 1.95 -14.64
C25 17F WB . 2.42 2.38 -15.84
C26 17F WB . 3.79 2.91 -15.38
C27 17F WB . 4.65 3.30 -16.58
C28 17F WB . 6.00 3.83 -16.12
C29 17F WB . 6.87 4.23 -17.32
C30 17F WB . 8.22 4.79 -16.87
C31 17F WB . 5.49 -2.95 -22.26
C32 17F WB . 6.93 -2.52 -22.55
C33 17F WB . 7.21 -1.29 -21.97
C34 17F WB . 7.98 -0.36 -22.66
C35 17F WB . 8.47 -0.66 -23.92
C36 17F WB . 7.34 -0.78 -24.94
C37 17F WB . 7.90 -1.13 -26.33
C38 17F WB . 6.77 -1.26 -27.36
C39 17F WB . 7.33 -1.57 -28.74
C40 17F WB . 8.27 -0.47 -29.22
C41 17F WB . 8.83 -0.78 -30.62
C42 17F WB . 9.76 0.32 -31.10
HN1 17F WB . -2.07 -14.96 -22.43
HN1A 17F WB . -2.93 -15.85 -21.60
HAC 17F WB . -1.82 -16.38 -22.83
C1 17F XB . -7.30 14.57 17.34
N1 17F XB . -7.20 17.01 17.68
O1 17F XB . -6.27 15.72 14.60
P1 17F XB . -5.82 14.43 15.18
C2 17F XB . -7.94 15.93 17.02
O2 17F XB . -6.43 13.19 14.66
C3 17F XB . -9.40 15.93 17.51
O3 17F XB . -5.99 14.48 16.77
C4 17F XB . -3.52 13.14 15.25
O4 17F XB . -9.62 16.33 18.66
C5 17F XB . -2.02 13.28 14.96
O5 17F XB . -10.26 15.52 16.70
C6 17F XB . -1.78 13.51 13.48
O6 17F XB . -4.22 14.35 14.97
C7 17F XB . -0.14 14.08 11.97
O7 17F XB . -0.38 13.73 13.26
C8 17F XB . 1.28 14.40 11.52
O8 17F XB . -1.08 14.16 11.17
C9 17F XB . 1.32 15.66 10.66
O9 17F XB . -1.51 14.40 15.71
C10 17F XB . 2.76 16.06 10.32
O10 17F XB . 0.43 13.33 15.34
C11 17F XB . 3.51 14.97 9.57
C12 17F XB . 4.93 15.41 9.25
C17 17F XB . -0.15 14.31 15.81
C18 17F XB . 0.62 15.42 16.52
C19 17F XB . 2.07 15.46 16.04
C20 17F XB . 2.80 14.17 16.42
C1X 17F XB . 5.71 14.31 8.52
C1Y 17F XB . 4.24 14.17 15.87
C1Z 17F XB . 5.01 12.95 16.37
C2X 17F XB . 7.14 14.77 8.21
C21 17F XB . 7.86 13.78 7.55
C22 17F XB . 8.70 14.12 6.49
C23 17F XB . 8.82 15.44 6.09
C24 17F XB . 9.19 15.52 4.61
C25 17F XB . 9.34 16.98 4.16
C26 17F XB . 8.03 17.76 4.34
C27 17F XB . 8.20 19.21 3.89
C28 17F XB . 6.89 19.98 4.05
C29 17F XB . 7.03 21.43 3.59
C30 17F XB . 5.73 22.20 3.77
C31 17F XB . 5.11 12.99 17.90
C32 17F XB . 5.91 11.79 18.43
C33 17F XB . 6.00 11.85 19.81
C34 17F XB . 6.65 10.85 20.53
C35 17F XB . 7.22 9.77 19.86
C36 17F XB . 8.41 9.21 20.64
C37 17F XB . 9.01 7.99 19.95
C38 17F XB . 9.51 8.33 18.54
C39 17F XB . 10.10 7.10 17.86
C40 17F XB . 10.60 7.44 16.45
C41 17F XB . 9.47 7.96 15.57
C42 17F XB . 9.97 8.29 14.17
HN1 17F XB . -6.26 17.04 17.33
HN1A 17F XB . -7.65 17.87 17.52
HAC 17F XB . -7.17 16.83 18.67
C1 17F YB . -5.89 5.77 -23.43
N1 17F YB . -7.64 5.36 -25.10
O1 17F YB . -4.68 8.22 -22.55
P1 17F YB . -4.20 7.74 -23.86
C2 17F YB . -6.74 4.71 -24.14
O2 17F YB . -4.05 8.73 -24.95
C3 17F YB . -7.55 3.92 -23.12
O3 17F YB . -5.11 6.52 -24.36
C4 17F YB . -1.60 7.57 -24.25
O4 17F YB . -8.56 3.31 -23.53
C5 17F YB . -0.39 6.66 -24.00
O5 17F YB . -7.14 3.93 -21.93
C6 17F YB . 0.83 7.22 -24.70
O6 17F YB . -2.76 7.04 -23.61
C7 17F YB . 3.02 6.76 -25.20
O7 17F YB . 1.98 6.41 -24.40
C8 17F YB . 4.37 6.06 -25.04
O8 17F YB . 2.86 7.62 -26.07
C9 17F YB . 5.11 6.56 -23.80
O9 17F YB . -0.17 6.55 -22.59
C10 17F YB . 6.44 5.83 -23.62
O10 17F YB . 0.90 4.71 -23.28
C11 17F YB . 7.36 6.02 -24.83
C12 17F YB . 8.69 5.32 -24.62
C17 17F YB . 0.54 5.42 -22.34
C18 17F YB . 0.87 5.03 -20.90
C19 17F YB . 0.64 6.18 -19.92
C20 17F YB . 1.76 7.22 -19.97
C1X 17F YB . 9.60 5.47 -25.85
C1Y 17F YB . 1.53 8.28 -18.89
C1Z 17F YB . 2.75 9.18 -18.70
C2X 17F YB . 10.94 4.76 -25.64
C21 17F YB . 11.73 4.84 -26.77
C22 17F YB . 12.67 5.86 -26.91
C23 17F YB . 12.84 6.81 -25.91
C24 17F YB . 12.14 8.12 -26.29
C25 17F YB . 12.34 9.19 -25.22
C26 17F YB . 13.83 9.52 -25.05
C27 17F YB . 14.03 10.60 -23.99
C28 17F YB . 15.52 10.93 -23.84
C29 17F YB . 15.75 12.01 -22.78
C30 17F YB . 17.25 12.33 -22.65
C31 17F YB . 3.09 9.98 -19.96
C32 17F YB . 4.25 10.95 -19.67
C33 17F YB . 3.93 11.78 -18.62
C34 17F YB . 4.89 12.60 -18.03
C35 17F YB . 6.20 12.61 -18.49
C36 17F YB . 6.56 13.97 -19.07
C37 17F YB . 8.04 14.04 -19.46
C38 17F YB . 8.38 15.41 -20.06
C39 17F YB . 9.88 15.53 -20.36
C40 17F YB . 10.70 15.40 -19.08
C41 17F YB . 12.20 15.54 -19.37
C42 17F YB . 13.02 15.43 -18.09
HN1 17F YB . -7.11 5.90 -25.75
HN1A 17F YB . -8.16 4.66 -25.58
HAC 17F YB . -8.27 5.97 -24.61
C1 17F ZB . -13.30 22.75 -3.85
N1 17F ZB . -14.92 24.60 -3.77
O1 17F ZB . -12.52 24.71 -6.88
P1 17F ZB . -12.45 23.37 -6.26
C2 17F ZB . -14.74 23.18 -4.12
O2 17F ZB . -13.48 22.37 -6.62
C3 17F ZB . -15.70 22.32 -3.28
O3 17F ZB . -12.39 23.51 -4.66
C4 17F ZB . -10.64 21.47 -6.10
O4 17F ZB . -16.05 22.78 -2.17
C5 17F ZB . -9.38 20.93 -6.81
O5 17F ZB . -16.08 21.25 -3.78
C6 17F ZB . -9.12 19.52 -6.30
O6 17F ZB . -10.99 22.76 -6.60
C7 17F ZB . -6.86 19.64 -6.59
O7 17F ZB . -7.98 18.98 -6.99
C8 17F ZB . -5.50 19.25 -7.18
O8 17F ZB . -6.93 20.52 -5.73
C9 17F ZB . -4.94 20.39 -8.04
O9 17F ZB . -9.64 20.87 -8.21
C10 17F ZB . -3.59 20.00 -8.66
O10 17F ZB . -9.63 22.17 -10.03
C11 17F ZB . -2.58 19.65 -7.57
C12 17F ZB . -1.23 19.26 -8.17
C17 17F ZB . -9.39 22.06 -8.83
C18 17F ZB . -8.84 23.25 -8.03
C19 17F ZB . -9.28 24.57 -8.68
C20 17F ZB . -8.59 25.77 -8.02
C1X 17F ZB . -0.20 18.95 -7.09
C1Y 17F ZB . -9.09 27.08 -8.66
C1Z 17F ZB . -8.32 28.29 -8.11
C2X 17F ZB . 1.15 18.57 -7.70
C21 17F ZB . 1.06 17.44 -8.49
C22 17F ZB . 0.73 17.55 -9.84
C23 17F ZB . 0.48 18.80 -10.40
C24 17F ZB . -0.67 18.73 -11.40
C25 17F ZB . -0.99 20.12 -11.97
C26 17F ZB . 0.20 20.74 -12.69
C27 17F ZB . -0.15 22.09 -13.29
C28 17F ZB . 1.03 22.73 -14.00
C29 17F ZB . 2.20 22.96 -13.04
C30 17F ZB . 3.38 23.63 -13.75
C31 17F ZB . -6.83 28.19 -8.45
C32 17F ZB . -6.06 29.42 -7.93
C33 17F ZB . -4.71 29.32 -8.26
C34 17F ZB . -3.98 30.47 -8.51
C35 17F ZB . -4.58 31.73 -8.44
C36 17F ZB . -4.23 32.43 -7.13
C37 17F ZB . -2.71 32.66 -7.03
C38 17F ZB . -2.35 33.40 -5.73
C39 17F ZB . -0.85 33.64 -5.63
C40 17F ZB . -0.50 34.36 -4.33
C41 17F ZB . 1.01 34.61 -4.24
C42 17F ZB . 1.78 33.30 -4.27
HN1 17F ZB . -15.84 24.72 -4.12
HN1A 17F ZB . -14.49 25.29 -4.34
HAC 17F ZB . -15.12 24.77 -2.80
C1 17F AC . -16.45 24.61 10.24
N1 17F AC . -14.77 23.63 8.77
O1 17F AC . -15.66 25.19 12.97
P1 17F AC . -14.89 25.90 11.92
C2 17F AC . -15.55 23.40 9.99
O2 17F AC . -14.52 27.31 12.16
C3 17F AC . -16.41 22.14 9.85
O3 17F AC . -15.68 25.79 10.52
C4 17F AC . -12.27 25.70 11.74
O4 17F AC . -15.82 21.04 9.89
C5 17F AC . -11.13 24.70 11.54
O5 17F AC . -17.64 22.29 9.72
C6 17F AC . -11.14 24.15 10.12
O6 17F AC . -13.54 25.05 11.67
C7 17F AC . -9.55 22.65 10.82
O7 17F AC . -9.84 23.59 9.88
C8 17F AC . -8.15 22.03 10.85
O8 17F AC . -10.42 22.28 11.62
C9 17F AC . -7.89 21.33 12.19
O9 17F AC . -9.87 25.39 11.70
C10 17F AC . -6.40 21.07 12.39
O10 17F AC . -10.36 25.11 13.87
C11 17F AC . -5.63 22.39 12.53
C12 17F AC . -4.15 22.16 12.82
C17 17F AC . -9.57 25.52 13.02
C18 17F AC . -8.24 26.15 13.43
C19 17F AC . -8.45 27.31 14.41
C20 17F AC . -7.11 27.92 14.81
C1X 17F AC . -3.44 23.50 13.03
C1Y 17F AC . -7.30 29.09 15.78
C1Z 17F AC . -5.94 29.69 16.16
C2X 17F AC . -1.96 23.31 13.35
C21 17F AC . -1.29 22.71 12.28
C22 17F AC . -0.34 23.44 11.57
C23 17F AC . -0.06 24.75 11.92
C24 17F AC . 1.31 24.87 12.57
C25 17F AC . 1.61 26.32 12.97
C26 17F AC . 2.98 26.45 13.63
C27 17F AC . 3.25 27.89 14.07
C28 17F AC . 4.61 28.03 14.74
C29 17F AC . 4.86 29.46 15.20
C30 17F AC . 6.21 29.59 15.89
C31 17F AC . -6.11 30.87 17.12
C32 17F AC . -4.74 31.47 17.47
C33 17F AC . -4.88 32.56 18.32
C34 17F AC . -3.94 32.77 19.32
C35 17F AC . -2.87 31.90 19.48
C36 17F AC . -1.58 32.67 19.81
C37 17F AC . -1.76 33.50 21.08
C38 17F AC . -0.49 34.26 21.43
C39 17F AC . -0.68 35.11 22.68
C40 17F AC . -1.02 34.24 23.89
C41 17F AC . -1.22 35.09 25.15
C42 17F AC . -2.40 36.06 24.98
HN1 17F AC . -15.53 23.73 8.13
HN1A 17F AC . -14.35 22.84 8.30
HAC 17F AC . -14.40 24.55 8.67
C1 17F BC . 3.33 -17.36 3.86
N1 17F BC . 1.83 -19.28 3.55
O1 17F BC . 4.83 -18.42 0.52
P1 17F BC . 4.97 -18.16 1.96
C2 17F BC . 3.00 -18.79 4.29
O2 17F BC . 5.20 -19.31 2.87
C3 17F BC . 2.70 -18.81 5.80
O3 17F BC . 3.70 -17.32 2.48
C4 17F BC . 6.85 -17.02 3.41
O4 17F BC . 1.53 -19.13 6.15
C5 17F BC . 8.14 -16.20 3.30
O5 17F BC . 3.63 -18.52 6.57
C6 17F BC . 7.84 -14.80 2.82
O6 17F BC . 6.20 -17.13 2.14
C7 17F BC . 8.80 -12.72 2.57
O7 17F BC . 9.07 -14.05 2.73
C8 17F BC . 9.96 -11.73 2.47
O8 17F BC . 7.63 -12.34 2.52
C9 17F BC . 10.31 -11.43 1.01
O9 17F BC . 8.77 -16.12 4.60
C10 17F BC . 11.49 -10.45 0.94
O10 17F BC . 10.54 -15.69 3.31
C11 17F BC . 11.83 -10.08 -0.49
C12 17F BC . 13.00 -9.10 -0.54
C17 17F BC . 10.07 -15.79 4.44
C18 17F BC . 10.97 -15.58 5.66
C19 17F BC . 12.25 -14.86 5.27
C20 17F BC . 13.12 -14.52 6.48
C1X 17F BC . 13.31 -8.65 -1.98
C1Y 17F BC . 14.42 -13.86 6.03
C1Z 17F BC . 14.12 -12.61 5.19
C2X 17F BC . 14.49 -7.68 -2.00
C21 17F BC . 14.74 -7.23 -3.30
C22 17F BC . 14.56 -5.89 -3.60
C23 17F BC . 14.14 -5.00 -2.61
C24 17F BC . 12.85 -4.29 -3.01
C25 17F BC . 12.39 -3.34 -1.91
C26 17F BC . 13.44 -2.27 -1.61
C27 17F BC . 12.97 -1.33 -0.50
C28 17F BC . 14.04 -0.27 -0.19
C29 17F BC . 14.36 0.57 -1.43
C30 17F BC . 15.43 1.61 -1.11
C31 17F BC . 15.41 -12.00 4.63
C32 17F BC . 15.10 -10.78 3.75
C33 17F BC . 16.26 -10.26 3.20
C34 17F BC . 16.73 -10.75 1.99
C35 17F BC . 16.04 -11.74 1.32
C36 17F BC . 15.57 -11.26 -0.06
C37 17F BC . 14.79 -12.34 -0.79
C38 17F BC . 14.32 -11.85 -2.16
C39 17F BC . 13.51 -12.92 -2.89
C40 17F BC . 14.36 -14.18 -3.13
C41 17F BC . 13.56 -15.24 -3.88
C42 17F BC . 14.39 -16.49 -4.12
HN1 17F BC . 1.04 -18.70 3.73
HN1A 17F BC . 2.04 -19.25 2.56
HAC 17F BC . 1.63 -20.22 3.81
C1 17F CC . -8.98 16.75 -3.17
N1 17F CC . -8.49 19.08 -2.55
O1 17F CC . -6.00 15.49 -1.55
P1 17F CC . -6.57 16.75 -2.09
C2 17F CC . -9.23 18.23 -3.49
O2 17F CC . -7.22 17.69 -1.14
C3 17F CC . -10.72 18.52 -3.37
O3 17F CC . -7.60 16.41 -3.28
C4 17F CC . -5.57 18.87 -3.32
O4 17F CC . -11.41 17.76 -2.65
C5 17F CC . -4.24 19.46 -3.79
O5 17F CC . -11.16 19.50 -4.01
C6 17F CC . -4.47 20.83 -4.41
O6 17F CC . -5.38 17.53 -2.84
C7 17F CC . -2.43 21.80 -4.01
O7 17F CC . -3.24 21.31 -4.98
C8 17F CC . -1.04 22.31 -4.39
O8 17F CC . -2.82 21.85 -2.85
C9 17F CC . 0.01 21.22 -4.14
O9 17F CC . -3.34 19.56 -2.67
C10 17F CC . 1.40 21.67 -4.62
O10 17F CC . -1.89 18.30 -1.53
C11 17F CC . 1.39 21.95 -6.13
C12 17F CC . 2.77 22.36 -6.62
C17 17F CC . -2.67 18.40 -2.47
C18 17F CC . -2.91 17.20 -3.40
C19 17F CC . -1.58 16.48 -3.71
C20 17F CC . -0.95 15.93 -2.42
C1X 17F CC . 2.78 22.61 -8.13
C1Y 17F CC . 0.39 15.26 -2.72
C1Z 17F CC . 1.39 16.27 -3.29
C2X 17F CC . 4.17 22.98 -8.62
C21 17F CC . 4.62 24.14 -8.00
C22 17F CC . 5.99 24.34 -7.85
C23 17F CC . 6.90 23.39 -8.28
C24 17F CC . 8.27 24.01 -8.53
C25 17F CC . 9.27 22.97 -9.03
C26 17F CC . 10.64 23.60 -9.27
C27 17F CC . 11.65 22.58 -9.79
C28 17F CC . 13.03 23.22 -10.01
C29 17F CC . 14.04 22.20 -10.51
C30 17F CC . 15.41 22.83 -10.73
C31 17F CC . 2.74 15.60 -3.58
C32 17F CC . 3.72 16.61 -4.17
C33 17F CC . 3.28 17.12 -5.38
C34 17F CC . 3.92 18.22 -5.95
C35 17F CC . 5.01 18.79 -5.31
C36 17F CC . 6.13 19.07 -6.30
C37 17F CC . 7.32 19.74 -5.62
C38 17F CC . 8.46 20.00 -6.62
C39 17F CC . 9.65 20.69 -5.93
C40 17F CC . 10.79 20.91 -6.92
C41 17F CC . 11.98 21.58 -6.23
C42 17F CC . 13.14 21.79 -7.21
HN1 17F CC . -7.57 18.72 -2.70
HN1A 17F CC . -8.52 18.89 -1.57
HAC 17F CC . -8.31 20.01 -2.88
C1 PCW DC . 31.65 6.15 -11.57
C2 PCW DC . 30.33 5.38 -11.50
C3 PCW DC . 30.63 3.91 -11.33
C4 PCW DC . 33.81 6.84 -7.72
C5 PCW DC . 33.76 7.94 -6.65
C6 PCW DC . 36.20 7.98 -7.05
C7 PCW DC . 34.88 10.11 -7.22
C8 PCW DC . 35.13 9.83 -5.73
C11 PCW DC . 29.63 1.90 -10.84
C12 PCW DC . 28.45 0.97 -10.54
C13 PCW DC . 28.89 -0.17 -9.61
C14 PCW DC . 27.69 -1.02 -9.19
C15 PCW DC . 28.14 -2.14 -8.24
C16 PCW DC . 26.94 -2.92 -7.71
C17 PCW DC . 25.98 -1.99 -6.96
C18 PCW DC . 24.78 -2.77 -6.41
C19 PCW DC . 23.89 -1.91 -5.78
C20 PCW DC . 22.55 -1.89 -6.15
C21 PCW DC . 22.10 -2.73 -7.16
C22 PCW DC . 20.70 -2.34 -7.63
C23 PCW DC . 20.23 -3.27 -8.75
C24 PCW DC . 18.84 -2.88 -9.26
C25 PCW DC . 18.86 -1.48 -9.86
C26 PCW DC . 17.49 -1.11 -10.43
C27 PCW DC . 16.40 -1.10 -9.34
C28 PCW DC . 15.04 -0.76 -9.92
C31 PCW DC . 29.06 7.06 -10.59
C32 PCW DC . 28.16 7.70 -9.54
C33 PCW DC . 27.05 6.73 -9.13
C34 PCW DC . 26.15 6.37 -10.32
C35 PCW DC . 25.19 5.23 -9.96
C36 PCW DC . 24.24 4.91 -11.12
C37 PCW DC . 23.45 3.63 -10.84
C38 PCW DC . 22.47 3.32 -11.97
C39 PCW DC . 21.94 2.05 -11.85
C40 PCW DC . 20.61 1.85 -11.48
C41 PCW DC . 19.76 2.93 -11.23
C42 PCW DC . 18.40 2.42 -10.73
C43 PCW DC . 17.43 3.57 -10.46
C44 PCW DC . 16.07 3.02 -10.01
C45 PCW DC . 15.10 4.16 -9.71
C46 PCW DC . 13.75 3.62 -9.22
C47 PCW DC . 13.93 2.81 -7.94
C48 PCW DC . 12.59 2.28 -7.43
N PCW DC . 34.99 8.74 -6.71
O2 PCW DC . 29.56 5.81 -10.37
O3 PCW DC . 29.39 3.21 -11.11
O11 PCW DC . 30.78 1.47 -10.83
O31 PCW DC . 29.32 7.64 -11.64
O1P PCW DC . 34.89 5.41 -10.07
O2P PCW DC . 34.17 7.37 -11.51
O3P PCW DC . 32.47 5.88 -10.43
O4P PCW DC . 33.84 7.45 -9.02
P PCW DC . 33.95 6.52 -10.33
C1 PCW EC . 31.24 10.14 -0.42
C2 PCW EC . 29.94 9.68 0.25
C3 PCW EC . 28.80 10.64 -0.02
C4 PCW EC . 32.71 7.47 -2.79
C5 PCW EC . 33.29 6.29 -2.00
C6 PCW EC . 35.46 5.12 -1.78
C7 PCW EC . 35.40 7.44 -2.75
C8 PCW EC . 35.31 7.57 -1.22
C11 PCW EC . 27.01 9.21 0.21
C12 PCW EC . 25.81 8.59 0.95
C13 PCW EC . 25.73 7.09 0.67
C14 PCW EC . 24.69 6.39 1.54
C15 PCW EC . 23.27 6.91 1.28
C16 PCW EC . 22.27 6.16 2.17
C17 PCW EC . 20.83 6.66 1.96
C18 PCW EC . 19.87 5.87 2.86
C19 PCW EC . 18.55 6.30 2.70
C20 PCW EC . 17.59 5.90 3.62
C21 PCW EC . 17.96 5.08 4.67
C22 PCW EC . 16.75 4.38 5.30
C23 PCW EC . 17.22 3.45 6.44
C24 PCW EC . 16.05 2.74 7.12
C25 PCW EC . 15.27 1.89 6.13
C26 PCW EC . 14.17 1.09 6.85
C27 PCW EC . 13.23 2.01 7.60
C28 PCW EC . 12.17 1.20 8.36
C31 PCW EC . 30.63 7.49 0.07
C32 PCW EC . 30.48 6.02 -0.35
C33 PCW EC . 29.06 5.54 -0.08
C34 PCW EC . 28.88 4.07 -0.47
C35 PCW EC . 27.48 3.59 -0.09
C36 PCW EC . 27.23 3.81 1.41
C37 PCW EC . 25.83 3.37 1.82
C38 PCW EC . 25.59 3.66 3.30
C39 PCW EC . 24.33 3.25 3.71
C40 PCW EC . 24.14 2.86 5.04
C41 PCW EC . 25.21 2.88 5.93
C42 PCW EC . 24.98 3.90 7.05
C43 PCW EC . 23.75 3.54 7.87
C44 PCW EC . 23.55 4.54 9.02
C45 PCW EC . 22.34 4.15 9.87
C46 PCW EC . 22.15 5.13 11.03
C47 PCW EC . 20.94 4.74 11.89
C48 PCW EC . 20.78 5.72 13.06
N PCW EC . 34.76 6.40 -1.92
O2 PCW EC . 29.62 8.35 -0.19
O3 PCW EC . 27.68 10.25 0.79
O11 PCW EC . 27.34 8.81 -0.90
O31 PCW EC . 31.65 7.87 0.64
O1P PCW EC . 33.63 10.92 -2.19
O2P PCW EC . 32.38 9.65 -4.12
O3P PCW EC . 31.17 9.99 -1.85
O4P PCW EC . 33.04 8.69 -2.13
P PCW EC . 32.52 10.09 -2.72
C1 PCW FC . 31.54 7.79 10.02
C2 PCW FC . 30.00 7.86 9.95
C3 PCW FC . 29.64 8.98 8.99
C4 PCW FC . 32.71 5.90 13.64
C5 PCW FC . 32.49 6.54 15.01
C6 PCW FC . 30.81 4.73 15.18
C7 PCW FC . 32.48 5.04 17.03
C8 PCW FC . 31.37 6.08 17.22
C11 PCW FC . 27.94 9.84 7.77
C12 PCW FC . 26.49 10.10 7.35
C13 PCW FC . 26.09 9.15 6.22
C14 PCW FC . 24.73 9.53 5.64
C15 PCW FC . 24.33 8.62 4.48
C16 PCW FC . 23.07 9.15 3.78
C17 PCW FC . 23.34 10.55 3.22
C18 PCW FC . 22.11 11.12 2.51
C19 PCW FC . 22.38 12.39 2.03
C20 PCW FC . 22.09 12.73 0.71
C21 PCW FC . 21.54 11.80 -0.15
C22 PCW FC . 21.78 12.17 -1.62
C23 PCW FC . 21.12 11.16 -2.56
C24 PCW FC . 19.60 11.11 -2.33
C25 PCW FC . 18.96 12.47 -2.60
C26 PCW FC . 17.45 12.41 -2.36
C27 PCW FC . 16.81 13.78 -2.59
C28 PCW FC . 15.30 13.73 -2.36
C31 PCW FC . 29.41 5.70 10.42
C32 PCW FC . 28.90 4.30 10.08
C33 PCW FC . 27.55 4.37 9.36
C34 PCW FC . 26.45 4.92 10.27
C35 PCW FC . 26.21 3.98 11.44
C36 PCW FC . 25.04 4.44 12.31
C37 PCW FC . 24.77 3.45 13.43
C38 PCW FC . 23.59 3.89 14.30
C39 PCW FC . 23.30 2.93 15.28
C40 PCW FC . 22.44 3.22 16.32
C41 PCW FC . 21.85 4.48 16.42
C42 PCW FC . 20.35 4.40 16.08
C43 PCW FC . 19.70 5.79 16.21
C44 PCW FC . 18.20 5.71 15.91
C45 PCW FC . 17.55 7.10 16.03
C46 PCW FC . 16.05 7.03 15.73
C47 PCW FC . 15.33 6.12 16.73
C48 PCW FC . 13.83 6.04 16.42
N PCW FC . 31.76 5.61 15.88
O2 PCW FC . 29.50 6.64 9.42
O3 PCW FC . 28.21 9.03 8.82
O11 PCW FC . 28.87 10.35 7.14
O31 PCW FC . 29.72 6.00 11.57
O1P PCW FC . 33.91 5.10 11.03
O2P PCW FC . 34.30 7.56 10.56
O3P PCW FC . 31.97 6.64 10.73
O4P PCW FC . 33.38 6.84 12.79
P PCW FC . 33.49 6.50 11.21
C1 17F GC . 31.01 26.86 1.79
N1 17F GC . 30.89 24.45 1.36
O1 17F GC . 31.29 29.05 3.74
P1 17F GC . 31.45 27.67 4.26
C2 17F GC . 31.32 25.74 0.79
O2 17F GC . 32.46 27.43 5.31
C3 17F GC . 32.82 25.70 0.50
O3 17F GC . 31.70 26.66 3.03
C4 17F GC . 29.91 25.98 5.55
O4 17F GC . 33.54 25.09 1.31
C5 17F GC . 28.44 25.56 5.68
O5 17F GC . 33.21 26.28 -0.54
C6 17F GC . 27.67 26.60 6.47
O6 17F GC . 30.02 27.19 4.81
C7 17F GC . 26.36 25.20 7.72
O7 17F GC . 26.34 26.11 6.70
C8 17F GC . 25.07 24.48 8.11
O8 17F GC . 27.41 25.00 8.32
C9 17F GC . 25.37 23.08 8.64
O9 17F GC . 27.88 25.40 4.38
C10 17F GC . 24.09 22.25 8.75
O10 17F GC . 26.43 24.12 3.26
C11 17F GC . 23.43 22.12 7.38
C12 17F GC . 22.19 21.24 7.44
C17 17F GC . 27.01 24.35 4.32
C18 17F GC . 26.77 23.47 5.55
C19 17F GC . 27.83 22.38 5.67
C20 17F GC . 27.51 21.42 6.81
C1X 17F GC . 21.51 21.19 6.07
C1Y 17F GC . 28.61 20.36 6.95
C1Z 17F GC . 28.27 19.34 8.04
C2X 17F GC . 20.30 20.25 6.08
C21 17F GC . 19.36 20.65 7.03
C22 17F GC . 18.42 19.73 7.49
C23 17F GC . 18.44 18.43 6.99
C24 17F GC . 17.09 17.74 7.19
C25 17F GC . 17.12 16.33 6.62
C26 17F GC . 15.78 15.62 6.83
C27 17F GC . 15.81 14.20 6.26
C28 17F GC . 14.48 13.49 6.50
C29 17F GC . 14.19 13.37 7.99
C30 17F GC . 12.88 12.64 8.25
C31 17F GC . 29.42 18.37 8.23
C32 17F GC . 29.10 17.29 9.28
C33 17F GC . 30.23 16.52 9.53
C34 17F GC . 30.18 15.13 9.51
C35 17F GC . 28.99 14.46 9.22
C36 17F GC . 28.06 14.45 10.43
C37 17F GC . 26.87 13.52 10.20
C38 17F GC . 25.92 13.52 11.40
C39 17F GC . 24.87 12.42 11.27
C40 17F GC . 25.53 11.05 11.27
C41 17F GC . 24.49 9.92 11.20
C42 17F GC . 25.16 8.55 11.29
HN1 17F GC . 31.19 23.86 0.62
HN1A 17F GC . 29.93 24.20 1.31
HAC 17F GC . 31.49 24.07 2.06
C1 17F HC . 32.96 17.26 -1.85
N1 17F HC . 32.88 17.17 0.59
O1 17F HC . 30.39 16.56 -2.93
P1 17F HC . 30.42 17.84 -2.19
C2 17F HC . 32.75 16.36 -0.63
O2 17F HC . 29.67 18.99 -2.76
C3 17F HC . 33.77 15.23 -0.65
O3 17F HC . 31.95 18.26 -1.93
C4 17F HC . 29.06 18.49 -0.03
O4 17F HC . 34.17 14.83 -1.76
C5 17F HC . 28.30 17.83 1.12
O5 17F HC . 34.13 14.77 0.46
C6 17F HC . 27.32 18.84 1.70
O6 17F HC . 29.87 17.54 -0.71
C7 17F HC . 25.47 19.06 3.01
O7 17F HC . 26.50 18.22 2.70
C8 17F HC . 24.44 18.64 4.05
O8 17F HC . 25.39 20.16 2.45
C9 17F HC . 24.03 17.18 3.79
O9 17F HC . 27.57 16.71 0.61
C10 17F HC . 22.97 16.72 4.81
O10 17F HC . 27.60 16.01 2.74
C11 17F HC . 22.61 15.26 4.55
C12 17F HC . 21.57 14.76 5.57
C17 17F HC . 27.24 15.81 1.57
C18 17F HC . 26.48 14.55 1.18
C19 17F HC . 26.63 13.44 2.23
C20 17F HC . 25.78 13.70 3.47
C1X 17F HC . 21.27 13.27 5.33
C1Y 17F HC . 26.01 12.61 4.51
C1Z 17F HC . 24.93 12.61 5.59
C2X 17F HC . 20.26 12.74 6.36
C21 17F HC . 20.04 11.39 6.14
C22 17F HC . 18.99 10.74 6.78
C23 17F HC . 18.15 11.43 7.63
C24 17F HC . 17.54 10.49 8.67
C25 17F HC . 16.56 11.23 9.57
C26 17F HC . 15.94 10.28 10.60
C27 17F HC . 14.94 11.01 11.50
C28 17F HC . 14.32 10.05 12.51
C29 17F HC . 13.58 8.91 11.82
C30 17F HC . 13.01 7.92 12.83
C31 17F HC . 24.85 13.94 6.34
C32 17F HC . 23.78 13.86 7.43
C33 17F HC . 23.60 15.07 8.06
C34 17F HC . 22.89 15.13 9.27
C35 17F HC . 22.38 13.96 9.83
C36 17F HC . 20.92 13.74 9.42
C37 17F HC . 20.02 14.85 9.95
C38 17F HC . 18.55 14.58 9.60
C39 17F HC . 17.65 15.68 10.15
C40 17F HC . 16.17 15.41 9.81
C41 17F HC . 15.26 16.51 10.34
C42 17F HC . 13.80 16.24 9.95
HN1 17F HC . 32.10 17.77 0.45
HN1A 17F HC . 33.56 17.89 0.64
HAC 17F HC . 32.53 16.72 1.42
ZN ZN IC . -4.28 9.79 -1.84
ZN ZN JC . -7.37 -3.01 -5.81
N LEU A 1 10.81 -30.85 -22.14
CA LEU A 1 11.64 -31.83 -21.44
C LEU A 1 12.88 -31.17 -20.85
N LYS A 2 13.29 -30.07 -21.49
CA LYS A 2 14.49 -29.35 -21.07
C LYS A 2 14.36 -28.84 -19.63
N LEU A 3 13.21 -28.24 -19.32
CA LEU A 3 12.98 -27.72 -17.98
C LEU A 3 12.84 -28.84 -16.97
N LEU A 4 12.33 -29.98 -17.42
CA LEU A 4 12.16 -31.13 -16.55
C LEU A 4 13.51 -31.75 -16.20
N ASP A 5 14.37 -31.77 -17.20
CA ASP A 5 15.72 -32.32 -17.05
C ASP A 5 16.54 -31.46 -16.10
N ASN A 6 16.49 -30.15 -16.33
CA ASN A 6 17.23 -29.21 -15.50
C ASN A 6 16.64 -29.10 -14.11
N TRP A 7 15.35 -29.42 -13.97
CA TRP A 7 14.68 -29.36 -12.69
C TRP A 7 15.34 -30.31 -11.71
N ASP A 8 15.78 -31.47 -12.21
CA ASP A 8 16.44 -32.46 -11.38
C ASP A 8 17.74 -31.90 -10.80
N SER A 9 18.44 -31.12 -11.60
CA SER A 9 19.69 -30.51 -11.16
C SER A 9 19.44 -29.52 -10.04
N VAL A 10 18.30 -28.84 -10.10
CA VAL A 10 17.91 -27.88 -9.09
C VAL A 10 17.44 -28.63 -7.85
N THR A 11 16.72 -29.73 -8.07
CA THR A 11 16.18 -30.54 -6.99
C THR A 11 17.30 -31.14 -6.14
N SER A 12 18.35 -31.64 -6.79
CA SER A 12 19.48 -32.21 -6.07
C SER A 12 20.15 -31.12 -5.25
N THR A 13 20.28 -29.95 -5.86
CA THR A 13 20.88 -28.82 -5.21
C THR A 13 20.05 -28.44 -3.97
N PHE A 14 18.73 -28.36 -4.16
CA PHE A 14 17.81 -28.02 -3.08
C PHE A 14 17.94 -29.01 -1.93
N SER A 15 17.99 -30.29 -2.28
CA SER A 15 18.13 -31.35 -1.28
C SER A 15 19.44 -31.22 -0.53
N LYS A 16 20.53 -31.01 -1.26
CA LYS A 16 21.84 -30.84 -0.64
C LYS A 16 21.84 -29.59 0.24
N LEU A 17 21.18 -28.54 -0.23
CA LEU A 17 21.08 -27.29 0.51
C LEU A 17 20.34 -27.52 1.82
N ARG A 18 19.21 -28.22 1.75
CA ARG A 18 18.41 -28.50 2.93
C ARG A 18 19.16 -29.38 3.92
N GLU A 19 19.86 -30.39 3.41
CA GLU A 19 20.64 -31.28 4.27
C GLU A 19 21.75 -30.50 4.96
N GLN A 20 22.33 -29.55 4.25
CA GLN A 20 23.40 -28.70 4.78
C GLN A 20 22.81 -27.72 5.80
N LEU A 21 21.57 -27.30 5.57
CA LEU A 21 20.89 -26.37 6.46
C LEU A 21 20.76 -26.96 7.86
N GLY A 22 20.69 -28.28 7.94
CA GLY A 22 20.59 -28.95 9.23
C GLY A 22 21.70 -28.55 10.16
N PRO A 23 22.95 -28.94 9.86
CA PRO A 23 24.11 -28.58 10.68
C PRO A 23 24.25 -27.07 10.81
N VAL A 24 23.99 -26.35 9.71
CA VAL A 24 24.08 -24.89 9.71
C VAL A 24 23.18 -24.26 10.76
N THR A 25 21.90 -24.64 10.77
CA THR A 25 20.97 -24.09 11.75
C THR A 25 21.38 -24.49 13.17
N GLN A 26 21.94 -25.68 13.29
CA GLN A 26 22.40 -26.17 14.59
C GLN A 26 23.60 -25.35 15.06
N GLU A 27 24.58 -25.15 14.19
CA GLU A 27 25.76 -24.36 14.52
C GLU A 27 25.37 -22.92 14.79
N PHE A 28 24.48 -22.38 13.96
CA PHE A 28 24.00 -21.02 14.12
C PHE A 28 23.33 -20.85 15.46
N TRP A 29 22.45 -21.79 15.79
CA TRP A 29 21.72 -21.76 17.06
C TRP A 29 22.67 -22.01 18.23
N ASP A 30 23.67 -22.85 17.99
CA ASP A 30 24.68 -23.16 19.01
C ASP A 30 25.45 -21.89 19.38
N ASN A 31 25.87 -21.16 18.37
CA ASN A 31 26.59 -19.90 18.57
C ASN A 31 25.63 -18.84 19.08
N LEU A 32 24.39 -18.90 18.59
CA LEU A 32 23.37 -17.96 19.01
C LEU A 32 23.10 -18.12 20.50
N GLU A 33 23.24 -19.34 20.99
CA GLU A 33 23.06 -19.61 22.40
C GLU A 33 24.14 -18.92 23.20
N LYS A 34 25.36 -18.92 22.66
CA LYS A 34 26.48 -18.25 23.32
C LYS A 34 26.26 -16.75 23.23
N GLU A 35 25.75 -16.31 22.09
CA GLU A 35 25.46 -14.90 21.85
C GLU A 35 24.43 -14.41 22.85
N THR A 36 23.34 -15.14 22.97
CA THR A 36 22.27 -14.81 23.90
C THR A 36 22.74 -14.98 25.33
N GLU A 37 23.54 -16.03 25.56
CA GLU A 37 24.08 -16.30 26.89
C GLU A 37 24.90 -15.11 27.36
N GLY A 38 25.70 -14.57 26.46
CA GLY A 38 26.50 -13.41 26.78
C GLY A 38 25.60 -12.27 27.19
N LEU A 39 24.51 -12.09 26.44
CA LEU A 39 23.54 -11.05 26.72
C LEU A 39 22.79 -11.36 28.01
N ARG A 40 22.61 -12.64 28.31
CA ARG A 40 21.92 -13.06 29.54
C ARG A 40 22.77 -12.70 30.74
N GLN A 41 24.07 -13.01 30.65
CA GLN A 41 25.00 -12.70 31.73
C GLN A 41 25.16 -11.19 31.84
N GLU A 42 25.26 -10.53 30.70
CA GLU A 42 25.42 -9.10 30.63
C GLU A 42 24.12 -8.38 30.99
N MET A 43 23.01 -9.12 30.99
CA MET A 43 21.72 -8.54 31.34
C MET A 43 21.76 -8.13 32.81
N SER A 44 22.53 -8.89 33.58
CA SER A 44 22.70 -8.63 34.99
C SER A 44 23.85 -7.63 35.19
N LYS A 45 24.15 -6.89 34.13
CA LYS A 45 25.20 -5.88 34.15
C LYS A 45 24.64 -4.61 33.51
N ASP A 46 24.35 -4.68 32.21
CA ASP A 46 23.79 -3.54 31.49
C ASP A 46 22.51 -3.06 32.14
N LEU A 47 21.51 -3.95 32.19
CA LEU A 47 20.22 -3.61 32.78
C LEU A 47 20.30 -3.45 34.30
N GLU A 48 21.02 -4.35 34.96
CA GLU A 48 21.15 -4.29 36.42
C GLU A 48 21.79 -2.98 36.86
N GLU A 49 22.90 -2.61 36.24
CA GLU A 49 23.58 -1.38 36.60
C GLU A 49 22.80 -0.17 36.15
N VAL A 50 22.10 -0.29 35.02
CA VAL A 50 21.29 0.82 34.53
C VAL A 50 20.16 1.14 35.50
N LYS A 51 19.67 0.10 36.19
CA LYS A 51 18.61 0.27 37.17
C LYS A 51 19.18 0.76 38.50
N ALA A 52 20.34 0.22 38.86
CA ALA A 52 21.00 0.59 40.10
C ALA A 52 21.52 2.03 40.02
N LYS A 53 22.03 2.39 38.86
CA LYS A 53 22.55 3.73 38.64
C LYS A 53 21.47 4.72 38.23
N VAL A 54 20.33 4.21 37.77
CA VAL A 54 19.23 5.09 37.37
C VAL A 54 18.71 5.86 38.56
N GLN A 55 18.87 5.29 39.74
CA GLN A 55 18.43 5.94 40.96
C GLN A 55 19.21 7.23 41.22
N PRO A 56 20.55 7.18 41.43
CA PRO A 56 21.34 8.39 41.64
C PRO A 56 21.39 9.29 40.40
N TYR A 57 21.46 8.67 39.22
CA TYR A 57 21.51 9.43 37.96
C TYR A 57 20.25 10.27 37.79
N LEU A 58 19.09 9.64 37.99
CA LEU A 58 17.82 10.34 37.86
C LEU A 58 17.63 11.29 39.03
N ASP A 59 18.00 10.85 40.23
CA ASP A 59 17.88 11.66 41.44
C ASP A 59 18.58 13.00 41.27
N ASP A 60 19.73 12.98 40.58
CA ASP A 60 20.49 14.20 40.34
C ASP A 60 19.71 15.12 39.42
N PHE A 61 19.45 14.66 38.21
CA PHE A 61 18.70 15.45 37.21
C PHE A 61 17.36 15.88 37.76
N GLN A 62 16.75 15.03 38.57
CA GLN A 62 15.46 15.31 39.18
C GLN A 62 15.57 16.55 40.06
N LYS A 63 16.49 16.49 41.03
CA LYS A 63 16.71 17.62 41.94
C LYS A 63 17.17 18.85 41.18
N LYS A 64 18.08 18.66 40.23
CA LYS A 64 18.58 19.75 39.42
C LYS A 64 17.43 20.43 38.68
N TRP A 65 16.57 19.60 38.06
CA TRP A 65 15.41 20.11 37.34
C TRP A 65 14.43 20.78 38.28
N GLN A 66 14.28 20.24 39.48
CA GLN A 66 13.38 20.83 40.46
C GLN A 66 13.87 22.23 40.77
N GLU A 67 15.17 22.36 41.04
CA GLU A 67 15.78 23.64 41.33
C GLU A 67 15.62 24.56 40.12
N GLU A 68 15.81 23.99 38.94
CA GLU A 68 15.66 24.74 37.69
C GLU A 68 14.26 25.30 37.56
N MET A 69 13.26 24.46 37.82
CA MET A 69 11.87 24.86 37.74
C MET A 69 11.58 25.93 38.79
N GLU A 70 12.10 25.74 40.00
CA GLU A 70 11.92 26.70 41.08
C GLU A 70 12.48 28.05 40.68
N LEU A 71 13.71 28.04 40.17
CA LEU A 71 14.38 29.26 39.73
C LEU A 71 13.62 29.91 38.57
N TYR A 72 13.11 29.08 37.66
CA TYR A 72 12.35 29.57 36.52
C TYR A 72 11.08 30.24 36.98
N ARG A 73 10.43 29.66 37.98
CA ARG A 73 9.20 30.21 38.52
C ARG A 73 9.49 31.44 39.37
N GLN A 74 10.55 31.38 40.15
CA GLN A 74 10.95 32.50 41.00
C GLN A 74 11.35 33.69 40.14
N LYS A 75 11.69 33.41 38.90
CA LYS A 75 12.05 34.45 37.95
C LYS A 75 10.85 34.86 37.12
N VAL A 76 10.08 33.88 36.65
CA VAL A 76 8.91 34.16 35.83
C VAL A 76 7.89 35.05 36.53
N GLU A 77 7.77 34.92 37.85
CA GLU A 77 6.83 35.74 38.61
C GLU A 77 7.11 37.24 38.43
N PRO A 78 8.30 37.75 38.83
CA PRO A 78 8.64 39.16 38.66
C PRO A 78 8.84 39.52 37.19
N LEU A 79 9.32 38.57 36.39
CA LEU A 79 9.54 38.81 34.97
C LEU A 79 8.22 39.06 34.25
N ARG A 80 7.20 38.28 34.61
CA ARG A 80 5.88 38.44 34.00
C ARG A 80 5.32 39.81 34.32
N ALA A 81 5.68 40.33 35.50
CA ALA A 81 5.24 41.65 35.91
C ALA A 81 5.88 42.71 35.02
N GLU A 82 7.18 42.54 34.75
CA GLU A 82 7.92 43.45 33.89
C GLU A 82 7.30 43.41 32.50
N LEU A 83 7.06 42.20 32.02
CA LEU A 83 6.47 42.00 30.70
C LEU A 83 5.08 42.59 30.63
N GLN A 84 4.35 42.54 31.74
CA GLN A 84 3.00 43.07 31.79
C GLN A 84 3.01 44.60 31.80
N GLU A 85 3.77 45.17 32.72
CA GLU A 85 3.88 46.63 32.81
C GLU A 85 4.44 47.19 31.51
N GLY A 86 5.45 46.52 30.99
CA GLY A 86 6.06 46.93 29.75
C GLY A 86 5.07 46.86 28.60
N ALA A 87 4.36 45.74 28.50
CA ALA A 87 3.37 45.55 27.44
C ALA A 87 2.27 46.59 27.55
N ARG A 88 1.82 46.84 28.77
CA ARG A 88 0.77 47.82 29.00
C ARG A 88 1.16 49.19 28.46
N GLN A 89 2.37 49.62 28.81
CA GLN A 89 2.88 50.90 28.37
C GLN A 89 3.12 50.91 26.85
N LYS A 90 3.73 49.84 26.36
CA LYS A 90 4.02 49.72 24.93
C LYS A 90 2.74 49.70 24.10
N LEU A 91 1.73 48.98 24.58
CA LEU A 91 0.45 48.89 23.91
C LEU A 91 -0.28 50.23 23.99
N HIS A 92 -0.16 50.89 25.15
CA HIS A 92 -0.77 52.19 25.35
C HIS A 92 -0.16 53.17 24.36
N GLU A 93 1.16 53.14 24.25
CA GLU A 93 1.88 54.01 23.33
C GLU A 93 1.42 53.75 21.90
N LEU A 94 1.23 52.47 21.57
CA LEU A 94 0.77 52.09 20.26
C LEU A 94 -0.61 52.67 20.00
N GLN A 95 -1.53 52.46 20.94
CA GLN A 95 -2.88 52.97 20.81
C GLN A 95 -2.87 54.50 20.76
N GLU A 96 -1.94 55.09 21.49
CA GLU A 96 -1.78 56.54 21.52
C GLU A 96 -1.45 57.08 20.14
N LYS A 97 -0.83 56.25 19.32
CA LYS A 97 -0.46 56.63 17.97
C LYS A 97 -1.33 55.91 16.94
N LEU A 98 -2.32 55.17 17.42
CA LEU A 98 -3.22 54.44 16.55
C LEU A 98 -4.64 55.01 16.59
N SER A 99 -4.95 55.73 17.66
CA SER A 99 -6.27 56.33 17.79
C SER A 99 -6.37 57.64 16.99
N PRO A 100 -5.59 58.68 17.35
CA PRO A 100 -5.63 59.97 16.64
C PRO A 100 -5.10 59.83 15.22
N LEU A 101 -3.94 59.21 15.08
CA LEU A 101 -3.33 59.01 13.77
C LEU A 101 -4.10 57.98 12.97
N GLY A 102 -4.89 57.14 13.67
CA GLY A 102 -5.69 56.13 13.02
C GLY A 102 -6.90 56.76 12.37
N GLU A 103 -7.63 57.56 13.14
CA GLU A 103 -8.80 58.26 12.61
C GLU A 103 -8.36 59.23 11.54
N GLU A 104 -7.19 59.83 11.74
CA GLU A 104 -6.63 60.77 10.80
C GLU A 104 -6.35 60.05 9.48
N MET A 105 -5.84 58.82 9.59
CA MET A 105 -5.55 58.01 8.41
C MET A 105 -6.83 57.71 7.67
N ARG A 106 -7.87 57.33 8.42
CA ARG A 106 -9.17 57.03 7.84
C ARG A 106 -9.75 58.29 7.19
N ASP A 107 -9.50 59.43 7.82
CA ASP A 107 -9.98 60.71 7.30
C ASP A 107 -9.24 61.04 6.01
N ARG A 108 -7.94 60.76 5.98
CA ARG A 108 -7.14 60.99 4.79
C ARG A 108 -7.50 59.98 3.71
N ALA A 109 -7.87 58.78 4.16
CA ALA A 109 -8.29 57.72 3.25
C ALA A 109 -9.58 58.14 2.56
N ARG A 110 -10.41 58.88 3.31
CA ARG A 110 -11.66 59.40 2.78
C ARG A 110 -11.35 60.28 1.59
N ALA A 111 -10.35 61.14 1.75
CA ALA A 111 -9.93 62.05 0.68
C ALA A 111 -9.30 61.25 -0.46
N HIS A 112 -8.56 60.20 -0.09
CA HIS A 112 -7.93 59.33 -1.08
C HIS A 112 -8.98 58.74 -2.00
N VAL A 113 -9.95 58.06 -1.39
CA VAL A 113 -11.03 57.41 -2.13
C VAL A 113 -11.95 58.46 -2.78
N ASP A 114 -12.10 59.60 -2.11
CA ASP A 114 -12.92 60.68 -2.64
C ASP A 114 -12.35 61.16 -3.97
N ALA A 115 -11.06 61.46 -3.96
CA ALA A 115 -10.36 61.91 -5.16
C ALA A 115 -10.42 60.82 -6.22
N LEU A 116 -10.41 59.58 -5.76
CA LEU A 116 -10.51 58.43 -6.65
C LEU A 116 -11.88 58.42 -7.30
N ARG A 117 -12.92 58.69 -6.51
CA ARG A 117 -14.28 58.73 -7.01
C ARG A 117 -14.43 59.82 -8.07
N THR A 118 -13.82 60.98 -7.80
CA THR A 118 -13.86 62.11 -8.72
C THR A 118 -13.18 61.75 -10.05
N HIS A 119 -12.35 60.72 -10.00
CA HIS A 119 -11.65 60.27 -11.19
C HIS A 119 -12.33 59.05 -11.80
N LEU A 120 -12.79 58.15 -10.93
CA LEU A 120 -13.48 56.94 -11.36
C LEU A 120 -14.71 57.25 -12.19
N ALA A 121 -15.46 58.25 -11.76
CA ALA A 121 -16.68 58.66 -12.46
C ALA A 121 -16.43 58.98 -13.94
N PRO A 122 -15.58 59.99 -14.26
CA PRO A 122 -15.29 60.34 -15.66
C PRO A 122 -14.51 59.22 -16.36
N TYR A 123 -13.65 58.54 -15.62
CA TYR A 123 -12.85 57.46 -16.19
C TYR A 123 -13.73 56.33 -16.69
N SER A 124 -14.66 55.88 -15.84
CA SER A 124 -15.58 54.81 -16.22
C SER A 124 -16.50 55.26 -17.35
N ASP A 125 -16.88 56.54 -17.33
CA ASP A 125 -17.73 57.09 -18.36
C ASP A 125 -17.01 57.05 -19.70
N GLU A 126 -15.75 57.45 -19.69
CA GLU A 126 -14.94 57.42 -20.90
C GLU A 126 -14.71 55.97 -21.31
N LEU A 127 -14.61 55.08 -20.33
CA LEU A 127 -14.43 53.66 -20.59
C LEU A 127 -15.63 53.13 -21.35
N ARG A 128 -16.81 53.64 -21.03
CA ARG A 128 -18.04 53.24 -21.70
C ARG A 128 -17.96 53.63 -23.17
N GLN A 129 -17.53 54.85 -23.41
CA GLN A 129 -17.37 55.37 -24.77
C GLN A 129 -16.29 54.58 -25.49
N ARG A 130 -15.23 54.26 -24.75
CA ARG A 130 -14.12 53.48 -25.29
C ARG A 130 -14.63 52.12 -25.73
N LEU A 131 -15.34 51.46 -24.82
CA LEU A 131 -15.90 50.14 -25.09
C LEU A 131 -16.84 50.21 -26.28
N ALA A 132 -17.74 51.19 -26.27
CA ALA A 132 -18.70 51.36 -27.35
C ALA A 132 -17.99 51.52 -28.68
N ALA A 133 -16.98 52.41 -28.72
CA ALA A 133 -16.21 52.65 -29.93
C ALA A 133 -15.49 51.39 -30.39
N ARG A 134 -14.81 50.72 -29.46
CA ARG A 134 -14.09 49.48 -29.76
C ARG A 134 -15.05 48.40 -30.22
N LEU A 135 -16.17 48.27 -29.52
CA LEU A 135 -17.18 47.28 -29.86
C LEU A 135 -17.74 47.54 -31.24
N GLU A 136 -17.91 48.81 -31.59
CA GLU A 136 -18.43 49.18 -32.90
C GLU A 136 -17.44 48.78 -33.99
N ALA A 137 -16.16 48.99 -33.73
CA ALA A 137 -15.12 48.61 -34.68
C ALA A 137 -15.12 47.09 -34.81
N LEU A 138 -15.33 46.41 -33.68
CA LEU A 138 -15.38 44.96 -33.64
C LEU A 138 -16.68 44.45 -34.27
N LYS A 139 -17.63 45.35 -34.46
CA LYS A 139 -18.90 44.99 -35.09
C LYS A 139 -18.75 45.05 -36.60
N GLU A 140 -18.27 46.19 -37.09
CA GLU A 140 -18.07 46.38 -38.52
C GLU A 140 -16.99 45.43 -39.04
N ASN A 141 -15.80 45.53 -38.46
CA ASN A 141 -14.69 44.68 -38.86
C ASN A 141 -14.99 43.24 -38.51
N GLY A 142 -15.67 43.05 -37.38
CA GLY A 142 -16.03 41.72 -36.94
C GLY A 142 -16.97 41.04 -37.92
N GLY A 143 -18.00 41.77 -38.33
CA GLY A 143 -18.96 41.24 -39.28
C GLY A 143 -18.30 40.92 -40.59
N ALA A 144 -17.41 41.81 -41.03
CA ALA A 144 -16.67 41.63 -42.27
C ALA A 144 -15.84 40.36 -42.20
N ARG A 145 -15.14 40.19 -41.08
CA ARG A 145 -14.32 38.99 -40.86
C ARG A 145 -15.18 37.74 -40.87
N LEU A 146 -16.33 37.83 -40.22
CA LEU A 146 -17.27 36.71 -40.15
C LEU A 146 -17.75 36.33 -41.54
N ALA A 147 -18.04 37.32 -42.36
CA ALA A 147 -18.49 37.09 -43.73
C ALA A 147 -17.34 36.54 -44.57
N GLU A 148 -16.17 37.16 -44.40
CA GLU A 148 -14.98 36.74 -45.12
C GLU A 148 -14.61 35.30 -44.76
N TYR A 149 -14.59 35.01 -43.47
CA TYR A 149 -14.26 33.67 -43.01
C TYR A 149 -15.31 32.66 -43.44
N HIS A 150 -16.56 33.11 -43.50
CA HIS A 150 -17.65 32.24 -43.96
C HIS A 150 -17.41 31.87 -45.41
N ALA A 151 -17.01 32.88 -46.19
CA ALA A 151 -16.71 32.68 -47.60
C ALA A 151 -15.50 31.76 -47.73
N LYS A 152 -14.44 32.10 -47.00
CA LYS A 152 -13.21 31.30 -47.01
C LYS A 152 -13.50 29.85 -46.67
N ALA A 153 -14.29 29.64 -45.62
CA ALA A 153 -14.65 28.29 -45.19
C ALA A 153 -15.37 27.56 -46.31
N THR A 154 -16.24 28.27 -47.01
CA THR A 154 -16.99 27.68 -48.12
C THR A 154 -16.04 27.29 -49.25
N GLU A 155 -15.11 28.18 -49.58
CA GLU A 155 -14.14 27.91 -50.63
C GLU A 155 -13.28 26.72 -50.22
N HIS A 156 -12.89 26.70 -48.94
CA HIS A 156 -12.10 25.62 -48.40
C HIS A 156 -12.84 24.29 -48.49
N LEU A 157 -14.17 24.36 -48.42
CA LEU A 157 -15.00 23.18 -48.51
C LEU A 157 -14.98 22.62 -49.93
N SER A 158 -14.98 23.53 -50.91
CA SER A 158 -14.92 23.13 -52.30
C SER A 158 -13.64 22.35 -52.58
N THR A 159 -12.54 22.84 -52.02
CA THR A 159 -11.25 22.19 -52.18
C THR A 159 -11.16 20.97 -51.26
N LEU A 160 -11.89 21.01 -50.15
CA LEU A 160 -11.93 19.88 -49.23
C LEU A 160 -12.60 18.72 -49.93
N SER A 161 -13.53 19.06 -50.81
CA SER A 161 -14.25 18.07 -51.58
C SER A 161 -13.29 17.38 -52.55
N GLU A 162 -12.22 18.08 -52.92
CA GLU A 162 -11.21 17.52 -53.81
C GLU A 162 -10.38 16.49 -53.06
N LYS A 163 -10.34 16.63 -51.73
CA LYS A 163 -9.60 15.71 -50.88
C LYS A 163 -10.52 14.56 -50.46
N ALA A 164 -11.74 14.90 -50.10
CA ALA A 164 -12.72 13.92 -49.65
C ALA A 164 -13.26 13.05 -50.79
N LYS A 165 -13.29 13.57 -52.00
CA LYS A 165 -13.80 12.81 -53.13
C LYS A 165 -12.69 12.21 -54.01
N PRO A 166 -12.04 12.98 -54.91
CA PRO A 166 -10.99 12.44 -55.79
C PRO A 166 -9.82 11.84 -55.02
N ALA A 167 -9.21 12.63 -54.15
CA ALA A 167 -8.07 12.17 -53.36
C ALA A 167 -8.40 10.92 -52.56
N LEU A 168 -9.45 10.99 -51.75
CA LEU A 168 -9.87 9.86 -50.93
C LEU A 168 -10.24 8.65 -51.79
N GLU A 169 -10.83 8.90 -52.95
CA GLU A 169 -11.21 7.82 -53.85
C GLU A 169 -9.96 7.10 -54.35
N ASP A 170 -8.98 7.87 -54.80
CA ASP A 170 -7.73 7.31 -55.29
C ASP A 170 -7.00 6.60 -54.16
N LEU A 171 -7.07 7.19 -52.97
CA LEU A 171 -6.44 6.62 -51.80
C LEU A 171 -7.10 5.29 -51.44
N ARG A 172 -8.43 5.26 -51.48
CA ARG A 172 -9.17 4.05 -51.17
C ARG A 172 -8.94 2.98 -52.23
N GLN A 173 -9.03 3.38 -53.49
CA GLN A 173 -8.81 2.46 -54.61
C GLN A 173 -7.37 1.97 -54.64
N GLY A 174 -6.46 2.83 -54.23
CA GLY A 174 -5.06 2.47 -54.18
C GLY A 174 -4.76 1.59 -52.99
N LEU A 175 -5.44 1.85 -51.87
CA LEU A 175 -5.26 1.07 -50.65
C LEU A 175 -5.85 -0.32 -50.82
N LEU A 176 -6.76 -0.48 -51.78
CA LEU A 176 -7.38 -1.78 -52.04
C LEU A 176 -6.33 -2.86 -52.34
N PRO A 177 -5.55 -2.73 -53.44
CA PRO A 177 -4.51 -3.70 -53.76
C PRO A 177 -3.47 -3.76 -52.65
N VAL A 178 -3.25 -2.63 -51.99
CA VAL A 178 -2.29 -2.56 -50.89
C VAL A 178 -2.74 -3.50 -49.78
N LEU A 179 -4.02 -3.42 -49.42
CA LEU A 179 -4.59 -4.28 -48.39
C LEU A 179 -4.48 -5.73 -48.80
N GLU A 180 -4.72 -5.99 -50.08
CA GLU A 180 -4.64 -7.35 -50.62
C GLU A 180 -3.23 -7.89 -50.47
N SER A 181 -2.25 -7.12 -50.93
CA SER A 181 -0.86 -7.53 -50.81
C SER A 181 -0.44 -7.65 -49.36
N PHE A 182 -1.01 -6.78 -48.52
CA PHE A 182 -0.73 -6.78 -47.09
C PHE A 182 -1.24 -8.07 -46.46
N LYS A 183 -2.43 -8.50 -46.89
CA LYS A 183 -3.03 -9.73 -46.38
C LYS A 183 -2.14 -10.91 -46.76
N VAL A 184 -1.61 -10.86 -47.97
CA VAL A 184 -0.72 -11.91 -48.48
C VAL A 184 0.51 -12.01 -47.58
N SER A 185 1.18 -10.88 -47.36
CA SER A 185 2.38 -10.84 -46.54
C SER A 185 2.06 -11.15 -45.07
N PHE A 186 0.82 -10.85 -44.66
CA PHE A 186 0.41 -11.11 -43.30
C PHE A 186 0.20 -12.60 -43.07
N LEU A 187 -0.49 -13.24 -44.00
CA LEU A 187 -0.76 -14.67 -43.93
C LEU A 187 0.53 -15.49 -43.96
N SER A 188 1.45 -15.10 -44.86
CA SER A 188 2.72 -15.81 -44.99
C SER A 188 3.55 -15.69 -43.72
N ALA A 189 3.50 -14.53 -43.09
CA ALA A 189 4.24 -14.29 -41.85
C ALA A 189 3.67 -15.15 -40.73
N LEU A 190 2.34 -15.25 -40.72
CA LEU A 190 1.65 -16.07 -39.72
C LEU A 190 2.08 -17.53 -39.87
N GLU A 191 2.25 -17.97 -41.11
CA GLU A 191 2.69 -19.33 -41.39
C GLU A 191 4.07 -19.54 -40.81
N GLU A 192 4.94 -18.57 -41.06
CA GLU A 192 6.32 -18.62 -40.57
C GLU A 192 6.36 -18.77 -39.05
N TYR A 193 5.61 -17.93 -38.35
CA TYR A 193 5.56 -17.96 -36.90
C TYR A 193 5.01 -19.28 -36.39
N THR A 194 4.10 -19.88 -37.15
CA THR A 194 3.51 -21.14 -36.76
C THR A 194 4.43 -22.31 -37.10
N LYS A 195 5.33 -22.12 -38.06
CA LYS A 195 6.26 -23.17 -38.47
C LYS A 195 7.53 -23.15 -37.63
N LYS A 196 8.03 -21.96 -37.35
CA LYS A 196 9.26 -21.80 -36.59
C LYS A 196 9.03 -21.86 -35.08
N LEU A 197 7.98 -21.19 -34.60
CA LEU A 197 7.70 -21.16 -33.17
C LEU A 197 6.68 -22.23 -32.78
N ASN A 198 6.75 -23.39 -33.44
CA ASN A 198 5.85 -24.49 -33.15
C ASN A 198 6.31 -25.77 -33.85
N LEU B 1 5.48 0.72 -54.83
CA LEU B 1 5.28 0.55 -56.27
C LEU B 1 4.26 1.55 -56.79
N LYS B 2 3.30 1.88 -55.94
CA LYS B 2 2.24 2.82 -56.30
C LYS B 2 2.50 4.17 -55.63
N LEU B 3 3.73 4.35 -55.19
CA LEU B 3 4.14 5.58 -54.52
C LEU B 3 4.02 6.77 -55.47
N LEU B 4 4.16 6.51 -56.76
CA LEU B 4 4.07 7.54 -57.78
C LEU B 4 2.64 8.08 -57.86
N ASP B 5 1.68 7.16 -57.89
CA ASP B 5 0.27 7.53 -57.96
C ASP B 5 -0.15 8.19 -56.66
N ASN B 6 0.36 7.68 -55.55
CA ASN B 6 0.06 8.22 -54.24
C ASN B 6 0.58 9.66 -54.13
N TRP B 7 1.79 9.89 -54.66
CA TRP B 7 2.40 11.21 -54.64
C TRP B 7 1.66 12.15 -55.58
N ASP B 8 1.04 11.60 -56.61
CA ASP B 8 0.28 12.39 -57.56
C ASP B 8 -0.87 13.07 -56.83
N SER B 9 -1.53 12.31 -55.97
CA SER B 9 -2.64 12.83 -55.17
C SER B 9 -2.13 13.91 -54.22
N VAL B 10 -0.95 13.67 -53.64
CA VAL B 10 -0.34 14.62 -52.72
C VAL B 10 -0.04 15.94 -53.44
N THR B 11 0.59 15.81 -54.60
CA THR B 11 0.94 16.98 -55.40
C THR B 11 -0.33 17.72 -55.85
N SER B 12 -1.37 16.95 -56.17
CA SER B 12 -2.64 17.51 -56.59
C SER B 12 -3.25 18.36 -55.48
N THR B 13 -3.25 17.83 -54.26
CA THR B 13 -3.79 18.55 -53.12
C THR B 13 -2.89 19.73 -52.77
N PHE B 14 -1.58 19.55 -52.92
CA PHE B 14 -0.62 20.61 -52.64
C PHE B 14 -0.84 21.76 -53.61
N SER B 15 -1.07 21.42 -54.88
CA SER B 15 -1.33 22.42 -55.90
C SER B 15 -2.66 23.11 -55.62
N LYS B 16 -3.62 22.35 -55.07
CA LYS B 16 -4.92 22.90 -54.73
C LYS B 16 -4.79 23.88 -53.58
N LEU B 17 -3.81 23.63 -52.72
CA LEU B 17 -3.55 24.52 -51.59
C LEU B 17 -3.04 25.85 -52.13
N ARG B 18 -2.20 25.76 -53.15
CA ARG B 18 -1.62 26.96 -53.79
C ARG B 18 -2.73 27.78 -54.44
N GLU B 19 -3.68 27.08 -55.07
CA GLU B 19 -4.80 27.74 -55.73
C GLU B 19 -5.70 28.45 -54.73
N GLN B 20 -5.61 28.03 -53.47
CA GLN B 20 -6.38 28.65 -52.41
C GLN B 20 -5.59 29.79 -51.80
N LEU B 21 -4.35 29.49 -51.44
CA LEU B 21 -3.45 30.45 -50.82
C LEU B 21 -3.40 31.77 -51.59
N GLY B 22 -3.38 31.68 -52.92
CA GLY B 22 -3.36 32.87 -53.74
C GLY B 22 -4.47 33.85 -53.39
N PRO B 23 -5.72 33.55 -53.76
CA PRO B 23 -6.87 34.41 -53.46
C PRO B 23 -7.02 34.64 -51.95
N VAL B 24 -6.80 33.59 -51.16
CA VAL B 24 -6.92 33.69 -49.71
C VAL B 24 -6.01 34.76 -49.13
N THR B 25 -4.73 34.72 -49.46
CA THR B 25 -3.79 35.72 -48.96
C THR B 25 -4.16 37.11 -49.43
N GLN B 26 -4.67 37.21 -50.66
CA GLN B 26 -5.07 38.51 -51.20
C GLN B 26 -6.13 39.17 -50.34
N GLU B 27 -7.21 38.42 -50.06
CA GLU B 27 -8.28 38.95 -49.24
C GLU B 27 -7.88 38.98 -47.76
N PHE B 28 -7.00 38.06 -47.37
CA PHE B 28 -6.53 37.99 -45.99
C PHE B 28 -5.69 39.23 -45.68
N TRP B 29 -4.86 39.64 -46.63
CA TRP B 29 -4.03 40.82 -46.45
C TRP B 29 -4.93 42.05 -46.35
N ASP B 30 -5.97 42.06 -47.17
CA ASP B 30 -6.94 43.16 -47.17
C ASP B 30 -7.66 43.14 -45.83
N ASN B 31 -7.93 41.93 -45.34
CA ASN B 31 -8.57 41.73 -44.05
C ASN B 31 -7.66 42.27 -42.95
N LEU B 32 -6.37 42.00 -43.11
CA LEU B 32 -5.35 42.45 -42.17
C LEU B 32 -5.34 43.98 -42.15
N GLU B 33 -5.47 44.58 -43.33
CA GLU B 33 -5.50 46.03 -43.44
C GLU B 33 -6.77 46.59 -42.82
N LYS B 34 -7.85 45.80 -42.86
CA LYS B 34 -9.10 46.21 -42.26
C LYS B 34 -8.94 46.15 -40.74
N GLU B 35 -8.28 45.09 -40.27
CA GLU B 35 -8.03 44.90 -38.86
C GLU B 35 -7.11 45.99 -38.34
N THR B 36 -5.99 46.20 -39.03
CA THR B 36 -5.03 47.21 -38.64
C THR B 36 -5.66 48.60 -38.60
N GLU B 37 -6.33 48.98 -39.69
CA GLU B 37 -6.98 50.29 -39.75
C GLU B 37 -8.06 50.40 -38.68
N GLY B 38 -8.84 49.33 -38.51
CA GLY B 38 -9.89 49.33 -37.52
C GLY B 38 -9.31 49.49 -36.13
N LEU B 39 -8.28 48.69 -35.82
CA LEU B 39 -7.62 48.77 -34.52
C LEU B 39 -6.92 50.12 -34.36
N ARG B 40 -6.41 50.66 -35.46
CA ARG B 40 -5.75 51.95 -35.43
C ARG B 40 -6.74 53.06 -35.14
N GLN B 41 -8.01 52.82 -35.51
CA GLN B 41 -9.07 53.79 -35.26
C GLN B 41 -9.36 53.83 -33.77
N GLU B 42 -9.08 52.70 -33.11
CA GLU B 42 -9.27 52.59 -31.66
C GLU B 42 -8.00 53.12 -30.99
N MET B 43 -6.86 52.59 -31.42
CA MET B 43 -5.55 52.97 -30.88
C MET B 43 -5.29 54.47 -30.93
N SER B 44 -5.78 55.13 -31.98
CA SER B 44 -5.59 56.57 -32.11
C SER B 44 -6.25 57.29 -30.93
N LYS B 45 -7.55 57.08 -30.78
CA LYS B 45 -8.29 57.68 -29.70
C LYS B 45 -7.79 57.15 -28.35
N ASP B 46 -7.38 55.90 -28.35
CA ASP B 46 -6.88 55.25 -27.15
C ASP B 46 -5.61 55.93 -26.65
N LEU B 47 -4.60 56.02 -27.52
CA LEU B 47 -3.32 56.63 -27.16
C LEU B 47 -3.49 58.10 -26.82
N GLU B 48 -4.31 58.80 -27.60
CA GLU B 48 -4.56 60.21 -27.35
C GLU B 48 -5.26 60.40 -26.01
N GLU B 49 -6.27 59.57 -25.75
CA GLU B 49 -6.99 59.64 -24.50
C GLU B 49 -6.09 59.21 -23.34
N VAL B 50 -5.17 58.30 -23.63
CA VAL B 50 -4.22 57.82 -22.62
C VAL B 50 -3.41 58.99 -22.08
N LYS B 51 -3.06 59.92 -22.98
CA LYS B 51 -2.30 61.10 -22.60
C LYS B 51 -3.13 61.97 -21.65
N ALA B 52 -4.44 61.96 -21.86
CA ALA B 52 -5.37 62.72 -21.03
C ALA B 52 -5.96 61.83 -19.95
N LYS B 53 -5.30 60.70 -19.70
CA LYS B 53 -5.74 59.75 -18.69
C LYS B 53 -4.63 59.44 -17.72
N VAL B 54 -3.47 59.05 -18.26
CA VAL B 54 -2.31 58.71 -17.46
C VAL B 54 -1.78 59.93 -16.72
N GLN B 55 -1.74 61.08 -17.38
CA GLN B 55 -1.25 62.30 -16.76
C GLN B 55 -2.02 62.66 -15.49
N PRO B 56 -3.36 62.89 -15.58
CA PRO B 56 -4.17 63.21 -14.40
C PRO B 56 -4.18 62.07 -13.39
N TYR B 57 -4.07 60.83 -13.90
CA TYR B 57 -4.05 59.65 -13.04
C TYR B 57 -2.77 59.62 -12.21
N LEU B 58 -1.64 59.80 -12.90
CA LEU B 58 -0.34 59.81 -12.24
C LEU B 58 -0.24 60.99 -11.29
N ASP B 59 -0.71 62.15 -11.74
CA ASP B 59 -0.68 63.35 -10.92
C ASP B 59 -1.51 63.18 -9.66
N ASP B 60 -2.73 62.69 -9.82
CA ASP B 60 -3.63 62.47 -8.69
C ASP B 60 -3.08 61.37 -7.78
N PHE B 61 -2.48 60.36 -8.39
CA PHE B 61 -1.89 59.26 -7.65
C PHE B 61 -0.66 59.76 -6.90
N GLN B 62 0.12 60.62 -7.56
CA GLN B 62 1.31 61.19 -6.96
C GLN B 62 0.93 62.00 -5.73
N LYS B 63 -0.24 62.63 -5.78
CA LYS B 63 -0.73 63.39 -4.65
C LYS B 63 -0.97 62.44 -3.49
N LYS B 64 -1.50 61.26 -3.80
CA LYS B 64 -1.75 60.24 -2.80
C LYS B 64 -0.41 59.68 -2.31
N TRP B 65 0.53 59.54 -3.24
CA TRP B 65 1.86 59.05 -2.90
C TRP B 65 2.53 60.04 -1.96
N GLN B 66 2.31 61.33 -2.23
CA GLN B 66 2.86 62.39 -1.39
C GLN B 66 2.18 62.36 -0.03
N GLU B 67 0.85 62.25 -0.05
CA GLU B 67 0.07 62.19 1.19
C GLU B 67 0.58 61.03 2.03
N GLU B 68 0.66 59.85 1.41
CA GLU B 68 1.14 58.65 2.09
C GLU B 68 2.58 58.83 2.54
N MET B 69 3.42 59.39 1.68
CA MET B 69 4.83 59.62 2.00
C MET B 69 4.95 60.54 3.21
N GLU B 70 4.18 61.61 3.21
CA GLU B 70 4.19 62.56 4.31
C GLU B 70 3.62 61.91 5.57
N LEU B 71 2.59 61.09 5.39
CA LEU B 71 1.98 60.39 6.51
C LEU B 71 2.98 59.42 7.12
N TYR B 72 3.85 58.87 6.29
CA TYR B 72 4.89 57.95 6.75
C TYR B 72 5.92 58.73 7.55
N ARG B 73 6.12 59.98 7.19
CA ARG B 73 7.07 60.83 7.89
C ARG B 73 6.47 61.33 9.20
N GLN B 74 5.14 61.42 9.23
CA GLN B 74 4.43 61.88 10.42
C GLN B 74 4.00 60.73 11.31
N LYS B 75 4.20 59.50 10.85
CA LYS B 75 3.82 58.33 11.63
C LYS B 75 4.94 57.32 11.75
N VAL B 76 5.40 56.79 10.62
CA VAL B 76 6.49 55.79 10.64
C VAL B 76 7.74 56.35 11.31
N GLU B 77 8.06 57.62 11.05
CA GLU B 77 9.24 58.26 11.64
C GLU B 77 9.15 58.30 13.17
N PRO B 78 8.13 58.97 13.76
CA PRO B 78 7.98 59.01 15.21
C PRO B 78 7.79 57.62 15.80
N LEU B 79 7.09 56.75 15.05
CA LEU B 79 6.87 55.38 15.48
C LEU B 79 8.18 54.62 15.52
N ARG B 80 9.11 55.01 14.67
CA ARG B 80 10.43 54.38 14.65
C ARG B 80 11.09 54.61 16.00
N ALA B 81 10.95 55.83 16.51
CA ALA B 81 11.51 56.19 17.80
C ALA B 81 10.69 55.55 18.91
N GLU B 82 9.37 55.47 18.69
CA GLU B 82 8.46 54.87 19.64
C GLU B 82 8.81 53.40 19.83
N LEU B 83 9.01 52.71 18.72
CA LEU B 83 9.37 51.30 18.73
C LEU B 83 10.84 51.13 19.10
N GLN B 84 11.62 52.17 18.83
CA GLN B 84 13.05 52.15 19.17
C GLN B 84 13.18 52.15 20.68
N GLU B 85 12.36 52.98 21.33
CA GLU B 85 12.35 53.06 22.78
C GLU B 85 11.83 51.74 23.33
N GLY B 86 10.82 51.19 22.65
CA GLY B 86 10.25 49.92 23.05
C GLY B 86 11.27 48.82 22.93
N ALA B 87 12.04 48.87 21.85
CA ALA B 87 13.09 47.89 21.59
C ALA B 87 14.19 48.06 22.63
N ARG B 88 14.55 49.31 22.92
CA ARG B 88 15.57 49.61 23.92
C ARG B 88 15.12 49.09 25.27
N GLN B 89 13.84 49.27 25.57
CA GLN B 89 13.26 48.79 26.80
C GLN B 89 13.31 47.28 26.83
N LYS B 90 12.91 46.65 25.72
CA LYS B 90 12.93 45.20 25.62
C LYS B 90 14.35 44.67 25.71
N LEU B 91 15.28 45.35 25.06
CA LEU B 91 16.69 44.98 25.11
C LEU B 91 17.19 45.06 26.54
N HIS B 92 16.71 46.08 27.24
CA HIS B 92 17.05 46.28 28.64
C HIS B 92 16.46 45.13 29.44
N GLU B 93 15.18 44.85 29.20
CA GLU B 93 14.48 43.76 29.88
C GLU B 93 15.22 42.45 29.64
N LEU B 94 15.63 42.25 28.39
CA LEU B 94 16.36 41.06 27.98
C LEU B 94 17.71 41.00 28.68
N GLN B 95 18.46 42.08 28.64
CA GLN B 95 19.77 42.13 29.27
C GLN B 95 19.69 41.89 30.77
N GLU B 96 18.57 42.32 31.37
CA GLU B 96 18.32 42.13 32.79
C GLU B 96 17.98 40.67 33.10
N LYS B 97 17.96 39.86 32.05
CA LYS B 97 17.66 38.43 32.16
C LYS B 97 18.83 37.63 31.58
N LEU B 98 19.33 38.07 30.44
CA LEU B 98 20.44 37.42 29.75
C LEU B 98 21.71 37.38 30.60
N SER B 99 21.82 38.33 31.52
CA SER B 99 22.98 38.38 32.40
C SER B 99 22.81 37.46 33.62
N PRO B 100 21.83 37.71 34.53
CA PRO B 100 21.61 36.87 35.70
C PRO B 100 21.14 35.46 35.32
N LEU B 101 20.04 35.37 34.59
CA LEU B 101 19.51 34.07 34.16
C LEU B 101 20.45 33.44 33.15
N GLY B 102 21.16 34.28 32.41
CA GLY B 102 22.11 33.78 31.43
C GLY B 102 23.25 33.04 32.11
N GLU B 103 23.87 33.69 33.09
CA GLU B 103 24.96 33.07 33.83
C GLU B 103 24.42 31.92 34.67
N GLU B 104 23.16 32.04 35.08
CA GLU B 104 22.51 31.00 35.85
C GLU B 104 22.37 29.76 34.98
N MET B 105 21.99 29.97 33.72
CA MET B 105 21.85 28.87 32.78
C MET B 105 23.21 28.23 32.56
N ARG B 106 24.24 29.07 32.50
CA ARG B 106 25.61 28.59 32.34
C ARG B 106 26.00 27.75 33.55
N ASP B 107 25.58 28.20 34.73
CA ASP B 107 25.85 27.50 35.97
C ASP B 107 25.07 26.19 35.98
N ARG B 108 23.84 26.22 35.47
CA ARG B 108 23.02 25.02 35.39
C ARG B 108 23.73 24.03 34.47
N ALA B 109 24.23 24.54 33.35
CA ALA B 109 24.95 23.73 32.38
C ALA B 109 26.17 23.12 33.03
N ARG B 110 26.86 23.91 33.84
CA ARG B 110 28.04 23.45 34.55
C ARG B 110 27.69 22.24 35.40
N ALA B 111 26.60 22.36 36.14
CA ALA B 111 26.11 21.29 37.00
C ALA B 111 25.75 20.05 36.19
N HIS B 112 25.08 20.26 35.06
CA HIS B 112 24.67 19.16 34.20
C HIS B 112 25.88 18.50 33.55
N VAL B 113 26.75 19.31 32.98
CA VAL B 113 27.95 18.82 32.31
C VAL B 113 28.88 18.12 33.30
N ASP B 114 29.09 18.72 34.47
CA ASP B 114 29.95 18.14 35.48
C ASP B 114 29.36 16.83 35.99
N ALA B 115 28.03 16.80 36.04
CA ALA B 115 27.31 15.60 36.46
C ALA B 115 27.53 14.51 35.42
N LEU B 116 27.46 14.90 34.15
CA LEU B 116 27.68 13.98 33.04
C LEU B 116 29.09 13.42 33.11
N ARG B 117 30.03 14.23 33.60
CA ARG B 117 31.41 13.81 33.74
C ARG B 117 31.51 12.70 34.78
N THR B 118 30.55 12.68 35.69
CA THR B 118 30.52 11.67 36.73
C THR B 118 29.40 10.65 36.45
N HIS B 119 28.79 10.78 35.27
CA HIS B 119 27.71 9.90 34.87
C HIS B 119 28.09 9.11 33.62
N LEU B 120 28.27 9.81 32.52
CA LEU B 120 28.62 9.18 31.25
C LEU B 120 30.03 8.60 31.25
N ALA B 121 31.01 9.41 31.59
CA ALA B 121 32.40 8.97 31.62
C ALA B 121 32.60 7.65 32.39
N PRO B 122 32.19 7.56 33.67
CA PRO B 122 32.33 6.32 34.45
C PRO B 122 31.53 5.17 33.85
N TYR B 123 30.32 5.48 33.38
CA TYR B 123 29.46 4.47 32.79
C TYR B 123 30.08 3.92 31.51
N SER B 124 30.67 4.80 30.70
CA SER B 124 31.30 4.39 29.46
C SER B 124 32.49 3.49 29.75
N ASP B 125 33.15 3.72 30.89
CA ASP B 125 34.27 2.91 31.30
C ASP B 125 33.79 1.51 31.65
N GLU B 126 32.67 1.45 32.37
CA GLU B 126 32.07 0.17 32.75
C GLU B 126 31.55 -0.52 31.49
N LEU B 127 31.10 0.30 30.55
CA LEU B 127 30.60 -0.18 29.27
C LEU B 127 31.73 -0.83 28.49
N ARG B 128 32.96 -0.37 28.74
CA ARG B 128 34.13 -0.92 28.08
C ARG B 128 34.30 -2.39 28.44
N GLN B 129 33.98 -2.73 29.69
CA GLN B 129 34.07 -4.12 30.14
C GLN B 129 33.01 -4.93 29.43
N ARG B 130 31.84 -4.32 29.28
CA ARG B 130 30.71 -4.94 28.62
C ARG B 130 31.03 -5.12 27.15
N LEU B 131 31.65 -4.10 26.56
CA LEU B 131 32.05 -4.14 25.16
C LEU B 131 33.11 -5.22 24.97
N ALA B 132 34.00 -5.34 25.95
CA ALA B 132 35.04 -6.34 25.91
C ALA B 132 34.44 -7.74 25.99
N ALA B 133 33.40 -7.90 26.81
CA ALA B 133 32.71 -9.17 26.96
C ALA B 133 31.92 -9.47 25.69
N ARG B 134 31.29 -8.42 25.17
CA ARG B 134 30.52 -8.53 23.93
C ARG B 134 31.45 -8.93 22.80
N LEU B 135 32.57 -8.20 22.68
CA LEU B 135 33.56 -8.46 21.66
C LEU B 135 34.24 -9.81 21.87
N GLU B 136 34.32 -10.23 23.13
CA GLU B 136 34.92 -11.52 23.47
C GLU B 136 34.10 -12.62 22.81
N ALA B 137 32.80 -12.56 23.00
CA ALA B 137 31.90 -13.53 22.40
C ALA B 137 31.94 -13.39 20.88
N LEU B 138 32.09 -12.15 20.41
CA LEU B 138 32.18 -11.87 18.98
C LEU B 138 33.42 -12.50 18.39
N LYS B 139 34.51 -12.54 19.16
CA LYS B 139 35.75 -13.13 18.70
C LYS B 139 35.69 -14.64 18.82
N GLU B 140 35.12 -15.12 19.92
CA GLU B 140 34.99 -16.56 20.15
C GLU B 140 34.04 -17.17 19.12
N ASN B 141 32.84 -16.59 19.03
CA ASN B 141 31.84 -17.05 18.08
C ASN B 141 32.31 -16.75 16.68
N GLY B 142 33.03 -15.64 16.54
CA GLY B 142 33.56 -15.27 15.25
C GLY B 142 34.54 -16.31 14.75
N GLY B 143 35.51 -16.67 15.59
CA GLY B 143 36.48 -17.67 15.22
C GLY B 143 35.83 -19.02 14.95
N ALA B 144 34.83 -19.36 15.77
CA ALA B 144 34.09 -20.59 15.60
C ALA B 144 33.38 -20.57 14.27
N ARG B 145 32.68 -19.47 13.99
CA ARG B 145 31.96 -19.32 12.74
C ARG B 145 32.93 -19.29 11.56
N LEU B 146 34.15 -18.84 11.79
CA LEU B 146 35.16 -18.81 10.74
C LEU B 146 35.47 -20.24 10.32
N ALA B 147 35.51 -21.13 11.32
CA ALA B 147 35.77 -22.54 11.06
C ALA B 147 34.54 -23.16 10.42
N GLU B 148 33.37 -22.79 10.94
CA GLU B 148 32.11 -23.29 10.40
C GLU B 148 31.95 -22.87 8.95
N TYR B 149 32.07 -21.56 8.71
CA TYR B 149 31.95 -21.00 7.37
C TYR B 149 33.00 -21.60 6.44
N HIS B 150 34.20 -21.85 6.96
CA HIS B 150 35.27 -22.45 6.17
C HIS B 150 34.90 -23.89 5.80
N ALA B 151 34.42 -24.64 6.78
CA ALA B 151 34.00 -26.02 6.56
C ALA B 151 32.82 -26.06 5.61
N LYS B 152 31.90 -25.11 5.79
CA LYS B 152 30.73 -25.01 4.94
C LYS B 152 31.14 -24.58 3.54
N ALA B 153 32.23 -23.83 3.46
CA ALA B 153 32.74 -23.37 2.18
C ALA B 153 33.29 -24.54 1.40
N THR B 154 34.05 -25.40 2.08
CA THR B 154 34.60 -26.58 1.45
C THR B 154 33.48 -27.54 1.04
N GLU B 155 32.45 -27.64 1.90
CA GLU B 155 31.29 -28.49 1.62
C GLU B 155 30.52 -27.92 0.44
N HIS B 156 30.48 -26.60 0.36
CA HIS B 156 29.81 -25.92 -0.73
C HIS B 156 30.63 -26.11 -2.00
N LEU B 157 31.94 -25.99 -1.86
CA LEU B 157 32.85 -26.16 -2.98
C LEU B 157 32.70 -27.55 -3.57
N SER B 158 32.66 -28.56 -2.71
CA SER B 158 32.51 -29.92 -3.16
C SER B 158 31.19 -30.12 -3.89
N THR B 159 30.10 -29.62 -3.29
CA THR B 159 28.77 -29.74 -3.88
C THR B 159 28.68 -28.94 -5.18
N LEU B 160 29.44 -27.84 -5.25
CA LEU B 160 29.46 -27.00 -6.44
C LEU B 160 30.07 -27.78 -7.59
N SER B 161 31.28 -28.29 -7.40
CA SER B 161 31.95 -29.07 -8.42
C SER B 161 31.20 -30.39 -8.66
N GLU B 162 30.53 -30.86 -7.61
CA GLU B 162 29.75 -32.09 -7.68
C GLU B 162 28.66 -31.96 -8.73
N LYS B 163 28.11 -30.76 -8.86
CA LYS B 163 27.06 -30.50 -9.83
C LYS B 163 27.62 -29.87 -11.09
N ALA B 164 28.60 -28.98 -10.92
CA ALA B 164 29.22 -28.29 -12.05
C ALA B 164 29.75 -29.26 -13.11
N LYS B 165 30.41 -30.33 -12.67
CA LYS B 165 30.97 -31.31 -13.59
C LYS B 165 29.90 -31.93 -14.49
N PRO B 166 28.91 -32.67 -13.93
CA PRO B 166 27.85 -33.29 -14.73
C PRO B 166 26.98 -32.24 -15.41
N ALA B 167 26.82 -31.09 -14.77
CA ALA B 167 26.01 -30.02 -15.34
C ALA B 167 26.65 -29.51 -16.63
N LEU B 168 27.90 -29.09 -16.55
CA LEU B 168 28.61 -28.59 -17.72
C LEU B 168 28.68 -29.66 -18.80
N GLU B 169 28.92 -30.90 -18.39
CA GLU B 169 28.99 -32.01 -19.31
C GLU B 169 27.66 -32.22 -20.04
N ASP B 170 26.60 -32.45 -19.27
CA ASP B 170 25.28 -32.69 -19.84
C ASP B 170 24.72 -31.46 -20.55
N LEU B 171 25.03 -30.27 -20.04
CA LEU B 171 24.57 -29.03 -20.66
C LEU B 171 25.26 -28.83 -22.01
N ARG B 172 26.56 -29.09 -22.05
CA ARG B 172 27.30 -28.95 -23.29
C ARG B 172 26.83 -30.00 -24.30
N GLN B 173 26.56 -31.20 -23.81
CA GLN B 173 26.09 -32.29 -24.66
C GLN B 173 24.61 -32.09 -25.03
N GLY B 174 24.02 -31.04 -24.48
CA GLY B 174 22.64 -30.73 -24.78
C GLY B 174 22.57 -29.50 -25.65
N LEU B 175 23.48 -28.56 -25.39
CA LEU B 175 23.55 -27.33 -26.15
C LEU B 175 24.05 -27.59 -27.57
N LEU B 176 25.06 -28.43 -27.71
CA LEU B 176 25.61 -28.75 -29.02
C LEU B 176 24.52 -29.21 -30.01
N PRO B 177 23.80 -30.31 -29.72
CA PRO B 177 22.76 -30.82 -30.61
C PRO B 177 21.59 -29.85 -30.76
N VAL B 178 21.25 -29.16 -29.67
CA VAL B 178 20.15 -28.20 -29.69
C VAL B 178 20.50 -27.00 -30.56
N LEU B 179 21.78 -26.60 -30.54
CA LEU B 179 22.23 -25.47 -31.34
C LEU B 179 22.20 -25.84 -32.81
N GLU B 180 22.54 -27.11 -33.12
CA GLU B 180 22.51 -27.60 -34.49
C GLU B 180 21.07 -27.53 -34.99
N SER B 181 20.13 -27.92 -34.12
CA SER B 181 18.72 -27.88 -34.46
C SER B 181 18.27 -26.43 -34.61
N PHE B 182 18.82 -25.56 -33.76
CA PHE B 182 18.51 -24.14 -33.83
C PHE B 182 18.97 -23.56 -35.16
N LYS B 183 20.12 -24.03 -35.62
CA LYS B 183 20.66 -23.59 -36.90
C LYS B 183 19.68 -23.90 -38.00
N VAL B 184 19.15 -25.13 -37.97
CA VAL B 184 18.18 -25.57 -38.95
C VAL B 184 16.95 -24.69 -38.96
N SER B 185 16.40 -24.43 -37.78
CA SER B 185 15.21 -23.59 -37.67
C SER B 185 15.49 -22.13 -37.99
N PHE B 186 16.69 -21.65 -37.67
CA PHE B 186 17.05 -20.28 -37.95
C PHE B 186 17.33 -20.08 -39.43
N LEU B 187 18.10 -20.98 -40.02
CA LEU B 187 18.44 -20.90 -41.43
C LEU B 187 17.19 -20.99 -42.29
N SER B 188 16.31 -21.93 -41.97
CA SER B 188 15.08 -22.09 -42.73
C SER B 188 14.21 -20.86 -42.58
N ALA B 189 14.29 -20.24 -41.40
CA ALA B 189 13.54 -19.04 -41.12
C ALA B 189 14.06 -17.89 -41.96
N LEU B 190 15.37 -17.69 -41.93
CA LEU B 190 16.03 -16.64 -42.69
C LEU B 190 15.74 -16.78 -44.18
N GLU B 191 15.81 -18.02 -44.68
CA GLU B 191 15.54 -18.29 -46.09
C GLU B 191 14.13 -17.87 -46.46
N GLU B 192 13.15 -18.34 -45.70
CA GLU B 192 11.76 -18.00 -45.97
C GLU B 192 11.52 -16.52 -45.72
N TYR B 193 12.20 -15.96 -44.72
CA TYR B 193 12.07 -14.55 -44.40
C TYR B 193 12.50 -13.70 -45.59
N THR B 194 13.56 -14.13 -46.25
CA THR B 194 14.07 -13.41 -47.42
C THR B 194 13.09 -13.52 -48.59
N LYS B 195 12.42 -14.68 -48.69
CA LYS B 195 11.44 -14.90 -49.75
C LYS B 195 10.19 -14.06 -49.49
N LYS B 196 9.82 -13.94 -48.22
CA LYS B 196 8.63 -13.17 -47.84
C LYS B 196 8.90 -11.67 -47.90
N LEU B 197 10.10 -11.26 -47.54
CA LEU B 197 10.47 -9.85 -47.54
C LEU B 197 11.23 -9.47 -48.82
N ASN B 198 11.01 -10.22 -49.89
CA ASN B 198 11.69 -9.96 -51.16
C ASN B 198 11.16 -8.70 -51.80
N MET C 1 -4.28 -1.71 6.38
CA MET C 1 -5.33 -2.62 6.80
C MET C 1 -4.77 -3.83 7.54
N THR C 2 -4.84 -3.77 8.87
CA THR C 2 -4.35 -4.83 9.73
C THR C 2 -5.18 -6.10 9.56
N GLU C 3 -4.49 -7.24 9.52
CA GLU C 3 -5.16 -8.53 9.36
C GLU C 3 -5.37 -9.19 10.72
N TYR C 4 -6.47 -9.91 10.86
CA TYR C 4 -6.79 -10.58 12.11
C TYR C 4 -7.05 -12.06 11.87
N LYS C 5 -6.24 -12.90 12.49
CA LYS C 5 -6.38 -14.35 12.35
C LYS C 5 -7.51 -14.88 13.21
N LEU C 6 -8.59 -15.27 12.57
CA LEU C 6 -9.76 -15.79 13.26
C LEU C 6 -9.98 -17.26 12.92
N VAL C 7 -9.95 -18.11 13.93
CA VAL C 7 -10.15 -19.54 13.75
C VAL C 7 -11.41 -20.00 14.48
N VAL C 8 -12.30 -20.63 13.74
CA VAL C 8 -13.54 -21.13 14.33
C VAL C 8 -13.42 -22.61 14.66
N VAL C 9 -13.83 -22.98 15.86
CA VAL C 9 -13.77 -24.36 16.30
C VAL C 9 -15.12 -24.82 16.84
N GLY C 10 -15.44 -26.09 16.64
CA GLY C 10 -16.70 -26.62 17.12
C GLY C 10 -16.98 -28.02 16.60
N ALA C 11 -18.08 -28.60 17.04
CA ALA C 11 -18.46 -29.94 16.62
C ALA C 11 -19.20 -29.90 15.29
N GLY C 12 -19.25 -31.04 14.61
CA GLY C 12 -19.93 -31.10 13.33
C GLY C 12 -21.44 -31.10 13.48
N GLY C 13 -22.11 -30.31 12.66
CA GLY C 13 -23.56 -30.23 12.70
C GLY C 13 -24.06 -28.97 13.40
N VAL C 14 -23.16 -28.22 13.98
CA VAL C 14 -23.53 -26.99 14.70
C VAL C 14 -23.70 -25.80 13.76
N GLY C 15 -23.34 -25.98 12.49
CA GLY C 15 -23.46 -24.90 11.53
C GLY C 15 -22.30 -23.93 11.63
N LYS C 16 -21.10 -24.49 11.63
CA LYS C 16 -19.89 -23.69 11.73
C LYS C 16 -19.59 -22.98 10.41
N SER C 17 -19.72 -23.71 9.30
CA SER C 17 -19.47 -23.17 7.97
C SER C 17 -20.62 -22.29 7.50
N ALA C 18 -21.83 -22.60 7.98
CA ALA C 18 -23.02 -21.85 7.60
C ALA C 18 -22.88 -20.39 7.96
N LEU C 19 -22.40 -20.13 9.17
CA LEU C 19 -22.20 -18.78 9.66
C LEU C 19 -21.19 -18.01 8.81
N THR C 20 -20.23 -18.73 8.25
CA THR C 20 -19.20 -18.12 7.42
C THR C 20 -19.70 -17.76 6.03
N ILE C 21 -20.35 -18.71 5.36
CA ILE C 21 -20.88 -18.45 4.02
C ILE C 21 -21.93 -17.35 4.07
N GLN C 22 -22.73 -17.35 5.13
CA GLN C 22 -23.78 -16.35 5.31
C GLN C 22 -23.21 -14.95 5.52
N LEU C 23 -21.96 -14.86 5.96
CA LEU C 23 -21.32 -13.56 6.20
C LEU C 23 -20.42 -13.12 5.05
N ILE C 24 -19.81 -14.09 4.37
CA ILE C 24 -18.91 -13.79 3.26
C ILE C 24 -19.65 -13.74 1.92
N GLN C 25 -20.43 -14.78 1.64
CA GLN C 25 -21.16 -14.86 0.39
C GLN C 25 -22.63 -14.48 0.57
N ASN C 26 -23.03 -14.25 1.82
CA ASN C 26 -24.40 -13.87 2.17
C ASN C 26 -25.41 -14.91 1.67
N HIS C 27 -25.10 -16.17 1.90
CA HIS C 27 -25.97 -17.26 1.45
C HIS C 27 -26.07 -18.33 2.54
N PHE C 28 -27.25 -18.87 2.73
CA PHE C 28 -27.47 -19.91 3.74
C PHE C 28 -27.66 -21.27 3.06
N VAL C 29 -26.99 -22.28 3.57
CA VAL C 29 -27.08 -23.63 2.99
C VAL C 29 -28.14 -24.47 3.69
N ASP C 30 -28.39 -25.65 3.14
CA ASP C 30 -29.38 -26.57 3.71
C ASP C 30 -28.80 -27.96 3.84
N GLU C 31 -27.92 -28.29 2.88
CA GLU C 31 -27.27 -29.59 2.85
C GLU C 31 -26.05 -29.58 3.76
N TYR C 32 -25.70 -30.75 4.29
CA TYR C 32 -24.55 -30.86 5.17
C TYR C 32 -23.35 -31.45 4.46
N ASP C 33 -22.23 -30.76 4.56
CA ASP C 33 -20.98 -31.18 3.95
C ASP C 33 -19.83 -30.88 4.91
N PRO C 34 -19.18 -31.93 5.43
CA PRO C 34 -18.07 -31.77 6.37
C PRO C 34 -16.93 -30.97 5.76
N THR C 35 -16.59 -29.86 6.39
CA THR C 35 -15.53 -29.00 5.90
C THR C 35 -14.20 -29.41 6.51
N ILE C 36 -13.15 -29.45 5.69
CA ILE C 36 -11.82 -29.82 6.16
C ILE C 36 -10.92 -28.61 6.29
N GLU C 37 -10.80 -27.83 5.22
CA GLU C 37 -9.95 -26.64 5.22
C GLU C 37 -10.59 -25.52 4.43
N ASP C 38 -11.25 -24.60 5.12
CA ASP C 38 -11.91 -23.47 4.46
C ASP C 38 -11.27 -22.16 4.90
N SER C 39 -11.25 -21.18 4.01
CA SER C 39 -10.67 -19.87 4.32
C SER C 39 -11.42 -18.75 3.64
N TYR C 40 -11.75 -17.71 4.41
CA TYR C 40 -12.47 -16.56 3.91
C TYR C 40 -11.75 -15.26 4.26
N ARG C 41 -11.97 -14.24 3.45
CA ARG C 41 -11.34 -12.94 3.66
C ARG C 41 -12.36 -11.82 3.47
N LYS C 42 -12.29 -10.81 4.32
CA LYS C 42 -13.21 -9.68 4.23
C LYS C 42 -12.64 -8.45 4.93
N GLN C 43 -12.79 -7.29 4.31
CA GLN C 43 -12.32 -6.04 4.88
C GLN C 43 -13.49 -5.37 5.61
N VAL C 44 -13.40 -5.29 6.92
CA VAL C 44 -14.46 -4.67 7.70
C VAL C 44 -13.93 -3.48 8.48
N VAL C 45 -14.59 -2.36 8.35
CA VAL C 45 -14.19 -1.13 9.04
C VAL C 45 -14.57 -1.22 10.51
N ILE C 46 -13.75 -1.90 11.29
CA ILE C 46 -13.99 -2.06 12.72
C ILE C 46 -13.31 -0.94 13.50
N ASP C 47 -14.13 -0.10 14.13
CA ASP C 47 -13.67 1.04 14.94
C ASP C 47 -13.24 2.22 14.07
N GLY C 48 -12.45 1.94 13.05
CA GLY C 48 -11.99 2.99 12.18
C GLY C 48 -11.15 2.46 11.05
N GLU C 49 -10.10 1.73 11.39
CA GLU C 49 -9.21 1.16 10.40
C GLU C 49 -9.84 -0.05 9.72
N THR C 50 -9.60 -0.18 8.41
CA THR C 50 -10.11 -1.30 7.65
C THR C 50 -9.42 -2.57 8.12
N CYS C 51 -10.16 -3.45 8.76
CA CYS C 51 -9.62 -4.68 9.28
C CYS C 51 -9.82 -5.85 8.32
N LEU C 52 -8.73 -6.53 7.98
CA LEU C 52 -8.76 -7.67 7.10
C LEU C 52 -8.93 -8.95 7.92
N LEU C 53 -10.11 -9.51 7.90
CA LEU C 53 -10.39 -10.72 8.67
C LEU C 53 -10.05 -11.98 7.89
N ASP C 54 -9.21 -12.82 8.48
CA ASP C 54 -8.81 -14.10 7.88
C ASP C 54 -9.49 -15.21 8.66
N ILE C 55 -10.60 -15.69 8.14
CA ILE C 55 -11.37 -16.73 8.80
C ILE C 55 -10.99 -18.12 8.31
N LEU C 56 -10.54 -18.95 9.24
CA LEU C 56 -10.16 -20.30 8.92
C LEU C 56 -11.16 -21.29 9.51
N ASP C 57 -11.88 -21.98 8.65
CA ASP C 57 -12.87 -22.96 9.09
C ASP C 57 -12.22 -24.33 9.24
N THR C 58 -12.30 -24.88 10.45
CA THR C 58 -11.71 -26.19 10.73
C THR C 58 -12.71 -27.31 10.45
N ALA C 59 -12.30 -28.54 10.74
CA ALA C 59 -13.15 -29.70 10.53
C ALA C 59 -13.88 -30.03 11.83
N GLY C 60 -15.21 -29.96 11.78
CA GLY C 60 -16.00 -30.27 12.95
C GLY C 60 -16.06 -31.75 13.21
N GLN C 61 -15.91 -32.53 12.15
CA GLN C 61 -15.92 -33.98 12.25
C GLN C 61 -14.54 -34.55 11.94
N GLU C 62 -13.69 -34.58 12.95
CA GLU C 62 -12.33 -35.10 12.79
C GLU C 62 -11.68 -35.30 14.15
N GLU C 63 -10.68 -36.16 14.21
CA GLU C 63 -9.97 -36.42 15.44
C GLU C 63 -8.83 -35.42 15.62
N TYR C 64 -7.79 -35.84 16.33
CA TYR C 64 -6.64 -34.97 16.55
C TYR C 64 -5.67 -35.09 15.39
N SER C 65 -5.30 -33.97 14.82
CA SER C 65 -4.36 -33.95 13.71
C SER C 65 -3.20 -33.02 14.04
N ALA C 66 -1.99 -33.45 13.73
CA ALA C 66 -0.79 -32.66 14.00
C ALA C 66 -0.81 -31.35 13.22
N MET C 67 -1.44 -31.37 12.05
CA MET C 67 -1.54 -30.20 11.21
C MET C 67 -2.51 -29.17 11.79
N ARG C 68 -3.46 -29.66 12.59
CA ARG C 68 -4.45 -28.78 13.22
C ARG C 68 -3.77 -27.85 14.20
N ASP C 69 -2.81 -28.38 14.95
CA ASP C 69 -2.06 -27.61 15.94
C ASP C 69 -1.28 -26.49 15.28
N GLN C 70 -0.88 -26.70 14.04
CA GLN C 70 -0.09 -25.71 13.30
C GLN C 70 -0.90 -24.47 12.94
N TYR C 71 -1.93 -24.63 12.12
CA TYR C 71 -2.73 -23.48 11.69
C TYR C 71 -3.57 -22.87 12.81
N MET C 72 -3.83 -23.65 13.85
CA MET C 72 -4.61 -23.15 14.97
C MET C 72 -3.78 -22.20 15.82
N ARG C 73 -2.47 -22.46 15.90
CA ARG C 73 -1.58 -21.61 16.68
C ARG C 73 -1.39 -20.26 15.98
N THR C 74 -1.51 -20.27 14.67
CA THR C 74 -1.38 -19.06 13.86
C THR C 74 -2.53 -18.11 14.12
N GLY C 75 -3.64 -18.64 14.62
CA GLY C 75 -4.81 -17.81 14.90
C GLY C 75 -4.67 -17.04 16.19
N GLU C 76 -5.37 -15.91 16.27
CA GLU C 76 -5.32 -15.08 17.46
C GLU C 76 -6.65 -15.16 18.22
N GLY C 77 -7.74 -14.99 17.48
CA GLY C 77 -9.06 -15.06 18.07
C GLY C 77 -9.72 -16.39 17.75
N PHE C 78 -10.30 -17.01 18.76
CA PHE C 78 -10.96 -18.30 18.58
C PHE C 78 -12.42 -18.23 18.96
N LEU C 79 -13.27 -18.72 18.07
CA LEU C 79 -14.70 -18.73 18.30
C LEU C 79 -15.18 -20.13 18.62
N CYS C 80 -15.72 -20.29 19.81
CA CYS C 80 -16.24 -21.58 20.25
C CYS C 80 -17.71 -21.67 19.89
N VAL C 81 -17.99 -22.11 18.68
CA VAL C 81 -19.36 -22.22 18.21
C VAL C 81 -19.96 -23.57 18.55
N PHE C 82 -21.25 -23.57 18.86
CA PHE C 82 -21.97 -24.78 19.19
C PHE C 82 -23.47 -24.55 18.98
N ALA C 83 -24.19 -25.64 18.77
CA ALA C 83 -25.63 -25.56 18.56
C ALA C 83 -26.35 -25.86 19.87
N ILE C 84 -27.22 -24.94 20.29
CA ILE C 84 -27.96 -25.11 21.54
C ILE C 84 -29.11 -26.08 21.43
N ASN C 85 -29.26 -26.68 20.25
CA ASN C 85 -30.32 -27.66 20.01
C ASN C 85 -29.82 -29.07 20.33
N ASN C 86 -28.56 -29.15 20.74
CA ASN C 86 -27.93 -30.41 21.09
C ASN C 86 -27.01 -30.22 22.29
N THR C 87 -27.33 -30.91 23.37
CA THR C 87 -26.55 -30.83 24.60
C THR C 87 -25.07 -31.21 24.39
N LYS C 88 -24.82 -32.16 23.49
CA LYS C 88 -23.47 -32.62 23.20
C LYS C 88 -22.56 -31.47 22.77
N SER C 89 -23.11 -30.51 22.03
CA SER C 89 -22.34 -29.37 21.56
C SER C 89 -21.84 -28.51 22.73
N PHE C 90 -22.68 -28.39 23.75
CA PHE C 90 -22.34 -27.60 24.94
C PHE C 90 -21.27 -28.28 25.78
N GLU C 91 -21.26 -29.60 25.75
CA GLU C 91 -20.30 -30.39 26.52
C GLU C 91 -18.96 -30.50 25.80
N ASP C 92 -18.96 -30.28 24.50
CA ASP C 92 -17.72 -30.38 23.72
C ASP C 92 -16.97 -29.06 23.68
N ILE C 93 -17.54 -28.03 24.31
CA ILE C 93 -16.93 -26.72 24.34
C ILE C 93 -15.60 -26.74 25.10
N HIS C 94 -15.63 -27.35 26.28
CA HIS C 94 -14.45 -27.44 27.12
C HIS C 94 -13.35 -28.25 26.45
N HIS C 95 -13.76 -29.21 25.62
CA HIS C 95 -12.81 -30.07 24.91
C HIS C 95 -11.92 -29.21 24.00
N TYR C 96 -12.55 -28.37 23.19
CA TYR C 96 -11.81 -27.50 22.29
C TYR C 96 -11.06 -26.42 23.05
N ARG C 97 -11.64 -25.99 24.17
CA ARG C 97 -11.03 -24.96 25.01
C ARG C 97 -9.67 -25.43 25.53
N GLU C 98 -9.66 -26.64 26.10
CA GLU C 98 -8.42 -27.23 26.62
C GLU C 98 -7.44 -27.52 25.50
N GLN C 99 -7.98 -27.81 24.32
CA GLN C 99 -7.16 -28.10 23.15
C GLN C 99 -6.40 -26.84 22.72
N ILE C 100 -7.14 -25.76 22.52
CA ILE C 100 -6.56 -24.50 22.09
C ILE C 100 -5.52 -24.00 23.09
N LYS C 101 -5.83 -24.16 24.39
CA LYS C 101 -4.92 -23.74 25.45
C LYS C 101 -3.53 -24.37 25.28
N ARG C 102 -3.51 -25.66 24.99
CA ARG C 102 -2.24 -26.37 24.81
C ARG C 102 -1.56 -25.94 23.52
N VAL C 103 -2.35 -25.67 22.49
CA VAL C 103 -1.83 -25.27 21.19
C VAL C 103 -1.18 -23.88 21.27
N LYS C 104 -1.91 -22.93 21.85
CA LYS C 104 -1.42 -21.57 21.98
C LYS C 104 -0.43 -21.42 23.13
N ASP C 105 -0.33 -22.46 23.97
CA ASP C 105 0.57 -22.47 25.11
C ASP C 105 0.24 -21.35 26.08
N SER C 106 -1.06 -21.15 26.31
CA SER C 106 -1.55 -20.11 27.21
C SER C 106 -2.93 -20.48 27.73
N GLU C 107 -3.18 -20.17 29.01
CA GLU C 107 -4.47 -20.48 29.62
C GLU C 107 -5.52 -19.44 29.23
N ASP C 108 -5.11 -18.19 29.20
CA ASP C 108 -6.03 -17.10 28.87
C ASP C 108 -5.82 -16.61 27.44
N VAL C 109 -6.75 -16.97 26.57
CA VAL C 109 -6.70 -16.57 25.17
C VAL C 109 -8.06 -16.02 24.76
N PRO C 110 -8.10 -15.19 23.69
CA PRO C 110 -9.35 -14.60 23.19
C PRO C 110 -10.31 -15.65 22.63
N MET C 111 -11.24 -16.08 23.46
CA MET C 111 -12.23 -17.07 23.07
C MET C 111 -13.64 -16.55 23.34
N VAL C 112 -14.51 -16.68 22.36
CA VAL C 112 -15.88 -16.24 22.48
C VAL C 112 -16.83 -17.41 22.27
N LEU C 113 -17.84 -17.52 23.12
CA LEU C 113 -18.81 -18.60 23.03
C LEU C 113 -19.95 -18.19 22.10
N VAL C 114 -20.20 -19.01 21.09
CA VAL C 114 -21.26 -18.71 20.13
C VAL C 114 -22.30 -19.82 20.09
N GLY C 115 -23.54 -19.47 20.42
CA GLY C 115 -24.62 -20.45 20.39
C GLY C 115 -25.45 -20.29 19.15
N ASN C 116 -25.23 -21.17 18.18
CA ASN C 116 -25.96 -21.12 16.91
C ASN C 116 -27.29 -21.86 16.99
N LYS C 117 -28.16 -21.63 16.00
CA LYS C 117 -29.48 -22.26 15.92
C LYS C 117 -30.36 -21.87 17.11
N CYS C 118 -30.19 -20.64 17.57
CA CYS C 118 -30.95 -20.13 18.72
C CYS C 118 -32.39 -19.80 18.37
N ASP C 119 -32.70 -19.74 17.07
CA ASP C 119 -34.05 -19.42 16.63
C ASP C 119 -34.89 -20.68 16.52
N LEU C 120 -34.25 -21.83 16.68
CA LEU C 120 -34.94 -23.10 16.59
C LEU C 120 -35.63 -23.44 17.92
N PRO C 121 -36.85 -24.00 17.85
CA PRO C 121 -37.63 -24.37 19.05
C PRO C 121 -37.09 -25.62 19.73
N SER C 122 -36.03 -26.19 19.18
CA SER C 122 -35.41 -27.37 19.74
C SER C 122 -34.32 -26.98 20.74
N ARG C 123 -34.36 -25.72 21.17
CA ARG C 123 -33.38 -25.20 22.12
C ARG C 123 -33.37 -26.00 23.41
N THR C 124 -32.33 -26.78 23.59
CA THR C 124 -32.18 -27.60 24.78
C THR C 124 -31.35 -26.85 25.81
N VAL C 125 -30.31 -26.18 25.33
CA VAL C 125 -29.43 -25.41 26.20
C VAL C 125 -29.99 -24.02 26.46
N ASP C 126 -30.33 -23.76 27.72
CA ASP C 126 -30.87 -22.46 28.09
C ASP C 126 -29.77 -21.40 28.10
N THR C 127 -30.15 -20.16 27.81
CA THR C 127 -29.19 -19.06 27.78
C THR C 127 -28.50 -18.87 29.13
N LYS C 128 -29.24 -19.08 30.22
CA LYS C 128 -28.68 -18.91 31.56
C LYS C 128 -27.64 -19.99 31.86
N GLN C 129 -27.80 -21.15 31.23
CA GLN C 129 -26.87 -22.26 31.42
C GLN C 129 -25.55 -21.93 30.73
N ALA C 130 -25.65 -21.47 29.48
CA ALA C 130 -24.48 -21.12 28.71
C ALA C 130 -23.75 -19.92 29.32
N GLN C 131 -24.53 -18.94 29.76
CA GLN C 131 -23.97 -17.74 30.38
C GLN C 131 -23.28 -18.05 31.70
N ASP C 132 -23.79 -19.04 32.42
CA ASP C 132 -23.23 -19.44 33.71
C ASP C 132 -21.81 -19.96 33.52
N LEU C 133 -21.64 -20.83 32.54
CA LEU C 133 -20.33 -21.40 32.26
C LEU C 133 -19.38 -20.33 31.71
N ALA C 134 -19.90 -19.51 30.81
CA ALA C 134 -19.12 -18.45 30.20
C ALA C 134 -18.64 -17.43 31.23
N ARG C 135 -19.57 -16.98 32.08
CA ARG C 135 -19.24 -15.99 33.12
C ARG C 135 -18.20 -16.52 34.08
N SER C 136 -18.30 -17.79 34.44
CA SER C 136 -17.37 -18.42 35.36
C SER C 136 -16.00 -18.62 34.72
N TYR C 137 -15.97 -18.76 33.39
CA TYR C 137 -14.73 -18.97 32.67
C TYR C 137 -14.15 -17.65 32.16
N GLY C 138 -14.86 -16.55 32.43
CA GLY C 138 -14.40 -15.23 32.03
C GLY C 138 -14.46 -14.97 30.53
N ILE C 139 -15.42 -15.58 29.86
CA ILE C 139 -15.59 -15.41 28.43
C ILE C 139 -17.01 -14.93 28.11
N PRO C 140 -17.20 -14.24 26.99
CA PRO C 140 -18.52 -13.74 26.58
C PRO C 140 -19.31 -14.77 25.76
N PHE C 141 -20.63 -14.74 25.89
CA PHE C 141 -21.49 -15.65 25.15
C PHE C 141 -22.44 -14.89 24.25
N ILE C 142 -22.39 -15.19 22.96
CA ILE C 142 -23.25 -14.52 21.99
C ILE C 142 -24.20 -15.52 21.34
N GLU C 143 -25.49 -15.17 21.28
CA GLU C 143 -26.47 -16.02 20.63
C GLU C 143 -26.47 -15.69 19.14
N THR C 144 -26.34 -16.71 18.31
CA THR C 144 -26.28 -16.49 16.88
C THR C 144 -27.19 -17.46 16.12
N SER C 145 -27.66 -17.03 14.96
CA SER C 145 -28.52 -17.85 14.12
C SER C 145 -28.12 -17.63 12.67
N ALA C 146 -27.65 -18.68 12.02
CA ALA C 146 -27.25 -18.60 10.63
C ALA C 146 -28.49 -18.54 9.75
N LYS C 147 -29.51 -19.27 10.18
CA LYS C 147 -30.77 -19.33 9.46
C LYS C 147 -31.42 -17.95 9.36
N THR C 148 -31.39 -17.20 10.45
CA THR C 148 -31.99 -15.88 10.49
C THR C 148 -30.97 -14.77 10.25
N ARG C 149 -29.69 -15.15 10.21
CA ARG C 149 -28.58 -14.20 9.99
C ARG C 149 -28.58 -13.14 11.09
N GLN C 150 -28.79 -13.56 12.31
CA GLN C 150 -28.83 -12.64 13.45
C GLN C 150 -27.64 -12.84 14.38
N GLY C 151 -26.98 -11.73 14.71
CA GLY C 151 -25.85 -11.78 15.62
C GLY C 151 -24.58 -12.29 14.99
N VAL C 152 -24.67 -12.74 13.74
CA VAL C 152 -23.51 -13.28 13.02
C VAL C 152 -22.44 -12.22 12.81
N ASP C 153 -22.87 -11.01 12.46
CA ASP C 153 -21.94 -9.92 12.21
C ASP C 153 -21.22 -9.45 13.46
N ASP C 154 -21.99 -9.03 14.46
CA ASP C 154 -21.43 -8.51 15.70
C ASP C 154 -20.62 -9.55 16.47
N ALA C 155 -20.95 -10.83 16.28
CA ALA C 155 -20.22 -11.90 16.96
C ALA C 155 -18.76 -11.87 16.54
N PHE C 156 -18.53 -11.69 15.25
CA PHE C 156 -17.17 -11.63 14.71
C PHE C 156 -16.47 -10.35 15.16
N TYR C 157 -17.22 -9.25 15.18
CA TYR C 157 -16.66 -7.97 15.61
C TYR C 157 -16.23 -8.05 17.08
N THR C 158 -17.07 -8.70 17.89
CA THR C 158 -16.82 -8.86 19.31
C THR C 158 -15.49 -9.59 19.53
N LEU C 159 -15.20 -10.58 18.68
CA LEU C 159 -13.96 -11.34 18.78
C LEU C 159 -12.76 -10.43 18.58
N VAL C 160 -12.83 -9.58 17.55
CA VAL C 160 -11.75 -8.64 17.27
C VAL C 160 -11.58 -7.66 18.41
N ARG C 161 -12.71 -7.25 19.00
CA ARG C 161 -12.69 -6.33 20.11
C ARG C 161 -11.99 -6.96 21.32
N GLU C 162 -12.17 -8.26 21.50
CA GLU C 162 -11.55 -8.99 22.60
C GLU C 162 -10.04 -9.10 22.39
N ILE C 163 -9.64 -9.34 21.15
CA ILE C 163 -8.21 -9.45 20.81
C ILE C 163 -7.47 -8.16 21.14
N ARG C 164 -8.05 -7.04 20.73
CA ARG C 164 -7.45 -5.73 20.98
C ARG C 164 -7.32 -5.46 22.47
N LYS C 165 -8.35 -5.82 23.24
CA LYS C 165 -8.33 -5.63 24.69
C LYS C 165 -7.33 -6.56 25.37
N HIS C 166 -7.16 -7.75 24.79
CA HIS C 166 -6.25 -8.74 25.33
C HIS C 166 -4.80 -8.29 25.18
N LYS C 167 -4.46 -7.82 23.98
CA LYS C 167 -3.10 -7.37 23.70
C LYS C 167 -2.73 -6.16 24.56
N GLU C 168 -3.73 -5.34 24.89
CA GLU C 168 -3.52 -4.18 25.72
C GLU C 168 -3.27 -4.62 27.16
N LYS C 169 -4.05 -5.61 27.61
CA LYS C 169 -3.95 -6.15 28.95
C LYS C 169 -2.57 -6.74 29.19
N MET C 170 -2.05 -7.43 28.18
CA MET C 170 -0.74 -8.07 28.27
C MET C 170 0.38 -7.06 28.50
N SER C 171 0.24 -5.87 27.93
CA SER C 171 1.24 -4.82 28.10
C SER C 171 1.10 -4.12 29.45
N LYS C 172 -0.09 -4.20 30.03
CA LYS C 172 -0.36 -3.59 31.32
C LYS C 172 0.04 -4.52 32.46
N ASP C 173 -0.08 -5.82 32.22
CA ASP C 173 0.29 -6.81 33.22
C ASP C 173 1.76 -7.18 33.10
N GLY C 174 2.18 -7.50 31.89
CA GLY C 174 3.55 -7.87 31.64
C GLY C 174 3.79 -9.36 31.83
N LYS C 175 2.70 -10.10 32.03
CA LYS C 175 2.76 -11.55 32.24
C LYS C 175 3.46 -11.86 33.56
N LYS C 176 3.31 -10.93 34.50
CA LYS C 176 3.92 -11.04 35.82
C LYS C 176 2.86 -11.04 36.91
N LYS C 177 1.60 -10.91 36.49
CA LYS C 177 0.46 -10.88 37.40
C LYS C 177 0.50 -9.66 38.31
N LYS C 178 -0.02 -8.55 37.81
CA LYS C 178 -0.08 -7.32 38.58
C LYS C 178 -0.95 -7.50 39.82
N LYS C 179 -2.20 -7.88 39.59
CA LYS C 179 -3.16 -8.10 40.67
C LYS C 179 -4.33 -8.92 40.17
N LYS C 180 -5.13 -9.45 41.09
CA LYS C 180 -6.29 -10.24 40.72
C LYS C 180 -7.57 -9.44 40.90
N SER C 181 -7.70 -8.39 40.11
CA SER C 181 -8.86 -7.54 40.16
C SER C 181 -9.85 -7.85 39.05
N LYS C 182 -11.09 -7.44 39.24
CA LYS C 182 -12.14 -7.66 38.27
C LYS C 182 -12.61 -6.34 37.68
N THR C 183 -13.07 -6.37 36.44
CA THR C 183 -13.54 -5.18 35.76
C THR C 183 -14.93 -5.43 35.16
N LYS C 184 -15.76 -4.41 35.17
CA LYS C 184 -17.11 -4.52 34.62
C LYS C 184 -17.12 -4.13 33.15
N CYS C 185 -17.35 -5.12 32.30
CA CYS C 185 -17.40 -4.91 30.85
C CYS C 185 -16.10 -4.32 30.31
N ASN D 1 -5.22 -38.10 1.56
CA ASN D 1 -6.21 -37.60 0.63
C ASN D 1 -6.55 -36.14 0.91
N THR D 2 -6.01 -35.24 0.10
CA THR D 2 -6.25 -33.82 0.26
C THR D 2 -6.35 -33.15 -1.11
N ILE D 3 -7.54 -32.66 -1.43
CA ILE D 3 -7.76 -31.98 -2.70
C ILE D 3 -7.63 -30.47 -2.51
N ARG D 4 -6.93 -29.83 -3.44
CA ARG D 4 -6.74 -28.39 -3.38
C ARG D 4 -7.40 -27.71 -4.58
N VAL D 5 -8.41 -26.90 -4.28
CA VAL D 5 -9.15 -26.17 -5.32
C VAL D 5 -9.18 -24.69 -4.97
N PHE D 6 -8.31 -23.92 -5.62
CA PHE D 6 -8.24 -22.49 -5.38
C PHE D 6 -9.22 -21.72 -6.26
N LEU D 7 -9.97 -20.83 -5.64
CA LEU D 7 -10.95 -20.03 -6.34
C LEU D 7 -10.38 -18.63 -6.61
N PRO D 8 -11.10 -17.77 -7.37
CA PRO D 8 -10.64 -16.42 -7.67
C PRO D 8 -10.34 -15.62 -6.40
N ASN D 9 -9.49 -14.60 -6.53
CA ASN D 9 -9.09 -13.76 -5.40
C ASN D 9 -8.12 -14.52 -4.49
N LYS D 10 -8.63 -15.05 -3.39
CA LYS D 10 -7.79 -15.81 -2.46
C LYS D 10 -8.63 -16.72 -1.58
N GLN D 11 -9.83 -17.06 -2.04
CA GLN D 11 -10.73 -17.92 -1.28
C GLN D 11 -10.48 -19.38 -1.65
N ARG D 12 -10.33 -20.22 -0.63
CA ARG D 12 -10.08 -21.64 -0.86
C ARG D 12 -10.94 -22.50 0.07
N THR D 13 -11.54 -23.54 -0.50
CA THR D 13 -12.39 -24.44 0.26
C THR D 13 -12.05 -25.90 -0.03
N VAL D 14 -11.57 -26.60 0.99
CA VAL D 14 -11.23 -28.02 0.85
C VAL D 14 -12.43 -28.88 1.20
N VAL D 15 -12.94 -29.60 0.22
CA VAL D 15 -14.11 -30.46 0.43
C VAL D 15 -13.69 -31.91 0.60
N ASN D 16 -14.66 -32.76 0.91
CA ASN D 16 -14.40 -34.18 1.11
C ASN D 16 -15.00 -34.97 -0.05
N VAL D 17 -14.14 -35.52 -0.89
CA VAL D 17 -14.58 -36.29 -2.03
C VAL D 17 -14.50 -37.78 -1.74
N ARG D 18 -15.27 -38.58 -2.49
CA ARG D 18 -15.30 -40.03 -2.29
C ARG D 18 -16.06 -40.70 -3.43
N ASN D 19 -15.86 -42.02 -3.56
CA ASN D 19 -16.53 -42.84 -4.58
C ASN D 19 -16.00 -42.57 -5.99
N GLY D 20 -16.25 -41.37 -6.49
CA GLY D 20 -15.81 -41.02 -7.82
C GLY D 20 -16.53 -39.80 -8.34
N MET D 21 -16.30 -38.66 -7.70
CA MET D 21 -16.94 -37.42 -8.09
C MET D 21 -16.09 -36.70 -9.12
N SER D 22 -16.71 -36.32 -10.23
CA SER D 22 -16.02 -35.61 -11.29
C SER D 22 -15.89 -34.13 -10.95
N LEU D 23 -15.16 -33.40 -11.78
CA LEU D 23 -14.95 -31.97 -11.55
C LEU D 23 -16.29 -31.24 -11.53
N HIS D 24 -17.20 -31.65 -12.42
CA HIS D 24 -18.53 -31.06 -12.52
C HIS D 24 -19.28 -31.14 -11.20
N ASP D 25 -19.26 -32.32 -10.59
CA ASP D 25 -19.95 -32.54 -9.31
C ASP D 25 -19.48 -31.56 -8.26
N CYS D 26 -18.16 -31.46 -8.10
CA CYS D 26 -17.57 -30.57 -7.12
C CYS D 26 -17.80 -29.10 -7.46
N LEU D 27 -17.67 -28.75 -8.73
CA LEU D 27 -17.86 -27.37 -9.17
C LEU D 27 -19.29 -26.90 -8.95
N MET D 28 -20.25 -27.75 -9.29
CA MET D 28 -21.66 -27.42 -9.13
C MET D 28 -22.03 -27.25 -7.66
N LYS D 29 -21.35 -28.00 -6.79
CA LYS D 29 -21.58 -27.95 -5.35
C LYS D 29 -21.31 -26.55 -4.81
N ALA D 30 -20.32 -25.87 -5.37
CA ALA D 30 -19.97 -24.53 -4.95
C ALA D 30 -20.69 -23.48 -5.79
N LEU D 31 -21.15 -23.90 -6.97
CA LEU D 31 -21.86 -23.03 -7.90
C LEU D 31 -23.13 -22.46 -7.27
N LYS D 32 -23.89 -23.30 -6.60
CA LYS D 32 -25.15 -22.86 -5.98
C LYS D 32 -24.91 -21.98 -4.76
N VAL D 33 -23.67 -21.88 -4.33
CA VAL D 33 -23.31 -21.08 -3.16
C VAL D 33 -22.85 -19.69 -3.63
N ARG D 34 -22.20 -19.67 -4.79
CA ARG D 34 -21.69 -18.44 -5.37
C ARG D 34 -22.74 -17.76 -6.24
N GLY D 35 -23.44 -18.56 -7.03
CA GLY D 35 -24.47 -18.02 -7.91
C GLY D 35 -23.86 -17.33 -9.12
N LEU D 36 -22.89 -17.97 -9.75
CA LEU D 36 -22.22 -17.42 -10.91
C LEU D 36 -22.48 -18.27 -12.15
N GLN D 37 -21.72 -18.03 -13.20
CA GLN D 37 -21.86 -18.78 -14.44
C GLN D 37 -20.58 -19.54 -14.76
N PRO D 38 -20.64 -20.88 -14.72
CA PRO D 38 -19.48 -21.73 -14.99
C PRO D 38 -19.05 -21.68 -16.45
N GLU D 39 -19.94 -21.17 -17.30
CA GLU D 39 -19.66 -21.07 -18.73
C GLU D 39 -18.58 -20.03 -19.00
N CYS D 40 -18.48 -19.04 -18.11
CA CYS D 40 -17.48 -18.00 -18.25
C CYS D 40 -16.22 -18.37 -17.48
N CYS D 41 -16.28 -19.51 -16.78
CA CYS D 41 -15.15 -19.97 -15.99
C CYS D 41 -14.38 -21.03 -16.76
N ALA D 42 -13.15 -21.29 -16.32
CA ALA D 42 -12.30 -22.29 -16.96
C ALA D 42 -11.44 -22.98 -15.91
N VAL D 43 -11.11 -24.23 -16.15
CA VAL D 43 -10.30 -24.99 -15.21
C VAL D 43 -8.82 -24.90 -15.56
N PHE D 44 -8.07 -24.19 -14.73
CA PHE D 44 -6.64 -24.02 -14.93
C PHE D 44 -5.87 -24.85 -13.92
N ARG D 45 -4.99 -25.70 -14.41
CA ARG D 45 -4.20 -26.56 -13.54
C ARG D 45 -2.95 -25.84 -13.03
N LEU D 46 -2.24 -26.49 -12.11
CA LEU D 46 -1.02 -25.93 -11.54
C LEU D 46 0.02 -25.65 -12.64
N LEU D 47 0.79 -24.57 -12.44
CA LEU D 47 1.82 -24.18 -13.40
C LEU D 47 3.04 -25.08 -13.28
N GLN D 48 2.92 -26.29 -13.81
CA GLN D 48 4.01 -27.25 -13.77
C GLN D 48 5.12 -26.86 -14.76
N GLU D 49 6.26 -26.44 -14.21
CA GLU D 49 7.41 -26.03 -15.01
C GLU D 49 7.02 -24.99 -16.07
N HIS D 50 6.36 -23.94 -15.64
CA HIS D 50 5.94 -22.89 -16.56
C HIS D 50 6.49 -21.54 -16.13
N LYS D 51 6.75 -20.70 -17.11
CA LYS D 51 7.30 -19.37 -16.88
C LYS D 51 6.30 -18.49 -16.13
N GLY D 52 5.06 -18.47 -16.59
CA GLY D 52 4.04 -17.67 -15.95
C GLY D 52 2.81 -17.49 -16.81
N LYS D 53 2.03 -18.55 -16.96
CA LYS D 53 0.81 -18.51 -17.74
C LYS D 53 -0.11 -19.63 -17.30
N LYS D 54 -1.41 -19.35 -17.26
CA LYS D 54 -2.40 -20.33 -16.83
C LYS D 54 -2.44 -21.52 -17.78
N ALA D 55 -2.64 -22.69 -17.20
CA ALA D 55 -2.72 -23.92 -17.98
C ALA D 55 -4.15 -24.42 -18.03
N ARG D 56 -4.85 -24.10 -19.12
CA ARG D 56 -6.25 -24.49 -19.28
C ARG D 56 -6.38 -25.98 -19.61
N LEU D 57 -7.22 -26.66 -18.84
CA LEU D 57 -7.43 -28.08 -19.03
C LEU D 57 -8.83 -28.34 -19.58
N ASP D 58 -9.31 -29.56 -19.40
CA ASP D 58 -10.63 -29.97 -19.86
C ASP D 58 -11.55 -30.17 -18.67
N TRP D 59 -12.85 -30.26 -18.93
CA TRP D 59 -13.82 -30.46 -17.86
C TRP D 59 -13.97 -31.94 -17.55
N ASN D 60 -13.52 -32.78 -18.47
CA ASN D 60 -13.61 -34.22 -18.31
C ASN D 60 -12.43 -34.77 -17.50
N THR D 61 -11.42 -33.93 -17.28
CA THR D 61 -10.22 -34.31 -16.55
C THR D 61 -10.56 -34.99 -15.21
N ASP D 62 -9.88 -36.10 -14.93
CA ASP D 62 -10.13 -36.85 -13.70
C ASP D 62 -9.68 -36.06 -12.47
N ALA D 63 -10.55 -36.01 -11.46
CA ALA D 63 -10.28 -35.28 -10.24
C ALA D 63 -9.27 -35.96 -9.34
N ALA D 64 -9.32 -37.29 -9.26
CA ALA D 64 -8.40 -38.04 -8.40
C ALA D 64 -6.97 -37.95 -8.94
N SER D 65 -6.86 -37.82 -10.25
CA SER D 65 -5.55 -37.72 -10.89
C SER D 65 -4.87 -36.39 -10.56
N LEU D 66 -5.63 -35.45 -10.01
CA LEU D 66 -5.11 -34.15 -9.64
C LEU D 66 -5.00 -34.00 -8.14
N ILE D 67 -4.86 -35.12 -7.44
CA ILE D 67 -4.73 -35.10 -5.98
C ILE D 67 -3.42 -34.43 -5.56
N GLY D 68 -3.55 -33.33 -4.82
CA GLY D 68 -2.38 -32.60 -4.37
C GLY D 68 -1.94 -31.54 -5.36
N GLU D 69 -2.64 -31.45 -6.47
CA GLU D 69 -2.31 -30.46 -7.50
C GLU D 69 -3.15 -29.20 -7.30
N GLU D 70 -2.48 -28.09 -7.13
CA GLU D 70 -3.13 -26.80 -6.92
C GLU D 70 -3.90 -26.34 -8.16
N LEU D 71 -5.22 -26.47 -8.12
CA LEU D 71 -6.06 -26.07 -9.24
C LEU D 71 -6.47 -24.61 -9.09
N GLN D 72 -6.93 -24.00 -10.19
CA GLN D 72 -7.36 -22.61 -10.17
C GLN D 72 -8.60 -22.42 -11.04
N VAL D 73 -9.63 -21.82 -10.46
CA VAL D 73 -10.86 -21.57 -11.19
C VAL D 73 -10.96 -20.08 -11.52
N ASP D 74 -10.63 -19.72 -12.75
CA ASP D 74 -10.67 -18.33 -13.19
C ASP D 74 -11.62 -18.19 -14.38
N PHE D 75 -11.85 -16.96 -14.81
CA PHE D 75 -12.74 -16.70 -15.92
C PHE D 75 -11.95 -16.49 -17.20
N LEU D 76 -12.66 -16.40 -18.32
CA LEU D 76 -12.04 -16.19 -19.61
C LEU D 76 -11.91 -14.69 -19.88
N ASP D 77 -11.51 -14.32 -21.10
CA ASP D 77 -11.35 -12.91 -21.44
C ASP D 77 -12.69 -12.19 -21.55
N HIS D 78 -13.17 -11.74 -20.41
CA HIS D 78 -14.42 -11.01 -20.32
C HIS D 78 -14.41 -10.27 -18.98
N VAL D 79 -14.54 -11.04 -17.90
CA VAL D 79 -14.51 -10.51 -16.55
C VAL D 79 -13.77 -11.51 -15.65
N PRO D 80 -12.43 -11.59 -15.79
CA PRO D 80 -11.59 -12.54 -15.04
C PRO D 80 -11.33 -12.07 -13.61
N LEU D 81 -10.88 -13.03 -12.77
CA LEU D 81 -10.57 -12.77 -11.37
C LEU D 81 -11.79 -12.23 -10.63
N THR D 82 -11.55 -11.52 -9.54
CA THR D 82 -12.64 -10.95 -8.75
C THR D 82 -12.77 -9.46 -9.05
N THR D 83 -13.99 -9.02 -9.30
CA THR D 83 -14.25 -7.63 -9.60
C THR D 83 -14.73 -6.90 -8.34
N HIS D 84 -14.32 -5.64 -8.20
CA HIS D 84 -14.70 -4.84 -7.06
C HIS D 84 -16.22 -4.60 -7.06
N ASN D 85 -16.87 -5.04 -6.00
CA ASN D 85 -18.32 -4.91 -5.86
C ASN D 85 -18.67 -3.61 -5.15
N PHE D 86 -19.61 -2.87 -5.71
CA PHE D 86 -20.03 -1.61 -5.11
C PHE D 86 -21.27 -1.80 -4.25
N ALA D 87 -21.09 -1.64 -2.94
CA ALA D 87 -22.19 -1.79 -1.99
C ALA D 87 -22.33 -0.56 -1.12
N ARG D 88 -23.56 -0.13 -0.91
CA ARG D 88 -23.84 1.06 -0.10
C ARG D 88 -24.52 0.69 1.21
N LYS D 89 -23.72 0.45 2.23
CA LYS D 89 -24.24 0.10 3.54
C LYS D 89 -23.51 0.85 4.64
N THR D 90 -24.19 1.04 5.76
CA THR D 90 -23.63 1.76 6.89
C THR D 90 -22.36 1.07 7.41
N PHE D 91 -21.45 1.86 7.95
CA PHE D 91 -20.20 1.34 8.49
C PHE D 91 -20.36 1.05 9.97
N LEU D 92 -19.34 0.48 10.58
CA LEU D 92 -19.40 0.15 12.00
C LEU D 92 -19.26 1.40 12.86
N LYS D 93 -18.29 2.24 12.52
CA LYS D 93 -18.05 3.47 13.26
C LYS D 93 -17.65 4.60 12.30
N LEU D 94 -17.27 5.74 12.87
CA LEU D 94 -16.88 6.89 12.06
C LEU D 94 -15.38 6.80 11.73
N ALA D 95 -15.09 6.33 10.53
CA ALA D 95 -13.71 6.19 10.08
C ALA D 95 -13.32 7.32 9.14
N PHE D 96 -12.17 7.16 8.48
CA PHE D 96 -11.68 8.14 7.53
C PHE D 96 -11.53 7.52 6.15
N CYS D 97 -11.45 8.36 5.13
CA CYS D 97 -11.33 7.91 3.76
C CYS D 97 -9.97 7.25 3.50
N ASP D 98 -9.99 6.18 2.74
CA ASP D 98 -8.75 5.46 2.40
C ASP D 98 -8.11 6.11 1.19
N ILE D 99 -8.80 7.11 0.65
CA ILE D 99 -8.33 7.85 -0.50
C ILE D 99 -8.10 9.32 -0.15
N CYS D 100 -9.11 9.93 0.46
CA CYS D 100 -9.03 11.33 0.86
C CYS D 100 -8.45 11.49 2.26
N GLN D 101 -8.59 12.68 2.83
CA GLN D 101 -8.08 12.96 4.17
C GLN D 101 -9.22 13.32 5.12
N LYS D 102 -10.45 13.18 4.64
CA LYS D 102 -11.63 13.51 5.43
C LYS D 102 -12.29 12.26 6.01
N PHE D 103 -13.29 12.48 6.86
CA PHE D 103 -14.01 11.39 7.50
C PHE D 103 -14.80 10.59 6.47
N LEU D 104 -15.04 9.33 6.76
CA LEU D 104 -15.77 8.46 5.86
C LEU D 104 -17.21 8.28 6.33
N LEU D 105 -18.13 8.90 5.61
CA LEU D 105 -19.54 8.81 5.93
C LEU D 105 -20.14 7.57 5.26
N ASN D 106 -21.44 7.58 5.03
CA ASN D 106 -22.10 6.46 4.39
C ASN D 106 -21.85 6.46 2.88
N GLY D 107 -20.60 6.20 2.51
CA GLY D 107 -20.23 6.17 1.10
C GLY D 107 -20.40 4.79 0.51
N PHE D 108 -19.30 4.12 0.20
CA PHE D 108 -19.35 2.79 -0.38
C PHE D 108 -18.34 1.85 0.27
N ARG D 109 -18.72 0.59 0.40
CA ARG D 109 -17.87 -0.45 0.97
C ARG D 109 -18.18 -1.77 0.30
N CYS D 110 -17.19 -2.37 -0.32
CA CYS D 110 -17.36 -3.62 -1.03
C CYS D 110 -17.72 -4.80 -0.12
N GLN D 111 -18.46 -5.76 -0.66
CA GLN D 111 -18.82 -6.94 0.09
C GLN D 111 -17.73 -7.98 -0.09
N THR D 112 -17.23 -8.08 -1.32
CA THR D 112 -16.17 -9.01 -1.65
C THR D 112 -14.92 -8.59 -0.92
N CYS D 113 -14.64 -7.31 -0.98
CA CYS D 113 -13.48 -6.73 -0.33
C CYS D 113 -13.91 -6.05 0.97
N GLY D 114 -14.19 -4.75 0.89
CA GLY D 114 -14.60 -4.01 2.07
C GLY D 114 -13.87 -2.70 2.25
N TYR D 115 -13.48 -2.09 1.14
CA TYR D 115 -12.78 -0.82 1.18
C TYR D 115 -13.74 0.32 1.50
N LYS D 116 -13.24 1.39 2.11
CA LYS D 116 -14.07 2.51 2.46
C LYS D 116 -13.69 3.79 1.72
N PHE D 117 -14.65 4.34 0.99
CA PHE D 117 -14.43 5.56 0.23
C PHE D 117 -15.75 6.32 0.06
N HIS D 118 -15.65 7.55 -0.43
CA HIS D 118 -16.82 8.38 -0.64
C HIS D 118 -17.47 8.08 -1.99
N GLU D 119 -18.46 8.88 -2.35
CA GLU D 119 -19.16 8.70 -3.61
C GLU D 119 -18.36 9.33 -4.75
N HIS D 120 -17.28 10.01 -4.40
CA HIS D 120 -16.41 10.64 -5.37
C HIS D 120 -15.16 9.81 -5.61
N CYS D 121 -14.66 9.19 -4.54
CA CYS D 121 -13.47 8.35 -4.61
C CYS D 121 -13.78 6.95 -5.12
N SER D 122 -15.02 6.74 -5.54
CA SER D 122 -15.46 5.44 -6.05
C SER D 122 -14.59 5.01 -7.23
N THR D 123 -14.40 5.92 -8.18
CA THR D 123 -13.57 5.65 -9.33
C THR D 123 -12.19 6.29 -9.16
N LYS D 124 -11.78 6.48 -7.90
CA LYS D 124 -10.50 7.09 -7.59
C LYS D 124 -9.62 6.13 -6.80
N VAL D 125 -9.95 4.84 -6.83
CA VAL D 125 -9.17 3.84 -6.13
C VAL D 125 -8.47 2.91 -7.13
N PRO D 126 -7.18 3.19 -7.40
CA PRO D 126 -6.37 2.40 -8.35
C PRO D 126 -6.01 1.03 -7.79
N THR D 127 -5.77 0.96 -6.49
CA THR D 127 -5.41 -0.29 -5.86
C THR D 127 -6.64 -1.17 -5.65
N MET D 128 -6.80 -2.14 -6.53
CA MET D 128 -7.92 -3.07 -6.44
C MET D 128 -7.88 -3.79 -5.09
N CYS D 129 -9.02 -3.85 -4.41
CA CYS D 129 -9.11 -4.48 -3.10
C CYS D 129 -9.11 -6.01 -3.20
N VAL D 130 -8.27 -6.54 -4.07
CA VAL D 130 -8.14 -7.97 -4.27
C VAL D 130 -6.70 -8.38 -4.04
N ASP D 131 -6.47 -9.22 -3.05
CA ASP D 131 -5.14 -9.68 -2.71
C ASP D 131 -5.00 -11.16 -3.01
N TRP D 132 -3.76 -11.60 -3.20
CA TRP D 132 -3.50 -13.00 -3.52
C TRP D 132 -2.91 -13.74 -2.32
C1 PCW E . -15.80 20.43 -26.31
C2 PCW E . -15.49 20.23 -27.80
C3 PCW E . -14.99 21.53 -28.40
C4 PCW E . -18.61 16.96 -24.51
C5 PCW E . -18.63 15.46 -24.18
C6 PCW E . -19.21 14.00 -22.27
C7 PCW E . -19.86 16.42 -22.20
C8 PCW E . -20.88 15.69 -23.06
C11 PCW E . -13.98 22.33 -30.33
C12 PCW E . -13.49 22.21 -31.77
C13 PCW E . -13.80 23.46 -32.60
C14 PCW E . -13.34 23.25 -34.04
C15 PCW E . -13.60 24.48 -34.91
C16 PCW E . -13.14 24.22 -36.35
C17 PCW E . -13.32 25.46 -37.23
C18 PCW E . -12.86 25.16 -38.66
C19 PCW E . -12.95 26.29 -39.46
C20 PCW E . -12.31 26.31 -40.70
C21 PCW E . -11.60 25.20 -41.14
C22 PCW E . -10.28 25.06 -40.38
C23 PCW E . -9.48 23.86 -40.91
C24 PCW E . -8.14 23.72 -40.18
C25 PCW E . -8.34 23.38 -38.70
C26 PCW E . -9.05 22.04 -38.55
C27 PCW E . -9.22 21.67 -37.07
C28 PCW E . -9.85 20.28 -36.92
C31 PCW E . -14.43 18.80 -29.24
C32 PCW E . -13.36 17.81 -29.69
C33 PCW E . -12.64 18.35 -30.92
C34 PCW E . -11.50 17.43 -31.36
C35 PCW E . -10.79 18.01 -32.58
C36 PCW E . -9.60 17.15 -33.02
C37 PCW E . -8.93 17.75 -34.25
C38 PCW E . -7.72 16.92 -34.69
C39 PCW E . -7.15 17.46 -35.84
C40 PCW E . -5.82 17.88 -35.84
C41 PCW E . -5.05 17.79 -34.69
C42 PCW E . -3.71 18.51 -34.89
C43 PCW E . -3.94 19.99 -35.16
C44 PCW E . -2.61 20.73 -35.38
C45 PCW E . -1.86 20.17 -36.59
C46 PCW E . -0.53 20.89 -36.79
C47 PCW E . 0.21 20.36 -38.01
C48 PCW E . 1.54 21.10 -38.20
N PCW E . -19.48 15.25 -22.99
O2 PCW E . -14.46 19.24 -27.94
O3 PCW E . -14.62 21.29 -29.76
O11 PCW E . -13.79 23.38 -29.68
O31 PCW E . -15.31 19.18 -30.02
O1P PCW E . -18.85 19.47 -25.79
O2P PCW E . -17.61 18.52 -27.79
O3P PCW E . -16.37 19.26 -25.73
O4P PCW E . -17.81 17.18 -25.68
P PCW E . -17.74 18.65 -26.32
C1 PCW F . -4.57 22.34 18.35
C2 PCW F . -3.29 22.47 19.16
C3 PCW F . -3.63 22.56 20.64
C4 PCW F . -3.86 18.17 19.70
C5 PCW F . -2.47 17.70 20.15
C6 PCW F . -3.71 16.85 22.12
C7 PCW F . -2.33 15.26 20.74
C8 PCW F . -1.38 16.02 21.67
C11 PCW F . -1.82 21.58 21.63
C12 PCW F . -0.47 21.56 22.37
C13 PCW F . -0.39 22.66 23.43
C14 PCW F . 0.94 22.61 24.17
C15 PCW F . 1.04 23.73 25.20
C16 PCW F . 0.96 25.11 24.53
C17 PCW F . 1.12 26.23 25.57
C18 PCW F . 2.46 26.12 26.29
C19 PCW F . 2.61 27.13 27.23
C20 PCW F . 3.87 27.47 27.69
C21 PCW F . 4.99 26.82 27.20
C22 PCW F . 6.28 27.58 27.51
C23 PCW F . 6.22 29.00 26.92
C24 PCW F . 7.52 29.76 27.21
C25 PCW F . 7.46 31.17 26.63
C26 PCW F . 7.25 31.13 25.11
C27 PCW F . 7.19 32.55 24.53
C28 PCW F . 7.03 32.50 23.01
C31 PCW F . -1.79 21.47 17.74
C32 PCW F . -0.84 20.38 17.28
C33 PCW F . 0.60 20.63 17.72
C34 PCW F . 1.21 21.85 17.02
C35 PCW F . 0.53 23.16 17.43
C36 PCW F . 1.19 24.34 16.72
C37 PCW F . 0.56 25.67 17.15
C38 PCW F . 1.25 26.84 16.47
C39 PCW F . 0.70 28.06 16.85
C40 PCW F . 1.16 29.25 16.29
C41 PCW F . 2.17 29.21 15.33
C42 PCW F . 2.20 30.50 14.50
C43 PCW F . 2.49 31.72 15.38
C44 PCW F . 2.52 32.99 14.53
C45 PCW F . 2.83 34.21 15.40
C46 PCW F . 1.78 34.41 16.50
C47 PCW F . 2.10 35.63 17.36
C48 PCW F . 1.05 35.82 18.46
N PCW F . -2.61 16.64 21.16
O2 PCW F . -2.44 21.34 18.93
O3 PCW F . -2.43 22.76 21.41
O11 PCW F . -2.35 20.52 21.29
O31 PCW F . -1.97 22.48 17.06
O1P PCW F . -6.19 18.88 18.31
O2P PCW F . -4.75 20.01 16.55
O3P PCW F . -5.31 21.17 18.72
O4P PCW F . -3.73 19.18 18.71
P PCW F . -5.05 19.76 17.98
C1 PCW G . -18.88 34.04 -12.44
C2 PCW G . -17.81 34.70 -13.30
C3 PCW G . -16.46 34.04 -13.13
C4 PCW G . -16.56 31.75 -14.79
C5 PCW G . -15.42 31.03 -14.07
C6 PCW G . -16.69 28.99 -14.72
C7 PCW G . -14.25 29.17 -15.30
C8 PCW G . -14.35 28.76 -13.83
C11 PCW G . -14.26 34.12 -13.75
C12 PCW G . -13.04 34.66 -14.49
C13 PCW G . -12.63 36.04 -13.96
C14 PCW G . -11.38 36.56 -14.69
C15 PCW G . -10.98 37.94 -14.18
C16 PCW G . -10.74 37.92 -12.67
C17 PCW G . -10.27 39.29 -12.17
C18 PCW G . -10.09 39.28 -10.65
C19 PCW G . -11.29 39.05 -10.01
C20 PCW G . -11.46 37.94 -9.19
C21 PCW G . -10.41 37.04 -9.01
C22 PCW G . -9.50 37.47 -7.87
C23 PCW G . -8.37 36.45 -7.65
C24 PCW G . -7.46 36.89 -6.51
C25 PCW G . -6.79 38.23 -6.82
C26 PCW G . -5.86 38.66 -5.68
C27 PCW G . -5.20 40.00 -6.00
C28 PCW G . -4.25 40.42 -4.88
C31 PCW G . -17.66 35.74 -15.34
C32 PCW G . -17.94 35.92 -16.84
C33 PCW G . -16.95 36.90 -17.46
C34 PCW G . -15.50 36.41 -17.30
C35 PCW G . -14.50 37.40 -17.88
C36 PCW G . -13.07 36.92 -17.70
C37 PCW G . -12.08 37.96 -18.22
C38 PCW G . -10.63 37.48 -18.03
C39 PCW G . -9.73 38.45 -18.47
C40 PCW G . -8.40 38.39 -18.08
C41 PCW G . -7.96 37.37 -17.24
C42 PCW G . -6.92 37.88 -16.25
C43 PCW G . -7.48 38.99 -15.36
C44 PCW G . -6.42 39.49 -14.36
C45 PCW G . -5.20 40.03 -15.10
C46 PCW G . -5.58 41.21 -16.00
C47 PCW G . -4.35 41.76 -16.74
C48 PCW G . -4.73 42.93 -17.64
N PCW G . -15.37 29.61 -14.45
O2 PCW G . -18.23 34.70 -14.68
O3 PCW G . -15.47 34.73 -13.91
O11 PCW G . -14.16 33.15 -13.01
O31 PCW G . -16.95 36.54 -14.73
O1P PCW G . -17.14 31.89 -11.98
O2P PCW G . -19.11 30.33 -12.37
O3P PCW G . -19.27 32.76 -12.94
O4P PCW G . -17.82 31.24 -14.33
P PCW G . -18.30 31.49 -12.81
C1 PCW H . 4.80 -20.37 -0.92
C2 PCW H . 6.32 -20.49 -1.14
C3 PCW H . 6.59 -20.94 -2.56
C4 PCW H . 2.60 -16.71 -0.98
C5 PCW H . 1.28 -16.03 -1.32
C6 PCW H . 1.30 -14.04 0.17
C7 PCW H . -0.70 -15.56 0.16
C8 PCW H . 0.37 -16.23 1.01
C11 PCW H . 8.58 -21.91 -1.97
C12 PCW H . 10.10 -22.11 -2.03
C13 PCW H . 10.64 -21.80 -3.43
C14 PCW H . 12.16 -21.93 -3.46
C15 PCW H . 12.80 -20.94 -2.49
C16 PCW H . 14.33 -21.04 -2.52
C17 PCW H . 14.97 -20.04 -1.55
C18 PCW H . 16.49 -20.13 -1.59
C19 PCW H . 17.07 -19.22 -0.72
C20 PCW H . 18.34 -19.45 -0.20
C21 PCW H . 19.03 -20.60 -0.56
C22 PCW H . 20.17 -20.29 -1.53
C23 PCW H . 20.91 -21.56 -1.94
C24 PCW H . 22.06 -21.26 -2.90
C25 PCW H . 22.79 -22.53 -3.31
C26 PCW H . 23.95 -22.23 -4.26
C27 PCW H . 23.45 -21.57 -5.55
C28 PCW H . 24.62 -21.26 -6.48
C31 PCW H . 7.05 -18.98 0.40
C32 PCW H . 7.67 -17.68 0.90
C33 PCW H . 9.20 -17.76 0.88
C34 PCW H . 9.83 -16.46 1.35
C35 PCW H . 11.36 -16.56 1.32
C36 PCW H . 12.01 -15.26 1.80
C37 PCW H . 13.54 -15.37 1.75
C38 PCW H . 14.05 -16.48 2.67
C39 PCW H . 15.42 -16.63 2.57
C40 PCW H . 16.26 -15.91 3.41
C41 PCW H . 15.74 -15.04 4.37
C42 PCW H . 16.85 -14.14 4.93
C43 PCW H . 17.93 -14.97 5.60
C44 PCW H . 19.08 -14.08 6.10
C45 PCW H . 18.59 -13.05 7.12
C46 PCW H . 19.75 -12.17 7.60
C47 PCW H . 19.28 -11.14 8.62
C48 PCW H . 20.44 -10.28 9.09
N PCW H . 0.73 -15.36 -0.13
O2 PCW H . 6.93 -19.21 -0.94
O3 PCW H . 8.00 -21.00 -2.79
O11 PCW H . 7.89 -22.57 -1.20
O31 PCW H . 6.67 -19.85 1.20
O1P PCW H . 5.31 -17.58 -0.90
O2P PCW H . 5.27 -17.84 -3.43
O3P PCW H . 4.19 -19.56 -1.94
O4P PCW H . 3.15 -17.28 -2.16
P PCW H . 4.59 -18.01 -2.12
C1 PCW I . 0.83 14.92 24.03
C2 PCW I . 1.47 15.59 22.81
C3 PCW I . 1.35 17.11 22.91
C4 PCW I . 0.89 12.71 20.51
C5 PCW I . 1.01 13.48 19.20
C6 PCW I . 2.88 11.91 18.82
C7 PCW I . 1.07 12.12 17.10
C8 PCW I . 2.03 13.29 16.91
C11 PCW I . 1.83 19.09 21.87
C12 PCW I . 2.42 19.96 20.76
C13 PCW I . 2.73 21.37 21.26
C14 PCW I . 3.41 22.19 20.17
C15 PCW I . 3.72 23.62 20.63
C16 PCW I . 4.65 23.61 21.85
C17 PCW I . 5.05 25.03 22.25
C18 PCW I . 5.94 25.03 23.49
C19 PCW I . 6.36 26.31 23.83
C20 PCW I . 5.46 27.37 23.90
C21 PCW I . 4.12 27.19 23.63
C22 PCW I . 3.63 28.19 22.57
C23 PCW I . 2.14 28.00 22.27
C24 PCW I . 1.67 29.00 21.21
C25 PCW I . 0.18 28.83 20.91
C26 PCW I . -0.27 29.84 19.85
C27 PCW I . -1.77 29.67 19.55
C28 PCW I . -2.23 30.68 18.50
C31 PCW I . 3.32 15.42 21.45
C32 PCW I . 4.78 15.17 21.13
C33 PCW I . 5.58 16.48 21.24
C34 PCW I . 5.49 17.05 22.66
C35 PCW I . 6.17 18.42 22.74
C36 PCW I . 6.12 18.95 24.19
C37 PCW I . 6.69 20.37 24.27
C38 PCW I . 6.66 20.87 25.71
C39 PCW I . 7.10 22.19 25.80
C40 PCW I . 8.40 22.54 25.45
C41 PCW I . 9.30 21.56 25.03
C42 PCW I . 10.73 21.98 25.33
C43 PCW I . 11.73 20.96 24.79
C44 PCW I . 13.17 21.38 25.11
C45 PCW I . 14.17 20.40 24.49
C46 PCW I . 14.01 20.35 22.97
C47 PCW I . 14.25 21.74 22.37
C48 PCW I . 14.09 21.71 20.84
N PCW I . 1.79 12.71 18.24
O2 PCW I . 2.85 15.23 22.72
O3 PCW I . 1.95 17.73 21.78
O11 PCW I . 1.26 19.58 22.84
O31 PCW I . 2.53 15.76 20.56
O1P PCW I . 0.02 11.37 22.85
O2P PCW I . -1.62 13.27 23.27
O3P PCW I . 0.81 13.50 23.87
O4P PCW I . 0.11 13.46 21.44
P PCW I . -0.26 12.82 22.88
C1 PCW J . 7.77 -12.52 10.71
C2 PCW J . 8.82 -11.58 11.29
C3 PCW J . 8.35 -10.13 11.26
C4 PCW J . 5.62 -9.03 12.69
C5 PCW J . 4.12 -8.78 12.49
C6 PCW J . 3.93 -10.49 14.29
C7 PCW J . 2.70 -8.30 14.51
C8 PCW J . 1.89 -9.20 13.57
C11 PCW J . 9.04 -7.98 11.70
C12 PCW J . 10.03 -6.91 12.16
C13 PCW J . 11.47 -7.39 12.00
C14 PCW J . 12.46 -6.32 12.46
C15 PCW J . 12.33 -5.03 11.63
C16 PCW J . 13.39 -4.02 12.04
C17 PCW J . 14.80 -4.57 11.80
C18 PCW J . 15.87 -3.55 12.20
C19 PCW J . 17.15 -4.06 11.98
C20 PCW J . 18.17 -3.24 11.52
C21 PCW J . 17.95 -1.90 11.26
C22 PCW J . 18.16 -1.57 9.78
C23 PCW J . 17.17 -2.36 8.90
C24 PCW J . 17.40 -2.05 7.42
C25 PCW J . 18.79 -2.50 6.97
C26 PCW J . 19.01 -2.16 5.49
C27 PCW J . 20.39 -2.63 5.02
C28 PCW J . 20.53 -4.14 5.18
C31 PCW J . 9.80 -13.12 12.67
C32 PCW J . 10.22 -13.72 14.02
C33 PCW J . 10.83 -12.63 14.91
C34 PCW J . 11.24 -13.20 16.26
C35 PCW J . 11.86 -12.12 17.15
C36 PCW J . 12.27 -12.68 18.51
C37 PCW J . 12.90 -11.60 19.38
C38 PCW J . 13.32 -12.15 20.74
C39 PCW J . 13.91 -11.18 21.53
C40 PCW J . 15.28 -11.23 21.79
C41 PCW J . 16.05 -12.26 21.26
C42 PCW J . 17.52 -11.88 21.19
C43 PCW J . 17.72 -10.66 20.28
C44 PCW J . 19.20 -10.28 20.20
C45 PCW J . 19.42 -9.07 19.28
C46 PCW J . 18.95 -9.37 17.85
C47 PCW J . 19.17 -8.17 16.93
C48 PCW J . 18.70 -8.49 15.51
N PCW J . 3.36 -9.30 13.64
O2 PCW J . 9.11 -11.95 12.65
O3 PCW J . 9.41 -9.29 11.75
O11 PCW J . 7.94 -7.68 11.25
O31 PCW J . 10.10 -13.68 11.61
O1P PCW J . 5.80 -10.56 10.19
O2P PCW J . 4.15 -11.88 11.60
O3P PCW J . 6.57 -12.54 11.50
O4P PCW J . 5.88 -10.43 12.71
P PCW J . 5.52 -11.33 11.42
C1 PCW K . -16.27 29.22 -19.78
C2 PCW K . -15.08 29.83 -20.54
C3 PCW K . -15.30 29.74 -22.05
C4 PCW K . -19.70 30.78 -17.69
C5 PCW K . -21.20 31.09 -17.63
C6 PCW K . -22.77 32.83 -16.83
C7 PCW K . -20.29 33.25 -16.71
C8 PCW K . -20.73 33.51 -18.14
C11 PCW K . -14.34 30.01 -24.09
C12 PCW K . -13.20 30.33 -25.07
C13 PCW K . -12.65 31.75 -24.81
C14 PCW K . -11.44 32.03 -25.71
C15 PCW K . -10.32 31.03 -25.41
C16 PCW K . -9.05 31.32 -26.21
C17 PCW K . -9.13 30.90 -27.68
C18 PCW K . -10.21 31.64 -28.47
C19 PCW K . -11.48 31.16 -28.16
C20 PCW K . -12.61 31.84 -28.62
C21 PCW K . -12.47 33.00 -29.37
C22 PCW K . -12.35 32.68 -30.87
C23 PCW K . -12.25 33.97 -31.69
C24 PCW K . -11.01 34.78 -31.30
C25 PCW K . -10.94 36.09 -32.10
C26 PCW K . -9.70 36.89 -31.73
C27 PCW K . -8.42 36.12 -32.02
C28 PCW K . -8.31 35.77 -33.50
C31 PCW K . -13.58 31.55 -20.29
C32 PCW K . -13.16 32.98 -19.94
C33 PCW K . -11.68 33.24 -20.24
C34 PCW K . -11.37 33.09 -21.73
C35 PCW K . -9.92 33.46 -22.02
C36 PCW K . -9.66 34.93 -21.65
C37 PCW K . -8.18 35.28 -21.76
C38 PCW K . -7.64 35.13 -23.19
C39 PCW K . -6.28 35.39 -23.19
C40 PCW K . -5.64 35.87 -24.34
C41 PCW K . -6.34 36.09 -25.52
C42 PCW K . -5.98 37.45 -26.11
C43 PCW K . -6.52 37.62 -27.52
C44 PCW K . -6.15 38.99 -28.09
C45 PCW K . -6.56 39.12 -29.56
C46 PCW K . -5.79 38.10 -30.42
C47 PCW K . -6.17 38.27 -31.90
C48 PCW K . -5.39 37.27 -32.77
N PCW K . -21.41 32.50 -17.31
O2 PCW K . -14.88 31.19 -20.11
O3 PCW K . -14.12 30.12 -22.75
O11 PCW K . -15.43 29.63 -24.51
O31 PCW K . -12.77 30.73 -20.70
O1P PCW K . -16.80 31.18 -17.77
O2P PCW K . -17.09 32.53 -19.90
O3P PCW K . -17.44 30.05 -19.90
O4P PCW K . -19.09 31.54 -18.74
P PCW K . -17.52 31.40 -19.05
C1 PCW L . 3.84 8.85 25.31
C2 PCW L . 5.26 8.31 25.25
C3 PCW L . 5.46 7.27 26.34
C4 PCW L . 1.13 9.43 27.33
C5 PCW L . 0.68 9.25 28.79
C6 PCW L . 1.02 10.36 30.97
C7 PCW L . 1.69 11.56 28.87
C8 PCW L . 0.17 11.70 29.03
C11 PCW L . 6.99 5.83 27.26
C12 PCW L . 8.35 5.14 27.36
C13 PCW L . 8.95 5.28 28.77
C14 PCW L . 10.37 4.72 28.79
C15 PCW L . 11.26 5.48 27.79
C16 PCW L . 12.68 4.94 27.78
C17 PCW L . 13.54 5.71 26.78
C18 PCW L . 14.97 5.17 26.74
C19 PCW L . 15.75 5.91 25.85
C20 PCW L . 17.15 5.83 25.91
C21 PCW L . 17.77 5.03 26.86
C22 PCW L . 19.28 5.23 26.83
C23 PCW L . 19.98 4.34 27.85
C24 PCW L . 19.71 2.85 27.57
C25 PCW L . 20.43 1.96 28.58
C26 PCW L . 20.14 0.48 28.29
C27 PCW L . 20.88 -0.42 29.28
C28 PCW L . 20.59 -1.89 28.99
C31 PCW L . 6.85 7.60 23.76
C32 PCW L . 7.35 6.98 22.44
C33 PCW L . 8.64 7.67 21.98
C34 PCW L . 9.16 7.04 20.68
C35 PCW L . 8.11 7.14 19.56
C36 PCW L . 8.64 6.50 18.28
C37 PCW L . 7.61 6.63 17.15
C38 PCW L . 8.12 5.97 15.87
C39 PCW L . 7.20 6.09 14.84
C40 PCW L . 7.56 5.77 13.54
C41 PCW L . 8.84 5.33 13.26
C42 PCW L . 9.64 6.39 12.49
C43 PCW L . 11.05 5.90 12.18
C44 PCW L . 11.85 6.98 11.42
C45 PCW L . 13.25 6.48 11.10
C46 PCW L . 14.05 7.54 10.34
C47 PCW L . 14.19 8.82 11.18
C48 PCW L . 14.99 9.88 10.42
N PCW L . 0.88 10.51 29.52
O2 PCW L . 5.52 7.74 23.97
O3 PCW L . 6.78 6.73 26.27
O11 PCW L . 6.10 5.60 28.07
O31 PCW L . 7.66 7.98 24.60
O1P PCW L . 1.15 9.45 24.45
O2P PCW L . 0.61 6.98 24.45
O3P PCW L . 2.89 7.79 25.09
O4P PCW L . 0.94 8.20 26.63
P PCW L . 1.31 8.12 25.06
C1 17F M . -17.53 5.90 -29.97
N1 17F M . -16.85 3.72 -30.86
O1 17F M . -15.44 7.59 -30.82
P1 17F M . -16.48 7.40 -31.87
C2 17F M . -16.45 4.83 -30.00
O2 17F M . -17.05 8.61 -32.51
C3 17F M . -16.19 4.32 -28.57
O3 17F M . -17.68 6.52 -31.26
C4 17F M . -16.34 6.58 -34.35
O4 17F M . -16.20 3.08 -28.39
C5 17F M . -15.57 5.67 -35.32
O5 17F M . -15.97 5.19 -27.70
C6 17F M . -16.19 5.84 -36.70
O6 17F M . -15.86 6.46 -33.00
C7 17F M . -14.37 5.71 -38.08
O7 17F M . -15.49 5.05 -37.67
C8 17F M . -13.45 5.07 -39.13
O8 17F M . -14.11 6.82 -37.61
C9 17F M . -12.50 4.05 -38.48
O9 17F M . -14.19 6.03 -35.35
C10 17F M . -11.61 3.40 -39.54
O10 17F M . -14.14 4.75 -33.50
C11 17F M . -10.74 4.45 -40.24
C12 17F M . -9.88 3.80 -41.32
C17 17F M . -13.53 5.47 -34.30
C18 17F M . -12.02 5.70 -34.13
C19 17F M . -11.74 7.09 -33.55
C20 17F M . -12.25 8.19 -34.48
C1X 17F M . -9.02 4.86 -42.03
C1Y 17F M . -11.89 9.58 -33.93
C1Z 17F M . -10.38 9.75 -33.83
C2X 17F M . -8.17 4.22 -43.14
C21 17F M . -7.33 3.24 -42.62
C22 17F M . -5.95 3.41 -42.63
C23 17F M . -5.40 4.58 -43.16
C24 17F M . -3.94 4.74 -42.73
C25 17F M . -3.33 6.02 -43.29
C26 17F M . -1.88 6.19 -42.83
C27 17F M . -1.29 7.51 -43.35
C28 17F M . 0.15 7.68 -42.86
C29 17F M . 0.75 8.99 -43.38
C30 17F M . 2.19 9.16 -42.90
C31 17F M . -10.02 11.13 -33.28
C32 17F M . -8.50 11.33 -33.23
C33 17F M . -7.90 10.40 -32.39
C34 17F M . -6.76 9.73 -32.80
C35 17F M . -6.23 9.99 -34.07
C36 17F M . -5.33 11.23 -34.05
C37 17F M . -4.14 11.06 -33.11
C38 17F M . -3.23 12.28 -33.14
C39 17F M . -2.03 12.10 -32.21
C40 17F M . -1.11 13.32 -32.26
C41 17F M . 0.12 13.12 -31.36
C42 17F M . 1.06 14.33 -31.42
HN1 17F M . -17.70 3.46 -30.38
HN1A 17F M . -16.41 2.83 -30.78
HAC 17F M . -17.30 4.00 -31.72
C1 PCW N . 25.74 2.53 -25.93
C2 PCW N . 25.27 1.10 -25.74
C3 PCW N . 25.80 0.59 -24.40
C4 PCW N . 25.20 3.43 -30.63
C5 PCW N . 26.51 3.85 -31.31
C6 PCW N . 26.23 6.28 -31.70
C7 PCW N . 26.84 4.78 -33.62
C8 PCW N . 25.33 4.64 -33.38
C11 PCW N . 25.52 -1.61 -25.03
C12 PCW N . 24.99 -3.03 -24.87
C13 PCW N . 24.29 -3.21 -23.53
C14 PCW N . 23.78 -4.64 -23.34
C15 PCW N . 23.12 -4.78 -21.97
C16 PCW N . 22.62 -6.22 -21.75
C17 PCW N . 21.95 -6.35 -20.37
C18 PCW N . 21.47 -7.78 -20.13
C19 PCW N . 20.90 -7.90 -18.87
C20 PCW N . 20.71 -9.15 -18.29
C21 PCW N . 21.08 -10.30 -18.97
C22 PCW N . 20.29 -11.51 -18.46
C23 PCW N . 20.68 -12.79 -19.20
C24 PCW N . 19.90 -13.99 -18.68
C25 PCW N . 18.39 -13.77 -18.83
C26 PCW N . 17.60 -14.98 -18.32
C27 PCW N . 16.09 -14.74 -18.44
C28 PCW N . 15.31 -15.94 -17.90
C31 PCW N . 23.30 1.15 -26.96
C32 PCW N . 21.77 1.10 -27.11
C33 PCW N . 21.35 0.06 -28.14
C34 PCW N . 19.83 -0.11 -28.16
C35 PCW N . 19.34 -0.65 -26.81
C36 PCW N . 19.93 -2.03 -26.54
C37 PCW N . 19.56 -2.53 -25.14
C38 PCW N . 20.13 -3.93 -24.90
C39 PCW N . 19.91 -4.37 -23.60
C40 PCW N . 18.62 -4.50 -23.10
C41 PCW N . 17.52 -4.20 -23.89
C42 PCW N . 16.51 -5.34 -23.87
C43 PCW N . 15.27 -4.98 -24.70
C44 PCW N . 14.24 -6.12 -24.68
C45 PCW N . 12.99 -5.74 -25.48
C46 PCW N . 12.30 -4.52 -24.85
C47 PCW N . 11.87 -4.80 -23.42
C48 PCW N . 11.23 -3.57 -22.78
N PCW N . 26.25 4.93 -32.27
O2 PCW N . 23.84 1.04 -25.71
O3 PCW N . 25.22 -0.67 -24.08
O11 PCW N . 26.22 -1.29 -25.99
O31 PCW N . 24.03 1.25 -27.94
O1P PCW N . 27.31 3.80 -28.75
O2P PCW N . 27.13 1.35 -28.12
O3P PCW N . 25.47 3.03 -27.25
O4P PCW N . 25.46 2.38 -29.70
P PCW N . 26.46 2.62 -28.46
C1 PCW O . 35.17 -11.32 -12.99
C2 PCW O . 33.69 -11.48 -12.63
C3 PCW O . 33.26 -12.93 -12.62
C4 PCW O . 35.11 -8.71 -15.64
C5 PCW O . 34.82 -8.82 -17.14
C6 PCW O . 32.49 -8.36 -16.44
C7 PCW O . 33.58 -6.86 -18.13
C8 PCW O . 33.12 -8.12 -18.86
C11 PCW O . 31.44 -14.28 -12.14
C12 PCW O . 29.96 -14.57 -11.90
C13 PCW O . 29.09 -13.89 -12.95
C14 PCW O . 27.59 -14.10 -12.70
C15 PCW O . 27.23 -15.58 -12.72
C16 PCW O . 25.72 -15.79 -12.53
C17 PCW O . 25.36 -17.28 -12.56
C18 PCW O . 25.95 -18.02 -11.36
C19 PCW O . 25.75 -19.40 -11.48
C20 PCW O . 24.70 -20.04 -10.83
C21 PCW O . 23.80 -19.34 -10.05
C22 PCW O . 23.04 -20.30 -9.12
C23 PCW O . 21.98 -19.59 -8.28
C24 PCW O . 21.27 -20.57 -7.37
C25 PCW O . 20.17 -19.90 -6.54
C26 PCW O . 19.52 -20.90 -5.57
C27 PCW O . 18.94 -22.09 -6.32
C28 PCW O . 18.28 -23.09 -5.37
C31 PCW O . 32.14 -10.47 -11.30
C32 PCW O . 31.60 -9.82 -10.02
C33 PCW O . 32.17 -10.50 -8.78
C34 PCW O . 33.69 -10.34 -8.70
C35 PCW O . 34.26 -10.99 -7.45
C36 PCW O . 33.68 -10.37 -6.18
C37 PCW O . 34.27 -11.02 -4.92
C38 PCW O . 33.62 -10.45 -3.66
C39 PCW O . 34.18 -11.03 -2.52
C40 PCW O . 33.36 -11.53 -1.52
C41 PCW O . 31.97 -11.45 -1.64
C42 PCW O . 31.35 -12.86 -1.55
C43 PCW O . 29.83 -12.80 -1.72
C44 PCW O . 29.23 -14.21 -1.71
C45 PCW O . 27.71 -14.17 -1.89
C46 PCW O . 27.12 -15.58 -1.87
C47 PCW O . 27.67 -16.41 -3.02
C48 PCW O . 27.09 -17.83 -3.00
N PCW O . 33.54 -8.17 -17.45
O2 PCW O . 33.44 -10.88 -11.36
O3 PCW O . 31.84 -13.00 -12.37
O11 PCW O . 32.27 -15.18 -12.14
O31 PCW O . 31.42 -10.60 -12.29
O1P PCW O . 37.15 -8.07 -13.35
O2P PCW O . 37.88 -10.49 -13.67
O3P PCW O . 35.52 -9.94 -13.03
O4P PCW O . 36.33 -9.39 -15.33
P PCW O . 36.85 -9.44 -13.81
C1 PCW P . 12.20 36.26 -32.47
C2 PCW P . 10.92 35.92 -31.72
C3 PCW P . 9.76 35.95 -32.71
C4 PCW P . 15.37 38.74 -30.54
C5 PCW P . 16.42 39.10 -29.48
C6 PCW P . 17.50 41.19 -28.69
C7 PCW P . 15.24 41.29 -29.78
C8 PCW P . 15.03 40.85 -28.34
C11 PCW P . 7.52 35.77 -33.00
C12 PCW P . 6.05 35.62 -32.60
C13 PCW P . 5.86 35.91 -31.11
C14 PCW P . 4.37 35.89 -30.75
C15 PCW P . 4.16 36.12 -29.25
C16 PCW P . 2.68 36.22 -28.91
C17 PCW P . 1.92 34.95 -29.35
C18 PCW P . 0.42 35.08 -29.06
C19 PCW P . -0.11 36.18 -29.72
C20 PCW P . -1.44 36.19 -30.11
C21 PCW P . -2.25 35.09 -29.85
C22 PCW P . -3.73 35.46 -29.92
C23 PCW P . -4.63 34.26 -29.65
C24 PCW P . -6.10 34.65 -29.73
C25 PCW P . -7.01 33.45 -29.48
C26 PCW P . -8.48 33.84 -29.56
C27 PCW P . -8.82 34.89 -28.50
C28 PCW P . -8.60 34.35 -27.10
C31 PCW P . 10.09 34.52 -30.11
C32 PCW P . 9.95 33.21 -29.33
C33 PCW P . 8.59 32.57 -29.58
C34 PCW P . 8.41 31.28 -28.79
C35 PCW P . 8.50 31.54 -27.28
C36 PCW P . 8.25 30.26 -26.48
C37 PCW P . 8.32 30.52 -24.97
C38 PCW P . 8.06 29.24 -24.17
C39 PCW P . 8.17 29.46 -22.81
C40 PCW P . 7.05 29.49 -22.00
C41 PCW P . 5.77 29.29 -22.54
C42 PCW P . 4.79 30.34 -22.01
C43 PCW P . 4.68 30.25 -20.49
C44 PCW P . 3.68 31.28 -19.95
C45 PCW P . 3.59 31.22 -18.43
C46 PCW P . 3.11 29.86 -17.96
C47 PCW P . 2.99 29.81 -16.43
C48 PCW P . 2.46 28.46 -15.96
N PCW P . 16.26 40.50 -29.07
O2 PCW P . 11.00 34.63 -31.11
O3 PCW P . 8.50 35.76 -32.06
O11 PCW P . 7.83 35.90 -34.19
O31 PCW P . 9.41 35.50 -29.80
O1P PCW P . 15.44 35.59 -32.71
O2P PCW P . 14.51 37.91 -33.17
O3P PCW P . 13.33 36.34 -31.61
O4P PCW P . 15.54 37.38 -30.92
P PCW P . 14.75 36.80 -32.21
C1 PCW Q . 30.58 -7.75 -22.16
C2 PCW Q . 29.65 -8.97 -22.08
C3 PCW Q . 30.10 -9.88 -20.95
C4 PCW Q . 34.22 -5.38 -23.90
C5 PCW Q . 35.63 -5.89 -23.63
C6 PCW Q . 37.93 -5.17 -24.21
C7 PCW Q . 36.07 -3.48 -24.20
C8 PCW Q . 36.51 -3.71 -22.76
C11 PCW Q . 29.43 -11.68 -19.67
C12 PCW Q . 28.45 -12.78 -19.25
C13 PCW Q . 27.34 -12.90 -20.30
C14 PCW Q . 26.26 -13.91 -19.90
C15 PCW Q . 25.21 -14.00 -21.01
C16 PCW Q . 24.05 -14.93 -20.64
C17 PCW Q . 24.55 -16.35 -20.34
C18 PCW Q . 23.40 -17.35 -20.39
C19 PCW Q . 22.90 -17.43 -21.68
C20 PCW Q . 21.58 -17.79 -21.93
C21 PCW Q . 20.70 -18.08 -20.89
C22 PCW Q . 19.84 -19.29 -21.27
C23 PCW Q . 18.74 -19.55 -20.25
C24 PCW Q . 17.78 -18.36 -20.16
C25 PCW Q . 16.56 -18.71 -19.29
C26 PCW Q . 15.78 -19.87 -19.89
C27 PCW Q . 14.55 -20.20 -19.06
C28 PCW Q . 13.77 -21.36 -19.69
C31 PCW Q . 27.44 -9.53 -22.15
C32 PCW Q . 25.94 -9.36 -21.92
C33 PCW Q . 25.38 -8.10 -22.58
C34 PCW Q . 25.96 -6.83 -21.95
C35 PCW Q . 25.72 -6.79 -20.44
C36 PCW Q . 26.19 -5.46 -19.85
C37 PCW Q . 26.09 -5.48 -18.32
C38 PCW Q . 24.66 -5.74 -17.84
C39 PCW Q . 24.62 -5.76 -16.45
C40 PCW Q . 23.43 -5.97 -15.78
C41 PCW Q . 22.24 -6.15 -16.47
C42 PCW Q . 21.04 -6.11 -15.51
C43 PCW Q . 19.72 -6.31 -16.27
C44 PCW Q . 18.55 -6.27 -15.29
C45 PCW Q . 18.49 -4.94 -14.54
C46 PCW Q . 17.29 -4.91 -13.58
C47 PCW Q . 17.22 -3.58 -12.84
C48 PCW Q . 16.03 -3.55 -11.87
N PCW Q . 36.60 -4.78 -23.74
O2 PCW Q . 28.31 -8.53 -21.83
O3 PCW Q . 29.11 -10.89 -20.73
O11 PCW Q . 30.51 -11.53 -19.09
O31 PCW Q . 27.88 -10.56 -22.65
O1P PCW Q . 32.67 -6.05 -21.27
O2P PCW Q . 34.36 -7.84 -21.90
O3P PCW Q . 31.92 -8.15 -22.41
O4P PCW Q . 33.28 -6.45 -23.69
P PCW Q . 33.13 -7.10 -22.23
C1 PCW R . 26.48 -4.24 -35.89
C2 PCW R . 24.96 -4.44 -35.99
C3 PCW R . 24.62 -4.96 -37.37
C4 PCW R . 27.25 -1.05 -36.07
C5 PCW R . 27.37 -0.51 -37.49
C6 PCW R . 24.95 -0.04 -37.21
C7 PCW R . 26.52 1.84 -37.80
C8 PCW R . 26.21 1.06 -39.08
C11 PCW R . 22.96 -3.50 -37.85
C12 PCW R . 21.51 -3.03 -38.09
C13 PCW R . 20.97 -3.59 -39.41
C14 PCW R . 19.53 -3.12 -39.65
C15 PCW R . 19.48 -1.58 -39.75
C16 PCW R . 18.04 -1.09 -39.95
C17 PCW R . 17.16 -1.48 -38.76
C18 PCW R . 15.74 -0.95 -38.95
C19 PCW R . 15.73 0.44 -39.08
C20 PCW R . 15.19 1.24 -38.08
C21 PCW R . 14.63 0.66 -36.94
C22 PCW R . 14.05 1.72 -36.02
C23 PCW R . 13.42 1.10 -34.77
C24 PCW R . 12.29 0.15 -35.15
C25 PCW R . 11.62 -0.43 -33.89
C26 PCW R . 12.65 -1.20 -33.05
C27 PCW R . 11.99 -1.78 -31.79
C28 PCW R . 13.00 -2.51 -30.92
C31 PCW R . 24.49 -4.73 -33.76
C32 PCW R . 24.11 -5.54 -32.52
C33 PCW R . 22.58 -5.62 -32.33
C34 PCW R . 22.23 -6.44 -31.08
C35 PCW R . 20.73 -6.49 -30.84
C36 PCW R . 20.16 -5.09 -30.59
C37 PCW R . 18.68 -5.15 -30.21
C38 PCW R . 17.85 -5.81 -31.32
C39 PCW R . 16.51 -5.86 -30.99
C40 PCW R . 16.03 -6.83 -30.11
C41 PCW R . 16.89 -7.76 -29.55
C42 PCW R . 16.13 -8.77 -28.70
C43 PCW R . 15.17 -9.61 -29.55
C44 PCW R . 14.41 -10.63 -28.69
C45 PCW R . 13.48 -11.47 -29.56
C46 PCW R . 12.45 -10.59 -30.28
C47 PCW R . 11.53 -11.44 -31.16
C48 PCW R . 10.49 -10.58 -31.87
N PCW R . 26.24 0.39 -37.77
O2 PCW R . 24.51 -5.34 -34.97
O3 PCW R . 23.22 -4.81 -37.60
O11 PCW R . 23.88 -2.69 -37.90
O31 PCW R . 24.74 -3.53 -33.68
O1P PCW R . 28.26 -2.08 -33.30
O2P PCW R . 29.30 -3.97 -34.64
O3P PCW R . 26.82 -3.58 -34.67
O4P PCW R . 28.33 -1.96 -35.81
P PCW R . 28.27 -2.91 -34.52
C1 PCW S . 25.15 18.55 -24.65
C2 PCW S . 23.94 17.68 -24.98
C3 PCW S . 23.39 17.07 -23.70
C4 PCW S . 25.28 19.20 -29.05
C5 PCW S . 24.69 18.64 -30.34
C6 PCW S . 23.32 17.24 -28.83
C7 PCW S . 22.19 18.67 -30.57
C8 PCW S . 22.70 17.40 -31.25
C11 PCW S . 23.11 14.87 -24.25
C12 PCW S . 22.33 13.59 -24.52
C13 PCW S . 21.14 13.42 -23.58
C14 PCW S . 20.42 12.10 -23.87
C15 PCW S . 19.15 11.94 -23.02
C16 PCW S . 19.45 11.83 -21.52
C17 PCW S . 18.15 11.72 -20.73
C18 PCW S . 18.39 11.50 -19.24
C19 PCW S . 17.19 11.48 -18.54
C20 PCW S . 16.97 10.55 -17.53
C21 PCW S . 17.95 9.62 -17.21
C22 PCW S . 18.17 9.55 -15.69
C23 PCW S . 16.94 9.03 -14.95
C24 PCW S . 15.75 9.97 -15.10
C25 PCW S . 14.54 9.45 -14.32
C26 PCW S . 13.34 10.39 -14.43
C27 PCW S . 12.86 10.51 -15.88
C28 PCW S . 11.69 11.49 -15.98
C31 PCW S . 22.02 17.78 -26.29
C32 PCW S . 20.94 18.53 -27.07
C33 PCW S . 19.54 18.33 -26.47
C34 PCW S . 19.03 16.90 -26.68
C35 PCW S . 17.58 16.78 -26.19
C36 PCW S . 17.01 15.40 -26.52
C37 PCW S . 15.55 15.30 -26.05
C38 PCW S . 14.95 13.95 -26.42
C39 PCW S . 13.64 13.84 -25.95
C40 PCW S . 12.68 13.18 -26.71
C41 PCW S . 13.02 12.64 -27.94
C42 PCW S . 11.79 12.52 -28.85
C43 PCW S . 10.73 11.61 -28.21
C44 PCW S . 9.49 11.53 -29.10
C45 PCW S . 8.43 10.62 -28.47
C46 PCW S . 8.96 9.19 -28.33
C47 PCW S . 9.33 8.60 -29.70
C48 PCW S . 9.86 7.17 -29.57
N PCW S . 23.40 17.99 -30.09
O2 PCW S . 22.96 18.51 -25.63
O3 PCW S . 22.44 16.02 -23.95
O11 PCW S . 24.33 14.88 -24.32
O31 PCW S . 22.06 16.55 -26.28
O1P PCW S . 27.64 19.26 -27.33
O2P PCW S . 26.90 17.06 -26.31
O3P PCW S . 25.67 19.19 -25.81
O4P PCW S . 25.53 18.14 -28.12
P PCW S . 26.54 18.37 -26.89
C1 PCW T . -14.61 40.98 -3.29
C2 PCW T . -13.76 42.12 -3.86
C3 PCW T . -13.81 42.03 -5.37
C4 PCW T . -14.08 39.36 1.03
C5 PCW T . -12.96 38.42 1.50
C6 PCW T . -13.45 38.05 3.89
C7 PCW T . -11.19 38.90 3.22
C8 PCW T . -12.15 40.09 3.20
C11 PCW T . -13.17 43.06 -7.31
C12 PCW T . -12.51 44.14 -8.16
C13 PCW T . -11.16 43.67 -8.70
C14 PCW T . -10.50 44.75 -9.57
C15 PCW T . -10.25 46.03 -8.76
C16 PCW T . -9.58 47.09 -9.62
C17 PCW T . -10.44 47.45 -10.83
C18 PCW T . -9.74 48.50 -11.71
C19 PCW T . -10.51 48.82 -12.83
C20 PCW T . -10.29 50.01 -13.51
C21 PCW T . -9.30 50.88 -13.08
C22 PCW T . -8.44 51.35 -14.25
C23 PCW T . -7.38 52.35 -13.79
C24 PCW T . -6.50 52.81 -14.96
C25 PCW T . -7.34 53.49 -16.04
C26 PCW T . -6.47 53.92 -17.22
C27 PCW T . -5.35 54.86 -16.78
C28 PCW T . -5.93 56.15 -16.17
C31 PCW T . -13.98 43.68 -2.18
C32 PCW T . -14.47 44.98 -1.55
C33 PCW T . -14.63 44.85 -0.04
C34 PCW T . -13.30 44.47 0.64
C35 PCW T . -12.24 45.56 0.43
C36 PCW T . -10.94 45.18 1.11
C37 PCW T . -9.87 46.27 0.94
C38 PCW T . -9.52 46.48 -0.54
C39 PCW T . -8.54 47.45 -0.67
C40 PCW T . -8.43 48.19 -1.85
C41 PCW T . -9.31 47.95 -2.90
C42 PCW T . -8.82 48.67 -4.17
C43 PCW T . -9.80 48.43 -5.33
C44 PCW T . -9.34 49.13 -6.61
C45 PCW T . -8.02 48.58 -7.13
C46 PCW T . -6.87 48.82 -6.15
C47 PCW T . -5.56 48.25 -6.70
C48 PCW T . -4.41 48.48 -5.71
N PCW T . -12.61 38.73 2.90
O2 PCW T . -14.31 43.39 -3.46
O3 PCW T . -13.11 43.14 -5.95
O11 PCW T . -13.75 42.11 -7.83
O31 PCW T . -13.29 42.88 -1.53
O1P PCW T . -16.39 40.59 -0.10
O2P PCW T . -16.20 39.03 -2.09
O3P PCW T . -14.70 41.02 -1.86
O4P PCW T . -14.41 39.05 -0.33
P PCW T . -15.55 39.90 -1.09
C1 PCW U . -8.23 38.14 5.41
C2 PCW U . -7.57 39.00 4.35
C3 PCW U . -8.36 40.28 4.10
C4 PCW U . -8.53 33.94 5.18
C5 PCW U . -9.71 33.08 4.71
C6 PCW U . -10.90 35.24 4.44
C7 PCW U . -10.66 33.71 2.47
C8 PCW U . -11.80 33.18 3.34
C11 PCW U . -8.31 42.25 2.93
C12 PCW U . -7.77 43.23 1.88
C13 PCW U . -6.24 43.31 1.95
C14 PCW U . -5.67 44.19 0.83
C15 PCW U . -6.21 45.62 0.91
C16 PCW U . -5.82 46.29 2.24
C17 PCW U . -6.24 47.76 2.24
C18 PCW U . -5.89 48.44 3.57
C19 PCW U . -4.54 48.30 3.86
C20 PCW U . -3.59 49.10 3.24
C21 PCW U . -3.97 50.08 2.31
C22 PCW U . -3.95 49.52 0.89
C23 PCW U . -4.28 50.62 -0.13
C24 PCW U . -3.24 51.74 -0.07
C25 PCW U . -3.54 52.82 -1.12
C26 PCW U . -2.47 53.91 -1.10
C27 PCW U . -2.77 54.98 -2.15
C28 PCW U . -1.70 56.07 -2.15
C31 PCW U . -6.24 40.03 5.91
C32 PCW U . -4.93 40.55 6.51
C33 PCW U . -4.63 41.95 5.99
C34 PCW U . -3.31 42.49 6.55
C35 PCW U . -3.03 43.89 6.01
C36 PCW U . -2.92 43.86 4.48
C37 PCW U . -2.76 45.27 3.90
C38 PCW U . -2.66 45.23 2.38
C39 PCW U . -2.59 46.51 1.85
C40 PCW U . -1.50 46.90 1.06
C41 PCW U . -0.48 46.01 0.81
C42 PCW U . 0.28 46.43 -0.46
C43 PCW U . 1.47 45.49 -0.73
C44 PCW U . 2.21 45.92 -2.00
C45 PCW U . 3.43 45.03 -2.25
C46 PCW U . 4.17 45.47 -3.52
C47 PCW U . 4.64 46.92 -3.40
C48 PCW U . 5.35 47.36 -4.68
N PCW U . -10.66 33.89 3.93
O2 PCW U . -6.23 39.35 4.74
O3 PCW U . -7.71 41.04 3.09
O11 PCW U . -9.27 42.56 3.65
O31 PCW U . -7.31 40.23 6.51
O1P PCW U . -6.76 35.13 7.19
O2P PCW U . -8.64 36.70 7.86
O3P PCW U . -7.50 36.94 5.65
O4P PCW U . -9.00 34.97 6.05
P PCW U . -7.95 35.92 6.81
C1 PCW V . 27.05 16.91 -20.52
C2 PCW V . 26.25 15.64 -20.21
C3 PCW V . 24.79 16.01 -20.02
C4 PCW V . 28.31 13.70 -19.25
C5 PCW V . 28.65 13.05 -17.91
C6 PCW V . 27.43 10.89 -17.96
C7 PCW V . 27.09 12.46 -16.03
C8 PCW V . 26.24 12.97 -17.20
C11 PCW V . 22.75 15.23 -19.39
C12 PCW V . 21.71 14.17 -19.00
C13 PCW V . 22.39 12.95 -18.39
C14 PCW V . 21.36 11.88 -18.04
C15 PCW V . 22.03 10.64 -17.45
C16 PCW V . 20.99 9.56 -17.15
C17 PCW V . 21.64 8.30 -16.55
C18 PCW V . 20.60 7.22 -16.26
C19 PCW V . 21.17 6.11 -15.68
C20 PCW V . 21.87 5.19 -16.46
C21 PCW V . 21.98 5.39 -17.83
C22 PCW V . 22.67 4.19 -18.50
C23 PCW V . 21.84 2.92 -18.33
C24 PCW V . 22.51 1.73 -19.02
C25 PCW V . 21.68 0.45 -18.86
C26 PCW V . 22.36 -0.73 -19.55
C27 PCW V . 21.52 -2.00 -19.39
C28 PCW V . 20.13 -1.84 -20.01
C31 PCW V . 26.01 13.45 -20.92
C32 PCW V . 26.08 12.31 -21.95
C33 PCW V . 24.71 11.62 -22.09
C34 PCW V . 24.80 10.47 -23.10
C35 PCW V . 23.44 9.78 -23.27
C36 PCW V . 23.55 8.61 -24.26
C37 PCW V . 22.21 7.88 -24.42
C38 PCW V . 21.13 8.85 -24.92
C39 PCW V . 19.93 8.19 -25.12
C40 PCW V . 19.25 7.60 -24.07
C41 PCW V . 19.76 7.63 -22.78
C42 PCW V . 19.41 6.33 -22.04
C43 PCW V . 19.95 6.34 -20.61
C44 PCW V . 19.61 5.04 -19.88
C45 PCW V . 18.09 4.83 -19.82
C46 PCW V . 17.74 3.54 -19.08
C47 PCW V . 18.24 3.57 -17.64
C48 PCW V . 17.89 2.26 -16.91
N PCW V . 27.50 12.26 -17.42
O2 PCW V . 26.39 14.70 -21.29
O3 PCW V . 24.02 14.84 -19.70
O11 PCW V . 22.46 16.42 -19.39
O31 PCW V . 25.66 13.22 -19.76
O1P PCW V . 28.39 14.84 -21.98
O2P PCW V . 30.59 15.93 -21.37
O3P PCW V . 28.45 16.74 -20.33
O4P PCW V . 29.41 14.50 -19.69
P PCW V . 29.25 15.48 -20.96
C1 PCW W . 23.99 26.10 -17.52
C2 PCW W . 22.51 25.89 -17.23
C3 PCW W . 21.79 25.27 -18.42
C4 PCW W . 23.78 21.61 -18.49
C5 PCW W . 22.59 20.78 -18.01
C6 PCW W . 21.89 18.43 -17.70
C7 PCW W . 24.25 18.94 -18.37
C8 PCW W . 24.14 19.18 -16.87
C11 PCW W . 19.70 24.63 -19.13
C12 PCW W . 18.18 24.43 -18.97
C13 PCW W . 17.70 23.13 -19.63
C14 PCW W . 16.25 22.88 -19.25
C15 PCW W . 16.13 22.69 -17.73
C16 PCW W . 14.67 22.61 -17.29
C17 PCW W . 13.92 21.48 -18.00
C18 PCW W . 12.48 21.37 -17.48
C19 PCW W . 11.81 22.58 -17.59
C20 PCW W . 11.44 23.27 -16.44
C21 PCW W . 11.75 22.73 -15.19
C22 PCW W . 11.19 23.61 -14.07
C23 PCW W . 9.66 23.72 -14.17
C24 PCW W . 9.10 24.57 -13.03
C25 PCW W . 7.57 24.65 -13.12
C26 PCW W . 7.00 25.49 -11.98
C27 PCW W . 5.48 25.62 -12.09
C28 PCW W . 4.91 26.42 -10.93
C31 PCW W . 21.11 25.21 -15.56
C32 PCW W . 20.70 24.40 -14.32
C33 PCW W . 20.80 22.90 -14.58
C34 PCW W . 20.42 22.10 -13.33
C35 PCW W . 18.96 22.32 -12.94
C36 PCW W . 18.59 21.51 -11.69
C37 PCW W . 17.12 21.71 -11.33
C38 PCW W . 16.76 20.92 -10.06
C39 PCW W . 15.43 21.10 -9.71
C40 PCW W . 14.96 22.35 -9.34
C41 PCW W . 15.81 23.44 -9.31
C42 PCW W . 15.46 24.42 -10.43
C43 PCW W . 16.43 25.62 -10.44
C44 PCW W . 16.07 26.60 -11.55
C45 PCW W . 17.06 27.76 -11.59
C46 PCW W . 16.70 28.74 -12.71
C47 PCW W . 16.69 28.04 -14.07
C48 PCW W . 16.30 29.00 -15.19
N PCW W . 23.00 19.39 -17.77
O2 PCW W . 22.36 25.05 -16.07
O3 PCW W . 20.40 25.17 -18.11
O11 PCW W . 20.28 24.29 -20.16
O31 PCW W . 20.32 25.99 -16.08
O1P PCW W . 23.84 25.02 -20.10
O2P PCW W . 25.73 23.42 -19.50
O3P PCW W . 24.67 24.87 -17.75
O4P PCW W . 23.36 22.95 -18.73
P PCW W . 24.44 24.07 -19.14
C1 PCW X . 21.74 12.92 -32.45
C2 PCW X . 20.63 13.04 -33.51
C3 PCW X . 19.99 11.67 -33.65
C4 PCW X . 25.36 12.56 -33.81
C5 PCW X . 25.70 13.01 -35.24
C6 PCW X . 25.06 11.08 -36.66
C7 PCW X . 27.40 11.98 -36.78
C8 PCW X . 27.31 11.10 -35.54
C11 PCW X . 18.60 10.39 -34.91
C12 PCW X . 17.56 10.07 -35.99
C13 PCW X . 18.13 10.29 -37.39
C14 PCW X . 17.19 9.72 -38.46
C15 PCW X . 17.74 9.95 -39.86
C16 PCW X . 16.91 9.21 -40.90
C17 PCW X . 15.44 9.66 -40.85
C18 PCW X . 14.60 8.90 -41.88
C19 PCW X . 14.67 7.53 -41.66
C20 PCW X . 13.51 6.76 -41.58
C21 PCW X . 12.26 7.37 -41.73
C22 PCW X . 11.16 6.32 -41.92
C23 PCW X . 9.80 6.97 -42.12
C24 PCW X . 8.71 5.93 -42.31
C25 PCW X . 7.34 6.60 -42.50
C26 PCW X . 6.98 7.45 -41.27
C27 PCW X . 5.61 8.10 -41.45
C28 PCW X . 5.25 8.94 -40.22
C31 PCW X . 20.16 15.26 -33.32
C32 PCW X . 19.36 16.49 -32.89
C33 PCW X . 19.16 16.53 -31.38
C34 PCW X . 18.16 15.47 -30.92
C35 PCW X . 16.74 15.83 -31.36
C36 PCW X . 16.34 17.18 -30.76
C37 PCW X . 14.94 17.60 -31.18
C38 PCW X . 14.84 17.76 -32.71
C39 PCW X . 13.62 18.32 -33.07
C40 PCW X . 12.44 17.59 -32.98
C41 PCW X . 12.47 16.27 -32.52
C42 PCW X . 11.24 15.51 -33.03
C43 PCW X . 11.24 14.05 -32.53
C44 PCW X . 10.02 13.30 -33.05
C45 PCW X . 10.02 11.85 -32.57
C46 PCW X . 8.81 11.09 -33.12
C47 PCW X . 8.80 11.10 -34.65
C48 PCW X . 7.59 10.34 -35.20
N PCW X . 26.14 11.85 -36.02
O2 PCW X . 19.67 14.01 -33.09
O3 PCW X . 19.00 11.67 -34.70
O11 PCW X . 19.09 9.48 -34.24
O31 PCW X . 21.23 15.40 -33.88
O1P PCW X . 23.08 13.87 -34.79
O2P PCW X . 23.83 15.93 -33.49
O3P PCW X . 22.52 14.11 -32.36
O4P PCW X . 24.90 13.69 -33.06
P PCW X . 23.57 14.47 -33.52
C1 PCW Y . 25.46 30.80 -15.09
C2 PCW Y . 24.69 30.45 -13.81
C3 PCW Y . 25.36 29.27 -13.13
C4 PCW Y . 22.53 31.46 -18.15
C5 PCW Y . 21.59 30.29 -18.47
C6 PCW Y . 22.72 29.18 -16.55
C7 PCW Y . 20.23 29.45 -16.53
C8 PCW Y . 20.56 28.25 -17.42
C11 PCW Y . 23.53 28.02 -12.61
C12 PCW Y . 22.47 27.40 -11.69
C13 PCW Y . 21.31 28.37 -11.46
C14 PCW Y . 20.34 27.82 -10.41
C15 PCW Y . 21.05 27.60 -9.08
C16 PCW Y . 20.11 27.06 -8.00
C17 PCW Y . 19.02 28.08 -7.62
C18 PCW Y . 18.06 28.32 -8.79
C19 PCW Y . 17.06 29.22 -8.43
C20 PCW Y . 16.17 28.90 -7.42
C21 PCW Y . 16.27 27.68 -6.75
C22 PCW Y . 15.09 26.77 -7.11
C23 PCW Y . 15.17 25.45 -6.36
C24 PCW Y . 13.97 24.56 -6.69
C25 PCW Y . 14.04 23.23 -5.93
C26 PCW Y . 12.84 22.34 -6.28
C27 PCW Y . 11.52 23.06 -5.94
C28 PCW Y . 10.32 22.17 -6.27
C31 PCW Y . 23.59 31.44 -12.07
C32 PCW Y . 23.36 32.48 -10.97
C33 PCW Y . 22.00 32.28 -10.30
C34 PCW Y . 21.91 30.89 -9.66
C35 PCW Y . 22.87 30.74 -8.47
C36 PCW Y . 22.49 31.71 -7.34
C37 PCW Y . 23.37 31.48 -6.12
C38 PCW Y . 22.98 32.42 -4.97
C39 PCW Y . 23.75 32.19 -3.85
C40 PCW Y . 23.16 31.73 -2.67
C41 PCW Y . 21.78 31.52 -2.62
C42 PCW Y . 21.16 32.27 -1.45
C43 PCW Y . 21.68 31.76 -0.12
C44 PCW Y . 21.04 32.52 1.05
C45 PCW Y . 21.53 31.99 2.40
C46 PCW Y . 21.16 30.51 2.58
C47 PCW Y . 21.65 30.00 3.94
C48 PCW Y . 21.29 28.53 4.13
N PCW Y . 21.49 29.39 -17.30
O2 PCW Y . 24.64 31.58 -12.92
O3 PCW Y . 24.51 28.78 -12.08
O11 PCW Y . 23.50 27.81 -13.82
O31 PCW Y . 22.83 30.49 -12.19
O1P PCW Y . 24.66 33.36 -17.79
O2P PCW Y . 26.34 31.44 -17.76
O3P PCW Y . 24.80 31.86 -15.80
O4P PCW Y . 23.86 30.98 -17.94
P PCW Y . 25.00 31.97 -17.40
C1 PCW Z . 12.13 41.64 -25.81
C2 PCW Z . 11.04 41.98 -24.78
C3 PCW Z . 10.11 40.79 -24.62
C4 PCW Z . 12.34 45.98 -24.80
C5 PCW Z . 11.54 46.46 -23.59
C6 PCW Z . 13.61 47.71 -23.11
C7 PCW Z . 11.43 48.94 -23.23
C8 PCW Z . 11.50 48.27 -21.85
C11 PCW Z . 8.12 41.90 -24.38
C12 PCW Z . 6.89 42.41 -23.62
C13 PCW Z . 5.67 41.54 -23.92
C14 PCW Z . 4.43 42.09 -23.20
C15 PCW Z . 3.19 41.28 -23.54
C16 PCW Z . 2.93 41.30 -25.05
C17 PCW Z . 2.80 42.72 -25.58
C18 PCW Z . 1.62 43.45 -24.92
C19 PCW Z . 1.56 44.76 -25.37
C20 PCW Z . 0.33 45.35 -25.66
C21 PCW Z . -0.83 44.62 -25.53
C22 PCW Z . -1.55 44.96 -24.21
C23 PCW Z . -2.87 44.20 -24.10
C24 PCW Z . -3.59 44.52 -22.80
C25 PCW Z . -3.88 46.02 -22.70
C26 PCW Z . -4.63 46.36 -21.42
C27 PCW Z . -4.88 47.86 -21.31
C28 PCW Z . -3.56 48.63 -21.26
C31 PCW Z . 10.85 43.10 -22.79
C32 PCW Z . 11.31 43.56 -21.40
C33 PCW Z . 10.11 43.78 -20.47
C34 PCW Z . 9.44 42.45 -20.08
C35 PCW Z . 10.37 41.59 -19.22
C36 PCW Z . 9.67 40.32 -18.75
C37 PCW Z . 10.57 39.52 -17.81
C38 PCW Z . 9.86 38.26 -17.30
C39 PCW Z . 10.67 37.55 -16.42
C40 PCW Z . 10.18 36.45 -15.74
C41 PCW Z . 8.86 36.03 -15.93
C42 PCW Z . 8.40 35.10 -14.81
C43 PCW Z . 6.96 34.64 -15.06
C44 PCW Z . 6.48 33.68 -13.96
C45 PCW Z . 5.04 33.23 -14.23
C46 PCW Z . 4.56 32.27 -13.14
C47 PCW Z . 3.12 31.82 -13.42
C48 PCW Z . 2.64 30.84 -12.35
N PCW Z . 12.14 47.66 -23.03
O2 PCW Z . 11.66 42.31 -23.54
O3 PCW Z . 9.03 41.13 -23.73
O11 PCW Z . 8.29 42.17 -25.56
O31 PCW Z . 9.76 43.46 -23.24
O1P PCW Z . 13.46 44.93 -27.18
O2P PCW Z . 11.26 43.74 -27.60
O3P PCW Z . 12.97 42.77 -26.05
O4P PCW Z . 11.70 44.83 -25.37
P PCW Z . 12.34 44.11 -26.66
C1 PCW AA . 18.57 41.25 -13.17
C2 PCW AA . 17.98 41.40 -11.77
C3 PCW AA . 18.22 42.84 -11.30
C4 PCW AA . 20.96 37.96 -14.32
C5 PCW AA . 20.38 37.78 -12.90
C6 PCW AA . 20.79 35.38 -13.38
C7 PCW AA . 21.82 36.44 -11.34
C8 PCW AA . 20.36 36.12 -11.02
C11 PCW AA . 17.88 42.23 -9.11
C12 PCW AA . 17.21 42.31 -7.73
C13 PCW AA . 16.75 43.73 -7.42
C14 PCW AA . 15.96 43.79 -6.12
C15 PCW AA . 15.50 45.22 -5.82
C16 PCW AA . 14.57 45.28 -4.60
C17 PCW AA . 14.15 46.72 -4.32
C18 PCW AA . 13.13 46.78 -3.17
C19 PCW AA . 11.98 46.07 -3.50
C20 PCW AA . 10.77 46.73 -3.67
C21 PCW AA . 10.69 48.11 -3.52
C22 PCW AA . 9.41 48.66 -4.16
C23 PCW AA . 8.17 48.03 -3.54
C24 PCW AA . 8.12 48.29 -2.03
C25 PCW AA . 8.06 49.79 -1.72
C26 PCW AA . 8.04 50.05 -0.22
C27 PCW AA . 6.86 49.35 0.46
C28 PCW AA . 6.85 49.62 1.96
C31 PCW AA . 16.32 39.82 -11.73
C32 PCW AA . 14.88 39.32 -11.68
C33 PCW AA . 13.89 40.42 -12.10
C34 PCW AA . 12.44 39.97 -11.84
C35 PCW AA . 11.45 41.01 -12.38
C36 PCW AA . 10.02 40.66 -11.97
C37 PCW AA . 9.01 41.60 -12.65
C38 PCW AA . 7.58 41.31 -12.22
C39 PCW AA . 6.68 41.98 -13.03
C40 PCW AA . 5.63 42.73 -12.50
C41 PCW AA . 5.44 42.88 -11.13
C42 PCW AA . 4.11 43.60 -10.85
C43 PCW AA . 3.89 43.86 -9.37
C44 PCW AA . 2.60 44.63 -9.16
C45 PCW AA . 2.38 44.98 -7.68
C46 PCW AA . 2.26 43.72 -6.81
C47 PCW AA . 2.01 44.09 -5.35
C48 PCW AA . 1.89 42.84 -4.49
N PCW AA . 20.78 36.46 -12.38
O2 PCW AA . 16.56 41.16 -11.80
O3 PCW AA . 17.49 43.08 -10.09
O11 PCW AA . 18.78 41.41 -9.31
O31 PCW AA . 17.26 39.03 -11.68
O1P PCW AA . 18.32 38.29 -15.54
O2P PCW AA . 18.90 40.74 -15.98
O3P PCW AA . 18.44 39.92 -13.66
O4P PCW AA . 20.55 39.23 -14.83
P PCW AA . 19.00 39.53 -15.11
C1 PCW BA . 24.40 34.71 0.76
C2 PCW BA . 23.47 35.55 -0.13
C3 PCW BA . 23.60 35.08 -1.57
C4 PCW BA . 25.91 36.23 4.71
C5 PCW BA . 27.17 37.06 4.95
C6 PCW BA . 29.34 36.89 6.13
C7 PCW BA . 27.90 34.85 5.90
C8 PCW BA . 28.63 35.05 4.57
C11 PCW BA . 23.40 36.92 -2.91
C12 PCW BA . 22.66 37.89 -3.84
C13 PCW BA . 21.24 38.17 -3.34
C14 PCW BA . 20.50 39.14 -4.26
C15 PCW BA . 19.09 39.42 -3.75
C16 PCW BA . 18.37 40.42 -4.66
C17 PCW BA . 16.97 40.75 -4.12
C18 PCW BA . 16.07 39.50 -4.12
C19 PCW BA . 15.87 39.03 -5.41
C20 PCW BA . 14.76 38.26 -5.72
C21 PCW BA . 13.83 37.94 -4.74
C22 PCW BA . 12.50 38.65 -5.00
C23 PCW BA . 11.44 38.26 -3.96
C24 PCW BA . 11.15 36.76 -4.01
C25 PCW BA . 10.12 36.37 -2.94
C26 PCW BA . 9.85 34.86 -3.00
C27 PCW BA . 8.79 34.45 -1.97
C28 PCW BA . 8.55 32.94 -2.01
C31 PCW BA . 21.31 36.33 -0.17
C32 PCW BA . 19.81 36.29 0.17
C33 PCW BA . 19.55 36.78 1.60
C34 PCW BA . 18.10 36.49 2.00
C35 PCW BA . 17.81 35.00 1.89
C36 PCW BA . 16.36 34.66 2.24
C37 PCW BA . 16.11 33.16 2.08
C38 PCW BA . 14.66 32.80 2.43
C39 PCW BA . 14.44 31.43 2.26
C40 PCW BA . 13.90 30.68 3.30
C41 PCW BA . 13.57 31.28 4.50
C42 PCW BA . 12.60 30.42 5.30
C43 PCW BA . 12.17 31.12 6.59
C44 PCW BA . 11.18 30.25 7.38
C45 PCW BA . 10.73 30.97 8.65
C46 PCW BA . 11.93 31.29 9.55
C47 PCW BA . 11.48 32.04 10.81
C48 PCW BA . 12.68 32.35 11.71
N PCW BA . 28.26 36.19 5.43
O2 PCW BA . 22.12 35.35 0.31
O3 PCW BA . 22.74 35.82 -2.44
O11 PCW BA . 24.57 37.10 -2.61
O31 PCW BA . 21.76 37.23 -0.87
O1P PCW BA . 24.08 34.03 4.42
O2P PCW BA . 25.62 33.03 2.66
O3P PCW BA . 24.20 35.03 2.14
O4P PCW BA . 26.16 35.26 3.71
P PCW BA . 25.00 34.22 3.28
C1 PCW CA . 36.88 13.69 10.85
C2 PCW CA . 35.58 13.91 11.63
C3 PCW CA . 34.91 15.19 11.15
C4 PCW CA . 37.62 10.45 8.46
C5 PCW CA . 38.74 10.71 7.45
C6 PCW CA . 37.63 11.86 5.56
C7 PCW CA . 38.94 9.76 5.14
C8 PCW CA . 37.57 9.35 5.68
C11 PCW CA . 32.96 16.38 11.35
C12 PCW CA . 31.51 16.60 11.81
C13 PCW CA . 31.27 15.93 13.16
C14 PCW CA . 29.78 15.80 13.46
C15 PCW CA . 29.08 17.16 13.55
C16 PCW CA . 29.53 17.98 14.75
C17 PCW CA . 28.70 19.26 14.87
C18 PCW CA . 29.06 20.08 16.10
C19 PCW CA . 28.21 21.17 16.22
C20 PCW CA . 27.75 21.56 17.47
C21 PCW CA . 28.12 20.84 18.60
C22 PCW CA . 27.21 21.13 19.79
C23 PCW CA . 25.77 20.65 19.56
C24 PCW CA . 25.13 21.36 18.37
C25 PCW CA . 23.68 20.89 18.15
C26 PCW CA . 23.05 21.58 16.94
C27 PCW CA . 21.62 21.09 16.72
C28 PCW CA . 21.57 19.59 16.47
C31 PCW CA . 35.04 11.75 12.14
C32 PCW CA . 34.24 10.45 12.02
C33 PCW CA . 32.83 10.73 11.50
C34 PCW CA . 32.06 11.64 12.47
C35 PCW CA . 31.85 10.94 13.82
C36 PCW CA . 31.12 11.88 14.79
C37 PCW CA . 30.82 11.17 16.11
C38 PCW CA . 29.92 9.95 15.89
C39 PCW CA . 29.63 9.32 17.10
C40 PCW CA . 28.86 8.17 17.11
C41 PCW CA . 28.38 7.65 15.93
C42 PCW CA . 26.85 7.54 15.93
C43 PCW CA . 26.37 6.62 17.05
C44 PCW CA . 24.84 6.49 17.01
C45 PCW CA . 24.33 5.58 18.13
C46 PCW CA . 22.81 5.43 18.09
C47 PCW CA . 22.34 4.85 16.75
C48 PCW CA . 20.82 4.70 16.71
N PCW CA . 38.21 10.62 6.08
O2 PCW CA . 34.68 12.82 11.37
O3 PCW CA . 33.61 15.26 11.74
O11 PCW CA . 33.54 17.22 10.64
O31 PCW CA . 35.98 11.84 12.92
O1P PCW CA . 38.98 12.83 9.24
O2P PCW CA . 39.86 11.59 11.28
O3P PCW CA . 37.51 12.47 11.23
O4P PCW CA . 38.14 10.51 9.78
P PCW CA . 38.73 11.89 10.37
C1 PCW DA . 18.17 19.09 -34.52
C2 PCW DA . 16.91 19.97 -34.44
C3 PCW DA . 15.81 19.31 -35.26
C4 PCW DA . 20.45 22.95 -32.86
C5 PCW DA . 19.74 24.06 -32.08
C6 PCW DA . 21.86 24.05 -30.79
C7 PCW DA . 21.01 26.21 -31.77
C8 PCW DA . 20.22 25.94 -30.49
C11 PCW DA . 14.66 21.09 -36.12
C12 PCW DA . 13.47 22.06 -36.25
C13 PCW DA . 12.62 21.69 -37.47
C14 PCW DA . 11.57 22.76 -37.77
C15 PCW DA . 10.51 22.87 -36.67
C16 PCW DA . 9.63 21.62 -36.61
C17 PCW DA . 8.41 21.84 -35.72
C18 PCW DA . 7.49 20.62 -35.71
C19 PCW DA . 6.30 20.90 -35.03
C20 PCW DA . 5.26 19.99 -35.07
C21 PCW DA . 5.39 18.79 -35.76
C22 PCW DA . 4.36 17.77 -35.32
C23 PCW DA . 2.94 18.16 -35.75
C24 PCW DA . 1.93 17.13 -35.26
C25 PCW DA . 0.53 17.40 -35.85
C26 PCW DA . 0.54 17.26 -37.37
C27 PCW DA . -0.86 17.49 -37.94
C28 PCW DA . -0.87 17.31 -39.46
C31 PCW DA . 15.68 21.14 -32.88
C32 PCW DA . 15.05 21.37 -31.51
C33 PCW DA . 13.70 22.08 -31.65
C34 PCW DA . 12.76 21.31 -32.58
C35 PCW DA . 11.41 22.00 -32.70
C36 PCW DA . 10.67 21.99 -31.36
C37 PCW DA . 9.38 22.81 -31.43
C38 PCW DA . 8.59 22.72 -30.12
C39 PCW DA . 7.53 23.62 -30.10
C40 PCW DA . 6.22 23.19 -30.27
C41 PCW DA . 5.91 21.85 -30.47
C42 PCW DA . 4.41 21.68 -30.69
C43 PCW DA . 4.02 20.23 -30.95
C44 PCW DA . 2.51 20.12 -31.18
C45 PCW DA . 2.08 18.67 -31.42
C46 PCW DA . 0.56 18.60 -31.65
C47 PCW DA . 0.12 17.16 -31.92
C48 PCW DA . -1.38 17.09 -32.17
N PCW DA . 20.73 24.84 -31.32
O2 PCW DA . 16.49 20.05 -33.06
O3 PCW DA . 14.60 20.08 -35.21
O11 PCW DA . 15.65 21.23 -36.82
O31 PCW DA . 15.51 21.94 -33.80
O1P PCW DA . 21.45 20.84 -34.42
O2P PCW DA . 19.42 21.16 -35.92
O3P PCW DA . 19.28 19.72 -33.87
O4P PCW DA . 19.50 22.23 -33.64
P PCW DA . 19.98 21.00 -34.55
C1 PCW EA . 33.67 -2.72 -8.92
C2 PCW EA . 32.55 -3.71 -8.58
C3 PCW EA . 33.15 -5.11 -8.72
C4 PCW EA . 35.23 0.02 -6.70
C5 PCW EA . 35.20 0.91 -5.46
C6 PCW EA . 35.78 0.80 -3.06
C7 PCW EA . 36.62 -0.98 -4.63
C8 PCW EA . 37.52 0.24 -4.78
C11 PCW EA . 31.10 -6.14 -9.05
C12 PCW EA . 30.05 -7.22 -8.77
C13 PCW EA . 30.49 -8.07 -7.57
C14 PCW EA . 29.58 -9.29 -7.39
C15 PCW EA . 30.02 -10.09 -6.17
C16 PCW EA . 29.18 -11.36 -5.98
C17 PCW EA . 29.58 -12.09 -4.71
C18 PCW EA . 31.06 -12.48 -4.73
C19 PCW EA . 31.31 -13.48 -5.68
C20 PCW EA . 31.65 -14.74 -5.26
C21 PCW EA . 31.75 -15.01 -3.89
C22 PCW EA . 33.21 -15.19 -3.47
C23 PCW EA . 33.31 -15.35 -1.94
C24 PCW EA . 32.49 -16.55 -1.46
C25 PCW EA . 32.59 -16.70 0.07
C26 PCW EA . 31.79 -17.90 0.55
C27 PCW EA . 30.31 -17.75 0.19
C28 PCW EA . 29.50 -18.95 0.67
C31 PCW EA . 31.34 -2.39 -7.16
C32 PCW EA . 30.77 -1.94 -5.82
C33 PCW EA . 30.90 -3.02 -4.74
C34 PCW EA . 32.36 -3.36 -4.43
C35 PCW EA . 32.46 -4.32 -3.25
C36 PCW EA . 33.90 -4.64 -2.89
C37 PCW EA . 33.97 -5.48 -1.62
C38 PCW EA . 35.42 -5.79 -1.22
C39 PCW EA . 35.47 -6.43 0.00
C40 PCW EA . 36.07 -7.69 0.13
C41 PCW EA . 36.63 -8.32 -0.98
C42 PCW EA . 37.04 -9.74 -0.63
C43 PCW EA . 37.70 -10.44 -1.82
C44 PCW EA . 38.09 -11.88 -1.48
C45 PCW EA . 36.86 -12.70 -1.09
C46 PCW EA . 37.26 -14.15 -0.77
C47 PCW EA . 36.03 -14.96 -0.36
C48 PCW EA . 36.41 -16.40 -0.01
N PCW EA . 36.10 0.38 -4.43
O2 PCW EA . 32.13 -3.50 -7.22
O3 PCW EA . 32.24 -6.13 -8.29
O11 PCW EA . 30.93 -5.29 -9.92
O31 PCW EA . 31.09 -1.77 -8.19
O1P PCW EA . 35.57 -0.80 -9.45
O2P PCW EA . 33.69 0.76 -10.12
O3P PCW EA . 33.21 -1.37 -8.87
O4P PCW EA . 34.35 0.54 -7.70
P PCW EA . 34.26 -0.17 -9.13
C1 PCW FA . 18.43 14.79 -39.31
C2 PCW FA . 17.25 13.82 -39.39
C3 PCW FA . 15.98 14.64 -39.54
C4 PCW FA . 22.65 15.71 -37.53
C5 PCW FA . 22.64 16.02 -36.03
C6 PCW FA . 20.34 16.95 -35.84
C7 PCW FA . 22.27 18.18 -34.79
C8 PCW FA . 22.27 18.49 -36.29
C11 PCW FA . 14.52 13.11 -38.64
C12 PCW FA . 13.29 12.21 -38.67
C13 PCW FA . 13.61 10.76 -38.29
C14 PCW FA . 12.35 9.90 -38.39
C15 PCW FA . 11.28 10.41 -37.44
C16 PCW FA . 9.95 9.65 -37.62
C17 PCW FA . 10.13 8.16 -37.35
C18 PCW FA . 8.80 7.41 -37.54
C19 PCW FA . 8.93 6.06 -37.25
C20 PCW FA . 7.87 5.38 -36.66
C21 PCW FA . 6.70 6.05 -36.37
C22 PCW FA . 5.51 5.07 -36.31
C23 PCW FA . 4.22 5.81 -35.98
C24 PCW FA . 4.29 6.48 -34.61
C25 PCW FA . 4.46 5.45 -33.50
C26 PCW FA . 4.57 6.11 -32.12
C27 PCW FA . 4.71 5.06 -31.02
C28 PCW FA . 3.47 4.16 -30.97
C31 PCW FA . 17.57 13.70 -41.67
C32 PCW FA . 17.78 13.00 -43.01
C33 PCW FA . 16.47 12.89 -43.80
C34 PCW FA . 15.42 12.09 -43.03
C35 PCW FA . 14.18 11.88 -43.90
C36 PCW FA . 13.11 11.07 -43.16
C37 PCW FA . 11.91 10.78 -44.06
C38 PCW FA . 10.85 9.96 -43.32
C39 PCW FA . 9.83 9.56 -44.18
C40 PCW FA . 8.51 9.92 -43.91
C41 PCW FA . 8.21 10.68 -42.80
C42 PCW FA . 6.92 11.47 -43.02
C43 PCW FA . 6.61 12.36 -41.80
C44 PCW FA . 5.29 13.11 -42.00
C45 PCW FA . 5.00 14.02 -40.80
C46 PCW FA . 6.11 15.05 -40.61
C47 PCW FA . 5.82 15.98 -39.44
C48 PCW FA . 6.97 16.98 -39.25
N PCW FA . 21.79 17.20 -35.77
O2 PCW FA . 17.42 12.97 -40.54
O3 PCW FA . 14.82 13.83 -39.76
O11 PCW FA . 15.24 13.18 -37.64
O31 PCW FA . 17.55 14.93 -41.61
O1P PCW FA . 22.11 13.98 -39.86
O2P PCW FA . 20.79 16.09 -40.33
O3P PCW FA . 19.68 14.09 -39.31
O4P PCW FA . 21.32 15.44 -37.96
P PCW FA . 21.05 14.93 -39.46
C1 PCW GA . 15.33 31.79 -36.26
C2 PCW GA . 13.91 31.36 -35.90
C3 PCW GA . 13.28 32.48 -35.07
C4 PCW GA . 16.59 34.99 -34.90
C5 PCW GA . 18.07 35.34 -34.79
C6 PCW GA . 19.56 37.05 -35.81
C7 PCW GA . 17.10 37.51 -35.62
C8 PCW GA . 17.71 37.78 -34.25
C11 PCW GA . 11.10 32.45 -35.76
C12 PCW GA . 9.61 32.19 -35.61
C13 PCW GA . 8.99 31.74 -36.94
C14 PCW GA . 7.52 31.34 -36.73
C15 PCW GA . 6.89 30.81 -38.02
C16 PCW GA . 5.49 30.29 -37.73
C17 PCW GA . 5.55 29.19 -36.66
C18 PCW GA . 4.15 28.64 -36.32
C19 PCW GA . 4.24 27.69 -35.32
C20 PCW GA . 3.31 26.66 -35.23
C21 PCW GA . 2.26 26.57 -36.15
C22 PCW GA . 1.15 25.67 -35.60
C23 PCW GA . -0.01 25.55 -36.60
C24 PCW GA . -1.09 24.63 -36.05
C25 PCW GA . -2.26 24.49 -37.03
C26 PCW GA . -3.34 23.57 -36.47
C27 PCW GA . -4.51 23.41 -37.46
C28 PCW GA . -5.17 24.76 -37.75
C31 PCW GA . 13.71 30.11 -37.80
C32 PCW GA . 13.14 29.73 -39.17
C33 PCW GA . 11.61 29.61 -39.14
C34 PCW GA . 11.08 29.32 -40.54
C35 PCW GA . 9.56 29.16 -40.54
C36 PCW GA . 9.04 28.91 -41.96
C37 PCW GA . 7.53 28.66 -41.96
C38 PCW GA . 7.02 28.44 -43.39
C39 PCW GA . 5.67 28.12 -43.39
C40 PCW GA . 5.27 26.80 -43.22
C41 PCW GA . 6.24 25.82 -43.03
C42 PCW GA . 5.90 24.94 -41.83
C43 PCW GA . 6.97 23.88 -41.59
C44 PCW GA . 6.61 22.99 -40.40
C45 PCW GA . 5.35 22.14 -40.68
C46 PCW GA . 4.13 23.02 -40.93
C47 PCW GA . 2.90 22.14 -41.22
C48 PCW GA . 1.66 22.99 -41.50
N PCW GA . 18.27 36.76 -35.16
O2 PCW GA . 13.16 31.15 -37.11
O3 PCW GA . 11.93 32.16 -34.72
O11 PCW GA . 11.57 32.92 -36.80
O31 PCW GA . 14.63 29.48 -37.31
O1P PCW GA . 17.75 33.14 -36.75
O2P PCW GA . 16.63 34.38 -38.67
O3P PCW GA . 15.29 32.91 -37.14
O4P PCW GA . 16.19 35.07 -36.27
P PCW GA . 16.57 33.87 -37.27
C1 PCW HA . 20.76 44.64 0.12
C2 PCW HA . 20.38 43.50 1.07
C3 PCW HA . 20.29 44.04 2.49
C4 PCW HA . 23.45 41.90 1.10
C5 PCW HA . 24.44 41.48 0.02
C6 PCW HA . 24.19 39.20 0.97
C7 PCW HA . 23.60 39.62 -1.44
C8 PCW HA . 25.12 39.48 -1.34
C11 PCW HA . 19.32 43.67 4.52
C12 PCW HA . 18.57 42.86 5.58
C13 PCW HA . 17.73 41.76 4.92
C14 PCW HA . 16.77 41.12 5.93
C15 PCW HA . 15.96 40.00 5.28
C16 PCW HA . 14.85 39.51 6.19
C17 PCW HA . 13.83 40.62 6.46
C18 PCW HA . 12.69 40.13 7.35
C19 PCW HA . 11.75 41.14 7.55
C20 PCW HA . 10.39 40.85 7.48
C21 PCW HA . 9.97 39.56 7.21
C22 PCW HA . 9.20 39.49 5.90
C23 PCW HA . 7.91 40.30 5.96
C24 PCW HA . 6.98 39.76 7.05
C25 PCW HA . 5.67 40.56 7.10
C26 PCW HA . 4.72 40.01 8.17
C27 PCW HA . 5.35 40.10 9.56
C28 PCW HA . 4.41 39.55 10.63
C31 PCW HA . 18.90 41.78 1.27
C32 PCW HA . 17.58 41.03 1.07
C33 PCW HA . 16.62 41.81 0.17
C34 PCW HA . 15.29 41.06 0.04
C35 PCW HA . 15.52 39.65 -0.53
C36 PCW HA . 14.20 38.86 -0.59
C37 PCW HA . 14.44 37.46 -1.14
C38 PCW HA . 13.14 36.64 -1.17
C39 PCW HA . 13.37 35.39 -1.71
C40 PCW HA . 12.75 34.25 -1.18
C41 PCW HA . 11.89 34.36 -0.10
C42 PCW HA . 11.18 33.03 0.16
C43 PCW HA . 10.21 33.12 1.34
C44 PCW HA . 9.52 31.78 1.59
C45 PCW HA . 8.53 31.88 2.75
C46 PCW HA . 7.87 30.53 3.00
C47 PCW HA . 6.86 30.62 4.15
C48 PCW HA . 6.17 29.27 4.40
N PCW HA . 24.33 40.03 -0.23
O2 PCW HA . 19.08 43.00 0.69
O3 PCW HA . 19.67 43.07 3.35
O11 PCW HA . 19.60 44.84 4.72
O31 PCW HA . 19.80 41.29 1.93
O1P PCW HA . 23.04 43.51 -1.16
O2P PCW HA . 24.53 45.22 -0.02
O3P PCW HA . 22.05 45.15 0.43
O4P PCW HA . 23.55 43.32 1.30
P PCW HA . 23.37 44.31 0.05
C1 PCW IA . 27.48 4.72 -14.50
C2 PCW IA . 27.21 3.46 -13.69
C3 PCW IA . 27.44 2.20 -14.50
C4 PCW IA . 30.24 1.56 -16.06
C5 PCW IA . 31.20 1.86 -17.20
C6 PCW IA . 31.66 -0.57 -17.28
C7 PCW IA . 30.63 0.55 -19.29
C8 PCW IA . 32.14 0.83 -19.30
C11 PCW IA . 27.38 -0.10 -14.35
C12 PCW IA . 27.25 -1.42 -13.60
C13 PCW IA . 28.62 -2.08 -13.42
C14 PCW IA . 28.57 -3.23 -12.41
C15 PCW IA . 27.60 -4.34 -12.85
C16 PCW IA . 27.54 -5.41 -11.76
C17 PCW IA . 26.61 -6.57 -12.16
C18 PCW IA . 26.56 -7.61 -11.04
C19 PCW IA . 25.81 -8.72 -11.42
C20 PCW IA . 24.51 -8.89 -10.93
C21 PCW IA . 23.95 -7.96 -10.06
C22 PCW IA . 23.20 -6.87 -10.83
C23 PCW IA . 22.14 -7.48 -11.75
C24 PCW IA . 21.10 -8.28 -10.95
C25 PCW IA . 20.31 -7.36 -10.00
C26 PCW IA . 19.25 -8.17 -9.25
C27 PCW IA . 18.43 -7.27 -8.32
C28 PCW IA . 17.36 -8.07 -7.58
C31 PCW IA . 27.61 2.65 -11.55
C32 PCW IA . 28.43 2.51 -10.27
C33 PCW IA . 28.75 3.88 -9.67
C34 PCW IA . 27.53 4.50 -8.98
C35 PCW IA . 27.24 3.77 -7.68
C36 PCW IA . 26.08 4.41 -6.90
C37 PCW IA . 25.97 3.81 -5.51
C38 PCW IA . 25.66 2.31 -5.58
C39 PCW IA . 25.83 1.70 -4.35
C40 PCW IA . 24.85 1.78 -3.36
C41 PCW IA . 23.66 2.47 -3.58
C42 PCW IA . 22.66 2.16 -2.46
C43 PCW IA . 21.35 2.92 -2.63
C44 PCW IA . 20.38 2.58 -1.50
C45 PCW IA . 19.06 3.33 -1.65
C46 PCW IA . 18.10 2.95 -0.52
C47 PCW IA . 16.77 3.70 -0.66
C48 PCW IA . 15.82 3.32 0.48
N PCW IA . 31.40 0.66 -18.04
O2 PCW IA . 28.07 3.47 -12.53
O3 PCW IA . 27.25 1.06 -13.66
O11 PCW IA . 27.59 -0.07 -15.56
O31 PCW IA . 26.55 2.05 -11.69
O1P PCW IA . 28.61 3.82 -17.00
O2P PCW IA . 30.83 4.85 -16.34
O3P PCW IA . 28.88 4.90 -14.77
O4P PCW IA . 30.07 2.72 -15.26
P PCW IA . 29.62 4.10 -15.95
C1 PCW JA . 28.44 -7.01 -29.16
C2 PCW JA . 27.33 -6.81 -28.13
C3 PCW JA . 26.63 -8.13 -27.84
C4 PCW JA . 27.47 -4.49 -31.23
C5 PCW JA . 26.41 -3.50 -31.70
C6 PCW JA . 25.04 -1.67 -30.76
C7 PCW JA . 27.10 -2.43 -29.53
C8 PCW JA . 27.54 -1.51 -30.68
C11 PCW JA . 24.54 -7.26 -27.61
C12 PCW JA . 23.26 -6.89 -26.87
C13 PCW JA . 22.06 -7.64 -27.46
C14 PCW JA . 20.73 -7.18 -26.83
C15 PCW JA . 19.57 -7.97 -27.42
C16 PCW JA . 19.70 -9.46 -27.09
C17 PCW JA . 19.36 -9.73 -25.62
C18 PCW JA . 17.86 -9.56 -25.37
C19 PCW JA . 17.13 -10.48 -26.12
C20 PCW JA . 15.75 -10.55 -26.03
C21 PCW JA . 15.03 -9.71 -25.19
C22 PCW JA . 13.97 -10.49 -24.41
C23 PCW JA . 13.04 -9.56 -23.63
C24 PCW JA . 12.22 -8.69 -24.59
C25 PCW JA . 11.25 -7.79 -23.84
C26 PCW JA . 10.18 -8.59 -23.09
C27 PCW JA . 10.80 -9.47 -22.01
C28 PCW JA . 9.73 -10.26 -21.26
C31 PCW JA . 28.53 -5.13 -27.12
C32 PCW JA . 29.20 -4.39 -25.95
C33 PCW JA . 28.18 -3.49 -25.25
C34 PCW JA . 28.84 -2.64 -24.17
C35 PCW JA . 29.48 -3.52 -23.08
C36 PCW JA . 30.13 -2.64 -22.00
C37 PCW JA . 30.77 -3.47 -20.89
C38 PCW JA . 29.73 -4.30 -20.15
C39 PCW JA . 30.32 -4.98 -19.09
C40 PCW JA . 29.95 -6.29 -18.80
C41 PCW JA . 28.99 -6.93 -19.56
C42 PCW JA . 28.43 -8.15 -18.83
C43 PCW JA . 27.76 -7.74 -17.51
C44 PCW JA . 27.19 -8.95 -16.79
C45 PCW JA . 26.48 -8.53 -15.50
C46 PCW JA . 25.85 -9.74 -14.79
C47 PCW JA . 24.81 -10.42 -15.67
C48 PCW JA . 24.21 -11.64 -14.97
N PCW JA . 26.34 -2.35 -30.80
O2 PCW JA . 27.89 -6.31 -26.90
O3 PCW JA . 25.54 -7.91 -26.94
O11 PCW JA . 24.69 -6.99 -28.79
O31 PCW JA . 28.59 -4.67 -28.26
O1P PCW JA . 29.84 -6.34 -31.51
O2P PCW JA . 28.33 -7.88 -32.85
O3P PCW JA . 27.90 -7.45 -30.41
O4P PCW JA . 27.49 -5.62 -32.10
P PCW JA . 28.48 -6.85 -31.79
C1 PCW KA . 34.60 3.95 -2.14
C2 PCW KA . 33.12 3.63 -2.32
C3 PCW KA . 32.98 2.88 -3.64
C4 PCW KA . 36.33 7.66 -0.94
C5 PCW KA . 36.66 8.70 -2.02
C6 PCW KA . 35.19 10.13 -0.61
C7 PCW KA . 37.49 10.94 -1.23
C8 PCW KA . 36.57 11.18 -2.43
C11 PCW KA . 31.50 1.89 -5.06
C12 PCW KA . 30.13 1.40 -5.54
C13 PCW KA . 29.52 0.42 -4.54
C14 PCW KA . 28.16 -0.08 -5.06
C15 PCW KA . 27.52 -1.07 -4.08
C16 PCW KA . 26.18 -1.56 -4.61
C17 PCW KA . 25.53 -2.55 -3.65
C18 PCW KA . 24.19 -3.04 -4.21
C19 PCW KA . 23.57 -3.91 -3.32
C20 PCW KA . 22.27 -4.34 -3.60
C21 PCW KA . 21.63 -3.89 -4.75
C22 PCW KA . 20.35 -3.11 -4.39
C23 PCW KA . 19.70 -2.56 -5.66
C24 PCW KA . 18.43 -1.76 -5.32
C25 PCW KA . 17.38 -2.65 -4.66
C26 PCW KA . 16.95 -3.76 -5.62
C27 PCW KA . 16.37 -3.17 -6.90
C28 PCW KA . 15.95 -4.29 -7.87
C31 PCW KA . 32.44 3.53 -0.14
C32 PCW KA . 31.97 2.85 1.15
C33 PCW KA . 30.94 3.70 1.89
C34 PCW KA . 30.58 3.07 3.24
C35 PCW KA . 29.90 1.71 3.07
C36 PCW KA . 28.53 1.86 2.41
C37 PCW KA . 27.81 0.51 2.32
C38 PCW KA . 26.40 0.66 1.72
C39 PCW KA . 25.79 -0.58 1.65
C40 PCW KA . 24.40 -0.67 1.73
C41 PCW KA . 23.62 0.47 1.89
C42 PCW KA . 22.24 0.28 1.26
C43 PCW KA . 21.48 -0.85 1.93
C44 PCW KA . 20.11 -1.06 1.29
C45 PCW KA . 19.36 -2.22 1.96
C46 PCW KA . 18.00 -2.45 1.30
C47 PCW KA . 18.17 -2.82 -0.16
C48 PCW KA . 16.81 -3.08 -0.82
N PCW KA . 36.35 10.04 -1.51
O2 PCW KA . 32.67 2.78 -1.25
O3 PCW KA . 31.61 2.50 -3.85
O11 PCW KA . 32.51 1.75 -5.77
O31 PCW KA . 32.60 4.75 -0.17
O1P PCW KA . 36.37 5.46 0.89
O2P PCW KA . 37.27 3.97 -0.95
O3P PCW KA . 34.85 4.64 -0.91
O4P PCW KA . 36.62 6.35 -1.44
P PCW KA . 36.37 5.06 -0.52
C1 PCW LA . 17.54 18.40 -40.32
C2 PCW LA . 16.30 17.68 -39.80
C3 PCW LA . 16.41 17.46 -38.30
C4 PCW LA . 19.50 22.16 -38.17
C5 PCW LA . 19.22 23.52 -37.52
C6 PCW LA . 17.55 22.96 -35.78
C7 PCW LA . 17.09 24.83 -37.39
C8 PCW LA . 16.78 23.52 -38.11
C11 PCW LA . 15.09 16.71 -36.54
C12 PCW LA . 13.75 16.36 -35.89
C13 PCW LA . 12.70 17.36 -36.38
C14 PCW LA . 11.29 17.04 -35.89
C15 PCW LA . 10.31 18.07 -36.46
C16 PCW LA . 10.39 18.10 -37.98
C17 PCW LA . 9.63 19.31 -38.56
C18 PCW LA . 9.76 19.36 -40.08
C19 PCW LA . 9.26 20.55 -40.57
C20 PCW LA . 8.16 20.55 -41.43
C21 PCW LA . 7.55 19.36 -41.82
C22 PCW LA . 6.10 19.62 -42.24
C23 PCW LA . 5.40 18.33 -42.66
C24 PCW LA . 3.96 18.63 -43.07
C25 PCW LA . 3.22 17.34 -43.44
C26 PCW LA . 1.76 17.64 -43.82
C27 PCW LA . 1.03 18.27 -42.64
C28 PCW LA . -0.42 18.60 -43.01
C31 PCW LA . 14.85 18.52 -41.37
C32 PCW LA . 13.57 19.23 -41.84
C33 PCW LA . 12.39 18.27 -41.85
C34 PCW LA . 12.66 17.09 -42.78
C35 PCW LA . 11.53 16.06 -42.76
C36 PCW LA . 11.35 15.44 -41.38
C37 PCW LA . 10.33 14.30 -41.42
C38 PCW LA . 10.14 13.67 -40.05
C39 PCW LA . 9.29 12.57 -40.14
C40 PCW LA . 8.43 12.23 -39.11
C41 PCW LA . 8.39 12.99 -37.94
C42 PCW LA . 7.02 12.86 -37.28
C43 PCW LA . 6.98 13.56 -35.91
C44 PCW LA . 5.61 13.36 -35.25
C45 PCW LA . 5.58 13.99 -33.85
C46 PCW LA . 5.86 15.49 -33.93
C47 PCW LA . 5.81 16.13 -32.53
C48 PCW LA . 6.04 17.64 -32.62
N PCW LA . 17.82 23.60 -37.08
O2 PCW LA . 15.12 18.46 -40.04
O3 PCW LA . 15.10 17.08 -37.85
O11 PCW LA . 16.15 16.64 -35.91
O31 PCW LA . 15.62 18.03 -42.19
O1P PCW LA . 20.14 20.08 -39.98
O2P PCW LA . 18.48 21.05 -41.64
O3P PCW LA . 17.71 19.68 -39.69
O4P PCW LA . 18.65 21.99 -39.31
P PCW LA . 18.82 20.69 -40.24
C1 PCW MA . 29.90 32.23 9.45
C2 PCW MA . 28.75 32.87 10.21
C3 PCW MA . 28.15 33.99 9.37
C4 PCW MA . 30.58 33.33 13.14
C5 PCW MA . 30.04 34.74 13.34
C6 PCW MA . 32.42 35.32 13.64
C7 PCW MA . 31.07 36.50 11.89
C8 PCW MA . 30.75 37.15 13.24
C11 PCW MA . 26.79 35.79 9.32
C12 PCW MA . 25.71 36.76 9.83
C13 PCW MA . 24.79 36.10 10.85
C14 PCW MA . 23.72 37.09 11.33
C15 PCW MA . 22.77 36.44 12.35
C16 PCW MA . 21.76 37.45 12.88
C17 PCW MA . 22.48 38.64 13.52
C18 PCW MA . 21.47 39.63 14.12
C19 PCW MA . 20.60 40.12 13.15
C20 PCW MA . 19.36 40.62 13.52
C21 PCW MA . 19.00 40.65 14.87
C22 PCW MA . 18.30 41.96 15.23
C23 PCW MA . 16.99 42.13 14.45
C24 PCW MA . 16.33 43.47 14.81
C25 PCW MA . 15.02 43.66 14.05
C26 PCW MA . 14.04 42.52 14.37
C27 PCW MA . 12.73 42.71 13.62
C28 PCW MA . 11.78 41.55 13.92
C31 PCW MA . 26.92 32.25 11.52
C32 PCW MA . 25.81 31.28 11.93
C33 PCW MA . 25.75 31.08 13.44
C34 PCW MA . 25.26 32.33 14.17
C35 PCW MA . 25.10 32.05 15.67
C36 PCW MA . 24.44 33.23 16.38
C37 PCW MA . 24.19 32.90 17.86
C38 PCW MA . 23.48 34.04 18.57
C39 PCW MA . 23.25 33.75 19.91
C40 PCW MA . 22.34 32.76 20.26
C41 PCW MA . 21.67 32.06 19.27
C42 PCW MA . 20.22 32.55 19.12
C43 PCW MA . 19.49 31.79 18.01
C44 PCW MA . 18.06 32.31 17.84
C45 PCW MA . 17.32 31.54 16.74
C46 PCW MA . 15.90 32.08 16.54
C47 PCW MA . 15.09 31.99 17.83
C48 PCW MA . 13.68 32.56 17.63
N PCW MA . 31.10 35.72 13.14
O2 PCW MA . 27.77 31.87 10.52
O3 PCW MA . 27.12 34.71 10.07
O11 PCW MA . 27.37 36.01 8.26
O31 PCW MA . 27.05 33.34 12.07
O1P PCW MA . 31.80 30.88 12.42
O2P PCW MA . 32.95 32.09 10.51
O3P PCW MA . 30.59 31.29 10.28
O4P PCW MA . 31.11 33.23 11.81
P PCW MA . 31.72 31.82 11.29
C1 PCW NA . 31.91 27.21 6.12
C2 PCW NA . 31.54 25.75 5.86
C3 PCW NA . 32.51 25.16 4.85
C4 PCW NA . 32.13 28.52 9.81
C5 PCW NA . 31.76 28.42 11.29
C6 PCW NA . 33.49 26.66 11.33
C7 PCW NA . 33.68 28.62 12.89
C8 PCW NA . 32.67 27.64 13.49
C11 PCW NA . 32.29 22.88 5.28
C12 PCW NA . 31.85 21.46 4.93
C13 PCW NA . 32.65 20.93 3.74
C14 PCW NA . 32.01 19.67 3.15
C15 PCW NA . 32.79 19.19 1.93
C16 PCW NA . 34.12 18.55 2.32
C17 PCW NA . 33.88 17.13 2.84
C18 PCW NA . 32.93 17.13 4.03
C19 PCW NA . 32.62 15.83 4.41
C20 PCW NA . 31.31 15.37 4.29
C21 PCW NA . 30.32 16.21 3.79
C22 PCW NA . 29.02 16.03 4.58
C23 PCW NA . 28.52 14.59 4.48
C24 PCW NA . 27.23 14.40 5.29
C25 PCW NA . 26.70 12.97 5.17
C26 PCW NA . 27.73 11.95 5.66
C27 PCW NA . 27.19 10.52 5.53
C28 PCW NA . 28.23 9.50 6.02
C31 PCW NA . 30.54 25.34 7.90
C32 PCW NA . 30.46 24.71 9.29
C33 PCW NA . 29.01 24.45 9.71
C34 PCW NA . 28.32 23.50 8.73
C35 PCW NA . 26.98 23.03 9.30
C36 PCW NA . 27.21 22.22 10.58
C37 PCW NA . 25.92 21.71 11.20
C38 PCW NA . 24.99 22.85 11.60
C39 PCW NA . 23.91 22.37 12.34
C40 PCW NA . 22.65 22.26 11.78
C41 PCW NA . 22.40 22.63 10.47
C42 PCW NA . 21.23 21.85 9.89
C43 PCW NA . 21.55 20.36 9.78
C44 PCW NA . 20.34 19.57 9.27
C45 PCW NA . 19.87 20.09 7.91
C46 PCW NA . 20.99 20.00 6.87
C47 PCW NA . 20.50 20.52 5.51
C48 PCW NA . 21.59 20.39 4.45
N PCW NA . 32.84 27.77 12.03
O2 PCW NA . 31.59 25.01 7.10
O3 PCW NA . 32.04 23.88 4.39
O11 PCW NA . 32.91 23.12 6.32
O31 PCW NA . 29.67 26.10 7.50
O1P PCW NA . 32.57 29.75 7.17
O2P PCW NA . 30.09 30.23 7.04
O3P PCW NA . 30.95 27.86 6.95
O4P PCW NA . 31.07 29.15 9.09
P PCW NA . 31.19 29.35 7.50
C1 PCW OA . 21.63 24.15 -24.83
C2 PCW OA . 20.96 22.79 -25.08
C3 PCW OA . 20.05 22.46 -23.92
C4 PCW OA . 25.43 25.76 -24.39
C5 PCW OA . 26.56 24.78 -24.03
C6 PCW OA . 28.57 24.70 -22.60
C7 PCW OA . 26.94 26.59 -22.32
C8 PCW OA . 26.36 25.38 -21.59
C11 PCW OA . 18.24 21.10 -23.46
C12 PCW OA . 17.31 19.91 -23.69
C13 PCW OA . 15.97 20.36 -24.28
C14 PCW OA . 15.06 19.16 -24.57
C15 PCW OA . 13.69 19.62 -25.07
C16 PCW OA . 12.80 18.42 -25.39
C17 PCW OA . 12.69 17.47 -24.20
C18 PCW OA . 12.16 18.20 -22.96
C19 PCW OA . 10.86 18.69 -23.17
C20 PCW OA . 9.80 18.11 -22.50
C21 PCW OA . 10.01 17.05 -21.63
C22 PCW OA . 9.76 15.71 -22.32
C23 PCW OA . 8.31 15.61 -22.81
C24 PCW OA . 8.06 14.27 -23.50
C25 PCW OA . 8.33 13.09 -22.55
C26 PCW OA . 8.10 11.76 -23.28
C27 PCW OA . 9.04 11.61 -24.47
C28 PCW OA . 8.81 10.29 -25.19
C31 PCW OA . 20.81 22.74 -27.40
C32 PCW OA . 20.04 22.80 -28.71
C33 PCW OA . 19.97 21.43 -29.38
C34 PCW OA . 18.79 21.34 -30.34
C35 PCW OA . 17.47 21.38 -29.55
C36 PCW OA . 17.35 22.66 -28.72
C37 PCW OA . 16.19 22.58 -27.73
C38 PCW OA . 16.13 23.83 -26.85
C39 PCW OA . 15.22 23.69 -25.83
C40 PCW OA . 13.97 24.31 -25.89
C41 PCW OA . 13.63 25.08 -26.99
C42 PCW OA . 12.10 25.22 -27.08
C43 PCW OA . 11.68 26.07 -28.27
C44 PCW OA . 10.16 26.17 -28.34
C45 PCW OA . 9.69 26.98 -29.55
C46 PCW OA . 8.17 27.06 -29.60
C47 PCW OA . 7.71 27.88 -30.81
C48 PCW OA . 6.18 27.97 -30.85
N PCW OA . 27.21 25.22 -22.78
O2 PCW OA . 20.13 22.88 -26.24
O3 PCW OA . 19.32 21.26 -24.27
O11 PCW OA . 18.01 21.91 -22.57
O31 PCW OA . 22.04 22.56 -27.39
O1P PCW OA . 24.22 23.21 -24.55
O2P PCW OA . 24.46 23.36 -27.07
O3P PCW OA . 22.53 24.49 -25.88
O4P PCW OA . 24.86 25.39 -25.64
P PCW OA . 24.06 23.99 -25.80
C1 PCW PA . 19.97 35.70 -29.68
C2 PCW PA . 19.56 34.33 -29.16
C3 PCW PA . 20.25 34.07 -27.83
C4 PCW PA . 19.92 33.12 -33.14
C5 PCW PA . 20.14 31.63 -32.86
C6 PCW PA . 18.08 31.33 -34.23
C7 PCW PA . 20.23 30.19 -34.93
C8 PCW PA . 19.60 29.36 -33.80
C11 PCW PA . 20.18 31.81 -28.08
C12 PCW PA . 19.75 30.38 -27.74
C13 PCW PA . 20.25 29.39 -28.79
C14 PCW PA . 19.80 27.97 -28.47
C15 PCW PA . 20.29 27.55 -27.07
C16 PCW PA . 19.94 26.09 -26.77
C17 PCW PA . 18.43 25.84 -26.84
C18 PCW PA . 17.67 26.64 -25.79
C19 PCW PA . 17.71 28.01 -26.06
C20 PCW PA . 16.63 28.82 -25.72
C21 PCW PA . 15.52 28.27 -25.09
C22 PCW PA . 14.63 29.35 -24.49
C23 PCW PA . 13.44 28.74 -23.74
C24 PCW PA . 12.56 27.91 -24.68
C25 PCW PA . 11.38 27.30 -23.92
C26 PCW PA . 10.50 26.46 -24.84
C27 PCW PA . 9.32 25.85 -24.08
C28 PCW PA . 8.44 25.02 -25.00
C31 PCW PA . 17.43 34.09 -30.08
C32 PCW PA . 15.91 34.04 -29.98
C33 PCW PA . 15.39 32.60 -29.95
C34 PCW PA . 14.08 32.50 -29.18
C35 PCW PA . 14.32 32.87 -27.72
C36 PCW PA . 13.06 32.74 -26.86
C37 PCW PA . 13.40 33.04 -25.40
C38 PCW PA . 12.20 32.89 -24.46
C39 PCW PA . 12.59 33.09 -23.15
C40 PCW PA . 11.68 33.39 -22.15
C41 PCW PA . 10.32 33.50 -22.42
C42 PCW PA . 9.52 32.68 -21.42
C43 PCW PA . 8.01 32.90 -21.59
C44 PCW PA . 7.23 32.02 -20.62
C45 PCW PA . 7.68 32.27 -19.18
C46 PCW PA . 6.96 31.34 -18.20
C47 PCW PA . 7.44 31.55 -16.76
C48 PCW PA . 6.73 30.60 -15.79
N PCW PA . 19.42 30.83 -33.87
O2 PCW PA . 18.14 34.29 -28.94
O3 PCW PA . 19.78 32.84 -27.29
O11 PCW PA . 20.93 32.02 -29.03
O31 PCW PA . 18.01 33.95 -31.16
O1P PCW PA . 20.04 35.94 -33.51
O2P PCW PA . 21.95 35.99 -31.84
O3P PCW PA . 19.58 35.90 -31.05
O4P PCW PA . 20.62 33.88 -32.16
P PCW PA . 20.60 35.49 -32.22
C1 PCW QA . 20.56 39.15 -27.93
C2 PCW QA . 19.27 38.71 -27.24
C3 PCW QA . 19.30 37.22 -26.95
C4 PCW QA . 22.05 38.33 -23.75
C5 PCW QA . 21.22 37.50 -22.78
C6 PCW QA . 23.33 36.23 -22.54
C7 PCW QA . 22.18 37.12 -20.49
C8 PCW QA . 21.46 35.83 -20.92
C11 PCW QA . 18.10 37.05 -25.02
C12 PCW QA . 16.91 36.66 -24.14
C13 PCW QA . 17.38 35.89 -22.91
C14 PCW QA . 16.20 35.47 -22.02
C15 PCW QA . 16.71 34.69 -20.81
C16 PCW QA . 17.41 33.39 -21.23
C17 PCW QA . 18.14 32.76 -20.05
C18 PCW QA . 19.26 33.69 -19.57
C19 PCW QA . 19.95 33.16 -18.48
C20 PCW QA . 20.19 33.96 -17.37
C21 PCW QA . 19.76 35.28 -17.38
C22 PCW QA . 19.02 35.62 -16.09
C23 PCW QA . 17.92 34.60 -15.82
C24 PCW QA . 17.13 34.95 -14.56
C25 PCW QA . 16.13 33.84 -14.20
C26 PCW QA . 16.87 32.57 -13.76
C27 PCW QA . 17.78 32.04 -14.87
C28 PCW QA . 18.55 30.81 -14.39
C31 PCW QA . 17.76 39.83 -25.94
C32 PCW QA . 17.28 40.69 -24.76
C33 PCW QA . 15.78 40.51 -24.52
C34 PCW QA . 15.46 39.11 -23.99
C35 PCW QA . 13.95 38.87 -24.01
C36 PCW QA . 13.45 38.88 -25.46
C37 PCW QA . 11.93 38.72 -25.56
C38 PCW QA . 11.45 37.40 -24.93
C39 PCW QA . 10.16 37.13 -25.39
C40 PCW QA . 9.11 36.83 -24.54
C41 PCW QA . 9.25 36.76 -23.16
C42 PCW QA . 8.09 37.49 -22.48
C43 PCW QA . 8.01 37.18 -20.99
C44 PCW QA . 6.85 37.95 -20.36
C45 PCW QA . 6.55 37.46 -18.93
C46 PCW QA . 6.08 36.00 -18.96
C47 PCW QA . 5.72 35.51 -17.55
C48 PCW QA . 5.26 34.06 -17.58
N PCW QA . 22.10 36.71 -21.91
O2 PCW QA . 19.07 39.49 -26.05
O3 PCW QA . 18.08 36.78 -26.35
O11 PCW QA . 19.09 37.57 -24.52
O31 PCW QA . 16.96 39.44 -26.80
O1P PCW QA . 23.25 40.22 -25.51
O2P PCW QA . 20.96 41.19 -25.99
O3P PCW QA . 21.69 39.04 -27.06
O4P PCW QA . 21.19 39.09 -24.59
P PCW QA . 21.82 40.00 -25.78
C1 PCW RA . 36.56 -2.50 0.53
C2 PCW RA . 35.27 -1.70 0.71
C3 PCW RA . 34.71 -1.38 -0.67
C4 PCW RA . 37.00 1.86 0.75
C5 PCW RA . 37.54 1.80 2.19
C6 PCW RA . 36.50 3.76 3.27
C7 PCW RA . 38.99 3.47 3.37
C8 PCW RA . 38.65 4.04 2.00
C11 PCW RA . 32.44 -1.45 -0.32
C12 PCW RA . 31.04 -0.86 -0.15
C13 PCW RA . 30.18 -1.09 -1.39
C14 PCW RA . 28.82 -0.42 -1.22
C15 PCW RA . 28.98 1.08 -0.99
C16 PCW RA . 27.64 1.79 -0.81
C17 PCW RA . 27.85 3.28 -0.55
C18 PCW RA . 26.52 4.01 -0.33
C19 PCW RA . 26.76 5.36 -0.09
C20 PCW RA . 25.74 6.22 0.30
C21 PCW RA . 24.44 5.77 0.46
C22 PCW RA . 23.76 5.52 -0.88
C23 PCW RA . 22.27 5.26 -0.72
C24 PCW RA . 21.57 6.49 -0.14
C25 PCW RA . 20.07 6.24 0.03
C26 PCW RA . 19.81 5.13 1.04
C27 PCW RA . 20.37 5.50 2.41
C28 PCW RA . 20.08 4.40 3.44
C31 PCW RA . 34.75 -2.66 2.73
C32 PCW RA . 33.90 -3.50 3.68
C33 PCW RA . 32.42 -3.43 3.30
C34 PCW RA . 31.77 -2.13 3.77
C35 PCW RA . 31.69 -2.08 5.30
C36 PCW RA . 30.87 -0.89 5.79
C37 PCW RA . 30.70 -0.94 7.31
C38 PCW RA . 29.81 0.22 7.80
C39 PCW RA . 29.59 0.11 9.16
C40 PCW RA . 28.32 -0.17 9.66
C41 PCW RA . 27.26 -0.34 8.79
C42 PCW RA . 27.45 -1.58 7.92
C43 PCW RA . 27.52 -2.85 8.77
C44 PCW RA . 27.76 -4.09 7.92
C45 PCW RA . 27.78 -5.37 8.77
C46 PCW RA . 26.45 -5.59 9.48
C47 PCW RA . 25.31 -5.77 8.48
C48 PCW RA . 23.99 -5.99 9.20
N PCW RA . 37.71 3.16 2.71
O2 PCW RA . 34.32 -2.47 1.45
O3 PCW RA . 33.49 -0.63 -0.56
O11 PCW RA . 32.61 -2.67 -0.26
O31 PCW RA . 35.82 -2.18 3.10
O1P PCW RA . 38.74 -0.63 1.43
O2P PCW RA . 38.98 0.08 -1.00
O3P PCW RA . 37.46 -1.82 -0.35
O4P PCW RA . 36.85 0.54 0.23
P PCW RA . 38.12 -0.42 0.10
C1 17F SA . 13.69 51.39 -16.16
N1 17F SA . 14.11 49.36 -17.46
O1 17F SA . 14.66 52.94 -14.03
P1 17F SA . 14.58 51.50 -13.69
C2 17F SA . 13.14 50.44 -17.22
O2 17F SA . 15.81 50.83 -13.20
C3 17F SA . 12.90 51.21 -18.53
O3 17F SA . 14.00 50.69 -14.96
C4 17F SA . 13.28 50.07 -11.92
O4 17F SA . 13.55 50.86 -19.53
C5 17F SA . 12.21 50.16 -10.82
O5 17F SA . 12.08 52.15 -18.49
C6 17F SA . 10.88 50.56 -11.43
O6 17F SA . 13.42 51.32 -12.59
C7 17F SA . 9.94 51.95 -9.87
O7 17F SA . 9.88 50.70 -10.40
C8 17F SA . 9.03 52.32 -8.71
O8 17F SA . 10.72 52.79 -10.35
C9 17F SA . 7.66 51.65 -8.86
O9 17F SA . 12.08 48.88 -10.18
C10 17F SA . 6.77 51.93 -7.65
O10 17F SA . 11.32 50.15 -8.50
C11 17F SA . 5.39 51.29 -7.83
C12 17F SA . 4.50 51.51 -6.60
C17 17F SA . 11.55 49.03 -8.93
C18 17F SA . 11.27 47.79 -8.07
C19 17F SA . 9.78 47.48 -8.09
C20 17F SA . 9.28 47.23 -9.51
C1X 17F SA . 3.13 50.87 -6.80
C1Y 17F SA . 7.77 47.01 -9.56
C1Z 17F SA . 7.36 45.74 -8.80
C2X 17F SA . 2.26 51.05 -5.55
C21 17F SA . 2.82 50.39 -4.45
C22 17F SA . 2.00 49.82 -3.49
C23 17F SA . 0.62 49.88 -3.61
C24 17F SA . -0.05 48.60 -3.13
C25 17F SA . -1.57 48.67 -3.26
C26 17F SA . -2.23 47.38 -2.76
C27 17F SA . -3.75 47.45 -2.91
C28 17F SA . -4.40 46.15 -2.46
C29 17F SA . -5.93 46.21 -2.68
C30 17F SA . -6.60 44.91 -2.24
C31 17F SA . 7.68 45.85 -7.31
C32 17F SA . 7.22 44.59 -6.57
C33 17F SA . 5.84 44.43 -6.68
C34 17F SA . 5.27 43.18 -6.48
C35 17F SA . 6.06 42.09 -6.17
C36 17F SA . 6.27 41.97 -4.67
C37 17F SA . 7.11 40.74 -4.31
C38 17F SA . 7.30 40.64 -2.79
C39 17F SA . 8.09 39.40 -2.41
C40 17F SA . 8.25 39.29 -0.90
C41 17F SA . 6.89 39.19 -0.22
C42 17F SA . 7.03 39.08 1.30
HN1 17F SA . 14.15 48.99 -16.53
HN1A 17F SA . 15.08 49.59 -17.53
HAC 17F SA . 13.73 48.55 -17.91
C1 17F TA . 21.49 47.84 -9.26
N1 17F TA . 23.49 48.60 -10.47
O1 17F TA . 19.13 46.73 -10.61
P1 17F TA . 19.12 48.20 -10.33
C2 17F TA . 22.89 48.45 -9.14
O2 17F TA . 18.51 49.09 -11.34
C3 17F TA . 23.76 47.56 -8.26
O3 17F TA . 20.62 48.68 -10.02
C4 17F TA . 18.79 49.44 -8.03
O4 17F TA . 24.15 46.49 -8.75
C5 17F TA . 17.96 49.42 -6.75
O5 17F TA . 24.03 47.99 -7.12
C6 17F TA . 18.52 50.40 -5.74
O6 17F TA . 18.37 48.41 -8.93
C7 17F TA . 18.05 51.26 -3.63
O7 17F TA . 17.69 50.33 -4.56
C8 17F TA . 17.26 51.32 -2.32
O8 17F TA . 18.98 52.03 -3.85
C9 17F TA . 15.86 50.72 -2.54
O9 17F TA . 16.60 49.78 -7.03
C10 17F TA . 15.06 50.67 -1.24
O10 17F TA . 16.29 48.68 -5.11
C11 17F TA . 13.67 50.06 -1.49
C12 17F TA . 12.89 49.89 -0.20
C17 17F TA . 15.81 49.38 -6.00
C18 17F TA . 14.32 49.75 -5.97
C19 17F TA . 14.12 51.21 -6.39
C20 17F TA . 12.71 51.68 -6.07
C1X 17F TA . 11.50 49.29 -0.49
C1Y 17F TA . 12.49 53.14 -6.49
C1Z 17F TA . 11.18 53.69 -5.95
C2X 17F TA . 10.72 49.06 0.81
C21 17F TA . 11.36 48.16 1.63
C22 17F TA . 11.29 46.80 1.38
C23 17F TA . 10.57 46.31 0.30
C24 17F TA . 9.96 44.95 0.60
C25 17F TA . 9.18 44.41 -0.60
C26 17F TA . 10.09 44.24 -1.82
C27 17F TA . 9.31 43.70 -3.03
C28 17F TA . 10.23 43.54 -4.24
C29 17F TA . 9.45 42.99 -5.44
C30 17F TA . 10.36 42.85 -6.67
C31 17F TA . 11.20 53.75 -4.42
C32 17F TA . 9.91 54.33 -3.84
C33 17F TA . 9.99 54.42 -2.46
C34 17F TA . 8.85 54.57 -1.69
C35 17F TA . 7.60 54.64 -2.29
C36 17F TA . 6.50 54.23 -1.30
C37 17F TA . 5.12 54.34 -1.95
C38 17F TA . 4.02 53.95 -0.96
C39 17F TA . 2.63 54.09 -1.59
C40 17F TA . 2.51 53.20 -2.83
C41 17F TA . 1.11 53.32 -3.45
C42 17F TA . 0.03 52.88 -2.46
HN1 17F TA . 24.41 48.95 -10.40
HN1A 17F TA . 23.50 47.70 -10.92
HAC 17F TA . 22.93 49.23 -11.02
C1 17F UA . 24.92 6.38 -36.16
N1 17F UA . 23.87 8.59 -36.30
O1 17F UA . 23.87 5.49 -39.24
P1 17F UA . 24.20 4.68 -38.04
C2 17F UA . 24.42 7.59 -35.36
O2 17F UA . 25.57 4.39 -37.58
C3 17F UA . 25.58 8.20 -34.59
O3 17F UA . 23.86 5.82 -36.95
C4 17F UA . 23.34 2.85 -36.34
O4 17F UA . 25.41 9.34 -34.10
C5 17F UA . 22.22 1.82 -36.17
O5 17F UA . 26.62 7.53 -34.49
C6 17F UA . 22.50 0.89 -35.01
O6 17F UA . 23.07 3.69 -37.46
C7 17F UA . 21.72 -1.00 -33.95
O7 17F UA . 21.60 -0.24 -35.07
C8 17F UA . 20.87 -2.27 -33.84
O8 17F UA . 22.46 -0.65 -33.04
C9 17F UA . 20.63 -2.87 -35.23
O9 17F UA . 20.98 2.50 -36.00
C10 17F UA . 19.72 -4.10 -35.17
O10 17F UA . 20.16 0.55 -36.75
C11 17F UA . 19.46 -4.64 -36.59
C12 17F UA . 18.51 -5.84 -36.57
C17 17F UA . 19.94 1.69 -36.34
C18 17F UA . 18.51 2.23 -36.24
C19 17F UA . 18.24 3.27 -37.32
C20 17F UA . 18.42 2.65 -38.72
C1X 17F UA . 18.23 -6.32 -37.99
C1Y 17F UA . 18.17 3.67 -39.83
C1Z 17F UA . 18.32 3.03 -41.20
C2X 17F UA . 17.25 -7.50 -37.99
C21 17F UA . 16.05 -7.15 -37.39
C22 17F UA . 14.84 -7.49 -37.98
C23 17F UA . 14.79 -8.18 -39.18
C24 17F UA . 13.90 -9.42 -39.04
C25 17F UA . 13.69 -10.12 -40.39
C26 17F UA . 15.01 -10.58 -40.99
C27 17F UA . 14.75 -11.33 -42.30
C28 17F UA . 16.06 -11.82 -42.93
C29 17F UA . 16.97 -10.65 -43.31
C30 17F UA . 18.27 -11.14 -43.95
C31 17F UA . 17.34 1.86 -41.36
C32 17F UA . 17.47 1.19 -42.72
C33 17F UA . 16.59 0.12 -42.82
C34 17F UA . 16.46 -0.57 -44.03
C35 17F UA . 17.20 -0.19 -45.14
C36 17F UA . 16.29 0.00 -46.36
C37 17F UA . 15.52 -1.29 -46.66
C38 17F UA . 14.59 -1.12 -47.86
C39 17F UA . 13.78 -2.39 -48.11
C40 17F UA . 14.70 -3.58 -48.41
C41 17F UA . 13.90 -4.86 -48.64
C42 17F UA . 12.98 -4.72 -49.86
HN1 17F UA . 23.57 9.39 -35.78
HN1A 17F UA . 24.58 8.85 -36.96
HAC 17F UA . 23.10 8.19 -36.79
C1 17F VA . 39.03 17.76 6.02
N1 17F VA . 39.78 17.09 8.27
O1 17F VA . 38.65 15.29 3.33
P1 17F VA . 37.90 16.10 4.32
C2 17F VA . 40.15 17.86 7.07
O2 17F VA . 37.30 17.36 3.86
C3 17F VA . 40.36 19.33 7.43
O3 17F VA . 38.87 16.41 5.57
C4 17F VA . 35.87 15.66 5.94
O4 17F VA . 40.06 19.68 8.60
C5 17F VA . 34.69 14.71 6.15
O5 17F VA . 40.83 20.07 6.56
C6 17F VA . 35.18 13.31 6.51
O6 17F VA . 36.76 15.16 4.94
C7 17F VA . 34.42 11.15 6.85
O7 17F VA . 34.04 12.44 6.62
C8 17F VA . 33.34 10.09 7.00
O8 17F VA . 35.61 10.87 6.90
C9 17F VA . 33.93 8.68 7.05
O9 17F VA . 33.83 15.21 7.18
C10 17F VA . 32.81 7.64 7.12
O10 17F VA . 32.36 13.80 6.24
C11 17F VA . 31.91 7.73 5.89
C12 17F VA . 30.76 6.72 5.96
C17 17F VA . 32.61 14.61 7.13
C18 17F VA . 31.54 14.98 8.16
C19 17F VA . 30.54 15.98 7.59
C20 17F VA . 31.21 17.32 7.29
C1X 17F VA . 29.88 6.83 4.71
C1Y 17F VA . 30.20 18.30 6.68
C1Z 17F VA . 28.94 18.39 7.54
C2X 17F VA . 28.73 5.83 4.75
C21 17F VA . 27.96 5.92 3.59
C22 17F VA . 26.74 5.27 3.49
C23 17F VA . 26.23 4.52 4.54
C24 17F VA . 24.97 3.78 4.12
C25 17F VA . 24.39 2.95 5.27
C26 17F VA . 23.13 2.21 4.82
C27 17F VA . 22.55 1.38 5.97
C28 17F VA . 21.29 0.63 5.52
C29 17F VA . 20.20 1.60 5.05
C30 17F VA . 18.96 0.86 4.61
C31 17F VA . 29.28 18.84 8.97
C32 17F VA . 28.00 18.95 9.81
C33 17F VA . 28.29 19.33 11.12
C34 17F VA . 27.35 19.20 12.12
C35 17F VA . 26.08 18.70 11.85
C36 17F VA . 25.34 18.36 13.14
C37 17F VA . 23.92 17.88 12.87
C38 17F VA . 23.19 17.52 14.16
C39 17F VA . 21.76 17.06 13.91
C40 17F VA . 21.05 16.68 15.21
C41 17F VA . 19.60 16.23 14.94
C42 17F VA . 18.79 17.36 14.29
HN1 17F VA . 40.53 17.12 8.92
HN1A 17F VA . 38.95 17.48 8.66
HAC 17F VA . 39.60 16.13 8.00
C1 17F WA . 34.68 24.62 0.47
N1 17F WA . 35.69 25.23 -1.69
O1 17F WA . 30.88 24.51 -0.14
P1 17F WA . 32.06 24.69 0.74
C2 17F WA . 35.81 24.33 -0.53
O2 17F WA . 32.19 25.96 1.48
C3 17F WA . 35.73 22.88 -0.99
O3 17F WA . 33.39 24.43 -0.12
C4 17F WA . 31.90 22.13 1.33
O4 17F WA . 35.01 22.62 -1.99
C5 17F WA . 30.42 21.79 1.14
O5 17F WA . 36.38 22.03 -0.35
C6 17F WA . 30.33 20.39 0.56
O6 17F WA . 32.09 23.47 1.79
C7 17F WA . 28.50 19.57 1.66
O7 17F WA . 28.97 19.98 0.45
C8 17F WA . 27.05 19.10 1.79
O8 17F WA . 29.26 19.56 2.64
C9 17F WA . 26.28 19.99 2.77
O9 17F WA . 29.73 21.82 2.41
C10 17F WA . 24.80 19.59 2.83
O10 17F WA . 29.81 24.05 2.10
C11 17F WA . 24.16 19.69 1.44
C12 17F WA . 22.68 19.35 1.50
C17 17F WA . 29.47 23.10 2.80
C18 17F WA . 28.73 23.34 4.12
C19 17F WA . 27.78 22.17 4.41
C20 17F WA . 26.85 22.49 5.57
C1X 17F WA . 22.05 19.42 0.10
C1Y 17F WA . 25.89 21.32 5.84
C1Z 17F WA . 24.81 21.73 6.85
C2X 17F WA . 20.56 19.12 0.15
C21 17F WA . 19.88 20.05 0.93
C22 17F WA . 19.64 21.33 0.45
C23 17F WA . 20.07 21.69 -0.83
C24 17F WA . 19.94 23.20 -1.04
C25 17F WA . 20.44 23.59 -2.43
C26 17F WA . 20.31 25.10 -2.65
C27 17F WA . 20.79 25.48 -4.05
C28 17F WA . 20.67 27.00 -4.29
C29 17F WA . 19.22 27.47 -4.16
C30 17F WA . 19.11 28.97 -4.37
C31 17F WA . 23.99 22.91 6.30
C32 17F WA . 22.89 23.32 7.28
C33 17F WA . 22.20 24.42 6.79
C34 17F WA . 20.82 24.52 6.92
C35 17F WA . 20.10 23.52 7.55
C36 17F WA . 18.76 24.05 8.06
C37 17F WA . 17.93 22.97 8.74
C38 17F WA . 16.59 23.52 9.22
C39 17F WA . 15.75 22.43 9.90
C40 17F WA . 16.45 21.90 11.15
C41 17F WA . 15.61 20.84 11.85
C42 17F WA . 15.33 19.66 10.91
HN1 17F WA . 35.80 26.18 -1.38
HN1A 17F WA . 36.40 25.00 -2.35
HAC 17F WA . 34.79 25.12 -2.11
C1 17F XA . 26.83 41.18 4.38
N1 17F XA . 28.58 40.03 3.12
O1 17F XA . 27.10 42.26 7.03
P1 17F XA . 26.80 40.81 6.99
C2 17F XA . 27.19 40.50 3.06
O2 17F XA . 27.54 39.92 7.90
C3 17F XA . 27.03 41.50 1.91
O3 17F XA . 26.95 40.28 5.49
C4 17F XA . 24.74 39.43 7.85
O4 17F XA . 27.02 41.03 0.75
C5 17F XA . 23.30 39.56 8.35
O5 17F XA . 26.93 42.71 2.21
C6 17F XA . 22.36 39.95 7.22
O6 17F XA . 25.23 40.65 7.28
C7 17F XA . 21.04 41.21 8.61
O7 17F XA . 21.05 40.18 7.74
C8 17F XA . 19.72 41.63 9.28
O8 17F XA . 22.08 41.80 8.87
C9 17F XA . 18.79 40.43 9.43
O9 17F XA . 22.91 38.32 8.95
C10 17F XA . 17.47 40.83 10.08
O10 17F XA . 23.26 37.55 6.87
C11 17F XA . 16.55 39.62 10.26
C12 17F XA . 15.24 40.02 10.94
C17 17F XA . 22.97 37.31 8.03
C18 17F XA . 22.69 35.88 8.49
C19 17F XA . 21.22 35.47 8.33
C20 17F XA . 20.82 35.38 6.85
C1X 17F XA . 14.31 38.82 11.09
C1Y 17F XA . 19.44 34.75 6.70
C1Z 17F XA . 19.41 33.37 7.36
C2X 17F XA . 13.00 39.22 11.78
C21 17F XA . 12.33 40.18 11.03
C22 17F XA . 11.16 39.83 10.35
C23 17F XA . 10.69 38.53 10.41
C24 17F XA . 9.17 38.50 10.41
C25 17F XA . 8.64 37.05 10.48
C26 17F XA . 7.11 37.03 10.51
C27 17F XA . 6.59 35.59 10.56
C28 17F XA . 5.06 35.58 10.63
C29 17F XA . 4.54 34.14 10.66
C30 17F XA . 3.01 34.12 10.72
C31 17F XA . 18.08 32.67 7.18
C32 17F XA . 18.07 31.33 7.93
C33 17F XA . 16.90 30.61 7.69
C34 17F XA . 16.18 30.06 8.74
C35 17F XA . 16.62 30.21 10.05
C36 17F XA . 16.33 28.96 10.88
C37 17F XA . 17.15 27.76 10.39
C38 17F XA . 18.65 28.03 10.56
C39 17F XA . 19.47 26.82 10.10
C40 17F XA . 20.97 27.07 10.28
C41 17F XA . 21.78 25.84 9.85
C42 17F XA . 23.28 26.09 10.03
HN1 17F XA . 28.49 39.42 3.91
HN1A 17F XA . 29.27 40.63 3.51
HAC 17F XA . 28.81 39.32 2.46
C1 PCW YA . 2.13 1.67 0.51
C2 PCW YA . 2.98 2.91 0.75
C3 PCW YA . 2.96 3.29 2.22
C4 PCW YA . 0.83 -1.13 2.58
C5 PCW YA . 0.14 -2.48 2.35
C6 PCW YA . -2.28 -2.09 2.65
C7 PCW YA . -1.11 -3.81 4.07
C8 PCW YA . -0.81 -2.43 4.67
C11 PCW YA . 3.75 4.84 3.73
C12 PCW YA . 4.58 6.04 4.17
C13 PCW YA . 5.87 6.15 3.37
C14 PCW YA . 6.70 7.36 3.81
C15 PCW YA . 7.99 7.49 3.00
C16 PCW YA . 8.79 8.71 3.45
C17 PCW YA . 10.09 8.84 2.65
C18 PCW YA . 10.89 10.06 3.11
C19 PCW YA . 12.08 10.17 2.40
C20 PCW YA . 13.18 9.39 2.72
C21 PCW YA . 13.08 8.48 3.78
C22 PCW YA . 14.46 8.19 4.38
C23 PCW YA . 14.35 7.19 5.54
C24 PCW YA . 15.72 6.90 6.14
C25 PCW YA . 16.35 8.18 6.71
C26 PCW YA . 17.72 7.87 7.32
C27 PCW YA . 18.35 9.13 7.92
C28 PCW YA . 19.73 8.84 8.51
C31 PCW YA . 4.40 2.55 -1.01
C32 PCW YA . 5.74 2.23 -1.68
C33 PCW YA . 5.55 1.90 -3.16
C34 PCW YA . 6.88 1.45 -3.79
C35 PCW YA . 7.93 2.55 -3.71
C36 PCW YA . 9.27 2.07 -4.31
C37 PCW YA . 10.32 3.17 -4.25
C38 PCW YA . 11.66 2.67 -4.81
C39 PCW YA . 12.60 3.70 -4.83
C40 PCW YA . 13.66 3.70 -3.92
C41 PCW YA . 13.79 2.68 -2.99
C42 PCW YA . 14.88 1.68 -3.42
C43 PCW YA . 15.10 0.61 -2.35
C44 PCW YA . 16.18 -0.39 -2.76
C45 PCW YA . 17.53 0.30 -2.96
C46 PCW YA . 17.49 1.30 -4.11
C47 PCW YA . 18.85 1.97 -4.30
C48 PCW YA . 18.80 3.01 -5.43
N PCW YA . -1.02 -2.60 3.22
O2 PCW YA . 4.33 2.66 0.34
O3 PCW YA . 3.81 4.44 2.43
O11 PCW YA . 3.02 4.25 4.52
O31 PCW YA . 3.38 2.71 -1.68
O1P PCW YA . 1.59 1.51 3.31
O2P PCW YA . -0.79 2.28 2.87
O3P PCW YA . 0.79 1.85 0.96
O4P PCW YA . -0.10 -0.08 2.33
P PCW YA . 0.37 1.46 2.47
C1 PCW ZA . 1.91 -5.03 2.30
C2 PCW ZA . 2.70 -5.88 3.29
C3 PCW ZA . 3.18 -4.99 4.44
C4 PCW ZA . -0.38 -8.22 3.36
C5 PCW ZA . -1.85 -8.44 3.01
C6 PCW ZA . -3.81 -9.56 4.02
C7 PCW ZA . -1.86 -8.93 5.47
C8 PCW ZA . -2.70 -7.68 5.25
C11 PCW ZA . 4.15 -4.97 6.50
C12 PCW ZA . 4.87 -5.58 7.70
C13 PCW ZA . 6.05 -6.44 7.28
C14 PCW ZA . 6.76 -7.04 8.49
C15 PCW ZA . 7.97 -7.88 8.06
C16 PCW ZA . 9.00 -7.02 7.34
C17 PCW ZA . 10.24 -7.83 6.98
C18 PCW ZA . 11.28 -6.96 6.26
C19 PCW ZA . 12.43 -7.67 5.97
C20 PCW ZA . 13.67 -7.19 6.35
C21 PCW ZA . 13.75 -5.97 7.04
C22 PCW ZA . 14.47 -4.92 6.19
C23 PCW ZA . 14.54 -3.58 6.92
C24 PCW ZA . 13.14 -3.03 7.19
C25 PCW ZA . 12.37 -2.82 5.89
C26 PCW ZA . 10.97 -2.26 6.17
C27 PCW ZA . 11.04 -0.90 6.86
C28 PCW ZA . 9.65 -0.33 7.11
C31 PCW ZA . 2.67 -7.92 4.31
C32 PCW ZA . 2.03 -9.15 4.97
C33 PCW ZA . 2.23 -9.11 6.49
C34 PCW ZA . 3.71 -9.17 6.86
C35 PCW ZA . 4.34 -10.49 6.40
C36 PCW ZA . 5.82 -10.55 6.79
C37 PCW ZA . 6.43 -11.90 6.39
C38 PCW ZA . 7.90 -11.98 6.81
C39 PCW ZA . 8.45 -13.22 6.48
C40 PCW ZA . 9.60 -13.30 5.71
C41 PCW ZA . 10.22 -12.15 5.25
C42 PCW ZA . 11.52 -12.47 4.52
C43 PCW ZA . 12.22 -11.20 4.02
C44 PCW ZA . 13.52 -11.55 3.29
C45 PCW ZA . 14.21 -10.28 2.79
C46 PCW ZA . 15.50 -10.62 2.03
C47 PCW ZA . 16.22 -9.35 1.55
C48 PCW ZA . 17.51 -9.70 0.80
N PCW ZA . -2.61 -8.74 4.23
O2 PCW ZA . 1.87 -6.93 3.83
O3 PCW ZA . 3.85 -5.76 5.43
O11 PCW ZA . 3.84 -3.79 6.47
O31 PCW ZA . 3.89 -7.85 4.18
O1P PCW ZA . -0.88 -5.71 2.17
O2P PCW ZA . -0.48 -6.94 -0.01
O3P PCW ZA . 1.41 -5.82 1.21
O4P PCW ZA . 0.35 -7.90 2.17
P PCW ZA . -0.01 -6.56 1.35
C1 PCW AB . -0.89 -1.88 12.96
C2 PCW AB . 0.14 -0.80 13.28
C3 PCW AB . 1.34 -0.98 12.36
C4 PCW AB . -2.88 0.51 15.77
C5 PCW AB . -2.51 1.88 16.34
C6 PCW AB . -2.98 0.74 18.50
C7 PCW AB . -0.76 1.87 18.15
C8 PCW AB . -1.78 2.95 18.50
C11 PCW AB . 3.41 -0.25 11.78
C12 PCW AB . 4.69 0.58 11.90
C13 PCW AB . 5.88 -0.34 12.15
C14 PCW AB . 7.19 0.46 12.31
C15 PCW AB . 7.52 1.26 11.06
C16 PCW AB . 8.83 2.01 11.22
C17 PCW AB . 9.16 2.83 9.96
C18 PCW AB . 10.50 3.55 10.11
C19 PCW AB . 10.78 4.32 8.99
C20 PCW AB . 11.83 3.96 8.14
C21 PCW AB . 12.58 2.82 8.41
C22 PCW AB . 13.03 2.15 7.11
C23 PCW AB . 13.84 0.90 7.38
C24 PCW AB . 14.30 0.22 6.08
C25 PCW AB . 15.21 1.13 5.26
C26 PCW AB . 14.49 2.41 4.83
C27 PCW AB . 15.41 3.28 3.96
C28 PCW AB . 14.68 4.55 3.51
C31 PCW AB . 0.23 1.46 13.74
C32 PCW AB . -0.25 2.92 13.63
C33 PCW AB . 0.59 3.73 12.63
C34 PCW AB . 1.95 4.12 13.22
C35 PCW AB . 2.83 2.90 13.51
C36 PCW AB . 4.17 3.34 14.09
C37 PCW AB . 5.07 2.14 14.41
C38 PCW AB . 6.40 2.58 15.01
C39 PCW AB . 7.21 1.50 15.30
C40 PCW AB . 8.59 1.65 15.39
C41 PCW AB . 9.17 2.91 15.19
C42 PCW AB . 10.60 2.77 14.65
C43 PCW AB . 11.48 2.00 15.63
C44 PCW AB . 12.91 1.87 15.10
C45 PCW AB . 13.53 3.25 14.88
C46 PCW AB . 14.97 3.13 14.36
C47 PCW AB . 15.58 4.51 14.13
C48 PCW AB . 17.02 4.39 13.62
N PCW AB . -2.17 1.74 17.77
O2 PCW AB . -0.44 0.49 13.06
O3 PCW AB . 2.40 -0.08 12.68
O11 PCW AB . 3.27 -1.06 10.86
O31 PCW AB . 1.17 1.16 14.47
O1P PCW AB . -3.20 -2.45 15.89
O2P PCW AB . -0.67 -2.64 15.68
O3P PCW AB . -2.05 -1.76 13.79
O4P PCW AB . -1.77 -0.38 15.87
P PCW AB . -1.93 -1.90 15.38
C1 PCW BB . 3.00 -5.17 14.52
C2 PCW BB . 4.50 -5.11 14.77
C3 PCW BB . 5.22 -5.96 13.74
C4 PCW BB . 3.43 -2.91 17.99
C5 PCW BB . 3.30 -2.15 16.68
C6 PCW BB . 2.32 -0.34 18.05
C7 PCW BB . 4.42 0.10 16.74
C8 PCW BB . 3.23 0.19 15.77
C11 PCW BB . 6.80 -6.94 15.08
C12 PCW BB . 8.21 -7.25 15.58
C13 PCW BB . 8.68 -6.20 16.59
C14 PCW BB . 10.11 -6.48 17.06
C15 PCW BB . 10.20 -7.86 17.73
C16 PCW BB . 11.63 -8.16 18.17
C17 PCW BB . 12.12 -7.12 19.18
C18 PCW BB . 13.56 -7.42 19.61
C19 PCW BB . 14.01 -6.49 20.54
C20 PCW BB . 14.81 -5.43 20.14
C21 PCW BB . 15.17 -5.28 18.80
C22 PCW BB . 16.47 -4.46 18.68
C23 PCW BB . 16.85 -4.28 17.21
C24 PCW BB . 18.15 -3.47 17.10
C25 PCW BB . 18.54 -3.27 15.63
C26 PCW BB . 17.44 -2.54 14.86
C27 PCW BB . 17.20 -1.15 15.45
C28 PCW BB . 16.10 -0.42 14.67
C31 PCW BB . 6.10 -3.56 15.41
C32 PCW BB . 6.78 -2.19 15.38
C33 PCW BB . 8.13 -2.24 16.08
C34 PCW BB . 9.06 -3.29 15.45
C35 PCW BB . 9.38 -2.92 14.00
C36 PCW BB . 10.11 -1.58 13.92
C37 PCW BB . 10.48 -1.23 12.47
C38 PCW BB . 11.23 0.10 12.38
C39 PCW BB . 11.54 0.40 11.07
C40 PCW BB . 12.74 1.04 10.76
C41 PCW BB . 13.64 1.38 11.77
C42 PCW BB . 14.63 2.43 11.27
C43 PCW BB . 15.44 1.91 10.07
C44 PCW BB . 16.41 2.95 9.54
C45 PCW BB . 17.19 2.42 8.35
C46 PCW BB . 18.13 3.48 7.78
C47 PCW BB . 19.16 3.92 8.83
C48 PCW BB . 20.10 4.99 8.27
N PCW BB . 3.20 -0.70 16.94
O2 PCW BB . 4.95 -3.75 14.68
O3 PCW BB . 6.62 -6.08 14.04
O11 PCW BB . 5.83 -7.50 15.59
O31 PCW BB . 6.53 -4.46 16.11
O1P PCW BB . 1.01 -4.63 17.69
O2P PCW BB . 2.55 -6.52 16.98
O3P PCW BB . 2.27 -4.49 15.54
O4P PCW BB . 3.52 -4.32 17.72
P PCW BB . 2.27 -5.08 17.05
PG GNP CB . -18.52 -28.54 9.27
O1G GNP CB . -17.80 -27.88 10.38
O2G GNP CB . -18.55 -27.63 7.93
O3G GNP CB . -17.83 -29.90 8.80
N3B GNP CB . -20.07 -28.91 9.61
PB GNP CB . -20.98 -27.60 9.91
O1B GNP CB . -20.12 -26.41 10.01
O2B GNP CB . -21.87 -27.93 11.05
O3A GNP CB . -21.87 -27.50 8.55
PA GNP CB . -22.63 -26.14 8.16
O1A GNP CB . -22.06 -25.04 8.97
O2A GNP CB . -22.59 -26.00 6.68
O5' GNP CB . -24.15 -26.42 8.62
C5' GNP CB . -24.61 -27.76 8.76
C4' GNP CB . -26.14 -27.82 8.88
O4' GNP CB . -26.54 -26.93 9.95
C3' GNP CB . -26.74 -27.23 7.61
O3' GNP CB . -28.08 -27.71 7.44
C2' GNP CB . -26.77 -25.75 7.97
O2' GNP CB . -27.72 -25.08 7.12
C1' GNP CB . -27.39 -25.94 9.35
N9 GNP CB . -27.39 -24.67 10.12
C8 GNP CB . -26.33 -23.91 10.38
N7 GNP CB . -26.71 -22.85 11.09
C5 GNP CB . -28.02 -22.93 11.28
C6 GNP CB . -28.93 -22.11 11.95
O6 GNP CB . -28.57 -21.07 12.49
N1 GNP CB . -30.28 -22.50 11.98
C2 GNP CB . -30.66 -23.69 11.35
N2 GNP CB . -31.94 -24.07 11.37
N3 GNP CB . -29.74 -24.45 10.72
C4 GNP CB . -28.46 -24.09 10.68
HNB3 GNP CB . -20.45 -29.44 8.85
HO3' GNP CB . -28.07 -28.71 7.32
HO2' GNP CB . -27.45 -25.19 6.17
HN1 GNP CB . -30.95 -21.94 12.44
HN21 GNP CB . -32.21 -24.92 10.92
HN22 GNP CB . -32.62 -23.51 11.84
MG MG DB . -18.41 -26.85 6.94
C1 PCW EB . -11.44 9.44 -13.25
C2 PCW EB . -10.65 9.08 -14.51
C3 PCW EB . -11.12 7.73 -15.03
C4 PCW EB . -14.55 11.82 -12.20
C5 PCW EB . -13.80 13.14 -12.25
C6 PCW EB . -13.56 15.17 -10.83
C7 PCW EB . -14.47 13.05 -9.83
C8 PCW EB . -12.95 12.92 -9.89
C11 PCW EB . -9.10 6.80 -15.54
C12 PCW EB . -8.02 6.22 -16.45
C13 PCW EB . -8.24 6.59 -17.91
C14 PCW EB . -7.19 5.92 -18.80
C15 PCW EB . -7.36 6.28 -20.27
C16 PCW EB . -7.13 7.77 -20.51
C17 PCW EB . -7.23 8.10 -22.00
C18 PCW EB . -6.94 9.58 -22.27
C19 PCW EB . -7.00 9.86 -23.63
C20 PCW EB . -5.94 9.48 -24.46
C21 PCW EB . -4.84 8.84 -23.93
C22 PCW EB . -4.10 8.04 -25.00
C23 PCW EB . -3.60 8.94 -26.12
C24 PCW EB . -2.87 8.13 -27.19
C25 PCW EB . -2.35 9.02 -28.32
C26 PCW EB . -1.36 10.05 -27.76
C27 PCW EB . -0.85 10.98 -28.88
C28 PCW EB . 0.09 12.05 -28.30
C31 PCW EB . -9.86 10.06 -16.44
C32 PCW EB . -9.92 11.03 -17.62
C33 PCW EB . -9.45 12.43 -17.22
C34 PCW EB . -7.97 12.41 -16.82
C35 PCW EB . -7.10 11.98 -18.01
C36 PCW EB . -5.61 12.06 -17.64
C37 PCW EB . -4.74 11.63 -18.83
C38 PCW EB . -3.25 11.73 -18.47
C39 PCW EB . -2.46 11.30 -19.53
C40 PCW EB . -1.80 12.22 -20.33
C41 PCW EB . -1.93 13.59 -20.07
C42 PCW EB . -0.84 14.37 -20.80
C43 PCW EB . -0.98 15.87 -20.56
C44 PCW EB . 0.09 16.66 -21.33
C45 PCW EB . -0.02 18.16 -21.07
C46 PCW EB . 1.05 18.94 -21.83
C47 PCW EB . 2.45 18.48 -21.41
C48 PCW EB . 3.53 19.30 -22.12
N PCW EB . -13.69 13.70 -10.89
O2 PCW EB . -10.86 10.09 -15.51
O3 PCW EB . -10.26 7.26 -16.08
O11 PCW EB . -8.95 6.83 -14.32
O31 PCW EB . -8.92 9.30 -16.30
O1P PCW EB . -12.34 11.91 -14.24
O2P PCW EB . -13.77 10.40 -15.70
O3P PCW EB . -12.83 9.57 -13.52
O4P PCW EB . -14.68 11.28 -13.53
P PCW EB . -13.36 10.84 -14.35
C1 PCW FB . 2.81 -20.36 -5.45
C2 PCW FB . 2.90 -19.74 -6.85
C3 PCW FB . 3.14 -20.82 -7.90
C4 PCW FB . -0.84 -22.53 -6.95
C5 PCW FB . -1.59 -22.47 -8.29
C6 PCW FB . -3.83 -23.09 -9.17
C7 PCW FB . -3.50 -22.87 -6.69
C8 PCW FB . -3.66 -21.46 -7.26
C11 PCW FB . 2.20 -19.76 -9.72
C12 PCW FB . 2.24 -19.06 -11.08
C13 PCW FB . 2.68 -17.60 -10.94
C14 PCW FB . 2.72 -16.90 -12.30
C15 PCW FB . 3.15 -15.44 -12.17
C16 PCW FB . 3.17 -14.75 -13.54
C17 PCW FB . 3.58 -13.28 -13.41
C18 PCW FB . 4.98 -13.15 -12.81
C19 PCW FB . 5.35 -11.82 -12.69
C20 PCW FB . 6.53 -11.37 -13.27
C21 PCW FB . 7.35 -12.26 -13.96
C22 PCW FB . 8.00 -11.57 -15.16
C23 PCW FB . 8.89 -12.55 -15.93
C24 PCW FB . 9.54 -11.88 -17.15
C25 PCW FB . 8.49 -11.41 -18.15
C26 PCW FB . 7.64 -12.58 -18.65
C27 PCW FB . 6.62 -12.10 -19.69
C28 PCW FB . 5.69 -11.04 -19.10
C31 PCW FB . 1.49 -18.03 -6.21
C32 PCW FB . 0.27 -17.13 -6.35
C33 PCW FB . 0.65 -15.65 -6.31
C34 PCW FB . 1.49 -15.25 -7.52
C35 PCW FB . 2.82 -16.00 -7.58
C36 PCW FB . 3.63 -15.55 -8.80
C37 PCW FB . 4.95 -16.32 -8.91
C38 PCW FB . 5.75 -15.86 -10.12
C39 PCW FB . 6.95 -16.55 -10.23
C40 PCW FB . 7.68 -16.50 -11.42
C41 PCW FB . 7.19 -15.78 -12.50
C42 PCW FB . 8.31 -15.02 -13.21
C43 PCW FB . 9.36 -15.98 -13.77
C44 PCW FB . 10.48 -15.22 -14.49
C45 PCW FB . 11.19 -14.25 -13.53
C46 PCW FB . 12.30 -13.48 -14.24
C47 PCW FB . 13.02 -12.53 -13.29
C48 PCW FB . 14.12 -11.76 -14.01
N PCW FB . -3.05 -22.54 -8.05
O2 PCW FB . 1.71 -19.00 -7.14
O3 PCW FB . 3.37 -20.21 -9.18
O11 PCW FB . 1.14 -19.96 -9.14
O31 PCW FB . 2.27 -17.90 -5.27
O1P PCW FB . 2.95 -22.95 -6.53
O2P PCW FB . 1.03 -23.61 -5.01
O3P PCW FB . 1.66 -21.20 -5.31
O4P PCW FB . 0.57 -22.47 -7.20
P PCW FB . 1.60 -22.66 -5.98
C1 PCW GB . -15.91 11.98 -24.22
C2 PCW GB . -14.43 12.12 -24.60
C3 PCW GB . -14.15 13.59 -24.90
C4 PCW GB . -18.60 8.77 -25.73
C5 PCW GB . -17.26 8.04 -25.87
C6 PCW GB . -17.09 9.40 -27.94
C7 PCW GB . -15.22 9.46 -26.25
C8 PCW GB . -15.06 8.19 -27.08
C11 PCW GB . -12.73 13.25 -26.66
C12 PCW GB . -11.39 13.30 -27.41
C13 PCW GB . -11.09 11.97 -28.10
C14 PCW GB . -9.77 12.07 -28.88
C15 PCW GB . -9.84 13.14 -29.95
C16 PCW GB . -10.97 12.86 -30.95
C17 PCW GB . -11.02 13.92 -32.04
C18 PCW GB . -12.12 13.61 -33.06
C19 PCW GB . -12.16 14.55 -34.08
C20 PCW GB . -11.08 14.68 -34.95
C21 PCW GB . -9.96 13.88 -34.81
C22 PCW GB . -9.30 13.58 -36.16
C23 PCW GB . -8.88 14.86 -36.86
C24 PCW GB . -8.17 14.57 -38.17
C25 PCW GB . -6.90 13.74 -37.95
C26 PCW GB . -5.91 14.48 -37.04
C27 PCW GB . -4.65 13.65 -36.81
C28 PCW GB . -3.66 14.41 -35.91
C31 PCW GB . -12.38 11.30 -23.98
C32 PCW GB . -11.31 10.82 -23.00
C33 PCW GB . -9.93 10.81 -23.65
C34 PCW GB . -9.52 12.21 -24.11
C35 PCW GB . -9.41 13.16 -22.92
C36 PCW GB . -8.99 14.57 -23.36
C37 PCW GB . -8.83 15.50 -22.15
C38 PCW GB . -8.41 16.91 -22.59
C39 PCW GB . -8.23 17.72 -21.48
C40 PCW GB . -8.41 19.10 -21.58
C41 PCW GB . -8.80 19.67 -22.79
C42 PCW GB . -8.14 21.04 -22.98
C43 PCW GB . -8.52 22.00 -21.84
C44 PCW GB . -7.88 23.38 -22.03
C45 PCW GB . -8.34 24.03 -23.32
C46 PCW GB . -7.69 25.41 -23.49
C47 PCW GB . -8.14 26.06 -24.81
C48 PCW GB . -7.51 27.45 -24.98
N PCW GB . -16.40 8.76 -26.81
O2 PCW GB . -13.60 11.67 -23.52
O3 PCW GB . -12.81 13.75 -25.40
O11 PCW GB . -13.71 12.75 -27.19
O31 PCW GB . -12.16 11.30 -25.18
O1P PCW GB . -17.78 8.89 -23.02
O2P PCW GB . -18.44 11.35 -22.99
O3P PCW GB . -16.25 10.61 -23.98
O4P PCW GB . -18.40 10.07 -25.17
P PCW GB . -17.78 10.22 -23.69
C1 PCW HB . -1.06 -3.72 -2.64
C2 PCW HB . 0.38 -3.28 -2.32
C3 PCW HB . 1.20 -4.51 -1.97
C4 PCW HB . -4.08 -3.33 -0.06
C5 PCW HB . -4.99 -2.10 -0.04
C6 PCW HB . -7.22 -3.12 0.26
C7 PCW HB . -6.84 -1.49 -1.62
C8 PCW HB . -6.28 -2.85 -2.06
C11 PCW HB . 2.63 -3.35 -0.59
C12 PCW HB . 4.00 -2.93 -0.05
C13 PCW HB . 4.13 -3.30 1.42
C14 PCW HB . 5.57 -3.13 1.91
C15 PCW HB . 6.06 -1.69 1.80
C16 PCW HB . 7.50 -1.58 2.28
C17 PCW HB . 8.02 -0.14 2.19
C18 PCW HB . 9.48 -0.07 2.65
C19 PCW HB . 9.97 1.23 2.58
C20 PCW HB . 11.35 1.47 2.52
C21 PCW HB . 12.24 0.40 2.55
C22 PCW HB . 13.46 0.69 1.68
C23 PCW HB . 14.49 -0.44 1.74
C24 PCW HB . 13.92 -1.75 1.20
C25 PCW HB . 12.76 -2.27 2.05
C26 PCW HB . 12.24 -3.60 1.51
C27 PCW HB . 11.09 -4.13 2.37
C28 PCW HB . 10.59 -5.47 1.83
C31 PCW HB . 0.28 -1.46 -3.69
C32 PCW HB . 0.68 -0.59 -4.89
C33 PCW HB . -0.47 -0.54 -5.91
C34 PCW HB . -0.83 -1.95 -6.40
C35 PCW HB . -2.01 -1.89 -7.38
C36 PCW HB . -2.42 -3.30 -7.80
C37 PCW HB . -3.63 -3.27 -8.73
C38 PCW HB . -3.34 -2.51 -10.03
C39 PCW HB . -4.46 -2.46 -10.84
C40 PCW HB . -4.46 -3.06 -12.09
C41 PCW HB . -3.33 -3.73 -12.54
C42 PCW HB . -3.13 -3.51 -14.04
C43 PCW HB . -1.90 -4.27 -14.56
C44 PCW HB . -1.71 -4.04 -16.07
C45 PCW HB . -0.49 -4.80 -16.58
C46 PCW HB . 0.78 -4.33 -15.90
C47 PCW HB . 2.01 -5.11 -16.38
C48 PCW HB . 3.27 -4.63 -15.69
N PCW HB . -6.28 -2.44 -0.64
O2 PCW HB . 0.94 -2.63 -3.47
O3 PCW HB . 2.55 -4.17 -1.66
O11 PCW HB . 1.59 -2.95 -0.05
O31 PCW HB . -0.59 -1.09 -2.91
O1P PCW HB . -3.62 -5.88 -0.57
O2P PCW HB . -3.51 -5.27 -3.12
O3P PCW HB . -1.64 -4.40 -1.53
O4P PCW HB . -3.86 -3.74 -1.40
P PCW HB . -3.08 -5.12 -1.71
C1 PCW IB . -0.07 -12.15 -13.80
C2 PCW IB . 0.23 -11.81 -15.27
C3 PCW IB . 1.40 -10.84 -15.32
C4 PCW IB . -2.93 -10.23 -13.99
C5 PCW IB . -3.57 -9.25 -13.00
C6 PCW IB . -4.37 -7.41 -14.46
C7 PCW IB . -2.85 -6.89 -12.52
C8 PCW IB . -1.99 -7.42 -13.67
C11 PCW IB . 2.66 -9.52 -16.71
C12 PCW IB . 3.07 -8.91 -18.05
C13 PCW IB . 4.44 -8.24 -17.97
C14 PCW IB . 4.85 -7.69 -19.33
C15 PCW IB . 6.21 -6.98 -19.26
C16 PCW IB . 6.62 -6.45 -20.64
C17 PCW IB . 7.94 -5.69 -20.57
C18 PCW IB . 9.08 -6.60 -20.07
C19 PCW IB . 10.28 -5.90 -20.04
C20 PCW IB . 11.26 -6.23 -19.12
C21 PCW IB . 11.06 -7.26 -18.20
C22 PCW IB . 10.15 -6.81 -17.06
C23 PCW IB . 10.01 -7.91 -16.00
C24 PCW IB . 9.09 -7.45 -14.87
C25 PCW IB . 9.00 -8.51 -13.77
C26 PCW IB . 10.37 -8.76 -13.12
C27 PCW IB . 10.27 -9.81 -12.02
C28 PCW IB . 11.64 -10.03 -11.36
C31 PCW IB . 0.49 -12.80 -17.33
C32 PCW IB . 0.75 -13.98 -18.27
C33 PCW IB . 0.28 -13.71 -19.71
C34 PCW IB . -1.24 -13.52 -19.79
C35 PCW IB . -1.69 -12.22 -19.15
C36 PCW IB . -1.08 -11.00 -19.86
C37 PCW IB . -1.50 -9.69 -19.19
C38 PCW IB . -0.85 -8.49 -19.89
C39 PCW IB . -1.22 -7.31 -19.27
C40 PCW IB . -1.15 -6.10 -19.95
C41 PCW IB . -0.70 -6.06 -21.26
C42 PCW IB . 0.80 -5.74 -21.31
C43 PCW IB . 1.31 -5.65 -22.75
C44 PCW IB . 2.81 -5.35 -22.78
C45 PCW IB . 3.12 -4.03 -22.06
C46 PCW IB . 4.62 -3.75 -22.06
C47 PCW IB . 4.92 -2.42 -21.36
C48 PCW IB . 6.42 -2.14 -21.35
N PCW IB . -3.37 -7.87 -13.48
O2 PCW IB . 0.52 -13.01 -15.99
O3 PCW IB . 1.64 -10.41 -16.67
O11 PCW IB . 3.24 -9.20 -15.67
O31 PCW IB . 0.27 -11.67 -17.78
O1P PCW IB . -2.31 -12.33 -15.78
O2P PCW IB . -3.44 -13.97 -14.21
O3P PCW IB . -1.15 -13.09 -13.71
O4P PCW IB . -3.14 -11.57 -13.52
P PCW IB . -2.57 -12.79 -14.40
C1 PCW JB . -0.20 11.77 -1.14
C2 PCW JB . 1.21 12.26 -1.51
C3 PCW JB . 1.18 13.77 -1.66
C4 PCW JB . -3.35 13.54 -0.97
C5 PCW JB . -4.12 14.86 -1.02
C6 PCW JB . -5.86 14.42 -2.73
C7 PCW JB . -4.39 16.44 -2.95
C8 PCW JB . -3.59 15.23 -3.45
C11 PCW JB . 2.82 13.88 -3.27
C12 PCW JB . 4.17 14.31 -3.85
C13 PCW JB . 4.13 14.31 -5.38
C14 PCW JB . 5.43 14.86 -5.96
C15 PCW JB . 6.64 14.00 -5.58
C16 PCW JB . 6.61 12.64 -6.26
C17 PCW JB . 5.40 11.81 -5.83
C18 PCW JB . 5.42 10.44 -6.51
C19 PCW JB . 4.34 9.66 -6.11
C20 PCW JB . 4.44 8.28 -6.14
C21 PCW JB . 5.60 7.66 -6.59
C22 PCW JB . 6.10 6.64 -5.55
C23 PCW JB . 7.38 5.95 -6.02
C24 PCW JB . 7.16 5.13 -7.30
C25 PCW JB . 6.76 6.01 -8.47
C26 PCW JB . 6.57 5.19 -9.74
C27 PCW JB . 6.20 6.08 -10.93
C28 PCW JB . 4.88 6.83 -10.65
C31 PCW JB . 2.21 10.56 -0.34
C32 PCW JB . 3.10 9.95 0.75
C33 PCW JB . 2.24 9.27 1.83
C34 PCW JB . 3.11 8.72 2.96
C35 PCW JB . 3.89 9.85 3.64
C36 PCW JB . 4.71 9.31 4.82
C37 PCW JB . 5.48 10.44 5.51
C38 PCW JB . 6.31 9.91 6.69
C39 PCW JB . 7.02 10.92 7.30
C40 PCW JB . 8.21 10.62 7.96
C41 PCW JB . 8.68 9.32 7.98
C42 PCW JB . 9.56 9.02 6.77
C43 PCW JB . 10.03 7.56 6.78
C44 PCW JB . 10.92 7.27 5.57
C45 PCW JB . 11.37 5.81 5.55
C46 PCW JB . 10.16 4.88 5.47
C47 PCW JB . 10.60 3.41 5.46
C48 PCW JB . 9.38 2.48 5.41
N PCW JB . -4.60 15.10 -2.38
O2 PCW JB . 2.12 11.91 -0.46
O3 PCW JB . 2.48 14.27 -2.01
O11 PCW JB . 2.04 13.19 -3.92
O31 PCW JB . 1.57 9.83 -1.11
O1P PCW JB . -2.60 10.84 -0.08
O2P PCW JB . -1.96 11.82 2.18
O3P PCW JB . -0.61 12.31 0.12
O4P PCW JB . -2.90 13.30 0.36
P PCW JB . -2.07 11.97 0.71
C1 PCW KB . -10.87 26.61 -4.90
C2 PCW KB . -10.81 27.58 -6.08
C3 PCW KB . -9.36 27.97 -6.35
C4 PCW KB . -13.35 27.35 -1.74
C5 PCW KB . -14.53 26.62 -1.09
C6 PCW KB . -14.02 27.15 1.29
C7 PCW KB . -14.61 24.79 0.63
C8 PCW KB . -13.15 25.04 0.29
C11 PCW KB . -8.08 29.12 -7.87
C12 PCW KB . -7.83 30.12 -8.99
C13 PCW KB . -7.43 31.48 -8.42
C14 PCW KB . -7.28 32.52 -9.54
C15 PCW KB . -6.88 33.89 -8.97
C16 PCW KB . -5.46 33.86 -8.40
C17 PCW KB . -5.14 35.15 -7.65
C18 PCW KB . -3.69 35.13 -7.13
C19 PCW KB . -3.47 36.12 -6.19
C20 PCW KB . -3.03 37.39 -6.54
C21 PCW KB . -2.79 37.73 -7.86
C22 PCW KB . -1.29 37.75 -8.17
C23 PCW KB . -1.01 38.41 -9.52
C24 PCW KB . -1.46 39.88 -9.51
C25 PCW KB . -1.15 40.56 -10.84
C26 PCW KB . -1.61 42.02 -10.83
C27 PCW KB . -0.94 42.81 -9.71
C28 PCW KB . -1.40 44.28 -9.72
C31 PCW KB . -12.70 26.96 -7.25
C32 PCW KB . -13.48 26.35 -8.43
C33 PCW KB . -13.41 27.25 -9.66
C34 PCW KB . -14.35 26.77 -10.77
C35 PCW KB . -13.94 25.42 -11.36
C36 PCW KB . -12.62 25.51 -12.14
C37 PCW KB . -12.37 24.20 -12.90
C38 PCW KB . -11.11 24.29 -13.77
C39 PCW KB . -11.00 23.20 -14.61
C40 PCW KB . -9.75 22.69 -14.95
C41 PCW KB . -8.60 23.29 -14.45
C42 PCW KB . -7.85 24.06 -15.54
C43 PCW KB . -7.35 23.12 -16.65
C44 PCW KB . -6.53 23.91 -17.67
C45 PCW KB . -6.03 23.01 -18.80
C46 PCW KB . -5.22 23.83 -19.82
C47 PCW KB . -4.66 22.94 -20.92
C48 PCW KB . -3.82 23.73 -21.92
N PCW KB . -14.13 26.12 0.24
O2 PCW KB . -11.34 26.96 -7.27
O3 PCW KB . -9.35 28.92 -7.42
O11 PCW KB . -7.14 28.48 -7.39
O31 PCW KB . -13.29 27.47 -6.31
O1P PCW KB . -13.90 24.95 -3.30
O2P PCW KB . -11.45 24.33 -3.16
O3P PCW KB . -12.21 26.27 -4.56
O4P PCW KB . -12.30 26.43 -2.05
P PCW KB . -12.49 25.37 -3.25
C1 PCW LB . -6.77 28.72 3.64
C2 PCW LB . -6.05 28.39 4.94
C3 PCW LB . -4.58 28.20 4.67
C4 PCW LB . -7.88 25.55 2.96
C5 PCW LB . -7.93 24.80 1.63
C6 PCW LB . -9.26 23.00 0.59
C7 PCW LB . -10.17 24.19 2.60
C8 PCW LB . -10.42 25.08 1.38
C11 PCW LB . -2.54 27.74 5.58
C12 PCW LB . -1.55 27.43 6.71
C13 PCW LB . -0.43 26.51 6.21
C14 PCW LB . 0.61 26.26 7.30
C15 PCW LB . 1.24 27.57 7.76
C16 PCW LB . 2.31 27.31 8.83
C17 PCW LB . 1.73 26.58 10.03
C18 PCW LB . 2.78 26.37 11.11
C19 PCW LB . 3.88 25.67 10.61
C20 PCW LB . 5.17 26.09 10.95
C21 PCW LB . 5.36 27.19 11.77
C22 PCW LB . 6.84 27.51 11.93
C23 PCW LB . 7.05 28.72 12.85
C24 PCW LB . 6.49 28.45 14.24
C25 PCW LB . 6.68 29.68 15.14
C26 PCW LB . 6.10 29.44 16.53
C27 PCW LB . 6.26 30.68 17.40
C28 PCW LB . 7.74 31.06 17.55
C31 PCW LB . -5.98 29.03 7.15
C32 PCW LB . -6.08 30.02 8.31
C33 PCW LB . -4.70 30.36 8.86
C34 PCW LB . -4.78 31.36 10.02
C35 PCW LB . -3.39 31.68 10.55
C36 PCW LB . -3.47 32.70 11.71
C37 PCW LB . -2.08 33.01 12.25
C38 PCW LB . -2.16 34.02 13.40
C39 PCW LB . -0.88 34.31 13.90
C40 PCW LB . -0.39 35.61 13.82
C41 PCW LB . -1.15 36.63 13.25
C42 PCW LB . -0.51 38.00 13.48
C43 PCW LB . 0.88 38.06 12.83
C44 PCW LB . 1.51 39.45 13.03
C45 PCW LB . 1.65 39.77 14.51
C46 PCW LB . 2.55 38.75 15.22
C47 PCW LB . 3.95 38.74 14.61
C48 PCW LB . 4.86 37.73 15.31
N PCW LB . -9.25 24.18 1.45
O2 PCW LB . -6.25 29.46 5.88
O3 PCW LB . -3.86 27.91 5.87
O11 PCW LB . -2.15 27.86 4.42
O31 PCW LB . -5.68 27.86 7.34
O1P PCW LB . -8.37 26.92 5.42
O2P PCW LB . -10.46 27.93 4.39
O3P PCW LB . -8.19 28.83 3.82
O4P PCW LB . -8.90 26.56 2.98
P PCW LB . -9.04 27.53 4.26
C1 PCW MB . -1.09 11.67 9.74
C2 PCW MB . -0.54 13.00 9.23
C3 PCW MB . -0.93 14.13 10.16
C4 PCW MB . 0.84 10.77 13.95
C5 PCW MB . 1.78 10.48 12.77
C6 PCW MB . 4.20 10.60 12.25
C7 PCW MB . 3.44 10.79 14.63
C8 PCW MB . 3.43 9.31 14.26
C11 PCW MB . 0.73 15.64 9.59
C12 PCW MB . 1.27 16.94 8.99
C13 PCW MB . 1.49 18.00 10.05
C14 PCW MB . 2.05 19.28 9.43
C15 PCW MB . 2.31 20.35 10.49
C16 PCW MB . 2.90 21.61 9.84
C17 PCW MB . 1.94 22.24 8.84
C18 PCW MB . 2.57 23.43 8.13
C19 PCW MB . 3.68 23.05 7.40
C20 PCW MB . 4.30 23.93 6.52
C21 PCW MB . 3.79 25.21 6.36
C22 PCW MB . 2.58 25.23 5.41
C23 PCW MB . 2.95 24.74 4.01
C24 PCW MB . 1.74 24.80 3.08
C25 PCW MB . 2.09 24.33 1.67
C26 PCW MB . 2.59 22.89 1.68
C27 PCW MB . 2.92 22.41 0.26
C28 PCW MB . 3.98 23.29 -0.38
C31 PCW MB . 1.22 11.99 8.16
C32 PCW MB . 2.70 11.70 7.88
C33 PCW MB . 3.19 12.41 6.62
C34 PCW MB . 3.02 13.92 6.74
C35 PCW MB . 3.61 14.63 5.51
C36 PCW MB . 2.93 14.16 4.23
C37 PCW MB . 3.57 14.81 2.99
C38 PCW MB . 2.89 14.32 1.71
C39 PCW MB . 3.51 14.86 0.59
C40 PCW MB . 3.25 16.17 0.19
C41 PCW MB . 2.36 16.96 0.92
C42 PCW MB . 3.12 17.91 1.85
C43 PCW MB . 4.04 18.84 1.06
C44 PCW MB . 4.82 19.77 1.98
C45 PCW MB . 5.72 20.70 1.18
C46 PCW MB . 6.51 21.63 2.12
C47 PCW MB . 7.47 22.52 1.31
C48 PCW MB . 8.28 23.43 2.24
N PCW MB . 3.16 10.35 13.26
O2 PCW MB . 0.88 12.91 9.09
O3 PCW MB . -0.61 15.40 9.57
O11 PCW MB . 1.49 14.83 10.12
O31 PCW MB . 0.33 11.42 7.52
O1P PCW MB . 0.17 13.15 12.50
O2P PCW MB . -2.24 12.38 12.37
O3P PCW MB . -0.46 11.29 10.98
O4P PCW MB . -0.50 10.92 13.45
P PCW MB . -0.80 12.04 12.34
C1 PCW NB . 2.44 -9.34 -9.94
C2 PCW NB . 3.22 -9.35 -8.62
C3 PCW NB . 4.45 -10.22 -8.81
C4 PCW NB . -1.45 -10.35 -10.44
C5 PCW NB . -1.76 -11.82 -10.75
C6 PCW NB . -4.22 -11.96 -10.51
C7 PCW NB . -2.76 -13.52 -9.19
C8 PCW NB . -2.78 -12.16 -8.47
C11 PCW NB . 4.65 -10.72 -6.57
C12 PCW NB . 5.36 -10.77 -5.21
C13 PCW NB . 6.87 -10.92 -5.41
C14 PCW NB . 7.62 -10.92 -4.08
C15 PCW NB . 7.17 -12.07 -3.17
C16 PCW NB . 8.12 -12.22 -1.99
C17 PCW NB . 7.64 -13.29 -1.01
C18 PCW NB . 8.71 -13.57 0.05
C19 PCW NB . 9.11 -12.41 0.70
C20 PCW NB . 10.34 -11.85 0.41
C21 PCW NB . 11.18 -12.46 -0.52
C22 PCW NB . 12.52 -11.72 -0.65
C23 PCW NB . 13.42 -12.41 -1.66
C24 PCW NB . 14.76 -11.69 -1.80
C25 PCW NB . 14.57 -10.26 -2.31
C26 PCW NB . 15.92 -9.55 -2.47
C27 PCW NB . 15.74 -8.13 -2.99
C28 PCW NB . 17.10 -7.43 -3.15
C31 PCW NB . 2.61 -7.27 -7.82
C32 PCW NB . 2.86 -5.81 -7.42
C33 PCW NB . 3.62 -5.73 -6.10
C34 PCW NB . 3.95 -4.28 -5.74
C35 PCW NB . 4.69 -4.19 -4.40
C36 PCW NB . 5.08 -2.74 -4.09
C37 PCW NB . 5.81 -2.65 -2.75
C38 PCW NB . 6.24 -1.21 -2.45
C39 PCW NB . 6.87 -1.13 -1.21
C40 PCW NB . 8.24 -1.35 -1.09
C41 PCW NB . 9.00 -1.67 -2.20
C42 PCW NB . 10.35 -2.25 -1.79
C43 PCW NB . 11.19 -2.64 -3.03
C44 PCW NB . 12.54 -3.21 -2.61
C45 PCW NB . 12.38 -4.47 -1.75
C46 PCW NB . 13.74 -5.02 -1.33
C47 PCW NB . 13.58 -6.29 -0.49
C48 PCW NB . 14.95 -6.85 -0.08
N PCW NB . -2.90 -12.25 -9.93
O2 PCW NB . 3.65 -8.01 -8.30
O3 PCW NB . 5.27 -10.15 -7.62
O11 PCW NB . 3.53 -11.23 -6.71
O31 PCW NB . 1.49 -7.78 -7.71
O1P PCW NB . -0.84 -7.52 -10.71
O2P PCW NB . 1.05 -8.11 -12.29
O3P PCW NB . 1.25 -8.57 -9.83
O4P PCW NB . -0.33 -9.93 -11.23
P PCW NB . 0.26 -8.44 -11.10
C1 PCW OB . -17.87 14.18 -19.50
C2 PCW OB . -18.09 15.64 -19.93
C3 PCW OB . -19.22 16.20 -19.09
C4 PCW OB . -14.27 13.63 -18.56
C5 PCW OB . -12.80 14.02 -18.70
C6 PCW OB . -13.49 15.95 -17.31
C7 PCW OB . -11.57 14.51 -16.57
C8 PCW OB . -11.05 15.48 -17.64
C11 PCW OB . -18.60 18.40 -18.94
C12 PCW OB . -18.71 19.90 -19.24
C13 PCW OB . -18.96 20.16 -20.73
C14 PCW OB . -19.22 21.64 -21.00
C15 PCW OB . -19.43 21.90 -22.48
C16 PCW OB . -18.17 21.60 -23.29
C17 PCW OB . -17.02 22.52 -22.86
C18 PCW OB . -15.75 22.27 -23.67
C19 PCW OB . -14.73 23.12 -23.27
C20 PCW OB . -13.41 22.88 -23.64
C21 PCW OB . -13.09 21.77 -24.41
C22 PCW OB . -11.58 21.73 -24.67
C23 PCW OB . -11.19 20.56 -25.58
C24 PCW OB . -11.91 20.63 -26.93
C25 PCW OB . -11.40 21.75 -27.84
C26 PCW OB . -11.59 23.14 -27.25
C27 PCW OB . -10.52 23.47 -26.22
C28 PCW OB . -10.76 24.86 -25.60
C31 PCW OB . -15.96 16.13 -20.66
C32 PCW OB . -14.59 16.80 -20.57
C33 PCW OB . -14.60 18.20 -21.20
C34 PCW OB . -14.69 18.13 -22.72
C35 PCW OB . -13.48 17.41 -23.30
C36 PCW OB . -13.48 17.46 -24.83
C37 PCW OB . -12.27 16.75 -25.41
C38 PCW OB . -12.22 16.88 -26.93
C39 PCW OB . -11.14 16.21 -27.48
C40 PCW OB . -9.84 16.60 -27.18
C41 PCW OB . -9.59 17.68 -26.34
C42 PCW OB . -8.21 18.27 -26.60
C43 PCW OB . -7.92 19.44 -25.66
C44 PCW OB . -6.53 20.03 -25.92
C45 PCW OB . -6.43 20.59 -27.34
C46 PCW OB . -5.04 21.21 -27.58
C47 PCW OB . -4.94 21.76 -29.01
C48 PCW OB . -3.57 22.39 -29.25
N PCW OB . -12.43 14.99 -17.65
O2 PCW OB . -16.89 16.39 -19.71
O3 PCW OB . -19.50 17.56 -19.49
O11 PCW OB . -17.72 17.97 -18.19
O31 PCW OB . -16.23 15.37 -21.60
O1P PCW OB . -16.70 11.92 -18.43
O2P PCW OB . -16.21 11.17 -20.80
O3P PCW OB . -16.87 13.54 -20.30
O4P PCW OB . -14.62 12.71 -19.60
P PCW OB . -16.14 12.21 -19.77
C1 PCW PB . -3.87 24.35 15.53
C2 PCW PB . -3.53 25.13 14.26
C3 PCW PB . -2.87 26.44 14.64
C4 PCW PB . -6.22 22.10 12.41
C5 PCW PB . -6.13 22.37 10.90
C6 PCW PB . -5.70 19.93 10.75
C7 PCW PB . -7.66 20.92 9.53
C8 PCW PB . -6.41 21.20 8.70
C11 PCW PB . -2.14 28.45 13.85
C12 PCW PB . -1.75 29.48 12.78
C13 PCW PB . -0.37 29.15 12.20
C14 PCW PB . 0.06 30.19 11.17
C15 PCW PB . 1.42 29.83 10.58
C16 PCW PB . 1.87 30.85 9.53
C17 PCW PB . 3.22 30.45 8.94
C18 PCW PB . 3.66 31.46 7.87
C19 PCW PB . 4.87 31.08 7.30
C20 PCW PB . 5.80 32.04 6.92
C21 PCW PB . 5.53 33.39 7.08
C22 PCW PB . 4.77 33.96 5.89
C23 PCW PB . 5.56 33.78 4.59
C24 PCW PB . 6.93 34.44 4.68
C25 PCW PB . 6.83 35.94 4.96
C26 PCW PB . 8.21 36.58 5.05
C27 PCW PB . 9.03 35.93 6.17
C28 PCW PB . 10.41 36.58 6.28
C31 PCW PB . -2.64 24.83 12.16
C32 PCW PB . -1.76 24.15 11.11
C33 PCW PB . -0.57 23.45 11.78
C34 PCW PB . 0.35 24.44 12.48
C35 PCW PB . 1.50 23.72 13.18
C36 PCW PB . 2.46 24.72 13.83
C37 PCW PB . 3.55 23.99 14.61
C38 PCW PB . 4.52 24.98 15.26
C39 PCW PB . 5.46 24.33 16.04
C40 PCW PB . 6.80 24.29 15.68
C41 PCW PB . 7.23 24.90 14.51
C42 PCW PB . 8.65 25.45 14.69
C43 PCW PB . 9.18 26.06 13.38
C44 PCW PB . 10.59 26.62 13.58
C45 PCW PB . 11.13 27.22 12.28
C46 PCW PB . 12.51 27.83 12.50
C47 PCW PB . 12.47 28.96 13.53
C48 PCW PB . 13.85 29.58 13.73
N PCW PB . -6.35 21.11 10.17
O2 PCW PB . -2.67 24.34 13.42
O3 PCW PB . -2.56 27.22 13.47
O11 PCW PB . -2.10 28.74 15.05
O31 PCW PB . -3.33 25.81 11.86
O1P PCW PB . -6.93 22.19 15.17
O2P PCW PB . -6.64 24.72 15.12
O3P PCW PB . -4.65 23.20 15.23
O4P PCW PB . -6.01 23.33 13.11
P PCW PB . -6.17 23.37 14.72
C1 PCW QB . -13.25 33.10 -5.84
C2 PCW QB . -11.78 32.82 -5.52
C3 PCW QB . -11.68 31.67 -4.54
C4 PCW QB . -12.80 33.72 -1.79
C5 PCW QB . -12.61 34.91 -2.73
C6 PCW QB . -13.09 36.22 -0.68
C7 PCW QB . -10.96 36.65 -1.95
C8 PCW QB . -12.10 37.37 -2.68
C11 PCW QB . -9.64 32.41 -3.73
C12 PCW QB . -8.16 32.27 -3.37
C13 PCW QB . -7.48 31.19 -4.20
C14 PCW QB . -6.06 30.93 -3.72
C15 PCW QB . -5.39 29.84 -4.55
C16 PCW QB . -4.04 29.40 -3.95
C17 PCW QB . -3.02 30.54 -3.92
C18 PCW QB . -2.65 30.99 -5.33
C19 PCW QB . -1.63 31.94 -5.27
C20 PCW QB . -1.26 32.65 -6.42
C21 PCW QB . -1.91 32.42 -7.62
C22 PCW QB . -1.51 33.49 -8.65
C23 PCW QB . -0.02 33.40 -8.97
C24 PCW QB . 0.42 34.54 -9.90
C25 PCW QB . -0.34 34.51 -11.23
C26 PCW QB . -1.83 34.79 -11.03
C27 PCW QB . -2.57 34.78 -12.36
C28 PCW QB . -2.04 35.86 -13.30
C31 PCW QB . -10.99 33.52 -7.56
C32 PCW QB . -10.31 33.35 -8.92
C33 PCW QB . -11.14 32.46 -9.82
C34 PCW QB . -10.35 32.04 -11.07
C35 PCW QB . -9.94 33.24 -11.92
C36 PCW QB . -9.10 32.77 -13.11
C37 PCW QB . -8.72 33.93 -14.04
C38 PCW QB . -7.84 33.43 -15.19
C39 PCW QB . -7.56 34.46 -16.09
C40 PCW QB . -6.26 34.89 -16.29
C41 PCW QB . -5.19 34.32 -15.61
C42 PCW QB . -4.60 33.14 -16.39
C43 PCW QB . -3.32 32.62 -15.73
C44 PCW QB . -2.77 31.42 -16.50
C45 PCW QB . -1.41 30.98 -15.94
C46 PCW QB . -0.34 32.03 -16.19
C47 PCW QB . -0.68 33.36 -15.51
C48 PCW QB . 0.38 34.42 -15.80
N PCW QB . -12.33 36.12 -1.94
O2 PCW QB . -11.10 32.45 -6.73
O3 PCW QB . -10.29 31.35 -4.28
O11 PCW QB . -10.25 33.46 -3.53
O31 PCW QB . -11.42 34.63 -7.19
O1P PCW QB . -15.52 32.99 -2.81
O2P PCW QB . -14.42 31.12 -4.13
O3P PCW QB . -13.97 33.52 -4.69
O4P PCW QB . -13.06 32.54 -2.56
P PCW QB . -14.34 32.47 -3.53
C1 PCW RB . -2.31 16.15 15.94
C2 PCW RB . -1.25 17.19 15.60
C3 PCW RB . -1.92 18.42 15.00
C4 PCW RB . -6.45 16.57 16.05
C5 PCW RB . -7.03 15.17 15.85
C6 PCW RB . -8.78 14.02 14.53
C7 PCW RB . -8.26 16.43 14.06
C8 PCW RB . -7.19 15.58 13.38
C11 PCW RB . -0.04 19.08 13.85
C12 PCW RB . 1.08 20.05 13.48
C13 PCW RB . 2.45 19.51 13.92
C14 PCW RB . 3.55 20.53 13.61
C15 PCW RB . 4.93 20.00 14.00
C16 PCW RB . 6.01 21.06 13.75
C17 PCW RB . 7.41 20.52 14.08
C18 PCW RB . 8.47 21.59 13.85
C19 PCW RB . 8.45 22.03 12.52
C20 PCW RB . 9.41 21.57 11.63
C21 PCW RB . 10.39 20.68 12.04
C22 PCW RB . 11.78 21.27 11.85
C23 PCW RB . 11.96 22.54 12.67
C24 PCW RB . 11.73 22.27 14.16
C25 PCW RB . 11.92 23.55 14.98
C26 PCW RB . 11.64 23.27 16.47
C27 PCW RB . 12.58 22.19 17.01
C28 PCW RB . 14.05 22.62 16.89
C31 PCW RB . 0.06 16.51 17.37
C32 PCW RB . 0.86 16.72 18.66
C33 PCW RB . 2.07 17.61 18.41
C34 PCW RB . 3.08 16.95 17.49
C35 PCW RB . 3.61 15.66 18.10
C36 PCW RB . 4.66 15.00 17.20
C37 PCW RB . 5.17 13.69 17.80
C38 PCW RB . 6.24 13.05 16.91
C39 PCW RB . 6.68 11.84 17.44
C40 PCW RB . 7.69 11.79 18.38
C41 PCW RB . 8.29 12.97 18.82
C42 PCW RB . 9.73 12.71 19.26
C43 PCW RB . 9.79 11.71 20.40
C44 PCW RB . 11.23 11.45 20.84
C45 PCW RB . 11.28 10.42 21.98
C46 PCW RB . 12.72 10.13 22.43
C47 PCW RB . 12.73 9.12 23.58
C48 PCW RB . 14.16 8.81 24.01
N PCW RB . -7.83 15.14 14.62
O2 PCW RB . -0.56 17.58 16.80
O3 PCW RB . -0.95 19.45 14.78
O11 PCW RB . -0.13 17.99 13.29
O31 PCW RB . -0.04 15.39 16.86
O1P PCW RB . -4.48 14.52 16.56
O2P PCW RB . -4.21 15.43 18.91
O3P PCW RB . -3.20 16.62 16.95
O4P PCW RB . -5.70 16.62 17.26
P PCW RB . -4.40 15.69 17.47
C1 PCW SB . -1.31 12.47 -6.21
C2 PCW SB . -0.79 12.66 -7.65
C3 PCW SB . 0.70 12.95 -7.61
C4 PCW SB . -2.27 9.70 -3.93
C5 PCW SB . -0.92 10.10 -4.54
C6 PCW SB . 1.47 10.12 -3.88
C7 PCW SB . -0.17 8.70 -2.59
C8 PCW SB . 0.20 7.94 -3.87
C11 PCW SB . 1.37 11.85 -9.51
C12 PCW SB . 1.81 11.75 -10.97
C13 PCW SB . 1.89 13.12 -11.63
C14 PCW SB . 2.28 12.99 -13.10
C15 PCW SB . 2.37 14.37 -13.77
C16 PCW SB . 2.71 14.23 -15.25
C17 PCW SB . 4.06 13.51 -15.44
C18 PCW SB . 4.39 13.36 -16.92
C19 PCW SB . 5.60 12.69 -17.09
C20 PCW SB . 6.80 13.41 -17.18
C21 PCW SB . 6.78 14.80 -17.11
C22 PCW SB . 6.74 15.42 -18.51
C23 PCW SB . 6.72 16.95 -18.43
C24 PCW SB . 7.96 17.48 -17.74
C25 PCW SB . 9.23 17.08 -18.50
C26 PCW SB . 10.48 17.62 -17.82
C27 PCW SB . 11.74 17.22 -18.58
C28 PCW SB . 13.00 17.77 -17.90
C31 PCW SB . -2.32 11.42 -8.81
C32 PCW SB . -2.83 10.22 -9.61
C33 PCW SB . -4.26 9.84 -9.21
C34 PCW SB . -4.78 8.70 -10.09
C35 PCW SB . -4.76 9.11 -11.56
C36 PCW SB . -5.22 7.97 -12.47
C37 PCW SB . -5.14 8.39 -13.93
C38 PCW SB . -5.58 7.26 -14.86
C39 PCW SB . -5.47 7.64 -16.19
C40 PCW SB . -4.24 7.58 -16.84
C41 PCW SB . -3.11 7.14 -16.16
C42 PCW SB . -2.07 8.25 -16.05
C43 PCW SB . -0.83 7.78 -15.30
C44 PCW SB . 0.22 8.89 -15.21
C45 PCW SB . 1.47 8.42 -14.48
C46 PCW SB . 2.52 9.54 -14.41
C47 PCW SB . 3.77 9.06 -13.67
C48 PCW SB . 4.81 10.17 -13.59
N PCW SB . 0.17 9.42 -3.83
O2 PCW SB . -1.03 11.45 -8.39
O3 PCW SB . 1.17 13.08 -8.96
O11 PCW SB . 1.24 10.85 -8.82
O31 PCW SB . -3.07 12.37 -8.57
O1P PCW SB . -2.72 12.54 -3.75
O2P PCW SB . -4.90 12.21 -5.01
O3P PCW SB . -2.70 12.17 -6.21
O4P PCW SB . -3.33 10.27 -4.68
P PCW SB . -3.48 11.87 -4.83
C1 PCW TB . -0.09 4.67 -12.90
C2 PCW TB . 1.36 4.68 -12.41
C3 PCW TB . 2.27 5.12 -13.54
C4 PCW TB . -1.76 1.48 -12.53
C5 PCW TB . -1.79 0.10 -11.85
C6 PCW TB . -1.02 -0.71 -14.06
C7 PCW TB . 0.37 -1.19 -12.02
C8 PCW TB . -0.78 -2.20 -12.05
C11 PCW TB . 3.96 3.75 -12.81
C12 PCW TB . 5.36 3.42 -12.30
C13 PCW TB . 6.35 3.27 -13.45
C14 PCW TB . 7.75 2.89 -12.92
C15 PCW TB . 8.75 2.72 -14.07
C16 PCW TB . 8.92 4.04 -14.85
C17 PCW TB . 9.94 3.85 -15.97
C18 PCW TB . 10.14 5.16 -16.75
C19 PCW TB . 11.06 4.98 -17.77
C20 PCW TB . 11.91 6.02 -18.15
C21 PCW TB . 11.83 7.25 -17.50
C22 PCW TB . 10.88 8.20 -18.21
C23 PCW TB . 11.34 8.48 -19.65
C24 PCW TB . 12.72 9.14 -19.66
C25 PCW TB . 12.69 10.48 -18.91
C26 PCW TB . 14.07 11.15 -18.93
C27 PCW TB . 14.05 12.46 -18.15
C28 PCW TB . 13.05 13.45 -18.76
C31 PCW TB . 1.10 4.98 -10.16
C32 PCW TB . 1.11 5.77 -8.84
C33 PCW TB . 2.07 5.15 -7.83
C34 PCW TB . 2.11 5.97 -6.55
C35 PCW TB . 3.09 5.36 -5.54
C36 PCW TB . 3.18 6.22 -4.27
C37 PCW TB . 4.19 5.63 -3.29
C38 PCW TB . 4.34 6.52 -2.06
C39 PCW TB . 5.26 5.98 -1.17
C40 PCW TB . 6.61 6.29 -1.28
C41 PCW TB . 7.05 7.14 -2.30
C42 PCW TB . 7.26 8.56 -1.76
C43 PCW TB . 7.76 9.49 -2.87
C44 PCW TB . 7.94 10.91 -2.34
C45 PCW TB . 8.45 11.86 -3.43
C46 PCW TB . 9.84 11.47 -3.93
C47 PCW TB . 9.84 10.08 -4.58
C48 PCW TB . 11.23 9.71 -5.07
N PCW TB . -0.94 -0.84 -12.60
O2 PCW TB . 1.49 5.58 -11.31
O3 PCW TB . 3.64 5.04 -13.10
O11 PCW TB . 3.13 2.86 -12.99
O31 PCW TB . 0.77 3.79 -10.17
O1P PCW TB . -3.37 4.71 -11.20
O2P PCW TB . -2.76 4.12 -13.60
O3P PCW TB . -0.99 4.36 -11.83
O4P PCW TB . -2.54 2.40 -11.77
P PCW TB . -2.51 3.96 -12.14
C1 PCW UB . -8.39 17.94 -3.09
C2 PCW UB . -7.65 18.60 -4.26
C3 PCW UB . -8.45 19.79 -4.73
C4 PCW UB . -11.48 17.57 -2.19
C5 PCW UB . -12.94 17.91 -2.50
C6 PCW UB . -15.17 17.64 -1.48
C7 PCW UB . -13.12 17.34 -0.06
C8 PCW UB . -13.36 18.84 -0.21
C11 PCW UB . -8.65 21.38 -6.36
C12 PCW UB . -8.27 22.14 -7.64
C13 PCW UB . -6.81 22.61 -7.59
C14 PCW UB . -6.44 23.34 -8.88
C15 PCW UB . -4.99 23.85 -8.84
C16 PCW UB . -4.63 24.59 -10.13
C17 PCW UB . -3.18 25.07 -10.08
C18 PCW UB . -2.80 25.78 -11.39
C19 PCW UB . -3.58 26.91 -11.60
C20 PCW UB . -4.56 26.91 -12.58
C21 PCW UB . -4.75 25.79 -13.37
C22 PCW UB . -6.11 25.82 -14.07
C23 PCW UB . -6.19 26.93 -15.14
C24 PCW UB . -5.99 28.32 -14.52
C25 PCW UB . -6.13 29.40 -15.59
C26 PCW UB . -5.14 29.20 -16.73
C27 PCW UB . -5.31 30.28 -17.80
C28 PCW UB . -4.32 30.08 -18.95
C31 PCW UB . -5.55 19.21 -4.92
C32 PCW UB . -4.09 19.65 -4.72
C33 PCW UB . -3.32 19.59 -6.04
C34 PCW UB . -1.87 20.02 -5.84
C35 PCW UB . -1.09 19.97 -7.15
C36 PCW UB . -1.70 20.90 -8.21
C37 PCW UB . -0.89 20.85 -9.50
C38 PCW UB . -1.50 21.75 -10.57
C39 PCW UB . -0.76 21.70 -11.75
C40 PCW UB . -1.22 22.33 -12.90
C41 PCW UB . -2.43 23.02 -12.88
C42 PCW UB . -2.68 23.70 -14.22
C43 PCW UB . -1.60 24.72 -14.55
C44 PCW UB . -1.90 25.42 -15.88
C45 PCW UB . -0.82 26.46 -16.23
C46 PCW UB . -1.13 27.16 -17.54
C47 PCW UB . -0.06 28.19 -17.89
C48 PCW UB . -0.37 28.90 -19.20
N PCW UB . -13.74 17.90 -1.28
O2 PCW UB . -6.34 19.00 -3.84
O3 PCW UB . -7.88 20.36 -5.92
O11 PCW UB . -9.65 21.71 -5.73
O31 PCW UB . -6.01 19.05 -6.05
O1P PCW UB . -9.18 17.00 -0.43
O2P PCW UB . -9.25 19.42 0.35
O3P PCW UB . -8.54 18.84 -2.00
O4P PCW UB . -10.94 18.57 -1.31
P PCW UB . -9.44 18.43 -0.73
C1 PCW VB . -7.87 -5.01 -29.89
C2 PCW VB . -6.41 -5.37 -29.62
C3 PCW VB . -5.57 -4.91 -30.79
C4 PCW VB . -11.11 -5.30 -26.49
C5 PCW VB . -11.31 -4.35 -25.31
C6 PCW VB . -10.78 -5.73 -23.32
C7 PCW VB . -12.98 -4.54 -23.45
C8 PCW VB . -13.09 -5.81 -24.30
C11 PCW VB . -3.51 -5.00 -31.75
C12 PCW VB . -2.00 -5.27 -31.84
C13 PCW VB . -1.65 -6.67 -31.37
C14 PCW VB . -0.15 -6.92 -31.53
C15 PCW VB . 0.25 -8.32 -31.05
C16 PCW VB . -0.08 -8.50 -29.56
C17 PCW VB . 0.46 -9.84 -29.05
C18 PCW VB . 1.97 -9.93 -29.24
C19 PCW VB . 2.47 -11.12 -28.73
C20 PCW VB . 3.15 -11.13 -27.52
C21 PCW VB . 3.33 -9.95 -26.82
C22 PCW VB . 4.49 -9.13 -27.40
C23 PCW VB . 4.69 -7.82 -26.64
C24 PCW VB . 5.86 -7.02 -27.22
C25 PCW VB . 6.06 -5.70 -26.46
C26 PCW VB . 7.24 -4.92 -27.03
C27 PCW VB . 8.54 -5.71 -26.93
C28 PCW VB . 9.71 -4.92 -27.51
C31 PCW VB . -4.89 -5.47 -27.91
C32 PCW VB . -4.26 -5.07 -26.58
C33 PCW VB . -3.77 -3.62 -26.56
C34 PCW VB . -2.64 -3.37 -27.56
C35 PCW VB . -3.17 -3.36 -28.99
C36 PCW VB . -4.19 -2.23 -29.19
C37 PCW VB . -4.67 -2.17 -30.64
C38 PCW VB . -5.68 -1.03 -30.83
C39 PCW VB . -6.12 -0.97 -32.14
C40 PCW VB . -5.61 -0.01 -33.01
C41 PCW VB . -4.65 0.90 -32.57
C42 PCW VB . -3.34 0.73 -33.34
C43 PCW VB . -2.29 1.72 -32.86
C44 PCW VB . -0.97 1.56 -33.63
C45 PCW VB . 0.09 2.54 -33.15
C46 PCW VB . -0.32 4.00 -33.40
C47 PCW VB . -1.59 4.37 -32.62
C48 PCW VB . -1.99 5.82 -32.88
N PCW VB . -11.81 -5.10 -24.14
O2 PCW VB . -5.98 -4.81 -28.37
O3 PCW VB . -4.19 -5.29 -30.61
O11 PCW VB . -4.12 -4.53 -32.71
O31 PCW VB . -4.43 -6.42 -28.56
O1P PCW VB . -10.56 -4.40 -30.14
O2P PCW VB . -11.02 -6.63 -29.01
O3P PCW VB . -8.74 -5.57 -28.90
O4P PCW VB . -10.65 -4.56 -27.62
P PCW VB . -10.33 -5.32 -29.00
C1 17F WB . -6.54 -14.14 -20.99
N1 17F WB . -7.24 -16.29 -21.93
O1 17F WB . -4.43 -14.11 -22.38
P1 17F WB . -5.38 -13.39 -23.24
C2 17F WB . -6.19 -15.62 -21.15
O2 17F WB . -6.03 -13.96 -24.44
C3 17F WB . -6.08 -16.27 -19.76
O3 17F WB . -6.66 -13.50 -22.27
C4 17F WB . -6.19 -11.04 -24.09
O4 17F WB . -5.21 -17.15 -19.61
C5 17F WB . -6.01 -9.54 -23.90
O5 17F WB . -6.88 -15.87 -18.89
C6 17F WB . -6.47 -9.16 -22.50
O6 17F WB . -5.39 -11.78 -23.18
C7 17F WB . -6.89 -7.44 -21.08
O7 17F WB . -6.38 -7.74 -22.30
C8 17F WB . -6.93 -5.98 -20.62
O8 17F WB . -7.32 -8.34 -20.37
C9 17F WB . -6.31 -5.06 -21.67
O9 17F WB . -4.62 -9.21 -24.07
C10 17F WB . -6.44 -3.59 -21.25
O10 17F WB . -5.13 -9.73 -26.19
C11 17F WB . -5.78 -3.34 -19.89
C12 17F WB . -5.93 -1.87 -19.47
C17 17F WB . -4.27 -9.39 -25.38
C18 17F WB . -2.83 -9.18 -25.82
C19 17F WB . -2.58 -7.71 -26.22
C20 17F WB . -1.14 -7.54 -26.72
C1X 17F WB . -5.28 -1.62 -18.11
C1Y 17F WB . -0.88 -6.09 -27.13
C1Z 17F WB . 0.54 -5.95 -27.69
C2X 17F WB . -5.44 -0.16 -17.68
C21 17F WB . -4.86 0.05 -16.44
C22 17F WB . -3.67 0.79 -16.35
C23 17F WB . -3.08 1.29 -17.50
C24 17F WB . -1.56 1.29 -17.38
C25 17F WB . -0.90 1.85 -18.64
C26 17F WB . 0.61 1.84 -18.52
C27 17F WB . 1.28 2.40 -19.79
C28 17F WB . 2.80 2.36 -19.66
C29 17F WB . 3.48 2.92 -20.92
C30 17F WB . 4.99 2.87 -20.79
C31 17F WB . 0.85 -4.50 -28.08
C32 17F WB . 2.26 -4.40 -28.68
C33 17F WB . 2.58 -3.08 -28.99
C34 17F WB . 2.12 -2.50 -30.15
C35 17F WB . 1.32 -3.21 -31.05
C36 17F WB . 0.40 -2.28 -31.83
C37 17F WB . -0.48 -3.07 -32.79
C38 17F WB . -1.43 -2.14 -33.56
C39 17F WB . -2.35 -2.95 -34.48
C40 17F WB . -1.53 -3.75 -35.49
C41 17F WB . -2.45 -4.56 -36.42
C42 17F WB . -1.64 -5.35 -37.44
HN1 17F WB . -7.15 -15.75 -22.77
HN1A 17F WB . -8.20 -16.06 -21.75
HAC 17F WB . -6.98 -17.17 -22.32
C1 17F XB . -7.02 21.64 5.36
N1 17F XB . -9.43 21.69 4.90
O1 17F XB . -6.87 22.27 1.61
P1 17F XB . -6.54 21.41 2.79
C2 17F XB . -8.31 20.81 5.25
O2 17F XB . -7.28 20.14 2.95
C3 17F XB . -8.58 20.12 6.59
O3 17F XB . -6.72 22.29 4.13
C4 17F XB . -4.44 19.97 3.42
O4 17F XB . -8.08 18.99 6.76
C5 17F XB . -2.93 19.86 3.20
O5 17F XB . -9.29 20.74 7.41
C6 17F XB . -2.65 19.74 1.71
O6 17F XB . -4.97 21.11 2.74
C7 17F XB . -0.97 19.77 0.15
O7 17F XB . -1.23 19.76 1.48
C8 17F XB . 0.48 19.80 -0.34
O8 17F XB . -1.91 19.76 -0.66
C9 17F XB . 0.57 20.32 -1.77
O9 17F XB . -2.29 21.05 3.69
C10 17F XB . 2.02 20.43 -2.23
O10 17F XB . -2.99 20.27 5.68
C11 17F XB . 2.71 19.07 -2.19
C12 17F XB . 4.17 19.21 -2.64
C17 17F XB . -2.41 21.14 5.04
C18 17F XB . -1.77 22.35 5.76
C19 17F XB . -0.42 22.69 5.14
C20 17F XB . 0.53 21.49 5.19
C1X 17F XB . 4.87 17.84 -2.63
C1Y 17F XB . 1.89 21.82 4.56
C1Z 17F XB . 2.83 20.61 4.62
C2X 17F XB . 6.35 17.99 -3.04
C21 17F XB . 7.00 16.77 -3.02
C22 17F XB . 8.03 16.51 -3.93
C23 17F XB . 8.38 17.49 -4.85
C24 17F XB . 9.10 16.86 -6.05
C25 17F XB . 9.49 17.92 -7.07
C26 17F XB . 8.25 18.66 -7.59
C27 17F XB . 8.63 19.73 -8.62
C28 17F XB . 7.39 20.45 -9.13
C29 17F XB . 7.76 21.52 -10.17
C30 17F XB . 6.51 22.22 -10.71
C31 17F XB . 3.04 20.18 6.08
C32 17F XB . 3.96 18.96 6.16
C33 17F XB . 4.13 18.57 7.48
C34 17F XB . 4.97 17.50 7.80
C35 17F XB . 5.66 16.82 6.80
C36 17F XB . 6.97 16.25 7.35
C37 17F XB . 7.72 15.46 6.28
C38 17F XB . 8.04 16.33 5.06
C39 17F XB . 8.80 15.53 4.00
C40 17F XB . 9.12 16.39 2.78
C41 17F XB . 7.84 16.92 2.13
C42 17F XB . 8.16 17.78 0.91
HN1 17F XB . -9.22 22.17 4.05
HN1A 17F XB . -10.25 21.14 4.80
HAC 17F XB . -9.57 22.36 5.64
C1 17F YB . -9.91 -0.47 -18.95
N1 17F YB . -10.55 -2.49 -17.72
O1 17F YB . -10.74 0.65 -21.41
P1 17F YB . -9.85 -0.52 -21.57
C2 17F YB . -9.67 -1.31 -17.69
O2 17F YB . -10.24 -1.57 -22.55
C3 17F YB . -9.96 -0.47 -16.45
O3 17F YB . -9.61 -1.20 -20.14
C4 17F YB . -7.83 -0.31 -23.24
O4 17F YB . -11.06 0.14 -16.41
C5 17F YB . -6.54 0.48 -23.51
O5 17F YB . -9.09 -0.44 -15.55
C6 17F YB . -6.06 0.17 -24.91
O6 17F YB . -8.40 0.03 -21.97
C7 17F YB . -4.49 0.61 -26.49
O7 17F YB . -4.83 0.86 -25.20
C8 17F YB . -3.19 1.20 -27.06
O8 17F YB . -5.23 -0.07 -27.20
C9 17F YB . -3.37 1.56 -28.53
O9 17F YB . -6.81 1.88 -23.37
C10 17F YB . -2.07 2.09 -29.13
O10 17F YB . -4.60 2.01 -22.99
C11 17F YB . -0.98 1.02 -29.12
C12 17F YB . 0.32 1.54 -29.74
C17 17F YB . -5.68 2.58 -23.10
C18 17F YB . -5.79 4.10 -22.92
C19 17F YB . -4.43 4.75 -22.65
C20 17F YB . -3.76 4.15 -21.41
C1X 17F YB . 1.41 0.46 -29.71
C1Y 17F YB . -2.48 4.92 -21.03
C1Z 17F YB . -1.48 4.98 -22.18
C2X 17F YB . 2.70 0.97 -30.35
C21 17F YB . 3.67 -0.03 -30.32
C22 17F YB . 4.86 0.12 -31.03
C23 17F YB . 5.09 1.25 -31.79
C24 17F YB . 6.04 0.95 -32.96
C25 17F YB . 6.35 2.21 -33.77
C26 17F YB . 7.01 3.28 -32.90
C27 17F YB . 7.36 4.52 -33.72
C28 17F YB . 8.00 5.59 -32.85
C29 17F YB . 8.34 6.84 -33.68
C30 17F YB . 9.01 7.91 -32.82
C31 17F YB . -2.05 5.79 -23.36
C32 17F YB . -1.04 5.89 -24.50
C33 17F YB . 0.08 6.61 -24.13
C34 17F YB . 1.08 6.87 -25.07
C35 17F YB . 0.94 6.39 -26.37
C36 17F YB . 0.93 7.53 -27.39
C37 17F YB . 2.28 8.26 -27.42
C38 17F YB . 2.27 9.36 -28.49
C39 17F YB . 3.63 10.05 -28.60
C40 17F YB . 4.02 10.74 -27.29
C41 17F YB . 5.37 11.45 -27.43
C42 17F YB . 5.76 12.14 -26.14
HN1 17F YB . -10.37 -3.02 -18.54
HN1A 17F YB . -10.37 -3.05 -16.91
HAC 17F YB . -11.51 -2.20 -17.71
C1 17F ZB . -17.88 23.53 -14.52
N1 17F ZB . -19.32 25.30 -13.60
O1 17F ZB . -14.95 25.86 -13.82
P1 17F ZB . -15.73 25.02 -14.75
C2 17F ZB . -18.84 24.68 -14.85
O2 17F ZB . -16.53 25.68 -15.81
C3 17F ZB . -20.03 24.16 -15.66
O3 17F ZB . -16.68 24.03 -13.91
C4 17F ZB . -15.10 23.36 -16.68
O4 17F ZB . -21.17 24.38 -15.22
C5 17F ZB . -13.93 22.63 -17.35
O5 17F ZB . -19.76 23.54 -16.71
C6 17F ZB . -13.40 21.52 -16.45
O6 17F ZB . -14.70 24.00 -15.47
C7 17F ZB . -11.82 19.84 -16.45
O7 17F ZB . -12.31 20.91 -17.14
C8 17F ZB . -10.65 19.05 -17.02
O8 17F ZB . -12.34 19.52 -15.38
C9 17F ZB . -9.75 19.98 -17.85
O9 17F ZB . -14.42 22.04 -18.56
C10 17F ZB . -8.64 19.21 -18.56
O10 17F ZB . -14.76 22.61 -20.69
C11 17F ZB . -7.71 18.50 -17.59
C12 17F ZB . -6.56 17.82 -18.34
C17 17F ZB . -14.30 22.93 -19.59
C18 17F ZB . -13.66 24.30 -19.38
C19 17F ZB . -13.43 24.99 -20.72
C20 17F ZB . -12.73 26.34 -20.55
C1X 17F ZB . -5.62 17.10 -17.40
C1Y 17F ZB . -12.54 27.02 -21.92
C1Z 17F ZB . -11.77 28.34 -21.78
C2X 17F ZB . -4.43 16.49 -18.16
C21 17F ZB . -4.86 15.60 -19.14
C22 17F ZB . -4.75 15.92 -20.49
C23 17F ZB . -4.20 17.14 -20.88
C24 17F ZB . -5.27 18.24 -20.87
C25 17F ZB . -4.69 19.58 -21.32
C26 17F ZB . -4.19 19.52 -22.76
C27 17F ZB . -3.63 20.87 -23.20
C28 17F ZB . -3.17 20.84 -24.66
C29 17F ZB . -2.05 19.83 -24.86
C30 17F ZB . -1.59 19.79 -26.32
C31 17F ZB . -10.36 28.11 -21.23
C32 17F ZB . -9.58 29.42 -21.17
C33 17F ZB . -8.29 29.21 -20.70
C34 17F ZB . -7.30 30.17 -20.94
C35 17F ZB . -7.61 31.32 -21.65
C36 17F ZB . -6.86 32.53 -21.10
C37 17F ZB . -5.34 32.32 -21.20
C38 17F ZB . -4.59 33.53 -20.66
C39 17F ZB . -3.07 33.35 -20.80
C40 17F ZB . -2.32 34.54 -20.22
C41 17F ZB . -0.80 34.36 -20.37
C42 17F ZB . -0.33 33.11 -19.63
HN1 17F ZB . -19.91 25.99 -14.00
HN1A 17F ZB . -18.73 25.93 -13.11
HAC 17F ZB . -20.04 24.78 -13.13
C1 17F AC . -16.13 31.25 -0.63
N1 17F AC . -15.29 29.43 -2.05
O1 17F AC . -14.73 31.30 1.81
P1 17F AC . -14.00 31.99 0.72
C2 17F AC . -15.82 29.75 -0.71
O2 17F AC . -13.48 33.35 0.99
C3 17F AC . -17.08 28.95 -0.43
O3 17F AC . -14.93 32.02 -0.59
C4 17F AC . -11.45 31.57 0.28
O4 17F AC . -17.19 27.83 -0.99
C5 17F AC . -10.41 30.49 -0.01
O5 17F AC . -17.93 29.46 0.33
C6 17F AC . -10.60 29.95 -1.42
O6 17F AC . -12.79 31.04 0.29
C7 17F AC . -8.87 28.48 -1.03
O7 17F AC . -9.32 29.44 -1.87
C8 17F AC . -7.47 27.90 -1.28
O8 17F AC . -9.57 28.07 -0.11
C9 17F AC . -7.02 27.00 -0.11
O9 17F AC . -9.11 31.10 0.04
C10 17F AC . -5.52 26.74 -0.19
O10 17F AC . -9.60 31.22 2.22
C11 17F AC . -4.74 28.04 0.03
C12 17F AC . -3.23 27.82 -0.05
C17 17F AC . -8.78 31.41 1.32
C18 17F AC . -7.41 32.01 1.62
C19 17F AC . -7.49 33.54 1.79
C20 17F AC . -6.09 34.10 2.05
C1X 17F AC . -2.49 29.12 0.29
C1Y 17F AC . -6.12 35.61 2.28
C1Z 17F AC . -4.71 36.15 2.51
C2X 17F AC . -0.98 28.93 0.22
C21 17F AC . -0.57 28.64 -1.08
C22 17F AC . 0.17 29.58 -1.80
C23 17F AC . 0.51 30.78 -1.19
C24 17F AC . 2.03 31.01 -1.21
C25 17F AC . 2.38 32.34 -0.54
C26 17F AC . 3.90 32.58 -0.55
C27 17F AC . 4.24 33.92 0.10
C28 17F AC . 5.75 34.15 0.09
C29 17F AC . 6.10 35.51 0.70
C30 17F AC . 7.61 35.76 0.69
C31 17F AC . -4.72 37.64 2.81
C32 17F AC . -3.30 38.15 3.05
C33 17F AC . -3.29 39.50 3.40
C34 17F AC . -2.43 39.94 4.40
C35 17F AC . -1.60 39.03 5.05
C36 17F AC . -0.15 39.52 5.07
C37 17F AC . -0.01 40.83 5.84
C38 17F AC . 1.45 41.30 5.89
C39 17F AC . 1.58 42.59 6.67
C40 17F AC . 1.11 42.40 8.12
C41 17F AC . 1.26 43.69 8.94
C42 17F AC . 0.43 44.82 8.34
HN1 17F AC . -16.08 29.72 -2.60
HN1A 17F AC . -15.28 28.48 -2.36
HAC 17F AC . -14.65 30.10 -2.42
C1 17F BC . -0.85 -11.03 1.40
N1 17F BC . -3.15 -11.65 0.76
O1 17F BC . -1.49 -10.15 -2.17
P1 17F BC . -0.60 -10.85 -1.21
C2 17F BC . -1.85 -12.18 1.18
O2 17F BC . -0.72 -12.32 -1.09
C3 17F BC . -2.02 -12.97 2.48
O3 17F BC . -0.80 -10.19 0.25
C4 17F BC . 1.73 -9.72 -0.68
O4 17F BC . -3.19 -13.26 2.81
C5 17F BC . 3.19 -9.69 -1.15
O5 17F BC . -0.98 -13.26 3.12
C6 17F BC . 3.29 -9.10 -2.54
O6 17F BC . 0.92 -10.49 -1.58
C7 17F BC . 5.30 -7.99 -2.61
O7 17F BC . 4.65 -9.11 -3.01
C8 17F BC . 6.77 -7.79 -2.97
O8 17F BC . 4.70 -7.12 -1.97
C9 17F BC . 6.92 -7.14 -4.35
O9 17F BC . 3.99 -8.96 -0.22
C10 17F BC . 8.38 -6.89 -4.68
O10 17F BC . 5.54 -10.41 -0.93
C11 17F BC . 8.52 -6.27 -6.08
C12 17F BC . 9.99 -5.95 -6.39
C17 17F BC . 5.26 -9.45 -0.23
C18 17F BC . 6.33 -8.79 0.66
C19 17F BC . 7.72 -8.99 0.05
C20 17F BC . 8.79 -8.33 0.90
C1X 17F BC . 10.13 -5.38 -7.80
C1Y 17F BC . 10.18 -8.52 0.27
C1Z 17F BC . 10.22 -7.93 -1.14
C2X 17F BC . 11.58 -5.04 -8.12
C21 17F BC . 11.71 -4.60 -9.43
C22 17F BC . 12.35 -3.40 -9.72
C23 17F BC . 12.87 -2.61 -8.69
C24 17F BC . 11.78 -1.77 -8.03
C25 17F BC . 12.37 -0.85 -6.95
C26 17F BC . 13.36 0.15 -7.56
C27 17F BC . 13.94 1.06 -6.49
C28 17F BC . 14.91 2.08 -7.10
C29 17F BC . 14.20 2.96 -8.11
C30 17F BC . 15.16 4.00 -8.71
C31 17F BC . 11.59 -8.14 -1.78
C32 17F BC . 11.64 -7.54 -3.19
C33 17F BC . 12.87 -7.78 -3.79
C34 17F BC . 12.98 -8.72 -4.81
C35 17F BC . 11.85 -9.41 -5.23
C36 17F BC . 11.24 -8.76 -6.47
C37 17F BC . 9.99 -9.52 -6.94
C38 17F BC . 9.39 -8.87 -8.18
C39 17F BC . 8.13 -9.61 -8.63
C40 17F BC . 8.44 -11.06 -8.98
C41 17F BC . 7.16 -11.80 -9.41
C42 17F BC . 7.46 -13.25 -9.79
HN1 17F BC . -3.49 -11.02 1.47
HN1A 17F BC . -3.03 -11.14 -0.09
HAC 17F BC . -3.79 -12.39 0.63
C1 17F CC . -11.42 15.40 -7.22
N1 17F CC . -12.09 17.70 -7.85
O1 17F CC . -8.16 16.40 -6.17
P1 17F CC . -9.20 16.84 -7.13
C2 17F CC . -12.34 16.28 -8.08
O2 17F CC . -10.13 17.91 -6.72
C3 17F CC . -13.81 15.96 -7.74
O3 17F CC . -10.04 15.55 -7.59
C4 17F CC . -9.19 17.96 -9.52
O4 17F CC . -14.06 14.79 -7.37
C5 17F CC . -8.32 18.15 -10.77
O5 17F CC . -14.64 16.88 -7.86
C6 17F CC . -9.15 18.78 -11.87
O6 17F CC . -8.46 17.29 -8.49
C7 17F CC . -7.45 19.85 -13.00
O7 17F CC . -8.38 18.85 -13.07
C8 17F CC . -6.47 20.04 -14.15
O8 17F CC . -7.44 20.59 -12.02
C9 17F CC . -5.59 21.27 -13.90
O9 17F CC . -7.18 18.99 -10.47
C10 17F CC . -4.46 21.35 -14.93
O10 17F CC . -5.13 18.85 -9.62
C11 17F CC . -3.58 20.10 -14.84
C12 17F CC . -2.35 20.21 -15.75
C17 17F CC . -6.18 18.27 -9.92
C18 17F CC . -6.34 16.77 -9.69
C19 17F CC . -5.09 16.19 -9.01
C20 17F CC . -4.84 16.88 -7.66
C1X 17F CC . -1.51 18.94 -15.67
C1Y 17F CC . -3.56 16.35 -7.01
C1Z 17F CC . -2.34 16.62 -7.90
C2X 17F CC . -0.21 19.09 -16.46
C21 17F CC . -0.47 19.35 -17.80
C22 17F CC . 0.46 20.07 -18.56
C23 17F CC . 1.64 20.52 -17.99
C24 17F CC . 2.84 20.12 -18.82
C25 17F CC . 4.15 20.61 -18.18
C26 17F CC . 5.36 20.20 -19.03
C27 17F CC . 6.66 20.70 -18.41
C28 17F CC . 7.87 20.31 -19.27
C29 17F CC . 9.18 20.80 -18.66
C30 17F CC . 10.37 20.39 -19.53
C31 17F CC . -1.06 16.11 -7.24
C32 17F CC . 0.16 16.37 -8.13
C33 17F CC . 0.02 15.71 -9.35
C34 17F CC . 0.74 16.15 -10.45
C35 17F CC . 1.61 17.23 -10.34
C36 17F CC . 2.38 17.45 -11.64
C37 17F CC . 3.35 18.63 -11.51
C38 17F CC . 4.11 18.85 -12.82
C39 17F CC . 5.05 20.05 -12.71
C40 17F CC . 5.79 20.28 -14.03
C41 17F CC . 6.70 21.51 -13.94
C42 17F CC . 7.44 21.74 -15.26
HN1 17F CC . -11.14 17.73 -8.16
HN1A 17F CC . -11.91 18.02 -6.92
HAC 17F CC . -12.46 18.32 -8.55
C1 PCW DC . 29.50 4.80 -22.98
C2 PCW DC . 28.28 3.89 -22.80
C3 PCW DC . 28.78 2.51 -22.41
C4 PCW DC . 31.64 6.44 -19.32
C5 PCW DC . 31.43 7.71 -18.48
C6 PCW DC . 33.79 8.17 -19.06
C7 PCW DC . 32.01 9.84 -19.69
C8 PCW DC . 32.34 10.03 -18.21
C11 PCW DC . 27.18 1.91 -20.88
C12 PCW DC . 26.00 1.08 -20.35
C13 PCW DC . 26.48 0.13 -19.24
C14 PCW DC . 25.33 -0.72 -18.71
C15 PCW DC . 25.80 -1.66 -17.60
C16 PCW DC . 24.66 -2.53 -17.09
C17 PCW DC . 23.50 -1.68 -16.53
C18 PCW DC . 22.37 -2.55 -16.01
C19 PCW DC . 21.34 -1.78 -15.48
C20 PCW DC . 20.02 -2.04 -15.82
C21 PCW DC . 19.71 -3.09 -16.69
C22 PCW DC . 18.36 -2.85 -17.37
C23 PCW DC . 18.01 -4.00 -18.31
C24 PCW DC . 16.67 -3.77 -19.00
C25 PCW DC . 16.72 -2.49 -19.85
C26 PCW DC . 15.37 -2.25 -20.55
C27 PCW DC . 14.25 -2.07 -19.54
C28 PCW DC . 12.91 -1.84 -20.24
C31 PCW DC . 26.84 5.56 -22.18
C32 PCW DC . 25.90 6.32 -21.24
C33 PCW DC . 24.74 5.41 -20.78
C34 PCW DC . 23.84 5.04 -21.95
C35 PCW DC . 22.79 4.01 -21.52
C36 PCW DC . 21.82 3.69 -22.66
C37 PCW DC . 20.95 2.48 -22.31
C38 PCW DC . 19.96 2.17 -23.44
C39 PCW DC . 19.38 0.92 -23.25
C40 PCW DC . 18.10 0.78 -22.74
C41 PCW DC . 17.33 1.88 -22.40
C42 PCW DC . 15.97 1.42 -21.86
C43 PCW DC . 15.07 2.59 -21.49
C44 PCW DC . 13.73 2.09 -20.97
C45 PCW DC . 12.78 3.25 -20.63
C46 PCW DC . 11.45 2.73 -20.10
C47 PCW DC . 11.65 1.90 -18.81
C48 PCW DC . 10.32 1.40 -18.27
N PCW DC . 32.44 8.70 -18.84
O2 PCW DC . 27.45 4.43 -21.75
O3 PCW DC . 27.68 1.64 -22.12
O11 PCW DC . 27.69 2.79 -20.20
O31 PCW DC . 27.02 5.96 -23.34
O1P PCW DC . 32.76 4.66 -21.32
O2P PCW DC . 31.91 6.22 -23.13
O3P PCW DC . 30.31 4.82 -21.80
O4P PCW DC . 31.49 6.76 -20.69
P PCW DC . 31.72 5.60 -21.80
C1 PCW EC . 29.15 11.71 -13.02
C2 PCW EC . 27.88 11.53 -12.19
C3 PCW EC . 26.78 12.45 -12.67
C4 PCW EC . 30.13 8.39 -14.92
C5 PCW EC . 30.61 7.30 -13.96
C6 PCW EC . 32.63 5.91 -13.61
C7 PCW EC . 32.78 7.97 -15.04
C8 PCW EC . 32.82 8.41 -13.58
C11 PCW EC . 24.97 11.12 -12.17
C12 PCW EC . 23.75 10.68 -11.36
C13 PCW EC . 22.90 9.69 -12.15
C14 PCW EC . 21.81 9.06 -11.28
C15 PCW EC . 20.81 10.09 -10.76
C16 PCW EC . 19.76 9.42 -9.88
C17 PCW EC . 18.71 10.41 -9.39
C18 PCW EC . 17.67 9.70 -8.51
C19 PCW EC . 16.71 10.58 -8.03
C20 PCW EC . 15.65 10.09 -7.27
C21 PCW EC . 15.56 8.73 -7.00
C22 PCW EC . 14.64 8.45 -5.80
C23 PCW EC . 14.65 6.97 -5.45
C24 PCW EC . 13.74 6.68 -4.25
C25 PCW EC . 12.29 7.03 -4.58
C26 PCW EC . 11.36 6.70 -3.41
C27 PCW EC . 11.75 7.48 -2.15
C28 PCW EC . 10.82 7.13 -0.99
C31 PCW EC . 28.42 9.30 -11.84
C32 PCW EC . 28.13 7.81 -11.82
C33 PCW EC . 26.67 7.58 -11.44
C34 PCW EC . 26.34 6.09 -11.33
C35 PCW EC . 24.90 5.90 -10.84
C36 PCW EC . 24.70 6.58 -9.49
C37 PCW EC . 23.27 6.45 -8.98
C38 PCW EC . 23.11 7.20 -7.66
C39 PCW EC . 21.84 7.06 -7.13
C40 PCW EC . 21.65 7.02 -5.75
C41 PCW EC . 22.75 7.13 -4.90
C42 PCW EC . 22.63 8.36 -3.99
C43 PCW EC . 21.41 8.26 -3.08
C44 PCW EC . 21.33 9.47 -2.14
C45 PCW EC . 20.13 9.35 -1.20
C46 PCW EC . 20.08 10.53 -0.22
C47 PCW EC . 18.89 10.42 0.72
C48 PCW EC . 18.86 11.60 1.70
N PCW EC . 32.08 7.22 -13.99
O2 PCW EC . 27.44 10.16 -12.25
O3 PCW EC . 25.62 12.27 -11.83
O11 PCW EC . 25.35 10.47 -13.14
O31 PCW EC . 29.52 9.75 -11.51
O1P PCW EC . 31.48 11.76 -15.02
O2P PCW EC . 29.93 10.37 -16.61
O3P PCW EC . 28.97 11.22 -14.35
O4P PCW EC . 30.67 9.66 -14.52
P PCW EC . 30.25 11.00 -15.30
C1 PCW FC . 30.17 11.48 -3.00
C2 PCW FC . 28.67 11.78 -3.05
C3 PCW FC . 28.41 12.77 -4.17
C4 PCW FC . 31.46 10.52 0.90
C5 PCW FC . 31.59 11.58 1.99
C6 PCW FC . 29.61 10.40 2.91
C7 PCW FC . 31.65 10.72 4.36
C8 PCW FC . 30.86 12.03 4.36
C11 PCW FC . 26.74 13.71 -5.42
C12 PCW FC . 25.29 14.03 -5.79
C13 PCW FC . 24.61 12.81 -6.39
C14 PCW FC . 23.17 13.15 -6.82
C15 PCW FC . 22.50 11.94 -7.48
C16 PCW FC . 21.09 12.30 -7.97
C17 PCW FC . 21.16 13.44 -9.00
C18 PCW FC . 19.77 13.81 -9.51
C19 PCW FC . 19.84 14.85 -10.42
C20 PCW FC . 19.03 14.87 -11.55
C21 PCW FC . 18.13 13.85 -11.79
C22 PCW FC . 18.29 13.30 -13.21
C23 PCW FC . 17.30 12.17 -13.49
C24 PCW FC . 15.85 12.67 -13.38
C25 PCW FC . 15.59 13.80 -14.38
C26 PCW FC . 14.16 14.32 -14.27
C27 PCW FC . 13.88 15.41 -15.30
C28 PCW FC . 12.46 15.93 -15.18
C31 PCW FC . 27.75 9.82 -2.24
C32 PCW FC . 27.00 8.49 -2.34
C33 PCW FC . 25.55 8.72 -2.75
C34 PCW FC . 24.79 9.53 -1.71
C35 PCW FC . 24.73 8.79 -0.37
C36 PCW FC . 23.96 9.57 0.69
C37 PCW FC . 23.88 8.78 2.00
C38 PCW FC . 23.07 9.52 3.06
C39 PCW FC . 22.99 8.78 4.23
C40 PCW FC . 22.30 9.26 5.35
C41 PCW FC . 21.69 10.51 5.31
C42 PCW FC . 20.17 10.38 5.17
C43 PCW FC . 19.52 11.76 5.15
C44 PCW FC . 18.00 11.66 5.02
C45 PCW FC . 17.37 13.05 4.96
C46 PCW FC . 15.84 12.95 4.84
C47 PCW FC . 15.25 12.19 6.03
C48 PCW FC . 13.73 12.09 5.92
N PCW FC . 30.86 11.14 3.19
O2 PCW FC . 27.94 10.57 -3.36
O3 PCW FC . 27.00 12.95 -4.33
O11 PCW FC . 27.68 14.13 -6.11
O31 PCW FC . 28.19 10.23 -1.17
O1P PCW FC . 32.10 8.69 -1.34
O2P PCW FC . 32.88 10.72 -2.68
O3P PCW FC . 30.46 10.43 -2.06
O4P PCW FC . 32.13 10.98 -0.29
P PCW FC . 31.98 10.14 -1.65
C1 17F GC . 30.78 28.31 -13.42
N1 17F GC . 31.28 25.95 -13.00
O1 17F GC . 30.49 31.03 -12.28
P1 17F GC . 30.94 29.95 -11.37
C2 17F GC . 31.35 27.02 -14.01
O2 17F GC . 31.92 30.30 -10.31
C3 17F GC . 32.81 27.25 -14.43
O3 17F GC . 31.49 28.71 -12.24
C4 17F GC . 29.78 28.35 -9.64
O4 17F GC . 33.44 28.17 -13.87
C5 17F GC . 28.49 27.56 -9.46
O5 17F GC . 33.27 26.50 -15.31
C6 17F GC . 27.39 28.45 -8.88
O6 17F GC . 29.63 29.33 -10.67
C7 17F GC . 25.33 28.31 -7.86
O7 17F GC . 26.23 27.63 -8.62
C8 17F GC . 24.02 27.60 -7.46
O8 17F GC . 25.56 29.46 -7.50
C9 17F GC . 24.33 26.40 -6.57
O9 17F GC . 28.11 27.00 -10.73
C10 17F GC . 23.06 25.64 -6.19
O10 17F GC . 26.99 25.30 -11.62
C11 17F GC . 22.36 25.08 -7.44
C12 17F GC . 21.14 24.25 -7.07
C17 17F GC . 27.34 25.90 -10.61
C18 17F GC . 26.93 25.38 -9.23
C19 17F GC . 28.01 24.48 -8.62
C20 17F GC . 27.53 23.87 -7.30
C1X 17F GC . 20.46 23.71 -8.33
C1Y 17F GC . 28.63 22.99 -6.68
C1Z 17F GC . 28.15 22.33 -5.38
C2X 17F GC . 19.29 22.79 -7.96
C21 17F GC . 18.35 23.46 -7.19
C22 17F GC . 17.40 22.74 -6.47
C23 17F GC . 17.39 21.36 -6.52
C24 17F GC . 16.01 20.80 -6.17
C25 17F GC . 16.00 19.27 -6.24
C26 17F GC . 14.63 18.71 -5.86
C27 17F GC . 14.61 17.19 -5.96
C28 17F GC . 13.25 16.63 -5.56
C29 17F GC . 12.92 17.01 -4.11
C30 17F GC . 11.54 16.49 -3.70
C31 17F GC . 29.28 21.57 -4.70
C32 17F GC . 28.82 20.87 -3.43
C33 17F GC . 29.90 20.29 -2.78
C34 17F GC . 29.86 18.97 -2.31
C35 17F GC . 28.74 18.18 -2.47
C36 17F GC . 27.71 18.45 -1.37
C37 17F GC . 26.62 17.39 -1.37
C38 17F GC . 25.58 17.68 -0.28
C39 17F GC . 24.64 16.48 -0.10
C40 17F GC . 25.41 15.25 0.39
C41 17F GC . 24.48 14.07 0.64
C42 17F GC . 25.25 12.87 1.20
HN1 17F GC . 31.68 25.22 -13.54
HN1A 17F GC . 30.40 25.50 -12.84
HAC 17F GC . 31.99 26.00 -12.29
C1 17F HC . 30.61 17.52 -15.78
N1 17F HC . 30.18 18.90 -13.80
O1 17F HC . 28.19 16.26 -16.97
P1 17F HC . 28.16 17.71 -16.72
C2 17F HC . 30.18 17.51 -14.31
O2 17F HC . 27.43 18.58 -17.68
C3 17F HC . 31.14 16.66 -13.49
O3 17F HC . 29.67 18.26 -16.58
C4 17F HC . 26.77 19.13 -14.97
O4 17F HC . 30.70 16.14 -12.45
C5 17F HC . 26.10 19.03 -13.60
O5 17F HC . 32.31 16.53 -13.93
C6 17F HC . 25.16 20.20 -13.40
O6 17F HC . 27.55 17.96 -15.26
C7 17F HC . 23.48 21.02 -12.07
O7 17F HC . 24.41 20.03 -12.19
C8 17F HC . 22.55 21.00 -10.86
O8 17F HC . 23.39 21.89 -12.93
C9 17F HC . 22.17 19.56 -10.51
O9 17F HC . 25.36 17.80 -13.55
C10 17F HC . 21.21 19.47 -9.32
O10 17F HC . 25.48 18.16 -11.33
C11 17F HC . 20.88 18.01 -9.05
C12 17F HC . 19.95 17.84 -7.83
C17 17F HC . 25.10 17.45 -12.26
C18 17F HC . 24.35 16.14 -11.98
C19 17F HC . 24.66 15.60 -10.58
C20 17F HC . 23.89 16.35 -9.49
C1X 17F HC . 19.69 16.36 -7.56
C1Y 17F HC . 24.32 15.85 -8.11
C1Z 17F HC . 23.31 16.22 -7.02
C2X 17F HC . 18.80 16.18 -6.33
C21 17F HC . 18.57 14.82 -6.10
C22 17F HC . 17.65 14.40 -5.14
C23 17F HC . 16.95 15.33 -4.40
C24 17F HC . 16.62 14.78 -3.01
C25 17F HC . 15.81 15.78 -2.18
C26 17F HC . 15.49 15.20 -0.80
C27 17F HC . 14.67 16.18 0.04
C28 17F HC . 14.36 15.60 1.42
C29 17F HC . 13.63 14.26 1.31
C30 17F HC . 13.33 13.68 2.69
C31 17F HC . 23.11 17.72 -6.88
C32 17F HC . 22.09 18.00 -5.78
C33 17F HC . 21.83 19.37 -5.64
C34 17F HC . 21.41 19.87 -4.40
C35 17F HC . 21.26 19.01 -3.32
C36 17F HC . 19.85 18.40 -3.28
C37 17F HC . 18.78 19.48 -3.09
C38 17F HC . 17.38 18.85 -3.02
C39 17F HC . 16.32 19.92 -2.82
C40 17F HC . 14.92 19.30 -2.68
C41 17F HC . 13.86 20.38 -2.49
C42 17F HC . 12.47 19.75 -2.34
HN1 17F HC . 29.52 19.28 -14.44
HN1A 17F HC . 30.93 19.50 -14.04
HAC 17F HC . 29.63 19.04 -12.98
ZN ZN IC . -12.73 10.00 -0.23
ZN ZN JC . -13.37 -3.62 -3.09
N LEU A 1 19.35 -9.33 30.22
CA LEU A 1 19.51 -8.75 31.55
C LEU A 1 19.87 -7.27 31.44
N LYS A 2 20.63 -6.93 30.39
CA LYS A 2 21.05 -5.56 30.16
C LYS A 2 19.85 -4.64 29.97
N LEU A 3 18.87 -5.11 29.19
CA LEU A 3 17.65 -4.34 28.93
C LEU A 3 16.83 -4.13 30.20
N LEU A 4 17.03 -5.02 31.17
CA LEU A 4 16.30 -4.93 32.43
C LEU A 4 16.97 -3.91 33.35
N ASP A 5 18.29 -3.96 33.42
CA ASP A 5 19.04 -3.02 34.26
C ASP A 5 18.93 -1.60 33.71
N ASN A 6 19.05 -1.46 32.40
CA ASN A 6 18.96 -0.16 31.76
C ASN A 6 17.57 0.44 31.97
N TRP A 7 16.56 -0.41 31.95
CA TRP A 7 15.19 0.03 32.15
C TRP A 7 15.01 0.55 33.57
N ASP A 8 15.68 -0.09 34.54
CA ASP A 8 15.59 0.33 35.93
C ASP A 8 16.09 1.75 36.10
N SER A 9 17.20 2.08 35.43
CA SER A 9 17.77 3.42 35.51
C SER A 9 16.76 4.43 34.97
N VAL A 10 16.07 4.06 33.89
CA VAL A 10 15.07 4.91 33.29
C VAL A 10 13.89 5.08 34.24
N THR A 11 13.59 4.00 34.96
CA THR A 11 12.49 4.01 35.93
C THR A 11 12.76 5.07 36.99
N SER A 12 13.97 5.06 37.53
CA SER A 12 14.38 6.04 38.53
C SER A 12 14.36 7.45 37.92
N THR A 13 14.75 7.53 36.65
CA THR A 13 14.76 8.80 35.94
C THR A 13 13.33 9.35 35.85
N PHE A 14 12.39 8.46 35.53
CA PHE A 14 10.99 8.82 35.42
C PHE A 14 10.46 9.37 36.75
N SER A 15 10.86 8.73 37.84
CA SER A 15 10.45 9.15 39.16
C SER A 15 10.89 10.60 39.41
N LYS A 16 12.16 10.87 39.17
CA LYS A 16 12.72 12.20 39.36
C LYS A 16 11.98 13.22 38.50
N LEU A 17 11.74 12.86 37.25
CA LEU A 17 11.04 13.73 36.31
C LEU A 17 9.61 13.99 36.78
N ARG A 18 8.93 12.95 37.23
CA ARG A 18 7.55 13.08 37.69
C ARG A 18 7.48 13.89 38.98
N GLU A 19 8.50 13.76 39.82
CA GLU A 19 8.56 14.51 41.07
C GLU A 19 8.80 15.98 40.77
N GLN A 20 9.45 16.23 39.64
CA GLN A 20 9.74 17.59 39.21
C GLN A 20 8.55 18.18 38.47
N LEU A 21 7.88 17.33 37.68
CA LEU A 21 6.70 17.73 36.91
C LEU A 21 5.64 18.36 37.80
N GLY A 22 5.53 17.87 39.03
CA GLY A 22 4.57 18.41 39.98
C GLY A 22 4.78 19.91 40.17
N PRO A 23 5.89 20.31 40.84
CA PRO A 23 6.20 21.72 41.05
C PRO A 23 6.27 22.49 39.73
N VAL A 24 6.78 21.84 38.68
CA VAL A 24 6.88 22.48 37.37
C VAL A 24 5.51 22.95 36.88
N THR A 25 4.52 22.07 36.94
CA THR A 25 3.17 22.42 36.50
C THR A 25 2.57 23.49 37.42
N GLN A 26 2.91 23.42 38.69
CA GLN A 26 2.42 24.38 39.68
C GLN A 26 2.98 25.77 39.39
N GLU A 27 4.28 25.83 39.13
CA GLU A 27 4.95 27.09 38.83
C GLU A 27 4.56 27.60 37.44
N PHE A 28 4.46 26.68 36.48
CA PHE A 28 4.10 27.04 35.12
C PHE A 28 2.68 27.58 35.05
N TRP A 29 1.76 26.88 35.71
CA TRP A 29 0.36 27.27 35.72
C TRP A 29 0.19 28.62 36.40
N ASP A 30 1.00 28.87 37.44
CA ASP A 30 0.92 30.15 38.14
C ASP A 30 1.23 31.30 37.19
N ASN A 31 2.28 31.14 36.41
CA ASN A 31 2.65 32.17 35.43
C ASN A 31 1.61 32.22 34.33
N LEU A 32 1.03 31.07 34.00
CA LEU A 32 0.00 30.99 32.99
C LEU A 32 -1.23 31.75 33.47
N GLU A 33 -1.46 31.68 34.77
CA GLU A 33 -2.57 32.39 35.40
C GLU A 33 -2.36 33.88 35.26
N LYS A 34 -1.13 34.31 35.48
CA LYS A 34 -0.77 35.73 35.36
C LYS A 34 -1.00 36.16 33.91
N GLU A 35 -0.69 35.28 32.98
CA GLU A 35 -0.87 35.54 31.56
C GLU A 35 -2.35 35.64 31.22
N THR A 36 -3.12 34.63 31.61
CA THR A 36 -4.55 34.61 31.33
C THR A 36 -5.26 35.77 32.04
N GLU A 37 -4.88 36.01 33.29
CA GLU A 37 -5.46 37.11 34.06
C GLU A 37 -5.15 38.43 33.38
N GLY A 38 -3.91 38.58 32.94
CA GLY A 38 -3.50 39.78 32.24
C GLY A 38 -4.30 39.96 30.97
N LEU A 39 -4.41 38.89 30.20
CA LEU A 39 -5.18 38.90 28.96
C LEU A 39 -6.65 39.19 29.23
N ARG A 40 -7.12 38.81 30.42
CA ARG A 40 -8.50 39.05 30.82
C ARG A 40 -8.70 40.53 31.12
N GLN A 41 -7.69 41.14 31.73
CA GLN A 41 -7.74 42.56 32.04
C GLN A 41 -7.59 43.34 30.74
N GLU A 42 -6.87 42.75 29.79
CA GLU A 42 -6.67 43.34 28.48
C GLU A 42 -7.91 43.14 27.63
N MET A 43 -8.69 42.11 27.97
CA MET A 43 -9.92 41.79 27.25
C MET A 43 -10.89 42.95 27.32
N SER A 44 -10.96 43.59 28.48
CA SER A 44 -11.84 44.73 28.69
C SER A 44 -11.39 45.93 27.88
N LYS A 45 -10.26 45.77 27.18
CA LYS A 45 -9.73 46.82 26.35
C LYS A 45 -9.66 46.34 24.90
N ASP A 46 -8.86 45.32 24.66
CA ASP A 46 -8.68 44.77 23.31
C ASP A 46 -10.01 44.33 22.69
N LEU A 47 -10.88 43.74 23.49
CA LEU A 47 -12.17 43.28 23.00
C LEU A 47 -13.27 44.32 23.23
N GLU A 48 -13.38 44.83 24.45
CA GLU A 48 -14.42 45.80 24.77
C GLU A 48 -14.30 47.08 23.97
N GLU A 49 -13.07 47.58 23.77
CA GLU A 49 -12.87 48.81 23.01
C GLU A 49 -13.07 48.57 21.51
N VAL A 50 -12.78 47.36 21.04
CA VAL A 50 -12.97 47.06 19.63
C VAL A 50 -14.47 47.02 19.31
N LYS A 51 -15.28 46.72 20.33
CA LYS A 51 -16.73 46.69 20.18
C LYS A 51 -17.27 48.10 20.31
N ALA A 52 -16.65 48.87 21.19
CA ALA A 52 -17.06 50.26 21.40
C ALA A 52 -16.73 51.08 20.17
N LYS A 53 -15.60 50.77 19.55
CA LYS A 53 -15.17 51.47 18.36
C LYS A 53 -15.77 50.83 17.11
N VAL A 54 -16.31 49.63 17.25
CA VAL A 54 -16.91 48.94 16.10
C VAL A 54 -18.12 49.71 15.59
N GLN A 55 -18.73 50.49 16.47
CA GLN A 55 -19.88 51.30 16.10
C GLN A 55 -19.48 52.37 15.08
N PRO A 56 -18.61 53.35 15.46
CA PRO A 56 -18.19 54.40 14.53
C PRO A 56 -17.42 53.85 13.34
N TYR A 57 -16.71 52.74 13.55
CA TYR A 57 -15.94 52.11 12.47
C TYR A 57 -16.85 51.55 11.40
N LEU A 58 -17.71 50.62 11.79
CA LEU A 58 -18.64 50.00 10.87
C LEU A 58 -19.63 51.01 10.30
N ASP A 59 -20.04 51.98 11.12
CA ASP A 59 -20.96 53.01 10.67
C ASP A 59 -20.35 53.81 9.54
N ASP A 60 -19.08 54.18 9.71
CA ASP A 60 -18.37 54.96 8.70
C ASP A 60 -18.15 54.13 7.44
N PHE A 61 -17.68 52.90 7.62
CA PHE A 61 -17.44 52.00 6.51
C PHE A 61 -18.73 51.66 5.77
N GLN A 62 -19.75 51.29 6.52
CA GLN A 62 -21.03 50.94 5.93
C GLN A 62 -21.66 52.14 5.24
N LYS A 63 -21.48 53.32 5.83
CA LYS A 63 -22.00 54.54 5.25
C LYS A 63 -21.35 54.78 3.89
N LYS A 64 -20.02 54.72 3.87
CA LYS A 64 -19.28 54.91 2.64
C LYS A 64 -19.61 53.80 1.65
N TRP A 65 -19.83 52.60 2.16
CA TRP A 65 -20.19 51.46 1.33
C TRP A 65 -21.57 51.71 0.69
N GLN A 66 -22.46 52.28 1.48
CA GLN A 66 -23.80 52.61 0.99
C GLN A 66 -23.67 53.64 -0.12
N GLU A 67 -22.77 54.60 0.10
CA GLU A 67 -22.52 55.64 -0.89
C GLU A 67 -21.91 55.00 -2.13
N GLU A 68 -20.95 54.11 -1.92
CA GLU A 68 -20.29 53.39 -3.01
C GLU A 68 -21.33 52.61 -3.82
N MET A 69 -22.28 52.01 -3.11
CA MET A 69 -23.35 51.26 -3.72
C MET A 69 -24.22 52.15 -4.58
N GLU A 70 -24.69 53.25 -4.00
CA GLU A 70 -25.53 54.21 -4.70
C GLU A 70 -24.80 54.76 -5.92
N LEU A 71 -23.54 55.12 -5.74
CA LEU A 71 -22.72 55.65 -6.83
C LEU A 71 -22.63 54.63 -7.95
N TYR A 72 -22.39 53.38 -7.60
CA TYR A 72 -22.29 52.32 -8.59
C TYR A 72 -23.64 52.05 -9.24
N ARG A 73 -24.70 52.14 -8.45
CA ARG A 73 -26.06 51.94 -8.95
C ARG A 73 -26.45 53.05 -9.91
N GLN A 74 -26.05 54.28 -9.59
CA GLN A 74 -26.36 55.43 -10.43
C GLN A 74 -25.55 55.40 -11.73
N LYS A 75 -24.61 54.46 -11.80
CA LYS A 75 -23.78 54.30 -12.98
C LYS A 75 -24.16 53.01 -13.71
N VAL A 76 -24.38 51.94 -12.96
CA VAL A 76 -24.72 50.64 -13.54
C VAL A 76 -25.90 50.71 -14.52
N GLU A 77 -26.90 51.53 -14.20
CA GLU A 77 -28.06 51.68 -15.07
C GLU A 77 -27.71 52.34 -16.41
N PRO A 78 -27.22 53.60 -16.41
CA PRO A 78 -26.85 54.28 -17.66
C PRO A 78 -25.77 53.52 -18.42
N LEU A 79 -24.80 52.95 -17.70
CA LEU A 79 -23.73 52.20 -18.34
C LEU A 79 -24.28 50.94 -19.00
N ARG A 80 -25.30 50.35 -18.36
CA ARG A 80 -25.94 49.15 -18.89
C ARG A 80 -26.59 49.48 -20.22
N ALA A 81 -27.17 50.67 -20.30
CA ALA A 81 -27.83 51.13 -21.52
C ALA A 81 -26.77 51.37 -22.60
N GLU A 82 -25.72 52.09 -22.24
CA GLU A 82 -24.64 52.39 -23.17
C GLU A 82 -24.02 51.10 -23.71
N LEU A 83 -23.67 50.20 -22.81
CA LEU A 83 -23.07 48.92 -23.19
C LEU A 83 -24.04 48.08 -24.00
N GLN A 84 -25.32 48.17 -23.67
CA GLN A 84 -26.35 47.41 -24.39
C GLN A 84 -26.50 47.94 -25.81
N GLU A 85 -26.65 49.26 -25.93
CA GLU A 85 -26.79 49.89 -27.24
C GLU A 85 -25.53 49.67 -28.06
N GLY A 86 -24.38 49.77 -27.39
CA GLY A 86 -23.12 49.54 -28.05
C GLY A 86 -23.05 48.12 -28.56
N ALA A 87 -23.49 47.18 -27.72
CA ALA A 87 -23.50 45.78 -28.07
C ALA A 87 -24.43 45.56 -29.27
N ARG A 88 -25.56 46.24 -29.25
CA ARG A 88 -26.54 46.14 -30.35
C ARG A 88 -25.87 46.53 -31.67
N GLN A 89 -25.21 47.68 -31.65
CA GLN A 89 -24.54 48.20 -32.84
C GLN A 89 -23.37 47.30 -33.27
N LYS A 90 -22.49 47.00 -32.33
CA LYS A 90 -21.31 46.17 -32.62
C LYS A 90 -21.70 44.76 -33.07
N LEU A 91 -22.71 44.18 -32.43
CA LEU A 91 -23.17 42.84 -32.79
C LEU A 91 -23.91 42.84 -34.12
N HIS A 92 -24.70 43.89 -34.35
CA HIS A 92 -25.44 44.00 -35.61
C HIS A 92 -24.44 44.13 -36.76
N GLU A 93 -23.36 44.84 -36.50
CA GLU A 93 -22.30 45.04 -37.48
C GLU A 93 -21.68 43.69 -37.83
N LEU A 94 -21.55 42.83 -36.82
CA LEU A 94 -21.00 41.50 -37.01
C LEU A 94 -21.98 40.63 -37.77
N GLN A 95 -23.25 40.72 -37.38
CA GLN A 95 -24.31 39.95 -38.03
C GLN A 95 -24.42 40.33 -39.50
N GLU A 96 -24.17 41.62 -39.80
CA GLU A 96 -24.22 42.12 -41.16
C GLU A 96 -23.12 41.53 -42.01
N LYS A 97 -22.16 40.87 -41.36
CA LYS A 97 -21.05 40.25 -42.07
C LYS A 97 -21.19 38.72 -42.00
N LEU A 98 -21.61 38.23 -40.85
CA LEU A 98 -21.78 36.80 -40.64
C LEU A 98 -22.82 36.20 -41.58
N SER A 99 -23.76 37.02 -42.03
CA SER A 99 -24.79 36.53 -42.93
C SER A 99 -24.29 36.41 -44.39
N PRO A 100 -23.90 37.52 -45.05
CA PRO A 100 -23.42 37.47 -46.44
C PRO A 100 -22.06 36.78 -46.55
N LEU A 101 -21.11 37.18 -45.72
CA LEU A 101 -19.77 36.59 -45.75
C LEU A 101 -19.82 35.18 -45.20
N GLY A 102 -20.75 34.92 -44.29
CA GLY A 102 -20.90 33.59 -43.72
C GLY A 102 -21.44 32.64 -44.76
N GLU A 103 -22.47 33.07 -45.48
CA GLU A 103 -23.06 32.27 -46.54
C GLU A 103 -22.02 32.06 -47.63
N GLU A 104 -21.27 33.12 -47.91
CA GLU A 104 -20.20 33.08 -48.89
C GLU A 104 -19.15 32.07 -48.47
N MET A 105 -18.87 32.04 -47.17
CA MET A 105 -17.91 31.10 -46.61
C MET A 105 -18.38 29.68 -46.87
N ARG A 106 -19.69 29.47 -46.69
CA ARG A 106 -20.29 28.16 -46.89
C ARG A 106 -20.17 27.76 -48.36
N ASP A 107 -20.44 28.70 -49.26
CA ASP A 107 -20.34 28.43 -50.69
C ASP A 107 -18.89 28.17 -51.08
N ARG A 108 -17.97 28.92 -50.48
CA ARG A 108 -16.55 28.75 -50.73
C ARG A 108 -16.11 27.40 -50.18
N ALA A 109 -16.68 27.02 -49.04
CA ALA A 109 -16.39 25.74 -48.42
C ALA A 109 -16.86 24.61 -49.32
N ARG A 110 -17.94 24.87 -50.04
CA ARG A 110 -18.50 23.89 -50.99
C ARG A 110 -17.44 23.54 -52.00
N ALA A 111 -16.85 24.57 -52.61
CA ALA A 111 -15.81 24.39 -53.61
C ALA A 111 -14.58 23.75 -52.96
N HIS A 112 -14.27 24.18 -51.73
CA HIS A 112 -13.13 23.65 -51.00
C HIS A 112 -13.27 22.14 -50.82
N VAL A 113 -14.45 21.72 -50.36
CA VAL A 113 -14.73 20.31 -50.15
C VAL A 113 -14.94 19.57 -51.47
N ASP A 114 -15.58 20.24 -52.43
CA ASP A 114 -15.83 19.64 -53.73
C ASP A 114 -14.52 19.31 -54.41
N ALA A 115 -13.58 20.26 -54.39
CA ALA A 115 -12.26 20.04 -54.99
C ALA A 115 -11.57 18.88 -54.28
N LEU A 116 -11.80 18.80 -52.97
CA LEU A 116 -11.23 17.74 -52.16
C LEU A 116 -11.84 16.40 -52.55
N ARG A 117 -13.16 16.37 -52.67
CA ARG A 117 -13.89 15.16 -53.04
C ARG A 117 -13.49 14.70 -54.44
N THR A 118 -13.51 15.63 -55.39
CA THR A 118 -13.16 15.34 -56.77
C THR A 118 -11.73 14.85 -56.87
N HIS A 119 -10.88 15.30 -55.96
CA HIS A 119 -9.48 14.89 -55.95
C HIS A 119 -9.31 13.59 -55.18
N LEU A 120 -10.11 13.42 -54.13
CA LEU A 120 -10.04 12.22 -53.30
C LEU A 120 -10.49 10.99 -54.06
N ALA A 121 -11.46 11.16 -54.95
CA ALA A 121 -11.95 10.04 -55.75
C ALA A 121 -10.83 9.26 -56.45
N PRO A 122 -10.01 9.90 -57.31
CA PRO A 122 -8.90 9.22 -57.97
C PRO A 122 -7.77 8.91 -56.99
N TYR A 123 -7.59 9.77 -55.99
CA TYR A 123 -6.54 9.58 -55.00
C TYR A 123 -6.77 8.29 -54.22
N SER A 124 -7.97 8.12 -53.69
CA SER A 124 -8.31 6.91 -52.94
C SER A 124 -8.25 5.69 -53.84
N ASP A 125 -8.61 5.90 -55.11
CA ASP A 125 -8.57 4.81 -56.09
C ASP A 125 -7.13 4.35 -56.26
N GLU A 126 -6.23 5.32 -56.38
CA GLU A 126 -4.81 5.04 -56.53
C GLU A 126 -4.29 4.43 -55.23
N LEU A 127 -4.86 4.87 -54.10
CA LEU A 127 -4.47 4.34 -52.81
C LEU A 127 -4.83 2.87 -52.71
N ARG A 128 -5.91 2.49 -53.38
CA ARG A 128 -6.35 1.10 -53.42
C ARG A 128 -5.31 0.29 -54.18
N GLN A 129 -4.78 0.89 -55.25
CA GLN A 129 -3.76 0.27 -56.07
C GLN A 129 -2.46 0.17 -55.27
N ARG A 130 -2.16 1.24 -54.53
CA ARG A 130 -0.98 1.29 -53.69
C ARG A 130 -1.07 0.24 -52.59
N LEU A 131 -2.25 0.15 -51.97
CA LEU A 131 -2.48 -0.83 -50.93
C LEU A 131 -2.33 -2.23 -51.50
N ALA A 132 -2.90 -2.44 -52.68
CA ALA A 132 -2.82 -3.73 -53.34
C ALA A 132 -1.37 -4.08 -53.66
N ALA A 133 -0.64 -3.13 -54.25
CA ALA A 133 0.75 -3.34 -54.61
C ALA A 133 1.59 -3.70 -53.39
N ARG A 134 1.38 -2.96 -52.30
CA ARG A 134 2.09 -3.20 -51.07
C ARG A 134 1.70 -4.54 -50.47
N LEU A 135 0.40 -4.81 -50.41
CA LEU A 135 -0.10 -6.07 -49.85
C LEU A 135 0.36 -7.27 -50.66
N GLU A 136 0.43 -7.10 -51.97
CA GLU A 136 0.88 -8.17 -52.86
C GLU A 136 2.30 -8.55 -52.49
N ALA A 137 3.15 -7.53 -52.35
CA ALA A 137 4.54 -7.73 -52.00
C ALA A 137 4.65 -8.29 -50.58
N LEU A 138 3.81 -7.76 -49.69
CA LEU A 138 3.79 -8.21 -48.29
C LEU A 138 3.30 -9.64 -48.18
N LYS A 139 2.62 -10.13 -49.19
CA LYS A 139 2.12 -11.49 -49.20
C LYS A 139 3.13 -12.42 -49.87
N GLU A 140 3.68 -12.00 -51.00
CA GLU A 140 4.66 -12.79 -51.72
C GLU A 140 5.96 -12.86 -50.92
N ASN A 141 6.51 -11.69 -50.61
CA ASN A 141 7.73 -11.61 -49.81
C ASN A 141 7.43 -12.06 -48.40
N GLY A 142 6.23 -11.74 -47.94
CA GLY A 142 5.81 -12.14 -46.61
C GLY A 142 5.76 -13.64 -46.46
N GLY A 143 5.25 -14.32 -47.49
CA GLY A 143 5.18 -15.76 -47.47
C GLY A 143 6.58 -16.36 -47.40
N ALA A 144 7.50 -15.73 -48.12
CA ALA A 144 8.89 -16.17 -48.13
C ALA A 144 9.50 -15.92 -46.76
N ARG A 145 9.15 -14.78 -46.19
CA ARG A 145 9.64 -14.42 -44.85
C ARG A 145 9.13 -15.42 -43.83
N LEU A 146 7.83 -15.74 -43.89
CA LEU A 146 7.23 -16.70 -42.98
C LEU A 146 7.94 -18.04 -43.09
N ALA A 147 8.18 -18.46 -44.34
CA ALA A 147 8.85 -19.71 -44.60
C ALA A 147 10.28 -19.68 -44.06
N GLU A 148 10.94 -18.53 -44.21
CA GLU A 148 12.30 -18.36 -43.73
C GLU A 148 12.33 -18.34 -42.21
N TYR A 149 11.37 -17.64 -41.61
CA TYR A 149 11.29 -17.55 -40.16
C TYR A 149 11.09 -18.94 -39.58
N HIS A 150 10.24 -19.73 -40.22
CA HIS A 150 9.99 -21.10 -39.80
C HIS A 150 11.24 -21.95 -39.95
N ALA A 151 11.92 -21.79 -41.09
CA ALA A 151 13.15 -22.52 -41.35
C ALA A 151 14.21 -22.18 -40.31
N LYS A 152 14.40 -20.88 -40.08
CA LYS A 152 15.38 -20.42 -39.10
C LYS A 152 14.97 -20.88 -37.70
N ALA A 153 13.67 -20.82 -37.41
CA ALA A 153 13.16 -21.24 -36.11
C ALA A 153 13.48 -22.72 -35.89
N THR A 154 13.29 -23.51 -36.94
CA THR A 154 13.58 -24.94 -36.87
C THR A 154 15.04 -25.16 -36.48
N GLU A 155 15.93 -24.32 -37.02
CA GLU A 155 17.35 -24.40 -36.70
C GLU A 155 17.55 -24.05 -35.24
N HIS A 156 16.97 -22.92 -34.83
CA HIS A 156 17.07 -22.45 -33.45
C HIS A 156 16.51 -23.48 -32.48
N LEU A 157 15.42 -24.14 -32.88
CA LEU A 157 14.79 -25.15 -32.04
C LEU A 157 15.70 -26.36 -31.93
N SER A 158 16.39 -26.68 -33.02
CA SER A 158 17.32 -27.81 -33.03
C SER A 158 18.48 -27.53 -32.08
N THR A 159 19.03 -26.32 -32.16
CA THR A 159 20.13 -25.94 -31.29
C THR A 159 19.64 -25.77 -29.85
N LEU A 160 18.36 -25.40 -29.71
CA LEU A 160 17.77 -25.24 -28.39
C LEU A 160 17.68 -26.60 -27.70
N SER A 161 17.55 -27.63 -28.52
CA SER A 161 17.49 -29.00 -28.01
C SER A 161 18.82 -29.38 -27.39
N GLU A 162 19.89 -28.80 -27.91
CA GLU A 162 21.23 -29.06 -27.41
C GLU A 162 21.41 -28.36 -26.06
N LYS A 163 20.58 -27.35 -25.84
CA LYS A 163 20.61 -26.59 -24.58
C LYS A 163 19.63 -27.21 -23.60
N ALA A 164 18.60 -27.86 -24.12
CA ALA A 164 17.58 -28.49 -23.31
C ALA A 164 17.97 -29.91 -22.91
N LYS A 165 18.72 -30.60 -23.75
CA LYS A 165 19.13 -31.96 -23.44
C LYS A 165 20.58 -32.03 -22.93
N PRO A 166 21.62 -31.93 -23.80
CA PRO A 166 23.02 -32.00 -23.36
C PRO A 166 23.39 -30.90 -22.36
N ALA A 167 23.18 -29.65 -22.74
CA ALA A 167 23.52 -28.51 -21.88
C ALA A 167 22.77 -28.55 -20.55
N LEU A 168 21.45 -28.73 -20.59
CA LEU A 168 20.66 -28.78 -19.36
C LEU A 168 21.10 -29.94 -18.47
N GLU A 169 21.39 -31.08 -19.08
CA GLU A 169 21.83 -32.24 -18.34
C GLU A 169 23.19 -31.96 -17.71
N ASP A 170 24.08 -31.34 -18.50
CA ASP A 170 25.41 -30.98 -18.01
C ASP A 170 25.29 -30.00 -16.86
N LEU A 171 24.34 -29.09 -16.97
CA LEU A 171 24.07 -28.12 -15.93
C LEU A 171 23.61 -28.83 -14.67
N ARG A 172 22.67 -29.76 -14.83
CA ARG A 172 22.15 -30.53 -13.71
C ARG A 172 23.27 -31.34 -13.05
N GLN A 173 24.10 -31.96 -13.88
CA GLN A 173 25.22 -32.76 -13.40
C GLN A 173 26.20 -31.89 -12.60
N GLY A 174 26.32 -30.64 -13.01
CA GLY A 174 27.20 -29.72 -12.32
C GLY A 174 26.55 -29.13 -11.09
N LEU A 175 25.23 -28.97 -11.15
CA LEU A 175 24.45 -28.42 -10.04
C LEU A 175 24.36 -29.41 -8.89
N LEU A 176 24.37 -30.70 -9.21
CA LEU A 176 24.29 -31.75 -8.19
C LEU A 176 25.34 -31.56 -7.09
N PRO A 177 26.66 -31.58 -7.41
CA PRO A 177 27.71 -31.39 -6.42
C PRO A 177 27.67 -29.97 -5.84
N VAL A 178 27.14 -29.02 -6.63
CA VAL A 178 27.03 -27.64 -6.18
C VAL A 178 26.04 -27.54 -5.04
N LEU A 179 24.86 -28.14 -5.23
CA LEU A 179 23.83 -28.14 -4.20
C LEU A 179 24.29 -28.96 -3.00
N GLU A 180 25.07 -30.00 -3.27
CA GLU A 180 25.62 -30.86 -2.23
C GLU A 180 26.51 -30.05 -1.30
N SER A 181 27.48 -29.36 -1.88
CA SER A 181 28.40 -28.55 -1.11
C SER A 181 27.66 -27.39 -0.45
N PHE A 182 26.61 -26.90 -1.14
CA PHE A 182 25.80 -25.80 -0.62
C PHE A 182 25.06 -26.24 0.62
N LYS A 183 24.66 -27.51 0.66
CA LYS A 183 23.96 -28.05 1.81
C LYS A 183 24.89 -28.10 3.00
N VAL A 184 26.13 -28.54 2.75
CA VAL A 184 27.14 -28.62 3.81
C VAL A 184 27.46 -27.24 4.36
N SER A 185 27.63 -26.27 3.46
CA SER A 185 27.94 -24.91 3.86
C SER A 185 26.75 -24.24 4.56
N PHE A 186 25.55 -24.61 4.15
CA PHE A 186 24.34 -24.04 4.74
C PHE A 186 24.14 -24.59 6.15
N LEU A 187 24.34 -25.89 6.30
CA LEU A 187 24.17 -26.53 7.59
C LEU A 187 25.15 -25.98 8.62
N SER A 188 26.41 -25.85 8.23
CA SER A 188 27.44 -25.33 9.12
C SER A 188 27.16 -23.86 9.44
N ALA A 189 26.56 -23.15 8.47
CA ALA A 189 26.22 -21.74 8.66
C ALA A 189 25.16 -21.61 9.74
N LEU A 190 24.18 -22.52 9.73
CA LEU A 190 23.11 -22.52 10.71
C LEU A 190 23.70 -22.75 12.09
N GLU A 191 24.71 -23.62 12.15
CA GLU A 191 25.38 -23.91 13.41
C GLU A 191 26.05 -22.66 13.93
N GLU A 192 26.76 -21.96 13.06
CA GLU A 192 27.45 -20.73 13.41
C GLU A 192 26.49 -19.69 13.97
N TYR A 193 25.35 -19.53 13.30
CA TYR A 193 24.33 -18.59 13.74
C TYR A 193 23.84 -18.94 15.13
N THR A 194 23.39 -20.18 15.29
CA THR A 194 22.87 -20.64 16.57
C THR A 194 23.91 -20.61 17.68
N LYS A 195 25.15 -20.98 17.36
CA LYS A 195 26.23 -21.00 18.35
C LYS A 195 26.57 -19.62 18.89
N LYS A 196 26.66 -18.62 18.01
CA LYS A 196 27.01 -17.27 18.43
C LYS A 196 25.84 -16.47 19.00
N LEU A 197 24.63 -16.85 18.66
CA LEU A 197 23.43 -16.16 19.14
C LEU A 197 22.79 -16.86 20.33
N ASN A 198 22.50 -18.15 20.17
CA ASN A 198 21.87 -18.93 21.23
C ASN A 198 22.90 -19.69 22.06
N LEU B 1 34.73 -24.16 -8.43
CA LEU B 1 35.77 -25.18 -8.52
C LEU B 1 35.59 -26.01 -9.78
N LYS B 2 34.43 -25.85 -10.39
CA LYS B 2 34.11 -26.55 -11.63
C LYS B 2 33.74 -25.51 -12.68
N LEU B 3 34.22 -24.29 -12.47
CA LEU B 3 33.94 -23.18 -13.37
C LEU B 3 34.46 -23.46 -14.77
N LEU B 4 35.65 -24.04 -14.86
CA LEU B 4 36.24 -24.35 -16.16
C LEU B 4 35.45 -25.42 -16.89
N ASP B 5 34.84 -26.32 -16.12
CA ASP B 5 34.04 -27.39 -16.70
C ASP B 5 32.75 -26.83 -17.27
N ASN B 6 32.15 -25.91 -16.53
CA ASN B 6 30.90 -25.27 -16.96
C ASN B 6 31.18 -24.31 -18.11
N TRP B 7 32.39 -23.77 -18.15
CA TRP B 7 32.80 -22.85 -19.20
C TRP B 7 32.83 -23.56 -20.54
N ASP B 8 33.18 -24.84 -20.51
CA ASP B 8 33.23 -25.64 -21.72
C ASP B 8 31.87 -25.67 -22.38
N SER B 9 30.84 -25.94 -21.56
CA SER B 9 29.48 -26.00 -22.04
C SER B 9 29.06 -24.65 -22.65
N VAL B 10 29.56 -23.56 -22.07
CA VAL B 10 29.26 -22.22 -22.56
C VAL B 10 29.93 -21.99 -23.90
N THR B 11 31.18 -22.43 -24.01
CA THR B 11 31.94 -22.26 -25.24
C THR B 11 31.27 -23.04 -26.37
N SER B 12 30.78 -24.24 -26.05
CA SER B 12 30.09 -25.06 -27.02
C SER B 12 28.82 -24.34 -27.48
N THR B 13 28.16 -23.65 -26.56
CA THR B 13 26.96 -22.90 -26.89
C THR B 13 27.30 -21.77 -27.88
N PHE B 14 28.41 -21.08 -27.61
CA PHE B 14 28.86 -20.01 -28.48
C PHE B 14 29.22 -20.55 -29.85
N SER B 15 29.83 -21.73 -29.87
CA SER B 15 30.20 -22.38 -31.12
C SER B 15 28.94 -22.73 -31.90
N LYS B 16 27.93 -23.22 -31.18
CA LYS B 16 26.65 -23.57 -31.78
C LYS B 16 25.95 -22.32 -32.31
N LEU B 17 26.19 -21.21 -31.62
CA LEU B 17 25.62 -19.93 -32.03
C LEU B 17 26.24 -19.51 -33.35
N ARG B 18 27.55 -19.71 -33.46
CA ARG B 18 28.27 -19.39 -34.69
C ARG B 18 27.84 -20.33 -35.81
N GLU B 19 27.55 -21.58 -35.44
CA GLU B 19 27.09 -22.58 -36.41
C GLU B 19 25.71 -22.19 -36.95
N GLN B 20 25.00 -21.39 -36.17
CA GLN B 20 23.68 -20.91 -36.58
C GLN B 20 23.86 -19.62 -37.36
N LEU B 21 24.65 -18.71 -36.79
CA LEU B 21 24.93 -17.40 -37.39
C LEU B 21 25.35 -17.53 -38.84
N GLY B 22 26.19 -18.51 -39.13
CA GLY B 22 26.66 -18.73 -40.50
C GLY B 22 25.51 -18.84 -41.50
N PRO B 23 24.81 -19.98 -41.53
CA PRO B 23 23.68 -20.19 -42.44
C PRO B 23 22.58 -19.15 -42.25
N VAL B 24 22.33 -18.76 -41.00
CA VAL B 24 21.30 -17.78 -40.69
C VAL B 24 21.57 -16.44 -41.38
N THR B 25 22.80 -15.93 -41.29
CA THR B 25 23.13 -14.66 -41.92
C THR B 25 23.00 -14.75 -43.44
N GLN B 26 23.39 -15.89 -44.00
CA GLN B 26 23.30 -16.11 -45.44
C GLN B 26 21.88 -15.89 -45.94
N GLU B 27 20.95 -16.61 -45.36
CA GLU B 27 19.54 -16.49 -45.74
C GLU B 27 18.93 -15.19 -45.24
N PHE B 28 19.36 -14.71 -44.08
CA PHE B 28 18.85 -13.46 -43.53
C PHE B 28 19.21 -12.31 -44.45
N TRP B 29 20.45 -12.30 -44.90
CA TRP B 29 20.93 -11.26 -45.81
C TRP B 29 20.18 -11.38 -47.13
N ASP B 30 19.98 -12.62 -47.58
CA ASP B 30 19.25 -12.87 -48.82
C ASP B 30 17.82 -12.38 -48.65
N ASN B 31 17.30 -12.53 -47.45
CA ASN B 31 15.95 -12.07 -47.12
C ASN B 31 15.92 -10.55 -47.18
N LEU B 32 16.99 -9.94 -46.66
CA LEU B 32 17.10 -8.48 -46.66
C LEU B 32 17.10 -7.97 -48.09
N GLU B 33 17.73 -8.72 -48.99
CA GLU B 33 17.79 -8.36 -50.39
C GLU B 33 16.41 -8.50 -51.01
N LYS B 34 15.64 -9.46 -50.49
CA LYS B 34 14.27 -9.67 -50.95
C LYS B 34 13.41 -8.51 -50.50
N GLU B 35 13.54 -8.18 -49.21
CA GLU B 35 12.80 -7.10 -48.59
C GLU B 35 13.14 -5.77 -49.25
N THR B 36 14.43 -5.46 -49.37
CA THR B 36 14.86 -4.21 -49.98
C THR B 36 14.33 -4.07 -51.40
N GLU B 37 14.40 -5.17 -52.16
CA GLU B 37 13.89 -5.17 -53.53
C GLU B 37 12.38 -4.99 -53.53
N GLY B 38 11.70 -5.73 -52.66
CA GLY B 38 10.27 -5.64 -52.56
C GLY B 38 9.84 -4.23 -52.17
N LEU B 39 10.55 -3.67 -51.18
CA LEU B 39 10.29 -2.31 -50.72
C LEU B 39 10.50 -1.34 -51.86
N ARG B 40 11.51 -1.63 -52.69
CA ARG B 40 11.81 -0.78 -53.82
C ARG B 40 10.70 -0.83 -54.86
N GLN B 41 10.07 -2.00 -54.99
CA GLN B 41 8.97 -2.17 -55.94
C GLN B 41 7.79 -1.32 -55.48
N GLU B 42 7.66 -1.17 -54.17
CA GLU B 42 6.61 -0.36 -53.60
C GLU B 42 7.01 1.11 -53.69
N MET B 43 8.28 1.36 -53.36
CA MET B 43 8.85 2.71 -53.38
C MET B 43 8.88 3.33 -54.76
N SER B 44 9.15 2.54 -55.79
CA SER B 44 9.17 3.06 -57.15
C SER B 44 7.80 3.60 -57.52
N LYS B 45 6.78 2.83 -57.20
CA LYS B 45 5.41 3.23 -57.47
C LYS B 45 4.91 4.19 -56.41
N ASP B 46 5.74 4.42 -55.40
CA ASP B 46 5.40 5.31 -54.31
C ASP B 46 5.95 6.70 -54.57
N LEU B 47 7.27 6.79 -54.71
CA LEU B 47 7.95 8.06 -54.95
C LEU B 47 7.53 8.69 -56.27
N GLU B 48 7.62 7.93 -57.35
CA GLU B 48 7.26 8.42 -58.67
C GLU B 48 5.81 8.88 -58.71
N GLU B 49 4.92 8.08 -58.14
CA GLU B 49 3.51 8.41 -58.11
C GLU B 49 3.22 9.49 -57.07
N VAL B 50 4.13 9.64 -56.10
CA VAL B 50 3.98 10.66 -55.08
C VAL B 50 4.13 12.03 -55.71
N LYS B 51 5.07 12.15 -56.62
CA LYS B 51 5.30 13.41 -57.32
C LYS B 51 4.07 13.77 -58.14
N ALA B 52 3.50 12.76 -58.79
CA ALA B 52 2.31 12.94 -59.62
C ALA B 52 1.07 13.22 -58.78
N LYS B 53 1.18 13.05 -57.47
CA LYS B 53 0.08 13.31 -56.57
C LYS B 53 0.31 14.57 -55.76
N VAL B 54 1.57 14.78 -55.37
CA VAL B 54 1.96 15.94 -54.59
C VAL B 54 1.79 17.23 -55.39
N GLN B 55 2.15 17.19 -56.68
CA GLN B 55 2.00 18.36 -57.54
C GLN B 55 0.56 18.89 -57.55
N PRO B 56 -0.43 18.08 -57.98
CA PRO B 56 -1.83 18.51 -58.00
C PRO B 56 -2.36 18.74 -56.59
N TYR B 57 -1.74 18.10 -55.59
CA TYR B 57 -2.16 18.26 -54.20
C TYR B 57 -1.71 19.62 -53.69
N LEU B 58 -0.49 20.00 -54.04
CA LEU B 58 0.04 21.30 -53.64
C LEU B 58 -0.78 22.39 -54.30
N ASP B 59 -1.13 22.16 -55.55
CA ASP B 59 -1.95 23.10 -56.31
C ASP B 59 -3.34 23.18 -55.71
N ASP B 60 -3.89 22.00 -55.40
CA ASP B 60 -5.22 21.89 -54.80
C ASP B 60 -5.27 22.66 -53.49
N PHE B 61 -4.21 22.52 -52.71
CA PHE B 61 -4.11 23.23 -51.44
C PHE B 61 -3.85 24.71 -51.66
N GLN B 62 -2.95 25.00 -52.59
CA GLN B 62 -2.61 26.40 -52.92
C GLN B 62 -3.84 27.17 -53.36
N LYS B 63 -4.70 26.53 -54.14
CA LYS B 63 -5.92 27.17 -54.61
C LYS B 63 -6.83 27.51 -53.44
N LYS B 64 -6.97 26.55 -52.52
CA LYS B 64 -7.80 26.75 -51.33
C LYS B 64 -7.17 27.78 -50.40
N TRP B 65 -5.85 27.72 -50.26
CA TRP B 65 -5.11 28.66 -49.42
C TRP B 65 -5.21 30.05 -50.01
N GLN B 66 -5.14 30.13 -51.34
CA GLN B 66 -5.25 31.39 -52.05
C GLN B 66 -6.63 31.98 -51.79
N GLU B 67 -7.64 31.12 -51.85
CA GLU B 67 -9.01 31.54 -51.60
C GLU B 67 -9.13 32.04 -50.16
N GLU B 68 -8.64 31.23 -49.22
CA GLU B 68 -8.68 31.59 -47.82
C GLU B 68 -7.96 32.91 -47.58
N MET B 69 -6.86 33.11 -48.29
CA MET B 69 -6.09 34.34 -48.19
C MET B 69 -6.90 35.52 -48.71
N GLU B 70 -7.56 35.32 -49.86
CA GLU B 70 -8.39 36.35 -50.46
C GLU B 70 -9.59 36.64 -49.56
N LEU B 71 -10.15 35.56 -49.01
CA LEU B 71 -11.29 35.68 -48.11
C LEU B 71 -10.89 36.41 -46.85
N TYR B 72 -9.68 36.15 -46.38
CA TYR B 72 -9.15 36.81 -45.19
C TYR B 72 -9.04 38.32 -45.42
N ARG B 73 -8.77 38.69 -46.67
CA ARG B 73 -8.65 40.10 -47.03
C ARG B 73 -10.01 40.76 -47.12
N GLN B 74 -11.05 39.95 -47.32
CA GLN B 74 -12.42 40.46 -47.42
C GLN B 74 -13.19 40.22 -46.14
N LYS B 75 -12.57 39.50 -45.22
CA LYS B 75 -13.21 39.20 -43.94
C LYS B 75 -12.41 39.79 -42.80
N VAL B 76 -11.24 39.22 -42.54
CA VAL B 76 -10.38 39.67 -41.45
C VAL B 76 -9.96 41.13 -41.61
N GLU B 77 -9.64 41.55 -42.83
CA GLU B 77 -9.23 42.93 -43.09
C GLU B 77 -10.31 43.94 -42.65
N PRO B 78 -11.54 43.88 -43.23
CA PRO B 78 -12.62 44.80 -42.83
C PRO B 78 -13.07 44.54 -41.39
N LEU B 79 -12.97 43.27 -40.95
CA LEU B 79 -13.34 42.93 -39.58
C LEU B 79 -12.38 43.60 -38.62
N ARG B 80 -11.11 43.72 -39.03
CA ARG B 80 -10.11 44.39 -38.22
C ARG B 80 -10.50 45.86 -38.08
N ALA B 81 -11.06 46.41 -39.15
CA ALA B 81 -11.52 47.79 -39.15
C ALA B 81 -12.74 47.92 -38.25
N GLU B 82 -13.65 46.96 -38.36
CA GLU B 82 -14.86 46.93 -37.55
C GLU B 82 -14.50 46.75 -36.09
N LEU B 83 -13.49 45.92 -35.85
CA LEU B 83 -13.01 45.67 -34.50
C LEU B 83 -12.33 46.92 -33.97
N GLN B 84 -11.66 47.63 -34.87
CA GLN B 84 -10.98 48.87 -34.51
C GLN B 84 -12.02 49.91 -34.13
N GLU B 85 -13.06 50.03 -34.96
CA GLU B 85 -14.14 50.96 -34.70
C GLU B 85 -14.86 50.57 -33.40
N GLY B 86 -15.09 49.27 -33.25
CA GLY B 86 -15.74 48.77 -32.06
C GLY B 86 -14.88 49.00 -30.83
N ALA B 87 -13.57 48.79 -30.98
CA ALA B 87 -12.62 49.00 -29.91
C ALA B 87 -12.61 50.48 -29.54
N ARG B 88 -12.57 51.33 -30.57
CA ARG B 88 -12.57 52.79 -30.37
C ARG B 88 -13.79 53.18 -29.55
N GLN B 89 -14.93 52.56 -29.90
CA GLN B 89 -16.17 52.79 -29.21
C GLN B 89 -16.05 52.38 -27.75
N LYS B 90 -15.65 51.13 -27.52
CA LYS B 90 -15.50 50.63 -26.16
C LYS B 90 -14.48 51.44 -25.38
N LEU B 91 -13.38 51.79 -26.04
CA LEU B 91 -12.34 52.59 -25.43
C LEU B 91 -12.89 53.95 -25.06
N HIS B 92 -13.70 54.52 -25.95
CA HIS B 92 -14.33 55.81 -25.71
C HIS B 92 -15.28 55.69 -24.53
N GLU B 93 -16.07 54.62 -24.53
CA GLU B 93 -17.01 54.35 -23.44
C GLU B 93 -16.23 54.22 -22.15
N LEU B 94 -15.07 53.60 -22.23
CA LEU B 94 -14.21 53.40 -21.07
C LEU B 94 -13.59 54.73 -20.62
N GLN B 95 -13.21 55.58 -21.57
CA GLN B 95 -12.63 56.87 -21.25
C GLN B 95 -13.61 57.70 -20.42
N GLU B 96 -14.88 57.65 -20.82
CA GLU B 96 -15.93 58.38 -20.13
C GLU B 96 -16.35 57.68 -18.84
N LYS B 97 -15.60 56.65 -18.46
CA LYS B 97 -15.86 55.91 -17.23
C LYS B 97 -14.61 55.93 -16.34
N LEU B 98 -13.45 55.74 -16.95
CA LEU B 98 -12.18 55.72 -16.23
C LEU B 98 -11.85 57.08 -15.65
N SER B 99 -12.44 58.13 -16.22
CA SER B 99 -12.20 59.48 -15.73
C SER B 99 -13.10 59.80 -14.52
N PRO B 100 -14.45 59.81 -14.68
CA PRO B 100 -15.35 60.10 -13.56
C PRO B 100 -15.28 59.01 -12.49
N LEU B 101 -15.56 57.76 -12.88
CA LEU B 101 -15.52 56.65 -11.94
C LEU B 101 -14.10 56.43 -11.44
N GLY B 102 -13.13 56.75 -12.28
CA GLY B 102 -11.74 56.60 -11.88
C GLY B 102 -11.41 57.51 -10.73
N GLU B 103 -11.73 58.79 -10.88
CA GLU B 103 -11.49 59.75 -9.83
C GLU B 103 -12.42 59.48 -8.66
N GLU B 104 -13.61 58.96 -8.97
CA GLU B 104 -14.59 58.62 -7.94
C GLU B 104 -14.03 57.50 -7.07
N MET B 105 -13.42 56.50 -7.71
CA MET B 105 -12.81 55.38 -7.00
C MET B 105 -11.66 55.91 -6.14
N ARG B 106 -10.92 56.87 -6.69
CA ARG B 106 -9.81 57.48 -5.96
C ARG B 106 -10.36 58.20 -4.74
N ASP B 107 -11.49 58.89 -4.94
CA ASP B 107 -12.14 59.62 -3.86
C ASP B 107 -12.60 58.65 -2.78
N ARG B 108 -13.10 57.49 -3.23
CA ARG B 108 -13.54 56.44 -2.31
C ARG B 108 -12.35 56.00 -1.47
N ALA B 109 -11.24 55.74 -2.17
CA ALA B 109 -10.00 55.33 -1.53
C ALA B 109 -9.55 56.39 -0.54
N ARG B 110 -9.71 57.65 -0.92
CA ARG B 110 -9.34 58.77 -0.05
C ARG B 110 -10.18 58.71 1.21
N ALA B 111 -11.48 58.50 1.05
CA ALA B 111 -12.40 58.41 2.18
C ALA B 111 -12.06 57.23 3.07
N HIS B 112 -11.60 56.15 2.46
CA HIS B 112 -11.22 54.95 3.19
C HIS B 112 -9.89 55.16 3.90
N VAL B 113 -8.90 55.70 3.18
CA VAL B 113 -7.59 55.96 3.76
C VAL B 113 -7.71 56.99 4.88
N ASP B 114 -8.54 58.01 4.65
CA ASP B 114 -8.78 59.05 5.66
C ASP B 114 -9.35 58.39 6.91
N ALA B 115 -10.27 57.46 6.69
CA ALA B 115 -10.89 56.73 7.79
C ALA B 115 -9.83 55.91 8.51
N LEU B 116 -9.00 55.22 7.73
CA LEU B 116 -7.92 54.40 8.27
C LEU B 116 -6.94 55.21 9.10
N ARG B 117 -6.84 56.50 8.81
CA ARG B 117 -5.95 57.39 9.56
C ARG B 117 -6.48 57.58 10.97
N THR B 118 -7.79 57.52 11.12
CA THR B 118 -8.44 57.70 12.40
C THR B 118 -8.96 56.37 12.96
N HIS B 119 -8.89 55.33 12.14
CA HIS B 119 -9.37 54.00 12.55
C HIS B 119 -8.21 53.07 12.89
N LEU B 120 -7.14 53.13 12.10
CA LEU B 120 -5.99 52.26 12.31
C LEU B 120 -4.94 52.89 13.20
N ALA B 121 -4.49 54.08 12.84
CA ALA B 121 -3.45 54.78 13.61
C ALA B 121 -3.76 54.88 15.10
N PRO B 122 -4.90 55.51 15.49
CA PRO B 122 -5.27 55.66 16.91
C PRO B 122 -5.39 54.31 17.60
N TYR B 123 -6.00 53.35 16.91
CA TYR B 123 -6.18 52.02 17.46
C TYR B 123 -4.84 51.33 17.67
N SER B 124 -3.92 51.53 16.73
CA SER B 124 -2.59 50.96 16.83
C SER B 124 -1.87 51.54 18.04
N ASP B 125 -2.12 52.81 18.32
CA ASP B 125 -1.50 53.47 19.46
C ASP B 125 -2.03 52.84 20.74
N GLU B 126 -3.32 52.55 20.74
CA GLU B 126 -3.95 51.90 21.88
C GLU B 126 -3.41 50.49 22.00
N LEU B 127 -3.17 49.86 20.86
CA LEU B 127 -2.60 48.52 20.82
C LEU B 127 -1.20 48.57 21.43
N ARG B 128 -0.51 49.69 21.23
CA ARG B 128 0.83 49.87 21.79
C ARG B 128 0.76 49.79 23.31
N GLN B 129 -0.24 50.44 23.88
CA GLN B 129 -0.45 50.43 25.32
C GLN B 129 -0.72 49.00 25.79
N ARG B 130 -1.54 48.29 25.03
CA ARG B 130 -1.88 46.92 25.33
C ARG B 130 -0.62 46.05 25.21
N LEU B 131 0.14 46.26 24.14
CA LEU B 131 1.37 45.52 23.91
C LEU B 131 2.37 45.80 25.02
N ALA B 132 2.41 47.04 25.48
CA ALA B 132 3.31 47.44 26.56
C ALA B 132 2.98 46.66 27.83
N ALA B 133 1.70 46.45 28.06
CA ALA B 133 1.24 45.70 29.23
C ALA B 133 1.48 44.21 29.02
N ARG B 134 1.31 43.77 27.78
CA ARG B 134 1.52 42.37 27.42
C ARG B 134 3.01 42.04 27.58
N LEU B 135 3.85 42.91 27.03
CA LEU B 135 5.30 42.74 27.13
C LEU B 135 5.72 42.85 28.59
N GLU B 136 5.02 43.71 29.32
CA GLU B 136 5.27 43.90 30.75
C GLU B 136 5.05 42.58 31.47
N ALA B 137 3.93 41.94 31.16
CA ALA B 137 3.58 40.66 31.74
C ALA B 137 4.59 39.61 31.29
N LEU B 138 4.94 39.65 30.00
CA LEU B 138 5.90 38.72 29.43
C LEU B 138 7.28 38.88 30.08
N LYS B 139 7.63 40.10 30.46
CA LYS B 139 8.90 40.37 31.10
C LYS B 139 8.87 39.92 32.55
N GLU B 140 7.74 40.17 33.21
CA GLU B 140 7.56 39.77 34.60
C GLU B 140 7.54 38.25 34.71
N ASN B 141 6.64 37.63 33.96
CA ASN B 141 6.52 36.18 33.96
C ASN B 141 7.77 35.56 33.34
N GLY B 142 8.38 36.29 32.40
CA GLY B 142 9.59 35.82 31.76
C GLY B 142 10.73 35.75 32.75
N GLY B 143 10.87 36.80 33.57
CA GLY B 143 11.91 36.82 34.58
C GLY B 143 11.69 35.71 35.59
N ALA B 144 10.43 35.53 35.99
CA ALA B 144 10.07 34.48 36.92
C ALA B 144 10.36 33.12 36.31
N ARG B 145 9.96 32.95 35.05
CA ARG B 145 10.20 31.71 34.34
C ARG B 145 11.69 31.44 34.21
N LEU B 146 12.48 32.49 34.01
CA LEU B 146 13.93 32.36 33.90
C LEU B 146 14.49 31.82 35.21
N ALA B 147 14.03 32.41 36.32
CA ALA B 147 14.47 31.98 37.64
C ALA B 147 14.08 30.53 37.86
N GLU B 148 12.88 30.17 37.39
CA GLU B 148 12.38 28.82 37.51
C GLU B 148 13.21 27.88 36.65
N TYR B 149 13.45 28.28 35.41
CA TYR B 149 14.25 27.48 34.48
C TYR B 149 15.66 27.31 34.99
N HIS B 150 16.17 28.35 35.64
CA HIS B 150 17.51 28.30 36.21
C HIS B 150 17.54 27.34 37.40
N ALA B 151 16.50 27.43 38.23
CA ALA B 151 16.38 26.57 39.39
C ALA B 151 16.18 25.12 38.97
N LYS B 152 15.28 24.92 38.02
CA LYS B 152 15.00 23.59 37.50
C LYS B 152 16.23 23.04 36.80
N ALA B 153 17.03 23.94 36.21
CA ALA B 153 18.25 23.54 35.53
C ALA B 153 19.21 22.92 36.53
N THR B 154 19.34 23.56 37.69
CA THR B 154 20.22 23.07 38.74
C THR B 154 19.70 21.73 39.25
N GLU B 155 18.37 21.64 39.40
CA GLU B 155 17.74 20.41 39.88
C GLU B 155 17.94 19.29 38.86
N HIS B 156 17.72 19.62 37.59
CA HIS B 156 17.89 18.65 36.52
C HIS B 156 19.36 18.29 36.38
N LEU B 157 20.24 19.28 36.51
CA LEU B 157 21.67 19.05 36.41
C LEU B 157 22.16 18.14 37.52
N SER B 158 21.68 18.37 38.73
CA SER B 158 22.06 17.54 39.86
C SER B 158 21.47 16.14 39.70
N THR B 159 20.27 16.08 39.13
CA THR B 159 19.63 14.80 38.88
C THR B 159 20.40 14.05 37.79
N LEU B 160 20.88 14.82 36.80
CA LEU B 160 21.66 14.26 35.72
C LEU B 160 22.92 13.63 36.26
N SER B 161 23.68 14.39 37.03
CA SER B 161 24.93 13.89 37.61
C SER B 161 24.65 12.74 38.58
N GLU B 162 23.57 12.88 39.35
CA GLU B 162 23.17 11.86 40.32
C GLU B 162 22.96 10.51 39.63
N LYS B 163 22.44 10.55 38.40
CA LYS B 163 22.19 9.34 37.64
C LYS B 163 23.37 9.00 36.74
N ALA B 164 24.05 10.03 36.24
CA ALA B 164 25.19 9.84 35.37
C ALA B 164 26.32 9.10 36.06
N LYS B 165 26.60 9.44 37.31
CA LYS B 165 27.66 8.80 38.05
C LYS B 165 27.50 7.26 38.09
N PRO B 166 26.41 6.74 38.69
CA PRO B 166 26.18 5.30 38.76
C PRO B 166 25.98 4.71 37.36
N ALA B 167 25.42 5.50 36.45
CA ALA B 167 25.19 5.03 35.08
C ALA B 167 26.51 4.75 34.39
N LEU B 168 27.41 5.73 34.42
CA LEU B 168 28.71 5.57 33.79
C LEU B 168 29.51 4.48 34.49
N GLU B 169 29.45 4.47 35.81
CA GLU B 169 30.15 3.45 36.59
C GLU B 169 29.63 2.06 36.27
N ASP B 170 28.30 1.92 36.31
CA ASP B 170 27.67 0.63 36.01
C ASP B 170 27.87 0.25 34.55
N LEU B 171 27.84 1.24 33.67
CA LEU B 171 28.06 1.00 32.25
C LEU B 171 29.45 0.44 32.02
N ARG B 172 30.45 1.03 32.68
CA ARG B 172 31.81 0.55 32.56
C ARG B 172 31.93 -0.82 33.20
N GLN B 173 31.25 -0.99 34.35
CA GLN B 173 31.24 -2.25 35.08
C GLN B 173 30.62 -3.36 34.24
N GLY B 174 29.76 -2.98 33.32
CA GLY B 174 29.13 -3.96 32.45
C GLY B 174 29.88 -4.11 31.14
N LEU B 175 30.30 -2.98 30.58
CA LEU B 175 31.03 -2.95 29.32
C LEU B 175 32.31 -3.77 29.37
N LEU B 176 33.08 -3.62 30.45
CA LEU B 176 34.34 -4.36 30.59
C LEU B 176 34.14 -5.88 30.45
N PRO B 177 33.38 -6.52 31.36
CA PRO B 177 33.16 -7.98 31.29
C PRO B 177 32.39 -8.38 30.03
N VAL B 178 31.43 -7.56 29.62
CA VAL B 178 30.64 -7.87 28.43
C VAL B 178 31.47 -7.78 27.16
N LEU B 179 32.39 -6.83 27.09
CA LEU B 179 33.23 -6.68 25.91
C LEU B 179 34.20 -7.84 25.82
N GLU B 180 34.71 -8.28 26.97
CA GLU B 180 35.61 -9.42 27.01
C GLU B 180 34.84 -10.65 26.56
N SER B 181 33.58 -10.74 26.98
CA SER B 181 32.73 -11.84 26.61
C SER B 181 32.43 -11.77 25.11
N PHE B 182 32.22 -10.54 24.63
CA PHE B 182 31.95 -10.31 23.21
C PHE B 182 33.14 -10.79 22.39
N LYS B 183 34.34 -10.48 22.88
CA LYS B 183 35.58 -10.87 22.21
C LYS B 183 35.59 -12.38 21.97
N VAL B 184 35.23 -13.13 23.02
CA VAL B 184 35.18 -14.58 22.94
C VAL B 184 34.26 -15.03 21.80
N SER B 185 33.08 -14.42 21.73
CA SER B 185 32.11 -14.74 20.69
C SER B 185 32.60 -14.32 19.31
N PHE B 186 33.23 -13.15 19.24
CA PHE B 186 33.75 -12.65 17.98
C PHE B 186 34.94 -13.47 17.49
N LEU B 187 35.83 -13.82 18.41
CA LEU B 187 37.01 -14.61 18.07
C LEU B 187 36.61 -15.97 17.53
N SER B 188 35.69 -16.64 18.22
CA SER B 188 35.24 -17.95 17.80
C SER B 188 34.49 -17.85 16.48
N ALA B 189 33.80 -16.74 16.27
CA ALA B 189 33.06 -16.52 15.04
C ALA B 189 34.01 -16.30 13.87
N LEU B 190 35.00 -15.43 14.08
CA LEU B 190 35.98 -15.12 13.05
C LEU B 190 36.75 -16.37 12.62
N GLU B 191 37.27 -17.12 13.59
CA GLU B 191 38.03 -18.33 13.29
C GLU B 191 37.19 -19.37 12.56
N GLU B 192 36.01 -19.67 13.10
CA GLU B 192 35.13 -20.67 12.50
C GLU B 192 34.65 -20.25 11.12
N TYR B 193 34.32 -18.96 10.96
CA TYR B 193 33.87 -18.45 9.67
C TYR B 193 34.96 -18.63 8.62
N THR B 194 36.20 -18.41 9.03
CA THR B 194 37.34 -18.55 8.13
C THR B 194 37.49 -20.01 7.68
N LYS B 195 37.17 -20.93 8.58
CA LYS B 195 37.26 -22.36 8.27
C LYS B 195 36.17 -22.76 7.29
N LYS B 196 34.96 -22.27 7.53
CA LYS B 196 33.81 -22.58 6.68
C LYS B 196 33.93 -21.92 5.30
N LEU B 197 34.61 -20.78 5.25
CA LEU B 197 34.79 -20.05 4.00
C LEU B 197 36.21 -20.19 3.48
N ASN B 198 36.86 -21.29 3.83
CA ASN B 198 38.24 -21.53 3.40
C ASN B 198 38.29 -22.20 2.03
N MET C 1 -4.59 -0.77 6.16
CA MET C 1 -5.47 -1.89 6.44
C MET C 1 -4.85 -2.81 7.50
N THR C 2 -5.65 -3.18 8.49
CA THR C 2 -5.19 -4.05 9.56
C THR C 2 -5.49 -5.51 9.20
N GLU C 3 -4.79 -6.44 9.83
CA GLU C 3 -5.01 -7.85 9.55
C GLU C 3 -5.22 -8.63 10.85
N TYR C 4 -6.31 -9.38 10.92
CA TYR C 4 -6.62 -10.16 12.11
C TYR C 4 -6.79 -11.63 11.75
N LYS C 5 -6.09 -12.51 12.47
CA LYS C 5 -6.16 -13.94 12.23
C LYS C 5 -7.28 -14.57 13.05
N LEU C 6 -8.31 -15.03 12.36
CA LEU C 6 -9.46 -15.65 13.02
C LEU C 6 -9.59 -17.11 12.63
N VAL C 7 -9.85 -17.97 13.61
CA VAL C 7 -10.02 -19.40 13.37
C VAL C 7 -11.27 -19.91 14.06
N VAL C 8 -12.18 -20.49 13.30
CA VAL C 8 -13.41 -21.02 13.86
C VAL C 8 -13.28 -22.51 14.12
N VAL C 9 -13.72 -22.93 15.31
CA VAL C 9 -13.65 -24.33 15.70
C VAL C 9 -14.97 -24.78 16.33
N GLY C 10 -15.20 -26.08 16.38
CA GLY C 10 -16.41 -26.59 16.95
C GLY C 10 -16.73 -27.97 16.44
N ALA C 11 -17.90 -28.49 16.82
CA ALA C 11 -18.34 -29.81 16.39
C ALA C 11 -19.06 -29.73 15.05
N GLY C 12 -19.08 -30.84 14.33
CA GLY C 12 -19.75 -30.88 13.05
C GLY C 12 -21.26 -30.97 13.20
N GLY C 13 -21.98 -30.13 12.49
CA GLY C 13 -23.43 -30.14 12.56
C GLY C 13 -24.00 -28.91 13.25
N VAL C 14 -23.12 -28.12 13.85
CA VAL C 14 -23.55 -26.92 14.55
C VAL C 14 -23.71 -25.74 13.58
N GLY C 15 -23.26 -25.93 12.35
CA GLY C 15 -23.36 -24.88 11.36
C GLY C 15 -22.15 -23.97 11.39
N LYS C 16 -20.96 -24.58 11.34
CA LYS C 16 -19.72 -23.84 11.39
C LYS C 16 -19.46 -23.11 10.07
N SER C 17 -19.42 -23.86 8.96
CA SER C 17 -19.20 -23.24 7.64
C SER C 17 -20.40 -22.38 7.25
N ALA C 18 -21.57 -22.76 7.76
CA ALA C 18 -22.82 -22.06 7.47
C ALA C 18 -22.74 -20.60 7.88
N LEU C 19 -22.22 -20.36 9.09
CA LEU C 19 -22.08 -19.00 9.60
C LEU C 19 -21.13 -18.17 8.74
N THR C 20 -20.08 -18.81 8.25
CA THR C 20 -19.09 -18.13 7.42
C THR C 20 -19.66 -17.75 6.05
N ILE C 21 -20.19 -18.72 5.31
CA ILE C 21 -20.74 -18.43 3.99
C ILE C 21 -21.84 -17.37 4.07
N GLN C 22 -22.68 -17.47 5.09
CA GLN C 22 -23.79 -16.54 5.28
C GLN C 22 -23.30 -15.14 5.66
N LEU C 23 -22.09 -15.05 6.17
CA LEU C 23 -21.53 -13.76 6.57
C LEU C 23 -20.68 -13.14 5.46
N ILE C 24 -20.02 -13.98 4.67
CA ILE C 24 -19.17 -13.50 3.59
C ILE C 24 -19.96 -13.30 2.29
N GLN C 25 -20.32 -14.39 1.65
CA GLN C 25 -21.04 -14.34 0.39
C GLN C 25 -22.55 -14.18 0.61
N ASN C 26 -22.95 -14.27 1.88
CA ASN C 26 -24.35 -14.12 2.27
C ASN C 26 -25.22 -15.28 1.75
N HIS C 27 -24.58 -16.41 1.52
CA HIS C 27 -25.27 -17.60 1.01
C HIS C 27 -25.49 -18.60 2.14
N PHE C 28 -26.52 -19.43 2.00
CA PHE C 28 -26.84 -20.43 3.01
C PHE C 28 -27.18 -21.76 2.34
N VAL C 29 -26.63 -22.84 2.86
CA VAL C 29 -26.88 -24.17 2.31
C VAL C 29 -28.00 -24.89 3.06
N ASP C 30 -28.24 -26.13 2.69
CA ASP C 30 -29.26 -26.94 3.34
C ASP C 30 -28.75 -28.35 3.60
N GLU C 31 -27.84 -28.81 2.75
CA GLU C 31 -27.27 -30.13 2.89
C GLU C 31 -26.00 -30.08 3.73
N TYR C 32 -25.83 -31.09 4.58
CA TYR C 32 -24.67 -31.17 5.45
C TYR C 32 -23.43 -31.65 4.69
N ASP C 33 -22.43 -30.79 4.61
CA ASP C 33 -21.18 -31.12 3.95
C ASP C 33 -20.01 -30.70 4.82
N PRO C 34 -19.30 -31.67 5.41
CA PRO C 34 -18.16 -31.41 6.29
C PRO C 34 -16.99 -30.75 5.56
N THR C 35 -16.45 -29.71 6.16
CA THR C 35 -15.33 -28.98 5.58
C THR C 35 -14.03 -29.31 6.32
N ILE C 36 -12.96 -29.55 5.57
CA ILE C 36 -11.68 -29.86 6.19
C ILE C 36 -10.85 -28.59 6.40
N GLU C 37 -10.67 -27.82 5.34
CA GLU C 37 -9.90 -26.58 5.42
C GLU C 37 -10.52 -25.52 4.50
N ASP C 38 -11.13 -24.51 5.09
CA ASP C 38 -11.74 -23.45 4.32
C ASP C 38 -11.13 -22.11 4.73
N SER C 39 -11.24 -21.12 3.87
CA SER C 39 -10.69 -19.81 4.15
C SER C 39 -11.52 -18.70 3.50
N TYR C 40 -11.86 -17.70 4.29
CA TYR C 40 -12.66 -16.59 3.82
C TYR C 40 -12.03 -15.25 4.20
N ARG C 41 -11.57 -14.52 3.19
CA ARG C 41 -10.95 -13.21 3.38
C ARG C 41 -12.00 -12.12 3.17
N LYS C 42 -12.23 -11.30 4.19
CA LYS C 42 -13.22 -10.23 4.10
C LYS C 42 -12.73 -8.99 4.84
N GLN C 43 -12.71 -7.86 4.13
CA GLN C 43 -12.29 -6.60 4.72
C GLN C 43 -13.50 -5.87 5.31
N VAL C 44 -13.46 -5.60 6.60
CA VAL C 44 -14.56 -4.92 7.27
C VAL C 44 -14.14 -3.56 7.78
N VAL C 45 -15.10 -2.71 8.07
CA VAL C 45 -14.81 -1.37 8.57
C VAL C 45 -15.02 -1.32 10.08
N ILE C 46 -14.01 -1.72 10.82
CA ILE C 46 -14.08 -1.72 12.26
C ILE C 46 -13.36 -0.51 12.83
N ASP C 47 -14.15 0.41 13.42
CA ASP C 47 -13.64 1.63 14.03
C ASP C 47 -13.10 2.61 12.99
N GLY C 48 -13.34 2.30 11.72
CA GLY C 48 -12.89 3.14 10.65
C GLY C 48 -11.70 2.55 9.92
N GLU C 49 -11.13 1.52 10.52
CA GLU C 49 -9.98 0.85 9.96
C GLU C 49 -10.41 -0.30 9.05
N THR C 50 -9.68 -0.50 7.97
CA THR C 50 -9.97 -1.57 7.02
C THR C 50 -9.39 -2.88 7.54
N CYS C 51 -10.12 -3.53 8.42
CA CYS C 51 -9.69 -4.77 9.02
C CYS C 51 -9.89 -5.97 8.09
N LEU C 52 -8.79 -6.54 7.64
CA LEU C 52 -8.83 -7.71 6.78
C LEU C 52 -8.99 -8.94 7.66
N LEU C 53 -10.15 -9.55 7.60
CA LEU C 53 -10.42 -10.74 8.40
C LEU C 53 -9.92 -12.00 7.72
N ASP C 54 -8.91 -12.61 8.33
CA ASP C 54 -8.33 -13.85 7.83
C ASP C 54 -8.98 -15.01 8.57
N ILE C 55 -10.17 -15.36 8.14
CA ILE C 55 -10.94 -16.44 8.79
C ILE C 55 -10.60 -17.80 8.21
N LEU C 56 -10.18 -18.71 9.08
CA LEU C 56 -9.84 -20.06 8.70
C LEU C 56 -10.84 -21.05 9.30
N ASP C 57 -11.42 -21.89 8.44
CA ASP C 57 -12.39 -22.88 8.88
C ASP C 57 -11.72 -24.23 9.05
N THR C 58 -12.06 -24.94 10.12
CA THR C 58 -11.47 -26.24 10.41
C THR C 58 -12.46 -27.36 10.16
N ALA C 59 -12.09 -28.58 10.57
CA ALA C 59 -12.95 -29.73 10.40
C ALA C 59 -13.50 -30.19 11.75
N GLY C 60 -14.82 -30.31 11.84
CA GLY C 60 -15.44 -30.74 13.08
C GLY C 60 -15.24 -32.22 13.34
N GLN C 61 -15.55 -33.03 12.34
CA GLN C 61 -15.41 -34.47 12.46
C GLN C 61 -14.01 -34.90 12.04
N GLU C 62 -13.10 -34.89 13.00
CA GLU C 62 -11.71 -35.29 12.77
C GLU C 62 -11.02 -35.54 14.09
N GLU C 63 -9.95 -36.30 14.06
CA GLU C 63 -9.19 -36.62 15.25
C GLU C 63 -8.00 -35.68 15.39
N TYR C 64 -7.21 -35.89 16.44
CA TYR C 64 -6.03 -35.06 16.67
C TYR C 64 -5.04 -35.17 15.52
N SER C 65 -4.77 -34.04 14.88
CA SER C 65 -3.84 -33.99 13.77
C SER C 65 -2.81 -32.89 13.98
N ALA C 66 -1.53 -33.24 13.84
CA ALA C 66 -0.43 -32.29 14.02
C ALA C 66 -0.55 -31.10 13.09
N MET C 67 -1.16 -31.30 11.92
CA MET C 67 -1.35 -30.21 10.97
C MET C 67 -2.27 -29.14 11.55
N ARG C 68 -3.25 -29.59 12.33
CA ARG C 68 -4.19 -28.68 12.97
C ARG C 68 -3.46 -27.86 14.03
N ASP C 69 -2.58 -28.54 14.76
CA ASP C 69 -1.79 -27.91 15.82
C ASP C 69 -0.97 -26.76 15.23
N GLN C 70 -0.59 -26.93 13.97
CA GLN C 70 0.23 -25.96 13.26
C GLN C 70 -0.57 -24.68 12.92
N TYR C 71 -1.63 -24.81 12.14
CA TYR C 71 -2.41 -23.64 11.75
C TYR C 71 -3.24 -23.03 12.87
N MET C 72 -3.57 -23.82 13.89
CA MET C 72 -4.34 -23.31 15.01
C MET C 72 -3.44 -22.50 15.93
N ARG C 73 -2.14 -22.67 15.80
CA ARG C 73 -1.17 -21.94 16.59
C ARG C 73 -1.01 -20.53 16.05
N THR C 74 -1.19 -20.39 14.73
CA THR C 74 -1.07 -19.11 14.08
C THR C 74 -2.28 -18.23 14.35
N GLY C 75 -3.43 -18.86 14.57
CA GLY C 75 -4.67 -18.12 14.84
C GLY C 75 -4.60 -17.39 16.17
N GLU C 76 -5.25 -16.23 16.26
CA GLU C 76 -5.24 -15.47 17.50
C GLU C 76 -6.62 -15.42 18.14
N GLY C 77 -7.64 -15.36 17.30
CA GLY C 77 -9.00 -15.32 17.80
C GLY C 77 -9.73 -16.62 17.51
N PHE C 78 -10.42 -17.15 18.50
CA PHE C 78 -11.16 -18.41 18.32
C PHE C 78 -12.59 -18.27 18.78
N LEU C 79 -13.52 -18.81 17.99
CA LEU C 79 -14.93 -18.76 18.31
C LEU C 79 -15.45 -20.14 18.71
N CYS C 80 -16.09 -20.20 19.86
CA CYS C 80 -16.64 -21.46 20.36
C CYS C 80 -18.10 -21.57 19.93
N VAL C 81 -18.31 -22.01 18.69
CA VAL C 81 -19.66 -22.15 18.16
C VAL C 81 -20.26 -23.50 18.55
N PHE C 82 -21.57 -23.50 18.74
CA PHE C 82 -22.29 -24.70 19.12
C PHE C 82 -23.79 -24.54 18.86
N ALA C 83 -24.52 -25.64 18.88
CA ALA C 83 -25.95 -25.61 18.64
C ALA C 83 -26.70 -25.85 19.95
N ILE C 84 -27.49 -24.88 20.39
CA ILE C 84 -28.21 -25.01 21.66
C ILE C 84 -29.37 -26.00 21.57
N ASN C 85 -29.63 -26.51 20.38
CA ASN C 85 -30.69 -27.49 20.17
C ASN C 85 -30.13 -28.89 20.38
N ASN C 86 -28.89 -28.94 20.84
CA ASN C 86 -28.20 -30.19 21.12
C ASN C 86 -27.35 -30.02 22.37
N THR C 87 -27.48 -30.96 23.30
CA THR C 87 -26.72 -30.90 24.55
C THR C 87 -25.24 -31.19 24.34
N LYS C 88 -24.94 -32.12 23.43
CA LYS C 88 -23.57 -32.50 23.14
C LYS C 88 -22.68 -31.32 22.77
N SER C 89 -23.24 -30.38 22.00
CA SER C 89 -22.49 -29.21 21.57
C SER C 89 -21.94 -28.44 22.76
N PHE C 90 -22.77 -28.25 23.78
CA PHE C 90 -22.39 -27.52 24.98
C PHE C 90 -21.32 -28.27 25.76
N GLU C 91 -21.40 -29.58 25.74
CA GLU C 91 -20.45 -30.43 26.45
C GLU C 91 -19.10 -30.48 25.71
N ASP C 92 -19.17 -30.55 24.39
CA ASP C 92 -17.97 -30.62 23.54
C ASP C 92 -17.13 -29.36 23.63
N ILE C 93 -17.76 -28.24 23.99
CA ILE C 93 -17.08 -26.95 24.11
C ILE C 93 -15.89 -27.04 25.08
N HIS C 94 -16.09 -27.74 26.19
CA HIS C 94 -15.04 -27.89 27.20
C HIS C 94 -13.82 -28.62 26.63
N HIS C 95 -14.08 -29.64 25.81
CA HIS C 95 -13.02 -30.42 25.20
C HIS C 95 -12.21 -29.56 24.23
N TYR C 96 -12.90 -28.76 23.43
CA TYR C 96 -12.24 -27.90 22.45
C TYR C 96 -11.49 -26.75 23.14
N ARG C 97 -12.05 -26.25 24.23
CA ARG C 97 -11.45 -25.15 24.98
C ARG C 97 -10.06 -25.53 25.49
N GLU C 98 -9.98 -26.69 26.14
CA GLU C 98 -8.71 -27.18 26.68
C GLU C 98 -7.72 -27.48 25.56
N GLN C 99 -8.23 -27.85 24.39
CA GLN C 99 -7.38 -28.15 23.26
C GLN C 99 -6.69 -26.88 22.78
N ILE C 100 -7.47 -25.82 22.58
CA ILE C 100 -6.94 -24.54 22.12
C ILE C 100 -5.90 -23.99 23.10
N LYS C 101 -6.20 -24.10 24.39
CA LYS C 101 -5.30 -23.63 25.44
C LYS C 101 -3.91 -24.26 25.30
N ARG C 102 -3.88 -25.55 24.93
CA ARG C 102 -2.63 -26.26 24.77
C ARG C 102 -1.91 -25.87 23.48
N VAL C 103 -2.67 -25.74 22.39
CA VAL C 103 -2.10 -25.38 21.09
C VAL C 103 -1.41 -24.01 21.17
N LYS C 104 -2.10 -23.05 21.74
CA LYS C 104 -1.57 -21.70 21.87
C LYS C 104 -0.61 -21.59 23.05
N ASP C 105 -0.58 -22.62 23.88
CA ASP C 105 0.27 -22.68 25.07
C ASP C 105 0.06 -21.43 25.93
N SER C 106 -1.19 -21.17 26.26
CA SER C 106 -1.55 -20.02 27.07
C SER C 106 -2.70 -20.37 28.00
N GLU C 107 -2.73 -19.71 29.15
CA GLU C 107 -3.79 -19.94 30.13
C GLU C 107 -5.07 -19.25 29.72
N ASP C 108 -4.93 -18.07 29.14
CA ASP C 108 -6.09 -17.29 28.70
C ASP C 108 -5.89 -16.81 27.29
N VAL C 109 -6.87 -17.09 26.44
CA VAL C 109 -6.82 -16.67 25.03
C VAL C 109 -8.15 -16.08 24.61
N PRO C 110 -8.16 -15.20 23.60
CA PRO C 110 -9.38 -14.56 23.09
C PRO C 110 -10.36 -15.58 22.49
N MET C 111 -11.36 -15.96 23.28
CA MET C 111 -12.37 -16.92 22.85
C MET C 111 -13.76 -16.43 23.24
N VAL C 112 -14.72 -16.61 22.36
CA VAL C 112 -16.09 -16.21 22.63
C VAL C 112 -17.05 -17.33 22.27
N LEU C 113 -18.02 -17.60 23.16
CA LEU C 113 -18.99 -18.65 22.91
C LEU C 113 -20.18 -18.12 22.15
N VAL C 114 -20.60 -18.85 21.13
CA VAL C 114 -21.73 -18.44 20.32
C VAL C 114 -22.69 -19.61 20.06
N GLY C 115 -23.88 -19.51 20.62
CA GLY C 115 -24.88 -20.54 20.46
C GLY C 115 -25.75 -20.30 19.24
N ASN C 116 -25.54 -21.11 18.22
CA ASN C 116 -26.29 -21.00 16.97
C ASN C 116 -27.64 -21.72 17.08
N LYS C 117 -28.54 -21.42 16.15
CA LYS C 117 -29.88 -22.02 16.10
C LYS C 117 -30.67 -21.70 17.35
N CYS C 118 -30.47 -20.50 17.88
CA CYS C 118 -31.17 -20.06 19.08
C CYS C 118 -32.63 -19.75 18.82
N ASP C 119 -33.00 -19.66 17.54
CA ASP C 119 -34.37 -19.35 17.18
C ASP C 119 -35.19 -20.62 16.97
N LEU C 120 -34.52 -21.77 17.09
CA LEU C 120 -35.19 -23.04 16.91
C LEU C 120 -35.97 -23.42 18.18
N PRO C 121 -37.17 -24.00 18.00
CA PRO C 121 -38.02 -24.41 19.13
C PRO C 121 -37.43 -25.58 19.91
N SER C 122 -36.36 -26.15 19.37
CA SER C 122 -35.69 -27.28 19.99
C SER C 122 -34.59 -26.82 20.97
N ARG C 123 -34.76 -25.60 21.50
CA ARG C 123 -33.80 -25.05 22.45
C ARG C 123 -33.68 -25.92 23.70
N THR C 124 -32.62 -26.70 23.78
CA THR C 124 -32.38 -27.58 24.91
C THR C 124 -31.57 -26.86 25.99
N VAL C 125 -30.54 -26.14 25.55
CA VAL C 125 -29.68 -25.41 26.46
C VAL C 125 -30.19 -23.99 26.64
N ASP C 126 -30.40 -23.59 27.88
CA ASP C 126 -30.90 -22.26 28.19
C ASP C 126 -29.76 -21.24 28.22
N THR C 127 -30.11 -19.97 27.98
CA THR C 127 -29.14 -18.89 27.97
C THR C 127 -28.38 -18.80 29.29
N LYS C 128 -29.08 -19.03 30.39
CA LYS C 128 -28.46 -18.96 31.72
C LYS C 128 -27.34 -20.00 31.85
N GLN C 129 -27.58 -21.19 31.30
CA GLN C 129 -26.61 -22.27 31.36
C GLN C 129 -25.26 -21.86 30.76
N ALA C 130 -25.31 -21.27 29.58
CA ALA C 130 -24.11 -20.84 28.89
C ALA C 130 -23.51 -19.60 29.55
N GLN C 131 -24.36 -18.64 29.88
CA GLN C 131 -23.89 -17.41 30.52
C GLN C 131 -23.25 -17.69 31.86
N ASP C 132 -23.82 -18.62 32.60
CA ASP C 132 -23.31 -18.99 33.93
C ASP C 132 -21.92 -19.60 33.82
N LEU C 133 -21.77 -20.58 32.92
CA LEU C 133 -20.49 -21.23 32.73
C LEU C 133 -19.45 -20.28 32.15
N ALA C 134 -19.86 -19.51 31.14
CA ALA C 134 -18.97 -18.53 30.51
C ALA C 134 -18.51 -17.47 31.51
N ARG C 135 -19.44 -17.03 32.37
CA ARG C 135 -19.12 -16.02 33.37
C ARG C 135 -18.13 -16.57 34.40
N SER C 136 -18.19 -17.88 34.61
CA SER C 136 -17.31 -18.55 35.56
C SER C 136 -15.87 -18.58 35.06
N TYR C 137 -15.70 -18.72 33.75
CA TYR C 137 -14.38 -18.79 33.15
C TYR C 137 -13.89 -17.41 32.70
N GLY C 138 -14.80 -16.46 32.66
CA GLY C 138 -14.43 -15.11 32.24
C GLY C 138 -14.42 -14.96 30.74
N ILE C 139 -15.46 -15.47 30.09
CA ILE C 139 -15.58 -15.38 28.64
C ILE C 139 -16.99 -14.97 28.25
N PRO C 140 -17.14 -14.27 27.10
CA PRO C 140 -18.44 -13.80 26.63
C PRO C 140 -19.22 -14.87 25.84
N PHE C 141 -20.54 -14.72 25.84
CA PHE C 141 -21.43 -15.63 25.12
C PHE C 141 -22.52 -14.84 24.40
N ILE C 142 -22.76 -15.16 23.14
CA ILE C 142 -23.79 -14.48 22.35
C ILE C 142 -24.68 -15.50 21.62
N GLU C 143 -25.98 -15.24 21.58
CA GLU C 143 -26.91 -16.12 20.88
C GLU C 143 -26.90 -15.77 19.39
N THR C 144 -26.81 -16.78 18.54
CA THR C 144 -26.76 -16.54 17.12
C THR C 144 -27.70 -17.46 16.34
N SER C 145 -27.88 -17.15 15.07
CA SER C 145 -28.72 -17.94 14.18
C SER C 145 -28.26 -17.71 12.75
N ALA C 146 -27.80 -18.77 12.10
CA ALA C 146 -27.32 -18.67 10.73
C ALA C 146 -28.49 -18.56 9.78
N LYS C 147 -29.58 -19.24 10.11
CA LYS C 147 -30.78 -19.22 9.30
C LYS C 147 -31.44 -17.84 9.31
N THR C 148 -31.32 -17.13 10.44
CA THR C 148 -31.91 -15.81 10.56
C THR C 148 -30.88 -14.73 10.25
N ARG C 149 -29.60 -15.06 10.45
CA ARG C 149 -28.49 -14.13 10.21
C ARG C 149 -28.56 -12.93 11.16
N GLN C 150 -28.98 -13.17 12.39
CA GLN C 150 -29.08 -12.10 13.37
C GLN C 150 -28.00 -12.23 14.45
N GLY C 151 -27.29 -11.13 14.68
CA GLY C 151 -26.23 -11.12 15.68
C GLY C 151 -24.94 -11.74 15.22
N VAL C 152 -24.93 -12.27 14.00
CA VAL C 152 -23.74 -12.91 13.46
C VAL C 152 -22.65 -11.89 13.17
N ASP C 153 -23.04 -10.75 12.61
CA ASP C 153 -22.08 -9.69 12.29
C ASP C 153 -21.35 -9.23 13.55
N ASP C 154 -22.11 -8.96 14.60
CA ASP C 154 -21.54 -8.52 15.86
C ASP C 154 -20.76 -9.63 16.54
N ALA C 155 -21.21 -10.86 16.38
CA ALA C 155 -20.53 -12.03 16.97
C ALA C 155 -19.08 -12.09 16.52
N PHE C 156 -18.86 -11.84 15.23
CA PHE C 156 -17.51 -11.86 14.68
C PHE C 156 -16.72 -10.63 15.15
N TYR C 157 -17.41 -9.50 15.28
CA TYR C 157 -16.76 -8.28 15.73
C TYR C 157 -16.37 -8.40 17.20
N THR C 158 -17.16 -9.18 17.94
CA THR C 158 -16.92 -9.40 19.37
C THR C 158 -15.52 -9.94 19.61
N LEU C 159 -15.12 -10.90 18.79
CA LEU C 159 -13.80 -11.51 18.90
C LEU C 159 -12.70 -10.48 18.66
N VAL C 160 -12.89 -9.61 17.67
CA VAL C 160 -11.93 -8.58 17.34
C VAL C 160 -11.71 -7.65 18.53
N ARG C 161 -12.81 -7.30 19.20
CA ARG C 161 -12.76 -6.43 20.36
C ARG C 161 -11.95 -7.08 21.48
N GLU C 162 -12.20 -8.37 21.72
CA GLU C 162 -11.50 -9.12 22.75
C GLU C 162 -10.00 -9.17 22.46
N ILE C 163 -9.65 -9.42 21.21
CA ILE C 163 -8.23 -9.50 20.81
C ILE C 163 -7.54 -8.15 21.04
N ARG C 164 -8.21 -7.07 20.67
CA ARG C 164 -7.67 -5.72 20.84
C ARG C 164 -7.39 -5.41 22.31
N LYS C 165 -8.30 -5.87 23.17
CA LYS C 165 -8.15 -5.66 24.61
C LYS C 165 -7.08 -6.58 25.18
N HIS C 166 -7.03 -7.80 24.65
CA HIS C 166 -6.07 -8.81 25.10
C HIS C 166 -4.64 -8.30 24.97
N LYS C 167 -4.32 -7.74 23.81
CA LYS C 167 -2.99 -7.20 23.55
C LYS C 167 -2.68 -6.06 24.52
N GLU C 168 -3.69 -5.25 24.81
CA GLU C 168 -3.55 -4.14 25.74
C GLU C 168 -3.29 -4.67 27.15
N LYS C 169 -4.00 -5.74 27.50
CA LYS C 169 -3.86 -6.36 28.81
C LYS C 169 -2.44 -6.88 29.01
N MET C 170 -1.94 -7.60 28.01
CA MET C 170 -0.60 -8.16 28.06
C MET C 170 0.44 -7.07 28.20
N SER C 171 0.21 -5.94 27.52
CA SER C 171 1.13 -4.82 27.58
C SER C 171 1.18 -4.21 28.98
N LYS C 172 0.03 -4.13 29.64
CA LYS C 172 -0.04 -3.57 30.97
C LYS C 172 0.39 -4.58 32.02
N ASP C 173 0.30 -5.87 31.68
CA ASP C 173 0.68 -6.93 32.59
C ASP C 173 2.19 -7.07 32.66
N GLY C 174 2.79 -7.48 31.53
CA GLY C 174 4.22 -7.66 31.46
C GLY C 174 4.68 -8.90 32.22
N LYS C 175 5.13 -8.71 33.45
CA LYS C 175 5.59 -9.80 34.29
C LYS C 175 5.75 -9.32 35.73
N LYS C 176 6.52 -8.25 35.90
CA LYS C 176 6.76 -7.70 37.23
C LYS C 176 6.32 -6.24 37.30
N LYS C 177 5.42 -5.96 38.24
CA LYS C 177 4.90 -4.61 38.42
C LYS C 177 5.58 -3.92 39.60
N LYS C 178 5.25 -2.65 39.78
CA LYS C 178 5.81 -1.85 40.87
C LYS C 178 4.69 -1.14 41.63
N LYS C 179 4.86 -0.96 42.92
CA LYS C 179 3.85 -0.32 43.75
C LYS C 179 4.34 1.02 44.30
N LYS C 180 3.43 1.73 44.96
CA LYS C 180 3.74 3.04 45.55
C LYS C 180 2.76 3.34 46.68
N SER C 181 3.23 3.24 47.91
CA SER C 181 2.40 3.51 49.08
C SER C 181 3.10 4.47 50.04
N LYS C 182 2.48 5.61 50.28
CA LYS C 182 3.04 6.61 51.17
C LYS C 182 2.00 7.05 52.20
N THR C 183 2.28 6.76 53.47
CA THR C 183 1.38 7.14 54.55
C THR C 183 1.68 8.56 55.02
N LYS C 184 0.68 9.22 55.56
CA LYS C 184 0.84 10.59 56.04
C LYS C 184 0.38 10.72 57.49
N CYS C 185 -0.57 9.88 57.88
CA CYS C 185 -1.12 9.90 59.24
C CYS C 185 -1.87 11.20 59.52
N ASN D 1 -5.95 -39.13 3.62
CA ASN D 1 -6.15 -38.68 2.24
C ASN D 1 -6.63 -37.23 2.21
N THR D 2 -5.71 -36.32 1.95
CA THR D 2 -6.04 -34.91 1.91
C THR D 2 -5.62 -34.28 0.58
N ILE D 3 -6.56 -33.62 -0.06
CA ILE D 3 -6.29 -32.94 -1.32
C ILE D 3 -6.64 -31.46 -1.18
N ARG D 4 -5.68 -30.60 -1.49
CA ARG D 4 -5.90 -29.17 -1.36
C ARG D 4 -6.44 -28.56 -2.65
N VAL D 5 -7.72 -28.22 -2.62
CA VAL D 5 -8.38 -27.62 -3.76
C VAL D 5 -8.39 -26.10 -3.62
N PHE D 6 -7.77 -25.41 -4.56
CA PHE D 6 -7.70 -23.95 -4.53
C PHE D 6 -8.60 -23.33 -5.59
N LEU D 7 -9.31 -22.29 -5.19
CA LEU D 7 -10.22 -21.59 -6.07
C LEU D 7 -9.60 -20.24 -6.46
N PRO D 8 -10.25 -19.48 -7.37
CA PRO D 8 -9.75 -18.17 -7.81
C PRO D 8 -9.44 -17.22 -6.65
N ASN D 9 -8.65 -16.19 -6.94
CA ASN D 9 -8.25 -15.19 -5.96
C ASN D 9 -7.32 -15.82 -4.91
N LYS D 10 -7.90 -16.22 -3.78
CA LYS D 10 -7.13 -16.84 -2.70
C LYS D 10 -8.06 -17.67 -1.84
N GLN D 11 -9.00 -18.33 -2.48
CA GLN D 11 -9.96 -19.16 -1.79
C GLN D 11 -9.50 -20.61 -1.78
N ARG D 12 -9.59 -21.25 -0.63
CA ARG D 12 -9.18 -22.63 -0.51
C ARG D 12 -10.18 -23.43 0.31
N THR D 13 -10.54 -24.60 -0.18
CA THR D 13 -11.50 -25.46 0.49
C THR D 13 -11.11 -26.94 0.35
N VAL D 14 -10.55 -27.50 1.41
CA VAL D 14 -10.14 -28.89 1.41
C VAL D 14 -11.33 -29.78 1.74
N VAL D 15 -11.57 -30.77 0.88
CA VAL D 15 -12.67 -31.70 1.07
C VAL D 15 -12.14 -33.09 1.38
N ASN D 16 -13.04 -34.02 1.65
CA ASN D 16 -12.66 -35.38 1.96
C ASN D 16 -13.04 -36.33 0.83
N VAL D 17 -12.05 -36.84 0.13
CA VAL D 17 -12.29 -37.76 -0.97
C VAL D 17 -12.04 -39.20 -0.54
N ARG D 18 -12.85 -40.11 -1.04
CA ARG D 18 -12.73 -41.53 -0.68
C ARG D 18 -13.09 -42.41 -1.87
N ASN D 19 -12.57 -43.64 -1.87
CA ASN D 19 -12.84 -44.63 -2.92
C ASN D 19 -12.28 -44.19 -4.27
N GLY D 20 -13.16 -43.87 -5.21
CA GLY D 20 -12.75 -43.45 -6.53
C GLY D 20 -13.44 -42.19 -6.98
N MET D 21 -12.90 -41.05 -6.58
CA MET D 21 -13.47 -39.76 -6.95
C MET D 21 -12.54 -39.01 -7.89
N SER D 22 -13.07 -38.56 -9.01
CA SER D 22 -12.29 -37.82 -9.97
C SER D 22 -12.42 -36.33 -9.69
N LEU D 23 -11.62 -35.52 -10.37
CA LEU D 23 -11.67 -34.07 -10.18
C LEU D 23 -13.08 -33.52 -10.46
N HIS D 24 -13.73 -34.09 -11.47
CA HIS D 24 -15.07 -33.69 -11.86
C HIS D 24 -16.07 -33.93 -10.73
N ASP D 25 -15.88 -35.07 -10.04
CA ASP D 25 -16.75 -35.46 -8.93
C ASP D 25 -16.70 -34.43 -7.80
N CYS D 26 -15.50 -33.99 -7.49
CA CYS D 26 -15.30 -33.03 -6.41
C CYS D 26 -15.73 -31.61 -6.80
N LEU D 27 -15.53 -31.23 -8.05
CA LEU D 27 -15.90 -29.90 -8.52
C LEU D 27 -17.40 -29.67 -8.38
N MET D 28 -18.17 -30.68 -8.77
CA MET D 28 -19.63 -30.62 -8.73
C MET D 28 -20.16 -30.43 -7.29
N LYS D 29 -19.30 -30.69 -6.31
CA LYS D 29 -19.69 -30.55 -4.91
C LYS D 29 -19.76 -29.09 -4.48
N ALA D 30 -18.80 -28.28 -4.92
CA ALA D 30 -18.78 -26.87 -4.55
C ALA D 30 -19.42 -25.98 -5.61
N LEU D 31 -19.49 -26.49 -6.83
CA LEU D 31 -20.07 -25.75 -7.95
C LEU D 31 -21.50 -25.28 -7.64
N LYS D 32 -22.22 -26.09 -6.86
CA LYS D 32 -23.60 -25.77 -6.51
C LYS D 32 -23.70 -24.66 -5.46
N VAL D 33 -22.69 -24.53 -4.62
CA VAL D 33 -22.69 -23.49 -3.58
C VAL D 33 -22.32 -22.14 -4.19
N ARG D 34 -21.44 -22.18 -5.18
CA ARG D 34 -21.00 -20.97 -5.86
C ARG D 34 -21.97 -20.57 -6.96
N GLY D 35 -22.42 -21.55 -7.73
CA GLY D 35 -23.33 -21.26 -8.82
C GLY D 35 -22.59 -20.67 -9.99
N LEU D 36 -21.62 -21.41 -10.51
CA LEU D 36 -20.82 -20.96 -11.63
C LEU D 36 -20.98 -21.87 -12.84
N GLN D 37 -20.25 -21.56 -13.90
CA GLN D 37 -20.31 -22.34 -15.13
C GLN D 37 -18.99 -23.09 -15.35
N PRO D 38 -19.01 -24.43 -15.24
CA PRO D 38 -17.81 -25.27 -15.41
C PRO D 38 -17.20 -25.16 -16.80
N GLU D 39 -18.02 -24.80 -17.78
CA GLU D 39 -17.55 -24.65 -19.16
C GLU D 39 -16.62 -23.44 -19.31
N CYS D 40 -16.60 -22.59 -18.30
CA CYS D 40 -15.74 -21.41 -18.31
C CYS D 40 -14.58 -21.60 -17.32
N CYS D 41 -14.54 -22.76 -16.69
CA CYS D 41 -13.49 -23.09 -15.73
C CYS D 41 -12.44 -23.98 -16.35
N ALA D 42 -11.26 -24.01 -15.77
CA ALA D 42 -10.17 -24.82 -16.26
C ALA D 42 -9.41 -25.45 -15.11
N VAL D 43 -9.16 -26.74 -15.20
CA VAL D 43 -8.45 -27.46 -14.15
C VAL D 43 -6.94 -27.43 -14.35
N PHE D 44 -6.22 -27.03 -13.32
CA PHE D 44 -4.76 -26.96 -13.36
C PHE D 44 -4.16 -27.54 -12.09
N ARG D 45 -2.93 -27.99 -12.17
CA ARG D 45 -2.25 -28.55 -11.01
C ARG D 45 -1.13 -27.64 -10.52
N LEU D 46 -0.54 -28.00 -9.39
CA LEU D 46 0.54 -27.24 -8.80
C LEU D 46 1.73 -27.13 -9.75
N LEU D 47 2.37 -25.98 -9.76
CA LEU D 47 3.52 -25.74 -10.63
C LEU D 47 4.70 -26.58 -10.19
N GLN D 48 4.94 -27.66 -10.91
CA GLN D 48 6.05 -28.56 -10.61
C GLN D 48 7.22 -28.31 -11.55
N GLU D 49 8.14 -27.44 -11.10
CA GLU D 49 9.32 -27.09 -11.87
C GLU D 49 8.97 -26.56 -13.25
N HIS D 50 8.20 -25.48 -13.26
CA HIS D 50 7.75 -24.87 -14.50
C HIS D 50 8.49 -23.56 -14.74
N LYS D 51 8.23 -22.93 -15.88
CA LYS D 51 8.84 -21.66 -16.23
C LYS D 51 7.96 -20.51 -15.78
N GLY D 52 6.73 -20.84 -15.39
CA GLY D 52 5.81 -19.83 -14.93
C GLY D 52 4.50 -19.88 -15.68
N LYS D 53 3.76 -20.98 -15.49
CA LYS D 53 2.49 -21.17 -16.15
C LYS D 53 1.78 -22.37 -15.53
N LYS D 54 0.45 -22.31 -15.49
CA LYS D 54 -0.35 -23.39 -14.93
C LYS D 54 -0.18 -24.66 -15.78
N ALA D 55 -0.28 -25.82 -15.14
CA ALA D 55 -0.13 -27.09 -15.83
C ALA D 55 -1.47 -27.76 -16.09
N ARG D 56 -1.68 -28.16 -17.34
CA ARG D 56 -2.93 -28.79 -17.76
C ARG D 56 -3.04 -30.22 -17.22
N LEU D 57 -4.26 -30.58 -16.82
CA LEU D 57 -4.54 -31.91 -16.29
C LEU D 57 -5.75 -32.51 -17.00
N ASP D 58 -6.11 -33.73 -16.62
CA ASP D 58 -7.24 -34.43 -17.21
C ASP D 58 -8.44 -34.34 -16.28
N TRP D 59 -9.61 -34.74 -16.75
CA TRP D 59 -10.80 -34.68 -15.93
C TRP D 59 -11.11 -36.03 -15.28
N ASN D 60 -10.42 -37.07 -15.73
CA ASN D 60 -10.63 -38.40 -15.17
C ASN D 60 -9.50 -38.75 -14.18
N THR D 61 -8.79 -37.72 -13.74
CA THR D 61 -7.71 -37.89 -12.79
C THR D 61 -8.25 -38.24 -11.41
N ASP D 62 -7.60 -39.20 -10.77
CA ASP D 62 -8.00 -39.64 -9.43
C ASP D 62 -7.56 -38.60 -8.39
N ALA D 63 -8.49 -38.16 -7.56
CA ALA D 63 -8.20 -37.16 -6.54
C ALA D 63 -7.21 -37.64 -5.48
N ALA D 64 -7.10 -38.94 -5.31
CA ALA D 64 -6.19 -39.50 -4.31
C ALA D 64 -4.79 -39.70 -4.87
N SER D 65 -4.68 -39.72 -6.19
CA SER D 65 -3.38 -39.90 -6.84
C SER D 65 -2.50 -38.66 -6.69
N LEU D 66 -3.13 -37.51 -6.49
CA LEU D 66 -2.41 -36.26 -6.34
C LEU D 66 -2.54 -35.75 -4.91
N ILE D 67 -2.60 -36.68 -3.98
CA ILE D 67 -2.73 -36.36 -2.56
C ILE D 67 -1.57 -35.46 -2.11
N GLY D 68 -1.89 -34.43 -1.34
CA GLY D 68 -0.87 -33.52 -0.84
C GLY D 68 -0.57 -32.37 -1.80
N GLU D 69 -1.06 -32.49 -3.03
CA GLU D 69 -0.84 -31.46 -4.02
C GLU D 69 -1.99 -30.45 -4.04
N GLU D 70 -1.73 -29.28 -4.59
CA GLU D 70 -2.74 -28.23 -4.66
C GLU D 70 -3.33 -28.11 -6.06
N LEU D 71 -4.64 -28.27 -6.15
CA LEU D 71 -5.32 -28.16 -7.43
C LEU D 71 -5.81 -26.74 -7.64
N GLN D 72 -5.27 -26.06 -8.63
CA GLN D 72 -5.62 -24.69 -8.92
C GLN D 72 -6.77 -24.64 -9.92
N VAL D 73 -7.98 -24.51 -9.41
CA VAL D 73 -9.17 -24.44 -10.26
C VAL D 73 -9.38 -23.00 -10.74
N ASP D 74 -8.83 -22.69 -11.90
CA ASP D 74 -8.93 -21.35 -12.45
C ASP D 74 -9.99 -21.30 -13.54
N PHE D 75 -9.98 -20.22 -14.29
CA PHE D 75 -10.90 -20.03 -15.39
C PHE D 75 -10.14 -19.96 -16.70
N LEU D 76 -10.84 -20.14 -17.81
CA LEU D 76 -10.21 -20.08 -19.12
C LEU D 76 -10.37 -18.69 -19.73
N ASP D 77 -10.27 -18.59 -21.04
CA ASP D 77 -10.41 -17.33 -21.73
C ASP D 77 -11.86 -16.85 -21.73
N HIS D 78 -12.22 -16.09 -20.69
CA HIS D 78 -13.57 -15.56 -20.53
C HIS D 78 -13.57 -14.54 -19.40
N VAL D 79 -12.43 -13.87 -19.22
CA VAL D 79 -12.25 -12.85 -18.18
C VAL D 79 -12.21 -13.48 -16.79
N PRO D 80 -11.00 -13.80 -16.30
CA PRO D 80 -10.80 -14.40 -14.98
C PRO D 80 -10.60 -13.34 -13.88
N LEU D 81 -9.92 -13.73 -12.80
CA LEU D 81 -9.65 -12.84 -11.68
C LEU D 81 -10.93 -12.37 -11.01
N THR D 82 -10.88 -11.20 -10.39
CA THR D 82 -12.05 -10.64 -9.71
C THR D 82 -12.10 -9.14 -9.93
N THR D 83 -13.29 -8.63 -10.21
CA THR D 83 -13.47 -7.19 -10.40
C THR D 83 -14.10 -6.60 -9.15
N HIS D 84 -14.08 -5.27 -9.04
CA HIS D 84 -14.64 -4.59 -7.88
C HIS D 84 -16.15 -4.79 -7.79
N ASN D 85 -16.60 -5.32 -6.66
CA ASN D 85 -18.02 -5.58 -6.43
C ASN D 85 -18.63 -4.46 -5.61
N PHE D 86 -19.32 -3.55 -6.29
CA PHE D 86 -19.97 -2.41 -5.62
C PHE D 86 -21.04 -2.88 -4.65
N ALA D 87 -20.94 -2.44 -3.40
CA ALA D 87 -21.91 -2.80 -2.37
C ALA D 87 -22.43 -1.56 -1.65
N ARG D 88 -23.67 -1.19 -1.94
CA ARG D 88 -24.28 -0.03 -1.32
C ARG D 88 -24.97 -0.40 -0.01
N LYS D 89 -24.22 -0.29 1.08
CA LYS D 89 -24.74 -0.59 2.40
C LYS D 89 -24.21 0.38 3.45
N THR D 90 -24.81 0.35 4.63
CA THR D 90 -24.41 1.23 5.72
C THR D 90 -23.11 0.74 6.37
N PHE D 91 -22.46 1.64 7.09
CA PHE D 91 -21.21 1.32 7.77
C PHE D 91 -21.45 1.22 9.27
N LEU D 92 -20.37 1.05 10.02
CA LEU D 92 -20.46 0.95 11.48
C LEU D 92 -20.09 2.28 12.11
N LYS D 93 -18.81 2.47 12.34
CA LYS D 93 -18.32 3.71 12.93
C LYS D 93 -17.88 4.66 11.83
N LEU D 94 -17.79 5.94 12.15
CA LEU D 94 -17.35 6.93 11.18
C LEU D 94 -15.90 6.68 10.83
N ALA D 95 -15.66 6.26 9.59
CA ALA D 95 -14.32 5.94 9.13
C ALA D 95 -13.64 7.13 8.48
N PHE D 96 -12.50 6.87 7.88
CA PHE D 96 -11.74 7.89 7.17
C PHE D 96 -11.39 7.34 5.80
N CYS D 97 -11.24 8.24 4.83
CA CYS D 97 -10.92 7.84 3.47
C CYS D 97 -9.48 7.36 3.36
N ASP D 98 -9.26 6.39 2.49
CA ASP D 98 -7.94 5.85 2.27
C ASP D 98 -7.39 6.39 0.96
N ILE D 99 -8.22 7.20 0.31
CA ILE D 99 -7.86 7.81 -0.97
C ILE D 99 -7.79 9.33 -0.81
N CYS D 100 -8.64 9.88 0.05
CA CYS D 100 -8.67 11.30 0.30
C CYS D 100 -8.29 11.62 1.74
N GLN D 101 -8.29 12.90 2.09
CA GLN D 101 -7.95 13.32 3.43
C GLN D 101 -9.21 13.74 4.18
N LYS D 102 -10.34 13.16 3.79
CA LYS D 102 -11.62 13.46 4.41
C LYS D 102 -12.16 12.23 5.14
N PHE D 103 -13.19 12.42 5.95
CA PHE D 103 -13.79 11.32 6.68
C PHE D 103 -14.66 10.46 5.75
N LEU D 104 -14.87 9.21 6.13
CA LEU D 104 -15.67 8.29 5.34
C LEU D 104 -17.05 8.11 5.95
N LEU D 105 -18.03 8.75 5.34
CA LEU D 105 -19.41 8.66 5.81
C LEU D 105 -20.09 7.45 5.17
N ASN D 106 -21.40 7.53 4.95
CA ASN D 106 -22.13 6.44 4.33
C ASN D 106 -21.92 6.44 2.82
N GLY D 107 -20.66 6.33 2.41
CA GLY D 107 -20.31 6.34 1.01
C GLY D 107 -20.51 4.99 0.36
N PHE D 108 -19.44 4.38 -0.11
CA PHE D 108 -19.53 3.07 -0.75
C PHE D 108 -18.37 2.17 -0.36
N ARG D 109 -18.61 0.87 -0.46
CA ARG D 109 -17.61 -0.14 -0.16
C ARG D 109 -17.87 -1.37 -1.03
N CYS D 110 -16.97 -2.33 -0.98
CA CYS D 110 -17.13 -3.54 -1.79
C CYS D 110 -17.58 -4.73 -0.95
N GLN D 111 -18.09 -5.76 -1.62
CA GLN D 111 -18.52 -6.97 -0.94
C GLN D 111 -17.38 -7.98 -0.94
N THR D 112 -16.73 -8.14 -2.07
CA THR D 112 -15.62 -9.06 -2.20
C THR D 112 -14.37 -8.48 -1.51
N CYS D 113 -13.94 -7.32 -1.97
CA CYS D 113 -12.77 -6.67 -1.40
C CYS D 113 -13.13 -6.09 -0.03
N GLY D 114 -13.67 -4.87 -0.02
CA GLY D 114 -14.06 -4.26 1.22
C GLY D 114 -13.28 -3.00 1.56
N TYR D 115 -13.22 -2.06 0.63
CA TYR D 115 -12.51 -0.82 0.86
C TYR D 115 -13.49 0.34 1.03
N LYS D 116 -13.08 1.38 1.75
CA LYS D 116 -13.94 2.54 1.98
C LYS D 116 -13.51 3.68 1.08
N PHE D 117 -14.47 4.23 0.34
CA PHE D 117 -14.21 5.34 -0.56
C PHE D 117 -15.45 6.19 -0.77
N HIS D 118 -15.26 7.39 -1.31
CA HIS D 118 -16.35 8.31 -1.57
C HIS D 118 -16.87 8.08 -2.99
N GLU D 119 -17.87 8.85 -3.38
CA GLU D 119 -18.44 8.74 -4.72
C GLU D 119 -17.44 9.27 -5.75
N HIS D 120 -16.65 10.25 -5.32
CA HIS D 120 -15.65 10.86 -6.19
C HIS D 120 -14.43 9.95 -6.32
N CYS D 121 -14.16 9.19 -5.27
CA CYS D 121 -13.02 8.27 -5.26
C CYS D 121 -13.15 7.21 -6.34
N SER D 122 -14.39 6.87 -6.69
CA SER D 122 -14.64 5.86 -7.72
C SER D 122 -13.97 6.21 -9.05
N THR D 123 -13.73 7.49 -9.28
CA THR D 123 -13.08 7.93 -10.51
C THR D 123 -11.75 8.62 -10.19
N LYS D 124 -11.50 8.83 -8.90
CA LYS D 124 -10.27 9.47 -8.45
C LYS D 124 -9.13 8.46 -8.37
N VAL D 125 -9.47 7.22 -8.05
CA VAL D 125 -8.47 6.17 -7.94
C VAL D 125 -8.32 5.40 -9.26
N PRO D 126 -7.11 5.44 -9.85
CA PRO D 126 -6.84 4.73 -11.11
C PRO D 126 -6.66 3.23 -10.87
N THR D 127 -6.36 2.89 -9.62
CA THR D 127 -6.16 1.51 -9.23
C THR D 127 -7.44 0.93 -8.64
N MET D 128 -7.34 -0.26 -8.04
CA MET D 128 -8.50 -0.91 -7.44
C MET D 128 -8.14 -1.49 -6.08
N CYS D 129 -9.15 -1.91 -5.33
CA CYS D 129 -8.94 -2.50 -4.02
C CYS D 129 -8.34 -3.90 -4.11
N VAL D 130 -7.03 -3.98 -3.95
CA VAL D 130 -6.33 -5.26 -4.02
C VAL D 130 -5.54 -5.49 -2.72
N ASP D 131 -5.59 -6.72 -2.22
CA ASP D 131 -4.89 -7.05 -0.99
C ASP D 131 -3.68 -7.95 -1.25
N TRP D 132 -2.55 -7.60 -0.66
CA TRP D 132 -1.33 -8.37 -0.81
C TRP D 132 -0.41 -8.15 0.39
C1 PCW E . -0.93 -15.15 -26.54
C2 PCW E . 0.53 -15.56 -26.35
C3 PCW E . 1.30 -15.29 -27.64
C4 PCW E . -3.86 -16.76 -23.14
C5 PCW E . -4.02 -16.76 -21.62
C6 PCW E . -5.70 -16.06 -19.92
C7 PCW E . -6.36 -16.18 -22.35
C8 PCW E . -6.39 -17.60 -21.78
C11 PCW E . 3.37 -15.30 -28.60
C12 PCW E . 4.89 -15.42 -28.63
C13 PCW E . 5.34 -16.51 -29.61
C14 PCW E . 6.88 -16.62 -29.63
C15 PCW E . 7.33 -17.69 -30.62
C16 PCW E . 8.86 -17.79 -30.64
C17 PCW E . 9.33 -18.86 -31.63
C18 PCW E . 10.86 -18.95 -31.63
C19 PCW E . 11.30 -19.94 -32.51
C20 PCW E . 12.60 -20.41 -32.42
C21 PCW E . 13.45 -19.91 -31.45
C22 PCW E . 13.98 -18.53 -31.84
C23 PCW E . 14.89 -17.95 -30.76
C24 PCW E . 15.39 -16.56 -31.13
C25 PCW E . 14.23 -15.59 -31.32
C26 PCW E . 13.40 -15.46 -30.04
C27 PCW E . 12.24 -14.50 -30.24
C28 PCW E . 11.38 -14.40 -28.97
C31 PCW E . 2.27 -15.37 -24.86
C32 PCW E . 3.09 -14.69 -23.75
C33 PCW E . 4.54 -14.50 -24.19
C34 PCW E . 5.38 -13.82 -23.11
C35 PCW E . 6.82 -13.67 -23.55
C36 PCW E . 7.68 -12.97 -22.49
C37 PCW E . 9.13 -12.87 -22.94
C38 PCW E . 9.99 -12.17 -21.88
C39 PCW E . 11.32 -12.13 -22.27
C40 PCW E . 11.91 -10.91 -22.62
C41 PCW E . 11.17 -9.73 -22.56
C42 PCW E . 12.03 -8.54 -23.00
C43 PCW E . 12.53 -8.71 -24.44
C44 PCW E . 13.38 -7.52 -24.87
C45 PCW E . 14.60 -7.35 -23.96
C46 PCW E . 15.44 -6.15 -24.40
C47 PCW E . 16.69 -6.01 -23.52
C48 PCW E . 17.54 -4.81 -23.97
N PCW E . -5.44 -16.60 -21.27
O2 PCW E . 1.10 -14.80 -25.27
O3 PCW E . 2.70 -15.50 -27.44
O11 PCW E . 2.74 -15.00 -29.62
O31 PCW E . 2.64 -16.44 -25.35
O1P PCW E . -3.19 -17.43 -25.83
O2P PCW E . -0.78 -17.77 -25.12
O3P PCW E . -1.72 -15.46 -25.40
O4P PCW E . -2.48 -16.91 -23.47
P PCW E . -2.03 -16.99 -25.02
C1 PCW F . -24.41 29.57 -10.14
C2 PCW F . -23.26 30.56 -9.86
C3 PCW F . -23.83 31.82 -9.24
C4 PCW F . -24.30 30.16 -5.82
C5 PCW F . -23.36 31.18 -5.16
C6 PCW F . -25.47 32.09 -4.24
C7 PCW F . -23.63 31.40 -2.68
C8 PCW F . -23.27 32.79 -3.22
C11 PCW F . -23.27 33.82 -8.30
C12 PCW F . -22.31 34.94 -7.86
C13 PCW F . -22.75 36.29 -8.44
C14 PCW F . -21.77 37.39 -8.01
C15 PCW F . -22.17 38.73 -8.62
C16 PCW F . -22.19 38.65 -10.15
C17 PCW F . -22.54 40.01 -10.76
C18 PCW F . -21.50 41.07 -10.34
C19 PCW F . -21.77 42.30 -10.92
C20 PCW F . -20.73 43.18 -11.17
C21 PCW F . -19.43 42.81 -10.84
C22 PCW F . -18.42 43.41 -11.82
C23 PCW F . -18.71 42.95 -13.26
C24 PCW F . -17.68 43.51 -14.23
C25 PCW F . -18.00 43.09 -15.67
C26 PCW F . -18.00 41.57 -15.82
C27 PCW F . -18.36 41.17 -17.26
C28 PCW F . -18.36 39.65 -17.42
C31 PCW F . -21.63 28.97 -9.51
C32 PCW F . -20.60 28.20 -8.67
C33 PCW F . -19.71 29.15 -7.87
C34 PCW F . -18.71 29.87 -8.78
C35 PCW F . -19.40 30.61 -9.92
C36 PCW F . -18.34 31.29 -10.81
C37 PCW F . -18.98 31.94 -12.04
C38 PCW F . -17.91 32.60 -12.92
C39 PCW F . -18.44 33.10 -14.09
C40 PCW F . -17.78 32.89 -15.29
C41 PCW F . -16.58 32.18 -15.29
C42 PCW F . -16.50 31.21 -16.47
C43 PCW F . -16.52 31.95 -17.81
C44 PCW F . -16.40 30.96 -18.98
C45 PCW F . -16.38 31.69 -20.32
C46 PCW F . -17.66 32.50 -20.52
C47 PCW F . -17.63 33.24 -21.87
C48 PCW F . -18.90 34.06 -22.08
N PCW F . -24.04 31.81 -4.02
O2 PCW F . -22.34 29.97 -8.92
O3 PCW F . -22.76 32.72 -8.93
O11 PCW F . -24.47 33.90 -8.10
O31 PCW F . -21.82 28.70 -10.69
O1P PCW F . -25.49 27.80 -6.95
O2P PCW F . -23.43 27.48 -8.38
O3P PCW F . -25.12 29.24 -8.94
O4P PCW F . -23.64 29.52 -6.92
P PCW F . -24.41 28.40 -7.77
C1 PCW G . -10.37 -0.51 -32.62
C2 PCW G . -9.16 0.26 -33.14
C3 PCW G . -9.18 1.69 -32.63
C4 PCW G . -8.64 0.82 -28.42
C5 PCW G . -8.80 -0.62 -27.93
C6 PCW G . -7.77 -1.25 -30.10
C7 PCW G . -6.68 -1.97 -27.95
C8 PCW G . -7.86 -2.92 -28.23
C11 PCW G . -7.01 2.29 -33.19
C12 PCW G . -5.96 3.10 -33.96
C13 PCW G . -6.64 3.97 -35.00
C14 PCW G . -5.64 4.86 -35.74
C15 PCW G . -6.35 5.74 -36.77
C16 PCW G . -7.41 6.61 -36.09
C17 PCW G . -6.77 7.54 -35.05
C18 PCW G . -7.84 8.36 -34.31
C19 PCW G . -8.57 9.15 -35.19
C20 PCW G . -9.67 9.87 -34.74
C21 PCW G . -10.04 9.80 -33.40
C22 PCW G . -10.12 11.19 -32.77
C23 PCW G . -10.53 11.10 -31.31
C24 PCW G . -10.63 12.49 -30.67
C25 PCW G . -9.29 13.23 -30.75
C26 PCW G . -9.40 14.62 -30.11
C27 PCW G . -8.06 15.36 -30.21
C28 PCW G . -8.14 16.74 -29.55
C31 PCW G . -7.90 -1.64 -33.34
C32 PCW G . -6.74 -2.58 -33.02
C33 PCW G . -5.83 -2.82 -34.24
C34 PCW G . -5.00 -1.59 -34.57
C35 PCW G . -4.06 -1.88 -35.74
C36 PCW G . -3.07 -0.73 -35.97
C37 PCW G . -3.78 0.57 -36.34
C38 PCW G . -2.76 1.69 -36.59
C39 PCW G . -3.37 2.87 -36.97
C40 PCW G . -2.91 4.08 -36.45
C41 PCW G . -1.85 4.10 -35.56
C42 PCW G . -0.82 5.15 -35.96
C43 PCW G . -1.43 6.55 -35.99
C44 PCW G . -0.36 7.61 -36.29
C45 PCW G . 0.32 7.34 -37.64
C46 PCW G . -0.68 7.37 -38.79
C47 PCW G . 0.02 7.14 -40.13
C48 PCW G . -0.98 7.20 -41.28
N PCW G . -7.89 -1.52 -28.66
O2 PCW G . -7.95 -0.42 -32.75
O3 PCW G . -8.32 2.52 -33.42
O11 PCW G . -6.67 1.46 -32.34
O31 PCW G . -8.78 -1.98 -34.13
O1P PCW G . -11.12 1.67 -31.03
O2P PCW G . -11.31 0.11 -29.02
O3P PCW G . -10.35 -0.69 -31.20
O4P PCW G . -9.06 0.94 -29.78
P PCW G . -10.55 0.57 -30.21
C1 PCW H . 0.03 5.53 26.03
C2 PCW H . 1.32 6.30 26.33
C3 PCW H . 2.50 5.39 26.03
C4 PCW H . -2.17 5.32 22.26
C5 PCW H . -2.74 4.45 21.13
C6 PCW H . -4.63 5.82 20.31
C7 PCW H . -5.01 3.42 20.95
C8 PCW H . -4.98 4.26 22.24
C11 PCW H . 3.85 6.51 27.52
C12 PCW H . 5.09 7.27 27.96
C13 PCW H . 6.36 6.52 27.56
C14 PCW H . 7.62 7.28 27.98
C15 PCW H . 7.69 8.65 27.33
C16 PCW H . 8.94 9.40 27.76
C17 PCW H . 9.04 10.77 27.08
C18 PCW H . 10.30 11.51 27.51
C19 PCW H . 10.39 12.75 26.88
C20 PCW H . 11.03 13.80 27.51
C21 PCW H . 11.61 13.63 28.76
C22 PCW H . 13.14 13.56 28.67
C23 PCW H . 13.76 13.40 30.05
C24 PCW H . 15.28 13.32 29.96
C25 PCW H . 15.90 13.17 31.35
C26 PCW H . 17.43 13.07 31.26
C27 PCW H . 17.85 11.86 30.42
C28 PCW H . 19.38 11.76 30.33
C31 PCW H . 0.54 8.42 25.91
C32 PCW H . 0.49 9.76 25.18
C33 PCW H . 1.60 10.69 25.68
C34 PCW H . 1.52 12.06 25.01
C35 PCW H . 2.63 12.97 25.54
C36 PCW H . 2.55 14.37 24.91
C37 PCW H . 3.70 15.25 25.40
C38 PCW H . 3.69 15.36 26.93
C39 PCW H . 4.78 16.10 27.39
C40 PCW H . 4.59 17.36 27.95
C41 PCW H . 3.31 17.89 28.06
C42 PCW H . 3.34 19.42 27.98
C43 PCW H . 4.20 20.02 29.10
C44 PCW H . 4.27 21.53 28.97
C45 PCW H . 2.88 22.17 29.06
C46 PCW H . 2.96 23.69 28.92
C47 PCW H . 1.56 24.32 28.98
C48 PCW H . 1.63 25.83 28.82
N PCW H . -4.20 4.64 21.05
O2 PCW H . 1.41 7.46 25.49
O3 PCW H . 3.73 6.10 26.22
O11 PCW H . 2.96 6.24 28.33
O31 PCW H . -0.19 8.19 26.88
O1P PCW H . -0.62 7.21 23.78
O2P PCW H . 1.51 6.08 22.98
O3P PCW H . 0.04 4.99 24.70
O4P PCW H . -0.75 5.17 22.31
P PCW H . 0.11 5.96 23.43
C1 PCW I . -20.41 32.55 0.23
C2 PCW I . -19.55 32.15 -0.98
C3 PCW I . -20.22 32.65 -2.25
C4 PCW I . -18.52 28.61 0.69
C5 PCW I . -18.01 27.99 -0.60
C6 PCW I . -16.09 27.35 0.85
C7 PCW I . -17.29 25.57 -0.46
C8 PCW I . -16.34 26.29 -1.41
C11 PCW I . -19.93 32.81 -4.52
C12 PCW I . -19.17 32.61 -5.84
C13 PCW I . -19.12 33.91 -6.65
C14 PCW I . -18.23 33.73 -7.88
C15 PCW I . -18.21 35.01 -8.72
C16 PCW I . -17.79 36.22 -7.89
C17 PCW I . -17.64 37.47 -8.75
C18 PCW I . -17.42 38.70 -7.88
C19 PCW I . -17.20 39.85 -8.63
C20 PCW I . -17.89 40.10 -9.81
C21 PCW I . -18.82 39.20 -10.33
C22 PCW I . -18.41 38.76 -11.73
C23 PCW I . -19.41 37.78 -12.32
C24 PCW I . -18.99 37.36 -13.73
C25 PCW I . -19.96 36.35 -14.33
C26 PCW I . -19.51 35.94 -15.72
C27 PCW I . -20.47 34.92 -16.35
C28 PCW I . -20.01 34.51 -17.75
C31 PCW I . -17.50 32.19 0.10
C32 PCW I . -16.06 32.67 0.30
C33 PCW I . -15.64 33.57 -0.87
C34 PCW I . -16.45 34.86 -0.86
C35 PCW I . -16.18 35.69 -2.11
C36 PCW I . -16.97 37.01 -2.06
C37 PCW I . -16.90 37.74 -3.40
C38 PCW I . -17.66 39.07 -3.31
C39 PCW I . -17.83 39.64 -4.57
C40 PCW I . -16.79 40.27 -5.24
C41 PCW I . -15.53 40.37 -4.67
C42 PCW I . -14.86 41.69 -5.06
C43 PCW I . -13.41 41.75 -4.56
C44 PCW I . -12.75 43.07 -4.95
C45 PCW I . -11.28 43.11 -4.54
C46 PCW I . -10.48 42.01 -5.25
C47 PCW I . -10.56 42.17 -6.78
C48 PCW I . -9.80 41.05 -7.48
N PCW I . -16.96 27.00 -0.28
O2 PCW I . -18.24 32.72 -0.90
O3 PCW I . -19.38 32.35 -3.37
O11 PCW I . -21.02 33.38 -4.51
O31 PCW I . -17.97 31.33 0.84
O1P PCW I . -19.76 29.85 2.88
O2P PCW I . -21.80 30.11 1.38
O3P PCW I . -19.98 31.85 1.41
O4P PCW I . -19.56 29.56 0.39
P PCW I . -20.34 30.29 1.60
C1 PCW J . -7.09 18.17 20.19
C2 PCW J . -6.96 19.63 19.75
C3 PCW J . -7.30 19.79 18.28
C4 PCW J . -11.09 18.44 17.37
C5 PCW J . -12.00 17.23 17.57
C6 PCW J . -12.09 18.00 19.93
C7 PCW J . -14.23 17.69 18.64
C8 PCW J . -13.75 16.31 19.11
C11 PCW J . -5.66 21.34 17.95
C12 PCW J . -5.06 22.70 17.61
C13 PCW J . -3.88 23.02 18.52
C14 PCW J . -3.23 24.37 18.17
C15 PCW J . -2.73 24.39 16.73
C16 PCW J . -1.96 25.68 16.44
C17 PCW J . -0.73 25.79 17.35
C18 PCW J . 0.08 27.05 17.05
C19 PCW J . 1.20 27.11 17.87
C20 PCW J . 2.44 27.48 17.36
C21 PCW J . 2.58 27.78 16.01
C22 PCW J . 2.99 26.55 15.19
C23 PCW J . 1.92 25.48 15.24
C24 PCW J . 2.33 24.24 14.43
C25 PCW J . 3.58 23.58 15.02
C26 PCW J . 4.00 22.36 14.20
C27 PCW J . 5.21 21.67 14.81
C28 PCW J . 4.88 21.16 16.22
C31 PCW J . -7.43 20.38 21.87
C32 PCW J . -8.20 21.20 22.92
C33 PCW J . -8.15 22.69 22.58
C34 PCW J . -8.88 23.53 23.63
C35 PCW J . -8.78 25.02 23.28
C36 PCW J . -9.42 25.89 24.35
C37 PCW J . -9.31 27.38 23.97
C38 PCW J . -9.91 28.28 25.04
C39 PCW J . -9.80 29.62 24.65
C40 PCW J . -8.62 30.31 24.88
C41 PCW J . -7.54 29.67 25.50
C42 PCW J . -6.55 30.68 26.06
C43 PCW J . -5.94 31.55 24.95
C44 PCW J . -4.98 32.58 25.54
C45 PCW J . -4.32 33.42 24.43
C46 PCW J . -3.46 32.53 23.52
C47 PCW J . -2.78 33.36 22.44
C48 PCW J . -1.89 32.47 21.55
N PCW J . -12.80 17.39 18.80
O2 PCW J . -7.80 20.46 20.56
O3 PCW J . -7.00 21.14 17.88
O11 PCW J . -4.92 20.41 18.29
O31 PCW J . -6.48 19.68 22.19
O1P PCW J . -8.06 17.32 17.70
O2P PCW J . -9.92 16.08 18.93
O3P PCW J . -8.45 17.71 20.14
O4P PCW J . -10.14 18.54 18.45
P PCW J . -9.12 17.32 18.73
C1 PCW K . -5.93 -6.15 -30.31
C2 PCW K . -4.48 -5.66 -30.37
C3 PCW K . -3.72 -6.27 -31.55
C4 PCW K . -9.41 -7.62 -31.61
C5 PCW K . -10.24 -8.33 -32.67
C6 PCW K . -12.60 -8.35 -33.42
C7 PCW K . -11.76 -6.41 -32.06
C8 PCW K . -11.30 -6.20 -33.50
C11 PCW K . -1.60 -6.59 -32.39
C12 PCW K . -0.08 -6.45 -32.38
C13 PCW K . 0.36 -5.18 -33.12
C14 PCW K . 1.87 -4.98 -33.02
C15 PCW K . 2.30 -4.76 -31.55
C16 PCW K . 3.79 -4.43 -31.45
C17 PCW K . 4.70 -5.65 -31.59
C18 PCW K . 4.47 -6.45 -32.88
C19 PCW K . 3.32 -7.22 -32.79
C20 PCW K . 2.77 -7.78 -33.93
C21 PCW K . 3.35 -7.58 -35.18
C22 PCW K . 4.40 -8.65 -35.48
C23 PCW K . 4.92 -8.51 -36.91
C24 PCW K . 5.59 -7.16 -37.14
C25 PCW K . 6.05 -7.01 -38.59
C26 PCW K . 6.71 -5.65 -38.84
C27 PCW K . 7.98 -5.50 -37.98
C28 PCW K . 8.99 -6.60 -38.31
C31 PCW K . -3.26 -3.71 -30.11
C32 PCW K . -3.10 -2.18 -30.07
C33 PCW K . -1.79 -1.70 -30.69
C34 PCW K . -1.70 -2.02 -32.18
C35 PCW K . -0.57 -1.21 -32.83
C36 PCW K . -0.42 -1.51 -34.32
C37 PCW K . 0.38 -0.40 -34.99
C38 PCW K . 1.78 -0.26 -34.40
C39 PCW K . 2.34 0.97 -34.74
C40 PCW K . 3.48 1.07 -35.53
C41 PCW K . 4.14 -0.05 -36.02
C42 PCW K . 4.77 0.29 -37.37
C43 PCW K . 5.66 -0.86 -37.87
C44 PCW K . 6.26 -0.51 -39.23
C45 PCW K . 7.24 -1.59 -39.71
C46 PCW K . 8.44 -1.69 -38.77
C47 PCW K . 9.45 -2.73 -39.27
C48 PCW K . 10.64 -2.83 -38.33
N PCW K . -11.46 -7.55 -32.94
O2 PCW K . -4.47 -4.23 -30.40
O3 PCW K . -2.32 -6.02 -31.38
O11 PCW K . -2.18 -7.20 -33.28
O31 PCW K . -2.30 -4.44 -29.86
O1P PCW K . -8.58 -5.73 -29.66
O2P PCW K . -8.65 -3.92 -31.44
O3P PCW K . -6.73 -5.54 -31.33
O4P PCW K . -9.02 -6.33 -32.07
P PCW K . -8.30 -5.30 -31.05
C1 PCW L . -19.56 27.22 6.33
C2 PCW L . -18.55 28.27 6.77
C3 PCW L . -18.78 28.60 8.24
C4 PCW L . -22.74 26.08 6.59
C5 PCW L . -23.95 26.58 7.39
C6 PCW L . -25.68 28.34 7.12
C7 PCW L . -24.45 27.51 5.11
C8 PCW L . -25.53 26.48 5.43
C11 PCW L . -18.01 29.81 10.02
C12 PCW L . -17.09 30.80 10.74
C13 PCW L . -17.73 32.18 10.85
C14 PCW L . -16.73 33.19 11.42
C15 PCW L . -15.52 33.32 10.48
C16 PCW L . -14.50 34.32 11.04
C17 PCW L . -13.32 34.47 10.07
C18 PCW L . -12.29 35.46 10.61
C19 PCW L . -11.23 35.62 9.73
C20 PCW L . -10.62 36.86 9.58
C21 PCW L . -11.06 37.94 10.33
C22 PCW L . -10.55 39.26 9.75
C23 PCW L . -11.01 40.45 10.60
C24 PCW L . -10.48 40.31 12.03
C25 PCW L . -10.94 41.48 12.90
C26 PCW L . -10.41 41.35 14.33
C27 PCW L . -10.88 42.52 15.20
C28 PCW L . -10.33 42.40 16.62
C31 PCW L . -16.32 28.80 6.59
C32 PCW L . -14.83 28.50 6.42
C33 PCW L . -14.14 29.59 5.60
C34 PCW L . -12.64 29.36 5.50
C35 PCW L . -12.32 28.03 4.82
C36 PCW L . -10.80 27.82 4.71
C37 PCW L . -10.45 26.50 4.02
C38 PCW L . -8.93 26.32 3.93
C39 PCW L . -8.61 25.12 3.31
C40 PCW L . -7.30 24.88 2.92
C41 PCW L . -6.31 25.83 3.14
C42 PCW L . -5.55 26.13 1.84
C43 PCW L . -4.48 27.20 2.07
C44 PCW L . -3.73 27.51 0.77
C45 PCW L . -2.65 28.57 0.99
C46 PCW L . -1.90 28.87 -0.31
C47 PCW L . -2.84 29.43 -1.36
C48 PCW L . -2.09 29.74 -2.66
N PCW L . -24.88 27.28 6.49
O2 PCW L . -17.22 27.78 6.59
O3 PCW L . -17.82 29.56 8.70
O11 PCW L . -18.93 29.26 10.64
O31 PCW L . -16.71 29.96 6.71
O1P PCW L . -20.57 24.60 5.43
O2P PCW L . -20.01 23.68 7.74
O3P PCW L . -19.45 26.05 7.14
O4P PCW L . -21.85 25.38 7.46
P PCW L . -20.46 24.81 6.90
C1 17F M . 3.34 -17.70 -8.76
N1 17F M . 1.96 -15.82 -9.44
O1 17F M . 6.10 -15.07 -8.36
P1 17F M . 5.53 -16.26 -9.02
C2 17F M . 2.63 -17.03 -9.93
O2 17F M . 5.12 -16.14 -10.45
C3 17F M . 1.59 -17.99 -10.51
O3 17F M . 4.30 -16.83 -8.15
C4 17F M . 6.52 -18.59 -9.74
O4 17F M . 1.68 -18.24 -11.74
C5 17F M . 7.67 -19.57 -9.48
O5 17F M . 0.74 -18.46 -9.74
C6 17F M . 7.44 -20.81 -10.35
O6 17F M . 6.63 -17.44 -8.91
C7 17F M . 9.61 -21.44 -10.80
O7 17F M . 8.47 -21.79 -10.14
C8 17F M . 10.83 -22.35 -10.71
O8 17F M . 9.64 -20.39 -11.45
C9 17F M . 11.22 -22.63 -9.27
O9 17F M . 8.93 -18.98 -9.82
C10 17F M . 12.42 -23.56 -9.20
O10 17F M . 8.59 -17.88 -7.88
C11 17F M . 13.63 -22.95 -9.92
C12 17F M . 14.82 -23.92 -9.92
C17 17F M . 9.29 -18.07 -8.88
C18 17F M . 10.61 -17.30 -9.05
C19 17F M . 10.62 -16.51 -10.37
C20 17F M . 10.36 -17.43 -11.57
C1X 17F M . 16.03 -23.29 -10.62
C1Y 17F M . 10.41 -16.65 -12.88
C1Z 17F M . 11.81 -16.11 -13.15
C2X 17F M . 17.20 -24.26 -10.67
C21 17F M . 17.58 -24.66 -9.39
C22 17F M . 18.55 -23.95 -8.70
C23 17F M . 19.15 -22.84 -9.28
C24 17F M . 20.55 -22.63 -8.71
C25 17F M . 21.21 -21.38 -9.32
C26 17F M . 22.62 -21.18 -8.75
C27 17F M . 23.28 -19.92 -9.33
C28 17F M . 24.68 -19.73 -8.75
C29 17F M . 25.35 -18.47 -9.32
C30 17F M . 26.74 -18.27 -8.72
C31 17F M . 11.84 -15.34 -14.47
C32 17F M . 13.27 -14.88 -14.83
C33 17F M . 13.80 -14.05 -13.85
C34 17F M . 15.14 -13.70 -13.92
C35 17F M . 15.94 -14.18 -14.94
C36 17F M . 16.87 -13.10 -15.49
C37 17F M . 17.82 -12.57 -14.42
C38 17F M . 18.76 -11.51 -14.99
C39 17F M . 19.72 -10.98 -13.93
C40 17F M . 20.65 -9.92 -14.52
C41 17F M . 21.63 -9.40 -13.46
C42 17F M . 22.57 -8.35 -14.04
HN1 17F M . 1.35 -16.24 -8.77
HN1A 17F M . 1.23 -15.40 -9.99
HAC 17F M . 2.49 -15.27 -8.80
C1 PCW N . 30.88 8.41 1.59
C2 PCW N . 30.53 7.79 2.94
C3 PCW N . 30.05 8.91 3.85
C4 PCW N . 33.94 5.48 -0.79
C5 PCW N . 35.34 6.09 -0.83
C6 PCW N . 35.57 6.94 -3.14
C7 PCW N . 37.31 5.37 -2.22
C8 PCW N . 36.11 4.53 -2.65
C11 PCW N . 30.51 7.86 5.85
C12 PCW N . 30.14 7.21 7.19
C13 PCW N . 28.67 7.52 7.52
C14 PCW N . 28.25 6.88 8.85
C15 PCW N . 26.78 7.20 9.15
C16 PCW N . 26.33 6.59 10.47
C17 PCW N . 24.86 6.92 10.74
C18 PCW N . 24.39 6.33 12.07
C19 PCW N . 23.06 6.63 12.31
C20 PCW N . 22.52 6.47 13.58
C21 PCW N . 23.31 6.01 14.63
C22 PCW N . 22.45 5.38 15.73
C23 PCW N . 23.33 4.89 16.89
C24 PCW N . 22.49 4.27 18.00
C25 PCW N . 21.70 3.06 17.49
C26 PCW N . 20.87 2.43 18.61
C27 PCW N . 20.09 1.22 18.10
C28 PCW N . 19.27 0.57 19.22
C31 PCW N . 29.85 5.73 2.09
C32 PCW N . 28.82 4.61 1.89
C33 PCW N . 29.35 3.28 2.43
C34 PCW N . 28.28 2.19 2.35
C35 PCW N . 27.11 2.53 3.27
C36 PCW N . 27.54 2.56 4.74
C37 PCW N . 26.38 2.96 5.64
C38 PCW N . 26.81 2.96 7.11
C39 PCW N . 25.77 3.37 7.94
C40 PCW N . 24.60 2.62 8.02
C41 PCW N . 24.45 1.46 7.27
C42 PCW N . 23.70 0.40 8.07
C43 PCW N . 23.53 -0.89 7.26
C44 PCW N . 22.78 -1.96 8.06
C45 PCW N . 22.60 -3.23 7.23
C46 PCW N . 21.76 -2.95 5.98
C47 PCW N . 20.35 -2.49 6.36
C48 PCW N . 19.52 -2.16 5.11
N PCW N . 35.93 5.91 -2.16
O2 PCW N . 29.47 6.83 2.80
O3 PCW N . 29.52 8.36 5.07
O11 PCW N . 31.68 7.91 5.49
O31 PCW N . 30.97 5.64 1.61
O1P PCW N . 33.94 8.13 0.18
O2P PCW N . 33.39 7.25 2.50
O3P PCW N . 31.60 7.51 0.74
O4P PCW N . 33.36 5.71 0.49
P PCW N . 33.15 7.22 1.03
C1 PCW O . 30.04 18.29 20.16
C2 PCW O . 28.65 17.66 20.10
C3 PCW O . 28.42 16.83 21.36
C4 PCW O . 31.73 18.49 16.23
C5 PCW O . 32.29 17.30 15.46
C6 PCW O . 32.10 16.00 17.56
C7 PCW O . 30.74 15.32 15.56
C8 PCW O . 32.16 14.79 15.37
C11 PCW O . 26.88 15.45 22.37
C12 PCW O . 25.59 14.65 22.47
C13 PCW O . 25.62 13.48 21.50
C14 PCW O . 24.31 12.68 21.56
C15 PCW O . 24.08 12.11 22.95
C16 PCW O . 22.83 11.23 22.99
C17 PCW O . 22.61 10.65 24.38
C18 PCW O . 22.37 11.76 25.41
C19 PCW O . 22.34 11.25 26.70
C20 PCW O . 21.16 10.76 27.26
C21 PCW O . 19.97 10.76 26.56
C22 PCW O . 18.79 10.70 27.54
C23 PCW O . 17.45 10.59 26.82
C24 PCW O . 16.29 10.57 27.83
C25 PCW O . 14.94 10.40 27.14
C26 PCW O . 13.80 10.41 28.17
C27 PCW O . 13.99 9.30 29.21
C28 PCW O . 12.87 9.35 30.25
C31 PCW O . 27.62 19.24 18.79
C32 PCW O . 26.62 20.35 18.48
C33 PCW O . 26.04 20.95 19.76
C34 PCW O . 24.99 22.03 19.43
C35 PCW O . 24.38 22.63 20.70
C36 PCW O . 23.29 23.64 20.33
C37 PCW O . 22.68 24.28 21.58
C38 PCW O . 21.56 25.25 21.18
C39 PCW O . 21.02 25.88 22.31
C40 PCW O . 19.96 25.28 22.98
C41 PCW O . 19.44 24.06 22.56
C42 PCW O . 18.92 23.25 23.76
C43 PCW O . 18.36 21.90 23.32
C44 PCW O . 17.86 21.11 24.53
C45 PCW O . 17.31 19.75 24.12
C46 PCW O . 16.86 18.96 25.35
C47 PCW O . 18.03 18.69 26.30
C48 PCW O . 17.58 17.91 27.53
N PCW O . 31.90 16.04 16.12
O2 PCW O . 27.64 18.69 20.02
O3 PCW O . 27.15 16.17 21.24
O11 PCW O . 27.69 15.46 23.31
O31 PCW O . 28.38 18.83 17.91
O1P PCW O . 31.59 20.92 17.95
O2P PCW O . 32.60 19.54 19.83
O3P PCW O . 30.27 19.10 18.99
O4P PCW O . 32.26 18.51 17.56
P PCW O . 31.75 19.61 18.62
C1 PCW P . 23.80 7.07 -34.80
C2 PCW P . 22.59 6.38 -34.17
C3 PCW P . 22.93 4.92 -33.91
C4 PCW P . 24.11 11.66 -36.57
C5 PCW P . 24.52 12.99 -35.92
C6 PCW P . 24.84 15.33 -36.65
C7 PCW P . 23.48 13.78 -38.07
C8 PCW P . 22.59 14.25 -36.92
C11 PCW P . 21.22 3.90 -35.00
C12 PCW P . 19.94 3.07 -35.16
C13 PCW P . 18.69 3.90 -34.88
C14 PCW P . 17.42 3.11 -35.13
C15 PCW P . 16.18 3.93 -34.81
C16 PCW P . 14.89 3.17 -35.16
C17 PCW P . 14.80 1.85 -34.39
C18 PCW P . 13.51 1.09 -34.73
C19 PCW P . 13.43 0.85 -36.09
C20 PCW P . 12.53 -0.10 -36.57
C21 PCW P . 11.71 -0.80 -35.69
C22 PCW P . 10.23 -0.54 -35.98
C23 PCW P . 9.34 -1.32 -35.00
C24 PCW P . 7.87 -1.04 -35.27
C25 PCW P . 6.97 -1.80 -34.29
C26 PCW P . 7.16 -3.31 -34.42
C27 PCW P . 6.78 -3.79 -35.81
C28 PCW P . 5.30 -3.50 -36.12
C31 PCW P . 20.97 6.59 -32.54
C32 PCW P . 20.38 7.11 -31.23
C33 PCW P . 19.97 5.92 -30.34
C34 PCW P . 19.35 6.38 -29.02
C35 PCW P . 18.11 7.25 -29.25
C36 PCW P . 17.45 7.62 -27.92
C37 PCW P . 16.26 8.56 -28.14
C38 PCW P . 15.57 8.89 -26.81
C39 PCW P . 14.57 9.84 -26.98
C40 PCW P . 13.24 9.48 -27.04
C41 PCW P . 12.84 8.14 -26.93
C42 PCW P . 11.55 7.90 -27.73
C43 PCW P . 10.44 8.84 -27.26
C44 PCW P . 9.16 8.62 -28.05
C45 PCW P . 8.06 9.59 -27.62
C46 PCW P . 7.72 9.42 -26.14
C47 PCW P . 6.64 10.40 -25.71
C48 PCW P . 6.31 10.25 -24.22
N PCW P . 24.04 14.10 -36.75
O2 PCW P . 22.18 7.04 -32.96
O3 PCW P . 21.73 4.13 -33.77
O11 PCW P . 21.79 4.35 -35.99
O31 PCW P . 20.34 5.79 -33.24
O1P PCW P . 25.80 8.38 -36.20
O2P PCW P . 23.86 9.10 -37.69
O3P PCW P . 23.46 8.36 -35.32
O4P PCW P . 24.61 10.57 -35.78
P PCW P . 24.49 9.07 -36.35
C1 PCW Q . 32.39 11.16 13.38
C2 PCW Q . 31.72 10.15 14.32
C3 PCW Q . 31.29 10.86 15.60
C4 PCW Q . 36.02 13.15 11.34
C5 PCW Q . 37.07 13.77 12.25
C6 PCW Q . 39.30 14.84 12.05
C7 PCW Q . 37.88 14.56 10.00
C8 PCW Q . 37.35 15.78 10.76
C11 PCW Q . 30.02 10.60 17.50
C12 PCW Q . 29.06 9.83 18.42
C13 PCW Q . 29.32 8.33 18.31
C14 PCW Q . 28.27 7.51 19.06
C15 PCW Q . 28.58 6.02 18.90
C16 PCW Q . 27.49 5.14 19.53
C17 PCW Q . 27.28 5.47 21.00
C18 PCW Q . 26.41 4.39 21.67
C19 PCW Q . 27.05 3.17 21.63
C20 PCW Q . 26.35 1.98 21.69
C21 PCW Q . 24.96 1.95 21.79
C22 PCW Q . 24.53 1.00 22.91
C23 PCW Q . 23.01 0.80 22.93
C24 PCW Q . 22.53 0.23 21.61
C25 PCW Q . 21.06 -0.20 21.70
C26 PCW Q . 20.90 -1.33 22.72
C27 PCW Q . 19.44 -1.80 22.82
C28 PCW Q . 19.31 -2.91 23.86
C31 PCW Q . 30.18 8.46 14.31
C32 PCW Q . 28.92 7.72 13.86
C33 PCW Q . 28.97 7.37 12.38
C34 PCW Q . 28.97 8.63 11.50
C35 PCW Q . 27.73 9.48 11.77
C36 PCW Q . 27.67 10.70 10.84
C37 PCW Q . 26.50 11.60 11.18
C38 PCW Q . 25.17 10.85 11.06
C39 PCW Q . 24.10 11.68 11.39
C40 PCW Q . 22.80 11.22 11.34
C41 PCW Q . 22.52 9.90 10.98
C42 PCW Q . 21.03 9.60 11.13
C43 PCW Q . 20.72 8.16 10.68
C44 PCW Q . 19.23 7.87 10.85
C45 PCW Q . 18.39 8.81 9.98
C46 PCW Q . 16.90 8.53 10.16
C47 PCW Q . 16.06 9.46 9.29
C48 PCW Q . 14.57 9.15 9.44
N PCW Q . 37.97 14.64 11.46
O2 PCW Q . 30.56 9.61 13.68
O3 PCW Q . 30.45 9.99 16.37
O11 PCW Q . 30.40 11.72 17.78
O31 PCW Q . 30.86 8.03 15.23
O1P PCW Q . 33.23 13.87 12.78
O2P PCW Q . 35.24 13.55 14.30
O3P PCW Q . 33.55 11.72 13.99
O4P PCW Q . 35.12 12.34 12.11
P PCW Q . 34.29 12.99 13.32
C1 PCW R . 38.04 0.21 6.65
C2 PCW R . 37.01 -0.50 5.78
C3 PCW R . 37.71 -1.53 4.91
C4 PCW R . 38.84 0.42 2.48
C5 PCW R . 39.78 -0.22 1.45
C6 PCW R . 37.72 -1.44 0.83
C7 PCW R . 39.08 -0.32 -0.95
C8 PCW R . 39.77 -1.64 -0.61
C11 PCW R . 37.32 -3.20 3.38
C12 PCW R . 36.46 -4.04 2.44
C13 PCW R . 36.97 -5.48 2.35
C14 PCW R . 36.06 -6.33 1.47
C15 PCW R . 35.97 -5.76 0.05
C16 PCW R . 35.00 -6.59 -0.80
C17 PCW R . 33.59 -6.56 -0.21
C18 PCW R . 32.62 -7.40 -1.05
C19 PCW R . 32.56 -6.92 -2.36
C20 PCW R . 31.37 -6.40 -2.85
C21 PCW R . 30.24 -6.33 -2.07
C22 PCW R . 29.04 -5.80 -2.86
C23 PCW R . 27.78 -5.73 -2.01
C24 PCW R . 27.40 -7.11 -1.47
C25 PCW R . 26.10 -7.05 -0.67
C26 PCW R . 26.24 -6.12 0.54
C27 PCW R . 24.93 -6.05 1.34
C28 PCW R . 25.07 -5.08 2.53
C31 PCW R . 35.35 -0.30 7.38
C32 PCW R . 34.33 -0.84 8.38
C33 PCW R . 32.94 -0.98 7.77
C34 PCW R . 31.94 -1.44 8.84
C35 PCW R . 30.52 -1.59 8.26
C36 PCW R . 30.05 -0.29 7.62
C37 PCW R . 28.57 -0.37 7.22
C38 PCW R . 28.29 -1.56 6.30
C39 PCW R . 26.96 -1.55 5.89
C40 PCW R . 26.06 -2.53 6.31
C41 PCW R . 26.45 -3.55 7.16
C42 PCW R . 25.50 -3.64 8.36
C43 PCW R . 25.76 -4.89 9.19
C44 PCW R . 24.83 -4.95 10.40
C45 PCW R . 24.97 -6.27 11.16
C46 PCW R . 24.52 -7.44 10.27
C47 PCW R . 24.61 -8.77 11.03
C48 PCW R . 24.14 -9.92 10.14
N PCW R . 39.01 -0.89 0.40
O2 PCW R . 36.06 -1.18 6.62
O3 PCW R . 36.74 -2.20 4.09
O11 PCW R . 38.52 -3.42 3.53
O31 PCW R . 35.52 0.91 7.25
O1P PCW R . 37.41 1.88 4.48
O2P PCW R . 39.59 3.06 5.08
O3P PCW R . 39.12 0.73 5.88
O4P PCW R . 39.59 1.14 3.45
P PCW R . 38.87 1.82 4.71
C1 PCW S . 28.94 14.79 -12.32
C2 PCW S . 28.24 13.52 -11.82
C3 PCW S . 26.94 13.89 -11.14
C4 PCW S . 32.05 11.94 -13.68
C5 PCW S . 32.47 10.47 -13.53
C6 PCW S . 30.35 10.23 -12.25
C7 PCW S . 30.75 8.80 -14.28
C8 PCW S . 31.52 8.19 -13.12
C11 PCW S . 27.03 12.54 -9.30
C12 PCW S . 26.58 11.40 -8.37
C13 PCW S . 25.06 11.27 -8.38
C14 PCW S . 24.62 10.12 -7.46
C15 PCW S . 23.10 9.93 -7.50
C16 PCW S . 22.36 11.16 -6.98
C17 PCW S . 20.85 10.95 -7.05
C18 PCW S . 20.09 12.16 -6.51
C19 PCW S . 18.71 12.00 -6.65
C20 PCW S . 17.89 11.94 -5.53
C21 PCW S . 18.43 12.05 -4.25
C22 PCW S . 17.62 13.00 -3.38
C23 PCW S . 16.18 12.52 -3.18
C24 PCW S . 15.41 12.50 -4.49
C25 PCW S . 13.97 12.04 -4.27
C26 PCW S . 13.19 12.02 -5.59
C27 PCW S . 13.85 11.08 -6.60
C28 PCW S . 13.08 11.08 -7.93
C31 PCW S . 27.79 11.36 -12.56
C32 PCW S . 27.56 10.31 -13.65
C33 PCW S . 26.11 9.80 -13.69
C34 PCW S . 25.79 8.93 -12.47
C35 PCW S . 24.39 8.32 -12.61
C36 PCW S . 24.11 7.32 -11.49
C37 PCW S . 22.74 6.67 -11.67
C38 PCW S . 22.49 5.60 -10.61
C39 PCW S . 21.23 5.02 -10.78
C40 PCW S . 21.09 3.64 -10.74
C41 PCW S . 22.19 2.82 -10.53
C42 PCW S . 21.89 1.36 -10.91
C43 PCW S . 20.70 0.83 -10.09
C44 PCW S . 20.40 -0.63 -10.46
C45 PCW S . 19.21 -1.17 -9.66
C46 PCW S . 19.49 -1.12 -8.16
C47 PCW S . 20.71 -1.97 -7.80
C48 PCW S . 20.98 -1.94 -6.29
N PCW S . 31.30 9.63 -13.20
O2 PCW S . 28.02 12.65 -12.93
O3 PCW S . 26.35 12.78 -10.45
O11 PCW S . 28.01 13.23 -9.02
O31 PCW S . 27.81 11.04 -11.38
O1P PCW S . 32.64 14.65 -12.76
O2P PCW S . 31.19 14.23 -10.71
O3P PCW S . 30.16 14.50 -12.99
O4P PCW S . 31.52 12.43 -12.44
P PCW S . 31.45 14.01 -12.16
C1 PCW T . -18.38 12.97 -39.67
C2 PCW T . -17.04 13.26 -40.35
C3 PCW T . -16.23 11.98 -40.47
C4 PCW T . -20.29 15.99 -37.02
C5 PCW T . -19.83 16.18 -35.57
C6 PCW T . -21.17 18.07 -34.67
C7 PCW T . -18.66 18.21 -34.65
C8 PCW T . -19.13 18.55 -36.07
C11 PCW T . -14.24 11.10 -41.16
C12 PCW T . -12.85 11.11 -41.79
C13 PCW T . -11.76 11.24 -40.72
C14 PCW T . -10.37 11.30 -41.36
C15 PCW T . -10.24 12.51 -42.29
C16 PCW T . -8.87 12.54 -42.96
C17 PCW T . -8.63 11.28 -43.79
C18 PCW T . -7.25 11.33 -44.47
C19 PCW T . -7.04 10.19 -45.23
C20 PCW T . -6.35 10.26 -46.43
C21 PCW T . -5.85 11.48 -46.87
C22 PCW T . -4.49 11.29 -47.54
C23 PCW T . -3.95 12.62 -48.07
C24 PCW T . -2.58 12.43 -48.75
C25 PCW T . -2.69 11.47 -49.92
C26 PCW T . -1.34 11.29 -50.62
C27 PCW T . -0.81 12.62 -51.16
C28 PCW T . -1.78 13.20 -52.19
C31 PCW T . -16.16 14.42 -42.14
C32 PCW T . -16.17 15.06 -43.52
C33 PCW T . -17.46 15.87 -43.74
C34 PCW T . -17.54 17.05 -42.76
C35 PCW T . -16.38 18.03 -43.00
C36 PCW T . -16.48 19.22 -42.04
C37 PCW T . -15.36 20.23 -42.30
C38 PCW T . -13.99 19.59 -42.10
C39 PCW T . -12.97 20.51 -42.31
C40 PCW T . -12.06 20.33 -43.35
C41 PCW T . -12.16 19.21 -44.18
C42 PCW T . -10.88 18.37 -44.11
C43 PCW T . -11.00 17.15 -45.03
C44 PCW T . -9.74 16.27 -44.95
C45 PCW T . -9.54 15.68 -43.55
C46 PCW T . -9.33 16.79 -42.51
C47 PCW T . -9.12 16.20 -41.12
C48 PCW T . -8.90 17.30 -40.08
N PCW T . -19.87 17.61 -35.21
O2 PCW T . -17.28 13.80 -41.67
O3 PCW T . -14.97 12.24 -41.09
O11 PCW T . -14.72 10.05 -40.72
O31 PCW T . -15.15 14.48 -41.42
O1P PCW T . -21.46 15.11 -39.50
O2P PCW T . -21.06 12.70 -38.79
O3P PCW T . -19.16 14.16 -39.55
O4P PCW T . -20.27 14.60 -37.34
P PCW T . -20.60 14.11 -38.83
C1 PCW U . -18.09 20.29 -30.79
C2 PCW U . -16.81 20.40 -31.62
C3 PCW U . -17.15 20.74 -33.06
C4 PCW U . -17.87 18.02 -26.85
C5 PCW U . -18.17 16.65 -26.24
C6 PCW U . -18.78 15.98 -28.55
C7 PCW U . -16.98 14.72 -27.33
C8 PCW U . -18.33 14.22 -26.82
C11 PCW U . -16.18 21.26 -35.08
C12 PCW U . -15.00 21.49 -36.03
C13 PCW U . -14.35 22.86 -35.77
C14 PCW U . -13.06 23.03 -36.57
C15 PCW U . -13.33 22.98 -38.08
C16 PCW U . -14.17 24.18 -38.55
C17 PCW U . -14.35 24.15 -40.06
C18 PCW U . -15.13 25.35 -40.57
C19 PCW U . -14.50 26.56 -40.25
C20 PCW U . -13.17 26.79 -40.59
C21 PCW U . -12.42 25.82 -41.25
C22 PCW U . -11.03 25.68 -40.63
C23 PCW U . -10.21 24.59 -41.31
C24 PCW U . -10.01 24.90 -42.80
C25 PCW U . -9.18 23.81 -43.46
C26 PCW U . -8.96 24.11 -44.95
C27 PCW U . -8.14 23.01 -45.61
C28 PCW U . -7.89 23.33 -47.09
C31 PCW U . -16.54 22.62 -31.12
C32 PCW U . -15.78 23.85 -30.61
C33 PCW U . -14.96 24.46 -31.75
C34 PCW U . -14.17 25.70 -31.27
C35 PCW U . -13.39 26.31 -32.43
C36 PCW U . -12.35 25.33 -32.97
C37 PCW U . -11.69 25.87 -34.24
C38 PCW U . -10.65 24.89 -34.78
C39 PCW U . -10.19 25.30 -36.03
C40 PCW U . -8.87 25.69 -36.22
C41 PCW U . -7.97 25.68 -35.18
C42 PCW U . -6.54 25.66 -35.71
C43 PCW U . -5.50 25.70 -34.59
C44 PCW U . -4.08 25.65 -35.15
C45 PCW U . -3.03 25.73 -34.04
C46 PCW U . -1.62 25.65 -34.63
C47 PCW U . -1.35 26.79 -35.60
C48 PCW U . 0.04 26.70 -36.21
N PCW U . -18.16 15.61 -27.27
O2 PCW U . -15.95 21.39 -31.07
O3 PCW U . -15.93 20.91 -33.79
O11 PCW U . -17.34 21.37 -35.47
O31 PCW U . -17.68 22.74 -31.58
O1P PCW U . -18.67 20.84 -27.26
O2P PCW U . -20.27 20.05 -29.06
O3P PCW U . -17.80 19.97 -29.43
O4P PCW U . -18.88 18.38 -27.80
P PCW U . -18.98 19.88 -28.35
C1 PCW V . 28.07 18.01 -9.13
C2 PCW V . 27.00 17.67 -8.10
C3 PCW V . 25.66 17.54 -8.80
C4 PCW V . 27.05 20.25 -6.76
C5 PCW V . 25.84 20.82 -6.01
C6 PCW V . 26.47 20.33 -3.66
C7 PCW V . 24.20 19.64 -4.50
C8 PCW V . 25.22 18.61 -4.99
C11 PCW V . 23.51 16.82 -8.51
C12 PCW V . 22.33 16.21 -7.74
C13 PCW V . 22.54 16.32 -6.23
C14 PCW V . 21.45 15.57 -5.47
C15 PCW V . 21.65 15.70 -3.96
C16 PCW V . 20.58 14.89 -3.21
C17 PCW V . 20.72 15.06 -1.70
C18 PCW V . 19.67 14.22 -0.96
C19 PCW V . 19.73 14.45 0.41
C20 PCW V . 20.78 13.97 1.18
C21 PCW V . 21.81 13.24 0.59
C22 PCW V . 22.89 12.89 1.61
C23 PCW V . 22.33 12.01 2.73
C24 PCW V . 23.43 11.63 3.73
C25 PCW V . 22.89 10.73 4.84
C26 PCW V . 23.97 10.36 5.85
C27 PCW V . 23.44 9.46 6.96
C28 PCW V . 22.89 8.15 6.38
C31 PCW V . 28.33 16.54 -6.63
C32 PCW V . 28.87 15.32 -5.88
C33 PCW V . 27.78 14.29 -5.61
C34 PCW V . 28.35 13.11 -4.81
C35 PCW V . 27.29 12.04 -4.55
C36 PCW V . 27.89 10.89 -3.75
C37 PCW V . 26.88 9.76 -3.54
C38 PCW V . 26.38 9.23 -4.89
C39 PCW V . 25.60 8.08 -4.72
C40 PCW V . 24.29 8.16 -4.26
C41 PCW V . 23.71 9.39 -3.96
C42 PCW V . 23.07 9.36 -2.57
C43 PCW V . 22.37 10.68 -2.24
C44 PCW V . 21.76 10.63 -0.84
C45 PCW V . 20.74 9.48 -0.73
C46 PCW V . 20.14 9.41 0.67
C47 PCW V . 19.42 10.71 1.03
C48 PCW V . 18.80 10.62 2.42
N PCW V . 25.60 20.02 -4.80
O2 PCW V . 27.31 16.40 -7.51
O3 PCW V . 24.71 17.00 -7.88
O11 PCW V . 23.38 17.17 -9.68
O31 PCW V . 28.81 17.66 -6.43
O1P PCW V . 29.64 20.20 -8.16
O2P PCW V . 28.64 21.69 -9.95
O3P PCW V . 27.89 19.30 -9.70
O4P PCW V . 27.26 21.00 -7.95
P PCW V . 28.46 20.61 -8.96
C1 PCW W . 22.29 22.41 -19.36
C2 PCW W . 21.43 21.29 -18.77
C3 PCW W . 22.29 20.27 -18.04
C4 PCW W . 23.41 21.01 -15.39
C5 PCW W . 22.35 20.63 -14.35
C6 PCW W . 21.67 18.58 -13.13
C7 PCW W . 23.95 18.71 -14.14
C8 PCW W . 23.99 19.49 -12.83
C11 PCW W . 22.31 18.33 -16.87
C12 PCW W . 21.74 17.08 -16.17
C13 PCW W . 21.47 15.96 -17.17
C14 PCW W . 20.18 16.18 -17.96
C15 PCW W . 18.98 16.23 -17.00
C16 PCW W . 17.65 16.08 -17.74
C17 PCW W . 17.57 14.72 -18.43
C18 PCW W . 16.14 14.38 -18.86
C19 PCW W . 15.63 15.33 -19.75
C20 PCW W . 14.31 15.72 -19.63
C21 PCW W . 13.51 15.18 -18.63
C22 PCW W . 12.03 15.49 -18.85
C23 PCW W . 11.50 14.83 -20.13
C24 PCW W . 10.00 15.12 -20.30
C25 PCW W . 9.44 14.41 -21.53
C26 PCW W . 7.94 14.69 -21.68
C27 PCW W . 7.38 13.98 -22.92
C28 PCW W . 5.88 14.25 -23.07
C31 PCW W . 19.40 20.98 -17.76
C32 PCW W . 18.23 21.35 -16.85
C33 PCW W . 18.51 20.90 -15.41
C34 PCW W . 17.30 21.19 -14.52
C35 PCW W . 16.05 20.47 -15.03
C36 PCW W . 14.85 20.74 -14.11
C37 PCW W . 13.61 20.02 -14.63
C38 PCW W . 12.39 20.33 -13.74
C39 PCW W . 11.26 19.70 -14.22
C40 PCW W . 10.63 20.16 -15.38
C41 PCW W . 11.15 21.25 -16.06
C42 PCW W . 11.92 20.81 -17.31
C43 PCW W . 12.49 22.01 -18.06
C44 PCW W . 13.26 21.57 -19.30
C45 PCW W . 13.80 22.77 -20.06
C46 PCW W . 14.56 22.34 -21.32
C47 PCW W . 15.74 21.44 -20.95
C48 PCW W . 16.52 21.01 -22.19
N PCW W . 22.76 19.40 -13.64
O2 PCW W . 20.43 21.86 -17.91
O3 PCW W . 21.48 19.21 -17.49
O11 PCW W . 23.52 18.53 -16.87
O31 PCW W . 19.40 19.93 -18.38
O1P PCW W . 24.66 21.67 -17.91
O2P PCW W . 24.66 23.95 -16.80
O3P PCW W . 22.80 23.27 -18.34
O4P PCW W . 23.00 22.19 -16.08
P PCW W . 23.91 22.77 -17.28
C1 PCW X . 31.44 5.53 -10.27
C2 PCW X . 31.43 4.14 -10.91
C3 PCW X . 30.92 3.17 -9.87
C4 PCW X . 35.56 6.25 -9.40
C5 PCW X . 36.68 6.45 -10.41
C6 PCW X . 38.00 4.36 -10.44
C7 PCW X . 39.15 6.52 -9.94
C8 PCW X . 38.45 6.07 -8.65
C11 PCW X . 30.79 0.99 -9.28
C12 PCW X . 30.85 -0.53 -9.46
C13 PCW X . 32.10 -0.94 -10.26
C14 PCW X . 32.21 -2.46 -10.33
C15 PCW X . 33.44 -2.89 -11.13
C16 PCW X . 33.60 -4.41 -11.10
C17 PCW X . 32.37 -5.11 -11.68
C18 PCW X . 32.51 -6.62 -11.60
C19 PCW X . 32.66 -7.03 -10.27
C20 PCW X . 31.80 -7.98 -9.73
C21 PCW X . 30.78 -8.52 -10.50
C22 PCW X . 30.27 -9.83 -9.90
C23 PCW X . 29.14 -10.41 -10.74
C24 PCW X . 28.64 -11.74 -10.14
C25 PCW X . 27.53 -12.34 -10.99
C26 PCW X . 26.33 -11.40 -11.08
C27 PCW X . 25.21 -12.00 -11.92
C28 PCW X . 24.01 -11.05 -12.00
C31 PCW X . 31.21 4.74 -13.12
C32 PCW X . 30.50 4.88 -14.46
C33 PCW X . 29.55 6.09 -14.46
C34 PCW X . 28.32 5.81 -13.59
C35 PCW X . 27.40 4.82 -14.29
C36 PCW X . 26.90 5.39 -15.62
C37 PCW X . 25.99 4.41 -16.36
C38 PCW X . 26.73 3.11 -16.70
C39 PCW X . 25.94 2.29 -17.51
C40 PCW X . 25.07 1.37 -16.94
C41 PCW X . 24.96 1.24 -15.56
C42 PCW X . 24.31 -0.09 -15.18
C43 PCW X . 24.21 -0.25 -13.67
C44 PCW X . 23.53 -1.57 -13.31
C45 PCW X . 23.42 -1.74 -11.79
C46 PCW X . 22.76 -3.08 -11.43
C47 PCW X . 23.57 -4.26 -11.97
C48 PCW X . 22.90 -5.59 -11.61
N PCW X . 37.90 5.74 -9.99
O2 PCW X . 30.60 4.12 -12.08
O3 PCW X . 31.02 1.82 -10.34
O11 PCW X . 30.53 1.48 -8.18
O31 PCW X . 32.36 5.17 -12.98
O1P PCW X . 34.02 4.85 -11.37
O2P PCW X . 34.16 7.19 -12.39
O3P PCW X . 32.15 6.48 -11.07
O4P PCW X . 34.36 6.85 -9.89
P PCW X . 33.74 6.30 -11.28
C1 PCW Y . 22.77 27.32 -22.80
C2 PCW Y . 21.55 26.90 -21.96
C3 PCW Y . 21.97 26.81 -20.51
C4 PCW Y . 22.50 23.74 -23.63
C5 PCW Y . 21.91 23.11 -22.37
C6 PCW Y . 19.71 23.78 -23.31
C7 PCW Y . 20.15 21.36 -22.80
C8 PCW Y . 19.80 22.05 -21.49
C11 PCW Y . 20.21 25.43 -20.00
C12 PCW Y . 18.89 25.05 -19.30
C13 PCW Y . 17.71 25.36 -20.22
C14 PCW Y . 16.37 25.21 -19.49
C15 PCW Y . 16.30 26.20 -18.32
C16 PCW Y . 14.92 26.16 -17.64
C17 PCW Y . 13.81 26.61 -18.58
C18 PCW Y . 13.64 25.65 -19.76
C19 PCW Y . 12.60 26.05 -20.59
C20 PCW Y . 11.33 26.29 -20.08
C21 PCW Y . 11.10 26.11 -18.72
C22 PCW Y . 9.98 25.10 -18.46
C23 PCW Y . 9.74 24.95 -16.97
C24 PCW Y . 8.60 23.96 -16.68
C25 PCW Y . 8.39 23.80 -15.17
C26 PCW Y . 7.26 22.80 -14.88
C27 PCW Y . 5.94 23.29 -15.49
C28 PCW Y . 4.81 22.31 -15.19
C31 PCW Y . 19.83 27.73 -23.24
C32 PCW Y . 18.67 28.68 -23.58
C33 PCW Y . 17.37 28.20 -22.94
C34 PCW Y . 17.44 28.26 -21.42
C35 PCW Y . 17.50 29.71 -20.93
C36 PCW Y . 16.26 30.48 -21.38
C37 PCW Y . 16.26 31.92 -20.85
C38 PCW Y . 14.98 32.64 -21.26
C39 PCW Y . 14.94 33.92 -20.74
C40 PCW Y . 13.82 34.35 -20.02
C41 PCW Y . 12.74 33.49 -19.84
C42 PCW Y . 11.43 34.13 -20.32
C43 PCW Y . 11.11 35.41 -19.54
C44 PCW Y . 9.79 36.03 -20.01
C45 PCW Y . 9.46 37.29 -19.21
C46 PCW Y . 9.32 36.98 -17.72
C47 PCW Y . 8.99 38.24 -16.92
C48 PCW Y . 8.85 37.93 -15.43
N PCW Y . 20.49 22.78 -22.57
O2 PCW Y . 20.52 27.89 -22.08
O3 PCW Y . 20.79 26.62 -19.70
O11 PCW Y . 20.73 24.66 -20.81
O31 PCW Y . 20.13 26.82 -24.01
O1P PCW Y . 21.48 26.16 -26.15
O2P PCW Y . 23.80 25.55 -25.34
O3P PCW Y . 22.47 27.35 -24.19
O4P PCW Y . 21.78 24.94 -23.96
P PCW Y . 22.41 25.97 -25.03
C1 PCW Z . 18.30 14.03 -37.52
C2 PCW Z . 16.77 14.16 -37.64
C3 PCW Z . 16.11 13.48 -36.47
C4 PCW Z . 17.54 15.86 -41.59
C5 PCW Z . 16.13 16.30 -42.01
C6 PCW Z . 17.31 18.31 -42.86
C7 PCW Z . 15.91 16.93 -44.43
C8 PCW Z . 14.97 17.84 -43.63
C11 PCW Z . 14.34 12.54 -37.57
C12 PCW Z . 12.87 12.38 -37.95
C13 PCW Z . 12.37 10.97 -37.65
C14 PCW Z . 10.89 10.81 -38.04
C15 PCW Z . 10.40 9.38 -37.79
C16 PCW Z . 11.22 8.37 -38.57
C17 PCW Z . 11.21 8.69 -40.07
C18 PCW Z . 9.78 8.68 -40.63
C19 PCW Z . 9.79 9.04 -41.98
C20 PCW Z . 9.07 8.32 -42.91
C21 PCW Z . 8.31 7.22 -42.53
C22 PCW Z . 6.84 7.58 -42.40
C23 PCW Z . 5.98 6.35 -42.08
C24 PCW Z . 4.51 6.73 -41.89
C25 PCW Z . 3.97 7.42 -43.14
C26 PCW Z . 2.50 7.81 -42.97
C27 PCW Z . 1.96 8.51 -44.21
C28 PCW Z . 2.72 9.80 -44.49
C31 PCW Z . 15.20 15.76 -38.22
C32 PCW Z . 14.67 17.19 -38.33
C33 PCW Z . 13.50 17.44 -37.38
C34 PCW Z . 13.88 17.23 -35.91
C35 PCW Z . 12.79 17.76 -34.99
C36 PCW Z . 13.14 17.58 -33.51
C37 PCW Z . 12.18 18.37 -32.62
C38 PCW Z . 12.52 18.22 -31.14
C39 PCW Z . 11.83 19.15 -30.38
C40 PCW Z . 10.74 18.81 -29.59
C41 PCW Z . 10.27 17.50 -29.55
C42 PCW Z . 9.10 17.40 -28.57
C43 PCW Z . 8.54 15.98 -28.50
C44 PCW Z . 7.37 15.89 -27.53
C45 PCW Z . 6.80 14.47 -27.47
C46 PCW Z . 5.62 14.40 -26.49
C47 PCW Z . 5.05 12.98 -26.42
C48 PCW Z . 3.88 12.91 -25.45
N PCW Z . 16.22 17.34 -43.05
O2 PCW Z . 16.43 15.56 -37.67
O3 PCW Z . 14.69 13.48 -36.63
O11 PCW Z . 15.20 11.84 -38.09
O31 PCW Z . 14.55 14.82 -38.64
O1P PCW Z . 19.95 14.58 -40.90
O2P PCW Z . 18.56 12.63 -40.03
O3P PCW Z . 18.96 14.67 -38.62
O4P PCW Z . 17.45 14.81 -40.63
P PCW Z . 18.79 14.10 -40.11
C1 PCW AA . 14.89 26.92 -33.32
C2 PCW AA . 13.53 27.58 -33.18
C3 PCW AA . 13.23 28.37 -34.43
C4 PCW AA . 16.52 26.68 -29.60
C5 PCW AA . 17.31 27.56 -28.62
C6 PCW AA . 16.65 26.63 -26.42
C7 PCW AA . 16.41 29.10 -26.85
C8 PCW AA . 15.23 28.39 -27.49
C11 PCW AA . 11.71 29.67 -33.30
C12 PCW AA . 10.33 30.27 -33.04
C13 PCW AA . 9.63 30.60 -34.36
C14 PCW AA . 8.17 31.00 -34.11
C15 PCW AA . 7.50 31.40 -35.42
C16 PCW AA . 5.99 31.59 -35.23
C17 PCW AA . 5.31 31.95 -36.54
C18 PCW AA . 3.80 32.03 -36.38
C19 PCW AA . 3.28 30.79 -36.01
C20 PCW AA . 2.73 29.95 -36.97
C21 PCW AA . 2.70 30.36 -38.30
C22 PCW AA . 2.50 29.18 -39.26
C23 PCW AA . 1.19 28.45 -38.94
C24 PCW AA . 0.00 29.39 -38.97
C25 PCW AA . -0.20 30.02 -40.35
C26 PCW AA . -1.39 30.98 -40.36
C27 PCW AA . -2.70 30.26 -40.01
C28 PCW AA . -3.88 31.23 -40.04
C31 PCW AA . 12.41 26.17 -31.74
C32 PCW AA . 11.32 25.15 -31.35
C33 PCW AA . 10.88 24.32 -32.55
C34 PCW AA . 9.70 23.43 -32.18
C35 PCW AA . 9.27 22.56 -33.37
C36 PCW AA . 7.99 21.77 -33.04
C37 PCW AA . 7.64 20.81 -34.17
C38 PCW AA . 6.35 20.05 -33.86
C39 PCW AA . 6.16 18.99 -34.76
C40 PCW AA . 5.02 18.87 -35.52
C41 PCW AA . 3.98 19.80 -35.43
C42 PCW AA . 2.87 19.42 -36.43
C43 PCW AA . 1.74 20.44 -36.40
C44 PCW AA . 0.64 20.06 -37.40
C45 PCW AA . -0.47 21.11 -37.46
C46 PCW AA . -1.23 21.21 -36.12
C47 PCW AA . -2.36 22.23 -36.21
C48 PCW AA . -3.10 22.35 -34.87
N PCW AA . 16.53 27.74 -27.39
O2 PCW AA . 12.49 26.60 -33.03
O3 PCW AA . 11.88 28.86 -34.37
O11 PCW AA . 12.66 29.94 -32.54
O31 PCW AA . 13.19 26.60 -30.89
O1P PCW AA . 16.58 24.16 -31.44
O2P PCW AA . 17.49 25.74 -33.20
O3P PCW AA . 15.21 26.11 -32.18
O4P PCW AA . 17.27 26.51 -30.81
P PCW AA . 16.70 25.54 -31.96
C1 PCW BA . 10.29 39.06 -22.06
C2 PCW BA . 10.13 38.27 -23.36
C3 PCW BA . 11.40 37.47 -23.62
C4 PCW BA . 9.02 43.09 -21.62
C5 PCW BA . 9.98 44.20 -22.10
C6 PCW BA . 11.15 46.18 -21.18
C7 PCW BA . 10.10 44.51 -19.60
C8 PCW BA . 11.45 43.94 -20.08
C11 PCW BA . 12.44 36.08 -25.13
C12 PCW BA . 12.53 35.23 -26.39
C13 PCW BA . 11.13 34.87 -26.91
C14 PCW BA . 11.21 34.10 -28.22
C15 PCW BA . 9.82 33.74 -28.74
C16 PCW BA . 9.90 33.06 -30.10
C17 PCW BA . 8.51 32.66 -30.61
C18 PCW BA . 7.88 31.61 -29.69
C19 PCW BA . 8.63 30.45 -29.65
C20 PCW BA . 8.08 29.24 -29.23
C21 PCW BA . 6.73 29.18 -28.85
C22 PCW BA . 5.90 28.45 -29.90
C23 PCW BA . 4.44 28.33 -29.47
C24 PCW BA . 4.34 27.52 -28.17
C25 PCW BA . 2.88 27.38 -27.72
C26 PCW BA . 2.79 26.58 -26.42
C27 PCW BA . 1.33 26.48 -25.95
C28 PCW BA . 1.24 25.68 -24.64
C31 PCW BA . 8.61 36.92 -24.46
C32 PCW BA . 7.43 35.95 -24.54
C33 PCW BA . 6.11 36.71 -24.60
C34 PCW BA . 4.92 35.76 -24.49
C35 PCW BA . 4.98 35.00 -23.16
C36 PCW BA . 3.79 34.05 -23.01
C37 PCW BA . 3.88 33.29 -21.67
C38 PCW BA . 2.69 32.34 -21.48
C39 PCW BA . 2.81 31.66 -20.27
C40 PCW BA . 1.82 31.80 -19.30
C41 PCW BA . 0.73 32.62 -19.52
C42 PCW BA . -0.54 32.02 -18.89
C43 PCW BA . -1.75 32.91 -19.15
C44 PCW BA . -3.01 32.31 -18.52
C45 PCW BA . -4.23 33.17 -18.83
C46 PCW BA . -4.06 34.60 -18.32
C47 PCW BA . -5.27 35.46 -18.66
C48 PCW BA . -5.10 36.89 -18.16
N PCW BA . 10.64 44.81 -20.94
O2 PCW BA . 9.01 37.37 -23.23
O3 PCW BA . 11.27 36.72 -24.83
O11 PCW BA . 13.41 36.22 -24.38
O31 PCW BA . 9.18 37.31 -25.47
O1P PCW BA . 7.62 41.02 -20.18
O2P PCW BA . 9.84 40.09 -19.39
O3P PCW BA . 9.09 39.79 -21.76
O4P PCW BA . 9.77 42.07 -20.96
P PCW BA . 9.04 40.73 -20.46
C1 PCW CA . 13.92 45.92 3.36
C2 PCW CA . 12.44 45.58 3.53
C3 PCW CA . 11.79 45.36 2.17
C4 PCW CA . 16.74 43.76 5.96
C5 PCW CA . 18.16 43.65 5.42
C6 PCW CA . 18.19 41.49 4.21
C7 PCW CA . 19.88 41.91 6.02
C8 PCW CA . 18.57 41.53 6.69
C11 PCW CA . 9.89 44.62 1.12
C12 PCW CA . 8.50 43.99 1.05
C13 PCW CA . 7.52 44.70 1.99
C14 PCW CA . 6.19 43.95 2.09
C15 PCW CA . 5.52 43.79 0.72
C16 PCW CA . 5.14 45.15 0.13
C17 PCW CA . 4.39 44.95 -1.20
C18 PCW CA . 3.96 46.29 -1.80
C19 PCW CA . 3.20 46.09 -2.95
C20 PCW CA . 1.98 46.74 -3.09
C21 PCW CA . 1.52 47.59 -2.09
C22 PCW CA . 0.04 47.94 -2.28
C23 PCW CA . -0.87 46.72 -2.17
C24 PCW CA . -0.57 45.67 -3.25
C25 PCW CA . -1.51 44.49 -3.12
C26 PCW CA . -1.21 43.42 -4.19
C27 PCW CA . -2.17 42.23 -4.08
C28 PCW CA . -2.04 41.54 -2.71
C31 PCW CA . 11.12 44.28 4.89
C32 PCW CA . 10.80 43.07 5.76
C33 PCW CA . 9.88 42.09 5.02
C34 PCW CA . 8.53 42.73 4.69
C35 PCW CA . 7.79 43.14 5.96
C36 PCW CA . 6.46 43.80 5.63
C37 PCW CA . 5.69 44.16 6.91
C38 PCW CA . 5.35 42.92 7.73
C39 PCW CA . 4.60 43.25 8.86
C40 PCW CA . 4.42 42.32 9.87
C41 PCW CA . 5.00 41.06 9.77
C42 PCW CA . 3.94 40.03 9.36
C43 PCW CA . 2.82 39.93 10.39
C44 PCW CA . 1.81 38.85 10.00
C45 PCW CA . 0.69 38.75 11.03
C46 PCW CA . -0.31 37.67 10.63
C47 PCW CA . 0.36 36.30 10.55
C48 PCW CA . -0.65 35.21 10.17
N PCW CA . 18.58 42.24 5.41
O2 PCW CA . 12.35 44.37 4.31
O3 PCW CA . 10.48 44.79 2.33
O11 PCW CA . 10.46 44.98 0.09
O31 PCW CA . 10.30 45.18 4.73
O1P PCW CA . 16.67 45.33 3.57
O2P PCW CA . 16.67 47.41 5.04
O3P PCW CA . 14.55 46.14 4.62
O4P PCW CA . 16.35 45.14 6.06
P PCW CA . 16.15 46.06 4.75
C1 PCW DA . 30.30 4.26 -17.76
C2 PCW DA . 29.41 4.23 -19.01
C3 PCW DA . 29.40 2.83 -19.60
C4 PCW DA . 30.74 8.63 -19.59
C5 PCW DA . 29.69 9.05 -20.63
C6 PCW DA . 30.43 11.33 -19.98
C7 PCW DA . 30.38 10.67 -22.41
C8 PCW DA . 28.96 11.03 -21.99
C11 PCW DA . 28.70 1.52 -21.34
C12 PCW DA . 27.94 1.19 -22.62
C13 PCW DA . 28.20 -0.25 -23.06
C14 PCW DA . 27.46 -0.56 -24.36
C15 PCW DA . 25.96 -0.37 -24.19
C16 PCW DA . 25.37 -1.37 -23.18
C17 PCW DA . 23.91 -1.04 -22.87
C18 PCW DA . 23.32 -2.05 -21.90
C19 PCW DA . 22.07 -1.62 -21.45
C20 PCW DA . 21.01 -2.50 -21.31
C21 PCW DA . 21.14 -3.85 -21.60
C22 PCW DA . 19.92 -4.62 -21.07
C23 PCW DA . 19.96 -6.10 -21.45
C24 PCW DA . 18.71 -6.81 -20.93
C25 PCW DA . 18.65 -8.27 -21.39
C26 PCW DA . 19.83 -9.08 -20.88
C27 PCW DA . 19.78 -10.51 -21.39
C28 PCW DA . 20.96 -11.34 -20.87
C31 PCW DA . 27.37 4.99 -19.76
C32 PCW DA . 25.90 5.39 -19.60
C33 PCW DA . 25.01 4.65 -20.60
C34 PCW DA . 25.15 3.14 -20.45
C35 PCW DA . 24.25 2.40 -21.44
C36 PCW DA . 22.78 2.66 -21.15
C37 PCW DA . 21.90 2.05 -22.24
C38 PCW DA . 20.41 2.26 -21.94
C39 PCW DA . 19.63 1.90 -23.03
C40 PCW DA . 18.74 0.84 -22.98
C41 PCW DA . 18.57 0.09 -21.82
C42 PCW DA . 17.76 -1.17 -22.15
C43 PCW DA . 17.51 -2.02 -20.89
C44 PCW DA . 16.69 -3.27 -21.26
C45 PCW DA . 16.39 -4.13 -20.04
C46 PCW DA . 15.58 -5.36 -20.44
C47 PCW DA . 15.27 -6.24 -19.22
C48 PCW DA . 14.48 -7.48 -19.64
N PCW DA . 29.91 10.44 -21.03
O2 PCW DA . 28.08 4.64 -18.65
O3 PCW DA . 28.62 2.78 -20.80
O11 PCW DA . 29.40 0.67 -20.78
O31 PCW DA . 27.90 4.99 -20.86
O1P PCW DA . 32.08 7.56 -17.27
O2P PCW DA . 32.46 5.66 -18.91
O3P PCW DA . 30.53 5.61 -17.33
O4P PCW DA . 30.54 7.26 -19.25
P PCW DA . 31.51 6.55 -18.19
C1 PCW EA . 25.61 23.95 13.52
C2 PCW EA . 24.44 23.35 14.30
C3 PCW EA . 24.87 23.23 15.76
C4 PCW EA . 25.62 27.32 11.61
C5 PCW EA . 24.64 28.40 11.14
C6 PCW EA . 23.59 30.44 12.06
C7 PCW EA . 25.64 29.51 13.15
C8 PCW EA . 26.09 30.29 11.91
C11 PCW EA . 23.29 21.59 16.15
C12 PCW EA . 22.18 20.91 16.96
C13 PCW EA . 22.42 21.15 18.46
C14 PCW EA . 21.40 20.40 19.33
C15 PCW EA . 21.75 20.59 20.81
C16 PCW EA . 20.86 19.73 21.71
C17 PCW EA . 21.27 19.86 23.18
C18 PCW EA . 22.77 19.57 23.33
C19 PCW EA . 23.16 19.50 24.66
C20 PCW EA . 22.64 20.30 25.66
C21 PCW EA . 21.66 21.26 25.39
C22 PCW EA . 22.06 22.61 26.01
C23 PCW EA . 20.89 23.60 25.99
C24 PCW EA . 19.74 23.08 26.84
C25 PCW EA . 18.55 24.05 26.83
C26 PCW EA . 17.42 23.54 27.72
C27 PCW EA . 16.94 22.16 27.26
C28 PCW EA . 15.80 21.65 28.16
C31 PCW EA . 22.70 24.01 12.98
C32 PCW EA . 21.46 24.84 12.61
C33 PCW EA . 20.71 25.34 13.84
C34 PCW EA . 21.58 26.30 14.67
C35 PCW EA . 20.79 26.88 15.83
C36 PCW EA . 21.63 27.88 16.63
C37 PCW EA . 20.78 28.55 17.72
C38 PCW EA . 21.62 29.52 18.55
C39 PCW EA . 20.83 30.20 19.46
C40 PCW EA . 21.11 30.15 20.82
C41 PCW EA . 22.18 29.40 21.29
C42 PCW EA . 22.10 29.25 22.82
C43 PCW EA . 23.28 28.43 23.35
C44 PCW EA . 23.19 28.28 24.87
C45 PCW EA . 21.87 27.61 25.26
C46 PCW EA . 21.74 27.49 26.78
C47 PCW EA . 20.41 26.84 27.17
C48 PCW EA . 20.26 26.74 28.68
N PCW EA . 24.79 29.60 11.96
O2 PCW EA . 23.29 24.18 14.20
O3 PCW EA . 23.82 22.76 16.60
O11 PCW EA . 23.68 21.10 15.10
O31 PCW EA . 23.16 23.19 12.20
O1P PCW EA . 27.52 25.19 11.91
O2P PCW EA . 26.50 24.03 9.90
O3P PCW EA . 25.33 24.02 12.12
O4P PCW EA . 25.47 26.15 10.80
P PCW EA . 26.32 24.82 11.14
C1 PCW FA . 33.40 0.02 -14.49
C2 PCW FA . 32.59 -1.18 -13.97
C3 PCW FA . 31.48 -1.47 -14.97
C4 PCW FA . 35.99 3.79 -13.78
C5 PCW FA . 35.17 5.07 -13.62
C6 PCW FA . 34.07 6.79 -15.04
C7 PCW FA . 34.86 4.65 -16.08
C8 PCW FA . 33.53 4.37 -15.40
C11 PCW FA . 29.91 -2.33 -13.51
C12 PCW FA . 28.97 -3.41 -12.98
C13 PCW FA . 29.34 -4.79 -13.54
C14 PCW FA . 28.28 -5.83 -13.18
C15 PCW FA . 28.11 -5.94 -11.66
C16 PCW FA . 27.04 -6.97 -11.32
C17 PCW FA . 26.85 -7.11 -9.80
C18 PCW FA . 25.74 -8.10 -9.48
C19 PCW FA . 25.58 -8.25 -8.10
C20 PCW FA . 24.33 -8.48 -7.56
C21 PCW FA . 23.21 -8.58 -8.38
C22 PCW FA . 22.24 -9.67 -7.89
C23 PCW FA . 21.03 -9.77 -8.80
C24 PCW FA . 20.21 -8.48 -8.80
C25 PCW FA . 19.70 -8.16 -7.40
C26 PCW FA . 18.90 -6.84 -7.40
C27 PCW FA . 18.39 -6.51 -6.00
C28 PCW FA . 17.47 -7.61 -5.47
C31 PCW FA . 34.02 -2.59 -15.07
C32 PCW FA . 35.06 -3.71 -15.18
C33 PCW FA . 34.46 -5.00 -15.75
C34 PCW FA . 33.39 -5.56 -14.81
C35 PCW FA . 32.96 -6.95 -15.25
C36 PCW FA . 31.94 -7.55 -14.28
C37 PCW FA . 31.71 -9.03 -14.58
C38 PCW FA . 30.74 -9.65 -13.56
C39 PCW FA . 30.63 -11.02 -13.74
C40 PCW FA . 29.53 -11.56 -14.41
C41 PCW FA . 28.53 -10.72 -14.91
C42 PCW FA . 27.94 -11.30 -16.19
C43 PCW FA . 26.85 -10.40 -16.75
C44 PCW FA . 26.25 -11.00 -18.03
C45 PCW FA . 25.20 -10.07 -18.64
C46 PCW FA . 25.80 -8.70 -18.97
C47 PCW FA . 24.76 -7.76 -19.56
C48 PCW FA . 25.38 -6.41 -19.90
N PCW FA . 34.45 5.38 -14.87
O2 PCW FA . 33.48 -2.30 -13.86
O3 PCW FA . 30.70 -2.61 -14.58
O11 PCW FA . 29.96 -1.21 -12.99
O31 PCW FA . 33.69 -1.95 -16.06
O1P PCW FA . 36.83 1.09 -13.20
O2P PCW FA . 35.97 0.84 -15.57
O3P PCW FA . 34.50 0.31 -13.62
O4P PCW FA . 35.13 2.70 -14.10
P PCW FA . 35.72 1.21 -14.16
C1 PCW GA . 27.67 5.60 -30.44
C2 PCW GA . 26.41 4.75 -30.31
C3 PCW GA . 25.46 5.15 -31.43
C4 PCW GA . 27.63 8.26 -33.02
C5 PCW GA . 28.68 9.36 -33.10
C6 PCW GA . 30.54 9.90 -34.65
C7 PCW GA . 28.59 8.58 -35.48
C8 PCW GA . 28.16 10.04 -35.45
C11 PCW GA . 24.46 3.19 -32.09
C12 PCW GA . 23.33 2.17 -32.17
C13 PCW GA . 23.87 0.74 -32.22
C14 PCW GA . 22.72 -0.26 -32.22
C15 PCW GA . 23.22 -1.70 -32.22
C16 PCW GA . 22.06 -2.68 -32.03
C17 PCW GA . 21.36 -2.37 -30.70
C18 PCW GA . 20.17 -3.29 -30.45
C19 PCW GA . 19.55 -2.96 -29.25
C20 PCW GA . 18.58 -3.79 -28.68
C21 PCW GA . 18.22 -4.98 -29.32
C22 PCW GA . 17.44 -5.87 -28.37
C23 PCW GA . 17.02 -7.18 -29.04
C24 PCW GA . 16.23 -8.06 -28.08
C25 PCW GA . 15.81 -9.36 -28.76
C26 PCW GA . 15.03 -10.26 -27.79
C27 PCW GA . 14.58 -11.55 -28.49
C28 PCW GA . 13.65 -11.26 -29.65
C31 PCW GA . 27.46 3.00 -29.31
C32 PCW GA . 28.04 1.59 -29.21
C33 PCW GA . 27.11 0.56 -29.86
C34 PCW GA . 27.79 -0.82 -29.89
C35 PCW GA . 26.87 -1.89 -30.50
C36 PCW GA . 27.62 -3.22 -30.59
C37 PCW GA . 26.69 -4.34 -31.10
C38 PCW GA . 27.47 -5.66 -31.21
C39 PCW GA . 26.63 -6.71 -31.53
C40 PCW GA . 26.23 -7.59 -30.53
C41 PCW GA . 26.70 -7.40 -29.23
C42 PCW GA . 25.56 -7.03 -28.30
C43 PCW GA . 26.08 -6.67 -26.91
C44 PCW GA . 24.92 -6.34 -25.95
C45 PCW GA . 24.09 -7.59 -25.63
C46 PCW GA . 23.48 -8.19 -26.89
C47 PCW GA . 22.64 -9.43 -26.55
C48 PCW GA . 22.04 -10.06 -27.80
N PCW GA . 29.13 9.52 -34.48
O2 PCW GA . 26.76 3.37 -30.41
O3 PCW GA . 24.27 4.35 -31.40
O11 PCW GA . 25.54 3.00 -32.66
O31 PCW GA . 27.60 3.80 -28.38
O1P PCW GA . 29.75 7.32 -31.39
O2P PCW GA . 30.31 5.61 -33.18
O3P PCW GA . 28.38 5.24 -31.62
O4P PCW GA . 28.23 7.01 -33.39
P PCW GA . 29.29 6.32 -32.39
C1 PCW HA . 8.34 38.72 -31.98
C2 PCW HA . 7.58 38.74 -30.65
C3 PCW HA . 6.52 39.83 -30.73
C4 PCW HA . 10.16 40.10 -28.94
C5 PCW HA . 11.68 39.97 -28.85
C6 PCW HA . 11.22 39.37 -26.48
C7 PCW HA . 12.46 37.75 -27.97
C8 PCW HA . 13.45 38.81 -27.50
C11 PCW HA . 4.54 40.54 -29.84
C12 PCW HA . 3.39 40.58 -28.83
C13 PCW HA . 3.18 39.21 -28.17
C14 PCW HA . 1.86 39.18 -27.40
C15 PCW HA . 1.66 37.84 -26.69
C16 PCW HA . 0.24 37.72 -26.12
C17 PCW HA . -0.78 37.72 -27.26
C18 PCW HA . -2.21 37.57 -26.70
C19 PCW HA . -3.14 37.52 -27.73
C20 PCW HA . -4.05 36.47 -27.78
C21 PCW HA . -4.03 35.47 -26.81
C22 PCW HA . -3.57 34.14 -27.41
C23 PCW HA . -4.52 33.69 -28.51
C24 PCW HA . -5.93 33.42 -27.95
C25 PCW HA . -6.88 32.98 -29.05
C26 PCW HA . -8.28 32.69 -28.48
C27 PCW HA . -8.85 33.93 -27.81
C28 PCW HA . -10.24 33.65 -27.22
C31 PCW HA . 6.60 37.31 -29.17
C32 PCW HA . 5.82 36.07 -28.71
C33 PCW HA . 5.64 35.07 -29.87
C34 PCW HA . 4.75 33.90 -29.44
C35 PCW HA . 5.34 33.15 -28.25
C36 PCW HA . 4.41 32.02 -27.80
C37 PCW HA . 5.00 31.26 -26.61
C38 PCW HA . 4.06 30.13 -26.17
C39 PCW HA . 4.61 29.41 -25.11
C40 PCW HA . 3.81 28.96 -24.07
C41 PCW HA . 2.44 29.25 -24.06
C42 PCW HA . 1.83 28.92 -22.70
C43 PCW HA . 0.34 29.23 -22.67
C44 PCW HA . -0.27 28.91 -21.30
C45 PCW HA . -1.76 29.23 -21.28
C46 PCW HA . -2.37 28.89 -19.91
C47 PCW HA . -3.88 29.17 -19.89
C48 PCW HA . -4.48 28.82 -18.53
N PCW HA . 12.03 39.13 -27.69
O2 PCW HA . 6.93 37.46 -30.48
O3 PCW HA . 5.60 39.71 -29.62
O11 PCW HA . 4.51 41.23 -30.84
O31 PCW HA . 6.95 38.15 -28.35
O1P PCW HA . 11.16 39.24 -31.42
O2P PCW HA . 10.85 41.61 -32.26
O3P PCW HA . 8.94 39.99 -32.26
O4P PCW HA . 9.82 40.90 -30.08
P PCW HA . 10.31 40.44 -31.55
C1 PCW IA . 24.54 18.09 3.45
C2 PCW IA . 23.91 18.31 4.82
C3 PCW IA . 24.67 17.53 5.88
C4 PCW IA . 28.53 16.83 4.81
C5 PCW IA . 29.16 17.55 6.00
C6 PCW IA . 30.76 15.65 5.96
C7 PCW IA . 31.63 18.01 5.81
C8 PCW IA . 31.32 17.71 7.28
C11 PCW IA . 24.79 17.14 8.14
C12 PCW IA . 24.35 17.28 9.60
C13 PCW IA . 25.47 17.92 10.44
C14 PCW IA . 24.98 18.22 11.87
C15 PCW IA . 24.55 16.94 12.59
C16 PCW IA . 23.99 17.28 13.97
C17 PCW IA . 23.59 16.03 14.75
C18 PCW IA . 23.01 16.40 16.11
C19 PCW IA . 22.72 15.27 16.86
C20 PCW IA . 21.47 14.67 16.82
C21 PCW IA . 20.47 15.18 16.00
C22 PCW IA . 20.45 14.49 14.65
C23 PCW IA . 20.27 12.97 14.81
C24 PCW IA . 18.94 12.63 15.48
C25 PCW IA . 17.75 13.07 14.62
C26 PCW IA . 16.42 12.66 15.28
C27 PCW IA . 15.23 13.05 14.43
C28 PCW IA . 13.91 12.58 15.06
C31 PCW IA . 22.97 19.99 6.09
C32 PCW IA . 22.83 21.43 6.59
C33 PCW IA . 22.61 22.40 5.42
C34 PCW IA . 21.18 22.30 4.88
C35 PCW IA . 20.19 22.92 5.85
C36 PCW IA . 18.76 22.89 5.31
C37 PCW IA . 17.83 23.72 6.19
C38 PCW IA . 17.79 23.19 7.61
C39 PCW IA . 17.15 24.09 8.46
C40 PCW IA . 15.82 23.93 8.83
C41 PCW IA . 15.08 22.85 8.36
C42 PCW IA . 13.59 23.11 8.56
C43 PCW IA . 12.74 21.93 8.07
C44 PCW IA . 11.25 22.23 8.24
C45 PCW IA . 10.39 21.05 7.78
C46 PCW IA . 8.90 21.38 7.92
C47 PCW IA . 8.03 20.19 7.49
C48 PCW IA . 6.55 20.53 7.63
N PCW IA . 30.55 17.09 6.20
O2 PCW IA . 23.88 19.71 5.12
O3 PCW IA . 24.09 17.78 7.18
O11 PCW IA . 25.76 16.45 7.85
O31 PCW IA . 22.26 19.09 6.55
O1P PCW IA . 28.08 19.49 3.86
O2P PCW IA . 26.31 19.41 5.67
O3P PCW IA . 25.75 18.83 3.29
O4P PCW IA . 27.19 17.27 4.65
P PCW IA . 26.89 18.84 4.43
C1 PCW JA . 35.86 5.71 9.96
C2 PCW JA . 34.33 5.69 9.93
C3 PCW JA . 33.79 4.89 11.10
C4 PCW JA . 37.37 4.01 7.09
C5 PCW JA . 35.86 3.93 7.33
C6 PCW JA . 33.76 4.90 6.44
C7 PCW JA . 35.91 5.28 5.20
C8 PCW JA . 35.41 3.88 4.85
C11 PCW JA . 32.03 4.08 9.89
C12 PCW JA . 30.55 3.80 9.58
C13 PCW JA . 30.17 2.39 10.04
C14 PCW JA . 28.76 2.02 9.64
C15 PCW JA . 28.43 0.59 10.10
C16 PCW JA . 28.35 0.51 11.63
C17 PCW JA . 27.01 1.06 12.14
C18 PCW JA . 25.87 0.13 11.72
C19 PCW JA . 26.08 -1.15 12.22
C20 PCW JA . 25.12 -2.14 12.14
C21 PCW JA . 23.88 -1.91 11.54
C22 PCW JA . 22.75 -2.38 12.45
C23 PCW JA . 21.40 -2.30 11.74
C24 PCW JA . 21.35 -3.23 10.52
C25 PCW JA . 19.99 -3.21 9.84
C26 PCW JA . 18.89 -3.74 10.77
C27 PCW JA . 18.74 -2.88 12.02
C28 PCW JA . 17.63 -3.41 12.93
C31 PCW JA . 34.29 7.75 8.93
C32 PCW JA . 33.90 9.22 8.77
C33 PCW JA . 32.63 9.39 7.93
C34 PCW JA . 32.34 10.87 7.66
C35 PCW JA . 32.07 11.63 8.96
C36 PCW JA . 31.80 13.11 8.67
C37 PCW JA . 31.51 13.90 9.94
C38 PCW JA . 30.24 13.39 10.63
C39 PCW JA . 29.95 14.16 11.76
C40 PCW JA . 29.50 13.57 12.92
C41 PCW JA . 29.34 12.19 12.98
C42 PCW JA . 28.47 11.78 14.18
C43 PCW JA . 27.09 12.44 14.11
C44 PCW JA . 26.23 12.03 15.31
C45 PCW JA . 24.84 12.66 15.23
C46 PCW JA . 23.97 12.24 16.42
C47 PCW JA . 23.78 10.72 16.46
C48 PCW JA . 22.92 10.32 17.66
N PCW JA . 35.14 4.48 6.17
O2 PCW JA . 33.83 7.03 9.98
O3 PCW JA . 32.37 4.79 11.01
O11 PCW JA . 32.92 3.66 9.15
O31 PCW JA . 35.00 7.21 8.09
O1P PCW JA . 38.58 5.55 9.54
O2P PCW JA . 38.50 3.29 10.71
O3P PCW JA . 36.40 4.39 9.88
O4P PCW JA . 38.06 3.47 8.22
P PCW JA . 37.98 4.19 9.66
C1 PCW KA . 21.59 32.47 8.82
C2 PCW KA . 20.64 31.27 8.82
C3 PCW KA . 21.48 30.02 9.08
C4 PCW KA . 21.98 35.39 5.83
C5 PCW KA . 22.91 35.03 4.67
C6 PCW KA . 20.86 35.50 3.36
C7 PCW KA . 23.01 36.63 2.74
C8 PCW KA . 23.06 35.22 2.17
C11 PCW KA . 21.41 27.74 9.16
C12 PCW KA . 20.75 26.36 9.20
C13 PCW KA . 19.76 26.26 10.37
C14 PCW KA . 19.10 24.88 10.41
C15 PCW KA . 18.10 24.79 11.56
C16 PCW KA . 17.43 23.41 11.59
C17 PCW KA . 16.42 23.29 12.72
C18 PCW KA . 15.77 21.92 12.75
C19 PCW KA . 14.85 21.81 13.79
C20 PCW KA . 13.97 20.75 13.85
C21 PCW KA . 14.00 19.77 12.85
C22 PCW KA . 12.62 19.15 12.66
C23 PCW KA . 12.64 18.08 11.56
C24 PCW KA . 11.25 17.47 11.37
C25 PCW KA . 10.76 16.78 12.64
C26 PCW KA . 11.67 15.61 13.02
C27 PCW KA . 11.69 14.56 11.90
C28 PCW KA . 12.59 13.37 12.28
C31 PCW KA . 18.73 32.35 9.49
C32 PCW KA . 17.58 32.68 10.44
C33 PCW KA . 16.28 32.94 9.67
C34 PCW KA . 15.17 33.42 10.59
C35 PCW KA . 14.81 32.39 11.66
C36 PCW KA . 14.18 31.14 11.03
C37 PCW KA . 13.73 30.16 12.12
C38 PCW KA . 13.06 28.93 11.50
C39 PCW KA . 12.64 28.05 12.49
C40 PCW KA . 11.68 27.09 12.19
C41 PCW KA . 11.15 26.99 10.91
C42 PCW KA . 10.49 25.63 10.69
C43 PCW KA . 9.33 25.43 11.65
C44 PCW KA . 8.66 24.06 11.44
C45 PCW KA . 7.47 23.89 12.38
C46 PCW KA . 6.83 22.51 12.20
C47 PCW KA . 7.82 21.40 12.49
C48 PCW KA . 7.17 20.02 12.32
N PCW KA . 22.33 35.52 3.41
O2 PCW KA . 19.65 31.41 9.83
O3 PCW KA . 20.64 28.86 9.06
O11 PCW KA . 22.64 27.84 9.21
O31 PCW KA . 18.83 32.92 8.39
O1P PCW KA . 20.74 36.17 8.30
O2P PCW KA . 22.69 35.13 9.56
O3P PCW KA . 20.91 33.69 8.53
O4P PCW KA . 22.54 34.92 7.06
P PCW KA . 21.72 35.07 8.44
C1 PCW LA . 33.82 -0.32 -19.11
C2 PCW LA . 32.53 -0.98 -18.63
C3 PCW LA . 31.57 0.07 -18.07
C4 PCW LA . 34.47 3.57 -21.44
C5 PCW LA . 33.87 4.60 -22.41
C6 PCW LA . 31.61 4.90 -21.46
C7 PCW LA . 31.87 4.43 -23.91
C8 PCW LA . 32.00 3.10 -23.17
C11 PCW LA . 29.48 0.18 -17.07
C12 PCW LA . 28.08 -0.35 -16.78
C13 PCW LA . 27.49 -0.91 -18.07
C14 PCW LA . 26.16 -1.64 -17.86
C15 PCW LA . 25.67 -2.18 -19.22
C16 PCW LA . 26.75 -3.06 -19.83
C17 PCW LA . 26.44 -3.40 -21.29
C18 PCW LA . 27.57 -4.22 -21.91
C19 PCW LA . 27.39 -4.40 -23.27
C20 PCW LA . 27.15 -5.66 -23.80
C21 PCW LA . 27.10 -6.78 -22.97
C22 PCW LA . 26.26 -7.87 -23.59
C23 PCW LA . 26.16 -9.10 -22.69
C24 PCW LA . 25.29 -10.19 -23.33
C25 PCW LA . 25.18 -11.41 -22.43
C26 PCW LA . 24.28 -12.48 -23.07
C27 PCW LA . 22.88 -11.93 -23.33
C28 PCW LA . 21.97 -12.99 -23.97
C31 PCW LA . 32.66 -2.72 -20.12
C32 PCW LA . 32.16 -3.63 -21.24
C33 PCW LA . 31.31 -4.77 -20.67
C34 PCW LA . 32.13 -5.60 -19.68
C35 PCW LA . 31.28 -6.70 -19.02
C36 PCW LA . 30.15 -6.08 -18.20
C37 PCW LA . 29.34 -7.16 -17.47
C38 PCW LA . 28.19 -6.55 -16.67
C39 PCW LA . 27.48 -7.54 -15.99
C40 PCW LA . 26.18 -7.31 -15.54
C41 PCW LA . 25.56 -6.09 -15.78
C42 PCW LA . 24.19 -6.05 -15.09
C43 PCW LA . 23.47 -4.73 -15.35
C44 PCW LA . 22.10 -4.72 -14.66
C45 PCW LA . 21.38 -3.39 -14.87
C46 PCW LA . 21.11 -3.13 -16.35
C47 PCW LA . 20.38 -1.80 -16.55
C48 PCW LA . 20.11 -1.54 -18.03
N PCW LA . 32.43 4.36 -22.56
O2 PCW LA . 31.90 -1.67 -19.72
O3 PCW LA . 30.31 -0.58 -17.84
O11 PCW LA . 29.86 1.26 -16.63
O31 PCW LA . 33.74 -2.94 -19.57
O1P PCW LA . 35.89 1.43 -20.22
O2P PCW LA . 35.17 -0.09 -22.11
O3P PCW LA . 33.59 0.49 -20.26
O4P PCW LA . 34.25 2.25 -21.95
P PCW LA . 34.84 0.98 -21.15
C1 PCW MA . 8.24 45.58 -15.32
C2 PCW MA . 6.95 45.95 -16.05
C3 PCW MA . 6.99 45.35 -17.44
C4 PCW MA . 6.97 49.56 -14.57
C5 PCW MA . 6.04 50.07 -15.66
C6 PCW MA . 7.97 51.45 -16.34
C7 PCW MA . 6.96 49.85 -17.99
C8 PCW MA . 6.09 51.10 -17.96
C11 PCW MA . 5.94 45.30 -19.46
C12 PCW MA . 4.79 45.54 -20.46
C13 PCW MA . 3.48 44.98 -19.93
C14 PCW MA . 2.36 45.16 -20.96
C15 PCW MA . 1.04 44.60 -20.42
C16 PCW MA . -0.09 44.80 -21.43
C17 PCW MA . -0.26 46.28 -21.78
C18 PCW MA . -1.45 46.50 -22.72
C19 PCW MA . -1.31 45.75 -23.89
C20 PCW MA . -2.44 45.38 -24.61
C21 PCW MA . -3.70 45.77 -24.17
C22 PCW MA . -4.67 45.90 -25.34
C23 PCW MA . -4.84 44.58 -26.09
C24 PCW MA . -5.86 44.71 -27.22
C25 PCW MA . -6.07 43.37 -27.94
C26 PCW MA . -6.66 42.33 -26.99
C27 PCW MA . -6.88 40.99 -27.69
C28 PCW MA . -7.52 39.99 -26.73
C31 PCW MA . 5.62 46.15 -14.18
C32 PCW MA . 4.52 45.74 -13.21
C33 PCW MA . 3.40 46.78 -13.15
C34 PCW MA . 2.72 46.95 -14.51
C35 PCW MA . 1.52 47.89 -14.40
C36 PCW MA . 0.83 48.07 -15.76
C37 PCW MA . -0.46 48.88 -15.63
C38 PCW MA . -1.45 48.17 -14.68
C39 PCW MA . -2.64 48.88 -14.59
C40 PCW MA . -3.81 48.19 -14.24
C41 PCW MA . -3.77 46.83 -14.00
C42 PCW MA . -4.65 46.05 -14.98
C43 PCW MA . -4.57 44.55 -14.71
C44 PCW MA . -5.44 43.76 -15.69
C45 PCW MA . -5.33 42.26 -15.43
C46 PCW MA . -6.21 41.47 -16.40
C47 PCW MA . -7.69 41.81 -16.21
C48 PCW MA . -8.57 41.00 -17.15
N PCW MA . 6.82 50.65 -16.76
O2 PCW MA . 5.82 45.45 -15.33
O3 PCW MA . 5.80 45.71 -18.17
O11 PCW MA . 6.97 44.76 -19.82
O31 PCW MA . 6.33 47.13 -13.94
O1P PCW MA . 8.90 48.43 -12.85
O2P PCW MA . 10.25 47.83 -14.91
O3P PCW MA . 8.39 46.34 -14.11
O4P PCW MA . 7.87 48.59 -15.14
P PCW MA . 8.95 47.85 -14.21
C1 PCW NA . 12.96 43.85 -10.68
C2 PCW NA . 12.93 42.92 -9.47
C3 PCW NA . 14.32 42.81 -8.86
C4 PCW NA . 10.20 46.67 -10.99
C5 PCW NA . 8.79 47.11 -10.59
C6 PCW NA . 9.92 47.99 -8.57
C7 PCW NA . 8.59 49.55 -10.01
C8 PCW NA . 7.61 48.78 -9.11
C11 PCW NA . 13.82 42.23 -6.67
C12 PCW NA . 13.72 41.25 -5.50
C13 PCW NA . 15.12 40.77 -5.08
C14 PCW NA . 15.03 39.56 -4.15
C15 PCW NA . 16.43 39.05 -3.80
C16 PCW NA . 17.15 40.01 -2.85
C17 PCW NA . 16.65 39.81 -1.41
C18 PCW NA . 15.14 39.99 -1.32
C19 PCW NA . 14.68 39.70 -0.04
C20 PCW NA . 13.66 38.78 0.15
C21 PCW NA . 13.09 38.15 -0.95
C22 PCW NA . 11.62 37.79 -0.69
C23 PCW NA . 11.49 36.77 0.45
C24 PCW NA . 10.02 36.38 0.65
C25 PCW NA . 9.87 35.32 1.74
C26 PCW NA . 10.34 35.84 3.10
C27 PCW NA . 10.17 34.78 4.18
C28 PCW NA . 10.63 35.29 5.54
C31 PCW NA . 10.72 43.27 -8.87
C32 PCW NA . 9.61 43.84 -7.97
C33 PCW NA . 8.31 43.05 -8.08
C34 PCW NA . 8.51 41.59 -7.66
C35 PCW NA . 7.15 40.92 -7.40
C36 PCW NA . 6.44 41.62 -6.24
C37 PCW NA . 5.04 41.06 -5.99
C38 PCW NA . 4.12 41.31 -7.19
C39 PCW NA . 2.79 41.07 -6.85
C40 PCW NA . 2.20 39.83 -7.05
C41 PCW NA . 2.92 38.78 -7.61
C42 PCW NA . 2.50 37.45 -6.97
C43 PCW NA . 2.90 37.41 -5.49
C44 PCW NA . 2.36 36.14 -4.82
C45 PCW NA . 2.81 34.89 -5.56
C46 PCW NA . 4.33 34.79 -5.63
C47 PCW NA . 4.77 33.55 -6.40
C48 PCW NA . 6.30 33.46 -6.48
N PCW NA . 8.87 48.17 -9.58
O2 PCW NA . 12.01 43.43 -8.48
O3 PCW NA . 14.33 41.80 -7.85
O11 PCW NA . 13.46 43.40 -6.54
O31 PCW NA . 10.45 42.67 -9.90
O1P PCW NA . 12.56 45.91 -12.52
O2P PCW NA . 11.14 44.22 -13.79
O3P PCW NA . 11.72 43.86 -11.38
O4P PCW NA . 10.11 45.67 -12.01
P PCW NA . 11.43 44.95 -12.54
C1 PCW OA . 26.87 15.14 -16.96
C2 PCW OA . 26.41 13.84 -16.27
C3 PCW OA . 25.05 14.05 -15.65
C4 PCW OA . 27.94 18.34 -18.70
C5 PCW OA . 29.10 19.19 -18.15
C6 PCW OA . 29.67 21.56 -17.73
C7 PCW OA . 27.29 20.94 -18.32
C8 PCW OA . 27.51 20.62 -16.83
C11 PCW OA . 23.27 12.72 -15.06
C12 PCW OA . 22.62 11.43 -14.54
C13 PCW OA . 21.75 10.77 -15.62
C14 PCW OA . 21.27 9.40 -15.17
C15 PCW OA . 20.31 8.78 -16.19
C16 PCW OA . 19.91 7.36 -15.77
C17 PCW OA . 19.33 7.35 -14.36
C18 PCW OA . 18.08 8.23 -14.27
C19 PCW OA . 17.06 7.74 -15.06
C20 PCW OA . 15.80 7.52 -14.50
C21 PCW OA . 15.58 7.81 -13.15
C22 PCW OA . 15.79 6.56 -12.29
C23 PCW OA . 14.80 5.46 -12.67
C24 PCW OA . 15.05 4.20 -11.83
C25 PCW OA . 14.91 4.48 -10.34
C26 PCW OA . 15.13 3.21 -9.51
C27 PCW OA . 16.54 2.64 -9.77
C28 PCW OA . 16.76 1.38 -8.95
C31 PCW OA . 27.43 12.19 -17.53
C32 PCW OA . 27.42 11.00 -18.50
C33 PCW OA . 27.87 9.71 -17.81
C34 PCW OA . 27.43 8.47 -18.58
C35 PCW OA . 25.91 8.31 -18.52
C36 PCW OA . 25.18 9.52 -19.11
C37 PCW OA . 23.68 9.45 -18.87
C38 PCW OA . 22.97 10.68 -19.43
C39 PCW OA . 21.61 10.66 -19.12
C40 PCW OA . 20.71 10.00 -19.93
C41 PCW OA . 21.14 9.32 -21.07
C42 PCW OA . 20.13 8.25 -21.47
C43 PCW OA . 20.59 7.49 -22.72
C44 PCW OA . 19.57 6.41 -23.09
C45 PCW OA . 20.02 5.63 -24.33
C46 PCW OA . 18.99 4.57 -24.71
C47 PCW OA . 19.43 3.78 -25.94
C48 PCW OA . 18.39 2.71 -26.31
N PCW OA . 28.61 20.53 -17.80
O2 PCW OA . 26.26 12.79 -17.23
O3 PCW OA . 24.62 12.80 -15.11
O11 PCW OA . 22.58 13.67 -15.43
O31 PCW OA . 28.48 12.58 -17.02
O1P PCW OA . 29.17 16.90 -16.62
O2P PCW OA . 30.39 15.57 -18.41
O3P PCW OA . 28.08 14.92 -17.68
O4P PCW OA . 28.43 17.04 -19.02
P PCW OA . 29.12 16.13 -17.88
C1 PCW PA . 27.85 14.27 -31.12
C2 PCW PA . 27.26 13.82 -29.79
C3 PCW PA . 27.12 15.04 -28.91
C4 PCW PA . 29.96 11.22 -29.98
C5 PCW PA . 30.40 11.28 -28.52
C6 PCW PA . 28.97 9.26 -28.37
C7 PCW PA . 31.33 9.18 -27.52
C8 PCW PA . 30.48 9.86 -26.45
C11 PCW PA . 26.92 13.79 -26.98
C12 PCW PA . 26.23 13.33 -25.70
C13 PCW PA . 27.25 13.12 -24.57
C14 PCW PA . 26.55 12.78 -23.25
C15 PCW PA . 25.62 13.93 -22.83
C16 PCW PA . 25.01 13.68 -21.45
C17 PCW PA . 24.15 12.41 -21.42
C18 PCW PA . 22.92 12.54 -22.32
C19 PCW PA . 23.27 12.65 -23.66
C20 PCW PA . 22.32 12.34 -24.63
C21 PCW PA . 21.04 11.95 -24.26
C22 PCW PA . 20.05 12.13 -25.41
C23 PCW PA . 18.64 11.74 -24.99
C24 PCW PA . 18.58 10.27 -24.55
C25 PCW PA . 17.15 9.89 -24.13
C26 PCW PA . 17.09 8.44 -23.67
C27 PCW PA . 15.65 8.06 -23.26
C28 PCW PA . 15.58 6.60 -22.79
C31 PCW PA . 25.98 12.01 -30.48
C32 PCW PA . 24.65 11.31 -30.77
C33 PCW PA . 24.17 10.50 -29.56
C34 PCW PA . 22.66 10.29 -29.62
C35 PCW PA . 21.95 11.64 -29.54
C36 PCW PA . 20.43 11.51 -29.56
C37 PCW PA . 19.80 12.91 -29.43
C38 PCW PA . 18.28 12.86 -29.46
C39 PCW PA . 17.76 14.14 -29.34
C40 PCW PA . 16.45 14.42 -29.73
C41 PCW PA . 15.62 13.43 -30.23
C42 PCW PA . 14.57 13.04 -29.19
C43 PCW PA . 13.56 12.04 -29.78
C44 PCW PA . 12.53 11.63 -28.73
C45 PCW PA . 11.80 12.86 -28.17
C46 PCW PA . 10.80 12.46 -27.09
C47 PCW PA . 10.08 13.69 -26.54
C48 PCW PA . 9.09 13.30 -25.43
N PCW PA . 30.15 9.98 -27.88
O2 PCW PA . 25.95 13.27 -30.01
O3 PCW PA . 26.32 14.73 -27.75
O11 PCW PA . 28.02 13.34 -27.30
O31 PCW PA . 27.05 11.42 -30.65
O1P PCW PA . 29.78 11.48 -32.89
O2P PCW PA . 30.49 13.91 -32.66
O3P PCW PA . 28.18 13.17 -31.97
O4P PCW PA . 30.19 12.49 -30.61
P PCW PA . 29.73 12.76 -32.12
C1 PCW QA . 27.02 16.78 -33.29
C2 PCW QA . 25.51 16.49 -33.26
C3 PCW QA . 24.96 16.64 -31.85
C4 PCW QA . 25.31 20.66 -31.83
C5 PCW QA . 23.89 20.77 -31.27
C6 PCW QA . 25.03 21.86 -29.37
C7 PCW QA . 23.15 23.06 -30.55
C8 PCW QA . 22.53 22.04 -29.58
C11 PCW QA . 23.01 16.71 -30.64
C12 PCW QA . 21.51 16.59 -30.42
C13 PCW QA . 21.03 17.77 -29.57
C14 PCW QA . 19.51 17.72 -29.34
C15 PCW QA . 19.07 18.93 -28.51
C16 PCW QA . 19.72 18.88 -27.12
C17 PCW QA . 19.51 20.21 -26.38
C18 PCW QA . 20.22 21.34 -27.14
C19 PCW QA . 20.08 22.56 -26.47
C20 PCW QA . 19.71 23.69 -27.19
C21 PCW QA . 19.50 23.58 -28.55
C22 PCW QA . 18.11 24.10 -28.93
C23 PCW QA . 17.03 23.38 -28.12
C24 PCW QA . 15.62 23.86 -28.50
C25 PCW QA . 14.55 23.21 -27.63
C26 PCW QA . 14.68 23.68 -26.17
C27 PCW QA . 16.01 23.27 -25.54
C28 PCW QA . 16.13 23.78 -24.11
C31 PCW QA . 23.62 16.86 -34.45
C32 PCW QA . 22.65 17.63 -35.35
C33 PCW QA . 21.40 16.78 -35.60
C34 PCW QA . 20.62 16.53 -34.29
C35 PCW QA . 19.55 15.46 -34.48
C36 PCW QA . 20.21 14.11 -34.76
C37 PCW QA . 19.18 13.00 -35.03
C38 PCW QA . 18.24 12.76 -33.85
C39 PCW QA . 17.54 11.59 -34.05
C40 PCW QA . 16.19 11.46 -33.76
C41 PCW QA . 15.44 12.51 -33.24
C42 PCW QA . 14.09 12.60 -33.96
C43 PCW QA . 13.12 13.53 -33.21
C44 PCW QA . 11.80 13.64 -33.97
C45 PCW QA . 10.75 14.36 -33.13
C46 PCW QA . 10.40 13.54 -31.88
C47 PCW QA . 9.29 14.21 -31.06
C48 PCW QA . 8.92 13.35 -29.86
N PCW QA . 23.83 21.79 -30.22
O2 PCW QA . 24.83 17.40 -34.14
O3 PCW QA . 23.53 16.46 -31.88
O11 PCW QA . 23.76 17.05 -29.73
O31 PCW QA . 23.34 15.74 -34.03
O1P PCW QA . 27.69 20.50 -33.37
O2P PCW QA . 26.49 19.00 -35.03
O3P PCW QA . 27.29 18.11 -32.81
O4P PCW QA . 25.35 19.71 -32.88
P PCW QA . 26.75 19.39 -33.62
C1 PCW RA . 22.05 33.73 15.20
C2 PCW RA . 20.64 33.45 14.69
C3 PCW RA . 20.67 32.18 13.86
C4 PCW RA . 20.34 35.37 12.38
C5 PCW RA . 20.17 36.88 12.59
C6 PCW RA . 19.60 37.79 10.35
C7 PCW RA . 21.54 38.74 11.63
C8 PCW RA . 22.01 37.44 10.97
C11 PCW RA . 19.34 30.57 12.94
C12 PCW RA . 18.03 29.97 12.42
C13 PCW RA . 18.17 28.49 12.13
C14 PCW RA . 16.89 27.92 11.51
C15 PCW RA . 16.55 28.64 10.20
C16 PCW RA . 15.27 28.10 9.57
C17 PCW RA . 14.96 28.88 8.29
C18 PCW RA . 13.63 28.47 7.66
C19 PCW RA . 13.39 29.25 6.54
C20 PCW RA . 12.24 29.07 5.76
C21 PCW RA . 11.30 28.11 6.07
C22 PCW RA . 11.80 26.71 5.68
C23 PCW RA . 10.67 25.69 5.73
C24 PCW RA . 9.62 26.00 4.66
C25 PCW RA . 8.47 25.00 4.70
C26 PCW RA . 7.72 25.09 6.04
C27 PCW RA . 7.12 26.49 6.22
C28 PCW RA . 6.34 26.58 7.54
C31 PCW RA . 18.47 33.57 15.46
C32 PCW RA . 17.37 33.39 16.51
C33 PCW RA . 16.52 32.16 16.19
C34 PCW RA . 15.56 32.44 15.03
C35 PCW RA . 14.50 33.47 15.45
C36 PCW RA . 13.47 33.70 14.34
C37 PCW RA . 12.34 34.59 14.84
C38 PCW RA . 11.25 34.74 13.77
C39 PCW RA . 10.17 35.47 14.25
C40 PCW RA . 8.98 34.83 14.55
C41 PCW RA . 8.86 33.46 14.36
C42 PCW RA . 9.60 32.69 15.46
C43 PCW RA . 8.98 32.93 16.83
C44 PCW RA . 9.81 32.22 17.91
C45 PCW RA . 9.20 32.42 19.30
C46 PCW RA . 7.81 31.78 19.39
C47 PCW RA . 7.87 30.28 19.12
C48 PCW RA . 6.48 29.64 19.21
N PCW RA . 20.62 37.62 11.40
O2 PCW RA . 19.76 33.27 15.81
O3 PCW RA . 19.34 31.84 13.43
O11 PCW RA . 20.39 29.92 12.92
O31 PCW RA . 18.22 33.99 14.34
O1P PCW RA . 22.29 36.37 14.25
O2P PCW RA . 24.13 35.66 12.67
O3P PCW RA . 22.94 33.98 14.11
O4P PCW RA . 21.73 35.06 12.17
P PCW RA . 22.82 35.37 13.31
C1 17F SA . 12.35 25.16 -42.89
N1 17F SA . 11.17 23.11 -43.56
O1 17F SA . 11.14 28.51 -43.61
P1 17F SA . 11.08 27.45 -42.57
C2 17F SA . 12.40 23.89 -43.75
O2 17F SA . 12.00 27.55 -41.42
C3 17F SA . 13.62 23.06 -43.37
O3 17F SA . 11.28 26.02 -43.29
C4 17F SA . 9.28 27.01 -40.69
O4 17F SA . 13.62 22.51 -42.24
C5 17F SA . 7.77 27.04 -40.44
O5 17F SA . 14.55 22.98 -44.20
C6 17F SA . 7.07 26.09 -41.39
O6 17F SA . 9.57 27.39 -42.05
C7 17F SA . 5.22 27.30 -41.94
O7 17F SA . 5.65 26.20 -41.27
C8 17F SA . 3.72 27.64 -41.94
O8 17F SA . 6.02 28.00 -42.55
C9 17F SA . 2.88 26.37 -41.88
O9 17F SA . 7.49 26.65 -39.08
C10 17F SA . 1.38 26.70 -41.86
O10 17F SA . 5.57 27.74 -39.46
C11 17F SA . 0.55 25.42 -41.81
C12 17F SA . -0.95 25.74 -41.79
C17 17F SA . 6.25 27.06 -38.70
C18 17F SA . 5.74 26.70 -37.31
C19 17F SA . 4.48 25.83 -37.41
C20 17F SA . 4.76 24.54 -38.18
C1X 17F SA . -1.79 24.46 -41.76
C1Y 17F SA . 3.51 23.68 -38.33
C1Z 17F SA . 2.99 23.20 -36.98
C2X 17F SA . -3.28 24.78 -41.71
C21 17F SA . -3.59 25.52 -40.57
C22 17F SA . -4.84 25.38 -39.98
C23 17F SA . -5.78 24.52 -40.53
C24 17F SA . -6.66 23.89 -39.44
C25 17F SA . -7.69 22.95 -40.05
C26 17F SA . -8.56 22.32 -38.96
C27 17F SA . -9.61 21.38 -39.57
C28 17F SA . -10.49 20.76 -38.49
C29 17F SA . -11.55 19.84 -39.09
C30 17F SA . -12.42 19.21 -38.01
C31 17F SA . 2.54 24.37 -36.09
C32 17F SA . 2.01 23.85 -34.75
C33 17F SA . 0.96 22.98 -34.95
C34 17F SA . 0.27 22.44 -33.88
C35 17F SA . 0.63 22.75 -32.57
C36 17F SA . -0.37 23.74 -31.96
C37 17F SA . -0.02 24.04 -30.50
C38 17F SA . -0.99 25.05 -29.90
C39 17F SA . -0.66 25.31 -28.43
C40 17F SA . -1.63 26.33 -27.82
C41 17F SA . -3.07 25.84 -27.95
C42 17F SA . -4.06 26.84 -27.33
HN1 17F SA . 10.52 23.80 -43.86
HN1A 17F SA . 10.80 23.01 -42.63
HAC 17F SA . 10.98 22.44 -44.28
C1 17F TA . 14.20 33.14 -37.89
N1 17F TA . 16.32 34.15 -38.61
O1 17F TA . 13.54 30.21 -38.08
P1 17F TA . 13.12 31.10 -39.17
C2 17F TA . 14.97 34.44 -38.10
O2 17F TA . 13.11 30.57 -40.55
C3 17F TA . 15.05 35.21 -36.77
O3 17F TA . 14.01 32.45 -39.13
C4 17F TA . 11.26 32.97 -39.21
O4 17F TA . 15.58 34.61 -35.81
C5 17F TA . 9.84 33.29 -38.75
O5 17F TA . 14.59 36.36 -36.75
C6 17F TA . 9.50 34.74 -39.06
O6 17F TA . 11.65 31.66 -38.81
C7 17F TA . 7.69 36.18 -39.05
O7 17F TA . 8.11 34.91 -38.78
C8 17F TA . 6.21 36.51 -38.83
O8 17F TA . 8.47 37.02 -39.47
C9 17F TA . 5.39 35.21 -38.84
O9 17F TA . 8.92 32.43 -39.41
C10 17F TA . 3.91 35.45 -38.55
O10 17F TA . 7.62 33.07 -37.71
C11 17F TA . 3.17 34.11 -38.51
C12 17F TA . 1.70 34.28 -38.15
C17 17F TA . 7.73 32.45 -38.76
C18 17F TA . 6.53 31.67 -39.32
C19 17F TA . 6.65 31.50 -40.83
C20 17F TA . 5.33 31.02 -41.44
C1X 17F TA . 1.01 32.92 -38.10
C1Y 17F TA . 5.46 30.81 -42.95
C1Z 17F TA . 4.10 30.54 -43.59
C2X 17F TA . -0.46 33.06 -37.67
C21 17F TA . -0.56 33.66 -36.43
C22 17F TA . -0.27 32.95 -35.26
C23 17F TA . 0.13 31.63 -35.33
C24 17F TA . -0.41 30.84 -34.13
C25 17F TA . 0.03 29.37 -34.17
C26 17F TA . 1.55 29.25 -34.09
C27 17F TA . 1.99 27.78 -34.08
C28 17F TA . 3.51 27.66 -33.96
C29 17F TA . 3.93 26.18 -33.95
C30 17F TA . 5.45 26.06 -33.83
C31 17F TA . 3.19 31.78 -43.49
C32 17F TA . 1.83 31.53 -44.12
C33 17F TA . 1.05 32.68 -44.08
C34 17F TA . -0.27 32.63 -43.68
C35 17F TA . -0.84 31.42 -43.28
C36 17F TA . -1.69 30.83 -44.41
C37 17F TA . -2.36 29.52 -43.97
C38 17F TA . -3.19 28.92 -45.10
C39 17F TA . -3.88 27.63 -44.66
C40 17F TA . -4.83 27.90 -43.49
C41 17F TA . -5.54 26.61 -43.06
C42 17F TA . -6.32 26.00 -44.23
HN1 17F TA . 16.82 35.00 -38.73
HN1A 17F TA . 16.79 33.57 -37.94
HAC 17F TA . 16.25 33.66 -39.48
C1 17F UA . 36.66 2.18 -4.72
N1 17F UA . 35.42 2.02 -6.81
O1 17F UA . 37.72 -1.00 -4.50
P1 17F UA . 37.32 -0.02 -3.46
C2 17F UA . 35.59 2.83 -5.60
O2 17F UA . 38.16 1.12 -3.00
C3 17F UA . 36.03 4.24 -5.99
O3 17F UA . 36.31 0.84 -4.38
C4 17F UA . 35.63 0.51 -1.49
O4 17F UA . 36.92 4.35 -6.86
C5 17F UA . 34.67 -0.19 -0.52
O5 17F UA . 35.48 5.19 -5.39
C6 17F UA . 34.06 0.84 0.40
O6 17F UA . 36.15 -0.44 -2.44
C7 17F UA . 34.04 -0.47 2.27
O7 17F UA . 33.24 0.18 1.38
C8 17F UA . 33.42 -1.30 3.39
O8 17F UA . 35.27 -0.36 2.16
C9 17F UA . 33.95 -2.74 3.34
O9 17F UA . 33.62 -0.84 -1.25
C10 17F UA . 33.30 -3.62 4.42
O10 17F UA . 35.23 -2.35 -1.66
C11 17F UA . 33.84 -5.04 4.34
C12 17F UA . 33.19 -5.94 5.39
C17 17F UA . 34.07 -1.98 -1.84
C18 17F UA . 33.11 -2.81 -2.70
C19 17F UA . 33.84 -3.43 -3.89
C20 17F UA . 34.85 -4.50 -3.45
C1X 17F UA . 33.76 -7.36 5.33
C1Y 17F UA . 35.62 -5.05 -4.64
C1Z 17F UA . 36.53 -6.21 -4.23
C2X 17F UA . 33.10 -8.27 6.36
C21 17F UA . 31.73 -8.38 6.13
C22 17F UA . 31.12 -9.63 6.13
C23 17F UA . 31.84 -10.78 6.36
C24 17F UA . 31.12 -11.69 7.36
C25 17F UA . 31.90 -12.98 7.60
C26 17F UA . 33.27 -12.71 8.22
C27 17F UA . 34.03 -14.02 8.46
C28 17F UA . 35.40 -13.76 9.09
C29 17F UA . 36.25 -12.88 8.17
C30 17F UA . 37.65 -12.65 8.75
C31 17F UA . 35.70 -7.38 -3.70
C32 17F UA . 36.59 -8.56 -3.28
C33 17F UA . 35.81 -9.59 -2.78
C34 17F UA . 36.38 -10.84 -2.54
C35 17F UA . 37.74 -11.06 -2.79
C36 17F UA . 37.95 -12.45 -3.41
C37 17F UA . 37.41 -13.55 -2.50
C38 17F UA . 37.62 -14.93 -3.12
C39 17F UA . 37.04 -16.03 -2.24
C40 17F UA . 37.67 -16.04 -0.84
C41 17F UA . 37.06 -17.12 0.03
C42 17F UA . 37.27 -18.50 -0.58
HN1 17F UA . 34.73 2.44 -7.42
HN1A 17F UA . 36.29 1.94 -7.30
HAC 17F UA . 35.10 1.10 -6.56
C1 17F VA . 18.82 45.67 0.23
N1 17F VA . 17.07 47.34 0.55
O1 17F VA . 19.70 43.60 3.28
P1 17F VA . 19.07 43.69 1.95
C2 17F VA . 18.45 47.15 0.10
O2 17F VA . 19.76 43.07 0.80
C3 17F VA . 18.58 47.57 -1.37
O3 17F VA . 18.76 45.24 1.59
C4 17F VA . 16.69 43.18 0.97
O4 17F VA . 17.60 48.12 -1.90
C5 17F VA . 15.33 42.55 1.28
O5 17F VA . 19.67 47.34 -1.93
C6 17F VA . 14.78 43.12 2.58
O6 17F VA . 17.59 43.06 2.07
C7 17F VA . 14.45 41.19 3.74
O7 17F VA . 13.81 42.25 3.18
C8 17F VA . 13.65 40.12 4.49
O8 17F VA . 15.67 41.11 3.65
C9 17F VA . 13.77 40.29 5.99
O9 17F VA . 14.47 42.80 0.16
C10 17F VA . 12.99 39.24 6.77
O10 17F VA . 12.95 41.50 1.20
C11 17F VA . 13.52 37.82 6.50
C12 17F VA . 12.75 36.79 7.32
C17 17F VA . 13.26 42.19 0.23
C18 17F VA . 12.30 42.39 -0.95
C19 17F VA . 11.65 41.07 -1.39
C20 17F VA . 11.10 41.21 -2.81
C1X 17F VA . 13.27 35.38 7.08
C1Y 17F VA . 10.31 39.97 -3.23
C1Z 17F VA . 8.98 39.90 -2.48
C2X 17F VA . 12.47 34.35 7.88
C21 17F VA . 12.94 33.06 7.66
C22 17F VA . 12.30 31.97 8.26
C23 17F VA . 11.19 32.17 9.06
C24 17F VA . 10.47 30.85 9.33
C25 17F VA . 9.26 31.05 10.25
C26 17F VA . 8.57 29.72 10.56
C27 17F VA . 7.36 29.94 11.47
C28 17F VA . 6.64 28.61 11.76
C29 17F VA . 6.10 27.98 10.48
C30 17F VA . 5.39 26.66 10.78
C31 17F VA . 8.13 41.14 -2.80
C32 17F VA . 6.77 41.09 -2.10
C33 17F VA . 6.03 42.24 -2.39
C34 17F VA . 4.67 42.16 -2.58
C35 17F VA . 4.01 40.93 -2.50
C36 17F VA . 2.66 41.09 -1.78
C37 17F VA . 1.95 39.75 -1.67
C38 17F VA . 0.58 39.92 -1.01
C39 17F VA . -0.16 38.58 -0.88
C40 17F VA . -1.52 38.77 -0.21
C41 17F VA . -2.27 37.44 -0.12
C42 17F VA . -2.55 36.86 -1.50
HN1 17F VA . 16.85 48.32 0.53
HN1A 17F VA . 16.46 46.84 -0.04
HAC 17F VA . 16.98 47.00 1.49
C1 17F WA . 19.63 40.77 -9.61
N1 17F WA . 21.53 39.32 -10.14
O1 17F WA . 16.49 38.61 -10.11
P1 17F WA . 17.15 39.90 -9.82
C2 17F WA . 21.04 40.33 -9.20
O2 17F WA . 16.97 41.02 -10.77
C3 17F WA . 21.02 39.76 -7.78
O3 17F WA . 18.72 39.66 -9.60
C4 17F WA . 16.61 39.45 -7.27
O4 17F WA . 21.05 38.52 -7.66
C5 17F WA . 15.56 38.37 -7.52
O5 17F WA . 20.96 40.58 -6.84
C6 17F WA . 15.55 37.42 -6.33
O6 17F WA . 16.67 40.38 -8.36
C7 17F WA . 14.48 35.63 -5.41
O7 17F WA . 14.48 36.47 -6.48
C8 17F WA . 13.42 34.52 -5.33
O8 17F WA . 15.32 35.77 -4.52
C9 17F WA . 12.10 35.00 -5.93
O9 17F WA . 14.27 38.98 -7.63
C10 17F WA . 11.01 33.93 -5.83
O10 17F WA . 13.81 37.02 -8.62
C11 17F WA . 11.42 32.65 -6.55
C12 17F WA . 10.31 31.59 -6.45
C17 17F WA . 13.41 38.11 -8.22
C18 17F WA . 11.94 38.50 -8.43
C19 17F WA . 11.04 37.72 -7.48
C20 17F WA . 9.56 37.98 -7.79
C1X 17F WA . 10.73 30.29 -7.14
C1Y 17F WA . 8.66 37.19 -6.84
C1Z 17F WA . 7.19 37.33 -7.26
C2X 17F WA . 9.61 29.25 -7.04
C21 17F WA . 8.46 29.68 -7.68
C22 17F WA . 8.37 29.56 -9.07
C23 17F WA . 9.41 29.01 -9.80
C24 17F WA . 9.42 29.53 -11.23
C25 17F WA . 10.58 28.90 -12.02
C26 17F WA . 10.57 29.40 -13.47
C27 17F WA . 11.73 28.80 -14.27
C28 17F WA . 11.68 29.25 -15.72
C29 17F WA . 10.40 28.78 -16.40
C30 17F WA . 10.37 29.21 -17.87
C31 17F WA . 6.99 36.77 -8.67
C32 17F WA . 5.54 36.90 -9.12
C33 17F WA . 5.35 36.37 -10.38
C34 17F WA . 4.16 35.73 -10.71
C35 17F WA . 3.14 35.63 -9.78
C36 17F WA . 1.89 35.01 -10.41
C37 17F WA . 0.74 34.96 -9.40
C38 17F WA . -0.49 34.29 -10.00
C39 17F WA . -1.63 34.26 -8.99
C40 17F WA . -2.00 35.68 -8.54
C41 17F WA . -3.12 35.65 -7.51
C42 17F WA . -2.71 34.89 -6.25
HN1 17F WA . 21.56 39.69 -11.06
HN1A 17F WA . 22.46 39.04 -9.87
HAC 17F WA . 20.93 38.53 -10.12
C1 17F XA . 9.50 44.50 -26.31
N1 17F XA . 11.28 42.97 -25.59
O1 17F XA . 7.58 46.37 -25.56
P1 17F XA . 7.60 45.20 -24.65
C2 17F XA . 10.44 43.36 -26.73
O2 17F XA . 7.84 45.45 -23.22
C3 17F XA . 11.32 43.82 -27.88
O3 17F XA . 8.68 44.14 -25.20
C4 17F XA . 5.43 44.09 -23.67
O4 17F XA . 12.31 43.11 -28.17
C5 17F XA . 4.01 43.66 -24.05
O5 17F XA . 10.99 44.88 -28.46
C6 17F XA . 4.05 42.39 -24.89
O6 17F XA . 6.19 44.44 -24.82
C7 17F XA . 2.05 42.95 -25.87
O7 17F XA . 2.71 41.97 -25.18
C8 17F XA . 0.58 42.70 -26.25
O8 17F XA . 2.62 43.99 -26.18
C9 17F XA . -0.11 41.92 -25.13
O9 17F XA . 3.22 43.46 -22.86
C10 17F XA . -1.56 41.58 -25.49
O10 17F XA . 4.60 41.71 -22.53
C11 17F XA . -2.22 40.75 -24.39
C12 17F XA . -3.64 40.34 -24.78
C17 17F XA . 3.66 42.39 -22.13
C18 17F XA . 2.95 42.08 -20.81
C19 17F XA . 2.49 40.63 -20.71
C20 17F XA . 3.67 39.66 -20.68
C1X 17F XA . -4.27 39.47 -23.69
C1Y 17F XA . 3.20 38.25 -20.32
C1Z 17F XA . 2.49 38.25 -18.96
C2X 17F XA . -5.65 38.96 -24.12
C21 17F XA . -5.56 38.21 -25.29
C22 17F XA . -6.11 36.95 -25.36
C23 17F XA . -6.76 36.41 -24.26
C24 17F XA . -7.80 35.37 -24.71
C25 17F XA . -8.53 34.77 -23.50
C26 17F XA . -9.56 33.74 -23.95
C27 17F XA . -10.30 33.12 -22.76
C28 17F XA . -11.33 32.09 -23.22
C29 17F XA . -12.07 31.47 -22.04
C30 17F XA . -13.07 30.42 -22.51
C31 17F XA . 2.09 36.84 -18.54
C32 17F XA . 1.36 36.88 -17.19
C33 17F XA . 1.07 35.58 -16.75
C34 17F XA . -0.05 35.36 -15.96
C35 17F XA . -0.88 36.41 -15.61
C36 17F XA . -1.46 36.22 -14.21
C37 17F XA . -0.36 36.25 -13.15
C38 17F XA . 0.31 37.62 -13.10
C39 17F XA . 1.40 37.66 -12.02
C40 17F XA . 2.05 39.05 -11.96
C41 17F XA . 3.13 39.10 -10.88
C42 17F XA . 3.78 40.49 -10.83
HN1 17F XA . 10.55 42.73 -24.94
HN1A 17F XA . 11.70 43.66 -25.01
HAC 17F XA . 11.67 42.05 -25.65
C1 PCW YA . -2.42 14.29 6.86
C2 PCW YA . -2.10 15.00 5.54
C3 PCW YA . -3.01 16.21 5.37
C4 PCW YA . -5.61 14.68 9.76
C5 PCW YA . -6.25 13.82 10.85
C6 PCW YA . -7.47 15.48 12.23
C7 PCW YA . -5.86 13.90 13.33
C8 PCW YA . -5.04 15.01 12.69
C11 PCW YA . -3.24 18.09 4.07
C12 PCW YA . -2.96 18.99 2.86
C13 PCW YA . -3.13 20.47 3.23
C14 PCW YA . -2.87 21.36 2.02
C15 PCW YA . -1.42 21.21 1.53
C16 PCW YA . -1.19 22.07 0.28
C17 PCW YA . 0.25 21.98 -0.21
C18 PCW YA . 1.23 22.51 0.84
C19 PCW YA . 2.54 22.48 0.35
C20 PCW YA . 3.53 23.25 0.94
C21 PCW YA . 3.24 24.07 2.03
C22 PCW YA . 3.35 25.54 1.66
C23 PCW YA . 3.09 26.44 2.87
C24 PCW YA . 3.18 27.92 2.51
C25 PCW YA . 2.11 28.30 1.48
C26 PCW YA . 2.20 29.79 1.13
C27 PCW YA . 1.11 30.18 0.12
C28 PCW YA . 1.20 31.67 -0.23
C31 PCW YA . 0.11 14.41 5.53
C32 PCW YA . 1.62 14.67 5.56
C33 PCW YA . 2.20 14.38 6.95
C34 PCW YA . 3.68 14.76 7.01
C35 PCW YA . 4.50 14.00 5.98
C36 PCW YA . 5.98 14.43 6.05
C37 PCW YA . 6.82 13.70 5.00
C38 PCW YA . 8.28 14.16 5.06
C39 PCW YA . 9.04 13.53 4.09
C40 PCW YA . 10.43 13.51 4.18
C41 PCW YA . 11.06 14.15 5.24
C42 PCW YA . 11.35 15.62 4.91
C43 PCW YA . 12.07 16.32 6.06
C44 PCW YA . 12.37 17.77 5.71
C45 PCW YA . 11.09 18.54 5.38
C46 PCW YA . 11.40 19.99 5.04
C47 PCW YA . 10.11 20.77 4.72
C48 PCW YA . 10.42 22.23 4.39
N PCW YA . -6.31 14.57 12.11
O2 PCW YA . -0.75 15.47 5.57
O3 PCW YA . -2.60 16.89 4.17
O11 PCW YA . -4.03 18.44 4.95
O31 PCW YA . -0.34 13.26 5.48
O1P PCW YA . -4.52 16.00 7.52
O2P PCW YA . -6.00 14.49 6.09
O3P PCW YA . -3.73 13.73 6.85
O4P PCW YA . -5.59 13.96 8.52
P PCW YA . -5.02 14.64 7.19
C1 PCW ZA . -5.00 9.83 12.57
C2 PCW ZA . -4.95 10.44 13.97
C3 PCW ZA . -3.99 11.60 13.98
C4 PCW ZA . -8.55 8.09 14.95
C5 PCW ZA . -8.10 6.66 14.63
C6 PCW ZA . -8.44 4.39 15.56
C7 PCW ZA . -9.99 6.24 16.23
C8 PCW ZA . -10.43 5.75 14.85
C11 PCW ZA . -3.19 13.30 15.33
C12 PCW ZA . -2.96 14.01 16.66
C13 PCW ZA . -3.23 15.51 16.56
C14 PCW ZA . -3.01 16.19 17.91
C15 PCW ZA . -1.57 15.99 18.38
C16 PCW ZA . -0.58 16.66 17.43
C17 PCW ZA . -0.77 18.18 17.43
C18 PCW ZA . 0.19 18.86 16.45
C19 PCW ZA . 0.08 20.25 16.54
C20 PCW ZA . -0.81 20.94 15.72
C21 PCW ZA . -1.60 20.26 14.79
C22 PCW ZA . -2.99 20.87 14.71
C23 PCW ZA . -3.85 20.18 13.65
C24 PCW ZA . -3.22 20.36 12.26
C25 PCW ZA . -3.11 21.84 11.89
C26 PCW ZA . -2.49 22.01 10.51
C27 PCW ZA . -3.34 21.30 9.44
C28 PCW ZA . -2.72 21.46 8.06
C31 PCW ZA . -6.34 10.98 15.71
C32 PCW ZA . -7.63 11.46 16.35
C33 PCW ZA . -7.88 12.94 16.05
C34 PCW ZA . -6.76 13.82 16.62
C35 PCW ZA . -6.66 13.68 18.13
C36 PCW ZA . -5.56 14.57 18.70
C37 PCW ZA . -5.46 14.44 20.22
C38 PCW ZA . -4.35 15.35 20.77
C39 PCW ZA . -4.26 15.23 22.16
C40 PCW ZA . -3.09 14.80 22.75
C41 PCW ZA . -1.98 14.48 21.96
C42 PCW ZA . -0.86 15.50 22.15
C43 PCW ZA . 0.35 15.15 21.27
C44 PCW ZA . 1.46 16.18 21.45
C45 PCW ZA . 2.66 15.85 20.56
C46 PCW ZA . 3.78 16.89 20.72
C47 PCW ZA . 4.97 16.57 19.82
C48 PCW ZA . 6.08 17.61 19.98
N PCW ZA . -9.01 5.71 15.27
O2 PCW ZA . -6.25 10.87 14.36
O3 PCW ZA . -3.88 12.12 15.33
O11 PCW ZA . -2.78 13.77 14.27
O31 PCW ZA . -5.37 10.66 16.42
O1P PCW ZA . -7.78 10.38 12.20
O2P PCW ZA . -8.27 7.88 12.17
O3P PCW ZA . -5.93 8.74 12.52
O4P PCW ZA . -7.66 9.02 14.32
P PCW ZA . -7.50 9.02 12.72
C1 PCW AB . -14.12 19.81 10.06
C2 PCW AB . -13.21 20.86 9.43
C3 PCW AB . -11.84 20.83 10.10
C4 PCW AB . -15.97 22.05 7.25
C5 PCW AB . -15.26 23.14 6.45
C6 PCW AB . -15.32 24.94 8.16
C7 PCW AB . -15.95 25.46 5.77
C8 PCW AB . -17.15 24.79 6.45
C11 PCW AB . -9.78 21.80 10.20
C12 PCW AB . -8.72 22.86 9.88
C13 PCW AB . -7.95 23.22 11.14
C14 PCW AB . -6.93 24.34 10.85
C15 PCW AB . -5.94 23.92 9.77
C16 PCW AB . -4.94 25.04 9.48
C17 PCW AB . -3.94 24.63 8.40
C18 PCW AB . -2.95 25.76 8.12
C19 PCW AB . -2.04 25.42 7.13
C20 PCW AB . -0.73 25.13 7.46
C21 PCW AB . -0.30 25.21 8.79
C22 PCW AB . 0.58 24.01 9.14
C23 PCW AB . 1.09 24.11 10.59
C24 PCW AB . 1.98 22.91 10.95
C25 PCW AB . 3.23 22.86 10.07
C26 PCW AB . 2.87 22.69 8.58
C27 PCW AB . 4.12 22.65 7.70
C28 PCW AB . 3.74 22.52 6.23
C31 PCW AB . -12.71 21.74 7.35
C32 PCW AB . -12.49 21.66 5.84
C33 PCW AB . -11.01 21.63 5.47
C34 PCW AB . -10.35 23.01 5.62
C35 PCW AB . -10.40 23.51 7.08
C36 PCW AB . -9.75 24.90 7.17
C37 PCW AB . -9.81 25.44 8.60
C38 PCW AB . -9.19 26.83 8.68
C39 PCW AB . -9.25 27.33 9.98
C40 PCW AB . -8.10 27.74 10.63
C41 PCW AB . -6.86 27.64 10.00
C42 PCW AB . -5.85 28.62 10.61
C43 PCW AB . -6.31 30.07 10.43
C44 PCW AB . -5.33 31.04 11.09
C45 PCW AB . -3.92 30.90 10.51
C46 PCW AB . -3.91 31.20 9.01
C47 PCW AB . -2.51 31.04 8.43
C48 PCW AB . -2.50 31.31 6.92
N PCW AB . -15.77 24.47 6.84
O2 PCW AB . -13.08 20.61 8.03
O3 PCW AB . -11.01 21.89 9.61
O11 PCW AB . -9.55 20.88 10.97
O31 PCW AB . -12.60 22.80 7.95
O1P PCW AB . -17.71 20.89 9.34
O2P PCW AB . -16.06 21.72 11.09
O3P PCW AB . -15.43 19.88 9.51
O4P PCW AB . -15.69 22.22 8.64
P PCW AB . -16.32 21.21 9.72
C1 PCW BB . -12.24 20.69 15.35
C2 PCW BB . -11.20 21.72 15.77
C3 PCW BB . -10.06 21.02 16.49
C4 PCW BB . -13.35 24.65 14.14
C5 PCW BB . -13.21 23.86 12.83
C6 PCW BB . -14.31 25.87 11.89
C7 PCW BB . -12.15 25.06 10.89
C8 PCW BB . -13.27 24.19 10.34
C11 PCW BB . -9.58 22.52 18.14
C12 PCW BB . -8.73 23.57 18.87
C13 PCW BB . -9.12 24.99 18.44
C14 PCW BB . -8.24 26.02 19.14
C15 PCW BB . -8.35 25.89 20.67
C16 PCW BB . -7.45 26.88 21.39
C17 PCW BB . -7.85 28.33 21.08
C18 PCW BB . -6.98 29.30 21.88
C19 PCW BB . -7.33 30.63 21.62
C20 PCW BB . -6.46 31.46 20.93
C21 PCW BB . -5.24 30.96 20.48
C22 PCW BB . -4.54 31.96 19.55
C23 PCW BB . -3.22 31.39 19.04
C24 PCW BB . -2.51 32.39 18.13
C25 PCW BB . -1.21 31.79 17.58
C26 PCW BB . -1.48 30.50 16.81
C27 PCW BB . -2.41 30.76 15.62
C28 PCW BB . -2.69 29.48 14.85
C31 PCW BB . -10.13 23.59 14.95
C32 PCW BB . -9.48 24.45 13.87
C33 PCW BB . -8.90 25.74 14.48
C34 PCW BB . -7.86 25.43 15.55
C35 PCW BB . -6.64 24.71 14.96
C36 PCW BB . -5.94 25.60 13.93
C37 PCW BB . -4.71 24.90 13.34
C38 PCW BB . -4.00 25.80 12.33
C39 PCW BB . -2.89 25.16 11.78
C40 PCW BB . -1.63 25.34 12.33
C41 PCW BB . -1.47 26.17 13.44
C42 PCW BB . -0.91 27.53 13.04
C43 PCW BB . 0.48 27.38 12.40
C44 PCW BB . 1.07 28.74 12.04
C45 PCW BB . 2.45 28.61 11.42
C46 PCW BB . 3.04 29.97 11.07
C47 PCW BB . 3.17 30.85 12.32
C48 PCW BB . 3.77 32.21 11.98
N PCW BB . -13.35 24.77 11.69
O2 PCW BB . -10.70 22.40 14.60
O3 PCW BB . -9.10 21.96 17.00
O11 PCW BB . -10.66 22.17 18.60
O31 PCW BB . -10.18 23.97 16.12
O1P PCW BB . -15.41 22.71 14.63
O2P PCW BB . -14.29 22.15 16.84
O3P PCW BB . -13.33 21.32 14.68
O4P PCW BB . -13.20 23.76 15.24
P PCW BB . -14.17 22.48 15.40
PG GNP CB . -18.44 -27.61 8.81
O1G GNP CB . -18.44 -26.24 9.37
O2G GNP CB . -18.52 -27.60 7.20
O3G GNP CB . -17.08 -28.40 9.13
N3B GNP CB . -19.65 -28.55 9.34
PB GNP CB . -21.06 -27.76 9.42
O1B GNP CB . -20.84 -26.31 9.18
O2B GNP CB . -21.72 -28.17 10.68
O3A GNP CB . -21.87 -28.40 8.18
PA GNP CB . -22.42 -27.50 6.96
O1A GNP CB . -21.55 -26.30 6.83
O2A GNP CB . -22.60 -28.36 5.78
O5' GNP CB . -23.86 -27.03 7.50
C5' GNP CB . -24.82 -28.03 7.87
C4' GNP CB . -26.17 -27.40 8.23
O4' GNP CB . -26.06 -26.36 9.23
C3' GNP CB . -26.81 -26.69 7.04
O3' GNP CB . -27.72 -27.59 6.40
C2' GNP CB . -27.61 -25.56 7.71
O2' GNP CB . -29.00 -25.71 7.40
C1' GNP CB . -27.39 -25.84 9.19
N9 GNP CB . -27.53 -24.59 9.98
C8 GNP CB . -26.54 -23.76 10.31
N7 GNP CB . -27.04 -22.72 10.99
C5 GNP CB . -28.35 -22.90 11.09
C6 GNP CB . -29.37 -22.14 11.66
O6 GNP CB . -29.11 -21.07 12.22
N1 GNP CB . -30.68 -22.62 11.59
C2 GNP CB . -30.94 -23.82 10.94
N2 GNP CB . -32.18 -24.29 10.88
N3 GNP CB . -29.94 -24.52 10.39
C4 GNP CB . -28.67 -24.09 10.44
HNB3 GNP CB . -19.74 -29.35 8.75
HO3' GNP CB . -27.21 -28.37 6.03
HO2' GNP CB . -29.35 -26.55 7.80
HN1 GNP CB . -31.43 -22.09 12.02
HN21 GNP CB . -32.36 -25.16 10.41
HN22 GNP CB . -32.94 -23.78 11.29
MG MG DB . -18.28 -26.77 6.24
C1 PCW EB . 2.53 -4.09 -11.51
C2 PCW EB . 3.56 -5.19 -11.74
C3 PCW EB . 2.87 -6.47 -12.20
C4 PCW EB . -0.99 -3.68 -11.00
C5 PCW EB . -2.34 -4.41 -10.94
C6 PCW EB . -4.75 -3.89 -11.10
C7 PCW EB . -3.07 -2.15 -11.78
C8 PCW EB . -3.21 -3.14 -12.94
C11 PCW EB . 3.97 -8.05 -10.96
C12 PCW EB . 4.91 -9.24 -10.72
C13 PCW EB . 5.64 -9.63 -12.00
C14 PCW EB . 6.53 -10.85 -11.77
C15 PCW EB . 7.24 -11.27 -13.06
C16 PCW EB . 8.18 -10.17 -13.57
C17 PCW EB . 8.88 -10.60 -14.86
C18 PCW EB . 9.86 -9.53 -15.34
C19 PCW EB . 10.51 -9.95 -16.50
C20 PCW EB . 11.82 -10.41 -16.43
C21 PCW EB . 12.47 -10.46 -15.21
C22 PCW EB . 13.96 -10.75 -15.39
C23 PCW EB . 14.66 -9.66 -16.21
C24 PCW EB . 16.14 -9.97 -16.37
C25 PCW EB . 16.85 -8.88 -17.19
C26 PCW EB . 16.74 -7.51 -16.51
C27 PCW EB . 17.45 -6.44 -17.32
C28 PCW EB . 17.27 -5.06 -16.69
C31 PCW EB . 5.67 -5.51 -12.61
C32 PCW EB . 6.82 -5.26 -13.58
C33 PCW EB . 6.80 -3.84 -14.11
C34 PCW EB . 6.96 -2.81 -12.98
C35 PCW EB . 8.27 -3.02 -12.24
C36 PCW EB . 8.44 -1.98 -11.13
C37 PCW EB . 9.75 -2.19 -10.37
C38 PCW EB . 9.92 -1.14 -9.27
C39 PCW EB . 11.09 -1.34 -8.55
C40 PCW EB . 12.28 -0.75 -8.96
C41 PCW EB . 12.32 0.06 -10.09
C42 PCW EB . 13.73 0.11 -10.68
C43 PCW EB . 13.76 0.95 -11.95
C44 PCW EB . 15.18 1.00 -12.53
C45 PCW EB . 15.22 1.83 -13.82
C46 PCW EB . 16.65 1.88 -14.39
C47 PCW EB . 17.60 2.54 -13.39
C48 PCW EB . 19.03 2.55 -13.93
N PCW EB . -3.39 -3.57 -11.54
O2 PCW EB . 4.52 -4.78 -12.72
O3 PCW EB . 3.78 -7.58 -12.22
O11 PCW EB . 3.36 -7.54 -10.01
O31 PCW EB . 5.78 -6.34 -11.70
O1P PCW EB . 1.01 -1.68 -11.61
O2P PCW EB . 0.60 -2.06 -14.09
O3P PCW EB . 1.84 -3.76 -12.72
O4P PCW EB . -0.64 -3.42 -12.36
P PCW EB . 0.71 -2.61 -12.72
C1 PCW FB . 2.83 -5.64 19.44
C2 PCW FB . 3.95 -6.00 18.46
C3 PCW FB . 4.42 -7.43 18.67
C4 PCW FB . 0.88 -8.71 16.90
C5 PCW FB . 1.49 -9.17 15.57
C6 PCW FB . 0.85 -10.34 13.49
C7 PCW FB . -0.93 -9.74 15.16
C8 PCW FB . -0.60 -8.48 14.36
C11 PCW FB . 5.15 -8.58 16.82
C12 PCW FB . 6.16 -9.01 15.76
C13 PCW FB . 6.85 -7.81 15.10
C14 PCW FB . 7.80 -8.27 14.00
C15 PCW FB . 8.50 -7.11 13.30
C16 PCW FB . 9.39 -7.61 12.17
C17 PCW FB . 10.09 -6.46 11.45
C18 PCW FB . 11.05 -5.72 12.38
C19 PCW FB . 11.67 -4.68 11.71
C20 PCW FB . 13.02 -4.40 11.96
C21 PCW FB . 13.73 -5.14 12.89
C22 PCW FB . 14.96 -5.78 12.25
C23 PCW FB . 15.77 -6.56 13.28
C24 PCW FB . 17.01 -7.20 12.66
C25 PCW FB . 16.62 -8.20 11.57
C26 PCW FB . 15.75 -9.33 12.14
C27 PCW FB . 15.37 -10.33 11.06
C28 PCW FB . 14.59 -9.66 9.92
C31 PCW FB . 3.19 -4.50 16.91
C32 PCW FB . 2.65 -4.06 15.55
C33 PCW FB . 3.54 -2.98 14.92
C34 PCW FB . 4.94 -3.51 14.62
C35 PCW FB . 5.67 -3.95 15.89
C36 PCW FB . 7.07 -4.48 15.56
C37 PCW FB . 7.78 -4.99 16.81
C38 PCW FB . 9.18 -5.50 16.47
C39 PCW FB . 9.82 -5.98 17.60
C40 PCW FB . 10.93 -6.81 17.46
C41 PCW FB . 11.39 -7.16 16.20
C42 PCW FB . 12.64 -6.33 15.82
C43 PCW FB . 13.78 -6.58 16.82
C44 PCW FB . 15.00 -5.74 16.45
C45 PCW FB . 14.68 -4.25 16.47
C46 PCW FB . 15.90 -3.40 16.09
C47 PCW FB . 15.57 -1.91 16.14
C48 PCW FB . 16.80 -1.08 15.79
N PCW FB . 0.42 -9.50 14.62
O2 PCW FB . 3.49 -5.81 17.11
O3 PCW FB . 5.52 -7.69 17.78
O11 PCW FB . 4.03 -9.06 16.84
O31 PCW FB . 3.36 -3.68 17.81
O1P PCW FB . 2.61 -8.36 20.28
O2P PCW FB . 0.15 -8.33 19.63
O3P PCW FB . 1.61 -6.36 19.16
O4P PCW FB . 1.92 -8.48 17.86
P PCW FB . 1.55 -7.96 19.33
C1 PCW GB . -0.63 -14.62 -16.86
C2 PCW GB . 0.57 -13.71 -16.55
C3 PCW GB . 1.00 -12.97 -17.80
C4 PCW GB . -0.95 -18.18 -14.08
C5 PCW GB . -0.11 -17.12 -13.37
C6 PCW GB . 1.72 -18.37 -14.47
C7 PCW GB . 1.63 -15.87 -14.69
C8 PCW GB . 2.23 -16.20 -13.33
C11 PCW GB . 3.27 -13.19 -17.55
C12 PCW GB . 4.69 -12.71 -17.30
C13 PCW GB . 5.42 -13.60 -16.29
C14 PCW GB . 6.86 -13.13 -16.08
C15 PCW GB . 7.63 -13.16 -17.41
C16 PCW GB . 7.66 -14.56 -18.00
C17 PCW GB . 8.39 -14.57 -19.35
C18 PCW GB . 8.44 -15.98 -19.94
C19 PCW GB . 9.04 -15.98 -21.19
C20 PCW GB . 10.44 -15.98 -21.30
C21 PCW GB . 11.24 -15.99 -20.17
C22 PCW GB . 12.50 -16.83 -20.39
C23 PCW GB . 13.31 -16.29 -21.57
C24 PCW GB . 14.57 -17.13 -21.79
C25 PCW GB . 15.49 -17.10 -20.57
C26 PCW GB . 15.95 -15.67 -20.27
C27 PCW GB . 16.86 -15.63 -19.05
C28 PCW GB . 17.34 -14.20 -18.76
C31 PCW GB . 1.34 -12.42 -14.82
C32 PCW GB . 1.22 -11.43 -13.65
C33 PCW GB . 2.59 -11.12 -13.04
C34 PCW GB . 3.49 -10.45 -14.08
C35 PCW GB . 2.91 -9.11 -14.55
C36 PCW GB . 3.83 -8.43 -15.56
C37 PCW GB . 3.25 -7.08 -15.99
C38 PCW GB . 4.19 -6.38 -16.99
C39 PCW GB . 3.67 -5.16 -17.38
C40 PCW GB . 3.44 -4.89 -18.71
C41 PCW GB . 3.72 -5.84 -19.68
C42 PCW GB . 4.28 -5.20 -20.94
C43 PCW GB . 3.30 -4.19 -21.53
C44 PCW GB . 3.84 -3.55 -22.81
C45 PCW GB . 4.06 -4.60 -23.90
C46 PCW GB . 4.57 -3.97 -25.19
C47 PCW GB . 4.81 -5.03 -26.27
C48 PCW GB . 5.29 -4.39 -27.57
N PCW GB . 1.25 -17.08 -13.96
O2 PCW GB . 0.23 -12.80 -15.50
O3 PCW GB . 2.25 -12.29 -17.57
O11 PCW GB . 3.03 -14.39 -17.74
O31 PCW GB . 2.44 -12.88 -15.12
O1P PCW GB . -3.12 -16.39 -14.81
O2P PCW GB . -2.48 -16.67 -17.25
O3P PCW GB . -1.05 -15.32 -15.70
O4P PCW GB . -1.15 -17.82 -15.46
P PCW GB . -2.07 -16.55 -15.84
C1 PCW HB . -2.59 6.61 10.22
C2 PCW HB . -1.89 7.96 10.26
C3 PCW HB . -2.02 8.55 11.66
C4 PCW HB . -6.24 6.96 8.64
C5 PCW HB . -6.29 7.26 7.15
C6 PCW HB . -8.16 5.83 6.41
C7 PCW HB . -5.98 5.72 5.19
C8 PCW HB . -5.84 4.89 6.46
C11 PCW HB . -2.02 10.73 10.90
C12 PCW HB . -1.53 12.19 10.85
C13 PCW HB . -2.73 13.14 10.79
C14 PCW HB . -2.27 14.59 10.84
C15 PCW HB . -1.36 14.94 9.67
C16 PCW HB . -0.96 16.41 9.69
C17 PCW HB . -0.01 16.74 8.52
C18 PCW HB . 0.40 18.21 8.55
C19 PCW HB . 1.27 18.50 7.51
C20 PCW HB . 2.63 18.63 7.77
C21 PCW HB . 3.12 18.48 9.06
C22 PCW HB . 4.65 18.51 9.07
C23 PCW HB . 5.21 18.32 10.47
C24 PCW HB . 4.86 16.94 11.03
C25 PCW HB . 3.35 16.76 11.19
C26 PCW HB . 3.02 15.37 11.73
C27 PCW HB . 1.51 15.18 11.88
C28 PCW HB . 1.19 13.79 12.47
C31 PCW HB . -0.36 7.23 8.71
C32 PCW HB . 1.04 6.96 8.15
C33 PCW HB . 1.15 5.53 7.62
C34 PCW HB . 0.91 4.51 8.73
C35 PCW HB . 0.96 3.08 8.18
C36 PCW HB . 0.71 2.06 9.30
C37 PCW HB . 0.69 0.64 8.74
C38 PCW HB . 2.01 0.29 8.05
C39 PCW HB . 1.98 -1.01 7.55
C40 PCW HB . 3.13 -1.61 7.07
C41 PCW HB . 4.34 -0.94 7.09
C42 PCW HB . 5.36 -1.58 6.15
C43 PCW HB . 6.71 -0.86 6.21
C44 PCW HB . 7.71 -1.49 5.25
C45 PCW HB . 9.06 -0.76 5.28
C46 PCW HB . 8.90 0.71 4.88
C47 PCW HB . 10.24 1.43 4.90
C48 PCW HB . 10.08 2.91 4.52
N PCW HB . -6.72 6.06 6.41
O2 PCW HB . -0.49 7.80 9.93
O3 PCW HB . -1.39 9.85 11.72
O11 PCW HB . -2.96 10.36 10.21
O31 PCW HB . -1.36 6.93 8.05
O1P PCW HB . -6.35 5.60 10.91
O2P PCW HB . -4.28 4.21 10.07
O3P PCW HB . -3.97 6.73 10.59
O4P PCW HB . -5.28 5.93 8.89
P PCW HB . -4.96 5.48 10.40
C1 PCW IB . 4.25 -6.69 12.66
C2 PCW IB . 4.62 -6.06 11.32
C3 PCW IB . 5.87 -5.20 11.45
C4 PCW IB . 1.28 -7.00 9.62
C5 PCW IB . 1.49 -6.21 8.33
C6 PCW IB . -0.54 -6.74 7.02
C7 PCW IB . 1.72 -7.11 5.99
C8 PCW IB . 1.43 -8.29 6.91
C11 PCW IB . 7.34 -3.90 10.26
C12 PCW IB . 7.87 -3.20 9.00
C13 PCW IB . 9.39 -3.11 9.01
C14 PCW IB . 9.89 -2.44 7.73
C15 PCW IB . 11.41 -2.31 7.71
C16 PCW IB . 11.89 -1.68 6.40
C17 PCW IB . 13.41 -1.51 6.38
C18 PCW IB . 14.12 -2.85 6.52
C19 PCW IB . 15.51 -2.69 6.47
C20 PCW IB . 16.19 -2.22 7.59
C21 PCW IB . 15.49 -1.89 8.75
C22 PCW IB . 15.07 -0.43 8.74
C23 PCW IB . 14.33 -0.06 10.03
C24 PCW IB . 13.91 1.41 10.01
C25 PCW IB . 13.19 1.79 11.31
C26 PCW IB . 14.11 1.60 12.51
C27 PCW IB . 13.40 1.95 13.82
C28 PCW IB . 14.32 1.77 15.02
C31 PCW IB . 4.72 -6.64 9.10
C32 PCW IB . 4.97 -7.58 7.92
C33 PCW IB . 6.04 -7.03 6.99
C34 PCW IB . 5.60 -5.70 6.36
C35 PCW IB . 6.66 -5.16 5.40
C36 PCW IB . 6.95 -6.16 4.28
C37 PCW IB . 7.95 -5.58 3.27
C38 PCW IB . 8.24 -6.59 2.16
C39 PCW IB . 9.09 -6.05 1.20
C40 PCW IB . 10.46 -5.96 1.42
C41 PCW IB . 11.01 -6.41 2.61
C42 PCW IB . 12.33 -5.69 2.91
C43 PCW IB . 12.96 -6.19 4.21
C44 PCW IB . 14.29 -5.47 4.48
C45 PCW IB . 15.28 -5.72 3.34
C46 PCW IB . 16.60 -5.00 3.61
C47 PCW IB . 17.59 -5.24 2.47
C48 PCW IB . 18.91 -4.51 2.73
N PCW IB . 0.90 -6.94 7.20
O2 PCW IB . 4.85 -7.11 10.36
O3 PCW IB . 6.20 -4.64 10.17
O11 PCW IB . 7.94 -3.81 11.33
O31 PCW IB . 4.38 -5.47 8.91
O1P PCW IB . 0.65 -7.92 12.22
O2P PCW IB . 1.45 -5.69 13.14
O3P PCW IB . 3.09 -7.51 12.55
O4P PCW IB . 1.84 -6.28 10.72
P PCW IB . 1.66 -6.82 12.22
C1 PCW JB . -2.36 13.04 -4.32
C2 PCW JB . -1.05 13.83 -4.39
C3 PCW JB . -0.46 13.70 -5.78
C4 PCW JB . -4.57 11.96 -7.58
C5 PCW JB . -5.05 12.11 -9.02
C6 PCW JB . -5.10 9.78 -9.84
C7 PCW JB . -3.82 11.52 -11.14
C8 PCW JB . -2.96 11.09 -9.96
C11 PCW JB . 1.74 13.95 -5.12
C12 PCW JB . 3.11 14.63 -5.10
C13 PCW JB . 4.13 13.83 -5.93
C14 PCW JB . 5.44 14.61 -6.05
C15 PCW JB . 6.11 14.87 -4.70
C16 PCW JB . 6.65 13.58 -4.08
C17 PCW JB . 5.55 12.55 -3.79
C18 PCW JB . 6.15 11.29 -3.17
C19 PCW JB . 5.18 10.34 -2.93
C20 PCW JB . 5.25 9.54 -1.78
C21 PCW JB . 6.29 9.72 -0.88
C22 PCW JB . 5.77 10.21 0.47
C23 PCW JB . 6.91 10.42 1.46
C24 PCW JB . 7.64 9.11 1.78
C25 PCW JB . 8.31 8.53 0.53
C26 PCW JB . 9.00 7.21 0.86
C27 PCW JB . 9.69 6.62 -0.38
C28 PCW JB . 8.68 6.34 -1.49
C31 PCW JB . -1.84 15.33 -2.84
C32 PCW JB . -2.22 16.71 -2.32
C33 PCW JB . -3.63 17.09 -2.77
C34 PCW JB . -4.05 18.45 -2.21
C35 PCW JB . -3.12 19.56 -2.69
C36 PCW JB . -3.59 20.92 -2.17
C37 PCW JB . -2.67 22.05 -2.64
C38 PCW JB . -3.16 23.39 -2.12
C39 PCW JB . -2.32 24.43 -2.52
C40 PCW JB . -1.68 25.20 -1.55
C41 PCW JB . -1.88 24.92 -0.21
C42 PCW JB . -0.65 25.30 0.63
C43 PCW JB . -0.83 24.86 2.09
C44 PCW JB . 0.38 25.25 2.93
C45 PCW JB . 0.25 24.72 4.36
C46 PCW JB . 0.14 23.19 4.36
C47 PCW JB . 0.03 22.64 5.78
C48 PCW JB . -0.07 21.11 5.76
N PCW JB . -4.43 11.09 -9.86
O2 PCW JB . -1.30 15.21 -4.09
O3 PCW JB . 0.75 14.46 -5.90
O11 PCW JB . 1.52 12.94 -4.44
O31 PCW JB . -2.02 14.33 -2.14
O1P PCW JB . -4.78 11.65 -4.67
O2P PCW JB . -5.77 14.00 -4.54
O3P PCW JB . -3.36 13.64 -5.15
O4P PCW JB . -5.16 12.98 -6.77
P PCW JB . -4.85 13.04 -5.19
C1 PCW KB . -11.61 8.17 -22.39
C2 PCW KB . -11.02 7.40 -23.58
C3 PCW KB . -9.67 7.98 -23.97
C4 PCW KB . -16.17 6.76 -21.46
C5 PCW KB . -17.24 7.37 -20.57
C6 PCW KB . -17.57 9.58 -21.66
C7 PCW KB . -17.12 9.46 -19.17
C8 PCW KB . -15.80 9.32 -19.91
C11 PCW KB . -8.18 8.20 -25.69
C12 PCW KB . -7.64 7.96 -27.11
C13 PCW KB . -7.53 9.27 -27.87
C14 PCW KB . -7.17 9.03 -29.34
C15 PCW KB . -7.13 10.36 -30.10
C16 PCW KB . -5.95 11.23 -29.64
C17 PCW KB . -6.06 12.64 -30.21
C18 PCW KB . -4.84 13.48 -29.85
C19 PCW KB . -5.09 14.84 -29.99
C20 PCW KB . -4.74 15.55 -31.13
C21 PCW KB . -4.11 14.94 -32.22
C22 PCW KB . -2.65 15.38 -32.32
C23 PCW KB . -2.03 14.98 -33.65
C24 PCW KB . -2.74 15.69 -34.81
C25 PCW KB . -2.08 15.37 -36.15
C26 PCW KB . -2.77 16.11 -37.29
C27 PCW KB . -2.71 17.62 -37.08
C28 PCW KB . -3.43 18.37 -38.22
C31 PCW KB . -10.77 5.29 -24.44
C32 PCW KB . -10.58 3.77 -24.38
C33 PCW KB . -10.02 3.23 -25.70
C34 PCW KB . -9.97 1.70 -25.68
C35 PCW KB . -8.95 1.15 -24.68
C36 PCW KB . -7.52 1.53 -25.08
C37 PCW KB . -6.49 0.81 -24.20
C38 PCW KB . -5.06 1.13 -24.63
C39 PCW KB . -4.14 0.38 -23.92
C40 PCW KB . -2.90 0.90 -23.57
C41 PCW KB . -2.57 2.20 -23.93
C42 PCW KB . -1.32 2.22 -24.81
C43 PCW KB . -0.09 1.65 -24.08
C44 PCW KB . 1.14 1.70 -24.98
C45 PCW KB . 2.38 1.19 -24.24
C46 PCW KB . 3.63 1.31 -25.12
C47 PCW KB . 4.87 0.80 -24.38
C48 PCW KB . 6.11 0.91 -25.27
N PCW KB . -17.05 8.83 -20.50
O2 PCW KB . -10.92 5.99 -23.29
O3 PCW KB . -9.32 7.57 -25.29
O11 PCW KB . -7.59 8.96 -24.92
O31 PCW KB . -10.82 5.87 -25.53
O1P PCW KB . -13.97 5.67 -22.84
O2P PCW KB . -12.55 5.94 -20.75
O3P PCW KB . -13.02 7.91 -22.25
O4P PCW KB . -14.87 6.95 -20.88
P PCW KB . -13.55 6.51 -21.69
C1 PCW LB . -11.59 18.59 -18.44
C2 PCW LB . -12.25 19.86 -17.90
C3 PCW LB . -11.18 20.94 -17.75
C4 PCW LB . -10.47 17.25 -15.38
C5 PCW LB . -9.01 16.81 -15.31
C6 PCW LB . -7.66 15.08 -14.14
C7 PCW LB . -10.15 14.75 -14.41
C8 PCW LB . -9.48 14.37 -15.74
C11 PCW LB . -10.81 23.12 -17.29
C12 PCW LB . -11.12 24.53 -16.79
C13 PCW LB . -9.89 25.16 -16.14
C14 PCW LB . -10.11 26.63 -15.83
C15 PCW LB . -10.47 27.40 -17.11
C16 PCW LB . -10.46 28.91 -16.89
C17 PCW LB . -11.38 29.33 -15.74
C18 PCW LB . -11.43 30.87 -15.65
C19 PCW LB . -10.15 31.41 -15.57
C20 PCW LB . -9.91 32.69 -16.04
C21 PCW LB . -10.94 33.43 -16.59
C22 PCW LB . -10.59 34.92 -16.63
C23 PCW LB . -11.77 35.76 -17.10
C24 PCW LB . -12.98 35.54 -16.19
C25 PCW LB . -14.15 36.46 -16.57
C26 PCW LB . -15.34 36.22 -15.65
C27 PCW LB . -16.50 37.16 -15.97
C28 PCW LB . -16.10 38.61 -15.78
C31 PCW LB . -14.05 21.25 -18.17
C32 PCW LB . -15.14 21.98 -18.96
C33 PCW LB . -14.59 23.33 -19.46
C34 PCW LB . -15.63 24.11 -20.27
C35 PCW LB . -15.06 25.44 -20.73
C36 PCW LB . -16.10 26.24 -21.54
C37 PCW LB . -15.52 27.58 -22.00
C38 PCW LB . -16.53 28.37 -22.81
C39 PCW LB . -16.01 29.59 -23.22
C40 PCW LB . -16.68 30.35 -24.18
C41 PCW LB . -17.86 29.88 -24.73
C42 PCW LB . -18.44 30.85 -25.76
C43 PCW LB . -17.47 31.05 -26.93
C44 PCW LB . -18.10 31.92 -28.02
C45 PCW LB . -18.42 33.33 -27.49
C46 PCW LB . -17.15 34.09 -27.15
C47 PCW LB . -16.28 34.29 -28.40
C48 PCW LB . -15.05 35.13 -28.09
N PCW LB . -8.91 15.41 -14.86
O2 PCW LB . -13.27 20.32 -18.80
O3 PCW LB . -11.75 22.14 -17.22
O11 PCW LB . -9.70 22.86 -17.77
O31 PCW LB . -13.91 21.45 -16.97
O1P PCW LB . -13.15 17.98 -15.93
O2P PCW LB . -13.51 15.65 -16.88
O3P PCW LB . -12.43 17.45 -18.26
O4P PCW LB . -11.18 16.45 -16.32
P PCW LB . -12.67 16.86 -16.78
C1 PCW MB . -10.63 22.39 -2.30
C2 PCW MB . -10.04 22.61 -3.70
C3 PCW MB . -11.13 22.93 -4.70
C4 PCW MB . -12.27 26.54 -1.51
C5 PCW MB . -10.76 26.31 -1.51
C6 PCW MB . -8.70 27.40 -2.36
C7 PCW MB . -10.86 28.67 -2.38
C8 PCW MB . -10.30 28.73 -0.96
C11 PCW MB . -9.87 24.10 -6.25
C12 PCW MB . -9.19 24.31 -7.60
C13 PCW MB . -9.43 25.72 -8.14
C14 PCW MB . -8.74 25.90 -9.49
C15 PCW MB . -8.98 27.31 -10.04
C16 PCW MB . -8.25 27.52 -11.37
C17 PCW MB . -8.79 26.55 -12.44
C18 PCW MB . -8.05 26.75 -13.77
C19 PCW MB . -6.69 26.49 -13.64
C20 PCW MB . -5.84 26.57 -14.73
C21 PCW MB . -6.33 26.91 -15.98
C22 PCW MB . -7.08 25.75 -16.63
C23 PCW MB . -6.17 24.53 -16.82
C24 PCW MB . -6.93 23.39 -17.51
C25 PCW MB . -6.05 22.16 -17.68
C26 PCW MB . -5.57 21.65 -16.32
C27 PCW MB . -4.71 20.39 -16.48
C28 PCW MB . -3.48 20.67 -17.36
C31 PCW MB . -8.04 23.35 -2.83
C32 PCW MB . -6.90 24.36 -2.63
C33 PCW MB . -5.71 24.04 -3.54
C34 PCW MB . -6.12 24.10 -5.02
C35 PCW MB . -4.93 23.81 -5.93
C36 PCW MB . -4.34 22.42 -5.66
C37 PCW MB . -3.09 22.18 -6.51
C38 PCW MB . -2.52 20.78 -6.23
C39 PCW MB . -1.35 20.57 -6.96
C40 PCW MB . -1.41 20.46 -8.35
C41 PCW MB . -2.63 20.54 -9.01
C42 PCW MB . -2.71 21.84 -9.84
C43 PCW MB . -1.60 21.89 -10.89
C44 PCW MB . -1.68 23.18 -11.71
C45 PCW MB . -0.59 23.22 -12.78
C46 PCW MB . -0.67 24.50 -13.60
C47 PCW MB . 0.41 24.54 -14.68
C48 PCW MB . 0.32 25.83 -15.51
N PCW MB . -10.06 27.57 -1.83
O2 PCW MB . -9.08 23.68 -3.64
O3 PCW MB . -10.59 22.96 -6.03
O11 PCW MB . -9.79 24.95 -5.36
O31 PCW MB . -8.02 22.26 -2.27
O1P PCW MB . -12.74 24.42 -3.55
O2P PCW MB . -13.62 22.93 -1.69
O3P PCW MB . -11.20 23.58 -1.77
O4P PCW MB . -12.93 25.30 -1.19
P PCW MB . -12.70 24.01 -2.14
C1 PCW NB . 3.97 0.26 13.78
C2 PCW NB . 3.76 1.69 14.27
C3 PCW NB . 4.58 1.88 15.53
C4 PCW NB . 1.08 -2.24 12.19
C5 PCW NB . 0.31 -3.19 13.13
C6 PCW NB . -1.61 -3.87 11.72
C7 PCW NB . -2.02 -2.94 14.02
C8 PCW NB . -1.76 -1.76 13.09
C11 PCW NB . 3.24 3.59 16.29
C12 PCW NB . 2.94 5.01 16.77
C13 PCW NB . 4.12 5.57 17.58
C14 PCW NB . 3.88 7.01 18.00
C15 PCW NB . 2.61 7.15 18.84
C16 PCW NB . 2.45 8.58 19.36
C17 PCW NB . 1.17 8.74 20.18
C18 PCW NB . 1.07 10.15 20.77
C19 PCW NB . 1.13 11.12 19.78
C20 PCW NB . 2.35 11.63 19.37
C21 PCW NB . 3.52 11.17 19.96
C22 PCW NB . 4.49 12.31 20.24
C23 PCW NB . 5.79 11.78 20.86
C24 PCW NB . 6.77 12.93 21.16
C25 PCW NB . 7.12 13.70 19.89
C26 PCW NB . 8.07 14.85 20.20
C27 PCW NB . 8.42 15.64 18.93
C28 PCW NB . 9.34 16.82 19.25
C31 PCW NB . 3.30 2.75 12.30
C32 PCW NB . 3.57 3.65 11.10
C33 PCW NB . 3.15 5.09 11.41
C34 PCW NB . 3.46 6.03 10.24
C35 PCW NB . 3.04 7.46 10.58
C36 PCW NB . 3.34 8.41 9.42
C37 PCW NB . 2.94 9.84 9.79
C38 PCW NB . 3.27 10.81 8.65
C39 PCW NB . 2.90 12.11 8.98
C40 PCW NB . 3.75 12.90 9.75
C41 PCW NB . 4.97 12.41 10.18
C42 PCW NB . 5.81 13.51 10.82
C43 PCW NB . 7.16 12.96 11.29
C44 PCW NB . 8.00 14.06 11.94
C45 PCW NB . 7.28 14.67 13.14
C46 PCW NB . 8.12 15.78 13.79
C47 PCW NB . 7.38 16.39 14.98
C48 PCW NB . 8.21 17.50 15.63
N PCW NB . -1.13 -3.08 12.86
O2 PCW NB . 4.24 2.60 13.27
O3 PCW NB . 4.51 3.26 15.95
O11 PCW NB . 2.34 2.75 16.23
O31 PCW NB . 2.22 2.17 12.41
O1P PCW NB . 3.12 -1.17 10.34
O2P PCW NB . 4.91 -1.85 12.00
O3P PCW NB . 3.32 0.04 12.52
O4P PCW NB . 2.48 -2.33 12.48
P PCW NB . 3.53 -1.36 11.74
C1 PCW OB . -3.84 -13.59 -18.32
C2 PCW OB . -4.01 -12.51 -19.40
C3 PCW OB . -5.22 -11.64 -19.13
C4 PCW OB . -4.85 -9.83 -16.72
C5 PCW OB . -4.13 -8.50 -16.48
C6 PCW OB . -3.94 -6.30 -17.59
C7 PCW OB . -5.85 -7.82 -18.20
C8 PCW OB . -6.21 -7.13 -16.89
C11 PCW OB . -4.46 -9.73 -20.14
C12 PCW OB . -4.36 -8.69 -21.27
C13 PCW OB . -3.62 -9.29 -22.47
C14 PCW OB . -3.46 -8.25 -23.58
C15 PCW OB . -2.72 -8.85 -24.79
C16 PCW OB . -1.33 -9.38 -24.40
C17 PCW OB . -0.46 -8.25 -23.86
C18 PCW OB . 0.93 -8.77 -23.48
C19 PCW OB . 1.72 -7.76 -22.97
C20 PCW OB . 3.04 -7.60 -23.41
C21 PCW OB . 3.56 -8.46 -24.37
C22 PCW OB . 4.17 -9.70 -23.71
C23 PCW OB . 4.76 -10.65 -24.76
C24 PCW OB . 5.88 -9.98 -25.54
C25 PCW OB . 7.02 -9.56 -24.61
C26 PCW OB . 8.15 -8.87 -25.38
C27 PCW OB . 7.64 -7.60 -26.07
C28 PCW OB . 8.77 -6.91 -26.84
C31 PCW OB . -1.83 -12.41 -20.10
C32 PCW OB . -0.48 -11.74 -20.34
C33 PCW OB . -0.56 -10.23 -20.07
C34 PCW OB . 0.78 -9.55 -20.37
C35 PCW OB . 1.90 -10.14 -19.53
C36 PCW OB . 3.25 -9.48 -19.87
C37 PCW OB . 4.38 -10.12 -19.06
C38 PCW OB . 5.73 -9.47 -19.40
C39 PCW OB . 6.75 -10.06 -18.67
C40 PCW OB . 7.43 -9.33 -17.69
C41 PCW OB . 7.08 -8.00 -17.45
C42 PCW OB . 8.31 -7.14 -17.21
C43 PCW OB . 7.92 -5.68 -16.97
C44 PCW OB . 9.17 -4.82 -16.75
C45 PCW OB . 10.08 -4.86 -17.98
C46 PCW OB . 11.34 -4.02 -17.75
C47 PCW OB . 12.26 -4.06 -18.98
C48 PCW OB . 13.50 -3.21 -18.76
N PCW OB . -4.81 -7.43 -17.23
O2 PCW OB . -2.83 -11.71 -19.50
O3 PCW OB . -5.37 -10.74 -20.24
O11 PCW OB . -3.78 -9.62 -19.13
O31 PCW OB . -2.02 -13.58 -20.46
O1P PCW OB . -5.93 -12.45 -16.86
O2P PCW OB . -4.61 -13.04 -14.78
O3P PCW OB . -3.52 -13.04 -17.04
O4P PCW OB . -4.19 -10.86 -15.98
P PCW OB . -4.66 -12.40 -16.12
C1 PCW PB . -19.76 27.25 -12.57
C2 PCW PB . -18.62 26.76 -13.47
C3 PCW PB . -18.68 27.49 -14.81
C4 PCW PB . -19.68 22.73 -11.55
C5 PCW PB . -19.01 21.81 -12.57
C6 PCW PB . -17.86 19.63 -12.66
C7 PCW PB . -19.10 20.29 -10.57
C8 PCW PB . -20.12 19.78 -11.60
C11 PCW PB . -17.74 27.64 -16.88
C12 PCW PB . -16.68 27.39 -17.96
C13 PCW PB . -15.53 28.38 -17.79
C14 PCW PB . -14.44 28.19 -18.84
C15 PCW PB . -13.33 29.22 -18.62
C16 PCW PB . -12.16 29.04 -19.59
C17 PCW PB . -11.07 30.07 -19.27
C18 PCW PB . -9.81 29.88 -20.12
C19 PCW PB . -8.83 30.77 -19.70
C20 PCW PB . -7.67 30.97 -20.43
C21 PCW PB . -7.43 30.30 -21.63
C22 PCW PB . -5.95 30.36 -21.98
C23 PCW PB . -5.49 31.83 -22.06
C24 PCW PB . -3.98 31.92 -22.32
C25 PCW PB . -3.61 31.31 -23.67
C26 PCW PB . -2.10 31.43 -23.93
C27 PCW PB . -1.68 32.90 -23.94
C28 PCW PB . -0.17 33.03 -24.14
C31 PCW PB . -16.39 26.21 -13.38
C32 PCW PB . -14.98 26.24 -12.80
C33 PCW PB . -14.66 27.58 -12.14
C34 PCW PB . -14.51 28.71 -13.16
C35 PCW PB . -14.16 30.03 -12.46
C36 PCW PB . -13.81 31.12 -13.47
C37 PCW PB . -13.52 32.44 -12.74
C38 PCW PB . -13.07 33.53 -13.70
C39 PCW PB . -12.94 34.74 -13.05
C40 PCW PB . -11.73 35.43 -13.02
C41 PCW PB . -10.61 34.92 -13.67
C42 PCW PB . -9.45 35.91 -13.59
C43 PCW PB . -8.20 35.37 -14.30
C44 PCW PB . -7.04 36.37 -14.20
C45 PCW PB . -5.79 35.82 -14.89
C46 PCW PB . -4.64 36.82 -14.79
C47 PCW PB . -5.00 38.16 -15.41
C48 PCW PB . -3.83 39.15 -15.33
N PCW PB . -18.89 20.45 -12.02
O2 PCW PB . -17.38 26.95 -12.80
O3 PCW PB . -17.59 27.08 -15.66
O11 PCW PB . -18.73 28.34 -17.12
O31 PCW PB . -16.65 25.52 -14.36
O1P PCW PB . -20.94 24.73 -9.95
O2P PCW PB . -21.97 25.38 -12.18
O3P PCW PB . -19.85 26.46 -11.38
O4P PCW PB . -19.85 24.04 -12.12
P PCW PB . -20.76 25.13 -11.36
C1 PCW QB . -12.90 6.99 -28.75
C2 PCW QB . -11.56 7.73 -28.75
C3 PCW QB . -11.21 8.01 -27.30
C4 PCW QB . -15.95 8.69 -29.58
C5 PCW QB . -14.58 9.36 -29.79
C6 PCW QB . -15.95 11.04 -30.99
C7 PCW QB . -14.38 11.79 -29.18
C8 PCW QB . -13.56 11.55 -30.44
C11 PCW QB . -10.97 10.27 -27.54
C12 PCW QB . -10.27 11.62 -27.39
C13 PCW QB . -9.29 11.61 -26.22
C14 PCW QB . -8.93 13.04 -25.79
C15 PCW QB . -7.96 13.01 -24.60
C16 PCW QB . -7.84 14.39 -23.95
C17 PCW QB . -7.28 15.44 -24.91
C18 PCW QB . -5.87 15.10 -25.37
C19 PCW QB . -5.34 16.12 -26.15
C20 PCW QB . -4.13 15.97 -26.81
C21 PCW QB . -3.42 14.77 -26.70
C22 PCW QB . -2.59 14.54 -27.97
C23 PCW QB . -1.57 15.67 -28.18
C24 PCW QB . -0.80 15.52 -29.49
C25 PCW QB . -0.03 14.21 -29.55
C26 PCW QB . -0.97 13.00 -29.55
C27 PCW QB . -0.19 11.69 -29.60
C28 PCW QB . 0.69 11.63 -30.85
C31 PCW QB . -10.72 6.89 -30.72
C32 PCW QB . -9.79 6.00 -31.56
C33 PCW QB . -9.08 4.97 -30.68
C34 PCW QB . -7.82 5.53 -30.02
C35 PCW QB . -6.74 5.75 -31.07
C36 PCW QB . -5.41 6.18 -30.45
C37 PCW QB . -4.32 6.19 -31.52
C38 PCW QB . -2.95 6.55 -30.94
C39 PCW QB . -1.97 6.41 -31.91
C40 PCW QB . -0.74 7.06 -31.82
C41 PCW QB . -0.44 7.90 -30.75
C42 PCW QB . 0.73 7.34 -29.95
C43 PCW QB . 1.22 8.34 -28.90
C44 PCW QB . 2.36 7.75 -28.06
C45 PCW QB . 2.95 8.77 -27.09
C46 PCW QB . 3.69 9.88 -27.83
C47 PCW QB . 2.76 10.66 -28.76
C48 PCW QB . 3.52 11.75 -29.52
N PCW QB . -14.76 10.76 -30.17
O2 PCW QB . -10.53 6.95 -29.37
O3 PCW QB . -10.31 9.13 -27.18
O11 PCW QB . -12.11 10.20 -27.98
O31 PCW QB . -11.61 7.53 -31.25
O1P PCW QB . -15.39 6.61 -31.62
O2P PCW QB . -15.06 4.95 -29.72
O3P PCW QB . -13.44 6.84 -30.06
O4P PCW QB . -15.76 7.31 -29.23
P PCW QB . -14.96 6.33 -30.23
C1 PCW RB . -19.15 26.37 -5.44
C2 PCW RB . -17.88 27.09 -5.86
C3 PCW RB . -17.75 27.05 -7.37
C4 PCW RB . -21.66 24.13 -6.75
C5 PCW RB . -22.32 23.40 -5.59
C6 PCW RB . -22.79 21.06 -4.91
C7 PCW RB . -21.14 21.50 -6.75
C8 PCW RB . -20.43 21.75 -5.42
C11 PCW RB . -15.46 27.08 -7.37
C12 PCW RB . -14.07 27.65 -7.69
C13 PCW RB . -13.63 28.66 -6.63
C14 PCW RB . -12.29 29.29 -7.00
C15 PCW RB . -11.85 30.29 -5.92
C16 PCW RB . -10.54 30.98 -6.30
C17 PCW RB . -10.09 31.94 -5.20
C18 PCW RB . -11.13 33.03 -4.93
C19 PCW RB . -11.38 33.77 -6.08
C20 PCW RB . -10.46 34.73 -6.50
C21 PCW RB . -9.29 34.95 -5.78
C22 PCW RB . -9.03 36.43 -5.57
C23 PCW RB . -10.14 37.10 -4.76
C24 PCW RB . -9.88 38.59 -4.59
C25 PCW RB . -8.53 38.84 -3.90
C26 PCW RB . -8.28 40.35 -3.73
C27 PCW RB . -6.93 40.60 -3.06
C28 PCW RB . -5.78 40.03 -3.90
C31 PCW RB . -18.06 28.53 -4.08
C32 PCW RB . -18.15 29.91 -3.41
C33 PCW RB . -17.01 30.81 -3.85
C34 PCW RB . -15.66 30.33 -3.33
C35 PCW RB . -15.63 30.38 -1.80
C36 PCW RB . -14.26 29.96 -1.26
C37 PCW RB . -14.23 30.07 0.27
C38 PCW RB . -12.84 29.72 0.81
C39 PCW RB . -12.78 29.87 2.19
C40 PCW RB . -12.28 31.04 2.73
C41 PCW RB . -11.85 32.07 1.90
C42 PCW RB . -10.55 32.70 2.41
C43 PCW RB . -10.74 33.33 3.80
C44 PCW RB . -9.44 33.96 4.29
C45 PCW RB . -9.62 34.60 5.66
C46 PCW RB . -8.31 35.25 6.14
C47 PCW RB . -8.50 35.93 7.50
C48 PCW RB . -7.20 36.60 7.96
N PCW RB . -21.87 22.00 -5.58
O2 PCW RB . -17.93 28.46 -5.43
O3 PCW RB . -16.57 27.76 -7.78
O11 PCW RB . -15.57 26.02 -6.76
O31 PCW RB . -18.10 27.50 -3.40
O1P PCW RB . -21.63 25.69 -4.32
O2P PCW RB . -22.73 27.62 -5.56
O3P PCW RB . -20.32 27.03 -5.95
O4P PCW RB . -22.12 25.49 -6.77
P PCW RB . -21.78 26.48 -5.55
C1 PCW SB . -0.38 7.86 -7.57
C2 PCW SB . 0.21 6.64 -8.29
C3 PCW SB . 1.30 7.13 -9.23
C4 PCW SB . -4.71 8.23 -5.13
C5 PCW SB . -4.84 6.86 -4.45
C6 PCW SB . -2.49 6.08 -4.71
C7 PCW SB . -3.22 7.15 -2.54
C8 PCW SB . -3.69 5.70 -2.55
C11 PCW SB . 2.70 5.31 -9.22
C12 PCW SB . 3.41 4.11 -9.84
C13 PCW SB . 4.38 4.57 -10.93
C14 PCW SB . 5.08 3.38 -11.59
C15 PCW SB . 6.05 3.86 -12.68
C16 PCW SB . 7.12 4.77 -12.07
C17 PCW SB . 8.07 5.29 -13.16
C18 PCW SB . 9.17 6.16 -12.54
C19 PCW SB . 8.62 7.25 -11.86
C20 PCW SB . 8.27 8.40 -12.54
C21 PCW SB . 8.48 8.50 -13.91
C22 PCW SB . 9.81 9.18 -14.22
C23 PCW SB . 10.98 8.37 -13.63
C24 PCW SB . 12.33 9.05 -13.94
C25 PCW SB . 12.38 10.45 -13.35
C26 PCW SB . 13.71 11.14 -13.69
C27 PCW SB . 13.75 12.56 -13.11
C28 PCW SB . 15.07 13.25 -13.44
C31 PCW SB . -0.21 4.94 -6.81
C32 PCW SB . 0.16 3.89 -5.77
C33 PCW SB . -0.86 2.74 -5.77
C34 PCW SB . -0.48 1.68 -4.73
C35 PCW SB . 0.89 1.07 -5.05
C36 PCW SB . 1.28 0.03 -4.00
C37 PCW SB . 2.62 -0.62 -4.34
C38 PCW SB . 3.05 -1.59 -3.25
C39 PCW SB . 4.25 -2.24 -3.59
C40 PCW SB . 5.44 -1.54 -3.63
C41 PCW SB . 5.48 -0.17 -3.35
C42 PCW SB . 6.51 0.53 -4.22
C43 PCW SB . 6.58 2.04 -3.90
C44 PCW SB . 7.65 2.72 -4.77
C45 PCW SB . 7.73 4.21 -4.48
C46 PCW SB . 8.80 4.88 -5.34
C47 PCW SB . 8.87 6.38 -5.08
C48 PCW SB . 9.94 7.05 -5.94
N PCW SB . -3.57 6.48 -3.79
O2 PCW SB . 0.77 5.72 -7.34
O3 PCW SB . 1.85 6.05 -9.98
O11 PCW SB . 2.92 5.63 -8.05
O31 PCW SB . -1.38 5.09 -7.19
O1P PCW SB . -1.95 8.52 -4.41
O2P PCW SB . -1.93 9.93 -6.52
O3P PCW SB . -1.35 7.49 -6.61
O4P PCW SB . -3.73 8.21 -6.16
P PCW SB . -2.21 8.64 -5.86
C1 PCW TB . -0.56 3.54 -2.17
C2 PCW TB . 0.64 4.14 -1.40
C3 PCW TB . 1.73 3.09 -1.29
C4 PCW TB . -0.71 2.59 1.72
C5 PCW TB . 0.22 3.13 2.81
C6 PCW TB . -1.81 4.43 3.41
C7 PCW TB . -0.65 3.05 5.17
C8 PCW TB . 0.13 4.36 5.00
C11 PCW TB . 2.70 4.36 0.36
C12 PCW TB . 3.83 5.15 1.03
C13 PCW TB . 5.06 4.29 1.33
C14 PCW TB . 6.09 5.11 2.10
C15 PCW TB . 7.35 4.30 2.42
C16 PCW TB . 8.14 3.93 1.16
C17 PCW TB . 9.44 3.23 1.53
C18 PCW TB . 10.32 2.92 0.31
C19 PCW TB . 11.50 2.32 0.70
C20 PCW TB . 12.58 2.21 -0.17
C21 PCW TB . 12.50 2.69 -1.47
C22 PCW TB . 13.12 1.69 -2.46
C23 PCW TB . 14.59 1.45 -2.14
C24 PCW TB . 15.42 2.72 -2.33
C25 PCW TB . 15.39 3.17 -3.80
C26 PCW TB . 16.22 4.43 -4.02
C27 PCW TB . 16.20 4.86 -5.48
C28 PCW TB . 16.78 3.76 -6.37
C31 PCW TB . 0.30 6.28 -2.09
C32 PCW TB . 0.70 7.62 -2.73
C33 PCW TB . 1.34 8.52 -1.66
C34 PCW TB . 1.81 9.85 -2.25
C35 PCW TB . 2.44 10.70 -1.14
C36 PCW TB . 2.97 12.02 -1.69
C37 PCW TB . 3.61 12.85 -0.58
C38 PCW TB . 4.17 14.17 -1.11
C39 PCW TB . 4.73 14.92 -0.08
C40 PCW TB . 5.76 15.81 -0.34
C41 PCW TB . 6.25 15.98 -1.63
C42 PCW TB . 6.43 17.45 -1.95
C43 PCW TB . 7.01 17.65 -3.36
C44 PCW TB . 7.18 19.13 -3.69
C45 PCW TB . 7.78 19.32 -5.09
C46 PCW TB . 9.19 18.75 -5.19
C47 PCW TB . 9.22 17.25 -4.92
C48 PCW TB . 10.65 16.70 -5.04
N PCW TB . -0.59 3.75 3.87
O2 PCW TB . 1.18 5.24 -2.13
O3 PCW TB . 2.93 3.73 -0.83
O11 PCW TB . 1.60 4.28 0.89
O31 PCW TB . -0.80 6.14 -1.58
O1P PCW TB . -1.74 0.51 -0.17
O2P PCW TB . 0.38 0.83 -1.54
O3P PCW TB . -1.33 2.67 -1.34
O4P PCW TB . 0.08 2.05 0.65
P PCW TB . -0.64 1.40 -0.63
C1 PCW UB . -10.87 9.25 -14.11
C2 PCW UB . -9.60 9.34 -14.97
C3 PCW UB . -9.90 8.82 -16.36
C4 PCW UB . -12.63 12.05 -11.85
C5 PCW UB . -13.85 12.12 -10.95
C6 PCW UB . -15.60 13.74 -10.27
C7 PCW UB . -14.16 14.24 -12.28
C8 PCW UB . -15.24 13.25 -12.71
C11 PCW UB . -8.96 8.20 -18.36
C12 PCW UB . -7.81 7.92 -19.33
C13 PCW UB . -7.05 9.20 -19.69
C14 PCW UB . -5.86 8.90 -20.61
C15 PCW UB . -5.11 10.17 -20.98
C16 PCW UB . -3.87 9.85 -21.82
C17 PCW UB . -3.13 11.13 -22.21
C18 PCW UB . -1.86 10.81 -23.02
C19 PCW UB . -2.17 10.12 -24.18
C20 PCW UB . -1.98 8.75 -24.26
C21 PCW UB . -1.48 8.06 -23.16
C22 PCW UB . -1.95 6.60 -23.15
C23 PCW UB . -1.39 5.80 -24.33
C24 PCW UB . -1.86 6.37 -25.68
C25 PCW UB . -1.29 5.54 -26.83
C26 PCW UB . 0.25 5.52 -26.79
C27 PCW UB . 0.81 4.67 -27.93
C28 PCW UB . 2.34 4.64 -27.86
C31 PCW UB . -7.81 10.72 -15.41
C32 PCW UB . -7.13 12.07 -15.54
C33 PCW UB . -5.61 11.91 -15.74
C34 PCW UB . -4.94 13.29 -15.84
C35 PCW UB . -3.44 13.17 -16.08
C36 PCW UB . -3.14 12.48 -17.42
C37 PCW UB . -1.63 12.44 -17.68
C38 PCW UB . -1.33 11.76 -19.01
C39 PCW UB . 0.05 11.77 -19.26
C40 PCW UB . 0.71 10.59 -19.60
C41 PCW UB . 0.00 9.40 -19.68
C42 PCW UB . 0.90 8.25 -20.15
C43 PCW UB . 1.51 8.57 -21.52
C44 PCW UB . 2.40 7.43 -22.01
C45 PCW UB . 3.00 7.73 -23.38
C46 PCW UB . 3.86 6.56 -23.86
C47 PCW UB . 4.48 6.86 -25.23
C48 PCW UB . 5.34 5.69 -25.70
N PCW UB . -14.72 13.24 -11.35
O2 PCW UB . -9.12 10.69 -15.02
O3 PCW UB . -8.68 8.68 -17.12
O11 PCW UB . -10.12 7.99 -18.69
O31 PCW UB . -7.21 9.67 -15.61
O1P PCW UB . -10.58 12.03 -13.81
O2P PCW UB . -12.38 12.34 -15.59
O3P PCW UB . -11.91 10.07 -14.62
O4P PCW UB . -13.02 11.83 -13.21
P PCW UB . -11.91 11.67 -14.37
C1 PCW VB . 9.90 -22.70 0.55
C2 PCW VB . 10.31 -21.79 1.72
C3 PCW VB . 11.67 -21.18 1.41
C4 PCW VB . 5.61 -24.50 0.40
C5 PCW VB . 4.28 -23.95 -0.11
C6 PCW VB . 3.02 -23.51 1.97
C7 PCW VB . 1.97 -24.91 0.17
C8 PCW VB . 2.95 -25.80 0.94
C11 PCW VB . 13.44 -20.04 2.20
C12 PCW VB . 14.23 -19.15 3.17
C13 PCW VB . 13.38 -18.66 4.34
C14 PCW VB . 14.22 -17.81 5.29
C15 PCW VB . 13.42 -17.32 6.49
C16 PCW VB . 12.23 -16.44 6.07
C17 PCW VB . 11.51 -15.89 7.30
C18 PCW VB . 12.44 -15.03 8.15
C19 PCW VB . 11.80 -14.53 9.27
C20 PCW VB . 11.22 -13.27 9.25
C21 PCW VB . 11.28 -12.49 8.11
C22 PCW VB . 12.63 -11.77 7.99
C23 PCW VB . 12.66 -10.90 6.73
C24 PCW VB . 14.02 -10.20 6.58
C25 PCW VB . 14.04 -9.35 5.31
C26 PCW VB . 15.41 -8.68 5.13
C27 PCW VB . 15.73 -7.75 6.29
C28 PCW VB . 17.08 -7.06 6.10
C31 PCW VB . 9.46 -20.26 3.18
C32 PCW VB . 8.49 -19.18 3.68
C33 PCW VB . 8.45 -17.96 2.76
C34 PCW VB . 9.80 -17.26 2.68
C35 PCW VB . 10.82 -18.07 1.88
C36 PCW VB . 10.38 -18.20 0.41
C37 PCW VB . 11.41 -18.97 -0.40
C38 PCW VB . 10.95 -19.12 -1.86
C39 PCW VB . 11.90 -19.82 -2.60
C40 PCW VB . 12.91 -19.15 -3.28
C41 PCW VB . 12.98 -17.76 -3.23
C42 PCW VB . 14.32 -17.31 -2.63
C43 PCW VB . 14.43 -15.78 -2.59
C44 PCW VB . 15.76 -15.35 -1.99
C45 PCW VB . 15.89 -13.83 -1.95
C46 PCW VB . 15.90 -13.21 -3.35
C47 PCW VB . 14.58 -13.48 -4.08
C48 PCW VB . 14.61 -12.88 -5.48
N PCW VB . 3.19 -24.36 0.78
O2 PCW VB . 9.31 -20.78 1.94
O3 PCW VB . 12.15 -20.37 2.49
O11 PCW VB . 13.96 -20.46 1.18
O31 PCW VB . 10.35 -20.68 3.92
O1P PCW VB . 8.97 -24.41 -1.42
O2P PCW VB . 8.16 -25.87 0.50
O3P PCW VB . 8.71 -23.44 0.86
O4P PCW VB . 6.67 -24.07 -0.46
P PCW VB . 8.18 -24.55 -0.17
C1 17F WB . 3.48 -14.58 11.86
N1 17F WB . 4.92 -13.29 13.37
O1 17F WB . 4.67 -12.31 10.67
P1 17F WB . 4.55 -13.46 9.73
C2 17F WB . 3.59 -13.33 12.73
O2 17F WB . 5.67 -14.03 8.94
C3 17F WB . 2.50 -13.35 13.82
O3 17F WB . 4.49 -14.61 10.85
C4 17F WB . 2.88 -14.81 8.17
O4 17F WB . 2.71 -12.69 14.86
C5 17F WB . 3.36 -14.30 6.81
O5 17F WB . 1.49 -14.03 13.58
C6 17F WB . 2.75 -12.93 6.54
O6 17F WB . 3.08 -13.84 9.19
C7 17F WB . 2.76 -11.20 5.06
O7 17F WB . 3.17 -12.49 5.25
C8 17F WB . 3.08 -10.48 3.74
O8 17F WB . 2.15 -10.62 5.96
C9 17F WB . 4.57 -10.55 3.42
O9 17F WB . 4.78 -14.17 6.79
C10 17F WB . 4.87 -9.87 2.08
O10 17F WB . 4.63 -16.41 6.71
C11 17F WB . 4.46 -8.40 2.12
C12 17F WB . 4.76 -7.72 0.78
C17 17F WB . 5.35 -15.41 6.74
C18 17F WB . 6.87 -15.54 6.71
C19 17F WB . 7.47 -14.48 5.79
C20 17F WB . 9.00 -14.57 5.75
C1X 17F WB . 4.36 -6.24 0.80
C1Y 17F WB . 9.59 -13.49 4.85
C1Z 17F WB . 11.11 -13.54 4.82
C2X 17F WB . 4.66 -5.57 -0.54
C21 17F WB . 4.30 -4.23 -0.51
C22 17F WB . 5.28 -3.24 -0.47
C23 17F WB . 6.62 -3.59 -0.47
C24 17F WB . 7.43 -2.66 -1.37
C25 17F WB . 8.92 -3.04 -1.36
C26 17F WB . 9.72 -2.11 -2.27
C27 17F WB . 11.20 -2.48 -2.27
C28 17F WB . 12.00 -1.55 -3.19
C29 17F WB . 13.48 -1.92 -3.20
C30 17F WB . 14.28 -1.00 -4.12
C31 17F WB . 11.68 -12.42 3.95
C32 17F WB . 13.21 -12.46 3.90
C33 17F WB . 13.71 -11.42 3.12
C34 17F WB . 14.88 -11.58 2.41
C35 17F WB . 15.58 -12.79 2.44
C36 17F WB . 14.84 -13.87 1.66
C37 17F WB . 15.62 -15.19 1.67
C38 17F WB . 14.88 -16.27 0.88
C39 17F WB . 15.69 -17.58 0.87
C40 17F WB . 17.05 -17.37 0.21
C41 17F WB . 17.84 -18.68 0.20
C42 17F WB . 19.21 -18.49 -0.46
HN1 17F WB . 5.48 -13.30 12.54
HN1A 17F WB . 5.30 -14.13 13.75
HAC 17F WB . 5.21 -12.40 13.70
C1 17F XB . -13.71 18.89 -11.78
N1 17F XB . -15.67 17.65 -12.53
O1 17F XB . -12.10 15.96 -13.48
P1 17F XB . -12.06 16.92 -12.35
C2 17F XB . -14.86 17.98 -11.35
O2 17F XB . -12.52 16.44 -11.03
C3 17F XB . -15.71 18.70 -10.30
O3 17F XB . -12.89 18.24 -12.75
C4 17F XB . -10.13 18.11 -11.02
O4 17F XB . -16.14 19.83 -10.58
C5 17F XB . -8.75 18.73 -11.20
O5 17F XB . -15.89 18.10 -9.21
C6 17F XB . -7.72 17.65 -11.47
O6 17F XB . -10.56 17.46 -12.23
C7 17F XB . -5.50 17.31 -11.85
O7 17F XB . -6.44 18.26 -11.67
C8 17F XB . -4.03 17.72 -12.09
O8 17F XB . -5.81 16.12 -11.80
C9 17F XB . -3.80 18.01 -13.58
O9 17F XB . -8.78 19.65 -12.31
C10 17F XB . -2.36 18.46 -13.83
O10 17F XB . -10.20 20.74 -10.98
C11 17F XB . -1.36 17.38 -13.42
C12 17F XB . 0.07 17.86 -13.69
C17 17F XB . -9.62 20.69 -12.05
C18 17F XB . -9.81 21.78 -13.11
C19 17F XB . -8.48 22.15 -13.76
C20 17F XB . -7.45 22.60 -12.73
C1X 17F XB . 1.10 16.79 -13.30
C1Y 17F XB . -6.13 22.98 -13.39
C1Z 17F XB . -5.10 23.42 -12.34
C2X 17F XB . 2.53 17.28 -13.58
C21 17F XB . 3.47 16.31 -13.24
C22 17F XB . 3.92 15.42 -14.21
C23 17F XB . 3.43 15.51 -15.51
C24 17F XB . 4.49 16.08 -16.45
C25 17F XB . 3.94 16.18 -17.88
C26 17F XB . 3.54 14.81 -18.42
C27 17F XB . 2.99 14.91 -19.83
C28 17F XB . 2.58 13.53 -20.36
C29 17F XB . 2.03 13.60 -21.78
C30 17F XB . 1.66 12.21 -22.30
C31 17F XB . -5.61 24.61 -11.54
C32 17F XB . -4.59 25.04 -10.49
C33 17F XB . -5.07 26.10 -9.72
C34 17F XB . -4.46 26.41 -8.51
C35 17F XB . -3.37 25.66 -8.08
C36 17F XB . -2.80 26.24 -6.77
C37 17F XB . -1.60 25.41 -6.29
C38 17F XB . -0.49 25.42 -7.34
C39 17F XB . 0.70 24.57 -6.89
C40 17F XB . 1.81 24.57 -7.95
C41 17F XB . 1.31 24.01 -9.28
C42 17F XB . 2.42 24.01 -10.33
HN1 17F XB . -15.13 17.13 -13.18
HN1A 17F XB . -16.47 17.11 -12.23
HAC 17F XB . -16.00 18.50 -12.96
C1 17F YB . 2.14 -14.64 -1.59
N1 17F YB . 1.87 -16.21 0.29
O1 17F YB . 2.57 -14.91 -4.40
P1 17F YB . 3.76 -15.25 -3.58
C2 17F YB . 1.96 -14.78 -0.07
O2 17F YB . 4.53 -16.46 -3.92
C3 17F YB . 0.70 -14.04 0.37
O3 17F YB . 3.33 -15.30 -2.02
C4 17F YB . 6.05 -14.06 -3.02
O4 17F YB . -0.24 -13.98 -0.45
C5 17F YB . 6.86 -12.80 -3.33
O5 17F YB . 0.70 -13.54 1.51
C6 17F YB . 8.22 -12.88 -2.65
O6 17F YB . 4.75 -13.98 -3.63
C7 17F YB . 10.18 -11.78 -2.28
O7 17F YB . 9.02 -11.75 -3.00
C8 17F YB . 11.24 -10.70 -2.48
O8 17F YB . 10.34 -12.66 -1.44
C9 17F YB . 12.23 -11.12 -3.57
O9 17F YB . 7.03 -12.69 -4.75
C10 17F YB . 13.33 -10.07 -3.76
O10 17F YB . 7.30 -10.53 -4.23
C11 17F YB . 14.11 -9.86 -2.46
C12 17F YB . 15.22 -8.82 -2.63
C17 17F YB . 7.28 -11.40 -5.10
C18 17F YB . 7.48 -11.05 -6.57
C19 17F YB . 8.22 -9.71 -6.73
C20 17F YB . 7.44 -8.58 -6.06
C1X 17F YB . 15.97 -8.60 -1.31
C1Y 17F YB . 8.08 -7.22 -6.34
C1Z 17F YB . 9.52 -7.13 -5.82
C2X 17F YB . 17.08 -7.56 -1.47
C21 17F YB . 17.71 -7.33 -0.26
C22 17F YB . 19.05 -6.94 -0.22
C23 17F YB . 19.77 -6.78 -1.39
C24 17F YB . 21.15 -7.45 -1.28
C25 17F YB . 21.97 -7.22 -2.55
C26 17F YB . 22.23 -5.73 -2.78
C27 17F YB . 23.07 -5.51 -4.04
C28 17F YB . 23.32 -4.02 -4.26
C29 17F YB . 24.19 -3.79 -5.51
C30 17F YB . 24.43 -2.29 -5.73
C31 17F YB . 10.43 -8.13 -6.54
C32 17F YB . 11.87 -8.00 -6.06
C33 17F YB . 12.36 -6.71 -6.29
C34 17F YB . 13.64 -6.53 -6.80
C35 17F YB . 14.44 -7.63 -7.07
C36 17F YB . 14.43 -7.95 -8.57
C37 17F YB . 14.98 -6.78 -9.39
C38 17F YB . 15.00 -7.13 -10.88
C39 17F YB . 15.55 -5.98 -11.71
C40 17F YB . 14.69 -4.72 -11.57
C41 17F YB . 15.24 -3.58 -12.43
C42 17F YB . 14.37 -2.33 -12.29
HN1 17F YB . 2.70 -16.69 0.01
HN1A 17F YB . 1.76 -16.29 1.29
HAC 17F YB . 1.07 -16.62 -0.16
C1 17F ZB . -8.42 -4.82 -24.18
N1 17F ZB . -9.69 -6.40 -25.58
O1 17F ZB . -5.41 -6.17 -26.12
P1 17F ZB . -6.16 -6.00 -24.85
C2 17F ZB . -9.22 -6.14 -24.21
O2 17F ZB . -6.77 -7.19 -24.22
C3 17F ZB . -10.40 -6.03 -23.25
O3 17F ZB . -7.29 -4.88 -25.06
C4 17F ZB . -5.58 -5.05 -22.46
O4 17F ZB . -11.54 -5.96 -23.75
C5 17F ZB . -4.41 -4.65 -21.56
O5 17F ZB . -10.14 -6.01 -22.03
C6 17F ZB . -4.91 -4.45 -20.15
O6 17F ZB . -5.15 -5.31 -23.80
C7 17F ZB . -3.18 -3.05 -19.58
O7 17F ZB . -3.77 -4.25 -19.30
C8 17F ZB . -1.89 -2.67 -18.85
O8 17F ZB . -3.70 -2.29 -20.39
C9 17F ZB . -0.92 -1.98 -19.81
O9 17F ZB . -3.45 -5.71 -21.53
C10 17F ZB . 0.44 -1.75 -19.14
O10 17F ZB . -1.53 -6.34 -22.51
C11 17F ZB . 0.30 -0.87 -17.90
C12 17F ZB . 1.65 -0.69 -17.21
C17 17F ZB . -2.44 -5.50 -22.43
C18 17F ZB . -2.44 -4.25 -23.31
C19 17F ZB . -1.89 -4.57 -24.70
C20 17F ZB . -1.75 -3.31 -25.56
C1X 17F ZB . 1.51 0.18 -15.96
C1Y 17F ZB . -1.28 -3.68 -26.96
C1Z 17F ZB . -1.06 -2.44 -27.83
C2X 17F ZB . 2.86 0.34 -15.26
C21 17F ZB . 3.36 -0.89 -14.85
C22 17F ZB . 4.25 -1.59 -15.67
C23 17F ZB . 4.64 -1.07 -16.90
C24 17F ZB . 4.67 -2.16 -17.97
C25 17F ZB . 5.07 -1.58 -19.33
C26 17F ZB . 6.45 -0.94 -19.27
C27 17F ZB . 6.84 -0.36 -20.63
C28 17F ZB . 8.24 0.28 -20.56
C29 17F ZB . 8.28 1.41 -19.54
C30 17F ZB . 9.66 2.04 -19.46
C31 17F ZB . 0.11 -1.59 -27.31
C32 17F ZB . 0.35 -0.38 -28.20
C33 17F ZB . 1.41 0.39 -27.75
C34 17F ZB . 2.26 1.03 -28.65
C35 17F ZB . 2.04 0.90 -30.02
C36 17F ZB . 1.87 2.27 -30.68
C37 17F ZB . 3.12 3.12 -30.49
C38 17F ZB . 2.94 4.50 -31.13
C39 17F ZB . 4.19 5.36 -30.94
C40 17F ZB . 4.01 6.75 -31.56
C41 17F ZB . 5.27 7.61 -31.37
C42 17F ZB . 6.47 6.98 -32.06
HN1 17F ZB . -10.17 -7.26 -25.40
HN1A 17F ZB . -9.05 -6.77 -26.25
HAC 17F ZB . -10.50 -5.87 -25.85
C1 17F AC . -18.54 7.19 -26.38
N1 17F AC . -16.43 6.73 -25.21
O1 17F AC . -19.26 9.75 -25.43
P1 17F AC . -18.23 9.80 -26.49
C2 17F AC . -17.86 7.01 -25.02
O2 17F AC . -18.41 10.75 -27.61
C3 17F AC . -18.51 5.84 -24.27
O3 17F AC . -18.01 8.32 -27.08
C4 17F AC . -15.81 10.85 -26.47
O4 17F AC . -19.02 4.94 -24.96
C5 17F AC . -14.59 11.10 -25.58
O5 17F AC . -18.50 5.88 -23.02
C6 17F AC . -13.98 9.76 -25.17
O6 17F AC . -16.82 10.12 -25.77
C7 17F AC . -13.16 10.74 -23.27
O7 17F AC . -12.81 10.05 -24.39
C8 17F AC . -12.07 11.22 -22.30
O8 17F AC . -14.35 10.97 -23.04
C9 17F AC . -12.63 11.36 -20.88
O9 17F AC . -13.60 11.85 -26.30
C10 17F AC . -11.60 11.99 -19.95
O10 17F AC . -15.07 13.51 -25.98
C11 17F AC . -11.22 13.39 -20.43
C12 17F AC . -10.19 14.04 -19.49
C17 17F AC . -13.98 13.14 -26.43
C18 17F AC . -13.07 14.14 -27.13
C19 17F AC . -13.73 15.51 -27.27
C20 17F AC . -12.79 16.51 -27.94
C1X 17F AC . -9.82 15.44 -19.98
C1Y 17F AC . -13.47 17.88 -28.09
C1Z 17F AC . -12.52 18.89 -28.74
C2X 17F AC . -8.81 16.11 -19.03
C21 17F AC . -7.64 15.36 -18.95
C22 17F AC . -6.50 15.76 -19.65
C23 17F AC . -6.53 16.92 -20.43
C24 17F AC . -5.12 17.48 -20.61
C25 17F AC . -5.14 18.74 -21.49
C26 17F AC . -3.72 19.30 -21.67
C27 17F AC . -3.73 20.54 -22.53
C28 17F AC . -2.31 21.10 -22.69
C29 17F AC . -2.30 22.34 -23.59
C30 17F AC . -0.87 22.88 -23.75
C31 17F AC . -13.22 20.23 -28.93
C32 17F AC . -12.28 21.26 -29.57
C33 17F AC . -12.94 22.45 -29.82
C34 17F AC . -12.31 23.67 -29.61
C35 17F AC . -11.00 23.72 -29.14
C36 17F AC . -10.17 24.71 -29.96
C37 17F AC . -10.79 26.10 -29.93
C38 17F AC . -9.98 27.09 -30.78
C39 17F AC . -10.65 28.46 -30.78
C40 17F AC . -10.79 29.02 -29.37
C41 17F AC . -11.49 30.38 -29.37
C42 17F AC . -12.89 30.26 -29.99
HN1 17F AC . -16.52 5.89 -25.75
HN1A 17F AC . -15.91 6.33 -24.47
HAC 17F AC . -15.99 7.28 -25.93
C1 17F BC . -4.99 4.67 16.76
N1 17F BC . -5.88 2.64 15.69
O1 17F BC . -4.39 6.08 13.22
P1 17F BC . -3.92 5.43 14.47
C2 17F BC . -4.74 3.19 16.44
O2 17F BC . -3.37 4.06 14.38
C3 17F BC . -4.56 2.42 17.76
O3 17F BC . -5.11 5.45 15.56
C4 17F BC . -2.88 7.81 14.97
O4 17F BC . -5.29 1.42 17.93
C5 17F BC . -1.61 8.48 15.48
O5 17F BC . -3.70 2.85 18.55
C6 17F BC . -0.41 8.00 14.68
O6 17F BC . -2.80 6.39 15.13
C7 17F BC . 1.76 8.55 14.11
O7 17F BC . 0.71 8.85 14.93
C8 17F BC . 3.03 9.39 14.18
O8 17F BC . 1.68 7.59 13.33
C9 17F BC . 4.21 8.70 13.51
O9 17F BC . -1.71 9.90 15.31
C10 17F BC . 5.45 9.61 13.55
O10 17F BC . -0.12 9.82 16.88
C11 17F BC . 6.68 8.93 12.94
C12 17F BC . 7.87 9.89 12.94
C17 17F BC . -0.77 10.50 16.10
C18 17F BC . -0.59 12.02 16.06
C19 17F BC . 0.82 12.38 16.56
C20 17F BC . 1.08 13.89 16.48
C1X 17F BC . 9.13 9.21 12.42
C1Y 17F BC . 2.49 14.21 16.98
C1Z 17F BC . 3.55 13.45 16.18
C2X 17F BC . 10.32 10.18 12.44
C21 17F BC . 11.50 9.55 12.03
C22 17F BC . 11.69 9.20 10.69
C23 17F BC . 10.70 9.47 9.75
C24 17F BC . 10.10 8.17 9.22
C25 17F BC . 9.03 8.46 8.16
C26 17F BC . 9.61 9.24 6.99
C27 17F BC . 8.53 9.51 5.93
C28 17F BC . 9.12 10.29 4.74
C29 17F BC . 10.25 9.51 4.08
C30 17F BC . 10.83 10.28 2.89
C31 17F BC . 4.96 13.75 16.69
C32 17F BC . 6.01 12.92 15.96
C33 17F BC . 7.29 13.19 16.42
C34 17F BC . 8.20 12.16 16.64
C35 17F BC . 7.85 10.85 16.40
C36 17F BC . 9.08 10.00 16.06
C37 17F BC . 8.69 8.55 15.79
C38 17F BC . 9.92 7.70 15.44
C39 17F BC . 9.52 6.24 15.16
C40 17F BC . 8.86 5.62 16.39
C41 17F BC . 8.52 4.14 16.15
C42 17F BC . 7.88 3.52 17.38
HN1 17F BC . -6.71 2.72 16.25
HN1A 17F BC . -6.00 3.16 14.85
HAC 17F BC . -5.71 1.69 15.48
C1 17F CC . -6.29 -0.61 -13.74
N1 17F CC . -6.05 -1.26 -16.11
O1 17F CC . -6.49 2.96 -14.62
P1 17F CC . -6.12 1.63 -15.15
C2 17F CC . -5.75 -1.65 -14.73
O2 17F CC . -7.10 0.90 -15.98
C3 17F CC . -6.38 -3.01 -14.44
O3 17F CC . -5.69 0.68 -13.92
C4 17F CC . -4.66 1.29 -17.31
O4 17F CC . -7.62 -3.10 -14.57
C5 17F CC . -3.29 1.59 -17.93
O5 17F CC . -5.62 -3.93 -14.09
C6 17F CC . -3.26 1.03 -19.34
O6 17F CC . -4.76 1.80 -15.98
C7 17F CC . -1.67 2.43 -20.27
O7 17F CC . -1.96 1.14 -19.92
C8 17F CC . -0.30 2.73 -20.88
O8 17F CC . -2.50 3.31 -20.11
C9 17F CC . -0.11 4.24 -21.08
O9 17F CC . -3.06 3.00 -17.97
C10 17F CC . 1.28 4.54 -21.64
O10 17F CC . -2.39 4.66 -16.62
C11 17F CC . 2.37 4.02 -20.69
C12 17F CC . 3.77 4.32 -21.23
C17 17F CC . -2.59 3.46 -16.77
C18 17F CC . -2.35 2.48 -15.62
C19 17F CC . -1.42 3.12 -14.57
C20 17F CC . -2.05 4.38 -13.97
C1X 17F CC . 4.84 3.79 -20.29
C1Y 17F CC . -1.09 5.02 -12.96
C1Z 17F CC . 0.22 5.43 -13.62
C2X 17F CC . 6.25 4.11 -20.81
C21 17F CC . 6.47 3.50 -22.04
C22 17F CC . 6.96 4.23 -23.11
C23 17F CC . 7.25 5.59 -22.95
C24 17F CC . 8.68 5.78 -22.45
C25 17F CC . 8.99 7.27 -22.25
C26 17F CC . 10.43 7.45 -21.75
C27 17F CC . 10.75 8.94 -21.56
C28 17F CC . 12.18 9.14 -21.05
C29 17F CC . 12.49 10.62 -20.88
C30 17F CC . 13.90 10.83 -20.35
C31 17F CC . 1.18 6.06 -12.60
C32 17F CC . 2.49 6.46 -13.26
C33 17F CC . 3.13 5.36 -13.83
C34 17F CC . 3.86 5.50 -15.01
C35 17F CC . 3.95 6.75 -15.62
C36 17F CC . 5.41 7.10 -15.93
C37 17F CC . 5.50 8.47 -16.62
C38 17F CC . 6.96 8.82 -16.93
C39 17F CC . 7.07 10.19 -17.61
C40 17F CC . 8.52 10.52 -17.93
C41 17F CC . 8.63 11.89 -18.60
C42 17F CC . 10.09 12.22 -18.92
HN1 17F CC . -5.56 -0.38 -16.14
HN1A 17F CC . -6.95 -0.89 -16.33
HAC 17F CC . -5.49 -1.72 -16.81
C1 PCW DC . 31.74 14.39 0.39
C2 PCW DC . 30.49 13.57 0.72
C3 PCW DC . 30.19 13.71 2.21
C4 PCW DC . 31.35 18.91 1.23
C5 PCW DC . 30.49 20.05 0.67
C6 PCW DC . 32.68 21.17 0.35
C7 PCW DC . 31.11 20.91 -1.60
C8 PCW DC . 30.63 22.10 -0.77
C11 PCW DC . 28.70 13.27 3.86
C12 PCW DC . 27.45 12.65 4.50
C13 PCW DC . 27.02 13.43 5.74
C14 PCW DC . 25.78 12.81 6.37
C15 PCW DC . 25.37 13.58 7.63
C16 PCW DC . 24.12 12.98 8.27
C17 PCW DC . 22.92 13.06 7.31
C18 PCW DC . 21.68 12.42 7.93
C19 PCW DC . 20.60 12.48 7.07
C20 PCW DC . 19.86 11.35 6.79
C21 PCW DC . 20.21 10.14 7.39
C22 PCW DC . 19.40 8.98 6.80
C23 PCW DC . 19.85 7.65 7.40
C24 PCW DC . 19.06 6.47 6.80
C25 PCW DC . 19.28 6.39 5.28
C26 PCW DC . 18.46 5.24 4.69
C27 PCW DC . 16.96 5.47 4.91
C28 PCW DC . 16.14 4.31 4.35
C31 PCW DC . 28.38 13.17 -0.10
C32 PCW DC . 27.08 13.52 -0.83
C33 PCW DC . 25.88 12.90 -0.11
C34 PCW DC . 25.91 11.37 -0.19
C35 PCW DC . 24.81 10.76 0.67
C36 PCW DC . 24.79 9.24 0.55
C37 PCW DC . 23.85 8.63 1.59
C38 PCW DC . 23.79 7.11 1.47
C39 PCW DC . 23.12 6.55 2.56
C40 PCW DC . 21.79 6.17 2.47
C41 PCW DC . 21.08 6.29 1.28
C42 PCW DC . 19.63 5.88 1.46
C43 PCW DC . 18.81 6.06 0.18
C44 PCW DC . 17.35 5.65 0.40
C45 PCW DC . 16.52 5.84 -0.87
C46 PCW DC . 15.06 5.41 -0.65
C47 PCW DC . 14.42 6.20 0.48
C48 PCW DC . 12.97 5.77 0.71
N PCW DC . 31.30 20.95 -0.14
O2 PCW DC . 29.38 14.10 -0.03
O3 PCW DC . 28.98 13.03 2.55
O11 PCW DC . 29.44 13.99 4.52
O31 PCW DC . 28.56 12.05 0.38
O1P PCW DC . 33.51 17.03 1.74
O2P PCW DC . 33.47 16.38 -0.72
O3P PCW DC . 31.59 15.74 0.81
O4P PCW DC . 31.90 18.14 0.16
P PCW DC . 32.75 16.81 0.48
C1 PCW EC . 24.80 23.82 -2.20
C2 PCW EC . 23.34 23.38 -2.04
C3 PCW EC . 22.78 22.80 -3.33
C4 PCW EC . 27.05 22.39 0.40
C5 PCW EC . 26.77 23.09 1.74
C6 PCW EC . 28.06 24.28 3.48
C7 PCW EC . 29.06 23.99 1.20
C8 PCW EC . 28.07 25.15 1.12
C11 PCW EC . 21.24 21.35 -2.41
C12 PCW EC . 19.85 20.91 -1.98
C13 PCW EC . 19.92 19.60 -1.18
C14 PCW EC . 18.59 19.29 -0.49
C15 PCW EC . 17.44 19.08 -1.48
C16 PCW EC . 16.14 18.80 -0.73
C17 PCW EC . 14.97 18.58 -1.69
C18 PCW EC . 13.68 18.30 -0.89
C19 PCW EC . 12.62 18.06 -1.74
C20 PCW EC . 11.32 18.00 -1.23
C21 PCW EC . 11.12 18.20 0.13
C22 PCW EC . 9.63 18.21 0.48
C23 PCW EC . 9.42 18.49 1.97
C24 PCW EC . 7.93 18.53 2.32
C25 PCW EC . 7.26 17.17 2.05
C26 PCW EC . 5.77 17.22 2.40
C27 PCW EC . 5.03 18.26 1.55
C28 PCW EC . 3.54 18.29 1.90
C31 PCW EC . 23.72 22.88 0.20
C32 PCW EC . 23.66 21.98 1.43
C33 PCW EC . 22.33 21.23 1.47
C34 PCW EC . 22.20 20.36 2.72
C35 PCW EC . 20.80 19.74 2.77
C36 PCW EC . 19.74 20.84 2.72
C37 PCW EC . 18.33 20.26 2.74
C38 PCW EC . 17.30 21.40 2.68
C39 PCW EC . 16.00 20.92 2.67
C40 PCW EC . 14.95 21.75 3.04
C41 PCW EC . 15.21 23.07 3.40
C42 PCW EC . 14.51 24.06 2.47
C43 PCW EC . 12.99 23.87 2.52
C44 PCW EC . 12.28 24.86 1.60
C45 PCW EC . 10.76 24.69 1.66
C46 PCW EC . 10.04 25.69 0.75
C47 PCW EC . 8.52 25.53 0.84
C48 PCW EC . 7.81 26.53 -0.07
N PCW EC . 27.86 24.03 2.05
O2 PCW EC . 23.22 22.41 -0.98
O3 PCW EC . 21.39 22.51 -3.11
O11 PCW EC . 22.23 20.66 -2.16
O31 PCW EC . 24.19 24.01 0.26
O1P PCW EC . 27.84 24.18 -2.67
O2P PCW EC . 28.04 21.67 -1.92
O3P PCW EC . 25.67 22.69 -2.33
O4P PCW EC . 27.10 23.36 -0.64
P PCW EC . 27.26 22.91 -2.18
C1 PCW FC . 18.90 31.02 0.93
C2 PCW FC . 17.84 30.04 0.40
C3 PCW FC . 18.45 29.25 -0.74
C4 PCW FC . 17.23 34.40 3.09
C5 PCW FC . 16.56 35.65 2.50
C6 PCW FC . 14.52 34.64 3.50
C7 PCW FC . 15.20 36.97 4.15
C8 PCW FC . 14.50 37.05 2.80
C11 PCW FC . 18.11 27.53 -2.19
C12 PCW FC . 17.31 26.43 -2.89
C13 PCW FC . 17.42 25.10 -2.11
C14 PCW FC . 16.73 23.96 -2.88
C15 PCW FC . 16.83 22.65 -2.10
C16 PCW FC . 16.29 21.48 -2.94
C17 PCW FC . 17.10 21.33 -4.23
C18 PCW FC . 16.60 20.16 -5.07
C19 PCW FC . 17.35 20.05 -6.23
C20 PCW FC . 17.64 18.80 -6.76
C21 PCW FC . 17.18 17.64 -6.13
C22 PCW FC . 18.10 16.46 -6.42
C23 PCW FC . 17.58 15.20 -5.73
C24 PCW FC . 16.17 14.83 -6.22
C25 PCW FC . 16.18 14.55 -7.73
C26 PCW FC . 14.78 14.18 -8.21
C27 PCW FC . 14.77 13.90 -9.71
C28 PCW FC . 13.36 13.52 -10.19
C31 PCW FC . 16.62 29.66 2.33
C32 PCW FC . 16.12 28.83 3.51
C33 PCW FC . 15.53 27.51 3.03
C34 PCW FC . 14.25 27.74 2.20
C35 PCW FC . 13.16 28.39 3.06
C36 PCW FC . 11.86 28.58 2.26
C37 PCW FC . 10.77 29.18 3.14
C38 PCW FC . 9.47 29.36 2.36
C39 PCW FC . 8.48 29.89 3.18
C40 PCW FC . 7.29 30.35 2.62
C41 PCW FC . 7.09 30.29 1.26
C42 PCW FC . 5.85 29.45 0.91
C43 PCW FC . 5.66 29.38 -0.60
C44 PCW FC . 4.42 28.55 -0.95
C45 PCW FC . 4.23 28.44 -2.47
C46 PCW FC . 3.00 27.60 -2.81
C47 PCW FC . 1.72 28.23 -2.24
C48 PCW FC . 0.50 27.39 -2.57
N PCW FC . 15.28 35.87 3.18
O2 PCW FC . 17.48 29.11 1.44
O3 PCW FC . 17.51 28.30 -1.24
O11 PCW FC . 19.29 27.70 -2.46
O31 PCW FC . 16.24 30.83 2.16
O1P PCW FC . 19.31 32.65 4.25
O2P PCW FC . 20.63 32.90 2.09
O3P PCW FC . 18.45 31.66 2.12
O4P PCW FC . 18.47 34.15 2.40
P PCW FC . 19.32 32.85 2.78
C1 17F GC . 24.28 28.45 -19.01
N1 17F GC . 24.16 26.94 -17.09
O1 17F GC . 20.95 29.37 -19.47
P1 17F GC . 22.25 30.09 -19.42
C2 17F GC . 25.07 27.75 -17.90
O2 17F GC . 22.94 30.37 -20.70
C3 17F GC . 25.76 28.80 -17.03
O3 17F GC . 23.26 29.29 -18.46
C4 17F GC . 21.90 31.52 -17.23
O4 17F GC . 25.26 29.03 -15.90
C5 17F GC . 20.98 30.43 -16.70
O5 17F GC . 26.78 29.37 -17.50
C6 17F GC . 19.61 30.54 -17.35
O6 17F GC . 22.02 31.47 -18.65
C7 17F GC . 17.43 29.88 -17.11
O7 17F GC . 18.71 29.59 -16.78
C8 17F GC . 16.30 28.99 -16.61
O8 17F GC . 17.19 30.87 -17.81
C9 17F GC . 16.00 29.29 -15.13
O9 17F GC . 21.60 29.16 -16.93
C10 17F GC . 14.92 28.37 -14.57
O10 17F GC . 21.63 27.06 -16.18
C11 17F GC . 15.34 26.90 -14.66
C12 17F GC . 14.27 25.97 -14.10
C17 17F GC . 21.12 28.17 -16.12
C18 17F GC . 20.00 28.45 -15.13
C19 17F GC . 20.54 29.02 -13.81
C20 17F GC . 19.40 29.19 -12.80
C1X 17F GC . 14.71 24.52 -14.20
C1Y 17F GC . 19.89 29.79 -11.49
C1Z 17F GC . 18.74 29.93 -10.48
C2X 17F GC . 13.65 23.58 -13.61
C21 17F GC . 12.44 23.73 -14.28
C22 17F GC . 11.24 23.41 -13.62
C23 17F GC . 11.28 22.95 -12.31
C24 17F GC . 10.06 22.07 -12.01
C25 17F GC . 10.10 21.54 -10.57
C26 17F GC . 8.91 20.62 -10.30
C27 17F GC . 8.95 20.10 -8.86
C28 17F GC . 7.77 19.17 -8.57
C29 17F GC . 6.43 19.90 -8.77
C30 17F GC . 5.25 18.98 -8.46
C31 17F GC . 19.21 30.64 -9.22
C32 17F GC . 18.07 30.79 -8.21
C33 17F GC . 18.47 31.51 -7.10
C34 17F GC . 17.98 31.19 -5.83
C35 17F GC . 17.09 30.16 -5.64
C36 17F GC . 15.65 30.69 -5.52
C37 17F GC . 14.68 29.57 -5.15
C38 17F GC . 13.25 30.11 -5.08
C39 17F GC . 12.29 29.04 -4.56
C40 17F GC . 12.70 28.60 -3.14
C41 17F GC . 11.75 27.54 -2.59
C42 17F GC . 12.17 27.13 -1.17
HN1 17F GC . 24.83 26.61 -16.42
HN1A 17F GC . 23.88 26.04 -17.42
HAC 17F GC . 23.60 27.46 -16.45
C1 17F HC . 26.37 23.87 -8.99
N1 17F HC . 28.56 24.98 -9.01
O1 17F HC . 25.94 20.90 -9.81
P1 17F HC . 25.64 22.03 -10.71
C2 17F HC . 27.12 25.20 -8.87
O2 17F HC . 25.73 21.81 -12.17
C3 17F HC . 26.82 25.83 -7.50
O3 17F HC . 26.53 23.30 -10.29
C4 17F HC . 23.25 22.94 -11.39
O4 17F HC . 26.33 26.98 -7.50
C5 17F HC . 21.95 23.46 -10.76
O5 17F HC . 27.09 25.16 -6.49
C6 17F HC . 20.93 23.70 -11.87
O6 17F HC . 24.16 22.54 -10.35
C7 17F HC . 18.75 24.23 -12.27
O7 17F HC . 19.67 24.08 -11.29
C8 17F HC . 17.31 24.61 -11.90
O8 17F HC . 19.06 24.03 -13.45
C9 17F HC . 16.87 23.81 -10.66
O9 17F HC . 21.46 22.47 -9.85
C10 17F HC . 15.43 24.12 -10.28
O10 17F HC . 20.33 24.22 -9.01
C11 17F HC . 15.03 23.29 -9.05
C12 17F HC . 13.56 23.48 -8.68
C17 17F HC . 20.60 23.02 -8.95
C18 17F HC . 20.01 22.13 -7.86
C19 17F HC . 19.60 22.94 -6.64
C20 17F HC . 18.31 23.71 -6.87
C1X 17F HC . 13.20 22.57 -7.50
C1Y 17F HC . 18.00 24.62 -5.67
C1Z 17F HC . 16.55 25.10 -5.69
C2X 17F HC . 11.72 22.69 -7.13
C21 17F HC . 11.41 21.82 -6.09
C22 17F HC . 10.11 21.70 -5.63
C23 17F HC . 9.08 22.44 -6.21
C24 17F HC . 7.97 22.71 -5.19
C25 17F HC . 6.81 23.47 -5.82
C26 17F HC . 5.71 23.72 -4.80
C27 17F HC . 4.54 24.49 -5.42
C28 17F HC . 3.44 24.72 -4.38
C29 17F HC . 2.91 23.38 -3.84
C30 17F HC . 1.82 23.59 -2.81
C31 17F HC . 16.19 25.82 -7.00
C32 17F HC . 14.72 26.23 -6.97
C33 17F HC . 14.33 26.83 -8.16
C34 17F HC . 13.03 27.35 -8.27
C35 17F HC . 12.17 27.26 -7.20
C36 17F HC . 11.29 26.01 -7.29
C37 17F HC . 10.39 26.05 -8.52
C38 17F HC . 9.49 24.80 -8.59
C39 17F HC . 8.59 24.85 -9.82
C40 17F HC . 7.68 23.61 -9.88
C41 17F HC . 6.77 23.67 -11.11
C42 17F HC . 5.84 22.46 -11.17
HN1 17F HC . 28.56 24.58 -9.94
HN1A 17F HC . 28.99 24.21 -8.56
HAC 17F HC . 29.08 25.81 -9.25
ZN ZN IC . -12.13 9.61 -0.80
ZN ZN JC . -13.49 -3.21 -3.87
N LEU A 1 11.08 -31.96 -22.95
CA LEU A 1 12.04 -32.53 -22.01
C LEU A 1 12.99 -31.46 -21.48
N LYS A 2 13.28 -30.49 -22.31
CA LYS A 2 14.19 -29.39 -21.96
C LYS A 2 13.74 -28.68 -20.69
N LEU A 3 12.46 -28.33 -20.63
CA LEU A 3 11.91 -27.63 -19.48
C LEU A 3 12.00 -28.45 -18.20
N LEU A 4 12.04 -29.77 -18.34
CA LEU A 4 12.12 -30.65 -17.19
C LEU A 4 13.57 -30.90 -16.78
N ASP A 5 14.37 -31.26 -17.77
CA ASP A 5 15.79 -31.54 -17.55
C ASP A 5 16.55 -30.33 -17.04
N ASN A 6 16.21 -29.15 -17.58
CA ASN A 6 16.87 -27.92 -17.17
C ASN A 6 16.35 -27.44 -15.82
N TRP A 7 15.11 -27.79 -15.50
CA TRP A 7 14.51 -27.40 -14.23
C TRP A 7 15.12 -28.20 -13.09
N ASP A 8 15.57 -29.41 -13.40
CA ASP A 8 16.17 -30.29 -12.41
C ASP A 8 17.33 -29.58 -11.71
N SER A 9 18.21 -28.96 -12.50
CA SER A 9 19.35 -28.25 -11.96
C SER A 9 18.91 -27.09 -11.08
N VAL A 10 17.84 -26.42 -11.48
CA VAL A 10 17.29 -25.31 -10.70
C VAL A 10 16.77 -25.87 -9.38
N THR A 11 16.17 -27.05 -9.45
CA THR A 11 15.64 -27.72 -8.28
C THR A 11 16.79 -28.10 -7.36
N SER A 12 17.89 -28.58 -7.94
CA SER A 12 19.07 -28.94 -7.18
C SER A 12 19.60 -27.71 -6.46
N THR A 13 19.52 -26.56 -7.15
CA THR A 13 19.97 -25.30 -6.59
C THR A 13 19.13 -24.96 -5.38
N PHE A 14 17.81 -25.17 -5.47
CA PHE A 14 16.91 -24.91 -4.37
C PHE A 14 17.29 -25.76 -3.16
N SER A 15 17.56 -27.04 -3.41
CA SER A 15 17.95 -27.96 -2.37
C SER A 15 19.23 -27.46 -1.68
N LYS A 16 20.25 -27.18 -2.49
CA LYS A 16 21.53 -26.68 -1.98
C LYS A 16 21.33 -25.37 -1.22
N LEU A 17 20.54 -24.48 -1.80
CA LEU A 17 20.26 -23.19 -1.19
C LEU A 17 19.60 -23.38 0.17
N ARG A 18 18.59 -24.23 0.23
CA ARG A 18 17.88 -24.50 1.49
C ARG A 18 18.82 -25.15 2.50
N GLU A 19 19.74 -25.97 2.02
CA GLU A 19 20.71 -26.63 2.88
C GLU A 19 21.65 -25.60 3.50
N GLN A 20 21.81 -24.47 2.80
CA GLN A 20 22.67 -23.39 3.26
C GLN A 20 21.84 -22.39 4.07
N LEU A 21 20.59 -22.20 3.67
CA LEU A 21 19.67 -21.28 4.34
C LEU A 21 19.57 -21.61 5.83
N GLY A 22 19.49 -22.89 6.16
CA GLY A 22 19.41 -23.31 7.53
C GLY A 22 20.57 -22.75 8.34
N PRO A 23 21.81 -23.21 8.07
CA PRO A 23 23.01 -22.73 8.75
C PRO A 23 23.09 -21.20 8.72
N VAL A 24 22.75 -20.60 7.58
CA VAL A 24 22.77 -19.15 7.44
C VAL A 24 21.88 -18.51 8.50
N THR A 25 20.65 -18.99 8.61
CA THR A 25 19.72 -18.48 9.60
C THR A 25 20.26 -18.71 11.01
N GLN A 26 20.77 -19.90 11.26
CA GLN A 26 21.32 -20.25 12.57
C GLN A 26 22.46 -19.31 12.95
N GLU A 27 23.45 -19.19 12.07
CA GLU A 27 24.60 -18.34 12.31
C GLU A 27 24.22 -16.86 12.35
N PHE A 28 23.39 -16.43 11.41
CA PHE A 28 22.96 -15.04 11.35
C PHE A 28 22.16 -14.65 12.58
N TRP A 29 21.26 -15.53 13.00
CA TRP A 29 20.42 -15.28 14.16
C TRP A 29 21.27 -15.19 15.42
N ASP A 30 22.32 -16.00 15.49
CA ASP A 30 23.21 -15.96 16.66
C ASP A 30 23.87 -14.60 16.75
N ASN A 31 24.35 -14.10 15.62
CA ASN A 31 24.98 -12.79 15.56
C ASN A 31 23.93 -11.71 15.78
N LEU A 32 22.72 -11.95 15.28
CA LEU A 32 21.62 -11.03 15.45
C LEU A 32 21.31 -10.88 16.93
N GLU A 33 21.35 -12.00 17.64
CA GLU A 33 21.11 -12.02 19.07
C GLU A 33 22.19 -11.26 19.81
N LYS A 34 23.40 -11.30 19.29
CA LYS A 34 24.52 -10.58 19.89
C LYS A 34 24.26 -9.09 19.75
N GLU A 35 23.62 -8.71 18.65
CA GLU A 35 23.29 -7.32 18.38
C GLU A 35 22.06 -6.90 19.20
N THR A 36 21.03 -7.76 19.20
CA THR A 36 19.82 -7.47 19.95
C THR A 36 20.12 -7.43 21.45
N GLU A 37 20.91 -8.38 21.93
CA GLU A 37 21.28 -8.42 23.34
C GLU A 37 22.11 -7.18 23.66
N GLY A 38 22.96 -6.80 22.71
CA GLY A 38 23.77 -5.61 22.87
C GLY A 38 22.86 -4.42 23.03
N LEU A 39 21.85 -4.34 22.19
CA LEU A 39 20.87 -3.26 22.24
C LEU A 39 20.08 -3.31 23.54
N ARG A 40 19.86 -4.53 24.04
CA ARG A 40 19.14 -4.71 25.30
C ARG A 40 19.98 -4.16 26.44
N GLN A 41 21.28 -4.40 26.37
CA GLN A 41 22.21 -3.89 27.37
C GLN A 41 22.31 -2.39 27.23
N GLU A 42 22.36 -1.95 25.97
CA GLU A 42 22.46 -0.55 25.65
C GLU A 42 21.21 0.19 26.12
N MET A 43 20.08 -0.50 26.11
CA MET A 43 18.81 0.09 26.53
C MET A 43 18.87 0.54 27.98
N SER A 44 19.64 -0.19 28.79
CA SER A 44 19.80 0.13 30.21
C SER A 44 20.62 1.41 30.39
N LYS A 45 21.08 1.97 29.28
CA LYS A 45 21.85 3.20 29.29
C LYS A 45 21.23 4.22 28.33
N ASP A 46 21.15 3.85 27.07
CA ASP A 46 20.59 4.71 26.02
C ASP A 46 19.19 5.21 26.37
N LEU A 47 18.34 4.30 26.84
CA LEU A 47 16.98 4.68 27.20
C LEU A 47 16.84 4.99 28.69
N GLU A 48 17.38 4.10 29.53
CA GLU A 48 17.29 4.29 30.98
C GLU A 48 17.92 5.59 31.44
N GLU A 49 19.14 5.86 31.00
CA GLU A 49 19.83 7.08 31.39
C GLU A 49 19.16 8.30 30.79
N VAL A 50 18.63 8.17 29.58
CA VAL A 50 17.95 9.29 28.93
C VAL A 50 16.63 9.60 29.61
N LYS A 51 15.98 8.58 30.17
CA LYS A 51 14.72 8.77 30.86
C LYS A 51 14.94 9.54 32.15
N ALA A 52 16.15 9.43 32.69
CA ALA A 52 16.51 10.13 33.91
C ALA A 52 17.12 11.49 33.59
N LYS A 53 17.97 11.53 32.57
CA LYS A 53 18.63 12.75 32.15
C LYS A 53 17.67 13.69 31.41
N VAL A 54 16.60 13.16 30.85
CA VAL A 54 15.63 13.99 30.14
C VAL A 54 14.83 14.82 31.14
N GLN A 55 14.78 14.38 32.38
CA GLN A 55 14.06 15.09 33.42
C GLN A 55 14.62 16.49 33.64
N PRO A 56 15.93 16.62 34.00
CA PRO A 56 16.54 17.94 34.19
C PRO A 56 16.54 18.75 32.89
N TYR A 57 16.57 18.03 31.76
CA TYR A 57 16.56 18.68 30.45
C TYR A 57 15.20 19.33 30.23
N LEU A 58 14.16 18.53 30.37
CA LEU A 58 12.79 19.01 30.21
C LEU A 58 12.49 20.05 31.26
N ASP A 59 12.98 19.82 32.48
CA ASP A 59 12.78 20.75 33.58
C ASP A 59 13.41 22.10 33.27
N ASP A 60 14.61 22.08 32.71
CA ASP A 60 15.31 23.30 32.34
C ASP A 60 14.56 24.05 31.25
N PHE A 61 14.23 23.34 30.17
CA PHE A 61 13.51 23.93 29.05
C PHE A 61 12.14 24.42 29.49
N GLN A 62 11.42 23.59 30.24
CA GLN A 62 10.10 23.93 30.73
C GLN A 62 10.16 25.14 31.66
N LYS A 63 11.21 25.20 32.47
CA LYS A 63 11.40 26.31 33.40
C LYS A 63 11.60 27.60 32.61
N LYS A 64 12.44 27.53 31.59
CA LYS A 64 12.70 28.68 30.74
C LYS A 64 11.43 29.03 29.98
N TRP A 65 10.68 28.01 29.59
CA TRP A 65 9.42 28.21 28.89
C TRP A 65 8.45 28.99 29.76
N GLN A 66 8.48 28.73 31.06
CA GLN A 66 7.62 29.43 32.01
C GLN A 66 7.87 30.92 31.90
N GLU A 67 9.14 31.31 31.99
CA GLU A 67 9.55 32.69 31.91
C GLU A 67 9.33 33.24 30.50
N GLU A 68 9.66 32.44 29.50
CA GLU A 68 9.47 32.83 28.11
C GLU A 68 8.03 33.22 27.85
N MET A 69 7.10 32.40 28.36
CA MET A 69 5.68 32.66 28.20
C MET A 69 5.25 33.80 29.11
N GLU A 70 5.78 33.81 30.33
CA GLU A 70 5.46 34.85 31.31
C GLU A 70 5.85 36.22 30.76
N LEU A 71 7.09 36.34 30.32
CA LEU A 71 7.60 37.58 29.76
C LEU A 71 6.86 37.94 28.47
N TYR A 72 6.52 36.92 27.68
CA TYR A 72 5.80 37.13 26.43
C TYR A 72 4.41 37.68 26.73
N ARG A 73 3.77 37.14 27.75
CA ARG A 73 2.44 37.60 28.14
C ARG A 73 2.55 38.97 28.78
N GLN A 74 3.63 39.17 29.53
CA GLN A 74 3.90 40.44 30.19
C GLN A 74 4.13 41.54 29.17
N LYS A 75 4.68 41.18 28.02
CA LYS A 75 4.94 42.13 26.97
C LYS A 75 3.77 42.25 26.01
N VAL A 76 3.14 41.12 25.68
CA VAL A 76 2.02 41.11 24.76
C VAL A 76 0.89 42.06 25.18
N GLU A 77 0.65 42.18 26.47
CA GLU A 77 -0.41 43.07 26.96
C GLU A 77 -0.14 44.53 26.62
N PRO A 78 0.96 45.14 27.13
CA PRO A 78 1.30 46.53 26.82
C PRO A 78 1.53 46.75 25.33
N LEU A 79 2.18 45.77 24.68
CA LEU A 79 2.46 45.87 23.25
C LEU A 79 1.17 45.86 22.44
N ARG A 80 0.25 44.98 22.80
CA ARG A 80 -1.03 44.90 22.12
C ARG A 80 -1.81 46.19 22.35
N ALA A 81 -1.65 46.76 23.54
CA ALA A 81 -2.30 48.00 23.89
C ALA A 81 -1.78 49.11 22.99
N GLU A 82 -0.46 49.12 22.78
CA GLU A 82 0.18 50.10 21.92
C GLU A 82 -0.32 49.92 20.50
N LEU A 83 -0.33 48.66 20.05
CA LEU A 83 -0.79 48.33 18.71
C LEU A 83 -2.26 48.71 18.55
N GLN A 84 -3.04 48.51 19.60
CA GLN A 84 -4.46 48.84 19.57
C GLN A 84 -4.62 50.35 19.48
N GLU A 85 -3.91 51.08 20.35
CA GLU A 85 -3.97 52.53 20.35
C GLU A 85 -3.50 53.08 19.02
N GLY A 86 -2.39 52.53 18.52
CA GLY A 86 -1.87 52.95 17.24
C GLY A 86 -2.84 52.66 16.12
N ALA A 87 -3.44 51.47 16.17
CA ALA A 87 -4.41 51.06 15.16
C ALA A 87 -5.58 52.01 15.15
N ARG A 88 -6.02 52.43 16.34
CA ARG A 88 -7.13 53.36 16.46
C ARG A 88 -6.87 54.63 15.66
N GLN A 89 -5.70 55.23 15.91
CA GLN A 89 -5.31 56.46 15.22
C GLN A 89 -5.11 56.22 13.73
N LYS A 90 -4.38 55.16 13.40
CA LYS A 90 -4.10 54.83 12.01
C LYS A 90 -5.40 54.57 11.23
N LEU A 91 -6.34 53.88 11.86
CA LEU A 91 -7.62 53.60 11.24
C LEU A 91 -8.44 54.87 11.10
N HIS A 92 -8.43 55.69 12.14
CA HIS A 92 -9.15 56.96 12.14
C HIS A 92 -8.69 57.84 10.99
N GLU A 93 -7.37 57.93 10.83
CA GLU A 93 -6.79 58.72 9.76
C GLU A 93 -7.18 58.18 8.40
N LEU A 94 -7.22 56.85 8.30
CA LEU A 94 -7.60 56.18 7.06
C LEU A 94 -9.08 56.43 6.78
N GLN A 95 -9.90 56.37 7.83
CA GLN A 95 -11.33 56.61 7.70
C GLN A 95 -11.57 58.04 7.23
N GLU A 96 -10.71 58.94 7.66
CA GLU A 96 -10.80 60.35 7.26
C GLU A 96 -10.40 60.53 5.81
N LYS A 97 -9.87 59.48 5.21
CA LYS A 97 -9.47 59.51 3.81
C LYS A 97 -10.32 58.58 2.96
N LEU A 98 -11.05 57.69 3.62
CA LEU A 98 -11.91 56.75 2.92
C LEU A 98 -13.34 57.26 2.82
N SER A 99 -13.69 58.19 3.71
CA SER A 99 -15.03 58.76 3.72
C SER A 99 -15.13 60.04 2.86
N PRO A 100 -14.43 61.14 3.22
CA PRO A 100 -14.47 62.38 2.44
C PRO A 100 -13.97 62.14 1.01
N LEU A 101 -12.76 61.62 0.89
CA LEU A 101 -12.18 61.33 -0.41
C LEU A 101 -12.93 60.18 -1.07
N GLY A 102 -13.61 59.37 -0.25
CA GLY A 102 -14.38 58.27 -0.77
C GLY A 102 -15.62 58.77 -1.48
N GLU A 103 -16.31 59.72 -0.87
CA GLU A 103 -17.50 60.31 -1.47
C GLU A 103 -17.09 61.06 -2.73
N GLU A 104 -15.92 61.68 -2.67
CA GLU A 104 -15.38 62.41 -3.80
C GLU A 104 -15.11 61.44 -4.94
N MET A 105 -14.56 60.27 -4.57
CA MET A 105 -14.25 59.24 -5.56
C MET A 105 -15.55 58.75 -6.20
N ARG A 106 -16.59 58.64 -5.38
CA ARG A 106 -17.89 58.21 -5.87
C ARG A 106 -18.48 59.25 -6.81
N ASP A 107 -18.31 60.52 -6.46
CA ASP A 107 -18.81 61.60 -7.29
C ASP A 107 -18.04 61.63 -8.60
N ARG A 108 -16.74 61.35 -8.50
CA ARG A 108 -15.90 61.27 -9.68
C ARG A 108 -16.39 60.14 -10.56
N ALA A 109 -16.78 59.05 -9.91
CA ALA A 109 -17.31 57.89 -10.62
C ALA A 109 -18.62 58.23 -11.30
N ARG A 110 -19.41 59.08 -10.65
CA ARG A 110 -20.69 59.52 -11.21
C ARG A 110 -20.47 60.14 -12.58
N ALA A 111 -19.55 61.09 -12.64
CA ALA A 111 -19.22 61.76 -13.89
C ALA A 111 -18.46 60.83 -14.82
N HIS A 112 -17.63 59.97 -14.23
CA HIS A 112 -16.84 59.00 -14.99
C HIS A 112 -17.77 58.11 -15.81
N VAL A 113 -18.73 57.51 -15.13
CA VAL A 113 -19.70 56.63 -15.78
C VAL A 113 -20.65 57.44 -16.63
N ASP A 114 -20.95 58.66 -16.18
CA ASP A 114 -21.86 59.55 -16.91
C ASP A 114 -21.27 59.88 -18.27
N ALA A 115 -20.00 60.26 -18.29
CA ALA A 115 -19.31 60.59 -19.52
C ALA A 115 -19.25 59.36 -20.42
N LEU A 116 -18.95 58.20 -19.82
CA LEU A 116 -18.90 56.96 -20.57
C LEU A 116 -20.25 56.64 -21.16
N ARG A 117 -21.29 56.80 -20.35
CA ARG A 117 -22.67 56.53 -20.77
C ARG A 117 -23.08 57.51 -21.87
N THR A 118 -22.79 58.79 -21.66
CA THR A 118 -23.11 59.82 -22.62
C THR A 118 -22.40 59.56 -23.94
N HIS A 119 -21.22 58.97 -23.87
CA HIS A 119 -20.47 58.66 -25.08
C HIS A 119 -20.93 57.34 -25.67
N LEU A 120 -21.33 56.41 -24.80
CA LEU A 120 -21.80 55.10 -25.22
C LEU A 120 -23.14 55.19 -25.96
N ALA A 121 -23.97 56.16 -25.59
CA ALA A 121 -25.26 56.35 -26.24
C ALA A 121 -25.09 56.44 -27.76
N PRO A 122 -24.36 57.45 -28.29
CA PRO A 122 -24.15 57.56 -29.74
C PRO A 122 -23.25 56.45 -30.25
N TYR A 123 -22.35 55.96 -29.39
CA TYR A 123 -21.44 54.87 -29.77
C TYR A 123 -22.23 53.63 -30.12
N SER A 124 -23.13 53.23 -29.23
CA SER A 124 -23.96 52.06 -29.44
C SER A 124 -24.88 52.30 -30.63
N ASP A 125 -25.36 53.54 -30.76
CA ASP A 125 -26.24 53.92 -31.86
C ASP A 125 -25.53 53.68 -33.18
N GLU A 126 -24.31 54.17 -33.29
CA GLU A 126 -23.52 53.99 -34.51
C GLU A 126 -23.04 52.55 -34.63
N LEU A 127 -22.81 51.90 -33.50
CA LEU A 127 -22.37 50.51 -33.50
C LEU A 127 -23.46 49.63 -34.12
N ARG A 128 -24.71 49.97 -33.82
CA ARG A 128 -25.85 49.25 -34.37
C ARG A 128 -25.88 49.44 -35.88
N GLN A 129 -25.58 50.67 -36.32
CA GLN A 129 -25.53 50.98 -37.74
C GLN A 129 -24.40 50.18 -38.38
N ARG A 130 -23.27 50.14 -37.69
CA ARG A 130 -22.11 49.39 -38.16
C ARG A 130 -22.49 47.93 -38.34
N LEU A 131 -23.03 47.33 -37.29
CA LEU A 131 -23.45 45.94 -37.31
C LEU A 131 -24.46 45.72 -38.42
N ALA A 132 -25.44 46.62 -38.53
CA ALA A 132 -26.47 46.53 -39.56
C ALA A 132 -25.83 46.51 -40.94
N ALA A 133 -24.92 47.45 -41.19
CA ALA A 133 -24.23 47.55 -42.47
C ALA A 133 -23.40 46.31 -42.73
N ARG A 134 -22.64 45.88 -41.72
CA ARG A 134 -21.80 44.69 -41.83
C ARG A 134 -22.64 43.45 -42.09
N LEU A 135 -23.75 43.34 -41.36
CA LEU A 135 -24.65 42.21 -41.52
C LEU A 135 -25.27 42.18 -42.91
N GLU A 136 -25.72 43.34 -43.39
CA GLU A 136 -26.31 43.42 -44.72
C GLU A 136 -25.26 43.10 -45.78
N ALA A 137 -24.05 43.58 -45.55
CA ALA A 137 -22.95 43.32 -46.45
C ALA A 137 -22.63 41.84 -46.45
N LEU A 138 -22.65 41.24 -45.26
CA LEU A 138 -22.38 39.81 -45.11
C LEU A 138 -23.54 39.00 -45.64
N LYS A 139 -24.71 39.61 -45.74
CA LYS A 139 -25.88 38.92 -46.26
C LYS A 139 -25.80 38.86 -47.78
N GLU A 140 -25.46 39.98 -48.40
CA GLU A 140 -25.32 40.05 -49.84
C GLU A 140 -24.17 39.15 -50.27
N ASN A 141 -23.04 39.30 -49.60
CA ASN A 141 -21.86 38.52 -49.88
C ASN A 141 -22.08 37.05 -49.51
N GLY A 142 -22.67 36.84 -48.35
CA GLY A 142 -22.96 35.50 -47.89
C GLY A 142 -23.88 34.76 -48.82
N GLY A 143 -24.93 35.43 -49.28
CA GLY A 143 -25.87 34.83 -50.21
C GLY A 143 -25.18 34.44 -51.49
N ALA A 144 -24.28 35.30 -51.95
CA ALA A 144 -23.51 35.04 -53.15
C ALA A 144 -22.58 33.87 -52.91
N ARG A 145 -21.91 33.88 -51.76
CA ARG A 145 -21.00 32.80 -51.37
C ARG A 145 -21.74 31.49 -51.28
N LEU A 146 -22.98 31.54 -50.78
CA LEU A 146 -23.81 30.36 -50.67
C LEU A 146 -24.01 29.76 -52.05
N ALA A 147 -24.41 30.60 -53.00
CA ALA A 147 -24.63 30.17 -54.37
C ALA A 147 -23.31 29.66 -54.96
N GLU A 148 -22.23 30.37 -54.66
CA GLU A 148 -20.90 30.01 -55.13
C GLU A 148 -20.52 28.63 -54.62
N TYR A 149 -20.62 28.46 -53.30
CA TYR A 149 -20.28 27.19 -52.67
C TYR A 149 -21.20 26.07 -53.15
N HIS A 150 -22.49 26.37 -53.29
CA HIS A 150 -23.45 25.39 -53.75
C HIS A 150 -23.10 24.93 -55.16
N ALA A 151 -22.77 25.89 -56.02
CA ALA A 151 -22.40 25.59 -57.39
C ALA A 151 -21.10 24.79 -57.43
N LYS A 152 -20.14 25.22 -56.60
CA LYS A 152 -18.85 24.54 -56.51
C LYS A 152 -19.03 23.12 -55.99
N ALA A 153 -19.84 22.98 -54.94
CA ALA A 153 -20.11 21.67 -54.35
C ALA A 153 -20.79 20.77 -55.37
N THR A 154 -21.70 21.33 -56.14
CA THR A 154 -22.41 20.57 -57.17
C THR A 154 -21.42 20.04 -58.21
N GLU A 155 -20.49 20.89 -58.63
CA GLU A 155 -19.47 20.51 -59.60
C GLU A 155 -18.48 19.52 -58.97
N HIS A 156 -18.28 19.67 -57.66
CA HIS A 156 -17.38 18.81 -56.91
C HIS A 156 -18.02 17.44 -56.68
N LEU A 157 -19.35 17.40 -56.67
CA LEU A 157 -20.08 16.16 -56.47
C LEU A 157 -20.05 15.31 -57.72
N SER A 158 -20.11 15.96 -58.88
CA SER A 158 -20.07 15.26 -60.15
C SER A 158 -18.68 14.67 -60.38
N THR A 159 -17.65 15.45 -60.04
CA THR A 159 -16.28 14.99 -60.18
C THR A 159 -15.97 13.94 -59.12
N LEU A 160 -16.62 14.08 -57.96
CA LEU A 160 -16.46 13.13 -56.88
C LEU A 160 -17.03 11.79 -57.32
N SER A 161 -18.12 11.86 -58.08
CA SER A 161 -18.77 10.66 -58.59
C SER A 161 -17.85 9.93 -59.57
N GLU A 162 -16.91 10.66 -60.16
CA GLU A 162 -15.95 10.06 -61.08
C GLU A 162 -14.98 9.18 -60.30
N LYS A 163 -14.81 9.53 -59.04
CA LYS A 163 -13.93 8.77 -58.16
C LYS A 163 -14.72 7.70 -57.42
N ALA A 164 -16.01 7.98 -57.20
CA ALA A 164 -16.88 7.05 -56.50
C ALA A 164 -17.44 5.98 -57.44
N LYS A 165 -17.56 6.29 -58.72
CA LYS A 165 -18.07 5.33 -59.68
C LYS A 165 -16.97 4.74 -60.58
N PRO A 166 -16.45 5.47 -61.59
CA PRO A 166 -15.39 4.95 -62.48
C PRO A 166 -14.11 4.56 -61.75
N ALA A 167 -13.55 5.49 -60.99
CA ALA A 167 -12.33 5.24 -60.25
C ALA A 167 -12.49 4.09 -59.26
N LEU A 168 -13.53 4.16 -58.42
CA LEU A 168 -13.78 3.12 -57.44
C LEU A 168 -14.00 1.76 -58.12
N GLU A 169 -14.64 1.79 -59.28
CA GLU A 169 -14.89 0.57 -60.03
C GLU A 169 -13.56 -0.04 -60.43
N ASP A 170 -12.71 0.78 -61.03
CA ASP A 170 -11.38 0.34 -61.47
C ASP A 170 -10.55 -0.15 -60.30
N LEU A 171 -10.66 0.56 -59.17
CA LEU A 171 -9.95 0.17 -57.96
C LEU A 171 -10.43 -1.17 -57.45
N ARG A 172 -11.75 -1.34 -57.41
CA ARG A 172 -12.35 -2.60 -56.96
C ARG A 172 -11.95 -3.74 -57.88
N GLN A 173 -12.01 -3.47 -59.18
CA GLN A 173 -11.64 -4.46 -60.20
C GLN A 173 -10.17 -4.85 -60.06
N GLY A 174 -9.34 -3.85 -59.80
CA GLY A 174 -7.92 -4.09 -59.64
C GLY A 174 -7.60 -4.79 -58.33
N LEU A 175 -8.40 -4.55 -57.32
CA LEU A 175 -8.19 -5.16 -56.01
C LEU A 175 -8.64 -6.60 -55.98
N LEU A 176 -9.52 -6.98 -56.90
CA LEU A 176 -10.02 -8.35 -56.97
C LEU A 176 -8.87 -9.36 -57.08
N PRO A 177 -8.01 -9.27 -58.12
CA PRO A 177 -6.87 -10.17 -58.28
C PRO A 177 -5.86 -9.96 -57.16
N VAL A 178 -5.80 -8.75 -56.61
CA VAL A 178 -4.90 -8.44 -55.52
C VAL A 178 -5.26 -9.29 -54.30
N LEU A 179 -6.55 -9.32 -53.97
CA LEU A 179 -7.03 -10.10 -52.84
C LEU A 179 -6.83 -11.58 -53.12
N GLU A 180 -7.04 -11.97 -54.38
CA GLU A 180 -6.89 -13.36 -54.80
C GLU A 180 -5.46 -13.83 -54.57
N SER A 181 -4.50 -13.06 -55.07
CA SER A 181 -3.08 -13.38 -54.89
C SER A 181 -2.70 -13.27 -53.42
N PHE A 182 -3.33 -12.33 -52.72
CA PHE A 182 -3.07 -12.11 -51.31
C PHE A 182 -3.46 -13.34 -50.50
N LYS A 183 -4.60 -13.93 -50.84
CA LYS A 183 -5.08 -15.13 -50.16
C LYS A 183 -4.07 -16.26 -50.32
N VAL A 184 -3.54 -16.41 -51.54
CA VAL A 184 -2.56 -17.43 -51.83
C VAL A 184 -1.32 -17.27 -50.97
N SER A 185 -0.79 -16.05 -50.90
CA SER A 185 0.40 -15.77 -50.10
C SER A 185 0.11 -15.93 -48.62
N PHE A 186 -1.10 -15.56 -48.21
CA PHE A 186 -1.51 -15.65 -46.82
C PHE A 186 -1.60 -17.13 -46.40
N LEU A 187 -2.21 -17.93 -47.27
CA LEU A 187 -2.39 -19.35 -47.01
C LEU A 187 -1.04 -20.04 -46.84
N SER A 188 -0.11 -19.77 -47.75
CA SER A 188 1.21 -20.37 -47.68
C SER A 188 1.97 -19.89 -46.44
N ALA A 189 1.76 -18.63 -46.08
CA ALA A 189 2.41 -18.05 -44.91
C ALA A 189 1.97 -18.79 -43.66
N LEU A 190 0.67 -19.02 -43.54
CA LEU A 190 0.11 -19.74 -42.41
C LEU A 190 0.70 -21.14 -42.31
N GLU A 191 0.89 -21.76 -43.48
CA GLU A 191 1.48 -23.09 -43.54
C GLU A 191 2.91 -23.05 -43.04
N GLU A 192 3.68 -22.09 -43.54
CA GLU A 192 5.07 -21.92 -43.15
C GLU A 192 5.22 -21.75 -41.65
N TYR A 193 4.36 -20.92 -41.06
CA TYR A 193 4.41 -20.67 -39.62
C TYR A 193 4.20 -21.96 -38.83
N THR A 194 3.14 -22.69 -39.16
CA THR A 194 2.83 -23.93 -38.47
C THR A 194 3.91 -24.99 -38.65
N LYS A 195 4.41 -25.13 -39.88
CA LYS A 195 5.43 -26.13 -40.18
C LYS A 195 6.73 -25.86 -39.43
N LYS A 196 7.16 -24.60 -39.40
CA LYS A 196 8.40 -24.24 -38.74
C LYS A 196 8.27 -24.15 -37.23
N LEU A 197 7.08 -23.82 -36.73
CA LEU A 197 6.88 -23.70 -35.29
C LEU A 197 6.51 -25.04 -34.66
N ASN A 198 5.61 -25.77 -35.28
CA ASN A 198 5.18 -27.07 -34.76
C ASN A 198 5.32 -28.17 -35.80
N LEU B 1 2.63 -5.21 -60.44
CA LEU B 1 2.52 -5.45 -61.87
C LEU B 1 1.43 -4.59 -62.47
N LYS B 2 0.40 -4.32 -61.68
CA LYS B 2 -0.72 -3.50 -62.13
C LYS B 2 -0.64 -2.10 -61.56
N LEU B 3 0.53 -1.76 -61.05
CA LEU B 3 0.77 -0.44 -60.48
C LEU B 3 0.60 0.66 -61.51
N LEU B 4 0.90 0.33 -62.78
CA LEU B 4 0.76 1.28 -63.87
C LEU B 4 -0.70 1.62 -64.09
N ASP B 5 -1.57 0.62 -63.92
CA ASP B 5 -3.01 0.80 -64.09
C ASP B 5 -3.59 1.60 -62.93
N ASN B 6 -3.07 1.33 -61.73
CA ASN B 6 -3.54 2.03 -60.54
C ASN B 6 -3.15 3.50 -60.61
N TRP B 7 -1.90 3.76 -61.01
CA TRP B 7 -1.41 5.12 -61.12
C TRP B 7 -2.17 5.89 -62.20
N ASP B 8 -2.66 5.17 -63.21
CA ASP B 8 -3.41 5.81 -64.30
C ASP B 8 -4.68 6.43 -63.75
N SER B 9 -5.35 5.71 -62.85
CA SER B 9 -6.57 6.20 -62.22
C SER B 9 -6.25 7.45 -61.41
N VAL B 10 -5.10 7.42 -60.73
CA VAL B 10 -4.65 8.55 -59.93
C VAL B 10 -4.34 9.73 -60.84
N THR B 11 -3.73 9.44 -61.97
CA THR B 11 -3.38 10.48 -62.95
C THR B 11 -4.65 11.13 -63.50
N SER B 12 -5.63 10.30 -63.85
CA SER B 12 -6.90 10.80 -64.39
C SER B 12 -7.64 11.64 -63.34
N THR B 13 -7.66 11.17 -62.10
CA THR B 13 -8.34 11.89 -61.03
C THR B 13 -7.64 13.21 -60.74
N PHE B 14 -6.31 13.22 -60.88
CA PHE B 14 -5.52 14.43 -60.66
C PHE B 14 -5.85 15.43 -61.76
N SER B 15 -5.91 14.94 -63.00
CA SER B 15 -6.24 15.80 -64.14
C SER B 15 -7.67 16.32 -63.97
N LYS B 16 -8.54 15.49 -63.39
CA LYS B 16 -9.92 15.85 -63.14
C LYS B 16 -9.97 16.97 -62.10
N LEU B 17 -9.00 16.95 -61.18
CA LEU B 17 -8.91 17.98 -60.15
C LEU B 17 -8.51 19.30 -60.77
N ARG B 18 -7.69 19.23 -61.80
CA ARG B 18 -7.25 20.43 -62.51
C ARG B 18 -8.41 21.02 -63.30
N GLU B 19 -9.27 20.15 -63.80
CA GLU B 19 -10.46 20.56 -64.54
C GLU B 19 -11.40 21.32 -63.62
N GLN B 20 -11.25 21.05 -62.33
CA GLN B 20 -12.03 21.73 -61.31
C GLN B 20 -11.31 23.01 -60.93
N LEU B 21 -10.02 22.86 -60.62
CA LEU B 21 -9.17 23.98 -60.24
C LEU B 21 -9.31 25.16 -61.18
N GLY B 22 -9.22 24.90 -62.49
CA GLY B 22 -9.34 25.96 -63.48
C GLY B 22 -10.54 26.86 -63.26
N PRO B 23 -11.76 26.38 -63.56
CA PRO B 23 -12.98 27.15 -63.38
C PRO B 23 -13.18 27.61 -61.93
N VAL B 24 -12.93 26.69 -60.99
CA VAL B 24 -13.09 26.97 -59.58
C VAL B 24 -12.23 28.15 -59.11
N THR B 25 -10.97 28.19 -59.49
CA THR B 25 -10.11 29.30 -59.08
C THR B 25 -10.58 30.61 -59.70
N GLN B 26 -11.01 30.53 -60.96
CA GLN B 26 -11.50 31.69 -61.68
C GLN B 26 -12.72 32.28 -60.97
N GLU B 27 -13.64 31.42 -60.59
CA GLU B 27 -14.84 31.85 -59.88
C GLU B 27 -14.54 32.16 -58.42
N PHE B 28 -13.55 31.48 -57.86
CA PHE B 28 -13.14 31.70 -56.48
C PHE B 28 -12.52 33.07 -56.35
N TRP B 29 -11.71 33.44 -57.33
CA TRP B 29 -11.07 34.75 -57.34
C TRP B 29 -12.13 35.83 -57.43
N ASP B 30 -13.18 35.56 -58.22
CA ASP B 30 -14.29 36.49 -58.37
C ASP B 30 -15.03 36.58 -57.04
N ASN B 31 -15.15 35.43 -56.36
CA ASN B 31 -15.78 35.38 -55.04
C ASN B 31 -14.92 36.17 -54.06
N LEU B 32 -13.60 36.05 -54.22
CA LEU B 32 -12.66 36.77 -53.37
C LEU B 32 -12.80 38.26 -53.64
N GLU B 33 -13.06 38.61 -54.89
CA GLU B 33 -13.25 40.01 -55.27
C GLU B 33 -14.51 40.54 -54.61
N LYS B 34 -15.55 39.72 -54.61
CA LYS B 34 -16.82 40.10 -53.98
C LYS B 34 -16.57 40.35 -52.50
N GLU B 35 -15.74 39.51 -51.91
CA GLU B 35 -15.40 39.62 -50.49
C GLU B 35 -14.51 40.83 -50.23
N THR B 36 -13.47 40.99 -51.05
CA THR B 36 -12.54 42.10 -50.89
C THR B 36 -13.24 43.44 -51.10
N GLU B 37 -13.93 43.59 -52.23
CA GLU B 37 -14.65 44.81 -52.53
C GLU B 37 -15.70 45.07 -51.46
N GLY B 38 -16.42 44.01 -51.09
CA GLY B 38 -17.42 44.13 -50.06
C GLY B 38 -16.82 44.57 -48.74
N LEU B 39 -15.73 43.91 -48.36
CA LEU B 39 -15.02 44.23 -47.13
C LEU B 39 -14.45 45.63 -47.19
N ARG B 40 -14.06 46.07 -48.38
CA ARG B 40 -13.53 47.41 -48.57
C ARG B 40 -14.58 48.46 -48.25
N GLN B 41 -15.83 48.16 -48.62
CA GLN B 41 -16.95 49.05 -48.35
C GLN B 41 -17.25 49.07 -46.86
N GLU B 42 -17.01 47.93 -46.22
CA GLU B 42 -17.21 47.81 -44.77
C GLU B 42 -16.08 48.52 -44.05
N MET B 43 -14.85 48.25 -44.50
CA MET B 43 -13.66 48.83 -43.92
C MET B 43 -13.59 50.34 -44.07
N SER B 44 -14.02 50.86 -45.22
CA SER B 44 -14.01 52.29 -45.45
C SER B 44 -14.85 53.01 -44.40
N LYS B 45 -16.05 52.50 -44.16
CA LYS B 45 -16.93 53.08 -43.17
C LYS B 45 -16.37 52.86 -41.77
N ASP B 46 -15.80 51.67 -41.56
CA ASP B 46 -15.22 51.29 -40.28
C ASP B 46 -14.04 52.20 -39.92
N LEU B 47 -13.09 52.31 -40.83
CA LEU B 47 -11.89 53.12 -40.61
C LEU B 47 -12.20 54.61 -40.50
N GLU B 48 -12.98 55.13 -41.44
CA GLU B 48 -13.34 56.54 -41.42
C GLU B 48 -14.05 56.92 -40.13
N GLU B 49 -15.03 56.11 -39.75
CA GLU B 49 -15.77 56.36 -38.52
C GLU B 49 -14.91 56.06 -37.30
N VAL B 50 -13.89 55.21 -37.50
CA VAL B 50 -12.97 54.86 -36.42
C VAL B 50 -12.17 56.08 -36.02
N LYS B 51 -11.82 56.90 -37.00
CA LYS B 51 -11.08 58.13 -36.74
C LYS B 51 -11.97 59.06 -35.92
N ALA B 52 -13.26 59.01 -36.21
CA ALA B 52 -14.25 59.83 -35.52
C ALA B 52 -14.63 59.20 -34.18
N LYS B 53 -13.98 58.08 -33.84
CA LYS B 53 -14.23 57.39 -32.60
C LYS B 53 -12.98 57.35 -31.72
N VAL B 54 -11.86 56.96 -32.30
CA VAL B 54 -10.59 56.88 -31.59
C VAL B 54 -10.18 58.23 -31.03
N GLN B 55 -10.28 59.28 -31.85
CA GLN B 55 -9.91 60.62 -31.42
C GLN B 55 -10.70 61.05 -30.16
N PRO B 56 -12.05 61.11 -30.22
CA PRO B 56 -12.86 61.49 -29.06
C PRO B 56 -12.73 60.49 -27.91
N TYR B 57 -12.44 59.23 -28.25
CA TYR B 57 -12.28 58.19 -27.22
C TYR B 57 -10.99 58.46 -26.44
N LEU B 58 -9.97 58.90 -27.16
CA LEU B 58 -8.69 59.21 -26.54
C LEU B 58 -8.87 60.40 -25.61
N ASP B 59 -9.61 61.39 -26.10
CA ASP B 59 -9.89 62.59 -25.32
C ASP B 59 -10.74 62.23 -24.11
N ASP B 60 -11.76 61.40 -24.36
CA ASP B 60 -12.67 60.95 -23.31
C ASP B 60 -11.90 60.20 -22.22
N PHE B 61 -11.01 59.32 -22.64
CA PHE B 61 -10.20 58.56 -21.70
C PHE B 61 -9.16 59.43 -21.03
N GLN B 62 -8.53 60.31 -21.81
CA GLN B 62 -7.51 61.22 -21.27
C GLN B 62 -8.11 62.15 -20.21
N LYS B 63 -9.37 62.50 -20.39
CA LYS B 63 -10.08 63.34 -19.43
C LYS B 63 -10.18 62.61 -18.11
N LYS B 64 -10.58 61.34 -18.18
CA LYS B 64 -10.70 60.52 -16.98
C LYS B 64 -9.33 60.23 -16.39
N TRP B 65 -8.37 59.94 -17.26
CA TRP B 65 -7.00 59.66 -16.82
C TRP B 65 -6.43 60.89 -16.12
N GLN B 66 -6.78 62.07 -16.62
CA GLN B 66 -6.33 63.32 -16.03
C GLN B 66 -6.92 63.44 -14.64
N GLU B 67 -8.23 63.18 -14.54
CA GLU B 67 -8.92 63.21 -13.26
C GLU B 67 -8.29 62.21 -12.31
N GLU B 68 -8.08 60.99 -12.81
CA GLU B 68 -7.47 59.93 -12.03
C GLU B 68 -6.11 60.38 -11.51
N MET B 69 -5.28 60.92 -12.41
CA MET B 69 -3.96 61.42 -12.04
C MET B 69 -4.06 62.53 -11.00
N GLU B 70 -5.04 63.41 -11.17
CA GLU B 70 -5.25 64.50 -10.22
C GLU B 70 -5.65 63.92 -8.87
N LEU B 71 -6.52 62.92 -8.91
CA LEU B 71 -7.00 62.26 -7.70
C LEU B 71 -5.85 61.57 -6.98
N TYR B 72 -4.93 61.00 -7.75
CA TYR B 72 -3.77 60.33 -7.18
C TYR B 72 -2.92 61.31 -6.39
N ARG B 73 -2.89 62.56 -6.83
CA ARG B 73 -2.11 63.59 -6.16
C ARG B 73 -2.87 64.17 -4.97
N GLN B 74 -4.18 64.03 -4.99
CA GLN B 74 -5.02 64.55 -3.92
C GLN B 74 -5.35 63.46 -2.89
N LYS B 75 -5.06 62.22 -3.23
CA LYS B 75 -5.34 61.09 -2.35
C LYS B 75 -4.12 60.21 -2.12
N VAL B 76 -3.65 59.54 -3.16
CA VAL B 76 -2.50 58.65 -3.05
C VAL B 76 -1.27 59.36 -2.47
N GLU B 77 -0.96 60.55 -3.00
CA GLU B 77 0.19 61.33 -2.52
C GLU B 77 0.11 61.64 -1.02
N PRO B 78 -0.93 62.36 -0.55
CA PRO B 78 -1.06 62.67 0.89
C PRO B 78 -1.19 61.40 1.72
N LEU B 79 -1.86 60.39 1.18
CA LEU B 79 -2.02 59.12 1.89
C LEU B 79 -0.67 58.48 2.09
N ARG B 80 0.18 58.54 1.07
CA ARG B 80 1.52 57.98 1.14
C ARG B 80 2.31 58.65 2.27
N ALA B 81 2.08 59.94 2.45
CA ALA B 81 2.75 60.70 3.49
C ALA B 81 2.26 60.25 4.87
N GLU B 82 0.95 60.09 5.00
CA GLU B 82 0.35 59.65 6.26
C GLU B 82 0.75 58.21 6.55
N LEU B 83 0.76 57.39 5.51
CA LEU B 83 1.16 56.01 5.62
C LEU B 83 2.65 55.94 5.98
N GLN B 84 3.39 56.95 5.52
CA GLN B 84 4.81 57.04 5.80
C GLN B 84 5.00 57.33 7.28
N GLU B 85 4.22 58.27 7.79
CA GLU B 85 4.25 58.61 9.19
C GLU B 85 3.82 57.41 10.01
N GLY B 86 2.74 56.77 9.56
CA GLY B 86 2.24 55.59 10.23
C GLY B 86 3.25 54.46 10.19
N ALA B 87 4.05 54.44 9.13
CA ALA B 87 5.09 53.45 8.97
C ALA B 87 6.22 53.76 9.94
N ARG B 88 6.54 55.04 10.09
CA ARG B 88 7.57 55.47 11.01
C ARG B 88 7.14 55.14 12.42
N GLN B 89 5.86 55.34 12.69
CA GLN B 89 5.29 55.03 13.98
C GLN B 89 5.40 53.54 14.23
N LYS B 90 5.04 52.76 13.20
CA LYS B 90 5.11 51.32 13.28
C LYS B 90 6.55 50.88 13.50
N LEU B 91 7.47 51.53 12.79
CA LEU B 91 8.89 51.24 12.92
C LEU B 91 9.35 51.55 14.34
N HIS B 92 8.83 52.63 14.89
CA HIS B 92 9.16 53.03 16.25
C HIS B 92 8.64 51.97 17.21
N GLU B 93 7.41 51.52 16.95
CA GLU B 93 6.78 50.48 17.75
C GLU B 93 7.64 49.22 17.68
N LEU B 94 8.04 48.87 16.47
CA LEU B 94 8.86 47.68 16.23
C LEU B 94 10.21 47.83 16.90
N GLN B 95 10.88 48.96 16.70
CA GLN B 95 12.18 49.22 17.30
C GLN B 95 12.14 49.12 18.82
N GLU B 96 11.01 49.50 19.40
CA GLU B 96 10.82 49.44 20.85
C GLU B 96 10.71 48.00 21.32
N LYS B 97 10.66 47.08 20.37
CA LYS B 97 10.56 45.66 20.67
C LYS B 97 11.77 44.91 20.12
N LEU B 98 12.20 45.31 18.94
CA LEU B 98 13.36 44.69 18.28
C LEU B 98 14.63 44.83 19.10
N SER B 99 14.69 45.87 19.92
CA SER B 99 15.84 46.10 20.78
C SER B 99 15.70 45.36 22.12
N PRO B 100 14.72 45.73 22.98
CA PRO B 100 14.51 45.06 24.27
C PRO B 100 14.18 43.58 24.12
N LEU B 101 13.11 43.28 23.39
CA LEU B 101 12.70 41.90 23.16
C LEU B 101 13.73 41.18 22.31
N GLY B 102 14.41 41.93 21.45
CA GLY B 102 15.43 41.35 20.62
C GLY B 102 16.57 40.82 21.47
N GLU B 103 17.00 41.65 22.41
CA GLU B 103 18.06 41.27 23.32
C GLU B 103 17.58 40.17 24.25
N GLU B 104 16.32 40.27 24.65
CA GLU B 104 15.72 39.27 25.51
C GLU B 104 15.74 37.91 24.80
N MET B 105 15.39 37.93 23.51
CA MET B 105 15.38 36.72 22.71
C MET B 105 16.80 36.17 22.60
N ARG B 106 17.78 37.07 22.50
CA ARG B 106 19.18 36.68 22.42
C ARG B 106 19.59 36.06 23.74
N ASP B 107 19.12 36.64 24.84
CA ASP B 107 19.43 36.12 26.16
C ASP B 107 18.77 34.76 26.34
N ARG B 108 17.56 34.62 25.79
CA ARG B 108 16.85 33.36 25.82
C ARG B 108 17.68 32.34 25.06
N ALA B 109 18.16 32.76 23.89
CA ALA B 109 18.99 31.92 23.05
C ALA B 109 20.25 31.54 23.81
N ARG B 110 20.81 32.50 24.55
CA ARG B 110 22.01 32.26 25.36
C ARG B 110 21.72 31.13 26.33
N ALA B 111 20.62 31.28 27.08
CA ALA B 111 20.20 30.29 28.07
C ALA B 111 19.93 28.94 27.42
N HIS B 112 19.37 28.96 26.21
CA HIS B 112 19.09 27.73 25.49
C HIS B 112 20.37 27.08 24.99
N VAL B 113 21.22 27.87 24.34
CA VAL B 113 22.49 27.38 23.83
C VAL B 113 23.39 26.91 24.97
N ASP B 114 23.44 27.69 26.04
CA ASP B 114 24.25 27.33 27.21
C ASP B 114 23.75 26.02 27.79
N ALA B 115 22.43 25.85 27.77
CA ALA B 115 21.83 24.63 28.24
C ALA B 115 22.26 23.50 27.34
N LEU B 116 22.14 23.73 26.03
CA LEU B 116 22.53 22.75 25.03
C LEU B 116 24.01 22.39 25.18
N ARG B 117 24.82 23.35 25.59
CA ARG B 117 26.24 23.11 25.80
C ARG B 117 26.43 22.03 26.86
N THR B 118 25.45 21.91 27.75
CA THR B 118 25.51 20.92 28.81
C THR B 118 24.45 19.84 28.60
N HIS B 119 23.73 19.93 27.49
CA HIS B 119 22.67 18.96 27.19
C HIS B 119 23.07 18.10 26.00
N LEU B 120 23.61 18.73 24.97
CA LEU B 120 24.02 18.04 23.76
C LEU B 120 25.42 17.44 23.88
N ALA B 121 26.41 18.32 24.07
CA ALA B 121 27.81 17.91 24.20
C ALA B 121 28.03 16.70 25.12
N PRO B 122 27.62 16.77 26.41
CA PRO B 122 27.78 15.65 27.34
C PRO B 122 27.03 14.41 26.87
N TYR B 123 25.90 14.63 26.19
CA TYR B 123 25.10 13.52 25.69
C TYR B 123 25.77 12.87 24.49
N SER B 124 26.38 13.68 23.62
CA SER B 124 27.07 13.14 22.46
C SER B 124 28.26 12.32 22.93
N ASP B 125 28.85 12.72 24.03
CA ASP B 125 29.98 11.99 24.60
C ASP B 125 29.46 10.69 25.21
N GLU B 126 28.26 10.76 25.80
CA GLU B 126 27.63 9.59 26.36
C GLU B 126 27.34 8.63 25.22
N LEU B 127 26.90 9.18 24.09
CA LEU B 127 26.61 8.40 22.90
C LEU B 127 27.90 7.82 22.32
N ARG B 128 29.01 8.52 22.52
CA ARG B 128 30.31 8.05 22.04
C ARG B 128 30.65 6.71 22.67
N GLN B 129 30.42 6.60 23.98
CA GLN B 129 30.68 5.36 24.70
C GLN B 129 29.74 4.28 24.20
N ARG B 130 28.47 4.65 24.00
CA ARG B 130 27.46 3.74 23.52
C ARG B 130 27.79 3.28 22.11
N LEU B 131 28.19 4.23 21.27
CA LEU B 131 28.54 3.93 19.88
C LEU B 131 29.83 3.11 19.84
N ALA B 132 30.70 3.32 20.82
CA ALA B 132 31.95 2.57 20.89
C ALA B 132 31.64 1.10 21.11
N ALA B 133 30.71 0.82 22.02
CA ALA B 133 30.28 -0.53 22.31
C ALA B 133 29.48 -1.08 21.14
N ARG B 134 28.68 -0.21 20.53
CA ARG B 134 27.86 -0.57 19.38
C ARG B 134 28.76 -1.00 18.23
N LEU B 135 29.75 -0.16 17.93
CA LEU B 135 30.71 -0.45 16.86
C LEU B 135 31.54 -1.67 17.23
N GLU B 136 31.80 -1.85 18.52
CA GLU B 136 32.55 -3.01 18.99
C GLU B 136 31.80 -4.27 18.63
N ALA B 137 30.50 -4.28 18.91
CA ALA B 137 29.63 -5.41 18.61
C ALA B 137 29.58 -5.61 17.09
N LEU B 138 29.48 -4.51 16.37
CA LEU B 138 29.43 -4.55 14.92
C LEU B 138 30.74 -5.08 14.33
N LYS B 139 31.83 -4.87 15.06
CA LYS B 139 33.14 -5.33 14.63
C LYS B 139 33.32 -6.81 14.96
N GLU B 140 32.91 -7.19 16.16
CA GLU B 140 33.01 -8.58 16.59
C GLU B 140 32.10 -9.44 15.72
N ASN B 141 30.86 -8.97 15.55
CA ASN B 141 29.90 -9.67 14.73
C ASN B 141 30.33 -9.56 13.27
N GLY B 142 30.96 -8.44 12.95
CA GLY B 142 31.43 -8.21 11.60
C GLY B 142 32.52 -9.19 11.25
N GLY B 143 33.44 -9.40 12.18
CA GLY B 143 34.52 -10.34 11.97
C GLY B 143 33.98 -11.74 11.83
N ALA B 144 33.03 -12.07 12.69
CA ALA B 144 32.40 -13.39 12.65
C ALA B 144 31.64 -13.55 11.34
N ARG B 145 30.85 -12.54 11.00
CA ARG B 145 30.07 -12.54 9.77
C ARG B 145 30.98 -12.61 8.55
N LEU B 146 32.09 -11.89 8.60
CA LEU B 146 33.05 -11.90 7.49
C LEU B 146 33.59 -13.30 7.31
N ALA B 147 33.78 -14.01 8.41
CA ALA B 147 34.26 -15.37 8.37
C ALA B 147 33.16 -16.27 7.82
N GLU B 148 31.94 -16.05 8.30
CA GLU B 148 30.78 -16.80 7.84
C GLU B 148 30.55 -16.56 6.35
N TYR B 149 30.59 -15.30 5.95
CA TYR B 149 30.40 -14.94 4.55
C TYR B 149 31.48 -15.57 3.70
N HIS B 150 32.71 -15.58 4.22
CA HIS B 150 33.83 -16.17 3.51
C HIS B 150 33.60 -17.68 3.36
N ALA B 151 33.19 -18.32 4.46
CA ALA B 151 32.91 -19.75 4.45
C ALA B 151 31.73 -20.04 3.51
N LYS B 152 30.67 -19.24 3.65
CA LYS B 152 29.48 -19.40 2.83
C LYS B 152 29.82 -19.19 1.37
N ALA B 153 30.69 -18.21 1.11
CA ALA B 153 31.12 -17.92 -0.25
C ALA B 153 31.86 -19.11 -0.82
N THR B 154 32.60 -19.81 0.04
CA THR B 154 33.34 -20.99 -0.37
C THR B 154 32.38 -22.12 -0.66
N GLU B 155 31.41 -22.32 0.25
CA GLU B 155 30.41 -23.37 0.10
C GLU B 155 29.55 -23.13 -1.14
N HIS B 156 29.21 -21.87 -1.36
CA HIS B 156 28.41 -21.48 -2.51
C HIS B 156 29.22 -21.60 -3.80
N LEU B 157 30.50 -21.21 -3.73
CA LEU B 157 31.36 -21.27 -4.91
C LEU B 157 31.60 -22.72 -5.32
N SER B 158 31.81 -23.59 -4.34
CA SER B 158 32.05 -24.99 -4.60
C SER B 158 30.80 -25.64 -5.21
N THR B 159 29.63 -25.26 -4.72
CA THR B 159 28.39 -25.80 -5.26
C THR B 159 28.12 -25.23 -6.64
N LEU B 160 28.53 -23.97 -6.84
CA LEU B 160 28.37 -23.31 -8.13
C LEU B 160 29.16 -24.05 -9.18
N SER B 161 30.42 -24.33 -8.88
CA SER B 161 31.29 -25.04 -9.80
C SER B 161 30.85 -26.50 -9.93
N GLU B 162 30.41 -27.08 -8.81
CA GLU B 162 29.95 -28.45 -8.78
C GLU B 162 28.78 -28.65 -9.74
N LYS B 163 27.94 -27.63 -9.85
CA LYS B 163 26.80 -27.70 -10.75
C LYS B 163 27.15 -27.15 -12.12
N ALA B 164 28.06 -26.17 -12.16
CA ALA B 164 28.49 -25.53 -13.40
C ALA B 164 29.12 -26.53 -14.36
N LYS B 165 30.00 -27.39 -13.85
CA LYS B 165 30.66 -28.39 -14.68
C LYS B 165 29.67 -29.21 -15.50
N PRO B 166 28.75 -29.97 -14.86
CA PRO B 166 27.77 -30.78 -15.58
C PRO B 166 26.75 -29.93 -16.31
N ALA B 167 26.34 -28.80 -15.73
CA ALA B 167 25.35 -27.93 -16.35
C ALA B 167 25.84 -27.36 -17.67
N LEU B 168 26.97 -26.68 -17.64
CA LEU B 168 27.53 -26.08 -18.85
C LEU B 168 27.77 -27.13 -19.92
N GLU B 169 28.31 -28.28 -19.51
CA GLU B 169 28.59 -29.37 -20.42
C GLU B 169 27.31 -29.98 -20.97
N ASP B 170 26.32 -30.16 -20.10
CA ASP B 170 25.04 -30.71 -20.50
C ASP B 170 24.31 -29.76 -21.44
N LEU B 171 24.40 -28.46 -21.12
CA LEU B 171 23.79 -27.45 -21.95
C LEU B 171 24.38 -27.51 -23.35
N ARG B 172 25.70 -27.66 -23.41
CA ARG B 172 26.39 -27.76 -24.69
C ARG B 172 26.01 -29.06 -25.39
N GLN B 173 25.84 -30.12 -24.60
CA GLN B 173 25.45 -31.43 -25.12
C GLN B 173 24.09 -31.34 -25.80
N GLY B 174 23.27 -30.40 -25.34
CA GLY B 174 21.97 -30.20 -25.91
C GLY B 174 22.01 -29.15 -27.01
N LEU B 175 22.86 -28.14 -26.81
CA LEU B 175 23.01 -27.05 -27.77
C LEU B 175 23.53 -27.56 -29.11
N LEU B 176 24.56 -28.41 -29.07
CA LEU B 176 25.14 -28.97 -30.30
C LEU B 176 24.08 -29.51 -31.26
N PRO B 177 23.26 -30.49 -30.84
CA PRO B 177 22.23 -31.04 -31.72
C PRO B 177 21.04 -30.12 -31.90
N VAL B 178 20.66 -29.39 -30.83
CA VAL B 178 19.51 -28.48 -30.91
C VAL B 178 19.74 -27.35 -31.91
N LEU B 179 20.97 -26.84 -31.97
CA LEU B 179 21.31 -25.78 -32.91
C LEU B 179 21.20 -26.28 -34.33
N GLU B 180 21.56 -27.55 -34.51
CA GLU B 180 21.48 -28.19 -35.83
C GLU B 180 20.04 -28.29 -36.26
N SER B 181 19.17 -28.71 -35.34
CA SER B 181 17.75 -28.82 -35.61
C SER B 181 17.19 -27.46 -35.99
N PHE B 182 17.63 -26.43 -35.25
CA PHE B 182 17.18 -25.06 -35.51
C PHE B 182 17.68 -24.62 -36.88
N LYS B 183 18.93 -24.98 -37.20
CA LYS B 183 19.51 -24.63 -38.49
C LYS B 183 18.69 -25.24 -39.62
N VAL B 184 18.33 -26.51 -39.44
CA VAL B 184 17.53 -27.22 -40.44
C VAL B 184 16.20 -26.50 -40.66
N SER B 185 15.56 -26.10 -39.57
CA SER B 185 14.30 -25.39 -39.64
C SER B 185 14.49 -23.99 -40.25
N PHE B 186 15.58 -23.31 -39.87
CA PHE B 186 15.88 -21.98 -40.38
C PHE B 186 16.20 -22.02 -41.88
N LEU B 187 17.00 -23.00 -42.28
CA LEU B 187 17.38 -23.15 -43.68
C LEU B 187 16.15 -23.43 -44.53
N SER B 188 15.35 -24.39 -44.11
CA SER B 188 14.13 -24.73 -44.84
C SER B 188 13.18 -23.54 -44.87
N ALA B 189 13.17 -22.79 -43.78
CA ALA B 189 12.34 -21.60 -43.66
C ALA B 189 12.75 -20.56 -44.70
N LEU B 190 14.03 -20.22 -44.69
CA LEU B 190 14.57 -19.23 -45.62
C LEU B 190 14.32 -19.64 -47.08
N GLU B 191 14.56 -20.91 -47.38
CA GLU B 191 14.35 -21.42 -48.73
C GLU B 191 12.89 -21.24 -49.16
N GLU B 192 11.98 -21.72 -48.33
CA GLU B 192 10.56 -21.62 -48.64
C GLU B 192 10.08 -20.17 -48.64
N TYR B 193 10.63 -19.36 -47.74
CA TYR B 193 10.26 -17.94 -47.67
C TYR B 193 10.63 -17.23 -48.96
N THR B 194 11.80 -17.54 -49.48
CA THR B 194 12.28 -16.94 -50.72
C THR B 194 11.42 -17.39 -51.91
N LYS B 195 10.83 -18.57 -51.79
CA LYS B 195 9.97 -19.11 -52.83
C LYS B 195 8.60 -18.46 -52.78
N LYS B 196 8.10 -18.23 -51.57
CA LYS B 196 6.80 -17.60 -51.38
C LYS B 196 6.89 -16.11 -51.70
N LEU B 197 7.90 -15.45 -51.14
CA LEU B 197 8.10 -14.03 -51.36
C LEU B 197 9.05 -13.81 -52.53
N ASN B 198 8.88 -14.62 -53.57
CA ASN B 198 9.72 -14.53 -54.75
C ASN B 198 9.35 -13.32 -55.61
N MET C 1 -5.68 -1.89 6.00
CA MET C 1 -5.80 -3.30 5.62
C MET C 1 -5.22 -4.19 6.72
N THR C 2 -5.49 -3.83 7.97
CA THR C 2 -5.02 -4.57 9.13
C THR C 2 -5.70 -5.94 9.21
N GLU C 3 -4.92 -6.99 8.96
CA GLU C 3 -5.43 -8.35 8.98
C GLU C 3 -5.44 -8.95 10.38
N TYR C 4 -6.47 -9.75 10.65
CA TYR C 4 -6.60 -10.44 11.93
C TYR C 4 -6.86 -11.93 11.68
N LYS C 5 -6.07 -12.79 12.31
CA LYS C 5 -6.23 -14.23 12.14
C LYS C 5 -7.34 -14.75 13.04
N LEU C 6 -8.43 -15.17 12.42
CA LEU C 6 -9.58 -15.69 13.15
C LEU C 6 -9.81 -17.17 12.84
N VAL C 7 -9.96 -17.97 13.88
CA VAL C 7 -10.19 -19.40 13.73
C VAL C 7 -11.48 -19.79 14.43
N VAL C 8 -12.27 -20.61 13.77
CA VAL C 8 -13.53 -21.08 14.33
C VAL C 8 -13.44 -22.54 14.74
N VAL C 9 -13.88 -22.83 15.96
CA VAL C 9 -13.86 -24.18 16.47
C VAL C 9 -15.26 -24.61 16.92
N GLY C 10 -15.65 -25.81 16.54
CA GLY C 10 -16.96 -26.31 16.89
C GLY C 10 -17.08 -27.79 16.63
N ALA C 11 -18.25 -28.33 16.94
CA ALA C 11 -18.52 -29.75 16.73
C ALA C 11 -19.19 -29.97 15.39
N GLY C 12 -19.37 -31.22 15.02
CA GLY C 12 -20.00 -31.55 13.76
C GLY C 12 -21.51 -31.41 13.81
N GLY C 13 -22.05 -30.42 13.12
CA GLY C 13 -23.49 -30.21 13.09
C GLY C 13 -23.92 -28.97 13.84
N VAL C 14 -22.99 -28.06 14.06
CA VAL C 14 -23.29 -26.82 14.78
C VAL C 14 -23.55 -25.67 13.81
N GLY C 15 -23.32 -25.92 12.53
CA GLY C 15 -23.52 -24.90 11.53
C GLY C 15 -22.39 -23.89 11.55
N LYS C 16 -21.19 -24.39 11.77
CA LYS C 16 -20.01 -23.54 11.84
C LYS C 16 -19.72 -22.89 10.48
N SER C 17 -19.69 -23.70 9.44
CA SER C 17 -19.44 -23.20 8.09
C SER C 17 -20.60 -22.31 7.62
N ALA C 18 -21.79 -22.57 8.17
CA ALA C 18 -22.98 -21.82 7.81
C ALA C 18 -22.83 -20.35 8.21
N LEU C 19 -22.24 -20.11 9.38
CA LEU C 19 -22.05 -18.76 9.88
C LEU C 19 -21.10 -17.98 8.97
N THR C 20 -20.01 -18.63 8.57
CA THR C 20 -19.02 -17.99 7.70
C THR C 20 -19.57 -17.71 6.32
N ILE C 21 -20.28 -18.67 5.75
CA ILE C 21 -20.84 -18.50 4.41
C ILE C 21 -21.96 -17.45 4.40
N GLN C 22 -22.70 -17.36 5.49
CA GLN C 22 -23.80 -16.40 5.60
C GLN C 22 -23.28 -14.99 5.92
N LEU C 23 -22.05 -14.93 6.42
CA LEU C 23 -21.43 -13.65 6.77
C LEU C 23 -20.59 -13.09 5.63
N ILE C 24 -19.75 -13.93 5.06
CA ILE C 24 -18.88 -13.50 3.96
C ILE C 24 -19.58 -13.56 2.61
N GLN C 25 -20.01 -14.74 2.22
CA GLN C 25 -20.69 -14.92 0.93
C GLN C 25 -22.08 -14.33 0.98
N ASN C 26 -22.65 -14.28 2.19
CA ASN C 26 -23.98 -13.75 2.42
C ASN C 26 -25.06 -14.66 1.86
N HIS C 27 -24.72 -15.94 1.71
CA HIS C 27 -25.64 -16.92 1.18
C HIS C 27 -25.90 -18.01 2.21
N PHE C 28 -27.11 -18.55 2.21
CA PHE C 28 -27.50 -19.59 3.16
C PHE C 28 -27.24 -21.00 2.60
N VAL C 29 -27.23 -21.98 3.48
CA VAL C 29 -27.00 -23.36 3.10
C VAL C 29 -28.11 -24.25 3.63
N ASP C 30 -28.21 -25.45 3.07
CA ASP C 30 -29.22 -26.42 3.49
C ASP C 30 -28.61 -27.81 3.48
N GLU C 31 -27.61 -27.98 2.66
CA GLU C 31 -26.89 -29.22 2.50
C GLU C 31 -25.89 -29.45 3.63
N TYR C 32 -25.85 -30.66 4.15
CA TYR C 32 -24.90 -31.01 5.20
C TYR C 32 -23.65 -31.63 4.59
N ASP C 33 -22.51 -31.02 4.83
CA ASP C 33 -21.24 -31.49 4.29
C ASP C 33 -20.08 -30.99 5.15
N PRO C 34 -19.25 -31.90 5.67
CA PRO C 34 -18.10 -31.54 6.51
C PRO C 34 -17.09 -30.69 5.75
N THR C 35 -16.49 -29.74 6.43
CA THR C 35 -15.51 -28.85 5.82
C THR C 35 -14.10 -29.17 6.27
N ILE C 36 -13.23 -29.50 5.31
CA ILE C 36 -11.84 -29.80 5.65
C ILE C 36 -11.07 -28.50 5.90
N GLU C 37 -11.15 -27.59 4.93
CA GLU C 37 -10.45 -26.32 5.05
C GLU C 37 -11.16 -25.22 4.27
N ASP C 38 -11.70 -24.26 4.97
CA ASP C 38 -12.40 -23.15 4.34
C ASP C 38 -11.66 -21.86 4.69
N SER C 39 -11.67 -20.90 3.78
CA SER C 39 -10.99 -19.64 4.01
C SER C 39 -11.76 -18.47 3.42
N TYR C 40 -12.21 -17.58 4.29
CA TYR C 40 -12.96 -16.41 3.86
C TYR C 40 -12.29 -15.12 4.33
N ARG C 41 -12.35 -14.10 3.50
CA ARG C 41 -11.73 -12.82 3.82
C ARG C 41 -12.53 -11.65 3.24
N LYS C 42 -12.92 -10.73 4.10
CA LYS C 42 -13.68 -9.56 3.67
C LYS C 42 -13.19 -8.32 4.42
N GLN C 43 -13.25 -7.17 3.75
CA GLN C 43 -12.82 -5.91 4.35
C GLN C 43 -13.97 -5.26 5.11
N VAL C 44 -13.76 -5.04 6.41
CA VAL C 44 -14.77 -4.42 7.25
C VAL C 44 -14.21 -3.17 7.90
N VAL C 45 -15.03 -2.13 7.99
CA VAL C 45 -14.59 -0.88 8.57
C VAL C 45 -14.76 -0.87 10.09
N ILE C 46 -13.94 -1.66 10.77
CA ILE C 46 -13.99 -1.75 12.22
C ILE C 46 -13.41 -0.48 12.85
N ASP C 47 -14.25 0.23 13.59
CA ASP C 47 -13.85 1.48 14.26
C ASP C 47 -13.38 2.53 13.25
N GLY C 48 -13.88 2.43 12.03
CA GLY C 48 -13.51 3.40 11.01
C GLY C 48 -12.23 3.00 10.29
N GLU C 49 -11.65 1.88 10.70
CA GLU C 49 -10.42 1.39 10.12
C GLU C 49 -10.71 0.18 9.24
N THR C 50 -10.22 0.21 8.00
CA THR C 50 -10.43 -0.90 7.07
C THR C 50 -9.68 -2.14 7.55
N CYS C 51 -10.37 -2.98 8.31
CA CYS C 51 -9.77 -4.18 8.83
C CYS C 51 -10.02 -5.37 7.92
N LEU C 52 -9.02 -6.24 7.83
CA LEU C 52 -9.11 -7.42 7.00
C LEU C 52 -9.26 -8.66 7.86
N LEU C 53 -10.40 -9.34 7.74
CA LEU C 53 -10.64 -10.54 8.53
C LEU C 53 -10.23 -11.80 7.79
N ASP C 54 -9.27 -12.53 8.35
CA ASP C 54 -8.80 -13.77 7.75
C ASP C 54 -9.32 -14.93 8.59
N ILE C 55 -10.50 -15.44 8.23
CA ILE C 55 -11.13 -16.53 8.98
C ILE C 55 -10.81 -17.89 8.36
N LEU C 56 -10.34 -18.79 9.20
CA LEU C 56 -10.00 -20.13 8.76
C LEU C 56 -10.96 -21.15 9.39
N ASP C 57 -11.66 -21.90 8.57
CA ASP C 57 -12.61 -22.90 9.07
C ASP C 57 -11.94 -24.27 9.16
N THR C 58 -12.37 -25.07 10.11
CA THR C 58 -11.81 -26.40 10.32
C THR C 58 -12.89 -27.47 10.28
N ALA C 59 -12.46 -28.73 10.39
CA ALA C 59 -13.39 -29.86 10.37
C ALA C 59 -13.82 -30.20 11.79
N GLY C 60 -15.10 -30.10 12.05
CA GLY C 60 -15.62 -30.41 13.36
C GLY C 60 -15.73 -31.91 13.60
N GLN C 61 -15.82 -32.66 12.52
CA GLN C 61 -15.94 -34.11 12.62
C GLN C 61 -14.64 -34.81 12.26
N GLU C 62 -13.55 -34.36 12.86
CA GLU C 62 -12.22 -34.94 12.61
C GLU C 62 -11.61 -35.38 13.94
N GLU C 63 -10.36 -35.82 13.91
CA GLU C 63 -9.68 -36.26 15.13
C GLU C 63 -8.42 -35.46 15.35
N TYR C 64 -7.71 -35.76 16.44
CA TYR C 64 -6.47 -35.06 16.77
C TYR C 64 -5.43 -35.26 15.67
N SER C 65 -4.86 -34.17 15.20
CA SER C 65 -3.85 -34.24 14.15
C SER C 65 -2.75 -33.20 14.38
N ALA C 66 -1.54 -33.51 13.92
CA ALA C 66 -0.41 -32.62 14.07
C ALA C 66 -0.59 -31.34 13.28
N MET C 67 -1.18 -31.46 12.08
CA MET C 67 -1.41 -30.31 11.23
C MET C 67 -2.38 -29.33 11.87
N ARG C 68 -3.42 -29.88 12.51
CA ARG C 68 -4.44 -29.06 13.16
C ARG C 68 -3.81 -28.17 14.23
N ASP C 69 -2.96 -28.76 15.07
CA ASP C 69 -2.28 -28.04 16.14
C ASP C 69 -1.37 -26.96 15.60
N GLN C 70 -0.91 -27.14 14.37
CA GLN C 70 -0.02 -26.18 13.74
C GLN C 70 -0.74 -24.90 13.31
N TYR C 71 -1.72 -25.02 12.42
CA TYR C 71 -2.43 -23.84 11.93
C TYR C 71 -3.34 -23.19 12.98
N MET C 72 -3.74 -23.96 13.98
CA MET C 72 -4.60 -23.43 15.04
C MET C 72 -3.78 -22.67 16.07
N ARG C 73 -2.45 -22.74 15.93
CA ARG C 73 -1.56 -22.05 16.85
C ARG C 73 -1.28 -20.64 16.34
N THR C 74 -1.39 -20.47 15.03
CA THR C 74 -1.15 -19.18 14.39
C THR C 74 -2.36 -18.25 14.53
N GLY C 75 -3.51 -18.82 14.88
CA GLY C 75 -4.71 -18.03 15.04
C GLY C 75 -4.67 -17.16 16.28
N GLU C 76 -5.32 -16.01 16.21
CA GLU C 76 -5.35 -15.09 17.34
C GLU C 76 -6.71 -15.15 18.03
N GLY C 77 -7.77 -15.05 17.25
CA GLY C 77 -9.11 -15.10 17.82
C GLY C 77 -9.74 -16.45 17.64
N PHE C 78 -10.32 -16.99 18.70
CA PHE C 78 -10.94 -18.31 18.66
C PHE C 78 -12.43 -18.24 18.99
N LEU C 79 -13.26 -18.55 18.01
CA LEU C 79 -14.70 -18.53 18.21
C LEU C 79 -15.22 -19.93 18.46
N CYS C 80 -15.73 -20.17 19.66
CA CYS C 80 -16.28 -21.46 20.02
C CYS C 80 -17.77 -21.49 19.68
N VAL C 81 -18.09 -22.05 18.52
CA VAL C 81 -19.46 -22.11 18.07
C VAL C 81 -20.08 -23.47 18.30
N PHE C 82 -21.26 -23.48 18.90
CA PHE C 82 -21.98 -24.70 19.17
C PHE C 82 -23.47 -24.48 19.02
N ALA C 83 -24.17 -25.49 18.54
CA ALA C 83 -25.61 -25.40 18.35
C ALA C 83 -26.32 -25.70 19.67
N ILE C 84 -27.22 -24.82 20.08
CA ILE C 84 -27.95 -25.00 21.33
C ILE C 84 -29.06 -26.04 21.23
N ASN C 85 -29.17 -26.68 20.08
CA ASN C 85 -30.18 -27.70 19.87
C ASN C 85 -29.63 -29.08 20.25
N ASN C 86 -28.36 -29.09 20.64
CA ASN C 86 -27.70 -30.32 21.05
C ASN C 86 -26.91 -30.12 22.33
N THR C 87 -27.25 -30.87 23.37
CA THR C 87 -26.57 -30.78 24.64
C THR C 87 -25.11 -31.20 24.56
N LYS C 88 -24.82 -32.12 23.64
CA LYS C 88 -23.47 -32.62 23.44
C LYS C 88 -22.52 -31.49 23.03
N SER C 89 -23.02 -30.60 22.19
CA SER C 89 -22.23 -29.47 21.70
C SER C 89 -21.79 -28.57 22.86
N PHE C 90 -22.63 -28.47 23.87
CA PHE C 90 -22.35 -27.64 25.04
C PHE C 90 -21.21 -28.27 25.85
N GLU C 91 -21.10 -29.59 25.75
CA GLU C 91 -20.06 -30.32 26.47
C GLU C 91 -18.75 -30.29 25.68
N ASP C 92 -18.87 -30.40 24.35
CA ASP C 92 -17.71 -30.40 23.47
C ASP C 92 -16.90 -29.12 23.57
N ILE C 93 -17.57 -28.04 23.96
CA ILE C 93 -16.94 -26.74 24.10
C ILE C 93 -15.68 -26.79 24.97
N HIS C 94 -15.79 -27.43 26.14
CA HIS C 94 -14.65 -27.53 27.06
C HIS C 94 -13.57 -28.45 26.48
N HIS C 95 -14.00 -29.49 25.77
CA HIS C 95 -13.09 -30.44 25.15
C HIS C 95 -12.15 -29.73 24.18
N TYR C 96 -12.73 -28.90 23.31
CA TYR C 96 -11.94 -28.16 22.33
C TYR C 96 -11.23 -26.98 22.99
N ARG C 97 -11.83 -26.46 24.06
CA ARG C 97 -11.25 -25.33 24.79
C ARG C 97 -9.90 -25.72 25.39
N GLU C 98 -9.87 -26.86 26.07
CA GLU C 98 -8.65 -27.35 26.68
C GLU C 98 -7.58 -27.61 25.62
N GLN C 99 -8.02 -28.03 24.44
CA GLN C 99 -7.12 -28.27 23.34
C GLN C 99 -6.45 -26.97 22.93
N ILE C 100 -7.27 -25.94 22.70
CA ILE C 100 -6.76 -24.62 22.32
C ILE C 100 -5.77 -24.08 23.35
N LYS C 101 -6.10 -24.27 24.63
CA LYS C 101 -5.26 -23.83 25.73
C LYS C 101 -3.87 -24.44 25.64
N ARG C 102 -3.81 -25.70 25.24
CA ARG C 102 -2.54 -26.40 25.10
C ARG C 102 -1.82 -25.99 23.82
N VAL C 103 -2.59 -25.79 22.76
CA VAL C 103 -2.03 -25.38 21.47
C VAL C 103 -1.32 -24.04 21.59
N LYS C 104 -2.03 -23.04 22.10
CA LYS C 104 -1.46 -21.71 22.28
C LYS C 104 -0.57 -21.67 23.52
N ASP C 105 -0.67 -22.72 24.33
CA ASP C 105 0.10 -22.84 25.56
C ASP C 105 -0.22 -21.70 26.52
N SER C 106 -1.45 -21.20 26.42
CA SER C 106 -1.90 -20.10 27.25
C SER C 106 -3.34 -20.34 27.69
N GLU C 107 -3.61 -20.08 28.97
CA GLU C 107 -4.95 -20.26 29.52
C GLU C 107 -5.83 -19.07 29.15
N ASP C 108 -5.22 -17.90 29.07
CA ASP C 108 -5.93 -16.68 28.74
C ASP C 108 -5.72 -16.30 27.28
N VAL C 109 -6.71 -16.60 26.46
CA VAL C 109 -6.66 -16.31 25.03
C VAL C 109 -7.97 -15.67 24.58
N PRO C 110 -7.96 -14.93 23.46
CA PRO C 110 -9.17 -14.28 22.93
C PRO C 110 -10.18 -15.31 22.43
N MET C 111 -11.07 -15.72 23.31
CA MET C 111 -12.09 -16.71 22.97
C MET C 111 -13.48 -16.19 23.26
N VAL C 112 -14.42 -16.51 22.39
CA VAL C 112 -15.81 -16.10 22.55
C VAL C 112 -16.72 -17.30 22.35
N LEU C 113 -17.77 -17.41 23.17
CA LEU C 113 -18.70 -18.52 23.08
C LEU C 113 -19.91 -18.11 22.24
N VAL C 114 -20.21 -18.90 21.22
CA VAL C 114 -21.33 -18.61 20.33
C VAL C 114 -22.33 -19.75 20.29
N GLY C 115 -23.59 -19.45 20.63
CA GLY C 115 -24.64 -20.44 20.62
C GLY C 115 -25.47 -20.32 19.37
N ASN C 116 -25.24 -21.19 18.41
CA ASN C 116 -25.95 -21.15 17.13
C ASN C 116 -27.24 -21.96 17.18
N LYS C 117 -28.07 -21.81 16.13
CA LYS C 117 -29.35 -22.52 16.01
C LYS C 117 -30.28 -22.19 17.17
N CYS C 118 -30.36 -20.91 17.51
CA CYS C 118 -31.20 -20.46 18.61
C CYS C 118 -32.65 -20.23 18.19
N ASP C 119 -32.87 -19.98 16.91
CA ASP C 119 -34.20 -19.73 16.39
C ASP C 119 -35.01 -21.03 16.27
N LEU C 120 -34.29 -22.14 16.18
CA LEU C 120 -34.92 -23.44 16.05
C LEU C 120 -35.63 -23.84 17.35
N PRO C 121 -36.82 -24.45 17.23
CA PRO C 121 -37.63 -24.88 18.38
C PRO C 121 -37.04 -26.08 19.13
N SER C 122 -35.75 -26.30 18.96
CA SER C 122 -35.06 -27.39 19.62
C SER C 122 -34.08 -26.87 20.66
N ARG C 123 -34.39 -25.69 21.20
CA ARG C 123 -33.54 -25.04 22.20
C ARG C 123 -33.38 -25.92 23.43
N THR C 124 -32.26 -26.65 23.51
CA THR C 124 -31.99 -27.53 24.62
C THR C 124 -31.02 -26.87 25.60
N VAL C 125 -30.01 -26.20 25.06
CA VAL C 125 -29.02 -25.53 25.88
C VAL C 125 -29.60 -24.25 26.47
N ASP C 126 -29.74 -24.24 27.78
CA ASP C 126 -30.29 -23.08 28.48
C ASP C 126 -29.36 -21.89 28.43
N THR C 127 -29.93 -20.72 28.20
CA THR C 127 -29.19 -19.47 28.12
C THR C 127 -28.40 -19.21 29.39
N LYS C 128 -29.02 -19.43 30.55
CA LYS C 128 -28.37 -19.20 31.82
C LYS C 128 -27.16 -20.12 31.96
N GLN C 129 -27.34 -21.39 31.59
CA GLN C 129 -26.26 -22.38 31.67
C GLN C 129 -25.06 -21.94 30.85
N ALA C 130 -25.33 -21.48 29.63
CA ALA C 130 -24.28 -21.02 28.74
C ALA C 130 -23.59 -19.78 29.30
N GLN C 131 -24.38 -18.84 29.78
CA GLN C 131 -23.86 -17.60 30.35
C GLN C 131 -23.07 -17.87 31.63
N ASP C 132 -23.61 -18.75 32.47
CA ASP C 132 -22.97 -19.09 33.74
C ASP C 132 -21.60 -19.69 33.50
N LEU C 133 -21.55 -20.69 32.63
CA LEU C 133 -20.30 -21.35 32.29
C LEU C 133 -19.29 -20.38 31.67
N ALA C 134 -19.77 -19.60 30.70
CA ALA C 134 -18.93 -18.64 30.01
C ALA C 134 -18.38 -17.58 30.97
N ARG C 135 -19.27 -17.05 31.82
CA ARG C 135 -18.89 -16.02 32.78
C ARG C 135 -17.84 -16.52 33.76
N SER C 136 -17.95 -17.79 34.13
CA SER C 136 -17.01 -18.40 35.06
C SER C 136 -15.61 -18.50 34.44
N TYR C 137 -15.56 -18.60 33.12
CA TYR C 137 -14.29 -18.69 32.42
C TYR C 137 -13.78 -17.28 32.09
N GLY C 138 -14.73 -16.36 31.90
CA GLY C 138 -14.38 -14.99 31.59
C GLY C 138 -14.61 -14.65 30.13
N ILE C 139 -15.23 -15.57 29.40
CA ILE C 139 -15.50 -15.37 27.99
C ILE C 139 -16.95 -14.93 27.77
N PRO C 140 -17.19 -14.09 26.77
CA PRO C 140 -18.54 -13.60 26.45
C PRO C 140 -19.35 -14.63 25.68
N PHE C 141 -20.67 -14.57 25.83
CA PHE C 141 -21.56 -15.49 25.15
C PHE C 141 -22.46 -14.74 24.18
N ILE C 142 -22.49 -15.19 22.93
CA ILE C 142 -23.30 -14.55 21.90
C ILE C 142 -24.26 -15.57 21.28
N GLU C 143 -25.55 -15.29 21.35
CA GLU C 143 -26.54 -16.16 20.75
C GLU C 143 -26.62 -15.84 19.27
N THR C 144 -26.51 -16.85 18.42
CA THR C 144 -26.52 -16.63 16.99
C THR C 144 -27.38 -17.66 16.25
N SER C 145 -27.73 -17.32 15.03
CA SER C 145 -28.50 -18.18 14.16
C SER C 145 -28.15 -17.88 12.72
N ALA C 146 -27.71 -18.88 11.98
CA ALA C 146 -27.35 -18.69 10.58
C ALA C 146 -28.62 -18.53 9.75
N LYS C 147 -29.71 -19.05 10.26
CA LYS C 147 -30.99 -18.99 9.59
C LYS C 147 -31.57 -17.57 9.67
N THR C 148 -31.54 -16.97 10.85
CA THR C 148 -32.06 -15.63 11.04
C THR C 148 -30.98 -14.59 10.69
N ARG C 149 -29.73 -15.04 10.69
CA ARG C 149 -28.58 -14.18 10.39
C ARG C 149 -28.42 -13.06 11.43
N GLN C 150 -29.03 -13.27 12.59
CA GLN C 150 -28.97 -12.29 13.67
C GLN C 150 -27.84 -12.60 14.63
N GLY C 151 -26.95 -11.63 14.80
CA GLY C 151 -25.83 -11.81 15.72
C GLY C 151 -24.57 -12.28 15.04
N VAL C 152 -24.71 -12.81 13.83
CA VAL C 152 -23.57 -13.31 13.06
C VAL C 152 -22.53 -12.22 12.84
N ASP C 153 -23.00 -11.04 12.46
CA ASP C 153 -22.11 -9.91 12.20
C ASP C 153 -21.31 -9.52 13.44
N ASP C 154 -22.02 -9.25 14.53
CA ASP C 154 -21.35 -8.82 15.77
C ASP C 154 -20.55 -9.92 16.44
N ALA C 155 -20.93 -11.18 16.23
CA ALA C 155 -20.21 -12.30 16.83
C ALA C 155 -18.74 -12.27 16.41
N PHE C 156 -18.51 -11.98 15.13
CA PHE C 156 -17.16 -11.92 14.61
C PHE C 156 -16.48 -10.61 15.00
N TYR C 157 -17.27 -9.55 15.16
CA TYR C 157 -16.72 -8.25 15.56
C TYR C 157 -16.27 -8.29 17.02
N THR C 158 -17.05 -8.98 17.85
CA THR C 158 -16.73 -9.12 19.26
C THR C 158 -15.36 -9.77 19.44
N LEU C 159 -15.05 -10.71 18.57
CA LEU C 159 -13.77 -11.41 18.62
C LEU C 159 -12.60 -10.43 18.49
N VAL C 160 -12.66 -9.58 17.47
CA VAL C 160 -11.60 -8.59 17.24
C VAL C 160 -11.50 -7.62 18.43
N ARG C 161 -12.65 -7.27 19.00
CA ARG C 161 -12.68 -6.37 20.15
C ARG C 161 -11.92 -6.99 21.31
N GLU C 162 -12.16 -8.28 21.54
CA GLU C 162 -11.49 -9.00 22.59
C GLU C 162 -10.00 -9.15 22.31
N ILE C 163 -9.66 -9.38 21.04
CA ILE C 163 -8.26 -9.52 20.64
C ILE C 163 -7.49 -8.23 20.91
N ARG C 164 -8.07 -7.10 20.51
CA ARG C 164 -7.44 -5.81 20.72
C ARG C 164 -7.26 -5.51 22.21
N LYS C 165 -8.28 -5.84 23.00
CA LYS C 165 -8.23 -5.63 24.44
C LYS C 165 -7.23 -6.56 25.09
N HIS C 166 -7.10 -7.77 24.52
CA HIS C 166 -6.17 -8.79 25.01
C HIS C 166 -4.73 -8.28 24.91
N LYS C 167 -4.40 -7.74 23.75
CA LYS C 167 -3.06 -7.20 23.50
C LYS C 167 -2.74 -6.10 24.51
N GLU C 168 -3.71 -5.23 24.74
CA GLU C 168 -3.54 -4.14 25.70
C GLU C 168 -3.39 -4.70 27.11
N LYS C 169 -4.21 -5.69 27.43
CA LYS C 169 -4.19 -6.32 28.74
C LYS C 169 -2.83 -6.94 29.03
N MET C 170 -2.24 -7.55 28.01
CA MET C 170 -0.94 -8.20 28.15
C MET C 170 0.16 -7.19 28.41
N SER C 171 -0.03 -5.97 27.92
CA SER C 171 0.93 -4.91 28.11
C SER C 171 0.82 -4.34 29.53
N LYS C 172 -0.37 -4.47 30.11
CA LYS C 172 -0.63 -3.98 31.47
C LYS C 172 -0.22 -5.01 32.51
N ASP C 173 -0.63 -6.27 32.28
CA ASP C 173 -0.31 -7.36 33.18
C ASP C 173 1.19 -7.62 33.20
N GLY C 174 1.75 -7.85 32.02
CA GLY C 174 3.18 -8.11 31.89
C GLY C 174 3.64 -9.34 32.64
N LYS C 175 2.72 -10.27 32.86
CA LYS C 175 2.99 -11.51 33.58
C LYS C 175 3.37 -11.21 35.02
N LYS C 176 2.77 -10.16 35.55
CA LYS C 176 3.02 -9.74 36.92
C LYS C 176 1.78 -9.95 37.79
N LYS C 177 0.90 -8.96 37.80
CA LYS C 177 -0.32 -9.01 38.58
C LYS C 177 -1.15 -7.76 38.33
N LYS C 178 -2.39 -7.78 38.77
CA LYS C 178 -3.26 -6.63 38.61
C LYS C 178 -3.99 -6.34 39.91
N LYS C 179 -4.14 -5.07 40.23
CA LYS C 179 -4.82 -4.67 41.45
C LYS C 179 -5.68 -3.43 41.22
N LYS C 180 -6.94 -3.66 40.86
CA LYS C 180 -7.86 -2.56 40.61
C LYS C 180 -9.26 -2.94 41.03
N SER C 181 -9.68 -2.43 42.17
CA SER C 181 -11.01 -2.72 42.69
C SER C 181 -11.77 -1.42 42.94
N LYS C 182 -12.50 -0.97 41.93
CA LYS C 182 -13.27 0.26 42.02
C LYS C 182 -14.58 0.11 41.26
N THR C 183 -15.55 0.96 41.56
CA THR C 183 -16.84 0.91 40.90
C THR C 183 -17.39 2.31 40.62
N LYS C 184 -18.09 2.43 39.51
CA LYS C 184 -18.68 3.72 39.11
C LYS C 184 -19.87 3.50 38.18
N CYS C 185 -19.60 2.87 37.04
CA CYS C 185 -20.63 2.58 36.03
C CYS C 185 -21.35 3.84 35.56
N ASN D 1 -7.28 -37.97 0.57
CA ASN D 1 -7.72 -37.33 -0.66
C ASN D 1 -8.02 -35.85 -0.43
N THR D 2 -7.41 -34.98 -1.22
CA THR D 2 -7.60 -33.55 -1.10
C THR D 2 -7.63 -32.92 -2.48
N ILE D 3 -8.55 -31.96 -2.68
CA ILE D 3 -8.65 -31.28 -3.95
C ILE D 3 -8.29 -29.81 -3.81
N ARG D 4 -7.41 -29.33 -4.67
CA ARG D 4 -6.97 -27.94 -4.62
C ARG D 4 -7.75 -27.07 -5.59
N VAL D 5 -8.92 -26.62 -5.16
CA VAL D 5 -9.77 -25.77 -5.98
C VAL D 5 -9.56 -24.31 -5.60
N PHE D 6 -9.04 -23.53 -6.53
CA PHE D 6 -8.80 -22.12 -6.31
C PHE D 6 -9.76 -21.27 -7.14
N LEU D 7 -10.41 -20.33 -6.49
CA LEU D 7 -11.35 -19.44 -7.13
C LEU D 7 -10.64 -18.17 -7.58
N PRO D 8 -11.31 -17.30 -8.36
CA PRO D 8 -10.72 -16.06 -8.85
C PRO D 8 -10.18 -15.20 -7.71
N ASN D 9 -9.11 -14.48 -8.01
CA ASN D 9 -8.44 -13.58 -7.07
C ASN D 9 -7.56 -14.35 -6.07
N LYS D 10 -8.10 -14.63 -4.88
CA LYS D 10 -7.34 -15.35 -3.85
C LYS D 10 -8.25 -16.18 -2.95
N GLN D 11 -9.39 -16.62 -3.47
CA GLN D 11 -10.31 -17.42 -2.67
C GLN D 11 -10.01 -18.90 -2.85
N ARG D 12 -10.00 -19.64 -1.75
CA ARG D 12 -9.72 -21.06 -1.79
C ARG D 12 -10.72 -21.84 -0.95
N THR D 13 -11.05 -23.05 -1.40
CA THR D 13 -12.00 -23.90 -0.68
C THR D 13 -11.58 -25.36 -0.78
N VAL D 14 -11.28 -25.98 0.35
CA VAL D 14 -10.86 -27.37 0.39
C VAL D 14 -12.04 -28.28 0.71
N VAL D 15 -12.57 -28.93 -0.33
CA VAL D 15 -13.70 -29.85 -0.17
C VAL D 15 -13.23 -31.30 -0.28
N ASN D 16 -14.12 -32.23 0.04
CA ASN D 16 -13.78 -33.65 -0.02
C ASN D 16 -14.68 -34.37 -1.01
N VAL D 17 -14.10 -34.81 -2.12
CA VAL D 17 -14.85 -35.53 -3.14
C VAL D 17 -14.97 -37.00 -2.79
N ARG D 18 -16.00 -37.65 -3.32
CA ARG D 18 -16.22 -39.07 -3.05
C ARG D 18 -17.02 -39.69 -4.17
N ASN D 19 -16.85 -41.00 -4.36
CA ASN D 19 -17.55 -41.74 -5.41
C ASN D 19 -17.12 -41.24 -6.79
N GLY D 20 -18.09 -40.82 -7.60
CA GLY D 20 -17.77 -40.31 -8.91
C GLY D 20 -18.16 -38.86 -9.05
N MET D 21 -17.23 -37.97 -8.76
CA MET D 21 -17.49 -36.54 -8.84
C MET D 21 -16.58 -35.86 -9.85
N SER D 22 -17.20 -35.22 -10.83
CA SER D 22 -16.46 -34.50 -11.87
C SER D 22 -16.23 -33.06 -11.43
N LEU D 23 -15.54 -32.30 -12.26
CA LEU D 23 -15.27 -30.89 -11.95
C LEU D 23 -16.58 -30.13 -11.83
N HIS D 24 -17.49 -30.39 -12.77
CA HIS D 24 -18.80 -29.75 -12.79
C HIS D 24 -19.58 -30.05 -11.52
N ASP D 25 -19.41 -31.26 -11.00
CA ASP D 25 -20.09 -31.69 -9.78
C ASP D 25 -19.84 -30.74 -8.62
N CYS D 26 -18.56 -30.55 -8.29
CA CYS D 26 -18.19 -29.66 -7.19
C CYS D 26 -18.45 -28.19 -7.54
N LEU D 27 -18.27 -27.84 -8.81
CA LEU D 27 -18.52 -26.48 -9.27
C LEU D 27 -19.97 -26.10 -9.07
N MET D 28 -20.86 -27.02 -9.40
CA MET D 28 -22.30 -26.81 -9.25
C MET D 28 -22.67 -26.59 -7.79
N LYS D 29 -21.93 -27.25 -6.90
CA LYS D 29 -22.17 -27.13 -5.47
C LYS D 29 -21.87 -25.71 -4.99
N ALA D 30 -20.77 -25.14 -5.48
CA ALA D 30 -20.37 -23.80 -5.09
C ALA D 30 -21.16 -22.76 -5.89
N LEU D 31 -21.68 -23.19 -7.04
CA LEU D 31 -22.45 -22.34 -7.92
C LEU D 31 -23.61 -21.66 -7.20
N LYS D 32 -24.33 -22.43 -6.38
CA LYS D 32 -25.47 -21.90 -5.65
C LYS D 32 -25.08 -20.78 -4.69
N VAL D 33 -23.85 -20.85 -4.18
CA VAL D 33 -23.37 -19.83 -3.25
C VAL D 33 -22.80 -18.64 -3.99
N ARG D 34 -22.07 -18.90 -5.08
CA ARG D 34 -21.46 -17.84 -5.86
C ARG D 34 -22.49 -17.06 -6.68
N GLY D 35 -23.51 -17.76 -7.16
CA GLY D 35 -24.54 -17.10 -7.95
C GLY D 35 -23.99 -16.55 -9.25
N LEU D 36 -23.07 -17.28 -9.86
CA LEU D 36 -22.46 -16.86 -11.11
C LEU D 36 -22.90 -17.76 -12.25
N GLN D 37 -22.34 -17.55 -13.43
CA GLN D 37 -22.68 -18.36 -14.58
C GLN D 37 -21.44 -19.10 -15.10
N PRO D 38 -21.53 -20.43 -15.20
CA PRO D 38 -20.40 -21.27 -15.66
C PRO D 38 -20.04 -21.03 -17.12
N GLU D 39 -20.86 -20.25 -17.81
CA GLU D 39 -20.61 -19.95 -19.22
C GLU D 39 -19.42 -19.00 -19.38
N CYS D 40 -19.32 -18.03 -18.47
CA CYS D 40 -18.25 -17.05 -18.52
C CYS D 40 -17.00 -17.54 -17.80
N CYS D 41 -17.16 -18.60 -17.01
CA CYS D 41 -16.05 -19.16 -16.27
C CYS D 41 -15.44 -20.34 -17.02
N ALA D 42 -14.24 -20.74 -16.61
CA ALA D 42 -13.55 -21.85 -17.24
C ALA D 42 -12.63 -22.54 -16.25
N VAL D 43 -12.43 -23.84 -16.42
CA VAL D 43 -11.57 -24.61 -15.54
C VAL D 43 -10.16 -24.69 -16.08
N PHE D 44 -9.25 -23.96 -15.47
CA PHE D 44 -7.86 -23.96 -15.89
C PHE D 44 -7.04 -24.85 -14.96
N ARG D 45 -6.37 -25.83 -15.53
CA ARG D 45 -5.56 -26.77 -14.75
C ARG D 45 -4.17 -26.22 -14.46
N LEU D 46 -3.34 -27.03 -13.83
CA LEU D 46 -1.98 -26.66 -13.49
C LEU D 46 -1.15 -26.51 -14.77
N LEU D 47 -0.27 -25.52 -14.78
CA LEU D 47 0.59 -25.27 -15.93
C LEU D 47 1.70 -26.32 -16.00
N GLN D 48 1.42 -27.43 -16.66
CA GLN D 48 2.38 -28.51 -16.78
C GLN D 48 3.23 -28.38 -18.04
N GLU D 49 4.47 -27.93 -17.85
CA GLU D 49 5.43 -27.75 -18.94
C GLU D 49 4.93 -26.76 -20.00
N HIS D 50 4.24 -25.72 -19.56
CA HIS D 50 3.71 -24.74 -20.49
C HIS D 50 4.69 -23.58 -20.71
N LYS D 51 4.49 -22.85 -21.79
CA LYS D 51 5.34 -21.72 -22.11
C LYS D 51 4.87 -20.49 -21.34
N GLY D 52 3.58 -20.45 -21.01
CA GLY D 52 3.05 -19.32 -20.26
C GLY D 52 1.61 -19.01 -20.63
N LYS D 53 0.73 -19.98 -20.45
CA LYS D 53 -0.68 -19.80 -20.75
C LYS D 53 -1.53 -20.78 -19.95
N LYS D 54 -2.73 -20.35 -19.57
CA LYS D 54 -3.65 -21.20 -18.81
C LYS D 54 -4.17 -22.33 -19.70
N ALA D 55 -4.42 -23.49 -19.10
CA ALA D 55 -4.91 -24.64 -19.83
C ALA D 55 -6.34 -24.99 -19.42
N ARG D 56 -7.29 -24.67 -20.29
CA ARG D 56 -8.69 -24.94 -20.03
C ARG D 56 -9.01 -26.42 -20.25
N LEU D 57 -9.60 -27.04 -19.23
CA LEU D 57 -9.97 -28.44 -19.29
C LEU D 57 -11.43 -28.61 -19.69
N ASP D 58 -12.05 -29.70 -19.26
CA ASP D 58 -13.44 -29.97 -19.56
C ASP D 58 -14.24 -29.93 -18.27
N TRP D 59 -15.56 -29.88 -18.39
CA TRP D 59 -16.43 -29.84 -17.23
C TRP D 59 -16.72 -31.25 -16.74
N ASN D 60 -16.55 -32.22 -17.64
CA ASN D 60 -16.79 -33.62 -17.31
C ASN D 60 -15.54 -34.32 -16.76
N THR D 61 -14.47 -33.55 -16.59
CA THR D 61 -13.22 -34.08 -16.07
C THR D 61 -13.38 -34.58 -14.63
N ASP D 62 -12.79 -35.73 -14.33
CA ASP D 62 -12.88 -36.32 -13.00
C ASP D 62 -11.97 -35.58 -12.01
N ALA D 63 -12.49 -35.36 -10.81
CA ALA D 63 -11.75 -34.66 -9.78
C ALA D 63 -10.74 -35.56 -9.06
N ALA D 64 -11.00 -36.88 -9.04
CA ALA D 64 -10.12 -37.81 -8.37
C ALA D 64 -8.79 -37.92 -9.09
N SER D 65 -8.84 -37.90 -10.42
CA SER D 65 -7.63 -37.98 -11.25
C SER D 65 -6.86 -36.66 -11.19
N LEU D 66 -7.50 -35.64 -10.62
CA LEU D 66 -6.90 -34.33 -10.52
C LEU D 66 -6.44 -34.07 -9.09
N ILE D 67 -6.26 -35.13 -8.32
CA ILE D 67 -5.82 -35.01 -6.94
C ILE D 67 -4.41 -34.41 -6.84
N GLY D 68 -4.29 -33.35 -6.03
CA GLY D 68 -3.01 -32.70 -5.84
C GLY D 68 -2.72 -31.61 -6.86
N GLU D 69 -3.53 -31.55 -7.90
CA GLU D 69 -3.36 -30.55 -8.95
C GLU D 69 -4.15 -29.29 -8.63
N GLU D 70 -3.44 -28.17 -8.53
CA GLU D 70 -4.06 -26.89 -8.23
C GLU D 70 -4.81 -26.36 -9.45
N LEU D 71 -6.12 -26.30 -9.33
CA LEU D 71 -6.98 -25.84 -10.42
C LEU D 71 -7.38 -24.39 -10.19
N GLN D 72 -7.68 -23.70 -11.27
CA GLN D 72 -8.09 -22.29 -11.22
C GLN D 72 -9.37 -22.09 -12.01
N VAL D 73 -10.40 -21.58 -11.36
CA VAL D 73 -11.67 -21.33 -12.03
C VAL D 73 -11.87 -19.83 -12.19
N ASP D 74 -11.41 -19.30 -13.32
CA ASP D 74 -11.52 -17.86 -13.60
C ASP D 74 -12.27 -17.64 -14.90
N PHE D 75 -12.51 -16.38 -15.24
CA PHE D 75 -13.20 -16.03 -16.46
C PHE D 75 -12.19 -15.77 -17.58
N LEU D 76 -12.63 -15.78 -18.81
CA LEU D 76 -11.74 -15.56 -19.94
C LEU D 76 -12.30 -14.56 -20.96
N ASP D 77 -13.54 -14.16 -20.78
CA ASP D 77 -14.17 -13.21 -21.69
C ASP D 77 -15.17 -12.34 -20.96
N HIS D 78 -15.39 -11.13 -21.48
CA HIS D 78 -16.31 -10.17 -20.88
C HIS D 78 -15.89 -9.80 -19.46
N VAL D 79 -14.64 -9.34 -19.34
CA VAL D 79 -14.07 -8.92 -18.05
C VAL D 79 -13.93 -10.07 -17.07
N PRO D 80 -12.71 -10.63 -16.95
CA PRO D 80 -12.42 -11.74 -16.04
C PRO D 80 -12.18 -11.24 -14.61
N LEU D 81 -11.65 -12.10 -13.75
CA LEU D 81 -11.36 -11.76 -12.36
C LEU D 81 -12.64 -11.45 -11.57
N THR D 82 -12.46 -10.90 -10.37
CA THR D 82 -13.58 -10.57 -9.51
C THR D 82 -13.96 -9.10 -9.65
N THR D 83 -15.11 -8.84 -10.25
CA THR D 83 -15.57 -7.47 -10.43
C THR D 83 -16.17 -6.93 -9.13
N HIS D 84 -15.87 -5.68 -8.82
CA HIS D 84 -16.37 -5.03 -7.62
C HIS D 84 -17.89 -5.01 -7.61
N ASN D 85 -18.49 -5.61 -6.57
CA ASN D 85 -19.94 -5.66 -6.45
C ASN D 85 -20.40 -4.83 -5.25
N PHE D 86 -21.50 -4.14 -5.40
CA PHE D 86 -22.03 -3.29 -4.34
C PHE D 86 -22.94 -4.07 -3.41
N ALA D 87 -22.68 -3.99 -2.12
CA ALA D 87 -23.50 -4.67 -1.12
C ALA D 87 -23.96 -3.66 -0.07
N ARG D 88 -25.19 -3.20 -0.22
CA ARG D 88 -25.76 -2.22 0.70
C ARG D 88 -26.03 -2.78 2.08
N LYS D 89 -25.25 -2.31 3.05
CA LYS D 89 -25.40 -2.74 4.43
C LYS D 89 -24.83 -1.66 5.35
N THR D 90 -25.33 -1.61 6.58
CA THR D 90 -24.87 -0.63 7.55
C THR D 90 -23.39 -0.80 7.86
N PHE D 91 -22.77 0.29 8.28
CA PHE D 91 -21.37 0.29 8.64
C PHE D 91 -21.23 0.14 10.15
N LEU D 92 -20.03 -0.18 10.61
CA LEU D 92 -19.79 -0.36 12.03
C LEU D 92 -19.81 0.98 12.76
N LYS D 93 -18.75 1.75 12.57
CA LYS D 93 -18.63 3.06 13.20
C LYS D 93 -18.49 4.13 12.13
N LEU D 94 -18.27 5.37 12.54
CA LEU D 94 -18.12 6.47 11.61
C LEU D 94 -16.90 6.30 10.71
N ALA D 95 -17.15 6.02 9.45
CA ALA D 95 -16.09 5.87 8.46
C ALA D 95 -16.10 7.14 7.60
N PHE D 96 -15.02 7.38 6.89
CA PHE D 96 -14.93 8.56 6.03
C PHE D 96 -14.83 8.16 4.57
N CYS D 97 -15.34 9.00 3.68
CA CYS D 97 -15.30 8.72 2.26
C CYS D 97 -13.86 8.77 1.76
N ASP D 98 -13.54 7.88 0.84
CA ASP D 98 -12.19 7.86 0.27
C ASP D 98 -12.13 8.73 -0.98
N ILE D 99 -13.30 9.05 -1.50
CA ILE D 99 -13.39 9.89 -2.69
C ILE D 99 -13.67 11.33 -2.31
N CYS D 100 -14.63 11.51 -1.42
CA CYS D 100 -15.00 12.82 -0.93
C CYS D 100 -14.31 13.07 0.41
N GLN D 101 -14.32 14.31 0.86
CA GLN D 101 -13.69 14.66 2.13
C GLN D 101 -14.76 14.84 3.20
N LYS D 102 -15.76 13.99 3.16
CA LYS D 102 -16.87 14.02 4.10
C LYS D 102 -17.08 12.66 4.75
N PHE D 103 -17.96 12.61 5.75
CA PHE D 103 -18.25 11.36 6.45
C PHE D 103 -19.03 10.38 5.57
N LEU D 104 -18.81 9.11 5.82
CA LEU D 104 -19.47 8.06 5.06
C LEU D 104 -20.76 7.63 5.76
N LEU D 105 -21.86 7.68 5.03
CA LEU D 105 -23.16 7.31 5.59
C LEU D 105 -23.62 5.97 5.01
N ASN D 106 -24.93 5.74 5.04
CA ASN D 106 -25.51 4.50 4.53
C ASN D 106 -25.50 4.47 2.99
N GLY D 107 -24.31 4.43 2.43
CA GLY D 107 -24.15 4.40 0.99
C GLY D 107 -23.89 2.99 0.50
N PHE D 108 -22.73 2.78 -0.09
CA PHE D 108 -22.38 1.47 -0.61
C PHE D 108 -20.98 1.02 -0.21
N ARG D 109 -20.82 -0.27 -0.12
CA ARG D 109 -19.55 -0.90 0.22
C ARG D 109 -19.47 -2.23 -0.53
N CYS D 110 -18.28 -2.67 -0.84
CA CYS D 110 -18.10 -3.92 -1.57
C CYS D 110 -18.39 -5.15 -0.72
N GLN D 111 -18.72 -6.23 -1.41
CA GLN D 111 -18.99 -7.51 -0.76
C GLN D 111 -17.72 -8.35 -0.82
N THR D 112 -16.96 -8.17 -1.88
CA THR D 112 -15.70 -8.89 -2.06
C THR D 112 -14.62 -8.17 -1.28
N CYS D 113 -14.50 -6.87 -1.55
CA CYS D 113 -13.52 -6.04 -0.89
C CYS D 113 -14.14 -5.39 0.35
N GLY D 114 -14.34 -4.07 0.30
CA GLY D 114 -14.91 -3.34 1.41
C GLY D 114 -14.49 -1.88 1.42
N TYR D 115 -14.70 -1.21 0.30
CA TYR D 115 -14.35 0.20 0.16
C TYR D 115 -15.50 1.06 0.69
N LYS D 116 -15.19 2.30 1.05
CA LYS D 116 -16.20 3.21 1.59
C LYS D 116 -16.39 4.40 0.66
N PHE D 117 -17.59 4.53 0.11
CA PHE D 117 -17.92 5.63 -0.79
C PHE D 117 -19.42 5.96 -0.75
N HIS D 118 -19.79 7.07 -1.36
CA HIS D 118 -21.18 7.50 -1.40
C HIS D 118 -21.84 7.01 -2.68
N GLU D 119 -23.12 7.32 -2.86
CA GLU D 119 -23.85 6.92 -4.07
C GLU D 119 -23.39 7.73 -5.27
N HIS D 120 -22.69 8.82 -5.01
CA HIS D 120 -22.18 9.68 -6.06
C HIS D 120 -20.78 9.22 -6.48
N CYS D 121 -19.99 8.83 -5.49
CA CYS D 121 -18.63 8.37 -5.72
C CYS D 121 -18.61 7.09 -6.56
N SER D 122 -19.72 6.37 -6.58
CA SER D 122 -19.81 5.12 -7.34
C SER D 122 -19.47 5.31 -8.82
N THR D 123 -19.69 6.52 -9.33
CA THR D 123 -19.42 6.81 -10.73
C THR D 123 -18.27 7.81 -10.88
N LYS D 124 -17.67 8.18 -9.77
CA LYS D 124 -16.56 9.13 -9.79
C LYS D 124 -15.34 8.56 -9.08
N VAL D 125 -15.40 7.27 -8.75
CA VAL D 125 -14.32 6.59 -8.05
C VAL D 125 -13.28 6.07 -9.04
N PRO D 126 -12.10 6.68 -9.07
CA PRO D 126 -11.02 6.26 -9.94
C PRO D 126 -10.21 5.13 -9.31
N THR D 127 -10.32 5.00 -8.00
CA THR D 127 -9.63 3.96 -7.25
C THR D 127 -10.42 2.66 -7.31
N MET D 128 -9.97 1.74 -8.15
CA MET D 128 -10.65 0.46 -8.31
C MET D 128 -10.33 -0.50 -7.16
N CYS D 129 -11.26 -1.39 -6.87
CA CYS D 129 -11.07 -2.37 -5.83
C CYS D 129 -10.20 -3.52 -6.35
N VAL D 130 -8.91 -3.42 -6.13
CA VAL D 130 -7.96 -4.44 -6.56
C VAL D 130 -7.17 -4.92 -5.36
N ASP D 131 -7.07 -6.23 -5.20
CA ASP D 131 -6.35 -6.81 -4.07
C ASP D 131 -5.68 -8.12 -4.47
N TRP D 132 -5.12 -8.13 -5.68
CA TRP D 132 -4.44 -9.32 -6.19
C TRP D 132 -3.30 -9.79 -5.28
C1 PCW E . -20.97 17.73 -36.12
C2 PCW E . -20.41 17.19 -37.43
C3 PCW E . -20.06 18.34 -38.36
C4 PCW E . -23.43 14.29 -33.72
C5 PCW E . -23.16 12.99 -32.98
C6 PCW E . -23.78 11.87 -30.84
C7 PCW E . -24.98 13.96 -31.54
C8 PCW E . -25.58 12.80 -32.33
C11 PCW E . -18.97 18.81 -40.33
C12 PCW E . -18.22 18.45 -41.63
C13 PCW E . -18.68 19.30 -42.81
C14 PCW E . -17.93 18.90 -44.08
C15 PCW E . -18.35 19.78 -45.27
C16 PCW E . -17.60 19.39 -46.54
C17 PCW E . -18.02 20.27 -47.72
C18 PCW E . -17.26 19.87 -48.99
C19 PCW E . -17.61 20.68 -50.06
C20 PCW E . -17.05 20.45 -51.31
C21 PCW E . -16.15 19.42 -51.49
C22 PCW E . -14.80 19.75 -50.85
C23 PCW E . -13.78 18.63 -51.09
C24 PCW E . -12.44 18.96 -50.46
C25 PCW E . -12.55 19.05 -48.94
C26 PCW E . -12.99 17.72 -48.34
C27 PCW E . -13.06 17.79 -46.81
C28 PCW E . -13.46 16.44 -46.23
C31 PCW E . -19.00 15.62 -38.27
C32 PCW E . -17.72 14.76 -38.33
C33 PCW E . -17.04 14.95 -39.68
C34 PCW E . -15.72 14.19 -39.79
C35 PCW E . -15.08 14.44 -41.15
C36 PCW E . -13.74 13.71 -41.30
C37 PCW E . -13.14 13.98 -42.69
C38 PCW E . -11.78 13.30 -42.85
C39 PCW E . -11.25 13.56 -44.11
C40 PCW E . -9.92 13.94 -44.25
C41 PCW E . -9.10 14.09 -43.13
C42 PCW E . -7.79 14.78 -43.50
C43 PCW E . -8.03 16.18 -44.06
C44 PCW E . -6.73 16.82 -44.53
C45 PCW E . -6.08 16.00 -45.64
C46 PCW E . -4.76 16.64 -46.08
C47 PCW E . -4.09 15.80 -47.19
C48 PCW E . -2.77 16.44 -47.63
N PCW E . -24.17 12.79 -31.92
O2 PCW E . -19.24 16.41 -37.19
O3 PCW E . -19.43 17.82 -39.54
O11 PCW E . -19.14 19.99 -40.02
O31 PCW E . -19.81 15.57 -39.19
O1P PCW E . -23.87 16.39 -35.57
O2P PCW E . -22.26 15.23 -37.15
O3P PCW E . -21.42 16.67 -35.27
O4P PCW E . -22.47 14.45 -34.77
P PCW E . -22.59 15.69 -35.78
C1 PCW F . -11.10 28.21 11.34
C2 PCW F . -9.61 27.86 11.34
C3 PCW F . -9.11 27.87 12.77
C4 PCW F . -10.57 24.55 13.63
C5 PCW F . -9.16 23.98 13.88
C6 PCW F . -9.90 24.03 16.24
C7 PCW F . -9.04 21.88 15.26
C8 PCW F . -7.83 22.75 15.62
C11 PCW F . -7.27 27.53 14.08
C12 PCW F . -5.80 27.21 14.38
C13 PCW F . -5.16 28.32 15.21
C14 PCW F . -3.69 28.01 15.49
C15 PCW F . -3.05 29.13 16.32
C16 PCW F . -3.13 30.48 15.59
C17 PCW F . -2.50 31.59 16.42
C18 PCW F . -1.01 31.31 16.67
C19 PCW F . -0.42 32.31 17.44
C20 PCW F . 0.76 32.89 17.03
C21 PCW F . 1.38 32.47 15.85
C22 PCW F . 2.29 33.57 15.30
C23 PCW F . 1.50 34.85 15.00
C24 PCW F . 2.43 35.94 14.46
C25 PCW F . 1.64 37.22 14.17
C26 PCW F . 0.57 36.97 13.11
C27 PCW F . -0.22 38.25 12.81
C28 PCW F . -1.28 38.01 11.72
C31 PCW F . -9.61 26.55 9.45
C32 PCW F . -9.46 25.25 8.66
C33 PCW F . -7.98 24.91 8.43
C34 PCW F . -7.30 25.90 7.47
C35 PCW F . -7.29 27.32 8.04
C36 PCW F . -6.60 28.28 7.06
C37 PCW F . -6.61 29.72 7.58
C38 PCW F . -5.95 30.66 6.57
C39 PCW F . -5.95 31.97 7.03
C40 PCW F . -4.98 32.86 6.56
C41 PCW F . -4.03 32.43 5.65
C42 PCW F . -4.16 33.19 4.33
C43 PCW F . -3.91 34.69 4.51
C44 PCW F . -3.99 35.43 3.18
C45 PCW F . -3.70 36.92 3.34
C46 PCW F . -4.73 37.58 4.28
C47 PCW F . -4.45 39.08 4.42
C48 PCW F . -5.46 39.73 5.37
N PCW F . -9.11 23.36 15.21
O2 PCW F . -9.41 26.54 10.80
O3 PCW F . -7.71 27.55 12.80
O11 PCW F . -8.05 27.77 15.01
O31 PCW F . -9.90 27.61 8.89
O1P PCW F . -13.13 25.23 12.56
O2P PCW F . -12.03 25.66 10.31
O3P PCW F . -11.84 27.32 12.17
O4P PCW F . -10.62 25.13 12.32
P PCW F . -11.99 25.77 11.78
C1 PCW G . -26.48 32.18 -23.91
C2 PCW G . -25.25 32.65 -24.70
C3 PCW G . -23.97 32.42 -23.90
C4 PCW G . -23.25 29.59 -24.31
C5 PCW G . -22.49 29.27 -23.02
C6 PCW G . -23.72 27.12 -23.10
C7 PCW G . -21.21 27.11 -23.05
C8 PCW G . -21.71 27.34 -21.62
C11 PCW G . -21.70 32.70 -23.93
C12 PCW G . -20.34 33.04 -24.56
C13 PCW G . -19.90 34.46 -24.20
C14 PCW G . -18.57 34.79 -24.87
C15 PCW G . -18.11 36.21 -24.52
C16 PCW G . -17.89 36.37 -23.02
C17 PCW G . -17.40 37.78 -22.69
C18 PCW G . -17.11 37.94 -21.20
C19 PCW G . -18.25 37.74 -20.43
C20 PCW G . -18.20 36.97 -19.28
C21 PCW G . -16.99 36.39 -18.90
C22 PCW G . -16.34 37.18 -17.76
C23 PCW G . -15.05 36.50 -17.29
C24 PCW G . -14.41 37.27 -16.14
C25 PCW G . -14.06 38.70 -16.56
C26 PCW G . -13.40 39.47 -15.40
C27 PCW G . -13.03 40.89 -15.84
C28 PCW G . -12.35 41.64 -14.69
C31 PCW G . -24.56 32.75 -26.89
C32 PCW G . -24.38 32.23 -28.30
C33 PCW G . -23.43 33.12 -29.11
C34 PCW G . -22.04 33.15 -28.49
C35 PCW G . -21.11 34.05 -29.31
C36 PCW G . -19.70 34.08 -28.69
C37 PCW G . -18.77 34.96 -29.52
C38 PCW G . -17.36 35.00 -28.91
C39 PCW G . -16.52 35.81 -29.67
C40 PCW G . -15.14 35.68 -29.53
C41 PCW G . -14.60 34.76 -28.65
C42 PCW G . -13.38 35.32 -27.93
C43 PCW G . -13.73 36.57 -27.13
C44 PCW G . -12.52 37.09 -26.36
C45 PCW G . -11.36 37.40 -27.31
C46 PCW G . -11.75 38.48 -28.32
C47 PCW G . -10.57 38.79 -29.24
C48 PCW G . -10.94 39.88 -30.27
N PCW G . -22.47 27.82 -22.78
O2 PCW G . -25.20 31.99 -25.97
O3 PCW G . -22.83 32.82 -24.68
O11 PCW G . -21.77 32.35 -22.75
O31 PCW G . -24.15 33.87 -26.56
O1P PCW G . -24.73 30.76 -22.21
O2P PCW G . -26.31 28.77 -22.36
O3P PCW G . -26.58 30.76 -23.88
O4P PCW G . -24.61 29.20 -24.18
P PCW G . -25.54 29.85 -23.04
C1 PCW H . 4.68 -18.18 -0.40
C2 PCW H . 6.15 -18.18 -0.83
C3 PCW H . 6.21 -18.11 -2.36
C4 PCW H . 1.98 -14.51 -0.04
C5 PCW H . 0.94 -13.67 -0.78
C6 PCW H . -0.22 -12.39 0.99
C7 PCW H . -1.56 -13.84 -0.56
C8 PCW H . -0.94 -14.74 0.50
C11 PCW H . 8.25 -19.17 -2.47
C12 PCW H . 9.74 -19.28 -2.80
C13 PCW H . 9.95 -19.60 -4.28
C14 PCW H . 11.44 -19.59 -4.63
C15 PCW H . 12.04 -18.21 -4.36
C16 PCW H . 13.53 -18.16 -4.71
C17 PCW H . 14.10 -16.78 -4.46
C18 PCW H . 15.59 -16.71 -4.80
C19 PCW H . 16.09 -15.44 -4.59
C20 PCW H . 17.41 -15.26 -4.20
C21 PCW H . 18.25 -16.36 -4.03
C22 PCW H . 19.14 -16.56 -5.25
C23 PCW H . 20.05 -17.78 -5.06
C24 PCW H . 20.91 -18.01 -6.31
C25 PCW H . 21.81 -19.24 -6.12
C26 PCW H . 22.65 -19.51 -7.37
C27 PCW H . 21.75 -19.75 -8.58
C28 PCW H . 22.58 -20.03 -9.84
C31 PCW H . 6.89 -17.12 1.07
C32 PCW H . 7.58 -16.01 1.86
C33 PCW H . 9.09 -16.02 1.63
C34 PCW H . 9.78 -14.91 2.41
C35 PCW H . 11.29 -14.93 2.18
C36 PCW H . 11.99 -13.83 2.98
C37 PCW H . 13.50 -13.88 2.75
C38 PCW H . 14.10 -15.22 3.20
C39 PCW H . 15.46 -15.26 2.97
C40 PCW H . 16.36 -14.81 3.93
C41 PCW H . 15.89 -14.30 5.14
C42 PCW H . 16.62 -13.01 5.52
C43 PCW H . 18.12 -13.25 5.63
C44 PCW H . 18.86 -11.96 6.03
C45 PCW H . 18.37 -11.47 7.40
C46 PCW H . 19.10 -10.19 7.81
C47 PCW H . 18.63 -9.70 9.18
C48 PCW H . 19.39 -8.44 9.60
N PCW H . -0.26 -13.52 0.05
O2 PCW H . 6.81 -17.03 -0.29
O3 PCW H . 7.59 -18.02 -2.76
O11 PCW H . 7.66 -20.12 -1.94
O31 PCW H . 6.42 -18.10 1.64
O1P PCW H . 4.36 -15.61 1.15
O2P PCW H . 5.62 -15.11 -1.00
O3P PCW H . 3.99 -17.02 -0.87
O4P PCW H . 3.15 -14.66 -0.84
P PCW H . 4.38 -15.56 -0.33
C1 PCW I . -4.85 21.10 17.63
C2 PCW I . -4.54 21.28 16.14
C3 PCW I . -4.41 22.77 15.82
C4 PCW I . -5.22 17.57 15.39
C5 PCW I . -5.09 17.57 13.87
C6 PCW I . -3.22 16.00 14.28
C7 PCW I . -5.14 15.28 12.84
C8 PCW I . -4.21 16.15 11.99
C11 PCW I . -3.72 24.21 14.18
C12 PCW I . -3.32 24.63 12.76
C13 PCW I . -3.05 26.13 12.67
C14 PCW I . -2.63 26.51 11.25
C15 PCW I . -2.37 28.02 11.12
C16 PCW I . -1.27 28.47 12.08
C17 PCW I . -0.97 29.96 11.91
C18 PCW I . 0.11 30.42 12.89
C19 PCW I . 0.42 31.76 12.70
C20 PCW I . -0.54 32.74 12.84
C21 PCW I . -1.84 32.40 13.19
C22 PCW I . -2.82 32.77 12.06
C23 PCW I . -4.26 32.41 12.45
C24 PCW I . -5.22 32.77 11.30
C25 PCW I . -6.66 32.39 11.67
C26 PCW I . -7.63 32.74 10.53
C27 PCW I . -9.06 32.35 10.89
C28 PCW I . -10.03 32.72 9.77
C31 PCW I . -3.19 20.43 14.49
C32 PCW I . -1.92 19.82 13.90
C33 PCW I . -1.13 20.87 13.12
C34 PCW I . -0.75 22.06 14.02
C35 PCW I . -0.07 23.17 13.22
C36 PCW I . 0.31 24.34 14.13
C37 PCW I . 0.91 25.49 13.33
C38 PCW I . 1.32 26.64 14.26
C39 PCW I . 1.79 27.73 13.55
C40 PCW I . 3.05 27.70 12.95
C41 PCW I . 3.86 26.58 13.04
C42 PCW I . 5.33 26.97 13.03
C43 PCW I . 6.23 25.73 13.08
C44 PCW I . 7.72 26.13 13.07
C45 PCW I . 8.61 24.89 13.08
C46 PCW I . 8.36 24.03 11.84
C47 PCW I . 8.62 24.81 10.55
C48 PCW I . 8.37 23.94 9.32
N PCW I . -4.36 16.37 13.43
O2 PCW I . -3.30 20.63 15.83
O3 PCW I . -4.07 22.93 14.43
O11 PCW I . -3.71 25.03 15.10
O31 PCW I . -4.15 20.71 13.75
O1P PCW I . -6.36 17.60 18.05
O2P PCW I . -7.50 19.81 17.49
O3P PCW I . -5.03 19.72 17.95
O4P PCW I . -5.96 18.72 15.82
P PCW I . -6.31 18.93 17.38
C1 PCW J . 4.34 -8.68 8.57
C2 PCW J . 5.31 -7.53 8.81
C3 PCW J . 4.75 -6.21 8.30
C4 PCW J . 1.17 -5.19 9.72
C5 PCW J . -0.24 -5.75 9.91
C6 PCW J . 0.83 -7.10 11.69
C7 PCW J . -1.18 -5.69 12.23
C8 PCW J . -1.67 -6.98 11.57
C11 PCW J . 5.34 -3.99 8.01
C12 PCW J . 6.27 -2.79 8.10
C13 PCW J . 7.74 -3.22 8.09
C14 PCW J . 8.68 -2.02 8.15
C15 PCW J . 8.50 -1.10 6.95
C16 PCW J . 9.50 0.05 6.97
C17 PCW J . 10.93 -0.49 6.95
C18 PCW J . 11.95 0.65 6.97
C19 PCW J . 13.25 0.15 6.96
C20 PCW J . 14.33 1.01 6.73
C21 PCW J . 14.12 2.36 6.52
C22 PCW J . 14.21 2.71 5.04
C23 PCW J . 13.09 2.02 4.24
C24 PCW J . 13.21 2.33 2.74
C25 PCW J . 14.53 1.81 2.16
C26 PCW J . 14.62 2.09 0.67
C27 PCW J . 15.92 1.54 0.07
C28 PCW J . 16.00 0.02 0.24
C31 PCW J . 6.32 -8.51 10.61
C32 PCW J . 6.78 -8.61 12.07
C33 PCW J . 7.21 -7.25 12.61
C34 PCW J . 7.69 -7.35 14.06
C35 PCW J . 8.12 -5.97 14.58
C36 PCW J . 8.62 -6.06 16.03
C37 PCW J . 9.05 -4.68 16.53
C38 PCW J . 9.55 -4.73 17.97
C39 PCW J . 9.93 -3.47 18.41
C40 PCW J . 11.24 -3.19 18.75
C41 PCW J . 12.21 -4.19 18.63
C42 PCW J . 13.56 -3.71 19.20
C43 PCW J . 14.07 -2.49 18.41
C44 PCW J . 15.40 -1.99 19.00
C45 PCW J . 15.93 -0.81 18.19
C46 PCW J . 16.18 -1.19 16.74
C47 PCW J . 16.72 0.00 15.94
C48 PCW J . 16.94 -0.37 14.47
N PCW J . -0.37 -6.40 11.23
O2 PCW J . 5.60 -7.42 10.22
O3 PCW J . 5.77 -5.20 8.48
O11 PCW J . 4.22 -3.90 7.53
O31 PCW J . 6.61 -9.38 9.80
O1P PCW J . 2.42 -7.05 7.35
O2P PCW J . 0.65 -8.07 8.85
O3P PCW J . 3.09 -8.52 9.24
O4P PCW J . 2.14 -6.24 9.73
P PCW J . 2.00 -7.48 8.70
C1 PCW K . -22.89 26.54 -29.17
C2 PCW K . -21.72 27.13 -29.98
C3 PCW K . -21.74 26.60 -31.41
C4 PCW K . -26.62 27.91 -27.91
C5 PCW K . -28.13 28.16 -27.86
C6 PCW K . -29.70 29.85 -26.96
C7 PCW K . -27.25 30.39 -27.09
C8 PCW K . -27.85 30.58 -28.48
C11 PCW K . -20.56 26.45 -33.35
C12 PCW K . -19.37 26.70 -34.29
C13 PCW K . -18.92 28.16 -34.23
C14 PCW K . -17.66 28.39 -35.05
C15 PCW K . -16.49 27.58 -34.51
C16 PCW K . -15.19 27.86 -35.27
C17 PCW K . -15.13 27.21 -36.66
C18 PCW K . -16.28 27.63 -37.57
C19 PCW K . -17.46 26.97 -37.25
C20 PCW K . -18.61 27.20 -37.98
C21 PCW K . -18.61 28.08 -39.05
C22 PCW K . -18.18 27.38 -40.34
C23 PCW K . -18.25 28.33 -41.54
C24 PCW K . -17.35 29.55 -41.35
C25 PCW K . -17.50 30.52 -42.53
C26 PCW K . -16.61 31.75 -42.37
C27 PCW K . -15.13 31.35 -42.38
C28 PCW K . -14.75 30.67 -43.70
C31 PCW K . -20.60 29.14 -30.26
C32 PCW K . -20.51 30.66 -30.32
C33 PCW K . -19.08 31.14 -30.56
C34 PCW K . -18.54 30.67 -31.91
C35 PCW K . -17.14 31.24 -32.14
C36 PCW K . -17.18 32.77 -32.16
C37 PCW K . -15.76 33.36 -32.22
C38 PCW K . -15.02 32.98 -33.50
C39 PCW K . -13.72 33.49 -33.45
C40 PCW K . -13.00 33.76 -34.60
C41 PCW K . -13.54 33.53 -35.87
C42 PCW K . -13.08 34.62 -36.83
C43 PCW K . -13.49 34.30 -38.27
C44 PCW K . -13.02 35.39 -39.23
C45 PCW K . -13.30 35.02 -40.68
C46 PCW K . -12.54 33.76 -41.09
C47 PCW K . -12.78 33.42 -42.55
C48 PCW K . -12.01 32.17 -42.98
N PCW K . -28.39 29.58 -27.56
O2 PCW K . -21.81 28.56 -29.97
O3 PCW K . -20.55 26.98 -32.10
O11 PCW K . -21.52 25.78 -33.72
O31 PCW K . -19.61 28.43 -30.43
O1P PCW K . -23.80 28.95 -27.92
O2P PCW K . -24.13 29.50 -30.38
O3P PCW K . -24.13 27.12 -29.58
O4P PCW K . -26.05 28.64 -29.01
P PCW K . -24.45 28.65 -29.22
C1 PCW L . -1.92 14.84 17.80
C2 PCW L . -0.50 14.29 17.87
C3 PCW L . -0.32 13.45 19.12
C4 PCW L . -4.59 15.94 19.48
C5 PCW L . -5.00 16.10 20.94
C6 PCW L . -4.56 17.62 22.83
C7 PCW L . -3.99 18.35 20.49
C8 PCW L . -5.50 18.54 20.70
C11 PCW L . 1.22 12.25 20.33
C12 PCW L . 2.59 11.59 20.58
C13 PCW L . 3.26 12.18 21.82
C14 PCW L . 4.67 11.62 21.99
C15 PCW L . 5.53 11.97 20.77
C16 PCW L . 6.95 11.41 20.93
C17 PCW L . 7.80 11.76 19.70
C18 PCW L . 9.23 11.22 19.83
C19 PCW L . 9.98 11.54 18.71
C20 PCW L . 11.37 11.55 18.77
C21 PCW L . 12.03 11.24 19.95
C22 PCW L . 13.14 12.25 20.23
C23 PCW L . 13.91 11.88 21.50
C24 PCW L . 14.55 10.50 21.37
C25 PCW L . 15.34 10.14 22.63
C26 PCW L . 15.99 8.76 22.48
C27 PCW L . 16.79 8.39 23.73
C28 PCW L . 17.47 7.03 23.57
C31 PCW L . 1.09 13.38 16.47
C32 PCW L . 1.57 12.55 15.28
C33 PCW L . 2.93 13.03 14.77
C34 PCW L . 3.36 12.23 13.54
C35 PCW L . 2.35 12.38 12.40
C36 PCW L . 2.79 11.59 11.18
C37 PCW L . 1.78 11.76 10.03
C38 PCW L . 2.21 10.95 8.80
C39 PCW L . 1.29 11.10 7.77
C40 PCW L . 1.70 10.92 6.45
C41 PCW L . 3.02 10.58 6.18
C42 PCW L . 3.66 11.60 5.23
C43 PCW L . 5.11 11.20 4.92
C44 PCW L . 5.77 12.21 3.98
C45 PCW L . 7.21 11.83 3.67
C46 PCW L . 7.87 12.83 2.74
C47 PCW L . 7.90 14.23 3.38
C48 PCW L . 8.54 15.25 2.43
N PCW L . -4.76 17.47 21.38
O2 PCW L . -0.26 13.49 16.70
O3 PCW L . 1.01 12.92 19.17
O11 PCW L . 0.33 12.18 21.17
O31 PCW L . 1.89 13.96 17.20
O1P PCW L . -4.53 15.32 16.64
O2P PCW L . -5.19 12.92 17.18
O3P PCW L . -2.89 13.78 17.71
O4P PCW L . -4.86 14.60 19.04
P PCW L . -4.44 14.16 17.54
C1 17F M . -19.68 -0.67 -34.86
N1 17F M . -19.78 -0.08 -32.48
O1 17F M . -15.96 -1.11 -34.20
P1 17F M . -17.05 -0.53 -35.02
C2 17F M . -19.78 0.47 -33.85
O2 17F M . -17.32 0.92 -34.91
C3 17F M . -21.07 1.27 -34.10
O3 17F M . -18.42 -1.33 -34.74
C4 17F M . -17.50 -0.28 -37.61
O4 17F M . -22.08 0.94 -33.44
C5 17F M . -17.01 -0.73 -38.99
O5 17F M . -21.01 2.18 -34.95
C6 17F M . -17.89 -0.10 -40.05
O6 17F M . -16.74 -0.88 -36.56
C7 17F M . -16.38 0.10 -41.76
O7 17F M . -17.50 -0.54 -41.36
C8 17F M . -15.78 -0.21 -43.13
O8 17F M . -15.85 0.95 -41.04
C9 17F M . -14.88 -1.45 -43.07
O9 17F M . -15.65 -0.32 -39.19
C10 17F M . -14.23 -1.72 -44.44
O10 17F M . -15.25 -2.06 -37.82
C11 17F M . -13.37 -0.54 -44.86
C12 17F M . -12.69 -0.81 -46.22
C17 17F M . -14.81 -1.13 -38.48
C18 17F M . -13.30 -0.86 -38.53
C19 17F M . -12.97 0.53 -37.98
C20 17F M . -13.74 1.61 -38.74
C1X 17F M . -11.83 0.38 -46.64
C1Y 17F M . -13.40 3.01 -38.21
C1Z 17F M . -11.95 3.37 -38.47
C2X 17F M . -11.13 0.09 -47.98
C21 17F M . -10.31 -1.02 -47.87
C22 17F M . -9.03 -1.01 -48.42
C23 17F M . -8.57 0.14 -49.06
C24 17F M . -7.20 0.56 -48.53
C25 17F M . -6.70 1.82 -49.24
C26 17F M . -5.34 2.24 -48.70
C27 17F M . -4.85 3.52 -49.40
C28 17F M . -3.50 3.97 -48.85
C29 17F M . -3.02 5.24 -49.55
C30 17F M . -1.67 5.69 -48.98
C31 17F M . -11.63 4.79 -37.98
C32 17F M . -10.20 5.19 -38.30
C33 17F M . -9.28 4.35 -37.68
C34 17F M . -8.16 3.91 -38.37
C35 17F M . -7.96 4.28 -39.69
C36 17F M . -7.49 5.74 -39.78
C37 17F M . -6.16 5.95 -39.07
C38 17F M . -5.71 7.41 -39.19
C39 17F M . -4.36 7.63 -38.50
C40 17F M . -3.90 9.08 -38.64
C41 17F M . -2.54 9.30 -37.98
C42 17F M . -2.06 10.74 -38.14
HN1 17F M . -20.58 -0.67 -32.57
HN1A 17F M . -20.13 0.48 -31.73
HAC 17F M . -19.11 -0.81 -32.33
C1 PCW N . 22.14 2.61 -32.29
C2 PCW N . 21.63 1.17 -32.37
C3 PCW N . 21.88 0.49 -31.03
C4 PCW N . 21.72 3.38 -36.98
C5 PCW N . 23.04 3.55 -37.74
C6 PCW N . 23.01 5.94 -38.37
C7 PCW N . 23.35 4.19 -40.15
C8 PCW N . 21.85 4.27 -39.84
C11 PCW N . 21.52 -1.39 -29.80
C12 PCW N . 21.14 -2.85 -29.56
C13 PCW N . 20.48 -3.01 -28.18
C14 PCW N . 20.16 -4.47 -27.88
C15 PCW N . 19.49 -4.60 -26.51
C16 PCW N . 19.20 -6.07 -26.16
C17 PCW N . 18.49 -6.16 -24.81
C18 PCW N . 18.21 -7.61 -24.43
C19 PCW N . 17.50 -7.66 -23.23
C20 PCW N . 17.89 -8.53 -22.21
C21 PCW N . 18.97 -9.38 -22.39
C22 PCW N . 18.53 -10.83 -22.46
C23 PCW N . 17.61 -11.08 -23.67
C24 PCW N . 17.12 -12.52 -23.70
C25 PCW N . 16.30 -12.86 -22.45
C26 PCW N . 15.75 -14.28 -22.50
C27 PCW N . 14.92 -14.60 -21.26
C28 PCW N . 14.37 -16.02 -21.33
C31 PCW N . 19.85 -0.07 -33.08
C32 PCW N . 18.38 -0.35 -33.39
C33 PCW N . 18.22 -1.62 -34.24
C34 PCW N . 16.75 -2.02 -34.34
C35 PCW N . 16.17 -2.27 -32.95
C36 PCW N . 16.97 -3.35 -32.21
C37 PCW N . 16.47 -3.54 -30.77
C38 PCW N . 17.32 -4.59 -30.06
C39 PCW N . 16.94 -4.70 -28.72
C40 PCW N . 15.72 -5.26 -28.38
C41 PCW N . 14.85 -5.70 -29.36
C42 PCW N . 13.77 -6.61 -28.77
C43 PCW N . 12.81 -7.09 -29.87
C44 PCW N . 11.73 -8.00 -29.29
C45 PCW N . 10.75 -8.48 -30.37
C46 PCW N . 10.07 -7.28 -31.06
C47 PCW N . 9.32 -6.42 -30.04
C48 PCW N . 8.64 -5.24 -30.73
N PCW N . 22.86 4.55 -38.81
O2 PCW N . 20.23 1.16 -32.67
O3 PCW N . 21.45 -0.88 -31.06
O11 PCW N . 21.90 -0.67 -28.88
O31 PCW N . 20.69 -0.96 -33.21
O1P PCW N . 23.86 3.83 -35.21
O2P PCW N . 23.62 1.44 -34.37
O3P PCW N . 22.08 3.25 -33.56
O4P PCW N . 21.90 2.42 -35.94
P PCW N . 22.98 2.72 -34.78
C1 PCW O . 32.35 -7.86 -16.99
C2 PCW O . 30.88 -8.08 -16.58
C3 PCW O . 30.64 -9.56 -16.31
C4 PCW O . 32.22 -5.62 -20.21
C5 PCW O . 31.79 -6.23 -21.55
C6 PCW O . 31.03 -4.28 -22.87
C7 PCW O . 29.51 -6.27 -22.59
C8 PCW O . 29.42 -5.43 -21.31
C11 PCW O . 28.97 -11.02 -15.74
C12 PCW O . 27.53 -11.43 -15.44
C13 PCW O . 26.62 -11.14 -16.63
C14 PCW O . 25.17 -11.51 -16.34
C15 PCW O . 25.04 -12.99 -15.98
C16 PCW O . 23.57 -13.39 -15.80
C17 PCW O . 23.44 -14.87 -15.45
C18 PCW O . 24.10 -15.17 -14.11
C19 PCW O . 24.10 -16.54 -13.85
C20 PCW O . 23.20 -17.10 -12.96
C21 PCW O . 22.25 -16.31 -12.31
C22 PCW O . 21.48 -17.16 -11.29
C23 PCW O . 20.40 -16.34 -10.56
C24 PCW O . 19.64 -17.22 -9.57
C25 PCW O . 18.52 -16.42 -8.88
C26 PCW O . 17.79 -17.29 -7.86
C27 PCW O . 17.18 -18.53 -8.53
C28 PCW O . 16.44 -19.39 -7.51
C31 PCW O . 30.34 -6.04 -15.70
C32 PCW O . 30.00 -5.05 -14.59
C33 PCW O . 30.07 -5.72 -13.21
C34 PCW O . 31.49 -6.18 -12.88
C35 PCW O . 31.55 -6.78 -11.47
C36 PCW O . 31.07 -5.76 -10.43
C37 PCW O . 31.19 -6.30 -9.00
C38 PCW O . 30.67 -5.28 -7.99
C39 PCW O . 30.92 -5.69 -6.68
C40 PCW O . 29.96 -6.39 -5.96
C41 PCW O . 28.73 -6.71 -6.53
C42 PCW O . 28.26 -8.08 -6.03
C43 PCW O . 26.91 -8.45 -6.63
C44 PCW O . 26.46 -9.83 -6.13
C45 PCW O . 25.11 -10.23 -6.74
C46 PCW O . 24.70 -11.62 -6.23
C47 PCW O . 25.79 -12.65 -6.53
C48 PCW O . 25.34 -14.06 -6.08
N PCW O . 30.65 -5.49 -22.11
O2 PCW O . 30.58 -7.35 -15.39
O3 PCW O . 29.25 -9.72 -16.04
O11 PCW O . 29.88 -11.84 -15.72
O31 PCW O . 30.37 -5.68 -16.88
O1P PCW O . 34.00 -4.58 -18.03
O2P PCW O . 34.98 -6.93 -17.87
O3P PCW O . 32.59 -6.48 -17.26
O4P PCW O . 33.29 -6.38 -19.65
P PCW O . 33.83 -6.04 -18.17
C1 PCW P . 5.82 33.44 -43.02
C2 PCW P . 4.49 33.03 -42.38
C3 PCW P . 3.50 32.58 -43.44
C4 PCW P . 7.88 37.40 -40.80
C5 PCW P . 9.21 37.64 -40.10
C6 PCW P . 11.00 39.35 -40.14
C7 PCW P . 8.71 39.94 -40.96
C8 PCW P . 8.69 39.99 -39.42
C11 PCW P . 1.30 32.29 -43.89
C12 PCW P . -0.19 32.13 -43.56
C13 PCW P . -0.49 32.56 -42.12
C14 PCW P . -1.98 32.59 -41.84
C15 PCW P . -2.26 33.01 -40.40
C16 PCW P . -3.75 33.18 -40.13
C17 PCW P . -4.52 31.89 -40.43
C18 PCW P . -6.01 32.04 -40.11
C19 PCW P . -6.56 33.07 -40.86
C20 PCW P . -7.91 33.02 -41.21
C21 PCW P . -8.69 31.93 -40.84
C22 PCW P . -9.68 32.32 -39.74
C23 PCW P . -10.56 31.14 -39.34
C24 PCW P . -11.55 31.54 -38.25
C25 PCW P . -12.43 30.36 -37.83
C26 PCW P . -13.24 29.84 -39.01
C27 PCW P . -14.19 30.91 -39.56
C28 PCW P . -15.18 31.37 -38.48
C31 PCW P . 3.68 31.91 -40.52
C32 PCW P . 3.74 30.86 -39.42
C33 PCW P . 2.64 29.81 -39.59
C34 PCW P . 2.75 28.71 -38.54
C35 PCW P . 2.67 29.29 -37.12
C36 PCW P . 2.75 28.18 -36.08
C37 PCW P . 2.69 28.76 -34.66
C38 PCW P . 2.73 27.65 -33.60
C39 PCW P . 2.73 28.17 -32.32
C40 PCW P . 1.57 28.15 -31.56
C41 PCW P . 0.39 27.60 -32.08
C42 PCW P . -0.82 28.43 -31.66
C43 PCW P . -0.92 28.53 -30.14
C44 PCW P . -2.15 29.33 -29.71
C45 PCW P . -2.21 29.48 -28.19
C46 PCW P . -2.26 28.12 -27.50
C47 PCW P . -2.28 28.27 -25.99
C48 PCW P . -2.34 26.90 -25.30
N PCW P . 9.56 39.06 -40.14
O2 PCW P . 4.71 32.00 -41.39
O3 PCW P . 2.19 32.40 -42.88
O11 PCW P . 1.69 32.34 -45.06
O31 PCW P . 2.71 32.67 -40.62
O1P PCW P . 5.83 36.38 -42.52
O2P PCW P . 5.15 35.21 -40.38
O3P PCW P . 6.66 34.08 -42.05
O4P PCW P . 7.53 36.02 -40.70
P PCW P . 6.18 35.47 -41.41
C1 PCW Q . 27.38 -6.02 -27.09
C2 PCW Q . 26.77 -7.36 -26.71
C3 PCW Q . 27.53 -8.03 -25.58
C4 PCW Q . 31.55 -4.91 -28.57
C5 PCW Q . 32.49 -4.49 -27.44
C6 PCW Q . 34.33 -2.86 -27.14
C7 PCW Q . 32.68 -2.53 -29.01
C8 PCW Q . 32.03 -2.03 -27.71
C11 PCW Q . 27.25 -9.72 -24.01
C12 PCW Q . 26.50 -10.91 -23.42
C13 PCW Q . 25.58 -11.54 -24.47
C14 PCW Q . 24.63 -12.58 -23.88
C15 PCW Q . 23.79 -13.19 -25.01
C16 PCW Q . 22.68 -14.11 -24.49
C17 PCW Q . 23.23 -15.23 -23.60
C18 PCW Q . 22.15 -16.29 -23.37
C19 PCW Q . 21.79 -16.86 -24.58
C20 PCW Q . 20.59 -17.56 -24.74
C21 PCW Q . 19.70 -17.72 -23.70
C22 PCW Q . 19.15 -19.15 -23.71
C23 PCW Q . 18.02 -19.34 -22.69
C24 PCW Q . 16.84 -18.42 -23.00
C25 PCW Q . 15.64 -18.76 -22.11
C26 PCW Q . 15.17 -20.19 -22.37
C27 PCW Q . 13.97 -20.55 -21.50
C28 PCW Q . 13.48 -21.96 -21.80
C31 PCW Q . 24.71 -8.27 -26.37
C32 PCW Q . 23.26 -8.34 -25.89
C33 PCW Q . 22.36 -7.35 -26.65
C34 PCW Q . 22.67 -5.90 -26.26
C35 PCW Q . 22.41 -5.68 -24.77
C36 PCW Q . 22.62 -4.22 -24.39
C37 PCW Q . 22.41 -4.00 -22.89
C38 PCW Q . 21.00 -4.44 -22.47
C39 PCW Q . 20.83 -4.29 -21.09
C40 PCW Q . 19.56 -4.38 -20.52
C41 PCW Q . 18.45 -4.62 -21.32
C42 PCW Q . 17.20 -4.83 -20.47
C43 PCW Q . 15.98 -5.11 -21.33
C44 PCW Q . 14.72 -5.32 -20.47
C45 PCW Q . 14.43 -4.08 -19.63
C46 PCW Q . 13.19 -4.29 -18.76
C47 PCW Q . 12.91 -3.06 -17.90
C48 PCW Q . 11.65 -3.24 -17.05
N PCW Q . 33.00 -3.13 -27.70
O2 PCW Q . 25.43 -7.12 -26.23
O3 PCW Q . 26.78 -9.17 -25.17
O11 PCW Q . 28.24 -9.25 -23.47
O31 PCW Q . 25.22 -9.25 -26.92
O1P PCW Q . 30.19 -5.46 -26.06
O2P PCW Q . 30.04 -7.91 -26.73
O3P PCW Q . 28.59 -6.18 -27.83
O4P PCW Q . 31.04 -6.23 -28.31
P PCW Q . 29.99 -6.48 -27.12
C1 PCW R . 23.06 -5.15 -40.71
C2 PCW R . 21.61 -5.58 -40.79
C3 PCW R . 21.38 -6.29 -42.11
C4 PCW R . 23.41 -1.96 -41.68
C5 PCW R . 23.43 -1.94 -43.21
C6 PCW R . 21.11 -1.18 -42.83
C7 PCW R . 22.58 0.09 -44.42
C8 PCW R . 22.07 -1.15 -45.16
C11 PCW R . 19.62 -5.17 -43.01
C12 PCW R . 18.15 -4.90 -43.34
C13 PCW R . 17.72 -5.56 -44.66
C14 PCW R . 16.27 -5.20 -44.96
C15 PCW R . 16.10 -3.69 -45.10
C16 PCW R . 14.63 -3.30 -45.27
C17 PCW R . 13.82 -3.65 -44.03
C18 PCW R . 12.36 -3.19 -44.17
C19 PCW R . 12.30 -1.82 -44.40
C20 PCW R . 11.60 -1.00 -43.51
C21 PCW R . 10.97 -1.54 -42.40
C22 PCW R . 10.68 -0.46 -41.35
C23 PCW R . 9.95 -1.04 -40.15
C24 PCW R . 8.60 -1.65 -40.56
C25 PCW R . 7.83 -2.16 -39.34
C26 PCW R . 8.63 -3.22 -38.58
C27 PCW R . 7.87 -3.72 -37.36
C28 PCW R . 8.67 -4.78 -36.60
C31 PCW R . 21.17 -5.82 -38.53
C32 PCW R . 20.85 -6.62 -37.25
C33 PCW R . 19.36 -6.57 -36.89
C34 PCW R . 19.11 -7.35 -35.61
C35 PCW R . 17.65 -7.29 -35.17
C36 PCW R . 17.21 -5.83 -34.98
C37 PCW R . 15.88 -5.72 -34.24
C38 PCW R . 14.74 -6.46 -34.97
C39 PCW R . 13.54 -6.22 -34.31
C40 PCW R . 12.52 -7.17 -34.25
C41 PCW R . 12.66 -8.42 -34.83
C42 PCW R . 12.27 -9.51 -33.84
C43 PCW R . 12.09 -10.87 -34.51
C44 PCW R . 11.75 -11.95 -33.48
C45 PCW R . 11.37 -13.28 -34.15
C46 PCW R . 10.09 -13.11 -34.96
C47 PCW R . 9.66 -14.43 -35.62
C48 PCW R . 8.37 -14.26 -36.40
N PCW R . 22.29 -1.16 -43.70
O2 PCW R . 21.25 -6.46 -39.72
O3 PCW R . 19.97 -6.32 -42.38
O11 PCW R . 20.49 -4.36 -43.33
O31 PCW R . 21.34 -4.60 -38.47
O1P PCW R . 24.21 -2.08 -38.79
O2P PCW R . 25.79 -3.98 -39.41
O3P PCW R . 23.30 -4.26 -39.61
O4P PCW R . 24.50 -2.75 -41.20
P PCW R . 24.53 -3.23 -39.67
C1 PCW S . 19.74 18.72 -32.39
C2 PCW S . 18.54 17.77 -32.48
C3 PCW S . 18.17 17.30 -31.09
C4 PCW S . 18.34 18.75 -36.68
C5 PCW S . 19.13 18.26 -37.90
C6 PCW S . 19.93 16.08 -38.77
C7 PCW S . 17.97 16.14 -37.18
C8 PCW S . 17.46 16.50 -38.57
C11 PCW S . 17.88 15.08 -31.48
C12 PCW S . 17.11 13.76 -31.59
C13 PCW S . 15.89 13.75 -30.66
C14 PCW S . 15.16 12.41 -30.75
C15 PCW S . 13.89 12.41 -29.90
C16 PCW S . 14.21 12.60 -28.41
C17 PCW S . 12.92 12.65 -27.59
C18 PCW S . 13.22 12.83 -26.10
C19 PCW S . 12.03 12.95 -25.38
C20 PCW S . 11.79 12.15 -24.26
C21 PCW S . 12.74 11.22 -23.85
C22 PCW S . 12.87 11.18 -22.33
C23 PCW S . 11.57 10.78 -21.64
C24 PCW S . 10.46 11.80 -21.89
C25 PCW S . 9.17 11.41 -21.17
C26 PCW S . 8.06 12.45 -21.41
C27 PCW S . 7.74 12.57 -22.89
C28 PCW S . 6.63 13.60 -23.14
C31 PCW S . 16.50 17.65 -33.59
C32 PCW S . 15.30 18.25 -34.31
C33 PCW S . 13.97 17.84 -33.63
C34 PCW S . 13.69 16.35 -33.80
C35 PCW S . 12.32 16.00 -33.21
C36 PCW S . 11.96 14.54 -33.46
C37 PCW S . 10.56 14.23 -32.93
C38 PCW S . 10.14 12.79 -33.26
C39 PCW S . 8.87 12.52 -32.78
C40 PCW S . 8.02 11.67 -33.49
C41 PCW S . 8.44 11.09 -34.67
C42 PCW S . 7.25 10.78 -35.59
C43 PCW S . 6.25 9.84 -34.89
C44 PCW S . 5.05 9.56 -35.81
C45 PCW S . 4.05 8.62 -35.13
C46 PCW S . 4.70 7.27 -34.80
C47 PCW S . 5.21 6.58 -36.07
C48 PCW S . 5.84 5.22 -35.74
N PCW S . 18.83 16.84 -38.16
O2 PCW S . 17.45 18.48 -33.10
O3 PCW S . 17.23 16.22 -31.14
O11 PCW S . 19.09 15.11 -31.69
O31 PCW S . 16.63 16.43 -33.49
O1P PCW S . 21.01 19.21 -35.95
O2P PCW S . 20.90 17.10 -34.51
O3P PCW S . 20.02 19.31 -33.66
O4P PCW S . 18.81 18.08 -35.50
P PCW S . 20.28 18.38 -34.95
C1 PCW T . -21.98 40.83 -14.54
C2 PCW T . -21.15 41.87 -15.30
C3 PCW T . -21.10 41.44 -16.75
C4 PCW T . -21.19 39.76 -10.43
C5 PCW T . -20.30 38.63 -9.93
C6 PCW T . -20.12 39.09 -7.50
C7 PCW T . -18.03 38.77 -8.86
C8 PCW T . -18.53 40.20 -9.09
C11 PCW T . -20.37 41.99 -18.84
C12 PCW T . -19.70 42.87 -19.90
C13 PCW T . -19.01 41.99 -20.95
C14 PCW T . -18.42 42.85 -22.08
C15 PCW T . -17.40 43.86 -21.54
C16 PCW T . -16.85 44.72 -22.67
C17 PCW T . -17.98 45.49 -23.36
C18 PCW T . -17.45 46.38 -24.50
C19 PCW T . -18.50 47.05 -25.13
C20 PCW T . -18.25 48.24 -25.81
C21 PCW T . -16.96 48.76 -25.89
C22 PCW T . -16.69 49.36 -27.27
C23 PCW T . -15.30 49.97 -27.34
C24 PCW T . -15.04 50.55 -28.74
C25 PCW T . -16.06 51.63 -29.07
C26 PCW T . -15.84 52.18 -30.48
C27 PCW T . -14.45 52.81 -30.62
C28 PCW T . -14.29 53.99 -29.66
C31 PCW T . -21.52 43.72 -14.01
C32 PCW T . -22.08 45.10 -13.68
C33 PCW T . -22.10 45.34 -12.16
C34 PCW T . -20.69 45.25 -11.58
C35 PCW T . -19.77 46.32 -12.16
C36 PCW T . -18.36 46.21 -11.58
C37 PCW T . -17.44 47.30 -12.10
C38 PCW T . -17.33 47.24 -13.63
C39 PCW T . -16.46 48.23 -14.09
C40 PCW T . -16.75 48.94 -15.25
C41 PCW T . -17.93 48.69 -15.95
C42 PCW T . -17.63 47.88 -17.23
C43 PCW T . -18.92 47.60 -18.00
C44 PCW T . -18.64 46.77 -19.26
C45 PCW T . -18.07 45.38 -18.91
C46 PCW T . -16.73 45.48 -18.20
C47 PCW T . -16.17 44.09 -17.90
C48 PCW T . -14.81 44.19 -17.19
N PCW T . -19.46 39.11 -8.81
O2 PCW T . -21.78 43.16 -15.22
O3 PCW T . -20.41 42.42 -17.54
O11 PCW T . -20.89 40.92 -19.13
O31 PCW T . -20.80 43.12 -13.20
O1P PCW T . -23.66 41.13 -11.17
O2P PCW T . -23.97 39.47 -13.06
O3P PCW T . -22.17 41.21 -13.17
O4P PCW T . -21.96 39.30 -11.54
P PCW T . -23.05 40.27 -12.21
C1 PCW U . -15.82 39.61 -6.83
C2 PCW U . -14.84 40.35 -7.75
C3 PCW U . -15.37 41.73 -8.09
C4 PCW U . -16.66 35.46 -7.43
C5 PCW U . -16.24 34.31 -6.50
C6 PCW U . -18.43 34.75 -5.42
C7 PCW U . -17.91 32.45 -6.26
C8 PCW U . -17.21 32.62 -4.92
C11 PCW U . -14.77 43.71 -9.10
C12 PCW U . -13.89 44.60 -9.97
C13 PCW U . -13.12 45.60 -9.10
C14 PCW U . -12.17 46.45 -9.95
C15 PCW U . -12.93 47.22 -11.04
C16 PCW U . -13.97 48.15 -10.41
C17 PCW U . -14.71 48.94 -11.50
C18 PCW U . -15.74 49.89 -10.88
C19 PCW U . -15.16 50.80 -10.02
C20 PCW U . -14.21 51.71 -10.49
C21 PCW U . -13.84 51.71 -11.83
C22 PCW U . -12.46 51.06 -12.01
C23 PCW U . -12.04 51.05 -13.48
C24 PCW U . -11.95 52.47 -14.03
C25 PCW U . -11.52 52.46 -15.50
C26 PCW U . -11.44 53.88 -16.06
C27 PCW U . -11.00 53.87 -17.52
C28 PCW U . -10.90 55.29 -18.09
C31 PCW U . -13.67 41.27 -6.00
C32 PCW U . -12.41 41.55 -5.18
C33 PCW U . -11.83 42.93 -5.53
C34 PCW U . -10.57 43.23 -4.73
C35 PCW U . -10.02 44.61 -5.08
C36 PCW U . -9.67 44.72 -6.56
C37 PCW U . -9.17 46.12 -6.91
C38 PCW U . -8.81 46.21 -8.40
C39 PCW U . -8.40 47.51 -8.72
C40 PCW U . -7.16 47.72 -9.31
C41 PCW U . -6.32 46.66 -9.60
C42 PCW U . -5.59 46.88 -10.93
C43 PCW U . -4.63 45.73 -11.23
C44 PCW U . -3.93 45.93 -12.57
C45 PCW U . -2.95 44.79 -12.86
C46 PCW U . -2.27 45.00 -14.21
C47 PCW U . -1.48 46.32 -14.24
C48 PCW U . -0.79 46.51 -15.59
N PCW U . -17.42 33.76 -5.81
O2 PCW U . -13.57 40.48 -7.10
O3 PCW U . -14.43 42.40 -8.94
O11 PCW U . -15.76 44.15 -8.52
O31 PCW U . -14.75 41.74 -5.68
O1P PCW U . -15.27 36.32 -5.00
O2P PCW U . -17.03 38.12 -4.69
O3P PCW U . -15.34 38.29 -6.53
O4P PCW U . -17.15 36.56 -6.65
P PCW U . -16.20 37.31 -5.60
C1 PCW V . 21.36 18.18 -28.17
C2 PCW V . 20.76 16.88 -27.64
C3 PCW V . 19.26 17.04 -27.49
C4 PCW V . 23.21 15.55 -26.64
C5 PCW V . 23.86 15.01 -25.37
C6 PCW V . 22.68 12.88 -24.92
C7 PCW V . 22.70 14.68 -23.16
C8 PCW V . 21.64 15.05 -24.19
C11 PCW V . 17.31 16.03 -26.86
C12 PCW V . 16.41 14.86 -26.47
C13 PCW V . 17.09 13.96 -25.43
C14 PCW V . 16.16 12.81 -25.05
C15 PCW V . 16.80 11.88 -24.01
C16 PCW V . 15.86 10.73 -23.66
C17 PCW V . 16.49 9.80 -22.62
C18 PCW V . 15.52 8.66 -22.27
C19 PCW V . 16.09 7.79 -21.35
C20 PCW V . 17.14 6.95 -21.74
C21 PCW V . 17.61 7.01 -23.05
C22 PCW V . 18.47 5.79 -23.39
C23 PCW V . 17.65 4.51 -23.31
C24 PCW V . 18.49 3.30 -23.72
C25 PCW V . 17.66 2.02 -23.70
C26 PCW V . 18.51 0.81 -24.13
C27 PCW V . 17.69 -0.48 -24.13
C28 PCW V . 16.54 -0.40 -25.12
C31 PCW V . 20.86 14.59 -27.92
C32 PCW V . 21.08 13.31 -28.72
C33 PCW V . 19.80 12.48 -28.79
C34 PCW V . 20.01 11.21 -29.61
C35 PCW V . 18.76 10.34 -29.61
C36 PCW V . 18.97 9.09 -30.48
C37 PCW V . 17.71 8.20 -30.51
C38 PCW V . 16.51 8.95 -31.08
C39 PCW V . 15.39 8.14 -31.15
C40 PCW V . 14.67 7.83 -29.99
C41 PCW V . 15.04 8.35 -28.76
C42 PCW V . 14.88 7.29 -27.66
C43 PCW V . 15.27 7.86 -26.30
C44 PCW V . 15.13 6.81 -25.19
C45 PCW V . 13.68 6.30 -25.11
C46 PCW V . 13.53 5.27 -24.00
C47 PCW V . 13.86 5.87 -22.63
C48 PCW V . 13.72 4.82 -21.53
N PCW V . 22.84 14.30 -24.57
O2 PCW V . 21.07 15.80 -28.53
O3 PCW V . 18.64 15.82 -27.09
O11 PCW V . 16.85 17.16 -26.97
O31 PCW V . 20.55 14.56 -26.74
O1P PCW V . 22.93 16.30 -29.61
O2P PCW V . 24.93 17.81 -29.26
O3P PCW V . 22.78 18.24 -28.04
O4P PCW V . 24.19 16.26 -27.42
P PCW V . 23.74 17.13 -28.70
C1 PCW W . 18.38 27.24 -26.77
C2 PCW W . 16.90 26.86 -26.64
C3 PCW W . 16.52 25.86 -27.72
C4 PCW W . 18.61 22.77 -26.99
C5 PCW W . 17.33 21.98 -26.75
C6 PCW W . 16.59 19.70 -26.15
C7 PCW W . 19.04 20.25 -26.10
C8 PCW W . 18.42 20.78 -24.82
C11 PCW W . 14.90 24.61 -26.70
C12 PCW W . 13.45 24.18 -26.42
C13 PCW W . 12.88 23.36 -27.59
C14 PCW W . 11.38 23.18 -27.41
C15 PCW W . 11.05 22.50 -26.08
C16 PCW W . 9.54 22.49 -25.85
C17 PCW W . 8.81 21.76 -26.97
C18 PCW W . 7.30 21.85 -26.79
C19 PCW W . 6.87 23.17 -26.87
C20 PCW W . 6.64 23.90 -25.71
C21 PCW W . 6.81 23.30 -24.46
C22 PCW W . 6.07 24.06 -23.36
C23 PCW W . 4.56 24.08 -23.64
C24 PCW W . 3.82 24.84 -22.54
C25 PCW W . 2.32 24.87 -22.84
C26 PCW W . 1.56 25.63 -21.74
C27 PCW W . 0.06 25.65 -22.04
C28 PCW W . -0.71 26.39 -20.94
C31 PCW W . 15.35 26.58 -24.97
C32 PCW W . 14.84 26.11 -23.61
C33 PCW W . 15.10 24.62 -23.39
C34 PCW W . 14.68 24.18 -22.00
C35 PCW W . 13.17 24.35 -21.77
C36 PCW W . 12.79 23.95 -20.34
C37 PCW W . 11.29 24.06 -20.10
C38 PCW W . 10.95 23.66 -18.66
C39 PCW W . 9.59 23.72 -18.42
C40 PCW W . 8.93 24.94 -18.31
C41 PCW W . 9.65 26.11 -18.45
C42 PCW W . 9.49 26.69 -19.86
C43 PCW W . 10.27 27.99 -20.02
C44 PCW W . 10.12 28.56 -21.43
C45 PCW W . 10.92 29.85 -21.59
C46 PCW W . 10.77 30.41 -23.00
C47 PCW W . 11.23 29.39 -24.04
C48 PCW W . 11.09 29.96 -25.46
N PCW W . 17.64 20.71 -26.06
O2 PCW W . 16.64 26.33 -25.33
O3 PCW W . 15.12 25.55 -27.64
O11 PCW W . 15.84 24.10 -26.09
O31 PCW W . 14.62 27.17 -25.75
O1P PCW W . 19.09 25.88 -29.13
O2P PCW W . 20.76 24.49 -27.82
O3P PCW W . 19.23 26.10 -26.65
O4P PCW W . 18.29 24.00 -27.67
P PCW W . 19.42 25.11 -27.91
C1 PCW X . 17.50 12.05 -39.51
C2 PCW X . 16.35 11.90 -40.52
C3 PCW X . 15.82 10.48 -40.41
C4 PCW X . 21.05 11.63 -41.04
C5 PCW X . 21.37 11.94 -42.50
C6 PCW X . 20.85 9.80 -43.64
C7 PCW X . 23.11 10.87 -43.97
C8 PCW X . 23.12 10.16 -42.62
C11 PCW X . 14.42 8.94 -41.31
C12 PCW X . 13.43 8.34 -42.31
C13 PCW X . 14.01 8.38 -43.74
C14 PCW X . 13.14 7.55 -44.69
C15 PCW X . 13.70 7.59 -46.11
C16 PCW X . 12.93 6.61 -47.01
C17 PCW X . 11.43 6.89 -46.97
C18 PCW X . 10.66 5.87 -47.82
C19 PCW X . 10.93 4.58 -47.39
C20 PCW X . 9.93 3.61 -47.41
C21 PCW X . 8.65 3.93 -47.84
C22 PCW X . 7.67 2.79 -47.54
C23 PCW X . 6.26 3.13 -48.01
C24 PCW X . 5.29 1.99 -47.68
C25 PCW X . 3.88 2.32 -48.14
C26 PCW X . 3.33 3.58 -47.45
C27 PCW X . 1.92 3.90 -47.94
C28 PCW X . 1.38 5.16 -47.26
C31 PCW X . 15.72 14.11 -40.57
C32 PCW X . 14.79 15.30 -40.32
C33 PCW X . 14.59 15.55 -38.83
C34 PCW X . 13.70 14.48 -38.19
C35 PCW X . 12.25 14.64 -38.67
C36 PCW X . 11.72 16.02 -38.30
C37 PCW X . 10.26 16.20 -38.71
C38 PCW X . 10.09 16.03 -40.22
C39 PCW X . 8.80 16.36 -40.61
C40 PCW X . 7.74 15.48 -40.40
C41 PCW X . 7.95 14.25 -39.79
C42 PCW X . 6.78 13.31 -40.07
C43 PCW X . 6.99 11.94 -39.42
C44 PCW X . 5.81 11.01 -39.70
C45 PCW X . 6.03 9.64 -39.07
C46 PCW X . 4.85 8.70 -39.36
C47 PCW X . 4.67 8.50 -40.86
C48 PCW X . 3.49 7.55 -41.14
N PCW X . 21.89 10.74 -43.16
O2 PCW X . 15.32 12.86 -40.25
O3 PCW X . 14.89 10.20 -41.47
O11 PCW X . 14.78 8.28 -40.34
O31 PCW X . 16.83 14.28 -41.07
O1P PCW X . 18.68 12.74 -42.07
O2P PCW X . 19.45 14.95 -41.07
O3P PCW X . 18.19 13.29 -39.67
O4P PCW X . 20.56 12.81 -40.40
P PCW X . 19.20 13.50 -40.91
C1 PCW Y . 19.20 33.20 -24.45
C2 PCW Y . 18.43 32.52 -23.31
C3 PCW Y . 19.13 31.21 -22.98
C4 PCW Y . 16.47 33.14 -26.50
C5 PCW Y . 15.99 31.86 -27.19
C6 PCW Y . 14.68 31.60 -25.09
C7 PCW Y . 13.50 31.48 -27.31
C8 PCW Y . 14.17 30.13 -27.06
C11 PCW Y . 17.16 30.22 -22.34
C12 PCW Y . 16.19 29.57 -21.36
C13 PCW Y . 15.03 30.50 -21.04
C14 PCW Y . 14.11 29.91 -19.97
C15 PCW Y . 14.87 29.71 -18.66
C16 PCW Y . 13.95 29.18 -17.55
C17 PCW Y . 12.83 30.17 -17.23
C18 PCW Y . 11.90 30.35 -18.42
C19 PCW Y . 10.91 31.29 -18.15
C20 PCW Y . 10.11 31.20 -17.02
C21 PCW Y . 10.29 30.15 -16.12
C22 PCW Y . 9.12 29.16 -16.19
C23 PCW Y . 9.30 28.04 -15.17
C24 PCW Y . 8.14 27.03 -15.25
C25 PCW Y . 8.32 25.91 -14.23
C26 PCW Y . 7.19 24.90 -14.30
C27 PCW Y . 5.83 25.58 -14.02
C28 PCW Y . 4.70 24.56 -14.08
C31 PCW Y . 17.48 34.35 -22.28
C32 PCW Y . 17.26 35.33 -21.13
C33 PCW Y . 15.96 35.03 -20.40
C34 PCW Y . 16.00 33.64 -19.73
C35 PCW Y . 16.95 33.63 -18.54
C36 PCW Y . 16.43 34.55 -17.42
C37 PCW Y . 17.32 34.47 -16.18
C38 PCW Y . 16.75 35.32 -15.04
C39 PCW Y . 17.54 35.26 -13.91
C40 PCW Y . 16.96 35.08 -12.66
C41 PCW Y . 15.59 34.96 -12.55
C42 PCW Y . 15.04 35.82 -11.40
C43 PCW Y . 15.65 35.41 -10.05
C44 PCW Y . 15.07 36.25 -8.92
C45 PCW Y . 15.67 35.84 -7.57
C46 PCW Y . 15.38 34.38 -7.26
C47 PCW Y . 15.98 33.97 -5.91
C48 PCW Y . 15.66 32.51 -5.58
N PCW Y . 14.76 31.37 -26.55
O2 PCW Y . 18.40 33.35 -22.14
O3 PCW Y . 18.41 30.57 -21.92
O11 PCW Y . 16.83 30.45 -23.51
O31 PCW Y . 16.83 34.44 -23.32
O1P PCW Y . 17.72 36.03 -26.58
O2P PCW Y . 19.91 34.77 -26.96
O3P PCW Y . 18.54 34.39 -24.88
O4P PCW Y . 17.70 33.56 -27.08
P PCW Y . 18.52 34.78 -26.43
C1 PCW Z . 4.86 40.07 -37.06
C2 PCW Z . 3.81 40.34 -35.97
C3 PCW Z . 2.90 39.12 -35.86
C4 PCW Z . 5.22 44.68 -36.36
C5 PCW Z . 4.63 45.29 -35.10
C6 PCW Z . 6.62 46.75 -35.30
C7 PCW Z . 4.34 47.78 -35.04
C8 PCW Z . 4.81 47.34 -33.66
C11 PCW Z . 0.91 40.21 -35.55
C12 PCW Z . -0.35 40.62 -34.78
C13 PCW Z . -1.48 39.63 -35.00
C14 PCW Z . -2.74 40.05 -34.23
C15 PCW Z . -3.88 39.06 -34.48
C16 PCW Z . -4.19 38.94 -35.97
C17 PCW Z . -4.55 40.31 -36.56
C18 PCW Z . -5.78 40.91 -35.88
C19 PCW Z . -6.10 42.15 -36.42
C20 PCW Z . -7.42 42.52 -36.59
C21 PCW Z . -8.45 41.65 -36.24
C22 PCW Z . -9.05 42.05 -34.88
C23 PCW Z . -10.21 41.12 -34.50
C24 PCW Z . -10.81 41.53 -33.16
C25 PCW Z . -11.36 42.96 -33.21
C26 PCW Z . -11.94 43.37 -31.86
C27 PCW Z . -12.47 44.81 -31.92
C28 PCW Z . -11.36 45.79 -32.30
C31 PCW Z . 3.66 41.24 -33.85
C32 PCW Z . 4.16 41.59 -32.45
C33 PCW Z . 3.01 41.96 -31.52
C34 PCW Z . 2.21 40.75 -31.06
C35 PCW Z . 3.01 39.91 -30.07
C36 PCW Z . 2.17 38.77 -29.49
C37 PCW Z . 2.95 38.03 -28.39
C38 PCW Z . 2.07 36.96 -27.71
C39 PCW Z . 2.78 36.36 -26.68
C40 PCW Z . 2.22 35.32 -25.93
C41 PCW Z . 0.94 34.85 -26.19
C42 PCW Z . 0.55 33.82 -25.13
C43 PCW Z . -0.84 33.23 -25.39
C44 PCW Z . -1.19 32.20 -24.32
C45 PCW Z . -2.55 31.54 -24.58
C46 PCW Z . -2.89 30.54 -23.49
C47 PCW Z . -4.21 29.83 -23.77
C48 PCW Z . -4.53 28.80 -22.68
N PCW Z . 5.22 46.62 -34.87
O2 PCW Z . 4.47 40.58 -34.71
O3 PCW Z . 1.81 39.39 -34.95
O11 PCW Z . 1.09 40.60 -36.70
O31 PCW Z . 2.54 41.61 -34.22
O1P PCW Z . 6.14 43.26 -38.61
O2P PCW Z . 3.84 42.18 -38.67
O3P PCW Z . 5.69 41.21 -37.28
O4P PCW Z . 4.63 43.39 -36.61
P PCW Z . 5.05 42.55 -37.90
C1 PCW AA . 11.54 42.32 -24.60
C2 PCW AA . 10.97 42.60 -23.22
C3 PCW AA . 11.07 44.10 -22.98
C4 PCW AA . 13.70 38.74 -25.34
C5 PCW AA . 13.35 39.01 -23.87
C6 PCW AA . 13.30 36.54 -23.69
C7 PCW AA . 14.86 37.87 -22.24
C8 PCW AA . 13.47 37.93 -21.61
C11 PCW AA . 10.88 43.84 -20.71
C12 PCW AA . 10.24 44.11 -19.34
C13 PCW AA . 9.60 45.49 -19.29
C14 PCW AA . 8.87 45.73 -17.97
C15 PCW AA . 8.23 47.12 -17.94
C16 PCW AA . 7.38 47.32 -16.68
C17 PCW AA . 6.78 48.72 -16.64
C18 PCW AA . 5.89 48.92 -15.42
C19 PCW AA . 4.81 48.05 -15.45
C20 PCW AA . 3.56 48.50 -15.86
C21 PCW AA . 3.40 49.83 -16.24
C22 PCW AA . 2.15 49.99 -17.11
C23 PCW AA . 0.90 49.49 -16.37
C24 PCW AA . 0.71 50.24 -15.04
C25 PCW AA . 0.59 51.75 -15.28
C26 PCW AA . 0.42 52.49 -13.95
C27 PCW AA . -0.86 52.05 -13.25
C28 PCW AA . -1.02 52.79 -11.91
C31 PCW AA . 9.45 40.95 -22.71
C32 PCW AA . 8.05 40.36 -22.51
C33 PCW AA . 6.98 41.15 -23.27
C34 PCW AA . 5.58 40.64 -22.89
C35 PCW AA . 4.50 41.36 -23.71
C36 PCW AA . 3.10 40.98 -23.21
C37 PCW AA . 2.03 41.57 -24.13
C38 PCW AA . 0.62 41.24 -23.62
C39 PCW AA . -0.33 41.60 -24.57
C40 PCW AA . -1.51 42.25 -24.21
C41 PCW AA . -1.78 42.57 -22.89
C42 PCW AA . -2.77 43.75 -22.84
C43 PCW AA . -3.18 44.07 -21.42
C44 PCW AA . -4.14 45.27 -21.41
C45 PCW AA . -4.53 45.67 -19.99
C46 PCW AA . -5.29 44.54 -19.27
C47 PCW AA . -5.67 44.96 -17.85
C48 PCW AA . -6.43 43.84 -17.14
N PCW AA . 13.64 37.82 -23.06
O2 PCW AA . 9.58 42.23 -23.16
O3 PCW AA . 10.36 44.47 -21.80
O11 PCW AA . 11.84 43.09 -20.82
O31 PCW AA . 10.45 40.28 -22.45
O1P PCW AA . 11.09 39.27 -26.75
O2P PCW AA . 11.99 41.57 -27.30
O3P PCW AA . 11.46 40.92 -24.93
O4P PCW AA . 13.44 39.91 -26.12
P PCW AA . 11.94 40.42 -26.39
C1 PCW BA . 17.59 39.44 -9.31
C2 PCW BA . 16.56 40.18 -10.18
C3 PCW BA . 16.90 39.99 -11.65
C4 PCW BA . 19.11 41.00 -5.53
C5 PCW BA . 20.34 41.91 -5.45
C6 PCW BA . 22.62 41.86 -4.49
C7 PCW BA . 21.32 39.73 -4.63
C8 PCW BA . 21.90 40.01 -6.02
C11 PCW BA . 16.33 40.56 -13.78
C12 PCW BA . 15.47 41.19 -14.88
C13 PCW BA . 14.06 41.51 -14.36
C14 PCW BA . 13.21 42.19 -15.44
C15 PCW BA . 11.82 42.51 -14.92
C16 PCW BA . 10.99 43.25 -15.98
C17 PCW BA . 9.59 43.56 -15.47
C18 PCW BA . 8.80 42.28 -15.21
C19 PCW BA . 8.68 41.55 -16.39
C20 PCW BA . 7.69 40.56 -16.51
C21 PCW BA . 6.83 40.30 -15.45
C22 PCW BA . 5.48 40.99 -15.68
C23 PCW BA . 4.50 40.63 -14.55
C24 PCW BA . 4.25 39.13 -14.50
C25 PCW BA . 3.27 38.77 -13.38
C26 PCW BA . 3.02 37.26 -13.35
C27 PCW BA . 2.07 36.86 -12.23
C28 PCW BA . 1.83 35.36 -12.22
C31 PCW BA . 14.29 40.53 -10.31
C32 PCW BA . 12.83 40.17 -10.10
C33 PCW BA . 12.33 40.62 -8.72
C34 PCW BA . 10.92 40.08 -8.45
C35 PCW BA . 10.91 38.55 -8.48
C36 PCW BA . 9.52 38.00 -8.20
C37 PCW BA . 9.53 36.47 -8.26
C38 PCW BA . 8.14 35.90 -7.98
C39 PCW BA . 8.16 34.51 -8.03
C40 PCW BA . 7.79 33.76 -6.92
C41 PCW BA . 7.39 34.40 -5.75
C42 PCW BA . 6.32 33.58 -5.03
C43 PCW BA . 5.84 34.30 -3.76
C44 PCW BA . 4.73 33.51 -3.07
C45 PCW BA . 4.24 34.23 -1.81
C46 PCW BA . 5.38 34.43 -0.81
C47 PCW BA . 4.88 35.12 0.46
C48 PCW BA . 6.01 35.31 1.46
N PCW BA . 21.53 41.11 -5.10
O2 PCW BA . 15.25 39.65 -9.92
O3 PCW BA . 15.95 40.65 -12.48
O11 PCW BA . 17.36 39.96 -14.07
O31 PCW BA . 14.61 41.61 -10.81
O1P PCW BA . 17.39 38.68 -5.60
O2P PCW BA . 18.85 37.70 -7.43
O3P PCW BA . 17.28 39.59 -7.92
O4P PCW BA . 19.32 40.00 -6.52
P PCW BA . 18.20 38.89 -6.81
C1 PCW CA . 32.14 20.22 3.02
C2 PCW CA . 30.80 20.48 3.70
C3 PCW CA . 30.17 21.73 3.10
C4 PCW CA . 33.36 16.88 1.05
C5 PCW CA . 34.54 17.21 0.12
C6 PCW CA . 33.42 18.10 -1.91
C7 PCW CA . 35.05 16.22 -2.12
C8 PCW CA . 33.73 15.62 -1.64
C11 PCW CA . 28.31 23.06 3.31
C12 PCW CA . 26.89 23.40 3.81
C13 PCW CA . 26.56 22.55 5.03
C14 PCW CA . 25.13 22.81 5.51
C15 PCW CA . 24.94 24.28 5.93
C16 PCW CA . 23.52 24.51 6.44
C17 PCW CA . 23.28 25.98 6.79
C18 PCW CA . 21.87 26.18 7.34
C19 PCW CA . 21.63 27.51 7.64
C20 PCW CA . 21.80 27.98 8.93
C21 PCW CA . 22.21 27.14 9.96
C22 PCW CA . 21.24 27.17 11.14
C23 PCW CA . 19.87 26.59 10.77
C24 PCW CA . 19.20 27.37 9.65
C25 PCW CA . 17.86 26.75 9.25
C26 PCW CA . 17.19 27.54 8.13
C27 PCW CA . 15.85 26.91 7.75
C28 PCW CA . 16.03 25.45 7.30
C31 PCW CA . 30.22 18.39 4.38
C32 PCW CA . 29.42 17.07 4.35
C33 PCW CA . 27.96 17.36 4.03
C34 PCW CA . 27.32 18.21 5.13
C35 PCW CA . 27.30 17.46 6.46
C36 PCW CA . 26.66 18.31 7.55
C37 PCW CA . 26.58 17.55 8.88
C38 PCW CA . 25.70 16.30 8.74
C39 PCW CA . 25.61 15.61 9.94
C40 PCW CA . 25.16 14.29 9.93
C41 PCW CA . 24.82 13.67 8.74
C42 PCW CA . 23.29 13.67 8.53
C43 PCW CA . 22.58 12.91 9.65
C44 PCW CA . 21.07 12.83 9.39
C45 PCW CA . 20.35 12.10 10.52
C46 PCW CA . 18.85 11.98 10.24
C47 PCW CA . 18.58 11.22 8.93
C48 PCW CA . 17.08 11.09 8.68
N PCW CA . 34.14 16.99 -1.28
O2 PCW CA . 29.93 19.36 3.49
O3 PCW CA . 28.87 21.88 3.68
O11 PCW CA . 28.93 23.85 2.59
O31 PCW CA . 31.11 18.56 5.22
O1P PCW CA . 34.55 19.40 1.85
O2P PCW CA . 35.12 18.33 4.10
O3P PCW CA . 32.75 19.05 3.57
O4P PCW CA . 33.74 17.06 2.41
P PCW CA . 34.16 18.51 2.97
C1 PCW DA . 12.98 17.20 -42.14
C2 PCW DA . 11.96 18.32 -42.29
C3 PCW DA . 10.97 17.97 -43.39
C4 PCW DA . 15.08 21.23 -41.22
C5 PCW DA . 14.11 22.41 -41.22
C6 PCW DA . 15.92 23.51 -39.91
C7 PCW DA . 15.07 24.59 -42.02
C8 PCW DA . 14.07 24.90 -40.89
C11 PCW DA . 9.20 18.72 -44.62
C12 PCW DA . 8.11 19.69 -45.05
C13 PCW DA . 7.32 19.13 -46.24
C14 PCW DA . 6.21 20.09 -46.67
C15 PCW DA . 5.24 20.32 -45.52
C16 PCW DA . 4.51 19.03 -45.13
C17 PCW DA . 3.67 19.24 -43.87
C18 PCW DA . 2.92 17.97 -43.48
C19 PCW DA . 2.31 18.13 -42.24
C20 PCW DA . 1.02 17.67 -41.99
C21 PCW DA . 0.27 17.03 -42.96
C22 PCW DA . -0.98 16.42 -42.32
C23 PCW DA . -1.88 15.75 -43.35
C24 PCW DA . -3.14 15.20 -42.67
C25 PCW DA . -4.09 14.55 -43.67
C26 PCW DA . -3.45 13.34 -44.36
C27 PCW DA . -4.42 12.71 -45.36
C28 PCW DA . -3.80 11.49 -46.05
C31 PCW DA . 10.68 19.72 -40.97
C32 PCW DA . 9.87 20.08 -39.73
C33 PCW DA . 8.43 20.50 -40.10
C34 PCW DA . 7.71 19.38 -40.86
C35 PCW DA . 6.29 19.79 -41.21
C36 PCW DA . 5.42 19.94 -39.96
C37 PCW DA . 4.05 20.55 -40.30
C38 PCW DA . 3.15 20.63 -39.08
C39 PCW DA . 2.02 21.38 -39.35
C40 PCW DA . 0.76 20.79 -39.45
C41 PCW DA . 0.58 19.43 -39.28
C42 PCW DA . -0.90 19.06 -39.49
C43 PCW DA . -1.14 17.55 -39.31
C44 PCW DA . -2.61 17.22 -39.51
C45 PCW DA . -2.88 15.72 -39.37
C46 PCW DA . -4.35 15.41 -39.60
C47 PCW DA . -4.63 13.90 -39.49
C48 PCW DA . -6.11 13.60 -39.73
N PCW DA . 14.84 23.64 -40.91
O2 PCW DA . 11.27 18.49 -41.04
O3 PCW DA . 10.03 19.04 -43.59
O11 PCW DA . 9.33 17.63 -45.19
O31 PCW DA . 10.83 20.54 -41.88
O1P PCW DA . 16.19 18.61 -40.60
O2P PCW DA . 15.53 18.35 -43.04
O3P PCW DA . 14.01 17.56 -41.21
O4P PCW DA . 14.36 20.04 -41.58
P PCW DA . 15.14 18.63 -41.64
C1 PCW EA . 30.46 0.80 -14.01
C2 PCW EA . 29.53 -0.15 -13.26
C3 PCW EA . 30.22 -1.48 -13.07
C4 PCW EA . 32.04 4.19 -12.75
C5 PCW EA . 31.96 5.22 -11.63
C6 PCW EA . 33.03 5.73 -9.44
C7 PCW EA . 34.05 4.00 -10.94
C8 PCW EA . 34.46 5.37 -11.47
C11 PCW EA . 28.18 -2.56 -12.87
C12 PCW EA . 27.19 -3.52 -12.22
C13 PCW EA . 27.90 -4.77 -11.69
C14 PCW EA . 26.91 -5.79 -11.13
C15 PCW EA . 27.62 -7.07 -10.70
C16 PCW EA . 26.62 -8.14 -10.25
C17 PCW EA . 27.33 -9.46 -9.92
C18 PCW EA . 28.20 -9.90 -11.11
C19 PCW EA . 28.72 -11.18 -10.97
C20 PCW EA . 29.12 -11.72 -9.75
C21 PCW EA . 29.03 -11.01 -8.55
C22 PCW EA . 30.41 -10.84 -7.91
C23 PCW EA . 30.29 -10.27 -6.49
C24 PCW EA . 29.53 -11.24 -5.60
C25 PCW EA . 29.40 -10.71 -4.17
C26 PCW EA . 28.65 -11.69 -3.27
C27 PCW EA . 27.25 -11.97 -3.81
C28 PCW EA . 26.52 -12.98 -2.93
C31 PCW EA . 28.23 1.37 -12.17
C32 PCW EA . 27.71 2.18 -10.99
C33 PCW EA . 27.85 1.40 -9.68
C34 PCW EA . 29.31 1.06 -9.37
C35 PCW EA . 29.42 0.39 -8.00
C36 PCW EA . 30.88 0.03 -7.68
C37 PCW EA . 30.99 -0.54 -6.26
C38 PCW EA . 32.44 -0.92 -5.93
C39 PCW EA . 32.55 -1.37 -4.62
C40 PCW EA . 33.19 -2.56 -4.33
C41 PCW EA . 33.76 -3.33 -5.34
C42 PCW EA . 34.19 -4.69 -4.80
C43 PCW EA . 34.82 -5.55 -5.91
C44 PCW EA . 35.26 -6.90 -5.36
C45 PCW EA . 34.08 -7.67 -4.76
C46 PCW EA . 34.53 -9.02 -4.22
C47 PCW EA . 33.36 -9.80 -3.62
C48 PCW EA . 33.82 -11.15 -3.07
N PCW EA . 33.17 5.16 -10.79
O2 PCW EA . 29.20 0.43 -11.99
O3 PCW EA . 29.40 -2.38 -12.29
O11 PCW EA . 27.89 -1.95 -13.89
O31 PCW EA . 27.75 1.53 -13.30
O1P PCW EA . 31.99 2.77 -15.26
O2P PCW EA . 29.83 3.98 -15.84
O3P PCW EA . 29.84 2.07 -14.23
O4P PCW EA . 30.87 4.26 -13.56
P PCW EA . 30.67 3.29 -14.83
C1 PCW FA . 13.88 11.80 -46.07
C2 PCW FA . 12.64 10.91 -46.17
C3 PCW FA . 11.42 11.76 -46.36
C4 PCW FA . 16.26 13.26 -43.84
C5 PCW FA . 15.92 14.69 -43.42
C6 PCW FA . 16.62 16.13 -45.30
C7 PCW FA . 17.53 16.57 -42.99
C8 PCW FA . 18.32 15.40 -43.59
C11 PCW FA . 10.02 10.38 -45.18
C12 PCW FA . 8.79 9.49 -44.97
C13 PCW FA . 9.15 8.01 -44.88
C14 PCW FA . 7.88 7.17 -44.72
C15 PCW FA . 7.13 7.55 -43.44
C16 PCW FA . 5.81 6.81 -43.33
C17 PCW FA . 6.02 5.29 -43.32
C18 PCW FA . 4.68 4.57 -43.21
C19 PCW FA . 4.84 3.19 -43.21
C20 PCW FA . 3.80 2.38 -42.78
C21 PCW FA . 2.59 2.94 -42.36
C22 PCW FA . 1.66 1.87 -41.84
C23 PCW FA . 0.32 2.47 -41.38
C24 PCW FA . 0.54 3.48 -40.24
C25 PCW FA . 1.14 2.80 -39.01
C26 PCW FA . 1.33 3.80 -37.87
C27 PCW FA . 1.93 3.14 -36.64
C28 PCW FA . 1.02 2.00 -36.14
C31 PCW FA . 13.01 10.67 -48.42
C32 PCW FA . 13.25 9.89 -49.72
C33 PCW FA . 11.95 9.59 -50.47
C34 PCW FA . 11.03 8.68 -49.67
C35 PCW FA . 9.82 8.26 -50.50
C36 PCW FA . 8.92 7.29 -49.74
C37 PCW FA . 7.80 6.76 -50.62
C38 PCW FA . 6.93 5.74 -49.89
C39 PCW FA . 6.00 5.16 -50.73
C40 PCW FA . 4.66 5.48 -50.60
C41 PCW FA . 4.24 6.37 -49.62
C42 PCW FA . 3.01 7.15 -50.08
C43 PCW FA . 2.60 8.17 -49.01
C44 PCW FA . 1.39 8.99 -49.46
C45 PCW FA . 1.02 10.01 -48.39
C46 PCW FA . 2.19 10.95 -48.10
C47 PCW FA . 1.81 11.99 -47.06
C48 PCW FA . 3.00 12.93 -46.76
N PCW FA . 16.91 15.63 -43.94
O2 PCW FA . 12.80 9.99 -47.27
O3 PCW FA . 10.22 10.96 -46.38
O11 PCW FA . 10.81 10.55 -44.25
O31 PCW FA . 13.02 11.90 -48.43
O1P PCW FA . 17.46 10.94 -45.15
O2P PCW FA . 16.81 11.92 -47.41
O3P PCW FA . 15.06 11.03 -45.83
O4P PCW FA . 16.27 13.16 -45.26
P PCW FA . 16.51 11.73 -45.96
C1 PCW GA . 9.09 29.03 -45.85
C2 PCW GA . 7.67 28.59 -45.50
C3 PCW GA . 6.94 29.75 -44.83
C4 PCW GA . 8.83 32.68 -44.47
C5 PCW GA . 10.00 33.66 -44.38
C6 PCW GA . 10.90 35.58 -45.65
C7 PCW GA . 8.51 34.88 -45.99
C8 PCW GA . 8.58 35.70 -44.71
C11 PCW GA . 4.74 29.51 -45.46
C12 PCW GA . 3.27 29.14 -45.26
C13 PCW GA . 2.71 28.41 -46.48
C14 PCW GA . 1.28 27.93 -46.21
C15 PCW GA . 0.72 27.15 -47.40
C16 PCW GA . -0.64 26.57 -47.06
C17 PCW GA . -0.53 25.63 -45.86
C18 PCW GA . -1.90 25.06 -45.46
C19 PCW GA . -1.77 24.25 -44.33
C20 PCW GA . -2.70 23.24 -44.08
C21 PCW GA . -3.75 23.02 -44.95
C22 PCW GA . -4.67 21.91 -44.43
C23 PCW GA . -5.86 21.68 -45.36
C24 PCW GA . -6.73 20.54 -44.85
C25 PCW GA . -7.91 20.29 -45.78
C26 PCW GA . -8.78 19.14 -45.26
C27 PCW GA . -9.96 18.88 -46.21
C28 PCW GA . -10.84 20.13 -46.34
C31 PCW GA . 7.63 27.13 -47.27
C32 PCW GA . 7.14 26.57 -48.61
C33 PCW GA . 5.62 26.38 -48.62
C34 PCW GA . 5.18 25.90 -50.02
C35 PCW GA . 3.68 25.62 -50.08
C36 PCW GA . 3.31 25.20 -51.51
C37 PCW GA . 1.82 24.83 -51.61
C38 PCW GA . 1.47 24.43 -53.04
C39 PCW GA . 0.16 23.99 -53.12
C40 PCW GA . -0.13 22.65 -52.89
C41 PCW GA . 0.90 21.78 -52.57
C42 PCW GA . 0.70 21.19 -51.17
C43 PCW GA . 1.86 20.26 -50.80
C44 PCW GA . 1.65 19.61 -49.42
C45 PCW GA . 0.42 18.70 -49.42
C46 PCW GA . -0.86 19.47 -49.74
C47 PCW GA . -2.07 18.54 -49.79
C48 PCW GA . -3.34 19.30 -50.15
N PCW GA . 9.72 34.88 -45.14
O2 PCW GA . 6.99 28.20 -46.70
O3 PCW GA . 5.62 29.35 -44.43
O11 PCW GA . 5.14 29.96 -46.54
O31 PCW GA . 8.58 26.61 -46.69
O1P PCW GA . 10.92 31.24 -45.71
O2P PCW GA . 10.02 32.11 -47.91
O3P PCW GA . 9.07 30.04 -46.87
O4P PCW GA . 8.63 32.30 -45.83
P PCW GA . 9.77 31.47 -46.61
C1 PCW HA . 12.82 47.87 -11.92
C2 PCW HA . 12.67 46.75 -10.89
C3 PCW HA . 12.58 47.37 -9.50
C4 PCW HA . 15.80 45.80 -10.74
C5 PCW HA . 16.99 45.54 -11.65
C6 PCW HA . 17.02 43.29 -10.61
C7 PCW HA . 16.67 43.49 -13.09
C8 PCW HA . 18.17 43.64 -12.81
C11 PCW HA . 11.90 47.02 -7.35
C12 PCW HA . 11.29 46.23 -6.19
C13 PCW HA . 10.46 45.06 -6.70
C14 PCW HA . 9.59 44.48 -5.59
C15 PCW HA . 8.79 43.27 -6.11
C16 PCW HA . 7.74 42.82 -5.08
C17 PCW HA . 6.65 43.88 -4.90
C18 PCW HA . 5.57 43.40 -3.93
C19 PCW HA . 4.54 44.33 -3.83
C20 PCW HA . 3.24 43.95 -4.09
C21 PCW HA . 2.95 42.64 -4.47
C22 PCW HA . 2.16 42.60 -5.77
C23 PCW HA . 0.80 43.28 -5.61
C24 PCW HA . -0.06 42.56 -4.57
C25 PCW HA . -1.43 43.21 -4.45
C26 PCW HA . -2.30 42.49 -3.40
C27 PCW HA . -1.66 42.55 -2.02
C28 PCW HA . -2.53 41.84 -0.99
C31 PCW HA . 11.52 44.80 -10.57
C32 PCW HA . 10.32 43.86 -10.65
C33 PCW HA . 9.28 44.34 -11.66
C34 PCW HA . 8.06 43.42 -11.67
C35 PCW HA . 8.46 41.99 -11.98
C36 PCW HA . 7.25 41.06 -11.93
C37 PCW HA . 7.64 39.61 -12.24
C38 PCW HA . 6.45 38.67 -12.15
C39 PCW HA . 6.81 37.37 -12.49
C40 PCW HA . 6.23 36.28 -11.86
C41 PCW HA . 5.26 36.44 -10.88
C42 PCW HA . 4.90 35.10 -10.23
C43 PCW HA . 3.85 35.29 -9.14
C44 PCW HA . 3.47 33.93 -8.53
C45 PCW HA . 2.42 34.09 -7.43
C46 PCW HA . 2.04 32.75 -6.82
C47 PCW HA . 1.01 32.92 -5.71
C48 PCW HA . 0.64 31.58 -5.07
N PCW HA . 17.16 44.09 -11.83
O2 PCW HA . 11.46 46.02 -11.17
O3 PCW HA . 12.08 46.42 -8.56
O11 PCW HA . 12.22 48.20 -7.20
O31 PCW HA . 12.56 44.46 -9.99
O1P PCW HA . 15.47 47.37 -13.05
O2P PCW HA . 16.37 49.33 -11.70
O3P PCW HA . 13.94 48.71 -11.62
O4P PCW HA . 15.66 47.21 -10.54
P PCW HA . 15.45 48.18 -11.81
C1 PCW IA . 23.86 7.08 -20.93
C2 PCW IA . 23.72 5.83 -20.04
C3 PCW IA . 24.17 4.57 -20.76
C4 PCW IA . 26.95 4.12 -21.69
C5 PCW IA . 28.33 4.28 -22.33
C6 PCW IA . 28.16 1.80 -22.34
C7 PCW IA . 28.87 3.01 -24.44
C8 PCW IA . 30.09 2.91 -23.51
C11 PCW IA . 24.47 2.32 -20.42
C12 PCW IA . 24.48 1.04 -19.56
C13 PCW IA . 25.91 0.67 -19.15
C14 PCW IA . 25.92 -0.38 -18.05
C15 PCW IA . 25.21 -1.68 -18.49
C16 PCW IA . 25.17 -2.67 -17.34
C17 PCW IA . 24.50 -3.99 -17.76
C18 PCW IA . 24.45 -4.96 -16.58
C19 PCW IA . 23.89 -6.17 -16.97
C20 PCW IA . 22.64 -6.57 -16.50
C21 PCW IA . 21.94 -5.76 -15.61
C22 PCW IA . 21.28 -4.58 -16.36
C23 PCW IA . 20.35 -5.07 -17.46
C24 PCW IA . 19.22 -5.93 -16.88
C25 PCW IA . 18.37 -5.14 -15.88
C26 PCW IA . 17.24 -6.01 -15.31
C27 PCW IA . 16.39 -5.22 -14.32
C28 PCW IA . 15.26 -6.10 -13.75
C31 PCW IA . 24.11 5.22 -17.85
C32 PCW IA . 24.87 5.25 -16.53
C33 PCW IA . 25.12 6.69 -16.08
C34 PCW IA . 23.86 7.33 -15.51
C35 PCW IA . 23.55 6.76 -14.12
C36 PCW IA . 22.31 7.40 -13.49
C37 PCW IA . 22.19 7.03 -12.02
C38 PCW IA . 22.07 5.52 -11.82
C39 PCW IA . 22.19 5.20 -10.47
C40 PCW IA . 21.07 5.02 -9.66
C41 PCW IA . 19.78 5.16 -10.17
C42 PCW IA . 18.79 5.40 -9.04
C43 PCW IA . 17.36 5.55 -9.57
C44 PCW IA . 16.37 5.76 -8.43
C45 PCW IA . 14.94 5.91 -8.96
C46 PCW IA . 13.95 6.12 -7.81
C47 PCW IA . 12.52 6.31 -8.35
C48 PCW IA . 11.54 6.56 -7.20
N PCW IA . 28.73 3.01 -22.97
O2 PCW IA . 24.51 6.04 -18.85
O3 PCW IA . 24.10 3.48 -19.83
O11 PCW IA . 24.78 2.28 -21.60
O31 PCW IA . 23.13 4.48 -18.00
O1P PCW IA . 25.54 6.23 -23.19
O2P PCW IA . 27.49 7.44 -22.13
O3P PCW IA . 25.22 7.48 -21.07
O4P PCW IA . 26.57 5.35 -21.07
P PCW IA . 26.26 6.64 -21.98
C1 PCW JA . 25.34 -6.69 -34.04
C2 PCW JA . 24.19 -6.61 -33.03
C3 PCW JA . 23.75 -8.00 -32.64
C4 PCW JA . 24.81 -4.73 -36.84
C5 PCW JA . 23.66 -4.86 -35.83
C6 PCW JA . 22.64 -3.59 -33.97
C7 PCW JA . 24.38 -2.49 -35.41
C8 PCW JA . 23.06 -2.45 -36.17
C11 PCW JA . 21.54 -7.46 -32.51
C12 PCW JA . 20.17 -7.29 -31.85
C13 PCW JA . 19.21 -8.38 -32.34
C14 PCW JA . 17.81 -8.20 -31.75
C15 PCW JA . 16.88 -9.30 -32.26
C16 PCW JA . 17.32 -10.67 -31.75
C17 PCW JA . 17.01 -10.82 -30.26
C18 PCW JA . 15.50 -10.98 -30.03
C19 PCW JA . 15.05 -12.13 -30.67
C20 PCW JA . 13.70 -12.47 -30.70
C21 PCW JA . 12.74 -11.67 -30.10
C22 PCW JA . 11.83 -12.50 -29.19
C23 PCW JA . 10.67 -11.67 -28.63
C24 PCW JA . 9.78 -11.15 -29.77
C25 PCW JA . 8.60 -10.35 -29.24
C26 PCW JA . 7.66 -11.21 -28.38
C27 PCW JA . 8.37 -11.74 -27.13
C28 PCW JA . 7.42 -12.58 -26.28
C31 PCW JA . 25.10 -4.67 -32.20
C32 PCW JA . 25.63 -3.73 -31.12
C33 PCW JA . 24.48 -2.98 -30.44
C34 PCW JA . 25.00 -1.87 -29.52
C35 PCW JA . 25.87 -2.40 -28.39
C36 PCW JA . 26.41 -1.24 -27.54
C37 PCW JA . 27.21 -1.73 -26.33
C38 PCW JA . 26.33 -2.51 -25.37
C39 PCW JA . 27.02 -2.84 -24.21
C40 PCW JA . 27.03 -4.15 -23.75
C41 PCW JA . 26.33 -5.14 -24.45
C42 PCW JA . 25.81 -6.22 -23.50
C43 PCW JA . 24.88 -5.64 -22.45
C44 PCW JA . 24.33 -6.74 -21.54
C45 PCW JA . 23.37 -6.16 -20.50
C46 PCW JA . 22.78 -7.26 -19.62
C47 PCW JA . 21.99 -8.29 -20.45
C48 PCW JA . 21.41 -9.38 -19.56
N PCW JA . 23.37 -3.55 -35.25
O2 PCW JA . 24.63 -5.90 -31.85
O3 PCW JA . 22.60 -7.92 -31.79
O11 PCW JA . 21.69 -7.21 -33.70
O31 PCW JA . 25.12 -4.33 -33.38
O1P PCW JA . 27.15 -6.63 -36.12
O2P PCW JA . 25.81 -8.42 -37.32
O3P PCW JA . 24.91 -7.30 -35.27
O4P PCW JA . 25.09 -6.01 -37.42
P PCW JA . 25.84 -7.15 -36.57
C1 PCW KA . 32.31 9.68 -9.15
C2 PCW KA . 30.88 9.16 -9.19
C3 PCW KA . 30.71 8.28 -10.42
C4 PCW KA . 33.57 13.66 -8.43
C5 PCW KA . 33.71 14.65 -9.59
C6 PCW KA . 32.04 15.95 -8.30
C7 PCW KA . 34.23 17.01 -8.92
C8 PCW KA . 33.33 17.07 -10.15
C11 PCW KA . 29.20 7.17 -11.70
C12 PCW KA . 27.87 6.52 -12.05
C13 PCW KA . 27.36 5.64 -10.90
C14 PCW KA . 26.08 4.91 -11.28
C15 PCW KA . 25.56 4.04 -10.15
C16 PCW KA . 24.33 3.25 -10.56
C17 PCW KA . 23.79 2.41 -9.40
C18 PCW KA . 22.53 1.64 -9.82
C19 PCW KA . 22.03 0.89 -8.76
C20 PCW KA . 20.68 0.56 -8.73
C21 PCW KA . 19.85 0.96 -9.77
C22 PCW KA . 18.48 1.39 -9.23
C23 PCW KA . 17.58 1.87 -10.36
C24 PCW KA . 16.21 2.30 -9.84
C25 PCW KA . 15.50 1.13 -9.15
C26 PCW KA . 15.28 -0.02 -10.13
C27 PCW KA . 14.41 0.42 -11.32
C28 PCW KA . 14.19 -0.74 -12.30
C31 PCW KA . 30.29 9.25 -6.98
C32 PCW KA . 29.98 8.69 -5.59
C33 PCW KA . 29.06 9.63 -4.81
C34 PCW KA . 28.89 9.14 -3.37
C35 PCW KA . 28.19 7.79 -3.30
C36 PCW KA . 26.74 7.88 -3.77
C37 PCW KA . 26.03 6.52 -3.60
C38 PCW KA . 24.56 6.62 -3.99
C39 PCW KA . 23.91 5.40 -3.81
C40 PCW KA . 22.52 5.33 -3.85
C41 PCW KA . 21.77 6.47 -4.07
C42 PCW KA . 20.36 6.12 -4.54
C43 PCW KA . 19.62 5.28 -3.50
C44 PCW KA . 18.21 4.93 -3.97
C45 PCW KA . 17.47 4.11 -2.92
C46 PCW KA . 16.04 3.78 -3.37
C47 PCW KA . 16.07 2.93 -4.64
C48 PCW KA . 14.66 2.58 -5.11
N PCW KA . 33.22 15.97 -9.17
O2 PCW KA . 30.60 8.40 -8.01
O3 PCW KA . 29.38 7.78 -10.51
O11 PCW KA . 30.13 7.15 -12.51
O31 PCW KA . 30.27 10.46 -7.20
O1P PCW KA . 34.10 11.67 -6.43
O2P PCW KA . 35.03 10.15 -8.23
O3P PCW KA . 32.56 10.51 -8.03
O4P PCW KA . 34.03 12.38 -8.84
P PCW KA . 34.02 11.14 -7.81
C1 PCW LA . 12.69 15.72 -48.08
C2 PCW LA . 11.59 14.91 -47.39
C3 PCW LA . 11.68 15.07 -45.88
C4 PCW LA . 14.18 19.82 -46.70
C5 PCW LA . 13.92 21.24 -46.18
C6 PCW LA . 12.41 20.86 -44.27
C7 PCW LA . 11.75 22.51 -46.05
C8 PCW LA . 11.44 21.10 -46.57
C11 PCW LA . 10.47 14.53 -43.98
C12 PCW LA . 9.25 13.99 -43.25
C13 PCW LA . 8.00 14.70 -43.77
C14 PCW LA . 6.70 14.14 -43.20
C15 PCW LA . 5.51 14.93 -43.75
C16 PCW LA . 5.49 14.91 -45.28
C17 PCW LA . 4.46 15.89 -45.83
C18 PCW LA . 4.49 15.90 -47.36
C19 PCW LA . 3.70 16.94 -47.87
C20 PCW LA . 2.52 16.68 -48.54
C21 PCW LA . 2.07 15.38 -48.73
C22 PCW LA . 0.67 15.38 -49.31
C23 PCW LA . 0.16 13.95 -49.54
C24 PCW LA . -1.26 13.97 -50.14
C25 PCW LA . -1.79 12.55 -50.34
C26 PCW LA . -3.20 12.58 -50.95
C27 PCW LA . -4.18 13.36 -50.06
C28 PCW LA . -5.58 13.35 -50.66
C31 PCW LA . 10.16 15.23 -49.17
C32 PCW LA . 8.82 15.59 -49.82
C33 PCW LA . 7.80 14.48 -49.59
C34 PCW LA . 8.32 13.14 -50.14
C35 PCW LA . 7.33 12.01 -49.91
C36 PCW LA . 7.09 11.77 -48.42
C37 PCW LA . 6.18 10.56 -48.22
C38 PCW LA . 5.91 10.29 -46.73
C39 PCW LA . 5.18 9.12 -46.58
C40 PCW LA . 4.38 8.91 -45.47
C41 PCW LA . 4.27 9.85 -44.46
C42 PCW LA . 3.01 9.60 -43.63
C43 PCW LA . 2.90 10.57 -42.44
C44 PCW LA . 1.64 10.26 -41.62
C45 PCW LA . 1.58 11.10 -40.34
C46 PCW LA . 1.50 12.60 -40.66
C47 PCW LA . 1.41 13.41 -39.36
C48 PCW LA . 1.30 14.91 -39.66
N PCW LA . 12.55 21.34 -45.65
O2 PCW LA . 10.31 15.36 -47.82
O3 PCW LA . 10.50 14.47 -45.34
O11 PCW LA . 11.43 14.99 -43.36
O31 PCW LA . 11.10 14.83 -49.86
O1P PCW LA . 14.87 17.70 -48.49
O2P PCW LA . 12.92 18.35 -49.98
O3P PCW LA . 12.53 17.12 -47.83
O4P PCW LA . 13.29 19.53 -47.78
P PCW LA . 13.47 18.16 -48.62
C1 PCW MA . 23.35 38.36 -0.19
C2 PCW MA . 21.95 38.92 0.04
C3 PCW MA . 21.49 39.71 -1.18
C4 PCW MA . 25.59 39.92 2.47
C5 PCW MA . 26.04 41.37 2.27
C6 PCW MA . 26.14 43.00 0.41
C7 PCW MA . 24.58 41.03 0.26
C8 PCW MA . 23.91 42.09 1.13
C11 PCW MA . 19.91 41.24 -1.83
C12 PCW MA . 18.61 42.04 -1.65
C13 PCW MA . 17.70 41.34 -0.65
C14 PCW MA . 16.49 42.22 -0.27
C15 PCW MA . 15.59 41.50 0.72
C16 PCW MA . 14.49 42.42 1.24
C17 PCW MA . 15.13 43.62 1.95
C18 PCW MA . 14.04 44.51 2.57
C19 PCW MA . 13.14 44.96 1.63
C20 PCW MA . 11.85 45.32 2.02
C21 PCW MA . 11.48 45.21 3.36
C22 PCW MA . 10.70 46.45 3.80
C23 PCW MA . 9.40 46.61 3.01
C24 PCW MA . 8.61 47.82 3.48
C25 PCW MA . 7.30 47.96 2.70
C26 PCW MA . 6.44 46.71 2.85
C27 PCW MA . 5.13 46.85 2.06
C28 PCW MA . 4.27 45.59 2.20
C31 PCW MA . 21.20 37.43 1.61
C32 PCW MA . 20.34 36.27 2.13
C33 PCW MA . 20.16 36.35 3.66
C34 PCW MA . 19.43 37.63 4.06
C35 PCW MA . 19.24 37.70 5.57
C36 PCW MA . 18.48 38.97 5.97
C37 PCW MA . 18.34 39.05 7.50
C38 PCW MA . 17.53 40.29 7.89
C39 PCW MA . 17.40 40.39 9.28
C40 PCW MA . 16.60 39.48 9.96
C41 PCW MA . 15.92 38.49 9.28
C42 PCW MA . 14.52 38.94 8.89
C43 PCW MA . 13.77 37.83 8.14
C44 PCW MA . 12.35 38.26 7.78
C45 PCW MA . 11.63 37.16 7.00
C46 PCW MA . 10.22 37.60 6.62
C47 PCW MA . 9.41 37.94 7.88
C48 PCW MA . 7.97 38.35 7.51
N PCW MA . 25.38 41.94 1.09
O2 PCW MA . 21.00 37.87 0.34
O3 PCW MA . 20.24 40.33 -0.87
O11 PCW MA . 20.65 41.42 -2.79
O31 PCW MA . 22.03 37.95 2.34
O1P PCW MA . 25.70 36.91 2.47
O2P PCW MA . 26.02 37.03 -0.04
O3P PCW MA . 23.87 37.77 1.01
O4P PCW MA . 25.95 39.14 1.32
P PCW MA . 25.46 37.62 1.19
C1 PCW NA . 25.78 32.73 -3.62
C2 PCW NA . 25.46 31.22 -3.69
C3 PCW NA . 26.41 30.58 -4.68
C4 PCW NA . 26.19 34.29 0.13
C5 PCW NA . 25.79 34.27 1.61
C6 PCW NA . 27.73 32.74 1.84
C7 PCW NA . 27.63 34.85 3.20
C8 PCW NA . 26.73 33.81 3.88
C11 PCW NA . 26.54 28.41 -3.92
C12 PCW NA . 26.30 26.90 -3.99
C13 PCW NA . 27.29 26.25 -4.94
C14 PCW NA . 26.89 24.81 -5.29
C15 PCW NA . 27.87 24.19 -6.29
C16 PCW NA . 29.20 23.82 -5.62
C17 PCW NA . 29.05 22.53 -4.82
C18 PCW NA . 27.90 22.61 -3.82
C19 PCW NA . 27.72 21.40 -3.15
C20 PCW NA . 26.50 20.76 -3.19
C21 PCW NA . 25.43 21.31 -3.88
C22 PCW NA . 24.12 21.12 -3.13
C23 PCW NA . 23.78 19.63 -2.97
C24 PCW NA . 22.47 19.45 -2.20
C25 PCW NA . 22.09 17.96 -2.09
C26 PCW NA . 23.19 17.17 -1.40
C27 PCW NA . 22.82 15.69 -1.29
C28 PCW NA . 23.92 14.90 -0.58
C31 PCW NA . 24.60 30.96 -1.57
C32 PCW NA . 24.65 30.50 -0.11
C33 PCW NA . 23.28 30.05 0.39
C34 PCW NA . 22.74 28.86 -0.40
C35 PCW NA . 21.48 28.30 0.25
C36 PCW NA . 21.77 27.81 1.67
C37 PCW NA . 20.53 27.23 2.35
C38 PCW NA . 19.42 28.26 2.48
C39 PCW NA . 18.35 27.75 3.21
C40 PCW NA . 17.21 27.30 2.57
C41 PCW NA . 17.11 27.35 1.19
C42 PCW NA . 15.91 26.52 0.70
C43 PCW NA . 16.11 25.04 1.05
C44 PCW NA . 14.88 24.23 0.62
C45 PCW NA . 14.58 24.41 -0.87
C46 PCW NA . 15.74 23.94 -1.74
C47 PCW NA . 15.42 24.09 -3.23
C48 PCW NA . 16.59 23.61 -4.10
N PCW NA . 26.92 33.82 2.42
O2 PCW NA . 25.64 30.64 -2.39
O3 PCW NA . 26.08 29.20 -4.91
O11 PCW NA . 27.14 28.91 -2.96
O31 PCW NA . 23.65 31.59 -2.01
O1P PCW NA . 26.64 35.17 -2.61
O2P PCW NA . 24.19 35.84 -2.74
O3P PCW NA . 24.86 33.41 -2.76
O4P PCW NA . 25.09 34.78 -0.65
P PCW NA . 25.22 34.90 -2.25
C1 PCW OA . 15.74 23.87 -34.44
C2 PCW OA . 15.14 22.46 -34.43
C3 PCW OA . 13.98 22.44 -33.45
C4 PCW OA . 19.52 25.77 -33.30
C5 PCW OA . 20.89 25.09 -33.30
C6 PCW OA . 23.10 25.45 -32.25
C7 PCW OA . 21.07 26.56 -31.26
C8 PCW OA . 21.09 25.11 -30.79
C11 PCW OA . 12.27 21.10 -32.68
C12 PCW OA . 11.48 19.80 -32.56
C13 PCW OA . 10.11 19.92 -33.23
C14 PCW OA . 9.36 18.59 -33.16
C15 PCW OA . 7.97 18.69 -33.78
C16 PCW OA . 7.24 17.34 -33.75
C17 PCW OA . 7.16 16.81 -32.31
C18 PCW OA . 6.38 17.76 -31.41
C19 PCW OA . 5.05 17.86 -31.80
C20 PCW OA . 4.07 17.18 -31.10
C21 PCW OA . 4.42 16.39 -30.00
C22 PCW OA . 4.55 14.92 -30.40
C23 PCW OA . 3.22 14.38 -30.93
C24 PCW OA . 3.34 12.90 -31.30
C25 PCW OA . 3.73 12.06 -30.09
C26 PCW OA . 3.84 10.58 -30.46
C27 PCW OA . 4.89 10.36 -31.55
C28 PCW OA . 4.99 8.88 -31.93
C31 PCW OA . 15.69 21.72 -36.53
C32 PCW OA . 15.43 21.32 -37.98
C33 PCW OA . 15.53 19.81 -38.16
C34 PCW OA . 14.21 19.08 -37.95
C35 PCW OA . 13.45 19.53 -36.69
C36 PCW OA . 12.78 20.88 -36.92
C37 PCW OA . 11.91 21.27 -35.72
C38 PCW OA . 11.20 22.61 -35.96
C39 PCW OA . 10.44 22.97 -34.86
C40 PCW OA . 9.07 23.20 -35.00
C41 PCW OA . 8.46 23.07 -36.24
C42 PCW OA . 7.05 23.64 -36.21
C43 PCW OA . 6.35 23.50 -37.56
C44 PCW OA . 4.93 24.07 -37.51
C45 PCW OA . 4.24 23.94 -38.87
C46 PCW OA . 2.81 24.49 -38.82
C47 PCW OA . 2.12 24.36 -40.17
C48 PCW OA . 0.69 24.89 -40.10
N PCW OA . 21.64 25.49 -32.10
O2 PCW OA . 14.66 22.11 -35.73
O3 PCW OA . 13.37 21.14 -33.48
O11 PCW OA . 11.93 22.11 -32.06
O31 PCW OA . 16.83 21.69 -36.07
O1P PCW OA . 18.24 23.18 -33.33
O2P PCW OA . 19.27 23.19 -35.65
O3P PCW OA . 16.90 23.94 -35.29
O4P PCW OA . 18.80 25.35 -34.47
P PCW OA . 18.37 23.82 -34.66
C1 PCW PA . 13.11 34.49 -40.67
C2 PCW PA . 12.91 33.13 -40.02
C3 PCW PA . 13.83 33.01 -38.81
C4 PCW PA . 13.36 31.49 -43.15
C5 PCW PA . 14.18 30.28 -42.67
C6 PCW PA . 12.04 29.09 -43.01
C7 PCW PA . 14.11 28.26 -44.16
C8 PCW PA . 14.15 27.78 -42.71
C11 PCW PA . 13.83 30.71 -38.84
C12 PCW PA . 13.59 29.32 -38.26
C13 PCW PA . 14.05 28.23 -39.24
C14 PCW PA . 13.85 26.85 -38.64
C15 PCW PA . 14.62 26.70 -37.32
C16 PCW PA . 14.51 25.28 -36.76
C17 PCW PA . 13.05 24.89 -36.49
C18 PCW PA . 12.40 25.77 -35.43
C19 PCW PA . 12.27 27.08 -35.88
C20 PCW PA . 11.14 27.82 -35.52
C21 PCW PA . 10.15 27.24 -34.73
C22 PCW PA . 9.19 28.29 -34.21
C23 PCW PA . 8.12 27.68 -33.31
C24 PCW PA . 7.25 26.68 -34.08
C25 PCW PA . 6.19 26.05 -33.16
C26 PCW PA . 5.33 25.05 -33.93
C27 PCW PA . 4.26 24.44 -33.02
C28 PCW PA . 3.39 23.45 -33.80
C31 PCW PA . 10.67 32.80 -40.58
C32 PCW PA . 9.19 32.67 -40.22
C33 PCW PA . 8.82 31.22 -39.93
C34 PCW PA . 7.61 31.16 -38.99
C35 PCW PA . 7.97 31.82 -37.66
C36 PCW PA . 6.83 31.75 -36.65
C37 PCW PA . 7.29 32.36 -35.31
C38 PCW PA . 6.20 32.29 -34.24
C39 PCW PA . 6.67 32.80 -33.04
C40 PCW PA . 5.79 33.28 -32.07
C41 PCW PA . 4.42 33.25 -32.27
C42 PCW PA . 3.76 32.21 -31.38
C43 PCW PA . 2.23 32.20 -31.56
C44 PCW PA . 1.59 31.13 -30.68
C45 PCW PA . 1.95 31.34 -29.20
C46 PCW PA . 1.32 30.25 -28.32
C47 PCW PA . 1.74 30.44 -26.86
C48 PCW PA . 1.13 29.35 -25.98
N PCW PA . 13.51 29.05 -43.07
O2 PCW PA . 11.55 33.01 -39.56
O3 PCW PA . 13.54 31.81 -38.08
O11 PCW PA . 14.32 30.86 -39.96
O31 PCW PA . 11.06 32.70 -41.73
O1P PCW PA . 12.57 33.93 -44.42
O2P PCW PA . 14.55 35.10 -43.35
O3P PCW PA . 12.53 34.53 -41.98
O4P PCW PA . 14.05 32.69 -42.80
P PCW PA . 13.44 34.12 -43.24
C1 PCW QA . 13.88 37.84 -38.84
C2 PCW QA . 12.56 37.61 -38.11
C3 PCW QA . 12.67 36.41 -37.20
C4 PCW QA . 15.27 38.27 -34.58
C5 PCW QA . 14.48 37.75 -33.38
C6 PCW QA . 16.64 36.64 -32.90
C7 PCW QA . 15.53 38.00 -31.11
C8 PCW QA . 14.84 36.64 -31.15
C11 PCW QA . 11.59 35.29 -35.52
C12 PCW QA . 10.45 34.99 -34.55
C13 PCW QA . 10.98 34.87 -33.12
C14 PCW QA . 9.85 34.62 -32.13
C15 PCW QA . 10.41 34.51 -30.71
C16 PCW QA . 11.32 33.29 -30.59
C17 PCW QA . 12.06 33.31 -29.24
C18 PCW QA . 12.98 34.52 -29.15
C19 PCW QA . 13.60 34.60 -27.92
C20 PCW QA . 13.27 35.64 -27.04
C21 PCW QA . 12.33 36.58 -27.42
C22 PCW QA . 11.36 36.86 -26.28
C23 PCW QA . 10.69 35.58 -25.79
C24 PCW QA . 9.64 35.86 -24.72
C25 PCW QA . 9.11 34.56 -24.11
C26 PCW QA . 10.19 33.84 -23.31
C27 PCW QA . 11.38 33.44 -24.19
C28 PCW QA . 12.47 32.77 -23.35
C31 PCW QA . 10.86 38.83 -37.20
C32 PCW QA . 10.22 39.94 -36.38
C33 PCW QA . 8.80 39.55 -35.97
C34 PCW QA . 8.81 38.30 -35.07
C35 PCW QA . 7.38 37.82 -34.78
C36 PCW QA . 6.65 37.44 -36.07
C37 PCW QA . 5.27 36.85 -35.78
C38 PCW QA . 5.36 35.64 -34.86
C39 PCW QA . 4.12 35.04 -34.68
C40 PCW QA . 3.09 35.72 -34.03
C41 PCW QA . 3.27 37.01 -33.55
C42 PCW QA . 1.95 37.60 -33.06
C43 PCW QA . 1.39 36.77 -31.90
C44 PCW QA . 0.04 37.34 -31.44
C45 PCW QA . -0.48 36.57 -30.21
C46 PCW QA . -0.67 35.09 -30.51
C47 PCW QA . -1.17 34.35 -29.26
C48 PCW QA . -1.25 32.84 -29.50
N PCW QA . 15.42 37.24 -32.36
O2 PCW QA . 12.22 38.77 -37.34
O3 PCW QA . 11.46 36.28 -36.44
O11 PCW QA . 12.64 34.64 -35.46
O31 PCW QA . 10.17 37.98 -37.77
O1P PCW QA . 16.33 39.79 -36.75
O2P PCW QA . 13.97 40.35 -37.49
O3P PCW QA . 14.95 38.07 -37.92
O4P PCW QA . 14.36 38.76 -35.57
P PCW QA . 14.93 39.35 -36.95
C1 PCW RA . 34.47 3.78 -4.95
C2 PCW RA . 33.09 4.37 -4.68
C3 PCW RA . 32.18 4.00 -5.84
C4 PCW RA . 34.92 7.75 -4.98
C5 PCW RA . 33.93 8.89 -5.27
C6 PCW RA . 32.75 10.70 -4.06
C7 PCW RA . 34.62 9.47 -2.92
C8 PCW RA . 35.25 10.49 -3.85
C11 PCW RA . 29.98 3.98 -6.46
C12 PCW RA . 28.48 4.29 -6.31
C13 PCW RA . 27.62 3.41 -7.21
C14 PCW RA . 26.15 3.78 -7.04
C15 PCW RA . 25.94 5.27 -7.30
C16 PCW RA . 24.49 5.70 -7.03
C17 PCW RA . 24.36 7.21 -7.19
C18 PCW RA . 22.94 7.69 -6.91
C19 PCW RA . 22.89 9.08 -7.05
C20 PCW RA . 21.77 9.80 -6.66
C21 PCW RA . 20.65 9.17 -6.11
C22 PCW RA . 19.87 8.39 -7.17
C23 PCW RA . 18.55 7.88 -6.60
C24 PCW RA . 17.66 9.07 -6.20
C25 PCW RA . 16.33 8.58 -5.62
C26 PCW RA . 16.55 7.78 -4.34
C27 PCW RA . 17.23 8.64 -3.28
C28 PCW RA . 17.44 7.87 -1.97
C31 PCW RA . 33.10 4.32 -2.38
C32 PCW RA . 32.72 3.76 -1.00
C33 PCW RA . 31.46 2.90 -1.08
C34 PCW RA . 30.18 3.75 -1.14
C35 PCW RA . 29.91 4.42 0.21
C36 PCW RA . 28.56 5.12 0.21
C37 PCW RA . 28.23 5.62 1.63
C38 PCW RA . 26.85 6.30 1.68
C39 PCW RA . 26.54 6.68 2.98
C40 PCW RA . 25.29 6.38 3.51
C41 PCW RA . 24.35 5.70 2.75
C42 PCW RA . 24.73 4.23 2.59
C43 PCW RA . 24.80 3.52 3.94
C44 PCW RA . 25.20 2.06 3.77
C45 PCW RA . 25.28 1.33 5.12
C46 PCW RA . 23.91 1.30 5.81
C47 PCW RA . 22.88 0.53 4.98
C48 PCW RA . 21.54 0.48 5.69
N PCW RA . 33.96 9.86 -4.16
O2 PCW RA . 32.55 3.76 -3.49
O3 PCW RA . 30.84 4.40 -5.50
O11 PCW RA . 30.39 3.36 -7.44
O31 PCW RA . 33.89 5.26 -2.49
O1P PCW RA . 36.73 5.59 -4.82
O2P PCW RA . 36.75 5.69 -7.36
O3P PCW RA . 35.05 4.31 -6.15
O4P PCW RA . 34.90 6.82 -6.06
P PCW RA . 35.98 5.63 -6.10
C1 17F SA . 4.76 50.88 -28.49
N1 17F SA . 5.65 49.35 -30.19
O1 17F SA . 6.09 52.65 -26.67
P1 17F SA . 6.16 51.23 -26.29
C2 17F SA . 4.41 49.85 -29.56
O2 17F SA . 7.46 50.68 -25.81
C3 17F SA . 3.53 50.49 -30.63
O3 17F SA . 5.60 50.31 -27.49
C4 17F SA . 5.08 49.79 -24.37
O4 17F SA . 2.55 49.83 -31.04
C5 17F SA . 4.04 49.84 -23.24
O5 17F SA . 3.83 51.64 -31.00
C6 17F SA . 2.67 50.13 -23.82
O6 17F SA . 5.06 51.00 -25.12
C7 17F SA . 1.85 51.65 -22.32
O7 17F SA . 1.72 50.36 -22.76
C8 17F SA . 1.00 52.14 -21.15
O8 17F SA . 2.62 52.41 -22.89
C9 17F SA . -0.46 51.69 -21.30
O9 17F SA . 4.05 48.59 -22.54
C10 17F SA . -1.30 52.11 -20.09
O10 17F SA . 2.94 49.75 -20.96
C11 17F SA . -2.75 51.66 -20.24
C12 17F SA . -3.56 52.00 -19.00
C17 17F SA . 3.42 48.67 -21.34
C18 17F SA . 3.30 47.42 -20.46
C19 17F SA . 1.84 46.99 -20.35
C20 17F SA . 1.29 46.61 -21.72
C1X 17F SA . -5.02 51.54 -19.15
C1Y 17F SA . -0.22 46.36 -21.66
C1Z 17F SA . -0.57 45.22 -20.70
C2X 17F SA . -5.83 51.84 -17.88
C21 17F SA . -5.29 51.17 -16.78
C22 17F SA . -6.07 50.30 -16.05
C23 17F SA . -7.40 50.07 -16.40
C24 17F SA . -8.09 49.13 -15.41
C25 17F SA . -9.54 48.88 -15.82
C26 17F SA . -10.24 47.94 -14.82
C27 17F SA . -11.69 47.69 -15.23
C28 17F SA . -12.38 46.75 -14.24
C29 17F SA . -13.84 46.49 -14.65
C30 17F SA . -14.51 45.52 -13.68
C31 17F SA . -0.18 45.56 -19.26
C32 17F SA . -0.67 44.49 -18.28
C33 17F SA . -2.05 44.41 -18.30
C34 17F SA . -2.70 43.24 -17.90
C35 17F SA . -1.96 42.14 -17.48
C36 17F SA . -1.68 42.21 -15.97
C37 17F SA . -0.91 40.97 -15.52
C38 17F SA . -0.59 41.05 -14.03
C39 17F SA . 0.17 39.81 -13.57
C40 17F SA . 0.50 39.89 -12.08
C41 17F SA . -0.78 40.05 -11.24
C42 17F SA . -0.45 40.09 -9.75
HN1 17F SA . 6.10 49.00 -29.37
HN1A 17F SA . 6.36 50.00 -30.44
HAC 17F SA . 5.55 48.47 -30.66
C1 17F TA . 13.34 50.01 -21.81
N1 17F TA . 15.41 49.95 -23.15
O1 17F TA . 10.68 49.30 -23.41
P1 17F TA . 11.02 50.66 -22.90
C2 17F TA . 14.83 50.35 -21.85
O2 17F TA . 10.49 51.82 -23.64
C3 17F TA . 15.57 49.65 -20.71
O3 17F TA . 12.62 50.80 -22.77
C4 17F TA . 10.83 51.88 -20.58
O4 17F TA . 16.45 50.32 -20.12
C5 17F TA . 10.16 51.76 -19.21
O5 17F TA . 15.25 48.48 -20.44
C6 17F TA . 10.54 52.93 -18.33
O6 17F TA . 10.52 50.74 -21.38
C7 17F TA . 9.83 53.96 -16.37
O7 17F TA . 9.76 52.84 -17.13
C8 17F TA . 9.01 54.03 -15.08
O8 17F TA . 10.54 54.91 -16.73
C9 17F TA . 7.67 53.31 -15.31
O9 17F TA . 8.73 51.77 -19.37
C10 17F TA . 6.84 53.22 -14.03
O10 17F TA . 8.81 50.85 -17.32
C11 17F TA . 5.56 52.43 -14.31
C12 17F TA . 4.74 52.21 -13.02
C17 17F TA . 8.13 51.31 -18.24
C18 17F TA . 6.61 51.34 -18.12
C19 17F TA . 6.01 52.43 -19.01
C20 17F TA . 4.54 52.68 -18.67
C1X 17F TA . 3.46 51.42 -13.34
C1Y 17F TA . 3.94 53.75 -19.57
C1Z 17F TA . 2.55 54.17 -19.08
C2X 17F TA . 2.68 51.14 -12.06
C21 17F TA . 3.42 50.39 -11.16
C22 17F TA . 3.56 49.01 -11.34
C23 17F TA . 2.96 48.37 -12.41
C24 17F TA . 2.44 46.98 -12.02
C25 17F TA . 1.81 46.27 -13.22
C26 17F TA . 2.84 46.07 -14.32
C27 17F TA . 2.22 45.37 -15.53
C28 17F TA . 3.25 45.18 -16.65
C29 17F TA . 2.62 44.49 -17.86
C30 17F TA . 3.66 44.32 -18.98
C31 17F TA . 2.65 54.88 -17.73
C32 17F TA . 1.28 55.34 -17.24
C33 17F TA . 1.40 56.07 -16.06
C34 17F TA . 0.46 55.94 -15.03
C35 17F TA . -0.62 55.07 -15.19
C36 17F TA . -1.91 55.84 -15.50
C37 17F TA . -3.09 54.88 -15.61
C38 17F TA . -4.38 55.64 -15.92
C39 17F TA . -5.58 54.68 -15.98
C40 17F TA . -5.78 53.95 -14.65
C41 17F TA . -6.98 53.01 -14.73
C42 17F TA . -8.26 53.76 -15.08
HN1 17F TA . 16.38 50.20 -23.18
HN1A 17F TA . 15.30 48.96 -23.26
HAC 17F TA . 14.92 50.42 -23.89
C1 17F UA . 19.86 4.79 -42.18
N1 17F UA . 18.88 6.92 -42.89
O1 17F UA . 19.45 2.98 -45.27
P1 17F UA . 19.95 2.78 -43.89
C2 17F UA . 19.03 6.00 -41.76
O2 17F UA . 21.32 3.09 -43.43
C3 17F UA . 19.73 6.71 -40.60
O3 17F UA . 19.23 4.06 -43.24
C4 17F UA . 19.62 1.44 -41.65
O4 17F UA . 20.64 7.53 -40.89
C5 17F UA . 18.82 0.29 -41.03
O5 17F UA . 19.35 6.43 -39.44
C6 17F UA . 19.40 -0.03 -39.67
O6 17F UA . 19.14 1.77 -42.95
C7 17F UA . 18.73 -2.21 -39.86
O7 17F UA . 18.69 -1.11 -39.05
C8 17F UA . 18.04 -3.50 -39.41
O8 17F UA . 19.30 -2.15 -40.94
C9 17F UA . 17.63 -4.34 -40.62
O9 17F UA . 17.44 0.65 -40.90
C10 17F UA . 16.95 -5.65 -40.20
O10 17F UA . 17.44 0.31 -43.11
C11 17F UA . 16.53 -6.45 -41.43
C12 17F UA . 15.82 -7.76 -41.05
C17 17F UA . 16.81 0.63 -42.10
C18 17F UA . 15.33 0.99 -42.18
C19 17F UA . 14.98 1.63 -43.53
C20 17F UA . 15.20 0.66 -44.69
C1X 17F UA . 15.40 -8.52 -42.30
C1Y 17F UA . 14.85 1.31 -46.03
C1Z 17F UA . 15.02 0.31 -47.18
C2X 17F UA . 14.65 -9.81 -41.93
C21 17F UA . 13.52 -9.53 -41.19
C22 17F UA . 12.28 -10.05 -41.57
C23 17F UA . 12.15 -10.87 -42.67
C24 17F UA . 11.55 -12.22 -42.29
C25 17F UA . 11.32 -13.10 -43.52
C26 17F UA . 12.63 -13.39 -44.26
C27 17F UA . 12.38 -14.32 -45.45
C28 17F UA . 13.68 -14.59 -46.21
C29 17F UA . 14.28 -13.30 -46.78
C30 17F UA . 15.55 -13.58 -47.57
C31 17F UA . 14.07 -0.88 -47.03
C32 17F UA . 14.22 -1.86 -48.20
C33 17F UA . 13.33 -2.92 -48.08
C34 17F UA . 13.09 -3.75 -49.16
C35 17F UA . 13.74 -3.53 -50.38
C36 17F UA . 12.74 -3.58 -51.54
C37 17F UA . 12.05 -4.93 -51.62
C38 17F UA . 11.08 -4.99 -52.81
C39 17F UA . 10.36 -6.33 -52.86
C40 17F UA . 11.36 -7.49 -52.99
C41 17F UA . 10.64 -8.84 -53.06
C42 17F UA . 9.69 -8.90 -54.26
HN1 17F UA . 18.28 7.68 -42.63
HN1A 17F UA . 19.78 7.27 -43.15
HAC 17F UA . 18.48 6.43 -43.67
C1 17F VA . 34.00 24.42 -1.52
N1 17F VA . 32.89 25.21 0.52
O1 17F VA . 34.90 20.78 -1.73
P1 17F VA . 33.95 21.85 -2.15
C2 17F VA . 34.09 25.37 -0.32
O2 17F VA . 34.09 22.42 -3.51
C3 17F VA . 34.19 26.81 -0.84
O3 17F VA . 34.01 23.05 -1.07
C4 17F VA . 31.58 21.78 -0.97
O4 17F VA . 34.36 27.70 0.02
C5 17F VA . 30.33 20.92 -0.87
O5 17F VA . 34.12 26.99 -2.07
C6 17F VA . 30.73 19.50 -0.52
O6 17F VA . 32.47 21.27 -1.99
C7 17F VA . 29.94 17.38 -0.17
O7 17F VA . 29.57 18.69 -0.29
C8 17F VA . 28.86 16.32 0.11
O8 17F VA . 31.12 17.06 -0.32
C9 17F VA . 29.49 15.01 0.55
O9 17F VA . 29.45 21.45 0.14
C10 17F VA . 28.42 13.94 0.80
O10 17F VA . 27.98 20.09 -0.86
C11 17F VA . 27.59 13.69 -0.46
C12 17F VA . 26.51 12.65 -0.23
C17 17F VA . 28.22 20.90 0.03
C18 17F VA . 27.11 21.30 1.02
C19 17F VA . 25.86 21.76 0.27
C20 17F VA . 26.13 23.06 -0.49
C1X 17F VA . 25.66 12.45 -1.49
C1Y 17F VA . 24.90 23.48 -1.30
C1Z 17F VA . 23.63 23.45 -0.45
C2X 17F VA . 24.55 11.43 -1.26
C21 17F VA . 23.76 11.27 -2.40
C22 17F VA . 22.65 10.44 -2.36
C23 17F VA . 22.34 9.76 -1.18
C24 17F VA . 21.28 8.70 -1.42
C25 17F VA . 20.96 7.93 -0.13
C26 17F VA . 19.88 6.88 -0.37
C27 17F VA . 19.56 6.12 0.91
C28 17F VA . 18.46 5.07 0.68
C29 17F VA . 17.16 5.74 0.21
C30 17F VA . 16.05 4.70 0.01
C31 17F VA . 23.79 24.31 0.81
C32 17F VA . 22.52 24.26 1.66
C33 17F VA . 22.69 24.96 2.85
C34 17F VA . 21.72 24.90 3.84
C35 17F VA . 20.58 24.13 3.67
C36 17F VA . 19.82 23.96 5.00
C37 17F VA . 18.56 23.12 4.83
C38 17F VA . 17.82 22.95 6.16
C39 17F VA . 16.55 22.13 5.98
C40 17F VA . 15.80 21.96 7.30
C41 17F VA . 14.52 21.15 7.12
C42 17F VA . 13.57 21.84 6.15
HN1 17F VA . 32.99 25.80 1.33
HN1A 17F VA . 32.09 25.49 0.00
HAC 17F VA . 32.81 24.26 0.80
C1 17F WA . 29.25 29.08 -9.72
N1 17F WA . 30.42 28.43 -11.77
O1 17F WA . 25.59 27.90 -10.09
P1 17F WA . 26.67 28.67 -9.42
C2 17F WA . 30.51 28.45 -10.30
O2 17F WA . 26.51 30.14 -9.28
C3 17F WA . 30.66 27.02 -9.79
O3 17F WA . 28.08 28.34 -10.11
C4 17F WA . 26.66 26.63 -7.76
O4 17F WA . 31.30 26.21 -10.51
C5 17F WA . 25.18 26.27 -7.74
O5 17F WA . 30.12 26.74 -8.69
C6 17F WA . 25.05 24.77 -7.60
O6 17F WA . 26.86 28.03 -7.95
C7 17F WA . 23.55 23.11 -7.11
O7 17F WA . 23.65 24.42 -7.44
C8 17F WA . 22.16 22.51 -6.86
O8 17F WA . 24.56 22.42 -7.01
C9 17F WA . 21.35 23.40 -5.92
O9 17F WA . 24.54 26.91 -6.62
C10 17F WA . 19.94 22.85 -5.72
O10 17F WA . 22.71 26.54 -7.87
C11 17F WA . 19.21 22.75 -7.06
C12 17F WA . 17.77 22.29 -6.86
C17 17F WA . 23.19 26.94 -6.81
C18 17F WA . 22.29 27.52 -5.71
C19 17F WA . 21.36 26.43 -5.15
C20 17F WA . 20.48 26.99 -4.03
C1X 17F WA . 17.05 22.14 -8.21
C1Y 17F WA . 19.55 25.91 -3.50
C1Z 17F WA . 18.64 26.46 -2.40
C2X 17F WA . 15.59 21.75 -8.01
C21 17F WA . 14.90 22.75 -7.33
C22 17F WA . 14.56 23.93 -7.97
C23 17F WA . 14.90 24.12 -9.31
C24 17F WA . 14.63 25.57 -9.74
C25 17F WA . 15.01 25.78 -11.21
C26 17F WA . 14.75 27.22 -11.65
C27 17F WA . 15.17 27.43 -13.10
C28 17F WA . 14.94 28.88 -13.54
C29 17F WA . 13.46 29.26 -13.43
C30 17F WA . 13.23 30.70 -13.88
C31 17F WA . 17.82 27.64 -2.93
C32 17F WA . 16.86 28.17 -1.85
C33 17F WA . 16.15 29.27 -2.32
C34 17F WA . 14.77 29.34 -2.14
C35 17F WA . 14.10 28.31 -1.48
C36 17F WA . 12.90 28.86 -0.70
C37 17F WA . 12.14 27.73 0.00
C38 17F WA . 10.93 28.29 0.76
C39 17F WA . 10.13 27.16 1.42
C40 17F WA . 10.97 26.39 2.43
C41 17F WA . 10.15 25.26 3.06
C42 17F WA . 9.61 24.33 1.98
HN1 17F WA . 30.29 29.36 -12.12
HN1A 17F WA . 31.26 28.05 -12.15
HAC 17F WA . 29.65 27.86 -12.05
C1 17F XA . 19.57 46.13 -7.56
N1 17F XA . 20.91 44.49 -8.80
O1 17F XA . 19.41 47.34 -5.00
P1 17F XA . 19.32 45.86 -4.95
C2 17F XA . 19.71 45.33 -8.86
O2 17F XA . 20.24 45.13 -4.05
C3 17F XA . 19.83 46.31 -10.04
O3 17F XA . 19.46 45.25 -6.44
C4 17F XA . 17.53 44.20 -4.00
O4 17F XA . 20.21 45.84 -11.13
C5 17F XA . 16.09 44.11 -3.46
O5 17F XA . 19.55 47.50 -9.83
C6 17F XA . 15.08 44.38 -4.56
O6 17F XA . 17.80 45.49 -4.55
C7 17F XA . 13.69 45.56 -3.16
O7 17F XA . 13.77 44.47 -3.99
C8 17F XA . 12.37 45.86 -2.44
O8 17F XA . 14.68 46.28 -3.01
C9 17F XA . 11.60 44.57 -2.15
O9 17F XA . 15.91 42.81 -2.88
C10 17F XA . 10.28 44.89 -1.45
O10 17F XA . 16.29 42.13 -4.97
C11 17F XA . 9.48 43.61 -1.17
C12 17F XA . 8.14 43.93 -0.50
C17 17F XA . 16.11 41.83 -3.79
C18 17F XA . 16.11 40.36 -3.35
C19 17F XA . 15.06 39.49 -4.05
C20 17F XA . 15.38 38.03 -3.76
C1X 17F XA . 7.35 42.66 -0.23
C1Y 17F XA . 14.35 37.06 -4.36
C1Z 17F XA . 13.02 37.11 -3.61
C2X 17F XA . 5.99 42.99 0.40
C21 17F XA . 5.22 43.79 -0.44
C22 17F XA . 4.09 43.27 -1.05
C23 17F XA . 3.71 41.96 -0.83
C24 17F XA . 2.18 41.82 -0.87
C25 17F XA . 1.75 40.38 -0.60
C26 17F XA . 0.22 40.27 -0.63
C27 17F XA . -0.24 38.83 -0.36
C28 17F XA . -1.77 38.73 -0.39
C29 17F XA . -2.23 37.30 -0.10
C30 17F XA . -3.75 37.21 -0.12
C31 17F XA . 12.12 35.96 -4.07
C32 17F XA . 10.85 35.87 -3.23
C33 17F XA . 10.12 34.73 -3.57
C34 17F XA . 9.44 34.00 -2.60
C35 17F XA . 9.49 34.40 -1.26
C36 17F XA . 10.27 33.41 -0.40
C37 17F XA . 11.74 33.33 -0.84
C38 17F XA . 12.53 32.38 0.05
C39 17F XA . 14.01 32.34 -0.35
C40 17F XA . 14.80 31.42 0.58
C41 17F XA . 16.29 31.42 0.20
C42 17F XA . 17.09 30.52 1.14
HN1 17F XA . 20.66 43.95 -7.99
HN1A 17F XA . 21.76 44.86 -8.43
HAC 17F XA . 20.91 43.72 -9.44
C1 PCW YA . -1.98 3.88 -5.07
C2 PCW YA . -1.02 5.07 -5.14
C3 PCW YA . -0.71 5.58 -3.74
C4 PCW YA . -3.47 1.73 -2.32
C5 PCW YA . -4.43 0.60 -1.93
C6 PCW YA . -6.32 1.79 -0.84
C7 PCW YA . -5.14 -0.05 0.39
C8 PCW YA . -4.28 1.21 0.51
C11 PCW YA . 0.61 7.06 -2.60
C12 PCW YA . 1.54 8.28 -2.45
C13 PCW YA . 2.89 8.04 -3.12
C14 PCW YA . 3.79 9.27 -2.98
C15 PCW YA . 5.14 9.04 -3.66
C16 PCW YA . 6.05 10.26 -3.50
C17 PCW YA . 7.40 10.04 -4.17
C18 PCW YA . 8.31 11.26 -3.99
C19 PCW YA . 9.54 11.07 -4.61
C20 PCW YA . 10.59 10.48 -3.91
C21 PCW YA . 10.41 10.07 -2.59
C22 PCW YA . 11.76 9.87 -1.88
C23 PCW YA . 11.55 9.40 -0.45
C24 PCW YA . 12.87 9.17 0.27
C25 PCW YA . 13.68 10.47 0.36
C26 PCW YA . 15.00 10.25 1.11
C27 PCW YA . 15.79 11.55 1.23
C28 PCW YA . 17.10 11.33 2.00
C31 PCW YA . 0.00 4.39 -7.09
C32 PCW YA . 1.18 3.90 -7.93
C33 PCW YA . 0.70 3.02 -9.09
C34 PCW YA . 1.88 2.48 -9.90
C35 PCW YA . 2.74 3.63 -10.46
C36 PCW YA . 3.94 3.09 -11.23
C37 PCW YA . 4.80 4.22 -11.79
C38 PCW YA . 6.01 3.66 -12.53
C39 PCW YA . 6.79 4.70 -13.05
C40 PCW YA . 8.01 5.01 -12.48
C41 PCW YA . 8.48 4.28 -11.39
C42 PCW YA . 9.97 3.97 -11.52
C43 PCW YA . 10.45 3.16 -10.31
C44 PCW YA . 11.93 2.77 -10.43
C45 PCW YA . 12.85 3.99 -10.44
C46 PCW YA . 12.61 4.88 -11.66
C47 PCW YA . 13.56 6.08 -11.64
C48 PCW YA . 13.35 6.97 -12.87
N PCW YA . -5.12 0.96 -0.68
O2 PCW YA . 0.20 4.66 -5.77
O3 PCW YA . 0.15 6.73 -3.84
O11 PCW YA . 0.30 6.40 -1.62
O31 PCW YA . -1.11 4.56 -7.59
O1P PCW YA . -2.05 4.22 -2.28
O2P PCW YA . -4.24 5.47 -2.53
O3P PCW YA . -3.24 4.23 -4.48
O4P PCW YA . -4.20 2.94 -2.53
P PCW YA . -3.39 4.30 -2.87
C1 PCW ZA . -0.74 -2.18 -1.60
C2 PCW ZA . -0.10 -3.05 -0.51
C3 PCW ZA . 0.69 -2.15 0.44
C4 PCW ZA . -3.24 -5.83 -0.71
C5 PCW ZA . -4.75 -5.65 -0.61
C6 PCW ZA . -6.71 -6.74 0.47
C7 PCW ZA . -4.39 -7.41 1.16
C8 PCW ZA . -4.72 -6.09 1.86
C11 PCW ZA . 1.71 -2.05 2.48
C12 PCW ZA . 2.24 -2.60 3.79
C13 PCW ZA . 3.53 -3.40 3.57
C14 PCW ZA . 4.04 -3.96 4.90
C15 PCW ZA . 5.32 -4.78 4.72
C16 PCW ZA . 6.45 -3.93 4.14
C17 PCW ZA . 7.72 -4.76 3.95
C18 PCW ZA . 8.87 -3.94 3.39
C19 PCW ZA . 10.00 -4.72 3.18
C20 PCW ZA . 11.27 -4.16 3.25
C21 PCW ZA . 11.43 -2.81 3.53
C22 PCW ZA . 11.83 -2.04 2.27
C23 PCW ZA . 12.09 -0.57 2.57
C24 PCW ZA . 10.85 0.11 3.15
C25 PCW ZA . 9.68 0.07 2.15
C26 PCW ZA . 8.46 0.81 2.72
C27 PCW ZA . 8.80 2.27 3.01
C28 PCW ZA . 7.58 3.01 3.57
C31 PCW ZA . -0.56 -4.79 0.88
C32 PCW ZA . -1.43 -5.67 1.78
C33 PCW ZA . -1.41 -5.16 3.23
C34 PCW ZA . 0.01 -5.15 3.80
C35 PCW ZA . 0.64 -6.55 3.77
C36 PCW ZA . 2.06 -6.51 4.33
C37 PCW ZA . 2.69 -7.90 4.31
C38 PCW ZA . 4.12 -7.86 4.85
C39 PCW ZA . 4.73 -9.12 4.80
C40 PCW ZA . 5.98 -9.27 4.21
C41 PCW ZA . 6.64 -8.17 3.68
C42 PCW ZA . 7.60 -8.58 2.57
C43 PCW ZA . 8.34 -7.37 2.00
C44 PCW ZA . 9.31 -7.79 0.90
C45 PCW ZA . 10.07 -6.58 0.33
C46 PCW ZA . 11.04 -7.02 -0.76
C47 PCW ZA . 11.81 -5.82 -1.33
C48 PCW ZA . 12.78 -6.26 -2.43
N PCW ZA . -5.28 -6.41 0.54
O2 PCW ZA . -1.12 -3.73 0.24
O3 PCW ZA . 1.15 -2.89 1.56
O11 PCW ZA . 1.77 -0.84 2.22
O31 PCW ZA . 0.63 -5.05 0.72
O1P PCW ZA . -3.22 -2.96 -0.60
O2P PCW ZA . -4.01 -3.27 -3.00
O3P PCW ZA . -1.57 -2.96 -2.47
O4P PCW ZA . -2.74 -5.10 -1.84
P PCW ZA . -2.99 -3.52 -1.96
C1 PCW AB . -2.74 0.04 9.12
C2 PCW AB . -2.20 1.46 9.05
C3 PCW AB . -0.79 1.40 8.50
C4 PCW AB . -6.38 2.33 10.30
C5 PCW AB . -6.61 3.81 9.99
C6 PCW AB . -6.46 4.03 12.44
C7 PCW AB . -4.96 5.42 10.98
C8 PCW AB . -6.33 6.09 11.01
C11 PCW AB . 1.06 2.59 7.90
C12 PCW AB . 1.91 3.82 7.66
C13 PCW AB . 3.36 3.56 8.09
C14 PCW AB . 4.24 4.79 7.84
C15 PCW AB . 4.30 5.15 6.35
C16 PCW AB . 5.21 6.36 6.12
C17 PCW AB . 5.27 6.75 4.65
C18 PCW AB . 6.19 7.96 4.44
C19 PCW AB . 6.25 8.31 3.10
C20 PCW AB . 7.42 8.08 2.38
C21 PCW AB . 8.52 7.49 2.99
C22 PCW AB . 9.17 6.44 2.08
C23 PCW AB . 10.37 5.81 2.75
C24 PCW AB . 11.02 4.73 1.88
C25 PCW AB . 11.56 5.31 0.57
C26 PCW AB . 10.43 5.86 -0.30
C27 PCW AB . 10.98 6.44 -1.61
C28 PCW AB . 9.85 6.99 -2.48
C31 PCW AB . -2.98 3.57 8.51
C32 PCW AB . -3.85 4.56 7.72
C33 PCW AB . -3.12 5.14 6.52
C34 PCW AB . -2.11 6.22 6.93
C35 PCW AB . -0.98 5.67 7.81
C36 PCW AB . 0.00 6.79 8.16
C37 PCW AB . 1.15 6.28 9.02
C38 PCW AB . 2.15 7.40 9.32
C39 PCW AB . 3.21 6.94 10.09
C40 PCW AB . 4.44 7.59 10.05
C41 PCW AB . 4.61 8.70 9.24
C42 PCW AB . 5.74 8.49 8.24
C43 PCW AB . 7.08 8.24 8.95
C44 PCW AB . 8.20 7.98 7.94
C45 PCW AB . 8.39 9.19 7.01
C46 PCW AB . 9.49 8.92 5.99
C47 PCW AB . 9.69 10.12 5.07
C48 PCW AB . 10.80 9.84 4.04
N PCW AB . -6.20 4.63 11.13
O2 PCW AB . -3.05 2.25 8.20
O3 PCW AB . -0.22 2.72 8.37
O11 PCW AB . 1.51 1.46 7.70
O31 PCW AB . -2.27 3.95 9.43
O1P PCW AB . -5.60 -0.14 11.57
O2P PCW AB . -3.24 0.79 11.82
O3P PCW AB . -4.10 0.02 9.57
O4P PCW AB . -5.00 2.13 10.61
P PCW AB . -4.48 0.65 11.01
C1 PCW BB . 0.25 -2.12 10.82
C2 PCW BB . 1.70 -1.66 11.00
C3 PCW BB . 2.60 -2.50 10.09
C4 PCW BB . 0.27 0.56 14.00
C5 PCW BB . 0.05 1.16 12.62
C6 PCW BB . -1.13 2.95 13.85
C7 PCW BB . 0.85 3.53 12.40
C8 PCW BB . -0.36 3.37 11.49
C11 PCW BB . 4.44 -2.77 11.42
C12 PCW BB . 5.90 -2.56 11.84
C13 PCW BB . 6.01 -1.54 12.98
C14 PCW BB . 7.47 -1.36 13.40
C15 PCW BB . 8.07 -2.69 13.86
C16 PCW BB . 9.54 -2.53 14.24
C17 PCW BB . 9.72 -1.53 15.38
C18 PCW BB . 11.20 -1.40 15.75
C19 PCW BB . 11.38 -0.47 16.76
C20 PCW BB . 12.02 0.74 16.48
C21 PCW BB . 12.47 1.02 15.20
C22 PCW BB . 13.82 1.75 15.23
C23 PCW BB . 14.32 2.04 13.82
C24 PCW BB . 15.67 2.76 13.86
C25 PCW BB . 16.16 3.07 12.43
C26 PCW BB . 15.17 3.97 11.70
C27 PCW BB . 14.97 5.29 12.42
C28 PCW BB . 14.00 6.20 11.67
C31 PCW BB . 2.91 0.29 11.25
C32 PCW BB . 3.28 1.74 10.93
C33 PCW BB . 4.52 2.16 11.71
C34 PCW BB . 5.73 1.30 11.35
C35 PCW BB . 6.14 1.48 9.89
C36 PCW BB . 6.63 2.91 9.64
C37 PCW BB . 7.07 3.09 8.19
C38 PCW BB . 7.60 4.50 7.94
C39 PCW BB . 7.96 4.68 6.61
C40 PCW BB . 9.29 4.89 6.26
C41 PCW BB . 10.28 4.93 7.24
C42 PCW BB . 11.43 5.86 6.81
C43 PCW BB . 12.07 5.37 5.51
C44 PCW BB . 13.22 6.29 5.08
C45 PCW BB . 13.84 5.79 3.77
C46 PCW BB . 14.99 6.70 3.33
C47 PCW BB . 16.11 6.70 4.38
C48 PCW BB . 17.26 7.62 3.95
N PCW BB . -0.23 2.60 12.73
O2 PCW BB . 1.83 -0.27 10.64
O3 PCW BB . 3.98 -2.15 10.30
O11 PCW BB . 3.70 -3.50 12.07
O31 PCW BB . 3.54 -0.36 12.09
O1P PCW BB . -1.90 -1.43 13.87
O2P PCW BB . -0.16 -3.23 13.45
O3P PCW BB . -0.63 -1.46 11.73
O4P PCW BB . 0.55 -0.84 13.88
P PCW BB . -0.59 -1.83 13.30
PG GNP CB . -18.75 -27.55 9.68
O1G GNP CB . -18.99 -26.17 10.18
O2G GNP CB . -18.44 -27.57 8.10
O3G GNP CB . -17.45 -28.22 10.35
N3B GNP CB . -19.98 -28.58 9.94
PB GNP CB . -21.40 -27.83 10.11
O1B GNP CB . -21.32 -26.45 9.58
O2B GNP CB . -21.82 -27.99 11.53
O3A GNP CB . -22.38 -28.71 9.19
PA GNP CB . -22.80 -28.22 7.71
O1A GNP CB . -21.79 -27.25 7.23
O2A GNP CB . -23.07 -29.41 6.88
O5' GNP CB . -24.19 -27.44 7.97
C5' GNP CB . -25.41 -28.16 8.07
C4' GNP CB . -26.60 -27.21 8.28
O4' GNP CB . -26.46 -26.39 9.45
C3' GNP CB . -26.77 -26.22 7.12
O3' GNP CB . -27.84 -26.65 6.28
C2' GNP CB . -27.16 -24.92 7.82
O2' GNP CB . -28.33 -24.38 7.22
C1' GNP CB . -27.50 -25.43 9.23
N9 GNP CB . -27.45 -24.32 10.21
C8 GNP CB . -26.34 -23.74 10.66
N7 GNP CB . -26.67 -22.79 11.53
C5 GNP CB . -28.00 -22.75 11.62
C6 GNP CB . -28.87 -21.96 12.37
O6 GNP CB . -28.44 -21.10 13.13
N1 GNP CB . -30.24 -22.18 12.24
C2 GNP CB . -30.69 -23.18 11.37
N2 GNP CB . -31.99 -23.41 11.25
N3 GNP CB . -29.82 -23.92 10.68
C4 GNP CB . -28.49 -23.73 10.78
HNB3 GNP CB . -20.03 -29.24 9.20
HO3' GNP CB . -28.70 -26.66 6.79
HO2' GNP CB . -28.61 -23.57 7.72
HN1 GNP CB . -30.90 -21.63 12.76
HN21 GNP CB . -32.33 -24.13 10.63
HN22 GNP CB . -32.65 -22.86 11.77
MG MG DB . -18.38 -26.86 7.03
C1 PCW EB . -11.19 9.71 -19.93
C2 PCW EB . -11.17 8.83 -21.18
C3 PCW EB . -12.58 8.37 -21.48
C4 PCW EB . -12.74 10.67 -16.76
C5 PCW EB . -13.94 10.13 -15.96
C6 PCW EB . -15.56 10.99 -14.31
C7 PCW EB . -14.35 12.61 -15.80
C8 PCW EB . -15.50 12.00 -16.60
C11 PCW EB . -12.21 6.17 -22.02
C12 PCW EB . -12.14 4.95 -22.93
C13 PCW EB . -12.52 5.31 -24.37
C14 PCW EB . -12.47 4.08 -25.28
C15 PCW EB . -12.82 4.44 -26.73
C16 PCW EB . -11.81 5.45 -27.30
C17 PCW EB . -12.16 5.81 -28.74
C18 PCW EB . -11.15 6.80 -29.33
C19 PCW EB . -11.47 7.12 -30.63
C20 PCW EB . -10.90 6.42 -31.70
C21 PCW EB . -10.02 5.38 -31.45
C22 PCW EB . -9.45 4.82 -32.75
C23 PCW EB . -8.65 5.90 -33.50
C24 PCW EB . -8.08 5.33 -34.81
C25 PCW EB . -7.29 6.41 -35.57
C26 PCW EB . -6.09 6.89 -34.74
C27 PCW EB . -5.31 7.96 -35.50
C28 PCW EB . -4.10 8.43 -34.68
C31 PCW EB . -10.25 8.77 -23.30
C32 PCW EB . -9.68 9.38 -24.59
C33 PCW EB . -9.48 10.88 -24.44
C34 PCW EB . -8.44 11.21 -23.37
C35 PCW EB . -7.08 10.61 -23.75
C36 PCW EB . -6.01 10.96 -22.71
C37 PCW EB . -4.66 10.37 -23.09
C38 PCW EB . -3.59 10.76 -22.07
C39 PCW EB . -2.36 10.18 -22.39
C40 PCW EB . -1.42 10.90 -23.12
C41 PCW EB . -1.70 12.20 -23.53
C42 PCW EB . -1.39 12.38 -25.02
C43 PCW EB . -1.67 13.82 -25.48
C44 PCW EB . -1.36 13.98 -26.97
C45 PCW EB . -1.61 15.41 -27.42
C46 PCW EB . -1.34 15.56 -28.92
C47 PCW EB . 0.09 15.16 -29.26
C48 PCW EB . 0.36 15.32 -30.75
N PCW EB . -14.81 11.24 -15.55
O2 PCW EB . -10.64 9.59 -22.28
O3 PCW EB . -12.58 7.37 -22.53
O11 PCW EB . -11.94 6.08 -20.82
O31 PCW EB . -10.33 7.55 -23.17
O1P PCW EB . -10.80 12.04 -18.29
O2P PCW EB . -12.68 13.22 -19.54
O3P PCW EB . -12.02 10.86 -20.11
O4P PCW EB . -13.19 11.34 -17.94
P PCW EB . -12.12 11.98 -18.96
C1 PCW FB . 3.23 -21.26 -10.76
C2 PCW FB . 2.77 -20.29 -11.86
C3 PCW FB . 1.93 -21.05 -12.88
C4 PCW FB . -0.96 -23.12 -10.53
C5 PCW FB . -2.21 -23.50 -9.74
C6 PCW FB . -4.64 -23.04 -9.67
C7 PCW FB . -3.27 -22.16 -11.59
C8 PCW FB . -3.55 -23.64 -11.86
C11 PCW FB . 0.43 -19.41 -13.46
C12 PCW FB . -0.21 -18.36 -14.38
C13 PCW FB . 0.85 -17.46 -15.00
C14 PCW FB . 0.20 -16.41 -15.92
C15 PCW FB . 1.26 -15.52 -16.56
C16 PCW FB . 0.60 -14.46 -17.45
C17 PCW FB . 1.64 -13.52 -18.08
C18 PCW FB . 2.62 -14.30 -18.96
C19 PCW FB . 3.55 -13.46 -19.54
C20 PCW FB . 4.05 -13.73 -20.81
C21 PCW FB . 3.62 -14.84 -21.51
C22 PCW FB . 4.00 -14.75 -22.99
C23 PCW FB . 3.54 -16.00 -23.75
C24 PCW FB . 3.94 -15.93 -25.22
C25 PCW FB . 3.27 -14.74 -25.92
C26 PCW FB . 1.75 -14.86 -25.88
C27 PCW FB . 1.07 -13.71 -26.62
C28 PCW FB . 1.43 -12.37 -26.00
C31 PCW FB . 2.77 -18.49 -10.44
C32 PCW FB . 2.16 -17.30 -9.69
C33 PCW FB . 3.08 -16.08 -9.74
C34 PCW FB . 3.24 -15.54 -11.16
C35 PCW FB . 3.98 -16.52 -12.07
C36 PCW FB . 4.14 -15.94 -13.47
C37 PCW FB . 4.94 -16.88 -14.38
C38 PCW FB . 5.10 -16.28 -15.77
C39 PCW FB . 5.86 -17.09 -16.60
C40 PCW FB . 6.10 -16.71 -17.92
C41 PCW FB . 5.58 -15.52 -18.41
C42 PCW FB . 6.66 -14.68 -19.10
C43 PCW FB . 7.25 -15.44 -20.29
C44 PCW FB . 8.30 -14.58 -21.01
C45 PCW FB . 9.45 -14.20 -20.08
C46 PCW FB . 10.50 -13.37 -20.81
C47 PCW FB . 11.66 -13.01 -19.89
C48 PCW FB . 12.71 -12.17 -20.61
N PCW FB . -3.42 -23.13 -10.49
O2 PCW FB . 2.00 -19.24 -11.28
O3 PCW FB . 1.48 -20.13 -13.90
O11 PCW FB . -0.02 -19.60 -12.33
O31 PCW FB . 3.96 -18.79 -10.28
O1P PCW FB . 1.57 -23.46 -11.90
O2P PCW FB . 2.59 -24.29 -9.72
O3P PCW FB . 2.12 -21.85 -10.08
O4P PCW FB . 0.20 -23.47 -9.78
P PCW FB . 1.68 -23.36 -10.43
C1 PCW GB . -21.51 8.98 -31.72
C2 PCW GB . -20.07 8.99 -32.23
C3 PCW GB . -19.80 10.32 -32.93
C4 PCW GB . -24.60 5.77 -32.01
C5 PCW GB . -23.41 4.82 -32.04
C6 PCW GB . -23.17 5.73 -34.33
C7 PCW GB . -21.19 5.72 -32.78
C8 PCW GB . -21.32 4.31 -33.36
C11 PCW GB . -18.65 9.58 -34.76
C12 PCW GB . -17.43 9.42 -35.67
C13 PCW GB . -16.53 8.28 -35.19
C14 PCW GB . -15.30 8.13 -36.10
C15 PCW GB . -15.70 7.80 -37.54
C16 PCW GB . -16.47 6.48 -37.61
C17 PCW GB . -16.87 6.16 -39.05
C18 PCW GB . -17.62 4.83 -39.13
C19 PCW GB . -17.99 4.54 -40.44
C20 PCW GB . -17.05 4.07 -41.35
C21 PCW GB . -15.73 3.87 -40.96
C22 PCW GB . -14.80 3.86 -42.16
C23 PCW GB . -14.86 5.19 -42.93
C24 PCW GB . -13.95 5.16 -44.15
C25 PCW GB . -12.48 4.94 -43.75
C26 PCW GB . -12.00 6.07 -42.83
C27 PCW GB . -10.54 5.83 -42.43
C28 PCW GB . -10.05 6.96 -41.52
C31 PCW GB . -17.93 8.42 -31.57
C32 PCW GB . -16.82 8.18 -30.54
C33 PCW GB . -15.46 8.62 -31.08
C34 PCW GB . -15.46 10.11 -31.41
C35 PCW GB . -15.79 10.94 -30.16
C36 PCW GB . -15.76 12.45 -30.49
C37 PCW GB . -16.14 13.27 -29.27
C38 PCW GB . -16.10 14.77 -29.59
C39 PCW GB . -16.45 15.54 -28.49
C40 PCW GB . -16.76 16.89 -28.65
C41 PCW GB . -16.69 17.47 -29.91
C42 PCW GB . -15.66 18.61 -29.93
C43 PCW GB . -16.03 19.69 -28.92
C44 PCW GB . -15.01 20.83 -28.93
C45 PCW GB . -14.93 21.50 -30.31
C46 PCW GB . -13.93 22.65 -30.31
C47 PCW GB . -13.81 23.28 -31.70
C48 PCW GB . -12.79 24.42 -31.70
N PCW GB . -22.51 5.17 -33.14
O2 PCW GB . -19.16 8.80 -31.14
O3 PCW GB . -18.53 10.30 -33.61
O11 PCW GB . -19.72 9.09 -35.06
O31 PCW GB . -17.73 8.23 -32.77
O1P PCW GB . -23.19 6.28 -29.62
O2P PCW GB . -23.78 8.73 -29.89
O3P PCW GB . -21.80 7.73 -31.09
O4P PCW GB . -24.14 7.12 -31.79
P PCW GB . -23.28 7.46 -30.48
C1 PCW HB . -0.91 -1.92 -7.80
C2 PCW HB . 0.44 -1.62 -7.14
C3 PCW HB . 0.72 -2.67 -6.07
C4 PCW HB . -4.00 0.16 -6.04
C5 PCW HB . -4.32 1.63 -6.30
C6 PCW HB . -6.77 1.45 -6.61
C7 PCW HB . -5.41 2.75 -8.27
C8 PCW HB . -5.27 1.27 -8.60
C11 PCW HB . 1.92 -1.21 -4.76
C12 PCW HB . 3.15 -0.76 -3.96
C13 PCW HB . 2.72 0.14 -2.79
C14 PCW HB . 3.93 0.53 -1.93
C15 PCW HB . 4.96 1.30 -2.76
C16 PCW HB . 6.17 1.68 -1.89
C17 PCW HB . 7.22 2.43 -2.70
C18 PCW HB . 8.41 2.79 -1.80
C19 PCW HB . 9.39 3.47 -2.53
C20 PCW HB . 10.71 3.02 -2.50
C21 PCW HB . 11.03 1.90 -1.74
C22 PCW HB . 12.27 1.19 -2.30
C23 PCW HB . 12.60 -0.07 -1.49
C24 PCW HB . 11.48 -1.10 -1.58
C25 PCW HB . 10.17 -0.57 -1.00
C26 PCW HB . 9.05 -1.60 -1.12
C27 PCW HB . 7.73 -1.05 -0.57
C28 PCW HB . 6.62 -2.09 -0.71
C31 PCW HB . 1.27 -0.74 -9.10
C32 PCW HB . 2.28 -0.58 -10.24
C33 PCW HB . 1.60 -0.39 -11.59
C34 PCW HB . 0.79 -1.63 -11.98
C35 PCW HB . 0.08 -1.42 -13.32
C36 PCW HB . -0.67 -2.67 -13.76
C37 PCW HB . -1.41 -2.44 -15.07
C38 PCW HB . -2.13 -3.71 -15.54
C39 PCW HB . -2.90 -3.46 -16.68
C40 PCW HB . -2.43 -3.80 -17.94
C41 PCW HB . -1.19 -4.41 -18.10
C42 PCW HB . -0.99 -4.83 -19.56
C43 PCW HB . 0.38 -5.47 -19.78
C44 PCW HB . 0.56 -5.88 -21.24
C45 PCW HB . 1.94 -6.50 -21.47
C46 PCW HB . 3.06 -5.51 -21.14
C47 PCW HB . 4.43 -6.12 -21.43
C48 PCW HB . 5.55 -5.13 -21.11
N PCW HB . -5.46 1.73 -7.22
O2 PCW HB . 1.50 -1.64 -8.12
O3 PCW HB . 1.96 -2.41 -5.41
O11 PCW HB . 0.92 -0.51 -4.83
O31 PCW HB . 0.25 -0.05 -9.08
O1P PCW HB . -4.50 -2.42 -6.28
O2P PCW HB . -3.67 -2.27 -8.76
O3P PCW HB . -1.96 -1.94 -6.83
O4P PCW HB . -3.71 -0.50 -7.28
P PCW HB . -3.49 -2.09 -7.30
C1 PCW IB . -2.68 -11.48 -18.93
C2 PCW IB . -2.16 -11.30 -20.35
C3 PCW IB . -0.64 -11.37 -20.34
C4 PCW IB . -5.53 -9.17 -16.90
C5 PCW IB . -5.12 -8.04 -15.96
C6 PCW IB . -7.30 -6.97 -15.46
C7 PCW IB . -5.39 -5.56 -16.28
C8 PCW IB . -6.02 -6.25 -17.49
C11 PCW IB . 1.20 -11.45 -21.71
C12 PCW IB . 1.92 -11.48 -23.05
C13 PCW IB . 2.71 -10.20 -23.30
C14 PCW IB . 3.38 -10.23 -24.68
C15 PCW IB . 4.19 -8.97 -24.94
C16 PCW IB . 4.79 -8.99 -26.34
C17 PCW IB . 5.60 -7.73 -26.62
C18 PCW IB . 6.78 -7.61 -25.64
C19 PCW IB . 7.53 -6.47 -25.89
C20 PCW IB . 8.69 -6.24 -25.17
C21 PCW IB . 9.10 -7.16 -24.21
C22 PCW IB . 8.40 -6.90 -22.87
C23 PCW IB . 8.77 -7.95 -21.83
C24 PCW IB . 8.09 -7.65 -20.49
C25 PCW IB . 8.39 -8.75 -19.47
C26 PCW IB . 9.89 -8.91 -19.24
C27 PCW IB . 10.18 -10.03 -18.26
C28 PCW IB . 11.69 -10.20 -18.03
C31 PCW IB . -2.58 -12.02 -22.50
C32 PCW IB . -3.05 -13.01 -23.56
C33 PCW IB . -3.50 -12.33 -24.86
C34 PCW IB . -4.74 -11.45 -24.65
C35 PCW IB . -4.40 -10.20 -23.84
C36 PCW IB . -3.39 -9.33 -24.59
C37 PCW IB . -3.08 -8.04 -23.81
C38 PCW IB . -2.10 -7.16 -24.58
C39 PCW IB . -1.82 -5.99 -23.88
C40 PCW IB . -1.29 -4.88 -24.54
C41 PCW IB . -1.03 -4.94 -25.90
C42 PCW IB . 0.47 -4.85 -26.18
C43 PCW IB . 0.75 -4.93 -27.68
C44 PCW IB . 2.26 -4.83 -27.97
C45 PCW IB . 2.83 -3.52 -27.43
C46 PCW IB . 4.33 -3.43 -27.71
C47 PCW IB . 4.90 -2.10 -27.20
C48 PCW IB . 6.40 -2.00 -27.50
N PCW IB . -6.02 -6.88 -16.17
O2 PCW IB . -2.69 -12.34 -21.18
O3 PCW IB . -0.16 -11.33 -21.70
O11 PCW IB . 1.82 -11.52 -20.65
O31 PCW IB . -2.11 -10.92 -22.81
O1P PCW IB . -6.34 -11.79 -17.83
O2P PCW IB . -4.23 -12.76 -16.79
O3P PCW IB . -4.11 -11.39 -18.89
O4P PCW IB . -4.66 -10.28 -16.69
P PCW IB . -4.89 -11.65 -17.51
C1 PCW JB . -3.64 13.20 -8.89
C2 PCW JB . -2.25 13.69 -9.32
C3 PCW JB . -2.34 15.16 -9.69
C4 PCW JB . -7.04 15.15 -8.45
C5 PCW JB . -7.72 16.52 -8.36
C6 PCW JB . -9.85 16.20 -9.58
C7 PCW JB . -8.29 18.05 -10.27
C8 PCW JB . -7.75 16.75 -10.86
C11 PCW JB . -0.66 15.10 -11.26
C12 PCW JB . 0.68 15.53 -11.88
C13 PCW JB . 0.59 15.58 -13.41
C14 PCW JB . 1.82 16.27 -13.99
C15 PCW JB . 3.12 15.54 -13.63
C16 PCW JB . 3.27 14.23 -14.42
C17 PCW JB . 2.15 13.24 -14.10
C18 PCW JB . 2.31 11.95 -14.90
C19 PCW JB . 1.29 11.05 -14.63
C20 PCW JB . 1.53 9.69 -14.66
C21 PCW JB . 2.79 9.21 -14.97
C22 PCW JB . 3.72 9.32 -13.76
C23 PCW JB . 5.11 8.77 -14.06
C24 PCW JB . 5.08 7.28 -14.38
C25 PCW JB . 4.28 7.00 -15.66
C26 PCW JB . 4.25 5.50 -15.97
C27 PCW JB . 3.47 5.23 -17.25
C28 PCW JB . 2.03 5.73 -17.15
C31 PCW JB . -1.23 12.19 -7.91
C32 PCW JB . -0.32 11.78 -6.74
C33 PCW JB . -1.12 10.97 -5.71
C34 PCW JB . -0.24 10.61 -4.51
C35 PCW JB . 0.26 11.87 -3.80
C36 PCW JB . 1.09 11.52 -2.57
C37 PCW JB . 1.58 12.79 -1.87
C38 PCW JB . 2.43 12.43 -0.65
C39 PCW JB . 2.90 13.58 -0.01
C40 PCW JB . 3.97 13.48 0.87
C41 PCW JB . 4.57 12.25 1.11
C42 PCW JB . 5.67 11.98 0.09
C43 PCW JB . 6.27 10.58 0.30
C44 PCW JB . 7.38 10.30 -0.72
C45 PCW JB . 7.92 8.88 -0.57
C46 PCW JB . 6.81 7.85 -0.80
C47 PCW JB . 7.35 6.43 -0.66
C48 PCW JB . 6.24 5.39 -0.89
N PCW JB . -8.49 16.76 -9.59
O2 PCW JB . -1.33 13.50 -8.23
O3 PCW JB . -1.05 15.67 -10.08
O11 PCW JB . -1.37 14.27 -11.80
O31 PCW JB . -1.85 11.34 -8.55
O1P PCW JB . -6.14 12.48 -7.91
O2P PCW JB . -5.34 13.23 -5.62
O3P PCW JB . -4.06 13.85 -7.70
O4P PCW JB . -6.31 14.91 -7.24
P PCW JB . -5.51 13.51 -7.07
C1 PCW KB . -17.25 27.37 -12.81
C2 PCW KB . -17.46 27.72 -14.30
C3 PCW KB . -16.14 28.10 -14.94
C4 PCW KB . -21.49 26.38 -10.73
C5 PCW KB . -22.00 26.37 -9.29
C6 PCW KB . -21.77 28.72 -8.58
C7 PCW KB . -20.75 26.92 -7.18
C8 PCW KB . -19.80 27.15 -8.35
C11 PCW KB . -15.18 29.19 -16.72
C12 PCW KB . -15.17 29.99 -18.01
C13 PCW KB . -14.60 31.40 -17.78
C14 PCW KB . -14.62 32.25 -19.05
C15 PCW KB . -14.06 33.65 -18.78
C16 PCW KB . -12.55 33.59 -18.50
C17 PCW KB . -12.03 34.95 -18.04
C18 PCW KB . -10.52 34.94 -17.82
C19 PCW KB . -10.10 36.05 -17.10
C20 PCW KB . -9.50 37.14 -17.71
C21 PCW KB . -9.29 37.17 -19.09
C22 PCW KB . -7.79 37.30 -19.40
C23 PCW KB . -7.56 37.62 -20.89
C24 PCW KB . -8.17 38.97 -21.25
C25 PCW KB . -7.90 39.33 -22.71
C26 PCW KB . -8.49 40.70 -23.07
C27 PCW KB . -7.92 41.81 -22.17
C28 PCW KB . -8.53 43.16 -22.52
C31 PCW KB . -18.63 27.06 -16.16
C32 PCW KB . -19.36 26.06 -17.07
C33 PCW KB . -19.68 26.68 -18.42
C34 PCW KB . -20.63 25.79 -19.23
C35 PCW KB . -19.99 24.46 -19.63
C36 PCW KB . -18.89 24.65 -20.67
C37 PCW KB . -18.42 23.30 -21.22
C38 PCW KB . -17.35 23.47 -22.30
C39 PCW KB . -17.06 22.26 -22.91
C40 PCW KB . -15.74 21.94 -23.25
C41 PCW KB . -14.73 22.85 -22.96
C42 PCW KB . -14.00 23.26 -24.23
C43 PCW KB . -13.36 22.06 -24.93
C44 PCW KB . -12.56 22.50 -26.16
C45 PCW KB . -11.86 21.31 -26.82
C46 PCW KB . -11.04 21.76 -28.03
C47 PCW KB . -10.31 20.59 -28.68
C48 PCW KB . -9.50 21.05 -29.89
N PCW KB . -21.25 27.35 -8.49
O2 PCW KB . -18.09 26.63 -14.98
O3 PCW KB . -16.36 28.78 -16.18
O11 PCW KB . -14.13 28.88 -16.15
O31 PCW KB . -18.58 28.25 -16.45
O1P PCW KB . -20.31 25.99 -13.28
O2P PCW KB . -18.40 24.74 -12.18
O3P PCW KB . -18.50 27.25 -12.13
O4P PCW KB . -20.13 25.92 -10.78
P PCW KB . -19.34 25.88 -12.17
C1 PCW LB . -12.17 29.04 -5.67
C2 PCW LB . -11.57 29.21 -4.27
C3 PCW LB . -10.07 29.05 -4.38
C4 PCW LB . -13.03 25.58 -6.39
C5 PCW LB . -12.83 24.97 -7.77
C6 PCW LB . -13.93 23.24 -9.16
C7 PCW LB . -15.25 24.43 -7.39
C8 PCW LB . -15.17 25.36 -8.60
C11 PCW LB . -8.11 29.07 -3.23
C12 PCW LB . -7.18 29.31 -2.04
C13 PCW LB . -6.00 28.33 -2.07
C14 PCW LB . -4.93 28.73 -1.05
C15 PCW LB . -4.44 30.16 -1.33
C16 PCW LB . -3.28 30.56 -0.42
C17 PCW LB . -3.66 30.38 1.06
C18 PCW LB . -2.56 30.93 1.96
C19 PCW LB . -1.33 30.33 1.68
C20 PCW LB . -0.18 30.82 2.29
C21 PCW LB . -0.25 31.89 3.17
C22 PCW LB . 1.12 32.20 3.77
C23 PCW LB . 1.01 33.31 4.82
C24 PCW LB . 0.07 32.90 5.95
C25 PCW LB . -0.03 33.98 7.03
C26 PCW LB . -0.99 33.56 8.14
C27 PCW LB . -1.07 34.62 9.24
C28 PCW LB . 0.30 34.86 9.87
C31 PCW LB . -11.63 30.57 -2.43
C32 PCW LB . -11.81 31.90 -1.69
C33 PCW LB . -10.46 32.59 -1.50
C34 PCW LB . -10.61 33.93 -0.76
C35 PCW LB . -9.24 34.61 -0.61
C36 PCW LB . -9.38 35.95 0.13
C37 PCW LB . -8.02 36.63 0.26
C38 PCW LB . -8.14 37.96 1.01
C39 PCW LB . -6.90 38.58 1.11
C40 PCW LB . -6.78 39.79 1.79
C41 PCW LB . -7.89 40.38 2.36
C42 PCW LB . -7.54 41.71 3.03
C43 PCW LB . -6.96 42.70 2.03
C44 PCW LB . -6.67 44.04 2.70
C45 PCW LB . -5.64 43.87 3.82
C46 PCW LB . -4.30 43.38 3.26
C47 PCW LB . -3.73 44.36 2.25
C48 PCW LB . -2.39 43.85 1.69
N PCW LB . -14.09 24.42 -8.29
O2 PCW LB . -11.88 30.52 -3.76
O3 PCW LB . -9.44 29.31 -3.11
O11 PCW LB . -7.67 28.66 -4.30
O31 PCW LB . -11.29 29.56 -1.83
O1P PCW LB . -13.49 27.03 -4.01
O2P PCW LB . -15.72 27.77 -4.97
O3P PCW LB . -13.60 28.93 -5.62
O4P PCW LB . -14.03 26.60 -6.44
P PCW LB . -14.27 27.55 -5.16
C1 PCW MB . -3.28 14.69 4.11
C2 PCW MB . -3.42 15.84 3.12
C3 PCW MB . -4.43 16.85 3.66
C4 PCW MB . 0.02 13.96 6.43
C5 PCW MB . 0.06 15.30 5.70
C6 PCW MB . 1.38 17.40 5.80
C7 PCW MB . 2.28 15.34 6.90
C8 PCW MB . 2.56 15.22 5.41
C11 PCW MB . -3.62 18.74 2.63
C12 PCW MB . -3.65 19.89 1.62
C13 PCW MB . -2.98 21.15 2.18
C14 PCW MB . -2.95 22.26 1.13
C15 PCW MB . -2.24 23.50 1.66
C16 PCW MB . -2.13 24.58 0.57
C17 PCW MB . -3.51 25.05 0.12
C18 PCW MB . -3.39 26.02 -1.06
C19 PCW MB . -2.81 25.39 -2.16
C20 PCW MB . -2.43 26.11 -3.28
C21 PCW MB . -2.62 27.49 -3.32
C22 PCW MB . -3.99 27.83 -3.89
C23 PCW MB . -4.17 27.31 -5.32
C24 PCW MB . -5.56 27.65 -5.86
C25 PCW MB . -5.75 27.16 -7.29
C26 PCW MB . -5.61 25.63 -7.37
C27 PCW MB . -5.81 25.14 -8.81
C28 PCW MB . -4.80 25.79 -9.75
C31 PCW MB . -1.27 15.61 2.32
C32 PCW MB . 0.15 16.09 2.04
C33 PCW MB . 0.34 16.52 0.58
C34 PCW MB . -0.63 17.66 0.21
C35 PCW MB . -0.36 18.15 -1.21
C36 PCW MB . -0.54 17.02 -2.23
C37 PCW MB . -0.17 17.49 -3.64
C38 PCW MB . -0.36 16.38 -4.66
C39 PCW MB . 0.08 16.77 -5.92
C40 PCW MB . -0.57 17.78 -6.61
C41 PCW MB . -1.68 18.42 -6.07
C42 PCW MB . -1.34 19.87 -5.71
C43 PCW MB . -0.88 20.65 -6.94
C44 PCW MB . -0.55 22.09 -6.58
C45 PCW MB . -0.10 22.87 -7.82
C46 PCW MB . 0.25 24.32 -7.47
C47 PCW MB . 0.71 25.10 -8.70
C48 PCW MB . 1.07 26.54 -8.33
N PCW MB . 1.38 15.93 5.92
O2 PCW MB . -2.15 16.47 2.92
O3 PCW MB . -4.66 17.86 2.67
O11 PCW MB . -2.68 18.63 3.42
O31 PCW MB . -1.63 14.48 2.01
O1P PCW MB . -2.36 14.92 7.82
O2P PCW MB . -3.74 13.17 6.60
O3P PCW MB . -2.80 15.15 5.37
O4P PCW MB . -1.25 13.34 6.20
P PCW MB . -2.61 14.13 6.60
C1 PCW NB . 2.67 -8.75 -15.91
C2 PCW NB . 3.61 -8.16 -14.86
C3 PCW NB . 5.00 -8.76 -15.07
C4 PCW NB . -1.15 -10.19 -15.32
C5 PCW NB . -1.54 -11.66 -15.13
C6 PCW NB . -3.86 -11.52 -14.26
C7 PCW NB . -2.14 -12.86 -12.99
C8 PCW NB . -1.93 -11.39 -12.66
C11 PCW NB . 5.84 -8.99 -12.95
C12 PCW NB . 6.77 -8.63 -11.78
C13 PCW NB . 8.15 -9.25 -11.99
C14 PCW NB . 9.13 -8.84 -10.89
C15 PCW NB . 8.62 -9.27 -9.51
C16 PCW NB . 9.66 -8.92 -8.42
C17 PCW NB . 9.16 -9.31 -7.04
C18 PCW NB . 10.21 -9.00 -5.97
C19 PCW NB . 10.54 -7.65 -5.96
C20 PCW NB . 11.79 -7.24 -6.37
C21 PCW NB . 12.73 -8.17 -6.78
C22 PCW NB . 14.12 -7.55 -6.93
C23 PCW NB . 15.14 -8.61 -7.36
C24 PCW NB . 16.54 -7.98 -7.49
C25 PCW NB . 16.55 -6.86 -8.53
C26 PCW NB . 17.95 -6.26 -8.67
C27 PCW NB . 17.96 -5.15 -9.72
C28 PCW NB . 19.37 -4.55 -9.87
C31 PCW NB . 4.22 -6.12 -13.93
C32 PCW NB . 4.39 -4.60 -13.93
C33 PCW NB . 4.69 -4.09 -12.52
C34 PCW NB . 4.98 -2.58 -12.53
C35 PCW NB . 5.29 -2.08 -11.12
C36 PCW NB . 5.66 -0.60 -11.13
C37 PCW NB . 6.00 -0.11 -9.73
C38 PCW NB . 6.42 1.37 -9.74
C39 PCW NB . 6.73 1.82 -8.46
C40 PCW NB . 7.98 1.57 -7.92
C41 PCW NB . 8.94 0.88 -8.64
C42 PCW NB . 10.27 0.81 -7.87
C43 PCW NB . 11.33 0.04 -8.67
C44 PCW NB . 12.64 -0.01 -7.89
C45 PCW NB . 12.47 -0.70 -6.54
C46 PCW NB . 13.78 -0.76 -5.77
C47 PCW NB . 13.60 -1.47 -4.43
C48 PCW NB . 14.92 -1.54 -3.65
N PCW NB . -2.44 -11.80 -13.98
O2 PCW NB . 3.67 -6.74 -15.02
O3 PCW NB . 5.94 -8.29 -14.11
O11 PCW NB . 5.01 -9.89 -12.85
O31 PCW NB . 4.52 -6.79 -12.95
O1P PCW NB . -0.88 -7.66 -16.80
O2P PCW NB . 0.93 -8.76 -18.21
O3P PCW NB . 1.34 -8.24 -15.80
O4P PCW NB . -0.26 -10.08 -16.43
P PCW NB . 0.25 -8.62 -16.90
C1 PCW OB . -22.34 11.62 -26.79
C2 PCW OB . -22.85 12.96 -27.31
C3 PCW OB . -24.08 13.36 -26.50
C4 PCW OB . -19.34 10.53 -24.99
C5 PCW OB . -17.95 10.87 -24.42
C6 PCW OB . -19.27 12.01 -22.65
C7 PCW OB . -17.63 10.21 -22.01
C8 PCW OB . -16.84 11.49 -22.26
C11 PCW OB . -23.86 15.64 -26.40
C12 PCW OB . -24.19 17.08 -26.80
C13 PCW OB . -24.62 17.15 -28.27
C14 PCW OB . -25.02 18.57 -28.67
C15 PCW OB . -25.47 18.63 -30.13
C16 PCW OB . -24.31 18.30 -31.08
C17 PCW OB . -23.22 19.38 -31.00
C18 PCW OB . -22.07 19.09 -31.97
C19 PCW OB . -21.14 20.13 -31.94
C20 PCW OB . -19.84 19.92 -32.37
C21 PCW OB . -19.42 18.67 -32.82
C22 PCW OB . -17.90 18.55 -32.76
C23 PCW OB . -17.42 17.19 -33.27
C24 PCW OB . -17.84 16.97 -34.73
C25 PCW OB . -16.99 17.74 -35.73
C26 PCW OB . -17.01 19.25 -35.52
C27 PCW OB . -16.17 19.67 -34.32
C28 PCW OB . -16.21 21.18 -34.12
C31 PCW OB . -20.94 13.89 -28.17
C32 PCW OB . -19.76 14.85 -28.20
C33 PCW OB . -19.98 15.98 -29.20
C34 PCW OB . -20.07 15.45 -30.63
C35 PCW OB . -18.79 14.69 -31.00
C36 PCW OB . -18.83 14.22 -32.46
C37 PCW OB . -17.56 13.44 -32.81
C38 PCW OB . -17.56 13.03 -34.28
C39 PCW OB . -16.43 12.27 -34.59
C40 PCW OB . -15.15 12.80 -34.43
C41 PCW OB . -14.98 14.10 -33.96
C42 PCW OB . -14.04 14.88 -34.86
C43 PCW OB . -13.83 16.30 -34.34
C44 PCW OB . -12.91 17.10 -35.27
C45 PCW OB . -13.52 17.23 -36.66
C46 PCW OB . -12.61 18.03 -37.59
C47 PCW OB . -13.23 18.17 -38.99
C48 PCW OB . -12.32 18.99 -39.91
N PCW OB . -18.08 11.21 -23.00
O2 PCW OB . -21.84 13.96 -27.16
O3 PCW OB . -24.56 14.62 -26.96
O11 PCW OB . -22.98 15.41 -25.56
O31 PCW OB . -21.09 13.05 -29.07
O1P PCW OB . -21.44 9.02 -26.33
O2P PCW OB . -20.08 9.11 -28.48
O3P PCW OB . -21.22 11.16 -27.57
O4P PCW OB . -19.22 10.21 -26.38
P PCW OB . -20.51 9.76 -27.22
C1 PCW PB . -10.49 27.57 4.38
C2 PCW PB . -9.77 28.34 3.27
C3 PCW PB . -9.41 29.74 3.75
C4 PCW PB . -13.60 24.31 3.41
C5 PCW PB . -15.06 24.55 3.07
C6 PCW PB . -14.56 23.13 1.10
C7 PCW PB . -16.38 22.45 2.67
C8 PCW PB . -16.95 23.53 1.75
C11 PCW PB . -8.63 31.79 3.11
C12 PCW PB . -8.03 32.80 2.14
C13 PCW PB . -6.57 32.46 1.81
C14 PCW PB . -5.98 33.47 0.83
C15 PCW PB . -4.53 33.11 0.50
C16 PCW PB . -3.93 34.07 -0.54
C17 PCW PB . -2.50 33.66 -0.87
C18 PCW PB . -1.91 34.58 -1.95
C19 PCW PB . -0.61 34.19 -2.27
C20 PCW PB . 0.30 35.12 -2.76
C21 PCW PB . -0.09 36.45 -2.91
C22 PCW PB . -0.09 36.85 -4.39
C23 PCW PB . 1.31 36.71 -4.99
C24 PCW PB . 2.32 37.60 -4.25
C25 PCW PB . 1.90 39.07 -4.32
C26 PCW PB . 1.79 39.55 -5.77
C27 PCW PB . 3.12 39.41 -6.51
C28 PCW PB . 3.00 39.92 -7.95
C31 PCW PB . -8.23 27.97 1.61
C32 PCW PB . -7.02 27.30 0.95
C33 PCW PB . -5.96 26.89 1.97
C34 PCW PB . -5.26 28.12 2.58
C35 PCW PB . -4.18 27.68 3.57
C36 PCW PB . -3.37 28.87 4.08
C37 PCW PB . -2.32 28.42 5.10
C38 PCW PB . -1.47 29.60 5.58
C39 PCW PB . -0.59 29.21 6.58
C40 PCW PB . 0.76 29.01 6.30
C41 PCW PB . 1.26 29.19 5.02
C42 PCW PB . 2.76 29.46 5.05
C43 PCW PB . 3.32 29.62 3.64
C44 PCW PB . 4.83 29.91 3.68
C45 PCW PB . 5.41 30.04 2.27
C46 PCW PB . 6.90 30.38 2.31
C47 PCW PB . 7.13 31.74 2.99
C48 PCW PB . 8.62 32.08 3.06
N PCW PB . -15.52 23.52 2.13
O2 PCW PB . -8.60 27.61 2.87
O3 PCW PB . -8.81 30.50 2.70
O11 PCW PB . -8.97 32.11 4.24
O31 PCW PB . -8.89 28.81 0.99
O1P PCW PB . -11.12 23.91 4.75
O2P PCW PB . -11.68 25.86 6.29
O3P PCW PB . -10.83 26.25 3.95
O4P PCW PB . -13.15 25.34 4.31
P PCW PB . -11.66 25.27 4.92
C1 PCW QB . -20.40 33.07 -17.25
C2 PCW QB . -18.99 32.88 -16.73
C3 PCW QB . -19.00 31.93 -15.53
C4 PCW QB . -20.38 34.44 -13.29
C5 PCW QB . -20.14 35.50 -14.36
C6 PCW QB . -20.74 37.02 -12.50
C7 PCW QB . -18.60 37.39 -13.75
C8 PCW QB . -19.73 37.97 -14.60
C11 PCW QB . -17.10 32.82 -14.59
C12 PCW QB . -15.69 32.77 -13.99
C13 PCW QB . -14.86 31.64 -14.59
C14 PCW QB . -13.53 31.47 -13.86
C15 PCW QB . -12.70 30.33 -14.46
C16 PCW QB . -11.47 30.02 -13.61
C17 PCW QB . -10.52 31.22 -13.51
C18 PCW QB . -9.99 31.62 -14.89
C19 PCW QB . -9.06 32.65 -14.75
C20 PCW QB . -8.28 33.03 -15.84
C21 PCW QB . -8.41 32.39 -17.07
C22 PCW QB . -8.00 33.31 -18.22
C23 PCW QB . -6.51 33.68 -18.11
C24 PCW QB . -6.10 34.67 -19.20
C25 PCW QB . -6.31 34.10 -20.61
C26 PCW QB . -7.80 33.85 -20.89
C27 PCW QB . -8.00 33.31 -22.30
C28 PCW QB . -7.53 34.32 -23.35
C31 PCW QB . -18.13 33.08 -18.85
C32 PCW QB . -17.31 32.63 -20.06
C33 PCW QB . -18.01 31.50 -20.82
C34 PCW QB . -17.06 30.86 -21.83
C35 PCW QB . -16.56 31.87 -22.86
C36 PCW QB . -15.54 31.23 -23.80
C37 PCW QB . -15.07 32.21 -24.87
C38 PCW QB . -14.01 31.57 -25.77
C39 PCW QB . -13.64 32.41 -26.81
C40 PCW QB . -12.33 32.83 -26.96
C41 PCW QB . -11.34 32.42 -26.08
C42 PCW QB . -10.85 31.01 -26.42
C43 PCW QB . -9.65 30.64 -25.54
C44 PCW QB . -9.14 29.24 -25.85
C45 PCW QB . -7.90 28.91 -25.03
C46 PCW QB . -6.72 29.82 -25.40
C47 PCW QB . -7.02 31.29 -25.11
C48 PCW QB . -5.84 32.17 -25.48
N PCW QB . -19.94 36.82 -13.73
O2 PCW QB . -18.18 32.29 -17.76
O3 PCW QB . -17.67 31.68 -15.07
O11 PCW QB . -17.73 33.87 -14.63
O31 PCW QB . -18.74 34.15 -18.86
O1P PCW QB . -22.95 33.65 -14.48
O2P PCW QB . -21.87 31.51 -15.28
O3P PCW QB . -21.24 33.73 -16.28
O4P PCW QB . -20.55 33.17 -13.92
P PCW QB . -21.76 32.95 -14.97
C1 PCW RB . -8.58 19.82 8.10
C2 PCW RB . -7.25 20.49 7.73
C3 PCW RB . -7.48 21.45 6.56
C4 PCW RB . -12.31 22.52 9.49
C5 PCW RB . -13.65 21.94 9.01
C6 PCW RB . -15.96 22.70 8.54
C7 PCW RB . -14.14 24.40 8.86
C8 PCW RB . -14.03 23.87 7.44
C11 PCW RB . -5.29 21.21 5.94
C12 PCW RB . -3.88 21.69 5.59
C13 PCW RB . -2.82 20.88 6.33
C14 PCW RB . -1.42 21.42 6.04
C15 PCW RB . -0.36 20.62 6.78
C16 PCW RB . 1.04 21.21 6.56
C17 PCW RB . 2.09 20.39 7.31
C18 PCW RB . 3.48 21.00 7.15
C19 PCW RB . 3.86 21.07 5.82
C20 PCW RB . 4.48 20.00 5.21
C21 PCW RB . 4.74 18.84 5.94
C22 PCW RB . 6.23 18.50 5.92
C23 PCW RB . 7.05 19.61 6.58
C24 PCW RB . 6.64 19.81 8.03
C25 PCW RB . 7.46 20.90 8.71
C26 PCW RB . 7.05 21.07 10.17
C27 PCW RB . 7.29 19.79 10.96
C28 PCW RB . 8.77 19.40 10.94
C31 PCW RB . -6.28 20.34 9.79
C32 PCW RB . -5.66 20.86 11.08
C33 PCW RB . -4.39 21.67 10.79
C34 PCW RB . -3.35 20.81 10.07
C35 PCW RB . -2.93 19.61 10.92
C36 PCW RB . -1.86 18.78 10.21
C37 PCW RB . -1.43 17.58 11.07
C38 PCW RB . -0.35 16.76 10.37
C39 PCW RB . 0.02 15.67 11.15
C40 PCW RB . 1.37 15.39 11.36
C41 PCW RB . 2.36 16.18 10.79
C42 PCW RB . 3.71 15.45 10.80
C43 PCW RB . 4.18 15.14 12.23
C44 PCW RB . 5.51 14.41 12.22
C45 PCW RB . 5.96 14.08 13.65
C46 PCW RB . 7.29 13.33 13.66
C47 PCW RB . 7.71 12.98 15.08
C48 PCW RB . 9.05 12.23 15.09
N PCW RB . -14.53 23.02 8.54
O2 PCW RB . -6.73 21.21 8.85
O3 PCW RB . -6.25 22.11 6.25
O11 PCW RB . -5.56 20.00 5.95
O31 PCW RB . -6.38 19.13 9.59
O1P PCW RB . -11.93 20.31 7.73
O2P PCW RB . -10.88 19.03 9.65
O3P PCW RB . -9.58 20.79 8.42
O4P PCW RB . -11.48 21.45 9.94
P PCW RB . -11.03 20.29 8.91
C1 PCW SB . -6.37 13.54 -13.31
C2 PCW SB . -5.82 13.61 -14.74
C3 PCW SB . -4.38 14.11 -14.68
C4 PCW SB . -7.47 10.78 -10.82
C5 PCW SB . -6.08 11.00 -11.42
C6 PCW SB . -3.69 10.90 -10.78
C7 PCW SB . -5.45 10.09 -9.17
C8 PCW SB . -5.21 8.98 -10.21
C11 PCW SB . -3.43 12.92 -16.40
C12 PCW SB . -2.82 12.72 -17.79
C13 PCW SB . -2.45 14.06 -18.43
C14 PCW SB . -1.81 13.84 -19.81
C15 PCW SB . -1.48 15.19 -20.46
C16 PCW SB . -0.85 15.01 -21.84
C17 PCW SB . 0.49 14.27 -21.76
C18 PCW SB . 1.11 14.12 -23.14
C19 PCW SB . 2.33 13.46 -23.07
C20 PCW SB . 3.48 14.04 -23.59
C21 PCW SB . 3.42 15.30 -24.18
C22 PCW SB . 3.43 15.19 -25.71
C23 PCW SB . 3.33 16.56 -26.37
C24 PCW SB . 4.49 17.47 -25.95
C25 PCW SB . 5.83 16.86 -26.39
C26 PCW SB . 6.99 17.77 -26.00
C27 PCW SB . 8.33 17.17 -26.43
C28 PCW SB . 9.49 18.09 -26.05
C31 PCW SB . -7.10 11.98 -15.75
C32 PCW SB . -7.32 10.63 -16.43
C33 PCW SB . -8.81 10.34 -16.64
C34 PCW SB . -8.98 9.00 -17.37
C35 PCW SB . -8.26 9.01 -18.71
C36 PCW SB . -8.38 7.66 -19.42
C37 PCW SB . -7.69 7.70 -20.78
C38 PCW SB . -7.74 6.33 -21.46
C39 PCW SB . -7.16 6.37 -22.72
C40 PCW SB . -5.79 6.60 -22.87
C41 PCW SB . -4.99 6.78 -21.75
C42 PCW SB . -3.51 6.93 -22.17
C43 PCW SB . -2.62 7.16 -20.95
C44 PCW SB . -1.15 7.30 -21.36
C45 PCW SB . -0.25 7.54 -20.14
C46 PCW SB . 1.21 7.68 -20.56
C47 PCW SB . 2.11 7.93 -19.34
C48 PCW SB . 3.57 8.06 -19.77
N PCW SB . -5.06 10.40 -10.55
O2 PCW SB . -5.84 12.31 -15.35
O3 PCW SB . -3.82 14.17 -16.01
O11 PCW SB . -3.58 11.96 -15.64
O31 PCW SB . -8.03 12.76 -15.59
O1P PCW SB . -7.75 13.61 -10.87
O2P PCW SB . -9.93 13.34 -12.13
O3P PCW SB . -7.73 13.10 -13.31
O4P PCW SB . -8.47 11.34 -11.68
P PCW SB . -8.53 12.93 -11.92
C1 PCW TB . -6.43 5.29 -15.97
C2 PCW TB . -4.94 5.54 -16.18
C3 PCW TB . -4.66 5.70 -17.66
C4 PCW TB . -5.10 5.22 -11.66
C5 PCW TB . -3.77 5.72 -11.09
C6 PCW TB . -3.44 3.33 -10.55
C7 PCW TB . -1.73 4.53 -11.93
C8 PCW TB . -1.48 4.90 -10.47
C11 PCW TB . -2.68 4.56 -17.85
C12 PCW TB . -1.18 4.39 -18.09
C13 PCW TB . -0.89 4.00 -19.53
C14 PCW TB . 0.62 3.82 -19.76
C15 PCW TB . 0.91 3.41 -21.20
C16 PCW TB . 0.48 4.51 -22.20
C17 PCW TB . 0.76 4.08 -23.64
C18 PCW TB . 0.36 5.19 -24.62
C19 PCW TB . 0.53 4.78 -25.94
C20 PCW TB . 1.73 5.05 -26.61
C21 PCW TB . 2.77 5.73 -25.97
C22 PCW TB . 2.75 7.21 -26.29
C23 PCW TB . 2.84 7.46 -27.80
C24 PCW TB . 4.15 6.89 -28.36
C25 PCW TB . 5.36 7.57 -27.72
C26 PCW TB . 6.68 6.98 -28.26
C27 PCW TB . 7.88 7.65 -27.60
C28 PCW TB . 7.87 9.16 -27.86
C31 PCW TB . -3.22 6.79 -15.28
C32 PCW TB . -2.62 8.02 -14.58
C33 PCW TB . -1.47 7.61 -13.64
C34 PCW TB . -0.88 8.85 -12.94
C35 PCW TB . 0.26 8.44 -12.01
C36 PCW TB . 0.86 9.67 -11.31
C37 PCW TB . 1.99 9.26 -10.37
C38 PCW TB . 2.59 10.47 -9.66
C39 PCW TB . 3.62 10.09 -8.81
C40 PCW TB . 4.92 10.46 -9.09
C41 PCW TB . 5.20 11.21 -10.23
C42 PCW TB . 5.41 12.69 -9.85
C43 PCW TB . 5.73 13.53 -11.10
C44 PCW TB . 5.94 15.00 -10.74
C45 PCW TB . 6.24 15.84 -11.97
C46 PCW TB . 7.56 15.41 -12.65
C47 PCW TB . 7.45 13.98 -13.19
C48 PCW TB . 8.77 13.55 -13.84
N PCW TB . -2.83 4.60 -10.97
O2 PCW TB . -4.56 6.75 -15.48
O3 PCW TB . -3.25 5.79 -17.93
O11 PCW TB . -3.40 3.58 -17.60
O31 PCW TB . -2.50 5.86 -15.62
O1P PCW TB . -7.14 3.52 -12.73
O2P PCW TB . -5.59 2.92 -14.65
O3P PCW TB . -6.74 5.15 -14.58
O4P PCW TB . -4.89 4.63 -12.94
P PCW TB . -6.12 3.93 -13.72
C1 PCW UB . -13.29 19.49 -7.99
C2 PCW UB . -12.38 19.63 -9.21
C3 PCW UB . -13.22 20.02 -10.41
C4 PCW UB . -16.96 19.37 -6.88
C5 PCW UB . -18.42 19.46 -7.33
C6 PCW UB . -20.60 20.14 -6.38
C7 PCW UB . -18.48 20.83 -5.23
C8 PCW UB . -18.70 21.78 -6.41
C11 PCW UB . -13.21 20.45 -12.65
C12 PCW UB . -12.59 20.56 -14.04
C13 PCW UB . -11.88 21.91 -14.21
C14 PCW UB . -11.19 21.98 -15.58
C15 PCW UB . -10.44 23.30 -15.74
C16 PCW UB . -9.72 23.35 -17.09
C17 PCW UB . -8.97 24.66 -17.27
C18 PCW UB . -8.22 24.70 -18.60
C19 PCW UB . -9.10 24.55 -19.67
C20 PCW UB . -8.76 23.75 -20.75
C21 PCW UB . -7.53 23.09 -20.77
C22 PCW UB . -7.51 22.00 -21.85
C23 PCW UB . -7.67 22.59 -23.26
C24 PCW UB . -9.02 23.28 -23.44
C25 PCW UB . -9.16 23.86 -24.84
C26 PCW UB . -8.06 24.90 -25.12
C27 PCW UB . -8.18 25.46 -26.53
C28 PCW UB . -7.07 26.47 -26.82
C31 PCW UB . -10.34 20.55 -9.83
C32 PCW UB . -9.18 21.54 -9.71
C33 PCW UB . -7.95 21.05 -10.46
C34 PCW UB . -6.80 22.04 -10.32
C35 PCW UB . -5.58 21.61 -11.13
C36 PCW UB . -5.93 21.52 -12.62
C37 PCW UB . -4.70 21.12 -13.44
C38 PCW UB . -5.05 21.04 -14.93
C39 PCW UB . -3.93 20.74 -15.70
C40 PCW UB . -4.02 20.78 -17.08
C41 PCW UB . -5.24 21.10 -17.67
C42 PCW UB . -5.25 20.72 -19.16
C43 PCW UB . -4.18 21.51 -19.92
C44 PCW UB . -4.23 21.16 -21.41
C45 PCW UB . -3.19 21.96 -22.19
C46 PCW UB . -3.22 21.61 -23.68
C47 PCW UB . -2.18 22.41 -24.46
C48 PCW UB . -2.21 22.05 -25.95
N PCW UB . -19.15 20.38 -6.45
O2 PCW UB . -11.38 20.62 -8.94
O3 PCW UB . -12.42 20.07 -11.60
O11 PCW UB . -14.40 20.69 -12.46
O31 PCW UB . -10.36 19.71 -10.73
O1P PCW UB . -14.52 19.81 -5.47
O2P PCW UB . -14.77 22.29 -5.93
O3P PCW UB . -13.92 20.75 -7.70
O4P PCW UB . -16.34 20.65 -6.99
P PCW UB . -14.86 20.90 -6.41
C1 PCW VB . -11.48 -8.50 -35.71
C2 PCW VB . -10.12 -9.06 -35.27
C3 PCW VB . -9.11 -8.86 -36.39
C4 PCW VB . -14.95 -7.47 -32.69
C5 PCW VB . -15.08 -6.21 -31.82
C6 PCW VB . -14.98 -7.13 -29.53
C7 PCW VB . -16.89 -5.64 -30.18
C8 PCW VB . -17.19 -7.03 -30.72
C11 PCW VB . -6.96 -9.30 -37.02
C12 PCW VB . -5.50 -9.67 -36.82
C13 PCW VB . -5.32 -10.76 -35.77
C14 PCW VB . -3.84 -11.09 -35.58
C15 PCW VB . -3.63 -12.18 -34.52
C16 PCW VB . -4.16 -11.73 -33.15
C17 PCW VB . -3.91 -12.80 -32.09
C18 PCW VB . -2.43 -13.12 -31.97
C19 PCW VB . -2.20 -14.09 -31.01
C20 PCW VB . -1.97 -13.74 -29.69
C21 PCW VB . -1.97 -12.41 -29.31
C22 PCW VB . -0.72 -11.69 -29.81
C23 PCW VB . -0.71 -10.22 -29.39
C24 PCW VB . 0.52 -9.50 -29.93
C25 PCW VB . 0.55 -8.04 -29.47
C26 PCW VB . 1.80 -7.33 -30.00
C27 PCW VB . 3.08 -7.98 -29.48
C28 PCW VB . 4.32 -7.24 -30.00
C31 PCW VB . -8.76 -9.15 -33.44
C32 PCW VB . -8.15 -8.66 -32.12
C33 PCW VB . -7.58 -7.25 -32.21
C34 PCW VB . -6.45 -7.14 -33.23
C35 PCW VB . -6.97 -7.17 -34.67
C36 PCW VB . -7.89 -5.98 -34.94
C37 PCW VB . -8.38 -5.98 -36.38
C38 PCW VB . -9.28 -4.76 -36.66
C39 PCW VB . -9.73 -4.77 -37.97
C40 PCW VB . -8.99 -4.16 -38.98
C41 PCW VB . -7.78 -3.55 -38.66
C42 PCW VB . -6.62 -4.18 -39.46
C43 PCW VB . -5.29 -3.53 -39.11
C44 PCW VB . -4.14 -4.17 -39.89
C45 PCW VB . -2.80 -3.53 -39.55
C46 PCW VB . -2.75 -2.06 -39.96
C47 PCW VB . -3.76 -1.23 -39.17
C48 PCW VB . -3.69 0.24 -39.58
N PCW VB . -15.80 -6.54 -30.59
O2 PCW VB . -9.70 -8.39 -34.07
O3 PCW VB . -7.81 -9.28 -35.96
O11 PCW VB . -7.40 -9.06 -38.15
O31 PCW VB . -8.41 -10.22 -33.93
O1P PCW VB . -14.06 -7.70 -36.35
O2P PCW VB . -14.89 -9.45 -34.71
O3P PCW VB . -12.49 -8.75 -34.72
O4P PCW VB . -14.26 -7.15 -33.91
P PCW VB . -14.01 -8.30 -35.00
C1 17F WB . -8.39 -15.33 -22.55
N1 17F WB . -8.56 -17.77 -22.70
O1 17F WB . -6.46 -15.64 -24.22
P1 17F WB . -7.56 -15.13 -25.06
C2 17F WB . -7.71 -16.67 -22.28
O2 17F WB . -8.27 -15.93 -26.10
C3 17F WB . -7.42 -16.78 -20.78
O3 17F WB . -8.72 -15.19 -23.94
C4 17F WB . -8.75 -13.03 -26.09
O4 17F WB . -7.54 -17.92 -20.26
C5 17F WB . -8.63 -11.51 -26.26
O5 17F WB . -7.08 -15.74 -20.17
C6 17F WB . -8.78 -10.82 -24.92
O6 17F WB . -7.72 -13.55 -25.24
C7 17F WB . -8.92 -8.77 -23.93
O7 17F WB . -8.78 -9.40 -25.12
C8 17F WB . -8.97 -7.24 -23.89
O8 17F WB . -8.99 -9.42 -22.89
C9 17F WB . -8.91 -6.65 -25.31
O9 17F WB . -7.35 -11.19 -26.84
C10 17F WB . -9.01 -5.13 -25.28
O10 17F WB . -8.18 -12.39 -28.55
C11 17F WB . -7.87 -4.52 -24.46
C12 17F WB . -7.96 -3.00 -24.43
C17 17F WB . -7.24 -11.73 -28.09
C18 17F WB . -5.96 -11.51 -28.90
C19 17F WB . -5.90 -10.09 -29.45
C20 17F WB . -4.63 -9.89 -30.29
C1X 17F WB . -6.83 -2.39 -23.58
C1Y 17F WB . -4.56 -8.46 -30.83
C1Z 17F WB . -3.31 -8.26 -31.68
C2X 17F WB . -6.92 -0.86 -23.58
C21 17F WB . -5.91 -0.31 -22.80
C22 17F WB . -4.69 0.03 -23.37
C23 17F WB . -4.47 -0.19 -24.72
C24 17F WB . -3.20 0.52 -25.20
C25 17F WB . -2.95 0.28 -26.69
C26 17F WB . -1.69 1.00 -27.15
C27 17F WB . -1.43 0.75 -28.64
C28 17F WB . -0.17 1.48 -29.11
C29 17F WB . 0.09 1.24 -30.60
C30 17F WB . 1.36 1.96 -31.05
C31 17F WB . -3.21 -6.82 -32.20
C32 17F WB . -1.94 -6.62 -33.05
C33 17F WB . -1.84 -5.32 -33.50
C34 17F WB . -1.92 -5.03 -34.85
C35 17F WB . -2.10 -6.05 -35.78
C36 17F WB . -3.43 -5.87 -36.53
C37 17F WB . -3.62 -6.98 -37.57
C38 17F WB . -4.95 -6.78 -38.32
C39 17F WB . -5.14 -7.87 -39.39
C40 17F WB . -4.01 -7.82 -40.42
C41 17F WB . -4.22 -8.89 -41.49
C42 17F WB . -3.10 -8.85 -42.53
HN1 17F WB . -8.62 -17.54 -23.68
HN1A 17F WB . -9.54 -17.73 -22.52
HAC 17F WB . -8.09 -18.66 -22.82
C1 17F XB . -11.06 20.21 -2.45
N1 17F XB . -13.30 20.19 -3.45
O1 17F XB . -10.80 19.42 -5.95
P1 17F XB . -10.01 19.34 -4.70
C2 17F XB . -12.36 19.41 -2.64
O2 17F XB . -10.01 18.06 -3.96
C3 17F XB . -12.97 19.10 -1.27
O3 17F XB . -10.47 20.53 -3.72
C4 17F XB . -7.41 19.13 -4.37
O4 17F XB . -13.20 17.91 -1.00
C5 17F XB . -6.07 19.45 -5.04
O5 17F XB . -13.21 20.07 -0.52
C6 17F XB . -6.15 19.01 -6.50
O6 17F XB . -8.49 19.73 -5.06
C7 17F XB . -5.03 19.05 -8.50
O7 17F XB . -4.94 19.38 -7.19
C8 17F XB . -3.87 19.36 -9.45
O8 17F XB . -6.04 18.48 -8.92
C9 17F XB . -4.01 18.60 -10.77
O9 17F XB . -5.83 20.85 -5.00
C10 17F XB . -2.86 18.93 -11.72
O10 17F XB . -5.45 20.41 -2.83
C11 17F XB . -1.51 18.56 -11.08
C12 17F XB . -0.35 18.90 -12.02
C17 17F XB . -5.50 21.25 -3.74
C18 17F XB . -5.17 22.71 -3.46
C19 17F XB . -3.71 23.01 -3.81
C20 17F XB . -2.75 22.18 -2.96
C1X 17F XB . 0.99 18.54 -11.39
C1Y 17F XB . -1.29 22.46 -3.35
C1Z 17F XB . -0.33 21.64 -2.47
C2X 17F XB . 2.15 18.86 -12.33
C21 17F XB . 3.37 18.51 -11.77
C22 17F XB . 4.55 18.68 -12.47
C23 17F XB . 4.54 19.22 -13.75
C24 17F XB . 4.64 18.12 -14.81
C25 17F XB . 4.64 18.71 -16.22
C26 17F XB . 3.36 19.53 -16.47
C27 17F XB . 3.37 20.14 -17.87
C28 17F XB . 2.12 20.97 -18.14
C29 17F XB . 2.14 21.59 -19.54
C30 17F XB . 0.88 22.41 -19.80
C31 17F XB . -0.49 22.01 -0.99
C32 17F XB . 0.50 21.22 -0.12
C33 17F XB . 0.38 21.59 1.22
C34 17F XB . 0.90 20.77 2.21
C35 17F XB . 1.54 19.58 1.88
C36 17F XB . 2.96 19.54 2.45
C37 17F XB . 3.66 18.23 2.08
C38 17F XB . 3.78 18.08 0.56
C39 17F XB . 4.51 16.79 0.19
C40 17F XB . 4.61 16.62 -1.32
C41 17F XB . 3.22 16.59 -1.97
C42 17F XB . 3.32 16.42 -3.48
HN1 17F XB . -12.91 20.35 -4.36
HN1A 17F XB . -14.16 19.68 -3.53
HAC 17F XB . -13.49 21.06 -3.00
C1 17F YB . -14.51 -1.81 -26.63
N1 17F YB . -15.67 -3.21 -24.98
O1 17F YB . -15.59 -1.43 -29.39
P1 17F YB . -14.54 -2.46 -29.17
C2 17F YB . -14.47 -2.39 -25.21
O2 17F YB . -14.59 -3.69 -29.98
C3 17F YB . -14.38 -1.27 -24.19
O3 17F YB . -14.49 -2.84 -27.61
C4 17F YB . -12.21 -2.26 -30.39
O4 17F YB . -15.00 -0.20 -24.44
C5 17F YB . -10.93 -1.43 -30.43
O5 17F YB . -13.70 -1.47 -23.16
C6 17F YB . -10.04 -1.92 -31.56
O6 17F YB . -13.12 -1.75 -29.41
C7 17F YB . -8.11 -1.64 -32.72
O7 17F YB . -8.83 -1.16 -31.67
C8 17F YB . -6.77 -1.02 -33.11
O8 17F YB . -8.57 -2.61 -33.35
C9 17F YB . -6.81 -0.51 -34.55
O9 17F YB . -11.27 -0.05 -30.63
C10 17F YB . -5.46 0.04 -35.00
O10 17F YB . -9.42 0.26 -29.40
C11 17F YB . -4.38 -1.06 -34.97
C12 17F YB . -3.04 -0.52 -35.49
C17 17F YB . -10.36 0.75 -30.02
C18 17F YB . -10.54 2.27 -30.09
C19 17F YB . -9.22 3.03 -29.95
C20 17F YB . -8.50 2.65 -28.65
C1X 17F YB . -1.98 -1.63 -35.47
C1Y 17F YB . -7.30 3.56 -28.39
C1Z 17F YB . -6.28 3.52 -29.54
C2X 17F YB . -0.63 -1.12 -36.00
C21 17F YB . 0.33 -2.13 -35.93
C22 17F YB . 1.51 -2.03 -36.64
C23 17F YB . 1.77 -0.92 -37.44
C24 17F YB . 2.63 -1.33 -38.65
C25 17F YB . 2.97 -0.12 -39.52
C26 17F YB . 3.79 0.91 -38.74
C27 17F YB . 4.16 2.10 -39.64
C28 17F YB . 4.99 3.13 -38.88
C29 17F YB . 5.34 4.32 -39.78
C30 17F YB . 6.20 5.34 -39.04
C31 17F YB . -6.89 4.07 -30.84
C32 17F YB . -5.86 4.12 -31.96
C33 17F YB . -4.82 4.99 -31.67
C34 17F YB . -3.65 4.96 -32.40
C35 17F YB . -3.51 4.05 -33.44
C36 17F YB . -3.37 4.76 -34.80
C37 17F YB . -2.10 5.62 -34.83
C38 17F YB . -1.94 6.29 -36.20
C39 17F YB . -0.64 7.09 -36.27
C40 17F YB . -0.64 8.22 -35.24
C41 17F YB . 0.67 9.02 -35.34
C42 17F YB . 0.71 10.14 -34.30
HN1 17F YB . -15.71 -3.94 -25.66
HN1A 17F YB . -15.62 -3.61 -24.06
HAC 17F YB . -16.48 -2.63 -25.04
C1 17F ZB . -24.47 22.20 -22.50
N1 17F ZB . -24.41 23.11 -20.22
O1 17F ZB . -21.27 23.70 -21.92
P1 17F ZB . -22.08 23.17 -23.04
C2 17F ZB . -24.90 23.36 -21.60
O2 17F ZB . -22.88 24.13 -23.84
C3 17F ZB . -26.41 23.48 -21.59
O3 17F ZB . -23.06 22.02 -22.49
C4 17F ZB . -21.57 21.81 -25.24
O4 17F ZB . -26.97 23.82 -20.52
C5 17F ZB . -20.45 21.04 -25.96
O5 17F ZB . -27.02 23.23 -22.66
C6 17F ZB . -19.93 19.96 -25.03
O6 17F ZB . -21.09 22.37 -24.02
C7 17F ZB . -18.36 18.29 -24.88
O7 17F ZB . -18.83 19.28 -25.68
C8 17F ZB . -17.18 17.45 -25.37
O8 17F ZB . -18.90 18.04 -23.81
C9 17F ZB . -16.01 18.36 -25.78
O9 17F ZB . -20.98 20.42 -27.15
C10 17F ZB . -14.87 17.55 -26.41
O10 17F ZB . -21.22 20.81 -29.33
C11 17F ZB . -14.29 16.54 -25.42
C12 17F ZB . -13.17 15.75 -26.08
C17 17F ZB . -20.78 21.20 -28.25
C18 17F ZB . -20.02 22.51 -28.16
C19 17F ZB . -19.77 23.07 -29.56
C20 17F ZB . -19.01 24.40 -29.52
C1X 17F ZB . -12.48 14.79 -25.11
C1Y 17F ZB . -18.80 24.95 -30.93
C1Z 17F ZB . -18.00 26.25 -30.92
C2X 17F ZB . -11.38 14.01 -25.83
C21 17F ZB . -11.90 13.20 -26.83
C22 17F ZB . -11.78 13.53 -28.17
C23 17F ZB . -11.11 14.70 -28.57
C24 17F ZB . -12.09 15.88 -28.64
C25 17F ZB . -11.39 17.14 -29.12
C26 17F ZB . -10.89 16.99 -30.56
C27 17F ZB . -10.21 18.28 -31.04
C28 17F ZB . -9.79 18.17 -32.51
C29 17F ZB . -8.79 17.02 -32.71
C30 17F ZB . -8.38 16.91 -34.17
C31 17F ZB . -16.59 26.02 -30.37
C32 17F ZB . -15.77 27.32 -30.40
C33 17F ZB . -14.48 27.10 -29.94
C34 17F ZB . -13.48 28.05 -30.17
C35 17F ZB . -13.78 29.21 -30.86
C36 17F ZB . -12.88 30.37 -30.40
C37 17F ZB . -11.41 30.03 -30.62
C38 17F ZB . -10.50 31.16 -30.12
C39 17F ZB . -9.03 30.83 -30.33
C40 17F ZB . -8.13 31.96 -29.83
C41 17F ZB . -6.65 31.62 -30.02
C42 17F ZB . -6.29 30.35 -29.26
HN1 17F ZB . -24.84 23.90 -19.78
HN1A 17F ZB . -23.48 23.34 -19.99
HAC 17F ZB . -24.93 22.41 -19.72
C1 17F AC . -22.75 31.89 -11.48
N1 17F AC . -21.29 30.27 -12.60
O1 17F AC . -21.60 32.63 -8.96
P1 17F AC . -20.89 33.18 -10.13
C2 17F AC . -22.10 30.51 -11.41
O2 17F AC . -20.45 34.60 -10.08
C3 17F AC . -23.20 29.44 -11.29
O3 17F AC . -21.77 32.94 -11.45
C4 17F AC . -18.31 32.86 -10.50
O4 17F AC . -22.97 28.34 -11.82
C5 17F AC . -17.21 31.81 -10.63
O5 17F AC . -24.24 29.75 -10.66
C6 17F AC . -17.37 31.05 -11.94
O6 17F AC . -19.60 32.26 -10.39
C7 17F AC . -15.68 29.67 -11.19
O7 17F AC . -16.10 30.45 -12.23
C8 17F AC . -14.29 29.04 -11.25
O8 17F AC . -16.43 29.48 -10.24
C9 17F AC . -13.86 28.54 -9.87
O9 17F AC . -15.93 32.46 -10.67
C10 17F AC . -12.35 28.26 -9.83
O10 17F AC . -16.30 32.57 -8.46
C11 17F AC . -11.57 29.55 -10.04
C12 17F AC . -10.06 29.33 -9.89
C17 17F AC . -15.55 32.80 -9.41
C18 17F AC . -14.19 33.45 -9.18
C19 17F AC . -14.29 34.98 -9.13
C20 17F AC . -12.91 35.59 -8.87
C1X 17F AC . -9.32 30.66 -9.97
C1Y 17F AC . -12.98 37.12 -8.81
C1Z 17F AC . -11.59 37.71 -8.57
C2X 17F AC . -7.81 30.49 -9.75
C21 17F AC . -7.25 29.70 -10.75
C22 17F AC . -6.31 30.24 -11.62
C23 17F AC . -5.93 31.57 -11.50
C24 17F AC . -4.53 31.70 -10.90
C25 17F AC . -4.12 33.17 -10.76
C26 17F AC . -2.72 33.31 -10.16
C27 17F AC . -2.32 34.78 -10.04
C28 17F AC . -0.92 34.93 -9.44
C29 17F AC . -0.54 36.42 -9.34
C30 17F AC . 0.85 36.57 -8.74
C31 17F AC . -11.64 39.24 -8.52
C32 17F AC . -10.24 39.81 -8.27
C33 17F AC . -10.27 41.19 -8.19
C34 17F AC . -9.14 41.88 -7.75
C35 17F AC . -8.00 41.17 -7.39
C36 17F AC . -6.74 42.01 -7.59
C37 17F AC . -6.82 43.29 -6.76
C38 17F AC . -5.55 44.15 -6.94
C39 17F AC . -5.66 45.45 -6.16
C40 17F AC . -5.85 45.17 -4.67
C41 17F AC . -5.96 46.48 -3.88
C42 17F AC . -7.12 47.33 -4.39
HN1 17F AC . -22.01 30.33 -13.29
HN1A 17F AC . -21.01 29.34 -12.82
HAC 17F AC . -20.75 31.05 -12.92
C1 17F BC . 0.81 -9.24 -2.38
N1 17F BC . -1.59 -8.83 -2.09
O1 17F BC . 0.23 -5.77 -3.67
P1 17F BC . 0.89 -7.08 -3.88
C2 17F BC . -0.60 -9.60 -2.85
O2 17F BC . 0.31 -8.00 -4.89
C3 17F BC . -0.84 -11.10 -2.62
O3 17F BC . 1.03 -7.83 -2.47
C4 17F BC . 3.19 -5.84 -3.55
O4 17F BC . -1.19 -11.46 -1.47
C5 17F BC . 4.59 -5.70 -4.14
O5 17F BC . -0.67 -11.86 -3.60
C6 17F BC . 4.51 -5.07 -5.52
O6 17F BC . 2.42 -6.78 -4.29
C7 17F BC . 5.80 -3.91 -7.04
O7 17F BC . 5.83 -4.67 -5.91
C8 17F BC . 7.11 -3.32 -7.57
O8 17F BC . 4.74 -3.70 -7.62
C9 17F BC . 7.16 -3.30 -9.10
O9 17F BC . 5.38 -4.82 -3.32
C10 17F BC . 8.43 -2.60 -9.58
O10 17F BC . 6.98 -6.07 -4.25
C11 17F BC . 8.53 -2.57 -11.10
C12 17F BC . 9.79 -1.83 -11.55
C17 17F BC . 6.69 -5.10 -3.56
C18 17F BC . 7.79 -4.26 -2.93
C19 17F BC . 9.11 -4.50 -3.66
C20 17F BC . 10.22 -3.55 -3.18
C1X 17F BC . 9.92 -1.85 -13.07
C1Y 17F BC . 11.53 -3.82 -3.92
C1Z 17F BC . 11.34 -3.72 -5.43
C2X 17F BC . 11.18 -1.08 -13.51
C21 17F BC . 11.34 -1.14 -14.89
C22 17F BC . 11.37 0.02 -15.64
C23 17F BC . 11.24 1.26 -15.03
C24 17F BC . 9.83 1.83 -15.23
C25 17F BC . 9.71 3.22 -14.59
C26 17F BC . 10.67 4.21 -15.24
C27 17F BC . 10.52 5.61 -14.63
C28 17F BC . 11.49 6.60 -15.27
C29 17F BC . 11.22 6.71 -16.78
C30 17F BC . 12.19 7.70 -17.43
C31 17F BC . 12.65 -3.99 -6.16
C32 17F BC . 12.46 -3.92 -7.69
C33 17F BC . 13.66 -4.13 -8.34
C34 17F BC . 13.72 -4.96 -9.47
C35 17F BC . 12.58 -5.57 -9.96
C36 17F BC . 12.19 -4.99 -11.32
C37 17F BC . 10.97 -5.73 -11.90
C38 17F BC . 10.59 -5.15 -13.26
C39 17F BC . 9.44 -5.93 -13.90
C40 17F BC . 9.84 -7.37 -14.15
C41 17F BC . 8.69 -8.15 -14.81
C42 17F BC . 9.08 -9.61 -15.07
HN1 17F BC . -1.45 -8.97 -1.11
HN1A 17F BC . -1.48 -7.85 -2.30
HAC 17F BC . -2.51 -9.11 -2.34
C1 17F CC . -15.04 14.24 -12.23
N1 17F CC . -16.12 16.19 -13.30
O1 17F CC . -12.20 16.24 -11.12
P1 17F CC . -13.29 16.23 -12.13
C2 17F CC . -15.98 14.73 -13.34
O2 17F CC . -14.50 17.03 -11.86
C3 17F CC . -17.35 14.07 -13.14
O3 17F CC . -13.69 14.70 -12.43
C4 17F CC . -13.50 17.01 -14.65
O4 17F CC . -18.22 14.71 -12.52
C5 17F CC . -12.67 17.34 -15.89
O5 17F CC . -17.50 12.93 -13.62
C6 17F CC . -13.60 17.58 -17.07
O6 17F CC . -12.66 16.70 -13.53
C7 17F CC . -12.40 19.07 -18.35
O7 17F CC . -12.83 17.79 -18.26
C8 17F CC . -11.53 19.49 -19.53
O8 17F CC . -12.75 19.89 -17.50
C9 17F CC . -10.09 19.00 -19.36
O9 17F CC . -11.86 18.50 -15.65
C10 17F CC . -9.23 19.40 -20.55
O10 17F CC . -9.88 19.00 -14.74
C11 17F CC . -9.78 18.82 -21.85
C12 17F CC . -8.90 19.19 -23.05
C17 17F CC . -10.70 18.13 -15.05
C18 17F CC . -10.41 16.66 -14.76
C19 17F CC . -8.91 16.37 -14.85
C20 17F CC . -8.13 17.16 -13.79
C1X 17F CC . -9.46 18.61 -24.35
C1Y 17F CC . -6.63 16.90 -13.91
C1Z 17F CC . -6.09 17.37 -15.26
C2X 17F CC . -8.55 18.95 -25.54
C21 17F CC . -8.45 20.32 -25.71
C22 17F CC . -7.22 20.89 -26.00
C23 17F CC . -6.08 20.10 -26.10
C24 17F CC . -5.30 20.42 -27.39
C25 17F CC . -4.04 19.56 -27.48
C26 17F CC . -3.24 19.89 -28.74
C27 17F CC . -1.99 19.02 -28.82
C28 17F CC . -1.17 19.33 -30.07
C29 17F CC . 0.07 18.44 -30.14
C30 17F CC . 0.90 18.73 -31.40
C31 17F CC . -4.59 17.12 -15.37
C32 17F CC . -4.04 17.62 -16.71
C33 17F CC . -4.63 16.97 -17.77
C34 17F CC . -3.98 16.89 -19.00
C35 17F CC . -2.72 17.47 -19.14
C36 17F CC . -2.60 18.23 -20.47
C37 17F CC . -1.21 18.86 -20.60
C38 17F CC . -1.08 19.64 -21.91
C39 17F CC . 0.32 20.27 -22.02
C40 17F CC . 0.47 21.03 -23.35
C41 17F CC . 1.86 21.65 -23.47
C42 17F CC . 2.00 22.41 -24.80
HN1 17F CC . -15.17 16.43 -13.43
HN1A 17F CC . -16.23 16.65 -12.41
HAC 17F CC . -16.46 16.60 -14.14
C1 PCW DC . 25.47 5.84 -28.92
C2 PCW DC . 24.24 5.03 -28.49
C3 PCW DC . 24.70 3.61 -28.23
C4 PCW DC . 28.47 7.17 -25.84
C5 PCW DC . 28.47 8.43 -24.97
C6 PCW DC . 30.62 8.86 -26.14
C7 PCW DC . 28.81 10.60 -26.18
C8 PCW DC . 29.53 10.71 -24.83
C11 PCW DC . 23.43 3.08 -26.38
C12 PCW DC . 22.31 2.37 -25.64
C13 PCW DC . 22.87 1.40 -24.59
C14 PCW DC . 21.74 0.64 -23.90
C15 PCW DC . 22.29 -0.35 -22.87
C16 PCW DC . 21.17 -1.19 -22.27
C17 PCW DC . 20.14 -0.32 -21.54
C18 PCW DC . 19.01 -1.17 -20.95
C19 PCW DC . 18.08 -0.38 -20.29
C20 PCW DC . 16.71 -0.53 -20.52
C21 PCW DC . 16.26 -1.47 -21.44
C22 PCW DC . 14.81 -1.21 -21.83
C23 PCW DC . 14.31 -2.25 -22.84
C24 PCW DC . 12.86 -1.99 -23.23
C25 PCW DC . 12.69 -0.60 -23.84
C26 PCW DC . 11.23 -0.34 -24.23
C27 PCW DC . 10.32 -0.38 -23.00
C28 PCW DC . 8.86 -0.12 -23.39
C31 PCW DC . 23.00 6.72 -27.52
C32 PCW DC . 22.33 7.43 -26.36
C33 PCW DC . 21.23 6.56 -25.75
C34 PCW DC . 20.10 6.33 -26.75
C35 PCW DC . 19.13 5.25 -26.26
C36 PCW DC . 17.96 5.07 -27.21
C37 PCW DC . 17.15 3.83 -26.82
C38 PCW DC . 15.95 3.63 -27.76
C39 PCW DC . 15.39 2.37 -27.58
C40 PCW DC . 14.11 2.22 -27.05
C41 PCW DC . 13.35 3.31 -26.67
C42 PCW DC . 12.07 2.84 -25.97
C43 PCW DC . 11.20 4.01 -25.52
C44 PCW DC . 9.93 3.50 -24.83
C45 PCW DC . 9.06 4.66 -24.36
C46 PCW DC . 7.81 4.14 -23.64
C47 PCW DC . 8.18 3.31 -22.41
C48 PCW DC . 6.91 2.77 -21.72
N PCW DC . 29.41 9.43 -25.54
O2 PCW DC . 23.69 5.57 -27.27
O3 PCW DC . 23.61 2.83 -27.71
O11 PCW DC . 24.19 3.85 -25.80
O31 PCW DC . 22.92 7.16 -28.67
O1P PCW DC . 29.03 5.37 -28.05
O2P PCW DC . 27.91 7.02 -29.62
O3P PCW DC . 26.55 5.68 -28.00
O4P PCW DC . 28.06 7.52 -27.16
P PCW DC . 27.97 6.38 -28.30
C1 PCW EC . 24.44 14.25 -19.72
C2 PCW EC . 23.17 13.87 -18.96
C3 PCW EC . 21.99 14.72 -19.41
C4 PCW EC . 25.95 11.24 -21.56
C5 PCW EC . 26.49 10.23 -20.54
C6 PCW EC . 28.63 9.13 -19.94
C7 PCW EC . 28.64 11.15 -21.45
C8 PCW EC . 28.49 11.65 -20.01
C11 PCW EC . 20.30 13.23 -18.96
C12 PCW EC . 19.12 12.66 -18.16
C13 PCW EC . 18.59 11.39 -18.84
C14 PCW EC . 17.59 10.65 -17.95
C15 PCW EC . 16.35 11.49 -17.61
C16 PCW EC . 15.39 10.69 -16.74
C17 PCW EC . 14.14 11.50 -16.38
C18 PCW EC . 13.20 10.66 -15.51
C19 PCW EC . 12.05 11.37 -15.18
C20 PCW EC . 11.23 10.92 -14.15
C21 PCW EC . 11.56 9.76 -13.45
C22 PCW EC . 10.56 9.50 -12.32
C23 PCW EC . 10.95 8.23 -11.55
C24 PCW EC . 9.96 7.94 -10.42
C25 PCW EC . 8.54 7.73 -10.96
C26 PCW EC . 7.58 7.32 -9.85
C27 PCW EC . 7.51 8.41 -8.76
C28 PCW EC . 6.58 7.98 -7.62
C31 PCW EC . 23.93 11.70 -18.74
C32 PCW EC . 23.80 10.18 -18.83
C33 PCW EC . 22.44 9.75 -18.29
C34 PCW EC . 22.24 8.23 -18.38
C35 PCW EC . 20.90 7.84 -17.75
C36 PCW EC . 20.84 8.32 -16.30
C37 PCW EC . 19.48 8.08 -15.66
C38 PCW EC . 19.46 8.63 -14.23
C39 PCW EC . 18.23 8.43 -13.62
C40 PCW EC . 18.05 8.85 -12.31
C41 PCW EC . 19.11 9.44 -11.63
C42 PCW EC . 18.65 10.67 -10.85
C43 PCW EC . 17.59 10.29 -9.80
C44 PCW EC . 17.17 11.52 -8.99
C45 PCW EC . 16.12 11.13 -7.95
C46 PCW EC . 15.68 12.35 -7.13
C47 PCW EC . 14.64 11.96 -6.07
C48 PCW EC . 14.20 13.18 -5.27
N PCW EC . 27.94 10.34 -20.43
O2 PCW EC . 22.88 12.48 -19.14
O3 PCW EC . 20.85 14.42 -18.58
O11 PCW EC . 20.72 12.65 -19.96
O31 PCW EC . 24.95 12.22 -18.29
O1P PCW EC . 26.79 14.77 -21.61
O2P PCW EC . 25.58 13.13 -23.28
O3P PCW EC . 24.36 13.86 -21.10
O4P PCW EC . 26.26 12.56 -21.14
P PCW EC . 25.71 13.82 -21.97
C1 PCW FC . 25.99 15.70 -10.09
C2 PCW FC . 24.46 15.70 -10.09
C3 PCW FC . 23.99 16.42 -11.34
C4 PCW FC . 27.25 15.15 -6.15
C5 PCW FC . 26.95 16.20 -5.08
C6 PCW FC . 25.32 14.46 -4.40
C7 PCW FC . 26.84 15.46 -2.68
C8 PCW FC . 25.70 16.44 -2.91
C11 PCW FC . 22.18 16.84 -12.65
C12 PCW FC . 20.70 16.86 -13.04
C13 PCW FC . 20.29 15.54 -13.69
C14 PCW FC . 18.87 15.60 -14.25
C15 PCW FC . 18.48 14.30 -14.94
C16 PCW FC . 17.15 14.46 -15.69
C17 PCW FC . 17.30 15.55 -16.76
C18 PCW FC . 16.00 15.73 -17.55
C19 PCW FC . 16.14 16.74 -18.49
C20 PCW FC . 15.53 16.64 -19.74
C21 PCW FC . 14.76 15.52 -20.05
C22 PCW FC . 14.74 15.28 -21.56
C23 PCW FC . 13.90 14.05 -21.90
C24 PCW FC . 12.44 14.25 -21.47
C25 PCW FC . 11.81 15.44 -22.21
C26 PCW FC . 10.34 15.62 -21.80
C27 PCW FC . 9.72 16.80 -22.55
C28 PCW FC . 8.26 17.00 -22.13
C31 PCW FC . 23.94 13.80 -8.91
C32 PCW FC . 23.45 12.36 -8.73
C33 PCW FC . 22.04 12.19 -9.30
C34 PCW FC . 21.00 12.95 -8.48
C35 PCW FC . 20.91 12.38 -7.05
C36 PCW FC . 19.78 13.04 -6.26
C37 PCW FC . 19.63 12.37 -4.89
C38 PCW FC . 18.47 12.98 -4.11
C39 PCW FC . 18.29 12.32 -2.90
C40 PCW FC . 17.47 12.86 -1.91
C41 PCW FC . 16.81 14.07 -2.13
C42 PCW FC . 15.30 13.88 -2.18
C43 PCW FC . 14.58 15.20 -2.42
C44 PCW FC . 13.05 15.02 -2.43
C45 PCW FC . 12.33 16.34 -2.66
C46 PCW FC . 10.82 16.16 -2.63
C47 PCW FC . 10.34 15.62 -1.28
C48 PCW FC . 8.82 15.43 -1.27
N PCW FC . 26.18 15.57 -3.99
O2 PCW FC . 23.97 14.35 -10.16
O3 PCW FC . 22.56 16.32 -11.45
O11 PCW FC . 23.03 17.30 -13.41
O31 PCW FC . 24.29 14.47 -7.94
O1P PCW FC . 28.55 13.59 -8.37
O2P PCW FC . 28.79 15.80 -9.61
O3P PCW FC . 26.52 14.86 -9.07
O4P PCW FC . 27.95 15.76 -7.23
P PCW FC . 28.06 14.97 -8.63
C1 17F GC . 24.55 30.12 -24.07
N1 17F GC . 23.61 27.97 -24.78
O1 17F GC . 21.64 31.65 -22.27
P1 17F GC . 23.10 31.66 -22.49
C2 17F GC . 24.85 28.65 -24.37
O2 17F GC . 23.66 32.72 -23.37
C3 17F GC . 25.45 27.97 -23.13
O3 17F GC . 23.57 30.23 -23.04
C4 17F GC . 23.99 30.59 -20.25
O4 17F GC . 24.70 27.21 -22.48
C5 17F GC . 22.70 29.79 -20.12
O5 17F GC . 26.63 28.22 -22.86
C6 17F GC . 21.61 30.64 -19.47
O6 17F GC . 23.81 31.76 -21.06
C7 17F GC . 19.64 30.60 -18.32
O7 17F GC . 20.47 29.86 -19.12
C8 17F GC . 18.36 29.96 -17.78
O8 17F GC . 19.92 31.76 -18.05
C9 17F GC . 18.67 29.16 -16.51
O9 17F GC . 22.30 29.30 -21.41
C10 17F GC . 17.40 28.56 -15.88
O10 17F GC . 21.12 27.67 -22.38
C11 17F GC . 16.66 27.66 -16.87
C12 17F GC . 15.50 26.94 -16.20
C17 17F GC . 21.51 28.20 -21.33
C18 17F GC . 21.11 27.60 -19.99
C19 17F GC . 22.28 26.95 -19.26
C20 17F GC . 21.81 26.29 -17.96
C1X 17F GC . 14.73 26.08 -17.20
C1Y 17F GC . 22.97 25.69 -17.17
C1Z 17F GC . 22.47 25.01 -15.89
C2X 17F GC . 13.63 25.28 -16.51
C21 17F GC . 12.73 26.09 -15.82
C22 17F GC . 11.83 25.52 -14.92
C23 17F GC . 11.82 24.15 -14.74
C24 17F GC . 10.51 23.67 -14.11
C25 17F GC . 10.49 22.15 -13.95
C26 17F GC . 9.20 21.67 -13.29
C27 17F GC . 9.19 20.14 -13.18
C28 17F GC . 7.92 19.65 -12.47
C29 17F GC . 7.84 20.21 -11.04
C30 17F GC . 6.59 19.71 -10.32
C31 17F GC . 23.64 24.48 -15.06
C32 17F GC . 23.14 23.82 -13.78
C33 17F GC . 24.22 23.46 -12.97
C34 17F GC . 24.17 22.35 -12.14
C35 17F GC . 23.04 21.55 -12.06
C36 17F GC . 22.29 21.81 -10.75
C37 17F GC . 21.18 20.78 -10.54
C38 17F GC . 20.43 21.06 -9.24
C39 17F GC . 19.43 19.93 -8.93
C40 17F GC . 20.17 18.62 -8.70
C41 17F GC . 19.19 17.50 -8.33
C42 17F GC . 19.93 16.20 -8.02
HN1 17F GC . 23.99 27.05 -24.90
HN1A 17F GC . 23.28 28.08 -25.71
HAC 17F GC . 23.00 27.74 -24.03
C1 17F HC . 24.48 20.32 -24.87
N1 17F HC . 24.28 20.86 -22.49
O1 17F HC . 21.75 19.68 -25.79
P1 17F HC . 21.97 21.03 -25.22
C2 17F HC . 24.17 19.78 -23.48
O2 17F HC . 21.23 22.17 -25.81
C3 17F HC . 25.14 18.65 -23.13
O3 17F HC . 23.55 21.35 -25.24
C4 17F HC . 21.18 22.11 -22.95
O4 17F HC . 26.27 18.98 -22.69
C5 17F HC . 20.86 21.76 -21.50
O5 17F HC . 24.75 17.48 -23.30
C6 17F HC . 20.20 22.93 -20.79
O6 17F HC . 21.65 20.96 -23.65
C7 17F HC . 19.10 23.52 -18.86
O7 17F HC . 19.69 22.50 -19.53
C8 17F HC . 18.44 23.26 -17.51
O8 17F HC . 19.09 24.66 -19.34
C9 17F HC . 17.43 22.13 -17.65
O9 17F HC . 19.97 20.62 -21.51
C10 17F HC . 16.71 21.81 -16.34
O10 17F HC . 20.73 20.40 -19.41
C11 17F HC . 15.75 20.64 -16.52
C12 17F HC . 15.01 20.29 -15.23
C17 17F HC . 20.01 19.98 -20.32
C18 17F HC . 19.18 18.71 -20.13
C19 17F HC . 19.55 17.98 -18.83
C20 17F HC . 18.96 18.67 -17.61
C1X 17F HC . 14.05 19.12 -15.44
C1Y 17F HC . 19.37 17.93 -16.33
C1Z 17F HC . 18.48 18.29 -15.14
C2X 17F HC . 13.33 18.76 -14.15
C21 17F HC . 12.47 17.67 -14.36
C22 17F HC . 11.46 17.39 -13.46
C23 17F HC . 11.27 18.18 -12.33
C24 17F HC . 10.66 17.37 -11.20
C25 17F HC . 10.41 18.23 -9.96
C26 17F HC . 9.78 17.39 -8.84
C27 17F HC . 9.49 18.26 -7.60
C28 17F HC . 8.86 17.41 -6.50
C29 17F HC . 7.57 16.75 -6.98
C30 17F HC . 6.94 15.89 -5.89
C31 17F HC . 18.51 19.78 -14.80
C32 17F HC . 17.59 20.06 -13.61
C33 17F HC . 17.54 21.41 -13.30
C34 17F HC . 17.10 21.81 -12.04
C35 17F HC . 16.72 20.85 -11.11
C36 17F HC . 15.23 20.52 -11.22
C37 17F HC . 14.37 21.75 -10.94
C38 17F HC . 12.89 21.41 -10.94
C39 17F HC . 12.03 22.64 -10.63
C40 17F HC . 10.55 22.29 -10.59
C41 17F HC . 9.70 23.52 -10.26
C42 17F HC . 8.21 23.17 -10.23
HN1 17F HC . 23.56 21.45 -22.84
HN1A 17F HC . 25.02 21.53 -22.58
HAC 17F HC . 23.86 20.68 -21.60
ZN ZN IC . -17.88 10.28 -1.42
ZN ZN JC . -14.83 -3.04 -3.87
N LEU A 1 9.98 -35.18 -24.29
CA LEU A 1 10.60 -35.82 -23.12
C LEU A 1 11.87 -35.08 -22.73
N LYS A 2 12.20 -34.05 -23.49
CA LYS A 2 13.39 -33.27 -23.22
C LYS A 2 13.18 -32.36 -22.02
N LEU A 3 11.96 -31.88 -21.85
CA LEU A 3 11.61 -31.01 -20.74
C LEU A 3 11.86 -31.73 -19.41
N LEU A 4 11.43 -32.99 -19.36
CA LEU A 4 11.60 -33.80 -18.16
C LEU A 4 13.06 -34.24 -18.04
N ASP A 5 13.74 -34.33 -19.17
CA ASP A 5 15.14 -34.72 -19.21
C ASP A 5 15.99 -33.66 -18.51
N ASN A 6 15.80 -32.42 -18.90
CA ASN A 6 16.54 -31.31 -18.30
C ASN A 6 16.02 -31.03 -16.91
N TRP A 7 14.76 -31.41 -16.66
CA TRP A 7 14.12 -31.22 -15.37
C TRP A 7 14.86 -32.03 -14.31
N ASP A 8 15.34 -33.20 -14.70
CA ASP A 8 16.05 -34.09 -13.78
C ASP A 8 17.30 -33.42 -13.20
N SER A 9 17.97 -32.61 -14.01
CA SER A 9 19.18 -31.92 -13.57
C SER A 9 18.83 -30.92 -12.48
N VAL A 10 17.59 -30.42 -12.53
CA VAL A 10 17.11 -29.46 -11.56
C VAL A 10 16.74 -30.20 -10.27
N THR A 11 16.07 -31.36 -10.42
CA THR A 11 15.66 -32.15 -9.28
C THR A 11 16.88 -32.62 -8.47
N SER A 12 17.95 -32.99 -9.17
CA SER A 12 19.16 -33.44 -8.50
C SER A 12 19.81 -32.29 -7.75
N THR A 13 19.86 -31.12 -8.40
CA THR A 13 20.43 -29.94 -7.78
C THR A 13 19.62 -29.56 -6.53
N PHE A 14 18.30 -29.64 -6.66
CA PHE A 14 17.40 -29.34 -5.55
C PHE A 14 17.66 -30.31 -4.40
N SER A 15 17.89 -31.57 -4.75
CA SER A 15 18.16 -32.60 -3.75
C SER A 15 19.49 -32.32 -3.04
N LYS A 16 20.50 -31.94 -3.81
CA LYS A 16 21.81 -31.63 -3.25
C LYS A 16 21.70 -30.45 -2.27
N LEU A 17 20.95 -29.44 -2.69
CA LEU A 17 20.74 -28.26 -1.86
C LEU A 17 19.88 -28.61 -0.65
N ARG A 18 18.92 -29.51 -0.85
CA ARG A 18 18.02 -29.94 0.21
C ARG A 18 18.80 -30.64 1.33
N GLU A 19 19.73 -31.50 0.95
CA GLU A 19 20.53 -32.23 1.92
C GLU A 19 21.56 -31.30 2.57
N GLN A 20 22.15 -30.42 1.76
CA GLN A 20 23.13 -29.45 2.25
C GLN A 20 22.46 -28.45 3.19
N LEU A 21 21.17 -28.21 2.96
CA LEU A 21 20.40 -27.29 3.79
C LEU A 21 20.45 -27.69 5.25
N GLY A 22 20.56 -29.00 5.50
CA GLY A 22 20.64 -29.50 6.86
C GLY A 22 21.81 -28.88 7.60
N PRO A 23 23.06 -29.24 7.23
CA PRO A 23 24.26 -28.68 7.85
C PRO A 23 24.23 -27.15 7.82
N VAL A 24 23.78 -26.58 6.70
CA VAL A 24 23.69 -25.13 6.53
C VAL A 24 22.85 -24.51 7.65
N THR A 25 21.61 -24.95 7.79
CA THR A 25 20.73 -24.41 8.82
C THR A 25 21.23 -24.76 10.22
N GLN A 26 21.79 -25.95 10.37
CA GLN A 26 22.33 -26.39 11.64
C GLN A 26 23.48 -25.51 12.11
N GLU A 27 24.42 -25.25 11.21
CA GLU A 27 25.58 -24.44 11.53
C GLU A 27 25.20 -22.96 11.61
N PHE A 28 24.36 -22.51 10.69
CA PHE A 28 23.91 -21.12 10.67
C PHE A 28 23.17 -20.77 11.95
N TRP A 29 22.24 -21.63 12.35
CA TRP A 29 21.47 -21.42 13.57
C TRP A 29 22.37 -21.45 14.79
N ASP A 30 23.39 -22.31 14.75
CA ASP A 30 24.35 -22.43 15.85
C ASP A 30 25.15 -21.14 15.96
N ASN A 31 25.62 -20.67 14.82
CA ASN A 31 26.39 -19.43 14.78
C ASN A 31 25.50 -18.25 15.18
N LEU A 32 24.26 -18.30 14.71
CA LEU A 32 23.28 -17.27 15.02
C LEU A 32 23.08 -17.21 16.53
N GLU A 33 22.99 -18.39 17.15
CA GLU A 33 22.80 -18.50 18.58
C GLU A 33 24.01 -17.95 19.33
N LYS A 34 25.20 -18.08 18.75
CA LYS A 34 26.41 -17.56 19.37
C LYS A 34 26.31 -16.04 19.47
N GLU A 35 25.71 -15.45 18.44
CA GLU A 35 25.52 -14.01 18.40
C GLU A 35 24.41 -13.58 19.35
N THR A 36 23.27 -14.28 19.32
CA THR A 36 22.17 -13.96 20.21
C THR A 36 22.60 -14.16 21.66
N GLU A 37 23.43 -15.16 21.90
CA GLU A 37 23.94 -15.44 23.23
C GLU A 37 24.77 -14.25 23.70
N GLY A 38 25.62 -13.75 22.81
CA GLY A 38 26.43 -12.60 23.13
C GLY A 38 25.56 -11.40 23.42
N LEU A 39 24.51 -11.23 22.62
CA LEU A 39 23.56 -10.14 22.79
C LEU A 39 22.83 -10.26 24.13
N ARG A 40 22.57 -11.49 24.55
CA ARG A 40 21.90 -11.76 25.82
C ARG A 40 22.82 -11.40 26.96
N GLN A 41 24.11 -11.67 26.79
CA GLN A 41 25.10 -11.36 27.81
C GLN A 41 25.31 -9.85 27.86
N GLU A 42 25.48 -9.25 26.69
CA GLU A 42 25.68 -7.82 26.56
C GLU A 42 24.44 -7.06 26.98
N MET A 43 23.30 -7.74 26.96
CA MET A 43 22.02 -7.14 27.36
C MET A 43 22.13 -6.61 28.78
N SER A 44 22.90 -7.31 29.61
CA SER A 44 23.12 -6.92 30.99
C SER A 44 23.87 -5.58 31.08
N LYS A 45 24.34 -5.09 29.94
CA LYS A 45 25.05 -3.84 29.88
C LYS A 45 24.34 -2.89 28.92
N ASP A 46 24.19 -3.33 27.67
CA ASP A 46 23.55 -2.55 26.63
C ASP A 46 22.14 -2.11 27.01
N LEU A 47 21.48 -2.89 27.85
CA LEU A 47 20.13 -2.55 28.28
C LEU A 47 20.09 -2.21 29.77
N GLU A 48 20.68 -3.05 30.61
CA GLU A 48 20.67 -2.80 32.05
C GLU A 48 21.45 -1.54 32.44
N GLU A 49 22.61 -1.32 31.84
CA GLU A 49 23.40 -0.13 32.16
C GLU A 49 22.69 1.13 31.68
N VAL A 50 22.05 1.05 30.51
CA VAL A 50 21.34 2.21 29.98
C VAL A 50 20.11 2.51 30.83
N LYS A 51 19.54 1.47 31.43
CA LYS A 51 18.37 1.64 32.29
C LYS A 51 18.80 2.19 33.64
N ALA A 52 20.00 1.82 34.06
CA ALA A 52 20.54 2.30 35.32
C ALA A 52 21.01 3.74 35.18
N LYS A 53 21.66 4.03 34.05
CA LYS A 53 22.18 5.36 33.78
C LYS A 53 21.07 6.31 33.34
N VAL A 54 19.98 5.76 32.79
CA VAL A 54 18.87 6.59 32.35
C VAL A 54 18.21 7.32 33.52
N GLN A 55 18.40 6.79 34.73
CA GLN A 55 17.84 7.39 35.92
C GLN A 55 18.45 8.77 36.20
N PRO A 56 19.78 8.86 36.45
CA PRO A 56 20.44 10.14 36.72
C PRO A 56 20.48 11.02 35.48
N TYR A 57 20.64 10.39 34.32
CA TYR A 57 20.70 11.11 33.05
C TYR A 57 19.38 11.81 32.75
N LEU A 58 18.27 11.08 32.88
CA LEU A 58 16.96 11.66 32.63
C LEU A 58 16.56 12.61 33.74
N ASP A 59 16.96 12.29 34.98
CA ASP A 59 16.64 13.16 36.11
C ASP A 59 17.29 14.52 35.91
N ASP A 60 18.49 14.51 35.35
CA ASP A 60 19.21 15.74 35.06
C ASP A 60 18.46 16.52 34.00
N PHE A 61 18.20 15.88 32.87
CA PHE A 61 17.46 16.52 31.77
C PHE A 61 16.10 17.01 32.26
N GLN A 62 15.46 16.19 33.08
CA GLN A 62 14.15 16.50 33.65
C GLN A 62 14.23 17.77 34.48
N LYS A 63 15.26 17.83 35.33
CA LYS A 63 15.50 18.98 36.19
C LYS A 63 15.88 20.19 35.36
N LYS A 64 16.77 19.99 34.39
CA LYS A 64 17.22 21.05 33.50
C LYS A 64 16.02 21.67 32.80
N TRP A 65 15.18 20.81 32.22
CA TRP A 65 13.98 21.26 31.52
C TRP A 65 13.01 21.93 32.48
N GLN A 66 13.03 21.53 33.74
CA GLN A 66 12.16 22.13 34.74
C GLN A 66 12.63 23.56 35.01
N GLU A 67 13.94 23.73 35.11
CA GLU A 67 14.52 25.04 35.33
C GLU A 67 14.26 25.89 34.09
N GLU A 68 14.46 25.28 32.93
CA GLU A 68 14.25 25.95 31.66
C GLU A 68 12.79 26.37 31.50
N MET A 69 11.88 25.48 31.86
CA MET A 69 10.46 25.76 31.77
C MET A 69 10.09 26.85 32.76
N GLU A 70 10.69 26.79 33.95
CA GLU A 70 10.45 27.80 34.96
C GLU A 70 10.95 29.14 34.48
N LEU A 71 12.18 29.17 33.97
CA LEU A 71 12.77 30.41 33.43
C LEU A 71 11.88 30.96 32.31
N TYR A 72 11.38 30.06 31.48
CA TYR A 72 10.51 30.44 30.38
C TYR A 72 9.19 31.00 30.92
N ARG A 73 8.65 30.37 31.95
CA ARG A 73 7.40 30.84 32.55
C ARG A 73 7.62 32.14 33.34
N GLN A 74 8.81 32.28 33.90
CA GLN A 74 9.17 33.46 34.67
C GLN A 74 9.38 34.65 33.75
N LYS A 75 9.73 34.38 32.50
CA LYS A 75 9.95 35.43 31.52
C LYS A 75 8.72 35.64 30.65
N VAL A 76 8.06 34.55 30.28
CA VAL A 76 6.88 34.62 29.42
C VAL A 76 5.81 35.59 29.92
N GLU A 77 5.60 35.65 31.23
CA GLU A 77 4.60 36.55 31.79
C GLU A 77 4.93 38.02 31.49
N PRO A 78 6.08 38.55 31.99
CA PRO A 78 6.47 39.94 31.71
C PRO A 78 6.72 40.19 30.22
N LEU A 79 7.29 39.19 29.53
CA LEU A 79 7.56 39.34 28.10
C LEU A 79 6.26 39.49 27.32
N ARG A 80 5.29 38.62 27.59
CA ARG A 80 4.01 38.69 26.91
C ARG A 80 3.29 39.96 27.29
N ALA A 81 3.54 40.42 28.51
CA ALA A 81 2.94 41.67 28.99
C ALA A 81 3.46 42.83 28.15
N GLU A 82 4.77 42.86 27.96
CA GLU A 82 5.41 43.90 27.14
C GLU A 82 4.88 43.81 25.73
N LEU A 83 4.83 42.59 25.20
CA LEU A 83 4.34 42.34 23.84
C LEU A 83 2.89 42.81 23.69
N GLN A 84 2.04 42.44 24.64
CA GLN A 84 0.64 42.82 24.60
C GLN A 84 0.48 44.33 24.72
N GLU A 85 1.16 44.93 25.70
CA GLU A 85 1.10 46.37 25.91
C GLU A 85 1.61 47.11 24.67
N GLY A 86 2.71 46.62 24.13
CA GLY A 86 3.26 47.21 22.94
C GLY A 86 2.33 47.04 21.76
N ALA A 87 1.76 45.84 21.63
CA ALA A 87 0.85 45.54 20.55
C ALA A 87 -0.39 46.42 20.64
N ARG A 88 -0.86 46.67 21.87
CA ARG A 88 -2.02 47.52 22.09
C ARG A 88 -1.78 48.88 21.46
N GLN A 89 -0.64 49.47 21.78
CA GLN A 89 -0.27 50.78 21.25
C GLN A 89 0.00 50.69 19.74
N LYS A 90 0.76 49.68 19.33
CA LYS A 90 1.09 49.49 17.92
C LYS A 90 -0.18 49.35 17.08
N LEU A 91 -1.11 48.53 17.55
CA LEU A 91 -2.37 48.32 16.86
C LEU A 91 -3.24 49.57 16.93
N HIS A 92 -3.17 50.27 18.06
CA HIS A 92 -3.92 51.50 18.24
C HIS A 92 -3.43 52.54 17.25
N GLU A 93 -2.11 52.61 17.09
CA GLU A 93 -1.48 53.53 16.14
C GLU A 93 -2.03 53.26 14.74
N LEU A 94 -2.15 51.99 14.42
CA LEU A 94 -2.68 51.57 13.13
C LEU A 94 -4.15 51.94 13.03
N GLN A 95 -4.90 51.68 14.09
CA GLN A 95 -6.33 51.99 14.12
C GLN A 95 -6.56 53.50 13.97
N GLU A 96 -5.71 54.29 14.61
CA GLU A 96 -5.80 55.74 14.56
C GLU A 96 -5.50 56.28 13.16
N LYS A 97 -4.97 55.42 12.29
CA LYS A 97 -4.65 55.82 10.94
C LYS A 97 -5.59 55.15 9.95
N LEU A 98 -5.88 53.88 10.18
CA LEU A 98 -6.76 53.11 9.31
C LEU A 98 -8.20 53.59 9.37
N SER A 99 -8.57 54.26 10.44
CA SER A 99 -9.93 54.78 10.57
C SER A 99 -10.15 56.03 9.71
N PRO A 100 -9.40 57.13 9.94
CA PRO A 100 -9.55 58.35 9.14
C PRO A 100 -9.16 58.13 7.69
N LEU A 101 -7.97 57.56 7.47
CA LEU A 101 -7.47 57.28 6.13
C LEU A 101 -8.33 56.20 5.47
N GLY A 102 -9.04 55.44 6.30
CA GLY A 102 -9.91 54.41 5.80
C GLY A 102 -11.18 55.00 5.24
N GLU A 103 -11.79 55.89 6.00
CA GLU A 103 -13.00 56.56 5.55
C GLU A 103 -12.66 57.45 4.37
N GLU A 104 -11.45 58.00 4.39
CA GLU A 104 -10.98 58.85 3.30
C GLU A 104 -10.79 57.99 2.06
N MET A 105 -10.21 56.80 2.25
CA MET A 105 -9.99 55.88 1.15
C MET A 105 -11.33 55.47 0.55
N ARG A 106 -12.31 55.27 1.42
CA ARG A 106 -13.65 54.89 0.97
C ARG A 106 -14.26 56.04 0.16
N ASP A 107 -14.01 57.26 0.61
CA ASP A 107 -14.51 58.45 -0.08
C ASP A 107 -13.78 58.59 -1.41
N ARG A 108 -12.48 58.30 -1.38
CA ARG A 108 -11.66 58.35 -2.59
C ARG A 108 -12.11 57.25 -3.55
N ALA A 109 -12.48 56.11 -2.98
CA ALA A 109 -12.98 54.99 -3.77
C ALA A 109 -14.27 55.38 -4.46
N ARG A 110 -15.08 56.18 -3.77
CA ARG A 110 -16.33 56.68 -4.33
C ARG A 110 -16.03 57.49 -5.57
N ALA A 111 -15.03 58.37 -5.45
CA ALA A 111 -14.62 59.20 -6.57
C ALA A 111 -13.98 58.33 -7.65
N HIS A 112 -13.19 57.35 -7.21
CA HIS A 112 -12.52 56.43 -8.13
C HIS A 112 -13.58 55.74 -9.00
N VAL A 113 -14.55 55.12 -8.35
CA VAL A 113 -15.62 54.42 -9.03
C VAL A 113 -16.57 55.38 -9.75
N ASP A 114 -16.84 56.54 -9.16
CA ASP A 114 -17.72 57.52 -9.78
C ASP A 114 -17.14 57.97 -11.11
N ALA A 115 -15.85 58.27 -11.13
CA ALA A 115 -15.18 58.67 -12.35
C ALA A 115 -15.22 57.53 -13.36
N LEU A 116 -15.09 56.31 -12.85
CA LEU A 116 -15.14 55.12 -13.69
C LEU A 116 -16.54 54.95 -14.26
N ARG A 117 -17.55 55.07 -13.40
CA ARG A 117 -18.95 54.93 -13.81
C ARG A 117 -19.30 55.97 -14.87
N THR A 118 -18.89 57.20 -14.64
CA THR A 118 -19.14 58.29 -15.58
C THR A 118 -18.44 58.04 -16.92
N HIS A 119 -17.40 57.22 -16.90
CA HIS A 119 -16.68 56.88 -18.12
C HIS A 119 -17.29 55.63 -18.74
N LEU A 120 -17.69 54.70 -17.89
CA LEU A 120 -18.29 53.45 -18.34
C LEU A 120 -19.60 53.68 -19.07
N ALA A 121 -20.37 54.67 -18.64
CA ALA A 121 -21.64 54.99 -19.29
C ALA A 121 -21.48 55.22 -20.80
N PRO A 122 -20.68 56.23 -21.23
CA PRO A 122 -20.46 56.46 -22.66
C PRO A 122 -19.71 55.30 -23.30
N TYR A 123 -18.82 54.67 -22.54
CA TYR A 123 -18.05 53.54 -23.06
C TYR A 123 -18.97 52.40 -23.46
N SER A 124 -19.86 52.00 -22.56
CA SER A 124 -20.80 50.93 -22.83
C SER A 124 -21.76 51.33 -23.95
N ASP A 125 -22.16 52.60 -23.95
CA ASP A 125 -23.06 53.12 -24.97
C ASP A 125 -22.43 52.95 -26.34
N GLU A 126 -21.20 53.40 -26.47
CA GLU A 126 -20.47 53.29 -27.73
C GLU A 126 -20.09 51.84 -28.00
N LEU A 127 -19.89 51.07 -26.95
CA LEU A 127 -19.57 49.66 -27.09
C LEU A 127 -20.74 48.93 -27.72
N ARG A 128 -21.95 49.36 -27.36
CA ARG A 128 -23.17 48.77 -27.91
C ARG A 128 -23.23 49.06 -29.40
N GLN A 129 -22.78 50.26 -29.77
CA GLN A 129 -22.74 50.65 -31.17
C GLN A 129 -21.71 49.79 -31.89
N ARG A 130 -20.56 49.63 -31.26
CA ARG A 130 -19.48 48.82 -31.80
C ARG A 130 -19.94 47.38 -31.98
N LEU A 131 -20.60 46.85 -30.94
CA LEU A 131 -21.11 45.50 -30.97
C LEU A 131 -22.13 45.33 -32.09
N ALA A 132 -23.05 46.29 -32.19
CA ALA A 132 -24.08 46.27 -33.23
C ALA A 132 -23.43 46.30 -34.61
N ALA A 133 -22.49 47.23 -34.79
CA ALA A 133 -21.80 47.37 -36.06
C ALA A 133 -21.09 46.07 -36.43
N ARG A 134 -20.34 45.52 -35.47
CA ARG A 134 -19.62 44.27 -35.70
C ARG A 134 -20.59 43.14 -36.01
N LEU A 135 -21.64 43.01 -35.20
CA LEU A 135 -22.64 41.97 -35.40
C LEU A 135 -23.34 42.08 -36.76
N GLU A 136 -23.67 43.31 -37.15
CA GLU A 136 -24.34 43.54 -38.42
C GLU A 136 -23.41 43.29 -39.60
N ALA A 137 -22.19 43.80 -39.51
CA ALA A 137 -21.22 43.62 -40.58
C ALA A 137 -20.95 42.13 -40.76
N LEU A 138 -20.77 41.45 -39.63
CA LEU A 138 -20.52 40.01 -39.65
C LEU A 138 -21.79 39.24 -40.02
N LYS A 139 -22.92 39.92 -40.01
CA LYS A 139 -24.18 39.30 -40.38
C LYS A 139 -24.33 39.38 -41.89
N GLU A 140 -24.05 40.55 -42.45
CA GLU A 140 -24.11 40.76 -43.88
C GLU A 140 -23.01 39.94 -44.54
N ASN A 141 -21.79 40.12 -44.06
CA ASN A 141 -20.64 39.40 -44.57
C ASN A 141 -20.79 37.92 -44.26
N GLY A 142 -21.32 37.62 -43.09
CA GLY A 142 -21.53 36.25 -42.67
C GLY A 142 -22.52 35.54 -43.56
N GLY A 143 -23.59 36.24 -43.93
CA GLY A 143 -24.59 35.65 -44.80
C GLY A 143 -23.96 35.28 -46.14
N ALA A 144 -23.09 36.15 -46.62
CA ALA A 144 -22.39 35.92 -47.88
C ALA A 144 -21.41 34.76 -47.71
N ARG A 145 -20.67 34.77 -46.58
CA ARG A 145 -19.72 33.72 -46.28
C ARG A 145 -20.43 32.38 -46.24
N LEU A 146 -21.58 32.34 -45.59
CA LEU A 146 -22.37 31.12 -45.48
C LEU A 146 -22.81 30.66 -46.86
N ALA A 147 -23.41 31.57 -47.62
CA ALA A 147 -23.89 31.24 -48.97
C ALA A 147 -22.75 30.72 -49.84
N GLU A 148 -21.58 31.35 -49.71
CA GLU A 148 -20.40 30.96 -50.45
C GLU A 148 -19.88 29.62 -49.97
N TYR A 149 -19.77 29.46 -48.66
CA TYR A 149 -19.26 28.23 -48.06
C TYR A 149 -20.17 27.04 -48.38
N HIS A 150 -21.48 27.28 -48.35
CA HIS A 150 -22.44 26.23 -48.67
C HIS A 150 -22.25 25.81 -50.13
N ALA A 151 -22.07 26.81 -50.99
CA ALA A 151 -21.86 26.58 -52.41
C ALA A 151 -20.56 25.80 -52.61
N LYS A 152 -19.50 26.25 -51.94
CA LYS A 152 -18.21 25.59 -52.02
C LYS A 152 -18.32 24.16 -51.52
N ALA A 153 -19.10 23.97 -50.46
CA ALA A 153 -19.32 22.64 -49.89
C ALA A 153 -20.05 21.76 -50.88
N THR A 154 -20.98 22.36 -51.63
CA THR A 154 -21.74 21.64 -52.64
C THR A 154 -20.79 21.14 -53.72
N GLU A 155 -19.91 22.02 -54.17
CA GLU A 155 -18.92 21.68 -55.18
C GLU A 155 -17.98 20.61 -54.63
N HIS A 156 -17.70 20.71 -53.32
CA HIS A 156 -16.84 19.74 -52.65
C HIS A 156 -17.54 18.38 -52.61
N LEU A 157 -18.86 18.41 -52.52
CA LEU A 157 -19.66 17.20 -52.50
C LEU A 157 -19.69 16.58 -53.89
N SER A 158 -19.80 17.42 -54.91
CA SER A 158 -19.81 16.95 -56.28
C SER A 158 -18.46 16.30 -56.61
N THR A 159 -17.38 16.89 -56.12
CA THR A 159 -16.06 16.34 -56.34
C THR A 159 -15.88 15.10 -55.47
N LEU A 160 -16.52 15.12 -54.29
CA LEU A 160 -16.46 13.99 -53.37
C LEU A 160 -17.21 12.81 -53.96
N SER A 161 -18.24 13.10 -54.75
CA SER A 161 -19.02 12.06 -55.40
C SER A 161 -18.14 11.29 -56.37
N GLU A 162 -17.16 11.98 -56.96
CA GLU A 162 -16.23 11.34 -57.88
C GLU A 162 -15.31 10.41 -57.11
N LYS A 163 -15.21 10.66 -55.81
CA LYS A 163 -14.39 9.83 -54.94
C LYS A 163 -15.24 8.69 -54.37
N ALA A 164 -16.48 9.02 -54.04
CA ALA A 164 -17.42 8.05 -53.47
C ALA A 164 -17.87 6.99 -54.47
N LYS A 165 -18.11 7.38 -55.71
CA LYS A 165 -18.57 6.44 -56.71
C LYS A 165 -17.42 5.89 -57.57
N PRO A 166 -16.87 6.67 -58.53
CA PRO A 166 -15.80 6.19 -59.42
C PRO A 166 -14.55 5.75 -58.65
N ALA A 167 -13.96 6.66 -57.89
CA ALA A 167 -12.74 6.36 -57.13
C ALA A 167 -12.89 5.13 -56.23
N LEU A 168 -13.87 5.15 -55.34
CA LEU A 168 -14.08 4.04 -54.42
C LEU A 168 -14.33 2.72 -55.14
N GLU A 169 -15.17 2.74 -56.17
CA GLU A 169 -15.45 1.53 -56.93
C GLU A 169 -14.19 1.05 -57.65
N ASP A 170 -13.48 2.01 -58.23
CA ASP A 170 -12.23 1.73 -58.94
C ASP A 170 -11.24 1.05 -58.02
N LEU A 171 -11.20 1.52 -56.77
CA LEU A 171 -10.30 0.96 -55.78
C LEU A 171 -10.78 -0.44 -55.38
N ARG A 172 -12.08 -0.58 -55.19
CA ARG A 172 -12.68 -1.86 -54.82
C ARG A 172 -12.45 -2.91 -55.91
N GLN A 173 -12.54 -2.48 -57.17
CA GLN A 173 -12.33 -3.36 -58.31
C GLN A 173 -10.92 -3.94 -58.26
N GLY A 174 -10.00 -3.19 -57.69
CA GLY A 174 -8.64 -3.64 -57.57
C GLY A 174 -8.44 -4.40 -56.28
N LEU A 175 -9.13 -3.96 -55.23
CA LEU A 175 -9.05 -4.58 -53.91
C LEU A 175 -9.58 -6.00 -53.92
N LEU A 176 -10.68 -6.24 -54.66
CA LEU A 176 -11.28 -7.57 -54.75
C LEU A 176 -10.24 -8.64 -55.11
N PRO A 177 -9.59 -8.54 -56.29
CA PRO A 177 -8.57 -9.51 -56.69
C PRO A 177 -7.36 -9.47 -55.75
N VAL A 178 -7.05 -8.30 -55.21
CA VAL A 178 -5.92 -8.14 -54.28
C VAL A 178 -6.14 -9.03 -53.05
N LEU A 179 -7.35 -8.99 -52.51
CA LEU A 179 -7.70 -9.81 -51.36
C LEU A 179 -7.64 -11.28 -51.74
N GLU A 180 -8.01 -11.59 -52.98
CA GLU A 180 -7.98 -12.95 -53.47
C GLU A 180 -6.55 -13.49 -53.43
N SER A 181 -5.61 -12.69 -53.95
CA SER A 181 -4.21 -13.07 -53.95
C SER A 181 -3.69 -13.17 -52.51
N PHE A 182 -4.19 -12.28 -51.66
CA PHE A 182 -3.80 -12.24 -50.26
C PHE A 182 -4.22 -13.53 -49.57
N LYS A 183 -5.44 -13.98 -49.85
CA LYS A 183 -5.98 -15.20 -49.27
C LYS A 183 -5.07 -16.39 -49.57
N VAL A 184 -4.55 -16.44 -50.79
CA VAL A 184 -3.66 -17.51 -51.19
C VAL A 184 -2.44 -17.55 -50.29
N SER A 185 -1.77 -16.41 -50.18
CA SER A 185 -0.58 -16.28 -49.35
C SER A 185 -0.92 -16.54 -47.89
N PHE A 186 -2.09 -16.08 -47.46
CA PHE A 186 -2.53 -16.27 -46.08
C PHE A 186 -2.63 -17.76 -45.75
N LEU A 187 -3.27 -18.51 -46.63
CA LEU A 187 -3.45 -19.94 -46.43
C LEU A 187 -2.11 -20.66 -46.37
N SER A 188 -1.22 -20.38 -47.33
CA SER A 188 0.08 -21.02 -47.36
C SER A 188 0.93 -20.61 -46.16
N ALA A 189 0.75 -19.37 -45.72
CA ALA A 189 1.49 -18.87 -44.56
C ALA A 189 1.10 -19.68 -43.33
N LEU A 190 -0.20 -19.86 -43.15
CA LEU A 190 -0.72 -20.63 -42.04
C LEU A 190 -0.21 -22.06 -42.13
N GLU A 191 -0.09 -22.55 -43.37
CA GLU A 191 0.42 -23.90 -43.62
C GLU A 191 1.87 -23.98 -43.17
N GLU A 192 2.65 -22.97 -43.54
CA GLU A 192 4.07 -22.91 -43.19
C GLU A 192 4.27 -22.97 -41.68
N TYR A 193 3.53 -22.14 -40.96
CA TYR A 193 3.63 -22.11 -39.50
C TYR A 193 3.27 -23.45 -38.90
N THR A 194 2.20 -24.06 -39.39
CA THR A 194 1.74 -25.35 -38.88
C THR A 194 2.74 -26.47 -39.24
N LYS A 195 3.33 -26.40 -40.42
CA LYS A 195 4.29 -27.41 -40.86
C LYS A 195 5.60 -27.35 -40.08
N LYS A 196 6.05 -26.15 -39.74
CA LYS A 196 7.32 -25.98 -39.04
C LYS A 196 7.21 -25.81 -37.52
N LEU A 197 6.07 -25.34 -37.02
CA LEU A 197 5.91 -25.12 -35.59
C LEU A 197 5.10 -26.24 -34.92
N ASN A 198 4.51 -27.11 -35.73
CA ASN A 198 3.72 -28.22 -35.20
C ASN A 198 4.22 -29.55 -35.74
N LEU B 1 1.24 -5.13 -58.78
CA LEU B 1 1.03 -5.34 -60.20
C LEU B 1 0.02 -4.33 -60.74
N LYS B 2 -0.62 -3.63 -59.83
CA LYS B 2 -1.61 -2.62 -60.19
C LYS B 2 -1.31 -1.29 -59.50
N LEU B 3 -0.03 -1.04 -59.25
CA LEU B 3 0.39 0.19 -58.60
C LEU B 3 0.08 1.37 -59.52
N LEU B 4 0.37 1.20 -60.80
CA LEU B 4 0.11 2.23 -61.79
C LEU B 4 -1.39 2.47 -61.93
N ASP B 5 -2.16 1.41 -61.78
CA ASP B 5 -3.62 1.51 -61.86
C ASP B 5 -4.12 2.39 -60.75
N ASN B 6 -3.65 2.10 -59.53
CA ASN B 6 -4.03 2.87 -58.36
C ASN B 6 -3.53 4.30 -58.48
N TRP B 7 -2.27 4.44 -58.90
CA TRP B 7 -1.65 5.74 -59.06
C TRP B 7 -2.43 6.61 -60.03
N ASP B 8 -2.86 6.03 -61.15
CA ASP B 8 -3.64 6.76 -62.15
C ASP B 8 -4.95 7.24 -61.55
N SER B 9 -5.59 6.38 -60.78
CA SER B 9 -6.85 6.72 -60.14
C SER B 9 -6.64 7.87 -59.16
N VAL B 10 -5.55 7.80 -58.40
CA VAL B 10 -5.21 8.86 -57.44
C VAL B 10 -4.91 10.16 -58.18
N THR B 11 -4.20 10.04 -59.30
CA THR B 11 -3.86 11.18 -60.12
C THR B 11 -5.13 11.82 -60.67
N SER B 12 -6.12 10.99 -60.98
CA SER B 12 -7.40 11.47 -61.49
C SER B 12 -8.09 12.33 -60.44
N THR B 13 -7.88 11.99 -59.17
CA THR B 13 -8.46 12.74 -58.07
C THR B 13 -7.66 14.03 -57.87
N PHE B 14 -6.36 13.97 -58.15
CA PHE B 14 -5.49 15.14 -58.03
C PHE B 14 -6.00 16.22 -58.99
N SER B 15 -6.42 15.78 -60.17
CA SER B 15 -6.97 16.68 -61.17
C SER B 15 -8.21 17.36 -60.60
N LYS B 16 -9.03 16.58 -59.91
CA LYS B 16 -10.25 17.09 -59.29
C LYS B 16 -9.90 18.12 -58.22
N LEU B 17 -8.75 17.93 -57.57
CA LEU B 17 -8.31 18.86 -56.55
C LEU B 17 -7.91 20.16 -57.22
N ARG B 18 -7.21 20.04 -58.35
CA ARG B 18 -6.78 21.21 -59.10
C ARG B 18 -7.98 21.95 -59.66
N GLU B 19 -9.02 21.20 -60.02
CA GLU B 19 -10.25 21.78 -60.53
C GLU B 19 -10.89 22.66 -59.46
N GLN B 20 -10.82 22.19 -58.22
CA GLN B 20 -11.37 22.94 -57.10
C GLN B 20 -10.47 24.13 -56.78
N LEU B 21 -9.17 23.91 -56.96
CA LEU B 21 -8.17 24.95 -56.70
C LEU B 21 -8.24 26.08 -57.72
N GLY B 22 -9.22 26.00 -58.62
CA GLY B 22 -9.40 27.03 -59.61
C GLY B 22 -10.45 28.03 -59.18
N PRO B 23 -11.72 27.80 -59.55
CA PRO B 23 -12.83 28.70 -59.20
C PRO B 23 -12.99 28.88 -57.69
N VAL B 24 -12.88 27.79 -56.93
CA VAL B 24 -13.04 27.84 -55.48
C VAL B 24 -12.04 28.78 -54.81
N THR B 25 -10.79 28.75 -55.25
CA THR B 25 -9.78 29.64 -54.66
C THR B 25 -9.99 31.07 -55.14
N GLN B 26 -10.43 31.21 -56.39
CA GLN B 26 -10.70 32.52 -56.96
C GLN B 26 -11.79 33.22 -56.17
N GLU B 27 -12.89 32.51 -55.94
CA GLU B 27 -13.98 33.08 -55.15
C GLU B 27 -13.59 33.16 -53.69
N PHE B 28 -12.67 32.28 -53.28
CA PHE B 28 -12.18 32.28 -51.91
C PHE B 28 -11.44 33.58 -51.67
N TRP B 29 -10.60 33.95 -52.63
CA TRP B 29 -9.85 35.19 -52.55
C TRP B 29 -10.81 36.37 -52.51
N ASP B 30 -11.85 36.30 -53.32
CA ASP B 30 -12.86 37.34 -53.36
C ASP B 30 -13.59 37.41 -52.02
N ASN B 31 -13.77 36.24 -51.40
CA ASN B 31 -14.41 36.15 -50.10
C ASN B 31 -13.49 36.80 -49.07
N LEU B 32 -12.20 36.52 -49.19
CA LEU B 32 -11.19 37.09 -48.31
C LEU B 32 -11.18 38.60 -48.44
N GLU B 33 -11.38 39.09 -49.67
CA GLU B 33 -11.44 40.52 -49.93
C GLU B 33 -12.64 41.14 -49.24
N LYS B 34 -13.75 40.40 -49.21
CA LYS B 34 -14.95 40.86 -48.54
C LYS B 34 -14.68 40.93 -47.04
N GLU B 35 -14.00 39.90 -46.53
CA GLU B 35 -13.66 39.83 -45.12
C GLU B 35 -12.70 40.95 -44.74
N THR B 36 -11.62 41.09 -45.50
CA THR B 36 -10.63 42.13 -45.23
C THR B 36 -11.25 43.52 -45.29
N GLU B 37 -11.88 43.84 -46.40
CA GLU B 37 -12.50 45.16 -46.56
C GLU B 37 -13.57 45.41 -45.51
N GLY B 38 -14.35 44.37 -45.21
CA GLY B 38 -15.38 44.50 -44.20
C GLY B 38 -14.78 44.75 -42.84
N LEU B 39 -13.78 43.95 -42.47
CA LEU B 39 -13.09 44.09 -41.20
C LEU B 39 -12.37 45.42 -41.13
N ARG B 40 -11.88 45.89 -42.27
CA ARG B 40 -11.19 47.17 -42.35
C ARG B 40 -12.15 48.29 -41.99
N GLN B 41 -13.40 48.17 -42.44
CA GLN B 41 -14.42 49.15 -42.14
C GLN B 41 -14.63 49.20 -40.63
N GLU B 42 -14.66 48.03 -40.03
CA GLU B 42 -14.84 47.91 -38.59
C GLU B 42 -13.61 48.47 -37.88
N MET B 43 -12.44 48.03 -38.32
CA MET B 43 -11.17 48.46 -37.72
C MET B 43 -10.98 49.96 -37.79
N SER B 44 -11.40 50.57 -38.89
CA SER B 44 -11.27 52.01 -39.05
C SER B 44 -12.11 52.71 -37.98
N LYS B 45 -13.34 52.26 -37.81
CA LYS B 45 -14.24 52.83 -36.81
C LYS B 45 -13.68 52.54 -35.41
N ASP B 46 -13.16 51.32 -35.26
CA ASP B 46 -12.59 50.87 -34.00
C ASP B 46 -11.38 51.71 -33.61
N LEU B 47 -10.42 51.83 -34.53
CA LEU B 47 -9.20 52.59 -34.28
C LEU B 47 -9.47 54.07 -34.07
N GLU B 48 -10.31 54.67 -34.93
CA GLU B 48 -10.64 56.09 -34.80
C GLU B 48 -11.28 56.37 -33.46
N GLU B 49 -12.17 55.48 -33.05
CA GLU B 49 -12.85 55.62 -31.77
C GLU B 49 -11.92 55.20 -30.63
N VAL B 50 -10.93 54.36 -30.94
CA VAL B 50 -9.96 53.90 -29.95
C VAL B 50 -9.15 55.08 -29.44
N LYS B 51 -8.90 56.04 -30.32
CA LYS B 51 -8.16 57.24 -29.94
C LYS B 51 -8.97 58.02 -28.91
N ALA B 52 -10.29 57.89 -29.00
CA ALA B 52 -11.20 58.55 -28.06
C ALA B 52 -11.60 57.57 -26.97
N LYS B 53 -10.88 56.48 -26.86
CA LYS B 53 -11.13 55.46 -25.85
C LYS B 53 -9.90 55.30 -24.96
N VAL B 54 -8.75 55.20 -25.58
CA VAL B 54 -7.49 55.03 -24.86
C VAL B 54 -7.05 56.32 -24.18
N GLN B 55 -7.04 57.42 -24.93
CA GLN B 55 -6.63 58.72 -24.39
C GLN B 55 -7.38 59.10 -23.11
N PRO B 56 -8.73 59.18 -23.15
CA PRO B 56 -9.51 59.53 -21.95
C PRO B 56 -9.38 58.48 -20.85
N TYR B 57 -9.27 57.21 -21.24
CA TYR B 57 -9.13 56.13 -20.28
C TYR B 57 -7.83 56.26 -19.52
N LEU B 58 -6.74 56.44 -20.26
CA LEU B 58 -5.43 56.61 -19.66
C LEU B 58 -5.38 57.89 -18.84
N ASP B 59 -6.00 58.95 -19.36
CA ASP B 59 -6.05 60.23 -18.66
C ASP B 59 -6.79 60.10 -17.34
N ASP B 60 -7.95 59.46 -17.40
CA ASP B 60 -8.77 59.22 -16.22
C ASP B 60 -8.05 58.31 -15.24
N PHE B 61 -7.40 57.29 -15.78
CA PHE B 61 -6.65 56.35 -14.98
C PHE B 61 -5.46 57.04 -14.31
N GLN B 62 -4.79 57.90 -15.07
CA GLN B 62 -3.66 58.66 -14.54
C GLN B 62 -4.11 59.54 -13.39
N LYS B 63 -5.33 60.08 -13.50
CA LYS B 63 -5.88 60.91 -12.46
C LYS B 63 -6.06 60.08 -11.18
N LYS B 64 -6.53 58.86 -11.36
CA LYS B 64 -6.71 57.95 -10.23
C LYS B 64 -5.36 57.47 -9.72
N TRP B 65 -4.42 57.30 -10.65
CA TRP B 65 -3.07 56.87 -10.29
C TRP B 65 -2.41 57.97 -9.47
N GLN B 66 -2.66 59.22 -9.85
CA GLN B 66 -2.14 60.36 -9.13
C GLN B 66 -2.74 60.38 -7.73
N GLU B 67 -4.05 60.11 -7.66
CA GLU B 67 -4.76 60.06 -6.40
C GLU B 67 -4.08 59.04 -5.51
N GLU B 68 -4.02 57.81 -5.98
CA GLU B 68 -3.41 56.71 -5.27
C GLU B 68 -1.97 57.04 -4.90
N MET B 69 -1.25 57.68 -5.82
CA MET B 69 0.14 58.06 -5.59
C MET B 69 0.24 59.03 -4.42
N GLU B 70 -0.60 60.06 -4.44
CA GLU B 70 -0.62 61.05 -3.35
C GLU B 70 -1.13 60.40 -2.07
N LEU B 71 -2.10 59.51 -2.22
CA LEU B 71 -2.67 58.80 -1.07
C LEU B 71 -1.59 57.97 -0.39
N TYR B 72 -0.72 57.38 -1.19
CA TYR B 72 0.37 56.57 -0.65
C TYR B 72 1.36 57.45 0.09
N ARG B 73 1.44 58.71 -0.33
CA ARG B 73 2.33 59.67 0.30
C ARG B 73 1.75 60.13 1.63
N GLN B 74 0.45 59.91 1.80
CA GLN B 74 -0.25 60.29 3.02
C GLN B 74 -0.63 59.04 3.82
N LYS B 75 -0.22 57.88 3.32
CA LYS B 75 -0.53 56.61 3.99
C LYS B 75 0.70 55.73 4.12
N VAL B 76 1.22 55.24 2.99
CA VAL B 76 2.39 54.38 2.99
C VAL B 76 3.59 55.07 3.64
N GLU B 77 3.84 56.32 3.26
CA GLU B 77 4.95 57.09 3.82
C GLU B 77 4.87 57.21 5.35
N PRO B 78 3.79 57.81 5.90
CA PRO B 78 3.64 57.92 7.37
C PRO B 78 3.56 56.56 8.05
N LEU B 79 2.91 55.59 7.40
CA LEU B 79 2.81 54.25 7.95
C LEU B 79 4.18 53.60 7.99
N ARG B 80 5.03 53.98 7.05
CA ARG B 80 6.39 53.46 7.00
C ARG B 80 7.14 53.92 8.25
N ALA B 81 6.83 55.12 8.69
CA ALA B 81 7.44 55.68 9.90
C ALA B 81 6.83 55.00 11.12
N GLU B 82 5.52 54.80 11.09
CA GLU B 82 4.81 54.13 12.18
C GLU B 82 5.36 52.71 12.33
N LEU B 83 5.53 52.04 11.20
CA LEU B 83 6.06 50.69 11.19
C LEU B 83 7.54 50.69 11.56
N GLN B 84 8.25 51.72 11.13
CA GLN B 84 9.68 51.83 11.42
C GLN B 84 9.87 51.94 12.93
N GLU B 85 9.12 52.83 13.56
CA GLU B 85 9.21 53.01 15.00
C GLU B 85 8.65 51.80 15.72
N GLY B 86 7.51 51.31 15.25
CA GLY B 86 6.90 50.13 15.84
C GLY B 86 7.84 48.94 15.79
N ALA B 87 8.47 48.75 14.64
CA ALA B 87 9.41 47.65 14.47
C ALA B 87 10.66 47.91 15.30
N ARG B 88 11.05 49.17 15.42
CA ARG B 88 12.21 49.54 16.24
C ARG B 88 11.95 49.17 17.68
N GLN B 89 10.73 49.43 18.13
CA GLN B 89 10.32 49.09 19.49
C GLN B 89 10.38 47.58 19.64
N LYS B 90 9.82 46.87 18.66
CA LYS B 90 9.83 45.41 18.67
C LYS B 90 11.26 44.89 18.67
N LEU B 91 12.13 45.59 17.95
CA LEU B 91 13.55 45.23 17.89
C LEU B 91 14.17 45.42 19.25
N HIS B 92 13.83 46.53 19.90
CA HIS B 92 14.35 46.81 21.24
C HIS B 92 13.84 45.75 22.21
N GLU B 93 12.56 45.40 22.05
CA GLU B 93 11.95 44.36 22.88
C GLU B 93 12.74 43.08 22.68
N LEU B 94 13.01 42.75 21.42
CA LEU B 94 13.76 41.56 21.07
C LEU B 94 15.20 41.64 21.60
N GLN B 95 15.82 42.79 21.46
CA GLN B 95 17.19 43.00 21.93
C GLN B 95 17.29 42.77 23.43
N GLU B 96 16.28 43.21 24.17
CA GLU B 96 16.26 43.02 25.62
C GLU B 96 15.81 41.60 25.97
N LYS B 97 15.72 40.75 24.98
CA LYS B 97 15.31 39.37 25.19
C LYS B 97 16.33 38.40 24.58
N LEU B 98 16.87 38.77 23.42
CA LEU B 98 17.86 37.95 22.73
C LEU B 98 19.20 37.97 23.45
N SER B 99 19.39 38.93 24.33
CA SER B 99 20.62 39.02 25.10
C SER B 99 20.53 38.22 26.40
N PRO B 100 19.59 38.56 27.33
CA PRO B 100 19.45 37.81 28.59
C PRO B 100 19.08 36.36 28.33
N LEU B 101 18.01 36.14 27.56
CA LEU B 101 17.57 34.79 27.24
C LEU B 101 18.55 34.14 26.28
N GLY B 102 19.29 34.99 25.55
CA GLY B 102 20.29 34.48 24.63
C GLY B 102 21.41 33.82 25.39
N GLU B 103 21.97 34.55 26.34
CA GLU B 103 23.04 34.02 27.17
C GLU B 103 22.49 32.91 28.05
N GLU B 104 21.21 33.05 28.42
CA GLU B 104 20.53 32.04 29.22
C GLU B 104 20.46 30.75 28.42
N MET B 105 20.07 30.87 27.15
CA MET B 105 19.97 29.71 26.26
C MET B 105 21.34 29.10 26.09
N ARG B 106 22.36 29.96 25.96
CA ARG B 106 23.74 29.50 25.84
C ARG B 106 24.15 28.76 27.09
N ASP B 107 23.75 29.28 28.24
CA ASP B 107 24.05 28.66 29.52
C ASP B 107 23.34 27.32 29.63
N ARG B 108 22.09 27.27 29.15
CA ARG B 108 21.33 26.03 29.15
C ARG B 108 22.05 25.03 28.27
N ALA B 109 22.46 25.50 27.09
CA ALA B 109 23.19 24.68 26.14
C ALA B 109 24.47 24.17 26.78
N ARG B 110 25.14 25.04 27.53
CA ARG B 110 26.36 24.66 28.21
C ARG B 110 26.08 23.52 29.18
N ALA B 111 24.96 23.64 29.89
CA ALA B 111 24.55 22.63 30.86
C ALA B 111 24.18 21.33 30.13
N HIS B 112 23.63 21.45 28.93
CA HIS B 112 23.25 20.30 28.14
C HIS B 112 24.50 19.63 27.53
N VAL B 113 25.33 20.44 26.88
CA VAL B 113 26.55 19.94 26.26
C VAL B 113 27.50 19.37 27.30
N ASP B 114 27.65 20.07 28.42
CA ASP B 114 28.53 19.61 29.49
C ASP B 114 28.01 18.30 30.05
N ALA B 115 26.68 18.19 30.14
CA ALA B 115 26.05 16.98 30.62
C ALA B 115 26.33 15.86 29.63
N LEU B 116 26.17 16.18 28.34
CA LEU B 116 26.42 15.22 27.28
C LEU B 116 27.86 14.72 27.33
N ARG B 117 28.77 15.59 27.79
CA ARG B 117 30.18 15.23 27.91
C ARG B 117 30.36 14.14 28.96
N THR B 118 29.37 13.99 29.83
CA THR B 118 29.40 12.99 30.88
C THR B 118 28.27 11.95 30.65
N HIS B 119 27.50 12.17 29.58
CA HIS B 119 26.39 11.30 29.24
C HIS B 119 26.72 10.45 28.01
N LEU B 120 27.20 11.11 26.97
CA LEU B 120 27.54 10.45 25.72
C LEU B 120 28.97 9.95 25.71
N ALA B 121 29.91 10.82 26.08
CA ALA B 121 31.34 10.47 26.08
C ALA B 121 31.64 9.17 26.86
N PRO B 122 31.29 9.08 28.16
CA PRO B 122 31.53 7.87 28.94
C PRO B 122 30.71 6.69 28.41
N TYR B 123 29.51 6.98 27.92
CA TYR B 123 28.63 5.94 27.39
C TYR B 123 29.21 5.33 26.12
N SER B 124 29.77 6.15 25.25
CA SER B 124 30.36 5.66 24.01
C SER B 124 31.56 4.78 24.32
N ASP B 125 32.26 5.10 25.41
CA ASP B 125 33.40 4.32 25.83
C ASP B 125 32.93 2.94 26.29
N GLU B 126 31.83 2.94 27.05
CA GLU B 126 31.23 1.69 27.52
C GLU B 126 30.65 0.94 26.33
N LEU B 127 30.13 1.69 25.37
CA LEU B 127 29.57 1.12 24.15
C LEU B 127 30.69 0.46 23.35
N ARG B 128 31.88 1.06 23.39
CA ARG B 128 33.04 0.51 22.69
C ARG B 128 33.37 -0.85 23.26
N GLN B 129 33.23 -0.99 24.57
CA GLN B 129 33.50 -2.25 25.23
C GLN B 129 32.52 -3.31 24.76
N ARG B 130 31.29 -2.88 24.54
CA ARG B 130 30.24 -3.77 24.05
C ARG B 130 30.50 -4.07 22.58
N LEU B 131 30.90 -3.04 21.84
CA LEU B 131 31.20 -3.18 20.43
C LEU B 131 32.37 -4.12 20.24
N ALA B 132 33.38 -4.01 21.11
CA ALA B 132 34.55 -4.89 21.06
C ALA B 132 34.16 -6.33 21.34
N ALA B 133 33.24 -6.51 22.26
CA ALA B 133 32.77 -7.85 22.62
C ALA B 133 31.95 -8.42 21.45
N ARG B 134 31.10 -7.57 20.88
CA ARG B 134 30.27 -7.95 19.76
C ARG B 134 31.15 -8.25 18.57
N LEU B 135 32.19 -7.43 18.39
CA LEU B 135 33.14 -7.60 17.30
C LEU B 135 33.92 -8.89 17.49
N GLU B 136 34.19 -9.24 18.74
CA GLU B 136 34.90 -10.47 19.05
C GLU B 136 34.03 -11.65 18.65
N ALA B 137 32.74 -11.55 18.96
CA ALA B 137 31.79 -12.59 18.59
C ALA B 137 31.70 -12.66 17.07
N LEU B 138 31.71 -11.50 16.43
CA LEU B 138 31.64 -11.41 14.98
C LEU B 138 32.91 -11.99 14.34
N LYS B 139 34.05 -11.80 15.00
CA LYS B 139 35.31 -12.33 14.51
C LYS B 139 35.31 -13.84 14.65
N GLU B 140 34.90 -14.32 15.82
CA GLU B 140 34.83 -15.75 16.08
C GLU B 140 33.83 -16.39 15.12
N ASN B 141 32.66 -15.78 15.00
CA ASN B 141 31.63 -16.27 14.11
C ASN B 141 32.08 -16.16 12.66
N GLY B 142 32.77 -15.07 12.36
CA GLY B 142 33.27 -14.86 11.01
C GLY B 142 34.28 -15.91 10.64
N GLY B 143 35.16 -16.24 11.57
CA GLY B 143 36.17 -17.26 11.31
C GLY B 143 35.52 -18.61 11.09
N ALA B 144 34.52 -18.92 11.90
CA ALA B 144 33.80 -20.17 11.79
C ALA B 144 33.03 -20.20 10.47
N ARG B 145 32.27 -19.13 10.22
CA ARG B 145 31.49 -19.02 9.00
C ARG B 145 32.39 -19.02 7.77
N LEU B 146 33.62 -18.55 7.94
CA LEU B 146 34.59 -18.55 6.85
C LEU B 146 34.93 -19.97 6.48
N ALA B 147 35.16 -20.80 7.49
CA ALA B 147 35.47 -22.20 7.28
C ALA B 147 34.26 -22.90 6.68
N GLU B 148 33.09 -22.60 7.22
CA GLU B 148 31.84 -23.18 6.73
C GLU B 148 31.58 -22.75 5.30
N TYR B 149 31.76 -21.47 5.02
CA TYR B 149 31.55 -20.95 3.67
C TYR B 149 32.55 -21.59 2.72
N HIS B 150 33.79 -21.74 3.17
CA HIS B 150 34.84 -22.37 2.37
C HIS B 150 34.46 -23.82 2.08
N ALA B 151 34.06 -24.53 3.13
CA ALA B 151 33.66 -25.93 3.00
C ALA B 151 32.45 -26.04 2.10
N LYS B 152 31.44 -25.21 2.35
CA LYS B 152 30.22 -25.22 1.56
C LYS B 152 30.52 -24.86 0.12
N ALA B 153 31.44 -23.93 -0.08
CA ALA B 153 31.84 -23.53 -1.42
C ALA B 153 32.49 -24.70 -2.13
N THR B 154 33.26 -25.48 -1.37
CA THR B 154 33.92 -26.66 -1.91
C THR B 154 32.87 -27.74 -2.21
N GLU B 155 31.94 -27.94 -1.28
CA GLU B 155 30.87 -28.93 -1.45
C GLU B 155 30.00 -28.56 -2.65
N HIS B 156 29.75 -27.26 -2.80
CA HIS B 156 28.94 -26.77 -3.90
C HIS B 156 29.74 -26.82 -5.20
N LEU B 157 31.03 -26.52 -5.11
CA LEU B 157 31.90 -26.53 -6.27
C LEU B 157 32.03 -27.95 -6.83
N SER B 158 32.18 -28.91 -5.94
CA SER B 158 32.31 -30.30 -6.34
C SER B 158 31.01 -30.80 -6.97
N THR B 159 29.87 -30.45 -6.36
CA THR B 159 28.58 -30.86 -6.89
C THR B 159 28.27 -30.11 -8.18
N LEU B 160 28.83 -28.90 -8.31
CA LEU B 160 28.66 -28.10 -9.50
C LEU B 160 29.26 -28.83 -10.69
N SER B 161 30.52 -29.23 -10.56
CA SER B 161 31.20 -29.96 -11.63
C SER B 161 30.59 -31.35 -11.77
N GLU B 162 30.15 -31.90 -10.64
CA GLU B 162 29.52 -33.22 -10.60
C GLU B 162 28.32 -33.26 -11.54
N LYS B 163 27.63 -32.13 -11.64
CA LYS B 163 26.47 -32.02 -12.51
C LYS B 163 26.85 -31.41 -13.85
N ALA B 164 27.80 -30.48 -13.82
CA ALA B 164 28.26 -29.80 -15.02
C ALA B 164 28.77 -30.78 -16.07
N LYS B 165 29.58 -31.75 -15.66
CA LYS B 165 30.13 -32.74 -16.58
C LYS B 165 29.02 -33.49 -17.36
N PRO B 166 28.15 -34.27 -16.67
CA PRO B 166 27.08 -35.01 -17.35
C PRO B 166 26.12 -34.08 -18.07
N ALA B 167 25.87 -32.89 -17.51
CA ALA B 167 24.96 -31.93 -18.13
C ALA B 167 25.55 -31.40 -19.44
N LEU B 168 26.82 -31.01 -19.40
CA LEU B 168 27.48 -30.50 -20.59
C LEU B 168 27.55 -31.56 -21.68
N GLU B 169 27.86 -32.79 -21.27
CA GLU B 169 27.94 -33.89 -22.22
C GLU B 169 26.57 -34.13 -22.85
N ASP B 170 25.55 -34.25 -22.00
CA ASP B 170 24.19 -34.51 -22.45
C ASP B 170 23.65 -33.34 -23.28
N LEU B 171 24.01 -32.12 -22.90
CA LEU B 171 23.58 -30.94 -23.63
C LEU B 171 24.25 -30.85 -24.98
N ARG B 172 25.56 -31.09 -25.02
CA ARG B 172 26.32 -31.03 -26.26
C ARG B 172 25.88 -32.16 -27.20
N GLN B 173 25.78 -33.36 -26.66
CA GLN B 173 25.37 -34.53 -27.44
C GLN B 173 23.90 -34.42 -27.84
N GLY B 174 23.14 -33.65 -27.08
CA GLY B 174 21.74 -33.47 -27.38
C GLY B 174 21.49 -32.35 -28.36
N LEU B 175 22.24 -31.25 -28.19
CA LEU B 175 22.10 -30.10 -29.06
C LEU B 175 22.60 -30.39 -30.47
N LEU B 176 23.60 -31.27 -30.59
CA LEU B 176 24.14 -31.62 -31.91
C LEU B 176 23.04 -32.06 -32.89
N PRO B 177 22.28 -33.12 -32.58
CA PRO B 177 21.19 -33.57 -33.46
C PRO B 177 20.05 -32.57 -33.50
N VAL B 178 19.81 -31.90 -32.36
CA VAL B 178 18.75 -30.90 -32.28
C VAL B 178 19.02 -29.76 -33.25
N LEU B 179 20.26 -29.29 -33.29
CA LEU B 179 20.64 -28.23 -34.20
C LEU B 179 20.47 -28.71 -35.64
N GLU B 180 20.80 -29.97 -35.88
CA GLU B 180 20.65 -30.56 -37.20
C GLU B 180 19.17 -30.63 -37.57
N SER B 181 18.34 -31.06 -36.61
CA SER B 181 16.91 -31.14 -36.82
C SER B 181 16.34 -29.76 -37.09
N PHE B 182 16.86 -28.77 -36.34
CA PHE B 182 16.43 -27.40 -36.50
C PHE B 182 16.80 -26.89 -37.88
N LYS B 183 17.99 -27.25 -38.35
CA LYS B 183 18.45 -26.86 -39.69
C LYS B 183 17.49 -27.41 -40.74
N VAL B 184 17.01 -28.62 -40.51
CA VAL B 184 16.08 -29.26 -41.43
C VAL B 184 14.79 -28.43 -41.51
N SER B 185 14.24 -28.09 -40.35
CA SER B 185 13.04 -27.29 -40.28
C SER B 185 13.28 -25.90 -40.86
N PHE B 186 14.45 -25.33 -40.59
CA PHE B 186 14.81 -24.02 -41.08
C PHE B 186 14.92 -24.01 -42.59
N LEU B 187 15.65 -24.97 -43.14
CA LEU B 187 15.84 -25.07 -44.58
C LEU B 187 14.52 -25.28 -45.31
N SER B 188 13.71 -26.22 -44.81
CA SER B 188 12.41 -26.51 -45.42
C SER B 188 11.47 -25.31 -45.32
N ALA B 189 11.77 -24.41 -44.39
CA ALA B 189 10.96 -23.23 -44.19
C ALA B 189 11.46 -22.09 -45.07
N LEU B 190 12.77 -21.85 -45.02
CA LEU B 190 13.39 -20.79 -45.81
C LEU B 190 13.07 -20.93 -47.29
N GLU B 191 13.26 -22.13 -47.83
CA GLU B 191 12.98 -22.39 -49.24
C GLU B 191 11.52 -22.11 -49.58
N GLU B 192 10.61 -22.66 -48.79
CA GLU B 192 9.18 -22.47 -49.02
C GLU B 192 8.79 -20.99 -48.89
N TYR B 193 9.33 -20.32 -47.89
CA TYR B 193 9.04 -18.90 -47.67
C TYR B 193 9.48 -18.08 -48.87
N THR B 194 10.62 -18.45 -49.44
CA THR B 194 11.15 -17.73 -50.60
C THR B 194 10.21 -17.86 -51.80
N LYS B 195 9.62 -19.04 -51.96
CA LYS B 195 8.69 -19.28 -53.06
C LYS B 195 7.39 -18.50 -52.90
N LYS B 196 6.84 -18.55 -51.70
CA LYS B 196 5.59 -17.86 -51.40
C LYS B 196 5.75 -16.34 -51.41
N LEU B 197 6.92 -15.86 -51.00
CA LEU B 197 7.19 -14.43 -50.97
C LEU B 197 7.82 -13.94 -52.28
N ASN B 198 7.94 -14.84 -53.24
CA ASN B 198 8.54 -14.50 -54.54
C ASN B 198 7.53 -13.80 -55.44
N MET C 1 -5.46 -1.19 6.22
CA MET C 1 -6.03 -2.52 6.20
C MET C 1 -5.19 -3.51 7.01
N THR C 2 -5.45 -3.57 8.31
CA THR C 2 -4.73 -4.46 9.19
C THR C 2 -5.37 -5.85 9.17
N GLU C 3 -4.55 -6.88 9.04
CA GLU C 3 -5.03 -8.26 8.98
C GLU C 3 -5.11 -8.88 10.36
N TYR C 4 -6.12 -9.71 10.58
CA TYR C 4 -6.31 -10.39 11.85
C TYR C 4 -6.61 -11.87 11.60
N LYS C 5 -5.95 -12.75 12.33
CA LYS C 5 -6.16 -14.18 12.16
C LYS C 5 -7.26 -14.70 13.08
N LEU C 6 -8.35 -15.17 12.47
CA LEU C 6 -9.49 -15.69 13.22
C LEU C 6 -9.74 -17.16 12.88
N VAL C 7 -9.85 -17.99 13.90
CA VAL C 7 -10.10 -19.40 13.69
C VAL C 7 -11.40 -19.81 14.39
N VAL C 8 -12.25 -20.52 13.67
CA VAL C 8 -13.51 -20.97 14.23
C VAL C 8 -13.43 -22.45 14.61
N VAL C 9 -13.77 -22.76 15.85
CA VAL C 9 -13.71 -24.14 16.33
C VAL C 9 -15.07 -24.57 16.86
N GLY C 10 -15.46 -25.79 16.53
CA GLY C 10 -16.74 -26.30 16.97
C GLY C 10 -16.95 -27.73 16.51
N ALA C 11 -18.01 -28.34 17.01
CA ALA C 11 -18.34 -29.71 16.64
C ALA C 11 -19.09 -29.75 15.32
N GLY C 12 -19.30 -30.94 14.79
CA GLY C 12 -20.00 -31.08 13.52
C GLY C 12 -21.50 -30.95 13.67
N GLY C 13 -22.12 -30.14 12.80
CA GLY C 13 -23.56 -29.96 12.84
C GLY C 13 -23.98 -28.73 13.61
N VAL C 14 -23.01 -28.00 14.16
CA VAL C 14 -23.31 -26.79 14.94
C VAL C 14 -23.64 -25.59 14.05
N GLY C 15 -23.41 -25.73 12.75
CA GLY C 15 -23.69 -24.65 11.83
C GLY C 15 -22.57 -23.63 11.79
N LYS C 16 -21.35 -24.12 11.96
CA LYS C 16 -20.17 -23.27 11.95
C LYS C 16 -19.90 -22.74 10.55
N SER C 17 -19.87 -23.65 9.57
CA SER C 17 -19.64 -23.29 8.19
C SER C 17 -20.78 -22.45 7.63
N ALA C 18 -21.99 -22.69 8.13
CA ALA C 18 -23.17 -21.97 7.68
C ALA C 18 -23.04 -20.48 8.02
N LEU C 19 -22.57 -20.20 9.23
CA LEU C 19 -22.39 -18.83 9.67
C LEU C 19 -21.39 -18.09 8.79
N THR C 20 -20.32 -18.78 8.39
CA THR C 20 -19.30 -18.18 7.55
C THR C 20 -19.84 -17.84 6.16
N ILE C 21 -20.52 -18.80 5.53
CA ILE C 21 -21.08 -18.58 4.20
C ILE C 21 -22.15 -17.49 4.26
N GLN C 22 -22.95 -17.51 5.32
CA GLN C 22 -24.03 -16.55 5.50
C GLN C 22 -23.51 -15.15 5.78
N LEU C 23 -22.32 -15.06 6.36
CA LEU C 23 -21.73 -13.76 6.68
C LEU C 23 -20.85 -13.24 5.56
N ILE C 24 -19.97 -14.10 5.05
CA ILE C 24 -19.04 -13.72 3.99
C ILE C 24 -19.70 -13.63 2.62
N GLN C 25 -20.31 -14.73 2.18
CA GLN C 25 -20.94 -14.76 0.86
C GLN C 25 -22.40 -14.34 0.90
N ASN C 26 -22.96 -14.24 2.10
CA ASN C 26 -24.36 -13.87 2.29
C ASN C 26 -25.27 -14.89 1.65
N HIS C 27 -24.89 -16.16 1.77
CA HIS C 27 -25.64 -17.26 1.21
C HIS C 27 -25.93 -18.31 2.31
N PHE C 28 -27.06 -18.98 2.21
CA PHE C 28 -27.42 -19.98 3.19
C PHE C 28 -27.41 -21.38 2.56
N VAL C 29 -27.30 -22.39 3.39
CA VAL C 29 -27.26 -23.78 2.94
C VAL C 29 -28.22 -24.63 3.76
N ASP C 30 -28.35 -25.89 3.38
CA ASP C 30 -29.21 -26.83 4.08
C ASP C 30 -28.52 -28.19 4.17
N GLU C 31 -27.75 -28.50 3.13
CA GLU C 31 -27.02 -29.75 3.06
C GLU C 31 -25.76 -29.65 3.91
N TYR C 32 -25.47 -30.69 4.68
CA TYR C 32 -24.30 -30.69 5.54
C TYR C 32 -23.21 -31.61 5.02
N ASP C 33 -22.02 -31.04 4.84
CA ASP C 33 -20.85 -31.77 4.39
C ASP C 33 -19.62 -31.21 5.10
N PRO C 34 -18.91 -32.06 5.86
CA PRO C 34 -17.72 -31.66 6.64
C PRO C 34 -16.68 -30.87 5.83
N THR C 35 -16.32 -29.71 6.34
CA THR C 35 -15.35 -28.84 5.68
C THR C 35 -14.02 -28.87 6.43
N ILE C 36 -13.01 -29.48 5.83
CA ILE C 36 -11.69 -29.56 6.45
C ILE C 36 -10.94 -28.24 6.34
N GLU C 37 -10.95 -27.65 5.16
CA GLU C 37 -10.28 -26.38 4.94
C GLU C 37 -11.13 -25.43 4.11
N ASP C 38 -11.66 -24.42 4.76
CA ASP C 38 -12.48 -23.41 4.09
C ASP C 38 -12.10 -22.04 4.63
N SER C 39 -11.36 -21.29 3.83
CA SER C 39 -10.88 -19.97 4.25
C SER C 39 -11.74 -18.83 3.70
N TYR C 40 -11.95 -17.81 4.52
CA TYR C 40 -12.73 -16.63 4.13
C TYR C 40 -12.02 -15.36 4.59
N ARG C 41 -11.82 -14.42 3.67
CA ARG C 41 -11.14 -13.17 3.99
C ARG C 41 -11.77 -12.01 3.24
N LYS C 42 -11.78 -10.83 3.89
CA LYS C 42 -12.34 -9.62 3.29
C LYS C 42 -11.97 -8.40 4.14
N GLN C 43 -12.21 -7.22 3.59
CA GLN C 43 -11.91 -5.96 4.29
C GLN C 43 -13.20 -5.38 4.86
N VAL C 44 -13.30 -5.30 6.19
CA VAL C 44 -14.48 -4.74 6.81
C VAL C 44 -14.10 -3.52 7.65
N VAL C 45 -14.96 -2.52 7.66
CA VAL C 45 -14.71 -1.31 8.42
C VAL C 45 -15.13 -1.46 9.88
N ILE C 46 -14.21 -1.88 10.72
CA ILE C 46 -14.48 -2.06 12.13
C ILE C 46 -13.84 -0.91 12.91
N ASP C 47 -14.65 -0.27 13.77
CA ASP C 47 -14.20 0.85 14.60
C ASP C 47 -13.96 2.13 13.78
N GLY C 48 -13.49 1.96 12.55
CA GLY C 48 -13.21 3.08 11.69
C GLY C 48 -12.07 2.75 10.75
N GLU C 49 -11.30 1.73 11.13
CA GLU C 49 -10.16 1.30 10.33
C GLU C 49 -10.56 0.12 9.46
N THR C 50 -9.69 -0.25 8.55
CA THR C 50 -9.95 -1.38 7.67
C THR C 50 -9.41 -2.66 8.29
N CYS C 51 -10.30 -3.59 8.61
CA CYS C 51 -9.89 -4.84 9.21
C CYS C 51 -10.01 -6.01 8.23
N LEU C 52 -8.87 -6.59 7.89
CA LEU C 52 -8.82 -7.72 6.98
C LEU C 52 -8.86 -9.00 7.81
N LEU C 53 -10.07 -9.45 8.12
CA LEU C 53 -10.27 -10.63 8.92
C LEU C 53 -10.08 -11.91 8.10
N ASP C 54 -9.09 -12.70 8.48
CA ASP C 54 -8.81 -13.96 7.80
C ASP C 54 -9.36 -15.10 8.64
N ILE C 55 -10.52 -15.60 8.24
CA ILE C 55 -11.18 -16.67 8.96
C ILE C 55 -10.85 -18.03 8.36
N LEU C 56 -10.49 -18.98 9.22
CA LEU C 56 -10.18 -20.33 8.79
C LEU C 56 -11.12 -21.32 9.44
N ASP C 57 -11.96 -21.95 8.62
CA ASP C 57 -12.91 -22.93 9.11
C ASP C 57 -12.27 -24.31 9.19
N THR C 58 -12.27 -24.90 10.39
CA THR C 58 -11.68 -26.21 10.59
C THR C 58 -12.75 -27.30 10.47
N ALA C 59 -12.31 -28.54 10.32
CA ALA C 59 -13.23 -29.66 10.18
C ALA C 59 -13.92 -29.96 11.51
N GLY C 60 -15.25 -29.98 11.49
CA GLY C 60 -16.01 -30.28 12.69
C GLY C 60 -15.87 -31.73 13.11
N GLN C 61 -16.13 -32.64 12.18
CA GLN C 61 -16.02 -34.06 12.45
C GLN C 61 -14.61 -34.56 12.16
N GLU C 62 -13.78 -34.63 13.20
CA GLU C 62 -12.40 -35.07 13.07
C GLU C 62 -11.79 -35.34 14.43
N GLU C 63 -10.81 -36.24 14.47
CA GLU C 63 -10.13 -36.57 15.71
C GLU C 63 -8.98 -35.59 15.95
N TYR C 64 -7.80 -36.12 16.30
CA TYR C 64 -6.65 -35.27 16.54
C TYR C 64 -5.78 -35.20 15.29
N SER C 65 -5.40 -33.99 14.90
CA SER C 65 -4.57 -33.79 13.72
C SER C 65 -3.37 -32.91 14.04
N ALA C 66 -2.20 -33.33 13.57
CA ALA C 66 -0.97 -32.58 13.81
C ALA C 66 -1.00 -31.23 13.09
N MET C 67 -1.54 -31.23 11.87
CA MET C 67 -1.64 -30.01 11.09
C MET C 67 -2.59 -29.02 11.75
N ARG C 68 -3.58 -29.54 12.48
CA ARG C 68 -4.54 -28.70 13.17
C ARG C 68 -3.84 -27.87 14.24
N ASP C 69 -2.95 -28.52 14.97
CA ASP C 69 -2.19 -27.87 16.03
C ASP C 69 -1.33 -26.76 15.44
N GLN C 70 -0.88 -26.98 14.22
CA GLN C 70 -0.03 -26.03 13.51
C GLN C 70 -0.77 -24.76 13.11
N TYR C 71 -1.79 -24.90 12.25
CA TYR C 71 -2.52 -23.73 11.77
C TYR C 71 -3.33 -23.00 12.85
N MET C 72 -3.76 -23.72 13.87
CA MET C 72 -4.52 -23.10 14.96
C MET C 72 -3.61 -22.25 15.83
N ARG C 73 -2.32 -22.58 15.81
CA ARG C 73 -1.33 -21.85 16.60
C ARG C 73 -1.08 -20.48 15.97
N THR C 74 -1.26 -20.39 14.66
CA THR C 74 -1.06 -19.14 13.92
C THR C 74 -2.25 -18.18 14.14
N GLY C 75 -3.35 -18.72 14.63
CA GLY C 75 -4.53 -17.91 14.86
C GLY C 75 -4.40 -17.00 16.07
N GLU C 76 -5.08 -15.88 16.06
CA GLU C 76 -5.03 -14.93 17.17
C GLU C 76 -6.30 -15.02 18.00
N GLY C 77 -7.44 -14.98 17.32
CA GLY C 77 -8.71 -15.07 18.00
C GLY C 77 -9.43 -16.35 17.66
N PHE C 78 -10.15 -16.90 18.62
CA PHE C 78 -10.87 -18.15 18.42
C PHE C 78 -12.33 -18.03 18.79
N LEU C 79 -13.20 -18.59 17.94
CA LEU C 79 -14.63 -18.56 18.19
C LEU C 79 -15.14 -19.97 18.46
N CYS C 80 -15.74 -20.15 19.63
CA CYS C 80 -16.29 -21.44 20.01
C CYS C 80 -17.78 -21.46 19.70
N VAL C 81 -18.13 -22.09 18.60
CA VAL C 81 -19.51 -22.15 18.16
C VAL C 81 -20.14 -23.52 18.43
N PHE C 82 -21.37 -23.51 18.89
CA PHE C 82 -22.08 -24.74 19.18
C PHE C 82 -23.58 -24.55 18.96
N ALA C 83 -24.27 -25.64 18.66
CA ALA C 83 -25.71 -25.58 18.44
C ALA C 83 -26.44 -25.80 19.76
N ILE C 84 -27.35 -24.88 20.09
CA ILE C 84 -28.10 -24.97 21.33
C ILE C 84 -29.22 -26.01 21.27
N ASN C 85 -29.41 -26.59 20.08
CA ASN C 85 -30.42 -27.61 19.89
C ASN C 85 -29.85 -28.99 20.17
N ASN C 86 -28.59 -29.01 20.57
CA ASN C 86 -27.88 -30.25 20.90
C ASN C 86 -27.07 -30.05 22.18
N THR C 87 -27.29 -30.91 23.16
CA THR C 87 -26.59 -30.80 24.43
C THR C 87 -25.13 -31.21 24.30
N LYS C 88 -24.85 -32.14 23.40
CA LYS C 88 -23.49 -32.62 23.18
C LYS C 88 -22.54 -31.48 22.81
N SER C 89 -23.04 -30.53 22.03
CA SER C 89 -22.23 -29.39 21.61
C SER C 89 -21.78 -28.58 22.82
N PHE C 90 -22.66 -28.44 23.80
CA PHE C 90 -22.35 -27.70 25.02
C PHE C 90 -21.24 -28.38 25.80
N GLU C 91 -21.21 -29.71 25.75
CA GLU C 91 -20.20 -30.49 26.44
C GLU C 91 -18.88 -30.50 25.67
N ASP C 92 -18.98 -30.50 24.33
CA ASP C 92 -17.80 -30.51 23.47
C ASP C 92 -17.04 -29.19 23.55
N ILE C 93 -17.72 -28.15 24.00
CA ILE C 93 -17.13 -26.82 24.14
C ILE C 93 -15.84 -26.86 24.97
N HIS C 94 -15.90 -27.59 26.07
CA HIS C 94 -14.74 -27.70 26.96
C HIS C 94 -13.61 -28.46 26.29
N HIS C 95 -13.95 -29.43 25.46
CA HIS C 95 -12.96 -30.24 24.75
C HIS C 95 -12.08 -29.36 23.86
N TYR C 96 -12.72 -28.54 23.02
CA TYR C 96 -12.00 -27.67 22.12
C TYR C 96 -11.38 -26.49 22.87
N ARG C 97 -11.96 -26.13 24.01
CA ARG C 97 -11.45 -25.02 24.81
C ARG C 97 -10.10 -25.38 25.42
N GLU C 98 -10.03 -26.57 26.01
CA GLU C 98 -8.80 -27.04 26.64
C GLU C 98 -7.72 -27.26 25.59
N GLN C 99 -8.13 -27.70 24.40
CA GLN C 99 -7.20 -27.93 23.32
C GLN C 99 -6.47 -26.65 22.94
N ILE C 100 -7.23 -25.57 22.76
CA ILE C 100 -6.67 -24.28 22.39
C ILE C 100 -5.68 -23.80 23.47
N LYS C 101 -5.99 -24.11 24.72
CA LYS C 101 -5.14 -23.72 25.85
C LYS C 101 -3.72 -24.27 25.67
N ARG C 102 -3.62 -25.53 25.30
CA ARG C 102 -2.32 -26.17 25.10
C ARG C 102 -1.71 -25.74 23.76
N VAL C 103 -2.55 -25.59 22.75
CA VAL C 103 -2.09 -25.19 21.42
C VAL C 103 -1.40 -23.83 21.44
N LYS C 104 -2.07 -22.83 21.97
CA LYS C 104 -1.50 -21.48 22.01
C LYS C 104 -0.57 -21.29 23.21
N ASP C 105 -0.40 -22.37 23.99
CA ASP C 105 0.47 -22.36 25.17
C ASP C 105 0.09 -21.24 26.14
N SER C 106 -1.20 -20.97 26.24
CA SER C 106 -1.70 -19.93 27.13
C SER C 106 -2.97 -20.41 27.84
N GLU C 107 -3.09 -20.04 29.11
CA GLU C 107 -4.26 -20.43 29.90
C GLU C 107 -5.43 -19.50 29.59
N ASP C 108 -5.14 -18.24 29.31
CA ASP C 108 -6.16 -17.27 29.01
C ASP C 108 -5.98 -16.67 27.62
N VAL C 109 -6.87 -17.04 26.71
CA VAL C 109 -6.82 -16.55 25.35
C VAL C 109 -8.17 -15.93 24.95
N PRO C 110 -8.18 -15.02 23.96
CA PRO C 110 -9.41 -14.37 23.51
C PRO C 110 -10.33 -15.33 22.75
N MET C 111 -11.37 -15.78 23.44
CA MET C 111 -12.34 -16.70 22.85
C MET C 111 -13.76 -16.25 23.17
N VAL C 112 -14.67 -16.46 22.23
CA VAL C 112 -16.06 -16.08 22.42
C VAL C 112 -16.97 -17.29 22.20
N LEU C 113 -17.97 -17.45 23.04
CA LEU C 113 -18.90 -18.56 22.94
C LEU C 113 -20.12 -18.13 22.14
N VAL C 114 -20.39 -18.83 21.05
CA VAL C 114 -21.51 -18.52 20.18
C VAL C 114 -22.51 -19.66 20.13
N GLY C 115 -23.73 -19.39 20.55
CA GLY C 115 -24.78 -20.39 20.53
C GLY C 115 -25.59 -20.29 19.26
N ASN C 116 -25.31 -21.17 18.31
CA ASN C 116 -25.99 -21.15 17.02
C ASN C 116 -27.26 -21.99 17.04
N LYS C 117 -28.12 -21.78 16.03
CA LYS C 117 -29.39 -22.50 15.88
C LYS C 117 -30.38 -22.12 16.96
N CYS C 118 -30.29 -20.88 17.46
CA CYS C 118 -31.20 -20.40 18.49
C CYS C 118 -32.59 -20.14 17.92
N ASP C 119 -32.69 -20.06 16.61
CA ASP C 119 -33.97 -19.82 15.94
C ASP C 119 -34.85 -21.06 16.02
N LEU C 120 -34.23 -22.23 16.02
CA LEU C 120 -34.95 -23.49 16.07
C LEU C 120 -35.59 -23.72 17.44
N PRO C 121 -36.83 -24.23 17.47
CA PRO C 121 -37.54 -24.48 18.72
C PRO C 121 -37.00 -25.72 19.45
N SER C 122 -35.97 -26.33 18.88
CA SER C 122 -35.35 -27.50 19.44
C SER C 122 -34.30 -27.13 20.51
N ARG C 123 -34.40 -25.91 21.03
CA ARG C 123 -33.48 -25.42 22.05
C ARG C 123 -33.46 -26.34 23.26
N THR C 124 -32.34 -27.00 23.47
CA THR C 124 -32.19 -27.90 24.59
C THR C 124 -31.31 -27.24 25.67
N VAL C 125 -30.37 -26.43 25.23
CA VAL C 125 -29.48 -25.72 26.14
C VAL C 125 -30.05 -24.34 26.44
N ASP C 126 -30.13 -24.00 27.72
CA ASP C 126 -30.64 -22.71 28.12
C ASP C 126 -29.54 -21.67 28.16
N THR C 127 -29.90 -20.43 27.87
CA THR C 127 -28.96 -19.32 27.85
C THR C 127 -28.22 -19.17 29.19
N LYS C 128 -28.92 -19.47 30.29
CA LYS C 128 -28.33 -19.36 31.62
C LYS C 128 -27.17 -20.33 31.80
N GLN C 129 -27.31 -21.53 31.26
CA GLN C 129 -26.27 -22.56 31.37
C GLN C 129 -24.99 -22.10 30.69
N ALA C 130 -25.14 -21.47 29.54
CA ALA C 130 -24.01 -20.98 28.78
C ALA C 130 -23.45 -19.70 29.37
N GLN C 131 -24.34 -18.81 29.81
CA GLN C 131 -23.93 -17.53 30.40
C GLN C 131 -23.09 -17.76 31.66
N ASP C 132 -23.56 -18.65 32.53
CA ASP C 132 -22.84 -18.94 33.78
C ASP C 132 -21.49 -19.57 33.50
N LEU C 133 -21.48 -20.59 32.65
CA LEU C 133 -20.26 -21.28 32.29
C LEU C 133 -19.23 -20.31 31.71
N ALA C 134 -19.68 -19.52 30.74
CA ALA C 134 -18.82 -18.55 30.09
C ALA C 134 -18.35 -17.48 31.07
N ARG C 135 -19.24 -17.06 31.95
CA ARG C 135 -18.91 -16.04 32.95
C ARG C 135 -17.87 -16.54 33.93
N SER C 136 -17.97 -17.81 34.30
CA SER C 136 -17.04 -18.41 35.24
C SER C 136 -15.62 -18.49 34.68
N TYR C 137 -15.49 -18.56 33.36
CA TYR C 137 -14.18 -18.63 32.73
C TYR C 137 -13.72 -17.28 32.20
N GLY C 138 -14.63 -16.32 32.22
CA GLY C 138 -14.29 -14.98 31.75
C GLY C 138 -14.36 -14.85 30.24
N ILE C 139 -15.37 -15.44 29.62
CA ILE C 139 -15.54 -15.37 28.19
C ILE C 139 -16.96 -14.92 27.84
N PRO C 140 -17.11 -14.09 26.79
CA PRO C 140 -18.42 -13.59 26.34
C PRO C 140 -19.22 -14.67 25.62
N PHE C 141 -20.54 -14.59 25.74
CA PHE C 141 -21.43 -15.55 25.10
C PHE C 141 -22.54 -14.81 24.34
N ILE C 142 -22.67 -15.12 23.06
CA ILE C 142 -23.70 -14.51 22.22
C ILE C 142 -24.46 -15.56 21.42
N GLU C 143 -25.77 -15.48 21.46
CA GLU C 143 -26.62 -16.40 20.70
C GLU C 143 -26.74 -15.90 19.27
N THR C 144 -26.59 -16.81 18.33
CA THR C 144 -26.66 -16.46 16.92
C THR C 144 -27.36 -17.56 16.13
N SER C 145 -27.70 -17.27 14.87
CA SER C 145 -28.35 -18.23 14.02
C SER C 145 -28.14 -17.84 12.56
N ALA C 146 -27.62 -18.77 11.78
CA ALA C 146 -27.38 -18.53 10.36
C ALA C 146 -28.70 -18.40 9.61
N LYS C 147 -29.71 -19.05 10.16
CA LYS C 147 -31.04 -19.03 9.57
C LYS C 147 -31.70 -17.66 9.76
N THR C 148 -31.28 -16.94 10.78
CA THR C 148 -31.82 -15.62 11.07
C THR C 148 -30.93 -14.53 10.50
N ARG C 149 -29.62 -14.80 10.42
CA ARG C 149 -28.65 -13.85 9.89
C ARG C 149 -28.52 -12.61 10.79
N GLN C 150 -28.98 -12.77 12.02
CA GLN C 150 -28.93 -11.69 13.00
C GLN C 150 -27.93 -12.02 14.10
N GLY C 151 -27.04 -11.09 14.38
CA GLY C 151 -26.04 -11.29 15.41
C GLY C 151 -24.77 -11.90 14.87
N VAL C 152 -24.82 -12.35 13.62
CA VAL C 152 -23.67 -12.98 12.97
C VAL C 152 -22.53 -11.99 12.81
N ASP C 153 -22.88 -10.76 12.46
CA ASP C 153 -21.90 -9.71 12.26
C ASP C 153 -21.18 -9.39 13.56
N ASP C 154 -21.95 -9.09 14.60
CA ASP C 154 -21.39 -8.73 15.90
C ASP C 154 -20.61 -9.88 16.54
N ALA C 155 -21.05 -11.11 16.32
CA ALA C 155 -20.38 -12.28 16.88
C ALA C 155 -18.89 -12.27 16.54
N PHE C 156 -18.59 -11.98 15.27
CA PHE C 156 -17.21 -11.93 14.81
C PHE C 156 -16.52 -10.66 15.30
N TYR C 157 -17.27 -9.56 15.34
CA TYR C 157 -16.71 -8.28 15.78
C TYR C 157 -16.36 -8.31 17.26
N THR C 158 -17.05 -9.17 18.01
CA THR C 158 -16.81 -9.34 19.43
C THR C 158 -15.38 -9.83 19.65
N LEU C 159 -14.96 -10.75 18.80
CA LEU C 159 -13.63 -11.33 18.87
C LEU C 159 -12.60 -10.24 18.58
N VAL C 160 -12.90 -9.40 17.60
CA VAL C 160 -12.01 -8.30 17.22
C VAL C 160 -11.81 -7.36 18.40
N ARG C 161 -12.89 -7.11 19.13
CA ARG C 161 -12.84 -6.24 20.30
C ARG C 161 -11.99 -6.88 21.40
N GLU C 162 -12.23 -8.17 21.65
CA GLU C 162 -11.49 -8.90 22.68
C GLU C 162 -10.00 -9.02 22.36
N ILE C 163 -9.68 -9.29 21.10
CA ILE C 163 -8.29 -9.43 20.66
C ILE C 163 -7.49 -8.17 20.97
N ARG C 164 -8.06 -7.02 20.62
CA ARG C 164 -7.39 -5.73 20.84
C ARG C 164 -7.21 -5.44 22.32
N LYS C 165 -8.16 -5.90 23.13
CA LYS C 165 -8.08 -5.69 24.57
C LYS C 165 -7.10 -6.65 25.21
N HIS C 166 -7.10 -7.89 24.71
CA HIS C 166 -6.22 -8.92 25.22
C HIS C 166 -4.76 -8.54 25.05
N LYS C 167 -4.41 -8.05 23.88
CA LYS C 167 -3.03 -7.65 23.59
C LYS C 167 -2.61 -6.50 24.49
N GLU C 168 -3.55 -5.60 24.77
CA GLU C 168 -3.28 -4.45 25.62
C GLU C 168 -3.17 -4.92 27.07
N LYS C 169 -4.04 -5.86 27.44
CA LYS C 169 -4.06 -6.43 28.78
C LYS C 169 -2.72 -7.09 29.09
N MET C 170 -2.16 -7.76 28.10
CA MET C 170 -0.88 -8.43 28.27
C MET C 170 0.21 -7.46 28.67
N SER C 171 0.22 -6.28 28.06
CA SER C 171 1.21 -5.26 28.37
C SER C 171 0.97 -4.64 29.74
N LYS C 172 -0.29 -4.52 30.13
CA LYS C 172 -0.64 -3.92 31.42
C LYS C 172 -0.40 -4.90 32.57
N ASP C 173 -0.45 -6.19 32.27
CA ASP C 173 -0.24 -7.23 33.26
C ASP C 173 1.22 -7.65 33.30
N GLY C 174 1.72 -8.14 32.17
CA GLY C 174 3.10 -8.58 32.07
C GLY C 174 3.45 -9.71 33.02
N LYS C 175 2.45 -10.53 33.35
CA LYS C 175 2.63 -11.67 34.25
C LYS C 175 3.10 -11.23 35.63
N LYS C 176 2.72 -10.01 36.00
CA LYS C 176 3.09 -9.46 37.30
C LYS C 176 1.83 -8.97 38.01
N LYS C 177 1.84 -9.00 39.33
CA LYS C 177 0.69 -8.56 40.11
C LYS C 177 0.83 -7.11 40.56
N LYS C 178 1.89 -6.47 40.10
CA LYS C 178 2.14 -5.07 40.45
C LYS C 178 1.21 -4.16 39.66
N LYS C 179 0.39 -3.42 40.39
CA LYS C 179 -0.56 -2.51 39.78
C LYS C 179 -0.59 -1.19 40.53
N LYS C 180 -1.03 -0.15 39.85
CA LYS C 180 -1.12 1.18 40.44
C LYS C 180 -2.49 1.79 40.15
N SER C 181 -3.28 1.98 41.18
CA SER C 181 -4.59 2.56 41.03
C SER C 181 -4.90 3.51 42.17
N LYS C 182 -5.41 4.69 41.84
CA LYS C 182 -5.75 5.68 42.83
C LYS C 182 -7.15 6.21 42.58
N THR C 183 -7.69 6.93 43.55
CA THR C 183 -9.03 7.48 43.44
C THR C 183 -9.06 8.87 44.08
N LYS C 184 -10.20 9.54 43.97
CA LYS C 184 -10.36 10.86 44.53
C LYS C 184 -11.82 11.09 44.95
N CYS C 185 -12.08 10.90 46.25
CA CYS C 185 -13.43 11.07 46.80
C CYS C 185 -14.45 10.15 46.12
N ASN D 1 -4.32 -37.95 3.97
CA ASN D 1 -5.38 -38.37 3.05
C ASN D 1 -6.28 -37.19 2.72
N THR D 2 -5.73 -35.99 2.88
CA THR D 2 -6.45 -34.76 2.60
C THR D 2 -6.40 -34.41 1.12
N ILE D 3 -7.49 -33.90 0.58
CA ILE D 3 -7.53 -33.52 -0.82
C ILE D 3 -7.85 -32.02 -0.98
N ARG D 4 -6.98 -31.33 -1.69
CA ARG D 4 -7.15 -29.91 -1.91
C ARG D 4 -8.06 -29.66 -3.11
N VAL D 5 -9.29 -29.26 -2.83
CA VAL D 5 -10.24 -28.98 -3.89
C VAL D 5 -10.35 -27.47 -4.12
N PHE D 6 -10.21 -27.06 -5.36
CA PHE D 6 -10.30 -25.64 -5.71
C PHE D 6 -11.47 -25.39 -6.66
N LEU D 7 -12.21 -24.34 -6.35
CA LEU D 7 -13.36 -23.95 -7.15
C LEU D 7 -12.98 -22.75 -8.02
N PRO D 8 -13.84 -22.33 -8.97
CA PRO D 8 -13.57 -21.18 -9.85
C PRO D 8 -13.28 -19.90 -9.06
N ASN D 9 -12.61 -18.96 -9.72
CA ASN D 9 -12.24 -17.67 -9.14
C ASN D 9 -11.17 -17.80 -8.05
N LYS D 10 -11.59 -18.05 -6.82
CA LYS D 10 -10.65 -18.18 -5.70
C LYS D 10 -11.32 -18.85 -4.50
N GLN D 11 -11.86 -20.04 -4.72
CA GLN D 11 -12.53 -20.78 -3.67
C GLN D 11 -11.85 -22.13 -3.47
N ARG D 12 -11.85 -22.61 -2.23
CA ARG D 12 -11.24 -23.89 -1.91
C ARG D 12 -11.90 -24.52 -0.69
N THR D 13 -12.07 -25.83 -0.74
CA THR D 13 -12.68 -26.55 0.37
C THR D 13 -12.10 -27.95 0.45
N VAL D 14 -11.15 -28.13 1.36
CA VAL D 14 -10.53 -29.43 1.55
C VAL D 14 -11.51 -30.39 2.22
N VAL D 15 -11.62 -31.58 1.67
CA VAL D 15 -12.54 -32.59 2.22
C VAL D 15 -11.80 -33.89 2.50
N ASN D 16 -12.51 -34.87 3.04
CA ASN D 16 -11.92 -36.15 3.37
C ASN D 16 -12.52 -37.26 2.52
N VAL D 17 -11.67 -38.17 2.08
CA VAL D 17 -12.12 -39.30 1.27
C VAL D 17 -11.79 -40.61 1.98
N ARG D 18 -12.45 -41.69 1.57
CA ARG D 18 -12.21 -43.00 2.17
C ARG D 18 -12.79 -44.10 1.31
N ASN D 19 -12.32 -45.33 1.53
CA ASN D 19 -12.78 -46.51 0.79
C ASN D 19 -12.41 -46.43 -0.69
N GLY D 20 -13.33 -45.89 -1.49
CA GLY D 20 -13.12 -45.75 -2.91
C GLY D 20 -13.94 -44.62 -3.48
N MET D 21 -13.29 -43.50 -3.77
CA MET D 21 -13.99 -42.33 -4.29
C MET D 21 -13.31 -41.77 -5.52
N SER D 22 -14.12 -41.36 -6.48
CA SER D 22 -13.61 -40.77 -7.71
C SER D 22 -13.90 -39.28 -7.69
N LEU D 23 -13.41 -38.54 -8.69
CA LEU D 23 -13.64 -37.10 -8.76
C LEU D 23 -15.14 -36.79 -8.84
N HIS D 24 -15.86 -37.57 -9.63
CA HIS D 24 -17.29 -37.40 -9.80
C HIS D 24 -18.01 -37.50 -8.46
N ASP D 25 -17.56 -38.41 -7.61
CA ASP D 25 -18.15 -38.63 -6.29
C ASP D 25 -18.03 -37.37 -5.42
N CYS D 26 -16.78 -36.94 -5.21
CA CYS D 26 -16.51 -35.78 -4.38
C CYS D 26 -17.17 -34.51 -4.93
N LEU D 27 -17.13 -34.34 -6.25
CA LEU D 27 -17.72 -33.16 -6.88
C LEU D 27 -19.24 -33.14 -6.73
N MET D 28 -19.83 -34.32 -6.61
CA MET D 28 -21.28 -34.46 -6.46
C MET D 28 -21.74 -33.86 -5.14
N LYS D 29 -20.84 -33.85 -4.16
CA LYS D 29 -21.16 -33.31 -2.84
C LYS D 29 -21.38 -31.81 -2.91
N ALA D 30 -20.51 -31.11 -3.64
CA ALA D 30 -20.61 -29.67 -3.79
C ALA D 30 -21.59 -29.31 -4.90
N LEU D 31 -21.91 -30.28 -5.73
CA LEU D 31 -22.83 -30.10 -6.85
C LEU D 31 -24.16 -29.52 -6.37
N LYS D 32 -24.66 -30.03 -5.25
CA LYS D 32 -25.92 -29.55 -4.71
C LYS D 32 -25.74 -28.27 -3.88
N VAL D 33 -24.56 -28.07 -3.34
CA VAL D 33 -24.28 -26.88 -2.53
C VAL D 33 -24.21 -25.64 -3.41
N ARG D 34 -23.40 -25.71 -4.45
CA ARG D 34 -23.25 -24.58 -5.37
C ARG D 34 -24.44 -24.47 -6.32
N GLY D 35 -24.91 -25.63 -6.79
CA GLY D 35 -26.05 -25.65 -7.68
C GLY D 35 -25.68 -25.30 -9.12
N LEU D 36 -24.51 -25.77 -9.55
CA LEU D 36 -24.03 -25.51 -10.90
C LEU D 36 -24.22 -26.75 -11.77
N GLN D 37 -23.70 -26.69 -12.99
CA GLN D 37 -23.83 -27.82 -13.90
C GLN D 37 -22.46 -28.35 -14.33
N PRO D 38 -22.27 -29.68 -14.23
CA PRO D 38 -21.00 -30.33 -14.60
C PRO D 38 -20.78 -30.35 -16.12
N GLU D 39 -21.77 -29.87 -16.85
CA GLU D 39 -21.71 -29.82 -18.29
C GLU D 39 -20.70 -28.78 -18.77
N CYS D 40 -20.51 -27.72 -18.00
CA CYS D 40 -19.58 -26.66 -18.37
C CYS D 40 -18.34 -26.62 -17.49
N CYS D 41 -18.34 -27.42 -16.42
CA CYS D 41 -17.21 -27.46 -15.51
C CYS D 41 -16.33 -28.66 -15.84
N ALA D 42 -15.04 -28.41 -16.01
CA ALA D 42 -14.09 -29.47 -16.34
C ALA D 42 -13.18 -29.77 -15.15
N VAL D 43 -12.64 -30.98 -15.11
CA VAL D 43 -11.76 -31.38 -14.03
C VAL D 43 -10.29 -31.20 -14.40
N PHE D 44 -9.62 -30.32 -13.69
CA PHE D 44 -8.21 -30.07 -13.94
C PHE D 44 -7.38 -30.46 -12.73
N ARG D 45 -6.14 -30.86 -12.96
CA ARG D 45 -5.24 -31.26 -11.88
C ARG D 45 -4.19 -30.18 -11.66
N LEU D 46 -3.26 -30.44 -10.76
CA LEU D 46 -2.21 -29.46 -10.47
C LEU D 46 -1.16 -29.44 -11.58
N LEU D 47 -0.38 -28.37 -11.62
CA LEU D 47 0.66 -28.20 -12.63
C LEU D 47 1.89 -29.07 -12.32
N GLN D 48 1.67 -30.36 -12.11
CA GLN D 48 2.75 -31.28 -11.81
C GLN D 48 3.64 -31.49 -13.03
N GLU D 49 4.92 -31.20 -12.86
CA GLU D 49 5.92 -31.34 -13.92
C GLU D 49 5.51 -30.59 -15.18
N HIS D 50 4.94 -29.41 -15.01
CA HIS D 50 4.50 -28.58 -16.13
C HIS D 50 4.98 -27.15 -15.93
N LYS D 51 4.66 -26.29 -16.87
CA LYS D 51 5.07 -24.89 -16.80
C LYS D 51 3.90 -23.99 -16.39
N GLY D 52 2.79 -24.10 -17.12
CA GLY D 52 1.63 -23.29 -16.80
C GLY D 52 0.47 -23.58 -17.72
N LYS D 53 -0.35 -24.56 -17.35
CA LYS D 53 -1.52 -24.92 -18.14
C LYS D 53 -2.43 -25.84 -17.33
N LYS D 54 -3.74 -25.66 -17.50
CA LYS D 54 -4.72 -26.49 -16.80
C LYS D 54 -4.69 -27.90 -17.39
N ALA D 55 -4.30 -28.87 -16.58
CA ALA D 55 -4.23 -30.25 -17.02
C ALA D 55 -5.55 -30.96 -16.76
N ARG D 56 -6.32 -31.16 -17.81
CA ARG D 56 -7.62 -31.81 -17.72
C ARG D 56 -7.50 -33.33 -17.54
N LEU D 57 -8.19 -33.86 -16.55
CA LEU D 57 -8.18 -35.29 -16.28
C LEU D 57 -9.56 -35.89 -16.55
N ASP D 58 -9.79 -37.07 -15.99
CA ASP D 58 -11.08 -37.75 -16.16
C ASP D 58 -11.90 -37.62 -14.89
N TRP D 59 -13.19 -37.90 -14.98
CA TRP D 59 -14.08 -37.80 -13.83
C TRP D 59 -13.98 -39.05 -12.95
N ASN D 60 -13.47 -40.14 -13.51
CA ASN D 60 -13.34 -41.37 -12.76
C ASN D 60 -11.94 -41.54 -12.18
N THR D 61 -11.17 -40.46 -12.19
CA THR D 61 -9.82 -40.47 -11.63
C THR D 61 -9.90 -40.78 -10.14
N ASP D 62 -9.01 -41.64 -9.66
CA ASP D 62 -9.01 -42.02 -8.26
C ASP D 62 -8.53 -40.88 -7.38
N ALA D 63 -9.26 -40.64 -6.30
CA ALA D 63 -8.93 -39.58 -5.36
C ALA D 63 -7.74 -39.94 -4.48
N ALA D 64 -7.55 -41.23 -4.23
CA ALA D 64 -6.45 -41.69 -3.38
C ALA D 64 -5.11 -41.44 -4.04
N SER D 65 -5.08 -41.45 -5.36
CA SER D 65 -3.87 -41.23 -6.12
C SER D 65 -3.62 -39.73 -6.34
N LEU D 66 -4.48 -38.91 -5.76
CA LEU D 66 -4.35 -37.45 -5.90
C LEU D 66 -4.05 -36.81 -4.55
N ILE D 67 -3.56 -37.62 -3.61
CA ILE D 67 -3.22 -37.14 -2.28
C ILE D 67 -2.06 -36.14 -2.32
N GLY D 68 -2.35 -34.91 -1.93
CA GLY D 68 -1.33 -33.88 -1.92
C GLY D 68 -1.41 -32.99 -3.14
N GLU D 69 -2.39 -33.22 -3.99
CA GLU D 69 -2.56 -32.43 -5.19
C GLU D 69 -3.77 -31.50 -5.04
N GLU D 70 -3.85 -30.50 -5.90
CA GLU D 70 -4.95 -29.55 -5.88
C GLU D 70 -5.83 -29.69 -7.12
N LEU D 71 -7.06 -30.13 -6.90
CA LEU D 71 -8.02 -30.33 -7.97
C LEU D 71 -8.68 -29.01 -8.33
N GLN D 72 -8.36 -28.51 -9.51
CA GLN D 72 -8.92 -27.24 -9.98
C GLN D 72 -10.15 -27.46 -10.84
N VAL D 73 -11.32 -27.10 -10.32
CA VAL D 73 -12.55 -27.23 -11.06
C VAL D 73 -12.87 -25.88 -11.70
N ASP D 74 -12.33 -25.68 -12.90
CA ASP D 74 -12.52 -24.43 -13.63
C ASP D 74 -13.44 -24.63 -14.83
N PHE D 75 -13.88 -23.54 -15.42
CA PHE D 75 -14.76 -23.58 -16.58
C PHE D 75 -13.95 -23.65 -17.87
N LEU D 76 -14.64 -23.81 -18.99
CA LEU D 76 -13.97 -23.89 -20.28
C LEU D 76 -13.59 -22.51 -20.78
N ASP D 77 -14.49 -21.55 -20.60
CA ASP D 77 -14.23 -20.18 -21.03
C ASP D 77 -15.05 -19.21 -20.18
N HIS D 78 -14.35 -18.41 -19.39
CA HIS D 78 -15.00 -17.44 -18.52
C HIS D 78 -13.99 -16.36 -18.11
N VAL D 79 -14.48 -15.30 -17.48
CA VAL D 79 -13.62 -14.21 -17.04
C VAL D 79 -13.11 -14.51 -15.63
N PRO D 80 -11.79 -14.67 -15.48
CA PRO D 80 -11.17 -14.96 -14.18
C PRO D 80 -11.09 -13.72 -13.30
N LEU D 81 -10.54 -13.90 -12.10
CA LEU D 81 -10.39 -12.82 -11.12
C LEU D 81 -11.73 -12.35 -10.58
N THR D 82 -11.70 -11.31 -9.76
CA THR D 82 -12.91 -10.77 -9.17
C THR D 82 -12.96 -9.25 -9.40
N THR D 83 -14.13 -8.77 -9.80
CA THR D 83 -14.31 -7.36 -10.05
C THR D 83 -14.74 -6.64 -8.78
N HIS D 84 -14.27 -5.42 -8.60
CA HIS D 84 -14.60 -4.63 -7.43
C HIS D 84 -16.07 -4.17 -7.51
N ASN D 85 -16.91 -4.75 -6.66
CA ASN D 85 -18.32 -4.40 -6.64
C ASN D 85 -18.56 -3.24 -5.70
N PHE D 86 -19.42 -2.32 -6.11
CA PHE D 86 -19.73 -1.14 -5.32
C PHE D 86 -20.93 -1.38 -4.42
N ALA D 87 -20.68 -1.77 -3.19
CA ALA D 87 -21.74 -2.03 -2.23
C ALA D 87 -21.94 -0.81 -1.35
N ARG D 88 -23.18 -0.41 -1.15
CA ARG D 88 -23.49 0.76 -0.34
C ARG D 88 -24.31 0.40 0.88
N LYS D 89 -23.61 -0.01 1.94
CA LYS D 89 -24.26 -0.38 3.19
C LYS D 89 -23.70 0.46 4.33
N THR D 90 -24.39 0.46 5.46
CA THR D 90 -23.98 1.23 6.63
C THR D 90 -22.65 0.74 7.19
N PHE D 91 -21.96 1.63 7.88
CA PHE D 91 -20.67 1.33 8.49
C PHE D 91 -20.85 1.15 10.00
N LEU D 92 -19.82 0.65 10.66
CA LEU D 92 -19.89 0.43 12.11
C LEU D 92 -19.76 1.74 12.89
N LYS D 93 -18.59 2.37 12.83
CA LYS D 93 -18.36 3.61 13.54
C LYS D 93 -17.90 4.71 12.59
N LEU D 94 -17.39 5.80 13.15
CA LEU D 94 -16.88 6.90 12.36
C LEU D 94 -15.57 6.51 11.72
N ALA D 95 -15.61 6.30 10.41
CA ALA D 95 -14.41 5.91 9.67
C ALA D 95 -13.83 7.11 8.94
N PHE D 96 -12.66 6.94 8.38
CA PHE D 96 -11.99 8.00 7.63
C PHE D 96 -11.77 7.53 6.20
N CYS D 97 -11.64 8.47 5.28
CA CYS D 97 -11.41 8.12 3.88
C CYS D 97 -9.99 7.60 3.72
N ASP D 98 -9.87 6.43 3.11
CA ASP D 98 -8.58 5.82 2.89
C ASP D 98 -7.92 6.43 1.66
N ILE D 99 -8.70 7.25 0.95
CA ILE D 99 -8.23 7.91 -0.25
C ILE D 99 -8.03 9.40 0.01
N CYS D 100 -9.08 10.07 0.46
CA CYS D 100 -9.03 11.49 0.75
C CYS D 100 -8.48 11.76 2.15
N GLN D 101 -8.56 13.01 2.57
CA GLN D 101 -8.10 13.42 3.89
C GLN D 101 -9.29 13.86 4.73
N LYS D 102 -10.45 13.29 4.42
CA LYS D 102 -11.69 13.61 5.13
C LYS D 102 -12.25 12.37 5.81
N PHE D 103 -13.36 12.53 6.52
CA PHE D 103 -13.98 11.41 7.21
C PHE D 103 -14.84 10.59 6.23
N LEU D 104 -15.04 9.32 6.55
CA LEU D 104 -15.82 8.44 5.70
C LEU D 104 -17.23 8.25 6.25
N LEU D 105 -18.21 8.75 5.52
CA LEU D 105 -19.60 8.61 5.91
C LEU D 105 -20.23 7.40 5.23
N ASN D 106 -21.49 7.50 4.83
CA ASN D 106 -22.17 6.41 4.15
C ASN D 106 -21.80 6.40 2.67
N GLY D 107 -20.54 6.08 2.41
CA GLY D 107 -20.05 6.02 1.04
C GLY D 107 -20.17 4.63 0.45
N PHE D 108 -19.06 4.10 -0.05
CA PHE D 108 -19.05 2.78 -0.65
C PHE D 108 -18.05 1.86 0.03
N ARG D 109 -18.38 0.59 0.08
CA ARG D 109 -17.53 -0.43 0.67
C ARG D 109 -17.87 -1.77 0.02
N CYS D 110 -16.87 -2.38 -0.60
CA CYS D 110 -17.06 -3.64 -1.30
C CYS D 110 -17.30 -4.82 -0.36
N GLN D 111 -18.03 -5.82 -0.86
CA GLN D 111 -18.32 -7.02 -0.07
C GLN D 111 -17.18 -8.00 -0.21
N THR D 112 -16.72 -8.20 -1.44
CA THR D 112 -15.60 -9.10 -1.71
C THR D 112 -14.34 -8.50 -1.11
N CYS D 113 -14.06 -7.27 -1.49
CA CYS D 113 -12.92 -6.55 -0.98
C CYS D 113 -13.32 -5.86 0.32
N GLY D 114 -13.60 -4.57 0.26
CA GLY D 114 -14.03 -3.86 1.44
C GLY D 114 -13.30 -2.56 1.68
N TYR D 115 -13.07 -1.80 0.63
CA TYR D 115 -12.39 -0.52 0.75
C TYR D 115 -13.40 0.57 1.05
N LYS D 116 -13.07 1.46 1.98
CA LYS D 116 -13.95 2.55 2.35
C LYS D 116 -13.58 3.84 1.63
N PHE D 117 -14.50 4.36 0.85
CA PHE D 117 -14.28 5.59 0.09
C PHE D 117 -15.60 6.32 -0.20
N HIS D 118 -15.49 7.52 -0.77
CA HIS D 118 -16.67 8.32 -1.10
C HIS D 118 -17.14 8.00 -2.52
N GLU D 119 -18.17 8.71 -2.96
CA GLU D 119 -18.71 8.53 -4.31
C GLU D 119 -17.68 8.98 -5.35
N HIS D 120 -16.86 9.94 -4.96
CA HIS D 120 -15.82 10.46 -5.84
C HIS D 120 -14.64 9.50 -5.88
N CYS D 121 -14.28 8.97 -4.70
CA CYS D 121 -13.16 8.05 -4.58
C CYS D 121 -13.47 6.69 -5.23
N SER D 122 -14.74 6.47 -5.56
CA SER D 122 -15.15 5.22 -6.20
C SER D 122 -14.37 4.99 -7.49
N THR D 123 -14.02 6.08 -8.16
CA THR D 123 -13.25 6.01 -9.39
C THR D 123 -11.95 6.79 -9.22
N LYS D 124 -11.68 7.19 -7.98
CA LYS D 124 -10.48 7.95 -7.66
C LYS D 124 -9.43 7.04 -7.02
N VAL D 125 -9.86 5.86 -6.57
CA VAL D 125 -8.93 4.91 -5.98
C VAL D 125 -7.98 4.36 -7.06
N PRO D 126 -6.68 4.69 -6.95
CA PRO D 126 -5.67 4.28 -7.92
C PRO D 126 -5.44 2.78 -7.95
N THR D 127 -5.42 2.17 -6.78
CA THR D 127 -5.19 0.74 -6.67
C THR D 127 -6.47 0.04 -6.24
N MET D 128 -7.02 -0.77 -7.14
CA MET D 128 -8.24 -1.52 -6.86
C MET D 128 -7.98 -2.48 -5.70
N CYS D 129 -9.00 -2.73 -4.91
CA CYS D 129 -8.87 -3.62 -3.76
C CYS D 129 -8.84 -5.11 -4.13
N VAL D 130 -7.82 -5.49 -4.90
CA VAL D 130 -7.66 -6.87 -5.32
C VAL D 130 -6.49 -7.49 -4.56
N ASP D 131 -6.78 -7.97 -3.37
CA ASP D 131 -5.74 -8.56 -2.53
C ASP D 131 -5.53 -10.04 -2.84
N TRP D 132 -4.43 -10.57 -2.33
CA TRP D 132 -4.07 -11.96 -2.54
C TRP D 132 -3.47 -12.55 -1.27
C1 PCW E . -20.97 15.31 -31.38
C2 PCW E . -20.61 15.15 -32.85
C3 PCW E . -20.39 16.51 -33.50
C4 PCW E . -23.66 12.35 -29.40
C5 PCW E . -23.85 11.43 -28.20
C6 PCW E . -25.16 11.36 -26.11
C7 PCW E . -25.83 12.94 -27.94
C8 PCW E . -26.35 11.56 -28.32
C11 PCW E . -19.53 17.48 -35.41
C12 PCW E . -18.89 17.42 -36.80
C13 PCW E . -19.23 18.65 -37.65
C14 PCW E . -18.61 18.49 -39.04
C15 PCW E . -18.87 19.70 -39.94
C16 PCW E . -18.23 19.47 -41.31
C17 PCW E . -18.40 20.68 -42.22
C18 PCW E . -17.74 20.42 -43.58
C19 PCW E . -17.84 21.53 -44.41
C20 PCW E . -17.22 21.52 -45.66
C21 PCW E . -16.49 20.41 -46.07
C22 PCW E . -15.16 20.30 -45.32
C23 PCW E . -14.33 19.13 -45.86
C24 PCW E . -12.99 19.02 -45.12
C25 PCW E . -13.20 18.64 -43.65
C26 PCW E . -13.81 17.24 -43.54
C27 PCW E . -13.96 16.83 -42.06
C28 PCW E . -14.55 15.43 -41.94
C31 PCW E . -19.28 13.86 -34.19
C32 PCW E . -18.05 13.01 -34.55
C33 PCW E . -17.42 13.50 -35.85
C34 PCW E . -16.20 12.67 -36.23
C35 PCW E . -15.59 13.17 -37.54
C36 PCW E . -14.36 12.34 -37.92
C37 PCW E . -13.72 12.88 -39.20
C38 PCW E . -12.49 12.06 -39.58
C39 PCW E . -11.91 12.54 -40.75
C40 PCW E . -10.54 12.79 -40.79
C41 PCW E . -9.75 12.56 -39.68
C42 PCW E . -8.34 13.11 -39.87
C43 PCW E . -8.36 14.62 -40.09
C44 PCW E . -6.95 15.17 -40.31
C45 PCW E . -6.30 14.54 -41.54
C46 PCW E . -4.91 15.11 -41.79
C47 PCW E . -4.28 14.49 -43.04
C48 PCW E . -2.86 15.03 -43.27
N PCW E . -25.12 11.73 -27.53
O2 PCW E . -19.39 14.39 -32.94
O3 PCW E . -19.84 16.30 -34.80
O11 PCW E . -19.74 18.55 -34.84
O31 PCW E . -20.17 14.05 -35.02
O1P PCW E . -23.14 13.53 -31.97
O2P PCW E . -21.13 12.00 -32.22
O3P PCW E . -21.04 14.03 -30.74
O4P PCW E . -22.43 12.04 -30.07
P PCW E . -21.97 12.87 -31.37
C1 PCW F . -6.97 23.04 16.34
C2 PCW F . -5.45 22.87 16.27
C3 PCW F . -4.84 23.24 17.61
C4 PCW F . -6.25 19.24 18.46
C5 PCW F . -4.83 18.67 18.56
C6 PCW F . -5.40 18.63 20.97
C7 PCW F . -4.49 16.56 19.88
C8 PCW F . -3.31 17.48 20.17
C11 PCW F . -3.04 21.85 17.88
C12 PCW F . -1.56 21.47 17.86
C13 PCW F . -0.78 22.20 18.95
C14 PCW F . 0.70 21.81 18.93
C15 PCW F . 1.47 22.56 20.01
C16 PCW F . 1.34 24.08 19.82
C17 PCW F . 2.13 24.83 20.90
C18 PCW F . 3.62 24.48 20.83
C19 PCW F . 4.34 25.21 21.77
C20 PCW F . 5.68 25.49 21.56
C21 PCW F . 6.32 25.04 20.40
C22 PCW F . 7.40 26.03 19.96
C23 PCW F . 6.80 27.40 19.66
C24 PCW F . 7.89 28.39 19.21
C25 PCW F . 7.29 29.77 18.91
C26 PCW F . 6.25 29.69 17.80
C27 PCW F . 5.68 31.07 17.48
C28 PCW F . 4.66 30.99 16.35
C31 PCW F . -5.49 21.29 14.62
C32 PCW F . -5.26 19.91 14.01
C33 PCW F . -3.78 19.62 13.76
C34 PCW F . -3.19 20.54 12.68
C35 PCW F . -3.16 22.00 13.11
C36 PCW F . -2.54 22.86 12.01
C37 PCW F . -2.44 24.34 12.42
C38 PCW F . -1.79 25.16 11.31
C39 PCW F . -1.65 26.49 11.69
C40 PCW F . -0.73 27.31 11.02
C41 PCW F . 0.04 26.77 10.00
C42 PCW F . -0.02 27.66 8.74
C43 PCW F . 0.62 29.03 8.98
C44 PCW F . 0.54 29.88 7.72
C45 PCW F . 1.27 31.21 7.90
C46 PCW F . 0.65 32.01 9.05
C47 PCW F . 1.39 33.34 9.25
C48 PCW F . 0.79 34.14 10.40
N PCW F . -4.64 18.03 19.87
O2 PCW F . -5.12 21.52 15.91
O3 PCW F . -3.41 23.11 17.54
O11 PCW F . -3.89 21.04 18.24
O31 PCW F . -6.01 22.19 13.96
O1P PCW F . -8.87 20.07 17.77
O2P PCW F . -8.07 20.52 15.40
O3P PCW F . -7.56 22.12 17.26
O4P PCW F . -6.42 19.88 17.20
P PCW F . -7.82 20.60 16.85
C1 PCW G . -22.71 27.59 -16.41
C2 PCW G . -21.90 28.52 -17.33
C3 PCW G . -20.77 29.21 -16.60
C4 PCW G . -18.46 25.56 -15.81
C5 PCW G . -19.06 24.21 -16.23
C6 PCW G . -20.18 25.44 -18.06
C7 PCW G . -18.50 23.67 -18.62
C8 PCW G . -19.81 22.97 -18.27
C11 PCW G . -19.09 30.75 -16.83
C12 PCW G . -18.17 31.69 -17.61
C13 PCW G . -18.08 33.06 -16.95
C14 PCW G . -17.19 34.00 -17.77
C15 PCW G . -17.10 35.38 -17.13
C16 PCW G . -16.48 35.30 -15.73
C17 PCW G . -16.37 36.69 -15.10
C18 PCW G . -15.76 36.62 -13.70
C19 PCW G . -16.58 35.91 -12.82
C20 PCW G . -16.16 34.70 -12.30
C21 PCW G . -14.92 34.18 -12.66
C22 PCW G . -13.91 34.34 -11.52
C23 PCW G . -12.56 33.74 -11.91
C24 PCW G . -11.54 33.89 -10.77
C25 PCW G . -11.31 35.36 -10.43
C26 PCW G . -10.30 35.51 -9.30
C27 PCW G . -10.06 36.99 -8.97
C28 PCW G . -9.04 37.15 -7.84
C31 PCW G . -21.25 28.55 -19.54
C32 PCW G . -20.72 27.94 -20.83
C33 PCW G . -20.16 29.02 -21.76
C34 PCW G . -19.01 29.78 -21.10
C35 PCW G . -18.48 30.88 -22.02
C36 PCW G . -17.32 31.63 -21.37
C37 PCW G . -16.81 32.75 -22.29
C38 PCW G . -15.65 33.51 -21.64
C39 PCW G . -15.20 34.53 -22.46
C40 PCW G . -13.95 34.47 -23.06
C41 PCW G . -13.12 33.37 -22.85
C42 PCW G . -11.65 33.77 -22.92
C43 PCW G . -11.31 34.82 -21.85
C44 PCW G . -9.84 35.23 -21.94
C45 PCW G . -9.52 35.81 -23.31
C46 PCW G . -10.35 37.06 -23.59
C47 PCW G . -10.00 37.64 -24.96
C48 PCW G . -10.83 38.90 -25.25
N PCW G . -19.44 24.26 -17.65
O2 PCW G . -21.41 27.76 -18.45
O3 PCW G . -20.03 30.03 -17.50
O11 PCW G . -19.01 30.67 -15.60
O31 PCW G . -21.56 29.74 -19.48
O1P PCW G . -20.86 27.92 -14.31
O2P PCW G . -20.70 25.39 -14.09
O3P PCW G . -21.94 26.45 -16.00
O4P PCW G . -19.43 26.60 -15.91
P PCW G . -20.73 26.59 -14.96
C1 PCW H . 3.82 -22.03 -3.25
C2 PCW H . 5.34 -22.12 -3.34
C3 PCW H . 5.73 -22.72 -4.68
C4 PCW H . 1.36 -18.38 -4.46
C5 PCW H . 0.27 -17.87 -5.41
C6 PCW H . -0.38 -15.68 -4.44
C7 PCW H . -2.13 -17.42 -4.86
C8 PCW H . -1.43 -17.78 -3.55
C11 PCW H . 7.65 -23.59 -3.76
C12 PCW H . 9.15 -23.83 -3.67
C13 PCW H . 9.80 -23.81 -5.06
C14 PCW H . 11.32 -24.04 -4.95
C15 PCW H . 11.97 -22.97 -4.06
C16 PCW H . 13.47 -23.20 -3.95
C17 PCW H . 14.12 -22.13 -3.05
C18 PCW H . 15.62 -22.39 -2.90
C19 PCW H . 16.20 -21.40 -2.10
C20 PCW H . 17.59 -21.34 -1.96
C21 PCW H . 18.40 -22.24 -2.63
C22 PCW H . 19.41 -21.51 -3.52
C23 PCW H . 20.31 -22.50 -4.25
C24 PCW H . 21.32 -21.77 -5.14
C25 PCW H . 22.23 -22.77 -5.87
C26 PCW H . 23.23 -22.04 -6.77
C27 PCW H . 22.49 -21.20 -7.82
C28 PCW H . 23.49 -20.46 -8.73
C31 PCW H . 5.78 -20.36 -1.94
C32 PCW H . 6.31 -18.98 -1.56
C33 PCW H . 7.82 -19.01 -1.41
C34 PCW H . 8.37 -17.63 -1.03
C35 PCW H . 9.89 -17.67 -0.88
C36 PCW H . 10.44 -16.28 -0.53
C37 PCW H . 11.97 -16.31 -0.44
C38 PCW H . 12.43 -17.25 0.69
C39 PCW H . 13.82 -17.31 0.73
C40 PCW H . 14.49 -17.12 1.93
C41 PCW H . 13.80 -16.88 3.12
C42 PCW H . 14.76 -16.48 4.23
C43 PCW H . 15.78 -17.59 4.50
C44 PCW H . 16.78 -17.18 5.57
C45 PCW H . 16.09 -16.87 6.90
C46 PCW H . 17.11 -16.42 7.96
C47 PCW H . 16.43 -16.12 9.29
C48 PCW H . 17.45 -15.69 10.35
N PCW H . -0.72 -17.10 -4.64
O2 PCW H . 5.92 -20.81 -3.22
O3 PCW H . 7.15 -22.82 -4.78
O11 PCW H . 6.87 -24.06 -2.93
O31 PCW H . 5.23 -21.08 -1.10
O1P PCW H . 3.71 -19.13 -3.09
O2P PCW H . 4.83 -19.55 -5.33
O3P PCW H . 3.28 -21.25 -4.33
O4P PCW H . 2.35 -19.09 -5.21
P PCW H . 3.64 -19.70 -4.45
C1 PCW I . -0.88 14.32 20.02
C2 PCW I . -0.72 14.78 18.57
C3 PCW I . -0.96 16.27 18.48
C4 PCW I . -0.90 11.66 17.07
C5 PCW I . -1.14 12.11 15.63
C6 PCW I . 1.17 11.31 15.28
C7 PCW I . -0.67 10.39 13.86
C8 PCW I . -0.29 11.76 13.30
C11 PCW I . -0.96 18.07 17.06
C12 PCW I . -0.92 18.77 15.71
C13 PCW I . 0.16 19.86 15.67
C14 PCW I . 0.17 20.55 14.31
C15 PCW I . 1.24 21.64 14.24
C16 PCW I . 2.64 21.06 14.47
C17 PCW I . 3.71 22.13 14.32
C18 PCW I . 5.11 21.55 14.57
C19 PCW I . 6.09 22.51 14.40
C20 PCW I . 6.16 23.62 15.24
C21 PCW I . 5.23 23.80 16.26
C22 PCW I . 4.28 24.95 15.95
C23 PCW I . 3.25 25.14 17.06
C24 PCW I . 2.30 26.29 16.75
C25 PCW I . 1.27 26.47 17.87
C26 PCW I . 0.32 27.64 17.56
C27 PCW I . -0.71 27.82 18.67
C28 PCW I . -1.66 28.98 18.37
C31 PCW I . 0.69 14.57 16.77
C32 PCW I . 2.03 14.36 16.06
C33 PCW I . 2.71 15.72 15.82
C34 PCW I . 2.92 16.46 17.14
C35 PCW I . 3.52 17.86 16.90
C36 PCW I . 3.69 18.61 18.22
C37 PCW I . 4.23 20.02 17.99
C38 PCW I . 4.39 20.76 19.32
C39 PCW I . 4.87 22.04 19.13
C40 PCW I . 6.21 22.25 18.81
C41 PCW I . 7.09 21.18 18.67
C42 PCW I . 8.52 21.61 18.93
C43 PCW I . 9.49 20.45 18.74
C44 PCW I . 10.94 20.88 18.98
C45 PCW I . 11.90 19.72 18.78
C46 PCW I . 11.80 19.18 17.35
C47 PCW I . 12.12 20.26 16.32
C48 PCW I . 12.02 19.71 14.90
N PCW I . -0.18 11.47 14.73
O2 PCW I . 0.61 14.49 18.12
O3 PCW I . -0.89 16.71 17.12
O11 PCW I . -1.08 18.71 18.10
O31 PCW I . -0.34 14.75 16.11
O1P PCW I . -1.46 10.54 19.71
O2P PCW I . -3.19 12.37 20.05
O3P PCW I . -0.74 12.89 20.11
O4P PCW I . -1.85 12.30 17.94
P PCW I . -1.89 11.95 19.50
C1 PCW J . 7.61 -14.69 10.34
C2 PCW J . 8.62 -13.55 10.47
C3 PCW J . 8.38 -12.52 9.39
C4 PCW J . 5.78 -10.72 9.10
C5 PCW J . 4.32 -10.61 8.62
C6 PCW J . 3.80 -10.92 11.02
C7 PCW J . 2.86 -8.95 9.79
C8 PCW J . 2.00 -10.17 9.44
C11 PCW J . 9.18 -10.57 8.50
C12 PCW J . 10.06 -9.32 8.42
C13 PCW J . 11.51 -9.66 8.76
C14 PCW J . 12.40 -8.41 8.70
C15 PCW J . 12.41 -7.81 7.28
C16 PCW J . 13.31 -6.59 7.22
C17 PCW J . 14.75 -6.94 7.62
C18 PCW J . 15.66 -5.71 7.53
C19 PCW J . 16.97 -6.05 7.88
C20 PCW J . 18.03 -5.46 7.22
C21 PCW J . 17.80 -4.54 6.19
C22 PCW J . 18.17 -5.14 4.84
C23 PCW J . 17.33 -6.38 4.52
C24 PCW J . 17.69 -6.98 3.17
C25 PCW J . 19.15 -7.42 3.14
C26 PCW J . 19.51 -8.03 1.78
C27 PCW J . 20.98 -8.48 1.76
C28 PCW J . 21.24 -9.54 2.83
C31 PCW J . 8.69 -13.85 12.75
C32 PCW J . 8.60 -13.42 14.21
C33 PCW J . 9.24 -12.03 14.41
C34 PCW J . 9.16 -11.61 15.88
C35 PCW J . 9.77 -10.22 16.07
C36 PCW J . 9.70 -9.78 17.54
C37 PCW J . 10.30 -8.39 17.73
C38 PCW J . 10.23 -7.97 19.20
C39 PCW J . 10.78 -6.71 19.40
C40 PCW J . 12.08 -6.59 19.88
C41 PCW J . 12.82 -7.72 20.17
C42 PCW J . 14.16 -7.35 20.82
C43 PCW J . 14.97 -6.45 19.88
C44 PCW J . 16.31 -6.07 20.52
C45 PCW J . 17.11 -5.16 19.58
C46 PCW J . 17.38 -5.84 18.24
C47 PCW J . 18.18 -4.93 17.32
C48 PCW J . 18.45 -5.61 15.97
N PCW J . 3.43 -10.29 9.74
O2 PCW J . 8.49 -12.94 11.77
O3 PCW J . 9.31 -11.43 9.54
O11 PCW J . 8.37 -10.82 7.60
O31 PCW J . 8.91 -15.02 12.46
O1P PCW J . 6.08 -13.57 8.20
O2P PCW J . 4.04 -13.49 9.72
O3P PCW J . 6.27 -14.25 10.59
O4P PCW J . 5.89 -11.81 10.01
P PCW J . 5.50 -13.30 9.53
C1 PCW K . -19.33 23.73 -23.16
C2 PCW K . -18.52 24.40 -24.27
C3 PCW K . -19.24 24.28 -25.60
C4 PCW K . -23.98 24.41 -22.31
C5 PCW K . -25.06 25.49 -22.37
C6 PCW K . -26.66 26.54 -20.79
C7 PCW K . -24.63 25.37 -19.89
C8 PCW K . -24.19 26.75 -20.36
C11 PCW K . -18.84 24.68 -27.85
C12 PCW K . -18.00 25.19 -29.03
C13 PCW K . -17.54 26.63 -28.79
C14 PCW K . -16.46 27.03 -29.79
C15 PCW K . -15.22 26.14 -29.63
C16 PCW K . -14.05 26.62 -30.49
C17 PCW K . -14.20 26.28 -31.97
C18 PCW K . -15.47 26.85 -32.61
C19 PCW K . -16.59 26.12 -32.24
C20 PCW K . -17.86 26.66 -32.39
C21 PCW K . -18.02 27.94 -32.90
C22 PCW K . -17.86 27.96 -34.42
C23 PCW K . -18.10 29.36 -34.98
C24 PCW K . -17.13 30.37 -34.38
C25 PCW K . -17.40 31.78 -34.93
C26 PCW K . -16.43 32.81 -34.35
C27 PCW K . -14.99 32.47 -34.71
C28 PCW K . -14.80 32.43 -36.22
C31 PCW K . -17.43 25.84 -22.89
C32 PCW K . -17.06 27.19 -22.29
C33 PCW K . -15.91 27.89 -23.02
C34 PCW K . -16.34 28.40 -24.40
C35 PCW K . -15.29 29.36 -24.95
C36 PCW K . -15.72 29.99 -26.29
C37 PCW K . -14.77 31.12 -26.67
C38 PCW K . -13.35 30.59 -26.90
C39 PCW K . -12.41 31.60 -26.72
C40 PCW K . -12.01 32.45 -27.75
C41 PCW K . -12.55 32.37 -29.03
C42 PCW K . -12.49 33.73 -29.72
C43 PCW K . -12.89 33.66 -31.19
C44 PCW K . -12.85 35.05 -31.82
C45 PCW K . -13.13 34.99 -33.32
C46 PCW K . -12.05 34.21 -34.06
C47 PCW K . -12.31 34.18 -35.56
C48 PCW K . -11.24 33.38 -36.30
N PCW K . -25.30 26.04 -21.02
O2 PCW K . -18.29 25.77 -23.94
O3 PCW K . -18.33 24.80 -26.60
O11 PCW K . -19.96 24.19 -28.02
O31 PCW K . -16.95 24.81 -22.45
O1P PCW K . -21.85 22.63 -21.77
O2P PCW K . -20.73 24.47 -20.43
O3P PCW K . -20.56 24.42 -22.93
O4P PCW K . -22.75 24.97 -21.82
P PCW K . -21.46 24.05 -21.64
C1 PCW L . -0.05 7.35 17.15
C2 PCW L . 1.44 7.33 17.55
C3 PCW L . 1.66 6.21 18.56
C4 PCW L . -3.47 6.78 18.10
C5 PCW L . -4.19 6.34 19.37
C6 PCW L . -5.30 7.36 21.34
C7 PCW L . -4.78 8.79 19.33
C8 PCW L . -6.06 8.00 19.02
C11 PCW L . 3.27 5.00 19.65
C12 PCW L . 4.71 4.69 20.09
C13 PCW L . 5.11 5.57 21.29
C14 PCW L . 6.60 5.37 21.61
C15 PCW L . 7.43 5.76 20.39
C16 PCW L . 8.93 5.58 20.66
C17 PCW L . 9.74 5.94 19.41
C18 PCW L . 11.24 5.79 19.67
C19 PCW L . 11.96 6.10 18.52
C20 PCW L . 13.33 6.29 18.58
C21 PCW L . 14.01 6.17 19.79
C22 PCW L . 15.45 6.68 19.67
C23 PCW L . 16.19 6.56 21.01
C24 PCW L . 16.24 5.10 21.48
C25 PCW L . 16.99 4.99 22.81
C26 PCW L . 17.03 3.54 23.30
C27 PCW L . 17.78 3.42 24.61
C28 PCW L . 17.79 1.98 25.12
C31 PCW L . 3.53 7.43 16.60
C32 PCW L . 4.57 7.21 15.51
C33 PCW L . 5.26 8.52 15.13
C34 PCW L . 6.31 8.30 14.04
C35 PCW L . 5.68 7.76 12.76
C36 PCW L . 6.74 7.55 11.68
C37 PCW L . 6.10 7.03 10.38
C38 PCW L . 7.17 6.84 9.29
C39 PCW L . 6.59 6.38 8.11
C40 PCW L . 7.39 5.97 7.06
C41 PCW L . 8.78 5.99 7.19
C42 PCW L . 9.38 7.21 6.47
C43 PCW L . 10.90 7.22 6.61
C44 PCW L . 11.51 8.43 5.89
C45 PCW L . 13.03 8.44 6.05
C46 PCW L . 13.63 9.68 5.37
C47 PCW L . 13.08 10.96 5.99
C48 PCW L . 13.69 12.19 5.32
N PCW L . -5.00 7.45 19.90
O2 PCW L . 2.23 7.07 16.39
O3 PCW L . 3.05 6.10 18.88
O11 PCW L . 2.34 4.28 19.96
O31 PCW L . 3.84 7.97 17.67
O1P PCW L . -2.40 7.04 15.46
O2P PCW L . -2.00 4.53 15.45
O3P PCW L . -0.43 6.08 16.64
O4P PCW L . -2.74 5.68 17.56
P PCW L . -1.95 5.82 16.17
C1 17F M . -21.44 0.60 -34.09
N1 17F M . -21.60 1.77 -31.94
O1 17F M . -17.80 1.64 -33.87
P1 17F M . -19.05 1.55 -34.67
C2 17F M . -21.92 1.86 -33.37
O2 17F M . -19.82 2.79 -34.93
C3 17F M . -23.44 2.00 -33.55
O3 17F M . -20.02 0.46 -33.99
C4 17F M . -19.38 1.24 -37.27
O4 17F M . -24.09 0.97 -33.79
C5 17F M . -18.81 0.51 -38.49
O5 17F M . -23.91 3.16 -33.45
C6 17F M . -19.57 0.94 -39.73
O6 17F M . -18.68 0.87 -36.08
C7 17F M . -17.90 0.79 -41.30
O7 17F M . -19.07 0.25 -40.88
C8 17F M . -17.18 0.21 -42.52
O8 17F M . -17.43 1.76 -40.71
C9 17F M . -16.22 -0.91 -42.11
O9 17F M . -17.41 0.82 -38.64
C10 17F M . -15.48 -1.47 -43.32
O10 17F M . -17.24 -0.66 -36.98
C11 17F M . -14.66 -0.37 -44.00
C12 17F M . -13.91 -0.92 -45.22
C17 17F M . -16.68 0.12 -37.73
C18 17F M . -15.16 0.31 -37.70
C19 17F M . -14.81 1.72 -37.22
C20 17F M . -15.39 2.78 -38.15
C1X 17F M . -13.12 0.18 -45.91
C1Y 17F M . -15.07 4.19 -37.66
C1Z 17F M . -13.55 4.41 -37.54
C2X 17F M . -12.38 -0.35 -47.14
C21 17F M . -11.45 -1.31 -46.79
C22 17F M . -10.16 -1.27 -47.33
C23 17F M . -9.80 -0.26 -48.21
C24 17F M . -8.32 0.08 -48.07
C25 17F M . -7.92 1.21 -49.03
C26 17F M . -6.45 1.57 -48.87
C27 17F M . -6.05 2.69 -49.84
C28 17F M . -4.57 3.04 -49.68
C29 17F M . -4.18 4.17 -50.64
C30 17F M . -2.69 4.53 -50.50
C31 17F M . -13.24 5.82 -37.07
C32 17F M . -11.73 6.04 -36.96
C33 17F M . -11.16 5.17 -36.03
C34 17F M . -9.95 4.55 -36.30
C35 17F M . -9.28 4.79 -37.50
C36 17F M . -8.35 6.00 -37.37
C37 17F M . -7.30 5.78 -36.28
C38 17F M . -6.36 6.97 -36.18
C39 17F M . -5.29 6.76 -35.10
C40 17F M . -4.35 7.96 -35.02
C41 17F M . -3.28 7.75 -33.94
C42 17F M . -2.34 8.96 -33.87
HN1 17F M . -22.11 0.93 -31.73
HN1A 17F M . -22.09 2.35 -31.29
HAC 17F M . -20.70 1.40 -31.73
C1 PCW N . 23.32 -0.29 -30.90
C2 PCW N . 22.74 -1.69 -31.13
C3 PCW N . 23.12 -2.58 -29.96
C4 PCW N . 22.31 0.61 -35.53
C5 PCW N . 23.54 0.60 -36.45
C6 PCW N . 23.67 2.88 -37.44
C7 PCW N . 23.54 0.86 -38.95
C8 PCW N . 22.13 1.16 -38.45
C11 PCW N . 22.97 -4.68 -29.10
C12 PCW N . 22.57 -6.15 -29.04
C13 PCW N . 21.61 -6.42 -27.88
C14 PCW N . 21.29 -7.92 -27.79
C15 PCW N . 20.28 -8.20 -26.67
C16 PCW N . 20.01 -9.70 -26.53
C17 PCW N . 18.94 -9.98 -25.48
C18 PCW N . 18.70 -11.48 -25.34
C19 PCW N . 17.67 -11.74 -24.44
C20 PCW N . 17.88 -12.55 -23.34
C21 PCW N . 19.12 -13.13 -23.12
C22 PCW N . 19.01 -14.61 -22.76
C23 PCW N . 18.41 -15.42 -23.92
C24 PCW N . 18.38 -16.92 -23.60
C25 PCW N . 17.43 -17.23 -22.45
C26 PCW N . 15.98 -16.89 -22.83
C27 PCW N . 15.03 -17.22 -21.68
C28 PCW N . 13.58 -16.91 -22.07
C31 PCW N . 20.83 -2.71 -31.88
C32 PCW N . 19.31 -2.86 -32.05
C33 PCW N . 18.98 -3.81 -33.20
C34 PCW N . 17.46 -4.04 -33.28
C35 PCW N . 16.95 -4.66 -31.98
C36 PCW N . 17.61 -6.01 -31.72
C37 PCW N . 17.21 -6.56 -30.34
C38 PCW N . 17.86 -7.92 -30.10
C39 PCW N . 17.61 -8.39 -28.81
C40 PCW N . 16.31 -8.67 -28.38
C41 PCW N . 15.24 -8.50 -29.25
C42 PCW N . 14.10 -9.48 -28.88
C43 PCW N . 12.88 -9.24 -29.77
C44 PCW N . 11.76 -10.23 -29.42
C45 PCW N . 10.51 -9.95 -30.27
C46 PCW N . 9.98 -8.53 -30.00
C47 PCW N . 9.61 -8.35 -28.53
C48 PCW N . 9.10 -6.94 -28.27
N PCW N . 23.31 1.46 -37.62
O2 PCW N . 21.32 -1.60 -31.25
O3 PCW N . 22.61 -3.91 -30.16
O11 PCW N . 23.61 -4.18 -28.17
O31 PCW N . 21.60 -3.55 -32.32
O1P PCW N . 24.37 1.56 -33.92
O2P PCW N . 24.74 -0.86 -33.22
O3P PCW N . 23.08 0.58 -32.01
O4P PCW N . 22.60 -0.16 -34.38
P PCW N . 23.81 0.28 -33.42
C1 PCW O . 34.03 -13.57 -16.49
C2 PCW O . 32.50 -13.59 -16.59
C3 PCW O . 32.04 -15.03 -16.37
C4 PCW O . 33.29 -11.16 -20.12
C5 PCW O . 32.03 -11.62 -20.84
C6 PCW O . 31.93 -9.26 -21.59
C7 PCW O . 31.90 -11.10 -23.29
C8 PCW O . 30.49 -10.97 -22.71
C11 PCW O . 30.17 -16.27 -15.92
C12 PCW O . 28.68 -16.54 -15.79
C13 PCW O . 27.91 -16.06 -17.01
C14 PCW O . 26.41 -16.25 -16.83
C15 PCW O . 26.07 -17.73 -16.62
C16 PCW O . 24.56 -17.94 -16.47
C17 PCW O . 24.25 -19.42 -16.30
C18 PCW O . 24.88 -19.99 -15.02
C19 PCW O . 24.76 -21.37 -14.95
C20 PCW O . 23.75 -21.97 -14.21
C21 PCW O . 22.82 -21.20 -13.51
C22 PCW O . 22.16 -22.04 -12.42
C23 PCW O . 21.09 -21.24 -11.65
C24 PCW O . 20.42 -22.13 -10.60
C25 PCW O . 19.35 -21.36 -9.81
C26 PCW O . 18.72 -22.26 -8.75
C27 PCW O . 18.10 -23.52 -9.35
C28 PCW O . 17.48 -24.41 -8.28
C31 PCW O . 32.03 -11.45 -15.86
C32 PCW O . 31.50 -10.42 -14.86
C33 PCW O . 31.52 -10.98 -13.44
C34 PCW O . 32.96 -11.32 -12.99
C35 PCW O . 32.96 -12.01 -11.64
C36 PCW O . 32.29 -11.15 -10.58
C37 PCW O . 32.40 -11.77 -9.18
C38 PCW O . 31.75 -10.87 -8.13
C39 PCW O . 31.94 -11.36 -6.85
C40 PCW O . 30.91 -12.01 -6.17
C41 PCW O . 29.67 -12.19 -6.78
C42 PCW O . 28.96 -13.40 -6.15
C43 PCW O . 27.60 -13.64 -6.81
C44 PCW O . 26.96 -14.91 -6.25
C45 PCW O . 25.57 -15.14 -6.85
C46 PCW O . 24.93 -16.43 -6.31
C47 PCW O . 25.75 -17.66 -6.69
C48 PCW O . 25.13 -18.93 -6.13
N PCW O . 31.67 -10.67 -21.90
O2 PCW O . 31.92 -12.78 -15.57
O3 PCW O . 30.61 -15.05 -16.33
O11 PCW O . 31.00 -17.15 -15.64
O31 PCW O . 32.52 -11.09 -16.94
O1P PCW O . 35.40 -10.48 -18.28
O2P PCW O . 36.04 -12.90 -18.69
O3P PCW O . 34.55 -12.28 -16.77
O4P PCW O . 33.69 -12.13 -19.14
P PCW O . 35.02 -11.91 -18.27
C1 PCW P . 7.19 33.96 -39.11
C2 PCW P . 5.94 33.44 -38.39
C3 PCW P . 4.87 33.15 -39.42
C4 PCW P . 10.21 37.08 -37.18
C5 PCW P . 11.16 37.42 -36.03
C6 PCW P . 12.39 39.40 -35.22
C7 PCW P . 10.42 39.72 -36.75
C8 PCW P . 9.88 39.47 -35.34
C11 PCW P . 2.63 32.93 -39.76
C12 PCW P . 1.16 32.73 -39.38
C13 PCW P . 0.99 32.77 -37.86
C14 PCW P . -0.49 32.76 -37.46
C15 PCW P . -0.65 32.78 -35.95
C16 PCW P . -2.12 32.93 -35.55
C17 PCW P . -2.98 31.81 -36.13
C18 PCW P . -4.44 31.95 -35.67
C19 PCW P . -4.95 33.20 -36.01
C20 PCW P . -6.31 33.34 -36.28
C21 PCW P . -7.15 32.23 -36.19
C22 PCW P . -7.75 32.09 -34.79
C23 PCW P . -8.65 30.87 -34.71
C24 PCW P . -9.27 30.72 -33.31
C25 PCW P . -10.16 29.49 -33.23
C26 PCW P . -11.32 29.58 -34.23
C27 PCW P . -12.20 30.79 -33.94
C28 PCW P . -12.81 30.71 -32.53
C31 PCW P . 5.30 31.99 -36.70
C32 PCW P . 5.46 30.77 -35.78
C33 PCW P . 4.35 29.74 -36.02
C34 PCW P . 4.50 28.53 -35.10
C35 PCW P . 4.45 28.95 -33.62
C36 PCW P . 4.50 27.71 -32.71
C37 PCW P . 4.53 28.12 -31.24
C38 PCW P . 4.57 26.88 -30.34
C39 PCW P . 4.65 27.23 -28.99
C40 PCW P . 3.66 26.86 -28.11
C41 PCW P . 2.56 26.14 -28.54
C42 PCW P . 1.25 26.86 -28.19
C43 PCW P . 1.12 27.08 -26.68
C44 PCW P . -0.19 27.80 -26.34
C45 PCW P . -0.30 28.07 -24.83
C46 PCW P . -0.28 26.77 -24.04
C47 PCW P . -0.39 27.04 -22.54
C48 PCW P . -0.41 25.73 -21.75
N PCW P . 11.14 38.87 -35.79
O2 PCW P . 6.27 32.27 -37.62
O3 PCW P . 3.60 32.90 -38.81
O11 PCW P . 2.94 33.13 -40.94
O31 PCW P . 4.30 32.71 -36.61
O1P PCW P . 10.37 34.04 -39.35
O2P PCW P . 9.13 36.23 -39.64
O3P PCW P . 8.19 34.40 -38.19
O4P PCW P . 10.24 35.68 -37.45
P PCW P . 9.52 35.10 -38.77
C1 PCW Q . 27.93 -11.29 -26.96
C2 PCW Q . 27.26 -12.67 -26.92
C3 PCW Q . 28.09 -13.66 -26.12
C4 PCW Q . 32.09 -10.44 -28.82
C5 PCW Q . 33.05 -9.83 -27.79
C6 PCW Q . 34.90 -8.18 -27.81
C7 PCW Q . 33.20 -8.15 -29.66
C8 PCW Q . 32.57 -7.45 -28.45
C11 PCW Q . 27.87 -15.75 -25.11
C12 PCW Q . 27.07 -16.99 -24.72
C13 PCW Q . 25.77 -17.03 -25.53
C14 PCW Q . 24.81 -18.13 -25.08
C15 PCW Q . 23.57 -18.11 -25.98
C16 PCW Q . 22.50 -19.11 -25.52
C17 PCW Q . 23.03 -20.54 -25.47
C18 PCW Q . 21.87 -21.53 -25.42
C19 PCW Q . 21.15 -21.46 -26.60
C20 PCW Q . 19.85 -21.95 -26.71
C21 PCW Q . 19.20 -22.54 -25.63
C22 PCW Q . 18.41 -23.77 -26.10
C23 PCW Q . 17.50 -24.32 -25.01
C24 PCW Q . 16.48 -23.27 -24.58
C25 PCW Q . 15.43 -23.88 -23.63
C26 PCW Q . 14.64 -24.98 -24.33
C27 PCW Q . 13.59 -25.58 -23.41
C28 PCW Q . 12.77 -26.65 -24.15
C31 PCW Q . 25.22 -13.61 -26.67
C32 PCW Q . 23.82 -13.80 -26.09
C33 PCW Q . 22.82 -12.79 -26.66
C34 PCW Q . 23.11 -11.37 -26.15
C35 PCW Q . 23.02 -11.32 -24.63
C36 PCW Q . 23.18 -9.89 -24.11
C37 PCW Q . 23.15 -9.84 -22.59
C38 PCW Q . 21.85 -10.42 -22.03
C39 PCW Q . 21.85 -10.37 -20.65
C40 PCW Q . 20.66 -10.54 -19.93
C41 PCW Q . 19.46 -10.73 -20.60
C42 PCW Q . 18.29 -10.79 -19.61
C43 PCW Q . 16.96 -11.00 -20.33
C44 PCW Q . 15.81 -11.07 -19.33
C45 PCW Q . 15.72 -9.80 -18.48
C46 PCW Q . 14.59 -9.90 -17.45
C47 PCW Q . 14.53 -8.64 -16.59
C48 PCW Q . 13.40 -8.74 -15.56
N PCW Q . 33.56 -8.54 -28.29
O2 PCW Q . 25.98 -12.56 -26.29
O3 PCW Q . 27.26 -14.80 -25.86
O11 PCW Q . 29.04 -15.61 -24.76
O31 PCW Q . 25.64 -14.39 -27.53
O1P PCW Q . 30.92 -10.50 -26.16
O2P PCW Q . 30.49 -12.99 -26.44
O3P PCW Q . 29.14 -11.29 -27.72
O4P PCW Q . 31.55 -11.67 -28.31
P PCW Q . 30.55 -11.65 -27.04
C1 PCW R . 23.53 -7.61 -40.05
C2 PCW R . 22.01 -7.41 -40.03
C3 PCW R . 21.52 -7.31 -41.46
C4 PCW R . 23.35 -4.37 -40.38
C5 PCW R . 23.86 -3.68 -41.65
C6 PCW R . 21.46 -3.77 -42.28
C7 PCW R . 22.67 -1.56 -42.31
C8 PCW R . 23.03 -2.31 -43.59
C11 PCW R . 19.71 -6.69 -42.73
C12 PCW R . 18.25 -6.27 -42.94
C13 PCW R . 17.64 -6.93 -44.19
C14 PCW R . 16.18 -6.52 -44.32
C15 PCW R . 16.03 -5.00 -44.39
C16 PCW R . 14.56 -4.59 -44.38
C17 PCW R . 13.89 -5.04 -43.08
C18 PCW R . 12.42 -4.58 -43.04
C19 PCW R . 12.34 -3.19 -43.09
C20 PCW R . 11.68 -2.49 -42.10
C21 PCW R . 11.09 -3.16 -41.03
C22 PCW R . 11.20 -2.36 -39.74
C23 PCW R . 10.50 -3.06 -38.58
C24 PCW R . 9.01 -3.25 -38.86
C25 PCW R . 8.32 -3.94 -37.69
C26 PCW R . 8.93 -5.33 -37.43
C27 PCW R . 8.22 -6.03 -36.27
C28 PCW R . 8.82 -7.42 -36.02
C31 PCW R . 21.62 -8.51 -38.02
C32 PCW R . 21.02 -9.61 -37.15
C33 PCW R . 19.67 -9.22 -36.58
C34 PCW R . 19.11 -10.34 -35.70
C35 PCW R . 17.75 -9.98 -35.09
C36 PCW R . 17.83 -8.69 -34.28
C37 PCW R . 16.53 -8.41 -33.51
C38 PCW R . 15.31 -8.37 -34.44
C39 PCW R . 14.20 -7.90 -33.74
C40 PCW R . 13.04 -8.66 -33.61
C41 PCW R . 12.92 -9.92 -34.16
C42 PCW R . 12.46 -10.93 -33.11
C43 PCW R . 12.04 -12.26 -33.73
C44 PCW R . 11.64 -13.26 -32.65
C45 PCW R . 11.01 -14.51 -33.25
C46 PCW R . 9.71 -14.17 -33.97
C47 PCW R . 9.03 -15.42 -34.53
C48 PCW R . 7.72 -15.06 -35.22
N PCW R . 22.73 -3.03 -42.35
O2 PCW R . 21.34 -8.49 -39.36
O3 PCW R . 20.13 -6.96 -41.46
O11 PCW R . 20.49 -6.80 -43.68
O31 PCW R . 22.34 -7.65 -37.54
O1P PCW R . 22.85 -5.37 -37.79
O2P PCW R . 25.35 -5.58 -37.42
O3P PCW R . 24.12 -7.29 -38.79
O4P PCW R . 24.45 -4.97 -39.69
P PCW R . 24.18 -5.75 -38.31
C1 PCW S . 22.39 16.36 -32.24
C2 PCW S . 21.12 15.50 -32.20
C3 PCW S . 20.77 15.24 -30.75
C4 PCW S . 21.47 15.66 -36.20
C5 PCW S . 20.64 14.72 -37.07
C6 PCW S . 20.34 13.33 -35.03
C7 PCW S . 18.33 14.35 -36.14
C8 PCW S . 18.72 13.10 -36.93
C11 PCW S . 20.39 12.98 -30.84
C12 PCW S . 19.56 11.70 -30.72
C13 PCW S . 18.58 11.78 -29.55
C14 PCW S . 17.76 10.49 -29.44
C15 PCW S . 16.67 10.60 -28.38
C16 PCW S . 17.26 10.83 -26.98
C17 PCW S . 16.14 11.01 -25.96
C18 PCW S . 16.69 11.25 -24.56
C19 PCW S . 15.66 11.49 -23.65
C20 PCW S . 15.39 10.61 -22.62
C21 PCW S . 16.16 9.47 -22.46
C22 PCW S . 16.43 9.16 -20.98
C23 PCW S . 15.16 8.86 -20.21
C24 PCW S . 14.20 10.06 -20.18
C25 PCW S . 12.96 9.76 -19.34
C26 PCW S . 12.01 10.95 -19.30
C27 PCW S . 11.52 11.30 -20.71
C28 PCW S . 10.56 12.50 -20.67
C31 PCW S . 18.95 15.45 -33.06
C32 PCW S . 17.76 16.06 -33.80
C33 PCW S . 16.42 15.80 -33.09
C34 PCW S . 16.06 14.31 -33.11
C35 PCW S . 14.71 14.09 -32.41
C36 PCW S . 14.26 12.62 -32.49
C37 PCW S . 12.92 12.44 -31.78
C38 PCW S . 12.43 11.00 -31.89
C39 PCW S . 11.23 10.84 -31.19
C40 PCW S . 10.23 10.00 -31.66
C41 PCW S . 10.41 9.30 -32.86
C42 PCW S . 9.06 8.97 -33.51
C43 PCW S . 8.20 8.12 -32.57
C44 PCW S . 6.85 7.80 -33.21
C45 PCW S . 5.97 6.99 -32.25
C46 PCW S . 6.62 5.65 -31.89
C47 PCW S . 6.79 4.79 -33.14
C48 PCW S . 7.41 3.43 -32.78
N PCW S . 19.73 13.91 -36.24
O2 PCW S . 20.06 16.20 -32.87
O3 PCW S . 19.80 14.19 -30.60
O11 PCW S . 21.57 12.94 -31.15
O31 PCW S . 18.90 14.29 -32.65
O1P PCW S . 24.30 16.34 -35.52
O2P PCW S . 24.17 14.60 -33.67
O3P PCW S . 22.77 16.69 -33.59
O4P PCW S . 22.26 14.90 -35.28
P PCW S . 23.49 15.60 -34.53
C1 PCW T . -18.89 39.08 -8.45
C2 PCW T . -18.19 40.01 -9.43
C3 PCW T . -18.53 39.59 -10.85
C4 PCW T . -17.31 37.87 -4.48
C5 PCW T . -16.46 36.63 -4.22
C6 PCW T . -15.86 36.90 -1.83
C7 PCW T . -14.05 36.51 -3.52
C8 PCW T . -14.43 37.98 -3.60
C11 PCW T . -18.12 40.11 -13.05
C12 PCW T . -17.51 40.92 -14.20
C13 PCW T . -16.63 40.03 -15.08
C14 PCW T . -16.01 40.83 -16.23
C15 PCW T . -15.16 41.98 -15.70
C16 PCW T . -14.46 42.73 -16.85
C17 PCW T . -15.48 43.29 -17.84
C18 PCW T . -14.77 44.02 -18.98
C19 PCW T . -15.70 44.53 -19.88
C20 PCW T . -15.40 45.65 -20.64
C21 PCW T . -14.16 46.29 -20.50
C22 PCW T . -13.88 47.18 -21.71
C23 PCW T . -12.54 47.90 -21.56
C24 PCW T . -12.26 48.80 -22.77
C25 PCW T . -13.35 49.85 -22.92
C26 PCW T . -13.07 50.75 -24.13
C27 PCW T . -11.74 51.49 -23.99
C28 PCW T . -11.76 52.40 -22.75
C31 PCW T . -18.02 41.92 -8.15
C32 PCW T . -18.36 43.35 -7.73
C33 PCW T . -18.55 43.45 -6.22
C34 PCW T . -17.27 43.06 -5.47
C35 PCW T . -16.10 43.96 -5.86
C36 PCW T . -14.83 43.56 -5.11
C37 PCW T . -13.65 44.44 -5.50
C38 PCW T . -13.35 44.32 -6.99
C39 PCW T . -12.26 45.12 -7.34
C40 PCW T . -12.45 46.25 -8.13
C41 PCW T . -13.72 46.58 -8.58
C42 PCW T . -13.74 46.71 -10.11
C43 PCW T . -15.16 47.05 -10.60
C44 PCW T . -15.19 47.19 -12.12
C45 PCW T . -14.84 45.88 -12.82
C46 PCW T . -13.39 45.46 -12.52
C47 PCW T . -13.05 44.14 -13.23
C48 PCW T . -11.61 43.72 -12.94
N PCW T . -15.41 36.95 -3.23
O2 PCW T . -18.64 41.36 -9.23
O3 PCW T . -17.86 40.48 -11.76
O11 PCW T . -18.85 39.14 -13.27
O31 PCW T . -17.15 41.27 -7.55
O1P PCW T . -19.54 39.66 -4.78
O2P PCW T . -20.58 38.03 -6.45
O3P PCW T . -18.63 39.46 -7.10
O4P PCW T . -18.31 37.56 -5.46
P PCW T . -19.38 38.69 -5.90
C1 PCW U . -12.32 36.27 0.14
C2 PCW U . -11.45 36.98 -0.90
C3 PCW U . -12.04 38.33 -1.26
C4 PCW U . -12.82 31.82 0.26
C5 PCW U . -13.84 31.05 -0.59
C6 PCW U . -14.06 33.23 -1.75
C7 PCW U . -13.56 31.17 -3.08
C8 PCW U . -15.06 31.17 -2.78
C11 PCW U . -11.75 40.16 -2.61
C12 PCW U . -11.10 40.96 -3.74
C13 PCW U . -9.58 40.97 -3.61
C14 PCW U . -8.94 41.66 -4.82
C15 PCW U . -9.39 43.11 -4.95
C16 PCW U . -8.98 43.94 -3.72
C17 PCW U . -9.39 45.40 -3.91
C18 PCW U . -8.94 46.24 -2.70
C19 PCW U . -7.57 46.18 -2.52
C20 PCW U . -6.71 46.90 -3.34
C21 PCW U . -7.22 47.70 -4.35
C22 PCW U . -6.93 47.10 -5.73
C23 PCW U . -7.46 48.01 -6.85
C24 PCW U . -6.79 49.38 -6.79
C25 PCW U . -7.31 50.29 -7.90
C26 PCW U . -6.62 51.66 -7.84
C27 PCW U . -7.12 52.60 -8.94
C28 PCW U . -6.42 53.96 -8.87
C31 PCW U . -10.14 37.91 0.73
C32 PCW U . -8.82 38.23 1.44
C33 PCW U . -8.27 39.58 0.98
C34 PCW U . -6.94 39.90 1.67
C35 PCW U . -6.42 41.27 1.21
C36 PCW U . -6.19 41.30 -0.30
C37 PCW U . -5.75 42.68 -0.78
C38 PCW U . -5.48 42.69 -2.29
C39 PCW U . -5.13 43.96 -2.71
C40 PCW U . -4.16 44.14 -3.69
C41 PCW U . -3.52 43.04 -4.25
C42 PCW U . -2.79 43.42 -5.54
C43 PCW U . -2.04 42.22 -6.13
C44 PCW U . -1.32 42.60 -7.42
C45 PCW U . -0.60 41.41 -8.02
C46 PCW U . 0.12 41.82 -9.32
C47 PCW U . 1.12 42.94 -9.05
C48 PCW U . 1.86 43.34 -10.34
N PCW U . -14.09 31.76 -1.85
O2 PCW U . -10.12 37.15 -0.39
O3 PCW U . -11.28 38.92 -2.32
O11 PCW U . -12.68 40.63 -1.96
O31 PCW U . -11.21 38.31 1.19
O1P PCW U . -11.43 33.29 2.28
O2P PCW U . -13.40 34.92 2.39
O3P PCW U . -11.76 35.01 0.49
O4P PCW U . -13.36 33.08 0.66
P PCW U . -12.49 34.07 1.58
C1 PCW V . 23.14 14.32 -27.45
C2 PCW V . 23.13 13.16 -26.45
C3 PCW V . 22.33 13.57 -25.22
C4 PCW V . 25.98 13.44 -25.36
C5 PCW V . 26.45 13.11 -23.93
C6 PCW V . 27.85 11.13 -24.38
C7 PCW V . 26.12 11.04 -22.55
C8 PCW V . 25.41 10.83 -23.89
C11 PCW V . 21.22 12.76 -23.40
C12 PCW V . 20.75 11.68 -22.42
C13 PCW V . 21.70 10.48 -22.42
C14 PCW V . 21.12 9.35 -21.56
C15 PCW V . 22.06 8.15 -21.51
C16 PCW V . 21.42 7.00 -20.73
C17 PCW V . 22.39 5.82 -20.57
C18 PCW V . 21.70 4.66 -19.85
C19 PCW V . 22.61 3.63 -19.55
C20 PCW V . 23.27 2.94 -20.55
C21 PCW V . 23.04 3.25 -21.89
C22 PCW V . 23.59 2.15 -22.80
C23 PCW V . 22.90 0.82 -22.55
C24 PCW V . 23.44 -0.26 -23.51
C25 PCW V . 22.71 -1.59 -23.31
C26 PCW V . 23.21 -2.63 -24.31
C27 PCW V . 22.45 -3.96 -24.14
C28 PCW V . 20.96 -3.77 -24.40
C31 PCW V . 23.18 11.54 -28.08
C32 PCW V . 22.67 10.34 -28.87
C33 PCW V . 21.64 9.56 -28.05
C34 PCW V . 21.13 8.35 -28.83
C35 PCW V . 20.07 7.58 -28.03
C36 PCW V . 19.55 6.39 -28.83
C37 PCW V . 18.48 5.62 -28.05
C38 PCW V . 17.29 6.53 -27.71
C39 PCW V . 16.27 5.82 -27.09
C40 PCW V . 16.48 5.23 -25.85
C41 PCW V . 17.71 5.34 -25.20
C42 PCW V . 18.03 4.07 -24.43
C43 PCW V . 19.37 4.19 -23.70
C44 PCW V . 19.69 2.92 -22.92
C45 PCW V . 18.60 2.62 -21.88
C46 PCW V . 18.90 1.32 -21.14
C47 PCW V . 20.25 1.37 -20.44
C48 PCW V . 20.52 0.09 -19.66
N PCW V . 26.61 11.66 -23.79
O2 PCW V . 22.45 12.04 -27.05
O3 PCW V . 22.07 12.42 -24.41
O11 PCW V . 20.83 13.91 -23.31
O31 PCW V . 24.26 12.06 -28.37
O1P PCW V . 25.93 14.57 -27.98
O2P PCW V . 25.90 16.89 -26.97
O3P PCW V . 23.84 15.46 -26.94
O4P PCW V . 25.81 14.84 -25.49
P PCW V . 25.44 15.48 -26.93
C1 PCW W . 20.86 24.34 -22.73
C2 PCW W . 19.36 24.09 -22.63
C3 PCW W . 18.82 23.49 -23.92
C4 PCW W . 20.82 19.92 -23.83
C5 PCW W . 19.56 19.10 -23.56
C6 PCW W . 18.87 16.73 -23.48
C7 PCW W . 21.32 17.30 -23.53
C8 PCW W . 20.83 17.48 -22.10
C11 PCW W . 16.85 22.89 -24.98
C12 PCW W . 15.35 22.64 -25.03
C13 PCW W . 15.03 21.22 -25.51
C14 PCW W . 13.53 20.93 -25.35
C15 PCW W . 13.14 21.01 -23.87
C16 PCW W . 11.63 20.83 -23.67
C17 PCW W . 11.16 19.50 -24.24
C18 PCW W . 9.68 19.28 -23.94
C19 PCW W . 8.90 20.32 -24.43
C20 PCW W . 8.59 21.39 -23.60
C21 PCW W . 9.06 21.43 -22.29
C22 PCW W . 8.21 22.37 -21.43
C23 PCW W . 6.76 21.91 -21.35
C24 PCW W . 5.93 22.86 -20.48
C25 PCW W . 4.46 22.41 -20.42
C26 PCW W . 3.63 23.36 -19.55
C27 PCW W . 2.18 22.89 -19.48
C28 PCW W . 1.34 23.82 -18.59
C31 PCW W . 17.79 23.34 -21.13
C32 PCW W . 17.28 22.51 -19.94
C33 PCW W . 17.45 21.02 -20.19
C34 PCW W . 16.95 20.21 -18.99
C35 PCW W . 15.45 20.41 -18.76
C36 PCW W . 14.97 19.57 -17.58
C37 PCW W . 13.46 19.66 -17.38
C38 PCW W . 13.04 18.85 -16.16
C39 PCW W . 11.65 18.85 -15.99
C40 PCW W . 11.00 19.96 -15.50
C41 PCW W . 11.72 21.11 -15.16
C42 PCW W . 11.61 22.16 -16.28
C43 PCW W . 12.39 23.42 -15.91
C44 PCW W . 12.32 24.45 -17.05
C45 PCW W . 13.10 25.71 -16.67
C46 PCW W . 13.04 26.73 -17.81
C47 PCW W . 13.63 26.15 -19.09
C48 PCW W . 13.51 27.14 -20.24
N PCW W . 19.94 17.71 -23.25
O2 PCW W . 19.09 23.23 -21.51
O3 PCW W . 17.41 23.30 -23.80
O11 PCW W . 17.57 22.72 -25.97
O31 PCW W . 17.04 24.10 -21.73
O1P PCW W . 21.13 23.37 -25.37
O2P PCW W . 22.89 21.72 -24.56
O3P PCW W . 21.61 23.13 -22.93
O4P PCW W . 20.44 21.27 -24.15
P PCW W . 21.59 22.39 -24.35
C1 PCW X . 18.50 9.83 -38.55
C2 PCW X . 17.31 9.87 -39.50
C3 PCW X . 16.72 8.48 -39.53
C4 PCW X . 21.96 9.47 -40.41
C5 PCW X . 22.20 10.00 -41.83
C6 PCW X . 21.53 8.11 -43.27
C7 PCW X . 23.81 9.12 -43.54
C8 PCW X . 23.87 8.19 -42.34
C11 PCW X . 15.26 7.07 -40.55
C12 PCW X . 14.13 6.64 -41.49
C13 PCW X . 14.60 6.58 -42.95
C14 PCW X . 13.55 5.88 -43.81
C15 PCW X . 13.97 5.82 -45.27
C16 PCW X . 13.04 4.88 -46.06
C17 PCW X . 11.58 5.30 -45.92
C18 PCW X . 10.66 4.28 -46.61
C19 PCW X . 10.86 3.01 -46.07
C20 PCW X . 9.77 2.21 -45.73
C21 PCW X . 8.48 2.66 -45.92
C22 PCW X . 7.49 1.49 -45.89
C23 PCW X . 6.05 1.98 -46.10
C24 PCW X . 5.07 0.80 -46.09
C25 PCW X . 3.63 1.28 -46.35
C26 PCW X . 3.17 2.26 -45.28
C27 PCW X . 1.74 2.71 -45.55
C28 PCW X . 1.25 3.71 -44.49
C31 PCW X . 16.78 12.10 -39.24
C32 PCW X . 15.92 13.29 -38.81
C33 PCW X . 15.76 13.32 -37.29
C34 PCW X . 14.81 12.21 -36.81
C35 PCW X . 13.37 12.52 -37.24
C36 PCW X . 12.92 13.85 -36.63
C37 PCW X . 11.49 14.20 -37.05
C38 PCW X . 11.38 14.31 -38.56
C39 PCW X . 10.12 14.80 -38.93
C40 PCW X . 8.97 14.04 -38.75
C41 PCW X . 9.05 12.77 -38.19
C42 PCW X . 7.76 11.98 -38.51
C43 PCW X . 7.82 10.58 -37.89
C44 PCW X . 6.55 9.80 -38.22
C45 PCW X . 6.59 8.40 -37.62
C46 PCW X . 5.32 7.62 -37.95
C47 PCW X . 5.13 7.48 -39.46
C48 PCW X . 3.86 6.69 -39.78
N PCW X . 22.63 8.89 -42.70
O2 PCW X . 16.33 10.83 -39.06
O3 PCW X . 15.64 8.37 -40.50
O11 PCW X . 15.84 6.24 -39.85
O31 PCW X . 17.87 12.28 -39.77
O1P PCW X . 19.54 10.72 -41.06
O2P PCW X . 20.46 12.80 -39.93
O3P PCW X . 19.27 11.03 -38.60
O4P PCW X . 21.54 10.55 -39.57
P PCW X . 20.19 11.35 -39.89
C1 PCW Y . 22.19 30.33 -21.53
C2 PCW Y . 21.56 29.53 -20.39
C3 PCW Y . 22.31 28.21 -20.23
C4 PCW Y . 19.55 30.31 -23.79
C5 PCW Y . 19.28 29.06 -24.62
C6 PCW Y . 17.79 28.57 -22.70
C7 PCW Y . 16.89 28.40 -25.04
C8 PCW Y . 17.67 27.13 -24.76
C11 PCW Y . 20.39 27.18 -19.53
C12 PCW Y . 19.49 26.45 -18.53
C13 PCW Y . 18.33 27.36 -18.11
C14 PCW Y . 17.47 26.71 -17.03
C15 PCW Y . 18.31 26.39 -15.79
C16 PCW Y . 17.45 25.85 -14.65
C17 PCW Y . 16.42 26.87 -14.18
C18 PCW Y . 15.41 27.20 -15.27
C19 PCW Y . 14.48 28.14 -14.85
C20 PCW Y . 13.71 27.91 -13.70
C21 PCW Y . 13.87 26.73 -12.98
C22 PCW Y . 12.56 25.95 -12.89
C23 PCW Y . 12.75 24.67 -12.08
C24 PCW Y . 11.45 23.86 -12.00
C25 PCW Y . 11.65 22.59 -11.18
C26 PCW Y . 10.36 21.78 -11.10
C27 PCW Y . 9.24 22.60 -10.45
C28 PCW Y . 7.94 21.78 -10.37
C31 PCW Y . 20.64 31.21 -19.14
C32 PCW Y . 20.46 32.07 -17.89
C33 PCW Y . 19.13 31.79 -17.21
C34 PCW Y . 19.01 30.33 -16.79
C35 PCW Y . 19.97 30.00 -15.64
C36 PCW Y . 19.58 30.77 -14.38
C37 PCW Y . 20.49 30.42 -13.20
C38 PCW Y . 20.07 31.19 -11.95
C39 PCW Y . 20.86 30.85 -10.85
C40 PCW Y . 20.27 30.64 -9.61
C41 PCW Y . 18.89 30.76 -9.47
C42 PCW Y . 18.53 31.57 -8.22
C43 PCW Y . 19.05 30.92 -6.94
C44 PCW Y . 18.69 31.75 -5.72
C45 PCW Y . 19.20 31.11 -4.43
C46 PCW Y . 18.58 29.73 -4.22
C47 PCW Y . 19.08 29.09 -2.92
C48 PCW Y . 18.46 27.71 -2.72
N PCW Y . 18.04 28.40 -24.14
O2 PCW Y . 21.59 30.24 -19.15
O3 PCW Y . 21.68 27.47 -19.18
O11 PCW Y . 19.99 27.48 -20.64
O31 PCW Y . 19.92 31.38 -20.12
O1P PCW Y . 20.53 33.26 -23.38
O2P PCW Y . 22.85 32.28 -23.74
O3P PCW Y . 21.41 31.49 -21.84
O4P PCW Y . 20.80 30.89 -24.18
P PCW Y . 21.43 32.09 -23.33
C1 PCW Z . 6.90 39.02 -32.00
C2 PCW Z . 5.76 39.20 -31.00
C3 PCW Z . 4.94 37.92 -30.91
C4 PCW Z . 6.70 43.29 -31.10
C5 PCW Z . 5.65 43.88 -30.16
C6 PCW Z . 7.63 44.85 -29.03
C7 PCW Z . 5.77 46.37 -29.77
C8 PCW Z . 5.34 45.71 -28.45
C11 PCW Z . 2.82 38.77 -30.65
C12 PCW Z . 1.55 39.12 -29.88
C13 PCW Z . 0.45 38.08 -30.10
C14 PCW Z . -0.81 38.45 -29.32
C15 PCW Z . -1.93 37.43 -29.55
C16 PCW Z . -2.32 37.37 -31.04
C17 PCW Z . -2.71 38.75 -31.56
C18 PCW Z . -3.90 39.33 -30.81
C19 PCW Z . -4.20 40.60 -31.28
C20 PCW Z . -5.51 41.09 -31.25
C21 PCW Z . -6.55 40.30 -30.76
C22 PCW Z . -6.86 40.67 -29.30
C23 PCW Z . -8.04 39.86 -28.76
C24 PCW Z . -8.29 40.19 -27.29
C25 PCW Z . -8.55 41.69 -27.10
C26 PCW Z . -8.82 42.02 -25.62
C27 PCW Z . -9.01 43.53 -25.42
C28 PCW Z . -7.74 44.29 -25.80
C31 PCW Z . 5.42 40.24 -28.98
C32 PCW Z . 5.77 40.66 -27.54
C33 PCW Z . 4.60 40.42 -26.59
C34 PCW Z . 4.32 38.93 -26.40
C35 PCW Z . 5.45 38.23 -25.63
C36 PCW Z . 5.12 36.78 -25.35
C37 PCW Z . 6.18 36.13 -24.47
C38 PCW Z . 5.82 34.67 -24.13
C39 PCW Z . 6.77 34.12 -23.28
C40 PCW Z . 6.45 32.98 -22.54
C41 PCW Z . 5.19 32.40 -22.65
C42 PCW Z . 4.80 31.67 -21.38
C43 PCW Z . 3.41 31.05 -21.52
C44 PCW Z . 2.99 30.28 -20.26
C45 PCW Z . 1.60 29.68 -20.44
C46 PCW Z . 1.17 28.91 -19.19
C47 PCW Z . -0.23 28.31 -19.39
C48 PCW Z . -0.69 27.54 -18.15
N PCW Z . 6.22 45.01 -29.41
O2 PCW Z . 6.31 39.52 -29.71
O3 PCW Z . 3.83 38.12 -30.01
O11 PCW Z . 2.94 39.07 -31.83
O31 PCW Z . 4.35 40.59 -29.48
O1P PCW Z . 8.08 42.34 -33.41
O2P PCW Z . 6.07 40.91 -34.00
O3P PCW Z . 7.64 40.22 -32.18
O4P PCW Z . 6.12 42.21 -31.84
P PCW Z . 6.97 41.45 -32.97
C1 PCW AA . 14.32 39.49 -19.92
C2 PCW AA . 13.85 39.65 -18.47
C3 PCW AA . 14.00 41.11 -18.09
C4 PCW AA . 16.82 36.43 -21.44
C5 PCW AA . 16.42 36.10 -20.00
C6 PCW AA . 17.12 33.82 -20.66
C7 PCW AA . 18.19 34.91 -18.67
C8 PCW AA . 16.83 34.36 -18.22
C11 PCW AA . 13.93 40.68 -15.83
C12 PCW AA . 13.38 40.81 -14.41
C13 PCW AA . 12.78 42.22 -14.19
C14 PCW AA . 12.10 42.31 -12.83
C15 PCW AA . 11.48 43.71 -12.63
C16 PCW AA . 10.65 43.76 -11.35
C17 PCW AA . 10.08 45.15 -11.13
C18 PCW AA . 9.10 45.16 -9.94
C19 PCW AA . 8.04 44.30 -10.18
C20 PCW AA . 6.81 44.79 -10.60
C21 PCW AA . 6.63 46.16 -10.77
C22 PCW AA . 5.42 46.44 -11.68
C23 PCW AA . 4.14 45.84 -11.08
C24 PCW AA . 3.91 46.35 -9.67
C25 PCW AA . 3.72 47.87 -9.65
C26 PCW AA . 3.51 48.38 -8.21
C27 PCW AA . 2.27 47.74 -7.58
C28 PCW AA . 2.08 48.23 -6.15
C31 PCW AA . 12.31 37.94 -18.32
C32 PCW AA . 10.91 37.34 -18.14
C33 PCW AA . 9.82 38.22 -18.78
C34 PCW AA . 8.43 37.70 -18.43
C35 PCW AA . 7.35 38.53 -19.13
C36 PCW AA . 5.95 38.09 -18.67
C37 PCW AA . 4.87 38.80 -19.48
C38 PCW AA . 3.47 38.39 -19.01
C39 PCW AA . 2.51 38.94 -19.85
C40 PCW AA . 1.35 39.54 -19.36
C41 PCW AA . 1.11 39.65 -18.00
C42 PCW AA . 0.13 40.80 -17.74
C43 PCW AA . -0.22 40.92 -16.26
C44 PCW AA . -1.16 42.09 -16.02
C45 PCW AA . -1.55 42.21 -14.54
C46 PCW AA . -2.27 40.96 -14.06
C47 PCW AA . -2.68 41.10 -12.58
C48 PCW AA . -3.39 39.86 -12.08
N PCW AA . 17.06 34.84 -19.60
O2 PCW AA . 12.46 39.29 -18.36
O3 PCW AA . 13.35 41.38 -16.85
O11 PCW AA . 14.92 39.98 -16.06
O31 PCW AA . 13.29 37.21 -18.43
O1P PCW AA . 14.02 36.50 -22.24
O2P PCW AA . 14.26 38.96 -22.76
O3P PCW AA . 14.22 38.15 -20.39
O4P PCW AA . 16.22 37.67 -21.84
P PCW AA . 14.61 37.80 -21.91
C1 PCW BA . 21.07 34.29 -5.72
C2 PCW BA . 20.00 34.94 -6.60
C3 PCW BA . 20.11 34.39 -8.00
C4 PCW BA . 22.50 35.84 -1.52
C5 PCW BA . 23.60 36.88 -1.24
C6 PCW BA . 25.89 36.97 -0.31
C7 PCW BA . 24.92 34.74 -0.94
C8 PCW BA . 25.41 35.43 -2.23
C11 PCW BA . 19.65 36.15 -9.38
C12 PCW BA . 18.81 37.00 -10.33
C13 PCW BA . 17.38 37.20 -9.80
C14 PCW BA . 16.57 38.08 -10.75
C15 PCW BA . 15.15 38.30 -10.23
C16 PCW BA . 14.35 39.19 -11.17
C17 PCW BA . 12.93 39.40 -10.64
C18 PCW BA . 12.17 38.06 -10.58
C19 PCW BA . 12.03 37.52 -11.86
C20 PCW BA . 10.96 36.68 -12.15
C21 PCW BA . 10.03 36.36 -11.16
C22 PCW BA . 8.76 37.20 -11.33
C23 PCW BA . 7.72 36.80 -10.27
C24 PCW BA . 7.34 35.33 -10.41
C25 PCW BA . 6.34 34.92 -9.33
C26 PCW BA . 5.95 33.43 -9.45
C27 PCW BA . 4.94 33.05 -8.39
C28 PCW BA . 4.59 31.56 -8.48
C31 PCW BA . 17.72 35.41 -6.56
C32 PCW BA . 16.29 35.18 -6.10
C33 PCW BA . 16.13 35.46 -4.60
C34 PCW BA . 14.73 35.05 -4.12
C35 PCW BA . 14.50 33.57 -4.39
C36 PCW BA . 13.12 33.10 -3.92
C37 PCW BA . 12.95 31.61 -4.21
C38 PCW BA . 11.58 31.10 -3.72
C39 PCW BA . 11.42 29.75 -4.00
C40 PCW BA . 11.08 28.86 -2.98
C41 PCW BA . 10.89 29.31 -1.69
C42 PCW BA . 9.72 28.59 -1.03
C43 PCW BA . 9.49 29.10 0.39
C44 PCW BA . 8.27 28.40 1.02
C45 PCW BA . 8.00 28.93 2.43
C46 PCW BA . 9.20 28.71 3.36
C47 PCW BA . 8.91 29.24 4.77
C48 PCW BA . 10.12 29.01 5.69
N PCW BA . 24.90 36.21 -1.08
O2 PCW BA . 18.71 34.62 -6.04
O3 PCW BA . 19.15 34.99 -8.88
O11 PCW BA . 20.80 36.49 -9.08
O31 PCW BA . 18.00 36.30 -7.37
O1P PCW BA . 20.97 33.53 -2.11
O2P PCW BA . 22.68 32.92 -3.88
O3P PCW BA . 20.92 34.65 -4.34
O4P PCW BA . 22.80 35.15 -2.73
P PCW BA . 21.85 33.95 -3.23
C1 PCW CA . 35.02 13.78 5.69
C2 PCW CA . 33.64 14.07 6.27
C3 PCW CA . 33.09 15.35 5.65
C4 PCW CA . 35.83 10.48 3.56
C5 PCW CA . 37.01 10.71 2.61
C6 PCW CA . 36.03 11.93 0.69
C7 PCW CA . 37.26 9.77 0.29
C8 PCW CA . 35.86 9.42 0.79
C11 PCW CA . 31.22 16.69 5.67
C12 PCW CA . 29.73 16.98 5.90
C13 PCW CA . 29.24 16.29 7.17
C14 PCW CA . 27.71 16.27 7.23
C15 PCW CA . 27.09 17.66 7.26
C16 PCW CA . 27.43 18.41 8.55
C17 PCW CA . 26.65 19.72 8.63
C18 PCW CA . 26.89 20.44 9.96
C19 PCW CA . 26.11 21.59 10.06
C20 PCW CA . 25.58 21.98 11.28
C21 PCW CA . 25.83 21.22 12.42
C22 PCW CA . 24.83 21.52 13.54
C23 PCW CA . 23.42 21.04 13.19
C24 PCW CA . 22.86 21.77 11.96
C25 PCW CA . 21.45 21.27 11.65
C26 PCW CA . 20.89 21.97 10.41
C27 PCW CA . 19.46 21.50 10.13
C28 PCW CA . 19.41 19.99 9.87
C31 PCW CA . 32.80 12.02 6.89
C32 PCW CA . 31.96 10.76 6.73
C33 PCW CA . 30.53 11.11 6.31
C34 PCW CA . 29.85 11.98 7.36
C35 PCW CA . 29.68 11.23 8.69
C36 PCW CA . 29.02 12.14 9.73
C37 PCW CA . 28.81 11.40 11.05
C38 PCW CA . 27.91 10.17 10.87
C39 PCW CA . 27.70 9.54 12.10
C40 PCW CA . 27.25 8.22 12.14
C41 PCW CA . 27.03 7.52 10.95
C42 PCW CA . 25.54 7.48 10.62
C43 PCW CA . 24.76 6.75 11.72
C44 PCW CA . 23.27 6.66 11.36
C45 PCW CA . 22.50 5.93 12.46
C46 PCW CA . 21.01 5.81 12.09
C47 PCW CA . 20.83 5.01 10.80
C48 PCW CA . 19.36 4.90 10.42
N PCW CA . 36.53 10.66 1.22
O2 PCW CA . 32.76 12.99 5.93
O3 PCW CA . 31.71 15.46 6.02
O11 PCW CA . 31.97 17.54 5.21
O31 PCW CA . 33.52 12.18 7.88
O1P PCW CA . 37.31 12.78 4.46
O2P PCW CA . 37.81 11.56 6.63
O3P PCW CA . 35.53 12.55 6.20
O4P PCW CA . 36.29 10.51 4.92
P PCW CA . 36.85 11.89 5.55
C1 PCW DA . 13.29 15.88 -41.61
C2 PCW DA . 12.20 16.93 -41.41
C3 PCW DA . 11.09 16.73 -42.43
C4 PCW DA . 15.59 19.53 -39.81
C5 PCW DA . 14.73 20.76 -39.48
C6 PCW DA . 16.60 21.28 -37.93
C7 PCW DA . 15.89 22.98 -39.64
C8 PCW DA . 14.91 23.05 -38.46
C11 PCW DA . 9.11 17.52 -43.23
C12 PCW DA . 7.87 18.42 -43.26
C13 PCW DA . 6.87 17.96 -44.32
C14 PCW DA . 5.65 18.87 -44.36
C15 PCW DA . 4.90 18.84 -43.03
C16 PCW DA . 4.28 17.47 -42.74
C17 PCW DA . 3.67 17.44 -41.34
C18 PCW DA . 2.99 16.09 -41.06
C19 PCW DA . 2.62 16.01 -39.73
C20 PCW DA . 1.39 15.49 -39.34
C21 PCW DA . 0.46 15.03 -40.27
C22 PCW DA . -0.42 13.95 -39.63
C23 PCW DA . -1.56 13.52 -40.55
C24 PCW DA . -2.44 12.48 -39.85
C25 PCW DA . -3.68 12.13 -40.69
C26 PCW DA . -3.30 11.55 -42.05
C27 PCW DA . -4.55 11.19 -42.85
C28 PCW DA . -4.17 10.63 -44.23
C31 PCW DA . 11.01 17.91 -39.69
C32 PCW DA . 10.36 17.95 -38.30
C33 PCW DA . 8.92 18.46 -38.38
C34 PCW DA . 8.07 17.60 -39.32
C35 PCW DA . 6.61 18.07 -39.31
C36 PCW DA . 5.97 17.85 -37.94
C37 PCW DA . 4.58 18.48 -37.88
C38 PCW DA . 3.93 18.26 -36.52
C39 PCW DA . 2.77 19.01 -36.41
C40 PCW DA . 1.52 18.40 -36.31
C41 PCW DA . 1.39 17.02 -36.33
C42 PCW DA . -0.08 16.61 -36.30
C43 PCW DA . -0.25 15.09 -36.32
C44 PCW DA . -1.73 14.71 -36.32
C45 PCW DA . -1.92 13.19 -36.38
C46 PCW DA . -3.40 12.83 -36.40
C47 PCW DA . -3.59 11.31 -36.44
C48 PCW DA . -5.08 10.94 -36.42
N PCW DA . 15.56 21.79 -38.84
O2 PCW DA . 11.67 16.78 -40.08
O3 PCW DA . 10.04 17.69 -42.25
O11 PCW DA . 9.28 16.66 -44.09
O31 PCW DA . 10.98 18.90 -40.42
O1P PCW DA . 16.68 16.90 -40.20
O2P PCW DA . 15.65 17.29 -42.49
O3P PCW DA . 14.38 16.08 -40.72
O4P PCW DA . 14.80 18.56 -40.49
P PCW DA . 15.49 17.20 -41.02
C1 PCW EA . 32.77 -4.20 -13.01
C2 PCW EA . 31.75 -4.98 -12.19
C3 PCW EA . 32.23 -6.42 -12.09
C4 PCW EA . 34.96 -1.07 -11.50
C5 PCW EA . 36.04 -1.62 -10.56
C6 PCW EA . 37.46 -0.92 -8.67
C7 PCW EA . 35.71 0.66 -9.55
C8 PCW EA . 35.01 -0.36 -8.65
C11 PCW EA . 30.14 -7.37 -12.01
C12 PCW EA . 29.03 -8.25 -11.43
C13 PCW EA . 29.61 -9.58 -10.95
C14 PCW EA . 28.51 -10.56 -10.53
C15 PCW EA . 29.13 -11.87 -10.07
C16 PCW EA . 28.07 -12.94 -9.80
C17 PCW EA . 28.72 -14.28 -9.47
C18 PCW EA . 29.69 -14.69 -10.58
C19 PCW EA . 30.19 -15.98 -10.40
C20 PCW EA . 30.56 -16.47 -9.16
C21 PCW EA . 30.45 -15.71 -8.00
C22 PCW EA . 31.77 -15.73 -7.21
C23 PCW EA . 31.60 -15.08 -5.84
C24 PCW EA . 30.59 -15.85 -5.00
C25 PCW EA . 30.40 -15.21 -3.62
C26 PCW EA . 29.39 -16.00 -2.79
C27 PCW EA . 28.03 -16.08 -3.48
C28 PCW EA . 27.04 -16.87 -2.64
C31 PCW EA . 30.94 -3.28 -10.90
C32 PCW EA . 30.74 -2.45 -9.63
C33 PCW EA . 30.81 -3.31 -8.36
C34 PCW EA . 32.18 -3.97 -8.20
C35 PCW EA . 32.24 -4.72 -6.87
C36 PCW EA . 33.60 -5.41 -6.66
C37 PCW EA . 33.65 -6.07 -5.28
C38 PCW EA . 34.99 -6.76 -5.03
C39 PCW EA . 35.05 -7.27 -3.75
C40 PCW EA . 35.64 -8.50 -3.49
C41 PCW EA . 36.19 -9.25 -4.53
C42 PCW EA . 36.48 -10.68 -4.05
C43 PCW EA . 37.10 -11.52 -5.17
C44 PCW EA . 37.36 -12.96 -4.69
C45 PCW EA . 36.04 -13.63 -4.28
C46 PCW EA . 36.29 -15.06 -3.77
C47 PCW EA . 34.97 -15.71 -3.36
C48 PCW EA . 35.20 -17.15 -2.86
N PCW EA . 36.22 -0.71 -9.41
O2 PCW EA . 31.67 -4.42 -10.87
O3 PCW EA . 31.32 -7.24 -11.34
O11 PCW EA . 29.97 -6.78 -13.08
O31 PCW EA . 30.42 -2.92 -11.96
O1P PCW EA . 33.98 -2.31 -14.97
O2P PCW EA . 33.07 -0.40 -13.56
O3P PCW EA . 32.50 -2.80 -13.02
O4P PCW EA . 34.83 -1.96 -12.62
P PCW EA . 33.59 -1.79 -13.64
C1 PCW FA . 14.59 10.29 -44.86
C2 PCW FA . 13.32 9.47 -44.69
C3 PCW FA . 12.13 10.39 -44.55
C4 PCW FA . 18.73 11.77 -44.38
C5 PCW FA . 19.06 12.33 -42.99
C6 PCW FA . 16.78 12.07 -42.08
C7 PCW FA . 18.07 14.18 -41.62
C8 PCW FA . 17.49 14.28 -43.03
C11 PCW FA . 10.94 8.91 -43.25
C12 PCW FA . 9.76 8.00 -42.91
C13 PCW FA . 9.00 7.63 -44.19
C14 PCW FA . 7.72 6.84 -43.90
C15 PCW FA . 8.00 5.49 -43.26
C16 PCW FA . 6.69 4.74 -43.01
C17 PCW FA . 6.91 3.36 -42.39
C18 PCW FA . 5.57 2.65 -42.20
C19 PCW FA . 5.74 1.39 -41.63
C20 PCW FA . 4.88 0.97 -40.62
C21 PCW FA . 3.85 1.80 -40.18
C22 PCW FA . 2.61 1.00 -39.79
C23 PCW FA . 1.48 1.91 -39.32
C24 PCW FA . 1.90 2.66 -38.04
C25 PCW FA . 2.20 1.67 -36.93
C26 PCW FA . 2.64 2.37 -35.65
C27 PCW FA . 2.96 1.36 -34.53
C28 PCW FA . 1.73 0.54 -34.16
C31 PCW FA . 13.14 9.37 -46.99
C32 PCW FA . 13.06 8.68 -48.35
C33 PCW FA . 11.62 8.53 -48.85
C34 PCW FA . 10.80 7.60 -47.94
C35 PCW FA . 9.48 7.24 -48.61
C36 PCW FA . 8.69 6.22 -47.79
C37 PCW FA . 7.47 5.71 -48.57
C38 PCW FA . 6.72 4.63 -47.78
C39 PCW FA . 5.72 4.06 -48.55
C40 PCW FA . 4.39 4.47 -48.40
C41 PCW FA . 4.05 5.45 -47.47
C42 PCW FA . 2.76 6.15 -47.87
C43 PCW FA . 2.40 7.24 -46.85
C44 PCW FA . 1.11 7.97 -47.27
C45 PCW FA . 0.77 9.07 -46.26
C46 PCW FA . 1.90 10.09 -46.15
C47 PCW FA . 1.57 11.17 -45.12
C48 PCW FA . 2.68 12.23 -45.04
N PCW FA . 17.87 12.98 -42.44
O2 PCW FA . 13.17 8.63 -45.85
O3 PCW FA . 10.93 9.60 -44.42
O11 PCW FA . 11.89 9.04 -42.46
O31 PCW FA . 13.18 10.60 -46.92
O1P PCW FA . 17.98 8.92 -45.95
O2P PCW FA . 16.84 11.09 -46.62
O3P PCW FA . 15.73 9.44 -45.07
O4P PCW FA . 17.71 10.77 -44.27
P PCW FA . 17.12 10.06 -45.58
C1 PCW GA . 9.85 28.69 -42.19
C2 PCW GA . 8.52 28.08 -41.77
C3 PCW GA . 7.71 29.14 -41.04
C4 PCW GA . 10.51 32.42 -41.37
C5 PCW GA . 11.92 33.01 -41.37
C6 PCW GA . 13.18 34.56 -42.82
C7 PCW GA . 10.68 34.71 -42.72
C8 PCW GA . 11.22 35.42 -41.50
C11 PCW GA . 5.57 28.74 -41.73
C12 PCW GA . 4.13 28.24 -41.57
C13 PCW GA . 3.65 27.49 -42.82
C14 PCW GA . 2.28 26.88 -42.57
C15 PCW GA . 1.77 26.09 -43.79
C16 PCW GA . 0.48 25.36 -43.46
C17 PCW GA . 0.70 24.44 -42.25
C18 PCW GA . -0.58 23.69 -41.87
C19 PCW GA . -0.37 22.90 -40.75
C20 PCW GA . -1.40 22.10 -40.24
C21 PCW GA . -2.64 22.09 -40.87
C22 PCW GA . -3.43 20.85 -40.43
C23 PCW GA . -4.80 20.81 -41.09
C24 PCW GA . -5.59 19.57 -40.65
C25 PCW GA . -6.98 19.53 -41.31
C26 PCW GA . -7.76 18.29 -40.88
C27 PCW GA . -9.12 18.24 -41.55
C28 PCW GA . -9.94 19.49 -41.19
C31 PCW GA . 8.54 26.66 -43.57
C32 PCW GA . 8.02 26.05 -44.87
C33 PCW GA . 6.50 25.87 -44.85
C34 PCW GA . 6.01 25.34 -46.20
C35 PCW GA . 4.49 25.12 -46.18
C36 PCW GA . 4.00 24.63 -47.54
C37 PCW GA . 2.50 24.33 -47.51
C38 PCW GA . 2.01 23.84 -48.89
C39 PCW GA . 0.67 23.47 -48.83
C40 PCW GA . 0.33 22.15 -48.61
C41 PCW GA . 1.34 21.21 -48.45
C42 PCW GA . 1.24 20.53 -47.08
C43 PCW GA . 2.40 19.56 -46.86
C44 PCW GA . 2.29 18.87 -45.50
C45 PCW GA . 1.06 17.97 -45.42
C46 PCW GA . -0.24 18.75 -45.61
C47 PCW GA . -1.46 17.84 -45.54
C48 PCW GA . -2.75 18.64 -45.69
N PCW GA . 11.93 34.29 -42.10
O2 PCW GA . 7.82 27.62 -42.94
O3 PCW GA . 6.43 28.63 -40.68
O11 PCW GA . 5.95 29.26 -42.77
O31 PCW GA . 9.60 26.27 -43.08
O1P PCW GA . 12.00 30.42 -42.77
O2P PCW GA . 10.80 31.07 -44.92
O3P PCW GA . 9.63 29.71 -43.16
O4P PCW GA . 10.13 32.12 -42.71
P PCW GA . 10.75 30.83 -43.46
C1 PCW HA . 16.69 43.10 -6.80
C2 PCW HA . 16.67 42.18 -5.58
C3 PCW HA . 16.59 43.03 -4.32
C4 PCW HA . 19.47 40.97 -6.16
C5 PCW HA . 20.67 40.72 -7.08
C6 PCW HA . 20.16 38.34 -6.58
C7 PCW HA . 20.33 39.11 -8.97
C8 PCW HA . 21.75 38.91 -8.44
C11 PCW HA . 15.77 42.88 -2.17
C12 PCW HA . 15.17 42.15 -0.98
C13 PCW HA . 14.52 40.84 -1.44
C14 PCW HA . 13.60 40.26 -0.38
C15 PCW HA . 13.01 38.92 -0.86
C16 PCW HA . 11.86 38.47 0.04
C17 PCW HA . 10.70 39.48 -0.02
C18 PCW HA . 9.51 39.02 0.83
C19 PCW HA . 8.48 39.95 0.79
C20 PCW HA . 7.16 39.53 0.76
C21 PCW HA . 6.86 38.17 0.78
C22 PCW HA . 6.05 37.77 -0.45
C23 PCW HA . 4.72 38.52 -0.50
C24 PCW HA . 3.82 38.18 0.69
C25 PCW HA . 2.49 38.93 0.59
C26 PCW HA . 1.57 38.54 1.76
C27 PCW HA . 2.21 38.88 3.11
C28 PCW HA . 1.28 38.51 4.26
C31 PCW HA . 15.48 40.49 -6.63
C32 PCW HA . 14.32 39.50 -6.74
C33 PCW HA . 12.99 40.25 -6.85
C34 PCW HA . 11.81 39.30 -6.59
C35 PCW HA . 11.84 38.08 -7.51
C36 PCW HA . 10.68 37.14 -7.19
C37 PCW HA . 10.72 35.89 -8.06
C38 PCW HA . 9.59 34.93 -7.69
C39 PCW HA . 9.62 33.79 -8.48
C40 PCW HA . 8.97 32.64 -8.07
C41 PCW HA . 8.27 32.60 -6.87
C42 PCW HA . 7.88 31.18 -6.49
C43 PCW HA . 7.08 31.14 -5.19
C44 PCW HA . 6.70 29.71 -4.83
C45 PCW HA . 5.89 29.65 -3.52
C46 PCW HA . 5.56 28.20 -3.15
C47 PCW HA . 4.74 28.13 -1.87
C48 PCW HA . 4.43 26.69 -1.50
N PCW HA . 20.65 39.33 -7.55
O2 PCW HA . 15.48 41.38 -5.60
O3 PCW HA . 16.15 42.16 -3.27
O11 PCW HA . 15.92 44.10 -2.17
O31 PCW HA . 16.41 40.48 -7.44
O1P PCW HA . 19.35 42.79 -8.28
O2P PCW HA . 20.23 44.57 -6.70
O3P PCW HA . 17.79 44.00 -6.77
O4P PCW HA . 19.44 42.35 -5.80
P PCW HA . 19.29 43.46 -6.96
C1 PCW IA . 26.52 2.10 -18.77
C2 PCW IA . 26.29 0.98 -17.75
C3 PCW IA . 26.58 -0.38 -18.37
C4 PCW IA . 29.52 -1.29 -19.50
C5 PCW IA . 30.63 -1.19 -20.54
C6 PCW IA . 30.96 -3.57 -19.92
C7 PCW IA . 30.66 -2.95 -22.33
C8 PCW IA . 32.10 -2.67 -21.96
C11 PCW IA . 26.54 -2.63 -17.97
C12 PCW IA . 26.45 -3.90 -17.11
C13 PCW IA . 27.79 -4.61 -17.07
C14 PCW IA . 27.79 -5.76 -16.06
C15 PCW IA . 26.73 -6.80 -16.38
C16 PCW IA . 26.68 -7.87 -15.29
C17 PCW IA . 25.64 -8.96 -15.62
C18 PCW IA . 25.55 -9.99 -14.49
C19 PCW IA . 24.69 -11.04 -14.84
C20 PCW IA . 23.37 -11.06 -14.40
C21 PCW IA . 22.87 -10.04 -13.60
C22 PCW IA . 22.27 -8.92 -14.46
C23 PCW IA . 21.21 -9.48 -15.40
C24 PCW IA . 20.05 -10.10 -14.62
C25 PCW IA . 19.32 -9.06 -13.79
C26 PCW IA . 18.08 -9.67 -13.10
C27 PCW IA . 17.32 -8.60 -12.31
C28 PCW IA . 16.06 -9.20 -11.67
C31 PCW IA . 26.63 0.58 -15.50
C32 PCW IA . 27.39 0.67 -14.18
C33 PCW IA . 27.42 2.10 -13.65
C34 PCW IA . 26.07 2.52 -13.06
C35 PCW IA . 25.83 1.85 -11.70
C36 PCW IA . 24.54 2.36 -11.06
C37 PCW IA . 24.46 1.92 -9.60
C38 PCW IA . 24.41 0.40 -9.48
C39 PCW IA . 24.57 -0.01 -8.15
C40 PCW IA . 23.52 -0.02 -7.26
C41 PCW IA . 22.24 0.38 -7.64
C42 PCW IA . 21.30 0.40 -6.44
C43 PCW IA . 19.89 0.85 -6.84
C44 PCW IA . 18.96 0.85 -5.63
C45 PCW IA . 17.55 1.28 -6.02
C46 PCW IA . 16.60 1.26 -4.82
C47 PCW IA . 15.18 1.65 -5.23
C48 PCW IA . 14.23 1.64 -4.03
N PCW IA . 31.02 -2.55 -20.97
O2 PCW IA . 27.13 1.20 -16.60
O3 PCW IA . 26.44 -1.41 -17.38
O11 PCW IA . 26.66 -2.72 -19.19
O31 PCW IA . 25.57 -0.05 -15.59
O1P PCW IA . 27.51 0.49 -20.91
O2P PCW IA . 29.72 1.75 -20.81
O3P PCW IA . 27.90 2.19 -19.13
O4P PCW IA . 29.17 0.02 -19.05
P PCW IA . 28.59 1.10 -20.09
C1 PCW JA . 26.06 -10.23 -33.93
C2 PCW JA . 24.97 -10.13 -32.87
C3 PCW JA . 24.26 -11.47 -32.70
C4 PCW JA . 25.88 -7.79 -36.13
C5 PCW JA . 24.61 -7.96 -35.29
C6 PCW JA . 23.65 -7.09 -33.18
C7 PCW JA . 25.61 -5.91 -34.22
C8 PCW JA . 24.35 -5.47 -34.96
C11 PCW JA . 22.24 -10.49 -32.33
C12 PCW JA . 20.95 -10.17 -31.56
C13 PCW JA . 19.79 -11.02 -32.09
C14 PCW JA . 18.47 -10.64 -31.42
C15 PCW JA . 17.33 -11.51 -31.98
C16 PCW JA . 17.55 -12.98 -31.63
C17 PCW JA . 17.26 -13.25 -30.16
C18 PCW JA . 15.76 -13.13 -29.88
C19 PCW JA . 15.06 -14.06 -30.64
C20 PCW JA . 13.68 -14.25 -30.49
C21 PCW JA . 12.95 -13.52 -29.56
C22 PCW JA . 12.02 -14.44 -28.78
C23 PCW JA . 11.06 -13.65 -27.88
C24 PCW JA . 10.15 -12.76 -28.72
C25 PCW JA . 9.15 -11.99 -27.85
C26 PCW JA . 8.18 -12.92 -27.14
C27 PCW JA . 8.91 -13.87 -26.18
C28 PCW JA . 7.92 -14.79 -25.47
C31 PCW JA . 26.14 -8.52 -31.77
C32 PCW JA . 26.84 -7.85 -30.59
C33 PCW JA . 25.88 -6.87 -29.89
C34 PCW JA . 26.63 -6.02 -28.87
C35 PCW JA . 27.27 -6.87 -27.77
C36 PCW JA . 28.08 -5.99 -26.82
C37 PCW JA . 28.74 -6.80 -25.70
C38 PCW JA . 27.70 -7.48 -24.82
C39 PCW JA . 28.29 -8.12 -23.75
C40 PCW JA . 28.03 -9.47 -23.51
C41 PCW JA . 27.17 -10.16 -24.36
C42 PCW JA . 26.65 -11.45 -23.69
C43 PCW JA . 25.91 -11.11 -22.40
C44 PCW JA . 25.34 -12.38 -21.76
C45 PCW JA . 24.57 -12.01 -20.48
C46 PCW JA . 23.92 -13.26 -19.86
C47 PCW JA . 22.93 -13.90 -20.83
C48 PCW JA . 22.34 -15.17 -20.22
N PCW JA . 24.46 -6.82 -34.37
O2 PCW JA . 25.53 -9.72 -31.62
O3 PCW JA . 23.16 -11.32 -31.79
O11 PCW JA . 22.44 -10.00 -33.44
O31 PCW JA . 26.15 -7.98 -32.89
O1P PCW JA . 27.84 -10.33 -36.10
O2P PCW JA . 26.01 -11.34 -37.54
O3P PCW JA . 25.51 -10.54 -35.22
O4P PCW JA . 26.00 -8.88 -37.05
P PCW JA . 26.42 -10.35 -36.54
C1 PCW KA . 34.96 4.20 -6.67
C2 PCW KA . 33.52 3.71 -6.76
C3 PCW KA . 33.35 3.05 -8.12
C4 PCW KA . 36.26 8.08 -5.50
C5 PCW KA . 36.26 9.17 -6.59
C6 PCW KA . 34.96 10.41 -4.88
C7 PCW KA . 36.99 11.49 -5.93
C8 PCW KA . 35.82 11.62 -6.90
C11 PCW KA . 31.77 2.34 -9.59
C12 PCW KA . 30.41 1.76 -10.02
C13 PCW KA . 29.96 0.67 -9.06
C14 PCW KA . 28.62 0.08 -9.51
C15 PCW KA . 28.14 -1.02 -8.54
C16 PCW KA . 26.82 -1.61 -9.01
C17 PCW KA . 26.31 -2.67 -8.03
C18 PCW KA . 24.98 -3.26 -8.51
C19 PCW KA . 24.48 -4.20 -7.62
C20 PCW KA . 23.27 -4.82 -7.89
C21 PCW KA . 22.57 -4.51 -9.04
C22 PCW KA . 21.31 -3.72 -8.72
C23 PCW KA . 20.61 -3.27 -10.01
C24 PCW KA . 19.32 -2.51 -9.70
C25 PCW KA . 18.32 -3.40 -8.95
C26 PCW KA . 17.94 -4.62 -9.80
C27 PCW KA . 17.27 -4.21 -11.10
C28 PCW KA . 16.95 -5.43 -11.97
C31 PCW KA . 32.91 3.47 -4.58
C32 PCW KA . 32.60 2.70 -3.29
C33 PCW KA . 31.67 3.48 -2.37
C34 PCW KA . 31.47 2.76 -1.04
C35 PCW KA . 30.80 1.39 -1.24
C36 PCW KA . 29.37 1.56 -1.78
C37 PCW KA . 28.69 0.20 -1.92
C38 PCW KA . 27.24 0.37 -2.35
C39 PCW KA . 26.61 -0.86 -2.51
C40 PCW KA . 25.23 -0.97 -2.36
C41 PCW KA . 24.47 0.15 -2.05
C42 PCW KA . 23.08 0.07 -2.68
C43 PCW KA . 22.31 -1.14 -2.14
C44 PCW KA . 20.90 -1.21 -2.74
C45 PCW KA . 20.14 -2.41 -2.19
C46 PCW KA . 18.72 -2.46 -2.76
C47 PCW KA . 18.75 -2.55 -4.29
C48 PCW KA . 17.33 -2.60 -4.87
N PCW KA . 35.92 10.47 -5.99
O2 PCW KA . 33.24 2.78 -5.71
O3 PCW KA . 32.02 2.54 -8.27
O11 PCW KA . 32.62 2.64 -10.42
O31 PCW KA . 32.85 4.69 -4.60
O1P PCW KA . 36.81 5.87 -3.77
O2P PCW KA . 37.70 4.57 -5.77
O3P PCW KA . 35.22 4.87 -5.43
O4P PCW KA . 36.64 6.84 -6.09
P PCW KA . 36.69 5.50 -5.20
C1 PCW LA . 12.78 14.10 -47.25
C2 PCW LA . 11.76 13.25 -46.48
C3 PCW LA . 11.97 13.46 -44.99
C4 PCW LA . 14.71 17.84 -46.17
C5 PCW LA . 14.88 19.23 -45.54
C6 PCW LA . 13.72 18.89 -43.37
C7 PCW LA . 13.15 20.90 -44.78
C8 PCW LA . 12.41 19.70 -45.36
C11 PCW LA . 11.02 12.97 -42.95
C12 PCW LA . 9.89 12.51 -42.04
C13 PCW LA . 8.64 13.35 -42.33
C14 PCW LA . 7.40 12.86 -41.59
C15 PCW LA . 6.21 13.74 -41.96
C16 PCW LA . 6.04 13.76 -43.49
C17 PCW LA . 5.11 14.90 -43.93
C18 PCW LA . 5.01 14.96 -45.45
C19 PCW LA . 4.33 16.10 -45.87
C20 PCW LA . 3.17 16.01 -46.61
C21 PCW LA . 2.63 14.78 -46.96
C22 PCW LA . 1.19 14.95 -47.45
C23 PCW LA . 0.57 13.61 -47.85
C24 PCW LA . -0.87 13.80 -48.33
C25 PCW LA . -1.54 12.47 -48.68
C26 PCW LA . -2.97 12.68 -49.14
C27 PCW LA . -3.80 13.40 -48.07
C28 PCW LA . -5.24 13.62 -48.52
C31 PCW LA . 10.18 13.40 -48.16
C32 PCW LA . 8.80 13.74 -48.73
C33 PCW LA . 7.79 12.65 -48.42
C34 PCW LA . 8.21 11.31 -49.01
C35 PCW LA . 7.20 10.21 -48.67
C36 PCW LA . 7.09 10.03 -47.15
C37 PCW LA . 6.10 8.93 -46.79
C38 PCW LA . 6.01 8.76 -45.27
C39 PCW LA . 5.12 7.77 -44.90
C40 PCW LA . 4.32 7.95 -43.79
C41 PCW LA . 4.42 9.13 -43.06
C42 PCW LA . 3.08 9.49 -42.40
C43 PCW LA . 3.18 10.85 -41.70
C44 PCW LA . 1.85 11.22 -41.04
C45 PCW LA . 1.52 10.26 -39.90
C46 PCW LA . 2.56 10.36 -38.78
C47 PCW LA . 2.20 9.43 -37.61
C48 PCW LA . 3.23 9.54 -36.49
N PCW LA . 13.71 19.54 -44.70
O2 PCW LA . 10.44 13.66 -46.85
O3 PCW LA . 10.83 12.92 -44.30
O11 PCW LA . 12.11 13.34 -42.49
O31 PCW LA . 11.06 12.90 -48.87
O1P PCW LA . 14.54 16.01 -48.41
O2P PCW LA . 12.29 17.00 -49.02
O3P PCW LA . 12.54 15.50 -47.02
O4P PCW LA . 13.53 17.82 -46.99
P PCW LA . 13.25 16.58 -47.98
C1 PCW MA . 26.49 31.99 2.87
C2 PCW MA . 25.49 32.90 3.59
C3 PCW MA . 25.01 33.96 2.61
C4 PCW MA . 28.15 33.48 6.47
C5 PCW MA . 27.64 34.91 6.65
C6 PCW MA . 28.42 37.22 6.19
C7 PCW MA . 29.54 35.28 5.04
C8 PCW MA . 28.24 35.58 4.29
C11 PCW MA . 23.61 35.75 2.38
C12 PCW MA . 22.63 36.82 2.85
C13 PCW MA . 21.30 36.21 3.25
C14 PCW MA . 20.36 37.28 3.83
C15 PCW MA . 18.99 36.67 4.16
C16 PCW MA . 18.10 37.70 4.85
C17 PCW MA . 18.73 38.18 6.17
C18 PCW MA . 17.82 39.19 6.87
C19 PCW MA . 17.62 40.31 6.07
C20 PCW MA . 16.98 41.43 6.59
C21 PCW MA . 16.55 41.43 7.91
C22 PCW MA . 15.23 42.17 8.06
C23 PCW MA . 14.14 41.53 7.19
C24 PCW MA . 12.80 42.27 7.33
C25 PCW MA . 11.72 41.60 6.48
C26 PCW MA . 10.39 42.36 6.63
C27 PCW MA . 9.30 41.73 5.76
C28 PCW MA . 7.99 42.48 5.91
C31 PCW MA . 24.69 31.42 5.16
C32 PCW MA . 23.67 30.43 5.74
C33 PCW MA . 23.60 30.47 7.26
C34 PCW MA . 22.98 31.78 7.77
C35 PCW MA . 22.80 31.73 9.28
C36 PCW MA . 22.09 32.97 9.80
C37 PCW MA . 21.86 32.88 11.32
C38 PCW MA . 21.08 34.07 11.83
C39 PCW MA . 20.84 33.97 13.20
C40 PCW MA . 19.84 33.12 13.67
C41 PCW MA . 19.08 32.38 12.78
C42 PCW MA . 17.65 32.94 12.66
C43 PCW MA . 16.83 32.11 11.67
C44 PCW MA . 15.40 32.68 11.54
C45 PCW MA . 14.58 31.87 10.53
C46 PCW MA . 13.17 32.43 10.43
C47 PCW MA . 12.43 32.29 11.76
C48 PCW MA . 11.00 32.83 11.67
N PCW MA . 28.36 35.82 5.74
O2 PCW MA . 24.38 32.11 4.04
O3 PCW MA . 24.10 34.85 3.27
O11 PCW MA . 23.96 35.67 1.19
O31 PCW MA . 25.77 31.61 5.73
O1P PCW MA . 28.48 30.71 5.83
O2P PCW MA . 29.54 31.70 3.76
O3P PCW MA . 27.12 31.08 3.78
O4P PCW MA . 27.92 33.07 5.12
P PCW MA . 28.37 31.58 4.65
C1 PCW NA . 29.25 26.87 -0.57
C2 PCW NA . 28.91 25.40 -0.83
C3 PCW NA . 29.85 24.85 -1.88
C4 PCW NA . 29.35 28.45 3.21
C5 PCW NA . 28.84 28.29 4.64
C6 PCW NA . 30.87 26.90 4.91
C7 PCW NA . 30.48 28.82 6.48
C8 PCW NA . 29.60 27.65 6.95
C11 PCW NA . 29.78 22.61 -1.32
C12 PCW NA . 29.42 21.13 -1.56
C13 PCW NA . 30.44 20.46 -2.47
C14 PCW NA . 29.95 19.09 -2.94
C15 PCW NA . 30.96 18.46 -3.90
C16 PCW NA . 32.21 17.98 -3.16
C17 PCW NA . 31.93 16.67 -2.43
C18 PCW NA . 30.78 16.81 -1.43
C19 PCW NA . 30.48 15.58 -0.85
C20 PCW NA . 29.20 15.06 -0.92
C21 PCW NA . 28.19 15.76 -1.59
C22 PCW NA . 26.82 15.45 -0.97
C23 PCW NA . 26.44 13.99 -1.13
C24 PCW NA . 25.06 13.71 -0.52
C25 PCW NA . 24.62 12.26 -0.74
C26 PCW NA . 25.60 11.28 -0.10
C27 PCW NA . 25.16 9.83 -0.34
C28 PCW NA . 26.17 8.85 0.25
C31 PCW NA . 27.95 24.93 1.21
C32 PCW NA . 27.91 24.26 2.59
C33 PCW NA . 26.48 24.04 3.08
C34 PCW NA . 25.67 23.16 2.11
C35 PCW NA . 24.34 22.75 2.74
C36 PCW NA . 24.60 21.89 3.96
C37 PCW NA . 23.30 21.48 4.67
C38 PCW NA . 22.55 22.70 5.19
C39 PCW NA . 21.50 22.31 6.03
C40 PCW NA . 20.25 22.01 5.52
C41 PCW NA . 20.01 22.08 4.14
C42 PCW NA . 18.83 21.18 3.76
C43 PCW NA . 19.15 19.71 4.02
C44 PCW NA . 17.93 18.83 3.73
C45 PCW NA . 17.39 19.06 2.32
C46 PCW NA . 18.47 18.75 1.27
C47 PCW NA . 17.93 18.97 -0.14
C48 PCW NA . 19.01 18.66 -1.19
N PCW NA . 29.92 27.85 5.53
O2 PCW NA . 29.00 24.65 0.38
O3 PCW NA . 29.43 23.52 -2.27
O11 PCW NA . 30.40 22.95 -0.32
O31 PCW NA . 27.06 25.70 0.85
O1P PCW NA . 29.91 29.36 0.49
O2P PCW NA . 27.44 29.88 0.22
O3P PCW NA . 28.26 27.49 0.26
O4P PCW NA . 28.28 28.87 2.37
P PCW NA . 28.49 29.00 0.78
C1 PCW OA . 17.53 22.06 -31.39
C2 PCW OA . 17.00 20.75 -31.96
C3 PCW OA . 15.95 20.20 -31.02
C4 PCW OA . 21.44 23.67 -31.18
C5 PCW OA . 22.39 22.61 -30.59
C6 PCW OA . 24.29 22.62 -29.01
C7 PCW OA . 22.60 24.49 -28.91
C8 PCW OA . 22.00 23.28 -28.19
C11 PCW OA . 14.07 18.88 -30.96
C12 PCW OA . 13.10 17.80 -31.45
C13 PCW OA . 11.74 18.42 -31.79
C14 PCW OA . 10.76 17.35 -32.28
C15 PCW OA . 9.39 17.97 -32.58
C16 PCW OA . 8.39 16.91 -33.04
C17 PCW OA . 8.24 15.81 -32.00
C18 PCW OA . 7.75 16.38 -30.65
C19 PCW OA . 6.52 17.02 -30.80
C20 PCW OA . 5.51 16.76 -29.89
C21 PCW OA . 5.72 15.86 -28.84
C22 PCW OA . 5.37 14.44 -29.27
C23 PCW OA . 3.90 14.35 -29.70
C24 PCW OA . 3.54 12.93 -30.13
C25 PCW OA . 3.75 11.94 -28.98
C26 PCW OA . 3.38 10.52 -29.41
C27 PCW OA . 4.22 10.08 -30.62
C28 PCW OA . 3.86 8.66 -31.04
C31 PCW OA . 16.38 19.90 -33.99
C32 PCW OA . 15.65 19.88 -35.32
C33 PCW OA . 15.54 18.48 -35.91
C34 PCW OA . 14.48 18.42 -37.01
C35 PCW OA . 13.10 18.70 -36.41
C36 PCW OA . 13.03 20.10 -35.79
C37 PCW OA . 11.80 20.23 -34.89
C38 PCW OA . 11.75 21.62 -34.24
C39 PCW OA . 10.76 21.66 -33.26
C40 PCW OA . 9.54 22.27 -33.51
C41 PCW OA . 9.27 22.85 -34.75
C42 PCW OA . 7.77 23.04 -34.95
C43 PCW OA . 7.46 23.67 -36.31
C44 PCW OA . 5.96 23.86 -36.49
C45 PCW OA . 5.64 24.44 -37.86
C46 PCW OA . 4.14 24.62 -38.04
C47 PCW OA . 3.80 25.20 -39.40
C48 PCW OA . 2.29 25.42 -39.54
N PCW OA . 22.93 23.11 -29.31
O2 PCW OA . 16.35 21.01 -33.21
O3 PCW OA . 15.22 19.13 -31.66
O11 PCW OA . 13.82 19.53 -29.95
O31 PCW OA . 17.04 18.92 -33.62
O1P PCW OA . 20.17 21.09 -31.29
O2P PCW OA . 19.98 21.33 -33.81
O3P PCW OA . 18.49 22.64 -32.28
O4P PCW OA . 20.93 23.20 -32.43
P PCW OA . 19.93 21.95 -32.48
C1 PCW PA . 14.91 32.97 -37.68
C2 PCW PA . 14.66 31.62 -36.97
C3 PCW PA . 15.55 31.54 -35.75
C4 PCW PA . 14.69 29.88 -40.80
C5 PCW PA . 15.03 28.46 -40.33
C6 PCW PA . 13.18 27.82 -41.86
C7 PCW PA . 15.46 26.79 -42.17
C8 PCW PA . 14.75 26.06 -41.01
C11 PCW PA . 15.70 29.25 -35.79
C12 PCW PA . 15.47 27.83 -35.27
C13 PCW PA . 16.23 26.80 -36.11
C14 PCW PA . 15.97 25.38 -35.62
C15 PCW PA . 16.38 25.22 -34.15
C16 PCW PA . 16.09 23.81 -33.64
C17 PCW PA . 14.61 23.46 -33.74
C18 PCW PA . 13.74 24.40 -32.90
C19 PCW PA . 13.81 25.71 -33.36
C20 PCW PA . 12.81 26.62 -33.04
C21 PCW PA . 11.74 26.23 -32.24
C22 PCW PA . 10.64 27.29 -32.22
C23 PCW PA . 9.49 26.89 -31.30
C24 PCW PA . 8.82 25.60 -31.77
C25 PCW PA . 7.67 25.21 -30.84
C26 PCW PA . 6.99 23.93 -31.30
C27 PCW PA . 5.83 23.56 -30.37
C28 PCW PA . 5.14 22.27 -30.82
C31 PCW PA . 12.42 31.38 -37.55
C32 PCW PA . 10.92 31.31 -37.21
C33 PCW PA . 10.50 29.87 -36.89
C34 PCW PA . 9.26 29.87 -35.99
C35 PCW PA . 9.62 30.55 -34.66
C36 PCW PA . 8.44 30.55 -33.69
C37 PCW PA . 8.88 31.19 -32.36
C38 PCW PA . 7.76 31.24 -31.32
C39 PCW PA . 8.23 31.79 -30.14
C40 PCW PA . 7.37 32.21 -29.14
C41 PCW PA . 5.99 32.09 -29.28
C42 PCW PA . 5.45 30.97 -28.39
C43 PCW PA . 3.92 30.89 -28.45
C44 PCW PA . 3.40 29.73 -27.62
C45 PCW PA . 3.87 29.83 -26.17
C46 PCW PA . 3.35 28.65 -25.33
C47 PCW PA . 3.84 28.74 -23.89
C48 PCW PA . 3.32 27.56 -23.07
N PCW PA . 14.49 27.48 -41.29
O2 PCW PA . 13.30 31.55 -36.53
O3 PCW PA . 15.27 30.31 -35.05
O11 PCW PA . 16.30 29.45 -36.85
O31 PCW PA . 12.80 31.27 -38.71
O1P PCW PA . 14.37 32.62 -41.45
O2P PCW PA . 16.52 32.99 -40.17
O3P PCW PA . 14.32 32.99 -38.98
O4P PCW PA . 15.27 30.83 -39.91
P PCW PA . 15.16 32.41 -40.22
C1 PCW QA . 15.72 35.50 -35.42
C2 PCW QA . 14.48 35.46 -34.53
C3 PCW QA . 14.50 34.20 -33.67
C4 PCW QA . 17.48 35.69 -31.27
C5 PCW QA . 16.65 35.34 -30.03
C6 PCW QA . 18.66 33.99 -29.48
C7 PCW QA . 17.76 35.62 -27.79
C8 PCW QA . 16.89 34.36 -27.73
C11 PCW QA . 13.42 33.09 -32.00
C12 PCW QA . 12.33 32.84 -30.96
C13 PCW QA . 12.95 32.54 -29.60
C14 PCW QA . 11.88 32.32 -28.53
C15 PCW QA . 12.55 32.00 -27.19
C16 PCW QA . 13.31 30.68 -27.27
C17 PCW QA . 14.21 30.48 -26.05
C18 PCW QA . 15.29 31.56 -26.01
C19 PCW QA . 16.14 31.39 -24.92
C20 PCW QA . 16.45 32.49 -24.11
C21 PCW QA . 15.89 33.73 -24.40
C22 PCW QA . 15.23 34.32 -23.16
C23 PCW QA . 14.19 33.36 -22.59
C24 PCW QA . 13.48 33.98 -21.38
C25 PCW QA . 12.49 32.98 -20.76
C26 PCW QA . 13.21 31.77 -20.18
C27 PCW QA . 13.99 31.00 -21.24
C28 PCW QA . 14.75 29.82 -20.62
C31 PCW QA . 13.18 36.80 -33.24
C32 PCW QA . 12.85 37.96 -32.29
C33 PCW QA . 11.34 38.03 -32.06
C34 PCW QA . 10.84 36.82 -31.28
C35 PCW QA . 9.32 36.72 -31.36
C36 PCW QA . 8.91 36.44 -32.82
C37 PCW QA . 7.39 36.43 -33.00
C38 PCW QA . 6.70 35.37 -32.14
C39 PCW QA . 5.36 35.30 -32.50
C40 PCW QA . 4.36 34.96 -31.60
C41 PCW QA . 4.64 34.70 -30.26
C42 PCW QA . 3.50 35.24 -29.39
C43 PCW QA . 3.64 34.80 -27.92
C44 PCW QA . 2.53 35.43 -27.09
C45 PCW QA . 2.55 34.88 -25.65
C46 PCW QA . 2.27 33.38 -25.64
C47 PCW QA . 2.25 32.85 -24.20
C48 PCW QA . 1.93 31.35 -24.18
N PCW QA . 17.53 34.79 -28.98
O2 PCW QA . 14.45 36.62 -33.68
O3 PCW QA . 13.36 34.19 -32.80
O11 PCW QA . 14.36 32.30 -32.11
O31 PCW QA . 12.29 36.04 -33.62
O1P PCW QA . 18.74 36.79 -33.55
O2P PCW QA . 16.56 37.94 -34.16
O3P PCW QA . 16.93 35.50 -34.65
O4P PCW QA . 16.64 36.27 -32.27
P PCW QA . 17.27 36.74 -33.68
C1 PCW RA . 36.93 -1.92 -3.52
C2 PCW RA . 35.55 -1.34 -3.19
C3 PCW RA . 34.72 -1.21 -4.46
C4 PCW RA . 36.28 1.96 -3.22
C5 PCW RA . 37.32 3.03 -2.91
C6 PCW RA . 35.43 3.93 -1.59
C7 PCW RA . 37.66 3.59 -0.48
C8 PCW RA . 37.74 4.89 -1.27
C11 PCW RA . 32.56 -0.78 -5.15
C12 PCW RA . 31.12 -0.34 -4.96
C13 PCW RA . 30.17 -1.06 -5.91
C14 PCW RA . 28.73 -0.66 -5.63
C15 PCW RA . 28.57 0.86 -5.70
C16 PCW RA . 27.16 1.31 -5.27
C17 PCW RA . 27.07 2.83 -5.27
C18 PCW RA . 25.68 3.31 -4.81
C19 PCW RA . 25.65 4.70 -4.76
C20 PCW RA . 24.50 5.37 -4.37
C21 PCW RA . 23.34 4.69 -4.01
C22 PCW RA . 22.75 3.91 -5.19
C23 PCW RA . 21.38 3.32 -4.84
C24 PCW RA . 20.37 4.44 -4.60
C25 PCW RA . 19.00 3.88 -4.20
C26 PCW RA . 19.09 3.12 -2.86
C27 PCW RA . 19.56 4.04 -1.74
C28 PCW RA . 19.59 3.30 -0.40
C31 PCW RA . 35.37 -2.11 -1.03
C32 PCW RA . 34.82 -3.02 0.08
C33 PCW RA . 33.43 -3.54 -0.26
C34 PCW RA . 32.35 -2.48 -0.08
C35 PCW RA . 32.16 -2.17 1.40
C36 PCW RA . 30.99 -1.21 1.62
C37 PCW RA . 30.69 -1.08 3.12
C38 PCW RA . 29.48 -0.20 3.40
C39 PCW RA . 29.19 -0.19 4.75
C40 PCW RA . 27.93 -0.58 5.21
C41 PCW RA . 26.96 -0.97 4.30
C42 PCW RA . 27.29 -2.34 3.71
C43 PCW RA . 27.32 -3.41 4.81
C44 PCW RA . 27.68 -4.78 4.23
C45 PCW RA . 27.72 -5.85 5.31
C46 PCW RA . 26.35 -6.02 5.97
C47 PCW RA . 25.30 -6.44 4.93
C48 PCW RA . 23.94 -6.67 5.61
N PCW RA . 36.89 3.78 -1.72
O2 PCW RA . 34.87 -2.22 -2.28
O3 PCW RA . 33.41 -0.76 -4.08
O11 PCW RA . 32.97 -1.14 -6.25
O31 PCW RA . 36.21 -1.25 -0.78
O1P PCW RA . 38.61 0.40 -2.91
O2P PCW RA . 38.95 0.75 -5.40
O3P PCW RA . 37.58 -1.16 -4.55
O4P PCW RA . 36.71 1.19 -4.36
P PCW RA . 38.07 0.35 -4.28
C1 17F SA . 7.94 49.15 -24.14
N1 17F SA . 9.18 47.85 -25.81
O1 17F SA . 9.02 51.09 -22.35
P1 17F SA . 9.23 49.69 -21.90
C2 17F SA . 7.85 48.11 -25.26
O2 17F SA . 10.56 49.31 -21.41
C3 17F SA . 6.92 48.62 -26.36
O3 17F SA . 8.79 48.69 -23.09
C4 17F SA . 8.17 48.16 -20.04
O4 17F SA . 6.99 48.06 -27.48
C5 17F SA . 7.18 48.17 -18.88
O5 17F SA . 6.15 49.56 -26.07
C6 17F SA . 5.78 48.45 -19.40
O6 17F SA . 8.15 49.39 -20.75
C7 17F SA . 5.01 49.85 -17.77
O7 17F SA . 4.87 48.61 -18.30
C8 17F SA . 4.16 50.26 -16.56
O8 17F SA . 5.82 50.64 -18.26
C9 17F SA . 2.81 49.55 -16.60
O9 17F SA . 7.20 46.89 -18.21
C10 17F SA . 1.99 49.89 -15.35
O10 17F SA . 6.44 48.13 -16.49
C11 17F SA . 0.63 49.17 -15.37
C12 17F SA . -0.17 49.46 -14.10
C17 17F SA . 6.73 47.02 -16.94
C18 17F SA . 6.60 45.78 -16.07
C19 17F SA . 5.13 45.47 -15.78
C20 17F SA . 4.36 45.25 -17.08
C1X 17F SA . -1.52 48.75 -14.13
C1Y 17F SA . 2.86 45.04 -16.82
C1Z 17F SA . 2.60 43.77 -16.02
C2X 17F SA . -2.29 48.98 -12.83
C21 17F SA . -1.59 48.47 -11.75
C22 17F SA . -2.26 47.77 -10.74
C23 17F SA . -3.63 47.58 -10.83
C24 17F SA . -4.06 46.35 -10.03
C25 17F SA . -5.58 46.14 -10.12
C26 17F SA . -6.01 44.90 -9.35
C27 17F SA . -7.53 44.69 -9.45
C28 17F SA . -7.97 43.46 -8.68
C29 17F SA . -9.49 43.27 -8.79
C30 17F SA . -9.94 42.03 -8.01
C31 17F SA . 3.24 43.83 -14.63
C32 17F SA . 2.93 42.55 -13.84
C33 17F SA . 1.55 42.40 -13.70
C34 17F SA . 1.03 41.18 -13.25
C35 17F SA . 1.86 40.12 -12.94
C36 17F SA . 2.34 40.21 -11.49
C37 17F SA . 3.26 39.03 -11.14
C38 17F SA . 3.76 39.12 -9.70
C39 17F SA . 4.67 37.94 -9.38
C40 17F SA . 5.19 38.03 -7.94
C41 17F SA . 4.03 38.08 -6.94
C42 17F SA . 4.54 38.20 -5.51
HN1 17F SA . 9.61 47.51 -24.97
HN1A 17F SA . 9.81 48.62 -25.95
HAC 17F SA . 9.26 47.01 -26.35
C1 17F TA . 16.67 46.06 -17.05
N1 17F TA . 18.67 47.02 -18.09
O1 17F TA . 14.21 45.07 -18.43
P1 17F TA . 14.27 46.50 -18.03
C2 17F TA . 18.03 46.72 -16.80
O2 17F TA . 13.62 47.50 -18.91
C3 17F TA . 18.93 45.80 -15.98
O3 17F TA . 15.80 46.92 -17.77
C4 17F TA . 14.08 47.64 -15.68
O4 17F TA . 20.05 46.24 -15.64
C5 17F TA . 13.37 47.56 -14.32
O5 17F TA . 18.47 44.67 -15.69
C6 17F TA . 13.97 48.58 -13.37
O6 17F TA . 13.63 46.62 -16.56
C7 17F TA . 13.66 49.45 -11.25
O7 17F TA . 13.18 48.58 -12.17
C8 17F TA . 12.91 49.58 -9.92
O8 17F TA . 14.67 50.12 -11.48
C9 17F TA . 11.48 49.05 -10.10
O9 17F TA . 11.97 47.85 -14.49
C10 17F TA . 10.68 49.10 -8.80
O10 17F TA . 11.90 46.79 -12.52
C11 17F TA . 9.29 48.50 -9.03
C12 17F TA . 8.45 48.49 -7.75
C17 17F TA . 11.30 47.42 -13.40
C18 17F TA . 9.80 47.68 -13.26
C19 17F TA . 9.40 48.98 -13.96
C20 17F TA . 7.98 49.41 -13.56
C1X 17F TA . 7.08 47.87 -8.01
C1Y 17F TA . 7.55 50.67 -14.30
C1Z 17F TA . 6.26 51.24 -13.70
C2X 17F TA . 6.26 47.79 -6.73
C21 17F TA . 6.92 47.03 -5.77
C22 17F TA . 6.91 45.64 -5.87
C23 17F TA . 6.24 45.01 -6.93
C24 17F TA . 5.65 43.68 -6.47
C25 17F TA . 4.94 42.96 -7.63
C26 17F TA . 5.91 42.64 -8.76
C27 17F TA . 5.20 41.96 -9.93
C28 17F TA . 6.18 41.67 -11.06
C29 17F TA . 5.46 41.01 -12.25
C30 17F TA . 6.44 40.72 -13.38
C31 17F TA . 6.50 51.74 -12.27
C32 17F TA . 5.23 52.32 -11.65
C33 17F TA . 5.50 52.85 -10.40
C34 17F TA . 4.68 52.59 -9.30
C35 17F TA . 3.55 51.78 -9.45
C36 17F TA . 2.40 52.54 -10.13
C37 17F TA . 1.15 51.68 -10.20
C38 17F TA . 0.00 52.43 -10.87
C39 17F TA . -1.29 51.59 -10.86
C40 17F TA . -1.74 51.31 -9.43
C41 17F TA . -3.01 50.46 -9.41
C42 17F TA . -4.15 51.15 -10.16
HN1 17F TA . 19.56 47.45 -17.94
HN1A 17F TA . 18.79 46.18 -18.61
HAC 17F TA . 18.09 47.65 -18.63
C1 17F UA . 21.17 2.09 -42.02
N1 17F UA . 20.41 4.40 -41.89
O1 17F UA . 18.66 1.19 -44.18
P1 17F UA . 19.56 0.43 -43.29
C2 17F UA . 21.19 3.37 -41.19
O2 17F UA . 20.98 0.12 -43.57
C3 17F UA . 22.63 3.86 -41.04
O3 17F UA . 19.84 1.64 -42.24
C4 17F UA . 19.66 -1.00 -41.06
O4 17F UA . 23.39 3.78 -42.04
C5 17F UA . 18.93 -2.16 -40.39
O5 17F UA . 22.97 4.29 -39.91
C6 17F UA . 19.67 -2.55 -39.11
O6 17F UA . 18.89 -0.49 -42.15
C7 17F UA . 19.13 -4.75 -39.33
O7 17F UA . 19.00 -3.67 -38.51
C8 17F UA . 18.47 -6.08 -38.94
O8 17F UA . 19.77 -4.65 -40.37
C9 17F UA . 17.83 -6.72 -40.17
O9 17F UA . 17.59 -1.76 -40.05
C10 17F UA . 17.13 -8.03 -39.84
O10 17F UA . 17.32 -2.11 -42.24
C11 17F UA . 16.52 -8.65 -41.10
C12 17F UA . 15.81 -9.97 -40.81
C17 17F UA . 16.83 -1.77 -41.17
C18 17F UA . 15.37 -1.34 -41.08
C19 17F UA . 14.99 -0.44 -42.25
C20 17F UA . 15.16 -1.18 -43.58
C1X 17F UA . 15.27 -10.58 -42.10
C1Y 17F UA . 14.86 -0.26 -44.77
C1Z 17F UA . 14.97 -1.01 -46.09
C2X 17F UA . 14.50 -11.88 -41.83
C21 17F UA . 13.39 -11.64 -41.04
C22 17F UA . 12.12 -12.00 -41.48
C23 17F UA . 11.96 -12.59 -42.73
C24 17F UA . 11.04 -13.81 -42.63
C25 17F UA . 10.83 -14.45 -44.00
C26 17F UA . 12.15 -14.94 -44.60
C27 17F UA . 11.94 -15.57 -45.97
C28 17F UA . 13.28 -16.06 -46.56
C29 17F UA . 14.25 -14.89 -46.73
C30 17F UA . 15.57 -15.39 -47.34
C31 17F UA . 13.94 -2.15 -46.15
C32 17F UA . 14.00 -2.91 -47.47
C33 17F UA . 13.04 -3.91 -47.50
C34 17F UA . 12.89 -4.73 -48.62
C35 17F UA . 13.71 -4.56 -49.74
C36 17F UA . 12.89 -4.58 -51.03
C37 17F UA . 12.07 -5.87 -51.12
C38 17F UA . 11.26 -5.92 -52.42
C39 17F UA . 10.40 -7.18 -52.47
C40 17F UA . 11.28 -8.43 -52.43
C41 17F UA . 10.42 -9.70 -52.44
C42 17F UA . 9.54 -9.76 -53.70
HN1 17F UA . 20.42 5.25 -41.35
HN1A 17F UA . 20.80 4.56 -42.79
HAC 17F UA . 19.46 4.08 -42.00
C1 17F VA . 36.87 17.61 0.56
N1 17F VA . 37.58 17.24 2.88
O1 17F VA . 36.94 14.60 -1.71
P1 17F VA . 36.14 15.64 -1.01
C2 17F VA . 37.86 18.01 1.66
O2 17F VA . 35.59 16.75 -1.80
C3 17F VA . 37.73 19.51 1.94
O3 17F VA . 37.00 16.23 0.22
C4 17F VA . 34.11 15.57 0.68
O4 17F VA . 36.85 20.13 1.28
C5 17F VA . 32.90 14.70 1.06
O5 17F VA . 38.50 20.01 2.77
C6 17F VA . 33.38 13.33 1.52
O6 17F VA . 34.93 14.87 -0.27
C7 17F VA . 32.68 11.19 1.97
O7 17F VA . 32.25 12.46 1.75
C8 17F VA . 31.64 10.09 2.22
O8 17F VA . 33.87 10.93 1.94
C9 17F VA . 32.32 8.72 2.36
O9 17F VA . 32.14 15.35 2.09
C10 17F VA . 31.28 7.61 2.54
O10 17F VA . 30.56 13.91 1.40
C11 17F VA . 30.38 7.51 1.30
C12 17F VA . 29.35 6.39 1.46
C17 17F VA . 30.90 14.81 2.17
C18 17F VA . 29.91 15.33 3.22
C19 17F VA . 28.68 15.95 2.54
C20 17F VA . 29.03 17.28 1.85
C1X 17F VA . 28.48 6.27 0.21
C1Y 17F VA . 27.85 17.80 1.05
C1Z 17F VA . 26.56 17.80 1.89
C2X 17F VA . 27.47 5.14 0.36
C21 17F VA . 26.70 5.02 -0.80
C22 17F VA . 25.52 4.26 -0.79
C23 17F VA . 25.12 3.61 0.37
C24 17F VA . 23.80 2.87 0.15
C25 17F VA . 23.34 2.16 1.43
C26 17F VA . 22.03 1.41 1.20
C27 17F VA . 21.58 0.71 2.48
C28 17F VA . 20.28 -0.08 2.26
C29 17F VA . 19.15 0.85 1.80
C30 17F VA . 17.84 0.08 1.64
C31 17F VA . 26.72 18.66 3.16
C32 17F VA . 25.44 18.61 3.99
C33 17F VA . 25.59 19.32 5.17
C34 17F VA . 24.64 19.18 6.19
C35 17F VA . 23.56 18.33 6.02
C36 17F VA . 22.69 18.29 7.27
C37 17F VA . 21.50 17.34 7.10
C38 17F VA . 20.63 17.31 8.35
C39 17F VA . 19.43 16.37 8.15
C40 17F VA . 18.57 16.32 9.41
C41 17F VA . 17.38 15.37 9.21
C42 17F VA . 16.51 15.84 8.04
HN1 17F VA . 38.26 17.46 3.58
HN1A 17F VA . 36.66 17.46 3.21
HAC 17F VA . 37.64 16.26 2.68
C1 17F WA . 32.30 24.24 -6.93
N1 17F WA . 32.62 24.03 -9.34
O1 17F WA . 28.49 24.03 -6.40
P1 17F WA . 29.86 24.31 -5.93
C2 17F WA . 33.14 23.63 -8.04
O2 17F WA . 30.18 25.69 -5.49
C3 17F WA . 33.12 22.10 -7.92
O3 17F WA . 30.92 23.86 -7.05
C4 17F WA . 29.86 21.93 -4.84
O4 17F WA . 32.17 21.59 -7.31
C5 17F WA . 28.34 21.73 -4.87
O5 17F WA . 34.07 21.48 -8.44
C6 17F WA . 28.02 20.24 -5.01
O6 17F WA . 30.19 23.31 -4.71
C7 17F WA . 26.31 18.76 -4.70
O7 17F WA . 26.60 20.05 -5.02
C8 17F WA . 24.85 18.30 -4.66
O8 17F WA . 27.23 17.99 -4.41
C9 17F WA . 24.07 19.12 -3.64
O9 17F WA . 27.77 22.21 -3.64
C10 17F WA . 22.60 18.67 -3.58
O10 17F WA . 25.91 22.26 -4.89
C11 17F WA . 21.92 18.87 -4.93
C12 17F WA . 20.44 18.46 -4.86
C17 17F WA . 26.44 22.41 -3.78
C18 17F WA . 25.61 22.87 -2.58
C19 17F WA . 24.79 21.72 -2.01
C20 17F WA . 23.88 22.20 -0.89
C1X 17F WA . 19.76 18.64 -6.22
C1Y 17F WA . 23.05 21.05 -0.30
C1Z 17F WA . 22.07 21.56 0.74
C2X 17F WA . 18.27 18.28 -6.14
C21 17F WA . 17.60 19.11 -5.25
C22 17F WA . 17.07 20.31 -5.70
C23 17F WA . 17.20 20.68 -7.03
C24 17F WA . 17.39 22.19 -7.16
C25 17F WA . 17.54 22.59 -8.63
C26 17F WA . 17.69 24.11 -8.77
C27 17F WA . 17.83 24.51 -10.25
C28 17F WA . 17.97 26.02 -10.38
C29 17F WA . 16.73 26.74 -9.83
C30 17F WA . 16.87 28.26 -9.98
C31 17F WA . 21.16 22.64 0.14
C32 17F WA . 20.16 23.17 1.16
C33 17F WA . 19.40 24.19 0.61
C34 17F WA . 18.01 24.23 0.80
C35 17F WA . 17.38 23.25 1.56
C36 17F WA . 16.03 23.76 2.07
C37 17F WA . 15.32 22.69 2.90
C38 17F WA . 13.99 23.21 3.44
C39 17F WA . 13.25 22.15 4.25
C40 17F WA . 14.06 21.72 5.48
C41 17F WA . 13.27 20.69 6.29
C42 17F WA . 12.94 19.46 5.45
HN1 17F WA . 32.64 25.03 -9.42
HN1A 17F WA . 33.18 23.63 -10.07
HAC 17F WA . 31.68 23.71 -9.45
C1 17F XA . 23.74 41.28 -2.81
N1 17F XA . 24.88 39.80 -4.40
O1 17F XA . 24.19 42.21 -0.16
P1 17F XA . 23.89 40.76 -0.23
C2 17F XA . 23.68 40.62 -4.19
O2 17F XA . 24.71 39.83 0.56
C3 17F XA . 23.61 41.71 -5.26
O3 17F XA . 23.88 40.30 -1.78
C4 17F XA . 21.87 39.27 0.52
O4 17F XA . 24.50 41.73 -6.12
C5 17F XA . 20.40 39.29 0.96
O5 17F XA . 22.64 42.50 -5.20
C6 17F XA . 19.51 39.86 -0.14
O6 17F XA . 22.34 40.58 0.21
C7 17F XA . 18.12 40.84 1.39
O7 17F XA . 18.17 39.96 0.36
C8 17F XA . 16.79 41.11 2.10
O8 17F XA . 19.15 41.40 1.76
C9 17F XA . 15.95 39.83 2.16
O9 17F XA . 20.00 37.95 1.31
C10 17F XA . 14.63 40.07 2.90
O10 17F XA . 20.48 37.59 -0.85
C11 17F XA . 13.79 38.80 2.97
C12 17F XA . 12.47 39.04 3.71
C17 17F XA . 20.15 37.13 0.23
C18 17F XA . 19.90 35.63 0.40
C19 17F XA . 18.41 35.28 0.47
C20 17F XA . 18.26 33.79 0.73
C1X 17F XA . 11.63 37.77 3.78
C1Y 17F XA . 16.80 33.34 0.79
C1Z 17F XA . 16.73 31.85 1.11
C2X 17F XA . 10.33 38.00 4.56
C21 17F XA . 9.53 38.98 3.95
C22 17F XA . 8.20 38.70 3.66
C23 17F XA . 7.67 37.45 3.96
C24 17F XA . 6.14 37.47 3.85
C25 17F XA . 5.55 36.11 4.19
C26 17F XA . 4.02 36.15 4.09
C27 17F XA . 3.41 34.79 4.46
C28 17F XA . 1.88 34.84 4.38
C29 17F XA . 1.25 33.50 4.76
C30 17F XA . -0.26 33.55 4.66
C31 17F XA . 15.30 31.32 1.05
C32 17F XA . 15.27 29.83 1.41
C33 17F XA . 14.00 29.29 1.27
C34 17F XA . 13.27 28.93 2.39
C35 17F XA . 13.79 29.09 3.67
C36 17F XA . 13.79 27.78 4.45
C37 17F XA . 14.82 26.79 3.88
C38 17F XA . 16.25 27.32 4.06
C39 17F XA . 17.28 26.29 3.57
C40 17F XA . 18.69 26.82 3.78
C41 17F XA . 19.74 25.78 3.34
C42 17F XA . 21.16 26.29 3.58
HN1 17F XA . 24.76 39.17 -3.63
HN1A 17F XA . 25.77 40.15 -4.11
HAC 17F XA . 24.80 39.11 -5.12
C1 PCW YA . 1.64 0.35 -2.17
C2 PCW YA . 2.44 1.64 -2.36
C3 PCW YA . 2.69 2.31 -1.01
C4 PCW YA . 0.53 -1.80 0.70
C5 PCW YA . -0.26 -3.03 1.14
C6 PCW YA . -2.23 -2.07 2.30
C7 PCW YA . -0.78 -3.72 3.50
C8 PCW YA . -0.08 -2.36 3.56
C11 PCW YA . 3.81 4.02 -0.01
C12 PCW YA . 4.64 5.31 0.04
C13 PCW YA . 5.72 5.29 -1.03
C14 PCW YA . 6.53 6.60 -1.01
C15 PCW YA . 7.64 6.56 -2.06
C16 PCW YA . 8.47 7.85 -2.03
C17 PCW YA . 9.63 7.79 -3.03
C18 PCW YA . 10.48 9.06 -2.97
C19 PCW YA . 11.56 8.99 -3.84
C20 PCW YA . 12.62 8.14 -3.57
C21 PCW YA . 12.60 7.36 -2.41
C22 PCW YA . 13.75 7.74 -1.47
C23 PCW YA . 13.73 6.87 -0.21
C24 PCW YA . 14.85 7.27 0.75
C25 PCW YA . 14.71 8.73 1.19
C26 PCW YA . 15.84 9.12 2.14
C27 PCW YA . 15.70 10.57 2.60
C28 PCW YA . 16.82 10.97 3.56
C31 PCW YA . 3.56 0.94 -4.24
C32 PCW YA . 4.78 0.46 -5.04
C33 PCW YA . 4.36 -0.59 -6.07
C34 PCW YA . 5.58 -1.15 -6.81
C35 PCW YA . 6.35 -0.05 -7.53
C36 PCW YA . 7.57 -0.63 -8.26
C37 PCW YA . 8.37 0.47 -8.96
C38 PCW YA . 9.59 -0.14 -9.66
C39 PCW YA . 10.34 0.86 -10.29
C40 PCW YA . 11.72 0.93 -10.09
C41 PCW YA . 12.35 0.00 -9.26
C42 PCW YA . 13.85 -0.08 -9.58
C43 PCW YA . 14.54 -1.12 -8.69
C44 PCW YA . 16.04 -1.20 -9.00
C45 PCW YA . 16.75 0.12 -8.66
C46 PCW YA . 16.23 1.28 -9.51
C47 PCW YA . 16.92 2.59 -9.13
C48 PCW YA . 16.39 3.75 -9.99
N PCW YA . -0.94 -2.74 2.43
O2 PCW YA . 3.71 1.29 -2.93
O3 PCW YA . 3.47 3.50 -1.21
O11 PCW YA . 3.47 3.46 1.04
O31 PCW YA . 2.47 1.04 -4.78
O1P PCW YA . 1.60 0.86 0.60
O2P PCW YA . -0.76 1.78 0.35
O3P PCW YA . 0.37 0.60 -1.56
O4P PCW YA . -0.35 -0.71 0.48
P PCW YA . 0.24 0.72 0.04
C1 PCW ZA . 1.48 -5.58 0.20
C2 PCW ZA . 2.15 -6.28 1.39
C3 PCW ZA . 2.84 -5.25 2.26
C4 PCW ZA . -0.61 -9.28 1.40
C5 PCW ZA . -2.13 -9.37 1.35
C6 PCW ZA . -3.97 -10.60 2.48
C7 PCW ZA . -1.68 -10.57 3.51
C8 PCW ZA . -2.35 -9.25 3.84
C11 PCW ZA . 4.05 -4.93 4.18
C12 PCW ZA . 4.86 -5.36 5.40
C13 PCW ZA . 6.11 -6.14 5.01
C14 PCW ZA . 6.88 -6.60 6.25
C15 PCW ZA . 8.10 -7.44 5.87
C16 PCW ZA . 9.08 -6.65 5.01
C17 PCW ZA . 10.29 -7.49 4.65
C18 PCW ZA . 11.30 -6.70 3.81
C19 PCW ZA . 12.41 -7.49 3.49
C20 PCW ZA . 13.61 -6.90 3.12
C21 PCW ZA . 13.74 -5.52 3.08
C22 PCW ZA . 13.73 -5.00 1.64
C23 PCW ZA . 13.92 -3.49 1.60
C24 PCW ZA . 12.83 -2.76 2.39
C25 PCW ZA . 11.45 -3.04 1.80
C26 PCW ZA . 10.36 -2.31 2.58
C27 PCW ZA . 10.59 -0.80 2.54
C28 PCW ZA . 9.50 -0.06 3.32
C31 PCW ZA . 1.79 -7.95 2.93
C32 PCW ZA . 0.97 -8.81 3.88
C33 PCW ZA . 1.45 -8.65 5.33
C34 PCW ZA . 2.91 -9.09 5.48
C35 PCW ZA . 3.09 -10.56 5.07
C36 PCW ZA . 4.54 -10.99 5.22
C37 PCW ZA . 4.71 -12.46 4.83
C38 PCW ZA . 6.17 -12.89 4.95
C39 PCW ZA . 6.34 -14.22 4.60
C40 PCW ZA . 7.45 -14.63 3.87
C41 PCW ZA . 8.43 -13.70 3.52
C42 PCW ZA . 9.14 -14.11 2.22
C43 PCW ZA . 10.21 -13.08 1.84
C44 PCW ZA . 10.92 -13.50 0.55
C45 PCW ZA . 11.99 -12.50 0.16
C46 PCW ZA . 12.69 -12.92 -1.14
C47 PCW ZA . 13.78 -11.93 -1.54
C48 PCW ZA . 14.45 -12.37 -2.84
N PCW ZA . -2.64 -9.95 2.60
O2 PCW ZA . 1.18 -7.00 2.17
O3 PCW ZA . 3.56 -5.87 3.33
O11 PCW ZA . 3.84 -3.74 3.95
O31 PCW ZA . 3.01 -8.11 2.81
O1P PCW ZA . -1.03 -6.49 1.01
O2P PCW ZA . -1.47 -7.25 -1.37
O3P PCW ZA . 0.82 -6.51 -0.66
O4P PCW ZA . -0.11 -8.69 0.20
P PCW ZA . -0.57 -7.20 -0.21
C1 PCW AB . -0.03 -2.93 10.01
C2 PCW AB . 0.81 -1.65 9.89
C3 PCW AB . 1.91 -1.87 8.86
C4 PCW AB . -2.60 -0.23 12.33
C5 PCW AB . -2.74 1.26 12.08
C6 PCW AB . -2.14 1.48 14.46
C7 PCW AB . -0.71 2.59 12.72
C8 PCW AB . -1.95 3.47 12.96
C11 PCW AB . 3.73 -0.92 7.85
C12 PCW AB . 4.83 0.12 7.66
C13 PCW AB . 6.19 -0.47 8.01
C14 PCW AB . 7.30 0.60 7.93
C15 PCW AB . 7.40 1.18 6.53
C16 PCW AB . 8.50 2.24 6.47
C17 PCW AB . 8.62 2.85 5.07
C18 PCW AB . 9.72 3.91 5.03
C19 PCW AB . 9.85 4.47 3.76
C20 PCW AB . 11.00 4.23 3.03
C21 PCW AB . 12.02 3.46 3.55
C22 PCW AB . 12.57 2.48 2.50
C23 PCW AB . 13.69 1.61 3.08
C24 PCW AB . 14.25 0.66 2.03
C25 PCW AB . 14.89 1.40 0.87
C26 PCW AB . 13.88 2.29 0.13
C27 PCW AB . 14.55 3.05 -1.01
C28 PCW AB . 13.54 3.94 -1.74
C31 PCW AB . 0.51 0.62 9.89
C32 PCW AB . -0.22 1.92 9.55
C33 PCW AB . 0.45 2.69 8.41
C34 PCW AB . 1.75 3.36 8.83
C35 PCW AB . 2.83 2.35 9.24
C36 PCW AB . 4.11 3.08 9.66
C37 PCW AB . 5.22 2.09 10.04
C38 PCW AB . 6.49 2.85 10.45
C39 PCW AB . 7.51 1.97 10.78
C40 PCW AB . 8.80 2.18 10.30
C41 PCW AB . 9.06 3.28 9.49
C42 PCW AB . 10.56 3.42 9.23
C43 PCW AB . 11.32 3.66 10.54
C44 PCW AB . 12.82 3.82 10.27
C45 PCW AB . 13.09 5.01 9.35
C46 PCW AB . 14.59 5.17 9.08
C47 PCW AB . 14.85 6.36 8.16
C48 PCW AB . 16.35 6.54 7.90
N PCW AB . -2.02 2.01 13.10
O2 PCW AB . -0.02 -0.56 9.48
O3 PCW AB . 2.82 -0.75 8.84
O11 PCW AB . 3.67 -1.91 7.12
O31 PCW AB . 1.55 0.64 10.55
O1P PCW AB . -1.71 -2.83 13.36
O2P PCW AB . 0.66 -2.23 12.67
O3P PCW AB . -1.10 -2.74 10.95
O4P PCW AB . -1.23 -0.60 12.28
P PCW AB . -0.80 -2.15 12.41
C1 PCW BB . 3.07 -6.04 9.82
C2 PCW BB . 4.51 -5.67 10.21
C3 PCW BB . 5.49 -6.45 9.36
C4 PCW BB . 3.34 -4.26 13.56
C5 PCW BB . 3.10 -3.15 12.52
C6 PCW BB . 2.57 -1.82 14.54
C7 PCW BB . 4.32 -1.00 12.94
C8 PCW BB . 2.95 -0.65 12.35
C11 PCW BB . 7.07 -7.00 10.92
C12 PCW BB . 8.45 -6.99 11.58
C13 PCW BB . 8.56 -5.85 12.59
C14 PCW BB . 9.94 -5.85 13.26
C15 PCW BB . 10.19 -7.17 14.00
C16 PCW BB . 11.57 -7.17 14.65
C17 PCW BB . 11.73 -6.02 15.64
C18 PCW BB . 13.10 -6.04 16.30
C19 PCW BB . 13.23 -5.01 17.22
C20 PCW BB . 13.75 -3.78 16.82
C21 PCW BB . 14.13 -3.59 15.50
C22 PCW BB . 15.44 -2.81 15.42
C23 PCW BB . 15.86 -2.58 13.97
C24 PCW BB . 17.18 -1.81 13.89
C25 PCW BB . 17.58 -1.57 12.42
C26 PCW BB . 16.52 -0.74 11.70
C27 PCW BB . 16.33 0.62 12.38
C28 PCW BB . 15.28 1.46 11.64
C31 PCW BB . 5.78 -3.82 10.72
C32 PCW BB . 6.20 -2.34 10.58
C33 PCW BB . 7.29 -1.98 11.59
C34 PCW BB . 8.51 -2.88 11.40
C35 PCW BB . 9.09 -2.78 10.00
C36 PCW BB . 9.54 -1.35 9.68
C37 PCW BB . 10.16 -1.25 8.30
C38 PCW BB . 10.64 0.17 8.00
C39 PCW BB . 11.21 0.25 6.73
C40 PCW BB . 12.59 0.38 6.59
C41 PCW BB . 13.40 0.45 7.72
C42 PCW BB . 14.22 1.73 7.73
C43 PCW BB . 15.14 1.81 6.50
C44 PCW BB . 15.96 3.10 6.52
C45 PCW BB . 16.88 3.17 5.29
C46 PCW BB . 17.71 4.45 5.29
C47 PCW BB . 18.60 4.53 6.53
C48 PCW BB . 19.43 5.81 6.53
N PCW BB . 3.14 -1.85 13.18
O2 PCW BB . 4.71 -4.27 10.02
O3 PCW BB . 6.85 -6.27 9.79
O11 PCW BB . 6.16 -7.69 11.38
O31 PCW BB . 6.39 -4.57 11.48
O1P PCW BB . 0.80 -5.34 12.80
O2P PCW BB . 1.94 -7.50 12.13
O3P PCW BB . 2.13 -5.45 10.70
O4P PCW BB . 3.31 -5.53 12.91
P PCW BB . 1.96 -6.03 12.19
PG GNP CB . -18.09 -27.63 9.46
O1G GNP CB . -17.89 -27.79 10.91
O2G GNP CB . -17.56 -26.21 8.93
O3G GNP CB . -17.25 -28.70 8.60
N3B GNP CB . -19.64 -27.76 8.98
PB GNP CB . -20.69 -27.54 10.20
O1B GNP CB . -20.48 -26.19 10.78
O2B GNP CB . -20.61 -28.71 11.09
O3A GNP CB . -22.11 -27.56 9.44
PA GNP CB . -22.65 -26.31 8.59
O1A GNP CB . -22.11 -25.08 9.20
O2A GNP CB . -22.38 -26.56 7.15
O5' GNP CB . -24.24 -26.36 8.84
C5' GNP CB . -24.92 -27.61 8.78
C4' GNP CB . -26.44 -27.42 8.77
O4' GNP CB . -26.82 -26.58 9.88
C3' GNP CB . -26.84 -26.65 7.51
O3' GNP CB . -28.18 -26.98 7.14
C2' GNP CB . -26.79 -25.22 8.02
O2' GNP CB . -27.57 -24.38 7.17
C1' GNP CB . -27.56 -25.48 9.31
N9 GNP CB . -27.55 -24.29 10.19
C8 GNP CB . -26.49 -23.58 10.55
N7 GNP CB . -26.88 -22.56 11.32
C5 GNP CB . -28.19 -22.64 11.48
C6 GNP CB . -29.11 -21.87 12.17
O6 GNP CB . -28.76 -20.89 12.81
N1 GNP CB . -30.47 -22.24 12.13
C2 GNP CB . -30.84 -23.36 11.39
N2 GNP CB . -32.13 -23.72 11.34
N3 GNP CB . -29.92 -24.08 10.72
C4 GNP CB . -28.63 -23.75 10.75
HNB3 GNP CB . -19.81 -27.12 8.25
HO3' GNP CB . -28.27 -27.98 7.02
HO2' GNP CB . -28.53 -24.64 7.22
HN1 GNP CB . -31.15 -21.70 12.62
HN21 GNP CB . -32.40 -24.53 10.80
HN22 GNP CB . -32.81 -23.19 11.82
MG MG DB . -16.89 -25.75 7.93
C1 PCW EB . -11.78 8.51 -16.94
C2 PCW EB . -11.99 7.45 -18.03
C3 PCW EB . -13.28 6.70 -17.76
C4 PCW EB . -12.49 9.56 -13.63
C5 PCW EB . -13.27 9.14 -12.39
C6 PCW EB . -14.01 10.13 -10.25
C7 PCW EB . -13.32 11.64 -12.13
C8 PCW EB . -14.75 11.18 -12.41
C11 PCW EB . -12.55 4.79 -18.82
C12 PCW EB . -12.61 3.66 -19.84
C13 PCW EB . -13.00 4.16 -21.23
C14 PCW EB . -13.09 3.00 -22.22
C15 PCW EB . -13.50 3.51 -23.61
C16 PCW EB . -12.46 4.48 -24.18
C17 PCW EB . -12.89 4.99 -25.55
C18 PCW EB . -11.85 5.96 -26.12
C19 PCW EB . -12.24 6.41 -27.38
C20 PCW EB . -11.45 6.16 -28.50
C21 PCW EB . -10.28 5.43 -28.37
C22 PCW EB . -9.79 4.93 -29.74
C23 PCW EB . -9.50 6.09 -30.68
C24 PCW EB . -9.03 5.59 -32.05
C25 PCW EB . -8.74 6.77 -32.99
C26 PCW EB . -7.66 7.68 -32.42
C27 PCW EB . -7.36 8.84 -33.38
C28 PCW EB . -6.27 9.75 -32.83
C31 PCW EB . -10.90 8.71 -19.62
C32 PCW EB . -10.77 9.45 -20.95
C33 PCW EB . -10.59 10.95 -20.75
C34 PCW EB . -9.27 11.24 -20.01
C35 PCW EB . -8.08 10.75 -20.83
C36 PCW EB . -6.76 11.06 -20.10
C37 PCW EB . -5.57 10.56 -20.93
C38 PCW EB . -4.25 10.87 -20.21
C39 PCW EB . -3.18 10.34 -20.92
C40 PCW EB . -2.41 11.15 -21.75
C41 PCW EB . -2.72 12.49 -21.91
C42 PCW EB . -2.55 12.94 -23.36
C43 PCW EB . -2.88 14.42 -23.53
C44 PCW EB . -2.74 14.87 -24.98
C45 PCW EB . -3.11 16.35 -25.13
C46 PCW EB . -2.97 16.79 -26.59
C47 PCW EB . -1.53 16.60 -27.09
C48 PCW EB . -1.38 17.04 -28.54
N PCW EB . -13.80 10.32 -11.69
O2 PCW EB . -12.07 8.09 -19.32
O3 PCW EB . -13.53 5.74 -18.80
O11 PCW EB . -11.62 4.85 -18.01
O31 PCW EB . -9.96 8.68 -18.83
O1P PCW EB . -11.34 11.07 -15.81
O2P PCW EB . -13.67 11.79 -16.51
O3P PCW EB . -12.86 9.45 -16.91
O4P PCW EB . -13.35 10.22 -14.57
P PCW EB . -12.77 10.75 -15.97
C1 PCW FB . -1.02 -20.91 -13.87
C2 PCW FB . -0.92 -20.29 -15.26
C3 PCW FB . -1.47 -21.24 -16.31
C4 PCW FB . -5.01 -20.09 -14.79
C5 PCW FB . -5.65 -19.41 -16.00
C6 PCW FB . -7.61 -17.96 -16.47
C7 PCW FB . -6.74 -18.14 -14.12
C8 PCW FB . -5.84 -17.17 -14.87
C11 PCW FB . -2.33 -19.84 -17.93
C12 PCW FB . -2.35 -19.14 -19.29
C13 PCW FB . -1.14 -18.22 -19.46
C14 PCW FB . -1.17 -17.52 -20.81
C15 PCW FB . 0.05 -16.61 -20.98
C16 PCW FB . 0.03 -15.93 -22.36
C17 PCW FB . 1.25 -15.02 -22.54
C18 PCW FB . 2.55 -15.81 -22.44
C19 PCW FB . 3.65 -15.00 -22.64
C20 PCW FB . 4.48 -15.19 -23.74
C21 PCW FB . 4.20 -16.21 -24.65
C22 PCW FB . 4.94 -15.99 -25.96
C23 PCW FB . 4.60 -17.08 -26.97
C24 PCW FB . 5.34 -16.87 -28.29
C25 PCW FB . 5.00 -15.50 -28.90
C26 PCW FB . 3.50 -15.37 -29.16
C27 PCW FB . 3.17 -14.00 -29.75
C28 PCW FB . 3.58 -12.88 -28.79
C31 PCW FB . -1.06 -18.17 -14.39
C32 PCW FB . -1.65 -16.76 -14.25
C33 PCW FB . -0.56 -15.69 -14.38
C34 PCW FB . 0.07 -15.71 -15.76
C35 PCW FB . 0.81 -17.03 -16.04
C36 PCW FB . 1.42 -17.03 -17.45
C37 PCW FB . 2.18 -18.34 -17.70
C38 PCW FB . 2.79 -18.34 -19.10
C39 PCW FB . 3.50 -19.51 -19.35
C40 PCW FB . 3.84 -19.86 -20.65
C41 PCW FB . 3.46 -19.04 -21.70
C42 PCW FB . 4.56 -18.01 -22.00
C43 PCW FB . 5.86 -18.70 -22.43
C44 PCW FB . 6.95 -17.69 -22.76
C45 PCW FB . 7.27 -16.82 -21.53
C46 PCW FB . 8.39 -15.83 -21.85
C47 PCW FB . 8.71 -14.97 -20.63
C48 PCW FB . 9.83 -13.97 -20.95
N PCW FB . -6.50 -18.29 -15.55
O2 PCW FB . -1.61 -19.03 -15.29
O3 PCW FB . -1.30 -20.68 -17.63
O11 PCW FB . -3.25 -19.70 -17.13
O31 PCW FB . -0.11 -18.52 -13.71
O1P PCW FB . -2.55 -23.06 -14.91
O2P PCW FB . -4.35 -22.57 -13.19
O3P PCW FB . -2.38 -21.04 -13.44
O4P PCW FB . -4.14 -21.13 -15.24
P PCW FB . -3.38 -22.07 -14.18
C1 PCW GB . -21.14 8.14 -29.74
C2 PCW GB . -19.64 8.12 -30.01
C3 PCW GB . -19.14 9.54 -30.27
C4 PCW GB . -24.47 5.86 -31.28
C5 PCW GB . -23.29 5.16 -31.94
C6 PCW GB . -23.51 6.99 -33.59
C7 PCW GB . -21.30 6.62 -32.45
C8 PCW GB . -21.43 5.58 -33.57
C11 PCW GB . -17.63 9.09 -31.92
C12 PCW GB . -16.23 8.96 -32.54
C13 PCW GB . -15.97 7.53 -33.02
C14 PCW GB . -14.55 7.40 -33.57
C15 PCW GB . -14.33 8.33 -34.77
C16 PCW GB . -15.24 7.96 -35.93
C17 PCW GB . -15.02 8.90 -37.12
C18 PCW GB . -15.90 8.51 -38.31
C19 PCW GB . -15.72 9.38 -39.37
C20 PCW GB . -14.56 9.31 -40.15
C21 PCW GB . -13.58 8.38 -39.87
C22 PCW GB . -12.67 8.15 -41.08
C23 PCW GB . -12.00 9.46 -41.51
C24 PCW GB . -11.08 9.23 -42.71
C25 PCW GB . -9.95 8.25 -42.37
C26 PCW GB . -9.07 8.81 -41.25
C27 PCW GB . -7.95 7.83 -40.90
C28 PCW GB . -7.07 8.39 -39.78
C31 PCW GB . -17.75 7.04 -29.25
C32 PCW GB . -16.85 6.40 -28.19
C33 PCW GB . -15.38 6.51 -28.59
C34 PCW GB . -14.93 7.97 -28.68
C35 PCW GB . -15.05 8.65 -27.30
C36 PCW GB . -14.58 10.11 -27.38
C37 PCW GB . -14.66 10.78 -26.00
C38 PCW GB . -14.15 12.22 -26.08
C39 PCW GB . -14.21 12.82 -24.83
C40 PCW GB . -14.54 14.17 -24.72
C41 PCW GB . -14.80 14.92 -25.86
C42 PCW GB . -13.57 15.70 -26.31
C43 PCW GB . -13.11 16.67 -25.20
C44 PCW GB . -11.89 17.46 -25.65
C45 PCW GB . -12.18 18.30 -26.89
C46 PCW GB . -10.94 19.08 -27.33
C47 PCW GB . -11.23 19.90 -28.59
C48 PCW GB . -9.98 20.68 -29.03
N PCW GB . -22.61 6.08 -32.86
O2 PCW GB . -18.96 7.55 -28.88
O3 PCW GB . -17.76 9.51 -30.64
O11 PCW GB . -18.64 8.81 -32.58
O31 PCW GB . -17.41 7.08 -30.43
O1P PCW GB . -23.31 5.12 -28.81
O2P PCW GB . -23.50 7.53 -28.04
O3P PCW GB . -21.64 6.80 -29.57
O4P PCW GB . -24.01 6.92 -30.43
P PCW GB . -23.17 6.57 -29.11
C1 PCW HB . -1.31 -3.33 -3.67
C2 PCW HB . 0.21 -3.23 -3.77
C3 PCW HB . 0.84 -4.35 -2.95
C4 PCW HB . -3.12 -0.93 -1.01
C5 PCW HB . -3.52 0.50 -1.34
C6 PCW HB . -5.67 0.71 -0.13
C7 PCW HB . -5.54 1.34 -2.57
C8 PCW HB . -5.64 -0.18 -2.48
C11 PCW HB . 2.62 -3.12 -2.21
C12 PCW HB . 4.10 -2.75 -2.06
C13 PCW HB . 4.26 -1.30 -1.60
C14 PCW HB . 5.74 -0.95 -1.38
C15 PCW HB . 6.54 -1.13 -2.67
C16 PCW HB . 8.00 -0.73 -2.46
C17 PCW HB . 8.82 -0.92 -3.74
C18 PCW HB . 10.28 -0.54 -3.52
C19 PCW HB . 11.03 -0.74 -4.68
C20 PCW HB . 11.99 -1.75 -4.72
C21 PCW HB . 12.19 -2.56 -3.61
C22 PCW HB . 13.65 -3.00 -3.51
C23 PCW HB . 13.88 -3.87 -2.28
C24 PCW HB . 13.10 -5.18 -2.36
C25 PCW HB . 11.59 -4.94 -2.37
C26 PCW HB . 10.83 -6.26 -2.46
C27 PCW HB . 9.31 -6.03 -2.47
C28 PCW HB . 8.55 -7.35 -2.59
C31 PCW HB . 0.15 -2.32 -5.88
C32 PCW HB . 0.43 -2.27 -7.38
C33 PCW HB . -0.81 -2.64 -8.19
C34 PCW HB . -1.23 -4.08 -7.91
C35 PCW HB . -2.50 -4.45 -8.68
C36 PCW HB . -2.92 -5.89 -8.41
C37 PCW HB . -4.24 -6.23 -9.10
C38 PCW HB . -4.14 -6.06 -10.62
C39 PCW HB . -5.36 -6.31 -11.23
C40 PCW HB . -5.47 -7.25 -12.25
C41 PCW HB . -4.34 -7.95 -12.67
C42 PCW HB . -4.43 -8.29 -14.16
C43 PCW HB . -3.21 -9.05 -14.63
C44 PCW HB . -3.30 -9.38 -16.13
C45 PCW HB . -2.08 -10.16 -16.60
C46 PCW HB . -0.79 -9.36 -16.38
C47 PCW HB . 0.43 -10.15 -16.87
C48 PCW HB . 1.70 -9.32 -16.69
N PCW HB . -4.98 0.60 -1.43
O2 PCW HB . 0.61 -3.36 -5.14
O3 PCW HB . 2.26 -4.20 -2.95
O11 PCW HB . 1.76 -2.44 -1.66
O31 PCW HB . -0.48 -1.42 -5.33
O1P PCW HB . -3.63 -3.49 -0.48
O2P PCW HB . -4.16 -3.80 -3.04
O3P PCW HB . -1.73 -3.23 -2.30
O4P PCW HB . -3.53 -1.81 -2.05
P PCW HB . -3.28 -3.39 -1.92
C1 PCW IB . -2.75 -14.00 -16.14
C2 PCW IB . -2.69 -13.42 -17.55
C3 PCW IB . -1.26 -13.41 -18.04
C4 PCW IB . -6.31 -11.37 -16.44
C5 PCW IB . -6.27 -10.21 -17.45
C6 PCW IB . -8.33 -8.96 -16.89
C7 PCW IB . -7.91 -9.68 -19.26
C8 PCW IB . -8.44 -10.89 -18.49
C11 PCW IB . 0.09 -12.96 -19.84
C12 PCW IB . 0.38 -12.53 -21.28
C13 PCW IB . 1.67 -11.70 -21.39
C14 PCW IB . 1.91 -11.30 -22.85
C15 PCW IB . 3.16 -10.45 -23.02
C16 PCW IB . 3.34 -10.04 -24.48
C17 PCW IB . 4.59 -9.18 -24.70
C18 PCW IB . 5.87 -9.95 -24.37
C19 PCW IB . 7.00 -9.18 -24.62
C20 PCW IB . 8.19 -9.42 -23.93
C21 PCW IB . 8.26 -10.45 -23.00
C22 PCW IB . 7.44 -10.10 -21.75
C23 PCW IB . 7.56 -11.20 -20.70
C24 PCW IB . 6.73 -10.87 -19.46
C25 PCW IB . 6.93 -11.92 -18.36
C26 PCW IB . 8.40 -11.99 -17.94
C27 PCW IB . 8.62 -13.07 -16.88
C28 PCW IB . 10.10 -13.13 -16.47
C31 PCW IB . -3.73 -13.67 -19.61
C32 PCW IB . -4.56 -14.41 -20.65
C33 PCW IB . -5.24 -13.47 -21.65
C34 PCW IB . -6.25 -12.54 -20.96
C35 PCW IB . -5.55 -11.53 -20.05
C36 PCW IB . -4.63 -10.60 -20.84
C37 PCW IB . -3.90 -9.62 -19.92
C38 PCW IB . -2.97 -8.70 -20.72
C39 PCW IB . -2.29 -7.84 -19.88
C40 PCW IB . -2.23 -6.48 -20.17
C41 PCW IB . -2.85 -5.98 -21.31
C42 PCW IB . -1.92 -6.04 -22.52
C43 PCW IB . -2.60 -5.49 -23.77
C44 PCW IB . -1.67 -5.56 -24.99
C45 PCW IB . -0.39 -4.77 -24.74
C46 PCW IB . 0.53 -4.81 -25.97
C47 PCW IB . 1.83 -4.05 -25.73
C48 PCW IB . 2.73 -4.10 -26.97
N PCW IB . -7.64 -9.86 -17.83
O2 PCW IB . -3.49 -14.25 -18.41
O3 PCW IB . -1.19 -12.95 -19.40
O11 PCW IB . 1.01 -13.31 -19.09
O31 PCW IB . -3.28 -12.54 -19.84
O1P PCW IB . -6.03 -13.21 -14.34
O2P PCW IB . -3.72 -12.22 -13.94
O3P PCW IB . -4.08 -14.05 -15.63
O4P PCW IB . -4.97 -11.71 -16.06
P PCW IB . -4.73 -12.78 -14.88
C1 PCW JB . -0.55 9.63 -7.09
C2 PCW JB . 0.65 10.58 -7.16
C3 PCW JB . 0.15 12.00 -7.35
C4 PCW JB . -3.89 11.52 -5.72
C5 PCW JB . -4.72 12.46 -4.84
C6 PCW JB . -2.99 13.83 -3.71
C7 PCW JB . -4.75 12.67 -2.34
C8 PCW JB . -3.69 11.63 -2.71
C11 PCW JB . 1.94 12.60 -8.65
C12 PCW JB . 3.19 13.41 -9.03
C13 PCW JB . 3.20 13.75 -10.52
C14 PCW JB . 4.40 14.64 -10.87
C15 PCW JB . 5.73 13.95 -10.55
C16 PCW JB . 6.02 12.80 -11.52
C17 PCW JB . 4.96 11.69 -11.42
C18 PCW JB . 5.28 10.56 -12.41
C19 PCW JB . 4.31 9.58 -12.35
C20 PCW JB . 4.60 8.29 -12.78
C21 PCW JB . 5.88 7.98 -13.26
C22 PCW JB . 6.77 7.45 -12.14
C23 PCW JB . 8.18 7.12 -12.65
C24 PCW JB . 8.17 6.02 -13.70
C25 PCW JB . 7.40 6.43 -14.95
C26 PCW JB . 7.40 5.32 -16.00
C27 PCW JB . 6.66 5.74 -17.27
C28 PCW JB . 5.20 6.08 -16.95
C31 PCW JB . 2.00 9.25 -5.89
C32 PCW JB . 2.82 8.86 -4.66
C33 PCW JB . 1.91 8.24 -3.60
C34 PCW JB . 2.71 7.79 -2.36
C35 PCW JB . 3.41 8.97 -1.69
C36 PCW JB . 4.14 8.49 -0.43
C37 PCW JB . 4.84 9.65 0.29
C38 PCW JB . 5.54 9.16 1.55
C39 PCW JB . 6.19 10.19 2.22
C40 PCW JB . 7.37 9.92 2.90
C41 PCW JB . 7.89 8.64 2.92
C42 PCW JB . 8.64 8.34 1.61
C43 PCW JB . 9.16 6.91 1.59
C44 PCW JB . 9.93 6.63 0.30
C45 PCW JB . 10.40 5.17 0.25
C46 PCW JB . 9.22 4.20 0.28
C47 PCW JB . 9.71 2.75 0.22
C48 PCW JB . 8.52 1.78 0.26
N PCW JB . -3.99 12.76 -3.60
O2 PCW JB . 1.40 10.47 -5.95
O3 PCW JB . 1.28 12.89 -7.50
O11 PCW JB . 1.54 11.69 -9.38
O31 PCW JB . 1.90 8.48 -6.85
O1P PCW JB . -3.27 8.82 -7.03
O2P PCW JB . -2.53 8.05 -4.72
O3P PCW JB . -1.32 9.89 -5.91
O4P PCW JB . -3.62 10.30 -5.01
P PCW JB . -2.73 9.15 -5.69
C1 PCW KB . -12.71 23.54 -8.25
C2 PCW KB . -13.12 24.03 -9.64
C3 PCW KB . -11.89 24.49 -10.41
C4 PCW KB . -16.17 22.63 -5.06
C5 PCW KB . -16.03 22.41 -3.56
C6 PCW KB . -15.08 24.55 -2.78
C7 PCW KB . -13.93 22.40 -2.16
C8 PCW KB . -13.54 22.75 -3.60
C11 PCW KB . -11.18 25.92 -12.08
C12 PCW KB . -11.38 26.89 -13.25
C13 PCW KB . -11.12 28.33 -12.82
C14 PCW KB . -11.38 29.32 -13.97
C15 PCW KB . -11.10 30.75 -13.52
C16 PCW KB . -9.61 30.97 -13.23
C17 PCW KB . -9.35 32.36 -12.64
C18 PCW KB . -7.86 32.61 -12.45
C19 PCW KB . -7.64 33.75 -11.67
C20 PCW KB . -7.34 34.98 -12.24
C21 PCW KB . -7.24 35.14 -13.63
C22 PCW KB . -5.78 35.23 -14.06
C23 PCW KB . -5.66 35.63 -15.52
C24 PCW KB . -6.21 37.03 -15.74
C25 PCW KB . -6.03 37.48 -17.20
C26 PCW KB . -6.54 38.91 -17.39
C27 PCW KB . -5.80 39.90 -16.49
C28 PCW KB . -6.30 41.32 -16.68
C31 PCW KB . -14.54 23.58 -11.39
C32 PCW KB . -15.41 22.71 -12.29
C33 PCW KB . -16.13 23.56 -13.33
C34 PCW KB . -17.12 22.72 -14.15
C35 PCW KB . -16.42 21.64 -14.98
C36 PCW KB . -15.56 22.27 -16.09
C37 PCW KB . -14.98 21.18 -16.99
C38 PCW KB . -14.14 21.77 -18.14
C39 PCW KB . -13.64 20.77 -18.96
C40 PCW KB . -13.25 21.04 -20.26
C41 PCW KB . -13.34 22.33 -20.78
C42 PCW KB . -12.94 22.35 -22.26
C43 PCW KB . -11.51 21.84 -22.46
C44 PCW KB . -11.10 21.95 -23.93
C45 PCW KB . -9.66 21.46 -24.13
C46 PCW KB . -9.23 21.62 -25.58
C47 PCW KB . -7.77 21.17 -25.78
C48 PCW KB . -7.33 21.38 -27.23
N PCW KB . -14.85 23.13 -3.06
O2 PCW KB . -13.89 23.03 -10.34
O3 PCW KB . -12.28 25.33 -11.52
O11 PCW KB . -10.06 25.69 -11.65
O31 PCW KB . -14.46 24.80 -11.59
O1P PCW KB . -16.15 22.82 -7.89
O2P PCW KB . -14.26 21.12 -7.95
O3P PCW KB . -13.82 23.53 -7.35
O4P PCW KB . -15.05 22.05 -5.75
P PCW KB . -14.87 22.32 -7.33
C1 PCW LB . -5.57 25.90 -1.58
C2 PCW LB . -5.02 26.02 -0.15
C3 PCW LB . -3.50 26.15 -0.20
C4 PCW LB . -6.45 22.57 -2.69
C5 PCW LB . -6.82 21.72 -3.91
C6 PCW LB . -7.77 19.49 -4.40
C7 PCW LB . -8.01 20.46 -2.10
C8 PCW LB . -9.08 21.10 -2.98
C11 PCW LB . -1.60 26.18 1.04
C12 PCW LB . -0.75 26.21 2.33
C13 PCW LB . -1.39 25.35 3.43
C14 PCW LB . -0.48 25.32 4.66
C15 PCW LB . 0.87 24.70 4.32
C16 PCW LB . 1.79 24.66 5.54
C17 PCW LB . 2.11 26.08 6.03
C18 PCW LB . 2.81 26.90 4.94
C19 PCW LB . 3.99 26.29 4.55
C20 PCW LB . 5.14 26.46 5.30
C21 PCW LB . 5.11 27.22 6.47
C22 PCW LB . 6.51 27.40 7.05
C23 PCW LB . 6.46 28.26 8.32
C24 PCW LB . 5.59 27.58 9.38
C25 PCW LB . 5.52 28.42 10.66
C26 PCW LB . 4.67 27.72 11.72
C27 PCW LB . 4.59 28.55 13.00
C28 PCW LB . 5.97 28.73 13.63
C31 PCW LB . -5.53 26.99 1.85
C32 PCW LB . -6.06 28.09 2.78
C33 PCW LB . -4.92 28.84 3.45
C34 PCW LB . -5.44 29.88 4.44
C35 PCW LB . -4.28 30.59 5.14
C36 PCW LB . -4.81 31.62 6.16
C37 PCW LB . -3.65 32.33 6.86
C38 PCW LB . -4.17 33.34 7.88
C39 PCW LB . -3.11 33.97 8.54
C40 PCW LB . -2.78 35.28 8.22
C41 PCW LB . -3.49 35.96 7.25
C42 PCW LB . -3.34 37.48 7.40
C43 PCW LB . -1.88 37.90 7.26
C44 PCW LB . -1.73 39.41 7.43
C45 PCW LB . -2.18 39.87 8.82
C46 PCW LB . -1.31 39.23 9.91
C47 PCW LB . 0.16 39.62 9.75
C48 PCW LB . 1.02 38.99 10.86
N PCW LB . -7.77 20.67 -3.53
O2 PCW LB . -5.61 27.15 0.50
O3 PCW LB . -2.95 26.18 1.12
O11 PCW LB . -1.04 26.16 -0.06
O31 PCW LB . -5.04 25.96 2.32
O1P PCW LB . -6.39 23.71 -0.04
O2P PCW LB . -8.81 24.43 -0.32
O3P PCW LB . -6.97 25.60 -1.55
O4P PCW LB . -7.60 23.25 -2.19
P PCW LB . -7.48 24.21 -0.91
C1 PCW MB . -1.57 9.51 4.58
C2 PCW MB . -1.61 11.01 4.26
C3 PCW MB . -2.66 11.70 5.11
C4 PCW MB . -0.65 8.27 8.96
C5 PCW MB . 0.61 8.40 8.10
C6 PCW MB . 2.97 9.06 8.39
C7 PCW MB . 1.62 8.45 10.40
C8 PCW MB . 2.06 7.16 9.73
C11 PCW MB . -1.73 13.79 5.35
C12 PCW MB . -1.62 15.30 5.11
C13 PCW MB . -0.18 15.71 4.80
C14 PCW MB . -0.09 17.20 4.51
C15 PCW MB . 1.35 17.62 4.22
C16 PCW MB . 1.43 19.11 3.87
C17 PCW MB . 0.89 19.97 5.02
C18 PCW MB . 0.97 21.46 4.66
C19 PCW MB . 0.23 21.74 3.51
C20 PCW MB . 0.88 22.10 2.34
C21 PCW MB . 2.26 22.19 2.30
C22 PCW MB . 2.73 23.32 1.39
C23 PCW MB . 2.23 23.13 -0.04
C24 PCW MB . 2.74 24.25 -0.95
C25 PCW MB . 2.21 24.08 -2.38
C26 PCW MB . 0.68 24.14 -2.41
C27 PCW MB . 0.16 23.96 -3.84
C28 PCW MB . 0.62 22.62 -4.43
C31 PCW MB . 0.60 11.03 3.66
C32 PCW MB . 2.07 11.44 3.79
C33 PCW MB . 2.69 11.85 2.44
C34 PCW MB . 1.95 13.03 1.83
C35 PCW MB . 2.69 13.53 0.59
C36 PCW MB . 2.81 12.43 -0.47
C37 PCW MB . 3.63 12.92 -1.67
C38 PCW MB . 3.76 11.82 -2.73
C39 PCW MB . 4.57 12.23 -3.79
C40 PCW MB . 4.18 13.27 -4.61
C41 PCW MB . 2.96 13.91 -4.40
C42 PCW MB . 3.17 15.33 -3.86
C43 PCW MB . 3.99 16.17 -4.82
C44 PCW MB . 4.17 17.59 -4.30
C45 PCW MB . 4.98 18.45 -5.28
C46 PCW MB . 5.16 19.87 -4.76
C47 PCW MB . 5.96 20.72 -5.74
C48 PCW MB . 6.11 22.15 -5.22
N PCW MB . 1.81 8.37 8.95
O2 PCW MB . -0.32 11.57 4.50
O3 PCW MB . -2.75 13.09 4.78
O11 PCW MB . -0.91 13.21 6.07
O31 PCW MB . 0.25 10.22 2.81
O1P PCW MB . -1.46 10.81 7.85
O2P PCW MB . -3.44 9.67 6.74
O3P PCW MB . -1.10 9.29 5.91
O4P PCW MB . -1.81 8.33 8.12
P PCW MB . -2.02 9.62 7.18
C1 PCW NB . 0.90 -12.38 -12.25
C2 PCW NB . 2.15 -12.35 -11.36
C3 PCW NB . 3.27 -13.07 -12.10
C4 PCW NB . -2.88 -12.84 -10.75
C5 PCW NB . -3.61 -14.19 -10.62
C6 PCW NB . -5.40 -13.72 -8.97
C7 PCW NB . -3.80 -15.60 -8.54
C8 PCW NB . -3.10 -14.31 -8.15
C11 PCW NB . 4.44 -13.73 -10.24
C12 PCW NB . 5.65 -13.75 -9.28
C13 PCW NB . 6.90 -14.26 -10.00
C14 PCW NB . 8.13 -14.19 -9.09
C15 PCW NB . 7.94 -15.01 -7.81
C16 PCW NB . 9.22 -14.99 -6.98
C17 PCW NB . 9.03 -15.78 -5.67
C18 PCW NB . 10.32 -15.81 -4.86
C19 PCW NB . 10.76 -14.52 -4.56
C20 PCW NB . 11.76 -13.93 -5.33
C21 PCW NB . 12.30 -14.61 -6.41
C22 PCW NB . 13.70 -14.10 -6.74
C23 PCW NB . 14.28 -14.84 -7.94
C24 PCW NB . 15.68 -14.33 -8.29
C25 PCW NB . 15.67 -12.84 -8.66
C26 PCW NB . 17.07 -12.34 -8.99
C27 PCW NB . 17.06 -10.85 -9.35
C28 PCW NB . 18.45 -10.37 -9.73
C31 PCW NB . 1.71 -10.39 -10.25
C32 PCW NB . 1.94 -8.93 -9.89
C33 PCW NB . 3.16 -8.77 -8.97
C34 PCW NB . 3.42 -7.29 -8.66
C35 PCW NB . 4.61 -7.13 -7.72
C36 PCW NB . 4.88 -5.66 -7.44
C37 PCW NB . 5.99 -5.48 -6.40
C38 PCW NB . 6.27 -4.00 -6.15
C39 PCW NB . 7.23 -3.83 -5.15
C40 PCW NB . 8.58 -3.75 -5.47
C41 PCW NB . 8.98 -3.85 -6.80
C42 PCW NB . 10.50 -3.66 -6.92
C43 PCW NB . 10.97 -3.80 -8.36
C44 PCW NB . 12.48 -3.62 -8.47
C45 PCW NB . 13.22 -4.63 -7.60
C46 PCW NB . 14.74 -4.43 -7.66
C47 PCW NB . 15.45 -5.44 -6.77
C48 PCW NB . 16.97 -5.24 -6.83
N PCW NB . -4.09 -14.34 -9.24
O2 PCW NB . 2.54 -10.99 -11.15
O3 PCW NB . 4.50 -12.96 -11.35
O11 PCW NB . 3.47 -14.44 -10.02
O31 PCW NB . 0.79 -11.02 -9.73
O1P PCW NB . -2.18 -10.19 -11.93
O2P PCW NB . -1.23 -11.42 -13.93
O3P PCW NB . -0.16 -11.62 -11.67
O4P PCW NB . -2.38 -12.70 -12.09
P PCW NB . -1.53 -11.40 -12.48
C1 PCW OB . -19.50 8.96 -23.45
C2 PCW OB . -20.01 10.38 -23.19
C3 PCW OB . -20.71 10.47 -21.85
C4 PCW OB . -18.48 10.24 -19.55
C5 PCW OB . -17.44 11.00 -18.72
C6 PCW OB . -19.09 12.85 -18.81
C7 PCW OB . -18.32 11.98 -16.58
C8 PCW OB . -17.24 12.92 -17.11
C11 PCW OB . -20.45 12.73 -21.54
C12 PCW OB . -20.92 14.19 -21.47
C13 PCW OB . -21.54 14.61 -22.80
C14 PCW OB . -22.07 16.04 -22.73
C15 PCW OB . -22.71 16.45 -24.05
C16 PCW OB . -21.70 16.47 -25.20
C17 PCW OB . -20.64 17.54 -24.96
C18 PCW OB . -19.65 17.63 -26.13
C19 PCW OB . -18.74 18.65 -25.95
C20 PCW OB . -17.64 18.77 -26.78
C21 PCW OB . -17.42 17.85 -27.79
C22 PCW OB . -16.09 18.11 -28.51
C23 PCW OB . -15.84 17.09 -29.61
C24 PCW OB . -16.92 17.12 -30.68
C25 PCW OB . -16.86 18.35 -31.59
C26 PCW OB . -17.02 19.67 -30.82
C27 PCW OB . -15.72 20.07 -30.11
C28 PCW OB . -15.92 21.37 -29.33
C31 PCW OB . -18.51 11.48 -24.54
C32 PCW OB . -17.34 12.42 -24.82
C33 PCW OB . -17.82 13.76 -25.39
C34 PCW OB . -18.37 13.60 -26.80
C35 PCW OB . -17.28 13.09 -27.75
C36 PCW OB . -17.77 13.04 -29.19
C37 PCW OB . -16.67 12.51 -30.12
C38 PCW OB . -17.12 12.52 -31.58
C39 PCW OB . -16.14 12.00 -32.41
C40 PCW OB . -14.94 12.67 -32.60
C41 PCW OB . -14.68 13.86 -31.94
C42 PCW OB . -14.25 14.95 -32.92
C43 PCW OB . -13.93 16.26 -32.19
C44 PCW OB . -13.54 17.36 -33.19
C45 PCW OB . -14.68 17.66 -34.16
C46 PCW OB . -14.28 18.75 -35.15
C47 PCW OB . -15.42 19.04 -36.13
C48 PCW OB . -15.03 20.14 -37.11
N PCW OB . -18.07 12.12 -18.02
O2 PCW OB . -18.93 11.32 -23.26
O3 PCW OB . -21.36 11.74 -21.74
O11 PCW OB . -19.27 12.45 -21.38
O31 PCW OB . -19.08 10.89 -25.46
O1P PCW OB . -20.15 8.28 -20.79
O2P PCW OB . -18.15 6.73 -20.93
O3P PCW OB . -18.42 8.60 -22.57
O4P PCW OB . -17.85 9.11 -20.17
P PCW OB . -18.71 8.09 -21.07
C1 PCW PB . -5.88 23.62 9.03
C2 PCW PB . -5.13 23.97 7.75
C3 PCW PB . -4.53 25.37 7.83
C4 PCW PB . -9.83 21.27 9.00
C5 PCW PB . -11.21 21.87 8.72
C6 PCW PB . -11.44 19.90 7.23
C7 PCW PB . -13.13 20.30 9.05
C8 PCW PB . -13.48 21.21 7.87
C11 PCW PB . -3.50 27.00 6.58
C12 PCW PB . -2.98 27.62 5.27
C13 PCW PB . -1.63 28.32 5.47
C14 PCW PB . -1.16 28.94 4.15
C15 PCW PB . 0.17 29.67 4.31
C16 PCW PB . 0.60 30.30 2.98
C17 PCW PB . 1.92 31.06 3.12
C18 PCW PB . 2.32 31.68 1.77
C19 PCW PB . 3.52 32.37 1.88
C20 PCW PB . 3.92 33.25 0.88
C21 PCW PB . 3.11 33.45 -0.23
C22 PCW PB . 3.87 33.19 -1.52
C23 PCW PB . 5.08 34.13 -1.65
C24 PCW PB . 5.84 33.88 -2.96
C25 PCW PB . 7.07 34.79 -3.08
C26 PCW PB . 8.10 34.47 -2.00
C27 PCW PB . 7.54 34.71 -0.59
C28 PCW PB . 8.59 34.40 0.48
C31 PCW PB . -3.73 23.03 6.18
C32 PCW PB . -2.68 22.05 5.67
C33 PCW PB . -1.71 21.63 6.78
C34 PCW PB . -0.88 22.82 7.25
C35 PCW PB . 0.08 22.40 8.38
C36 PCW PB . 0.96 23.58 8.82
C37 PCW PB . 1.83 23.17 10.01
C38 PCW PB . 2.74 24.32 10.45
C39 PCW PB . 3.43 23.96 11.61
C40 PCW PB . 4.82 23.91 11.62
C41 PCW PB . 5.56 24.22 10.49
C42 PCW PB . 6.90 24.85 10.88
C43 PCW PB . 7.74 25.18 9.64
C44 PCW PB . 9.07 25.82 10.04
C45 PCW PB . 9.91 26.10 8.79
C46 PCW PB . 11.23 26.79 9.16
C47 PCW PB . 10.97 28.14 9.84
C48 PCW PB . 12.28 28.84 10.21
N PCW PB . -12.09 20.84 8.16
O2 PCW PB . -4.13 22.98 7.48
O3 PCW PB . -4.06 25.76 6.54
O11 PCW PB . -3.40 27.60 7.64
O31 PCW PB . -4.25 23.85 5.42
O1P PCW PB . -7.40 20.39 10.18
O2P PCW PB . -7.19 22.67 11.31
O3P PCW PB . -6.57 22.37 8.90
O4P PCW PB . -8.99 22.26 9.60
P PCW PB . -7.52 21.87 10.11
C1 PCW QB . -17.05 29.38 -10.99
C2 PCW QB . -15.56 29.44 -10.67
C3 PCW QB . -15.22 28.41 -9.61
C4 PCW QB . -16.61 30.49 -7.17
C5 PCW QB . -16.47 31.48 -8.33
C6 PCW QB . -17.10 33.14 -6.60
C7 PCW QB . -14.98 33.46 -7.91
C8 PCW QB . -16.14 33.94 -8.78
C11 PCW QB . -13.34 29.52 -8.86
C12 PCW QB . -11.87 29.64 -8.48
C13 PCW QB . -11.03 28.57 -9.20
C14 PCW QB . -9.61 28.51 -8.62
C15 PCW QB . -8.79 27.45 -9.35
C16 PCW QB . -7.46 27.20 -8.62
C17 PCW QB . -6.59 28.45 -8.58
C18 PCW QB . -6.16 28.90 -9.98
C19 PCW QB . -5.27 29.95 -9.92
C20 PCW QB . -4.58 30.37 -11.06
C21 PCW QB . -4.81 29.74 -12.28
C22 PCW QB . -4.75 30.76 -13.42
C23 PCW QB . -3.36 31.38 -13.52
C24 PCW QB . -3.32 32.46 -14.60
C25 PCW QB . -3.66 31.91 -15.99
C26 PCW QB . -5.10 31.37 -16.03
C27 PCW QB . -5.46 30.87 -17.42
C28 PCW QB . -5.38 31.99 -18.45
C31 PCW QB . -15.01 30.06 -12.82
C32 PCW QB . -14.29 29.90 -14.17
C33 PCW QB . -14.76 28.63 -14.89
C34 PCW QB . -13.82 28.29 -16.04
C35 PCW QB . -13.75 29.41 -17.08
C36 PCW QB . -12.75 29.05 -18.18
C37 PCW QB . -12.70 30.13 -19.26
C38 PCW QB . -11.64 29.79 -20.31
C39 PCW QB . -11.61 30.74 -21.32
C40 PCW QB . -10.42 31.38 -21.68
C41 PCW QB . -9.24 31.06 -21.02
C42 PCW QB . -8.75 29.65 -21.38
C43 PCW QB . -7.43 29.33 -20.67
C44 PCW QB . -6.94 27.93 -21.02
C45 PCW QB . -5.61 27.61 -20.34
C46 PCW QB . -4.47 28.48 -20.88
C47 PCW QB . -4.73 29.97 -20.61
C48 PCW QB . -3.60 30.82 -21.18
N PCW QB . -16.32 32.85 -7.80
O2 PCW QB . -14.81 29.13 -11.85
O3 PCW QB . -13.81 28.35 -9.36
O11 PCW QB . -14.11 30.48 -8.69
O31 PCW QB . -15.76 31.01 -12.62
O1P PCW QB . -19.25 29.18 -7.88
O2P PCW QB . -17.90 27.38 -9.05
O3P PCW QB . -17.86 29.75 -9.87
O4P PCW QB . -16.73 29.17 -7.69
P PCW QB . -18.02 28.78 -8.59
C1 PCW RB . -3.52 15.48 11.76
C2 PCW RB . -2.51 16.42 11.09
C3 PCW RB . -3.25 17.62 10.51
C4 PCW RB . -7.24 17.40 13.48
C5 PCW RB . -8.40 16.47 13.11
C6 PCW RB . -10.77 16.65 12.41
C7 PCW RB . -9.29 18.66 12.29
C8 PCW RB . -9.00 17.80 11.06
C11 PCW RB . -1.61 18.06 8.96
C12 PCW RB . -0.54 18.90 8.27
C13 PCW RB . 0.83 18.68 8.92
C14 PCW RB . 1.89 19.58 8.27
C15 PCW RB . 3.27 19.36 8.91
C16 PCW RB . 4.32 20.29 8.33
C17 PCW RB . 5.69 20.05 8.96
C18 PCW RB . 6.73 21.03 8.42
C19 PCW RB . 6.87 20.90 7.05
C20 PCW RB . 7.64 19.87 6.52
C21 PCW RB . 8.26 18.96 7.35
C22 PCW RB . 9.78 18.97 7.16
C23 PCW RB . 10.37 20.32 7.52
C24 PCW RB . 10.14 20.65 8.99
C25 PCW RB . 10.73 22.01 9.37
C26 PCW RB . 10.51 22.32 10.84
C27 PCW RB . 11.18 21.28 11.73
C28 PCW RB . 12.69 21.24 11.49
C31 PCW RB . -0.86 15.87 12.61
C32 PCW RB . 0.23 16.18 13.63
C33 PCW RB . 1.35 16.99 12.99
C34 PCW RB . 1.98 16.22 11.82
C35 PCW RB . 2.63 14.92 12.31
C36 PCW RB . 3.23 14.14 11.13
C37 PCW RB . 3.90 12.86 11.63
C38 PCW RB . 4.51 12.08 10.47
C39 PCW RB . 5.20 10.97 10.93
C40 PCW RB . 6.40 11.13 11.62
C41 PCW RB . 6.90 12.42 11.84
C42 PCW RB . 8.42 12.46 11.66
C43 PCW RB . 9.12 11.56 12.68
C44 PCW RB . 10.64 11.61 12.51
C45 PCW RB . 11.35 10.74 13.54
C46 PCW RB . 12.87 10.82 13.38
C47 PCW RB . 13.56 9.95 14.43
C48 PCW RB . 15.09 10.03 14.27
N PCW RB . -9.42 17.20 12.34
O2 PCW RB . -1.57 16.90 12.07
O3 PCW RB . -2.30 18.57 10.01
O11 PCW RB . -1.86 16.91 8.56
O31 PCW RB . -1.11 14.72 12.28
O1P PCW RB . -6.34 14.89 12.41
O2P PCW RB . -5.00 14.50 14.53
O3P PCW RB . -4.22 16.15 12.80
O4P PCW RB . -6.25 16.66 14.19
P PCW RB . -5.48 15.44 13.49
C1 PCW SB . -3.81 13.04 -12.11
C2 PCW SB . -3.71 13.01 -13.63
C3 PCW SB . -2.65 14.02 -14.06
C4 PCW SB . -2.53 10.50 -10.13
C5 PCW SB . -3.12 9.18 -9.65
C6 PCW SB . -1.91 8.25 -11.61
C7 PCW SB . -1.34 7.43 -9.31
C8 PCW SB . -2.62 6.71 -9.75
C11 PCW SB . -1.53 12.91 -15.71
C12 PCW SB . -1.07 12.63 -17.14
C13 PCW SB . -0.59 13.92 -17.82
C14 PCW SB . -0.15 13.65 -19.26
C15 PCW SB . 0.38 14.93 -19.90
C16 PCW SB . 0.85 14.66 -21.34
C17 PCW SB . 1.96 13.60 -21.35
C18 PCW SB . 2.45 13.36 -22.78
C19 PCW SB . 3.46 12.39 -22.79
C20 PCW SB . 4.77 12.76 -23.06
C21 PCW SB . 5.09 14.09 -23.32
C22 PCW SB . 5.17 14.34 -24.83
C23 PCW SB . 5.58 15.79 -25.11
C24 PCW SB . 6.94 16.11 -24.52
C25 PCW SB . 8.03 15.21 -25.11
C26 PCW SB . 9.41 15.52 -24.51
C27 PCW SB . 10.47 14.61 -25.11
C28 PCW SB . 11.85 14.92 -24.50
C31 PCW SB . -4.43 10.88 -14.02
C32 PCW SB . -4.30 9.41 -14.44
C33 PCW SB . -5.35 8.55 -13.74
C34 PCW SB . -5.31 7.11 -14.23
C35 PCW SB . -5.59 7.02 -15.73
C36 PCW SB . -5.61 5.56 -16.21
C37 PCW SB . -5.89 5.47 -17.70
C38 PCW SB . -5.96 4.01 -18.17
C39 PCW SB . -6.20 3.93 -19.53
C40 PCW SB . -5.17 3.62 -20.41
C41 PCW SB . -3.89 3.39 -19.92
C42 PCW SB . -2.85 4.17 -20.73
C43 PCW SB . -1.44 3.94 -20.19
C44 PCW SB . -0.41 4.71 -21.00
C45 PCW SB . 1.01 4.47 -20.46
C46 PCW SB . 2.05 5.24 -21.28
C47 PCW SB . 3.45 5.01 -20.74
C48 PCW SB . 4.50 5.78 -21.55
N PCW SB . -2.31 8.08 -10.21
O2 PCW SB . -3.34 11.69 -14.06
O3 PCW SB . -2.40 13.93 -15.47
O11 PCW SB . -1.10 12.25 -14.77
O31 PCW SB . -5.52 11.33 -13.68
O1P PCW SB . -5.35 13.04 -9.42
O2P PCW SB . -5.58 10.54 -9.82
O3P PCW SB . -4.70 12.05 -11.62
O4P PCW SB . -3.29 11.59 -9.59
P PCW SB . -4.83 11.80 -10.03
C1 PCW TB . -2.70 3.25 -16.25
C2 PCW TB . -1.38 2.77 -15.67
C3 PCW TB . -0.57 2.06 -16.74
C4 PCW TB . -3.24 2.21 -11.97
C5 PCW TB . -2.11 1.42 -11.30
C6 PCW TB . -2.45 3.02 -9.44
C7 PCW TB . -2.71 0.56 -9.01
C8 PCW TB . -1.22 0.88 -9.01
C11 PCW TB . 0.38 0.57 -15.29
C12 PCW TB . 1.52 -0.06 -14.48
C13 PCW TB . 2.36 -1.03 -15.34
C14 PCW TB . 3.47 -1.65 -14.50
C15 PCW TB . 4.31 -2.63 -15.32
C16 PCW TB . 5.00 -1.92 -16.49
C17 PCW TB . 5.85 -2.90 -17.31
C18 PCW TB . 6.54 -2.22 -18.47
C19 PCW TB . 7.30 -3.12 -19.20
C20 PCW TB . 8.32 -2.69 -20.03
C21 PCW TB . 8.62 -1.34 -20.14
C22 PCW TB . 8.00 -0.74 -21.41
C23 PCW TB . 8.49 -1.50 -22.65
C24 PCW TB . 10.00 -1.42 -22.78
C25 PCW TB . 10.48 0.02 -22.93
C26 PCW TB . 12.01 0.08 -23.05
C27 PCW TB . 12.48 1.52 -23.25
C28 PCW TB . 11.91 2.11 -24.54
C31 PCW TB . -1.15 4.46 -14.09
C32 PCW TB . -0.45 5.66 -13.45
C33 PCW TB . 0.67 5.22 -12.52
C34 PCW TB . 1.38 6.41 -11.91
C35 PCW TB . 2.52 5.97 -10.98
C36 PCW TB . 3.24 7.17 -10.38
C37 PCW TB . 4.38 6.71 -9.45
C38 PCW TB . 5.13 7.92 -8.86
C39 PCW TB . 6.14 7.51 -8.01
C40 PCW TB . 7.40 8.07 -8.11
C41 PCW TB . 7.67 9.03 -9.08
C42 PCW TB . 9.06 8.82 -9.68
C43 PCW TB . 9.35 9.86 -10.77
C44 PCW TB . 10.76 9.65 -11.35
C45 PCW TB . 11.06 10.66 -12.47
C46 PCW TB . 10.13 10.49 -13.67
C47 PCW TB . 8.68 10.76 -13.30
C48 PCW TB . 7.77 10.60 -14.53
N PCW TB . -2.16 1.64 -9.84
O2 PCW TB . -0.60 3.90 -15.19
O3 PCW TB . 0.65 1.58 -16.15
O11 PCW TB . -0.77 0.15 -15.18
O31 PCW TB . -2.19 4.01 -13.60
O1P PCW TB . -5.36 3.29 -13.48
O2P PCW TB . -4.85 1.52 -15.23
O3P PCW TB . -3.60 3.68 -15.22
O4P PCW TB . -3.20 1.98 -13.39
P PCW TB . -4.36 2.58 -14.32
C1 PCW UB . -12.49 18.05 -7.05
C2 PCW UB . -11.93 18.43 -8.43
C3 PCW UB . -13.03 19.11 -9.23
C4 PCW UB . -12.09 18.71 -3.33
C5 PCW UB . -12.66 17.48 -4.03
C6 PCW UB . -14.75 16.17 -4.15
C7 PCW UB . -14.77 18.40 -3.01
C8 PCW UB . -14.83 18.64 -4.52
C11 PCW UB . -13.41 19.96 -11.33
C12 PCW UB . -12.99 20.51 -12.70
C13 PCW UB . -11.59 21.13 -12.59
C14 PCW UB . -11.08 21.60 -13.96
C15 PCW UB . -9.68 22.20 -13.81
C16 PCW UB . -9.10 22.60 -15.17
C17 PCW UB . -7.71 23.22 -14.98
C18 PCW UB . -7.06 23.57 -16.32
C19 PCW UB . -7.84 24.49 -17.03
C20 PCW UB . -8.77 24.05 -17.95
C21 PCW UB . -8.94 22.69 -18.18
C22 PCW UB . -10.12 22.43 -19.12
C23 PCW UB . -9.87 23.02 -20.52
C24 PCW UB . -9.75 24.54 -20.48
C25 PCW UB . -9.55 25.09 -21.89
C26 PCW UB . -8.33 24.46 -22.57
C27 PCW UB . -8.12 25.03 -23.96
C28 PCW UB . -6.91 24.38 -24.64
C31 PCW UB . -9.70 18.60 -7.99
C32 PCW UB . -8.35 19.32 -7.87
C33 PCW UB . -7.46 19.00 -9.06
C34 PCW UB . -6.13 19.76 -8.99
C35 PCW UB . -5.23 19.41 -10.17
C36 PCW UB . -5.87 19.78 -11.51
C37 PCW UB . -4.94 19.44 -12.67
C38 PCW UB . -5.56 19.84 -14.01
C39 PCW UB . -4.67 19.58 -15.05
C40 PCW UB . -5.08 19.66 -16.38
C41 PCW UB . -6.41 19.98 -16.68
C42 PCW UB . -6.53 20.45 -18.13
C43 PCW UB . -5.69 21.70 -18.38
C44 PCW UB . -5.81 22.18 -19.83
C45 PCW UB . -5.01 23.47 -20.04
C46 PCW UB . -5.14 23.95 -21.50
C47 PCW UB . -4.30 25.21 -21.72
C48 PCW UB . -4.41 25.67 -23.18
N PCW UB . -14.13 17.49 -3.95
O2 PCW UB . -10.81 19.32 -8.30
O3 PCW UB . -12.44 19.56 -10.46
O11 PCW UB . -14.59 19.86 -11.03
O31 PCW UB . -9.78 17.39 -7.82
O1P PCW UB . -10.66 19.69 -5.71
O2P PCW UB . -12.37 21.56 -5.90
O3P PCW UB . -13.02 19.18 -6.37
O4P PCW UB . -12.51 19.90 -4.02
P PCW UB . -12.05 20.17 -5.54
C1 PCW VB . -10.89 -8.50 -33.83
C2 PCW VB . -9.55 -9.23 -33.76
C3 PCW VB . -8.74 -8.91 -35.01
C4 PCW VB . -13.95 -8.29 -30.12
C5 PCW VB . -13.90 -7.48 -28.82
C6 PCW VB . -13.93 -9.22 -27.05
C7 PCW VB . -15.63 -7.37 -27.00
C8 PCW VB . -16.10 -8.41 -28.02
C11 PCW VB . -6.89 -9.46 -36.21
C12 PCW VB . -5.50 -10.04 -36.44
C13 PCW VB . -5.21 -11.19 -35.48
C14 PCW VB . -3.81 -11.75 -35.70
C15 PCW VB . -3.50 -12.90 -34.75
C16 PCW VB . -3.56 -12.44 -33.29
C17 PCW VB . -3.23 -13.59 -32.34
C18 PCW VB . -1.83 -14.13 -32.61
C19 PCW VB . -1.52 -15.19 -31.77
C20 PCW VB . -1.16 -14.96 -30.45
C21 PCW VB . -1.10 -13.66 -29.96
C22 PCW VB . 0.22 -12.98 -30.38
C23 PCW VB . 0.27 -11.55 -29.83
C24 PCW VB . 1.57 -10.86 -30.26
C25 PCW VB . 1.64 -9.43 -29.74
C26 PCW VB . 2.94 -8.75 -30.15
C27 PCW VB . 4.16 -9.51 -29.63
C28 PCW VB . 5.46 -8.82 -30.03
C31 PCW VB . -7.92 -9.77 -32.24
C32 PCW VB . -7.07 -9.58 -30.98
C33 PCW VB . -6.28 -8.28 -30.98
C34 PCW VB . -5.32 -8.18 -32.16
C35 PCW VB . -6.05 -7.91 -33.48
C36 PCW VB . -6.76 -6.55 -33.42
C37 PCW VB . -7.45 -6.23 -34.74
C38 PCW VB . -8.13 -4.86 -34.67
C39 PCW VB . -8.77 -4.56 -35.87
C40 PCW VB . -8.13 -3.79 -36.84
C41 PCW VB . -6.85 -3.29 -36.60
C42 PCW VB . -5.93 -3.60 -37.78
C43 PCW VB . -4.52 -3.07 -37.54
C44 PCW VB . -3.59 -3.39 -38.72
C45 PCW VB . -2.18 -2.84 -38.49
C46 PCW VB . -2.17 -1.31 -38.45
C47 PCW VB . -2.99 -0.77 -37.29
C48 PCW VB . -2.95 0.76 -37.24
N PCW VB . -14.67 -8.18 -27.77
O2 PCW VB . -8.85 -8.83 -32.57
O3 PCW VB . -7.47 -9.55 -34.98
O11 PCW VB . -7.50 -8.91 -37.12
O31 PCW VB . -7.80 -10.77 -32.93
O1P PCW VB . -13.28 -7.10 -33.61
O2P PCW VB . -14.22 -9.29 -32.74
O3P PCW VB . -11.75 -8.87 -32.75
O4P PCW VB . -13.23 -7.61 -31.15
P PCW VB . -13.21 -8.21 -32.64
C1 17F WB . -9.05 -18.14 -21.21
N1 17F WB . -10.69 -19.89 -21.75
O1 17F WB . -7.31 -18.28 -23.07
P1 17F WB . -8.45 -17.63 -23.73
C2 17F WB . -9.28 -19.64 -21.41
O2 17F WB . -9.48 -18.33 -24.54
C3 17F WB . -8.92 -20.39 -20.12
O3 17F WB . -9.35 -17.41 -22.41
C4 17F WB . -9.39 -15.38 -24.74
O4 17F WB . -9.05 -21.63 -20.12
C5 17F WB . -9.07 -13.90 -24.93
O5 17F WB . -8.51 -19.70 -19.16
C6 17F WB . -8.93 -13.22 -23.59
O6 17F WB . -8.35 -16.05 -24.01
C7 17F WB . -8.65 -11.17 -22.60
O7 17F WB . -8.63 -11.83 -23.79
C8 17F WB . -8.35 -9.67 -22.57
O8 17F WB . -8.91 -11.77 -21.57
C9 17F WB . -7.00 -9.36 -23.24
O9 17F WB . -7.84 -13.75 -25.66
C10 17F WB . -6.73 -7.86 -23.25
O10 17F WB . -9.09 -14.61 -27.32
C11 17F WB . -6.64 -7.30 -21.82
C12 17F WB . -6.37 -5.80 -21.84
C17 17F WB . -8.00 -14.18 -26.95
C18 17F WB . -6.82 -14.12 -27.91
C19 17F WB . -6.27 -12.69 -28.02
C20 17F WB . -5.13 -12.61 -29.03
C1X 17F WB . -6.28 -5.24 -20.41
C1Y 17F WB . -4.57 -11.19 -29.12
C1Z 17F WB . -3.47 -11.10 -30.18
C2X 17F WB . -5.99 -3.74 -20.43
C21 17F WB . -5.91 -3.23 -19.14
C22 17F WB . -4.67 -3.10 -18.52
C23 17F WB . -3.52 -3.47 -19.19
C24 17F WB . -2.81 -2.25 -19.79
C25 17F WB . -1.54 -2.64 -20.52
C26 17F WB . -0.83 -1.41 -21.10
C27 17F WB . 0.44 -1.81 -21.85
C28 17F WB . 1.14 -0.57 -22.43
C29 17F WB . 2.40 -0.97 -23.21
C30 17F WB . 3.09 0.27 -23.78
C31 17F WB . -2.87 -9.69 -30.23
C32 17F WB . -1.78 -9.60 -31.30
C33 17F WB . -1.22 -8.33 -31.32
C34 17F WB . -1.30 -7.54 -32.45
C35 17F WB . -1.94 -8.01 -33.59
C36 17F WB . -2.74 -6.88 -34.28
C37 17F WB . -3.46 -7.39 -35.51
C38 17F WB . -4.27 -6.27 -36.17
C39 17F WB . -5.00 -6.77 -37.42
C40 17F WB . -4.01 -7.30 -38.46
C41 17F WB . -4.74 -7.79 -39.71
C42 17F WB . -3.74 -8.32 -40.75
HN1 17F WB . -10.73 -19.36 -22.60
HN1A 17F WB . -11.40 -19.37 -21.28
HAC 17F WB . -10.88 -20.78 -22.15
C1 17F XB . -8.28 16.86 1.04
N1 17F XB . -7.16 19.01 1.47
O1 17F XB . -8.10 17.42 -1.76
P1 17F XB . -7.15 16.39 -1.30
C2 17F XB . -8.36 18.39 0.90
O2 17F XB . -7.27 15.03 -1.85
C3 17F XB . -9.60 18.90 1.65
O3 17F XB . -7.18 16.33 0.31
C4 17F XB . -4.53 16.14 -1.28
O4 17F XB . -10.09 18.15 2.52
C5 17F XB . -3.24 16.75 -1.83
O5 17F XB . -10.04 20.02 1.32
C6 17F XB . -3.28 16.73 -3.35
O6 17F XB . -5.66 16.94 -1.61
C7 17F XB . -2.06 17.23 -5.22
O7 17F XB . -2.04 17.26 -3.85
C8 17F XB . -0.84 17.73 -6.00
O8 17F XB . -3.06 16.80 -5.80
C9 17F XB . -1.06 17.56 -7.50
O9 17F XB . -3.12 18.11 -1.39
C10 17F XB . 0.12 18.09 -8.31
O10 17F XB . -2.65 17.11 0.56
C11 17F XB . 1.40 17.33 -8.00
C12 17F XB . 2.57 17.87 -8.83
C17 17F XB . -2.80 18.16 -0.07
C18 17F XB . -2.63 19.52 0.61
C19 17F XB . -1.58 20.36 -0.12
C20 17F XB . -0.22 19.65 -0.10
C1X 17F XB . 3.86 17.11 -8.54
C1Y 17F XB . 0.84 20.47 -0.85
C1Z 17F XB . 2.21 19.78 -0.77
C2X 17F XB . 5.02 17.63 -9.39
C21 17F XB . 6.18 16.93 -9.14
C22 17F XB . 7.17 16.84 -10.11
C23 17F XB . 7.01 17.46 -11.34
C24 17F XB . 7.16 16.46 -12.49
C25 17F XB . 6.98 17.15 -13.84
C26 17F XB . 5.60 17.81 -13.95
C27 17F XB . 5.44 18.51 -15.30
C28 17F XB . 4.07 19.19 -15.40
C29 17F XB . 3.91 19.88 -16.76
C30 17F XB . 2.54 20.55 -16.88
C31 17F XB . 2.66 19.66 0.69
C32 17F XB . 4.01 18.95 0.80
C33 17F XB . 4.40 18.83 2.13
C34 17F XB . 4.91 17.63 2.61
C35 17F XB . 5.03 16.54 1.77
C36 17F XB . 5.71 15.37 2.49
C37 17F XB . 5.88 14.18 1.55
C38 17F XB . 6.74 14.54 0.34
C39 17F XB . 6.92 13.35 -0.59
C40 17F XB . 7.75 13.72 -1.82
C41 17F XB . 7.06 14.83 -2.63
C42 17F XB . 7.89 15.22 -3.85
HN1 17F XB . -6.35 18.68 0.99
HN1A 17F XB . -7.23 20.00 1.38
HAC 17F XB . -7.10 18.78 2.44
C1 17F YB . -13.22 -2.67 -24.43
N1 17F YB . -14.73 -3.86 -22.89
O1 17F YB . -14.62 -1.38 -26.77
P1 17F YB . -13.84 -2.62 -26.98
C2 17F YB . -13.31 -3.54 -23.16
O2 17F YB . -14.32 -3.58 -27.99
C3 17F YB . -12.70 -2.81 -21.98
O3 17F YB . -13.65 -3.39 -25.57
C4 17F YB . -11.57 -2.96 -28.27
O4 17F YB . -12.73 -1.56 -21.99
C5 17F YB . -10.27 -2.23 -28.64
O5 17F YB . -12.21 -3.50 -21.06
C6 17F YB . -9.52 -3.03 -29.68
O6 17F YB . -12.34 -2.18 -27.35
C7 17F YB . -7.63 -3.15 -30.94
O7 17F YB . -8.29 -2.37 -30.04
C8 17F YB . -6.29 -2.68 -31.51
O8 17F YB . -8.12 -4.22 -31.30
C9 17F YB . -6.42 -2.28 -32.98
O9 17F YB . -10.60 -0.92 -29.14
C10 17F YB . -5.08 -1.84 -33.56
O10 17F YB . -8.48 -0.47 -28.57
C11 17F YB . -4.05 -2.97 -33.46
C12 17F YB . -2.69 -2.55 -34.04
C17 17F YB . -9.54 -0.08 -29.04
C18 17F YB . -9.71 1.38 -29.48
C19 17F YB . -8.44 2.20 -29.26
C20 17F YB . -7.98 2.14 -27.80
C1X 17F YB . -1.68 -3.70 -33.97
C1Y 17F YB . -6.85 3.12 -27.52
C1Z 17F YB . -5.67 2.93 -28.48
C2X 17F YB . -0.33 -3.30 -34.55
C21 17F YB . 0.58 -4.35 -34.45
C22 17F YB . 1.81 -4.30 -35.10
C23 17F YB . 2.16 -3.21 -35.88
C24 17F YB . 3.12 -3.63 -36.99
C25 17F YB . 3.56 -2.41 -37.83
C26 17F YB . 4.29 -1.39 -36.96
C27 17F YB . 4.76 -0.20 -37.81
C28 17F YB . 5.47 0.84 -36.94
C29 17F YB . 5.93 2.03 -37.78
C30 17F YB . 6.62 3.08 -36.89
C31 17F YB . -6.07 3.25 -29.92
C32 17F YB . -4.89 3.10 -30.88
C33 17F YB . -3.86 3.98 -30.58
C34 17F YB . -2.63 3.87 -31.21
C35 17F YB . -2.44 2.85 -32.14
C36 17F YB . -2.23 3.43 -33.55
C37 17F YB . -0.96 4.26 -33.62
C38 17F YB . -0.73 4.77 -35.05
C39 17F YB . 0.57 5.57 -35.14
C40 17F YB . 0.52 6.80 -34.23
C41 17F YB . 1.81 7.61 -34.36
C42 17F YB . 1.78 8.85 -33.45
HN1 17F YB . -15.12 -4.35 -23.67
HN1A 17F YB . -14.78 -4.42 -22.07
HAC 17F YB . -15.23 -3.02 -22.75
C1 17F ZB . -19.81 17.85 -18.50
N1 17F ZB . -21.39 19.59 -17.81
O1 17F ZB . -18.42 20.98 -20.02
P1 17F ZB . -18.67 19.53 -20.18
C2 17F ZB . -21.22 18.41 -18.67
O2 17F ZB . -19.80 19.10 -21.03
C3 17F ZB . -22.26 17.35 -18.26
O3 17F ZB . -18.82 18.84 -18.73
C4 17F ZB . -17.21 18.51 -22.13
O4 17F ZB . -23.33 17.33 -18.90
C5 17F ZB . -15.88 17.81 -22.43
O5 17F ZB . -21.95 16.58 -17.33
C6 17F ZB . -15.82 16.51 -21.64
O6 17F ZB . -17.31 18.86 -20.75
C7 17F ZB . -13.53 16.40 -21.72
O7 17F ZB . -14.68 15.77 -22.09
C8 17F ZB . -12.18 15.83 -22.18
O8 17F ZB . -13.58 17.41 -21.03
C9 17F ZB . -11.28 16.96 -22.68
O9 17F ZB . -15.83 17.46 -23.82
C10 17F ZB . -10.08 16.41 -23.44
O10 17F ZB . -15.28 18.36 -25.79
C11 17F ZB . -9.19 15.52 -22.57
C12 17F ZB . -8.01 15.01 -23.39
C17 17F ZB . -15.41 18.52 -24.57
C18 17F ZB . -15.08 19.86 -23.92
C19 17F ZB . -15.49 21.01 -24.84
C20 17F ZB . -15.00 22.36 -24.30
C1X 17F ZB . -7.01 14.21 -22.55
C1Y 17F ZB . -15.45 23.51 -25.20
C1Z 17F ZB . -14.86 24.84 -24.74
C2X 17F ZB . -5.83 13.76 -23.41
C21 17F ZB . -6.27 12.92 -24.44
C22 17F ZB . -6.37 13.40 -25.75
C23 17F ZB . -6.02 14.72 -26.04
C24 17F ZB . -7.25 15.62 -26.03
C25 17F ZB . -6.88 17.07 -26.35
C26 17F ZB . -6.32 17.20 -27.77
C27 17F ZB . -5.95 18.66 -28.07
C28 17F ZB . -5.48 18.82 -29.52
C29 17F ZB . -4.25 17.95 -29.81
C30 17F ZB . -3.79 18.11 -31.25
C31 17F ZB . -13.33 24.81 -24.85
C32 17F ZB . -12.73 26.16 -24.45
C33 17F ZB . -11.33 26.12 -24.52
C34 17F ZB . -10.64 27.17 -25.11
C35 17F ZB . -11.33 28.26 -25.63
C36 17F ZB . -10.89 29.57 -24.97
C37 17F ZB . -9.40 29.83 -25.22
C38 17F ZB . -8.95 31.14 -24.59
C39 17F ZB . -7.48 31.42 -24.85
C40 17F ZB . -7.05 32.74 -24.20
C41 17F ZB . -5.58 33.03 -24.48
C42 17F ZB . -4.67 31.93 -23.94
HN1 17F ZB . -22.34 19.80 -18.01
HN1A 17F ZB . -21.02 20.47 -18.11
HAC 17F ZB . -21.51 19.39 -16.84
C1 17F AC . -18.94 26.63 -4.42
N1 17F AC . -17.89 24.89 -5.79
O1 17F AC . -17.13 27.86 -2.63
P1 17F AC . -16.94 28.29 -4.03
C2 17F AC . -18.15 25.32 -4.40
O2 17F AC . -16.80 29.73 -4.30
C3 17F AC . -18.94 24.25 -3.65
O3 17F AC . -18.14 27.71 -4.93
C4 17F AC . -14.51 28.30 -5.01
O4 17F AC . -19.96 23.79 -4.21
C5 17F AC . -13.28 27.44 -5.28
O5 17F AC . -18.51 23.91 -2.52
C6 17F AC . -13.52 26.54 -6.48
O6 17F AC . -15.63 27.53 -4.60
C7 17F AC . -11.51 25.52 -5.99
O7 17F AC . -12.23 26.15 -6.96
C8 17F AC . -10.05 25.14 -6.24
O8 17F AC . -12.05 25.25 -4.92
C9 17F AC . -9.33 24.81 -4.94
O9 17F AC . -12.17 28.29 -5.60
C10 17F AC . -7.81 24.82 -5.13
O10 17F AC . -12.05 28.46 -3.37
C11 17F AC . -7.31 26.21 -5.51
C12 17F AC . -5.80 26.27 -5.66
C17 17F AC . -11.59 28.76 -4.47
C18 17F AC . -10.34 29.65 -4.58
C19 17F AC . -10.52 30.99 -3.87
C20 17F AC . -9.26 31.83 -4.02
C1X 17F AC . -5.34 27.69 -5.99
C1Y 17F AC . -9.41 33.21 -3.37
C1Z 17F AC . -8.14 34.04 -3.57
C2X 17F AC . -3.82 27.78 -6.14
C21 17F AC . -3.36 27.00 -7.20
C22 17F AC . -2.69 27.59 -8.26
C23 17F AC . -2.48 28.96 -8.27
C24 17F AC . -1.11 29.31 -7.68
C25 17F AC . -0.87 30.82 -7.73
C26 17F AC . 0.50 31.18 -7.14
C27 17F AC . 0.75 32.69 -7.22
C28 17F AC . 2.10 33.05 -6.62
C29 17F AC . 2.37 34.55 -6.71
C30 17F AC . 3.72 34.91 -6.08
C31 17F AC . -8.27 35.42 -2.93
C32 17F AC . -7.00 36.25 -3.16
C33 17F AC . -7.11 37.49 -2.57
C34 17F AC . -6.03 38.01 -1.85
C35 17F AC . -4.86 37.28 -1.74
C36 17F AC . -3.64 38.14 -2.11
C37 17F AC . -3.53 39.35 -1.19
C38 17F AC . -2.31 40.20 -1.55
C39 17F AC . -2.21 41.43 -0.64
C40 17F AC . -2.10 41.02 0.84
C41 17F AC . -2.03 42.26 1.73
C42 17F AC . -3.25 43.14 1.55
HN1 17F AC . -18.84 24.83 -6.09
HN1A 17F AC . -17.66 23.94 -5.97
HAC 17F AC . -17.61 25.62 -6.40
C1 17F BC . 2.36 -14.94 -0.87
N1 17F BC . 0.45 -14.61 0.63
O1 17F BC . 3.32 -11.48 0.43
P1 17F BC . 2.95 -12.37 -0.69
C2 17F BC . 0.86 -14.73 -0.78
O2 17F BC . 1.63 -12.18 -1.33
C3 17F BC . 0.13 -15.91 -1.42
O3 17F BC . 3.09 -13.91 -0.20
C4 17F BC . 5.29 -11.52 -1.53
O4 17F BC . -1.11 -15.81 -1.58
C5 17F BC . 6.29 -11.63 -2.67
O5 17F BC . 0.82 -16.89 -1.75
C6 17F BC . 5.72 -11.03 -3.95
O6 17F BC . 4.09 -12.24 -1.81
C7 17F BC . 6.31 -10.46 -6.10
O7 17F BC . 6.72 -11.12 -4.97
C8 17F BC . 7.25 -10.42 -7.32
O8 17F BC . 5.22 -9.91 -6.12
C9 17F BC . 6.90 -9.24 -8.23
O9 17F BC . 7.49 -10.92 -2.35
C10 17F BC . 7.87 -9.18 -9.42
O10 17F BC . 8.34 -12.39 -3.79
C11 17F BC . 7.50 -8.04 -10.36
C12 17F BC . 8.49 -7.96 -11.53
C17 17F BC . 8.53 -11.42 -3.07
C18 17F BC . 9.92 -10.79 -2.95
C19 17F BC . 10.72 -11.03 -4.23
C20 17F BC . 12.09 -10.35 -4.16
C1X 17F BC . 8.09 -6.86 -12.52
C1Y 17F BC . 12.89 -10.59 -5.43
C1Z 17F BC . 12.13 -10.08 -6.67
C2X 17F BC . 9.09 -6.79 -13.67
C21 17F BC . 8.68 -5.86 -14.63
C22 17F BC . 9.37 -4.67 -14.79
C23 17F BC . 10.46 -4.36 -14.00
C24 17F BC . 10.08 -3.44 -12.84
C25 17F BC . 11.30 -3.11 -11.98
C26 17F BC . 12.36 -2.37 -12.80
C27 17F BC . 13.58 -2.05 -11.94
C28 17F BC . 14.64 -1.30 -12.74
C29 17F BC . 14.11 0.04 -13.27
C30 17F BC . 15.18 0.79 -14.07
C31 17F BC . 12.94 -10.29 -7.94
C32 17F BC . 12.18 -9.81 -9.17
C33 17F BC . 12.94 -9.96 -10.32
C34 17F BC . 12.35 -10.35 -11.52
C35 17F BC . 10.99 -10.59 -11.58
C36 17F BC . 10.43 -10.20 -12.95
C37 17F BC . 8.93 -10.51 -13.06
C38 17F BC . 8.37 -10.07 -14.41
C39 17F BC . 6.89 -10.41 -14.54
C40 17F BC . 6.66 -11.91 -14.45
C41 17F BC . 5.18 -12.26 -14.60
C42 17F BC . 4.94 -13.77 -14.51
HN1 17F BC . 0.72 -15.44 1.13
HN1A 17F BC . 0.92 -13.82 1.04
HAC 17F BC . -0.53 -14.48 0.69
C1 17F CC . -19.38 14.80 -11.27
N1 17F CC . -19.14 17.08 -12.16
O1 17F CC . -16.23 15.15 -9.28
P1 17F CC . -17.02 15.67 -10.42
C2 17F CC . -19.53 15.71 -12.49
O2 17F CC . -17.77 16.94 -10.25
C3 17F CC . -20.99 15.67 -12.97
O3 17F CC . -18.03 14.52 -10.94
C4 17F CC . -16.44 16.50 -12.85
O4 17F CC . -21.20 15.85 -14.19
C5 17F CC . -15.29 16.63 -13.86
O5 17F CC . -21.87 15.45 -12.11
C6 17F CC . -15.78 17.35 -15.09
O6 17F CC . -16.01 15.84 -11.67
C7 17F CC . -13.97 18.62 -15.64
O7 17F CC . -14.71 17.53 -16.02
C8 17F CC . -12.74 19.00 -16.47
O8 17F CC . -14.32 19.28 -14.68
C9 17F CC . -11.46 18.89 -15.62
O9 17F CC . -14.21 17.35 -13.23
C10 17F CC . -10.24 19.27 -16.46
O10 17F CC . -12.11 16.96 -12.56
C11 17F CC . -10.07 18.33 -17.65
C12 17F CC . -8.92 18.75 -18.55
C17 17F CC . -13.12 16.54 -13.10
C18 17F CC . -13.18 15.10 -13.62
C19 17F CC . -11.78 14.58 -13.95
C20 17F CC . -10.90 14.55 -12.70
C1X 17F CC . -8.76 17.81 -19.74
C1Y 17F CC . -9.47 14.14 -13.06
C1Z 17F CC . -8.82 15.14 -14.01
C2X 17F CC . -7.63 18.27 -20.67
C21 17F CC . -7.89 19.53 -21.19
C22 17F CC . -7.09 20.05 -22.19
C23 17F CC . -6.01 19.33 -22.67
C24 17F CC . -4.97 20.24 -23.31
C25 17F CC . -3.78 19.43 -23.84
C26 17F CC . -2.74 20.36 -24.47
C27 17F CC . -1.53 19.55 -24.98
C28 17F CC . -0.48 20.47 -25.60
C29 17F CC . 0.74 19.67 -26.08
C30 17F CC . 1.80 20.60 -26.68
C31 17F CC . -7.41 14.72 -14.40
C32 17F CC . -6.75 15.76 -15.30
C33 17F CC . -7.47 15.94 -16.46
C34 17F CC . -6.85 16.34 -17.64
C35 17F CC . -5.47 16.57 -17.63
C36 17F CC . -5.02 17.26 -18.92
C37 17F CC . -3.51 17.49 -18.92
C38 17F CC . -3.05 18.14 -20.23
C39 17F CC . -1.53 18.35 -20.23
C40 17F CC . -1.07 18.98 -21.53
C41 17F CC . 0.45 19.18 -21.53
C42 17F CC . 0.92 19.82 -22.84
HN1 17F CC . -18.18 16.91 -11.95
HN1A 17F CC . -19.38 17.46 -11.28
HAC 17F CC . -18.98 17.67 -12.96
C1 PCW DC . 27.47 4.52 -29.25
C2 PCW DC . 26.43 3.59 -28.64
C3 PCW DC . 27.10 2.28 -28.25
C4 PCW DC . 30.55 6.16 -26.24
C5 PCW DC . 30.47 7.18 -25.11
C6 PCW DC . 32.19 8.34 -26.45
C7 PCW DC . 30.09 9.56 -25.81
C8 PCW DC . 31.02 9.58 -24.59
C11 PCW DC . 26.81 0.29 -27.15
C12 PCW DC . 26.03 -0.78 -26.39
C13 PCW DC . 26.96 -1.78 -25.71
C14 PCW DC . 26.17 -2.88 -25.00
C15 PCW DC . 27.09 -3.90 -24.34
C16 PCW DC . 26.29 -5.01 -23.67
C17 PCW DC . 25.37 -4.44 -22.58
C18 PCW DC . 24.53 -5.54 -21.94
C19 PCW DC . 23.66 -5.02 -20.99
C20 PCW DC . 22.45 -5.64 -20.71
C21 PCW DC . 22.08 -6.80 -21.41
C22 PCW DC . 20.56 -6.83 -21.62
C23 PCW DC . 20.14 -8.08 -22.38
C24 PCW DC . 18.63 -8.12 -22.60
C25 PCW DC . 18.15 -6.92 -23.43
C26 PCW DC . 16.65 -6.99 -23.66
C27 PCW DC . 15.88 -6.98 -22.33
C28 PCW DC . 14.38 -7.05 -22.56
C31 PCW DC . 24.60 3.76 -27.26
C32 PCW DC . 23.83 4.27 -26.05
C33 PCW DC . 23.04 3.13 -25.38
C34 PCW DC . 21.91 2.64 -26.27
C35 PCW DC . 21.29 1.35 -25.70
C36 PCW DC . 20.07 0.91 -26.50
C37 PCW DC . 19.68 -0.53 -26.15
C38 PCW DC . 18.39 -0.95 -26.86
C39 PCW DC . 18.26 -2.33 -26.84
C40 PCW DC . 17.39 -2.98 -25.97
C41 PCW DC . 16.62 -2.28 -25.05
C42 PCW DC . 15.72 -3.26 -24.28
C43 PCW DC . 14.85 -2.54 -23.25
C44 PCW DC . 13.98 -3.57 -22.50
C45 PCW DC . 13.10 -2.89 -21.45
C46 PCW DC . 12.23 -3.94 -20.73
C47 PCW DC . 13.12 -5.01 -20.08
C48 PCW DC . 12.26 -6.05 -19.35
N PCW DC . 31.03 8.46 -25.55
O2 PCW DC . 25.87 4.20 -27.47
O3 PCW DC . 26.18 1.41 -27.56
O11 PCW DC . 28.01 0.13 -27.39
O31 PCW DC . 24.10 2.96 -28.04
O1P PCW DC . 31.01 5.00 -28.86
O2P PCW DC . 29.31 6.61 -29.84
O3P PCW DC . 28.59 4.70 -28.37
O4P PCW DC . 29.83 6.64 -27.37
P PCW DC . 29.75 5.75 -28.71
C1 PCW EC . 27.92 9.35 -17.89
C2 PCW EC . 26.68 9.27 -16.99
C3 PCW EC . 25.55 10.13 -17.55
C4 PCW EC . 29.30 6.00 -18.98
C5 PCW EC . 30.04 5.33 -17.83
C6 PCW EC . 32.30 4.43 -17.36
C7 PCW EC . 31.96 5.99 -19.30
C8 PCW EC . 32.05 6.84 -18.03
C11 PCW EC . 23.77 8.94 -16.74
C12 PCW EC . 22.58 8.67 -15.80
C13 PCW EC . 21.99 7.29 -16.06
C14 PCW EC . 20.92 6.92 -15.02
C15 PCW EC . 19.72 7.88 -15.06
C16 PCW EC . 18.68 7.44 -14.03
C17 PCW EC . 17.44 8.33 -14.06
C18 PCW EC . 16.42 7.85 -13.02
C19 PCW EC . 15.27 8.63 -13.06
C20 PCW EC . 14.06 8.12 -12.57
C21 PCW EC . 14.01 6.83 -12.07
C22 PCW EC . 13.04 6.75 -10.90
C23 PCW EC . 12.96 5.32 -10.34
C24 PCW EC . 12.01 5.23 -9.15
C25 PCW EC . 10.59 5.63 -9.56
C26 PCW EC . 9.62 5.50 -8.39
C27 PCW EC . 10.04 6.38 -7.22
C28 PCW EC . 9.07 6.22 -6.04
C31 PCW EC . 27.26 7.12 -16.39
C32 PCW EC . 27.00 5.62 -16.20
C33 PCW EC . 25.55 5.37 -15.79
C34 PCW EC . 25.28 3.88 -15.56
C35 PCW EC . 23.84 3.66 -15.11
C36 PCW EC . 23.54 4.47 -13.83
C37 PCW EC . 22.10 4.29 -13.38
C38 PCW EC . 21.83 5.09 -12.11
C39 PCW EC . 20.53 4.94 -11.66
C40 PCW EC . 20.28 4.83 -10.29
C41 PCW EC . 21.33 4.88 -9.39
C42 PCW EC . 21.30 6.18 -8.58
C43 PCW EC . 20.01 6.30 -7.78
C44 PCW EC . 20.01 7.60 -6.96
C45 PCW EC . 18.72 7.72 -6.13
C46 PCW EC . 18.71 9.01 -5.31
C47 PCW EC . 17.45 9.10 -4.46
C48 PCW EC . 17.43 10.39 -3.64
N PCW EC . 31.49 5.47 -18.01
O2 PCW EC . 26.26 7.90 -16.87
O3 PCW EC . 24.45 10.11 -16.63
O11 PCW EC . 24.09 8.13 -17.59
O31 PCW EC . 28.35 7.61 -16.10
O1P PCW EC . 30.04 9.36 -20.16
O2P PCW EC . 28.69 7.33 -21.14
O3P PCW EC . 27.70 8.65 -19.12
O4P PCW EC . 29.64 7.39 -19.02
P PCW EC . 28.95 8.36 -20.11
C1 PCW FC . 29.62 10.80 -7.61
C2 PCW FC . 28.11 11.02 -7.76
C3 PCW FC . 27.87 11.92 -8.96
C4 PCW FC . 30.52 10.09 -3.70
C5 PCW FC . 30.68 11.07 -2.54
C6 PCW FC . 28.36 10.42 -1.97
C7 PCW FC . 30.20 10.02 -0.31
C8 PCW FC . 29.81 11.51 -0.22
C11 PCW FC . 26.27 12.81 -10.32
C12 PCW FC . 24.85 13.08 -10.80
C13 PCW FC . 24.31 11.86 -11.56
C14 PCW FC . 22.92 12.15 -12.16
C15 PCW FC . 22.41 10.95 -12.94
C16 PCW FC . 21.07 11.27 -13.62
C17 PCW FC . 21.23 12.47 -14.56
C18 PCW FC . 19.92 12.82 -15.25
C19 PCW FC . 20.07 13.94 -16.06
C20 PCW FC . 19.35 14.07 -17.23
C21 PCW FC . 18.46 13.08 -17.63
C22 PCW FC . 18.57 12.82 -19.13
C23 PCW FC . 17.57 11.75 -19.59
C24 PCW FC . 16.13 12.21 -19.33
C25 PCW FC . 15.80 13.48 -20.11
C26 PCW FC . 14.36 13.91 -19.88
C27 PCW FC . 14.02 15.18 -20.67
C28 PCW FC . 12.57 15.61 -20.42
C31 PCW FC . 27.33 9.08 -6.82
C32 PCW FC . 26.66 7.71 -6.83
C33 PCW FC . 25.26 7.81 -7.45
C34 PCW FC . 24.34 8.70 -6.59
C35 PCW FC . 24.13 8.07 -5.21
C36 PCW FC . 23.14 8.90 -4.36
C37 PCW FC . 22.90 8.22 -3.01
C38 PCW FC . 21.87 9.00 -2.19
C39 PCW FC . 21.62 8.37 -0.97
C40 PCW FC . 20.92 9.05 0.02
C41 PCW FC . 20.47 10.34 -0.21
C42 PCW FC . 18.94 10.39 -0.27
C43 PCW FC . 18.47 11.83 -0.53
C44 PCW FC . 16.93 11.90 -0.59
C45 PCW FC . 16.48 13.33 -0.87
C46 PCW FC . 14.96 13.43 -0.91
C47 PCW FC . 14.34 12.99 0.42
C48 PCW FC . 12.81 13.09 0.36
N PCW FC . 29.71 10.75 -1.49
O2 PCW FC . 27.46 9.76 -7.99
O3 PCW FC . 26.46 12.05 -9.20
O11 PCW FC . 27.24 13.29 -10.91
O31 PCW FC . 27.76 9.56 -5.77
O1P PCW FC . 31.55 8.14 -5.78
O2P PCW FC . 32.33 10.16 -7.09
O3P PCW FC . 29.89 9.80 -6.63
O4P PCW FC . 31.42 10.44 -4.76
P PCW FC . 31.39 9.57 -6.11
C1 17F GC . 27.06 27.27 -19.47
N1 17F GC . 26.49 24.89 -19.69
O1 17F GC . 26.53 29.66 -17.98
P1 17F GC . 26.67 28.46 -17.14
C2 17F GC . 27.45 25.93 -20.10
O2 17F GC . 27.52 28.54 -15.93
C3 17F GC . 28.85 25.54 -19.62
O3 17F GC . 27.14 27.21 -18.03
C4 17F GC . 25.04 26.96 -15.73
O4 17F GC . 29.03 25.41 -18.39
C5 17F GC . 23.62 26.39 -15.76
O5 17F GC . 29.73 25.36 -20.50
C6 17F GC . 22.60 27.43 -15.30
O6 17F GC . 25.19 28.01 -16.69
C7 17F GC . 21.36 26.04 -13.99
O7 17F GC . 21.33 26.79 -15.13
C8 17F GC . 20.13 25.24 -13.59
O8 17F GC . 22.37 26.05 -13.29
C9 17F GC . 20.54 23.87 -13.02
O9 17F GC . 23.32 25.95 -17.09
C10 17F GC . 19.31 23.04 -12.63
O10 17F GC . 22.50 24.18 -18.18
C11 17F GC . 18.41 22.82 -13.85
C12 17F GC . 17.19 21.97 -13.49
C17 17F GC . 22.76 24.71 -17.10
C18 17F GC . 22.49 23.98 -15.79
C19 17F GC . 23.67 23.07 -15.43
C20 17F GC . 23.38 22.27 -14.16
C1X 17F GC . 16.27 21.81 -14.71
C1Y 17F GC . 24.57 21.38 -13.80
C1Z 17F GC . 24.28 20.55 -12.54
C2X 17F GC . 15.09 20.90 -14.39
C21 17F GC . 14.34 21.41 -13.34
C22 17F GC . 13.75 20.55 -12.43
C23 17F GC . 13.91 19.17 -12.57
C24 17F GC . 12.63 18.42 -12.22
C25 17F GC . 12.80 16.91 -12.38
C26 17F GC . 11.53 16.16 -12.00
C27 17F GC . 11.72 14.65 -12.17
C28 17F GC . 10.46 13.88 -11.76
C29 17F GC . 10.12 14.14 -10.30
C30 17F GC . 8.84 13.39 -9.89
C31 17F GC . 25.51 19.70 -12.17
C32 17F GC . 25.24 18.84 -10.93
C33 17F GC . 26.38 18.15 -10.56
C34 17F GC . 26.30 16.87 -10.01
C35 17F GC . 25.07 16.25 -9.81
C36 17F GC . 24.47 16.66 -8.47
C37 17F GC . 23.19 15.86 -8.18
C38 17F GC . 22.58 16.28 -6.85
C39 17F GC . 21.40 15.38 -6.47
C40 17F GC . 21.87 13.93 -6.28
C41 17F GC . 20.71 13.02 -5.87
C42 17F GC . 21.21 11.59 -5.69
HN1 17F GC . 26.90 24.13 -20.18
HN1A 17F GC . 25.60 24.85 -20.15
HAC 17F GC . 26.62 24.52 -18.77
C1 17F HC . 27.97 16.91 -22.57
N1 17F HC . 27.76 18.00 -20.38
O1 17F HC . 25.42 15.54 -23.02
P1 17F HC . 25.36 17.02 -22.95
C2 17F HC . 27.81 16.70 -21.06
O2 17F HC . 24.44 17.74 -23.86
C3 17F HC . 28.99 15.87 -20.54
O3 17F HC . 26.85 17.63 -23.11
C4 17F HC . 23.96 18.38 -21.18
O4 17F HC . 29.97 16.51 -20.07
C5 17F HC . 23.55 18.35 -19.71
O5 17F HC . 28.91 14.63 -20.62
C6 17F HC . 22.37 19.28 -19.51
O6 17F HC . 24.98 17.42 -21.43
C7 17F HC . 20.66 19.83 -18.11
O7 17F HC . 21.86 19.19 -18.17
C8 17F HC . 19.87 19.84 -16.79
O8 17F HC . 20.21 20.36 -19.11
C9 17F HC . 19.23 18.46 -16.57
O9 17F HC . 23.19 17.01 -19.37
C10 17F HC . 18.43 18.42 -15.28
O10 17F HC . 23.44 17.72 -17.25
C11 17F HC . 17.89 17.00 -15.06
C12 17F HC . 17.11 16.87 -13.75
C17 17F HC . 23.17 16.81 -18.02
C18 17F HC . 22.83 15.40 -17.49
C19 17F HC . 23.14 15.27 -16.00
C20 17F HC . 22.07 15.92 -15.14
C1X 17F HC . 16.63 15.44 -13.55
C1Y 17F HC . 22.40 15.75 -13.65
C1Z 17F HC . 21.18 15.99 -12.75
C2X 17F HC . 15.91 15.25 -12.22
C21 17F HC . 15.55 13.91 -12.06
C22 17F HC . 14.66 13.54 -11.05
C23 17F HC . 14.11 14.49 -10.20
C24 17F HC . 13.78 13.86 -8.85
C25 17F HC . 13.09 14.86 -7.92
C26 17F HC . 12.79 14.23 -6.57
C27 17F HC . 12.04 15.19 -5.65
C28 17F HC . 11.77 14.55 -4.28
C29 17F HC . 10.98 13.25 -4.45
C30 17F HC . 10.74 12.58 -3.10
C31 17F HC . 20.66 17.42 -12.88
C32 17F HC . 19.45 17.61 -11.97
C33 17F HC . 18.91 18.89 -12.06
C34 17F HC . 18.39 19.49 -10.93
C35 17F HC . 18.39 18.81 -9.71
C36 17F HC . 17.11 18.00 -9.52
C37 17F HC . 15.88 18.90 -9.47
C38 17F HC . 14.61 18.08 -9.27
C39 17F HC . 13.38 18.99 -9.20
C40 17F HC . 12.09 18.19 -8.99
C41 17F HC . 10.88 19.11 -8.92
C42 17F HC . 9.59 18.32 -8.69
HN1 17F HC . 26.94 18.36 -20.82
HN1A 17F HC . 28.37 18.73 -20.67
HAC 17F HC . 27.38 17.97 -19.45
ZN ZN IC . -12.65 10.07 -0.32
ZN ZN JC . -13.23 -3.42 -3.46
N LEU A 1 16.12 -33.23 -22.51
CA LEU A 1 16.60 -34.07 -21.42
C LEU A 1 17.74 -33.40 -20.68
N LYS A 2 18.29 -32.35 -21.27
CA LYS A 2 19.40 -31.61 -20.68
C LYS A 2 19.06 -31.12 -19.27
N LEU A 3 17.86 -30.56 -19.12
CA LEU A 3 17.40 -30.04 -17.83
C LEU A 3 17.23 -31.18 -16.81
N LEU A 4 16.76 -32.32 -17.30
CA LEU A 4 16.53 -33.47 -16.44
C LEU A 4 17.85 -34.13 -16.05
N ASP A 5 18.78 -34.20 -16.99
CA ASP A 5 20.08 -34.80 -16.75
C ASP A 5 20.83 -34.01 -15.68
N ASN A 6 20.80 -32.70 -15.81
CA ASN A 6 21.46 -31.82 -14.86
C ASN A 6 20.76 -31.88 -13.50
N TRP A 7 19.44 -32.03 -13.55
CA TRP A 7 18.62 -32.11 -12.34
C TRP A 7 19.06 -33.31 -11.50
N ASP A 8 19.45 -34.39 -12.17
CA ASP A 8 19.90 -35.59 -11.49
C ASP A 8 21.14 -35.29 -10.64
N SER A 9 22.08 -34.55 -11.20
CA SER A 9 23.29 -34.19 -10.48
C SER A 9 22.95 -33.39 -9.23
N VAL A 10 21.96 -32.51 -9.34
CA VAL A 10 21.51 -31.70 -8.22
C VAL A 10 20.86 -32.60 -7.18
N THR A 11 20.05 -33.53 -7.66
CA THR A 11 19.36 -34.49 -6.79
C THR A 11 20.37 -35.33 -6.01
N SER A 12 21.41 -35.79 -6.70
CA SER A 12 22.46 -36.58 -6.06
C SER A 12 23.14 -35.76 -4.98
N THR A 13 23.38 -34.48 -5.29
CA THR A 13 24.02 -33.58 -4.35
C THR A 13 23.12 -33.35 -3.14
N PHE A 14 21.81 -33.25 -3.40
CA PHE A 14 20.83 -33.06 -2.34
C PHE A 14 20.91 -34.21 -1.35
N SER A 15 20.95 -35.42 -1.87
CA SER A 15 21.04 -36.62 -1.06
C SER A 15 22.34 -36.62 -0.27
N LYS A 16 23.45 -36.25 -0.92
CA LYS A 16 24.74 -36.20 -0.27
C LYS A 16 24.70 -35.18 0.87
N LEU A 17 24.08 -34.04 0.60
CA LEU A 17 23.94 -32.99 1.59
C LEU A 17 23.09 -33.46 2.75
N ARG A 18 21.99 -34.14 2.43
CA ARG A 18 21.10 -34.67 3.44
C ARG A 18 21.79 -35.77 4.27
N GLU A 19 22.60 -36.58 3.59
CA GLU A 19 23.33 -37.65 4.25
C GLU A 19 24.34 -37.06 5.23
N GLN A 20 24.91 -35.92 4.86
CA GLN A 20 25.86 -35.24 5.73
C GLN A 20 25.12 -34.45 6.80
N LEU A 21 23.92 -33.97 6.45
CA LEU A 21 23.08 -33.20 7.37
C LEU A 21 22.82 -33.94 8.66
N GLY A 22 22.60 -35.25 8.57
CA GLY A 22 22.37 -36.06 9.75
C GLY A 22 23.52 -35.91 10.75
N PRO A 23 24.71 -36.44 10.41
CA PRO A 23 25.90 -36.32 11.25
C PRO A 23 26.16 -34.87 11.64
N VAL A 24 25.99 -33.95 10.68
CA VAL A 24 26.19 -32.52 10.94
C VAL A 24 25.30 -32.05 12.08
N THR A 25 24.02 -32.40 12.02
CA THR A 25 23.08 -32.02 13.06
C THR A 25 23.48 -32.68 14.38
N GLN A 26 23.83 -33.96 14.31
CA GLN A 26 24.24 -34.71 15.49
C GLN A 26 25.48 -34.09 16.14
N GLU A 27 26.50 -33.85 15.33
CA GLU A 27 27.75 -33.27 15.80
C GLU A 27 27.57 -31.81 16.24
N PHE A 28 26.78 -31.06 15.47
CA PHE A 28 26.53 -29.66 15.80
C PHE A 28 25.76 -29.52 17.10
N TRP A 29 24.64 -30.23 17.20
CA TRP A 29 23.83 -30.17 18.41
C TRP A 29 24.59 -30.69 19.63
N ASP A 30 25.47 -31.66 19.39
CA ASP A 30 26.28 -32.23 20.47
C ASP A 30 27.17 -31.15 21.06
N ASN A 31 27.84 -30.40 20.20
CA ASN A 31 28.70 -29.32 20.64
C ASN A 31 27.88 -28.13 21.11
N LEU A 32 26.77 -27.88 20.42
CA LEU A 32 25.88 -26.78 20.77
C LEU A 32 25.40 -26.96 22.20
N GLU A 33 24.97 -28.17 22.52
CA GLU A 33 24.48 -28.48 23.85
C GLU A 33 25.57 -28.34 24.91
N LYS A 34 26.82 -28.59 24.53
CA LYS A 34 27.93 -28.44 25.46
C LYS A 34 28.04 -26.97 25.82
N GLU A 35 27.85 -26.12 24.82
CA GLU A 35 27.91 -24.68 25.01
C GLU A 35 26.74 -24.21 25.88
N THR A 36 25.55 -24.76 25.66
CA THR A 36 24.37 -24.40 26.44
C THR A 36 24.49 -24.95 27.85
N GLU A 37 25.05 -26.16 27.97
CA GLU A 37 25.25 -26.79 29.26
C GLU A 37 26.20 -25.93 30.09
N GLY A 38 27.22 -25.42 29.43
CA GLY A 38 28.17 -24.54 30.10
C GLY A 38 27.45 -23.30 30.59
N LEU A 39 26.56 -22.79 29.73
CA LEU A 39 25.78 -21.61 30.07
C LEU A 39 24.85 -21.91 31.24
N ARG A 40 24.44 -23.16 31.36
CA ARG A 40 23.56 -23.58 32.44
C ARG A 40 24.33 -23.60 33.75
N GLN A 41 25.56 -24.09 33.70
CA GLN A 41 26.42 -24.12 34.88
C GLN A 41 26.74 -22.69 35.26
N GLU A 42 26.97 -21.88 34.23
CA GLU A 42 27.29 -20.48 34.40
C GLU A 42 26.07 -19.69 34.88
N MET A 43 24.88 -20.21 34.60
CA MET A 43 23.64 -19.55 35.02
C MET A 43 23.61 -19.43 36.53
N SER A 44 24.18 -20.42 37.20
CA SER A 44 24.26 -20.44 38.65
C SER A 44 25.34 -19.48 39.16
N LYS A 45 25.92 -18.71 38.24
CA LYS A 45 26.96 -17.74 38.56
C LYS A 45 26.60 -16.40 37.95
N ASP A 46 26.52 -16.37 36.63
CA ASP A 46 26.20 -15.17 35.86
C ASP A 46 24.88 -14.54 36.31
N LEU A 47 23.84 -15.37 36.39
CA LEU A 47 22.53 -14.89 36.81
C LEU A 47 22.34 -14.96 38.32
N GLU A 48 22.77 -16.05 38.93
CA GLU A 48 22.63 -16.23 40.38
C GLU A 48 23.33 -15.12 41.16
N GLU A 49 24.61 -14.88 40.84
CA GLU A 49 25.38 -13.85 41.53
C GLU A 49 24.82 -12.47 41.22
N VAL A 50 24.32 -12.30 40.00
CA VAL A 50 23.75 -11.04 39.58
C VAL A 50 22.45 -10.75 40.34
N LYS A 51 21.80 -11.81 40.82
CA LYS A 51 20.56 -11.68 41.58
C LYS A 51 20.85 -11.59 43.07
N ALA A 52 21.94 -12.22 43.50
CA ALA A 52 22.33 -12.21 44.90
C ALA A 52 23.01 -10.90 45.24
N LYS A 53 23.85 -10.40 44.33
CA LYS A 53 24.56 -9.16 44.55
C LYS A 53 23.75 -7.94 44.11
N VAL A 54 22.69 -8.17 43.34
CA VAL A 54 21.85 -7.04 42.90
C VAL A 54 21.14 -6.40 44.08
N GLN A 55 20.92 -7.20 45.13
CA GLN A 55 20.25 -6.72 46.32
C GLN A 55 21.07 -5.64 47.02
N PRO A 56 22.31 -5.93 47.48
CA PRO A 56 23.15 -4.92 48.14
C PRO A 56 23.50 -3.78 47.18
N TYR A 57 23.56 -4.09 45.88
CA TYR A 57 23.88 -3.10 44.88
C TYR A 57 22.73 -2.11 44.73
N LEU A 58 21.53 -2.65 44.55
CA LEU A 58 20.33 -1.82 44.41
C LEU A 58 20.01 -1.13 45.74
N ASP A 59 20.30 -1.82 46.83
CA ASP A 59 20.08 -1.28 48.17
C ASP A 59 20.92 -0.02 48.36
N ASP A 60 22.15 -0.08 47.87
CA ASP A 60 23.06 1.06 47.96
C ASP A 60 22.56 2.19 47.08
N PHE A 61 22.24 1.87 45.83
CA PHE A 61 21.74 2.85 44.87
C PHE A 61 20.42 3.45 45.36
N GLN A 62 19.55 2.61 45.87
CA GLN A 62 18.24 3.04 46.37
C GLN A 62 18.42 4.01 47.53
N LYS A 63 19.29 3.66 48.48
CA LYS A 63 19.54 4.51 49.63
C LYS A 63 20.10 5.85 49.20
N LYS A 64 21.08 5.81 48.31
CA LYS A 64 21.68 7.03 47.80
C LYS A 64 20.67 7.84 47.02
N TRP A 65 19.87 7.15 46.20
CA TRP A 65 18.84 7.80 45.40
C TRP A 65 17.80 8.44 46.30
N GLN A 66 17.48 7.78 47.40
CA GLN A 66 16.52 8.32 48.35
C GLN A 66 17.07 9.59 48.95
N GLU A 67 18.34 9.55 49.35
CA GLU A 67 19.00 10.72 49.91
C GLU A 67 18.99 11.82 48.87
N GLU A 68 19.31 11.43 47.64
CA GLU A 68 19.33 12.35 46.50
C GLU A 68 17.96 13.01 46.31
N MET A 69 16.91 12.19 46.35
CA MET A 69 15.54 12.69 46.20
C MET A 69 15.21 13.64 47.35
N GLU A 70 15.58 13.24 48.56
CA GLU A 70 15.33 14.06 49.74
C GLU A 70 16.05 15.40 49.62
N LEU A 71 17.31 15.34 49.18
CA LEU A 71 18.12 16.54 49.01
C LEU A 71 17.47 17.48 48.00
N TYR A 72 16.92 16.90 46.93
CA TYR A 72 16.25 17.69 45.91
C TYR A 72 14.97 18.30 46.47
N ARG A 73 14.25 17.50 47.24
CA ARG A 73 12.99 17.94 47.84
C ARG A 73 13.22 19.05 48.87
N GLN A 74 14.21 18.82 49.74
CA GLN A 74 14.55 19.77 50.80
C GLN A 74 15.08 21.08 50.23
N LYS A 75 15.71 21.02 49.07
CA LYS A 75 16.26 22.22 48.45
C LYS A 75 15.28 22.86 47.47
N VAL A 76 14.45 22.05 46.82
CA VAL A 76 13.48 22.58 45.86
C VAL A 76 12.44 23.49 46.53
N GLU A 77 12.14 23.22 47.79
CA GLU A 77 11.17 24.02 48.52
C GLU A 77 11.59 25.50 48.57
N PRO A 78 12.75 25.82 49.20
CA PRO A 78 13.22 27.22 49.28
C PRO A 78 13.56 27.78 47.91
N LEU A 79 14.07 26.92 47.03
CA LEU A 79 14.43 27.34 45.67
C LEU A 79 13.20 27.75 44.88
N ARG A 80 12.12 26.97 44.99
CA ARG A 80 10.89 27.27 44.28
C ARG A 80 10.31 28.58 44.79
N ALA A 81 10.32 28.76 46.10
CA ALA A 81 9.82 29.98 46.71
C ALA A 81 10.65 31.16 46.23
N GLU A 82 11.97 30.97 46.18
CA GLU A 82 12.88 32.00 45.73
C GLU A 82 12.63 32.34 44.26
N LEU A 83 12.49 31.30 43.44
CA LEU A 83 12.23 31.49 42.01
C LEU A 83 10.88 32.16 41.82
N GLN A 84 9.93 31.82 42.70
CA GLN A 84 8.60 32.39 42.64
C GLN A 84 8.67 33.88 43.01
N GLU A 85 9.33 34.18 44.12
CA GLU A 85 9.47 35.57 44.57
C GLU A 85 10.27 36.36 43.57
N GLY A 86 11.32 35.74 43.02
CA GLY A 86 12.13 36.40 42.02
C GLY A 86 11.31 36.69 40.80
N ALA A 87 10.46 35.72 40.43
CA ALA A 87 9.59 35.87 39.27
C ALA A 87 8.58 36.97 39.54
N ARG A 88 8.12 37.10 40.79
CA ARG A 88 7.16 38.14 41.16
C ARG A 88 7.72 39.51 40.80
N GLN A 89 8.96 39.76 41.23
CA GLN A 89 9.63 41.01 40.95
C GLN A 89 9.84 41.19 39.45
N LYS A 90 10.32 40.14 38.80
CA LYS A 90 10.58 40.17 37.36
C LYS A 90 9.29 40.39 36.57
N LEU A 91 8.22 39.73 36.98
CA LEU A 91 6.93 39.88 36.30
C LEU A 91 6.36 41.26 36.60
N HIS A 92 6.60 41.73 37.82
CA HIS A 92 6.15 43.06 38.21
C HIS A 92 6.85 44.10 37.35
N GLU A 93 8.14 43.87 37.11
CA GLU A 93 8.93 44.77 36.28
C GLU A 93 8.40 44.72 34.86
N LEU A 94 7.94 43.54 34.45
CA LEU A 94 7.36 43.36 33.12
C LEU A 94 6.05 44.12 33.03
N GLN A 95 5.19 43.92 34.01
CA GLN A 95 3.88 44.58 34.05
C GLN A 95 4.04 46.09 34.15
N GLU A 96 5.06 46.52 34.90
CA GLU A 96 5.36 47.94 35.09
C GLU A 96 5.74 48.59 33.77
N LYS A 97 6.09 47.77 32.78
CA LYS A 97 6.44 48.28 31.46
C LYS A 97 5.36 47.95 30.44
N LEU A 98 4.72 46.80 30.63
CA LEU A 98 3.66 46.36 29.72
C LEU A 98 2.47 47.31 29.73
N SER A 99 2.22 47.95 30.87
CA SER A 99 1.10 48.88 30.97
C SER A 99 1.41 50.21 30.26
N PRO A 100 2.42 51.00 30.71
CA PRO A 100 2.74 52.29 30.08
C PRO A 100 3.26 52.15 28.66
N LEU A 101 4.28 51.31 28.46
CA LEU A 101 4.85 51.11 27.14
C LEU A 101 3.84 50.44 26.23
N GLY A 102 2.91 49.70 26.83
CA GLY A 102 1.88 49.04 26.06
C GLY A 102 0.86 50.04 25.56
N GLU A 103 0.38 50.88 26.47
CA GLU A 103 -0.59 51.91 26.12
C GLU A 103 0.01 52.86 25.10
N GLU A 104 1.25 53.25 25.35
CA GLU A 104 1.96 54.14 24.45
C GLU A 104 2.16 53.48 23.09
N MET A 105 2.34 52.16 23.11
CA MET A 105 2.52 51.41 21.88
C MET A 105 1.23 51.46 21.07
N ARG A 106 0.11 51.34 21.76
CA ARG A 106 -1.19 51.39 21.12
C ARG A 106 -1.42 52.76 20.50
N ASP A 107 -1.06 53.81 21.23
CA ASP A 107 -1.21 55.18 20.73
C ASP A 107 -0.28 55.43 19.55
N ARG A 108 0.93 54.90 19.64
CA ARG A 108 1.89 55.02 18.56
C ARG A 108 1.38 54.26 17.35
N ALA A 109 0.71 53.14 17.61
CA ALA A 109 0.14 52.33 16.55
C ALA A 109 -1.00 53.10 15.90
N ARG A 110 -1.77 53.80 16.72
CA ARG A 110 -2.87 54.61 16.23
C ARG A 110 -2.34 55.61 15.20
N ALA A 111 -1.28 56.31 15.58
CA ALA A 111 -0.64 57.28 14.70
C ALA A 111 0.04 56.59 13.52
N HIS A 112 0.65 55.44 13.81
CA HIS A 112 1.33 54.65 12.79
C HIS A 112 0.36 54.31 11.66
N VAL A 113 -0.77 53.71 12.03
CA VAL A 113 -1.78 53.31 11.07
C VAL A 113 -2.52 54.54 10.52
N ASP A 114 -2.65 55.58 11.33
CA ASP A 114 -3.31 56.80 10.91
C ASP A 114 -2.53 57.43 9.76
N ALA A 115 -1.21 57.53 9.94
CA ALA A 115 -0.34 58.08 8.91
C ALA A 115 -0.42 57.20 7.66
N LEU A 116 -0.56 55.91 7.88
CA LEU A 116 -0.68 54.95 6.80
C LEU A 116 -1.98 55.20 6.05
N ARG A 117 -3.09 55.26 6.78
CA ARG A 117 -4.41 55.51 6.19
C ARG A 117 -4.42 56.83 5.43
N THR A 118 -3.82 57.86 6.04
CA THR A 118 -3.75 59.19 5.44
C THR A 118 -3.00 59.15 4.11
N HIS A 119 -2.13 58.16 3.95
CA HIS A 119 -1.37 58.01 2.72
C HIS A 119 -2.05 57.00 1.80
N LEU A 120 -2.53 55.91 2.37
CA LEU A 120 -3.18 54.85 1.61
C LEU A 120 -4.47 55.30 0.95
N ALA A 121 -5.22 56.18 1.61
CA ALA A 121 -6.47 56.68 1.06
C ALA A 121 -6.28 57.27 -0.34
N PRO A 122 -5.42 58.30 -0.50
CA PRO A 122 -5.16 58.89 -1.82
C PRO A 122 -4.36 57.93 -2.69
N TYR A 123 -3.48 57.15 -2.07
CA TYR A 123 -2.66 56.19 -2.79
C TYR A 123 -3.50 55.16 -3.52
N SER A 124 -4.48 54.58 -2.83
CA SER A 124 -5.35 53.59 -3.44
C SER A 124 -6.16 54.21 -4.56
N ASP A 125 -6.56 55.47 -4.38
CA ASP A 125 -7.34 56.17 -5.40
C ASP A 125 -6.46 56.42 -6.62
N GLU A 126 -5.23 56.83 -6.38
CA GLU A 126 -4.28 57.06 -7.46
C GLU A 126 -3.91 55.74 -8.10
N LEU A 127 -3.91 54.68 -7.31
CA LEU A 127 -3.64 53.34 -7.81
C LEU A 127 -4.76 52.92 -8.74
N ARG A 128 -5.98 53.32 -8.39
CA ARG A 128 -7.15 53.04 -9.21
C ARG A 128 -6.98 53.71 -10.57
N GLN A 129 -6.43 54.91 -10.54
CA GLN A 129 -6.18 55.67 -11.75
C GLN A 129 -5.14 54.95 -12.59
N ARG A 130 -4.11 54.42 -11.92
CA ARG A 130 -3.06 53.68 -12.58
C ARG A 130 -3.62 52.40 -13.20
N LEU A 131 -4.44 51.69 -12.43
CA LEU A 131 -5.07 50.46 -12.89
C LEU A 131 -5.95 50.74 -14.08
N ALA A 132 -6.79 51.77 -13.98
CA ALA A 132 -7.69 52.14 -15.06
C ALA A 132 -6.88 52.49 -16.30
N ALA A 133 -5.83 53.29 -16.12
CA ALA A 133 -4.98 53.69 -17.23
C ALA A 133 -4.37 52.48 -17.91
N ARG A 134 -3.84 51.55 -17.11
CA ARG A 134 -3.23 50.33 -17.64
C ARG A 134 -4.28 49.47 -18.33
N LEU A 135 -5.44 49.32 -17.69
CA LEU A 135 -6.52 48.51 -18.24
C LEU A 135 -7.06 49.10 -19.53
N GLU A 136 -7.08 50.43 -19.62
CA GLU A 136 -7.56 51.09 -20.84
C GLU A 136 -6.59 50.78 -21.99
N ALA A 137 -5.31 50.96 -21.71
CA ALA A 137 -4.28 50.70 -22.71
C ALA A 137 -4.25 49.22 -23.06
N LEU A 138 -4.34 48.37 -22.05
CA LEU A 138 -4.34 46.92 -22.25
C LEU A 138 -5.56 46.47 -23.04
N LYS A 139 -6.65 47.19 -22.90
CA LYS A 139 -7.87 46.86 -23.63
C LYS A 139 -7.73 47.31 -25.07
N GLU A 140 -7.20 48.51 -25.27
CA GLU A 140 -6.99 49.05 -26.60
C GLU A 140 -5.98 48.21 -27.36
N ASN A 141 -4.80 48.05 -26.78
CA ASN A 141 -3.75 47.25 -27.39
C ASN A 141 -4.14 45.79 -27.43
N GLY A 142 -4.85 45.35 -26.40
CA GLY A 142 -5.30 43.99 -26.31
C GLY A 142 -6.22 43.64 -27.46
N GLY A 143 -7.17 44.54 -27.73
CA GLY A 143 -8.09 44.33 -28.83
C GLY A 143 -7.34 44.25 -30.14
N ALA A 144 -6.30 45.08 -30.26
CA ALA A 144 -5.48 45.09 -31.45
C ALA A 144 -4.71 43.78 -31.57
N ARG A 145 -4.19 43.32 -30.44
CA ARG A 145 -3.45 42.05 -30.39
C ARG A 145 -4.38 40.90 -30.71
N LEU A 146 -5.60 40.95 -30.17
CA LEU A 146 -6.59 39.91 -30.42
C LEU A 146 -6.92 39.87 -31.90
N ALA A 147 -7.21 41.03 -32.47
CA ALA A 147 -7.53 41.13 -33.89
C ALA A 147 -6.37 40.57 -34.71
N GLU A 148 -5.15 40.94 -34.32
CA GLU A 148 -3.96 40.46 -34.99
C GLU A 148 -3.83 38.95 -34.83
N TYR A 149 -4.02 38.46 -33.60
CA TYR A 149 -3.95 37.04 -33.29
C TYR A 149 -4.98 36.26 -34.10
N HIS A 150 -6.14 36.85 -34.32
CA HIS A 150 -7.19 36.22 -35.11
C HIS A 150 -6.69 35.99 -36.52
N ALA A 151 -5.99 36.98 -37.06
CA ALA A 151 -5.43 36.88 -38.40
C ALA A 151 -4.26 35.89 -38.39
N LYS A 152 -3.43 36.00 -37.36
CA LYS A 152 -2.28 35.13 -37.20
C LYS A 152 -2.70 33.67 -37.17
N ALA A 153 -3.72 33.38 -36.36
CA ALA A 153 -4.25 32.03 -36.25
C ALA A 153 -4.84 31.57 -37.57
N THR A 154 -5.52 32.49 -38.25
CA THR A 154 -6.12 32.20 -39.54
C THR A 154 -5.04 31.84 -40.56
N GLU A 155 -4.01 32.68 -40.63
CA GLU A 155 -2.89 32.43 -41.54
C GLU A 155 -2.20 31.13 -41.18
N HIS A 156 -2.08 30.86 -39.88
CA HIS A 156 -1.46 29.64 -39.39
C HIS A 156 -2.29 28.43 -39.81
N LEU A 157 -3.61 28.59 -39.80
CA LEU A 157 -4.52 27.51 -40.19
C LEU A 157 -4.44 27.29 -41.70
N SER A 158 -4.43 28.38 -42.45
CA SER A 158 -4.36 28.31 -43.91
C SER A 158 -3.08 27.59 -44.34
N THR A 159 -1.98 27.92 -43.70
CA THR A 159 -0.71 27.28 -44.01
C THR A 159 -0.65 25.88 -43.42
N LEU A 160 -1.46 25.65 -42.39
CA LEU A 160 -1.53 24.34 -41.76
C LEU A 160 -2.26 23.39 -42.71
N SER A 161 -3.14 23.95 -43.53
CA SER A 161 -3.88 23.17 -44.49
C SER A 161 -2.93 22.54 -45.49
N GLU A 162 -1.78 23.18 -45.71
CA GLU A 162 -0.76 22.66 -46.61
C GLU A 162 -0.16 21.39 -46.02
N LYS A 163 -0.27 21.27 -44.71
CA LYS A 163 0.24 20.12 -43.98
C LYS A 163 -0.89 19.11 -43.76
N ALA A 164 -2.08 19.63 -43.51
CA ALA A 164 -3.26 18.80 -43.26
C ALA A 164 -3.76 18.11 -44.53
N LYS A 165 -3.61 18.76 -45.67
CA LYS A 165 -4.06 18.16 -46.93
C LYS A 165 -2.90 17.60 -47.76
N PRO A 166 -2.07 18.44 -48.42
CA PRO A 166 -0.96 17.97 -49.26
C PRO A 166 0.07 17.15 -48.49
N ALA A 167 0.67 17.73 -47.45
CA ALA A 167 1.69 17.05 -46.66
C ALA A 167 1.19 15.73 -46.09
N LEU A 168 0.05 15.75 -45.41
CA LEU A 168 -0.53 14.53 -44.83
C LEU A 168 -0.78 13.48 -45.90
N GLU A 169 -1.28 13.93 -47.04
CA GLU A 169 -1.57 13.03 -48.16
C GLU A 169 -0.28 12.45 -48.71
N ASP A 170 0.70 13.32 -48.95
CA ASP A 170 2.01 12.92 -49.46
C ASP A 170 2.66 11.90 -48.54
N LEU A 171 2.57 12.17 -47.23
CA LEU A 171 3.12 11.27 -46.24
C LEU A 171 2.43 9.92 -46.30
N ARG A 172 1.10 9.94 -46.43
CA ARG A 172 0.32 8.71 -46.53
C ARG A 172 0.72 7.94 -47.78
N GLN A 173 0.94 8.66 -48.86
CA GLN A 173 1.34 8.07 -50.14
C GLN A 173 2.69 7.38 -50.03
N GLY A 174 3.46 7.77 -49.03
CA GLY A 174 4.75 7.16 -48.82
C GLY A 174 4.71 6.12 -47.72
N LEU A 175 4.03 6.45 -46.63
CA LEU A 175 3.91 5.55 -45.48
C LEU A 175 3.16 4.27 -45.82
N LEU A 176 2.08 4.38 -46.60
CA LEU A 176 1.28 3.20 -46.95
C LEU A 176 2.12 2.09 -47.59
N PRO A 177 2.77 2.34 -48.75
CA PRO A 177 3.61 1.32 -49.41
C PRO A 177 4.82 0.93 -48.56
N VAL A 178 5.32 1.88 -47.77
CA VAL A 178 6.46 1.62 -46.91
C VAL A 178 6.06 0.64 -45.80
N LEU A 179 4.87 0.82 -45.27
CA LEU A 179 4.36 -0.06 -44.23
C LEU A 179 4.16 -1.46 -44.81
N GLU A 180 3.71 -1.51 -46.05
CA GLU A 180 3.50 -2.79 -46.73
C GLU A 180 4.80 -3.56 -46.87
N SER A 181 5.85 -2.85 -47.30
CA SER A 181 7.15 -3.48 -47.46
C SER A 181 7.74 -3.81 -46.10
N PHE A 182 7.40 -2.99 -45.10
CA PHE A 182 7.86 -3.19 -43.74
C PHE A 182 7.22 -4.46 -43.16
N LYS A 183 5.93 -4.65 -43.45
CA LYS A 183 5.19 -5.81 -42.99
C LYS A 183 5.83 -7.10 -43.52
N VAL A 184 6.32 -7.04 -44.76
CA VAL A 184 6.98 -8.18 -45.37
C VAL A 184 8.19 -8.58 -44.55
N SER A 185 8.99 -7.59 -44.16
CA SER A 185 10.17 -7.85 -43.36
C SER A 185 9.77 -8.40 -42.00
N PHE A 186 8.61 -7.96 -41.50
CA PHE A 186 8.08 -8.43 -40.22
C PHE A 186 7.65 -9.88 -40.31
N LEU A 187 7.04 -10.24 -41.44
CA LEU A 187 6.59 -11.61 -41.67
C LEU A 187 7.79 -12.55 -41.59
N SER A 188 8.83 -12.23 -42.35
CA SER A 188 10.04 -13.03 -42.36
C SER A 188 10.78 -12.95 -41.03
N ALA A 189 10.68 -11.81 -40.36
CA ALA A 189 11.33 -11.60 -39.06
C ALA A 189 10.79 -12.59 -38.04
N LEU A 190 9.46 -12.65 -37.94
CA LEU A 190 8.82 -13.57 -37.00
C LEU A 190 9.09 -15.00 -37.42
N GLU A 191 9.19 -15.21 -38.73
CA GLU A 191 9.46 -16.53 -39.28
C GLU A 191 10.83 -17.01 -38.83
N GLU A 192 11.82 -16.10 -38.84
CA GLU A 192 13.17 -16.45 -38.43
C GLU A 192 13.18 -16.99 -37.00
N TYR A 193 12.44 -16.33 -36.13
CA TYR A 193 12.34 -16.74 -34.73
C TYR A 193 11.69 -18.11 -34.62
N THR A 194 10.61 -18.32 -35.35
CA THR A 194 9.91 -19.59 -35.33
C THR A 194 10.71 -20.72 -35.99
N LYS A 195 11.74 -20.35 -36.75
CA LYS A 195 12.56 -21.32 -37.44
C LYS A 195 13.79 -21.73 -36.64
N LYS A 196 14.53 -20.74 -36.13
CA LYS A 196 15.74 -21.02 -35.38
C LYS A 196 15.52 -21.15 -33.88
N LEU A 197 14.44 -20.58 -33.37
CA LEU A 197 14.15 -20.65 -31.94
C LEU A 197 12.88 -21.42 -31.64
N ASN A 198 12.55 -22.36 -32.52
CA ASN A 198 11.36 -23.18 -32.37
C ASN A 198 11.46 -24.42 -33.24
N LEU B 1 15.16 5.13 -49.48
CA LEU B 1 14.74 5.15 -50.88
C LEU B 1 13.81 6.34 -51.13
N LYS B 2 12.72 6.40 -50.39
CA LYS B 2 11.75 7.47 -50.54
C LYS B 2 12.08 8.62 -49.58
N LEU B 3 13.34 8.70 -49.20
CA LEU B 3 13.80 9.74 -48.30
C LEU B 3 13.78 11.09 -49.00
N LEU B 4 14.02 11.06 -50.31
CA LEU B 4 14.01 12.27 -51.12
C LEU B 4 12.62 12.86 -51.17
N ASP B 5 11.62 11.98 -51.24
CA ASP B 5 10.23 12.40 -51.29
C ASP B 5 9.80 13.00 -49.96
N ASN B 6 10.19 12.32 -48.87
CA ASN B 6 9.87 12.80 -47.53
C ASN B 6 10.53 14.15 -47.29
N TRP B 7 11.79 14.26 -47.68
CA TRP B 7 12.54 15.50 -47.50
C TRP B 7 11.96 16.61 -48.36
N ASP B 8 11.37 16.24 -49.49
CA ASP B 8 10.78 17.22 -50.40
C ASP B 8 9.60 17.92 -49.73
N SER B 9 8.78 17.15 -49.02
CA SER B 9 7.65 17.72 -48.31
C SER B 9 8.15 18.58 -47.15
N VAL B 10 9.31 18.21 -46.59
CA VAL B 10 9.91 18.97 -45.50
C VAL B 10 10.37 20.32 -46.03
N THR B 11 10.99 20.29 -47.22
CA THR B 11 11.45 21.51 -47.86
C THR B 11 10.26 22.42 -48.13
N SER B 12 9.13 21.80 -48.48
CA SER B 12 7.91 22.53 -48.76
C SER B 12 7.40 23.20 -47.49
N THR B 13 7.29 22.45 -46.41
CA THR B 13 6.82 23.00 -45.15
C THR B 13 7.78 24.07 -44.64
N PHE B 14 9.07 23.87 -44.90
CA PHE B 14 10.10 24.83 -44.50
C PHE B 14 9.90 26.14 -45.25
N SER B 15 9.55 26.02 -46.54
CA SER B 15 9.30 27.19 -47.36
C SER B 15 8.06 27.91 -46.85
N LYS B 16 7.08 27.13 -46.41
CA LYS B 16 5.84 27.70 -45.86
C LYS B 16 6.13 28.46 -44.58
N LEU B 17 7.10 27.98 -43.82
CA LEU B 17 7.51 28.64 -42.59
C LEU B 17 8.12 30.00 -42.93
N ARG B 18 8.93 30.02 -44.00
CA ARG B 18 9.56 31.26 -44.45
C ARG B 18 8.50 32.23 -44.96
N GLU B 19 7.50 31.69 -45.66
CA GLU B 19 6.40 32.48 -46.20
C GLU B 19 5.57 33.08 -45.06
N GLN B 20 5.64 32.43 -43.91
CA GLN B 20 4.91 32.91 -42.74
C GLN B 20 5.77 33.89 -41.97
N LEU B 21 7.02 33.50 -41.73
CA LEU B 21 7.97 34.32 -40.98
C LEU B 21 7.98 35.77 -41.46
N GLY B 22 7.94 35.97 -42.78
CA GLY B 22 7.93 37.31 -43.33
C GLY B 22 6.78 38.14 -42.79
N PRO B 23 5.54 37.89 -43.27
CA PRO B 23 4.35 38.61 -42.79
C PRO B 23 4.24 38.59 -41.27
N VAL B 24 4.55 37.42 -40.68
CA VAL B 24 4.48 37.26 -39.23
C VAL B 24 5.37 38.28 -38.51
N THR B 25 6.64 38.35 -38.88
CA THR B 25 7.55 39.30 -38.24
C THR B 25 7.16 40.73 -38.57
N GLN B 26 6.68 40.96 -39.79
CA GLN B 26 6.25 42.29 -40.21
C GLN B 26 5.23 42.85 -39.23
N GLU B 27 4.18 42.07 -38.96
CA GLU B 27 3.14 42.49 -38.05
C GLU B 27 3.55 42.27 -36.59
N PHE B 28 4.36 41.25 -36.33
CA PHE B 28 4.82 40.96 -34.98
C PHE B 28 5.66 42.11 -34.45
N TRP B 29 6.55 42.61 -35.29
CA TRP B 29 7.40 43.74 -34.91
C TRP B 29 6.54 44.97 -34.67
N ASP B 30 5.53 45.14 -35.52
CA ASP B 30 4.61 46.26 -35.40
C ASP B 30 3.78 46.09 -34.12
N ASN B 31 3.42 44.85 -33.83
CA ASN B 31 2.67 44.53 -32.62
C ASN B 31 3.52 44.85 -31.40
N LEU B 32 4.79 44.47 -31.47
CA LEU B 32 5.72 44.73 -30.39
C LEU B 32 5.87 46.24 -30.19
N GLU B 33 5.83 46.98 -31.29
CA GLU B 33 5.92 48.44 -31.24
C GLU B 33 4.69 49.01 -30.53
N LYS B 34 3.52 48.45 -30.84
CA LYS B 34 2.29 48.88 -30.20
C LYS B 34 2.40 48.61 -28.71
N GLU B 35 2.91 47.44 -28.38
CA GLU B 35 3.12 47.03 -27.00
C GLU B 35 4.10 47.95 -26.31
N THR B 36 5.27 48.15 -26.92
CA THR B 36 6.29 49.00 -26.34
C THR B 36 5.80 50.43 -26.15
N GLU B 37 5.19 51.01 -27.19
CA GLU B 37 4.68 52.38 -27.10
C GLU B 37 3.60 52.48 -26.01
N GLY B 38 2.72 51.50 -25.98
CA GLY B 38 1.67 51.47 -24.98
C GLY B 38 2.27 51.34 -23.59
N LEU B 39 3.20 50.40 -23.45
CA LEU B 39 3.87 50.18 -22.18
C LEU B 39 4.72 51.39 -21.80
N ARG B 40 5.26 52.06 -22.81
CA ARG B 40 6.08 53.26 -22.57
C ARG B 40 5.21 54.35 -21.96
N GLN B 41 3.97 54.44 -22.43
CA GLN B 41 3.04 55.43 -21.90
C GLN B 41 2.72 55.09 -20.44
N GLU B 42 2.50 53.81 -20.18
CA GLU B 42 2.22 53.34 -18.83
C GLU B 42 3.44 53.57 -17.95
N MET B 43 4.60 53.21 -18.48
CA MET B 43 5.86 53.35 -17.76
C MET B 43 6.21 54.80 -17.46
N SER B 44 6.10 55.68 -18.44
CA SER B 44 6.40 57.09 -18.24
C SER B 44 5.55 57.67 -17.12
N LYS B 45 4.26 57.34 -17.14
CA LYS B 45 3.35 57.81 -16.10
C LYS B 45 3.67 57.11 -14.79
N ASP B 46 3.94 55.81 -14.85
CA ASP B 46 4.26 55.01 -13.67
C ASP B 46 5.51 55.54 -13.00
N LEU B 47 6.56 55.79 -13.79
CA LEU B 47 7.83 56.29 -13.28
C LEU B 47 7.69 57.68 -12.67
N GLU B 48 6.93 58.54 -13.31
CA GLU B 48 6.73 59.89 -12.81
C GLU B 48 5.85 59.87 -11.56
N GLU B 49 4.78 59.11 -11.64
CA GLU B 49 3.84 58.99 -10.54
C GLU B 49 4.49 58.24 -9.37
N VAL B 50 5.39 57.31 -9.67
CA VAL B 50 6.07 56.54 -8.64
C VAL B 50 6.97 57.44 -7.79
N LYS B 51 7.40 58.57 -8.35
CA LYS B 51 8.22 59.50 -7.60
C LYS B 51 7.45 60.01 -6.40
N ALA B 52 6.16 60.24 -6.63
CA ALA B 52 5.26 60.72 -5.59
C ALA B 52 4.71 59.54 -4.80
N LYS B 53 5.23 58.35 -5.11
CA LYS B 53 4.83 57.12 -4.43
C LYS B 53 6.05 56.45 -3.79
N VAL B 54 7.21 57.08 -3.96
CA VAL B 54 8.46 56.58 -3.40
C VAL B 54 8.98 57.58 -2.38
N GLN B 55 9.08 58.85 -2.78
CA GLN B 55 9.55 59.89 -1.89
C GLN B 55 8.68 59.98 -0.63
N PRO B 56 7.36 60.22 -0.77
CA PRO B 56 6.46 60.31 0.40
C PRO B 56 6.33 58.98 1.10
N TYR B 57 6.50 57.89 0.35
CA TYR B 57 6.43 56.56 0.91
C TYR B 57 7.61 56.34 1.86
N LEU B 58 8.80 56.61 1.35
CA LEU B 58 10.02 56.48 2.15
C LEU B 58 9.99 57.49 3.27
N ASP B 59 9.43 58.67 2.98
CA ASP B 59 9.31 59.74 3.97
C ASP B 59 8.43 59.29 5.13
N ASP B 60 7.25 58.78 4.78
CA ASP B 60 6.30 58.30 5.78
C ASP B 60 6.90 57.11 6.54
N PHE B 61 7.60 56.27 5.80
CA PHE B 61 8.25 55.11 6.41
C PHE B 61 9.37 55.55 7.34
N GLN B 62 10.15 56.54 6.91
CA GLN B 62 11.23 57.08 7.72
C GLN B 62 10.67 57.68 8.99
N LYS B 63 9.52 58.34 8.87
CA LYS B 63 8.85 58.93 10.02
C LYS B 63 8.43 57.83 10.98
N LYS B 64 7.95 56.73 10.40
CA LYS B 64 7.52 55.58 11.18
C LYS B 64 8.73 54.91 11.82
N TRP B 65 9.81 54.80 11.04
CA TRP B 65 11.05 54.19 11.53
C TRP B 65 11.63 55.05 12.65
N GLN B 66 11.46 56.36 12.52
CA GLN B 66 11.95 57.28 13.53
C GLN B 66 11.22 57.01 14.84
N GLU B 67 9.90 56.85 14.75
CA GLU B 67 9.09 56.55 15.92
C GLU B 67 9.53 55.21 16.52
N GLU B 68 9.67 54.23 15.63
CA GLU B 68 10.09 52.89 16.00
C GLU B 68 11.44 52.93 16.71
N MET B 69 12.37 53.68 16.15
CA MET B 69 13.71 53.82 16.73
C MET B 69 13.63 54.47 18.10
N GLU B 70 12.83 55.52 18.22
CA GLU B 70 12.64 56.21 19.48
C GLU B 70 12.07 55.25 20.51
N LEU B 71 11.14 54.40 20.07
CA LEU B 71 10.53 53.43 20.96
C LEU B 71 11.58 52.42 21.42
N TYR B 72 12.51 52.07 20.53
CA TYR B 72 13.58 51.14 20.89
C TYR B 72 14.46 51.75 21.97
N ARG B 73 14.67 53.05 21.87
CA ARG B 73 15.51 53.77 22.83
C ARG B 73 14.79 53.97 24.16
N GLN B 74 13.47 54.01 24.13
CA GLN B 74 12.68 54.21 25.35
C GLN B 74 12.10 52.90 25.87
N LYS B 75 12.36 51.81 25.16
CA LYS B 75 11.88 50.50 25.57
C LYS B 75 13.01 49.47 25.60
N VAL B 76 13.54 49.13 24.43
CA VAL B 76 14.61 48.14 24.33
C VAL B 76 15.79 48.50 25.22
N GLU B 77 16.22 49.76 25.20
CA GLU B 77 17.34 50.22 26.01
C GLU B 77 17.10 50.03 27.51
N PRO B 78 16.06 50.68 28.10
CA PRO B 78 15.75 50.51 29.54
C PRO B 78 15.38 49.07 29.88
N LEU B 79 14.69 48.39 28.98
CA LEU B 79 14.31 47.00 29.20
C LEU B 79 15.55 46.13 29.26
N ARG B 80 16.56 46.47 28.48
CA ARG B 80 17.81 45.74 28.49
C ARG B 80 18.46 45.88 29.85
N ALA B 81 18.35 47.08 30.42
CA ALA B 81 18.90 47.35 31.74
C ALA B 81 18.17 46.51 32.78
N GLU B 82 16.85 46.42 32.63
CA GLU B 82 16.03 45.63 33.53
C GLU B 82 16.31 44.14 33.33
N LEU B 83 16.49 43.76 32.07
CA LEU B 83 16.78 42.38 31.72
C LEU B 83 18.16 41.98 32.24
N GLN B 84 19.12 42.90 32.10
CA GLN B 84 20.47 42.67 32.58
C GLN B 84 20.45 42.54 34.09
N GLU B 85 19.69 43.41 34.74
CA GLU B 85 19.58 43.36 36.20
C GLU B 85 18.92 42.06 36.60
N GLY B 86 17.84 41.70 35.89
CA GLY B 86 17.16 40.45 36.16
C GLY B 86 18.07 39.28 35.91
N ALA B 87 18.92 39.40 34.89
CA ALA B 87 19.87 38.37 34.53
C ALA B 87 20.91 38.24 35.64
N ARG B 88 21.37 39.38 36.17
CA ARG B 88 22.33 39.40 37.25
C ARG B 88 21.73 38.74 38.49
N GLN B 89 20.47 39.05 38.75
CA GLN B 89 19.76 38.45 39.87
C GLN B 89 19.62 36.95 39.63
N LYS B 90 19.27 36.60 38.40
CA LYS B 90 19.11 35.20 38.01
C LYS B 90 20.46 34.48 38.10
N LEU B 91 21.52 35.17 37.72
CA LEU B 91 22.86 34.61 37.78
C LEU B 91 23.22 34.36 39.24
N HIS B 92 22.79 35.28 40.11
CA HIS B 92 23.03 35.14 41.54
C HIS B 92 22.25 33.93 42.04
N GLU B 93 21.01 33.82 41.58
CA GLU B 93 20.17 32.69 41.93
C GLU B 93 20.84 31.40 41.49
N LEU B 94 21.32 31.40 40.26
CA LEU B 94 22.00 30.23 39.71
C LEU B 94 23.29 29.93 40.46
N GLN B 95 24.07 30.97 40.76
CA GLN B 95 25.33 30.80 41.49
C GLN B 95 25.08 30.25 42.89
N GLU B 96 23.97 30.67 43.49
CA GLU B 96 23.59 30.22 44.83
C GLU B 96 23.07 28.78 44.77
N LYS B 97 23.00 28.22 43.57
CA LYS B 97 22.55 26.86 43.36
C LYS B 97 23.69 26.02 42.79
N LEU B 98 24.43 26.59 41.85
CA LEU B 98 25.55 25.89 41.20
C LEU B 98 26.63 25.53 42.21
N SER B 99 26.67 26.24 43.32
CA SER B 99 27.67 25.95 44.35
C SER B 99 27.20 24.78 45.22
N PRO B 100 26.08 24.90 45.98
CA PRO B 100 25.61 23.81 46.83
C PRO B 100 25.17 22.59 46.02
N LEU B 101 24.33 22.81 45.01
CA LEU B 101 23.85 21.74 44.16
C LEU B 101 24.99 21.20 43.31
N GLY B 102 25.95 22.08 43.00
CA GLY B 102 27.10 21.68 42.21
C GLY B 102 27.97 20.74 43.01
N GLU B 103 28.27 21.14 44.24
CA GLU B 103 29.07 20.32 45.14
C GLU B 103 28.31 19.02 45.40
N GLU B 104 27.02 19.15 45.61
CA GLU B 104 26.16 18.01 45.87
C GLU B 104 26.16 17.05 44.67
N MET B 105 26.04 17.57 43.46
CA MET B 105 26.05 16.74 42.26
C MET B 105 27.36 15.99 42.15
N ARG B 106 28.45 16.66 42.50
CA ARG B 106 29.76 16.04 42.47
C ARG B 106 29.83 15.01 43.59
N ASP B 107 29.29 15.37 44.75
CA ASP B 107 29.28 14.50 45.91
C ASP B 107 28.47 13.23 45.61
N ARG B 108 27.34 13.43 44.95
CA ARG B 108 26.49 12.32 44.55
C ARG B 108 27.28 11.42 43.60
N ALA B 109 27.95 12.05 42.63
CA ALA B 109 28.77 11.34 41.66
C ALA B 109 29.87 10.57 42.38
N ARG B 110 30.45 11.19 43.41
CA ARG B 110 31.49 10.57 44.20
C ARG B 110 30.96 9.28 44.80
N ALA B 111 29.76 9.36 45.37
CA ALA B 111 29.12 8.20 45.99
C ALA B 111 28.80 7.13 44.96
N HIS B 112 28.42 7.54 43.76
CA HIS B 112 28.10 6.60 42.69
C HIS B 112 29.36 5.96 42.13
N VAL B 113 30.35 6.79 41.80
CA VAL B 113 31.62 6.30 41.27
C VAL B 113 32.30 5.39 42.27
N ASP B 114 32.28 5.79 43.55
CA ASP B 114 32.88 5.00 44.61
C ASP B 114 32.20 3.65 44.72
N ALA B 115 30.88 3.64 44.55
CA ALA B 115 30.13 2.40 44.60
C ALA B 115 30.54 1.54 43.42
N LEU B 116 30.63 2.17 42.25
CA LEU B 116 31.01 1.48 41.02
C LEU B 116 32.40 0.85 41.15
N ARG B 117 33.24 1.44 42.00
CA ARG B 117 34.58 0.90 42.24
C ARG B 117 34.48 -0.50 42.84
N THR B 118 33.46 -0.69 43.67
CA THR B 118 33.24 -1.98 44.32
C THR B 118 32.09 -2.72 43.63
N HIS B 119 31.61 -2.14 42.53
CA HIS B 119 30.52 -2.73 41.76
C HIS B 119 31.04 -3.26 40.43
N LEU B 120 31.42 -2.33 39.56
CA LEU B 120 31.92 -2.66 38.22
C LEU B 120 33.19 -3.48 38.27
N ALA B 121 34.23 -2.96 38.91
CA ALA B 121 35.53 -3.63 39.00
C ALA B 121 35.40 -5.11 39.42
N PRO B 122 34.84 -5.41 40.62
CA PRO B 122 34.69 -6.80 41.07
C PRO B 122 33.80 -7.62 40.16
N TYR B 123 32.66 -7.05 39.77
CA TYR B 123 31.73 -7.75 38.88
C TYR B 123 32.37 -8.08 37.54
N SER B 124 33.09 -7.12 36.97
CA SER B 124 33.77 -7.32 35.70
C SER B 124 34.88 -8.34 35.83
N ASP B 125 35.50 -8.39 37.01
CA ASP B 125 36.57 -9.34 37.27
C ASP B 125 35.97 -10.73 37.37
N GLU B 126 34.78 -10.80 37.97
CA GLU B 126 34.06 -12.06 38.10
C GLU B 126 33.55 -12.48 36.73
N LEU B 127 33.22 -11.47 35.92
CA LEU B 127 32.75 -11.71 34.56
C LEU B 127 33.88 -12.36 33.77
N ARG B 128 35.11 -11.96 34.07
CA ARG B 128 36.29 -12.51 33.41
C ARG B 128 36.37 -14.00 33.68
N GLN B 129 36.03 -14.40 34.91
CA GLN B 129 36.04 -15.81 35.29
C GLN B 129 35.00 -16.56 34.46
N ARG B 130 33.82 -15.96 34.34
CA ARG B 130 32.74 -16.55 33.56
C ARG B 130 33.13 -16.58 32.10
N LEU B 131 33.71 -15.48 31.62
CA LEU B 131 34.13 -15.38 30.25
C LEU B 131 35.23 -16.40 29.95
N ALA B 132 36.12 -16.62 30.91
CA ALA B 132 37.19 -17.59 30.74
C ALA B 132 36.60 -19.00 30.69
N ALA B 133 35.58 -19.23 31.50
CA ALA B 133 34.89 -20.51 31.53
C ALA B 133 34.16 -20.71 30.21
N ARG B 134 33.46 -19.67 29.78
CA ARG B 134 32.73 -19.67 28.53
C ARG B 134 33.71 -19.85 27.39
N LEU B 135 34.85 -19.16 27.49
CA LEU B 135 35.90 -19.24 26.49
C LEU B 135 36.45 -20.64 26.41
N GLU B 136 36.56 -21.30 27.56
CA GLU B 136 37.05 -22.68 27.59
C GLU B 136 36.09 -23.56 26.79
N ALA B 137 34.80 -23.34 27.01
CA ALA B 137 33.78 -24.09 26.29
C ALA B 137 33.87 -23.76 24.79
N LEU B 138 34.09 -22.48 24.50
CA LEU B 138 34.21 -22.03 23.12
C LEU B 138 35.48 -22.59 22.48
N LYS B 139 36.56 -22.68 23.25
CA LYS B 139 37.81 -23.23 22.75
C LYS B 139 37.70 -24.73 22.56
N GLU B 140 37.04 -25.38 23.51
CA GLU B 140 36.85 -26.83 23.47
C GLU B 140 35.98 -27.20 22.28
N ASN B 141 34.78 -26.63 22.24
CA ASN B 141 33.85 -26.90 21.16
C ASN B 141 34.39 -26.36 19.85
N GLY B 142 35.05 -25.21 19.92
CA GLY B 142 35.63 -24.60 18.75
C GLY B 142 36.75 -25.45 18.19
N GLY B 143 37.58 -25.98 19.08
CA GLY B 143 38.67 -26.83 18.67
C GLY B 143 38.16 -28.13 18.09
N ALA B 144 37.13 -28.67 18.72
CA ALA B 144 36.50 -29.91 18.26
C ALA B 144 35.85 -29.65 16.93
N ARG B 145 35.26 -28.46 16.79
CA ARG B 145 34.62 -28.06 15.55
C ARG B 145 35.66 -27.82 14.46
N LEU B 146 36.88 -27.50 14.86
CA LEU B 146 37.95 -27.29 13.90
C LEU B 146 38.25 -28.62 13.21
N ALA B 147 38.24 -29.69 14.00
CA ALA B 147 38.47 -31.02 13.47
C ALA B 147 37.24 -31.44 12.68
N GLU B 148 36.06 -31.06 13.19
CA GLU B 148 34.80 -31.36 12.52
C GLU B 148 34.73 -30.65 11.18
N TYR B 149 35.04 -29.35 11.18
CA TYR B 149 35.02 -28.56 9.96
C TYR B 149 36.03 -29.11 8.97
N HIS B 150 37.16 -29.56 9.50
CA HIS B 150 38.20 -30.14 8.66
C HIS B 150 37.71 -31.44 8.05
N ALA B 151 37.12 -32.29 8.88
CA ALA B 151 36.59 -33.56 8.43
C ALA B 151 35.42 -33.35 7.47
N LYS B 152 34.52 -32.45 7.84
CA LYS B 152 33.37 -32.12 7.02
C LYS B 152 33.82 -31.54 5.68
N ALA B 153 34.93 -30.80 5.70
CA ALA B 153 35.49 -30.20 4.49
C ALA B 153 35.99 -31.29 3.56
N THR B 154 36.67 -32.29 4.12
CA THR B 154 37.17 -33.40 3.33
C THR B 154 36.00 -34.18 2.74
N GLU B 155 34.98 -34.41 3.57
CA GLU B 155 33.79 -35.13 3.15
C GLU B 155 33.07 -34.33 2.06
N HIS B 156 33.15 -33.02 2.17
CA HIS B 156 32.54 -32.13 1.20
C HIS B 156 33.36 -32.13 -0.08
N LEU B 157 34.67 -32.15 0.07
CA LEU B 157 35.58 -32.16 -1.07
C LEU B 157 35.47 -33.47 -1.86
N SER B 158 35.34 -34.58 -1.14
CA SER B 158 35.21 -35.88 -1.78
C SER B 158 33.95 -35.96 -2.64
N THR B 159 32.85 -35.41 -2.12
CA THR B 159 31.60 -35.40 -2.84
C THR B 159 31.65 -34.39 -3.98
N LEU B 160 32.35 -33.27 -3.73
CA LEU B 160 32.50 -32.22 -4.74
C LEU B 160 33.20 -32.77 -5.96
N SER B 161 34.35 -33.41 -5.75
CA SER B 161 35.11 -33.99 -6.85
C SER B 161 34.38 -35.18 -7.46
N GLU B 162 33.73 -35.98 -6.61
CA GLU B 162 32.98 -37.14 -7.04
C GLU B 162 31.84 -36.74 -7.99
N LYS B 163 31.35 -35.51 -7.81
CA LYS B 163 30.27 -35.00 -8.64
C LYS B 163 30.81 -34.09 -9.74
N ALA B 164 31.96 -33.49 -9.50
CA ALA B 164 32.56 -32.58 -10.48
C ALA B 164 33.10 -33.31 -11.69
N LYS B 165 33.84 -34.39 -11.45
CA LYS B 165 34.44 -35.17 -12.54
C LYS B 165 33.39 -35.62 -13.57
N PRO B 166 32.36 -36.39 -13.16
CA PRO B 166 31.32 -36.86 -14.10
C PRO B 166 30.54 -35.71 -14.71
N ALA B 167 30.30 -34.66 -13.92
CA ALA B 167 29.56 -33.49 -14.39
C ALA B 167 30.35 -32.76 -15.47
N LEU B 168 31.60 -32.45 -15.18
CA LEU B 168 32.46 -31.74 -16.14
C LEU B 168 32.62 -32.58 -17.40
N GLU B 169 32.77 -33.88 -17.23
CA GLU B 169 32.93 -34.77 -18.38
C GLU B 169 31.66 -34.82 -19.21
N ASP B 170 30.52 -34.95 -18.54
CA ASP B 170 29.23 -34.99 -19.23
C ASP B 170 28.95 -33.65 -19.88
N LEU B 171 29.29 -32.58 -19.16
CA LEU B 171 29.10 -31.23 -19.68
C LEU B 171 29.92 -31.04 -20.96
N ARG B 172 31.15 -31.54 -20.95
CA ARG B 172 32.01 -31.45 -22.11
C ARG B 172 31.45 -32.27 -23.26
N GLN B 173 30.85 -33.41 -22.91
CA GLN B 173 30.26 -34.31 -23.88
C GLN B 173 28.95 -33.75 -24.43
N GLY B 174 28.34 -32.84 -23.68
CA GLY B 174 27.09 -32.23 -24.12
C GLY B 174 27.33 -30.89 -24.76
N LEU B 175 28.38 -30.21 -24.31
CA LEU B 175 28.74 -28.90 -24.84
C LEU B 175 29.18 -28.97 -26.30
N LEU B 176 29.97 -29.99 -26.62
CA LEU B 176 30.45 -30.15 -27.99
C LEU B 176 29.31 -30.23 -29.01
N PRO B 177 28.40 -31.23 -28.91
CA PRO B 177 27.29 -31.36 -29.86
C PRO B 177 26.35 -30.16 -29.81
N VAL B 178 26.13 -29.60 -28.61
CA VAL B 178 25.26 -28.45 -28.47
C VAL B 178 25.86 -27.22 -29.15
N LEU B 179 27.19 -27.08 -29.05
CA LEU B 179 27.89 -25.96 -29.68
C LEU B 179 27.84 -26.13 -31.19
N GLU B 180 28.07 -27.35 -31.65
CA GLU B 180 28.02 -27.65 -33.08
C GLU B 180 26.62 -27.39 -33.62
N SER B 181 25.61 -27.72 -32.81
CA SER B 181 24.23 -27.50 -33.18
C SER B 181 23.95 -26.01 -33.24
N PHE B 182 24.43 -25.28 -32.23
CA PHE B 182 24.25 -23.83 -32.17
C PHE B 182 24.91 -23.17 -33.37
N LYS B 183 26.03 -23.73 -33.81
CA LYS B 183 26.74 -23.20 -34.98
C LYS B 183 25.83 -23.25 -36.19
N VAL B 184 25.13 -24.37 -36.35
CA VAL B 184 24.22 -24.55 -37.47
C VAL B 184 23.10 -23.52 -37.43
N SER B 185 22.48 -23.37 -36.26
CA SER B 185 21.40 -22.41 -36.09
C SER B 185 21.90 -20.97 -36.26
N PHE B 186 23.07 -20.68 -35.73
CA PHE B 186 23.66 -19.35 -35.83
C PHE B 186 23.95 -19.01 -37.30
N LEU B 187 24.53 -19.97 -38.01
CA LEU B 187 24.86 -19.79 -39.43
C LEU B 187 23.61 -19.51 -40.25
N SER B 188 22.59 -20.36 -40.08
CA SER B 188 21.34 -20.20 -40.82
C SER B 188 20.62 -18.91 -40.41
N ALA B 189 20.85 -18.49 -39.17
CA ALA B 189 20.23 -17.26 -38.68
C ALA B 189 20.91 -16.05 -39.29
N LEU B 190 22.24 -16.01 -39.18
CA LEU B 190 23.02 -14.91 -39.72
C LEU B 190 22.81 -14.74 -41.22
N GLU B 191 22.76 -15.87 -41.94
CA GLU B 191 22.56 -15.87 -43.39
C GLU B 191 21.22 -15.23 -43.76
N GLU B 192 20.15 -15.78 -43.22
CA GLU B 192 18.81 -15.27 -43.50
C GLU B 192 18.62 -13.84 -42.99
N TYR B 193 19.27 -13.50 -41.88
CA TYR B 193 19.16 -12.17 -41.32
C TYR B 193 19.76 -11.14 -42.28
N THR B 194 20.90 -11.48 -42.87
CA THR B 194 21.57 -10.61 -43.82
C THR B 194 20.78 -10.53 -45.12
N LYS B 195 19.95 -11.53 -45.37
CA LYS B 195 19.13 -11.57 -46.58
C LYS B 195 17.92 -10.66 -46.45
N LYS B 196 17.22 -10.76 -45.33
CA LYS B 196 16.03 -9.96 -45.09
C LYS B 196 16.36 -8.49 -44.83
N LEU B 197 17.48 -8.25 -44.18
CA LEU B 197 17.91 -6.89 -43.86
C LEU B 197 19.08 -6.48 -44.74
N ASN B 198 18.92 -6.64 -46.04
CA ASN B 198 19.96 -6.29 -46.99
C ASN B 198 19.63 -4.99 -47.70
N MET C 1 -3.31 -1.49 6.41
CA MET C 1 -4.40 -2.34 6.87
C MET C 1 -3.91 -3.35 7.90
N THR C 2 -4.78 -3.70 8.84
CA THR C 2 -4.45 -4.65 9.88
C THR C 2 -5.11 -6.00 9.63
N GLU C 3 -4.41 -7.08 9.92
CA GLU C 3 -4.94 -8.42 9.71
C GLU C 3 -5.30 -9.08 11.04
N TYR C 4 -6.40 -9.82 11.05
CA TYR C 4 -6.84 -10.53 12.25
C TYR C 4 -7.05 -12.00 11.94
N LYS C 5 -6.29 -12.86 12.61
CA LYS C 5 -6.42 -14.30 12.41
C LYS C 5 -7.57 -14.87 13.24
N LEU C 6 -8.65 -15.24 12.56
CA LEU C 6 -9.82 -15.77 13.25
C LEU C 6 -9.99 -17.26 12.99
N VAL C 7 -9.91 -18.05 14.06
CA VAL C 7 -10.05 -19.49 13.95
C VAL C 7 -11.34 -19.95 14.64
N VAL C 8 -12.22 -20.56 13.87
CA VAL C 8 -13.49 -21.05 14.39
C VAL C 8 -13.38 -22.53 14.71
N VAL C 9 -13.85 -22.94 15.89
CA VAL C 9 -13.81 -24.34 16.29
C VAL C 9 -15.17 -24.78 16.82
N GLY C 10 -15.58 -25.98 16.45
CA GLY C 10 -16.86 -26.51 16.89
C GLY C 10 -17.05 -27.93 16.45
N ALA C 11 -18.12 -28.55 16.93
CA ALA C 11 -18.43 -29.94 16.59
C ALA C 11 -19.26 -30.01 15.30
N GLY C 12 -19.44 -31.22 14.79
CA GLY C 12 -20.20 -31.40 13.57
C GLY C 12 -21.70 -31.33 13.81
N GLY C 13 -22.38 -30.52 13.01
CA GLY C 13 -23.81 -30.38 13.13
C GLY C 13 -24.21 -29.05 13.77
N VAL C 14 -23.22 -28.25 14.15
CA VAL C 14 -23.49 -26.97 14.79
C VAL C 14 -23.75 -25.85 13.76
N GLY C 15 -23.55 -26.16 12.49
CA GLY C 15 -23.75 -25.16 11.45
C GLY C 15 -22.62 -24.15 11.45
N LYS C 16 -21.41 -24.67 11.52
CA LYS C 16 -20.21 -23.85 11.57
C LYS C 16 -19.93 -23.19 10.22
N SER C 17 -20.02 -23.96 9.14
CA SER C 17 -19.77 -23.43 7.80
C SER C 17 -20.94 -22.56 7.33
N ALA C 18 -22.12 -22.78 7.91
CA ALA C 18 -23.29 -22.01 7.54
C ALA C 18 -23.12 -20.54 7.90
N LEU C 19 -22.53 -20.28 9.07
CA LEU C 19 -22.31 -18.92 9.54
C LEU C 19 -21.33 -18.18 8.63
N THR C 20 -20.30 -18.89 8.17
CA THR C 20 -19.29 -18.30 7.32
C THR C 20 -19.86 -17.92 5.95
N ILE C 21 -20.54 -18.86 5.29
CA ILE C 21 -21.12 -18.59 3.98
C ILE C 21 -22.19 -17.51 4.09
N GLN C 22 -22.94 -17.53 5.19
CA GLN C 22 -24.01 -16.56 5.42
C GLN C 22 -23.45 -15.17 5.73
N LEU C 23 -22.18 -15.11 6.11
CA LEU C 23 -21.55 -13.84 6.45
C LEU C 23 -20.75 -13.27 5.28
N ILE C 24 -20.06 -14.14 4.56
CA ILE C 24 -19.23 -13.71 3.42
C ILE C 24 -20.04 -13.55 2.14
N GLN C 25 -20.57 -14.66 1.62
CA GLN C 25 -21.36 -14.62 0.39
C GLN C 25 -22.81 -14.28 0.69
N ASN C 26 -23.16 -14.33 1.97
CA ASN C 26 -24.52 -14.03 2.42
C ASN C 26 -25.51 -15.06 1.90
N HIS C 27 -25.07 -16.29 1.77
CA HIS C 27 -25.92 -17.37 1.28
C HIS C 27 -26.15 -18.40 2.38
N PHE C 28 -27.32 -19.03 2.38
CA PHE C 28 -27.65 -20.03 3.39
C PHE C 28 -27.77 -21.40 2.74
N VAL C 29 -27.00 -22.36 3.26
CA VAL C 29 -27.02 -23.72 2.74
C VAL C 29 -28.16 -24.53 3.34
N ASP C 30 -28.30 -25.77 2.89
CA ASP C 30 -29.35 -26.67 3.37
C ASP C 30 -28.80 -28.07 3.59
N GLU C 31 -27.85 -28.44 2.74
CA GLU C 31 -27.22 -29.75 2.79
C GLU C 31 -26.11 -29.79 3.83
N TYR C 32 -25.94 -30.95 4.46
CA TYR C 32 -24.90 -31.12 5.47
C TYR C 32 -23.70 -31.86 4.89
N ASP C 33 -22.56 -31.19 4.85
CA ASP C 33 -21.34 -31.77 4.32
C ASP C 33 -20.14 -31.24 5.11
N PRO C 34 -19.50 -32.11 5.90
CA PRO C 34 -18.34 -31.76 6.73
C PRO C 34 -17.22 -31.08 5.94
N THR C 35 -16.68 -30.01 6.50
CA THR C 35 -15.61 -29.24 5.87
C THR C 35 -14.26 -29.61 6.48
N ILE C 36 -13.23 -29.63 5.65
CA ILE C 36 -11.88 -29.94 6.12
C ILE C 36 -11.10 -28.65 6.37
N GLU C 37 -10.85 -27.91 5.30
CA GLU C 37 -10.12 -26.65 5.38
C GLU C 37 -10.78 -25.61 4.47
N ASP C 38 -11.27 -24.54 5.06
CA ASP C 38 -11.91 -23.49 4.27
C ASP C 38 -11.46 -22.12 4.76
N SER C 39 -11.07 -21.25 3.84
CA SER C 39 -10.62 -19.92 4.20
C SER C 39 -11.46 -18.83 3.55
N TYR C 40 -11.83 -17.82 4.35
CA TYR C 40 -12.62 -16.72 3.86
C TYR C 40 -11.99 -15.40 4.24
N ARG C 41 -12.03 -14.44 3.32
CA ARG C 41 -11.47 -13.12 3.56
C ARG C 41 -12.50 -12.04 3.27
N LYS C 42 -12.65 -11.13 4.20
CA LYS C 42 -13.58 -10.01 4.04
C LYS C 42 -13.04 -8.79 4.75
N GLN C 43 -12.70 -7.77 3.98
CA GLN C 43 -12.18 -6.53 4.54
C GLN C 43 -13.31 -5.63 5.00
N VAL C 44 -13.65 -5.74 6.27
CA VAL C 44 -14.74 -4.96 6.85
C VAL C 44 -14.21 -3.66 7.47
N VAL C 45 -15.14 -2.79 7.86
CA VAL C 45 -14.79 -1.52 8.46
C VAL C 45 -15.04 -1.57 9.97
N ILE C 46 -13.97 -1.71 10.74
CA ILE C 46 -14.08 -1.76 12.19
C ILE C 46 -13.37 -0.56 12.80
N ASP C 47 -14.16 0.35 13.36
CA ASP C 47 -13.65 1.58 13.98
C ASP C 47 -13.12 2.55 12.93
N GLY C 48 -13.48 2.28 11.68
CA GLY C 48 -13.04 3.14 10.58
C GLY C 48 -11.80 2.60 9.89
N GLU C 49 -11.09 1.74 10.59
CA GLU C 49 -9.87 1.15 10.07
C GLU C 49 -10.18 0.00 9.12
N THR C 50 -9.14 -0.52 8.47
CA THR C 50 -9.28 -1.61 7.54
C THR C 50 -8.82 -2.92 8.18
N CYS C 51 -9.78 -3.74 8.56
CA CYS C 51 -9.48 -5.00 9.21
C CYS C 51 -9.67 -6.17 8.27
N LEU C 52 -8.57 -6.82 7.90
CA LEU C 52 -8.61 -7.97 7.03
C LEU C 52 -8.92 -9.21 7.86
N LEU C 53 -10.18 -9.59 7.88
CA LEU C 53 -10.59 -10.76 8.63
C LEU C 53 -10.16 -12.04 7.93
N ASP C 54 -9.15 -12.69 8.50
CA ASP C 54 -8.64 -13.93 7.95
C ASP C 54 -9.29 -15.10 8.69
N ILE C 55 -10.49 -15.44 8.26
CA ILE C 55 -11.25 -16.51 8.88
C ILE C 55 -10.87 -17.87 8.30
N LEU C 56 -10.69 -18.86 9.17
CA LEU C 56 -10.34 -20.21 8.76
C LEU C 56 -11.26 -21.23 9.41
N ASP C 57 -11.98 -21.98 8.58
CA ASP C 57 -12.90 -23.00 9.07
C ASP C 57 -12.17 -24.29 9.36
N THR C 58 -12.57 -24.98 10.40
CA THR C 58 -11.93 -26.23 10.78
C THR C 58 -12.87 -27.41 10.58
N ALA C 59 -12.34 -28.61 10.81
CA ALA C 59 -13.12 -29.83 10.66
C ALA C 59 -13.69 -30.27 12.01
N GLY C 60 -15.00 -30.35 12.09
CA GLY C 60 -15.65 -30.74 13.33
C GLY C 60 -15.70 -32.24 13.48
N GLN C 61 -15.67 -32.96 12.36
CA GLN C 61 -15.71 -34.41 12.39
C GLN C 61 -14.31 -35.00 12.22
N GLU C 62 -13.41 -34.62 13.12
CA GLU C 62 -12.04 -35.10 13.10
C GLU C 62 -11.52 -35.21 14.51
N GLU C 63 -10.68 -36.22 14.76
CA GLU C 63 -10.10 -36.43 16.08
C GLU C 63 -8.98 -35.41 16.34
N TYR C 64 -7.74 -35.83 16.12
CA TYR C 64 -6.60 -34.96 16.33
C TYR C 64 -5.62 -35.09 15.17
N SER C 65 -5.07 -33.95 14.75
CA SER C 65 -4.10 -33.92 13.66
C SER C 65 -3.00 -32.92 13.99
N ALA C 66 -1.77 -33.21 13.53
CA ALA C 66 -0.64 -32.33 13.78
C ALA C 66 -0.81 -31.02 13.01
N MET C 67 -1.44 -31.12 11.84
CA MET C 67 -1.68 -29.95 11.00
C MET C 67 -2.64 -29.00 11.68
N ARG C 68 -3.58 -29.57 12.44
CA ARG C 68 -4.57 -28.77 13.16
C ARG C 68 -3.89 -27.84 14.15
N ASP C 69 -2.94 -28.38 14.91
CA ASP C 69 -2.20 -27.61 15.88
C ASP C 69 -1.44 -26.48 15.19
N GLN C 70 -0.92 -26.77 14.02
CA GLN C 70 -0.14 -25.82 13.24
C GLN C 70 -0.94 -24.56 12.91
N TYR C 71 -2.07 -24.71 12.20
CA TYR C 71 -2.87 -23.55 11.82
C TYR C 71 -3.64 -22.93 12.98
N MET C 72 -3.74 -23.66 14.08
CA MET C 72 -4.44 -23.15 15.26
C MET C 72 -3.49 -22.27 16.10
N ARG C 73 -2.21 -22.58 16.03
CA ARG C 73 -1.20 -21.84 16.77
C ARG C 73 -1.00 -20.45 16.14
N THR C 74 -1.22 -20.36 14.84
CA THR C 74 -1.07 -19.11 14.12
C THR C 74 -2.32 -18.24 14.22
N GLY C 75 -3.28 -18.70 15.01
CA GLY C 75 -4.52 -17.96 15.19
C GLY C 75 -4.45 -16.98 16.35
N GLU C 76 -5.32 -15.98 16.34
CA GLU C 76 -5.38 -14.99 17.39
C GLU C 76 -6.71 -15.06 18.12
N GLY C 77 -7.79 -14.96 17.36
CA GLY C 77 -9.11 -15.04 17.94
C GLY C 77 -9.73 -16.39 17.73
N PHE C 78 -10.31 -16.96 18.78
CA PHE C 78 -10.92 -18.28 18.70
C PHE C 78 -12.40 -18.24 19.01
N LEU C 79 -13.20 -18.80 18.12
CA LEU C 79 -14.64 -18.81 18.29
C LEU C 79 -15.14 -20.20 18.68
N CYS C 80 -15.77 -20.27 19.85
CA CYS C 80 -16.31 -21.51 20.35
C CYS C 80 -17.77 -21.60 19.96
N VAL C 81 -18.03 -22.07 18.74
CA VAL C 81 -19.38 -22.19 18.24
C VAL C 81 -19.97 -23.56 18.53
N PHE C 82 -21.26 -23.57 18.86
CA PHE C 82 -21.98 -24.80 19.16
C PHE C 82 -23.46 -24.62 18.88
N ALA C 83 -24.18 -25.72 18.78
CA ALA C 83 -25.61 -25.68 18.52
C ALA C 83 -26.36 -25.95 19.81
N ILE C 84 -27.32 -25.10 20.13
CA ILE C 84 -28.10 -25.26 21.37
C ILE C 84 -29.19 -26.31 21.23
N ASN C 85 -29.28 -26.92 20.06
CA ASN C 85 -30.27 -27.98 19.81
C ASN C 85 -29.70 -29.32 20.23
N ASN C 86 -28.43 -29.31 20.61
CA ASN C 86 -27.73 -30.51 21.04
C ASN C 86 -26.96 -30.22 22.32
N THR C 87 -27.20 -31.02 23.35
CA THR C 87 -26.52 -30.85 24.61
C THR C 87 -25.06 -31.25 24.53
N LYS C 88 -24.76 -32.22 23.68
CA LYS C 88 -23.40 -32.72 23.51
C LYS C 88 -22.44 -31.63 23.01
N SER C 89 -22.91 -30.79 22.09
CA SER C 89 -22.08 -29.73 21.54
C SER C 89 -21.66 -28.75 22.63
N PHE C 90 -22.54 -28.52 23.60
CA PHE C 90 -22.26 -27.61 24.71
C PHE C 90 -21.20 -28.21 25.62
N GLU C 91 -21.28 -29.52 25.83
CA GLU C 91 -20.32 -30.21 26.69
C GLU C 91 -18.96 -30.33 26.01
N ASP C 92 -18.99 -30.57 24.70
CA ASP C 92 -17.76 -30.72 23.93
C ASP C 92 -16.98 -29.41 23.78
N ILE C 93 -17.62 -28.30 24.13
CA ILE C 93 -16.97 -26.99 24.04
C ILE C 93 -15.68 -26.98 24.87
N HIS C 94 -15.76 -27.59 26.05
CA HIS C 94 -14.62 -27.67 26.95
C HIS C 94 -13.44 -28.38 26.31
N HIS C 95 -13.74 -29.42 25.54
CA HIS C 95 -12.73 -30.21 24.86
C HIS C 95 -11.91 -29.34 23.91
N TYR C 96 -12.59 -28.54 23.11
CA TYR C 96 -11.93 -27.68 22.15
C TYR C 96 -11.24 -26.51 22.86
N ARG C 97 -11.83 -26.06 23.96
CA ARG C 97 -11.26 -24.96 24.73
C ARG C 97 -9.89 -25.34 25.29
N GLU C 98 -9.83 -26.50 25.93
CA GLU C 98 -8.58 -26.99 26.52
C GLU C 98 -7.49 -27.18 25.46
N GLN C 99 -7.92 -27.58 24.26
CA GLN C 99 -7.00 -27.79 23.16
C GLN C 99 -6.34 -26.47 22.79
N ILE C 100 -7.15 -25.42 22.71
CA ILE C 100 -6.66 -24.08 22.36
C ILE C 100 -5.63 -23.63 23.39
N LYS C 101 -5.90 -23.91 24.66
CA LYS C 101 -5.00 -23.55 25.74
C LYS C 101 -3.64 -24.23 25.57
N ARG C 102 -3.66 -25.47 25.12
CA ARG C 102 -2.44 -26.23 24.89
C ARG C 102 -1.68 -25.72 23.67
N VAL C 103 -2.38 -25.58 22.56
CA VAL C 103 -1.78 -25.16 21.30
C VAL C 103 -1.10 -23.78 21.39
N LYS C 104 -1.79 -22.81 21.96
CA LYS C 104 -1.24 -21.47 22.06
C LYS C 104 -0.33 -21.32 23.28
N ASP C 105 -0.24 -22.38 24.09
CA ASP C 105 0.60 -22.37 25.28
C ASP C 105 0.21 -21.23 26.22
N SER C 106 -1.10 -21.02 26.37
CA SER C 106 -1.61 -19.97 27.22
C SER C 106 -2.91 -20.39 27.89
N GLU C 107 -3.08 -20.04 29.15
CA GLU C 107 -4.29 -20.39 29.87
C GLU C 107 -5.40 -19.39 29.56
N ASP C 108 -5.01 -18.18 29.17
CA ASP C 108 -5.96 -17.13 28.84
C ASP C 108 -5.72 -16.61 27.42
N VAL C 109 -6.78 -16.67 26.61
CA VAL C 109 -6.72 -16.22 25.23
C VAL C 109 -8.09 -15.66 24.81
N PRO C 110 -8.16 -14.88 23.71
CA PRO C 110 -9.40 -14.31 23.21
C PRO C 110 -10.34 -15.38 22.65
N MET C 111 -11.36 -15.71 23.42
CA MET C 111 -12.33 -16.72 23.03
C MET C 111 -13.75 -16.18 23.22
N VAL C 112 -14.64 -16.56 22.32
CA VAL C 112 -16.04 -16.12 22.38
C VAL C 112 -16.97 -17.32 22.19
N LEU C 113 -17.96 -17.46 23.06
CA LEU C 113 -18.90 -18.55 22.98
C LEU C 113 -20.08 -18.16 22.09
N VAL C 114 -20.33 -18.94 21.05
CA VAL C 114 -21.41 -18.64 20.12
C VAL C 114 -22.42 -19.78 20.06
N GLY C 115 -23.65 -19.47 20.43
CA GLY C 115 -24.72 -20.45 20.39
C GLY C 115 -25.54 -20.32 19.13
N ASN C 116 -25.33 -21.24 18.20
CA ASN C 116 -26.04 -21.22 16.93
C ASN C 116 -27.34 -22.01 17.00
N LYS C 117 -28.20 -21.79 16.00
CA LYS C 117 -29.50 -22.47 15.93
C LYS C 117 -30.38 -22.08 17.12
N CYS C 118 -30.21 -20.84 17.58
CA CYS C 118 -30.95 -20.34 18.72
C CYS C 118 -32.39 -19.94 18.36
N ASP C 119 -32.67 -19.85 17.07
CA ASP C 119 -34.02 -19.48 16.64
C ASP C 119 -34.85 -20.70 16.28
N LEU C 120 -34.35 -21.87 16.66
CA LEU C 120 -35.04 -23.13 16.41
C LEU C 120 -35.81 -23.56 17.65
N PRO C 121 -36.92 -24.28 17.47
CA PRO C 121 -37.76 -24.75 18.58
C PRO C 121 -37.09 -25.87 19.38
N SER C 122 -35.96 -26.35 18.88
CA SER C 122 -35.22 -27.41 19.54
C SER C 122 -34.24 -26.84 20.58
N ARG C 123 -34.48 -25.61 21.01
CA ARG C 123 -33.64 -24.94 22.00
C ARG C 123 -33.60 -25.74 23.30
N THR C 124 -32.52 -26.48 23.50
CA THR C 124 -32.35 -27.29 24.69
C THR C 124 -31.48 -26.55 25.70
N VAL C 125 -30.28 -26.16 25.26
CA VAL C 125 -29.35 -25.44 26.11
C VAL C 125 -29.87 -24.04 26.39
N ASP C 126 -30.16 -23.77 27.66
CA ASP C 126 -30.68 -22.46 28.05
C ASP C 126 -29.54 -21.46 28.12
N THR C 127 -29.86 -20.20 27.84
CA THR C 127 -28.88 -19.14 27.85
C THR C 127 -28.23 -18.99 29.24
N LYS C 128 -29.00 -19.22 30.29
CA LYS C 128 -28.48 -19.10 31.65
C LYS C 128 -27.40 -20.14 31.93
N GLN C 129 -27.55 -21.32 31.34
CA GLN C 129 -26.57 -22.39 31.52
C GLN C 129 -25.27 -22.03 30.81
N ALA C 130 -25.40 -21.55 29.59
CA ALA C 130 -24.26 -21.16 28.77
C ALA C 130 -23.54 -19.95 29.36
N GLN C 131 -24.30 -18.93 29.71
CA GLN C 131 -23.74 -17.70 30.26
C GLN C 131 -23.00 -17.94 31.57
N ASP C 132 -23.55 -18.82 32.41
CA ASP C 132 -22.93 -19.13 33.70
C ASP C 132 -21.56 -19.76 33.51
N LEU C 133 -21.52 -20.79 32.67
CA LEU C 133 -20.27 -21.49 32.39
C LEU C 133 -19.26 -20.56 31.74
N ALA C 134 -19.73 -19.77 30.78
CA ALA C 134 -18.88 -18.83 30.06
C ALA C 134 -18.30 -17.79 31.01
N ARG C 135 -19.15 -17.23 31.86
CA ARG C 135 -18.71 -16.21 32.82
C ARG C 135 -17.76 -16.81 33.85
N SER C 136 -17.96 -18.08 34.16
CA SER C 136 -17.11 -18.79 35.12
C SER C 136 -15.67 -18.84 34.64
N TYR C 137 -15.50 -18.97 33.32
CA TYR C 137 -14.18 -19.02 32.73
C TYR C 137 -13.69 -17.62 32.39
N GLY C 138 -14.58 -16.81 31.83
CA GLY C 138 -14.21 -15.45 31.49
C GLY C 138 -14.49 -15.06 30.04
N ILE C 139 -15.26 -15.89 29.35
CA ILE C 139 -15.60 -15.61 27.96
C ILE C 139 -17.06 -15.20 27.81
N PRO C 140 -17.37 -14.33 26.84
CA PRO C 140 -18.74 -13.88 26.60
C PRO C 140 -19.54 -14.85 25.72
N PHE C 141 -20.84 -14.92 25.94
CA PHE C 141 -21.71 -15.80 25.18
C PHE C 141 -22.70 -15.00 24.35
N ILE C 142 -22.69 -15.23 23.04
CA ILE C 142 -23.59 -14.52 22.14
C ILE C 142 -24.50 -15.51 21.40
N GLU C 143 -25.79 -15.20 21.34
CA GLU C 143 -26.74 -16.05 20.63
C GLU C 143 -26.69 -15.69 19.15
N THR C 144 -26.41 -16.67 18.32
CA THR C 144 -26.31 -16.43 16.89
C THR C 144 -27.15 -17.42 16.09
N SER C 145 -27.59 -17.01 14.92
CA SER C 145 -28.39 -17.86 14.05
C SER C 145 -28.02 -17.61 12.60
N ALA C 146 -27.66 -18.68 11.90
CA ALA C 146 -27.30 -18.57 10.50
C ALA C 146 -28.57 -18.48 9.66
N LYS C 147 -29.62 -19.09 10.19
CA LYS C 147 -30.93 -19.09 9.54
C LYS C 147 -31.49 -17.68 9.47
N THR C 148 -31.27 -16.91 10.52
CA THR C 148 -31.77 -15.54 10.59
C THR C 148 -30.67 -14.51 10.29
N ARG C 149 -29.42 -14.96 10.37
CA ARG C 149 -28.27 -14.09 10.13
C ARG C 149 -28.21 -12.92 11.10
N GLN C 150 -28.83 -13.11 12.26
CA GLN C 150 -28.89 -12.07 13.29
C GLN C 150 -27.82 -12.31 14.34
N GLY C 151 -27.09 -11.25 14.69
CA GLY C 151 -26.06 -11.36 15.70
C GLY C 151 -24.74 -11.87 15.15
N VAL C 152 -24.76 -12.30 13.88
CA VAL C 152 -23.56 -12.83 13.24
C VAL C 152 -22.48 -11.76 13.10
N ASP C 153 -22.85 -10.62 12.53
CA ASP C 153 -21.92 -9.52 12.33
C ASP C 153 -21.33 -9.05 13.65
N ASP C 154 -22.19 -8.85 14.63
CA ASP C 154 -21.75 -8.38 15.96
C ASP C 154 -20.86 -9.40 16.65
N ALA C 155 -21.22 -10.67 16.58
CA ALA C 155 -20.43 -11.74 17.21
C ALA C 155 -19.02 -11.76 16.65
N PHE C 156 -18.90 -11.51 15.34
CA PHE C 156 -17.60 -11.48 14.69
C PHE C 156 -16.80 -10.26 15.10
N TYR C 157 -17.49 -9.13 15.27
CA TYR C 157 -16.84 -7.90 15.69
C TYR C 157 -16.40 -8.00 17.15
N THR C 158 -17.18 -8.75 17.93
CA THR C 158 -16.90 -8.95 19.35
C THR C 158 -15.51 -9.56 19.56
N LEU C 159 -15.16 -10.54 18.75
CA LEU C 159 -13.87 -11.21 18.86
C LEU C 159 -12.74 -10.22 18.60
N VAL C 160 -12.95 -9.32 17.65
CA VAL C 160 -11.95 -8.31 17.31
C VAL C 160 -11.68 -7.43 18.52
N ARG C 161 -12.74 -7.08 19.24
CA ARG C 161 -12.63 -6.25 20.43
C ARG C 161 -11.84 -6.99 21.50
N GLU C 162 -12.09 -8.30 21.62
CA GLU C 162 -11.40 -9.13 22.60
C GLU C 162 -9.90 -9.16 22.32
N ILE C 163 -9.53 -9.32 21.04
CA ILE C 163 -8.14 -9.36 20.64
C ILE C 163 -7.44 -8.06 20.99
N ARG C 164 -8.10 -6.94 20.70
CA ARG C 164 -7.55 -5.63 20.98
C ARG C 164 -7.32 -5.43 22.48
N LYS C 165 -8.26 -5.90 23.28
CA LYS C 165 -8.17 -5.78 24.73
C LYS C 165 -7.10 -6.73 25.27
N HIS C 166 -6.95 -7.88 24.62
CA HIS C 166 -5.97 -8.87 25.03
C HIS C 166 -4.55 -8.34 24.91
N LYS C 167 -4.25 -7.71 23.77
CA LYS C 167 -2.92 -7.16 23.53
C LYS C 167 -2.62 -6.08 24.57
N GLU C 168 -3.61 -5.24 24.84
CA GLU C 168 -3.48 -4.17 25.83
C GLU C 168 -3.25 -4.75 27.22
N LYS C 169 -4.00 -5.79 27.55
CA LYS C 169 -3.90 -6.46 28.84
C LYS C 169 -2.50 -7.05 29.02
N MET C 170 -1.97 -7.65 27.97
CA MET C 170 -0.66 -8.27 28.01
C MET C 170 0.43 -7.26 28.34
N SER C 171 0.28 -6.03 27.84
CA SER C 171 1.25 -4.98 28.08
C SER C 171 1.25 -4.55 29.53
N LYS C 172 0.06 -4.44 30.12
CA LYS C 172 -0.08 -4.00 31.50
C LYS C 172 0.27 -5.11 32.49
N ASP C 173 -0.03 -6.36 32.12
CA ASP C 173 0.26 -7.49 32.98
C ASP C 173 1.76 -7.78 33.01
N GLY C 174 2.26 -8.46 31.99
CA GLY C 174 3.67 -8.77 31.91
C GLY C 174 4.05 -10.11 32.50
N LYS C 175 3.08 -10.83 33.05
CA LYS C 175 3.35 -12.13 33.65
C LYS C 175 2.83 -13.25 32.77
N LYS C 176 1.73 -12.97 32.05
CA LYS C 176 1.11 -13.93 31.14
C LYS C 176 0.53 -15.14 31.89
N LYS C 177 -0.67 -14.98 32.42
CA LYS C 177 -1.32 -16.05 33.16
C LYS C 177 -2.83 -15.96 32.96
N LYS C 178 -3.56 -16.88 33.58
CA LYS C 178 -5.02 -16.91 33.47
C LYS C 178 -5.64 -15.65 34.08
N LYS C 179 -6.73 -15.19 33.49
CA LYS C 179 -7.43 -14.00 33.97
C LYS C 179 -8.09 -14.26 35.30
N LYS C 180 -7.67 -13.54 36.33
CA LYS C 180 -8.26 -13.70 37.64
C LYS C 180 -9.55 -12.89 37.73
N SER C 181 -9.43 -11.62 38.13
CA SER C 181 -10.59 -10.76 38.25
C SER C 181 -10.28 -9.40 37.63
N LYS C 182 -11.33 -8.68 37.25
CA LYS C 182 -11.19 -7.36 36.65
C LYS C 182 -12.32 -6.44 37.07
N THR C 183 -13.55 -6.89 36.89
CA THR C 183 -14.73 -6.11 37.25
C THR C 183 -14.78 -4.80 36.47
N LYS C 184 -14.56 -4.89 35.16
CA LYS C 184 -14.56 -3.72 34.29
C LYS C 184 -15.80 -3.72 33.41
N CYS C 185 -15.95 -4.77 32.62
CA CYS C 185 -17.09 -4.92 31.71
C CYS C 185 -17.18 -3.75 30.73
N ASN D 1 -7.09 -38.09 1.22
CA ASN D 1 -7.15 -37.50 -0.11
C ASN D 1 -7.40 -35.99 0.00
N THR D 2 -6.32 -35.23 0.16
CA THR D 2 -6.41 -33.79 0.29
C THR D 2 -6.54 -33.14 -1.08
N ILE D 3 -7.57 -32.32 -1.25
CA ILE D 3 -7.83 -31.62 -2.49
C ILE D 3 -8.15 -30.15 -2.22
N ARG D 4 -7.18 -29.29 -2.48
CA ARG D 4 -7.36 -27.85 -2.26
C ARG D 4 -7.78 -27.15 -3.54
N VAL D 5 -8.99 -26.63 -3.55
CA VAL D 5 -9.53 -25.92 -4.70
C VAL D 5 -9.43 -24.42 -4.47
N PHE D 6 -8.63 -23.75 -5.26
CA PHE D 6 -8.45 -22.31 -5.13
C PHE D 6 -9.42 -21.54 -6.02
N LEU D 7 -10.17 -20.65 -5.39
CA LEU D 7 -11.14 -19.83 -6.10
C LEU D 7 -10.49 -18.52 -6.53
N PRO D 8 -11.17 -17.71 -7.38
CA PRO D 8 -10.65 -16.41 -7.83
C PRO D 8 -10.16 -15.55 -6.67
N ASN D 9 -9.04 -14.88 -6.88
CA ASN D 9 -8.43 -14.02 -5.85
C ASN D 9 -7.83 -14.86 -4.73
N LYS D 10 -7.88 -14.35 -3.51
CA LYS D 10 -7.33 -15.09 -2.37
C LYS D 10 -8.41 -15.87 -1.65
N GLN D 11 -8.55 -17.14 -1.99
CA GLN D 11 -9.54 -18.00 -1.35
C GLN D 11 -9.26 -19.46 -1.66
N ARG D 12 -9.24 -20.29 -0.62
CA ARG D 12 -8.97 -21.71 -0.77
C ARG D 12 -10.00 -22.55 -0.02
N THR D 13 -10.51 -23.58 -0.69
CA THR D 13 -11.49 -24.46 -0.09
C THR D 13 -11.08 -25.93 -0.31
N VAL D 14 -10.91 -26.65 0.79
CA VAL D 14 -10.55 -28.06 0.73
C VAL D 14 -11.80 -28.90 0.85
N VAL D 15 -12.19 -29.54 -0.24
CA VAL D 15 -13.39 -30.36 -0.24
C VAL D 15 -13.09 -31.80 0.17
N ASN D 16 -14.12 -32.51 0.59
CA ASN D 16 -13.99 -33.89 1.00
C ASN D 16 -14.66 -34.81 -0.01
N VAL D 17 -13.89 -35.22 -1.00
CA VAL D 17 -14.39 -36.09 -2.06
C VAL D 17 -13.98 -37.53 -1.81
N ARG D 18 -14.74 -38.46 -2.38
CA ARG D 18 -14.45 -39.88 -2.23
C ARG D 18 -15.12 -40.65 -3.36
N ASN D 19 -14.86 -41.96 -3.42
CA ASN D 19 -15.43 -42.83 -4.45
C ASN D 19 -14.91 -42.45 -5.84
N GLY D 20 -15.62 -41.56 -6.51
CA GLY D 20 -15.21 -41.13 -7.83
C GLY D 20 -15.93 -39.87 -8.24
N MET D 21 -15.36 -38.74 -7.88
CA MET D 21 -15.96 -37.45 -8.22
C MET D 21 -15.07 -36.68 -9.20
N SER D 22 -15.65 -36.28 -10.32
CA SER D 22 -14.92 -35.54 -11.34
C SER D 22 -14.75 -34.10 -10.90
N LEU D 23 -13.94 -33.34 -11.64
CA LEU D 23 -13.69 -31.95 -11.32
C LEU D 23 -14.98 -31.15 -11.26
N HIS D 24 -15.87 -31.41 -12.21
CA HIS D 24 -17.16 -30.73 -12.28
C HIS D 24 -18.00 -31.00 -11.04
N ASP D 25 -17.97 -32.24 -10.56
CA ASP D 25 -18.73 -32.62 -9.37
C ASP D 25 -18.38 -31.74 -8.17
N CYS D 26 -17.09 -31.53 -7.95
CA CYS D 26 -16.62 -30.72 -6.84
C CYS D 26 -16.96 -29.23 -7.07
N LEU D 27 -16.75 -28.77 -8.30
CA LEU D 27 -17.00 -27.38 -8.66
C LEU D 27 -18.49 -27.05 -8.63
N MET D 28 -19.32 -28.00 -9.04
CA MET D 28 -20.76 -27.82 -9.07
C MET D 28 -21.32 -27.50 -7.69
N LYS D 29 -20.78 -28.16 -6.67
CA LYS D 29 -21.22 -27.94 -5.30
C LYS D 29 -20.93 -26.51 -4.85
N ALA D 30 -19.79 -25.98 -5.27
CA ALA D 30 -19.39 -24.62 -4.91
C ALA D 30 -20.14 -23.61 -5.77
N LEU D 31 -20.46 -24.01 -6.99
CA LEU D 31 -21.16 -23.14 -7.94
C LEU D 31 -22.51 -22.67 -7.39
N LYS D 32 -23.21 -23.56 -6.69
CA LYS D 32 -24.53 -23.21 -6.13
C LYS D 32 -24.41 -22.28 -4.92
N VAL D 33 -23.31 -22.38 -4.20
CA VAL D 33 -23.08 -21.55 -3.01
C VAL D 33 -22.71 -20.13 -3.43
N ARG D 34 -22.13 -20.01 -4.61
CA ARG D 34 -21.71 -18.71 -5.13
C ARG D 34 -22.74 -18.11 -6.08
N GLY D 35 -23.41 -18.97 -6.84
CA GLY D 35 -24.41 -18.51 -7.77
C GLY D 35 -23.80 -17.88 -9.01
N LEU D 36 -22.93 -18.63 -9.68
CA LEU D 36 -22.27 -18.13 -10.88
C LEU D 36 -22.42 -19.11 -12.04
N GLN D 37 -21.69 -18.85 -13.12
CA GLN D 37 -21.73 -19.70 -14.30
C GLN D 37 -20.38 -20.36 -14.56
N PRO D 38 -20.38 -21.62 -15.02
CA PRO D 38 -19.14 -22.36 -15.30
C PRO D 38 -18.64 -22.11 -16.72
N GLU D 39 -19.23 -21.12 -17.38
CA GLU D 39 -18.85 -20.77 -18.75
C GLU D 39 -17.51 -20.04 -18.76
N CYS D 40 -17.44 -18.97 -17.99
CA CYS D 40 -16.23 -18.16 -17.91
C CYS D 40 -15.14 -18.89 -17.13
N CYS D 41 -15.55 -19.55 -16.05
CA CYS D 41 -14.63 -20.30 -15.19
C CYS D 41 -14.07 -21.50 -15.94
N ALA D 42 -12.76 -21.52 -16.13
CA ALA D 42 -12.12 -22.61 -16.85
C ALA D 42 -11.43 -23.56 -15.89
N VAL D 43 -10.71 -24.53 -16.44
CA VAL D 43 -10.00 -25.51 -15.62
C VAL D 43 -8.49 -25.31 -15.70
N PHE D 44 -7.87 -25.08 -14.55
CA PHE D 44 -6.44 -24.87 -14.47
C PHE D 44 -5.86 -25.65 -13.30
N ARG D 45 -4.55 -25.86 -13.33
CA ARG D 45 -3.86 -26.61 -12.29
C ARG D 45 -2.78 -25.75 -11.63
N LEU D 46 -1.77 -26.39 -11.06
CA LEU D 46 -0.68 -25.67 -10.40
C LEU D 46 0.34 -25.18 -11.44
N LEU D 47 1.35 -24.46 -10.97
CA LEU D 47 2.40 -23.95 -11.84
C LEU D 47 3.75 -24.58 -11.50
N GLN D 48 4.09 -25.66 -12.20
CA GLN D 48 5.35 -26.36 -11.96
C GLN D 48 6.53 -25.61 -12.58
N GLU D 49 7.08 -24.67 -11.81
CA GLU D 49 8.22 -23.86 -12.23
C GLU D 49 7.94 -23.12 -13.54
N HIS D 50 7.03 -22.16 -13.48
CA HIS D 50 6.67 -21.40 -14.67
C HIS D 50 7.08 -19.94 -14.54
N LYS D 51 7.07 -19.23 -15.66
CA LYS D 51 7.44 -17.82 -15.69
C LYS D 51 6.34 -16.96 -15.09
N GLY D 52 5.10 -17.41 -15.23
CA GLY D 52 3.98 -16.68 -14.69
C GLY D 52 2.76 -16.77 -15.57
N LYS D 53 2.41 -17.98 -15.99
CA LYS D 53 1.26 -18.20 -16.84
C LYS D 53 0.45 -19.39 -16.33
N LYS D 54 -0.87 -19.23 -16.30
CA LYS D 54 -1.75 -20.30 -15.84
C LYS D 54 -1.74 -21.49 -16.80
N ALA D 55 -1.60 -22.67 -16.26
CA ALA D 55 -1.58 -23.89 -17.06
C ALA D 55 -2.98 -24.50 -17.18
N ARG D 56 -3.49 -24.52 -18.39
CA ARG D 56 -4.82 -25.04 -18.65
C ARG D 56 -4.81 -26.57 -18.72
N LEU D 57 -5.83 -27.18 -18.13
CA LEU D 57 -5.96 -28.62 -18.13
C LEU D 57 -7.18 -29.05 -18.93
N ASP D 58 -7.91 -30.04 -18.42
CA ASP D 58 -9.11 -30.53 -19.09
C ASP D 58 -10.22 -30.76 -18.08
N TRP D 59 -11.45 -30.84 -18.56
CA TRP D 59 -12.60 -31.04 -17.68
C TRP D 59 -12.71 -32.50 -17.24
N ASN D 60 -12.13 -33.41 -18.03
CA ASN D 60 -12.21 -34.84 -17.71
C ASN D 60 -10.95 -35.33 -17.00
N THR D 61 -10.14 -34.41 -16.52
CA THR D 61 -8.93 -34.76 -15.79
C THR D 61 -9.28 -35.41 -14.45
N ASP D 62 -8.68 -36.54 -14.15
CA ASP D 62 -8.94 -37.24 -12.91
C ASP D 62 -8.48 -36.41 -11.71
N ALA D 63 -9.40 -36.12 -10.80
CA ALA D 63 -9.10 -35.31 -9.63
C ALA D 63 -8.34 -36.08 -8.56
N ALA D 64 -8.56 -37.38 -8.49
CA ALA D 64 -7.90 -38.22 -7.50
C ALA D 64 -6.43 -38.43 -7.85
N SER D 65 -6.14 -38.46 -9.14
CA SER D 65 -4.77 -38.66 -9.61
C SER D 65 -3.96 -37.36 -9.56
N LEU D 66 -4.61 -36.29 -9.10
CA LEU D 66 -3.96 -34.99 -8.99
C LEU D 66 -3.80 -34.63 -7.51
N ILE D 67 -3.89 -35.65 -6.67
CA ILE D 67 -3.78 -35.49 -5.22
C ILE D 67 -2.49 -34.78 -4.82
N GLY D 68 -2.63 -33.77 -3.96
CA GLY D 68 -1.48 -33.03 -3.50
C GLY D 68 -1.32 -31.71 -4.22
N GLU D 69 -1.90 -31.61 -5.40
CA GLU D 69 -1.83 -30.40 -6.19
C GLU D 69 -3.04 -29.50 -5.92
N GLU D 70 -2.81 -28.20 -5.93
CA GLU D 70 -3.89 -27.25 -5.68
C GLU D 70 -4.53 -26.81 -7.00
N LEU D 71 -5.85 -26.95 -7.07
CA LEU D 71 -6.60 -26.58 -8.28
C LEU D 71 -6.80 -25.08 -8.34
N GLN D 72 -6.84 -24.54 -9.56
CA GLN D 72 -7.03 -23.11 -9.75
C GLN D 72 -8.22 -22.84 -10.67
N VAL D 73 -9.20 -22.12 -10.15
CA VAL D 73 -10.38 -21.77 -10.94
C VAL D 73 -10.27 -20.34 -11.47
N ASP D 74 -9.64 -20.21 -12.63
CA ASP D 74 -9.46 -18.90 -13.25
C ASP D 74 -10.37 -18.73 -14.45
N PHE D 75 -10.20 -17.64 -15.19
CA PHE D 75 -11.03 -17.36 -16.36
C PHE D 75 -10.37 -17.85 -17.63
N LEU D 76 -11.00 -17.56 -18.76
CA LEU D 76 -10.49 -17.97 -20.08
C LEU D 76 -9.22 -17.19 -20.45
N ASP D 77 -8.92 -17.19 -21.74
CA ASP D 77 -7.73 -16.49 -22.25
C ASP D 77 -7.95 -14.99 -22.27
N HIS D 78 -6.88 -14.25 -22.55
CA HIS D 78 -6.90 -12.79 -22.63
C HIS D 78 -6.99 -12.12 -21.25
N VAL D 79 -7.98 -12.50 -20.46
CA VAL D 79 -8.16 -11.93 -19.13
C VAL D 79 -7.79 -12.93 -18.01
N PRO D 80 -6.58 -12.79 -17.46
CA PRO D 80 -6.09 -13.64 -16.39
C PRO D 80 -6.46 -13.09 -15.01
N LEU D 81 -6.64 -13.99 -14.04
CA LEU D 81 -6.98 -13.61 -12.67
C LEU D 81 -8.36 -12.96 -12.60
N THR D 82 -8.61 -12.22 -11.53
CA THR D 82 -9.88 -11.55 -11.35
C THR D 82 -9.66 -10.05 -11.16
N THR D 83 -10.30 -9.24 -11.99
CA THR D 83 -10.18 -7.80 -11.89
C THR D 83 -11.05 -7.27 -10.76
N HIS D 84 -10.50 -6.35 -9.99
CA HIS D 84 -11.24 -5.74 -8.88
C HIS D 84 -12.53 -5.13 -9.40
N ASN D 85 -13.65 -5.45 -8.75
CA ASN D 85 -14.95 -4.96 -9.17
C ASN D 85 -15.41 -3.76 -8.35
N PHE D 86 -15.87 -2.72 -9.04
CA PHE D 86 -16.34 -1.50 -8.39
C PHE D 86 -17.85 -1.61 -8.13
N ALA D 87 -18.23 -2.43 -7.17
CA ALA D 87 -19.64 -2.60 -6.85
C ALA D 87 -20.10 -1.53 -5.86
N ARG D 88 -20.56 -0.40 -6.40
CA ARG D 88 -21.01 0.71 -5.57
C ARG D 88 -22.20 0.34 -4.69
N LYS D 89 -21.98 0.32 -3.39
CA LYS D 89 -23.01 0.00 -2.43
C LYS D 89 -22.76 0.79 -1.15
N THR D 90 -23.69 0.71 -0.21
CA THR D 90 -23.56 1.42 1.05
C THR D 90 -22.59 0.70 2.00
N PHE D 91 -21.92 1.48 2.82
CA PHE D 91 -20.98 0.94 3.79
C PHE D 91 -21.71 0.58 5.08
N LEU D 92 -21.08 -0.20 5.94
CA LEU D 92 -21.72 -0.60 7.19
C LEU D 92 -21.62 0.49 8.24
N LYS D 93 -20.63 1.37 8.11
CA LYS D 93 -20.45 2.47 9.06
C LYS D 93 -19.48 3.50 8.49
N LEU D 94 -19.40 4.65 9.16
CA LEU D 94 -18.51 5.72 8.73
C LEU D 94 -17.05 5.28 8.82
N ALA D 95 -16.27 5.62 7.79
CA ALA D 95 -14.87 5.25 7.74
C ALA D 95 -14.04 6.37 7.14
N PHE D 96 -12.75 6.10 6.94
CA PHE D 96 -11.83 7.05 6.36
C PHE D 96 -11.22 6.46 5.11
N CYS D 97 -10.66 7.30 4.26
CA CYS D 97 -10.05 6.83 3.03
C CYS D 97 -8.73 6.14 3.35
N ASP D 98 -8.43 5.09 2.61
CA ASP D 98 -7.20 4.34 2.82
C ASP D 98 -6.06 4.93 2.01
N ILE D 99 -6.40 5.50 0.87
CA ILE D 99 -5.40 6.10 -0.02
C ILE D 99 -5.36 7.62 0.14
N CYS D 100 -6.44 8.19 0.68
CA CYS D 100 -6.50 9.63 0.91
C CYS D 100 -6.56 9.92 2.41
N GLN D 101 -6.30 11.15 2.79
CA GLN D 101 -6.33 11.52 4.20
C GLN D 101 -7.69 12.12 4.59
N LYS D 102 -8.70 11.81 3.80
CA LYS D 102 -10.05 12.32 4.07
C LYS D 102 -10.99 11.21 4.52
N PHE D 103 -12.21 11.59 4.88
CA PHE D 103 -13.20 10.61 5.32
C PHE D 103 -13.79 9.86 4.12
N LEU D 104 -14.33 8.67 4.38
CA LEU D 104 -14.92 7.87 3.33
C LEU D 104 -16.43 8.00 3.31
N LEU D 105 -16.96 8.41 2.18
CA LEU D 105 -18.39 8.59 2.02
C LEU D 105 -18.95 7.53 1.07
N ASN D 106 -20.03 7.86 0.37
CA ASN D 106 -20.64 6.95 -0.59
C ASN D 106 -19.79 6.82 -1.87
N GLY D 107 -18.62 6.22 -1.73
CA GLY D 107 -17.72 6.05 -2.85
C GLY D 107 -17.82 4.65 -3.44
N PHE D 108 -16.69 3.97 -3.53
CA PHE D 108 -16.65 2.63 -4.10
C PHE D 108 -15.96 1.64 -3.18
N ARG D 109 -16.42 0.39 -3.23
CA ARG D 109 -15.84 -0.68 -2.43
C ARG D 109 -16.07 -2.01 -3.13
N CYS D 110 -15.10 -2.90 -3.04
CA CYS D 110 -15.19 -4.21 -3.68
C CYS D 110 -16.09 -5.16 -2.90
N GLN D 111 -16.59 -6.17 -3.60
CA GLN D 111 -17.44 -7.18 -2.99
C GLN D 111 -16.60 -8.36 -2.53
N THR D 112 -15.64 -8.74 -3.36
CA THR D 112 -14.74 -9.84 -3.06
C THR D 112 -13.70 -9.42 -2.03
N CYS D 113 -13.07 -8.28 -2.26
CA CYS D 113 -12.06 -7.77 -1.34
C CYS D 113 -12.70 -6.97 -0.20
N GLY D 114 -13.01 -5.71 -0.46
CA GLY D 114 -13.63 -4.89 0.56
C GLY D 114 -12.86 -3.63 0.88
N TYR D 115 -12.16 -3.08 -0.10
CA TYR D 115 -11.40 -1.87 0.11
C TYR D 115 -12.29 -0.64 0.07
N LYS D 116 -11.92 0.41 0.81
CA LYS D 116 -12.72 1.63 0.86
C LYS D 116 -11.98 2.80 0.21
N PHE D 117 -12.58 3.38 -0.82
CA PHE D 117 -11.97 4.51 -1.52
C PHE D 117 -13.02 5.43 -2.12
N HIS D 118 -12.58 6.60 -2.56
CA HIS D 118 -13.47 7.59 -3.16
C HIS D 118 -13.66 7.30 -4.64
N GLU D 119 -14.16 8.29 -5.36
CA GLU D 119 -14.38 8.15 -6.78
C GLU D 119 -13.15 8.64 -7.55
N HIS D 120 -12.14 9.03 -6.78
CA HIS D 120 -10.89 9.53 -7.34
C HIS D 120 -9.77 8.54 -7.10
N CYS D 121 -9.85 7.83 -5.97
CA CYS D 121 -8.85 6.85 -5.60
C CYS D 121 -8.88 5.63 -6.50
N SER D 122 -9.98 5.47 -7.23
CA SER D 122 -10.16 4.34 -8.14
C SER D 122 -9.01 4.27 -9.16
N THR D 123 -8.51 5.43 -9.55
CA THR D 123 -7.42 5.51 -10.50
C THR D 123 -6.17 6.07 -9.81
N LYS D 124 -6.17 5.99 -8.49
CA LYS D 124 -5.06 6.49 -7.69
C LYS D 124 -4.36 5.36 -6.92
N VAL D 125 -5.07 4.25 -6.75
CA VAL D 125 -4.53 3.10 -6.04
C VAL D 125 -3.57 2.29 -6.93
N PRO D 126 -2.31 2.11 -6.49
CA PRO D 126 -1.31 1.35 -7.22
C PRO D 126 -1.32 -0.14 -6.88
N THR D 127 -1.88 -0.47 -5.73
CA THR D 127 -1.94 -1.85 -5.28
C THR D 127 -3.31 -2.45 -5.57
N MET D 128 -3.37 -3.30 -6.59
CA MET D 128 -4.60 -3.96 -7.00
C MET D 128 -5.07 -4.95 -5.93
N CYS D 129 -6.38 -5.14 -5.83
CA CYS D 129 -6.95 -6.06 -4.85
C CYS D 129 -6.66 -7.52 -5.24
N VAL D 130 -5.40 -7.93 -5.08
CA VAL D 130 -5.00 -9.30 -5.41
C VAL D 130 -4.01 -9.83 -4.36
N ASP D 131 -4.07 -9.25 -3.17
CA ASP D 131 -3.19 -9.66 -2.08
C ASP D 131 -3.46 -11.11 -1.67
N TRP D 132 -2.48 -11.73 -1.03
CA TRP D 132 -2.60 -13.12 -0.59
C TRP D 132 -2.09 -13.29 0.84
C1 PCW E . -8.12 21.71 -20.50
C2 PCW E . -7.38 21.78 -21.83
C3 PCW E . -6.81 23.18 -22.02
C4 PCW E . -11.33 18.69 -19.49
C5 PCW E . -11.71 17.28 -19.03
C6 PCW E . -12.70 16.14 -17.07
C7 PCW E . -12.65 18.65 -17.14
C8 PCW E . -13.82 18.18 -18.00
C11 PCW E . -5.36 24.42 -23.32
C12 PCW E . -4.36 24.63 -24.46
C13 PCW E . -4.89 25.58 -25.52
C14 PCW E . -3.90 25.70 -26.67
C15 PCW E . -4.38 26.71 -27.72
C16 PCW E . -3.38 26.79 -28.88
C17 PCW E . -3.80 27.86 -29.89
C18 PCW E . -2.81 27.91 -31.05
C19 PCW E . -3.11 28.95 -31.93
C20 PCW E . -2.36 29.13 -33.08
C21 PCW E . -1.30 28.28 -33.38
C22 PCW E . -0.34 28.15 -32.20
C23 PCW E . 0.83 27.22 -32.54
C24 PCW E . 1.74 27.01 -31.33
C25 PCW E . 0.97 26.36 -30.18
C26 PCW E . 0.46 24.98 -30.57
C27 PCW E . -0.28 24.31 -29.42
C28 PCW E . -0.78 22.92 -29.80
C31 PCW E . -5.88 20.62 -23.10
C32 PCW E . -4.70 19.70 -23.37
C33 PCW E . -3.83 20.29 -24.49
C34 PCW E . -2.57 19.44 -24.76
C35 PCW E . -1.75 20.07 -25.87
C36 PCW E . -0.44 19.31 -26.12
C37 PCW E . 0.36 19.96 -27.24
C38 PCW E . 1.69 19.25 -27.46
C39 PCW E . 2.40 19.84 -28.51
C40 PCW E . 3.73 20.19 -28.36
C41 PCW E . 4.38 19.97 -27.15
C42 PCW E . 5.83 20.47 -27.20
C43 PCW E . 5.88 21.97 -27.48
C44 PCW E . 7.31 22.48 -27.60
C45 PCW E . 8.04 21.81 -28.76
C46 PCW E . 9.48 22.32 -28.90
C47 PCW E . 10.18 21.66 -30.08
C48 PCW E . 11.61 22.19 -30.23
N PCW E . -12.60 17.37 -17.86
O2 PCW E . -6.30 20.83 -21.83
O3 PCW E . -5.93 23.19 -23.15
O11 PCW E . -5.68 25.35 -22.58
O31 PCW E . -6.48 21.16 -24.03
O1P PCW E . -10.97 20.99 -21.23
O2P PCW E . -9.34 19.64 -22.62
O3P PCW E . -8.72 20.43 -20.32
O4P PCW E . -10.44 18.61 -20.60
P PCW E . -9.91 19.96 -21.30
C1 PCW F . -0.73 14.41 28.99
C2 PCW F . 0.75 14.27 29.33
C3 PCW F . 0.89 13.99 30.82
C4 PCW F . 0.05 10.19 29.33
C5 PCW F . 1.44 9.54 29.26
C6 PCW F . 0.87 8.77 31.54
C7 PCW F . 1.45 7.08 29.78
C8 PCW F . 2.76 7.67 30.30
C11 PCW F . 2.96 12.97 30.87
C12 PCW F . 4.46 12.91 31.19
C13 PCW F . 4.75 13.53 32.55
C14 PCW F . 6.24 13.50 32.88
C15 PCW F . 6.50 14.12 34.25
C16 PCW F . 6.01 15.56 34.29
C17 PCW F . 6.23 16.19 35.67
C18 PCW F . 7.71 16.18 36.04
C19 PCW F . 7.91 16.77 37.29
C20 PCW F . 9.12 17.40 37.58
C21 PCW F . 10.13 17.44 36.63
C22 PCW F . 11.36 18.18 37.16
C23 PCW F . 11.03 19.63 37.50
C24 PCW F . 12.27 20.36 38.04
C25 PCW F . 11.93 21.81 38.39
C26 PCW F . 11.44 22.57 37.16
C27 PCW F . 11.11 24.02 37.50
C28 PCW F . 10.62 24.79 36.27
C31 PCW F . 1.48 13.66 27.27
C32 PCW F . 2.06 12.70 26.22
C33 PCW F . 3.57 12.54 26.37
C34 PCW F . 4.32 13.83 26.04
C35 PCW F . 3.99 14.96 27.02
C36 PCW F . 4.78 16.22 26.66
C37 PCW F . 4.50 17.36 27.65
C38 PCW F . 5.30 18.60 27.29
C39 PCW F . 5.09 19.63 28.21
C40 PCW F . 5.97 20.71 28.28
C41 PCW F . 7.05 20.76 27.42
C42 PCW F . 7.16 22.14 26.76
C43 PCW F . 7.33 23.23 27.80
C44 PCW F . 7.44 24.61 27.14
C45 PCW F . 7.60 25.71 28.18
C46 PCW F . 6.42 25.76 29.14
C47 PCW F . 6.59 26.86 30.19
C48 PCW F . 5.39 26.91 31.14
N PCW F . 1.53 8.47 30.27
O2 PCW F . 1.35 13.23 28.55
O3 PCW F . 2.26 14.09 31.21
O11 PCW F . 2.39 12.02 30.35
O31 PCW F . 1.15 14.80 26.97
O1P PCW F . -2.54 11.07 28.50
O2P PCW F . -1.44 12.60 26.78
O3P PCW F . -1.44 13.18 29.23
O4P PCW F . -0.03 11.26 28.39
P PCW F . -1.44 12.01 28.14
C1 PCW G . -11.47 33.30 -4.72
C2 PCW G . -10.32 33.82 -5.57
C3 PCW G . -9.09 34.07 -4.72
C4 PCW G . -7.66 30.66 -3.92
C5 PCW G . -8.18 29.22 -3.84
C6 PCW G . -9.42 29.75 -5.92
C7 PCW G . -7.75 27.88 -5.92
C8 PCW G . -9.04 27.35 -5.28
C11 PCW G . -6.83 34.43 -4.78
C12 PCW G . -5.47 34.58 -5.45
C13 PCW G . -4.51 35.43 -4.61
C14 PCW G . -3.13 35.44 -5.25
C15 PCW G . -2.13 36.32 -4.48
C16 PCW G . -2.03 35.91 -3.01
C17 PCW G . -0.83 36.59 -2.34
C18 PCW G . -0.78 36.30 -0.84
C19 PCW G . -1.80 36.98 -0.16
C20 PCW G . -2.63 36.30 0.73
C21 PCW G . -2.46 34.94 0.97
C22 PCW G . -2.01 34.67 2.41
C23 PCW G . -2.01 33.17 2.70
C24 PCW G . -1.54 32.86 4.12
C25 PCW G . -0.08 33.28 4.34
C26 PCW G . 0.41 32.85 5.71
C27 PCW G . 1.89 33.22 5.91
C28 PCW G . 2.38 32.77 7.29
C31 PCW G . -9.43 33.50 -7.64
C32 PCW G . -8.96 32.71 -8.87
C33 PCW G . -7.87 33.48 -9.62
C34 PCW G . -6.69 33.78 -8.70
C35 PCW G . -5.62 34.60 -9.41
C36 PCW G . -4.44 34.89 -8.48
C37 PCW G . -3.39 35.76 -9.16
C38 PCW G . -2.23 36.04 -8.21
C39 PCW G . -1.27 36.86 -8.81
C40 PCW G . 0.08 36.63 -8.58
C41 PCW G . 0.48 35.58 -7.77
C42 PCW G . 1.58 36.01 -6.80
C43 PCW G . 1.10 37.10 -5.85
C44 PCW G . 2.21 37.51 -4.87
C45 PCW G . 3.42 38.05 -5.61
C46 PCW G . 3.05 39.30 -6.44
C47 PCW G . 4.27 39.85 -7.17
C48 PCW G . 3.91 41.09 -7.99
N PCW G . -8.64 28.76 -5.16
O2 PCW G . -10.02 32.86 -6.60
O3 PCW G . -7.95 34.27 -5.55
O11 PCW G . -6.95 34.45 -3.56
O31 PCW G . -9.31 34.72 -7.62
O1P PCW G . -9.74 33.01 -2.45
O2P PCW G . -10.16 30.51 -2.47
O3P PCW G . -11.20 32.00 -4.20
O4P PCW G . -8.73 31.56 -4.24
P PCW G . -9.94 31.77 -3.21
C1 PCW H . 7.89 -27.66 -0.69
C2 PCW H . 9.41 -27.65 -0.54
C3 PCW H . 10.05 -27.35 -1.90
C4 PCW H . 5.29 -23.98 -0.72
C5 PCW H . 4.43 -23.03 -1.55
C6 PCW H . 2.99 -21.93 0.14
C7 PCW H . 1.93 -23.07 -1.84
C8 PCW H . 2.30 -24.15 -0.82
C11 PCW H . 11.99 -28.42 -1.33
C12 PCW H . 13.50 -28.53 -1.08
C13 PCW H . 14.29 -27.69 -2.07
C14 PCW H . 15.78 -27.68 -1.74
C15 PCW H . 16.03 -27.08 -0.35
C16 PCW H . 17.51 -27.07 -0.01
C17 PCW H . 17.75 -26.46 1.38
C18 PCW H . 19.24 -26.43 1.72
C19 PCW H . 19.46 -25.85 2.96
C20 PCW H . 20.64 -26.07 3.64
C21 PCW H . 21.63 -26.88 3.09
C22 PCW H . 22.72 -26.03 2.43
C23 PCW H . 23.82 -26.92 1.84
C24 PCW H . 24.90 -26.07 1.15
C25 PCW H . 25.99 -26.97 0.56
C26 PCW H . 27.07 -26.13 -0.13
C27 PCW H . 26.47 -25.30 -1.27
C28 PCW H . 27.55 -24.46 -1.96
C31 PCW H . 9.53 -26.99 1.65
C32 PCW H . 9.88 -26.05 2.80
C33 PCW H . 11.39 -25.91 2.95
C34 PCW H . 11.76 -24.97 4.11
C35 PCW H . 13.27 -24.84 4.24
C36 PCW H . 13.64 -23.88 5.38
C37 PCW H . 15.16 -23.74 5.50
C38 PCW H . 15.81 -25.09 5.80
C39 PCW H . 17.20 -24.97 5.85
C40 PCW H . 17.83 -24.69 7.06
C41 PCW H . 17.08 -24.53 8.23
C42 PCW H . 18.00 -24.27 9.43
C43 PCW H . 18.96 -25.43 9.66
C44 PCW H . 19.92 -25.13 10.81
C45 PCW H . 19.15 -24.88 12.12
C46 PCW H . 20.12 -24.56 13.26
C47 PCW H . 19.36 -24.33 14.56
C48 PCW H . 20.31 -24.01 15.71
N PCW H . 3.10 -22.91 -0.95
O2 PCW H . 9.79 -26.61 0.37
O3 PCW H . 11.47 -27.24 -1.73
O11 PCW H . 11.26 -29.40 -1.19
O31 PCW H . 9.03 -28.09 1.87
O1P PCW H . 7.43 -25.15 0.82
O2P PCW H . 9.05 -24.58 -1.04
O3P PCW H . 7.41 -26.45 -1.31
O4P PCW H . 6.60 -24.08 -1.30
P PCW H . 7.71 -25.02 -0.62
C1 PCW I . 5.74 5.56 30.53
C2 PCW I . 6.16 6.60 29.49
C3 PCW I . 5.95 8.00 30.05
C4 PCW I . 6.05 4.37 26.66
C5 PCW I . 6.08 5.40 25.54
C6 PCW I . 8.34 4.46 25.14
C7 PCW I . 6.67 4.50 23.27
C8 PCW I . 7.27 5.90 23.38
C11 PCW I . 6.27 10.23 29.59
C12 PCW I . 6.72 11.41 28.73
C13 PCW I . 6.98 12.67 29.56
C14 PCW I . 7.48 13.80 28.66
C15 PCW I . 7.71 15.09 29.45
C16 PCW I . 8.72 14.87 30.58
C17 PCW I . 9.03 16.20 31.29
C18 PCW I . 9.98 15.97 32.46
C19 PCW I . 10.36 17.17 33.04
C20 PCW I . 9.41 18.12 33.42
C21 PCW I . 8.06 17.89 33.22
C22 PCW I . 7.40 19.09 32.54
C23 PCW I . 5.91 18.84 32.30
C24 PCW I . 5.26 20.06 31.62
C25 PCW I . 3.78 19.80 31.35
C26 PCW I . 3.14 21.01 30.66
C27 PCW I . 1.65 20.76 30.38
C28 PCW I . 1.02 21.96 29.68
C31 PCW I . 7.84 7.00 27.99
C32 PCW I . 9.28 7.00 27.48
C33 PCW I . 9.97 8.32 27.83
C34 PCW I . 9.96 8.56 29.34
C35 PCW I . 10.49 9.95 29.69
C36 PCW I . 10.49 10.19 31.20
C37 PCW I . 10.94 11.61 31.54
C38 PCW I . 10.98 11.81 33.06
C39 PCW I . 11.32 13.12 33.38
C40 PCW I . 12.58 13.62 33.08
C41 PCW I . 13.53 12.81 32.46
C42 PCW I . 14.93 13.18 32.89
C43 PCW I . 15.98 12.33 32.17
C44 PCW I . 17.40 12.70 32.60
C45 PCW I . 18.44 11.86 31.86
C46 PCW I . 18.36 12.10 30.35
C47 PCW I . 18.60 13.58 30.01
C48 PCW I . 18.51 13.80 28.50
N PCW I . 7.12 5.04 24.56
O2 PCW I . 7.55 6.42 29.18
O3 PCW I . 6.41 8.97 29.10
O11 PCW I . 5.79 10.40 30.70
O31 PCW I . 6.94 7.48 27.30
O1P PCW I . 5.11 2.36 28.50
O2P PCW I . 3.41 4.02 29.40
O3P PCW I . 5.84 4.24 29.98
O4P PCW I . 5.06 4.73 27.63
P PCW I . 4.78 3.75 28.88
C1 PCW J . 7.08 -17.65 14.05
C2 PCW J . 8.52 -17.21 14.36
C3 PCW J . 8.62 -15.70 14.48
C4 PCW J . 3.11 -16.03 16.07
C5 PCW J . 3.03 -14.64 16.70
C6 PCW J . 2.83 -13.86 14.36
C7 PCW J . 1.05 -13.27 16.02
C8 PCW J . 2.22 -12.31 16.24
C11 PCW J . 10.16 -14.02 14.81
C12 PCW J . 11.55 -13.47 15.13
C13 PCW J . 12.64 -14.46 14.70
C14 PCW J . 14.02 -14.00 15.14
C15 PCW J . 14.40 -12.65 14.54
C16 PCW J . 15.83 -12.27 14.94
C17 PCW J . 16.82 -13.32 14.41
C18 PCW J . 18.25 -12.99 14.84
C19 PCW J . 19.14 -13.94 14.34
C20 PCW J . 20.50 -13.70 14.32
C21 PCW J . 21.04 -12.51 14.79
C22 PCW J . 21.06 -11.43 13.70
C23 PCW J . 19.65 -11.05 13.28
C24 PCW J . 19.68 -9.99 12.18
C25 PCW J . 20.32 -10.53 10.90
C26 PCW J . 20.33 -9.47 9.80
C27 PCW J . 20.94 -10.03 8.50
C28 PCW J . 20.14 -11.23 8.00
C31 PCW J . 9.15 -19.14 15.42
C32 PCW J . 9.61 -19.98 16.61
C33 PCW J . 10.34 -19.13 17.65
C34 PCW J . 10.82 -19.97 18.83
C35 PCW J . 11.51 -19.10 19.87
C36 PCW J . 12.00 -19.94 21.06
C37 PCW J . 12.66 -19.05 22.12
C38 PCW J . 13.15 -19.87 23.30
C39 PCW J . 13.71 -19.05 24.29
C40 PCW J . 14.82 -19.47 25.01
C41 PCW J . 15.38 -20.72 24.76
C42 PCW J . 16.66 -20.91 25.58
C43 PCW J . 17.69 -19.84 25.24
C44 PCW J . 18.96 -20.01 26.08
C45 PCW J . 20.01 -18.94 25.74
C46 PCW J . 20.42 -19.05 24.27
C47 PCW J . 21.48 -18.00 23.93
C48 PCW J . 21.89 -18.09 22.46
N PCW J . 2.43 -13.69 15.76
O2 PCW J . 8.94 -17.81 15.60
O3 PCW J . 9.98 -15.37 14.78
O11 PCW J . 9.21 -13.27 14.57
O31 PCW J . 8.98 -19.65 14.32
O1P PCW J . 5.81 -15.33 16.61
O2P PCW J . 6.15 -15.01 14.11
O3P PCW J . 6.19 -17.30 15.12
O4P PCW J . 4.03 -16.02 14.97
P PCW J . 5.60 -15.81 15.22
C1 PCW K . -7.49 29.04 -11.78
C2 PCW K . -6.24 29.50 -12.53
C3 PCW K . -6.50 29.67 -14.02
C4 PCW K . -11.85 31.12 -11.76
C5 PCW K . -12.61 32.43 -11.59
C6 PCW K . -14.24 33.42 -10.01
C7 PCW K . -12.83 31.47 -9.28
C8 PCW K . -11.98 32.72 -9.17
C11 PCW K . -5.33 30.22 -15.94
C12 PCW K . -4.06 30.58 -16.71
C13 PCW K . -3.33 31.74 -16.01
C14 PCW K . -1.91 31.91 -16.54
C15 PCW K . -1.07 30.66 -16.21
C16 PCW K . 0.41 30.84 -16.58
C17 PCW K . 0.69 30.73 -18.08
C18 PCW K . -0.03 31.78 -18.92
C19 PCW K . -1.38 31.49 -19.05
C20 PCW K . -2.24 32.40 -19.64
C21 PCW K . -1.74 33.62 -20.11
C22 PCW K . -1.20 33.49 -21.54
C23 PCW K . -0.73 34.84 -22.07
C24 PCW K . 0.41 35.41 -21.23
C25 PCW K . 0.81 36.80 -21.74
C26 PCW K . 1.96 37.38 -20.90
C27 PCW K . 3.21 36.51 -20.99
C28 PCW K . 3.71 36.38 -22.42
C31 PCW K . -5.32 30.57 -10.73
C32 PCW K . -4.77 31.77 -9.94
C33 PCW K . -3.27 31.96 -10.16
C34 PCW K . -2.93 32.24 -11.63
C35 PCW K . -1.43 32.51 -11.78
C36 PCW K . -1.03 33.77 -11.01
C37 PCW K . 0.49 33.92 -10.91
C38 PCW K . 1.16 34.06 -12.28
C39 PCW K . 2.54 34.08 -12.12
C40 PCW K . 3.39 34.72 -13.01
C41 PCW K . 2.92 35.38 -14.15
C42 PCW K . 3.64 36.72 -14.31
C43 PCW K . 3.44 37.33 -15.70
C44 PCW K . 4.16 38.67 -15.80
C45 PCW K . 4.15 39.20 -17.23
C46 PCW K . 4.96 38.30 -18.15
C47 PCW K . 5.01 38.87 -19.58
C48 PCW K . 5.87 38.00 -20.50
N PCW K . -13.03 32.60 -10.19
O2 PCW K . -5.78 30.76 -11.99
O3 PCW K . -5.23 30.02 -14.59
O11 PCW K . -6.41 30.12 -16.51
O31 PCW K . -5.33 29.45 -10.22
O1P PCW K . -10.56 28.66 -11.31
O2P PCW K . -9.28 29.74 -9.40
O3P PCW K . -8.52 30.02 -11.78
O4P PCW K . -10.64 31.15 -10.98
P PCW K . -9.78 29.81 -10.80
C1 PCW L . 6.97 -0.10 31.21
C2 PCW L . 8.39 -0.64 31.06
C3 PCW L . 8.54 -1.93 31.85
C4 PCW L . 4.10 0.27 33.24
C5 PCW L . 3.78 -0.16 34.68
C6 PCW L . 4.12 0.74 36.96
C7 PCW L . 4.21 2.29 34.99
C8 PCW L . 2.74 2.04 35.30
C11 PCW L . 10.01 -3.59 32.42
C12 PCW L . 11.36 -4.33 32.40
C13 PCW L . 11.68 -4.94 33.75
C14 PCW L . 13.07 -5.58 33.74
C15 PCW L . 14.13 -4.52 33.44
C16 PCW L . 15.54 -5.13 33.46
C17 PCW L . 16.58 -4.06 33.16
C18 PCW L . 18.00 -4.65 33.17
C19 PCW L . 18.93 -3.66 32.90
C20 PCW L . 20.29 -3.87 33.16
C21 PCW L . 20.71 -5.09 33.69
C22 PCW L . 22.19 -5.02 34.08
C23 PCW L . 22.67 -6.35 34.68
C24 PCW L . 22.53 -7.48 33.67
C25 PCW L . 22.99 -8.81 34.25
C26 PCW L . 22.86 -9.96 33.25
C27 PCW L . 23.35 -11.28 33.84
C28 PCW L . 23.21 -12.42 32.84
C31 PCW L . 10.01 -0.86 29.44
C32 PCW L . 10.54 -1.12 28.04
C33 PCW L . 11.92 -0.48 27.84
C34 PCW L . 12.46 -0.76 26.44
C35 PCW L . 11.52 -0.20 25.37
C36 PCW L . 12.05 -0.49 23.96
C37 PCW L . 11.09 0.05 22.90
C38 PCW L . 11.62 -0.24 21.49
C39 PCW L . 10.73 0.23 20.52
C40 PCW L . 11.12 0.26 19.19
C41 PCW L . 12.38 -0.18 18.81
C42 PCW L . 13.26 1.00 18.40
C43 PCW L . 14.66 0.52 18.00
C44 PCW L . 15.53 1.70 17.57
C45 PCW L . 16.94 1.24 17.17
C46 PCW L . 17.80 2.43 16.72
C47 PCW L . 17.91 3.47 17.83
C48 PCW L . 18.77 4.66 17.39
N PCW L . 3.77 1.02 35.55
O2 PCW L . 8.67 -0.87 29.67
O3 PCW L . 9.86 -2.46 31.68
O11 PCW L . 9.07 -4.01 33.08
O31 PCW L . 10.78 -0.62 30.38
O1P PCW L . 4.30 0.76 30.46
O2P PCW L . 3.67 -1.66 30.02
O3P PCW L . 5.99 -1.04 30.74
O4P PCW L . 4.09 -0.87 32.37
P PCW L . 4.42 -0.67 30.81
C1 17F M . -9.81 7.26 -26.53
N1 17F M . -9.48 6.69 -24.16
O1 17F M . -6.10 6.95 -26.39
P1 17F M . -7.25 7.63 -27.03
C2 17F M . -9.78 7.79 -25.09
O2 17F M . -7.59 9.00 -26.59
C3 17F M . -11.13 8.41 -24.75
O3 17F M . -8.56 6.70 -26.90
C4 17F M . -7.71 8.54 -29.46
O4 17F M . -12.09 7.63 -24.57
C5 17F M . -7.26 8.41 -30.91
O5 17F M . -11.18 9.65 -24.65
C6 17F M . -8.09 9.34 -31.78
O6 17F M . -6.98 7.65 -28.61
C7 17F M . -6.57 9.80 -33.44
O7 17F M . -7.74 9.16 -33.16
C8 17F M . -5.98 9.70 -34.85
O8 17F M . -6.00 10.45 -32.57
C9 17F M . -5.48 8.28 -35.13
O9 17F M . -5.86 8.74 -31.02
C10 17F M . -4.82 8.20 -36.51
O10 17F M . -5.62 6.71 -30.11
C11 17F M . -3.64 9.17 -36.61
C12 17F M . -2.94 9.05 -37.96
C17 17F M . -5.10 7.74 -30.51
C18 17F M . -3.58 7.91 -30.49
C19 17F M . -3.16 8.96 -29.45
C20 17F M . -3.80 10.32 -29.78
C1X 17F M . -1.76 10.02 -38.06
C1Y 17F M . -3.41 11.37 -28.73
C1Z 17F M . -1.90 11.58 -28.71
C2X 17F M . -1.03 9.88 -39.39
C21 17F M . -0.51 8.60 -39.53
C22 17F M . 0.84 8.38 -39.29
C23 17F M . 1.67 9.44 -38.90
C24 17F M . 2.98 9.42 -39.69
C25 17F M . 3.88 10.58 -39.29
C26 17F M . 5.19 10.55 -40.09
C27 17F M . 6.10 11.72 -39.70
C28 17F M . 7.41 11.67 -40.49
C29 17F M . 8.33 12.83 -40.11
C30 17F M . 9.64 12.78 -40.89
C31 17F M . -1.51 12.64 -27.67
C32 17F M . -0.01 12.89 -27.66
C33 17F M . 0.69 11.72 -27.39
C34 17F M . 1.84 11.40 -28.12
C35 17F M . 2.28 12.24 -29.13
C36 17F M . 3.38 13.18 -28.62
C37 17F M . 4.58 12.38 -28.12
C38 17F M . 5.71 13.30 -27.67
C39 17F M . 6.92 12.51 -27.20
C40 17F M . 8.06 13.44 -26.76
C41 17F M . 9.29 12.64 -26.33
C42 17F M . 10.43 13.57 -25.90
HN1 17F M . -10.27 6.11 -24.36
HN1A 17F M . -9.67 6.80 -23.20
HAC 17F M . -8.79 6.04 -24.50
C1 PCW N . 32.16 0.20 -19.39
C2 PCW N . 31.82 -1.26 -19.73
C3 PCW N . 32.20 -2.14 -18.56
C4 PCW N . 32.60 2.24 -23.85
C5 PCW N . 34.04 2.37 -24.31
C6 PCW N . 34.42 4.82 -24.43
C7 PCW N . 34.86 3.40 -26.46
C8 PCW N . 33.35 3.63 -26.37
C11 PCW N . 31.83 -4.20 -17.67
C12 PCW N . 31.49 -5.70 -17.69
C13 PCW N . 30.09 -5.95 -17.15
C14 PCW N . 29.79 -7.45 -17.11
C15 PCW N . 28.39 -7.73 -16.55
C16 PCW N . 28.13 -9.24 -16.48
C17 PCW N . 26.71 -9.52 -15.99
C18 PCW N . 26.44 -11.03 -15.91
C19 PCW N . 25.14 -11.30 -15.51
C20 PCW N . 24.88 -12.35 -14.64
C21 PCW N . 25.93 -13.13 -14.15
C22 PCW N . 25.54 -14.61 -14.13
C23 PCW N . 25.25 -15.13 -15.53
C24 PCW N . 24.93 -16.63 -15.51
C25 PCW N . 23.67 -16.91 -14.69
C26 PCW N . 22.44 -16.26 -15.33
C27 PCW N . 21.18 -16.55 -14.52
C28 PCW N . 19.94 -15.94 -15.18
C31 PCW N . 29.99 -0.82 -21.09
C32 PCW N . 28.50 -0.88 -21.44
C33 PCW N . 28.26 -1.81 -22.64
C34 PCW N . 26.76 -2.03 -22.85
C35 PCW N . 26.14 -2.72 -21.65
C36 PCW N . 26.77 -4.10 -21.44
C37 PCW N . 26.26 -4.77 -20.15
C38 PCW N . 26.85 -6.18 -20.02
C39 PCW N . 26.48 -6.78 -18.82
C40 PCW N . 25.15 -6.94 -18.48
C41 PCW N . 24.13 -6.50 -19.32
C42 PCW N . 22.96 -7.49 -19.32
C43 PCW N . 21.81 -6.96 -20.17
C44 PCW N . 20.66 -7.97 -20.22
C45 PCW N . 19.49 -7.44 -21.04
C46 PCW N . 18.91 -6.18 -20.40
C47 PCW N . 18.36 -6.48 -19.01
C48 PCW N . 17.72 -5.23 -18.38
N PCW N . 34.18 3.57 -25.16
O2 PCW N . 30.41 -1.39 -19.94
O3 PCW N . 31.83 -3.50 -18.84
O11 PCW N . 32.09 -3.63 -16.61
O31 PCW N . 30.80 -0.26 -21.85
O1P PCW N . 34.11 2.16 -21.49
O2P PCW N . 33.90 -0.37 -21.56
O3P PCW N . 32.11 1.05 -20.53
O4P PCW N . 32.45 1.07 -23.03
P PCW N . 33.26 0.96 -21.64
C1 PCW O . 39.97 -16.54 -8.00
C2 PCW O . 38.49 -16.45 -7.59
C3 PCW O . 37.91 -17.84 -7.48
C4 PCW O . 40.84 -13.55 -10.70
C5 PCW O . 40.52 -13.52 -12.19
C6 PCW O . 40.56 -11.09 -12.66
C7 PCW O . 38.59 -12.46 -13.40
C8 PCW O . 38.42 -12.18 -11.90
C11 PCW O . 35.95 -19.00 -7.46
C12 PCW O . 34.43 -19.16 -7.41
C13 PCW O . 33.74 -18.23 -8.43
C14 PCW O . 32.22 -18.43 -8.41
C15 PCW O . 31.82 -19.85 -8.81
C16 PCW O . 30.30 -20.00 -8.85
C17 PCW O . 29.90 -21.42 -9.26
C18 PCW O . 30.40 -22.45 -8.24
C19 PCW O . 30.16 -23.73 -8.69
C20 PCW O . 29.02 -24.43 -8.29
C21 PCW O . 28.09 -23.84 -7.43
C22 PCW O . 27.21 -24.91 -6.79
C23 PCW O . 26.17 -24.28 -5.86
C24 PCW O . 25.29 -25.37 -5.23
C25 PCW O . 24.20 -24.76 -4.34
C26 PCW O . 23.36 -25.86 -3.70
C27 PCW O . 22.72 -26.75 -4.76
C28 PCW O . 21.87 -27.86 -4.12
C31 PCW O . 38.52 -14.41 -6.60
C32 PCW O . 38.50 -13.38 -5.46
C33 PCW O . 37.70 -13.87 -4.25
C34 PCW O . 38.31 -15.14 -3.63
C35 PCW O . 37.67 -15.42 -2.27
C36 PCW O . 38.23 -16.68 -1.63
C37 PCW O . 37.72 -16.81 -0.19
C38 PCW O . 38.25 -18.09 0.48
C39 PCW O . 37.96 -18.11 1.83
C40 PCW O . 36.65 -18.01 2.29
C41 PCW O . 35.59 -17.88 1.40
C42 PCW O . 34.59 -19.02 1.59
C43 PCW O . 33.41 -18.89 0.62
C44 PCW O . 32.45 -20.08 0.78
C45 PCW O . 31.30 -19.97 -0.22
C46 PCW O . 30.38 -21.18 -0.09
C47 PCW O . 31.12 -22.48 -0.41
C48 PCW O . 30.21 -23.69 -0.26
N PCW O . 39.75 -12.31 -12.51
O2 PCW O . 38.36 -15.73 -6.35
O3 PCW O . 36.49 -17.75 -7.35
O11 PCW O . 36.69 -19.96 -7.60
O31 PCW O . 38.66 -14.02 -7.76
O1P PCW O . 42.60 -13.85 -8.25
O2P PCW O . 42.70 -16.34 -8.78
O3P PCW O . 40.52 -15.23 -8.16
O4P PCW O . 41.58 -14.73 -10.37
P PCW O . 41.97 -15.05 -8.85
C1 PCW P . 22.52 35.71 -20.58
C2 PCW P . 21.13 35.30 -20.08
C3 PCW P . 20.13 35.45 -21.22
C4 PCW P . 25.55 38.00 -18.18
C5 PCW P . 26.16 38.26 -16.79
C6 PCW P . 27.20 40.11 -15.54
C7 PCW P . 25.92 40.61 -17.64
C8 PCW P . 24.91 40.41 -16.51
C11 PCW P . 17.93 35.58 -21.78
C12 PCW P . 16.42 35.49 -21.56
C13 PCW P . 16.08 35.18 -20.09
C14 PCW P . 14.56 35.22 -19.88
C15 PCW P . 14.19 34.89 -18.43
C16 PCW P . 12.68 35.06 -18.21
C17 PCW P . 11.87 34.23 -19.17
C18 PCW P . 10.36 34.42 -18.95
C19 PCW P . 10.00 35.75 -19.15
C20 PCW P . 8.67 36.11 -19.34
C21 PCW P . 7.67 35.13 -19.32
C22 PCW P . 6.72 35.36 -18.15
C23 PCW P . 5.62 34.29 -18.12
C24 PCW P . 4.71 34.47 -16.91
C25 PCW P . 3.62 33.39 -16.88
C26 PCW P . 2.76 33.47 -18.14
C27 PCW P . 2.07 34.84 -18.25
C28 PCW P . 1.13 35.07 -17.07
C31 PCW P . 20.08 33.73 -18.78
C32 PCW P . 19.88 32.35 -18.14
C33 PCW P . 18.56 31.72 -18.58
C34 PCW P . 18.33 30.38 -17.86
C35 PCW P . 18.32 30.57 -16.35
C36 PCW P . 18.02 29.25 -15.62
C37 PCW P . 18.00 29.45 -14.11
C38 PCW P . 17.69 28.14 -13.37
C39 PCW P . 17.71 28.32 -12.00
C40 PCW P . 16.62 27.92 -11.23
C41 PCW P . 15.50 27.34 -11.82
C42 PCW P . 14.22 28.06 -11.42
C43 PCW P . 14.02 28.03 -9.91
C44 PCW P . 12.74 28.76 -9.50
C45 PCW P . 12.56 28.76 -7.99
C46 PCW P . 12.48 27.34 -7.44
C47 PCW P . 12.31 27.34 -5.91
C48 PCW P . 12.18 25.90 -5.37
N PCW P . 26.20 39.71 -16.52
O2 PCW P . 21.15 33.95 -19.59
O3 PCW P . 18.78 35.25 -20.77
O11 PCW P . 18.38 35.94 -22.86
O31 PCW P . 19.30 34.65 -18.54
O1P PCW P . 25.75 34.80 -20.20
O2P PCW P . 25.02 37.15 -20.84
O3P PCW P . 23.50 35.63 -19.55
O4P PCW P . 25.55 36.60 -18.44
P PCW P . 25.02 36.04 -19.86
C1 PCW Q . 36.30 -10.80 -16.95
C2 PCW Q . 35.25 -11.87 -17.22
C3 PCW Q . 35.57 -13.11 -16.39
C4 PCW Q . 40.39 -8.79 -18.43
C5 PCW Q . 41.56 -9.77 -18.30
C6 PCW Q . 43.98 -9.89 -18.84
C7 PCW Q . 42.79 -7.68 -18.96
C8 PCW Q . 43.10 -7.96 -17.50
C11 PCW Q . 34.67 -15.09 -15.64
C12 PCW Q . 33.55 -16.10 -15.43
C13 PCW Q . 32.71 -16.24 -16.70
C14 PCW Q . 31.43 -17.04 -16.46
C15 PCW Q . 30.66 -17.21 -17.77
C16 PCW Q . 29.30 -17.87 -17.55
C17 PCW Q . 29.43 -19.19 -16.79
C18 PCW Q . 28.12 -19.99 -16.88
C19 PCW Q . 27.86 -20.31 -18.21
C20 PCW Q . 26.62 -20.77 -18.63
C21 PCW Q . 25.57 -20.95 -17.75
C22 PCW Q . 24.72 -22.14 -18.18
C23 PCW Q . 23.42 -22.26 -17.37
C24 PCW Q . 22.56 -21.01 -17.57
C25 PCW Q . 21.16 -21.19 -16.98
C26 PCW Q . 20.41 -22.32 -17.70
C27 PCW Q . 19.00 -22.49 -17.15
C28 PCW Q . 18.25 -23.59 -17.90
C31 PCW Q . 32.99 -12.15 -17.40
C32 PCW Q . 31.52 -11.89 -17.09
C33 PCW Q . 31.12 -10.45 -17.42
C34 PCW Q . 31.88 -9.45 -16.54
C35 PCW Q . 31.67 -9.74 -15.06
C36 PCW Q . 32.35 -8.69 -14.19
C37 PCW Q . 32.24 -9.04 -12.70
C38 PCW Q . 30.77 -9.15 -12.26
C39 PCW Q . 30.70 -9.44 -10.91
C40 PCW Q . 29.46 -9.57 -10.29
C41 PCW Q . 28.29 -9.41 -11.01
C42 PCW Q . 27.08 -9.49 -10.08
C43 PCW Q . 25.77 -9.29 -10.87
C44 PCW Q . 24.56 -9.38 -9.94
C45 PCW Q . 24.63 -8.32 -8.84
C46 PCW Q . 23.42 -8.42 -7.91
C47 PCW Q . 23.47 -7.36 -6.81
C48 PCW Q . 22.27 -7.49 -5.87
N PCW Q . 42.84 -9.06 -18.44
O2 PCW Q . 33.95 -11.39 -16.82
O3 PCW Q . 34.43 -13.96 -16.36
O11 PCW Q . 35.80 -15.29 -15.19
O31 PCW Q . 33.31 -13.02 -18.21
O1P PCW Q . 38.51 -9.45 -15.83
O2P PCW Q . 40.05 -11.26 -16.72
O3P PCW Q . 37.61 -11.25 -17.30
O4P PCW Q . 39.16 -9.49 -18.26
P PCW Q . 38.90 -10.35 -16.93
C1 PCW R . 33.35 -5.17 -30.09
C2 PCW R . 31.90 -4.67 -30.12
C3 PCW R . 31.59 -4.18 -31.53
C4 PCW R . 33.77 -2.04 -29.67
C5 PCW R . 34.42 -1.25 -30.81
C6 PCW R . 32.05 -0.72 -31.31
C7 PCW R . 33.72 1.15 -31.09
C8 PCW R . 33.88 0.55 -32.48
C11 PCW R . 29.99 -3.14 -32.79
C12 PCW R . 28.65 -2.46 -33.03
C13 PCW R . 28.19 -2.61 -34.48
C14 PCW R . 26.82 -1.95 -34.69
C15 PCW R . 26.88 -0.46 -34.35
C16 PCW R . 25.50 0.19 -34.45
C17 PCW R . 24.53 -0.43 -33.44
C18 PCW R . 23.16 0.25 -33.51
C19 PCW R . 23.27 1.61 -33.25
C20 PCW R . 22.67 2.16 -32.12
C21 PCW R . 21.96 1.36 -31.24
C22 PCW R . 21.82 2.05 -29.88
C23 PCW R . 21.04 1.18 -28.89
C24 PCW R . 19.63 0.89 -29.42
C25 PCW R . 18.82 0.08 -28.40
C26 PCW R . 19.49 -1.27 -28.13
C27 PCW R . 18.70 -2.07 -27.10
C28 PCW R . 19.37 -3.42 -26.80
C31 PCW R . 31.06 -6.05 -28.45
C32 PCW R . 30.19 -7.18 -27.91
C33 PCW R . 28.89 -6.67 -27.30
C34 PCW R . 28.04 -7.84 -26.78
C35 PCW R . 26.74 -7.35 -26.12
C36 PCW R . 27.04 -6.37 -24.98
C37 PCW R . 25.77 -6.01 -24.20
C38 PCW R . 24.67 -5.47 -25.13
C39 PCW R . 23.60 -5.00 -24.37
C40 PCW R . 22.34 -5.61 -24.43
C41 PCW R . 22.11 -6.71 -25.24
C42 PCW R . 21.37 -7.79 -24.46
C43 PCW R . 20.93 -8.95 -25.36
C44 PCW R . 20.28 -10.05 -24.53
C45 PCW R . 19.68 -11.14 -25.41
C46 PCW R . 18.56 -10.58 -26.29
C47 PCW R . 17.91 -11.68 -27.14
C48 PCW R . 16.78 -11.10 -27.99
N PCW R . 33.45 -0.27 -31.34
O2 PCW R . 30.99 -5.72 -29.77
O3 PCW R . 30.29 -3.60 -31.54
O11 PCW R . 30.80 -3.28 -33.70
O31 PCW R . 31.80 -5.42 -27.70
O1P PCW R . 33.05 -3.43 -27.29
O2P PCW R . 35.44 -4.27 -27.10
O3P PCW R . 33.86 -5.29 -28.76
O4P PCW R . 34.71 -2.96 -29.13
P PCW R . 34.26 -3.96 -27.94
C1 PCW S . 32.99 15.49 -15.30
C2 PCW S . 31.74 14.79 -15.84
C3 PCW S . 31.08 14.03 -14.69
C4 PCW S . 33.72 16.69 -19.59
C5 PCW S . 33.17 16.34 -20.97
C6 PCW S . 31.47 15.03 -19.73
C7 PCW S . 30.74 16.80 -21.35
C8 PCW S . 31.10 15.56 -22.15
C11 PCW S . 30.54 12.07 -15.73
C12 PCW S . 29.61 10.98 -16.27
C13 PCW S . 28.37 10.82 -15.39
C14 PCW S . 27.44 9.75 -15.94
C15 PCW S . 26.15 9.64 -15.12
C16 PCW S . 26.43 9.20 -13.68
C17 PCW S . 25.12 9.13 -12.89
C18 PCW S . 25.37 8.69 -11.45
C19 PCW S . 24.17 8.70 -10.73
C20 PCW S . 23.72 7.54 -10.10
C21 PCW S . 24.44 6.36 -10.18
C22 PCW S . 24.61 5.71 -8.80
C23 PCW S . 23.26 5.32 -8.19
C24 PCW S . 22.39 6.54 -7.89
C25 PCW S . 21.05 6.12 -7.28
C26 PCW S . 20.19 7.34 -6.96
C27 PCW S . 19.90 8.15 -8.23
C28 PCW S . 19.02 9.36 -7.91
C31 PCW S . 29.90 15.29 -17.18
C32 PCW S . 28.90 16.26 -17.83
C33 PCW S . 27.47 16.03 -17.37
C34 PCW S . 26.87 14.75 -17.98
C35 PCW S . 25.40 14.62 -17.62
C36 PCW S . 24.75 13.44 -18.34
C37 PCW S . 23.25 13.35 -18.03
C38 PCW S . 22.60 12.18 -18.78
C39 PCW S . 21.26 12.08 -18.47
C40 PCW S . 20.36 11.55 -19.41
C41 PCW S . 20.82 11.15 -20.66
C42 PCW S . 19.76 11.40 -21.73
C43 PCW S . 18.48 10.60 -21.44
C44 PCW S . 17.41 10.91 -22.49
C45 PCW S . 16.12 10.14 -22.19
C46 PCW S . 16.36 8.63 -22.24
C47 PCW S . 16.85 8.20 -23.63
C48 PCW S . 17.08 6.69 -23.68
N PCW S . 31.78 15.88 -20.88
O2 PCW S . 30.85 15.80 -16.36
O3 PCW S . 30.01 13.18 -15.15
O11 PCW S . 31.77 11.95 -15.81
O31 PCW S . 29.85 14.08 -17.42
O1P PCW S . 35.79 16.36 -17.57
O2P PCW S . 34.79 14.11 -16.98
O3P PCW S . 33.64 16.25 -16.33
O4P PCW S . 33.73 15.53 -18.76
P PCW S . 34.59 15.51 -17.40
C1 PCW T . -6.74 36.95 5.88
C2 PCW T . -6.00 38.28 5.72
C3 PCW T . -5.99 38.67 4.26
C4 PCW T . -8.81 35.23 9.53
C5 PCW T . -9.98 34.25 9.58
C6 PCW T . -10.21 33.70 11.99
C7 PCW T . -9.94 31.85 10.32
C8 PCW T . -8.55 32.44 10.58
C11 PCW T . -5.30 40.22 2.73
C12 PCW T . -4.61 41.51 2.25
C13 PCW T . -4.28 41.42 0.76
C14 PCW T . -3.54 42.68 0.30
C15 PCW T . -2.23 42.86 1.07
C16 PCW T . -1.44 44.07 0.57
C17 PCW T . -2.25 45.37 0.71
C18 PCW T . -1.44 46.56 0.21
C19 PCW T . -2.18 47.75 0.33
C20 PCW T . -1.94 48.79 -0.54
C21 PCW T . -0.97 48.68 -1.53
C22 PCW T . -0.33 50.03 -1.84
C23 PCW T . 0.73 49.90 -2.93
C24 PCW T . 1.37 51.26 -3.25
C25 PCW T . 2.06 51.84 -2.01
C26 PCW T . 2.69 53.19 -2.33
C27 PCW T . 3.75 53.05 -3.44
C28 PCW T . 4.87 52.11 -3.02
C31 PCW T . -5.75 40.14 7.03
C32 PCW T . -6.23 41.32 7.89
C33 PCW T . -6.80 40.83 9.22
C34 PCW T . -5.72 40.14 10.06
C35 PCW T . -4.64 41.13 10.51
C36 PCW T . -3.57 40.43 11.34
C37 PCW T . -2.55 41.42 11.89
C38 PCW T . -1.82 42.16 10.76
C39 PCW T . -0.88 43.05 11.28
C40 PCW T . -0.37 44.08 10.50
C41 PCW T . -0.79 44.25 9.19
C42 PCW T . 0.19 43.58 8.22
C43 PCW T . -0.21 43.83 6.77
C44 PCW T . 0.74 43.13 5.79
C45 PCW T . 0.37 43.41 4.34
C46 PCW T . -1.04 42.93 4.01
C47 PCW T . -2.09 43.69 4.82
C48 PCW T . -3.51 43.20 4.49
N PCW T . -9.77 33.26 10.65
O2 PCW T . -6.67 39.31 6.48
O3 PCW T . -5.31 39.91 4.06
O11 PCW T . -5.85 39.46 1.93
O31 PCW T . -4.55 39.94 6.86
O1P PCW T . -7.23 37.68 9.46
O2P PCW T . -8.57 38.42 7.43
O3P PCW T . -6.86 36.58 7.25
O4P PCW T . -9.02 36.18 8.48
P PCW T . -7.92 37.33 8.20
C1 PCW U . -1.57 33.30 15.43
C2 PCW U . -0.92 34.43 14.64
C3 PCW U . -1.48 35.77 15.09
C4 PCW U . -2.11 29.39 13.37
C5 PCW U . -3.24 28.98 12.41
C6 PCW U . -4.06 31.29 12.74
C7 PCW U . -3.49 30.50 10.43
C8 PCW U . -4.87 29.96 10.78
C11 PCW U . -1.27 38.03 14.77
C12 PCW U . -0.74 39.30 14.10
C13 PCW U . -0.36 40.36 15.14
C14 PCW U . 0.20 41.60 14.46
C15 PCW U . 0.53 42.69 15.49
C16 PCW U . 1.52 42.18 16.54
C17 PCW U . 1.93 43.31 17.48
C18 PCW U . 2.86 42.81 18.58
C19 PCW U . 3.99 42.19 18.05
C20 PCW U . 4.76 42.79 17.05
C21 PCW U . 4.43 44.04 16.54
C22 PCW U . 3.65 43.90 15.22
C23 PCW U . 3.37 45.25 14.59
C24 PCW U . 4.67 45.96 14.21
C25 PCW U . 4.39 47.29 13.50
C26 PCW U . 5.68 47.99 13.08
C27 PCW U . 5.37 49.30 12.35
C28 PCW U . 6.66 49.99 11.89
C31 PCW U . 0.82 34.65 16.14
C32 PCW U . 2.29 34.70 16.56
C33 PCW U . 2.86 36.11 16.35
C34 PCW U . 4.33 36.17 16.76
C35 PCW U . 4.88 37.58 16.54
C36 PCW U . 4.81 38.00 15.07
C37 PCW U . 5.29 39.44 14.88
C38 PCW U . 5.20 39.88 13.43
C39 PCW U . 5.57 41.20 13.28
C40 PCW U . 6.79 41.54 12.71
C41 PCW U . 7.66 40.55 12.27
C42 PCW U . 8.54 41.07 11.13
C43 PCW U . 9.54 40.01 10.66
C44 PCW U . 10.39 40.53 9.50
C45 PCW U . 11.39 39.49 9.02
C46 PCW U . 12.23 40.02 7.87
C47 PCW U . 12.98 41.30 8.27
C48 PCW U . 13.83 41.83 7.12
N PCW U . -3.85 30.17 11.82
O2 PCW U . 0.51 34.42 14.84
O3 PCW U . -0.87 36.81 14.31
O11 PCW U . -2.04 38.10 15.74
O31 PCW U . -0.07 34.82 16.97
O1P PCW U . -0.55 29.71 15.79
O2P PCW U . -2.49 31.02 16.82
O3P PCW U . -1.05 32.03 15.02
O4P PCW U . -2.65 30.17 14.46
P PCW U . -1.68 30.68 15.63
C1 PCW V . 33.99 13.39 -11.27
C2 PCW V . 33.14 12.11 -11.24
C3 PCW V . 31.67 12.49 -11.23
C4 PCW V . 35.03 10.05 -10.26
C5 PCW V . 35.22 9.09 -9.10
C6 PCW V . 33.84 7.14 -9.75
C7 PCW V . 33.49 8.20 -7.50
C8 PCW V . 32.78 9.07 -8.54
C11 PCW V . 29.54 11.66 -11.06
C12 PCW V . 28.48 10.58 -10.93
C13 PCW V . 29.09 9.28 -10.40
C14 PCW V . 28.01 8.18 -10.29
C15 PCW V . 28.60 6.88 -9.74
C16 PCW V . 27.52 5.80 -9.67
C17 PCW V . 28.08 4.47 -9.14
C18 PCW V . 26.98 3.40 -9.10
C19 PCW V . 27.48 2.19 -8.65
C20 PCW V . 28.26 1.40 -9.48
C21 PCW V . 28.56 1.83 -10.77
C22 PCW V . 29.11 0.70 -11.63
C23 PCW V . 28.08 -0.43 -11.80
C24 PCW V . 28.63 -1.54 -12.68
C25 PCW V . 27.61 -2.66 -12.88
C26 PCW V . 28.16 -3.73 -13.83
C27 PCW V . 27.13 -4.84 -14.05
C28 PCW V . 25.86 -4.29 -14.70
C31 PCW V . 33.02 10.01 -12.19
C32 PCW V . 33.19 8.99 -13.31
C33 PCW V . 31.83 8.49 -13.81
C34 PCW V . 32.00 7.49 -14.94
C35 PCW V . 30.63 6.97 -15.42
C36 PCW V . 30.80 5.98 -16.58
C37 PCW V . 29.44 5.46 -17.04
C38 PCW V . 28.54 6.61 -17.51
C39 PCW V . 27.34 6.14 -18.01
C40 PCW V . 26.38 5.58 -17.17
C41 PCW V . 26.63 5.50 -15.80
C42 PCW V . 26.17 4.16 -15.23
C43 PCW V . 26.43 4.06 -13.74
C44 PCW V . 25.96 2.71 -13.18
C45 PCW V . 24.47 2.51 -13.42
C46 PCW V . 24.01 1.14 -12.90
C47 PCW V . 24.27 0.99 -11.40
C48 PCW V . 23.82 -0.37 -10.90
N PCW V . 33.99 8.31 -8.88
O2 PCW V . 33.44 11.29 -12.38
O3 PCW V . 30.85 11.31 -11.13
O11 PCW V . 29.23 12.86 -11.09
O31 PCW V . 32.53 9.67 -11.11
O1P PCW V . 35.55 11.53 -12.78
O2P PCW V . 37.63 12.51 -11.68
O3P PCW V . 35.34 13.16 -10.88
O4P PCW V . 36.21 10.84 -10.44
P PCW V . 36.24 12.01 -11.55
C1 PCW W . 32.79 22.44 -7.98
C2 PCW W . 31.29 22.52 -7.69
C3 PCW W . 30.45 22.17 -8.91
C4 PCW W . 31.55 18.28 -9.45
C5 PCW W . 30.14 17.73 -9.28
C6 PCW W . 28.93 15.59 -9.56
C7 PCW W . 31.44 15.60 -9.61
C8 PCW W . 31.01 15.66 -8.15
C11 PCW W . 28.25 21.88 -9.57
C12 PCW W . 26.73 22.01 -9.38
C13 PCW W . 25.96 20.80 -9.93
C14 PCW W . 24.50 20.89 -9.52
C15 PCW W . 24.38 20.79 -7.99
C16 PCW W . 22.95 21.07 -7.51
C17 PCW W . 21.94 20.15 -8.19
C18 PCW W . 20.53 20.42 -7.66
C19 PCW W . 20.20 21.77 -7.79
C20 PCW W . 20.01 22.55 -6.66
C21 PCW W . 20.16 21.99 -5.39
C22 PCW W . 19.70 22.95 -4.30
C23 PCW W . 18.22 23.32 -4.49
C24 PCW W . 17.77 24.30 -3.41
C25 PCW W . 16.30 24.71 -3.64
C26 PCW W . 15.86 25.76 -2.61
C27 PCW W . 14.43 26.22 -2.89
C28 PCW W . 13.98 27.26 -1.85
C31 PCW W . 29.81 22.03 -6.01
C32 PCW W . 29.25 21.23 -4.83
C33 PCW W . 29.19 19.74 -5.17
C34 PCW W . 28.59 18.94 -4.01
C35 PCW W . 27.14 19.38 -3.74
C36 PCW W . 26.54 18.57 -2.57
C37 PCW W . 25.09 18.98 -2.33
C38 PCW W . 24.50 18.20 -1.15
C39 PCW W . 23.19 18.57 -0.90
C40 PCW W . 22.91 19.80 -0.29
C41 PCW W . 23.95 20.66 0.07
C42 PCW W . 24.20 21.70 -1.03
C43 PCW W . 25.33 22.65 -0.61
C44 PCW W . 25.58 23.70 -1.70
C45 PCW W . 26.70 24.66 -1.27
C46 PCW W . 26.98 25.71 -2.35
C47 PCW W . 27.41 25.03 -3.65
C48 PCW W . 27.69 26.07 -4.74
N PCW W . 30.19 16.26 -9.21
O2 PCW W . 30.97 21.65 -6.60
O3 PCW W . 29.07 22.33 -8.58
O11 PCW W . 28.73 21.40 -10.59
O31 PCW W . 29.20 23.02 -6.42
O1P PCW W . 32.57 21.71 -10.68
O2P PCW W . 33.94 19.62 -10.22
O3P PCW W . 33.18 21.12 -8.34
O4P PCW W . 31.50 19.70 -9.57
P PCW W . 32.86 20.54 -9.81
C1 PCW X . 30.11 11.76 -24.05
C2 PCW X . 29.13 12.25 -25.11
C3 PCW X . 28.34 11.05 -25.62
C4 PCW X . 33.84 11.41 -25.47
C5 PCW X . 34.36 12.30 -26.60
C6 PCW X . 33.84 10.97 -28.61
C7 PCW X . 36.16 11.85 -28.29
C8 PCW X . 36.02 10.59 -27.43
C11 PCW X . 26.90 10.25 -27.18
C12 PCW X . 25.97 10.30 -28.39
C13 PCW X . 26.76 10.50 -29.69
C14 PCW X . 25.89 10.21 -30.90
C15 PCW X . 26.64 10.51 -32.21
C16 PCW X . 25.84 10.01 -33.42
C17 PCW X . 24.43 10.61 -33.42
C18 PCW X . 23.61 10.05 -34.59
C19 PCW X . 23.53 8.66 -34.50
C20 PCW X . 22.31 8.02 -34.51
C21 PCW X . 21.12 8.74 -34.59
C22 PCW X . 20.07 7.95 -35.38
C23 PCW X . 18.75 8.70 -35.46
C24 PCW X . 17.72 7.90 -36.26
C25 PCW X . 16.37 8.65 -36.33
C26 PCW X . 15.80 8.86 -34.93
C27 PCW X . 14.47 9.61 -35.00
C28 PCW X . 13.88 9.81 -33.60
C31 PCW X . 28.88 14.43 -24.42
C32 PCW X . 28.14 15.62 -23.80
C33 PCW X . 27.86 15.37 -22.32
C34 PCW X . 26.78 14.30 -22.13
C35 PCW X . 25.41 14.82 -22.59
C36 PCW X . 25.02 16.05 -21.76
C37 PCW X . 23.66 16.61 -22.19
C38 PCW X . 23.66 17.02 -23.67
C39 PCW X . 22.49 17.69 -23.99
C40 PCW X . 21.32 16.99 -24.25
C41 PCW X . 21.30 15.60 -24.19
C42 PCW X . 20.04 15.05 -24.86
C43 PCW X . 19.98 13.52 -24.78
C44 PCW X . 18.74 12.99 -25.48
C45 PCW X . 18.65 11.46 -25.40
C46 PCW X . 17.40 10.93 -26.08
C47 PCW X . 17.38 11.32 -27.57
C48 PCW X . 16.12 10.78 -28.26
N PCW X . 34.87 11.47 -27.71
O2 PCW X . 28.24 13.24 -24.57
O3 PCW X . 27.51 11.39 -26.73
O11 PCW X . 27.12 9.19 -26.60
O31 PCW X . 30.04 14.56 -24.81
O1P PCW X . 31.65 13.04 -26.06
O2P PCW X . 32.59 14.64 -24.32
O3P PCW X . 31.03 12.79 -23.66
O4P PCW X . 33.37 12.24 -24.41
P PCW X . 32.16 13.28 -24.69
C1 PCW Y . 35.41 26.94 -2.43
C2 PCW Y . 34.39 26.10 -1.67
C3 PCW Y . 34.83 24.64 -1.73
C4 PCW Y . 33.16 27.96 -4.75
C5 PCW Y . 32.71 27.05 -5.90
C6 PCW Y . 30.97 26.38 -4.25
C7 PCW Y . 30.28 27.23 -6.51
C8 PCW Y . 30.70 25.77 -6.67
C11 PCW Y . 32.63 24.02 -1.52
C12 PCW Y . 31.45 23.30 -0.86
C13 PCW Y . 30.37 24.30 -0.46
C14 PCW Y . 29.23 23.62 0.31
C15 PCW Y . 29.77 22.98 1.59
C16 PCW Y . 28.63 22.46 2.48
C17 PCW Y . 27.72 23.59 2.94
C18 PCW Y . 26.99 24.24 1.77
C19 PCW Y . 26.19 25.30 2.19
C20 PCW Y . 25.14 25.07 3.09
C21 PCW Y . 24.90 23.79 3.57
C22 PCW Y . 23.63 23.20 2.94
C23 PCW Y . 23.36 21.79 3.45
C24 PCW Y . 22.11 21.19 2.82
C25 PCW Y . 21.83 19.79 3.36
C26 PCW Y . 20.57 19.20 2.75
C27 PCW Y . 19.35 20.06 3.06
C28 PCW Y . 18.09 19.46 2.45
C31 PCW Y . 33.54 27.64 -0.19
C32 PCW Y . 33.25 28.25 1.18
C33 PCW Y . 31.82 27.97 1.61
C34 PCW Y . 31.55 26.48 1.76
C35 PCW Y . 32.32 25.90 2.95
C36 PCW Y . 31.84 26.52 4.26
C37 PCW Y . 32.57 25.95 5.46
C38 PCW Y . 32.00 26.52 6.76
C39 PCW Y . 32.62 25.98 7.88
C40 PCW Y . 31.85 25.59 8.97
C41 PCW Y . 30.47 25.76 8.93
C42 PCW Y . 29.94 26.35 10.24
C43 PCW Y . 30.24 25.43 11.42
C44 PCW Y . 29.72 26.03 12.73
C45 PCW Y . 30.02 25.11 13.92
C46 PCW Y . 29.34 23.75 13.73
C47 PCW Y . 29.60 22.85 14.94
C48 PCW Y . 28.89 21.49 14.77
N PCW Y . 31.32 26.63 -5.66
O2 PCW Y . 34.29 26.51 -0.29
O3 PCW Y . 33.87 23.84 -1.00
O11 PCW Y . 32.46 24.74 -2.50
O31 PCW Y . 33.08 28.16 -1.21
O1P PCW Y . 34.69 30.51 -3.65
O2P PCW Y . 36.76 29.10 -4.10
O3P PCW Y . 34.99 28.31 -2.50
O4P PCW Y . 34.52 28.35 -4.97
P PCW Y . 35.31 29.17 -3.82
C1 PCW Z . 21.58 40.18 -13.63
C2 PCW Z . 20.56 40.32 -12.49
C3 PCW Z . 19.57 39.16 -12.55
C4 PCW Z . 22.06 44.24 -11.88
C5 PCW Z . 21.23 44.66 -10.66
C6 PCW Z . 23.41 45.41 -9.75
C7 PCW Z . 21.54 47.07 -10.01
C8 PCW Z . 21.28 46.27 -8.73
C11 PCW Z . 17.64 40.32 -12.23
C12 PCW Z . 16.40 40.79 -11.47
C13 PCW Z . 15.15 40.05 -11.94
C14 PCW Z . 13.91 40.55 -11.18
C15 PCW Z . 12.64 39.83 -11.65
C16 PCW Z . 12.43 40.02 -13.16
C17 PCW Z . 12.40 41.50 -13.52
C18 PCW Z . 11.26 42.24 -12.80
C19 PCW Z . 11.29 43.59 -13.11
C20 PCW Z . 10.12 44.32 -13.22
C21 PCW Z . 8.89 43.70 -13.05
C22 PCW Z . 8.29 44.07 -11.68
C23 PCW Z . 6.89 43.49 -11.52
C24 PCW Z . 6.30 43.85 -10.15
C25 PCW Z . 6.28 45.37 -9.94
C26 PCW Z . 5.67 45.71 -8.59
C27 PCW Z . 5.72 47.22 -8.32
C28 PCW Z . 7.17 47.73 -8.33
C31 PCW Z . 20.48 40.78 -10.22
C32 PCW Z . 21.09 40.85 -8.81
C33 PCW Z . 20.00 41.08 -7.76
C34 PCW Z . 19.09 39.86 -7.61
C35 PCW Z . 19.85 38.68 -7.04
C36 PCW Z . 18.93 37.48 -6.79
C37 PCW Z . 19.66 36.35 -6.07
C38 PCW Z . 18.73 35.17 -5.82
C39 PCW Z . 19.35 34.16 -5.09
C40 PCW Z . 18.60 33.20 -4.44
C41 PCW Z . 17.21 33.23 -4.51
C42 PCW Z . 16.60 31.97 -3.89
C43 PCW Z . 15.07 32.00 -3.98
C44 PCW Z . 14.45 30.75 -3.36
C45 PCW Z . 12.92 30.79 -3.47
C46 PCW Z . 12.29 29.53 -2.87
C47 PCW Z . 10.76 29.57 -2.97
C48 PCW Z . 10.14 28.30 -2.39
N PCW Z . 21.96 45.66 -9.89
O2 PCW Z . 21.26 40.33 -11.24
O3 PCW Z . 18.47 39.41 -11.66
O11 PCW Z . 17.89 40.76 -13.36
O31 PCW Z . 19.32 41.14 -10.43
O1P PCW Z . 23.10 43.58 -14.41
O2P PCW Z . 20.84 42.59 -15.03
O3P PCW Z . 22.48 41.29 -13.65
O4P PCW Z . 21.33 43.29 -12.65
P PCW Z . 21.93 42.75 -14.04
C1 PCW AA . 27.47 37.80 -0.12
C2 PCW AA . 26.74 37.75 1.22
C3 PCW AA . 26.91 39.08 1.92
C4 PCW AA . 29.83 34.59 -1.50
C5 PCW AA . 29.05 34.24 -0.23
C6 PCW AA . 29.41 31.93 -1.04
C7 PCW AA . 30.19 32.57 1.27
C8 PCW AA . 28.68 32.30 1.33
C11 PCW AA . 26.45 38.15 3.97
C12 PCW AA . 25.67 38.01 5.28
C13 PCW AA . 25.17 39.39 5.76
C14 PCW AA . 24.19 39.24 6.93
C15 PCW AA . 23.72 40.61 7.41
C16 PCW AA . 22.61 40.49 8.46
C17 PCW AA . 22.20 41.87 8.98
C18 PCW AA . 20.97 41.78 9.88
C19 PCW AA . 19.89 41.27 9.19
C20 PCW AA . 18.90 42.13 8.72
C21 PCW AA . 18.99 43.49 8.98
C22 PCW AA . 17.84 44.24 8.29
C23 PCW AA . 16.48 43.72 8.77
C24 PCW AA . 16.35 43.82 10.29
C25 PCW AA . 16.45 45.27 10.77
C26 PCW AA . 16.34 45.36 12.29
C27 PCW AA . 15.00 44.80 12.78
C28 PCW AA . 14.90 44.87 14.31
C31 PCW AA . 25.07 36.19 0.88
C32 PCW AA . 23.62 35.74 0.68
C33 PCW AA . 22.76 36.87 0.14
C34 PCW AA . 21.28 36.47 0.11
C35 PCW AA . 20.42 37.58 -0.49
C36 PCW AA . 18.93 37.22 -0.42
C37 PCW AA . 18.09 38.30 -1.11
C38 PCW AA . 16.59 37.98 -1.03
C39 PCW AA . 15.85 38.91 -1.77
C40 PCW AA . 14.77 39.56 -1.21
C41 PCW AA . 14.37 39.33 0.10
C42 PCW AA . 13.28 40.31 0.51
C43 PCW AA . 12.84 40.08 1.97
C44 PCW AA . 11.74 41.06 2.35
C45 PCW AA . 11.30 40.87 3.80
C46 PCW AA . 10.70 39.48 4.02
C47 PCW AA . 10.27 39.29 5.48
C48 PCW AA . 9.70 37.89 5.70
N PCW AA . 29.31 32.84 0.12
O2 PCW AA . 25.34 37.52 1.02
O3 PCW AA . 26.10 39.13 3.09
O11 PCW AA . 27.38 37.40 3.71
O31 PCW AA . 25.99 35.38 0.93
O1P PCW AA . 27.41 35.34 -3.01
O2P PCW AA . 28.17 37.77 -2.89
O3P PCW AA . 27.36 36.57 -0.84
O4P PCW AA . 29.59 35.95 -1.85
P PCW AA . 28.10 36.43 -2.27
C1 PCW BA . 31.93 28.75 12.82
C2 PCW BA . 31.03 29.70 12.02
C3 PCW BA . 31.20 29.37 10.55
C4 PCW BA . 33.31 29.20 17.23
C5 PCW BA . 34.64 29.66 17.84
C6 PCW BA . 36.59 28.72 19.05
C7 PCW BA . 34.89 27.16 18.03
C8 PCW BA . 35.83 27.65 16.91
C11 PCW BA . 31.17 31.41 9.50
C12 PCW BA . 30.60 32.53 8.63
C13 PCW BA . 29.17 32.87 9.05
C14 PCW BA . 28.62 34.02 8.20
C15 PCW BA . 27.19 34.36 8.61
C16 PCW BA . 26.65 35.55 7.80
C17 PCW BA . 25.23 35.92 8.23
C18 PCW BA . 24.26 34.75 7.97
C19 PCW BA . 24.23 34.43 6.62
C20 PCW BA . 23.11 33.82 6.07
C21 PCW BA . 22.01 33.53 6.88
C22 PCW BA . 20.85 34.49 6.61
C23 PCW BA . 19.63 34.13 7.45
C24 PCW BA . 19.16 32.71 7.14
C25 PCW BA . 17.96 32.32 8.01
C26 PCW BA . 17.50 30.89 7.70
C27 PCW BA . 16.30 30.50 8.57
C28 PCW BA . 15.86 29.06 8.27
C31 PCW BA . 28.87 30.51 11.99
C32 PCW BA . 27.38 30.44 12.29
C33 PCW BA . 27.11 30.53 13.80
C34 PCW BA . 25.65 30.20 14.09
C35 PCW BA . 25.30 28.78 13.62
C36 PCW BA . 23.85 28.43 13.88
C37 PCW BA . 23.53 27.04 13.33
C38 PCW BA . 22.07 26.66 13.54
C39 PCW BA . 21.79 25.42 12.98
C40 PCW BA . 20.90 24.55 13.60
C41 PCW BA . 20.27 24.92 14.79
C42 PCW BA . 19.48 23.74 15.37
C43 PCW BA . 18.75 24.14 16.65
C44 PCW BA . 17.96 22.97 17.22
C45 PCW BA . 17.20 23.36 18.48
C46 PCW BA . 18.16 23.85 19.58
C47 PCW BA . 17.40 24.28 20.82
C48 PCW BA . 18.36 24.79 21.90
N PCW BA . 35.51 28.50 18.07
O2 PCW BA . 29.67 29.50 12.41
O3 PCW BA . 30.45 30.27 9.71
O11 PCW BA . 32.29 31.51 10.00
O31 PCW BA . 29.35 31.46 11.37
O1P PCW BA . 31.30 27.49 16.24
O2P PCW BA . 32.90 26.71 14.43
O3P PCW BA . 31.72 28.91 14.23
O4P PCW BA . 33.54 28.59 15.95
P PCW BA . 32.33 27.81 15.24
C1 PCW CA . 42.02 5.14 19.40
C2 PCW CA . 40.72 4.96 20.20
C3 PCW CA . 39.94 6.26 20.17
C4 PCW CA . 43.66 2.04 16.63
C5 PCW CA . 44.59 2.72 15.63
C6 PCW CA . 43.05 3.14 13.74
C7 PCW CA . 45.27 2.04 13.30
C8 PCW CA . 44.31 0.97 13.85
C11 PCW CA . 37.94 7.25 20.66
C12 PCW CA . 36.47 7.29 21.10
C13 PCW CA . 36.22 6.37 22.29
C14 PCW CA . 34.73 6.16 22.53
C15 PCW CA . 34.00 7.47 22.85
C16 PCW CA . 34.48 8.07 24.18
C17 PCW CA . 33.68 9.31 24.53
C18 PCW CA . 34.11 9.88 25.89
C19 PCW CA . 33.35 10.99 26.23
C20 PCW CA . 32.64 11.00 27.42
C21 PCW CA . 32.68 9.90 28.28
C22 PCW CA . 31.73 10.09 29.47
C23 PCW CA . 30.27 10.17 29.02
C24 PCW CA . 30.01 11.37 28.11
C25 PCW CA . 28.54 11.40 27.67
C26 PCW CA . 28.26 12.59 26.75
C27 PCW CA . 26.79 12.62 26.30
C28 PCW CA . 26.43 11.33 25.56
C31 PCW CA . 39.05 3.43 20.48
C32 PCW CA . 38.10 2.29 20.04
C33 PCW CA . 36.67 2.82 19.88
C34 PCW CA . 36.09 3.25 21.23
C35 PCW CA . 35.92 2.05 22.16
C36 PCW CA . 35.33 2.47 23.50
C37 PCW CA . 35.09 1.27 24.41
C38 PCW CA . 34.12 0.28 23.76
C39 PCW CA . 33.88 -0.81 24.61
C40 PCW CA . 33.19 -1.92 24.13
C41 PCW CA . 32.75 -1.95 22.82
C42 PCW CA . 31.23 -1.79 22.75
C43 PCW CA . 30.52 -2.93 23.49
C44 PCW CA . 29.00 -2.78 23.40
C45 PCW CA . 28.29 -3.92 24.13
C46 PCW CA . 26.77 -3.79 24.02
C47 PCW CA . 26.33 -3.84 22.56
C48 PCW CA . 24.81 -3.69 22.44
N PCW CA . 44.20 2.38 14.26
O2 PCW CA . 39.95 3.91 19.59
O3 PCW CA . 38.61 6.08 20.67
O11 PCW CA . 38.52 8.27 20.31
O31 PCW CA . 38.99 3.88 21.63
O1P PCW CA . 43.94 4.77 17.35
O2P PCW CA . 45.29 4.04 19.38
O3P PCW CA . 42.78 3.94 19.40
O4P PCW CA . 44.09 2.34 17.97
P PCW CA . 44.11 3.86 18.50
C1 PCW DA . 26.80 18.46 -25.29
C2 PCW DA . 25.85 19.63 -24.97
C3 PCW DA . 24.93 19.87 -26.15
C4 PCW DA . 29.20 21.31 -22.38
C5 PCW DA . 28.37 22.36 -21.63
C6 PCW DA . 30.36 22.37 -20.16
C7 PCW DA . 29.44 24.53 -21.03
C8 PCW DA . 28.58 24.10 -19.85
C11 PCW DA . 23.36 21.29 -27.01
C12 PCW DA . 22.36 22.45 -26.99
C13 PCW DA . 21.64 22.57 -28.35
C14 PCW DA . 20.67 23.76 -28.33
C15 PCW DA . 19.62 23.60 -27.23
C16 PCW DA . 18.72 22.39 -27.48
C17 PCW DA . 17.78 22.18 -26.29
C18 PCW DA . 16.84 20.99 -26.50
C19 PCW DA . 16.15 20.72 -25.33
C20 PCW DA . 14.79 20.41 -25.34
C21 PCW DA . 14.05 20.36 -26.51
C22 PCW DA . 12.78 19.55 -26.29
C23 PCW DA . 11.85 19.61 -27.51
C24 PCW DA . 10.57 18.82 -27.24
C25 PCW DA . 9.56 18.97 -28.38
C26 PCW DA . 10.14 18.48 -29.71
C27 PCW DA . 9.12 18.60 -30.83
C28 PCW DA . 9.70 18.16 -32.16
C31 PCW DA . 24.55 20.44 -23.24
C32 PCW DA . 23.66 20.31 -22.00
C33 PCW DA . 22.46 21.25 -22.08
C34 PCW DA . 21.66 21.01 -23.37
C35 PCW DA . 20.42 21.90 -23.42
C36 PCW DA . 19.44 21.55 -22.30
C37 PCW DA . 18.24 22.50 -22.30
C38 PCW DA . 17.21 22.09 -21.26
C39 PCW DA . 16.19 23.04 -21.17
C40 PCW DA . 14.87 22.70 -21.46
C41 PCW DA . 14.53 21.40 -21.85
C42 PCW DA . 13.04 21.32 -22.16
C43 PCW DA . 12.63 19.90 -22.58
C44 PCW DA . 11.14 19.84 -22.92
C45 PCW DA . 10.72 18.44 -23.35
C46 PCW DA . 9.23 18.39 -23.70
C47 PCW DA . 8.80 16.99 -24.11
C48 PCW DA . 7.31 16.94 -24.45
N PCW DA . 29.23 23.12 -20.72
O2 PCW DA . 25.10 19.31 -23.79
O3 PCW DA . 24.05 20.99 -25.89
O11 PCW DA . 23.56 20.64 -28.04
O31 PCW DA . 24.80 21.54 -23.72
O1P PCW DA . 30.12 18.81 -23.51
O2P PCW DA . 29.22 19.97 -25.59
O3P PCW DA . 27.81 18.35 -24.29
O4P PCW DA . 28.36 20.60 -23.30
P PCW DA . 28.99 19.44 -24.22
C1 PCW EA . 37.99 -7.97 -2.83
C2 PCW EA . 37.04 -9.10 -2.41
C3 PCW EA . 37.65 -10.45 -2.80
C4 PCW EA . 40.11 -5.86 -0.48
C5 PCW EA . 40.20 -5.81 1.04
C6 PCW EA . 41.53 -6.87 2.84
C7 PCW EA . 42.40 -6.89 0.47
C8 PCW EA . 42.70 -5.52 1.06
C11 PCW EA . 35.60 -11.45 -3.09
C12 PCW EA . 34.51 -12.49 -2.84
C13 PCW EA . 35.12 -13.88 -2.69
C14 PCW EA . 34.04 -14.94 -2.51
C15 PCW EA . 34.66 -16.35 -2.43
C16 PCW EA . 33.58 -17.43 -2.41
C17 PCW EA . 34.19 -18.83 -2.45
C18 PCW EA . 35.13 -18.95 -3.64
C19 PCW EA . 35.59 -20.25 -3.86
C20 PCW EA . 35.86 -21.15 -2.83
C21 PCW EA . 35.72 -20.80 -1.49
C22 PCW EA . 36.95 -21.20 -0.69
C23 PCW EA . 36.71 -21.07 0.81
C24 PCW EA . 35.64 -22.06 1.27
C25 PCW EA . 35.40 -21.98 2.77
C26 PCW EA . 34.34 -22.99 3.23
C27 PCW EA . 33.01 -22.75 2.52
C28 PCW EA . 31.97 -23.79 2.96
C31 PCW EA . 35.98 -8.05 -0.70
C32 PCW EA . 35.64 -7.72 0.76
C33 PCW EA . 35.67 -8.97 1.65
C34 PCW EA . 37.07 -9.57 1.75
C35 PCW EA . 37.09 -10.71 2.76
C36 PCW EA . 38.49 -11.30 2.92
C37 PCW EA . 38.51 -12.35 4.05
C38 PCW EA . 39.89 -12.96 4.23
C39 PCW EA . 39.88 -13.84 5.31
C40 PCW EA . 40.36 -15.14 5.16
C41 PCW EA . 40.84 -15.58 3.94
C42 PCW EA . 41.10 -17.09 3.98
C43 PCW EA . 41.63 -17.59 2.63
C44 PCW EA . 41.89 -19.10 2.68
C45 PCW EA . 40.63 -19.89 3.00
C46 PCW EA . 40.91 -21.39 3.03
C47 PCW EA . 39.65 -22.19 3.39
C48 PCW EA . 39.94 -23.69 3.42
N PCW EA . 41.52 -6.28 1.49
O2 PCW EA . 36.85 -9.05 -0.99
O3 PCW EA . 36.77 -11.51 -2.39
O11 PCW EA . 35.43 -10.56 -3.93
O31 PCW EA . 35.45 -7.41 -1.61
O1P PCW EA . 39.57 -5.68 -3.27
O2P PCW EA . 37.56 -4.21 -2.74
O3P PCW EA . 37.45 -6.71 -2.47
O4P PCW EA . 38.84 -5.35 -0.88
P PCW EA . 38.39 -5.40 -2.44
C1 PCW FA . 27.84 14.27 -30.50
C2 PCW FA . 26.45 13.79 -30.91
C3 PCW FA . 25.45 14.91 -30.67
C4 PCW FA . 31.67 14.91 -28.69
C5 PCW FA . 31.53 15.33 -27.23
C6 PCW FA . 29.06 15.46 -27.13
C7 PCW FA . 30.43 17.31 -26.13
C8 PCW FA . 30.38 17.53 -27.65
C11 PCW FA . 23.70 13.47 -30.31
C12 PCW FA . 22.31 12.88 -30.55
C13 PCW FA . 22.40 11.42 -31.00
C14 PCW FA . 21.01 10.84 -31.28
C15 PCW FA . 20.14 10.91 -30.03
C16 PCW FA . 18.74 10.34 -30.30
C17 PCW FA . 18.80 8.88 -30.74
C18 PCW FA . 17.41 8.34 -31.03
C19 PCW FA . 17.46 7.01 -31.44
C20 PCW FA . 16.32 6.23 -31.39
C21 PCW FA . 15.11 6.77 -30.95
C22 PCW FA . 13.99 5.74 -31.02
C23 PCW FA . 12.66 6.36 -30.58
C24 PCW FA . 12.73 6.86 -29.14
C25 PCW FA . 12.99 5.69 -28.18
C26 PCW FA . 13.08 6.18 -26.73
C27 PCW FA . 13.33 5.00 -25.79
C28 PCW FA . 12.18 3.99 -25.86
C31 PCW FA . 26.82 14.49 -33.07
C32 PCW FA . 26.91 14.33 -34.58
C33 PCW FA . 25.57 14.60 -35.28
C34 PCW FA . 24.50 13.59 -34.84
C35 PCW FA . 23.25 13.72 -35.71
C36 PCW FA . 22.20 12.67 -35.33
C37 PCW FA . 21.07 12.64 -36.36
C38 PCW FA . 20.03 11.57 -36.01
C39 PCW FA . 19.10 11.43 -37.03
C40 PCW FA . 17.80 11.94 -36.88
C41 PCW FA . 17.43 12.59 -35.72
C42 PCW FA . 16.24 13.53 -35.98
C43 PCW FA . 15.85 14.28 -34.70
C44 PCW FA . 14.66 15.21 -34.97
C45 PCW FA . 14.29 15.99 -33.70
C46 PCW FA . 15.46 16.84 -33.22
C47 PCW FA . 15.10 17.61 -31.94
C48 PCW FA . 16.28 18.44 -31.45
N PCW FA . 30.34 16.18 -27.07
O2 PCW FA . 26.46 13.43 -32.29
O3 PCW FA . 24.14 14.50 -31.08
O11 PCW FA . 24.43 13.02 -29.42
O31 PCW FA . 27.09 15.57 -32.53
O1P PCW FA . 31.14 12.33 -30.71
O2P PCW FA . 30.71 14.70 -31.53
O3P PCW FA . 28.82 13.25 -30.71
O4P PCW FA . 30.53 14.14 -29.07
P PCW FA . 30.39 13.61 -30.58
C1 PCW GA . 24.89 31.58 -24.86
C2 PCW GA . 23.44 31.09 -24.71
C3 PCW GA . 22.71 32.05 -23.79
C4 PCW GA . 25.87 34.88 -23.18
C5 PCW GA . 27.37 34.91 -22.86
C6 PCW GA . 29.27 36.13 -23.88
C7 PCW GA . 26.99 37.17 -23.88
C8 PCW GA . 27.58 37.40 -22.49
C11 PCW GA . 20.61 32.34 -24.64
C12 PCW GA . 19.10 32.11 -24.72
C13 PCW GA . 18.63 31.97 -26.16
C14 PCW GA . 17.14 31.62 -26.21
C15 PCW GA . 16.63 31.46 -27.64
C16 PCW GA . 15.18 30.97 -27.65
C17 PCW GA . 15.07 29.65 -26.91
C18 PCW GA . 13.63 29.14 -26.87
C19 PCW GA . 13.55 27.94 -26.16
C20 PCW GA . 12.48 27.07 -26.40
C21 PCW GA . 11.51 27.40 -27.32
C22 PCW GA . 10.32 26.44 -27.22
C23 PCW GA . 9.22 26.81 -28.21
C24 PCW GA . 8.04 25.85 -28.10
C25 PCW GA . 6.90 26.26 -29.05
C26 PCW GA . 5.73 25.29 -28.95
C27 PCW GA . 4.59 25.71 -29.88
C28 PCW GA . 4.10 27.12 -29.52
C31 PCW GA . 23.41 30.06 -26.76
C32 PCW GA . 23.00 29.88 -28.22
C33 PCW GA . 21.51 30.12 -28.43
C34 PCW GA . 21.15 30.05 -29.92
C35 PCW GA . 19.66 30.26 -30.16
C36 PCW GA . 19.36 30.24 -31.66
C37 PCW GA . 17.86 30.33 -31.93
C38 PCW GA . 17.57 30.36 -33.44
C39 PCW GA . 16.20 30.36 -33.69
C40 PCW GA . 15.59 29.17 -34.09
C41 PCW GA . 16.36 28.03 -34.22
C42 PCW GA . 16.28 27.15 -32.96
C43 PCW GA . 17.21 25.95 -33.07
C44 PCW GA . 17.12 25.07 -31.82
C45 PCW GA . 15.75 24.37 -31.72
C46 PCW GA . 14.60 25.38 -31.64
C47 PCW GA . 13.26 24.66 -31.53
C48 PCW GA . 12.10 25.66 -31.43
N PCW GA . 27.92 36.21 -23.29
O2 PCW GA . 22.85 31.06 -26.02
O3 PCW GA . 21.32 31.69 -23.68
O11 PCW GA . 21.17 33.11 -25.41
O31 PCW GA . 24.23 29.30 -26.24
O1P PCW GA . 27.27 33.01 -24.81
O2P PCW GA . 26.52 34.27 -26.88
O3P PCW GA . 24.92 32.80 -25.60
O4P PCW GA . 25.69 34.96 -24.59
P PCW GA . 26.21 33.76 -25.52
C1 PCW HA . 28.50 37.80 14.42
C2 PCW HA . 28.21 36.30 14.51
C3 PCW HA . 28.16 35.89 15.97
C4 PCW HA . 31.29 34.98 14.05
C5 PCW HA . 32.39 35.13 12.99
C6 PCW HA . 32.03 32.69 12.73
C7 PCW HA . 31.91 34.19 10.71
C8 PCW HA . 33.39 33.94 11.02
C11 PCW HA . 27.31 34.31 17.38
C12 PCW HA . 26.71 32.94 17.76
C13 PCW HA . 25.20 32.95 17.49
C14 PCW HA . 24.57 31.58 17.79
C15 PCW HA . 23.08 31.62 17.49
C16 PCW HA . 22.36 32.63 18.38
C17 PCW HA . 20.90 32.84 17.95
C18 PCW HA . 20.21 33.82 18.89
C19 PCW HA . 18.96 34.21 18.41
C20 PCW HA . 17.88 33.34 18.43
C21 PCW HA . 18.01 32.05 18.93
C22 PCW HA . 17.70 31.02 17.83
C23 PCW HA . 16.31 31.25 17.26
C24 PCW HA . 15.22 31.10 18.31
C25 PCW HA . 13.84 31.34 17.70
C26 PCW HA . 12.74 31.18 18.76
C27 PCW HA . 12.92 32.17 19.90
C28 PCW HA . 11.82 32.00 20.95
C31 PCW HA . 26.82 34.73 13.63
C32 PCW HA . 25.52 34.17 13.06
C33 PCW HA . 24.73 35.24 12.31
C34 PCW HA . 23.39 34.67 11.83
C35 PCW HA . 23.59 33.43 10.95
C36 PCW HA . 22.26 32.82 10.52
C37 PCW HA . 22.47 31.59 9.64
C38 PCW HA . 21.14 30.95 9.24
C39 PCW HA . 21.34 29.87 8.39
C40 PCW HA . 20.57 28.72 8.49
C41 PCW HA . 19.57 28.63 9.45
C42 PCW HA . 18.97 27.22 9.46
C43 PCW HA . 17.85 27.08 10.50
C44 PCW HA . 17.27 25.68 10.48
C45 PCW HA . 16.14 25.54 11.51
C46 PCW HA . 15.53 24.14 11.46
C47 PCW HA . 14.40 24.00 12.50
C48 PCW HA . 13.78 22.60 12.45
N PCW HA . 32.38 33.97 12.09
O2 PCW HA . 26.93 36.05 13.92
O3 PCW HA . 27.67 34.55 16.10
O11 PCW HA . 27.46 35.18 18.24
O31 PCW HA . 27.80 34.00 13.79
O1P PCW HA . 30.83 37.46 12.82
O2P PCW HA . 32.25 38.46 14.67
O3P PCW HA . 29.78 38.12 14.98
O4P PCW HA . 31.30 36.13 14.91
P PCW HA . 31.12 37.60 14.26
C1 PCW IA . 33.03 0.35 -8.02
C2 PCW IA . 32.70 -0.98 -7.37
C3 PCW IA . 32.80 -2.13 -8.36
C4 PCW IA . 35.72 -2.99 -9.49
C5 PCW IA . 36.91 -2.72 -10.42
C6 PCW IA . 37.04 -5.19 -10.45
C7 PCW IA . 36.85 -3.94 -12.62
C8 PCW IA . 38.31 -3.87 -12.16
C11 PCW IA . 32.65 -4.41 -8.54
C12 PCW IA . 32.45 -5.84 -8.02
C13 PCW IA . 33.81 -6.52 -7.81
C14 PCW IA . 33.66 -7.83 -7.03
C15 PCW IA . 32.76 -8.83 -7.76
C16 PCW IA . 32.62 -10.11 -6.93
C17 PCW IA . 31.75 -11.15 -7.65
C18 PCW IA . 31.61 -12.41 -6.79
C19 PCW IA . 30.85 -13.37 -7.44
C20 PCW IA . 29.51 -13.56 -7.10
C21 PCW IA . 28.93 -12.79 -6.10
C22 PCW IA . 28.50 -11.42 -6.63
C23 PCW IA . 27.51 -11.57 -7.79
C24 PCW IA . 26.24 -12.27 -7.35
C25 PCW IA . 25.50 -11.45 -6.30
C26 PCW IA . 24.19 -12.13 -5.87
C27 PCW IA . 23.44 -11.30 -4.83
C28 PCW IA . 22.14 -11.99 -4.42
C31 PCW IA . 33.04 -2.06 -5.37
C32 PCW IA . 33.86 -2.46 -4.13
C33 PCW IA . 34.25 -1.24 -3.30
C34 PCW IA . 33.04 -0.70 -2.51
C35 PCW IA . 32.67 -1.64 -1.36
C36 PCW IA . 31.55 -1.06 -0.51
C37 PCW IA . 31.37 -1.86 0.78
C38 PCW IA . 30.96 -3.31 0.49
C39 PCW IA . 31.08 -4.09 1.64
C40 PCW IA . 30.03 -4.19 2.56
C41 PCW IA . 28.83 -3.53 2.37
C42 PCW IA . 27.83 -3.95 3.44
C43 PCW IA . 26.49 -3.21 3.30
C44 PCW IA . 25.54 -3.62 4.42
C45 PCW IA . 24.21 -2.88 4.32
C46 PCW IA . 23.28 -3.27 5.47
C47 PCW IA . 21.93 -2.55 5.36
C48 PCW IA . 21.01 -2.93 6.51
N PCW IA . 37.20 -3.94 -11.19
O2 PCW IA . 33.59 -1.19 -6.26
O3 PCW IA . 32.54 -3.36 -7.68
O11 PCW IA . 32.94 -4.20 -9.72
O31 PCW IA . 31.91 -2.49 -5.54
O1P PCW IA . 34.06 -0.67 -10.50
O2P PCW IA . 36.36 0.22 -9.90
O3P PCW IA . 34.42 0.47 -8.32
O4P PCW IA . 35.44 -1.81 -8.72
P PCW IA . 35.09 -0.43 -9.47
C1 PCW JA . 35.24 -9.42 -23.84
C2 PCW JA . 33.98 -8.99 -23.09
C3 PCW JA . 32.98 -10.13 -23.14
C4 PCW JA . 34.13 -6.28 -25.25
C5 PCW JA . 32.84 -5.45 -25.31
C6 PCW JA . 31.74 -3.59 -24.12
C7 PCW JA . 34.12 -4.17 -23.56
C8 PCW JA . 34.13 -3.34 -24.84
C11 PCW JA . 31.00 -8.99 -23.11
C12 PCW JA . 29.67 -8.53 -22.52
C13 PCW JA . 28.50 -9.26 -23.18
C14 PCW JA . 27.15 -8.75 -22.67
C15 PCW JA . 26.00 -9.46 -23.39
C16 PCW JA . 25.98 -10.96 -23.05
C17 PCW JA . 25.46 -11.19 -21.63
C18 PCW JA . 23.94 -10.96 -21.58
C19 PCW JA . 23.30 -11.85 -22.43
C20 PCW JA . 21.91 -11.93 -22.47
C21 PCW JA . 21.11 -11.11 -21.67
C22 PCW JA . 20.07 -11.95 -20.93
C23 PCW JA . 19.07 -11.07 -20.19
C24 PCW JA . 18.28 -10.18 -21.17
C25 PCW JA . 17.23 -9.34 -20.45
C26 PCW JA . 16.17 -10.20 -19.78
C27 PCW JA . 16.77 -11.07 -18.67
C28 PCW JA . 15.68 -11.89 -17.97
C31 PCW JA . 35.16 -7.69 -21.60
C32 PCW JA . 35.68 -7.27 -20.22
C33 PCW JA . 34.65 -6.45 -19.45
C34 PCW JA . 35.24 -5.88 -18.15
C35 PCW JA . 35.70 -6.99 -17.21
C36 PCW JA . 36.34 -6.38 -15.95
C37 PCW JA . 36.80 -7.45 -14.97
C38 PCW JA . 35.63 -8.29 -14.45
C39 PCW JA . 36.07 -9.21 -13.50
C40 PCW JA . 35.49 -10.47 -13.40
C41 PCW JA . 34.47 -10.83 -14.28
C42 PCW JA . 33.84 -12.17 -13.85
C43 PCW JA . 33.19 -12.05 -12.47
C44 PCW JA . 32.53 -13.36 -12.06
C45 PCW JA . 31.87 -13.24 -10.69
C46 PCW JA . 31.20 -14.56 -10.28
C47 PCW JA . 30.08 -14.92 -11.27
C48 PCW JA . 29.40 -16.24 -10.89
N PCW JA . 33.00 -4.23 -24.51
O2 PCW JA . 34.31 -8.75 -21.71
O3 PCW JA . 31.79 -9.82 -22.39
O11 PCW JA . 31.35 -8.63 -24.24
O31 PCW JA . 35.50 -7.08 -22.60
O1P PCW JA . 36.46 -7.75 -25.89
O2P PCW JA . 35.13 -9.00 -27.66
O3P PCW JA . 34.97 -9.63 -25.24
O4P PCW JA . 33.96 -7.46 -26.04
P PCW JA . 35.22 -8.44 -26.29
C1 PCW KA . 39.77 -2.80 5.22
C2 PCW KA . 38.28 -2.98 4.91
C3 PCW KA . 38.19 -3.47 3.47
C4 PCW KA . 41.79 0.52 6.89
C5 PCW KA . 42.36 1.58 5.95
C6 PCW KA . 41.05 3.12 7.38
C7 PCW KA . 43.52 3.50 7.08
C8 PCW KA . 42.80 4.05 5.84
C11 PCW KA . 36.77 -3.98 1.78
C12 PCW KA . 35.43 -4.33 1.12
C13 PCW KA . 34.64 -5.30 2.01
C14 PCW KA . 33.35 -5.75 1.30
C15 PCW KA . 32.54 -6.69 2.19
C16 PCW KA . 31.25 -7.14 1.47
C17 PCW KA . 30.39 -8.02 2.38
C18 PCW KA . 29.12 -8.45 1.64
C19 PCW KA . 28.34 -9.27 2.44
C20 PCW KA . 27.00 -9.51 2.09
C21 PCW KA . 26.47 -8.91 0.95
C22 PCW KA . 25.18 -8.15 1.28
C23 PCW KA . 24.61 -7.48 0.04
C24 PCW KA . 23.32 -6.72 0.36
C25 PCW KA . 22.23 -7.65 0.89
C26 PCW KA . 21.89 -8.74 -0.13
C27 PCW KA . 21.38 -8.12 -1.44
C28 PCW KA . 21.00 -9.20 -2.45
C31 PCW KA . 37.47 -3.42 7.00
C32 PCW KA . 36.87 -4.28 8.11
C33 PCW KA . 36.04 -3.44 9.08
C34 PCW KA . 35.59 -4.26 10.30
C35 PCW KA . 34.70 -5.43 9.90
C36 PCW KA . 33.38 -4.96 9.30
C37 PCW KA . 32.47 -6.15 8.99
C38 PCW KA . 31.13 -5.70 8.41
C39 PCW KA . 30.30 -6.78 8.17
C40 PCW KA . 28.91 -6.65 8.23
C41 PCW KA . 28.33 -5.42 8.54
C42 PCW KA . 26.95 -5.30 7.89
C43 PCW KA . 26.00 -6.39 8.39
C44 PCW KA . 24.61 -6.25 7.75
C45 PCW KA . 23.65 -7.32 8.26
C46 PCW KA . 22.28 -7.18 7.61
C47 PCW KA . 22.38 -7.33 6.09
C48 PCW KA . 21.00 -7.19 5.44
N PCW KA . 42.27 2.90 6.59
O2 PCW KA . 37.70 -3.96 5.78
O3 PCW KA . 36.82 -3.73 3.11
O11 PCW KA . 37.79 -3.93 1.10
O31 PCW KA . 37.77 -2.25 7.22
O1P PCW KA . 41.42 -1.79 8.52
O2P PCW KA . 42.32 -3.23 6.62
O3P PCW KA . 39.98 -2.32 6.55
O4P PCW KA . 41.94 -0.77 6.28
P PCW KA . 41.49 -2.10 7.07
C1 PCW LA . 26.96 18.77 -30.93
C2 PCW LA . 25.66 18.02 -30.69
C3 PCW LA . 25.49 17.73 -29.20
C4 PCW LA . 28.28 21.50 -27.83
C5 PCW LA . 28.38 22.69 -26.85
C6 PCW LA . 26.01 22.98 -26.17
C7 PCW LA . 27.31 24.95 -27.02
C8 PCW LA . 26.85 24.15 -28.23
C11 PCW LA . 23.91 16.92 -27.72
C12 PCW LA . 22.53 16.40 -27.33
C13 PCW LA . 21.50 17.51 -27.62
C14 PCW LA . 20.06 17.04 -27.40
C15 PCW LA . 19.11 18.18 -27.73
C16 PCW LA . 19.34 18.67 -29.15
C17 PCW LA . 18.61 19.98 -29.42
C18 PCW LA . 18.92 20.50 -30.83
C19 PCW LA . 18.41 21.79 -31.02
C20 PCW LA . 17.48 22.05 -32.00
C21 PCW LA . 17.01 21.04 -32.84
C22 PCW LA . 15.64 21.42 -33.41
C23 PCW LA . 15.10 20.32 -34.33
C24 PCW LA . 13.72 20.72 -34.87
C25 PCW LA . 13.15 19.63 -35.78
C26 PCW LA . 11.79 20.04 -36.33
C27 PCW LA . 10.79 20.29 -35.19
C28 PCW LA . 9.43 20.72 -35.75
C31 PCW LA . 24.59 19.05 -32.46
C32 PCW LA . 23.45 19.81 -33.13
C33 PCW LA . 22.26 18.89 -33.39
C34 PCW LA . 22.67 17.70 -34.27
C35 PCW LA . 21.49 16.78 -34.54
C36 PCW LA . 20.94 16.18 -33.24
C37 PCW LA . 19.78 15.21 -33.54
C38 PCW LA . 19.21 14.60 -32.25
C39 PCW LA . 18.19 13.71 -32.57
C40 PCW LA . 17.26 13.32 -31.61
C41 PCW LA . 17.32 13.81 -30.32
C42 PCW LA . 15.96 13.68 -29.62
C43 PCW LA . 16.03 14.16 -28.17
C44 PCW LA . 14.65 14.00 -27.50
C45 PCW LA . 14.70 14.42 -26.03
C46 PCW LA . 15.13 15.89 -25.88
C47 PCW LA . 15.20 16.26 -24.40
C48 PCW LA . 15.65 17.72 -24.23
N PCW LA . 27.14 23.50 -26.94
O2 PCW LA . 24.54 18.80 -31.13
O3 PCW LA . 24.16 17.20 -29.03
O11 PCW LA . 24.80 17.07 -26.87
O31 PCW LA . 25.57 18.69 -33.12
O1P PCW LA . 29.46 20.15 -30.23
O2P PCW LA . 28.14 21.77 -31.67
O3P PCW LA . 26.97 20.03 -30.27
O4P PCW LA . 28.12 21.99 -29.16
P PCW LA . 28.26 20.99 -30.41
C1 PCW MA . 36.41 24.00 21.60
C2 PCW MA . 35.09 24.61 22.07
C3 PCW MA . 34.84 25.91 21.31
C4 PCW MA . 38.16 23.64 24.88
C5 PCW MA . 38.76 24.82 25.64
C6 PCW MA . 39.47 27.16 25.22
C7 PCW MA . 38.04 25.98 23.52
C8 PCW MA . 37.12 26.46 24.65
C11 PCW MA . 33.54 27.80 21.30
C12 PCW MA . 32.39 28.70 21.77
C13 PCW MA . 31.38 27.90 22.60
C14 PCW MA . 30.28 28.81 23.16
C15 PCW MA . 29.26 27.97 23.94
C16 PCW MA . 28.18 28.86 24.57
C17 PCW MA . 28.80 29.87 25.54
C18 PCW MA . 27.72 30.71 26.24
C19 PCW MA . 26.97 31.42 25.32
C20 PCW MA . 25.67 31.81 25.64
C21 PCW MA . 25.14 31.49 26.89
C22 PCW MA . 24.51 32.71 27.55
C23 PCW MA . 23.34 33.24 26.72
C24 PCW MA . 22.71 34.47 27.38
C25 PCW MA . 21.52 34.98 26.57
C26 PCW MA . 20.42 33.93 26.48
C27 PCW MA . 19.25 34.44 25.65
C28 PCW MA . 18.12 33.41 25.55
C31 PCW MA . 34.00 22.77 22.87
C32 PCW MA . 32.96 21.66 22.85
C33 PCW MA . 32.51 21.29 24.27
C34 PCW MA . 31.79 22.45 24.96
C35 PCW MA . 31.32 22.04 26.36
C36 PCW MA . 30.51 23.16 27.02
C37 PCW MA . 30.05 22.76 28.42
C38 PCW MA . 29.22 23.88 29.06
C39 PCW MA . 28.81 23.52 30.35
C40 PCW MA . 27.64 22.79 30.54
C41 PCW MA . 26.87 22.40 29.46
C42 PCW MA . 25.60 23.24 29.35
C43 PCW MA . 24.73 22.79 28.17
C44 PCW MA . 23.44 23.62 28.10
C45 PCW MA . 22.57 23.18 26.93
C46 PCW MA . 21.29 24.02 26.86
C47 PCW MA . 20.48 23.91 28.15
C48 PCW MA . 19.19 24.74 28.08
N PCW MA . 38.52 26.07 24.91
O2 PCW MA . 34.00 23.69 21.86
O3 PCW MA . 33.70 26.58 21.88
O11 PCW MA . 34.29 28.15 20.40
O31 PCW MA . 34.82 22.86 23.77
O1P PCW MA . 38.33 21.08 23.18
O2P PCW MA . 38.98 22.60 21.26
O3P PCW MA . 36.74 22.83 22.36
O4P PCW MA . 38.79 23.52 23.60
P PCW MA . 38.28 22.42 22.55
C1 PCW NA . 37.66 18.25 16.98
C2 PCW NA . 37.25 16.92 16.37
C3 PCW NA . 38.34 16.46 15.40
C4 PCW NA . 37.26 17.90 21.16
C5 PCW NA . 37.59 19.01 22.15
C6 PCW NA . 39.94 18.61 22.81
C7 PCW NA . 38.17 18.74 24.58
C8 PCW NA . 38.12 17.34 23.96
C11 PCW NA . 37.92 14.20 15.40
C12 PCW NA . 37.45 12.89 14.77
C13 PCW NA . 38.46 12.38 13.74
C14 PCW NA . 37.89 11.21 12.91
C15 PCW NA . 38.89 10.78 11.83
C16 PCW NA . 40.08 10.06 12.44
C17 PCW NA . 39.71 8.64 12.90
C18 PCW NA . 38.54 8.65 13.89
C19 PCW NA . 38.17 7.36 14.21
C20 PCW NA . 36.85 6.96 14.03
C21 PCW NA . 35.90 7.86 13.56
C22 PCW NA . 34.52 7.58 14.17
C23 PCW NA . 34.01 6.20 13.78
C24 PCW NA . 32.64 5.93 14.41
C25 PCW NA . 32.07 4.59 13.95
C26 PCW NA . 32.98 3.43 14.33
C27 PCW NA . 32.40 2.09 13.89
C28 PCW NA . 33.29 0.92 14.31
C31 PCW NA . 35.97 16.17 18.16
C32 PCW NA . 35.70 15.23 19.33
C33 PCW NA . 34.23 15.24 19.75
C34 PCW NA . 33.32 14.79 18.60
C35 PCW NA . 31.90 14.54 19.11
C36 PCW NA . 31.91 13.39 20.12
C37 PCW NA . 30.52 13.16 20.72
C38 PCW NA . 30.04 14.39 21.50
C39 PCW NA . 28.87 14.10 22.17
C40 PCW NA . 27.64 14.22 21.51
C41 PCW NA . 27.59 14.63 20.19
C42 PCW NA . 26.52 13.85 19.41
C43 PCW NA . 26.86 12.36 19.35
C44 PCW NA . 25.75 11.57 18.65
C45 PCW NA . 25.46 12.12 17.25
C46 PCW NA . 26.72 12.11 16.38
C47 PCW NA . 26.42 12.68 15.00
C48 PCW NA . 27.66 12.64 14.10
N PCW NA . 38.53 18.51 23.18
O2 PCW NA . 37.08 15.93 17.39
O3 PCW NA . 37.91 15.33 14.65
O11 PCW NA . 38.32 14.23 16.57
O31 PCW NA . 35.21 17.09 17.89
O1P PCW NA . 38.26 19.77 19.26
O2P PCW NA . 35.90 20.70 19.21
O3P PCW NA . 36.56 18.80 17.71
O4P PCW NA . 36.34 18.41 20.18
P PCW NA . 36.81 19.53 19.14
C1 PCW OA . 31.27 19.99 -15.59
C2 PCW OA . 30.18 18.99 -15.97
C3 PCW OA . 29.36 18.68 -14.74
C4 PCW OA . 33.72 22.21 -14.14
C5 PCW OA . 35.21 22.40 -14.41
C6 PCW OA . 37.29 22.98 -13.20
C7 PCW OA . 35.22 22.38 -11.90
C8 PCW OA . 35.86 21.07 -12.37
C11 PCW OA . 27.37 17.69 -14.11
C12 PCW OA . 26.11 16.86 -14.36
C13 PCW OA . 24.94 17.75 -14.79
C14 PCW OA . 23.70 16.90 -15.13
C15 PCW OA . 22.52 17.79 -15.51
C16 PCW OA . 21.30 16.95 -15.90
C17 PCW OA . 20.94 15.97 -14.77
C18 PCW OA . 20.57 16.71 -13.48
C19 PCW OA . 19.44 17.49 -13.67
C20 PCW OA . 18.31 17.28 -12.89
C21 PCW OA . 18.31 16.28 -11.92
C22 PCW OA . 18.03 14.91 -12.55
C23 PCW OA . 16.66 14.89 -13.24
C24 PCW OA . 16.37 13.53 -13.86
C25 PCW OA . 16.41 12.42 -12.81
C26 PCW OA . 16.12 11.06 -13.42
C27 PCW OA . 17.18 10.69 -14.48
C28 PCW OA . 16.87 9.33 -15.10
C31 PCW OA . 29.75 19.39 -18.20
C32 PCW OA . 28.89 19.88 -19.36
C33 PCW OA . 28.40 18.73 -20.22
C34 PCW OA . 27.17 19.15 -21.05
C35 PCW OA . 25.99 19.41 -20.12
C36 PCW OA . 26.29 20.56 -19.15
C37 PCW OA . 25.26 20.62 -18.02
C38 PCW OA . 25.56 21.77 -17.06
C39 PCW OA . 24.76 21.71 -15.92
C40 PCW OA . 23.56 22.38 -15.87
C41 PCW OA . 23.12 23.16 -16.94
C42 PCW OA . 21.64 23.54 -16.76
C43 PCW OA . 21.14 24.38 -17.92
C44 PCW OA . 19.66 24.74 -17.73
C45 PCW OA . 19.14 25.58 -18.90
C46 PCW OA . 17.68 25.94 -18.69
C47 PCW OA . 17.15 26.77 -19.87
C48 PCW OA . 15.68 27.17 -19.65
N PCW OA . 35.97 22.32 -13.16
O2 PCW OA . 29.28 19.55 -16.93
O3 PCW OA . 28.25 17.86 -15.14
O11 PCW OA . 27.59 18.19 -13.02
O31 PCW OA . 30.83 18.84 -18.40
O1P PCW OA . 34.38 20.39 -16.18
O2P PCW OA . 33.53 22.12 -17.82
O3P PCW OA . 31.97 20.47 -16.75
O4P PCW OA . 32.99 22.33 -15.37
P PCW OA . 33.32 21.33 -16.58
C1 PCW PA . 30.07 33.83 -18.08
C2 PCW PA . 29.47 32.50 -17.66
C3 PCW PA . 30.27 31.94 -16.49
C4 PCW PA . 29.64 32.31 -21.80
C5 PCW PA . 30.09 30.85 -21.91
C6 PCW PA . 27.70 30.58 -22.51
C7 PCW PA . 29.47 29.51 -23.95
C8 PCW PA . 29.27 28.62 -22.72
C11 PCW PA . 29.81 29.79 -17.08
C12 PCW PA . 29.25 28.38 -16.89
C13 PCW PA . 30.14 27.34 -17.60
C14 PCW PA . 29.61 25.93 -17.40
C15 PCW PA . 29.54 25.55 -15.92
C16 PCW PA . 29.08 24.10 -15.74
C17 PCW PA . 27.71 23.86 -16.38
C18 PCW PA . 26.60 24.65 -15.69
C19 PCW PA . 26.76 26.02 -15.84
C20 PCW PA . 25.81 26.89 -15.34
C21 PCW PA . 24.70 26.39 -14.69
C22 PCW PA . 23.96 27.49 -13.92
C23 PCW PA . 22.74 26.93 -13.18
C24 PCW PA . 21.75 26.30 -14.16
C25 PCW PA . 20.52 25.76 -13.42
C26 PCW PA . 19.52 25.13 -14.39
C27 PCW PA . 18.31 24.58 -13.65
C28 PCW PA . 17.32 23.93 -14.62
C31 PCW PA . 27.26 32.60 -18.29
C32 PCW PA . 25.75 32.80 -18.03
C33 PCW PA . 24.97 31.51 -18.26
C34 PCW PA . 23.64 31.57 -17.50
C35 PCW PA . 23.92 31.68 -16.00
C36 PCW PA . 22.64 31.74 -15.16
C37 PCW PA . 23.02 31.87 -13.69
C38 PCW PA . 21.79 31.92 -12.77
C39 PCW PA . 22.18 32.04 -11.44
C40 PCW PA . 21.26 32.38 -10.46
C41 PCW PA . 19.93 32.62 -10.79
C42 PCW PA . 19.04 31.52 -10.20
C43 PCW PA . 17.56 31.79 -10.51
C44 PCW PA . 16.68 30.68 -9.94
C45 PCW PA . 16.91 30.54 -8.44
C46 PCW PA . 16.06 29.40 -7.84
C47 PCW PA . 16.32 29.26 -6.34
C48 PCW PA . 15.50 28.13 -5.74
N PCW PA . 29.07 30.08 -22.64
O2 PCW PA . 28.11 32.69 -17.24
O3 PCW PA . 29.70 30.70 -16.08
O11 PCW PA . 30.36 30.10 -18.15
O31 PCW PA . 27.68 32.34 -19.41
O1P PCW PA . 29.44 35.22 -21.60
O2P PCW PA . 31.58 35.21 -20.21
O3P PCW PA . 29.42 34.35 -19.25
O4P PCW PA . 30.60 33.05 -21.04
P PCW PA . 30.30 34.56 -20.59
C1 PCW QA . 30.81 36.23 -16.40
C2 PCW QA . 29.52 36.30 -15.59
C3 PCW QA . 29.14 34.91 -15.14
C4 PCW QA . 32.13 35.10 -12.12
C5 PCW QA . 31.07 34.78 -11.05
C6 PCW QA . 32.71 33.04 -10.40
C7 PCW QA . 31.88 34.68 -8.68
C8 PCW QA . 30.81 33.60 -8.85
C11 PCW QA . 27.78 33.76 -13.71
C12 PCW QA . 26.62 33.59 -12.72
C13 PCW QA . 27.13 33.07 -11.38
C14 PCW QA . 26.00 32.93 -10.35
C15 PCW QA . 26.55 32.40 -9.03
C16 PCW QA . 27.13 31.00 -9.22
C17 PCW QA . 27.91 30.54 -7.97
C18 PCW QA . 29.11 31.47 -7.74
C19 PCW QA . 29.83 31.10 -6.60
C20 PCW QA . 29.97 31.99 -5.55
C21 PCW QA . 29.38 33.24 -5.63
C22 PCW QA . 28.53 33.52 -4.39
C23 PCW QA . 27.50 32.41 -4.17
C24 PCW QA . 26.62 32.69 -2.95
C25 PCW QA . 25.70 31.50 -2.65
C26 PCW QA . 26.51 30.26 -2.23
C27 PCW QA . 27.45 29.81 -3.34
C28 PCW QA . 28.27 28.60 -2.90
C31 PCW QA . 28.53 37.57 -13.95
C32 PCW QA . 28.50 38.41 -12.68
C33 PCW QA . 27.06 38.53 -12.14
C34 PCW QA . 26.45 37.14 -11.93
C35 PCW QA . 25.08 37.25 -11.27
C36 PCW QA . 24.13 38.13 -12.10
C37 PCW QA . 22.79 38.31 -11.38
C38 PCW QA . 22.03 36.99 -11.28
C39 PCW QA . 21.61 36.56 -12.54
C40 PCW QA . 20.48 35.74 -12.63
C41 PCW QA . 19.82 35.36 -11.48
C42 PCW QA . 18.48 36.10 -11.34
C43 PCW QA . 17.77 35.69 -10.04
C44 PCW QA . 16.44 36.42 -9.88
C45 PCW QA . 15.77 36.04 -8.57
C46 PCW QA . 15.55 34.52 -8.47
C47 PCW QA . 14.90 34.15 -7.14
C48 PCW QA . 14.67 32.64 -7.05
N PCW QA . 31.68 34.00 -9.97
O2 PCW QA . 29.73 37.13 -14.43
O3 PCW QA . 27.99 34.98 -14.28
O11 PCW QA . 28.52 32.82 -13.97
O31 PCW QA . 27.49 37.31 -14.56
O1P PCW QA . 33.86 35.94 -14.16
O2P PCW QA . 32.25 37.88 -14.56
O3P PCW QA . 31.88 35.65 -15.63
O4P PCW QA . 31.56 35.91 -13.14
P PCW QA . 32.47 36.43 -14.36
C1 PCW RA . 42.10 -8.84 6.48
C2 PCW RA . 40.69 -8.62 7.02
C3 PCW RA . 39.72 -8.30 5.88
C4 PCW RA . 43.57 -6.06 8.03
C5 PCW RA . 43.54 -4.67 8.67
C6 PCW RA . 42.00 -5.81 10.24
C7 PCW RA . 43.98 -4.57 11.14
C8 PCW RA . 42.89 -3.54 10.83
C11 PCW RA . 37.58 -7.67 5.43
C12 PCW RA . 36.15 -7.25 5.79
C13 PCW RA . 35.20 -7.45 4.61
C14 PCW RA . 33.81 -6.94 4.95
C15 PCW RA . 33.86 -5.45 5.29
C16 PCW RA . 32.47 -4.90 5.65
C17 PCW RA . 32.58 -3.41 5.97
C18 PCW RA . 31.25 -2.82 6.40
C19 PCW RA . 31.40 -1.46 6.68
C20 PCW RA . 30.35 -0.70 7.14
C21 PCW RA . 29.09 -1.26 7.34
C22 PCW RA . 28.26 -1.18 6.05
C23 PCW RA . 26.80 -1.58 6.32
C24 PCW RA . 26.14 -0.60 7.29
C25 PCW RA . 24.69 -1.01 7.56
C26 PCW RA . 24.61 -2.37 8.23
C27 PCW RA . 25.33 -2.35 9.59
C28 PCW RA . 25.26 -3.73 10.26
C31 PCW RA . 39.38 -9.52 8.71
C32 PCW RA . 38.79 -10.66 9.53
C33 PCW RA . 37.31 -10.87 9.19
C34 PCW RA . 36.43 -9.76 9.78
C35 PCW RA . 36.39 -9.86 11.30
C36 PCW RA . 35.44 -8.83 11.90
C37 PCW RA . 35.24 -9.10 13.39
C38 PCW RA . 34.26 -8.09 14.02
C39 PCW RA . 34.03 -8.41 15.36
C40 PCW RA . 32.73 -8.66 15.79
C41 PCW RA . 31.68 -8.61 14.89
C42 PCW RA . 31.82 -9.68 13.81
C43 PCW RA . 31.77 -11.08 14.41
C44 PCW RA . 31.95 -12.15 13.33
C45 PCW RA . 31.84 -13.56 13.93
C46 PCW RA . 30.45 -13.79 14.53
C47 PCW RA . 29.38 -13.67 13.47
C48 PCW RA . 27.98 -13.91 14.06
N PCW RA . 43.02 -4.78 10.05
O2 PCW RA . 40.25 -9.81 7.70
O3 PCW RA . 38.45 -7.96 6.44
O11 PCW RA . 37.96 -7.73 4.26
O31 PCW RA . 39.13 -8.34 9.00
O1P PCW RA . 44.84 -8.33 6.41
O2P PCW RA . 44.49 -6.84 4.38
O3P PCW RA . 42.53 -7.71 5.71
O4P PCW RA . 44.04 -5.96 6.68
P PCW RA . 44.07 -7.26 5.74
C1 17F SA . 23.16 47.52 -1.95
N1 17F SA . 23.41 46.00 -3.87
O1 17F SA . 24.60 48.09 0.42
P1 17F SA . 24.04 46.72 0.40
C2 17F SA . 22.54 47.02 -3.26
O2 17F SA . 24.92 45.58 0.75
C3 17F SA . 22.35 48.20 -4.22
O3 17F SA . 23.36 46.44 -1.03
C4 17F SA . 22.09 45.47 1.69
O4 17F SA . 23.37 48.62 -4.82
C5 17F SA . 20.95 45.68 2.69
O5 17F SA . 21.19 48.65 -4.34
C6 17F SA . 19.97 46.71 2.13
O6 17F SA . 22.77 46.70 1.40
C7 17F SA . 19.29 47.28 4.24
O7 17F SA . 18.86 46.83 3.03
C8 17F SA . 18.27 47.47 5.37
O8 17F SA . 20.47 47.54 4.42
C9 17F SA . 16.93 46.84 5.01
O9 17F SA . 20.28 44.45 2.92
C10 17F SA . 15.91 46.99 6.14
O10 17F SA . 22.18 43.97 4.00
C11 17F SA . 14.56 46.40 5.75
C12 17F SA . 13.54 46.52 6.88
C17 17F SA . 21.06 43.61 3.64
C18 17F SA . 20.54 42.21 4.01
C19 17F SA . 19.00 42.21 4.08
C20 17F SA . 18.40 42.58 2.73
C1X 17F SA . 12.18 45.95 6.46
C1Y 17F SA . 16.87 42.69 2.81
C1Z 17F SA . 16.22 41.34 3.15
C2X 17F SA . 11.17 46.05 7.59
C21 17F SA . 11.55 45.29 8.68
C22 17F SA . 10.60 44.70 9.49
C23 17F SA . 9.24 44.87 9.20
C24 17F SA . 8.47 43.58 9.46
C25 17F SA . 6.97 43.76 9.14
C26 17F SA . 6.19 42.48 9.45
C27 17F SA . 4.70 42.67 9.14
C28 17F SA . 3.92 41.41 9.47
C29 17F SA . 2.42 41.61 9.18
C30 17F SA . 1.62 40.36 9.52
C31 17F SA . 16.65 40.83 4.52
C32 17F SA . 15.96 39.52 4.87
C33 17F SA . 14.57 39.69 4.89
C34 17F SA . 13.75 38.60 5.13
C35 17F SA . 14.28 37.33 5.33
C36 17F SA . 14.03 36.86 6.76
C37 17F SA . 14.59 35.46 6.99
C38 17F SA . 14.34 34.98 8.43
C39 17F SA . 14.90 33.58 8.66
C40 17F SA . 14.66 33.12 10.10
C41 17F SA . 13.17 33.07 10.42
C42 17F SA . 12.92 32.59 11.85
HN1 17F SA . 23.36 45.32 -3.14
HN1A 17F SA . 24.40 46.14 -3.84
HAC 17F SA . 22.98 45.45 -4.58
C1 17F TA . 30.44 42.68 5.05
N1 17F TA . 32.71 43.06 4.19
O1 17F TA . 28.12 42.57 3.09
P1 17F TA . 28.38 43.81 3.84
C2 17F TA . 31.92 42.92 5.42
O2 17F TA . 28.08 45.10 3.20
C3 17F TA . 32.44 41.74 6.25
O3 17F TA . 29.91 43.81 4.35
C4 17F TA . 27.88 44.57 6.32
O4 17F TA . 33.53 41.90 6.84
C5 17F TA . 26.97 44.30 7.52
O5 17F TA . 31.73 40.71 6.29
C6 17F TA . 27.44 45.06 8.73
O6 17F TA . 27.55 43.73 5.22
C7 17F TA . 26.79 45.53 10.92
O7 17F TA . 26.49 44.84 9.79
C8 17F TA . 25.84 45.40 12.11
O8 17F TA . 27.80 46.23 10.97
C9 17F TA . 24.47 44.91 11.63
O9 17F TA . 25.62 44.70 7.22
C10 17F TA . 23.51 44.63 12.78
O10 17F TA . 25.21 43.24 8.85
C11 17F TA . 22.16 44.16 12.22
C12 17F TA . 21.19 43.74 13.32
C17 17F TA . 24.78 44.08 8.08
C18 17F TA . 23.29 44.43 8.06
C19 17F TA . 23.08 45.90 7.72
C20 17F TA . 21.64 46.35 8.01
C1X 17F TA . 19.85 43.29 12.71
C1Y 17F TA . 21.43 47.80 7.60
C1Z 17F TA . 20.08 48.33 8.10
C2X 17F TA . 18.89 42.80 13.80
C21 17F TA . 19.42 41.71 14.48
C22 17F TA . 19.45 40.46 13.87
C23 17F TA . 18.95 40.28 12.57
C24 17F TA . 18.19 38.96 12.46
C25 17F TA . 17.67 38.74 11.04
C26 17F TA . 18.82 38.67 10.04
C27 17F TA . 18.29 38.49 8.61
C28 17F TA . 19.44 38.45 7.60
C29 17F TA . 18.92 38.25 6.18
C30 17F TA . 20.07 38.21 5.17
C31 17F TA . 20.05 48.39 9.63
C32 17F TA . 18.74 48.97 10.15
C33 17F TA . 18.76 49.08 11.52
C34 17F TA . 17.57 49.33 12.23
C35 17F TA . 16.37 49.45 11.56
C36 17F TA . 15.20 49.14 12.48
C37 17F TA . 13.86 49.28 11.75
C38 17F TA . 12.68 48.95 12.67
C39 17F TA . 11.36 49.03 11.92
C40 17F TA . 11.33 48.04 10.75
C41 17F TA . 9.98 48.10 10.02
C42 17F TA . 8.84 47.76 10.97
HN1 17F TA . 33.67 43.20 4.42
HN1A 17F TA . 32.60 42.23 3.65
HAC 17F TA . 32.37 43.84 3.67
C1 17F UA . 32.54 5.80 -29.39
N1 17F UA . 31.37 7.93 -29.06
O1 17F UA . 31.32 5.07 -32.42
P1 17F UA . 31.70 4.19 -31.29
C2 17F UA . 32.08 6.85 -28.37
O2 17F UA . 33.09 3.83 -30.93
C3 17F UA . 33.30 7.40 -27.63
O3 17F UA . 31.45 5.26 -30.12
C4 17F UA . 30.86 2.40 -29.54
O4 17F UA . 34.22 7.89 -28.32
C5 17F UA . 29.78 1.33 -29.31
O5 17F UA . 33.29 7.34 -26.38
C6 17F UA . 30.09 0.61 -28.02
O6 17F UA . 30.59 3.17 -30.71
C7 17F UA . 29.19 -1.35 -28.76
O7 17F UA . 29.10 -0.40 -27.79
C8 17F UA . 28.25 -2.55 -28.75
O8 17F UA . 30.04 -1.22 -29.64
C9 17F UA . 27.87 -2.96 -30.18
O9 17F UA . 28.49 1.97 -29.21
C10 17F UA . 26.91 -4.15 -30.20
O10 17F UA . 28.72 2.05 -31.44
C11 17F UA . 26.57 -4.52 -31.64
C12 17F UA . 25.57 -5.69 -31.67
C17 17F UA . 28.04 2.31 -30.45
C18 17F UA . 26.69 3.02 -30.59
C19 17F UA . 26.72 4.06 -31.71
C20 17F UA . 26.92 3.39 -33.07
C1X 17F UA . 25.20 -6.05 -33.11
C1Y 17F UA . 27.00 4.45 -34.18
C1Z 17F UA . 27.09 3.80 -35.56
C2X 17F UA . 24.18 -7.19 -33.15
C21 17F UA . 23.03 -6.84 -32.47
C22 17F UA . 21.79 -6.88 -33.13
C23 17F UA . 21.71 -7.26 -34.46
C24 17F UA . 20.72 -8.41 -34.63
C25 17F UA . 20.58 -8.80 -36.11
C26 17F UA . 21.92 -9.28 -36.70
C27 17F UA . 21.74 -9.70 -38.16
C28 17F UA . 23.07 -10.14 -38.77
C29 17F UA . 24.09 -9.00 -38.74
C30 17F UA . 25.41 -9.42 -39.38
C31 17F UA . 25.83 2.98 -35.87
C32 17F UA . 25.91 2.34 -37.25
C33 17F UA . 24.76 1.61 -37.53
C34 17F UA . 24.48 1.22 -38.83
C35 17F UA . 25.33 1.57 -39.87
C36 17F UA . 24.55 1.85 -41.16
C37 17F UA . 23.71 0.64 -41.56
C38 17F UA . 22.96 0.90 -42.86
C39 17F UA . 22.08 -0.29 -43.23
C40 17F UA . 22.91 -1.55 -43.38
C41 17F UA . 22.02 -2.75 -43.74
C42 17F UA . 21.28 -2.51 -45.06
HN1 17F UA . 31.08 8.61 -28.40
HN1A 17F UA . 31.98 8.34 -29.73
HAC 17F UA . 30.57 7.56 -29.53
C1 17F VA . 44.59 8.34 16.48
N1 17F VA . 44.48 8.03 18.92
O1 17F VA . 44.85 5.19 14.45
P1 17F VA . 44.02 6.36 14.84
C2 17F VA . 45.26 8.64 17.83
O2 17F VA . 43.90 7.48 13.87
C3 17F VA . 45.34 10.16 18.03
O3 17F VA . 44.55 6.92 16.25
C4 17F VA . 41.69 6.49 16.10
O4 17F VA . 44.29 10.74 18.36
C5 17F VA . 40.33 5.80 16.14
O5 17F VA . 46.45 10.70 17.85
C6 17F VA . 40.55 4.31 16.37
O6 17F VA . 42.55 5.81 15.18
C7 17F VA . 39.54 2.26 16.28
O7 17F VA . 39.30 3.61 16.23
C8 17F VA . 38.38 1.29 16.13
O8 17F VA . 40.69 1.86 16.45
C9 17F VA . 38.87 -0.14 15.97
O9 17F VA . 39.48 6.36 17.16
C10 17F VA . 37.71 -1.12 15.74
O10 17F VA . 37.91 5.28 15.99
C11 17F VA . 36.96 -0.76 14.47
C12 17F VA . 35.80 -1.74 14.23
C17 17F VA . 38.20 5.97 16.98
C18 17F VA . 37.11 6.38 17.98
C19 17F VA . 36.07 7.29 17.31
C20 17F VA . 36.64 8.67 17.02
C1X 17F VA . 35.03 -1.37 12.96
C1Y 17F VA . 35.61 9.54 16.29
C1Z 17F VA . 34.27 9.56 17.04
C2X 17F VA . 33.85 -2.31 12.72
C21 17F VA . 33.17 -1.98 11.56
C22 17F VA . 31.89 -2.49 11.34
C23 17F VA . 31.31 -3.32 12.28
C24 17F VA . 29.97 -3.86 11.79
C25 17F VA . 29.33 -4.78 12.82
C26 17F VA . 27.99 -5.33 12.32
C27 17F VA . 27.35 -6.26 13.35
C28 17F VA . 26.02 -6.82 12.85
C29 17F VA . 25.02 -5.69 12.60
C30 17F VA . 23.67 -6.24 12.13
C31 17F VA . 34.44 10.11 18.46
C32 17F VA . 33.11 10.08 19.20
C33 17F VA . 33.26 10.53 20.51
C34 17F VA . 32.29 10.22 21.47
C35 17F VA . 31.18 9.47 21.13
C36 17F VA . 30.14 9.50 22.26
C37 17F VA . 28.91 8.66 21.91
C38 17F VA . 27.87 8.69 23.04
C39 17F VA . 26.65 7.85 22.67
C40 17F VA . 25.61 7.88 23.79
C41 17F VA . 24.38 7.05 23.42
C42 17F VA . 23.69 7.63 22.18
HN1 17F VA . 44.91 8.24 19.80
HN1A 17F VA . 43.55 8.40 18.91
HAC 17F VA . 44.43 7.04 18.79
C1 17F WA . 42.54 16.29 10.97
N1 17F WA . 42.60 16.45 8.52
O1 17F WA . 40.21 18.02 12.35
P1 17F WA . 40.25 16.54 12.24
C2 17F WA . 43.17 15.76 9.68
O2 17F WA . 40.72 15.76 13.41
C3 17F WA . 42.92 14.25 9.58
O3 17F WA . 41.11 16.13 10.95
C4 17F WA . 38.52 14.68 11.51
O4 17F WA . 41.97 13.87 8.85
C5 17F WA . 37.03 14.42 11.37
O5 17F WA . 43.68 13.50 10.24
C6 17F WA . 36.78 12.98 10.95
O6 17F WA . 38.77 16.05 11.86
C7 17F WA . 35.10 11.45 10.62
O7 17F WA . 35.37 12.73 10.97
C8 17F WA . 33.65 10.98 10.59
O8 17F WA . 36.01 10.69 10.31
C9 17F WA . 32.87 11.58 11.77
O9 17F WA . 36.40 14.66 12.65
C10 17F WA . 31.38 11.22 11.71
O10 17F WA . 34.60 15.00 11.35
C11 17F WA . 30.76 11.74 10.42
C12 17F WA . 29.25 11.48 10.40
C17 17F WA . 35.08 14.93 12.48
C18 17F WA . 34.19 15.17 13.70
C19 17F WA . 33.12 14.10 13.84
C20 17F WA . 32.18 14.39 15.02
C1X 17F WA . 28.62 11.95 9.08
C1Y 17F WA . 31.08 13.34 15.12
C1Z 17F WA . 30.08 13.70 16.20
C2X 17F WA . 27.10 11.76 9.09
C21 17F WA . 26.52 12.55 10.08
C22 17F WA . 26.30 13.90 9.85
C23 17F WA . 26.65 14.46 8.64
C24 17F WA . 26.74 15.99 8.73
C25 17F WA . 27.15 16.59 7.39
C26 17F WA . 27.20 18.12 7.46
C27 17F WA . 27.58 18.72 6.11
C28 17F WA . 27.64 20.25 6.17
C29 17F WA . 26.29 20.83 6.56
C30 17F WA . 26.34 22.36 6.62
C31 17F WA . 29.45 15.06 15.91
C32 17F WA . 28.43 15.45 16.98
C33 17F WA . 27.89 16.71 16.72
C34 17F WA . 26.53 16.96 16.89
C35 17F WA . 25.68 15.96 17.33
C36 17F WA . 24.40 16.55 17.91
C37 17F WA . 23.45 15.47 18.42
C38 17F WA . 22.17 16.10 18.96
C39 17F WA . 21.22 15.03 19.51
C40 17F WA . 21.88 14.25 20.66
C41 17F WA . 20.94 13.18 21.22
C42 17F WA . 20.55 12.18 20.14
HN1 17F WA . 42.78 17.42 8.58
HN1A 17F WA . 42.99 16.07 7.68
HAC 17F WA . 41.61 16.30 8.50
C1 17F XA . 34.30 33.35 17.06
N1 17F XA . 35.75 32.00 15.61
O1 17F XA . 34.30 33.93 19.84
P1 17F XA . 33.88 32.54 19.53
C2 17F XA . 34.56 32.85 15.64
O2 17F XA . 34.48 31.44 20.31
C3 17F XA . 34.77 34.05 14.71
O3 17F XA . 34.09 32.26 17.96
C4 17F XA . 31.65 31.26 20.13
O4 17F XA . 34.53 33.88 13.50
C5 17F XA . 30.24 31.53 20.63
O5 17F XA . 35.18 35.12 15.22
C6 17F XA . 29.37 32.10 19.54
O6 17F XA . 32.28 32.49 19.71
C7 17F XA . 28.13 33.30 21.05
O7 17F XA . 28.06 32.37 20.05
C8 17F XA . 26.85 33.73 21.76
O8 17F XA . 29.22 33.78 21.36
C9 17F XA . 25.94 32.53 21.99
O9 17F XA . 29.67 30.30 21.12
C10 17F XA . 24.62 32.95 22.65
O10 17F XA . 29.93 29.64 18.99
C11 17F XA . 23.70 31.74 22.84
C12 17F XA . 22.35 32.17 23.41
C17 17F XA . 29.58 29.36 20.14
C18 17F XA . 29.02 27.98 20.49
C19 17F XA . 27.70 27.69 19.80
C20 17F XA . 27.85 27.65 18.27
C1X 17F XA . 21.40 30.97 23.51
C1Y 17F XA . 26.57 27.13 17.61
C1Z 17F XA . 26.23 25.73 18.12
C2X 17F XA . 20.02 31.42 23.97
C21 17F XA . 19.49 32.37 23.09
C22 17F XA . 18.42 32.05 22.27
C23 17F XA . 17.85 30.78 22.32
C24 17F XA . 16.36 30.84 22.00
C25 17F XA . 15.72 29.45 22.06
C26 17F XA . 14.21 29.54 21.77
C27 17F XA . 13.56 28.15 21.81
C28 17F XA . 12.05 28.26 21.55
C29 17F XA . 11.40 26.88 21.57
C30 17F XA . 9.89 26.99 21.34
C31 17F XA . 25.00 25.17 17.39
C32 17F XA . 24.68 23.76 17.91
C33 17F XA . 23.63 23.19 17.20
C34 17F XA . 22.59 22.56 17.89
C35 17F XA . 22.61 22.48 19.27
C36 17F XA . 22.15 21.10 19.76
C37 17F XA . 23.10 20.00 19.31
C38 17F XA . 24.50 20.21 19.92
C39 17F XA . 25.44 19.07 19.54
C40 17F XA . 26.81 19.25 20.21
C41 17F XA . 27.75 18.11 19.85
C42 17F XA . 29.11 18.28 20.54
HN1 17F XA . 35.42 31.27 16.23
HN1A 17F XA . 36.55 32.25 16.15
HAC 17F XA . 35.84 31.41 14.80
C1 PCW YA . 7.07 -4.63 5.91
C2 PCW YA . 7.81 -3.41 6.44
C3 PCW YA . 7.78 -3.38 7.96
C4 PCW YA . 4.83 -7.65 7.35
C5 PCW YA . 3.68 -8.66 7.31
C6 PCW YA . 1.90 -7.70 8.73
C7 PCW YA . 2.83 -9.97 9.28
C8 PCW YA . 3.81 -8.93 9.81
C11 PCW YA . 8.55 -2.25 9.78
C12 PCW YA . 9.24 -1.11 10.53
C13 PCW YA . 10.65 -0.89 10.01
C14 PCW YA . 11.33 0.28 10.72
C15 PCW YA . 12.74 0.51 10.18
C16 PCW YA . 13.41 1.70 10.89
C17 PCW YA . 14.80 1.96 10.32
C18 PCW YA . 15.46 3.16 10.99
C19 PCW YA . 16.69 3.44 10.41
C20 PCW YA . 17.86 2.98 11.01
C21 PCW YA . 17.82 2.24 12.18
C22 PCW YA . 19.23 1.85 12.64
C23 PCW YA . 19.17 1.05 13.94
C24 PCW YA . 20.59 0.70 14.41
C25 PCW YA . 21.41 1.95 14.67
C26 PCW YA . 22.82 1.59 15.14
C27 PCW YA . 23.66 2.85 15.39
C28 PCW YA . 25.08 2.49 15.85
C31 PCW YA . 9.22 -3.35 4.64
C32 PCW YA . 10.59 -3.38 3.94
C33 PCW YA . 10.44 -3.66 2.44
C34 PCW YA . 11.81 -3.78 1.78
C35 PCW YA . 12.63 -2.50 1.97
C36 PCW YA . 14.01 -2.63 1.33
C37 PCW YA . 14.85 -1.37 1.54
C38 PCW YA . 16.24 -1.51 0.91
C39 PCW YA . 17.00 -0.37 1.10
C40 PCW YA . 17.85 -0.26 2.19
C41 PCW YA . 17.94 -1.30 3.12
C42 PCW YA . 18.77 -2.46 2.55
C43 PCW YA . 18.87 -3.61 3.55
C44 PCW YA . 19.68 -4.78 3.00
C45 PCW YA . 21.14 -4.38 2.73
C46 PCW YA . 21.23 -3.30 1.64
C47 PCW YA . 22.69 -2.92 1.37
C48 PCW YA . 22.77 -1.84 0.29
N PCW YA . 2.99 -8.67 8.62
O2 PCW YA . 9.16 -3.44 5.99
O3 PCW YA . 8.47 -2.22 8.44
O11 PCW YA . 8.06 -3.19 10.40
O31 PCW YA . 8.19 -3.23 3.98
O1P PCW YA . 6.58 -5.64 8.47
O2P PCW YA . 4.63 -4.02 8.53
O3P PCW YA . 5.70 -4.65 6.35
O4P PCW YA . 4.32 -6.34 7.62
P PCW YA . 5.35 -5.11 7.84
C1 PCW ZA . 4.21 -11.32 5.02
C2 PCW ZA . 4.94 -12.07 6.14
C3 PCW ZA . 5.52 -11.05 7.11
C4 PCW ZA . 2.67 -15.52 5.68
C5 PCW ZA . 1.39 -16.02 5.00
C6 PCW ZA . -0.16 -17.94 5.12
C7 PCW ZA . 1.52 -17.60 6.96
C8 PCW ZA . 0.36 -16.64 7.20
C11 PCW ZA . 6.68 -10.75 9.06
C12 PCW ZA . 7.48 -11.17 10.28
C13 PCW ZA . 8.69 -12.03 9.88
C14 PCW ZA . 9.48 -12.46 11.12
C15 PCW ZA . 10.70 -13.30 10.73
C16 PCW ZA . 11.64 -12.54 9.80
C17 PCW ZA . 12.87 -13.36 9.45
C18 PCW ZA . 13.80 -12.58 8.51
C19 PCW ZA . 14.96 -13.30 8.25
C20 PCW ZA . 15.97 -13.38 9.22
C21 PCW ZA . 15.81 -12.72 10.43
C22 PCW ZA . 17.05 -11.89 10.78
C23 PCW ZA . 16.86 -11.14 12.09
C24 PCW ZA . 15.67 -10.18 12.01
C25 PCW ZA . 15.89 -9.13 10.92
C26 PCW ZA . 14.72 -8.15 10.85
C27 PCW ZA . 14.56 -7.41 12.18
C28 PCW ZA . 13.37 -6.44 12.12
C31 PCW ZA . 4.75 -13.91 7.51
C32 PCW ZA . 4.00 -14.95 8.34
C33 PCW ZA . 4.04 -14.58 9.83
C34 PCW ZA . 5.47 -14.58 10.37
C35 PCW ZA . 6.10 -15.97 10.24
C36 PCW ZA . 7.53 -15.98 10.78
C37 PCW ZA . 8.15 -17.38 10.66
C38 PCW ZA . 9.60 -17.39 11.15
C39 PCW ZA . 10.14 -18.67 11.07
C40 PCW ZA . 11.16 -18.93 10.17
C41 PCW ZA . 11.66 -17.93 9.35
C42 PCW ZA . 12.94 -18.38 8.66
C43 PCW ZA . 13.49 -17.28 7.74
C44 PCW ZA . 14.77 -17.73 7.05
C45 PCW ZA . 15.31 -16.66 6.11
C46 PCW ZA . 16.59 -17.12 5.41
C47 PCW ZA . 17.12 -16.04 4.46
C48 PCW ZA . 18.40 -16.52 3.77
N PCW ZA . 0.74 -17.03 5.84
O2 PCW ZA . 4.04 -12.96 6.83
O3 PCW ZA . 6.24 -11.69 8.17
O11 PCW ZA . 6.41 -9.56 8.87
O31 PCW ZA . 5.97 -13.95 7.41
O1P PCW ZA . 1.77 -12.71 5.50
O2P PCW ZA . 1.80 -13.55 3.10
O3P PCW ZA . 3.72 -12.22 4.03
O4P PCW ZA . 3.32 -14.58 4.83
P PCW ZA . 2.53 -13.26 4.35
C1 PCW AB . 3.42 -6.66 16.50
C2 PCW AB . 4.52 -5.74 17.03
C3 PCW AB . 5.83 -6.07 16.32
C4 PCW AB . 0.71 -4.23 18.91
C5 PCW AB . 0.85 -2.80 19.46
C6 PCW AB . 0.30 -3.93 21.60
C7 PCW AB . 2.35 -2.48 21.46
C8 PCW AB . 1.13 -1.56 21.63
C11 PCW AB . 8.08 -5.70 16.23
C12 PCW AB . 9.42 -5.10 16.65
C13 PCW AB . 10.44 -6.20 16.94
C14 PCW AB . 11.78 -5.62 17.40
C15 PCW AB . 12.42 -4.76 16.31
C16 PCW AB . 13.76 -4.22 16.77
C17 PCW AB . 14.44 -3.37 15.69
C18 PCW AB . 15.80 -2.86 16.14
C19 PCW AB . 16.40 -2.08 15.16
C20 PCW AB . 17.28 -2.66 14.26
C21 PCW AB . 17.57 -4.02 14.34
C22 PCW AB . 18.05 -4.56 12.98
C23 PCW AB . 18.38 -6.04 13.07
C24 PCW AB . 18.86 -6.60 11.72
C25 PCW AB . 20.16 -5.95 11.27
C26 PCW AB . 19.99 -4.45 11.02
C27 PCW AB . 21.30 -3.82 10.54
C28 PCW AB . 21.11 -2.33 10.25
C31 PCW AB . 4.84 -3.53 17.62
C32 PCW AB . 4.54 -2.03 17.55
C33 PCW AB . 5.65 -1.25 16.82
C34 PCW AB . 6.90 -1.07 17.69
C35 PCW AB . 7.61 -2.39 17.99
C36 PCW AB . 8.85 -2.14 18.85
C37 PCW AB . 9.64 -3.43 19.09
C38 PCW AB . 10.87 -3.14 19.97
C39 PCW AB . 11.64 -4.28 20.15
C40 PCW AB . 13.00 -4.16 20.43
C41 PCW AB . 13.57 -2.90 20.52
C42 PCW AB . 14.78 -2.77 19.60
C43 PCW AB . 15.87 -3.78 19.98
C44 PCW AB . 17.08 -3.66 19.04
C45 PCW AB . 17.68 -2.25 19.11
C46 PCW AB . 18.89 -2.12 18.18
C47 PCW AB . 19.49 -0.72 18.24
C48 PCW AB . 20.69 -0.60 17.31
N PCW AB . 1.03 -2.85 20.92
O2 PCW AB . 4.15 -4.37 16.82
O3 PCW AB . 6.93 -5.33 16.87
O11 PCW AB . 8.01 -6.53 15.32
O31 PCW AB . 5.65 -3.97 18.43
O1P PCW AB . 0.73 -7.17 19.01
O2P PCW AB . 3.26 -7.09 19.27
O3P PCW AB . 2.17 -6.40 17.12
O4P PCW AB . 1.91 -4.96 19.18
P PCW AB . 2.01 -6.50 18.72
C1 PCW BB . 5.57 -11.08 18.50
C2 PCW BB . 7.07 -11.36 18.55
C3 PCW BB . 7.45 -12.24 17.39
C4 PCW BB . 7.15 -8.88 21.82
C5 PCW BB . 6.56 -7.89 20.80
C6 PCW BB . 6.84 -6.32 22.68
C7 PCW BB . 7.80 -5.74 20.43
C8 PCW BB . 6.31 -5.43 20.40
C11 PCW BB . 9.03 -13.62 18.31
C12 PCW BB . 10.44 -14.19 18.50
C13 PCW BB . 11.11 -13.59 19.74
C14 PCW BB . 12.48 -14.23 19.97
C15 PCW BB . 12.35 -15.74 20.18
C16 PCW BB . 13.72 -16.40 20.36
C17 PCW BB . 14.46 -15.80 21.56
C18 PCW BB . 15.82 -16.48 21.76
C19 PCW BB . 16.49 -15.95 22.85
C20 PCW BB . 17.41 -14.92 22.66
C21 PCW BB . 17.64 -14.41 21.39
C22 PCW BB . 19.13 -14.12 21.18
C23 PCW BB . 19.38 -13.56 19.77
C24 PCW BB . 20.86 -13.26 19.56
C25 PCW BB . 21.11 -12.67 18.17
C26 PCW BB . 20.34 -11.36 17.99
C27 PCW BB . 20.75 -10.33 19.03
C28 PCW BB . 19.98 -9.01 18.85
C31 PCW BB . 8.94 -10.18 19.21
C32 PCW BB . 9.88 -8.96 19.22
C33 PCW BB . 10.96 -9.11 20.29
C34 PCW BB . 11.87 -10.31 20.00
C35 PCW BB . 12.62 -10.12 18.68
C36 PCW BB . 13.55 -8.90 18.75
C37 PCW BB . 14.31 -8.72 17.43
C38 PCW BB . 15.26 -7.52 17.50
C39 PCW BB . 15.95 -7.37 16.31
C40 PCW BB . 17.25 -6.89 16.30
C41 PCW BB . 17.88 -6.55 17.49
C42 PCW BB . 18.89 -5.41 17.29
C43 PCW BB . 19.98 -5.83 16.29
C44 PCW BB . 20.96 -4.67 16.04
C45 PCW BB . 22.04 -5.08 15.04
C46 PCW BB . 23.01 -3.93 14.79
C47 PCW BB . 23.70 -3.49 16.07
C48 PCW BB . 24.67 -2.34 15.81
N PCW BB . 6.84 -6.52 21.23
O2 PCW BB . 7.80 -10.12 18.48
O3 PCW BB . 8.84 -12.61 17.42
O11 PCW BB . 8.08 -14.08 18.93
O31 PCW BB . 9.19 -11.17 19.88
O1P PCW BB . 4.45 -9.92 21.95
O2P PCW BB . 5.33 -12.18 21.15
O3P PCW BB . 5.16 -10.23 19.58
O4P PCW BB . 6.90 -10.21 21.38
P PCW BB . 5.39 -10.70 21.09
PG GNP CB . -18.90 -27.65 9.21
O1G GNP CB . -18.95 -26.26 9.69
O2G GNP CB . -19.23 -27.78 7.65
O3G GNP CB . -17.42 -28.28 9.34
N3B GNP CB . -19.91 -28.66 9.99
PB GNP CB . -21.42 -28.09 10.02
O1B GNP CB . -21.39 -26.61 9.90
O2B GNP CB . -22.09 -28.66 11.20
O3A GNP CB . -22.08 -28.72 8.69
PA GNP CB . -22.46 -27.79 7.43
O1A GNP CB . -21.48 -26.70 7.34
O2A GNP CB . -22.66 -28.66 6.25
O5' GNP CB . -23.89 -27.18 7.87
C5' GNP CB . -24.98 -28.07 8.14
C4' GNP CB . -26.29 -27.30 8.35
O4' GNP CB . -26.21 -26.34 9.42
C3' GNP CB . -26.72 -26.49 7.12
O3' GNP CB . -27.82 -27.15 6.50
C2' GNP CB . -27.19 -25.17 7.73
O2' GNP CB . -28.45 -24.79 7.14
C1' GNP CB . -27.40 -25.57 9.19
N9 GNP CB . -27.46 -24.36 10.05
C8 GNP CB . -26.41 -23.63 10.45
N7 GNP CB . -26.84 -22.62 11.21
C5 GNP CB . -28.17 -22.70 11.27
C6 GNP CB . -29.12 -21.92 11.91
O6 GNP CB . -28.80 -20.92 12.55
N1 GNP CB . -30.47 -22.29 11.80
C2 GNP CB . -30.82 -23.42 11.04
N2 GNP CB . -32.08 -23.79 10.93
N3 GNP CB . -29.86 -24.14 10.44
C4 GNP CB . -28.57 -23.81 10.54
HNB3 GNP CB . -19.88 -29.56 9.55
HO3' GNP CB . -27.56 -28.08 6.25
HO2' GNP CB . -29.07 -25.57 7.18
HN1 GNP CB . -31.18 -21.76 12.25
HN21 GNP CB . -32.33 -24.60 10.40
HN22 GNP CB . -32.80 -23.25 11.38
MG MG DB . -18.67 -27.04 6.75
C1 PCW EB . 2.32 10.33 -10.19
C2 PCW EB . 1.95 10.05 -11.64
C3 PCW EB . 0.44 10.09 -11.80
C4 PCW EB . 1.19 10.21 -7.01
C5 PCW EB . -0.02 9.90 -6.12
C6 PCW EB . -0.75 10.15 -3.78
C7 PCW EB . 1.36 11.29 -4.54
C8 PCW EB . 0.17 12.14 -5.00
C11 PCW EB . 0.13 8.40 -13.29
C12 PCW EB . -0.25 7.77 -14.63
C13 PCW EB . -0.11 8.77 -15.79
C14 PCW EB . -0.55 8.14 -17.11
C15 PCW EB . -0.41 9.12 -18.27
C16 PCW EB . 1.04 9.50 -18.51
C17 PCW EB . 1.17 10.42 -19.72
C18 PCW EB . 2.63 10.77 -19.99
C19 PCW EB . 2.75 11.62 -21.10
C20 PCW EB . 3.81 11.49 -21.98
C21 PCW EB . 4.77 10.50 -21.76
C22 PCW EB . 5.99 10.72 -22.67
C23 PCW EB . 6.66 12.06 -22.39
C24 PCW EB . 7.89 12.25 -23.28
C25 PCW EB . 8.56 13.60 -23.03
C26 PCW EB . 9.05 13.69 -21.58
C27 PCW EB . 9.73 15.04 -21.31
C28 PCW EB . 10.24 15.11 -19.87
C31 PCW EB . 2.71 10.56 -13.76
C32 PCW EB . 3.33 11.47 -14.82
C33 PCW EB . 4.19 12.58 -14.19
C34 PCW EB . 5.34 11.98 -13.38
C35 PCW EB . 6.27 11.15 -14.26
C36 PCW EB . 7.44 10.58 -13.47
C37 PCW EB . 8.35 9.73 -14.35
C38 PCW EB . 9.56 9.20 -13.58
C39 PCW EB . 10.38 8.43 -14.40
C40 PCW EB . 11.60 8.91 -14.82
C41 PCW EB . 12.01 10.19 -14.44
C42 PCW EB . 12.64 10.94 -15.62
C43 PCW EB . 13.05 12.36 -15.22
C44 PCW EB . 13.63 13.13 -16.40
C45 PCW EB . 14.01 14.56 -15.99
C46 PCW EB . 14.54 15.35 -17.18
C47 PCW EB . 15.80 14.68 -17.76
C48 PCW EB . 16.37 15.49 -18.93
N PCW EB . 0.06 10.68 -4.88
O2 PCW EB . 2.57 11.03 -12.48
O3 PCW EB . 0.04 9.75 -13.13
O11 PCW EB . 0.48 7.68 -12.35
O31 PCW EB . 2.36 9.42 -14.03
O1P PCW EB . 3.62 11.58 -7.96
O2P PCW EB . 2.24 13.67 -8.33
O3P PCW EB . 1.93 11.66 -9.79
O4P PCW EB . 1.16 11.59 -7.40
P PCW EB . 2.33 12.20 -8.33
C1 PCW FB . 4.99 -22.24 -6.08
C2 PCW FB . 5.49 -21.24 -7.12
C3 PCW FB . 4.77 -21.50 -8.44
C4 PCW FB . 1.12 -20.64 -7.79
C5 PCW FB . 1.14 -19.57 -8.87
C6 PCW FB . -0.43 -18.01 -9.99
C7 PCW FB . -1.10 -19.10 -7.84
C8 PCW FB . -0.18 -17.93 -7.49
C11 PCW FB . 4.59 -19.37 -9.27
C12 PCW FB . 4.90 -18.23 -10.25
C13 PCW FB . 6.30 -17.66 -10.03
C14 PCW FB . 6.58 -16.53 -11.02
C15 PCW FB . 7.96 -15.92 -10.80
C16 PCW FB . 8.20 -14.75 -11.77
C17 PCW FB . 9.57 -14.10 -11.54
C18 PCW FB . 10.71 -15.09 -11.77
C19 PCW FB . 11.94 -14.46 -11.59
C20 PCW FB . 13.01 -14.76 -12.43
C21 PCW FB . 12.85 -15.69 -13.45
C22 PCW FB . 13.66 -15.29 -14.68
C23 PCW FB . 13.54 -16.34 -15.79
C24 PCW FB . 14.34 -15.93 -17.03
C25 PCW FB . 13.77 -14.64 -17.64
C26 PCW FB . 12.34 -14.84 -18.11
C27 PCW FB . 11.77 -13.56 -18.72
C28 PCW FB . 11.75 -12.42 -17.68
C31 PCW FB . 5.98 -19.65 -5.56
C32 PCW FB . 5.89 -18.29 -4.88
C33 PCW FB . 7.28 -17.67 -4.68
C34 PCW FB . 7.95 -17.32 -6.01
C35 PCW FB . 8.16 -18.57 -6.87
C36 PCW FB . 8.83 -18.21 -8.20
C37 PCW FB . 9.00 -19.45 -9.08
C38 PCW FB . 9.67 -19.09 -10.40
C39 PCW FB . 9.86 -20.23 -11.19
C40 PCW FB . 10.25 -20.09 -12.52
C41 PCW FB . 10.47 -18.82 -13.05
C42 PCW FB . 11.95 -18.62 -13.40
C43 PCW FB . 12.42 -19.62 -14.46
C44 PCW FB . 13.90 -19.43 -14.78
C45 PCW FB . 14.77 -19.61 -13.54
C46 PCW FB . 16.25 -19.45 -13.90
C47 PCW FB . 17.13 -19.61 -12.65
C48 PCW FB . 18.60 -19.43 -12.99
N PCW FB . -0.03 -18.68 -8.74
O2 PCW FB . 5.24 -19.90 -6.67
O3 PCW FB . 5.19 -20.57 -9.44
O11 PCW FB . 3.82 -19.18 -8.33
O31 PCW FB . 6.73 -20.53 -5.13
O1P PCW FB . 3.18 -23.80 -7.64
O2P PCW FB . 1.27 -22.98 -6.19
O3P PCW FB . 3.58 -22.11 -5.85
O4P PCW FB . 2.28 -21.47 -7.92
P PCW FB . 2.52 -22.69 -6.91
C1 PCW GB . -9.41 13.58 -19.67
C2 PCW GB . -7.89 13.42 -19.76
C3 PCW GB . -7.24 14.78 -19.75
C4 PCW GB . -12.56 11.47 -21.93
C5 PCW GB . -11.38 10.52 -22.17
C6 PCW GB . -10.75 12.25 -23.83
C7 PCW GB . -9.08 11.52 -22.09
C8 PCW GB . -9.09 10.46 -23.21
C11 PCW GB . -5.55 14.49 -21.28
C12 PCW GB . -4.09 14.36 -21.72
C13 PCW GB . -3.89 13.16 -22.65
C14 PCW GB . -2.44 13.06 -23.11
C15 PCW GB . -2.03 14.32 -23.89
C16 PCW GB . -2.85 14.45 -25.17
C17 PCW GB . -2.46 15.73 -25.94
C18 PCW GB . -3.25 15.83 -27.25
C19 PCW GB . -2.93 16.99 -27.94
C20 PCW GB . -1.64 17.18 -28.43
C21 PCW GB . -0.65 16.22 -28.22
C22 PCW GB . 0.23 16.08 -29.46
C23 PCW GB . 0.87 17.40 -29.85
C24 PCW GB . 1.79 17.26 -31.07
C25 PCW GB . 2.96 16.33 -30.75
C26 PCW GB . 3.82 16.91 -29.62
C27 PCW GB . 5.02 16.00 -29.32
C28 PCW GB . 5.88 16.59 -28.20
C31 PCW GB . -6.25 12.06 -18.91
C32 PCW GB . -5.56 11.20 -17.84
C33 PCW GB . -4.07 11.07 -18.12
C34 PCW GB . -3.38 12.43 -18.12
C35 PCW GB . -3.55 13.13 -16.77
C36 PCW GB . -2.85 14.50 -16.76
C37 PCW GB . -3.02 15.19 -15.41
C38 PCW GB . -2.32 16.55 -15.41
C39 PCW GB . -2.49 17.19 -14.18
C40 PCW GB . -2.35 18.58 -14.10
C41 PCW GB . -2.07 19.32 -15.24
C42 PCW GB . -0.76 20.10 -15.07
C43 PCW GB . -0.85 21.04 -13.87
C44 PCW GB . 0.46 21.82 -13.69
C45 PCW GB . 0.77 22.67 -14.94
C46 PCW GB . 2.05 23.47 -14.76
C47 PCW GB . 2.37 24.29 -16.01
C48 PCW GB . 3.65 25.10 -15.82
N PCW GB . -10.31 11.24 -22.87
O2 PCW GB . -7.44 12.64 -18.63
O3 PCW GB . -5.82 14.68 -19.95
O11 PCW GB . -6.47 14.44 -22.09
O31 PCW GB . -5.74 12.17 -20.03
O1P PCW GB . -12.04 10.85 -19.20
O2P PCW GB . -12.14 13.33 -18.69
O3P PCW GB . -10.07 12.31 -19.67
O4P PCW GB . -12.15 12.54 -21.08
P PCW GB . -11.68 12.24 -19.57
C1 PCW HB . 3.60 -8.62 0.69
C2 PCW HB . 4.87 -8.40 1.54
C3 PCW HB . 5.58 -9.72 1.76
C4 PCW HB . 0.38 -9.50 3.09
C5 PCW HB . -0.38 -8.49 3.95
C6 PCW HB . -2.72 -9.29 3.80
C7 PCW HB . -2.19 -6.89 3.28
C8 PCW HB . -1.83 -7.72 2.05
C11 PCW HB . 6.58 -8.89 3.67
C12 PCW HB . 7.77 -8.57 4.56
C13 PCW HB . 7.38 -8.61 6.04
C14 PCW HB . 8.57 -8.28 6.94
C15 PCW HB . 9.11 -6.89 6.63
C16 PCW HB . 10.34 -6.57 7.50
C17 PCW HB . 10.88 -5.18 7.17
C18 PCW HB . 12.13 -4.87 8.01
C19 PCW HB . 12.64 -3.60 7.69
C20 PCW HB . 14.00 -3.43 7.48
C21 PCW HB . 14.87 -4.51 7.59
C22 PCW HB . 16.07 -4.34 6.67
C23 PCW HB . 17.03 -5.53 6.79
C24 PCW HB . 16.36 -6.83 6.34
C25 PCW HB . 15.18 -7.19 7.24
C26 PCW HB . 14.50 -8.48 6.77
C27 PCW HB . 13.30 -8.82 7.66
C28 PCW HB . 12.60 -10.08 7.18
C31 PCW HB . 5.19 -6.24 0.89
C32 PCW HB . 5.90 -5.08 0.20
C33 PCW HB . 5.16 -4.66 -1.07
C34 PCW HB . 5.12 -5.80 -2.10
C35 PCW HB . 4.29 -5.40 -3.32
C36 PCW HB . 4.28 -6.53 -4.36
C37 PCW HB . 3.34 -6.18 -5.52
C38 PCW HB . 3.78 -4.91 -6.25
C39 PCW HB . 2.86 -4.56 -7.22
C40 PCW HB . 3.27 -4.24 -8.52
C41 PCW HB . 4.63 -4.26 -8.86
C42 PCW HB . 4.79 -4.36 -10.37
C43 PCW HB . 6.27 -4.35 -10.79
C44 PCW HB . 6.40 -4.46 -12.31
C45 PCW HB . 7.87 -4.43 -12.73
C46 PCW HB . 8.53 -3.11 -12.34
C47 PCW HB . 10.01 -3.08 -12.78
C48 PCW HB . 10.66 -1.75 -12.42
N PCW HB . -1.73 -8.29 3.40
O2 PCW HB . 5.72 -7.48 0.86
O3 PCW HB . 6.81 -9.49 2.47
O11 PCW HB . 5.43 -8.63 4.01
O31 PCW HB . 4.12 -6.06 1.48
O1P PCW HB . 0.63 -11.15 0.96
O2P PCW HB . 0.95 -9.01 -0.52
O3P PCW HB . 2.73 -9.56 1.31
O4P PCW HB . 0.54 -8.98 1.77
P PCW HB . 1.28 -9.86 0.64
C1 PCW IB . 4.33 -14.72 -11.45
C2 PCW IB . 4.34 -13.23 -11.81
C3 PCW IB . 5.74 -12.65 -11.58
C4 PCW IB . 0.81 -12.78 -11.86
C5 PCW IB . 0.80 -11.25 -11.82
C6 PCW IB . -1.53 -10.70 -12.49
C7 PCW IB . 0.39 -9.64 -13.72
C8 PCW IB . 0.21 -11.06 -14.26
C11 PCW IB . 7.00 -10.77 -11.89
C12 PCW IB . 7.24 -9.29 -12.18
C13 PCW IB . 8.62 -9.06 -12.80
C14 PCW IB . 8.83 -7.57 -13.13
C15 PCW IB . 10.20 -7.33 -13.76
C16 PCW IB . 10.40 -5.84 -14.06
C17 PCW IB . 11.76 -5.59 -14.69
C18 PCW IB . 11.90 -6.36 -16.01
C19 PCW IB . 13.12 -6.07 -16.64
C20 PCW IB . 14.28 -6.74 -16.28
C21 PCW IB . 14.24 -7.72 -15.29
C22 PCW IB . 14.51 -7.13 -13.91
C23 PCW IB . 14.49 -8.22 -12.84
C24 PCW IB . 14.79 -7.62 -11.45
C25 PCW IB . 14.83 -8.72 -10.39
C26 PCW IB . 15.93 -9.75 -10.70
C27 PCW IB . 15.99 -10.83 -9.62
C28 PCW IB . 17.12 -11.83 -9.92
C31 PCW IB . 3.58 -11.79 -13.43
C32 PCW IB . 3.18 -11.38 -14.85
C33 PCW IB . 3.99 -10.17 -15.34
C34 PCW IB . 3.70 -8.95 -14.47
C35 PCW IB . 4.49 -7.72 -14.95
C36 PCW IB . 4.17 -7.39 -16.42
C37 PCW IB . 4.85 -6.09 -16.84
C38 PCW IB . 4.59 -5.79 -18.32
C39 PCW IB . 5.06 -4.53 -18.66
C40 PCW IB . 6.26 -4.36 -19.33
C41 PCW IB . 7.03 -5.46 -19.68
C42 PCW IB . 8.51 -5.21 -19.38
C43 PCW IB . 9.37 -6.39 -19.82
C44 PCW IB . 10.85 -6.15 -19.49
C45 PCW IB . 11.36 -4.88 -20.18
C46 PCW IB . 12.83 -4.61 -19.83
C47 PCW IB . 13.33 -3.33 -20.49
C48 PCW IB . 14.80 -3.07 -20.13
N PCW IB . -0.11 -10.73 -12.86
O2 PCW IB . 3.97 -13.06 -13.18
O3 PCW IB . 5.73 -11.26 -11.90
O11 PCW IB . 7.95 -11.53 -11.66
O31 PCW IB . 3.53 -10.97 -12.50
O1P PCW IB . 0.60 -15.54 -11.03
O2P PCW IB . 2.31 -15.08 -9.21
O3P PCW IB . 3.01 -15.26 -11.61
O4P PCW IB . 1.68 -13.27 -10.84
P PCW IB . 1.84 -14.86 -10.59
C1 PCW JB . 1.35 1.29 7.67
C2 PCW JB . 2.41 2.38 7.78
C3 PCW JB . 1.71 3.73 7.75
C4 PCW JB . -3.03 1.45 7.85
C5 PCW JB . -4.10 2.49 8.19
C6 PCW JB . -6.17 1.52 7.22
C7 PCW JB . -5.47 3.85 6.58
C8 PCW JB . -4.63 2.87 5.75
C11 PCW JB . 3.66 4.83 7.16
C12 PCW JB . 4.75 5.89 7.34
C13 PCW JB . 4.96 6.70 6.05
C14 PCW JB . 5.91 7.87 6.29
C15 PCW JB . 7.31 7.39 6.72
C16 PCW JB . 8.06 6.74 5.57
C17 PCW JB . 7.37 5.47 5.07
C18 PCW JB . 8.16 4.86 3.90
C19 PCW JB . 7.56 3.69 3.44
C20 PCW JB . 8.33 2.73 2.80
C21 PCW JB . 9.69 2.94 2.60
C22 PCW JB . 10.47 2.75 3.90
C23 PCW JB . 11.98 2.98 3.70
C24 PCW JB . 12.59 1.95 2.74
C25 PCW JB . 12.01 2.10 1.33
C26 PCW JB . 12.63 1.07 0.39
C27 PCW JB . 12.07 1.22 -1.04
C28 PCW JB . 10.56 1.02 -1.06
C31 PCW JB . 3.98 1.21 8.94
C32 PCW JB . 4.86 0.86 10.15
C33 PCW JB . 4.10 -0.02 11.15
C34 PCW JB . 4.97 -0.30 12.38
C35 PCW JB . 5.35 1.00 13.09
C36 PCW JB . 6.23 0.73 14.31
C37 PCW JB . 6.58 2.03 15.02
C38 PCW JB . 7.47 1.78 16.24
C39 PCW JB . 7.75 2.97 16.91
C40 PCW JB . 9.07 3.33 17.16
C41 PCW JB . 10.11 2.51 16.75
C42 PCW JB . 11.21 3.31 16.05
C43 PCW JB . 12.37 2.41 15.65
C44 PCW JB . 13.45 3.22 14.93
C45 PCW JB . 14.65 2.33 14.58
C46 PCW JB . 14.21 1.15 13.71
C47 PCW JB . 15.40 0.24 13.38
C48 PCW JB . 14.97 -0.95 12.52
N PCW JB . -5.10 2.53 7.11
O2 PCW JB . 3.10 2.24 9.03
O3 PCW JB . 2.64 4.78 8.06
O11 PCW JB . 3.70 4.04 6.21
O31 PCW JB . 4.08 0.57 7.90
O1P PCW JB . -0.90 -0.39 7.57
O2P PCW JB . -0.74 -0.40 10.11
O3P PCW JB . 0.43 1.36 8.76
O4P PCW JB . -2.08 1.38 8.93
P PCW JB . -0.83 0.36 8.85
C1 PCW KB . -3.58 23.87 4.03
C2 PCW KB . -3.75 25.05 3.08
C3 PCW KB . -2.47 25.28 2.28
C4 PCW KB . -7.40 23.04 6.72
C5 PCW KB . -7.75 21.92 7.72
C6 PCW KB . -5.91 22.09 9.38
C7 PCW KB . -6.44 19.87 8.32
C8 PCW KB . -5.60 20.68 7.32
C11 PCW KB . -1.47 26.59 0.70
C12 PCW KB . -1.35 27.76 -0.27
C13 PCW KB . -0.90 29.04 0.44
C14 PCW KB . -0.75 30.20 -0.55
C15 PCW KB . -0.41 31.51 0.17
C16 PCW KB . 0.97 31.44 0.86
C17 PCW KB . 1.24 32.74 1.62
C18 PCW KB . 2.62 32.70 2.29
C19 PCW KB . 2.82 33.84 3.07
C20 PCW KB . 3.46 34.95 2.55
C21 PCW KB . 3.92 34.95 1.23
C22 PCW KB . 5.44 34.84 1.19
C23 PCW KB . 5.97 34.91 -0.25
C24 PCW KB . 5.61 36.26 -0.88
C25 PCW KB . 6.14 36.34 -2.31
C26 PCW KB . 5.80 37.68 -2.96
C27 PCW KB . 6.38 38.85 -2.16
C28 PCW KB . 6.03 40.19 -2.81
C31 PCW KB . -5.32 26.02 1.72
C32 PCW KB . -6.49 26.04 0.73
C33 PCW KB . -6.14 26.87 -0.50
C34 PCW KB . -7.29 26.90 -1.49
C35 PCW KB . -7.66 25.50 -1.96
C36 PCW KB . -6.47 24.82 -2.65
C37 PCW KB . -6.84 23.43 -3.14
C38 PCW KB . -5.66 22.76 -3.84
C39 PCW KB . -6.00 21.50 -4.33
C40 PCW KB . -5.19 20.40 -4.09
C41 PCW KB . -4.02 20.55 -3.35
C42 PCW KB . -3.02 21.45 -4.09
C43 PCW KB . -2.67 20.88 -5.46
C44 PCW KB . -1.68 21.79 -6.19
C45 PCW KB . -1.34 21.23 -7.58
C46 PCW KB . -0.38 22.14 -8.33
C47 PCW KB . -0.04 21.59 -9.71
C48 PCW KB . 0.92 22.52 -10.45
N PCW KB . -6.51 21.34 8.27
O2 PCW KB . -4.86 24.83 2.21
O3 PCW KB . -2.60 26.43 1.45
O11 PCW KB . -0.55 25.78 0.80
O31 PCW KB . -4.81 27.06 2.12
O1P PCW KB . -6.93 24.72 4.46
O2P PCW KB . -6.08 22.71 3.17
O3P PCW KB . -4.67 23.78 4.95
O4P PCW KB . -6.71 22.48 5.60
P PCW KB . -6.16 23.46 4.44
C1 PCW LB . 4.50 22.96 12.51
C2 PCW LB . 4.68 22.44 13.94
C3 PCW LB . 6.16 22.43 14.27
C4 PCW LB . 3.84 20.43 10.16
C5 PCW LB . 4.09 20.27 8.65
C6 PCW LB . 3.31 18.80 6.82
C7 PCW LB . 1.92 19.02 8.90
C8 PCW LB . 1.66 20.25 8.03
C11 PCW LB . 7.63 22.22 16.00
C12 PCW LB . 8.14 21.73 17.35
C13 PCW LB . 7.75 20.27 17.58
C14 PCW LB . 8.35 19.71 18.88
C15 PCW LB . 9.88 19.76 18.83
C16 PCW LB . 10.50 19.01 20.02
C17 PCW LB . 10.14 19.66 21.36
C18 PCW LB . 10.76 21.05 21.49
C19 PCW LB . 12.14 21.00 21.38
C20 PCW LB . 12.95 21.19 22.50
C21 PCW LB . 12.37 21.42 23.74
C22 PCW LB . 13.41 21.96 24.73
C23 PCW LB . 12.78 22.25 26.09
C24 PCW LB . 12.23 20.96 26.71
C25 PCW LB . 11.59 21.24 28.08
C26 PCW LB . 11.02 19.96 28.68
C27 PCW LB . 10.39 20.22 30.05
C28 PCW LB . 11.44 20.77 31.04
C31 PCW LB . 3.88 22.70 16.06
C32 PCW LB . 3.29 23.46 17.24
C33 PCW LB . 4.42 24.17 18.02
C34 PCW LB . 3.90 24.98 19.20
C35 PCW LB . 5.06 25.64 19.93
C36 PCW LB . 4.59 26.45 21.14
C37 PCW LB . 5.78 27.09 21.85
C38 PCW LB . 5.35 27.88 23.08
C39 PCW LB . 6.44 28.45 23.71
C40 PCW LB . 6.31 29.58 24.51
C41 PCW LB . 5.05 30.15 24.70
C42 PCW LB . 5.09 31.24 25.78
C43 PCW LB . 6.03 32.38 25.38
C44 PCW LB . 6.01 33.49 26.42
C45 PCW LB . 6.52 32.99 27.79
C46 PCW LB . 7.99 32.57 27.72
C47 PCW LB . 8.87 33.76 27.33
C48 PCW LB . 10.34 33.36 27.27
N PCW LB . 2.96 19.57 8.03
O2 PCW LB . 4.02 23.32 14.86
O3 PCW LB . 6.39 21.87 15.57
O11 PCW LB . 8.32 22.95 15.30
O31 PCW LB . 4.20 21.52 16.17
O1P PCW LB . 2.81 20.65 12.83
O2P PCW LB . 0.85 21.98 11.92
O3P PCW LB . 3.11 23.03 12.14
O4P PCW LB . 2.72 21.27 10.39
P PCW LB . 2.29 21.66 11.89
C1 PCW MB . -2.70 9.52 15.82
C2 PCW MB . -1.39 10.29 15.61
C3 PCW MB . -1.06 11.14 16.84
C4 PCW MB . -0.22 9.16 18.95
C5 PCW MB . 0.80 8.59 19.93
C6 PCW MB . 2.14 10.67 20.09
C7 PCW MB . 3.32 8.44 19.96
C8 PCW MB . 2.90 8.84 18.54
C11 PCW MB . 1.22 11.39 16.65
C12 PCW MB . 2.50 12.18 16.38
C13 PCW MB . 3.68 11.68 17.22
C14 PCW MB . 4.92 12.55 16.97
C15 PCW MB . 6.13 12.05 17.77
C16 PCW MB . 7.35 12.93 17.51
C17 PCW MB . 7.14 14.34 18.03
C18 PCW MB . 8.31 15.25 17.68
C19 PCW MB . 8.44 15.38 16.31
C20 PCW MB . 9.58 15.94 15.73
C21 PCW MB . 10.64 16.39 16.52
C22 PCW MB . 10.52 17.89 16.79
C23 PCW MB . 10.47 18.69 15.49
C24 PCW MB . 10.36 20.19 15.77
C25 PCW MB . 10.26 20.99 14.48
C26 PCW MB . 9.01 20.62 13.68
C27 PCW MB . 8.85 21.50 12.44
C28 PCW MB . 10.06 21.36 11.51
C31 PCW MB . -0.59 8.67 14.20
C32 PCW MB . 0.41 7.63 13.70
C33 PCW MB . 1.50 8.25 12.84
C34 PCW MB . 2.29 9.31 13.61
C35 PCW MB . 3.50 9.79 12.80
C36 PCW MB . 3.07 10.41 11.47
C37 PCW MB . 4.29 10.75 10.61
C38 PCW MB . 3.88 11.31 9.25
C39 PCW MB . 4.99 11.50 8.43
C40 PCW MB . 5.66 12.72 8.40
C41 PCW MB . 5.22 13.78 9.19
C42 PCW MB . 6.27 14.15 10.23
C43 PCW MB . 7.58 14.57 9.56
C44 PCW MB . 8.62 14.96 10.60
C45 PCW MB . 9.95 15.35 9.94
C46 PCW MB . 10.99 15.71 11.01
C47 PCW MB . 12.32 16.14 10.37
C48 PCW MB . 13.35 16.48 11.43
N PCW MB . 2.11 9.25 19.72
O2 PCW MB . -0.32 9.39 15.32
O3 PCW MB . 0.03 12.02 16.58
O11 PCW MB . 1.26 10.19 16.96
O31 PCW MB . -1.66 8.86 13.60
O1P PCW MB . -2.80 10.54 18.45
O2P PCW MB . -3.99 8.36 18.98
O3P PCW MB . -2.61 8.58 16.90
O4P PCW MB . -1.48 8.51 19.15
P PCW MB . -2.80 9.06 18.42
C1 PCW NB . 7.59 -11.55 -6.26
C2 PCW NB . 8.54 -11.94 -5.13
C3 PCW NB . 9.86 -12.37 -5.75
C4 PCW NB . 4.06 -12.91 -6.55
C5 PCW NB . 3.75 -14.15 -7.37
C6 PCW NB . 1.65 -15.05 -6.39
C7 PCW NB . 3.68 -16.52 -6.52
C8 PCW NB . 3.86 -15.61 -5.32
C11 PCW NB . 10.41 -13.88 -4.11
C12 PCW NB . 11.28 -14.49 -3.01
C13 PCW NB . 12.65 -14.91 -3.58
C14 PCW NB . 13.55 -15.52 -2.50
C15 PCW NB . 12.96 -16.79 -1.91
C16 PCW NB . 13.93 -17.45 -0.94
C17 PCW NB . 13.33 -18.72 -0.32
C18 PCW NB . 14.36 -19.46 0.53
C19 PCW NB . 14.88 -18.65 1.54
C20 PCW NB . 16.12 -18.05 1.38
C21 PCW NB . 16.85 -18.24 0.21
C22 PCW NB . 18.15 -17.44 0.24
C23 PCW NB . 18.94 -17.62 -1.06
C24 PCW NB . 20.23 -16.81 -1.03
C25 PCW NB . 19.98 -15.32 -0.87
C26 PCW NB . 21.28 -14.53 -0.86
C27 PCW NB . 21.03 -13.03 -0.68
C28 PCW NB . 22.34 -12.25 -0.66
C31 PCW NB . 7.66 -10.60 -3.50
C32 PCW NB . 7.63 -9.41 -2.55
C33 PCW NB . 8.66 -9.58 -1.43
C34 PCW NB . 8.64 -8.37 -0.48
C35 PCW NB . 9.66 -8.57 0.65
C36 PCW NB . 9.69 -7.37 1.59
C37 PCW NB . 10.69 -7.59 2.73
C38 PCW NB . 10.73 -6.40 3.68
C39 PCW NB . 11.62 -6.61 4.72
C40 PCW NB . 12.98 -6.64 4.49
C41 PCW NB . 13.48 -6.44 3.21
C42 PCW NB . 14.99 -6.74 3.16
C43 PCW NB . 15.53 -6.55 1.74
C44 PCW NB . 17.03 -6.85 1.68
C45 PCW NB . 17.31 -8.30 2.10
C46 PCW NB . 18.81 -8.60 2.08
C47 PCW NB . 19.09 -10.03 2.54
C48 PCW NB . 20.60 -10.34 2.50
N PCW NB . 3.12 -15.17 -6.51
O2 PCW NB . 8.76 -10.81 -4.29
O3 PCW NB . 10.81 -12.76 -4.75
O11 PCW NB . 9.34 -14.41 -4.42
O31 PCW NB . 6.72 -11.39 -3.55
O1P PCW NB . 4.11 -9.95 -5.95
O2P PCW NB . 5.82 -9.71 -7.81
O3P PCW NB . 6.35 -11.05 -5.74
O4P PCW NB . 4.70 -11.94 -7.39
P PCW NB . 5.20 -10.55 -6.76
C1 PCW OB . -8.82 15.16 -16.80
C2 PCW OB . -9.13 16.31 -15.83
C3 PCW OB . -10.31 15.95 -14.94
C4 PCW OB . -9.31 13.66 -12.84
C5 PCW OB . -8.53 13.39 -11.56
C6 PCW OB . -9.64 15.47 -10.78
C7 PCW OB . -9.86 13.35 -9.42
C8 PCW OB . -8.49 13.97 -9.12
C11 PCW OB . -9.80 17.31 -13.15
C12 PCW OB . -10.00 18.50 -12.21
C13 PCW OB . -9.98 19.82 -12.98
C14 PCW OB . -10.23 21.00 -12.04
C15 PCW OB . -10.22 22.32 -12.80
C16 PCW OB . -8.87 22.57 -13.47
C17 PCW OB . -8.86 23.90 -14.21
C18 PCW OB . -7.51 24.15 -14.89
C19 PCW OB . -7.49 25.36 -15.55
C20 PCW OB . -6.54 25.63 -16.53
C21 PCW OB . -5.58 24.66 -16.84
C22 PCW OB . -4.32 24.85 -16.00
C23 PCW OB . -3.27 23.79 -16.36
C24 PCW OB . -2.87 23.88 -17.83
C25 PCW OB . -1.90 25.01 -18.13
C26 PCW OB . -2.42 26.39 -17.72
C27 PCW OB . -2.37 26.56 -16.19
C28 PCW OB . -2.91 27.94 -15.79
C31 PCW OB . -6.96 17.07 -15.81
C32 PCW OB . -5.64 17.46 -15.14
C33 PCW OB . -5.61 18.96 -14.83
C34 PCW OB . -5.70 19.78 -16.12
C35 PCW OB . -4.55 19.42 -17.06
C36 PCW OB . -4.59 20.25 -18.34
C37 PCW OB . -3.46 19.83 -19.29
C38 PCW OB . -3.49 20.65 -20.58
C39 PCW OB . -2.51 20.22 -21.46
C40 PCW OB . -1.17 20.55 -21.26
C41 PCW OB . -0.80 21.33 -20.18
C42 PCW OB . 0.38 22.22 -20.53
C43 PCW OB . 0.80 23.10 -19.35
C44 PCW OB . 1.95 24.03 -19.73
C45 PCW OB . 1.54 24.92 -20.90
C46 PCW OB . 2.69 25.84 -21.33
C47 PCW OB . 2.28 26.72 -22.51
C48 PCW OB . 3.44 27.61 -22.96
N PCW OB . -9.13 14.13 -10.43
O2 PCW OB . -7.98 16.61 -15.03
O3 PCW OB . -10.69 17.10 -14.16
O11 PCW OB . -8.86 16.53 -12.98
O31 PCW OB . -7.11 17.19 -17.02
O1P PCW OB . -10.69 13.61 -15.34
O2P PCW OB . -9.23 11.65 -16.03
O3P PCW OB . -8.34 13.99 -16.14
O4P PCW OB . -8.73 12.90 -13.91
P PCW OB . -9.35 12.97 -15.39
C1 PCW PB . 1.48 16.69 23.93
C2 PCW PB . 1.96 17.72 22.90
C3 PCW PB . 2.48 18.95 23.62
C4 PCW PB . -1.36 15.29 20.44
C5 PCW PB . -1.78 16.15 19.25
C6 PCW PB . -2.57 15.96 16.91
C7 PCW PB . -2.19 13.87 18.27
C8 PCW PB . -3.54 14.46 18.68
C11 PCW PB . 3.36 21.05 23.28
C12 PCW PB . 4.06 22.15 22.48
C13 PCW PB . 5.46 21.70 22.06
C14 PCW PB . 6.20 22.80 21.31
C15 PCW PB . 7.59 22.32 20.88
C16 PCW PB . 8.36 23.39 20.11
C17 PCW PB . 9.71 22.83 19.63
C18 PCW PB . 10.51 23.87 18.85
C19 PCW PB . 11.71 23.31 18.41
C20 PCW PB . 12.78 24.11 18.04
C21 PCW PB . 12.69 25.49 18.10
C22 PCW PB . 13.80 26.13 17.25
C23 PCW PB . 15.18 25.72 17.75
C24 PCW PB . 16.29 26.29 16.87
C25 PCW PB . 16.29 27.81 16.88
C26 PCW PB . 17.40 28.37 16.00
C27 PCW PB . 18.78 27.90 16.47
C28 PCW PB . 19.88 28.43 15.55
C31 PCW PB . 3.17 17.80 20.95
C32 PCW PB . 4.21 17.31 19.94
C33 PCW PB . 5.36 16.56 20.61
C34 PCW PB . 6.24 17.50 21.43
C35 PCW PB . 7.38 16.72 22.11
C36 PCW PB . 8.38 17.65 22.79
C37 PCW PB . 9.49 16.85 23.48
C38 PCW PB . 10.54 17.76 24.10
C39 PCW PB . 11.44 17.01 24.84
C40 PCW PB . 12.81 17.09 24.60
C41 PCW PB . 13.32 17.92 23.61
C42 PCW PB . 14.85 17.93 23.64
C43 PCW PB . 15.42 18.85 22.56
C44 PCW PB . 16.96 18.83 22.62
C45 PCW PB . 17.55 19.74 21.55
C46 PCW PB . 19.08 19.72 21.59
C47 PCW PB . 19.59 20.21 22.95
C48 PCW PB . 21.12 20.20 23.01
N PCW PB . -2.44 15.33 18.23
O2 PCW PB . 2.99 17.11 22.11
O3 PCW PB . 3.10 19.85 22.68
O11 PCW PB . 3.00 21.25 24.43
O31 PCW PB . 2.48 18.79 20.71
O1P PCW PB . -1.22 14.21 23.01
O2P PCW PB . -1.36 16.62 23.84
O3P PCW PB . 0.86 15.57 23.31
O4P PCW PB . -0.77 16.12 21.44
P PCW PB . -0.71 15.61 22.96
C1 PCW QB . -6.46 32.12 2.18
C2 PCW QB . -5.16 31.53 2.73
C3 PCW QB . -5.45 30.32 3.59
C4 PCW QB . -6.80 31.80 6.20
C5 PCW QB . -5.97 32.93 5.57
C6 PCW QB . -6.22 33.95 7.81
C7 PCW QB . -3.93 33.56 6.89
C8 PCW QB . -4.48 34.83 6.24
C11 PCW QB . -3.55 30.49 4.88
C12 PCW QB . -2.24 29.98 5.49
C13 PCW QB . -1.58 28.92 4.61
C14 PCW QB . -0.43 28.24 5.34
C15 PCW QB . 0.21 27.16 4.47
C16 PCW QB . 1.23 26.33 5.26
C17 PCW QB . 2.37 27.19 5.80
C18 PCW QB . 3.15 27.87 4.68
C19 PCW QB . 4.24 28.57 5.19
C20 PCW QB . 5.28 28.97 4.36
C21 PCW QB . 5.25 28.67 3.00
C22 PCW QB . 5.76 29.85 2.18
C23 PCW QB . 7.22 30.19 2.53
C24 PCW QB . 7.72 31.41 1.77
C25 PCW QB . 7.72 31.18 0.26
C26 PCW QB . 6.30 30.95 -0.27
C27 PCW QB . 6.31 30.73 -1.79
C28 PCW QB . 6.91 31.94 -2.50
C31 PCW QB . -4.08 32.18 0.80
C32 PCW QB . -3.21 31.96 -0.44
C33 PCW QB . -4.02 31.48 -1.65
C34 PCW QB . -3.09 30.98 -2.76
C35 PCW QB . -2.13 32.08 -3.24
C36 PCW QB . -1.14 31.53 -4.25
C37 PCW QB . -0.23 32.62 -4.81
C38 PCW QB . 0.81 32.02 -5.78
C39 PCW QB . 1.56 33.03 -6.38
C40 PCW QB . 2.94 33.07 -6.25
C41 PCW QB . 3.63 32.12 -5.51
C42 PCW QB . 3.86 30.84 -6.31
C43 PCW QB . 4.78 29.88 -5.56
C44 PCW QB . 4.98 28.58 -6.34
C45 PCW QB . 6.01 27.66 -5.66
C46 PCW QB . 7.42 28.25 -5.75
C47 PCW QB . 7.51 29.62 -5.08
C48 PCW QB . 8.91 30.22 -5.23
N PCW QB . -5.36 33.73 6.64
O2 PCW QB . -4.34 31.12 1.62
O3 PCW QB . -4.25 29.68 4.04
O11 PCW QB . -3.97 31.61 5.14
O31 PCW QB . -4.53 33.29 1.06
O1P PCW QB . -9.36 32.26 4.66
O2P PCW QB . -8.62 30.39 3.10
O3P PCW QB . -7.34 32.55 3.22
O4P PCW QB . -7.27 30.93 5.15
P PCW QB . -8.27 31.49 4.01
C1 PCW RB . 3.13 9.77 22.82
C2 PCW RB . 4.17 10.88 22.76
C3 PCW RB . 3.50 12.17 22.30
C4 PCW RB . -1.22 10.64 23.89
C5 PCW RB . -2.12 9.62 23.18
C6 PCW RB . -4.37 9.60 22.13
C7 PCW RB . -3.17 11.79 22.45
C8 PCW RB . -2.58 11.11 21.21
C11 PCW RB . 5.50 12.85 21.39
C12 PCW RB . 6.68 13.79 21.17
C13 PCW RB . 8.00 13.07 21.48
C14 PCW RB . 9.20 14.01 21.30
C15 PCW RB . 10.51 13.28 21.61
C16 PCW RB . 11.70 14.23 21.48
C17 PCW RB . 13.02 13.50 21.76
C18 PCW RB . 14.22 14.45 21.62
C19 PCW RB . 14.27 15.01 20.35
C20 PCW RB . 15.15 14.50 19.40
C21 PCW RB . 15.97 13.42 19.70
C22 PCW RB . 17.44 13.86 19.80
C23 PCW RB . 17.64 14.88 20.93
C24 PCW RB . 17.28 14.27 22.28
C25 PCW RB . 17.45 15.30 23.39
C26 PCW RB . 17.10 14.71 24.76
C27 PCW RB . 18.00 13.52 25.09
C28 PCW RB . 19.47 13.94 25.13
C31 PCW RB . 5.57 10.07 24.38
C32 PCW RB . 6.29 10.08 25.73
C33 PCW RB . 7.49 11.02 25.71
C34 PCW RB . 8.53 10.53 24.70
C35 PCW RB . 9.03 9.13 25.06
C36 PCW RB . 10.11 8.65 24.09
C37 PCW RB . 10.57 7.23 24.45
C38 PCW RB . 11.66 6.76 23.49
C39 PCW RB . 12.07 5.46 23.80
C40 PCW RB . 13.25 5.25 24.50
C41 PCW RB . 14.02 6.32 24.91
C42 PCW RB . 15.46 5.88 25.19
C43 PCW RB . 15.51 4.84 26.31
C44 PCW RB . 16.94 4.38 26.57
C45 PCW RB . 16.99 3.32 27.67
C46 PCW RB . 18.42 2.85 27.93
C47 PCW RB . 18.46 1.78 29.02
C48 PCW RB . 19.89 1.31 29.30
N PCW RB . -3.10 10.32 22.34
O2 PCW RB . 4.74 11.09 24.06
O3 PCW RB . 4.50 13.21 22.24
O11 PCW RB . 5.43 11.78 20.79
O31 PCW RB . 5.76 9.16 23.57
O1P PCW RB . 0.40 8.67 22.61
O2P PCW RB . 1.29 7.96 24.88
O3P PCW RB . 2.11 10.05 23.78
O4P PCW RB . -0.25 9.96 24.67
P PCW RB . 0.88 9.04 23.96
C1 PCW SB . -0.19 8.58 3.21
C2 PCW SB . 0.95 9.12 2.34
C3 PCW SB . 2.04 9.66 3.25
C4 PCW SB . -1.96 4.87 3.08
C5 PCW SB . -0.46 5.14 3.20
C6 PCW SB . 1.48 4.34 4.53
C7 PCW SB . -0.68 3.06 4.59
C8 PCW SB . 0.04 2.68 3.30
C11 PCW SB . 3.87 9.33 1.90
C12 PCW SB . 5.05 9.77 1.04
C13 PCW SB . 5.22 11.29 1.06
C14 PCW SB . 6.44 11.71 0.24
C15 PCW SB . 6.64 13.22 0.27
C16 PCW SB . 7.89 13.62 -0.51
C17 PCW SB . 9.12 12.93 0.07
C18 PCW SB . 10.39 13.33 -0.68
C19 PCW SB . 11.50 12.68 -0.16
C20 PCW SB . 12.75 13.30 -0.15
C21 PCW SB . 12.90 14.59 -0.66
C22 PCW SB . 13.39 14.53 -2.11
C23 PCW SB . 13.63 15.94 -2.66
C24 PCW SB . 14.74 16.66 -1.88
C25 PCW SB . 16.07 15.92 -2.00
C26 PCW SB . 17.18 16.65 -1.25
C27 PCW SB . 18.51 15.91 -1.38
C28 PCW SB . 19.62 16.63 -0.63
C31 PCW SB . 0.70 7.84 0.43
C32 PCW SB . 1.11 6.76 -0.56
C33 PCW SB . 0.00 6.42 -1.56
C34 PCW SB . 0.51 5.42 -2.59
C35 PCW SB . 1.70 5.98 -3.36
C36 PCW SB . 2.29 4.97 -4.33
C37 PCW SB . 3.45 5.58 -5.12
C38 PCW SB . 4.10 4.55 -6.06
C39 PCW SB . 5.10 5.14 -6.82
C40 PCW SB . 6.30 5.54 -6.23
C41 PCW SB . 6.51 5.37 -4.88
C42 PCW SB . 8.00 5.52 -4.53
C43 PCW SB . 8.25 5.36 -3.03
C44 PCW SB . 9.73 5.50 -2.72
C45 PCW SB . 10.00 5.34 -1.22
C46 PCW SB . 11.50 5.47 -0.92
C47 PCW SB . 11.77 5.33 0.59
C48 PCW SB . 13.27 5.48 0.89
N PCW SB . 0.19 4.01 3.89
O2 PCW SB . 1.49 8.08 1.51
O3 PCW SB . 3.08 10.27 2.49
O11 PCW SB . 3.66 8.13 2.10
O31 PCW SB . -0.31 8.51 0.24
O1P PCW SB . -2.23 7.30 4.56
O2P PCW SB . -3.77 8.20 2.75
O3P PCW SB . -1.28 8.12 2.41
O4P PCW SB . -2.60 5.98 2.44
P PCW SB . -2.55 7.44 3.12
C1 PCW TB . 0.11 2.01 -0.96
C2 PCW TB . 1.42 1.20 -1.05
C3 PCW TB . 1.99 1.38 -2.45
C4 PCW TB . -0.01 -1.57 0.87
C5 PCW TB . 0.78 -2.64 0.13
C6 PCW TB . 2.06 -2.77 2.24
C7 PCW TB . 0.98 -4.85 1.31
C8 PCW TB . 2.28 -4.61 0.54
C11 PCW TB . 3.06 -0.66 -2.42
C12 PCW TB . 4.26 -1.61 -2.44
C13 PCW TB . 4.75 -1.85 -3.86
C14 PCW TB . 5.96 -2.79 -3.85
C15 PCW TB . 6.44 -3.12 -5.27
C16 PCW TB . 6.88 -1.85 -6.01
C17 PCW TB . 7.34 -2.17 -7.43
C18 PCW TB . 7.81 -0.92 -8.16
C19 PCW TB . 8.21 -1.21 -9.46
C20 PCW TB . 9.39 -0.70 -9.98
C21 PCW TB . 10.19 0.14 -9.21
C22 PCW TB . 9.93 1.60 -9.53
C23 PCW TB . 10.17 1.89 -11.02
C24 PCW TB . 11.62 1.59 -11.41
C25 PCW TB . 12.60 2.46 -10.63
C26 PCW TB . 14.05 2.17 -11.02
C27 PCW TB . 15.01 3.04 -10.23
C28 PCW TB . 14.76 4.53 -10.48
C31 PCW TB . 2.05 1.30 1.17
C32 PCW TB . 2.94 1.73 2.34
C33 PCW TB . 4.12 0.77 2.53
C34 PCW TB . 4.99 1.22 3.70
C35 PCW TB . 6.18 0.27 3.90
C36 PCW TB . 7.05 0.73 5.07
C37 PCW TB . 8.24 -0.20 5.28
C38 PCW TB . 9.11 0.29 6.45
C39 PCW TB . 10.21 -0.53 6.64
C40 PCW TB . 11.49 0.01 6.67
C41 PCW TB . 11.66 1.38 6.51
C42 PCW TB . 12.73 1.91 7.46
C43 PCW TB . 12.94 3.42 7.27
C44 PCW TB . 13.99 3.96 8.23
C45 PCW TB . 14.23 5.46 8.04
C46 PCW TB . 14.81 5.76 6.66
C47 PCW TB . 13.84 5.36 5.54
C48 PCW TB . 14.45 5.64 4.17
N PCW TB . 1.50 -3.48 1.09
O2 PCW TB . 2.37 1.69 -0.10
O3 PCW TB . 3.25 0.69 -2.52
O11 PCW TB . 1.91 -1.11 -2.33
O31 PCW TB . 1.06 0.60 1.36
O1P PCW TB . -1.84 0.37 1.88
O2P PCW TB . -2.69 0.71 -0.49
O3P PCW TB . -0.56 1.79 0.28
O4P PCW TB . -0.66 -0.71 -0.07
P PCW TB . -1.55 0.53 0.43
C1 PCW UB . 2.45 11.41 5.69
C2 PCW UB . 3.46 12.35 5.03
C3 PCW UB . 2.93 12.81 3.68
C4 PCW UB . 0.35 11.71 9.04
C5 PCW UB . -0.85 11.29 9.90
C6 PCW UB . -2.18 12.26 11.75
C7 PCW UB . -0.88 13.77 10.22
C8 PCW UB . -2.17 13.38 9.50
C11 PCW UB . 3.37 14.12 1.87
C12 PCW UB . 4.22 15.03 0.97
C13 PCW UB . 4.91 16.12 1.79
C14 PCW UB . 5.76 17.02 0.90
C15 PCW UB . 6.46 18.12 1.71
C16 PCW UB . 7.31 19.01 0.81
C17 PCW UB . 8.00 20.11 1.61
C18 PCW UB . 8.88 20.98 0.71
C19 PCW UB . 8.12 21.61 -0.27
C20 PCW UB . 8.11 21.10 -1.57
C21 PCW UB . 8.86 19.97 -1.88
C22 PCW UB . 8.31 19.27 -3.12
C23 PCW UB . 8.42 20.14 -4.37
C24 PCW UB . 7.59 21.42 -4.25
C25 PCW UB . 7.69 22.27 -5.51
C26 PCW UB . 9.14 22.66 -5.80
C27 PCW UB . 9.25 23.51 -7.07
C28 PCW UB . 10.71 23.87 -7.37
C31 PCW UB . 4.89 14.05 5.51
C32 PCW UB . 5.37 15.32 6.24
C33 PCW UB . 6.87 15.54 6.00
C34 PCW UB . 7.35 16.78 6.75
C35 PCW UB . 8.85 16.99 6.54
C36 PCW UB . 9.18 17.21 5.06
C37 PCW UB . 10.69 17.40 4.86
C38 PCW UB . 11.03 17.64 3.39
C39 PCW UB . 12.39 17.83 3.23
C40 PCW UB . 12.88 19.03 2.73
C41 PCW UB . 12.00 20.08 2.40
C42 PCW UB . 11.86 20.21 0.89
C43 PCW UB . 13.21 20.52 0.24
C44 PCW UB . 13.07 20.68 -1.28
C45 PCW UB . 14.42 20.99 -1.92
C46 PCW UB . 14.28 21.17 -3.43
C47 PCW UB . 15.63 21.46 -4.08
C48 PCW UB . 15.49 21.63 -5.60
N PCW UB . -1.52 12.47 10.45
O2 PCW UB . 3.71 13.49 5.87
O3 PCW UB . 3.88 13.65 3.04
O11 PCW UB . 2.22 13.80 1.54
O31 PCW UB . 5.59 13.54 4.63
O1P PCW UB . 2.24 13.38 7.66
O2P PCW UB . 0.34 14.36 6.29
O3P PCW UB . 1.17 12.03 5.85
O4P PCW UB . -0.11 12.52 7.95
P PCW UB . 0.95 13.19 6.95
C1 PCW VB . 0.12 -4.07 -24.42
C2 PCW VB . 1.62 -4.38 -24.55
C3 PCW VB . 2.08 -4.09 -25.96
C4 PCW VB . -2.61 -6.70 -22.89
C5 PCW VB . -2.71 -7.96 -22.04
C6 PCW VB . -3.63 -10.26 -22.10
C7 PCW VB . -3.76 -8.82 -24.16
C8 PCW VB . -2.34 -9.39 -24.08
C11 PCW VB . 3.82 -4.33 -27.43
C12 PCW VB . 5.28 -4.51 -27.83
C13 PCW VB . 5.71 -5.97 -27.76
C14 PCW VB . 7.18 -6.12 -28.17
C15 PCW VB . 7.63 -7.58 -28.09
C16 PCW VB . 7.50 -8.12 -26.66
C17 PCW VB . 7.98 -9.57 -26.58
C18 PCW VB . 9.46 -9.68 -26.98
C19 PCW VB . 9.90 -10.99 -26.90
C20 PCW VB . 10.43 -11.49 -25.72
C21 PCW VB . 10.52 -10.67 -24.60
C22 PCW VB . 11.67 -9.67 -24.73
C23 PCW VB . 11.77 -8.78 -23.49
C24 PCW VB . 12.92 -7.78 -23.63
C25 PCW VB . 13.01 -6.88 -22.40
C26 PCW VB . 14.15 -5.87 -22.54
C27 PCW VB . 15.50 -6.58 -22.69
C28 PCW VB . 16.64 -5.57 -22.83
C31 PCW VB . 3.57 -4.13 -23.36
C32 PCW VB . 4.50 -3.53 -22.30
C33 PCW VB . 5.12 -2.21 -22.73
C34 PCW VB . 6.02 -2.37 -23.96
C35 PCW VB . 5.18 -2.53 -25.23
C36 PCW VB . 4.37 -1.26 -25.49
C37 PCW VB . 3.58 -1.37 -26.81
C38 PCW VB . 2.81 -0.08 -27.09
C39 PCW VB . 2.13 -0.16 -28.30
C40 PCW VB . 2.26 0.85 -29.24
C41 PCW VB . 3.07 1.96 -28.97
C42 PCW VB . 4.55 1.60 -29.11
C43 PCW VB . 5.43 2.83 -28.83
C44 PCW VB . 6.91 2.48 -28.94
C45 PCW VB . 7.80 3.69 -28.66
C46 PCW VB . 7.61 4.78 -29.72
C47 PCW VB . 6.18 5.32 -29.71
C48 PCW VB . 6.01 6.41 -30.77
N PCW VB . -3.13 -9.11 -22.87
O2 PCW VB . 2.34 -3.59 -23.59
O3 PCW VB . 3.48 -4.32 -26.11
O11 PCW VB . 2.94 -4.25 -28.28
O31 PCW VB . 3.92 -5.13 -24.00
O1P PCW VB . -2.04 -3.12 -21.69
O2P PCW VB . -2.65 -4.01 -23.98
O3P PCW VB . -0.32 -4.29 -23.08
O4P PCW VB . -2.22 -5.60 -22.08
P PCW VB . -1.89 -4.17 -22.72
C1 17F WB . -0.62 -13.40 -19.47
N1 17F WB . 1.23 -14.80 -18.67
O1 17F WB . 1.26 -12.36 -17.64
P1 17F WB . 0.82 -11.34 -18.62
C2 17F WB . -0.12 -14.33 -18.34
O2 17F WB . 1.73 -10.56 -19.48
C3 17F WB . -1.06 -15.52 -18.22
O3 17F WB . 0.32 -12.37 -19.76
C4 17F WB . -1.25 -9.89 -19.43
O4 17F WB . -1.65 -15.89 -19.25
C5 17F WB . -0.61 -8.49 -19.49
O5 17F WB . -1.16 -16.06 -17.10
C6 17F WB . -0.58 -7.89 -18.10
O6 17F WB . -0.66 -10.73 -18.45
C7 17F WB . 0.07 -6.05 -16.90
O7 17F WB . -0.02 -6.57 -18.17
C8 17F WB . 0.62 -4.65 -16.70
O8 17F WB . -0.29 -6.74 -15.95
C9 17F WB . 1.83 -4.39 -17.61
O9 17F WB . 0.74 -8.58 -20.00
C10 17F WB . 2.41 -2.99 -17.35
O10 17F WB . -0.37 -9.23 -21.83
C11 17F WB . 2.87 -2.86 -15.89
C12 17F WB . 3.46 -1.48 -15.61
C17 17F WB . 0.71 -8.98 -21.30
C18 17F WB . 2.03 -9.15 -22.06
C19 17F WB . 2.95 -7.94 -21.83
C20 17F WB . 4.24 -8.11 -22.63
C1X 17F WB . 3.90 -1.36 -14.16
C1Y 17F WB . 5.18 -6.92 -22.41
C1Z 17F WB . 6.45 -7.08 -23.25
C2X 17F WB . 4.49 0.03 -13.87
C21 17F WB . 4.87 0.15 -12.54
C22 17F WB . 5.83 1.07 -12.17
C23 17F WB . 6.43 1.89 -13.13
C24 17F WB . 7.92 1.56 -13.28
C25 17F WB . 8.58 2.46 -14.32
C26 17F WB . 10.07 2.13 -14.47
C27 17F WB . 10.73 3.04 -15.51
C28 17F WB . 12.22 2.72 -15.64
C29 17F WB . 12.89 3.62 -16.67
C30 17F WB . 14.37 3.29 -16.80
C31 17F WB . 7.41 -5.90 -23.04
C32 17F WB . 8.67 -6.07 -23.90
C33 17F WB . 9.56 -5.02 -23.69
C34 17F WB . 9.47 -3.86 -24.47
C35 17F WB . 8.49 -3.76 -25.45
C36 17F WB . 8.67 -2.48 -26.28
C37 17F WB . 7.57 -2.36 -27.34
C38 17F WB . 7.77 -1.09 -28.17
C39 17F WB . 6.67 -0.94 -29.22
C40 17F WB . 6.65 -2.13 -30.18
C41 17F WB . 5.55 -1.97 -31.23
C42 17F WB . 5.54 -3.14 -32.21
HN1 17F WB . 1.69 -13.91 -18.74
HN1A 17F WB . 1.44 -15.10 -19.60
HAC 17F WB . 1.77 -15.14 -17.88
C1 17F XB . -2.26 15.74 14.13
N1 17F XB . -3.88 17.58 14.07
O1 17F XB . -1.03 18.38 12.00
P1 17F XB . -0.85 16.93 12.26
C2 17F XB . -3.59 16.24 13.55
O2 17F XB . -1.59 15.97 11.41
C3 17F XB . -4.71 15.27 13.95
O3 17F XB . -1.20 16.63 13.80
C4 17F XB . 1.17 15.26 11.97
O4 17F XB . -5.74 15.26 13.24
C5 17F XB . 2.69 15.21 11.79
O5 17F XB . -4.51 14.56 14.95
C6 17F XB . 3.08 16.09 10.61
O6 17F XB . 0.72 16.61 12.16
C7 17F XB . 4.89 17.18 9.73
O7 17F XB . 4.51 16.24 10.63
C8 17F XB . 6.37 17.55 9.62
O8 17F XB . 4.05 17.73 9.02
C9 17F XB . 6.61 18.97 10.15
O9 17F XB . 3.34 15.74 12.94
C10 17F XB . 8.10 19.32 10.19
O10 17F XB . 2.57 13.86 13.92
C11 17F XB . 8.74 19.25 8.79
C12 17F XB . 10.22 19.61 8.85
C17 17F XB . 3.23 14.90 14.01
C18 17F XB . 3.94 15.27 15.31
C19 17F XB . 5.39 15.63 15.01
C20 17F XB . 6.12 14.43 14.40
C1X 17F XB . 10.88 19.48 7.48
C1Y 17F XB . 7.47 14.85 13.80
C1Z 17F XB . 8.25 13.64 13.30
C2X 17F XB . 12.36 19.86 7.56
C21 17F XB . 12.98 19.67 6.32
C22 17F XB . 13.49 20.75 5.62
C23 17F XB . 13.39 22.04 6.12
C24 17F XB . 14.77 22.57 6.53
C25 17F XB . 14.70 24.04 6.97
C26 17F XB . 14.20 24.93 5.83
C27 17F XB . 14.15 26.39 6.24
C28 17F XB . 13.66 27.27 5.10
C29 17F XB . 13.61 28.75 5.50
C30 17F XB . 13.13 29.63 4.35
C31 17F XB . 8.67 12.74 14.47
C32 17F XB . 9.50 11.55 13.99
C33 17F XB . 9.92 10.77 15.06
C34 17F XB . 9.22 9.63 15.43
C35 17F XB . 8.07 9.26 14.73
C36 17F XB . 7.92 7.73 14.68
C37 17F XB . 9.07 7.08 13.88
C38 17F XB . 10.43 7.40 14.50
C39 17F XB . 11.55 6.75 13.69
C40 17F XB . 12.92 7.13 14.27
C41 17F XB . 13.13 8.65 14.20
C42 17F XB . 14.50 9.03 14.76
HN1 17F XB . -3.13 18.20 13.84
HN1A 17F XB . -4.73 17.92 13.67
HAC 17F XB . -3.99 17.54 15.06
C1 17F YB . -3.63 1.68 -18.25
N1 17F YB . -5.38 0.03 -17.73
O1 17F YB . -4.33 4.23 -19.63
P1 17F YB . -3.80 3.11 -20.46
C2 17F YB . -3.93 0.30 -17.65
O2 17F YB . -4.35 2.94 -21.82
C3 17F YB . -3.49 0.27 -16.18
O3 17F YB . -3.97 1.73 -19.64
C4 17F YB . -1.48 2.67 -21.61
O4 17F YB . -3.71 1.29 -15.50
C5 17F YB . -0.01 3.10 -21.58
O5 17F YB . -2.94 -0.77 -15.78
C6 17F YB . 0.74 2.46 -22.73
O6 17F YB . -2.21 3.29 -20.55
C7 17F YB . 2.81 2.15 -23.67
O7 17F YB . 2.12 2.87 -22.74
C8 17F YB . 4.30 2.42 -23.87
O8 17F YB . 2.24 1.27 -24.31
C9 17F YB . 4.58 2.89 -25.30
O9 17F YB . 0.05 4.53 -21.65
C10 17F YB . 6.08 3.13 -25.52
O10 17F YB . 2.05 4.19 -20.69
C11 17F YB . 6.88 1.84 -25.31
C12 17F YB . 8.37 2.08 -25.57
C17 17F YB . 1.23 4.99 -21.13
C18 17F YB . 1.48 6.50 -21.09
C19 17F YB . 2.80 6.89 -21.75
C20 17F YB . 3.99 6.20 -21.08
C1X 17F YB . 9.18 0.79 -25.37
C1Y 17F YB . 5.30 6.89 -21.49
C1Z 17F YB . 6.51 6.17 -20.88
C2X 17F YB . 10.67 1.04 -25.62
C21 17F YB . 11.41 -0.14 -25.46
C22 17F YB . 12.67 -0.25 -26.05
C23 17F YB . 13.19 0.81 -26.77
C24 17F YB . 14.47 0.38 -27.49
C25 17F YB . 15.05 1.54 -28.32
C26 17F YB . 15.41 2.73 -27.42
C27 17F YB . 15.98 3.88 -28.25
C28 17F YB . 16.35 5.07 -27.36
C29 17F YB . 16.92 6.22 -28.18
C30 17F YB . 17.27 7.41 -27.30
C31 17F YB . 6.78 4.84 -21.60
C32 17F YB . 7.91 4.07 -20.92
C33 17F YB . 9.05 4.86 -20.75
C34 17F YB . 9.59 5.60 -21.79
C35 17F YB . 9.02 5.60 -23.07
C36 17F YB . 8.76 7.04 -23.53
C37 17F YB . 10.04 7.88 -23.47
C38 17F YB . 9.77 9.32 -23.89
C39 17F YB . 11.04 10.17 -23.76
C40 17F YB . 11.53 10.18 -22.31
C41 17F YB . 12.79 11.04 -22.16
C42 17F YB . 13.26 11.05 -20.70
HN1 17F YB . -5.68 0.10 -18.68
HN1A 17F YB . -5.56 -0.89 -17.38
HAC 17F YB . -5.87 0.70 -17.18
C1 17F ZB . -8.96 24.17 -7.42
N1 17F ZB . -10.88 25.70 -7.25
O1 17F ZB . -8.18 25.89 -10.74
P1 17F ZB . -8.48 24.67 -9.95
C2 17F ZB . -10.48 24.32 -7.56
O2 17F ZB . -9.80 24.02 -10.15
C3 17F ZB . -11.18 23.33 -6.62
O3 17F ZB . -8.26 24.96 -8.39
C4 17F ZB . -7.40 22.29 -9.70
O4 17F ZB . -11.20 23.61 -5.41
C5 17F ZB . -6.39 21.32 -10.34
O5 17F ZB . -11.68 22.31 -7.15
C6 17F ZB . -6.58 19.94 -9.71
O6 17F ZB . -7.33 23.59 -10.28
C7 17F ZB . -4.41 19.27 -10.02
O7 17F ZB . -5.71 19.01 -10.36
C8 17F ZB . -3.29 18.43 -10.63
O8 17F ZB . -4.17 20.16 -9.21
C9 17F ZB . -2.03 19.28 -10.83
O9 17F ZB . -6.67 21.21 -11.73
C10 17F ZB . -0.93 18.47 -11.51
O10 17F ZB . -6.10 22.11 -13.69
C11 17F ZB . -0.50 17.27 -10.66
C12 17F ZB . 0.55 16.44 -11.39
C17 17F ZB . -5.97 22.10 -12.47
C18 17F ZB . -4.99 23.07 -11.80
C19 17F ZB . -5.16 24.48 -12.34
C20 17F ZB . -4.02 25.40 -11.89
C1X 17F ZB . 1.03 15.26 -10.53
C1Y 17F ZB . -4.22 26.82 -12.42
C1Z 17F ZB . -2.97 27.67 -12.17
C2X 17F ZB . 2.06 14.42 -11.28
C21 17F ZB . 1.52 13.80 -12.39
C22 17F ZB . 1.51 14.45 -13.62
C23 17F ZB . 2.03 15.72 -13.78
C24 17F ZB . 0.99 16.67 -14.36
C25 17F ZB . 1.55 18.08 -14.52
C26 17F ZB . 2.74 18.11 -15.49
C27 17F ZB . 3.27 19.53 -15.66
C28 17F ZB . 4.46 19.54 -16.64
C29 17F ZB . 5.61 18.69 -16.10
C30 17F ZB . 6.81 18.72 -17.07
C31 17F ZB . -1.77 27.11 -12.94
C32 17F ZB . -0.54 28.00 -12.77
C33 17F ZB . 0.52 27.51 -13.52
C34 17F ZB . 1.70 28.24 -13.65
C35 17F ZB . 1.82 29.49 -13.04
C36 17F ZB . 3.13 29.56 -12.23
C37 17F ZB . 4.33 29.35 -13.14
C38 17F ZB . 5.64 29.39 -12.34
C39 17F ZB . 6.84 29.20 -13.25
C40 17F ZB . 8.16 29.19 -12.46
C41 17F ZB . 8.22 28.01 -11.50
C42 17F ZB . 7.10 28.08 -10.45
HN1 17F ZB . -11.86 25.61 -7.45
HN1A 17F ZB . -10.70 26.42 -7.91
HAC 17F ZB . -10.98 25.90 -6.27
C1 17F AC . -9.26 28.27 6.69
N1 17F AC . -8.12 26.16 6.12
O1 17F AC . -8.08 28.47 9.24
P1 17F AC . -7.23 29.02 8.17
C2 17F AC . -9.06 26.80 7.06
O2 17F AC . -6.63 30.35 8.37
C3 17F AC . -10.40 26.08 7.02
O3 17F AC . -8.03 28.99 6.79
C4 17F AC . -4.71 28.45 7.70
O4 17F AC . -10.82 25.71 5.90
C5 17F AC . -3.72 27.29 7.52
O5 17F AC . -11.00 25.90 8.11
C6 17F AC . -4.03 26.53 6.24
O6 17F AC . -6.04 27.96 7.91
C7 17F AC . -2.63 24.88 7.00
O7 17F AC . -2.89 25.71 5.95
C8 17F AC . -1.38 24.00 6.97
O8 17F AC . -3.41 24.83 7.95
C9 17F AC . -1.16 23.30 8.31
O9 17F AC . -2.39 27.82 7.40
C10 17F AC . 0.27 22.78 8.44
O10 17F AC . -2.58 27.91 9.64
C11 17F AC . 1.25 23.96 8.48
C12 17F AC . 2.70 23.50 8.67
C17 17F AC . -1.89 28.10 8.63
C18 17F AC . -0.47 28.65 8.76
C19 17F AC . -0.41 29.84 9.70
C20 17F AC . 1.03 30.34 9.85
C1X 17F AC . 3.63 24.70 8.80
C1Y 17F AC . 1.11 31.56 10.76
C1Z 17F AC . 2.55 32.04 10.91
C2X 17F AC . 5.08 24.27 9.01
C21 17F AC . 5.57 23.59 7.90
C22 17F AC . 6.51 24.19 7.07
C23 17F AC . 6.97 25.47 7.36
C24 17F AC . 8.27 25.43 8.17
C25 17F AC . 8.76 26.84 8.50
C26 17F AC . 10.07 26.80 9.29
C27 17F AC . 10.56 28.20 9.63
C28 17F AC . 11.86 28.14 10.42
C29 17F AC . 12.36 29.55 10.76
C30 17F AC . 13.66 29.50 11.57
C31 17F AC . 2.62 33.31 11.77
C32 17F AC . 4.05 33.79 11.93
C33 17F AC . 4.10 34.98 12.65
C34 17F AC . 5.00 35.13 13.70
C35 17F AC . 5.87 34.12 14.05
C36 17F AC . 7.27 34.68 14.33
C37 17F AC . 7.20 35.76 15.42
C38 17F AC . 8.59 36.33 15.71
C39 17F AC . 8.51 37.46 16.74
C40 17F AC . 7.88 36.98 18.05
C41 17F AC . 7.76 38.12 19.05
C42 17F AC . 6.83 39.21 18.54
HN1 17F AC . -8.65 26.30 5.28
HN1A 17F AC . -8.09 25.16 6.05
HAC 17F AC . -7.34 26.72 5.85
C1 17F BC . 3.68 -16.93 2.36
N1 17F BC . 1.59 -17.55 1.25
O1 17F BC . 4.38 -16.97 -1.24
P1 17F BC . 5.00 -17.13 0.10
C2 17F BC . 2.72 -18.07 2.02
O2 17F BC . 5.22 -18.49 0.61
C3 17F BC . 2.20 -18.74 3.29
O3 17F BC . 4.16 -16.29 1.18
C4 17F BC . 7.46 -16.73 0.96
O4 17F BC . 1.52 -19.77 3.16
C5 17F BC . 8.68 -15.81 0.79
O5 17F BC . 2.51 -18.20 4.38
C6 17F BC . 8.27 -14.38 1.10
O6 17F BC . 6.41 -16.36 0.07
C7 17F BC . 9.08 -12.29 1.48
O7 17F BC . 9.42 -13.52 1.04
C8 17F BC . 10.14 -11.18 1.54
O8 17F BC . 7.92 -12.07 1.84
C9 17F BC . 11.15 -11.32 0.41
O9 17F BC . 9.71 -16.20 1.71
C10 17F BC . 12.18 -10.17 0.45
O10 17F BC . 10.97 -15.16 0.17
C11 17F BC . 13.18 -10.27 -0.69
C12 17F BC . 14.17 -9.10 -0.65
C17 17F BC . 10.91 -15.72 1.26
C18 17F BC . 12.18 -15.95 2.09
C19 17F BC . 13.41 -15.38 1.39
C20 17F BC . 14.64 -15.53 2.27
C1X 17F BC . 15.17 -9.20 -1.81
C1Y 17F BC . 15.91 -15.03 1.55
C1Z 17F BC . 15.79 -13.54 1.19
C2X 17F BC . 16.17 -8.03 -1.77
C21 17F BC . 17.09 -8.15 -2.80
C22 17F BC . 17.70 -7.03 -3.34
C23 17F BC . 17.39 -5.76 -2.85
C24 17F BC . 16.84 -4.85 -3.96
C25 17F BC . 16.55 -3.45 -3.43
C26 17F BC . 17.82 -2.77 -2.90
C27 17F BC . 17.52 -1.37 -2.37
C28 17F BC . 18.78 -0.69 -1.86
C29 17F BC . 19.83 -0.56 -2.97
C30 17F BC . 21.09 0.14 -2.45
C31 17F BC . 17.07 -13.05 0.51
C32 17F BC . 16.97 -11.57 0.16
C33 17F BC . 18.14 -11.13 -0.46
C34 17F BC . 18.43 -11.52 -1.76
C35 17F BC . 17.56 -12.34 -2.45
C36 17F BC . 16.49 -11.53 -3.18
C37 17F BC . 15.49 -12.44 -3.89
C38 17F BC . 14.43 -11.62 -4.62
C39 17F BC . 13.38 -12.52 -5.29
C40 17F BC . 14.04 -13.45 -6.32
C41 17F BC . 12.99 -14.36 -6.96
C42 17F BC . 13.64 -15.30 -7.99
HN1 17F BC . 1.13 -16.83 1.77
HN1A 17F BC . 1.92 -17.17 0.38
HAC 17F BC . 0.94 -18.28 1.05
C1 17F CC . -4.45 15.27 -4.22
N1 17F CC . -4.30 17.69 -4.69
O1 17F CC . -2.14 15.54 -1.42
P1 17F CC . -2.52 16.22 -2.68
C2 17F CC . -4.55 16.36 -5.28
O2 17F CC . -3.41 17.39 -2.60
C3 17F CC . -5.94 16.33 -5.93
O3 17F CC . -3.13 15.13 -3.70
C4 17F CC . -1.17 17.61 -4.47
O4 17F CC . -6.90 16.04 -5.19
C5 17F CC . 0.24 17.90 -4.97
O5 17F CC . -6.01 16.60 -7.14
C6 17F CC . 0.18 18.91 -6.11
O6 17F CC . -1.15 16.65 -3.42
C7 17F CC . 2.28 19.83 -5.88
O7 17F CC . 1.47 19.09 -6.69
C8 17F CC . 3.72 20.11 -6.33
O8 17F CC . 1.84 20.29 -4.83
C9 17F CC . 4.62 18.92 -5.99
O9 17F CC . 1.04 18.41 -3.90
C10 17F CC . 6.06 19.16 -6.48
O10 17F CC . 2.36 17.66 -2.26
C11 17F CC . 6.10 19.33 -8.00
C12 17F CC . 7.53 19.54 -8.48
C17 17F CC . 1.66 17.40 -3.23
C18 17F CC . 1.47 15.95 -3.69
C19 17F CC . 2.81 15.29 -3.96
C20 17F CC . 3.65 15.22 -2.68
C1X 17F CC . 7.58 19.68 -10.01
C1Y 17F CC . 5.03 14.58 -2.94
C1Z 17F CC . 5.85 15.43 -3.92
C2X 17F CC . 9.01 19.87 -10.50
C21 17F CC . 9.57 21.01 -9.94
C22 17F CC . 10.53 21.74 -10.65
C23 17F CC . 10.90 21.33 -11.93
C24 17F CC . 12.40 21.55 -12.15
C25 17F CC . 12.84 21.13 -13.55
C26 17F CC . 14.34 21.35 -13.74
C27 17F CC . 14.78 20.96 -15.15
C28 17F CC . 16.29 21.18 -15.33
C29 17F CC . 16.72 20.82 -16.75
C30 17F CC . 18.22 21.06 -16.96
C31 17F CC . 7.23 14.79 -4.14
C32 17F CC . 8.08 15.64 -5.07
C33 17F CC . 7.51 15.75 -6.34
C34 17F CC . 8.17 16.45 -7.34
C35 17F CC . 9.40 17.04 -7.07
C36 17F CC . 10.23 17.20 -8.35
C37 17F CC . 11.59 17.83 -8.04
C38 17F CC . 12.43 18.01 -9.31
C39 17F CC . 13.77 18.66 -8.99
C40 17F CC . 14.61 18.86 -10.26
C41 17F CC . 15.94 19.53 -9.92
C42 17F CC . 16.78 19.74 -11.19
HN1 17F CC . -3.36 17.51 -4.36
HN1A 17F CC . -4.68 17.89 -3.79
HAC 17F CC . -4.05 18.41 -5.33
C1 PCW DC . 36.32 1.83 -15.93
C2 PCW DC . 34.86 1.42 -15.73
C3 PCW DC . 34.80 -0.05 -15.35
C4 PCW DC . 38.72 2.02 -12.03
C5 PCW DC . 38.79 2.96 -10.83
C6 PCW DC . 41.20 3.05 -11.36
C7 PCW DC . 39.85 5.18 -11.36
C8 PCW DC . 40.19 4.83 -9.91
C11 PCW DC . 33.44 -1.72 -14.56
C12 PCW DC . 32.11 -2.39 -14.21
C13 PCW DC . 32.34 -3.63 -13.35
C14 PCW DC . 31.01 -4.32 -13.04
C15 PCW DC . 31.23 -5.58 -12.18
C16 PCW DC . 29.90 -6.29 -11.90
C17 PCW DC . 28.93 -5.37 -11.16
C18 PCW DC . 27.60 -6.07 -10.88
C19 PCW DC . 26.72 -5.23 -10.20
C20 PCW DC . 25.41 -5.09 -10.63
C21 PCW DC . 24.96 -5.78 -11.75
C22 PCW DC . 23.65 -5.18 -12.27
C23 PCW DC . 23.15 -5.93 -13.50
C24 PCW DC . 21.81 -5.36 -14.00
C25 PCW DC . 21.95 -3.88 -14.35
C26 PCW DC . 20.63 -3.32 -14.88
C27 PCW DC . 19.52 -3.42 -13.83
C28 PCW DC . 18.20 -2.88 -14.38
C31 PCW DC . 32.92 2.22 -14.87
C32 PCW DC . 32.03 2.94 -13.86
C33 PCW DC . 30.72 2.19 -13.65
C34 PCW DC . 29.87 2.16 -14.93
C35 PCW DC . 28.67 1.23 -14.78
C36 PCW DC . 27.77 1.29 -16.01
C37 PCW DC . 26.71 0.18 -15.96
C38 PCW DC . 25.77 0.25 -17.17
C39 PCW DC . 24.98 -0.88 -17.24
C40 PCW DC . 23.67 -0.89 -16.79
C41 PCW DC . 23.08 0.25 -16.24
C42 PCW DC . 21.69 -0.09 -15.70
C43 PCW DC . 21.02 1.13 -15.07
C44 PCW DC . 19.62 0.76 -14.54
C45 PCW DC . 18.93 1.97 -13.90
C46 PCW DC . 17.55 1.58 -13.37
C47 PCW DC . 17.65 0.45 -12.36
C48 PCW DC . 16.27 0.08 -11.82
N PCW DC . 40.00 3.78 -10.91
O2 PCW DC . 34.26 2.20 -14.69
O3 PCW DC . 33.44 -0.46 -15.10
O11 PCW DC . 34.52 -2.29 -14.37
O31 PCW DC . 32.43 1.67 -15.85
O1P PCW DC . 39.49 0.85 -14.62
O2P PCW DC . 38.83 3.03 -15.73
O3P PCW DC . 37.09 1.53 -14.75
O4P PCW DC . 38.65 2.78 -13.23
P PCW DC . 38.61 2.04 -14.66
C1 PCW EC . 36.01 6.44 -4.83
C2 PCW EC . 34.71 6.32 -4.02
C3 PCW EC . 33.81 7.52 -4.25
C4 PCW EC . 36.73 3.44 -6.96
C5 PCW EC . 37.21 2.27 -6.10
C6 PCW EC . 39.18 0.76 -5.96
C7 PCW EC . 39.34 2.88 -7.31
C8 PCW EC . 39.51 3.26 -5.84
C11 PCW EC . 31.78 6.48 -4.01
C12 PCW EC . 30.48 6.11 -3.27
C13 PCW EC . 29.84 4.88 -3.89
C14 PCW EC . 28.66 4.37 -3.07
C15 PCW EC . 27.56 5.44 -2.96
C16 PCW EC . 26.39 4.91 -2.14
C17 PCW EC . 25.26 5.95 -2.03
C18 PCW EC . 24.10 5.40 -1.21
C19 PCW EC . 23.09 6.37 -1.07
C20 PCW EC . 21.78 5.99 -0.82
C21 PCW EC . 21.45 4.64 -0.71
C22 PCW EC . 20.56 4.40 0.53
C23 PCW EC . 20.17 2.92 0.63
C24 PCW EC . 19.30 2.66 1.85
C25 PCW EC . 17.99 3.46 1.80
C26 PCW EC . 17.09 3.13 2.99
C27 PCW EC . 17.81 3.44 4.32
C28 PCW EC . 16.91 3.10 5.51
C31 PCW EC . 34.84 4.02 -4.19
C32 PCW EC . 34.29 2.64 -4.56
C33 PCW EC . 32.80 2.55 -4.22
C34 PCW EC . 32.22 1.19 -4.59
C35 PCW EC . 30.77 1.09 -4.11
C36 PCW EC . 30.70 1.29 -2.60
C37 PCW EC . 29.26 1.21 -2.08
C38 PCW EC . 29.23 1.43 -0.56
C39 PCW EC . 27.93 1.30 -0.07
C40 PCW EC . 27.74 1.26 1.31
C41 PCW EC . 28.84 1.34 2.16
C42 PCW EC . 28.66 2.46 3.18
C43 PCW EC . 27.45 2.21 4.07
C44 PCW EC . 27.29 3.32 5.11
C45 PCW EC . 26.10 3.04 6.04
C46 PCW EC . 25.95 4.14 7.08
C47 PCW EC . 24.79 3.85 8.03
C48 PCW EC . 24.62 4.96 9.07
N PCW EC . 38.67 2.12 -6.24
O2 PCW EC . 34.05 5.11 -4.40
O3 PCW EC . 32.63 7.37 -3.44
O11 PCW EC . 32.03 6.00 -5.11
O31 PCW EC . 35.95 4.15 -3.71
O1P PCW EC . 38.27 6.74 -6.96
O2P PCW EC . 36.59 5.49 -8.56
O3P PCW EC . 35.76 6.30 -6.22
O4P PCW EC . 37.35 4.65 -6.53
P PCW EC . 36.98 6.05 -7.24
C1 PCW FC . 35.85 4.51 5.45
C2 PCW FC . 34.40 4.99 5.29
C3 PCW FC . 34.37 6.13 4.28
C4 PCW FC . 36.54 2.84 9.25
C5 PCW FC . 36.82 3.51 10.60
C6 PCW FC . 34.51 2.77 11.09
C7 PCW FC . 36.36 2.13 12.65
C8 PCW FC . 35.97 3.57 12.97
C11 PCW FC . 32.96 7.43 3.05
C12 PCW FC . 31.61 8.01 2.62
C13 PCW FC . 30.83 6.98 1.80
C14 PCW FC . 29.54 7.57 1.25
C15 PCW FC . 28.77 6.55 0.42
C16 PCW FC . 27.59 7.20 -0.30
C17 PCW FC . 28.09 8.31 -1.23
C18 PCW FC . 26.95 8.99 -1.98
C19 PCW FC . 27.45 10.03 -2.76
C20 PCW FC . 27.00 10.22 -4.07
C21 PCW FC . 26.05 9.37 -4.62
C22 PCW FC . 26.12 9.40 -6.15
C23 PCW FC . 25.04 8.49 -6.75
C24 PCW FC . 23.64 8.92 -6.31
C25 PCW FC . 23.36 10.36 -6.75
C26 PCW FC . 21.96 10.80 -6.33
C27 PCW FC . 21.68 12.24 -6.76
C28 PCW FC . 20.30 12.71 -6.32
C31 PCW FC . 33.30 3.05 5.81
C32 PCW FC . 32.46 1.81 5.53
C33 PCW FC . 31.08 2.18 4.96
C34 PCW FC . 30.25 2.95 5.99
C35 PCW FC . 29.97 2.07 7.20
C36 PCW FC . 29.05 2.77 8.21
C37 PCW FC . 28.70 1.84 9.37
C38 PCW FC . 27.74 2.52 10.34
C39 PCW FC . 27.40 1.65 11.39
C40 PCW FC . 26.69 2.11 12.49
C41 PCW FC . 26.31 3.44 12.57
C42 PCW FC . 24.80 3.60 12.33
C43 PCW FC . 24.35 5.06 12.45
C44 PCW FC . 22.86 5.19 12.18
C45 PCW FC . 22.40 6.65 12.29
C46 PCW FC . 20.89 6.78 12.03
C47 PCW FC . 20.08 5.98 13.07
C48 PCW FC . 18.58 6.10 12.79
N PCW FC . 35.86 3.03 11.60
O2 PCW FC . 33.58 3.91 4.80
O3 PCW FC . 33.01 6.54 4.07
O11 PCW FC . 33.99 7.78 2.49
O31 PCW FC . 33.70 3.29 6.94
O1P PCW FC . 37.25 1.31 6.76
O2P PCW FC . 38.40 3.42 5.93
O3P PCW FC . 35.91 3.37 6.28
O4P PCW FC . 37.46 3.32 8.27
P PCW FC . 37.34 2.79 6.76
C1 17F GC . 38.98 22.34 -2.59
N1 17F GC . 39.26 19.94 -2.94
O1 17F GC . 39.44 24.72 -0.78
P1 17F GC . 39.66 23.35 -0.25
C2 17F GC . 39.34 21.25 -3.59
O2 17F GC . 40.74 23.14 0.75
C3 17F GC . 40.76 21.49 -4.12
O3 17F GC . 39.86 22.32 -1.47
C4 17F GC . 38.19 21.58 1.03
O4 17F GC . 41.38 20.49 -4.55
C5 17F GC . 36.74 21.10 1.10
O5 17F GC . 41.19 22.66 -4.08
C6 17F GC . 35.92 21.98 2.05
O6 17F GC . 38.27 22.86 0.39
C7 17F GC . 33.96 22.03 3.20
O7 17F GC . 34.58 21.50 2.12
C8 17F GC . 32.50 21.64 3.49
O8 17F GC . 34.56 22.79 3.95
C9 17F GC . 32.42 20.23 4.05
O9 17F GC . 36.20 21.12 -0.22
C10 17F GC . 30.97 19.79 4.28
O10 17F GC . 34.59 20.18 -1.45
C11 17F GC . 30.17 19.84 2.98
C12 17F GC . 28.77 19.27 3.17
C17 17F GC . 35.13 20.29 -0.35
C18 17F GC . 34.62 19.48 0.85
C19 17F GC . 35.37 18.16 0.99
C20 17F GC . 34.75 17.31 2.10
C1X 17F GC . 27.98 19.32 1.86
C1Y 17F GC . 35.53 16.00 2.26
C1Z 17F GC . 34.90 15.11 3.35
C2X 17F GC . 26.63 18.61 2.03
C21 17F GC . 25.87 19.20 3.03
C22 17F GC . 24.77 18.54 3.55
C23 17F GC . 24.42 17.29 3.04
C24 17F GC . 23.00 16.90 3.46
C25 17F GC . 22.61 15.55 2.84
C26 17F GC . 21.19 15.15 3.24
C27 17F GC . 20.78 13.84 2.57
C28 17F GC . 19.37 13.42 3.00
C29 17F GC . 19.30 13.20 4.51
C30 17F GC . 17.89 12.78 4.95
C31 17F GC . 35.74 13.84 3.56
C32 17F GC . 35.10 12.92 4.59
C33 17F GC . 35.93 11.84 4.86
C34 17F GC . 35.43 10.55 4.96
C35 17F GC . 34.08 10.28 4.78
C36 17F GC . 33.30 10.54 6.06
C37 17F GC . 31.87 9.98 5.96
C38 17F GC . 31.11 10.24 7.27
C39 17F GC . 29.76 9.52 7.25
C40 17F GC . 29.95 8.00 7.17
C41 17F GC . 28.60 7.28 7.18
C42 17F GC . 28.78 5.76 7.14
HN1 17F GC . 39.53 19.37 -3.71
HN1A 17F GC . 38.37 19.51 -2.80
HAC 17F GC . 40.04 19.72 -2.35
C1 17F HC . 36.75 14.11 -6.54
N1 17F HC . 36.12 13.97 -4.17
O1 17F HC . 34.21 13.53 -7.82
P1 17F HC . 34.26 14.79 -7.05
C2 17F HC . 36.31 13.19 -5.40
O2 17F HC . 33.56 15.98 -7.57
C3 17F HC . 37.35 12.10 -5.18
O3 17F HC . 35.81 15.16 -6.76
C4 17F HC . 33.21 15.54 -4.76
O4 17F HC . 38.55 12.46 -5.22
C5 17F HC . 32.67 15.02 -3.42
O5 17F HC . 36.94 10.94 -4.96
C6 17F HC . 32.05 16.18 -2.68
O6 17F HC . 33.70 14.48 -5.58
C7 17F HC . 30.93 16.67 -0.75
O7 17F HC . 31.28 15.66 -1.59
C8 17F HC . 30.03 16.34 0.46
O8 17F HC . 31.33 17.81 -0.94
C9 17F HC . 28.92 15.39 0.02
O9 17F HC . 31.65 14.04 -3.68
C10 17F HC . 27.99 15.01 1.17
O10 17F HC . 33.47 12.75 -3.91
C11 17F HC . 26.91 14.05 0.68
C12 17F HC . 25.97 13.61 1.80
C17 17F HC . 32.24 12.84 -3.94
C18 17F HC . 31.39 11.62 -4.29
C19 17F HC . 31.34 10.61 -3.14
C20 17F HC . 30.54 11.12 -1.95
C1X 17F HC . 24.92 12.64 1.26
C1Y 17F HC . 30.50 10.04 -0.86
C1Z 17F HC . 29.50 10.38 0.26
C2X 17F HC . 23.97 12.19 2.37
C21 17F HC . 23.00 11.34 1.83
C22 17F HC . 22.02 10.77 2.64
C23 17F HC . 21.99 11.04 4.01
C24 17F HC . 21.15 9.99 4.73
C25 17F HC . 21.07 10.29 6.23
C26 17F HC . 20.23 9.25 6.95
C27 17F HC . 20.13 9.53 8.44
C28 17F HC . 19.25 8.51 9.15
C29 17F HC . 17.83 8.51 8.58
C30 17F HC . 16.95 7.45 9.24
C31 17F HC . 29.91 11.62 1.07
C32 17F HC . 28.90 11.85 2.19
C33 17F HC . 29.24 12.94 2.98
C34 17F HC . 29.07 12.90 4.35
C35 17F HC . 28.58 11.75 4.96
C36 17F HC . 27.05 11.70 4.92
C37 17F HC . 26.43 12.87 5.71
C38 17F HC . 24.91 12.79 5.68
C39 17F HC . 24.30 13.96 6.47
C40 17F HC . 22.77 13.87 6.46
C41 17F HC . 22.15 15.04 7.25
C42 17F HC . 20.63 14.93 7.27
HN1 17F HC . 35.43 14.61 -4.51
HN1A 17F HC . 36.79 14.66 -3.92
HAC 17F HC . 35.54 13.54 -3.47
ZN ZN IC . -9.59 8.69 -1.35
ZN ZN JC . -10.99 -4.79 -4.26
N LEU A 1 21.68 -13.57 34.58
CA LEU A 1 21.71 -12.64 35.71
C LEU A 1 22.51 -11.39 35.36
N LYS A 2 23.22 -11.45 34.25
CA LYS A 2 24.06 -10.34 33.78
C LYS A 2 23.18 -9.12 33.47
N LEU A 3 22.11 -9.35 32.71
CA LEU A 3 21.20 -8.27 32.33
C LEU A 3 20.47 -7.73 33.56
N LEU A 4 20.28 -8.59 34.55
CA LEU A 4 19.59 -8.21 35.77
C LEU A 4 20.50 -7.41 36.69
N ASP A 5 21.76 -7.83 36.77
CA ASP A 5 22.76 -7.15 37.60
C ASP A 5 23.01 -5.74 37.08
N ASN A 6 23.09 -5.60 35.77
CA ASN A 6 23.32 -4.29 35.16
C ASN A 6 22.07 -3.43 35.26
N TRP A 7 20.92 -4.08 35.36
CA TRP A 7 19.65 -3.39 35.50
C TRP A 7 19.60 -2.65 36.81
N ASP A 8 20.24 -3.21 37.83
CA ASP A 8 20.30 -2.60 39.15
C ASP A 8 21.08 -1.28 39.06
N SER A 9 22.11 -1.25 38.24
CA SER A 9 22.93 -0.06 38.05
C SER A 9 22.10 1.04 37.38
N VAL A 10 21.18 0.65 36.53
CA VAL A 10 20.32 1.59 35.83
C VAL A 10 19.24 2.11 36.79
N THR A 11 18.63 1.18 37.52
CA THR A 11 17.57 1.51 38.46
C THR A 11 18.07 2.43 39.58
N SER A 12 19.28 2.19 40.06
CA SER A 12 19.85 3.03 41.12
C SER A 12 20.01 4.45 40.59
N THR A 13 20.36 4.55 39.31
CA THR A 13 20.52 5.84 38.66
C THR A 13 19.17 6.53 38.56
N PHE A 14 18.16 5.78 38.11
CA PHE A 14 16.80 6.30 37.99
C PHE A 14 16.31 6.86 39.32
N SER A 15 16.59 6.11 40.39
CA SER A 15 16.18 6.51 41.74
C SER A 15 16.87 7.81 42.15
N LYS A 16 18.18 7.86 41.98
CA LYS A 16 18.95 9.05 42.33
C LYS A 16 18.52 10.24 41.47
N LEU A 17 18.23 9.96 40.20
CA LEU A 17 17.78 10.99 39.27
C LEU A 17 16.47 11.58 39.75
N ARG A 18 15.56 10.72 40.18
CA ARG A 18 14.25 11.16 40.68
C ARG A 18 14.42 11.99 41.94
N GLU A 19 15.38 11.61 42.77
CA GLU A 19 15.66 12.34 44.01
C GLU A 19 16.18 13.74 43.70
N GLN A 20 16.80 13.87 42.52
CA GLN A 20 17.34 15.15 42.09
C GLN A 20 16.27 15.90 41.30
N LEU A 21 15.44 15.16 40.56
CA LEU A 21 14.37 15.74 39.76
C LEU A 21 13.45 16.60 40.61
N GLY A 22 13.21 16.16 41.84
CA GLY A 22 12.37 16.91 42.75
C GLY A 22 12.90 18.33 42.91
N PRO A 23 14.08 18.50 43.54
CA PRO A 23 14.70 19.81 43.71
C PRO A 23 14.88 20.53 42.37
N VAL A 24 15.31 19.79 41.33
CA VAL A 24 15.52 20.35 40.01
C VAL A 24 14.25 21.05 39.49
N THR A 25 13.13 20.34 39.52
CA THR A 25 11.88 20.92 39.06
C THR A 25 11.47 22.10 39.94
N GLN A 26 11.74 21.99 41.23
CA GLN A 26 11.41 23.04 42.18
C GLN A 26 12.26 24.29 41.93
N GLU A 27 13.58 24.10 41.84
CA GLU A 27 14.50 25.21 41.59
C GLU A 27 14.25 25.81 40.21
N PHE A 28 13.95 24.95 39.24
CA PHE A 28 13.67 25.40 37.89
C PHE A 28 12.36 26.18 37.87
N TRP A 29 11.35 25.68 38.56
CA TRP A 29 10.05 26.32 38.63
C TRP A 29 10.18 27.66 39.34
N ASP A 30 11.00 27.69 40.38
CA ASP A 30 11.26 28.91 41.14
C ASP A 30 11.81 29.99 40.23
N ASN A 31 12.79 29.62 39.41
CA ASN A 31 13.41 30.54 38.47
C ASN A 31 12.48 30.84 37.31
N LEU A 32 11.73 29.82 36.89
CA LEU A 32 10.79 29.98 35.79
C LEU A 32 9.71 30.97 36.18
N GLU A 33 9.20 30.86 37.41
CA GLU A 33 8.18 31.77 37.90
C GLU A 33 8.68 33.20 37.93
N LYS A 34 9.97 33.36 38.16
CA LYS A 34 10.58 34.70 38.18
C LYS A 34 10.50 35.28 36.79
N GLU A 35 10.66 34.41 35.80
CA GLU A 35 10.59 34.80 34.40
C GLU A 35 9.15 35.17 34.04
N THR A 36 8.21 34.32 34.42
CA THR A 36 6.80 34.57 34.14
C THR A 36 6.33 35.80 34.90
N GLU A 37 6.86 35.99 36.11
CA GLU A 37 6.52 37.14 36.92
C GLU A 37 6.97 38.39 36.19
N GLY A 38 8.21 38.36 35.68
CA GLY A 38 8.74 39.47 34.93
C GLY A 38 7.93 39.70 33.67
N LEU A 39 7.57 38.61 33.01
CA LEU A 39 6.76 38.68 31.79
C LEU A 39 5.39 39.28 32.08
N ARG A 40 4.82 38.93 33.23
CA ARG A 40 3.52 39.46 33.62
C ARG A 40 3.63 40.95 33.89
N GLN A 41 4.74 41.36 34.50
CA GLN A 41 4.99 42.77 34.80
C GLN A 41 5.26 43.51 33.49
N GLU A 42 5.91 42.82 32.57
CA GLU A 42 6.22 43.37 31.26
C GLU A 42 4.95 43.47 30.44
N MET A 43 4.02 42.56 30.69
CA MET A 43 2.75 42.54 29.97
C MET A 43 2.00 43.86 30.16
N SER A 44 2.14 44.42 31.36
CA SER A 44 1.49 45.69 31.69
C SER A 44 2.23 46.88 31.08
N LYS A 45 3.15 46.58 30.17
CA LYS A 45 3.94 47.58 29.46
C LYS A 45 4.06 47.22 27.98
N ASP A 46 4.62 46.05 27.72
CA ASP A 46 4.82 45.55 26.36
C ASP A 46 3.50 45.46 25.62
N LEU A 47 2.51 44.84 26.24
CA LEU A 47 1.20 44.69 25.62
C LEU A 47 0.31 45.89 25.89
N GLU A 48 0.43 46.47 27.08
CA GLU A 48 -0.37 47.63 27.45
C GLU A 48 -0.03 48.83 26.60
N GLU A 49 1.25 49.16 26.51
CA GLU A 49 1.70 50.30 25.72
C GLU A 49 1.48 50.05 24.24
N VAL A 50 1.63 48.80 23.79
CA VAL A 50 1.43 48.48 22.39
C VAL A 50 -0.04 48.67 21.99
N LYS A 51 -0.93 48.48 22.96
CA LYS A 51 -2.36 48.66 22.72
C LYS A 51 -2.73 50.12 22.90
N ALA A 52 -2.10 50.78 23.86
CA ALA A 52 -2.34 52.18 24.10
C ALA A 52 -1.87 52.98 22.89
N LYS A 53 -0.73 52.58 22.35
CA LYS A 53 -0.16 53.21 21.18
C LYS A 53 -0.81 52.70 19.91
N VAL A 54 -1.40 51.51 19.96
CA VAL A 54 -2.05 50.92 18.79
C VAL A 54 -3.17 51.82 18.27
N GLN A 55 -3.76 52.57 19.18
CA GLN A 55 -4.83 53.49 18.82
C GLN A 55 -4.32 54.61 17.90
N PRO A 56 -3.40 55.48 18.37
CA PRO A 56 -2.85 56.55 17.53
C PRO A 56 -2.03 56.01 16.35
N TYR A 57 -1.35 54.88 16.58
CA TYR A 57 -0.54 54.26 15.52
C TYR A 57 -1.43 53.84 14.36
N LEU A 58 -2.49 53.09 14.67
CA LEU A 58 -3.40 52.63 13.64
C LEU A 58 -4.20 53.80 13.09
N ASP A 59 -4.45 54.79 13.95
CA ASP A 59 -5.20 55.97 13.54
C ASP A 59 -4.43 56.72 12.46
N ASP A 60 -3.12 56.84 12.64
CA ASP A 60 -2.25 57.52 11.68
C ASP A 60 -2.20 56.75 10.38
N PHE A 61 -1.92 55.45 10.47
CA PHE A 61 -1.83 54.60 9.30
C PHE A 61 -3.17 54.52 8.57
N GLN A 62 -4.25 54.42 9.32
CA GLN A 62 -5.60 54.36 8.74
C GLN A 62 -5.96 55.67 8.07
N LYS A 63 -5.67 56.78 8.75
CA LYS A 63 -5.94 58.11 8.22
C LYS A 63 -5.23 58.30 6.89
N LYS A 64 -3.95 57.92 6.88
CA LYS A 64 -3.13 58.03 5.68
C LYS A 64 -3.63 57.10 4.59
N TRP A 65 -3.95 55.86 4.98
CA TRP A 65 -4.44 54.87 4.02
C TRP A 65 -5.77 55.30 3.43
N GLN A 66 -6.61 55.95 4.23
CA GLN A 66 -7.89 56.44 3.76
C GLN A 66 -7.65 57.46 2.65
N GLU A 67 -6.73 58.38 2.90
CA GLU A 67 -6.39 59.39 1.91
C GLU A 67 -5.75 58.73 0.69
N GLU A 68 -4.92 57.73 0.95
CA GLU A 68 -4.25 56.97 -0.10
C GLU A 68 -5.29 56.30 -0.99
N MET A 69 -6.32 55.77 -0.36
CA MET A 69 -7.41 55.12 -1.08
C MET A 69 -8.21 56.16 -1.86
N GLU A 70 -8.46 57.30 -1.22
CA GLU A 70 -9.18 58.40 -1.86
C GLU A 70 -8.41 58.88 -3.07
N LEU A 71 -7.08 59.03 -2.91
CA LEU A 71 -6.22 59.46 -4.00
C LEU A 71 -6.30 58.46 -5.14
N TYR A 72 -6.25 57.18 -4.79
CA TYR A 72 -6.34 56.13 -5.80
C TYR A 72 -7.71 56.11 -6.45
N ARG A 73 -8.73 56.44 -5.68
CA ARG A 73 -10.10 56.48 -6.18
C ARG A 73 -10.27 57.65 -7.13
N GLN A 74 -9.71 58.79 -6.76
CA GLN A 74 -9.78 60.00 -7.57
C GLN A 74 -8.99 59.85 -8.87
N LYS A 75 -8.05 58.92 -8.87
CA LYS A 75 -7.24 58.66 -10.05
C LYS A 75 -7.78 57.48 -10.85
N VAL A 76 -8.40 56.53 -10.16
CA VAL A 76 -8.94 55.34 -10.80
C VAL A 76 -10.01 55.69 -11.84
N GLU A 77 -10.71 56.80 -11.63
CA GLU A 77 -11.75 57.22 -12.56
C GLU A 77 -11.15 57.70 -13.88
N PRO A 78 -10.33 58.78 -13.87
CA PRO A 78 -9.70 59.30 -15.09
C PRO A 78 -8.80 58.25 -15.75
N LEU A 79 -8.07 57.49 -14.94
CA LEU A 79 -7.19 56.46 -15.47
C LEU A 79 -7.99 55.39 -16.19
N ARG A 80 -9.18 55.09 -15.68
CA ARG A 80 -10.05 54.10 -16.29
C ARG A 80 -10.53 54.62 -17.63
N ALA A 81 -10.87 55.90 -17.67
CA ALA A 81 -11.32 56.54 -18.90
C ALA A 81 -10.22 56.51 -19.95
N GLU A 82 -9.02 56.90 -19.54
CA GLU A 82 -7.87 56.91 -20.43
C GLU A 82 -7.55 55.50 -20.92
N LEU A 83 -7.57 54.55 -19.99
CA LEU A 83 -7.28 53.15 -20.34
C LEU A 83 -8.36 52.57 -21.23
N GLN A 84 -9.62 52.91 -20.95
CA GLN A 84 -10.73 52.41 -21.74
C GLN A 84 -10.67 52.94 -23.16
N GLU A 85 -10.57 54.26 -23.31
CA GLU A 85 -10.50 54.88 -24.62
C GLU A 85 -9.22 54.45 -25.35
N GLY A 86 -8.13 54.38 -24.60
CA GLY A 86 -6.87 53.96 -25.18
C GLY A 86 -6.97 52.54 -25.69
N ALA A 87 -7.54 51.65 -24.87
CA ALA A 87 -7.73 50.26 -25.25
C ALA A 87 -8.64 50.18 -26.46
N ARG A 88 -9.67 51.03 -26.47
CA ARG A 88 -10.61 51.08 -27.58
C ARG A 88 -9.90 51.40 -28.88
N GLN A 89 -9.14 52.50 -28.88
CA GLN A 89 -8.39 52.92 -30.06
C GLN A 89 -7.44 51.82 -30.50
N LYS A 90 -6.68 51.29 -29.56
CA LYS A 90 -5.72 50.22 -29.86
C LYS A 90 -6.43 48.97 -30.38
N LEU A 91 -7.60 48.69 -29.83
CA LEU A 91 -8.39 47.53 -30.26
C LEU A 91 -8.96 47.78 -31.64
N HIS A 92 -9.45 48.98 -31.87
CA HIS A 92 -10.01 49.36 -33.16
C HIS A 92 -8.93 49.33 -34.23
N GLU A 93 -7.75 49.81 -33.89
CA GLU A 93 -6.62 49.82 -34.80
C GLU A 93 -6.29 48.37 -35.16
N LEU A 94 -6.37 47.49 -34.17
CA LEU A 94 -6.11 46.08 -34.38
C LEU A 94 -7.24 45.46 -35.19
N GLN A 95 -8.47 45.87 -34.89
CA GLN A 95 -9.65 45.38 -35.60
C GLN A 95 -9.56 45.74 -37.07
N GLU A 96 -9.03 46.92 -37.34
CA GLU A 96 -8.86 47.41 -38.70
C GLU A 96 -7.78 46.62 -39.42
N LYS A 97 -7.12 45.72 -38.69
CA LYS A 97 -6.08 44.87 -39.27
C LYS A 97 -6.45 43.40 -39.06
N LEU A 98 -7.54 43.17 -38.32
CA LEU A 98 -8.02 41.83 -38.03
C LEU A 98 -8.92 41.35 -39.15
N SER A 99 -9.67 42.26 -39.75
CA SER A 99 -10.58 41.92 -40.84
C SER A 99 -9.85 41.80 -42.18
N PRO A 100 -9.23 42.89 -42.70
CA PRO A 100 -8.54 42.84 -44.00
C PRO A 100 -7.33 41.89 -43.98
N LEU A 101 -6.38 42.17 -43.09
CA LEU A 101 -5.19 41.34 -42.98
C LEU A 101 -5.53 39.94 -42.50
N GLY A 102 -6.60 39.84 -41.73
CA GLY A 102 -7.04 38.56 -41.23
C GLY A 102 -7.58 37.69 -42.35
N GLU A 103 -8.53 38.23 -43.11
CA GLU A 103 -9.12 37.51 -44.23
C GLU A 103 -8.04 37.23 -45.27
N GLU A 104 -7.08 38.13 -45.38
CA GLU A 104 -5.98 37.97 -46.32
C GLU A 104 -5.16 36.75 -45.92
N MET A 105 -4.99 36.58 -44.62
CA MET A 105 -4.25 35.44 -44.10
C MET A 105 -5.01 34.17 -44.41
N ARG A 106 -6.34 34.26 -44.32
CA ARG A 106 -7.22 33.13 -44.61
C ARG A 106 -7.18 32.82 -46.10
N ASP A 107 -7.18 33.87 -46.92
CA ASP A 107 -7.12 33.70 -48.37
C ASP A 107 -5.80 33.08 -48.77
N ARG A 108 -4.71 33.57 -48.19
CA ARG A 108 -3.38 33.03 -48.46
C ARG A 108 -3.29 31.61 -47.92
N ALA A 109 -4.07 31.33 -46.88
CA ALA A 109 -4.12 29.99 -46.29
C ALA A 109 -4.78 29.05 -47.27
N ARG A 110 -5.75 29.57 -48.02
CA ARG A 110 -6.46 28.77 -49.02
C ARG A 110 -5.45 28.22 -50.02
N ALA A 111 -4.63 29.11 -50.57
CA ALA A 111 -3.61 28.73 -51.53
C ALA A 111 -2.55 27.88 -50.83
N HIS A 112 -2.19 28.28 -49.61
CA HIS A 112 -1.21 27.56 -48.79
C HIS A 112 -1.58 26.08 -48.70
N VAL A 113 -2.83 25.84 -48.32
CA VAL A 113 -3.34 24.49 -48.16
C VAL A 113 -3.68 23.83 -49.49
N ASP A 114 -4.26 24.58 -50.42
CA ASP A 114 -4.62 24.03 -51.72
C ASP A 114 -3.40 23.50 -52.45
N ALA A 115 -2.32 24.29 -52.43
CA ALA A 115 -1.07 23.89 -53.07
C ALA A 115 -0.50 22.67 -52.36
N LEU A 116 -0.68 22.64 -51.04
CA LEU A 116 -0.22 21.51 -50.24
C LEU A 116 -1.01 20.27 -50.59
N ARG A 117 -2.33 20.42 -50.66
CA ARG A 117 -3.22 19.32 -51.00
C ARG A 117 -2.92 18.80 -52.40
N THR A 118 -2.69 19.73 -53.32
CA THR A 118 -2.38 19.39 -54.71
C THR A 118 -1.05 18.63 -54.77
N HIS A 119 -0.24 18.78 -53.73
CA HIS A 119 1.05 18.10 -53.64
C HIS A 119 0.88 16.79 -52.89
N LEU A 120 0.10 16.84 -51.80
CA LEU A 120 -0.14 15.68 -50.97
C LEU A 120 -0.90 14.59 -51.71
N ALA A 121 -1.79 14.98 -52.63
CA ALA A 121 -2.57 14.02 -53.41
C ALA A 121 -1.67 12.99 -54.12
N PRO A 122 -0.78 13.43 -55.03
CA PRO A 122 0.13 12.50 -55.72
C PRO A 122 1.14 11.90 -54.75
N TYR A 123 1.56 12.68 -53.76
CA TYR A 123 2.55 12.23 -52.77
C TYR A 123 2.02 11.01 -52.00
N SER A 124 0.81 11.14 -51.46
CA SER A 124 0.20 10.06 -50.70
C SER A 124 -0.01 8.83 -51.58
N ASP A 125 -0.41 9.06 -52.82
CA ASP A 125 -0.63 7.99 -53.77
C ASP A 125 0.67 7.23 -54.01
N GLU A 126 1.72 7.97 -54.33
CA GLU A 126 3.02 7.38 -54.58
C GLU A 126 3.58 6.76 -53.31
N LEU A 127 3.24 7.35 -52.17
CA LEU A 127 3.68 6.83 -50.89
C LEU A 127 3.10 5.44 -50.69
N ARG A 128 1.85 5.26 -51.13
CA ARG A 128 1.19 3.98 -51.05
C ARG A 128 1.90 2.96 -51.94
N GLN A 129 2.35 3.42 -53.10
CA GLN A 129 3.09 2.56 -54.03
C GLN A 129 4.43 2.20 -53.42
N ARG A 130 5.07 3.18 -52.80
CA ARG A 130 6.35 2.98 -52.13
C ARG A 130 6.18 2.00 -50.98
N LEU A 131 5.14 2.23 -50.18
CA LEU A 131 4.84 1.37 -49.04
C LEU A 131 4.55 -0.05 -49.53
N ALA A 132 3.80 -0.15 -50.62
CA ALA A 132 3.47 -1.45 -51.19
C ALA A 132 4.74 -2.18 -51.58
N ALA A 133 5.64 -1.46 -52.24
CA ALA A 133 6.92 -2.01 -52.66
C ALA A 133 7.71 -2.46 -51.43
N ARG A 134 7.70 -1.63 -50.40
CA ARG A 134 8.39 -1.94 -49.16
C ARG A 134 7.81 -3.21 -48.55
N LEU A 135 6.48 -3.26 -48.47
CA LEU A 135 5.78 -4.41 -47.92
C LEU A 135 6.06 -5.67 -48.74
N GLU A 136 6.10 -5.53 -50.06
CA GLU A 136 6.36 -6.66 -50.95
C GLU A 136 7.77 -7.19 -50.73
N ALA A 137 8.73 -6.29 -50.66
CA ALA A 137 10.12 -6.67 -50.43
C ALA A 137 10.25 -7.34 -49.07
N LEU A 138 9.59 -6.76 -48.09
CA LEU A 138 9.60 -7.30 -46.73
C LEU A 138 8.81 -8.59 -46.65
N LYS A 139 7.96 -8.85 -47.64
CA LYS A 139 7.17 -10.06 -47.67
C LYS A 139 8.00 -11.18 -48.29
N GLU A 140 8.76 -10.86 -49.33
CA GLU A 140 9.62 -11.84 -49.99
C GLU A 140 10.76 -12.19 -49.07
N ASN A 141 11.49 -11.18 -48.66
CA ASN A 141 12.63 -11.34 -47.76
C ASN A 141 12.14 -11.85 -46.41
N GLY A 142 11.02 -11.30 -45.95
CA GLY A 142 10.45 -11.72 -44.68
C GLY A 142 10.06 -13.17 -44.70
N GLY A 143 9.48 -13.62 -45.81
CA GLY A 143 9.08 -15.01 -45.94
C GLY A 143 10.29 -15.92 -45.86
N ALA A 144 11.39 -15.46 -46.43
CA ALA A 144 12.64 -16.21 -46.40
C ALA A 144 13.21 -16.18 -44.99
N ARG A 145 13.18 -14.99 -44.38
CA ARG A 145 13.68 -14.81 -43.02
C ARG A 145 12.93 -15.72 -42.06
N LEU A 146 11.61 -15.73 -42.18
CA LEU A 146 10.77 -16.57 -41.33
C LEU A 146 11.18 -18.04 -41.45
N ALA A 147 11.31 -18.49 -42.70
CA ALA A 147 11.72 -19.87 -42.96
C ALA A 147 13.11 -20.14 -42.39
N GLU A 148 14.04 -19.24 -42.66
CA GLU A 148 15.40 -19.37 -42.17
C GLU A 148 15.43 -19.36 -40.64
N TYR A 149 14.69 -18.45 -40.04
CA TYR A 149 14.62 -18.33 -38.59
C TYR A 149 14.05 -19.61 -37.99
N HIS A 150 12.99 -20.13 -38.59
CA HIS A 150 12.37 -21.36 -38.11
C HIS A 150 13.36 -22.51 -38.20
N ALA A 151 14.09 -22.57 -39.30
CA ALA A 151 15.09 -23.61 -39.50
C ALA A 151 16.20 -23.46 -38.47
N LYS A 152 16.70 -22.24 -38.33
CA LYS A 152 17.77 -21.95 -37.36
C LYS A 152 17.33 -22.30 -35.94
N ALA A 153 16.09 -21.93 -35.62
CA ALA A 153 15.53 -22.21 -34.30
C ALA A 153 15.43 -23.70 -34.06
N THR A 154 15.03 -24.43 -35.10
CA THR A 154 14.90 -25.88 -35.00
C THR A 154 16.27 -26.52 -34.77
N GLU A 155 17.27 -26.07 -35.53
CA GLU A 155 18.62 -26.59 -35.40
C GLU A 155 19.18 -26.23 -34.02
N HIS A 156 18.83 -25.04 -33.55
CA HIS A 156 19.25 -24.57 -32.24
C HIS A 156 18.61 -25.43 -31.16
N LEU A 157 17.37 -25.86 -31.40
CA LEU A 157 16.67 -26.70 -30.46
C LEU A 157 17.35 -28.06 -30.35
N SER A 158 17.88 -28.54 -31.46
CA SER A 158 18.58 -29.82 -31.49
C SER A 158 19.80 -29.74 -30.57
N THR A 159 20.57 -28.67 -30.70
CA THR A 159 21.75 -28.48 -29.87
C THR A 159 21.31 -28.20 -28.43
N LEU A 160 20.16 -27.55 -28.29
CA LEU A 160 19.62 -27.24 -26.98
C LEU A 160 19.17 -28.51 -26.28
N SER A 161 18.84 -29.53 -27.07
CA SER A 161 18.41 -30.81 -26.52
C SER A 161 19.58 -31.45 -25.78
N GLU A 162 20.80 -31.15 -26.25
CA GLU A 162 22.01 -31.68 -25.63
C GLU A 162 22.23 -31.00 -24.28
N LYS A 163 21.53 -29.89 -24.07
CA LYS A 163 21.60 -29.17 -22.82
C LYS A 163 20.47 -29.63 -21.91
N ALA A 164 19.29 -29.79 -22.50
CA ALA A 164 18.10 -30.20 -21.76
C ALA A 164 18.19 -31.64 -21.26
N LYS A 165 18.95 -32.48 -21.94
CA LYS A 165 19.07 -33.87 -21.52
C LYS A 165 20.48 -34.23 -21.02
N PRO A 166 21.49 -34.36 -21.91
CA PRO A 166 22.86 -34.71 -21.51
C PRO A 166 23.46 -33.74 -20.48
N ALA A 167 23.51 -32.46 -20.82
CA ALA A 167 24.08 -31.45 -19.93
C ALA A 167 23.33 -31.40 -18.60
N LEU A 168 22.00 -31.36 -18.67
CA LEU A 168 21.19 -31.32 -17.46
C LEU A 168 21.37 -32.57 -16.62
N GLU A 169 21.43 -33.73 -17.28
CA GLU A 169 21.62 -34.98 -16.57
C GLU A 169 22.98 -34.99 -15.89
N ASP A 170 24.01 -34.55 -16.60
CA ASP A 170 25.35 -34.49 -16.04
C ASP A 170 25.36 -33.56 -14.83
N LEU A 171 24.62 -32.46 -14.96
CA LEU A 171 24.51 -31.49 -13.88
C LEU A 171 23.79 -32.10 -12.69
N ARG A 172 22.75 -32.89 -12.97
CA ARG A 172 21.99 -33.55 -11.92
C ARG A 172 22.87 -34.54 -11.15
N GLN A 173 23.69 -35.29 -11.89
CA GLN A 173 24.58 -36.27 -11.29
C GLN A 173 25.65 -35.55 -10.46
N GLY A 174 26.06 -34.39 -10.93
CA GLY A 174 27.07 -33.62 -10.23
C GLY A 174 26.49 -32.91 -9.01
N LEU A 175 25.22 -32.56 -9.09
CA LEU A 175 24.54 -31.87 -7.99
C LEU A 175 24.32 -32.79 -6.80
N LEU A 176 24.24 -34.10 -7.05
CA LEU A 176 24.03 -35.08 -5.98
C LEU A 176 25.10 -34.96 -4.88
N PRO A 177 26.41 -35.15 -5.21
CA PRO A 177 27.47 -35.03 -4.21
C PRO A 177 27.53 -33.62 -3.61
N VAL A 178 27.14 -32.63 -4.41
CA VAL A 178 27.12 -31.25 -3.95
C VAL A 178 26.08 -31.09 -2.85
N LEU A 179 24.91 -31.68 -3.05
CA LEU A 179 23.85 -31.65 -2.08
C LEU A 179 24.25 -32.45 -0.86
N GLU A 180 24.93 -33.56 -1.10
CA GLU A 180 25.40 -34.44 -0.04
C GLU A 180 26.34 -33.70 0.90
N SER A 181 27.34 -33.02 0.32
CA SER A 181 28.30 -32.26 1.10
C SER A 181 27.62 -31.07 1.76
N PHE A 182 26.66 -30.47 1.04
CA PHE A 182 25.92 -29.33 1.57
C PHE A 182 25.14 -29.74 2.81
N LYS A 183 24.52 -30.91 2.75
CA LYS A 183 23.75 -31.43 3.87
C LYS A 183 24.65 -31.62 5.08
N VAL A 184 25.88 -32.06 4.84
CA VAL A 184 26.86 -32.27 5.91
C VAL A 184 27.16 -30.95 6.60
N SER A 185 27.44 -29.92 5.80
CA SER A 185 27.73 -28.60 6.33
C SER A 185 26.50 -27.97 6.98
N PHE A 186 25.32 -28.27 6.43
CA PHE A 186 24.06 -27.75 6.97
C PHE A 186 23.81 -28.33 8.37
N LEU A 187 23.92 -29.65 8.48
CA LEU A 187 23.68 -30.32 9.76
C LEU A 187 24.62 -29.82 10.84
N SER A 188 25.89 -29.64 10.49
CA SER A 188 26.87 -29.16 11.44
C SER A 188 26.65 -27.69 11.78
N ALA A 189 26.37 -26.88 10.77
CA ALA A 189 26.13 -25.45 10.97
C ALA A 189 24.94 -25.22 11.90
N LEU A 190 23.84 -25.90 11.60
CA LEU A 190 22.63 -25.80 12.41
C LEU A 190 22.89 -26.29 13.83
N GLU A 191 23.69 -27.34 13.94
CA GLU A 191 24.03 -27.91 15.24
C GLU A 191 24.88 -26.93 16.04
N GLU A 192 25.76 -26.23 15.35
CA GLU A 192 26.62 -25.24 16.00
C GLU A 192 25.82 -24.03 16.45
N TYR A 193 24.85 -23.63 15.64
CA TYR A 193 24.00 -22.50 15.95
C TYR A 193 23.25 -22.73 17.26
N THR A 194 22.63 -23.90 17.40
CA THR A 194 21.89 -24.23 18.60
C THR A 194 22.83 -24.50 19.78
N LYS A 195 24.10 -24.74 19.46
CA LYS A 195 25.10 -25.02 20.48
C LYS A 195 25.62 -23.73 21.11
N LYS A 196 25.72 -22.67 20.30
CA LYS A 196 26.22 -21.40 20.79
C LYS A 196 25.11 -20.39 21.12
N LEU A 197 23.97 -20.52 20.48
CA LEU A 197 22.87 -19.60 20.72
C LEU A 197 21.88 -20.15 21.75
N ASN A 198 22.08 -21.40 22.14
CA ASN A 198 21.21 -22.04 23.12
C ASN A 198 22.02 -22.95 24.03
N LEU B 1 35.75 -30.71 -6.50
CA LEU B 1 36.62 -31.79 -6.94
C LEU B 1 36.28 -32.19 -8.36
N LYS B 2 35.00 -32.05 -8.71
CA LYS B 2 34.52 -32.39 -10.04
C LYS B 2 34.45 -31.14 -10.91
N LEU B 3 35.33 -30.19 -10.61
CA LEU B 3 35.38 -28.95 -11.37
C LEU B 3 35.77 -29.22 -12.81
N LEU B 4 36.75 -30.10 -13.02
CA LEU B 4 37.20 -30.44 -14.35
C LEU B 4 36.10 -31.16 -15.12
N ASP B 5 35.33 -31.97 -14.42
CA ASP B 5 34.22 -32.70 -15.02
C ASP B 5 33.15 -31.72 -15.48
N ASN B 6 32.83 -30.77 -14.60
CA ASN B 6 31.83 -29.75 -14.92
C ASN B 6 32.35 -28.87 -16.04
N TRP B 7 33.64 -28.56 -15.97
CA TRP B 7 34.30 -27.73 -16.98
C TRP B 7 34.18 -28.40 -18.34
N ASP B 8 34.42 -29.71 -18.36
CA ASP B 8 34.36 -30.50 -19.60
C ASP B 8 32.99 -30.37 -20.25
N SER B 9 31.94 -30.46 -19.44
CA SER B 9 30.58 -30.34 -19.95
C SER B 9 30.35 -28.94 -20.50
N VAL B 10 30.86 -27.93 -19.79
CA VAL B 10 30.73 -26.55 -20.23
C VAL B 10 31.47 -26.34 -21.55
N THR B 11 32.67 -26.93 -21.62
CA THR B 11 33.50 -26.84 -22.81
C THR B 11 32.81 -27.56 -23.98
N SER B 12 32.10 -28.64 -23.67
CA SER B 12 31.36 -29.39 -24.68
C SER B 12 30.33 -28.49 -25.34
N THR B 13 29.59 -27.73 -24.53
CA THR B 13 28.58 -26.82 -25.04
C THR B 13 29.23 -25.69 -25.83
N PHE B 14 30.40 -25.24 -25.38
CA PHE B 14 31.14 -24.19 -26.07
C PHE B 14 31.55 -24.67 -27.46
N SER B 15 31.88 -25.95 -27.55
CA SER B 15 32.26 -26.54 -28.81
C SER B 15 31.04 -26.63 -29.71
N LYS B 16 29.91 -26.98 -29.10
CA LYS B 16 28.65 -27.08 -29.82
C LYS B 16 28.20 -25.71 -30.29
N LEU B 17 28.60 -24.69 -29.55
CA LEU B 17 28.27 -23.31 -29.91
C LEU B 17 28.93 -22.97 -31.23
N ARG B 18 30.15 -23.46 -31.40
CA ARG B 18 30.91 -23.22 -32.63
C ARG B 18 30.33 -24.04 -33.76
N GLU B 19 29.77 -25.21 -33.40
CA GLU B 19 29.13 -26.08 -34.39
C GLU B 19 27.87 -25.41 -34.91
N GLN B 20 27.35 -24.46 -34.14
CA GLN B 20 26.16 -23.71 -34.54
C GLN B 20 26.57 -22.43 -35.25
N LEU B 21 27.36 -21.62 -34.53
CA LEU B 21 27.84 -20.34 -35.03
C LEU B 21 28.38 -20.43 -36.44
N GLY B 22 29.20 -21.45 -36.69
CA GLY B 22 29.78 -21.66 -38.01
C GLY B 22 28.75 -21.61 -39.14
N PRO B 23 27.95 -22.67 -39.30
CA PRO B 23 26.93 -22.73 -40.35
C PRO B 23 25.89 -21.61 -40.23
N VAL B 24 25.50 -21.29 -39.00
CA VAL B 24 24.51 -20.26 -38.75
C VAL B 24 24.94 -18.89 -39.27
N THR B 25 26.20 -18.51 -39.04
CA THR B 25 26.68 -17.21 -39.51
C THR B 25 26.77 -17.19 -41.04
N GLN B 26 27.04 -18.35 -41.63
CA GLN B 26 27.13 -18.44 -43.09
C GLN B 26 25.79 -18.09 -43.70
N GLU B 27 24.73 -18.68 -43.18
CA GLU B 27 23.40 -18.40 -43.67
C GLU B 27 22.89 -17.08 -43.10
N PHE B 28 23.51 -16.62 -42.03
CA PHE B 28 23.14 -15.35 -41.41
C PHE B 28 23.64 -14.22 -42.29
N TRP B 29 24.90 -14.33 -42.71
CA TRP B 29 25.50 -13.35 -43.60
C TRP B 29 24.76 -13.37 -44.91
N ASP B 30 24.41 -14.59 -45.35
CA ASP B 30 23.67 -14.78 -46.59
C ASP B 30 22.30 -14.13 -46.46
N ASN B 31 21.72 -14.24 -45.26
CA ASN B 31 20.44 -13.61 -44.97
C ASN B 31 20.61 -12.10 -44.99
N LEU B 32 21.69 -11.63 -44.37
CA LEU B 32 22.00 -10.21 -44.32
C LEU B 32 22.14 -9.66 -45.72
N GLU B 33 22.77 -10.44 -46.60
CA GLU B 33 22.94 -10.04 -48.00
C GLU B 33 21.57 -9.89 -48.64
N LYS B 34 20.68 -10.84 -48.37
CA LYS B 34 19.32 -10.77 -48.92
C LYS B 34 18.60 -9.55 -48.37
N GLU B 35 18.79 -9.30 -47.08
CA GLU B 35 18.16 -8.16 -46.42
C GLU B 35 18.68 -6.85 -46.99
N THR B 36 20.01 -6.70 -47.05
CA THR B 36 20.61 -5.49 -47.57
C THR B 36 20.23 -5.27 -49.03
N GLU B 37 20.26 -6.33 -49.83
CA GLU B 37 19.90 -6.24 -51.24
C GLU B 37 18.44 -5.83 -51.37
N GLY B 38 17.59 -6.43 -50.55
CA GLY B 38 16.17 -6.11 -50.56
C GLY B 38 15.96 -4.67 -50.13
N LEU B 39 16.61 -4.29 -49.04
CA LEU B 39 16.52 -2.93 -48.54
C LEU B 39 17.02 -1.96 -49.59
N ARG B 40 18.04 -2.38 -50.34
CA ARG B 40 18.60 -1.55 -51.40
C ARG B 40 17.59 -1.35 -52.51
N GLN B 41 16.80 -2.39 -52.80
CA GLN B 41 15.76 -2.30 -53.84
C GLN B 41 14.71 -1.29 -53.39
N GLU B 42 14.53 -1.19 -52.09
CA GLU B 42 13.58 -0.26 -51.50
C GLU B 42 14.20 1.13 -51.47
N MET B 43 15.42 1.21 -50.93
CA MET B 43 16.14 2.48 -50.78
C MET B 43 16.49 3.15 -52.10
N SER B 44 16.85 2.38 -53.11
CA SER B 44 17.20 2.95 -54.41
C SER B 44 16.02 3.74 -54.97
N LYS B 45 14.87 3.07 -55.05
CA LYS B 45 13.65 3.71 -55.52
C LYS B 45 13.29 4.88 -54.62
N ASP B 46 13.45 4.67 -53.33
CA ASP B 46 13.13 5.68 -52.33
C ASP B 46 14.00 6.92 -52.51
N LEU B 47 15.32 6.73 -52.47
CA LEU B 47 16.28 7.82 -52.60
C LEU B 47 16.17 8.54 -53.95
N GLU B 48 16.17 7.79 -55.04
CA GLU B 48 16.08 8.39 -56.38
C GLU B 48 14.80 9.20 -56.54
N GLU B 49 13.70 8.66 -56.03
CA GLU B 49 12.42 9.35 -56.11
C GLU B 49 12.35 10.46 -55.07
N VAL B 50 13.06 10.26 -53.95
CA VAL B 50 13.11 11.26 -52.90
C VAL B 50 13.77 12.52 -53.42
N LYS B 51 14.76 12.35 -54.28
CA LYS B 51 15.44 13.49 -54.90
C LYS B 51 14.43 14.29 -55.71
N ALA B 52 13.50 13.57 -56.33
CA ALA B 52 12.46 14.18 -57.15
C ALA B 52 11.24 14.54 -56.29
N LYS B 53 11.37 14.36 -54.98
CA LYS B 53 10.32 14.68 -54.04
C LYS B 53 10.70 15.87 -53.18
N VAL B 54 11.95 15.87 -52.74
CA VAL B 54 12.48 16.96 -51.91
C VAL B 54 12.48 18.27 -52.68
N GLN B 55 12.83 18.20 -53.96
CA GLN B 55 12.87 19.40 -54.80
C GLN B 55 11.51 20.11 -54.87
N PRO B 56 10.45 19.44 -55.37
CA PRO B 56 9.12 20.07 -55.44
C PRO B 56 8.56 20.36 -54.05
N TYR B 57 8.98 19.58 -53.07
CA TYR B 57 8.52 19.77 -51.70
C TYR B 57 9.12 21.06 -51.14
N LEU B 58 10.42 21.23 -51.36
CA LEU B 58 11.11 22.44 -50.92
C LEU B 58 10.64 23.61 -51.74
N ASP B 59 10.27 23.33 -52.99
CA ASP B 59 9.76 24.36 -53.89
C ASP B 59 8.44 24.90 -53.37
N ASP B 60 7.52 23.99 -53.06
CA ASP B 60 6.22 24.38 -52.52
C ASP B 60 6.37 25.01 -51.16
N PHE B 61 7.33 24.50 -50.39
CA PHE B 61 7.61 25.03 -49.08
C PHE B 61 8.19 26.43 -49.21
N GLN B 62 9.05 26.61 -50.21
CA GLN B 62 9.66 27.90 -50.48
C GLN B 62 8.61 28.90 -50.89
N LYS B 63 7.62 28.44 -51.65
CA LYS B 63 6.52 29.29 -52.07
C LYS B 63 5.77 29.74 -50.83
N LYS B 64 5.54 28.79 -49.93
CA LYS B 64 4.86 29.09 -48.67
C LYS B 64 5.71 30.02 -47.82
N TRP B 65 7.02 29.79 -47.82
CA TRP B 65 7.95 30.62 -47.07
C TRP B 65 7.92 32.04 -47.63
N GLN B 66 7.91 32.15 -48.95
CA GLN B 66 7.85 33.46 -49.61
C GLN B 66 6.58 34.17 -49.23
N GLU B 67 5.45 33.45 -49.31
CA GLU B 67 4.16 34.02 -48.95
C GLU B 67 4.17 34.45 -47.49
N GLU B 68 4.65 33.56 -46.62
CA GLU B 68 4.74 33.84 -45.19
C GLU B 68 5.62 35.05 -44.92
N MET B 69 6.80 35.07 -45.55
CA MET B 69 7.74 36.18 -45.38
C MET B 69 7.13 37.49 -45.84
N GLU B 70 6.45 37.44 -47.00
CA GLU B 70 5.79 38.61 -47.54
C GLU B 70 4.67 39.04 -46.61
N LEU B 71 3.92 38.04 -46.12
CA LEU B 71 2.81 38.29 -45.21
C LEU B 71 3.29 38.98 -43.95
N TYR B 72 4.52 38.66 -43.53
CA TYR B 72 5.10 39.28 -42.35
C TYR B 72 5.33 40.76 -42.61
N ARG B 73 5.61 41.11 -43.86
CA ARG B 73 5.84 42.50 -44.25
C ARG B 73 4.51 43.20 -44.52
N GLN B 74 3.44 42.42 -44.55
CA GLN B 74 2.10 42.94 -44.78
C GLN B 74 1.27 42.86 -43.51
N LYS B 75 1.85 42.25 -42.48
CA LYS B 75 1.17 42.09 -41.20
C LYS B 75 2.05 42.57 -40.06
N VAL B 76 3.12 41.84 -39.78
CA VAL B 76 4.04 42.18 -38.71
C VAL B 76 4.62 43.57 -38.87
N GLU B 77 5.11 43.88 -40.06
CA GLU B 77 5.69 45.20 -40.35
C GLU B 77 4.75 46.37 -40.00
N PRO B 78 3.57 46.48 -40.63
CA PRO B 78 2.63 47.57 -40.35
C PRO B 78 2.09 47.50 -38.91
N LEU B 79 1.82 46.29 -38.43
CA LEU B 79 1.31 46.11 -37.08
C LEU B 79 2.35 46.52 -36.06
N ARG B 80 3.62 46.26 -36.36
CA ARG B 80 4.70 46.63 -35.46
C ARG B 80 4.73 48.13 -35.29
N ALA B 81 4.46 48.85 -36.37
CA ALA B 81 4.43 50.29 -36.35
C ALA B 81 3.28 50.77 -35.46
N GLU B 82 2.12 50.13 -35.61
CA GLU B 82 0.95 50.47 -34.81
C GLU B 82 1.14 50.04 -33.36
N LEU B 83 1.77 48.89 -33.16
CA LEU B 83 2.03 48.40 -31.82
C LEU B 83 3.00 49.35 -31.12
N GLN B 84 3.97 49.84 -31.87
CA GLN B 84 4.94 50.76 -31.34
C GLN B 84 4.27 52.12 -31.10
N GLU B 85 3.33 52.46 -31.97
CA GLU B 85 2.57 53.69 -31.84
C GLU B 85 1.75 53.61 -30.57
N GLY B 86 1.12 52.46 -30.38
CA GLY B 86 0.32 52.22 -29.20
C GLY B 86 1.21 52.11 -27.98
N ALA B 87 2.42 51.64 -28.19
CA ALA B 87 3.40 51.51 -27.11
C ALA B 87 3.81 52.89 -26.65
N ARG B 88 4.00 53.80 -27.61
CA ARG B 88 4.35 55.18 -27.32
C ARG B 88 3.20 55.82 -26.57
N GLN B 89 1.98 55.49 -26.97
CA GLN B 89 0.79 55.99 -26.31
C GLN B 89 0.74 55.46 -24.88
N LYS B 90 0.98 54.16 -24.75
CA LYS B 90 0.99 53.51 -23.44
C LYS B 90 2.08 54.13 -22.57
N LEU B 91 3.27 54.31 -23.14
CA LEU B 91 4.38 54.91 -22.42
C LEU B 91 4.03 56.34 -22.02
N HIS B 92 3.35 57.04 -22.91
CA HIS B 92 2.92 58.41 -22.64
C HIS B 92 1.96 58.39 -21.46
N GLU B 93 0.98 57.49 -21.52
CA GLU B 93 0.01 57.33 -20.45
C GLU B 93 0.73 57.04 -19.15
N LEU B 94 1.62 56.05 -19.20
CA LEU B 94 2.40 55.64 -18.05
C LEU B 94 3.26 56.77 -17.49
N GLN B 95 3.93 57.51 -18.38
CA GLN B 95 4.77 58.63 -17.95
C GLN B 95 3.94 59.67 -17.21
N GLU B 96 2.71 59.88 -17.66
CA GLU B 96 1.81 60.84 -17.03
C GLU B 96 1.16 60.24 -15.79
N LYS B 97 1.64 59.08 -15.38
CA LYS B 97 1.14 58.39 -14.20
C LYS B 97 2.30 58.04 -13.26
N LEU B 98 3.45 57.74 -13.85
CA LEU B 98 4.64 57.39 -13.07
C LEU B 98 5.27 58.62 -12.45
N SER B 99 5.05 59.77 -13.06
CA SER B 99 5.60 61.02 -12.53
C SER B 99 4.74 61.58 -11.39
N PRO B 100 3.45 61.91 -11.63
CA PRO B 100 2.58 62.46 -10.59
C PRO B 100 2.30 61.44 -9.48
N LEU B 101 1.83 60.26 -9.87
CA LEU B 101 1.54 59.20 -8.92
C LEU B 101 2.83 58.65 -8.33
N GLY B 102 3.93 58.83 -9.05
CA GLY B 102 5.22 58.39 -8.58
C GLY B 102 5.65 59.22 -7.39
N GLU B 103 5.61 60.53 -7.57
CA GLU B 103 5.96 61.44 -6.50
C GLU B 103 4.93 61.34 -5.39
N GLU B 104 3.71 60.95 -5.76
CA GLU B 104 2.63 60.76 -4.79
C GLU B 104 2.92 59.53 -3.96
N MET B 105 3.29 58.45 -4.62
CA MET B 105 3.63 57.20 -3.94
C MET B 105 4.81 57.44 -3.01
N ARG B 106 5.79 58.19 -3.51
CA ARG B 106 6.97 58.52 -2.71
C ARG B 106 6.56 59.40 -1.53
N ASP B 107 5.58 60.27 -1.76
CA ASP B 107 5.08 61.16 -0.71
C ASP B 107 4.39 60.32 0.36
N ARG B 108 3.67 59.30 -0.07
CA ARG B 108 2.99 58.39 0.83
C ARG B 108 4.06 57.72 1.69
N ALA B 109 5.13 57.29 1.02
CA ALA B 109 6.25 56.65 1.69
C ALA B 109 6.87 57.61 2.69
N ARG B 110 6.92 58.89 2.32
CA ARG B 110 7.46 59.92 3.20
C ARG B 110 6.64 59.95 4.49
N ALA B 111 5.33 59.94 4.33
CA ALA B 111 4.42 59.96 5.48
C ALA B 111 4.51 58.65 6.27
N HIS B 112 4.74 57.56 5.56
CA HIS B 112 4.87 56.25 6.19
C HIS B 112 6.16 56.19 7.00
N VAL B 113 7.27 56.58 6.37
CA VAL B 113 8.57 56.57 7.04
C VAL B 113 8.57 57.56 8.20
N ASP B 114 7.94 58.71 8.00
CA ASP B 114 7.86 59.73 9.04
C ASP B 114 7.12 59.17 10.24
N ALA B 115 6.07 58.42 9.97
CA ALA B 115 5.28 57.79 11.02
C ALA B 115 6.16 56.83 11.79
N LEU B 116 6.92 56.02 11.05
CA LEU B 116 7.83 55.05 11.65
C LEU B 116 8.85 55.74 12.56
N ARG B 117 9.24 56.96 12.19
CA ARG B 117 10.19 57.73 12.97
C ARG B 117 9.60 58.04 14.35
N THR B 118 8.28 58.13 14.42
CA THR B 118 7.59 58.42 15.65
C THR B 118 6.87 57.18 16.18
N HIS B 119 7.02 56.07 15.46
CA HIS B 119 6.37 54.81 15.84
C HIS B 119 7.39 53.75 16.21
N LEU B 120 8.15 53.29 15.23
CA LEU B 120 9.15 52.25 15.45
C LEU B 120 10.36 52.73 16.25
N ALA B 121 10.83 53.92 15.92
CA ALA B 121 12.00 54.49 16.61
C ALA B 121 11.76 54.61 18.12
N PRO B 122 10.72 55.36 18.58
CA PRO B 122 10.44 55.50 20.01
C PRO B 122 10.10 54.14 20.64
N TYR B 123 9.40 53.31 19.89
CA TYR B 123 9.03 51.99 20.40
C TYR B 123 10.27 51.14 20.66
N SER B 124 11.29 51.31 19.84
CA SER B 124 12.53 50.58 20.01
C SER B 124 13.20 51.03 21.30
N ASP B 125 12.98 52.28 21.67
CA ASP B 125 13.54 52.84 22.90
C ASP B 125 12.78 52.26 24.08
N GLU B 126 11.46 52.16 23.93
CA GLU B 126 10.61 51.58 24.97
C GLU B 126 10.96 50.11 25.15
N LEU B 127 11.25 49.46 24.03
CA LEU B 127 11.64 48.06 24.04
C LEU B 127 12.95 47.88 24.77
N ARG B 128 13.83 48.90 24.69
CA ARG B 128 15.12 48.86 25.37
C ARG B 128 14.90 48.77 26.87
N GLN B 129 13.92 49.52 27.35
CA GLN B 129 13.58 49.54 28.77
C GLN B 129 13.03 48.21 29.22
N ARG B 130 12.21 47.60 28.37
CA ARG B 130 11.60 46.31 28.68
C ARG B 130 12.65 45.21 28.58
N LEU B 131 13.44 45.24 27.51
CA LEU B 131 14.49 44.26 27.30
C LEU B 131 15.53 44.32 28.42
N ALA B 132 15.77 45.53 28.94
CA ALA B 132 16.72 45.71 30.02
C ALA B 132 16.25 44.94 31.25
N ALA B 133 14.94 44.98 31.49
CA ALA B 133 14.35 44.28 32.61
C ALA B 133 14.38 42.78 32.35
N ARG B 134 14.02 42.39 31.14
CA ARG B 134 14.02 40.97 30.75
C ARG B 134 15.42 40.40 30.86
N LEU B 135 16.41 41.13 30.34
CA LEU B 135 17.79 40.71 30.39
C LEU B 135 18.29 40.68 31.83
N GLU B 136 17.79 41.60 32.65
CA GLU B 136 18.15 41.64 34.05
C GLU B 136 17.63 40.38 34.73
N ALA B 137 16.39 40.04 34.43
CA ALA B 137 15.77 38.85 34.97
C ALA B 137 16.52 37.62 34.47
N LEU B 138 16.87 37.65 33.19
CA LEU B 138 17.64 36.55 32.58
C LEU B 138 19.03 36.45 33.20
N LYS B 139 19.52 37.57 33.72
CA LYS B 139 20.83 37.60 34.36
C LYS B 139 20.69 37.12 35.80
N GLU B 140 19.61 37.53 36.45
CA GLU B 140 19.34 37.13 37.83
C GLU B 140 19.05 35.64 37.88
N ASN B 141 18.05 35.21 37.11
CA ASN B 141 17.68 33.81 37.06
C ASN B 141 18.82 33.04 36.42
N GLY B 142 19.50 33.68 35.49
CA GLY B 142 20.64 33.06 34.83
C GLY B 142 21.74 32.79 35.81
N GLY B 143 22.05 33.77 36.65
CA GLY B 143 23.07 33.61 37.66
C GLY B 143 22.66 32.55 38.66
N ALA B 144 21.37 32.54 39.00
CA ALA B 144 20.83 31.55 39.92
C ALA B 144 20.94 30.16 39.30
N ARG B 145 20.59 30.08 38.01
CA ARG B 145 20.66 28.82 37.28
C ARG B 145 22.12 28.38 37.15
N LEU B 146 23.01 29.35 37.00
CA LEU B 146 24.43 29.06 36.89
C LEU B 146 24.90 28.40 38.18
N ALA B 147 24.43 28.93 39.30
CA ALA B 147 24.75 28.41 40.61
C ALA B 147 24.07 27.04 40.78
N GLU B 148 22.82 26.95 40.34
CA GLU B 148 22.07 25.71 40.43
C GLU B 148 22.74 24.62 39.60
N TYR B 149 23.10 24.96 38.37
CA TYR B 149 23.77 24.02 37.49
C TYR B 149 25.14 23.67 38.05
N HIS B 150 25.74 24.60 38.78
CA HIS B 150 27.04 24.37 39.40
C HIS B 150 26.87 23.36 40.52
N ALA B 151 25.88 23.61 41.37
CA ALA B 151 25.58 22.73 42.48
C ALA B 151 25.13 21.38 41.97
N LYS B 152 24.26 21.40 40.95
CA LYS B 152 23.76 20.17 40.34
C LYS B 152 24.90 19.41 39.68
N ALA B 153 25.86 20.14 39.12
CA ALA B 153 27.02 19.53 38.49
C ALA B 153 27.81 18.73 39.51
N THR B 154 28.03 19.33 40.67
CA THR B 154 28.76 18.65 41.74
C THR B 154 27.96 17.47 42.27
N GLU B 155 26.65 17.66 42.41
CA GLU B 155 25.77 16.59 42.89
C GLU B 155 25.77 15.42 41.91
N HIS B 156 25.72 15.76 40.63
CA HIS B 156 25.72 14.77 39.56
C HIS B 156 27.11 14.14 39.43
N LEU B 157 28.13 14.94 39.68
CA LEU B 157 29.51 14.47 39.62
C LEU B 157 29.76 13.41 40.69
N SER B 158 29.28 13.66 41.90
CA SER B 158 29.46 12.72 43.00
C SER B 158 28.69 11.44 42.75
N THR B 159 27.49 11.56 42.17
CA THR B 159 26.68 10.39 41.86
C THR B 159 27.26 9.62 40.67
N LEU B 160 27.90 10.34 39.76
CA LEU B 160 28.53 9.73 38.60
C LEU B 160 29.65 8.83 39.05
N SER B 161 30.53 9.36 39.91
CA SER B 161 31.64 8.57 40.42
C SER B 161 31.12 7.50 41.38
N GLU B 162 30.04 7.84 42.07
CA GLU B 162 29.39 6.92 43.02
C GLU B 162 28.93 5.66 42.29
N LYS B 163 28.63 5.80 41.01
CA LYS B 163 28.21 4.67 40.21
C LYS B 163 29.34 4.16 39.34
N ALA B 164 30.19 5.07 38.87
CA ALA B 164 31.32 4.72 38.02
C ALA B 164 32.30 3.78 38.70
N LYS B 165 32.61 4.06 39.96
CA LYS B 165 33.56 3.22 40.71
C LYS B 165 33.11 1.76 40.77
N PRO B 166 31.92 1.46 41.34
CA PRO B 166 31.42 0.08 41.41
C PRO B 166 31.17 -0.49 40.02
N ALA B 167 30.65 0.34 39.11
CA ALA B 167 30.37 -0.10 37.75
C ALA B 167 31.63 -0.60 37.07
N LEU B 168 32.69 0.20 37.13
CA LEU B 168 33.95 -0.18 36.52
C LEU B 168 34.52 -1.43 37.17
N GLU B 169 34.33 -1.55 38.48
CA GLU B 169 34.81 -2.72 39.20
C GLU B 169 34.03 -3.96 38.81
N ASP B 170 32.71 -3.87 38.87
CA ASP B 170 31.86 -4.99 38.49
C ASP B 170 32.07 -5.34 37.02
N LEU B 171 32.39 -4.33 36.23
CA LEU B 171 32.66 -4.52 34.82
C LEU B 171 33.97 -5.26 34.63
N ARG B 172 35.02 -4.75 35.27
CA ARG B 172 36.34 -5.37 35.18
C ARG B 172 36.32 -6.80 35.75
N GLN B 173 35.78 -6.94 36.96
CA GLN B 173 35.69 -8.24 37.62
C GLN B 173 34.68 -9.15 36.95
N GLY B 174 33.86 -8.57 36.09
CA GLY B 174 32.86 -9.35 35.37
C GLY B 174 33.35 -9.73 33.98
N LEU B 175 34.07 -8.82 33.36
CA LEU B 175 34.62 -9.04 32.03
C LEU B 175 35.75 -10.07 32.07
N LEU B 176 36.62 -9.96 33.07
CA LEU B 176 37.75 -10.88 33.21
C LEU B 176 37.36 -12.36 33.08
N PRO B 177 36.43 -12.87 33.93
CA PRO B 177 36.00 -14.27 33.85
C PRO B 177 35.17 -14.55 32.59
N VAL B 178 34.37 -13.58 32.16
CA VAL B 178 33.53 -13.74 30.98
C VAL B 178 34.40 -13.82 29.71
N LEU B 179 35.51 -13.08 29.71
CA LEU B 179 36.43 -13.08 28.58
C LEU B 179 37.00 -14.47 28.40
N GLU B 180 37.32 -15.11 29.52
CA GLU B 180 37.86 -16.46 29.48
C GLU B 180 36.84 -17.41 28.87
N SER B 181 35.59 -17.28 29.29
CA SER B 181 34.52 -18.11 28.76
C SER B 181 34.38 -17.88 27.25
N PHE B 182 34.45 -16.62 26.85
CA PHE B 182 34.36 -16.25 25.44
C PHE B 182 35.54 -16.87 24.69
N LYS B 183 36.72 -16.79 25.30
CA LYS B 183 37.93 -17.37 24.70
C LYS B 183 37.76 -18.86 24.48
N VAL B 184 37.26 -19.56 25.49
CA VAL B 184 37.02 -21.00 25.40
C VAL B 184 36.09 -21.31 24.24
N SER B 185 34.99 -20.57 24.16
CA SER B 185 34.02 -20.75 23.10
C SER B 185 34.62 -20.41 21.73
N PHE B 186 35.33 -19.29 21.65
CA PHE B 186 35.94 -18.87 20.39
C PHE B 186 37.04 -19.84 19.94
N LEU B 187 37.87 -20.26 20.88
CA LEU B 187 38.96 -21.20 20.58
C LEU B 187 38.41 -22.50 20.02
N SER B 188 37.32 -22.98 20.59
CA SER B 188 36.71 -24.22 20.14
C SER B 188 35.97 -24.00 18.82
N ALA B 189 35.28 -22.86 18.72
CA ALA B 189 34.54 -22.52 17.51
C ALA B 189 35.46 -22.43 16.31
N LEU B 190 36.52 -21.65 16.43
CA LEU B 190 37.49 -21.47 15.35
C LEU B 190 38.10 -22.81 14.96
N GLU B 191 38.41 -23.61 15.96
CA GLU B 191 38.99 -24.93 15.75
C GLU B 191 38.03 -25.82 14.97
N GLU B 192 36.78 -25.82 15.39
CA GLU B 192 35.73 -26.61 14.77
C GLU B 192 35.52 -26.20 13.31
N TYR B 193 35.39 -24.89 13.08
CA TYR B 193 35.19 -24.39 11.73
C TYR B 193 36.39 -24.70 10.84
N THR B 194 37.57 -24.73 11.43
CA THR B 194 38.79 -25.04 10.69
C THR B 194 38.74 -26.49 10.19
N LYS B 195 38.09 -27.35 10.97
CA LYS B 195 37.96 -28.76 10.60
C LYS B 195 36.90 -28.92 9.53
N LYS B 196 35.79 -28.22 9.70
CA LYS B 196 34.68 -28.28 8.75
C LYS B 196 35.07 -27.70 7.39
N LEU B 197 35.86 -26.63 7.40
CA LEU B 197 36.29 -25.99 6.16
C LEU B 197 37.56 -26.62 5.62
N ASN B 198 38.08 -27.62 6.32
CA ASN B 198 39.29 -28.30 5.88
C ASN B 198 38.99 -29.27 4.74
N MET C 1 -4.02 -1.79 6.44
CA MET C 1 -4.95 -2.25 7.46
C MET C 1 -4.35 -3.41 8.25
N THR C 2 -4.79 -3.56 9.49
CA THR C 2 -4.30 -4.62 10.36
C THR C 2 -5.04 -5.93 10.08
N GLU C 3 -4.27 -7.00 9.91
CA GLU C 3 -4.86 -8.31 9.65
C GLU C 3 -5.13 -9.03 10.97
N TYR C 4 -6.26 -9.72 11.03
CA TYR C 4 -6.64 -10.45 12.22
C TYR C 4 -6.90 -11.92 11.88
N LYS C 5 -6.19 -12.82 12.54
CA LYS C 5 -6.34 -14.25 12.28
C LYS C 5 -7.51 -14.83 13.09
N LEU C 6 -8.51 -15.35 12.39
CA LEU C 6 -9.69 -15.91 13.03
C LEU C 6 -9.83 -17.39 12.71
N VAL C 7 -9.73 -18.23 13.74
CA VAL C 7 -9.86 -19.67 13.59
C VAL C 7 -11.11 -20.15 14.31
N VAL C 8 -12.06 -20.67 13.55
CA VAL C 8 -13.31 -21.17 14.12
C VAL C 8 -13.20 -22.66 14.44
N VAL C 9 -13.74 -23.06 15.58
CA VAL C 9 -13.69 -24.45 16.01
C VAL C 9 -15.06 -24.89 16.52
N GLY C 10 -15.38 -26.16 16.36
CA GLY C 10 -16.66 -26.65 16.82
C GLY C 10 -16.92 -28.08 16.40
N ALA C 11 -18.06 -28.61 16.81
CA ALA C 11 -18.44 -29.98 16.48
C ALA C 11 -19.17 -30.03 15.15
N GLY C 12 -19.22 -31.20 14.55
CA GLY C 12 -19.90 -31.34 13.28
C GLY C 12 -21.41 -31.32 13.42
N GLY C 13 -22.04 -30.31 12.86
CA GLY C 13 -23.48 -30.20 12.93
C GLY C 13 -23.94 -28.97 13.68
N VAL C 14 -23.02 -28.08 14.01
CA VAL C 14 -23.35 -26.86 14.72
C VAL C 14 -23.61 -25.70 13.76
N GLY C 15 -23.30 -25.92 12.49
CA GLY C 15 -23.51 -24.87 11.50
C GLY C 15 -22.34 -23.93 11.44
N LYS C 16 -21.15 -24.47 11.68
CA LYS C 16 -19.92 -23.70 11.67
C LYS C 16 -19.65 -23.10 10.29
N SER C 17 -19.72 -23.94 9.27
CA SER C 17 -19.49 -23.48 7.91
C SER C 17 -20.61 -22.57 7.43
N ALA C 18 -21.84 -22.91 7.82
CA ALA C 18 -23.00 -22.11 7.44
C ALA C 18 -22.87 -20.68 7.94
N LEU C 19 -22.30 -20.52 9.14
CA LEU C 19 -22.10 -19.21 9.74
C LEU C 19 -21.19 -18.34 8.87
N THR C 20 -20.07 -18.91 8.46
CA THR C 20 -19.11 -18.21 7.64
C THR C 20 -19.67 -17.88 6.25
N ILE C 21 -20.31 -18.88 5.62
CA ILE C 21 -20.89 -18.69 4.29
C ILE C 21 -21.99 -17.64 4.30
N GLN C 22 -22.87 -17.70 5.31
CA GLN C 22 -23.99 -16.77 5.41
C GLN C 22 -23.53 -15.35 5.78
N LEU C 23 -22.33 -15.22 6.31
CA LEU C 23 -21.82 -13.92 6.70
C LEU C 23 -20.95 -13.29 5.60
N ILE C 24 -20.05 -14.07 5.03
CA ILE C 24 -19.17 -13.55 3.99
C ILE C 24 -19.84 -13.47 2.63
N GLN C 25 -20.20 -14.62 2.08
CA GLN C 25 -20.84 -14.66 0.76
C GLN C 25 -22.34 -14.39 0.86
N ASN C 26 -22.85 -14.44 2.10
CA ASN C 26 -24.27 -14.20 2.36
C ASN C 26 -25.14 -15.25 1.69
N HIS C 27 -24.66 -16.49 1.72
CA HIS C 27 -25.39 -17.60 1.12
C HIS C 27 -25.80 -18.59 2.20
N PHE C 28 -26.91 -19.28 1.98
CA PHE C 28 -27.39 -20.26 2.94
C PHE C 28 -27.53 -21.63 2.28
N VAL C 29 -26.93 -22.64 2.90
CA VAL C 29 -26.97 -23.98 2.37
C VAL C 29 -28.21 -24.74 2.86
N ASP C 30 -28.21 -26.06 2.68
CA ASP C 30 -29.33 -26.89 3.11
C ASP C 30 -28.84 -28.29 3.46
N GLU C 31 -27.98 -28.82 2.63
CA GLU C 31 -27.42 -30.14 2.84
C GLU C 31 -26.16 -30.04 3.70
N TYR C 32 -25.71 -31.17 4.21
CA TYR C 32 -24.51 -31.20 5.03
C TYR C 32 -23.29 -31.45 4.15
N ASP C 33 -22.20 -30.75 4.42
CA ASP C 33 -20.97 -30.92 3.67
C ASP C 33 -19.78 -30.80 4.62
N PRO C 34 -19.17 -31.94 4.98
CA PRO C 34 -18.02 -31.98 5.89
C PRO C 34 -16.89 -31.05 5.43
N THR C 35 -16.46 -30.18 6.35
CA THR C 35 -15.39 -29.23 6.03
C THR C 35 -14.04 -29.74 6.51
N ILE C 36 -12.98 -29.23 5.91
CA ILE C 36 -11.63 -29.61 6.29
C ILE C 36 -10.72 -28.38 6.32
N GLU C 37 -10.74 -27.62 5.24
CA GLU C 37 -9.92 -26.42 5.14
C GLU C 37 -10.52 -25.42 4.17
N ASP C 38 -11.28 -24.47 4.69
CA ASP C 38 -11.90 -23.44 3.85
C ASP C 38 -11.54 -22.08 4.39
N SER C 39 -11.17 -21.17 3.51
CA SER C 39 -10.78 -19.85 3.94
C SER C 39 -11.74 -18.79 3.44
N TYR C 40 -11.97 -17.79 4.27
CA TYR C 40 -12.84 -16.68 3.95
C TYR C 40 -12.14 -15.38 4.28
N ARG C 41 -12.41 -14.33 3.51
CA ARG C 41 -11.79 -13.05 3.74
C ARG C 41 -12.67 -11.93 3.21
N LYS C 42 -12.97 -10.97 4.06
CA LYS C 42 -13.81 -9.83 3.69
C LYS C 42 -13.31 -8.58 4.39
N GLN C 43 -12.99 -7.56 3.60
CA GLN C 43 -12.49 -6.30 4.15
C GLN C 43 -13.65 -5.43 4.63
N VAL C 44 -13.78 -5.32 5.93
CA VAL C 44 -14.85 -4.53 6.53
C VAL C 44 -14.27 -3.41 7.40
N VAL C 45 -15.10 -2.43 7.71
CA VAL C 45 -14.66 -1.30 8.52
C VAL C 45 -15.18 -1.44 9.95
N ILE C 46 -14.33 -1.94 10.83
CA ILE C 46 -14.69 -2.13 12.22
C ILE C 46 -14.03 -1.07 13.08
N ASP C 47 -14.85 -0.32 13.82
CA ASP C 47 -14.39 0.75 14.72
C ASP C 47 -14.07 2.05 14.01
N GLY C 48 -13.71 1.97 12.73
CA GLY C 48 -13.41 3.18 12.00
C GLY C 48 -12.43 2.94 10.87
N GLU C 49 -11.43 2.10 11.13
CA GLU C 49 -10.43 1.78 10.14
C GLU C 49 -10.67 0.41 9.54
N THR C 50 -10.13 0.16 8.36
CA THR C 50 -10.30 -1.11 7.67
C THR C 50 -9.72 -2.27 8.49
N CYS C 51 -10.48 -3.35 8.59
CA CYS C 51 -10.05 -4.52 9.33
C CYS C 51 -10.06 -5.76 8.43
N LEU C 52 -8.93 -6.46 8.40
CA LEU C 52 -8.79 -7.66 7.58
C LEU C 52 -9.07 -8.91 8.41
N LEU C 53 -10.21 -9.53 8.15
CA LEU C 53 -10.59 -10.73 8.88
C LEU C 53 -10.19 -11.99 8.11
N ASP C 54 -9.13 -12.63 8.55
CA ASP C 54 -8.64 -13.85 7.91
C ASP C 54 -9.22 -15.06 8.63
N ILE C 55 -10.40 -15.48 8.19
CA ILE C 55 -11.09 -16.61 8.80
C ILE C 55 -10.76 -17.94 8.12
N LEU C 56 -10.42 -18.93 8.92
CA LEU C 56 -10.10 -20.26 8.40
C LEU C 56 -10.97 -21.30 9.10
N ASP C 57 -11.72 -22.07 8.30
CA ASP C 57 -12.62 -23.10 8.82
C ASP C 57 -11.83 -24.34 9.24
N THR C 58 -12.50 -25.24 9.97
CA THR C 58 -11.86 -26.46 10.44
C THR C 58 -12.74 -27.69 10.17
N ALA C 59 -12.23 -28.86 10.51
CA ALA C 59 -12.95 -30.12 10.32
C ALA C 59 -13.54 -30.59 11.63
N GLY C 60 -14.86 -30.64 11.70
CA GLY C 60 -15.53 -31.08 12.91
C GLY C 60 -15.57 -32.58 13.04
N GLN C 61 -15.35 -33.26 11.91
CA GLN C 61 -15.36 -34.71 11.87
C GLN C 61 -13.95 -35.29 11.81
N GLU C 62 -13.05 -34.69 12.58
CA GLU C 62 -11.67 -35.14 12.64
C GLU C 62 -11.14 -35.04 14.07
N GLU C 63 -10.28 -35.97 14.44
CA GLU C 63 -9.70 -35.99 15.79
C GLU C 63 -8.44 -35.16 15.89
N TYR C 64 -7.39 -35.73 16.50
CA TYR C 64 -6.13 -35.05 16.68
C TYR C 64 -5.23 -35.14 15.46
N SER C 65 -4.73 -33.99 15.01
CA SER C 65 -3.85 -33.93 13.86
C SER C 65 -2.77 -32.87 14.09
N ALA C 66 -1.53 -33.20 13.74
CA ALA C 66 -0.40 -32.28 13.94
C ALA C 66 -0.58 -31.01 13.11
N MET C 67 -1.07 -31.15 11.89
CA MET C 67 -1.27 -30.00 11.01
C MET C 67 -2.31 -29.04 11.57
N ARG C 68 -3.31 -29.60 12.25
CA ARG C 68 -4.37 -28.80 12.83
C ARG C 68 -3.81 -27.83 13.86
N ASP C 69 -2.87 -28.33 14.66
CA ASP C 69 -2.25 -27.52 15.71
C ASP C 69 -1.45 -26.35 15.13
N GLN C 70 -0.85 -26.56 13.97
CA GLN C 70 -0.04 -25.54 13.30
C GLN C 70 -0.81 -24.24 13.06
N TYR C 71 -1.84 -24.29 12.22
CA TYR C 71 -2.62 -23.10 11.90
C TYR C 71 -3.47 -22.61 13.08
N MET C 72 -3.79 -23.53 13.98
CA MET C 72 -4.60 -23.18 15.15
C MET C 72 -3.80 -22.29 16.08
N ARG C 73 -2.50 -22.49 16.13
CA ARG C 73 -1.62 -21.68 16.96
C ARG C 73 -1.43 -20.30 16.36
N THR C 74 -1.40 -20.24 15.03
CA THR C 74 -1.23 -18.99 14.32
C THR C 74 -2.45 -18.09 14.48
N GLY C 75 -3.62 -18.71 14.69
CA GLY C 75 -4.84 -17.95 14.87
C GLY C 75 -4.83 -17.16 16.16
N GLU C 76 -5.49 -16.00 16.14
CA GLU C 76 -5.54 -15.16 17.32
C GLU C 76 -6.91 -15.25 18.00
N GLY C 77 -7.97 -15.11 17.21
CA GLY C 77 -9.30 -15.16 17.76
C GLY C 77 -9.97 -16.49 17.52
N PHE C 78 -10.55 -17.05 18.57
CA PHE C 78 -11.22 -18.34 18.47
C PHE C 78 -12.68 -18.22 18.89
N LEU C 79 -13.57 -18.61 18.00
CA LEU C 79 -15.00 -18.58 18.28
C LEU C 79 -15.50 -19.97 18.66
N CYS C 80 -15.98 -20.09 19.89
CA CYS C 80 -16.50 -21.36 20.38
C CYS C 80 -17.95 -21.50 19.99
N VAL C 81 -18.18 -21.87 18.74
CA VAL C 81 -19.53 -22.04 18.21
C VAL C 81 -20.11 -23.40 18.56
N PHE C 82 -21.35 -23.41 18.99
CA PHE C 82 -22.03 -24.64 19.34
C PHE C 82 -23.54 -24.47 19.13
N ALA C 83 -24.20 -25.55 18.79
CA ALA C 83 -25.64 -25.52 18.58
C ALA C 83 -26.38 -25.72 19.89
N ILE C 84 -27.28 -24.81 20.21
CA ILE C 84 -28.02 -24.90 21.47
C ILE C 84 -29.18 -25.89 21.37
N ASN C 85 -29.32 -26.52 20.22
CA ASN C 85 -30.36 -27.53 20.00
C ASN C 85 -29.78 -28.91 20.22
N ASN C 86 -28.60 -28.95 20.81
CA ASN C 86 -27.89 -30.18 21.09
C ASN C 86 -27.08 -30.04 22.37
N THR C 87 -27.34 -30.90 23.35
CA THR C 87 -26.63 -30.86 24.62
C THR C 87 -25.18 -31.29 24.49
N LYS C 88 -24.91 -32.09 23.47
CA LYS C 88 -23.56 -32.60 23.22
C LYS C 88 -22.57 -31.47 22.94
N SER C 89 -22.96 -30.51 22.12
CA SER C 89 -22.12 -29.38 21.76
C SER C 89 -21.69 -28.57 22.99
N PHE C 90 -22.60 -28.46 23.95
CA PHE C 90 -22.33 -27.71 25.18
C PHE C 90 -21.14 -28.27 25.94
N GLU C 91 -21.08 -29.59 26.07
CA GLU C 91 -20.00 -30.25 26.77
C GLU C 91 -18.71 -30.28 25.96
N ASP C 92 -18.85 -30.47 24.65
CA ASP C 92 -17.70 -30.52 23.75
C ASP C 92 -16.95 -29.19 23.70
N ILE C 93 -17.62 -28.13 24.13
CA ILE C 93 -17.01 -26.80 24.16
C ILE C 93 -15.78 -26.81 25.06
N HIS C 94 -15.89 -27.46 26.20
CA HIS C 94 -14.80 -27.53 27.17
C HIS C 94 -13.61 -28.27 26.57
N HIS C 95 -13.89 -29.34 25.82
CA HIS C 95 -12.86 -30.14 25.18
C HIS C 95 -12.00 -29.29 24.24
N TYR C 96 -12.67 -28.50 23.42
CA TYR C 96 -11.97 -27.63 22.47
C TYR C 96 -11.26 -26.49 23.19
N ARG C 97 -11.86 -26.04 24.30
CA ARG C 97 -11.29 -24.97 25.10
C ARG C 97 -9.91 -25.35 25.63
N GLU C 98 -9.82 -26.54 26.20
CA GLU C 98 -8.56 -27.03 26.74
C GLU C 98 -7.59 -27.37 25.60
N GLN C 99 -8.15 -27.72 24.46
CA GLN C 99 -7.35 -28.06 23.28
C GLN C 99 -6.59 -26.83 22.80
N ILE C 100 -7.31 -25.73 22.60
CA ILE C 100 -6.72 -24.48 22.16
C ILE C 100 -5.68 -23.99 23.17
N LYS C 101 -6.01 -24.19 24.45
CA LYS C 101 -5.12 -23.80 25.54
C LYS C 101 -3.76 -24.48 25.41
N ARG C 102 -3.78 -25.74 24.99
CA ARG C 102 -2.56 -26.52 24.82
C ARG C 102 -1.78 -26.04 23.59
N VAL C 103 -2.52 -25.76 22.52
CA VAL C 103 -1.91 -25.31 21.26
C VAL C 103 -1.22 -23.96 21.43
N LYS C 104 -1.94 -23.00 21.98
CA LYS C 104 -1.38 -21.66 22.18
C LYS C 104 -0.44 -21.64 23.37
N ASP C 105 -0.50 -22.70 24.17
CA ASP C 105 0.34 -22.83 25.38
C ASP C 105 0.03 -21.70 26.37
N SER C 106 -1.19 -21.19 26.28
CA SER C 106 -1.64 -20.12 27.16
C SER C 106 -3.00 -20.48 27.75
N GLU C 107 -3.14 -20.29 29.05
CA GLU C 107 -4.38 -20.58 29.74
C GLU C 107 -5.41 -19.48 29.50
N ASP C 108 -4.90 -18.28 29.22
CA ASP C 108 -5.77 -17.14 28.98
C ASP C 108 -5.68 -16.73 27.50
N VAL C 109 -6.75 -17.00 26.76
CA VAL C 109 -6.79 -16.66 25.35
C VAL C 109 -8.11 -15.99 25.00
N PRO C 110 -8.14 -15.14 23.96
CA PRO C 110 -9.35 -14.44 23.53
C PRO C 110 -10.33 -15.36 22.79
N MET C 111 -11.33 -15.83 23.52
CA MET C 111 -12.33 -16.73 22.96
C MET C 111 -13.74 -16.20 23.24
N VAL C 112 -14.66 -16.45 22.32
CA VAL C 112 -16.05 -16.01 22.48
C VAL C 112 -16.98 -17.20 22.29
N LEU C 113 -17.95 -17.34 23.19
CA LEU C 113 -18.91 -18.43 23.11
C LEU C 113 -20.08 -18.03 22.22
N VAL C 114 -20.37 -18.83 21.21
CA VAL C 114 -21.44 -18.54 20.29
C VAL C 114 -22.47 -19.68 20.23
N GLY C 115 -23.70 -19.36 20.58
CA GLY C 115 -24.76 -20.35 20.54
C GLY C 115 -25.58 -20.23 19.28
N ASN C 116 -25.34 -21.13 18.34
CA ASN C 116 -26.04 -21.12 17.06
C ASN C 116 -27.35 -21.89 17.13
N LYS C 117 -28.21 -21.67 16.12
CA LYS C 117 -29.51 -22.32 16.02
C LYS C 117 -30.40 -21.94 17.20
N CYS C 118 -30.27 -20.71 17.65
CA CYS C 118 -31.03 -20.21 18.79
C CYS C 118 -32.48 -19.88 18.41
N ASP C 119 -32.74 -19.74 17.12
CA ASP C 119 -34.09 -19.40 16.64
C ASP C 119 -34.96 -20.65 16.52
N LEU C 120 -34.32 -21.81 16.52
CA LEU C 120 -35.04 -23.07 16.40
C LEU C 120 -35.82 -23.39 17.68
N PRO C 121 -36.98 -24.06 17.55
CA PRO C 121 -37.82 -24.43 18.70
C PRO C 121 -37.24 -25.60 19.47
N SER C 122 -36.05 -26.04 19.05
CA SER C 122 -35.36 -27.14 19.69
C SER C 122 -34.36 -26.64 20.71
N ARG C 123 -34.65 -25.49 21.33
CA ARG C 123 -33.78 -24.89 22.32
C ARG C 123 -33.60 -25.82 23.53
N THR C 124 -32.49 -26.53 23.54
CA THR C 124 -32.19 -27.45 24.61
C THR C 124 -31.28 -26.80 25.65
N VAL C 125 -30.34 -25.99 25.17
CA VAL C 125 -29.42 -25.29 26.04
C VAL C 125 -29.95 -23.89 26.36
N ASP C 126 -30.34 -23.68 27.59
CA ASP C 126 -30.86 -22.38 28.03
C ASP C 126 -29.74 -21.35 28.08
N THR C 127 -30.09 -20.10 27.76
CA THR C 127 -29.13 -18.99 27.75
C THR C 127 -28.34 -18.87 29.05
N LYS C 128 -29.01 -19.01 30.19
CA LYS C 128 -28.33 -18.89 31.48
C LYS C 128 -27.29 -19.99 31.65
N GLN C 129 -27.59 -21.18 31.16
CA GLN C 129 -26.68 -22.30 31.29
C GLN C 129 -25.35 -22.00 30.60
N ALA C 130 -25.43 -21.46 29.40
CA ALA C 130 -24.23 -21.13 28.63
C ALA C 130 -23.57 -19.86 29.17
N GLN C 131 -24.38 -18.86 29.49
CA GLN C 131 -23.88 -17.59 30.01
C GLN C 131 -23.18 -17.77 31.36
N ASP C 132 -23.76 -18.61 32.20
CA ASP C 132 -23.20 -18.85 33.53
C ASP C 132 -21.82 -19.50 33.41
N LEU C 133 -21.73 -20.48 32.51
CA LEU C 133 -20.47 -21.19 32.28
C LEU C 133 -19.43 -20.24 31.70
N ALA C 134 -19.85 -19.46 30.70
CA ALA C 134 -18.97 -18.50 30.05
C ALA C 134 -18.46 -17.45 31.03
N ARG C 135 -19.36 -16.93 31.84
CA ARG C 135 -19.01 -15.91 32.82
C ARG C 135 -18.04 -16.45 33.86
N SER C 136 -18.15 -17.74 34.14
CA SER C 136 -17.28 -18.39 35.10
C SER C 136 -15.85 -18.53 34.57
N TYR C 137 -15.74 -18.74 33.25
CA TYR C 137 -14.43 -18.89 32.63
C TYR C 137 -13.86 -17.55 32.15
N GLY C 138 -14.69 -16.52 32.17
CA GLY C 138 -14.24 -15.20 31.77
C GLY C 138 -14.41 -14.92 30.29
N ILE C 139 -15.34 -15.60 29.66
CA ILE C 139 -15.60 -15.41 28.23
C ILE C 139 -17.02 -14.94 27.99
N PRO C 140 -17.25 -14.16 26.93
CA PRO C 140 -18.58 -13.66 26.60
C PRO C 140 -19.39 -14.66 25.78
N PHE C 141 -20.70 -14.67 25.98
CA PHE C 141 -21.59 -15.56 25.24
C PHE C 141 -22.60 -14.77 24.43
N ILE C 142 -22.71 -15.10 23.15
CA ILE C 142 -23.65 -14.42 22.27
C ILE C 142 -24.51 -15.42 21.51
N GLU C 143 -25.82 -15.18 21.48
CA GLU C 143 -26.74 -16.06 20.76
C GLU C 143 -26.69 -15.69 19.29
N THR C 144 -26.62 -16.69 18.42
CA THR C 144 -26.55 -16.44 16.99
C THR C 144 -27.35 -17.49 16.21
N SER C 145 -27.77 -17.11 15.00
CA SER C 145 -28.52 -18.00 14.13
C SER C 145 -28.15 -17.74 12.68
N ALA C 146 -27.67 -18.76 11.99
CA ALA C 146 -27.29 -18.62 10.59
C ALA C 146 -28.55 -18.55 9.74
N LYS C 147 -29.59 -19.22 10.23
CA LYS C 147 -30.88 -19.26 9.54
C LYS C 147 -31.53 -17.88 9.50
N THR C 148 -31.40 -17.14 10.60
CA THR C 148 -31.98 -15.80 10.68
C THR C 148 -30.96 -14.72 10.30
N ARG C 149 -29.68 -15.09 10.33
CA ARG C 149 -28.58 -14.17 10.02
C ARG C 149 -28.61 -12.98 10.99
N GLN C 150 -28.92 -13.28 12.24
CA GLN C 150 -29.01 -12.26 13.28
C GLN C 150 -27.92 -12.46 14.33
N GLY C 151 -27.29 -11.35 14.72
CA GLY C 151 -26.24 -11.39 15.73
C GLY C 151 -24.99 -12.09 15.26
N VAL C 152 -24.77 -12.13 13.96
CA VAL C 152 -23.60 -12.79 13.41
C VAL C 152 -22.46 -11.80 13.22
N ASP C 153 -22.79 -10.65 12.62
CA ASP C 153 -21.81 -9.61 12.34
C ASP C 153 -21.11 -9.13 13.61
N ASP C 154 -21.90 -8.65 14.58
CA ASP C 154 -21.34 -8.15 15.83
C ASP C 154 -20.59 -9.22 16.61
N ALA C 155 -21.00 -10.47 16.47
CA ALA C 155 -20.35 -11.58 17.16
C ALA C 155 -18.89 -11.69 16.75
N PHE C 156 -18.66 -11.64 15.45
CA PHE C 156 -17.31 -11.71 14.90
C PHE C 156 -16.52 -10.46 15.27
N TYR C 157 -17.22 -9.33 15.33
CA TYR C 157 -16.59 -8.06 15.69
C TYR C 157 -16.19 -8.07 17.16
N THR C 158 -17.00 -8.73 17.98
CA THR C 158 -16.73 -8.83 19.41
C THR C 158 -15.40 -9.56 19.61
N LEU C 159 -15.15 -10.54 18.77
CA LEU C 159 -13.92 -11.32 18.84
C LEU C 159 -12.71 -10.42 18.61
N VAL C 160 -12.82 -9.51 17.64
CA VAL C 160 -11.73 -8.58 17.34
C VAL C 160 -11.50 -7.67 18.54
N ARG C 161 -12.60 -7.23 19.16
CA ARG C 161 -12.56 -6.36 20.33
C ARG C 161 -11.85 -7.08 21.47
N GLU C 162 -12.15 -8.36 21.63
CA GLU C 162 -11.54 -9.18 22.68
C GLU C 162 -10.01 -9.24 22.52
N ILE C 163 -9.57 -9.55 21.30
CA ILE C 163 -8.15 -9.65 21.00
C ILE C 163 -7.46 -8.30 21.21
N ARG C 164 -8.13 -7.23 20.80
CA ARG C 164 -7.58 -5.88 20.95
C ARG C 164 -7.31 -5.57 22.42
N LYS C 165 -8.23 -5.97 23.29
CA LYS C 165 -8.08 -5.74 24.72
C LYS C 165 -7.03 -6.69 25.29
N HIS C 166 -6.92 -7.86 24.70
CA HIS C 166 -5.96 -8.87 25.14
C HIS C 166 -4.53 -8.37 24.93
N LYS C 167 -4.31 -7.69 23.80
CA LYS C 167 -2.99 -7.15 23.48
C LYS C 167 -2.54 -6.15 24.55
N GLU C 168 -3.45 -5.26 24.92
CA GLU C 168 -3.15 -4.25 25.94
C GLU C 168 -2.95 -4.93 27.30
N LYS C 169 -3.74 -5.97 27.56
CA LYS C 169 -3.66 -6.70 28.82
C LYS C 169 -2.27 -7.30 28.98
N MET C 170 -1.79 -7.95 27.92
CA MET C 170 -0.47 -8.58 27.94
C MET C 170 0.64 -7.55 28.20
N SER C 171 0.43 -6.34 27.70
CA SER C 171 1.40 -5.27 27.85
C SER C 171 1.41 -4.73 29.28
N LYS C 172 0.23 -4.56 29.87
CA LYS C 172 0.11 -4.05 31.23
C LYS C 172 0.47 -5.09 32.28
N ASP C 173 0.17 -6.35 31.97
CA ASP C 173 0.46 -7.46 32.87
C ASP C 173 1.95 -7.77 32.87
N GLY C 174 2.50 -8.00 31.69
CA GLY C 174 3.90 -8.33 31.56
C GLY C 174 4.05 -9.81 31.27
N LYS C 175 3.25 -10.61 31.97
CA LYS C 175 3.25 -12.05 31.80
C LYS C 175 1.81 -12.56 31.90
N LYS C 176 1.42 -13.02 33.08
CA LYS C 176 0.07 -13.53 33.29
C LYS C 176 -0.23 -13.62 34.78
N LYS C 177 -0.76 -12.53 35.33
CA LYS C 177 -1.11 -12.47 36.74
C LYS C 177 -2.56 -12.01 36.91
N LYS C 178 -3.48 -12.96 36.93
CA LYS C 178 -4.89 -12.64 37.07
C LYS C 178 -5.28 -12.57 38.55
N LYS C 179 -5.23 -11.36 39.09
CA LYS C 179 -5.57 -11.12 40.49
C LYS C 179 -5.98 -9.67 40.68
N LYS C 180 -7.25 -9.45 40.95
CA LYS C 180 -7.75 -8.11 41.16
C LYS C 180 -7.57 -7.68 42.61
N SER C 181 -8.45 -8.15 43.49
CA SER C 181 -8.41 -7.83 44.92
C SER C 181 -8.37 -6.33 45.15
N LYS C 182 -9.29 -5.61 44.51
CA LYS C 182 -9.34 -4.18 44.63
C LYS C 182 -10.74 -3.68 44.27
N THR C 183 -10.90 -2.35 44.15
CA THR C 183 -12.18 -1.75 43.80
C THR C 183 -13.18 -1.84 44.94
N LYS C 184 -13.23 -0.80 45.76
CA LYS C 184 -14.15 -0.76 46.89
C LYS C 184 -15.49 -0.20 46.46
N CYS C 185 -16.57 -0.84 46.92
CA CYS C 185 -17.93 -0.41 46.59
C CYS C 185 -18.18 -0.45 45.09
N ASN D 1 -7.42 -38.70 1.04
CA ASN D 1 -7.77 -38.37 -0.34
C ASN D 1 -8.39 -36.98 -0.39
N THR D 2 -7.58 -35.98 -0.09
CA THR D 2 -8.03 -34.60 -0.10
C THR D 2 -7.34 -33.81 -1.21
N ILE D 3 -8.08 -32.88 -1.79
CA ILE D 3 -7.55 -32.05 -2.87
C ILE D 3 -7.56 -30.58 -2.46
N ARG D 4 -6.39 -29.96 -2.45
CA ARG D 4 -6.27 -28.56 -2.07
C ARG D 4 -6.68 -27.65 -3.23
N VAL D 5 -7.97 -27.40 -3.32
CA VAL D 5 -8.49 -26.53 -4.37
C VAL D 5 -8.23 -25.07 -4.03
N PHE D 6 -7.48 -24.39 -4.87
CA PHE D 6 -7.16 -22.99 -4.64
C PHE D 6 -8.06 -22.09 -5.47
N LEU D 7 -8.73 -21.17 -4.80
CA LEU D 7 -9.63 -20.24 -5.45
C LEU D 7 -8.87 -18.95 -5.79
N PRO D 8 -9.46 -18.06 -6.61
CA PRO D 8 -8.84 -16.79 -6.99
C PRO D 8 -8.36 -15.98 -5.79
N ASN D 9 -7.36 -15.13 -6.02
CA ASN D 9 -6.79 -14.26 -4.98
C ASN D 9 -5.91 -15.04 -4.00
N LYS D 10 -6.49 -15.50 -2.89
CA LYS D 10 -5.73 -16.22 -1.88
C LYS D 10 -6.63 -17.10 -1.02
N GLN D 11 -7.71 -17.59 -1.60
CA GLN D 11 -8.64 -18.43 -0.86
C GLN D 11 -8.45 -19.88 -1.25
N ARG D 12 -8.60 -20.76 -0.27
CA ARG D 12 -8.45 -22.20 -0.51
C ARG D 12 -9.57 -22.98 0.16
N THR D 13 -10.11 -23.95 -0.57
CA THR D 13 -11.18 -24.79 -0.06
C THR D 13 -10.84 -26.27 -0.31
N VAL D 14 -10.25 -26.89 0.70
CA VAL D 14 -9.84 -28.28 0.63
C VAL D 14 -11.02 -29.19 0.96
N VAL D 15 -11.51 -29.89 -0.04
CA VAL D 15 -12.63 -30.78 0.15
C VAL D 15 -12.20 -32.24 -0.02
N ASN D 16 -12.96 -33.14 0.56
CA ASN D 16 -12.67 -34.56 0.48
C ASN D 16 -13.55 -35.21 -0.58
N VAL D 17 -12.92 -35.71 -1.64
CA VAL D 17 -13.65 -36.35 -2.71
C VAL D 17 -13.59 -37.87 -2.57
N ARG D 18 -14.69 -38.54 -2.88
CA ARG D 18 -14.77 -39.98 -2.79
C ARG D 18 -15.72 -40.51 -3.86
N ASN D 19 -15.64 -41.83 -4.12
CA ASN D 19 -16.50 -42.48 -5.12
C ASN D 19 -16.13 -42.11 -6.54
N GLY D 20 -16.51 -40.92 -6.96
CA GLY D 20 -16.20 -40.46 -8.31
C GLY D 20 -16.61 -39.03 -8.53
N MET D 21 -15.69 -38.11 -8.26
CA MET D 21 -15.94 -36.68 -8.42
C MET D 21 -14.90 -36.04 -9.33
N SER D 22 -15.37 -35.39 -10.39
CA SER D 22 -14.46 -34.72 -11.32
C SER D 22 -14.32 -33.25 -10.94
N LEU D 23 -13.53 -32.51 -11.70
CA LEU D 23 -13.31 -31.08 -11.46
C LEU D 23 -14.63 -30.32 -11.42
N HIS D 24 -15.49 -30.60 -12.40
CA HIS D 24 -16.79 -29.94 -12.49
C HIS D 24 -17.68 -30.27 -11.28
N ASP D 25 -17.55 -31.49 -10.77
CA ASP D 25 -18.35 -31.92 -9.62
C ASP D 25 -17.94 -31.20 -8.35
N CYS D 26 -16.64 -31.09 -8.14
CA CYS D 26 -16.10 -30.43 -6.96
C CYS D 26 -16.41 -28.93 -6.99
N LEU D 27 -16.19 -28.31 -8.15
CA LEU D 27 -16.44 -26.89 -8.31
C LEU D 27 -17.93 -26.54 -8.21
N MET D 28 -18.79 -27.53 -8.43
CA MET D 28 -20.23 -27.34 -8.35
C MET D 28 -20.67 -27.02 -6.93
N LYS D 29 -19.79 -27.31 -5.97
CA LYS D 29 -20.08 -27.05 -4.58
C LYS D 29 -19.96 -25.57 -4.24
N ALA D 30 -18.77 -25.02 -4.47
CA ALA D 30 -18.51 -23.62 -4.15
C ALA D 30 -19.07 -22.67 -5.20
N LEU D 31 -19.39 -23.18 -6.39
CA LEU D 31 -19.93 -22.34 -7.46
C LEU D 31 -21.19 -21.60 -7.02
N LYS D 32 -22.05 -22.27 -6.26
CA LYS D 32 -23.28 -21.67 -5.78
C LYS D 32 -23.05 -20.87 -4.50
N VAL D 33 -22.06 -21.30 -3.73
CA VAL D 33 -21.74 -20.63 -2.46
C VAL D 33 -21.01 -19.31 -2.71
N ARG D 34 -20.01 -19.34 -3.58
CA ARG D 34 -19.22 -18.17 -3.89
C ARG D 34 -19.93 -17.25 -4.89
N GLY D 35 -20.96 -17.78 -5.54
CA GLY D 35 -21.72 -17.00 -6.50
C GLY D 35 -20.87 -16.44 -7.61
N LEU D 36 -20.35 -17.32 -8.46
CA LEU D 36 -19.50 -16.90 -9.57
C LEU D 36 -19.98 -17.56 -10.86
N GLN D 37 -19.48 -17.07 -12.00
CA GLN D 37 -19.85 -17.65 -13.30
C GLN D 37 -18.76 -18.59 -13.80
N PRO D 38 -19.10 -19.86 -14.02
CA PRO D 38 -18.16 -20.89 -14.48
C PRO D 38 -17.62 -20.60 -15.88
N GLU D 39 -18.33 -19.78 -16.63
CA GLU D 39 -17.92 -19.42 -17.99
C GLU D 39 -16.60 -18.65 -17.99
N CYS D 40 -16.36 -17.89 -16.93
CA CYS D 40 -15.15 -17.09 -16.82
C CYS D 40 -14.09 -17.78 -15.97
N CYS D 41 -14.38 -19.00 -15.54
CA CYS D 41 -13.44 -19.74 -14.71
C CYS D 41 -12.71 -20.80 -15.53
N ALA D 42 -11.40 -20.92 -15.30
CA ALA D 42 -10.58 -21.88 -16.00
C ALA D 42 -9.86 -22.79 -15.00
N VAL D 43 -9.91 -24.08 -15.25
CA VAL D 43 -9.26 -25.05 -14.36
C VAL D 43 -7.81 -25.26 -14.75
N PHE D 44 -6.92 -25.09 -13.77
CA PHE D 44 -5.50 -25.26 -13.97
C PHE D 44 -4.98 -26.34 -13.01
N ARG D 45 -3.68 -26.33 -12.73
CA ARG D 45 -3.08 -27.29 -11.83
C ARG D 45 -1.65 -26.90 -11.50
N LEU D 46 -1.11 -27.50 -10.45
CA LEU D 46 0.26 -27.24 -9.98
C LEU D 46 1.28 -27.23 -11.13
N LEU D 47 1.99 -26.12 -11.25
CA LEU D 47 3.00 -25.95 -12.28
C LEU D 47 4.22 -26.79 -11.96
N GLN D 48 4.38 -27.89 -12.67
CA GLN D 48 5.52 -28.78 -12.44
C GLN D 48 6.74 -28.33 -13.24
N GLU D 49 7.50 -27.42 -12.65
CA GLU D 49 8.73 -26.89 -13.27
C GLU D 49 8.42 -26.21 -14.59
N HIS D 50 7.54 -25.22 -14.56
CA HIS D 50 7.17 -24.51 -15.77
C HIS D 50 7.91 -23.17 -15.86
N LYS D 51 7.55 -22.35 -16.84
CA LYS D 51 8.18 -21.06 -17.02
C LYS D 51 7.41 -20.01 -16.24
N GLY D 52 6.25 -20.40 -15.72
CA GLY D 52 5.43 -19.47 -14.97
C GLY D 52 4.06 -19.27 -15.58
N LYS D 53 3.65 -20.17 -16.46
CA LYS D 53 2.36 -20.08 -17.10
C LYS D 53 1.40 -21.10 -16.51
N LYS D 54 0.19 -20.67 -16.21
CA LYS D 54 -0.83 -21.54 -15.63
C LYS D 54 -1.08 -22.74 -16.54
N ALA D 55 -0.84 -23.93 -16.04
CA ALA D 55 -1.05 -25.16 -16.80
C ALA D 55 -2.53 -25.52 -16.77
N ARG D 56 -3.18 -25.39 -17.92
CA ARG D 56 -4.60 -25.67 -18.04
C ARG D 56 -4.90 -27.17 -17.97
N LEU D 57 -5.96 -27.52 -17.26
CA LEU D 57 -6.39 -28.90 -17.10
C LEU D 57 -7.68 -29.13 -17.87
N ASP D 58 -8.46 -30.12 -17.42
CA ASP D 58 -9.73 -30.44 -18.04
C ASP D 58 -10.83 -30.49 -16.98
N TRP D 59 -12.09 -30.63 -17.40
CA TRP D 59 -13.19 -30.66 -16.46
C TRP D 59 -13.60 -32.09 -16.12
N ASN D 60 -13.20 -33.04 -16.97
CA ASN D 60 -13.54 -34.45 -16.76
C ASN D 60 -12.44 -35.17 -15.98
N THR D 61 -11.45 -34.40 -15.53
CA THR D 61 -10.35 -34.96 -14.77
C THR D 61 -10.80 -35.41 -13.37
N ASP D 62 -10.25 -36.52 -12.90
CA ASP D 62 -10.60 -37.07 -11.59
C ASP D 62 -9.75 -36.41 -10.51
N ALA D 63 -10.40 -35.98 -9.44
CA ALA D 63 -9.72 -35.32 -8.34
C ALA D 63 -8.90 -36.32 -7.52
N ALA D 64 -9.30 -37.59 -7.57
CA ALA D 64 -8.59 -38.63 -6.83
C ALA D 64 -7.20 -38.87 -7.40
N SER D 65 -7.06 -38.70 -8.71
CA SER D 65 -5.78 -38.89 -9.37
C SER D 65 -4.84 -37.71 -9.10
N LEU D 66 -5.39 -36.62 -8.58
CA LEU D 66 -4.61 -35.43 -8.31
C LEU D 66 -4.33 -35.27 -6.82
N ILE D 67 -4.38 -36.37 -6.08
CA ILE D 67 -4.11 -36.33 -4.65
C ILE D 67 -2.67 -35.89 -4.39
N GLY D 68 -2.52 -34.78 -3.68
CA GLY D 68 -1.21 -34.25 -3.40
C GLY D 68 -0.89 -33.06 -4.29
N GLU D 69 -1.37 -33.13 -5.52
CA GLU D 69 -1.16 -32.05 -6.48
C GLU D 69 -2.17 -30.94 -6.23
N GLU D 70 -1.67 -29.74 -6.00
CA GLU D 70 -2.53 -28.59 -5.75
C GLU D 70 -3.20 -28.14 -7.04
N LEU D 71 -4.20 -27.28 -6.94
CA LEU D 71 -4.92 -26.83 -8.11
C LEU D 71 -5.36 -25.37 -7.98
N GLN D 72 -4.55 -24.47 -8.53
CA GLN D 72 -4.85 -23.05 -8.50
C GLN D 72 -5.82 -22.67 -9.63
N VAL D 73 -7.06 -22.39 -9.25
CA VAL D 73 -8.09 -21.98 -10.22
C VAL D 73 -8.05 -20.46 -10.39
N ASP D 74 -8.23 -20.00 -11.62
CA ASP D 74 -8.21 -18.58 -11.90
C ASP D 74 -9.24 -18.22 -12.98
N PHE D 75 -9.31 -16.95 -13.31
CA PHE D 75 -10.24 -16.46 -14.32
C PHE D 75 -9.53 -16.28 -15.66
N LEU D 76 -10.31 -16.30 -16.74
CA LEU D 76 -9.74 -16.12 -18.07
C LEU D 76 -9.80 -14.65 -18.50
N ASP D 77 -10.01 -14.41 -19.79
CA ASP D 77 -10.09 -13.05 -20.31
C ASP D 77 -11.41 -12.38 -19.92
N HIS D 78 -11.49 -11.92 -18.68
CA HIS D 78 -12.68 -11.27 -18.16
C HIS D 78 -12.32 -10.41 -16.95
N VAL D 79 -13.30 -10.06 -16.13
CA VAL D 79 -13.07 -9.24 -14.95
C VAL D 79 -13.12 -10.10 -13.68
N PRO D 80 -11.97 -10.39 -13.09
CA PRO D 80 -11.87 -11.20 -11.88
C PRO D 80 -11.86 -10.35 -10.61
N LEU D 81 -11.74 -11.04 -9.47
CA LEU D 81 -11.70 -10.41 -8.15
C LEU D 81 -12.98 -9.64 -7.80
N THR D 82 -12.93 -8.96 -6.66
CA THR D 82 -14.06 -8.17 -6.18
C THR D 82 -13.89 -6.71 -6.55
N THR D 83 -14.86 -6.17 -7.27
CA THR D 83 -14.82 -4.78 -7.67
C THR D 83 -15.36 -3.86 -6.57
N HIS D 84 -14.87 -2.63 -6.53
CA HIS D 84 -15.30 -1.67 -5.54
C HIS D 84 -16.81 -1.41 -5.64
N ASN D 85 -17.49 -1.45 -4.51
CA ASN D 85 -18.92 -1.24 -4.45
C ASN D 85 -19.25 0.05 -3.72
N PHE D 86 -20.06 0.88 -4.34
CA PHE D 86 -20.45 2.15 -3.74
C PHE D 86 -21.65 1.97 -2.81
N ALA D 87 -21.36 1.58 -1.57
CA ALA D 87 -22.42 1.40 -0.58
C ALA D 87 -22.72 2.71 0.12
N ARG D 88 -23.94 3.20 -0.08
CA ARG D 88 -24.37 4.46 0.52
C ARG D 88 -25.14 4.20 1.81
N LYS D 89 -24.59 4.67 2.92
CA LYS D 89 -25.20 4.49 4.22
C LYS D 89 -24.58 5.45 5.24
N THR D 90 -25.18 5.51 6.41
CA THR D 90 -24.71 6.36 7.49
C THR D 90 -23.48 5.75 8.16
N PHE D 91 -22.76 6.56 8.92
CA PHE D 91 -21.56 6.10 9.60
C PHE D 91 -21.84 5.75 11.06
N LEU D 92 -21.05 4.84 11.62
CA LEU D 92 -21.22 4.42 13.00
C LEU D 92 -20.51 5.39 13.94
N LYS D 93 -19.54 6.10 13.39
CA LYS D 93 -18.75 7.07 14.14
C LYS D 93 -18.31 8.20 13.22
N LEU D 94 -17.98 9.35 13.79
CA LEU D 94 -17.54 10.49 13.00
C LEU D 94 -16.09 10.30 12.55
N ALA D 95 -15.93 9.91 11.29
CA ALA D 95 -14.61 9.69 10.73
C ALA D 95 -14.20 10.86 9.83
N PHE D 96 -13.04 10.75 9.22
CA PHE D 96 -12.53 11.77 8.32
C PHE D 96 -12.37 11.20 6.92
N CYS D 97 -12.13 12.06 5.94
CA CYS D 97 -11.96 11.62 4.57
C CYS D 97 -10.54 11.13 4.36
N ASP D 98 -10.38 10.20 3.43
CA ASP D 98 -9.06 9.66 3.12
C ASP D 98 -8.45 10.47 2.00
N ILE D 99 -9.28 11.32 1.38
CA ILE D 99 -8.83 12.15 0.27
C ILE D 99 -8.90 13.64 0.63
N CYS D 100 -10.03 14.04 1.18
CA CYS D 100 -10.24 15.44 1.56
C CYS D 100 -9.69 15.72 2.95
N GLN D 101 -9.72 16.99 3.33
CA GLN D 101 -9.23 17.43 4.64
C GLN D 101 -10.40 17.67 5.58
N LYS D 102 -11.58 17.24 5.16
CA LYS D 102 -12.78 17.41 5.95
C LYS D 102 -13.24 16.08 6.54
N PHE D 103 -14.21 16.15 7.45
CA PHE D 103 -14.74 14.94 8.09
C PHE D 103 -15.69 14.21 7.15
N LEU D 104 -15.92 12.93 7.42
CA LEU D 104 -16.80 12.11 6.59
C LEU D 104 -18.22 12.11 7.15
N LEU D 105 -19.17 12.37 6.27
CA LEU D 105 -20.58 12.38 6.63
C LEU D 105 -21.29 11.22 5.95
N ASN D 106 -22.57 11.40 5.63
CA ASN D 106 -23.35 10.36 4.96
C ASN D 106 -22.99 10.27 3.48
N GLY D 107 -21.79 9.78 3.21
CA GLY D 107 -21.31 9.64 1.84
C GLY D 107 -21.33 8.21 1.37
N PHE D 108 -20.15 7.69 1.03
CA PHE D 108 -20.04 6.32 0.54
C PHE D 108 -18.94 5.57 1.26
N ARG D 109 -19.05 4.25 1.26
CA ARG D 109 -18.07 3.38 1.90
C ARG D 109 -18.17 1.99 1.27
N CYS D 110 -17.06 1.43 0.85
CA CYS D 110 -17.04 0.12 0.22
C CYS D 110 -17.64 -0.97 1.10
N GLN D 111 -18.29 -1.93 0.45
CA GLN D 111 -18.90 -3.06 1.14
C GLN D 111 -17.91 -4.21 1.27
N THR D 112 -17.03 -4.34 0.29
CA THR D 112 -16.04 -5.41 0.27
C THR D 112 -14.61 -4.88 0.47
N CYS D 113 -14.38 -3.60 0.19
CA CYS D 113 -13.05 -3.02 0.36
C CYS D 113 -12.89 -2.37 1.74
N GLY D 114 -13.80 -1.46 2.07
CA GLY D 114 -13.76 -0.80 3.35
C GLY D 114 -12.94 0.49 3.36
N TYR D 115 -13.46 1.52 2.72
CA TYR D 115 -12.78 2.81 2.68
C TYR D 115 -13.77 3.94 2.90
N LYS D 116 -13.28 5.07 3.38
CA LYS D 116 -14.13 6.22 3.64
C LYS D 116 -13.85 7.36 2.67
N PHE D 117 -14.90 7.85 2.02
CA PHE D 117 -14.76 8.94 1.05
C PHE D 117 -16.11 9.65 0.85
N HIS D 118 -16.06 10.85 0.27
CA HIS D 118 -17.27 11.64 0.03
C HIS D 118 -17.84 11.32 -1.35
N GLU D 119 -18.86 12.07 -1.74
CA GLU D 119 -19.51 11.89 -3.04
C GLU D 119 -18.65 12.46 -4.17
N HIS D 120 -17.70 13.32 -3.79
CA HIS D 120 -16.80 13.94 -4.75
C HIS D 120 -15.54 13.09 -4.92
N CYS D 121 -15.11 12.45 -3.84
CA CYS D 121 -13.93 11.61 -3.86
C CYS D 121 -14.19 10.32 -4.64
N SER D 122 -15.46 9.98 -4.81
CA SER D 122 -15.85 8.77 -5.53
C SER D 122 -15.24 8.72 -6.92
N THR D 123 -15.19 9.86 -7.58
CA THR D 123 -14.63 9.94 -8.91
C THR D 123 -13.33 10.75 -8.90
N LYS D 124 -12.66 10.76 -7.76
CA LYS D 124 -11.41 11.49 -7.63
C LYS D 124 -10.30 10.66 -6.99
N VAL D 125 -10.69 9.66 -6.21
CA VAL D 125 -9.74 8.79 -5.54
C VAL D 125 -8.91 7.98 -6.54
N PRO D 126 -7.58 8.19 -6.55
CA PRO D 126 -6.67 7.48 -7.44
C PRO D 126 -6.36 6.07 -6.90
N THR D 127 -6.37 5.95 -5.59
CA THR D 127 -6.10 4.69 -4.91
C THR D 127 -7.14 3.63 -5.29
N MET D 128 -6.70 2.38 -5.38
CA MET D 128 -7.57 1.28 -5.74
C MET D 128 -7.98 0.48 -4.50
N CYS D 129 -9.20 -0.02 -4.52
CA CYS D 129 -9.73 -0.80 -3.42
C CYS D 129 -9.27 -2.26 -3.48
N VAL D 130 -8.58 -2.62 -4.56
CA VAL D 130 -8.09 -3.98 -4.73
C VAL D 130 -6.92 -4.26 -3.80
N ASP D 131 -7.13 -5.13 -2.83
CA ASP D 131 -6.10 -5.49 -1.87
C ASP D 131 -5.97 -7.00 -1.77
N TRP D 132 -4.75 -7.50 -1.94
CA TRP D 132 -4.50 -8.93 -1.90
C TRP D 132 -3.62 -9.31 -0.71
C1 PCW E . 3.70 -13.39 -23.04
C2 PCW E . 5.06 -14.09 -23.12
C3 PCW E . 5.89 -13.39 -24.18
C4 PCW E . 0.29 -15.36 -20.50
C5 PCW E . -0.10 -15.78 -19.08
C6 PCW E . -1.85 -15.25 -17.39
C7 PCW E . -2.15 -14.47 -19.76
C8 PCW E . -2.53 -15.95 -19.70
C11 PCW E . 8.01 -13.09 -24.99
C12 PCW E . 9.51 -13.34 -25.07
C13 PCW E . 9.89 -14.18 -26.28
C14 PCW E . 11.40 -14.41 -26.31
C15 PCW E . 11.83 -15.24 -27.52
C16 PCW E . 13.34 -15.47 -27.52
C17 PCW E . 13.79 -16.28 -28.73
C18 PCW E . 15.30 -16.50 -28.70
C19 PCW E . 15.74 -17.24 -29.79
C20 PCW E . 16.50 -18.38 -29.60
C21 PCW E . 16.82 -18.81 -28.32
C22 PCW E . 17.66 -17.75 -27.59
C23 PCW E . 18.02 -18.23 -26.18
C24 PCW E . 18.84 -17.17 -25.44
C25 PCW E . 18.04 -15.89 -25.22
C26 PCW E . 16.80 -16.15 -24.36
C27 PCW E . 16.00 -14.87 -24.15
C28 PCW E . 14.76 -15.13 -23.27
C31 PCW E . 6.77 -14.84 -21.79
C32 PCW E . 7.68 -14.86 -20.57
C33 PCW E . 9.11 -15.16 -20.97
C34 PCW E . 10.06 -15.12 -19.77
C35 PCW E . 11.50 -15.42 -20.21
C36 PCW E . 12.48 -15.31 -19.05
C37 PCW E . 13.90 -15.63 -19.51
C38 PCW E . 14.90 -15.50 -18.36
C39 PCW E . 16.19 -15.82 -18.78
C40 PCW E . 17.10 -14.81 -19.08
C41 PCW E . 16.74 -13.48 -18.98
C42 PCW E . 17.84 -12.57 -19.52
C43 PCW E . 18.12 -12.86 -21.00
C44 PCW E . 19.19 -11.93 -21.56
C45 PCW E . 20.52 -12.09 -20.80
C46 PCW E . 21.58 -11.15 -21.36
C47 PCW E . 22.90 -11.30 -20.60
C48 PCW E . 23.97 -10.36 -21.16
N PCW E . -1.50 -15.40 -18.81
O2 PCW E . 5.72 -13.96 -21.85
O3 PCW E . 7.25 -13.82 -24.12
O11 PCW E . 7.47 -12.25 -25.70
O31 PCW E . 6.94 -15.64 -22.71
O1P PCW E . 1.21 -15.41 -23.22
O2P PCW E . 3.42 -16.38 -22.42
O3P PCW E . 2.87 -13.96 -22.03
O4P PCW E . 1.64 -15.75 -20.75
P PCW E . 2.29 -15.46 -22.20
C1 PCW F . -11.89 32.56 -7.72
C2 PCW F . -10.72 33.45 -7.29
C3 PCW F . -11.21 34.88 -7.15
C4 PCW F . -12.60 32.99 -3.35
C5 PCW F . -11.56 33.51 -2.36
C6 PCW F . -13.35 35.11 -1.75
C7 PCW F . -12.37 33.61 0.02
C8 PCW F . -11.41 34.77 -0.19
C11 PCW F . -9.84 35.75 -5.53
C12 PCW F . -8.68 36.59 -5.00
C13 PCW F . -8.87 38.06 -5.35
C14 PCW F . -7.72 38.92 -4.83
C15 PCW F . -7.93 40.39 -5.21
C16 PCW F . -8.01 40.55 -6.73
C17 PCW F . -8.29 42.01 -7.11
C18 PCW F . -7.18 42.93 -6.60
C19 PCW F . -7.44 44.25 -6.96
C20 PCW F . -6.40 45.16 -7.12
C21 PCW F . -5.08 44.74 -6.92
C22 PCW F . -4.11 45.64 -7.68
C23 PCW F . -4.37 45.59 -9.19
C24 PCW F . -3.42 46.52 -9.93
C25 PCW F . -3.66 46.47 -11.44
C26 PCW F . -3.40 45.06 -11.99
C27 PCW F . -3.61 45.02 -13.50
C28 PCW F . -3.30 43.63 -14.06
C31 PCW F . -9.53 31.80 -6.26
C32 PCW F . -8.86 31.09 -5.08
C33 PCW F . -7.66 31.88 -4.54
C34 PCW F . -6.49 31.87 -5.53
C35 PCW F . -6.85 32.50 -6.87
C36 PCW F . -5.67 32.43 -7.83
C37 PCW F . -6.06 32.96 -9.22
C38 PCW F . -4.88 32.87 -10.19
C39 PCW F . -5.25 33.30 -11.46
C40 PCW F . -4.27 33.71 -12.36
C41 PCW F . -2.93 33.70 -12.00
C42 PCW F . -2.05 33.18 -13.15
C43 PCW F . -2.20 34.05 -14.39
C44 PCW F . -1.33 33.53 -15.53
C45 PCW F . -1.47 34.41 -16.77
C46 PCW F . -2.93 34.44 -17.26
C47 PCW F . -3.06 35.31 -18.51
C48 PCW F . -4.51 35.36 -19.00
N PCW F . -12.24 34.27 -1.28
O2 PCW F . -10.16 32.99 -6.07
O3 PCW F . -10.11 35.76 -6.86
O11 PCW F . -10.54 35.09 -4.76
O31 PCW F . -9.51 31.29 -7.38
O1P PCW F . -14.18 31.27 -4.97
O2P PCW F . -12.05 30.29 -5.95
O3P PCW F . -12.92 32.51 -6.72
O4P PCW F . -11.94 32.28 -4.41
P PCW F . -12.80 31.48 -5.50
C1 PCW G . -5.43 0.87 -29.52
C2 PCW G . -4.20 1.19 -30.39
C3 PCW G . -3.59 2.53 -29.99
C4 PCW G . -1.88 2.44 -27.06
C5 PCW G . -1.86 2.38 -25.53
C6 PCW G . -1.72 -0.06 -25.89
C7 PCW G . 0.00 1.08 -24.46
C8 PCW G . -1.25 0.87 -23.61
C11 PCW G . -1.94 4.04 -30.51
C12 PCW G . -0.68 4.53 -31.22
C13 PCW G . -0.88 5.93 -31.78
C14 PCW G . 0.37 6.42 -32.50
C15 PCW G . 0.18 7.84 -33.05
C16 PCW G . -0.09 8.84 -31.92
C17 PCW G . -0.24 10.25 -32.47
C18 PCW G . -0.51 11.25 -31.34
C19 PCW G . -0.62 12.54 -31.83
C20 PCW G . -1.15 13.54 -31.02
C21 PCW G . -1.55 13.25 -29.73
C22 PCW G . -1.30 14.43 -28.79
C23 PCW G . -1.77 14.12 -27.37
C24 PCW G . -1.52 15.30 -26.43
C25 PCW G . -0.03 15.65 -26.39
C26 PCW G . 0.23 16.83 -25.44
C27 PCW G . 1.71 17.17 -25.38
C28 PCW G . 1.97 18.38 -24.49
C31 PCW G . -2.41 0.14 -31.35
C32 PCW G . -1.28 -0.89 -31.43
C33 PCW G . -0.22 -0.44 -32.45
C34 PCW G . 0.36 0.92 -32.08
C35 PCW G . 1.41 1.37 -33.10
C36 PCW G . 1.96 2.75 -32.74
C37 PCW G . 2.96 3.21 -33.80
C38 PCW G . 3.49 4.61 -33.47
C39 PCW G . 4.36 5.05 -34.47
C40 PCW G . 5.31 6.03 -34.19
C41 PCW G . 5.42 6.57 -32.91
C42 PCW G . 6.08 7.94 -32.98
C43 PCW G . 5.24 8.92 -33.81
C44 PCW G . 5.96 10.26 -33.98
C45 PCW G . 7.27 10.07 -34.74
C46 PCW G . 7.02 9.46 -36.12
C47 PCW G . 8.33 9.23 -36.88
C48 PCW G . 8.06 8.62 -38.26
N PCW G . -1.34 1.09 -25.07
O2 PCW G . -3.25 0.13 -30.27
O3 PCW G . -2.43 2.79 -30.79
O11 PCW G . -2.52 4.74 -29.69
O31 PCW G . -2.59 0.94 -32.26
O1P PCW G . -4.86 2.95 -27.62
O2P PCW G . -4.58 1.19 -25.80
O3P PCW G . -5.05 0.53 -28.18
O4P PCW G . -2.80 1.48 -27.57
P PCW G . -4.37 1.61 -27.21
C1 PCW H . 5.76 4.12 25.94
C2 PCW H . 7.00 4.57 26.72
C3 PCW H . 7.90 3.37 26.97
C4 PCW H . 5.35 3.61 21.48
C5 PCW H . 5.25 2.53 20.40
C6 PCW H . 4.21 3.59 18.42
C7 PCW H . 3.11 1.59 19.47
C8 PCW H . 2.76 2.81 20.32
C11 PCW H . 8.76 4.39 28.85
C12 PCW H . 9.86 4.99 29.71
C13 PCW H . 11.22 4.37 29.39
C14 PCW H . 12.34 5.13 30.10
C15 PCW H . 12.40 6.57 29.62
C16 PCW H . 13.53 7.35 30.31
C17 PCW H . 13.58 8.80 29.81
C18 PCW H . 14.71 9.58 30.48
C19 PCW H . 14.75 10.89 30.00
C20 PCW H . 15.52 11.85 30.65
C21 PCW H . 16.24 11.52 31.78
C22 PCW H . 17.74 11.50 31.50
C23 PCW H . 18.55 11.20 32.77
C24 PCW H . 20.05 11.22 32.48
C25 PCW H . 20.85 10.92 33.76
C26 PCW H . 22.35 10.95 33.50
C27 PCW H . 22.75 9.92 32.46
C28 PCW H . 24.26 9.93 32.22
C31 PCW H . 7.18 6.77 26.12
C32 PCW H . 7.80 7.98 25.42
C33 PCW H . 8.71 8.76 26.37
C34 PCW H . 9.34 9.96 25.66
C35 PCW H . 10.26 10.75 26.61
C36 PCW H . 10.90 11.93 25.88
C37 PCW H . 11.79 12.73 26.84
C38 PCW H . 10.98 13.30 28.00
C39 PCW H . 11.79 14.00 28.88
C40 PCW H . 11.90 15.38 28.81
C41 PCW H . 11.19 16.09 27.85
C42 PCW H . 11.55 17.58 27.88
C43 PCW H . 11.22 18.20 29.22
C44 PCW H . 11.62 19.68 29.27
C45 PCW H . 10.90 20.47 28.16
C46 PCW H . 11.29 21.95 28.21
C47 PCW H . 10.58 22.74 27.10
C48 PCW H . 10.99 24.21 27.14
N PCW H . 4.04 2.74 19.60
O2 PCW H . 7.73 5.54 25.95
O3 PCW H . 9.08 3.83 27.65
O11 PCW H . 7.59 4.37 29.23
O31 PCW H . 6.20 6.91 26.86
O1P PCW H . 6.15 5.62 23.39
O2P PCW H . 8.31 4.33 23.80
O3P PCW H . 6.12 3.49 24.70
O4P PCW H . 6.55 3.41 22.24
P PCW H . 6.85 4.32 23.53
C1 PCW I . -8.87 34.49 2.66
C2 PCW I . -7.69 34.14 1.75
C3 PCW I . -7.88 34.75 0.37
C4 PCW I . -6.86 30.86 3.30
C5 PCW I . -6.08 30.36 2.10
C6 PCW I . -4.32 30.03 3.81
C7 PCW I . -4.95 28.12 2.30
C8 PCW I . -4.01 29.04 1.53
C11 PCW I . -6.87 34.93 -1.70
C12 PCW I . -5.79 34.64 -2.75
C13 PCW I . -5.80 35.67 -3.87
C14 PCW I . -4.66 35.39 -4.85
C15 PCW I . -4.64 36.41 -6.00
C16 PCW I . -4.55 37.83 -5.44
C17 PCW I . -4.35 38.85 -6.57
C18 PCW I . -4.40 40.28 -6.04
C19 PCW I . -4.10 41.22 -7.01
C20 PCW I . -4.57 41.10 -8.32
C21 PCW I . -5.35 40.03 -8.72
C22 PCW I . -4.90 39.52 -10.09
C23 PCW I . -5.76 38.36 -10.57
C24 PCW I . -5.29 37.87 -11.94
C25 PCW I . -6.14 36.69 -12.43
C26 PCW I . -5.66 36.21 -13.80
C27 PCW I . -6.50 35.02 -14.29
C28 PCW I . -6.03 34.55 -15.67
C31 PCW I . -5.41 33.93 1.84
C32 PCW I . -4.00 34.31 2.27
C33 PCW I . -3.40 35.30 1.26
C34 PCW I . -4.20 36.60 1.22
C35 PCW I . -3.81 37.47 0.04
C36 PCW I . -4.59 38.79 0.04
C37 PCW I . -4.41 39.56 -1.27
C38 PCW I . -5.19 40.88 -1.23
C39 PCW I . -5.24 41.48 -2.49
C40 PCW I . -4.12 42.04 -3.08
C41 PCW I . -2.89 42.02 -2.43
C42 PCW I . -2.16 43.36 -2.65
C43 PCW I . -0.76 43.34 -2.04
C44 PCW I . -0.05 44.68 -2.27
C45 PCW I . 1.39 44.63 -1.76
C46 PCW I . 2.20 43.57 -2.51
C47 PCW I . 2.22 43.88 -4.01
C48 PCW I . 3.00 42.81 -4.78
N PCW I . -4.92 29.57 2.55
O2 PCW I . -6.47 34.62 2.34
O3 PCW I . -6.77 34.36 -0.47
O11 PCW I . -7.80 35.69 -1.96
O31 PCW I . -5.59 32.98 1.08
O1P PCW I . -8.70 31.72 5.29
O2P PCW I . -10.43 31.94 3.44
O3P PCW I . -8.77 33.78 3.90
O4P PCW I . -8.01 31.61 2.87
P PCW I . -9.05 32.19 3.93
C1 PCW J . 0.60 18.99 22.73
C2 PCW J . 1.10 20.34 22.19
C3 PCW J . 1.04 20.37 20.67
C4 PCW J . -2.78 20.06 19.43
C5 PCW J . -3.99 19.13 19.51
C6 PCW J . -4.20 20.01 21.83
C7 PCW J . -6.15 20.20 20.24
C8 PCW J . -6.12 18.77 20.79
C11 PCW J . 2.89 21.72 20.50
C12 PCW J . 3.66 22.96 20.05
C13 PCW J . 4.97 23.09 20.85
C14 PCW J . 5.79 24.29 20.40
C15 PCW J . 6.19 24.18 18.93
C16 PCW J . 7.14 25.31 18.54
C17 PCW J . 8.43 25.24 19.37
C18 PCW J . 9.41 26.33 18.98
C19 PCW J . 10.58 26.24 19.72
C20 PCW J . 11.82 26.36 19.10
C21 PCW J . 11.91 26.58 17.73
C22 PCW J . 12.06 25.27 16.96
C23 PCW J . 10.83 24.38 17.11
C24 PCW J . 10.98 23.08 16.32
C25 PCW J . 12.14 22.24 16.85
C26 PCW J . 12.31 20.96 16.04
C27 PCW J . 13.41 20.07 16.62
C28 PCW J . 13.10 19.66 18.06
C31 PCW J . 0.47 21.43 24.10
C32 PCW J . -0.25 22.49 24.93
C33 PCW J . 0.25 23.90 24.55
C34 PCW J . -0.44 24.97 25.39
C35 PCW J . 0.07 26.36 25.00
C36 PCW J . -0.57 27.46 25.83
C37 PCW J . -0.05 28.83 25.41
C38 PCW J . -0.64 29.95 26.27
C39 PCW J . -0.15 31.19 25.87
C40 PCW J . 1.15 31.57 26.22
C41 PCW J . 1.95 30.71 26.97
C42 PCW J . 2.99 31.48 27.76
C43 PCW J . 3.95 32.23 26.83
C44 PCW J . 4.99 33.02 27.64
C45 PCW J . 5.98 33.74 26.72
C46 PCW J . 6.76 32.74 25.86
C47 PCW J . 7.76 33.45 24.94
C48 PCW J . 8.55 32.44 24.12
N PCW J . -4.87 19.54 20.61
O2 PCW J . 0.32 21.40 22.75
O3 PCW J . 1.57 21.59 20.16
O11 PCW J . 3.43 20.85 21.17
O31 PCW J . 1.19 20.59 24.65
O1P PCW J . -0.21 18.22 20.17
O2P PCW J . -2.46 17.53 21.13
O3P PCW J . -0.80 18.81 22.52
O4P PCW J . -1.98 19.95 20.61
P PCW J . -1.37 18.52 21.05
C1 PCW K . -0.59 -3.85 -27.62
C2 PCW K . 0.86 -3.54 -28.00
C3 PCW K . 1.60 -4.82 -28.34
C4 PCW K . -3.72 -3.67 -30.78
C5 PCW K . -4.50 -2.46 -31.27
C6 PCW K . -6.86 -1.74 -31.50
C7 PCW K . -6.31 -3.71 -30.06
C8 PCW K . -6.00 -2.44 -29.25
C11 PCW K . 3.62 -5.66 -29.02
C12 PCW K . 5.12 -5.63 -29.29
C13 PCW K . 5.46 -4.69 -30.45
C14 PCW K . 6.98 -4.60 -30.66
C15 PCW K . 7.68 -4.08 -29.40
C16 PCW K . 9.17 -3.89 -29.60
C17 PCW K . 9.98 -5.20 -29.63
C18 PCW K . 9.62 -6.11 -30.81
C19 PCW K . 8.42 -6.77 -30.62
C20 PCW K . 7.76 -7.37 -31.69
C21 PCW K . 8.32 -7.32 -32.96
C22 PCW K . 9.05 -8.62 -33.30
C23 PCW K . 9.60 -8.59 -34.72
C24 PCW K . 10.60 -7.45 -34.90
C25 PCW K . 11.10 -7.38 -36.34
C26 PCW K . 12.16 -6.28 -36.51
C27 PCW K . 13.40 -6.60 -35.69
C28 PCW K . 14.06 -7.89 -36.16
C31 PCW K . 2.06 -1.95 -29.12
C32 PCW K . 2.33 -0.95 -30.24
C33 PCW K . 3.74 -0.35 -30.15
C34 PCW K . 4.82 -1.43 -30.31
C35 PCW K . 6.21 -0.79 -30.31
C36 PCW K . 6.35 0.18 -31.47
C37 PCW K . 7.66 0.98 -31.39
C38 PCW K . 8.90 0.06 -31.49
C39 PCW K . 10.05 0.81 -31.34
C40 PCW K . 11.24 0.46 -31.97
C41 PCW K . 11.32 -0.67 -32.78
C42 PCW K . 11.99 -0.31 -34.11
C43 PCW K . 12.33 -1.56 -34.91
C44 PCW K . 12.99 -1.19 -36.23
C45 PCW K . 13.51 -2.43 -36.97
C46 PCW K . 14.60 -3.14 -36.15
C47 PCW K . 15.18 -4.34 -36.90
C48 PCW K . 16.29 -5.01 -36.09
N PCW K . -5.86 -2.48 -30.71
O2 PCW K . 0.89 -2.63 -29.10
O3 PCW K . 3.00 -4.54 -28.55
O11 PCW K . 2.96 -6.67 -29.26
O31 PCW K . 2.88 -2.11 -28.21
O1P PCW K . -3.08 -6.09 -29.28
O2P PCW K . -3.21 -4.74 -27.13
O3P PCW K . -1.30 -4.44 -28.72
O4P PCW K . -3.59 -3.62 -29.35
P PCW K . -2.85 -4.81 -28.56
C1 PCW L . -8.66 31.75 8.06
C2 PCW L . -7.55 32.62 8.64
C3 PCW L . -7.89 33.02 10.07
C4 PCW L . -11.99 31.09 7.92
C5 PCW L . -13.13 31.83 8.62
C6 PCW L . -14.43 33.90 8.21
C7 PCW L . -13.26 32.77 6.30
C8 PCW L . -14.56 32.01 6.56
C11 PCW L . -7.02 33.92 11.97
C12 PCW L . -5.99 34.68 12.81
C13 PCW L . -5.97 36.17 12.46
C14 PCW L . -4.82 36.87 13.18
C15 PCW L . -3.49 36.25 12.77
C16 PCW L . -2.31 36.90 13.50
C17 PCW L . -1.00 36.26 13.08
C18 PCW L . 0.19 36.90 13.80
C19 PCW L . 1.38 36.29 13.42
C20 PCW L . 2.58 37.00 13.45
C21 PCW L . 2.58 38.33 13.85
C22 PCW L . 3.91 39.01 13.49
C23 PCW L . 3.92 40.47 13.94
C24 PCW L . 3.70 40.58 15.46
C25 PCW L . 3.72 42.03 15.92
C26 PCW L . 3.50 42.11 17.43
C27 PCW L . 3.51 43.56 17.91
C28 PCW L . 3.30 43.64 19.43
C31 PCW L . -5.25 32.74 8.74
C32 PCW L . -3.84 32.16 8.79
C33 PCW L . -2.91 32.91 7.83
C34 PCW L . -1.49 32.31 7.87
C35 PCW L . -1.52 30.84 7.42
C36 PCW L . -0.10 30.24 7.46
C37 PCW L . -0.12 28.78 6.99
C38 PCW L . 1.28 28.17 7.02
C39 PCW L . 1.26 26.85 6.59
C40 PCW L . 2.45 26.13 6.51
C41 PCW L . 3.66 26.71 6.86
C42 PCW L . 4.45 27.11 5.62
C43 PCW L . 5.79 27.75 6.01
C44 PCW L . 6.59 28.16 4.79
C45 PCW L . 7.93 28.78 5.18
C46 PCW L . 8.76 29.12 3.94
C47 PCW L . 8.03 30.11 3.03
C48 PCW L . 8.87 30.46 1.80
N PCW L . -13.83 32.68 7.65
O2 PCW L . -6.31 31.89 8.63
O3 PCW L . -6.81 33.77 10.64
O11 PCW L . -8.02 33.42 12.50
O31 PCW L . -5.44 33.95 8.77
O1P PCW L . -9.92 29.34 6.96
O2P PCW L . -9.79 28.28 9.26
O3P PCW L . -8.83 30.56 8.83
O4P PCW L . -11.32 30.24 8.86
P PCW L . -9.96 29.49 8.43
C1 17F M . 0.83 -23.34 -7.59
N1 17F M . 0.41 -25.15 -5.99
O1 17F M . 3.10 -20.57 -6.50
P1 17F M . 2.95 -21.81 -7.30
C2 17F M . -0.24 -24.12 -6.82
O2 17F M . 2.79 -21.68 -8.77
C3 17F M . -1.21 -24.79 -7.79
O3 17F M . 1.74 -22.69 -6.70
C4 17F M . 4.57 -23.77 -7.93
O4 17F M . -0.89 -24.76 -9.01
C5 17F M . 5.83 -24.52 -7.50
O5 17F M . -2.25 -25.30 -7.31
C6 17F M . 6.08 -25.64 -8.50
O6 17F M . 4.24 -22.73 -7.02
C7 17F M . 8.38 -25.88 -8.47
O7 17F M . 7.21 -26.45 -8.10
C8 17F M . 9.69 -26.59 -8.13
O8 17F M . 8.38 -24.82 -9.09
C9 17F M . 10.10 -26.34 -6.68
O9 17F M . 6.97 -23.63 -7.49
C10 17F M . 11.41 -27.04 -6.35
O10 17F M . 6.22 -23.18 -5.42
C11 17F M . 12.55 -26.55 -7.26
C12 17F M . 13.85 -27.29 -6.97
C17 17F M . 7.03 -22.95 -6.31
C18 17F M . 8.16 -21.93 -6.09
C19 17F M . 8.32 -21.00 -7.29
C20 17F M . 8.56 -21.79 -8.58
C1X 17F M . 14.97 -26.84 -7.91
C1Y 17F M . 8.79 -20.86 -9.77
C1Z 17F M . 10.11 -20.09 -9.63
C2X 17F M . 16.27 -27.60 -7.63
C21 17F M . 16.69 -27.41 -6.33
C22 17F M . 17.83 -26.63 -6.09
C23 17F M . 18.52 -26.05 -7.14
C24 17F M . 19.38 -24.88 -6.65
C25 17F M . 20.14 -24.24 -7.81
C26 17F M . 20.97 -23.06 -7.32
C27 17F M . 21.76 -22.43 -8.49
C28 17F M . 22.60 -21.26 -8.00
C29 17F M . 23.42 -20.65 -9.14
C30 17F M . 24.27 -19.48 -8.64
C31 17F M . 10.35 -19.23 -10.87
C32 17F M . 11.75 -18.57 -10.83
C33 17F M . 11.86 -17.70 -9.75
C34 17F M . 12.95 -16.84 -9.70
C35 17F M . 13.91 -16.86 -10.71
C36 17F M . 14.31 -15.45 -11.13
C37 17F M . 14.94 -14.69 -9.97
C38 17F M . 15.40 -13.30 -10.41
C39 17F M . 16.07 -12.54 -9.26
C40 17F M . 16.54 -11.16 -9.72
C41 17F M . 17.23 -10.40 -8.59
C42 17F M . 17.69 -9.02 -9.04
HN1 17F M . 0.87 -25.65 -6.72
HN1A 17F M . -0.12 -25.92 -5.67
HAC 17F M . 1.24 -24.86 -5.52
C1 PCW N . 36.91 3.00 5.08
C2 PCW N . 36.43 2.36 6.38
C3 PCW N . 35.93 3.47 7.29
C4 PCW N . 39.42 -0.45 2.74
C5 PCW N . 40.92 -0.16 2.74
C6 PCW N . 41.48 0.41 0.40
C7 PCW N . 42.69 -1.49 1.54
C8 PCW N . 41.33 -2.01 1.08
C11 PCW N . 36.08 2.23 9.23
C12 PCW N . 35.53 1.56 10.48
C13 PCW N . 34.21 2.22 10.90
C14 PCW N . 33.64 1.59 12.17
C15 PCW N . 32.33 2.29 12.56
C16 PCW N . 31.75 1.71 13.84
C17 PCW N . 30.46 2.44 14.23
C18 PCW N . 29.84 1.87 15.52
C19 PCW N . 28.71 2.60 15.87
C20 PCW N . 28.23 2.59 17.16
C21 PCW N . 28.87 1.85 18.15
C22 PCW N . 27.86 1.32 19.18
C23 PCW N . 28.56 0.51 20.27
C24 PCW N . 27.55 -0.01 21.29
C25 PCW N . 26.50 -0.89 20.63
C26 PCW N . 25.49 -1.43 21.65
C27 PCW N . 24.43 -2.29 20.96
C28 PCW N . 23.42 -2.83 21.98
C31 PCW N . 35.69 0.35 5.49
C32 PCW N . 34.60 -0.70 5.16
C33 PCW N . 34.98 -2.09 5.67
C34 PCW N . 33.82 -3.06 5.51
C35 PCW N . 32.60 -2.57 6.31
C36 PCW N . 32.93 -2.46 7.80
C37 PCW N . 31.77 -1.82 8.57
C38 PCW N . 32.10 -1.74 10.07
C39 PCW N . 31.12 -1.05 10.77
C40 PCW N . 29.81 -1.48 10.78
C41 PCW N . 29.41 -2.62 10.10
C42 PCW N . 28.46 -3.47 10.93
C43 PCW N . 27.96 -4.68 10.14
C44 PCW N . 26.99 -5.52 10.98
C45 PCW N . 26.44 -6.69 10.16
C46 PCW N . 25.60 -6.19 8.99
C47 PCW N . 24.41 -5.36 9.48
C48 PCW N . 23.57 -4.85 8.32
N PCW N . 41.51 -0.60 1.46
O2 PCW N . 35.31 1.49 6.12
O3 PCW N . 35.23 2.91 8.41
O11 PCW N . 37.27 2.19 8.96
O31 PCW N . 36.85 0.14 5.19
O1P PCW N . 39.91 2.19 3.58
O2P PCW N . 39.23 1.52 5.93
O3P PCW N . 37.50 2.06 4.18
O4P PCW N . 38.86 -0.06 4.00
P PCW N . 38.97 1.47 4.48
C1 PCW O . 37.60 12.92 24.43
C2 PCW O . 36.26 12.36 23.96
C3 PCW O . 35.67 11.56 25.12
C4 PCW O . 37.97 10.81 21.97
C5 PCW O . 37.10 10.08 20.93
C6 PCW O . 38.94 10.79 19.42
C7 PCW O . 38.13 8.42 19.35
C8 PCW O . 37.14 9.28 18.56
C11 PCW O . 33.75 10.59 25.86
C12 PCW O . 32.33 10.02 25.77
C13 PCW O . 32.25 8.90 24.74
C14 PCW O . 30.84 8.33 24.64
C15 PCW O . 30.37 7.74 25.97
C16 PCW O . 28.99 7.11 25.84
C17 PCW O . 28.57 6.44 27.15
C18 PCW O . 28.36 7.48 28.26
C19 PCW O . 28.17 6.86 29.49
C20 PCW O . 26.90 6.67 30.02
C21 PCW O . 25.75 7.08 29.34
C22 PCW O . 24.57 7.14 30.30
C23 PCW O . 23.27 7.54 29.59
C24 PCW O . 22.13 7.61 30.59
C25 PCW O . 20.80 7.97 29.90
C26 PCW O . 19.68 8.13 30.92
C27 PCW O . 19.48 6.84 31.73
C28 PCW O . 18.35 6.99 32.75
C31 PCW O . 35.61 14.00 22.48
C32 PCW O . 34.76 15.18 22.01
C33 PCW O . 34.20 15.95 23.20
C34 PCW O . 33.29 17.09 22.76
C35 PCW O . 32.73 17.83 23.98
C36 PCW O . 31.79 18.97 23.56
C37 PCW O . 31.24 19.69 24.79
C38 PCW O . 30.31 20.84 24.40
C39 PCW O . 29.88 21.53 25.52
C40 PCW O . 28.77 21.08 26.24
C41 PCW O . 28.08 19.94 25.84
C42 PCW O . 27.30 19.34 27.01
C43 PCW O . 26.55 18.08 26.60
C44 PCW O . 25.78 17.50 27.78
C45 PCW O . 24.98 16.25 27.35
C46 PCW O . 24.21 15.66 28.53
C47 PCW O . 25.15 15.17 29.63
C48 PCW O . 24.36 14.57 30.80
N PCW O . 37.87 9.82 19.71
O2 PCW O . 35.36 13.44 23.69
O3 PCW O . 34.35 11.11 24.77
O11 PCW O . 34.34 10.59 26.94
O31 PCW O . 36.51 13.55 21.76
O1P PCW O . 39.75 14.17 21.51
O2P PCW O . 40.21 12.26 23.12
O3P PCW O . 38.21 13.73 23.41
O4P PCW O . 38.31 12.11 21.48
P PCW O . 39.24 13.07 22.37
C1 PCW P . 31.18 3.45 -30.85
C2 PCW P . 29.70 3.07 -30.91
C3 PCW P . 29.55 1.70 -31.56
C4 PCW P . 32.11 7.94 -32.95
C5 PCW P . 32.73 9.25 -32.44
C6 PCW P . 34.23 11.03 -33.30
C7 PCW P . 33.14 9.45 -34.92
C8 PCW P . 32.10 10.51 -34.53
C11 PCW P . 27.99 0.25 -32.39
C12 PCW P . 26.58 -0.28 -32.66
C13 PCW P . 25.52 0.78 -32.30
C14 PCW P . 24.12 0.27 -32.64
C15 PCW P . 23.06 1.32 -32.27
C16 PCW P . 21.66 0.84 -32.65
C17 PCW P . 21.31 -0.46 -31.93
C18 PCW P . 19.92 -0.95 -32.33
C19 PCW P . 19.86 -1.23 -33.69
C20 PCW P . 18.97 -2.19 -34.17
C21 PCW P . 18.14 -2.87 -33.29
C22 PCW P . 16.70 -2.32 -33.37
C23 PCW P . 15.78 -3.07 -32.40
C24 PCW P . 14.36 -2.50 -32.46
C25 PCW P . 13.44 -3.25 -31.48
C26 PCW P . 13.36 -4.73 -31.81
C27 PCW P . 12.81 -4.95 -33.22
C28 PCW P . 11.39 -4.38 -33.36
C31 PCW P . 29.04 4.28 -29.05
C32 PCW P . 28.43 4.44 -27.66
C33 PCW P . 27.57 3.23 -27.31
C34 PCW P . 26.88 3.39 -25.96
C35 PCW P . 25.99 4.63 -25.94
C36 PCW P . 25.23 4.74 -24.61
C37 PCW P . 24.35 6.00 -24.60
C38 PCW P . 23.57 6.12 -23.29
C39 PCW P . 22.81 7.29 -23.28
C40 PCW P . 21.42 7.21 -23.28
C41 PCW P . 20.77 5.99 -23.31
C42 PCW P . 19.51 6.06 -24.16
C43 PCW P . 18.54 7.13 -23.62
C44 PCW P . 17.27 7.21 -24.47
C45 PCW P . 16.35 8.30 -23.95
C46 PCW P . 15.94 8.05 -22.49
C47 PCW P . 15.03 9.15 -21.97
C48 PCW P . 14.66 8.91 -20.50
N PCW P . 33.15 10.08 -33.59
O2 PCW P . 29.13 3.04 -29.59
O3 PCW P . 28.15 1.40 -31.68
O11 PCW P . 28.97 -0.36 -32.80
O31 PCW P . 29.42 5.26 -29.69
O1P PCW P . 31.60 5.09 -33.25
O2P PCW P . 29.49 5.96 -32.15
O3P PCW P . 31.33 4.87 -30.80
O4P PCW P . 31.69 7.15 -31.83
P PCW P . 30.95 5.75 -32.10
C1 PCW Q . 38.88 4.71 16.62
C2 PCW Q . 37.89 3.86 17.42
C3 PCW Q . 37.59 4.56 18.73
C4 PCW Q . 42.93 6.00 14.92
C5 PCW Q . 44.10 6.36 15.83
C6 PCW Q . 46.49 6.99 15.56
C7 PCW Q . 44.90 7.25 13.62
C8 PCW Q . 44.70 8.44 14.55
C11 PCW Q . 36.13 4.56 20.51
C12 PCW Q . 34.96 4.03 21.34
C13 PCW Q . 35.03 2.50 21.42
C14 PCW Q . 33.79 1.91 22.10
C15 PCW Q . 33.89 0.39 22.17
C16 PCW Q . 32.63 -0.24 22.77
C17 PCW Q . 32.32 0.35 24.14
C18 PCW Q . 31.21 -0.45 24.84
C19 PCW Q . 31.67 -1.75 25.11
C20 PCW Q . 30.77 -2.79 25.29
C21 PCW Q . 29.40 -2.58 25.23
C22 PCW Q . 28.67 -3.59 26.13
C23 PCW Q . 27.15 -3.48 26.00
C24 PCW Q . 26.70 -3.78 24.57
C25 PCW Q . 25.17 -3.84 24.48
C26 PCW Q . 24.62 -4.96 25.35
C27 PCW Q . 23.09 -5.05 25.24
C28 PCW Q . 22.55 -6.19 26.10
C31 PCW Q . 35.97 2.66 17.20
C32 PCW Q . 34.59 2.31 16.63
C33 PCW Q . 34.61 2.20 15.10
C34 PCW Q . 34.87 3.55 14.44
C35 PCW Q . 33.83 4.59 14.87
C36 PCW Q . 34.01 5.89 14.10
C37 PCW Q . 33.09 6.99 14.63
C38 PCW Q . 31.61 6.58 14.56
C39 PCW Q . 30.81 7.60 15.06
C40 PCW Q . 29.42 7.46 15.10
C41 PCW Q . 28.81 6.31 14.62
C42 PCW Q . 27.29 6.48 14.63
C43 PCW Q . 26.60 5.22 14.09
C44 PCW Q . 25.07 5.39 14.09
C45 PCW Q . 24.64 6.57 13.23
C46 PCW Q . 23.11 6.73 13.23
C47 PCW Q . 22.69 7.92 12.36
C48 PCW Q . 21.17 8.08 12.35
N PCW Q . 45.11 7.13 15.08
O2 PCW Q . 36.67 3.70 16.68
O3 PCW Q . 36.51 3.88 19.40
O11 PCW Q . 36.73 5.58 20.85
O31 PCW Q . 36.44 2.00 18.12
O1P PCW Q . 40.43 7.15 16.37
O2P PCW Q . 42.13 6.19 18.01
O3P PCW Q . 40.11 4.87 17.34
O4P PCW Q . 41.96 5.27 15.66
P PCW Q . 41.18 5.98 16.88
C1 PCW R . 42.85 -6.40 8.87
C2 PCW R . 41.69 -6.90 8.00
C3 PCW R . 41.95 -8.34 7.60
C4 PCW R . 43.65 -5.47 5.54
C5 PCW R . 44.20 -6.74 4.88
C6 PCW R . 42.32 -6.32 3.35
C7 PCW R . 44.61 -6.73 2.40
C8 PCW R . 44.01 -8.09 2.76
C11 PCW R . 41.14 -10.11 6.40
C12 PCW R . 40.12 -10.83 5.52
C13 PCW R . 40.47 -12.31 5.35
C14 PCW R . 39.45 -13.01 4.46
C15 PCW R . 39.39 -12.36 3.08
C16 PCW R . 38.30 -13.00 2.22
C17 PCW R . 36.92 -12.78 2.83
C18 PCW R . 35.82 -13.38 1.96
C19 PCW R . 35.83 -12.82 0.69
C20 PCW R . 34.75 -12.06 0.24
C21 PCW R . 33.66 -11.86 1.07
C22 PCW R . 32.93 -10.56 0.69
C23 PCW R . 31.69 -10.35 1.57
C24 PCW R . 30.70 -11.49 1.40
C25 PCW R . 29.44 -11.25 2.25
C26 PCW R . 29.78 -11.13 3.73
C27 PCW R . 28.53 -10.86 4.57
C28 PCW R . 28.87 -10.73 6.05
C31 PCW R . 40.03 -5.55 8.88
C32 PCW R . 38.75 -5.28 9.66
C33 PCW R . 38.07 -6.60 10.08
C34 PCW R . 36.88 -6.37 11.01
C35 PCW R . 36.29 -7.70 11.44
C36 PCW R . 35.59 -8.42 10.28
C37 PCW R . 34.29 -7.70 9.89
C38 PCW R . 33.28 -7.76 11.04
C39 PCW R . 32.11 -7.10 10.71
C40 PCW R . 30.87 -7.69 10.93
C41 PCW R . 30.79 -8.97 11.48
C42 PCW R . 29.53 -9.11 12.34
C43 PCW R . 29.38 -10.53 12.90
C44 PCW R . 28.15 -10.62 13.80
C45 PCW R . 27.93 -12.05 14.29
C46 PCW R . 27.64 -13.01 13.12
C47 PCW R . 27.39 -14.43 13.63
C48 PCW R . 27.07 -15.37 12.47
N PCW R . 43.67 -6.88 3.52
O2 PCW R . 40.46 -6.84 8.74
O3 PCW R . 40.88 -8.83 6.78
O11 PCW R . 42.16 -10.66 6.77
O31 PCW R . 40.67 -4.63 8.38
O1P PCW R . 42.70 -3.31 7.09
O2P PCW R . 44.85 -3.49 8.43
O3P PCW R . 42.90 -4.98 8.96
O4P PCW R . 44.21 -5.32 6.85
P PCW R . 43.69 -4.15 7.82
C1 PCW S . 36.75 9.60 -9.85
C2 PCW S . 35.85 8.42 -9.48
C3 PCW S . 34.65 8.97 -8.73
C4 PCW S . 39.09 6.33 -11.42
C5 PCW S . 39.13 4.81 -11.31
C6 PCW S . 37.34 5.04 -9.60
C7 PCW S . 36.91 3.68 -11.67
C8 PCW S . 37.72 2.82 -10.70
C11 PCW S . 34.46 7.54 -6.96
C12 PCW S . 33.80 6.47 -6.09
C13 PCW S . 32.28 6.68 -6.01
C14 PCW S . 31.62 5.62 -5.13
C15 PCW S . 30.10 5.79 -5.10
C16 PCW S . 29.68 7.13 -4.50
C17 PCW S . 28.16 7.27 -4.52
C18 PCW S . 27.70 8.60 -3.93
C19 PCW S . 26.33 8.76 -4.06
C20 PCW S . 25.51 8.76 -2.94
C21 PCW S . 26.03 8.63 -1.67
C22 PCW S . 25.41 9.63 -0.70
C23 PCW S . 23.91 9.41 -0.53
C24 PCW S . 23.15 9.64 -1.84
C25 PCW S . 21.64 9.44 -1.64
C26 PCW S . 20.89 9.69 -2.95
C27 PCW S . 21.35 8.73 -4.04
C28 PCW S . 20.58 8.96 -5.35
C31 PCW S . 34.85 6.57 -10.48
C32 PCW S . 34.40 5.76 -11.70
C33 PCW S . 32.89 5.50 -11.68
C34 PCW S . 32.49 4.53 -10.57
C35 PCW S . 31.00 4.19 -10.66
C36 PCW S . 30.61 3.10 -9.66
C37 PCW S . 29.13 2.73 -9.82
C38 PCW S . 28.73 1.60 -8.88
C39 PCW S . 27.37 1.30 -9.03
C40 PCW S . 26.93 0.00 -8.82
C41 PCW S . 27.82 -1.01 -8.46
C42 PCW S . 27.36 -2.37 -8.97
C43 PCW S . 25.97 -2.71 -8.43
C44 PCW S . 25.51 -4.08 -8.93
C45 PCW S . 24.10 -4.40 -8.43
C46 PCW S . 24.06 -4.41 -6.90
C47 PCW S . 25.00 -5.47 -6.33
C48 PCW S . 24.94 -5.49 -4.80
N PCW S . 37.87 4.29 -10.75
O2 PCW S . 35.45 7.76 -10.69
O3 PCW S . 33.87 7.93 -8.11
O11 PCW S . 35.53 8.05 -6.62
O31 PCW S . 34.72 6.13 -9.34
O1P PCW S . 40.36 8.89 -10.62
O2P PCW S . 39.07 8.76 -8.43
O3P PCW S . 37.89 9.18 -10.61
O4P PCW S . 38.88 6.90 -10.12
P PCW S . 39.14 8.48 -9.89
C1 PCW T . -8.09 15.36 -35.71
C2 PCW T . -6.85 15.48 -36.61
C3 PCW T . -6.21 14.11 -36.76
C4 PCW T . -9.02 18.38 -32.71
C5 PCW T . -8.30 18.37 -31.37
C6 PCW T . -9.14 20.38 -30.19
C7 PCW T . -6.67 20.09 -30.54
C8 PCW T . -7.27 20.60 -31.85
C11 PCW T . -4.39 13.03 -37.65
C12 PCW T . -3.11 12.91 -38.47
C13 PCW T . -1.92 12.49 -37.61
C14 PCW T . -0.65 12.38 -38.45
C15 PCW T . -0.31 13.74 -39.08
C16 PCW T . 0.94 13.64 -39.96
C17 PCW T . 0.72 12.64 -41.11
C18 PCW T . 1.97 12.53 -41.97
C19 PCW T . 1.78 11.62 -43.02
C20 PCW T . 2.53 11.73 -44.19
C21 PCW T . 3.48 12.73 -44.32
C22 PCW T . 4.53 12.34 -45.37
C23 PCW T . 5.57 13.44 -45.54
C24 PCW T . 6.60 13.05 -46.61
C25 PCW T . 5.94 12.86 -47.98
C26 PCW T . 6.98 12.45 -49.03
C27 PCW T . 8.07 13.50 -49.17
C28 PCW T . 7.49 14.85 -49.60
C31 PCW T . -7.34 17.32 -37.89
C32 PCW T . -7.76 18.07 -39.16
C33 PCW T . -8.76 19.18 -38.86
C34 PCW T . -8.18 20.19 -37.86
C35 PCW T . -6.91 20.83 -38.39
C36 PCW T . -6.34 21.84 -37.38
C37 PCW T . -5.05 22.49 -37.88
C38 PCW T . -3.95 21.45 -38.08
C39 PCW T . -2.76 22.05 -38.45
C40 PCW T . -2.26 21.91 -39.74
C41 PCW T . -2.95 21.14 -40.67
C42 PCW T . -2.03 20.14 -41.37
C43 PCW T . -2.78 19.33 -42.42
C44 PCW T . -1.88 18.30 -43.10
C45 PCW T . -1.38 17.24 -42.12
C46 PCW T . -0.52 17.86 -41.02
C47 PCW T . -0.03 16.78 -40.04
C48 PCW T . 0.85 17.40 -38.95
N PCW T . -8.04 19.75 -30.94
O2 PCW T . -7.24 15.96 -37.91
O3 PCW T . -5.04 14.23 -37.59
O11 PCW T . -4.85 12.07 -37.04
O31 PCW T . -7.08 17.93 -36.85
O1P PCW T . -10.74 17.96 -34.95
O2P PCW T . -10.70 15.47 -34.49
O3P PCW T . -8.74 16.61 -35.56
O4P PCW T . -9.26 17.04 -33.14
P PCW T . -9.99 16.76 -34.55
C1 PCW U . -6.78 22.98 -28.63
C2 PCW U . -5.54 23.25 -29.48
C3 PCW U . -5.92 23.73 -30.86
C4 PCW U . -6.39 19.72 -25.50
C5 PCW U . -7.01 19.68 -24.11
C6 PCW U . -8.90 18.67 -25.35
C7 PCW U . -8.00 17.51 -23.32
C8 PCW U . -8.92 18.64 -22.83
C11 PCW U . -4.97 24.47 -32.84
C12 PCW U . -3.80 24.68 -33.80
C13 PCW U . -3.15 26.05 -33.60
C14 PCW U . -1.79 26.13 -34.31
C15 PCW U . -1.91 25.88 -35.81
C16 PCW U . -2.68 27.02 -36.50
C17 PCW U . -2.75 26.78 -38.01
C18 PCW U . -3.43 27.95 -38.73
C19 PCW U . -2.73 29.14 -38.53
C20 PCW U . -1.36 29.21 -38.78
C21 PCW U . -0.65 28.10 -39.24
C22 PCW U . 0.81 28.18 -38.80
C23 PCW U . 1.58 26.94 -39.23
C24 PCW U . 1.58 26.77 -40.76
C25 PCW U . 2.36 25.52 -41.17
C26 PCW U . 2.36 25.36 -42.70
C27 PCW U . 3.14 24.12 -43.11
C28 PCW U . 3.15 23.96 -44.64
C31 PCW U . -5.35 25.44 -28.78
C32 PCW U . -4.62 26.65 -28.20
C33 PCW U . -3.76 27.31 -29.28
C34 PCW U . -2.99 28.52 -28.75
C35 PCW U . -2.15 29.16 -29.85
C36 PCW U . -1.15 28.15 -30.43
C37 PCW U . -0.42 28.73 -31.65
C38 PCW U . 0.57 27.71 -32.22
C39 PCW U . 1.14 28.19 -33.40
C40 PCW U . 2.51 28.27 -33.54
C41 PCW U . 3.36 27.87 -32.51
C42 PCW U . 4.76 27.57 -33.04
C43 PCW U . 5.72 27.18 -31.91
C44 PCW U . 7.10 26.85 -32.47
C45 PCW U . 8.09 26.48 -31.36
C46 PCW U . 9.46 26.16 -31.94
C47 PCW U . 10.03 27.34 -32.72
C48 PCW U . 11.41 27.02 -33.29
N PCW U . -8.15 18.76 -24.09
O2 PCW U . -4.71 24.24 -28.85
O3 PCW U . -4.72 23.88 -31.64
O11 PCW U . -6.11 24.82 -33.13
O31 PCW U . -6.52 25.54 -29.16
O1P PCW U . -7.23 22.42 -24.98
O2P PCW U . -8.88 22.24 -26.91
O3P PCW U . -6.42 22.51 -27.34
O4P PCW U . -7.28 20.34 -26.42
P PCW U . -7.55 21.93 -26.34
C1 PCW V . 36.33 12.17 -6.44
C2 PCW V . 35.16 12.10 -5.45
C3 PCW V . 33.86 12.28 -6.21
C4 PCW V . 35.54 14.56 -4.06
C5 PCW V . 34.30 15.24 -3.47
C6 PCW V . 34.57 14.94 -1.03
C7 PCW V . 32.45 14.19 -2.15
C8 PCW V . 33.51 13.11 -2.40
C11 PCW V . 31.57 12.16 -5.95
C12 PCW V . 30.28 11.92 -5.18
C13 PCW V . 30.53 11.95 -3.67
C14 PCW V . 29.26 11.56 -2.90
C15 PCW V . 29.49 11.63 -1.40
C16 PCW V . 28.22 11.21 -0.63
C17 PCW V . 28.41 11.35 0.89
C18 PCW V . 27.17 10.87 1.64
C19 PCW V . 27.31 11.06 3.01
C20 PCW V . 28.18 10.29 3.76
C21 PCW V . 28.96 9.32 3.16
C22 PCW V . 29.87 8.62 4.17
C23 PCW V . 29.06 7.90 5.24
C24 PCW V . 29.99 7.21 6.24
C25 PCW V . 29.19 6.45 7.30
C26 PCW V . 30.13 5.74 8.29
C27 PCW V . 29.34 4.92 9.31
C28 PCW V . 28.50 3.84 8.63
C31 PCW V . 36.20 10.70 -3.97
C32 PCW V . 36.40 9.41 -3.17
C33 PCW V . 35.07 8.69 -2.95
C34 PCW V . 35.27 7.43 -2.11
C35 PCW V . 33.96 6.67 -1.90
C36 PCW V . 34.20 5.44 -1.03
C37 PCW V . 32.93 4.60 -0.85
C38 PCW V . 32.39 4.14 -2.21
C39 PCW V . 31.34 3.25 -2.06
C40 PCW V . 30.15 3.64 -1.45
C41 PCW V . 30.00 4.94 -0.98
C42 PCW V . 29.23 4.94 0.34
C43 PCW V . 29.06 6.36 0.88
C44 PCW V . 28.31 6.35 2.22
C45 PCW V . 26.93 5.72 2.07
C46 PCW V . 26.19 5.71 3.41
C47 PCW V . 26.01 7.13 3.95
C48 PCW V . 25.25 7.13 5.28
N PCW V . 33.89 14.53 -2.26
O2 PCW V . 35.14 10.81 -4.82
O3 PCW V . 32.77 12.06 -5.31
O11 PCW V . 31.54 12.46 -7.15
O31 PCW V . 36.98 11.64 -3.84
O1P PCW V . 38.15 14.05 -5.27
O2P PCW V . 37.58 15.72 -7.10
O3P PCW V . 36.46 13.46 -7.00
O4P PCW V . 35.90 15.22 -5.28
P PCW V . 37.13 14.66 -6.16
C1 PCW W . 32.90 17.94 -15.07
C2 PCW W . 31.64 17.07 -15.01
C3 PCW W . 31.92 15.67 -14.48
C4 PCW W . 32.74 16.09 -10.82
C5 PCW W . 31.82 16.36 -9.64
C6 PCW W . 30.40 15.11 -8.03
C7 PCW W . 32.01 13.85 -9.51
C8 PCW W . 32.80 14.45 -8.34
C11 PCW W . 29.91 15.00 -13.57
C12 PCW W . 28.55 14.32 -13.60
C13 PCW W . 28.65 12.90 -14.15
C14 PCW W . 27.26 12.38 -14.56
C15 PCW W . 26.27 12.44 -13.39
C16 PCW W . 24.86 12.13 -13.88
C17 PCW W . 24.79 10.74 -14.53
C18 PCW W . 23.41 10.51 -15.15
C19 PCW W . 23.19 11.41 -16.19
C20 PCW W . 22.06 12.22 -16.18
C21 PCW W . 21.15 12.15 -15.14
C22 PCW W . 19.81 12.77 -15.54
C23 PCW W . 19.24 12.06 -16.78
C24 PCW W . 17.92 12.70 -17.20
C25 PCW W . 17.34 11.99 -18.42
C26 PCW W . 16.01 12.62 -18.85
C27 PCW W . 15.44 11.90 -20.07
C28 PCW W . 14.12 12.54 -20.52
C31 PCW W . 29.39 17.39 -14.73
C32 PCW W . 28.14 17.96 -14.05
C33 PCW W . 28.23 17.80 -12.54
C34 PCW W . 27.00 18.41 -11.83
C35 PCW W . 25.71 17.69 -12.22
C36 PCW W . 24.53 18.31 -11.49
C37 PCW W . 23.22 17.57 -11.81
C38 PCW W . 22.05 18.19 -11.05
C39 PCW W . 20.85 17.57 -11.36
C40 PCW W . 20.15 17.95 -12.50
C41 PCW W . 20.65 18.95 -13.32
C42 PCW W . 21.31 18.36 -14.57
C43 PCW W . 21.90 19.44 -15.46
C44 PCW W . 22.54 18.82 -16.70
C45 PCW W . 23.17 19.89 -17.60
C46 PCW W . 23.81 19.25 -18.83
C47 PCW W . 24.91 18.26 -18.40
C48 PCW W . 25.54 17.60 -19.63
N PCW W . 31.61 15.12 -8.87
O2 PCW W . 30.62 17.75 -14.25
O3 PCW W . 30.73 14.88 -14.65
O11 PCW W . 30.29 15.63 -12.58
O31 PCW W . 29.30 16.63 -15.69
O1P PCW W . 34.12 16.04 -13.38
O2P PCW W . 35.29 18.00 -12.28
O3P PCW W . 33.33 18.38 -13.78
O4P PCW W . 33.00 17.32 -11.52
P PCW W . 34.04 17.38 -12.74
C1 PCW X . 37.64 -0.06 -7.49
C2 PCW X . 37.28 -1.39 -8.15
C3 PCW X . 36.72 -2.30 -7.06
C4 PCW X . 41.43 0.35 -6.69
C5 PCW X . 42.58 -0.27 -7.48
C6 PCW X . 42.96 -2.49 -6.43
C7 PCW X . 44.86 -0.86 -6.61
C8 PCW X . 44.01 -0.44 -5.41
C11 PCW X . 36.09 -4.41 -6.50
C12 PCW X . 35.80 -5.90 -6.72
C13 PCW X . 37.09 -6.66 -7.03
C14 PCW X . 36.84 -8.17 -7.01
C15 PCW X . 38.11 -8.94 -7.35
C16 PCW X . 37.91 -10.44 -7.12
C17 PCW X . 36.71 -10.97 -7.89
C18 PCW X . 36.46 -12.44 -7.57
C19 PCW X . 36.23 -12.63 -6.22
C20 PCW X . 35.09 -13.28 -5.77
C21 PCW X . 34.15 -13.74 -6.67
C22 PCW X . 33.52 -15.06 -6.17
C23 PCW X . 32.46 -15.56 -7.16
C24 PCW X . 31.83 -16.87 -6.65
C25 PCW X . 30.77 -17.37 -7.62
C26 PCW X . 29.62 -16.36 -7.78
C27 PCW X . 28.56 -16.89 -8.75
C28 PCW X . 27.44 -15.86 -8.93
C31 PCW X . 36.90 -0.65 -10.29
C32 PCW X . 36.05 -0.30 -11.50
C33 PCW X . 35.06 0.83 -11.17
C34 PCW X . 33.95 0.32 -10.25
C35 PCW X . 32.99 -0.59 -11.02
C36 PCW X . 32.37 0.18 -12.19
C37 PCW X . 31.40 -0.69 -12.99
C38 PCW X . 32.09 -1.93 -13.58
C39 PCW X . 31.26 -2.58 -14.47
C40 PCW X . 30.21 -3.39 -14.02
C41 PCW X . 29.98 -3.57 -12.66
C42 PCW X . 29.10 -4.79 -12.43
C43 PCW X . 28.80 -4.98 -10.94
C44 PCW X . 27.96 -6.25 -10.71
C45 PCW X . 27.66 -6.46 -9.22
C46 PCW X . 26.82 -7.71 -9.00
C47 PCW X . 27.54 -8.96 -9.49
C48 PCW X . 26.68 -10.22 -9.29
N PCW X . 43.41 -1.10 -6.59
O2 PCW X . 36.31 -1.20 -9.19
O3 PCW X . 36.50 -3.63 -7.54
O11 PCW X . 35.95 -3.91 -5.38
O31 PCW X . 38.11 -0.46 -10.30
O1P PCW X . 40.05 -0.92 -8.78
O2P PCW X . 40.17 1.29 -10.03
O3P PCW X . 38.31 0.82 -8.38
O4P PCW X . 40.66 1.19 -7.56
P PCW X . 39.85 0.54 -8.79
C1 PCW Y . 32.97 23.32 -18.53
C2 PCW Y . 31.57 23.02 -17.98
C3 PCW Y . 31.69 22.78 -16.48
C4 PCW Y . 31.41 20.72 -20.14
C5 PCW Y . 31.04 19.55 -19.21
C6 PCW Y . 28.80 20.62 -19.35
C7 PCW Y . 29.05 18.16 -19.83
C8 PCW Y . 29.04 18.33 -18.32
C11 PCW Y . 29.63 21.73 -16.38
C12 PCW Y . 28.20 21.56 -15.87
C13 PCW Y . 27.22 22.23 -16.83
C14 PCW Y . 25.81 22.28 -16.23
C15 PCW Y . 25.80 23.14 -14.97
C16 PCW Y . 24.41 23.20 -14.33
C17 PCW Y . 23.39 23.86 -15.27
C18 PCW Y . 23.15 23.03 -16.53
C19 PCW Y . 22.17 23.60 -17.33
C20 PCW Y . 20.89 23.82 -16.84
C21 PCW Y . 20.58 23.46 -15.53
C22 PCW Y . 19.42 22.46 -15.48
C23 PCW Y . 19.09 22.07 -14.04
C24 PCW Y . 17.91 21.10 -13.98
C25 PCW Y . 17.59 20.71 -12.54
C26 PCW Y . 16.39 19.75 -12.49
C27 PCW Y . 15.15 20.40 -13.13
C28 PCW Y . 13.96 19.44 -13.08
C31 PCW Y . 30.27 24.15 -19.49
C32 PCW Y . 29.32 25.26 -19.95
C33 PCW Y . 27.87 24.94 -19.57
C34 PCW Y . 27.71 24.85 -18.06
C35 PCW Y . 27.86 26.21 -17.39
C36 PCW Y . 26.75 27.16 -17.84
C37 PCW Y . 26.82 28.50 -17.10
C38 PCW Y . 25.68 29.42 -17.54
C39 PCW Y . 25.71 30.63 -16.84
C40 PCW Y . 24.53 31.17 -16.36
C41 PCW Y . 23.32 30.53 -16.57
C42 PCW Y . 22.26 31.48 -17.12
C43 PCW Y . 21.95 32.60 -16.12
C44 PCW Y . 20.93 33.59 -16.72
C45 PCW Y . 20.60 34.71 -15.73
C46 PCW Y . 19.99 34.14 -14.45
C47 PCW Y . 19.66 35.26 -13.46
C48 PCW Y . 19.08 34.69 -12.16
N PCW Y . 29.58 19.37 -19.19
O2 PCW Y . 30.71 24.13 -18.20
O3 PCW Y . 30.38 22.76 -15.89
O11 PCW Y . 30.12 20.94 -17.18
O31 PCW Y . 30.62 23.26 -20.26
O1P PCW Y . 32.87 22.33 -22.20
O2P PCW Y . 34.95 22.13 -20.75
O3P PCW Y . 32.96 23.43 -19.96
O4P PCW Y . 32.83 20.93 -20.10
P PCW Y . 33.47 22.20 -20.84
C1 PCW Z . 27.54 11.32 -34.67
C2 PCW Z . 26.09 11.82 -34.71
C3 PCW Z . 25.25 11.03 -33.72
C4 PCW Z . 27.29 13.85 -38.32
C5 PCW Z . 26.04 14.66 -38.67
C6 PCW Z . 27.68 16.51 -38.88
C7 PCW Z . 26.14 15.98 -40.80
C8 PCW Z . 25.36 16.80 -39.79
C11 PCW Z . 23.37 10.70 -34.98
C12 PCW Z . 21.90 10.89 -35.36
C13 PCW Z . 21.08 9.65 -34.99
C14 PCW Z . 19.61 9.85 -35.35
C15 PCW Z . 18.78 8.61 -35.02
C16 PCW Z . 19.33 7.38 -35.75
C17 PCW Z . 19.37 7.63 -37.26
C18 PCW Z . 17.98 7.93 -37.83
C19 PCW Z . 18.06 8.19 -39.20
C20 PCW Z . 17.12 7.66 -40.07
C21 PCW Z . 16.09 6.86 -39.59
C22 PCW Z . 14.77 7.65 -39.52
C23 PCW Z . 13.62 6.76 -39.04
C24 PCW Z . 12.31 7.55 -38.98
C25 PCW Z . 11.96 8.13 -40.36
C26 PCW Z . 10.65 8.93 -40.30
C27 PCW Z . 10.33 9.53 -41.66
C28 PCW Z . 11.43 10.48 -42.12
C31 PCW Z . 24.88 13.77 -34.81
C32 PCW Z . 24.63 15.27 -34.56
C33 PCW Z . 23.13 15.56 -34.50
C34 PCW Z . 22.48 14.96 -33.25
C35 PCW Z . 22.98 15.68 -31.99
C36 PCW Z . 22.25 15.15 -30.75
C37 PCW Z . 22.64 15.95 -29.51
C38 PCW Z . 21.87 15.45 -28.28
C39 PCW Z . 22.17 16.22 -27.16
C40 PCW Z . 21.50 16.00 -25.96
C41 PCW Z . 20.53 15.01 -25.87
C42 PCW Z . 19.30 15.50 -25.11
C43 PCW Z . 18.25 14.39 -25.02
C44 PCW Z . 16.99 14.86 -24.30
C45 PCW Z . 15.94 13.74 -24.27
C46 PCW Z . 14.67 14.20 -23.56
C47 PCW Z . 13.62 13.09 -23.53
C48 PCW Z . 12.35 13.55 -22.82
N PCW Z . 26.44 15.89 -39.36
O2 PCW Z . 26.06 13.22 -34.41
O3 PCW Z . 23.86 11.33 -33.88
O11 PCW Z . 24.11 9.96 -35.64
O31 PCW Z . 24.04 13.09 -35.39
O1P PCW Z . 29.27 11.82 -38.01
O2P PCW Z . 27.45 10.20 -37.30
O3P PCW Z . 28.32 11.94 -35.71
O4P PCW Z . 26.91 12.64 -37.67
P PCW Z . 28.03 11.56 -37.25
C1 PCW AA . 26.18 24.39 -29.36
C2 PCW AA . 25.01 25.36 -29.31
C3 PCW AA . 25.13 26.32 -30.49
C4 PCW AA . 28.10 23.21 -25.69
C5 PCW AA . 26.91 24.13 -25.45
C6 PCW AA . 26.75 22.92 -23.29
C7 PCW AA . 27.12 25.41 -23.30
C8 PCW AA . 25.63 25.15 -23.54
C11 PCW AA . 23.81 27.88 -29.45
C12 PCW AA . 22.58 28.78 -29.30
C13 PCW AA . 22.03 29.17 -30.68
C14 PCW AA . 20.66 29.82 -30.56
C15 PCW AA . 20.11 30.15 -31.95
C16 PCW AA . 18.66 30.64 -31.87
C17 PCW AA . 18.12 30.98 -33.26
C18 PCW AA . 16.63 31.28 -33.21
C19 PCW AA . 15.90 30.16 -32.82
C20 PCW AA . 15.30 29.36 -33.78
C21 PCW AA . 15.41 29.69 -35.12
C22 PCW AA . 14.83 28.59 -36.01
C23 PCW AA . 13.39 28.27 -35.63
C24 PCW AA . 12.50 29.53 -35.69
C25 PCW AA . 12.47 30.11 -37.11
C26 PCW AA . 11.64 31.39 -37.14
C27 PCW AA . 10.19 31.11 -36.73
C28 PCW AA . 9.37 32.40 -36.73
C31 PCW AA . 23.38 24.17 -28.21
C32 PCW AA . 22.06 23.41 -28.09
C33 PCW AA . 21.72 22.65 -29.37
C34 PCW AA . 20.35 21.98 -29.25
C35 PCW AA . 20.02 21.17 -30.51
C36 PCW AA . 18.61 20.57 -30.42
C37 PCW AA . 18.35 19.64 -31.60
C38 PCW AA . 16.93 19.08 -31.57
C39 PCW AA . 16.74 18.14 -32.57
C40 PCW AA . 15.69 18.24 -33.47
C41 PCW AA . 14.79 19.29 -33.39
C42 PCW AA . 13.73 19.16 -34.48
C43 PCW AA . 12.73 20.32 -34.45
C44 PCW AA . 11.71 20.16 -35.58
C45 PCW AA . 10.70 21.31 -35.59
C46 PCW AA . 9.91 21.38 -34.28
C47 PCW AA . 8.90 22.53 -34.32
C48 PCW AA . 8.11 22.63 -33.02
N PCW AA . 26.66 24.21 -24.00
O2 PCW AA . 23.77 24.65 -29.42
O3 PCW AA . 23.94 27.12 -30.57
O11 PCW AA . 24.68 27.85 -28.58
O31 PCW AA . 24.09 24.37 -27.21
O1P PCW AA . 26.82 21.21 -27.47
O2P PCW AA . 28.03 22.28 -29.42
O3P PCW AA . 26.18 23.49 -28.25
O4P PCW AA . 28.40 23.15 -27.09
P PCW AA . 27.38 22.42 -28.10
C1 PCW BA . 23.18 36.05 -18.15
C2 PCW BA . 22.90 35.11 -19.32
C3 PCW BA . 23.70 33.83 -19.14
C4 PCW BA . 22.34 40.66 -18.13
C5 PCW BA . 23.26 41.75 -18.68
C6 PCW BA . 24.59 43.64 -17.80
C7 PCW BA . 23.85 41.82 -16.22
C8 PCW BA . 25.07 41.31 -16.99
C11 PCW BA . 24.40 33.29 -21.25
C12 PCW BA . 24.42 32.50 -22.56
C13 PCW BA . 23.01 32.40 -23.17
C14 PCW BA . 23.05 31.66 -24.52
C15 PCW BA . 21.65 31.54 -25.11
C16 PCW BA . 21.70 30.87 -26.49
C17 PCW BA . 20.30 30.71 -27.08
C18 PCW BA . 19.43 29.80 -26.20
C19 PCW BA . 19.99 28.54 -26.11
C20 PCW BA . 19.20 27.43 -25.81
C21 PCW BA . 17.84 27.59 -25.59
C22 PCW BA . 17.03 26.84 -26.64
C23 PCW BA . 15.53 26.96 -26.34
C24 PCW BA . 15.19 26.36 -24.98
C25 PCW BA . 13.70 26.51 -24.67
C26 PCW BA . 13.37 25.92 -23.29
C27 PCW BA . 11.87 26.05 -22.99
C28 PCW BA . 11.53 25.46 -21.62
C31 PCW BA . 21.12 34.26 -20.52
C32 PCW BA . 19.66 33.86 -20.73
C33 PCW BA . 18.74 35.07 -20.66
C34 PCW BA . 17.28 34.64 -20.60
C35 PCW BA . 17.06 33.77 -19.36
C36 PCW BA . 15.60 33.30 -19.24
C37 PCW BA . 15.43 32.46 -17.97
C38 PCW BA . 14.00 31.96 -17.81
C39 PCW BA . 13.85 31.26 -16.63
C40 PCW BA . 12.70 31.41 -15.86
C41 PCW BA . 11.69 32.26 -16.29
C42 PCW BA . 10.42 32.07 -15.46
C43 PCW BA . 9.31 32.99 -15.95
C44 PCW BA . 8.05 32.84 -15.08
C45 PCW BA . 6.93 33.75 -15.60
C46 PCW BA . 7.36 35.22 -15.60
C47 PCW BA . 6.27 36.11 -16.17
C48 PCW BA . 6.72 37.58 -16.20
N PCW BA . 24.13 42.26 -17.61
O2 PCW BA . 21.50 34.82 -19.34
O3 PCW BA . 23.54 32.95 -20.26
O11 PCW BA . 25.20 34.21 -21.08
O31 PCW BA . 21.95 34.07 -21.42
O1P PCW BA . 21.01 38.62 -16.66
O2P PCW BA . 23.29 37.74 -15.93
O3P PCW BA . 22.38 37.23 -18.21
O4P PCW BA . 23.12 39.58 -17.65
P PCW BA . 22.42 38.28 -17.00
C1 PCW CA . 27.55 42.19 7.44
C2 PCW CA . 26.05 42.15 7.11
C3 PCW CA . 25.84 41.96 5.61
C4 PCW CA . 29.61 39.85 9.80
C5 PCW CA . 31.08 39.90 9.40
C6 PCW CA . 31.13 38.38 7.46
C7 PCW CA . 32.74 38.01 9.34
C8 PCW CA . 31.39 37.43 9.77
C11 PCW CA . 24.18 41.91 4.02
C12 PCW CA . 22.73 41.88 3.56
C13 PCW CA . 21.80 42.34 4.69
C14 PCW CA . 20.33 42.27 4.30
C15 PCW CA . 20.02 43.19 3.11
C16 PCW CA . 18.53 43.14 2.77
C17 PCW CA . 18.20 44.02 1.57
C18 PCW CA . 16.71 43.96 1.25
C19 PCW CA . 16.41 44.73 0.12
C20 PCW CA . 15.78 45.97 0.27
C21 PCW CA . 15.46 46.45 1.54
C22 PCW CA . 14.02 46.94 1.59
C23 PCW CA . 13.01 45.80 1.40
C24 PCW CA . 13.16 45.13 0.03
C25 PCW CA . 12.15 44.00 -0.13
C26 PCW CA . 12.32 43.31 -1.49
C27 PCW CA . 11.31 42.17 -1.65
C28 PCW CA . 11.46 41.12 -0.55
C31 PCW CA . 25.19 41.43 9.10
C32 PCW CA . 24.57 40.43 10.07
C33 PCW CA . 23.52 39.56 9.36
C34 PCW CA . 22.36 40.41 8.83
C35 PCW CA . 21.58 41.05 10.01
C36 PCW CA . 20.41 41.89 9.49
C37 PCW CA . 19.58 42.44 10.65
C38 PCW CA . 18.98 41.30 11.48
C39 PCW CA . 18.21 41.78 12.52
C40 PCW CA . 17.72 40.90 13.48
C41 PCW CA . 17.98 39.54 13.40
C42 PCW CA . 16.78 38.76 12.87
C43 PCW CA . 15.56 38.94 13.77
C44 PCW CA . 14.37 38.13 13.25
C45 PCW CA . 13.14 38.33 14.14
C46 PCW CA . 11.96 37.49 13.63
C47 PCW CA . 12.30 36.01 13.64
C48 PCW CA . 11.11 35.17 13.16
N PCW CA . 31.48 38.59 8.86
O2 PCW CA . 25.43 41.06 7.81
O3 PCW CA . 24.44 41.95 5.36
O11 PCW CA . 25.10 41.89 3.21
O31 PCW CA . 25.46 42.57 9.46
O1P PCW CA . 30.19 42.24 8.32
O2P PCW CA . 29.41 43.63 10.31
O3P PCW CA . 27.75 42.45 8.83
O4P PCW CA . 29.23 41.11 10.37
P PCW CA . 29.25 42.44 9.45
C1 PCW DA . 36.11 -0.90 -14.69
C2 PCW DA . 35.29 -0.98 -15.99
C3 PCW DA . 34.98 -2.43 -16.29
C4 PCW DA . 37.37 2.89 -17.11
C5 PCW DA . 36.67 3.12 -18.45
C6 PCW DA . 37.09 5.50 -17.91
C7 PCW DA . 37.90 4.57 -20.10
C8 PCW DA . 36.41 4.87 -20.24
C11 PCW DA . 34.10 -3.87 -17.83
C12 PCW DA . 33.37 -4.27 -19.13
C13 PCW DA . 33.27 -5.79 -19.24
C14 PCW DA . 32.63 -6.18 -20.57
C15 PCW DA . 31.22 -5.59 -20.70
C16 PCW DA . 30.27 -6.16 -19.65
C17 PCW DA . 28.92 -5.45 -19.71
C18 PCW DA . 27.92 -6.03 -18.70
C19 PCW DA . 26.79 -5.24 -18.64
C20 PCW DA . 25.51 -5.78 -18.61
C21 PCW DA . 25.30 -7.16 -18.65
C22 PCW DA . 24.18 -7.54 -17.68
C23 PCW DA . 23.72 -8.99 -17.87
C24 PCW DA . 22.58 -9.32 -16.90
C25 PCW DA . 21.92 -10.65 -17.22
C26 PCW DA . 22.92 -11.82 -17.14
C27 PCW DA . 22.22 -13.14 -17.46
C28 PCW DA . 23.19 -14.32 -17.45
C31 PCW DA . 33.54 0.08 -17.03
C32 PCW DA . 32.23 0.86 -17.07
C33 PCW DA . 31.27 0.31 -18.14
C34 PCW DA . 30.98 -1.17 -17.91
C35 PCW DA . 29.94 -1.68 -18.92
C36 PCW DA . 28.61 -0.97 -18.71
C37 PCW DA . 27.59 -1.39 -19.78
C38 PCW DA . 26.25 -0.67 -19.57
C39 PCW DA . 25.39 -0.90 -20.63
C40 PCW DA . 24.30 -1.77 -20.50
C41 PCW DA . 24.05 -2.42 -19.30
C42 PCW DA . 22.90 -3.41 -19.48
C43 PCW DA . 22.59 -4.16 -18.18
C44 PCW DA . 21.43 -5.13 -18.38
C45 PCW DA . 21.11 -5.90 -17.10
C46 PCW DA . 19.95 -6.88 -17.31
C47 PCW DA . 19.65 -7.65 -16.02
C48 PCW DA . 18.49 -8.62 -16.24
N PCW DA . 36.99 4.47 -18.95
O2 PCW DA . 34.09 -0.21 -15.82
O3 PCW DA . 34.26 -2.55 -17.53
O11 PCW DA . 34.54 -4.72 -17.07
O31 PCW DA . 34.11 -0.26 -18.07
O1P PCW DA . 38.33 2.19 -14.53
O2P PCW DA . 38.71 -0.06 -15.64
O3P PCW DA . 36.56 0.43 -14.44
O4P PCW DA . 37.09 1.57 -16.64
P PCW DA . 37.79 1.04 -15.29
C1 PCW EA . 34.26 18.67 16.25
C2 PCW EA . 33.03 18.38 17.12
C3 PCW EA . 33.51 18.13 18.55
C4 PCW EA . 35.00 22.09 14.46
C5 PCW EA . 34.29 23.41 14.15
C6 PCW EA . 33.98 25.64 15.17
C7 PCW EA . 35.78 24.12 16.04
C8 PCW EA . 36.31 24.77 14.76
C11 PCW EA . 31.65 16.84 19.02
C12 PCW EA . 30.42 16.44 19.83
C13 PCW EA . 30.72 16.44 21.33
C14 PCW EA . 29.50 15.98 22.14
C15 PCW EA . 29.82 15.94 23.64
C16 PCW EA . 28.68 15.31 24.43
C17 PCW EA . 29.04 15.16 25.91
C18 PCW EA . 30.36 14.41 26.05
C19 PCW EA . 30.66 14.07 27.37
C20 PCW EA . 30.34 14.87 28.45
C21 PCW EA . 29.69 16.09 28.30
C22 PCW EA . 30.58 17.24 28.78
C23 PCW EA . 29.78 18.55 28.88
C24 PCW EA . 28.69 18.43 29.95
C25 PCW EA . 27.90 19.73 30.09
C26 PCW EA . 26.82 19.60 31.17
C27 PCW EA . 25.84 18.47 30.84
C28 PCW EA . 24.77 18.35 31.92
C31 PCW EA . 31.42 19.49 15.96
C32 PCW EA . 30.42 20.62 15.68
C33 PCW EA . 29.85 21.21 16.97
C34 PCW EA . 30.94 21.81 17.85
C35 PCW EA . 30.33 22.49 19.07
C36 PCW EA . 31.40 23.12 19.96
C37 PCW EA . 30.77 23.92 21.09
C38 PCW EA . 31.85 24.56 21.99
C39 PCW EA . 31.26 25.37 22.95
C40 PCW EA . 31.58 25.22 24.30
C41 PCW EA . 32.51 24.25 24.70
C42 PCW EA . 32.53 24.13 26.22
C43 PCW EA . 33.56 23.11 26.69
C44 PCW EA . 33.56 23.00 28.21
C45 PCW EA . 32.18 22.60 28.74
C46 PCW EA . 32.20 22.50 30.27
C47 PCW EA . 30.82 22.14 30.82
C48 PCW EA . 30.86 22.03 32.35
N PCW EA . 34.87 24.49 14.94
O2 PCW EA . 32.16 19.51 17.09
O3 PCW EA . 32.38 17.93 19.42
O11 PCW EA . 32.00 16.20 18.04
O31 PCW EA . 31.51 18.55 15.18
O1P PCW EA . 36.27 19.54 14.53
O2P PCW EA . 34.84 18.80 12.57
O3P PCW EA . 33.88 18.90 14.89
O4P PCW EA . 34.43 21.04 13.67
P PCW EA . 34.95 19.53 13.85
C1 PCW FA . 38.90 -5.89 -11.23
C2 PCW FA . 37.87 -6.86 -10.65
C3 PCW FA . 36.82 -7.15 -11.71
C4 PCW FA . 41.74 -2.32 -11.04
C5 PCW FA . 41.02 -0.99 -11.21
C6 PCW FA . 39.06 -1.69 -12.54
C7 PCW FA . 40.46 0.26 -13.32
C8 PCW FA . 41.17 -1.04 -13.72
C11 PCW FA . 35.05 -7.44 -10.28
C12 PCW FA . 33.89 -8.24 -9.66
C13 PCW FA . 33.81 -9.63 -10.29
C14 PCW FA . 32.52 -10.35 -9.90
C15 PCW FA . 32.40 -10.55 -8.40
C16 PCW FA . 31.11 -11.31 -8.06
C17 PCW FA . 30.95 -11.53 -6.55
C18 PCW FA . 29.64 -12.26 -6.26
C19 PCW FA . 29.45 -12.48 -4.90
C20 PCW FA . 28.17 -12.67 -4.39
C21 PCW FA . 27.08 -12.64 -5.26
C22 PCW FA . 25.89 -13.39 -4.68
C23 PCW FA . 24.70 -13.32 -5.64
C24 PCW FA . 24.30 -11.87 -5.92
C25 PCW FA . 23.87 -11.16 -4.63
C26 PCW FA . 23.50 -9.70 -4.92
C27 PCW FA . 23.06 -8.98 -3.64
C28 PCW FA . 21.81 -9.62 -3.04
C31 PCW FA . 39.15 -8.66 -11.30
C32 PCW FA . 39.97 -9.92 -11.07
C33 PCW FA . 39.26 -11.18 -11.59
C34 PCW FA . 37.96 -11.45 -10.82
C35 PCW FA . 37.39 -12.81 -11.20
C36 PCW FA . 36.13 -13.13 -10.39
C37 PCW FA . 35.67 -14.57 -10.64
C38 PCW FA . 34.44 -14.93 -9.80
C39 PCW FA . 34.13 -16.27 -9.92
C40 PCW FA . 33.06 -16.68 -10.72
C41 PCW FA . 32.30 -15.74 -11.40
C42 PCW FA . 31.18 -16.41 -12.20
C43 PCW FA . 30.34 -15.37 -12.95
C44 PCW FA . 29.23 -16.05 -13.76
C45 PCW FA . 28.41 -15.01 -14.53
C46 PCW FA . 29.30 -14.19 -15.47
C47 PCW FA . 28.48 -13.15 -16.23
C48 PCW FA . 29.36 -12.34 -17.18
N PCW FA . 40.33 -0.96 -12.51
O2 PCW FA . 38.53 -8.06 -10.25
O3 PCW FA . 35.83 -8.05 -11.22
O11 PCW FA . 35.26 -6.28 -9.97
O31 PCW FA . 39.05 -8.18 -12.43
O1P PCW FA . 42.27 -4.92 -9.69
O2P PCW FA . 41.71 -5.51 -12.10
O3P PCW FA . 39.96 -5.64 -10.31
O4P PCW FA . 40.80 -3.40 -11.07
P PCW FA . 41.30 -4.91 -10.81
C1 PCW GA . 35.33 0.92 -27.80
C2 PCW GA . 33.93 0.39 -27.48
C3 PCW GA . 32.97 1.03 -28.47
C4 PCW GA . 36.05 3.71 -29.87
C5 PCW GA . 37.39 4.44 -29.94
C6 PCW GA . 39.11 4.85 -31.68
C7 PCW GA . 36.75 4.31 -32.37
C8 PCW GA . 36.80 5.79 -31.98
C11 PCW GA . 31.55 -0.67 -29.02
C12 PCW GA . 30.22 -1.42 -29.02
C13 PCW GA . 30.43 -2.94 -29.03
C14 PCW GA . 29.08 -3.65 -28.99
C15 PCW GA . 29.24 -5.17 -28.96
C16 PCW GA . 27.89 -5.84 -28.75
C17 PCW GA . 27.23 -5.32 -27.47
C18 PCW GA . 25.86 -5.94 -27.23
C19 PCW GA . 25.25 -5.36 -26.11
C20 PCW GA . 24.27 -6.04 -25.42
C21 PCW GA . 23.84 -7.30 -25.83
C22 PCW GA . 22.51 -7.66 -25.17
C23 PCW GA . 22.04 -9.06 -25.56
C24 PCW GA . 20.70 -9.38 -24.89
C25 PCW GA . 20.23 -10.79 -25.25
C26 PCW GA . 18.89 -11.11 -24.58
C27 PCW GA . 18.44 -12.54 -24.91
C28 PCW GA . 18.22 -12.71 -26.41
C31 PCW GA . 34.74 -1.57 -26.64
C32 PCW GA . 34.96 -3.08 -26.59
C33 PCW GA . 33.69 -3.85 -26.98
C34 PCW GA . 33.98 -5.35 -27.01
C35 PCW GA . 32.71 -6.15 -27.36
C36 PCW GA . 33.03 -7.65 -27.39
C37 PCW GA . 31.77 -8.47 -27.66
C38 PCW GA . 32.10 -9.96 -27.73
C39 PCW GA . 30.96 -10.72 -27.91
C40 PCW GA . 30.44 -11.44 -26.85
C41 PCW GA . 31.07 -11.38 -25.62
C42 PCW GA . 30.24 -10.56 -24.62
C43 PCW GA . 30.97 -10.46 -23.27
C44 PCW GA . 30.12 -9.70 -22.25
C45 PCW GA . 28.85 -10.48 -21.89
C46 PCW GA . 27.95 -10.70 -23.11
C47 PCW GA . 26.70 -11.48 -22.73
C48 PCW GA . 25.81 -11.71 -23.95
N PCW GA . 37.68 4.81 -31.33
O2 PCW GA . 33.94 -1.03 -27.59
O3 PCW GA . 31.64 0.49 -28.32
O11 PCW GA . 32.53 -1.11 -29.64
O31 PCW GA . 35.26 -0.83 -25.80
O1P PCW GA . 37.88 1.72 -28.89
O2P PCW GA . 37.40 0.31 -30.95
O3P PCW GA . 35.72 0.49 -29.10
O4P PCW GA . 36.14 2.46 -30.57
P PCW GA . 36.91 1.23 -29.89
C1 PCW HA . 20.42 36.94 -28.46
C2 PCW HA . 19.84 36.88 -27.05
C3 PCW HA . 19.00 38.12 -26.78
C4 PCW HA . 22.20 37.79 -25.23
C5 PCW HA . 23.66 37.40 -24.93
C6 PCW HA . 22.70 36.79 -22.71
C7 PCW HA . 24.07 35.11 -23.99
C8 PCW HA . 25.04 36.08 -23.31
C11 PCW HA . 17.39 38.99 -25.38
C12 PCW HA . 16.49 38.98 -24.14
C13 PCW HA . 15.28 38.06 -24.36
C14 PCW HA . 14.43 37.92 -23.10
C15 PCW HA . 13.24 36.99 -23.36
C16 PCW HA . 12.28 37.61 -24.37
C17 PCW HA . 11.16 36.62 -24.73
C18 PCW HA . 10.16 37.25 -25.71
C19 PCW HA . 9.27 36.31 -26.20
C20 PCW HA . 8.41 35.61 -25.36
C21 PCW HA . 8.41 35.81 -23.99
C22 PCW HA . 8.51 34.48 -23.23
C23 PCW HA . 7.39 33.53 -23.66
C24 PCW HA . 6.01 34.10 -23.34
C25 PCW HA . 4.91 33.14 -23.82
C26 PCW HA . 3.52 33.69 -23.49
C27 PCW HA . 3.31 35.04 -24.15
C28 PCW HA . 1.93 35.60 -23.81
C31 PCW HA . 18.82 35.44 -25.62
C32 PCW HA . 17.90 34.29 -25.20
C33 PCW HA . 17.65 33.32 -26.37
C34 PCW HA . 16.62 32.27 -25.97
C35 PCW HA . 17.07 31.48 -24.74
C36 PCW HA . 16.00 30.47 -24.32
C37 PCW HA . 16.45 29.68 -23.09
C38 PCW HA . 15.37 28.68 -22.66
C39 PCW HA . 15.79 27.92 -21.58
C40 PCW HA . 14.97 27.74 -20.47
C41 PCW HA . 13.71 28.32 -20.42
C42 PCW HA . 12.98 27.94 -19.14
C43 PCW HA . 11.60 28.60 -19.05
C44 PCW HA . 10.90 28.18 -17.75
C45 PCW HA . 9.52 28.85 -17.64
C46 PCW HA . 8.83 28.44 -16.33
C47 PCW HA . 7.47 29.11 -16.21
C48 PCW HA . 6.77 28.71 -14.91
N PCW HA . 23.70 36.51 -23.76
O2 PCW HA . 19.01 35.73 -26.93
O3 PCW HA . 18.28 37.96 -25.55
O11 PCW HA . 17.33 39.89 -26.20
O31 PCW HA . 19.39 36.11 -24.76
O1P PCW HA . 23.19 36.73 -27.66
O2P PCW HA . 23.58 39.12 -28.43
O3P PCW HA . 21.32 38.05 -28.64
O4P PCW HA . 22.19 38.66 -26.37
P PCW HA . 22.69 38.11 -27.80
C1 PCW IA . 32.32 13.19 5.86
C2 PCW IA . 31.69 13.46 7.23
C3 PCW IA . 32.11 12.40 8.24
C4 PCW IA . 35.22 12.48 9.32
C5 PCW IA . 36.67 12.03 9.11
C6 PCW IA . 36.62 11.86 11.58
C7 PCW IA . 37.37 9.88 10.22
C8 PCW IA . 38.54 10.86 10.31
C11 PCW IA . 31.91 11.77 10.44
C12 PCW IA . 31.44 11.92 11.88
C13 PCW IA . 32.50 12.62 12.73
C14 PCW IA . 31.96 12.99 14.11
C15 PCW IA . 31.46 11.76 14.88
C16 PCW IA . 30.87 12.17 16.23
C17 PCW IA . 30.37 10.96 17.01
C18 PCW IA . 29.75 11.40 18.33
C19 PCW IA . 29.31 10.30 19.08
C20 PCW IA . 27.99 9.86 18.97
C21 PCW IA . 27.09 10.52 18.14
C22 PCW IA . 27.08 9.86 16.75
C23 PCW IA . 26.66 8.39 16.85
C24 PCW IA . 25.24 8.26 17.39
C25 PCW IA . 24.23 8.93 16.45
C26 PCW IA . 22.80 8.76 16.96
C27 PCW IA . 21.80 9.41 16.01
C28 PCW IA . 20.37 9.24 16.53
C31 PCW IA . 31.22 15.23 8.63
C32 PCW IA . 31.50 16.58 9.29
C33 PCW IA . 31.23 17.74 8.32
C34 PCW IA . 29.73 17.97 8.10
C35 PCW IA . 29.06 18.43 9.41
C36 PCW IA . 27.58 18.76 9.17
C37 PCW IA . 26.96 19.32 10.46
C38 PCW IA . 25.49 19.69 10.26
C39 PCW IA . 24.97 20.24 11.43
C40 PCW IA . 23.61 20.26 11.66
C41 PCW IA . 22.73 19.72 10.73
C42 PCW IA . 21.29 20.13 11.06
C43 PCW IA . 20.32 19.56 10.02
C44 PCW IA . 18.88 20.01 10.32
C45 PCW IA . 17.91 19.44 9.30
C46 PCW IA . 16.48 19.90 9.58
C47 PCW IA . 15.50 19.31 8.57
C48 PCW IA . 14.06 19.78 8.84
N PCW IA . 37.15 11.33 10.31
O2 PCW IA . 32.09 14.76 7.68
O3 PCW IA . 31.55 12.70 9.53
O11 PCW IA . 32.62 10.81 10.11
O31 PCW IA . 30.21 14.57 8.91
O1P PCW IA . 34.06 11.15 6.89
O2P PCW IA . 36.07 12.51 6.12
O3P PCW IA . 33.73 13.40 5.88
O4P PCW IA . 34.76 13.19 8.16
P PCW IA . 34.72 12.47 6.73
C1 PCW JA . 41.28 -1.54 13.37
C2 PCW JA . 39.76 -1.41 13.26
C3 PCW JA . 39.07 -2.23 14.34
C4 PCW JA . 42.55 -2.49 10.35
C5 PCW JA . 41.03 -2.56 10.56
C6 PCW JA . 39.00 -1.23 10.11
C7 PCW JA . 41.17 -0.59 9.00
C8 PCW JA . 40.57 -1.76 8.23
C11 PCW JA . 37.30 -2.74 12.99
C12 PCW JA . 35.85 -2.79 12.54
C13 PCW JA . 35.16 -4.06 13.06
C14 PCW JA . 33.74 -4.20 12.49
C15 PCW JA . 33.08 -5.48 13.02
C16 PCW JA . 32.82 -5.38 14.52
C17 PCW JA . 31.62 -4.49 14.82
C18 PCW JA . 30.32 -5.18 14.37
C19 PCW JA . 30.17 -6.39 15.04
C20 PCW JA . 29.00 -7.13 14.94
C21 PCW JA . 27.93 -6.69 14.15
C22 PCW JA . 26.63 -6.73 14.96
C23 PCW JA . 25.42 -6.37 14.11
C24 PCW JA . 25.25 -7.36 12.96
C25 PCW JA . 24.00 -7.05 12.13
C26 PCW JA . 22.72 -7.22 12.94
C27 PCW JA . 22.65 -6.22 14.10
C28 PCW JA . 21.37 -6.43 14.92
C31 PCW JA . 39.95 0.69 12.38
C32 PCW JA . 39.69 2.18 12.26
C33 PCW JA . 38.38 2.45 11.52
C34 PCW JA . 38.25 3.93 11.13
C35 PCW JA . 38.21 4.85 12.35
C36 PCW JA . 38.15 6.32 11.88
C37 PCW JA . 38.05 7.29 13.06
C38 PCW JA . 36.77 7.07 13.85
C39 PCW JA . 36.62 8.02 14.85
C40 PCW JA . 36.26 7.64 16.14
C41 PCW JA . 36.03 6.30 16.43
C42 PCW JA . 35.21 6.14 17.70
C43 PCW JA . 33.82 6.78 17.56
C44 PCW JA . 32.99 6.58 18.82
C45 PCW JA . 31.60 7.19 18.67
C46 PCW JA . 30.75 6.95 19.91
C47 PCW JA . 30.57 5.45 20.17
C48 PCW JA . 29.72 5.21 21.43
N PCW JA . 40.34 -1.61 9.67
O2 PCW JA . 39.37 -0.03 13.37
O3 PCW JA . 37.65 -2.15 14.16
O11 PCW JA . 38.18 -3.24 12.29
O31 PCW JA . 40.70 0.13 11.57
O1P PCW JA . 44.02 -1.94 13.09
O2P PCW JA . 43.68 -4.43 13.47
O3P PCW JA . 41.72 -2.89 13.17
O4P PCW JA . 43.21 -3.41 11.21
P PCW JA . 43.26 -3.17 12.80
C1 PCW KA . 32.57 26.96 12.47
C2 PCW KA . 31.19 26.34 12.32
C3 PCW KA . 31.28 24.83 12.55
C4 PCW KA . 33.75 30.09 9.78
C5 PCW KA . 34.36 29.85 8.39
C6 PCW KA . 32.33 31.04 7.64
C7 PCW KA . 34.58 31.84 6.88
C8 PCW KA . 34.19 30.63 6.02
C11 PCW KA . 30.16 22.85 12.40
C12 PCW KA . 28.96 21.94 12.18
C13 PCW KA . 28.46 21.35 13.50
C14 PCW KA . 27.22 20.48 13.27
C15 PCW KA . 26.64 19.96 14.59
C16 PCW KA . 25.35 19.16 14.33
C17 PCW KA . 24.74 18.66 15.63
C18 PCW KA . 23.44 17.90 15.34
C19 PCW KA . 22.86 17.42 16.51
C20 PCW KA . 22.25 16.18 16.53
C21 PCW KA . 22.21 15.41 15.37
C22 PCW KA . 20.88 15.55 14.65
C23 PCW KA . 20.85 14.73 13.37
C24 PCW KA . 19.49 14.82 12.67
C25 PCW KA . 18.38 14.29 13.57
C26 PCW KA . 18.62 12.82 13.91
C27 PCW KA . 18.69 11.95 12.66
C28 PCW KA . 18.94 10.48 13.01
C31 PCW KA . 28.99 26.83 12.85
C32 PCW KA . 27.89 27.41 13.73
C33 PCW KA . 26.85 28.15 12.88
C34 PCW KA . 25.87 28.93 13.76
C35 PCW KA . 25.10 28.00 14.70
C36 PCW KA . 24.22 27.02 13.92
C37 PCW KA . 23.44 26.12 14.87
C38 PCW KA . 22.53 25.15 14.12
C39 PCW KA . 21.82 24.33 14.99
C40 PCW KA . 20.60 23.78 14.61
C41 PCW KA . 20.09 24.06 13.33
C42 PCW KA . 19.22 22.91 12.84
C43 PCW KA . 18.03 22.68 13.79
C44 PCW KA . 17.16 21.52 13.30
C45 PCW KA . 15.96 21.31 14.24
C46 PCW KA . 15.09 20.15 13.76
C47 PCW KA . 15.89 18.85 13.72
C48 PCW KA . 15.00 17.68 13.26
N PCW KA . 33.75 30.75 7.42
O2 PCW KA . 30.29 26.94 13.26
O3 PCW KA . 30.01 24.20 12.32
O11 PCW KA . 31.27 22.38 12.64
O31 PCW KA . 28.73 26.28 11.78
O1P PCW KA . 33.51 30.63 12.64
O2P PCW KA . 34.87 28.52 13.09
O3P PCW KA . 32.52 28.37 12.23
O4P PCW KA . 34.35 29.21 10.73
P PCW KA . 33.87 29.23 12.26
C1 PCW LA . 39.03 -6.67 -15.75
C2 PCW LA . 37.71 -7.13 -15.14
C3 PCW LA . 36.91 -5.94 -14.62
C4 PCW LA . 39.86 -2.96 -18.07
C5 PCW LA . 39.56 -1.85 -19.08
C6 PCW LA . 37.25 -1.19 -18.51
C7 PCW LA . 37.82 -1.76 -20.88
C8 PCW LA . 37.64 -3.07 -20.12
C11 PCW LA . 34.81 -5.49 -13.74
C12 PCW LA . 33.34 -5.80 -13.47
C13 PCW LA . 32.72 -6.36 -14.76
C14 PCW LA . 31.28 -6.83 -14.55
C15 PCW LA . 30.72 -7.36 -15.87
C16 PCW LA . 31.59 -8.52 -16.39
C17 PCW LA . 31.23 -8.87 -17.83
C18 PCW LA . 32.14 -9.98 -18.36
C19 PCW LA . 31.96 -10.16 -19.73
C20 PCW LA . 31.66 -11.41 -20.25
C21 PCW LA . 31.51 -12.52 -19.42
C22 PCW LA . 30.65 -13.58 -20.11
C23 PCW LA . 30.47 -14.81 -19.21
C24 PCW LA . 29.61 -15.87 -19.91
C25 PCW LA . 29.39 -17.08 -19.01
C26 PCW LA . 28.51 -18.12 -19.72
C27 PCW LA . 27.16 -17.50 -20.11
C28 PCW LA . 26.27 -18.53 -20.81
C31 PCW LA . 37.57 -8.91 -16.58
C32 PCW LA . 36.87 -9.79 -17.63
C33 PCW LA . 35.81 -10.67 -16.97
C34 PCW LA . 36.45 -11.58 -15.92
C35 PCW LA . 35.39 -12.40 -15.18
C36 PCW LA . 34.43 -11.48 -14.41
C37 PCW LA . 33.38 -12.27 -13.64
C38 PCW LA . 32.45 -11.34 -12.86
C39 PCW LA . 31.50 -12.06 -12.14
C40 PCW LA . 30.15 -11.88 -12.41
C41 PCW LA . 29.73 -11.01 -13.40
C42 PCW LA . 28.27 -11.26 -13.79
C43 PCW LA . 27.84 -10.33 -14.92
C44 PCW LA . 26.41 -10.62 -15.34
C45 PCW LA . 25.42 -10.36 -14.20
C46 PCW LA . 25.47 -8.89 -13.77
C47 PCW LA . 24.46 -8.60 -12.66
C48 PCW LA . 24.48 -7.12 -12.27
N PCW LA . 38.14 -1.87 -19.45
O2 PCW LA . 36.93 -7.80 -16.14
O3 PCW LA . 35.57 -6.42 -14.36
O11 PCW LA . 35.31 -4.42 -13.37
O31 PCW LA . 38.68 -9.20 -16.16
O1P PCW LA . 41.21 -5.32 -17.10
O2P PCW LA . 40.10 -6.67 -18.95
O3P PCW LA . 38.79 -5.91 -16.94
O4P PCW LA . 39.56 -4.22 -18.66
P PCW LA . 40.01 -5.59 -17.94
C1 PCW MA . 22.83 44.83 -12.42
C2 PCW MA . 21.55 44.58 -13.19
C3 PCW MA . 21.86 43.94 -14.53
C4 PCW MA . 23.15 48.66 -11.17
C5 PCW MA . 23.53 49.72 -12.22
C6 PCW MA . 24.21 49.83 -14.59
C7 PCW MA . 23.15 47.73 -13.71
C8 PCW MA . 22.03 48.72 -13.97
C11 PCW MA . 20.92 43.82 -16.61
C12 PCW MA . 19.75 43.87 -17.61
C13 PCW MA . 18.43 43.97 -16.83
C14 PCW MA . 17.25 44.25 -17.76
C15 PCW MA . 15.95 44.35 -16.96
C16 PCW MA . 14.77 44.77 -17.85
C17 PCW MA . 15.01 46.18 -18.40
C18 PCW MA . 13.86 46.63 -19.31
C19 PCW MA . 13.72 45.78 -20.41
C20 PCW MA . 12.47 45.56 -20.95
C21 PCW MA . 11.35 46.16 -20.41
C22 PCW MA . 10.41 46.67 -21.50
C23 PCW MA . 9.93 45.53 -22.39
C24 PCW MA . 9.04 46.04 -23.52
C25 PCW MA . 8.55 44.88 -24.41
C26 PCW MA . 7.74 43.88 -23.60
C27 PCW MA . 7.25 42.73 -24.48
C28 PCW MA . 6.40 41.73 -23.68
C31 PCW MA . 19.91 44.52 -11.60
C32 PCW MA . 18.93 43.86 -10.64
C33 PCW MA . 18.00 44.88 -9.99
C34 PCW MA . 17.16 45.60 -11.04
C35 PCW MA . 16.17 46.57 -10.38
C36 PCW MA . 15.30 47.26 -11.44
C37 PCW MA . 14.28 48.19 -10.78
C38 PCW MA . 13.35 48.83 -11.84
C39 PCW MA . 12.42 49.65 -11.24
C40 PCW MA . 11.33 49.10 -10.57
C41 PCW MA . 11.19 47.72 -10.47
C42 PCW MA . 10.16 47.19 -11.48
C43 PCW MA . 10.03 45.67 -11.37
C44 PCW MA . 9.00 45.13 -12.36
C45 PCW MA . 8.84 43.61 -12.24
C46 PCW MA . 7.81 43.08 -13.23
C47 PCW MA . 6.43 43.66 -12.97
C48 PCW MA . 5.41 43.17 -14.00
N PCW MA . 23.38 49.17 -13.57
O2 PCW MA . 20.66 43.74 -12.43
O3 PCW MA . 20.64 43.93 -15.29
O11 PCW MA . 22.08 43.72 -17.00
O31 PCW MA . 20.00 45.75 -11.67
O1P PCW MA . 23.26 46.64 -9.07
O2P PCW MA . 24.98 45.37 -10.43
O3P PCW MA . 22.58 45.50 -11.18
O4P PCW MA . 24.04 47.54 -11.28
P PCW MA . 23.78 46.23 -10.39
C1 PCW NA . 25.73 40.66 -7.34
C2 PCW NA . 25.57 39.61 -6.24
C3 PCW NA . 26.94 39.02 -5.92
C4 PCW NA . 24.11 44.55 -7.41
C5 PCW NA . 23.05 45.35 -6.65
C6 PCW NA . 25.09 46.30 -5.60
C7 PCW NA . 23.31 47.84 -6.49
C8 PCW NA . 22.84 47.33 -5.13
C11 PCW NA . 26.64 38.35 -3.72
C12 PCW NA . 26.45 37.32 -2.61
C13 PCW NA . 27.80 36.87 -2.06
C14 PCW NA . 27.65 35.65 -1.14
C15 PCW NA . 29.03 35.15 -0.69
C16 PCW NA . 29.65 36.10 0.34
C17 PCW NA . 29.05 35.88 1.73
C18 PCW NA . 27.52 36.04 1.73
C19 PCW NA . 27.00 35.74 2.99
C20 PCW NA . 25.84 34.99 3.10
C21 PCW NA . 25.19 34.54 1.96
C22 PCW NA . 23.67 34.44 2.17
C23 PCW NA . 23.32 33.45 3.28
C24 PCW NA . 21.81 33.35 3.46
C25 PCW NA . 21.45 32.34 4.56
C26 PCW NA . 22.05 32.75 5.91
C27 PCW NA . 21.69 31.74 7.00
C28 PCW NA . 22.29 32.13 8.34
C31 PCW NA . 23.73 40.53 -5.20
C32 PCW NA . 23.01 41.23 -4.04
C33 PCW NA . 21.49 40.99 -4.08
C34 PCW NA . 21.15 39.50 -4.04
C35 PCW NA . 19.65 39.30 -3.92
C36 PCW NA . 19.14 39.91 -2.61
C37 PCW NA . 17.63 39.77 -2.45
C38 PCW NA . 16.89 40.51 -3.56
C39 PCW NA . 15.52 40.51 -3.33
C40 PCW NA . 14.73 39.45 -3.76
C41 PCW NA . 15.29 38.36 -4.42
C42 PCW NA . 14.54 37.08 -4.07
C43 PCW NA . 14.64 36.76 -2.58
C44 PCW NA . 13.83 35.52 -2.22
C45 PCW NA . 14.26 34.31 -3.06
C46 PCW NA . 15.74 33.98 -2.82
C47 PCW NA . 16.18 32.78 -3.67
C48 PCW NA . 17.65 32.45 -3.44
N PCW NA . 23.69 46.50 -6.01
O2 PCW NA . 25.05 40.22 -5.05
O3 PCW NA . 26.81 37.93 -5.01
O11 PCW NA . 26.65 39.55 -3.47
O31 PCW NA . 23.14 40.25 -6.24
O1P PCW NA . 25.74 42.86 -9.04
O2P PCW NA . 23.62 41.83 -10.02
O3P PCW NA . 24.45 41.16 -7.76
O4P PCW NA . 23.47 43.45 -8.09
P PCW NA . 24.36 42.34 -8.85
C1 PCW OA . 34.89 9.95 -14.54
C2 PCW OA . 34.23 8.78 -13.79
C3 PCW OA . 32.82 9.21 -13.38
C4 PCW OA . 36.19 12.96 -16.40
C5 PCW OA . 37.57 13.61 -16.29
C6 PCW OA . 38.61 15.86 -16.48
C7 PCW OA . 36.11 15.66 -16.29
C8 PCW OA . 36.70 15.49 -14.88
C11 PCW OA . 30.84 8.26 -12.69
C12 PCW OA . 29.96 7.16 -12.11
C13 PCW OA . 29.21 6.40 -13.20
C14 PCW OA . 28.39 5.25 -12.62
C15 PCW OA . 27.61 4.53 -13.72
C16 PCW OA . 26.84 3.33 -13.15
C17 PCW OA . 25.88 3.79 -12.04
C18 PCW OA . 24.82 4.76 -12.57
C19 PCW OA . 24.00 4.14 -13.51
C20 PCW OA . 22.65 3.93 -13.23
C21 PCW OA . 22.13 4.31 -12.00
C22 PCW OA . 22.24 3.19 -10.97
C23 PCW OA . 21.43 1.97 -11.40
C24 PCW OA . 21.56 0.84 -10.37
C25 PCW OA . 21.10 1.29 -8.97
C26 PCW OA . 21.25 0.16 -7.96
C27 PCW OA . 22.71 -0.27 -7.82
C28 PCW OA . 22.86 -1.42 -6.82
C31 PCW OA . 35.21 6.89 -14.67
C32 PCW OA . 35.20 5.59 -15.49
C33 PCW OA . 35.38 4.38 -14.56
C34 PCW OA . 34.99 3.08 -15.27
C35 PCW OA . 33.49 3.06 -15.58
C36 PCW OA . 33.12 4.17 -16.57
C37 PCW OA . 31.61 4.31 -16.71
C38 PCW OA . 31.27 5.39 -17.73
C39 PCW OA . 29.91 5.72 -17.69
C40 PCW OA . 29.00 5.09 -18.53
C41 PCW OA . 29.40 4.11 -19.42
C42 PCW OA . 28.18 3.47 -20.11
C43 PCW OA . 28.59 2.37 -21.08
C44 PCW OA . 27.36 1.74 -21.73
C45 PCW OA . 27.76 0.63 -22.71
C46 PCW OA . 26.52 0.00 -23.35
C47 PCW OA . 26.94 -1.12 -24.33
C48 PCW OA . 25.70 -1.77 -24.95
N PCW OA . 37.44 15.06 -16.07
O2 PCW OA . 34.08 7.65 -14.64
O3 PCW OA . 32.18 8.07 -12.79
O11 PCW OA . 30.35 9.32 -13.09
O31 PCW OA . 36.22 7.25 -14.06
O1P PCW OA . 37.52 11.52 -14.40
O2P PCW OA . 38.32 10.02 -16.29
O3P PCW OA . 36.16 9.56 -15.09
O4P PCW OA . 36.36 11.56 -16.62
P PCW OA . 37.20 10.68 -15.57
C1 PCW PA . 36.82 9.53 -28.45
C2 PCW PA . 35.88 9.07 -27.35
C3 PCW PA . 35.65 10.21 -26.37
C4 PCW PA . 38.36 5.95 -27.01
C5 PCW PA . 38.32 5.86 -25.49
C6 PCW PA . 37.30 3.64 -25.96
C7 PCW PA . 39.35 3.79 -24.50
C8 PCW PA . 38.14 4.16 -23.65
C11 PCW PA . 35.70 9.11 -24.36
C12 PCW PA . 35.12 8.61 -23.04
C13 PCW PA . 36.21 8.32 -22.01
C14 PCW PA . 35.62 7.97 -20.64
C15 PCW PA . 34.79 9.13 -20.09
C16 PCW PA . 34.30 8.83 -18.67
C17 PCW PA . 33.37 7.62 -18.63
C18 PCW PA . 32.05 7.89 -19.36
C19 PCW PA . 32.24 8.16 -20.71
C20 PCW PA . 31.14 8.31 -21.55
C21 PCW PA . 29.85 8.19 -21.05
C22 PCW PA . 28.81 8.57 -22.11
C23 PCW PA . 27.39 8.45 -21.56
C24 PCW PA . 27.10 7.02 -21.08
C25 PCW PA . 25.68 6.92 -20.52
C26 PCW PA . 25.37 5.51 -20.04
C27 PCW PA . 23.94 5.44 -19.48
C28 PCW PA . 23.62 4.02 -18.98
C31 PCW PA . 33.92 7.83 -27.12
C32 PCW PA . 32.52 7.39 -27.54
C33 PCW PA . 31.84 6.55 -26.46
C34 PCW PA . 30.32 6.54 -26.69
C35 PCW PA . 29.80 7.97 -26.63
C36 PCW PA . 28.29 8.06 -26.87
C37 PCW PA . 27.85 9.52 -26.84
C38 PCW PA . 26.33 9.67 -27.03
C39 PCW PA . 25.97 11.00 -27.03
C40 PCW PA . 24.67 11.40 -27.27
C41 PCW PA . 23.68 10.45 -27.55
C42 PCW PA . 22.74 10.29 -26.36
C43 PCW PA . 21.62 9.29 -26.67
C44 PCW PA . 20.71 9.11 -25.45
C45 PCW PA . 20.13 10.45 -24.99
C46 PCW PA . 19.26 10.28 -23.74
C47 PCW PA . 18.73 11.63 -23.28
C48 PCW PA . 17.84 11.48 -22.05
N PCW PA . 38.17 4.45 -25.09
O2 PCW PA . 34.62 8.66 -27.94
O3 PCW PA . 34.89 9.79 -25.23
O11 PCW PA . 36.88 8.90 -24.65
O31 PCW PA . 34.42 7.42 -26.08
O1P PCW PA . 38.75 6.50 -29.77
O2P PCW PA . 39.73 8.75 -29.10
O3P PCW PA . 37.26 8.44 -29.26
O4P PCW PA . 38.53 7.32 -27.40
P PCW PA . 38.67 7.74 -28.95
C1 PCW QA . 36.11 12.40 -30.27
C2 PCW QA . 34.59 12.29 -30.25
C3 PCW QA . 34.08 12.40 -28.82
C4 PCW QA . 35.18 16.40 -28.47
C5 PCW QA . 33.86 16.72 -27.76
C6 PCW QA . 35.40 17.24 -25.88
C7 PCW QA . 33.74 18.97 -26.63
C8 PCW QA . 33.00 17.95 -25.75
C11 PCW QA . 32.18 12.49 -27.55
C12 PCW QA . 30.68 12.57 -27.28
C13 PCW QA . 30.38 13.77 -26.38
C14 PCW QA . 28.89 13.96 -26.13
C15 PCW QA . 28.66 15.16 -25.23
C16 PCW QA . 29.30 14.94 -23.85
C17 PCW QA . 29.31 16.23 -23.04
C18 PCW QA . 30.17 17.29 -23.73
C19 PCW QA . 30.21 18.47 -23.01
C20 PCW QA . 30.11 19.68 -23.69
C21 PCW QA . 29.99 19.67 -25.07
C22 PCW QA . 28.64 20.26 -25.51
C23 PCW QA . 27.49 19.55 -24.79
C24 PCW QA . 26.14 20.06 -25.28
C25 PCW QA . 24.99 19.43 -24.48
C26 PCW QA . 24.97 19.91 -23.04
C27 PCW QA . 26.27 19.56 -22.31
C28 PCW QA . 26.27 20.15 -20.89
C31 PCW QA . 32.77 12.95 -31.41
C32 PCW QA . 31.91 13.88 -32.29
C33 PCW QA . 30.55 13.24 -32.57
C34 PCW QA . 29.72 13.12 -31.29
C35 PCW QA . 28.49 12.23 -31.54
C36 PCW QA . 28.94 10.79 -31.79
C37 PCW QA . 27.78 9.89 -32.20
C38 PCW QA . 26.67 9.84 -31.16
C39 PCW QA . 25.71 8.91 -31.54
C40 PCW QA . 24.36 9.06 -31.24
C41 PCW QA . 23.90 10.15 -30.51
C42 PCW QA . 22.58 10.65 -31.10
C43 PCW QA . 21.88 11.65 -30.17
C44 PCW QA . 20.61 12.18 -30.83
C45 PCW QA . 19.76 12.98 -29.83
C46 PCW QA . 19.27 12.08 -28.70
C47 PCW QA . 18.38 12.85 -27.73
C48 PCW QA . 17.86 11.94 -26.62
N PCW QA . 34.15 17.56 -26.58
O2 PCW QA . 34.01 13.33 -31.05
O3 PCW QA . 32.65 12.43 -28.82
O11 PCW QA . 32.99 12.48 -26.61
O31 PCW QA . 32.33 11.85 -31.07
O1P PCW QA . 37.28 15.96 -30.40
O2P PCW QA . 35.64 14.69 -31.87
O3P PCW QA . 36.55 13.66 -29.76
O4P PCW QA . 34.92 15.58 -29.62
P PCW QA . 36.14 15.03 -30.52
C1 PCW RA . 32.13 28.48 18.59
C2 PCW RA . 30.73 28.16 18.06
C3 PCW RA . 30.63 26.71 17.64
C4 PCW RA . 33.60 30.81 16.38
C5 PCW RA . 33.84 31.62 15.11
C6 PCW RA . 31.41 32.04 15.33
C7 PCW RA . 33.00 33.98 15.07
C8 PCW RA . 32.76 33.38 13.68
C11 PCW RA . 29.13 25.20 16.75
C12 PCW RA . 27.79 24.80 16.15
C13 PCW RA . 27.80 23.35 15.67
C14 PCW RA . 26.53 23.06 14.87
C15 PCW RA . 26.44 24.00 13.67
C16 PCW RA . 25.15 23.82 12.87
C17 PCW RA . 25.10 24.85 11.74
C18 PCW RA . 23.84 24.70 10.89
C19 PCW RA . 23.85 25.66 9.87
C20 PCW RA . 22.74 25.83 9.05
C21 PCW RA . 21.59 25.07 9.22
C22 PCW RA . 21.84 23.61 8.82
C23 PCW RA . 20.54 22.81 8.91
C24 PCW RA . 19.51 23.34 7.91
C25 PCW RA . 18.19 22.58 8.02
C26 PCW RA . 17.56 22.75 9.40
C27 PCW RA . 17.33 24.23 9.71
C28 PCW RA . 16.66 24.40 11.09
C31 PCW RA . 29.44 29.72 19.14
C32 PCW RA . 28.45 30.19 20.22
C33 PCW RA . 27.46 29.07 20.56
C34 PCW RA . 26.42 28.90 19.44
C35 PCW RA . 25.49 30.11 19.43
C36 PCW RA . 24.33 29.92 18.44
C37 PCW RA . 23.31 31.04 18.59
C38 PCW RA . 22.11 30.82 17.65
C39 PCW RA . 21.10 31.74 17.90
C40 PCW RA . 19.82 31.28 18.17
C41 PCW RA . 19.55 29.91 18.18
C42 PCW RA . 20.26 29.21 19.33
C43 PCW RA . 19.72 29.69 20.69
C44 PCW RA . 20.41 28.97 21.84
C45 PCW RA . 19.78 29.36 23.18
C46 PCW RA . 18.32 28.91 23.24
C47 PCW RA . 18.20 27.38 23.17
C48 PCW RA . 16.74 26.93 23.24
N PCW RA . 32.72 32.54 14.89
O2 PCW RA . 29.76 28.40 19.09
O3 PCW RA . 29.32 26.51 17.10
O11 PCW RA . 30.04 24.38 16.90
O31 PCW RA . 29.94 30.53 18.36
O1P PCW RA . 34.62 29.57 19.07
O2P PCW RA . 35.62 27.77 17.58
O3P PCW RA . 33.14 28.18 17.62
O4P PCW RA . 34.66 29.87 16.57
P PCW RA . 34.60 28.83 17.79
C1 17F SA . 24.38 22.96 -39.30
N1 17F SA . 22.84 21.05 -39.37
O1 17F SA . 23.75 26.20 -40.79
P1 17F SA . 23.49 25.43 -39.54
C2 17F SA . 24.16 21.52 -39.79
O2 17F SA . 24.38 25.63 -38.39
C3 17F SA . 25.25 20.60 -39.23
O3 17F SA . 23.46 23.85 -39.90
C4 17F SA . 21.54 25.44 -37.78
O4 17F SA . 25.18 20.28 -38.03
C5 17F SA . 20.06 25.79 -37.62
O5 17F SA . 26.14 20.23 -40.03
C6 17F SA . 19.22 24.97 -38.58
O6 17F SA . 21.98 25.73 -39.10
C7 17F SA . 17.59 26.41 -39.27
O7 17F SA . 17.84 25.33 -38.48
C8 17F SA . 16.18 27.01 -39.31
O8 17F SA . 18.50 26.87 -39.96
C9 17F SA . 15.12 25.91 -39.38
O9 17F SA . 19.63 25.50 -36.27
C10 17F SA . 13.71 26.51 -39.39
O10 17F SA . 18.15 27.11 -36.75
C11 17F SA . 12.64 25.41 -39.43
C12 17F SA . 11.24 26.02 -39.39
C17 17F SA . 18.55 26.26 -35.96
C18 17F SA . 17.87 26.08 -34.60
C19 17F SA . 16.56 25.31 -34.77
C20 17F SA . 16.82 23.92 -35.37
C1X 17F SA . 10.17 24.92 -39.39
C1Y 17F SA . 15.51 23.18 -35.65
C1Z 17F SA . 14.70 22.93 -34.38
C2X 17F SA . 8.77 25.51 -39.33
C21 17F SA . 8.61 26.26 -38.16
C22 17F SA . 7.47 26.09 -37.37
C23 17F SA . 6.49 25.19 -37.74
C24 17F SA . 5.43 25.04 -36.63
C25 17F SA . 4.35 24.05 -37.04
C26 17F SA . 3.28 23.95 -35.95
C27 17F SA . 2.18 22.96 -36.35
C28 17F SA . 1.12 22.85 -35.26
C29 17F SA . 0.02 21.86 -35.66
C30 17F SA . -1.04 21.74 -34.57
C31 17F SA . 14.24 24.24 -33.72
C32 17F SA . 13.40 23.97 -32.48
C33 17F SA . 12.27 23.23 -32.80
C34 17F SA . 11.49 22.67 -31.79
C35 17F SA . 11.84 22.85 -30.46
C36 17F SA . 11.14 24.08 -29.86
C37 17F SA . 11.50 24.25 -28.39
C38 17F SA . 10.80 25.46 -27.78
C39 17F SA . 11.16 25.64 -26.31
C40 17F SA . 10.45 26.86 -25.72
C41 17F SA . 8.94 26.69 -25.79
C42 17F SA . 8.22 27.92 -25.23
HN1 17F SA . 22.28 21.75 -39.81
HN1A 17F SA . 22.52 21.25 -38.43
HAC 17F SA . 22.48 20.27 -39.88
C1 17F TA . 26.77 30.74 -34.43
N1 17F TA . 29.14 31.30 -34.65
O1 17F TA . 25.54 28.29 -35.61
P1 17F TA . 25.47 29.54 -36.39
C2 17F TA . 27.85 31.78 -34.13
O2 17F TA . 25.53 29.47 -37.86
C3 17F TA . 27.92 32.01 -32.63
O3 17F TA . 26.60 30.56 -35.84
C4 17F TA . 23.91 31.67 -36.28
O4 17F TA . 29.05 31.97 -32.08
C5 17F TA . 22.55 32.14 -35.76
O5 17F TA . 26.85 32.22 -32.03
C6 17F TA . 22.37 33.63 -36.06
O6 17F TA . 24.11 30.29 -35.96
C7 17F TA . 20.67 35.20 -36.16
O7 17F TA . 21.03 33.99 -35.68
C8 17F TA . 19.26 35.71 -35.86
O8 17F TA . 21.47 35.87 -36.81
C9 17F TA . 18.30 34.53 -35.78
O9 17F TA . 21.51 31.42 -36.43
C10 17F TA . 16.87 34.95 -35.44
O10 17F TA . 20.34 32.14 -34.66
C11 17F TA . 15.95 33.72 -35.36
C12 17F TA . 14.53 34.09 -34.95
C17 17F TA . 20.34 31.56 -35.75
C18 17F TA . 19.05 30.98 -36.32
C19 17F TA . 19.10 30.95 -37.85
C20 17F TA . 17.73 30.66 -38.45
C1X 17F TA . 13.66 32.85 -34.86
C1Y 17F TA . 17.83 30.55 -39.97
C1Z 17F TA . 16.43 30.49 -40.60
C2X 17F TA . 12.23 33.19 -34.41
C21 17F TA . 12.23 33.80 -33.16
C22 17F TA . 12.41 33.03 -32.02
C23 17F TA . 12.59 31.65 -32.11
C24 17F TA . 11.90 30.93 -30.94
C25 17F TA . 12.11 29.42 -31.02
C26 17F TA . 13.60 29.06 -30.95
C27 17F TA . 13.80 27.55 -31.00
C28 17F TA . 15.29 27.19 -30.92
C29 17F TA . 15.48 25.67 -30.97
C30 17F TA . 16.96 25.30 -30.91
C31 17F TA . 15.68 31.80 -40.36
C32 17F TA . 14.28 31.77 -40.99
C33 17F TA . 13.64 32.98 -40.81
C34 17F TA . 12.30 33.01 -40.39
C35 17F TA . 11.62 31.82 -40.16
C36 17F TA . 10.54 31.60 -41.21
C37 17F TA . 9.77 30.31 -40.94
C38 17F TA . 8.70 30.07 -42.01
C39 17F TA . 7.92 28.78 -41.72
C40 17F TA . 7.19 28.86 -40.39
C41 17F TA . 6.40 27.56 -40.11
C42 17F TA . 5.36 27.31 -41.20
HN1 17F TA . 29.85 31.99 -34.46
HN1A 17F TA . 29.38 30.45 -34.18
HAC 17F TA . 29.08 31.13 -35.62
C1 17F UA . 42.18 -4.76 -1.56
N1 17F UA . 41.64 -4.20 -3.89
O1 17F UA . 41.71 -8.18 -1.92
P1 17F UA . 41.79 -7.24 -0.79
C2 17F UA . 41.68 -3.67 -2.51
O2 17F UA . 43.04 -6.69 -0.22
C3 17F UA . 42.63 -2.47 -2.45
O3 17F UA . 41.35 -5.92 -1.60
C4 17F UA . 40.42 -6.10 1.16
O4 17F UA . 43.24 -2.17 -3.51
C5 17F UA . 39.40 -6.48 2.25
O5 17F UA . 42.74 -1.88 -1.36
C6 17F UA . 39.17 -5.29 3.18
O6 17F UA . 40.53 -7.14 0.20
C7 17F UA . 38.75 -6.72 4.91
O7 17F UA . 38.23 -5.67 4.20
C8 17F UA . 37.94 -7.34 6.04
O8 17F UA . 39.87 -7.15 4.63
C9 17F UA . 38.14 -8.85 6.07
O9 17F UA . 38.16 -6.84 1.63
C10 17F UA . 37.31 -9.52 7.18
O10 17F UA . 39.26 -8.78 1.35
C11 17F UA . 37.59 -11.02 7.20
C12 17F UA . 36.79 -11.74 8.30
C17 17F UA . 38.23 -8.12 1.18
C18 17F UA . 37.03 -8.73 0.45
C19 17F UA . 37.45 -9.40 -0.86
C20 17F UA . 38.35 -10.60 -0.59
C1X 17F UA . 37.15 -13.22 8.33
C1Y 17F UA . 38.84 -11.23 -1.89
C1Z 17F UA . 39.67 -12.49 -1.62
C2X 17F UA . 36.38 -13.96 9.42
C21 17F UA . 35.01 -13.93 9.18
C22 17F UA . 34.30 -15.10 8.97
C23 17F UA . 34.95 -16.33 8.99
C24 17F UA . 34.11 -17.39 9.71
C25 17F UA . 34.80 -18.75 9.71
C26 17F UA . 36.14 -18.69 10.45
C27 17F UA . 36.80 -20.07 10.48
C28 17F UA . 38.13 -20.04 11.24
C29 17F UA . 39.11 -19.08 10.56
C30 17F UA . 40.46 -19.08 11.29
C31 17F UA . 38.82 -13.54 -0.91
C32 17F UA . 39.63 -14.81 -0.64
C33 17F UA . 38.86 -15.76 0.03
C34 17F UA . 39.30 -17.07 0.14
C35 17F UA . 40.51 -17.46 -0.41
C36 17F UA . 40.39 -18.82 -1.10
C37 17F UA . 39.90 -19.88 -0.11
C38 17F UA . 39.78 -21.25 -0.78
C39 17F UA . 39.20 -22.29 0.17
C40 17F UA . 40.06 -22.41 1.44
C41 17F UA . 39.45 -23.42 2.42
C42 17F UA . 39.34 -24.81 1.79
HN1 17F UA . 41.28 -3.49 -4.51
HN1A 17F UA . 42.57 -4.46 -4.17
HAC 17F UA . 41.05 -5.01 -3.92
C1 17F VA . 31.64 41.10 2.95
N1 17F VA . 30.87 42.94 4.38
O1 17F VA . 32.95 38.07 4.82
P1 17F VA . 31.97 38.67 3.89
C2 17F VA . 31.80 42.58 3.30
O2 17F VA . 32.07 38.33 2.45
C3 17F VA . 31.52 43.43 2.05
O3 17F VA . 32.00 40.27 4.06
C4 17F VA . 29.36 39.02 4.00
O4 17F VA . 30.96 44.54 2.23
C5 17F VA . 28.08 38.39 4.54
O5 17F VA . 31.85 42.95 0.95
C6 17F VA . 28.21 38.22 6.04
O6 17F VA . 30.50 38.27 4.41
C7 17F VA . 27.32 37.12 7.84
O7 17F VA . 27.07 37.52 6.56
C8 17F VA . 26.25 36.35 8.61
O8 17F VA . 28.41 37.36 8.36
C9 17F VA . 26.41 36.53 10.12
O9 17F VA . 26.93 39.18 4.21
C10 17F VA . 25.37 35.71 10.88
O10 17F VA . 25.88 37.27 4.72
C11 17F VA . 25.50 34.23 10.55
C12 17F VA . 24.45 33.39 11.27
C17 17F VA . 25.80 38.44 4.38
C18 17F VA . 24.43 39.08 4.12
C19 17F VA . 23.68 38.33 3.01
C20 17F VA . 24.32 38.59 1.65
C1X 17F VA . 24.56 31.91 10.88
C1Y 17F VA . 23.69 37.70 0.57
C1Z 17F VA . 22.16 37.76 0.62
C2X 17F VA . 23.52 31.06 11.60
C21 17F VA . 23.61 29.73 11.21
C22 17F VA . 22.66 28.80 11.62
C23 17F VA . 21.58 29.20 12.41
C24 17F VA . 20.61 28.04 12.62
C25 17F VA . 19.44 28.46 13.51
C26 17F VA . 18.48 27.29 13.75
C27 17F VA . 17.32 27.71 14.66
C28 17F VA . 16.35 26.55 14.89
C29 17F VA . 15.72 26.09 13.58
C30 17F VA . 14.75 24.93 13.82
C31 17F VA . 21.63 39.18 0.42
C32 17F VA . 20.11 39.19 0.54
C33 17F VA . 19.58 40.47 0.42
C34 17F VA . 18.24 40.69 0.67
C35 17F VA . 17.42 39.63 1.06
C36 17F VA . 15.95 40.03 1.12
C37 17F VA . 15.08 38.86 1.54
C38 17F VA . 13.60 39.27 1.65
C39 17F VA . 12.74 38.10 2.11
C40 17F VA . 11.27 38.51 2.20
C41 17F VA . 10.39 37.35 2.68
C42 17F VA . 10.48 36.16 1.74
HN1 17F VA . 31.00 43.90 4.63
HN1A 17F VA . 29.93 42.79 4.05
HAC 17F VA . 31.03 42.35 5.17
C1 17F WA . 32.09 35.88 -3.89
N1 17F WA . 34.44 35.46 -4.48
O1 17F WA . 30.60 37.06 -7.20
P1 17F WA . 30.47 36.77 -5.75
C2 17F WA . 33.33 35.01 -3.64
O2 17F WA . 30.30 37.90 -4.82
C3 17F WA . 33.02 33.54 -3.92
O3 17F WA . 31.72 35.87 -5.27
C4 17F WA . 29.03 35.07 -4.34
O4 17F WA . 33.08 32.75 -2.96
C5 17F WA . 27.68 34.36 -4.33
O5 17F WA . 32.75 33.23 -5.10
C6 17F WA . 27.53 33.55 -3.05
O6 17F WA . 29.22 35.76 -5.58
C7 17F WA . 26.09 32.18 -1.91
O7 17F WA . 26.22 32.94 -3.03
C8 17F WA . 24.76 31.44 -1.66
O8 17F WA . 27.03 32.08 -1.11
C9 17F WA . 23.61 32.23 -2.29
O9 17F WA . 26.63 35.35 -4.43
C10 17F WA . 22.29 31.47 -2.19
O10 17F WA . 25.43 33.56 -5.04
C11 17F WA . 22.38 30.13 -2.94
C12 17F WA . 21.04 29.41 -2.95
C17 17F WA . 25.47 34.76 -4.80
C18 17F WA . 24.20 35.62 -4.95
C19 17F WA . 23.10 35.11 -4.02
C20 17F WA . 21.80 35.87 -4.25
C1X 17F WA . 21.15 28.06 -3.66
C1Y 17F WA . 20.68 35.34 -3.35
C1Z 17F WA . 19.34 35.94 -3.78
C2X 17F WA . 19.78 27.35 -3.70
C21 17F WA . 18.86 28.09 -4.41
C22 17F WA . 18.84 27.99 -5.80
C23 17F WA . 19.74 27.16 -6.45
C24 17F WA . 20.03 27.66 -7.87
C25 17F WA . 21.00 26.72 -8.59
C26 17F WA . 21.25 27.19 -10.03
C27 17F WA . 22.22 26.25 -10.74
C28 17F WA . 22.46 26.70 -12.19
C29 17F WA . 21.15 26.64 -12.99
C30 17F WA . 21.39 27.08 -14.44
C31 17F WA . 19.06 35.58 -5.24
C32 17F WA . 17.72 36.15 -5.72
C33 17F WA . 17.54 35.86 -7.07
C34 17F WA . 16.36 35.28 -7.52
C35 17F WA . 15.34 35.00 -6.61
C36 17F WA . 13.96 35.10 -7.29
C37 17F WA . 12.84 34.84 -6.28
C38 17F WA . 11.47 34.98 -6.95
C39 17F WA . 10.34 34.74 -5.95
C40 17F WA . 10.43 35.73 -4.78
C41 17F WA . 9.33 35.44 -3.75
C42 17F WA . 9.46 34.01 -3.21
HN1 17F WA . 34.69 36.40 -4.24
HN1A 17F WA . 35.23 34.87 -4.33
HAC 17F WA . 34.17 35.42 -5.44
C1 17F XA . 23.92 41.81 -22.93
N1 17F XA . 25.78 40.88 -21.62
O1 17F XA . 22.56 44.29 -23.00
P1 17F XA . 22.34 43.53 -21.75
C2 17F XA . 24.81 40.58 -22.68
O2 17F XA . 22.51 44.25 -20.45
C3 17F XA . 25.54 40.21 -23.97
O3 17F XA . 23.24 42.21 -21.74
C4 17F XA . 20.12 42.74 -20.58
O4 17F XA . 25.75 39.00 -24.18
C5 17F XA . 18.65 42.38 -20.84
O5 17F XA . 25.89 41.15 -24.71
C6 17F XA . 18.55 41.10 -21.65
O6 17F XA . 20.84 42.95 -21.79
C7 17F XA . 16.67 41.86 -22.73
O7 17F XA . 17.17 40.85 -21.96
C8 17F XA . 15.21 41.83 -23.17
O8 17F XA . 17.41 42.79 -23.07
C9 17F XA . 14.32 41.25 -22.06
O9 17F XA . 17.96 42.27 -19.59
C10 17F XA . 12.85 41.27 -22.48
O10 17F XA . 19.40 40.58 -19.29
C11 17F XA . 11.97 40.67 -21.39
C12 17F XA . 10.49 40.72 -21.80
C17 17F XA . 18.50 41.27 -18.84
C18 17F XA . 17.95 41.02 -17.42
C19 17F XA . 16.83 39.99 -17.40
C20 17F XA . 17.32 38.61 -17.83
C1X 17F XA . 9.61 40.08 -20.72
C1Y 17F XA . 16.28 37.53 -17.51
C1Z 17F XA . 15.98 37.53 -16.01
C2X 17F XA . 8.14 40.13 -21.13
C21 17F XA . 7.95 39.52 -22.36
C22 17F XA . 7.28 38.30 -22.45
C23 17F XA . 6.79 37.68 -21.32
C24 17F XA . 5.50 36.91 -21.65
C25 17F XA . 4.94 36.21 -20.41
C26 17F XA . 3.68 35.44 -20.77
C27 17F XA . 3.10 34.71 -19.54
C28 17F XA . 1.85 33.93 -19.91
C29 17F XA . 1.26 33.22 -18.69
C30 17F XA . 0.01 32.42 -19.07
C31 17F XA . 14.99 36.43 -15.62
C32 17F XA . 14.70 36.49 -14.11
C33 17F XA . 13.86 35.46 -13.72
C34 17F XA . 12.63 35.74 -13.14
C35 17F XA . 12.23 37.06 -12.98
C36 17F XA . 11.44 37.23 -11.67
C37 17F XA . 12.32 36.98 -10.45
C38 17F XA . 13.46 38.00 -10.36
C39 17F XA . 14.30 37.78 -9.10
C40 17F XA . 15.42 38.81 -9.00
C41 17F XA . 16.26 38.59 -7.74
C42 17F XA . 17.37 39.63 -7.63
HN1 17F XA . 25.15 41.07 -20.87
HN1A 17F XA . 26.22 41.78 -21.61
HAC 17F XA . 26.21 40.08 -21.21
C1 PCW YA . 1.64 12.27 5.91
C2 PCW YA . 2.37 13.36 5.11
C3 PCW YA . 1.70 14.71 5.29
C4 PCW YA . -0.57 12.36 8.71
C5 PCW YA . -1.14 11.49 9.83
C6 PCW YA . -3.47 10.98 9.14
C7 PCW YA . -3.06 12.13 11.33
C8 PCW YA . -2.95 13.19 10.23
C11 PCW YA . 1.88 16.92 4.78
C12 PCW YA . 2.46 18.16 4.11
C13 PCW YA . 3.99 18.16 4.19
C14 PCW YA . 4.58 19.45 3.60
C15 PCW YA . 6.10 19.46 3.66
C16 PCW YA . 6.66 20.77 3.12
C17 PCW YA . 8.19 20.77 3.09
C18 PCW YA . 8.73 22.11 2.58
C19 PCW YA . 10.13 22.12 2.55
C20 PCW YA . 10.86 22.57 3.63
C21 PCW YA . 10.22 23.00 4.78
C22 PCW YA . 11.03 24.09 5.48
C23 PCW YA . 10.34 24.54 6.77
C24 PCW YA . 11.14 25.62 7.50
C25 PCW YA . 11.25 26.90 6.65
C26 PCW YA . 12.02 27.98 7.41
C27 PCW YA . 12.07 29.28 6.60
C28 PCW YA . 12.84 30.37 7.37
C31 PCW YA . 4.41 12.32 5.32
C32 PCW YA . 5.86 12.17 5.78
C33 PCW YA . 6.27 10.71 5.87
C34 PCW YA . 7.63 10.54 6.56
C35 PCW YA . 8.73 11.28 5.79
C36 PCW YA . 10.08 11.11 6.47
C37 PCW YA . 11.18 11.84 5.71
C38 PCW YA . 12.53 11.71 6.41
C39 PCW YA . 13.54 12.36 5.70
C40 PCW YA . 14.51 13.08 6.38
C41 PCW YA . 14.46 13.15 7.78
C42 PCW YA . 15.84 13.51 8.32
C43 PCW YA . 15.82 13.60 9.85
C44 PCW YA . 17.19 13.98 10.42
C45 PCW YA . 17.63 15.37 9.95
C46 PCW YA . 17.80 15.41 8.43
C47 PCW YA . 18.23 16.80 7.96
C48 PCW YA . 18.42 16.83 6.45
N PCW YA . -2.57 11.79 9.99
O2 PCW YA . 3.72 13.46 5.57
O3 PCW YA . 2.44 15.70 4.58
O11 PCW YA . 0.90 17.01 5.52
O31 PCW YA . 3.86 11.41 4.70
O1P PCW YA . -0.33 14.25 6.62
O2P PCW YA . -2.06 12.97 5.27
O3P PCW YA . 0.29 12.10 5.49
O4P PCW YA . -1.24 12.09 7.48
P PCW YA . -0.89 12.95 6.18
C1 PCW ZA . 1.18 12.24 13.89
C2 PCW ZA . 1.35 12.59 15.37
C3 PCW ZA . 2.44 13.65 15.51
C4 PCW ZA . -2.22 10.07 16.25
C5 PCW ZA . -3.61 10.69 16.26
C6 PCW ZA . -4.41 8.35 16.22
C7 PCW ZA . -5.10 9.87 18.11
C8 PCW ZA . -5.98 10.18 16.91
C11 PCW ZA . 3.56 14.96 17.01
C12 PCW ZA . 3.95 15.46 18.41
C13 PCW ZA . 4.33 16.94 18.38
C14 PCW ZA . 4.66 17.43 19.80
C15 PCW ZA . 5.85 16.67 20.39
C16 PCW ZA . 7.14 16.96 19.63
C17 PCW ZA . 7.51 18.44 19.74
C18 PCW ZA . 8.81 18.74 18.99
C19 PCW ZA . 9.18 20.07 19.16
C20 PCW ZA . 8.63 21.06 18.36
C21 PCW ZA . 7.70 20.74 17.40
C22 PCW ZA . 6.89 21.96 16.95
C23 PCW ZA . 5.86 21.59 15.88
C24 PCW ZA . 6.55 20.99 14.65
C25 PCW ZA . 7.51 22.00 14.02
C26 PCW ZA . 8.23 21.40 12.81
C27 PCW ZA . 7.23 20.98 11.73
C28 PCW ZA . 7.95 20.36 10.53
C31 PCW ZA . 0.11 12.98 17.26
C32 PCW ZA . -1.12 13.46 18.04
C33 PCW ZA . -1.14 14.99 18.10
C34 PCW ZA . 0.08 15.54 18.85
C35 PCW ZA . 0.07 15.07 20.30
C36 PCW ZA . 1.26 15.64 21.07
C37 PCW ZA . 1.24 15.19 22.53
C38 PCW ZA . 2.42 15.78 23.31
C39 PCW ZA . 2.39 15.37 24.64
C40 PCW ZA . 3.43 14.64 25.17
C41 PCW ZA . 4.53 14.29 24.39
C42 PCW ZA . 5.83 14.78 25.03
C43 PCW ZA . 7.03 14.44 24.14
C44 PCW ZA . 8.33 14.91 24.79
C45 PCW ZA . 9.54 14.58 23.91
C46 PCW ZA . 10.84 15.08 24.55
C47 PCW ZA . 12.04 14.75 23.67
C48 PCW ZA . 13.34 15.25 24.31
N PCW ZA . -4.60 9.71 16.74
O2 PCW ZA . 0.12 13.08 15.90
O3 PCW ZA . 2.64 13.96 16.90
O11 PCW ZA . 4.07 15.44 16.01
O31 PCW ZA . 1.07 12.46 17.83
O1P PCW ZA . -1.60 12.90 14.09
O2P PCW ZA . -2.19 10.50 13.46
O3P PCW ZA . 0.20 11.21 13.72
O4P PCW ZA . -1.27 11.01 15.75
P PCW ZA . -1.32 11.45 14.19
C1 PCW AB . -4.88 20.72 12.94
C2 PCW AB . -3.99 21.56 12.03
C3 PCW AB . -2.56 21.51 12.56
C4 PCW AB . -8.46 22.13 10.29
C5 PCW AB . -8.30 22.50 8.81
C6 PCW AB . -8.69 24.80 9.65
C7 PCW AB . -6.63 24.31 8.29
C8 PCW AB . -7.81 24.46 7.33
C11 PCW AB . -0.44 22.34 12.21
C12 PCW AB . 0.60 23.28 11.61
C13 PCW AB . 1.38 23.99 12.73
C14 PCW AB . 2.31 25.06 12.16
C15 PCW AB . 3.33 24.47 11.18
C16 PCW AB . 4.26 25.56 10.65
C17 PCW AB . 5.30 24.99 9.69
C18 PCW AB . 6.23 26.09 9.17
C19 PCW AB . 7.17 25.57 8.29
C20 PCW AB . 8.39 25.12 8.76
C21 PCW AB . 8.69 25.19 10.12
C22 PCW AB . 9.70 24.09 10.50
C23 PCW AB . 10.05 24.18 11.99
C24 PCW AB . 11.07 23.11 12.38
C25 PCW AB . 12.40 23.30 11.65
C26 PCW AB . 12.24 23.13 10.13
C27 PCW AB . 13.57 23.28 9.42
C28 PCW AB . 13.41 23.09 7.91
C31 PCW AB . -4.74 21.85 9.88
C32 PCW AB . -4.94 21.45 8.42
C33 PCW AB . -3.65 21.59 7.61
C34 PCW AB . -3.24 23.06 7.43
C35 PCW AB . -2.98 23.75 8.77
C36 PCW AB . -2.54 25.20 8.54
C37 PCW AB . -2.29 25.92 9.87
C38 PCW AB . -1.82 27.36 9.62
C39 PCW AB . -1.64 28.03 10.82
C40 PCW AB . -0.38 28.52 11.17
C41 PCW AB . 0.70 28.34 10.32
C42 PCW AB . 1.97 28.02 11.11
C43 PCW AB . 2.31 29.15 12.07
C44 PCW AB . 3.53 28.80 12.92
C45 PCW AB . 4.76 28.53 12.06
C46 PCW AB . 5.16 29.77 11.25
C47 PCW AB . 6.40 29.50 10.39
C48 PCW AB . 6.81 30.74 9.60
N PCW AB . -8.00 23.94 8.68
O2 PCW AB . -4.01 21.04 10.70
O3 PCW AB . -1.74 22.45 11.84
O11 PCW AB . -0.12 21.47 13.02
O31 PCW AB . -5.22 22.90 10.33
O1P PCW AB . -8.43 21.79 13.10
O2P PCW AB . -6.29 23.15 13.23
O3P PCW AB . -6.24 20.74 12.51
O4P PCW AB . -7.26 22.48 11.00
P PCW AB . -7.09 22.11 12.55
C1 PCW BB . -2.89 20.96 16.36
C2 PCW BB . -2.00 22.10 16.86
C3 PCW BB . -0.91 21.50 17.72
C4 PCW BB . -5.47 24.45 16.32
C5 PCW BB . -4.85 24.35 14.92
C6 PCW BB . -6.79 25.74 14.27
C7 PCW BB . -4.47 26.55 13.75
C8 PCW BB . -4.86 25.51 12.69
C11 PCW BB . -0.63 23.09 19.37
C12 PCW BB . 0.15 24.15 20.14
C13 PCW BB . -0.10 25.57 19.60
C14 PCW BB . 0.79 26.57 20.34
C15 PCW BB . 0.52 26.52 21.84
C16 PCW BB . 1.51 27.41 22.61
C17 PCW BB . 1.42 28.86 22.17
C18 PCW BB . 2.40 29.72 22.97
C19 PCW BB . 2.32 31.06 22.59
C20 PCW BB . 3.44 31.70 22.05
C21 PCW BB . 4.63 30.99 21.89
C22 PCW BB . 5.75 31.92 21.39
C23 PCW BB . 7.04 31.13 21.18
C24 PCW BB . 8.16 32.05 20.66
C25 PCW BB . 9.44 31.25 20.42
C26 PCW BB . 9.22 30.16 19.38
C27 PCW BB . 8.79 30.75 18.03
C28 PCW BB . 8.54 29.67 16.99
C31 PCW BB . -1.02 24.06 16.09
C32 PCW BB . -0.31 24.93 15.06
C33 PCW BB . 0.35 26.14 15.74
C34 PCW BB . 1.36 25.70 16.79
C35 PCW BB . 2.54 24.95 16.17
C36 PCW BB . 3.35 25.86 15.24
C37 PCW BB . 4.55 25.10 14.64
C38 PCW BB . 5.39 26.02 13.76
C39 PCW BB . 6.47 25.33 13.22
C40 PCW BB . 7.66 25.99 12.95
C41 PCW BB . 7.80 27.35 13.21
C42 PCW BB . 8.83 27.99 12.29
C43 PCW BB . 10.20 27.34 12.47
C44 PCW BB . 11.24 27.96 11.52
C45 PCW BB . 12.60 27.29 11.72
C46 PCW BB . 13.63 27.86 10.74
C47 PCW BB . 13.81 29.37 10.95
C48 PCW BB . 14.82 29.94 9.95
N PCW BB . -5.38 25.43 14.06
O2 PCW BB . -1.43 22.81 15.75
O3 PCW BB . -0.04 22.50 18.29
O11 PCW BB . -1.77 22.77 19.70
O31 PCW BB . -1.27 24.49 17.22
O1P PCW BB . -6.54 21.84 15.80
O2P PCW BB . -5.34 20.98 17.86
O3P PCW BB . -4.09 21.46 15.75
O4P PCW BB . -5.02 23.36 17.11
P PCW BB . -5.34 21.85 16.66
PG GNP CB . -18.90 -28.33 9.16
O1G GNP CB . -18.16 -27.38 10.03
O2G GNP CB . -19.32 -27.67 7.76
O3G GNP CB . -18.01 -29.60 8.74
N3B GNP CB . -20.26 -28.91 9.84
PB GNP CB . -21.26 -27.73 10.30
O1B GNP CB . -20.65 -26.41 9.98
O2B GNP CB . -21.65 -27.99 11.70
O3A GNP CB . -22.55 -27.97 9.36
PA GNP CB . -22.86 -27.04 8.08
O1A GNP CB . -22.28 -25.71 8.33
O2A GNP CB . -22.45 -27.77 6.85
O5' GNP CB . -24.46 -26.94 8.12
C5' GNP CB . -25.24 -28.13 7.97
C4' GNP CB . -26.74 -27.82 7.99
O4' GNP CB . -27.03 -27.04 9.17
C3' GNP CB . -27.08 -26.94 6.80
O3' GNP CB . -28.48 -27.09 6.48
C2' GNP CB . -26.86 -25.55 7.41
O2' GNP CB . -27.56 -24.57 6.64
C1' GNP CB . -27.60 -25.81 8.71
N9 GNP CB . -27.42 -24.71 9.68
C8 GNP CB . -26.26 -24.13 9.99
N7 GNP CB . -26.48 -23.16 10.87
C5 GNP CB . -27.78 -23.10 11.10
C6 GNP CB . -28.57 -22.28 11.91
O6 GNP CB . -28.06 -21.38 12.57
N1 GNP CB . -29.95 -22.50 11.95
C2 GNP CB . -30.49 -23.52 11.16
N2 GNP CB . -31.81 -23.74 11.19
N3 GNP CB . -29.72 -24.29 10.40
C4 GNP CB . -28.39 -24.10 10.35
HNB3 GNP CB . -20.72 -29.52 9.20
HO3' GNP CB . -28.68 -28.06 6.34
HO2' GNP CB . -28.55 -24.70 6.75
HN1 GNP CB . -30.54 -21.93 12.52
HN21 GNP CB . -32.21 -24.47 10.64
HN22 GNP CB . -32.41 -23.17 11.76
MG MG DB . -18.51 -27.12 6.92
C1 PCW EB . 2.10 -3.54 -2.94
C2 PCW EB . 2.98 -4.75 -3.21
C3 PCW EB . 2.16 -6.03 -3.09
C4 PCW EB . -0.89 -2.24 -1.50
C5 PCW EB . -2.19 -2.53 -0.73
C6 PCW EB . -4.29 -1.33 -0.17
C7 PCW EB . -2.87 -0.52 -2.08
C8 PCW EB . -3.68 -1.71 -2.59
C11 PCW EB . 3.64 -7.40 -2.01
C12 PCW EB . 4.57 -8.60 -1.85
C13 PCW EB . 4.91 -9.22 -3.21
C14 PCW EB . 5.83 -10.42 -3.03
C15 PCW EB . 6.16 -11.08 -4.37
C16 PCW EB . 6.92 -10.11 -5.29
C17 PCW EB . 7.26 -10.78 -6.62
C18 PCW EB . 8.05 -9.83 -7.53
C19 PCW EB . 8.35 -10.45 -8.74
C20 PCW EB . 9.67 -10.48 -9.19
C21 PCW EB . 10.67 -9.90 -8.44
C22 PCW EB . 12.06 -10.30 -8.95
C23 PCW EB . 12.26 -9.83 -10.40
C24 PCW EB . 13.64 -10.26 -10.93
C25 PCW EB . 13.85 -9.77 -12.36
C26 PCW EB . 13.78 -8.25 -12.45
C27 PCW EB . 14.00 -7.77 -13.88
C28 PCW EB . 13.94 -6.24 -13.95
C31 PCW EB . 4.61 -5.47 -4.69
C32 PCW EB . 5.34 -5.49 -6.04
C33 PCW EB . 4.81 -4.42 -6.97
C34 PCW EB . 4.94 -3.03 -6.35
C35 PCW EB . 6.40 -2.71 -6.03
C36 PCW EB . 6.53 -1.33 -5.38
C37 PCW EB . 7.98 -1.05 -5.00
C38 PCW EB . 8.11 0.34 -4.36
C39 PCW EB . 9.43 0.60 -3.98
C40 PCW EB . 10.29 1.26 -4.84
C41 PCW EB . 9.86 1.66 -6.09
C42 PCW EB . 10.78 1.11 -7.19
C43 PCW EB . 10.33 1.59 -8.58
C44 PCW EB . 11.27 1.05 -9.66
C45 PCW EB . 10.83 1.53 -11.05
C46 PCW EB . 11.76 0.97 -12.13
C47 PCW EB . 13.21 1.42 -11.90
C48 PCW EB . 14.14 0.85 -12.96
N PCW EB . -3.26 -1.62 -1.18
O2 PCW EB . 3.54 -4.64 -4.53
O3 PCW EB . 2.98 -7.21 -3.18
O11 PCW EB . 3.45 -6.62 -1.07
O31 PCW EB . 5.00 -6.16 -3.75
O1P PCW EB . 0.90 -1.03 -3.41
O2P PCW EB . -0.48 -2.01 -5.30
O3P PCW EB . 1.03 -3.46 -3.89
O4P PCW EB . -1.08 -2.49 -2.90
P PCW EB . 0.09 -2.15 -3.94
C1 PCW FB . 4.34 -5.86 20.17
C2 PCW FB . 5.43 -6.33 19.20
C3 PCW FB . 5.38 -7.84 19.03
C4 PCW FB . 1.87 -8.15 17.22
C5 PCW FB . 2.44 -8.80 15.96
C6 PCW FB . 1.63 -9.70 13.81
C7 PCW FB . 0.07 -8.35 15.24
C8 PCW FB . 0.98 -7.37 14.49
C11 PCW FB . 6.36 -9.60 17.94
C12 PCW FB . 7.37 -10.28 17.01
C13 PCW FB . 8.34 -9.26 16.41
C14 PCW FB . 9.31 -9.96 15.45
C15 PCW FB . 10.32 -8.96 14.85
C16 PCW FB . 11.28 -9.68 13.90
C17 PCW FB . 12.29 -8.70 13.29
C18 PCW FB . 13.14 -8.06 14.39
C19 PCW FB . 14.07 -7.17 13.84
C20 PCW FB . 15.37 -7.11 14.33
C21 PCW FB . 15.75 -7.94 15.38
C22 PCW FB . 17.28 -7.99 15.51
C23 PCW FB . 17.70 -8.90 16.67
C24 PCW FB . 19.22 -8.94 16.79
C25 PCW FB . 19.87 -9.49 15.53
C26 PCW FB . 19.40 -10.92 15.24
C27 PCW FB . 20.05 -11.47 13.96
C28 PCW FB . 19.68 -10.60 12.76
C31 PCW FB . 5.39 -4.36 18.02
C32 PCW FB . 5.21 -3.48 16.79
C33 PCW FB . 6.46 -2.62 16.53
C34 PCW FB . 7.69 -3.49 16.25
C35 PCW FB . 8.07 -4.33 17.47
C36 PCW FB . 9.30 -5.19 17.19
C37 PCW FB . 9.68 -6.02 18.41
C38 PCW FB . 10.92 -6.86 18.15
C39 PCW FB . 11.25 -7.62 19.26
C40 PCW FB . 12.32 -8.51 19.21
C41 PCW FB . 13.08 -8.63 18.06
C42 PCW FB . 14.53 -8.21 18.30
C43 PCW FB . 15.19 -9.06 19.38
C44 PCW FB . 16.63 -8.64 19.63
C45 PCW FB . 16.72 -7.18 20.04
C46 PCW FB . 18.18 -6.76 20.28
C47 PCW FB . 18.26 -5.30 20.73
C48 PCW FB . 19.71 -4.86 20.95
N PCW FB . 1.45 -8.71 14.88
O2 PCW FB . 5.22 -5.70 17.92
O3 PCW FB . 6.41 -8.25 18.12
O11 PCW FB . 5.52 -10.26 18.54
O31 PCW FB . 5.69 -3.87 19.12
O1P PCW FB . 3.24 -8.41 20.77
O2P PCW FB . 0.99 -7.62 19.90
O3P PCW FB . 3.03 -6.17 19.69
O4P PCW FB . 2.82 -8.25 18.29
P PCW FB . 2.47 -7.67 19.74
C1 PCW GB . 2.43 -15.52 -13.99
C2 PCW GB . 3.42 -14.55 -13.34
C3 PCW GB . 4.28 -13.93 -14.42
C4 PCW GB . 1.25 -19.48 -12.03
C5 PCW GB . 1.44 -18.68 -10.75
C6 PCW GB . 3.84 -19.14 -11.18
C7 PCW GB . 3.08 -16.77 -10.85
C8 PCW GB . 3.21 -17.41 -9.47
C11 PCW GB . 6.28 -13.96 -13.31
C12 PCW GB . 7.53 -13.35 -12.68
C13 PCW GB . 8.08 -14.26 -11.57
C14 PCW GB . 9.42 -13.73 -11.04
C15 PCW GB . 10.46 -13.71 -12.16
C16 PCW GB . 10.68 -15.10 -12.73
C17 PCW GB . 11.66 -15.06 -13.92
C18 PCW GB . 11.88 -16.47 -14.47
C19 PCW GB . 12.70 -16.44 -15.60
C20 PCW GB . 14.05 -16.14 -15.48
C21 PCW GB . 14.61 -15.86 -14.24
C22 PCW GB . 16.13 -15.98 -14.27
C23 PCW GB . 16.73 -15.03 -15.31
C24 PCW GB . 18.25 -15.16 -15.37
C25 PCW GB . 18.88 -14.82 -14.02
C26 PCW GB . 18.59 -13.37 -13.62
C27 PCW GB . 19.23 -13.03 -12.27
C28 PCW GB . 18.94 -11.58 -11.87
C31 PCW GB . 3.49 -13.05 -11.60
C32 PCW GB . 2.94 -11.94 -10.70
C33 PCW GB . 4.01 -11.47 -9.71
C34 PCW GB . 5.21 -10.85 -10.43
C35 PCW GB . 4.77 -9.60 -11.21
C36 PCW GB . 5.96 -8.95 -11.93
C37 PCW GB . 5.53 -7.70 -12.69
C38 PCW GB . 6.71 -7.05 -13.41
C39 PCW GB . 6.30 -5.89 -14.07
C40 PCW GB . 6.75 -5.63 -15.36
C41 PCW GB . 7.60 -6.54 -16.00
C42 PCW GB . 8.23 -5.90 -17.24
C43 PCW GB . 7.14 -5.47 -18.24
C44 PCW GB . 7.76 -4.81 -19.47
C45 PCW GB . 8.69 -5.79 -20.22
C46 PCW GB . 9.30 -5.13 -21.45
C47 PCW GB . 10.21 -6.11 -22.19
C48 PCW GB . 10.82 -5.46 -23.44
N PCW GB . 2.83 -18.21 -10.65
O2 PCW GB . 2.71 -13.55 -12.60
O3 PCW GB . 5.34 -13.15 -13.86
O11 PCW GB . 6.12 -15.18 -13.33
O31 PCW GB . 4.61 -13.51 -11.42
O1P PCW GB . -0.53 -17.34 -12.51
O2P PCW GB . 0.35 -17.23 -14.89
O3P PCW GB . 1.61 -16.15 -13.00
O4P PCW GB . 1.51 -18.67 -13.17
P PCW GB . 0.62 -17.35 -13.43
C1 PCW HB . 2.21 6.69 10.44
C2 PCW HB . 3.06 7.95 10.50
C3 PCW HB . 3.23 8.38 11.96
C4 PCW HB . -1.66 7.41 9.92
C5 PCW HB . -2.53 7.50 8.66
C6 PCW HB . -4.78 6.80 9.44
C7 PCW HB . -3.70 5.59 7.51
C8 PCW HB . -3.09 5.05 8.80
C11 PCW HB . 3.39 10.63 11.54
C12 PCW HB . 4.09 11.99 11.53
C13 PCW HB . 3.42 12.95 10.55
C14 PCW HB . 4.11 14.32 10.55
C15 PCW HB . 5.57 14.19 10.13
C16 PCW HB . 6.28 15.55 10.19
C17 PCW HB . 7.75 15.42 9.79
C18 PCW HB . 8.46 16.77 9.83
C19 PCW HB . 9.79 16.64 9.42
C20 PCW HB . 10.80 17.30 10.11
C21 PCW HB . 10.52 18.08 11.22
C22 PCW HB . 11.79 18.72 11.78
C23 PCW HB . 11.49 19.60 12.99
C24 PCW HB . 10.92 18.79 14.16
C25 PCW HB . 9.56 18.19 13.81
C26 PCW HB . 8.97 17.40 14.98
C27 PCW HB . 7.61 16.82 14.62
C28 PCW HB . 7.00 16.07 15.81
C31 PCW HB . 4.27 7.41 8.62
C32 PCW HB . 5.55 7.13 7.82
C33 PCW HB . 5.65 5.65 7.43
C34 PCW HB . 5.79 4.76 8.66
C35 PCW HB . 5.91 3.29 8.26
C36 PCW HB . 6.06 2.40 9.50
C37 PCW HB . 6.14 0.92 9.11
C38 PCW HB . 7.34 0.64 8.22
C39 PCW HB . 7.35 -0.70 7.82
C40 PCW HB . 8.55 -1.35 7.56
C41 PCW HB . 9.77 -0.69 7.70
C42 PCW HB . 10.92 -1.70 7.88
C43 PCW HB . 12.26 -0.99 8.01
C44 PCW HB . 13.39 -2.00 8.20
C45 PCW HB . 14.74 -1.30 8.35
C46 PCW HB . 15.10 -0.50 7.09
C47 PCW HB . 16.46 0.17 7.26
C48 PCW HB . 16.84 0.95 6.00
N PCW HB . -3.56 6.44 8.71
O2 PCW HB . 4.37 7.70 9.95
O3 PCW HB . 4.06 9.54 12.04
O11 PCW HB . 2.25 10.51 11.12
O31 PCW HB . 3.17 7.36 8.09
O1P PCW HB . -1.22 5.88 12.19
O2P PCW HB . 0.34 4.40 10.67
O3P PCW HB . 0.93 6.92 11.05
O4P PCW HB . -0.95 6.17 9.91
P PCW HB . -0.12 5.71 11.21
C1 PCW IB . 7.15 -6.14 13.31
C2 PCW IB . 8.23 -6.69 12.38
C3 PCW IB . 9.56 -6.00 12.61
C4 PCW IB . 4.06 -5.32 11.25
C5 PCW IB . 3.86 -4.02 10.45
C6 PCW IB . 2.41 -4.77 8.57
C7 PCW IB . 4.56 -3.57 8.08
C8 PCW IB . 4.90 -5.03 8.40
C11 PCW IB . 11.72 -5.91 11.79
C12 PCW IB . 12.87 -6.36 10.87
C13 PCW IB . 13.95 -5.29 10.73
C14 PCW IB . 15.01 -5.75 9.72
C15 PCW IB . 16.11 -4.70 9.53
C16 PCW IB . 17.06 -5.13 8.42
C17 PCW IB . 18.21 -4.14 8.23
C18 PCW IB . 19.11 -4.10 9.47
C19 PCW IB . 20.15 -3.20 9.30
C20 PCW IB . 20.96 -2.85 10.37
C21 PCW IB . 20.76 -3.40 11.63
C22 PCW IB . 19.28 -3.27 12.04
C23 PCW IB . 19.05 -3.86 13.44
C24 PCW IB . 17.57 -3.81 13.81
C25 PCW IB . 17.35 -4.29 15.24
C26 PCW IB . 18.08 -3.37 16.23
C27 PCW IB . 17.86 -3.83 17.67
C28 PCW IB . 18.62 -2.93 18.65
C31 PCW IB . 8.85 -8.71 11.47
C32 PCW IB . 9.09 -10.22 11.49
C33 PCW IB . 9.98 -10.71 10.34
C34 PCW IB . 9.34 -10.52 8.96
C35 PCW IB . 9.51 -9.10 8.43
C36 PCW IB . 10.99 -8.79 8.18
C37 PCW IB . 11.17 -7.40 7.57
C38 PCW IB . 12.65 -7.12 7.28
C39 PCW IB . 12.81 -5.88 6.68
C40 PCW IB . 13.90 -5.63 5.85
C41 PCW IB . 14.84 -6.64 5.62
C42 PCW IB . 16.27 -6.11 5.84
C43 PCW IB . 17.30 -7.20 5.56
C44 PCW IB . 18.72 -6.69 5.81
C45 PCW IB . 19.03 -5.50 4.91
C46 PCW IB . 20.45 -4.96 5.18
C47 PCW IB . 20.76 -3.77 4.28
C48 PCW IB . 22.17 -3.23 4.55
N PCW IB . 3.75 -4.36 9.02
O2 PCW IB . 8.37 -8.11 12.59
O3 PCW IB . 10.52 -6.55 11.69
O11 PCW IB . 11.87 -4.98 12.57
O31 PCW IB . 9.06 -8.03 10.47
O1P PCW IB . 3.49 -7.24 13.54
O2P PCW IB . 4.79 -5.62 15.01
O3P PCW IB . 5.91 -6.80 13.08
O4P PCW IB . 4.22 -5.01 12.63
P PCW IB . 4.53 -6.19 13.67
C1 PCW JB . 2.84 13.02 -1.61
C2 PCW JB . 3.99 13.91 -2.09
C3 PCW JB . 4.20 13.70 -3.57
C4 PCW JB . -1.04 12.75 -4.19
C5 PCW JB . -2.15 13.57 -4.86
C6 PCW JB . -3.26 11.94 -6.35
C7 PCW JB . -2.42 14.11 -7.30
C8 PCW JB . -1.23 13.17 -7.16
C11 PCW JB . 6.46 13.96 -3.38
C12 PCW JB . 7.82 14.59 -3.66
C13 PCW JB . 8.66 13.69 -4.58
C14 PCW JB . 10.04 14.30 -4.82
C15 PCW JB . 10.82 14.48 -3.52
C16 PCW JB . 11.10 13.12 -2.85
C17 PCW JB . 9.80 12.43 -2.44
C18 PCW JB . 10.08 11.09 -1.75
C19 PCW JB . 8.89 10.48 -1.35
C20 PCW JB . 8.88 9.62 -0.27
C21 PCW JB . 10.05 9.36 0.43
C22 PCW JB . 10.49 10.60 1.24
C23 PCW JB . 11.78 10.34 2.00
C24 PCW JB . 11.62 9.26 3.07
C25 PCW JB . 11.25 7.90 2.44
C26 PCW JB . 11.13 6.82 3.50
C27 PCW JB . 10.71 5.49 2.88
C28 PCW JB . 9.37 5.62 2.17
C31 PCW JB . 3.64 15.54 -0.51
C32 PCW JB . 3.29 16.94 -0.02
C33 PCW JB . 1.82 17.25 -0.31
C34 PCW JB . 1.43 18.64 0.17
C35 PCW JB . 2.28 19.71 -0.52
C36 PCW JB . 1.86 21.12 -0.08
C37 PCW JB . 2.71 22.19 -0.78
C38 PCW JB . 2.25 23.59 -0.38
C39 PCW JB . 3.04 24.57 -0.98
C40 PCW JB . 3.96 25.26 -0.22
C41 PCW JB . 4.10 24.99 1.14
C42 PCW JB . 5.53 25.25 1.62
C43 PCW JB . 5.67 24.91 3.10
C44 PCW JB . 7.10 25.18 3.58
C45 PCW JB . 7.26 24.79 5.05
C46 PCW JB . 6.96 23.31 5.26
C47 PCW JB . 7.12 22.91 6.73
C48 PCW JB . 6.78 21.43 6.95
N PCW JB . -2.36 13.10 -6.23
O2 PCW JB . 3.66 15.29 -1.84
O3 PCW JB . 5.35 14.45 -4.00
O11 PCW JB . 6.35 13.02 -2.60
O31 PCW JB . 3.91 14.64 0.28
O1P PCW JB . 0.46 11.11 -2.36
O2P PCW JB . -0.02 12.77 -0.51
O3P PCW JB . 1.62 13.31 -2.30
O4P PCW JB . -0.83 13.21 -2.86
P PCW JB . 0.29 12.51 -1.93
C1 PCW KB . -2.86 12.13 -18.37
C2 PCW KB . -2.61 11.21 -19.56
C3 PCW KB . -1.12 11.16 -19.88
C4 PCW KB . -7.83 11.99 -17.21
C5 PCW KB . -8.63 13.01 -16.40
C6 PCW KB . -9.33 14.70 -18.08
C7 PCW KB . -8.08 15.43 -16.02
C8 PCW KB . -7.05 14.88 -17.02
C11 PCW KB . 0.42 10.61 -21.50
C12 PCW KB . 0.87 10.17 -22.89
C13 PCW KB . 1.10 11.39 -23.79
C14 PCW KB . 1.38 10.96 -25.24
C15 PCW KB . 1.52 12.18 -26.16
C16 PCW KB . 2.83 12.93 -25.90
C17 PCW KB . 2.86 14.25 -26.68
C18 PCW KB . 4.19 14.99 -26.45
C19 PCW KB . 4.11 16.30 -26.88
C20 PCW KB . 4.78 16.77 -28.00
C21 PCW KB . 5.58 15.94 -28.78
C22 PCW KB . 7.04 16.40 -28.71
C23 PCW KB . 7.88 15.73 -29.80
C24 PCW KB . 7.40 16.16 -31.19
C25 PCW KB . 8.26 15.56 -32.30
C26 PCW KB . 7.78 16.01 -33.68
C27 PCW KB . 7.84 17.54 -33.81
C28 PCW KB . 7.30 18.00 -35.16
C31 PCW KB . -3.23 9.18 -20.47
C32 PCW KB . -3.76 7.74 -20.43
C33 PCW KB . -3.52 7.03 -21.76
C34 PCW KB . -4.16 5.64 -21.76
C35 PCW KB . -3.45 4.70 -20.77
C36 PCW KB . -2.01 4.44 -21.19
C37 PCW KB . -1.36 3.39 -20.29
C38 PCW KB . 0.07 3.09 -20.73
C39 PCW KB . 0.63 2.08 -19.96
C40 PCW KB . 2.01 2.03 -19.76
C41 PCW KB . 2.82 2.99 -20.35
C42 PCW KB . 3.82 2.34 -21.31
C43 PCW KB . 4.75 1.36 -20.59
C44 PCW KB . 5.79 0.78 -21.55
C45 PCW KB . 6.77 -0.15 -20.83
C46 PCW KB . 7.82 -0.68 -21.81
C47 PCW KB . 8.80 -1.62 -21.09
C48 PCW KB . 9.85 -2.14 -22.07
N PCW KB . -8.43 14.36 -16.96
O2 PCW KB . -3.16 9.91 -19.32
O3 PCW KB . -0.91 10.63 -21.19
O11 PCW KB . 1.25 10.92 -20.64
O31 PCW KB . -2.89 9.70 -21.54
O1P PCW KB . -6.07 11.23 -19.36
O2P PCW KB . -4.84 10.30 -17.32
O3P PCW KB . -4.23 12.54 -18.31
O4P PCW KB . -6.43 12.26 -17.10
P PCW KB . -5.41 11.47 -18.06
C1 PCW LB . -3.61 20.33 -15.75
C2 PCW LB . -3.62 21.74 -15.18
C3 PCW LB . -2.19 22.12 -14.82
C4 PCW LB . -4.39 17.96 -13.23
C5 PCW LB . -3.91 16.53 -13.05
C6 PCW LB . -4.66 14.49 -11.86
C7 PCW LB . -6.34 16.26 -12.46
C8 PCW LB . -6.06 15.43 -13.73
C11 PCW LB . -0.83 23.74 -13.98
C12 PCW LB . -0.48 25.08 -13.32
C13 PCW LB . 0.99 25.44 -13.56
C14 PCW LB . 1.34 26.79 -12.93
C15 PCW LB . 0.49 27.92 -13.52
C16 PCW LB . 0.82 29.25 -12.86
C17 PCW LB . 0.49 29.21 -11.36
C18 PCW LB . 0.82 30.54 -10.70
C19 PCW LB . 2.16 30.84 -10.81
C20 PCW LB . 2.58 31.96 -11.53
C21 PCW LB . 1.64 32.79 -12.14
C22 PCW LB . 2.28 33.58 -13.28
C23 PCW LB . 1.26 34.48 -13.96
C24 PCW LB . 0.68 35.50 -12.97
C25 PCW LB . -0.33 36.42 -13.66
C26 PCW LB . -0.92 37.43 -12.68
C27 PCW LB . -1.95 38.33 -13.36
C28 PCW LB . -1.33 39.09 -14.53
C31 PCW LB . -4.44 23.86 -15.61
C32 PCW LB . -4.97 24.97 -16.52
C33 PCW LB . -3.83 25.55 -17.36
C34 PCW LB . -4.34 26.66 -18.29
C35 PCW LB . -3.19 27.24 -19.12
C36 PCW LB . -3.68 28.32 -20.08
C37 PCW LB . -2.52 28.90 -20.89
C38 PCW LB . -3.00 30.00 -21.84
C39 PCW LB . -1.92 30.56 -22.52
C40 PCW LB . -1.93 30.63 -23.90
C41 PCW LB . -3.01 30.15 -24.64
C42 PCW LB . -3.78 31.28 -25.30
C43 PCW LB . -2.88 32.06 -26.27
C44 PCW LB . -3.65 33.22 -26.91
C45 PCW LB . -4.13 34.21 -25.86
C46 PCW LB . -2.95 34.81 -25.10
C47 PCW LB . -1.99 35.55 -26.04
C48 PCW LB . -0.81 36.14 -25.27
N PCW LB . -5.03 15.64 -12.71
O2 PCW LB . -4.14 22.65 -16.16
O3 PCW LB . -2.13 23.43 -14.22
O11 PCW LB . 0.06 22.95 -14.30
O31 PCW LB . -4.30 24.04 -14.40
O1P PCW LB . -5.66 20.46 -13.69
O2P PCW LB . -7.29 19.33 -15.28
O3P PCW LB . -4.93 19.85 -16.00
O4P PCW LB . -5.35 18.04 -14.31
P PCW LB . -5.91 19.48 -14.77
C1 PCW MB . -5.77 17.77 -2.88
C2 PCW MB . -5.12 18.56 -4.00
C3 PCW MB . -6.19 19.14 -4.93
C4 PCW MB . -8.13 21.03 -0.46
C5 PCW MB . -6.61 21.19 -0.42
C6 PCW MB . -7.19 23.61 -0.35
C7 PCW MB . -5.65 22.65 1.38
C8 PCW MB . -4.82 22.88 0.12
C11 PCW MB . -5.14 21.08 -5.57
C12 PCW MB . -4.40 22.00 -6.53
C13 PCW MB . -3.23 22.69 -5.82
C14 PCW MB . -2.43 23.58 -6.78
C15 PCW MB . -1.27 24.25 -6.06
C16 PCW MB . -0.41 25.06 -7.03
C17 PCW MB . -1.22 26.20 -7.67
C18 PCW MB . -0.35 26.96 -8.68
C19 PCW MB . 0.09 26.11 -9.68
C20 PCW MB . 1.45 26.04 -9.99
C21 PCW MB . 2.36 26.82 -9.29
C22 PCW MB . 3.37 27.47 -10.24
C23 PCW MB . 4.12 26.40 -11.04
C24 PCW MB . 5.15 27.06 -11.97
C25 PCW MB . 5.89 26.00 -12.79
C26 PCW MB . 4.93 25.21 -13.68
C27 PCW MB . 5.68 24.14 -14.48
C28 PCW MB . 6.40 23.17 -13.55
C31 PCW MB . -3.27 19.09 -2.72
C32 PCW MB . -2.33 20.04 -2.00
C33 PCW MB . -0.89 19.91 -2.51
C34 PCW MB . -0.81 20.25 -4.01
C35 PCW MB . 0.63 20.28 -4.49
C36 PCW MB . 1.32 18.92 -4.27
C37 PCW MB . 2.80 19.00 -4.64
C38 PCW MB . 3.48 17.64 -4.44
C39 PCW MB . 4.85 17.72 -4.70
C40 PCW MB . 5.31 18.04 -5.97
C41 PCW MB . 4.43 18.27 -7.01
C42 PCW MB . 4.36 19.76 -7.36
C43 PCW MB . 5.73 20.28 -7.81
C44 PCW MB . 5.67 21.77 -8.15
C45 PCW MB . 7.03 22.28 -8.62
C46 PCW MB . 6.96 23.76 -9.00
C47 PCW MB . 8.31 24.29 -9.46
C48 PCW MB . 8.24 25.77 -9.84
N PCW MB . -6.26 22.54 0.05
O2 PCW MB . -4.32 19.61 -3.44
O3 PCW MB . -5.56 19.85 -6.00
O11 PCW MB . -5.41 21.44 -4.42
O31 PCW MB . -3.12 17.87 -2.69
O1P PCW MB . -7.79 20.31 -3.27
O2P PCW MB . -8.79 18.04 -2.77
O3P PCW MB . -6.48 18.63 -1.98
O4P PCW MB . -8.47 19.72 -0.91
P PCW MB . -7.94 19.18 -2.34
C1 PCW NB . 7.07 -0.33 14.62
C2 PCW NB . 7.34 1.06 15.20
C3 PCW NB . 8.28 0.92 16.38
C4 PCW NB . 3.44 -2.01 13.65
C5 PCW NB . 2.70 -2.87 14.67
C6 PCW NB . 0.49 -3.19 13.61
C7 PCW NB . 0.63 -2.34 15.97
C8 PCW NB . 0.90 -1.16 15.04
C11 PCW NB . 7.55 2.77 17.53
C12 PCW NB . 7.68 4.15 18.15
C13 PCW NB . 9.08 4.36 18.74
C14 PCW NB . 9.24 5.78 19.28
C15 PCW NB . 8.21 6.10 20.36
C16 PCW NB . 8.44 7.50 20.93
C17 PCW NB . 7.41 7.83 22.01
C18 PCW NB . 7.70 9.20 22.64
C19 PCW NB . 7.69 10.21 21.67
C20 PCW NB . 8.79 11.02 21.50
C21 PCW NB . 9.92 10.84 22.29
C22 PCW NB . 11.10 11.66 21.76
C23 PCW NB . 12.35 11.44 22.61
C24 PCW NB . 13.53 12.27 22.07
C25 PCW NB . 13.88 11.86 20.63
C26 PCW NB . 15.03 12.71 20.09
C27 PCW NB . 15.37 12.31 18.65
C28 PCW NB . 16.53 13.15 18.12
C31 PCW NB . 7.07 2.33 13.30
C32 PCW NB . 7.55 3.21 12.15
C33 PCW NB . 7.25 4.69 12.40
C34 PCW NB . 7.82 5.56 11.28
C35 PCW NB . 7.51 7.04 11.51
C36 PCW NB . 8.14 7.91 10.43
C37 PCW NB . 7.80 9.39 10.63
C38 PCW NB . 8.45 10.27 9.56
C39 PCW NB . 8.09 11.59 9.71
C40 PCW NB . 9.00 12.53 10.21
C41 PCW NB . 10.28 12.14 10.55
C42 PCW NB . 10.96 13.20 11.43
C43 PCW NB . 12.37 12.76 11.83
C44 PCW NB . 13.03 13.81 12.72
C45 PCW NB . 12.21 14.04 13.99
C46 PCW NB . 12.87 15.08 14.90
C47 PCW NB . 12.05 15.31 16.16
C48 PCW NB . 12.69 16.36 17.06
N PCW NB . 1.28 -2.53 14.66
O2 PCW NB . 7.97 1.89 14.22
O3 PCW NB . 8.62 2.20 16.91
O11 PCW NB . 6.48 2.14 17.59
O31 PCW NB . 5.88 2.05 13.42
O1P PCW NB . 5.13 -1.20 11.44
O2P PCW NB . 7.09 -2.40 12.52
O3P PCW NB . 6.22 -0.25 13.47
O4P PCW NB . 4.84 -2.35 13.66
P PCW NB . 5.86 -1.60 12.66
C1 PCW OB . -2.63 -13.13 -14.35
C2 PCW OB . -2.25 -12.42 -15.65
C3 PCW OB . -2.67 -10.96 -15.62
C4 PCW OB . -1.36 -8.89 -13.71
C5 PCW OB . -0.21 -8.28 -14.51
C6 PCW OB . 0.18 -6.33 -15.99
C7 PCW OB . -1.81 -6.36 -14.45
C8 PCW OB . -0.58 -5.98 -13.61
C11 PCW OB . -2.62 -9.00 -16.83
C12 PCW OB . -2.33 -8.13 -18.06
C13 PCW OB . -1.72 -8.96 -19.19
C14 PCW OB . -1.43 -8.09 -20.41
C15 PCW OB . -0.81 -8.91 -21.55
C16 PCW OB . 0.50 -9.56 -21.11
C17 PCW OB . 1.51 -8.50 -20.68
C18 PCW OB . 2.84 -9.13 -20.27
C19 PCW OB . 3.75 -8.16 -19.86
C20 PCW OB . 5.09 -8.25 -20.21
C21 PCW OB . 5.54 -9.32 -20.98
C22 PCW OB . 5.96 -10.49 -20.08
C23 PCW OB . 6.46 -11.67 -20.91
C24 PCW OB . 7.70 -11.29 -21.73
C25 PCW OB . 8.85 -10.88 -20.82
C26 PCW OB . 10.10 -10.52 -21.62
C27 PCW OB . 9.82 -9.38 -22.59
C28 PCW OB . 11.07 -9.03 -23.41
C31 PCW OB . -0.56 -12.42 -17.19
C32 PCW OB . 0.89 -12.45 -17.69
C33 PCW OB . 1.61 -11.15 -17.32
C34 PCW OB . 3.04 -11.14 -17.85
C35 PCW OB . 3.88 -12.28 -17.28
C36 PCW OB . 5.31 -12.22 -17.79
C37 PCW OB . 6.15 -13.37 -17.23
C38 PCW OB . 7.60 -13.29 -17.73
C39 PCW OB . 8.37 -14.34 -17.24
C40 PCW OB . 9.20 -14.15 -16.15
C41 PCW OB . 9.26 -12.91 -15.52
C42 PCW OB . 10.51 -12.14 -15.96
C43 PCW OB . 10.59 -10.78 -15.25
C44 PCW OB . 11.84 -10.02 -15.70
C45 PCW OB . 11.80 -9.76 -17.21
C46 PCW OB . 13.03 -8.96 -17.65
C47 PCW OB . 13.00 -8.71 -19.17
C48 PCW OB . 14.25 -7.92 -19.61
N PCW OB . -0.46 -6.87 -14.78
O2 PCW OB . -0.83 -12.52 -15.87
O3 PCW OB . -2.32 -10.33 -16.86
O11 PCW OB . -3.12 -8.51 -15.82
O31 PCW OB . -1.50 -12.33 -18.00
O1P PCW OB . -3.53 -10.76 -13.07
O2P PCW OB . -1.87 -11.15 -11.20
O3P PCW OB . -1.91 -12.63 -13.23
O4P PCW OB . -1.09 -10.27 -13.44
P PCW OB . -2.18 -11.16 -12.65
C1 PCW PB . -8.24 27.34 -9.42
C2 PCW PB . -7.12 27.24 -10.45
C3 PCW PB . -7.27 28.35 -11.47
C4 PCW PB . -9.79 23.58 -7.86
C5 PCW PB . -10.71 22.68 -8.68
C6 PCW PB . -10.60 20.42 -9.70
C7 PCW PB . -9.03 21.01 -7.83
C8 PCW PB . -10.38 20.66 -7.21
C11 PCW PB . -6.46 29.18 -13.44
C12 PCW PB . -5.47 29.28 -14.61
C13 PCW PB . -4.10 29.73 -14.11
C14 PCW PB . -3.09 29.85 -15.25
C15 PCW PB . -1.74 30.30 -14.71
C16 PCW PB . -0.70 30.42 -15.84
C17 PCW PB . 0.64 30.90 -15.27
C18 PCW PB . 1.70 31.03 -16.37
C19 PCW PB . 2.89 31.47 -15.82
C20 PCW PB . 4.07 31.45 -16.56
C21 PCW PB . 4.06 30.99 -17.89
C22 PCW PB . 5.50 30.90 -18.41
C23 PCW PB . 6.20 32.25 -18.35
C24 PCW PB . 7.65 32.16 -18.81
C25 PCW PB . 7.73 31.68 -20.27
C26 PCW PB . 9.19 31.58 -20.71
C27 PCW PB . 9.90 32.93 -20.62
C28 PCW PB . 11.37 32.81 -21.02
C31 PCW PB . -4.86 26.83 -10.57
C32 PCW PB . -3.43 26.75 -10.02
C33 PCW PB . -3.09 27.95 -9.15
C34 PCW PB . -2.85 29.22 -9.98
C35 PCW PB . -2.40 30.37 -9.09
C36 PCW PB . -1.95 31.59 -9.90
C37 PCW PB . -1.48 32.71 -8.98
C38 PCW PB . -0.94 33.89 -9.78
C39 PCW PB . -0.55 34.92 -8.93
C40 PCW PB . 0.75 35.39 -8.91
C41 PCW PB . 1.72 34.83 -9.74
C42 PCW PB . 2.97 35.70 -9.77
C43 PCW PB . 4.06 35.09 -10.65
C44 PCW PB . 5.32 35.97 -10.67
C45 PCW PB . 6.40 35.34 -11.55
C46 PCW PB . 7.66 36.23 -11.59
C47 PCW PB . 7.33 37.62 -12.15
C48 PCW PB . 8.58 38.50 -12.21
N PCW PB . -10.29 21.28 -8.55
O2 PCW PB . -5.85 27.31 -9.78
O3 PCW PB . -6.23 28.28 -12.47
O11 PCW PB . -7.45 29.90 -13.40
O31 PCW PB . -5.11 26.42 -11.70
O1P PCW PB . -8.69 25.63 -6.10
O2P PCW PB . -10.11 27.36 -7.30
O3P PCW PB . -8.14 26.30 -8.44
O4P PCW PB . -10.20 24.94 -8.00
P PCW PB . -9.31 26.12 -7.35
C1 PCW QB . -4.71 9.30 -27.22
C2 PCW QB . -3.88 10.31 -26.41
C3 PCW QB . -4.51 10.52 -25.05
C4 PCW QB . -7.23 12.36 -26.04
C5 PCW QB . -6.35 12.59 -27.27
C6 PCW QB . -8.09 14.24 -27.87
C7 PCW QB . -5.73 15.01 -27.55
C8 PCW QB . -5.83 14.40 -28.95
C11 PCW QB . -3.57 12.62 -24.86
C12 PCW QB . -2.75 13.70 -24.16
C13 PCW QB . -1.69 13.09 -23.24
C14 PCW QB . -1.03 14.15 -22.36
C15 PCW QB . 0.00 13.53 -21.42
C16 PCW QB . 0.47 14.52 -20.35
C17 PCW QB . 1.19 15.73 -20.97
C18 PCW QB . 2.47 15.33 -21.68
C19 PCW QB . 3.15 16.44 -22.13
C20 PCW QB . 4.41 16.33 -22.71
C21 PCW QB . 5.01 15.08 -22.82
C22 PCW QB . 6.01 15.08 -23.98
C23 PCW QB . 7.14 16.09 -23.74
C24 PCW QB . 8.09 16.17 -24.92
C25 PCW QB . 8.74 14.82 -25.23
C26 PCW QB . 7.70 13.79 -25.68
C27 PCW QB . 8.36 12.45 -26.02
C28 PCW QB . 9.38 12.63 -27.15
C31 PCW QB . -1.89 9.76 -27.41
C32 PCW QB . -0.42 9.31 -27.41
C33 PCW QB . -0.30 7.85 -26.97
C34 PCW QB . 1.16 7.48 -26.69
C35 PCW QB . 2.04 7.65 -27.92
C36 PCW QB . 3.50 7.37 -27.56
C37 PCW QB . 4.42 7.51 -28.78
C38 PCW QB . 5.88 7.28 -28.39
C39 PCW QB . 6.71 7.33 -29.51
C40 PCW QB . 7.80 8.20 -29.55
C41 PCW QB . 8.10 9.02 -28.47
C42 PCW QB . 8.43 8.22 -27.21
C43 PCW QB . 8.88 9.14 -26.08
C44 PCW QB . 9.15 8.34 -24.80
C45 PCW QB . 9.70 9.26 -23.70
C46 PCW QB . 11.08 9.80 -24.07
C47 PCW QB . 11.04 10.65 -25.34
C48 PCW QB . 12.42 11.19 -25.69
N PCW QB . -6.66 13.92 -27.83
O2 PCW QB . -2.55 9.81 -26.23
O3 PCW QB . -3.70 11.41 -24.26
O11 PCW QB . -4.12 12.83 -25.93
O31 PCW QB . -2.45 10.06 -28.45
O1P PCW QB . -8.47 9.80 -26.96
O2P PCW QB . -6.87 8.57 -25.43
O3P PCW QB . -6.03 9.80 -27.45
O4P PCW QB . -6.91 11.09 -25.47
P PCW QB . -7.16 9.73 -26.30
C1 PCW RB . -7.37 27.40 -1.87
C2 PCW RB . -6.19 27.94 -2.68
C3 PCW RB . -6.35 27.53 -4.14
C4 PCW RB . -11.85 28.59 -3.20
C5 PCW RB . -12.83 27.44 -2.91
C6 PCW RB . -14.99 26.57 -3.72
C7 PCW RB . -13.79 28.33 -5.06
C8 PCW RB . -13.13 26.98 -5.36
C11 PCW RB . -4.11 27.95 -4.52
C12 PCW RB . -2.94 28.65 -5.21
C13 PCW RB . -1.75 28.78 -4.25
C14 PCW RB . -0.66 29.66 -4.85
C15 PCW RB . 0.53 29.76 -3.89
C16 PCW RB . 1.51 30.85 -4.34
C17 PCW RB . 2.67 30.98 -3.36
C18 PCW RB . 3.52 32.23 -3.66
C19 PCW RB . 4.10 32.17 -4.93
C20 PCW RB . 5.47 32.18 -5.06
C21 PCW RB . 6.29 32.23 -3.93
C22 PCW RB . 6.62 33.66 -3.53
C23 PCW RB . 5.34 34.47 -3.25
C24 PCW RB . 5.69 35.85 -2.68
C25 PCW RB . 6.60 36.64 -3.61
C26 PCW RB . 6.97 37.98 -2.99
C27 PCW RB . 7.94 38.75 -3.89
C28 PCW RB . 7.33 39.03 -5.26
C31 PCW RB . -5.81 29.78 -1.37
C32 PCW RB . -5.75 31.27 -1.04
C33 PCW RB . -4.53 31.92 -1.69
C34 PCW RB . -3.22 31.44 -1.06
C35 PCW RB . -3.15 31.86 0.41
C36 PCW RB . -1.81 31.46 1.04
C37 PCW RB . -1.73 31.91 2.50
C38 PCW RB . -0.38 31.57 3.11
C39 PCW RB . -0.32 31.98 4.44
C40 PCW RB . 0.49 33.05 4.80
C41 PCW RB . 1.24 33.71 3.83
C42 PCW RB . 2.60 34.12 4.38
C43 PCW RB . 2.48 35.08 5.56
C44 PCW RB . 3.85 35.48 6.09
C45 PCW RB . 3.73 36.44 7.28
C46 PCW RB . 5.12 36.81 7.82
C47 PCW RB . 5.00 37.80 8.98
C48 PCW RB . 6.38 38.20 9.50
N PCW RB . -13.73 27.26 -4.05
O2 PCW RB . -6.20 29.38 -2.61
O3 PCW RB . -5.38 28.25 -4.92
O11 PCW RB . -3.92 27.12 -3.64
O31 PCW RB . -5.52 28.93 -0.52
O1P PCW RB . -10.52 26.27 -2.22
O2P PCW RB . -9.78 27.61 -0.19
O3P PCW RB . -8.61 27.88 -2.41
O4P PCW RB . -10.96 28.75 -2.10
P PCW RB . -9.99 27.54 -1.66
C1 PCW SB . 0.37 7.52 -5.17
C2 PCW SB . 1.58 6.68 -5.56
C3 PCW SB . 2.71 7.62 -5.97
C4 PCW SB . -1.67 8.91 -2.24
C5 PCW SB . -1.63 8.86 -0.71
C6 PCW SB . -0.23 6.86 -1.12
C7 PCW SB . 0.58 8.64 0.45
C8 PCW SB . -0.42 7.78 1.21
C11 PCW SB . 4.51 6.37 -5.30
C12 PCW SB . 5.73 5.47 -5.49
C13 PCW SB . 6.67 6.05 -6.56
C14 PCW SB . 7.89 5.14 -6.76
C15 PCW SB . 8.83 5.73 -7.82
C16 PCW SB . 10.04 4.83 -8.04
C17 PCW SB . 10.97 5.40 -9.10
C18 PCW SB . 12.16 4.47 -9.35
C19 PCW SB . 12.93 4.31 -8.21
C20 PCW SB . 13.91 5.24 -7.87
C21 PCW SB . 14.13 6.35 -8.68
C22 PCW SB . 14.56 5.94 -10.09
C23 PCW SB . 14.79 7.16 -10.97
C24 PCW SB . 15.92 8.03 -10.42
C25 PCW SB . 17.24 7.27 -10.41
C26 PCW SB . 18.39 8.14 -9.88
C27 PCW SB . 19.70 7.36 -9.89
C28 PCW SB . 20.86 8.23 -9.38
C31 PCW SB . 1.35 4.70 -4.44
C32 PCW SB . 1.62 3.70 -3.31
C33 PCW SB . 0.50 2.66 -3.21
C34 PCW SB . 0.74 1.71 -2.03
C35 PCW SB . 2.07 0.97 -2.21
C36 PCW SB . 2.37 0.10 -0.98
C37 PCW SB . 3.66 -0.70 -1.19
C38 PCW SB . 3.98 -1.54 0.06
C39 PCW SB . 5.11 -2.32 -0.14
C40 PCW SB . 6.39 -1.77 -0.12
C41 PCW SB . 6.55 -0.40 0.11
C42 PCW SB . 7.91 0.07 -0.39
C43 PCW SB . 8.10 1.57 -0.17
C44 PCW SB . 9.45 2.04 -0.72
C45 PCW SB . 9.63 3.55 -0.49
C46 PCW SB . 10.97 4.04 -1.05
C47 PCW SB . 11.14 5.53 -0.83
C48 PCW SB . 12.47 6.03 -1.39
N PCW SB . -0.54 7.99 -0.24
O2 PCW SB . 2.00 5.89 -4.44
O3 PCW SB . 3.85 6.84 -6.38
O11 PCW SB . 4.16 6.71 -4.17
O31 PCW SB . 0.57 4.42 -5.36
O1P PCW SB . -2.20 8.72 -5.01
O2P PCW SB . -3.23 6.43 -4.58
O3P PCW SB . -0.74 6.71 -4.76
O4P PCW SB . -1.97 7.62 -2.75
P PCW SB . -2.13 7.39 -4.35
C1 PCW TB . 2.41 3.58 -0.46
C2 PCW TB . 3.41 4.13 0.56
C3 PCW TB . 4.53 3.13 0.74
C4 PCW TB . 0.82 4.49 3.29
C5 PCW TB . 1.75 5.31 4.18
C6 PCW TB . 0.35 4.56 6.08
C7 PCW TB . 2.75 3.81 5.94
C8 PCW TB . 2.73 5.24 6.49
C11 PCW TB . 4.91 3.87 2.87
C12 PCW TB . 5.73 4.49 4.00
C13 PCW TB . 6.90 3.60 4.42
C14 PCW TB . 7.69 4.27 5.55
C15 PCW TB . 8.83 3.37 6.06
C16 PCW TB . 9.86 3.09 4.97
C17 PCW TB . 11.01 2.26 5.55
C18 PCW TB . 12.09 1.98 4.49
C19 PCW TB . 13.12 1.23 5.07
C20 PCW TB . 14.23 0.85 4.34
C21 PCW TB . 14.36 1.20 2.99
C22 PCW TB . 14.86 0.01 2.18
C23 PCW TB . 16.21 -0.50 2.71
C24 PCW TB . 17.30 0.56 2.56
C25 PCW TB . 17.59 0.85 1.08
C26 PCW TB . 18.71 1.89 0.94
C27 PCW TB . 19.04 2.13 -0.54
C28 PCW TB . 19.55 0.85 -1.19
C31 PCW TB . 3.09 6.40 0.08
C32 PCW TB . 3.56 7.78 -0.35
C33 PCW TB . 4.43 8.41 0.75
C34 PCW TB . 5.06 9.73 0.28
C35 PCW TB . 5.91 10.33 1.40
C36 PCW TB . 6.63 11.59 0.93
C37 PCW TB . 7.46 12.19 2.08
C38 PCW TB . 8.24 13.43 1.62
C39 PCW TB . 8.92 13.99 2.69
C40 PCW TB . 10.22 14.47 2.55
C41 PCW TB . 10.88 14.40 1.33
C42 PCW TB . 11.25 15.80 0.83
C43 PCW TB . 12.11 15.73 -0.43
C44 PCW TB . 12.42 17.14 -0.95
C45 PCW TB . 13.34 17.10 -2.16
C46 PCW TB . 14.74 16.59 -1.80
C47 PCW TB . 14.70 15.16 -1.27
C48 PCW TB . 16.10 14.68 -0.90
N PCW TB . 1.70 4.78 5.55
O2 PCW TB . 3.99 5.37 0.10
O3 PCW TB . 5.49 3.68 1.66
O11 PCW TB . 3.75 3.53 3.06
O31 PCW TB . 1.92 6.21 0.39
O1P PCW TB . -1.10 4.85 0.37
O2P PCW TB . 0.10 2.75 1.15
O3P PCW TB . 1.19 4.32 -0.46
O4P PCW TB . 0.85 5.01 1.95
P PCW TB . 0.16 4.17 0.76
C1 PCW UB . -3.66 10.76 -9.34
C2 PCW UB . -2.43 10.45 -10.21
C3 PCW UB . -2.87 10.11 -11.62
C4 PCW UB . -7.52 10.77 -9.84
C5 PCW UB . -8.48 10.48 -11.00
C6 PCW UB . -10.75 11.15 -11.72
C7 PCW UB . -9.54 12.54 -10.01
C8 PCW UB . -8.98 12.92 -11.39
C11 PCW UB . -2.17 9.46 -13.69
C12 PCW UB . -1.14 9.00 -14.73
C13 PCW UB . 0.11 9.87 -14.70
C14 PCW UB . 1.12 9.41 -15.76
C15 PCW UB . 2.38 10.29 -15.74
C16 PCW UB . 3.38 9.80 -16.78
C17 PCW UB . 4.65 10.65 -16.77
C18 PCW UB . 5.67 10.14 -17.80
C19 PCW UB . 5.14 10.17 -19.09
C20 PCW UB . 4.58 9.02 -19.64
C21 PCW UB . 4.55 7.84 -18.90
C22 PCW UB . 3.76 6.75 -19.63
C23 PCW UB . 4.44 6.29 -20.91
C24 PCW UB . 4.56 7.43 -21.93
C25 PCW UB . 5.24 6.94 -23.21
C26 PCW UB . 6.64 6.39 -22.92
C27 PCW UB . 7.29 5.88 -24.21
C28 PCW UB . 8.70 5.32 -23.92
C31 PCW UB . -0.30 11.27 -10.58
C32 PCW UB . 0.75 12.39 -10.66
C33 PCW UB . 2.17 11.84 -10.71
C34 PCW UB . 3.18 12.99 -10.70
C35 PCW UB . 4.62 12.48 -10.76
C36 PCW UB . 4.89 11.73 -12.07
C37 PCW UB . 6.36 11.31 -12.17
C38 PCW UB . 6.65 10.62 -13.50
C39 PCW UB . 7.99 10.26 -13.58
C40 PCW UB . 8.39 9.20 -14.38
C41 PCW UB . 7.44 8.49 -15.11
C42 PCW UB . 8.11 7.33 -15.87
C43 PCW UB . 9.19 7.84 -16.82
C44 PCW UB . 9.83 6.69 -17.60
C45 PCW UB . 10.90 7.21 -18.55
C46 PCW UB . 11.54 6.05 -19.32
C47 PCW UB . 12.61 6.56 -20.28
C48 PCW UB . 13.28 5.41 -21.02
N PCW UB . -9.48 11.56 -11.11
O2 PCW UB . -1.57 11.59 -10.21
O3 PCW UB . -1.75 9.73 -12.42
O11 PCW UB . -3.34 9.61 -13.99
O31 PCW UB . 0.00 10.10 -10.83
O1P PCW UB . -5.78 11.79 -7.79
O2P PCW UB . -5.59 13.96 -9.09
O3P PCW UB . -4.33 11.93 -9.83
O4P PCW UB . -6.83 12.00 -10.08
P PCW UB . -5.65 12.48 -9.09
C1 PCW VB . 9.85 -19.96 4.03
C2 PCW VB . 10.93 -19.33 4.92
C3 PCW VB . 12.30 -19.74 4.42
C4 PCW VB . 5.42 -18.51 4.09
C5 PCW VB . 4.76 -17.34 3.34
C6 PCW VB . 4.12 -15.78 5.15
C7 PCW VB . 2.38 -16.57 3.53
C8 PCW VB . 2.59 -17.68 4.56
C11 PCW VB . 14.51 -19.84 4.92
C12 PCW VB . 15.80 -19.45 5.64
C13 PCW VB . 15.55 -18.36 6.70
C14 PCW VB . 16.85 -18.01 7.42
C15 PCW VB . 16.63 -16.92 8.48
C16 PCW VB . 16.12 -15.63 7.86
C17 PCW VB . 15.94 -14.55 8.91
C18 PCW VB . 17.27 -14.25 9.61
C19 PCW VB . 17.11 -13.28 10.61
C20 PCW VB . 17.18 -11.93 10.28
C21 PCW VB . 17.39 -11.53 8.97
C22 PCW VB . 18.84 -11.08 8.77
C23 PCW VB . 19.06 -10.60 7.33
C24 PCW VB . 20.50 -10.13 7.12
C25 PCW VB . 20.71 -9.62 5.69
C26 PCW VB . 22.15 -9.15 5.49
C27 PCW VB . 22.49 -8.01 6.47
C28 PCW VB . 23.93 -7.54 6.25
C31 PCW VB . 11.40 -17.38 6.02
C32 PCW VB . 11.34 -15.87 6.27
C33 PCW VB . 11.93 -15.06 5.11
C34 PCW VB . 13.41 -15.34 4.90
C35 PCW VB . 13.64 -16.72 4.29
C36 PCW VB . 12.99 -16.82 2.90
C37 PCW VB . 13.29 -18.17 2.25
C38 PCW VB . 12.67 -18.24 0.85
C39 PCW VB . 12.95 -19.46 0.25
C40 PCW VB . 14.19 -19.68 -0.34
C41 PCW VB . 15.16 -18.67 -0.29
C42 PCW VB . 16.52 -19.24 0.15
C43 PCW VB . 17.59 -18.13 0.17
C44 PCW VB . 18.93 -18.70 0.61
C45 PCW VB . 20.01 -17.61 0.63
C46 PCW VB . 20.28 -17.04 -0.76
C47 PCW VB . 19.05 -16.35 -1.34
C48 PCW VB . 19.33 -15.82 -2.74
N PCW VB . 3.68 -16.78 4.17
O2 PCW VB . 10.77 -17.91 4.95
O3 PCW VB . 13.34 -19.22 5.26
O11 PCW VB . 14.52 -20.72 4.07
O31 PCW VB . 12.00 -18.12 6.80
O1P PCW VB . 7.76 -21.14 2.64
O2P PCW VB . 6.44 -21.07 4.82
O3P PCW VB . 8.54 -19.72 4.54
O4P PCW VB . 6.45 -19.08 3.28
P PCW VB . 7.26 -20.36 3.80
C1 17F WB . 1.69 -13.04 12.30
N1 17F WB . 0.75 -14.80 13.74
O1 17F WB . 4.08 -13.19 13.04
P1 17F WB . 4.01 -14.23 11.98
C2 17F WB . 1.49 -13.52 13.74
O2 17F WB . 3.91 -15.68 12.23
C3 17F WB . 0.70 -12.47 14.53
O3 17F WB . 2.48 -13.98 11.56
C4 17F WB . 4.73 -14.88 9.53
O4 17F WB . 1.14 -12.15 15.65
C5 17F WB . 5.32 -14.33 8.24
O5 17F WB . -0.32 -12.00 14.00
C6 17F WB . 4.34 -13.34 7.60
O6 17F WB . 4.54 -13.85 10.51
C7 17F WB . 4.01 -12.08 5.72
O7 17F WB . 4.90 -12.88 6.37
C8 17F WB . 4.39 -11.46 4.37
O8 17F WB . 2.91 -11.87 6.21
C9 17F WB . 5.83 -11.80 4.00
O9 17F WB . 6.56 -13.66 8.52
C10 17F WB . 6.21 -11.20 2.64
O10 17F WB . 7.19 -15.77 8.92
C11 17F WB . 6.07 -9.68 2.63
C12 17F WB . 6.49 -9.10 1.27
C17 17F WB . 7.49 -14.58 8.89
C18 17F WB . 8.90 -14.11 9.27
C19 17F WB . 9.66 -13.64 8.03
C20 17F WB . 11.09 -13.22 8.39
C1X 17F WB . 6.35 -7.58 1.26
C1Y 17F WB . 11.85 -12.77 7.15
C1Z 17F WB . 13.29 -12.38 7.50
C2X 17F WB . 6.79 -7.00 -0.09
C21 17F WB . 6.66 -5.62 -0.11
C22 17F WB . 7.78 -4.81 -0.23
C23 17F WB . 9.05 -5.39 -0.33
C24 17F WB . 10.09 -4.52 0.40
C25 17F WB . 11.48 -5.15 0.32
C26 17F WB . 12.50 -4.27 1.05
C27 17F WB . 13.90 -4.88 0.98
C28 17F WB . 14.91 -4.01 1.73
C29 17F WB . 16.31 -4.60 1.65
C30 17F WB . 17.32 -3.72 2.40
C31 17F WB . 14.07 -11.94 6.26
C32 17F WB . 15.52 -11.60 6.63
C33 17F WB . 16.24 -11.20 5.50
C34 17F WB . 17.00 -12.12 4.79
C35 17F WB . 17.06 -13.45 5.19
C36 17F WB . 17.79 -14.31 4.16
C37 17F WB . 17.84 -15.77 4.60
C38 17F WB . 18.58 -16.63 3.57
C39 17F WB . 18.60 -18.11 3.98
C40 17F WB . 19.32 -18.30 5.33
C41 17F WB . 19.32 -19.77 5.73
C42 17F WB . 20.02 -19.97 7.08
HN1 17F WB . 1.40 -15.34 13.22
HN1A 17F WB . -0.01 -14.91 13.11
HAC 17F WB . 0.82 -15.32 14.58
C1 17F XB . -8.39 17.96 -9.40
N1 17F XB . -7.26 19.37 -11.07
O1 17F XB . -6.41 16.04 -9.91
P1 17F XB . -6.23 16.70 -8.60
C2 17F XB . -7.92 18.07 -10.86
O2 17F XB . -6.33 15.88 -7.38
C3 17F XB . -9.13 17.93 -11.78
O3 17F XB . -7.27 17.93 -8.51
C4 17F XB . -4.19 17.89 -7.43
O4 17F XB . -10.21 18.46 -11.41
C5 17F XB . -2.78 18.41 -7.69
O5 17F XB . -8.97 17.28 -12.84
C6 17F XB . -1.89 17.28 -8.18
O6 17F XB . -4.79 17.42 -8.63
C7 17F XB . 0.21 16.76 -8.90
O7 17F XB . -0.56 17.76 -8.42
C8 17F XB . 1.69 17.03 -9.21
O8 17F XB . -0.27 15.65 -9.10
C9 17F XB . 2.14 16.26 -10.46
O9 17F XB . -2.82 19.47 -8.65
C10 17F XB . 3.61 16.55 -10.77
O10 17F XB . -0.81 19.93 -7.78
C11 17F XB . 4.50 16.17 -9.60
C12 17F XB . 5.98 16.48 -9.90
C17 17F XB . -1.66 20.19 -8.62
C18 17F XB . -1.46 21.34 -9.61
C19 17F XB . 0.03 21.60 -9.86
C20 17F XB . 0.73 22.04 -8.58
C1X 17F XB . 6.86 16.11 -8.71
C1Y 17F XB . 2.22 22.29 -8.83
C1Z 17F XB . 2.90 22.82 -7.57
C2X 17F XB . 8.34 16.41 -9.01
C21 17F XB . 9.14 16.07 -7.93
C22 17F XB . 10.37 15.47 -8.15
C23 17F XB . 10.81 15.19 -9.44
C24 17F XB . 11.91 14.14 -9.46
C25 17F XB . 12.39 13.85 -10.87
C26 17F XB . 11.26 13.30 -11.74
C27 17F XB . 11.75 12.98 -13.15
C28 17F XB . 10.62 12.39 -14.00
C29 17F XB . 11.11 12.06 -15.42
C30 17F XB . 9.99 11.47 -16.27
C31 17F XB . 2.28 24.15 -7.14
C32 17F XB . 2.94 24.70 -5.87
C33 17F XB . 2.34 25.89 -5.48
C34 17F XB . 2.90 26.66 -4.47
C35 17F XB . 4.07 26.25 -3.83
C36 17F XB . 5.30 26.82 -4.53
C37 17F XB . 6.58 26.39 -3.81
C38 17F XB . 6.72 24.87 -3.80
C39 17F XB . 7.97 24.44 -3.05
C40 17F XB . 8.13 22.91 -3.05
C41 17F XB . 6.92 22.24 -2.40
C42 17F XB . 7.06 20.71 -2.43
HN1 17F XB . -6.46 19.44 -10.48
HN1A 17F XB . -6.97 19.44 -12.03
HAC 17F XB . -7.91 20.11 -10.86
C1 17F YB . 3.98 -14.72 -1.43
N1 17F YB . 2.97 -15.76 0.54
O1 17F YB . 5.13 -15.78 -3.80
P1 17F YB . 5.95 -16.03 -2.60
C2 17F YB . 3.33 -14.48 -0.06
O2 17F YB . 6.47 -17.41 -2.38
C3 17F YB . 2.07 -13.62 -0.23
O3 17F YB . 5.14 -15.56 -1.29
C4 17F YB . 8.45 -15.37 -2.04
O4 17F YB . 1.20 -13.73 0.65
C5 17F YB . 9.52 -14.32 -2.36
O5 17F YB . 2.01 -12.88 -1.24
C6 17F YB . 10.83 -14.73 -1.71
O6 17F YB . 7.20 -15.01 -2.65
C7 17F YB . 13.04 -14.21 -1.48
O7 17F YB . 11.88 -13.81 -2.07
C8 17F YB . 14.33 -13.42 -1.72
O8 17F YB . 13.04 -15.21 -0.75
C9 17F YB . 15.23 -14.15 -2.72
O9 17F YB . 9.68 -14.24 -3.78
C10 17F YB . 16.55 -13.40 -2.94
O10 17F YB . 10.44 -12.20 -3.27
C11 17F YB . 17.34 -13.29 -1.65
C12 17F YB . 18.68 -12.58 -1.89
C17 17F YB . 10.22 -13.04 -4.13
C18 17F YB . 10.47 -12.74 -5.62
C19 17F YB . 11.61 -11.73 -5.79
C20 17F YB . 11.29 -10.41 -5.09
C1X 17F YB . 19.49 -12.46 -0.59
C1Y 17F YB . 12.38 -9.36 -5.33
C1Z 17F YB . 13.75 -9.82 -4.82
C2X 17F YB . 20.84 -11.80 -0.83
C21 17F YB . 21.53 -11.64 0.37
C22 17F YB . 22.89 -11.37 0.39
C23 17F YB . 23.61 -11.24 -0.79
C24 17F YB . 25.06 -11.69 -0.59
C25 17F YB . 25.87 -11.58 -1.88
C26 17F YB . 25.96 -10.13 -2.35
C27 17F YB . 26.78 -10.02 -3.64
C28 17F YB . 26.88 -8.57 -4.11
C29 17F YB . 27.71 -8.46 -5.40
C30 17F YB . 27.81 -7.00 -5.87
C31 17F YB . 14.26 -11.02 -5.63
C32 17F YB . 15.67 -11.41 -5.18
C33 17F YB . 16.57 -10.37 -5.39
C34 17F YB . 17.94 -10.61 -5.40
C35 17F YB . 18.42 -11.89 -5.21
C36 17F YB . 19.16 -12.39 -6.45
C37 17F YB . 20.33 -11.48 -6.79
C38 17F YB . 21.08 -11.98 -8.03
C39 17F YB . 22.24 -11.05 -8.39
C40 17F YB . 21.73 -9.63 -8.68
C41 17F YB . 22.88 -8.70 -9.06
C42 17F YB . 22.36 -7.30 -9.38
HN1 17F YB . 3.79 -16.33 0.64
HN1A 17F YB . 2.57 -15.60 1.44
HAC 17F YB . 2.31 -16.24 -0.04
C1 17F ZB . -3.47 -3.05 -22.77
N1 17F ZB . -4.71 -4.10 -24.62
O1 17F ZB . -0.52 -4.53 -24.66
P1 17F ZB . -1.30 -4.40 -23.41
C2 17F ZB . -4.40 -4.20 -23.19
O2 17F ZB . -2.12 -5.56 -22.96
C3 17F ZB . -5.69 -4.14 -22.37
O3 17F ZB . -2.23 -3.10 -23.49
C4 17F ZB . -0.75 -3.82 -20.89
O4 17F ZB . -6.72 -3.73 -22.95
C5 17F ZB . 0.39 -3.83 -19.87
O5 17F ZB . -5.63 -4.51 -21.18
C6 17F ZB . -0.22 -3.76 -18.49
O6 17F ZB . -0.27 -4.02 -22.22
C7 17F ZB . 1.62 -2.86 -17.46
O7 17F ZB . 0.80 -3.94 -17.49
C8 17F ZB . 2.80 -2.85 -16.49
O8 17F ZB . 1.40 -1.90 -18.19
C9 17F ZB . 4.07 -2.30 -17.15
O9 17F ZB . 1.09 -5.08 -19.98
C10 17F ZB . 5.27 -2.38 -16.20
O10 17F ZB . 2.79 -6.01 -21.09
C11 17F ZB . 5.00 -1.60 -14.91
C12 17F ZB . 6.17 -1.75 -13.93
C17 17F ZB . 2.10 -5.01 -20.90
C18 17F ZB . 2.38 -3.71 -21.65
C19 17F ZB . 2.90 -4.02 -23.06
C20 17F ZB . 3.46 -2.77 -23.75
C1X 17F ZB . 5.93 -0.94 -12.66
C1Y 17F ZB . 3.93 -3.11 -25.17
C1Z 17F ZB . 4.65 -1.91 -25.82
C2X 17F ZB . 7.07 -1.14 -11.67
C21 17F ZB . 7.15 -2.46 -11.25
C22 17F ZB . 8.09 -3.31 -11.81
C23 17F ZB . 8.96 -2.86 -12.79
C24 17F ZB . 8.63 -3.46 -14.16
C25 17F ZB . 9.60 -2.97 -15.22
C26 17F ZB . 11.03 -3.38 -14.88
C27 17F ZB . 12.02 -2.90 -15.95
C28 17F ZB . 13.45 -3.32 -15.59
C29 17F ZB . 13.86 -2.74 -14.24
C30 17F ZB . 15.29 -3.17 -13.87
C31 17F ZB . 5.94 -1.58 -25.08
C32 17F ZB . 6.68 -0.43 -25.75
C33 17F ZB . 7.89 -0.17 -25.11
C34 17F ZB . 8.89 0.53 -25.77
C35 17F ZB . 8.69 0.99 -27.07
C36 17F ZB . 9.43 2.32 -27.31
C37 17F ZB . 10.94 2.14 -27.14
C38 17F ZB . 11.67 3.47 -27.36
C39 17F ZB . 13.18 3.29 -27.23
C40 17F ZB . 13.93 4.61 -27.40
C41 17F ZB . 13.53 5.61 -26.32
C42 17F ZB . 13.84 5.06 -24.92
HN1 17F ZB . -5.28 -4.91 -24.70
HN1A 17F ZB . -4.03 -4.38 -25.29
HAC 17F ZB . -5.42 -3.43 -24.85
C1 17F AC . -9.29 10.59 -22.35
N1 17F AC . -7.02 10.55 -21.46
O1 17F AC . -10.17 13.16 -21.55
P1 17F AC . -9.30 13.19 -22.75
C2 17F AC . -8.43 10.62 -21.09
O2 17F AC . -9.73 13.99 -23.92
C3 17F AC . -8.79 9.41 -20.22
O3 17F AC . -8.99 11.68 -23.22
C4 17F AC . -6.95 14.27 -23.24
O4 17F AC . -8.91 8.30 -20.79
C5 17F AC . -5.68 14.78 -22.55
O5 17F AC . -8.95 9.61 -18.99
C6 17F AC . -5.00 13.63 -21.81
O6 17F AC . -7.85 13.72 -22.28
C7 17F AC . -4.21 14.76 -19.99
O7 17F AC . -3.84 14.09 -21.12
C8 17F AC . -3.13 15.38 -19.10
O8 17F AC . -5.41 14.85 -19.70
C9 17F AC . -3.74 16.08 -17.89
O9 17F AC . -4.79 15.33 -23.53
C10 17F AC . -2.66 16.72 -17.03
O10 17F AC . -4.14 16.58 -21.79
C11 17F AC . -1.84 17.74 -17.83
C12 17F AC . -0.73 18.35 -16.99
C17 17F AC . -3.97 16.26 -22.96
C18 17F AC . -2.89 16.92 -23.81
C19 17F AC . -3.39 18.24 -24.42
C20 17F AC . -2.29 18.89 -25.26
C1X 17F AC . 0.08 19.37 -17.80
C1Y 17F AC . -2.78 20.20 -25.89
C1Z 17F AC . -1.68 20.84 -26.74
C2X 17F AC . 1.22 19.97 -16.97
C21 17F AC . 2.11 18.97 -16.58
C22 17F AC . 3.32 18.82 -17.23
C23 17F AC . 3.66 19.64 -18.30
C24 17F AC . 4.34 20.92 -17.81
C25 17F AC . 4.73 21.82 -18.98
C26 17F AC . 5.43 23.09 -18.48
C27 17F AC . 5.82 23.99 -19.66
C28 17F AC . 6.53 25.26 -19.16
C29 17F AC . 6.89 26.18 -20.32
C30 17F AC . 7.60 27.44 -19.83
C31 17F AC . -2.15 22.16 -27.37
C32 17F AC . -1.06 22.77 -28.24
C33 17F AC . -1.48 23.95 -28.83
C34 17F AC . -1.08 25.17 -28.32
C35 17F AC . -0.25 25.23 -27.21
C36 17F AC . 1.04 25.99 -27.53
C37 17F AC . 0.73 27.42 -27.98
C38 17F AC . 2.01 28.19 -28.28
C39 17F AC . 1.71 29.62 -28.74
C40 17F AC . 0.94 30.39 -27.66
C41 17F AC . 0.63 31.81 -28.13
C42 17F AC . -0.24 31.79 -29.40
HN1 17F AC . -7.05 9.71 -22.00
HN1A 17F AC . -6.34 10.20 -20.79
HAC 17F AC . -6.73 11.15 -22.20
C1 17F BC . -0.31 6.21 16.13
N1 17F BC . -2.07 4.49 16.04
O1 17F BC . 1.79 3.12 15.82
P1 17F BC . 1.69 4.49 16.38
C2 17F BC . -1.32 5.39 16.95
O2 17F BC . 1.34 4.64 17.80
C3 17F BC . -2.27 6.32 17.67
O3 17F BC . 0.65 5.35 15.49
C4 17F BC . 3.35 6.52 16.70
O4 17F BC . -3.50 6.08 17.58
C5 17F BC . 4.75 7.01 16.35
O5 17F BC . -1.77 7.27 18.32
C6 17F BC . 4.91 7.06 14.83
O6 17F BC . 3.09 5.24 16.11
C7 17F BC . 6.21 8.89 14.36
O7 17F BC . 6.21 7.53 14.45
C8 17F BC . 7.48 9.63 13.96
O8 17F BC . 5.17 9.51 14.61
C9 17F BC . 8.67 8.68 13.90
O9 17F BC . 4.95 8.30 16.93
C10 17F BC . 9.94 9.41 13.45
O10 17F BC . 7.10 7.65 16.84
C11 17F BC . 11.12 8.44 13.38
C12 17F BC . 12.39 9.15 12.88
C17 17F BC . 6.28 8.52 17.14
C18 17F BC . 6.74 9.85 17.75
C19 17F BC . 8.28 9.93 17.79
C20 17F BC . 8.74 11.25 18.40
C1X 17F BC . 13.56 8.17 12.82
C1Y 17F BC . 10.26 11.34 18.43
C1Z 17F BC . 10.84 11.29 17.03
C2X 17F BC . 14.83 8.87 12.31
C21 17F BC . 15.90 8.00 12.28
C22 17F BC . 16.85 8.06 11.27
C23 17F BC . 16.73 9.01 10.26
C24 17F BC . 16.57 8.34 8.90
C25 17F BC . 16.47 9.37 7.78
C26 17F BC . 17.74 10.22 7.70
C27 17F BC . 17.64 11.25 6.58
C28 17F BC . 18.92 12.09 6.50
C29 17F BC . 20.14 11.20 6.22
C30 17F BC . 21.41 12.04 6.14
C31 17F BC . 12.37 11.39 17.06
C32 17F BC . 12.95 11.32 15.64
C33 17F BC . 14.34 11.37 15.66
C34 17F BC . 15.07 10.21 15.89
C35 17F BC . 14.42 9.01 16.10
C36 17F BC . 15.42 7.88 16.36
C37 17F BC . 14.68 6.54 16.59
C38 17F BC . 15.67 5.40 16.84
C39 17F BC . 14.93 4.08 17.06
C40 17F BC . 13.98 4.18 18.25
C41 17F BC . 13.24 2.85 18.46
C42 17F BC . 12.26 2.95 19.64
HN1 17F BC . -2.55 5.05 15.37
HN1A 17F BC . -1.43 3.88 15.58
HAC 17F BC . -2.72 3.96 16.57
C1 17F CC . -3.71 1.60 -7.11
N1 17F CC . -3.02 0.53 -9.20
O1 17F CC . -3.41 4.91 -8.63
P1 17F CC . -2.99 3.51 -8.80
C2 17F CC . -3.09 0.35 -7.75
O2 17F CC . -3.75 2.66 -9.74
C3 17F CC . -3.96 -0.88 -7.43
O3 17F CC . -2.94 2.78 -7.36
C4 17F CC . -0.90 2.39 -9.96
O4 17F CC . -4.30 -1.59 -8.39
C5 17F CC . 0.52 2.68 -10.47
O5 17F CC . -4.25 -1.07 -6.23
C6 17F CC . 1.04 1.45 -11.19
O6 17F CC . -1.45 3.51 -9.27
C7 17F CC . 2.37 2.47 -12.77
O7 17F CC . 2.38 1.71 -11.64
C8 17F CC . 3.70 2.93 -13.38
O8 17F CC . 1.30 2.77 -13.29
C9 17F CC . 3.89 4.43 -13.19
O9 17F CC . 0.46 3.79 -11.40
C10 17F CC . 5.24 4.88 -13.75
O10 17F CC . 0.63 6.02 -11.37
C11 17F CC . 6.39 4.16 -13.03
C12 17F CC . 7.75 4.67 -13.51
C17 17F CC . 0.67 4.96 -10.73
C18 17F CC . 0.96 4.95 -9.24
C19 17F CC . 2.09 5.92 -8.89
C20 17F CC . 1.70 7.36 -9.24
C1X 17F CC . 8.89 3.98 -12.75
C1Y 17F CC . 2.83 8.34 -8.92
C1Z 17F CC . 4.05 8.06 -9.80
C2X 17F CC . 10.25 4.53 -13.17
C21 17F CC . 10.47 4.34 -14.53
C22 17F CC . 11.62 4.86 -15.13
C23 17F CC . 12.53 5.57 -14.36
C24 17F CC . 13.91 5.59 -15.02
C25 17F CC . 14.90 6.37 -14.17
C26 17F CC . 16.29 6.41 -14.83
C27 17F CC . 17.28 7.20 -13.97
C28 17F CC . 18.66 7.24 -14.62
C29 17F CC . 19.65 8.05 -13.77
C30 17F CC . 21.03 8.10 -14.43
C31 17F CC . 5.17 9.06 -9.52
C32 17F CC . 6.37 8.83 -10.43
C33 17F CC . 6.87 7.53 -10.28
C34 17F CC . 8.25 7.32 -10.36
C35 17F CC . 9.10 8.39 -10.60
C36 17F CC . 10.16 8.03 -11.64
C37 17F CC . 11.10 9.21 -11.91
C38 17F CC . 12.15 8.85 -12.98
C39 17F CC . 13.10 10.03 -13.24
C40 17F CC . 14.13 9.67 -14.30
C41 17F CC . 15.09 10.83 -14.56
C42 17F CC . 16.10 10.48 -15.65
HN1 17F CC . -2.51 1.38 -9.22
HN1A 17F CC . -3.82 0.86 -9.70
HAC 17F CC . -2.32 -0.03 -9.66
C1 PCW DC . 38.92 8.11 4.10
C2 PCW DC . 37.50 7.54 4.28
C3 PCW DC . 37.25 7.29 5.76
C4 PCW DC . 39.05 12.37 4.57
C5 PCW DC . 38.85 13.58 3.67
C6 PCW DC . 40.95 14.35 4.72
C7 PCW DC . 40.81 14.18 2.22
C8 PCW DC . 40.13 15.48 2.63
C11 PCW DC . 35.68 6.84 7.34
C12 PCW DC . 34.29 6.49 7.88
C13 PCW DC . 34.05 7.15 9.24
C14 PCW DC . 32.65 6.84 9.76
C15 PCW DC . 32.42 7.52 11.12
C16 PCW DC . 31.01 7.23 11.66
C17 PCW DC . 29.94 7.78 10.71
C18 PCW DC . 28.53 7.49 11.24
C19 PCW DC . 27.56 7.96 10.38
C20 PCW DC . 26.44 7.20 10.09
C21 PCW DC . 26.28 5.94 10.69
C22 PCW DC . 25.33 5.07 9.87
C23 PCW DC . 25.14 3.70 10.54
C24 PCW DC . 24.22 2.80 9.71
C25 PCW DC . 24.78 2.58 8.30
C26 PCW DC . 23.85 1.69 7.48
C27 PCW DC . 22.46 2.34 7.34
C28 PCW DC . 21.54 1.48 6.47
C31 PCW DC . 35.38 7.85 3.51
C32 PCW DC . 34.18 8.67 3.01
C33 PCW DC . 32.87 8.12 3.60
C34 PCW DC . 32.59 6.71 3.13
C35 PCW DC . 31.44 6.08 3.92
C36 PCW DC . 31.12 4.67 3.43
C37 PCW DC . 30.13 3.99 4.38
C38 PCW DC . 29.79 2.57 3.89
C39 PCW DC . 29.11 1.86 4.88
C40 PCW DC . 27.72 1.77 4.91
C41 PCW DC . 26.95 2.41 3.94
C42 PCW DC . 25.46 2.25 4.27
C43 PCW DC . 24.57 2.95 3.24
C44 PCW DC . 23.09 2.77 3.59
C45 PCW DC . 22.20 3.48 2.57
C46 PCW DC . 20.72 3.30 2.93
C47 PCW DC . 20.41 3.89 4.31
C48 PCW DC . 18.93 3.71 4.67
N PCW DC . 40.12 14.29 3.51
O2 PCW DC . 36.54 8.49 3.80
O3 PCW DC . 35.88 6.92 6.00
O11 PCW DC . 36.62 7.05 8.11
O31 PCW DC . 35.30 6.64 3.65
O1P PCW DC . 40.85 10.53 6.13
O2P PCW DC . 41.40 9.39 3.94
O3P PCW DC . 39.08 9.30 4.87
O4P PCW DC . 39.97 11.46 3.96
P PCW DC . 40.44 10.15 4.77
C1 PCW EC . 33.47 18.52 0.67
C2 PCW EC . 31.95 18.35 0.78
C3 PCW EC . 31.35 17.80 -0.52
C4 PCW EC . 35.42 16.36 3.24
C5 PCW EC . 35.11 16.88 4.64
C6 PCW EC . 36.26 17.85 6.61
C7 PCW EC . 37.54 17.54 4.46
C8 PCW EC . 36.70 18.82 4.34
C11 PCW EC . 29.49 16.83 0.40
C12 PCW EC . 27.99 16.71 0.72
C13 PCW EC . 27.72 15.58 1.71
C14 PCW EC . 26.30 15.64 2.26
C15 PCW EC . 25.24 15.56 1.17
C16 PCW EC . 23.84 15.65 1.78
C17 PCW EC . 22.74 15.56 0.72
C18 PCW EC . 21.36 15.68 1.39
C19 PCW EC . 20.33 15.59 0.46
C20 PCW EC . 19.04 15.32 0.90
C21 PCW EC . 18.77 15.16 2.25
C22 PCW EC . 17.32 15.55 2.57
C23 PCW EC . 17.03 15.38 4.06
C24 PCW EC . 15.58 15.74 4.39
C25 PCW EC . 14.59 14.85 3.63
C26 PCW EC . 13.15 15.16 4.03
C27 PCW EC . 12.78 16.60 3.72
C28 PCW EC . 11.37 16.93 4.21
C31 PCW EC . 32.10 17.98 3.05
C32 PCW EC . 31.85 17.19 4.33
C33 PCW EC . 30.38 16.78 4.42
C34 PCW EC . 30.10 16.00 5.69
C35 PCW EC . 28.61 15.65 5.76
C36 PCW EC . 27.78 16.92 5.66
C37 PCW EC . 26.28 16.62 5.71
C38 PCW EC . 25.48 17.92 5.59
C39 PCW EC . 24.10 17.68 5.63
C40 PCW EC . 23.24 18.72 5.94
C41 PCW EC . 23.75 19.98 6.22
C42 PCW EC . 23.13 21.05 5.31
C43 PCW EC . 21.62 21.10 5.50
C44 PCW EC . 21.00 22.21 4.62
C45 PCW EC . 19.49 22.28 4.83
C46 PCW EC . 18.87 23.39 3.97
C47 PCW EC . 17.36 23.46 4.17
C48 PCW EC . 16.75 24.57 3.30
N PCW EC . 36.24 17.68 5.15
O2 PCW EC . 31.64 17.48 1.87
O3 PCW EC . 29.92 17.84 -0.40
O11 PCW EC . 30.28 15.99 0.83
O31 PCW EC . 32.69 19.07 3.06
O1P PCW EC . 36.50 18.44 0.45
O2P PCW EC . 36.32 15.86 0.84
O3P PCW EC . 34.14 17.26 0.60
O4P PCW EC . 35.62 17.45 2.35
P PCW EC . 35.74 17.21 0.77
C1 PCW FC . 28.82 27.08 4.30
C2 PCW FC . 27.63 26.31 3.70
C3 PCW FC . 28.10 25.61 2.45
C4 PCW FC . 27.61 30.46 6.43
C5 PCW FC . 27.29 31.91 6.05
C6 PCW FC . 24.95 31.16 6.41
C7 PCW FC . 25.84 33.12 7.72
C8 PCW FC . 25.46 33.62 6.32
C11 PCW FC . 27.50 23.99 0.95
C12 PCW FC . 26.55 23.06 0.21
C13 PCW FC . 26.23 21.81 1.03
C14 PCW FC . 25.44 20.80 0.19
C15 PCW FC . 25.18 19.51 0.96
C16 PCW FC . 24.62 18.44 0.03
C17 PCW FC . 25.60 18.18 -1.11
C18 PCW FC . 25.09 17.10 -2.08
C19 PCW FC . 25.98 16.93 -3.14
C20 PCW FC . 26.30 15.66 -3.59
C21 PCW FC . 25.73 14.54 -2.99
C22 PCW FC . 26.56 13.29 -3.31
C23 PCW FC . 25.91 12.04 -2.70
C24 PCW FC . 24.50 11.82 -3.27
C25 PCW FC . 24.55 11.64 -4.79
C26 PCW FC . 23.15 11.45 -5.37
C27 PCW FC . 23.20 11.24 -6.87
C28 PCW FC . 21.79 11.07 -7.45
C31 PCW FC . 26.43 25.87 5.62
C32 PCW FC . 25.83 24.96 6.70
C33 PCW FC . 25.01 23.84 6.07
C34 PCW FC . 23.81 24.38 5.29
C35 PCW FC . 22.85 25.13 6.22
C36 PCW FC . 21.62 25.65 5.47
C37 PCW FC . 20.67 26.36 6.43
C38 PCW FC . 19.43 26.87 5.70
C39 PCW FC . 18.57 27.51 6.58
C40 PCW FC . 17.45 28.18 6.12
C41 PCW FC . 17.17 28.23 4.75
C42 PCW FC . 15.86 27.51 4.44
C43 PCW FC . 15.53 27.60 2.95
C44 PCW FC . 14.24 26.85 2.62
C45 PCW FC . 13.91 26.93 1.13
C46 PCW FC . 12.62 26.18 0.81
C47 PCW FC . 11.43 26.78 1.58
C48 PCW FC . 10.16 25.98 1.29
N PCW FC . 25.94 32.25 6.53
O2 PCW FC . 27.17 25.31 4.62
O3 PCW FC . 27.03 24.83 1.90
O11 PCW FC . 28.71 23.97 0.71
O31 PCW FC . 26.25 27.08 5.65
O1P PCW FC . 29.42 28.43 7.75
O2P PCW FC . 30.84 28.52 5.65
O3P PCW FC . 28.49 27.66 5.56
O4P PCW FC . 28.91 30.10 5.93
P PCW FC . 29.52 28.66 6.29
C1 17F GC . 35.99 24.66 -14.47
N1 17F GC . 35.43 23.29 -12.50
O1 17F GC . 35.04 26.62 -16.32
P1 17F GC . 34.63 26.87 -14.92
C2 17F GC . 36.54 23.79 -13.33
O2 17F GC . 34.77 28.24 -14.39
C3 17F GC . 37.49 24.63 -12.49
O3 17F GC . 35.38 25.84 -13.94
C4 17F GC . 32.37 26.74 -13.59
O4 17F GC . 37.10 24.95 -11.34
C5 17F GC . 31.07 25.94 -13.50
O5 17F GC . 38.58 24.94 -12.99
C6 17F GC . 30.14 26.32 -14.63
O6 17F GC . 33.09 26.41 -14.78
C7 17F GC . 28.21 26.39 -13.43
O7 17F GC . 28.85 25.73 -14.43
C8 17F GC . 26.81 25.93 -13.00
O8 17F GC . 28.75 27.35 -12.89
C9 17F GC . 26.68 25.95 -11.48
O9 17F GC . 31.39 24.54 -13.57
C10 17F GC . 25.34 25.37 -11.04
O10 17F GC . 30.78 22.58 -12.70
C11 17F GC . 25.18 23.94 -11.55
C12 17F GC . 23.86 23.32 -11.09
C17 17F GC . 30.61 23.80 -12.74
C18 17F GC . 29.54 24.46 -11.86
C19 17F GC . 30.11 24.79 -10.48
C20 17F GC . 29.02 25.33 -9.55
C1X 17F GC . 23.70 21.91 -11.63
C1Y 17F GC . 29.60 25.71 -8.19
C1Z 17F GC . 28.52 26.20 -7.23
C2X 17F GC . 22.40 21.27 -11.12
C21 17F GC . 21.29 22.02 -11.49
C22 17F GC . 20.17 22.02 -10.66
C23 17F GC . 20.19 21.29 -9.49
C24 17F GC . 18.89 20.51 -9.30
C25 17F GC . 18.95 19.65 -8.04
C26 17F GC . 17.63 18.92 -7.80
C27 17F GC . 17.73 18.03 -6.55
C28 17F GC . 16.38 17.36 -6.25
C29 17F GC . 15.29 18.40 -5.99
C30 17F GC . 13.95 17.73 -5.68
C31 17F GC . 29.13 26.68 -5.92
C32 17F GC . 28.06 27.15 -4.93
C33 17F GC . 28.66 27.71 -3.81
C34 17F GC . 28.22 27.41 -2.52
C35 17F GC . 27.17 26.52 -2.29
C36 17F GC . 25.83 27.25 -2.30
C37 17F GC . 24.70 26.33 -1.86
C38 17F GC . 23.35 27.05 -1.93
C39 17F GC . 22.24 26.21 -1.32
C40 17F GC . 22.48 26.00 0.18
C41 17F GC . 21.35 25.22 0.83
C42 17F GC . 21.60 25.07 2.33
HN1 17F GC . 35.96 22.77 -11.84
HN1A 17F GC . 34.88 22.53 -12.83
HAC 17F GC . 35.05 23.95 -11.85
C1 17F HC . 36.04 18.36 -5.50
N1 17F HC . 38.19 19.48 -5.84
O1 17F HC . 34.54 16.25 -6.85
P1 17F HC . 34.54 17.57 -7.52
C2 17F HC . 36.96 19.49 -5.04
O2 17F HC . 34.64 17.61 -8.99
C3 17F HC . 37.29 19.29 -3.55
O3 17F HC . 35.69 18.51 -6.88
C4 17F HC . 32.54 19.23 -7.97
O4 17F HC . 37.98 20.18 -3.00
C5 17F HC . 31.34 19.89 -7.28
O5 17F HC . 36.85 18.26 -3.01
C6 17F HC . 30.55 20.73 -8.26
O6 17F HC . 33.20 18.33 -7.07
C7 17F HC . 28.55 21.77 -8.60
O7 17F HC . 29.32 21.14 -7.67
C8 17F HC . 27.15 22.25 -8.20
O8 17F HC . 28.97 21.93 -9.74
C9 17F HC . 26.44 21.15 -7.41
O9 17F HC . 30.51 18.84 -6.77
C10 17F HC . 25.03 21.56 -7.00
O10 17F HC . 29.80 20.50 -5.42
C11 17F HC . 24.36 20.43 -6.24
C12 17F HC . 22.95 20.79 -5.78
C17 17F HC . 29.72 19.31 -5.76
C18 17F HC . 28.79 18.36 -5.02
C19 17F HC . 28.27 18.97 -3.73
C20 17F HC . 27.14 19.97 -3.98
C1X 17F HC . 22.32 19.64 -4.99
C1Y 17F HC . 26.74 20.65 -2.67
C1Z 17F HC . 25.37 21.35 -2.78
C2X 17F HC . 20.93 20.00 -4.49
C21 17F HC . 20.38 18.93 -3.78
C22 17F HC . 19.01 18.85 -3.59
C23 17F HC . 18.18 19.84 -4.12
C24 17F HC . 17.06 20.18 -3.13
C25 17F HC . 16.13 21.25 -3.73
C26 17F HC . 15.03 21.62 -2.72
C27 17F HC . 14.06 22.63 -3.32
C28 17F HC . 12.96 23.00 -2.32
C29 17F HC . 12.18 21.76 -1.87
C30 17F HC . 11.09 22.13 -0.88
C31 17F HC . 25.31 22.38 -3.91
C32 17F HC . 23.93 23.02 -3.95
C33 17F HC . 23.79 23.89 -5.03
C34 17F HC . 22.65 24.69 -5.12
C35 17F HC . 21.67 24.60 -4.14
C36 17F HC . 20.61 23.55 -4.48
C37 17F HC . 19.86 23.90 -5.76
C38 17F HC . 18.77 22.86 -6.05
C39 17F HC . 18.00 23.21 -7.33
C40 17F HC . 16.90 22.19 -7.61
C41 17F HC . 16.14 22.54 -8.89
C42 17F HC . 15.04 21.50 -9.17
HN1 17F HC . 37.78 19.61 -6.73
HN1A 17F HC . 38.64 18.61 -6.04
HAC 17F HC . 38.71 20.34 -5.81
ZN ZN IC . -13.48 13.45 0.54
ZN ZN JC . -13.74 0.12 -2.14
N LEU A 1 4.65 60.29 2.19
CA LEU A 1 5.25 61.39 1.45
C LEU A 1 6.07 60.88 0.28
N LYS A 2 7.08 60.07 0.58
CA LYS A 2 7.97 59.52 -0.43
C LYS A 2 7.18 58.58 -1.35
N LEU A 3 6.43 57.68 -0.74
CA LEU A 3 5.62 56.71 -1.49
C LEU A 3 4.51 57.42 -2.24
N LEU A 4 3.98 58.47 -1.62
CA LEU A 4 2.90 59.25 -2.22
C LEU A 4 3.39 59.98 -3.47
N ASP A 5 4.54 60.62 -3.37
CA ASP A 5 5.11 61.37 -4.48
C ASP A 5 5.61 60.42 -5.56
N ASN A 6 6.26 59.33 -5.16
CA ASN A 6 6.79 58.36 -6.11
C ASN A 6 5.66 57.67 -6.87
N TRP A 7 4.49 57.62 -6.24
CA TRP A 7 3.31 57.01 -6.85
C TRP A 7 2.93 57.81 -8.09
N ASP A 8 3.14 59.12 -8.02
CA ASP A 8 2.83 60.01 -9.14
C ASP A 8 3.73 59.68 -10.32
N SER A 9 4.99 59.38 -10.05
CA SER A 9 5.94 59.05 -11.09
C SER A 9 5.49 57.82 -11.87
N VAL A 10 5.02 56.81 -11.15
CA VAL A 10 4.56 55.57 -11.76
C VAL A 10 3.24 55.81 -12.50
N THR A 11 2.30 56.47 -11.83
CA THR A 11 0.99 56.75 -12.40
C THR A 11 1.09 57.60 -13.67
N SER A 12 1.92 58.64 -13.64
CA SER A 12 2.11 59.49 -14.81
C SER A 12 2.71 58.70 -15.95
N THR A 13 3.59 57.76 -15.62
CA THR A 13 4.21 56.90 -16.63
C THR A 13 3.15 55.98 -17.22
N PHE A 14 2.25 55.49 -16.38
CA PHE A 14 1.16 54.62 -16.84
C PHE A 14 0.35 55.32 -17.91
N SER A 15 0.06 56.60 -17.68
CA SER A 15 -0.69 57.40 -18.61
C SER A 15 0.06 57.57 -19.93
N LYS A 16 1.32 57.99 -19.86
CA LYS A 16 2.14 58.18 -21.05
C LYS A 16 2.31 56.87 -21.81
N LEU A 17 2.44 55.78 -21.06
CA LEU A 17 2.59 54.45 -21.64
C LEU A 17 1.31 54.06 -22.38
N ARG A 18 0.17 54.31 -21.75
CA ARG A 18 -1.13 54.00 -22.35
C ARG A 18 -1.37 54.84 -23.59
N GLU A 19 -0.95 56.10 -23.51
CA GLU A 19 -1.08 57.02 -24.63
C GLU A 19 -0.27 56.54 -25.83
N GLN A 20 0.82 55.85 -25.55
CA GLN A 20 1.67 55.32 -26.60
C GLN A 20 1.19 53.93 -27.01
N LEU A 21 0.61 53.20 -26.05
CA LEU A 21 0.09 51.87 -26.29
C LEU A 21 -0.99 51.88 -27.37
N GLY A 22 -1.74 52.98 -27.43
CA GLY A 22 -2.77 53.11 -28.44
C GLY A 22 -2.18 52.98 -29.83
N PRO A 23 -1.37 53.97 -30.27
CA PRO A 23 -0.70 53.93 -31.57
C PRO A 23 0.09 52.63 -31.76
N VAL A 24 0.75 52.18 -30.71
CA VAL A 24 1.52 50.94 -30.76
C VAL A 24 0.63 49.77 -31.16
N THR A 25 -0.51 49.63 -30.49
CA THR A 25 -1.44 48.56 -30.78
C THR A 25 -2.02 48.75 -32.19
N GLN A 26 -2.29 49.99 -32.56
CA GLN A 26 -2.84 50.32 -33.87
C GLN A 26 -1.85 49.93 -34.97
N GLU A 27 -0.61 50.37 -34.82
CA GLU A 27 0.44 50.07 -35.80
C GLU A 27 0.74 48.58 -35.82
N PHE A 28 0.76 47.97 -34.63
CA PHE A 28 1.03 46.54 -34.50
C PHE A 28 -0.07 45.72 -35.17
N TRP A 29 -1.32 46.07 -34.90
CA TRP A 29 -2.45 45.36 -35.48
C TRP A 29 -2.49 45.58 -36.99
N ASP A 30 -2.05 46.75 -37.43
CA ASP A 30 -2.01 47.06 -38.86
C ASP A 30 -0.98 46.17 -39.55
N ASN A 31 0.20 46.08 -38.94
CA ASN A 31 1.27 45.25 -39.49
C ASN A 31 0.93 43.77 -39.35
N LEU A 32 0.34 43.40 -38.21
CA LEU A 32 -0.06 42.03 -37.97
C LEU A 32 -1.10 41.60 -38.99
N GLU A 33 -1.97 42.52 -39.34
CA GLU A 33 -3.01 42.26 -40.32
C GLU A 33 -2.40 42.00 -41.69
N LYS A 34 -1.26 42.63 -41.97
CA LYS A 34 -0.56 42.41 -43.22
C LYS A 34 0.01 41.01 -43.22
N GLU A 35 0.43 40.58 -42.03
CA GLU A 35 0.98 39.24 -41.85
C GLU A 35 -0.13 38.21 -42.05
N THR A 36 -1.25 38.43 -41.37
CA THR A 36 -2.38 37.52 -41.46
C THR A 36 -2.97 37.53 -42.87
N GLU A 37 -3.03 38.70 -43.49
CA GLU A 37 -3.53 38.82 -44.84
C GLU A 37 -2.60 38.09 -45.79
N GLY A 38 -1.30 38.22 -45.53
CA GLY A 38 -0.32 37.53 -46.33
C GLY A 38 -0.51 36.04 -46.19
N LEU A 39 -0.71 35.61 -44.95
CA LEU A 39 -0.94 34.20 -44.65
C LEU A 39 -2.24 33.72 -45.27
N ARG A 40 -3.19 34.64 -45.42
CA ARG A 40 -4.48 34.31 -46.03
C ARG A 40 -4.30 34.02 -47.51
N GLN A 41 -3.51 34.87 -48.16
CA GLN A 41 -3.20 34.70 -49.58
C GLN A 41 -2.33 33.46 -49.74
N GLU A 42 -1.43 33.28 -48.79
CA GLU A 42 -0.53 32.13 -48.78
C GLU A 42 -1.33 30.86 -48.53
N MET A 43 -2.42 30.98 -47.79
CA MET A 43 -3.28 29.85 -47.49
C MET A 43 -3.84 29.26 -48.78
N SER A 44 -4.05 30.12 -49.77
CA SER A 44 -4.56 29.70 -51.06
C SER A 44 -3.47 28.96 -51.86
N LYS A 45 -2.34 28.72 -51.22
CA LYS A 45 -1.25 27.99 -51.81
C LYS A 45 -0.74 26.94 -50.84
N ASP A 46 -0.32 27.40 -49.67
CA ASP A 46 0.20 26.54 -48.61
C ASP A 46 -0.80 25.48 -48.17
N LEU A 47 -2.08 25.75 -48.39
CA LEU A 47 -3.13 24.80 -48.02
C LEU A 47 -3.84 24.28 -49.26
N GLU A 48 -4.19 25.17 -50.18
CA GLU A 48 -4.88 24.78 -51.41
C GLU A 48 -4.04 23.83 -52.28
N GLU A 49 -2.78 24.17 -52.48
CA GLU A 49 -1.89 23.35 -53.30
C GLU A 49 -1.62 22.00 -52.64
N VAL A 50 -1.42 22.00 -51.33
CA VAL A 50 -1.16 20.76 -50.61
C VAL A 50 -2.40 19.88 -50.54
N LYS A 51 -3.57 20.49 -50.53
CA LYS A 51 -4.82 19.75 -50.48
C LYS A 51 -5.07 19.09 -51.83
N ALA A 52 -4.77 19.82 -52.91
CA ALA A 52 -4.95 19.30 -54.26
C ALA A 52 -3.90 18.23 -54.51
N LYS A 53 -2.67 18.50 -54.07
CA LYS A 53 -1.58 17.56 -54.24
C LYS A 53 -1.75 16.36 -53.32
N VAL A 54 -2.58 16.51 -52.29
CA VAL A 54 -2.82 15.43 -51.35
C VAL A 54 -3.41 14.21 -52.06
N GLN A 55 -4.10 14.47 -53.17
CA GLN A 55 -4.70 13.39 -53.95
C GLN A 55 -3.63 12.38 -54.41
N PRO A 56 -2.69 12.77 -55.30
CA PRO A 56 -1.63 11.85 -55.77
C PRO A 56 -0.63 11.53 -54.65
N TYR A 57 -0.41 12.48 -53.75
CA TYR A 57 0.52 12.28 -52.64
C TYR A 57 0.07 11.13 -51.75
N LEU A 58 -1.21 11.13 -51.40
CA LEU A 58 -1.76 10.09 -50.54
C LEU A 58 -2.11 8.84 -51.36
N ASP A 59 -2.55 9.05 -52.60
CA ASP A 59 -2.93 7.94 -53.47
C ASP A 59 -1.73 7.06 -53.80
N ASP A 60 -0.60 7.70 -54.09
CA ASP A 60 0.61 6.97 -54.43
C ASP A 60 1.07 6.14 -53.24
N PHE A 61 1.11 6.77 -52.07
CA PHE A 61 1.51 6.09 -50.85
C PHE A 61 0.51 5.00 -50.48
N GLN A 62 -0.77 5.29 -50.66
CA GLN A 62 -1.84 4.35 -50.36
C GLN A 62 -1.78 3.13 -51.27
N LYS A 63 -1.63 3.36 -52.56
CA LYS A 63 -1.55 2.27 -53.53
C LYS A 63 -0.36 1.37 -53.23
N LYS A 64 0.77 2.00 -52.95
CA LYS A 64 1.98 1.27 -52.61
C LYS A 64 1.79 0.53 -51.28
N TRP A 65 1.17 1.20 -50.33
CA TRP A 65 0.91 0.59 -49.02
C TRP A 65 -0.07 -0.57 -49.16
N GLN A 66 -1.03 -0.43 -50.07
CA GLN A 66 -1.99 -1.47 -50.34
C GLN A 66 -1.26 -2.71 -50.82
N GLU A 67 -0.38 -2.52 -51.80
CA GLU A 67 0.41 -3.62 -52.32
C GLU A 67 1.33 -4.15 -51.24
N GLU A 68 1.90 -3.24 -50.44
CA GLU A 68 2.76 -3.61 -49.33
C GLU A 68 2.02 -4.56 -48.40
N MET A 69 0.76 -4.24 -48.13
CA MET A 69 -0.09 -5.07 -47.27
C MET A 69 -0.42 -6.38 -47.96
N GLU A 70 -0.70 -6.30 -49.25
CA GLU A 70 -1.02 -7.50 -50.04
C GLU A 70 0.16 -8.46 -50.01
N LEU A 71 1.35 -7.93 -50.27
CA LEU A 71 2.57 -8.72 -50.26
C LEU A 71 2.83 -9.25 -48.86
N TYR A 72 2.52 -8.43 -47.86
CA TYR A 72 2.70 -8.81 -46.46
C TYR A 72 1.85 -10.03 -46.16
N ARG A 73 0.61 -10.03 -46.67
CA ARG A 73 -0.31 -11.13 -46.48
C ARG A 73 0.08 -12.33 -47.32
N GLN A 74 0.46 -12.05 -48.58
CA GLN A 74 0.88 -13.08 -49.51
C GLN A 74 2.07 -13.87 -48.98
N LYS A 75 2.86 -13.23 -48.13
CA LYS A 75 4.02 -13.88 -47.55
C LYS A 75 3.74 -14.36 -46.13
N VAL A 76 2.98 -13.58 -45.37
CA VAL A 76 2.67 -13.92 -43.98
C VAL A 76 1.97 -15.27 -43.85
N GLU A 77 1.14 -15.63 -44.83
CA GLU A 77 0.45 -16.91 -44.79
C GLU A 77 1.42 -18.10 -44.87
N PRO A 78 2.21 -18.23 -45.97
CA PRO A 78 3.18 -19.32 -46.09
C PRO A 78 4.24 -19.25 -44.99
N LEU A 79 4.54 -18.04 -44.53
CA LEU A 79 5.52 -17.86 -43.47
C LEU A 79 4.97 -18.38 -42.15
N ARG A 80 3.70 -18.09 -41.89
CA ARG A 80 3.04 -18.56 -40.67
C ARG A 80 3.03 -20.07 -40.65
N ALA A 81 2.90 -20.66 -41.84
CA ALA A 81 2.91 -22.11 -41.97
C ALA A 81 4.27 -22.66 -41.52
N GLU A 82 5.33 -21.97 -41.94
CA GLU A 82 6.68 -22.38 -41.57
C GLU A 82 6.89 -22.14 -40.08
N LEU A 83 6.37 -21.03 -39.58
CA LEU A 83 6.51 -20.70 -38.17
C LEU A 83 5.75 -21.70 -37.32
N GLN A 84 4.60 -22.13 -37.81
CA GLN A 84 3.78 -23.11 -37.12
C GLN A 84 4.40 -24.50 -37.18
N GLU A 85 4.67 -24.98 -38.40
CA GLU A 85 5.27 -26.30 -38.58
C GLU A 85 6.62 -26.37 -37.88
N GLY A 86 7.41 -25.31 -38.02
CA GLY A 86 8.71 -25.26 -37.39
C GLY A 86 8.58 -25.30 -35.89
N ALA A 87 7.61 -24.54 -35.36
CA ALA A 87 7.37 -24.50 -33.92
C ALA A 87 6.95 -25.88 -33.43
N ARG A 88 6.09 -26.54 -34.19
CA ARG A 88 5.61 -27.87 -33.84
C ARG A 88 6.79 -28.81 -33.66
N GLN A 89 7.67 -28.83 -34.66
CA GLN A 89 8.85 -29.69 -34.63
C GLN A 89 9.82 -29.29 -33.52
N LYS A 90 10.02 -28.00 -33.34
CA LYS A 90 10.91 -27.50 -32.30
C LYS A 90 10.35 -27.78 -30.90
N LEU A 91 9.06 -27.57 -30.72
CA LEU A 91 8.40 -27.83 -29.44
C LEU A 91 8.33 -29.32 -29.17
N HIS A 92 8.11 -30.11 -30.22
CA HIS A 92 8.05 -31.56 -30.09
C HIS A 92 9.40 -32.09 -29.64
N GLU A 93 10.45 -31.44 -30.12
CA GLU A 93 11.81 -31.79 -29.75
C GLU A 93 12.04 -31.45 -28.28
N LEU A 94 11.52 -30.30 -27.87
CA LEU A 94 11.63 -29.85 -26.49
C LEU A 94 10.86 -30.78 -25.56
N GLN A 95 9.70 -31.24 -26.03
CA GLN A 95 8.85 -32.15 -25.25
C GLN A 95 9.61 -33.45 -24.94
N GLU A 96 10.45 -33.87 -25.88
CA GLU A 96 11.24 -35.08 -25.72
C GLU A 96 12.37 -34.85 -24.72
N LYS A 97 12.53 -33.61 -24.29
CA LYS A 97 13.53 -33.25 -23.31
C LYS A 97 12.83 -32.68 -22.07
N LEU A 98 11.51 -32.74 -22.07
CA LEU A 98 10.71 -32.24 -20.97
C LEU A 98 10.13 -33.37 -20.14
N SER A 99 9.59 -34.37 -20.80
CA SER A 99 8.99 -35.51 -20.11
C SER A 99 10.03 -36.44 -19.46
N PRO A 100 10.92 -37.09 -20.24
CA PRO A 100 11.92 -38.01 -19.67
C PRO A 100 12.89 -37.30 -18.72
N LEU A 101 13.42 -36.17 -19.17
CA LEU A 101 14.36 -35.41 -18.37
C LEU A 101 13.65 -34.79 -17.17
N GLY A 102 12.36 -34.50 -17.34
CA GLY A 102 11.58 -33.93 -16.27
C GLY A 102 11.35 -34.94 -15.18
N GLU A 103 11.00 -36.16 -15.56
CA GLU A 103 10.77 -37.24 -14.60
C GLU A 103 12.04 -37.51 -13.82
N GLU A 104 13.17 -37.48 -14.53
CA GLU A 104 14.47 -37.69 -13.91
C GLU A 104 14.80 -36.51 -12.99
N MET A 105 14.42 -35.33 -13.43
CA MET A 105 14.64 -34.11 -12.65
C MET A 105 13.88 -34.20 -11.34
N ARG A 106 12.63 -34.60 -11.41
CA ARG A 106 11.80 -34.75 -10.22
C ARG A 106 12.32 -35.85 -9.33
N ASP A 107 12.83 -36.92 -9.94
CA ASP A 107 13.38 -38.05 -9.19
C ASP A 107 14.65 -37.62 -8.47
N ARG A 108 15.51 -36.90 -9.18
CA ARG A 108 16.75 -36.40 -8.60
C ARG A 108 16.42 -35.35 -7.56
N ALA A 109 15.32 -34.62 -7.78
CA ALA A 109 14.87 -33.62 -6.82
C ALA A 109 14.47 -34.32 -5.54
N ARG A 110 13.84 -35.49 -5.69
CA ARG A 110 13.43 -36.29 -4.54
C ARG A 110 14.68 -36.69 -3.76
N ALA A 111 15.69 -37.12 -4.49
CA ALA A 111 16.97 -37.52 -3.89
C ALA A 111 17.61 -36.31 -3.22
N HIS A 112 17.51 -35.16 -3.87
CA HIS A 112 18.06 -33.92 -3.35
C HIS A 112 17.38 -33.58 -2.03
N VAL A 113 16.04 -33.56 -2.05
CA VAL A 113 15.26 -33.27 -0.87
C VAL A 113 15.46 -34.34 0.18
N ASP A 114 15.59 -35.59 -0.24
CA ASP A 114 15.82 -36.69 0.68
C ASP A 114 17.13 -36.47 1.43
N ALA A 115 18.17 -36.13 0.68
CA ALA A 115 19.47 -35.86 1.26
C ALA A 115 19.35 -34.64 2.18
N LEU A 116 18.53 -33.68 1.77
CA LEU A 116 18.30 -32.48 2.57
C LEU A 116 17.62 -32.86 3.87
N ARG A 117 16.60 -33.70 3.79
CA ARG A 117 15.87 -34.15 4.97
C ARG A 117 16.78 -34.95 5.89
N THR A 118 17.55 -35.86 5.31
CA THR A 118 18.47 -36.71 6.05
C THR A 118 19.61 -35.89 6.67
N HIS A 119 19.87 -34.72 6.09
CA HIS A 119 20.93 -33.85 6.60
C HIS A 119 20.38 -32.82 7.59
N LEU A 120 19.23 -32.24 7.25
CA LEU A 120 18.61 -31.24 8.11
C LEU A 120 18.05 -31.84 9.39
N ALA A 121 17.61 -33.10 9.33
CA ALA A 121 17.05 -33.76 10.51
C ALA A 121 18.01 -33.70 11.70
N PRO A 122 19.26 -34.22 11.57
CA PRO A 122 20.23 -34.16 12.66
C PRO A 122 20.68 -32.73 12.93
N TYR A 123 20.81 -31.95 11.86
CA TYR A 123 21.24 -30.57 11.96
C TYR A 123 20.28 -29.75 12.82
N SER A 124 18.99 -29.83 12.53
CA SER A 124 17.99 -29.10 13.29
C SER A 124 17.97 -29.56 14.74
N ASP A 125 18.16 -30.86 14.95
CA ASP A 125 18.17 -31.43 16.29
C ASP A 125 19.35 -30.86 17.06
N GLU A 126 20.50 -30.78 16.39
CA GLU A 126 21.70 -30.24 17.00
C GLU A 126 21.55 -28.72 17.16
N LEU A 127 20.78 -28.11 16.26
CA LEU A 127 20.52 -26.69 16.33
C LEU A 127 19.72 -26.39 17.58
N ARG A 128 18.87 -27.34 17.97
CA ARG A 128 18.06 -27.22 19.17
C ARG A 128 19.01 -27.19 20.36
N GLN A 129 20.06 -28.00 20.27
CA GLN A 129 21.07 -28.07 21.31
C GLN A 129 21.87 -26.77 21.32
N ARG A 130 22.21 -26.28 20.13
CA ARG A 130 22.94 -25.03 19.98
C ARG A 130 22.16 -23.91 20.63
N LEU A 131 20.88 -23.84 20.28
CA LEU A 131 20.00 -22.82 20.82
C LEU A 131 19.88 -22.97 22.32
N ALA A 132 19.78 -24.21 22.80
CA ALA A 132 19.67 -24.46 24.24
C ALA A 132 20.91 -23.97 24.96
N ALA A 133 22.07 -24.39 24.49
CA ALA A 133 23.34 -23.99 25.09
C ALA A 133 23.53 -22.48 25.05
N ARG A 134 23.21 -21.89 23.90
CA ARG A 134 23.35 -20.44 23.72
C ARG A 134 22.36 -19.67 24.58
N LEU A 135 21.08 -20.01 24.47
CA LEU A 135 20.02 -19.33 25.22
C LEU A 135 20.18 -19.49 26.72
N GLU A 136 20.58 -20.67 27.18
CA GLU A 136 20.75 -20.90 28.62
C GLU A 136 21.95 -20.14 29.15
N ALA A 137 23.01 -20.08 28.36
CA ALA A 137 24.20 -19.35 28.76
C ALA A 137 23.89 -17.86 28.77
N LEU A 138 23.14 -17.42 27.76
CA LEU A 138 22.73 -16.03 27.66
C LEU A 138 21.73 -15.68 28.75
N LYS A 139 20.98 -16.69 29.20
CA LYS A 139 20.00 -16.48 30.25
C LYS A 139 20.71 -16.24 31.57
N GLU A 140 21.82 -16.96 31.76
CA GLU A 140 22.61 -16.81 32.97
C GLU A 140 23.43 -15.53 32.92
N ASN A 141 24.18 -15.37 31.83
CA ASN A 141 25.00 -14.18 31.63
C ASN A 141 24.12 -12.94 31.57
N GLY A 142 23.00 -13.05 30.88
CA GLY A 142 22.07 -11.96 30.75
C GLY A 142 21.49 -11.56 32.09
N GLY A 143 21.15 -12.54 32.90
CA GLY A 143 20.61 -12.26 34.22
C GLY A 143 21.60 -11.49 35.07
N ALA A 144 22.87 -11.85 34.95
CA ALA A 144 23.93 -11.19 35.68
C ALA A 144 24.14 -9.79 35.13
N ARG A 145 24.05 -9.65 33.81
CA ARG A 145 24.20 -8.35 33.17
C ARG A 145 23.05 -7.43 33.56
N LEU A 146 21.85 -7.99 33.61
CA LEU A 146 20.66 -7.24 33.99
C LEU A 146 20.81 -6.73 35.42
N ALA A 147 21.20 -7.62 36.32
CA ALA A 147 21.39 -7.25 37.72
C ALA A 147 22.49 -6.20 37.84
N GLU A 148 23.56 -6.39 37.09
CA GLU A 148 24.67 -5.45 37.08
C GLU A 148 24.21 -4.10 36.56
N TYR A 149 23.41 -4.13 35.50
CA TYR A 149 22.87 -2.91 34.90
C TYR A 149 21.95 -2.20 35.88
N HIS A 150 21.20 -2.98 36.67
CA HIS A 150 20.30 -2.42 37.68
C HIS A 150 21.11 -1.71 38.74
N ALA A 151 22.26 -2.29 39.09
CA ALA A 151 23.15 -1.69 40.07
C ALA A 151 23.72 -0.40 39.51
N LYS A 152 24.17 -0.48 38.25
CA LYS A 152 24.72 0.69 37.56
C LYS A 152 23.67 1.80 37.52
N ALA A 153 22.45 1.42 37.14
CA ALA A 153 21.34 2.37 37.07
C ALA A 153 21.12 3.03 38.42
N THR A 154 21.24 2.25 39.48
CA THR A 154 21.06 2.76 40.82
C THR A 154 22.19 3.73 41.19
N GLU A 155 23.41 3.33 40.85
CA GLU A 155 24.58 4.16 41.12
C GLU A 155 24.51 5.45 40.31
N HIS A 156 24.10 5.32 39.06
CA HIS A 156 23.97 6.47 38.17
C HIS A 156 22.81 7.34 38.65
N LEU A 157 21.84 6.72 39.31
CA LEU A 157 20.69 7.44 39.85
C LEU A 157 21.14 8.37 40.97
N SER A 158 22.13 7.92 41.72
CA SER A 158 22.68 8.71 42.82
C SER A 158 23.28 9.99 42.25
N THR A 159 24.16 9.83 41.26
CA THR A 159 24.81 10.95 40.62
C THR A 159 23.81 11.77 39.80
N LEU A 160 22.75 11.11 39.33
CA LEU A 160 21.71 11.77 38.57
C LEU A 160 20.91 12.68 39.50
N SER A 161 20.70 12.19 40.72
CA SER A 161 20.01 12.96 41.74
C SER A 161 20.85 14.16 42.15
N GLU A 162 22.16 14.04 41.97
CA GLU A 162 23.08 15.13 42.27
C GLU A 162 22.88 16.24 41.26
N LYS A 163 22.30 15.88 40.13
CA LYS A 163 22.02 16.84 39.07
C LYS A 163 20.58 17.32 39.18
N ALA A 164 19.68 16.37 39.39
CA ALA A 164 18.25 16.66 39.49
C ALA A 164 17.92 17.49 40.73
N LYS A 165 18.74 17.41 41.77
CA LYS A 165 18.49 18.17 42.98
C LYS A 165 19.51 19.30 43.21
N PRO A 166 20.76 19.03 43.64
CA PRO A 166 21.77 20.07 43.89
C PRO A 166 22.09 20.90 42.65
N ALA A 167 22.42 20.23 41.54
CA ALA A 167 22.76 20.93 40.31
C ALA A 167 21.62 21.77 39.77
N LEU A 168 20.47 21.14 39.54
CA LEU A 168 19.29 21.84 39.02
C LEU A 168 18.88 22.99 39.92
N GLU A 169 18.99 22.81 41.23
CA GLU A 169 18.64 23.85 42.18
C GLU A 169 19.58 25.04 42.00
N ASP A 170 20.88 24.75 41.95
CA ASP A 170 21.88 25.80 41.78
C ASP A 170 21.69 26.50 40.44
N LEU A 171 21.34 25.71 39.42
CA LEU A 171 21.10 26.25 38.09
C LEU A 171 19.89 27.18 38.12
N ARG A 172 18.84 26.75 38.81
CA ARG A 172 17.63 27.55 38.94
C ARG A 172 17.91 28.82 39.71
N GLN A 173 18.77 28.70 40.73
CA GLN A 173 19.16 29.86 41.54
C GLN A 173 19.91 30.86 40.68
N GLY A 174 20.72 30.35 39.77
CA GLY A 174 21.46 31.20 38.87
C GLY A 174 20.58 31.79 37.79
N LEU A 175 19.55 31.04 37.41
CA LEU A 175 18.61 31.49 36.39
C LEU A 175 17.77 32.65 36.90
N LEU A 176 17.60 32.74 38.21
CA LEU A 176 16.81 33.81 38.82
C LEU A 176 17.36 35.20 38.43
N PRO A 177 18.60 35.56 38.83
CA PRO A 177 19.18 36.87 38.48
C PRO A 177 19.32 37.03 36.98
N VAL A 178 19.55 35.92 36.27
CA VAL A 178 19.70 35.95 34.83
C VAL A 178 18.37 36.35 34.19
N LEU A 179 17.28 35.73 34.66
CA LEU A 179 15.96 36.04 34.15
C LEU A 179 15.61 37.49 34.43
N GLU A 180 16.00 37.97 35.61
CA GLU A 180 15.76 39.36 35.98
C GLU A 180 16.55 40.29 35.06
N SER A 181 17.80 39.95 34.81
CA SER A 181 18.65 40.73 33.93
C SER A 181 18.07 40.72 32.51
N PHE A 182 17.53 39.56 32.15
CA PHE A 182 16.91 39.38 30.85
C PHE A 182 15.72 40.31 30.72
N LYS A 183 14.88 40.34 31.76
CA LYS A 183 13.68 41.17 31.78
C LYS A 183 14.03 42.62 31.46
N VAL A 184 15.01 43.16 32.18
CA VAL A 184 15.44 44.53 31.98
C VAL A 184 15.87 44.77 30.52
N SER A 185 16.65 43.84 29.99
CA SER A 185 17.14 43.93 28.62
C SER A 185 16.02 43.73 27.60
N PHE A 186 15.09 42.83 27.90
CA PHE A 186 13.96 42.56 27.02
C PHE A 186 13.02 43.75 26.98
N LEU A 187 12.78 44.34 28.15
CA LEU A 187 11.90 45.50 28.26
C LEU A 187 12.48 46.70 27.52
N SER A 188 13.77 46.96 27.73
CA SER A 188 14.42 48.08 27.06
C SER A 188 14.41 47.88 25.56
N ALA A 189 14.56 46.63 25.12
CA ALA A 189 14.56 46.30 23.72
C ALA A 189 13.20 46.63 23.11
N LEU A 190 12.14 46.24 23.83
CA LEU A 190 10.77 46.51 23.39
C LEU A 190 10.56 48.02 23.29
N GLU A 191 11.04 48.72 24.30
CA GLU A 191 10.94 50.18 24.34
C GLU A 191 11.68 50.79 23.15
N GLU A 192 12.89 50.31 22.90
CA GLU A 192 13.70 50.78 21.80
C GLU A 192 12.99 50.58 20.46
N TYR A 193 12.48 49.38 20.24
CA TYR A 193 11.77 49.05 19.01
C TYR A 193 10.55 49.96 18.83
N THR A 194 9.82 50.18 19.90
CA THR A 194 8.64 51.02 19.85
C THR A 194 9.02 52.48 19.58
N LYS A 195 10.14 52.91 20.15
CA LYS A 195 10.59 54.30 19.98
C LYS A 195 11.18 54.56 18.59
N LYS A 196 11.92 53.61 18.08
CA LYS A 196 12.57 53.78 16.78
C LYS A 196 11.67 53.45 15.59
N LEU A 197 10.83 52.44 15.73
CA LEU A 197 9.94 52.03 14.64
C LEU A 197 8.67 52.88 14.57
N ASN A 198 8.21 53.34 15.73
CA ASN A 198 7.00 54.16 15.80
C ASN A 198 7.05 55.14 16.97
N LEU B 1 31.13 37.19 33.87
CA LEU B 1 31.38 37.56 35.26
C LEU B 1 31.12 36.38 36.19
N LYS B 2 30.06 35.66 35.89
CA LYS B 2 29.68 34.49 36.69
C LYS B 2 29.90 33.22 35.87
N LEU B 3 30.81 33.30 34.91
CA LEU B 3 31.11 32.16 34.06
C LEU B 3 31.87 31.09 34.83
N LEU B 4 32.85 31.52 35.61
CA LEU B 4 33.65 30.59 36.41
C LEU B 4 32.80 29.96 37.51
N ASP B 5 31.68 30.59 37.82
CA ASP B 5 30.78 30.09 38.84
C ASP B 5 30.02 28.88 38.30
N ASN B 6 29.64 28.99 37.03
CA ASN B 6 28.91 27.91 36.35
C ASN B 6 29.89 26.86 35.82
N TRP B 7 31.05 27.33 35.36
CA TRP B 7 32.07 26.45 34.83
C TRP B 7 32.62 25.53 35.91
N ASP B 8 32.62 26.02 37.15
CA ASP B 8 33.08 25.23 38.29
C ASP B 8 32.21 24.00 38.48
N SER B 9 30.90 24.20 38.34
CA SER B 9 29.94 23.11 38.49
C SER B 9 30.19 22.03 37.42
N VAL B 10 30.71 22.47 36.27
CA VAL B 10 31.01 21.54 35.18
C VAL B 10 32.17 20.64 35.63
N THR B 11 33.14 21.25 36.30
CA THR B 11 34.28 20.51 36.81
C THR B 11 33.82 19.53 37.88
N SER B 12 32.81 19.93 38.64
CA SER B 12 32.24 19.08 39.68
C SER B 12 31.60 17.84 39.06
N THR B 13 30.84 18.06 37.99
CA THR B 13 30.18 16.95 37.31
C THR B 13 31.21 16.09 36.61
N PHE B 14 32.26 16.72 36.09
CA PHE B 14 33.35 16.01 35.42
C PHE B 14 34.01 15.08 36.42
N SER B 15 34.27 15.58 37.62
CA SER B 15 34.88 14.79 38.67
C SER B 15 33.95 13.65 39.07
N LYS B 16 32.65 13.94 39.14
CA LYS B 16 31.66 12.93 39.48
C LYS B 16 31.62 11.86 38.40
N LEU B 17 31.81 12.27 37.16
CA LEU B 17 31.84 11.33 36.04
C LEU B 17 33.04 10.41 36.21
N ARG B 18 34.16 11.01 36.55
CA ARG B 18 35.41 10.28 36.77
C ARG B 18 35.27 9.33 37.96
N GLU B 19 34.50 9.76 38.96
CA GLU B 19 34.25 8.96 40.16
C GLU B 19 33.46 7.71 39.80
N GLN B 20 32.63 7.82 38.76
CA GLN B 20 31.83 6.69 38.30
C GLN B 20 32.63 5.86 37.31
N LEU B 21 33.33 6.55 36.41
CA LEU B 21 34.15 5.91 35.38
C LEU B 21 35.03 4.80 35.95
N GLY B 22 35.69 5.10 37.07
CA GLY B 22 36.55 4.11 37.69
C GLY B 22 35.85 2.80 37.97
N PRO B 23 34.99 2.75 39.01
CA PRO B 23 34.24 1.54 39.37
C PRO B 23 33.46 0.95 38.18
N VAL B 24 32.84 1.83 37.38
CA VAL B 24 32.07 1.39 36.22
C VAL B 24 32.92 0.60 35.23
N THR B 25 34.10 1.11 34.89
CA THR B 25 34.97 0.41 33.95
C THR B 25 35.52 -0.86 34.58
N GLN B 26 35.79 -0.80 35.88
CA GLN B 26 36.30 -1.96 36.61
C GLN B 26 35.31 -3.11 36.50
N GLU B 27 34.04 -2.82 36.77
CA GLU B 27 32.99 -3.83 36.69
C GLU B 27 32.64 -4.13 35.24
N PHE B 28 32.88 -3.16 34.35
CA PHE B 28 32.61 -3.35 32.94
C PHE B 28 33.60 -4.37 32.40
N TRP B 29 34.85 -4.24 32.83
CA TRP B 29 35.90 -5.18 32.42
C TRP B 29 35.60 -6.54 33.05
N ASP B 30 35.04 -6.50 34.26
CA ASP B 30 34.65 -7.71 34.97
C ASP B 30 33.53 -8.37 34.18
N ASN B 31 32.63 -7.53 33.66
CA ASN B 31 31.53 -7.99 32.82
C ASN B 31 32.09 -8.56 31.52
N LEU B 32 33.08 -7.87 30.97
CA LEU B 32 33.73 -8.30 29.74
C LEU B 32 34.30 -9.69 29.92
N GLU B 33 34.84 -9.96 31.12
CA GLU B 33 35.41 -11.26 31.43
C GLU B 33 34.34 -12.34 31.26
N LYS B 34 33.16 -12.07 31.81
CA LYS B 34 32.04 -13.00 31.73
C LYS B 34 31.54 -13.10 30.29
N GLU B 35 31.35 -11.96 29.65
CA GLU B 35 30.86 -11.93 28.28
C GLU B 35 31.81 -12.64 27.31
N THR B 36 33.10 -12.35 27.40
CA THR B 36 34.07 -12.99 26.52
C THR B 36 34.16 -14.48 26.78
N GLU B 37 34.15 -14.87 28.05
CA GLU B 37 34.22 -16.28 28.42
C GLU B 37 32.96 -17.00 27.97
N GLY B 38 31.82 -16.36 28.20
CA GLY B 38 30.55 -16.93 27.79
C GLY B 38 30.52 -17.12 26.29
N LEU B 39 30.96 -16.09 25.57
CA LEU B 39 31.01 -16.15 24.12
C LEU B 39 32.02 -17.19 23.67
N ARG B 40 33.08 -17.37 24.45
CA ARG B 40 34.10 -18.36 24.15
C ARG B 40 33.50 -19.76 24.28
N GLN B 41 32.68 -19.94 25.31
CA GLN B 41 32.01 -21.23 25.53
C GLN B 41 31.12 -21.56 24.34
N GLU B 42 30.48 -20.54 23.78
CA GLU B 42 29.62 -20.70 22.64
C GLU B 42 30.47 -20.91 21.38
N MET B 43 31.53 -20.11 21.27
CA MET B 43 32.43 -20.18 20.14
C MET B 43 33.13 -21.52 20.02
N SER B 44 33.50 -22.11 21.14
CA SER B 44 34.17 -23.41 21.12
C SER B 44 33.24 -24.47 20.54
N LYS B 45 32.00 -24.47 20.99
CA LYS B 45 31.02 -25.43 20.49
C LYS B 45 30.64 -25.09 19.05
N ASP B 46 30.72 -23.81 18.73
CA ASP B 46 30.40 -23.32 17.40
C ASP B 46 31.46 -23.77 16.40
N LEU B 47 32.71 -23.42 16.69
CA LEU B 47 33.85 -23.76 15.83
C LEU B 47 34.06 -25.25 15.72
N GLU B 48 34.06 -25.94 16.86
CA GLU B 48 34.27 -27.39 16.87
C GLU B 48 33.21 -28.10 16.07
N GLU B 49 31.97 -27.66 16.21
CA GLU B 49 30.88 -28.28 15.48
C GLU B 49 30.97 -27.87 14.01
N VAL B 50 31.37 -26.62 13.75
CA VAL B 50 31.50 -26.11 12.39
C VAL B 50 32.44 -27.00 11.56
N LYS B 51 33.53 -27.44 12.18
CA LYS B 51 34.50 -28.30 11.51
C LYS B 51 33.89 -29.66 11.17
N ALA B 52 32.79 -29.99 11.84
CA ALA B 52 32.10 -31.25 11.61
C ALA B 52 30.73 -31.00 10.99
N LYS B 53 30.47 -29.74 10.63
CA LYS B 53 29.21 -29.34 10.02
C LYS B 53 29.43 -28.85 8.60
N VAL B 54 30.37 -27.93 8.44
CA VAL B 54 30.68 -27.36 7.14
C VAL B 54 31.22 -28.43 6.19
N GLN B 55 32.02 -29.34 6.73
CA GLN B 55 32.59 -30.42 5.91
C GLN B 55 31.50 -31.29 5.27
N PRO B 56 30.63 -31.96 6.07
CA PRO B 56 29.56 -32.79 5.50
C PRO B 56 28.53 -31.95 4.74
N TYR B 57 28.43 -30.68 5.11
CA TYR B 57 27.50 -29.78 4.43
C TYR B 57 28.02 -29.47 3.03
N LEU B 58 29.30 -29.13 2.95
CA LEU B 58 29.92 -28.84 1.67
C LEU B 58 29.98 -30.10 0.84
N ASP B 59 30.26 -31.22 1.50
CA ASP B 59 30.32 -32.52 0.83
C ASP B 59 28.95 -32.86 0.23
N ASP B 60 27.91 -32.69 1.02
CA ASP B 60 26.54 -32.95 0.58
C ASP B 60 26.17 -32.00 -0.55
N PHE B 61 26.59 -30.75 -0.41
CA PHE B 61 26.33 -29.74 -1.42
C PHE B 61 27.08 -30.08 -2.69
N GLN B 62 28.35 -30.47 -2.53
CA GLN B 62 29.19 -30.86 -3.66
C GLN B 62 28.58 -32.07 -4.36
N LYS B 63 27.94 -32.93 -3.60
CA LYS B 63 27.28 -34.10 -4.17
C LYS B 63 26.12 -33.66 -5.04
N LYS B 64 25.39 -32.65 -4.57
CA LYS B 64 24.28 -32.09 -5.33
C LYS B 64 24.81 -31.36 -6.55
N TRP B 65 25.96 -30.73 -6.38
CA TRP B 65 26.62 -30.01 -7.46
C TRP B 65 27.10 -31.01 -8.51
N GLN B 66 27.62 -32.14 -8.03
CA GLN B 66 28.07 -33.20 -8.91
C GLN B 66 26.90 -33.68 -9.74
N GLU B 67 25.78 -33.93 -9.06
CA GLU B 67 24.56 -34.39 -9.69
C GLU B 67 24.10 -33.38 -10.73
N GLU B 68 23.92 -32.14 -10.30
CA GLU B 68 23.47 -31.07 -11.19
C GLU B 68 24.42 -30.88 -12.37
N MET B 69 25.73 -30.95 -12.11
CA MET B 69 26.72 -30.81 -13.17
C MET B 69 26.56 -31.95 -14.17
N GLU B 70 26.45 -33.17 -13.65
CA GLU B 70 26.29 -34.34 -14.50
C GLU B 70 24.96 -34.29 -15.24
N LEU B 71 23.92 -33.82 -14.54
CA LEU B 71 22.59 -33.70 -15.14
C LEU B 71 22.61 -32.62 -16.22
N TYR B 72 23.31 -31.53 -15.95
CA TYR B 72 23.41 -30.44 -16.91
C TYR B 72 24.13 -30.90 -18.17
N ARG B 73 25.08 -31.82 -18.00
CA ARG B 73 25.82 -32.35 -19.13
C ARG B 73 25.00 -33.40 -19.87
N GLN B 74 23.86 -33.76 -19.30
CA GLN B 74 22.97 -34.75 -19.91
C GLN B 74 21.64 -34.10 -20.27
N LYS B 75 21.55 -32.80 -20.05
CA LYS B 75 20.34 -32.05 -20.36
C LYS B 75 20.65 -30.77 -21.13
N VAL B 76 21.46 -29.90 -20.54
CA VAL B 76 21.82 -28.65 -21.18
C VAL B 76 22.78 -28.90 -22.35
N GLU B 77 23.70 -29.84 -22.18
CA GLU B 77 24.65 -30.17 -23.25
C GLU B 77 23.93 -30.65 -24.52
N PRO B 78 23.07 -31.69 -24.45
CA PRO B 78 22.31 -32.15 -25.61
C PRO B 78 21.37 -31.04 -26.09
N LEU B 79 20.86 -30.26 -25.14
CA LEU B 79 19.96 -29.16 -25.48
C LEU B 79 20.70 -28.10 -26.28
N ARG B 80 22.02 -28.04 -26.13
CA ARG B 80 22.81 -27.09 -26.89
C ARG B 80 22.69 -27.41 -28.37
N ALA B 81 22.67 -28.71 -28.66
CA ALA B 81 22.52 -29.18 -30.03
C ALA B 81 21.07 -29.03 -30.47
N GLU B 82 20.16 -29.24 -29.52
CA GLU B 82 18.73 -29.10 -29.78
C GLU B 82 18.45 -27.64 -30.13
N LEU B 83 19.05 -26.73 -29.37
CA LEU B 83 18.88 -25.30 -29.60
C LEU B 83 19.64 -24.91 -30.86
N GLN B 84 20.75 -25.59 -31.12
CA GLN B 84 21.55 -25.33 -32.30
C GLN B 84 20.74 -25.65 -33.54
N GLU B 85 20.10 -26.82 -33.52
CA GLU B 85 19.26 -27.25 -34.64
C GLU B 85 18.08 -26.32 -34.78
N GLY B 86 17.49 -25.92 -33.65
CA GLY B 86 16.38 -25.01 -33.66
C GLY B 86 16.80 -23.66 -34.21
N ALA B 87 17.96 -23.19 -33.76
CA ALA B 87 18.51 -21.92 -34.21
C ALA B 87 18.84 -21.99 -35.69
N ARG B 88 19.38 -23.13 -36.13
CA ARG B 88 19.72 -23.33 -37.54
C ARG B 88 18.48 -23.17 -38.40
N GLN B 89 17.40 -23.82 -37.98
CA GLN B 89 16.14 -23.73 -38.71
C GLN B 89 15.64 -22.30 -38.68
N LYS B 90 15.76 -21.67 -37.51
CA LYS B 90 15.33 -20.28 -37.34
C LYS B 90 16.15 -19.37 -38.26
N LEU B 91 17.46 -19.58 -38.27
CA LEU B 91 18.36 -18.80 -39.09
C LEU B 91 18.04 -19.03 -40.57
N HIS B 92 17.69 -20.26 -40.91
CA HIS B 92 17.32 -20.60 -42.28
C HIS B 92 16.04 -19.87 -42.64
N GLU B 93 15.07 -19.92 -41.72
CA GLU B 93 13.80 -19.23 -41.93
C GLU B 93 14.07 -17.73 -42.10
N LEU B 94 14.92 -17.20 -41.23
CA LEU B 94 15.28 -15.79 -41.27
C LEU B 94 15.98 -15.45 -42.57
N GLN B 95 16.97 -16.26 -42.95
CA GLN B 95 17.71 -16.02 -44.18
C GLN B 95 16.76 -16.02 -45.38
N GLU B 96 15.81 -16.95 -45.38
CA GLU B 96 14.83 -17.07 -46.46
C GLU B 96 13.75 -15.99 -46.35
N LYS B 97 13.88 -15.12 -45.37
CA LYS B 97 12.92 -14.03 -45.17
C LYS B 97 13.61 -12.67 -45.30
N LEU B 98 14.84 -12.60 -44.84
CA LEU B 98 15.61 -11.37 -44.90
C LEU B 98 16.13 -11.12 -46.31
N SER B 99 16.09 -12.14 -47.14
CA SER B 99 16.54 -12.03 -48.52
C SER B 99 15.40 -11.56 -49.45
N PRO B 100 14.35 -12.37 -49.65
CA PRO B 100 13.23 -11.98 -50.52
C PRO B 100 12.50 -10.77 -49.97
N LEU B 101 12.03 -10.87 -48.72
CA LEU B 101 11.33 -9.76 -48.09
C LEU B 101 12.28 -8.61 -47.81
N GLY B 102 13.57 -8.94 -47.67
CA GLY B 102 14.57 -7.91 -47.43
C GLY B 102 14.71 -7.04 -48.65
N GLU B 103 14.90 -7.68 -49.80
CA GLU B 103 15.02 -6.96 -51.06
C GLU B 103 13.69 -6.33 -51.41
N GLU B 104 12.61 -7.00 -51.05
CA GLU B 104 11.27 -6.51 -51.29
C GLU B 104 11.05 -5.21 -50.52
N MET B 105 11.45 -5.21 -49.24
CA MET B 105 11.32 -4.03 -48.39
C MET B 105 12.20 -2.91 -48.96
N ARG B 106 13.35 -3.28 -49.50
CA ARG B 106 14.26 -2.31 -50.10
C ARG B 106 13.61 -1.73 -51.35
N ASP B 107 12.97 -2.59 -52.12
CA ASP B 107 12.29 -2.17 -53.33
C ASP B 107 11.12 -1.26 -52.96
N ARG B 108 10.45 -1.59 -51.85
CA ARG B 108 9.36 -0.76 -51.35
C ARG B 108 9.93 0.60 -51.01
N ALA B 109 11.08 0.59 -50.35
CA ALA B 109 11.77 1.81 -49.96
C ALA B 109 12.13 2.62 -51.20
N ARG B 110 12.50 1.93 -52.27
CA ARG B 110 12.84 2.60 -53.53
C ARG B 110 11.64 3.37 -54.02
N ALA B 111 10.48 2.72 -53.98
CA ALA B 111 9.23 3.33 -54.41
C ALA B 111 8.81 4.45 -53.47
N HIS B 112 9.17 4.30 -52.19
CA HIS B 112 8.86 5.30 -51.18
C HIS B 112 9.75 6.52 -51.34
N VAL B 113 11.06 6.29 -51.43
CA VAL B 113 12.03 7.37 -51.58
C VAL B 113 11.82 8.07 -52.92
N ASP B 114 11.56 7.30 -53.98
CA ASP B 114 11.33 7.88 -55.30
C ASP B 114 10.07 8.70 -55.27
N ALA B 115 9.11 8.29 -54.45
CA ALA B 115 7.87 9.02 -54.28
C ALA B 115 8.18 10.34 -53.60
N LEU B 116 9.00 10.28 -52.56
CA LEU B 116 9.41 11.46 -51.83
C LEU B 116 10.15 12.43 -52.75
N ARG B 117 10.85 11.88 -53.74
CA ARG B 117 11.59 12.70 -54.69
C ARG B 117 10.62 13.45 -55.59
N THR B 118 9.42 12.89 -55.75
CA THR B 118 8.39 13.49 -56.59
C THR B 118 7.37 14.21 -55.73
N HIS B 119 7.50 14.09 -54.41
CA HIS B 119 6.56 14.71 -53.49
C HIS B 119 7.26 15.82 -52.69
N LEU B 120 8.20 15.42 -51.85
CA LEU B 120 8.94 16.35 -50.99
C LEU B 120 9.74 17.37 -51.80
N ALA B 121 10.49 16.90 -52.79
CA ALA B 121 11.31 17.80 -53.60
C ALA B 121 10.47 18.89 -54.26
N PRO B 122 9.47 18.55 -55.11
CA PRO B 122 8.62 19.55 -55.76
C PRO B 122 7.87 20.39 -54.76
N TYR B 123 7.40 19.77 -53.68
CA TYR B 123 6.66 20.50 -52.65
C TYR B 123 7.58 21.49 -51.95
N SER B 124 8.81 21.08 -51.67
CA SER B 124 9.76 21.96 -51.01
C SER B 124 10.08 23.15 -51.90
N ASP B 125 9.96 22.94 -53.22
CA ASP B 125 10.20 24.02 -54.17
C ASP B 125 9.08 25.04 -54.04
N GLU B 126 7.86 24.54 -53.85
CA GLU B 126 6.71 25.40 -53.67
C GLU B 126 6.89 26.14 -52.35
N LEU B 127 7.40 25.41 -51.35
CA LEU B 127 7.67 25.99 -50.04
C LEU B 127 8.70 27.09 -50.15
N ARG B 128 9.68 26.90 -51.04
CA ARG B 128 10.72 27.90 -51.27
C ARG B 128 10.09 29.22 -51.68
N GLN B 129 9.20 29.14 -52.67
CA GLN B 129 8.51 30.30 -53.17
C GLN B 129 7.61 30.91 -52.11
N ARG B 130 6.93 30.05 -51.36
CA ARG B 130 6.06 30.52 -50.30
C ARG B 130 6.85 31.21 -49.20
N LEU B 131 7.97 30.59 -48.80
CA LEU B 131 8.83 31.16 -47.78
C LEU B 131 9.43 32.47 -48.26
N ALA B 132 9.66 32.57 -49.57
CA ALA B 132 10.19 33.78 -50.17
C ALA B 132 9.18 34.91 -50.01
N ALA B 133 7.90 34.58 -50.18
CA ALA B 133 6.83 35.54 -50.04
C ALA B 133 6.63 35.86 -48.56
N ARG B 134 6.72 34.82 -47.73
CA ARG B 134 6.60 34.96 -46.29
C ARG B 134 7.67 35.90 -45.77
N LEU B 135 8.92 35.66 -46.20
CA LEU B 135 10.04 36.48 -45.80
C LEU B 135 9.92 37.88 -46.41
N GLU B 136 9.29 37.95 -47.58
CA GLU B 136 9.09 39.22 -48.25
C GLU B 136 8.17 40.10 -47.42
N ALA B 137 7.11 39.47 -46.89
CA ALA B 137 6.17 40.17 -46.03
C ALA B 137 6.84 40.50 -44.72
N LEU B 138 7.66 39.57 -44.24
CA LEU B 138 8.41 39.76 -43.00
C LEU B 138 9.38 40.92 -43.12
N LYS B 139 9.96 41.10 -44.30
CA LYS B 139 10.88 42.20 -44.54
C LYS B 139 10.11 43.48 -44.75
N GLU B 140 8.98 43.39 -45.45
CA GLU B 140 8.13 44.54 -45.71
C GLU B 140 7.64 45.12 -44.39
N ASN B 141 7.19 44.24 -43.50
CA ASN B 141 6.72 44.66 -42.19
C ASN B 141 7.89 44.93 -41.28
N GLY B 142 8.97 44.17 -41.46
CA GLY B 142 10.16 44.33 -40.66
C GLY B 142 10.76 45.71 -40.85
N GLY B 143 10.92 46.11 -42.10
CA GLY B 143 11.45 47.43 -42.41
C GLY B 143 10.58 48.53 -41.83
N ALA B 144 9.27 48.33 -41.92
CA ALA B 144 8.32 49.30 -41.39
C ALA B 144 8.38 49.31 -39.87
N ARG B 145 8.43 48.12 -39.27
CA ARG B 145 8.51 48.00 -37.84
C ARG B 145 9.83 48.55 -37.34
N LEU B 146 10.86 48.48 -38.19
CA LEU B 146 12.17 49.01 -37.84
C LEU B 146 12.05 50.51 -37.63
N ALA B 147 11.35 51.17 -38.56
CA ALA B 147 11.13 52.60 -38.48
C ALA B 147 10.27 52.90 -37.26
N GLU B 148 9.25 52.07 -37.04
CA GLU B 148 8.37 52.21 -35.90
C GLU B 148 9.15 52.08 -34.61
N TYR B 149 10.04 51.09 -34.57
CA TYR B 149 10.87 50.84 -33.40
C TYR B 149 11.83 52.00 -33.18
N HIS B 150 12.37 52.54 -34.27
CA HIS B 150 13.28 53.67 -34.20
C HIS B 150 12.54 54.89 -33.66
N ALA B 151 11.35 55.13 -34.20
CA ALA B 151 10.53 56.25 -33.76
C ALA B 151 10.15 56.04 -32.30
N LYS B 152 9.69 54.84 -31.98
CA LYS B 152 9.30 54.49 -30.62
C LYS B 152 10.48 54.61 -29.66
N ALA B 153 11.66 54.23 -30.14
CA ALA B 153 12.87 54.32 -29.33
C ALA B 153 13.19 55.78 -29.02
N THR B 154 12.93 56.63 -30.00
CA THR B 154 13.16 58.05 -29.85
C THR B 154 12.14 58.64 -28.88
N GLU B 155 10.87 58.23 -29.03
CA GLU B 155 9.80 58.68 -28.15
C GLU B 155 10.09 58.24 -26.73
N HIS B 156 10.54 56.99 -26.61
CA HIS B 156 10.88 56.42 -25.32
C HIS B 156 12.08 57.14 -24.74
N LEU B 157 13.03 57.50 -25.60
CA LEU B 157 14.23 58.20 -25.17
C LEU B 157 13.87 59.56 -24.58
N SER B 158 12.95 60.27 -25.23
CA SER B 158 12.54 61.57 -24.75
C SER B 158 11.72 61.45 -23.47
N THR B 159 10.84 60.46 -23.40
CA THR B 159 10.04 60.26 -22.20
C THR B 159 10.91 59.79 -21.05
N LEU B 160 11.93 59.01 -21.36
CA LEU B 160 12.87 58.52 -20.35
C LEU B 160 13.62 59.70 -19.74
N SER B 161 14.15 60.57 -20.61
CA SER B 161 14.88 61.74 -20.16
C SER B 161 13.94 62.73 -19.48
N GLU B 162 12.69 62.77 -19.95
CA GLU B 162 11.67 63.64 -19.39
C GLU B 162 11.38 63.27 -17.94
N LYS B 163 11.68 62.02 -17.60
CA LYS B 163 11.48 61.53 -16.25
C LYS B 163 12.79 61.50 -15.49
N ALA B 164 13.84 61.06 -16.17
CA ALA B 164 15.18 60.96 -15.58
C ALA B 164 15.62 62.25 -14.94
N LYS B 165 15.38 63.37 -15.62
CA LYS B 165 15.77 64.67 -15.08
C LYS B 165 15.07 65.00 -13.76
N PRO B 166 13.72 65.15 -13.74
CA PRO B 166 12.99 65.46 -12.51
C PRO B 166 13.17 64.37 -11.46
N ALA B 167 13.26 63.12 -11.90
CA ALA B 167 13.44 62.01 -10.98
C ALA B 167 14.78 62.13 -10.26
N LEU B 168 15.86 62.29 -11.01
CA LEU B 168 17.18 62.42 -10.42
C LEU B 168 17.26 63.66 -9.54
N GLU B 169 16.69 64.76 -10.02
CA GLU B 169 16.67 66.01 -9.27
C GLU B 169 15.92 65.83 -7.96
N ASP B 170 14.68 65.39 -8.03
CA ASP B 170 13.84 65.18 -6.86
C ASP B 170 14.45 64.14 -5.93
N LEU B 171 14.98 63.07 -6.52
CA LEU B 171 15.61 62.00 -5.76
C LEU B 171 16.77 62.54 -4.94
N ARG B 172 17.67 63.27 -5.59
CA ARG B 172 18.82 63.83 -4.90
C ARG B 172 18.40 64.88 -3.88
N GLN B 173 17.39 65.68 -4.25
CA GLN B 173 16.88 66.71 -3.35
C GLN B 173 16.21 66.10 -2.13
N GLY B 174 15.85 64.82 -2.24
CA GLY B 174 15.24 64.12 -1.13
C GLY B 174 16.24 63.25 -0.41
N LEU B 175 17.14 62.65 -1.18
CA LEU B 175 18.17 61.77 -0.64
C LEU B 175 19.13 62.52 0.26
N LEU B 176 19.58 63.71 -0.17
CA LEU B 176 20.51 64.50 0.62
C LEU B 176 20.02 64.73 2.07
N PRO B 177 18.85 65.36 2.27
CA PRO B 177 18.32 65.59 3.60
C PRO B 177 17.92 64.30 4.32
N VAL B 178 17.40 63.33 3.57
CA VAL B 178 16.99 62.06 4.17
C VAL B 178 18.20 61.24 4.64
N LEU B 179 19.31 61.31 3.89
CA LEU B 179 20.52 60.60 4.26
C LEU B 179 21.09 61.19 5.54
N GLU B 180 21.09 62.52 5.62
CA GLU B 180 21.58 63.21 6.79
C GLU B 180 20.70 62.87 7.99
N SER B 181 19.40 62.88 7.77
CA SER B 181 18.44 62.56 8.81
C SER B 181 18.63 61.10 9.26
N PHE B 182 18.89 60.23 8.29
CA PHE B 182 19.12 58.83 8.58
C PHE B 182 20.38 58.66 9.40
N LYS B 183 21.44 59.38 9.00
CA LYS B 183 22.71 59.34 9.71
C LYS B 183 22.51 59.71 11.17
N VAL B 184 21.71 60.76 11.41
CA VAL B 184 21.42 61.22 12.75
C VAL B 184 20.81 60.09 13.59
N SER B 185 19.77 59.46 13.05
CA SER B 185 19.10 58.37 13.75
C SER B 185 20.00 57.14 13.90
N PHE B 186 20.80 56.88 12.87
CA PHE B 186 21.71 55.73 12.88
C PHE B 186 22.82 55.92 13.92
N LEU B 187 23.46 57.08 13.90
CA LEU B 187 24.55 57.39 14.81
C LEU B 187 24.09 57.38 16.27
N SER B 188 22.97 58.04 16.54
CA SER B 188 22.44 58.10 17.90
C SER B 188 22.11 56.70 18.41
N ALA B 189 21.47 55.90 17.56
CA ALA B 189 21.12 54.53 17.91
C ALA B 189 22.38 53.68 18.09
N LEU B 190 23.38 53.94 17.23
CA LEU B 190 24.64 53.21 17.30
C LEU B 190 25.29 53.40 18.66
N GLU B 191 25.31 54.65 19.12
CA GLU B 191 25.88 54.97 20.42
C GLU B 191 25.09 54.26 21.51
N GLU B 192 23.76 54.25 21.37
CA GLU B 192 22.89 53.57 22.33
C GLU B 192 23.22 52.08 22.38
N TYR B 193 23.33 51.46 21.21
CA TYR B 193 23.64 50.04 21.11
C TYR B 193 24.98 49.75 21.77
N THR B 194 25.95 50.63 21.55
CA THR B 194 27.28 50.47 22.12
C THR B 194 27.23 50.54 23.65
N LYS B 195 26.36 51.41 24.17
CA LYS B 195 26.22 51.57 25.60
C LYS B 195 25.40 50.45 26.25
N LYS B 196 24.34 50.05 25.57
CA LYS B 196 23.47 48.98 26.07
C LYS B 196 24.19 47.63 26.02
N LEU B 197 25.11 47.50 25.07
CA LEU B 197 25.87 46.27 24.91
C LEU B 197 27.32 46.44 25.38
N ASN B 198 27.54 47.40 26.28
CA ASN B 198 28.88 47.64 26.81
C ASN B 198 29.28 46.56 27.81
N MET C 1 -3.97 -1.65 6.06
CA MET C 1 -4.89 -2.73 6.37
C MET C 1 -4.39 -3.55 7.56
N THR C 2 -5.28 -3.81 8.50
CA THR C 2 -4.93 -4.60 9.66
C THR C 2 -5.55 -6.00 9.55
N GLU C 3 -4.72 -6.99 9.24
CA GLU C 3 -5.23 -8.35 9.10
C GLU C 3 -5.20 -9.07 10.44
N TYR C 4 -6.27 -9.82 10.72
CA TYR C 4 -6.39 -10.58 11.95
C TYR C 4 -6.69 -12.03 11.62
N LYS C 5 -5.99 -12.95 12.28
CA LYS C 5 -6.19 -14.37 12.06
C LYS C 5 -7.27 -14.91 12.99
N LEU C 6 -8.38 -15.35 12.40
CA LEU C 6 -9.48 -15.88 13.18
C LEU C 6 -9.70 -17.36 12.88
N VAL C 7 -9.83 -18.16 13.94
CA VAL C 7 -10.05 -19.59 13.79
C VAL C 7 -11.30 -20.01 14.55
N VAL C 8 -12.23 -20.65 13.85
CA VAL C 8 -13.46 -21.11 14.47
C VAL C 8 -13.36 -22.57 14.86
N VAL C 9 -13.86 -22.92 16.04
CA VAL C 9 -13.79 -24.29 16.52
C VAL C 9 -15.16 -24.73 17.04
N GLY C 10 -15.63 -25.87 16.57
CA GLY C 10 -16.91 -26.38 17.00
C GLY C 10 -17.10 -27.83 16.61
N ALA C 11 -18.16 -28.43 17.12
CA ALA C 11 -18.46 -29.82 16.83
C ALA C 11 -19.18 -29.95 15.48
N GLY C 12 -19.47 -31.18 15.09
CA GLY C 12 -20.15 -31.42 13.83
C GLY C 12 -21.64 -31.19 13.93
N GLY C 13 -22.16 -30.35 13.05
CA GLY C 13 -23.59 -30.08 13.05
C GLY C 13 -23.96 -28.89 13.91
N VAL C 14 -23.06 -27.92 13.99
CA VAL C 14 -23.30 -26.73 14.79
C VAL C 14 -23.52 -25.50 13.92
N GLY C 15 -23.36 -25.67 12.61
CA GLY C 15 -23.55 -24.55 11.68
C GLY C 15 -22.35 -23.64 11.65
N LYS C 16 -21.16 -24.21 11.80
CA LYS C 16 -19.93 -23.46 11.80
C LYS C 16 -19.65 -22.85 10.43
N SER C 17 -19.76 -23.66 9.37
CA SER C 17 -19.52 -23.17 8.01
C SER C 17 -20.68 -22.29 7.55
N ALA C 18 -21.88 -22.61 8.01
CA ALA C 18 -23.08 -21.86 7.64
C ALA C 18 -22.97 -20.40 8.08
N LEU C 19 -22.51 -20.20 9.31
CA LEU C 19 -22.36 -18.85 9.86
C LEU C 19 -21.41 -18.00 9.01
N THR C 20 -20.36 -18.62 8.50
CA THR C 20 -19.39 -17.92 7.67
C THR C 20 -19.95 -17.58 6.30
N ILE C 21 -20.50 -18.58 5.61
CA ILE C 21 -21.06 -18.35 4.28
C ILE C 21 -22.17 -17.31 4.30
N GLN C 22 -23.03 -17.39 5.31
CA GLN C 22 -24.14 -16.46 5.44
C GLN C 22 -23.69 -15.03 5.82
N LEU C 23 -22.47 -14.89 6.31
CA LEU C 23 -21.96 -13.57 6.69
C LEU C 23 -20.95 -13.02 5.68
N ILE C 24 -20.16 -13.90 5.09
CA ILE C 24 -19.16 -13.48 4.13
C ILE C 24 -19.75 -13.37 2.72
N GLN C 25 -20.51 -14.36 2.34
CA GLN C 25 -21.12 -14.39 1.01
C GLN C 25 -22.60 -14.00 1.07
N ASN C 26 -23.15 -13.98 2.28
CA ASN C 26 -24.55 -13.63 2.50
C ASN C 26 -25.48 -14.66 1.87
N HIS C 27 -24.98 -15.90 1.74
CA HIS C 27 -25.74 -16.99 1.17
C HIS C 27 -26.05 -18.05 2.22
N PHE C 28 -27.05 -18.87 1.97
CA PHE C 28 -27.42 -19.92 2.92
C PHE C 28 -27.36 -21.30 2.27
N VAL C 29 -27.17 -22.31 3.10
CA VAL C 29 -27.10 -23.69 2.63
C VAL C 29 -28.19 -24.54 3.27
N ASP C 30 -28.43 -25.69 2.68
CA ASP C 30 -29.43 -26.63 3.19
C ASP C 30 -28.77 -27.99 3.37
N GLU C 31 -27.83 -28.27 2.50
CA GLU C 31 -27.10 -29.52 2.53
C GLU C 31 -25.96 -29.48 3.53
N TYR C 32 -25.69 -30.61 4.18
CA TYR C 32 -24.61 -30.70 5.16
C TYR C 32 -23.41 -31.36 4.52
N ASP C 33 -22.33 -30.60 4.37
CA ASP C 33 -21.12 -31.11 3.76
C ASP C 33 -19.95 -30.88 4.71
N PRO C 34 -19.40 -31.98 5.27
CA PRO C 34 -18.26 -31.92 6.20
C PRO C 34 -17.11 -31.10 5.62
N THR C 35 -16.73 -30.05 6.33
CA THR C 35 -15.66 -29.17 5.89
C THR C 35 -14.32 -29.57 6.47
N ILE C 36 -13.28 -29.54 5.65
CA ILE C 36 -11.94 -29.89 6.10
C ILE C 36 -11.15 -28.61 6.36
N GLU C 37 -11.09 -27.75 5.37
CA GLU C 37 -10.38 -26.48 5.48
C GLU C 37 -10.99 -25.46 4.52
N ASP C 38 -11.04 -24.20 4.94
CA ASP C 38 -11.59 -23.13 4.12
C ASP C 38 -11.14 -21.80 4.67
N SER C 39 -10.85 -20.85 3.80
CA SER C 39 -10.41 -19.54 4.23
C SER C 39 -11.18 -18.42 3.54
N TYR C 40 -11.67 -17.48 4.34
CA TYR C 40 -12.41 -16.35 3.81
C TYR C 40 -11.66 -15.05 4.02
N ARG C 41 -11.68 -14.18 3.02
CA ARG C 41 -10.98 -12.90 3.08
C ARG C 41 -11.92 -11.75 2.78
N LYS C 42 -12.29 -10.99 3.80
CA LYS C 42 -13.19 -9.87 3.63
C LYS C 42 -12.64 -8.64 4.34
N GLN C 43 -12.42 -7.57 3.58
CA GLN C 43 -11.89 -6.33 4.13
C GLN C 43 -13.02 -5.43 4.62
N VAL C 44 -13.03 -5.14 5.91
CA VAL C 44 -14.06 -4.30 6.49
C VAL C 44 -13.48 -3.17 7.32
N VAL C 45 -14.32 -2.23 7.70
CA VAL C 45 -13.91 -1.11 8.52
C VAL C 45 -14.38 -1.33 9.95
N ILE C 46 -13.45 -1.78 10.79
CA ILE C 46 -13.76 -2.05 12.18
C ILE C 46 -13.35 -0.89 13.06
N ASP C 47 -14.36 -0.15 13.53
CA ASP C 47 -14.15 1.01 14.40
C ASP C 47 -13.40 2.12 13.69
N GLY C 48 -13.41 2.09 12.37
CA GLY C 48 -12.73 3.11 11.60
C GLY C 48 -11.47 2.59 10.95
N GLU C 49 -10.88 1.57 11.58
CA GLU C 49 -9.65 0.96 11.08
C GLU C 49 -9.97 -0.12 10.06
N THR C 50 -9.33 -0.04 8.89
CA THR C 50 -9.52 -1.03 7.86
C THR C 50 -8.90 -2.36 8.30
N CYS C 51 -9.75 -3.33 8.58
CA CYS C 51 -9.29 -4.62 9.04
C CYS C 51 -9.66 -5.75 8.09
N LEU C 52 -8.71 -6.64 7.88
CA LEU C 52 -8.89 -7.80 7.03
C LEU C 52 -9.02 -9.03 7.92
N LEU C 53 -10.19 -9.63 7.94
CA LEU C 53 -10.41 -10.79 8.78
C LEU C 53 -10.09 -12.08 8.03
N ASP C 54 -9.01 -12.73 8.43
CA ASP C 54 -8.58 -13.97 7.82
C ASP C 54 -9.18 -15.14 8.61
N ILE C 55 -10.37 -15.56 8.18
CA ILE C 55 -11.08 -16.64 8.87
C ILE C 55 -10.80 -18.00 8.26
N LEU C 56 -10.37 -18.93 9.10
CA LEU C 56 -10.06 -20.28 8.68
C LEU C 56 -11.03 -21.27 9.33
N ASP C 57 -11.70 -22.06 8.49
CA ASP C 57 -12.66 -23.04 8.98
C ASP C 57 -11.97 -24.36 9.30
N THR C 58 -12.46 -25.03 10.33
CA THR C 58 -11.90 -26.31 10.76
C THR C 58 -12.89 -27.45 10.50
N ALA C 59 -12.44 -28.68 10.67
CA ALA C 59 -13.29 -29.84 10.47
C ALA C 59 -14.03 -30.16 11.76
N GLY C 60 -15.36 -30.27 11.65
CA GLY C 60 -16.16 -30.60 12.81
C GLY C 60 -16.00 -32.05 13.22
N GLN C 61 -15.62 -32.89 12.25
CA GLN C 61 -15.42 -34.31 12.50
C GLN C 61 -13.93 -34.65 12.40
N GLU C 62 -13.25 -34.63 13.53
CA GLU C 62 -11.83 -34.92 13.58
C GLU C 62 -11.42 -35.27 15.02
N GLU C 63 -10.34 -36.03 15.15
CA GLU C 63 -9.84 -36.42 16.47
C GLU C 63 -8.67 -35.52 16.88
N TYR C 64 -7.48 -35.86 16.42
CA TYR C 64 -6.28 -35.09 16.75
C TYR C 64 -5.24 -35.25 15.66
N SER C 65 -4.98 -34.18 14.95
CA SER C 65 -4.01 -34.19 13.87
C SER C 65 -2.95 -33.13 14.14
N ALA C 66 -1.69 -33.49 13.90
CA ALA C 66 -0.58 -32.57 14.11
C ALA C 66 -0.71 -31.33 13.24
N MET C 67 -1.31 -31.49 12.06
CA MET C 67 -1.51 -30.37 11.15
C MET C 67 -2.48 -29.34 11.72
N ARG C 68 -3.46 -29.81 12.50
CA ARG C 68 -4.43 -28.92 13.12
C ARG C 68 -3.73 -28.03 14.14
N ASP C 69 -2.82 -28.64 14.89
CA ASP C 69 -2.05 -27.94 15.92
C ASP C 69 -1.23 -26.81 15.31
N GLN C 70 -0.86 -26.98 14.04
CA GLN C 70 -0.07 -25.99 13.32
C GLN C 70 -0.87 -24.74 13.00
N TYR C 71 -1.97 -24.89 12.25
CA TYR C 71 -2.78 -23.74 11.86
C TYR C 71 -3.56 -23.12 13.01
N MET C 72 -3.86 -23.91 14.03
CA MET C 72 -4.58 -23.39 15.19
C MET C 72 -3.69 -22.48 16.02
N ARG C 73 -2.40 -22.54 15.75
CA ARG C 73 -1.42 -21.72 16.45
C ARG C 73 -1.26 -20.37 15.75
N THR C 74 -1.60 -20.33 14.47
CA THR C 74 -1.51 -19.11 13.69
C THR C 74 -2.65 -18.16 14.01
N GLY C 75 -3.77 -18.73 14.45
CA GLY C 75 -4.93 -17.93 14.77
C GLY C 75 -4.76 -17.16 16.07
N GLU C 76 -5.44 -16.01 16.17
CA GLU C 76 -5.39 -15.19 17.37
C GLU C 76 -6.70 -15.30 18.15
N GLY C 77 -7.79 -15.07 17.46
CA GLY C 77 -9.09 -15.16 18.07
C GLY C 77 -9.76 -16.47 17.77
N PHE C 78 -10.44 -17.05 18.75
CA PHE C 78 -11.12 -18.32 18.58
C PHE C 78 -12.59 -18.22 18.93
N LEU C 79 -13.44 -18.68 18.01
CA LEU C 79 -14.88 -18.65 18.23
C LEU C 79 -15.38 -20.04 18.58
N CYS C 80 -15.88 -20.18 19.80
CA CYS C 80 -16.41 -21.44 20.28
C CYS C 80 -17.87 -21.59 19.84
N VAL C 81 -18.05 -22.06 18.62
CA VAL C 81 -19.40 -22.23 18.07
C VAL C 81 -19.99 -23.58 18.45
N PHE C 82 -21.24 -23.55 18.89
CA PHE C 82 -21.95 -24.76 19.27
C PHE C 82 -23.44 -24.60 19.05
N ALA C 83 -24.13 -25.72 18.89
CA ALA C 83 -25.57 -25.71 18.67
C ALA C 83 -26.28 -25.92 20.00
N ILE C 84 -27.16 -24.99 20.34
CA ILE C 84 -27.91 -25.08 21.60
C ILE C 84 -29.05 -26.09 21.53
N ASN C 85 -29.27 -26.65 20.35
CA ASN C 85 -30.32 -27.65 20.15
C ASN C 85 -29.79 -29.05 20.43
N ASN C 86 -28.52 -29.12 20.81
CA ASN C 86 -27.89 -30.39 21.13
C ASN C 86 -26.96 -30.21 22.33
N THR C 87 -27.31 -30.83 23.45
CA THR C 87 -26.53 -30.72 24.67
C THR C 87 -25.10 -31.23 24.48
N LYS C 88 -24.91 -32.15 23.54
CA LYS C 88 -23.59 -32.70 23.25
C LYS C 88 -22.60 -31.59 22.87
N SER C 89 -23.06 -30.65 22.06
CA SER C 89 -22.23 -29.54 21.62
C SER C 89 -21.84 -28.64 22.80
N PHE C 90 -22.72 -28.56 23.78
CA PHE C 90 -22.47 -27.75 24.97
C PHE C 90 -21.40 -28.40 25.83
N GLU C 91 -21.28 -29.71 25.72
CA GLU C 91 -20.31 -30.46 26.48
C GLU C 91 -18.98 -30.55 25.71
N ASP C 92 -19.04 -30.28 24.41
CA ASP C 92 -17.85 -30.32 23.56
C ASP C 92 -17.00 -29.07 23.71
N ILE C 93 -17.61 -28.02 24.24
CA ILE C 93 -16.95 -26.74 24.44
C ILE C 93 -15.70 -26.89 25.31
N HIS C 94 -15.80 -27.69 26.36
CA HIS C 94 -14.68 -27.92 27.28
C HIS C 94 -13.46 -28.50 26.55
N HIS C 95 -13.69 -29.50 25.71
CA HIS C 95 -12.61 -30.14 24.97
C HIS C 95 -11.90 -29.16 24.05
N TYR C 96 -12.66 -28.40 23.27
CA TYR C 96 -12.09 -27.42 22.36
C TYR C 96 -11.32 -26.33 23.10
N ARG C 97 -11.83 -25.95 24.28
CA ARG C 97 -11.19 -24.91 25.09
C ARG C 97 -9.79 -25.38 25.53
N GLU C 98 -9.74 -26.56 26.12
CA GLU C 98 -8.48 -27.12 26.59
C GLU C 98 -7.54 -27.41 25.42
N GLN C 99 -8.13 -27.72 24.28
CA GLN C 99 -7.39 -27.99 23.07
C GLN C 99 -6.64 -26.73 22.63
N ILE C 100 -7.36 -25.63 22.55
CA ILE C 100 -6.79 -24.34 22.15
C ILE C 100 -5.73 -23.88 23.15
N LYS C 101 -6.04 -24.04 24.43
CA LYS C 101 -5.13 -23.65 25.50
C LYS C 101 -3.78 -24.33 25.38
N ARG C 102 -3.78 -25.57 24.91
CA ARG C 102 -2.54 -26.32 24.74
C ARG C 102 -1.81 -25.89 23.47
N VAL C 103 -2.56 -25.69 22.39
CA VAL C 103 -1.99 -25.29 21.11
C VAL C 103 -1.26 -23.95 21.22
N LYS C 104 -1.99 -22.91 21.61
CA LYS C 104 -1.41 -21.57 21.74
C LYS C 104 -0.50 -21.47 22.97
N ASP C 105 -0.51 -22.52 23.78
CA ASP C 105 0.30 -22.58 25.00
C ASP C 105 0.00 -21.38 25.89
N SER C 106 -1.28 -21.17 26.15
CA SER C 106 -1.73 -20.07 26.99
C SER C 106 -3.09 -20.42 27.58
N GLU C 107 -3.30 -20.06 28.85
CA GLU C 107 -4.55 -20.34 29.52
C GLU C 107 -5.64 -19.35 29.12
N ASP C 108 -5.29 -18.08 29.05
CA ASP C 108 -6.25 -17.04 28.68
C ASP C 108 -6.01 -16.53 27.27
N VAL C 109 -6.98 -16.76 26.40
CA VAL C 109 -6.90 -16.33 25.01
C VAL C 109 -8.26 -15.80 24.58
N PRO C 110 -8.28 -14.95 23.52
CA PRO C 110 -9.54 -14.37 23.01
C PRO C 110 -10.50 -15.43 22.50
N MET C 111 -11.46 -15.80 23.33
CA MET C 111 -12.44 -16.81 22.97
C MET C 111 -13.85 -16.28 23.19
N VAL C 112 -14.72 -16.48 22.21
CA VAL C 112 -16.10 -16.03 22.31
C VAL C 112 -17.06 -17.21 22.11
N LEU C 113 -17.95 -17.40 23.07
CA LEU C 113 -18.92 -18.48 22.99
C LEU C 113 -20.05 -18.12 22.04
N VAL C 114 -20.20 -18.91 20.99
CA VAL C 114 -21.22 -18.67 19.98
C VAL C 114 -22.29 -19.77 19.98
N GLY C 115 -23.48 -19.44 20.44
CA GLY C 115 -24.56 -20.41 20.47
C GLY C 115 -25.43 -20.29 19.23
N ASN C 116 -25.20 -21.16 18.26
CA ASN C 116 -25.93 -21.13 17.01
C ASN C 116 -27.24 -21.92 17.09
N LYS C 117 -28.10 -21.71 16.09
CA LYS C 117 -29.41 -22.38 16.00
C LYS C 117 -30.34 -21.99 17.15
N CYS C 118 -30.23 -20.75 17.61
CA CYS C 118 -31.07 -20.27 18.70
C CYS C 118 -32.50 -19.99 18.26
N ASP C 119 -32.72 -19.91 16.94
CA ASP C 119 -34.05 -19.64 16.41
C ASP C 119 -34.90 -20.89 16.36
N LEU C 120 -34.26 -22.04 16.52
CA LEU C 120 -34.97 -23.32 16.51
C LEU C 120 -35.68 -23.54 17.84
N PRO C 121 -36.84 -24.21 17.81
CA PRO C 121 -37.62 -24.49 19.02
C PRO C 121 -37.02 -25.63 19.84
N SER C 122 -36.01 -26.28 19.29
CA SER C 122 -35.33 -27.39 19.96
C SER C 122 -34.27 -26.87 20.93
N ARG C 123 -34.55 -25.72 21.53
CA ARG C 123 -33.64 -25.08 22.47
C ARG C 123 -33.44 -25.94 23.72
N THR C 124 -32.37 -26.73 23.72
CA THR C 124 -32.07 -27.59 24.85
C THR C 124 -31.14 -26.89 25.84
N VAL C 125 -30.23 -26.08 25.31
CA VAL C 125 -29.30 -25.34 26.15
C VAL C 125 -29.86 -23.96 26.48
N ASP C 126 -30.15 -23.75 27.74
CA ASP C 126 -30.70 -22.48 28.21
C ASP C 126 -29.62 -21.40 28.20
N THR C 127 -30.05 -20.16 27.96
CA THR C 127 -29.13 -19.04 27.90
C THR C 127 -28.30 -18.88 29.18
N LYS C 128 -28.96 -19.04 30.34
CA LYS C 128 -28.28 -18.90 31.62
C LYS C 128 -27.17 -19.94 31.76
N GLN C 129 -27.43 -21.15 31.26
CA GLN C 129 -26.44 -22.22 31.35
C GLN C 129 -25.15 -21.82 30.63
N ALA C 130 -25.30 -21.34 29.41
CA ALA C 130 -24.15 -20.91 28.61
C ALA C 130 -23.50 -19.66 29.19
N GLN C 131 -24.31 -18.69 29.58
CA GLN C 131 -23.82 -17.43 30.14
C GLN C 131 -23.06 -17.66 31.44
N ASP C 132 -23.65 -18.44 32.34
CA ASP C 132 -23.03 -18.70 33.64
C ASP C 132 -21.71 -19.44 33.48
N LEU C 133 -21.70 -20.40 32.55
CA LEU C 133 -20.51 -21.18 32.28
C LEU C 133 -19.42 -20.29 31.69
N ALA C 134 -19.79 -19.50 30.69
CA ALA C 134 -18.88 -18.58 30.03
C ALA C 134 -18.33 -17.55 31.01
N ARG C 135 -19.21 -17.04 31.88
CA ARG C 135 -18.81 -16.05 32.87
C ARG C 135 -17.81 -16.64 33.86
N SER C 136 -17.87 -17.95 34.05
CA SER C 136 -16.95 -18.63 34.97
C SER C 136 -15.55 -18.68 34.39
N TYR C 137 -15.45 -18.99 33.10
CA TYR C 137 -14.15 -19.07 32.44
C TYR C 137 -13.60 -17.68 32.16
N GLY C 138 -14.50 -16.75 31.87
CA GLY C 138 -14.10 -15.39 31.59
C GLY C 138 -14.23 -15.05 30.12
N ILE C 139 -15.20 -15.67 29.46
CA ILE C 139 -15.44 -15.42 28.04
C ILE C 139 -16.87 -14.95 27.82
N PRO C 140 -17.12 -14.18 26.76
CA PRO C 140 -18.47 -13.69 26.43
C PRO C 140 -19.27 -14.72 25.63
N PHE C 141 -20.58 -14.56 25.64
CA PHE C 141 -21.47 -15.45 24.91
C PHE C 141 -22.49 -14.66 24.10
N ILE C 142 -22.71 -15.07 22.86
CA ILE C 142 -23.66 -14.40 21.97
C ILE C 142 -24.60 -15.42 21.31
N GLU C 143 -25.89 -15.12 21.33
CA GLU C 143 -26.90 -15.98 20.69
C GLU C 143 -26.82 -15.76 19.19
N THR C 144 -26.63 -16.81 18.43
CA THR C 144 -26.50 -16.70 17.00
C THR C 144 -27.42 -17.66 16.25
N SER C 145 -27.63 -17.38 14.97
CA SER C 145 -28.46 -18.20 14.10
C SER C 145 -28.07 -17.94 12.66
N ALA C 146 -27.63 -18.99 11.97
CA ALA C 146 -27.25 -18.85 10.57
C ALA C 146 -28.49 -18.77 9.71
N LYS C 147 -29.55 -19.40 10.20
CA LYS C 147 -30.82 -19.41 9.50
C LYS C 147 -31.46 -18.02 9.49
N THR C 148 -31.26 -17.28 10.56
CA THR C 148 -31.83 -15.94 10.66
C THR C 148 -30.80 -14.86 10.32
N ARG C 149 -29.52 -15.25 10.27
CA ARG C 149 -28.43 -14.32 9.96
C ARG C 149 -28.42 -13.16 10.97
N GLN C 150 -28.64 -13.51 12.23
CA GLN C 150 -28.69 -12.52 13.30
C GLN C 150 -27.64 -12.83 14.36
N GLY C 151 -26.98 -11.79 14.85
CA GLY C 151 -25.95 -11.95 15.87
C GLY C 151 -24.59 -12.29 15.32
N VAL C 152 -24.58 -12.90 14.13
CA VAL C 152 -23.33 -13.30 13.48
C VAL C 152 -22.44 -12.11 13.17
N ASP C 153 -23.06 -11.03 12.72
CA ASP C 153 -22.34 -9.81 12.37
C ASP C 153 -21.45 -9.32 13.51
N ASP C 154 -22.04 -9.21 14.70
CA ASP C 154 -21.32 -8.74 15.86
C ASP C 154 -20.47 -9.82 16.52
N ALA C 155 -20.85 -11.08 16.33
CA ALA C 155 -20.11 -12.20 16.92
C ALA C 155 -18.64 -12.17 16.51
N PHE C 156 -18.40 -12.08 15.21
CA PHE C 156 -17.03 -12.04 14.70
C PHE C 156 -16.32 -10.75 15.12
N TYR C 157 -17.07 -9.66 15.22
CA TYR C 157 -16.49 -8.39 15.61
C TYR C 157 -16.11 -8.39 17.09
N THR C 158 -16.89 -9.09 17.90
CA THR C 158 -16.63 -9.20 19.33
C THR C 158 -15.27 -9.86 19.55
N LEU C 159 -14.95 -10.82 18.68
CA LEU C 159 -13.68 -11.54 18.75
C LEU C 159 -12.52 -10.56 18.58
N VAL C 160 -12.64 -9.67 17.60
CA VAL C 160 -11.62 -8.68 17.33
C VAL C 160 -11.47 -7.73 18.53
N ARG C 161 -12.60 -7.39 19.13
CA ARG C 161 -12.61 -6.52 20.29
C ARG C 161 -11.88 -7.19 21.47
N GLU C 162 -12.01 -8.50 21.56
CA GLU C 162 -11.35 -9.26 22.60
C GLU C 162 -9.84 -9.28 22.38
N ILE C 163 -9.43 -9.43 21.12
CA ILE C 163 -8.01 -9.44 20.76
C ILE C 163 -7.37 -8.11 21.12
N ARG C 164 -8.05 -7.02 20.80
CA ARG C 164 -7.56 -5.68 21.10
C ARG C 164 -7.30 -5.53 22.60
N LYS C 165 -8.22 -6.04 23.40
CA LYS C 165 -8.10 -5.97 24.84
C LYS C 165 -7.03 -6.92 25.36
N HIS C 166 -6.93 -8.10 24.76
CA HIS C 166 -5.96 -9.10 25.17
C HIS C 166 -4.54 -8.54 25.11
N LYS C 167 -4.20 -7.93 23.99
CA LYS C 167 -2.87 -7.36 23.81
C LYS C 167 -2.56 -6.27 24.83
N GLU C 168 -3.52 -5.39 25.08
CA GLU C 168 -3.35 -4.31 26.04
C GLU C 168 -3.31 -4.88 27.46
N LYS C 169 -4.22 -5.81 27.73
CA LYS C 169 -4.31 -6.47 29.03
C LYS C 169 -2.99 -7.13 29.40
N MET C 170 -2.39 -7.83 28.44
CA MET C 170 -1.11 -8.51 28.67
C MET C 170 0.02 -7.51 28.89
N SER C 171 -0.10 -6.35 28.26
CA SER C 171 0.91 -5.30 28.41
C SER C 171 0.80 -4.64 29.79
N LYS C 172 -0.43 -4.54 30.28
CA LYS C 172 -0.68 -3.93 31.59
C LYS C 172 -0.37 -4.92 32.71
N ASP C 173 -0.69 -6.19 32.47
CA ASP C 173 -0.45 -7.25 33.44
C ASP C 173 1.05 -7.50 33.60
N GLY C 174 1.72 -7.67 32.46
CA GLY C 174 3.15 -7.91 32.45
C GLY C 174 3.53 -9.20 33.14
N LYS C 175 4.31 -9.08 34.20
CA LYS C 175 4.76 -10.24 34.96
C LYS C 175 4.99 -9.84 36.41
N LYS C 176 4.85 -10.82 37.30
CA LYS C 176 5.04 -10.61 38.73
C LYS C 176 4.08 -9.55 39.28
N LYS C 177 2.83 -9.96 39.44
CA LYS C 177 1.79 -9.08 39.95
C LYS C 177 1.86 -8.99 41.47
N LYS C 178 1.97 -7.77 41.98
CA LYS C 178 2.05 -7.54 43.41
C LYS C 178 1.22 -6.33 43.82
N LYS C 179 0.61 -6.41 45.01
CA LYS C 179 -0.21 -5.32 45.53
C LYS C 179 0.65 -4.15 45.97
N LYS C 180 0.24 -2.94 45.62
CA LYS C 180 0.98 -1.75 45.99
C LYS C 180 0.44 -1.13 47.28
N SER C 181 1.13 -1.39 48.37
CA SER C 181 0.73 -0.87 49.67
C SER C 181 1.30 0.52 49.87
N LYS C 182 0.49 1.42 50.41
CA LYS C 182 0.93 2.79 50.66
C LYS C 182 0.29 3.33 51.92
N THR C 183 1.09 3.52 52.95
CA THR C 183 0.62 4.02 54.22
C THR C 183 1.43 5.24 54.66
N LYS C 184 0.75 6.24 55.19
CA LYS C 184 1.41 7.45 55.65
C LYS C 184 1.49 7.47 57.18
N CYS C 185 2.41 8.25 57.70
CA CYS C 185 2.59 8.36 59.14
C CYS C 185 2.40 9.80 59.59
N ASN D 1 -8.33 -38.89 0.10
CA ASN D 1 -8.62 -38.19 -1.15
C ASN D 1 -9.02 -36.73 -0.88
N THR D 2 -8.02 -35.92 -0.57
CA THR D 2 -8.24 -34.51 -0.26
C THR D 2 -7.76 -33.64 -1.40
N ILE D 3 -8.66 -32.85 -1.96
CA ILE D 3 -8.32 -31.96 -3.06
C ILE D 3 -8.26 -30.51 -2.59
N ARG D 4 -7.24 -29.80 -3.06
CA ARG D 4 -7.08 -28.40 -2.70
C ARG D 4 -7.67 -27.49 -3.76
N VAL D 5 -8.76 -26.82 -3.43
CA VAL D 5 -9.41 -25.91 -4.36
C VAL D 5 -8.92 -24.49 -4.08
N PHE D 6 -8.37 -23.86 -5.11
CA PHE D 6 -7.83 -22.52 -4.98
C PHE D 6 -8.76 -21.49 -5.60
N LEU D 7 -8.98 -20.40 -4.89
CA LEU D 7 -9.85 -19.34 -5.36
C LEU D 7 -9.03 -18.08 -5.63
N PRO D 8 -9.51 -17.19 -6.54
CA PRO D 8 -8.81 -15.95 -6.92
C PRO D 8 -8.37 -15.10 -5.73
N ASN D 9 -7.30 -14.33 -5.94
CA ASN D 9 -6.72 -13.45 -4.92
C ASN D 9 -6.00 -14.24 -3.82
N LYS D 10 -6.68 -14.48 -2.71
CA LYS D 10 -6.10 -15.23 -1.61
C LYS D 10 -7.16 -15.98 -0.81
N GLN D 11 -7.63 -17.09 -1.36
CA GLN D 11 -8.64 -17.92 -0.71
C GLN D 11 -8.42 -19.38 -1.07
N ARG D 12 -8.53 -20.26 -0.10
CA ARG D 12 -8.33 -21.69 -0.32
C ARG D 12 -9.46 -22.49 0.32
N THR D 13 -9.79 -23.62 -0.28
CA THR D 13 -10.83 -24.49 0.24
C THR D 13 -10.45 -25.96 0.05
N VAL D 14 -10.44 -26.71 1.14
CA VAL D 14 -10.11 -28.13 1.09
C VAL D 14 -11.36 -28.96 1.27
N VAL D 15 -11.82 -29.58 0.21
CA VAL D 15 -13.02 -30.39 0.25
C VAL D 15 -12.70 -31.88 0.16
N ASN D 16 -13.65 -32.70 0.57
CA ASN D 16 -13.47 -34.15 0.56
C ASN D 16 -14.23 -34.76 -0.62
N VAL D 17 -13.50 -35.29 -1.58
CA VAL D 17 -14.11 -35.91 -2.75
C VAL D 17 -14.10 -37.43 -2.64
N ARG D 18 -15.09 -38.09 -3.21
CA ARG D 18 -15.19 -39.53 -3.14
C ARG D 18 -16.11 -40.04 -4.24
N ASN D 19 -16.06 -41.35 -4.49
CA ASN D 19 -16.87 -42.01 -5.51
C ASN D 19 -16.51 -41.56 -6.92
N GLY D 20 -17.13 -40.48 -7.36
CA GLY D 20 -16.88 -39.95 -8.69
C GLY D 20 -17.27 -38.51 -8.79
N MET D 21 -16.29 -37.63 -8.58
CA MET D 21 -16.54 -36.19 -8.63
C MET D 21 -15.53 -35.49 -9.53
N SER D 22 -16.05 -34.77 -10.51
CA SER D 22 -15.20 -34.04 -11.44
C SER D 22 -15.00 -32.61 -10.95
N LEU D 23 -14.22 -31.83 -11.69
CA LEU D 23 -13.95 -30.44 -11.31
C LEU D 23 -15.26 -29.66 -11.21
N HIS D 24 -16.16 -29.93 -12.14
CA HIS D 24 -17.47 -29.27 -12.16
C HIS D 24 -18.25 -29.60 -10.90
N ASP D 25 -18.14 -30.86 -10.45
CA ASP D 25 -18.84 -31.31 -9.25
C ASP D 25 -18.41 -30.50 -8.03
N CYS D 26 -17.10 -30.42 -7.81
CA CYS D 26 -16.55 -29.69 -6.68
C CYS D 26 -16.86 -28.19 -6.76
N LEU D 27 -16.70 -27.64 -7.95
CA LEU D 27 -16.95 -26.21 -8.15
C LEU D 27 -18.44 -25.87 -8.02
N MET D 28 -19.30 -26.85 -8.28
CA MET D 28 -20.74 -26.65 -8.20
C MET D 28 -21.16 -26.44 -6.74
N LYS D 29 -20.40 -27.01 -5.82
CA LYS D 29 -20.68 -26.88 -4.40
C LYS D 29 -20.46 -25.45 -3.94
N ALA D 30 -19.36 -24.85 -4.38
CA ALA D 30 -19.03 -23.48 -4.01
C ALA D 30 -19.77 -22.48 -4.89
N LEU D 31 -20.27 -22.94 -6.03
CA LEU D 31 -21.01 -22.07 -6.95
C LEU D 31 -22.22 -21.45 -6.26
N LYS D 32 -22.97 -22.27 -5.54
CA LYS D 32 -24.16 -21.81 -4.85
C LYS D 32 -23.81 -21.05 -3.57
N VAL D 33 -22.53 -21.06 -3.20
CA VAL D 33 -22.08 -20.36 -2.00
C VAL D 33 -21.55 -18.97 -2.36
N ARG D 34 -20.76 -18.92 -3.42
CA ARG D 34 -20.17 -17.68 -3.89
C ARG D 34 -21.18 -16.85 -4.67
N GLY D 35 -22.04 -17.53 -5.43
CA GLY D 35 -23.03 -16.83 -6.22
C GLY D 35 -22.44 -16.24 -7.49
N LEU D 36 -21.36 -16.86 -7.96
CA LEU D 36 -20.70 -16.40 -9.17
C LEU D 36 -21.16 -17.21 -10.38
N GLN D 37 -20.55 -16.94 -11.53
CA GLN D 37 -20.89 -17.64 -12.76
C GLN D 37 -19.68 -18.39 -13.32
N PRO D 38 -19.91 -19.59 -13.88
CA PRO D 38 -18.85 -20.41 -14.46
C PRO D 38 -18.59 -20.07 -15.92
N GLU D 39 -19.13 -18.93 -16.35
CA GLU D 39 -18.97 -18.48 -17.73
C GLU D 39 -17.58 -17.92 -17.98
N CYS D 40 -17.15 -17.03 -17.09
CA CYS D 40 -15.85 -16.38 -17.21
C CYS D 40 -14.82 -17.06 -16.31
N CYS D 41 -15.20 -18.17 -15.71
CA CYS D 41 -14.29 -18.90 -14.83
C CYS D 41 -13.65 -20.07 -15.57
N ALA D 42 -12.34 -20.22 -15.41
CA ALA D 42 -11.61 -21.29 -16.06
C ALA D 42 -10.80 -22.07 -15.03
N VAL D 43 -10.59 -23.35 -15.29
CA VAL D 43 -9.82 -24.20 -14.38
C VAL D 43 -8.39 -24.39 -14.85
N PHE D 44 -7.45 -24.12 -13.97
CA PHE D 44 -6.04 -24.26 -14.29
C PHE D 44 -5.39 -25.22 -13.29
N ARG D 45 -4.45 -26.02 -13.77
CA ARG D 45 -3.76 -26.97 -12.92
C ARG D 45 -2.47 -26.38 -12.37
N LEU D 46 -1.81 -27.12 -11.49
CA LEU D 46 -0.56 -26.67 -10.90
C LEU D 46 0.54 -26.63 -11.94
N LEU D 47 1.44 -25.65 -11.81
CA LEU D 47 2.55 -25.50 -12.74
C LEU D 47 3.62 -26.56 -12.50
N GLN D 48 3.69 -27.52 -13.40
CA GLN D 48 4.66 -28.59 -13.30
C GLN D 48 5.88 -28.29 -14.17
N GLU D 49 6.90 -27.66 -13.57
CA GLU D 49 8.13 -27.31 -14.28
C GLU D 49 7.82 -26.37 -15.44
N HIS D 50 6.94 -25.42 -15.20
CA HIS D 50 6.55 -24.46 -16.23
C HIS D 50 7.43 -23.21 -16.18
N LYS D 51 7.47 -22.49 -17.29
CA LYS D 51 8.28 -21.27 -17.39
C LYS D 51 7.60 -20.13 -16.63
N GLY D 52 6.27 -20.20 -16.53
CA GLY D 52 5.55 -19.17 -15.83
C GLY D 52 4.24 -18.81 -16.50
N LYS D 53 3.32 -19.77 -16.54
CA LYS D 53 2.02 -19.56 -17.15
C LYS D 53 1.04 -20.62 -16.66
N LYS D 54 -0.20 -20.21 -16.42
CA LYS D 54 -1.24 -21.11 -15.95
C LYS D 54 -1.63 -22.10 -17.04
N ALA D 55 -1.83 -23.36 -16.65
CA ALA D 55 -2.20 -24.41 -17.60
C ALA D 55 -3.69 -24.73 -17.47
N ARG D 56 -4.46 -24.34 -18.48
CA ARG D 56 -5.91 -24.56 -18.49
C ARG D 56 -6.26 -26.03 -18.75
N LEU D 57 -7.23 -26.53 -18.00
CA LEU D 57 -7.69 -27.92 -18.15
C LEU D 57 -9.19 -27.94 -18.50
N ASP D 58 -9.78 -29.13 -18.50
CA ASP D 58 -11.20 -29.29 -18.81
C ASP D 58 -12.01 -29.43 -17.51
N TRP D 59 -13.28 -29.08 -17.59
CA TRP D 59 -14.17 -29.14 -16.42
C TRP D 59 -14.63 -30.57 -16.13
N ASN D 60 -14.49 -31.45 -17.11
CA ASN D 60 -14.92 -32.85 -16.95
C ASN D 60 -13.84 -33.70 -16.29
N THR D 61 -12.70 -33.09 -15.99
CA THR D 61 -11.58 -33.80 -15.36
C THR D 61 -11.93 -34.21 -13.93
N ASP D 62 -11.53 -35.42 -13.56
CA ASP D 62 -11.81 -35.95 -12.22
C ASP D 62 -10.90 -35.32 -11.17
N ALA D 63 -11.45 -35.06 -9.99
CA ALA D 63 -10.72 -34.44 -8.89
C ALA D 63 -9.84 -35.44 -8.15
N ALA D 64 -10.24 -36.72 -8.16
CA ALA D 64 -9.48 -37.75 -7.47
C ALA D 64 -8.15 -38.03 -8.16
N SER D 65 -8.14 -37.87 -9.48
CA SER D 65 -6.93 -38.08 -10.27
C SER D 65 -5.92 -36.97 -10.01
N LEU D 66 -6.39 -35.87 -9.44
CA LEU D 66 -5.54 -34.73 -9.14
C LEU D 66 -5.36 -34.57 -7.64
N ILE D 67 -5.42 -35.70 -6.93
CA ILE D 67 -5.28 -35.70 -5.48
C ILE D 67 -3.95 -35.08 -5.04
N GLY D 68 -4.01 -34.09 -4.16
CA GLY D 68 -2.81 -33.45 -3.68
C GLY D 68 -2.44 -32.22 -4.48
N GLU D 69 -3.11 -32.01 -5.61
CA GLU D 69 -2.84 -30.87 -6.45
C GLU D 69 -3.79 -29.72 -6.11
N GLU D 70 -3.44 -28.51 -6.53
CA GLU D 70 -4.26 -27.34 -6.27
C GLU D 70 -4.98 -26.90 -7.54
N LEU D 71 -6.30 -26.87 -7.47
CA LEU D 71 -7.12 -26.46 -8.60
C LEU D 71 -7.25 -24.94 -8.61
N GLN D 72 -6.56 -24.29 -9.54
CA GLN D 72 -6.60 -22.83 -9.64
C GLN D 72 -7.76 -22.37 -10.51
N VAL D 73 -8.74 -21.73 -9.87
CA VAL D 73 -9.90 -21.22 -10.59
C VAL D 73 -9.69 -19.73 -10.82
N ASP D 74 -9.41 -19.37 -12.06
CA ASP D 74 -9.16 -17.99 -12.42
C ASP D 74 -10.15 -17.52 -13.48
N PHE D 75 -10.27 -16.21 -13.63
CA PHE D 75 -11.18 -15.63 -14.61
C PHE D 75 -10.47 -15.40 -15.93
N LEU D 76 -11.17 -15.64 -17.04
CA LEU D 76 -10.61 -15.45 -18.37
C LEU D 76 -10.58 -13.96 -18.74
N ASP D 77 -10.52 -13.66 -20.03
CA ASP D 77 -10.47 -12.28 -20.48
C ASP D 77 -11.88 -11.66 -20.45
N HIS D 78 -12.41 -11.52 -19.24
CA HIS D 78 -13.73 -10.94 -19.03
C HIS D 78 -13.92 -10.58 -17.57
N VAL D 79 -13.44 -9.40 -17.19
CA VAL D 79 -13.54 -8.89 -15.81
C VAL D 79 -12.99 -9.87 -14.77
N PRO D 80 -11.66 -9.88 -14.58
CA PRO D 80 -11.00 -10.76 -13.61
C PRO D 80 -10.97 -10.15 -12.22
N LEU D 81 -10.64 -10.98 -11.22
CA LEU D 81 -10.57 -10.54 -9.82
C LEU D 81 -11.89 -9.93 -9.34
N THR D 82 -11.81 -8.94 -8.47
CA THR D 82 -12.99 -8.29 -7.95
C THR D 82 -12.88 -6.77 -8.07
N THR D 83 -13.85 -6.15 -8.72
CA THR D 83 -13.84 -4.70 -8.89
C THR D 83 -14.30 -4.03 -7.59
N HIS D 84 -14.18 -2.71 -7.53
CA HIS D 84 -14.59 -1.96 -6.36
C HIS D 84 -16.12 -1.85 -6.34
N ASN D 85 -16.71 -1.91 -5.15
CA ASN D 85 -18.15 -1.82 -5.02
C ASN D 85 -18.55 -0.54 -4.29
N PHE D 86 -19.29 0.30 -4.98
CA PHE D 86 -19.76 1.56 -4.41
C PHE D 86 -20.92 1.35 -3.46
N ALA D 87 -20.60 1.27 -2.17
CA ALA D 87 -21.63 1.07 -1.16
C ALA D 87 -21.97 2.40 -0.49
N ARG D 88 -23.19 2.87 -0.72
CA ARG D 88 -23.64 4.13 -0.14
C ARG D 88 -24.14 3.94 1.29
N LYS D 89 -23.23 3.51 2.15
CA LYS D 89 -23.55 3.28 3.55
C LYS D 89 -22.82 4.30 4.43
N THR D 90 -23.15 4.32 5.71
CA THR D 90 -22.53 5.24 6.65
C THR D 90 -21.34 4.59 7.37
N PHE D 91 -20.75 5.33 8.29
CA PHE D 91 -19.61 4.84 9.07
C PHE D 91 -19.98 4.75 10.54
N LEU D 92 -18.98 4.62 11.39
CA LEU D 92 -19.20 4.51 12.83
C LEU D 92 -18.74 5.80 13.52
N LYS D 93 -17.48 6.14 13.30
CA LYS D 93 -16.90 7.34 13.87
C LYS D 93 -16.57 8.34 12.77
N LEU D 94 -16.39 9.60 13.14
CA LEU D 94 -16.06 10.64 12.17
C LEU D 94 -14.64 10.47 11.66
N ALA D 95 -14.52 9.98 10.44
CA ALA D 95 -13.23 9.76 9.81
C ALA D 95 -12.84 10.94 8.94
N PHE D 96 -11.73 10.81 8.24
CA PHE D 96 -11.24 11.83 7.33
C PHE D 96 -11.19 11.27 5.91
N CYS D 97 -11.09 12.13 4.91
CA CYS D 97 -11.04 11.66 3.54
C CYS D 97 -9.66 11.09 3.20
N ASP D 98 -9.65 10.20 2.23
CA ASP D 98 -8.42 9.57 1.78
C ASP D 98 -7.86 10.34 0.59
N ILE D 99 -8.69 11.23 0.04
CA ILE D 99 -8.30 12.02 -1.11
C ILE D 99 -8.35 13.52 -0.80
N CYS D 100 -9.41 13.97 -0.14
CA CYS D 100 -9.58 15.37 0.18
C CYS D 100 -8.88 15.75 1.48
N GLN D 101 -8.96 17.05 1.82
CA GLN D 101 -8.35 17.57 3.03
C GLN D 101 -9.42 17.77 4.10
N LYS D 102 -10.65 17.37 3.78
CA LYS D 102 -11.76 17.54 4.70
C LYS D 102 -12.14 16.21 5.36
N PHE D 103 -13.04 16.30 6.33
CA PHE D 103 -13.51 15.13 7.06
C PHE D 103 -14.40 14.25 6.19
N LEU D 104 -14.57 12.99 6.59
CA LEU D 104 -15.39 12.06 5.84
C LEU D 104 -16.79 12.00 6.40
N LEU D 105 -17.74 12.49 5.63
CA LEU D 105 -19.14 12.49 6.03
C LEU D 105 -19.84 11.27 5.42
N ASN D 106 -21.14 11.36 5.24
CA ASN D 106 -21.90 10.26 4.65
C ASN D 106 -21.74 10.25 3.12
N GLY D 107 -20.52 9.98 2.68
CA GLY D 107 -20.23 9.93 1.26
C GLY D 107 -20.34 8.54 0.69
N PHE D 108 -19.20 7.97 0.31
CA PHE D 108 -19.18 6.64 -0.27
C PHE D 108 -18.08 5.78 0.33
N ARG D 109 -18.33 4.50 0.43
CA ARG D 109 -17.37 3.54 0.96
C ARG D 109 -17.51 2.22 0.23
N CYS D 110 -16.73 1.24 0.65
CA CYS D 110 -16.77 -0.07 0.01
C CYS D 110 -17.61 -1.07 0.79
N GLN D 111 -17.84 -2.22 0.15
CA GLN D 111 -18.60 -3.31 0.75
C GLN D 111 -17.64 -4.45 1.08
N THR D 112 -16.83 -4.83 0.09
CA THR D 112 -15.87 -5.91 0.26
C THR D 112 -14.46 -5.35 0.48
N CYS D 113 -14.28 -4.07 0.16
CA CYS D 113 -13.00 -3.40 0.32
C CYS D 113 -13.03 -2.46 1.52
N GLY D 114 -12.03 -1.60 1.65
CA GLY D 114 -11.98 -0.69 2.77
C GLY D 114 -11.53 0.71 2.40
N TYR D 115 -12.29 1.38 1.55
CA TYR D 115 -11.96 2.75 1.15
C TYR D 115 -12.95 3.72 1.78
N LYS D 116 -12.56 4.98 1.85
CA LYS D 116 -13.42 6.02 2.42
C LYS D 116 -13.19 7.36 1.71
N PHE D 117 -14.22 7.81 0.99
CA PHE D 117 -14.13 9.06 0.26
C PHE D 117 -15.50 9.70 0.08
N HIS D 118 -15.53 10.85 -0.57
CA HIS D 118 -16.78 11.55 -0.82
C HIS D 118 -17.29 11.18 -2.20
N GLU D 119 -18.41 11.78 -2.59
CA GLU D 119 -18.99 11.53 -3.90
C GLU D 119 -18.13 12.19 -4.97
N HIS D 120 -17.39 13.22 -4.55
CA HIS D 120 -16.52 13.96 -5.46
C HIS D 120 -15.23 13.19 -5.72
N CYS D 121 -14.84 12.33 -4.78
CA CYS D 121 -13.63 11.55 -4.91
C CYS D 121 -13.91 10.20 -5.56
N SER D 122 -15.19 9.87 -5.70
CA SER D 122 -15.60 8.59 -6.30
C SER D 122 -14.94 8.34 -7.65
N THR D 123 -15.05 9.30 -8.56
CA THR D 123 -14.46 9.17 -9.88
C THR D 123 -13.20 10.02 -9.99
N LYS D 124 -12.52 10.17 -8.86
CA LYS D 124 -11.29 10.96 -8.80
C LYS D 124 -10.17 10.17 -8.16
N VAL D 125 -10.52 9.20 -7.33
CA VAL D 125 -9.54 8.38 -6.64
C VAL D 125 -8.70 7.54 -7.61
N PRO D 126 -7.37 7.70 -7.58
CA PRO D 126 -6.45 6.96 -8.44
C PRO D 126 -6.24 5.54 -7.93
N THR D 127 -6.26 5.38 -6.61
CA THR D 127 -6.07 4.10 -5.97
C THR D 127 -7.34 3.25 -6.10
N MET D 128 -7.16 1.96 -6.33
CA MET D 128 -8.29 1.06 -6.46
C MET D 128 -8.29 0.05 -5.33
N CYS D 129 -9.41 -0.64 -5.14
CA CYS D 129 -9.54 -1.64 -4.11
C CYS D 129 -9.08 -3.00 -4.60
N VAL D 130 -8.09 -3.01 -5.49
CA VAL D 130 -7.56 -4.25 -6.03
C VAL D 130 -6.18 -4.51 -5.42
N ASP D 131 -6.17 -5.15 -4.27
CA ASP D 131 -4.94 -5.46 -3.56
C ASP D 131 -4.88 -6.93 -3.23
N TRP D 132 -3.74 -7.37 -2.72
CA TRP D 132 -3.55 -8.76 -2.35
C TRP D 132 -3.06 -8.90 -0.92
C1 PCW E . 6.38 4.50 23.32
C2 PCW E . 7.73 4.75 23.99
C3 PCW E . 8.66 3.58 23.67
C4 PCW E . 2.52 4.91 24.41
C5 PCW E . 1.06 5.36 24.34
C6 PCW E . -1.08 4.71 23.29
C7 PCW E . 0.90 3.17 23.14
C8 PCW E . 0.26 2.99 24.52
C11 PCW E . 10.82 2.83 23.87
C12 PCW E . 12.29 2.91 24.29
C13 PCW E . 12.56 2.13 25.58
C14 PCW E . 14.03 2.27 25.98
C15 PCW E . 14.33 1.49 27.27
C16 PCW E . 15.80 1.64 27.66
C17 PCW E . 16.13 0.85 28.93
C18 PCW E . 17.60 1.00 29.31
C19 PCW E . 17.91 0.27 30.45
C20 PCW E . 18.22 0.93 31.63
C21 PCW E . 18.22 2.32 31.70
C22 PCW E . 19.45 2.91 31.00
C23 PCW E . 19.46 4.44 31.11
C24 PCW E . 20.68 5.02 30.41
C25 PCW E . 20.65 4.73 28.92
C26 PCW E . 19.40 5.32 28.27
C27 PCW E . 19.36 5.03 26.77
C28 PCW E . 18.09 5.60 26.14
C31 PCW E . 9.25 6.41 24.35
C32 PCW E . 10.01 7.70 24.02
C33 PCW E . 11.43 7.66 24.60
C34 PCW E . 12.20 8.95 24.28
C35 PCW E . 13.60 8.91 24.88
C36 PCW E . 14.38 10.18 24.55
C37 PCW E . 15.77 10.15 25.18
C38 PCW E . 16.56 11.42 24.86
C39 PCW E . 17.82 11.40 25.45
C40 PCW E . 18.86 12.14 24.93
C41 PCW E . 18.67 12.94 23.80
C42 PCW E . 19.95 13.04 22.98
C43 PCW E . 20.40 11.66 22.48
C44 PCW E . 21.71 11.76 21.71
C45 PCW E . 22.84 12.33 22.59
C46 PCW E . 24.15 12.42 21.80
C47 PCW E . 25.27 12.99 22.67
C48 PCW E . 26.58 13.08 21.88
N PCW E . 0.22 4.28 23.82
O2 PCW E . 8.29 5.97 23.50
O3 PCW E . 9.97 3.86 24.19
O11 PCW E . 10.40 1.87 23.24
O31 PCW E . 9.48 5.80 25.39
O1P PCW E . 5.13 4.51 25.83
O2P PCW E . 5.50 7.02 25.66
O3P PCW E . 5.47 5.58 23.60
O4P PCW E . 3.33 5.99 24.87
P PCW E . 4.91 5.78 25.10
C1 PCW F . -3.90 -8.02 -23.71
C2 PCW F . -3.10 -7.25 -24.76
C3 PCW F . -3.56 -7.66 -26.14
C4 PCW F . -6.29 -4.72 -25.02
C5 PCW F . -5.65 -3.51 -25.72
C6 PCW F . -7.33 -4.03 -27.47
C7 PCW F . -7.20 -1.71 -26.53
C8 PCW F . -6.06 -1.86 -27.55
C11 PCW F . -2.93 -5.87 -27.46
C12 PCW F . -2.06 -5.18 -28.51
C13 PCW F . -1.62 -6.20 -29.56
C14 PCW F . -0.70 -5.59 -30.61
C15 PCW F . -0.29 -6.65 -31.63
C16 PCW F . 0.45 -7.79 -30.94
C17 PCW F . 0.69 -8.97 -31.89
C18 PCW F . 1.53 -8.55 -33.10
C19 PCW F . 1.74 -9.63 -33.94
C20 PCW F . 2.63 -9.55 -35.01
C21 PCW F . 3.32 -8.37 -35.25
C22 PCW F . 4.39 -8.57 -36.32
C23 PCW F . 5.41 -9.63 -35.89
C24 PCW F . 6.47 -9.83 -36.97
C25 PCW F . 7.49 -10.89 -36.55
C26 PCW F . 8.22 -10.47 -35.27
C27 PCW F . 9.27 -11.51 -34.86
C28 PCW F . 10.01 -11.05 -33.60
C31 PCW F . -2.64 -5.46 -23.41
C32 PCW F . -2.67 -3.98 -22.99
C33 PCW F . -1.78 -3.13 -23.91
C34 PCW F . -0.30 -3.51 -23.80
C35 PCW F . -0.06 -4.95 -24.24
C36 PCW F . 1.42 -5.30 -24.11
C37 PCW F . 1.69 -6.75 -24.51
C38 PCW F . 3.17 -7.09 -24.34
C39 PCW F . 3.43 -8.42 -24.67
C40 PCW F . 4.55 -9.05 -24.14
C41 PCW F . 5.41 -8.35 -23.30
C42 PCW F . 6.24 -9.31 -22.44
C43 PCW F . 7.10 -10.22 -23.31
C44 PCW F . 8.07 -9.39 -24.17
C45 PCW F . 8.94 -10.30 -25.04
C46 PCW F . 9.78 -11.24 -24.17
C47 PCW F . 10.65 -12.15 -25.05
C48 PCW F . 11.47 -13.11 -24.17
N PCW F . -6.54 -3.01 -26.76
O2 PCW F . -3.24 -5.83 -24.57
O3 PCW F . -2.66 -7.16 -27.14
O11 PCW F . -3.88 -5.28 -26.94
O31 PCW F . -2.08 -6.30 -22.71
O1P PCW F . -7.37 -6.54 -23.08
O2P PCW F . -5.23 -6.28 -21.73
O3P PCW F . -5.30 -7.72 -23.79
O4P PCW F . -5.43 -5.20 -24.00
P PCW F . -5.89 -6.42 -23.05
C1 PCW G . 5.11 -12.99 13.79
C2 PCW G . 6.64 -12.97 13.75
C3 PCW G . 7.13 -12.86 12.31
C4 PCW G . 6.95 -9.30 11.68
C5 PCW G . 6.10 -8.03 11.57
C6 PCW G . 6.03 -8.19 14.04
C7 PCW G . 6.83 -6.08 12.95
C8 PCW G . 5.31 -6.07 12.92
C11 PCW G . 8.99 -12.76 10.99
C12 PCW G . 10.49 -12.59 10.71
C13 PCW G . 10.93 -13.37 9.46
C14 PCW G . 12.42 -13.10 9.19
C15 PCW G . 12.95 -13.89 7.99
C16 PCW G . 12.21 -13.55 6.70
C17 PCW G . 12.99 -14.10 5.50
C18 PCW G . 12.24 -13.86 4.17
C19 PCW G . 11.14 -14.69 4.07
C20 PCW G . 9.90 -14.17 3.71
C21 PCW G . 9.73 -12.81 3.46
C22 PCW G . 9.44 -12.55 1.98
C23 PCW G . 9.10 -11.07 1.77
C24 PCW G . 8.83 -10.76 0.30
C25 PCW G . 10.11 -10.94 -0.54
C26 PCW G . 9.86 -10.51 -1.99
C27 PCW G . 11.14 -10.63 -2.82
C28 PCW G . 10.89 -10.17 -4.26
C31 PCW G . 8.40 -12.12 14.94
C32 PCW G . 9.14 -11.09 15.78
C33 PCW G . 10.65 -11.38 15.77
C34 PCW G . 11.20 -11.36 14.34
C35 PCW G . 12.70 -11.66 14.32
C36 PCW G . 13.23 -11.69 12.88
C37 PCW G . 14.72 -12.03 12.86
C38 PCW G . 15.25 -12.10 11.44
C39 PCW G . 16.60 -12.42 11.41
C40 PCW G . 17.46 -11.78 10.53
C41 PCW G . 16.96 -10.80 9.67
C42 PCW G . 17.68 -10.84 8.32
C43 PCW G . 17.50 -12.20 7.64
C44 PCW G . 18.24 -12.24 6.30
C45 PCW G . 19.74 -11.97 6.52
C46 PCW G . 20.33 -12.99 7.50
C47 PCW G . 21.81 -12.70 7.74
C48 PCW G . 22.41 -13.68 8.75
N PCW G . 6.07 -7.33 12.86
O2 PCW G . 7.11 -11.88 14.55
O3 PCW G . 8.56 -12.72 12.29
O11 PCW G . 8.19 -12.94 10.08
O31 PCW G . 8.93 -13.19 14.64
O1P PCW G . 4.99 -11.80 11.15
O2P PCW G . 3.92 -9.74 12.16
O3P PCW G . 4.56 -11.68 13.60
O4P PCW G . 6.35 -10.23 12.58
P PCW G . 4.89 -10.84 12.27
C1 PCW H . -4.99 38.99 -10.67
C2 PCW H . -4.12 40.13 -11.20
C3 PCW H . -3.55 40.91 -10.03
C4 PCW H . -3.85 34.99 -9.20
C5 PCW H . -3.52 34.10 -7.99
C6 PCW H . -4.18 31.83 -8.72
C7 PCW H . -5.11 32.77 -6.59
C8 PCW H . -5.91 33.36 -7.75
C11 PCW H . -3.34 42.82 -11.28
C12 PCW H . -2.59 43.98 -11.94
C13 PCW H . -1.38 44.41 -11.09
C14 PCW H . -0.54 45.43 -11.84
C15 PCW H . -0.01 44.83 -13.14
C16 PCW H . 0.80 45.85 -13.94
C17 PCW H . 1.28 45.23 -15.25
C18 PCW H . 2.12 46.23 -16.06
C19 PCW H . 2.55 45.64 -17.25
C20 PCW H . 2.65 46.41 -18.40
C21 PCW H . 2.34 47.76 -18.39
C22 PCW H . 3.46 48.60 -17.74
C23 PCW H . 4.77 48.43 -18.51
C24 PCW H . 5.88 49.26 -17.87
C25 PCW H . 7.19 49.10 -18.63
C26 PCW H . 8.31 49.90 -17.96
C27 PCW H . 7.95 51.39 -17.91
C28 PCW H . 9.07 52.20 -17.24
C31 PCW H . -3.50 39.17 -13.18
C32 PCW H . -2.52 38.59 -14.20
C33 PCW H . -1.99 39.68 -15.14
C34 PCW H . -1.03 39.09 -16.18
C35 PCW H . -0.50 40.18 -17.12
C36 PCW H . 0.51 39.60 -18.11
C37 PCW H . 1.07 40.69 -19.04
C38 PCW H . -0.04 41.34 -19.87
C39 PCW H . 0.49 42.36 -20.67
C40 PCW H . 0.79 42.12 -22.01
C41 PCW H . 0.57 40.87 -22.57
C42 PCW H . 1.02 40.83 -24.03
C43 PCW H . 0.28 41.87 -24.87
C44 PCW H . 0.77 41.85 -26.33
C45 PCW H . 0.57 40.47 -26.96
C46 PCW H . 1.07 40.46 -28.41
C47 PCW H . 0.80 39.10 -29.06
C48 PCW H . 1.31 39.08 -30.50
N PCW H . -4.49 33.00 -7.90
O2 PCW H . -3.03 39.60 -11.98
O3 PCW H . -2.66 41.93 -10.51
O11 PCW H . -4.56 42.69 -11.43
O31 PCW H . -4.70 39.24 -13.43
O1P PCW H . -3.60 36.59 -11.65
O2P PCW H . -1.82 37.97 -10.48
O3P PCW H . -4.23 38.13 -9.81
O4P PCW H . -2.90 36.06 -9.28
P PCW H . -3.07 37.19 -10.40
C1 PCW I . -6.03 2.60 -29.27
C2 PCW I . -4.57 2.55 -28.80
C3 PCW I . -3.91 1.26 -29.23
C4 PCW I . -5.11 4.67 -25.70
C5 PCW I . -3.73 4.47 -25.07
C6 PCW I . -3.69 6.94 -25.08
C7 PCW I . -3.32 5.70 -22.92
C8 PCW I . -2.01 5.68 -23.70
C11 PCW I . -2.03 -0.02 -28.87
C12 PCW I . -0.67 -0.34 -28.26
C13 PCW I . 0.11 -1.37 -29.09
C14 PCW I . 1.49 -1.61 -28.46
C15 PCW I . 2.30 -2.62 -29.26
C16 PCW I . 2.47 -2.19 -30.72
C17 PCW I . 3.39 -3.12 -31.48
C18 PCW I . 3.44 -2.76 -32.97
C19 PCW I . 4.40 -3.50 -33.65
C20 PCW I . 4.55 -4.87 -33.46
C21 PCW I . 3.76 -5.57 -32.56
C22 PCW I . 4.60 -6.50 -31.69
C23 PCW I . 3.74 -7.29 -30.71
C24 PCW I . 4.62 -8.21 -29.86
C25 PCW I . 3.77 -9.01 -28.85
C26 PCW I . 4.66 -9.92 -28.01
C27 PCW I . 3.82 -10.72 -27.00
C28 PCW I . 4.70 -11.64 -26.16
C31 PCW I . -2.74 3.91 -28.60
C32 PCW I . -1.77 5.02 -29.02
C33 PCW I . -0.54 4.42 -29.71
C34 PCW I . -0.94 3.74 -31.01
C35 PCW I . 0.19 2.85 -31.54
C36 PCW I . -0.20 2.18 -32.86
C37 PCW I . 0.77 1.05 -33.23
C38 PCW I . 0.35 0.38 -34.54
C39 PCW I . 1.00 -0.83 -34.72
C40 PCW I . 2.29 -0.90 -35.21
C41 PCW I . 3.00 0.26 -35.54
C42 PCW I . 3.99 -0.04 -36.67
C43 PCW I . 4.86 1.18 -36.99
C44 PCW I . 5.81 0.88 -38.15
C45 PCW I . 6.73 2.06 -38.43
C46 PCW I . 7.63 2.35 -37.23
C47 PCW I . 8.49 1.12 -36.89
C48 PCW I . 9.44 1.43 -35.73
N PCW I . -3.31 5.69 -24.39
O2 PCW I . -3.86 3.69 -29.34
O3 PCW I . -2.61 1.18 -28.62
O11 PCW I . -2.63 -0.85 -29.56
O31 PCW I . -2.52 3.23 -27.60
O1P PCW I . -7.82 4.51 -26.48
O2P PCW I . -7.54 2.01 -26.83
O3P PCW I . -6.74 3.63 -28.55
O4P PCW I . -5.54 3.46 -26.34
P PCW I . -7.01 3.39 -26.99
C1 PCW J . -6.43 33.47 -22.08
C2 PCW J . -5.55 32.75 -23.10
C3 PCW J . -5.13 31.38 -22.59
C4 PCW J . -6.93 29.07 -21.88
C5 PCW J . -7.41 28.32 -20.63
C6 PCW J . -9.70 28.83 -21.43
C7 PCW J . -9.00 26.44 -21.10
C8 PCW J . -9.35 27.03 -19.73
C11 PCW J . -3.81 29.57 -23.12
C12 PCW J . -2.94 28.71 -24.04
C13 PCW J . -2.05 29.60 -24.92
C14 PCW J . -1.21 28.77 -25.89
C15 PCW J . -0.32 27.78 -25.14
C16 PCW J . 0.61 27.05 -26.10
C17 PCW J . 1.54 28.04 -26.82
C18 PCW J . 2.51 27.33 -27.75
C19 PCW J . 3.38 28.24 -28.34
C20 PCW J . 4.73 27.93 -28.52
C21 PCW J . 5.22 26.71 -28.10
C22 PCW J . 6.03 26.84 -26.81
C23 PCW J . 5.16 27.36 -25.66
C24 PCW J . 5.96 27.46 -24.37
C25 PCW J . 7.13 28.44 -24.52
C26 PCW J . 7.91 28.54 -23.20
C27 PCW J . 9.06 29.54 -23.33
C28 PCW J . 8.55 30.94 -23.68
C31 PCW J . -6.39 33.79 -24.97
C32 PCW J . -7.08 33.82 -26.33
C33 PCW J . -6.37 32.88 -27.31
C34 PCW J . -7.02 32.90 -28.69
C35 PCW J . -6.26 31.97 -29.64
C36 PCW J . -6.90 31.97 -31.03
C37 PCW J . -6.11 31.06 -31.98
C38 PCW J . -6.75 31.04 -33.37
C39 PCW J . -6.02 30.23 -34.22
C40 PCW J . -5.30 30.79 -35.28
C41 PCW J . -5.30 32.16 -35.48
C42 PCW J . -4.65 32.52 -36.81
C43 PCW J . -3.18 32.12 -36.83
C44 PCW J . -2.52 32.45 -38.17
C45 PCW J . -1.04 32.07 -38.18
C46 PCW J . -0.26 32.84 -37.13
C47 PCW J . 1.22 32.46 -37.16
C48 PCW J . 2.02 33.25 -36.11
N PCW J . -8.78 27.86 -20.80
O2 PCW J . -6.24 32.59 -24.35
O3 PCW J . -4.32 30.75 -23.59
O11 PCW J . -4.03 29.23 -21.96
O31 PCW J . -5.97 34.82 -24.45
O1P PCW J . -6.41 31.35 -20.22
O2P PCW J . -8.96 31.40 -20.19
O3P PCW J . -7.66 32.77 -21.86
O4P PCW J . -7.72 30.25 -22.07
P PCW J . -7.69 31.42 -20.97
C1 PCW K . 7.92 -6.91 16.85
C2 PCW K . 9.25 -6.15 16.92
C3 PCW K . 9.54 -5.79 18.37
C4 PCW K . 5.56 -7.37 19.55
C5 PCW K . 5.20 -7.26 21.05
C6 PCW K . 3.40 -8.02 22.56
C7 PCW K . 3.65 -9.10 20.31
C8 PCW K . 4.69 -9.72 21.23
C11 PCW K . 11.05 -4.72 19.72
C12 PCW K . 12.32 -3.93 20.03
C13 PCW K . 13.49 -4.43 19.17
C14 PCW K . 14.76 -3.63 19.45
C15 PCW K . 14.57 -2.14 19.12
C16 PCW K . 15.84 -1.33 19.39
C17 PCW K . 16.09 -1.06 20.87
C18 PCW K . 16.17 -2.33 21.72
C19 PCW K . 14.90 -2.87 21.93
C20 PCW K . 14.76 -4.08 22.60
C21 PCW K . 15.88 -4.76 23.07
C22 PCW K . 16.53 -4.02 24.24
C23 PCW K . 17.73 -4.78 24.78
C24 PCW K . 18.78 -5.00 23.69
C25 PCW K . 19.99 -5.77 24.23
C26 PCW K . 21.05 -5.95 23.14
C27 PCW K . 21.56 -4.60 22.63
C28 PCW K . 22.23 -3.80 23.75
C31 PCW K . 10.12 -7.19 15.07
C32 PCW K . 11.11 -8.06 14.30
C33 PCW K . 12.27 -7.22 13.74
C34 PCW K . 13.06 -6.55 14.86
C35 PCW K . 14.23 -5.75 14.29
C36 PCW K . 15.17 -6.66 13.49
C37 PCW K . 16.34 -5.87 12.89
C38 PCW K . 17.19 -5.22 13.98
C39 PCW K . 18.25 -4.51 13.41
C40 PCW K . 19.50 -4.50 14.04
C41 PCW K . 19.70 -5.19 15.23
C42 PCW K . 20.63 -6.38 15.02
C43 PCW K . 20.88 -7.11 16.34
C44 PCW K . 21.83 -8.30 16.14
C45 PCW K . 22.11 -9.01 17.46
C46 PCW K . 22.79 -8.06 18.45
C47 PCW K . 23.06 -8.76 19.78
C48 PCW K . 23.74 -7.81 20.78
N PCW K . 4.25 -8.33 21.40
O2 PCW K . 10.30 -6.98 16.41
O3 PCW K . 10.77 -5.05 18.42
O11 PCW K . 10.28 -5.05 20.62
O31 PCW K . 9.16 -6.67 14.49
O1P PCW K . 5.62 -8.50 16.86
O2P PCW K . 7.00 -10.45 17.77
O3P PCW K . 7.98 -8.13 17.59
O4P PCW K . 6.21 -8.61 19.30
P PCW K . 6.64 -9.00 17.81
C1 PCW L . -7.79 7.33 -30.55
C2 PCW L . -7.03 8.42 -31.31
C3 PCW L . -7.96 9.13 -32.27
C4 PCW L . -9.78 4.57 -29.86
C5 PCW L . -10.69 3.69 -30.71
C6 PCW L . -10.58 1.60 -32.05
C7 PCW L . -8.67 2.20 -30.52
C8 PCW L . -9.78 1.59 -29.66
C11 PCW L . -8.05 10.80 -33.85
C12 PCW L . -7.48 11.91 -34.73
C13 PCW L . -7.79 11.64 -36.21
C14 PCW L . -7.14 12.70 -37.10
C15 PCW L . -5.62 12.69 -36.92
C16 PCW L . -4.95 13.75 -37.79
C17 PCW L . -3.43 13.72 -37.61
C18 PCW L . -2.74 14.78 -38.48
C19 PCW L . -1.37 14.74 -38.31
C20 PCW L . -0.53 14.83 -39.42
C21 PCW L . -1.07 14.97 -40.70
C22 PCW L . -0.44 16.14 -41.44
C23 PCW L . -1.04 16.29 -42.84
C24 PCW L . -2.55 16.54 -42.77
C25 PCW L . -3.16 16.68 -44.16
C26 PCW L . -4.67 16.91 -44.09
C27 PCW L . -5.26 17.03 -45.49
C28 PCW L . -6.77 17.29 -45.42
C31 PCW L . -5.49 10.08 -30.93
C32 PCW L . -4.81 11.17 -30.10
C33 PCW L . -3.43 11.51 -30.68
C34 PCW L . -2.73 12.57 -29.83
C35 PCW L . -2.52 12.08 -28.39
C36 PCW L . -1.83 13.14 -27.55
C37 PCW L . -1.61 12.65 -26.12
C38 PCW L . -0.93 13.72 -25.26
C39 PCW L . -0.73 13.27 -23.96
C40 PCW L . 0.28 13.82 -23.18
C41 PCW L . 1.12 14.80 -23.70
C42 PCW L . 2.57 14.57 -23.28
C43 PCW L . 3.48 15.65 -23.84
C44 PCW L . 4.94 15.43 -23.42
C45 PCW L . 5.85 16.51 -24.00
C46 PCW L . 7.31 16.29 -23.59
C47 PCW L . 7.82 14.93 -24.07
C48 PCW L . 9.28 14.72 -23.67
N PCW L . -10.09 2.36 -30.88
O2 PCW L . -6.51 9.36 -30.36
O3 PCW L . -7.23 10.13 -33.00
O11 PCW L . -9.25 10.52 -33.90
O31 PCW L . -5.12 9.82 -32.08
O1P PCW L . -8.66 6.33 -27.91
O2P PCW L . -10.72 7.80 -28.11
O3P PCW L . -8.91 7.86 -29.85
O4P PCW L . -10.40 5.84 -29.66
P PCW L . -9.68 6.97 -28.76
C1 17F M . 1.00 17.68 27.45
N1 17F M . 0.45 19.70 26.17
O1 17F M . 3.24 18.12 25.49
P1 17F M . 3.58 17.85 26.90
C2 17F M . 0.57 18.23 26.10
O2 17F M . 4.12 16.51 27.24
C3 17F M . -0.78 17.62 25.70
O3 17F M . 2.30 18.15 27.82
C4 17F M . 5.56 18.67 28.42
O4 17F M . -1.76 18.39 25.59
C5 17F M . 6.55 19.83 28.62
O5 17F M . -0.81 16.38 25.51
C6 17F M . 7.49 19.48 29.77
O6 17F M . 4.64 18.96 27.35
C7 17F M . 9.24 20.19 31.06
O7 17F M . 8.45 20.52 29.99
C8 17F M . 10.35 21.15 31.48
O8 17F M . 9.06 19.14 31.65
C9 17F M . 10.29 22.46 30.70
O9 17F M . 7.29 20.05 27.42
C10 17F M . 11.40 23.42 31.12
O10 17F M . 7.71 22.01 28.40
C11 17F M . 12.77 22.80 30.87
C12 17F M . 13.90 23.74 31.33
C17 17F M . 7.87 21.27 27.44
C18 17F M . 8.73 21.72 26.25
C19 17F M . 9.24 20.52 25.44
C20 17F M . 10.05 19.57 26.31
C1X 17F M . 15.27 23.12 31.07
C1Y 17F M . 10.62 18.41 25.50
C1Z 17F M . 11.63 18.91 24.46
C2X 17F M . 16.39 24.05 31.55
C21 17F M . 16.32 25.28 30.90
C22 17F M . 17.19 25.56 29.85
C23 17F M . 18.13 24.61 29.46
C24 17F M . 19.28 25.26 28.69
C25 17F M . 20.31 24.22 28.25
C26 17F M . 21.47 24.89 27.51
C27 17F M . 22.50 23.85 27.06
C28 17F M . 23.66 24.52 26.33
C29 17F M . 24.69 23.48 25.84
C30 17F M . 25.83 24.17 25.09
C31 17F M . 12.23 17.73 23.67
C32 17F M . 13.31 18.20 22.71
C33 17F M . 12.82 19.06 21.75
C34 17F M . 13.62 20.08 21.24
C35 17F M . 14.93 20.23 21.70
C36 17F M . 15.89 19.32 20.93
C37 17F M . 15.93 19.69 19.45
C38 17F M . 16.91 18.80 18.68
C39 17F M . 17.02 19.20 17.22
C40 17F M . 18.06 18.34 16.49
C41 17F M . 18.15 18.73 15.01
C42 17F M . 19.21 17.89 14.28
HN1 17F M . -0.24 19.75 26.90
HN1A 17F M . -0.10 20.18 25.48
HAC 17F M . 1.19 20.16 26.67
C1 PCW N . 32.20 35.42 -1.90
C2 PCW N . 31.18 36.39 -1.31
C3 PCW N . 30.36 37.01 -2.44
C4 PCW N . 34.34 35.12 2.34
C5 PCW N . 35.76 35.68 2.40
C6 PCW N . 37.07 33.63 2.88
C7 PCW N . 37.43 35.70 4.27
C8 PCW N . 36.16 35.00 4.79
C11 PCW N . 28.65 38.42 -2.93
C12 PCW N . 27.57 39.46 -2.64
C13 PCW N . 26.26 39.08 -3.35
C14 PCW N . 25.17 40.12 -3.08
C15 PCW N . 23.87 39.74 -3.78
C16 PCW N . 22.78 40.77 -3.54
C17 PCW N . 21.47 40.37 -4.24
C18 PCW N . 20.38 41.41 -4.02
C19 PCW N . 19.19 41.03 -4.64
C20 PCW N . 18.19 41.97 -4.85
C21 PCW N . 18.38 43.29 -4.46
C22 PCW N . 17.38 44.21 -5.17
C23 PCW N . 17.58 45.67 -4.78
C24 PCW N . 16.59 46.58 -5.49
C25 PCW N . 15.15 46.23 -5.12
C26 PCW N . 14.90 46.41 -3.62
C27 PCW N . 13.44 46.10 -3.29
C28 PCW N . 13.16 46.27 -1.79
C31 PCW N . 29.65 36.56 0.40
C32 PCW N . 28.62 36.02 1.40
C33 PCW N . 28.50 36.92 2.63
C34 PCW N . 27.37 36.44 3.54
C35 PCW N . 26.04 36.44 2.79
C36 PCW N . 25.65 37.85 2.36
C37 PCW N . 24.40 37.82 1.47
C38 PCW N . 24.00 39.23 1.03
C39 PCW N . 22.99 39.20 0.07
C40 PCW N . 21.67 38.93 0.41
C41 PCW N . 21.31 38.69 1.74
C42 PCW N . 19.99 39.36 2.07
C43 PCW N . 19.54 39.06 3.50
C44 PCW N . 18.21 39.73 3.82
C45 PCW N . 17.71 39.34 5.23
C46 PCW N . 17.44 37.84 5.30
C47 PCW N . 16.41 37.42 4.26
C48 PCW N . 16.10 35.93 4.35
N PCW N . 36.56 34.92 3.38
O2 PCW N . 30.32 35.68 -0.40
O3 PCW N . 29.42 37.94 -1.91
O11 PCW N . 28.81 37.98 -4.07
O31 PCW N . 29.90 37.76 0.33
O1P PCW N . 35.46 35.39 -0.24
O2P PCW N . 33.84 37.30 -0.67
O3P PCW N . 33.10 34.92 -0.91
O4P PCW N . 33.58 35.86 1.37
P PCW N . 34.08 35.94 -0.15
C1 PCW O . 25.60 48.66 -18.37
C2 PCW O . 24.59 47.98 -17.46
C3 PCW O . 23.35 48.86 -17.37
C4 PCW O . 28.29 47.26 -14.83
C5 PCW O . 27.55 46.57 -13.68
C6 PCW O . 29.80 45.70 -13.12
C7 PCW O . 28.48 46.95 -11.38
C8 PCW O . 27.94 45.52 -11.44
C11 PCW O . 21.38 49.15 -16.27
C12 PCW O . 20.17 48.73 -15.42
C13 PCW O . 20.57 48.36 -14.00
C14 PCW O . 19.35 48.04 -13.14
C15 PCW O . 18.39 49.23 -13.09
C16 PCW O . 17.17 48.95 -12.21
C17 PCW O . 16.26 50.17 -12.15
C18 PCW O . 15.73 50.53 -13.54
C19 PCW O . 15.07 51.75 -13.52
C20 PCW O . 13.69 51.84 -13.53
C21 PCW O . 12.89 50.71 -13.57
C22 PCW O . 11.50 51.06 -14.12
C23 PCW O . 10.54 49.87 -14.04
C24 PCW O . 9.16 50.27 -14.59
C25 PCW O . 8.14 49.15 -14.44
C26 PCW O . 6.78 49.59 -14.96
C27 PCW O . 6.27 50.82 -14.21
C28 PCW O . 4.92 51.29 -14.74
C31 PCW O . 25.26 45.80 -17.84
C32 PCW O . 25.13 44.36 -18.34
C33 PCW O . 23.81 44.13 -19.08
C34 PCW O . 23.71 45.01 -20.33
C35 PCW O . 22.53 44.57 -21.20
C36 PCW O . 22.39 45.44 -22.44
C37 PCW O . 21.35 44.87 -23.40
C38 PCW O . 21.17 45.76 -24.64
C39 PCW O . 20.38 45.15 -25.60
C40 PCW O . 19.13 44.63 -25.29
C41 PCW O . 18.62 44.71 -24.00
C42 PCW O . 17.20 45.29 -24.02
C43 PCW O . 16.62 45.33 -22.60
C44 PCW O . 15.23 45.99 -22.60
C45 PCW O . 14.64 46.01 -21.20
C46 PCW O . 13.27 46.70 -21.18
C47 PCW O . 13.39 48.16 -21.61
C48 PCW O . 12.03 48.85 -21.62
N PCW O . 28.50 46.18 -12.63
O2 PCW O . 24.24 46.68 -17.99
O3 PCW O . 22.35 48.24 -16.56
O11 PCW O . 21.50 50.30 -16.64
O31 PCW O . 26.30 46.17 -17.28
O1P PCW O . 29.25 47.93 -17.50
O2P PCW O . 27.78 49.91 -16.87
O3P PCW O . 26.89 48.04 -18.31
O4P PCW O . 27.37 47.66 -15.84
P PCW O . 27.91 48.45 -17.13
C1 PCW P . 38.64 2.31 11.71
C2 PCW P . 37.21 1.80 11.98
C3 PCW P . 36.99 1.69 13.48
C4 PCW P . 40.99 -0.66 8.26
C5 PCW P . 41.79 -0.32 7.01
C6 PCW P . 43.58 -1.32 5.63
C7 PCW P . 42.46 -2.71 7.38
C8 PCW P . 41.53 -2.67 6.16
C11 PCW P . 35.55 0.75 15.01
C12 PCW P . 34.25 0.10 15.46
C13 PCW P . 33.29 -0.10 14.28
C14 PCW P . 32.04 -0.86 14.73
C15 PCW P . 31.06 -1.04 13.55
C16 PCW P . 29.85 -1.87 13.97
C17 PCW P . 29.10 -1.22 15.13
C18 PCW P . 27.90 -2.07 15.55
C19 PCW P . 28.31 -3.34 15.95
C20 PCW P . 27.59 -4.02 16.93
C21 PCW P . 26.46 -3.44 17.50
C22 PCW P . 25.18 -3.99 16.88
C23 PCW P . 23.96 -3.33 17.51
C24 PCW P . 22.66 -3.90 16.92
C25 PCW P . 21.44 -3.24 17.57
C26 PCW P . 21.39 -3.51 19.07
C27 PCW P . 21.25 -5.00 19.37
C28 PCW P . 19.95 -5.55 18.77
C31 PCW P . 36.22 2.59 10.03
C32 PCW P . 35.22 3.44 9.24
C33 PCW P . 34.06 3.87 10.13
C34 PCW P . 33.03 4.70 9.37
C35 PCW P . 32.44 3.90 8.21
C36 PCW P . 31.39 4.73 7.45
C37 PCW P . 30.79 3.95 6.28
C38 PCW P . 29.72 4.77 5.58
C39 PCW P . 29.22 4.11 4.46
C40 PCW P . 27.89 3.68 4.43
C41 PCW P . 27.04 3.93 5.51
C42 PCW P . 26.25 2.67 5.87
C43 PCW P . 25.40 2.19 4.69
C44 PCW P . 24.62 0.93 5.05
C45 PCW P . 23.80 0.43 3.85
C46 PCW P . 22.80 1.49 3.40
C47 PCW P . 21.97 0.99 2.20
C48 PCW P . 20.98 2.05 1.73
N PCW P . 42.42 -1.54 6.49
O2 PCW P . 36.23 2.67 11.39
O3 PCW P . 35.70 1.10 13.69
O11 PCW P . 36.46 0.97 15.80
O31 PCW P . 37.00 1.83 9.44
O1P PCW P . 40.25 -0.09 11.21
O2P PCW P . 38.20 -0.33 9.75
O3P PCW P . 39.07 1.94 10.40
O4P PCW P . 40.37 0.52 8.78
P PCW P . 39.43 0.41 10.08
C1 PCW Q . 29.06 45.58 -7.39
C2 PCW Q . 27.81 46.28 -6.87
C3 PCW Q . 27.24 47.16 -7.98
C4 PCW Q . 33.70 45.23 -7.60
C5 PCW Q . 34.45 46.37 -8.29
C6 PCW Q . 36.79 47.05 -8.73
C7 PCW Q . 36.30 44.68 -8.03
C8 PCW Q . 35.99 44.80 -9.52
C11 PCW Q . 25.35 48.30 -8.61
C12 PCW Q . 23.93 48.83 -8.41
C13 PCW Q . 23.60 48.91 -6.92
C14 PCW Q . 22.15 49.25 -6.65
C15 PCW Q . 21.90 49.37 -5.14
C16 PCW Q . 20.43 49.56 -4.79
C17 PCW Q . 19.83 50.79 -5.48
C18 PCW Q . 18.44 51.09 -4.92
C19 PCW Q . 18.54 51.40 -3.56
C20 PCW Q . 17.44 51.36 -2.72
C21 PCW Q . 16.18 51.01 -3.17
C22 PCW Q . 15.12 51.91 -2.52
C23 PCW Q . 13.70 51.44 -2.85
C24 PCW Q . 13.46 50.01 -2.35
C25 PCW Q . 12.00 49.61 -2.54
C26 PCW Q . 11.08 50.50 -1.71
C27 PCW Q . 9.62 50.09 -1.86
C28 PCW Q . 8.70 50.97 -1.01
C31 PCW Q . 25.89 45.89 -5.70
C32 PCW Q . 24.67 45.10 -5.21
C33 PCW Q . 25.07 43.78 -4.55
C34 PCW Q . 25.71 42.81 -5.55
C35 PCW Q . 24.75 42.50 -6.71
C36 PCW Q . 25.35 41.47 -7.66
C37 PCW Q . 24.49 41.28 -8.90
C38 PCW Q . 23.09 40.80 -8.54
C39 PCW Q . 22.31 40.63 -9.69
C40 PCW Q . 21.07 40.02 -9.62
C41 PCW Q . 20.56 39.59 -8.40
C42 PCW Q . 19.21 38.88 -8.61
C43 PCW Q . 18.65 38.39 -7.28
C44 PCW Q . 17.30 37.70 -7.48
C45 PCW Q . 17.46 36.50 -8.42
C46 PCW Q . 16.12 35.78 -8.62
C47 PCW Q . 16.28 34.56 -9.53
C48 PCW Q . 14.93 33.86 -9.73
N PCW Q . 35.82 45.95 -8.62
O2 PCW Q . 26.81 45.30 -6.51
O3 PCW Q . 25.93 47.61 -7.59
O11 PCW Q . 25.95 48.49 -9.66
O31 PCW Q . 26.06 47.04 -5.33
O1P PCW Q . 31.05 44.85 -9.32
O2P PCW Q . 31.97 47.22 -9.25
O3P PCW Q . 30.06 46.54 -7.78
O4P PCW Q . 32.36 45.64 -7.32
P PCW Q . 31.39 46.06 -8.53
C1 PCW R . 33.97 43.89 6.27
C2 PCW R . 32.78 43.60 7.18
C3 PCW R . 33.02 44.29 8.52
C4 PCW R . 36.21 41.06 6.32
C5 PCW R . 36.80 41.13 7.72
C6 PCW R . 35.59 38.98 7.86
C7 PCW R . 37.89 39.18 8.86
C8 PCW R . 36.89 39.80 9.85
C11 PCW R . 32.86 42.58 9.97
C12 PCW R . 32.20 41.66 11.01
C13 PCW R . 32.32 42.21 12.43
C14 PCW R . 31.59 41.31 13.42
C15 PCW R . 32.15 39.90 13.40
C16 PCW R . 31.35 38.98 14.34
C17 PCW R . 29.89 38.88 13.91
C18 PCW R . 29.10 37.98 14.84
C19 PCW R . 29.65 36.69 14.88
C20 PCW R . 28.94 35.61 14.38
C21 PCW R . 27.67 35.78 13.84
C22 PCW R . 27.25 34.54 13.06
C23 PCW R . 25.85 34.70 12.45
C24 PCW R . 24.81 34.95 13.53
C25 PCW R . 23.40 35.00 12.94
C26 PCW R . 23.27 36.11 11.89
C27 PCW R . 21.86 36.12 11.28
C28 PCW R . 21.73 37.21 10.22
C31 PCW R . 31.13 43.27 5.59
C32 PCW R . 29.84 43.63 4.85
C33 PCW R . 28.58 43.22 5.61
C34 PCW R . 27.33 43.65 4.84
C35 PCW R . 26.03 43.23 5.54
C36 PCW R . 25.96 41.71 5.72
C37 PCW R . 24.62 41.28 6.31
C38 PCW R . 24.37 41.94 7.67
C39 PCW R . 23.15 41.53 8.21
C40 PCW R . 22.00 42.26 7.95
C41 PCW R . 22.03 43.40 7.16
C42 PCW R . 20.62 43.81 6.70
C43 PCW R . 19.72 44.11 7.91
C44 PCW R . 18.32 44.52 7.45
C45 PCW R . 17.43 44.86 8.65
C46 PCW R . 17.27 43.65 9.59
C47 PCW R . 16.36 43.99 10.78
C48 PCW R . 16.21 42.79 11.71
N PCW R . 36.66 39.84 8.39
O2 PCW R . 31.54 44.05 6.63
O3 PCW R . 32.19 43.67 9.51
O11 PCW R . 34.00 42.36 9.59
O31 PCW R . 31.79 42.29 5.25
O1P PCW R . 35.23 41.50 3.58
O2P PCW R . 35.91 43.94 3.78
O3P PCW R . 33.99 43.03 5.12
O4P PCW R . 36.33 42.35 5.68
P PCW R . 35.40 42.71 4.42
C1 PCW S . 37.46 21.19 -2.08
C2 PCW S . 36.29 21.37 -1.10
C3 PCW S . 34.98 21.22 -1.87
C4 PCW S . 40.03 21.51 1.42
C5 PCW S . 40.08 21.72 2.94
C6 PCW S . 37.66 22.21 2.84
C7 PCW S . 38.47 20.23 4.16
C8 PCW S . 38.68 21.49 5.01
C11 PCW S . 33.90 23.11 -1.24
C12 PCW S . 32.83 23.95 -0.54
C13 PCW S . 31.45 23.33 -0.72
C14 PCW S . 30.38 24.16 0.00
C15 PCW S . 29.00 23.51 -0.11
C16 PCW S . 28.52 23.39 -1.55
C17 PCW S . 27.15 22.74 -1.62
C18 PCW S . 26.65 22.61 -3.06
C19 PCW S . 25.41 21.99 -3.10
C20 PCW S . 24.30 22.65 -3.65
C21 PCW S . 24.44 23.93 -4.15
C22 PCW S . 23.83 24.06 -5.54
C23 PCW S . 22.31 23.82 -5.53
C24 PCW S . 21.97 22.38 -5.11
C25 PCW S . 20.45 22.17 -5.12
C26 PCW S . 20.11 20.73 -4.70
C27 PCW S . 20.62 20.43 -3.30
C28 PCW S . 20.28 19.00 -2.87
C31 PCW S . 35.60 20.70 1.01
C32 PCW S . 35.62 19.74 2.21
C33 PCW S . 34.23 19.17 2.50
C34 PCW S . 33.28 20.23 3.03
C35 PCW S . 31.91 19.63 3.39
C36 PCW S . 31.00 20.68 4.03
C37 PCW S . 29.65 20.05 4.40
C38 PCW S . 28.72 21.08 5.06
C39 PCW S . 27.50 20.51 5.39
C40 PCW S . 26.75 21.00 6.45
C41 PCW S . 27.21 22.08 7.19
C42 PCW S . 26.82 21.94 8.67
C43 PCW S . 25.30 21.89 8.83
C44 PCW S . 24.91 21.70 10.30
C45 PCW S . 23.39 21.67 10.47
C46 PCW S . 22.76 23.00 10.04
C47 PCW S . 23.27 24.16 10.89
C48 PCW S . 22.62 25.48 10.47
N PCW S . 38.76 21.53 3.55
O2 PCW S . 36.38 20.40 -0.06
O3 PCW S . 33.88 21.76 -1.12
O11 PCW S . 34.77 23.65 -1.92
O31 PCW S . 34.92 21.72 1.02
O1P PCW S . 40.55 22.98 -1.16
O2P PCW S . 38.13 23.73 -1.09
O3P PCW S . 38.72 21.32 -1.40
O4P PCW S . 39.11 22.45 0.83
P PCW S . 39.15 22.73 -0.75
C1 PCW T . 5.07 -25.74 0.28
C2 PCW T . 6.57 -25.63 0.56
C3 PCW T . 6.76 -25.25 2.02
C4 PCW T . 3.70 -25.04 -3.75
C5 PCW T . 3.21 -23.75 -4.44
C6 PCW T . 3.38 -24.38 -6.83
C7 PCW T . 4.43 -22.23 -6.02
C8 PCW T . 5.37 -23.38 -5.66
C11 PCW T . 8.34 -24.94 3.64
C12 PCW T . 9.76 -24.76 4.20
C13 PCW T . 10.17 -23.29 4.16
C14 PCW T . 11.61 -23.12 4.68
C15 PCW T . 12.60 -23.90 3.82
C16 PCW T . 14.03 -23.73 4.32
C17 PCW T . 14.18 -24.26 5.74
C18 PCW T . 15.62 -24.07 6.25
C19 PCW T . 15.75 -24.57 7.54
C20 PCW T . 17.00 -24.97 8.01
C21 PCW T . 18.11 -24.89 7.20
C22 PCW T . 19.38 -24.63 8.02
C23 PCW T . 20.61 -24.54 7.12
C24 PCW T . 21.88 -24.30 7.94
C25 PCW T . 22.13 -25.45 8.92
C26 PCW T . 23.39 -25.19 9.74
C27 PCW T . 24.63 -25.10 8.85
C28 PCW T . 24.83 -26.40 8.07
C31 PCW T . 7.36 -27.14 -0.97
C32 PCW T . 8.01 -28.45 -1.42
C33 PCW T . 7.48 -28.89 -2.78
C34 PCW T . 7.86 -27.88 -3.88
C35 PCW T . 9.38 -27.78 -4.00
C36 PCW T . 9.78 -26.79 -5.09
C37 PCW T . 11.30 -26.68 -5.22
C38 PCW T . 11.92 -26.21 -3.90
C39 PCW T . 13.30 -26.12 -4.01
C40 PCW T . 14.10 -27.10 -3.42
C41 PCW T . 13.53 -28.16 -2.73
C42 PCW T . 13.35 -27.84 -1.25
C43 PCW T . 12.69 -29.00 -0.51
C44 PCW T . 12.47 -28.66 0.98
C45 PCW T . 11.51 -27.49 1.15
C46 PCW T . 12.06 -26.20 0.54
C47 PCW T . 11.08 -25.04 0.73
C48 PCW T . 11.62 -23.75 0.12
N PCW T . 3.91 -23.58 -5.72
O2 PCW T . 7.21 -26.89 0.35
O3 PCW T . 8.16 -25.12 2.31
O11 PCW T . 7.37 -24.93 4.40
O31 PCW T . 7.01 -26.30 -1.79
O1P PCW T . 3.33 -27.68 -2.41
O2P PCW T . 2.43 -26.42 -0.39
O3P PCW T . 4.83 -26.22 -1.05
O4P PCW T . 3.05 -25.17 -2.49
P PCW T . 3.32 -26.47 -1.57
C1 PCW U . 4.29 -19.71 -8.42
C2 PCW U . 5.74 -19.53 -7.99
C3 PCW U . 6.46 -20.86 -7.90
C4 PCW U . 0.80 -17.29 -7.09
C5 PCW U . -0.01 -17.62 -5.84
C6 PCW U . 1.79 -19.26 -5.39
C7 PCW U . 1.26 -17.52 -3.68
C8 PCW U . 0.21 -18.63 -3.55
C11 PCW U . 8.53 -21.79 -7.52
C12 PCW U . 9.97 -21.79 -7.04
C13 PCW U . 10.94 -21.51 -8.19
C14 PCW U . 12.38 -21.38 -7.70
C15 PCW U . 12.86 -22.67 -7.02
C16 PCW U . 12.85 -23.86 -7.99
C17 PCW U . 13.44 -25.10 -7.33
C18 PCW U . 13.44 -26.29 -8.30
C19 PCW U . 14.14 -26.00 -9.46
C20 PCW U . 15.53 -26.01 -9.48
C21 PCW U . 16.25 -26.30 -8.32
C22 PCW U . 16.60 -25.02 -7.56
C23 PCW U . 17.42 -25.33 -6.31
C24 PCW U . 18.77 -25.98 -6.68
C25 PCW U . 19.61 -26.23 -5.43
C26 PCW U . 20.95 -26.87 -5.80
C27 PCW U . 21.80 -27.12 -4.55
C28 PCW U . 23.14 -27.74 -4.93
C31 PCW U . 6.41 -19.28 -10.17
C32 PCW U . 7.10 -18.58 -11.35
C33 PCW U . 8.45 -19.23 -11.65
C34 PCW U . 9.13 -18.55 -12.85
C35 PCW U . 10.49 -19.20 -13.13
C36 PCW U . 11.45 -19.02 -11.95
C37 PCW U . 12.79 -19.73 -12.20
C38 PCW U . 13.74 -19.55 -11.02
C39 PCW U . 14.93 -20.25 -11.22
C40 PCW U . 16.13 -19.75 -10.72
C41 PCW U . 16.17 -18.54 -10.02
C42 PCW U . 17.60 -18.02 -9.92
C43 PCW U . 17.65 -16.68 -9.19
C44 PCW U . 19.10 -16.18 -9.10
C45 PCW U . 19.17 -14.81 -8.40
C46 PCW U . 20.62 -14.33 -8.32
C47 PCW U . 21.23 -14.20 -9.72
C48 PCW U . 22.69 -13.75 -9.66
N PCW U . 0.83 -18.30 -4.84
O2 PCW U . 6.42 -18.69 -8.94
O3 PCW U . 7.79 -20.64 -7.43
O11 PCW U . 8.02 -22.80 -8.01
O31 PCW U . 5.85 -20.36 -10.33
O1P PCW U . 1.88 -17.09 -9.72
O2P PCW U . 1.85 -19.63 -9.89
O3P PCW U . 3.61 -18.46 -8.56
O4P PCW U . 1.24 -18.49 -7.72
P PCW U . 2.10 -18.42 -9.09
C1 PCW V . 35.92 21.22 -6.17
C2 PCW V . 34.63 22.03 -6.20
C3 PCW V . 33.51 21.22 -5.55
C4 PCW V . 35.24 24.04 -8.32
C5 PCW V . 34.76 24.36 -9.73
C6 PCW V . 32.86 25.87 -9.29
C7 PCW V . 32.53 23.86 -10.77
C8 PCW V . 32.48 23.39 -9.31
C11 PCW V . 31.28 21.18 -5.07
C12 PCW V . 29.89 21.76 -4.85
C13 PCW V . 29.59 22.91 -5.81
C14 PCW V . 28.20 23.48 -5.55
C15 PCW V . 27.88 24.64 -6.51
C16 PCW V . 26.49 25.22 -6.20
C17 PCW V . 26.15 26.39 -7.11
C18 PCW V . 24.75 26.92 -6.79
C19 PCW V . 24.42 28.01 -7.60
C20 PCW V . 25.00 29.25 -7.36
C21 PCW V . 25.90 29.40 -6.30
C22 PCW V . 26.24 30.88 -6.08
C23 PCW V . 25.01 31.69 -5.65
C24 PCW V . 25.38 33.15 -5.43
C25 PCW V . 24.19 33.95 -4.91
C26 PCW V . 24.59 35.41 -4.70
C27 PCW V . 23.41 36.22 -4.15
C28 PCW V . 22.96 35.68 -2.79
C31 PCW V . 33.85 24.17 -5.78
C32 PCW V . 33.86 25.53 -5.08
C33 PCW V . 32.68 25.68 -4.12
C34 PCW V . 32.71 27.04 -3.42
C35 PCW V . 31.53 27.21 -2.47
C36 PCW V . 31.58 28.56 -1.76
C37 PCW V . 30.40 28.77 -0.82
C38 PCW V . 30.36 27.68 0.26
C39 PCW V . 29.32 27.88 1.16
C40 PCW V . 28.00 27.82 0.73
C41 PCW V . 27.69 27.56 -0.60
C42 PCW V . 26.46 28.35 -1.02
C43 PCW V . 26.10 28.09 -2.48
C44 PCW V . 24.87 28.90 -2.91
C45 PCW V . 23.66 28.55 -2.04
C46 PCW V . 22.44 29.37 -2.43
C47 PCW V . 22.07 29.15 -3.89
C48 PCW V . 20.84 29.95 -4.30
N PCW V . 33.30 24.54 -9.71
O2 PCW V . 34.83 23.27 -5.48
O3 PCW V . 32.31 21.98 -5.46
O11 PCW V . 31.49 19.98 -4.92
O31 PCW V . 32.99 23.90 -6.62
O1P PCW V . 36.84 23.89 -5.80
O2P PCW V . 38.86 23.32 -7.22
O3P PCW V . 36.93 21.73 -7.05
O4P PCW V . 36.67 23.87 -8.32
P PCW V . 37.40 23.27 -7.02
C1 PCW W . 36.35 10.89 -7.80
C2 PCW W . 35.00 10.63 -7.12
C3 PCW W . 34.90 11.34 -5.79
C4 PCW W . 35.14 15.20 -6.90
C5 PCW W . 33.75 15.55 -6.35
C6 PCW W . 32.39 17.57 -5.96
C7 PCW W . 34.41 17.72 -7.43
C8 PCW W . 33.27 17.11 -8.26
C11 PCW W . 33.45 11.67 -4.02
C12 PCW W . 32.15 11.44 -3.26
C13 PCW W . 31.60 12.74 -2.66
C14 PCW W . 30.22 12.50 -2.06
C15 PCW W . 29.24 12.06 -3.15
C16 PCW W . 27.88 11.66 -2.56
C17 PCW W . 27.27 12.81 -1.74
C18 PCW W . 25.89 12.42 -1.23
C19 PCW W . 25.92 11.28 -0.45
C20 PCW W . 25.48 10.07 -0.97
C21 PCW W . 24.99 10.01 -2.27
C22 PCW W . 24.43 8.63 -2.60
C23 PCW W . 23.27 8.25 -1.66
C24 PCW W . 22.75 6.86 -1.97
C25 PCW W . 21.59 6.48 -1.04
C26 PCW W . 21.03 5.10 -1.37
C27 PCW W . 19.88 4.73 -0.44
C28 PCW W . 19.31 3.35 -0.79
C31 PCW W . 32.78 10.44 -7.62
C32 PCW W . 31.47 10.76 -8.34
C33 PCW W . 31.06 12.21 -8.08
C34 PCW W . 29.75 12.55 -8.80
C35 PCW W . 28.61 11.68 -8.30
C36 PCW W . 27.31 12.02 -9.03
C37 PCW W . 26.14 11.19 -8.49
C38 PCW W . 24.84 11.52 -9.24
C39 PCW W . 23.76 10.83 -8.72
C40 PCW W . 23.74 9.43 -8.74
C41 PCW W . 24.81 8.72 -9.28
C42 PCW W . 25.58 7.98 -8.18
C43 PCW W . 26.77 7.22 -8.76
C44 PCW W . 27.55 6.50 -7.66
C45 PCW W . 28.75 5.75 -8.24
C46 PCW W . 29.53 5.02 -7.13
C47 PCW W . 30.04 6.01 -6.09
C48 PCW W . 30.78 5.29 -4.96
N PCW W . 33.37 16.89 -6.81
O2 PCW W . 33.93 11.06 -7.98
O3 PCW W . 33.63 11.02 -5.21
O11 PCW W . 34.33 12.42 -3.58
O31 PCW W . 32.80 9.60 -6.71
O1P PCW W . 37.43 12.45 -5.72
O2P PCW W . 37.80 14.36 -7.37
O3P PCW W . 36.57 12.28 -8.05
O4P PCW W . 35.51 13.89 -6.44
P PCW W . 36.94 13.27 -6.85
C1 PCW X . 36.28 25.74 5.68
C2 PCW X . 36.04 25.49 7.18
C3 PCW X . 35.06 26.54 7.66
C4 PCW X . 39.40 27.73 4.98
C5 PCW X . 40.53 27.77 6.01
C6 PCW X . 39.84 29.50 7.65
C7 PCW X . 42.07 29.69 6.52
C8 PCW X . 41.02 30.20 5.53
C11 PCW X . 34.16 27.54 9.48
C12 PCW X . 33.74 27.72 10.94
C13 PCW X . 34.91 28.25 11.79
C14 PCW X . 34.41 28.70 13.17
C15 PCW X . 35.58 29.15 14.05
C16 PCW X . 35.06 29.81 15.33
C17 PCW X . 34.10 28.89 16.09
C18 PCW X . 33.56 29.59 17.34
C19 PCW X . 32.91 30.77 17.01
C20 PCW X . 31.61 31.03 17.45
C21 PCW X . 30.93 30.09 18.24
C22 PCW X . 29.74 30.75 18.94
C23 PCW X . 28.98 29.73 19.80
C24 PCW X . 27.80 30.39 20.50
C25 PCW X . 27.02 29.39 21.37
C26 PCW X . 26.45 28.25 20.53
C27 PCW X . 25.67 27.25 21.39
C28 PCW X . 25.10 26.13 20.55
C31 PCW X . 36.49 23.24 7.20
C32 PCW X . 36.15 21.75 7.30
C33 PCW X . 35.29 21.30 6.10
C34 PCW X . 33.86 21.81 6.24
C35 PCW X . 33.14 21.10 7.38
C36 PCW X . 33.08 19.60 7.12
C37 PCW X . 32.36 18.84 8.23
C38 PCW X . 33.05 19.04 9.58
C39 PCW X . 32.50 18.20 10.55
C40 PCW X . 31.43 18.61 11.34
C41 PCW X . 30.89 19.88 11.20
C42 PCW X . 29.66 20.05 12.09
C43 PCW X . 29.06 21.45 11.97
C44 PCW X . 27.83 21.59 12.86
C45 PCW X . 27.23 22.99 12.77
C46 PCW X . 26.00 23.12 13.67
C47 PCW X . 26.36 22.82 15.13
C48 PCW X . 25.13 22.97 16.03
N PCW X . 40.70 29.15 6.52
O2 PCW X . 35.51 24.17 7.38
O3 PCW X . 34.82 26.43 9.07
O11 PCW X . 33.90 28.42 8.66
O31 PCW X . 37.65 23.59 6.99
O1P PCW X . 38.87 25.74 6.91
O2P PCW X . 39.65 24.01 5.23
O3P PCW X . 37.31 24.91 5.15
O4P PCW X . 39.26 26.38 4.51
P PCW X . 38.85 25.21 5.53
C1 PCW Y . 38.91 7.33 -11.03
C2 PCW Y . 37.38 7.43 -11.10
C3 PCW Y . 37.00 8.85 -11.49
C4 PCW Y . 37.52 6.49 -7.34
C5 PCW Y . 36.53 7.57 -6.92
C6 PCW Y . 35.13 5.61 -6.32
C7 PCW Y . 35.56 7.39 -4.61
C8 PCW Y . 34.46 7.90 -5.53
C11 PCW Y . 34.87 8.50 -10.65
C12 PCW Y . 33.34 8.46 -10.75
C13 PCW Y . 32.83 7.03 -10.55
C14 PCW Y . 31.34 6.93 -10.88
C15 PCW Y . 31.08 7.32 -12.34
C16 PCW Y . 29.60 7.17 -12.71
C17 PCW Y . 29.13 5.71 -12.63
C18 PCW Y . 29.18 5.19 -11.19
C19 PCW Y . 28.73 3.87 -11.12
C20 PCW Y . 27.44 3.55 -11.49
C21 PCW Y . 26.58 4.54 -11.96
C22 PCW Y . 25.40 4.74 -11.00
C23 PCW Y . 24.46 5.83 -11.51
C24 PCW Y . 23.26 6.02 -10.58
C25 PCW Y . 22.34 7.13 -11.08
C26 PCW Y . 21.15 7.31 -10.13
C27 PCW Y . 20.35 6.02 -10.01
C28 PCW Y . 19.14 6.19 -9.09
C31 PCW Y . 36.83 5.26 -11.59
C32 PCW Y . 36.31 4.11 -12.46
C33 PCW Y . 34.83 3.86 -12.20
C34 PCW Y . 33.99 5.09 -12.58
C35 PCW Y . 33.99 5.31 -14.09
C36 PCW Y . 33.34 4.14 -14.81
C37 PCW Y . 33.27 4.38 -16.33
C38 PCW Y . 32.55 3.23 -17.04
C39 PCW Y . 32.44 3.46 -18.39
C40 PCW Y . 31.29 3.09 -19.06
C41 PCW Y . 30.24 2.49 -18.37
C42 PCW Y . 29.56 1.40 -19.22
C43 PCW Y . 28.96 2.00 -20.49
C44 PCW Y . 28.29 0.90 -21.32
C45 PCW Y . 27.66 1.49 -22.59
C46 PCW Y . 26.57 2.51 -22.25
C47 PCW Y . 25.94 3.09 -23.51
C48 PCW Y . 24.84 4.10 -23.16
N PCW Y . 35.52 7.00 -6.02
O2 PCW Y . 36.88 6.51 -12.08
O3 PCW Y . 35.59 8.91 -11.74
O11 PCW Y . 35.45 8.19 -9.62
O31 PCW Y . 37.19 5.04 -10.42
O1P PCW Y . 39.55 4.77 -8.31
O2P PCW Y . 41.00 6.82 -8.66
O3P PCW Y . 39.32 6.12 -10.39
O4P PCW Y . 38.53 7.07 -8.18
P PCW Y . 39.69 6.15 -8.83
C1 PCW Z . 38.11 -5.07 6.70
C2 PCW Z . 36.94 -5.86 6.09
C3 PCW Z . 35.67 -5.02 6.19
C4 PCW Z . 39.51 -9.02 5.44
C5 PCW Z . 38.60 -9.88 4.55
C6 PCW Z . 40.65 -10.07 3.16
C7 PCW Z . 39.50 -12.15 3.97
C8 PCW Z . 38.72 -11.63 2.76
C11 PCW Z . 34.20 -6.64 6.86
C12 PCW Z . 33.00 -7.57 6.72
C13 PCW Z . 31.87 -7.17 7.68
C14 PCW Z . 30.69 -8.14 7.58
C15 PCW Z . 29.58 -7.77 8.55
C16 PCW Z . 30.09 -7.76 10.00
C17 PCW Z . 30.73 -9.11 10.35
C18 PCW Z . 29.73 -10.26 10.20
C19 PCW Z . 30.35 -11.48 10.45
C20 PCW Z . 29.71 -12.46 11.21
C21 PCW Z . 28.45 -12.23 11.75
C22 PCW Z . 27.37 -13.04 11.03
C23 PCW Z . 26.00 -12.84 11.66
C24 PCW Z . 24.93 -13.63 10.92
C25 PCW Z . 25.26 -15.13 10.90
C26 PCW Z . 24.19 -15.92 10.16
C27 PCW Z . 24.54 -17.42 10.12
C28 PCW Z . 25.88 -17.65 9.42
C31 PCW Z . 36.49 -7.23 4.28
C32 PCW Z . 36.71 -7.71 2.85
C33 PCW Z . 35.42 -7.72 2.02
C34 PCW Z . 34.84 -6.32 1.87
C35 PCW Z . 33.75 -6.31 0.79
C36 PCW Z . 33.18 -4.91 0.57
C37 PCW Z . 32.31 -4.89 -0.70
C38 PCW Z . 31.71 -3.51 -0.94
C39 PCW Z . 31.20 -3.43 -2.24
C40 PCW Z . 29.88 -3.06 -2.49
C41 PCW Z . 29.01 -2.76 -1.44
C42 PCW Z . 27.59 -2.57 -2.00
C43 PCW Z . 26.59 -2.26 -0.89
C44 PCW Z . 25.18 -2.10 -1.47
C45 PCW Z . 24.15 -1.77 -0.38
C46 PCW Z . 22.76 -1.64 -0.98
C47 PCW Z . 21.72 -1.29 0.08
C48 PCW Z . 20.33 -1.17 -0.52
N PCW Z . 39.43 -10.71 3.67
O2 PCW Z . 37.25 -6.19 4.74
O3 PCW Z . 34.52 -5.80 5.84
O11 PCW Z . 34.88 -6.65 7.89
O31 PCW Z . 35.69 -7.78 5.01
O1P PCW Z . 40.84 -7.61 7.53
O2P PCW Z . 38.58 -7.18 8.62
O3P PCW Z . 39.32 -5.82 6.65
O4P PCW Z . 38.70 -8.24 6.34
P PCW Z . 39.41 -7.26 7.40
C1 PCW AA . 36.46 -5.35 -7.99
C2 PCW AA . 35.39 -6.10 -8.79
C3 PCW AA . 35.99 -7.40 -9.29
C4 PCW AA . 36.25 -1.35 -8.54
C5 PCW AA . 36.82 -0.46 -9.64
C6 PCW AA . 34.50 -0.59 -10.50
C7 PCW AA . 35.54 1.67 -10.09
C8 PCW AA . 36.07 1.15 -11.42
C11 PCW AA . 34.45 -7.49 -10.99
C12 PCW AA . 33.32 -8.12 -11.81
C13 PCW AA . 33.63 -9.59 -12.11
C14 PCW AA . 32.45 -10.27 -12.81
C15 PCW AA . 32.75 -11.75 -13.04
C16 PCW AA . 31.53 -12.48 -13.61
C17 PCW AA . 31.81 -13.96 -13.83
C18 PCW AA . 30.54 -14.69 -14.27
C19 PCW AA . 29.56 -14.58 -13.29
C20 PCW AA . 29.47 -15.52 -12.28
C21 PCW AA . 30.35 -16.60 -12.22
C22 PCW AA . 30.23 -17.35 -10.90
C23 PCW AA . 28.78 -17.78 -10.64
C24 PCW AA . 28.24 -18.61 -11.81
C25 PCW AA . 29.09 -19.86 -12.04
C26 PCW AA . 28.57 -20.64 -13.25
C27 PCW AA . 27.11 -21.05 -13.04
C28 PCW AA . 26.59 -21.84 -14.25
C31 PCW AA . 33.41 -5.37 -7.89
C32 PCW AA . 32.11 -5.49 -7.10
C33 PCW AA . 32.18 -6.61 -6.06
C34 PCW AA . 30.81 -6.86 -5.44
C35 PCW AA . 30.86 -7.95 -4.38
C36 PCW AA . 29.46 -8.29 -3.84
C37 PCW AA . 29.56 -9.29 -2.69
C38 PCW AA . 28.18 -9.68 -2.17
C39 PCW AA . 28.30 -10.44 -1.01
C40 PCW AA . 27.67 -11.67 -0.87
C41 PCW AA . 26.90 -12.20 -1.89
C42 PCW AA . 26.73 -13.72 -1.71
C43 PCW AA . 25.86 -14.35 -2.80
C44 PCW AA . 25.79 -15.87 -2.61
C45 PCW AA . 24.93 -16.53 -3.69
C46 PCW AA . 23.48 -16.04 -3.63
C47 PCW AA . 22.62 -16.73 -4.69
C48 PCW AA . 21.17 -16.25 -4.62
N PCW AA . 35.72 0.23 -10.33
O2 PCW AA . 34.27 -6.42 -7.95
O3 PCW AA . 34.97 -8.17 -9.93
O11 PCW AA . 34.92 -6.40 -11.29
O31 PCW AA . 33.69 -4.32 -8.49
O1P PCW AA . 36.20 -2.37 -5.68
O2P PCW AA . 38.18 -3.83 -6.32
O3P PCW AA . 35.95 -4.15 -7.41
O4P PCW AA . 37.30 -2.10 -7.94
P PCW AA . 36.96 -3.10 -6.73
C1 PCW BA . 31.53 -0.60 -22.96
C2 PCW BA . 31.59 -1.48 -21.71
C3 PCW BA . 32.14 -0.66 -20.56
C4 PCW BA . 31.62 -2.41 -27.15
C5 PCW BA . 32.83 -2.80 -27.99
C6 PCW BA . 33.85 -2.19 -30.17
C7 PCW BA . 32.15 -0.66 -29.12
C8 PCW BA . 33.49 -0.41 -28.43
C11 PCW BA . 33.47 -2.20 -19.54
C12 PCW BA . 33.90 -3.13 -18.40
C13 PCW BA . 32.76 -4.03 -17.94
C14 PCW BA . 33.21 -4.93 -16.79
C15 PCW BA . 32.08 -5.84 -16.32
C16 PCW BA . 32.53 -6.74 -15.17
C17 PCW BA . 31.42 -7.70 -14.74
C18 PCW BA . 30.18 -6.94 -14.24
C19 PCW BA . 30.48 -6.19 -13.11
C20 PCW BA . 29.45 -5.81 -12.24
C21 PCW BA . 28.15 -6.18 -12.53
C22 PCW BA . 27.76 -7.46 -11.77
C23 PCW BA . 26.33 -7.87 -12.09
C24 PCW BA . 25.33 -6.77 -11.70
C25 PCW BA . 23.90 -7.19 -12.03
C26 PCW BA . 22.90 -6.10 -11.64
C27 PCW BA . 21.47 -6.52 -11.97
C28 PCW BA . 20.47 -5.43 -11.59
C31 PCW BA . 30.31 -3.04 -20.59
C32 PCW BA . 29.00 -3.68 -20.13
C33 PCW BA . 28.37 -4.54 -21.23
C34 PCW BA . 26.98 -5.03 -20.81
C35 PCW BA . 26.05 -3.84 -20.56
C36 PCW BA . 24.65 -4.28 -20.15
C37 PCW BA . 23.75 -3.06 -19.89
C38 PCW BA . 22.34 -3.47 -19.51
C39 PCW BA . 21.55 -2.35 -19.25
C40 PCW BA . 20.23 -2.30 -19.68
C41 PCW BA . 19.66 -3.37 -20.35
C42 PCW BA . 18.15 -3.19 -20.50
C43 PCW BA . 17.52 -4.35 -21.27
C44 PCW BA . 16.01 -4.14 -21.42
C45 PCW BA . 15.36 -5.33 -22.14
C46 PCW BA . 15.95 -5.52 -23.54
C47 PCW BA . 15.33 -6.73 -24.23
C48 PCW BA . 15.96 -6.93 -25.61
N PCW BA . 33.14 -1.73 -28.97
O2 PCW BA . 30.26 -1.95 -21.40
O3 PCW BA . 32.35 -1.45 -19.39
O11 PCW BA . 34.13 -2.12 -20.57
O31 PCW BA . 31.39 -3.52 -20.27
O1P PCW BA . 29.44 -0.95 -26.01
O2P PCW BA . 31.06 0.87 -25.30
O3P PCW BA . 30.96 -1.32 -24.06
O4P PCW BA . 31.91 -1.23 -26.41
P PCW BA . 30.77 -0.56 -25.48
C1 PCW CA . 27.57 20.35 -38.32
C2 PCW CA . 26.13 19.84 -38.31
C3 PCW CA . 26.10 18.37 -37.90
C4 PCW CA . 28.43 24.44 -36.90
C5 PCW CA . 29.81 24.40 -36.20
C6 PCW CA . 29.26 23.79 -33.86
C7 PCW CA . 30.67 25.81 -34.31
C8 PCW CA . 29.22 26.20 -34.55
C11 PCW CA . 24.72 16.65 -37.29
C12 PCW CA . 23.37 16.01 -36.91
C13 PCW CA . 22.36 16.13 -38.05
C14 PCW CA . 20.97 15.69 -37.60
C15 PCW CA . 20.96 14.23 -37.13
C16 PCW CA . 21.30 13.26 -38.26
C17 PCW CA . 21.16 11.82 -37.79
C18 PCW CA . 21.48 10.83 -38.92
C19 PCW CA . 21.30 9.52 -38.50
C20 PCW CA . 20.54 8.65 -39.27
C21 PCW CA . 19.95 9.08 -40.45
C22 PCW CA . 18.79 8.18 -40.88
C23 PCW CA . 17.65 8.20 -39.87
C24 PCW CA . 18.08 7.67 -38.50
C25 PCW CA . 16.92 7.71 -37.51
C26 PCW CA . 17.38 7.22 -36.13
C27 PCW CA . 16.23 7.23 -35.12
C28 PCW CA . 15.64 8.64 -34.96
C31 PCW CA . 24.06 20.68 -37.78
C32 PCW CA . 23.03 21.45 -36.96
C33 PCW CA . 22.22 20.50 -36.08
C34 PCW CA . 21.48 19.46 -36.92
C35 PCW CA . 20.50 20.14 -37.89
C36 PCW CA . 19.81 19.10 -38.77
C37 PCW CA . 18.79 19.76 -39.71
C38 PCW CA . 17.68 20.46 -38.92
C39 PCW CA . 16.75 21.04 -39.77
C40 PCW CA . 15.86 22.01 -39.28
C41 PCW CA . 15.91 22.39 -37.96
C42 PCW CA . 14.82 21.71 -37.14
C43 PCW CA . 13.43 22.04 -37.68
C44 PCW CA . 12.34 21.35 -36.84
C45 PCW CA . 10.95 21.67 -37.38
C46 PCW CA . 9.86 20.99 -36.54
C47 PCW CA . 9.90 21.49 -35.10
C48 PCW CA . 8.80 20.83 -34.26
N PCW CA . 29.68 24.83 -34.80
O2 PCW CA . 25.36 20.62 -37.39
O3 PCW CA . 24.75 17.95 -37.66
O11 PCW CA . 25.76 15.99 -37.27
O31 PCW CA . 23.73 20.14 -38.85
O1P PCW CA . 29.73 21.94 -37.41
O2P PCW CA . 29.74 22.50 -39.88
O3P PCW CA . 27.65 21.71 -38.74
O4P PCW CA . 28.56 24.01 -38.25
P PCW CA . 29.03 22.51 -38.59
C1 PCW DA . 37.04 19.60 9.51
C2 PCW DA . 36.53 18.31 10.15
C3 PCW DA . 35.77 18.66 11.42
C4 PCW DA . 39.98 16.77 7.10
C5 PCW DA . 39.99 15.25 7.19
C6 PCW DA . 40.47 15.39 4.77
C7 PCW DA . 42.03 14.09 6.26
C8 PCW DA . 40.80 13.21 5.97
C11 PCW DA . 36.24 16.90 12.81
C12 PCW DA . 35.94 15.63 13.62
C13 PCW DA . 35.85 15.96 15.11
C14 PCW DA . 35.72 14.68 15.96
C15 PCW DA . 34.41 13.94 15.69
C16 PCW DA . 33.19 14.77 16.12
C17 PCW DA . 31.91 13.93 16.05
C18 PCW DA . 30.71 14.72 16.53
C19 PCW DA . 29.57 13.92 16.59
C20 PCW DA . 28.38 14.43 17.09
C21 PCW DA . 28.30 15.75 17.52
C22 PCW DA . 26.88 16.29 17.40
C23 PCW DA . 25.91 15.60 18.36
C24 PCW DA . 24.49 16.14 18.17
C25 PCW DA . 23.52 15.55 19.19
C26 PCW DA . 23.89 15.97 20.62
C27 PCW DA . 22.88 15.43 21.63
C28 PCW DA . 23.26 15.83 23.06
C31 PCW DA . 35.47 16.35 9.54
C32 PCW DA . 34.51 15.49 8.72
C33 PCW DA . 33.88 14.40 9.58
C34 PCW DA . 33.17 14.99 10.80
C35 PCW DA . 32.44 13.90 11.58
C36 PCW DA . 31.31 13.30 10.75
C37 PCW DA . 30.63 12.14 11.48
C38 PCW DA . 29.49 11.57 10.66
C39 PCW DA . 28.97 10.42 11.24
C40 PCW DA . 27.85 10.48 12.07
C41 PCW DA . 27.23 11.69 12.34
C42 PCW DA . 25.96 11.46 13.17
C43 PCW DA . 25.26 12.78 13.51
C44 PCW DA . 24.00 12.50 14.33
C45 PCW DA . 23.29 13.81 14.70
C46 PCW DA . 22.03 13.51 15.54
C47 PCW DA . 21.34 14.82 15.95
C48 PCW DA . 20.10 14.52 16.78
N PCW DA . 40.69 14.67 6.04
O2 PCW DA . 35.63 17.66 9.22
O3 PCW DA . 35.27 17.47 12.07
O11 PCW DA . 37.37 17.39 12.84
O31 PCW DA . 36.13 15.86 10.46
O1P PCW DA . 40.10 19.56 7.36
O2P PCW DA . 39.81 19.21 9.86
O3P PCW DA . 37.81 19.34 8.33
O4P PCW DA . 39.34 17.33 8.25
P PCW DA . 39.36 18.93 8.47
C1 PCW EA . 27.13 39.54 -19.86
C2 PCW EA . 25.60 39.58 -19.90
C3 PCW EA . 25.19 41.01 -20.22
C4 PCW EA . 28.97 36.79 -22.31
C5 PCW EA . 29.24 37.10 -23.78
C6 PCW EA . 29.62 35.80 -25.85
C7 PCW EA . 28.51 34.70 -23.88
C8 PCW EA . 27.45 35.53 -24.60
C11 PCW EA . 23.05 40.75 -19.37
C12 PCW EA . 21.53 40.82 -19.43
C13 PCW EA . 21.07 42.25 -19.73
C14 PCW EA . 19.55 42.35 -19.83
C15 PCW EA . 19.11 43.80 -20.08
C16 PCW EA . 19.61 44.69 -18.94
C17 PCW EA . 19.21 46.16 -19.14
C18 PCW EA . 19.78 46.73 -20.45
C19 PCW EA . 19.66 48.11 -20.45
C20 PCW EA . 18.99 48.78 -21.46
C21 PCW EA . 18.40 48.10 -22.51
C22 PCW EA . 19.00 48.54 -23.85
C23 PCW EA . 18.20 47.99 -25.04
C24 PCW EA . 16.78 48.57 -25.04
C25 PCW EA . 15.98 48.05 -26.23
C26 PCW EA . 14.58 48.66 -26.26
C27 PCW EA . 13.80 48.31 -24.99
C28 PCW EA . 12.40 48.92 -25.01
C31 PCW EA . 25.17 37.43 -20.50
C32 PCW EA . 24.77 36.28 -21.42
C33 PCW EA . 23.76 36.73 -22.49
C34 PCW EA . 24.38 37.79 -23.41
C35 PCW EA . 23.39 38.16 -24.52
C36 PCW EA . 23.99 39.21 -25.46
C37 PCW EA . 23.02 39.52 -26.60
C38 PCW EA . 23.60 40.57 -27.56
C39 PCW EA . 22.71 40.80 -28.61
C40 PCW EA . 22.59 42.08 -29.15
C41 PCW EA . 23.34 43.14 -28.65
C42 PCW EA . 22.71 44.48 -29.03
C43 PCW EA . 23.56 45.65 -28.53
C44 PCW EA . 22.94 46.99 -28.93
C45 PCW EA . 21.55 47.15 -28.33
C46 PCW EA . 20.92 48.49 -28.71
C47 PCW EA . 19.53 48.64 -28.10
C48 PCW EA . 18.91 49.99 -28.46
N PCW EA . 28.87 35.94 -24.59
O2 PCW EA . 25.14 38.71 -20.94
O3 PCW EA . 23.78 41.12 -20.46
O11 PCW EA . 23.62 40.35 -18.35
O31 PCW EA . 25.53 37.20 -19.35
O1P PCW EA . 29.97 38.94 -19.29
O2P PCW EA . 29.40 36.46 -19.46
O3P PCW EA . 27.60 38.20 -19.68
O4P PCW EA . 29.30 37.94 -21.50
P PCW EA . 29.16 37.87 -19.90
C1 PCW FA . 37.25 25.52 13.01
C2 PCW FA . 36.01 25.76 13.87
C3 PCW FA . 35.40 24.43 14.27
C4 PCW FA . 40.51 25.44 10.15
C5 PCW FA . 40.14 24.67 8.89
C6 PCW FA . 37.93 23.85 9.64
C7 PCW FA . 39.51 22.27 8.49
C8 PCW FA . 39.94 22.40 9.95
C11 PCW FA . 33.28 25.27 14.48
C12 PCW FA . 31.98 25.59 15.23
C13 PCW FA . 32.27 26.28 16.56
C14 PCW FA . 30.98 26.53 17.34
C15 PCW FA . 30.03 27.45 16.57
C16 PCW FA . 28.72 27.63 17.35
C17 PCW FA . 27.78 28.60 16.62
C18 PCW FA . 26.48 28.79 17.41
C19 PCW FA . 25.65 29.73 16.82
C20 PCW FA . 24.31 29.46 16.65
C21 PCW FA . 23.76 28.26 17.08
C22 PCW FA . 22.34 28.45 17.59
C23 PCW FA . 21.71 27.12 18.01
C24 PCW FA . 21.60 26.17 16.82
C25 PCW FA . 20.76 26.78 15.70
C26 PCW FA . 20.67 25.86 14.49
C27 PCW FA . 19.81 26.48 13.39
C28 PCW FA . 18.37 26.69 13.85
C31 PCW FA . 37.35 25.83 15.73
C32 PCW FA . 37.94 26.44 16.99
C33 PCW FA . 37.09 26.14 18.23
C34 PCW FA . 35.71 26.79 18.12
C35 PCW FA . 34.94 26.69 19.44
C36 PCW FA . 33.61 27.42 19.35
C37 PCW FA . 32.95 27.50 20.74
C38 PCW FA . 31.63 28.27 20.66
C39 PCW FA . 31.08 28.46 21.92
C40 PCW FA . 30.29 27.48 22.50
C41 PCW FA . 30.04 26.28 21.84
C42 PCW FA . 29.67 25.18 22.84
C43 PCW FA . 29.40 23.85 22.15
C44 PCW FA . 29.02 22.78 23.18
C45 PCW FA . 28.79 21.43 22.50
C46 PCW FA . 30.07 20.98 21.79
C47 PCW FA . 29.88 19.60 21.14
C48 PCW FA . 31.14 19.19 20.38
N PCW FA . 39.30 23.51 9.23
O2 PCW FA . 36.39 26.51 15.04
O3 PCW FA . 34.27 24.63 15.13
O11 PCW FA . 33.42 25.60 13.31
O31 PCW FA . 37.74 24.74 15.31
O1P PCW FA . 39.77 28.16 11.84
O2P PCW FA . 40.27 26.01 13.10
O3P PCW FA . 37.90 26.75 12.68
O4P PCW FA . 39.32 25.93 10.77
P PCW FA . 39.42 26.76 12.14
C1 PCW GA . 40.96 7.86 12.41
C2 PCW GA . 39.66 7.41 13.10
C3 PCW GA . 39.31 5.99 12.67
C4 PCW GA . 42.80 5.47 10.55
C5 PCW GA . 43.28 4.16 9.91
C6 PCW GA . 44.45 2.09 10.59
C7 PCW GA . 43.40 3.54 12.35
C8 PCW GA . 42.30 2.71 11.72
C11 PCW GA . 38.21 5.27 14.55
C12 PCW GA . 36.98 4.89 15.38
C13 PCW GA . 36.99 5.60 16.74
C14 PCW GA . 35.68 5.37 17.49
C15 PCW GA . 35.66 6.12 18.82
C16 PCW GA . 34.27 6.03 19.46
C17 PCW GA . 33.23 6.62 18.52
C18 PCW GA . 31.81 6.58 19.12
C19 PCW GA . 30.89 7.07 18.20
C20 PCW GA . 29.64 7.53 18.62
C21 PCW GA . 29.29 7.52 19.97
C22 PCW GA . 27.87 8.05 20.15
C23 PCW GA . 27.46 8.07 21.62
C24 PCW GA . 26.03 8.58 21.77
C25 PCW GA . 25.58 8.59 23.24
C26 PCW GA . 24.15 9.11 23.36
C27 PCW GA . 23.68 9.09 24.82
C28 PCW GA . 23.68 7.68 25.39
C31 PCW GA . 39.98 8.77 14.91
C32 PCW GA . 40.23 9.10 16.39
C33 PCW GA . 38.98 8.88 17.23
C34 PCW GA . 39.27 9.19 18.70
C35 PCW GA . 38.03 8.97 19.58
C36 PCW GA . 38.34 9.27 21.05
C37 PCW GA . 37.11 9.09 21.93
C38 PCW GA . 37.45 9.41 23.39
C39 PCW GA . 36.34 9.27 24.21
C40 PCW GA . 35.42 10.31 24.31
C41 PCW GA . 35.62 11.49 23.58
C42 PCW GA . 34.41 11.79 22.69
C43 PCW GA . 34.64 13.05 21.87
C44 PCW GA . 33.42 13.38 21.00
C45 PCW GA . 32.20 13.74 21.85
C46 PCW GA . 31.79 12.58 22.76
C47 PCW GA . 30.57 12.94 23.60
C48 PCW GA . 30.15 11.77 24.50
N PCW GA . 43.48 3.13 10.94
O2 PCW GA . 39.83 7.48 14.53
O3 PCW GA . 38.05 5.61 13.25
O11 PCW GA . 39.34 5.26 15.05
O31 PCW GA . 39.90 9.67 14.08
O1P PCW GA . 43.45 8.44 11.31
O2P PCW GA . 44.51 7.43 13.38
O3P PCW GA . 42.06 7.11 12.91
O4P PCW GA . 43.77 5.93 11.49
P PCW GA . 43.53 7.32 12.28
C1 PCW HA . 32.45 -11.24 -20.47
C2 PCW HA . 31.36 -10.25 -20.87
C3 PCW HA . 30.59 -10.80 -22.08
C4 PCW HA . 33.38 -7.65 -21.81
C5 PCW HA . 34.74 -6.96 -21.84
C6 PCW HA . 33.36 -4.95 -21.40
C7 PCW HA . 35.33 -5.44 -19.93
C8 PCW HA . 35.85 -4.80 -21.22
C11 PCW HA . 28.84 -10.33 -23.50
C12 PCW HA . 27.74 -9.45 -24.10
C13 PCW HA . 26.66 -9.09 -23.08
C14 PCW HA . 25.77 -7.99 -23.64
C15 PCW HA . 24.68 -7.56 -22.67
C16 PCW HA . 23.45 -8.47 -22.71
C17 PCW HA . 23.69 -9.86 -22.10
C18 PCW HA . 22.40 -10.68 -22.18
C19 PCW HA . 22.52 -11.91 -21.55
C20 PCW HA . 21.61 -12.26 -20.56
C21 PCW HA . 20.60 -11.37 -20.22
C22 PCW HA . 20.45 -11.27 -18.70
C23 PCW HA . 19.83 -12.52 -18.10
C24 PCW HA . 18.35 -12.65 -18.49
C25 PCW HA . 17.71 -13.87 -17.84
C26 PCW HA . 16.21 -13.92 -18.12
C27 PCW HA . 15.93 -13.99 -19.63
C28 PCW HA . 14.43 -14.05 -19.90
C31 PCW HA . 29.72 -8.93 -19.99
C32 PCW HA . 28.66 -8.52 -18.96
C33 PCW HA . 28.98 -9.09 -17.58
C34 PCW HA . 27.87 -8.75 -16.59
C35 PCW HA . 27.73 -7.23 -16.44
C36 PCW HA . 26.59 -6.88 -15.49
C37 PCW HA . 26.49 -5.37 -15.30
C38 PCW HA . 25.32 -5.00 -14.39
C39 PCW HA . 25.27 -3.62 -14.19
C40 PCW HA . 24.05 -2.96 -14.12
C41 PCW HA . 22.85 -3.66 -14.25
C42 PCW HA . 21.70 -2.71 -14.56
C43 PCW HA . 20.37 -3.47 -14.70
C44 PCW HA . 19.23 -2.50 -15.00
C45 PCW HA . 17.89 -3.23 -15.13
C46 PCW HA . 16.76 -2.24 -15.42
C47 PCW HA . 15.41 -2.96 -15.52
C48 PCW HA . 14.29 -1.96 -15.83
N PCW HA . 34.64 -5.64 -21.22
O2 PCW HA . 30.45 -10.07 -19.78
O3 PCW HA . 29.60 -9.84 -22.48
O11 PCW HA . 29.05 -11.46 -23.93
O31 PCW HA . 29.95 -8.22 -20.97
O1P PCW HA . 34.85 -9.57 -20.35
O2P PCW HA . 35.51 -10.44 -22.64
O3P PCW HA . 33.47 -11.31 -21.48
O4P PCW HA . 33.50 -8.96 -22.39
P PCW HA . 34.45 -10.06 -21.69
C1 PCW IA . 28.41 31.55 -11.54
C2 PCW IA . 27.28 32.34 -12.22
C3 PCW IA . 27.17 33.74 -11.64
C4 PCW IA . 30.43 35.30 -10.30
C5 PCW IA . 30.29 36.42 -11.33
C6 PCW IA . 30.85 37.91 -9.43
C7 PCW IA . 32.29 37.92 -11.49
C8 PCW IA . 31.05 38.77 -11.78
C11 PCW IA . 25.99 35.71 -11.82
C12 PCW IA . 24.90 36.62 -12.40
C13 PCW IA . 25.50 37.65 -13.35
C14 PCW IA . 24.41 38.46 -14.06
C15 PCW IA . 23.53 39.21 -13.07
C16 PCW IA . 22.42 39.96 -13.81
C17 PCW IA . 21.52 40.75 -12.84
C18 PCW IA . 20.40 41.46 -13.61
C19 PCW IA . 19.61 42.21 -12.75
C20 PCW IA . 18.32 41.80 -12.45
C21 PCW IA . 17.81 40.64 -13.02
C22 PCW IA . 17.91 39.47 -12.03
C23 PCW IA . 17.09 39.75 -10.76
C24 PCW IA . 15.60 39.85 -11.06
C25 PCW IA . 15.06 38.54 -11.62
C26 PCW IA . 13.55 38.63 -11.88
C27 PCW IA . 13.00 37.29 -12.40
C28 PCW IA . 11.50 37.38 -12.66
C31 PCW IA . 26.33 32.64 -14.29
C32 PCW IA . 26.35 32.79 -15.82
C33 PCW IA . 27.03 31.58 -16.47
C34 PCW IA . 26.13 30.36 -16.45
C35 PCW IA . 24.93 30.55 -17.39
C36 PCW IA . 24.05 29.30 -17.45
C37 PCW IA . 22.98 29.45 -18.52
C38 PCW IA . 22.01 30.60 -18.21
C39 PCW IA . 21.20 30.87 -19.30
C40 PCW IA . 19.92 30.32 -19.42
C41 PCW IA . 19.41 29.47 -18.44
C42 PCW IA . 18.02 28.97 -18.85
C43 PCW IA . 17.44 28.03 -17.81
C44 PCW IA . 16.05 27.56 -18.24
C45 PCW IA . 15.43 26.61 -17.21
C46 PCW IA . 14.04 26.16 -17.66
C47 PCW IA . 13.40 25.23 -16.62
C48 PCW IA . 12.00 24.78 -17.06
N PCW IA . 31.00 37.62 -10.87
O2 PCW IA . 27.49 32.36 -13.64
O3 PCW IA . 26.08 34.43 -12.27
O11 PCW IA . 26.75 36.12 -10.95
O31 PCW IA . 25.28 32.74 -13.66
O1P PCW IA . 31.53 33.58 -12.41
O2P PCW IA . 29.17 34.10 -13.21
O3P PCW IA . 29.70 31.95 -12.00
O4P PCW IA . 29.72 34.14 -10.76
P PCW IA . 30.07 33.51 -12.19
C1 PCW JA . 31.21 45.55 0.22
C2 PCW JA . 29.87 44.85 -0.02
C3 PCW JA . 28.73 45.73 0.48
C4 PCW JA . 33.24 43.63 2.55
C5 PCW JA . 31.77 43.25 2.40
C6 PCW JA . 30.39 41.51 1.30
C7 PCW JA . 32.88 41.20 1.45
C8 PCW JA . 32.29 40.82 2.81
C11 PCW JA . 27.52 43.98 1.30
C12 PCW JA . 26.29 43.08 1.47
C13 PCW JA . 25.25 43.76 2.35
C14 PCW JA . 24.07 42.83 2.68
C15 PCW JA . 23.06 43.54 3.58
C16 PCW JA . 22.38 44.69 2.85
C17 PCW JA . 21.32 44.17 1.88
C18 PCW JA . 20.13 43.61 2.64
C19 PCW JA . 19.54 44.59 3.43
C20 PCW JA . 18.40 44.36 4.18
C21 PCW JA . 17.77 43.12 4.18
C22 PCW JA . 16.33 43.24 3.70
C23 PCW JA . 15.56 41.93 3.89
C24 PCW JA . 15.49 41.57 5.38
C25 PCW JA . 14.70 40.28 5.61
C26 PCW JA . 13.25 40.43 5.15
C27 PCW JA . 13.16 40.67 3.65
C28 PCW JA . 11.70 40.84 3.21
C31 PCW JA . 30.75 43.84 -1.88
C32 PCW JA . 30.83 43.48 -3.36
C33 PCW JA . 30.61 41.97 -3.57
C34 PCW JA . 31.01 41.55 -4.99
C35 PCW JA . 30.15 42.21 -6.06
C36 PCW JA . 30.63 41.79 -7.46
C37 PCW JA . 29.76 42.34 -8.58
C38 PCW JA . 28.33 41.80 -8.51
C39 PCW JA . 27.66 42.03 -9.70
C40 PCW JA . 26.77 43.10 -9.85
C41 PCW JA . 26.52 43.98 -8.82
C42 PCW JA . 25.64 45.14 -9.30
C43 PCW JA . 24.28 44.65 -9.81
C44 PCW JA . 23.46 45.80 -10.38
C45 PCW JA . 22.08 45.34 -10.84
C46 PCW JA . 21.21 44.91 -9.65
C47 PCW JA . 21.84 43.74 -8.90
C48 PCW JA . 20.94 43.31 -7.73
N PCW JA . 31.67 41.85 1.95
O2 PCW JA . 29.71 44.60 -1.42
O3 PCW JA . 27.48 45.01 0.42
O11 PCW JA . 28.53 43.79 1.97
O31 PCW JA . 31.59 43.44 -1.08
O1P PCW JA . 33.77 46.26 0.91
O2P PCW JA . 32.81 47.43 2.96
O3P PCW JA . 31.42 45.80 1.61
O4P PCW JA . 33.34 44.97 3.04
P PCW JA . 32.91 46.21 2.11
C1 PCW KA . 27.81 31.79 -26.16
C2 PCW KA . 26.61 31.45 -25.27
C3 PCW KA . 26.67 32.37 -24.06
C4 PCW KA . 30.39 29.01 -27.97
C5 PCW KA . 31.67 28.52 -27.29
C6 PCW KA . 30.54 26.30 -27.39
C7 PCW KA . 32.81 26.59 -28.44
C8 PCW KA . 33.01 26.42 -26.93
C11 PCW KA . 25.71 32.88 -22.06
C12 PCW KA . 24.65 32.81 -20.95
C13 PCW KA . 23.31 33.36 -21.43
C14 PCW KA . 22.27 33.31 -20.31
C15 PCW KA . 20.90 33.82 -20.78
C16 PCW KA . 19.87 33.71 -19.67
C17 PCW KA . 18.48 34.19 -20.13
C18 PCW KA . 17.45 34.05 -19.01
C19 PCW KA . 16.20 34.46 -19.41
C20 PCW KA . 15.15 34.43 -18.50
C21 PCW KA . 15.37 34.01 -17.20
C22 PCW KA . 14.34 32.96 -16.76
C23 PCW KA . 14.64 32.45 -15.36
C24 PCW KA . 13.62 31.40 -14.92
C25 PCW KA . 12.20 31.98 -14.92
C26 PCW KA . 12.09 33.14 -13.94
C27 PCW KA . 12.41 32.69 -12.51
C28 PCW KA . 12.30 33.85 -11.53
C31 PCW KA . 25.02 30.56 -26.64
C32 PCW KA . 23.76 30.55 -27.50
C33 PCW KA . 23.20 29.14 -27.66
C34 PCW KA . 22.06 29.11 -28.69
C35 PCW KA . 20.89 29.98 -28.26
C36 PCW KA . 20.23 29.44 -26.99
C37 PCW KA . 19.01 30.27 -26.60
C38 PCW KA . 18.32 29.68 -25.38
C39 PCW KA . 17.18 30.42 -25.05
C40 PCW KA . 16.23 29.90 -24.17
C41 PCW KA . 16.42 28.64 -23.62
C42 PCW KA . 15.59 28.48 -22.35
C43 PCW KA . 14.10 28.64 -22.64
C44 PCW KA . 13.26 28.48 -21.36
C45 PCW KA . 11.77 28.63 -21.66
C46 PCW KA . 10.94 28.51 -20.38
C47 PCW KA . 11.35 29.57 -19.34
C48 PCW KA . 10.51 29.44 -18.08
N PCW KA . 31.81 27.06 -27.47
O2 PCW KA . 25.39 31.68 -25.98
O3 PCW KA . 25.54 32.14 -23.19
O11 PCW KA . 26.71 33.57 -21.93
O31 PCW KA . 25.69 29.53 -26.52
O1P PCW KA . 28.62 30.58 -29.69
O2P PCW KA . 29.35 32.67 -28.45
O3P PCW KA . 27.84 31.00 -27.35
O4P PCW KA . 30.26 30.42 -27.78
P PCW KA . 29.02 31.22 -28.41
C1 PCW LA . 39.22 21.85 15.11
C2 PCW LA . 37.72 21.96 15.40
C3 PCW LA . 36.93 21.57 14.16
C4 PCW LA . 41.07 19.06 12.16
C5 PCW LA . 41.44 17.74 11.46
C6 PCW LA . 39.28 16.58 11.07
C7 PCW LA . 41.12 15.40 12.29
C8 PCW LA . 40.43 16.33 13.29
C11 PCW LA . 34.77 21.14 13.49
C12 PCW LA . 33.30 20.80 13.74
C13 PCW LA . 33.22 19.63 14.71
C14 PCW LA . 31.78 19.28 15.09
C15 PCW LA . 31.80 18.11 16.09
C16 PCW LA . 32.65 18.45 17.30
C17 PCW LA . 32.88 17.23 18.19
C18 PCW LA . 33.77 17.58 19.39
C19 PCW LA . 34.11 16.45 20.11
C20 PCW LA . 33.83 16.35 21.47
C21 PCW LA . 33.18 17.39 22.13
C22 PCW LA . 32.40 16.85 23.34
C23 PCW LA . 31.68 17.97 24.09
C24 PCW LA . 30.93 17.41 25.29
C25 PCW LA . 30.17 18.52 26.04
C26 PCW LA . 29.41 17.95 27.23
C27 PCW LA . 28.40 16.89 26.79
C28 PCW LA . 27.62 16.33 28.00
C31 PCW LA . 37.93 21.45 17.64
C32 PCW LA . 37.59 20.67 18.91
C33 PCW LA . 36.24 21.12 19.47
C34 PCW LA . 36.26 22.62 19.79
C35 PCW LA . 34.87 23.12 20.21
C36 PCW LA . 33.86 22.97 19.07
C37 PCW LA . 32.50 23.55 19.44
C38 PCW LA . 31.51 23.40 18.28
C39 PCW LA . 30.28 23.97 18.59
C40 PCW LA . 29.11 23.22 18.51
C41 PCW LA . 29.16 21.89 18.12
C42 PCW LA . 27.83 21.20 18.39
C43 PCW LA . 27.90 19.71 18.05
C44 PCW LA . 26.58 19.01 18.38
C45 PCW LA . 25.43 19.53 17.50
C46 PCW LA . 25.69 19.22 16.02
C47 PCW LA . 24.51 19.67 15.15
C48 PCW LA . 24.74 19.30 13.69
N PCW LA . 40.52 16.66 11.87
O2 PCW LA . 37.36 21.07 16.46
O3 PCW LA . 35.57 21.38 14.55
O11 PCW LA . 35.23 21.20 12.34
O31 PCW LA . 38.70 22.42 17.68
O1P PCW LA . 41.75 21.33 13.78
O2P PCW LA . 41.78 19.82 15.83
O3P PCW LA . 39.61 20.52 14.79
O4P PCW LA . 41.13 18.89 13.58
P PCW LA . 41.16 20.19 14.53
C1 PCW MA . 30.57 0.99 -33.90
C2 PCW MA . 29.55 -0.06 -33.47
C3 PCW MA . 30.08 -0.90 -32.31
C4 PCW MA . 31.13 0.42 -37.74
C5 PCW MA . 31.95 -0.77 -38.22
C6 PCW MA . 33.41 -2.53 -37.29
C7 PCW MA . 31.95 -1.18 -35.75
C8 PCW MA . 31.08 -2.25 -36.39
C11 PCW MA . 29.77 -2.85 -31.16
C12 PCW MA . 29.04 -4.14 -30.79
C13 PCW MA . 27.65 -4.16 -31.43
C14 PCW MA . 26.99 -5.53 -31.26
C15 PCW MA . 25.59 -5.53 -31.85
C16 PCW MA . 24.98 -6.93 -31.82
C17 PCW MA . 25.82 -7.88 -32.67
C18 PCW MA . 25.24 -9.30 -32.65
C19 PCW MA . 25.22 -9.82 -31.36
C20 PCW MA . 24.24 -10.73 -30.98
C21 PCW MA . 23.25 -11.12 -31.88
C22 PCW MA . 23.04 -12.64 -31.80
C23 PCW MA . 22.60 -13.06 -30.39
C24 PCW MA . 22.38 -14.56 -30.31
C25 PCW MA . 21.92 -14.98 -28.91
C26 PCW MA . 20.60 -14.31 -28.53
C27 PCW MA . 20.17 -14.74 -27.13
C28 PCW MA . 18.85 -14.08 -26.73
C31 PCW MA . 27.27 -0.28 -33.29
C32 PCW MA . 25.85 0.21 -32.97
C33 PCW MA . 24.94 0.18 -34.20
C34 PCW MA . 24.71 -1.25 -34.68
C35 PCW MA . 23.69 -1.28 -35.83
C36 PCW MA . 23.41 -2.72 -36.25
C37 PCW MA . 22.33 -2.74 -37.35
C38 PCW MA . 21.98 -4.18 -37.76
C39 PCW MA . 20.97 -4.19 -38.71
C40 PCW MA . 19.70 -3.71 -38.39
C41 PCW MA . 19.44 -3.22 -37.11
C42 PCW MA . 18.63 -4.21 -36.29
C43 PCW MA . 18.36 -3.67 -34.88
C44 PCW MA . 17.56 -4.66 -34.04
C45 PCW MA . 17.29 -4.10 -32.64
C46 PCW MA . 16.48 -5.09 -31.79
C47 PCW MA . 15.13 -5.38 -32.45
C48 PCW MA . 14.31 -6.35 -31.60
N PCW MA . 32.23 -1.68 -37.10
O2 PCW MA . 28.31 0.58 -33.14
O3 PCW MA . 29.23 -2.03 -32.08
O11 PCW MA . 30.84 -2.54 -30.62
O31 PCW MA . 27.46 -1.42 -33.70
O1P PCW MA . 30.42 3.23 -36.99
O2P PCW MA . 32.18 3.08 -35.16
O3P PCW MA . 30.12 1.66 -35.08
O4P PCW MA . 31.88 1.19 -36.79
P PCW MA . 31.19 2.42 -36.01
C1 PCW NA . 31.11 7.64 -31.67
C2 PCW NA . 30.34 8.80 -31.03
C3 PCW NA . 31.34 9.79 -30.48
C4 PCW NA . 29.15 5.69 -35.05
C5 PCW NA . 30.32 5.64 -36.03
C6 PCW NA . 30.26 7.83 -37.16
C7 PCW NA . 30.17 5.73 -38.54
C8 PCW NA . 28.76 5.99 -37.97
C11 PCW NA . 30.23 11.79 -30.72
C12 PCW NA . 29.47 13.03 -30.22
C13 PCW NA . 30.44 14.19 -29.94
C14 PCW NA . 29.74 15.34 -29.22
C15 PCW NA . 30.73 16.47 -28.92
C16 PCW NA . 31.12 17.24 -30.19
C17 PCW NA . 30.03 18.27 -30.54
C18 PCW NA . 28.65 17.63 -30.68
C19 PCW NA . 27.69 18.59 -30.95
C20 PCW NA . 26.42 18.51 -30.39
C21 PCW NA . 26.10 17.45 -29.55
C22 PCW NA . 24.62 17.08 -29.68
C23 PCW NA . 23.71 18.22 -29.24
C24 PCW NA . 22.24 17.85 -29.38
C25 PCW NA . 21.33 18.95 -28.86
C26 PCW NA . 21.54 20.26 -29.63
C27 PCW NA . 20.63 21.36 -29.11
C28 PCW NA . 20.84 22.67 -29.87
C31 PCW NA . 28.40 8.69 -32.29
C32 PCW NA . 27.41 9.20 -33.33
C33 PCW NA . 25.99 8.70 -33.02
C34 PCW NA . 25.54 9.13 -31.62
C35 PCW NA . 24.10 8.72 -31.36
C36 PCW NA . 23.16 9.36 -32.39
C37 PCW NA . 21.70 8.96 -32.16
C38 PCW NA . 21.52 7.44 -32.24
C39 PCW NA . 20.17 7.10 -32.18
C40 PCW NA . 19.55 6.89 -30.97
C41 PCW NA . 20.25 7.02 -29.77
C42 PCW NA . 19.35 7.57 -28.66
C43 PCW NA . 18.90 9.00 -28.98
C44 PCW NA . 17.93 9.51 -27.92
C45 PCW NA . 18.53 9.41 -26.51
C46 PCW NA . 19.82 10.24 -26.41
C47 PCW NA . 20.40 10.14 -25.01
C48 PCW NA . 21.70 10.96 -24.90
N PCW NA . 29.97 6.39 -37.24
O2 PCW NA . 29.50 9.45 -32.00
O3 PCW NA . 30.68 10.88 -29.82
O11 PCW NA . 30.45 11.64 -31.92
O31 PCW NA . 28.23 7.61 -31.71
O1P PCW NA . 31.81 5.91 -33.94
O2P PCW NA . 31.14 4.30 -32.09
O3P PCW NA . 30.22 6.63 -32.14
O4P PCW NA . 29.48 4.96 -33.87
P PCW NA . 30.77 5.39 -33.02
C1 PCW OA . 37.61 15.06 -0.29
C2 PCW OA . 36.59 15.94 0.44
C3 PCW OA . 35.19 15.60 -0.06
C4 PCW OA . 39.51 13.61 -2.82
C5 PCW OA . 40.97 13.53 -3.27
C6 PCW OA . 42.27 13.12 -5.34
C7 PCW OA . 39.80 13.56 -5.50
C8 PCW OA . 40.50 14.91 -5.32
C11 PCW OA . 32.97 15.89 0.54
C12 PCW OA . 31.83 16.56 1.31
C13 PCW OA . 31.38 15.68 2.49
C14 PCW OA . 30.32 16.40 3.31
C15 PCW OA . 29.79 15.50 4.43
C16 PCW OA . 28.77 16.24 5.30
C17 PCW OA . 27.63 16.81 4.45
C18 PCW OA . 26.90 15.71 3.70
C19 PCW OA . 26.28 14.83 4.57
C20 PCW OA . 24.90 14.65 4.54
C21 PCW OA . 24.15 15.37 3.62
C22 PCW OA . 23.67 16.70 4.22
C23 PCW OA . 22.77 16.45 5.43
C24 PCW OA . 22.37 17.78 6.09
C25 PCW OA . 21.64 18.70 5.11
C26 PCW OA . 21.26 20.01 5.78
C27 PCW OA . 22.50 20.75 6.28
C28 PCW OA . 22.12 22.05 6.99
C31 PCW OA . 37.60 16.30 2.49
C32 PCW OA . 37.73 16.12 4.00
C33 PCW OA . 37.43 17.44 4.74
C34 PCW OA . 37.06 17.16 6.20
C35 PCW OA . 35.73 16.40 6.28
C36 PCW OA . 35.84 15.03 5.62
C37 PCW OA . 34.46 14.40 5.42
C38 PCW OA . 34.58 13.04 4.73
C39 PCW OA . 33.34 12.57 4.31
C40 PCW OA . 32.59 11.70 5.08
C41 PCW OA . 33.06 11.25 6.32
C42 PCW OA . 31.98 10.44 7.03
C43 PCW OA . 32.46 9.94 8.39
C44 PCW OA . 31.37 9.14 9.11
C45 PCW OA . 31.85 8.65 10.47
C46 PCW OA . 30.76 7.85 11.18
C47 PCW OA . 31.24 7.33 12.54
C48 PCW OA . 30.12 6.53 13.22
N PCW OA . 41.05 13.68 -4.73
O2 PCW OA . 36.60 15.64 1.84
O3 PCW OA . 34.25 16.33 0.73
O11 PCW OA . 32.76 14.98 -0.25
O31 PCW OA . 38.37 17.03 1.86
O1P PCW OA . 40.98 15.40 -1.19
O2P PCW OA . 40.82 13.71 0.69
O3P PCW OA . 38.93 15.28 0.20
O4P PCW OA . 39.44 13.43 -1.40
P PCW OA . 40.17 14.47 -0.40
C1 PCW PA . 43.99 4.38 5.32
C2 PCW PA . 42.88 5.42 5.15
C3 PCW PA . 42.84 5.83 3.69
C4 PCW PA . 44.25 7.14 7.87
C5 PCW PA . 44.06 8.54 7.29
C6 PCW PA . 41.97 8.46 8.61
C7 PCW PA . 43.56 10.37 8.93
C8 PCW PA . 42.75 10.65 7.67
C11 PCW PA . 41.71 7.79 4.11
C12 PCW PA . 40.55 8.77 3.96
C13 PCW PA . 41.05 10.22 3.99
C14 PCW PA . 39.91 11.21 3.76
C15 PCW PA . 39.29 11.01 2.36
C16 PCW PA . 38.27 12.10 2.07
C17 PCW PA . 37.09 12.08 3.05
C18 PCW PA . 36.21 10.84 2.86
C19 PCW PA . 36.89 9.67 3.16
C20 PCW PA . 36.18 8.52 3.46
C21 PCW PA . 34.78 8.54 3.45
C22 PCW PA . 34.20 7.15 3.19
C23 PCW PA . 32.68 7.19 3.18
C24 PCW PA . 32.14 7.70 4.53
C25 PCW PA . 30.61 7.75 4.52
C26 PCW PA . 30.07 8.24 5.87
C27 PCW PA . 28.55 8.33 5.84
C28 PCW PA . 28.00 8.82 7.18
C31 PCW PA . 41.46 4.68 6.84
C32 PCW PA . 40.16 4.05 7.34
C33 PCW PA . 39.08 5.11 7.55
C34 PCW PA . 37.70 4.47 7.54
C35 PCW PA . 37.44 3.80 6.19
C36 PCW PA . 36.05 3.16 6.11
C37 PCW PA . 35.86 2.53 4.73
C38 PCW PA . 34.49 1.86 4.59
C39 PCW PA . 34.36 1.32 3.32
C40 PCW PA . 33.29 0.50 2.99
C41 PCW PA . 32.31 0.19 3.95
C42 PCW PA . 30.95 0.71 3.50
C43 PCW PA . 29.84 0.29 4.47
C44 PCW PA . 28.50 0.84 4.02
C45 PCW PA . 28.15 0.38 2.61
C46 PCW PA . 26.84 1.01 2.12
C47 PCW PA . 26.51 0.58 0.70
C48 PCW PA . 25.20 1.21 0.22
N PCW PA . 43.08 9.28 8.08
O2 PCW PA . 41.62 4.83 5.49
O3 PCW PA . 41.67 6.61 3.42
O11 PCW PA . 42.67 8.05 4.83
O31 PCW PA . 42.34 5.03 7.61
O1P PCW PA . 45.49 4.62 8.84
O2P PCW PA . 46.76 4.49 6.64
O3P PCW PA . 44.28 4.14 6.70
O4P PCW PA . 45.22 6.43 7.09
P PCW PA . 45.54 4.89 7.38
C1 PCW QA . 44.51 1.53 3.34
C2 PCW QA . 43.11 0.91 3.34
C3 PCW QA . 42.08 1.94 2.91
C4 PCW QA . 43.24 1.50 -0.98
C5 PCW QA . 41.77 1.29 -1.36
C6 PCW QA . 42.29 3.24 -2.82
C7 PCW QA . 41.17 1.21 -3.80
C8 PCW QA . 40.09 2.04 -3.09
C11 PCW QA . 39.92 2.24 2.26
C12 PCW QA . 38.47 1.85 2.04
C13 PCW QA . 38.04 2.23 0.62
C14 PCW QA . 36.59 1.81 0.32
C15 PCW QA . 36.20 2.23 -1.10
C16 PCW QA . 36.25 3.75 -1.25
C17 PCW QA . 36.09 4.16 -2.71
C18 PCW QA . 37.24 3.62 -3.56
C19 PCW QA . 37.11 3.99 -4.89
C20 PCW QA . 37.22 3.02 -5.89
C21 PCW QA . 37.46 1.70 -5.53
C22 PCW QA . 36.42 0.76 -6.14
C23 PCW QA . 35.00 1.18 -5.76
C24 PCW QA . 33.98 0.18 -6.30
C25 PCW QA . 32.55 0.63 -5.99
C26 PCW QA . 32.17 1.87 -6.78
C27 PCW QA . 33.09 3.05 -6.45
C28 PCW QA . 32.72 4.29 -7.28
C31 PCW QA . 42.07 -1.05 2.75
C32 PCW QA . 41.80 -2.27 1.86
C33 PCW QA . 40.43 -2.89 2.14
C34 PCW QA . 39.32 -1.86 1.99
C35 PCW QA . 37.95 -2.54 1.99
C36 PCW QA . 37.76 -3.42 3.23
C37 PCW QA . 36.45 -4.21 3.15
C38 PCW QA . 35.23 -3.27 3.14
C39 PCW QA . 35.10 -2.63 4.37
C40 PCW QA . 33.83 -2.33 4.85
C41 PCW QA . 32.71 -2.67 4.12
C42 PCW QA . 31.65 -3.35 4.99
C43 PCW QA . 30.40 -3.67 4.16
C44 PCW QA . 29.34 -4.38 5.01
C45 PCW QA . 28.08 -4.67 4.19
C46 PCW QA . 27.46 -3.37 3.67
C47 PCW QA . 26.19 -3.67 2.87
C48 PCW QA . 25.54 -2.38 2.35
N PCW QA . 41.48 2.01 -2.61
O2 PCW QA . 43.08 -0.20 2.43
O3 PCW QA . 40.78 1.35 2.82
O11 PCW QA . 40.33 3.36 1.93
O31 PCW QA . 41.39 -0.84 3.75
O1P PCW QA . 45.95 1.38 -0.16
O2P PCW QA . 45.33 -0.46 1.47
O3P PCW QA . 44.88 1.94 2.03
O4P PCW QA . 43.53 0.79 0.24
P PCW QA . 45.02 0.84 0.86
C1 PCW RA . 26.28 37.67 -29.94
C2 PCW RA . 25.24 36.58 -29.70
C3 PCW RA . 25.15 36.28 -28.22
C4 PCW RA . 27.04 33.78 -30.12
C5 PCW RA . 28.13 33.05 -30.92
C6 PCW RA . 26.38 31.29 -31.11
C7 PCW RA . 27.41 32.24 -33.19
C8 PCW RA . 28.39 31.21 -32.63
C11 PCW RA . 23.99 35.12 -26.64
C12 PCW RA . 22.93 34.13 -26.13
C13 PCW RA . 22.53 34.47 -24.70
C14 PCW RA . 21.51 33.44 -24.18
C15 PCW RA . 22.09 32.04 -24.28
C16 PCW RA . 21.09 30.97 -23.84
C17 PCW RA . 21.69 29.57 -24.02
C18 PCW RA . 20.69 28.48 -23.62
C19 PCW RA . 21.28 27.23 -23.81
C20 PCW RA . 20.56 26.06 -23.58
C21 PCW RA . 19.24 26.08 -23.16
C22 PCW RA . 19.13 26.33 -21.66
C23 PCW RA . 17.69 26.13 -21.18
C24 PCW RA . 17.27 24.66 -21.37
C25 PCW RA . 15.80 24.47 -20.99
C26 PCW RA . 14.89 25.28 -21.93
C27 PCW RA . 15.10 24.86 -23.38
C28 PCW RA . 14.20 25.66 -24.32
C31 PCW RA . 23.12 36.00 -30.45
C32 PCW RA . 21.68 36.32 -30.87
C33 PCW RA . 20.67 35.78 -29.85
C34 PCW RA . 20.40 34.29 -30.07
C35 PCW RA . 19.60 34.07 -31.36
C36 PCW RA . 19.18 32.61 -31.52
C37 PCW RA . 18.22 32.44 -32.70
C38 PCW RA . 17.72 30.99 -32.80
C39 PCW RA . 16.78 30.86 -33.81
C40 PCW RA . 15.43 30.79 -33.52
C41 PCW RA . 15.01 30.85 -32.19
C42 PCW RA . 14.92 32.30 -31.70
C43 PCW RA . 13.84 33.08 -32.44
C44 PCW RA . 13.80 34.54 -31.96
C45 PCW RA . 12.71 35.33 -32.68
C46 PCW RA . 11.32 34.75 -32.39
C47 PCW RA . 11.01 34.81 -30.90
C48 PCW RA . 9.62 34.24 -30.60
N PCW RA . 27.51 32.00 -31.75
O2 PCW RA . 23.95 37.03 -30.16
O3 PCW RA . 24.12 35.32 -27.97
O11 PCW RA . 24.71 35.73 -25.85
O31 PCW RA . 23.51 34.84 -30.39
O1P PCW RA . 28.12 36.00 -31.45
O2P PCW RA . 29.76 36.14 -29.50
O3P PCW RA . 27.55 37.31 -29.40
O4P PCW RA . 27.64 34.79 -29.30
P PCW RA . 28.36 36.05 -29.99
C1 17F SA . 39.01 -15.99 -4.00
N1 17F SA . 39.03 -14.04 -2.51
O1 17F SA . 38.88 -16.90 -6.70
P1 17F SA . 38.04 -15.71 -6.45
C2 17F SA . 38.83 -15.50 -2.56
O2 17F SA . 38.31 -14.48 -7.24
C3 17F SA . 39.85 -16.20 -1.67
O3 17F SA . 38.07 -15.34 -4.88
C4 17F SA . 35.52 -15.12 -6.89
O4 17F SA . 41.00 -15.68 -1.61
C5 17F SA . 34.16 -15.74 -7.23
O5 17F SA . 39.49 -17.23 -1.07
C6 17F SA . 33.73 -16.68 -6.11
O6 17F SA . 36.51 -16.13 -6.69
C7 17F SA . 32.93 -18.45 -7.33
O7 17F SA . 32.58 -17.43 -6.50
C8 17F SA . 31.84 -19.35 -7.92
O8 17F SA . 34.12 -18.65 -7.56
C9 17F SA . 30.79 -19.69 -6.86
O9 17F SA . 33.19 -14.69 -7.41
C10 17F SA . 29.62 -20.45 -7.49
O10 17F SA . 31.96 -16.31 -8.36
C11 17F SA . 28.55 -20.73 -6.43
C12 17F SA . 27.32 -21.41 -7.06
C17 17F SA . 32.06 -15.14 -8.02
C18 17F SA . 30.92 -14.15 -8.29
C19 17F SA . 29.75 -14.37 -7.34
C20 17F SA . 30.15 -14.09 -5.89
C1X 17F SA . 26.26 -21.68 -5.98
C1Y 17F SA . 29.08 -14.55 -4.90
C1Z 17F SA . 27.74 -13.84 -5.12
C2X 17F SA . 25.01 -22.31 -6.59
C21 17F SA . 24.40 -21.45 -7.49
C22 17F SA . 23.02 -21.27 -7.46
C23 17F SA . 22.25 -21.95 -6.53
C24 17F SA . 20.80 -21.44 -6.52
C25 17F SA . 19.96 -22.21 -5.52
C26 17F SA . 18.51 -21.69 -5.52
C27 17F SA . 17.66 -22.44 -4.48
C28 17F SA . 16.22 -21.92 -4.49
C29 17F SA . 15.37 -22.65 -3.45
C30 17F SA . 13.92 -22.15 -3.47
C31 17F SA . 27.15 -14.16 -6.49
C32 17F SA . 25.76 -13.56 -6.64
C33 17F SA . 24.89 -14.10 -5.70
C34 17F SA . 23.81 -13.37 -5.23
C35 17F SA . 23.58 -12.08 -5.70
C36 17F SA . 22.79 -12.11 -7.01
C37 17F SA . 22.55 -10.70 -7.55
C38 17F SA . 21.76 -10.76 -8.86
C39 17F SA . 21.49 -9.34 -9.39
C40 17F SA . 20.77 -9.41 -10.74
C41 17F SA . 19.44 -10.16 -10.63
C42 17F SA . 18.74 -10.24 -11.98
HN1 17F SA . 38.30 -13.78 -3.13
HN1A 17F SA . 39.77 -13.64 -3.04
HAC 17F SA . 38.67 -13.60 -1.70
C1 17F TA . 41.34 -12.14 -12.42
N1 17F TA . 43.69 -12.56 -13.00
O1 17F TA . 39.89 -12.28 -9.94
P1 17F TA . 40.15 -13.60 -10.59
C2 17F TA . 42.37 -12.20 -13.55
O2 17F TA . 40.56 -14.73 -9.73
C3 17F TA . 42.45 -10.84 -14.25
O3 17F TA . 41.22 -13.40 -11.76
C4 17F TA . 38.92 -14.79 -12.59
O4 17F TA . 43.58 -10.36 -14.45
C5 17F TA . 37.55 -15.03 -13.21
O5 17F TA . 41.37 -10.31 -14.59
C6 17F TA . 37.68 -15.74 -14.55
O6 17F TA . 38.81 -14.01 -11.39
C7 17F TA . 36.39 -16.82 -16.14
O7 17F TA . 36.36 -15.98 -15.07
C8 17F TA . 35.07 -17.19 -16.81
O8 17F TA . 37.46 -17.27 -16.54
C9 17F TA . 33.93 -17.17 -15.79
O9 17F TA . 36.74 -15.85 -12.34
C10 17F TA . 32.57 -17.46 -16.43
O10 17F TA . 35.09 -14.89 -13.53
C11 17F TA . 31.48 -17.44 -15.36
C12 17F TA . 30.10 -17.71 -15.96
C17 17F TA . 35.43 -15.73 -12.70
C18 17F TA . 34.37 -16.59 -12.01
C19 17F TA . 34.94 -17.97 -11.67
C20 17F TA . 33.85 -18.95 -11.25
C1X 17F TA . 29.03 -17.70 -14.86
C1Y 17F TA . 34.44 -20.30 -10.84
C1Z 17F TA . 33.35 -21.35 -10.63
C2X 17F TA . 27.63 -17.92 -15.44
C21 17F TA . 27.30 -16.93 -16.35
C22 17F TA . 26.94 -15.66 -15.90
C23 17F TA . 26.91 -15.37 -14.55
C24 17F TA . 25.73 -14.47 -14.20
C25 17F TA . 25.75 -14.12 -12.70
C26 17F TA . 27.02 -13.36 -12.33
C27 17F TA . 27.04 -13.00 -10.85
C28 17F TA . 28.33 -12.25 -10.48
C29 17F TA . 28.34 -11.89 -8.99
C30 17F TA . 29.63 -11.15 -8.61
C31 17F TA . 32.62 -21.63 -11.95
C32 17F TA . 31.57 -22.73 -11.78
C33 17F TA . 30.96 -23.03 -12.98
C34 17F TA . 29.65 -23.51 -13.00
C35 17F TA . 28.96 -23.70 -11.80
C36 17F TA . 27.76 -24.63 -12.01
C37 17F TA . 26.98 -24.82 -10.71
C38 17F TA . 25.78 -25.74 -10.92
C39 17F TA . 24.96 -25.91 -9.65
C40 17F TA . 24.41 -24.57 -9.17
C41 17F TA . 23.55 -24.75 -7.92
C42 17F TA . 22.34 -25.65 -8.20
HN1 17F TA . 44.36 -12.61 -13.74
HN1A 17F TA . 43.97 -11.86 -12.34
HAC 17F TA . 43.62 -13.44 -12.53
C1 17F UA . 37.45 33.72 8.13
N1 17F UA . 37.69 31.49 9.10
O1 17F UA . 37.17 35.48 11.11
P1 17F UA . 36.72 35.71 9.71
C2 17F UA . 37.26 32.22 7.90
O2 17F UA . 37.59 36.20 8.61
C3 17F UA . 38.13 31.78 6.71
O3 17F UA . 36.69 34.16 9.26
C4 17F UA . 34.67 36.17 8.11
O4 17F UA . 37.63 30.95 5.92
C5 17F UA . 33.27 36.77 8.15
O5 17F UA . 39.26 32.29 6.60
C6 17F UA . 32.80 37.04 6.73
O6 17F UA . 35.14 35.89 9.44
C7 17F UA . 31.69 38.88 7.45
O7 17F UA . 31.54 37.72 6.78
C8 17F UA . 30.49 39.81 7.68
O8 17F UA . 32.81 39.19 7.89
C9 17F UA . 30.45 40.27 9.13
O9 17F UA . 32.35 35.86 8.78
C10 17F UA . 29.27 41.21 9.39
O10 17F UA . 33.32 36.69 10.63
C11 17F UA . 29.27 41.68 10.85
C12 17F UA . 28.13 42.66 11.13
C17 17F UA . 32.49 35.92 10.14
C18 17F UA . 31.63 35.02 11.02
C19 17F UA . 32.44 34.41 12.16
C20 17F UA . 32.95 35.50 13.11
C1X 17F UA . 28.18 43.15 12.58
C1Y 17F UA . 33.82 34.90 14.21
C1Z 17F UA . 34.26 35.96 15.22
C2X 17F UA . 27.07 44.15 12.87
C21 17F UA . 25.82 43.57 12.70
C22 17F UA . 24.87 43.61 13.73
C23 17F UA . 25.19 44.23 14.94
C24 17F UA . 23.97 44.96 15.50
C25 17F UA . 24.31 45.64 16.83
C26 17F UA . 25.46 46.65 16.66
C27 17F UA . 25.80 47.31 17.99
C28 17F UA . 26.93 48.33 17.82
C29 17F UA . 28.20 47.66 17.31
C30 17F UA . 29.33 48.68 17.12
C31 17F UA . 33.04 36.58 15.92
C32 17F UA . 33.46 37.60 16.98
C33 17F UA . 32.36 38.11 17.64
C34 17F UA . 32.50 39.15 18.55
C35 17F UA . 33.75 39.69 18.81
C36 17F UA . 34.10 39.57 20.30
C37 17F UA . 33.04 40.24 21.16
C38 17F UA . 33.37 40.13 22.65
C39 17F UA . 32.27 40.75 23.51
C40 17F UA . 32.07 42.23 23.16
C41 17F UA . 30.94 42.83 24.00
C42 17F UA . 31.23 42.72 25.49
HN1 17F UA . 37.60 30.51 8.95
HN1A 17F UA . 38.64 31.72 9.31
HAC 17F UA . 37.11 31.76 9.87
C1 17F VA . 33.17 18.89 -36.00
N1 17F VA . 32.33 18.90 -38.31
O1 17F VA . 32.46 20.95 -33.27
P1 17F VA . 31.76 19.89 -34.03
C2 17F VA . 33.54 19.06 -37.48
O2 17F VA . 31.83 18.51 -33.51
C3 17F VA . 34.59 18.02 -37.88
O3 17F VA . 32.27 19.89 -35.56
C4 17F VA . 29.25 19.40 -34.67
O4 17F VA . 34.86 17.91 -39.09
C5 17F VA . 27.86 19.71 -34.11
O5 17F VA . 35.11 17.36 -36.95
C6 17F VA . 27.44 21.13 -34.47
O6 17F VA . 30.22 20.32 -34.15
C7 17F VA . 25.79 22.68 -34.10
O7 17F VA . 26.16 21.40 -33.88
C8 17F VA . 24.45 23.16 -33.56
O8 17F VA . 26.53 23.45 -34.73
C9 17F VA . 23.99 24.46 -34.24
O9 17F VA . 26.90 18.77 -34.62
C10 17F VA . 22.63 24.92 -33.68
O10 17F VA . 25.78 19.46 -32.81
C11 17F VA . 22.71 25.15 -32.17
C12 17F VA . 21.35 25.55 -31.61
C17 17F VA . 25.80 18.76 -33.83
C18 17F VA . 24.60 17.88 -34.18
C19 17F VA . 24.32 16.87 -33.06
C20 17F VA . 25.48 15.87 -32.92
C1X 17F VA . 21.43 25.77 -30.10
C1Y 17F VA . 25.23 14.92 -31.76
C1Z 17F VA . 23.86 14.24 -31.86
C2X 17F VA . 20.06 26.18 -29.53
C21 17F VA . 20.13 26.35 -28.15
C22 17F VA . 18.97 26.64 -27.44
C23 17F VA . 17.76 26.75 -28.10
C24 17F VA . 16.61 27.01 -27.12
C25 17F VA . 15.28 27.12 -27.85
C26 17F VA . 14.13 27.38 -26.86
C27 17F VA . 12.80 27.51 -27.60
C28 17F VA . 11.65 27.77 -26.61
C29 17F VA . 11.52 26.61 -25.61
C30 17F VA . 10.35 26.85 -24.66
C31 17F VA . 23.72 13.48 -33.18
C32 17F VA . 22.33 12.84 -33.29
C33 17F VA . 22.18 12.19 -34.50
C34 17F VA . 21.10 11.32 -34.68
C35 17F VA . 20.19 11.10 -33.64
C36 17F VA . 18.78 11.50 -34.06
C37 17F VA . 17.78 11.21 -32.96
C38 17F VA . 16.35 11.58 -33.38
C39 17F VA . 15.34 11.24 -32.27
C40 17F VA . 13.91 11.57 -32.72
C41 17F VA . 12.91 11.19 -31.64
C42 17F VA . 12.98 9.69 -31.32
HN1 17F VA . 32.57 19.01 -39.28
HN1A 17F VA . 31.96 17.98 -38.17
HAC 17F VA . 31.65 19.56 -38.04
C1 17F WA . 35.46 13.88 -28.87
N1 17F WA . 37.51 14.51 -27.71
O1 17F WA . 35.06 10.22 -28.13
P1 17F WA . 34.43 11.49 -28.55
C2 17F WA . 36.21 15.01 -28.15
O2 17F WA . 34.10 11.66 -29.98
C3 17F WA . 35.38 15.48 -26.94
O3 17F WA . 35.31 12.73 -28.04
C4 17F WA . 32.39 12.90 -27.63
O4 17F WA . 35.92 15.37 -25.81
C5 17F WA . 31.08 12.75 -26.86
O5 17F WA . 34.24 15.93 -27.17
C6 17F WA . 30.41 14.11 -26.70
O6 17F WA . 33.07 11.65 -27.70
C7 17F WA . 28.51 15.09 -25.82
O7 17F WA . 29.11 13.90 -26.11
C8 17F WA . 27.11 15.08 -25.20
O8 17F WA . 29.11 16.15 -26.03
C9 17F WA . 26.29 13.92 -25.79
O9 17F WA . 30.22 11.86 -27.58
C10 17F WA . 24.94 13.77 -25.08
O10 17F WA . 29.32 11.65 -25.54
C11 17F WA . 25.14 13.48 -23.59
C12 17F WA . 23.81 13.19 -22.90
C17 17F WA . 29.29 11.34 -26.72
C18 17F WA . 28.23 10.37 -27.25
C19 17F WA . 26.82 10.95 -27.05
C20 17F WA . 25.75 9.94 -27.48
C1X 17F WA . 24.01 12.91 -21.42
C1Y 17F WA . 24.35 10.53 -27.27
C1Z 17F WA . 23.27 9.50 -27.62
C2X 17F WA . 22.70 12.51 -20.74
C21 17F WA . 22.22 11.31 -21.25
C22 17F WA . 22.48 10.12 -20.59
C23 17F WA . 23.22 10.13 -19.41
C24 17F WA . 24.16 8.93 -19.33
C25 17F WA . 24.97 8.97 -18.04
C26 17F WA . 25.92 7.78 -17.94
C27 17F WA . 26.71 7.82 -16.62
C28 17F WA . 27.65 6.62 -16.51
C29 17F WA . 26.88 5.30 -16.52
C30 17F WA . 27.82 4.11 -16.37
C31 17F WA . 23.40 8.26 -26.75
C32 17F WA . 22.34 7.21 -27.10
C33 17F WA . 22.45 6.09 -26.29
C34 17F WA . 21.33 5.52 -25.73
C35 17F WA . 20.07 6.06 -25.97
C36 17F WA . 19.00 4.96 -26.05
C37 17F WA . 17.62 5.57 -26.35
C38 17F WA . 16.55 4.49 -26.41
C39 17F WA . 15.20 5.09 -26.79
C40 17F WA . 15.25 5.76 -28.16
C41 17F WA . 13.91 6.38 -28.54
C42 17F WA . 13.49 7.47 -27.56
HN1 17F WA . 38.06 14.24 -28.50
HN1A 17F WA . 37.98 15.24 -27.21
HAC 17F WA . 37.39 13.72 -27.10
C1 17F XA . 34.54 -6.41 -26.82
N1 17F XA . 34.89 -4.28 -25.67
O1 17F XA . 33.96 -7.60 -29.30
P1 17F XA . 33.01 -6.51 -28.95
C2 17F XA . 34.70 -5.72 -25.46
O2 17F XA . 32.79 -5.43 -29.94
C3 17F XA . 35.92 -6.30 -24.73
O3 17F XA . 33.43 -5.87 -27.55
C4 17F XA . 30.38 -6.49 -28.88
O4 17F XA . 36.50 -5.55 -23.92
C5 17F XA . 29.16 -7.33 -28.52
O5 17F XA . 36.26 -7.46 -25.02
C6 17F XA . 29.15 -7.66 -27.05
O6 17F XA . 31.59 -7.21 -28.62
C7 17F XA . 28.04 -9.64 -27.38
O7 17F XA . 27.98 -8.45 -26.74
C8 17F XA . 26.89 -10.64 -27.20
O8 17F XA . 29.02 -9.93 -28.08
C9 17F XA . 25.59 -9.89 -26.92
O9 17F XA . 27.97 -6.60 -28.88
C10 17F XA . 24.43 -10.88 -26.72
O10 17F XA . 28.68 -5.16 -27.33
C11 17F XA . 23.13 -10.12 -26.42
C12 17F XA . 21.98 -11.11 -26.20
C17 17F XA . 27.85 -5.45 -28.19
C18 17F XA . 26.68 -4.51 -28.49
C19 17F XA . 25.67 -4.46 -27.35
C20 17F XA . 26.27 -3.83 -26.09
C1X 17F XA . 20.67 -10.36 -25.89
C1Y 17F XA . 25.18 -3.57 -25.05
C1Z 17F XA . 24.12 -2.63 -25.64
C2X 17F XA . 19.54 -11.34 -25.60
C21 17F XA . 19.86 -12.16 -24.51
C22 17F XA . 19.22 -12.00 -23.30
C23 17F XA . 18.24 -11.02 -23.13
C24 17F XA . 16.99 -11.62 -22.47
C25 17F XA . 15.90 -10.55 -22.29
C26 17F XA . 14.68 -11.16 -21.61
C27 17F XA . 13.58 -10.10 -21.42
C28 17F XA . 12.35 -10.70 -20.72
C29 17F XA . 11.25 -9.66 -20.55
C30 17F XA . 10.03 -10.25 -19.86
C31 17F XA . 23.04 -2.29 -24.61
C32 17F XA . 21.98 -1.37 -25.24
C33 17F XA . 21.02 -0.98 -24.30
C34 17F XA . 19.67 -1.07 -24.60
C35 17F XA . 19.25 -1.54 -25.84
C36 17F XA . 17.98 -0.82 -26.31
C37 17F XA . 18.25 0.67 -26.56
C38 17F XA . 19.29 0.86 -27.67
C39 17F XA . 19.56 2.33 -27.94
C40 17F XA . 20.58 2.51 -29.06
C41 17F XA . 20.84 3.99 -29.35
C42 17F XA . 21.86 4.16 -30.47
HN1 17F XA . 34.02 -4.08 -26.13
HN1A 17F XA . 35.47 -3.96 -26.43
HAC 17F XA . 34.72 -3.71 -24.87
C1 PCW YA . 0.89 18.21 -8.88
C2 PCW YA . 1.99 17.64 -9.77
C3 PCW YA . 1.38 17.04 -11.03
C4 PCW YA . -2.76 19.20 -9.09
C5 PCW YA . -3.98 19.63 -8.28
C6 PCW YA . -5.41 17.62 -8.24
C7 PCW YA . -6.37 19.80 -9.03
C8 PCW YA . -5.56 19.20 -10.18
C11 PCW YA . 1.91 15.94 -12.97
C12 PCW YA . 2.86 15.37 -14.03
C13 PCW YA . 4.15 16.19 -14.09
C14 PCW YA . 5.10 15.63 -15.16
C15 PCW YA . 6.39 16.44 -15.20
C16 PCW YA . 7.34 15.88 -16.26
C17 PCW YA . 8.65 16.68 -16.28
C18 PCW YA . 9.62 16.11 -17.32
C19 PCW YA . 10.81 16.82 -17.34
C20 PCW YA . 11.00 17.86 -18.23
C21 PCW YA . 10.00 18.21 -19.12
C22 PCW YA . 10.58 18.72 -20.44
C23 PCW YA . 9.47 19.11 -21.42
C24 PCW YA . 10.06 19.64 -22.73
C25 PCW YA . 10.93 18.59 -23.41
C26 PCW YA . 11.50 19.11 -24.73
C27 PCW YA . 12.38 18.07 -25.41
C28 PCW YA . 12.95 18.61 -26.73
C31 PCW YA . 3.53 19.17 -9.01
C32 PCW YA . 4.52 20.32 -9.15
C33 PCW YA . 4.36 21.31 -8.00
C34 PCW YA . 5.33 22.49 -8.13
C35 PCW YA . 6.79 22.02 -8.13
C36 PCW YA . 7.74 23.22 -8.23
C37 PCW YA . 9.20 22.76 -8.30
C38 PCW YA . 10.13 23.97 -8.43
C39 PCW YA . 11.46 23.57 -8.53
C40 PCW YA . 12.14 23.73 -9.74
C41 PCW YA . 11.50 24.28 -10.83
C42 PCW YA . 12.33 25.39 -11.47
C43 PCW YA . 11.61 26.01 -12.66
C44 PCW YA . 12.40 27.16 -13.29
C45 PCW YA . 13.73 26.66 -13.89
C46 PCW YA . 14.67 26.11 -12.83
C47 PCW YA . 15.99 25.65 -13.45
C48 PCW YA . 16.93 25.08 -12.40
N PCW YA . -5.18 18.96 -8.78
O2 PCW YA . 2.90 18.69 -10.12
O3 PCW YA . 2.44 16.55 -11.88
O11 PCW YA . 0.69 15.84 -13.11
O31 PCW YA . 3.30 18.66 -7.91
O1P PCW YA . -0.99 17.86 -10.91
O2P PCW YA . -1.63 15.63 -9.87
O3P PCW YA . -0.15 17.25 -8.64
O4P PCW YA . -2.58 17.79 -8.96
P PCW YA . -1.34 17.07 -9.70
C1 PCW ZA . -3.27 24.01 -10.97
C2 PCW ZA . -3.69 24.98 -12.08
C3 PCW ZA . -3.32 24.36 -13.43
C4 PCW ZA . -7.26 25.83 -10.08
C5 PCW ZA . -8.13 25.36 -8.91
C6 PCW ZA . -10.49 25.54 -8.17
C7 PCW ZA . -9.88 26.12 -10.55
C8 PCW ZA . -9.97 24.61 -10.45
C11 PCW ZA . -3.68 24.46 -15.66
C12 PCW ZA . -4.22 25.03 -16.97
C13 PCW ZA . -3.63 26.42 -17.26
C14 PCW ZA . -4.19 26.98 -18.56
C15 PCW ZA . -3.59 28.36 -18.86
C16 PCW ZA . -2.08 28.26 -18.99
C17 PCW ZA . -1.47 29.61 -19.36
C18 PCW ZA . 0.05 29.52 -19.51
C19 PCW ZA . 0.59 30.73 -19.90
C20 PCW ZA . 1.11 30.89 -21.18
C21 PCW ZA . 1.11 29.82 -22.06
C22 PCW ZA . 2.35 29.84 -22.96
C23 PCW ZA . 2.39 28.60 -23.87
C24 PCW ZA . 2.40 27.31 -23.04
C25 PCW ZA . 3.62 27.26 -22.12
C26 PCW ZA . 3.63 25.99 -21.27
C27 PCW ZA . 3.70 24.74 -22.15
C28 PCW ZA . 3.71 23.47 -21.30
C31 PCW ZA . -5.40 26.36 -12.69
C32 PCW ZA . -6.85 26.79 -12.88
C33 PCW ZA . -7.31 26.54 -14.31
C34 PCW ZA . -6.48 27.34 -15.32
C35 PCW ZA . -6.70 28.83 -15.16
C36 PCW ZA . -5.89 29.63 -16.18
C37 PCW ZA . -6.20 31.13 -16.08
C38 PCW ZA . -5.38 31.94 -17.08
C39 PCW ZA . -5.74 33.29 -17.02
C40 PCW ZA . -4.76 34.27 -16.93
C41 PCW ZA . -3.41 33.93 -16.90
C42 PCW ZA . -2.54 35.19 -16.95
C43 PCW ZA . -1.05 34.83 -16.88
C44 PCW ZA . -0.19 36.09 -16.95
C45 PCW ZA . 1.30 35.74 -16.83
C46 PCW ZA . 2.16 36.99 -16.93
C47 PCW ZA . 3.65 36.65 -16.78
C48 PCW ZA . 4.52 37.90 -16.92
N PCW ZA . -9.55 25.42 -9.29
O2 PCW ZA . -5.11 25.19 -12.06
O3 PCW ZA . -3.87 25.13 -14.50
O11 PCW ZA . -3.07 23.39 -15.66
O31 PCW ZA . -4.47 27.08 -13.07
O1P PCW ZA . -5.85 23.26 -10.14
O2P PCW ZA . -5.36 24.16 -7.82
O3P PCW ZA . -3.71 24.46 -9.69
O4P PCW ZA . -5.89 25.75 -9.71
P PCW ZA . -5.26 24.32 -9.29
C1 PCW AB . -7.84 19.85 -20.95
C2 PCW AB . -6.62 19.15 -21.56
C3 PCW AB . -5.43 20.08 -21.49
C4 PCW AB . -9.43 15.78 -21.40
C5 PCW AB . -8.61 14.49 -21.47
C6 PCW AB . -9.73 14.24 -23.67
C7 PCW AB . -7.22 14.20 -23.54
C8 PCW AB . -7.73 12.82 -23.13
C11 PCW AB . -3.20 20.30 -21.94
C12 PCW AB . -1.85 19.91 -22.54
C13 PCW AB . -1.36 20.99 -23.51
C14 PCW AB . 0.00 20.63 -24.11
C15 PCW AB . 1.05 20.51 -23.01
C16 PCW AB . 2.41 20.14 -23.60
C17 PCW AB . 3.47 20.00 -22.49
C18 PCW AB . 4.83 19.64 -23.09
C19 PCW AB . 5.80 19.51 -22.08
C20 PCW AB . 6.64 20.56 -21.78
C21 PCW AB . 6.56 21.76 -22.48
C22 PCW AB . 7.16 22.90 -21.64
C23 PCW AB . 7.10 24.24 -22.39
C24 PCW AB . 7.69 25.37 -21.55
C25 PCW AB . 9.18 25.15 -21.27
C26 PCW AB . 9.41 23.87 -20.45
C27 PCW AB . 10.89 23.68 -20.16
C28 PCW AB . 11.13 22.40 -19.35
C31 PCW AB . -5.70 17.05 -21.64
C32 PCW AB . -5.31 15.69 -21.06
C33 PCW AB . -3.82 15.62 -20.70
C34 PCW AB . -2.93 15.52 -21.94
C35 PCW AB . -2.98 16.78 -22.80
C36 PCW AB . -2.05 16.62 -24.01
C37 PCW AB . -2.02 17.88 -24.88
C38 PCW AB . -1.07 17.68 -26.07
C39 PCW AB . -0.99 18.82 -26.85
C40 PCW AB . 0.10 19.00 -27.69
C41 PCW AB . 1.11 18.04 -27.74
C42 PCW AB . 2.49 18.69 -27.66
C43 PCW AB . 2.75 19.59 -28.87
C44 PCW AB . 4.11 20.27 -28.76
C45 PCW AB . 5.24 19.23 -28.65
C46 PCW AB . 6.60 19.91 -28.47
C47 PCW AB . 7.71 18.87 -28.27
C48 PCW AB . 9.05 19.54 -28.04
N PCW AB . -8.51 14.03 -22.87
O2 PCW AB . -6.36 17.94 -20.84
O3 PCW AB . -4.28 19.48 -22.12
O11 PCW AB . -3.34 21.33 -21.30
O31 PCW AB . -5.47 17.33 -22.81
O1P PCW AB . -10.93 18.12 -22.24
O2P PCW AB . -8.86 18.97 -23.43
O3P PCW AB . -8.98 18.98 -20.93
O4P PCW AB . -8.79 16.80 -22.17
P PCW AB . -9.45 18.25 -22.29
C1 PCW BB . -7.66 23.62 -22.68
C2 PCW BB . -6.61 24.08 -23.70
C3 PCW BB . -5.99 25.37 -23.20
C4 PCW BB . -8.66 21.33 -26.41
C5 PCW BB . -8.12 20.22 -25.50
C6 PCW BB . -9.37 18.76 -27.07
C7 PCW BB . -6.91 18.38 -26.72
C8 PCW BB . -7.65 17.74 -25.53
C11 PCW BB . -5.72 26.54 -25.15
C12 PCW BB . -4.93 27.22 -26.27
C13 PCW BB . -4.89 26.34 -27.53
C14 PCW BB . -4.14 27.06 -28.65
C15 PCW BB . -4.81 28.38 -29.01
C16 PCW BB . -4.02 29.15 -30.06
C17 PCW BB . -3.88 28.35 -31.35
C18 PCW BB . -3.06 29.13 -32.38
C19 PCW BB . -2.93 28.41 -33.57
C20 PCW BB . -1.67 27.95 -33.96
C21 PCW BB . -0.56 28.22 -33.17
C22 PCW BB . 0.72 27.78 -33.87
C23 PCW BB . 1.95 28.04 -32.98
C24 PCW BB . 3.23 27.57 -33.67
C25 PCW BB . 4.44 27.77 -32.76
C26 PCW BB . 4.27 27.01 -31.45
C27 PCW BB . 4.08 25.51 -31.71
C28 PCW BB . 3.89 24.76 -30.40
C31 PCW BB . -4.94 23.22 -25.04
C32 PCW BB . -3.79 22.29 -25.39
C33 PCW BB . -3.18 22.65 -26.75
C34 PCW BB . -2.67 24.10 -26.75
C35 PCW BB . -1.52 24.31 -25.77
C36 PCW BB . -0.28 23.50 -26.19
C37 PCW BB . 0.89 23.76 -25.24
C38 PCW BB . 2.14 23.01 -25.69
C39 PCW BB . 3.20 23.24 -24.83
C40 PCW BB . 4.46 23.58 -25.31
C41 PCW BB . 4.69 23.67 -26.68
C42 PCW BB . 5.97 22.92 -27.08
C43 PCW BB . 7.18 23.49 -26.35
C44 PCW BB . 8.45 22.71 -26.71
C45 PCW BB . 9.67 23.27 -25.99
C46 PCW BB . 10.93 22.49 -26.34
C47 PCW BB . 11.23 22.55 -27.84
C48 PCW BB . 12.50 21.76 -28.18
N PCW BB . -8.18 18.93 -26.22
O2 PCW BB . -5.60 23.08 -23.86
O3 PCW BB . -5.05 25.91 -24.14
O11 PCW BB . -6.95 26.56 -25.14
O31 PCW BB . -5.31 24.09 -25.83
O1P PCW BB . -10.48 21.64 -24.24
O2P PCW BB . -9.99 24.12 -24.25
O3P PCW BB . -8.41 22.50 -23.18
O4P PCW BB . -8.64 22.57 -25.69
P PCW BB . -9.50 22.73 -24.34
PG GNP CB . -18.87 -28.12 9.27
O1G GNP CB . -18.03 -27.26 10.14
O2G GNP CB . -19.39 -27.33 7.96
O3G GNP CB . -18.06 -29.37 8.65
N3B GNP CB . -20.19 -28.73 9.99
PB GNP CB . -21.24 -27.56 10.38
O1B GNP CB . -20.54 -26.25 10.37
O2B GNP CB . -21.90 -27.97 11.64
O3A GNP CB . -22.30 -27.62 9.18
PA GNP CB . -22.72 -26.33 8.33
O1A GNP CB . -22.24 -25.12 9.04
O2A GNP CB . -22.30 -26.52 6.93
O5' GNP CB . -24.33 -26.37 8.40
C5' GNP CB . -24.99 -27.61 8.16
C4' GNP CB . -26.52 -27.44 8.13
O4' GNP CB . -26.91 -26.72 9.33
C3' GNP CB . -26.90 -26.54 6.96
O3' GNP CB . -28.26 -26.80 6.59
C2' GNP CB . -26.81 -25.16 7.62
O2' GNP CB . -27.55 -24.21 6.87
C1' GNP CB . -27.59 -25.54 8.89
N9 GNP CB . -27.54 -24.46 9.90
C8 GNP CB . -26.45 -23.79 10.27
N7 GNP CB . -26.78 -22.87 11.17
C5 GNP CB . -28.09 -22.94 11.37
C6 GNP CB . -28.97 -22.23 12.18
O6 GNP CB . -28.57 -21.32 12.90
N1 GNP CB . -30.32 -22.59 12.18
C2 GNP CB . -30.75 -23.63 11.33
N2 GNP CB . -32.04 -23.98 11.32
N3 GNP CB . -29.88 -24.27 10.55
C4 GNP CB . -28.57 -23.96 10.56
HNB3 GNP CB . -20.63 -29.39 9.40
HO3' GNP CB . -28.47 -26.29 5.75
HO2' GNP CB . -28.52 -24.47 6.88
HN1 GNP CB . -30.98 -22.10 12.75
HN21 GNP CB . -32.34 -24.71 10.73
HN22 GNP CB . -32.69 -23.49 11.90
MG MG DB . -18.66 -26.86 7.03
C1 PCW EB . 2.24 13.07 7.30
C2 PCW EB . 2.86 13.79 8.50
C3 PCW EB . 1.86 13.83 9.65
C4 PCW EB . -0.51 12.23 5.38
C5 PCW EB . -2.03 12.42 5.28
C6 PCW EB . -3.93 11.41 4.05
C7 PCW EB . -1.79 10.12 4.31
C8 PCW EB . -2.57 9.99 5.62
C11 PCW EB . 2.15 15.97 10.40
C12 PCW EB . 2.59 17.06 11.37
C13 PCW EB . 3.34 16.48 12.56
C14 PCW EB . 3.74 17.57 13.55
C15 PCW EB . 4.48 17.01 14.76
C16 PCW EB . 5.79 16.33 14.35
C17 PCW EB . 6.53 15.79 15.59
C18 PCW EB . 7.86 15.16 15.18
C19 PCW EB . 8.54 14.69 16.30
C20 PCW EB . 9.57 15.44 16.85
C21 PCW EB . 9.92 16.68 16.31
C22 PCW EB . 11.09 17.30 17.06
C23 PCW EB . 12.33 16.41 16.98
C24 PCW EB . 13.52 17.04 17.72
C25 PCW EB . 14.75 16.15 17.62
C26 PCW EB . 15.18 15.96 16.16
C27 PCW EB . 16.44 15.10 16.07
C28 PCW EB . 16.88 14.92 14.61
C31 PCW EB . 4.85 13.90 9.66
C32 PCW EB . 6.16 13.35 10.21
C33 PCW EB . 6.76 12.30 9.27
C34 PCW EB . 7.09 12.90 7.91
C35 PCW EB . 8.12 14.03 8.04
C36 PCW EB . 8.49 14.60 6.66
C37 PCW EB . 9.50 15.74 6.80
C38 PCW EB . 9.87 16.31 5.44
C39 PCW EB . 10.75 17.38 5.58
C40 PCW EB . 12.07 17.26 5.17
C41 PCW EB . 12.55 16.08 4.61
C42 PCW EB . 14.05 15.94 4.83
C43 PCW EB . 14.57 14.63 4.23
C44 PCW EB . 16.08 14.49 4.47
C45 PCW EB . 16.60 13.17 3.87
C46 PCW EB . 18.12 13.04 4.10
C47 PCW EB . 18.88 14.20 3.45
C48 PCW EB . 20.38 14.05 3.70
N PCW EB . -2.67 11.19 4.78
O2 PCW EB . 4.05 13.11 8.89
O3 PCW EB . 2.35 14.66 10.72
O11 PCW EB . 1.58 16.26 9.35
O31 PCW EB . 4.52 15.07 9.89
O1P PCW EB . 2.08 10.99 5.30
O2P PCW EB . 1.31 9.35 7.09
O3P PCW EB . 1.84 11.74 7.66
O4P PCW EB . -0.22 11.20 6.31
P PCW EB . 1.31 10.73 6.54
C1 PCW FB . -4.51 34.29 1.70
C2 PCW FB . -3.42 34.99 2.52
C3 PCW FB . -4.02 35.59 3.79
C4 PCW FB . -4.83 32.63 5.88
C5 PCW FB . -3.93 33.21 6.97
C6 PCW FB . -3.40 32.81 9.35
C7 PCW FB . -4.61 31.03 8.04
C8 PCW FB . -3.13 30.94 7.68
C11 PCW FB . -2.24 35.49 5.24
C12 PCW FB . -1.20 36.09 6.19
C13 PCW FB . 0.23 35.83 5.71
C14 PCW FB . 1.24 36.37 6.74
C15 PCW FB . 2.68 36.13 6.27
C16 PCW FB . 3.67 36.64 7.31
C17 PCW FB . 5.11 36.46 6.82
C18 PCW FB . 5.35 37.27 5.53
C19 PCW FB . 6.66 37.14 5.09
C20 PCW FB . 7.41 38.28 4.81
C21 PCW FB . 6.85 39.54 4.98
C22 PCW FB . 7.93 40.58 5.29
C23 PCW FB . 7.31 41.96 5.53
C24 PCW FB . 8.38 42.99 5.88
C25 PCW FB . 9.18 42.57 7.11
C26 PCW FB . 8.26 42.41 8.32
C27 PCW FB . 9.05 41.98 9.56
C28 PCW FB . 9.76 40.64 9.33
C31 PCW FB . -1.91 33.52 1.66
C32 PCW FB . -0.83 32.42 1.71
C33 PCW FB . 0.19 32.58 0.59
C34 PCW FB . 1.09 33.79 0.81
C35 PCW FB . 0.30 35.09 0.84
C36 PCW FB . 1.23 36.29 1.06
C37 PCW FB . 0.47 37.61 1.07
C38 PCW FB . 1.42 38.77 1.33
C39 PCW FB . 0.75 39.99 1.31
C40 PCW FB . 1.19 41.04 2.11
C41 PCW FB . 2.31 40.87 2.92
C42 PCW FB . 3.61 41.23 2.17
C43 PCW FB . 3.58 42.68 1.71
C44 PCW FB . 4.89 43.06 0.99
C45 PCW FB . 5.11 42.17 -0.23
C46 PCW FB . 6.41 42.55 -0.96
C47 PCW FB . 6.64 41.66 -2.17
C48 PCW FB . 7.93 42.03 -2.89
N PCW FB . -3.75 32.23 8.04
O2 PCW FB . -2.39 34.03 2.82
O3 PCW FB . -3.07 36.32 4.56
O11 PCW FB . -2.32 34.28 5.09
O31 PCW FB . -2.33 33.93 0.59
O1P PCW FB . -6.86 34.51 3.37
O2P PCW FB . -6.71 32.02 3.85
O3P PCW FB . -5.02 33.15 2.38
O4P PCW FB . -5.06 33.62 4.87
P PCW FB . -6.03 33.31 3.62
C1 PCW GB . 2.35 8.95 20.07
C2 PCW GB . 3.25 10.17 19.87
C3 PCW GB . 4.69 9.80 20.19
C4 PCW GB . 0.04 12.61 19.35
C5 PCW GB . 0.83 13.89 19.03
C6 PCW GB . 0.31 14.35 21.41
C7 PCW GB . 2.67 14.55 20.59
C8 PCW GB . 1.93 15.83 20.19
C11 PCW GB . 5.38 11.66 21.32
C12 PCW GB . 6.15 12.96 21.54
C13 PCW GB . 5.72 13.62 22.85
C14 PCW GB . 6.45 14.94 23.09
C15 PCW GB . 7.96 14.76 23.19
C16 PCW GB . 8.33 13.81 24.34
C17 PCW GB . 9.84 13.79 24.58
C18 PCW GB . 10.19 12.80 25.68
C19 PCW GB . 11.53 12.88 26.07
C20 PCW GB . 12.57 12.75 25.15
C21 PCW GB . 12.32 12.53 23.80
C22 PCW GB . 12.68 13.76 22.97
C23 PCW GB . 14.14 14.18 23.21
C24 PCW GB . 14.52 15.38 22.35
C25 PCW GB . 14.50 15.05 20.86
C26 PCW GB . 15.56 14.02 20.50
C27 PCW GB . 15.35 12.71 21.26
C28 PCW GB . 16.44 11.68 20.91
C31 PCW GB . 3.56 11.90 18.39
C32 PCW GB . 3.54 12.57 17.01
C33 PCW GB . 4.96 12.88 16.53
C34 PCW GB . 5.83 11.62 16.53
C35 PCW GB . 5.22 10.52 15.65
C36 PCW GB . 6.08 9.26 15.69
C37 PCW GB . 5.44 8.14 14.88
C38 PCW GB . 6.30 6.86 14.92
C39 PCW GB . 5.69 5.83 14.23
C40 PCW GB . 5.67 4.55 14.77
C41 PCW GB . 6.27 4.30 15.99
C42 PCW GB . 7.76 4.01 15.84
C43 PCW GB . 7.99 2.75 15.00
C44 PCW GB . 9.49 2.48 14.83
C45 PCW GB . 10.17 2.29 16.19
C46 PCW GB . 11.67 2.03 16.02
C47 PCW GB . 12.34 1.82 17.38
C48 PCW GB . 13.84 1.58 17.22
N PCW GB . 1.24 14.53 20.29
O2 PCW GB . 3.14 10.62 18.51
O3 PCW GB . 5.54 10.96 20.17
O11 PCW GB . 4.61 11.24 22.19
O31 PCW GB . 3.93 12.53 19.38
O1P PCW GB . -1.21 10.31 20.40
O2P PCW GB . 0.65 10.18 22.13
O3P PCW GB . 0.98 9.27 19.81
O4P PCW GB . 0.83 11.76 20.17
P PCW GB . 0.24 10.37 20.72
C1 PCW HB . -1.39 21.69 -5.74
C2 PCW HB . -0.66 22.26 -6.96
C3 PCW HB . -1.63 22.47 -8.11
C4 PCW HB . -5.45 22.11 -5.25
C5 PCW HB . -6.53 21.10 -5.61
C6 PCW HB . -7.98 21.22 -3.61
C7 PCW HB . -7.22 18.98 -4.46
C8 PCW HB . -6.06 19.59 -3.66
C11 PCW HB . -0.01 22.35 -9.74
C12 PCW HB . 0.86 22.90 -10.86
C13 PCW HB . 0.00 23.47 -11.99
C14 PCW HB . 0.86 24.13 -13.07
C15 PCW HB . 1.84 23.12 -13.69
C16 PCW HB . 2.72 23.81 -14.74
C17 PCW HB . 3.67 22.82 -15.40
C18 PCW HB . 4.57 23.50 -16.43
C19 PCW HB . 5.40 22.59 -17.05
C20 PCW HB . 6.63 22.98 -17.57
C21 PCW HB . 7.03 24.30 -17.48
C22 PCW HB . 7.61 24.60 -16.10
C23 PCW HB . 8.15 26.03 -16.00
C24 PCW HB . 7.05 27.07 -16.22
C25 PCW HB . 6.48 26.99 -17.64
C26 PCW HB . 5.37 28.03 -17.84
C27 PCW HB . 4.79 27.95 -19.26
C28 PCW HB . 3.69 28.98 -19.45
C31 PCW HB . 0.83 23.42 -5.62
C32 PCW HB . 1.60 24.67 -5.18
C33 PCW HB . 1.99 24.60 -3.71
C34 PCW HB . 0.77 24.67 -2.79
C35 PCW HB . 1.17 24.61 -1.32
C36 PCW HB . -0.05 24.72 -0.41
C37 PCW HB . 0.34 24.61 1.07
C38 PCW HB . 1.32 25.70 1.48
C39 PCW HB . 1.58 25.64 2.84
C40 PCW HB . 2.73 26.19 3.37
C41 PCW HB . 3.66 26.85 2.57
C42 PCW HB . 4.23 28.07 3.28
C43 PCW HB . 5.30 28.76 2.44
C44 PCW HB . 5.84 30.00 3.15
C45 PCW HB . 6.96 30.66 2.35
C46 PCW HB . 8.15 29.70 2.18
C47 PCW HB . 9.29 30.38 1.43
C48 PCW HB . 10.49 29.43 1.30
N PCW HB . -7.02 20.44 -4.39
O2 PCW HB . -0.08 23.53 -6.63
O3 PCW HB . -0.95 23.15 -9.17
O11 PCW HB . 0.11 21.18 -9.37
O31 PCW HB . 1.02 22.34 -5.07
O1P PCW HB . -4.06 23.31 -3.36
O2P PCW HB . -2.63 21.13 -3.13
O3P PCW HB . -2.42 22.57 -5.29
O4P PCW HB . -4.34 21.42 -4.66
P PCW HB . -3.18 22.26 -3.90
C1 PCW IB . 0.55 30.48 4.62
C2 PCW IB . 1.66 31.02 5.52
C3 PCW IB . 2.74 31.67 4.67
C4 PCW IB . -1.50 26.82 5.37
C5 PCW IB . -1.02 25.46 4.83
C6 PCW IB . -2.44 23.84 6.05
C7 PCW IB . 0.06 23.60 6.12
C8 PCW IB . -0.34 24.69 7.12
C11 PCW IB . 4.63 32.98 4.76
C12 PCW IB . 5.79 33.70 5.46
C13 PCW IB . 7.09 33.63 4.65
C14 PCW IB . 8.21 34.32 5.41
C15 PCW IB . 9.53 34.30 4.64
C16 PCW IB . 10.65 34.96 5.46
C17 PCW IB . 11.98 34.96 4.70
C18 PCW IB . 11.89 35.78 3.41
C19 PCW IB . 13.11 35.79 2.75
C20 PCW IB . 13.26 36.54 1.58
C21 PCW IB . 12.20 37.28 1.07
C22 PCW IB . 11.10 36.36 0.52
C23 PCW IB . 9.96 37.16 -0.09
C24 PCW IB . 8.84 36.23 -0.59
C25 PCW IB . 7.72 37.03 -1.26
C26 PCW IB . 8.25 37.76 -2.49
C27 PCW IB . 7.13 38.55 -3.19
C28 PCW IB . 7.65 39.27 -4.43
C31 PCW IB . 1.98 32.29 7.41
C32 PCW IB . 1.61 33.35 8.45
C33 PCW IB . 2.24 33.07 9.82
C34 PCW IB . 1.69 31.79 10.44
C35 PCW IB . 2.17 30.54 9.68
C36 PCW IB . 3.68 30.40 9.76
C37 PCW IB . 4.16 29.15 9.03
C38 PCW IB . 5.68 29.00 9.11
C39 PCW IB . 6.10 27.84 8.46
C40 PCW IB . 7.41 27.41 8.58
C41 PCW IB . 8.32 28.12 9.35
C42 PCW IB . 9.05 29.17 8.51
C43 PCW IB . 10.07 29.94 9.35
C44 PCW IB . 10.78 31.01 8.51
C45 PCW IB . 11.50 30.39 7.31
C46 PCW IB . 12.19 31.46 6.47
C47 PCW IB . 12.90 30.84 5.27
C48 PCW IB . 13.57 31.90 4.41
N PCW IB . -1.11 24.45 5.90
O2 PCW IB . 1.11 32.00 6.41
O3 PCW IB . 3.76 32.25 5.50
O11 PCW IB . 4.48 33.06 3.55
O31 PCW IB . 3.05 31.68 7.48
O1P PCW IB . -2.92 29.32 5.65
O2P PCW IB . -2.03 30.05 3.38
O3P PCW IB . -0.51 29.92 5.38
O4P PCW IB . -1.40 27.80 4.35
P PCW IB . -1.82 29.32 4.66
C1 PCW JB . 2.76 13.01 -7.41
C2 PCW JB . 4.14 12.77 -8.03
C3 PCW JB . 4.83 11.63 -7.32
C4 PCW JB . 0.54 9.71 -5.37
C5 PCW JB . 0.72 9.31 -3.91
C6 PCW JB . 1.84 7.11 -4.04
C7 PCW JB . -0.28 7.34 -2.73
C8 PCW JB . -0.66 7.24 -4.21
C11 PCW JB . 6.96 12.46 -7.44
C12 PCW JB . 8.42 12.51 -7.91
C13 PCW JB . 9.34 11.80 -6.91
C14 PCW JB . 10.79 11.81 -7.39
C15 PCW JB . 11.34 13.23 -7.55
C16 PCW JB . 11.37 13.98 -6.22
C17 PCW JB . 9.96 14.18 -5.66
C18 PCW JB . 10.01 14.93 -4.32
C19 PCW JB . 8.72 15.14 -3.82
C20 PCW JB . 8.13 16.39 -3.89
C21 PCW JB . 8.82 17.46 -4.47
C22 PCW JB . 8.75 17.38 -6.00
C23 PCW JB . 9.49 18.54 -6.66
C24 PCW JB . 8.84 19.88 -6.32
C25 PCW JB . 8.87 20.16 -4.82
C26 PCW JB . 8.20 21.50 -4.49
C27 PCW JB . 8.21 21.77 -2.99
C28 PCW JB . 7.44 20.69 -2.23
C31 PCW JB . 3.43 13.48 -10.10
C32 PCW JB . 3.15 13.34 -11.59
C33 PCW JB . 1.86 12.54 -11.83
C34 PCW JB . 1.57 12.40 -13.33
C35 PCW JB . 2.71 11.66 -14.06
C36 PCW JB . 2.39 11.52 -15.54
C37 PCW JB . 3.53 10.79 -16.27
C38 PCW JB . 3.22 10.64 -17.76
C39 PCW JB . 4.26 10.01 -18.43
C40 PCW JB . 5.05 10.73 -19.32
C41 PCW JB . 4.80 12.07 -19.54
C42 PCW JB . 6.11 12.85 -19.73
C43 PCW JB . 5.82 14.35 -19.93
C44 PCW JB . 7.12 15.13 -20.12
C45 PCW JB . 6.83 16.63 -20.29
C46 PCW JB . 6.09 17.18 -19.05
C47 PCW JB . 5.79 18.66 -19.22
C48 PCW JB . 5.05 19.21 -18.00
N PCW JB . 0.61 7.86 -3.78
O2 PCW JB . 3.99 12.44 -9.42
O3 PCW JB . 6.15 11.45 -7.86
O11 PCW JB . 6.52 13.31 -6.67
O31 PCW JB . 3.17 14.52 -9.50
O1P PCW JB . 0.04 13.24 -6.74
O2P PCW JB . -0.40 10.97 -7.80
O3P PCW JB . 1.94 11.84 -7.54
O4P PCW JB . 0.64 11.14 -5.51
P PCW JB . 0.44 11.84 -6.94
C1 PCW KB . 4.39 -4.16 2.36
C2 PCW KB . 5.54 -4.92 3.01
C3 PCW KB . 6.87 -4.38 2.53
C4 PCW KB . 0.00 -4.05 4.06
C5 PCW KB . -1.12 -3.02 4.01
C6 PCW KB . -1.70 -2.89 1.60
C7 PCW KB . -1.11 -0.79 2.85
C8 PCW KB . 0.19 -1.50 2.50
C11 PCW KB . 9.15 -4.57 2.76
C12 PCW KB . 10.45 -5.13 3.34
C13 PCW KB . 10.91 -6.37 2.60
C14 PCW KB . 12.16 -6.98 3.23
C15 PCW KB . 12.60 -8.24 2.49
C16 PCW KB . 13.03 -7.92 1.05
C17 PCW KB . 13.38 -9.20 0.29
C18 PCW KB . 13.86 -8.89 -1.13
C19 PCW KB . 14.07 -10.05 -1.86
C20 PCW KB . 15.21 -10.82 -1.68
C21 PCW KB . 16.18 -10.44 -0.75
C22 PCW KB . 17.44 -9.95 -1.46
C23 PCW KB . 18.55 -9.65 -0.45
C24 PCW KB . 18.95 -10.92 0.31
C25 PCW KB . 20.08 -10.65 1.31
C26 PCW KB . 20.48 -11.93 2.04
C27 PCW KB . 20.95 -12.99 1.06
C28 PCW KB . 21.34 -14.29 1.80
C31 PCW KB . 6.16 -5.82 5.03
C32 PCW KB . 6.19 -5.92 6.57
C33 PCW KB . 7.55 -6.44 7.03
C34 PCW KB . 7.58 -6.63 8.55
C35 PCW KB . 7.24 -5.32 9.27
C36 PCW KB . 8.23 -4.21 8.89
C37 PCW KB . 7.87 -2.91 9.61
C38 PCW KB . 8.85 -1.79 9.23
C39 PCW KB . 8.52 -0.60 9.87
C40 PCW KB . 8.88 0.62 9.30
C41 PCW KB . 9.57 0.65 8.09
C42 PCW KB . 11.08 0.48 8.31
C43 PCW KB . 11.62 1.60 9.19
C44 PCW KB . 13.12 1.43 9.42
C45 PCW KB . 13.69 2.52 10.32
C46 PCW KB . 15.18 2.34 10.55
C47 PCW KB . 15.75 3.43 11.46
C48 PCW KB . 17.24 3.23 11.71
N PCW KB . -1.04 -2.25 2.76
O2 PCW KB . 5.44 -4.82 4.44
O3 PCW KB . 7.95 -5.05 3.19
O11 PCW KB . 9.17 -3.70 1.89
O31 PCW KB . 6.77 -6.62 4.35
O1P PCW KB . 2.29 -5.45 5.05
O2P PCW KB . 3.61 -3.28 4.93
O3P PCW KB . 3.13 -4.62 2.85
O4P PCW KB . 1.27 -3.38 4.04
P PCW KB . 2.63 -4.20 4.33
C1 PCW LB . 3.47 -2.14 -7.06
C2 PCW LB . 3.49 -2.50 -8.54
C3 PCW LB . 4.72 -1.89 -9.20
C4 PCW LB . 0.65 0.30 -6.32
C5 PCW LB . 0.35 1.27 -5.17
C6 PCW LB . -1.60 2.19 -3.97
C7 PCW LB . -1.91 0.20 -5.46
C8 PCW LB . -1.32 -0.29 -4.14
C11 PCW LB . 5.93 -1.79 -11.14
C12 PCW LB . 6.19 -2.01 -12.62
C13 PCW LB . 6.99 -0.86 -13.23
C14 PCW LB . 7.25 -1.10 -14.72
C15 PCW LB . 8.05 -2.40 -14.92
C16 PCW LB . 8.33 -2.64 -16.41
C17 PCW LB . 7.02 -2.76 -17.20
C18 PCW LB . 7.31 -3.00 -18.69
C19 PCW LB . 8.03 -1.95 -19.23
C20 PCW LB . 8.62 -2.07 -20.49
C21 PCW LB . 8.46 -3.25 -21.22
C22 PCW LB . 9.68 -3.52 -22.09
C23 PCW LB . 9.50 -4.82 -22.88
C24 PCW LB . 8.27 -4.75 -23.78
C25 PCW LB . 8.10 -6.04 -24.58
C26 PCW LB . 6.87 -5.96 -25.49
C27 PCW LB . 6.70 -7.25 -26.30
C28 PCW LB . 7.90 -7.50 -27.21
C31 PCW LB . 3.18 -4.29 -9.95
C32 PCW LB . 3.19 -5.76 -10.35
C33 PCW LB . 3.80 -5.92 -11.75
C34 PCW LB . 3.87 -7.40 -12.16
C35 PCW LB . 4.48 -7.55 -13.55
C36 PCW LB . 4.58 -9.02 -13.95
C37 PCW LB . 5.20 -9.17 -15.34
C38 PCW LB . 5.30 -10.65 -15.73
C39 PCW LB . 5.85 -10.80 -17.00
C40 PCW LB . 5.73 -12.01 -17.67
C41 PCW LB . 5.07 -13.08 -17.08
C42 PCW LB . 5.66 -14.42 -17.51
C43 PCW LB . 7.14 -14.52 -17.13
C44 PCW LB . 7.73 -15.87 -17.54
C45 PCW LB . 7.61 -16.08 -19.06
C46 PCW LB . 8.36 -14.99 -19.82
C47 PCW LB . 9.85 -15.00 -19.48
C48 PCW LB . 10.59 -13.91 -20.26
N PCW LB . -1.01 1.04 -4.66
O2 PCW LB . 3.53 -3.94 -8.68
O3 PCW LB . 4.75 -2.21 -10.59
O11 PCW LB . 6.77 -1.26 -10.42
O31 PCW LB . 2.84 -3.43 -10.76
O1P PCW LB . 0.92 -1.76 -8.23
O2P PCW LB . -0.08 -3.39 -6.56
O3P PCW LB . 2.33 -2.71 -6.41
O4P PCW LB . 0.54 -1.05 -5.85
P PCW LB . 0.85 -2.27 -6.85
C1 PCW MB . -3.77 5.57 -10.84
C2 PCW MB . -2.41 5.30 -11.48
C3 PCW MB . -2.38 3.92 -12.12
C4 PCW MB . -7.96 5.28 -11.90
C5 PCW MB . -7.48 6.70 -11.53
C6 PCW MB . -8.05 9.06 -11.97
C7 PCW MB . -9.62 7.26 -12.74
C8 PCW MB . -9.85 7.48 -11.25
C11 PCW MB . -0.69 4.22 -13.65
C12 PCW MB . 0.73 4.02 -14.22
C13 PCW MB . 0.69 3.74 -15.73
C14 PCW MB . 2.12 3.53 -16.26
C15 PCW MB . 2.10 3.30 -17.78
C16 PCW MB . 3.52 3.07 -18.31
C17 PCW MB . 4.15 1.81 -17.69
C18 PCW MB . 5.56 1.59 -18.23
C19 PCW MB . 6.38 2.67 -17.92
C20 PCW MB . 7.72 2.66 -18.28
C21 PCW MB . 8.26 1.57 -18.96
C22 PCW MB . 8.93 0.59 -17.99
C23 PCW MB . 10.07 1.27 -17.23
C24 PCW MB . 10.76 0.27 -16.28
C25 PCW MB . 11.88 0.95 -15.50
C26 PCW MB . 11.35 2.11 -14.66
C27 PCW MB . 12.46 2.73 -13.83
C28 PCW MB . 13.59 3.23 -14.73
C31 PCW MB . -2.06 7.54 -11.85
C32 PCW MB . -1.77 8.79 -12.70
C33 PCW MB . -0.28 9.16 -12.67
C34 PCW MB . 0.58 8.05 -13.27
C35 PCW MB . 2.06 8.45 -13.28
C36 PCW MB . 2.58 8.68 -11.86
C37 PCW MB . 4.04 9.14 -11.88
C38 PCW MB . 4.57 9.36 -10.47
C39 PCW MB . 5.87 9.83 -10.49
C40 PCW MB . 6.94 8.95 -10.69
C41 PCW MB . 6.71 7.60 -10.88
C42 PCW MB . 7.57 7.05 -12.04
C43 PCW MB . 9.06 7.23 -11.75
C44 PCW MB . 9.91 6.74 -12.92
C45 PCW MB . 11.40 6.94 -12.65
C46 PCW MB . 12.23 6.47 -13.85
C47 PCW MB . 13.73 6.70 -13.59
C48 PCW MB . 14.57 6.24 -14.78
N PCW MB . -8.53 7.68 -11.85
O2 PCW MB . -2.09 6.32 -12.45
O3 PCW MB . -1.04 3.59 -12.51
O11 PCW MB . -1.51 4.92 -14.24
O31 PCW MB . -2.27 7.65 -10.65
O1P PCW MB . -5.81 4.70 -13.85
O2P PCW MB . -4.74 3.19 -12.10
O3P PCW MB . -4.81 5.70 -11.82
O4P PCW MB . -6.92 4.35 -11.62
P PCW MB . -5.53 4.40 -12.43
C1 PCW NB . 0.70 30.39 -1.24
C2 PCW NB . 0.95 30.59 -2.74
C3 PCW NB . 1.28 32.05 -2.99
C4 PCW NB . -2.50 29.67 0.03
C5 PCW NB . -3.56 30.62 0.60
C6 PCW NB . -5.57 29.45 -0.25
C7 PCW NB . -5.38 31.95 -0.50
C8 PCW NB . -4.56 31.29 -1.62
C11 PCW NB . 0.55 32.04 -5.17
C12 PCW NB . 0.69 32.19 -6.68
C13 PCW NB . 1.66 33.31 -7.03
C14 PCW NB . 1.80 33.49 -8.55
C15 PCW NB . 0.45 33.78 -9.20
C16 PCW NB . 0.61 34.11 -10.68
C17 PCW NB . -0.74 34.33 -11.36
C18 PCW NB . -0.56 34.81 -12.80
C19 PCW NB . 0.21 33.91 -13.54
C20 PCW NB . 1.57 34.12 -13.68
C21 PCW NB . 2.19 35.22 -13.09
C22 PCW NB . 3.52 35.53 -13.77
C23 PCW NB . 4.19 36.75 -13.14
C24 PCW NB . 5.52 37.07 -13.81
C25 PCW NB . 6.49 35.88 -13.68
C26 PCW NB . 7.84 36.20 -14.35
C27 PCW NB . 8.78 35.01 -14.24
C28 PCW NB . 10.13 35.30 -14.91
C31 PCW NB . 1.72 28.50 -3.33
C32 PCW NB . 2.78 27.50 -3.82
C33 PCW NB . 2.84 27.52 -5.36
C34 PCW NB . 3.94 26.58 -5.88
C35 PCW NB . 3.92 26.56 -7.41
C36 PCW NB . 5.03 25.65 -7.97
C37 PCW NB . 4.96 25.60 -9.50
C38 PCW NB . 6.07 24.70 -10.07
C39 PCW NB . 5.96 24.60 -11.45
C40 PCW NB . 6.77 25.37 -12.27
C41 PCW NB . 7.69 26.25 -11.72
C42 PCW NB . 8.20 27.24 -12.78
C43 PCW NB . 9.20 28.23 -12.18
C44 PCW NB . 9.69 29.21 -13.24
C45 PCW NB . 8.52 29.98 -13.85
C46 PCW NB . 9.02 30.98 -14.90
C47 PCW NB . 7.84 31.76 -15.51
C48 PCW NB . 8.33 32.74 -16.57
N PCW NB . -4.73 30.65 -0.30
O2 PCW NB . 2.07 29.80 -3.17
O3 PCW NB . 1.63 32.25 -4.37
O11 PCW NB . -0.54 31.76 -4.66
O31 PCW NB . 0.57 28.13 -3.10
O1P PCW NB . -0.63 27.29 0.57
O2P PCW NB . 1.02 29.00 1.47
O3P PCW NB . 0.30 29.06 -0.93
O4P PCW NB . -1.34 29.69 0.86
P PCW NB . -0.12 28.68 0.57
C1 PCW OB . -1.07 6.58 19.78
C2 PCW OB . -0.37 5.23 19.67
C3 PCW OB . -0.87 4.47 18.45
C4 PCW OB . -0.56 5.41 15.81
C5 PCW OB . 0.54 5.22 14.78
C6 PCW OB . 1.97 3.38 13.92
C7 PCW OB . -0.12 2.83 15.20
C8 PCW OB . -0.53 3.18 13.77
C11 PCW OB . 1.04 3.30 17.96
C12 PCW OB . 1.94 2.06 17.92
C13 PCW OB . 2.76 1.95 19.20
C14 PCW OB . 3.63 0.69 19.18
C15 PCW OB . 4.43 0.55 20.49
C16 PCW OB . 5.37 1.74 20.70
C17 PCW OB . 6.37 1.86 19.55
C18 PCW OB . 7.35 3.01 19.80
C19 PCW OB . 8.25 3.11 18.74
C20 PCW OB . 9.55 3.55 18.96
C21 PCW OB . 9.98 3.90 20.24
C22 PCW OB . 10.35 5.39 20.29
C23 PCW OB . 10.89 5.76 21.67
C24 PCW OB . 12.16 4.96 22.00
C25 PCW OB . 13.26 5.25 20.98
C26 PCW OB . 14.53 4.47 21.29
C27 PCW OB . 14.27 2.96 21.27
C28 PCW OB . 15.55 2.17 21.58
C31 PCW OB . 1.55 5.59 20.82
C32 PCW OB . 3.07 5.79 21.01
C33 PCW OB . 3.83 5.36 19.76
C34 PCW OB . 5.34 5.43 19.98
C35 PCW OB . 5.78 6.85 20.35
C36 PCW OB . 7.29 6.91 20.58
C37 PCW OB . 7.75 8.34 20.91
C38 PCW OB . 9.26 8.36 21.17
C39 PCW OB . 9.70 9.65 21.46
C40 PCW OB . 10.23 10.44 20.45
C41 PCW OB . 10.32 9.94 19.15
C42 PCW OB . 11.66 10.31 18.51
C43 PCW OB . 11.74 9.77 17.08
C44 PCW OB . 13.07 10.16 16.43
C45 PCW OB . 14.25 9.57 17.19
C46 PCW OB . 15.58 9.94 16.52
C47 PCW OB . 16.77 9.33 17.28
C48 PCW OB . 18.09 9.72 16.61
N PCW OB . 0.64 3.80 14.40
O2 PCW OB . 1.05 5.42 19.57
O3 PCW OB . -0.23 3.18 18.43
O11 PCW OB . 1.43 4.39 17.54
O31 PCW OB . 0.80 5.56 21.80
O1P PCW OB . -2.68 6.18 17.52
O2P PCW OB . -2.21 8.60 16.91
O3P PCW OB . -0.83 7.43 18.65
O4P PCW OB . -0.62 6.77 16.22
P PCW OB . -1.70 7.27 17.30
C1 PCW PB . -1.44 -4.14 -19.64
C2 PCW PB . -0.16 -4.68 -18.99
C3 PCW PB . 0.68 -5.38 -20.04
C4 PCW PB . -1.66 -2.72 -15.39
C5 PCW PB . -0.39 -2.60 -14.56
C6 PCW PB . 0.74 -0.84 -13.23
C7 PCW PB . -1.72 -0.63 -13.73
C8 PCW PB . -1.56 -1.61 -12.56
C11 PCW PB . 2.72 -6.36 -20.42
C12 PCW PB . 4.01 -7.07 -20.03
C13 PCW PB . 5.22 -6.14 -20.16
C14 PCW PB . 6.52 -6.85 -19.79
C15 PCW PB . 7.71 -5.89 -19.91
C16 PCW PB . 9.03 -6.59 -19.60
C17 PCW PB . 10.20 -5.61 -19.74
C18 PCW PB . 11.55 -6.29 -19.46
C19 PCW PB . 12.58 -5.38 -19.59
C20 PCW PB . 13.85 -5.64 -19.09
C21 PCW PB . 14.11 -6.83 -18.43
C22 PCW PB . 15.61 -6.97 -18.16
C23 PCW PB . 16.41 -6.94 -19.47
C24 PCW PB . 17.91 -6.98 -19.22
C25 PCW PB . 18.32 -8.26 -18.47
C26 PCW PB . 19.83 -8.28 -18.23
C27 PCW PB . 20.60 -8.24 -19.55
C28 PCW PB . 22.10 -8.28 -19.30
C31 PCW PB . 1.52 -4.07 -17.54
C32 PCW PB . 2.45 -3.09 -16.81
C33 PCW PB . 2.89 -1.96 -17.74
C34 PCW PB . 3.68 -2.50 -18.93
C35 PCW PB . 4.12 -1.35 -19.86
C36 PCW PB . 4.91 -1.89 -21.06
C37 PCW PB . 5.29 -0.75 -21.99
C38 PCW PB . 6.09 -1.27 -23.20
C39 PCW PB . 6.42 -0.24 -24.06
C40 PCW PB . 7.74 -0.02 -24.44
C41 PCW PB . 8.75 -0.85 -23.95
C42 PCW PB . 9.96 -0.85 -24.88
C43 PCW PB . 11.06 -1.77 -24.35
C44 PCW PB . 12.28 -1.76 -25.28
C45 PCW PB . 13.38 -2.69 -24.75
C46 PCW PB . 14.60 -2.69 -25.67
C47 PCW PB . 14.23 -3.17 -27.07
C48 PCW PB . 15.46 -3.18 -27.98
N PCW PB . -0.53 -1.48 -13.60
O2 PCW PB . 0.59 -3.60 -18.42
O3 PCW PB . 1.84 -6.00 -19.45
O11 PCW PB . 2.47 -6.09 -21.59
O31 PCW PB . 1.60 -5.28 -17.32
O1P PCW PB . -3.95 -3.45 -16.89
O2P PCW PB . -2.80 -5.60 -17.56
O3P PCW PB . -2.23 -3.42 -18.69
O4P PCW PB . -1.54 -3.82 -16.30
P PCW PB . -2.73 -4.14 -17.34
C1 PCW QB . 5.43 -11.47 5.57
C2 PCW QB . 5.95 -10.80 4.29
C3 PCW QB . 4.87 -9.91 3.73
C4 PCW QB . 3.62 -13.31 2.39
C5 PCW QB . 4.20 -13.09 0.99
C6 PCW QB . 4.87 -15.45 1.32
C7 PCW QB . 3.77 -14.77 -0.83
C8 PCW QB . 5.24 -14.36 -0.91
C11 PCW QB . 5.72 -9.91 1.58
C12 PCW QB . 6.23 -9.27 0.30
C13 PCW QB . 6.80 -7.87 0.57
C14 PCW QB . 7.13 -7.14 -0.73
C15 PCW QB . 7.70 -5.75 -0.43
C16 PCW QB . 7.83 -4.92 -1.71
C17 PCW QB . 8.77 -5.57 -2.73
C18 PCW QB . 10.20 -5.67 -2.21
C19 PCW QB . 11.04 -6.18 -3.18
C20 PCW QB . 12.43 -6.07 -3.04
C21 PCW QB . 12.97 -5.44 -1.92
C22 PCW QB . 14.31 -6.09 -1.54
C23 PCW QB . 15.34 -5.90 -2.65
C24 PCW QB . 16.65 -6.64 -2.34
C25 PCW QB . 17.27 -6.17 -1.03
C26 PCW QB . 16.38 -6.52 0.17
C27 PCW QB . 17.04 -6.10 1.48
C28 PCW QB . 18.37 -6.83 1.69
C31 PCW QB . 8.12 -10.68 5.08
C32 PCW QB . 9.42 -9.95 5.40
C33 PCW QB . 9.30 -9.15 6.70
C34 PCW QB . 10.47 -8.18 6.87
C35 PCW QB . 11.82 -8.90 6.91
C36 PCW QB . 12.95 -7.88 6.92
C37 PCW QB . 14.32 -8.57 6.99
C38 PCW QB . 15.45 -7.53 6.96
C39 PCW QB . 16.69 -8.14 7.12
C40 PCW QB . 17.73 -7.84 6.26
C41 PCW QB . 17.57 -6.93 5.23
C42 PCW QB . 17.75 -5.50 5.73
C43 PCW QB . 17.64 -4.49 4.57
C44 PCW QB . 17.77 -3.06 5.09
C45 PCW QB . 17.73 -2.04 3.94
C46 PCW QB . 18.96 -2.19 3.04
C47 PCW QB . 19.02 -3.57 2.39
C48 PCW QB . 20.27 -3.71 1.51
N PCW QB . 4.52 -14.38 0.37
O2 PCW QB . 7.07 -9.96 4.60
O3 PCW QB . 5.36 -9.12 2.63
O11 PCW QB . 5.62 -11.14 1.68
O31 PCW QB . 8.02 -11.89 5.25
O1P PCW QB . 2.01 -13.00 4.88
O2P PCW QB . 2.73 -10.57 4.96
O3P PCW QB . 4.41 -12.42 5.29
O4P PCW QB . 3.40 -12.04 3.02
P PCW QB . 3.02 -11.97 4.59
C1 PCW RB . -3.34 1.16 -21.14
C2 PCW RB . -1.85 1.20 -21.47
C3 PCW RB . -1.14 0.09 -20.71
C4 PCW RB . -5.86 -3.00 -21.06
C5 PCW RB . -7.12 -2.85 -20.21
C6 PCW RB . -8.66 -4.30 -18.92
C7 PCW RB . -6.41 -5.19 -19.59
C8 PCW RB . -6.20 -4.30 -18.37
C11 PCW RB . 0.87 1.19 -20.69
C12 PCW RB . 2.35 1.38 -21.05
C13 PCW RB . 2.59 2.73 -21.72
C14 PCW RB . 4.01 2.83 -22.26
C15 PCW RB . 4.25 4.17 -22.95
C16 PCW RB . 5.61 4.17 -23.68
C17 PCW RB . 5.87 5.53 -24.33
C18 PCW RB . 7.12 5.48 -25.20
C19 PCW RB . 8.24 5.06 -24.48
C20 PCW RB . 9.51 5.46 -24.86
C21 PCW RB . 9.69 6.28 -25.97
C22 PCW RB . 11.00 5.96 -26.69
C23 PCW RB . 10.96 4.55 -27.28
C24 PCW RB . 9.92 4.46 -28.41
C25 PCW RB . 10.29 5.39 -29.56
C26 PCW RB . 9.26 5.30 -30.69
C27 PCW RB . 9.62 6.24 -31.85
C28 PCW RB . 10.99 5.88 -32.43
C31 PCW RB . -1.88 2.09 -23.59
C32 PCW RB . -1.76 2.04 -25.12
C33 PCW RB . -0.31 2.10 -25.56
C34 PCW RB . 0.31 3.48 -25.35
C35 PCW RB . -0.39 4.52 -26.22
C36 PCW RB . 0.32 5.88 -26.13
C37 PCW RB . -0.36 6.91 -27.02
C38 PCW RB . 0.37 8.26 -26.98
C39 PCW RB . -0.25 9.21 -27.77
C40 PCW RB . 0.22 9.45 -29.06
C41 PCW RB . 1.31 8.76 -29.55
C42 PCW RB . 2.23 9.67 -30.37
C43 PCW RB . 1.48 10.28 -31.55
C44 PCW RB . 2.39 11.18 -32.39
C45 PCW RB . 1.64 11.79 -33.57
C46 PCW RB . 2.57 12.71 -34.38
C47 PCW RB . 1.83 13.31 -35.57
C48 PCW RB . 2.75 14.22 -36.38
N PCW RB . -7.27 -4.02 -19.34
O2 PCW RB . -1.66 0.96 -22.88
O3 PCW RB . 0.24 0.05 -21.10
O11 PCW RB . 0.26 2.04 -20.05
O31 PCW RB . -2.17 3.13 -23.01
O1P PCW RB . -5.68 -0.52 -19.74
O2P PCW RB . -6.23 0.62 -21.94
O3P PCW RB . -3.89 -0.13 -21.43
O4P PCW RB . -5.69 -1.85 -21.88
P PCW RB . -5.46 -0.40 -21.19
C1 PCW SB . 1.77 11.77 -1.39
C2 PCW SB . 3.09 11.67 -0.64
C3 PCW SB . 4.21 11.53 -1.66
C4 PCW SB . -0.89 14.24 -2.44
C5 PCW SB . 0.60 14.18 -2.78
C6 PCW SB . 2.07 14.39 -4.77
C7 PCW SB . -0.31 15.17 -4.90
C8 PCW SB . 0.49 16.26 -4.18
C11 PCW SB . 5.93 12.72 -0.71
C12 PCW SB . 7.27 12.90 0.00
C13 PCW SB . 8.35 12.00 -0.61
C14 PCW SB . 9.71 12.27 0.03
C15 PCW SB . 10.79 11.35 -0.58
C16 PCW SB . 12.17 11.67 0.01
C17 PCW SB . 12.58 13.11 -0.31
C18 PCW SB . 13.96 13.42 0.26
C19 PCW SB . 14.34 14.73 -0.07
C20 PCW SB . 15.61 14.98 -0.58
C21 PCW SB . 16.50 13.94 -0.79
C22 PCW SB . 17.05 13.41 0.54
C23 PCW SB . 18.04 12.27 0.32
C24 PCW SB . 19.24 12.75 -0.49
C25 PCW SB . 19.97 13.88 0.24
C26 PCW SB . 21.17 14.38 -0.57
C27 PCW SB . 21.90 15.52 0.17
C28 PCW SB . 23.09 16.00 -0.65
C31 PCW SB . 2.48 12.85 1.24
C32 PCW SB . 2.53 14.01 2.23
C33 PCW SB . 1.56 13.79 3.38
C34 PCW SB . 1.64 14.95 4.38
C35 PCW SB . 3.06 15.06 4.96
C36 PCW SB . 3.17 16.26 5.89
C37 PCW SB . 4.59 16.38 6.47
C38 PCW SB . 4.71 17.59 7.38
C39 PCW SB . 6.00 17.66 7.91
C40 PCW SB . 7.06 18.07 7.12
C41 PCW SB . 6.84 18.41 5.78
C42 PCW SB . 8.12 18.96 5.15
C43 PCW SB . 7.89 19.35 3.70
C44 PCW SB . 9.19 19.90 3.07
C45 PCW SB . 8.95 20.32 1.62
C46 PCW SB . 10.23 20.89 1.01
C47 PCW SB . 10.00 21.34 -0.44
C48 PCW SB . 11.28 21.90 -1.06
N PCW SB . 0.85 14.84 -4.07
O2 PCW SB . 3.30 12.86 0.15
O3 PCW SB . 5.49 11.46 -1.01
O11 PCW SB . 5.26 13.69 -1.04
O31 PCW SB . 1.70 11.91 1.41
O1P PCW SB . -0.85 11.37 -2.41
O2P PCW SB . -1.74 11.42 -0.03
O3P PCW SB . 0.66 11.92 -0.50
O4P PCW SB . -1.12 13.57 -1.19
P PCW SB . -0.84 11.98 -1.05
C1 PCW TB . 2.84 16.30 0.32
C2 PCW TB . 3.31 17.49 -0.52
C3 PCW TB . 3.89 18.55 0.40
C4 PCW TB . 0.16 19.41 1.07
C5 PCW TB . 0.12 20.73 0.30
C6 PCW TB . -2.00 19.82 -0.58
C7 PCW TB . -1.99 22.05 0.56
C8 PCW TB . -1.50 22.25 -0.88
C11 PCW TB . 3.42 20.20 -1.14
C12 PCW TB . 3.73 21.38 -2.05
C13 PCW TB . 4.46 22.50 -1.29
C14 PCW TB . 4.78 23.67 -2.21
C15 PCW TB . 5.51 24.79 -1.46
C16 PCW TB . 6.84 24.28 -0.89
C17 PCW TB . 7.57 25.40 -0.16
C18 PCW TB . 8.91 24.91 0.40
C19 PCW TB . 9.59 25.93 1.06
C20 PCW TB . 10.98 25.98 1.01
C21 PCW TB . 11.69 25.02 0.32
C22 PCW TB . 12.20 23.93 1.27
C23 PCW TB . 13.13 24.51 2.34
C24 PCW TB . 14.35 25.17 1.70
C25 PCW TB . 15.16 24.16 0.88
C26 PCW TB . 16.39 24.82 0.24
C27 PCW TB . 17.20 23.80 -0.56
C28 PCW TB . 17.67 22.65 0.32
C31 PCW TB . 3.83 16.23 -2.37
C32 PCW TB . 4.75 15.63 -3.44
C33 PCW TB . 4.66 16.43 -4.75
C34 PCW TB . 5.64 15.88 -5.79
C35 PCW TB . 5.56 16.67 -7.09
C36 PCW TB . 6.56 16.16 -8.12
C37 PCW TB . 6.48 16.96 -9.42
C38 PCW TB . 7.51 16.48 -10.44
C39 PCW TB . 7.40 17.18 -11.63
C40 PCW TB . 8.53 17.49 -12.37
C41 PCW TB . 9.79 17.11 -11.94
C42 PCW TB . 10.66 16.66 -13.11
C43 PCW TB . 12.07 16.28 -12.64
C44 PCW TB . 12.93 15.82 -13.82
C45 PCW TB . 14.36 15.47 -13.36
C46 PCW TB . 15.09 16.70 -12.81
C47 PCW TB . 14.40 17.25 -11.56
C48 PCW TB . 15.13 18.49 -11.03
N PCW TB . -1.25 21.00 -0.15
O2 PCW TB . 4.34 17.05 -1.42
O3 PCW TB . 4.41 19.64 -0.40
O11 PCW TB . 2.27 19.76 -1.06
O31 PCW TB . 2.62 15.97 -2.37
O1P PCW TB . 0.73 17.52 3.25
O2P PCW TB . 3.21 17.80 2.78
O3P PCW TB . 1.71 16.64 1.13
O4P PCW TB . 1.51 19.12 1.47
P PCW TB . 1.82 17.76 2.27
C1 PCW UB . -0.79 3.05 1.74
C2 PCW UB . 0.73 3.15 1.57
C3 PCW UB . 1.41 2.22 2.56
C4 PCW UB . -3.84 2.03 -0.52
C5 PCW UB . -5.31 1.58 -0.43
C6 PCW UB . -6.97 0.30 -1.73
C7 PCW UB . -4.54 0.22 -2.40
C8 PCW UB . -4.74 -0.74 -1.22
C11 PCW UB . 3.41 1.55 3.43
C12 PCW UB . 4.93 1.54 3.59
C13 PCW UB . 5.62 1.19 2.27
C14 PCW UB . 7.14 1.16 2.45
C15 PCW UB . 7.84 0.79 1.13
C16 PCW UB . 9.36 0.74 1.32
C17 PCW UB . 10.07 0.37 0.01
C18 PCW UB . 11.57 0.30 0.20
C19 PCW UB . 11.92 -0.67 1.13
C20 PCW UB . 12.30 -0.31 2.42
C21 PCW UB . 12.33 1.03 2.78
C22 PCW UB . 11.48 1.29 4.02
C23 PCW UB . 12.02 0.55 5.25
C24 PCW UB . 11.97 -0.96 5.06
C25 PCW UB . 12.53 -1.69 6.28
C26 PCW UB . 13.98 -1.28 6.56
C27 PCW UB . 14.53 -2.00 7.78
C28 PCW UB . 15.97 -1.58 8.06
C31 PCW UB . 2.35 3.33 -0.05
C32 PCW UB . 2.95 3.12 -1.43
C33 PCW UB . 4.36 3.72 -1.51
C34 PCW UB . 4.97 3.54 -2.90
C35 PCW UB . 6.38 4.11 -2.97
C36 PCW UB . 7.32 3.39 -2.00
C37 PCW UB . 8.74 3.95 -2.08
C38 PCW UB . 9.67 3.24 -1.10
C39 PCW UB . 10.97 3.73 -1.19
C40 PCW UB . 11.56 4.30 -0.07
C41 PCW UB . 10.86 4.39 1.13
C42 PCW UB . 11.75 4.93 2.24
C43 PCW UB . 12.94 4.01 2.50
C44 PCW UB . 13.81 4.55 3.65
C45 PCW UB . 15.01 3.63 3.91
C46 PCW UB . 15.87 4.16 5.06
C47 PCW UB . 17.04 3.22 5.34
C48 PCW UB . 17.90 3.76 6.50
N PCW UB . -5.55 0.47 -1.36
O2 PCW UB . 1.11 2.82 0.23
O3 PCW UB . 2.84 2.37 2.52
O11 PCW UB . 2.71 0.81 4.12
O31 PCW UB . 2.95 3.96 0.81
O1P PCW UB . -0.99 2.27 -0.94
O2P PCW UB . -0.70 -0.11 -0.15
O3P PCW UB . -1.25 1.72 1.49
O4P PCW UB . -2.99 0.95 -0.16
P PCW UB . -1.40 1.18 -0.03
C1 PCW VB . 4.44 29.23 20.66
C2 PCW VB . 4.97 30.09 19.52
C3 PCW VB . 6.22 30.80 20.00
C4 PCW VB . 0.02 27.61 21.43
C5 PCW VB . -1.26 27.16 20.73
C6 PCW VB . -2.86 28.97 21.29
C7 PCW VB . -3.46 26.58 21.80
C8 PCW VB . -2.52 27.06 22.90
C11 PCW VB . 7.85 32.30 19.59
C12 PCW VB . 8.79 33.18 18.76
C13 PCW VB . 8.09 34.38 18.13
C14 PCW VB . 9.13 35.29 17.49
C15 PCW VB . 8.50 36.50 16.79
C16 PCW VB . 7.55 36.05 15.68
C17 PCW VB . 7.25 37.19 14.71
C18 PCW VB . 8.56 37.64 14.05
C19 PCW VB . 8.34 38.63 13.10
C20 PCW VB . 8.39 38.31 11.74
C21 PCW VB . 8.64 37.00 11.35
C22 PCW VB . 10.09 36.62 11.67
C23 PCW VB . 10.37 35.16 11.26
C24 PCW VB . 11.80 34.76 11.61
C25 PCW VB . 12.06 33.30 11.22
C26 PCW VB . 13.49 32.88 11.57
C27 PCW VB . 14.53 33.69 10.78
C28 PCW VB . 15.95 33.26 11.15
C31 PCW VB . 5.36 29.96 17.25
C32 PCW VB . 5.56 29.23 15.91
C33 PCW VB . 7.02 28.88 15.63
C34 PCW VB . 7.91 30.12 15.62
C35 PCW VB . 8.36 30.50 17.03
C36 PCW VB . 9.25 29.41 17.62
C37 PCW VB . 9.78 29.79 19.00
C38 PCW VB . 10.72 28.70 19.53
C39 PCW VB . 11.24 29.05 20.77
C40 PCW VB . 12.59 28.86 21.04
C41 PCW VB . 13.43 28.34 20.07
C42 PCW VB . 14.83 28.94 20.17
C43 PCW VB . 15.77 28.32 19.13
C44 PCW VB . 17.17 28.93 19.22
C45 PCW VB . 18.15 28.29 18.23
C46 PCW VB . 18.41 26.82 18.57
C47 PCW VB . 17.14 25.97 18.46
C48 PCW VB . 17.41 24.51 18.83
N PCW VB . -2.43 27.58 21.53
O2 PCW VB . 5.24 29.23 18.39
O3 PCW VB . 6.86 31.58 18.99
O11 PCW VB . 7.98 32.24 20.81
O31 PCW VB . 5.32 31.19 17.29
O1P PCW VB . 3.43 26.17 21.14
O2P PCW VB . 2.52 28.01 22.63
O3P PCW VB . 3.27 28.51 20.29
O4P PCW VB . 1.16 27.17 20.68
P PCW VB . 2.64 27.41 21.28
C1 17F WB . -4.40 35.11 13.37
N1 17F WB . -3.63 37.12 12.17
O1 17F WB . -2.34 34.33 11.74
P1 17F WB . -2.10 33.82 13.11
C2 17F WB . -4.34 35.83 12.01
O2 17F WB . -0.89 34.12 13.90
C3 17F WB . -5.77 36.09 11.51
O3 17F WB . -3.08 34.86 13.86
C4 17F WB . -2.56 31.78 14.73
O4 17F WB . -6.44 36.94 12.13
C5 17F WB . -1.35 30.90 14.38
O5 17F WB . -6.14 35.43 10.52
C6 17F WB . -1.69 30.05 13.17
O6 17F WB . -2.97 32.57 13.61
C7 17F WB . -0.91 28.35 11.85
O7 17F WB . -0.56 29.22 12.84
C8 17F WB . 0.14 27.37 11.31
O8 17F WB . -2.05 28.35 11.41
C9 17F WB . 1.55 27.90 11.56
O9 17F WB . -0.21 31.74 14.10
C10 17F WB . 2.60 26.94 11.00
O10 17F WB . -0.27 31.99 16.32
C11 17F WB . 2.44 26.77 9.49
C12 17F WB . 3.50 25.82 8.93
C17 17F WB . 0.27 32.27 15.25
C18 17F WB . 1.48 33.20 15.21
C19 17F WB . 2.77 32.43 14.91
C20 17F WB . 3.97 33.38 14.91
C1X 17F WB . 3.40 25.71 7.40
C1Y 17F WB . 5.27 32.63 14.59
C1Z 17F WB . 6.47 33.57 14.63
C2X 17F WB . 4.47 24.78 6.84
C21 17F WB . 4.39 24.69 5.45
C22 17F WB . 5.53 24.72 4.67
C23 17F WB . 6.78 24.83 5.27
C24 17F WB . 7.72 25.70 4.43
C25 17F WB . 9.10 25.79 5.06
C26 17F WB . 10.04 26.65 4.23
C27 17F WB . 11.44 26.72 4.86
C28 17F WB . 12.38 27.57 4.00
C29 17F WB . 13.78 27.64 4.63
C30 17F WB . 14.72 28.48 3.78
C31 17F WB . 7.76 32.82 14.30
C32 17F WB . 8.97 33.77 14.36
C33 17F WB . 10.14 33.09 14.03
C34 17F WB . 11.01 32.66 15.02
C35 17F WB . 10.72 32.87 16.36
C36 17F WB . 11.95 33.32 17.13
C37 17F WB . 11.63 33.52 18.62
C38 17F WB . 12.85 34.00 19.40
C39 17F WB . 12.52 34.17 20.88
C40 17F WB . 11.42 35.21 21.09
C41 17F WB . 11.09 35.38 22.57
C42 17F WB . 10.00 36.42 22.79
HN1 17F WB . -2.77 36.76 12.52
HN1A 17F WB . -3.84 37.69 12.96
HAC 17F WB . -3.26 37.49 11.33
C1 17F XB . -3.73 1.79 -9.22
N1 17F XB . -2.37 -0.26 -9.18
O1 17F XB . -1.57 2.15 -7.22
P1 17F XB . -1.69 3.17 -8.29
C2 17F XB . -3.36 0.53 -8.43
O2 17F XB . -2.18 4.52 -7.93
C3 17F XB . -4.62 -0.32 -8.20
O3 17F XB . -2.58 2.59 -9.49
C4 17F XB . 0.00 4.39 -9.89
O4 17F XB . -4.89 -1.17 -9.06
C5 17F XB . 1.46 4.44 -10.34
O5 17F XB . -5.27 -0.09 -7.15
C6 17F XB . 2.36 4.70 -9.15
O6 17F XB . -0.23 3.33 -8.97
C7 17F XB . 4.50 5.07 -8.46
O7 17F XB . 3.72 4.85 -9.55
C8 17F XB . 6.01 5.27 -8.63
O8 17F XB . 3.99 5.12 -7.35
C9 17F XB . 6.72 5.26 -7.27
O9 17F XB . 1.83 3.20 -10.97
C10 17F XB . 8.23 5.47 -7.44
O10 17F XB . 3.43 4.50 -11.83
C11 17F XB . 8.53 6.83 -8.09
C12 17F XB . 10.04 7.04 -8.23
C17 17F XB . 2.93 3.38 -11.74
C18 17F XB . 3.53 2.20 -12.50
C19 17F XB . 5.00 2.45 -12.85
C20 17F XB . 5.14 3.69 -13.74
C1X 17F XB . 10.35 8.40 -8.86
C1Y 17F XB . 6.61 3.99 -14.03
C1Z 17F XB . 6.75 5.24 -14.92
C2X 17F XB . 11.87 8.58 -9.01
C21 17F XB . 12.16 9.82 -9.58
C22 17F XB . 13.27 10.53 -9.13
C23 17F XB . 14.07 10.01 -8.12
C24 17F XB . 13.80 10.72 -6.79
C25 17F XB . 14.67 10.15 -5.67
C26 17F XB . 14.38 8.66 -5.46
C27 17F XB . 15.25 8.09 -4.34
C28 17F XB . 14.95 6.60 -4.12
C29 17F XB . 15.82 6.03 -2.99
C30 17F XB . 15.54 4.55 -2.79
C31 17F XB . 6.06 5.02 -16.27
C32 17F XB . 6.18 6.25 -17.16
C33 17F XB . 5.57 6.02 -18.40
C34 17F XB . 5.85 6.84 -19.49
C35 17F XB . 6.75 7.89 -19.36
C36 17F XB . 8.19 7.39 -19.32
C37 17F XB . 9.16 8.57 -19.25
C38 17F XB . 8.89 9.43 -18.00
C39 17F XB . 9.85 10.63 -17.93
C40 17F XB . 9.57 11.48 -16.70
C41 17F XB . 8.14 12.01 -16.71
C42 17F XB . 7.85 12.86 -15.46
HN1 17F XB . -1.55 0.29 -9.31
HN1A 17F XB . -2.15 -1.08 -8.67
HAC 17F XB . -2.75 -0.51 -10.07
C1 17F YB . 1.19 20.93 17.49
N1 17F YB . -0.92 22.18 17.69
O1 17F YB . 2.98 19.82 19.46
P1 17F YB . 3.11 21.28 19.27
C2 17F YB . 0.07 21.64 16.74
O2 17F YB . 3.23 22.14 20.46
C3 17F YB . -0.61 20.66 15.77
O3 17F YB . 1.87 21.82 18.37
C4 17F YB . 5.00 22.84 18.30
O4 17F YB . -0.99 21.13 14.67
C5 17F YB . 6.30 22.82 17.51
O5 17F YB . -0.72 19.48 16.14
C6 17F YB . 6.93 24.21 17.55
O6 17F YB . 4.38 21.55 18.32
C7 17F YB . 8.78 25.43 17.03
O7 17F YB . 8.16 24.23 16.82
C8 17F YB . 10.13 25.71 16.37
O8 17F YB . 8.26 26.26 17.76
C9 17F YB . 11.29 25.26 17.26
O9 17F YB . 7.21 21.88 18.10
C10 17F YB . 12.64 25.53 16.60
O10 17F YB . 8.20 21.98 16.09
C11 17F YB . 12.81 27.02 16.30
C12 17F YB . 14.18 27.30 15.66
C17 17F YB . 8.19 21.52 17.23
C18 17F YB . 9.26 20.53 17.70
C19 17F YB . 10.36 20.34 16.64
C20 17F YB . 9.79 19.76 15.35
C1X 17F YB . 14.33 28.78 15.33
C1Y 17F YB . 10.90 19.43 14.34
C1Z 17F YB . 11.73 20.66 13.97
C2X 17F YB . 15.70 29.06 14.69
C21 17F YB . 15.82 30.41 14.38
C22 17F YB . 17.08 30.99 14.28
C23 17F YB . 18.22 30.20 14.49
C24 17F YB . 19.31 31.02 15.19
C25 17F YB . 20.57 30.17 15.43
C26 17F YB . 21.15 29.67 14.10
C27 17F YB . 22.42 28.85 14.35
C28 17F YB . 23.02 28.35 13.04
C29 17F YB . 24.28 27.52 13.31
C30 17F YB . 24.91 27.04 12.00
C31 17F YB . 12.49 21.22 15.18
C32 17F YB . 13.36 22.41 14.79
C33 17F YB . 14.33 22.03 13.87
C34 17F YB . 15.49 22.78 13.74
C35 17F YB . 15.70 23.90 14.52
C36 17F YB . 16.82 23.68 15.53
C37 17F YB . 18.15 23.36 14.84
C38 17F YB . 19.26 23.12 15.86
C39 17F YB . 20.59 22.82 15.17
C40 17F YB . 20.49 21.57 14.29
C41 17F YB . 21.82 21.31 13.58
C42 17F YB . 21.72 20.08 12.67
HN1 17F YB . -0.48 22.83 18.30
HN1A 17F YB . -1.65 22.63 17.17
HAC 17F YB . -1.31 21.42 18.21
C1 17F ZB . 0.47 -4.03 14.30
N1 17F ZB . -0.89 -5.25 15.94
O1 17F ZB . 2.59 -3.47 17.37
P1 17F ZB . 1.95 -2.90 16.16
C2 17F ZB . -0.81 -4.01 15.15
O2 17F ZB . 0.74 -2.06 16.33
C3 17F ZB . -2.04 -3.90 14.24
O3 17F ZB . 1.63 -4.09 15.12
C4 17F ZB . 2.67 -1.10 14.36
O4 17F ZB . -2.71 -2.85 14.31
C5 17F ZB . 3.84 -0.20 13.97
O5 17F ZB . -2.27 -4.86 13.48
C6 17F ZB . 3.42 0.77 12.88
O6 17F ZB . 3.07 -2.03 15.38
C7 17F ZB . 4.23 2.53 11.64
O7 17F ZB . 4.57 1.56 12.52
C8 17F ZB . 5.32 3.47 11.12
O8 17F ZB . 3.06 2.66 11.27
C9 17F ZB . 6.49 3.51 12.10
O9 17F ZB . 4.26 0.54 15.13
C10 17F ZB . 7.62 4.43 11.60
O10 17F ZB . 5.81 0.40 16.75
C11 17F ZB . 8.19 3.93 10.28
C12 17F ZB . 9.39 4.78 9.86
C17 17F ZB . 5.34 -0.06 15.71
C18 17F ZB . 5.96 -1.31 15.06
C19 17F ZB . 7.42 -1.46 15.48
C20 17F ZB . 8.09 -2.63 14.75
C1X 17F ZB . 9.98 4.30 8.52
C1Y 17F ZB . 9.54 -2.81 15.20
C1Z 17F ZB . 10.24 -3.90 14.38
C2X 17F ZB . 11.22 5.11 8.17
C21 17F ZB . 10.93 6.46 8.06
C22 17F ZB . 11.69 7.40 8.75
C23 17F ZB . 12.75 6.99 9.55
C24 17F ZB . 12.25 6.54 10.92
C25 17F ZB . 13.42 6.09 11.80
C26 17F ZB . 14.42 7.23 12.01
C27 17F ZB . 15.59 6.78 12.89
C28 17F ZB . 16.59 7.92 13.09
C29 17F ZB . 17.17 8.38 11.75
C30 17F ZB . 18.16 9.52 11.94
C31 17F ZB . 10.34 -3.50 12.91
C32 17F ZB . 11.04 -4.60 12.10
C33 17F ZB . 11.20 -4.21 10.77
C34 17F ZB . 12.02 -4.95 9.93
C35 17F ZB . 12.69 -6.07 10.41
C36 17F ZB . 14.01 -6.30 9.69
C37 17F ZB . 14.96 -5.10 9.86
C38 17F ZB . 16.28 -5.35 9.15
C39 17F ZB . 17.24 -4.17 9.35
C40 17F ZB . 18.58 -4.43 8.65
C41 17F ZB . 19.54 -3.26 8.86
C42 17F ZB . 18.97 -1.96 8.28
HN1 17F ZB . -1.74 -5.06 16.43
HN1A 17F ZB . -0.32 -5.34 16.75
HAC 17F ZB . -1.21 -6.05 15.43
C1 17F AC . 0.16 -11.01 1.51
N1 17F AC . 0.84 -8.67 1.23
O1 17F AC . -0.33 -11.32 -1.26
P1 17F AC . 1.09 -11.51 -0.91
C2 17F AC . -0.28 -9.61 1.09
O2 17F AC . 1.79 -12.71 -1.43
C3 17F AC . -1.44 -9.15 1.97
O3 17F AC . 1.24 -11.47 0.70
C4 17F AC . 3.28 -10.29 -1.69
O4 17F AC . -1.68 -7.92 2.00
C5 17F AC . 3.88 -8.92 -2.01
O5 17F AC . -2.08 -10.04 2.58
C6 17F AC . 3.73 -8.02 -0.79
O6 17F AC . 1.89 -10.20 -1.37
C7 17F AC . 3.89 -6.16 -2.13
O7 17F AC . 4.42 -6.79 -1.04
C8 17F AC . 4.51 -4.84 -2.60
O8 17F AC . 2.92 -6.63 -2.69
C9 17F AC . 3.53 -4.03 -3.45
O9 17F AC . 5.26 -9.07 -2.31
C10 17F AC . 4.22 -2.80 -4.04
O10 17F AC . 4.39 -9.74 -4.27
C11 17F AC . 5.40 -3.21 -4.92
C12 17F AC . 6.11 -1.99 -5.51
C17 17F AC . 5.40 -9.54 -3.59
C18 17F AC . 6.79 -9.80 -4.17
C19 17F AC . 6.77 -10.99 -5.13
C20 17F AC . 8.16 -11.22 -5.72
C1X 17F AC . 7.28 -2.42 -6.39
C1Y 17F AC . 8.15 -12.43 -6.67
C1Z 17F AC . 9.54 -12.67 -7.27
C2X 17F AC . 8.01 -1.21 -6.99
C21 17F AC . 8.54 -0.40 -6.00
C22 17F AC . 9.69 -0.78 -5.34
C23 17F AC . 10.31 -1.97 -5.64
C24 17F AC . 11.48 -1.75 -6.62
C25 17F AC . 12.17 -3.06 -6.96
C26 17F AC . 13.34 -2.82 -7.93
C27 17F AC . 14.05 -4.14 -8.26
C28 17F AC . 15.23 -3.90 -9.21
C29 17F AC . 15.94 -5.22 -9.53
C30 17F AC . 17.12 -4.98 -10.48
C31 17F AC . 9.52 -13.89 -8.19
C32 17F AC . 10.91 -14.14 -8.79
C33 17F AC . 10.91 -15.30 -9.56
C34 17F AC . 10.96 -15.21 -10.95
C35 17F AC . 11.00 -13.97 -11.58
C36 17F AC . 12.15 -13.90 -12.59
C37 17F AC . 12.02 -15.02 -13.63
C38 17F AC . 13.17 -14.98 -14.63
C39 17F AC . 13.05 -16.14 -15.63
C40 17F AC . 11.74 -16.05 -16.41
C41 17F AC . 11.57 -17.23 -17.36
C42 17F AC . 11.52 -18.55 -16.58
HN1 17F AC . 1.01 -8.81 2.21
HN1A 17F AC . 0.67 -7.69 1.28
HAC 17F AC . 1.73 -9.02 0.91
C1 17F BC . -6.25 27.60 -7.53
N1 17F BC . -7.78 26.72 -5.82
O1 17F BC . -3.67 26.76 -4.86
P1 17F BC . -4.32 27.75 -5.73
C2 17F BC . -7.34 27.95 -6.50
O2 17F BC . -5.21 28.75 -5.11
C3 17F BC . -8.53 28.58 -7.22
O3 17F BC . -5.13 26.98 -6.89
C4 17F BC . -2.94 28.21 -7.92
O4 17F BC . -8.85 28.13 -8.33
C5 17F BC . -1.83 29.10 -8.51
O5 17F BC . -9.11 29.52 -6.62
C6 17F BC . -0.51 28.82 -7.79
O6 17F BC . -3.17 28.52 -6.54
C7 17F BC . 1.61 28.76 -8.62
O7 17F BC . 0.54 29.57 -8.39
C8 17F BC . 2.87 29.31 -9.30
O8 17F BC . 1.55 27.57 -8.29
C9 17F BC . 3.96 29.60 -8.26
O9 17F BC . -1.67 28.78 -9.90
C10 17F BC . 5.26 30.04 -8.97
O10 17F BC . -0.71 30.81 -9.90
C11 17F BC . 6.35 30.38 -7.96
C12 17F BC . 7.65 30.77 -8.66
C17 17F BC . -1.01 29.80 -10.52
C18 17F BC . -0.67 29.68 -12.02
C19 17F BC . 0.56 30.53 -12.35
C20 17F BC . 0.95 30.40 -13.82
C1X 17F BC . 8.73 31.16 -7.64
C1Y 17F BC . 2.14 31.31 -14.14
C1Z 17F BC . 3.34 30.96 -13.25
C2X 17F BC . 10.03 31.56 -8.32
C21 17F BC . 10.96 32.00 -7.39
C22 17F BC . 12.12 31.27 -7.14
C23 17F BC . 12.37 30.07 -7.82
C24 17F BC . 12.59 28.92 -6.84
C25 17F BC . 12.91 27.62 -7.57
C26 17F BC . 14.20 27.76 -8.38
C27 17F BC . 14.53 26.45 -9.11
C28 17F BC . 15.83 26.58 -9.90
C29 17F BC . 17.01 26.89 -8.97
C30 17F BC . 18.31 27.02 -9.78
C31 17F BC . 4.51 31.92 -13.51
C32 17F BC . 5.69 31.61 -12.58
C33 17F BC . 6.72 32.52 -12.77
C34 17F BC . 7.10 33.36 -11.73
C35 17F BC . 6.45 33.29 -10.50
C36 17F BC . 7.32 33.88 -9.38
C37 17F BC . 6.58 33.81 -8.04
C38 17F BC . 7.43 34.42 -6.91
C39 17F BC . 6.71 34.30 -5.57
C40 17F BC . 5.36 35.03 -5.60
C41 17F BC . 4.64 34.90 -4.26
C42 17F BC . 3.28 35.61 -4.30
HN1 17F BC . -8.19 26.10 -6.47
HN1A 17F BC . -6.99 26.28 -5.38
HAC 17F BC . -8.46 26.96 -5.12
C1 17F CC . -2.89 5.64 7.33
N1 17F CC . -1.63 3.86 8.48
O1 17F CC . -1.32 4.89 4.13
P1 17F CC . -1.11 4.74 5.59
C2 17F CC . -2.27 5.17 8.65
O2 17F CC . -1.43 3.45 6.23
C3 17F CC . -3.38 5.08 9.71
O3 17F CC . -1.89 5.93 6.35
C4 17F CC . 1.12 4.50 6.99
O4 17F CC . -3.17 4.34 10.70
C5 17F CC . 2.56 4.99 7.07
O5 17F CC . -4.41 5.75 9.51
C6 17F CC . 3.28 4.30 8.22
O6 17F CC . 0.44 5.10 5.89
C7 17F CC . 5.34 3.98 7.31
O7 17F CC . 4.65 4.70 8.23
C8 17F CC . 6.83 4.26 7.07
O8 17F CC . 4.78 3.08 6.70
C9 17F CC . 7.31 3.62 5.78
O9 17F CC . 3.23 4.70 5.84
C10 17F CC . 8.79 3.89 5.52
O10 17F CC . 3.89 5.75 3.98
C11 17F CC . 9.05 5.39 5.36
C12 17F CC . 10.54 5.67 5.12
C17 17F CC . 3.33 5.82 5.07
C18 17F CC . 2.76 7.14 5.58
C19 17F CC . 3.32 8.31 4.77
C20 17F CC . 2.88 8.21 3.30
C1X 17F CC . 10.80 7.16 4.94
C1Y 17F CC . 3.55 9.31 2.46
C1Z 17F CC . 5.07 9.15 2.46
C2X 17F CC . 12.29 7.43 4.69
C21 17F CC . 13.06 6.99 5.76
C22 17F CC . 14.36 7.47 5.94
C23 17F CC . 14.89 8.40 5.06
C24 17F CC . 16.42 8.30 5.04
C25 17F CC . 17.02 9.32 4.05
C26 17F CC . 18.54 9.21 4.03
C27 17F CC . 19.14 10.22 3.05
C28 17F CC . 20.67 10.13 3.03
C29 17F CC . 21.27 11.13 2.04
C30 17F CC . 22.80 11.01 2.01
C31 17F CC . 5.73 10.25 1.63
C32 17F CC . 7.25 10.09 1.61
C33 17F CC . 7.78 10.17 2.90
C34 17F CC . 9.08 9.74 3.15
C35 17F CC . 9.86 9.21 2.14
C36 17F CC . 11.35 9.40 2.45
C37 17F CC . 12.23 8.81 1.35
C38 17F CC . 13.71 9.02 1.68
C39 17F CC . 14.61 8.44 0.58
C40 17F CC . 16.08 8.66 0.92
C41 17F CC . 16.98 8.07 -0.18
C42 17F CC . 18.46 8.29 0.15
HN1 17F CC . -0.94 4.12 7.81
HN1A 17F CC . -2.07 3.16 7.93
HAC 17F CC . -0.98 3.61 9.21
C1 PCW DC . 34.54 33.43 -5.89
C2 PCW DC . 33.08 33.35 -5.42
C3 PCW DC . 32.37 34.62 -5.80
C4 PCW DC . 35.24 32.95 -10.40
C5 PCW DC . 35.22 31.68 -11.27
C6 PCW DC . 37.57 32.32 -11.70
C7 PCW DC . 37.04 30.02 -10.81
C8 PCW DC . 36.77 30.01 -12.31
C11 PCW DC . 30.34 35.58 -6.11
C12 PCW DC . 28.82 35.75 -5.94
C13 PCW DC . 28.23 36.67 -7.01
C14 PCW DC . 26.73 36.87 -6.79
C15 PCW DC . 26.13 37.83 -7.82
C16 PCW DC . 24.64 38.06 -7.57
C17 PCW DC . 23.85 36.75 -7.67
C18 PCW DC . 22.36 36.99 -7.40
C19 PCW DC . 21.65 35.81 -7.52
C20 PCW DC . 20.73 35.45 -6.54
C21 PCW DC . 20.55 36.26 -5.43
C22 PCW DC . 19.77 35.53 -4.33
C23 PCW DC . 19.61 36.42 -3.09
C24 PCW DC . 18.85 35.68 -1.99
C25 PCW DC . 19.59 34.42 -1.55
C26 PCW DC . 18.83 33.68 -0.45
C27 PCW DC . 17.46 33.23 -0.92
C28 PCW DC . 16.69 32.53 0.20
C31 PCW DC . 31.45 31.77 -5.23
C32 PCW DC . 30.56 30.61 -5.69
C33 PCW DC . 29.09 30.91 -5.34
C34 PCW DC . 28.89 30.99 -3.82
C35 PCW DC . 27.49 31.49 -3.49
C36 PCW DC . 27.26 31.53 -1.98
C37 PCW DC . 25.95 32.25 -1.65
C38 PCW DC . 25.67 32.27 -0.14
C39 PCW DC . 24.62 33.13 0.16
C40 PCW DC . 23.35 32.64 0.43
C41 PCW DC . 23.09 31.27 0.41
C42 PCW DC . 21.59 31.02 0.62
C43 PCW DC . 21.28 29.52 0.61
C44 PCW DC . 19.79 29.29 0.86
C45 PCW DC . 19.44 27.80 0.85
C46 PCW DC . 17.95 27.57 1.08
C47 PCW DC . 17.11 28.22 -0.02
C48 PCW DC . 15.62 28.00 0.20
N PCW DC . 36.59 31.23 -11.51
O2 PCW DC . 32.43 32.24 -6.05
O3 PCW DC . 30.97 34.56 -5.48
O11 PCW DC . 30.97 36.36 -6.82
O31 PCW DC . 31.30 32.26 -4.11
O1P PCW DC . 36.09 35.13 -8.71
O2P PCW DC . 37.08 33.46 -7.09
O3P PCW DC . 34.60 33.74 -7.28
O4P PCW DC . 35.89 32.66 -9.16
P PCW DC . 36.02 33.82 -8.04
C1 PCW EC . 31.86 25.50 -14.05
C2 PCW EC . 30.41 25.03 -13.99
C3 PCW EC . 30.24 23.91 -12.98
C4 PCW EC . 32.19 29.34 -13.14
C5 PCW EC . 31.60 30.26 -14.22
C6 PCW EC . 32.32 32.09 -15.72
C7 PCW EC . 34.06 30.68 -14.57
C8 PCW EC . 33.54 29.89 -15.77
C11 PCW EC . 28.06 24.36 -12.40
C12 PCW EC . 26.54 24.15 -12.40
C13 PCW EC . 25.86 25.01 -11.35
C14 PCW EC . 24.34 24.96 -11.48
C15 PCW EC . 23.79 23.55 -11.26
C16 PCW EC . 22.27 23.54 -11.40
C17 PCW EC . 21.68 22.14 -11.19
C18 PCW EC . 20.15 22.18 -11.33
C19 PCW EC . 19.60 20.92 -11.12
C20 PCW EC . 18.23 20.74 -11.29
C21 PCW EC . 17.44 21.82 -11.66
C22 PCW EC . 16.04 21.36 -12.07
C23 PCW EC . 15.16 22.56 -12.45
C24 PCW EC . 13.77 22.13 -12.89
C25 PCW EC . 13.05 21.37 -11.78
C26 PCW EC . 11.64 20.97 -12.21
C27 PCW EC . 11.67 20.07 -13.45
C28 PCW EC . 10.24 19.74 -13.91
C31 PCW EC . 29.68 27.14 -14.56
C32 PCW EC . 28.87 28.41 -14.36
C33 PCW EC . 27.42 28.08 -14.03
C34 PCW EC . 26.58 29.33 -13.79
C35 PCW EC . 25.12 28.94 -13.54
C36 PCW EC . 24.62 28.09 -14.71
C37 PCW EC . 23.15 27.68 -14.52
C38 PCW EC . 22.70 26.81 -15.70
C39 PCW EC . 21.37 26.41 -15.55
C40 PCW EC . 20.70 25.86 -16.63
C41 PCW EC . 21.37 25.71 -17.85
C42 PCW EC . 21.25 24.28 -18.39
C43 PCW EC . 19.79 23.91 -18.66
C44 PCW EC . 19.69 22.49 -19.21
C45 PCW EC . 18.22 22.12 -19.49
C46 PCW EC . 18.11 20.71 -20.05
C47 PCW EC . 16.66 20.34 -20.36
C48 PCW EC . 16.57 18.94 -20.93
N PCW EC . 32.67 30.82 -15.05
O2 PCW EC . 29.56 26.14 -13.65
O3 PCW EC . 28.87 23.47 -13.02
O11 PCW EC . 28.55 25.32 -11.80
O31 PCW EC . 30.42 27.00 -15.53
O1P PCW EC . 34.64 26.77 -13.80
O2P PCW EC . 33.73 27.93 -11.63
O3P PCW EC . 32.24 26.20 -12.86
O4P PCW EC . 32.86 28.24 -13.76
P PCW EC . 33.56 27.11 -12.85
C1 PCW FC . 27.40 23.22 -23.49
C2 PCW FC . 26.36 22.51 -22.63
C3 PCW FC . 27.07 21.86 -21.46
C4 PCW FC . 26.29 23.66 -27.38
C5 PCW FC . 26.43 22.71 -28.56
C6 PCW FC . 24.06 22.21 -28.04
C7 PCW FC . 24.70 22.94 -30.36
C8 PCW FC . 25.04 21.45 -30.22
C11 PCW FC . 26.78 20.83 -19.46
C12 PCW FC . 26.00 20.23 -18.28
C13 PCW FC . 25.49 21.33 -17.35
C14 PCW FC . 24.92 20.75 -16.07
C15 PCW FC . 24.43 21.86 -15.13
C16 PCW FC . 24.11 21.30 -13.74
C17 PCW FC . 25.34 20.64 -13.12
C18 PCW FC . 25.06 20.09 -11.73
C19 PCW FC . 26.20 19.50 -11.21
C20 PCW FC . 26.48 19.57 -9.85
C21 PCW FC . 25.61 20.24 -8.99
C22 PCW FC . 26.32 20.61 -7.68
C23 PCW FC . 25.37 21.32 -6.72
C24 PCW FC . 24.16 20.44 -6.38
C25 PCW FC . 24.60 19.12 -5.72
C26 PCW FC . 23.40 18.25 -5.40
C27 PCW FC . 23.82 16.93 -4.75
C28 PCW FC . 22.61 16.05 -4.45
C31 PCW FC . 24.50 23.78 -23.03
C32 PCW FC . 23.44 24.83 -22.70
C33 PCW FC . 22.68 24.46 -21.42
C34 PCW FC . 21.86 23.18 -21.62
C35 PCW FC . 20.77 23.38 -22.68
C36 PCW FC . 19.92 22.13 -22.87
C37 PCW FC . 18.79 22.38 -23.86
C38 PCW FC . 17.88 21.16 -24.01
C39 PCW FC . 16.85 21.40 -24.90
C40 PCW FC . 16.00 20.36 -25.29
C41 PCW FC . 16.19 19.09 -24.80
C42 PCW FC . 15.05 18.70 -23.85
C43 PCW FC . 15.26 17.30 -23.27
C44 PCW FC . 14.14 16.92 -22.31
C45 PCW FC . 14.39 15.53 -21.71
C46 PCW FC . 13.27 15.14 -20.75
C47 PCW FC . 11.91 15.12 -21.45
C48 PCW FC . 10.80 14.70 -20.49
N PCW FC . 25.11 22.36 -29.07
O2 PCW FC . 25.44 23.48 -22.10
O3 PCW FC . 26.12 21.32 -20.54
O11 PCW FC . 28.01 20.87 -19.44
O31 PCW FC . 24.49 23.19 -24.11
O1P PCW FC . 26.97 26.18 -25.77
O2P PCW FC . 29.06 24.93 -25.04
O3P PCW FC . 26.77 24.07 -24.46
O4P PCW FC . 27.57 23.97 -26.83
P PCW FC . 27.67 24.90 -25.52
C1 17F GC . 41.16 10.67 -15.69
N1 17F GC . 41.27 12.06 -13.67
O1 17F GC . 40.20 7.55 -14.79
P1 17F GC . 39.61 8.55 -15.71
C2 17F GC . 41.28 12.10 -15.15
O2 17F GC . 39.91 8.41 -17.16
C3 17F GC . 40.09 12.93 -15.64
O3 17F GC . 39.97 10.03 -15.22
C4 17F GC . 37.14 9.17 -16.44
O4 17F GC . 38.95 12.57 -15.29
C5 17F GC . 35.75 9.30 -15.83
O5 17F GC . 40.35 13.91 -16.38
C6 17F GC . 35.16 7.91 -15.60
O6 17F GC . 38.01 8.49 -15.52
C7 17F GC . 32.96 8.29 -16.10
O7 17F GC . 33.82 7.98 -15.09
C8 17F GC . 31.46 8.41 -15.80
O8 17F GC . 33.39 8.49 -17.23
C9 17F GC . 30.89 9.73 -16.31
O9 17F GC . 35.87 10.00 -14.59
C10 17F GC . 29.40 9.84 -15.99
O10 17F GC . 34.76 11.48 -13.33
C11 17F GC . 29.18 9.77 -14.47
C12 17F GC . 27.69 9.87 -14.12
C17 17F GC . 34.79 10.80 -14.36
C18 17F GC . 33.65 10.89 -15.36
C19 17F GC . 33.52 12.31 -15.91
C20 17F GC . 32.30 12.45 -16.83
C1X 17F GC . 27.48 9.75 -12.62
C1Y 17F GC . 32.25 13.85 -17.45
C1Z 17F GC . 31.00 14.04 -18.30
C2X 17F GC . 25.99 9.86 -12.26
C21 17F GC . 25.26 8.86 -12.87
C22 17F GC . 23.96 9.10 -13.29
C23 17F GC . 23.39 10.35 -13.09
C24 17F GC . 21.93 10.23 -12.64
C25 17F GC . 21.31 11.60 -12.40
C26 17F GC . 19.85 11.48 -11.94
C27 17F GC . 19.25 12.88 -11.72
C28 17F GC . 17.79 12.77 -11.25
C29 17F GC . 16.92 12.06 -12.29
C30 17F GC . 15.46 12.02 -11.83
C31 17F GC . 31.05 15.38 -19.04
C32 17F GC . 29.79 15.61 -19.88
C33 17F GC . 29.94 16.75 -20.66
C34 17F GC . 28.93 17.70 -20.76
C35 17F GC . 27.73 17.56 -20.08
C36 17F GC . 26.73 16.73 -20.90
C37 17F GC . 25.34 16.82 -20.29
C38 17F GC . 24.33 15.99 -21.08
C39 17F GC . 22.90 16.30 -20.65
C40 17F GC . 22.55 17.77 -20.94
C41 17F GC . 21.11 18.08 -20.54
C42 17F GC . 20.75 19.53 -20.87
HN1 17F GC . 41.35 13.05 -13.51
HN1A 17F GC . 42.12 11.82 -13.20
HAC 17F GC . 40.37 11.94 -13.26
C1 17F HC . 35.84 21.45 -11.99
N1 17F HC . 38.25 21.66 -12.38
O1 17F HC . 34.13 20.47 -9.93
P1 17F HC . 34.87 19.41 -10.65
C2 17F HC . 36.93 21.86 -12.99
O2 17F HC . 35.50 18.32 -9.86
C3 17F HC . 36.75 23.34 -13.36
O3 17F HC . 35.98 20.09 -11.61
C4 17F HC . 33.85 17.34 -11.92
O4 17F HC . 37.01 23.67 -14.53
C5 17F HC . 32.72 16.90 -12.86
O5 17F HC . 36.36 24.11 -12.46
C6 17F HC . 32.61 15.39 -12.79
O6 17F HC . 33.85 18.75 -11.71
C7 17F HC . 31.06 13.73 -13.16
O7 17F HC . 31.39 15.01 -13.46
C8 17F HC . 29.76 13.16 -13.71
O8 17F HC . 31.79 13.06 -12.42
C9 17F HC . 28.61 14.09 -13.31
O9 17F HC . 31.49 17.46 -12.38
C10 17F HC . 27.26 13.60 -13.82
O10 17F HC . 32.21 19.19 -13.60
C11 17F HC . 26.17 14.59 -13.40
C12 17F HC . 24.78 14.17 -13.88
C17 17F HC . 31.35 18.73 -12.85
C18 17F HC . 30.14 19.57 -12.46
C19 17F HC . 29.24 19.88 -13.65
C20 17F HC . 28.41 18.68 -14.10
C1X 17F HC . 23.75 15.21 -13.44
C1Y 17F HC . 27.53 19.07 -15.28
C1Z 17F HC . 26.42 18.06 -15.55
C2X 17F HC . 22.34 14.85 -13.93
C21 17F HC . 21.42 15.80 -13.50
C22 17F HC . 20.06 15.62 -13.71
C23 17F HC . 19.59 14.48 -14.36
C24 17F HC . 18.24 14.76 -15.02
C25 17F HC . 17.69 13.51 -15.71
C26 17F HC . 16.34 13.81 -16.35
C27 17F HC . 15.74 12.57 -17.03
C28 17F HC . 14.38 12.88 -17.63
C29 17F HC . 13.40 13.38 -16.56
C30 17F HC . 12.04 13.72 -17.17
C31 17F HC . 26.96 16.68 -15.96
C32 17F HC . 25.79 15.75 -16.30
C33 17F HC . 26.25 14.49 -16.67
C34 17F HC . 25.44 13.65 -17.42
C35 17F HC . 24.17 14.07 -17.82
C36 17F HC . 23.08 13.53 -16.88
C37 17F HC . 23.00 12.00 -16.94
C38 17F HC . 21.86 11.48 -16.06
C39 17F HC . 21.74 9.96 -16.13
C40 17F HC . 20.59 9.46 -15.25
C41 17F HC . 20.47 7.93 -15.30
C42 17F HC . 19.32 7.46 -14.42
HN1 17F HC . 38.17 20.69 -12.18
HN1A 17F HC . 38.41 21.95 -11.43
HAC 17F HC . 39.00 21.60 -13.03
ZN ZN IC . -12.83 13.33 -0.54
ZN ZN JC . -13.54 -0.55 -2.47
N LEU A 1 19.89 -18.46 36.98
CA LEU A 1 19.93 -17.54 38.11
C LEU A 1 20.69 -16.27 37.76
N LYS A 2 21.49 -16.35 36.70
CA LYS A 2 22.31 -15.24 36.24
C LYS A 2 21.49 -13.96 36.03
N LEU A 3 20.55 -14.01 35.10
CA LEU A 3 19.72 -12.85 34.79
C LEU A 3 18.86 -12.42 35.97
N LEU A 4 18.37 -13.41 36.72
CA LEU A 4 17.53 -13.14 37.87
C LEU A 4 18.26 -12.27 38.90
N ASP A 5 19.54 -12.56 39.08
CA ASP A 5 20.35 -11.80 40.03
C ASP A 5 20.82 -10.48 39.43
N ASN A 6 21.06 -10.48 38.13
CA ASN A 6 21.51 -9.27 37.44
C ASN A 6 20.40 -8.23 37.42
N TRP A 7 19.16 -8.69 37.26
CA TRP A 7 17.99 -7.82 37.23
C TRP A 7 17.73 -7.23 38.62
N ASP A 8 18.19 -7.95 39.64
CA ASP A 8 18.02 -7.50 41.03
C ASP A 8 18.72 -6.16 41.22
N SER A 9 19.94 -6.07 40.70
CA SER A 9 20.71 -4.84 40.80
C SER A 9 20.01 -3.71 40.05
N VAL A 10 19.39 -4.06 38.92
CA VAL A 10 18.67 -3.08 38.10
C VAL A 10 17.49 -2.54 38.90
N THR A 11 16.80 -3.43 39.60
CA THR A 11 15.67 -3.08 40.42
C THR A 11 16.10 -2.10 41.52
N SER A 12 17.20 -2.42 42.20
CA SER A 12 17.73 -1.57 43.25
C SER A 12 18.13 -0.21 42.66
N THR A 13 18.67 -0.24 41.45
CA THR A 13 19.07 0.98 40.77
C THR A 13 17.84 1.82 40.44
N PHE A 14 16.81 1.18 39.90
CA PHE A 14 15.57 1.86 39.54
C PHE A 14 14.94 2.50 40.78
N SER A 15 15.03 1.79 41.91
CA SER A 15 14.49 2.28 43.17
C SER A 15 15.24 3.53 43.60
N LYS A 16 16.58 3.46 43.58
CA LYS A 16 17.42 4.60 43.95
C LYS A 16 17.16 5.77 43.00
N LEU A 17 16.89 5.45 41.74
CA LEU A 17 16.60 6.46 40.74
C LEU A 17 15.34 7.21 41.11
N ARG A 18 14.32 6.46 41.53
CA ARG A 18 13.04 7.03 41.92
C ARG A 18 13.20 7.84 43.21
N GLU A 19 14.12 7.38 44.07
CA GLU A 19 14.39 8.06 45.33
C GLU A 19 15.00 9.43 45.05
N GLN A 20 15.70 9.55 43.92
CA GLN A 20 16.32 10.80 43.54
C GLN A 20 15.36 11.63 42.70
N LEU A 21 14.61 10.94 41.83
CA LEU A 21 13.64 11.59 40.97
C LEU A 21 12.64 12.41 41.78
N GLY A 22 12.30 11.92 42.96
CA GLY A 22 11.38 12.63 43.83
C GLY A 22 11.86 14.03 44.12
N PRO A 23 12.93 14.18 44.93
CA PRO A 23 13.50 15.49 45.24
C PRO A 23 13.89 16.27 43.97
N VAL A 24 14.38 15.54 42.97
CA VAL A 24 14.77 16.15 41.70
C VAL A 24 13.60 16.87 41.05
N THR A 25 12.48 16.19 40.89
CA THR A 25 11.30 16.79 40.28
C THR A 25 10.79 17.95 41.12
N GLN A 26 10.90 17.80 42.44
CA GLN A 26 10.47 18.85 43.37
C GLN A 26 11.32 20.11 43.19
N GLU A 27 12.63 19.93 43.16
CA GLU A 27 13.56 21.05 42.98
C GLU A 27 13.41 21.65 41.59
N PHE A 28 13.29 20.79 40.59
CA PHE A 28 13.11 21.24 39.22
C PHE A 28 11.79 21.99 39.08
N TRP A 29 10.74 21.45 39.68
CA TRP A 29 9.42 22.08 39.63
C TRP A 29 9.50 23.47 40.25
N ASP A 30 10.25 23.58 41.34
CA ASP A 30 10.43 24.85 42.03
C ASP A 30 11.15 25.84 41.13
N ASN A 31 12.23 25.38 40.50
CA ASN A 31 13.01 26.22 39.59
C ASN A 31 12.16 26.58 38.38
N LEU A 32 11.37 25.63 37.91
CA LEU A 32 10.50 25.86 36.77
C LEU A 32 9.39 26.85 37.14
N GLU A 33 8.98 26.83 38.40
CA GLU A 33 7.97 27.76 38.89
C GLU A 33 8.55 29.16 38.88
N LYS A 34 9.85 29.26 39.19
CA LYS A 34 10.54 30.53 39.18
C LYS A 34 10.62 31.01 37.74
N GLU A 35 10.92 30.08 36.85
CA GLU A 35 11.01 30.38 35.43
C GLU A 35 9.66 30.83 34.88
N THR A 36 8.61 30.11 35.24
CA THR A 36 7.26 30.46 34.80
C THR A 36 6.84 31.78 35.45
N GLU A 37 7.19 31.96 36.72
CA GLU A 37 6.88 33.19 37.44
C GLU A 37 7.58 34.36 36.77
N GLY A 38 8.82 34.13 36.37
CA GLY A 38 9.59 35.15 35.67
C GLY A 38 8.88 35.53 34.39
N LEU A 39 8.42 34.52 33.66
CA LEU A 39 7.70 34.75 32.43
C LEU A 39 6.34 35.40 32.71
N ARG A 40 5.78 35.11 33.88
CA ARG A 40 4.51 35.70 34.29
C ARG A 40 4.71 37.18 34.57
N GLN A 41 5.87 37.51 35.13
CA GLN A 41 6.21 38.89 35.41
C GLN A 41 6.50 39.59 34.10
N GLU A 42 7.11 38.86 33.17
CA GLU A 42 7.42 39.38 31.85
C GLU A 42 6.14 39.55 31.04
N MET A 43 5.13 38.76 31.37
CA MET A 43 3.83 38.83 30.69
C MET A 43 3.26 40.24 30.80
N SER A 44 3.52 40.88 31.93
CA SER A 44 3.05 42.22 32.20
C SER A 44 3.83 43.26 31.39
N LYS A 45 4.81 42.80 30.63
CA LYS A 45 5.61 43.68 29.81
C LYS A 45 5.63 43.20 28.37
N ASP A 46 6.19 42.01 28.16
CA ASP A 46 6.30 41.39 26.84
C ASP A 46 4.96 41.35 26.12
N LEU A 47 3.93 40.80 26.78
CA LEU A 47 2.61 40.69 26.18
C LEU A 47 1.75 41.94 26.40
N GLU A 48 2.09 42.75 27.39
CA GLU A 48 1.32 43.95 27.66
C GLU A 48 1.73 45.09 26.74
N GLU A 49 3.03 45.30 26.60
CA GLU A 49 3.54 46.35 25.73
C GLU A 49 3.25 46.02 24.28
N VAL A 50 3.24 44.74 23.95
CA VAL A 50 2.96 44.31 22.58
C VAL A 50 1.54 44.68 22.18
N LYS A 51 0.67 44.81 23.18
CA LYS A 51 -0.73 45.17 22.95
C LYS A 51 -0.89 46.68 23.03
N ALA A 52 -0.13 47.30 23.91
CA ALA A 52 -0.19 48.75 24.07
C ALA A 52 0.44 49.43 22.85
N LYS A 53 1.49 48.81 22.35
CA LYS A 53 2.19 49.33 21.19
C LYS A 53 1.55 48.86 19.90
N VAL A 54 0.74 47.80 19.98
CA VAL A 54 0.07 47.26 18.80
C VAL A 54 -0.86 48.30 18.19
N GLN A 55 -1.39 49.19 19.04
CA GLN A 55 -2.28 50.24 18.58
C GLN A 55 -1.59 51.17 17.59
N PRO A 56 -0.54 51.92 18.01
CA PRO A 56 0.19 52.83 17.12
C PRO A 56 0.95 52.07 16.02
N TYR A 57 1.48 50.89 16.36
CA TYR A 57 2.22 50.08 15.39
C TYR A 57 1.31 49.68 14.24
N LEU A 58 0.16 49.08 14.57
CA LEU A 58 -0.79 48.65 13.54
C LEU A 58 -1.40 49.86 12.86
N ASP A 59 -1.66 50.91 13.63
CA ASP A 59 -2.22 52.16 13.11
C ASP A 59 -1.32 52.73 12.03
N ASP A 60 -0.03 52.77 12.30
CA ASP A 60 0.94 53.30 11.37
C ASP A 60 0.97 52.47 10.09
N PHE A 61 1.11 51.16 10.25
CA PHE A 61 1.14 50.24 9.12
C PHE A 61 -0.17 50.27 8.34
N GLN A 62 -1.29 50.28 9.06
CA GLN A 62 -2.62 50.30 8.43
C GLN A 62 -2.80 51.61 7.66
N LYS A 63 -2.47 52.73 8.30
CA LYS A 63 -2.61 54.03 7.67
C LYS A 63 -1.79 54.11 6.41
N LYS A 64 -0.52 53.72 6.51
CA LYS A 64 0.38 53.72 5.37
C LYS A 64 -0.10 52.76 4.29
N TRP A 65 -0.53 51.56 4.71
CA TRP A 65 -1.02 50.54 3.78
C TRP A 65 -2.28 51.03 3.08
N GLN A 66 -3.15 51.73 3.81
CA GLN A 66 -4.38 52.26 3.23
C GLN A 66 -4.04 53.25 2.13
N GLU A 67 -3.17 54.20 2.44
CA GLU A 67 -2.76 55.19 1.46
C GLU A 67 -2.05 54.49 0.30
N GLU A 68 -1.31 53.43 0.64
CA GLU A 68 -0.61 52.64 -0.37
C GLU A 68 -1.62 52.05 -1.34
N MET A 69 -2.71 51.52 -0.79
CA MET A 69 -3.76 50.93 -1.60
C MET A 69 -4.47 52.00 -2.42
N GLU A 70 -4.69 53.15 -1.78
CA GLU A 70 -5.34 54.27 -2.44
C GLU A 70 -4.50 54.73 -3.63
N LEU A 71 -3.22 54.99 -3.38
CA LEU A 71 -2.30 55.43 -4.41
C LEU A 71 -2.19 54.37 -5.50
N TYR A 72 -2.22 53.11 -5.08
CA TYR A 72 -2.11 51.99 -6.00
C TYR A 72 -3.34 51.96 -6.91
N ARG A 73 -4.52 52.10 -6.33
CA ARG A 73 -5.77 52.10 -7.10
C ARG A 73 -5.85 53.33 -7.98
N GLN A 74 -5.46 54.46 -7.43
CA GLN A 74 -5.48 55.74 -8.15
C GLN A 74 -4.50 55.74 -9.32
N LYS A 75 -3.59 54.78 -9.34
CA LYS A 75 -2.61 54.68 -10.41
C LYS A 75 -2.93 53.49 -11.32
N VAL A 76 -3.31 52.37 -10.73
CA VAL A 76 -3.62 51.16 -11.49
C VAL A 76 -4.74 51.41 -12.51
N GLU A 77 -5.72 52.24 -12.15
CA GLU A 77 -6.83 52.53 -13.04
C GLU A 77 -6.37 53.27 -14.31
N PRO A 78 -5.77 54.49 -14.19
CA PRO A 78 -5.29 55.23 -15.35
C PRO A 78 -4.24 54.46 -16.13
N LEU A 79 -3.34 53.79 -15.42
CA LEU A 79 -2.28 53.00 -16.07
C LEU A 79 -2.88 51.82 -16.81
N ARG A 80 -3.99 51.29 -16.30
CA ARG A 80 -4.67 50.16 -16.92
C ARG A 80 -5.23 50.57 -18.27
N ALA A 81 -5.59 51.84 -18.39
CA ALA A 81 -6.14 52.36 -19.62
C ALA A 81 -5.07 52.33 -20.70
N GLU A 82 -3.85 52.74 -20.33
CA GLU A 82 -2.72 52.74 -21.25
C GLU A 82 -2.40 51.31 -21.64
N LEU A 83 -2.39 50.43 -20.64
CA LEU A 83 -2.10 49.02 -20.86
C LEU A 83 -3.17 48.41 -21.76
N GLN A 84 -4.42 48.78 -21.53
CA GLN A 84 -5.54 48.29 -22.32
C GLN A 84 -5.42 48.76 -23.76
N GLU A 85 -5.20 50.06 -23.94
CA GLU A 85 -5.05 50.64 -25.26
C GLU A 85 -3.84 50.05 -25.97
N GLY A 86 -2.73 49.98 -25.23
CA GLY A 86 -1.51 49.41 -25.78
C GLY A 86 -1.71 47.97 -26.17
N ALA A 87 -2.41 47.22 -25.33
CA ALA A 87 -2.69 45.82 -25.61
C ALA A 87 -3.53 45.71 -26.86
N ARG A 88 -4.55 46.56 -26.95
CA ARG A 88 -5.44 46.59 -28.11
C ARG A 88 -4.66 46.92 -29.37
N GLN A 89 -3.72 47.86 -29.26
CA GLN A 89 -2.89 48.25 -30.39
C GLN A 89 -1.97 47.10 -30.78
N LYS A 90 -1.31 46.53 -29.78
CA LYS A 90 -0.40 45.41 -30.01
C LYS A 90 -1.15 44.19 -30.56
N LEU A 91 -2.37 44.00 -30.09
CA LEU A 91 -3.21 42.89 -30.55
C LEU A 91 -3.73 43.19 -31.95
N HIS A 92 -4.03 44.46 -32.20
CA HIS A 92 -4.51 44.90 -33.51
C HIS A 92 -3.39 44.68 -34.53
N GLU A 93 -2.18 45.08 -34.16
CA GLU A 93 -1.01 44.91 -35.01
C GLU A 93 -0.81 43.43 -35.32
N LEU A 94 -1.15 42.59 -34.35
CA LEU A 94 -1.03 41.15 -34.51
C LEU A 94 -2.15 40.63 -35.40
N GLN A 95 -3.37 41.12 -35.18
CA GLN A 95 -4.53 40.71 -35.96
C GLN A 95 -4.37 41.10 -37.42
N GLU A 96 -3.75 42.26 -37.66
CA GLU A 96 -3.52 42.74 -39.01
C GLU A 96 -2.43 41.93 -39.70
N LYS A 97 -1.82 41.02 -38.96
CA LYS A 97 -0.77 40.17 -39.51
C LYS A 97 -1.19 38.70 -39.46
N LEU A 98 -1.88 38.32 -38.40
CA LEU A 98 -2.36 36.94 -38.21
C LEU A 98 -3.29 36.50 -39.32
N SER A 99 -4.06 37.43 -39.85
CA SER A 99 -4.99 37.12 -40.93
C SER A 99 -4.25 36.90 -42.27
N PRO A 100 -3.56 37.92 -42.81
CA PRO A 100 -2.85 37.78 -44.09
C PRO A 100 -1.77 36.70 -44.06
N LEU A 101 -0.94 36.72 -43.00
CA LEU A 101 0.12 35.74 -42.86
C LEU A 101 -0.45 34.38 -42.47
N GLY A 102 -1.60 34.40 -41.83
CA GLY A 102 -2.27 33.17 -41.43
C GLY A 102 -2.83 32.45 -42.62
N GLU A 103 -3.54 33.19 -43.47
CA GLU A 103 -4.11 32.63 -44.69
C GLU A 103 -2.99 32.21 -45.61
N GLU A 104 -1.92 33.00 -45.62
CA GLU A 104 -0.75 32.70 -46.41
C GLU A 104 -0.10 31.41 -45.90
N MET A 105 -0.15 31.23 -44.58
CA MET A 105 0.41 30.03 -43.95
C MET A 105 -0.35 28.80 -44.45
N ARG A 106 -1.68 28.91 -44.46
CA ARG A 106 -2.54 27.83 -44.92
C ARG A 106 -2.31 27.59 -46.41
N ASP A 107 -2.07 28.66 -47.15
CA ASP A 107 -1.82 28.58 -48.58
C ASP A 107 -0.50 27.86 -48.82
N ARG A 108 0.51 28.20 -48.04
CA ARG A 108 1.80 27.56 -48.16
C ARG A 108 1.70 26.11 -47.71
N ALA A 109 0.85 25.88 -46.69
CA ALA A 109 0.63 24.55 -46.17
C ALA A 109 0.03 23.66 -47.26
N ARG A 110 -0.76 24.27 -48.14
CA ARG A 110 -1.38 23.54 -49.24
C ARG A 110 -0.28 22.91 -50.08
N ALA A 111 0.64 23.75 -50.55
CA ALA A 111 1.76 23.29 -51.36
C ALA A 111 2.68 22.38 -50.54
N HIS A 112 2.86 22.74 -49.27
CA HIS A 112 3.71 21.96 -48.36
C HIS A 112 3.22 20.52 -48.26
N VAL A 113 1.95 20.37 -47.94
CA VAL A 113 1.33 19.05 -47.80
C VAL A 113 1.16 18.37 -49.16
N ASP A 114 0.78 19.14 -50.17
CA ASP A 114 0.58 18.59 -51.52
C ASP A 114 1.88 18.01 -52.04
N ALA A 115 2.97 18.75 -51.91
CA ALA A 115 4.28 18.28 -52.35
C ALA A 115 4.68 17.04 -51.58
N LEU A 116 4.32 17.02 -50.30
CA LEU A 116 4.61 15.88 -49.45
C LEU A 116 3.80 14.68 -49.89
N ARG A 117 2.52 14.89 -50.15
CA ARG A 117 1.62 13.83 -50.58
C ARG A 117 2.04 13.29 -51.95
N THR A 118 2.37 14.21 -52.86
CA THR A 118 2.82 13.85 -54.20
C THR A 118 4.11 13.03 -54.14
N HIS A 119 4.89 13.23 -53.08
CA HIS A 119 6.12 12.49 -52.89
C HIS A 119 5.83 11.19 -52.15
N LEU A 120 4.98 11.28 -51.13
CA LEU A 120 4.60 10.14 -50.31
C LEU A 120 3.84 9.08 -51.10
N ALA A 121 3.05 9.50 -52.08
CA ALA A 121 2.29 8.57 -52.91
C ALA A 121 3.20 7.47 -53.51
N PRO A 122 4.21 7.84 -54.32
CA PRO A 122 5.13 6.86 -54.88
C PRO A 122 5.98 6.23 -53.79
N TYR A 123 6.34 7.02 -52.77
CA TYR A 123 7.14 6.51 -51.67
C TYR A 123 6.45 5.37 -50.93
N SER A 124 5.18 5.55 -50.61
CA SER A 124 4.41 4.52 -49.93
C SER A 124 4.15 3.34 -50.86
N ASP A 125 3.91 3.65 -52.13
CA ASP A 125 3.68 2.62 -53.13
C ASP A 125 4.90 1.72 -53.23
N GLU A 126 6.05 2.35 -53.39
CA GLU A 126 7.32 1.63 -53.48
C GLU A 126 7.67 1.03 -52.12
N LEU A 127 7.17 1.63 -51.05
CA LEU A 127 7.40 1.13 -49.70
C LEU A 127 6.74 -0.23 -49.56
N ARG A 128 5.56 -0.35 -50.17
CA ARG A 128 4.82 -1.61 -50.17
C ARG A 128 5.60 -2.65 -50.95
N GLN A 129 6.24 -2.20 -52.02
CA GLN A 129 7.06 -3.10 -52.85
C GLN A 129 8.27 -3.54 -52.03
N ARG A 130 8.87 -2.58 -51.33
CA ARG A 130 10.02 -2.83 -50.48
C ARG A 130 9.65 -3.85 -49.43
N LEU A 131 8.57 -3.57 -48.71
CA LEU A 131 8.08 -4.45 -47.66
C LEU A 131 7.73 -5.83 -48.23
N ALA A 132 7.12 -5.84 -49.41
CA ALA A 132 6.77 -7.09 -50.07
C ALA A 132 8.02 -7.92 -50.30
N ALA A 133 9.04 -7.29 -50.89
CA ALA A 133 10.30 -7.97 -51.16
C ALA A 133 10.96 -8.42 -49.87
N ARG A 134 10.99 -7.52 -48.89
CA ARG A 134 11.57 -7.81 -47.58
C ARG A 134 10.86 -9.00 -46.96
N LEU A 135 9.53 -8.97 -47.00
CA LEU A 135 8.73 -10.06 -46.44
C LEU A 135 8.97 -11.35 -47.22
N GLU A 136 9.05 -11.26 -48.53
CA GLU A 136 9.30 -12.43 -49.37
C GLU A 136 10.64 -13.05 -49.02
N ALA A 137 11.67 -12.22 -48.90
CA ALA A 137 13.00 -12.68 -48.53
C ALA A 137 12.98 -13.26 -47.13
N LEU A 138 12.33 -12.54 -46.22
CA LEU A 138 12.23 -12.98 -44.82
C LEU A 138 11.40 -14.25 -44.70
N LYS A 139 10.52 -14.48 -45.66
CA LYS A 139 9.68 -15.67 -45.67
C LYS A 139 10.47 -16.87 -46.17
N GLU A 140 11.19 -16.67 -47.28
CA GLU A 140 12.00 -17.73 -47.87
C GLU A 140 13.14 -18.10 -46.93
N ASN A 141 13.83 -17.08 -46.44
CA ASN A 141 14.94 -17.28 -45.53
C ASN A 141 14.40 -17.78 -44.20
N GLY A 142 13.24 -17.26 -43.82
CA GLY A 142 12.60 -17.67 -42.58
C GLY A 142 12.24 -19.13 -42.57
N GLY A 143 11.72 -19.61 -43.69
CA GLY A 143 11.35 -21.01 -43.80
C GLY A 143 12.57 -21.89 -43.64
N ALA A 144 13.67 -21.49 -44.27
CA ALA A 144 14.92 -22.22 -44.20
C ALA A 144 15.47 -22.16 -42.78
N ARG A 145 15.47 -20.95 -42.21
CA ARG A 145 15.96 -20.75 -40.86
C ARG A 145 15.13 -21.55 -39.85
N LEU A 146 13.82 -21.54 -40.02
CA LEU A 146 12.92 -22.27 -39.14
C LEU A 146 13.16 -23.77 -39.26
N ALA A 147 13.22 -24.27 -40.50
CA ALA A 147 13.46 -25.68 -40.73
C ALA A 147 14.80 -26.08 -40.13
N GLU A 148 15.79 -25.20 -40.30
CA GLU A 148 17.11 -25.41 -39.76
C GLU A 148 17.06 -25.41 -38.24
N TYR A 149 16.49 -24.35 -37.68
CA TYR A 149 16.36 -24.21 -36.23
C TYR A 149 15.71 -25.42 -35.59
N HIS A 150 14.66 -25.93 -36.23
CA HIS A 150 13.97 -27.11 -35.73
C HIS A 150 14.88 -28.34 -35.76
N ALA A 151 15.67 -28.46 -36.83
CA ALA A 151 16.60 -29.56 -36.99
C ALA A 151 17.73 -29.44 -35.97
N LYS A 152 18.18 -28.21 -35.74
CA LYS A 152 19.23 -27.94 -34.77
C LYS A 152 18.72 -28.32 -33.39
N ALA A 153 17.45 -28.02 -33.15
CA ALA A 153 16.79 -28.34 -31.90
C ALA A 153 16.77 -29.85 -31.68
N THR A 154 16.61 -30.61 -32.76
CA THR A 154 16.61 -32.06 -32.68
C THR A 154 17.93 -32.54 -32.13
N GLU A 155 19.02 -31.96 -32.63
CA GLU A 155 20.36 -32.31 -32.18
C GLU A 155 20.52 -31.94 -30.71
N HIS A 156 19.99 -30.77 -30.36
CA HIS A 156 20.05 -30.28 -28.98
C HIS A 156 19.20 -31.17 -28.07
N LEU A 157 18.10 -31.69 -28.62
CA LEU A 157 17.20 -32.56 -27.88
C LEU A 157 17.83 -33.91 -27.65
N SER A 158 18.42 -34.47 -28.69
CA SER A 158 19.09 -35.76 -28.60
C SER A 158 20.20 -35.71 -27.56
N THR A 159 20.96 -34.63 -27.58
CA THR A 159 22.05 -34.44 -26.64
C THR A 159 21.49 -34.10 -25.25
N LEU A 160 20.30 -33.54 -25.24
CA LEU A 160 19.63 -33.20 -23.99
C LEU A 160 19.22 -34.50 -23.31
N SER A 161 18.90 -35.49 -24.13
CA SER A 161 18.53 -36.80 -23.63
C SER A 161 19.73 -37.43 -22.94
N GLU A 162 20.92 -37.12 -23.44
CA GLU A 162 22.16 -37.62 -22.87
C GLU A 162 22.37 -37.01 -21.48
N LYS A 163 21.72 -35.88 -21.24
CA LYS A 163 21.82 -35.21 -19.95
C LYS A 163 20.64 -35.61 -19.07
N ALA A 164 19.52 -35.92 -19.70
CA ALA A 164 18.31 -36.31 -18.99
C ALA A 164 18.35 -37.78 -18.54
N LYS A 165 19.05 -38.61 -19.30
CA LYS A 165 19.15 -40.03 -18.94
C LYS A 165 20.55 -40.38 -18.39
N PRO A 166 21.59 -40.47 -19.24
CA PRO A 166 22.95 -40.82 -18.80
C PRO A 166 23.46 -39.91 -17.69
N ALA A 167 23.57 -38.62 -17.98
CA ALA A 167 24.05 -37.64 -17.00
C ALA A 167 23.21 -37.65 -15.73
N LEU A 168 21.90 -37.48 -15.86
CA LEU A 168 21.01 -37.45 -14.70
C LEU A 168 21.12 -38.73 -13.86
N GLU A 169 21.21 -39.88 -14.52
CA GLU A 169 21.32 -41.14 -13.80
C GLU A 169 22.63 -41.18 -13.02
N ASP A 170 23.72 -40.80 -13.69
CA ASP A 170 25.04 -40.78 -13.07
C ASP A 170 25.06 -39.79 -11.91
N LEU A 171 24.37 -38.66 -12.10
CA LEU A 171 24.28 -37.64 -11.07
C LEU A 171 23.47 -38.15 -9.89
N ARG A 172 22.33 -38.77 -10.17
CA ARG A 172 21.47 -39.31 -9.11
C ARG A 172 22.19 -40.40 -8.33
N GLN A 173 22.82 -41.32 -9.06
CA GLN A 173 23.57 -42.42 -8.44
C GLN A 173 24.75 -41.87 -7.64
N GLY A 174 25.12 -40.63 -7.94
CA GLY A 174 26.20 -39.99 -7.22
C GLY A 174 25.69 -39.22 -6.04
N LEU A 175 24.54 -38.58 -6.22
CA LEU A 175 23.92 -37.78 -5.17
C LEU A 175 23.33 -38.64 -4.07
N LEU A 176 22.77 -39.79 -4.43
CA LEU A 176 22.17 -40.69 -3.46
C LEU A 176 23.08 -40.95 -2.25
N PRO A 177 24.31 -41.48 -2.46
CA PRO A 177 25.24 -41.72 -1.36
C PRO A 177 25.69 -40.42 -0.69
N VAL A 178 25.74 -39.34 -1.48
CA VAL A 178 26.13 -38.03 -0.96
C VAL A 178 25.10 -37.56 0.06
N LEU A 179 23.83 -37.78 -0.26
CA LEU A 179 22.74 -37.41 0.63
C LEU A 179 22.82 -38.20 1.92
N GLU A 180 23.23 -39.45 1.80
CA GLU A 180 23.38 -40.32 2.96
C GLU A 180 24.49 -39.82 3.87
N SER A 181 25.62 -39.45 3.28
CA SER A 181 26.74 -38.93 4.06
C SER A 181 26.37 -37.59 4.68
N PHE A 182 25.48 -36.86 3.99
CA PHE A 182 25.01 -35.57 4.47
C PHE A 182 24.07 -35.76 5.65
N LYS A 183 23.29 -36.84 5.61
CA LYS A 183 22.36 -37.15 6.69
C LYS A 183 23.12 -37.44 7.97
N VAL A 184 24.15 -38.27 7.87
CA VAL A 184 24.96 -38.64 9.03
C VAL A 184 25.57 -37.39 9.68
N SER A 185 26.10 -36.51 8.86
CA SER A 185 26.73 -35.29 9.35
C SER A 185 25.68 -34.32 9.90
N PHE A 186 24.53 -34.26 9.25
CA PHE A 186 23.45 -33.38 9.68
C PHE A 186 22.89 -33.83 11.03
N LEU A 187 22.71 -35.14 11.17
CA LEU A 187 22.19 -35.71 12.41
C LEU A 187 23.13 -35.40 13.57
N SER A 188 24.41 -35.66 13.38
CA SER A 188 25.40 -35.41 14.41
C SER A 188 25.53 -33.92 14.70
N ALA A 189 25.32 -33.10 13.68
CA ALA A 189 25.39 -31.65 13.84
C ALA A 189 24.29 -31.19 14.79
N LEU A 190 23.09 -31.73 14.59
CA LEU A 190 21.96 -31.39 15.43
C LEU A 190 22.26 -31.81 16.87
N GLU A 191 22.90 -32.96 17.01
CA GLU A 191 23.28 -33.49 18.31
C GLU A 191 24.34 -32.60 18.96
N GLU A 192 25.28 -32.11 18.16
CA GLU A 192 26.35 -31.24 18.65
C GLU A 192 25.77 -29.97 19.24
N TYR A 193 24.87 -29.34 18.50
CA TYR A 193 24.24 -28.11 18.95
C TYR A 193 23.40 -28.32 20.20
N THR A 194 22.60 -29.38 20.22
CA THR A 194 21.75 -29.65 21.36
C THR A 194 22.53 -30.14 22.58
N LYS A 195 23.75 -30.63 22.36
CA LYS A 195 24.58 -31.12 23.45
C LYS A 195 25.21 -29.97 24.24
N LYS A 196 25.68 -28.96 23.53
CA LYS A 196 26.34 -27.83 24.19
C LYS A 196 25.42 -26.62 24.39
N LEU A 197 24.45 -26.44 23.52
CA LEU A 197 23.54 -25.30 23.63
C LEU A 197 22.23 -25.68 24.32
N ASN A 198 22.17 -26.90 24.84
CA ASN A 198 20.97 -27.37 25.53
C ASN A 198 21.32 -28.50 26.50
N LEU B 1 34.00 -36.06 -2.56
CA LEU B 1 34.96 -37.16 -2.58
C LEU B 1 35.10 -37.72 -3.98
N LYS B 2 33.96 -37.98 -4.62
CA LYS B 2 33.94 -38.51 -5.97
C LYS B 2 33.94 -37.37 -6.98
N LEU B 3 34.88 -36.44 -6.81
CA LEU B 3 34.99 -35.30 -7.69
C LEU B 3 35.28 -35.73 -9.12
N LEU B 4 36.15 -36.72 -9.27
CA LEU B 4 36.53 -37.25 -10.57
C LEU B 4 35.33 -37.87 -11.28
N ASP B 5 34.47 -38.52 -10.51
CA ASP B 5 33.28 -39.16 -11.04
C ASP B 5 32.28 -38.12 -11.51
N ASN B 6 32.01 -37.15 -10.64
CA ASN B 6 31.05 -36.10 -10.95
C ASN B 6 31.56 -35.19 -12.07
N TRP B 7 32.86 -34.99 -12.12
CA TRP B 7 33.45 -34.14 -13.15
C TRP B 7 33.53 -34.87 -14.48
N ASP B 8 33.54 -36.20 -14.44
CA ASP B 8 33.59 -36.99 -15.67
C ASP B 8 32.34 -36.76 -16.48
N SER B 9 31.22 -36.61 -15.79
CA SER B 9 29.94 -36.35 -16.44
C SER B 9 30.02 -35.00 -17.13
N VAL B 10 30.69 -34.05 -16.47
CA VAL B 10 30.85 -32.70 -17.02
C VAL B 10 31.71 -32.76 -18.29
N THR B 11 32.81 -33.50 -18.22
CA THR B 11 33.71 -33.65 -19.36
C THR B 11 32.94 -34.24 -20.54
N SER B 12 32.13 -35.26 -20.28
CA SER B 12 31.33 -35.89 -21.31
C SER B 12 30.32 -34.89 -21.87
N THR B 13 29.74 -34.09 -21.00
CA THR B 13 28.77 -33.08 -21.42
C THR B 13 29.45 -32.08 -22.36
N PHE B 14 30.67 -31.69 -22.01
CA PHE B 14 31.44 -30.77 -22.82
C PHE B 14 31.77 -31.41 -24.17
N SER B 15 32.14 -32.67 -24.15
CA SER B 15 32.45 -33.39 -25.38
C SER B 15 31.20 -33.49 -26.25
N LYS B 16 30.05 -33.69 -25.61
CA LYS B 16 28.79 -33.77 -26.32
C LYS B 16 28.45 -32.42 -26.93
N LEU B 17 28.82 -31.35 -26.24
CA LEU B 17 28.58 -30.00 -26.72
C LEU B 17 29.50 -29.73 -27.91
N ARG B 18 30.72 -30.26 -27.82
CA ARG B 18 31.70 -30.10 -28.89
C ARG B 18 31.24 -30.84 -30.14
N GLU B 19 30.61 -32.00 -29.93
CA GLU B 19 30.09 -32.80 -31.03
C GLU B 19 29.03 -32.01 -31.78
N GLN B 20 28.38 -31.10 -31.07
CA GLN B 20 27.36 -30.25 -31.65
C GLN B 20 28.02 -29.03 -32.26
N LEU B 21 28.85 -28.37 -31.46
CA LEU B 21 29.57 -27.16 -31.87
C LEU B 21 30.16 -27.27 -33.27
N GLY B 22 30.81 -28.41 -33.55
CA GLY B 22 31.41 -28.61 -34.86
C GLY B 22 30.41 -28.44 -35.99
N PRO B 23 29.51 -29.41 -36.21
CA PRO B 23 28.50 -29.34 -37.28
C PRO B 23 27.60 -28.12 -37.13
N VAL B 24 27.20 -27.81 -35.89
CA VAL B 24 26.32 -26.67 -35.63
C VAL B 24 26.87 -25.37 -36.19
N THR B 25 28.14 -25.10 -35.96
CA THR B 25 28.74 -23.87 -36.46
C THR B 25 28.87 -23.89 -37.98
N GLN B 26 29.06 -25.09 -38.53
CA GLN B 26 29.19 -25.25 -39.97
C GLN B 26 27.89 -24.84 -40.66
N GLU B 27 26.79 -25.44 -40.23
CA GLU B 27 25.49 -25.12 -40.81
C GLU B 27 25.05 -23.72 -40.39
N PHE B 28 25.53 -23.27 -39.22
CA PHE B 28 25.22 -21.94 -38.73
C PHE B 28 25.85 -20.91 -39.66
N TRP B 29 27.09 -21.16 -40.07
CA TRP B 29 27.78 -20.27 -40.98
C TRP B 29 27.07 -20.27 -42.33
N ASP B 30 26.55 -21.43 -42.72
CA ASP B 30 25.80 -21.56 -43.96
C ASP B 30 24.50 -20.77 -43.84
N ASN B 31 23.90 -20.84 -42.66
CA ASN B 31 22.68 -20.10 -42.39
C ASN B 31 23.00 -18.61 -42.42
N LEU B 32 24.16 -18.24 -41.86
CA LEU B 32 24.60 -16.86 -41.84
C LEU B 32 24.79 -16.37 -43.27
N GLU B 33 25.28 -17.26 -44.13
CA GLU B 33 25.47 -16.92 -45.53
C GLU B 33 24.12 -16.61 -46.16
N LYS B 34 23.13 -17.45 -45.87
CA LYS B 34 21.78 -17.25 -46.39
C LYS B 34 21.23 -15.93 -45.88
N GLU B 35 21.48 -15.65 -44.61
CA GLU B 35 21.03 -14.41 -43.99
C GLU B 35 21.72 -13.21 -44.64
N THR B 36 23.05 -13.24 -44.68
CA THR B 36 23.82 -12.14 -45.27
C THR B 36 23.46 -11.95 -46.74
N GLU B 37 23.42 -13.05 -47.48
CA GLU B 37 23.07 -12.99 -48.90
C GLU B 37 21.67 -12.46 -49.10
N GLY B 38 20.74 -12.91 -48.25
CA GLY B 38 19.38 -12.45 -48.33
C GLY B 38 19.29 -10.98 -48.00
N LEU B 39 19.92 -10.59 -46.90
CA LEU B 39 19.93 -9.21 -46.45
C LEU B 39 20.62 -8.34 -47.50
N ARG B 40 21.59 -8.92 -48.20
CA ARG B 40 22.31 -8.20 -49.25
C ARG B 40 21.38 -7.87 -50.42
N GLN B 41 20.53 -8.81 -50.76
CA GLN B 41 19.57 -8.62 -51.85
C GLN B 41 18.51 -7.60 -51.46
N GLU B 42 18.28 -7.48 -50.16
CA GLU B 42 17.31 -6.53 -49.63
C GLU B 42 17.96 -5.15 -49.57
N MET B 43 19.16 -5.12 -48.99
CA MET B 43 19.91 -3.88 -48.83
C MET B 43 20.37 -3.28 -50.15
N SER B 44 20.62 -4.11 -51.15
CA SER B 44 21.05 -3.58 -52.44
C SER B 44 19.93 -2.75 -53.04
N LYS B 45 18.73 -3.34 -53.09
CA LYS B 45 17.56 -2.66 -53.61
C LYS B 45 17.21 -1.49 -52.71
N ASP B 46 17.45 -1.66 -51.41
CA ASP B 46 17.19 -0.62 -50.43
C ASP B 46 18.13 0.57 -50.64
N LEU B 47 19.42 0.29 -50.70
CA LEU B 47 20.44 1.33 -50.89
C LEU B 47 20.33 2.01 -52.25
N GLU B 48 20.21 1.22 -53.31
CA GLU B 48 20.11 1.78 -54.64
C GLU B 48 18.89 2.70 -54.76
N GLU B 49 17.76 2.23 -54.25
CA GLU B 49 16.52 3.00 -54.28
C GLU B 49 16.59 4.16 -53.31
N VAL B 50 17.37 3.99 -52.25
CA VAL B 50 17.53 5.05 -51.25
C VAL B 50 18.16 6.29 -51.88
N LYS B 51 19.05 6.07 -52.83
CA LYS B 51 19.71 7.18 -53.53
C LYS B 51 18.67 7.97 -54.30
N ALA B 52 17.72 7.25 -54.88
CA ALA B 52 16.65 7.88 -55.65
C ALA B 52 15.47 8.28 -54.76
N LYS B 53 15.65 8.13 -53.44
CA LYS B 53 14.61 8.48 -52.50
C LYS B 53 15.05 9.64 -51.61
N VAL B 54 16.24 9.53 -51.04
CA VAL B 54 16.77 10.57 -50.17
C VAL B 54 17.03 11.85 -50.95
N GLN B 55 17.54 11.73 -52.18
CA GLN B 55 17.82 12.90 -53.01
C GLN B 55 16.57 13.78 -53.24
N PRO B 56 15.49 13.23 -53.84
CA PRO B 56 14.27 14.01 -54.07
C PRO B 56 13.59 14.39 -52.76
N TYR B 57 13.70 13.52 -51.74
CA TYR B 57 13.13 13.78 -50.44
C TYR B 57 13.81 14.99 -49.82
N LEU B 58 15.14 15.02 -49.93
CA LEU B 58 15.91 16.14 -49.41
C LEU B 58 15.57 17.40 -50.18
N ASP B 59 15.43 17.28 -51.50
CA ASP B 59 15.09 18.42 -52.34
C ASP B 59 13.72 18.96 -51.93
N ASP B 60 12.77 18.05 -51.77
CA ASP B 60 11.42 18.41 -51.36
C ASP B 60 11.45 19.13 -50.02
N PHE B 61 12.19 18.55 -49.08
CA PHE B 61 12.33 19.14 -47.75
C PHE B 61 13.06 20.47 -47.82
N GLN B 62 14.18 20.49 -48.54
CA GLN B 62 14.98 21.70 -48.69
C GLN B 62 14.14 22.82 -49.30
N LYS B 63 13.32 22.47 -50.28
CA LYS B 63 12.44 23.43 -50.92
C LYS B 63 11.45 23.99 -49.91
N LYS B 64 10.93 23.11 -49.05
CA LYS B 64 10.00 23.51 -48.01
C LYS B 64 10.73 24.36 -46.98
N TRP B 65 11.98 24.01 -46.71
CA TRP B 65 12.81 24.76 -45.78
C TRP B 65 13.11 26.13 -46.37
N GLN B 66 13.30 26.18 -47.69
CA GLN B 66 13.54 27.43 -48.40
C GLN B 66 12.31 28.31 -48.23
N GLU B 67 11.15 27.73 -48.50
CA GLU B 67 9.88 28.43 -48.37
C GLU B 67 9.71 28.92 -46.94
N GLU B 68 9.91 28.02 -45.98
CA GLU B 68 9.78 28.35 -44.56
C GLU B 68 10.74 29.49 -44.20
N MET B 69 11.98 29.38 -44.67
CA MET B 69 13.00 30.40 -44.41
C MET B 69 12.57 31.73 -45.00
N GLU B 70 12.07 31.69 -46.24
CA GLU B 70 11.60 32.89 -46.91
C GLU B 70 10.39 33.45 -46.17
N LEU B 71 9.56 32.56 -45.65
CA LEU B 71 8.39 32.96 -44.89
C LEU B 71 8.82 33.64 -43.60
N TYR B 72 9.87 33.12 -42.99
CA TYR B 72 10.40 33.69 -41.75
C TYR B 72 10.87 35.12 -41.98
N ARG B 73 11.42 35.36 -43.16
CA ARG B 73 11.91 36.69 -43.52
C ARG B 73 10.74 37.62 -43.88
N GLN B 74 9.57 37.03 -44.04
CA GLN B 74 8.37 37.78 -44.37
C GLN B 74 7.39 37.77 -43.20
N LYS B 75 7.77 37.09 -42.13
CA LYS B 75 6.93 36.98 -40.95
C LYS B 75 7.72 37.33 -39.69
N VAL B 76 8.64 36.45 -39.31
CA VAL B 76 9.45 36.64 -38.11
C VAL B 76 10.24 37.94 -38.17
N GLU B 77 10.79 38.27 -39.34
CA GLU B 77 11.56 39.50 -39.52
C GLU B 77 10.71 40.76 -39.25
N PRO B 78 9.63 41.01 -40.03
CA PRO B 78 8.78 42.17 -39.82
C PRO B 78 8.13 42.14 -38.43
N LEU B 79 7.76 40.94 -37.99
CA LEU B 79 7.16 40.77 -36.67
C LEU B 79 8.15 41.17 -35.60
N ARG B 80 9.42 40.92 -35.85
CA ARG B 80 10.48 41.28 -34.89
C ARG B 80 10.49 42.78 -34.69
N ALA B 81 10.33 43.52 -35.79
CA ALA B 81 10.31 44.97 -35.73
C ALA B 81 9.05 45.47 -35.02
N GLU B 82 7.92 44.86 -35.37
CA GLU B 82 6.64 45.21 -34.78
C GLU B 82 6.62 44.82 -33.29
N LEU B 83 7.25 43.70 -32.98
CA LEU B 83 7.34 43.24 -31.58
C LEU B 83 8.34 44.11 -30.85
N GLN B 84 9.36 44.53 -31.57
CA GLN B 84 10.41 45.41 -31.02
C GLN B 84 9.77 46.73 -30.64
N GLU B 85 9.04 47.31 -31.58
CA GLU B 85 8.36 48.58 -31.35
C GLU B 85 7.31 48.42 -30.25
N GLY B 86 6.60 47.30 -30.29
CA GLY B 86 5.60 47.02 -29.28
C GLY B 86 6.24 46.88 -27.91
N ALA B 87 7.39 46.21 -27.88
CA ALA B 87 8.13 46.03 -26.64
C ALA B 87 8.65 47.37 -26.16
N ARG B 88 9.10 48.19 -27.11
CA ARG B 88 9.60 49.52 -26.80
C ARG B 88 8.49 50.37 -26.21
N GLN B 89 7.30 50.23 -26.77
CA GLN B 89 6.13 50.95 -26.29
C GLN B 89 5.85 50.52 -24.86
N LYS B 90 5.92 49.20 -24.62
CA LYS B 90 5.70 48.64 -23.31
C LYS B 90 6.83 49.06 -22.37
N LEU B 91 8.04 49.19 -22.93
CA LEU B 91 9.20 49.63 -22.15
C LEU B 91 8.97 51.05 -21.70
N HIS B 92 8.36 51.84 -22.57
CA HIS B 92 8.04 53.22 -22.28
C HIS B 92 6.93 53.25 -21.23
N GLU B 93 5.94 52.38 -21.44
CA GLU B 93 4.83 52.26 -20.51
C GLU B 93 5.36 51.92 -19.11
N LEU B 94 6.32 50.99 -19.09
CA LEU B 94 6.95 50.57 -17.84
C LEU B 94 7.82 51.68 -17.26
N GLN B 95 8.56 52.38 -18.12
CA GLN B 95 9.45 53.46 -17.69
C GLN B 95 8.66 54.55 -16.98
N GLU B 96 7.49 54.88 -17.52
CA GLU B 96 6.64 55.90 -16.94
C GLU B 96 5.96 55.40 -15.67
N LYS B 97 6.33 54.21 -15.24
CA LYS B 97 5.79 53.62 -14.02
C LYS B 97 6.93 53.31 -13.06
N LEU B 98 8.02 52.79 -13.60
CA LEU B 98 9.19 52.46 -12.80
C LEU B 98 9.80 53.69 -12.16
N SER B 99 9.63 54.85 -12.79
CA SER B 99 10.15 56.08 -12.24
C SER B 99 9.20 56.69 -11.20
N PRO B 100 7.96 57.08 -11.58
CA PRO B 100 7.00 57.67 -10.62
C PRO B 100 6.66 56.71 -9.49
N LEU B 101 6.23 55.50 -9.86
CA LEU B 101 5.87 54.50 -8.87
C LEU B 101 7.12 53.96 -8.18
N GLY B 102 8.23 53.96 -8.90
CA GLY B 102 9.48 53.50 -8.33
C GLY B 102 9.89 54.38 -7.16
N GLU B 103 9.83 55.69 -7.38
CA GLU B 103 10.17 56.65 -6.34
C GLU B 103 9.14 56.58 -5.23
N GLU B 104 7.89 56.32 -5.61
CA GLU B 104 6.80 56.19 -4.66
C GLU B 104 7.03 54.98 -3.77
N MET B 105 7.40 53.86 -4.38
CA MET B 105 7.66 52.63 -3.66
C MET B 105 8.84 52.85 -2.72
N ARG B 106 9.80 53.65 -3.18
CA ARG B 106 10.95 53.98 -2.36
C ARG B 106 10.52 54.84 -1.19
N ASP B 107 9.64 55.79 -1.45
CA ASP B 107 9.11 56.66 -0.41
C ASP B 107 8.28 55.85 0.58
N ARG B 108 7.52 54.89 0.06
CA ARG B 108 6.73 54.01 0.89
C ARG B 108 7.66 53.23 1.80
N ALA B 109 8.70 52.65 1.20
CA ALA B 109 9.70 51.89 1.94
C ALA B 109 10.37 52.79 2.99
N ARG B 110 10.61 54.05 2.62
CA ARG B 110 11.21 54.99 3.53
C ARG B 110 10.33 55.18 4.75
N ALA B 111 9.03 55.26 4.53
CA ALA B 111 8.06 55.43 5.60
C ALA B 111 8.01 54.17 6.47
N HIS B 112 8.19 53.02 5.83
CA HIS B 112 8.18 51.74 6.54
C HIS B 112 9.45 51.58 7.36
N VAL B 113 10.60 51.80 6.72
CA VAL B 113 11.89 51.68 7.38
C VAL B 113 12.00 52.70 8.50
N ASP B 114 11.49 53.91 8.24
CA ASP B 114 11.51 54.97 9.25
C ASP B 114 10.65 54.56 10.44
N ALA B 115 9.53 53.92 10.14
CA ALA B 115 8.64 53.44 11.19
C ALA B 115 9.40 52.41 12.03
N LEU B 116 10.12 51.52 11.35
CA LEU B 116 10.90 50.49 12.02
C LEU B 116 11.94 51.10 12.94
N ARG B 117 12.37 52.33 12.63
CA ARG B 117 13.36 53.02 13.44
C ARG B 117 12.77 53.38 14.80
N THR B 118 11.45 53.55 14.83
CA THR B 118 10.73 53.89 16.05
C THR B 118 9.87 52.69 16.49
N HIS B 119 10.00 51.58 15.77
CA HIS B 119 9.26 50.37 16.07
C HIS B 119 10.18 49.26 16.57
N LEU B 120 11.05 48.79 15.68
CA LEU B 120 11.98 47.71 16.00
C LEU B 120 13.12 48.17 16.91
N ALA B 121 13.68 49.33 16.61
CA ALA B 121 14.79 49.86 17.40
C ALA B 121 14.43 50.02 18.88
N PRO B 122 13.38 50.80 19.23
CA PRO B 122 12.98 50.98 20.63
C PRO B 122 12.51 49.67 21.25
N TYR B 123 11.86 48.83 20.44
CA TYR B 123 11.38 47.54 20.92
C TYR B 123 12.53 46.63 21.27
N SER B 124 13.66 46.80 20.59
CA SER B 124 14.84 46.01 20.86
C SER B 124 15.33 46.32 22.26
N ASP B 125 15.23 47.59 22.65
CA ASP B 125 15.64 48.02 23.97
C ASP B 125 14.66 47.50 25.01
N GLU B 126 13.39 47.49 24.65
CA GLU B 126 12.34 46.97 25.52
C GLU B 126 12.57 45.49 25.73
N LEU B 127 12.95 44.79 24.65
CA LEU B 127 13.24 43.37 24.72
C LEU B 127 14.43 43.15 25.62
N ARG B 128 15.39 44.07 25.59
CA ARG B 128 16.58 43.97 26.43
C ARG B 128 16.20 43.97 27.90
N GLN B 129 15.22 44.81 28.24
CA GLN B 129 14.74 44.92 29.63
C GLN B 129 14.04 43.63 30.04
N ARG B 130 13.42 42.97 29.08
CA ARG B 130 12.73 41.72 29.33
C ARG B 130 13.74 40.58 29.37
N LEU B 131 14.62 40.55 28.37
CA LEU B 131 15.66 39.53 28.28
C LEU B 131 16.58 39.59 29.48
N ALA B 132 16.79 40.79 30.02
CA ALA B 132 17.63 40.96 31.20
C ALA B 132 17.05 40.17 32.37
N ALA B 133 15.72 40.25 32.50
CA ALA B 133 15.02 39.53 33.56
C ALA B 133 14.98 38.04 33.24
N ARG B 134 14.86 37.74 31.95
CA ARG B 134 14.84 36.36 31.49
C ARG B 134 16.18 35.70 31.80
N LEU B 135 17.26 36.40 31.45
CA LEU B 135 18.60 35.91 31.72
C LEU B 135 18.86 35.87 33.22
N GLU B 136 18.24 36.80 33.93
CA GLU B 136 18.37 36.88 35.38
C GLU B 136 17.85 35.58 35.99
N ALA B 137 16.65 35.19 35.58
CA ALA B 137 16.05 33.96 36.05
C ALA B 137 16.89 32.77 35.63
N LEU B 138 17.39 32.81 34.39
CA LEU B 138 18.22 31.76 33.86
C LEU B 138 19.56 31.66 34.61
N LYS B 139 19.96 32.74 35.24
CA LYS B 139 21.20 32.75 36.00
C LYS B 139 20.96 32.31 37.43
N GLU B 140 19.85 32.77 38.00
CA GLU B 140 19.49 32.40 39.36
C GLU B 140 19.12 30.93 39.40
N ASN B 141 18.23 30.52 38.48
CA ASN B 141 17.81 29.13 38.40
C ASN B 141 18.96 28.31 37.85
N GLY B 142 19.77 28.94 36.99
CA GLY B 142 20.91 28.26 36.42
C GLY B 142 21.93 27.95 37.48
N GLY B 143 22.15 28.90 38.37
CA GLY B 143 23.09 28.71 39.47
C GLY B 143 22.57 27.66 40.41
N ALA B 144 21.26 27.68 40.64
CA ALA B 144 20.61 26.70 41.48
C ALA B 144 20.78 25.32 40.85
N ARG B 145 20.48 25.26 39.54
CA ARG B 145 20.61 24.01 38.78
C ARG B 145 22.03 23.49 38.85
N LEU B 146 23.01 24.40 38.77
CA LEU B 146 24.42 24.02 38.85
C LEU B 146 24.72 23.36 40.19
N ALA B 147 24.25 23.97 41.26
CA ALA B 147 24.47 23.43 42.60
C ALA B 147 23.74 22.11 42.76
N GLU B 148 22.50 22.07 42.27
CA GLU B 148 21.67 20.88 42.33
C GLU B 148 22.27 19.74 41.53
N TYR B 149 22.65 20.02 40.28
CA TYR B 149 23.25 19.02 39.41
C TYR B 149 24.50 18.44 40.04
N HIS B 150 25.30 19.30 40.67
CA HIS B 150 26.53 18.86 41.31
C HIS B 150 26.22 18.04 42.57
N ALA B 151 25.21 18.46 43.31
CA ALA B 151 24.81 17.77 44.53
C ALA B 151 24.18 16.42 44.19
N LYS B 152 23.37 16.41 43.14
CA LYS B 152 22.72 15.18 42.71
C LYS B 152 23.69 14.28 41.96
N ALA B 153 24.73 14.87 41.38
CA ALA B 153 25.75 14.12 40.66
C ALA B 153 26.53 13.28 41.65
N THR B 154 26.83 13.87 42.80
CA THR B 154 27.56 13.17 43.85
C THR B 154 26.71 12.07 44.43
N GLU B 155 25.40 12.34 44.54
CA GLU B 155 24.45 11.37 45.05
C GLU B 155 24.28 10.22 44.08
N HIS B 156 24.38 10.55 42.78
CA HIS B 156 24.28 9.54 41.74
C HIS B 156 25.59 8.77 41.62
N LEU B 157 26.70 9.47 41.84
CA LEU B 157 28.01 8.86 41.78
C LEU B 157 28.20 7.91 42.95
N SER B 158 27.70 8.29 44.12
CA SER B 158 27.80 7.46 45.30
C SER B 158 26.98 6.19 45.14
N THR B 159 25.81 6.32 44.50
CA THR B 159 24.95 5.17 44.27
C THR B 159 25.52 4.29 43.15
N LEU B 160 26.25 4.93 42.24
CA LEU B 160 26.89 4.22 41.15
C LEU B 160 27.98 3.33 41.70
N SER B 161 28.88 3.91 42.48
CA SER B 161 29.98 3.16 43.08
C SER B 161 29.44 2.17 44.11
N GLU B 162 28.34 2.56 44.76
CA GLU B 162 27.67 1.73 45.76
C GLU B 162 27.33 0.37 45.17
N LYS B 163 26.85 0.35 43.94
CA LYS B 163 26.48 -0.89 43.29
C LYS B 163 27.62 -1.39 42.40
N ALA B 164 28.48 -0.49 41.98
CA ALA B 164 29.61 -0.85 41.11
C ALA B 164 30.49 -1.89 41.78
N LYS B 165 30.87 -1.63 43.03
CA LYS B 165 31.72 -2.55 43.77
C LYS B 165 31.15 -3.98 43.80
N PRO B 166 29.95 -4.20 44.41
CA PRO B 166 29.36 -5.53 44.49
C PRO B 166 29.04 -6.13 43.12
N ALA B 167 28.39 -5.35 42.25
CA ALA B 167 28.03 -5.84 40.92
C ALA B 167 29.25 -6.27 40.11
N LEU B 168 30.26 -5.41 40.05
CA LEU B 168 31.46 -5.73 39.30
C LEU B 168 32.19 -6.93 39.91
N GLU B 169 32.30 -6.95 41.23
CA GLU B 169 32.95 -8.07 41.91
C GLU B 169 32.16 -9.35 41.70
N ASP B 170 30.85 -9.26 41.84
CA ASP B 170 29.98 -10.42 41.66
C ASP B 170 30.06 -10.93 40.23
N LEU B 171 30.06 -10.00 39.28
CA LEU B 171 30.16 -10.34 37.87
C LEU B 171 31.49 -11.03 37.61
N ARG B 172 32.55 -10.51 38.21
CA ARG B 172 33.88 -11.09 38.07
C ARG B 172 33.93 -12.46 38.73
N GLN B 173 33.34 -12.57 39.91
CA GLN B 173 33.29 -13.82 40.66
C GLN B 173 32.46 -14.85 39.93
N GLY B 174 31.42 -14.37 39.24
CA GLY B 174 30.55 -15.24 38.48
C GLY B 174 31.17 -15.65 37.17
N LEU B 175 31.84 -14.69 36.51
CA LEU B 175 32.49 -14.95 35.23
C LEU B 175 33.61 -15.95 35.38
N LEU B 176 34.25 -15.97 36.55
CA LEU B 176 35.36 -16.89 36.81
C LEU B 176 34.99 -18.34 36.47
N PRO B 177 33.99 -18.94 37.18
CA PRO B 177 33.57 -20.31 36.90
C PRO B 177 32.77 -20.41 35.61
N VAL B 178 31.99 -19.36 35.30
CA VAL B 178 31.19 -19.34 34.09
C VAL B 178 32.06 -19.48 32.85
N LEU B 179 33.15 -18.71 32.79
CA LEU B 179 34.06 -18.76 31.67
C LEU B 179 34.72 -20.13 31.61
N GLU B 180 35.05 -20.69 32.78
CA GLU B 180 35.66 -22.02 32.83
C GLU B 180 34.69 -23.06 32.29
N SER B 181 33.41 -22.91 32.65
CA SER B 181 32.38 -23.82 32.18
C SER B 181 32.19 -23.63 30.67
N PHE B 182 32.27 -22.38 30.23
CA PHE B 182 32.15 -22.06 28.81
C PHE B 182 33.28 -22.74 28.06
N LYS B 183 34.48 -22.69 28.63
CA LYS B 183 35.65 -23.33 28.04
C LYS B 183 35.37 -24.81 27.85
N VAL B 184 34.82 -25.44 28.89
CA VAL B 184 34.48 -26.85 28.84
C VAL B 184 33.57 -27.15 27.65
N SER B 185 32.51 -26.38 27.50
CA SER B 185 31.59 -26.56 26.40
C SER B 185 32.27 -26.31 25.06
N PHE B 186 33.10 -25.27 25.00
CA PHE B 186 33.81 -24.92 23.77
C PHE B 186 34.78 -26.04 23.38
N LEU B 187 35.56 -26.51 24.36
CA LEU B 187 36.54 -27.56 24.13
C LEU B 187 35.89 -28.83 23.61
N SER B 188 34.81 -29.25 24.26
CA SER B 188 34.10 -30.45 23.86
C SER B 188 33.40 -30.26 22.51
N ALA B 189 32.93 -29.04 22.27
CA ALA B 189 32.26 -28.72 21.00
C ALA B 189 33.25 -28.73 19.85
N LEU B 190 34.28 -27.92 19.97
CA LEU B 190 35.31 -27.79 18.93
C LEU B 190 35.97 -29.14 18.62
N GLU B 191 36.25 -29.92 19.66
CA GLU B 191 36.89 -31.22 19.48
C GLU B 191 36.01 -32.13 18.62
N GLU B 192 34.74 -32.22 18.97
CA GLU B 192 33.81 -33.05 18.22
C GLU B 192 33.56 -32.47 16.83
N TYR B 193 33.50 -31.15 16.73
CA TYR B 193 33.29 -30.48 15.46
C TYR B 193 34.39 -30.85 14.47
N THR B 194 35.63 -30.84 14.96
CA THR B 194 36.78 -31.18 14.11
C THR B 194 36.68 -32.62 13.59
N LYS B 195 36.08 -33.48 14.40
CA LYS B 195 35.91 -34.89 14.01
C LYS B 195 34.79 -35.03 12.98
N LYS B 196 33.73 -34.26 13.15
CA LYS B 196 32.60 -34.30 12.22
C LYS B 196 32.98 -33.63 10.89
N LEU B 197 33.97 -32.76 10.94
CA LEU B 197 34.45 -32.06 9.76
C LEU B 197 35.71 -32.73 9.22
N ASN B 198 35.99 -33.91 9.73
CA ASN B 198 37.18 -34.67 9.30
C ASN B 198 36.96 -35.31 7.93
N MET C 1 -6.52 -1.52 6.22
CA MET C 1 -6.41 -2.76 5.46
C MET C 1 -5.63 -3.82 6.24
N THR C 2 -5.55 -3.62 7.56
CA THR C 2 -4.86 -4.55 8.43
C THR C 2 -5.59 -5.89 8.46
N GLU C 3 -4.84 -6.97 8.33
CA GLU C 3 -5.41 -8.31 8.32
C GLU C 3 -5.53 -8.88 9.74
N TYR C 4 -6.57 -9.66 9.96
CA TYR C 4 -6.80 -10.29 11.25
C TYR C 4 -7.04 -11.79 11.06
N LYS C 5 -6.33 -12.61 11.84
CA LYS C 5 -6.46 -14.07 11.73
C LYS C 5 -7.49 -14.61 12.74
N LEU C 6 -8.59 -15.14 12.22
CA LEU C 6 -9.64 -15.68 13.07
C LEU C 6 -9.89 -17.16 12.73
N VAL C 7 -9.80 -18.01 13.74
CA VAL C 7 -10.02 -19.44 13.55
C VAL C 7 -11.34 -19.86 14.19
N VAL C 8 -12.15 -20.58 13.42
CA VAL C 8 -13.44 -21.04 13.91
C VAL C 8 -13.40 -22.54 14.24
N VAL C 9 -13.76 -22.88 15.47
CA VAL C 9 -13.75 -24.26 15.91
C VAL C 9 -15.11 -24.67 16.48
N GLY C 10 -15.49 -25.93 16.28
CA GLY C 10 -16.75 -26.42 16.79
C GLY C 10 -16.97 -27.87 16.42
N ALA C 11 -18.06 -28.44 16.91
CA ALA C 11 -18.40 -29.83 16.62
C ALA C 11 -19.14 -29.94 15.29
N GLY C 12 -19.30 -31.17 14.80
CA GLY C 12 -19.98 -31.38 13.54
C GLY C 12 -21.49 -31.23 13.65
N GLY C 13 -22.07 -30.40 12.79
CA GLY C 13 -23.50 -30.21 12.80
C GLY C 13 -23.93 -28.93 13.50
N VAL C 14 -22.97 -28.13 13.94
CA VAL C 14 -23.28 -26.87 14.64
C VAL C 14 -23.59 -25.74 13.65
N GLY C 15 -23.20 -25.93 12.41
CA GLY C 15 -23.44 -24.90 11.40
C GLY C 15 -22.28 -23.93 11.31
N LYS C 16 -21.10 -24.46 11.54
CA LYS C 16 -19.88 -23.67 11.49
C LYS C 16 -19.59 -23.20 10.07
N SER C 17 -19.75 -24.09 9.11
CA SER C 17 -19.51 -23.75 7.71
C SER C 17 -20.67 -22.92 7.15
N ALA C 18 -21.86 -23.16 7.69
CA ALA C 18 -23.05 -22.43 7.27
C ALA C 18 -22.93 -20.96 7.62
N LEU C 19 -22.43 -20.68 8.82
CA LEU C 19 -22.25 -19.32 9.29
C LEU C 19 -21.30 -18.53 8.38
N THR C 20 -20.21 -19.16 7.96
CA THR C 20 -19.23 -18.51 7.10
C THR C 20 -19.80 -18.17 5.73
N ILE C 21 -20.44 -19.14 5.09
CA ILE C 21 -21.02 -18.92 3.78
C ILE C 21 -22.11 -17.86 3.84
N GLN C 22 -22.88 -17.86 4.92
CA GLN C 22 -23.97 -16.91 5.10
C GLN C 22 -23.46 -15.53 5.51
N LEU C 23 -22.19 -15.45 5.91
CA LEU C 23 -21.60 -14.18 6.33
C LEU C 23 -20.79 -13.52 5.20
N ILE C 24 -20.04 -14.32 4.46
CA ILE C 24 -19.21 -13.78 3.39
C ILE C 24 -19.97 -13.65 2.07
N GLN C 25 -20.34 -14.79 1.49
CA GLN C 25 -21.07 -14.80 0.22
C GLN C 25 -22.55 -14.58 0.47
N ASN C 26 -22.95 -14.64 1.74
CA ASN C 26 -24.34 -14.44 2.17
C ASN C 26 -25.28 -15.51 1.60
N HIS C 27 -24.77 -16.73 1.48
CA HIS C 27 -25.56 -17.82 0.94
C HIS C 27 -25.82 -18.88 2.02
N PHE C 28 -26.92 -19.60 1.89
CA PHE C 28 -27.27 -20.62 2.86
C PHE C 28 -27.31 -22.00 2.21
N VAL C 29 -26.91 -23.01 2.98
CA VAL C 29 -26.90 -24.38 2.49
C VAL C 29 -28.03 -25.20 3.12
N ASP C 30 -28.41 -26.26 2.44
CA ASP C 30 -29.46 -27.16 2.92
C ASP C 30 -28.90 -28.57 2.95
N GLU C 31 -27.63 -28.68 2.58
CA GLU C 31 -26.93 -29.94 2.54
C GLU C 31 -25.78 -29.94 3.53
N TYR C 32 -25.46 -31.11 4.08
CA TYR C 32 -24.37 -31.23 5.04
C TYR C 32 -23.15 -31.83 4.38
N ASP C 33 -22.05 -31.11 4.41
CA ASP C 33 -20.80 -31.61 3.83
C ASP C 33 -19.65 -31.28 4.77
N PRO C 34 -19.00 -32.30 5.33
CA PRO C 34 -17.88 -32.13 6.26
C PRO C 34 -16.72 -31.40 5.60
N THR C 35 -16.34 -30.27 6.17
CA THR C 35 -15.24 -29.49 5.62
C THR C 35 -13.98 -29.70 6.45
N ILE C 36 -12.86 -29.97 5.77
CA ILE C 36 -11.59 -30.18 6.45
C ILE C 36 -10.85 -28.87 6.56
N GLU C 37 -10.82 -28.12 5.46
CA GLU C 37 -10.17 -26.82 5.40
C GLU C 37 -11.01 -25.90 4.53
N ASP C 38 -11.19 -24.67 4.96
CA ASP C 38 -11.96 -23.70 4.19
C ASP C 38 -11.56 -22.30 4.57
N SER C 39 -11.06 -21.55 3.61
CA SER C 39 -10.64 -20.19 3.86
C SER C 39 -11.64 -19.17 3.34
N TYR C 40 -11.84 -18.11 4.10
CA TYR C 40 -12.76 -17.06 3.72
C TYR C 40 -12.16 -15.69 4.01
N ARG C 41 -11.87 -14.95 2.95
CA ARG C 41 -11.30 -13.62 3.07
C ARG C 41 -12.33 -12.58 2.67
N LYS C 42 -12.59 -11.63 3.55
CA LYS C 42 -13.57 -10.59 3.28
C LYS C 42 -13.06 -9.23 3.72
N GLN C 43 -13.35 -8.22 2.91
CA GLN C 43 -12.94 -6.85 3.20
C GLN C 43 -14.10 -6.14 3.88
N VAL C 44 -13.93 -5.78 5.14
CA VAL C 44 -14.99 -5.10 5.88
C VAL C 44 -14.49 -3.79 6.47
N VAL C 45 -15.40 -3.01 7.01
CA VAL C 45 -15.05 -1.72 7.62
C VAL C 45 -15.31 -1.75 9.11
N ILE C 46 -14.27 -2.02 9.88
CA ILE C 46 -14.40 -2.05 11.33
C ILE C 46 -13.65 -0.87 11.95
N ASP C 47 -14.33 -0.17 12.85
CA ASP C 47 -13.76 0.99 13.54
C ASP C 47 -13.71 2.23 12.65
N GLY C 48 -13.97 2.04 11.36
CA GLY C 48 -13.95 3.14 10.42
C GLY C 48 -12.92 2.91 9.34
N GLU C 49 -12.01 1.99 9.60
CA GLU C 49 -10.95 1.67 8.65
C GLU C 49 -11.27 0.34 7.98
N THR C 50 -10.58 0.06 6.87
CA THR C 50 -10.77 -1.18 6.16
C THR C 50 -10.05 -2.30 6.91
N CYS C 51 -10.72 -3.41 7.12
CA CYS C 51 -10.13 -4.54 7.82
C CYS C 51 -10.21 -5.80 6.97
N LEU C 52 -9.12 -6.56 6.97
CA LEU C 52 -9.05 -7.79 6.21
C LEU C 52 -9.26 -8.98 7.12
N LEU C 53 -10.46 -9.55 7.08
CA LEU C 53 -10.79 -10.68 7.92
C LEU C 53 -10.49 -11.99 7.23
N ASP C 54 -9.54 -12.73 7.79
CA ASP C 54 -9.15 -14.02 7.24
C ASP C 54 -9.63 -15.12 8.16
N ILE C 55 -10.69 -15.81 7.76
CA ILE C 55 -11.26 -16.87 8.57
C ILE C 55 -10.96 -18.25 7.96
N LEU C 56 -10.56 -19.18 8.82
CA LEU C 56 -10.27 -20.53 8.39
C LEU C 56 -11.17 -21.52 9.14
N ASP C 57 -11.98 -22.24 8.39
CA ASP C 57 -12.89 -23.22 8.97
C ASP C 57 -12.17 -24.51 9.28
N THR C 58 -12.46 -25.07 10.44
CA THR C 58 -11.82 -26.30 10.88
C THR C 58 -12.74 -27.49 10.59
N ALA C 59 -12.21 -28.68 10.73
CA ALA C 59 -12.99 -29.89 10.49
C ALA C 59 -13.77 -30.28 11.74
N GLY C 60 -15.09 -30.34 11.61
CA GLY C 60 -15.93 -30.72 12.75
C GLY C 60 -15.73 -32.16 13.13
N GLN C 61 -15.61 -33.02 12.11
CA GLN C 61 -15.41 -34.44 12.33
C GLN C 61 -13.98 -34.82 11.97
N GLU C 62 -13.12 -34.87 12.98
CA GLU C 62 -11.72 -35.21 12.79
C GLU C 62 -11.08 -35.51 14.14
N GLU C 63 -9.92 -36.15 14.11
CA GLU C 63 -9.19 -36.48 15.32
C GLU C 63 -8.03 -35.51 15.50
N TYR C 64 -7.28 -35.66 16.58
CA TYR C 64 -6.14 -34.78 16.80
C TYR C 64 -5.04 -35.05 15.79
N SER C 65 -4.72 -34.04 15.00
CA SER C 65 -3.68 -34.15 13.99
C SER C 65 -2.63 -33.06 14.21
N ALA C 66 -1.39 -33.35 13.86
CA ALA C 66 -0.29 -32.40 14.02
C ALA C 66 -0.52 -31.15 13.16
N MET C 67 -1.04 -31.36 11.96
CA MET C 67 -1.31 -30.26 11.05
C MET C 67 -2.36 -29.34 11.63
N ARG C 68 -3.30 -29.92 12.37
CA ARG C 68 -4.36 -29.14 13.00
C ARG C 68 -3.78 -28.20 14.05
N ASP C 69 -2.87 -28.74 14.87
CA ASP C 69 -2.20 -27.98 15.91
C ASP C 69 -1.42 -26.82 15.30
N GLN C 70 -0.86 -27.06 14.12
CA GLN C 70 -0.09 -26.05 13.42
C GLN C 70 -0.94 -24.84 13.04
N TYR C 71 -2.03 -25.07 12.31
CA TYR C 71 -2.88 -23.97 11.87
C TYR C 71 -3.68 -23.34 13.01
N MET C 72 -3.95 -24.12 14.07
CA MET C 72 -4.71 -23.60 15.20
C MET C 72 -3.89 -22.61 16.02
N ARG C 73 -2.58 -22.59 15.76
CA ARG C 73 -1.70 -21.69 16.46
C ARG C 73 -1.59 -20.36 15.72
N THR C 74 -1.84 -20.39 14.41
CA THR C 74 -1.77 -19.20 13.57
C THR C 74 -3.05 -18.37 13.63
N GLY C 75 -3.70 -18.37 14.78
CA GLY C 75 -4.92 -17.61 14.95
C GLY C 75 -4.93 -16.84 16.25
N GLU C 76 -5.57 -15.68 16.25
CA GLU C 76 -5.67 -14.85 17.45
C GLU C 76 -7.08 -14.89 18.01
N GLY C 77 -8.05 -14.99 17.11
CA GLY C 77 -9.43 -15.04 17.53
C GLY C 77 -9.95 -16.46 17.55
N PHE C 78 -10.53 -16.87 18.67
CA PHE C 78 -11.05 -18.21 18.80
C PHE C 78 -12.53 -18.18 19.18
N LEU C 79 -13.38 -18.37 18.19
CA LEU C 79 -14.82 -18.37 18.42
C LEU C 79 -15.33 -19.79 18.62
N CYS C 80 -15.80 -20.06 19.83
CA CYS C 80 -16.32 -21.38 20.17
C CYS C 80 -17.82 -21.42 19.91
N VAL C 81 -18.19 -21.95 18.75
CA VAL C 81 -19.59 -22.04 18.38
C VAL C 81 -20.15 -23.42 18.68
N PHE C 82 -21.45 -23.46 18.94
CA PHE C 82 -22.15 -24.69 19.22
C PHE C 82 -23.63 -24.50 18.97
N ALA C 83 -24.34 -25.56 18.66
CA ALA C 83 -25.76 -25.50 18.42
C ALA C 83 -26.52 -25.86 19.69
N ILE C 84 -27.42 -24.98 20.13
CA ILE C 84 -28.19 -25.21 21.35
C ILE C 84 -29.33 -26.22 21.18
N ASN C 85 -29.35 -26.89 20.02
CA ASN C 85 -30.37 -27.90 19.75
C ASN C 85 -29.83 -29.27 20.14
N ASN C 86 -28.56 -29.31 20.51
CA ASN C 86 -27.90 -30.53 20.91
C ASN C 86 -27.02 -30.26 22.13
N THR C 87 -27.19 -31.07 23.17
CA THR C 87 -26.42 -30.92 24.40
C THR C 87 -24.95 -31.32 24.21
N LYS C 88 -24.72 -32.27 23.31
CA LYS C 88 -23.37 -32.75 23.04
C LYS C 88 -22.45 -31.62 22.58
N SER C 89 -22.96 -30.74 21.73
CA SER C 89 -22.18 -29.63 21.21
C SER C 89 -21.79 -28.65 22.32
N PHE C 90 -22.55 -28.64 23.41
CA PHE C 90 -22.28 -27.75 24.53
C PHE C 90 -21.27 -28.38 25.48
N GLU C 91 -21.28 -29.70 25.58
CA GLU C 91 -20.36 -30.41 26.45
C GLU C 91 -18.98 -30.54 25.82
N ASP C 92 -18.96 -30.76 24.51
CA ASP C 92 -17.71 -30.92 23.77
C ASP C 92 -16.94 -29.60 23.67
N ILE C 93 -17.57 -28.50 24.08
CA ILE C 93 -16.95 -27.17 24.03
C ILE C 93 -15.65 -27.16 24.84
N HIS C 94 -15.68 -27.74 26.03
CA HIS C 94 -14.51 -27.79 26.90
C HIS C 94 -13.36 -28.55 26.24
N HIS C 95 -13.70 -29.57 25.49
CA HIS C 95 -12.70 -30.38 24.80
C HIS C 95 -11.88 -29.53 23.84
N TYR C 96 -12.58 -28.73 23.03
CA TYR C 96 -11.90 -27.87 22.06
C TYR C 96 -11.25 -26.69 22.78
N ARG C 97 -11.90 -26.19 23.82
CA ARG C 97 -11.38 -25.06 24.60
C ARG C 97 -10.02 -25.40 25.20
N GLU C 98 -9.93 -26.56 25.83
CA GLU C 98 -8.69 -27.00 26.45
C GLU C 98 -7.63 -27.31 25.40
N GLN C 99 -8.08 -27.65 24.21
CA GLN C 99 -7.18 -27.94 23.11
C GLN C 99 -6.52 -26.64 22.66
N ILE C 100 -7.34 -25.59 22.54
CA ILE C 100 -6.86 -24.28 22.14
C ILE C 100 -5.86 -23.76 23.18
N LYS C 101 -6.20 -23.98 24.45
CA LYS C 101 -5.36 -23.55 25.57
C LYS C 101 -3.96 -24.16 25.47
N ARG C 102 -3.89 -25.39 24.98
CA ARG C 102 -2.63 -26.08 24.81
C ARG C 102 -1.87 -25.55 23.59
N VAL C 103 -2.62 -25.32 22.51
CA VAL C 103 -2.04 -24.82 21.26
C VAL C 103 -1.24 -23.53 21.48
N LYS C 104 -1.90 -22.46 21.89
CA LYS C 104 -1.22 -21.18 22.10
C LYS C 104 -0.42 -21.17 23.41
N ASP C 105 -0.43 -22.31 24.11
CA ASP C 105 0.31 -22.48 25.36
C ASP C 105 -0.05 -21.42 26.39
N SER C 106 -1.31 -20.99 26.36
CA SER C 106 -1.77 -19.97 27.29
C SER C 106 -3.17 -20.31 27.81
N GLU C 107 -3.33 -20.20 29.13
CA GLU C 107 -4.62 -20.48 29.76
C GLU C 107 -5.61 -19.35 29.48
N ASP C 108 -5.12 -18.12 29.53
CA ASP C 108 -5.94 -16.95 29.28
C ASP C 108 -5.73 -16.44 27.86
N VAL C 109 -6.71 -16.66 27.02
CA VAL C 109 -6.66 -16.23 25.62
C VAL C 109 -8.01 -15.63 25.22
N PRO C 110 -8.05 -14.83 24.14
CA PRO C 110 -9.28 -14.20 23.64
C PRO C 110 -10.24 -15.25 23.08
N MET C 111 -11.16 -15.69 23.92
CA MET C 111 -12.15 -16.69 23.53
C MET C 111 -13.55 -16.14 23.69
N VAL C 112 -14.42 -16.47 22.75
CA VAL C 112 -15.81 -16.02 22.78
C VAL C 112 -16.74 -17.21 22.54
N LEU C 113 -17.78 -17.33 23.36
CA LEU C 113 -18.74 -18.42 23.23
C LEU C 113 -19.92 -17.96 22.38
N VAL C 114 -20.24 -18.73 21.34
CA VAL C 114 -21.34 -18.39 20.45
C VAL C 114 -22.34 -19.53 20.35
N GLY C 115 -23.60 -19.23 20.66
CA GLY C 115 -24.65 -20.23 20.58
C GLY C 115 -25.46 -20.08 19.31
N ASN C 116 -25.29 -21.00 18.38
CA ASN C 116 -26.01 -20.97 17.11
C ASN C 116 -27.36 -21.67 17.19
N LYS C 117 -28.22 -21.36 16.21
CA LYS C 117 -29.57 -21.94 16.13
C LYS C 117 -30.43 -21.48 17.30
N CYS C 118 -30.19 -20.27 17.78
CA CYS C 118 -30.93 -19.73 18.92
C CYS C 118 -32.35 -19.32 18.53
N ASP C 119 -32.63 -19.34 17.23
CA ASP C 119 -33.96 -18.97 16.75
C ASP C 119 -34.87 -20.18 16.63
N LEU C 120 -34.27 -21.36 16.65
CA LEU C 120 -35.03 -22.59 16.53
C LEU C 120 -35.69 -22.99 17.85
N PRO C 121 -36.95 -23.43 17.79
CA PRO C 121 -37.71 -23.84 18.98
C PRO C 121 -37.21 -25.16 19.56
N SER C 122 -36.19 -25.74 18.93
CA SER C 122 -35.61 -26.99 19.38
C SER C 122 -34.57 -26.70 20.47
N ARG C 123 -34.55 -25.45 20.92
CA ARG C 123 -33.62 -24.99 21.95
C ARG C 123 -33.71 -25.86 23.20
N THR C 124 -32.65 -26.61 23.47
CA THR C 124 -32.62 -27.46 24.64
C THR C 124 -31.74 -26.87 25.73
N VAL C 125 -30.73 -26.11 25.31
CA VAL C 125 -29.81 -25.47 26.24
C VAL C 125 -30.27 -24.04 26.51
N ASP C 126 -30.39 -23.69 27.78
CA ASP C 126 -30.83 -22.35 28.17
C ASP C 126 -29.67 -21.37 28.12
N THR C 127 -29.98 -20.10 27.83
CA THR C 127 -28.97 -19.06 27.75
C THR C 127 -28.21 -18.88 29.07
N LYS C 128 -28.92 -18.96 30.20
CA LYS C 128 -28.29 -18.80 31.49
C LYS C 128 -27.25 -19.87 31.74
N GLN C 129 -27.50 -21.08 31.24
CA GLN C 129 -26.57 -22.19 31.42
C GLN C 129 -25.23 -21.86 30.78
N ALA C 130 -25.27 -21.23 29.61
CA ALA C 130 -24.06 -20.86 28.91
C ALA C 130 -23.45 -19.62 29.54
N GLN C 131 -24.28 -18.67 29.93
CA GLN C 131 -23.82 -17.44 30.56
C GLN C 131 -23.12 -17.72 31.89
N ASP C 132 -23.74 -18.58 32.69
CA ASP C 132 -23.21 -18.95 33.99
C ASP C 132 -21.86 -19.64 33.83
N LEU C 133 -21.82 -20.65 32.95
CA LEU C 133 -20.61 -21.39 32.70
C LEU C 133 -19.51 -20.50 32.13
N ALA C 134 -19.86 -19.71 31.13
CA ALA C 134 -18.91 -18.80 30.49
C ALA C 134 -18.38 -17.78 31.49
N ARG C 135 -19.20 -17.41 32.46
CA ARG C 135 -18.80 -16.46 33.49
C ARG C 135 -17.78 -17.09 34.43
N SER C 136 -17.94 -18.39 34.69
CA SER C 136 -17.01 -19.11 35.56
C SER C 136 -15.61 -19.14 34.95
N TYR C 137 -15.55 -19.17 33.62
CA TYR C 137 -14.29 -19.20 32.91
C TYR C 137 -13.78 -17.78 32.67
N GLY C 138 -14.68 -16.89 32.32
CA GLY C 138 -14.30 -15.51 32.07
C GLY C 138 -14.37 -15.17 30.60
N ILE C 139 -15.37 -15.69 29.91
CA ILE C 139 -15.54 -15.41 28.49
C ILE C 139 -16.96 -14.94 28.19
N PRO C 140 -17.12 -14.04 27.21
CA PRO C 140 -18.44 -13.52 26.83
C PRO C 140 -19.23 -14.49 25.96
N PHE C 141 -20.57 -14.42 26.05
CA PHE C 141 -21.44 -15.29 25.29
C PHE C 141 -22.57 -14.51 24.64
N ILE C 142 -22.81 -14.77 23.37
CA ILE C 142 -23.88 -14.12 22.62
C ILE C 142 -24.57 -15.15 21.71
N GLU C 143 -25.90 -15.08 21.63
CA GLU C 143 -26.65 -16.00 20.78
C GLU C 143 -26.57 -15.56 19.32
N THR C 144 -26.46 -16.52 18.43
CA THR C 144 -26.35 -16.25 17.00
C THR C 144 -27.21 -17.22 16.19
N SER C 145 -27.62 -16.81 15.00
CA SER C 145 -28.44 -17.64 14.14
C SER C 145 -28.06 -17.41 12.68
N ALA C 146 -27.76 -18.48 11.97
CA ALA C 146 -27.39 -18.39 10.56
C ALA C 146 -28.65 -18.31 9.71
N LYS C 147 -29.75 -18.81 10.27
CA LYS C 147 -31.03 -18.80 9.61
C LYS C 147 -31.60 -17.38 9.55
N THR C 148 -31.47 -16.65 10.64
CA THR C 148 -31.96 -15.28 10.71
C THR C 148 -30.85 -14.27 10.39
N ARG C 149 -29.60 -14.71 10.52
CA ARG C 149 -28.44 -13.86 10.25
C ARG C 149 -28.43 -12.64 11.17
N GLN C 150 -28.86 -12.84 12.41
CA GLN C 150 -28.92 -11.75 13.39
C GLN C 150 -27.90 -11.96 14.49
N GLY C 151 -27.12 -10.91 14.77
CA GLY C 151 -26.11 -10.98 15.83
C GLY C 151 -24.88 -11.75 15.41
N VAL C 152 -24.72 -11.93 14.11
CA VAL C 152 -23.57 -12.66 13.58
C VAL C 152 -22.41 -11.71 13.34
N ASP C 153 -22.73 -10.52 12.84
CA ASP C 153 -21.72 -9.51 12.53
C ASP C 153 -21.01 -9.02 13.79
N ASP C 154 -21.80 -8.64 14.80
CA ASP C 154 -21.20 -8.13 16.04
C ASP C 154 -20.52 -9.25 16.82
N ALA C 155 -20.91 -10.50 16.57
CA ALA C 155 -20.28 -11.64 17.24
C ALA C 155 -18.79 -11.63 16.94
N PHE C 156 -18.47 -11.35 15.68
CA PHE C 156 -17.08 -11.28 15.24
C PHE C 156 -16.42 -10.01 15.77
N TYR C 157 -17.21 -8.94 15.84
CA TYR C 157 -16.72 -7.65 16.34
C TYR C 157 -16.29 -7.78 17.79
N THR C 158 -17.05 -8.58 18.56
CA THR C 158 -16.76 -8.80 19.96
C THR C 158 -15.39 -9.47 20.11
N LEU C 159 -15.07 -10.34 19.16
CA LEU C 159 -13.80 -11.05 19.17
C LEU C 159 -12.65 -10.06 18.95
N VAL C 160 -12.83 -9.15 18.00
CA VAL C 160 -11.83 -8.14 17.72
C VAL C 160 -11.59 -7.27 18.95
N ARG C 161 -12.68 -6.98 19.67
CA ARG C 161 -12.61 -6.18 20.88
C ARG C 161 -11.82 -6.93 21.94
N GLU C 162 -12.14 -8.21 22.12
CA GLU C 162 -11.45 -9.04 23.10
C GLU C 162 -9.95 -9.12 22.82
N ILE C 163 -9.60 -9.33 21.55
CA ILE C 163 -8.20 -9.43 21.14
C ILE C 163 -7.44 -8.15 21.47
N ARG C 164 -8.06 -7.01 21.18
CA ARG C 164 -7.43 -5.71 21.44
C ARG C 164 -7.29 -5.46 22.93
N LYS C 165 -8.35 -5.76 23.69
CA LYS C 165 -8.32 -5.58 25.14
C LYS C 165 -7.29 -6.50 25.79
N HIS C 166 -7.14 -7.68 25.21
CA HIS C 166 -6.19 -8.67 25.71
C HIS C 166 -4.76 -8.14 25.60
N LYS C 167 -4.48 -7.42 24.52
CA LYS C 167 -3.16 -6.86 24.29
C LYS C 167 -2.82 -5.86 25.39
N GLU C 168 -3.81 -5.05 25.75
CA GLU C 168 -3.65 -4.06 26.80
C GLU C 168 -3.46 -4.77 28.13
N LYS C 169 -4.25 -5.82 28.35
CA LYS C 169 -4.18 -6.60 29.58
C LYS C 169 -2.81 -7.26 29.74
N MET C 170 -2.26 -7.76 28.63
CA MET C 170 -0.96 -8.42 28.64
C MET C 170 0.13 -7.45 29.08
N SER C 171 0.13 -6.26 28.50
CA SER C 171 1.12 -5.24 28.83
C SER C 171 0.98 -4.79 30.29
N LYS C 172 -0.22 -4.93 30.84
CA LYS C 172 -0.48 -4.54 32.22
C LYS C 172 -0.16 -5.68 33.19
N ASP C 173 0.43 -6.74 32.68
CA ASP C 173 0.77 -7.89 33.52
C ASP C 173 2.20 -8.34 33.29
N GLY C 174 2.53 -8.63 32.04
CA GLY C 174 3.85 -9.09 31.71
C GLY C 174 3.99 -10.58 31.93
N LYS C 175 4.07 -10.98 33.19
CA LYS C 175 4.22 -12.39 33.53
C LYS C 175 4.06 -12.60 35.03
N LYS C 176 2.98 -12.08 35.59
CA LYS C 176 2.73 -12.21 37.01
C LYS C 176 1.40 -12.91 37.28
N LYS C 177 1.06 -13.06 38.55
CA LYS C 177 -0.19 -13.69 38.94
C LYS C 177 -0.85 -12.90 40.04
N LYS C 178 -2.19 -13.02 40.13
CA LYS C 178 -2.99 -12.33 41.15
C LYS C 178 -2.95 -10.81 40.99
N LYS C 179 -3.98 -10.26 40.39
CA LYS C 179 -4.06 -8.82 40.19
C LYS C 179 -4.89 -8.15 41.26
N LYS C 180 -4.23 -7.33 42.07
CA LYS C 180 -4.90 -6.61 43.15
C LYS C 180 -4.48 -5.14 43.18
N SER C 181 -3.57 -4.78 42.27
CA SER C 181 -3.08 -3.40 42.19
C SER C 181 -4.17 -2.48 41.64
N LYS C 182 -3.88 -1.18 41.63
CA LYS C 182 -4.83 -0.20 41.12
C LYS C 182 -4.10 0.95 40.44
N THR C 183 -4.35 1.12 39.14
CA THR C 183 -3.73 2.18 38.37
C THR C 183 -4.40 3.52 38.65
N LYS C 184 -3.67 4.61 38.41
CA LYS C 184 -4.19 5.96 38.65
C LYS C 184 -4.54 6.19 40.12
N CYS C 185 -5.45 7.11 40.36
CA CYS C 185 -5.89 7.44 41.71
C CYS C 185 -7.41 7.58 41.77
N ASN D 1 -8.21 -39.99 3.63
CA ASN D 1 -8.22 -39.40 2.30
C ASN D 1 -8.45 -37.89 2.39
N THR D 2 -7.48 -37.12 1.93
CA THR D 2 -7.59 -35.68 1.97
C THR D 2 -7.31 -35.06 0.61
N ILE D 3 -8.19 -34.16 0.18
CA ILE D 3 -8.03 -33.49 -1.10
C ILE D 3 -8.26 -31.99 -0.96
N ARG D 4 -7.20 -31.22 -1.21
CA ARG D 4 -7.28 -29.77 -1.10
C ARG D 4 -7.67 -29.12 -2.42
N VAL D 5 -8.83 -28.49 -2.44
CA VAL D 5 -9.31 -27.81 -3.63
C VAL D 5 -8.85 -26.36 -3.60
N PHE D 6 -8.20 -25.92 -4.67
CA PHE D 6 -7.72 -24.55 -4.75
C PHE D 6 -8.64 -23.69 -5.61
N LEU D 7 -9.18 -22.66 -4.99
CA LEU D 7 -10.08 -21.73 -5.65
C LEU D 7 -9.28 -20.53 -6.16
N PRO D 8 -9.89 -19.62 -6.95
CA PRO D 8 -9.22 -18.44 -7.50
C PRO D 8 -8.45 -17.63 -6.44
N ASN D 9 -7.43 -16.90 -6.91
CA ASN D 9 -6.58 -16.07 -6.04
C ASN D 9 -5.67 -16.94 -5.16
N LYS D 10 -6.18 -17.35 -4.02
CA LYS D 10 -5.43 -18.21 -3.10
C LYS D 10 -6.35 -18.87 -2.09
N GLN D 11 -7.62 -18.99 -2.45
CA GLN D 11 -8.59 -19.61 -1.56
C GLN D 11 -8.40 -21.12 -1.56
N ARG D 12 -8.27 -21.71 -0.39
CA ARG D 12 -8.07 -23.15 -0.27
C ARG D 12 -9.17 -23.80 0.56
N THR D 13 -9.71 -24.90 0.05
CA THR D 13 -10.77 -25.62 0.73
C THR D 13 -10.58 -27.13 0.57
N VAL D 14 -10.23 -27.79 1.66
CA VAL D 14 -10.03 -29.23 1.65
C VAL D 14 -11.38 -29.92 1.90
N VAL D 15 -11.84 -30.66 0.91
CA VAL D 15 -13.12 -31.35 1.02
C VAL D 15 -12.92 -32.82 1.39
N ASN D 16 -13.98 -33.44 1.89
CA ASN D 16 -13.93 -34.84 2.27
C ASN D 16 -14.77 -35.67 1.31
N VAL D 17 -14.12 -36.30 0.35
CA VAL D 17 -14.81 -37.11 -0.64
C VAL D 17 -14.77 -38.60 -0.26
N ARG D 18 -15.55 -39.40 -0.96
CA ARG D 18 -15.62 -40.84 -0.71
C ARG D 18 -16.36 -41.52 -1.85
N ASN D 19 -16.28 -42.85 -1.87
CA ASN D 19 -16.96 -43.67 -2.89
C ASN D 19 -16.37 -43.49 -4.28
N GLY D 20 -16.88 -42.51 -5.01
CA GLY D 20 -16.38 -42.26 -6.35
C GLY D 20 -16.90 -40.94 -6.87
N MET D 21 -16.31 -39.85 -6.39
CA MET D 21 -16.72 -38.51 -6.81
C MET D 21 -15.76 -37.95 -7.85
N SER D 22 -16.30 -37.19 -8.79
CA SER D 22 -15.49 -36.57 -9.82
C SER D 22 -15.26 -35.11 -9.49
N LEU D 23 -14.43 -34.43 -10.29
CA LEU D 23 -14.16 -33.02 -10.07
C LEU D 23 -15.43 -32.20 -10.12
N HIS D 24 -16.33 -32.57 -11.03
CA HIS D 24 -17.61 -31.87 -11.16
C HIS D 24 -18.42 -32.00 -9.86
N ASP D 25 -18.40 -33.19 -9.27
CA ASP D 25 -19.13 -33.46 -8.03
C ASP D 25 -18.64 -32.56 -6.91
N CYS D 26 -17.33 -32.54 -6.74
CA CYS D 26 -16.70 -31.74 -5.69
C CYS D 26 -16.90 -30.25 -5.93
N LEU D 27 -16.72 -29.83 -7.17
CA LEU D 27 -16.88 -28.42 -7.52
C LEU D 27 -18.32 -27.95 -7.39
N MET D 28 -19.25 -28.87 -7.61
CA MET D 28 -20.67 -28.56 -7.51
C MET D 28 -21.06 -28.15 -6.09
N LYS D 29 -20.29 -28.64 -5.11
CA LYS D 29 -20.54 -28.31 -3.71
C LYS D 29 -20.34 -26.83 -3.46
N ALA D 30 -19.15 -26.32 -3.78
CA ALA D 30 -18.84 -24.91 -3.58
C ALA D 30 -19.44 -24.03 -4.68
N LEU D 31 -19.99 -24.67 -5.70
CA LEU D 31 -20.62 -23.96 -6.81
C LEU D 31 -21.76 -23.10 -6.30
N LYS D 32 -22.64 -23.71 -5.51
CA LYS D 32 -23.78 -23.00 -4.94
C LYS D 32 -23.38 -22.19 -3.72
N VAL D 33 -22.20 -22.49 -3.19
CA VAL D 33 -21.68 -21.80 -2.01
C VAL D 33 -21.14 -20.42 -2.40
N ARG D 34 -20.44 -20.36 -3.52
CA ARG D 34 -19.88 -19.11 -4.01
C ARG D 34 -20.80 -18.43 -5.01
N GLY D 35 -21.58 -19.23 -5.74
CA GLY D 35 -22.51 -18.68 -6.71
C GLY D 35 -21.84 -18.20 -7.98
N LEU D 36 -21.22 -19.11 -8.71
CA LEU D 36 -20.54 -18.76 -9.95
C LEU D 36 -20.83 -19.80 -11.04
N GLN D 37 -20.68 -19.41 -12.30
CA GLN D 37 -20.93 -20.32 -13.41
C GLN D 37 -19.72 -21.19 -13.71
N PRO D 38 -19.91 -22.51 -13.73
CA PRO D 38 -18.83 -23.47 -13.99
C PRO D 38 -18.35 -23.45 -15.42
N GLU D 39 -19.17 -22.91 -16.32
CA GLU D 39 -18.83 -22.85 -17.74
C GLU D 39 -17.74 -21.82 -18.01
N CYS D 40 -17.40 -21.03 -16.99
CA CYS D 40 -16.35 -20.03 -17.12
C CYS D 40 -15.14 -20.40 -16.27
N CYS D 41 -15.14 -21.60 -15.74
CA CYS D 41 -14.04 -22.06 -14.89
C CYS D 41 -13.30 -23.22 -15.54
N ALA D 42 -12.02 -23.33 -15.25
CA ALA D 42 -11.20 -24.39 -15.81
C ALA D 42 -10.43 -25.11 -14.71
N VAL D 43 -10.37 -26.42 -14.79
CA VAL D 43 -9.66 -27.22 -13.80
C VAL D 43 -8.20 -27.40 -14.19
N PHE D 44 -7.31 -27.00 -13.30
CA PHE D 44 -5.87 -27.10 -13.53
C PHE D 44 -5.23 -27.98 -12.48
N ARG D 45 -4.50 -28.99 -12.93
CA ARG D 45 -3.84 -29.91 -12.03
C ARG D 45 -2.56 -29.30 -11.46
N LEU D 46 -1.97 -29.98 -10.48
CA LEU D 46 -0.76 -29.50 -9.84
C LEU D 46 0.42 -29.54 -10.81
N LEU D 47 1.25 -28.52 -10.74
CA LEU D 47 2.42 -28.43 -11.61
C LEU D 47 3.50 -29.39 -11.15
N GLN D 48 3.39 -30.64 -11.55
CA GLN D 48 4.36 -31.65 -11.17
C GLN D 48 5.60 -31.61 -12.08
N GLU D 49 6.66 -30.99 -11.57
CA GLU D 49 7.91 -30.86 -12.29
C GLU D 49 7.75 -30.06 -13.57
N HIS D 50 6.98 -28.99 -13.49
CA HIS D 50 6.76 -28.13 -14.65
C HIS D 50 7.67 -26.91 -14.59
N LYS D 51 7.44 -25.95 -15.46
CA LYS D 51 8.23 -24.74 -15.54
C LYS D 51 7.46 -23.55 -14.96
N GLY D 52 6.21 -23.41 -15.40
CA GLY D 52 5.41 -22.31 -14.91
C GLY D 52 4.08 -22.18 -15.64
N LYS D 53 3.53 -23.31 -16.06
CA LYS D 53 2.26 -23.32 -16.77
C LYS D 53 1.38 -24.44 -16.27
N LYS D 54 0.32 -24.08 -15.56
CA LYS D 54 -0.62 -25.06 -15.04
C LYS D 54 -1.22 -25.92 -16.16
N ALA D 55 -1.44 -27.19 -15.86
CA ALA D 55 -1.99 -28.12 -16.83
C ALA D 55 -3.48 -28.32 -16.63
N ARG D 56 -4.25 -28.04 -17.67
CA ARG D 56 -5.70 -28.17 -17.61
C ARG D 56 -6.13 -29.64 -17.68
N LEU D 57 -7.05 -30.01 -16.81
CA LEU D 57 -7.56 -31.38 -16.76
C LEU D 57 -8.98 -31.46 -17.29
N ASP D 58 -9.75 -32.41 -16.76
CA ASP D 58 -11.14 -32.59 -17.19
C ASP D 58 -12.09 -32.46 -16.01
N TRP D 59 -13.38 -32.43 -16.30
CA TRP D 59 -14.40 -32.31 -15.26
C TRP D 59 -14.79 -33.68 -14.75
N ASN D 60 -14.53 -34.69 -15.56
CA ASN D 60 -14.85 -36.07 -15.22
C ASN D 60 -13.69 -36.76 -14.52
N THR D 61 -12.64 -36.00 -14.23
CA THR D 61 -11.46 -36.53 -13.56
C THR D 61 -11.79 -37.01 -12.15
N ASP D 62 -11.24 -38.17 -11.78
CA ASP D 62 -11.46 -38.76 -10.47
C ASP D 62 -10.71 -37.96 -9.39
N ALA D 63 -11.33 -37.81 -8.24
CA ALA D 63 -10.72 -37.05 -7.14
C ALA D 63 -9.95 -37.93 -6.16
N ALA D 64 -10.43 -39.16 -5.96
CA ALA D 64 -9.80 -40.10 -5.03
C ALA D 64 -8.42 -40.52 -5.53
N SER D 65 -8.28 -40.58 -6.86
CA SER D 65 -7.02 -40.97 -7.48
C SER D 65 -6.01 -39.83 -7.47
N LEU D 66 -6.45 -38.65 -7.06
CA LEU D 66 -5.57 -37.49 -7.01
C LEU D 66 -5.41 -36.99 -5.58
N ILE D 67 -5.44 -37.92 -4.62
CA ILE D 67 -5.29 -37.59 -3.21
C ILE D 67 -3.95 -36.90 -2.96
N GLY D 68 -4.01 -35.75 -2.28
CA GLY D 68 -2.80 -35.02 -1.97
C GLY D 68 -2.50 -33.93 -2.99
N GLU D 69 -3.02 -34.09 -4.20
CA GLU D 69 -2.80 -33.12 -5.26
C GLU D 69 -3.64 -31.87 -5.04
N GLU D 70 -2.98 -30.73 -5.00
CA GLU D 70 -3.65 -29.46 -4.80
C GLU D 70 -4.08 -28.89 -6.15
N LEU D 71 -5.22 -29.35 -6.64
CA LEU D 71 -5.77 -28.92 -7.92
C LEU D 71 -6.41 -27.53 -7.81
N GLN D 72 -6.11 -26.66 -8.76
CA GLN D 72 -6.62 -25.30 -8.76
C GLN D 72 -7.69 -25.11 -9.83
N VAL D 73 -8.73 -24.37 -9.49
CA VAL D 73 -9.83 -24.09 -10.41
C VAL D 73 -9.85 -22.59 -10.69
N ASP D 74 -9.18 -22.18 -11.76
CA ASP D 74 -9.10 -20.76 -12.12
C ASP D 74 -10.03 -20.47 -13.29
N PHE D 75 -10.15 -19.19 -13.62
CA PHE D 75 -10.98 -18.75 -14.73
C PHE D 75 -10.16 -18.70 -16.01
N LEU D 76 -10.80 -18.96 -17.13
CA LEU D 76 -10.12 -18.97 -18.42
C LEU D 76 -10.01 -17.56 -19.00
N ASP D 77 -11.15 -16.93 -19.25
CA ASP D 77 -11.18 -15.59 -19.82
C ASP D 77 -12.25 -14.75 -19.14
N HIS D 78 -12.02 -14.44 -17.87
CA HIS D 78 -12.97 -13.65 -17.09
C HIS D 78 -12.31 -13.11 -15.84
N VAL D 79 -12.82 -11.99 -15.34
CA VAL D 79 -12.28 -11.37 -14.14
C VAL D 79 -13.13 -11.73 -12.92
N PRO D 80 -12.61 -12.59 -12.02
CA PRO D 80 -13.32 -13.03 -10.83
C PRO D 80 -13.10 -12.08 -9.64
N LEU D 81 -13.37 -12.58 -8.44
CA LEU D 81 -13.21 -11.82 -7.20
C LEU D 81 -14.23 -10.69 -7.06
N THR D 82 -14.18 -10.00 -5.93
CA THR D 82 -15.08 -8.90 -5.66
C THR D 82 -14.47 -7.57 -6.08
N THR D 83 -14.99 -7.01 -7.17
CA THR D 83 -14.49 -5.76 -7.69
C THR D 83 -14.97 -4.58 -6.85
N HIS D 84 -14.18 -3.51 -6.82
CA HIS D 84 -14.51 -2.31 -6.06
C HIS D 84 -15.84 -1.70 -6.53
N ASN D 85 -16.80 -1.63 -5.63
CA ASN D 85 -18.11 -1.09 -5.93
C ASN D 85 -18.22 0.36 -5.47
N PHE D 86 -18.60 1.24 -6.38
CA PHE D 86 -18.76 2.65 -6.08
C PHE D 86 -20.15 2.93 -5.53
N ALA D 87 -20.22 3.45 -4.32
CA ALA D 87 -21.49 3.78 -3.70
C ALA D 87 -21.47 5.24 -3.29
N ARG D 88 -22.51 5.97 -3.68
CA ARG D 88 -22.60 7.39 -3.36
C ARG D 88 -23.61 7.65 -2.26
N LYS D 89 -23.12 8.06 -1.10
CA LYS D 89 -23.98 8.35 0.04
C LYS D 89 -23.26 9.28 1.02
N THR D 90 -23.96 9.69 2.07
CA THR D 90 -23.39 10.57 3.07
C THR D 90 -22.74 9.77 4.19
N PHE D 91 -21.66 10.31 4.75
CA PHE D 91 -20.94 9.66 5.84
C PHE D 91 -21.52 10.11 7.18
N LEU D 92 -21.33 9.28 8.20
CA LEU D 92 -21.83 9.58 9.54
C LEU D 92 -21.08 10.75 10.17
N LYS D 93 -19.75 10.68 10.13
CA LYS D 93 -18.92 11.73 10.70
C LYS D 93 -18.13 12.45 9.61
N LEU D 94 -17.46 13.54 9.99
CA LEU D 94 -16.67 14.31 9.05
C LEU D 94 -15.27 13.72 8.89
N ALA D 95 -15.17 12.73 8.02
CA ALA D 95 -13.90 12.09 7.75
C ALA D 95 -13.11 12.90 6.73
N PHE D 96 -11.86 12.51 6.50
CA PHE D 96 -11.03 13.21 5.52
C PHE D 96 -10.64 12.26 4.40
N CYS D 97 -10.18 12.82 3.28
CA CYS D 97 -9.79 12.01 2.14
C CYS D 97 -8.50 11.26 2.44
N ASP D 98 -8.50 9.98 2.11
CA ASP D 98 -7.34 9.13 2.33
C ASP D 98 -6.35 9.31 1.19
N ILE D 99 -6.82 9.93 0.11
CA ILE D 99 -5.99 10.16 -1.07
C ILE D 99 -5.60 11.63 -1.18
N CYS D 100 -6.59 12.51 -1.05
CA CYS D 100 -6.34 13.94 -1.14
C CYS D 100 -5.97 14.53 0.21
N GLN D 101 -5.84 15.85 0.24
CA GLN D 101 -5.49 16.57 1.46
C GLN D 101 -6.68 17.43 1.90
N LYS D 102 -7.89 16.98 1.56
CA LYS D 102 -9.11 17.69 1.90
C LYS D 102 -10.06 16.83 2.72
N PHE D 103 -11.14 17.44 3.19
CA PHE D 103 -12.15 16.75 3.98
C PHE D 103 -13.06 15.94 3.06
N LEU D 104 -13.80 15.00 3.64
CA LEU D 104 -14.69 14.15 2.88
C LEU D 104 -16.13 14.64 2.95
N LEU D 105 -16.87 14.38 1.88
CA LEU D 105 -18.26 14.77 1.77
C LEU D 105 -19.06 13.63 1.14
N ASN D 106 -20.20 13.94 0.52
CA ASN D 106 -21.02 12.91 -0.12
C ASN D 106 -20.41 12.48 -1.45
N GLY D 107 -19.17 11.99 -1.40
CA GLY D 107 -18.48 11.55 -2.59
C GLY D 107 -18.77 10.10 -2.93
N PHE D 108 -17.77 9.25 -2.80
CA PHE D 108 -17.93 7.83 -3.11
C PHE D 108 -17.21 6.96 -2.09
N ARG D 109 -17.86 5.86 -1.74
CA ARG D 109 -17.30 4.89 -0.81
C ARG D 109 -17.65 3.50 -1.32
N CYS D 110 -16.90 2.48 -0.96
CA CYS D 110 -17.19 1.14 -1.42
C CYS D 110 -18.08 0.38 -0.46
N GLN D 111 -19.05 -0.34 -1.02
CA GLN D 111 -19.94 -1.16 -0.23
C GLN D 111 -19.24 -2.47 0.07
N THR D 112 -18.47 -2.93 -0.89
CA THR D 112 -17.74 -4.17 -0.76
C THR D 112 -16.48 -3.97 0.08
N CYS D 113 -15.62 -3.03 -0.33
CA CYS D 113 -14.40 -2.74 0.39
C CYS D 113 -14.67 -1.74 1.51
N GLY D 114 -14.68 -0.45 1.17
CA GLY D 114 -14.94 0.57 2.17
C GLY D 114 -13.81 1.56 2.36
N TYR D 115 -13.49 2.32 1.32
CA TYR D 115 -12.43 3.33 1.39
C TYR D 115 -13.01 4.74 1.34
N LYS D 116 -12.18 5.74 1.64
CA LYS D 116 -12.62 7.13 1.64
C LYS D 116 -11.96 7.93 0.52
N PHE D 117 -12.78 8.48 -0.38
CA PHE D 117 -12.27 9.28 -1.49
C PHE D 117 -13.36 10.18 -2.06
N HIS D 118 -12.99 11.07 -2.99
CA HIS D 118 -13.93 11.99 -3.61
C HIS D 118 -14.37 11.47 -4.98
N GLU D 119 -15.17 12.28 -5.67
CA GLU D 119 -15.66 11.92 -6.99
C GLU D 119 -14.55 12.12 -8.01
N HIS D 120 -13.59 12.96 -7.66
CA HIS D 120 -12.45 13.24 -8.53
C HIS D 120 -11.38 12.17 -8.33
N CYS D 121 -11.32 11.60 -7.13
CA CYS D 121 -10.34 10.57 -6.81
C CYS D 121 -10.72 9.24 -7.45
N SER D 122 -12.01 9.10 -7.76
CA SER D 122 -12.54 7.88 -8.36
C SER D 122 -11.74 7.46 -9.59
N THR D 123 -11.36 8.43 -10.41
CA THR D 123 -10.57 8.16 -11.60
C THR D 123 -9.25 8.91 -11.49
N LYS D 124 -8.62 8.78 -10.32
CA LYS D 124 -7.35 9.45 -10.07
C LYS D 124 -6.39 8.51 -9.34
N VAL D 125 -6.90 7.82 -8.32
CA VAL D 125 -6.08 6.89 -7.55
C VAL D 125 -6.07 5.49 -8.17
N PRO D 126 -4.88 5.03 -8.60
CA PRO D 126 -4.72 3.71 -9.23
C PRO D 126 -4.85 2.58 -8.20
N THR D 127 -4.49 2.87 -6.96
CA THR D 127 -4.56 1.89 -5.88
C THR D 127 -6.01 1.42 -5.66
N MET D 128 -6.22 0.13 -5.78
CA MET D 128 -7.53 -0.46 -5.58
C MET D 128 -7.69 -0.90 -4.13
N CYS D 129 -8.93 -0.95 -3.65
CA CYS D 129 -9.18 -1.35 -2.27
C CYS D 129 -9.05 -2.86 -2.09
N VAL D 130 -8.77 -3.55 -3.19
CA VAL D 130 -8.61 -4.99 -3.19
C VAL D 130 -7.14 -5.35 -3.39
N ASP D 131 -6.32 -5.03 -2.39
CA ASP D 131 -4.89 -5.30 -2.44
C ASP D 131 -4.48 -6.14 -1.23
N TRP D 132 -3.29 -6.72 -1.29
CA TRP D 132 -2.78 -7.53 -0.21
C TRP D 132 -1.67 -6.81 0.55
C1 PCW E . 4.86 -18.28 -21.01
C2 PCW E . 6.24 -18.92 -21.17
C3 PCW E . 6.84 -18.51 -22.50
C4 PCW E . 1.39 -19.44 -19.50
C5 PCW E . 0.08 -19.60 -18.73
C6 PCW E . -2.20 -18.65 -18.62
C7 PCW E . -0.63 -17.88 -20.42
C8 PCW E . -1.21 -19.23 -20.85
C11 PCW E . 8.74 -18.64 -23.79
C12 PCW E . 10.17 -19.03 -24.11
C13 PCW E . 10.25 -20.04 -25.25
C14 PCW E . 11.70 -20.42 -25.53
C15 PCW E . 11.81 -21.43 -26.68
C16 PCW E . 13.28 -21.80 -26.93
C17 PCW E . 13.41 -22.78 -28.09
C18 PCW E . 14.88 -23.15 -28.34
C19 PCW E . 15.00 -24.02 -29.40
C20 PCW E . 15.11 -25.40 -29.17
C21 PCW E . 15.09 -25.89 -27.87
C22 PCW E . 16.46 -25.74 -27.21
C23 PCW E . 16.43 -26.31 -25.79
C24 PCW E . 17.78 -26.12 -25.09
C25 PCW E . 18.12 -24.64 -24.95
C26 PCW E . 17.06 -23.92 -24.10
C27 PCW E . 17.41 -22.44 -23.95
C28 PCW E . 16.36 -21.71 -23.11
C31 PCW E . 8.15 -19.32 -19.98
C32 PCW E . 9.19 -19.05 -18.89
C33 PCW E . 10.58 -19.51 -19.34
C34 PCW E . 11.63 -19.30 -18.24
C35 PCW E . 13.01 -19.76 -18.71
C36 PCW E . 14.05 -19.58 -17.60
C37 PCW E . 15.44 -20.03 -18.06
C38 PCW E . 16.46 -19.87 -16.94
C39 PCW E . 17.73 -20.25 -17.35
C40 PCW E . 18.85 -19.54 -16.93
C41 PCW E . 18.69 -18.44 -16.08
C42 PCW E . 19.63 -17.30 -16.46
C43 PCW E . 19.38 -16.84 -17.90
C44 PCW E . 20.27 -15.66 -18.28
C45 PCW E . 21.75 -16.03 -18.15
C46 PCW E . 22.64 -14.82 -18.50
C47 PCW E . 24.12 -15.16 -18.31
C48 PCW E . 25.01 -13.98 -18.67
N PCW E . -1.01 -18.90 -19.43
O2 PCW E . 7.08 -18.49 -20.09
O3 PCW E . 8.19 -19.00 -22.60
O11 PCW E . 8.06 -18.01 -24.61
O31 PCW E . 8.27 -20.27 -20.74
O1P PCW E . 3.85 -20.89 -20.72
O2P PCW E . 4.88 -20.67 -18.41
O3P PCW E . 4.28 -18.63 -19.75
O4P PCW E . 2.45 -20.08 -18.78
P PCW E . 3.92 -20.17 -19.43
C1 PCW F . -10.14 29.83 -7.27
C2 PCW F . -8.90 30.73 -7.40
C3 PCW F . -9.36 32.15 -7.68
C4 PCW F . -11.10 28.63 -3.48
C5 PCW F . -10.62 27.39 -2.73
C6 PCW F . -9.25 29.01 -1.47
C7 PCW F . -10.87 27.53 -0.23
C8 PCW F . -9.61 26.71 -0.53
C11 PCW F . -7.68 33.32 -6.63
C12 PCW F . -6.43 34.21 -6.58
C13 PCW F . -6.81 35.70 -6.61
C14 PCW F . -5.57 36.58 -6.59
C15 PCW F . -5.96 38.06 -6.57
C16 PCW F . -6.78 38.43 -7.81
C17 PCW F . -7.20 39.90 -7.78
C18 PCW F . -5.97 40.81 -7.75
C19 PCW F . -6.35 42.15 -7.68
C20 PCW F . -5.45 43.11 -7.22
C21 PCW F . -4.18 42.73 -6.82
C22 PCW F . -3.15 43.79 -7.20
C23 PCW F . -3.17 44.06 -8.70
C24 PCW F . -2.11 45.07 -9.10
C25 PCW F . -2.15 45.35 -10.60
C26 PCW F . -1.92 44.07 -11.40
C27 PCW F . -2.01 44.35 -12.91
C28 PCW F . -1.80 43.07 -13.71
C31 PCW F . -7.64 29.40 -6.03
C32 PCW F . -6.83 29.05 -4.79
C33 PCW F . -5.68 30.05 -4.57
C34 PCW F . -4.63 29.95 -5.68
C35 PCW F . -5.22 30.34 -7.04
C36 PCW F . -4.16 30.22 -8.14
C37 PCW F . -4.72 30.63 -9.50
C38 PCW F . -3.65 30.50 -10.59
C39 PCW F . -4.13 30.90 -11.83
C40 PCW F . -3.25 31.30 -12.82
C41 PCW F . -1.88 31.28 -12.57
C42 PCW F . -1.07 31.13 -13.86
C43 PCW F . -1.35 32.30 -14.82
C44 PCW F . -0.55 32.14 -16.12
C45 PCW F . -0.83 33.31 -17.06
C46 PCW F . -2.30 33.38 -17.44
C47 PCW F . -2.58 34.56 -18.38
C48 PCW F . -4.07 34.63 -18.74
N PCW F . -10.05 27.79 -1.44
O2 PCW F . -8.14 30.66 -6.19
O3 PCW F . -8.22 33.01 -7.84
O11 PCW F . -8.21 32.92 -5.60
O31 PCW F . -7.83 28.55 -6.90
O1P PCW F . -13.13 30.26 -4.98
O2P PCW F . -12.77 28.71 -6.96
O3P PCW F . -10.94 30.22 -6.16
O4P PCW F . -11.62 28.24 -4.76
P PCW F . -12.23 29.37 -5.75
C1 PCW G . -2.51 -3.40 -31.31
C2 PCW G . -1.04 -3.26 -31.70
C3 PCW G . -0.47 -1.94 -31.21
C4 PCW G . 0.55 -2.62 -28.23
C5 PCW G . 0.34 -2.16 -26.78
C6 PCW G . -0.22 -4.54 -26.37
C7 PCW G . 1.63 -3.46 -25.05
C8 PCW G . 0.30 -3.04 -24.43
C11 PCW G . 1.37 -0.59 -31.26
C12 PCW G . 2.84 -0.24 -31.49
C13 PCW G . 3.01 1.12 -32.17
C14 PCW G . 4.49 1.45 -32.34
C15 PCW G . 4.73 2.77 -33.08
C16 PCW G . 4.12 3.96 -32.33
C17 PCW G . 4.61 5.27 -32.96
C18 PCW G . 3.99 6.48 -32.24
C19 PCW G . 2.64 6.60 -32.52
C20 PCW G . 1.71 6.79 -31.50
C21 PCW G . 2.13 6.87 -30.18
C22 PCW G . 1.82 8.25 -29.58
C23 PCW G . 2.15 8.27 -28.08
C24 PCW G . 1.87 9.63 -27.45
C25 PCW G . 2.80 10.71 -28.01
C26 PCW G . 2.57 12.05 -27.32
C27 PCW G . 3.53 13.12 -27.85
C28 PCW G . 3.32 14.45 -27.13
C31 PCW G . 0.81 -4.59 -31.94
C32 PCW G . 1.78 -5.72 -31.56
C33 PCW G . 3.12 -5.53 -32.27
C34 PCW G . 3.72 -4.17 -31.92
C35 PCW G . 5.04 -3.95 -32.66
C36 PCW G . 5.61 -2.56 -32.34
C37 PCW G . 6.91 -2.30 -33.10
C38 PCW G . 7.44 -0.90 -32.81
C39 PCW G . 8.62 -0.65 -33.52
C40 PCW G . 9.54 0.27 -33.04
C41 PCW G . 9.30 0.95 -31.84
C42 PCW G . 9.81 2.38 -31.90
C43 PCW G . 9.15 3.16 -33.04
C44 PCW G . 9.66 4.60 -33.08
C45 PCW G . 11.17 4.64 -33.31
C46 PCW G . 11.56 3.97 -34.62
C47 PCW G . 13.07 4.00 -34.83
C48 PCW G . 13.46 3.34 -36.16
N PCW G . 0.41 -3.31 -25.87
O2 PCW G . -0.30 -4.39 -31.20
O3 PCW G . 0.92 -1.84 -31.54
O11 PCW G . 0.59 0.26 -30.82
O31 PCW G . 1.01 -3.91 -32.94
O1P PCW G . -1.95 -1.49 -29.24
O2P PCW G . -2.75 -3.16 -27.51
O3P PCW G . -2.65 -3.79 -29.93
O4P PCW G . -0.52 -3.48 -28.63
P PCW G . -2.02 -2.89 -28.76
C1 PCW H . 5.04 -1.02 26.80
C2 PCW H . 6.11 -0.48 27.75
C3 PCW H . 7.01 -1.63 28.20
C4 PCW H . 4.86 -0.99 22.46
C5 PCW H . 4.59 -1.88 21.25
C6 PCW H . 3.78 -0.30 19.52
C7 PCW H . 2.38 -2.30 20.13
C8 PCW H . 2.16 -1.23 21.20
C11 PCW H . 7.60 -0.43 30.08
C12 PCW H . 8.59 0.22 31.05
C13 PCW H . 9.73 -0.74 31.38
C14 PCW H . 10.77 -0.06 32.27
C15 PCW H . 11.37 1.16 31.57
C16 PCW H . 12.41 1.85 32.44
C17 PCW H . 13.00 3.06 31.70
C18 PCW H . 14.08 3.76 32.53
C19 PCW H . 14.60 4.84 31.84
C20 PCW H . 15.79 5.43 32.26
C21 PCW H . 16.47 4.95 33.36
C22 PCW H . 17.97 5.24 33.25
C23 PCW H . 18.72 4.71 34.47
C24 PCW H . 20.22 4.99 34.36
C25 PCW H . 20.97 4.43 35.57
C26 PCW H . 22.47 4.68 35.44
C27 PCW H . 23.04 3.98 34.21
C28 PCW H . 24.55 4.24 34.08
C31 PCW H . 6.21 1.66 26.95
C32 PCW H . 6.87 2.85 26.25
C33 PCW H . 7.55 3.77 27.27
C34 PCW H . 8.22 4.96 26.58
C35 PCW H . 8.88 5.88 27.60
C36 PCW H . 9.58 7.07 26.91
C37 PCW H . 10.24 7.98 27.95
C38 PCW H . 9.20 8.55 28.92
C39 PCW H . 9.80 9.37 29.86
C40 PCW H . 9.65 10.75 29.78
C41 PCW H . 8.91 11.32 28.76
C42 PCW H . 9.34 12.77 28.51
C43 PCW H . 9.16 13.61 29.78
C44 PCW H . 9.63 15.05 29.56
C45 PCW H . 8.86 15.73 28.43
C46 PCW H . 9.34 17.17 28.24
C47 PCW H . 8.56 17.86 27.12
C48 PCW H . 9.04 19.30 26.93
N PCW H . 3.45 -1.35 20.49
O2 PCW H . 6.91 0.49 27.07
O3 PCW H . 8.08 -1.09 28.99
O11 PCW H . 6.38 -0.34 30.27
O31 PCW H . 5.08 1.74 27.42
O1P PCW H . 5.90 0.58 24.60
O2P PCW H . 7.88 -1.00 24.78
O3P PCW H . 5.62 -1.66 25.67
O4P PCW H . 5.99 -1.50 23.19
P PCW H . 6.43 -0.80 24.57
C1 PCW I . -5.35 30.83 2.15
C2 PCW I . -4.33 30.46 1.06
C3 PCW I . -4.63 31.26 -0.19
C4 PCW I . -4.16 26.61 2.59
C5 PCW I . -3.35 26.00 1.45
C6 PCW I . -1.94 25.14 3.28
C7 PCW I . -2.91 23.53 1.61
C8 PCW I . -1.68 24.17 0.98
C11 PCW I . -3.79 31.68 -2.29
C12 PCW I . -2.81 31.48 -3.46
C13 PCW I . -2.97 32.55 -4.53
C14 PCW I . -1.92 32.36 -5.62
C15 PCW I . -2.04 33.41 -6.73
C16 PCW I . -1.94 34.83 -6.16
C17 PCW I . -0.68 35.02 -5.33
C18 PCW I . -0.52 36.46 -4.87
C19 PCW I . -0.06 37.30 -5.88
C20 PCW I . -0.87 37.73 -6.91
C21 PCW I . -2.21 37.35 -6.98
C22 PCW I . -2.59 37.02 -8.43
C23 PCW I . -1.68 35.93 -9.00
C24 PCW I . -2.03 35.60 -10.45
C25 PCW I . -3.46 35.06 -10.57
C26 PCW I . -3.78 34.71 -12.03
C27 PCW I . -5.22 34.19 -12.17
C28 PCW I . -5.54 33.87 -13.62
C31 PCW I . -2.57 29.94 2.48
C32 PCW I . -1.16 30.12 3.04
C33 PCW I . -0.32 31.00 2.11
C34 PCW I . -0.92 32.40 1.99
C35 PCW I . -0.19 33.23 0.94
C36 PCW I . -0.78 34.64 0.85
C37 PCW I . -0.16 35.44 -0.30
C38 PCW I . -0.72 36.86 -0.36
C39 PCW I . -0.25 37.55 -1.46
C40 PCW I . 1.09 37.92 -1.56
C41 PCW I . 1.99 37.60 -0.57
C42 PCW I . 3.35 38.28 -0.83
C43 PCW I . 4.37 37.89 0.23
C44 PCW I . 5.72 38.58 -0.04
C45 PCW I . 6.76 38.17 1.00
C46 PCW I . 7.02 36.67 0.96
C47 PCW I . 7.54 36.23 -0.41
C48 PCW I . 7.82 34.73 -0.45
N PCW I . -2.51 24.90 1.95
O2 PCW I . -3.00 30.76 1.49
O3 PCW I . -3.63 30.94 -1.17
O11 PCW I . -4.72 32.50 -2.37
O31 PCW I . -3.30 29.04 2.91
O1P PCW I . -5.95 27.80 4.41
O2P PCW I . -7.29 28.63 2.41
O3P PCW I . -5.29 29.90 3.24
O4P PCW I . -4.99 27.66 2.09
P PCW I . -5.98 28.45 3.08
C1 PCW J . 0.33 15.79 21.91
C2 PCW J . 1.50 16.69 22.30
C3 PCW J . 2.17 17.19 21.03
C4 PCW J . -3.09 16.56 22.23
C5 PCW J . -3.54 15.96 20.89
C6 PCW J . -4.99 14.52 22.29
C7 PCW J . -6.01 15.94 20.50
C8 PCW J . -5.43 14.70 19.83
C11 PCW J . 3.77 18.60 20.20
C12 PCW J . 4.85 19.69 20.27
C13 PCW J . 6.09 19.19 21.02
C14 PCW J . 7.19 20.26 21.03
C15 PCW J . 7.60 20.64 19.61
C16 PCW J . 8.74 21.66 19.63
C17 PCW J . 9.96 21.09 20.36
C18 PCW J . 11.12 22.10 20.38
C19 PCW J . 12.19 21.60 21.11
C20 PCW J . 13.39 21.27 20.48
C21 PCW J . 13.53 21.41 19.11
C22 PCW J . 13.56 20.06 18.41
C23 PCW J . 12.24 19.31 18.60
C24 PCW J . 12.27 17.94 17.94
C25 PCW J . 13.32 17.03 18.57
C26 PCW J . 13.33 15.66 17.90
C27 PCW J . 14.35 14.73 18.55
C28 PCW J . 14.02 14.51 20.02
C31 PCW J . 0.72 17.47 24.32
C32 PCW J . 0.18 18.53 25.27
C33 PCW J . 0.76 19.89 24.89
C34 PCW J . 0.31 21.00 25.86
C35 PCW J . 0.94 22.33 25.45
C36 PCW J . 0.58 23.46 26.42
C37 PCW J . 1.23 24.77 25.96
C38 PCW J . 0.92 25.91 26.93
C39 PCW J . 1.53 27.09 26.50
C40 PCW J . 2.90 27.27 26.67
C41 PCW J . 3.67 26.27 27.26
C42 PCW J . 4.85 26.87 28.02
C43 PCW J . 5.81 27.61 27.09
C44 PCW J . 6.95 28.25 27.88
C45 PCW J . 7.94 28.96 26.95
C46 PCW J . 8.63 27.95 26.03
C47 PCW J . 9.65 28.64 25.13
C48 PCW J . 10.38 27.62 24.24
N PCW J . -4.83 15.27 21.04
O2 PCW J . 1.00 17.82 23.03
O3 PCW J . 3.16 18.18 21.34
O11 PCW J . 3.47 18.08 19.13
O31 PCW J . 0.91 16.31 24.70
O1P PCW J . -1.78 13.98 21.46
O2P PCW J . -1.74 13.38 23.93
O3P PCW J . -0.34 15.27 23.05
O4P PCW J . -2.84 15.50 23.17
P PCW J . -1.70 14.41 22.88
C1 PCW K . 2.16 -10.11 -26.07
C2 PCW K . 3.61 -9.79 -26.43
C3 PCW K . 4.50 -10.97 -26.05
C4 PCW K . -1.40 -11.26 -27.48
C5 PCW K . -2.63 -12.16 -27.61
C6 PCW K . -4.52 -12.60 -29.14
C7 PCW K . -2.62 -11.13 -29.90
C8 PCW K . -2.17 -12.59 -30.04
C11 PCW K . 6.72 -11.59 -26.02
C12 PCW K . 8.22 -11.38 -26.24
C13 PCW K . 8.46 -10.55 -27.51
C14 PCW K . 9.95 -10.24 -27.70
C15 PCW K . 10.50 -9.42 -26.53
C16 PCW K . 11.96 -9.03 -26.77
C17 PCW K . 12.95 -10.18 -26.56
C18 PCW K . 12.62 -11.42 -27.38
C19 PCW K . 11.54 -12.12 -26.84
C20 PCW K . 10.89 -13.09 -27.60
C21 PCW K . 11.30 -13.35 -28.91
C22 PCW K . 12.02 -14.70 -28.99
C23 PCW K . 12.40 -15.03 -30.43
C24 PCW K . 13.38 -14.00 -30.99
C25 PCW K . 13.71 -14.30 -32.45
C26 PCW K . 14.70 -13.26 -33.00
C27 PCW K . 16.03 -13.30 -32.24
C28 PCW K . 16.71 -14.67 -32.40
C31 PCW K . 3.46 -8.27 -28.14
C32 PCW K . 3.51 -7.81 -29.60
C33 PCW K . 4.72 -6.90 -29.87
C34 PCW K . 6.04 -7.62 -29.62
C35 PCW K . 7.22 -6.69 -29.92
C36 PCW K . 7.20 -6.25 -31.39
C37 PCW K . 8.26 -5.18 -31.65
C38 PCW K . 9.68 -5.67 -31.41
C39 PCW K . 10.58 -4.64 -31.58
C40 PCW K . 11.85 -4.84 -32.12
C41 PCW K . 12.26 -6.10 -32.53
C42 PCW K . 13.08 -5.98 -33.83
C43 PCW K . 13.72 -7.32 -34.21
C44 PCW K . 14.51 -7.18 -35.51
C45 PCW K . 15.27 -8.48 -35.83
C46 PCW K . 16.33 -8.77 -34.76
C47 PCW K . 17.11 -10.04 -35.10
C48 PCW K . 18.17 -10.32 -34.03
N PCW K . -3.11 -12.18 -28.99
O2 PCW K . 3.74 -9.56 -27.85
O3 PCW K . 5.85 -10.60 -26.35
O11 PCW K . 6.30 -12.64 -25.53
O31 PCW K . 3.18 -7.47 -27.24
O1P PCW K . 0.87 -9.61 -28.52
O2P PCW K . 2.00 -11.77 -29.24
O3P PCW K . 1.66 -11.24 -26.80
O4P PCW K . -0.31 -11.80 -28.25
P PCW K . 1.10 -11.05 -28.30
C1 PCW L . -7.03 30.99 7.14
C2 PCW L . -5.77 31.54 7.80
C3 PCW L . -5.92 31.50 9.30
C4 PCW L . -10.35 30.48 7.96
C5 PCW L . -11.46 30.54 9.02
C6 PCW L . -12.88 32.21 10.18
C7 PCW L . -11.48 32.93 8.22
C8 PCW L . -12.73 32.24 7.67
C11 PCW L . -4.75 31.74 11.27
C12 PCW L . -3.54 32.11 12.13
C13 PCW L . -2.90 33.42 11.64
C14 PCW L . -1.62 33.72 12.42
C15 PCW L . -0.60 32.59 12.24
C16 PCW L . 0.68 32.86 13.02
C17 PCW L . 1.69 31.72 12.81
C18 PCW L . 2.99 31.98 13.57
C19 PCW L . 3.91 30.96 13.35
C20 PCW L . 5.25 31.25 13.18
C21 PCW L . 5.69 32.58 13.25
C22 PCW L . 7.13 32.71 12.74
C23 PCW L . 7.60 34.17 12.82
C24 PCW L . 7.53 34.69 14.26
C25 PCW L . 7.97 36.15 14.34
C26 PCW L . 7.89 36.66 15.79
C27 PCW L . 8.32 38.13 15.87
C28 PCW L . 8.26 38.62 17.33
C31 PCW L . -3.49 31.43 7.60
C32 PCW L . -2.15 30.76 7.32
C33 PCW L . -1.37 31.51 6.23
C34 PCW L . -0.01 30.86 6.00
C35 PCW L . -0.15 29.38 5.61
C36 PCW L . 1.21 28.75 5.33
C37 PCW L . 1.06 27.28 4.93
C38 PCW L . 2.43 26.67 4.61
C39 PCW L . 2.31 25.33 4.25
C40 PCW L . 3.29 24.42 4.60
C41 PCW L . 4.40 24.86 5.33
C42 PCW L . 5.70 24.65 4.53
C43 PCW L . 6.90 25.15 5.31
C44 PCW L . 8.20 24.94 4.51
C45 PCW L . 9.41 25.45 5.30
C46 PCW L . 10.71 25.22 4.52
C47 PCW L . 10.69 25.95 3.18
C48 PCW L . 11.99 25.72 2.41
N PCW L . -12.14 31.84 8.96
O2 PCW L . -4.65 30.73 7.41
O3 PCW L . -4.70 31.93 9.92
O11 PCW L . -5.76 31.25 11.79
O31 PCW L . -3.55 32.62 7.94
O1P PCW L . -8.89 29.42 5.66
O2P PCW L . -8.27 27.38 7.06
O3P PCW L . -7.27 29.63 7.54
O4P PCW L . -9.70 29.21 8.04
P PCW L . -8.55 28.83 6.98
C1 17F M . 3.69 -25.38 -5.87
N1 17F M . 2.59 -27.30 -4.79
O1 17F M . 6.98 -24.27 -4.46
P1 17F M . 6.27 -24.91 -5.60
C2 17F M . 2.46 -25.86 -5.10
O2 17F M . 6.01 -24.09 -6.81
C3 17F M . 1.21 -25.61 -5.94
O3 17F M . 4.87 -25.51 -5.07
C4 17F M . 6.93 -26.79 -7.33
O4 17F M . 0.13 -25.43 -5.31
C5 17F M . 7.91 -27.94 -7.56
O5 17F M . 1.35 -25.59 -7.18
C6 17F M . 7.65 -28.55 -8.92
O6 17F M . 7.10 -26.22 -6.03
C7 17F M . 9.77 -29.27 -9.45
O7 17F M . 8.52 -29.69 -9.10
C8 17F M . 10.87 -30.31 -9.64
O8 17F M . 9.99 -28.08 -9.64
C9 17F M . 11.75 -30.40 -8.39
O9 17F M . 9.25 -27.46 -7.48
C10 17F M . 12.87 -31.44 -8.57
O10 17F M . 8.87 -27.57 -5.27
C11 17F M . 13.78 -31.04 -9.73
C12 17F M . 14.90 -32.07 -9.92
C17 17F M . 9.64 -27.29 -6.19
C18 17F M . 11.06 -26.78 -5.89
C19 17F M . 11.41 -25.58 -6.77
C20 17F M . 11.33 -25.94 -8.26
C1X 17F M . 15.83 -31.68 -11.07
C1Y 17F M . 11.70 -24.75 -9.14
C1Z 17F M . 13.15 -24.31 -8.90
C2X 17F M . 16.94 -32.72 -11.23
C21 17F M . 17.70 -32.83 -10.07
C22 17F M . 18.97 -32.28 -10.02
C23 17F M . 19.50 -31.62 -11.13
C24 17F M . 20.95 -31.19 -10.88
C25 17F M . 21.52 -30.47 -12.10
C26 17F M . 22.96 -30.02 -11.85
C27 17F M . 23.52 -29.26 -13.05
C28 17F M . 24.95 -28.81 -12.79
C29 17F M . 25.50 -28.03 -13.98
C30 17F M . 26.93 -27.54 -13.72
C31 17F M . 13.52 -23.13 -9.81
C32 17F M . 14.97 -22.72 -9.64
C33 17F M . 15.24 -22.32 -8.34
C34 17F M . 16.53 -22.42 -7.82
C35 17F M . 17.56 -22.93 -8.62
C36 17F M . 18.24 -21.81 -9.42
C37 17F M . 18.86 -20.76 -8.49
C38 17F M . 19.56 -19.68 -9.30
C39 17F M . 20.21 -18.64 -8.36
C40 17F M . 20.93 -17.57 -9.17
C41 17F M . 21.58 -16.52 -8.25
C42 17F M . 22.31 -15.45 -9.06
HN1 17F M . 2.70 -27.63 -5.73
HN1A 17F M . 1.77 -27.82 -4.58
HAC 17F M . 3.49 -27.57 -4.46
C1 PCW N . 37.54 -3.26 8.20
C2 PCW N . 37.05 -4.08 9.41
C3 PCW N . 36.79 -3.14 10.57
C4 PCW N . 39.95 -6.77 5.76
C5 PCW N . 41.47 -6.58 5.85
C6 PCW N . 42.04 -6.21 3.48
C7 PCW N . 43.30 -7.93 4.79
C8 PCW N . 41.96 -8.56 4.39
C11 PCW N . 35.97 -3.04 12.69
C12 PCW N . 35.36 -3.59 13.98
C13 PCW N . 33.90 -3.16 14.13
C14 PCW N . 33.31 -3.67 15.45
C15 PCW N . 31.88 -3.17 15.66
C16 PCW N . 31.32 -3.67 16.99
C17 PCW N . 29.90 -3.15 17.21
C18 PCW N . 29.33 -3.62 18.54
C19 PCW N . 28.06 -3.09 18.75
C20 PCW N . 27.62 -2.77 20.04
C21 PCW N . 28.45 -2.99 21.13
C22 PCW N . 27.86 -4.04 22.07
C23 PCW N . 27.76 -5.40 21.37
C24 PCW N . 27.09 -6.43 22.28
C25 PCW N . 25.66 -6.01 22.62
C26 PCW N . 24.96 -7.05 23.49
C27 PCW N . 23.53 -6.61 23.83
C28 PCW N . 22.81 -7.64 24.70
C31 PCW N . 36.06 -5.85 8.30
C32 PCW N . 34.88 -6.70 7.85
C33 PCW N . 35.01 -8.14 8.37
C34 PCW N . 33.71 -8.92 8.15
C35 PCW N . 32.58 -8.27 8.94
C36 PCW N . 32.90 -8.28 10.43
C37 PCW N . 31.84 -7.53 11.25
C38 PCW N . 32.19 -7.56 12.74
C39 PCW N . 31.31 -6.82 13.50
C40 PCW N . 29.96 -7.16 13.57
C41 PCW N . 29.48 -8.27 12.88
C42 PCW N . 28.22 -8.82 13.54
C43 PCW N . 27.64 -9.98 12.74
C44 PCW N . 26.37 -10.53 13.40
C45 PCW N . 25.76 -11.66 12.57
C46 PCW N . 25.29 -11.16 11.20
C47 PCW N . 24.21 -10.10 11.34
C48 PCW N . 23.76 -9.57 9.98
N PCW N . 42.09 -7.11 4.64
O2 PCW N . 35.83 -4.75 9.08
O3 PCW N . 36.25 -3.88 11.66
O11 PCW N . 36.22 -1.84 12.58
O31 PCW N . 37.21 -6.14 7.97
O1P PCW N . 40.48 -4.09 6.46
O2P PCW N . 39.87 -4.69 8.84
O3P PCW N . 38.10 -4.09 7.18
O4P PCW N . 39.34 -6.28 6.96
P PCW N . 39.55 -4.74 7.40
C1 PCW O . 36.90 7.09 26.87
C2 PCW O . 35.44 6.73 26.60
C3 PCW O . 34.74 6.41 27.92
C4 PCW O . 39.21 5.53 23.95
C5 PCW O . 39.69 4.08 23.85
C6 PCW O . 40.06 3.75 21.42
C7 PCW O . 38.58 2.16 22.68
C8 PCW O . 37.76 3.41 22.38
C11 PCW O . 32.84 5.44 28.77
C12 PCW O . 31.46 4.79 28.68
C13 PCW O . 31.39 3.82 27.49
C14 PCW O . 30.01 3.17 27.35
C15 PCW O . 29.65 2.35 28.59
C16 PCW O . 28.31 1.65 28.42
C17 PCW O . 27.93 0.85 29.66
C18 PCW O . 27.74 1.77 30.87
C19 PCW O . 27.47 1.03 32.02
C20 PCW O . 26.16 0.78 32.40
C21 PCW O . 25.08 1.23 31.64
C22 PCW O . 23.80 1.28 32.47
C23 PCW O . 22.62 1.77 31.63
C24 PCW O . 21.34 1.80 32.47
C25 PCW O . 20.14 2.25 31.64
C26 PCW O . 18.87 2.31 32.50
C27 PCW O . 18.56 0.95 33.12
C28 PCW O . 17.29 1.02 33.97
C31 PCW O . 35.15 7.86 24.65
C32 PCW O . 34.63 8.96 23.72
C33 PCW O . 33.36 9.64 24.24
C34 PCW O . 33.58 10.33 25.59
C35 PCW O . 32.40 11.25 25.91
C36 PCW O . 32.55 11.91 27.28
C37 PCW O . 31.51 13.02 27.47
C38 PCW O . 31.60 13.63 28.87
C39 PCW O . 30.83 14.78 29.00
C40 PCW O . 29.46 14.76 28.79
C41 PCW O . 28.79 13.58 28.46
C42 PCW O . 27.74 13.23 29.51
C43 PCW O . 26.96 11.98 29.09
C44 PCW O . 25.98 11.53 30.17
C45 PCW O . 25.20 10.28 29.74
C46 PCW O . 24.25 9.81 30.84
C47 PCW O . 25.03 9.52 32.13
C48 PCW O . 24.11 9.00 33.23
N PCW O . 39.22 3.48 22.59
O2 PCW O . 34.78 7.83 25.96
O3 PCW O . 33.43 5.89 27.63
O11 PCW O . 33.41 5.55 29.85
O31 PCW O . 35.88 6.97 24.21
O1P PCW O . 39.53 8.52 24.56
O2P PCW O . 39.66 7.84 27.00
O3P PCW O . 37.57 7.44 25.67
O4P PCW O . 39.63 6.08 25.20
P PCW O . 39.18 7.57 25.62
C1 PCW P . 33.70 -3.55 -28.18
C2 PCW P . 32.34 -4.27 -28.22
C3 PCW P . 32.57 -5.74 -28.51
C4 PCW P . 34.71 0.87 -30.34
C5 PCW P . 35.85 1.80 -29.89
C6 PCW P . 37.12 3.78 -30.66
C7 PCW P . 35.21 2.92 -32.06
C8 PCW P . 34.61 3.73 -30.91
C11 PCW P . 30.61 -5.89 -29.68
C12 PCW P . 29.23 -6.45 -30.05
C13 PCW P . 28.13 -5.50 -29.59
C14 PCW P . 26.75 -5.98 -30.06
C15 PCW P . 25.65 -5.02 -29.60
C16 PCW P . 24.30 -5.44 -30.16
C17 PCW P . 23.94 -6.87 -29.73
C18 PCW P . 22.60 -7.31 -30.32
C19 PCW P . 22.63 -7.28 -31.71
C20 PCW P . 21.76 -8.09 -32.44
C21 PCW P . 20.86 -8.92 -31.78
C22 PCW P . 19.52 -8.22 -31.59
C23 PCW P . 18.53 -9.13 -30.85
C24 PCW P . 17.19 -8.43 -30.62
C25 PCW P . 16.20 -9.36 -29.92
C26 PCW P . 15.92 -10.60 -30.78
C27 PCW P . 15.29 -10.19 -32.11
C28 PCW P . 13.97 -9.46 -31.89
C31 PCW P . 31.14 -2.86 -26.85
C32 PCW P . 30.42 -2.49 -25.55
C33 PCW P . 29.49 -3.63 -25.11
C34 PCW P . 28.87 -3.34 -23.74
C35 PCW P . 28.05 -2.06 -23.77
C36 PCW P . 27.39 -1.81 -22.40
C37 PCW P . 26.57 -0.51 -22.41
C38 PCW P . 25.92 -0.26 -21.06
C39 PCW P . 25.23 0.94 -21.06
C40 PCW P . 23.83 0.94 -21.08
C41 PCW P . 23.13 -0.26 -21.09
C42 PCW P . 22.02 -0.22 -22.15
C43 PCW P . 21.07 0.95 -21.90
C44 PCW P . 19.96 1.01 -22.96
C45 PCW P . 19.05 2.21 -22.72
C46 PCW P . 18.42 2.15 -21.33
C47 PCW P . 17.50 3.35 -21.08
C48 PCW P . 16.87 3.27 -19.69
N PCW P . 35.87 3.00 -30.74
O2 PCW P . 31.67 -4.10 -26.97
O3 PCW P . 31.31 -6.41 -28.63
O11 PCW P . 31.11 -4.99 -30.34
O31 PCW P . 31.21 -2.06 -27.77
O1P PCW P . 34.07 -2.47 -30.68
O2P PCW P . 32.30 -0.78 -30.02
O3P PCW P . 33.53 -2.12 -28.28
O4P PCW P . 34.74 -0.33 -29.55
P PCW P . 33.59 -1.44 -29.74
C1 PCW Q . 38.60 -1.60 20.13
C2 PCW Q . 37.61 -2.43 20.94
C3 PCW Q . 37.31 -1.72 22.25
C4 PCW Q . 43.14 -1.17 18.84
C5 PCW Q . 44.00 -0.13 19.55
C6 PCW Q . 46.24 0.88 19.36
C7 PCW Q . 45.35 -0.50 17.47
C8 PCW Q . 44.71 0.89 17.37
C11 PCW Q . 35.89 -1.76 24.06
C12 PCW Q . 34.68 -2.23 24.86
C13 PCW Q . 34.35 -3.68 24.51
C14 PCW Q . 33.05 -4.15 25.17
C15 PCW Q . 32.81 -5.63 24.86
C16 PCW Q . 31.48 -6.14 25.41
C17 PCW Q . 31.38 -5.90 26.92
C18 PCW Q . 30.20 -6.70 27.51
C19 PCW Q . 30.44 -8.06 27.34
C20 PCW Q . 29.40 -8.99 27.34
C21 PCW Q . 28.08 -8.60 27.49
C22 PCW Q . 27.32 -9.66 28.30
C23 PCW Q . 25.82 -9.36 28.37
C24 PCW Q . 25.20 -9.35 26.98
C25 PCW Q . 23.67 -9.28 27.06
C26 PCW Q . 23.11 -10.51 27.78
C27 PCW Q . 21.58 -10.46 27.83
C28 PCW Q . 21.02 -11.71 28.53
C31 PCW Q . 35.67 -3.61 20.68
C32 PCW Q . 34.30 -3.94 20.11
C33 PCW Q . 34.36 -4.16 18.59
C34 PCW Q . 34.80 -2.89 17.86
C35 PCW Q . 33.83 -1.74 18.14
C36 PCW Q . 34.22 -0.50 17.31
C37 PCW Q . 33.35 0.70 17.67
C38 PCW Q . 31.86 0.43 17.42
C39 PCW Q . 31.10 1.54 17.76
C40 PCW Q . 29.71 1.50 17.70
C41 PCW Q . 29.05 0.35 17.29
C42 PCW Q . 27.54 0.58 17.22
C43 PCW Q . 26.80 -0.69 16.80
C44 PCW Q . 25.29 -0.43 16.71
C45 PCW Q . 24.98 0.67 15.69
C46 PCW Q . 23.47 0.92 15.60
C47 PCW Q . 23.16 2.01 14.57
C48 PCW Q . 21.65 2.27 14.49
N PCW Q . 45.08 0.30 18.67
O2 PCW Q . 36.39 -2.57 20.19
O3 PCW Q . 36.17 -2.34 22.87
O11 PCW Q . 36.63 -0.87 24.50
O31 PCW Q . 36.16 -4.32 21.57
O1P PCW Q . 40.43 0.25 19.08
O2P PCW Q . 41.62 0.28 21.32
O3P PCW Q . 39.82 -1.40 20.85
O4P PCW Q . 42.05 -1.58 19.69
P PCW Q . 41.00 -0.49 20.23
C1 PCW R . 42.59 -13.27 12.40
C2 PCW R . 41.34 -13.86 11.74
C3 PCW R . 41.70 -15.20 11.12
C4 PCW R . 43.14 -12.42 9.35
C5 PCW R . 44.27 -13.23 8.73
C6 PCW R . 42.37 -14.50 7.77
C7 PCW R . 44.18 -13.66 6.26
C8 PCW R . 44.69 -14.93 6.93
C11 PCW R . 40.93 -16.87 9.77
C12 PCW R . 39.90 -17.59 8.89
C13 PCW R . 40.01 -19.11 9.01
C14 PCW R . 38.96 -19.78 8.12
C15 PCW R . 39.14 -19.37 6.66
C16 PCW R . 38.01 -19.93 5.78
C17 PCW R . 36.66 -19.35 6.19
C18 PCW R . 35.53 -19.88 5.30
C19 PCW R . 35.74 -19.54 3.97
C20 PCW R . 34.79 -18.81 3.27
C21 PCW R . 33.61 -18.41 3.91
C22 PCW R . 33.02 -17.18 3.23
C23 PCW R . 31.72 -16.74 3.89
C24 PCW R . 30.67 -17.86 3.83
C25 PCW R . 29.32 -17.38 4.36
C26 PCW R . 29.44 -16.90 5.82
C27 PCW R . 28.09 -16.43 6.35
C28 PCW R . 28.21 -15.93 7.79
C31 PCW R . 39.78 -12.83 13.09
C32 PCW R . 38.67 -12.79 14.15
C33 PCW R . 37.28 -12.84 13.51
C34 PCW R . 36.19 -12.74 14.59
C35 PCW R . 34.80 -12.70 13.98
C36 PCW R . 34.65 -11.52 13.01
C37 PCW R . 33.19 -11.33 12.58
C38 PCW R . 32.61 -12.59 11.95
C39 PCW R . 31.35 -12.34 11.40
C40 PCW R . 30.22 -13.04 11.80
C41 PCW R . 30.29 -14.04 12.77
C42 PCW R . 29.15 -13.87 13.77
C43 PCW R . 29.05 -15.06 14.72
C44 PCW R . 27.91 -14.86 15.73
C45 PCW R . 27.68 -16.12 16.58
C46 PCW R . 27.21 -17.28 15.71
C47 PCW R . 26.93 -18.52 16.57
C48 PCW R . 26.38 -19.67 15.70
N PCW R . 43.75 -14.04 7.61
O2 PCW R . 40.29 -14.03 12.71
O3 PCW R . 40.59 -15.70 10.36
O11 PCW R . 42.05 -17.36 9.96
O31 PCW R . 40.21 -11.79 12.59
O1P PCW R . 41.32 -10.70 10.71
O2P PCW R . 43.28 -9.61 11.91
O3P PCW R . 42.45 -11.86 12.63
O4P PCW R . 43.64 -11.63 10.43
P PCW R . 42.62 -10.84 11.39
C1 PCW S . 37.97 2.40 -6.27
C2 PCW S . 36.89 1.48 -5.70
C3 PCW S . 36.02 2.30 -4.76
C4 PCW S . 40.34 -0.67 -8.47
C5 PCW S . 40.64 -2.17 -8.50
C6 PCW S . 39.63 -2.40 -6.24
C7 PCW S . 38.44 -3.38 -8.24
C8 PCW S . 39.56 -4.33 -7.82
C11 PCW S . 35.72 0.59 -3.28
C12 PCW S . 34.93 -0.41 -2.44
C13 PCW S . 33.43 -0.19 -2.58
C14 PCW S . 32.66 -1.21 -1.73
C15 PCW S . 31.15 -1.03 -1.88
C16 PCW S . 30.71 0.35 -1.40
C17 PCW S . 29.19 0.52 -1.56
C18 PCW S . 28.72 1.88 -1.03
C19 PCW S . 27.34 2.03 -1.19
C20 PCW S . 26.54 2.29 -0.09
C21 PCW S . 27.08 2.42 1.17
C22 PCW S . 26.66 3.74 1.83
C23 PCW S . 25.14 3.81 2.03
C24 PCW S . 24.40 3.79 0.69
C25 PCW S . 22.89 3.86 0.90
C26 PCW S . 22.15 3.83 -0.44
C27 PCW S . 22.47 2.54 -1.21
C28 PCW S . 21.74 2.52 -2.56
C31 PCW S . 36.73 -0.06 -7.38
C32 PCW S . 36.11 -0.71 -8.61
C33 PCW S . 34.61 -0.92 -8.48
C34 PCW S . 34.26 -2.01 -7.47
C35 PCW S . 32.75 -2.27 -7.46
C36 PCW S . 32.39 -3.45 -6.55
C37 PCW S . 30.88 -3.72 -6.59
C38 PCW S . 30.51 -4.95 -5.75
C39 PCW S . 29.15 -5.18 -5.82
C40 PCW S . 28.63 -6.44 -5.55
C41 PCW S . 29.46 -7.49 -5.19
C42 PCW S . 28.87 -8.83 -5.64
C43 PCW S . 27.50 -9.08 -4.99
C44 PCW S . 26.89 -10.40 -5.48
C45 PCW S . 25.51 -10.64 -4.85
C46 PCW S . 25.62 -10.74 -3.32
C47 PCW S . 26.52 -11.91 -2.91
C48 PCW S . 26.59 -12.03 -1.39
N PCW S . 39.68 -2.88 -7.63
O2 PCW S . 36.08 0.97 -6.76
O3 PCW S . 35.07 1.46 -4.10
O11 PCW S . 36.96 0.60 -3.24
O31 PCW S . 37.79 -0.48 -6.90
O1P PCW S . 41.19 2.14 -7.82
O2P PCW S . 40.54 1.67 -5.41
O3P PCW S . 38.80 1.72 -7.21
O4P PCW S . 40.48 -0.18 -7.12
P PCW S . 40.34 1.41 -6.85
C1 PCW T . -4.68 9.29 -34.66
C2 PCW T . -3.51 9.80 -35.51
C3 PCW T . -2.68 8.59 -35.94
C4 PCW T . -6.73 11.28 -31.12
C5 PCW T . -6.14 11.14 -29.71
C6 PCW T . -7.83 12.22 -28.27
C7 PCW T . -5.44 12.95 -28.11
C8 PCW T . -6.05 13.62 -29.34
C11 PCW T . -0.87 7.97 -37.19
C12 PCW T . 0.34 8.19 -38.10
C13 PCW T . 1.53 7.33 -37.67
C14 PCW T . 2.73 7.55 -38.60
C15 PCW T . 3.17 9.01 -38.58
C16 PCW T . 4.33 9.25 -39.55
C17 PCW T . 3.92 8.93 -40.98
C18 PCW T . 5.07 9.17 -41.95
C19 PCW T . 4.68 8.90 -43.27
C20 PCW T . 5.64 8.73 -44.25
C21 PCW T . 7.00 8.81 -43.94
C22 PCW T . 7.84 8.20 -45.06
C23 PCW T . 9.34 8.30 -44.74
C24 PCW T . 10.19 7.68 -45.85
C25 PCW T . 9.99 8.43 -47.17
C26 PCW T . 10.80 7.77 -48.30
C27 PCW T . 12.30 7.75 -47.97
C28 PCW T . 12.84 9.17 -47.78
C31 PCW T . -4.42 11.71 -36.39
C32 PCW T . -5.01 12.60 -37.49
C33 PCW T . -5.95 13.65 -36.90
C34 PCW T . -5.23 14.55 -35.90
C35 PCW T . -4.07 15.30 -36.57
C36 PCW T . -3.31 16.15 -35.56
C37 PCW T . -2.17 16.92 -36.21
C38 PCW T . -1.16 15.96 -36.86
C39 PCW T . -0.11 16.65 -37.43
C40 PCW T . 0.26 16.41 -38.75
C41 PCW T . -0.42 15.46 -39.51
C42 PCW T . 0.37 14.14 -39.58
C43 PCW T . -0.35 13.12 -40.44
C44 PCW T . 0.42 11.80 -40.51
C45 PCW T . 0.52 11.13 -39.14
C46 PCW T . 1.27 11.99 -38.13
C47 PCW T . 1.35 11.31 -36.76
C48 PCW T . 2.10 12.19 -35.75
N PCW T . -6.51 12.30 -28.89
O2 PCW T . -4.01 10.46 -36.69
O3 PCW T . -1.60 9.04 -36.79
O11 PCW T . -1.18 6.84 -36.82
O31 PCW T . -4.29 12.13 -35.24
O1P PCW T . -7.86 11.09 -33.70
O2P PCW T . -7.25 8.62 -33.69
O3P PCW T . -5.55 10.35 -34.27
O4P PCW T . -6.37 10.14 -31.89
P PCW T . -6.87 10.02 -33.42
C1 PCW U . -3.61 19.82 -28.73
C2 PCW U . -2.26 19.59 -29.43
C3 PCW U . -2.37 19.90 -30.91
C4 PCW U . -4.60 18.06 -24.50
C5 PCW U . -5.34 16.82 -24.02
C6 PCW U . -5.31 16.08 -26.38
C7 PCW U . -4.17 14.68 -24.63
C8 PCW U . -5.67 14.39 -24.56
C11 PCW U . -1.08 20.18 -32.79
C12 PCW U . 0.20 20.11 -33.62
C13 PCW U . 1.07 21.36 -33.41
C14 PCW U . 2.45 21.19 -34.06
C15 PCW U . 2.35 20.99 -35.57
C16 PCW U . 1.78 22.23 -36.27
C17 PCW U . 1.74 22.02 -37.79
C18 PCW U . 1.25 23.27 -38.51
C19 PCW U . 2.07 24.37 -38.26
C20 PCW U . 3.45 24.31 -38.43
C21 PCW U . 4.05 23.13 -38.87
C22 PCW U . 5.36 22.87 -38.12
C23 PCW U . 6.00 21.56 -38.58
C24 PCW U . 6.33 21.58 -40.07
C25 PCW U . 6.98 20.26 -40.50
C26 PCW U . 7.28 20.27 -42.00
C27 PCW U . 7.94 18.96 -42.42
C28 PCW U . 8.25 18.96 -43.92
C31 PCW U . -1.57 21.74 -29.02
C32 PCW U . -0.63 22.81 -28.46
C33 PCW U . 0.46 23.15 -29.48
C34 PCW U . 1.42 24.21 -28.94
C35 PCW U . 2.48 24.56 -29.99
C36 PCW U . 3.30 23.32 -30.36
C37 PCW U . 4.25 23.64 -31.52
C38 PCW U . 5.07 22.42 -31.92
C39 PCW U . 5.80 22.67 -33.07
C40 PCW U . 7.19 22.59 -33.07
C41 PCW U . 7.88 22.24 -31.91
C42 PCW U . 9.32 21.83 -32.26
C43 PCW U . 10.11 21.48 -31.00
C44 PCW U . 11.55 21.08 -31.37
C45 PCW U . 12.38 20.78 -30.11
C46 PCW U . 13.80 20.37 -30.50
C47 PCW U . 14.50 21.46 -31.31
C48 PCW U . 15.92 21.04 -31.70
N PCW U . -5.17 15.71 -24.96
O2 PCW U . -1.26 20.43 -28.83
O3 PCW U . -1.08 19.73 -31.52
O11 PCW U . -2.11 20.66 -33.27
O31 PCW U . -2.58 22.06 -29.64
O1P PCW U . -4.10 20.76 -25.25
O2P PCW U . -5.80 20.53 -27.13
O3P PCW U . -3.49 19.54 -27.33
O4P PCW U . -5.17 18.52 -25.74
P PCW U . -4.69 19.94 -26.34
C1 PCW V . 36.89 6.49 -4.26
C2 PCW V . 36.00 5.88 -3.16
C3 PCW V . 34.73 5.32 -3.77
C4 PCW V . 37.12 7.60 -0.97
C5 PCW V . 36.32 7.17 0.26
C6 PCW V . 34.04 7.99 -0.27
C7 PCW V . 35.11 8.61 1.92
C8 PCW V . 35.69 9.53 0.85
C11 PCW V . 32.69 4.41 -3.24
C12 PCW V . 31.62 3.86 -2.30
C13 PCW V . 31.74 4.48 -0.91
C14 PCW V . 30.70 3.90 0.05
C15 PCW V . 30.84 4.51 1.45
C16 PCW V . 29.82 3.91 2.41
C17 PCW V . 29.96 4.52 3.80
C18 PCW V . 28.93 3.91 4.76
C19 PCW V . 29.03 4.47 6.04
C20 PCW V . 30.06 4.07 6.89
C21 PCW V . 30.99 3.13 6.47
C22 PCW V . 31.65 2.45 7.67
C23 PCW V . 30.64 1.67 8.51
C24 PCW V . 31.33 0.96 9.67
C25 PCW V . 30.32 0.18 10.52
C26 PCW V . 31.03 -0.57 11.65
C27 PCW V . 30.03 -1.37 12.48
C28 PCW V . 29.28 -2.38 11.61
C31 PCW V . 36.12 4.58 -1.27
C32 PCW V . 36.71 3.50 -0.36
C33 PCW V . 35.66 2.44 -0.01
C34 PCW V . 36.24 1.36 0.89
C35 PCW V . 35.18 0.29 1.22
C36 PCW V . 35.78 -0.81 2.09
C37 PCW V . 34.74 -1.88 2.42
C38 PCW V . 34.19 -2.53 1.15
C39 PCW V . 33.30 -3.55 1.46
C40 PCW V . 32.02 -3.25 1.94
C41 PCW V . 31.63 -1.93 2.11
C42 PCW V . 30.77 -1.77 3.37
C43 PCW V . 30.32 -0.33 3.57
C44 PCW V . 29.50 -0.20 4.85
C45 PCW V . 28.28 -1.12 4.84
C46 PCW V . 27.49 -1.00 6.13
C47 PCW V . 26.98 0.43 6.34
C48 PCW V . 26.19 0.55 7.64
N PCW V . 35.26 8.15 0.54
O2 PCW V . 36.73 4.86 -2.45
O3 PCW V . 33.87 4.82 -2.74
O11 PCW V . 32.47 4.51 -4.45
O31 PCW V . 35.13 5.21 -0.93
O1P PCW V . 39.41 5.42 -3.10
O2P PCW V . 39.99 7.78 -2.38
O3P PCW V . 37.91 7.32 -3.70
O4P PCW V . 38.06 6.59 -1.31
P PCW V . 38.97 6.75 -2.63
C1 PCW W . 34.85 10.68 -12.61
C2 PCW W . 33.53 9.94 -12.39
C3 PCW W . 33.71 8.56 -11.76
C4 PCW W . 34.28 9.17 -8.68
C5 PCW W . 33.15 9.52 -7.72
C6 PCW W . 30.98 8.49 -7.12
C7 PCW W . 32.87 7.03 -7.89
C8 PCW W . 33.11 7.38 -6.42
C11 PCW W . 31.65 8.06 -10.85
C12 PCW W . 30.23 7.48 -10.88
C13 PCW W . 30.18 6.18 -11.68
C14 PCW W . 28.74 5.84 -12.07
C15 PCW W . 27.82 5.77 -10.85
C16 PCW W . 26.36 5.61 -11.29
C17 PCW W . 26.17 4.32 -12.10
C18 PCW W . 24.75 4.23 -12.65
C19 PCW W . 24.50 5.26 -13.57
C20 PCW W . 23.36 6.04 -13.47
C21 PCW W . 22.44 5.80 -12.46
C22 PCW W . 21.13 6.53 -12.74
C23 PCW W . 20.52 6.07 -14.06
C24 PCW W . 19.20 6.80 -14.34
C25 PCW W . 18.58 6.33 -15.66
C26 PCW W . 17.26 7.06 -15.92
C27 PCW W . 16.63 6.60 -17.25
C28 PCW W . 15.31 7.33 -17.50
C31 PCW W . 31.32 10.50 -12.03
C32 PCW W . 30.18 11.21 -11.32
C33 PCW W . 30.24 10.97 -9.81
C34 PCW W . 29.12 11.69 -9.06
C35 PCW W . 27.75 11.17 -9.49
C36 PCW W . 26.64 11.90 -8.72
C37 PCW W . 25.26 11.35 -9.12
C38 PCW W . 24.15 12.11 -8.37
C39 PCW W . 22.90 11.67 -8.77
C40 PCW W . 22.34 12.14 -9.96
C41 PCW W . 23.05 13.05 -10.75
C42 PCW W . 23.68 12.34 -11.95
C43 PCW W . 24.47 13.32 -12.81
C44 PCW W . 25.08 12.61 -14.02
C45 PCW W . 25.89 13.59 -14.89
C46 PCW W . 26.51 12.86 -16.09
C47 PCW W . 27.45 11.76 -15.63
C48 PCW W . 28.06 11.03 -16.83
N PCW W . 32.42 8.31 -7.32
O2 PCW W . 32.61 10.76 -11.65
O3 PCW W . 32.47 7.85 -11.90
O11 PCW W . 32.04 8.69 -9.86
O31 PCW W . 31.10 9.71 -12.95
O1P PCW W . 36.11 8.93 -10.80
O2P PCW W . 37.31 10.95 -9.82
O3P PCW W . 35.37 11.24 -11.39
O4P PCW W . 34.97 10.36 -9.07
P PCW W . 36.05 10.30 -10.26
C1 PCW X . 38.72 -6.83 -4.41
C2 PCW X . 38.38 -8.16 -5.09
C3 PCW X . 37.69 -9.05 -4.08
C4 PCW X . 42.77 -6.34 -3.33
C5 PCW X . 43.89 -6.93 -4.18
C6 PCW X . 44.41 -9.11 -3.14
C7 PCW X . 46.24 -7.43 -3.46
C8 PCW X . 45.46 -7.02 -2.21
C11 PCW X . 36.87 -11.11 -3.63
C12 PCW X . 36.51 -12.57 -3.88
C13 PCW X . 37.76 -13.45 -3.97
C14 PCW X . 37.41 -14.93 -3.96
C15 PCW X . 38.65 -15.80 -4.12
C16 PCW X . 38.33 -17.29 -3.90
C17 PCW X . 37.19 -17.76 -4.81
C18 PCW X . 36.86 -19.22 -4.56
C19 PCW X . 36.50 -19.43 -3.23
C20 PCW X . 35.33 -20.11 -2.90
C21 PCW X . 34.49 -20.59 -3.91
C22 PCW X . 33.54 -21.64 -3.34
C23 PCW X . 32.61 -22.18 -4.44
C24 PCW X . 31.64 -23.23 -3.87
C25 PCW X . 30.69 -23.74 -4.95
C26 PCW X . 29.82 -22.61 -5.50
C27 PCW X . 28.86 -23.13 -6.57
C28 PCW X . 28.01 -22.00 -7.15
C31 PCW X . 38.22 -7.38 -7.26
C32 PCW X . 37.48 -7.01 -8.55
C33 PCW X . 36.51 -5.86 -8.31
C34 PCW X . 35.30 -6.30 -7.47
C35 PCW X . 34.39 -7.20 -8.29
C36 PCW X . 33.86 -6.43 -9.51
C37 PCW X . 32.88 -7.27 -10.33
C38 PCW X . 33.55 -8.53 -10.87
C39 PCW X . 32.72 -9.20 -11.77
C40 PCW X . 31.67 -10.00 -11.33
C41 PCW X . 31.43 -10.16 -9.96
C42 PCW X . 30.48 -11.33 -9.72
C43 PCW X . 30.19 -11.52 -8.23
C44 PCW X . 29.23 -12.69 -8.00
C45 PCW X . 28.95 -12.89 -6.51
C46 PCW X . 27.99 -14.06 -6.28
C47 PCW X . 28.59 -15.37 -6.79
C48 PCW X . 27.65 -16.54 -6.55
N PCW X . 44.81 -7.70 -3.33
O2 PCW X . 37.52 -7.93 -6.23
O3 PCW X . 37.44 -10.36 -4.61
O11 PCW X . 36.65 -10.59 -2.54
O31 PCW X . 39.42 -7.20 -7.16
O1P PCW X . 41.23 -7.89 -5.10
O2P PCW X . 41.64 -5.93 -6.67
O3P PCW X . 39.59 -6.02 -5.21
O4P PCW X . 41.86 -5.64 -4.18
P PCW X . 41.13 -6.44 -5.37
C1 PCW Y . 35.60 15.99 -16.03
C2 PCW Y . 34.17 15.81 -15.50
C3 PCW Y . 34.24 15.50 -14.01
C4 PCW Y . 33.97 13.30 -17.54
C5 PCW Y . 33.66 12.23 -16.48
C6 PCW Y . 31.34 13.00 -16.90
C7 PCW Y . 31.87 10.54 -16.97
C8 PCW Y . 31.73 10.95 -15.50
C11 PCW Y . 32.13 14.60 -13.93
C12 PCW Y . 30.68 14.51 -13.44
C13 PCW Y . 29.75 15.29 -14.37
C14 PCW Y . 28.35 15.42 -13.77
C15 PCW Y . 28.39 16.23 -12.47
C16 PCW Y . 27.01 16.42 -11.86
C17 PCW Y . 26.09 17.23 -12.78
C18 PCW Y . 25.79 16.47 -14.08
C19 PCW Y . 24.99 17.23 -14.93
C20 PCW Y . 23.83 17.83 -14.47
C21 PCW Y . 23.44 17.72 -13.14
C22 PCW Y . 22.39 16.62 -12.97
C23 PCW Y . 21.95 16.52 -11.50
C24 PCW Y . 20.89 15.43 -11.31
C25 PCW Y . 20.44 15.36 -9.85
C26 PCW Y . 19.38 14.27 -9.66
C27 PCW Y . 18.14 14.56 -10.50
C28 PCW Y . 17.09 13.44 -10.32
C31 PCW Y . 32.98 17.14 -16.95
C32 PCW Y . 32.17 18.36 -17.37
C33 PCW Y . 30.69 18.17 -17.01
C34 PCW Y . 30.49 18.13 -15.48
C35 PCW Y . 30.73 19.50 -14.85
C36 PCW Y . 29.70 20.52 -15.36
C37 PCW Y . 29.87 21.87 -14.65
C38 PCW Y . 28.83 22.88 -15.15
C39 PCW Y . 28.97 24.09 -14.50
C40 PCW Y . 27.84 24.76 -14.02
C41 PCW Y . 26.58 24.18 -14.18
C42 PCW Y . 25.58 25.19 -14.74
C43 PCW Y . 25.36 26.36 -13.77
C44 PCW Y . 24.38 27.37 -14.36
C45 PCW Y . 24.13 28.54 -13.40
C46 PCW Y . 23.51 28.06 -12.09
C47 PCW Y . 23.26 29.23 -11.14
C48 PCW Y . 22.66 28.74 -9.82
N PCW Y . 32.22 11.89 -16.51
O2 PCW Y . 33.45 17.03 -15.68
O3 PCW Y . 32.94 15.56 -13.42
O11 PCW Y . 32.55 13.80 -14.78
O31 PCW Y . 33.20 16.23 -17.76
O1P PCW Y . 35.20 14.94 -19.62
O2P PCW Y . 37.43 14.66 -18.43
O3P PCW Y . 35.62 16.11 -17.46
O4P PCW Y . 35.36 13.61 -17.47
P PCW Y . 35.96 14.81 -18.36
C1 PCW Z . 30.91 4.00 -32.28
C2 PCW Z . 29.53 4.63 -32.40
C3 PCW Z . 28.60 3.98 -31.40
C4 PCW Z . 31.11 6.66 -36.01
C5 PCW Z . 29.98 7.67 -36.26
C6 PCW Z . 31.83 9.13 -37.02
C7 PCW Z . 29.91 8.65 -38.57
C8 PCW Z . 29.46 9.73 -37.59
C11 PCW Z . 26.75 3.75 -32.71
C12 PCW Z . 25.31 4.00 -33.16
C13 PCW Z . 24.41 2.83 -32.79
C14 PCW Z . 22.98 3.05 -33.31
C15 PCW Z . 22.08 1.86 -32.98
C16 PCW Z . 22.65 0.57 -33.58
C17 PCW Z . 22.87 0.71 -35.09
C18 PCW Z . 21.55 1.01 -35.82
C19 PCW Z . 21.77 1.18 -37.18
C20 PCW Z . 20.89 0.67 -38.11
C21 PCW Z . 19.76 -0.03 -37.70
C22 PCW Z . 18.51 0.84 -37.77
C23 PCW Z . 17.27 0.05 -37.38
C24 PCW Z . 16.01 0.92 -37.47
C25 PCW Z . 15.81 1.45 -38.89
C26 PCW Z . 14.56 2.33 -38.98
C27 PCW Z . 14.38 2.87 -40.41
C28 PCW Z . 15.59 3.69 -40.84
C31 PCW Z . 28.57 6.73 -32.61
C32 PCW Z . 28.55 8.26 -32.45
C33 PCW Z . 27.33 8.76 -31.67
C34 PCW Z . 27.32 8.24 -30.23
C35 PCW Z . 26.29 9.02 -29.41
C36 PCW Z . 26.26 8.57 -27.94
C37 PCW Z . 25.47 9.56 -27.09
C38 PCW Z . 25.42 9.15 -25.63
C39 PCW Z . 24.97 10.19 -24.83
C40 PCW Z . 23.78 10.14 -24.14
C41 PCW Z . 22.94 9.02 -24.19
C42 PCW Z . 21.70 9.26 -23.33
C43 PCW Z . 20.73 8.08 -23.39
C44 PCW Z . 19.49 8.34 -22.54
C45 PCW Z . 18.51 7.16 -22.58
C46 PCW Z . 17.29 7.43 -21.71
C47 PCW Z . 16.30 6.27 -21.75
C48 PCW Z . 15.07 6.56 -20.91
N PCW Z . 30.43 8.70 -37.20
O2 PCW Z . 29.65 6.04 -32.16
O3 PCW Z . 27.23 4.38 -31.61
O11 PCW Z . 27.47 2.99 -33.36
O31 PCW Z . 27.65 6.15 -33.19
O1P PCW Z . 32.97 4.66 -35.41
O2P PCW Z . 30.99 3.11 -35.03
O3P PCW Z . 31.84 4.60 -33.20
O4P PCW Z . 30.65 5.60 -35.19
P PCW Z . 31.65 4.41 -34.79
C1 PCW AA . 30.09 17.69 -26.74
C2 PCW AA . 28.84 18.58 -26.78
C3 PCW AA . 29.02 19.55 -27.95
C4 PCW AA . 31.72 16.47 -23.08
C5 PCW AA . 30.58 17.48 -23.00
C6 PCW AA . 30.11 16.38 -20.85
C7 PCW AA . 30.60 18.85 -20.90
C8 PCW AA . 29.13 18.66 -21.29
C11 PCW AA . 27.51 21.02 -27.01
C12 PCW AA . 26.25 21.88 -26.99
C13 PCW AA . 25.97 22.42 -28.40
C14 PCW AA . 24.64 23.19 -28.43
C15 PCW AA . 24.36 23.72 -29.83
C16 PCW AA . 22.95 24.35 -29.92
C17 PCW AA . 22.67 24.86 -31.33
C18 PCW AA . 21.22 25.35 -31.42
C19 PCW AA . 20.33 24.31 -31.12
C20 PCW AA . 19.76 23.59 -32.15
C21 PCW AA . 20.06 23.90 -33.47
C22 PCW AA . 19.58 22.83 -34.44
C23 PCW AA . 18.08 22.56 -34.24
C24 PCW AA . 17.28 23.86 -34.28
C25 PCW AA . 17.46 24.58 -35.62
C26 PCW AA . 16.67 25.89 -35.64
C27 PCW AA . 15.16 25.63 -35.48
C28 PCW AA . 14.37 26.94 -35.49
C31 PCW AA . 27.19 17.27 -25.86
C32 PCW AA . 25.91 16.44 -25.88
C33 PCW AA . 25.57 15.96 -27.29
C34 PCW AA . 24.18 15.33 -27.34
C35 PCW AA . 23.87 14.79 -28.75
C36 PCW AA . 22.43 14.28 -28.83
C37 PCW AA . 22.17 13.64 -30.19
C38 PCW AA . 20.73 13.16 -30.31
C39 PCW AA . 20.56 12.40 -31.48
C40 PCW AA . 19.49 12.61 -32.33
C41 PCW AA . 18.52 13.57 -32.07
C42 PCW AA . 17.62 13.75 -33.28
C43 PCW AA . 16.54 14.82 -33.05
C44 PCW AA . 15.68 14.98 -34.30
C45 PCW AA . 14.62 16.07 -34.11
C46 PCW AA . 13.67 15.72 -32.97
C47 PCW AA . 12.61 16.81 -32.80
C48 PCW AA . 11.64 16.46 -31.67
N PCW AA . 30.16 17.64 -21.61
O2 PCW AA . 27.65 17.81 -27.02
O3 PCW AA . 27.80 20.30 -28.12
O11 PCW AA . 28.24 20.98 -26.03
O31 PCW AA . 27.79 17.47 -24.81
O1P PCW AA . 30.70 14.40 -25.05
O2P PCW AA . 32.01 15.65 -26.82
O3P PCW AA . 30.04 16.72 -25.70
O4P PCW AA . 32.18 16.35 -24.42
P PCW AA . 31.25 15.67 -25.55
C1 PCW BA . 27.06 29.85 -16.61
C2 PCW BA . 26.71 29.08 -17.89
C3 PCW BA . 27.68 27.92 -18.08
C4 PCW BA . 26.15 34.29 -16.14
C5 PCW BA . 27.02 35.45 -16.62
C6 PCW BA . 28.37 37.31 -15.69
C7 PCW BA . 27.58 35.47 -14.17
C8 PCW BA . 28.80 34.96 -14.92
C11 PCW BA . 28.29 26.21 -19.47
C12 PCW BA . 28.24 25.36 -20.73
C13 PCW BA . 26.85 25.40 -21.37
C14 PCW BA . 26.85 24.63 -22.70
C15 PCW BA . 25.47 24.66 -23.35
C16 PCW BA . 25.50 24.01 -24.73
C17 PCW BA . 24.12 24.04 -25.39
C18 PCW BA . 23.12 23.19 -24.60
C19 PCW BA . 23.51 21.86 -24.55
C20 PCW BA . 22.63 20.87 -24.14
C21 PCW BA . 21.33 21.21 -23.75
C22 PCW BA . 20.33 20.97 -24.89
C23 PCW BA . 18.91 21.33 -24.46
C24 PCW BA . 18.48 20.48 -23.27
C25 PCW BA . 17.07 20.88 -22.79
C26 PCW BA . 16.63 20.04 -21.60
C27 PCW BA . 15.23 20.41 -21.14
C28 PCW BA . 14.80 19.56 -19.93
C31 PCW BA . 24.89 28.24 -19.02
C32 PCW BA . 23.46 27.68 -19.13
C33 PCW BA . 22.45 28.83 -19.15
C34 PCW BA . 21.02 28.28 -19.16
C35 PCW BA . 20.75 27.44 -17.91
C36 PCW BA . 19.31 26.92 -17.91
C37 PCW BA . 19.05 26.09 -16.65
C38 PCW BA . 17.62 25.55 -16.63
C39 PCW BA . 17.39 24.79 -15.49
C40 PCW BA . 16.38 25.14 -14.60
C41 PCW BA . 15.59 26.25 -14.85
C42 PCW BA . 14.17 26.05 -14.30
C43 PCW BA . 13.30 27.27 -14.61
C44 PCW BA . 11.87 27.09 -14.07
C45 PCW BA . 11.00 28.29 -14.41
C46 PCW BA . 11.56 29.58 -13.80
C47 PCW BA . 10.68 30.78 -14.17
C48 PCW BA . 11.25 32.07 -13.56
N PCW BA . 27.88 35.92 -15.53
O2 PCW BA . 25.37 28.58 -17.79
O3 PCW BA . 27.42 27.24 -19.31
O11 PCW BA . 29.14 25.99 -18.59
O31 PCW BA . 25.59 28.39 -20.01
O1P PCW BA . 24.96 32.19 -14.59
O2P PCW BA . 27.28 31.23 -14.19
O3P PCW BA . 26.14 30.92 -16.40
O4P PCW BA . 26.97 33.20 -15.72
P PCW BA . 26.31 31.87 -15.10
C1 PCW CA . 30.02 36.37 9.09
C2 PCW CA . 28.50 36.38 8.89
C3 PCW CA . 28.16 36.28 7.41
C4 PCW CA . 31.78 33.86 11.94
C5 PCW CA . 33.23 33.54 11.59
C6 PCW CA . 33.21 31.70 9.92
C7 PCW CA . 34.33 31.34 12.13
C8 PCW CA . 32.83 31.16 12.35
C11 PCW CA . 26.42 36.11 5.93
C12 PCW CA . 24.97 35.86 5.53
C13 PCW CA . 24.01 36.66 6.42
C14 PCW CA . 22.56 36.18 6.24
C15 PCW CA . 22.06 36.36 4.80
C16 PCW CA . 21.95 37.84 4.42
C17 PCW CA . 21.32 37.98 3.03
C18 PCW CA . 21.14 39.44 2.64
C19 PCW CA . 20.54 39.54 1.39
C20 PCW CA . 19.49 40.43 1.18
C21 PCW CA . 19.04 41.24 2.22
C22 PCW CA . 17.65 41.82 1.95
C23 PCW CA . 16.60 40.71 1.86
C24 PCW CA . 16.84 39.77 0.69
C25 PCW CA . 15.76 38.69 0.63
C26 PCW CA . 15.99 37.74 -0.55
C27 PCW CA . 14.92 36.65 -0.59
C28 PCW CA . 14.93 35.80 0.68
C31 PCW CA . 26.64 35.51 9.90
C32 PCW CA . 25.83 34.45 10.64
C33 PCW CA . 24.65 33.97 9.80
C34 PCW CA . 23.63 35.09 9.57
C35 PCW CA . 23.00 35.55 10.89
C36 PCW CA . 22.02 36.70 10.66
C37 PCW CA . 21.36 37.13 11.98
C38 PCW CA . 20.59 35.97 12.61
C39 PCW CA . 19.96 36.38 13.78
C40 PCW CA . 19.51 35.43 14.70
C41 PCW CA . 19.66 34.08 14.44
C42 PCW CA . 18.37 33.46 13.92
C43 PCW CA . 17.23 33.59 14.93
C44 PCW CA . 15.95 32.96 14.39
C45 PCW CA . 14.80 33.09 15.40
C46 PCW CA . 13.54 32.41 14.88
C47 PCW CA . 13.77 30.92 14.63
C48 PCW CA . 12.49 30.24 14.13
N PCW CA . 33.36 32.09 11.33
O2 PCW CA . 27.94 35.26 9.59
O3 PCW CA . 26.76 36.07 7.25
O11 PCW CA . 27.27 36.35 5.08
O31 PCW CA . 26.15 36.61 9.64
O1P PCW CA . 32.62 35.67 9.89
O2P PCW CA . 32.37 37.60 11.55
O3P PCW CA . 30.35 36.54 10.48
O4P PCW CA . 31.65 35.27 12.19
P PCW CA . 31.86 36.32 10.99
C1 PCW DA . 37.80 -7.53 -11.49
C2 PCW DA . 37.00 -7.49 -12.78
C3 PCW DA . 36.51 -8.88 -13.15
C4 PCW DA . 39.59 -4.07 -13.95
C5 PCW DA . 38.98 -3.89 -15.35
C6 PCW DA . 39.61 -1.51 -15.00
C7 PCW DA . 40.39 -2.72 -17.06
C8 PCW DA . 38.94 -2.29 -17.29
C11 PCW DA . 35.25 -10.07 -14.64
C12 PCW DA . 34.39 -10.30 -15.89
C13 PCW DA . 34.25 -11.79 -16.20
C14 PCW DA . 33.50 -12.02 -17.51
C15 PCW DA . 32.06 -11.48 -17.46
C16 PCW DA . 31.24 -12.17 -16.37
C17 PCW DA . 29.78 -11.74 -16.42
C18 PCW DA . 28.98 -12.46 -15.33
C19 PCW DA . 27.61 -12.25 -15.46
C20 PCW DA . 26.74 -13.31 -15.27
C21 PCW DA . 27.26 -14.57 -14.95
C22 PCW DA . 26.47 -15.24 -13.83
C23 PCW DA . 25.07 -15.62 -14.28
C24 PCW DA . 24.27 -16.20 -13.10
C25 PCW DA . 22.93 -16.77 -13.57
C26 PCW DA . 23.14 -17.96 -14.51
C27 PCW DA . 21.80 -18.58 -14.93
C28 PCW DA . 22.03 -19.80 -15.82
C31 PCW DA . 35.38 -6.26 -13.82
C32 PCW DA . 34.13 -5.39 -13.90
C33 PCW DA . 33.15 -5.94 -14.94
C34 PCW DA . 32.72 -7.37 -14.58
C35 PCW DA . 31.77 -7.93 -15.64
C36 PCW DA . 30.46 -7.14 -15.68
C37 PCW DA . 29.56 -7.64 -16.81
C38 PCW DA . 28.24 -6.87 -16.85
C39 PCW DA . 27.51 -7.21 -17.98
C40 PCW DA . 26.41 -8.05 -17.90
C41 PCW DA . 26.00 -8.58 -16.69
C42 PCW DA . 24.67 -9.31 -16.86
C43 PCW DA . 24.18 -9.94 -15.55
C44 PCW DA . 22.84 -10.64 -15.76
C45 PCW DA . 22.34 -11.29 -14.46
C46 PCW DA . 21.00 -11.99 -14.70
C47 PCW DA . 20.50 -12.65 -13.41
C48 PCW DA . 19.17 -13.36 -13.65
N PCW DA . 39.44 -2.63 -15.94
O2 PCW DA . 35.88 -6.62 -12.61
O3 PCW DA . 35.75 -8.85 -14.36
O11 PCW DA . 35.49 -11.02 -13.88
O31 PCW DA . 35.96 -6.62 -14.85
O1P PCW DA . 40.22 -4.60 -11.24
O2P PCW DA . 40.58 -6.97 -12.12
O3P PCW DA . 38.36 -6.25 -11.19
O4P PCW DA . 39.16 -5.33 -13.41
P PCW DA . 39.70 -5.79 -11.96
C1 PCW EA . 34.89 12.81 18.68
C2 PCW EA . 33.64 12.40 19.48
C3 PCW EA . 34.08 12.03 20.89
C4 PCW EA . 35.56 16.11 17.08
C5 PCW EA . 34.95 17.44 16.65
C6 PCW EA . 34.26 19.57 17.72
C7 PCW EA . 35.76 17.99 18.97
C8 PCW EA . 36.62 18.77 17.98
C11 PCW EA . 32.52 10.36 21.07
C12 PCW EA . 31.40 9.58 21.77
C13 PCW EA . 30.91 10.33 23.01
C14 PCW EA . 29.97 9.45 23.85
C15 PCW EA . 29.51 10.20 25.09
C16 PCW EA . 28.68 9.32 26.02
C17 PCW EA . 28.12 10.13 27.18
C18 PCW EA . 29.24 10.78 28.00
C19 PCW EA . 29.99 9.85 28.70
C20 PCW EA . 30.16 9.99 30.07
C21 PCW EA . 29.57 11.08 30.72
C22 PCW EA . 30.21 11.31 32.09
C23 PCW EA . 29.56 12.50 32.80
C24 PCW EA . 28.06 12.27 33.01
C25 PCW EA . 27.42 13.46 33.72
C26 PCW EA . 25.93 13.21 34.00
C27 PCW EA . 25.16 13.02 32.68
C28 PCW EA . 23.68 12.76 32.95
C31 PCW EA . 32.09 13.62 18.30
C32 PCW EA . 31.07 14.73 18.07
C33 PCW EA . 30.47 15.27 19.38
C34 PCW EA . 31.54 15.95 20.25
C35 PCW EA . 30.89 16.64 21.44
C36 PCW EA . 31.92 17.31 22.34
C37 PCW EA . 31.23 18.11 23.44
C38 PCW EA . 32.25 18.80 24.37
C39 PCW EA . 31.59 19.62 25.27
C40 PCW EA . 31.81 19.49 26.64
C41 PCW EA . 32.68 18.53 27.14
C42 PCW EA . 32.57 18.42 28.66
C43 PCW EA . 33.55 17.39 29.20
C44 PCW EA . 33.42 17.28 30.72
C45 PCW EA . 32.02 16.85 31.13
C46 PCW EA . 31.87 16.77 32.65
C47 PCW EA . 30.46 16.31 33.04
C48 PCW EA . 30.33 16.22 34.57
N PCW EA . 35.21 18.46 17.69
O2 PCW EA . 32.69 13.49 19.51
O3 PCW EA . 33.00 11.50 21.65
O11 PCW EA . 32.97 9.99 19.99
O31 PCW EA . 32.34 12.81 17.40
O1P PCW EA . 37.00 13.59 17.07
O2P PCW EA . 35.66 12.86 15.04
O3P PCW EA . 34.58 13.02 17.30
O4P PCW EA . 35.26 15.12 16.10
P PCW EA . 35.72 13.60 16.32
C1 PCW FA . 39.85 -13.36 -7.95
C2 PCW FA . 38.74 -14.35 -7.59
C3 PCW FA . 37.80 -14.49 -8.78
C4 PCW FA . 42.65 -9.85 -7.32
C5 PCW FA . 41.91 -8.51 -7.42
C6 PCW FA . 39.92 -9.28 -8.67
C7 PCW FA . 41.11 -7.19 -9.40
C8 PCW FA . 41.88 -8.40 -9.94
C11 PCW FA . 35.95 -14.95 -7.49
C12 PCW FA . 34.73 -15.77 -7.07
C13 PCW FA . 34.74 -16.09 -5.57
C14 PCW FA . 33.53 -16.94 -5.19
C15 PCW FA . 32.22 -16.21 -5.50
C16 PCW FA . 31.02 -17.14 -5.29
C17 PCW FA . 30.95 -17.65 -3.85
C18 PCW FA . 29.76 -18.60 -3.69
C19 PCW FA . 29.66 -19.08 -2.39
C20 PCW FA . 28.44 -19.54 -1.92
C21 PCW FA . 27.32 -19.53 -2.74
C22 PCW FA . 26.13 -20.23 -2.08
C23 PCW FA . 24.90 -20.21 -2.97
C24 PCW FA . 24.47 -18.76 -3.27
C25 PCW FA . 24.09 -18.02 -1.99
C26 PCW FA . 23.68 -16.59 -2.30
C27 PCW FA . 23.30 -15.83 -1.03
C28 PCW FA . 22.13 -16.51 -0.32
C31 PCW FA . 40.09 -16.09 -8.29
C32 PCW FA . 40.84 -17.41 -8.13
C33 PCW FA . 40.02 -18.59 -8.65
C34 PCW FA . 38.72 -18.76 -7.86
C35 PCW FA . 38.01 -20.07 -8.25
C36 PCW FA . 36.75 -20.29 -7.43
C37 PCW FA . 36.10 -21.63 -7.76
C38 PCW FA . 34.86 -21.87 -6.91
C39 PCW FA . 34.34 -23.13 -7.12
C40 PCW FA . 33.20 -23.32 -7.90
C41 PCW FA . 32.55 -22.23 -8.46
C42 PCW FA . 31.67 -22.68 -9.63
C43 PCW FA . 30.95 -21.50 -10.29
C44 PCW FA . 30.05 -21.98 -11.43
C45 PCW FA . 29.33 -20.81 -12.09
C46 PCW FA . 30.34 -19.82 -12.69
C47 PCW FA . 29.62 -18.66 -13.37
C48 PCW FA . 30.63 -17.66 -13.96
N PCW FA . 41.14 -8.45 -8.67
O2 PCW FA . 39.32 -15.62 -7.27
O3 PCW FA . 36.74 -15.42 -8.50
O11 PCW FA . 36.22 -13.89 -6.94
O31 PCW FA . 40.17 -15.44 -9.33
O1P PCW FA . 43.04 -12.60 -5.99
O2P PCW FA . 42.70 -12.86 -8.50
O3P PCW FA . 40.80 -13.23 -6.90
O4P PCW FA . 41.68 -10.90 -7.27
P PCW FA . 42.17 -12.44 -7.18
C1 PCW GA . 37.77 -6.38 -25.04
C2 PCW GA . 36.32 -6.78 -24.79
C3 PCW GA . 35.45 -6.09 -25.85
C4 PCW GA . 38.05 -3.83 -27.63
C5 PCW GA . 39.33 -2.97 -27.62
C6 PCW GA . 41.30 -2.83 -29.12
C7 PCW GA . 39.08 -3.49 -30.07
C8 PCW GA . 39.07 -1.97 -29.92
C11 PCW GA . 33.82 -7.63 -26.31
C12 PCW GA . 32.41 -8.22 -26.27
C13 PCW GA . 32.44 -9.75 -26.29
C14 PCW GA . 31.02 -10.30 -26.21
C15 PCW GA . 31.01 -11.84 -26.16
C16 PCW GA . 29.60 -12.35 -25.91
C17 PCW GA . 29.04 -11.78 -24.61
C18 PCW GA . 27.62 -12.29 -24.33
C19 PCW GA . 27.15 -11.76 -23.13
C20 PCW GA . 26.18 -12.43 -22.39
C21 PCW GA . 25.69 -13.65 -22.82
C22 PCW GA . 24.42 -14.03 -22.06
C23 PCW GA . 23.85 -15.36 -22.55
C24 PCW GA . 22.60 -15.74 -21.76
C25 PCW GA . 22.02 -17.08 -22.25
C26 PCW GA . 20.78 -17.46 -21.44
C27 PCW GA . 20.19 -18.77 -21.93
C28 PCW GA . 19.80 -18.68 -23.40
C31 PCW GA . 36.93 -8.79 -23.91
C32 PCW GA . 37.04 -10.32 -23.85
C33 PCW GA . 35.74 -11.01 -24.28
C34 PCW GA . 35.93 -12.53 -24.32
C35 PCW GA . 34.63 -13.25 -24.69
C36 PCW GA . 34.86 -14.75 -24.82
C37 PCW GA . 33.56 -15.51 -25.06
C38 PCW GA . 33.83 -17.01 -25.19
C39 PCW GA . 32.64 -17.72 -25.31
C40 PCW GA . 32.07 -18.30 -24.19
C41 PCW GA . 32.71 -18.17 -22.95
C42 PCW GA . 31.83 -17.37 -21.98
C43 PCW GA . 32.57 -17.15 -20.66
C44 PCW GA . 31.69 -16.37 -19.66
C45 PCW GA . 30.46 -17.19 -19.23
C46 PCW GA . 29.58 -17.54 -20.44
C47 PCW GA . 28.35 -18.32 -20.00
C48 PCW GA . 27.46 -18.67 -21.19
N PCW GA . 39.83 -2.83 -29.00
O2 PCW GA . 36.20 -8.20 -24.90
O3 PCW GA . 34.07 -6.45 -25.68
O11 PCW GA . 34.73 -8.20 -26.92
O31 PCW GA . 37.49 -8.08 -23.07
O1P PCW GA . 40.10 -5.26 -26.25
O2P PCW GA . 40.00 -7.06 -28.05
O3P PCW GA . 38.22 -6.90 -26.28
O4P PCW GA . 38.36 -5.14 -28.06
P PCW GA . 39.29 -6.10 -27.17
C1 PCW HA . 26.05 30.39 -26.48
C2 PCW HA . 25.02 30.70 -25.38
C3 PCW HA . 24.27 31.97 -25.75
C4 PCW HA . 27.57 31.13 -23.08
C5 PCW HA . 28.99 30.64 -22.78
C6 PCW HA . 28.11 30.07 -20.53
C7 PCW HA . 29.05 28.25 -21.99
C8 PCW HA . 30.23 28.98 -21.35
C11 PCW HA . 22.41 33.21 -25.31
C12 PCW HA . 21.11 33.56 -24.58
C13 PCW HA . 20.62 32.37 -23.74
C14 PCW HA . 19.21 32.63 -23.20
C15 PCW HA . 18.73 31.45 -22.35
C16 PCW HA . 17.24 31.58 -22.04
C17 PCW HA . 16.43 31.56 -23.34
C18 PCW HA . 14.92 31.65 -23.05
C19 PCW HA . 14.20 31.65 -24.23
C20 PCW HA . 13.07 30.84 -24.36
C21 PCW HA . 12.69 30.01 -23.31
C22 PCW HA . 12.43 28.58 -23.81
C23 PCW HA . 11.30 28.56 -24.84
C24 PCW HA . 9.99 29.09 -24.26
C25 PCW HA . 8.88 29.04 -25.30
C26 PCW HA . 7.57 29.57 -24.72
C27 PCW HA . 7.71 31.02 -24.27
C28 PCW HA . 6.40 31.55 -23.68
C31 PCW HA . 23.38 29.67 -24.16
C32 PCW HA . 22.30 28.62 -23.87
C33 PCW HA . 22.09 27.70 -25.07
C34 PCW HA . 20.98 26.70 -24.77
C35 PCW HA . 21.30 25.87 -23.54
C36 PCW HA . 20.16 24.90 -23.20
C37 PCW HA . 20.51 24.06 -21.96
C38 PCW HA . 19.35 23.12 -21.60
C39 PCW HA . 19.69 22.34 -20.49
C40 PCW HA . 18.75 22.03 -19.52
C41 PCW HA . 17.44 22.50 -19.65
C42 PCW HA . 16.63 22.18 -18.39
C43 PCW HA . 15.19 22.68 -18.52
C44 PCW HA . 14.39 22.38 -17.25
C45 PCW HA . 12.94 22.86 -17.40
C46 PCW HA . 12.16 22.59 -16.11
C47 PCW HA . 10.72 23.08 -16.24
C48 PCW HA . 9.94 22.83 -14.94
N PCW HA . 28.97 29.68 -21.67
O2 PCW HA . 24.09 29.60 -25.32
O3 PCW HA . 23.14 32.15 -24.89
O11 PCW HA . 22.77 33.87 -26.27
O31 PCW HA . 23.63 30.55 -23.35
O1P PCW HA . 28.77 30.14 -25.40
O2P PCW HA . 29.20 32.55 -26.08
O3P PCW HA . 27.01 31.44 -26.59
O4P PCW HA . 27.60 32.02 -24.20
P PCW HA . 28.26 31.52 -25.58
C1 PCW IA . 33.63 8.01 9.04
C2 PCW IA . 32.82 8.19 10.32
C3 PCW IA . 33.22 7.17 11.38
C4 PCW IA . 37.05 5.73 10.45
C5 PCW IA . 37.83 6.02 11.73
C6 PCW IA . 38.98 3.91 11.13
C7 PCW IA . 40.34 5.97 11.58
C8 PCW IA . 39.94 5.38 12.94
C11 PCW IA . 32.86 6.47 13.52
C12 PCW IA . 32.23 6.52 14.91
C13 PCW IA . 33.11 7.29 15.88
C14 PCW IA . 32.37 7.55 17.20
C15 PCW IA . 31.95 6.25 17.89
C16 PCW IA . 31.16 6.55 19.16
C17 PCW IA . 30.71 5.27 19.86
C18 PCW IA . 29.91 5.58 21.12
C19 PCW IA . 29.52 4.41 21.78
C20 PCW IA . 28.23 3.91 21.60
C21 PCW IA . 27.34 4.56 20.76
C22 PCW IA . 27.26 3.86 19.40
C23 PCW IA . 26.74 2.43 19.54
C24 PCW IA . 25.31 2.40 20.09
C25 PCW IA . 24.34 3.10 19.13
C26 PCW IA . 22.90 3.03 19.66
C27 PCW IA . 21.94 3.71 18.69
C28 PCW IA . 20.50 3.66 19.22
C31 PCW IA . 32.00 9.85 11.71
C32 PCW IA . 32.04 11.21 12.39
C33 PCW IA . 32.09 12.35 11.36
C34 PCW IA . 30.75 12.52 10.64
C35 PCW IA . 29.69 13.10 11.57
C36 PCW IA . 28.38 13.38 10.82
C37 PCW IA . 27.41 14.15 11.71
C38 PCW IA . 27.02 13.35 12.96
C39 PCW IA . 26.35 14.15 13.87
C40 PCW IA . 24.97 14.25 13.87
C41 PCW IA . 24.20 13.55 12.95
C42 PCW IA . 22.74 14.02 13.02
C43 PCW IA . 21.85 13.25 12.05
C44 PCW IA . 20.40 13.73 12.16
C45 PCW IA . 19.50 12.98 11.18
C46 PCW IA . 18.05 13.49 11.28
C47 PCW IA . 17.14 12.76 10.28
C48 PCW IA . 15.71 13.27 10.37
N PCW IA . 39.08 5.24 11.76
O2 PCW IA . 32.98 9.53 10.81
O3 PCW IA . 32.48 7.37 12.58
O11 PCW IA . 33.72 5.63 13.24
O31 PCW IA . 31.08 9.06 11.92
O1P PCW IA . 37.26 8.54 10.17
O2P PCW IA . 35.23 8.58 11.70
O3P PCW IA . 34.97 8.50 9.20
O4P PCW IA . 35.84 6.48 10.44
P PCW IA . 35.87 8.08 10.46
C1 PCW JA . 40.72 -7.80 17.48
C2 PCW JA . 39.33 -7.77 16.83
C3 PCW JA . 38.30 -8.23 17.85
C4 PCW JA . 40.53 -9.22 14.45
C5 PCW JA . 39.29 -9.50 13.59
C6 PCW JA . 37.89 -8.36 11.91
C7 PCW JA . 40.07 -7.33 12.58
C8 PCW JA . 40.37 -8.44 11.57
C11 PCW JA . 36.76 -8.97 16.31
C12 PCW JA . 35.41 -9.02 15.59
C13 PCW JA . 34.46 -9.99 16.28
C14 PCW JA . 33.16 -10.16 15.49
C15 PCW JA . 32.25 -11.19 16.16
C16 PCW JA . 31.71 -10.68 17.49
C17 PCW JA . 30.57 -9.69 17.29
C18 PCW JA . 29.34 -10.40 16.70
C19 PCW JA . 28.95 -11.44 17.55
C20 PCW JA . 27.65 -11.95 17.51
C21 PCW JA . 26.70 -11.46 16.64
C22 PCW JA . 25.32 -11.45 17.30
C23 PCW JA . 24.22 -11.02 16.33
C24 PCW JA . 24.11 -12.02 15.17
C25 PCW JA . 22.95 -11.66 14.23
C26 PCW JA . 21.60 -11.79 14.93
C27 PCW JA . 21.47 -10.82 16.10
C28 PCW JA . 20.12 -10.97 16.79
C31 PCW JA . 39.88 -5.96 15.52
C32 PCW JA . 39.73 -4.55 14.95
C33 PCW JA . 39.29 -3.57 16.05
C34 PCW JA . 39.18 -2.16 15.48
C35 PCW JA . 38.73 -1.16 16.56
C36 PCW JA . 38.64 0.25 16.00
C37 PCW JA . 38.23 1.27 17.06
C38 PCW JA . 36.85 0.95 17.64
C39 PCW JA . 36.49 1.91 18.58
C40 PCW JA . 35.98 1.53 19.82
C41 PCW JA . 35.83 0.18 20.14
C42 PCW JA . 34.79 0.00 21.24
C43 PCW JA . 33.42 0.54 20.80
C44 PCW JA . 32.36 0.36 21.90
C45 PCW JA . 31.00 0.86 21.43
C46 PCW JA . 29.94 0.73 22.53
C47 PCW JA . 29.77 -0.74 22.95
C48 PCW JA . 28.74 -0.86 24.08
N PCW JA . 39.22 -8.53 12.49
O2 PCW JA . 39.00 -6.41 16.46
O3 PCW JA . 36.97 -8.10 17.32
O11 PCW JA . 37.68 -9.74 15.98
O31 PCW JA . 40.78 -6.70 15.13
O1P PCW JA . 42.91 -9.33 16.04
O2P PCW JA . 42.00 -11.41 17.19
O3P PCW JA . 41.12 -9.13 17.77
O4P PCW JA . 40.59 -10.16 15.53
P PCW JA . 41.76 -10.06 16.63
C1 PCW KA . 33.28 20.77 14.65
C2 PCW KA . 32.01 19.96 14.41
C3 PCW KA . 32.33 18.51 14.70
C4 PCW KA . 34.68 24.16 12.17
C5 PCW KA . 35.51 23.92 10.92
C6 PCW KA . 33.82 25.36 9.83
C7 PCW KA . 36.24 25.99 9.71
C8 PCW KA . 35.99 24.91 8.66
C11 PCW KA . 31.51 16.38 14.70
C12 PCW KA . 30.44 15.30 14.62
C13 PCW KA . 29.42 15.44 15.76
C14 PCW KA . 28.44 14.27 15.74
C15 PCW KA . 27.37 14.43 16.82
C16 PCW KA . 26.38 13.26 16.79
C17 PCW KA . 25.23 13.46 17.79
C18 PCW KA . 24.25 12.29 17.73
C19 PCW KA . 23.17 12.48 18.58
C20 PCW KA . 22.02 11.73 18.40
C21 PCW KA . 21.96 10.80 17.37
C22 PCW KA . 20.58 10.78 16.70
C23 PCW KA . 20.54 9.78 15.55
C24 PCW KA . 19.17 9.74 14.88
C25 PCW KA . 18.08 9.29 15.87
C26 PCW KA . 18.40 7.91 16.43
C27 PCW KA . 18.49 6.88 15.30
C28 PCW KA . 18.81 5.48 15.87
C31 PCW KA . 30.46 21.60 14.86
C32 PCW KA . 29.36 22.29 15.67
C33 PCW KA . 28.31 22.92 14.75
C34 PCW KA . 27.30 23.74 15.56
C35 PCW KA . 26.54 22.87 16.54
C36 PCW KA . 25.64 21.85 15.83
C37 PCW KA . 24.85 21.02 16.83
C38 PCW KA . 23.91 20.04 16.13
C39 PCW KA . 23.18 19.30 17.05
C40 PCW KA . 21.89 18.90 16.76
C41 PCW KA . 21.31 19.25 15.53
C42 PCW KA . 20.39 18.13 15.03
C43 PCW KA . 19.24 17.90 16.01
C44 PCW KA . 18.30 16.81 15.50
C45 PCW KA . 17.16 16.56 16.49
C46 PCW KA . 16.22 15.48 15.98
C47 PCW KA . 16.95 14.14 15.80
C48 PCW KA . 16.00 13.06 15.29
N PCW KA . 35.22 24.95 9.92
O2 PCW KA . 30.98 20.41 15.30
O3 PCW KA . 31.15 17.69 14.58
O11 PCW KA . 32.69 16.09 14.85
O31 PCW KA . 30.89 22.10 13.83
O1P PCW KA . 33.71 24.53 14.85
O2P PCW KA . 35.23 22.65 15.61
O3P PCW KA . 33.08 22.16 14.42
O4P PCW KA . 35.01 23.18 13.16
P PCW KA . 34.29 23.20 14.61
C1 PCW LA . 40.22 -13.20 -12.43
C2 PCW LA . 38.84 -13.56 -11.88
C3 PCW LA . 38.12 -12.32 -11.39
C4 PCW LA . 40.98 -9.43 -14.80
C5 PCW LA . 40.75 -8.42 -15.93
C6 PCW LA . 38.31 -8.01 -15.91
C7 PCW LA . 39.43 -8.73 -18.04
C8 PCW LA . 39.23 -9.97 -17.19
C11 PCW LA . 36.00 -11.65 -10.75
C12 PCW LA . 34.49 -11.87 -10.57
C13 PCW LA . 33.93 -12.45 -11.86
C14 PCW LA . 32.46 -12.87 -11.73
C15 PCW LA . 31.98 -13.44 -13.07
C16 PCW LA . 32.89 -14.58 -13.52
C17 PCW LA . 32.62 -14.98 -14.97
C18 PCW LA . 33.59 -16.07 -15.43
C19 PCW LA . 33.46 -16.31 -16.79
C20 PCW LA . 33.10 -17.57 -17.27
C21 PCW LA . 32.86 -18.62 -16.38
C22 PCW LA . 32.09 -19.74 -17.08
C23 PCW LA . 31.77 -20.88 -16.13
C24 PCW LA . 31.00 -21.99 -16.85
C25 PCW LA . 30.67 -23.16 -15.91
C26 PCW LA . 29.90 -24.24 -16.66
C27 PCW LA . 28.59 -23.69 -17.22
C28 PCW LA . 27.81 -24.77 -17.97
C31 PCW LA . 38.61 -15.32 -13.36
C32 PCW LA . 37.87 -16.15 -14.41
C33 PCW LA . 36.78 -17.00 -13.75
C34 PCW LA . 37.37 -17.91 -12.68
C35 PCW LA . 36.30 -18.78 -12.01
C36 PCW LA . 35.24 -17.95 -11.30
C37 PCW LA . 34.27 -18.86 -10.55
C38 PCW LA . 33.21 -18.07 -9.79
C39 PCW LA . 32.45 -18.95 -9.02
C40 PCW LA . 31.12 -18.69 -8.69
C41 PCW LA . 30.46 -17.55 -9.11
C42 PCW LA . 28.99 -17.86 -9.40
C43 PCW LA . 28.18 -16.59 -9.64
C44 PCW LA . 26.71 -16.94 -9.93
C45 PCW LA . 25.82 -15.71 -9.96
C46 PCW LA . 26.29 -14.69 -11.00
C47 PCW LA . 25.39 -13.45 -11.00
C48 PCW LA . 25.86 -12.45 -12.06
N PCW LA . 39.45 -8.66 -16.57
O2 PCW LA . 38.05 -14.16 -12.91
O3 PCW LA . 36.75 -12.69 -11.20
O11 PCW LA . 36.53 -10.57 -10.48
O31 PCW LA . 39.70 -15.69 -12.93
O1P PCW LA . 42.48 -11.53 -13.47
O2P PCW LA . 41.73 -13.16 -15.27
O3P PCW LA . 40.12 -12.32 -13.55
O4P PCW LA . 40.97 -10.76 -15.33
P PCW LA . 41.44 -12.00 -14.42
C1 PCW MA . 27.31 37.80 -10.43
C2 PCW MA . 25.99 38.22 -11.07
C3 PCW MA . 25.96 37.78 -12.52
C4 PCW MA . 26.39 41.58 -10.19
C5 PCW MA . 25.91 42.12 -11.54
C6 PCW MA . 27.92 43.54 -11.32
C7 PCW MA . 27.64 42.13 -13.38
C8 PCW MA . 26.77 43.37 -13.55
C11 PCW MA . 24.95 37.99 -14.55
C12 PCW MA . 23.90 38.44 -15.55
C13 PCW MA . 22.49 38.02 -15.12
C14 PCW MA . 21.46 38.51 -16.14
C15 PCW MA . 20.05 38.09 -15.73
C16 PCW MA . 19.01 38.65 -16.71
C17 PCW MA . 19.15 40.18 -16.83
C18 PCW MA . 18.09 40.76 -17.76
C19 PCW MA . 18.15 40.18 -19.02
C20 PCW MA . 17.02 40.20 -19.83
C21 PCW MA . 15.85 40.78 -19.36
C22 PCW MA . 14.96 41.26 -20.52
C23 PCW MA . 14.54 40.09 -21.40
C24 PCW MA . 13.60 40.55 -22.51
C25 PCW MA . 13.17 39.38 -23.39
C26 PCW MA . 12.36 38.37 -22.57
C27 PCW MA . 11.93 37.18 -23.44
C28 PCW MA . 11.12 36.17 -22.62
C31 PCW MA . 23.73 38.29 -10.53
C32 PCW MA . 22.48 37.75 -9.81
C33 PCW MA . 21.65 38.86 -9.17
C34 PCW MA . 20.96 39.72 -10.21
C35 PCW MA . 20.00 40.71 -9.54
C36 PCW MA . 19.18 41.49 -10.58
C37 PCW MA . 18.15 42.39 -9.89
C38 PCW MA . 17.29 43.11 -10.92
C39 PCW MA . 16.31 43.89 -10.29
C40 PCW MA . 15.25 43.27 -9.65
C41 PCW MA . 15.12 41.89 -9.65
C42 PCW MA . 14.08 41.41 -10.67
C43 PCW MA . 14.00 39.88 -10.70
C44 PCW MA . 12.98 39.40 -11.72
C45 PCW MA . 12.91 37.87 -11.72
C46 PCW MA . 11.88 37.36 -12.75
C47 PCW MA . 10.49 37.91 -12.45
C48 PCW MA . 9.47 37.40 -13.48
N PCW MA . 27.02 42.79 -12.21
O2 PCW MA . 24.91 37.65 -10.32
O3 PCW MA . 24.82 38.29 -13.23
O11 PCW MA . 25.95 37.36 -14.91
O31 PCW MA . 23.67 39.30 -11.25
O1P PCW MA . 27.75 40.58 -7.90
O2P PCW MA . 29.61 39.78 -9.42
O3P PCW MA . 27.51 38.46 -9.17
O4P PCW MA . 27.46 40.66 -10.40
P PCW MA . 28.17 39.93 -9.15
C1 PCW NA . 29.43 34.44 -5.51
C2 PCW NA . 29.06 33.46 -4.39
C3 PCW NA . 30.34 32.87 -3.84
C4 PCW NA . 28.16 38.23 -5.90
C5 PCW NA . 27.19 39.36 -5.58
C6 PCW NA . 28.74 41.27 -5.40
C7 PCW NA . 27.08 40.88 -3.56
C8 PCW NA . 28.24 39.90 -3.36
C11 PCW NA . 29.73 32.27 -1.70
C12 PCW NA . 29.38 31.26 -0.59
C13 PCW NA . 30.65 30.75 0.08
C14 PCW NA . 30.37 29.53 0.96
C15 PCW NA . 31.67 28.99 1.56
C16 PCW NA . 32.21 29.91 2.65
C17 PCW NA . 31.46 29.70 3.97
C18 PCW NA . 29.95 29.86 3.81
C19 PCW NA . 29.30 29.60 5.01
C20 PCW NA . 28.00 29.09 5.03
C21 PCW NA . 27.31 28.85 3.85
C22 PCW NA . 25.81 29.04 4.06
C23 PCW NA . 25.27 28.09 5.13
C24 PCW NA . 23.77 28.30 5.34
C25 PCW NA . 23.22 27.33 6.39
C26 PCW NA . 23.91 27.53 7.74
C27 PCW NA . 23.36 26.57 8.79
C28 PCW NA . 24.06 26.76 10.14
C31 PCW NA . 27.08 34.45 -3.74
C32 PCW NA . 26.18 35.23 -2.78
C33 PCW NA . 24.69 34.94 -3.00
C34 PCW NA . 24.39 33.45 -2.84
C35 PCW NA . 22.88 33.20 -2.78
C36 PCW NA . 22.30 33.92 -1.55
C37 PCW NA . 20.80 33.68 -1.41
C38 PCW NA . 20.02 34.27 -2.60
C39 PCW NA . 18.65 34.18 -2.39
C40 PCW NA . 17.98 32.98 -2.61
C41 PCW NA . 18.67 31.85 -3.05
C42 PCW NA . 17.92 30.58 -2.67
C43 PCW NA . 17.83 30.40 -1.16
C44 PCW NA . 17.01 29.16 -0.80
C45 PCW NA . 17.59 27.91 -1.45
C46 PCW NA . 19.05 27.69 -1.03
C47 PCW NA . 19.62 26.41 -1.65
C48 PCW NA . 21.06 26.18 -1.19
N PCW NA . 27.85 40.34 -4.70
O2 PCW NA . 28.35 34.16 -3.35
O3 PCW NA . 30.05 31.79 -2.93
O11 PCW NA . 29.76 33.47 -1.48
O31 PCW NA . 26.65 34.06 -4.83
O1P PCW NA . 29.84 36.44 -7.40
O2P PCW NA . 27.78 35.53 -8.57
O3P PCW NA . 28.27 34.95 -6.17
O4P PCW NA . 27.55 37.29 -6.79
P PCW NA . 28.41 36.06 -7.34
C1 PCW OA . 36.60 3.30 -12.95
C2 PCW OA . 36.14 2.33 -11.88
C3 PCW OA . 34.71 2.70 -11.48
C4 PCW OA . 39.48 6.35 -13.39
C5 PCW OA . 40.52 6.64 -12.31
C6 PCW OA . 41.79 8.59 -11.43
C7 PCW OA . 39.78 8.98 -12.89
C8 PCW OA . 39.28 8.67 -11.48
C11 PCW OA . 32.84 1.71 -10.59
C12 PCW OA . 32.06 0.66 -9.81
C13 PCW OA . 31.20 -0.16 -10.77
C14 PCW OA . 30.43 -1.26 -10.02
C15 PCW OA . 29.55 -2.06 -10.96
C16 PCW OA . 28.77 -3.14 -10.22
C17 PCW OA . 27.88 -2.53 -9.13
C18 PCW OA . 26.86 -1.55 -9.73
C19 PCW OA . 26.00 -2.21 -10.59
C20 PCW OA . 24.67 -2.39 -10.23
C21 PCW OA . 24.22 -1.93 -9.00
C22 PCW OA . 24.28 -3.02 -7.94
C23 PCW OA . 23.41 -4.23 -8.34
C24 PCW OA . 23.48 -5.32 -7.28
C25 PCW OA . 23.01 -4.81 -5.92
C26 PCW OA . 23.03 -5.92 -4.87
C27 PCW OA . 24.45 -6.48 -4.68
C28 PCW OA . 24.48 -7.59 -3.63
C31 PCW OA . 37.29 0.44 -12.55
C32 PCW OA . 37.38 -1.00 -13.08
C33 PCW OA . 37.50 -1.99 -11.94
C34 PCW OA . 36.97 -3.37 -12.35
C35 PCW OA . 35.47 -3.30 -12.63
C36 PCW OA . 35.17 -2.37 -13.81
C37 PCW OA . 33.66 -2.11 -13.94
C38 PCW OA . 33.38 -1.16 -15.10
C39 PCW OA . 32.05 -0.75 -15.10
C40 PCW OA . 31.14 -1.27 -16.02
C41 PCW OA . 31.54 -2.21 -16.96
C42 PCW OA . 30.31 -2.85 -17.61
C43 PCW OA . 30.71 -3.92 -18.64
C44 PCW OA . 29.46 -4.53 -19.26
C45 PCW OA . 29.81 -5.59 -20.29
C46 PCW OA . 28.55 -6.22 -20.89
C47 PCW OA . 28.90 -7.27 -21.94
C48 PCW OA . 27.64 -7.91 -22.54
N PCW OA . 40.52 8.08 -12.00
O2 PCW OA . 36.06 1.00 -12.42
O3 PCW OA . 34.20 1.62 -10.69
O11 PCW OA . 32.26 2.65 -11.13
O31 PCW OA . 38.30 1.05 -12.22
O1P PCW OA . 38.61 4.50 -11.44
O2P PCW OA . 40.32 2.93 -12.48
O3P PCW OA . 37.95 3.05 -13.36
O4P PCW OA . 39.53 4.96 -13.74
P PCW OA . 39.16 3.84 -12.65
C1 PCW PA . 39.67 2.21 -25.54
C2 PCW PA . 38.94 1.89 -24.22
C3 PCW PA . 39.15 3.05 -23.27
C4 PCW PA . 40.42 -1.21 -24.31
C5 PCW PA . 40.80 -1.38 -22.84
C6 PCW PA . 38.52 -2.34 -22.70
C7 PCW PA . 40.49 -3.67 -21.87
C8 PCW PA . 40.12 -2.65 -20.78
C11 PCW PA . 38.53 1.82 -21.41
C12 PCW PA . 37.66 1.54 -20.17
C13 PCW PA . 38.51 0.95 -19.04
C14 PCW PA . 37.69 0.75 -17.77
C15 PCW PA . 37.13 2.09 -17.27
C16 PCW PA . 36.49 1.94 -15.89
C17 PCW PA . 35.30 0.99 -15.90
C18 PCW PA . 34.11 1.55 -16.67
C19 PCW PA . 34.39 1.73 -18.01
C20 PCW PA . 33.37 1.65 -18.94
C21 PCW PA . 32.06 1.39 -18.52
C22 PCW PA . 31.03 2.04 -19.45
C23 PCW PA . 29.61 1.74 -18.97
C24 PCW PA . 29.37 0.23 -18.88
C25 PCW PA . 27.94 -0.07 -18.39
C26 PCW PA . 27.69 -1.57 -18.31
C27 PCW PA . 26.29 -1.88 -17.79
C28 PCW PA . 26.06 -3.38 -17.67
C31 PCW PA . 37.22 0.61 -25.12
C32 PCW PA . 35.74 0.33 -25.43
C33 PCW PA . 35.11 -0.54 -24.34
C34 PCW PA . 33.59 -0.49 -24.42
C35 PCW PA . 33.10 0.94 -24.19
C36 PCW PA . 31.57 1.05 -24.23
C37 PCW PA . 31.15 2.49 -23.94
C38 PCW PA . 29.62 2.65 -23.97
C39 PCW PA . 29.28 3.97 -23.69
C40 PCW PA . 28.01 4.46 -24.00
C41 PCW PA . 27.06 3.66 -24.59
C42 PCW PA . 25.81 3.56 -23.71
C43 PCW PA . 24.71 2.75 -24.40
C44 PCW PA . 23.48 2.64 -23.48
C45 PCW PA . 22.97 4.02 -23.08
C46 PCW PA . 21.82 3.92 -22.08
C47 PCW PA . 21.32 5.31 -21.69
C48 PCW PA . 20.17 5.21 -20.69
N PCW PA . 39.91 -2.36 -22.21
O2 PCW PA . 37.53 1.76 -24.48
O3 PCW PA . 38.27 2.95 -22.15
O11 PCW PA . 39.44 1.08 -21.73
O31 PCW PA . 38.09 -0.18 -25.46
O1P PCW PA . 40.81 -1.01 -27.26
O2P PCW PA . 42.19 1.08 -26.85
O3P PCW PA . 39.73 1.08 -26.42
O4P PCW PA . 41.27 -0.21 -24.91
P PCW PA . 41.07 0.20 -26.45
C1 PCW QA . 39.16 5.12 -27.40
C2 PCW QA . 37.64 5.10 -27.53
C3 PCW QA . 37.01 5.15 -26.14
C4 PCW QA . 38.09 9.06 -25.75
C5 PCW QA . 36.65 9.41 -25.33
C6 PCW QA . 37.70 9.84 -23.13
C7 PCW QA . 36.32 11.63 -24.22
C8 PCW QA . 35.37 10.64 -23.57
C11 PCW QA . 35.03 5.45 -25.05
C12 PCW QA . 33.51 5.60 -24.91
C13 PCW QA . 33.17 6.75 -23.97
C14 PCW QA . 31.67 7.02 -23.92
C15 PCW QA . 31.40 8.18 -22.97
C16 PCW QA . 31.85 7.84 -21.55
C17 PCW QA . 31.79 9.06 -20.63
C18 PCW QA . 32.76 10.15 -21.13
C19 PCW QA . 32.74 11.27 -20.30
C20 PCW QA . 32.75 12.54 -20.86
C21 PCW QA . 32.80 12.68 -22.24
C22 PCW QA . 31.68 13.61 -22.73
C23 PCW QA . 30.31 13.11 -22.26
C24 PCW QA . 29.19 14.00 -22.80
C25 PCW QA . 27.83 13.61 -22.22
C26 PCW QA . 27.77 13.89 -20.72
C27 PCW QA . 28.82 13.12 -19.94
C28 PCW QA . 28.74 13.44 -18.45
C31 PCW QA . 35.95 5.94 -28.78
C32 PCW QA . 35.19 6.99 -29.60
C33 PCW QA . 33.77 6.51 -29.87
C34 PCW QA . 32.96 6.38 -28.58
C35 PCW QA . 31.71 5.54 -28.82
C36 PCW QA . 32.12 4.11 -29.18
C37 PCW QA . 30.93 3.21 -29.51
C38 PCW QA . 29.95 3.06 -28.35
C39 PCW QA . 29.09 1.99 -28.60
C40 PCW QA . 27.71 2.09 -28.42
C41 PCW QA . 27.09 3.25 -27.99
C42 PCW QA . 25.79 3.45 -28.76
C43 PCW QA . 24.93 4.56 -28.15
C44 PCW QA . 23.65 4.73 -28.98
C45 PCW QA . 22.67 5.71 -28.32
C46 PCW QA . 22.18 5.14 -26.97
C47 PCW QA . 21.18 6.10 -26.32
C48 PCW QA . 20.68 5.54 -24.99
N PCW QA . 36.66 10.21 -24.10
O2 PCW QA . 37.19 6.22 -28.30
O3 PCW QA . 35.59 5.23 -26.26
O11 PCW QA . 35.75 5.55 -24.06
O31 PCW QA . 35.46 4.83 -28.59
O1P PCW QA . 40.56 8.61 -27.16
O2P PCW QA . 39.24 7.45 -29.01
O3P PCW QA . 39.63 6.32 -26.81
O4P PCW QA . 38.07 8.28 -26.94
P PCW QA . 39.44 7.72 -27.56
C1 PCW RA . 33.22 22.30 21.49
C2 PCW RA . 31.98 22.29 20.59
C3 PCW RA . 31.82 20.90 19.99
C4 PCW RA . 33.86 23.99 17.54
C5 PCW RA . 33.26 25.18 18.30
C6 PCW RA . 31.86 26.32 16.60
C7 PCW RA . 33.66 27.61 17.80
C8 PCW RA . 34.33 26.79 16.68
C11 PCW RA . 30.37 19.61 18.76
C12 PCW RA . 29.10 19.33 17.98
C13 PCW RA . 28.94 17.85 17.67
C14 PCW RA . 27.62 17.58 16.94
C15 PCW RA . 27.54 18.45 15.68
C16 PCW RA . 26.20 18.27 14.95
C17 PCW RA . 26.11 19.21 13.76
C18 PCW RA . 24.77 19.12 13.04
C19 PCW RA . 24.71 20.02 11.99
C20 PCW RA . 23.60 20.10 11.16
C21 PCW RA . 22.50 19.27 11.34
C22 PCW RA . 22.83 17.81 11.02
C23 PCW RA . 21.57 16.95 11.07
C24 PCW RA . 20.58 17.38 9.99
C25 PCW RA . 19.28 16.57 10.08
C26 PCW RA . 18.54 16.84 11.38
C27 PCW RA . 18.20 18.33 11.53
C28 PCW RA . 17.46 18.60 12.84
C31 PCW RA . 30.76 23.90 21.68
C32 PCW RA . 29.65 24.41 22.60
C33 PCW RA . 28.58 23.36 22.82
C34 PCW RA . 27.60 23.26 21.64
C35 PCW RA . 26.72 24.51 21.57
C36 PCW RA . 25.63 24.35 20.51
C37 PCW RA . 24.64 25.52 20.58
C38 PCW RA . 23.48 25.33 19.59
C39 PCW RA . 22.55 26.35 19.73
C40 PCW RA . 21.19 26.06 19.66
C41 PCW RA . 20.75 24.76 19.44
C42 PCW RA . 21.20 23.82 20.57
C43 PCW RA . 20.61 24.24 21.92
C44 PCW RA . 21.09 23.31 23.04
C45 PCW RA . 20.50 23.73 24.38
C46 PCW RA . 18.97 23.68 24.36
C47 PCW RA . 18.46 22.27 24.03
C48 PCW RA . 16.93 22.23 24.04
N PCW RA . 33.11 26.31 17.37
O2 PCW RA . 30.82 22.56 21.40
O3 PCW RA . 30.58 20.85 19.27
O11 PCW RA . 31.22 18.73 18.94
O31 PCW RA . 31.59 24.66 21.18
O1P PCW RA . 34.83 24.39 20.32
O2P PCW RA . 36.38 22.61 19.34
O3P PCW RA . 34.40 21.98 20.75
O4P PCW RA . 34.04 22.89 18.44
P PCW RA . 35.01 23.04 19.72
C1 17F SA . 28.32 16.93 -38.64
N1 17F SA . 29.24 14.82 -37.81
O1 17F SA . 28.65 19.70 -38.17
P1 17F SA . 28.10 18.98 -36.99
C2 17F SA . 28.24 15.41 -38.71
O2 17F SA . 28.73 19.20 -35.67
C3 17F SA . 28.52 14.95 -40.15
O3 17F SA . 28.07 17.40 -37.31
C4 17F SA . 25.86 19.26 -35.63
O4 17F SA . 29.65 14.48 -40.39
C5 17F SA . 24.41 19.74 -35.76
O5 17F SA . 27.60 15.11 -40.98
C6 17F SA . 23.69 18.90 -36.80
O6 17F SA . 26.54 19.36 -36.89
C7 17F SA . 22.27 20.45 -37.74
O7 17F SA . 22.33 19.35 -36.94
C8 17F SA . 20.91 21.11 -37.98
O8 17F SA . 23.28 20.87 -38.28
C9 17F SA . 19.79 20.08 -38.01
O9 17F SA . 23.75 19.59 -34.49
C10 17F SA . 18.42 20.74 -38.16
O10 17F SA . 22.43 21.20 -35.32
C11 17F SA . 17.31 19.68 -38.24
C12 17F SA . 15.93 20.33 -38.35
C17 17F SA . 22.67 20.41 -34.41
C18 17F SA . 21.79 20.37 -33.15
C19 17F SA . 20.47 19.64 -33.45
C20 17F SA . 20.73 18.22 -33.96
C1X 17F SA . 14.84 19.27 -38.45
C1Y 17F SA . 19.42 17.50 -34.31
C1Z 17F SA . 18.57 17.23 -33.07
C2X 17F SA . 13.45 19.91 -38.51
C21 17F SA . 13.19 20.65 -37.37
C22 17F SA . 11.92 20.69 -36.82
C23 17F SA . 10.88 19.98 -37.42
C24 17F SA . 9.76 19.70 -36.43
C25 17F SA . 8.61 18.93 -37.11
C26 17F SA . 7.47 18.68 -36.12
C27 17F SA . 6.32 17.94 -36.81
C28 17F SA . 5.17 17.69 -35.82
C29 17F SA . 4.02 16.94 -36.50
C30 17F SA . 2.88 16.69 -35.51
C31 17F SA . 18.16 18.52 -32.37
C32 17F SA . 17.27 18.23 -31.16
C33 17F SA . 16.12 17.57 -31.54
C34 17F SA . 15.30 16.96 -30.60
C35 17F SA . 15.62 17.03 -29.25
C36 17F SA . 15.00 18.26 -28.59
C37 17F SA . 15.33 18.32 -27.10
C38 17F SA . 14.72 19.57 -26.47
C39 17F SA . 15.04 19.64 -24.97
C40 17F SA . 14.44 20.90 -24.33
C41 17F SA . 12.93 20.94 -24.49
C42 17F SA . 12.34 22.20 -23.86
HN1 17F SA . 28.96 15.28 -36.97
HN1A 17F SA . 30.17 15.16 -37.82
HAC 17F SA . 29.03 13.89 -37.51
C1 17F TA . 31.54 24.37 -32.82
N1 17F TA . 33.76 25.24 -33.39
O1 17F TA . 30.14 21.88 -33.65
P1 17F TA . 30.06 23.04 -34.55
C2 17F TA . 32.50 25.55 -32.71
O2 17F TA . 30.05 22.80 -36.01
C3 17F TA . 32.77 25.87 -31.24
O3 17F TA . 31.22 24.09 -34.19
C4 17F TA . 28.66 25.27 -34.39
O4 17F TA . 33.07 27.04 -30.95
C5 17F TA . 27.32 25.83 -33.93
O5 17F TA . 32.63 24.93 -30.42
C6 17F TA . 27.30 27.34 -34.11
O6 17F TA . 28.73 23.86 -34.15
C7 17F TA . 25.85 29.14 -34.06
O7 17F TA . 25.97 27.80 -33.85
C8 17F TA . 24.47 29.78 -33.86
O8 17F TA . 26.82 29.81 -34.39
C9 17F TA . 23.39 28.70 -33.93
O9 17F TA . 26.25 25.27 -34.71
C10 17F TA . 21.99 29.27 -33.66
O10 17F TA . 25.07 25.99 -32.95
C11 17F TA . 20.96 28.15 -33.70
C12 17F TA . 19.55 28.66 -33.36
C17 17F TA . 25.07 25.48 -34.07
C18 17F TA . 23.76 25.07 -34.74
C19 17F TA . 23.84 25.25 -36.25
C20 17F TA . 22.47 25.11 -36.92
C1X 17F TA . 18.55 27.51 -33.34
C1Y 17F TA . 22.56 25.30 -38.42
C1Z 17F TA . 21.19 25.31 -39.07
C2X 17F TA . 17.14 28.00 -33.00
C21 17F TA . 17.12 28.59 -31.75
C22 17F TA . 17.11 27.81 -30.60
C23 17F TA . 17.12 26.42 -30.68
C24 17F TA . 16.40 25.81 -29.47
C25 17F TA . 16.40 24.28 -29.56
C26 17F TA . 17.85 23.73 -29.54
C27 17F TA . 17.85 22.21 -29.63
C28 17F TA . 19.28 21.67 -29.63
C29 17F TA . 19.30 20.15 -29.71
C30 17F TA . 20.74 19.63 -29.75
C31 17F TA . 20.38 26.53 -38.59
C32 17F TA . 18.99 26.56 -39.23
C33 17F TA . 18.29 27.68 -38.82
C34 17F TA . 16.93 27.60 -38.51
C35 17F TA . 16.26 26.38 -38.61
C36 17F TA . 15.26 26.40 -39.76
C37 17F TA . 14.55 25.06 -39.88
C38 17F TA . 13.52 25.07 -41.01
C39 17F TA . 12.82 23.72 -41.13
C40 17F TA . 12.10 23.35 -39.83
C41 17F TA . 11.39 22.00 -39.95
C42 17F TA . 10.35 22.01 -41.07
HN1 17F TA . 34.38 26.01 -33.34
HN1A 17F TA . 34.19 24.44 -32.96
HAC 17F TA . 33.58 25.01 -34.35
C1 17F UA . 42.17 -11.44 2.20
N1 17F UA . 41.24 -11.00 -0.03
O1 17F UA . 42.29 -14.93 2.02
P1 17F UA . 42.30 -13.91 3.10
C2 17F UA . 41.34 -10.47 1.35
O2 17F UA . 43.50 -13.14 3.51
C3 17F UA . 42.03 -9.10 1.32
O3 17F UA . 41.59 -12.74 2.24
C4 17F UA . 40.93 -12.85 5.10
O4 17F UA . 41.29 -8.10 1.46
C5 17F UA . 39.80 -13.16 6.07
O5 17F UA . 43.26 -9.09 1.16
C6 17F UA . 39.52 -11.95 6.95
O6 17F UA . 41.10 -13.93 4.17
C7 17F UA . 38.83 -13.29 8.66
O7 17F UA . 38.44 -12.28 7.83
C8 17F UA . 37.83 -13.89 9.65
O8 17F UA . 39.98 -13.69 8.61
C9 17F UA . 38.01 -15.41 9.70
O9 17F UA . 38.60 -13.46 5.34
C10 17F UA . 37.00 -16.08 10.63
O10 17F UA . 39.64 -15.43 5.07
C11 17F UA . 37.20 -17.59 10.63
C12 17F UA . 36.18 -18.31 11.51
C17 17F UA . 38.66 -14.72 4.83
C18 17F UA . 37.51 -15.25 3.98
C19 17F UA . 38.01 -15.95 2.72
C20 17F UA . 38.81 -17.20 3.08
C1X 17F UA . 36.43 -19.82 11.49
C1Y 17F UA . 39.37 -17.87 1.82
C1Z 17F UA . 40.07 -19.18 2.17
C2X 17F UA . 35.39 -20.58 12.31
C21 17F UA . 34.11 -20.38 11.78
C22 17F UA . 33.27 -21.46 11.53
C23 17F UA . 33.69 -22.76 11.80
C24 17F UA . 32.61 -23.51 12.58
C25 17F UA . 33.04 -24.96 12.84
C26 17F UA . 34.32 -25.03 13.67
C27 17F UA . 34.72 -26.49 13.93
C28 17F UA . 35.99 -26.56 14.77
C29 17F UA . 37.17 -25.87 14.06
C30 17F UA . 38.44 -25.98 14.91
C31 17F UA . 39.08 -20.16 2.81
C32 17F UA . 39.74 -21.50 3.14
C33 17F UA . 38.83 -22.37 3.73
C34 17F UA . 39.21 -23.67 4.05
C35 17F UA . 40.48 -24.11 3.79
C36 17F UA . 40.45 -25.52 3.17
C37 17F UA . 39.70 -26.49 4.08
C38 17F UA . 39.65 -27.89 3.47
C39 17F UA . 38.85 -28.84 4.37
C40 17F UA . 39.47 -28.93 5.76
C41 17F UA . 38.64 -29.84 6.67
C42 17F UA . 38.56 -31.26 6.11
HN1 17F UA . 40.68 -10.39 -0.58
HN1A 17F UA . 42.16 -11.07 -0.41
HAC 17F UA . 40.83 -11.92 0.00
C1 17F VA . 35.07 34.75 5.13
N1 17F VA . 34.78 36.94 6.18
O1 17F VA . 35.93 31.98 7.58
P1 17F VA . 35.03 32.51 6.52
C2 17F VA . 35.55 36.19 5.18
O2 17F VA . 35.11 31.90 5.17
C3 17F VA . 35.39 36.84 3.81
O3 17F VA . 35.23 34.10 6.40
C4 17F VA . 32.44 32.98 6.32
O4 17F VA . 34.33 37.47 3.59
C5 17F VA . 31.09 32.41 6.75
O5 17F VA . 36.31 36.68 2.99
C6 17F VA . 30.93 32.49 8.26
O6 17F VA . 33.52 32.37 7.04
C7 17F VA . 29.75 31.59 10.02
O7 17F VA . 29.72 31.84 8.68
C8 17F VA . 28.58 30.87 10.67
O8 17F VA . 30.72 31.95 10.69
C9 17F VA . 28.69 30.88 12.20
O9 17F VA . 30.03 33.09 6.07
C10 17F VA . 27.50 30.14 12.85
O10 17F VA . 28.87 31.30 6.79
C11 17F VA . 27.46 28.69 12.38
C12 17F VA . 26.28 27.93 13.01
C17 17F VA . 28.89 32.37 6.17
C18 17F VA . 27.60 32.88 5.52
C19 17F VA . 27.44 32.33 4.10
C20 17F VA . 26.05 32.63 3.54
C1X 17F VA . 26.28 26.46 12.57
C1Y 17F VA . 25.88 32.07 2.12
C1Z 17F VA . 24.45 32.25 1.62
C2X 17F VA . 25.12 25.70 13.19
C21 17F VA . 25.11 24.37 12.77
C22 17F VA . 23.95 23.62 12.84
C23 17F VA . 22.77 24.17 13.33
C24 17F VA . 21.85 23.09 13.91
C25 17F VA . 20.54 23.69 14.42
C26 17F VA . 19.65 22.62 15.04
C27 17F VA . 18.35 23.23 15.58
C28 17F VA . 17.46 22.15 16.20
C29 17F VA . 17.09 21.10 15.16
C30 17F VA . 16.18 20.01 15.76
C31 17F VA . 24.02 33.71 1.67
C32 17F VA . 22.56 33.86 1.26
C33 17F VA . 22.16 35.19 1.32
C34 17F VA . 20.81 35.50 1.52
C35 17F VA . 19.88 34.49 1.64
C36 17F VA . 18.61 35.00 2.35
C37 17F VA . 17.57 33.89 2.48
C38 17F VA . 16.30 34.40 3.17
C39 17F VA . 15.25 33.31 3.29
C40 17F VA . 13.97 33.85 3.92
C41 17F VA . 12.90 32.76 4.02
C42 17F VA . 12.55 32.21 2.63
HN1 17F VA . 35.09 37.89 6.21
HN1A 17F VA . 33.81 36.91 5.93
HAC 17F VA . 34.89 36.52 7.08
C1 17F WA . 35.14 29.98 -2.11
N1 17F WA . 36.84 28.72 -3.38
O1 17F WA . 32.75 30.90 -4.61
P1 17F WA . 32.80 30.41 -3.22
C2 17F WA . 36.31 28.97 -2.03
O2 17F WA . 32.72 31.41 -2.13
C3 17F WA . 35.82 27.67 -1.40
O3 17F WA . 34.12 29.52 -3.01
C4 17F WA . 31.50 28.60 -1.81
O4 17F WA . 35.28 26.82 -2.14
C5 17F WA . 30.33 27.61 -1.86
O5 17F WA . 36.01 27.54 -0.17
C6 17F WA . 30.35 26.79 -0.57
O6 17F WA . 31.62 29.34 -3.02
C7 17F WA . 28.10 26.56 -0.21
O7 17F WA . 29.23 25.89 -0.55
C8 17F WA . 26.76 25.81 -0.14
O8 17F WA . 28.15 27.77 0.07
C9 17F WA . 25.65 26.60 -0.85
O9 17F WA . 29.07 28.30 -1.96
C10 17F WA . 24.32 25.84 -0.80
O10 17F WA . 29.68 28.48 -4.12
C11 17F WA . 24.45 24.47 -1.47
C12 17F WA . 23.10 23.73 -1.46
C17 17F WA . 28.84 28.70 -3.24
C18 17F WA . 27.53 29.42 -3.57
C19 17F WA . 26.37 28.82 -2.77
C20 17F WA . 25.04 29.48 -3.12
C1X 17F WA . 23.24 22.34 -2.06
C1Y 17F WA . 23.91 28.91 -2.26
C1Z 17F WA . 22.55 29.49 -2.66
C2X 17F WA . 21.89 21.61 -2.07
C21 17F WA . 20.98 22.28 -2.88
C22 17F WA . 21.06 22.17 -4.26
C23 17F WA . 22.06 21.37 -4.83
C24 17F WA . 22.41 21.85 -6.24
C25 17F WA . 23.50 20.97 -6.86
C26 17F WA . 23.83 21.44 -8.28
C27 17F WA . 24.92 20.57 -8.90
C28 17F WA . 25.22 21.01 -10.34
C29 17F WA . 23.98 20.86 -11.23
C30 17F WA . 24.29 21.27 -12.67
C31 17F WA . 22.21 29.15 -4.12
C32 17F WA . 20.80 29.63 -4.47
C33 17F WA . 20.50 29.35 -5.81
C34 17F WA . 19.20 29.13 -6.22
C35 17F WA . 18.15 29.17 -5.31
C36 17F WA . 16.84 29.63 -5.97
C37 17F WA . 15.70 29.68 -4.96
C38 17F WA . 14.39 30.10 -5.64
C39 17F WA . 13.23 30.12 -4.64
C40 17F WA . 13.48 31.12 -3.52
C41 17F WA . 12.31 31.14 -2.53
C42 17F WA . 12.08 29.76 -1.91
HN1 17F WA . 37.18 29.59 -3.77
HN1A 17F WA . 37.59 28.07 -3.32
HAC 17F WA . 36.12 28.36 -3.97
C1 17F XA . 28.69 36.00 -20.98
N1 17F XA . 30.15 34.50 -19.70
O1 17F XA . 27.89 38.71 -20.81
P1 17F XA . 27.37 37.88 -19.69
C2 17F XA . 29.24 34.57 -20.85
O2 17F XA . 27.52 38.38 -18.31
C3 17F XA . 29.98 34.20 -22.13
O3 17F XA . 28.01 36.40 -19.79
C4 17F XA . 24.94 37.33 -18.88
O4 17F XA . 30.72 33.19 -22.09
C5 17F XA . 23.48 37.20 -19.35
O5 17F XA . 29.81 34.93 -23.14
C6 17F XA . 23.36 36.12 -20.40
O6 17F XA . 25.81 37.62 -19.97
C7 17F XA . 21.50 37.16 -21.29
O7 17F XA . 21.99 35.99 -20.81
C8 17F XA . 20.05 37.21 -21.78
O8 17F XA . 22.21 38.16 -21.32
C9 17F XA . 19.14 36.40 -20.86
O9 17F XA . 22.64 36.93 -18.22
C10 17F XA . 17.69 36.40 -21.34
O10 17F XA . 23.84 35.04 -18.13
C11 17F XA . 16.81 35.59 -20.41
C12 17F XA . 15.36 35.52 -20.92
C17 17F XA . 22.95 35.73 -17.65
C18 17F XA . 22.17 35.29 -16.41
C19 17F XA . 21.49 33.93 -16.62
C20 17F XA . 20.63 33.60 -15.39
C1X 17F XA . 14.48 34.73 -19.96
C1Y 17F XA . 19.99 32.22 -15.51
C1Z 17F XA . 19.08 31.96 -14.29
C2X 17F XA . 13.05 34.64 -20.48
C21 17F XA . 13.01 33.99 -21.72
C22 17F XA . 12.14 32.93 -21.92
C23 17F XA . 11.31 32.50 -20.90
C24 17F XA . 10.11 31.72 -21.45
C25 17F XA . 9.18 31.27 -20.33
C26 17F XA . 7.97 30.51 -20.90
C27 17F XA . 7.02 30.07 -19.78
C28 17F XA . 5.83 29.30 -20.35
C29 17F XA . 4.87 28.90 -19.23
C30 17F XA . 3.65 28.14 -19.78
C31 17F XA . 18.50 30.55 -14.30
C32 17F XA . 17.57 30.36 -13.10
C33 17F XA . 17.10 29.06 -13.01
C34 17F XA . 15.78 28.81 -12.64
C35 17F XA . 14.92 29.86 -12.37
C36 17F XA . 15.02 30.32 -10.91
C37 17F XA . 16.41 30.91 -10.60
C38 17F XA . 16.48 31.44 -9.17
C39 17F XA . 17.86 32.06 -8.89
C40 17F XA . 17.94 32.61 -7.47
C41 17F XA . 19.30 33.24 -7.20
C42 17F XA . 19.38 33.80 -5.78
HN1 17F XA . 29.51 34.74 -18.99
HN1A 17F XA . 30.79 35.26 -19.54
HAC 17F XA . 30.36 33.57 -19.38
C1 PCW YA . 2.93 7.42 6.40
C2 PCW YA . 3.96 8.38 5.81
C3 PCW YA . 3.49 9.82 5.94
C4 PCW YA . -0.07 7.49 8.59
C5 PCW YA . -1.14 6.59 9.22
C6 PCW YA . -1.22 7.41 11.56
C7 PCW YA . -0.85 4.96 11.13
C8 PCW YA . 0.48 5.68 10.92
C11 PCW YA . 4.29 11.96 5.71
C12 PCW YA . 5.33 13.03 5.35
C13 PCW YA . 5.98 13.58 6.63
C14 PCW YA . 7.06 14.61 6.32
C15 PCW YA . 8.23 13.99 5.54
C16 PCW YA . 9.34 15.01 5.33
C17 PCW YA . 10.53 14.42 4.59
C18 PCW YA . 11.65 15.44 4.44
C19 PCW YA . 12.72 14.93 3.73
C20 PCW YA . 13.99 14.92 4.29
C21 PCW YA . 14.22 15.43 5.55
C22 PCW YA . 14.16 16.96 5.56
C23 PCW YA . 14.48 17.50 6.95
C24 PCW YA . 14.38 19.03 6.99
C25 PCW YA . 12.96 19.50 6.67
C26 PCW YA . 12.85 21.02 6.75
C27 PCW YA . 11.42 21.48 6.43
C28 PCW YA . 11.30 23.01 6.53
C31 PCW YA . 5.78 7.05 6.28
C32 PCW YA . 7.10 6.70 6.96
C33 PCW YA . 7.86 5.62 6.19
C34 PCW YA . 9.21 5.37 6.86
C35 PCW YA . 10.04 6.64 6.89
C36 PCW YA . 11.35 6.47 7.68
C37 PCW YA . 12.17 7.76 7.64
C38 PCW YA . 13.42 7.64 8.52
C39 PCW YA . 14.26 6.62 8.10
C40 PCW YA . 15.50 6.47 8.70
C41 PCW YA . 15.89 7.34 9.70
C42 PCW YA . 17.34 7.80 9.52
C43 PCW YA . 17.75 8.78 10.62
C44 PCW YA . 19.19 9.24 10.45
C45 PCW YA . 19.39 9.94 9.10
C46 PCW YA . 20.84 10.38 8.90
C47 PCW YA . 21.03 11.03 7.54
C48 PCW YA . 22.49 11.46 7.33
N PCW YA . -0.80 6.35 10.64
O2 PCW YA . 5.19 8.26 6.53
O3 PCW YA . 4.58 10.65 5.50
O11 PCW YA . 3.20 12.28 6.19
O31 PCW YA . 5.24 6.27 5.49
O1P PCW YA . 1.32 9.57 7.17
O2P PCW YA . -0.17 9.15 5.14
O3P PCW YA . 1.66 7.54 5.75
O4P PCW YA . -0.39 7.71 7.21
P PCW YA . 0.58 8.61 6.29
C1 PCW ZA . 1.85 7.27 14.93
C2 PCW ZA . 1.83 8.17 16.17
C3 PCW ZA . 1.88 9.62 15.69
C4 PCW ZA . -1.36 5.95 17.50
C5 PCW ZA . -2.54 5.22 16.85
C6 PCW ZA . -4.97 4.87 17.20
C7 PCW ZA . -3.75 6.58 18.59
C8 PCW ZA . -4.04 7.20 17.23
C11 PCW ZA . 1.49 11.77 16.36
C12 PCW ZA . 1.30 12.91 17.36
C13 PCW ZA . 2.48 13.02 18.32
C14 PCW ZA . 2.26 14.16 19.31
C15 PCW ZA . 3.46 14.31 20.25
C16 PCW ZA . 4.75 14.56 19.47
C17 PCW ZA . 5.91 14.89 20.40
C18 PCW ZA . 7.21 15.11 19.60
C19 PCW ZA . 8.23 15.59 20.41
C20 PCW ZA . 8.78 16.84 20.15
C21 PCW ZA . 8.30 17.57 19.06
C22 PCW ZA . 9.41 18.40 18.43
C23 PCW ZA . 8.90 19.13 17.18
C24 PCW ZA . 8.41 18.12 16.13
C25 PCW ZA . 9.53 17.17 15.73
C26 PCW ZA . 9.04 16.13 14.72
C27 PCW ZA . 8.50 16.81 13.46
C28 PCW ZA . 8.00 15.77 12.46
C31 PCW ZA . 0.79 8.42 18.19
C32 PCW ZA . -0.38 8.35 19.17
C33 PCW ZA . -0.89 9.75 19.50
C34 PCW ZA . 0.21 10.59 20.16
C35 PCW ZA . 0.63 10.01 21.50
C36 PCW ZA . 1.75 10.84 22.15
C37 PCW ZA . 2.09 10.32 23.54
C38 PCW ZA . 3.19 11.15 24.18
C39 PCW ZA . 3.44 10.73 25.49
C40 PCW ZA . 4.73 10.47 25.93
C41 PCW ZA . 5.83 10.62 25.07
C42 PCW ZA . 7.11 10.18 25.77
C43 PCW ZA . 8.32 10.32 24.83
C44 PCW ZA . 9.61 9.89 25.55
C45 PCW ZA . 10.82 10.00 24.62
C46 PCW ZA . 12.10 9.58 25.34
C47 PCW ZA . 13.30 9.64 24.41
C48 PCW ZA . 14.57 9.19 25.13
N PCW ZA . -3.81 5.76 17.37
O2 PCW ZA . 0.62 7.97 16.91
O3 PCW ZA . 1.75 10.52 16.81
O11 PCW ZA . 1.40 11.97 15.15
O31 PCW ZA . 1.88 8.86 18.54
O1P PCW ZA . -0.76 6.30 14.74
O2P PCW ZA . 0.11 3.93 14.97
O3P PCW ZA . 1.63 5.90 15.28
O4P PCW ZA . -0.14 5.39 17.00
P PCW ZA . 0.13 5.34 15.42
C1 PCW AB . -4.04 17.62 13.67
C2 PCW AB . -2.98 18.20 12.72
C3 PCW AB . -1.60 18.01 13.33
C4 PCW AB . -7.18 19.45 10.82
C5 PCW AB . -6.95 19.67 9.33
C6 PCW AB . -7.04 22.06 9.98
C7 PCW AB . -5.07 21.20 8.67
C8 PCW AB . -6.22 21.43 7.69
C11 PCW AB . 0.62 18.45 12.96
C12 PCW AB . 1.81 19.15 12.28
C13 PCW AB . 2.57 19.99 13.30
C14 PCW AB . 3.73 20.75 12.64
C15 PCW AB . 4.73 19.78 11.99
C16 PCW AB . 5.89 20.56 11.36
C17 PCW AB . 6.87 19.61 10.67
C18 PCW AB . 8.03 20.39 10.05
C19 PCW AB . 8.90 19.54 9.40
C20 PCW AB . 10.14 19.25 9.95
C21 PCW AB . 10.52 19.81 11.17
C22 PCW AB . 11.39 18.85 11.97
C23 PCW AB . 11.81 19.46 13.30
C24 PCW AB . 12.66 18.49 14.13
C25 PCW AB . 13.98 18.16 13.43
C26 PCW AB . 13.73 17.46 12.09
C27 PCW AB . 15.05 17.12 11.38
C28 PCW AB . 14.80 16.45 10.03
C31 PCW AB . -3.55 18.36 10.50
C32 PCW AB . -3.69 17.84 9.06
C33 PCW AB . -2.34 17.54 8.44
C34 PCW AB . -1.50 18.81 8.27
C35 PCW AB . -1.25 19.50 9.62
C36 PCW AB . -0.45 20.79 9.44
C37 PCW AB . -0.31 21.52 10.79
C38 PCW AB . 0.44 22.83 10.62
C39 PCW AB . 0.47 23.53 11.83
C40 PCW AB . 1.42 24.53 12.04
C41 PCW AB . 2.34 24.84 11.05
C42 PCW AB . 3.70 24.20 11.36
C43 PCW AB . 4.21 24.65 12.74
C44 PCW AB . 5.56 24.02 13.05
C45 PCW AB . 6.62 24.46 12.04
C46 PCW AB . 6.79 25.98 12.05
C47 PCW AB . 7.88 26.40 11.06
C48 PCW AB . 8.03 27.92 11.03
N PCW AB . -6.47 21.03 9.08
O2 PCW AB . -3.04 17.54 11.45
O3 PCW AB . -0.65 18.72 12.52
O11 PCW AB . 0.79 17.65 13.87
O31 PCW AB . -3.87 19.50 10.80
O1P PCW AB . -7.23 19.46 13.69
O2P PCW AB . -4.84 20.31 13.70
O3P PCW AB . -5.36 17.90 13.20
O4P PCW AB . -5.95 19.69 11.53
P PCW AB . -5.87 19.42 13.11
C1 PCW BB . -2.97 17.75 17.80
C2 PCW BB . -1.76 18.60 18.20
C3 PCW BB . -0.85 17.79 19.09
C4 PCW BB . -3.65 21.79 16.80
C5 PCW BB . -3.13 21.03 15.57
C6 PCW BB . -4.08 22.97 14.34
C7 PCW BB . -1.66 22.36 14.04
C8 PCW BB . -2.49 21.42 13.18
C11 PCW BB . -0.07 19.36 20.56
C12 PCW BB . 0.99 20.29 21.18
C13 PCW BB . 0.91 21.69 20.61
C14 PCW BB . 1.98 22.59 21.23
C15 PCW BB . 1.83 22.61 22.75
C16 PCW BB . 2.94 23.43 23.42
C17 PCW BB . 2.89 24.90 23.00
C18 PCW BB . 4.00 25.68 23.72
C19 PCW BB . 3.97 27.03 23.39
C20 PCW BB . 5.13 27.68 22.99
C21 PCW BB . 6.33 26.96 22.91
C22 PCW BB . 7.34 27.68 22.02
C23 PCW BB . 8.62 26.86 21.87
C24 PCW BB . 9.63 27.59 20.99
C25 PCW BB . 10.89 26.75 20.78
C26 PCW BB . 10.57 25.43 20.10
C27 PCW BB . 9.94 25.66 18.72
C28 PCW BB . 9.62 24.33 18.03
C31 PCW BB . -0.44 20.23 17.24
C32 PCW BB . 0.42 20.82 16.12
C33 PCW BB . 1.19 22.05 16.61
C34 PCW BB . 2.15 21.69 17.74
C35 PCW BB . 3.28 20.80 17.25
C36 PCW BB . 4.14 21.52 16.21
C37 PCW BB . 5.30 20.64 15.74
C38 PCW BB . 6.17 21.39 14.71
C39 PCW BB . 7.24 20.59 14.30
C40 PCW BB . 8.53 21.00 14.57
C41 PCW BB . 8.77 22.19 15.26
C42 PCW BB . 9.88 23.00 14.59
C43 PCW BB . 11.19 22.21 14.55
C44 PCW BB . 12.31 23.03 13.91
C45 PCW BB . 13.62 22.24 13.86
C46 PCW BB . 14.73 23.06 13.24
C47 PCW BB . 15.00 24.33 14.07
C48 PCW BB . 16.11 25.17 13.43
N PCW BB . -3.01 21.96 14.44
O2 PCW BB . -1.06 19.03 17.03
O3 PCW BB . 0.28 18.56 19.52
O11 PCW BB . -1.22 19.34 20.99
O31 PCW BB . -0.60 20.83 18.29
O1P PCW BB . -5.92 20.01 16.91
O2P PCW BB . -5.13 19.17 19.17
O3P PCW BB . -3.92 18.51 17.06
O4P PCW BB . -3.77 20.87 17.90
P PCW BB . -4.80 19.64 17.80
PG GNP CB . -18.03 -28.15 9.24
O1G GNP CB . -17.91 -28.21 10.71
O2G GNP CB . -17.51 -26.75 8.64
O3G GNP CB . -17.13 -29.26 8.50
N3B GNP CB . -19.54 -28.36 8.68
PB GNP CB . -20.68 -27.96 9.77
O1B GNP CB . -20.52 -26.54 10.14
O2B GNP CB . -20.65 -28.97 10.85
O3A GNP CB . -22.04 -28.15 8.93
PA GNP CB . -22.67 -26.97 8.04
O1A GNP CB . -22.02 -25.71 8.43
O2A GNP CB . -22.61 -27.37 6.62
O5' GNP CB . -24.20 -26.95 8.53
C5' GNP CB . -24.88 -28.18 8.76
C4' GNP CB . -26.37 -27.98 9.01
O4' GNP CB . -26.54 -27.02 10.06
C3' GNP CB . -27.04 -27.38 7.76
O3' GNP CB . -28.38 -27.86 7.65
C2' GNP CB . -27.06 -25.89 8.12
O2' GNP CB . -28.10 -25.24 7.38
C1' GNP CB . -27.50 -26.06 9.57
N9 GNP CB . -27.41 -24.78 10.32
C8 GNP CB . -26.29 -24.18 10.70
N7 GNP CB . -26.60 -23.05 11.35
C5 GNP CB . -27.92 -22.94 11.37
C6 GNP CB . -28.78 -21.98 11.90
O6 GNP CB . -28.34 -21.00 12.48
N1 GNP CB . -30.16 -22.16 11.74
C2 GNP CB . -30.62 -23.29 11.06
N2 GNP CB . -31.93 -23.48 10.91
N3 GNP CB . -29.76 -24.19 10.57
C4 GNP CB . -28.44 -24.03 10.70
HNB3 GNP CB . -19.67 -27.83 7.85
HO3' GNP CB . -28.37 -28.83 7.41
HO2' GNP CB . -28.10 -24.27 7.59
HN1 GNP CB . -30.80 -21.49 12.10
HN21 GNP CB . -32.27 -24.28 10.42
HN22 GNP CB . -32.58 -22.81 11.28
MG MG DB . -16.85 -26.24 7.66
C1 PCW EB . 5.44 -5.66 -3.99
C2 PCW EB . 6.15 -7.02 -3.96
C3 PCW EB . 5.15 -8.12 -4.25
C4 PCW EB . 1.79 -4.72 -4.55
C5 PCW EB . 0.38 -5.12 -4.97
C6 PCW EB . -1.71 -4.14 -5.86
C7 PCW EB . 0.30 -2.67 -5.51
C8 PCW EB . 0.49 -3.43 -6.82
C11 PCW EB . 5.82 -9.69 -2.74
C12 PCW EB . 6.40 -11.02 -2.27
C13 PCW EB . 7.02 -11.79 -3.43
C14 PCW EB . 7.55 -13.15 -2.98
C15 PCW EB . 8.16 -13.92 -4.15
C16 PCW EB . 9.35 -13.16 -4.76
C17 PCW EB . 9.91 -13.91 -5.96
C18 PCW EB . 11.11 -13.17 -6.56
C19 PCW EB . 11.59 -13.81 -7.69
C20 PCW EB . 12.74 -14.60 -7.62
C21 PCW EB . 13.42 -14.75 -6.43
C22 PCW EB . 14.54 -15.79 -6.57
C23 PCW EB . 15.56 -15.34 -7.63
C24 PCW EB . 16.65 -16.40 -7.79
C25 PCW EB . 17.68 -15.96 -8.84
C26 PCW EB . 18.35 -14.64 -8.43
C27 PCW EB . 19.37 -14.20 -9.48
C28 PCW EB . 20.04 -12.88 -9.08
C31 PCW EB . 8.11 -8.00 -4.69
C32 PCW EB . 9.31 -8.17 -5.62
C33 PCW EB . 9.41 -7.00 -6.60
C34 PCW EB . 9.69 -5.68 -5.87
C35 PCW EB . 11.02 -5.74 -5.12
C36 PCW EB . 11.34 -4.40 -4.45
C37 PCW EB . 12.67 -4.47 -3.70
C38 PCW EB . 13.01 -3.13 -3.05
C39 PCW EB . 14.21 -3.20 -2.36
C40 PCW EB . 15.34 -2.55 -2.85
C41 PCW EB . 15.28 -1.82 -4.03
C42 PCW EB . 15.81 -2.62 -5.21
C43 PCW EB . 15.74 -1.83 -6.51
C44 PCW EB . 16.24 -2.67 -7.69
C45 PCW EB . 16.18 -1.86 -9.00
C46 PCW EB . 16.66 -2.71 -10.18
C47 PCW EB . 18.10 -3.18 -9.98
C48 PCW EB . 18.58 -4.02 -11.16
N PCW EB . -0.26 -4.01 -5.70
O2 PCW EB . 7.21 -7.01 -4.93
O3 PCW EB . 5.74 -9.42 -4.06
O11 PCW EB . 5.41 -8.86 -1.92
O31 PCW EB . 7.97 -8.74 -3.72
O1P PCW EB . 4.27 -3.16 -4.37
O2P PCW EB . 4.58 -3.47 -6.87
O3P PCW EB . 4.90 -5.39 -5.29
O4P PCW EB . 2.60 -4.48 -5.70
P PCW EB . 4.12 -4.01 -5.57
C1 PCW FB . 4.27 -11.23 22.99
C2 PCW FB . 5.21 -11.83 21.95
C3 PCW FB . 5.40 -13.32 22.19
C4 PCW FB . 1.62 -13.70 20.39
C5 PCW FB . 2.16 -14.02 19.00
C6 PCW FB . 1.40 -14.70 16.74
C7 PCW FB . -0.30 -14.26 18.55
C8 PCW FB . 0.15 -12.92 17.99
C11 PCW FB . 5.77 -14.19 20.09
C12 PCW FB . 6.60 -14.81 18.97
C13 PCW FB . 7.65 -13.83 18.43
C14 PCW FB . 8.47 -14.47 17.32
C15 PCW FB . 9.53 -13.52 16.78
C16 PCW FB . 10.37 -14.19 15.68
C17 PCW FB . 11.43 -13.24 15.13
C18 PCW FB . 12.40 -12.80 16.24
C19 PCW FB . 13.39 -11.97 15.73
C20 PCW FB . 14.66 -11.99 16.30
C21 PCW FB . 14.93 -12.84 17.37
C22 PCW FB . 16.42 -13.18 17.44
C23 PCW FB . 16.71 -14.09 18.64
C24 PCW FB . 18.19 -14.45 18.71
C25 PCW FB . 18.64 -15.18 17.44
C26 PCW FB . 17.85 -16.48 17.25
C27 PCW FB . 18.30 -17.20 15.98
C28 PCW FB . 18.09 -16.32 14.74
C31 PCW FB . 4.64 -10.22 20.42
C32 PCW FB . 4.11 -9.70 19.08
C33 PCW FB . 5.08 -8.71 18.43
C34 PCW FB . 6.42 -9.37 18.08
C35 PCW FB . 7.15 -9.84 19.34
C36 PCW FB . 8.48 -10.51 18.99
C37 PCW FB . 9.19 -10.98 20.26
C38 PCW FB . 10.52 -11.66 19.93
C39 PCW FB . 11.18 -12.05 21.08
C40 PCW FB . 12.57 -12.20 21.05
C41 PCW FB . 13.26 -11.98 19.88
C42 PCW FB . 14.67 -11.44 20.15
C43 PCW FB . 15.47 -12.42 21.00
C44 PCW FB . 16.90 -11.91 21.23
C45 PCW FB . 16.89 -10.56 21.95
C46 PCW FB . 18.31 -10.03 22.16
C47 PCW FB . 18.29 -8.68 22.88
C48 PCW FB . 19.71 -8.15 23.07
N PCW FB . 1.06 -14.06 18.03
O2 PCW FB . 4.71 -11.57 20.62
O3 PCW FB . 6.37 -13.86 21.27
O11 PCW FB . 4.56 -14.01 19.96
O31 PCW FB . 5.01 -9.45 21.29
O1P PCW FB . 3.44 -13.88 23.73
O2P PCW FB . 1.04 -13.25 23.16
O3P PCW FB . 2.91 -11.64 22.77
O4P PCW FB . 2.71 -13.67 21.32
P PCW FB . 2.48 -13.18 22.84
C1 PCW GB . 2.55 -19.80 -11.55
C2 PCW GB . 3.90 -19.09 -11.66
C3 PCW GB . 4.24 -18.93 -13.13
C4 PCW GB . 1.04 -23.08 -8.69
C5 PCW GB . 2.06 -22.55 -7.68
C6 PCW GB . 3.66 -24.00 -8.89
C7 PCW GB . 4.07 -21.53 -8.80
C8 PCW GB . 4.52 -22.13 -7.47
C11 PCW GB . 6.48 -19.05 -12.74
C12 PCW GB . 7.94 -18.57 -12.79
C13 PCW GB . 8.62 -18.74 -11.42
C14 PCW GB . 10.09 -18.33 -11.51
C15 PCW GB . 10.84 -19.19 -12.52
C16 PCW GB . 10.77 -20.68 -12.13
C17 PCW GB . 11.48 -21.54 -13.16
C18 PCW GB . 11.40 -23.03 -12.80
C19 PCW GB . 12.03 -23.81 -13.75
C20 PCW GB . 13.41 -23.93 -13.77
C21 PCW GB . 14.18 -23.25 -12.83
C22 PCW GB . 15.68 -23.46 -13.09
C23 PCW GB . 16.07 -22.95 -14.47
C24 PCW GB . 17.57 -23.18 -14.73
C25 PCW GB . 18.42 -22.46 -13.70
C26 PCW GB . 18.17 -20.96 -13.71
C27 PCW GB . 19.03 -20.24 -12.67
C28 PCW GB . 18.79 -18.73 -12.69
C31 PCW GB . 4.08 -17.89 -9.71
C32 PCW GB . 4.04 -16.63 -8.85
C33 PCW GB . 5.45 -16.11 -8.57
C34 PCW GB . 6.17 -15.72 -9.86
C35 PCW GB . 5.43 -14.60 -10.58
C36 PCW GB . 6.15 -14.22 -11.88
C37 PCW GB . 5.43 -13.07 -12.60
C38 PCW GB . 6.15 -12.67 -13.88
C39 PCW GB . 5.49 -11.63 -14.52
C40 PCW GB . 5.99 -11.09 -15.70
C41 PCW GB . 7.17 -11.60 -16.24
C42 PCW GB . 7.89 -10.53 -17.08
C43 PCW GB . 7.00 -10.07 -18.24
C44 PCW GB . 7.72 -9.01 -19.08
C45 PCW GB . 9.01 -9.56 -19.68
C46 PCW GB . 9.72 -8.50 -20.52
C47 PCW GB . 10.99 -9.06 -21.16
C48 PCW GB . 11.71 -8.01 -22.00
N PCW GB . 3.41 -22.71 -8.23
O2 PCW GB . 3.83 -17.79 -11.04
O3 PCW GB . 5.51 -18.28 -13.29
O11 PCW GB . 6.20 -20.12 -12.21
O31 PCW GB . 4.35 -18.98 -9.21
O1P PCW GB . 0.37 -20.35 -8.49
O2P PCW GB . -0.17 -20.42 -10.99
O3P PCW GB . 2.17 -20.03 -10.18
O4P PCW GB . 1.10 -22.30 -9.90
P PCW GB . 0.76 -20.73 -9.87
C1 PCW HB . 2.16 2.24 12.35
C2 PCW HB . 3.05 3.49 12.23
C3 PCW HB . 3.33 4.05 13.61
C4 PCW HB . -2.44 2.35 12.30
C5 PCW HB . -3.11 2.88 11.05
C6 PCW HB . -4.19 0.87 10.08
C7 PCW HB . -2.66 2.26 8.65
C8 PCW HB . -1.79 1.37 9.54
C11 PCW HB . 3.69 6.19 12.89
C12 PCW HB . 4.49 7.48 12.71
C13 PCW HB . 3.72 8.52 11.89
C14 PCW HB . 4.46 9.86 11.83
C15 PCW HB . 5.84 9.71 11.19
C16 PCW HB . 6.58 11.05 11.19
C17 PCW HB . 7.97 10.90 10.56
C18 PCW HB . 8.71 12.24 10.52
C19 PCW HB . 9.96 12.10 9.94
C20 PCW HB . 11.09 12.62 10.56
C21 PCW HB . 10.97 13.27 11.79
C22 PCW HB . 12.28 13.98 12.16
C23 PCW HB . 12.16 14.69 13.51
C24 PCW HB . 11.90 13.70 14.65
C25 PCW HB . 10.56 12.98 14.46
C26 PCW HB . 10.31 11.99 15.60
C27 PCW HB . 8.96 11.28 15.42
C28 PCW HB . 8.69 10.30 16.55
C31 PCW HB . 4.05 2.52 10.41
C32 PCW HB . 5.22 2.01 9.57
C33 PCW HB . 5.01 0.53 9.22
C34 PCW HB . 4.87 -0.30 10.48
C35 PCW HB . 4.57 -1.78 10.16
C36 PCW HB . 4.40 -2.59 11.44
C37 PCW HB . 4.01 -4.04 11.13
C38 PCW HB . 5.09 -4.73 10.30
C39 PCW HB . 4.71 -6.03 10.00
C40 PCW HB . 5.67 -7.02 9.82
C41 PCW HB . 7.02 -6.74 9.96
C42 PCW HB . 7.86 -8.00 9.79
C43 PCW HB . 9.35 -7.70 9.94
C44 PCW HB . 10.19 -8.97 9.77
C45 PCW HB . 11.68 -8.68 9.92
C46 PCW HB . 12.17 -7.69 8.86
C47 PCW HB . 13.66 -7.40 9.01
C48 PCW HB . 14.12 -6.39 7.95
N PCW HB . -3.10 1.85 10.00
O2 PCW HB . 4.30 3.11 11.62
O3 PCW HB . 4.25 5.14 13.55
O11 PCW HB . 2.55 6.10 12.43
O31 PCW HB . 2.88 2.40 10.01
O1P PCW HB . -1.13 1.50 14.29
O2P PCW HB . 0.20 0.10 12.51
O3P PCW HB . 0.92 2.55 12.99
O4P PCW HB . -1.09 1.96 12.02
P PCW HB . -0.16 1.37 13.18
C1 PCW IB . 5.50 -10.72 15.28
C2 PCW IB . 6.63 -11.29 14.43
C3 PCW IB . 7.92 -10.51 14.62
C4 PCW IB . 2.31 -10.35 12.94
C5 PCW IB . 2.35 -9.22 11.91
C6 PCW IB . 0.72 -9.89 10.18
C7 PCW IB . 3.09 -9.40 9.51
C8 PCW IB . 3.05 -10.81 10.10
C11 PCW IB . 10.11 -10.46 13.92
C12 PCW IB . 11.31 -10.98 13.12
C13 PCW IB . 12.39 -9.92 12.93
C14 PCW IB . 13.52 -10.49 12.07
C15 PCW IB . 14.65 -9.48 11.87
C16 PCW IB . 15.71 -10.07 10.93
C17 PCW IB . 16.87 -9.09 10.70
C18 PCW IB . 17.63 -8.81 12.01
C19 PCW IB . 18.67 -7.92 11.81
C20 PCW IB . 19.43 -7.47 12.88
C21 PCW IB . 19.15 -7.88 14.17
C22 PCW IB . 17.67 -7.74 14.50
C23 PCW IB . 17.38 -8.18 15.93
C24 PCW IB . 15.88 -8.11 16.23
C25 PCW IB . 15.58 -8.48 17.68
C26 PCW IB . 16.26 -7.51 18.65
C27 PCW IB . 15.95 -7.86 20.10
C28 PCW IB . 16.58 -6.86 21.07
C31 PCW IB . 7.49 -13.32 13.77
C32 PCW IB . 7.85 -14.79 13.94
C33 PCW IB . 8.88 -15.28 12.92
C34 PCW IB . 8.33 -15.21 11.48
C35 PCW IB . 8.68 -13.89 10.79
C36 PCW IB . 10.18 -13.78 10.55
C37 PCW IB . 10.51 -12.52 9.74
C38 PCW IB . 12.01 -12.45 9.41
C39 PCW IB . 12.29 -11.33 8.64
C40 PCW IB . 13.55 -11.14 8.08
C41 PCW IB . 14.56 -12.07 8.29
C42 PCW IB . 15.92 -11.38 8.41
C43 PCW IB . 17.05 -12.39 8.60
C44 PCW IB . 18.39 -11.69 8.80
C45 PCW IB . 18.75 -10.82 7.59
C46 PCW IB . 20.09 -10.09 7.81
C47 PCW IB . 20.45 -9.24 6.60
C48 PCW IB . 21.79 -8.52 6.82
N PCW IB . 2.13 -9.77 10.57
O2 PCW IB . 6.85 -12.67 14.79
O3 PCW IB . 8.92 -11.11 13.79
O11 PCW IB . 10.21 -9.49 14.66
O31 PCW IB . 7.71 -12.72 12.72
O1P PCW IB . 1.86 -11.90 15.46
O2P PCW IB . 3.03 -10.02 16.72
O3P PCW IB . 4.29 -11.46 15.09
O4P PCW IB . 2.60 -9.82 14.24
P PCW IB . 2.87 -10.82 15.47
C1 PCW JB . 3.63 9.79 -0.30
C2 PCW JB . 5.11 10.16 -0.46
C3 PCW JB . 5.54 9.89 -1.90
C4 PCW JB . 0.73 9.54 -3.50
C5 PCW JB . 0.05 9.98 -4.80
C6 PCW JB . -1.09 7.89 -5.48
C7 PCW JB . 0.33 9.12 -7.15
C8 PCW JB . 1.26 8.31 -6.24
C11 PCW JB . 7.71 9.46 -1.27
C12 PCW JB . 9.23 9.65 -1.31
C13 PCW JB . 9.88 8.65 -2.28
C14 PCW JB . 11.38 8.93 -2.41
C15 PCW JB . 12.11 8.75 -1.07
C16 PCW JB . 12.18 7.28 -0.65
C17 PCW JB . 10.80 6.67 -0.47
C18 PCW JB . 10.91 5.22 -0.01
C19 PCW JB . 9.65 4.65 0.20
C20 PCW JB . 9.40 3.90 1.33
C21 PCW JB . 10.41 3.70 2.28
C22 PCW JB . 10.16 4.54 3.52
C23 PCW JB . 11.26 4.34 4.56
C24 PCW JB . 11.30 2.89 5.07
C25 PCW JB . 11.62 1.91 3.93
C26 PCW JB . 11.65 0.47 4.45
C27 PCW JB . 11.95 -0.51 3.32
C28 PCW JB . 10.87 -0.43 2.22
C31 PCW JB . 4.99 11.76 1.17
C32 PCW JB . 5.11 13.18 1.75
C33 PCW JB . 3.81 13.96 1.55
C34 PCW JB . 3.91 15.35 2.20
C35 PCW JB . 5.05 16.16 1.58
C36 PCW JB . 5.11 17.56 2.21
C37 PCW JB . 6.25 18.39 1.62
C38 PCW JB . 6.30 19.77 2.27
C39 PCW JB . 7.37 20.52 1.76
C40 PCW JB . 8.40 20.89 2.60
C41 PCW JB . 8.39 20.51 3.94
C42 PCW JB . 9.44 19.44 4.23
C43 PCW JB . 9.36 18.99 5.69
C44 PCW JB . 10.42 17.91 5.98
C45 PCW JB . 10.31 17.42 7.43
C46 PCW JB . 8.95 16.81 7.71
C47 PCW JB . 8.86 16.31 9.15
C48 PCW JB . 7.49 15.68 9.43
N PCW JB . -0.01 8.84 -5.75
O2 PCW JB . 5.31 11.55 -0.14
O3 PCW JB . 6.93 10.24 -2.08
O11 PCW JB . 7.19 8.63 -0.53
O31 PCW JB . 4.61 10.83 1.87
O1P PCW JB . 0.94 9.00 -0.68
O2P PCW JB . 0.60 11.48 -0.22
O3P PCW JB . 2.79 10.63 -1.10
O4P PCW JB . 0.76 10.64 -2.59
P PCW JB . 1.19 10.42 -1.06
C1 PCW KB . -1.15 6.91 -19.77
C2 PCW KB . -0.55 6.41 -21.09
C3 PCW KB . 0.96 6.21 -20.94
C4 PCW KB . -5.34 8.13 -20.49
C5 PCW KB . -6.72 8.54 -19.97
C6 PCW KB . -6.12 9.70 -17.86
C7 PCW KB . -7.91 7.94 -17.84
C8 PCW KB . -6.56 7.23 -17.84
C11 PCW KB . 2.86 5.69 -22.10
C12 PCW KB . 3.68 5.28 -23.32
C13 PCW KB . 3.81 6.43 -24.32
C14 PCW KB . 4.52 5.96 -25.58
C15 PCW KB . 4.57 7.07 -26.64
C16 PCW KB . 5.45 8.24 -26.20
C17 PCW KB . 5.45 9.35 -27.25
C18 PCW KB . 6.41 10.48 -26.87
C19 PCW KB . 6.34 11.54 -27.77
C20 PCW KB . 6.81 11.41 -29.07
C21 PCW KB . 7.38 10.22 -29.51
C22 PCW KB . 8.84 10.10 -29.05
C23 PCW KB . 9.49 8.82 -29.57
C24 PCW KB . 9.58 8.83 -31.10
C25 PCW KB . 10.21 7.53 -31.61
C26 PCW KB . 10.37 7.57 -33.14
C27 PCW KB . 11.28 8.73 -33.57
C28 PCW KB . 11.45 8.74 -35.09
C31 PCW KB . -1.00 4.21 -20.57
C32 PCW KB . -1.62 2.84 -20.80
C33 PCW KB . -0.57 1.77 -21.08
C34 PCW KB . 0.25 2.12 -22.33
C35 PCW KB . 1.28 1.02 -22.63
C36 PCW KB . 2.26 0.86 -21.46
C37 PCW KB . 3.28 -0.25 -21.76
C38 PCW KB . 2.59 -1.59 -21.96
C39 PCW KB . 3.50 -2.60 -22.23
C40 PCW KB . 4.23 -3.18 -21.20
C41 PCW KB . 4.05 -2.77 -19.88
C42 PCW KB . 5.38 -2.41 -19.24
C43 PCW KB . 6.33 -3.61 -19.23
C44 PCW KB . 7.68 -3.26 -18.60
C45 PCW KB . 8.62 -4.46 -18.61
C46 PCW KB . 9.97 -4.11 -17.98
C47 PCW KB . 10.90 -5.33 -17.99
C48 PCW KB . 12.25 -5.00 -17.35
N PCW KB . -6.74 8.53 -18.50
O2 PCW KB . -1.19 5.18 -21.50
O3 PCW KB . 1.51 5.84 -22.21
O11 PCW KB . 3.40 5.86 -21.00
O31 PCW KB . -0.33 4.43 -19.55
O1P PCW KB . -3.54 6.01 -21.84
O2P PCW KB . -3.41 4.94 -19.54
O3P PCW KB . -2.52 7.26 -19.92
O4P PCW KB . -5.01 6.84 -19.96
P PCW KB . -3.61 6.14 -20.37
C1 PCW LB . 2.06 16.85 -14.80
C2 PCW LB . 1.62 18.27 -14.47
C3 PCW LB . 2.84 19.17 -14.36
C4 PCW LB . 1.77 14.22 -12.11
C5 PCW LB . 2.23 12.78 -11.88
C6 PCW LB . 1.61 10.79 -10.55
C7 PCW LB . 0.03 12.74 -10.66
C8 PCW LB . -0.15 11.92 -11.94
C11 PCW LB . 3.56 21.30 -13.95
C12 PCW LB . 3.41 22.79 -13.65
C13 PCW LB . 4.14 23.17 -12.37
C14 PCW LB . 3.99 24.67 -12.07
C15 PCW LB . 4.57 25.51 -13.21
C16 PCW LB . 4.44 27.01 -12.91
C17 PCW LB . 2.97 27.40 -12.72
C18 PCW LB . 2.84 28.89 -12.42
C19 PCW LB . 3.52 29.22 -11.25
C20 PCW LB . 3.75 30.56 -10.93
C21 PCW LB . 3.29 31.56 -11.78
C22 PCW LB . 3.61 32.95 -11.21
C23 PCW LB . 3.07 34.05 -12.13
C24 PCW LB . 1.56 33.95 -12.29
C25 PCW LB . 1.03 35.08 -13.19
C26 PCW LB . -0.48 34.97 -13.37
C27 PCW LB . -1.01 36.09 -14.28
C28 PCW LB . -0.71 37.46 -13.68
C31 PCW LB . 0.05 19.84 -15.08
C32 PCW LB . -0.94 20.52 -16.03
C33 PCW LB . -0.44 21.92 -16.41
C34 PCW LB . -1.41 22.61 -17.37
C35 PCW LB . -0.91 24.01 -17.73
C36 PCW LB . -1.89 24.73 -18.68
C37 PCW LB . -1.40 26.14 -18.99
C38 PCW LB . -2.38 26.86 -19.91
C39 PCW LB . -1.95 28.16 -20.18
C40 PCW LB . -1.86 28.63 -21.48
C41 PCW LB . -2.20 27.81 -22.55
C42 PCW LB . -2.15 28.58 -23.87
C43 PCW LB . -0.74 29.11 -24.13
C44 PCW LB . -0.67 29.89 -25.45
C45 PCW LB . -1.64 31.09 -25.42
C46 PCW LB . -1.30 32.06 -24.28
C47 PCW LB . 0.12 32.60 -24.42
C48 PCW LB . 0.44 33.58 -23.30
N PCW LB . 1.15 12.00 -11.25
O2 PCW LB . 0.75 18.75 -15.50
O3 PCW LB . 2.45 20.52 -14.08
O11 PCW LB . 4.67 20.80 -14.08
O31 PCW LB . 0.18 20.24 -13.92
O1P PCW LB . 0.41 16.72 -12.54
O2P PCW LB . -1.34 15.49 -13.93
O3P PCW LB . 0.95 15.95 -14.85
O4P PCW LB . 0.66 14.26 -13.02
P PCW LB . 0.07 15.67 -13.53
C1 PCW MB . -4.07 16.28 -6.46
C2 PCW MB . -2.76 16.93 -6.91
C3 PCW MB . -2.99 17.94 -8.02
C4 PCW MB . -4.78 20.44 -5.50
C5 PCW MB . -3.50 19.76 -5.02
C6 PCW MB . -2.39 21.70 -6.09
C7 PCW MB . -2.02 21.25 -3.65
C8 PCW MB . -1.11 20.30 -4.43
C11 PCW MB . -0.97 19.05 -7.84
C12 PCW MB . 0.43 19.47 -8.32
C13 PCW MB . 0.94 20.69 -7.56
C14 PCW MB . 2.37 21.02 -8.00
C15 PCW MB . 2.92 22.24 -7.26
C16 PCW MB . 4.38 22.49 -7.65
C17 PCW MB . 4.52 22.73 -9.15
C18 PCW MB . 5.99 22.96 -9.54
C19 PCW MB . 6.76 21.85 -9.22
C20 PCW MB . 7.97 21.63 -9.86
C21 PCW MB . 8.42 22.53 -10.83
C22 PCW MB . 8.24 21.96 -12.24
C23 PCW MB . 9.05 20.67 -12.41
C24 PCW MB . 8.88 20.12 -13.83
C25 PCW MB . 9.69 18.84 -14.03
C26 PCW MB . 9.21 17.74 -13.07
C27 PCW MB . 10.00 16.45 -13.28
C28 PCW MB . 11.50 16.67 -13.04
C31 PCW MB . -1.89 16.56 -4.82
C32 PCW MB . -1.22 16.95 -3.50
C33 PCW MB . 0.27 16.61 -3.48
C34 PCW MB . 1.04 17.37 -4.57
C35 PCW MB . 2.54 17.08 -4.47
C36 PCW MB . 2.82 15.59 -4.67
C37 PCW MB . 4.31 15.28 -4.45
C38 PCW MB . 4.61 13.80 -4.67
C39 PCW MB . 5.93 13.50 -4.38
C40 PCW MB . 6.98 14.25 -4.93
C41 PCW MB . 6.72 15.32 -5.78
C42 PCW MB . 7.64 16.50 -5.46
C43 PCW MB . 9.10 16.10 -5.62
C44 PCW MB . 10.04 17.27 -5.30
C45 PCW MB . 11.50 16.87 -5.47
C46 PCW MB . 12.44 18.05 -5.17
C47 PCW MB . 13.90 17.65 -5.33
C48 PCW MB . 14.83 18.83 -5.04
N PCW MB . -2.41 20.74 -4.97
O2 PCW MB . -2.09 17.49 -5.77
O3 PCW MB . -1.74 18.27 -8.64
O11 PCW MB . -1.40 19.43 -6.75
O31 PCW MB . -2.22 15.39 -5.02
O1P PCW MB . -5.27 18.60 -7.75
O2P PCW MB . -7.23 17.64 -6.46
O3P PCW MB . -4.89 17.20 -5.71
O4P PCW MB . -5.87 19.51 -5.47
P PCW MB . -5.88 18.22 -6.45
C1 PCW NB . 6.39 -5.23 16.19
C2 PCW NB . 6.66 -3.79 16.63
C3 PCW NB . 7.63 -3.84 17.80
C4 PCW NB . 2.56 -6.86 15.53
C5 PCW NB . 1.77 -7.42 16.72
C6 PCW NB . -0.41 -8.00 15.72
C7 PCW NB . -0.34 -6.51 17.72
C8 PCW NB . 0.00 -5.65 16.51
C11 PCW NB . 6.82 -1.99 18.88
C12 PCW NB . 6.89 -0.57 19.45
C13 PCW NB . 8.05 -0.44 20.44
C14 PCW NB . 8.18 0.98 20.99
C15 PCW NB . 6.93 1.41 21.76
C16 PCW NB . 7.11 2.79 22.37
C17 PCW NB . 5.87 3.24 23.13
C18 PCW NB . 6.08 4.59 23.81
C19 PCW NB . 6.41 5.58 22.88
C20 PCW NB . 7.73 6.01 22.77
C21 PCW NB . 8.71 5.47 23.59
C22 PCW NB . 10.06 6.16 23.35
C23 PCW NB . 11.15 5.59 24.24
C24 PCW NB . 12.49 6.29 24.01
C25 PCW NB . 12.94 6.13 22.55
C26 PCW NB . 14.27 6.83 22.30
C27 PCW NB . 14.70 6.66 20.84
C28 PCW NB . 16.03 7.37 20.58
C31 PCW NB . 6.32 -2.64 14.68
C32 PCW NB . 6.73 -1.80 13.47
C33 PCW NB . 6.62 -0.30 13.79
C34 PCW NB . 7.07 0.55 12.60
C35 PCW NB . 6.96 2.04 12.93
C36 PCW NB . 7.48 2.91 11.78
C37 PCW NB . 7.37 4.40 12.14
C38 PCW NB . 7.93 5.28 11.03
C39 PCW NB . 7.84 6.62 11.35
C40 PCW NB . 8.93 7.31 11.86
C41 PCW NB . 10.15 6.66 12.03
C42 PCW NB . 11.14 7.56 12.76
C43 PCW NB . 12.48 6.85 12.96
C44 PCW NB . 13.49 7.76 13.67
C45 PCW NB . 12.97 8.18 15.05
C46 PCW NB . 13.97 9.08 15.77
C47 PCW NB . 13.44 9.53 17.13
C48 PCW NB . 14.44 10.43 17.85
N PCW NB . 0.35 -7.08 16.56
O2 PCW NB . 7.26 -3.03 15.58
O3 PCW NB . 7.91 -2.51 18.27
O11 PCW NB . 5.79 -2.66 19.00
O31 PCW NB . 5.14 -2.94 14.86
O1P PCW NB . 4.31 -6.54 13.27
O2P PCW NB . 6.18 -7.64 14.59
O3P PCW NB . 5.46 -5.30 15.10
O4P PCW NB . 3.94 -7.23 15.67
P PCW NB . 5.00 -6.75 14.55
C1 PCW OB . -1.09 -18.81 -14.22
C2 PCW OB . -0.98 -17.77 -15.34
C3 PCW OB . -1.90 -16.59 -15.09
C4 PCW OB . -0.74 -14.78 -12.83
C5 PCW OB . 0.40 -13.77 -12.95
C6 PCW OB . 0.92 -11.75 -14.29
C7 PCW OB . -1.46 -12.54 -14.10
C8 PCW OB . -1.12 -11.78 -12.82
C11 PCW OB . -0.90 -14.86 -16.23
C12 PCW OB . -0.74 -13.86 -17.38
C13 PCW OB . -0.14 -14.53 -18.62
C14 PCW OB . 0.01 -13.52 -19.75
C15 PCW OB . 0.61 -14.18 -21.01
C16 PCW OB . 2.03 -14.71 -20.74
C17 PCW OB . 2.95 -13.56 -20.31
C18 PCW OB . 4.37 -14.07 -20.08
C19 PCW OB . 5.19 -13.03 -19.63
C20 PCW OB . 6.53 -12.96 -20.03
C21 PCW OB . 7.06 -13.92 -20.88
C22 PCW OB . 7.73 -15.05 -20.08
C23 PCW OB . 8.44 -16.03 -21.01
C24 PCW OB . 9.51 -15.31 -21.82
C25 PCW OB . 10.57 -14.70 -20.90
C26 PCW OB . 11.62 -13.93 -21.71
C27 PCW OB . 10.97 -12.78 -22.48
C28 PCW OB . 12.01 -12.00 -23.28
C31 PCW OB . 0.64 -17.12 -16.83
C32 PCW OB . 2.04 -16.65 -17.25
C33 PCW OB . 2.38 -15.31 -16.59
C34 PCW OB . 3.80 -14.88 -16.95
C35 PCW OB . 4.82 -15.92 -16.49
C36 PCW OB . 6.25 -15.48 -16.83
C37 PCW OB . 7.26 -16.54 -16.39
C38 PCW OB . 8.68 -16.11 -16.72
C39 PCW OB . 9.60 -17.10 -16.31
C40 PCW OB . 10.53 -16.82 -15.32
C41 PCW OB . 10.57 -15.57 -14.73
C42 PCW OB . 12.00 -15.02 -14.72
C43 PCW OB . 12.07 -13.64 -14.07
C44 PCW OB . 13.51 -13.10 -14.08
C45 PCW OB . 14.04 -12.98 -15.51
C46 PCW OB . 15.47 -12.46 -15.51
C47 PCW OB . 16.00 -12.32 -16.94
C48 PCW OB . 17.43 -11.79 -16.95
N PCW OB . -0.10 -12.53 -13.56
O2 PCW OB . 0.40 -17.38 -15.52
O3 PCW OB . -1.94 -15.74 -16.25
O11 PCW OB . -0.11 -14.86 -15.29
O31 PCW OB . -0.24 -17.30 -17.68
O1P PCW OB . -2.53 -16.97 -12.68
O2P PCW OB . -1.17 -17.72 -10.66
O3P PCW OB . -0.49 -18.37 -13.00
O4P PCW OB . -0.25 -15.98 -12.23
P PCW OB . -1.21 -17.25 -12.08
C1 PCW PB . -5.10 26.59 -12.35
C2 PCW PB . -3.81 26.49 -13.17
C3 PCW PB . -3.64 27.75 -14.00
C4 PCW PB . -7.90 23.27 -11.35
C5 PCW PB . -9.16 22.91 -12.15
C6 PCW PB . -8.13 20.65 -12.24
C7 PCW PB . -10.44 20.92 -11.31
C8 PCW PB . -10.55 20.93 -12.82
C11 PCW PB . -2.30 28.74 -15.59
C12 PCW PB . -1.03 28.88 -16.43
C13 PCW PB . 0.18 28.36 -15.66
C14 PCW PB . 1.46 28.47 -16.51
C15 PCW PB . 2.67 27.93 -15.74
C16 PCW PB . 3.96 28.06 -16.56
C17 PCW PB . 5.15 27.53 -15.78
C18 PCW PB . 6.46 27.67 -16.56
C19 PCW PB . 7.54 27.20 -15.82
C20 PCW PB . 8.71 26.80 -16.43
C21 PCW PB . 8.84 26.85 -17.83
C22 PCW PB . 10.04 26.03 -18.28
C23 PCW PB . 11.33 26.55 -17.66
C24 PCW PB . 12.53 25.71 -18.10
C25 PCW PB . 12.72 25.75 -19.62
C26 PCW PB . 13.03 27.16 -20.12
C27 PCW PB . 11.86 28.11 -19.85
C28 PCW PB . 12.19 29.53 -20.34
C31 PCW PB . -1.63 25.83 -12.93
C32 PCW PB . -0.31 25.57 -12.18
C33 PCW PB . -0.21 26.46 -10.94
C34 PCW PB . -0.13 27.94 -11.31
C35 PCW PB . 0.01 28.81 -10.06
C36 PCW PB . 0.16 30.29 -10.42
C37 PCW PB . 0.28 31.14 -9.16
C38 PCW PB . 0.52 32.61 -9.51
C39 PCW PB . 0.62 33.38 -8.36
C40 PCW PB . 1.70 33.23 -7.49
C41 PCW PB . 2.70 32.29 -7.77
C42 PCW PB . 4.01 32.98 -8.10
C43 PCW PB . 5.11 31.96 -8.41
C44 PCW PB . 6.43 32.65 -8.75
C45 PCW PB . 7.52 31.63 -9.06
C46 PCW PB . 8.83 32.32 -9.42
C47 PCW PB . 8.67 33.21 -10.65
C48 PCW PB . 9.99 33.90 -11.00
N PCW PB . -9.36 21.45 -12.14
O2 PCW PB . -2.70 26.33 -12.27
O3 PCW PB . -2.39 27.70 -14.71
O11 PCW PB . -3.22 29.54 -15.70
O31 PCW PB . -1.72 25.56 -14.13
O1P PCW PB . -6.13 24.43 -9.43
O2P PCW PB . -6.91 26.74 -10.16
O3P PCW PB . -5.30 25.41 -11.57
O4P PCW PB . -7.71 24.68 -11.38
P PCW PB . -6.53 25.35 -10.52
C1 PCW QB . -2.59 3.51 -26.66
C2 PCW QB . -1.41 4.47 -26.62
C3 PCW QB . -0.69 4.28 -25.29
C4 PCW QB . -3.29 7.24 -28.26
C5 PCW QB . -2.38 8.31 -27.64
C6 PCW QB . -1.84 8.78 -30.01
C7 PCW QB . -2.68 10.63 -28.54
C8 PCW QB . -1.19 10.43 -28.23
C11 PCW QB . 0.14 6.43 -25.24
C12 PCW QB . 1.24 7.49 -25.16
C13 PCW QB . 0.98 8.46 -24.01
C14 PCW QB . 2.13 9.45 -23.86
C15 PCW QB . 1.83 10.47 -22.75
C16 PCW QB . 2.98 11.46 -22.55
C17 PCW QB . 4.25 10.76 -22.05
C18 PCW QB . 3.96 9.98 -20.77
C19 PCW QB . 5.11 9.50 -20.17
C20 PCW QB . 6.16 8.96 -20.90
C21 PCW QB . 6.12 8.85 -22.29
C22 PCW QB . 7.54 8.86 -22.85
C23 PCW QB . 8.35 7.69 -22.30
C24 PCW QB . 9.81 7.73 -22.76
C25 PCW QB . 9.93 7.62 -24.28
C26 PCW QB . 9.30 8.82 -24.97
C27 PCW QB . 9.45 8.71 -26.50
C28 PCW QB . 10.93 8.65 -26.90
C31 PCW QB . -1.04 4.53 -28.89
C32 PCW QB . -0.24 4.27 -30.17
C33 PCW QB . 0.53 2.96 -30.11
C34 PCW QB . 1.67 3.03 -29.09
C35 PCW QB . 2.72 4.06 -29.54
C36 PCW QB . 3.92 4.10 -28.61
C37 PCW QB . 4.97 5.10 -29.11
C38 PCW QB . 6.21 5.13 -28.22
C39 PCW QB . 7.12 6.06 -28.70
C40 PCW QB . 8.33 6.27 -28.03
C41 PCW QB . 8.66 5.55 -26.90
C42 PCW QB . 9.99 4.82 -27.06
C43 PCW QB . 10.40 4.10 -25.77
C44 PCW QB . 11.72 3.34 -25.97
C45 PCW QB . 12.17 2.64 -24.68
C46 PCW QB . 12.53 3.66 -23.59
C47 PCW QB . 11.33 4.52 -23.19
C48 PCW QB . 11.71 5.52 -22.10
N PCW QB . -2.04 9.31 -28.65
O2 PCW QB . -0.50 4.17 -27.69
O3 PCW QB . 0.48 5.11 -25.22
O11 PCW QB . -1.05 6.76 -25.34
O31 PCW QB . -2.14 5.06 -28.94
O1P PCW QB . -5.14 5.21 -28.97
O2P PCW QB . -5.44 4.70 -26.51
O3P PCW QB . -3.46 3.80 -27.76
O4P PCW QB . -3.62 6.27 -27.27
P PCW QB . -4.53 4.99 -27.64
C1 PCW RB . -5.26 24.10 -3.25
C2 PCW RB . -3.92 24.65 -3.72
C3 PCW RB . -3.88 24.61 -5.24
C4 PCW RB . -8.45 23.59 -5.95
C5 PCW RB . -9.24 22.39 -5.43
C6 PCW RB . -10.30 20.32 -6.29
C7 PCW RB . -8.77 21.65 -7.79
C8 PCW RB . -7.90 20.81 -6.85
C11 PCW RB . -1.57 24.70 -5.21
C12 PCW RB . -0.21 25.25 -5.62
C13 PCW RB . 0.75 25.33 -4.44
C14 PCW RB . 2.07 25.99 -4.87
C15 PCW RB . 3.07 26.06 -3.71
C16 PCW RB . 4.34 26.79 -4.15
C17 PCW RB . 5.39 26.81 -3.04
C18 PCW RB . 6.63 27.58 -3.50
C19 PCW RB . 7.17 27.04 -4.66
C20 PCW RB . 7.77 27.85 -5.62
C21 PCW RB . 7.87 29.22 -5.44
C22 PCW RB . 6.77 29.97 -6.19
C23 PCW RB . 5.41 29.79 -5.52
C24 PCW RB . 5.31 30.63 -4.24
C25 PCW RB . 6.44 30.29 -3.26
C26 PCW RB . 6.34 31.14 -1.99
C27 PCW RB . 7.49 30.81 -1.03
C28 PCW RB . 8.85 31.11 -1.67
C31 PCW RB . -3.61 26.06 -1.93
C32 PCW RB . -3.43 27.41 -1.25
C33 PCW RB . -2.59 28.36 -2.11
C34 PCW RB . -1.17 27.81 -2.28
C35 PCW RB . -0.46 27.67 -0.94
C36 PCW RB . 0.97 27.15 -1.12
C37 PCW RB . 1.68 27.04 0.24
C38 PCW RB . 3.12 26.54 0.06
C39 PCW RB . 3.77 26.46 1.29
C40 PCW RB . 4.20 27.62 1.93
C41 PCW RB . 3.98 28.86 1.35
C42 PCW RB . 5.16 29.80 1.59
C43 PCW RB . 5.37 30.06 3.09
C44 PCW RB . 6.57 30.99 3.31
C45 PCW RB . 6.78 31.26 4.80
C46 PCW RB . 7.96 32.20 5.02
C47 PCW RB . 8.17 32.47 6.52
C48 PCW RB . 9.33 33.44 6.75
N PCW RB . -9.22 21.31 -6.43
O2 PCW RB . -3.77 26.01 -3.28
O3 PCW RB . -2.70 25.27 -5.72
O11 PCW RB . -1.67 23.77 -4.41
O31 PCW RB . -3.60 25.01 -1.27
O1P PCW RB . -7.87 23.04 -3.18
O2P PCW RB . -8.50 25.43 -2.60
O3P PCW RB . -6.33 24.92 -3.76
O4P PCW RB . -8.50 24.66 -5.00
P PCW RB . -7.86 24.47 -3.53
C1 PCW SB . 3.74 4.22 -5.23
C2 PCW SB . 4.68 3.01 -5.13
C3 PCW SB . 6.13 3.47 -4.96
C4 PCW SB . 1.02 6.39 -1.79
C5 PCW SB . 0.72 5.83 -0.41
C6 PCW SB . 3.17 6.02 -0.08
C7 PCW SB . 1.62 7.13 1.55
C8 PCW SB . 1.69 5.65 1.91
C11 PCW SB . 8.19 2.60 -4.37
C12 PCW SB . 9.15 1.45 -4.06
C13 PCW SB . 9.82 0.91 -5.32
C14 PCW SB . 10.65 -0.33 -5.02
C15 PCW SB . 11.42 -0.79 -6.25
C16 PCW SB . 12.45 0.26 -6.67
C17 PCW SB . 13.49 0.47 -5.58
C18 PCW SB . 14.47 1.59 -5.94
C19 PCW SB . 13.80 2.80 -6.04
C20 PCW SB . 13.42 3.29 -7.29
C21 PCW SB . 13.68 2.58 -8.45
C22 PCW SB . 15.08 2.91 -8.99
C23 PCW SB . 16.17 2.50 -8.00
C24 PCW SB . 17.56 2.85 -8.52
C25 PCW SB . 17.69 4.37 -8.71
C26 PCW SB . 19.10 4.74 -9.19
C27 PCW SB . 19.24 6.25 -9.33
C28 PCW SB . 20.65 6.63 -9.79
C31 PCW SB . 3.10 1.71 -4.07
C32 PCW SB . 2.59 0.81 -2.94
C33 PCW SB . 1.54 -0.18 -3.44
C34 PCW SB . 1.21 -1.19 -2.35
C35 PCW SB . 2.44 -2.04 -2.00
C36 PCW SB . 2.16 -2.99 -0.85
C37 PCW SB . 3.36 -3.89 -0.58
C38 PCW SB . 3.12 -4.77 0.65
C39 PCW SB . 4.18 -5.64 0.87
C40 PCW SB . 5.50 -5.21 0.89
C41 PCW SB . 5.83 -3.88 0.68
C42 PCW SB . 7.25 -3.75 0.12
C43 PCW SB . 7.62 -2.30 -0.13
C44 PCW SB . 9.04 -2.16 -0.65
C45 PCW SB . 9.41 -0.69 -0.87
C46 PCW SB . 10.85 -0.56 -1.38
C47 PCW SB . 11.21 0.91 -1.60
C48 PCW SB . 12.65 1.06 -2.12
N PCW SB . 1.84 6.11 0.52
O2 PCW SB . 4.34 2.24 -3.97
O3 PCW SB . 6.90 2.29 -4.73
O11 PCW SB . 8.54 3.77 -4.32
O31 PCW SB . 2.39 1.96 -5.04
O1P PCW SB . 3.42 7.49 -3.68
O2P PCW SB . 1.66 6.03 -4.79
O3P PCW SB . 3.85 5.06 -4.07
O4P PCW SB . 2.17 5.74 -2.34
P PCW SB . 2.73 6.18 -3.79
C1 PCW TB . 4.64 -0.18 0.44
C2 PCW TB . 5.50 0.42 1.57
C3 PCW TB . 6.64 -0.54 1.86
C4 PCW TB . 2.23 1.34 3.85
C5 PCW TB . 3.16 1.73 4.99
C6 PCW TB . 1.16 3.00 5.73
C7 PCW TB . 2.32 1.47 7.34
C8 PCW TB . 3.12 2.77 7.28
C11 PCW TB . 6.84 0.02 4.07
C12 PCW TB . 7.55 0.59 5.30
C13 PCW TB . 8.51 -0.45 5.90
C14 PCW TB . 9.20 0.13 7.15
C15 PCW TB . 10.16 -0.89 7.77
C16 PCW TB . 11.29 -1.25 6.80
C17 PCW TB . 12.27 -2.21 7.46
C18 PCW TB . 13.44 -2.55 6.53
C19 PCW TB . 14.34 -3.40 7.16
C20 PCW TB . 15.46 -3.87 6.50
C21 PCW TB . 15.71 -3.51 5.18
C22 PCW TB . 15.98 -4.75 4.32
C23 PCW TB . 17.16 -5.56 4.87
C24 PCW TB . 18.45 -4.74 4.84
C25 PCW TB . 18.87 -4.40 3.41
C26 PCW TB . 20.16 -3.58 3.39
C27 PCW TB . 20.61 -3.30 1.96
C28 PCW TB . 20.89 -4.59 1.21
C31 PCW TB . 5.12 2.67 1.10
C32 PCW TB . 5.58 4.09 0.71
C33 PCW TB . 6.46 4.69 1.80
C34 PCW TB . 7.06 6.03 1.37
C35 PCW TB . 7.97 6.58 2.46
C36 PCW TB . 8.72 7.83 1.99
C37 PCW TB . 9.62 8.36 3.12
C38 PCW TB . 10.44 9.58 2.67
C39 PCW TB . 11.18 10.08 3.73
C40 PCW TB . 12.41 10.70 3.52
C41 PCW TB . 12.94 10.83 2.25
C42 PCW TB . 13.52 12.23 2.04
C43 PCW TB . 14.21 12.36 0.69
C44 PCW TB . 14.75 13.78 0.49
C45 PCW TB . 15.52 13.92 -0.83
C46 PCW TB . 16.80 13.08 -0.82
C47 PCW TB . 16.49 11.58 -0.66
C48 PCW TB . 17.78 10.77 -0.61
N PCW TB . 2.38 2.28 6.11
O2 PCW TB . 6.06 1.68 1.18
O3 PCW TB . 7.50 0.01 2.88
O11 PCW TB . 5.70 -0.44 4.15
O31 PCW TB . 3.95 2.43 1.35
O1P PCW TB . 1.13 1.19 1.12
O2P PCW TB . 1.98 -1.17 1.54
O3P PCW TB . 3.40 0.51 0.32
O4P PCW TB . 2.98 0.77 2.79
P PCW TB . 2.26 0.28 1.44
C1 PCW UB . -1.87 6.47 -13.05
C2 PCW UB . -0.36 6.18 -13.11
C3 PCW UB . -0.05 5.37 -14.36
C4 PCW UB . -4.09 9.92 -13.25
C5 PCW UB . -5.26 10.79 -13.73
C6 PCW UB . -5.70 13.19 -14.14
C7 PCW UB . -3.33 12.39 -13.94
C8 PCW UB . -3.81 12.07 -15.36
C11 PCW UB . 1.63 4.33 -15.51
C12 PCW UB . 3.09 3.95 -15.82
C13 PCW UB . 3.79 5.07 -16.56
C14 PCW UB . 5.25 4.70 -16.88
C15 PCW UB . 5.97 5.85 -17.61
C16 PCW UB . 7.41 5.46 -17.95
C17 PCW UB . 8.13 6.58 -18.69
C18 PCW UB . 9.56 6.17 -19.05
C19 PCW UB . 9.57 5.05 -19.86
C20 PCW UB . 9.72 3.79 -19.29
C21 PCW UB . 9.85 3.65 -17.91
C22 PCW UB . 9.03 2.47 -17.38
C23 PCW UB . 9.50 1.14 -17.95
C24 PCW UB . 9.29 1.08 -19.47
C25 PCW UB . 9.78 -0.26 -20.04
C26 PCW UB . 11.28 -0.45 -19.78
C27 PCW UB . 11.77 -1.78 -20.32
C28 PCW UB . 13.26 -1.96 -20.03
C31 PCW UB . 1.65 7.21 -12.73
C32 PCW UB . 2.62 8.39 -12.70
C33 PCW UB . 4.02 7.93 -12.28
C34 PCW UB . 5.00 9.11 -12.26
C35 PCW UB . 6.40 8.65 -11.85
C36 PCW UB . 6.95 7.60 -12.82
C37 PCW UB . 8.32 7.10 -12.39
C38 PCW UB . 8.87 6.06 -13.37
C39 PCW UB . 10.11 5.61 -12.96
C40 PCW UB . 10.57 4.36 -13.39
C41 PCW UB . 9.77 3.57 -14.21
C42 PCW UB . 10.42 2.20 -14.44
C43 PCW UB . 11.77 2.34 -15.16
C44 PCW UB . 12.40 0.96 -15.39
C45 PCW UB . 13.77 1.09 -16.06
C46 PCW UB . 14.40 -0.28 -16.31
C47 PCW UB . 15.77 -0.14 -16.99
C48 PCW UB . 16.38 -1.53 -17.26
N PCW UB . -4.74 12.09 -14.22
O2 PCW UB . 0.36 7.42 -13.13
O3 PCW UB . 1.36 5.12 -14.44
O11 PCW UB . 0.72 3.94 -16.24
O31 PCW UB . 2.00 6.09 -12.37
O1P PCW UB . -1.34 9.19 -12.70
O2P PCW UB . -0.89 9.15 -15.20
O3P PCW UB . -2.27 7.35 -14.11
O4P PCW UB . -3.19 9.68 -14.33
P PCW UB . -1.81 8.90 -14.08
C1 PCW VB . 10.60 -26.34 4.09
C2 PCW VB . 11.24 -25.21 4.92
C3 PCW VB . 12.74 -25.22 4.73
C4 PCW VB . 6.02 -26.47 3.04
C5 PCW VB . 5.36 -25.57 2.00
C6 PCW VB . 3.71 -24.31 3.34
C7 PCW VB . 2.95 -25.54 1.29
C8 PCW VB . 3.09 -26.56 2.41
C11 PCW VB . 14.70 -24.42 5.60
C12 PCW VB . 15.59 -23.45 6.37
C13 PCW VB . 15.07 -23.24 7.79
C14 PCW VB . 15.98 -22.27 8.56
C15 PCW VB . 15.48 -22.06 9.99
C16 PCW VB . 14.06 -21.51 10.02
C17 PCW VB . 13.60 -21.24 11.45
C18 PCW VB . 14.53 -20.22 12.14
C19 PCW VB . 14.10 -19.96 13.44
C20 PCW VB . 13.95 -18.65 13.86
C21 PCW VB . 14.21 -17.60 12.99
C22 PCW VB . 15.71 -17.47 12.71
C23 PCW VB . 16.00 -16.32 11.74
C24 PCW VB . 17.50 -16.19 11.49
C25 PCW VB . 17.79 -15.06 10.50
C26 PCW VB . 19.28 -14.91 10.24
C27 PCW VB . 20.03 -14.58 11.54
C28 PCW VB . 21.53 -14.41 11.28
C31 PCW VB . 10.81 -23.06 5.59
C32 PCW VB . 10.22 -21.66 5.46
C33 PCW VB . 10.96 -20.78 4.44
C34 PCW VB . 12.42 -20.54 4.86
C35 PCW VB . 13.27 -21.80 4.64
C36 PCW VB . 13.33 -22.16 3.16
C37 PCW VB . 14.18 -23.41 2.93
C38 PCW VB . 14.27 -23.75 1.44
C39 PCW VB . 15.00 -24.93 1.25
C40 PCW VB . 16.38 -24.90 1.17
C41 PCW VB . 17.08 -23.70 1.30
C42 PCW VB . 18.47 -23.94 1.86
C43 PCW VB . 19.26 -22.62 1.95
C44 PCW VB . 20.66 -22.86 2.54
C45 PCW VB . 21.46 -21.57 2.62
C46 PCW VB . 21.76 -21.00 1.23
C47 PCW VB . 20.47 -20.64 0.48
C48 PCW VB . 20.78 -20.06 -0.91
N PCW VB . 3.95 -25.36 2.36
O2 PCW VB . 10.64 -23.96 4.58
O3 PCW VB . 13.35 -24.22 5.54
O11 PCW VB . 15.18 -25.40 5.04
O31 PCW VB . 11.43 -23.39 6.60
O1P PCW VB . 9.26 -28.40 2.78
O2P PCW VB . 7.50 -28.31 4.62
O3P PCW VB . 9.21 -26.48 4.40
O4P PCW VB . 7.39 -26.71 2.67
P PCW VB . 8.34 -27.60 3.63
C1 17F WB . 2.78 -18.12 14.06
N1 17F WB . 1.30 -20.00 14.58
O1 17F WB . 5.07 -19.22 13.51
P1 17F WB . 4.14 -19.70 12.46
C2 17F WB . 2.50 -19.28 15.02
O2 17F WB . 3.27 -20.90 12.57
C3 17F WB . 2.29 -18.75 16.44
O3 17F WB . 2.99 -18.60 12.73
C4 17F WB . 3.71 -19.81 9.86
O4 17F WB . 1.62 -17.69 16.56
C5 17F WB . 4.14 -19.20 8.53
O5 17F WB . 2.79 -19.41 17.37
C6 17F WB . 3.79 -17.72 8.54
O6 17F WB . 4.36 -19.16 10.96
C7 17F WB . 3.98 -15.78 7.35
O7 17F WB . 4.18 -17.12 7.30
C8 17F WB . 4.31 -14.90 6.14
O8 17F WB . 3.52 -15.27 8.38
C9 17F WB . 5.71 -15.22 5.61
O9 17F WB . 5.57 -19.34 8.39
C10 17F WB . 6.05 -14.34 4.41
O10 17F WB . 4.99 -21.49 8.13
C11 17F WB . 6.04 -12.85 4.79
C12 17F WB . 6.34 -11.97 3.58
C17 17F WB . 5.89 -20.64 8.20
C18 17F WB . 7.36 -21.06 8.05
C19 17F WB . 8.28 -19.85 8.18
C20 17F WB . 9.75 -20.27 8.07
C1X 17F WB . 6.35 -10.48 3.97
C1Y 17F WB . 10.68 -19.06 8.19
C1Z 17F WB . 12.14 -19.48 8.08
C2X 17F WB . 6.64 -9.60 2.75
C21 17F WB . 6.69 -8.27 3.11
C22 17F WB . 7.92 -7.66 3.35
C23 17F WB . 9.10 -8.39 3.22
C24 17F WB . 10.21 -7.79 4.08
C25 17F WB . 11.50 -8.60 3.95
C26 17F WB . 12.62 -7.98 4.79
C27 17F WB . 13.91 -8.79 4.66
C28 17F WB . 15.03 -8.17 5.49
C29 17F WB . 16.32 -8.98 5.37
C30 17F WB . 17.44 -8.34 6.21
C31 17F WB . 13.07 -18.28 8.22
C32 17F WB . 14.54 -18.69 8.11
C33 17F WB . 15.38 -17.58 8.24
C34 17F WB . 16.75 -17.76 8.34
C35 17F WB . 17.29 -19.03 8.30
C36 17F WB . 17.49 -19.51 6.87
C37 17F WB . 18.06 -20.92 6.84
C38 17F WB . 18.27 -21.39 5.40
C39 17F WB . 18.82 -22.83 5.36
C40 17F WB . 20.19 -22.90 6.06
C41 17F WB . 20.73 -24.34 6.03
C42 17F WB . 22.08 -24.42 6.72
HN1 17F WB . 1.63 -20.28 13.68
HN1A 17F WB . 0.51 -19.48 14.25
HAC 17F WB . 1.20 -20.92 14.95
C1 17F XB . -3.56 17.39 -11.55
N1 17F XB . -5.02 16.33 -13.21
O1 17F XB . -2.17 13.99 -11.93
P1 17F XB . -2.26 15.15 -11.01
C2 17F XB . -4.91 16.72 -11.79
O2 17F XB . -3.25 15.10 -9.91
C3 17F XB . -6.03 17.71 -11.45
O3 17F XB . -2.48 16.49 -11.86
C4 17F XB . -0.69 15.84 -9.02
O4 17F XB . -5.72 18.92 -11.36
C5 17F XB . 0.78 16.05 -8.63
O5 17F XB . -7.18 17.24 -11.30
C6 17F XB . 1.55 14.74 -8.69
O6 17F XB . -0.80 15.37 -10.37
C7 17F XB . 3.64 13.84 -8.37
O7 17F XB . 2.89 14.97 -8.26
C8 17F XB . 5.12 13.89 -7.94
O8 17F XB . 3.14 12.80 -8.79
C9 17F XB . 6.04 13.81 -9.15
O9 17F XB . 1.40 17.01 -9.51
C10 17F XB . 7.50 14.03 -8.73
O10 17F XB . 2.82 17.18 -7.78
C11 17F XB . 7.92 13.01 -7.68
C12 17F XB . 9.34 13.27 -7.19
C17 17F XB . 2.51 17.51 -8.93
C18 17F XB . 3.38 18.53 -9.69
C19 17F XB . 4.79 18.60 -9.13
C20 17F XB . 4.76 18.99 -7.64
C1X 17F XB . 9.75 12.29 -6.10
C1Y 17F XB . 6.18 19.07 -7.07
C1Z 17F XB . 6.14 19.47 -5.59
C2X 17F XB . 11.17 12.57 -5.60
C21 17F XB . 11.53 11.69 -4.58
C22 17F XB . 12.72 10.98 -4.65
C23 17F XB . 13.56 11.14 -5.74
C24 17F XB . 15.03 10.95 -5.34
C25 17F XB . 15.95 11.12 -6.55
C26 17F XB . 15.60 10.10 -7.65
C27 17F XB . 16.53 10.27 -8.85
C28 17F XB . 16.19 9.26 -9.95
C29 17F XB . 17.10 9.45 -11.16
C30 17F XB . 16.75 8.46 -12.28
C31 17F XB . 5.46 20.83 -5.42
C32 17F XB . 5.41 21.24 -3.95
C33 17F XB . 4.78 22.46 -3.79
C34 17F XB . 5.12 23.30 -2.75
C35 17F XB . 6.10 22.90 -1.84
C36 17F XB . 7.33 23.80 -1.94
C37 17F XB . 8.42 23.34 -0.98
C38 17F XB . 8.88 21.92 -1.32
C39 17F XB . 9.98 21.44 -0.37
C40 17F XB . 10.44 20.03 -0.73
C41 17F XB . 9.27 19.04 -0.65
C42 17F XB . 9.73 17.62 -1.00
HN1 17F XB . -4.31 15.65 -13.42
HN1A 17F XB . -5.92 15.93 -13.37
HAC 17F XB . -4.91 17.14 -13.79
C1 17F YB . 3.60 -17.93 -0.66
N1 17F YB . 1.90 -18.89 0.81
O1 17F YB . 4.69 -18.98 -3.11
P1 17F YB . 5.30 -19.55 -1.88
C2 17F YB . 2.81 -17.74 0.63
O2 17F YB . 5.53 -21.01 -1.83
C3 17F YB . 2.00 -16.45 0.55
O3 17F YB . 4.42 -19.11 -0.60
C4 17F YB . 7.77 -19.47 -0.98
O4 17F YB . 1.24 -16.29 -0.43
C5 17F YB . 9.03 -18.60 -0.97
O5 17F YB . 2.16 -15.61 1.47
C6 17F YB . 10.15 -19.34 -0.26
O6 17F YB . 6.70 -18.79 -1.65
C7 17F YB . 12.36 -19.27 0.32
O7 17F YB . 11.35 -18.55 -0.27
C8 17F YB . 13.75 -18.64 0.42
O8 17F YB . 12.14 -20.40 0.73
C9 17F YB . 14.71 -19.27 -0.60
O9 17F YB . 9.41 -18.31 -2.33
C10 17F YB . 16.09 -18.62 -0.56
O10 17F YB . 10.51 -16.62 -1.34
C11 17F YB . 16.76 -18.80 0.80
C12 17F YB . 18.16 -18.17 0.81
C17 17F YB . 10.23 -17.23 -2.38
C18 17F YB . 10.77 -16.75 -3.73
C19 17F YB . 11.90 -15.73 -3.55
C20 17F YB . 11.44 -14.50 -2.77
C1X 17F YB . 18.87 -18.38 2.15
C1Y 17F YB . 12.55 -13.45 -2.68
C1Z 17F YB . 13.79 -13.98 -1.95
C2X 17F YB . 20.26 -17.76 2.14
C21 17F YB . 20.90 -17.93 3.36
C22 17F YB . 22.28 -18.05 3.43
C23 17F YB . 23.06 -18.01 2.27
C24 17F YB . 24.24 -18.97 2.37
C25 17F YB . 25.10 -18.91 1.09
C26 17F YB . 25.69 -17.53 0.88
C27 17F YB . 26.55 -17.48 -0.38
C28 17F YB . 27.12 -16.08 -0.62
C29 17F YB . 27.97 -16.05 -1.89
C30 17F YB . 28.54 -14.66 -2.13
C31 17F YB . 14.43 -15.15 -2.70
C32 17F YB . 15.70 -15.63 -2.01
C33 17F YB . 16.65 -14.62 -1.94
C34 17F YB . 17.99 -14.93 -1.70
C35 17F YB . 18.38 -16.25 -1.53
C36 17F YB . 18.98 -16.81 -2.81
C37 17F YB . 20.22 -16.02 -3.22
C38 17F YB . 20.83 -16.56 -4.51
C39 17F YB . 22.07 -15.77 -4.92
C40 17F YB . 21.73 -14.29 -5.12
C41 17F YB . 22.96 -13.49 -5.52
C42 17F YB . 22.62 -12.02 -5.72
HN1 17F YB . 2.42 -19.74 0.81
HN1A 17F YB . 1.41 -18.80 1.68
HAC 17F YB . 1.23 -18.91 0.06
C1 17F ZB . -3.58 -8.96 -19.80
N1 17F ZB . -5.26 -9.87 -21.34
O1 17F ZB . -1.35 -10.71 -22.26
P1 17F ZB . -1.68 -10.44 -20.85
C2 17F ZB . -4.66 -10.03 -20.01
O2 17F ZB . -2.35 -11.49 -20.06
C3 17F ZB . -5.75 -9.91 -18.94
O3 17F ZB . -2.54 -9.08 -20.76
C4 17F ZB . -0.33 -9.33 -18.86
O4 17F ZB . -6.21 -8.76 -18.73
C5 17F ZB . 1.07 -9.26 -18.26
O5 17F ZB . -6.09 -10.95 -18.35
C6 17F ZB . 1.05 -8.45 -16.97
O6 17F ZB . -0.30 -10.04 -20.10
C7 17F ZB . 2.33 -7.93 -15.13
O7 17F ZB . 2.33 -8.59 -16.32
C8 17F ZB . 3.56 -7.99 -14.24
O8 17F ZB . 1.33 -7.28 -14.80
C9 17F ZB . 4.84 -7.77 -15.05
O9 17F ZB . 1.52 -10.58 -17.94
C10 17F ZB . 6.10 -8.00 -14.21
O10 17F ZB . 3.31 -11.88 -18.25
C11 17F ZB . 6.15 -7.07 -13.00
C12 17F ZB . 7.44 -7.30 -12.20
C17 17F ZB . 2.77 -10.80 -18.45
C18 17F ZB . 3.47 -9.71 -19.26
C19 17F ZB . 3.79 -10.21 -20.68
C20 17F ZB . 4.47 -9.13 -21.52
C1X 17F ZB . 7.50 -6.40 -10.97
C1Y 17F ZB . 4.78 -9.66 -22.92
C1Z 17F ZB . 5.43 -8.60 -23.80
C2X 17F ZB . 8.82 -6.60 -10.21
C21 17F ZB . 8.99 -7.92 -9.82
C22 17F ZB . 9.94 -8.72 -10.45
C23 17F ZB . 10.72 -8.20 -11.48
C24 17F ZB . 10.13 -8.54 -12.85
C25 17F ZB . 10.96 -7.95 -13.98
C26 17F ZB . 12.39 -8.53 -13.97
C27 17F ZB . 13.21 -7.93 -15.11
C28 17F ZB . 14.63 -8.52 -15.13
C29 17F ZB . 15.38 -8.21 -13.82
C30 17F ZB . 16.79 -8.79 -13.85
C31 17F ZB . 6.79 -8.15 -23.25
C32 17F ZB . 7.43 -7.10 -24.16
C33 17F ZB . 8.66 -6.68 -23.67
C34 17F ZB . 9.63 -6.19 -24.53
C35 17F ZB . 9.39 -6.13 -25.89
C36 17F ZB . 9.41 -4.68 -26.39
C37 17F ZB . 10.79 -4.04 -26.13
C38 17F ZB . 10.82 -2.59 -26.61
C39 17F ZB . 12.18 -1.95 -26.37
C40 17F ZB . 12.21 -0.50 -26.87
C41 17F ZB . 13.57 0.13 -26.62
C42 17F ZB . 13.91 0.16 -25.13
HN1 17F ZB . -5.90 -10.64 -21.31
HN1A 17F ZB . -4.76 -10.19 -22.15
HAC 17F ZB . -5.95 -9.14 -21.41
C1 17F AC . -6.71 7.03 -25.54
N1 17F AC . -4.65 6.44 -24.36
O1 17F AC . -7.46 9.79 -25.03
P1 17F AC . -6.17 9.60 -25.75
C2 17F AC . -6.05 6.84 -24.17
O2 17F AC . -5.85 10.52 -26.87
C3 17F AC . -6.79 5.76 -23.39
O3 17F AC . -6.08 8.08 -26.28
C4 17F AC . -3.70 10.13 -25.06
O4 17F AC . -6.20 4.68 -23.19
C5 17F AC . -2.73 10.19 -23.88
O5 17F AC . -7.96 6.04 -23.02
C6 17F AC . -2.54 8.81 -23.29
O6 17F AC . -4.99 9.68 -24.66
C7 17F AC . -1.88 9.78 -21.31
O7 17F AC . -1.52 8.89 -22.26
C8 17F AC . -0.91 10.05 -20.15
O8 17F AC . -2.96 10.37 -21.37
C9 17F AC . -1.66 10.48 -18.89
O9 17F AC . -1.48 10.70 -24.34
C10 17F AC . -0.67 10.80 -17.75
O10 17F AC . -2.71 12.55 -24.50
C11 17F AC . 0.27 11.93 -18.17
C12 17F AC . 1.28 12.25 -17.07
C17 17F AC . -1.63 12.01 -24.66
C18 17F AC . -0.43 12.80 -25.20
C19 17F AC . -0.76 14.29 -25.29
C20 17F AC . 0.44 15.09 -25.82
C1X 17F AC . 2.19 13.42 -17.49
C1Y 17F AC . 0.09 16.57 -25.94
C1Z 17F AC . 1.28 17.38 -26.46
C2X 17F AC . 3.23 13.72 -16.40
C21 17F AC . 4.05 12.62 -16.18
C22 17F AC . 5.20 12.45 -16.94
C23 17F AC . 5.53 13.38 -17.92
C24 17F AC . 6.71 14.25 -17.50
C25 17F AC . 7.06 15.28 -18.58
C26 17F AC . 8.24 16.15 -18.15
C27 17F AC . 8.58 17.18 -19.24
C28 17F AC . 9.76 18.06 -18.80
C29 17F AC . 10.10 19.09 -19.88
C30 17F AC . 11.28 19.96 -19.46
C31 17F AC . 0.91 18.85 -26.60
C32 17F AC . 2.11 19.66 -27.11
C33 17F AC . 1.80 21.01 -27.21
C34 17F AC . 2.77 21.96 -26.91
C35 17F AC . 4.03 21.57 -26.51
C36 17F AC . 5.09 22.01 -27.53
C37 17F AC . 5.13 23.53 -27.67
C38 17F AC . 6.18 23.96 -28.69
C39 17F AC . 6.22 25.49 -28.82
C40 17F AC . 6.59 26.14 -27.48
C41 17F AC . 6.63 27.66 -27.61
C42 17F AC . 5.28 28.21 -28.07
HN1 17F AC . -4.80 5.58 -24.83
HN1A 17F AC . -4.14 6.04 -23.60
HAC 17F AC . -4.18 6.91 -25.11
C1 17F BC . -1.25 2.41 17.29
N1 17F BC . -2.43 0.90 18.84
O1 17F BC . 1.47 -0.15 17.74
P1 17F BC . 1.10 1.28 17.61
C2 17F BC . -1.71 2.19 18.73
O2 17F BC . 1.12 2.12 18.83
C3 17F BC . -2.62 3.34 19.17
O3 17F BC . -0.33 1.40 16.88
C4 17F BC . 2.57 3.28 16.71
O4 17F BC . -3.85 3.19 19.00
C5 17F BC . 3.44 3.39 17.96
O5 17F BC . -2.06 4.36 19.64
C6 17F BC . 4.73 2.62 17.75
O6 17F BC . 2.11 1.94 16.53
C7 17F BC . 6.73 2.82 16.61
O7 17F BC . 5.44 3.25 16.67
C8 17F BC . 7.65 3.41 15.53
O8 17F BC . 7.14 1.97 17.40
C9 17F BC . 8.90 2.55 15.34
O9 17F BC . 3.81 4.77 18.15
C10 17F BC . 9.79 3.18 14.26
O10 17F BC . 4.56 3.94 20.10
C11 17F BC . 11.04 2.33 14.03
C12 17F BC . 11.93 2.95 12.94
C17 17F BC . 4.47 4.90 19.34
C18 17F BC . 5.07 6.25 19.72
C19 17F BC . 6.60 6.18 19.70
C20 17F BC . 7.23 7.54 20.00
C1X 17F BC . 13.17 2.10 12.68
C1Y 17F BC . 8.76 7.43 20.01
C1Z 17F BC . 9.29 6.88 18.68
C2X 17F BC . 14.02 2.72 11.57
C21 17F BC . 15.16 1.95 11.33
C22 17F BC . 15.75 1.94 10.07
C23 17F BC . 15.21 2.71 9.04
C24 17F BC . 14.57 1.82 7.97
C25 17F BC . 14.03 2.66 6.81
C26 17F BC . 15.14 3.46 6.13
C27 17F BC . 14.60 4.30 4.98
C28 17F BC . 15.70 5.13 4.31
C29 17F BC . 16.79 4.21 3.73
C30 17F BC . 17.88 5.04 3.05
C31 17F BC . 10.80 6.74 18.70
C32 17F BC . 11.33 6.17 17.38
C33 17F BC . 12.70 6.03 17.42
C34 17F BC . 13.29 4.79 17.63
C35 17F BC . 12.48 3.68 17.83
C36 17F BC . 12.83 2.57 16.82
C37 17F BC . 11.95 1.34 17.05
C38 17F BC . 12.30 0.23 16.05
C39 17F BC . 11.39 -0.99 16.27
C40 17F BC . 11.54 -1.54 17.69
C41 17F BC . 10.62 -2.74 17.91
C42 17F BC . 10.80 -3.30 19.32
HN1 17F BC . -3.23 0.92 18.24
HN1A 17F BC . -1.82 0.16 18.58
HAC 17F BC . -2.72 0.78 19.79
C1 17F CC . -2.93 -6.33 -9.38
N1 17F CC . -2.39 -6.62 -11.78
O1 17F CC . -2.52 -2.68 -9.66
P1 17F CC . -2.15 -3.96 -10.30
C2 17F CC . -2.31 -7.25 -10.44
O2 17F CC . -2.92 -4.40 -11.49
C3 17F CC . -3.06 -8.58 -10.45
O3 17F CC . -2.17 -5.12 -9.18
C4 17F CC . -0.03 -4.80 -11.61
O4 17F CC . -2.42 -9.59 -10.10
C5 17F CC . 1.47 -4.55 -11.81
O5 17F CC . -4.26 -8.57 -10.82
C6 17F CC . 1.99 -5.56 -12.82
O6 17F CC . -0.59 -3.88 -10.67
C7 17F CC . 3.61 -4.29 -13.84
O7 17F CC . 3.39 -5.35 -13.01
C8 17F CC . 5.03 -3.83 -14.13
O8 17F CC . 2.64 -3.73 -14.38
C9 17F CC . 5.16 -2.31 -14.05
O9 17F CC . 1.70 -3.23 -12.30
C10 17F CC . 6.62 -1.87 -14.21
O10 17F CC . 2.02 -1.16 -11.53
C11 17F CC . 7.49 -2.46 -13.09
C12 17F CC . 8.95 -2.03 -13.24
C17 17F CC . 1.84 -2.35 -11.28
C18 17F CC . 1.77 -2.85 -9.83
C19 17F CC . 2.71 -2.05 -8.91
C20 17F CC . 2.31 -0.57 -8.86
C1X 17F CC . 9.80 -2.61 -12.11
C1Y 17F CC . 3.23 0.22 -7.92
C1Z 17F CC . 4.68 0.19 -8.42
C2X 17F CC . 11.27 -2.22 -12.26
C21 17F CC . 11.80 -2.70 -13.45
C22 17F CC . 13.11 -2.39 -13.80
C23 17F CC . 13.90 -1.59 -12.97
C24 17F CC . 15.31 -1.43 -13.55
C25 17F CC . 16.17 -0.57 -12.63
C26 17F CC . 17.58 -0.38 -13.21
C27 17F CC . 18.44 0.49 -12.29
C28 17F CC . 19.84 0.68 -12.87
C29 17F CC . 20.70 1.57 -11.96
C30 17F CC . 22.09 1.75 -12.55
C31 17F CC . 5.60 0.97 -7.49
C32 17F CC . 7.03 1.01 -8.03
C33 17F CC . 7.56 -0.27 -8.14
C34 17F CC . 8.59 -0.52 -9.04
C35 17F CC . 9.08 0.52 -9.83
C36 17F CC . 10.58 0.32 -10.11
C37 17F CC . 11.13 1.47 -10.95
C38 17F CC . 12.61 1.28 -11.25
C39 17F CC . 13.15 2.45 -12.08
C40 17F CC . 14.65 2.26 -12.38
C41 17F CC . 15.18 3.43 -13.21
C42 17F CC . 16.67 3.24 -13.50
HN1 17F CC . -1.84 -5.81 -11.57
HN1A 17F CC . -3.22 -6.11 -12.03
HAC 17F CC . -1.79 -7.02 -12.46
C1 PCW DC . 39.91 1.71 6.86
C2 PCW DC . 38.53 1.14 7.14
C3 PCW DC . 38.27 1.19 8.65
C4 PCW DC . 40.31 6.20 7.14
C5 PCW DC . 40.08 7.36 6.17
C6 PCW DC . 42.46 7.83 6.68
C7 PCW DC . 41.73 7.58 4.28
C8 PCW DC . 41.35 8.99 4.75
C11 PCW DC . 36.70 0.90 10.28
C12 PCW DC . 35.32 0.56 10.83
C13 PCW DC . 35.01 1.39 12.09
C14 PCW DC . 33.61 1.09 12.63
C15 PCW DC . 33.32 1.91 13.89
C16 PCW DC . 31.93 1.60 14.43
C17 PCW DC . 30.83 1.97 13.43
C18 PCW DC . 29.45 1.59 13.95
C19 PCW DC . 28.46 1.95 13.05
C20 PCW DC . 27.34 1.15 12.86
C21 PCW DC . 27.20 -0.04 13.58
C22 PCW DC . 26.22 -0.98 12.89
C23 PCW DC . 26.05 -2.28 13.70
C24 PCW DC . 25.13 -3.25 12.99
C25 PCW DC . 25.72 -3.67 11.63
C26 PCW DC . 24.81 -4.67 10.92
C27 PCW DC . 23.42 -4.08 10.68
C28 PCW DC . 22.51 -5.09 9.97
C31 PCW DC . 36.53 1.11 6.03
C32 PCW DC . 35.33 1.71 5.31
C33 PCW DC . 34.03 1.34 6.02
C34 PCW DC . 33.78 -0.17 5.96
C35 PCW DC . 32.56 -0.56 6.80
C36 PCW DC . 32.26 -2.05 6.67
C37 PCW DC . 31.24 -2.49 7.73
C38 PCW DC . 30.93 -3.98 7.59
C39 PCW DC . 30.21 -4.45 8.68
C40 PCW DC . 28.82 -4.55 8.64
C41 PCW DC . 28.11 -4.20 7.50
C42 PCW DC . 26.61 -4.37 7.74
C43 PCW DC . 25.80 -3.98 6.51
C44 PCW DC . 24.30 -4.15 6.79
C45 PCW DC . 23.47 -3.74 5.56
C46 PCW DC . 21.97 -3.90 5.85
C47 PCW DC . 21.55 -3.04 7.04
C48 PCW DC . 20.05 -3.20 7.32
N PCW DC . 41.37 7.87 5.68
O2 PCW DC . 37.53 1.92 6.47
O3 PCW DC . 36.92 0.80 8.93
O11 PCW DC . 37.61 1.27 11.02
O31 PCW DC . 36.62 -0.11 6.20
O1P PCW DC . 41.85 4.22 8.64
O2P PCW DC . 42.35 3.02 6.47
O3P PCW DC . 40.03 3.02 7.42
O4P PCW DC . 40.98 5.14 6.47
P PCW DC . 41.42 3.82 7.28
C1 PCW EC . 34.92 12.34 3.12
C2 PCW EC . 33.39 12.32 3.21
C3 PCW EC . 32.77 11.76 1.95
C4 PCW EC . 36.71 10.53 5.94
C5 PCW EC . 36.48 11.36 7.21
C6 PCW EC . 37.77 12.51 8.97
C7 PCW EC . 38.94 11.75 6.88
C8 PCW EC . 38.22 13.06 6.56
C11 PCW EC . 30.84 10.92 2.89
C12 PCW EC . 29.35 10.92 3.22
C13 PCW EC . 28.99 9.69 4.06
C14 PCW EC . 27.57 9.81 4.62
C15 PCW EC . 26.53 9.96 3.51
C16 PCW EC . 25.13 10.14 4.12
C17 PCW EC . 24.07 10.27 3.03
C18 PCW EC . 22.68 10.48 3.66
C19 PCW EC . 21.70 10.61 2.68
C20 PCW EC . 20.36 10.57 3.05
C21 PCW EC . 20.02 10.39 4.39
C22 PCW EC . 18.59 10.82 4.67
C23 PCW EC . 18.24 10.61 6.15
C24 PCW EC . 16.82 11.04 6.47
C25 PCW EC . 15.80 10.23 5.66
C26 PCW EC . 14.37 10.60 6.04
C27 PCW EC . 14.08 12.09 5.78
C28 PCW EC . 12.65 12.45 6.19
C31 PCW EC . 33.55 11.97 5.51
C32 PCW EC . 33.18 11.27 6.82
C33 PCW EC . 31.68 10.99 6.87
C34 PCW EC . 31.29 10.30 8.18
C35 PCW EC . 29.77 10.09 8.22
C36 PCW EC . 29.07 11.44 8.06
C37 PCW EC . 27.54 11.29 8.10
C38 PCW EC . 26.87 12.64 7.89
C39 PCW EC . 25.49 12.53 7.89
C40 PCW EC . 24.72 13.69 7.92
C41 PCW EC . 25.34 14.93 7.94
C42 PCW EC . 24.72 15.90 6.93
C43 PCW EC . 23.26 16.18 7.27
C44 PCW EC . 22.68 17.21 6.29
C45 PCW EC . 21.23 17.54 6.65
C46 PCW EC . 20.65 18.59 5.69
C47 PCW EC . 19.20 18.93 6.05
C48 PCW EC . 18.64 19.97 5.07
N PCW EC . 37.68 12.11 7.56
O2 PCW EC . 32.97 11.55 4.36
O3 PCW EC . 31.34 11.87 2.06
O11 PCW EC . 31.58 10.03 3.32
O31 PCW EC . 34.36 12.90 5.49
O1P PCW EC . 37.93 11.93 2.79
O2P PCW EC . 37.52 9.49 3.66
O3P PCW EC . 35.48 11.03 3.19
O4P PCW EC . 37.02 11.42 4.86
P PCW EC . 37.08 10.86 3.35
C1 PCW FC . 30.56 21.18 6.57
C2 PCW FC . 29.35 20.48 5.94
C3 PCW FC . 29.86 19.68 4.75
C4 PCW FC . 29.66 24.90 8.64
C5 PCW FC . 29.34 26.23 7.95
C6 PCW FC . 27.10 25.84 8.92
C7 PCW FC . 28.32 27.97 9.42
C8 PCW FC . 27.68 28.11 8.05
C11 PCW FC . 29.25 18.18 3.14
C12 PCW FC . 28.28 17.36 2.30
C13 PCW FC . 27.77 16.14 3.07
C14 PCW FC . 26.88 15.27 2.19
C15 PCW FC . 26.39 14.02 2.95
C16 PCW FC . 25.57 13.13 2.03
C17 PCW FC . 26.41 12.69 0.83
C18 PCW FC . 25.62 11.77 -0.11
C19 PCW FC . 26.40 11.38 -1.19
C20 PCW FC . 26.44 10.05 -1.59
C21 PCW FC . 25.69 9.09 -0.92
C22 PCW FC . 26.41 7.74 -0.92
C23 PCW FC . 25.57 6.68 -0.20
C24 PCW FC . 24.21 6.51 -0.86
C25 PCW FC . 24.37 6.08 -2.33
C26 PCW FC . 23.01 5.93 -3.00
C27 PCW FC . 23.17 5.51 -4.47
C28 PCW FC . 21.81 5.36 -5.15
C31 PCW FC . 27.97 20.24 7.76
C32 PCW FC . 27.24 19.47 8.87
C33 PCW FC . 26.32 18.41 8.28
C34 PCW FC . 25.17 19.07 7.49
C35 PCW FC . 24.30 19.91 8.42
C36 PCW FC . 23.10 20.52 7.69
C37 PCW FC . 22.22 21.30 8.67
C38 PCW FC . 21.02 21.91 7.97
C39 PCW FC . 20.22 22.60 8.89
C40 PCW FC . 19.21 23.44 8.43
C41 PCW FC . 18.98 23.61 7.07
C42 PCW FC . 17.72 22.87 6.64
C43 PCW FC . 17.46 23.05 5.14
C44 PCW FC . 16.18 22.34 4.71
C45 PCW FC . 15.95 22.48 3.20
C46 PCW FC . 14.67 21.76 2.76
C47 PCW FC . 13.45 22.35 3.48
C48 PCW FC . 12.17 21.63 3.04
N PCW FC . 28.13 26.80 8.56
O2 PCW FC . 28.77 19.57 6.89
O3 PCW FC . 28.76 19.01 4.10
O11 PCW FC . 30.46 18.09 2.97
O31 PCW FC . 27.82 21.46 7.65
O1P PCW FC . 31.09 22.72 9.95
O2P PCW FC . 32.62 22.55 7.91
O3P PCW FC . 30.21 21.86 7.77
O4P PCW FC . 30.79 24.29 8.01
P PCW FC . 31.27 22.83 8.48
C1 17F GC . 39.14 18.32 -11.28
N1 17F GC . 38.81 17.63 -8.95
O1 17F GC . 38.36 20.08 -13.43
P1 17F GC . 38.06 20.59 -12.07
C2 17F GC . 39.75 17.61 -10.07
O2 17F GC . 38.29 22.02 -11.79
C3 17F GC . 41.05 18.34 -9.67
O3 17F GC . 38.86 19.69 -10.99
C4 17F GC . 35.96 20.63 -10.50
O4 17F GC . 41.27 18.47 -8.44
C5 17F GC . 34.65 19.89 -10.23
O5 17F GC . 41.77 18.75 -10.59
C6 17F GC . 33.57 20.33 -11.20
O6 17F GC . 36.53 20.23 -11.74
C7 17F GC . 31.31 20.23 -11.59
O7 17F GC . 32.32 19.73 -10.84
C8 17F GC . 29.88 19.74 -11.33
O8 17F GC . 31.54 21.07 -12.46
C9 17F GC . 29.37 20.31 -10.01
O9 17F GC . 34.88 18.48 -10.32
C10 17F GC . 28.02 19.72 -9.63
O10 17F GC . 34.07 16.52 -9.64
C11 17F GC . 28.12 18.20 -9.46
C12 17F GC . 26.80 17.62 -8.97
C17 17F GC . 33.96 17.75 -9.63
C18 17F GC . 32.82 18.42 -8.86
C19 17F GC . 33.32 19.12 -7.60
C20 17F GC . 32.15 19.70 -6.80
C1X 17F GC . 26.90 16.10 -8.80
C1Y 17F GC . 32.67 20.48 -5.59
C1Z 17F GC . 31.51 21.02 -4.75
C2X 17F GC . 25.60 15.51 -8.26
C21 17F GC . 24.53 15.81 -9.10
C22 17F GC . 23.23 15.76 -8.62
C23 17F GC . 23.01 15.39 -7.29
C24 17F GC . 21.58 14.86 -7.11
C25 17F GC . 21.33 14.44 -5.67
C26 17F GC . 19.88 13.97 -5.49
C27 17F GC . 19.61 13.54 -4.05
C28 17F GC . 18.16 13.09 -3.88
C29 17F GC . 17.19 14.24 -4.16
C30 17F GC . 15.73 13.80 -4.01
C31 17F GC . 32.05 21.87 -3.60
C32 17F GC . 30.91 22.42 -2.73
C33 17F GC . 31.42 23.33 -1.81
C34 17F GC . 30.98 23.35 -0.50
C35 17F GC . 30.02 22.45 -0.04
C36 17F GC . 28.61 22.93 -0.42
C37 17F GC . 27.54 22.09 0.28
C38 17F GC . 26.14 22.53 -0.14
C39 17F GC . 25.07 21.82 0.69
C40 17F GC . 25.20 22.20 2.17
C41 17F GC . 24.10 21.52 3.00
C42 17F GC . 24.18 21.95 4.47
HN1 17F GC . 39.36 17.13 -8.28
HN1A 17F GC . 38.04 17.00 -8.95
HAC 17F GC . 38.76 18.49 -8.44
C1 17F HC . 37.48 10.55 -2.14
N1 17F HC . 38.96 12.08 -3.36
O1 17F HC . 34.78 11.58 -2.21
P1 17F HC . 35.33 11.18 -3.52
C2 17F HC . 38.06 11.97 -2.20
O2 17F HC . 34.45 10.47 -4.47
C3 17F HC . 38.84 12.27 -0.92
O3 17F HC . 36.65 10.29 -3.27
C4 17F HC . 35.19 13.10 -5.31
O4 17F HC . 38.82 13.44 -0.50
C5 17F HC . 33.86 13.69 -4.81
O5 17F HC . 39.45 11.31 -0.38
C6 17F HC . 33.05 14.18 -5.98
O6 17F HC . 35.92 12.49 -4.24
C7 17F HC . 30.97 14.95 -6.57
O7 17F HC . 31.80 14.71 -5.52
C8 17F HC . 29.58 15.51 -6.32
O8 17F HC . 31.35 14.68 -7.72
C9 17F HC . 28.85 14.66 -5.26
O9 17F HC . 33.14 12.68 -4.10
C10 17F HC . 27.44 15.19 -5.00
O10 17F HC . 32.03 14.45 -3.29
C11 17F HC . 26.76 14.35 -3.91
C12 17F HC . 25.36 14.86 -3.59
C17 17F HC . 32.18 13.23 -3.31
C18 17F HC . 31.31 12.33 -2.44
C19 17F HC . 30.72 13.08 -1.25
C20 17F HC . 29.58 14.02 -1.67
C1X 17F HC . 24.72 14.02 -2.49
C1Y 17F HC . 29.05 14.79 -0.46
C1Z 17F HC . 27.73 15.49 -0.78
C2X 17F HC . 23.32 14.53 -2.13
C21 17F HC . 22.76 13.76 -1.13
C22 17F HC . 21.42 13.93 -0.77
C23 17F HC . 20.64 14.89 -1.42
C24 17F HC . 19.53 15.39 -0.49
C25 17F HC . 18.64 16.41 -1.20
C26 17F HC . 17.56 16.94 -0.25
C27 17F HC . 16.66 17.95 -0.95
C28 17F HC . 15.57 18.46 0.00
C29 17F HC . 14.71 17.31 0.51
C30 17F HC . 13.63 17.81 1.46
C31 17F HC . 27.87 16.49 -1.93
C32 17F HC . 26.52 17.16 -2.21
C33 17F HC . 26.59 18.04 -3.29
C34 17F HC . 25.71 19.11 -3.37
C35 17F HC . 24.78 19.33 -2.36
C36 17F HC . 23.57 18.39 -2.50
C37 17F HC . 22.84 18.65 -3.83
C38 17F HC . 21.61 17.75 -3.95
C39 17F HC . 20.88 18.00 -5.27
C40 17F HC . 19.62 17.15 -5.37
C41 17F HC . 18.88 17.39 -6.69
C42 17F HC . 17.60 16.57 -6.76
HN1 17F HC . 38.31 11.88 -4.08
HN1A 17F HC . 39.59 11.34 -3.56
HAC 17F HC . 39.17 13.02 -3.64
ZN ZN IC . -9.84 12.91 -2.57
ZN ZN JC . -13.43 -0.11 -2.75
N LEU A 1 24.29 -23.61 33.77
CA LEU A 1 24.87 -23.04 34.98
C LEU A 1 25.92 -21.99 34.63
N LYS A 2 26.53 -22.14 33.46
CA LYS A 2 27.56 -21.22 33.01
C LYS A 2 26.96 -19.83 32.80
N LEU A 3 25.93 -19.76 31.97
CA LEU A 3 25.27 -18.49 31.68
C LEU A 3 24.51 -18.00 32.91
N LEU A 4 24.06 -18.95 33.73
CA LEU A 4 23.31 -18.64 34.94
C LEU A 4 24.18 -17.92 35.97
N ASP A 5 25.39 -18.42 36.15
CA ASP A 5 26.32 -17.81 37.10
C ASP A 5 26.81 -16.46 36.63
N ASN A 6 27.12 -16.36 35.34
CA ASN A 6 27.59 -15.11 34.75
C ASN A 6 26.49 -14.06 34.80
N TRP A 7 25.24 -14.53 34.70
CA TRP A 7 24.06 -13.68 34.75
C TRP A 7 23.97 -12.97 36.10
N ASP A 8 24.35 -13.69 37.14
CA ASP A 8 24.32 -13.15 38.50
C ASP A 8 25.30 -12.00 38.65
N SER A 9 26.46 -12.14 38.01
CA SER A 9 27.50 -11.12 38.05
C SER A 9 27.05 -9.85 37.33
N VAL A 10 26.17 -10.02 36.34
CA VAL A 10 25.63 -8.90 35.59
C VAL A 10 24.62 -8.18 36.47
N THR A 11 23.87 -8.97 37.23
CA THR A 11 22.86 -8.45 38.14
C THR A 11 23.50 -7.61 39.24
N SER A 12 24.62 -8.10 39.79
CA SER A 12 25.34 -7.36 40.83
C SER A 12 25.86 -6.05 40.27
N THR A 13 26.34 -6.10 39.03
CA THR A 13 26.86 -4.93 38.35
C THR A 13 25.74 -3.89 38.18
N PHE A 14 24.57 -4.37 37.78
CA PHE A 14 23.40 -3.51 37.59
C PHE A 14 22.98 -2.90 38.93
N SER A 15 23.09 -3.69 39.99
CA SER A 15 22.75 -3.22 41.33
C SER A 15 23.72 -2.12 41.74
N LYS A 16 25.00 -2.34 41.48
CA LYS A 16 26.03 -1.37 41.79
C LYS A 16 25.79 -0.09 41.00
N LEU A 17 25.36 -0.27 39.76
CA LEU A 17 25.05 0.85 38.88
C LEU A 17 23.91 1.67 39.45
N ARG A 18 22.85 0.98 39.90
CA ARG A 18 21.70 1.64 40.47
C ARG A 18 22.07 2.38 41.75
N GLU A 19 22.90 1.74 42.58
CA GLU A 19 23.34 2.35 43.83
C GLU A 19 24.16 3.60 43.56
N GLN A 20 24.83 3.64 42.41
CA GLN A 20 25.61 4.80 42.02
C GLN A 20 24.71 5.82 41.33
N LEU A 21 23.71 5.31 40.60
CA LEU A 21 22.76 6.16 39.89
C LEU A 21 22.02 7.07 40.86
N GLY A 22 21.85 6.60 42.08
CA GLY A 22 21.20 7.40 43.10
C GLY A 22 21.93 8.71 43.29
N PRO A 23 23.15 8.69 43.83
CA PRO A 23 23.96 9.90 44.00
C PRO A 23 24.16 10.60 42.67
N VAL A 24 24.37 9.83 41.61
CA VAL A 24 24.56 10.39 40.27
C VAL A 24 23.39 11.29 39.87
N THR A 25 22.17 10.78 39.95
CA THR A 25 21.01 11.58 39.61
C THR A 25 20.89 12.78 40.52
N GLN A 26 21.16 12.56 41.81
CA GLN A 26 21.09 13.64 42.81
C GLN A 26 22.07 14.75 42.46
N GLU A 27 23.33 14.38 42.26
CA GLU A 27 24.38 15.34 41.93
C GLU A 27 24.12 15.96 40.57
N PHE A 28 23.60 15.16 39.64
CA PHE A 28 23.28 15.65 38.30
C PHE A 28 22.16 16.68 38.34
N TRP A 29 21.04 16.31 38.97
CA TRP A 29 19.90 17.20 39.09
C TRP A 29 20.31 18.46 39.83
N ASP A 30 21.11 18.29 40.87
CA ASP A 30 21.59 19.41 41.68
C ASP A 30 22.38 20.38 40.83
N ASN A 31 23.33 19.87 40.05
CA ASN A 31 24.14 20.72 39.18
C ASN A 31 23.29 21.27 38.04
N LEU A 32 22.33 20.48 37.59
CA LEU A 32 21.43 20.90 36.53
C LEU A 32 20.53 22.03 37.00
N GLU A 33 20.14 21.99 38.27
CA GLU A 33 19.31 23.04 38.84
C GLU A 33 20.09 24.34 38.89
N LYS A 34 21.39 24.24 39.12
CA LYS A 34 22.26 25.40 39.14
C LYS A 34 22.37 25.96 37.73
N GLU A 35 22.33 25.05 36.76
CA GLU A 35 22.37 25.41 35.35
C GLU A 35 21.09 26.16 34.99
N THR A 36 19.95 25.55 35.31
CA THR A 36 18.66 26.16 35.04
C THR A 36 18.48 27.43 35.85
N GLU A 37 19.14 27.49 37.01
CA GLU A 37 19.08 28.66 37.87
C GLU A 37 19.68 29.84 37.13
N GLY A 38 20.84 29.61 36.52
CA GLY A 38 21.48 30.66 35.74
C GLY A 38 20.60 31.03 34.58
N LEU A 39 19.97 30.03 33.99
CA LEU A 39 19.07 30.23 32.85
C LEU A 39 17.83 31.02 33.29
N ARG A 40 17.45 30.86 34.56
CA ARG A 40 16.30 31.57 35.10
C ARG A 40 16.66 33.03 35.25
N GLN A 41 17.87 33.29 35.73
CA GLN A 41 18.37 34.66 35.89
C GLN A 41 18.52 35.28 34.51
N GLU A 42 19.00 34.46 33.57
CA GLU A 42 19.17 34.90 32.21
C GLU A 42 17.82 35.18 31.55
N MET A 43 16.79 34.47 31.98
CA MET A 43 15.44 34.65 31.44
C MET A 43 14.96 36.06 31.75
N SER A 44 15.32 36.55 32.92
CA SER A 44 14.94 37.89 33.36
C SER A 44 15.93 38.94 32.85
N LYS A 45 16.84 38.51 31.99
CA LYS A 45 17.85 39.39 31.41
C LYS A 45 17.81 39.32 29.89
N ASP A 46 18.22 38.19 29.34
CA ASP A 46 18.25 37.97 27.91
C ASP A 46 16.87 38.12 27.28
N LEU A 47 15.90 37.38 27.84
CA LEU A 47 14.54 37.42 27.35
C LEU A 47 13.86 38.75 27.65
N GLU A 48 14.10 39.27 28.85
CA GLU A 48 13.50 40.53 29.27
C GLU A 48 14.04 41.71 28.46
N GLU A 49 15.36 41.82 28.37
CA GLU A 49 15.96 42.92 27.63
C GLU A 49 15.63 42.83 26.14
N VAL A 50 15.59 41.62 25.61
CA VAL A 50 15.27 41.44 24.20
C VAL A 50 13.80 41.73 23.93
N LYS A 51 12.98 41.59 24.98
CA LYS A 51 11.55 41.84 24.87
C LYS A 51 11.26 43.34 24.94
N ALA A 52 12.00 44.02 25.80
CA ALA A 52 11.84 45.47 25.95
C ALA A 52 12.49 46.20 24.78
N LYS A 53 13.60 45.65 24.32
CA LYS A 53 14.33 46.24 23.20
C LYS A 53 13.71 45.88 21.86
N VAL A 54 12.98 44.76 21.81
CA VAL A 54 12.34 44.35 20.56
C VAL A 54 11.30 45.36 20.12
N GLN A 55 10.76 46.12 21.07
CA GLN A 55 9.76 47.13 20.76
C GLN A 55 10.32 48.21 19.83
N PRO A 56 11.36 48.97 20.26
CA PRO A 56 11.96 50.00 19.39
C PRO A 56 12.68 49.37 18.20
N TYR A 57 13.16 48.12 18.38
CA TYR A 57 13.84 47.39 17.32
C TYR A 57 12.87 47.11 16.18
N LEU A 58 11.74 46.50 16.52
CA LEU A 58 10.71 46.18 15.53
C LEU A 58 10.09 47.47 15.04
N ASP A 59 10.09 48.49 15.89
CA ASP A 59 9.54 49.80 15.54
C ASP A 59 10.31 50.38 14.36
N ASP A 60 11.63 50.33 14.45
CA ASP A 60 12.48 50.83 13.39
C ASP A 60 12.29 50.02 12.13
N PHE A 61 12.38 48.70 12.26
CA PHE A 61 12.19 47.80 11.13
C PHE A 61 10.83 48.00 10.48
N GLN A 62 9.80 48.17 11.32
CA GLN A 62 8.45 48.38 10.82
C GLN A 62 8.35 49.72 10.10
N LYS A 63 8.95 50.74 10.69
CA LYS A 63 8.95 52.08 10.10
C LYS A 63 9.67 52.06 8.75
N LYS A 64 10.88 51.49 8.75
CA LYS A 64 11.67 51.40 7.53
C LYS A 64 10.92 50.60 6.48
N TRP A 65 10.34 49.48 6.91
CA TRP A 65 9.56 48.62 6.02
C TRP A 65 8.34 49.36 5.47
N GLN A 66 7.71 50.17 6.32
CA GLN A 66 6.55 50.94 5.90
C GLN A 66 6.96 51.95 4.84
N GLU A 67 8.06 52.64 5.12
CA GLU A 67 8.59 53.63 4.19
C GLU A 67 8.98 52.93 2.89
N GLU A 68 9.64 51.79 3.02
CA GLU A 68 10.05 51.00 1.86
C GLU A 68 8.83 50.58 1.05
N MET A 69 7.81 50.13 1.76
CA MET A 69 6.56 49.73 1.13
C MET A 69 5.94 50.90 0.38
N GLU A 70 5.89 52.06 1.05
CA GLU A 70 5.35 53.26 0.44
C GLU A 70 6.14 53.63 -0.80
N LEU A 71 7.47 53.62 -0.67
CA LEU A 71 8.35 53.94 -1.79
C LEU A 71 8.04 53.01 -2.97
N TYR A 72 7.93 51.73 -2.67
CA TYR A 72 7.64 50.73 -3.69
C TYR A 72 6.27 50.94 -4.30
N ARG A 73 5.27 51.20 -3.47
CA ARG A 73 3.90 51.41 -3.94
C ARG A 73 3.79 52.67 -4.78
N GLN A 74 4.42 53.75 -4.34
CA GLN A 74 4.37 55.01 -5.05
C GLN A 74 5.14 54.94 -6.36
N LYS A 75 6.23 54.20 -6.36
CA LYS A 75 7.04 54.05 -7.56
C LYS A 75 6.47 53.02 -8.50
N VAL A 76 5.91 51.95 -7.95
CA VAL A 76 5.35 50.87 -8.76
C VAL A 76 4.22 51.35 -9.67
N GLU A 77 3.52 52.40 -9.28
CA GLU A 77 2.42 52.93 -10.09
C GLU A 77 2.93 53.46 -11.45
N PRO A 78 3.79 54.50 -11.46
CA PRO A 78 4.33 55.03 -12.72
C PRO A 78 5.18 53.98 -13.45
N LEU A 79 5.86 53.13 -12.68
CA LEU A 79 6.69 52.08 -13.27
C LEU A 79 5.81 51.07 -14.00
N ARG A 80 4.70 50.68 -13.37
CA ARG A 80 3.77 49.73 -13.97
C ARG A 80 3.18 50.33 -15.22
N ALA A 81 2.98 51.64 -15.20
CA ALA A 81 2.43 52.36 -16.34
C ALA A 81 3.38 52.22 -17.52
N GLU A 82 4.68 52.42 -17.26
CA GLU A 82 5.69 52.30 -18.30
C GLU A 82 5.73 50.88 -18.82
N LEU A 83 5.61 49.92 -17.90
CA LEU A 83 5.60 48.52 -18.27
C LEU A 83 4.36 48.18 -19.08
N GLN A 84 3.24 48.76 -18.70
CA GLN A 84 1.97 48.52 -19.39
C GLN A 84 1.99 49.14 -20.78
N GLU A 85 2.28 50.43 -20.86
CA GLU A 85 2.34 51.13 -22.13
C GLU A 85 3.46 50.56 -23.00
N GLY A 86 4.58 50.23 -22.36
CA GLY A 86 5.69 49.63 -23.06
C GLY A 86 5.31 48.27 -23.60
N ALA A 87 4.55 47.52 -22.80
CA ALA A 87 4.09 46.19 -23.21
C ALA A 87 3.17 46.33 -24.40
N ARG A 88 2.30 47.34 -24.36
CA ARG A 88 1.38 47.59 -25.46
C ARG A 88 2.15 47.86 -26.73
N GLN A 89 3.23 48.64 -26.62
CA GLN A 89 4.08 48.96 -27.75
C GLN A 89 4.78 47.70 -28.27
N LYS A 90 5.40 46.96 -27.36
CA LYS A 90 6.11 45.74 -27.72
C LYS A 90 5.15 44.68 -28.27
N LEU A 91 3.98 44.55 -27.66
CA LEU A 91 2.98 43.59 -28.11
C LEU A 91 2.43 44.01 -29.46
N HIS A 92 2.24 45.31 -29.64
CA HIS A 92 1.74 45.83 -30.91
C HIS A 92 2.74 45.49 -32.01
N GLU A 93 4.01 45.72 -31.71
CA GLU A 93 5.09 45.42 -32.65
C GLU A 93 5.06 43.94 -33.00
N LEU A 94 4.75 43.12 -32.00
CA LEU A 94 4.68 41.68 -32.21
C LEU A 94 3.43 41.31 -33.01
N GLN A 95 2.31 41.91 -32.65
CA GLN A 95 1.04 41.67 -33.35
C GLN A 95 1.16 42.08 -34.81
N GLU A 96 1.89 43.16 -35.04
CA GLU A 96 2.12 43.68 -36.38
C GLU A 96 2.94 42.69 -37.21
N LYS A 97 3.47 41.67 -36.55
CA LYS A 97 4.25 40.63 -37.21
C LYS A 97 3.51 39.31 -37.17
N LEU A 98 2.84 39.06 -36.04
CA LEU A 98 2.09 37.83 -35.82
C LEU A 98 1.04 37.61 -36.92
N SER A 99 0.36 38.67 -37.31
CA SER A 99 -0.66 38.57 -38.35
C SER A 99 -0.07 38.31 -39.73
N PRO A 100 0.76 39.22 -40.30
CA PRO A 100 1.35 39.02 -41.64
C PRO A 100 2.23 37.77 -41.72
N LEU A 101 3.15 37.63 -40.77
CA LEU A 101 4.04 36.47 -40.75
C LEU A 101 3.26 35.20 -40.45
N GLY A 102 2.15 35.36 -39.75
CA GLY A 102 1.30 34.22 -39.43
C GLY A 102 0.54 33.77 -40.66
N GLU A 103 -0.03 34.73 -41.37
CA GLU A 103 -0.77 34.46 -42.58
C GLU A 103 0.15 33.79 -43.60
N GLU A 104 1.34 34.37 -43.73
CA GLU A 104 2.35 33.84 -44.64
C GLU A 104 2.82 32.46 -44.19
N MET A 105 2.98 32.31 -42.87
CA MET A 105 3.42 31.03 -42.32
C MET A 105 2.40 29.94 -42.65
N ARG A 106 1.13 30.28 -42.52
CA ARG A 106 0.05 29.32 -42.83
C ARG A 106 0.03 28.97 -44.31
N ASP A 107 0.24 29.97 -45.16
CA ASP A 107 0.23 29.74 -46.60
C ASP A 107 1.49 28.99 -47.03
N ARG A 108 2.64 29.40 -46.48
CA ARG A 108 3.88 28.72 -46.78
C ARG A 108 3.83 27.29 -46.28
N ALA A 109 3.10 27.09 -45.17
CA ALA A 109 2.92 25.76 -44.61
C ALA A 109 2.04 24.93 -45.53
N ARG A 110 1.13 25.60 -46.24
CA ARG A 110 0.26 24.94 -47.20
C ARG A 110 1.12 24.27 -48.25
N ALA A 111 2.01 25.06 -48.85
CA ALA A 111 2.93 24.57 -49.88
C ALA A 111 3.92 23.59 -49.26
N HIS A 112 4.33 23.86 -48.04
CA HIS A 112 5.27 23.01 -47.32
C HIS A 112 4.72 21.58 -47.23
N VAL A 113 3.49 21.48 -46.72
CA VAL A 113 2.82 20.20 -46.57
C VAL A 113 2.30 19.69 -47.91
N ASP A 114 1.98 20.61 -48.82
CA ASP A 114 1.48 20.25 -50.14
C ASP A 114 2.55 19.49 -50.90
N ALA A 115 3.77 20.01 -50.87
CA ALA A 115 4.89 19.37 -51.54
C ALA A 115 5.13 18.02 -50.89
N LEU A 116 4.91 17.96 -49.57
CA LEU A 116 5.06 16.72 -48.81
C LEU A 116 4.01 15.73 -49.27
N ARG A 117 2.75 16.17 -49.30
CA ARG A 117 1.64 15.31 -49.72
C ARG A 117 1.85 14.79 -51.14
N THR A 118 2.22 15.70 -52.03
CA THR A 118 2.45 15.35 -53.43
C THR A 118 3.60 14.35 -53.55
N HIS A 119 4.57 14.43 -52.65
CA HIS A 119 5.70 13.53 -52.66
C HIS A 119 5.37 12.24 -51.91
N LEU A 120 4.56 12.35 -50.87
CA LEU A 120 4.15 11.21 -50.07
C LEU A 120 3.30 10.22 -50.85
N ALA A 121 2.55 10.72 -51.83
CA ALA A 121 1.70 9.86 -52.64
C ALA A 121 2.52 8.76 -53.32
N PRO A 122 3.51 9.10 -54.18
CA PRO A 122 4.35 8.09 -54.83
C PRO A 122 5.21 7.36 -53.79
N TYR A 123 5.56 8.07 -52.71
CA TYR A 123 6.37 7.49 -51.65
C TYR A 123 5.65 6.31 -51.03
N SER A 124 4.44 6.54 -50.54
CA SER A 124 3.65 5.50 -49.92
C SER A 124 3.22 4.44 -50.93
N ASP A 125 2.88 4.86 -52.14
CA ASP A 125 2.48 3.93 -53.19
C ASP A 125 3.59 2.93 -53.46
N GLU A 126 4.78 3.45 -53.72
CA GLU A 126 5.93 2.60 -53.97
C GLU A 126 6.32 1.83 -52.71
N LEU A 127 6.06 2.42 -51.54
CA LEU A 127 6.35 1.77 -50.28
C LEU A 127 5.47 0.54 -50.11
N ARG A 128 4.23 0.66 -50.57
CA ARG A 128 3.29 -0.45 -50.50
C ARG A 128 3.80 -1.57 -51.39
N GLN A 129 4.39 -1.19 -52.51
CA GLN A 129 4.96 -2.17 -53.44
C GLN A 129 6.18 -2.81 -52.79
N ARG A 130 6.96 -1.98 -52.11
CA ARG A 130 8.15 -2.44 -51.39
C ARG A 130 7.73 -3.44 -50.33
N LEU A 131 6.73 -3.07 -49.55
CA LEU A 131 6.20 -3.93 -48.49
C LEU A 131 5.67 -5.22 -49.08
N ALA A 132 4.94 -5.11 -50.18
CA ALA A 132 4.37 -6.28 -50.84
C ALA A 132 5.48 -7.23 -51.27
N ALA A 133 6.48 -6.68 -51.94
CA ALA A 133 7.61 -7.47 -52.41
C ALA A 133 8.38 -8.07 -51.25
N ARG A 134 8.58 -7.29 -50.20
CA ARG A 134 9.29 -7.74 -49.01
C ARG A 134 8.48 -8.81 -48.28
N LEU A 135 7.18 -8.58 -48.16
CA LEU A 135 6.29 -9.53 -47.49
C LEU A 135 6.25 -10.84 -48.24
N GLU A 136 6.11 -10.78 -49.56
CA GLU A 136 6.08 -12.00 -50.37
C GLU A 136 7.37 -12.78 -50.23
N ALA A 137 8.48 -12.06 -50.08
CA ALA A 137 9.78 -12.68 -49.90
C ALA A 137 9.79 -13.44 -48.56
N LEU A 138 9.28 -12.79 -47.53
CA LEU A 138 9.22 -13.40 -46.21
C LEU A 138 8.12 -14.46 -46.12
N LYS A 139 7.29 -14.53 -47.14
CA LYS A 139 6.22 -15.52 -47.19
C LYS A 139 6.74 -16.78 -47.84
N GLU A 140 7.28 -16.65 -49.05
CA GLU A 140 7.82 -17.78 -49.78
C GLU A 140 9.09 -18.30 -49.12
N ASN A 141 10.06 -17.41 -48.96
CA ASN A 141 11.34 -17.78 -48.33
C ASN A 141 11.11 -18.08 -46.86
N GLY A 142 10.20 -17.33 -46.25
CA GLY A 142 9.88 -17.53 -44.86
C GLY A 142 9.25 -18.89 -44.63
N GLY A 143 8.36 -19.28 -45.55
CA GLY A 143 7.72 -20.58 -45.46
C GLY A 143 8.73 -21.69 -45.54
N ALA A 144 9.75 -21.48 -46.38
CA ALA A 144 10.82 -22.45 -46.54
C ALA A 144 11.58 -22.58 -45.23
N ARG A 145 11.82 -21.44 -44.59
CA ARG A 145 12.53 -21.42 -43.32
C ARG A 145 11.70 -22.12 -42.24
N LEU A 146 10.39 -21.87 -42.27
CA LEU A 146 9.48 -22.48 -41.30
C LEU A 146 9.51 -24.00 -41.43
N ALA A 147 9.37 -24.48 -42.66
CA ALA A 147 9.38 -25.91 -42.93
C ALA A 147 10.74 -26.50 -42.57
N GLU A 148 11.80 -25.76 -42.88
CA GLU A 148 13.15 -26.17 -42.58
C GLU A 148 13.35 -26.27 -41.07
N TYR A 149 12.90 -25.25 -40.35
CA TYR A 149 13.01 -25.22 -38.91
C TYR A 149 12.25 -26.37 -38.28
N HIS A 150 11.10 -26.71 -38.86
CA HIS A 150 10.30 -27.81 -38.37
C HIS A 150 11.07 -29.12 -38.53
N ALA A 151 11.77 -29.24 -39.65
CA ALA A 151 12.57 -30.42 -39.93
C ALA A 151 13.73 -30.50 -38.94
N LYS A 152 14.38 -29.37 -38.72
CA LYS A 152 15.50 -29.30 -37.78
C LYS A 152 15.00 -29.64 -36.38
N ALA A 153 13.87 -29.04 -35.99
CA ALA A 153 13.28 -29.28 -34.68
C ALA A 153 12.95 -30.75 -34.52
N THR A 154 12.46 -31.36 -35.60
CA THR A 154 12.12 -32.77 -35.58
C THR A 154 13.36 -33.61 -35.28
N GLU A 155 14.46 -33.34 -35.99
CA GLU A 155 15.69 -34.07 -35.76
C GLU A 155 16.25 -33.78 -34.37
N HIS A 156 16.03 -32.54 -33.92
CA HIS A 156 16.47 -32.13 -32.59
C HIS A 156 15.67 -32.87 -31.52
N LEU A 157 14.42 -33.20 -31.86
CA LEU A 157 13.55 -33.93 -30.96
C LEU A 157 13.93 -35.40 -30.94
N SER A 158 14.29 -35.93 -32.11
CA SER A 158 14.71 -37.31 -32.23
C SER A 158 15.97 -37.54 -31.39
N THR A 159 16.89 -36.58 -31.44
CA THR A 159 18.12 -36.67 -30.67
C THR A 159 17.84 -36.32 -29.21
N LEU A 160 16.79 -35.53 -28.99
CA LEU A 160 16.39 -35.15 -27.63
C LEU A 160 15.90 -36.38 -26.92
N SER A 161 15.28 -37.29 -27.66
CA SER A 161 14.76 -38.53 -27.10
C SER A 161 15.92 -39.40 -26.62
N GLU A 162 17.10 -39.21 -27.22
CA GLU A 162 18.29 -39.95 -26.83
C GLU A 162 18.79 -39.43 -25.49
N LYS A 163 18.34 -38.24 -25.14
CA LYS A 163 18.70 -37.61 -23.89
C LYS A 163 17.61 -37.91 -22.86
N ALA A 164 16.36 -37.87 -23.32
CA ALA A 164 15.21 -38.12 -22.45
C ALA A 164 15.05 -39.60 -22.11
N LYS A 165 15.50 -40.48 -22.98
CA LYS A 165 15.37 -41.91 -22.72
C LYS A 165 16.71 -42.56 -22.29
N PRO A 166 17.66 -42.84 -23.22
CA PRO A 166 18.94 -43.47 -22.85
C PRO A 166 19.73 -42.66 -21.82
N ALA A 167 19.98 -41.39 -22.11
CA ALA A 167 20.74 -40.52 -21.21
C ALA A 167 20.07 -40.41 -19.84
N LEU A 168 18.81 -39.99 -19.82
CA LEU A 168 18.07 -39.84 -18.57
C LEU A 168 18.05 -41.14 -17.77
N GLU A 169 17.89 -42.26 -18.47
CA GLU A 169 17.88 -43.56 -17.81
C GLU A 169 19.24 -43.83 -17.18
N ASP A 170 20.29 -43.62 -17.95
CA ASP A 170 21.66 -43.82 -17.48
C ASP A 170 21.94 -42.95 -16.26
N LEU A 171 21.52 -41.70 -16.35
CA LEU A 171 21.71 -40.76 -15.25
C LEU A 171 20.93 -41.20 -14.02
N ARG A 172 19.68 -41.62 -14.23
CA ARG A 172 18.84 -42.08 -13.13
C ARG A 172 19.38 -43.37 -12.51
N GLN A 173 19.85 -44.27 -13.37
CA GLN A 173 20.42 -45.54 -12.92
C GLN A 173 21.69 -45.28 -12.11
N GLY A 174 22.40 -44.23 -12.48
CA GLY A 174 23.61 -43.86 -11.78
C GLY A 174 23.30 -43.07 -10.53
N LEU A 175 22.16 -42.38 -10.56
CA LEU A 175 21.70 -41.57 -9.44
C LEU A 175 21.22 -42.44 -8.29
N LEU A 176 20.69 -43.62 -8.61
CA LEU A 176 20.20 -44.55 -7.60
C LEU A 176 21.25 -44.80 -6.51
N PRO A 177 22.43 -45.38 -6.86
CA PRO A 177 23.49 -45.64 -5.89
C PRO A 177 24.03 -44.33 -5.29
N VAL A 178 23.88 -43.23 -6.03
CA VAL A 178 24.33 -41.93 -5.53
C VAL A 178 23.48 -41.53 -4.34
N LEU A 179 22.17 -41.59 -4.51
CA LEU A 179 21.25 -41.25 -3.44
C LEU A 179 21.47 -42.17 -2.25
N GLU A 180 21.68 -43.46 -2.54
CA GLU A 180 21.92 -44.44 -1.49
C GLU A 180 23.17 -44.10 -0.69
N SER A 181 24.29 -43.85 -1.39
CA SER A 181 25.54 -43.50 -0.74
C SER A 181 25.42 -42.19 0.03
N PHE A 182 24.67 -41.24 -0.53
CA PHE A 182 24.47 -39.95 0.10
C PHE A 182 23.65 -40.09 1.37
N LYS A 183 22.68 -41.01 1.35
CA LYS A 183 21.84 -41.26 2.52
C LYS A 183 22.69 -41.75 3.68
N VAL A 184 23.74 -42.49 3.35
CA VAL A 184 24.67 -42.99 4.35
C VAL A 184 25.40 -41.82 5.00
N SER A 185 25.75 -40.83 4.18
CA SER A 185 26.44 -39.65 4.65
C SER A 185 25.50 -38.78 5.48
N PHE A 186 24.23 -38.70 5.06
CA PHE A 186 23.24 -37.91 5.75
C PHE A 186 22.91 -38.51 7.11
N LEU A 187 22.74 -39.82 7.16
CA LEU A 187 22.42 -40.52 8.40
C LEU A 187 23.54 -40.39 9.42
N SER A 188 24.78 -40.51 8.96
CA SER A 188 25.92 -40.40 9.83
C SER A 188 26.07 -38.96 10.32
N ALA A 189 25.76 -38.01 9.45
CA ALA A 189 25.83 -36.59 9.79
C ALA A 189 24.83 -36.27 10.89
N LEU A 190 23.65 -36.90 10.80
CA LEU A 190 22.60 -36.71 11.79
C LEU A 190 23.09 -37.18 13.16
N GLU A 191 23.86 -38.26 13.16
CA GLU A 191 24.40 -38.80 14.39
C GLU A 191 25.42 -37.82 14.97
N GLU A 192 26.27 -37.29 14.08
CA GLU A 192 27.29 -36.33 14.48
C GLU A 192 26.66 -35.11 15.14
N TYR A 193 25.50 -34.70 14.63
CA TYR A 193 24.78 -33.56 15.18
C TYR A 193 24.42 -33.81 16.64
N THR A 194 23.68 -34.89 16.88
CA THR A 194 23.23 -35.26 18.22
C THR A 194 24.42 -35.55 19.17
N LYS A 195 25.45 -36.17 18.66
CA LYS A 195 26.62 -36.52 19.47
C LYS A 195 27.47 -35.31 19.86
N LYS A 196 27.74 -34.43 18.90
CA LYS A 196 28.60 -33.28 19.16
C LYS A 196 27.87 -32.05 19.70
N LEU A 197 26.66 -31.80 19.21
CA LEU A 197 25.90 -30.63 19.67
C LEU A 197 25.05 -30.97 20.87
N ASN A 198 24.26 -32.01 20.76
CA ASN A 198 23.37 -32.43 21.84
C ASN A 198 24.05 -33.47 22.74
N LEU B 1 33.43 -42.08 -8.37
CA LEU B 1 33.73 -43.49 -8.63
C LEU B 1 32.97 -43.96 -9.86
N LYS B 2 31.94 -43.22 -10.22
CA LYS B 2 31.13 -43.54 -11.37
C LYS B 2 31.05 -42.33 -12.29
N LEU B 3 31.96 -41.38 -12.09
CA LEU B 3 32.00 -40.17 -12.89
C LEU B 3 32.44 -40.49 -14.32
N LEU B 4 33.23 -41.55 -14.46
CA LEU B 4 33.71 -41.98 -15.76
C LEU B 4 32.56 -42.44 -16.64
N ASP B 5 31.63 -43.19 -16.03
CA ASP B 5 30.47 -43.70 -16.74
C ASP B 5 29.60 -42.55 -17.21
N ASN B 6 29.36 -41.60 -16.32
CA ASN B 6 28.54 -40.43 -16.64
C ASN B 6 29.25 -39.55 -17.66
N TRP B 7 30.56 -39.39 -17.50
CA TRP B 7 31.36 -38.58 -18.42
C TRP B 7 31.21 -39.09 -19.84
N ASP B 8 31.21 -40.41 -19.98
CA ASP B 8 31.07 -41.03 -21.30
C ASP B 8 29.69 -40.70 -21.88
N SER B 9 28.68 -40.74 -21.02
CA SER B 9 27.32 -40.41 -21.43
C SER B 9 27.26 -38.97 -21.93
N VAL B 10 28.02 -38.09 -21.28
CA VAL B 10 28.07 -36.70 -21.68
C VAL B 10 28.72 -36.59 -23.05
N THR B 11 29.79 -37.35 -23.26
CA THR B 11 30.48 -37.36 -24.54
C THR B 11 29.55 -37.89 -25.63
N SER B 12 28.69 -38.84 -25.26
CA SER B 12 27.73 -39.41 -26.19
C SER B 12 26.77 -38.32 -26.64
N THR B 13 26.38 -37.46 -25.70
CA THR B 13 25.50 -36.34 -26.01
C THR B 13 26.22 -35.40 -26.98
N PHE B 14 27.51 -35.21 -26.73
CA PHE B 14 28.33 -34.35 -27.59
C PHE B 14 28.48 -34.99 -28.96
N SER B 15 28.60 -36.32 -28.99
CA SER B 15 28.73 -37.05 -30.24
C SER B 15 27.47 -36.85 -31.08
N LYS B 16 26.31 -36.96 -30.44
CA LYS B 16 25.03 -36.76 -31.11
C LYS B 16 24.90 -35.32 -31.56
N LEU B 17 25.51 -34.42 -30.80
CA LEU B 17 25.50 -33.01 -31.14
C LEU B 17 26.35 -32.80 -32.39
N ARG B 18 27.46 -33.52 -32.46
CA ARG B 18 28.35 -33.47 -33.62
C ARG B 18 27.61 -33.98 -34.86
N GLU B 19 26.87 -35.07 -34.67
CA GLU B 19 26.09 -35.68 -35.73
C GLU B 19 24.98 -34.73 -36.20
N GLN B 20 24.56 -33.83 -35.32
CA GLN B 20 23.54 -32.86 -35.65
C GLN B 20 24.17 -31.66 -36.34
N LEU B 21 25.21 -31.12 -35.72
CA LEU B 21 25.93 -29.94 -36.22
C LEU B 21 26.20 -30.03 -37.71
N GLY B 22 26.73 -31.16 -38.16
CA GLY B 22 27.04 -31.35 -39.57
C GLY B 22 25.87 -31.03 -40.49
N PRO B 23 24.90 -31.96 -40.61
CA PRO B 23 23.72 -31.77 -41.47
C PRO B 23 22.99 -30.45 -41.19
N VAL B 24 22.88 -30.10 -39.91
CA VAL B 24 22.20 -28.87 -39.53
C VAL B 24 22.87 -27.63 -40.11
N THR B 25 24.18 -27.53 -39.98
CA THR B 25 24.91 -26.38 -40.51
C THR B 25 24.89 -26.36 -42.03
N GLN B 26 24.90 -27.55 -42.63
CA GLN B 26 24.87 -27.68 -44.08
C GLN B 26 23.61 -27.02 -44.64
N GLU B 27 22.47 -27.43 -44.10
CA GLU B 27 21.20 -26.87 -44.53
C GLU B 27 21.04 -25.45 -44.00
N PHE B 28 21.70 -25.16 -42.87
CA PHE B 28 21.64 -23.83 -42.28
C PHE B 28 22.34 -22.83 -43.20
N TRP B 29 23.47 -23.25 -43.75
CA TRP B 29 24.23 -22.42 -44.68
C TRP B 29 23.41 -22.20 -45.94
N ASP B 30 22.69 -23.25 -46.34
CA ASP B 30 21.82 -23.18 -47.51
C ASP B 30 20.68 -22.22 -47.19
N ASN B 31 20.24 -22.26 -45.95
CA ASN B 31 19.19 -21.36 -45.47
C ASN B 31 19.72 -19.94 -45.50
N LEU B 32 20.95 -19.77 -45.01
CA LEU B 32 21.61 -18.47 -44.99
C LEU B 32 21.71 -17.92 -46.40
N GLU B 33 22.02 -18.79 -47.36
CA GLU B 33 22.11 -18.39 -48.76
C GLU B 33 20.73 -17.94 -49.25
N LYS B 34 19.71 -18.70 -48.89
CA LYS B 34 18.35 -18.38 -49.27
C LYS B 34 17.97 -17.02 -48.68
N GLU B 35 18.24 -16.87 -47.39
CA GLU B 35 17.95 -15.63 -46.69
C GLU B 35 18.69 -14.45 -47.31
N THR B 36 20.01 -14.58 -47.43
CA THR B 36 20.82 -13.52 -48.00
C THR B 36 20.38 -13.17 -49.42
N GLU B 37 20.15 -14.18 -50.24
CA GLU B 37 19.70 -13.97 -51.61
C GLU B 37 18.34 -13.28 -51.62
N GLY B 38 17.47 -13.70 -50.71
CA GLY B 38 16.15 -13.10 -50.61
C GLY B 38 16.27 -11.65 -50.19
N LEU B 39 17.14 -11.40 -49.20
CA LEU B 39 17.36 -10.05 -48.71
C LEU B 39 17.98 -9.21 -49.82
N ARG B 40 18.81 -9.84 -50.65
CA ARG B 40 19.45 -9.16 -51.75
C ARG B 40 18.42 -8.73 -52.79
N GLN B 41 17.34 -9.51 -52.90
CA GLN B 41 16.26 -9.18 -53.83
C GLN B 41 15.60 -7.88 -53.36
N GLU B 42 15.39 -7.79 -52.05
CA GLU B 42 14.80 -6.62 -51.45
C GLU B 42 15.77 -5.45 -51.52
N MET B 43 17.01 -5.71 -51.10
CA MET B 43 18.08 -4.71 -51.07
C MET B 43 18.37 -4.10 -52.43
N SER B 44 18.41 -4.90 -53.48
CA SER B 44 18.69 -4.39 -54.83
C SER B 44 17.64 -3.36 -55.23
N LYS B 45 16.37 -3.72 -55.07
CA LYS B 45 15.28 -2.84 -55.41
C LYS B 45 15.27 -1.66 -54.44
N ASP B 46 15.54 -1.97 -53.17
CA ASP B 46 15.56 -0.97 -52.11
C ASP B 46 16.61 0.11 -52.40
N LEU B 47 17.82 -0.33 -52.70
CA LEU B 47 18.93 0.59 -52.99
C LEU B 47 18.67 1.40 -54.26
N GLU B 48 18.30 0.73 -55.34
CA GLU B 48 18.04 1.40 -56.60
C GLU B 48 16.90 2.40 -56.46
N GLU B 49 15.84 1.99 -55.78
CA GLU B 49 14.69 2.85 -55.56
C GLU B 49 15.03 3.94 -54.57
N VAL B 50 15.91 3.63 -53.61
CA VAL B 50 16.33 4.60 -52.61
C VAL B 50 17.06 5.75 -53.29
N LYS B 51 17.80 5.43 -54.34
CA LYS B 51 18.50 6.46 -55.10
C LYS B 51 17.50 7.39 -55.76
N ALA B 52 16.36 6.84 -56.12
CA ALA B 52 15.30 7.62 -56.76
C ALA B 52 14.31 8.14 -55.72
N LYS B 53 14.65 7.96 -54.44
CA LYS B 53 13.79 8.44 -53.36
C LYS B 53 14.54 9.46 -52.51
N VAL B 54 15.82 9.21 -52.27
CA VAL B 54 16.65 10.12 -51.48
C VAL B 54 16.89 11.41 -52.27
N GLN B 55 17.08 11.28 -53.58
CA GLN B 55 17.30 12.44 -54.44
C GLN B 55 16.15 13.44 -54.35
N PRO B 56 14.89 13.04 -54.66
CA PRO B 56 13.74 13.94 -54.57
C PRO B 56 13.51 14.39 -53.13
N TYR B 57 13.83 13.51 -52.18
CA TYR B 57 13.68 13.82 -50.77
C TYR B 57 14.62 14.96 -50.39
N LEU B 58 15.86 14.85 -50.85
CA LEU B 58 16.87 15.87 -50.59
C LEU B 58 16.42 17.20 -51.18
N ASP B 59 15.98 17.15 -52.43
CA ASP B 59 15.51 18.34 -53.14
C ASP B 59 14.28 18.95 -52.46
N ASP B 60 13.30 18.12 -52.20
CA ASP B 60 12.06 18.55 -51.55
C ASP B 60 12.35 19.16 -50.18
N PHE B 61 13.21 18.50 -49.42
CA PHE B 61 13.56 18.99 -48.10
C PHE B 61 14.38 20.27 -48.20
N GLN B 62 15.30 20.32 -49.15
CA GLN B 62 16.12 21.50 -49.35
C GLN B 62 15.26 22.67 -49.79
N LYS B 63 14.18 22.37 -50.51
CA LYS B 63 13.26 23.38 -50.97
C LYS B 63 12.52 23.97 -49.76
N LYS B 64 12.09 23.08 -48.87
CA LYS B 64 11.40 23.48 -47.65
C LYS B 64 12.36 24.23 -46.75
N TRP B 65 13.61 23.77 -46.72
CA TRP B 65 14.64 24.42 -45.91
C TRP B 65 14.95 25.79 -46.47
N GLN B 66 14.90 25.92 -47.80
CA GLN B 66 15.13 27.19 -48.46
C GLN B 66 14.06 28.16 -48.02
N GLU B 67 12.81 27.72 -48.10
CA GLU B 67 11.68 28.53 -47.69
C GLU B 67 11.85 28.95 -46.23
N GLU B 68 12.22 27.99 -45.39
CA GLU B 68 12.43 28.23 -43.97
C GLU B 68 13.54 29.26 -43.76
N MET B 69 14.68 29.05 -44.40
CA MET B 69 15.81 29.96 -44.29
C MET B 69 15.46 31.35 -44.81
N GLU B 70 14.76 31.40 -45.93
CA GLU B 70 14.36 32.67 -46.53
C GLU B 70 13.34 33.36 -45.64
N LEU B 71 12.48 32.58 -45.00
CA LEU B 71 11.49 33.11 -44.10
C LEU B 71 12.18 33.67 -42.86
N TYR B 72 13.28 33.05 -42.46
CA TYR B 72 14.04 33.51 -41.29
C TYR B 72 14.58 34.91 -41.55
N ARG B 73 14.84 35.21 -42.81
CA ARG B 73 15.35 36.53 -43.19
C ARG B 73 14.27 37.58 -43.06
N GLN B 74 13.01 37.12 -43.11
CA GLN B 74 11.88 38.02 -42.99
C GLN B 74 11.20 37.85 -41.64
N LYS B 75 11.75 36.97 -40.82
CA LYS B 75 11.21 36.73 -39.50
C LYS B 75 12.25 37.01 -38.44
N VAL B 76 13.18 36.08 -38.26
CA VAL B 76 14.24 36.20 -37.25
C VAL B 76 15.03 37.50 -37.40
N GLU B 77 15.46 37.82 -38.62
CA GLU B 77 16.24 39.03 -38.86
C GLU B 77 15.48 40.31 -38.44
N PRO B 78 14.29 40.58 -39.01
CA PRO B 78 13.49 41.76 -38.64
C PRO B 78 13.08 41.72 -37.17
N LEU B 79 12.69 40.52 -36.69
CA LEU B 79 12.28 40.37 -35.31
C LEU B 79 13.46 40.65 -34.38
N ARG B 80 14.67 40.36 -34.85
CA ARG B 80 15.87 40.61 -34.06
C ARG B 80 16.03 42.10 -33.86
N ALA B 81 15.63 42.88 -34.87
CA ALA B 81 15.69 44.33 -34.81
C ALA B 81 14.60 44.85 -33.89
N GLU B 82 13.41 44.25 -34.01
CA GLU B 82 12.28 44.63 -33.17
C GLU B 82 12.55 44.27 -31.72
N LEU B 83 13.05 43.06 -31.50
CA LEU B 83 13.38 42.60 -30.16
C LEU B 83 14.55 43.40 -29.62
N GLN B 84 15.43 43.86 -30.51
CA GLN B 84 16.56 44.67 -30.13
C GLN B 84 16.02 45.99 -29.59
N GLU B 85 15.03 46.53 -30.29
CA GLU B 85 14.39 47.77 -29.89
C GLU B 85 13.67 47.55 -28.57
N GLY B 86 12.97 46.42 -28.47
CA GLY B 86 12.27 46.09 -27.25
C GLY B 86 13.24 45.93 -26.09
N ALA B 87 14.37 45.30 -26.36
CA ALA B 87 15.41 45.11 -25.35
C ALA B 87 15.96 46.46 -24.94
N ARG B 88 16.19 47.33 -25.93
CA ARG B 88 16.68 48.67 -25.66
C ARG B 88 15.71 49.41 -24.76
N GLN B 89 14.42 49.26 -25.08
CA GLN B 89 13.36 49.87 -24.30
C GLN B 89 13.37 49.34 -22.88
N LYS B 90 13.44 48.01 -22.76
CA LYS B 90 13.47 47.37 -21.45
C LYS B 90 14.71 47.80 -20.67
N LEU B 91 15.85 47.87 -21.37
CA LEU B 91 17.10 48.29 -20.74
C LEU B 91 16.97 49.73 -20.27
N HIS B 92 16.28 50.54 -21.05
CA HIS B 92 16.06 51.93 -20.70
C HIS B 92 15.14 51.99 -19.48
N GLU B 93 14.07 51.20 -19.53
CA GLU B 93 13.12 51.12 -18.44
C GLU B 93 13.85 50.67 -17.17
N LEU B 94 14.74 49.70 -17.34
CA LEU B 94 15.53 49.17 -16.23
C LEU B 94 16.52 50.22 -15.72
N GLN B 95 17.16 50.94 -16.63
CA GLN B 95 18.12 51.97 -16.25
C GLN B 95 17.47 53.02 -15.34
N GLU B 96 16.24 53.39 -15.66
CA GLU B 96 15.51 54.38 -14.86
C GLU B 96 14.97 53.76 -13.58
N LYS B 97 15.32 52.51 -13.33
CA LYS B 97 14.88 51.81 -12.14
C LYS B 97 16.09 51.34 -11.32
N LEU B 98 17.01 50.64 -11.97
CA LEU B 98 18.19 50.11 -11.32
C LEU B 98 19.09 51.22 -10.77
N SER B 99 19.07 52.38 -11.40
CA SER B 99 19.89 53.49 -10.94
C SER B 99 19.29 54.18 -9.70
N PRO B 100 18.10 54.84 -9.82
CA PRO B 100 17.49 55.53 -8.69
C PRO B 100 17.02 54.56 -7.60
N LEU B 101 16.27 53.53 -8.00
CA LEU B 101 15.77 52.55 -7.04
C LEU B 101 16.91 51.71 -6.51
N GLY B 102 17.94 51.53 -7.33
CA GLY B 102 19.09 50.77 -6.92
C GLY B 102 19.80 51.49 -5.80
N GLU B 103 20.02 52.78 -5.98
CA GLU B 103 20.64 53.61 -4.97
C GLU B 103 19.73 53.67 -3.76
N GLU B 104 18.42 53.68 -4.04
CA GLU B 104 17.42 53.72 -2.98
C GLU B 104 17.51 52.45 -2.16
N MET B 105 17.64 51.30 -2.84
CA MET B 105 17.76 50.02 -2.18
C MET B 105 19.03 49.99 -1.35
N ARG B 106 20.10 50.54 -1.91
CA ARG B 106 21.38 50.60 -1.21
C ARG B 106 21.24 51.50 0.01
N ASP B 107 20.46 52.56 -0.15
CA ASP B 107 20.21 53.50 0.92
C ASP B 107 19.33 52.87 2.00
N ARG B 108 18.34 52.10 1.56
CA ARG B 108 17.45 51.40 2.48
C ARG B 108 18.31 50.45 3.31
N ALA B 109 19.25 49.80 2.63
CA ALA B 109 20.17 48.89 3.28
C ALA B 109 21.02 49.62 4.31
N ARG B 110 21.45 50.84 3.96
CA ARG B 110 22.24 51.66 4.86
C ARG B 110 21.47 51.88 6.16
N ALA B 111 20.18 52.18 6.03
CA ALA B 111 19.33 52.40 7.17
C ALA B 111 19.24 51.16 8.04
N HIS B 112 19.14 50.00 7.40
CA HIS B 112 19.06 48.73 8.11
C HIS B 112 20.41 48.36 8.71
N VAL B 113 21.46 48.51 7.92
CA VAL B 113 22.82 48.20 8.36
C VAL B 113 23.23 49.08 9.52
N ASP B 114 22.97 50.38 9.40
CA ASP B 114 23.31 51.33 10.47
C ASP B 114 22.52 51.01 11.72
N ALA B 115 21.26 50.63 11.53
CA ALA B 115 20.41 50.25 12.64
C ALA B 115 20.98 49.00 13.29
N LEU B 116 21.37 48.05 12.46
CA LEU B 116 21.96 46.79 12.93
C LEU B 116 23.24 47.06 13.70
N ARG B 117 23.93 48.15 13.36
CA ARG B 117 25.15 48.53 14.05
C ARG B 117 24.82 48.82 15.50
N THR B 118 23.69 49.47 15.72
CA THR B 118 23.24 49.82 17.06
C THR B 118 22.30 48.74 17.60
N HIS B 119 22.12 47.68 16.83
CA HIS B 119 21.24 46.58 17.23
C HIS B 119 22.03 45.34 17.58
N LEU B 120 22.68 44.77 16.56
CA LEU B 120 23.45 43.54 16.71
C LEU B 120 24.71 43.73 17.56
N ALA B 121 25.50 44.76 17.25
CA ALA B 121 26.74 45.02 17.99
C ALA B 121 26.51 45.12 19.50
N PRO B 122 25.60 46.01 19.97
CA PRO B 122 25.30 46.12 21.40
C PRO B 122 24.69 44.82 21.94
N TYR B 123 23.94 44.13 21.09
CA TYR B 123 23.34 42.86 21.47
C TYR B 123 24.42 41.84 21.74
N SER B 124 25.47 41.84 20.91
CA SER B 124 26.60 40.94 21.09
C SER B 124 27.23 41.19 22.45
N ASP B 125 27.31 42.47 22.81
CA ASP B 125 27.88 42.87 24.07
C ASP B 125 26.99 42.43 25.23
N GLU B 126 25.68 42.57 25.04
CA GLU B 126 24.72 42.14 26.05
C GLU B 126 24.82 40.63 26.22
N LEU B 127 24.96 39.96 25.07
CA LEU B 127 25.11 38.52 25.05
C LEU B 127 26.40 38.12 25.74
N ARG B 128 27.41 38.97 25.66
CA ARG B 128 28.70 38.71 26.30
C ARG B 128 28.52 38.61 27.81
N GLN B 129 27.70 39.49 28.37
CA GLN B 129 27.43 39.50 29.80
C GLN B 129 26.67 38.24 30.19
N ARG B 130 25.67 37.91 29.39
CA ARG B 130 24.86 36.72 29.65
C ARG B 130 25.70 35.47 29.46
N LEU B 131 26.54 35.48 28.42
CA LEU B 131 27.42 34.36 28.15
C LEU B 131 28.46 34.23 29.24
N ALA B 132 28.91 35.36 29.77
CA ALA B 132 29.90 35.36 30.85
C ALA B 132 29.34 34.61 32.04
N ALA B 133 28.07 34.86 32.35
CA ALA B 133 27.40 34.22 33.46
C ALA B 133 27.18 32.75 33.14
N ARG B 134 26.76 32.49 31.92
CA ARG B 134 26.51 31.13 31.45
C ARG B 134 27.80 30.32 31.47
N LEU B 135 28.86 30.90 30.92
CA LEU B 135 30.16 30.24 30.87
C LEU B 135 30.69 30.01 32.28
N GLU B 136 30.50 31.01 33.14
CA GLU B 136 30.94 30.91 34.53
C GLU B 136 30.21 29.75 35.20
N ALA B 137 28.91 29.68 34.97
CA ALA B 137 28.09 28.61 35.52
C ALA B 137 28.56 27.28 34.99
N LEU B 138 28.87 27.24 33.69
CA LEU B 138 29.34 26.03 33.03
C LEU B 138 30.67 25.57 33.63
N LYS B 139 31.53 26.52 33.95
CA LYS B 139 32.82 26.21 34.53
C LYS B 139 32.67 25.84 36.00
N GLU B 140 31.74 26.51 36.67
CA GLU B 140 31.47 26.26 38.08
C GLU B 140 30.89 24.86 38.25
N ASN B 141 29.79 24.60 37.55
CA ASN B 141 29.15 23.29 37.62
C ASN B 141 30.03 22.25 36.95
N GLY B 142 30.81 22.70 35.97
CA GLY B 142 31.70 21.80 35.27
C GLY B 142 32.83 21.34 36.18
N GLY B 143 33.36 22.27 36.95
CA GLY B 143 34.42 21.94 37.89
C GLY B 143 33.91 20.96 38.92
N ALA B 144 32.70 21.21 39.39
CA ALA B 144 32.06 20.34 40.37
C ALA B 144 31.77 18.99 39.75
N ARG B 145 31.22 19.01 38.54
CA ARG B 145 30.88 17.79 37.82
C ARG B 145 32.13 16.95 37.57
N LEU B 146 33.25 17.59 37.26
CA LEU B 146 34.50 16.86 37.03
C LEU B 146 34.96 16.17 38.30
N ALA B 147 34.77 16.84 39.42
CA ALA B 147 35.15 16.26 40.71
C ALA B 147 34.27 15.04 40.98
N GLU B 148 32.98 15.17 40.64
CA GLU B 148 32.03 14.09 40.80
C GLU B 148 32.33 12.98 39.81
N TYR B 149 32.58 13.34 38.56
CA TYR B 149 32.89 12.37 37.52
C TYR B 149 34.11 11.56 37.91
N HIS B 150 35.12 12.25 38.45
CA HIS B 150 36.35 11.62 38.88
C HIS B 150 36.09 10.75 40.11
N ALA B 151 35.22 11.24 40.99
CA ALA B 151 34.85 10.51 42.19
C ALA B 151 34.10 9.24 41.79
N LYS B 152 33.14 9.40 40.90
CA LYS B 152 32.35 8.27 40.41
C LYS B 152 33.24 7.34 39.59
N ALA B 153 34.29 7.91 39.00
CA ALA B 153 35.23 7.13 38.21
C ALA B 153 35.98 6.16 39.11
N THR B 154 36.44 6.66 40.26
CA THR B 154 37.14 5.81 41.21
C THR B 154 36.18 4.80 41.82
N GLU B 155 34.96 5.26 42.09
CA GLU B 155 33.93 4.41 42.67
C GLU B 155 33.50 3.35 41.66
N HIS B 156 33.62 3.67 40.39
CA HIS B 156 33.27 2.74 39.32
C HIS B 156 34.45 1.80 39.07
N LEU B 157 35.66 2.35 39.18
CA LEU B 157 36.88 1.58 38.99
C LEU B 157 37.03 0.55 40.10
N SER B 158 36.68 0.96 41.32
CA SER B 158 36.77 0.07 42.47
C SER B 158 35.77 -1.07 42.32
N THR B 159 34.57 -0.74 41.85
CA THR B 159 33.54 -1.74 41.66
C THR B 159 33.85 -2.60 40.44
N LEU B 160 34.60 -2.03 39.49
CA LEU B 160 35.02 -2.76 38.31
C LEU B 160 35.98 -3.85 38.71
N SER B 161 37.05 -3.47 39.40
CA SER B 161 38.05 -4.43 39.85
C SER B 161 37.43 -5.40 40.86
N GLU B 162 36.45 -4.90 41.61
CA GLU B 162 35.74 -5.70 42.60
C GLU B 162 35.15 -6.96 41.98
N LYS B 163 34.72 -6.83 40.72
CA LYS B 163 34.14 -7.96 40.00
C LYS B 163 35.09 -8.52 38.96
N ALA B 164 35.93 -7.66 38.41
CA ALA B 164 36.89 -8.08 37.38
C ALA B 164 37.83 -9.16 37.91
N LYS B 165 38.34 -8.97 39.12
CA LYS B 165 39.24 -9.93 39.72
C LYS B 165 38.60 -11.33 39.84
N PRO B 166 37.47 -11.46 40.57
CA PRO B 166 36.80 -12.76 40.73
C PRO B 166 36.25 -13.30 39.41
N ALA B 167 35.74 -12.41 38.54
CA ALA B 167 35.18 -12.84 37.26
C ALA B 167 36.27 -13.41 36.36
N LEU B 168 37.39 -12.71 36.26
CA LEU B 168 38.51 -13.16 35.44
C LEU B 168 38.99 -14.51 35.93
N GLU B 169 39.17 -14.64 37.23
CA GLU B 169 39.62 -15.90 37.81
C GLU B 169 38.61 -17.00 37.60
N ASP B 170 37.34 -16.70 37.87
CA ASP B 170 36.26 -17.68 37.71
C ASP B 170 36.17 -18.10 36.25
N LEU B 171 36.31 -17.14 35.34
CA LEU B 171 36.25 -17.42 33.92
C LEU B 171 37.45 -18.26 33.49
N ARG B 172 38.64 -17.88 33.95
CA ARG B 172 39.86 -18.60 33.63
C ARG B 172 39.80 -20.03 34.15
N GLN B 173 39.29 -20.18 35.38
CA GLN B 173 39.18 -21.50 35.99
C GLN B 173 38.02 -22.28 35.39
N GLY B 174 37.08 -21.56 34.80
CA GLY B 174 35.94 -22.18 34.18
C GLY B 174 36.24 -22.63 32.76
N LEU B 175 36.98 -21.79 32.05
CA LEU B 175 37.36 -22.09 30.68
C LEU B 175 38.29 -23.28 30.63
N LEU B 176 39.03 -23.50 31.73
CA LEU B 176 39.97 -24.62 31.80
C LEU B 176 39.30 -25.97 31.51
N PRO B 177 38.36 -26.43 32.36
CA PRO B 177 37.67 -27.72 32.14
C PRO B 177 36.78 -27.65 30.89
N VAL B 178 36.19 -26.49 30.65
CA VAL B 178 35.32 -26.30 29.49
C VAL B 178 36.09 -26.51 28.19
N LEU B 179 37.27 -25.89 28.09
CA LEU B 179 38.09 -26.03 26.89
C LEU B 179 38.57 -27.47 26.72
N GLU B 180 38.86 -28.13 27.83
CA GLU B 180 39.30 -29.51 27.81
C GLU B 180 38.17 -30.40 27.31
N SER B 181 36.98 -30.17 27.86
CA SER B 181 35.80 -30.93 27.45
C SER B 181 35.49 -30.65 25.98
N PHE B 182 35.70 -29.40 25.58
CA PHE B 182 35.47 -29.00 24.20
C PHE B 182 36.49 -29.68 23.29
N LYS B 183 37.71 -29.83 23.79
CA LYS B 183 38.78 -30.49 23.04
C LYS B 183 38.35 -31.90 22.69
N VAL B 184 37.78 -32.60 23.66
CA VAL B 184 37.30 -33.96 23.47
C VAL B 184 36.25 -33.99 22.36
N SER B 185 35.29 -33.07 22.42
CA SER B 185 34.23 -32.99 21.42
C SER B 185 34.78 -32.56 20.06
N PHE B 186 35.92 -31.88 20.07
CA PHE B 186 36.56 -31.44 18.83
C PHE B 186 37.33 -32.59 18.20
N LEU B 187 38.04 -33.34 19.06
CA LEU B 187 38.81 -34.49 18.60
C LEU B 187 37.89 -35.54 18.01
N SER B 188 36.84 -35.89 18.74
CA SER B 188 35.89 -36.89 18.28
C SER B 188 35.18 -36.43 17.01
N ALA B 189 35.03 -35.12 16.87
CA ALA B 189 34.40 -34.56 15.69
C ALA B 189 35.31 -34.75 14.48
N LEU B 190 36.56 -34.36 14.63
CA LEU B 190 37.54 -34.49 13.56
C LEU B 190 37.74 -35.94 13.15
N GLU B 191 37.97 -36.81 14.14
CA GLU B 191 38.19 -38.22 13.88
C GLU B 191 37.04 -38.85 13.10
N GLU B 192 35.82 -38.61 13.56
CA GLU B 192 34.64 -39.17 12.91
C GLU B 192 34.35 -38.50 11.56
N TYR B 193 34.48 -37.18 11.50
CA TYR B 193 34.22 -36.42 10.27
C TYR B 193 35.10 -36.93 9.13
N THR B 194 36.37 -37.15 9.43
CA THR B 194 37.31 -37.62 8.42
C THR B 194 36.98 -39.05 7.95
N LYS B 195 36.38 -39.84 8.83
CA LYS B 195 36.01 -41.20 8.49
C LYS B 195 34.76 -41.21 7.61
N LYS B 196 33.85 -40.30 7.88
CA LYS B 196 32.62 -40.18 7.10
C LYS B 196 32.92 -39.53 5.75
N LEU B 197 33.86 -38.60 5.75
CA LEU B 197 34.25 -37.91 4.53
C LEU B 197 35.60 -38.41 4.03
N ASN B 198 35.68 -39.71 3.81
CA ASN B 198 36.91 -40.34 3.34
C ASN B 198 36.91 -40.51 1.81
N MET C 1 -3.76 -2.99 3.89
CA MET C 1 -4.79 -3.09 4.91
C MET C 1 -4.38 -4.07 6.00
N THR C 2 -4.98 -3.94 7.17
CA THR C 2 -4.66 -4.81 8.30
C THR C 2 -5.36 -6.16 8.16
N GLU C 3 -4.58 -7.25 8.20
CA GLU C 3 -5.14 -8.59 8.07
C GLU C 3 -5.35 -9.21 9.45
N TYR C 4 -6.39 -10.03 9.56
CA TYR C 4 -6.71 -10.73 10.81
C TYR C 4 -6.97 -12.20 10.54
N LYS C 5 -6.30 -13.06 11.30
CA LYS C 5 -6.48 -14.50 11.16
C LYS C 5 -7.62 -14.98 12.03
N LEU C 6 -8.63 -15.58 11.42
CA LEU C 6 -9.78 -16.04 12.17
C LEU C 6 -10.02 -17.54 11.98
N VAL C 7 -9.52 -18.32 12.92
CA VAL C 7 -9.68 -19.77 12.86
C VAL C 7 -10.80 -20.18 13.81
N VAL C 8 -11.89 -20.68 13.26
CA VAL C 8 -13.03 -21.09 14.06
C VAL C 8 -12.90 -22.55 14.50
N VAL C 9 -13.53 -22.88 15.62
CA VAL C 9 -13.50 -24.22 16.16
C VAL C 9 -14.89 -24.64 16.61
N GLY C 10 -15.22 -25.90 16.40
CA GLY C 10 -16.54 -26.41 16.78
C GLY C 10 -16.71 -27.85 16.41
N ALA C 11 -17.83 -28.44 16.83
CA ALA C 11 -18.13 -29.84 16.55
C ALA C 11 -18.88 -29.97 15.24
N GLY C 12 -19.00 -31.19 14.75
CA GLY C 12 -19.70 -31.43 13.50
C GLY C 12 -21.20 -31.43 13.70
N GLY C 13 -21.88 -30.52 13.01
CA GLY C 13 -23.32 -30.44 13.11
C GLY C 13 -23.80 -29.23 13.88
N VAL C 14 -22.88 -28.31 14.18
CA VAL C 14 -23.25 -27.11 14.92
C VAL C 14 -23.59 -25.95 13.97
N GLY C 15 -23.34 -26.16 12.68
CA GLY C 15 -23.62 -25.14 11.70
C GLY C 15 -22.52 -24.10 11.65
N LYS C 16 -21.29 -24.59 11.62
CA LYS C 16 -20.12 -23.74 11.58
C LYS C 16 -19.86 -23.23 10.17
N SER C 17 -20.02 -24.11 9.19
CA SER C 17 -19.81 -23.76 7.79
C SER C 17 -20.92 -22.84 7.28
N ALA C 18 -22.11 -22.99 7.84
CA ALA C 18 -23.25 -22.17 7.44
C ALA C 18 -23.01 -20.70 7.81
N LEU C 19 -22.38 -20.49 8.95
CA LEU C 19 -22.09 -19.15 9.42
C LEU C 19 -21.13 -18.42 8.50
N THR C 20 -20.11 -19.13 8.03
CA THR C 20 -19.11 -18.56 7.14
C THR C 20 -19.70 -18.25 5.76
N ILE C 21 -20.47 -19.19 5.22
CA ILE C 21 -21.08 -19.01 3.91
C ILE C 21 -22.06 -17.83 3.91
N GLN C 22 -22.89 -17.74 4.94
CA GLN C 22 -23.88 -16.69 5.04
C GLN C 22 -23.22 -15.33 5.30
N LEU C 23 -21.97 -15.34 5.71
CA LEU C 23 -21.25 -14.12 6.01
C LEU C 23 -20.43 -13.62 4.81
N ILE C 24 -19.72 -14.54 4.16
CA ILE C 24 -18.89 -14.18 3.03
C ILE C 24 -19.59 -14.37 1.68
N GLN C 25 -20.10 -15.56 1.44
CA GLN C 25 -20.76 -15.87 0.17
C GLN C 25 -22.17 -15.31 0.12
N ASN C 26 -22.70 -14.90 1.27
CA ASN C 26 -24.04 -14.33 1.36
C ASN C 26 -25.11 -15.34 0.97
N HIS C 27 -24.85 -16.61 1.23
CA HIS C 27 -25.77 -17.67 0.88
C HIS C 27 -25.98 -18.63 2.05
N PHE C 28 -26.86 -19.60 1.89
CA PHE C 28 -27.11 -20.57 2.94
C PHE C 28 -27.11 -21.97 2.35
N VAL C 29 -26.90 -22.97 3.20
CA VAL C 29 -26.88 -24.35 2.75
C VAL C 29 -28.04 -25.13 3.35
N ASP C 30 -28.35 -26.29 2.78
CA ASP C 30 -29.43 -27.13 3.27
C ASP C 30 -28.90 -28.52 3.60
N GLU C 31 -27.99 -28.99 2.78
CA GLU C 31 -27.38 -30.29 2.97
C GLU C 31 -26.15 -30.16 3.86
N TYR C 32 -25.91 -31.18 4.68
CA TYR C 32 -24.77 -31.16 5.58
C TYR C 32 -23.55 -31.77 4.89
N ASP C 33 -22.58 -30.92 4.59
CA ASP C 33 -21.36 -31.34 3.94
C ASP C 33 -20.15 -30.95 4.79
N PRO C 34 -19.47 -31.96 5.36
CA PRO C 34 -18.29 -31.74 6.23
C PRO C 34 -17.15 -31.03 5.49
N THR C 35 -16.56 -30.04 6.13
CA THR C 35 -15.46 -29.28 5.55
C THR C 35 -14.15 -29.64 6.22
N ILE C 36 -13.04 -29.41 5.51
CA ILE C 36 -11.71 -29.70 6.07
C ILE C 36 -10.85 -28.44 6.04
N GLU C 37 -10.75 -27.82 4.87
CA GLU C 37 -9.96 -26.62 4.69
C GLU C 37 -10.73 -25.57 3.90
N ASP C 38 -11.66 -24.91 4.56
CA ASP C 38 -12.45 -23.88 3.89
C ASP C 38 -11.98 -22.51 4.33
N SER C 39 -11.45 -21.73 3.40
CA SER C 39 -10.95 -20.41 3.72
C SER C 39 -11.71 -19.32 2.96
N TYR C 40 -12.14 -18.30 3.69
CA TYR C 40 -12.87 -17.19 3.09
C TYR C 40 -12.16 -15.88 3.40
N ARG C 41 -12.09 -15.01 2.41
CA ARG C 41 -11.43 -13.72 2.57
C ARG C 41 -12.30 -12.61 2.02
N LYS C 42 -12.43 -11.53 2.78
CA LYS C 42 -13.22 -10.38 2.37
C LYS C 42 -12.69 -9.09 3.00
N GLN C 43 -12.59 -8.05 2.18
CA GLN C 43 -12.12 -6.75 2.65
C GLN C 43 -13.30 -6.04 3.33
N VAL C 44 -13.16 -5.75 4.60
CA VAL C 44 -14.23 -5.09 5.33
C VAL C 44 -13.70 -3.89 6.12
N VAL C 45 -14.51 -2.85 6.19
CA VAL C 45 -14.14 -1.65 6.91
C VAL C 45 -14.40 -1.84 8.40
N ILE C 46 -13.36 -2.18 9.14
CA ILE C 46 -13.49 -2.39 10.58
C ILE C 46 -12.92 -1.19 11.32
N ASP C 47 -13.77 -0.53 12.11
CA ASP C 47 -13.36 0.63 12.90
C ASP C 47 -13.00 1.80 11.98
N GLY C 48 -13.39 1.69 10.73
CA GLY C 48 -13.09 2.73 9.77
C GLY C 48 -11.83 2.41 9.00
N GLU C 49 -11.08 1.43 9.50
CA GLU C 49 -9.84 1.00 8.87
C GLU C 49 -10.09 -0.22 8.00
N THR C 50 -9.58 -0.18 6.78
CA THR C 50 -9.73 -1.31 5.85
C THR C 50 -9.05 -2.55 6.43
N CYS C 51 -9.82 -3.59 6.66
CA CYS C 51 -9.29 -4.81 7.23
C CYS C 51 -9.57 -6.04 6.34
N LEU C 52 -8.62 -6.97 6.33
CA LEU C 52 -8.75 -8.20 5.55
C LEU C 52 -8.96 -9.38 6.50
N LEU C 53 -10.14 -9.98 6.43
CA LEU C 53 -10.46 -11.10 7.29
C LEU C 53 -10.18 -12.43 6.60
N ASP C 54 -9.33 -13.24 7.23
CA ASP C 54 -8.98 -14.55 6.70
C ASP C 54 -9.56 -15.62 7.61
N ILE C 55 -10.77 -16.07 7.27
CA ILE C 55 -11.46 -17.07 8.07
C ILE C 55 -11.17 -18.48 7.58
N LEU C 56 -10.80 -19.35 8.51
CA LEU C 56 -10.51 -20.74 8.20
C LEU C 56 -11.47 -21.66 8.93
N ASP C 57 -12.26 -22.41 8.17
CA ASP C 57 -13.23 -23.35 8.73
C ASP C 57 -12.60 -24.71 8.90
N THR C 58 -12.44 -25.13 10.15
CA THR C 58 -11.84 -26.42 10.47
C THR C 58 -12.86 -27.54 10.35
N ALA C 59 -12.39 -28.77 10.45
CA ALA C 59 -13.27 -29.94 10.37
C ALA C 59 -13.87 -30.27 11.73
N GLY C 60 -15.19 -30.36 11.79
CA GLY C 60 -15.88 -30.67 13.02
C GLY C 60 -15.84 -32.16 13.35
N GLN C 61 -15.46 -32.97 12.38
CA GLN C 61 -15.37 -34.42 12.59
C GLN C 61 -13.93 -34.89 12.53
N GLU C 62 -13.01 -33.98 12.86
CA GLU C 62 -11.60 -34.29 12.84
C GLU C 62 -11.07 -34.49 14.25
N GLU C 63 -10.13 -35.42 14.39
CA GLU C 63 -9.52 -35.70 15.69
C GLU C 63 -8.22 -34.94 15.84
N TYR C 64 -7.30 -35.47 16.64
CA TYR C 64 -6.03 -34.80 16.87
C TYR C 64 -5.17 -34.85 15.60
N SER C 65 -4.98 -33.72 14.98
CA SER C 65 -4.19 -33.63 13.76
C SER C 65 -2.91 -32.83 14.01
N ALA C 66 -1.78 -33.33 13.51
CA ALA C 66 -0.50 -32.67 13.69
C ALA C 66 -0.44 -31.35 12.92
N MET C 67 -1.15 -31.30 11.80
CA MET C 67 -1.17 -30.09 10.96
C MET C 67 -2.12 -29.06 11.56
N ARG C 68 -3.12 -29.53 12.30
CA ARG C 68 -4.09 -28.65 12.94
C ARG C 68 -3.42 -27.73 13.94
N ASP C 69 -2.42 -28.27 14.64
CA ASP C 69 -1.68 -27.52 15.65
C ASP C 69 -0.85 -26.40 15.03
N GLN C 70 -0.79 -26.39 13.70
CA GLN C 70 -0.03 -25.37 12.98
C GLN C 70 -0.90 -24.14 12.70
N TYR C 71 -1.94 -24.34 11.89
CA TYR C 71 -2.82 -23.23 11.51
C TYR C 71 -3.70 -22.74 12.66
N MET C 72 -3.99 -23.62 13.62
CA MET C 72 -4.83 -23.25 14.75
C MET C 72 -4.01 -22.60 15.86
N ARG C 73 -2.74 -22.36 15.57
CA ARG C 73 -1.84 -21.74 16.55
C ARG C 73 -1.59 -20.27 16.18
N THR C 74 -1.80 -19.94 14.92
CA THR C 74 -1.58 -18.59 14.44
C THR C 74 -2.72 -17.64 14.77
N GLY C 75 -3.90 -18.20 15.00
CA GLY C 75 -5.06 -17.38 15.32
C GLY C 75 -4.94 -16.75 16.70
N GLU C 76 -5.43 -15.53 16.82
CA GLU C 76 -5.38 -14.82 18.09
C GLU C 76 -6.69 -14.97 18.86
N GLY C 77 -7.81 -14.78 18.16
CA GLY C 77 -9.10 -14.92 18.78
C GLY C 77 -9.82 -16.14 18.28
N PHE C 78 -10.40 -16.90 19.19
CA PHE C 78 -11.11 -18.13 18.81
C PHE C 78 -12.60 -18.08 19.18
N LEU C 79 -13.44 -18.26 18.17
CA LEU C 79 -14.88 -18.26 18.37
C LEU C 79 -15.38 -19.66 18.69
N CYS C 80 -15.97 -19.82 19.85
CA CYS C 80 -16.51 -21.12 20.26
C CYS C 80 -17.96 -21.23 19.86
N VAL C 81 -18.19 -21.65 18.63
CA VAL C 81 -19.54 -21.78 18.10
C VAL C 81 -20.13 -23.16 18.38
N PHE C 82 -21.33 -23.16 18.95
CA PHE C 82 -22.02 -24.40 19.25
C PHE C 82 -23.52 -24.24 19.09
N ALA C 83 -24.19 -25.30 18.66
CA ALA C 83 -25.63 -25.25 18.46
C ALA C 83 -26.33 -25.59 19.78
N ILE C 84 -27.26 -24.74 20.20
CA ILE C 84 -27.98 -24.94 21.46
C ILE C 84 -29.11 -25.97 21.32
N ASN C 85 -29.30 -26.47 20.10
CA ASN C 85 -30.33 -27.48 19.85
C ASN C 85 -29.81 -28.86 20.22
N ASN C 86 -28.54 -28.91 20.59
CA ASN C 86 -27.89 -30.15 20.98
C ASN C 86 -27.00 -29.90 22.19
N THR C 87 -27.23 -30.64 23.26
CA THR C 87 -26.47 -30.50 24.48
C THR C 87 -25.02 -30.95 24.31
N LYS C 88 -24.77 -31.82 23.34
CA LYS C 88 -23.42 -32.32 23.08
C LYS C 88 -22.49 -31.19 22.70
N SER C 89 -22.97 -30.29 21.85
CA SER C 89 -22.19 -29.16 21.38
C SER C 89 -21.74 -28.28 22.54
N PHE C 90 -22.56 -28.24 23.59
CA PHE C 90 -22.27 -27.45 24.78
C PHE C 90 -21.09 -28.04 25.55
N GLU C 91 -21.06 -29.37 25.62
CA GLU C 91 -19.99 -30.07 26.32
C GLU C 91 -18.71 -30.13 25.51
N ASP C 92 -18.86 -30.33 24.20
CA ASP C 92 -17.73 -30.44 23.28
C ASP C 92 -16.84 -29.20 23.32
N ILE C 93 -17.42 -28.05 23.64
CA ILE C 93 -16.68 -26.81 23.72
C ILE C 93 -15.53 -26.90 24.72
N HIS C 94 -15.76 -27.61 25.82
CA HIS C 94 -14.73 -27.78 26.86
C HIS C 94 -13.50 -28.48 26.31
N HIS C 95 -13.72 -29.48 25.47
CA HIS C 95 -12.63 -30.25 24.88
C HIS C 95 -11.77 -29.36 23.97
N TYR C 96 -12.43 -28.58 23.12
CA TYR C 96 -11.74 -27.70 22.21
C TYR C 96 -11.04 -26.56 22.96
N ARG C 97 -11.65 -26.11 24.04
CA ARG C 97 -11.09 -25.04 24.86
C ARG C 97 -9.72 -25.47 25.40
N GLU C 98 -9.68 -26.64 26.01
CA GLU C 98 -8.45 -27.18 26.57
C GLU C 98 -7.43 -27.45 25.48
N GLN C 99 -7.93 -27.80 24.29
CA GLN C 99 -7.07 -28.08 23.15
C GLN C 99 -6.35 -26.79 22.73
N ILE C 100 -7.14 -25.73 22.55
CA ILE C 100 -6.60 -24.42 22.17
C ILE C 100 -5.60 -23.94 23.21
N LYS C 101 -5.91 -24.17 24.49
CA LYS C 101 -5.04 -23.76 25.58
C LYS C 101 -3.64 -24.36 25.42
N ARG C 102 -3.57 -25.58 24.92
CA ARG C 102 -2.29 -26.24 24.71
C ARG C 102 -1.65 -25.78 23.40
N VAL C 103 -2.47 -25.61 22.38
CA VAL C 103 -1.99 -25.17 21.06
C VAL C 103 -1.34 -23.79 21.17
N LYS C 104 -1.98 -22.90 21.90
CA LYS C 104 -1.47 -21.55 22.09
C LYS C 104 -0.52 -21.50 23.27
N ASP C 105 -0.54 -22.57 24.07
CA ASP C 105 0.30 -22.69 25.26
C ASP C 105 0.04 -21.54 26.23
N SER C 106 -1.23 -21.13 26.28
CA SER C 106 -1.66 -20.05 27.14
C SER C 106 -3.05 -20.38 27.67
N GLU C 107 -3.22 -20.25 28.97
CA GLU C 107 -4.50 -20.53 29.61
C GLU C 107 -5.50 -19.40 29.37
N ASP C 108 -4.98 -18.19 29.31
CA ASP C 108 -5.81 -17.01 29.09
C ASP C 108 -5.69 -16.53 27.65
N VAL C 109 -6.65 -16.93 26.84
CA VAL C 109 -6.68 -16.53 25.42
C VAL C 109 -8.04 -15.96 25.05
N PRO C 110 -8.07 -15.04 24.06
CA PRO C 110 -9.32 -14.42 23.61
C PRO C 110 -10.27 -15.43 22.98
N MET C 111 -11.37 -15.71 23.66
CA MET C 111 -12.36 -16.65 23.19
C MET C 111 -13.77 -16.14 23.46
N VAL C 112 -14.66 -16.31 22.50
CA VAL C 112 -16.04 -15.87 22.64
C VAL C 112 -17.00 -17.03 22.39
N LEU C 113 -17.81 -17.34 23.38
CA LEU C 113 -18.77 -18.43 23.27
C LEU C 113 -19.98 -17.96 22.47
N VAL C 114 -20.24 -18.62 21.35
CA VAL C 114 -21.35 -18.23 20.48
C VAL C 114 -22.33 -19.39 20.28
N GLY C 115 -23.58 -19.16 20.66
CA GLY C 115 -24.61 -20.17 20.51
C GLY C 115 -25.33 -20.00 19.18
N ASN C 116 -25.37 -21.04 18.38
CA ASN C 116 -26.03 -21.01 17.09
C ASN C 116 -27.40 -21.68 17.16
N LYS C 117 -28.26 -21.33 16.22
CA LYS C 117 -29.62 -21.89 16.12
C LYS C 117 -30.44 -21.55 17.37
N CYS C 118 -30.29 -20.33 17.87
CA CYS C 118 -31.02 -19.89 19.05
C CYS C 118 -32.48 -19.58 18.76
N ASP C 119 -32.79 -19.33 17.48
CA ASP C 119 -34.16 -19.01 17.09
C ASP C 119 -35.00 -20.26 16.86
N LEU C 120 -34.36 -21.42 16.84
CA LEU C 120 -35.06 -22.68 16.64
C LEU C 120 -35.73 -23.15 17.94
N PRO C 121 -36.90 -23.79 17.83
CA PRO C 121 -37.65 -24.29 18.99
C PRO C 121 -36.99 -25.51 19.65
N SER C 122 -35.90 -25.97 19.05
CA SER C 122 -35.17 -27.11 19.57
C SER C 122 -34.19 -26.68 20.66
N ARG C 123 -34.46 -25.52 21.25
CA ARG C 123 -33.61 -24.95 22.30
C ARG C 123 -33.49 -25.88 23.50
N THR C 124 -32.39 -26.61 23.55
CA THR C 124 -32.13 -27.52 24.64
C THR C 124 -31.26 -26.82 25.69
N VAL C 125 -30.22 -26.16 25.21
CA VAL C 125 -29.31 -25.43 26.09
C VAL C 125 -29.88 -24.05 26.39
N ASP C 126 -30.15 -23.79 27.66
CA ASP C 126 -30.70 -22.50 28.07
C ASP C 126 -29.58 -21.48 28.22
N THR C 127 -29.91 -20.22 27.98
CA THR C 127 -28.95 -19.14 28.08
C THR C 127 -28.31 -19.08 29.47
N LYS C 128 -29.07 -19.46 30.50
CA LYS C 128 -28.55 -19.44 31.87
C LYS C 128 -27.35 -20.37 32.01
N GLN C 129 -27.48 -21.58 31.45
CA GLN C 129 -26.41 -22.57 31.52
C GLN C 129 -25.15 -22.07 30.83
N ALA C 130 -25.35 -21.52 29.63
CA ALA C 130 -24.23 -21.00 28.85
C ALA C 130 -23.57 -19.81 29.54
N GLN C 131 -24.37 -18.86 30.00
CA GLN C 131 -23.85 -17.68 30.68
C GLN C 131 -23.19 -18.03 32.00
N ASP C 132 -23.73 -19.03 32.69
CA ASP C 132 -23.18 -19.47 33.96
C ASP C 132 -21.77 -20.03 33.74
N LEU C 133 -21.65 -20.88 32.74
CA LEU C 133 -20.36 -21.49 32.41
C LEU C 133 -19.40 -20.42 31.90
N ALA C 134 -19.90 -19.55 31.03
CA ALA C 134 -19.10 -18.48 30.45
C ALA C 134 -18.57 -17.53 31.53
N ARG C 135 -19.44 -17.12 32.44
CA ARG C 135 -19.05 -16.22 33.52
C ARG C 135 -18.03 -16.87 34.43
N SER C 136 -18.14 -18.19 34.59
CA SER C 136 -17.23 -18.94 35.43
C SER C 136 -15.82 -18.97 34.84
N TYR C 137 -15.73 -19.04 33.52
CA TYR C 137 -14.44 -19.08 32.85
C TYR C 137 -13.93 -17.68 32.52
N GLY C 138 -14.82 -16.70 32.57
CA GLY C 138 -14.44 -15.33 32.29
C GLY C 138 -14.56 -14.98 30.82
N ILE C 139 -15.46 -15.68 30.11
CA ILE C 139 -15.67 -15.42 28.70
C ILE C 139 -17.09 -14.94 28.45
N PRO C 140 -17.32 -14.19 27.36
CA PRO C 140 -18.64 -13.68 27.02
C PRO C 140 -19.42 -14.67 26.15
N PHE C 141 -20.74 -14.70 26.32
CA PHE C 141 -21.59 -15.58 25.54
C PHE C 141 -22.55 -14.80 24.65
N ILE C 142 -22.51 -15.08 23.36
CA ILE C 142 -23.36 -14.42 22.38
C ILE C 142 -24.31 -15.43 21.74
N GLU C 143 -25.59 -15.13 21.75
CA GLU C 143 -26.58 -16.00 21.15
C GLU C 143 -26.95 -15.51 19.75
N THR C 144 -26.76 -16.35 18.76
CA THR C 144 -27.05 -15.98 17.37
C THR C 144 -27.75 -17.09 16.61
N SER C 145 -27.96 -16.88 15.33
CA SER C 145 -28.60 -17.85 14.47
C SER C 145 -28.25 -17.56 13.01
N ALA C 146 -27.73 -18.55 12.31
CA ALA C 146 -27.36 -18.37 10.92
C ALA C 146 -28.62 -18.25 10.06
N LYS C 147 -29.69 -18.86 10.54
CA LYS C 147 -30.98 -18.84 9.85
C LYS C 147 -31.54 -17.42 9.76
N THR C 148 -31.49 -16.67 10.85
CA THR C 148 -31.99 -15.31 10.87
C THR C 148 -30.90 -14.31 10.51
N ARG C 149 -29.65 -14.75 10.63
CA ARG C 149 -28.49 -13.90 10.30
C ARG C 149 -28.47 -12.65 11.19
N GLN C 150 -28.90 -12.82 12.43
CA GLN C 150 -28.95 -11.72 13.38
C GLN C 150 -27.91 -11.89 14.48
N GLY C 151 -27.16 -10.82 14.73
CA GLY C 151 -26.15 -10.84 15.78
C GLY C 151 -24.82 -11.42 15.33
N VAL C 152 -24.82 -12.12 14.21
CA VAL C 152 -23.61 -12.76 13.68
C VAL C 152 -22.53 -11.72 13.36
N ASP C 153 -22.93 -10.59 12.79
CA ASP C 153 -22.00 -9.52 12.44
C ASP C 153 -21.28 -9.04 13.69
N ASP C 154 -22.06 -8.66 14.70
CA ASP C 154 -21.52 -8.14 15.95
C ASP C 154 -20.66 -9.18 16.67
N ALA C 155 -21.12 -10.43 16.67
CA ALA C 155 -20.39 -11.51 17.33
C ALA C 155 -18.98 -11.62 16.75
N PHE C 156 -18.88 -11.44 15.44
CA PHE C 156 -17.60 -11.51 14.76
C PHE C 156 -16.68 -10.37 15.18
N TYR C 157 -17.23 -9.17 15.27
CA TYR C 157 -16.46 -7.98 15.64
C TYR C 157 -16.12 -8.00 17.13
N THR C 158 -17.00 -8.60 17.93
CA THR C 158 -16.79 -8.70 19.37
C THR C 158 -15.48 -9.43 19.67
N LEU C 159 -15.17 -10.42 18.84
CA LEU C 159 -13.95 -11.20 18.99
C LEU C 159 -12.72 -10.30 18.95
N VAL C 160 -12.62 -9.47 17.91
CA VAL C 160 -11.49 -8.56 17.73
C VAL C 160 -11.36 -7.60 18.91
N ARG C 161 -12.50 -7.16 19.43
CA ARG C 161 -12.51 -6.23 20.56
C ARG C 161 -11.86 -6.86 21.77
N GLU C 162 -12.16 -8.13 22.02
CA GLU C 162 -11.59 -8.84 23.16
C GLU C 162 -10.10 -9.10 22.95
N ILE C 163 -9.70 -9.28 21.70
CA ILE C 163 -8.29 -9.53 21.38
C ILE C 163 -7.46 -8.28 21.68
N ARG C 164 -7.96 -7.13 21.27
CA ARG C 164 -7.29 -5.86 21.50
C ARG C 164 -7.20 -5.56 22.99
N LYS C 165 -8.22 -6.00 23.73
CA LYS C 165 -8.24 -5.81 25.18
C LYS C 165 -7.23 -6.71 25.86
N HIS C 166 -7.02 -7.88 25.28
CA HIS C 166 -6.07 -8.87 25.81
C HIS C 166 -4.67 -8.27 25.87
N LYS C 167 -4.27 -7.62 24.78
CA LYS C 167 -2.95 -7.01 24.70
C LYS C 167 -2.79 -5.93 25.76
N GLU C 168 -3.86 -5.19 26.01
CA GLU C 168 -3.84 -4.14 27.01
C GLU C 168 -3.83 -4.76 28.40
N LYS C 169 -4.64 -5.79 28.58
CA LYS C 169 -4.74 -6.49 29.85
C LYS C 169 -3.38 -7.04 30.27
N MET C 170 -2.66 -7.63 29.31
CA MET C 170 -1.34 -8.18 29.57
C MET C 170 -0.36 -7.07 29.94
N SER C 171 -0.55 -5.89 29.34
CA SER C 171 0.32 -4.74 29.61
C SER C 171 0.04 -4.17 31.00
N LYS C 172 -1.08 -4.59 31.58
CA LYS C 172 -1.47 -4.15 32.91
C LYS C 172 -1.34 -5.30 33.89
N ASP C 173 -0.75 -6.39 33.42
CA ASP C 173 -0.57 -7.58 34.25
C ASP C 173 0.90 -7.86 34.49
N GLY C 174 1.68 -7.90 33.42
CA GLY C 174 3.10 -8.17 33.55
C GLY C 174 3.92 -6.92 33.35
N LYS C 175 5.10 -6.90 33.97
CA LYS C 175 6.02 -5.76 33.87
C LYS C 175 5.34 -4.49 34.39
N LYS C 176 4.96 -4.51 35.67
CA LYS C 176 4.27 -3.40 36.32
C LYS C 176 2.80 -3.39 35.94
N LYS C 177 1.93 -3.45 36.95
CA LYS C 177 0.49 -3.47 36.72
C LYS C 177 -0.02 -2.15 36.14
N LYS C 178 0.66 -1.06 36.47
CA LYS C 178 0.28 0.24 35.96
C LYS C 178 1.44 0.89 35.22
N LYS C 179 1.27 1.10 33.92
CA LYS C 179 2.28 1.73 33.09
C LYS C 179 1.66 2.21 31.80
N LYS C 180 2.46 2.82 30.94
CA LYS C 180 1.96 3.31 29.66
C LYS C 180 2.74 2.71 28.50
N SER C 181 2.16 1.70 27.88
CA SER C 181 2.75 1.02 26.74
C SER C 181 1.64 0.42 25.88
N LYS C 182 1.62 0.78 24.60
CA LYS C 182 0.61 0.30 23.69
C LYS C 182 1.20 -0.60 22.62
N THR C 183 0.40 -1.54 22.13
CA THR C 183 0.81 -2.46 21.09
C THR C 183 -0.12 -2.36 19.89
N LYS C 184 -0.26 -1.15 19.35
CA LYS C 184 -1.13 -0.91 18.21
C LYS C 184 -1.03 0.56 17.79
N CYS C 185 -1.60 1.42 18.63
CA CYS C 185 -1.60 2.86 18.40
C CYS C 185 -2.34 3.20 17.10
N ASN D 1 -7.50 -40.19 2.31
CA ASN D 1 -8.21 -39.73 1.14
C ASN D 1 -8.68 -38.28 1.31
N THR D 2 -7.74 -37.36 1.17
CA THR D 2 -8.05 -35.95 1.31
C THR D 2 -7.82 -35.23 -0.03
N ILE D 3 -8.89 -34.61 -0.53
CA ILE D 3 -8.83 -33.88 -1.79
C ILE D 3 -8.79 -32.37 -1.56
N ARG D 4 -7.70 -31.74 -1.95
CA ARG D 4 -7.54 -30.31 -1.75
C ARG D 4 -7.98 -29.53 -2.98
N VAL D 5 -9.19 -29.00 -2.93
CA VAL D 5 -9.74 -28.22 -4.02
C VAL D 5 -9.42 -26.74 -3.86
N PHE D 6 -8.82 -26.15 -4.88
CA PHE D 6 -8.45 -24.74 -4.86
C PHE D 6 -9.34 -23.92 -5.76
N LEU D 7 -9.54 -22.66 -5.40
CA LEU D 7 -10.37 -21.75 -6.18
C LEU D 7 -9.52 -20.60 -6.72
N PRO D 8 -10.06 -19.77 -7.63
CA PRO D 8 -9.31 -18.64 -8.21
C PRO D 8 -8.82 -17.67 -7.13
N ASN D 9 -7.65 -17.07 -7.38
CA ASN D 9 -7.02 -16.14 -6.45
C ASN D 9 -6.61 -16.87 -5.16
N LYS D 10 -6.73 -16.22 -4.02
CA LYS D 10 -6.37 -16.84 -2.75
C LYS D 10 -7.59 -17.37 -2.01
N GLN D 11 -7.94 -18.62 -2.31
CA GLN D 11 -9.09 -19.25 -1.67
C GLN D 11 -9.03 -20.77 -1.85
N ARG D 12 -9.17 -21.49 -0.74
CA ARG D 12 -9.17 -22.94 -0.77
C ARG D 12 -10.38 -23.47 -0.01
N THR D 13 -10.98 -24.54 -0.53
CA THR D 13 -12.14 -25.13 0.10
C THR D 13 -12.06 -26.66 0.03
N VAL D 14 -11.30 -27.23 0.94
CA VAL D 14 -11.12 -28.67 1.02
C VAL D 14 -12.28 -29.29 1.78
N VAL D 15 -12.93 -30.25 1.16
CA VAL D 15 -14.07 -30.93 1.78
C VAL D 15 -13.83 -32.44 1.77
N ASN D 16 -14.63 -33.17 2.52
CA ASN D 16 -14.50 -34.62 2.60
C ASN D 16 -15.59 -35.30 1.79
N VAL D 17 -15.20 -36.13 0.83
CA VAL D 17 -16.16 -36.83 0.00
C VAL D 17 -16.31 -38.28 0.43
N ARG D 18 -17.30 -38.98 -0.12
CA ARG D 18 -17.54 -40.36 0.23
C ARG D 18 -18.09 -41.14 -0.95
N ASN D 19 -17.84 -42.45 -0.97
CA ASN D 19 -18.29 -43.34 -2.04
C ASN D 19 -17.65 -42.98 -3.38
N GLY D 20 -18.46 -42.62 -4.36
CA GLY D 20 -17.96 -42.29 -5.67
C GLY D 20 -18.46 -40.93 -6.14
N MET D 21 -17.75 -39.88 -5.78
CA MET D 21 -18.11 -38.54 -6.18
C MET D 21 -17.14 -38.01 -7.21
N SER D 22 -17.64 -37.64 -8.36
CA SER D 22 -16.80 -37.10 -9.43
C SER D 22 -16.52 -35.63 -9.17
N LEU D 23 -15.60 -35.05 -9.94
CA LEU D 23 -15.24 -33.64 -9.78
C LEU D 23 -16.48 -32.74 -9.87
N HIS D 24 -17.32 -33.01 -10.86
CA HIS D 24 -18.54 -32.24 -11.06
C HIS D 24 -19.46 -32.28 -9.85
N ASP D 25 -19.49 -33.43 -9.18
CA ASP D 25 -20.34 -33.62 -8.00
C ASP D 25 -19.94 -32.66 -6.89
N CYS D 26 -18.65 -32.61 -6.58
CA CYS D 26 -18.14 -31.72 -5.53
C CYS D 26 -18.29 -30.26 -5.95
N LEU D 27 -18.04 -30.01 -7.23
CA LEU D 27 -18.14 -28.65 -7.79
C LEU D 27 -19.55 -28.11 -7.63
N MET D 28 -20.54 -28.98 -7.83
CA MET D 28 -21.95 -28.60 -7.73
C MET D 28 -22.28 -28.08 -6.34
N LYS D 29 -21.61 -28.61 -5.33
CA LYS D 29 -21.82 -28.20 -3.95
C LYS D 29 -21.37 -26.75 -3.75
N ALA D 30 -20.21 -26.44 -4.28
CA ALA D 30 -19.66 -25.09 -4.17
C ALA D 30 -20.32 -24.13 -5.15
N LEU D 31 -20.69 -24.65 -6.31
CA LEU D 31 -21.34 -23.86 -7.34
C LEU D 31 -22.58 -23.15 -6.82
N LYS D 32 -23.42 -23.88 -6.11
CA LYS D 32 -24.64 -23.32 -5.55
C LYS D 32 -24.37 -22.32 -4.44
N VAL D 33 -23.31 -22.56 -3.67
CA VAL D 33 -22.93 -21.69 -2.58
C VAL D 33 -22.40 -20.34 -3.08
N ARG D 34 -21.59 -20.40 -4.13
CA ARG D 34 -21.01 -19.19 -4.71
C ARG D 34 -21.99 -18.50 -5.65
N GLY D 35 -22.77 -19.28 -6.39
CA GLY D 35 -23.73 -18.72 -7.31
C GLY D 35 -23.06 -18.26 -8.58
N LEU D 36 -22.12 -19.03 -9.07
CA LEU D 36 -21.40 -18.68 -10.28
C LEU D 36 -21.77 -19.63 -11.42
N GLN D 37 -21.29 -19.34 -12.62
CA GLN D 37 -21.59 -20.17 -13.77
C GLN D 37 -20.43 -21.13 -14.10
N PRO D 38 -20.75 -22.42 -14.29
CA PRO D 38 -19.74 -23.44 -14.60
C PRO D 38 -19.36 -23.42 -16.10
N GLU D 39 -19.96 -22.50 -16.82
CA GLU D 39 -19.72 -22.35 -18.26
C GLU D 39 -18.33 -21.76 -18.53
N CYS D 40 -17.88 -20.87 -17.64
CA CYS D 40 -16.58 -20.25 -17.79
C CYS D 40 -15.58 -20.76 -16.76
N CYS D 41 -15.90 -21.88 -16.13
CA CYS D 41 -15.01 -22.45 -15.13
C CYS D 41 -14.53 -23.83 -15.57
N ALA D 42 -13.23 -24.07 -15.47
CA ALA D 42 -12.63 -25.33 -15.85
C ALA D 42 -11.79 -25.90 -14.73
N VAL D 43 -11.57 -27.21 -14.72
CA VAL D 43 -10.78 -27.84 -13.69
C VAL D 43 -9.43 -28.30 -14.22
N PHE D 44 -8.38 -27.92 -13.50
CA PHE D 44 -7.02 -28.28 -13.88
C PHE D 44 -6.36 -29.06 -12.75
N ARG D 45 -5.61 -30.10 -13.10
CA ARG D 45 -4.94 -30.93 -12.11
C ARG D 45 -3.56 -30.36 -11.77
N LEU D 46 -2.83 -31.07 -10.92
CA LEU D 46 -1.50 -30.66 -10.52
C LEU D 46 -0.57 -30.60 -11.73
N LEU D 47 0.27 -29.57 -11.77
CA LEU D 47 1.22 -29.40 -12.86
C LEU D 47 2.38 -30.37 -12.70
N GLN D 48 2.10 -31.64 -12.95
CA GLN D 48 3.11 -32.69 -12.85
C GLN D 48 4.18 -32.54 -13.92
N GLU D 49 5.32 -31.98 -13.50
CA GLU D 49 6.45 -31.76 -14.39
C GLU D 49 6.06 -30.88 -15.57
N HIS D 50 5.36 -29.79 -15.28
CA HIS D 50 4.92 -28.87 -16.31
C HIS D 50 5.58 -27.52 -16.10
N LYS D 51 5.74 -26.76 -17.18
CA LYS D 51 6.35 -25.44 -17.12
C LYS D 51 5.31 -24.39 -16.72
N GLY D 52 4.23 -24.32 -17.49
CA GLY D 52 3.18 -23.35 -17.21
C GLY D 52 1.93 -23.58 -18.01
N LYS D 53 1.73 -24.82 -18.46
CA LYS D 53 0.55 -25.15 -19.23
C LYS D 53 -0.48 -25.86 -18.37
N LYS D 54 -1.66 -25.24 -18.27
CA LYS D 54 -2.75 -25.79 -17.49
C LYS D 54 -3.31 -27.06 -18.14
N ALA D 55 -3.34 -28.14 -17.37
CA ALA D 55 -3.85 -29.40 -17.87
C ALA D 55 -5.35 -29.51 -17.67
N ARG D 56 -6.09 -29.34 -18.75
CA ARG D 56 -7.55 -29.38 -18.71
C ARG D 56 -8.06 -30.80 -18.52
N LEU D 57 -8.80 -31.01 -17.43
CA LEU D 57 -9.36 -32.33 -17.11
C LEU D 57 -10.77 -32.43 -17.65
N ASP D 58 -11.48 -33.45 -17.19
CA ASP D 58 -12.86 -33.68 -17.61
C ASP D 58 -13.75 -33.67 -16.37
N TRP D 59 -15.05 -33.59 -16.58
CA TRP D 59 -15.99 -33.56 -15.48
C TRP D 59 -16.13 -34.92 -14.80
N ASN D 60 -15.84 -35.97 -15.54
CA ASN D 60 -15.95 -37.33 -15.01
C ASN D 60 -14.60 -37.87 -14.53
N THR D 61 -13.62 -36.99 -14.35
CA THR D 61 -12.31 -37.41 -13.89
C THR D 61 -12.41 -37.88 -12.43
N ASP D 62 -11.88 -39.08 -12.16
CA ASP D 62 -11.92 -39.65 -10.81
C ASP D 62 -11.12 -38.79 -9.83
N ALA D 63 -11.76 -38.42 -8.74
CA ALA D 63 -11.13 -37.59 -7.72
C ALA D 63 -10.23 -38.41 -6.79
N ALA D 64 -10.57 -39.68 -6.62
CA ALA D 64 -9.79 -40.56 -5.76
C ALA D 64 -8.37 -40.74 -6.29
N SER D 65 -8.23 -40.71 -7.60
CA SER D 65 -6.93 -40.85 -8.22
C SER D 65 -6.14 -39.53 -8.16
N LEU D 66 -6.83 -38.44 -7.85
CA LEU D 66 -6.17 -37.14 -7.76
C LEU D 66 -5.88 -36.80 -6.31
N ILE D 67 -5.77 -37.82 -5.48
CA ILE D 67 -5.49 -37.65 -4.06
C ILE D 67 -4.12 -37.00 -3.84
N GLY D 68 -4.12 -35.81 -3.26
CA GLY D 68 -2.87 -35.12 -2.98
C GLY D 68 -2.48 -34.15 -4.07
N GLU D 69 -3.22 -34.15 -5.17
CA GLU D 69 -2.92 -33.26 -6.28
C GLU D 69 -3.58 -31.90 -6.10
N GLU D 70 -2.90 -30.87 -6.55
CA GLU D 70 -3.41 -29.51 -6.45
C GLU D 70 -4.35 -29.19 -7.61
N LEU D 71 -5.63 -29.41 -7.41
CA LEU D 71 -6.62 -29.14 -8.44
C LEU D 71 -7.29 -27.80 -8.18
N GLN D 72 -7.23 -26.92 -9.17
CA GLN D 72 -7.82 -25.60 -9.04
C GLN D 72 -8.91 -25.38 -10.09
N VAL D 73 -10.00 -24.74 -9.67
CA VAL D 73 -11.10 -24.43 -10.57
C VAL D 73 -10.90 -23.02 -11.12
N ASP D 74 -10.09 -22.92 -12.15
CA ASP D 74 -9.77 -21.64 -12.75
C ASP D 74 -10.75 -21.30 -13.87
N PHE D 75 -10.61 -20.10 -14.43
CA PHE D 75 -11.46 -19.66 -15.51
C PHE D 75 -10.84 -19.98 -16.86
N LEU D 76 -11.58 -19.76 -17.93
CA LEU D 76 -11.08 -20.03 -19.26
C LEU D 76 -11.01 -18.76 -20.11
N ASP D 77 -10.81 -18.94 -21.41
CA ASP D 77 -10.72 -17.81 -22.33
C ASP D 77 -12.06 -17.09 -22.46
N HIS D 78 -12.24 -16.08 -21.62
CA HIS D 78 -13.45 -15.29 -21.59
C HIS D 78 -13.25 -14.13 -20.62
N VAL D 79 -12.95 -14.48 -19.37
CA VAL D 79 -12.70 -13.50 -18.32
C VAL D 79 -12.13 -14.18 -17.07
N PRO D 80 -10.80 -14.13 -16.93
CA PRO D 80 -10.10 -14.74 -15.79
C PRO D 80 -10.02 -13.81 -14.58
N LEU D 81 -9.36 -14.29 -13.53
CA LEU D 81 -9.19 -13.53 -12.29
C LEU D 81 -10.51 -13.29 -11.57
N THR D 82 -10.52 -12.39 -10.60
CA THR D 82 -11.73 -12.07 -9.86
C THR D 82 -12.22 -10.66 -10.17
N THR D 83 -13.53 -10.52 -10.38
CA THR D 83 -14.13 -9.24 -10.71
C THR D 83 -14.57 -8.46 -9.48
N HIS D 84 -14.91 -7.20 -9.70
CA HIS D 84 -15.38 -6.34 -8.64
C HIS D 84 -16.90 -6.45 -8.57
N ASN D 85 -17.39 -7.06 -7.51
CA ASN D 85 -18.83 -7.25 -7.33
C ASN D 85 -19.43 -6.10 -6.53
N PHE D 86 -20.33 -5.36 -7.15
CA PHE D 86 -20.99 -4.25 -6.48
C PHE D 86 -21.99 -4.74 -5.44
N ALA D 87 -21.57 -4.74 -4.19
CA ALA D 87 -22.40 -5.18 -3.10
C ALA D 87 -22.96 -3.99 -2.34
N ARG D 88 -24.17 -3.59 -2.69
CA ARG D 88 -24.81 -2.45 -2.04
C ARG D 88 -25.42 -2.87 -0.71
N LYS D 89 -24.76 -2.47 0.37
CA LYS D 89 -25.22 -2.78 1.71
C LYS D 89 -24.78 -1.70 2.69
N THR D 90 -25.37 -1.71 3.87
CA THR D 90 -25.06 -0.73 4.90
C THR D 90 -23.69 -1.01 5.50
N PHE D 91 -23.04 0.03 6.00
CA PHE D 91 -21.73 -0.10 6.61
C PHE D 91 -21.85 -0.21 8.12
N LEU D 92 -20.72 -0.25 8.80
CA LEU D 92 -20.72 -0.38 10.25
C LEU D 92 -20.50 0.98 10.90
N LYS D 93 -19.27 1.47 10.85
CA LYS D 93 -18.95 2.77 11.42
C LYS D 93 -18.85 3.80 10.33
N LEU D 94 -18.33 4.97 10.66
CA LEU D 94 -18.16 6.04 9.69
C LEU D 94 -16.87 5.83 8.90
N ALA D 95 -16.99 5.22 7.73
CA ALA D 95 -15.84 4.97 6.88
C ALA D 95 -15.49 6.23 6.10
N PHE D 96 -14.33 6.23 5.48
CA PHE D 96 -13.89 7.37 4.68
C PHE D 96 -13.66 6.94 3.25
N CYS D 97 -14.03 7.81 2.31
CA CYS D 97 -13.88 7.53 0.89
C CYS D 97 -12.42 7.35 0.54
N ASP D 98 -12.12 6.30 -0.23
CA ASP D 98 -10.76 6.03 -0.66
C ASP D 98 -10.48 6.77 -1.96
N ILE D 99 -11.53 7.36 -2.51
CA ILE D 99 -11.43 8.10 -3.75
C ILE D 99 -11.57 9.59 -3.50
N CYS D 100 -12.57 9.98 -2.71
CA CYS D 100 -12.80 11.38 -2.39
C CYS D 100 -12.20 11.74 -1.03
N GLN D 101 -12.54 12.93 -0.55
CA GLN D 101 -12.05 13.41 0.73
C GLN D 101 -13.22 13.53 1.70
N LYS D 102 -14.33 12.88 1.36
CA LYS D 102 -15.53 12.91 2.18
C LYS D 102 -15.73 11.60 2.92
N PHE D 103 -16.77 11.54 3.75
CA PHE D 103 -17.09 10.34 4.51
C PHE D 103 -17.80 9.33 3.61
N LEU D 104 -17.70 8.07 3.96
CA LEU D 104 -18.34 7.02 3.19
C LEU D 104 -19.65 6.60 3.83
N LEU D 105 -20.75 6.92 3.15
CA LEU D 105 -22.07 6.58 3.63
C LEU D 105 -22.51 5.26 3.00
N ASN D 106 -23.80 5.11 2.76
CA ASN D 106 -24.33 3.91 2.16
C ASN D 106 -24.11 3.91 0.65
N GLY D 107 -22.83 3.89 0.26
CA GLY D 107 -22.47 3.90 -1.13
C GLY D 107 -22.34 2.50 -1.70
N PHE D 108 -21.17 2.18 -2.23
CA PHE D 108 -20.94 0.88 -2.81
C PHE D 108 -19.65 0.24 -2.29
N ARG D 109 -19.73 -1.05 -2.04
CA ARG D 109 -18.59 -1.84 -1.59
C ARG D 109 -18.59 -3.15 -2.35
N CYS D 110 -17.60 -4.01 -2.15
CA CYS D 110 -17.56 -5.27 -2.88
C CYS D 110 -17.68 -6.48 -1.98
N GLN D 111 -18.16 -7.58 -2.55
CA GLN D 111 -18.32 -8.83 -1.82
C GLN D 111 -17.04 -9.65 -1.96
N THR D 112 -16.53 -9.72 -3.19
CA THR D 112 -15.31 -10.45 -3.46
C THR D 112 -14.15 -9.68 -2.86
N CYS D 113 -14.15 -8.39 -3.12
CA CYS D 113 -13.16 -7.49 -2.60
C CYS D 113 -13.65 -6.88 -1.29
N GLY D 114 -14.13 -5.64 -1.36
CA GLY D 114 -14.63 -4.97 -0.16
C GLY D 114 -14.13 -3.55 -0.04
N TYR D 115 -14.26 -2.80 -1.13
CA TYR D 115 -13.83 -1.41 -1.18
C TYR D 115 -14.82 -0.51 -0.47
N LYS D 116 -14.58 0.80 -0.55
CA LYS D 116 -15.46 1.78 0.06
C LYS D 116 -15.46 3.09 -0.73
N PHE D 117 -16.52 3.29 -1.50
CA PHE D 117 -16.67 4.50 -2.31
C PHE D 117 -18.13 4.86 -2.55
N HIS D 118 -18.34 6.02 -3.16
CA HIS D 118 -19.68 6.52 -3.45
C HIS D 118 -20.12 6.09 -4.85
N GLU D 119 -21.30 6.54 -5.25
CA GLU D 119 -21.83 6.21 -6.57
C GLU D 119 -20.98 6.85 -7.66
N HIS D 120 -20.46 8.04 -7.36
CA HIS D 120 -19.61 8.76 -8.31
C HIS D 120 -18.28 8.05 -8.47
N CYS D 121 -17.64 7.73 -7.34
CA CYS D 121 -16.35 7.05 -7.35
C CYS D 121 -16.44 5.68 -8.00
N SER D 122 -17.64 5.09 -7.97
CA SER D 122 -17.88 3.78 -8.56
C SER D 122 -17.51 3.75 -10.04
N THR D 123 -17.60 4.90 -10.70
CA THR D 123 -17.26 5.00 -12.11
C THR D 123 -16.21 6.11 -12.30
N LYS D 124 -15.38 6.31 -11.27
CA LYS D 124 -14.35 7.33 -11.30
C LYS D 124 -12.97 6.72 -11.06
N VAL D 125 -12.91 5.71 -10.19
CA VAL D 125 -11.65 5.05 -9.87
C VAL D 125 -11.14 4.22 -11.05
N PRO D 126 -9.93 4.53 -11.54
CA PRO D 126 -9.32 3.81 -12.67
C PRO D 126 -8.71 2.47 -12.25
N THR D 127 -8.46 2.33 -10.96
CA THR D 127 -7.88 1.11 -10.42
C THR D 127 -8.97 0.14 -10.00
N MET D 128 -8.76 -1.14 -10.27
CA MET D 128 -9.72 -2.17 -9.89
C MET D 128 -9.23 -2.90 -8.65
N CYS D 129 -10.16 -3.46 -7.88
CA CYS D 129 -9.80 -4.18 -6.66
C CYS D 129 -9.14 -5.53 -6.98
N VAL D 130 -7.87 -5.47 -7.33
CA VAL D 130 -7.10 -6.68 -7.65
C VAL D 130 -5.85 -6.75 -6.76
N ASP D 131 -5.98 -7.42 -5.63
CA ASP D 131 -4.87 -7.55 -4.70
C ASP D 131 -4.49 -9.01 -4.49
N TRP D 132 -3.30 -9.24 -3.95
CA TRP D 132 -2.82 -10.59 -3.71
C TRP D 132 -2.06 -10.68 -2.39
C1 PCW E . 3.65 -18.71 -22.02
C2 PCW E . 5.00 -19.42 -22.11
C3 PCW E . 5.44 -19.48 -23.56
C4 PCW E . 0.07 -19.62 -20.19
C5 PCW E . -1.11 -19.07 -19.39
C6 PCW E . -3.30 -18.01 -19.85
C7 PCW E . -2.14 -19.30 -21.66
C8 PCW E . -2.82 -20.30 -20.74
C11 PCW E . 7.21 -20.01 -24.91
C12 PCW E . 8.65 -20.43 -25.23
C13 PCW E . 8.69 -21.40 -26.42
C14 PCW E . 10.14 -21.77 -26.75
C15 PCW E . 10.23 -22.78 -27.89
C16 PCW E . 11.68 -23.13 -28.21
C17 PCW E . 11.77 -24.19 -29.31
C18 PCW E . 13.23 -24.54 -29.59
C19 PCW E . 13.32 -25.54 -30.57
C20 PCW E . 13.53 -26.86 -30.20
C21 PCW E . 13.65 -27.20 -28.86
C22 PCW E . 14.90 -26.57 -28.24
C23 PCW E . 15.03 -26.95 -26.76
C24 PCW E . 16.29 -26.32 -26.14
C25 PCW E . 16.23 -24.80 -26.21
C26 PCW E . 15.02 -24.27 -25.43
C27 PCW E . 14.95 -22.74 -25.50
C28 PCW E . 13.75 -22.21 -24.74
C31 PCW E . 7.03 -19.53 -21.06
C32 PCW E . 8.23 -18.97 -20.27
C33 PCW E . 9.43 -19.89 -20.41
C34 PCW E . 10.64 -19.34 -19.64
C35 PCW E . 11.86 -20.27 -19.77
C36 PCW E . 13.06 -19.72 -19.00
C37 PCW E . 14.26 -20.65 -19.14
C38 PCW E . 15.46 -20.12 -18.35
C39 PCW E . 16.54 -20.98 -18.47
C40 PCW E . 17.84 -20.51 -18.26
C41 PCW E . 18.05 -19.18 -17.95
C42 PCW E . 19.29 -18.63 -18.66
C43 PCW E . 19.14 -18.75 -20.18
C44 PCW E . 20.36 -18.17 -20.89
C45 PCW E . 21.64 -18.92 -20.50
C46 PCW E . 22.87 -18.34 -21.21
C47 PCW E . 24.14 -19.09 -20.81
C48 PCW E . 25.36 -18.51 -21.53
N PCW E . -2.31 -19.03 -20.23
O2 PCW E . 5.98 -18.71 -21.34
O3 PCW E . 6.80 -19.95 -23.62
O11 PCW E . 6.43 -19.74 -25.82
O31 PCW E . 7.00 -20.71 -21.41
O1P PCW E . 2.42 -21.04 -21.10
O2P PCW E . 3.60 -20.46 -18.93
O3P PCW E . 3.18 -18.71 -20.67
O4P PCW E . 1.25 -19.65 -19.37
P PCW E . 2.66 -20.08 -20.01
C1 PCW F . -2.31 29.82 -6.36
C2 PCW F . -1.06 30.58 -5.92
C3 PCW F . -1.39 32.06 -5.73
C4 PCW F . -2.35 29.28 -1.74
C5 PCW F . -1.20 29.95 -0.98
C6 PCW F . -2.91 29.94 0.81
C7 PCW F . -0.58 29.13 1.30
C8 PCW F . -0.55 30.65 1.34
C11 PCW F . 0.37 32.63 -4.34
C12 PCW F . 1.69 33.32 -3.99
C13 PCW F . 1.74 34.72 -4.59
C14 PCW F . 3.06 35.41 -4.28
C15 PCW F . 3.12 36.81 -4.91
C16 PCW F . 2.96 36.73 -6.42
C17 PCW F . 3.01 38.13 -7.06
C18 PCW F . 4.34 38.82 -6.77
C19 PCW F . 4.37 40.08 -7.37
C20 PCW F . 5.57 40.79 -7.45
C21 PCW F . 6.74 40.24 -6.94
C22 PCW F . 7.96 40.91 -7.55
C23 PCW F . 7.99 40.73 -9.07
C24 PCW F . 9.20 41.42 -9.69
C25 PCW F . 9.25 41.22 -11.20
C26 PCW F . 9.38 39.73 -11.54
C27 PCW F . 9.42 39.52 -13.06
C28 PCW F . 9.54 38.02 -13.39
C31 PCW F . 0.02 28.80 -4.95
C32 PCW F . 0.61 28.01 -3.78
C33 PCW F . 2.05 28.43 -3.49
C34 PCW F . 3.02 27.97 -4.57
C35 PCW F . 2.77 28.63 -5.92
C36 PCW F . 3.76 28.11 -6.96
C37 PCW F . 3.59 28.78 -8.32
C38 PCW F . 4.61 28.23 -9.32
C39 PCW F . 4.50 28.85 -10.55
C40 PCW F . 5.64 29.00 -11.33
C41 PCW F . 6.87 28.54 -10.87
C42 PCW F . 7.58 27.66 -11.90
C43 PCW F . 7.95 28.45 -13.16
C44 PCW F . 8.69 27.55 -14.16
C45 PCW F . 9.13 28.34 -15.39
C46 PCW F . 7.95 28.95 -16.13
C47 PCW F . 8.43 29.74 -17.36
C48 PCW F . 7.24 30.37 -18.10
N PCW F . -1.48 29.93 0.46
O2 PCW F . -0.52 30.02 -4.71
O3 PCW F . -0.17 32.80 -5.57
O11 PCW F . -0.22 31.94 -3.50
O31 PCW F . 0.04 28.35 -6.10
O1P PCW F . -4.44 28.50 -3.48
O2P PCW F . -2.55 27.40 -4.77
O3P PCW F . -3.28 29.75 -5.31
O4P PCW F . -2.07 29.27 -3.14
P PCW F . -3.14 28.62 -4.16
C1 PCW G . -2.76 -2.85 -29.10
C2 PCW G . -1.43 -2.48 -29.76
C3 PCW G . -0.80 -1.27 -29.10
C4 PCW G . 0.60 -2.11 -26.06
C5 PCW G . 0.44 -2.22 -24.55
C6 PCW G . 0.06 -4.65 -24.87
C7 PCW G . 2.08 -3.88 -23.59
C8 PCW G . 0.88 -3.82 -22.65
C11 PCW G . 1.11 0.01 -29.27
C12 PCW G . 2.56 0.27 -29.70
C13 PCW G . 2.68 1.50 -30.60
C14 PCW G . 4.14 1.62 -31.09
C15 PCW G . 4.36 2.85 -31.96
C16 PCW G . 4.12 4.16 -31.19
C17 PCW G . 4.64 5.35 -31.99
C18 PCW G . 4.40 6.67 -31.24
C19 PCW G . 3.03 6.98 -31.20
C20 PCW G . 2.31 6.86 -30.02
C21 PCW G . 2.93 6.43 -28.86
C22 PCW G . 3.13 7.59 -27.88
C23 PCW G . 3.74 7.09 -26.58
C24 PCW G . 3.98 8.23 -25.58
C25 PCW G . 5.00 9.23 -26.14
C26 PCW G . 5.31 10.32 -25.11
C27 PCW G . 6.40 11.27 -25.64
C28 PCW G . 6.77 12.32 -24.59
C31 PCW G . -0.97 -4.65 -30.41
C32 PCW G . -0.13 -5.92 -30.49
C33 PCW G . 0.93 -5.79 -31.57
C34 PCW G . 1.89 -4.64 -31.28
C35 PCW G . 2.96 -4.53 -32.37
C36 PCW G . 3.96 -3.40 -32.07
C37 PCW G . 4.99 -3.28 -33.20
C38 PCW G . 6.01 -2.18 -32.89
C39 PCW G . 6.91 -2.06 -33.95
C40 PCW G . 8.10 -1.37 -33.79
C41 PCW G . 8.44 -0.79 -32.58
C42 PCW G . 9.25 0.49 -32.78
C43 PCW G . 8.47 1.52 -33.59
C44 PCW G . 9.29 2.81 -33.77
C45 PCW G . 10.56 2.54 -34.58
C46 PCW G . 10.22 2.09 -36.00
C47 PCW G . 11.51 1.87 -36.80
C48 PCW G . 11.18 1.46 -38.25
N PCW G . 0.74 -3.59 -24.10
O2 PCW G . -0.53 -3.60 -29.67
O3 PCW G . 0.53 -1.16 -29.63
O11 PCW G . 0.49 0.84 -28.61
O31 PCW G . -2.04 -4.56 -31.01
O1P PCW G . -2.16 -1.16 -26.88
O2P PCW G . -2.47 -3.14 -25.31
O3P PCW G . -2.59 -3.43 -27.80
O4P PCW G . -0.37 -2.93 -26.72
P PCW G . -1.95 -2.59 -26.59
C1 PCW H . 10.05 -1.61 26.48
C2 PCW H . 11.45 -1.68 27.12
C3 PCW H . 11.81 -3.15 27.29
C4 PCW H . 9.04 -1.52 22.24
C5 PCW H . 8.23 -2.17 21.12
C6 PCW H . 7.87 -0.33 19.50
C7 PCW H . 5.89 -1.58 20.41
C8 PCW H . 6.33 -0.57 21.46
C11 PCW H . 13.15 -2.87 29.14
C12 PCW H . 14.48 -2.86 29.89
C13 PCW H . 15.32 -4.09 29.55
C14 PCW H . 16.69 -4.03 30.22
C15 PCW H . 17.48 -2.80 29.74
C16 PCW H . 18.87 -2.74 30.38
C17 PCW H . 19.65 -1.54 29.86
C18 PCW H . 21.04 -1.47 30.49
C19 PCW H . 21.75 -0.38 30.00
C20 PCW H . 23.03 -0.11 30.48
C21 PCW H . 23.61 -0.95 31.42
C22 PCW H . 25.10 -1.16 31.13
C23 PCW H . 25.74 -2.07 32.18
C24 PCW H . 27.23 -2.28 31.88
C25 PCW H . 27.87 -3.19 32.93
C26 PCW H . 29.36 -3.39 32.65
C27 PCW H . 29.58 -4.03 31.28
C28 PCW H . 31.07 -4.23 31.00
C31 PCW H . 12.25 0.29 26.28
C32 PCW H . 13.18 1.18 25.45
C33 PCW H . 14.47 1.47 26.21
C34 PCW H . 15.41 2.35 25.37
C35 PCW H . 16.72 2.62 26.14
C36 PCW H . 17.68 3.46 25.31
C37 PCW H . 18.99 3.69 26.05
C38 PCW H . 18.75 4.45 27.36
C39 PCW H . 19.92 4.57 28.09
C40 PCW H . 20.83 5.59 27.81
C41 PCW H . 20.58 6.50 26.79
C42 PCW H . 21.84 7.31 26.46
C43 PCW H . 22.31 8.09 27.70
C44 PCW H . 23.62 8.83 27.41
C45 PCW H . 23.45 9.83 26.26
C46 PCW H . 24.75 10.58 25.98
C47 PCW H . 24.60 11.59 24.85
C48 PCW H . 25.90 12.33 24.61
N PCW H . 7.30 -1.18 20.55
O2 PCW H . 12.41 -1.06 26.27
O3 PCW H . 13.13 -3.25 27.83
O11 PCW H . 12.11 -2.57 29.70
O31 PCW H . 11.33 0.79 26.94
O1P PCW H . 11.13 -0.59 24.01
O2P PCW H . 12.08 -2.96 24.06
O3P PCW H . 9.98 -2.40 25.30
O4P PCW H . 9.96 -2.47 22.78
P PCW H . 10.90 -2.06 24.03
C1 PCW I . 1.81 31.11 4.66
C2 PCW I . 2.74 30.49 3.62
C3 PCW I . 2.53 31.12 2.25
C4 PCW I . 2.74 26.92 5.19
C5 PCW I . 3.37 26.26 3.96
C6 PCW I . 4.88 25.20 5.63
C7 PCW I . 3.50 23.76 4.10
C8 PCW I . 4.71 24.24 3.31
C11 PCW I . 3.15 30.97 0.04
C12 PCW I . 3.94 30.39 -1.14
C13 PCW I . 4.13 31.40 -2.26
C14 PCW I . 4.99 30.81 -3.38
C15 PCW I . 5.20 31.80 -4.53
C16 PCW I . 5.82 33.10 -4.04
C17 PCW I . 6.21 34.00 -5.21
C18 PCW I . 6.70 35.36 -4.72
C19 PCW I . 7.21 36.15 -5.73
C20 PCW I . 6.70 36.13 -7.03
C21 PCW I . 5.63 35.32 -7.38
C22 PCW I . 5.81 34.78 -8.80
C23 PCW I . 4.64 33.87 -9.20
C24 PCW I . 4.83 33.35 -10.63
C25 PCW I . 3.67 32.43 -11.04
C26 PCW I . 3.88 31.90 -12.46
C27 PCW I . 2.73 30.98 -12.88
C28 PCW I . 2.92 30.47 -14.31
C31 PCW I . 4.87 29.67 3.52
C32 PCW I . 6.38 29.68 3.76
C33 PCW I . 7.10 30.45 2.65
C34 PCW I . 6.69 31.93 2.68
C35 PCW I . 7.20 32.68 1.44
C36 PCW I . 6.81 34.17 1.52
C37 PCW I . 7.10 34.87 0.20
C38 PCW I . 6.74 36.36 0.28
C39 PCW I . 6.77 36.95 -0.97
C40 PCW I . 7.97 37.25 -1.60
C41 PCW I . 9.18 36.96 -1.00
C42 PCW I . 10.26 37.95 -1.46
C43 PCW I . 11.62 37.60 -0.87
C44 PCW I . 12.69 38.60 -1.33
C45 PCW I . 14.08 38.19 -0.83
C46 PCW I . 14.45 36.81 -1.39
C47 PCW I . 14.50 36.82 -2.92
C48 PCW I . 14.86 35.45 -3.47
N PCW I . 4.11 25.06 4.37
O2 PCW I . 4.11 30.66 4.04
O3 PCW I . 3.38 30.47 1.28
O11 PCW I . 2.33 31.86 -0.13
O31 PCW I . 4.35 28.77 2.88
O1P PCW I . 1.37 28.31 7.23
O2P PCW I . -0.27 29.01 5.41
O3P PCW I . 1.81 30.35 5.86
O4P PCW I . 1.98 28.06 4.79
P PCW I . 1.13 28.88 5.89
C1 PCW J . 7.83 11.50 22.06
C2 PCW J . 9.04 12.42 22.19
C3 PCW J . 9.50 12.86 20.81
C4 PCW J . 4.58 12.59 22.61
C5 PCW J . 3.88 11.83 21.49
C6 PCW J . 2.53 10.90 23.34
C7 PCW J . 1.38 11.99 21.40
C8 PCW J . 1.77 10.57 20.97
C11 PCW J . 10.88 14.30 19.69
C12 PCW J . 11.92 15.41 19.57
C13 PCW J . 13.21 15.02 20.30
C14 PCW J . 14.26 16.13 20.20
C15 PCW J . 14.60 16.42 18.74
C16 PCW J . 15.72 17.46 18.64
C17 PCW J . 16.98 16.96 19.36
C18 PCW J . 18.12 17.98 19.23
C19 PCW J . 19.27 17.51 19.85
C20 PCW J . 20.44 17.34 19.12
C21 PCW J . 20.48 17.62 17.77
C22 PCW J . 20.18 16.38 16.92
C23 PCW J . 18.76 15.87 17.18
C24 PCW J . 18.45 14.65 16.32
C25 PCW J . 19.41 13.49 16.64
C26 PCW J . 19.09 12.26 15.78
C27 PCW J . 20.05 11.10 16.11
C28 PCW J . 19.94 10.70 17.58
C31 PCW J . 8.55 13.34 24.25
C32 PCW J . 8.12 14.46 25.20
C33 PCW J . 8.79 15.79 24.82
C34 PCW J . 8.37 16.90 25.80
C35 PCW J . 9.08 18.21 25.44
C36 PCW J . 8.68 19.33 26.40
C37 PCW J . 9.40 20.63 26.05
C38 PCW J . 9.03 21.75 27.02
C39 PCW J . 9.69 22.93 26.68
C40 PCW J . 11.05 23.06 26.94
C41 PCW J . 11.75 22.03 27.54
C42 PCW J . 13.05 22.54 28.20
C43 PCW J . 13.98 23.13 27.15
C44 PCW J . 15.25 23.71 27.81
C45 PCW J . 16.21 24.28 26.77
C46 PCW J . 16.69 23.20 25.80
C47 PCW J . 17.68 23.77 24.80
C48 PCW J . 18.22 22.68 23.86
N PCW J . 2.58 11.34 21.94
O2 PCW J . 8.64 13.60 22.92
O3 PCW J . 10.50 13.88 20.93
O11 PCW J . 10.38 13.80 18.69
O31 PCW J . 8.86 12.24 24.69
O1P PCW J . 5.55 9.83 22.16
O2P PCW J . 5.86 9.60 24.68
O3P PCW J . 7.31 11.15 23.34
O4P PCW J . 4.89 11.72 23.69
P PCW J . 5.86 10.45 23.46
C1 PCW K . 1.48 -8.41 -26.53
C2 PCW K . 2.87 -8.73 -27.09
C3 PCW K . 3.00 -10.21 -27.39
C4 PCW K . -2.22 -8.62 -29.48
C5 PCW K . -2.80 -7.80 -30.64
C6 PCW K . -4.77 -6.40 -31.16
C7 PCW K . -4.39 -7.16 -28.81
C8 PCW K . -3.47 -5.97 -29.06
C11 PCW K . 4.58 -11.62 -28.33
C12 PCW K . 6.01 -12.00 -28.71
C13 PCW K . 6.57 -10.97 -29.70
C14 PCW K . 8.09 -11.14 -29.89
C15 PCW K . 8.82 -10.86 -28.58
C16 PCW K . 10.34 -10.93 -28.75
C17 PCW K . 10.89 -12.36 -28.83
C18 PCW K . 10.22 -13.21 -29.93
C19 PCW K . 8.94 -13.61 -29.54
C20 PCW K . 8.00 -13.96 -30.50
C21 PCW K . 8.32 -13.92 -31.84
C22 PCW K . 8.73 -15.29 -32.37
C23 PCW K . 9.06 -15.23 -33.87
C24 PCW K . 10.22 -14.26 -34.13
C25 PCW K . 10.51 -14.19 -35.63
C26 PCW K . 11.70 -13.27 -35.92
C27 PCW K . 12.97 -13.79 -35.25
C28 PCW K . 13.32 -15.18 -35.77
C31 PCW K . 3.27 -6.67 -28.06
C32 PCW K . 3.53 -5.72 -29.22
C33 PCW K . 5.02 -5.40 -29.36
C34 PCW K . 5.85 -6.66 -29.64
C35 PCW K . 7.33 -6.29 -29.86
C36 PCW K . 7.47 -5.38 -31.07
C37 PCW K . 8.88 -4.77 -31.15
C38 PCW K . 9.97 -5.83 -31.34
C39 PCW K . 11.22 -5.22 -31.32
C40 PCW K . 12.32 -5.76 -31.99
C41 PCW K . 12.23 -6.93 -32.73
C42 PCW K . 12.89 -6.74 -34.10
C43 PCW K . 13.03 -8.08 -34.84
C44 PCW K . 13.67 -7.85 -36.22
C45 PCW K . 13.97 -9.19 -36.91
C46 PCW K . 15.02 -9.97 -36.12
C47 PCW K . 15.36 -11.30 -36.80
C48 PCW K . 16.43 -12.05 -36.01
N PCW K . -3.84 -6.89 -30.13
O2 PCW K . 3.11 -8.00 -28.31
O3 PCW K . 4.37 -10.42 -27.73
O11 PCW K . 3.63 -12.37 -28.58
O31 PCW K . 3.17 -6.25 -26.90
O1P PCW K . -1.84 -9.51 -26.77
O2P PCW K . -1.00 -7.18 -26.16
O3P PCW K . 0.44 -8.76 -27.45
O4P PCW K . -1.59 -7.73 -28.54
P PCW K . -1.07 -8.30 -27.13
C1 PCW L . 1.93 31.20 9.64
C2 PCW L . 3.26 31.37 10.38
C3 PCW L . 2.97 31.88 11.78
C4 PCW L . -1.31 32.49 9.38
C5 PCW L . -2.01 33.66 10.06
C6 PCW L . -2.25 36.09 9.71
C7 PCW L . -1.48 34.64 7.81
C8 PCW L . -3.00 34.51 7.91
C11 PCW L . 3.92 32.29 13.83
C12 PCW L . 5.06 32.43 14.82
C13 PCW L . 5.57 33.88 14.89
C14 PCW L . 6.79 33.98 15.81
C15 PCW L . 7.91 33.07 15.30
C16 PCW L . 9.14 33.11 16.21
C17 PCW L . 10.24 32.20 15.67
C18 PCW L . 11.47 32.20 16.58
C19 PCW L . 12.46 31.37 16.08
C20 PCW L . 13.80 31.56 16.42
C21 PCW L . 14.15 32.60 17.28
C22 PCW L . 15.66 32.81 17.29
C23 PCW L . 16.05 33.94 18.24
C24 PCW L . 15.61 33.63 19.68
C25 PCW L . 15.98 34.77 20.62
C26 PCW L . 15.53 34.45 22.05
C27 PCW L . 15.92 35.59 23.01
C28 PCW L . 15.45 35.29 24.43
C31 PCW L . 5.24 30.27 10.72
C32 PCW L . 6.14 29.04 10.89
C33 PCW L . 7.58 29.34 10.44
C34 PCW L . 8.48 28.12 10.61
C35 PCW L . 7.96 26.94 9.77
C36 PCW L . 8.85 25.70 9.96
C37 PCW L . 8.32 24.53 9.14
C38 PCW L . 9.19 23.28 9.32
C39 PCW L . 8.72 22.22 8.57
C40 PCW L . 9.52 21.10 8.34
C41 PCW L . 10.80 21.05 8.88
C42 PCW L . 11.86 21.00 7.76
C43 PCW L . 13.27 20.95 8.35
C44 PCW L . 14.31 20.88 7.24
C45 PCW L . 15.73 20.84 7.83
C46 PCW L . 16.79 20.76 6.74
C47 PCW L . 16.71 21.97 5.81
C48 PCW L . 17.75 21.88 4.69
N PCW L . -2.18 34.76 9.10
O2 PCW L . 3.92 30.09 10.47
O3 PCW L . 4.20 31.96 12.54
O11 PCW L . 2.75 32.47 14.17
O31 PCW L . 5.71 31.41 10.80
O1P PCW L . -0.40 29.98 8.36
O2P PCW L . -0.99 28.90 10.57
O3P PCW L . 1.07 30.30 10.35
O4P PCW L . -1.19 31.39 10.29
P PCW L . -0.43 30.05 9.83
C1 17F M . 6.89 -27.54 -7.47
N1 17F M . 5.52 -25.79 -6.42
O1 17F M . 6.73 -29.22 -4.03
P1 17F M . 7.48 -28.51 -5.08
C2 17F M . 6.86 -26.10 -6.96
O2 17F M . 7.97 -27.14 -4.78
C3 17F M . 7.18 -25.15 -8.11
O3 17F M . 6.58 -28.47 -6.42
C4 17F M . 8.52 -30.83 -5.69
O4 17F M . 7.18 -25.62 -9.26
C5 17F M . 9.84 -31.58 -5.91
O5 17F M . 7.42 -23.95 -7.81
C6 17F M . 9.54 -33.05 -6.12
O6 17F M . 8.72 -29.43 -5.50
C7 17F M . 11.13 -33.62 -7.67
O7 17F M . 10.75 -33.78 -6.37
C8 17F M . 12.41 -34.28 -8.15
O8 17F M . 10.44 -32.95 -8.44
C9 17F M . 13.57 -34.02 -7.18
O9 17F M . 10.51 -31.06 -7.08
C10 17F M . 14.87 -34.69 -7.67
O10 17F M . 11.09 -29.42 -5.65
C11 17F M . 15.27 -34.18 -9.05
C12 17F M . 16.60 -34.78 -9.49
C17 17F M . 11.16 -29.90 -6.79
C18 17F M . 11.96 -29.21 -7.89
C19 17F M . 12.14 -27.71 -7.60
C20 17F M . 10.80 -26.97 -7.62
C1X 17F M . 17.01 -34.27 -10.88
C1Y 17F M . 11.01 -25.48 -7.35
C1Z 17F M . 11.99 -24.87 -8.34
C2X 17F M . 18.37 -34.82 -11.30
C21 17F M . 19.37 -34.40 -10.42
C22 17F M . 20.35 -33.51 -10.85
C23 17F M . 20.34 -33.04 -12.15
C24 17F M . 21.27 -31.83 -12.30
C25 17F M . 21.26 -31.32 -13.74
C26 17F M . 22.17 -30.10 -13.91
C27 17F M . 22.16 -29.60 -15.35
C28 17F M . 23.06 -28.38 -15.52
C29 17F M . 23.07 -27.90 -16.97
C30 17F M . 23.97 -26.67 -17.13
C31 17F M . 12.21 -23.39 -8.07
C32 17F M . 13.22 -22.79 -9.05
C33 17F M . 14.47 -23.40 -8.91
C34 17F M . 15.34 -23.45 -9.99
C35 17F M . 14.97 -22.90 -11.21
C36 17F M . 15.19 -21.38 -11.21
C37 17F M . 16.65 -21.04 -10.95
C38 17F M . 16.87 -19.52 -10.95
C39 17F M . 18.33 -19.15 -10.71
C40 17F M . 18.54 -17.63 -10.74
C41 17F M . 19.99 -17.27 -10.49
C42 17F M . 20.20 -15.76 -10.54
HN1 17F M . 4.99 -25.96 -7.25
HN1A 17F M . 5.25 -24.84 -6.31
HAC 17F M . 5.12 -26.53 -5.87
C1 PCW N . 42.18 -9.70 3.76
C2 PCW N . 41.44 -10.63 4.71
C3 PCW N . 41.23 -9.92 6.04
C4 PCW N . 42.94 -13.31 0.63
C5 PCW N . 44.39 -13.79 0.55
C6 PCW N . 44.95 -13.36 -1.83
C7 PCW N . 45.38 -15.63 -0.83
C8 PCW N . 43.90 -15.55 -1.17
C11 PCW N . 40.26 -10.04 8.10
C12 PCW N . 39.41 -10.66 9.23
C13 PCW N . 38.52 -9.60 9.88
C14 PCW N . 37.71 -10.20 11.03
C15 PCW N . 36.84 -9.13 11.69
C16 PCW N . 36.03 -9.71 12.86
C17 PCW N . 35.17 -8.62 13.52
C18 PCW N . 34.40 -9.18 14.71
C19 PCW N . 33.60 -8.18 15.29
C20 PCW N . 33.34 -8.19 16.65
C21 PCW N . 33.86 -9.18 17.47
C22 PCW N . 32.85 -9.58 18.55
C23 PCW N . 33.43 -10.67 19.46
C24 PCW N . 32.41 -11.08 20.53
C25 PCW N . 31.15 -11.65 19.88
C26 PCW N . 30.13 -12.08 20.94
C27 PCW N . 28.87 -12.65 20.29
C28 PCW N . 27.84 -13.09 21.33
C31 PCW N . 39.79 -12.20 4.57
C32 PCW N . 38.42 -12.76 4.16
C33 PCW N . 38.26 -14.23 4.56
C34 PCW N . 36.83 -14.70 4.31
C35 PCW N . 35.85 -13.88 5.13
C36 PCW N . 36.13 -14.01 6.63
C37 PCW N . 35.23 -13.09 7.45
C38 PCW N . 35.52 -13.24 8.95
C39 PCW N . 34.79 -12.31 9.69
C40 PCW N . 33.43 -12.50 9.91
C41 PCW N . 32.79 -13.61 9.39
C42 PCW N . 31.65 -14.07 10.32
C43 PCW N . 30.90 -15.25 9.70
C44 PCW N . 29.77 -15.71 10.63
C45 PCW N . 28.99 -16.88 10.01
C46 PCW N . 28.36 -16.46 8.68
C47 PCW N . 27.34 -15.34 8.88
C48 PCW N . 26.73 -14.91 7.56
N PCW N . 44.66 -14.36 -0.78
O2 PCW N . 40.17 -10.97 4.14
O3 PCW N . 40.43 -10.71 6.93
O11 PCW N . 40.79 -8.95 8.25
O31 PCW N . 40.56 -12.88 5.26
O1P PCW N . 44.61 -11.23 1.54
O2P PCW N . 43.95 -11.86 3.91
O3P PCW N . 42.50 -10.34 2.52
O4P PCW N . 42.68 -12.79 1.93
P PCW N . 43.55 -11.57 2.51
C1 PCW O . 43.93 -1.11 22.26
C2 PCW O . 42.41 -1.03 22.07
C3 PCW O . 41.71 -1.60 23.29
C4 PCW O . 46.40 -1.67 18.42
C5 PCW O . 46.37 -2.92 17.53
C6 PCW O . 44.03 -3.02 16.70
C7 PCW O . 45.03 -5.02 17.86
C8 PCW O . 44.59 -4.03 18.94
C11 PCW O . 39.73 -2.51 23.96
C12 PCW O . 38.24 -2.86 23.85
C13 PCW O . 37.99 -3.70 22.60
C14 PCW O . 36.51 -4.11 22.49
C15 PCW O . 36.09 -4.97 23.67
C16 PCW O . 34.62 -5.39 23.55
C17 PCW O . 34.19 -6.23 24.76
C18 PCW O . 34.35 -5.45 26.06
C19 PCW O . 34.02 -6.24 27.16
C20 PCW O . 32.72 -6.25 27.66
C21 PCW O . 31.72 -5.47 27.10
C22 PCW O . 30.52 -5.37 28.04
C23 PCW O . 29.38 -4.56 27.41
C24 PCW O . 28.20 -4.45 28.38
C25 PCW O . 27.05 -3.67 27.74
C26 PCW O . 25.86 -3.58 28.69
C27 PCW O . 25.37 -4.97 29.09
C28 PCW O . 24.19 -4.88 30.07
C31 PCW O . 42.37 0.65 20.54
C32 PCW O . 42.11 2.06 19.99
C33 PCW O . 40.81 2.68 20.48
C34 PCW O . 40.86 3.04 21.97
C35 PCW O . 39.75 4.05 22.29
C36 PCW O . 39.77 4.50 23.74
C37 PCW O . 38.90 5.74 23.92
C38 PCW O . 38.91 6.26 25.36
C39 PCW O . 38.34 7.52 25.45
C40 PCW O . 37.01 7.75 25.12
C41 PCW O . 36.20 6.71 24.69
C42 PCW O . 35.07 6.46 25.68
C43 PCW O . 34.16 5.31 25.22
C44 PCW O . 33.11 4.97 26.27
C45 PCW O . 32.23 3.82 25.79
C46 PCW O . 31.22 3.41 26.87
C47 PCW O . 31.93 2.97 28.14
C48 PCW O . 30.93 2.55 29.21
N PCW O . 45.05 -3.57 17.61
O2 PCW O . 42.03 0.33 21.82
O3 PCW O . 40.32 -1.75 23.00
O11 PCW O . 40.40 -2.91 24.91
O31 PCW O . 42.87 -0.21 19.83
O1P PCW O . 46.84 0.30 20.42
O2P PCW O . 46.73 -1.52 22.19
O3P PCW O . 44.64 -0.66 21.10
O4P PCW O . 46.23 -2.06 19.78
P PCW O . 46.21 -0.94 20.93
C1 PCW P . 33.43 -6.54 -32.28
C2 PCW P . 32.07 -7.16 -32.02
C3 PCW P . 32.12 -8.64 -32.37
C4 PCW P . 34.62 -2.51 -34.42
C5 PCW P . 35.96 -1.93 -34.00
C6 PCW P . 38.13 -1.35 -35.05
C7 PCW P . 36.09 -1.62 -36.49
C8 PCW P . 36.02 -0.24 -35.85
C11 PCW P . 30.07 -8.70 -33.36
C12 PCW P . 28.61 -9.10 -33.53
C13 PCW P . 27.68 -8.08 -32.86
C14 PCW P . 26.22 -8.43 -33.10
C15 PCW P . 25.30 -7.44 -32.38
C16 PCW P . 23.83 -7.76 -32.67
C17 PCW P . 23.48 -9.18 -32.20
C18 PCW P . 21.99 -9.48 -32.45
C19 PCW P . 21.69 -9.39 -33.80
C20 PCW P . 20.45 -9.81 -34.26
C21 PCW P . 19.52 -10.32 -33.36
C22 PCW P . 18.19 -9.57 -33.46
C23 PCW P . 17.18 -10.10 -32.43
C24 PCW P . 15.86 -9.33 -32.51
C25 PCW P . 14.89 -9.83 -31.44
C26 PCW P . 14.61 -11.32 -31.60
C27 PCW P . 13.97 -11.62 -32.95
C28 PCW P . 12.63 -10.89 -33.09
C31 PCW P . 31.25 -5.78 -30.37
C32 PCW P . 30.83 -5.41 -28.95
C33 PCW P . 29.90 -6.48 -28.36
C34 PCW P . 29.49 -6.14 -26.93
C35 PCW P . 28.77 -4.79 -26.85
C36 PCW P . 28.34 -4.47 -25.42
C37 PCW P . 27.66 -3.11 -25.34
C38 PCW P . 27.22 -2.80 -23.91
C39 PCW P . 26.63 -1.54 -23.80
C40 PCW P . 25.30 -1.41 -23.44
C41 PCW P . 24.53 -2.52 -23.16
C42 PCW P . 23.29 -2.56 -24.07
C43 PCW P . 22.43 -1.33 -23.88
C44 PCW P . 21.22 -1.34 -24.82
C45 PCW P . 20.37 -0.08 -24.66
C46 PCW P . 19.84 0.05 -23.23
C47 PCW P . 19.00 1.32 -23.08
C48 PCW P . 18.53 1.51 -21.64
N PCW P . 36.66 -1.36 -35.16
O2 PCW P . 31.71 -7.04 -30.63
O3 PCW P . 30.80 -9.18 -32.32
O11 PCW P . 30.60 -7.94 -34.17
O31 PCW P . 31.17 -4.95 -31.28
O1P PCW P . 35.27 -3.62 -31.22
O2P PCW P . 35.53 -5.02 -33.33
O3P PCW P . 33.43 -5.14 -31.95
O4P PCW P . 33.95 -3.07 -33.28
P PCW P . 34.67 -4.22 -32.43
C1 PCW Q . 43.91 -8.80 15.28
C2 PCW Q . 42.86 -9.45 16.19
C3 PCW Q . 42.81 -8.70 17.51
C4 PCW Q . 48.10 -8.65 13.32
C5 PCW Q . 49.27 -8.06 14.10
C6 PCW Q . 51.67 -7.52 13.73
C7 PCW Q . 50.18 -7.99 11.76
C8 PCW Q . 49.92 -6.55 12.20
C11 PCW Q . 41.58 -8.50 19.44
C12 PCW Q . 40.42 -8.85 20.38
C13 PCW Q . 40.09 -10.34 20.29
C14 PCW Q . 38.81 -10.69 21.05
C15 PCW Q . 38.54 -12.19 20.96
C16 PCW Q . 37.18 -12.58 21.55
C17 PCW Q . 37.04 -12.13 23.01
C18 PCW Q . 35.80 -12.77 23.64
C19 PCW Q . 35.95 -14.14 23.69
C20 PCW Q . 34.86 -14.99 23.84
C21 PCW Q . 33.56 -14.50 23.95
C22 PCW Q . 32.76 -15.37 24.94
C23 PCW Q . 31.28 -14.99 24.95
C24 PCW Q . 30.65 -15.20 23.57
C25 PCW Q . 29.13 -15.03 23.62
C26 PCW Q . 28.52 -16.11 24.53
C27 PCW Q . 27.00 -15.99 24.57
C28 PCW Q . 26.38 -17.12 25.40
C31 PCW Q . 40.76 -10.32 16.16
C32 PCW Q . 39.30 -10.46 15.73
C33 PCW Q . 39.16 -10.60 14.21
C34 PCW Q . 39.65 -9.36 13.48
C35 PCW Q . 38.89 -8.12 13.95
C36 PCW Q . 39.30 -6.88 13.14
C37 PCW Q . 38.65 -5.61 13.69
C38 PCW Q . 37.12 -5.70 13.66
C39 PCW Q . 36.56 -4.54 14.19
C40 PCW Q . 35.18 -4.38 14.24
C41 PCW Q . 34.33 -5.36 13.76
C42 PCW Q . 32.87 -4.93 13.89
C43 PCW Q . 31.91 -6.00 13.37
C44 PCW Q . 30.46 -5.53 13.53
C45 PCW Q . 30.22 -4.22 12.77
C46 PCW Q . 28.77 -3.75 12.92
C47 PCW Q . 28.55 -2.45 12.15
C48 PCW Q . 27.10 -1.97 12.27
N PCW Q . 50.31 -7.59 13.16
O2 PCW Q . 41.56 -9.39 15.57
O3 PCW Q . 41.70 -9.18 18.27
O11 PCW Q . 42.41 -7.65 19.74
O31 PCW Q . 41.23 -11.06 17.02
O1P PCW Q . 45.82 -6.91 14.42
O2P PCW Q . 47.37 -7.63 16.29
O3P PCW Q . 45.20 -8.82 15.88
O4P PCW Q . 47.09 -9.07 14.24
P PCW Q . 46.41 -8.00 15.23
C1 PCW R . 44.67 -18.66 6.88
C2 PCW R . 43.46 -19.30 6.20
C3 PCW R . 43.88 -20.56 5.46
C4 PCW R . 46.33 -20.10 3.43
C5 PCW R . 46.02 -21.44 2.75
C6 PCW R . 44.88 -20.02 1.08
C7 PCW R . 46.72 -21.56 0.34
C8 PCW R . 45.44 -22.39 0.50
C11 PCW R . 43.04 -22.23 4.11
C12 PCW R . 41.95 -22.97 3.34
C13 PCW R . 41.91 -24.45 3.71
C14 PCW R . 40.70 -25.13 3.06
C15 PCW R . 40.72 -24.95 1.55
C16 PCW R . 39.45 -25.49 0.91
C17 PCW R . 38.21 -24.77 1.43
C18 PCW R . 36.94 -25.30 0.78
C19 PCW R . 36.98 -25.13 -0.60
C20 PCW R . 35.99 -24.39 -1.24
C21 PCW R . 34.95 -23.81 -0.52
C22 PCW R . 34.64 -22.41 -1.05
C23 PCW R . 33.44 -21.80 -0.33
C24 PCW R . 32.18 -22.63 -0.57
C25 PCW R . 30.96 -22.00 0.11
C26 PCW R . 31.16 -21.91 1.63
C27 PCW R . 29.95 -21.23 2.29
C28 PCW R . 30.15 -21.15 3.81
C31 PCW R . 41.88 -18.55 7.69
C32 PCW R . 40.80 -18.69 8.76
C33 PCW R . 39.67 -19.59 8.27
C34 PCW R . 38.61 -19.79 9.36
C35 PCW R . 37.51 -20.74 8.89
C36 PCW R . 36.73 -20.17 7.71
C37 PCW R . 35.92 -18.94 8.13
C38 PCW R . 34.89 -19.32 9.20
C39 PCW R . 34.09 -18.23 9.56
C40 PCW R . 32.82 -18.47 10.07
C41 PCW R . 32.38 -19.77 10.21
C42 PCW R . 31.48 -19.91 11.44
C43 PCW R . 31.00 -21.36 11.59
C44 PCW R . 30.09 -21.52 12.81
C45 PCW R . 29.70 -22.99 13.01
C46 PCW R . 28.96 -23.52 11.78
C47 PCW R . 28.58 -24.99 11.97
C48 PCW R . 27.84 -25.52 10.74
N PCW R . 45.70 -21.21 1.33
O2 PCW R . 42.47 -19.66 7.18
O3 PCW R . 42.71 -21.12 4.82
O11 PCW R . 44.21 -22.61 4.09
O31 PCW R . 42.21 -17.44 7.28
O1P PCW R . 47.98 -18.24 5.05
O2P PCW R . 47.40 -19.62 7.10
O3P PCW R . 45.65 -18.26 5.92
O4P PCW R . 46.58 -20.33 4.82
P PCW R . 47.02 -19.10 5.76
C1 PCW S . 41.13 -2.72 -10.49
C2 PCW S . 40.07 -3.74 -10.10
C3 PCW S . 38.96 -3.03 -9.34
C4 PCW S . 43.04 -6.09 -12.49
C5 PCW S . 42.97 -7.60 -12.71
C6 PCW S . 41.10 -7.64 -11.09
C7 PCW S . 40.69 -8.33 -13.47
C8 PCW S . 41.34 -9.50 -12.74
C11 PCW S . 38.57 -4.53 -7.65
C12 PCW S . 37.75 -5.51 -6.82
C13 PCW S . 36.30 -5.01 -6.66
C14 PCW S . 35.50 -5.97 -5.78
C15 PCW S . 34.04 -5.50 -5.66
C16 PCW S . 33.94 -4.12 -5.01
C17 PCW S . 32.49 -3.65 -4.94
C18 PCW S . 32.36 -2.29 -4.26
C19 PCW S . 31.04 -1.86 -4.25
C20 PCW S . 30.45 -1.41 -3.07
C21 PCW S . 31.18 -1.38 -1.90
C22 PCW S . 30.84 -0.15 -1.06
C23 PCW S . 29.38 -0.15 -0.59
C24 PCW S . 28.42 -0.08 -1.78
C25 PCW S . 26.97 -0.05 -1.31
C26 PCW S . 26.02 0.00 -2.50
C27 PCW S . 26.19 -1.23 -3.39
C28 PCW S . 25.23 -1.19 -4.58
C31 PCW S . 39.01 -5.58 -11.05
C32 PCW S . 38.48 -6.40 -12.23
C33 PCW S . 36.95 -6.35 -12.35
C34 PCW S . 36.28 -7.11 -11.20
C35 PCW S . 34.77 -7.18 -11.42
C36 PCW S . 34.08 -8.04 -10.36
C37 PCW S . 32.58 -8.15 -10.64
C38 PCW S . 31.90 -9.05 -9.61
C39 PCW S . 30.53 -9.16 -9.87
C40 PCW S . 29.94 -10.41 -10.00
C41 PCW S . 30.69 -11.56 -9.85
C42 PCW S . 29.81 -12.81 -10.00
C43 PCW S . 28.70 -12.82 -8.94
C44 PCW S . 27.79 -14.04 -9.11
C45 PCW S . 26.67 -14.05 -8.07
C46 PCW S . 27.25 -14.12 -6.65
C47 PCW S . 28.06 -15.39 -6.45
C48 PCW S . 28.65 -15.45 -5.03
N PCW S . 41.64 -8.12 -12.37
O2 PCW S . 39.56 -4.37 -11.30
O3 PCW S . 38.02 -3.94 -8.75
O11 PCW S . 39.73 -4.27 -7.34
O31 PCW S . 38.95 -6.03 -9.90
O1P PCW S . 44.58 -4.02 -10.95
O2P PCW S . 42.91 -4.34 -9.05
O3P PCW S . 42.20 -3.33 -11.23
O4P PCW S . 42.78 -5.79 -11.11
P PCW S . 43.20 -4.35 -10.51
C1 PCW T . -2.55 11.51 -33.73
C2 PCW T . -1.21 11.61 -34.48
C3 PCW T . -0.83 10.22 -34.98
C4 PCW T . -4.66 14.10 -30.38
C5 PCW T . -4.35 13.85 -28.90
C6 PCW T . -6.19 14.93 -27.66
C7 PCW T . -3.82 15.60 -27.17
C8 PCW T . -4.26 16.32 -28.43
C11 PCW T . 0.55 9.07 -36.39
C12 PCW T . 1.72 8.90 -37.36
C13 PCW T . 2.79 7.98 -36.78
C14 PCW T . 3.93 7.76 -37.78
C15 PCW T . 4.58 9.10 -38.16
C16 PCW T . 5.69 8.89 -39.18
C17 PCW T . 5.13 8.28 -40.47
C18 PCW T . 6.24 8.08 -41.51
C19 PCW T . 5.72 7.54 -42.68
C20 PCW T . 6.36 7.72 -43.90
C21 PCW T . 7.54 8.46 -43.98
C22 PCW T . 8.51 7.82 -44.96
C23 PCW T . 9.80 8.63 -45.08
C24 PCW T . 10.78 7.97 -46.06
C25 PCW T . 10.16 7.82 -47.45
C26 PCW T . 11.13 7.13 -48.41
C27 PCW T . 12.41 7.94 -48.57
C28 PCW T . 12.12 9.32 -49.19
C31 PCW T . -0.18 12.98 -36.00
C32 PCW T . -0.14 13.91 -37.21
C33 PCW T . -0.95 15.19 -36.93
C34 PCW T . -0.27 16.04 -35.85
C35 PCW T . 1.05 16.62 -36.37
C36 PCW T . 1.75 17.45 -35.30
C37 PCW T . 2.96 18.19 -35.87
C38 PCW T . 3.97 17.21 -36.50
C39 PCW T . 5.09 17.89 -36.95
C40 PCW T . 5.37 18.00 -38.31
C41 PCW T . 4.50 17.44 -39.24
C42 PCW T . 5.00 16.06 -39.69
C43 PCW T . 4.07 15.46 -40.75
C44 PCW T . 4.51 14.05 -41.14
C45 PCW T . 4.37 13.08 -39.97
C46 PCW T . 5.22 13.50 -38.77
C47 PCW T . 5.03 12.54 -37.59
C48 PCW T . 5.84 13.00 -36.38
N PCW T . -4.80 15.00 -28.10
O2 PCW T . -1.38 12.49 -35.59
O3 PCW T . 0.32 10.30 -35.82
O11 PCW T . -0.19 8.14 -36.11
O31 PCW T . 0.85 12.68 -35.40
O1P PCW T . -5.02 14.27 -33.17
O2P PCW T . -5.30 11.75 -33.12
O3P PCW T . -3.02 12.79 -33.32
O4P PCW T . -4.29 12.95 -31.15
P PCW T . -4.52 12.96 -32.74
C1 PCW U . -0.20 19.36 -25.34
C2 PCW U . 0.93 19.05 -26.33
C3 PCW U . 0.66 19.71 -27.67
C4 PCW U . -0.41 16.96 -21.53
C5 PCW U . -1.16 15.81 -20.86
C6 PCW U . -2.67 15.80 -22.82
C7 PCW U . -1.26 13.77 -22.34
C8 PCW U . -2.48 13.75 -21.41
C11 PCW U . 1.65 20.12 -29.70
C12 PCW U . 2.74 19.99 -30.77
C13 PCW U . 3.81 21.08 -30.58
C14 PCW U . 5.01 20.84 -31.51
C15 PCW U . 4.60 20.90 -32.98
C16 PCW U . 4.18 22.31 -33.40
C17 PCW U . 3.82 22.34 -34.89
C18 PCW U . 3.50 23.77 -35.35
C19 PCW U . 4.59 24.61 -35.19
C20 PCW U . 5.83 24.31 -35.76
C21 PCW U . 6.00 23.15 -36.51
C22 PCW U . 7.14 22.30 -35.94
C23 PCW U . 7.31 21.00 -36.73
C24 PCW U . 7.64 21.26 -38.20
C25 PCW U . 7.82 19.95 -38.96
C26 PCW U . 8.16 20.20 -40.43
C27 PCW U . 8.33 18.89 -41.19
C28 PCW U . 8.67 19.14 -42.66
C31 PCW U . 2.12 20.88 -25.66
C32 PCW U . 3.34 21.62 -25.09
C33 PCW U . 4.24 22.14 -26.21
C34 PCW U . 5.47 22.85 -25.65
C35 PCW U . 6.34 23.39 -26.79
C36 PCW U . 6.84 22.26 -27.69
C37 PCW U . 7.55 22.83 -28.92
C38 PCW U . 8.05 21.70 -29.84
C39 PCW U . 8.53 22.23 -31.04
C40 PCW U . 9.84 22.03 -31.45
C41 PCW U . 10.73 21.28 -30.68
C42 PCW U . 11.89 20.78 -31.54
C43 PCW U . 12.91 20.01 -30.70
C44 PCW U . 14.05 19.50 -31.59
C45 PCW U . 15.13 18.81 -30.77
C46 PCW U . 16.25 18.28 -31.66
C47 PCW U . 16.88 19.41 -32.48
C48 PCW U . 18.03 18.90 -33.35
N PCW U . -1.89 15.02 -21.87
O2 PCW U . 2.16 19.54 -25.80
O3 PCW U . 1.77 19.43 -28.54
O11 PCW U . 0.67 20.83 -29.89
O31 PCW U . 1.13 21.52 -25.99
O1P PCW U . 0.12 19.84 -21.78
O2P PCW U . -1.95 20.04 -23.24
O3P PCW U . 0.09 18.82 -24.05
O4P PCW U . -1.31 17.82 -22.20
P PCW U . -0.79 19.24 -22.77
C1 PCW V . 41.32 -0.54 -7.44
C2 PCW V . 40.26 -0.42 -6.34
C3 PCW V . 38.94 -0.02 -6.98
C4 PCW V . 41.23 1.83 -4.86
C5 PCW V . 40.10 2.54 -4.14
C6 PCW V . 40.71 2.34 -1.74
C7 PCW V . 38.45 1.56 -2.51
C8 PCW V . 39.45 0.47 -2.86
C11 PCW V . 36.71 0.30 -6.52
C12 PCW V . 35.47 0.33 -5.63
C13 PCW V . 35.87 0.27 -4.15
C14 PCW V . 34.63 0.19 -3.25
C15 PCW V . 35.02 0.18 -1.78
C16 PCW V . 33.79 0.05 -0.89
C17 PCW V . 34.15 0.08 0.60
C18 PCW V . 32.91 -0.09 1.47
C19 PCW V . 33.24 0.00 2.83
C20 PCW V . 33.95 -1.03 3.44
C21 PCW V . 34.34 -2.15 2.70
C22 PCW V . 35.17 -3.09 3.57
C23 PCW V . 34.36 -3.62 4.75
C24 PCW V . 35.21 -4.57 5.61
C25 PCW V . 34.40 -5.13 6.78
C26 PCW V . 35.24 -6.11 7.60
C27 PCW V . 34.43 -6.71 8.75
C28 PCW V . 33.23 -7.50 8.22
C31 PCW V . 41.16 -1.94 -4.89
C32 PCW V . 41.24 -3.25 -4.12
C33 PCW V . 39.84 -3.81 -3.84
C34 PCW V . 39.94 -5.12 -3.06
C35 PCW V . 38.56 -5.72 -2.78
C36 PCW V . 38.69 -7.02 -1.99
C37 PCW V . 37.34 -7.68 -1.78
C38 PCW V . 36.67 -8.01 -3.11
C39 PCW V . 35.48 -8.72 -2.94
C40 PCW V . 34.42 -8.20 -2.21
C41 PCW V . 34.51 -6.95 -1.61
C42 PCW V . 33.92 -6.98 -0.20
C43 PCW V . 33.99 -5.60 0.47
C44 PCW V . 33.39 -5.65 1.88
C45 PCW V . 31.94 -6.12 1.86
C46 PCW V . 31.35 -6.16 3.26
C47 PCW V . 31.39 -4.78 3.94
C48 PCW V . 30.79 -4.83 5.33
N PCW V . 39.85 1.89 -2.84
O2 PCW V . 40.09 -1.69 -5.70
O3 PCW V . 37.91 -0.03 -5.98
O11 PCW V . 36.63 0.58 -7.72
O31 PCW V . 42.04 -1.09 -4.76
O1P PCW V . 43.52 1.05 -6.44
O2P PCW V . 42.93 2.87 -8.12
O3P PCW V . 41.61 0.73 -8.02
O4P PCW V . 41.41 2.42 -6.16
P PCW V . 42.48 1.81 -7.19
C1 PCW W . 38.01 6.59 -15.96
C2 PCW W . 36.60 6.05 -15.74
C3 PCW W . 36.60 4.70 -15.07
C4 PCW W . 37.95 4.36 -11.78
C5 PCW W . 36.63 4.37 -11.00
C6 PCW W . 35.34 2.85 -9.55
C7 PCW W . 37.78 2.39 -9.95
C8 PCW W . 37.68 3.49 -8.89
C11 PCW W . 35.10 3.17 -14.15
C12 PCW W . 33.68 2.68 -13.84
C13 PCW W . 33.37 1.35 -14.52
C14 PCW W . 31.86 1.19 -14.70
C15 PCW W . 31.11 1.34 -13.38
C16 PCW W . 29.60 1.45 -13.63
C17 PCW W . 29.05 0.19 -14.30
C18 PCW W . 27.61 0.42 -14.77
C19 PCW W . 27.57 1.41 -15.74
C20 PCW W . 26.76 2.53 -15.58
C21 PCW W . 25.98 2.68 -14.43
C22 PCW W . 24.71 3.47 -14.73
C23 PCW W . 23.85 2.78 -15.79
C24 PCW W . 22.54 3.53 -16.04
C25 PCW W . 21.68 2.81 -17.07
C26 PCW W . 20.36 3.54 -17.30
C27 PCW W . 19.49 2.79 -18.33
C28 PCW W . 18.16 3.52 -18.55
C31 PCW W . 34.52 6.73 -15.05
C32 PCW W . 33.52 7.51 -14.19
C33 PCW W . 33.81 7.29 -12.71
C34 PCW W . 32.76 7.98 -11.84
C35 PCW W . 31.37 7.37 -12.09
C36 PCW W . 30.32 8.04 -11.19
C37 PCW W . 28.94 7.42 -11.40
C38 PCW W . 27.91 8.10 -10.48
C39 PCW W . 26.64 7.55 -10.66
C40 PCW W . 25.82 8.03 -11.68
C41 PCW W . 26.28 9.06 -12.50
C42 PCW W . 26.85 8.49 -13.81
C43 PCW W . 27.35 9.61 -14.72
C44 PCW W . 27.91 9.03 -16.02
C45 PCW W . 28.45 10.15 -16.92
C46 PCW W . 29.04 9.58 -18.21
C47 PCW W . 30.17 8.61 -17.89
C48 PCW W . 30.75 7.99 -19.17
N PCW W . 36.66 3.35 -9.94
O2 PCW W . 35.85 6.97 -14.92
O3 PCW W . 35.23 4.33 -14.85
O11 PCW W . 36.10 2.54 -13.79
O31 PCW W . 34.12 5.90 -15.87
O1P PCW W . 39.20 4.35 -14.73
O2P PCW W . 40.35 5.88 -13.06
O3P PCW W . 38.70 6.79 -14.71
O4P PCW W . 37.90 5.35 -12.81
P PCW W . 39.14 5.52 -13.83
C1 PCW X . 40.46 -12.19 -8.99
C2 PCW X . 39.84 -13.41 -9.68
C3 PCW X . 39.26 -14.30 -8.59
C4 PCW X . 44.24 -12.46 -8.30
C5 PCW X . 45.22 -13.30 -9.13
C6 PCW X . 45.10 -15.56 -8.12
C7 PCW X . 47.32 -14.42 -8.33
C8 PCW X . 46.62 -13.83 -7.11
C11 PCW X . 38.48 -16.37 -8.12
C12 PCW X . 37.90 -17.76 -8.39
C13 PCW X . 38.99 -18.73 -8.86
C14 PCW X . 38.46 -20.17 -8.85
C15 PCW X . 39.52 -21.14 -9.39
C16 PCW X . 39.06 -22.59 -9.20
C17 PCW X . 37.70 -22.83 -9.84
C18 PCW X . 37.21 -24.26 -9.56
C19 PCW X . 37.11 -24.47 -8.19
C20 PCW X . 35.94 -25.00 -7.66
C21 PCW X . 34.86 -25.32 -8.48
C22 PCW X . 33.89 -26.27 -7.76
C23 PCW X . 32.71 -26.64 -8.67
C24 PCW X . 31.75 -27.59 -7.95
C25 PCW X . 30.57 -27.94 -8.85
C26 PCW X . 29.78 -26.69 -9.24
C27 PCW X . 28.60 -27.06 -10.15
C28 PCW X . 27.80 -25.82 -10.55
C31 PCW X . 39.37 -12.39 -11.69
C32 PCW X . 38.47 -11.83 -12.78
C33 PCW X . 37.71 -10.59 -12.31
C34 PCW X . 36.59 -10.96 -11.34
C35 PCW X . 35.49 -11.72 -12.08
C36 PCW X . 34.89 -10.87 -13.19
C37 PCW X . 33.80 -11.63 -13.96
C38 PCW X . 34.36 -12.89 -14.61
C39 PCW X . 33.40 -13.51 -15.40
C40 PCW X . 32.47 -14.38 -14.84
C41 PCW X . 32.48 -14.63 -13.46
C42 PCW X . 31.34 -15.57 -13.08
C43 PCW X . 31.35 -15.87 -11.58
C44 PCW X . 30.22 -16.83 -11.22
C45 PCW X . 30.22 -17.15 -9.73
C46 PCW X . 29.07 -18.10 -9.37
C47 PCW X . 29.20 -19.43 -10.11
C48 PCW X . 28.04 -20.37 -9.77
N PCW X . 45.86 -14.31 -8.26
O2 PCW X . 38.81 -13.00 -10.60
O3 PCW X . 38.74 -15.52 -9.15
O11 PCW X . 38.72 -16.01 -6.97
O31 PCW X . 40.59 -12.31 -11.77
O1P PCW X . 42.63 -13.40 -10.42
O2P PCW X . 43.08 -11.19 -11.58
O3P PCW X . 41.24 -11.40 -9.88
O4P PCW X . 43.64 -11.47 -9.14
P PCW X . 42.68 -11.92 -10.37
C1 PCW Y . 39.24 11.42 -19.45
C2 PCW Y . 37.91 11.40 -18.69
C3 PCW Y . 38.20 11.06 -17.24
C4 PCW Y . 36.99 8.74 -20.41
C5 PCW Y . 36.87 7.62 -19.37
C6 PCW Y . 34.50 8.34 -19.25
C7 PCW Y . 35.04 5.95 -19.81
C8 PCW Y . 35.16 6.11 -18.30
C11 PCW Y . 36.02 10.42 -16.86
C12 PCW Y . 34.65 10.50 -16.18
C13 PCW Y . 33.67 11.32 -17.02
C14 PCW Y . 32.38 11.58 -16.26
C15 PCW Y . 32.66 12.42 -15.00
C16 PCW Y . 31.38 12.71 -14.21
C17 PCW Y . 30.39 13.54 -15.02
C18 PCW Y . 29.91 12.79 -16.26
C19 PCW Y . 28.95 13.52 -16.95
C20 PCW Y . 27.80 13.95 -16.31
C21 PCW Y . 27.61 13.64 -14.96
C22 PCW Y . 26.24 13.00 -14.73
C23 PCW Y . 26.05 12.66 -13.25
C24 PCW Y . 24.69 12.00 -13.00
C25 PCW Y . 24.52 11.67 -11.51
C26 PCW Y . 23.16 11.03 -11.24
C27 PCW Y . 22.02 11.98 -11.63
C28 PCW Y . 20.66 11.35 -11.35
C31 PCW Y . 36.70 12.92 -19.96
C32 PCW Y . 35.94 14.22 -20.19
C33 PCW Y . 34.58 14.19 -19.51
C34 PCW Y . 34.72 14.17 -17.99
C35 PCW Y . 35.17 15.54 -17.45
C36 PCW Y . 34.10 16.59 -17.73
C37 PCW Y . 34.48 17.95 -17.15
C38 PCW Y . 33.38 18.98 -17.41
C39 PCW Y . 33.70 20.21 -16.85
C40 PCW Y . 32.68 21.04 -16.38
C41 PCW Y . 31.35 20.62 -16.46
C42 PCW Y . 30.42 21.77 -16.86
C43 PCW Y . 30.47 22.89 -15.82
C44 PCW Y . 29.55 24.04 -16.23
C45 PCW Y . 29.60 25.18 -15.21
C46 PCW Y . 29.14 24.70 -13.83
C47 PCW Y . 29.16 25.85 -12.82
C48 PCW Y . 28.68 25.38 -11.44
N PCW Y . 35.46 7.23 -19.22
O2 PCW Y . 37.29 12.69 -18.74
O3 PCW Y . 37.01 11.26 -16.45
O11 PCW Y . 36.24 9.59 -17.74
O31 PCW Y . 36.79 12.07 -20.84
O1P PCW Y . 37.66 10.37 -22.62
O2P PCW Y . 40.10 9.76 -22.29
O3P PCW Y . 39.02 11.51 -20.86
O4P PCW Y . 38.36 9.08 -20.59
P PCW Y . 38.79 10.15 -21.70
C1 PCW Z . 31.06 1.24 -35.06
C2 PCW Z . 29.69 1.89 -35.30
C3 PCW Z . 28.71 1.38 -34.26
C4 PCW Z . 31.51 3.68 -38.74
C5 PCW Z . 30.40 4.61 -39.19
C6 PCW Z . 32.23 6.27 -39.27
C7 PCW Z . 30.83 5.87 -41.33
C8 PCW Z . 30.04 6.79 -40.40
C11 PCW Z . 26.78 1.28 -35.51
C12 PCW Z . 25.38 1.70 -35.92
C13 PCW Z . 24.34 0.66 -35.50
C14 PCW Z . 22.93 1.11 -35.88
C15 PCW Z . 21.89 0.05 -35.50
C16 PCW Z . 22.18 -1.28 -36.21
C17 PCW Z . 22.25 -1.08 -37.72
C18 PCW Z . 20.93 -0.53 -38.28
C19 PCW Z . 21.04 -0.26 -39.63
C20 PCW Z . 20.01 -0.60 -40.51
C21 PCW Z . 18.86 -1.20 -40.04
C22 PCW Z . 17.73 -0.17 -39.85
C23 PCW Z . 16.43 -0.86 -39.42
C24 PCW Z . 15.33 0.17 -39.18
C25 PCW Z . 15.10 1.04 -40.42
C26 PCW Z . 13.98 2.06 -40.18
C27 PCW Z . 13.80 2.98 -41.39
C28 PCW Z . 15.06 3.80 -41.64
C31 PCW Z . 28.82 3.98 -35.80
C32 PCW Z . 28.82 5.50 -35.78
C33 PCW Z . 27.84 6.09 -34.76
C34 PCW Z . 28.17 5.67 -33.33
C35 PCW Z . 27.37 6.49 -32.32
C36 PCW Z . 27.66 6.05 -30.88
C37 PCW Z . 27.08 7.07 -29.88
C38 PCW Z . 27.40 6.68 -28.43
C39 PCW Z . 27.14 7.75 -27.59
C40 PCW Z . 26.07 7.74 -26.70
C41 PCW Z . 25.18 6.68 -26.63
C42 PCW Z . 24.02 7.02 -25.69
C43 PCW Z . 23.00 5.88 -25.61
C44 PCW Z . 21.83 6.27 -24.70
C45 PCW Z . 20.78 5.17 -24.63
C46 PCW Z . 19.61 5.57 -23.72
C47 PCW Z . 18.54 4.47 -23.67
C48 PCW Z . 17.39 4.89 -22.77
N PCW Z . 30.97 5.78 -39.87
O2 PCW Z . 29.84 3.32 -35.18
O3 PCW Z . 27.40 1.92 -34.48
O11 PCW Z . 27.36 0.35 -36.08
O31 PCW Z . 27.96 3.35 -36.41
O1P PCW Z . 33.21 1.45 -38.17
O2P PCW Z . 31.15 0.06 -37.65
O3P PCW Z . 32.03 1.70 -36.00
O4P PCW Z . 30.94 2.53 -38.10
P PCW Z . 31.87 1.34 -37.55
C1 PCW AA . 32.43 14.13 -29.61
C2 PCW AA . 31.33 15.20 -29.48
C3 PCW AA . 31.46 16.16 -30.65
C4 PCW AA . 34.73 12.91 -26.06
C5 PCW AA . 33.41 13.45 -25.51
C6 PCW AA . 34.14 12.31 -23.42
C7 PCW AA . 33.65 14.77 -23.38
C8 PCW AA . 32.31 14.03 -23.31
C11 PCW AA . 30.49 17.83 -29.41
C12 PCW AA . 29.44 18.89 -29.09
C13 PCW AA . 28.94 19.54 -30.39
C14 PCW AA . 27.77 20.49 -30.11
C15 PCW AA . 27.28 21.15 -31.39
C16 PCW AA . 26.04 21.98 -31.14
C17 PCW AA . 25.53 22.61 -32.45
C18 PCW AA . 24.18 23.30 -32.25
C19 PCW AA . 23.21 22.39 -31.84
C20 PCW AA . 22.37 21.80 -32.78
C21 PCW AA . 22.50 22.12 -34.13
C22 PCW AA . 21.75 21.10 -34.99
C23 PCW AA . 20.29 20.98 -34.57
C24 PCW AA . 19.60 22.35 -34.52
C25 PCW AA . 19.62 23.03 -35.89
C26 PCW AA . 18.92 24.40 -35.83
C27 PCW AA . 17.46 24.23 -35.39
C28 PCW AA . 16.76 25.59 -35.35
C31 PCW AA . 29.69 14.09 -28.30
C32 PCW AA . 28.30 13.47 -28.11
C33 PCW AA . 27.63 13.19 -29.46
C34 PCW AA . 26.18 12.74 -29.30
C35 PCW AA . 25.57 12.40 -30.66
C36 PCW AA . 24.08 12.07 -30.54
C37 PCW AA . 23.52 11.58 -31.88
C38 PCW AA . 22.03 11.28 -31.80
C39 PCW AA . 21.58 10.67 -32.97
C40 PCW AA . 20.44 11.11 -33.63
C41 PCW AA . 19.70 12.18 -33.16
C42 PCW AA . 18.63 12.58 -34.18
C43 PCW AA . 17.80 13.77 -33.70
C44 PCW AA . 16.83 14.22 -34.79
C45 PCW AA . 15.97 15.39 -34.32
C46 PCW AA . 15.15 14.98 -33.09
C47 PCW AA . 14.22 16.12 -32.64
C48 PCW AA . 13.46 15.72 -31.39
N PCW AA . 33.47 13.47 -24.03
O2 PCW AA . 30.03 14.62 -29.51
O3 PCW AA . 30.41 17.12 -30.57
O11 PCW AA . 31.42 17.62 -28.63
O31 PCW AA . 30.50 14.12 -27.38
O1P PCW AA . 33.02 11.07 -27.45
O2P PCW AA . 34.11 11.79 -29.65
O3P PCW AA . 32.40 13.24 -28.50
O4P PCW AA . 34.68 12.95 -27.50
P PCW AA . 33.57 12.14 -28.32
C1 PCW BA . 32.42 25.32 -17.61
C2 PCW BA . 32.00 24.57 -18.88
C3 PCW BA . 32.59 23.17 -18.88
C4 PCW BA . 32.30 29.98 -17.25
C5 PCW BA . 33.37 30.97 -17.70
C6 PCW BA . 34.95 32.59 -16.69
C7 PCW BA . 33.92 30.79 -15.26
C8 PCW BA . 35.07 30.16 -16.04
C11 PCW BA . 32.98 22.71 -21.10
C12 PCW BA . 32.70 22.07 -22.47
C13 PCW BA . 31.20 22.14 -22.81
C14 PCW BA . 30.93 21.48 -24.17
C15 PCW BA . 29.44 21.57 -24.52
C16 PCW BA . 29.15 20.94 -25.89
C17 PCW BA . 27.68 21.09 -26.28
C18 PCW BA . 26.77 20.34 -25.32
C19 PCW BA . 27.02 18.97 -25.36
C20 PCW BA . 26.05 18.07 -24.94
C21 PCW BA . 24.81 18.53 -24.49
C22 PCW BA . 23.76 18.50 -25.60
C23 PCW BA . 22.41 19.00 -25.08
C24 PCW BA . 21.90 18.12 -23.93
C25 PCW BA . 20.56 18.62 -23.40
C26 PCW BA . 20.06 17.74 -22.26
C27 PCW BA . 18.72 18.23 -21.71
C28 PCW BA . 18.24 17.35 -20.56
C31 PCW BA . 30.13 24.38 -20.20
C32 PCW BA . 28.63 24.25 -20.46
C33 PCW BA . 27.93 25.59 -20.33
C34 PCW BA . 26.41 25.40 -20.24
C35 PCW BA . 26.07 24.56 -19.01
C36 PCW BA . 24.57 24.36 -18.85
C37 PCW BA . 24.28 23.52 -17.61
C38 PCW BA . 22.77 23.32 -17.40
C39 PCW BA . 22.54 22.55 -16.27
C40 PCW BA . 21.50 22.86 -15.39
C41 PCW BA . 20.69 23.97 -15.64
C42 PCW BA . 19.42 23.88 -14.80
C43 PCW BA . 18.50 25.09 -15.05
C44 PCW BA . 17.24 25.01 -14.20
C45 PCW BA . 16.29 26.18 -14.48
C46 PCW BA . 16.95 27.51 -14.15
C47 PCW BA . 15.99 28.67 -14.44
C48 PCW BA . 16.63 30.02 -14.10
N PCW BA . 34.28 31.28 -16.59
O2 PCW BA . 30.57 24.48 -18.92
O3 PCW BA . 32.16 22.45 -20.05
O11 PCW BA . 33.95 23.44 -20.94
O31 PCW BA . 30.94 24.43 -21.14
O1P PCW BA . 30.68 28.07 -15.89
O2P PCW BA . 32.78 26.79 -15.26
O3P PCW BA . 31.81 26.61 -17.56
O4P PCW BA . 32.91 28.75 -16.83
P PCW BA . 32.00 27.55 -16.28
C1 PCW CA . 39.09 30.19 7.08
C2 PCW CA . 37.60 30.56 7.17
C3 PCW CA . 37.04 30.79 5.78
C4 PCW CA . 40.74 26.97 9.88
C5 PCW CA . 42.15 26.40 10.03
C6 PCW CA . 42.94 26.01 7.72
C7 PCW CA . 42.93 24.10 9.36
C8 PCW CA . 41.49 24.28 8.85
C11 PCW CA . 35.07 31.05 4.62
C12 PCW CA . 33.56 30.95 4.43
C13 PCW CA . 32.81 31.78 5.48
C14 PCW CA . 31.32 31.45 5.49
C15 PCW CA . 30.64 31.76 4.15
C16 PCW CA . 30.64 33.25 3.86
C17 PCW CA . 29.82 33.55 2.60
C18 PCW CA . 29.71 35.06 2.36
C19 PCW CA . 28.92 35.33 1.26
C20 PCW CA . 28.03 36.40 1.28
C21 PCW CA . 27.95 37.21 2.40
C22 PCW CA . 26.67 38.05 2.41
C23 PCW CA . 25.41 37.19 2.51
C24 PCW CA . 25.27 36.26 1.30
C25 PCW CA . 23.96 35.46 1.41
C26 PCW CA . 23.80 34.54 0.20
C27 PCW CA . 22.47 33.78 0.28
C28 PCW CA . 22.41 32.89 1.52
C31 PCW CA . 35.73 29.86 8.30
C32 PCW CA . 34.81 28.84 8.98
C33 PCW CA . 33.51 28.67 8.18
C34 PCW CA . 32.70 29.97 8.13
C35 PCW CA . 32.23 30.38 9.52
C36 PCW CA . 31.45 31.70 9.49
C37 PCW CA . 30.90 32.06 10.87
C38 PCW CA . 29.91 30.98 11.35
C39 PCW CA . 29.36 31.32 12.57
C40 PCW CA . 28.83 30.34 13.39
C41 PCW CA . 28.86 29.01 12.99
C42 PCW CA . 27.47 28.52 12.58
C43 PCW CA . 26.48 28.61 13.74
C44 PCW CA . 25.10 28.09 13.34
C45 PCW CA . 24.11 28.24 14.49
C46 PCW CA . 22.73 27.68 14.11
C47 PCW CA . 22.84 26.20 13.77
C48 PCW CA . 21.46 25.63 13.38
N PCW CA . 42.40 25.42 8.96
O2 PCW CA . 36.92 29.45 7.77
O3 PCW CA . 35.61 30.72 5.82
O11 PCW CA . 35.80 31.44 3.70
O31 PCW CA . 35.43 31.05 8.24
O1P PCW CA . 41.80 29.44 7.27
O2P PCW CA . 41.67 29.63 9.81
O3P PCW CA . 39.63 29.95 8.38
O4P PCW CA . 40.61 27.66 8.64
P PCW CA . 41.05 29.22 8.53
C1 PCW DA . 38.45 -12.83 -15.87
C2 PCW DA . 37.28 -12.89 -16.86
C3 PCW DA . 36.61 -14.24 -16.74
C4 PCW DA . 40.16 -9.28 -18.53
C5 PCW DA . 39.42 -8.75 -19.75
C6 PCW DA . 40.36 -6.59 -18.96
C7 PCW DA . 40.75 -7.31 -21.34
C8 PCW DA . 39.34 -6.72 -21.24
C11 PCW DA . 35.95 -14.70 -18.88
C12 PCW DA . 34.96 -14.86 -20.02
C13 PCW DA . 34.49 -16.31 -20.18
C14 PCW DA . 33.50 -16.45 -21.34
C15 PCW DA . 32.23 -15.63 -21.09
C16 PCW DA . 31.43 -16.21 -19.91
C17 PCW DA . 30.24 -15.30 -19.58
C18 PCW DA . 29.39 -15.86 -18.45
C19 PCW DA . 28.45 -14.93 -18.03
C20 PCW DA . 27.10 -15.27 -17.88
C21 PCW DA . 26.64 -16.54 -18.12
C22 PCW DA . 25.35 -16.80 -17.33
C23 PCW DA . 24.71 -18.15 -17.69
C24 PCW DA . 23.41 -18.34 -16.92
C25 PCW DA . 22.66 -19.60 -17.38
C26 PCW DA . 23.50 -20.86 -17.14
C27 PCW DA . 22.74 -22.11 -17.62
C28 PCW DA . 23.57 -23.37 -17.42
C31 PCW DA . 35.51 -11.61 -17.57
C32 PCW DA . 34.37 -10.60 -17.40
C33 PCW DA . 33.24 -10.86 -18.40
C34 PCW DA . 32.66 -12.26 -18.22
C35 PCW DA . 31.47 -12.48 -19.17
C36 PCW DA . 30.33 -11.51 -18.86
C37 PCW DA . 29.18 -11.68 -19.85
C38 PCW DA . 28.03 -10.73 -19.52
C39 PCW DA . 27.01 -10.81 -20.47
C40 PCW DA . 25.79 -11.40 -20.15
C41 PCW DA . 25.56 -11.92 -18.89
C42 PCW DA . 24.26 -12.71 -18.85
C43 PCW DA . 23.98 -13.29 -17.47
C44 PCW DA . 22.68 -14.08 -17.46
C45 PCW DA . 22.38 -14.66 -16.08
C46 PCW DA . 21.07 -15.46 -16.09
C47 PCW DA . 20.76 -16.03 -14.70
C48 PCW DA . 19.45 -16.82 -14.71
N PCW DA . 39.95 -7.41 -20.10
O2 PCW DA . 36.35 -11.86 -16.53
O3 PCW DA . 35.50 -14.37 -17.64
O11 PCW DA . 37.16 -14.89 -19.06
O31 PCW DA . 35.69 -12.17 -18.66
O1P PCW DA . 41.38 -10.55 -16.34
O2P PCW DA . 40.78 -12.74 -17.47
O3P PCW DA . 39.15 -11.59 -15.94
O4P PCW DA . 39.68 -10.59 -18.20
P PCW DA . 40.36 -11.40 -16.99
C1 PCW EA . 42.06 5.70 14.60
C2 PCW EA . 40.58 5.71 14.97
C3 PCW EA . 40.41 5.22 16.40
C4 PCW EA . 43.50 9.06 13.73
C5 PCW EA . 43.14 10.48 13.33
C6 PCW EA . 42.34 12.51 14.50
C7 PCW EA . 43.55 10.72 15.80
C8 PCW EA . 44.60 11.56 15.06
C11 PCW EA . 38.91 4.60 18.02
C12 PCW EA . 37.55 4.44 18.68
C13 PCW EA . 37.71 4.27 20.20
C14 PCW EA . 36.38 3.96 20.89
C15 PCW EA . 36.58 3.72 22.39
C16 PCW EA . 35.29 3.24 23.04
C17 PCW EA . 35.51 2.93 24.53
C18 PCW EA . 36.69 1.98 24.71
C19 PCW EA . 36.80 1.47 26.00
C20 PCW EA . 36.49 2.19 27.15
C21 PCW EA . 36.03 3.51 27.10
C22 PCW EA . 36.82 4.40 28.06
C23 PCW EA . 36.17 5.77 28.22
C24 PCW EA . 34.80 5.65 28.91
C25 PCW EA . 34.14 7.01 29.06
C26 PCW EA . 32.80 6.90 29.81
C27 PCW EA . 31.85 5.95 29.08
C28 PCW EA . 30.53 5.81 29.85
C31 PCW EA . 38.73 7.07 14.80
C32 PCW EA . 38.00 8.41 14.65
C33 PCW EA . 37.52 8.94 16.01
C34 PCW EA . 38.70 9.25 16.94
C35 PCW EA . 38.20 9.93 18.21
C36 PCW EA . 39.35 10.29 19.15
C37 PCW EA . 38.83 11.09 20.35
C38 PCW EA . 39.95 11.50 21.29
C39 PCW EA . 39.47 12.33 22.30
C40 PCW EA . 39.82 12.11 23.63
C41 PCW EA . 40.66 11.07 23.99
C42 PCW EA . 40.72 10.91 25.51
C43 PCW EA . 41.65 9.76 25.91
C44 PCW EA . 41.70 9.61 27.43
C45 PCW EA . 40.30 9.30 27.99
C46 PCW EA . 40.36 9.12 29.51
C47 PCW EA . 38.96 8.84 30.07
C48 PCW EA . 39.00 8.67 31.59
N PCW EA . 43.25 11.37 14.50
O2 PCW EA . 40.08 7.06 14.85
O3 PCW EA . 39.03 5.21 16.80
O11 PCW EA . 39.93 4.16 18.56
O31 PCW EA . 38.10 6.01 14.83
O1P PCW EA . 44.65 6.38 13.87
O2P PCW EA . 43.99 6.02 11.43
O3P PCW EA . 42.25 6.10 13.25
O4P PCW EA . 43.45 8.20 12.59
P PCW EA . 43.70 6.62 12.76
C1 PCW FA . 40.11 -18.85 -13.17
C2 PCW FA . 38.99 -19.76 -12.68
C3 PCW FA . 37.97 -19.94 -13.79
C4 PCW FA . 41.52 -15.45 -12.36
C5 PCW FA . 41.03 -14.31 -13.26
C6 PCW FA . 42.34 -14.60 -15.34
C7 PCW FA . 42.41 -12.39 -14.13
C8 PCW FA . 43.36 -13.36 -13.42
C11 PCW FA . 36.14 -20.19 -12.41
C12 PCW FA . 34.93 -20.94 -11.85
C13 PCW FA . 35.02 -21.12 -10.33
C14 PCW FA . 33.82 -21.91 -9.81
C15 PCW FA . 32.51 -21.21 -10.17
C16 PCW FA . 31.30 -22.09 -9.85
C17 PCW FA . 31.23 -22.45 -8.36
C18 PCW FA . 30.02 -23.34 -8.09
C19 PCW FA . 29.91 -23.62 -6.73
C20 PCW FA . 28.68 -23.56 -6.09
C21 PCW FA . 27.55 -23.23 -6.81
C22 PCW FA . 26.27 -23.72 -6.11
C23 PCW FA . 25.04 -23.31 -6.93
C24 PCW FA . 24.93 -21.79 -7.05
C25 PCW FA . 24.80 -21.14 -5.67
C26 PCW FA . 24.70 -19.61 -5.81
C27 PCW FA . 24.54 -18.95 -4.45
C28 PCW FA . 23.27 -19.45 -3.75
C31 PCW FA . 40.20 -21.60 -13.33
C32 PCW FA . 40.91 -22.95 -13.17
C33 PCW FA . 40.00 -24.12 -13.56
C34 PCW FA . 38.75 -24.17 -12.68
C35 PCW FA . 37.95 -25.44 -12.96
C36 PCW FA . 36.71 -25.54 -12.05
C37 PCW FA . 35.99 -26.87 -12.26
C38 PCW FA . 34.79 -27.00 -11.33
C39 PCW FA . 34.23 -28.26 -11.42
C40 PCW FA . 32.95 -28.44 -11.94
C41 PCW FA . 32.22 -27.35 -12.38
C42 PCW FA . 31.61 -27.64 -13.76
C43 PCW FA . 30.81 -26.44 -14.28
C44 PCW FA . 30.19 -26.75 -15.64
C45 PCW FA . 29.41 -25.54 -16.15
C46 PCW FA . 30.31 -24.31 -16.23
C47 PCW FA . 29.56 -23.08 -16.75
C48 PCW FA . 30.46 -21.85 -16.77
N PCW FA . 42.15 -13.84 -14.10
O2 PCW FA . 39.54 -21.04 -12.30
O3 PCW FA . 36.91 -20.80 -13.35
O11 PCW FA . 36.40 -19.04 -12.05
O31 PCW FA . 40.23 -21.03 -14.43
O1P PCW FA . 43.19 -17.60 -11.26
O2P PCW FA . 43.16 -18.74 -13.53
O3P PCW FA . 41.08 -18.63 -12.14
O4P PCW FA . 41.97 -16.54 -13.19
P PCW FA . 42.47 -17.91 -12.51
C1 PCW GA . 37.12 -10.00 -28.63
C2 PCW GA . 35.66 -10.41 -28.41
C3 PCW GA . 34.77 -9.49 -29.23
C4 PCW GA . 39.75 -7.24 -31.14
C5 PCW GA . 40.38 -7.69 -32.46
C6 PCW GA . 39.66 -8.46 -34.70
C7 PCW GA . 38.00 -7.31 -33.20
C8 PCW GA . 38.87 -6.23 -33.84
C11 PCW GA . 33.02 -10.84 -29.82
C12 PCW GA . 31.58 -11.35 -29.75
C13 PCW GA . 31.50 -12.87 -29.86
C14 PCW GA . 30.07 -13.35 -29.65
C15 PCW GA . 29.95 -14.87 -29.72
C16 PCW GA . 28.55 -15.32 -29.30
C17 PCW GA . 28.26 -14.84 -27.87
C18 PCW GA . 26.85 -15.25 -27.42
C19 PCW GA . 26.62 -14.78 -26.14
C20 PCW GA . 25.66 -15.38 -25.33
C21 PCW GA . 24.93 -16.47 -25.78
C22 PCW GA . 23.75 -16.75 -24.85
C23 PCW GA . 22.92 -17.93 -25.34
C24 PCW GA . 21.72 -18.18 -24.41
C25 PCW GA . 20.86 -19.34 -24.92
C26 PCW GA . 19.68 -19.57 -23.98
C27 PCW GA . 18.78 -20.70 -24.50
C28 PCW GA . 18.23 -20.37 -25.89
C31 PCW GA . 36.25 -12.59 -28.03
C32 PCW GA . 36.26 -14.10 -28.30
C33 PCW GA . 34.85 -14.68 -28.36
C34 PCW GA . 34.89 -16.18 -28.65
C35 PCW GA . 33.48 -16.77 -28.70
C36 PCW GA . 33.52 -18.27 -29.01
C37 PCW GA . 32.11 -18.87 -29.02
C38 PCW GA . 32.17 -20.37 -29.34
C39 PCW GA . 30.90 -20.93 -29.32
C40 PCW GA . 30.45 -21.59 -28.19
C41 PCW GA . 31.27 -21.69 -27.07
C42 PCW GA . 30.70 -20.85 -25.91
C43 PCW GA . 31.62 -20.91 -24.69
C44 PCW GA . 31.06 -20.09 -23.52
C45 PCW GA . 29.74 -20.68 -23.02
C46 PCW GA . 28.67 -20.68 -24.11
C47 PCW GA . 27.35 -21.27 -23.59
C48 PCW GA . 26.29 -21.27 -24.68
N PCW GA . 39.40 -7.56 -33.56
O2 PCW GA . 35.48 -11.78 -28.82
O3 PCW GA . 33.39 -9.81 -29.02
O11 PCW GA . 33.84 -11.35 -30.59
O31 PCW GA . 36.89 -12.11 -27.10
O1P PCW GA . 39.86 -9.77 -29.34
O2P PCW GA . 39.27 -10.38 -31.74
O3P PCW GA . 37.48 -10.16 -29.99
O4P PCW GA . 38.65 -8.11 -30.82
P PCW GA . 38.93 -9.66 -30.49
C1 PCW HA . 29.56 27.31 -27.88
C2 PCW HA . 29.08 27.93 -26.56
C3 PCW HA . 28.55 29.33 -26.84
C4 PCW HA . 31.98 28.38 -25.26
C5 PCW HA . 33.36 27.71 -25.20
C6 PCW HA . 32.93 27.73 -22.75
C7 PCW HA . 33.43 25.55 -23.91
C8 PCW HA . 34.75 26.27 -23.67
C11 PCW HA . 26.92 30.79 -26.14
C12 PCW HA . 25.75 31.25 -25.27
C13 PCW HA . 25.33 30.12 -24.33
C14 PCW HA . 23.97 30.39 -23.68
C15 PCW HA . 23.60 29.28 -22.71
C16 PCW HA . 22.15 29.38 -22.25
C17 PCW HA . 21.20 29.16 -23.44
C18 PCW HA . 19.74 29.16 -22.99
C19 PCW HA . 18.88 28.92 -24.06
C20 PCW HA . 17.82 28.04 -23.93
C21 PCW HA . 17.61 27.37 -22.74
C22 PCW HA . 17.44 25.86 -22.95
C23 PCW HA . 16.24 25.57 -23.86
C24 PCW HA . 14.94 26.09 -23.26
C25 PCW HA . 13.75 25.77 -24.16
C26 PCW HA . 12.44 26.28 -23.56
C27 PCW HA . 12.48 27.80 -23.39
C28 PCW HA . 11.17 28.32 -22.81
C31 PCW HA . 28.34 25.96 -25.59
C32 PCW HA . 27.29 25.05 -24.98
C33 PCW HA . 26.39 24.43 -26.06
C34 PCW HA . 25.15 23.79 -25.43
C35 PCW HA . 25.53 22.76 -24.35
C36 PCW HA . 24.28 22.17 -23.70
C37 PCW HA . 24.65 21.18 -22.59
C38 PCW HA . 23.38 20.60 -21.95
C39 PCW HA . 23.71 19.73 -20.91
C40 PCW HA . 22.75 19.38 -19.97
C41 PCW HA . 21.47 19.90 -20.03
C42 PCW HA . 20.79 19.85 -18.66
C43 PCW HA . 19.36 20.39 -18.73
C44 PCW HA . 18.68 20.30 -17.36
C45 PCW HA . 17.25 20.85 -17.43
C46 PCW HA . 16.56 20.76 -16.07
C47 PCW HA . 15.13 21.30 -16.13
C48 PCW HA . 14.45 21.21 -14.76
N PCW HA . 33.50 27.02 -23.91
O2 PCW HA . 27.96 27.17 -26.07
O3 PCW HA . 27.57 29.64 -25.83
O11 PCW HA . 27.29 31.46 -27.11
O31 PCW HA . 29.52 25.62 -25.63
O1P PCW HA . 32.46 26.79 -27.52
O2P PCW HA . 32.92 28.93 -28.80
O3P PCW HA . 30.57 28.11 -28.50
O4P PCW HA . 31.86 29.03 -26.53
P PCW HA . 32.06 28.17 -27.88
C1 PCW IA . 38.86 0.96 5.52
C2 PCW IA . 38.29 1.42 6.86
C3 PCW IA . 38.52 0.36 7.93
C4 PCW IA . 41.74 -1.79 7.34
C5 PCW IA . 42.58 -1.36 8.53
C6 PCW IA . 43.13 -3.77 8.71
C7 PCW IA . 44.99 -2.10 8.50
C8 PCW IA . 44.52 -2.11 9.96
C11 PCW IA . 37.94 -0.32 10.05
C12 PCW IA . 37.38 -0.13 11.46
C13 PCW IA . 38.48 0.30 12.43
C14 PCW IA . 37.91 0.66 13.80
C15 PCW IA . 37.19 -0.52 14.45
C16 PCW IA . 36.61 -0.12 15.80
C17 PCW IA . 35.90 -1.29 16.48
C18 PCW IA . 35.32 -0.88 17.83
C19 PCW IA . 34.71 -1.95 18.47
C20 PCW IA . 33.38 -2.26 18.21
C21 PCW IA . 32.64 -1.50 17.30
C22 PCW IA . 32.31 -2.31 16.05
C23 PCW IA . 31.45 -3.53 16.39
C24 PCW IA . 30.11 -3.12 16.99
C25 PCW IA . 29.29 -2.30 15.99
C26 PCW IA . 27.94 -1.89 16.59
C27 PCW IA . 27.11 -1.10 15.59
C28 PCW IA . 25.74 -0.72 16.17
C31 PCW IA . 38.11 3.34 8.16
C32 PCW IA . 38.57 4.70 8.65
C33 PCW IA . 38.24 5.80 7.63
C34 PCW IA . 36.75 6.05 7.55
C35 PCW IA . 36.23 6.61 8.88
C36 PCW IA . 34.74 6.94 8.83
C37 PCW IA . 34.27 7.56 10.14
C38 PCW IA . 32.79 7.92 10.10
C39 PCW IA . 32.40 8.55 11.28
C40 PCW IA . 31.13 9.07 11.43
C41 PCW IA . 30.20 8.99 10.40
C42 PCW IA . 28.79 9.25 10.93
C43 PCW IA . 27.75 9.16 9.81
C44 PCW IA . 26.35 9.45 10.35
C45 PCW IA . 25.30 9.39 9.24
C46 PCW IA . 23.90 9.68 9.77
C47 PCW IA . 22.87 9.61 8.65
C48 PCW IA . 21.46 9.93 9.18
N PCW IA . 43.59 -2.38 8.85
O2 PCW IA . 38.85 2.69 7.22
O3 PCW IA . 37.91 0.73 9.18
O11 PCW IA . 38.42 -1.39 9.70
O31 PCW IA . 37.08 2.83 8.59
O1P PCW IA . 42.62 0.70 6.25
O2P PCW IA . 40.87 1.59 7.86
O3P PCW IA . 40.28 1.11 5.46
O4P PCW IA . 40.76 -0.80 7.05
P PCW IA . 41.21 0.71 6.72
C1 PCW JA . 44.33 -15.12 11.52
C2 PCW JA . 42.90 -14.61 11.58
C3 PCW JA . 42.11 -15.37 12.63
C4 PCW JA . 45.04 -16.02 8.33
C5 PCW JA . 43.57 -15.87 8.73
C6 PCW JA . 41.81 -14.14 8.63
C7 PCW JA . 43.85 -13.90 7.18
C8 PCW JA . 42.91 -14.91 6.50
C11 PCW JA . 40.17 -15.36 11.42
C12 PCW JA . 38.68 -15.09 11.16
C13 PCW JA . 37.84 -16.23 11.70
C14 PCW JA . 36.36 -16.07 11.35
C15 PCW JA . 35.56 -17.25 11.92
C16 PCW JA . 35.52 -17.21 13.44
C17 PCW JA . 34.56 -16.13 13.94
C18 PCW JA . 33.11 -16.53 13.64
C19 PCW JA . 32.78 -17.71 14.29
C20 PCW JA . 31.51 -18.26 14.20
C21 PCW JA . 30.50 -17.64 13.46
C22 PCW JA . 29.30 -17.30 14.35
C23 PCW JA . 28.12 -16.79 13.52
C24 PCW JA . 27.62 -17.86 12.55
C25 PCW JA . 26.44 -17.36 11.71
C26 PCW JA . 25.21 -17.06 12.57
C27 PCW JA . 25.48 -15.93 13.56
C28 PCW JA . 24.26 -15.66 14.42
C31 PCW JA . 43.63 -12.55 10.95
C32 PCW JA . 43.83 -11.04 11.06
C33 PCW JA . 42.85 -10.29 10.15
C34 PCW JA . 43.28 -8.83 9.94
C35 PCW JA . 43.33 -8.05 11.26
C36 PCW JA . 43.87 -6.64 10.98
C37 PCW JA . 43.89 -5.78 12.25
C38 PCW JA . 42.47 -5.53 12.77
C39 PCW JA . 42.50 -4.65 13.86
C40 PCW JA . 42.14 -5.11 15.12
C41 PCW JA . 41.75 -6.43 15.30
C42 PCW JA . 40.89 -6.57 16.56
C43 PCW JA . 39.65 -5.69 16.47
C44 PCW JA . 38.78 -5.84 17.72
C45 PCW JA . 37.54 -4.95 17.63
C46 PCW JA . 36.66 -5.11 18.88
C47 PCW JA . 36.19 -6.56 19.04
C48 PCW JA . 35.31 -6.71 20.28
N PCW JA . 42.96 -14.78 7.97
O2 PCW JA . 42.91 -13.21 11.89
O3 PCW JA . 40.73 -14.99 12.61
O11 PCW JA . 40.87 -15.90 10.56
O31 PCW JA . 44.13 -13.17 10.01
O1P PCW JA . 46.86 -16.13 10.98
O2P PCW JA . 45.92 -18.49 11.12
O3P PCW JA . 44.40 -16.50 11.14
O4P PCW JA . 45.61 -17.13 9.02
P PCW JA . 45.80 -17.10 10.62
C1 PCW KA . 41.24 14.45 12.17
C2 PCW KA . 39.77 14.07 12.08
C3 PCW KA . 39.60 12.58 12.32
C4 PCW KA . 42.72 17.17 9.26
C5 PCW KA . 43.15 16.73 7.85
C6 PCW KA . 41.25 18.17 7.18
C7 PCW KA . 43.52 18.56 6.18
C8 PCW KA . 42.88 17.38 5.44
C11 PCW KA . 38.14 10.83 12.23
C12 PCW KA . 36.78 10.14 12.02
C13 PCW KA . 36.02 10.02 13.34
C14 PCW KA . 34.68 9.33 13.13
C15 PCW KA . 33.90 9.16 14.44
C16 PCW KA . 32.57 8.47 14.18
C17 PCW KA . 31.75 8.29 15.46
C18 PCW KA . 30.41 7.62 15.12
C19 PCW KA . 29.63 7.44 16.26
C20 PCW KA . 28.63 6.47 16.25
C21 PCW KA . 28.42 5.72 15.10
C22 PCW KA . 26.97 5.83 14.61
C23 PCW KA . 26.78 5.05 13.32
C24 PCW KA . 25.35 5.17 12.79
C25 PCW KA . 24.36 4.57 13.79
C26 PCW KA . 24.64 3.09 14.04
C27 PCW KA . 24.50 2.29 12.74
C28 PCW KA . 24.77 0.80 12.99
C31 PCW KA . 37.73 14.97 12.62
C32 PCW KA . 36.73 15.75 13.49
C33 PCW KA . 35.80 16.61 12.63
C34 PCW KA . 34.95 17.55 13.49
C35 PCW KA . 34.07 16.78 14.47
C36 PCW KA . 33.04 15.92 13.74
C37 PCW KA . 32.10 15.25 14.73
C38 PCW KA . 31.01 14.44 14.02
C39 PCW KA . 30.13 13.86 14.93
C40 PCW KA . 28.87 13.44 14.52
C41 PCW KA . 28.49 13.59 13.20
C42 PCW KA . 27.35 12.65 12.85
C43 PCW KA . 26.12 12.93 13.71
C44 PCW KA . 24.96 11.98 13.36
C45 PCW KA . 23.73 12.29 14.20
C46 PCW KA . 22.57 11.34 13.86
C47 PCW KA . 22.97 9.88 14.13
C48 PCW KA . 21.81 8.94 13.80
N PCW KA . 42.59 17.65 6.86
O2 PCW KA . 39.01 14.82 13.04
O3 PCW KA . 38.23 12.18 12.11
O11 PCW KA . 39.14 10.17 12.50
O31 PCW KA . 37.38 14.52 11.53
O1P PCW KA . 42.82 17.92 12.06
O2P PCW KA . 43.84 15.66 12.59
O3P PCW KA . 41.42 15.85 11.92
O4P PCW KA . 43.23 16.25 10.22
P PCW KA . 42.91 16.47 11.78
C1 PCW LA . 40.03 -18.56 -17.15
C2 PCW LA . 38.65 -18.82 -16.53
C3 PCW LA . 38.12 -17.56 -15.86
C4 PCW LA . 41.17 -14.69 -19.33
C5 PCW LA . 40.90 -13.58 -20.35
C6 PCW LA . 38.58 -12.84 -19.87
C7 PCW LA . 39.21 -13.54 -22.20
C8 PCW LA . 38.96 -14.81 -21.39
C11 PCW LA . 36.18 -16.76 -14.87
C12 PCW LA . 34.68 -16.84 -14.55
C13 PCW LA . 33.93 -17.28 -15.81
C14 PCW LA . 32.44 -17.52 -15.56
C15 PCW LA . 31.78 -17.99 -16.86
C16 PCW LA . 32.50 -19.22 -17.40
C17 PCW LA . 32.06 -19.57 -18.82
C18 PCW LA . 32.82 -20.79 -19.34
C19 PCW LA . 32.55 -21.02 -20.69
C20 PCW LA . 31.81 -22.13 -21.09
C21 PCW LA . 31.32 -23.04 -20.15
C22 PCW LA . 30.40 -24.05 -20.82
C23 PCW LA . 29.82 -25.05 -19.82
C24 PCW LA . 28.88 -26.03 -20.52
C25 PCW LA . 28.24 -27.02 -19.54
C26 PCW LA . 27.29 -27.97 -20.26
C27 PCW LA . 26.19 -27.20 -21.00
C28 PCW LA . 25.26 -28.15 -21.74
C31 PCW LA . 38.12 -20.37 -18.15
C32 PCW LA . 37.22 -20.99 -19.22
C33 PCW LA . 36.14 -21.85 -18.58
C34 PCW LA . 36.76 -22.96 -17.73
C35 PCW LA . 35.70 -23.81 -17.03
C36 PCW LA . 34.88 -22.97 -16.03
C37 PCW LA . 33.91 -23.86 -15.25
C38 PCW LA . 33.10 -23.05 -14.24
C39 PCW LA . 32.27 -23.88 -13.50
C40 PCW LA . 31.10 -23.41 -12.92
C41 PCW LA . 30.71 -22.07 -13.06
C42 PCW LA . 29.18 -21.95 -13.01
C43 PCW LA . 28.75 -20.49 -13.01
C44 PCW LA . 27.22 -20.39 -12.97
C45 PCW LA . 26.76 -18.94 -12.82
C46 PCW LA . 27.27 -18.08 -13.97
C47 PCW LA . 26.86 -16.61 -13.77
C48 PCW LA . 27.37 -15.73 -14.92
N PCW LA . 39.49 -13.59 -20.75
O2 PCW LA . 37.73 -19.21 -17.56
O3 PCW LA . 36.73 -17.78 -15.57
O11 PCW LA . 36.87 -15.83 -14.48
O31 PCW LA . 39.18 -20.91 -17.82
O1P PCW LA . 42.39 -17.03 -18.19
O2P PCW LA . 41.38 -18.43 -20.06
O3P PCW LA . 39.96 -17.58 -18.18
O4P PCW LA . 40.88 -15.97 -19.90
P PCW LA . 41.25 -17.32 -19.10
C1 PCW MA . 34.52 33.41 -11.62
C2 PCW MA . 33.24 34.05 -12.17
C3 PCW MA . 33.02 33.57 -13.60
C4 PCW MA . 33.77 37.27 -10.76
C5 PCW MA . 32.95 37.88 -11.91
C6 PCW MA . 35.03 39.14 -12.34
C7 PCW MA . 34.00 37.79 -14.18
C8 PCW MA . 33.23 39.10 -14.08
C11 PCW MA . 31.70 33.71 -15.45
C12 PCW MA . 30.57 34.27 -16.32
C13 PCW MA . 29.26 34.41 -15.55
C14 PCW MA . 28.16 35.00 -16.43
C15 PCW MA . 26.83 35.07 -15.67
C16 PCW MA . 25.72 35.65 -16.55
C17 PCW MA . 26.07 37.06 -17.03
C18 PCW MA . 24.95 37.64 -17.90
C19 PCW MA . 24.71 36.87 -19.02
C20 PCW MA . 23.57 37.09 -19.80
C21 PCW MA . 22.67 38.08 -19.44
C22 PCW MA . 21.96 38.65 -20.67
C23 PCW MA . 21.17 37.55 -21.39
C24 PCW MA . 20.48 38.09 -22.63
C25 PCW MA . 19.67 36.99 -23.33
C26 PCW MA . 18.55 36.47 -22.43
C27 PCW MA . 17.74 35.39 -23.14
C28 PCW MA . 16.60 34.88 -22.25
C31 PCW MA . 31.03 34.47 -11.56
C32 PCW MA . 29.75 34.13 -10.79
C33 PCW MA . 29.20 35.33 -10.03
C34 PCW MA . 28.62 36.39 -10.98
C35 PCW MA . 27.98 37.52 -10.17
C36 PCW MA . 27.28 38.53 -11.07
C37 PCW MA . 26.53 39.57 -10.23
C38 PCW MA . 25.70 40.50 -11.13
C39 PCW MA . 24.98 41.41 -10.37
C40 PCW MA . 23.87 41.01 -9.65
C41 PCW MA . 23.46 39.68 -9.67
C42 PCW MA . 22.16 39.52 -10.49
C43 PCW MA . 21.70 38.06 -10.50
C44 PCW MA . 20.45 37.90 -11.36
C45 PCW MA . 19.99 36.43 -11.41
C46 PCW MA . 18.73 36.29 -12.25
C47 PCW MA . 17.60 37.12 -11.69
C48 PCW MA . 16.32 36.96 -12.51
N PCW MA . 33.84 38.48 -12.90
O2 PCW MA . 32.14 33.70 -11.33
O3 PCW MA . 31.91 34.24 -14.21
O11 PCW MA . 32.42 32.79 -15.84
O31 PCW MA . 31.09 35.42 -12.33
O1P PCW MA . 35.44 35.93 -8.92
O2P PCW MA . 36.95 35.28 -10.86
O3P PCW MA . 34.87 33.98 -10.36
O4P PCW MA . 34.68 36.31 -11.29
P PCW MA . 35.58 35.42 -10.30
C1 PCW NA . 36.59 29.59 -7.02
C2 PCW NA . 36.17 28.56 -5.97
C3 PCW NA . 37.36 27.66 -5.67
C4 PCW NA . 35.53 33.87 -7.23
C5 PCW NA . 34.51 34.82 -6.60
C6 PCW NA . 36.55 35.74 -5.54
C7 PCW NA . 34.94 37.29 -6.67
C8 PCW NA . 34.37 36.97 -5.30
C11 PCW NA . 37.00 27.05 -3.47
C12 PCW NA . 36.58 26.07 -2.36
C13 PCW NA . 37.76 25.20 -1.92
C14 PCW NA . 37.31 24.06 -1.02
C15 PCW NA . 38.49 23.15 -0.67
C16 PCW NA . 39.47 23.81 0.30
C17 PCW NA . 38.89 23.85 1.72
C18 PCW NA . 37.55 24.58 1.76
C19 PCW NA . 37.01 24.54 3.04
C20 PCW NA . 35.70 24.09 3.24
C21 PCW NA . 34.93 23.68 2.16
C22 PCW NA . 33.44 23.82 2.47
C23 PCW NA . 33.04 22.95 3.66
C24 PCW NA . 31.54 23.09 3.95
C25 PCW NA . 31.10 22.17 5.10
C26 PCW NA . 31.86 22.49 6.39
C27 PCW NA . 31.41 21.57 7.53
C28 PCW NA . 32.17 21.88 8.82
C31 PCW NA . 34.52 29.79 -4.96
C32 PCW NA . 33.90 30.60 -3.81
C33 PCW NA . 32.37 30.61 -3.89
C34 PCW NA . 31.79 29.20 -3.87
C35 PCW NA . 30.26 29.24 -3.71
C36 PCW NA . 29.90 29.87 -2.38
C37 PCW NA . 28.38 29.99 -2.19
C38 PCW NA . 27.76 30.89 -3.27
C39 PCW NA . 26.41 31.13 -3.00
C40 PCW NA . 25.44 30.18 -3.29
C41 PCW NA . 25.79 28.95 -3.85
C42 PCW NA . 24.70 27.92 -3.59
C43 PCW NA . 24.57 27.63 -2.09
C44 PCW NA . 23.42 26.64 -1.83
C45 PCW NA . 23.63 25.34 -2.60
C46 PCW NA . 24.94 24.65 -2.20
C47 PCW NA . 25.13 23.36 -2.99
C48 PCW NA . 26.45 22.68 -2.62
N PCW NA . 35.19 35.99 -6.04
O2 PCW NA . 35.74 29.22 -4.77
O3 PCW NA . 36.96 26.62 -4.76
O11 PCW NA . 37.39 28.18 -3.21
O31 PCW NA . 33.93 29.67 -6.03
O1P PCW NA . 37.14 31.93 -8.48
O2P PCW NA . 35.08 31.20 -9.79
O3P PCW NA . 35.48 30.37 -7.45
O4P PCW NA . 34.85 32.77 -7.84
P PCW NA . 35.70 31.58 -8.50
C1 PCW OA . 38.99 -1.54 -16.18
C2 PCW OA . 38.33 -2.77 -15.53
C3 PCW OA . 36.89 -2.45 -15.17
C4 PCW OA . 40.93 1.63 -16.15
C5 PCW OA . 42.30 2.11 -16.64
C6 PCW OA . 43.81 4.04 -16.36
C7 PCW OA . 41.85 3.76 -14.79
C8 PCW OA . 42.96 2.82 -14.32
C11 PCW OA . 34.95 -3.37 -14.39
C12 PCW OA . 34.06 -4.46 -13.79
C13 PCW OA . 32.81 -4.72 -14.65
C14 PCW OA . 31.98 -5.86 -14.04
C15 PCW OA . 30.72 -6.14 -14.89
C16 PCW OA . 29.92 -7.29 -14.30
C17 PCW OA . 29.43 -6.96 -12.88
C18 PCW OA . 28.42 -5.80 -12.89
C19 PCW OA . 27.29 -6.15 -13.62
C20 PCW OA . 26.03 -6.01 -13.04
C21 PCW OA . 25.90 -5.52 -11.75
C22 PCW OA . 25.85 -6.66 -10.73
C23 PCW OA . 24.64 -7.56 -10.97
C24 PCW OA . 24.60 -8.70 -9.93
C25 PCW OA . 24.48 -8.13 -8.51
C26 PCW OA . 24.43 -9.25 -7.48
C27 PCW OA . 25.69 -10.10 -7.51
C28 PCW OA . 25.62 -11.23 -6.47
C31 PCW OA . 38.22 -5.04 -15.78
C32 PCW OA . 38.10 -6.35 -16.57
C33 PCW OA . 38.09 -7.55 -15.61
C34 PCW OA . 37.40 -8.75 -16.28
C35 PCW OA . 35.92 -8.44 -16.52
C36 PCW OA . 35.76 -7.23 -17.45
C37 PCW OA . 34.31 -6.74 -17.47
C38 PCW OA . 34.18 -5.49 -18.36
C39 PCW OA . 32.95 -4.89 -18.21
C40 PCW OA . 31.90 -5.15 -19.11
C41 PCW OA . 32.09 -6.03 -20.17
C42 PCW OA . 30.74 -6.53 -20.69
C43 PCW OA . 30.92 -7.50 -21.87
C44 PCW OA . 29.55 -7.98 -22.36
C45 PCW OA . 29.69 -8.96 -23.53
C46 PCW OA . 28.31 -9.44 -24.00
C47 PCW OA . 28.45 -10.42 -25.17
C48 PCW OA . 27.07 -10.90 -25.63
N PCW OA . 42.81 3.16 -15.75
O2 PCW OA . 38.35 -3.87 -16.46
O3 PCW OA . 36.27 -3.61 -14.60
O11 PCW OA . 34.47 -2.26 -14.65
O31 PCW OA . 38.21 -5.04 -14.55
O1P PCW OA . 42.56 -0.63 -16.61
O2P PCW OA . 41.19 -1.10 -18.71
O3P PCW OA . 40.37 -1.80 -16.45
O4P PCW OA . 40.43 0.64 -17.06
P PCW OA . 41.24 -0.73 -17.28
C1 PCW PA . 39.79 -2.05 -29.50
C2 PCW PA . 39.11 -2.28 -28.14
C3 PCW PA . 39.20 -1.00 -27.33
C4 PCW PA . 40.64 -5.93 -28.36
C5 PCW PA . 40.77 -6.22 -26.86
C6 PCW PA . 38.88 -7.77 -27.27
C7 PCW PA . 41.01 -8.65 -26.27
C8 PCW PA . 40.21 -7.98 -25.16
C11 PCW PA . 39.01 -2.08 -25.32
C12 PCW PA . 38.32 -2.45 -24.00
C13 PCW PA . 39.33 -3.08 -23.04
C14 PCW PA . 38.67 -3.48 -21.71
C15 PCW PA . 38.06 -2.26 -21.00
C16 PCW PA . 37.58 -2.63 -19.60
C17 PCW PA . 36.51 -3.72 -19.63
C18 PCW PA . 35.20 -3.23 -20.25
C19 PCW PA . 35.33 -2.92 -21.60
C20 PCW PA . 34.19 -2.66 -22.35
C21 PCW PA . 32.95 -2.70 -21.74
C22 PCW PA . 31.96 -1.74 -22.40
C23 PCW PA . 30.61 -1.76 -21.70
C24 PCW PA . 29.98 -3.16 -21.74
C25 PCW PA . 28.63 -3.18 -21.03
C26 PCW PA . 28.02 -4.58 -21.06
C27 PCW PA . 26.67 -4.61 -20.33
C28 PCW PA . 26.06 -6.02 -20.37
C31 PCW PA . 37.50 -3.86 -28.69
C32 PCW PA . 36.06 -4.31 -28.93
C33 PCW PA . 35.40 -4.76 -27.63
C34 PCW PA . 33.89 -4.50 -27.67
C35 PCW PA . 33.64 -2.98 -27.76
C36 PCW PA . 32.16 -2.64 -27.74
C37 PCW PA . 31.98 -1.12 -27.75
C38 PCW PA . 30.50 -0.71 -27.69
C39 PCW PA . 30.39 0.68 -27.65
C40 PCW PA . 29.17 1.30 -27.84
C41 PCW PA . 28.01 0.56 -28.08
C42 PCW PA . 27.08 0.64 -26.87
C43 PCW PA . 25.77 -0.10 -27.15
C44 PCW PA . 24.83 -0.01 -25.94
C45 PCW PA . 24.55 1.45 -25.56
C46 PCW PA . 23.66 1.52 -24.33
C47 PCW PA . 23.38 2.98 -23.95
C48 PCW PA . 22.52 3.06 -22.68
N PCW PA . 40.12 -7.50 -26.55
O2 PCW PA . 37.72 -2.57 -28.34
O3 PCW PA . 38.42 -1.17 -26.14
O11 PCW PA . 40.10 -2.55 -25.61
O31 PCW PA . 38.45 -4.65 -28.77
O1P PCW PA . 41.18 -5.23 -31.11
O2P PCW PA . 42.42 -3.17 -30.28
O3P PCW PA . 39.91 -3.26 -30.24
O4P PCW PA . 41.25 -4.67 -28.65
P PCW PA . 41.28 -4.10 -30.15
C1 PCW QA . 39.12 0.78 -31.59
C2 PCW QA . 37.64 0.83 -31.13
C3 PCW QA . 37.59 1.00 -29.62
C4 PCW QA . 39.18 4.60 -29.33
C5 PCW QA . 38.10 5.00 -28.32
C6 PCW QA . 40.03 5.18 -26.78
C7 PCW QA . 38.48 7.13 -27.04
C8 PCW QA . 37.81 6.13 -26.10
C11 PCW QA . 36.10 1.44 -27.93
C12 PCW QA . 34.72 1.70 -27.33
C13 PCW QA . 34.72 2.95 -26.47
C14 PCW QA . 33.33 3.25 -25.89
C15 PCW QA . 33.39 4.47 -24.97
C16 PCW QA . 34.27 4.19 -23.74
C17 PCW QA . 34.54 5.47 -22.95
C18 PCW QA . 35.35 6.45 -23.81
C19 PCW QA . 35.64 7.62 -23.10
C20 PCW QA . 35.56 8.84 -23.74
C21 PCW QA . 35.17 8.89 -25.08
C22 PCW QA . 33.94 9.79 -25.26
C23 PCW QA . 32.81 9.35 -24.34
C24 PCW QA . 31.54 10.18 -24.58
C25 PCW QA . 30.45 9.84 -23.56
C26 PCW QA . 30.84 10.32 -22.17
C27 PCW QA . 32.15 9.70 -21.68
C28 PCW QA . 32.54 10.23 -20.31
C31 PCW QA . 36.70 1.68 -33.04
C32 PCW QA . 35.91 2.71 -33.87
C33 PCW QA . 34.41 2.47 -33.74
C34 PCW QA . 33.94 2.66 -32.28
C35 PCW QA . 32.47 2.27 -32.13
C36 PCW QA . 32.28 0.78 -32.42
C37 PCW QA . 30.80 0.39 -32.34
C38 PCW QA . 30.23 0.66 -30.95
C39 PCW QA . 28.90 0.26 -30.86
C40 PCW QA . 27.87 1.16 -31.11
C41 PCW QA . 28.17 2.47 -31.46
C42 PCW QA . 26.92 3.24 -31.86
C43 PCW QA . 25.95 3.40 -30.67
C44 PCW QA . 24.72 4.20 -31.07
C45 PCW QA . 23.77 4.40 -29.88
C46 PCW QA . 23.27 3.06 -29.35
C47 PCW QA . 22.30 3.26 -28.18
C48 PCW QA . 21.73 1.93 -27.70
N PCW QA . 38.70 5.69 -27.17
O2 PCW QA . 36.97 1.94 -31.73
O3 PCW QA . 36.21 1.17 -29.26
O11 PCW QA . 37.11 1.52 -27.23
O31 PCW QA . 37.11 0.64 -33.55
O1P PCW QA . 40.80 4.15 -31.63
O2P PCW QA . 38.75 3.30 -32.88
O3P PCW QA . 39.87 1.90 -31.12
O4P PCW QA . 38.59 3.95 -30.45
P PCW QA . 39.53 3.38 -31.63
C1 PCW RA . 41.67 15.92 19.13
C2 PCW RA . 40.59 15.92 18.04
C3 PCW RA . 39.92 14.56 17.97
C4 PCW RA . 42.20 16.89 15.84
C5 PCW RA . 43.18 18.06 15.73
C6 PCW RA . 41.73 19.93 16.46
C7 PCW RA . 43.04 20.14 14.32
C8 PCW RA . 41.79 19.30 14.04
C11 PCW RA . 37.86 13.73 17.42
C12 PCW RA . 36.61 13.58 16.55
C13 PCW RA . 36.27 12.12 16.30
C14 PCW RA . 34.98 12.00 15.48
C15 PCW RA . 35.12 12.74 14.15
C16 PCW RA . 33.83 12.64 13.32
C17 PCW RA . 33.99 13.41 12.00
C18 PCW RA . 32.69 13.38 11.20
C19 PCW RA . 32.86 14.09 10.00
C20 PCW RA . 31.78 14.42 9.20
C21 PCW RA . 30.47 14.07 9.54
C22 PCW RA . 30.25 12.56 9.39
C23 PCW RA . 28.77 12.21 9.57
C24 PCW RA . 27.93 12.83 8.45
C25 PCW RA . 26.45 12.48 8.59
C26 PCW RA . 25.86 13.06 9.87
C27 PCW RA . 25.99 14.59 9.88
C28 PCW RA . 25.44 15.18 11.19
C31 PCW RA . 38.90 17.22 17.25
C32 PCW RA . 37.72 18.19 17.31
C33 PCW RA . 36.53 17.60 16.54
C34 PCW RA . 35.41 18.63 16.37
C35 PCW RA . 34.85 19.09 17.72
C36 PCW RA . 33.70 20.06 17.47
C37 PCW RA . 33.11 20.59 18.78
C38 PCW RA . 31.95 21.54 18.49
C39 PCW RA . 31.44 22.09 19.66
C40 PCW RA . 30.17 21.72 20.10
C41 PCW RA . 29.42 20.79 19.39
C42 PCW RA . 29.71 19.37 19.86
C43 PCW RA . 29.40 19.20 21.35
C44 PCW RA . 29.73 17.78 21.81
C45 PCW RA . 29.45 17.62 23.31
C46 PCW RA . 27.98 17.90 23.63
C47 PCW RA . 27.06 16.92 22.89
C48 PCW RA . 25.59 17.20 23.21
N PCW RA . 42.45 19.28 15.35
O2 PCW RA . 39.57 16.88 18.38
O3 PCW RA . 38.83 14.59 17.04
O11 PCW RA . 37.97 13.08 18.45
O31 PCW RA . 39.27 16.77 16.16
O1P PCW RA . 44.09 17.13 17.96
O2P PCW RA . 44.93 14.78 17.42
O3P PCW RA . 42.79 15.14 18.71
O4P PCW RA . 42.90 15.71 16.26
P PCW RA . 43.79 15.72 17.59
C1 17F SA . 29.62 14.09 -40.32
N1 17F SA . 30.84 12.27 -39.21
O1 17F SA . 29.79 16.89 -40.58
P1 17F SA . 29.58 16.45 -39.18
C2 17F SA . 29.67 12.59 -40.03
O2 17F SA . 30.51 16.97 -38.14
C3 17F SA . 29.74 11.82 -41.35
O3 17F SA . 29.55 14.85 -39.11
C4 17F SA . 27.65 16.71 -37.41
O4 17F SA . 28.90 10.91 -41.54
C5 17F SA . 26.29 17.37 -37.17
O5 17F SA . 30.64 12.15 -42.15
C6 17F SA . 25.26 16.79 -38.13
O6 17F SA . 28.08 16.87 -38.76
C7 17F SA . 23.96 18.66 -38.52
O7 17F SA . 23.99 17.43 -37.92
C8 17F SA . 22.70 19.52 -38.39
O8 17F SA . 24.92 19.04 -39.19
C9 17F SA . 21.44 18.66 -38.50
O9 17F SA . 25.87 17.15 -35.83
C10 17F SA . 20.18 19.51 -38.30
O10 17F SA . 24.80 19.09 -36.17
C11 17F SA . 18.93 18.66 -38.46
C12 17F SA . 17.66 19.47 -38.21
C17 17F SA . 25.03 18.14 -35.43
C18 17F SA . 24.40 18.08 -34.03
C19 17F SA . 22.96 17.56 -34.12
C20 17F SA . 22.93 16.18 -34.77
C1X 17F SA . 16.41 18.61 -38.39
C1Y 17F SA . 21.50 15.65 -34.94
C1Z 17F SA . 20.80 15.46 -33.60
C2X 17F SA . 15.13 19.40 -38.10
C21 17F SA . 15.11 19.84 -36.77
C22 17F SA . 14.01 19.59 -35.97
C23 17F SA . 12.91 18.91 -36.49
C24 17F SA . 11.91 18.55 -35.40
C25 17F SA . 10.70 17.81 -35.97
C26 17F SA . 9.70 17.45 -34.87
C27 17F SA . 8.48 16.73 -35.45
C28 17F SA . 7.47 16.40 -34.35
C29 17F SA . 6.25 15.69 -34.93
C30 17F SA . 5.22 15.36 -33.84
C31 17F SA . 20.60 16.80 -32.87
C32 17F SA . 19.78 16.61 -31.59
C33 17F SA . 18.50 16.14 -31.89
C34 17F SA . 17.67 15.68 -30.88
C35 17F SA . 18.07 15.67 -29.56
C36 17F SA . 17.52 16.90 -28.82
C37 17F SA . 17.92 16.87 -27.34
C38 17F SA . 17.40 18.12 -26.61
C39 17F SA . 17.81 18.11 -25.13
C40 17F SA . 17.33 19.37 -24.41
C41 17F SA . 15.81 19.49 -24.44
C42 17F SA . 15.34 20.75 -23.71
HN1 17F SA . 30.64 12.87 -38.42
HN1A 17F SA . 31.72 12.71 -39.42
HAC 17F SA . 30.80 11.40 -38.71
C1 17F TA . 34.16 20.86 -34.05
N1 17F TA . 36.58 21.11 -34.23
O1 17F TA . 32.54 18.70 -35.41
P1 17F TA . 32.72 20.00 -36.10
C2 17F TA . 35.36 21.72 -33.69
O2 17F TA . 32.83 19.99 -37.58
C3 17F TA . 35.48 21.85 -32.17
O3 17F TA . 33.99 20.77 -35.47
C4 17F TA . 31.47 22.32 -36.10
O4 17F TA . 36.18 22.79 -31.73
C5 17F TA . 30.23 23.02 -35.54
O5 17F TA . 34.87 21.01 -31.48
C6 17F TA . 30.24 24.51 -35.88
O6 17F TA . 31.49 20.95 -35.68
C7 17F TA . 28.86 26.36 -35.74
O7 17F TA . 29.02 25.06 -35.37
C8 17F TA . 27.59 27.09 -35.29
O8 17F TA . 29.71 26.92 -36.42
C9 17F TA . 26.46 26.08 -35.12
O9 17F TA . 29.04 22.44 -36.10
C10 17F TA . 25.20 26.73 -34.55
O10 17F TA . 28.21 23.27 -34.20
C11 17F TA . 24.10 25.67 -34.39
C12 17F TA . 22.84 26.26 -33.74
C17 17F TA . 27.99 22.72 -35.28
C18 17F TA . 26.58 22.31 -35.67
C19 17F TA . 26.38 22.45 -37.18
C20 17F TA . 24.91 22.30 -37.58
C1X 17F TA . 21.78 25.16 -33.57
C1Y 17F TA . 24.74 22.36 -39.10
C1Z 17F TA . 23.27 22.44 -39.49
C2X 17F TA . 20.52 25.71 -32.88
C21 17F TA . 20.81 26.18 -31.60
C22 17F TA . 20.92 25.30 -30.53
C23 17F TA . 20.75 23.93 -30.73
C24 17F TA . 20.14 23.28 -29.49
C25 17F TA . 20.01 21.76 -29.66
C26 17F TA . 21.38 21.12 -29.88
C27 17F TA . 21.27 19.60 -30.04
C28 17F TA . 22.64 18.97 -30.29
C29 17F TA . 22.53 17.46 -30.44
C30 17F TA . 23.90 16.82 -30.67
C31 17F TA . 22.66 23.76 -39.01
C32 17F TA . 21.18 23.87 -39.40
C33 17F TA . 20.66 25.10 -39.02
C34 17F TA . 19.29 25.28 -38.89
C35 17F TA . 18.42 24.21 -39.14
C36 17F TA . 17.05 24.73 -39.58
C37 17F TA . 16.07 23.58 -39.82
C38 17F TA . 14.70 24.10 -40.25
C39 17F TA . 13.70 22.96 -40.45
C40 17F TA . 13.50 22.18 -39.14
C41 17F TA . 12.50 21.04 -39.34
C42 17F TA . 11.14 21.58 -39.78
HN1 17F TA . 37.37 21.70 -34.06
HN1A 17F TA . 36.73 20.22 -33.78
HAC 17F TA . 36.48 20.95 -35.22
C1 17F UA . 44.35 -18.46 -3.56
N1 17F UA . 43.40 -17.46 -5.59
O1 17F UA . 43.02 -21.52 -3.90
P1 17F UA . 43.32 -20.72 -2.70
C2 17F UA . 44.02 -17.16 -4.28
O2 17F UA . 44.68 -20.53 -2.13
C3 17F UA . 45.31 -16.36 -4.49
O3 17F UA . 43.18 -19.28 -3.39
C4 17F UA . 42.24 -19.34 -0.71
O4 17F UA . 45.74 -16.24 -5.65
C5 17F UA . 41.14 -19.46 0.35
O5 17F UA . 45.86 -15.90 -3.46
C6 17F UA . 41.19 -18.26 1.28
O6 17F UA . 42.13 -20.42 -1.66
C7 17F UA . 40.53 -19.55 3.02
O7 17F UA . 40.20 -18.45 2.30
C8 17F UA . 39.60 -20.03 4.15
O8 17F UA . 41.58 -20.13 2.78
C9 17F UA . 39.68 -21.56 4.24
O9 17F UA . 39.85 -19.51 -0.28
C10 17F UA . 38.73 -22.12 5.30
O10 17F UA . 40.48 -21.63 -0.62
C11 17F UA . 38.86 -23.64 5.37
C12 17F UA . 37.87 -24.26 6.35
C17 17F UA . 39.64 -20.75 -0.78
C18 17F UA . 38.33 -21.05 -1.52
C19 17F UA . 38.60 -21.88 -2.78
C20 17F UA . 39.28 -23.21 -2.44
C1X 17F UA . 38.02 -25.79 6.39
C1Y 17F UA . 39.59 -24.00 -3.71
C1Z 17F UA . 40.28 -25.32 -3.38
C2X 17F UA . 37.01 -26.42 7.33
C21 17F UA . 35.70 -26.14 6.94
C22 17F UA . 34.77 -27.16 6.81
C23 17F UA . 35.13 -28.48 7.06
C24 17F UA . 34.51 -28.95 8.37
C25 17F UA . 34.79 -30.43 8.63
C26 17F UA . 36.30 -30.72 8.70
C27 17F UA . 36.56 -32.20 9.00
C28 17F UA . 38.06 -32.49 9.07
C29 17F UA . 38.76 -32.18 7.74
C30 17F UA . 40.26 -32.49 7.83
C31 17F UA . 39.41 -26.22 -2.51
C32 17F UA . 40.11 -27.53 -2.19
C33 17F UA . 39.30 -28.34 -1.39
C34 17F UA . 39.62 -29.68 -1.20
C35 17F UA . 40.76 -30.22 -1.80
C36 17F UA . 40.40 -31.44 -2.65
C37 17F UA . 39.71 -32.53 -1.81
C38 17F UA . 39.37 -33.75 -2.66
C39 17F UA . 38.64 -34.81 -1.84
C40 17F UA . 39.46 -35.26 -0.65
C41 17F UA . 38.70 -36.29 0.19
C42 17F UA . 38.38 -37.55 -0.62
HN1 17F UA . 43.25 -16.61 -6.08
HN1A 17F UA . 44.02 -18.05 -6.11
HAC 17F UA . 42.54 -17.92 -5.45
C1 17F VA . 42.66 29.08 2.56
N1 17F VA . 43.42 28.76 0.26
O1 17F VA . 42.71 28.08 5.20
P1 17F VA . 42.39 27.04 4.19
C2 17F VA . 42.51 29.53 1.11
O2 17F VA . 43.21 25.80 4.17
C3 17F VA . 42.83 31.03 1.01
O3 17F VA . 42.38 27.69 2.72
C4 17F VA . 39.81 27.59 4.32
O4 17F VA . 43.78 31.36 0.27
C5 17F VA . 38.49 27.00 4.82
O5 17F VA . 42.13 31.80 1.68
C6 17F VA . 38.62 26.67 6.30
O6 17F VA . 40.85 26.61 4.42
C7 17F VA . 37.57 25.76 8.11
O7 17F VA . 37.44 26.02 6.78
C8 17F VA . 36.43 25.06 8.86
O8 17F VA . 38.61 26.09 8.69
C9 17F VA . 36.68 25.09 10.37
O9 17F VA . 37.41 27.93 4.61
C10 17F VA . 35.57 24.35 11.12
O10 17F VA . 36.19 26.09 4.97
C11 17F VA . 35.48 22.90 10.66
C12 17F VA . 34.36 22.16 11.40
C17 17F VA . 36.22 27.29 4.74
C18 17F VA . 34.91 28.08 4.56
C19 17F VA . 34.09 27.49 3.41
C20 17F VA . 34.77 27.72 2.07
C1X 17F VA . 34.24 20.71 10.94
C1Y 17F VA . 34.04 27.00 0.94
C1Z 17F VA . 32.55 27.34 0.93
C2X 17F VA . 33.10 20.00 11.67
C21 17F VA . 32.97 18.68 11.22
C22 17F VA . 31.89 17.91 11.66
C23 17F VA . 30.95 18.46 12.53
C24 17F VA . 29.72 17.56 12.65
C25 17F VA . 28.71 18.17 13.61
C26 17F VA . 27.47 17.28 13.75
C27 17F VA . 26.48 17.89 14.76
C28 17F VA . 25.24 17.01 14.91
C29 17F VA . 24.52 16.86 13.56
C30 17F VA . 23.28 15.96 13.71
C31 17F VA . 32.31 28.85 0.77
C32 17F VA . 30.81 29.16 0.82
C33 17F VA . 30.57 30.52 0.72
C34 17F VA . 29.27 31.00 0.78
C35 17F VA . 28.22 30.11 0.94
C36 17F VA . 27.00 30.79 1.56
C37 17F VA . 25.85 29.80 1.73
C38 17F VA . 24.63 30.48 2.36
C39 17F VA . 23.48 29.48 2.55
C40 17F VA . 22.27 30.17 3.19
C41 17F VA . 21.13 29.16 3.38
C42 17F VA . 20.68 28.55 2.06
HN1 17F VA . 43.33 29.05 -0.69
HN1A 17F VA . 44.36 28.92 0.56
HAC 17F VA . 43.22 27.78 0.32
C1 17F WA . 41.74 24.43 -4.91
N1 17F WA . 43.05 22.76 -6.13
O1 17F WA . 39.42 25.55 -7.44
P1 17F WA . 39.48 25.25 -5.99
C2 17F WA . 42.68 23.23 -4.79
O2 17F WA . 39.66 26.37 -5.05
C3 17F WA . 42.00 22.10 -4.02
O3 17F WA . 40.60 24.12 -5.72
C4 17F WA . 38.03 23.69 -4.42
O4 17F WA . 42.40 20.94 -4.24
C5 17F WA . 36.66 23.02 -4.31
O5 17F WA . 41.11 22.43 -3.19
C6 17F WA . 36.61 22.10 -3.11
O6 17F WA . 38.11 24.49 -5.61
C7 17F WA . 35.02 20.99 -1.84
O7 17F WA . 35.26 21.63 -3.00
C8 17F WA . 33.60 20.45 -1.58
O8 17F WA . 35.91 20.84 -1.01
C9 17F WA . 32.57 21.51 -1.96
O9 17F WA . 35.64 24.01 -4.14
C10 17F WA . 31.14 20.99 -1.80
O10 17F WA . 35.64 24.04 -6.38
C11 17F WA . 30.91 19.77 -2.69
C12 17F WA . 29.43 19.35 -2.68
C17 17F WA . 35.16 24.45 -5.33
C18 17F WA . 34.02 25.47 -5.34
C19 17F WA . 33.01 25.13 -4.25
C20 17F WA . 31.72 25.94 -4.41
C1X 17F WA . 29.21 18.09 -3.52
C1Y 17F WA . 30.71 25.58 -3.33
C1Z 17F WA . 29.34 26.22 -3.63
C2X 17F WA . 27.72 17.76 -3.62
C21 17F WA . 27.04 18.77 -4.29
C22 17F WA . 26.89 18.70 -5.68
C23 17F WA . 27.41 17.61 -6.36
C24 17F WA . 27.96 18.02 -7.73
C25 17F WA . 28.55 16.81 -8.46
C26 17F WA . 29.05 17.18 -9.86
C27 17F WA . 29.65 15.98 -10.56
C28 17F WA . 30.16 16.35 -11.96
C29 17F WA . 29.02 16.83 -12.86
C30 17F WA . 29.54 17.21 -14.24
C31 17F WA . 28.84 25.74 -4.99
C32 17F WA . 27.46 26.30 -5.33
C33 17F WA . 27.08 25.90 -6.61
C34 17F WA . 25.76 25.62 -6.91
C35 17F WA . 24.77 25.72 -5.94
C36 17F WA . 23.46 26.20 -6.57
C37 17F WA . 22.32 26.22 -5.55
C38 17F WA . 21.02 26.70 -6.20
C39 17F WA . 19.86 26.67 -5.21
C40 17F WA . 20.13 27.58 -4.00
C41 17F WA . 18.94 27.56 -3.04
C42 17F WA . 18.66 26.14 -2.55
HN1 17F WA . 43.55 23.48 -6.62
HN1A 17F WA . 43.62 21.95 -6.04
HAC 17F WA . 42.23 22.52 -6.65
C1 17F XA . 33.98 31.78 -21.98
N1 17F XA . 35.44 30.14 -20.87
O1 17F XA . 33.22 34.46 -21.76
P1 17F XA . 32.80 33.66 -20.60
C2 17F XA . 34.44 30.31 -21.94
O2 17F XA . 33.09 34.18 -19.25
C3 17F XA . 35.05 29.94 -23.29
O3 17F XA . 33.36 32.17 -20.75
C4 17F XA . 30.40 33.37 -19.55
O4 17F XA . 35.44 28.77 -23.45
C5 17F XA . 28.90 33.39 -19.90
O5 17F XA . 35.13 30.85 -24.15
C6 17F XA . 28.56 32.21 -20.80
O6 17F XA . 31.20 33.47 -20.73
C7 17F XA . 26.91 33.45 -21.82
O7 17F XA . 27.17 32.28 -21.15
C8 17F XA . 25.49 33.72 -22.30
O8 17F XA . 27.82 34.25 -22.03
C9 17F XA . 24.46 33.16 -21.31
O9 17F XA . 28.13 33.37 -18.69
C10 17F XA . 23.03 33.38 -21.81
O10 17F XA . 28.97 31.29 -18.49
C11 17F XA . 22.02 32.81 -20.81
C12 17F XA . 20.59 32.97 -21.32
C17 17F XA . 28.30 32.21 -18.00
C18 17F XA . 27.61 32.05 -16.64
C19 17F XA . 26.60 30.90 -16.61
C20 17F XA . 27.28 29.54 -16.77
C1X 17F XA . 19.59 32.38 -20.33
C1Y 17F XA . 26.27 28.42 -16.46
C1Z 17F XA . 25.73 28.60 -15.04
C2X 17F XA . 18.15 32.51 -20.84
C21 17F XA . 17.99 31.83 -22.04
C22 17F XA . 17.16 30.72 -22.09
C23 17F XA . 16.48 30.30 -20.94
C24 17F XA . 15.36 29.32 -21.29
C25 17F XA . 14.60 28.90 -20.03
C26 17F XA . 13.48 27.92 -20.38
C27 17F XA . 12.69 27.53 -19.14
C28 17F XA . 11.56 26.55 -19.49
C29 17F XA . 10.76 26.16 -18.23
C30 17F XA . 9.63 25.20 -18.59
C31 17F XA . 24.71 27.53 -14.68
C32 17F XA . 24.18 27.75 -13.27
C33 17F XA . 23.25 26.79 -12.90
C34 17F XA . 22.13 27.14 -12.16
C35 17F XA . 21.94 28.46 -11.78
C36 17F XA . 21.50 28.55 -10.31
C37 17F XA . 22.59 28.04 -9.37
C38 17F XA . 23.85 28.90 -9.49
C39 17F XA . 24.94 28.45 -8.51
C40 17F XA . 26.18 29.32 -8.61
C41 17F XA . 27.27 28.85 -7.64
C42 17F XA . 28.50 29.75 -7.72
HN1 17F XA . 34.87 30.41 -20.10
HN1A 17F XA . 36.13 30.85 -20.74
HAC 17F XA . 35.58 29.20 -20.57
C1 PCW YA . 8.62 4.19 6.51
C2 PCW YA . 9.50 5.16 5.73
C3 PCW YA . 9.03 6.59 5.94
C4 PCW YA . 6.40 4.26 9.20
C5 PCW YA . 5.67 3.38 10.23
C6 PCW YA . 3.29 3.63 9.62
C7 PCW YA . 4.02 4.05 11.99
C8 PCW YA . 4.35 5.30 11.17
C11 PCW YA . 9.55 8.77 5.48
C12 PCW YA . 10.29 9.92 4.79
C13 PCW YA . 11.81 9.70 4.81
C14 PCW YA . 12.52 10.93 4.24
C15 PCW YA . 14.04 10.72 4.20
C16 PCW YA . 14.72 11.97 3.63
C17 PCW YA . 16.23 11.79 3.51
C18 PCW YA . 16.89 13.07 2.99
C19 PCW YA . 18.26 12.90 2.83
C20 PCW YA . 19.13 13.02 3.91
C21 PCW YA . 18.64 13.33 5.18
C22 PCW YA . 19.50 14.42 5.85
C23 PCW YA . 19.01 14.71 7.27
C24 PCW YA . 19.85 15.80 7.94
C25 PCW YA . 19.76 17.13 7.20
C26 PCW YA . 20.54 18.21 7.92
C27 PCW YA . 20.49 19.55 7.17
C28 PCW YA . 21.25 20.64 7.93
C31 PCW YA . 11.35 3.82 5.95
C32 PCW YA . 12.78 3.49 6.39
C33 PCW YA . 13.03 1.98 6.40
C34 PCW YA . 14.44 1.67 6.90
C35 PCW YA . 15.50 2.37 6.05
C36 PCW YA . 16.91 2.09 6.57
C37 PCW YA . 17.96 2.79 5.71
C38 PCW YA . 19.37 2.57 6.26
C39 PCW YA . 20.31 3.17 5.43
C40 PCW YA . 21.48 3.71 5.96
C41 PCW YA . 21.73 3.64 7.33
C42 PCW YA . 23.20 3.95 7.62
C43 PCW YA . 23.48 3.84 9.13
C44 PCW YA . 24.95 4.11 9.44
C45 PCW YA . 25.36 5.54 9.06
C46 PCW YA . 25.25 5.79 7.56
C47 PCW YA . 25.69 7.22 7.21
C48 PCW YA . 25.57 7.49 5.72
N PCW YA . 4.37 3.96 10.56
O2 PCW YA . 10.85 5.06 6.20
O3 PCW YA . 9.88 7.48 5.19
O11 PCW YA . 8.66 9.01 6.30
O31 PCW YA . 10.66 2.98 5.37
O1P PCW YA . 6.91 6.38 7.27
O2P PCW YA . 5.08 5.41 5.80
O3P PCW YA . 7.26 4.20 6.08
O4P PCW YA . 5.64 4.33 8.00
P PCW YA . 6.19 5.18 6.75
C1 PCW ZA . 9.35 4.36 14.67
C2 PCW ZA . 9.26 4.92 16.09
C3 PCW ZA . 10.02 6.25 16.15
C4 PCW ZA . 6.11 2.72 17.23
C5 PCW ZA . 4.76 2.29 16.64
C6 PCW ZA . 2.40 2.01 17.29
C7 PCW ZA . 4.01 3.09 18.89
C8 PCW ZA . 3.59 4.14 17.86
C11 PCW ZA . 10.66 7.96 17.52
C12 PCW ZA . 10.81 8.73 18.85
C13 PCW ZA . 11.73 9.93 18.68
C14 PCW ZA . 11.94 10.66 20.01
C15 PCW ZA . 12.60 9.75 21.04
C16 PCW ZA . 13.95 9.26 20.55
C17 PCW ZA . 14.93 10.42 20.36
C18 PCW ZA . 16.27 9.93 19.82
C19 PCW ZA . 17.18 10.98 19.71
C20 PCW ZA . 16.94 12.06 18.87
C21 PCW ZA . 15.78 12.10 18.11
C22 PCW ZA . 15.36 13.54 17.84
C23 PCW ZA . 14.05 13.60 17.05
C24 PCW ZA . 14.19 12.93 15.69
C25 PCW ZA . 15.28 13.60 14.86
C26 PCW ZA . 15.41 12.94 13.48
C27 PCW ZA . 14.09 13.01 12.71
C28 PCW ZA . 14.22 12.35 11.34
C31 PCW ZA . 7.79 5.25 17.81
C32 PCW ZA . 6.41 5.51 18.45
C33 PCW ZA . 6.20 7.00 18.69
C34 PCW ZA . 7.28 7.56 19.63
C35 PCW ZA . 7.26 6.84 20.98
C36 PCW ZA . 8.34 7.39 21.91
C37 PCW ZA . 8.34 6.65 23.25
C38 PCW ZA . 9.43 7.18 24.18
C39 PCW ZA . 9.43 6.50 25.39
C40 PCW ZA . 10.24 5.39 25.56
C41 PCW ZA . 11.05 4.95 24.52
C42 PCW ZA . 12.49 5.45 24.70
C43 PCW ZA . 13.39 4.96 23.56
C44 PCW ZA . 14.83 5.46 23.76
C45 PCW ZA . 15.73 4.97 22.62
C46 PCW ZA . 17.18 5.45 22.83
C47 PCW ZA . 18.08 4.95 21.70
C48 PCW ZA . 19.53 5.38 21.93
N PCW ZA . 3.66 2.71 17.51
O2 PCW ZA . 7.90 5.12 16.47
O3 PCW ZA . 10.00 6.78 17.49
O11 PCW ZA . 11.13 8.42 16.48
O31 PCW ZA . 8.79 5.13 18.52
O1P PCW ZA . 6.52 4.14 14.75
O2P PCW ZA . 6.73 1.74 13.95
O3P PCW ZA . 8.77 3.06 14.58
O4P PCW ZA . 7.16 2.30 16.36
P PCW ZA . 7.20 2.82 14.84
C1 PCW AB . 2.46 14.09 11.51
C2 PCW AB . 3.43 15.22 11.14
C3 PCW AB . 4.84 14.79 11.47
C4 PCW AB . -0.52 16.87 9.68
C5 PCW AB . -0.18 17.89 8.59
C6 PCW AB . -0.92 19.50 10.33
C7 PCW AB . 1.34 19.78 9.26
C8 PCW AB . 0.30 20.34 8.29
C11 PCW AB . 7.04 15.33 11.41
C12 PCW AB . 8.27 16.20 11.13
C13 PCW AB . 9.10 16.41 12.40
C14 PCW AB . 10.36 17.22 12.12
C15 PCW AB . 11.27 16.49 11.13
C16 PCW AB . 12.55 17.29 10.86
C17 PCW AB . 13.47 16.55 9.89
C18 PCW AB . 14.76 17.34 9.64
C19 PCW AB . 15.59 16.69 8.74
C20 PCW AB . 16.80 16.16 9.15
C21 PCW AB . 17.23 16.29 10.47
C22 PCW AB . 18.00 15.05 10.92
C23 PCW AB . 18.48 15.20 12.37
C24 PCW AB . 19.25 13.95 12.83
C25 PCW AB . 20.55 13.77 12.06
C26 PCW AB . 20.32 13.49 10.58
C27 PCW AB . 21.65 13.32 9.84
C28 PCW AB . 21.43 13.01 8.36
C31 PCW AB . 3.70 16.77 9.45
C32 PCW AB . 3.64 17.25 8.00
C33 PCW AB . 5.02 17.32 7.35
C34 PCW AB . 5.84 18.51 7.85
C35 PCW AB . 6.18 18.41 9.34
C36 PCW AB . 7.02 19.60 9.77
C37 PCW AB . 7.43 19.51 11.25
C38 PCW AB . 8.27 20.73 11.64
C39 PCW AB . 8.65 20.67 12.97
C40 PCW AB . 9.76 21.38 13.41
C41 PCW AB . 10.50 22.16 12.54
C42 PCW AB . 11.93 21.64 12.38
C43 PCW AB . 12.66 21.65 13.73
C44 PCW AB . 14.08 21.07 13.59
C45 PCW AB . 14.92 21.88 12.59
C46 PCW AB . 16.31 21.29 12.45
C47 PCW AB . 17.15 22.09 11.44
C48 PCW AB . 18.56 21.53 11.31
N PCW AB . -0.02 19.22 9.20
O2 PCW AB . 3.30 15.50 9.73
O3 PCW AB . 5.80 15.79 11.12
O11 PCW AB . 7.17 14.20 11.89
O31 PCW AB . 4.04 17.52 10.36
O1P PCW AB . -0.98 15.43 12.13
O2P PCW AB . 1.29 16.20 12.97
O3P PCW AB . 1.11 14.43 11.20
O4P PCW AB . 0.52 16.81 10.65
P PCW AB . 0.44 15.74 11.85
C1 PCW BB . 4.97 12.41 17.54
C2 PCW BB . 5.74 13.54 18.22
C3 PCW BB . 6.49 12.96 19.42
C4 PCW BB . 2.47 15.94 16.75
C5 PCW BB . 3.23 15.95 15.42
C6 PCW BB . 1.71 17.84 14.93
C7 PCW BB . 4.19 18.15 14.68
C8 PCW BB . 3.68 17.42 13.43
C11 PCW BB . 6.49 14.95 20.57
C12 PCW BB . 7.15 16.14 21.27
C13 PCW BB . 7.35 17.30 20.31
C14 PCW BB . 8.03 18.48 21.01
C15 PCW BB . 7.18 18.99 22.18
C16 PCW BB . 7.88 20.13 22.92
C17 PCW BB . 8.16 21.31 21.99
C18 PCW BB . 8.86 22.44 22.74
C19 PCW BB . 9.10 23.52 21.90
C20 PCW BB . 10.32 23.67 21.25
C21 PCW BB . 11.33 22.73 21.44
C22 PCW BB . 12.71 23.39 21.39
C23 PCW BB . 13.81 22.35 21.58
C24 PCW BB . 15.19 23.02 21.55
C25 PCW BB . 16.30 21.98 21.73
C26 PCW BB . 16.31 20.96 20.60
C27 PCW BB . 16.56 21.63 19.25
C28 PCW BB . 16.54 20.61 18.11
C31 PCW BB . 6.20 15.17 16.67
C32 PCW BB . 7.04 15.90 15.62
C33 PCW BB . 7.67 17.15 16.22
C34 PCW BB . 8.63 16.81 17.36
C35 PCW BB . 9.82 15.98 16.86
C36 PCW BB . 10.63 16.78 15.83
C37 PCW BB . 11.86 16.00 15.36
C38 PCW BB . 12.68 16.82 14.38
C39 PCW BB . 13.79 16.11 13.94
C40 PCW BB . 15.07 16.62 14.13
C41 PCW BB . 15.25 17.85 14.77
C42 PCW BB . 16.42 18.62 14.16
C43 PCW BB . 17.73 17.86 14.34
C44 PCW BB . 18.91 18.63 13.75
C45 PCW BB . 20.22 17.86 13.91
C46 PCW BB . 21.40 18.63 13.34
C47 PCW BB . 21.57 19.98 14.02
C48 PCW BB . 22.75 20.75 13.44
N PCW BB . 3.03 17.24 14.74
O2 PCW BB . 6.70 14.07 17.30
O3 PCW BB . 7.28 13.98 20.04
O11 PCW BB . 5.27 14.86 20.48
O31 PCW BB . 5.08 15.59 16.98
O1P PCW BB . 1.93 13.47 15.47
O2P PCW BB . 2.04 12.36 17.75
O3P PCW BB . 4.14 12.89 16.48
O4P PCW BB . 2.77 14.75 17.48
P PCW BB . 2.62 13.31 16.78
PG GNP CB . -18.28 -28.12 9.27
O1G GNP CB . -18.06 -28.12 10.73
O2G GNP CB . -17.94 -26.69 8.61
O3G GNP CB . -17.31 -29.14 8.49
N3B GNP CB . -19.79 -28.49 8.82
PB GNP CB . -20.90 -27.97 9.87
O1B GNP CB . -20.56 -26.58 10.28
O2B GNP CB . -21.05 -28.98 10.94
O3A GNP CB . -22.24 -27.94 8.99
PA GNP CB . -22.76 -26.61 8.25
O1A GNP CB . -22.23 -25.44 8.98
O2A GNP CB . -22.45 -26.72 6.80
O5' GNP CB . -24.35 -26.68 8.46
C5' GNP CB . -25.03 -27.93 8.35
C4' GNP CB . -26.55 -27.74 8.37
O4' GNP CB . -26.89 -26.94 9.50
C3' GNP CB . -26.95 -26.93 7.14
O3' GNP CB . -28.33 -27.16 6.84
C2' GNP CB . -26.77 -25.52 7.68
O2' GNP CB . -27.51 -24.59 6.87
C1' GNP CB . -27.52 -25.74 8.99
N9 GNP CB . -27.38 -24.60 9.92
C8 GNP CB . -26.25 -24.13 10.44
N7 GNP CB . -26.52 -23.08 11.22
C5 GNP CB . -27.83 -22.87 11.19
C6 GNP CB . -28.66 -21.94 11.80
O6 GNP CB . -28.18 -21.06 12.54
N1 GNP CB . -30.04 -22.00 11.57
C2 GNP CB . -30.54 -23.00 10.72
N2 GNP CB . -31.84 -23.07 10.48
N3 GNP CB . -29.70 -23.88 10.14
C4 GNP CB . -28.39 -23.84 10.36
HNB3 GNP CB . -19.98 -28.13 7.91
HO3' GNP CB . -28.46 -28.12 6.60
HO2' GNP CB . -28.46 -24.88 6.82
HN1 GNP CB . -30.65 -21.34 11.99
HN21 GNP CB . -32.20 -23.78 9.87
HN22 GNP CB . -32.47 -22.41 10.92
MG MG DB . -17.27 -26.20 7.62
C1 PCW EB . 4.53 -5.84 -6.51
C2 PCW EB . 5.34 -7.14 -6.52
C3 PCW EB . 4.40 -8.32 -6.36
C4 PCW EB . 1.86 -4.20 -5.23
C5 PCW EB . 0.71 -4.48 -4.25
C6 PCW EB . -1.46 -3.49 -3.59
C7 PCW EB . -0.36 -2.76 -5.73
C8 PCW EB . -1.06 -4.10 -6.00
C11 PCW EB . 5.55 -9.58 -4.86
C12 PCW EB . 6.40 -10.76 -4.37
C13 PCW EB . 6.41 -11.89 -5.40
C14 PCW EB . 7.20 -13.10 -4.87
C15 PCW EB . 7.23 -14.24 -5.89
C16 PCW EB . 7.93 -13.82 -7.17
C17 PCW EB . 7.98 -14.98 -8.18
C18 PCW EB . 8.72 -14.56 -9.45
C19 PCW EB . 8.77 -15.60 -10.38
C20 PCW EB . 9.75 -16.57 -10.29
C21 PCW EB . 10.71 -16.52 -9.29
C22 PCW EB . 11.75 -17.62 -9.46
C23 PCW EB . 12.48 -17.48 -10.80
C24 PCW EB . 13.51 -18.59 -10.99
C25 PCW EB . 14.23 -18.44 -12.33
C26 PCW EB . 14.98 -17.11 -12.39
C27 PCW EB . 15.72 -16.97 -13.74
C28 PCW EB . 16.48 -15.64 -13.79
C31 PCW EB . 7.06 -8.15 -7.68
C32 PCW EB . 7.92 -8.44 -8.90
C33 PCW EB . 8.20 -7.17 -9.70
C34 PCW EB . 9.06 -6.19 -8.89
C35 PCW EB . 10.41 -6.82 -8.54
C36 PCW EB . 11.31 -5.81 -7.81
C37 PCW EB . 12.64 -6.45 -7.43
C38 PCW EB . 13.56 -5.44 -6.74
C39 PCW EB . 14.75 -6.04 -6.35
C40 PCW EB . 15.85 -6.04 -7.22
C41 PCW EB . 15.77 -5.44 -8.47
C42 PCW EB . 16.99 -5.80 -9.32
C43 PCW EB . 16.91 -5.14 -10.69
C44 PCW EB . 18.11 -5.50 -11.55
C45 PCW EB . 18.03 -4.85 -12.93
C46 PCW EB . 19.26 -5.19 -13.77
C47 PCW EB . 20.55 -4.73 -13.09
C48 PCW EB . 21.77 -5.10 -13.93
N PCW EB . -0.51 -3.78 -4.68
O2 PCW EB . 6.05 -7.25 -7.77
O3 PCW EB . 5.16 -9.53 -6.15
O11 PCW EB . 5.21 -8.71 -4.07
O31 PCW EB . 7.31 -8.70 -6.59
O1P PCW EB . 3.42 -3.36 -7.53
O2P PCW EB . 1.87 -4.71 -9.03
O3P PCW EB . 3.54 -5.84 -7.53
O4P PCW EB . 1.53 -4.70 -6.53
P PCW EB . 2.59 -4.56 -7.73
C1 PCW FB . 8.94 -12.56 19.36
C2 PCW FB . 9.82 -13.45 18.49
C3 PCW FB . 9.62 -14.90 18.85
C4 PCW FB . 5.51 -14.96 17.33
C5 PCW FB . 5.73 -15.74 16.04
C6 PCW FB . 4.44 -16.94 14.29
C7 PCW FB . 3.22 -15.59 16.03
C8 PCW FB . 3.75 -14.62 14.97
C11 PCW FB . 9.81 -16.01 16.86
C12 PCW FB . 10.51 -16.87 15.80
C13 PCW FB . 11.70 -16.14 15.19
C14 PCW FB . 12.38 -17.00 14.13
C15 PCW FB . 13.59 -16.29 13.52
C16 PCW FB . 14.26 -17.16 12.45
C17 PCW FB . 15.49 -16.47 11.86
C18 PCW FB . 16.54 -16.22 12.94
C19 PCW FB . 17.67 -15.63 12.40
C20 PCW FB . 18.94 -16.03 12.80
C21 PCW FB . 19.07 -17.05 13.75
C22 PCW FB . 20.37 -17.82 13.54
C23 PCW FB . 20.51 -18.94 14.57
C24 PCW FB . 21.82 -19.71 14.38
C25 PCW FB . 21.89 -20.36 13.00
C26 PCW FB . 20.74 -21.35 12.80
C27 PCW FB . 20.82 -21.99 11.41
C28 PCW FB . 20.72 -20.94 10.31
C31 PCW FB . 9.81 -11.94 16.75
C32 PCW FB . 9.56 -11.48 15.31
C33 PCW FB . 10.83 -10.91 14.67
C34 PCW FB . 11.91 -11.99 14.48
C35 PCW FB . 12.40 -12.55 15.81
C36 PCW FB . 13.50 -13.58 15.59
C37 PCW FB . 14.04 -14.11 16.93
C38 PCW FB . 15.15 -15.13 16.70
C39 PCW FB . 15.68 -15.57 17.91
C40 PCW FB . 17.00 -16.03 17.97
C41 PCW FB . 17.79 -16.05 16.82
C42 PCW FB . 19.17 -15.45 17.09
C43 PCW FB . 19.92 -16.24 18.16
C44 PCW FB . 21.32 -15.66 18.38
C45 PCW FB . 21.25 -14.21 18.87
C46 PCW FB . 22.64 -13.63 19.09
C47 PCW FB . 22.56 -12.16 19.52
C48 PCW FB . 23.95 -11.56 19.72
N PCW FB . 4.46 -15.86 15.30
O2 PCW FB . 9.51 -13.22 17.10
O3 PCW FB . 10.45 -15.74 18.03
O11 PCW FB . 8.67 -15.58 16.68
O31 PCW FB . 10.29 -11.17 17.58
O1P PCW FB . 7.63 -14.84 20.42
O2P PCW FB . 5.40 -13.76 19.87
O3P PCW FB . 7.55 -12.73 19.08
O4P PCW FB . 6.73 -14.89 18.07
P PCW FB . 6.78 -14.10 19.46
C1 PCW GB . 0.64 -20.05 -12.54
C2 PCW GB . 2.02 -19.45 -12.22
C3 PCW GB . 2.79 -19.23 -13.50
C4 PCW GB . -1.57 -22.97 -9.92
C5 PCW GB . -0.46 -22.47 -8.98
C6 PCW GB . 0.83 -24.25 -10.12
C7 PCW GB . 1.74 -21.91 -10.07
C8 PCW GB . 2.04 -22.55 -8.71
C11 PCW GB . 4.87 -19.89 -12.83
C12 PCW GB . 6.35 -19.69 -12.48
C13 PCW GB . 6.87 -20.83 -11.61
C14 PCW GB . 8.33 -20.62 -11.21
C15 PCW GB . 9.24 -20.55 -12.44
C16 PCW GB . 9.25 -21.89 -13.18
C17 PCW GB . 10.16 -21.82 -14.41
C18 PCW GB . 10.22 -23.18 -15.11
C19 PCW GB . 10.95 -23.11 -16.29
C20 PCW GB . 12.33 -23.04 -16.27
C21 PCW GB . 13.03 -23.04 -15.06
C22 PCW GB . 14.33 -23.84 -15.18
C23 PCW GB . 15.22 -23.30 -16.30
C24 PCW GB . 16.51 -24.12 -16.41
C25 PCW GB . 17.36 -24.01 -15.15
C26 PCW GB . 17.78 -22.55 -14.89
C27 PCW GB . 18.66 -22.45 -13.64
C28 PCW GB . 19.10 -21.01 -13.41
C31 PCW GB . 2.95 -17.88 -10.81
C32 PCW GB . 2.98 -16.60 -9.98
C33 PCW GB . 4.36 -16.38 -9.36
C34 PCW GB . 5.42 -16.16 -10.44
C35 PCW GB . 5.13 -14.88 -11.23
C36 PCW GB . 6.22 -14.62 -12.26
C37 PCW GB . 5.96 -13.30 -13.01
C38 PCW GB . 7.04 -13.01 -14.05
C39 PCW GB . 6.81 -11.81 -14.68
C40 PCW GB . 7.54 -11.44 -15.81
C41 PCW GB . 8.51 -12.31 -16.32
C42 PCW GB . 9.20 -11.70 -17.54
C43 PCW GB . 8.19 -11.39 -18.63
C44 PCW GB . 8.87 -10.75 -19.85
C45 PCW GB . 9.92 -11.69 -20.44
C46 PCW GB . 10.60 -11.05 -21.66
C47 PCW GB . 11.66 -11.99 -22.24
C48 PCW GB . 12.35 -11.35 -23.45
N PCW GB . 0.85 -22.93 -9.49
O2 PCW GB . 1.84 -18.21 -11.51
O3 PCW GB . 4.14 -18.82 -13.24
O11 PCW GB . 4.35 -20.99 -12.72
O31 PCW GB . 3.94 -18.63 -10.83
O1P PCW GB . -2.39 -20.27 -10.30
O2P PCW GB . -2.12 -20.58 -12.81
O3P PCW GB . -0.12 -20.24 -11.34
O4P PCW GB . -1.41 -22.41 -11.22
P PCW GB . -1.62 -20.82 -11.44
C1 PCW HB . 6.73 -0.19 10.81
C2 PCW HB . 7.84 0.84 10.67
C3 PCW HB . 8.40 1.18 12.04
C4 PCW HB . 2.16 0.46 11.24
C5 PCW HB . 1.45 1.01 10.01
C6 PCW HB . 0.35 -1.06 9.19
C7 PCW HB . 1.64 0.38 7.58
C8 PCW HB . 2.64 -0.47 8.36
C11 PCW HB . 8.99 3.37 11.65
C12 PCW HB . 9.96 4.53 11.48
C13 PCW HB . 9.30 5.71 10.78
C14 PCW HB . 10.27 6.89 10.65
C15 PCW HB . 11.51 6.49 9.86
C16 PCW HB . 12.50 7.64 9.76
C17 PCW HB . 13.76 7.24 9.01
C18 PCW HB . 14.74 8.41 8.91
C19 PCW HB . 15.88 8.06 8.21
C20 PCW HB . 17.14 8.42 8.70
C21 PCW HB . 17.25 9.15 9.87
C22 PCW HB . 18.61 9.84 9.95
C23 PCW HB . 18.77 10.67 11.23
C24 PCW HB . 18.71 9.79 12.48
C25 PCW HB . 17.33 9.13 12.63
C26 PCW HB . 17.27 8.26 13.89
C27 PCW HB . 15.90 7.59 14.01
C28 PCW HB . 15.81 6.74 15.27
C31 PCW HB . 8.44 -0.04 8.63
C32 PCW HB . 9.40 -0.65 7.60
C33 PCW HB . 9.01 -2.10 7.30
C34 PCW HB . 9.09 -2.97 8.55
C35 PCW HB . 8.58 -4.39 8.28
C36 PCW HB . 8.67 -5.26 9.53
C37 PCW HB . 8.01 -6.62 9.30
C38 PCW HB . 8.69 -7.40 8.19
C39 PCW HB . 8.00 -8.59 7.94
C40 PCW HB . 8.67 -9.79 7.81
C41 PCW HB . 10.06 -9.86 7.93
C42 PCW HB . 10.59 -11.14 7.28
C43 PCW HB . 12.11 -11.26 7.45
C44 PCW HB . 12.63 -12.53 6.79
C45 PCW HB . 14.14 -12.68 6.98
C46 PCW HB . 14.88 -11.48 6.37
C47 PCW HB . 16.39 -11.62 6.55
C48 PCW HB . 17.13 -10.42 5.96
N PCW HB . 1.38 -0.03 8.97
O2 PCW HB . 8.90 0.29 9.87
O3 PCW HB . 9.47 2.13 11.94
O11 PCW HB . 7.78 3.54 11.54
O31 PCW HB . 7.26 0.18 8.35
O1P PCW HB . 3.60 -0.34 13.16
O2P PCW HB . 4.48 -2.01 11.35
O3P PCW HB . 5.66 0.29 11.62
O4P PCW HB . 3.48 0.02 10.88
P PCW HB . 4.42 -0.67 11.98
C1 PCW IB . 8.76 -13.89 12.24
C2 PCW IB . 9.77 -14.70 11.42
C3 PCW IB . 11.14 -14.05 11.43
C4 PCW IB . 5.69 -12.94 10.09
C5 PCW IB . 5.87 -11.78 9.13
C6 PCW IB . 4.07 -12.05 7.45
C7 PCW IB . 6.45 -11.91 6.68
C8 PCW IB . 6.21 -13.34 7.18
C11 PCW IB . 13.21 -14.13 10.43
C12 PCW IB . 14.28 -14.75 9.53
C13 PCW IB . 15.58 -13.95 9.58
C14 PCW IB . 16.59 -14.55 8.59
C15 PCW IB . 17.92 -13.80 8.59
C16 PCW IB . 18.85 -14.37 7.52
C17 PCW IB . 20.20 -13.65 7.48
C18 PCW IB . 20.98 -13.85 8.78
C19 PCW IB . 22.22 -13.24 8.70
C20 PCW IB . 22.96 -12.97 9.85
C21 PCW IB . 22.46 -13.32 11.11
C22 PCW IB . 21.12 -12.64 11.37
C23 PCW IB . 20.61 -12.94 12.77
C24 PCW IB . 19.24 -12.30 13.00
C25 PCW IB . 18.78 -12.49 14.46
C26 PCW IB . 19.73 -11.78 15.42
C27 PCW IB . 19.27 -11.98 16.87
C28 PCW IB . 20.22 -11.26 17.84
C31 PCW IB . 10.30 -16.89 10.98
C32 PCW IB . 10.48 -18.38 11.33
C33 PCW IB . 11.38 -19.13 10.34
C34 PCW IB . 10.81 -19.18 8.93
C35 PCW IB . 11.19 -17.95 8.10
C36 PCW IB . 12.70 -17.91 7.88
C37 PCW IB . 13.11 -16.71 7.01
C38 PCW IB . 14.62 -16.71 6.75
C39 PCW IB . 14.98 -15.61 5.97
C40 PCW IB . 16.11 -15.65 5.16
C41 PCW IB . 16.90 -16.78 5.13
C42 PCW IB . 18.36 -16.43 5.44
C43 PCW IB . 19.27 -17.65 5.30
C44 PCW IB . 20.72 -17.29 5.63
C45 PCW IB . 21.25 -16.19 4.70
C46 PCW IB . 22.69 -15.82 5.06
C47 PCW IB . 23.21 -14.72 4.15
C48 PCW IB . 24.64 -14.33 4.52
N PCW IB . 5.49 -12.20 7.77
O2 PCW IB . 9.85 -16.04 11.94
O3 PCW IB . 12.01 -14.78 10.57
O11 PCW IB . 13.40 -13.08 11.03
O31 PCW IB . 10.53 -16.47 9.85
O1P PCW IB . 4.99 -14.55 12.50
O2P PCW IB . 6.43 -12.96 13.88
O3P PCW IB . 7.46 -14.47 12.16
O4P PCW IB . 6.06 -12.54 11.41
P PCW IB . 6.17 -13.63 12.59
C1 PCW JB . 4.68 8.69 -0.12
C2 PCW JB . 6.07 8.77 -0.75
C3 PCW JB . 5.95 8.76 -2.26
C4 PCW JB . 1.20 9.53 -2.04
C5 PCW JB . 0.51 10.25 -3.20
C6 PCW JB . -1.21 8.63 -3.94
C7 PCW JB . 0.41 9.56 -5.62
C8 PCW JB . 1.13 8.44 -4.84
C11 PCW JB . 7.70 7.29 -2.37
C12 PCW JB . 9.05 6.73 -2.85
C13 PCW JB . 8.96 5.21 -2.94
C14 PCW JB . 10.32 4.58 -3.27
C15 PCW JB . 11.37 4.96 -2.22
C16 PCW JB . 12.61 4.08 -2.35
C17 PCW JB . 12.24 2.62 -2.10
C18 PCW JB . 13.47 1.70 -2.17
C19 PCW JB . 13.11 0.39 -1.90
C20 PCW JB . 13.72 -0.31 -0.86
C21 PCW JB . 14.69 0.31 -0.08
C22 PCW JB . 14.07 1.32 0.88
C23 PCW JB . 15.14 1.98 1.76
C24 PCW JB . 15.83 0.96 2.66
C25 PCW JB . 16.52 -0.13 1.85
C26 PCW JB . 17.18 -1.17 2.76
C27 PCW JB . 17.86 -2.27 1.95
C28 PCW JB . 16.85 -3.03 1.10
C31 PCW JB . 6.91 9.88 1.07
C32 PCW JB . 7.57 11.04 1.82
C33 PCW JB . 6.50 11.93 2.46
C34 PCW JB . 7.13 13.07 3.27
C35 PCW JB . 7.98 13.98 2.38
C36 PCW JB . 8.55 15.13 3.21
C37 PCW JB . 9.42 16.05 2.36
C38 PCW JB . 9.97 17.21 3.21
C39 PCW JB . 10.79 18.05 2.47
C40 PCW JB . 12.08 18.31 2.90
C41 PCW JB . 12.55 17.74 4.07
C42 PCW JB . 13.93 17.10 3.85
C43 PCW JB . 14.43 16.43 5.13
C44 PCW JB . 15.81 15.80 4.92
C45 PCW JB . 16.27 15.07 6.18
C46 PCW JB . 15.32 13.93 6.53
C47 PCW JB . 15.80 13.18 7.78
C48 PCW JB . 14.86 12.03 8.12
N PCW JB . 0.09 9.26 -4.21
O2 PCW JB . 6.76 9.94 -0.28
O3 PCW JB . 7.23 8.47 -2.86
O11 PCW JB . 7.05 6.69 -1.52
O31 PCW JB . 6.51 8.89 1.68
O1P PCW JB . 1.99 8.64 0.61
O2P PCW JB . 2.38 11.07 1.27
O3P PCW JB . 3.94 9.90 -0.31
O4P PCW JB . 1.61 10.49 -1.07
P PCW JB . 2.43 10.01 0.24
C1 PCW KB . 1.14 5.69 -17.70
C2 PCW KB . 1.41 4.95 -19.01
C3 PCW KB . 2.88 5.08 -19.37
C4 PCW KB . -0.73 8.76 -15.49
C5 PCW KB . -1.31 10.07 -16.01
C6 PCW KB . -3.22 10.45 -14.49
C7 PCW KB . -3.58 10.53 -16.98
C8 PCW KB . -3.54 9.07 -16.55
C11 PCW KB . 4.48 4.62 -20.94
C12 PCW KB . 5.01 4.05 -22.25
C13 PCW KB . 5.44 5.16 -23.21
C14 PCW KB . 5.86 4.58 -24.57
C15 PCW KB . 6.20 5.69 -25.56
C16 PCW KB . 7.48 6.43 -25.15
C17 PCW KB . 7.65 7.70 -25.98
C18 PCW KB . 8.94 8.44 -25.60
C19 PCW KB . 8.93 9.73 -26.12
C20 PCW KB . 9.69 10.09 -27.23
C21 PCW KB . 10.51 9.17 -27.88
C22 PCW KB . 11.98 9.51 -27.65
C23 PCW KB . 12.89 8.70 -28.60
C24 PCW KB . 12.63 9.09 -30.06
C25 PCW KB . 13.57 8.34 -31.01
C26 PCW KB . 13.32 8.77 -32.45
C27 PCW KB . 13.55 10.27 -32.64
C28 PCW KB . 13.25 10.69 -34.08
C31 PCW KB . 0.83 3.01 -20.08
C32 PCW KB . 0.44 1.53 -20.17
C33 PCW KB . 0.86 0.93 -21.52
C34 PCW KB . 0.23 -0.45 -21.73
C35 PCW KB . 0.67 -1.46 -20.66
C36 PCW KB . 2.15 -1.82 -20.79
C37 PCW KB . 2.51 -2.97 -19.85
C38 PCW KB . 3.97 -3.43 -20.06
C39 PCW KB . 4.25 -4.57 -19.31
C40 PCW KB . 5.50 -4.72 -18.72
C41 PCW KB . 6.46 -3.73 -18.88
C42 PCW KB . 7.52 -4.13 -19.90
C43 PCW KB . 8.28 -5.38 -19.46
C44 PCW KB . 9.36 -5.76 -20.46
C45 PCW KB . 10.13 -7.01 -20.01
C46 PCW KB . 11.27 -7.35 -20.98
C47 PCW KB . 12.08 -8.54 -20.49
C48 PCW KB . 13.23 -8.85 -21.44
N PCW KB . -2.77 10.09 -15.84
O2 PCW KB . 1.04 3.58 -18.87
O3 PCW KB . 3.17 4.44 -20.62
O11 PCW KB . 5.23 5.23 -20.18
O31 PCW KB . 0.95 3.68 -21.11
O1P PCW KB . -1.92 5.34 -15.51
O2P PCW KB . 0.41 6.23 -14.99
O3P PCW KB . -0.25 5.60 -17.32
O4P PCW KB . -1.25 7.66 -16.24
P PCW KB . -0.76 6.16 -15.91
C1 PCW LB . 3.10 15.08 -14.48
C2 PCW LB . 3.11 16.46 -13.81
C3 PCW LB . 4.54 16.74 -13.36
C4 PCW LB . 1.85 13.18 -11.78
C5 PCW LB . 2.47 11.86 -11.32
C6 PCW LB . 1.71 9.75 -10.25
C7 PCW LB . 0.06 11.19 -11.49
C8 PCW LB . 0.84 10.38 -12.53
C11 PCW LB . 5.99 18.32 -12.66
C12 PCW LB . 6.44 19.66 -12.07
C13 PCW LB . 7.78 19.50 -11.34
C14 PCW LB . 8.37 20.86 -10.96
C15 PCW LB . 8.63 21.69 -12.22
C16 PCW LB . 9.36 23.00 -11.89
C17 PCW LB . 8.60 23.85 -10.88
C18 PCW LB . 9.27 25.22 -10.73
C19 PCW LB . 10.61 25.10 -10.39
C20 PCW LB . 11.51 26.11 -10.72
C21 PCW LB . 11.06 27.23 -11.40
C22 PCW LB . 12.05 28.39 -11.26
C23 PCW LB . 11.51 29.66 -11.93
C24 PCW LB . 10.18 30.08 -11.29
C25 PCW LB . 9.64 31.36 -11.93
C26 PCW LB . 8.30 31.75 -11.32
C27 PCW LB . 7.77 33.04 -11.94
C28 PCW LB . 8.72 34.20 -11.70
C31 PCW LB . 2.39 18.63 -14.16
C32 PCW LB . 1.97 19.83 -15.01
C33 PCW LB . 3.21 20.63 -15.43
C34 PCW LB . 2.82 21.84 -16.29
C35 PCW LB . 4.05 22.64 -16.70
C36 PCW LB . 3.67 23.85 -17.55
C37 PCW LB . 4.90 24.65 -17.98
C38 PCW LB . 4.51 25.85 -18.83
C39 PCW LB . 5.63 26.59 -19.20
C40 PCW LB . 5.58 27.42 -20.31
C41 PCW LB . 4.41 27.52 -21.06
C42 PCW LB . 4.46 28.72 -22.01
C43 PCW LB . 5.61 28.59 -23.02
C44 PCW LB . 5.59 29.75 -24.01
C45 PCW LB . 5.76 31.09 -23.30
C46 PCW LB . 7.11 31.17 -22.57
C47 PCW LB . 8.27 31.06 -23.56
C48 PCW LB . 9.61 31.17 -22.84
N PCW LB . 1.46 10.80 -11.26
O2 PCW LB . 2.71 17.45 -14.77
O3 PCW LB . 4.66 18.05 -12.79
O11 PCW LB . 6.82 17.51 -13.04
O31 PCW LB . 2.40 18.71 -12.93
O1P PCW LB . 0.55 15.44 -12.88
O2P PCW LB . -0.55 13.89 -14.57
O3P PCW LB . 1.80 14.70 -14.91
O4P PCW LB . 1.30 13.04 -13.09
P PCW LB . 0.67 14.31 -13.84
C1 PCW MB . -0.39 13.19 -2.91
C2 PCW MB . 0.68 13.90 -3.73
C3 PCW MB . 0.02 14.87 -4.70
C4 PCW MB . -2.61 16.36 -0.39
C5 PCW MB . -1.28 15.85 0.15
C6 PCW MB . -1.12 18.16 1.01
C7 PCW MB . -0.81 16.22 2.58
C8 PCW MB . 0.50 16.41 1.82
C11 PCW MB . 1.75 16.38 -4.95
C12 PCW MB . 2.89 17.07 -5.70
C13 PCW MB . 3.86 17.74 -4.72
C14 PCW MB . 5.03 18.37 -5.47
C15 PCW MB . 6.01 19.03 -4.49
C16 PCW MB . 7.20 19.63 -5.25
C17 PCW MB . 6.73 20.70 -6.24
C18 PCW MB . 7.91 21.24 -7.06
C19 PCW MB . 8.51 20.21 -7.76
C20 PCW MB . 9.88 20.26 -8.04
C21 PCW MB . 10.64 21.34 -7.62
C22 PCW MB . 11.15 22.12 -8.83
C23 PCW MB . 11.93 21.20 -9.78
C24 PCW MB . 12.39 21.95 -11.02
C25 PCW MB . 13.08 21.00 -11.99
C26 PCW MB . 12.14 19.87 -12.42
C27 PCW MB . 12.83 18.93 -13.41
C28 PCW MB . 14.09 18.31 -12.80
C31 PCW MB . 2.27 13.72 -2.08
C32 PCW MB . 3.24 14.26 -1.03
C33 PCW MB . 4.67 13.75 -1.27
C34 PCW MB . 5.18 14.19 -2.65
C35 PCW MB . 6.67 13.85 -2.79
C36 PCW MB . 6.94 12.36 -2.59
C37 PCW MB . 8.44 12.07 -2.65
C38 PCW MB . 8.73 10.59 -2.43
C39 PCW MB . 10.10 10.33 -2.42
C40 PCW MB . 10.77 10.10 -3.61
C41 PCW MB . 10.08 10.11 -4.82
C42 PCW MB . 10.15 11.48 -5.49
C43 PCW MB . 11.61 11.88 -5.75
C44 PCW MB . 11.69 13.27 -6.38
C45 PCW MB . 13.14 13.69 -6.62
C46 PCW MB . 13.23 15.09 -7.22
C47 PCW MB . 14.69 15.50 -7.46
C48 PCW MB . 14.77 16.90 -8.07
N PCW MB . -0.79 16.74 1.21
O2 PCW MB . 1.57 14.61 -2.85
O3 PCW MB . 1.01 15.43 -5.59
O11 PCW MB . 1.47 16.69 -3.79
O31 PCW MB . 2.10 12.52 -2.23
O1P PCW MB . -1.40 16.38 -3.05
O2P PCW MB . -2.94 14.48 -3.73
O3P PCW MB . -1.09 14.10 -2.07
O4P PCW MB . -3.09 15.47 -1.41
P PCW MB . -2.14 15.15 -2.68
C1 PCW NB . 8.00 -7.44 14.88
C2 PCW NB . 8.85 -6.25 15.37
C3 PCW NB . 9.83 -6.78 16.39
C4 PCW NB . 3.69 -7.23 13.49
C5 PCW NB . 2.50 -7.28 14.45
C6 PCW NB . 0.54 -7.16 12.96
C7 PCW NB . 0.76 -5.50 14.82
C8 PCW NB . 1.66 -5.04 13.68
C11 PCW NB . 10.15 -4.91 17.68
C12 PCW NB . 10.95 -3.70 18.20
C13 PCW NB . 12.25 -4.16 18.86
C14 PCW NB . 13.14 -2.97 19.24
C15 PCW NB . 12.44 -2.03 20.21
C16 PCW NB . 13.38 -0.89 20.63
C17 PCW NB . 12.69 0.08 21.61
C18 PCW NB . 13.64 1.18 22.05
C19 PCW NB . 14.10 1.91 20.95
C20 PCW NB . 15.41 1.76 20.52
C21 PCW NB . 16.27 0.89 21.17
C22 PCW NB . 17.54 1.61 21.64
C23 PCW NB . 18.50 0.65 22.35
C24 PCW NB . 19.77 1.35 22.81
C25 PCW NB . 20.54 1.93 21.62
C26 PCW NB . 21.82 2.62 22.09
C27 PCW NB . 22.58 3.21 20.90
C28 PCW NB . 23.86 3.92 21.37
C31 PCW NB . 8.81 -4.98 13.43
C32 PCW NB . 9.45 -4.31 12.21
C33 PCW NB . 9.76 -2.84 12.52
C34 PCW NB . 10.47 -2.18 11.33
C35 PCW NB . 10.77 -0.72 11.65
C36 PCW NB . 11.56 -0.06 10.51
C37 PCW NB . 11.85 1.42 10.85
C38 PCW NB . 12.65 2.08 9.74
C39 PCW NB . 12.87 3.43 10.04
C40 PCW NB . 14.16 3.96 10.06
C41 PCW NB . 15.25 3.14 9.78
C42 PCW NB . 16.53 3.74 10.37
C43 PCW NB . 17.73 2.85 10.05
C44 PCW NB . 19.02 3.44 10.64
C45 PCW NB . 18.92 3.53 12.17
C46 PCW NB . 20.20 4.12 12.77
C47 PCW NB . 20.10 4.21 14.30
C48 PCW NB . 21.38 4.79 14.89
N PCW NB . 1.40 -6.47 13.91
O2 PCW NB . 9.59 -5.69 14.28
O3 PCW NB . 10.74 -5.74 16.79
O11 PCW NB . 9.02 -5.14 18.09
O31 PCW NB . 7.60 -4.89 13.65
O1P PCW NB . 5.90 -7.79 11.78
O2P PCW NB . 6.71 -9.51 13.46
O3P PCW NB . 7.09 -7.06 13.83
O4P PCW NB . 4.77 -8.01 14.02
P PCW NB . 6.14 -8.17 13.19
C1 PCW OB . -2.32 -17.64 -12.86
C2 PCW OB . -2.15 -17.24 -14.32
C3 PCW OB . -2.82 -15.91 -14.59
C4 PCW OB . -1.82 -13.42 -13.16
C5 PCW OB . -0.80 -12.28 -13.27
C6 PCW OB . 0.05 -10.62 -14.88
C7 PCW OB . -1.94 -12.03 -15.50
C8 PCW OB . -2.43 -10.90 -14.58
C11 PCW OB . -1.52 -14.99 -16.24
C12 PCW OB . -1.20 -14.53 -17.67
C13 PCW OB . -0.39 -15.59 -18.42
C14 PCW OB . -0.12 -15.18 -19.87
C15 PCW OB . 0.72 -16.23 -20.59
C16 PCW OB . 2.11 -16.35 -19.96
C17 PCW OB . 2.87 -15.03 -20.06
C18 PCW OB . 4.26 -15.12 -19.42
C19 PCW OB . 4.91 -13.90 -19.51
C20 PCW OB . 6.30 -13.84 -19.43
C21 PCW OB . 7.06 -14.99 -19.26
C22 PCW OB . 7.97 -14.87 -18.04
C23 PCW OB . 8.87 -16.10 -17.90
C24 PCW OB . 9.72 -16.29 -19.15
C25 PCW OB . 10.62 -15.08 -19.39
C26 PCW OB . 11.47 -15.26 -20.66
C27 PCW OB . 10.57 -15.39 -21.89
C28 PCW OB . 11.41 -15.58 -23.15
C31 PCW OB . -0.56 -17.57 -15.95
C32 PCW OB . 0.85 -17.57 -16.54
C33 PCW OB . 1.67 -16.40 -15.99
C34 PCW OB . 3.06 -16.36 -16.63
C35 PCW OB . 3.83 -17.65 -16.37
C36 PCW OB . 5.21 -17.60 -17.02
C37 PCW OB . 6.00 -18.89 -16.76
C38 PCW OB . 7.36 -18.82 -17.44
C39 PCW OB . 8.10 -19.98 -17.20
C40 PCW OB . 9.27 -19.90 -16.47
C41 PCW OB . 9.70 -18.68 -15.97
C42 PCW OB . 11.21 -18.49 -16.17
C43 PCW OB . 11.66 -17.14 -15.61
C44 PCW OB . 13.16 -16.93 -15.83
C45 PCW OB . 13.52 -16.92 -17.31
C46 PCW OB . 15.01 -16.70 -17.51
C47 PCW OB . 15.38 -16.68 -19.00
C48 PCW OB . 16.88 -16.45 -19.19
N PCW OB . -1.07 -11.46 -14.45
O2 PCW OB . -0.75 -17.19 -14.65
O3 PCW OB . -2.72 -15.55 -15.98
O11 PCW OB . -0.70 -14.84 -15.35
O31 PCW OB . -1.53 -17.91 -16.64
O1P PCW OB . -3.78 -15.31 -12.33
O2P PCW OB . -2.66 -15.36 -10.05
O3P PCW OB . -1.73 -16.70 -11.96
O4P PCW OB . -1.55 -14.17 -11.98
P PCW OB . -2.54 -15.37 -11.53
C1 PCW PB . 0.17 23.65 -8.17
C2 PCW PB . 1.25 23.18 -9.13
C3 PCW PB . 1.39 24.16 -10.28
C4 PCW PB . -1.87 20.26 -6.64
C5 PCW PB . -2.62 19.43 -7.67
C6 PCW PB . -2.29 17.24 -8.79
C7 PCW PB . -1.22 17.66 -6.56
C8 PCW PB . -2.68 17.31 -6.31
C11 PCW PB . 2.38 24.45 -12.34
C12 PCW PB . 3.35 24.12 -13.47
C13 PCW PB . 4.78 24.48 -13.05
C14 PCW PB . 5.79 24.18 -14.16
C15 PCW PB . 7.19 24.55 -13.71
C16 PCW PB . 8.25 24.24 -14.78
C17 PCW PB . 9.63 24.61 -14.28
C18 PCW PB . 10.72 24.26 -15.30
C19 PCW PB . 11.98 24.57 -14.79
C20 PCW PB . 13.09 24.66 -15.61
C21 PCW PB . 12.97 24.44 -16.98
C22 PCW PB . 14.27 23.86 -17.54
C23 PCW PB . 15.46 24.78 -17.23
C24 PCW PB . 16.77 24.17 -17.73
C25 PCW PB . 16.77 23.96 -19.23
C26 PCW PB . 18.08 23.35 -19.70
C27 PCW PB . 19.27 24.25 -19.36
C28 PCW PB . 20.59 23.62 -19.80
C31 PCW PB . 3.30 22.13 -9.08
C32 PCW PB . 4.65 21.76 -8.47
C33 PCW PB . 5.27 22.88 -7.65
C34 PCW PB . 5.87 23.99 -8.53
C35 PCW PB . 6.57 25.03 -7.67
C36 PCW PB . 7.34 26.06 -8.52
C37 PCW PB . 8.03 27.08 -7.62
C38 PCW PB . 8.86 28.07 -8.44
C39 PCW PB . 9.40 29.05 -7.62
C40 PCW PB . 10.78 29.19 -7.45
C41 PCW PB . 11.66 28.33 -8.12
C42 PCW PB . 13.04 28.99 -8.27
C43 PCW PB . 14.01 28.05 -8.99
C44 PCW PB . 15.39 28.71 -9.16
C45 PCW PB . 16.36 27.77 -9.88
C46 PCW PB . 17.73 28.43 -10.06
C47 PCW PB . 17.63 29.72 -10.88
C48 PCW PB . 19.01 30.35 -11.06
N PCW PB . -2.26 18.00 -7.54
O2 PCW PB . 2.50 23.02 -8.42
O3 PCW PB . 2.37 23.67 -11.22
O11 PCW PB . 1.59 25.39 -12.43
O31 PCW PB . 2.91 21.62 -10.13
O1P PCW PB . -0.87 22.33 -4.78
O2P PCW PB . -1.92 24.09 -6.27
O3P PCW PB . 0.04 22.75 -7.07
O4P PCW PB . -2.18 21.64 -6.82
P PCW PB . -1.27 22.78 -6.14
C1 PCW QB . -0.67 5.20 -25.41
C2 PCW QB . 0.49 5.97 -24.77
C3 PCW QB . 0.10 6.36 -23.34
C4 PCW QB . -2.00 8.90 -24.44
C5 PCW QB . -1.13 8.68 -25.69
C6 PCW QB . -2.23 10.75 -26.49
C7 PCW QB . 0.28 10.67 -26.31
C8 PCW QB . -0.12 9.96 -27.61
C11 PCW QB . 1.59 8.12 -23.32
C12 PCW QB . 2.74 8.95 -22.75
C13 PCW QB . 3.72 8.08 -21.98
C14 PCW QB . 4.77 8.91 -21.23
C15 PCW QB . 5.73 8.03 -20.46
C16 PCW QB . 6.65 8.84 -19.55
C17 PCW QB . 7.55 9.79 -20.33
C18 PCW QB . 8.53 9.02 -21.22
C19 PCW QB . 9.43 9.90 -21.83
C20 PCW QB . 10.53 9.43 -22.52
C21 PCW QB . 10.76 8.05 -22.62
C22 PCW QB . 11.60 7.74 -23.86
C23 PCW QB . 13.00 8.33 -23.75
C24 PCW QB . 13.81 8.11 -25.03
C25 PCW QB . 13.95 6.63 -25.38
C26 PCW QB . 12.59 6.00 -25.69
C27 PCW QB . 12.73 4.52 -26.09
C28 PCW QB . 13.59 4.37 -27.33
C31 PCW QB . 2.04 4.71 -25.94
C32 PCW QB . 3.29 3.84 -26.07
C33 PCW QB . 2.94 2.35 -26.10
C34 PCW QB . 4.21 1.49 -26.00
C35 PCW QB . 5.18 1.80 -27.13
C36 PCW QB . 6.47 0.98 -26.97
C37 PCW QB . 7.43 1.25 -28.13
C38 PCW QB . 8.72 0.43 -27.96
C39 PCW QB . 9.55 0.60 -29.07
C40 PCW QB . 10.79 1.24 -28.94
C41 PCW QB . 11.22 1.72 -27.71
C42 PCW QB . 11.69 0.58 -26.80
C43 PCW QB . 12.30 1.15 -25.52
C44 PCW QB . 12.77 0.02 -24.59
C45 PCW QB . 13.47 0.56 -23.36
C46 PCW QB . 14.77 1.31 -23.72
C47 PCW QB . 14.49 2.53 -24.59
C48 PCW QB . 15.80 3.23 -24.98
N PCW QB . -1.00 9.95 -26.42
O2 PCW QB . 1.66 5.13 -24.71
O3 PCW QB . 1.21 6.98 -22.67
O11 PCW QB . 1.01 8.46 -24.35
O31 PCW QB . 1.37 5.00 -26.94
O1P PCW QB . -4.09 6.71 -24.71
O2P PCW QB . -2.58 5.29 -23.23
O3P PCW QB . -1.84 6.01 -25.52
O4P PCW QB . -2.03 7.70 -23.66
P PCW QB . -2.72 6.37 -24.23
C1 PCW RB . 0.74 24.63 -0.83
C2 PCW RB . 2.14 24.83 -1.40
C3 PCW RB . 2.10 24.70 -2.92
C4 PCW RB . -2.95 24.49 -2.69
C5 PCW RB . -3.84 23.71 -1.72
C6 PCW RB . -5.55 21.92 -1.75
C7 PCW RB . -4.16 22.35 -3.81
C8 PCW RB . -3.32 21.52 -2.84
C11 PCW RB . 4.32 24.13 -2.95
C12 PCW RB . 5.79 24.25 -3.39
C13 PCW RB . 6.26 22.95 -4.05
C14 PCW RB . 7.71 23.07 -4.52
C15 PCW RB . 8.65 23.36 -3.34
C16 PCW RB . 10.11 23.45 -3.82
C17 PCW RB . 11.05 23.76 -2.66
C18 PCW RB . 10.70 25.12 -2.03
C19 PCW RB . 10.79 26.14 -2.95
C20 PCW RB . 11.98 26.85 -3.09
C21 PCW RB . 13.08 26.55 -2.31
C22 PCW RB . 13.83 27.81 -1.90
C23 PCW RB . 12.94 28.74 -1.06
C24 PCW RB . 13.68 30.02 -0.69
C25 PCW RB . 14.95 29.71 0.11
C26 PCW RB . 15.69 31.00 0.47
C27 PCW RB . 16.99 30.70 1.24
C28 PCW RB . 17.91 29.83 0.39
C31 PCW RB . 2.86 26.20 0.29
C32 PCW RB . 3.38 27.50 0.88
C33 PCW RB . 4.72 27.90 0.25
C34 PCW RB . 5.84 26.93 0.62
C35 PCW RB . 6.09 26.93 2.13
C36 PCW RB . 7.29 26.05 2.50
C37 PCW RB . 7.54 26.09 4.01
C38 PCW RB . 8.75 25.25 4.38
C39 PCW RB . 8.98 25.28 5.76
C40 PCW RB . 9.51 26.41 6.36
C41 PCW RB . 9.82 27.52 5.58
C42 PCW RB . 10.99 28.30 6.18
C43 PCW RB . 10.66 28.79 7.59
C44 PCW RB . 11.82 29.59 8.18
C45 PCW RB . 11.50 30.07 9.60
C46 PCW RB . 12.66 30.85 10.19
C47 PCW RB . 12.33 31.36 11.59
C48 PCW RB . 13.50 32.16 12.18
N PCW RB . -4.32 22.47 -2.35
O2 PCW RB . 2.62 26.13 -1.05
O3 PCW RB . 3.40 24.98 -3.47
O11 PCW RB . 3.97 23.27 -2.15
O31 PCW RB . 2.65 25.22 0.99
O1P PCW RB . -1.91 24.42 -0.02
O2P PCW RB . -1.89 26.96 0.00
O3P PCW RB . -0.14 25.66 -1.26
O4P PCW RB . -2.51 25.71 -2.10
P PCW RB . -1.66 25.69 -0.74
C1 PCW SB . 4.76 3.24 -4.32
C2 PCW SB . 5.59 2.18 -5.03
C3 PCW SB . 6.91 2.80 -5.43
C4 PCW SB . 3.19 3.41 -0.43
C5 PCW SB . 4.68 3.58 -0.72
C6 PCW SB . 6.64 4.80 0.18
C7 PCW SB . 4.49 4.79 1.47
C8 PCW SB . 5.19 3.47 1.74
C11 PCW SB . 8.43 1.16 -4.92
C12 PCW SB . 9.43 0.05 -5.21
C13 PCW SB . 10.07 0.21 -6.59
C14 PCW SB . 11.17 -0.83 -6.83
C15 PCW SB . 11.74 -0.70 -8.23
C16 PCW SB . 12.90 -1.67 -8.45
C17 PCW SB . 14.07 -1.37 -7.50
C18 PCW SB . 15.21 -2.35 -7.73
C19 PCW SB . 16.29 -2.07 -6.89
C20 PCW SB . 17.42 -1.44 -7.38
C21 PCW SB . 17.49 -1.08 -8.72
C22 PCW SB . 17.72 -2.29 -9.61
C23 PCW SB . 17.76 -1.87 -11.09
C24 PCW SB . 18.95 -0.96 -11.37
C25 PCW SB . 20.27 -1.68 -11.11
C26 PCW SB . 21.48 -0.79 -11.43
C27 PCW SB . 22.78 -1.54 -11.17
C28 PCW SB . 23.98 -0.65 -11.50
C31 PCW SB . 4.81 0.25 -4.02
C32 PCW SB . 4.93 -0.97 -3.11
C33 PCW SB . 3.67 -1.86 -3.18
C34 PCW SB . 3.93 -3.16 -2.41
C35 PCW SB . 5.06 -3.93 -3.06
C36 PCW SB . 5.49 -5.14 -2.23
C37 PCW SB . 6.57 -5.95 -2.96
C38 PCW SB . 7.08 -7.10 -2.09
C39 PCW SB . 7.94 -7.93 -2.81
C40 PCW SB . 9.26 -7.55 -3.05
C41 PCW SB . 9.77 -6.35 -2.59
C42 PCW SB . 11.26 -6.25 -2.93
C43 PCW SB . 11.86 -4.93 -2.44
C44 PCW SB . 13.35 -4.86 -2.78
C45 PCW SB . 13.98 -3.55 -2.27
C46 PCW SB . 15.47 -3.50 -2.61
C47 PCW SB . 16.10 -2.20 -2.11
C48 PCW SB . 17.59 -2.15 -2.45
N PCW SB . 5.35 4.16 0.46
O2 PCW SB . 5.87 1.09 -4.11
O3 PCW SB . 7.81 1.81 -5.94
O11 PCW SB . 8.18 1.49 -3.76
O31 PCW SB . 3.79 0.44 -4.69
O1P PCW SB . 3.18 4.94 -2.79
O2P PCW SB . 1.15 3.61 -3.52
O3P PCW SB . 3.48 2.72 -3.90
O4P PCW SB . 2.53 2.84 -1.56
P PCW SB . 2.53 3.63 -2.97
C1 PCW TB . 6.74 -2.08 -0.52
C2 PCW TB . 7.82 -1.73 0.51
C3 PCW TB . 8.78 -2.89 0.62
C4 PCW TB . 5.16 0.43 2.51
C5 PCW TB . 6.16 0.62 3.65
C6 PCW TB . 4.44 -0.56 4.99
C7 PCW TB . 6.78 -1.49 4.89
C8 PCW TB . 6.78 -0.34 5.89
C11 PCW TB . 9.38 -2.36 2.76
C12 PCW TB . 10.32 -1.90 3.88
C13 PCW TB . 11.26 -3.02 4.31
C14 PCW TB . 12.21 -2.53 5.41
C15 PCW TB . 13.17 -3.64 5.83
C16 PCW TB . 14.06 -4.09 4.67
C17 PCW TB . 15.03 -5.19 5.12
C18 PCW TB . 15.94 -5.65 3.98
C19 PCW TB . 16.79 -6.67 4.40
C20 PCW TB . 18.03 -6.86 3.80
C21 PCW TB . 18.45 -6.03 2.76
C22 PCW TB . 18.51 -6.81 1.44
C23 PCW TB . 19.45 -8.00 1.56
C24 PCW TB . 20.88 -7.57 1.86
C25 PCW TB . 21.46 -6.76 0.70
C26 PCW TB . 22.91 -6.33 0.98
C27 PCW TB . 23.50 -5.58 -0.21
C28 PCW TB . 23.50 -6.46 -1.45
C31 PCW TB . 7.83 0.57 0.19
C32 PCW TB . 8.49 1.89 -0.20
C33 PCW TB . 9.44 2.39 0.90
C34 PCW TB . 10.21 3.63 0.45
C35 PCW TB . 11.13 4.13 1.56
C36 PCW TB . 11.96 5.33 1.10
C37 PCW TB . 12.77 5.89 2.27
C38 PCW TB . 13.66 7.06 1.82
C39 PCW TB . 14.29 7.63 2.92
C40 PCW TB . 15.58 8.15 2.83
C41 PCW TB . 16.29 8.11 1.63
C42 PCW TB . 17.15 9.37 1.49
C43 PCW TB . 18.03 9.30 0.24
C44 PCW TB . 18.85 10.59 0.09
C45 PCW TB . 19.78 10.53 -1.11
C46 PCW TB . 20.88 9.48 -0.93
C47 PCW TB . 20.30 8.07 -0.77
C48 PCW TB . 21.42 7.04 -0.57
N PCW TB . 5.87 -0.33 4.73
O2 PCW TB . 8.55 -0.57 0.09
O3 PCW TB . 9.85 -2.52 1.50
O11 PCW TB . 8.19 -2.60 3.00
O31 PCW TB . 6.67 0.54 0.59
O1P PCW TB . 3.46 -0.29 0.35
O2P PCW TB . 4.10 -2.72 0.69
O3P PCW TB . 5.65 -1.15 -0.50
O4P PCW TB . 5.28 -0.90 1.98
P PCW TB . 4.51 -1.30 0.62
C1 PCW UB . -0.64 5.50 -10.88
C2 PCW UB . 0.56 4.70 -11.38
C3 PCW UB . 0.19 4.06 -12.71
C4 PCW UB . -2.50 7.14 -8.99
C5 PCW UB . -3.76 6.95 -8.14
C6 PCW UB . -5.42 8.36 -6.96
C7 PCW UB . -3.92 9.40 -8.69
C8 PCW UB . -5.05 8.68 -9.43
C11 PCW UB . 1.10 2.91 -14.48
C12 PCW UB . 2.26 2.39 -15.34
C13 PCW UB . 3.46 3.33 -15.23
C14 PCW UB . 4.68 2.78 -15.98
C15 PCW UB . 5.85 3.75 -15.89
C16 PCW UB . 7.10 3.18 -16.58
C17 PCW UB . 8.26 4.17 -16.54
C18 PCW UB . 9.52 3.57 -17.17
C19 PCW UB . 9.30 3.22 -18.49
C20 PCW UB . 8.92 1.92 -18.81
C21 PCW UB . 8.76 0.98 -17.80
C22 PCW UB . 7.84 -0.17 -18.24
C23 PCW UB . 8.43 -0.95 -19.41
C24 PCW UB . 8.58 -0.08 -20.66
C25 PCW UB . 9.19 -0.88 -21.81
C26 PCW UB . 10.58 -1.41 -21.44
C27 PCW UB . 11.20 -2.21 -22.60
C28 PCW UB . 12.57 -2.76 -22.20
C31 PCW UB . 2.12 6.08 -10.43
C32 PCW UB . 3.29 7.07 -10.42
C33 PCW UB . 4.63 6.35 -10.44
C34 PCW UB . 5.78 7.35 -10.38
C35 PCW UB . 7.15 6.66 -10.31
C36 PCW UB . 7.43 5.83 -11.56
C37 PCW UB . 8.84 5.23 -11.49
C38 PCW UB . 9.15 4.38 -12.72
C39 PCW UB . 10.46 3.90 -12.66
C40 PCW UB . 10.88 2.88 -13.50
C41 PCW UB . 9.99 2.31 -14.42
C42 PCW UB . 10.64 1.10 -15.11
C43 PCW UB . 11.92 1.52 -15.84
C44 PCW UB . 12.56 0.31 -16.55
C45 PCW UB . 13.84 0.74 -17.27
C46 PCW UB . 14.48 -0.45 -18.00
C47 PCW UB . 15.75 -0.03 -18.73
C48 PCW UB . 16.38 -1.22 -19.45
N PCW UB . -4.55 8.19 -8.14
O2 PCW UB . 1.65 5.60 -11.61
O3 PCW UB . 1.39 3.59 -13.33
O11 PCW UB . -0.06 2.69 -14.79
O31 PCW UB . 1.60 5.71 -9.37
O1P PCW UB . -0.70 8.62 -10.69
O2P PCW UB . -2.38 8.46 -12.58
O3P PCW UB . -1.06 6.45 -11.86
O4P PCW UB . -2.87 7.38 -10.36
P PCW UB . -1.73 7.84 -11.40
C1 PCW VB . 10.84 -26.86 0.09
C2 PCW VB . 11.34 -26.60 1.52
C3 PCW VB . 12.68 -27.29 1.72
C4 PCW VB . 6.80 -27.84 -1.02
C5 PCW VB . 5.32 -27.72 -0.62
C6 PCW VB . 4.95 -29.73 0.78
C7 PCW VB . 3.44 -29.29 -1.18
C8 PCW VB . 4.73 -29.90 -1.72
C11 PCW VB . 14.42 -27.62 3.14
C12 PCW VB . 15.21 -27.50 4.45
C13 PCW VB . 14.44 -26.70 5.50
C14 PCW VB . 15.24 -26.62 6.81
C15 PCW VB . 14.48 -25.85 7.89
C16 PCW VB . 14.20 -24.42 7.44
C17 PCW VB . 13.47 -23.64 8.55
C18 PCW VB . 14.33 -23.57 9.82
C19 PCW VB . 13.67 -22.89 10.83
C20 PCW VB . 13.62 -21.50 10.82
C21 PCW VB . 14.23 -20.78 9.81
C22 PCW VB . 15.70 -20.50 10.14
C23 PCW VB . 16.36 -19.70 9.02
C24 PCW VB . 17.83 -19.42 9.35
C25 PCW VB . 18.50 -18.62 8.22
C26 PCW VB . 19.98 -18.37 8.52
C27 PCW VB . 20.15 -17.56 9.80
C28 PCW VB . 21.64 -17.30 10.08
C31 PCW VB . 11.51 -24.91 3.05
C32 PCW VB . 11.62 -23.45 3.51
C33 PCW VB . 12.61 -22.64 2.66
C34 PCW VB . 14.04 -23.14 2.80
C35 PCW VB . 14.25 -24.51 2.14
C36 PCW VB . 14.03 -24.42 0.62
C37 PCW VB . 14.28 -25.77 -0.05
C38 PCW VB . 14.08 -25.67 -1.55
C39 PCW VB . 14.29 -26.90 -2.18
C40 PCW VB . 15.50 -27.15 -2.82
C41 PCW VB . 16.50 -26.19 -2.86
C42 PCW VB . 17.86 -26.82 -3.11
C43 PCW VB . 18.96 -25.76 -3.17
C44 PCW VB . 20.34 -26.40 -3.41
C45 PCW VB . 21.44 -25.35 -3.47
C46 PCW VB . 21.26 -24.40 -4.66
C47 PCW VB . 19.98 -23.60 -4.54
C48 PCW VB . 19.83 -22.63 -5.73
N PCW VB . 4.73 -29.07 -0.52
O2 PCW VB . 11.48 -25.18 1.72
O3 PCW VB . 13.21 -27.04 3.02
O11 PCW VB . 14.90 -28.22 2.19
O31 PCW VB . 11.42 -25.82 3.86
O1P PCW VB . 9.02 -25.02 -2.29
O2P PCW VB . 9.38 -27.54 -2.25
O3P PCW VB . 9.61 -26.17 -0.16
O4P PCW VB . 7.34 -26.52 -1.17
P PCW VB . 8.88 -26.31 -1.59
C1 17F WB . 3.00 -20.15 12.26
N1 17F WB . 1.82 -22.06 13.22
O1 17F WB . 5.29 -21.12 12.65
P1 17F WB . 4.89 -21.75 11.37
C2 17F WB . 2.77 -20.98 13.53
O2 17F WB . 4.35 -23.12 11.23
C3 17F WB . 2.20 -20.09 14.63
O3 17F WB . 3.50 -20.97 11.21
C4 17F WB . 5.09 -21.64 8.75
O4 17F WB . 0.97 -20.18 14.86
C5 17F WB . 5.74 -20.85 7.60
O5 17F WB . 2.99 -19.33 15.22
C6 17F WB . 5.30 -19.40 7.66
O6 17F WB . 5.48 -21.11 10.02
C7 17F WB . 5.53 -17.37 6.64
O7 17F WB . 5.86 -18.69 6.56
C8 17F WB . 6.01 -16.40 5.56
O8 17F WB . 4.85 -16.97 7.58
C9 17F WB . 7.25 -16.94 4.83
O9 17F WB . 7.17 -20.93 7.70
C10 17F WB . 7.71 -15.98 3.74
O10 17F WB . 6.73 -23.10 7.33
C11 17F WB . 8.10 -14.62 4.33
C12 17F WB . 8.57 -13.67 3.24
C17 17F WB . 7.56 -22.22 7.55
C18 17F WB . 9.05 -22.56 7.63
C19 17F WB . 9.88 -21.64 6.72
C20 17F WB . 11.36 -22.01 6.79
C1X 17F WB . 8.94 -12.31 3.83
C1Y 17F WB . 12.19 -21.09 5.88
C1Z 17F WB . 13.67 -21.47 5.92
C2X 17F WB . 9.41 -11.34 2.74
C21 17F WB . 9.72 -10.10 3.26
C22 17F WB . 11.05 -9.73 3.46
C23 17F WB . 12.07 -10.62 3.12
C24 17F WB . 13.44 -9.93 3.24
C25 17F WB . 14.56 -10.91 2.88
C26 17F WB . 15.93 -10.24 3.00
C27 17F WB . 17.05 -11.24 2.68
C28 17F WB . 18.42 -10.58 2.84
C29 17F WB . 19.54 -11.57 2.50
C30 17F WB . 20.92 -10.92 2.65
C31 17F WB . 14.51 -20.56 5.02
C32 17F WB . 15.98 -20.96 5.05
C33 17F WB . 16.74 -20.12 4.23
C34 17F WB . 17.64 -20.67 3.32
C35 17F WB . 17.80 -22.04 3.23
C36 17F WB . 18.35 -22.42 1.86
C37 17F WB . 18.57 -23.94 1.75
C38 17F WB . 19.15 -24.32 0.39
C39 17F WB . 19.36 -25.83 0.28
C40 17F WB . 20.36 -26.32 1.34
C41 17F WB . 20.56 -27.84 1.23
C42 17F WB . 21.55 -28.33 2.29
HN1 17F WB . 2.35 -22.53 12.52
HN1A 17F WB . 1.02 -21.88 12.65
HAC 17F WB . 1.81 -22.82 13.89
C1 17F XB . -1.74 14.46 -7.97
N1 17F XB . -3.01 13.64 -9.90
O1 17F XB . -0.52 11.31 -8.90
P1 17F XB . -0.24 12.29 -7.84
C2 17F XB . -3.01 13.76 -8.43
O2 17F XB . -0.88 12.11 -6.52
C3 17F XB . -4.23 14.56 -7.97
O3 17F XB . -0.56 13.77 -8.40
C4 17F XB . 1.92 12.88 -6.45
O4 17F XB . -4.45 15.64 -8.56
C5 17F XB . 3.44 13.00 -6.57
O5 17F XB . -4.92 14.08 -7.06
C6 17F XB . 4.05 11.62 -6.74
O6 17F XB . 1.36 12.34 -7.64
C7 17F XB . 6.00 10.51 -7.22
O7 17F XB . 5.46 11.74 -7.03
C8 17F XB . 7.50 10.42 -7.57
O8 17F XB . 5.32 9.50 -7.12
C9 17F XB . 7.69 9.52 -8.79
O9 17F XB . 3.75 13.83 -7.70
C10 17F XB . 9.15 9.54 -9.27
O10 17F XB . 5.71 14.03 -6.62
C11 17F XB . 10.12 9.09 -8.18
C12 17F XB . 11.57 9.16 -8.69
C17 17F XB . 5.02 14.29 -7.62
C18 17F XB . 5.59 15.16 -8.74
C19 17F XB . 7.12 15.01 -8.83
C20 17F XB . 7.80 15.49 -7.56
C1X 17F XB . 12.55 8.75 -7.59
C1Y 17F XB . 9.32 15.26 -7.64
C1Z 17F XB . 10.02 15.81 -6.39
C2X 17F XB . 14.00 8.82 -8.12
C21 17F XB . 14.90 8.44 -7.13
C22 17F XB . 16.10 7.84 -7.47
C23 17F XB . 16.41 7.59 -8.80
C24 17F XB . 17.17 6.27 -8.94
C25 17F XB . 17.52 5.99 -10.41
C26 17F XB . 16.27 5.92 -11.27
C27 17F XB . 16.63 5.66 -12.73
C28 17F XB . 15.38 5.55 -13.61
C29 17F XB . 15.76 5.28 -15.07
C30 17F XB . 14.52 5.18 -15.96
C31 17F XB . 9.84 17.32 -6.28
C32 17F XB . 10.54 17.87 -5.03
C33 17F XB . 10.38 19.25 -4.96
C34 17F XB . 10.71 19.94 -3.79
C35 17F XB . 11.20 19.25 -2.68
C36 17F XB . 11.72 20.24 -1.64
C37 17F XB . 12.23 19.52 -0.39
C38 17F XB . 13.39 18.58 -0.74
C39 17F XB . 13.91 17.86 0.52
C40 17F XB . 15.04 16.89 0.17
C41 17F XB . 14.57 15.83 -0.82
C42 17F XB . 15.71 14.86 -1.16
HN1 17F XB . -2.20 13.13 -10.19
HN1A 17F XB . -3.83 13.17 -10.20
HAC 17F XB . -3.00 14.55 -10.30
C1 17F YB . 5.23 -18.11 -1.62
N1 17F YB . 4.06 -18.59 0.48
O1 17F YB . 5.62 -19.57 -4.04
P1 17F YB . 6.41 -20.09 -2.90
C2 17F YB . 4.89 -17.60 -0.21
O2 17F YB . 6.42 -21.55 -2.68
C3 17F YB . 4.12 -16.28 -0.31
O3 17F YB . 5.93 -19.35 -1.55
C4 17F YB . 8.99 -20.38 -2.58
O4 17F YB . 3.16 -16.23 -1.10
C5 17F YB . 10.35 -19.73 -2.85
O5 17F YB . 4.53 -15.34 0.41
C6 17F YB . 11.45 -20.67 -2.38
O6 17F YB . 7.92 -19.58 -3.07
C7 17F YB . 13.71 -21.01 -2.27
O7 17F YB . 12.75 -20.11 -2.60
C8 17F YB . 15.19 -20.63 -2.40
O8 17F YB . 13.38 -22.13 -1.87
C9 17F YB . 15.80 -21.29 -3.64
O9 17F YB . 10.49 -19.51 -4.26
C10 17F YB . 17.30 -21.00 -3.73
O10 17F YB . 12.03 -18.03 -3.57
C11 17F YB . 18.04 -21.53 -2.51
C12 17F YB . 19.55 -21.26 -2.61
C17 17F YB . 11.46 -18.58 -4.50
C18 17F YB . 11.77 -18.21 -5.96
C19 17F YB . 12.94 -17.22 -6.04
C20 17F YB . 12.62 -15.94 -5.25
C1X 17F YB . 20.28 -21.78 -1.38
C1Y 17F YB . 13.72 -14.89 -5.44
C1Z 17F YB . 15.08 -15.37 -4.93
C2X 17F YB . 21.79 -21.53 -1.48
C21 17F YB . 22.44 -21.98 -0.34
C22 17F YB . 23.79 -22.33 -0.38
C23 17F YB . 24.51 -22.22 -1.56
C24 17F YB . 25.82 -23.01 -1.47
C25 17F YB . 26.64 -22.88 -2.76
C26 17F YB . 27.01 -21.42 -3.03
C27 17F YB . 27.85 -21.31 -4.30
C28 17F YB . 28.23 -19.86 -4.60
C29 17F YB . 29.07 -19.77 -5.87
C30 17F YB . 29.46 -18.31 -6.17
C31 17F YB . 15.59 -16.58 -5.73
C32 17F YB . 16.98 -17.00 -5.23
C33 17F YB . 17.89 -15.96 -5.40
C34 17F YB . 19.25 -16.19 -5.19
C35 17F YB . 19.70 -17.45 -4.81
C36 17F YB . 20.35 -18.18 -5.98
C37 17F YB . 21.53 -17.38 -6.55
C38 17F YB . 22.19 -18.13 -7.70
C39 17F YB . 23.34 -17.31 -8.29
C40 17F YB . 22.85 -15.98 -8.85
C41 17F YB . 23.99 -15.18 -9.48
C42 17F YB . 23.49 -13.86 -10.07
HN1 17F YB . 4.57 -19.46 0.56
HN1A 17F YB . 3.82 -18.25 1.38
HAC 17F YB . 3.23 -18.75 -0.04
C1 17F ZB . -3.71 -8.99 -21.36
N1 17F ZB . -5.62 -9.94 -22.57
O1 17F ZB . -1.43 -10.76 -23.88
P1 17F ZB . -1.97 -10.59 -22.52
C2 17F ZB . -4.82 -10.04 -21.34
O2 17F ZB . -2.78 -11.69 -21.94
C3 17F ZB . -5.72 -9.81 -20.12
O3 17F ZB . -2.80 -9.22 -22.45
C4 17F ZB . -0.96 -9.77 -20.23
O4 17F ZB . -6.55 -8.89 -20.18
C5 17F ZB . 0.31 -9.80 -19.38
O5 17F ZB . -5.55 -10.57 -19.15
C6 17F ZB . -0.03 -9.30 -17.99
O6 17F ZB . -0.72 -10.30 -21.53
C7 17F ZB . 2.15 -8.70 -17.64
O7 17F ZB . 1.13 -9.46 -17.16
C8 17F ZB . 3.51 -8.73 -16.93
O8 17F ZB . 1.97 -7.97 -18.61
C9 17F ZB . 4.65 -8.94 -17.94
O9 17F ZB . 0.77 -11.16 -19.28
C10 17F ZB . 6.00 -9.05 -17.23
O10 17F ZB . 2.20 -12.54 -20.27
C11 17F ZB . 6.30 -7.80 -16.40
C12 17F ZB . 7.65 -7.91 -15.70
C17 17F ZB . 1.74 -11.41 -20.20
C18 17F ZB . 2.23 -10.31 -21.14
C19 17F ZB . 3.21 -10.90 -22.16
C20 17F ZB . 3.78 -9.81 -23.08
C1X 17F ZB . 7.92 -6.69 -14.83
C1Y 17F ZB . 4.72 -10.44 -24.12
C1Z 17F ZB . 5.34 -9.38 -25.03
C2X 17F ZB . 9.29 -6.80 -14.15
C21 17F ZB . 9.36 -7.93 -13.33
C22 17F ZB . 10.31 -8.91 -13.59
C23 17F ZB . 11.20 -8.76 -14.65
C24 17F ZB . 10.67 -9.46 -15.90
C25 17F ZB . 11.64 -9.31 -17.07
C26 17F ZB . 13.00 -9.93 -16.75
C27 17F ZB . 13.96 -9.79 -17.93
C28 17F ZB . 15.32 -10.41 -17.62
C29 17F ZB . 15.97 -9.74 -16.41
C30 17F ZB . 17.34 -10.36 -16.11
C31 17F ZB . 6.21 -8.40 -24.25
C32 17F ZB . 6.87 -7.39 -25.19
C33 17F ZB . 7.73 -6.54 -24.49
C34 17F ZB . 9.10 -6.69 -24.62
C35 17F ZB . 9.62 -7.69 -25.42
C36 17F ZB . 10.03 -7.14 -26.79
C37 17F ZB . 11.09 -6.04 -26.66
C38 17F ZB . 11.49 -5.50 -28.04
C39 17F ZB . 12.54 -4.40 -27.92
C40 17F ZB . 12.94 -3.88 -29.31
C41 17F ZB . 13.98 -2.76 -29.18
C42 17F ZB . 13.42 -1.58 -28.39
HN1 17F ZB . -6.25 -10.70 -22.39
HN1A 17F ZB . -5.26 -10.32 -23.42
HAC 17F ZB . -6.31 -9.22 -22.57
C1 17F AC . -5.50 9.01 -21.76
N1 17F AC . -4.16 7.92 -20.02
O1 17F AC . -4.79 11.74 -21.45
P1 17F AC . -3.79 10.96 -22.21
C2 17F AC . -5.19 8.93 -20.27
O2 17F AC . -3.27 11.54 -23.48
C3 17F AC . -6.46 8.57 -19.50
O3 17F AC . -4.36 9.49 -22.50
C4 17F AC . -1.22 10.64 -21.76
O4 17F AC . -6.74 9.29 -18.51
C5 17F AC . -0.17 10.47 -20.65
O5 17F AC . -7.12 7.59 -19.90
C6 17F AC . -0.34 9.11 -19.97
O6 17F AC . -2.54 10.67 -21.22
C7 17F AC . 0.84 9.90 -18.18
O7 17F AC . 0.77 8.91 -19.11
C8 17F AC . 2.00 9.94 -17.19
O8 17F AC . -0.05 10.76 -18.14
C9 17F AC . 1.70 10.86 -16.00
O9 17F AC . 1.13 10.50 -21.23
C10 17F AC . 2.93 11.04 -15.12
O10 17F AC . 0.79 12.71 -21.10
C11 17F AC . 4.05 11.73 -15.91
C12 17F AC . 5.29 11.91 -15.04
C17 17F AC . 1.53 11.78 -21.44
C18 17F AC . 2.90 12.05 -22.06
C19 17F AC . 2.91 13.36 -22.86
C20 17F AC . 4.28 13.60 -23.48
C1X 17F AC . 6.39 12.65 -15.82
C1Y 17F AC . 4.31 14.89 -24.29
C1Z 17F AC . 5.70 15.10 -24.90
C2X 17F AC . 7.65 12.83 -14.96
C21 17F AC . 8.21 11.59 -14.64
C22 17F AC . 9.16 11.02 -15.48
C23 17F AC . 9.56 11.68 -16.64
C24 17F AC . 10.67 12.69 -16.36
C25 17F AC . 11.10 13.40 -17.63
C26 17F AC . 12.21 14.41 -17.35
C27 17F AC . 12.63 15.14 -18.64
C28 17F AC . 13.73 16.17 -18.36
C29 17F AC . 14.13 16.89 -19.63
C30 17F AC . 15.24 17.92 -19.34
C31 17F AC . 5.76 16.39 -25.73
C32 17F AC . 7.16 16.58 -26.33
C33 17F AC . 7.22 17.73 -27.10
C34 17F AC . 7.95 18.82 -26.66
C35 17F AC . 8.62 18.77 -25.43
C36 17F AC . 10.08 19.19 -25.58
C37 17F AC . 10.17 20.62 -26.12
C38 17F AC . 11.64 21.05 -26.27
C39 17F AC . 11.72 22.48 -26.81
C40 17F AC . 11.06 23.47 -25.85
C41 17F AC . 11.13 24.90 -26.40
C42 17F AC . 10.42 25.00 -27.75
HN1 17F AC . -4.63 7.13 -20.40
HN1A 17F AC . -4.05 7.55 -19.10
HAC 17F AC . -3.40 7.93 -20.67
C1 17F BC . 4.55 -1.29 16.30
N1 17F BC . 3.66 -2.84 17.98
O1 17F BC . 7.00 -4.13 16.10
P1 17F BC . 6.78 -2.67 16.09
C2 17F BC . 4.38 -1.57 17.79
O2 17F BC . 7.12 -1.92 17.32
C3 17F BC . 3.58 -0.44 18.44
O3 17F BC . 5.27 -2.35 15.67
C4 17F BC . 8.03 -0.69 14.87
O4 17F BC . 2.38 -0.65 18.70
C5 17F BC . 8.97 -0.40 16.03
O5 17F BC . 4.19 0.64 18.66
C6 17F BC . 10.22 -1.24 15.88
O6 17F BC . 7.63 -2.06 14.86
C7 17F BC . 12.13 -1.43 14.62
O7 17F BC . 10.89 -0.87 14.66
C8 17F BC . 13.03 -1.19 13.40
O8 17F BC . 12.52 -2.10 15.57
C9 17F BC . 14.47 -0.89 13.84
O9 17F BC . 9.35 0.98 16.02
C10 17F BC . 15.35 -0.63 12.61
O10 17F BC . 10.54 0.32 17.80
C11 17F BC . 16.80 -0.34 13.02
C12 17F BC . 17.68 -0.12 11.79
C17 17F BC . 10.23 1.23 17.03
C18 17F BC . 10.82 2.63 17.20
C19 17F BC . 12.33 2.55 17.39
C20 17F BC . 12.96 3.95 17.46
C1X 17F BC . 19.13 0.13 12.20
C1Y 17F BC . 14.48 3.84 17.68
C1Z 17F BC . 15.12 3.02 16.56
C2X 17F BC . 20.02 0.32 10.97
C21 17F BC . 21.34 0.56 11.34
C22 17F BC . 22.32 0.73 10.36
C23 17F BC . 21.98 0.68 9.02
C24 17F BC . 22.46 -0.64 8.40
C25 17F BC . 22.08 -0.72 6.92
C26 17F BC . 22.72 0.44 6.13
C27 17F BC . 22.33 0.36 4.65
C28 17F BC . 22.98 1.50 3.86
C29 17F BC . 24.50 1.43 3.96
C30 17F BC . 25.15 2.57 3.15
C31 17F BC . 16.63 2.87 16.80
C32 17F BC . 17.27 2.03 15.69
C33 17F BC . 18.63 1.87 15.91
C34 17F BC . 19.14 0.65 16.32
C35 17F BC . 18.29 -0.44 16.51
C36 17F BC . 18.39 -1.43 15.34
C37 17F BC . 17.47 -2.63 15.57
C38 17F BC . 17.55 -3.61 14.40
C39 17F BC . 16.63 -4.82 14.61
C40 17F BC . 17.05 -5.58 15.87
C41 17F BC . 16.14 -6.80 16.10
C42 17F BC . 16.58 -7.58 17.35
HN1 17F BC . 2.75 -2.77 17.56
HN1A 17F BC . 4.17 -3.58 17.55
HAC 17F BC . 3.56 -3.02 18.96
C1 17F CC . -1.95 0.29 -6.38
N1 17F CC . -2.35 -0.61 -8.65
O1 17F CC . 0.16 2.98 -7.64
P1 17F CC . -0.30 1.61 -7.98
C2 17F CC . -2.24 -0.95 -7.23
O2 17F CC . -1.43 1.47 -8.93
C3 17F CC . -3.54 -1.60 -6.74
O3 17F CC . -0.63 0.82 -6.63
C4 17F CC . 0.80 -0.43 -9.25
O4 17F CC . -3.88 -2.68 -7.26
C5 17F CC . 2.12 -0.94 -9.80
O5 17F CC . -4.17 -1.00 -5.84
C6 17F CC . 1.88 -2.26 -10.51
O6 17F CC . 0.97 0.82 -8.57
C7 17F CC . 3.37 -2.03 -12.23
O7 17F CC . 3.11 -2.72 -11.08
C8 17F CC . 4.67 -2.31 -12.99
O8 17F CC . 2.56 -1.21 -12.65
C9 17F CC . 5.27 -1.00 -13.53
O9 17F CC . 2.66 0.01 -10.73
C10 17F CC . 6.62 -1.24 -14.21
O10 17F CC . 3.95 1.83 -10.76
C11 17F CC . 7.63 -1.83 -13.22
C12 17F CC . 9.00 -2.01 -13.89
C17 17F CC . 3.40 0.95 -10.10
C18 17F CC . 3.55 0.91 -8.57
C19 17F CC . 4.80 1.68 -8.12
C20 17F CC . 4.72 3.16 -8.50
C1X 17F CC . 10.01 -2.59 -12.89
C1Y 17F CC . 5.95 3.92 -8.04
C1Z 17F CC . 7.21 3.41 -8.73
C2X 17F CC . 11.39 -2.73 -13.53
C21 17F CC . 11.35 -3.55 -14.65
C22 17F CC . 12.37 -3.47 -15.60
C23 17F CC . 13.43 -2.58 -15.41
C24 17F CC . 14.76 -3.25 -15.74
C25 17F CC . 15.93 -2.27 -15.53
C26 17F CC . 17.25 -2.95 -15.87
C27 17F CC . 18.42 -2.00 -15.63
C28 17F CC . 19.76 -2.67 -15.95
C29 17F CC . 20.93 -1.73 -15.69
C30 17F CC . 22.26 -2.39 -16.01
C31 17F CC . 8.45 4.18 -8.25
C32 17F CC . 9.71 3.71 -8.98
C33 17F CC . 9.91 2.35 -8.80
C34 17F CC . 10.96 1.69 -9.45
C35 17F CC . 11.82 2.40 -10.29
C36 17F CC . 12.94 1.49 -10.79
C37 17F CC . 13.87 2.25 -11.74
C38 17F CC . 14.99 1.34 -12.25
C39 17F CC . 15.90 2.10 -13.23
C40 17F CC . 17.01 1.19 -13.76
C41 17F CC . 17.91 1.95 -14.73
C42 17F CC . 19.04 1.05 -15.26
HN1 17F CC . -1.41 -0.30 -8.80
HN1A 17F CC . -2.79 0.25 -8.90
HAC 17F CC . -2.31 -1.39 -9.27
C1 PCW DC . 43.83 -4.79 3.05
C2 PCW DC . 42.39 -5.22 3.30
C3 PCW DC . 42.20 -5.42 4.79
C4 PCW DC . 44.55 -0.54 3.56
C5 PCW DC . 44.34 0.62 2.59
C6 PCW DC . 46.66 1.17 3.20
C7 PCW DC . 46.07 0.84 0.78
C8 PCW DC . 45.63 2.25 1.18
C11 PCW DC . 40.66 -5.60 6.46
C12 PCW DC . 39.28 -5.78 7.08
C13 PCW DC . 39.17 -5.00 8.40
C14 PCW DC . 37.77 -5.16 9.01
C15 PCW DC . 37.65 -4.37 10.31
C16 PCW DC . 36.24 -4.48 10.90
C17 PCW DC . 35.20 -3.93 9.92
C18 PCW DC . 33.79 -4.01 10.52
C19 PCW DC . 32.84 -3.50 9.64
C20 PCW DC . 31.62 -4.15 9.48
C21 PCW DC . 31.35 -5.31 10.21
C22 PCW DC . 30.32 -6.18 9.47
C23 PCW DC . 30.02 -7.45 10.28
C24 PCW DC . 29.02 -8.34 9.54
C25 PCW DC . 29.56 -8.79 8.20
C26 PCW DC . 28.54 -9.66 7.45
C27 PCW DC . 27.25 -8.90 7.19
C28 PCW DC . 26.22 -9.78 6.47
C31 PCW DC . 40.27 -4.74 2.58
C32 PCW DC . 39.12 -3.84 2.14
C33 PCW DC . 37.82 -4.26 2.85
C34 PCW DC . 37.41 -5.68 2.43
C35 PCW DC . 36.26 -6.19 3.30
C36 PCW DC . 35.82 -7.60 2.87
C37 PCW DC . 34.81 -8.17 3.86
C38 PCW DC . 34.38 -9.58 3.43
C39 PCW DC . 33.62 -10.18 4.44
C40 PCW DC . 32.23 -10.17 4.41
C41 PCW DC . 31.54 -9.53 3.38
C42 PCW DC . 30.04 -9.54 3.69
C43 PCW DC . 29.24 -8.84 2.59
C44 PCW DC . 27.75 -8.87 2.91
C45 PCW DC . 26.93 -8.15 1.83
C46 PCW DC . 25.44 -8.18 2.16
C47 PCW DC . 25.16 -7.50 3.50
C48 PCW DC . 23.66 -7.52 3.84
N PCW DC . 45.64 1.15 2.15
O2 PCW DC . 41.49 -4.20 2.86
O3 PCW DC . 40.81 -5.63 5.11
O11 PCW DC . 41.65 -5.41 7.17
O31 PCW DC . 40.13 -5.95 2.66
O1P PCW DC . 46.07 -2.60 5.05
O2P PCW DC . 46.46 -3.81 2.86
O3P PCW DC . 44.16 -3.65 3.84
O4P PCW DC . 45.25 -1.59 2.89
P PCW DC . 45.60 -2.95 3.69
C1 PCW EC . 40.26 6.32 0.14
C2 PCW EC . 38.76 6.47 0.36
C3 PCW EC . 37.99 6.23 -0.93
C4 PCW EC . 41.93 4.05 2.46
C5 PCW EC . 41.91 4.76 3.81
C6 PCW EC . 43.47 5.56 5.56
C7 PCW EC . 44.38 4.82 3.33
C8 PCW EC . 43.84 6.24 3.17
C11 PCW EC . 36.05 5.39 -0.04
C12 PCW EC . 34.58 5.43 0.38
C13 PCW EC . 34.13 4.08 0.94
C14 PCW EC . 32.74 4.18 1.59
C15 PCW EC . 31.68 4.62 0.58
C16 PCW EC . 30.31 4.74 1.27
C17 PCW EC . 29.22 5.18 0.29
C18 PCW EC . 27.87 5.27 1.00
C19 PCW EC . 26.85 5.65 0.15
C20 PCW EC . 25.57 5.88 0.65
C21 PCW EC . 25.32 5.70 2.01
C22 PCW EC . 23.92 6.19 2.39
C23 PCW EC . 23.67 5.99 3.88
C24 PCW EC . 22.27 6.45 4.30
C25 PCW EC . 21.18 5.66 3.56
C26 PCW EC . 19.79 6.05 4.06
C27 PCW EC . 19.54 7.54 3.84
C28 PCW EC . 18.17 7.96 4.39
C31 PCW EC . 38.93 5.82 2.57
C32 PCW EC . 38.57 4.96 3.79
C33 PCW EC . 37.05 4.81 3.88
C34 PCW EC . 36.64 3.97 5.09
C35 PCW EC . 35.11 3.90 5.17
C36 PCW EC . 34.52 5.32 5.24
C37 PCW EC . 32.99 5.30 5.32
C38 PCW EC . 32.45 6.73 5.36
C39 PCW EC . 31.06 6.75 5.38
C40 PCW EC . 30.40 7.95 5.63
C41 PCW EC . 31.15 9.10 5.86
C42 PCW EC . 30.61 10.28 5.05
C43 PCW EC . 29.17 10.64 5.46
C44 PCW EC . 28.66 11.85 4.66
C45 PCW EC . 27.24 12.21 5.09
C46 PCW EC . 26.74 13.43 4.31
C47 PCW EC . 25.30 13.78 4.73
C48 PCW EC . 24.80 15.01 3.97
N PCW EC . 43.24 5.30 4.13
O2 PCW EC . 38.32 5.56 1.38
O3 PCW EC . 36.59 6.45 -0.70
O11 PCW EC . 36.74 4.40 0.19
O31 PCW EC . 39.77 6.72 2.66
O1P PCW EC . 43.16 5.51 -0.67
O2P PCW EC . 42.43 3.10 0.07
O3P PCW EC . 40.63 4.96 -0.13
O4P PCW EC . 42.32 4.96 1.42
P PCW EC . 42.18 4.54 -0.13
C1 PCW FC . 36.88 15.42 4.22
C2 PCW FC . 35.54 14.94 3.64
C3 PCW FC . 35.82 14.26 2.31
C4 PCW FC . 36.70 18.85 6.26
C5 PCW FC . 36.83 20.31 5.84
C6 PCW FC . 34.36 20.22 5.97
C7 PCW FC . 35.60 21.96 7.30
C8 PCW FC . 35.51 22.46 5.85
C11 PCW FC . 34.90 13.00 0.66
C12 PCW FC . 33.79 12.28 -0.10
C13 PCW FC . 33.22 11.12 0.73
C14 PCW FC . 32.37 10.20 -0.15
C15 PCW FC . 31.85 9.00 0.64
C16 PCW FC . 31.31 7.93 -0.31
C17 PCW FC . 32.44 7.45 -1.23
C18 PCW FC . 31.98 6.37 -2.21
C19 PCW FC . 33.04 5.99 -3.02
C20 PCW FC . 32.95 4.85 -3.81
C21 PCW FC . 31.80 4.08 -3.81
C22 PCW FC . 32.13 2.58 -3.81
C23 PCW FC . 30.87 1.73 -3.91
C24 PCW FC . 30.11 2.02 -5.20
C25 PCW FC . 28.85 1.16 -5.30
C26 PCW FC . 28.08 1.46 -6.60
C27 PCW FC . 26.84 0.59 -6.71
C28 PCW FC . 26.07 0.90 -7.99
C31 PCW FC . 34.35 14.54 5.57
C32 PCW FC . 33.68 13.66 6.63
C33 PCW FC . 32.62 12.76 5.99
C34 PCW FC . 31.48 13.58 5.40
C35 PCW FC . 30.76 14.39 6.49
C36 PCW FC . 29.59 15.18 5.91
C37 PCW FC . 28.84 15.92 7.03
C38 PCW FC . 27.65 16.72 6.49
C39 PCW FC . 26.99 17.35 7.54
C40 PCW FC . 25.96 18.25 7.29
C41 PCW FC . 25.58 18.53 5.99
C42 PCW FC . 24.22 17.90 5.66
C43 PCW FC . 23.77 18.26 4.24
C44 PCW FC . 22.43 17.62 3.92
C45 PCW FC . 21.96 18.01 2.51
C46 PCW FC . 20.61 17.36 2.19
C47 PCW FC . 19.53 17.81 3.17
C48 PCW FC . 18.20 17.12 2.85
N PCW FC . 35.57 21.01 6.17
O2 PCW FC . 34.96 13.94 4.51
O3 PCW FC . 34.61 13.71 1.79
O11 PCW FC . 36.07 12.94 0.27
O31 PCW FC . 34.34 15.76 5.65
O1P PCW FC . 37.81 16.44 7.75
O2P PCW FC . 39.24 16.03 5.69
O3P PCW FC . 36.74 15.92 5.55
O4P PCW FC . 37.87 18.13 5.88
P PCW FC . 38.01 16.58 6.29
C1 17F GC . 42.82 12.67 -15.56
N1 17F GC . 43.26 12.18 -13.20
O1 17F GC . 41.84 14.62 -17.56
P1 17F GC . 41.93 15.08 -16.16
C2 17F GC . 43.70 11.90 -14.58
O2 17F GC . 42.33 16.48 -15.90
C3 17F GC . 45.16 12.32 -14.74
O3 17F GC . 42.90 14.09 -15.34
C4 17F GC . 40.29 15.19 -14.10
O4 17F GC . 45.54 13.36 -14.16
C5 17F GC . 39.03 14.53 -13.55
O5 17F GC . 45.88 11.58 -15.45
C6 17F GC . 37.80 15.08 -14.25
O6 17F GC . 40.51 14.81 -15.47
C7 17F GC . 35.54 15.36 -13.98
O7 17F GC . 36.60 14.59 -13.61
C8 17F GC . 34.16 15.03 -13.42
O8 17F GC . 35.69 16.31 -14.74
C9 17F GC . 34.09 15.40 -11.94
O9 17F GC . 39.16 13.10 -13.71
C10 17F GC . 32.75 14.98 -11.32
O10 17F GC . 38.41 11.16 -12.90
C11 17F GC . 32.56 13.46 -11.41
C12 17F GC . 31.26 13.03 -10.75
C17 17F GC . 38.34 12.39 -12.89
C18 17F GC . 37.38 13.09 -11.94
C19 17F GC . 38.03 13.38 -10.59
C20 17F GC . 37.03 13.99 -9.62
C1X 17F GC . 31.06 11.51 -10.86
C1Y 17F GC . 37.72 14.36 -8.30
C1Z 17F GC . 36.73 14.91 -7.28
C2X 17F GC . 29.78 11.08 -10.16
C21 17F GC . 28.67 11.71 -10.71
C22 17F GC . 27.42 11.59 -10.09
C23 17F GC . 27.29 10.83 -8.93
C24 17F GC . 25.82 10.73 -8.51
C25 17F GC . 25.67 9.88 -7.25
C26 17F GC . 24.21 9.75 -6.83
C27 17F GC . 24.07 8.90 -5.56
C28 17F GC . 22.61 8.82 -5.12
C29 17F GC . 22.06 10.20 -4.77
C30 17F GC . 20.59 10.12 -4.34
C31 17F GC . 37.47 15.38 -6.03
C32 17F GC . 36.51 15.92 -4.96
C33 17F GC . 37.22 16.48 -3.92
C34 17F GC . 36.81 16.36 -2.60
C35 17F GC . 35.65 15.67 -2.26
C36 17F GC . 34.41 16.55 -2.42
C37 17F GC . 33.21 15.94 -1.70
C38 17F GC . 31.96 16.80 -1.87
C39 17F GC . 30.84 16.35 -0.93
C40 17F GC . 31.27 16.53 0.53
C41 17F GC . 30.16 16.13 1.50
C42 17F GC . 30.59 16.34 2.94
HN1 17F GC . 43.93 11.61 -12.71
HN1A 17F GC . 42.45 11.72 -12.84
HAC 17F GC . 43.56 13.07 -12.83
C1 17F HC . 42.76 5.75 -6.95
N1 17F HC . 42.29 8.14 -6.76
O1 17F HC . 40.24 4.26 -7.13
P1 17F HC . 40.50 5.27 -8.19
C2 17F HC . 42.17 6.85 -6.07
O2 17F HC . 40.08 4.95 -9.58
C3 17F HC . 42.91 6.90 -4.73
O3 17F HC . 42.06 5.66 -8.19
C4 17F HC . 39.08 7.43 -8.71
O4 17F HC . 42.24 7.18 -3.71
C5 17F HC . 38.05 8.33 -8.02
O5 17F HC . 44.14 6.67 -4.75
C6 17F HC . 37.23 9.06 -9.05
O6 17F HC . 39.78 6.63 -7.73
C7 17F HC . 35.32 10.30 -9.35
O7 17F HC . 36.14 9.73 -8.42
C8 17F HC . 34.07 11.05 -8.90
O8 17F HC . 35.59 10.18 -10.55
C9 17F HC . 33.30 10.22 -7.87
O9 17F HC . 37.19 7.48 -7.24
C10 17F HC . 32.01 10.92 -7.42
O10 17F HC . 36.77 9.38 -6.12
C11 17F HC . 31.28 10.06 -6.40
C12 17F HC . 30.01 10.75 -5.90
C17 17F HC . 36.57 8.17 -6.24
C18 17F HC . 35.65 7.42 -5.29
C19 17F HC . 35.39 8.22 -4.01
C20 17F HC . 34.34 9.31 -4.25
C1X 17F HC . 29.34 9.90 -4.82
C1Y 17F HC . 34.11 10.12 -2.96
C1Z 17F HC . 32.82 10.93 -3.02
C2X 17F HC . 28.07 10.58 -4.28
C21 17F HC . 27.48 9.81 -3.29
C22 17F HC . 26.20 10.09 -2.85
C23 17F HC . 25.48 11.13 -3.40
C24 17F HC . 24.46 11.69 -2.40
C25 17F HC . 23.63 12.82 -3.01
C26 17F HC . 22.62 13.36 -1.99
C27 17F HC . 21.77 14.48 -2.61
C28 17F HC . 20.78 15.03 -1.59
C29 17F HC . 19.85 13.93 -1.06
C30 17F HC . 18.88 14.48 -0.03
C31 17F HC . 32.81 11.92 -4.18
C32 17F HC . 31.50 12.73 -4.15
C33 17F HC . 31.40 13.60 -5.23
C34 17F HC . 30.40 14.56 -5.23
C35 17F HC . 29.52 14.67 -4.17
C36 17F HC . 28.18 14.00 -4.50
C37 17F HC . 27.48 14.67 -5.68
C38 17F HC . 26.12 14.05 -5.94
C39 17F HC . 25.41 14.76 -7.11
C40 17F HC . 24.03 14.13 -7.37
C41 17F HC . 23.29 14.87 -8.49
C42 17F HC . 21.92 14.24 -8.74
HN1 17F HC . 41.77 7.91 -7.58
HN1A 17F HC . 43.13 8.37 -7.25
HAC 17F HC . 41.67 8.87 -6.43
ZN ZN IC . -16.12 9.04 -3.02
ZN ZN JC . -14.14 -4.53 -5.41
#